data_7FJ3
#
_entry.id   7FJ3
#
loop_
_entity.id
_entity.type
_entity.pdbx_description
1 polymer 'Major capsid protein'
2 polymer 'Triplex capsid protein 2'
3 polymer 'Triplex capsid protein 1'
4 polymer 'Small capsomere-interacting protein'
#
loop_
_entity_poly.entity_id
_entity_poly.type
_entity_poly.pdbx_seq_one_letter_code
_entity_poly.pdbx_strand_id
1 'polypeptide(L)'
;MERPAILPSGQILSNIEVHSHRALFDIFKRFRSDDNNLYGAEFDALLGTYCSTLSLVRFLELGLSVACVCTKFPELSYVA
EGTIQFEVQQPMIARDGPHPADQPVHNYMIKRLDRRSLNAAFSIAVEALGLISGENLDGTHISSAMRLRAIQQLARNVQA
VLDSFERGTADQMLRVLMEKAPPLSLLAPFTLYEGRLADRVACAALVSELKRRVRDDTFFLTKHERNKDAVLDRLSDLVN
CTAPSVAVARMTHADTQGRPVDGVLVTTAGVRQRLLHHVLTLADTHADVPVTYGEMVIANTNLVTALVMGKAVSNMDDVA
RYLLGGEPAPDDGKPVGSARVRADLVVVGDRLVFLEALEKRVYQATQVPYPLVGNLDVTFVMPLGVFKPAADRYARHAGS
FAPTPGLPDPRTHPPRAVHFFNKDGVPCHVTFEHAMGTLCHPSFLDVDATLAALRQEPAEVQCAFGAYVADARPDALVGL
MQRFLEEWPGMMPVRPRWAAPAAADQLLAPGNADLRLELHPAFDFFVAPEVDVPGPFAVPQVMGQVRAMPRIINGNIPLA
LCPVDFRDARGFELSVDRHRLAPATVAAVRGAFRDANYPMVFYIIEAVIHGSERTFCALARLVAQCIQSYWRNTHNAAFV
NNFYMVMYINTYLGNGELPEDCAAVYKDLLEHVHALRRLIGEFTLPGDPLGNQPQEELNHALADATLLPPLIWDCDPILY
RDGLAERLPELRVNGAHFQHILWVEMAQVNFRNVGGGLVHNRPVRNENQPLHPHHDAEWSVLSKIYYYAVVPAFSRGNCC
TMGVRYDRVYQLVQTMVVPETDEEVGTDDPRHPLHPRNLVPNSLNVLFHNACVAVDADAMLILQETVTNMAERTTPLLAS
VAPDAGMATVATRDMRTHDGSLHHGLLMMAYQPNDATLLEGAFFYPAPVNALFACADHLGAMRDVGAEVRAAAQHVPCVP
HFLGANYYATVRQPVAQHAAQSRADENTLSYALMAGYFKMSPVAFTHQLRRQLHPGFALTVVRQDRFATENVLFAEKASE
SYFMGQMQVARTESGGGLHLQLTQPRANVDLGVGFTAAYAAAALRAPVTDMGNLPQNLFATRGAPPMLDADADDYLRRTV
NAGNRLAPVPVFGQMLPQVPAGLARGQQSVCEFIATPVSVDLAYFRRACNPRGRAAGEVHGEEGLMFDHSHADPAHPHRA
TANPWASQRHSYADRLYNGQYNMSGPAYSPCFKFFTPAEAVAKSRGLARLIADTGAAASPTSNGEYQFKRPVGAGELVED
PCALFQEAYPPLCASDSALLRTPLGAEEHFAQYLIRDESPLKGCFQHASA
;
0,A,S,U,a,e,f,g,l,m,n,p,q,u,w,y
2 'polypeptide(L)'
;MEVDIALPTLSPGDLSALQRCEGRVVFLETLRRHATLREVALPCGGDVLAAMAAYRRRFAAVITRVTPHRMLATPLGVGG
RGQSLVLQNTGPFDLTNGDHVCLVPPLLGDECLRLTSANLELRFPMTLPLAQARELTARVVARAAETLRGGAPARGADVV
FSNGRRYQLPPPHRDNAEAATRSLVLNMIFLLNEGAVILLSLIPNLLTLGAQDGYANAVIQLGSATRELGQLVRQPPPPL
PQDHARRFCVFEALEAWIASASRLGDTLGTRPVARVCIFDGPPTVPPGEKAAVVEV
;
1,2,3,j,k,o,s,v,x,z
3 'polypeptide(L)'
;MSVQIGNGLLMVVAPGTLTVGSARARLIRQVTLADFCEPQAERPGLVVLALRHPADLAGAAYAATPPGKNHRDLEEAWLA
LDEGGRGLGGDGIRASVVSLNFLVAAAENADDALRAHVTTNYRDRRTAARLERFATVLRAMIRSHVFPHRALHVLGGLLG
HVTQDRLASVTCVARGDQEAARTNDMAARRSQVHVPACALMDVDRELRLGGDDGLRFAYLVFVYTQRHRREALRVHVAVS
RLPELGDALSFLLAGTRVDNAIHGTDEADAPAAPAAAAAFPAYLFNDPRSARCPTGRLNTPAAEALPVWAPDMRGRATRN
SCMYAAYVRLGTVERVVRRAERCGSVDLPLAHMERFTWDVGAWEECFF
;
B,C,D,T,W,d,h,i,r,t
4 'polypeptide(L)'
;MSFDPNNPRTITAQTLEGALPVDILLRLNRATGLQMDAAEAHAIVEDARRTLFIGTSLALVNLRRAHDKHLVERQPMFAT
SDYSSWARPTVGLKRTFCPRPPP
;
E,F,G,H,I,J,K,L,M,N,O,P,Q,R,V
#
# COMPACT_ATOMS: atom_id res chain seq x y z
N ARG A 3 -99.15 -11.44 93.13
CA ARG A 3 -99.21 -10.00 93.29
C ARG A 3 -99.70 -9.59 94.65
N PRO A 4 -98.84 -9.71 95.67
CA PRO A 4 -99.25 -9.32 97.02
C PRO A 4 -99.74 -7.88 97.05
N ALA A 5 -100.72 -7.62 97.90
CA ALA A 5 -101.35 -6.31 97.95
C ALA A 5 -100.40 -5.30 98.60
N ILE A 6 -100.83 -4.04 98.61
CA ILE A 6 -100.02 -2.96 99.14
C ILE A 6 -100.47 -2.62 100.56
N LEU A 7 -101.74 -2.30 100.71
CA LEU A 7 -102.30 -1.90 102.01
C LEU A 7 -103.45 -2.80 102.38
N PRO A 8 -103.28 -3.71 103.34
CA PRO A 8 -104.40 -4.57 103.74
C PRO A 8 -105.53 -3.76 104.35
N SER A 9 -106.75 -4.24 104.14
CA SER A 9 -107.92 -3.54 104.65
C SER A 9 -108.16 -3.85 106.13
N GLY A 10 -108.42 -5.12 106.44
CA GLY A 10 -108.65 -5.53 107.80
C GLY A 10 -107.81 -6.73 108.17
N GLN A 11 -107.42 -6.80 109.43
CA GLN A 11 -106.53 -7.84 109.90
C GLN A 11 -107.30 -9.04 110.44
N ILE A 12 -106.65 -10.19 110.42
CA ILE A 12 -107.20 -11.44 110.91
C ILE A 12 -107.14 -11.40 112.43
N LEU A 13 -107.84 -12.31 113.11
CA LEU A 13 -107.89 -12.32 114.55
C LEU A 13 -107.46 -13.63 115.19
N SER A 14 -107.00 -14.61 114.42
CA SER A 14 -106.58 -15.88 114.98
C SER A 14 -105.17 -16.21 114.50
N ASN A 15 -104.66 -17.34 114.99
CA ASN A 15 -103.31 -17.79 114.67
C ASN A 15 -103.29 -19.28 114.39
N ILE A 16 -104.33 -19.79 113.74
CA ILE A 16 -104.34 -21.20 113.35
C ILE A 16 -103.27 -21.43 112.30
N GLU A 17 -102.64 -22.59 112.34
CA GLU A 17 -101.76 -22.96 111.25
C GLU A 17 -102.60 -23.21 110.01
N VAL A 18 -102.06 -22.88 108.85
CA VAL A 18 -102.88 -22.82 107.64
C VAL A 18 -102.64 -24.05 106.78
N HIS A 19 -101.41 -24.57 106.80
CA HIS A 19 -101.05 -25.65 105.91
C HIS A 19 -101.93 -26.88 106.15
N SER A 20 -102.44 -27.06 107.36
CA SER A 20 -103.35 -28.16 107.64
C SER A 20 -104.75 -27.89 107.10
N HIS A 21 -105.22 -26.65 107.19
CA HIS A 21 -106.50 -26.27 106.57
C HIS A 21 -106.29 -25.83 105.13
N ARG A 22 -105.57 -26.63 104.35
CA ARG A 22 -105.19 -26.20 103.01
C ARG A 22 -106.34 -26.35 102.03
N ALA A 23 -107.23 -27.32 102.27
CA ALA A 23 -108.25 -27.62 101.29
C ALA A 23 -109.31 -26.53 101.20
N LEU A 24 -109.44 -25.70 102.24
CA LEU A 24 -110.48 -24.68 102.24
C LEU A 24 -110.30 -23.71 101.08
N PHE A 25 -109.10 -23.16 100.95
CA PHE A 25 -108.87 -22.10 99.97
C PHE A 25 -108.88 -22.66 98.56
N ASP A 26 -108.66 -21.77 97.60
CA ASP A 26 -108.61 -22.13 96.19
C ASP A 26 -107.21 -22.06 95.60
N ILE A 27 -106.41 -21.08 96.03
CA ILE A 27 -105.02 -20.97 95.61
C ILE A 27 -104.17 -20.81 96.87
N PHE A 28 -103.15 -21.63 97.00
CA PHE A 28 -102.36 -21.68 98.22
C PHE A 28 -100.89 -21.75 97.86
N LYS A 29 -100.09 -20.91 98.49
CA LYS A 29 -98.66 -20.88 98.24
C LYS A 29 -97.95 -20.46 99.51
N ARG A 30 -96.86 -21.13 99.83
CA ARG A 30 -96.07 -20.80 101.01
C ARG A 30 -94.60 -21.04 100.72
N PHE A 31 -93.77 -20.07 101.08
CA PHE A 31 -92.33 -20.17 100.88
C PHE A 31 -91.63 -20.01 102.22
N ARG A 32 -90.37 -20.42 102.26
CA ARG A 32 -89.61 -20.37 103.50
C ARG A 32 -89.45 -18.94 103.97
N SER A 33 -88.74 -18.12 103.21
CA SER A 33 -88.59 -16.71 103.53
C SER A 33 -87.97 -15.93 102.38
N ASP A 34 -88.59 -14.82 102.00
CA ASP A 34 -88.02 -13.88 101.04
C ASP A 34 -87.67 -14.58 99.72
N ASP A 35 -88.72 -15.05 99.05
CA ASP A 35 -88.54 -15.60 97.72
C ASP A 35 -88.10 -14.52 96.75
N ASN A 36 -87.30 -14.92 95.77
CA ASN A 36 -86.75 -13.98 94.81
C ASN A 36 -87.74 -13.62 93.71
N ASN A 37 -88.98 -14.09 93.78
CA ASN A 37 -89.90 -13.84 92.68
C ASN A 37 -90.76 -12.60 92.90
N LEU A 38 -91.20 -12.37 94.12
CA LEU A 38 -92.17 -11.30 94.30
C LEU A 38 -91.57 -9.92 94.17
N TYR A 39 -90.34 -9.71 93.74
CA TYR A 39 -89.78 -8.36 93.70
C TYR A 39 -89.84 -7.73 92.33
N GLY A 40 -89.73 -8.51 91.26
CA GLY A 40 -89.94 -7.96 89.93
C GLY A 40 -91.42 -7.69 89.72
N ALA A 41 -91.74 -6.47 89.29
CA ALA A 41 -93.13 -6.09 89.00
C ALA A 41 -93.31 -6.07 87.49
N GLU A 42 -93.55 -7.25 86.94
CA GLU A 42 -93.62 -7.42 85.48
C GLU A 42 -95.01 -7.00 84.99
N PHE A 43 -95.21 -5.70 84.89
CA PHE A 43 -96.44 -5.18 84.35
C PHE A 43 -96.45 -5.33 82.83
N ASP A 44 -97.56 -4.97 82.20
CA ASP A 44 -97.73 -5.17 80.77
C ASP A 44 -98.61 -4.04 80.25
N ALA A 45 -98.10 -3.29 79.29
CA ALA A 45 -98.72 -2.04 78.88
C ALA A 45 -99.09 -2.06 77.42
N LEU A 46 -99.96 -1.13 77.03
CA LEU A 46 -100.21 -0.82 75.64
C LEU A 46 -99.76 0.61 75.37
N LEU A 47 -99.08 0.81 74.25
CA LEU A 47 -98.26 1.99 74.02
C LEU A 47 -98.87 2.94 72.99
N GLY A 48 -100.18 3.13 73.05
CA GLY A 48 -100.82 4.11 72.21
C GLY A 48 -101.94 3.56 71.36
N THR A 49 -102.98 4.34 71.17
CA THR A 49 -104.11 3.97 70.33
C THR A 49 -104.26 5.00 69.23
N TYR A 50 -104.67 4.54 68.05
CA TYR A 50 -104.72 5.37 66.86
C TYR A 50 -106.08 5.21 66.20
N CYS A 51 -106.87 6.27 66.22
CA CYS A 51 -108.24 6.26 65.72
C CYS A 51 -108.31 7.03 64.42
N SER A 52 -108.94 6.45 63.41
CA SER A 52 -109.04 7.10 62.11
C SER A 52 -110.18 8.11 62.08
N THR A 53 -110.12 8.99 61.10
CA THR A 53 -111.16 9.96 60.83
C THR A 53 -111.81 9.62 59.49
N LEU A 54 -112.71 10.49 59.04
CA LEU A 54 -113.37 10.30 57.76
C LEU A 54 -113.29 11.58 56.95
N SER A 55 -112.93 11.45 55.68
CA SER A 55 -112.87 12.59 54.77
C SER A 55 -114.17 12.70 54.00
N LEU A 56 -114.79 13.87 54.04
CA LEU A 56 -116.07 14.09 53.39
C LEU A 56 -115.87 14.62 51.97
N VAL A 57 -116.79 14.28 51.09
CA VAL A 57 -116.80 14.81 49.73
C VAL A 57 -118.18 15.38 49.46
N ARG A 58 -118.23 16.37 48.58
CA ARG A 58 -119.47 17.03 48.21
C ARG A 58 -119.58 17.07 46.69
N PHE A 59 -120.78 16.75 46.19
CA PHE A 59 -120.95 16.61 44.74
C PHE A 59 -120.82 17.94 44.02
N LEU A 60 -121.08 19.04 44.70
CA LEU A 60 -121.04 20.33 44.02
C LEU A 60 -119.62 20.85 43.84
N GLU A 61 -118.68 20.46 44.70
CA GLU A 61 -117.31 20.93 44.58
C GLU A 61 -116.47 20.07 43.64
N LEU A 62 -116.99 18.95 43.16
CA LEU A 62 -116.29 18.21 42.13
C LEU A 62 -116.35 18.95 40.81
N GLY A 63 -115.43 18.62 39.91
CA GLY A 63 -115.51 19.16 38.58
C GLY A 63 -116.62 18.55 37.74
N LEU A 64 -117.10 17.37 38.12
CA LEU A 64 -118.09 16.67 37.32
C LEU A 64 -119.44 17.37 37.29
N SER A 65 -119.73 18.23 38.27
CA SER A 65 -121.06 18.81 38.39
C SER A 65 -121.49 19.55 37.13
N VAL A 66 -120.53 20.06 36.36
CA VAL A 66 -120.85 20.92 35.23
C VAL A 66 -121.40 20.09 34.08
N ALA A 67 -121.53 18.79 34.30
CA ALA A 67 -122.07 17.94 33.24
C ALA A 67 -123.59 18.00 33.20
N CYS A 68 -124.25 17.97 34.35
CA CYS A 68 -125.69 17.83 34.43
C CYS A 68 -126.29 18.94 35.26
N VAL A 69 -127.57 19.21 35.01
CA VAL A 69 -128.34 20.17 35.79
C VAL A 69 -129.07 19.41 36.88
N CYS A 70 -128.75 19.71 38.13
CA CYS A 70 -129.43 19.11 39.26
C CYS A 70 -130.50 20.07 39.78
N THR A 71 -131.58 19.50 40.30
CA THR A 71 -132.63 20.31 40.92
C THR A 71 -133.46 19.44 41.84
N LYS A 72 -133.81 19.98 43.00
CA LYS A 72 -134.67 19.26 43.92
C LYS A 72 -136.08 19.18 43.37
N PHE A 73 -136.83 18.19 43.84
CA PHE A 73 -138.17 17.94 43.34
C PHE A 73 -138.95 17.11 44.34
N PRO A 74 -139.46 17.71 45.40
CA PRO A 74 -140.02 16.92 46.50
C PRO A 74 -141.33 16.24 46.18
N GLU A 75 -141.76 16.28 44.92
CA GLU A 75 -142.97 15.60 44.49
C GLU A 75 -142.67 14.47 43.51
N LEU A 76 -141.41 14.07 43.37
CA LEU A 76 -141.05 13.08 42.36
C LEU A 76 -141.73 11.75 42.60
N SER A 77 -142.09 11.46 43.85
CA SER A 77 -142.62 10.13 44.16
C SER A 77 -143.97 9.88 43.52
N TYR A 78 -144.77 10.92 43.28
CA TYR A 78 -146.10 10.74 42.71
C TYR A 78 -146.13 10.81 41.20
N VAL A 79 -145.17 11.48 40.57
CA VAL A 79 -145.30 11.80 39.17
C VAL A 79 -145.22 10.54 38.33
N ALA A 80 -146.11 10.44 37.34
CA ALA A 80 -146.06 9.36 36.36
C ALA A 80 -144.97 9.69 35.35
N GLU A 81 -144.95 9.00 34.22
CA GLU A 81 -143.91 9.22 33.24
C GLU A 81 -143.86 10.68 32.80
N GLY A 82 -142.76 11.35 33.11
CA GLY A 82 -142.58 12.72 32.70
C GLY A 82 -141.80 12.80 31.40
N THR A 83 -142.13 13.79 30.59
CA THR A 83 -141.53 13.94 29.26
C THR A 83 -141.03 15.37 29.09
N ILE A 84 -140.35 15.60 27.97
CA ILE A 84 -140.01 16.93 27.51
C ILE A 84 -140.25 16.98 26.00
N GLN A 85 -140.34 18.18 25.45
CA GLN A 85 -140.67 18.35 24.05
C GLN A 85 -139.59 19.15 23.34
N PHE A 86 -139.41 18.85 22.05
CA PHE A 86 -138.44 19.53 21.21
C PHE A 86 -139.11 20.01 19.94
N GLU A 87 -138.77 21.23 19.52
CA GLU A 87 -139.24 21.78 18.26
C GLU A 87 -138.07 22.49 17.61
N VAL A 88 -137.58 21.96 16.49
CA VAL A 88 -136.46 22.58 15.78
C VAL A 88 -136.87 22.83 14.34
N GLN A 89 -136.16 23.74 13.69
CA GLN A 89 -136.49 24.19 12.35
C GLN A 89 -135.26 24.06 11.46
N GLN A 90 -135.40 23.29 10.39
CA GLN A 90 -134.18 23.20 9.61
C GLN A 90 -134.14 24.29 8.55
N PRO A 91 -132.99 24.94 8.38
CA PRO A 91 -132.87 25.95 7.31
C PRO A 91 -133.05 25.31 5.95
N MET A 92 -133.09 26.16 4.93
CA MET A 92 -133.25 25.68 3.57
C MET A 92 -132.59 26.67 2.63
N ILE A 93 -132.00 26.15 1.56
CA ILE A 93 -131.38 26.97 0.54
C ILE A 93 -132.15 26.77 -0.76
N ALA A 94 -132.25 27.85 -1.53
CA ALA A 94 -132.98 27.78 -2.79
C ALA A 94 -132.25 26.88 -3.78
N ARG A 95 -132.90 26.60 -4.89
CA ARG A 95 -132.35 25.72 -5.90
C ARG A 95 -132.57 26.34 -7.27
N ASP A 96 -131.81 25.86 -8.25
CA ASP A 96 -131.83 26.40 -9.60
C ASP A 96 -132.10 25.29 -10.61
N GLY A 97 -132.71 25.68 -11.73
CA GLY A 97 -132.76 24.84 -12.90
C GLY A 97 -133.28 23.44 -12.67
N PRO A 98 -132.37 22.46 -12.73
CA PRO A 98 -132.82 21.05 -12.65
C PRO A 98 -133.48 20.69 -11.33
N HIS A 99 -132.84 21.02 -10.20
CA HIS A 99 -133.35 20.59 -8.91
C HIS A 99 -134.76 21.13 -8.68
N PRO A 100 -135.58 20.44 -7.90
CA PRO A 100 -136.93 20.92 -7.60
C PRO A 100 -136.95 21.86 -6.40
N ALA A 101 -138.04 22.60 -6.30
CA ALA A 101 -138.17 23.65 -5.29
C ALA A 101 -138.47 23.01 -3.93
N ASP A 102 -137.56 23.18 -2.98
CA ASP A 102 -137.71 22.59 -1.67
C ASP A 102 -138.66 23.42 -0.81
N GLN A 103 -139.07 22.84 0.31
CA GLN A 103 -139.98 23.46 1.25
C GLN A 103 -139.32 23.52 2.63
N PRO A 104 -139.79 24.41 3.51
CA PRO A 104 -139.31 24.38 4.89
C PRO A 104 -139.90 23.20 5.63
N VAL A 105 -139.14 22.68 6.58
CA VAL A 105 -139.53 21.49 7.32
C VAL A 105 -139.53 21.79 8.81
N HIS A 106 -140.52 21.25 9.50
CA HIS A 106 -140.61 21.30 10.95
C HIS A 106 -140.67 19.88 11.49
N ASN A 107 -140.31 19.72 12.75
CA ASN A 107 -140.45 18.41 13.38
C ASN A 107 -140.62 18.57 14.89
N TYR A 108 -141.44 17.71 15.48
CA TYR A 108 -141.69 17.70 16.91
C TYR A 108 -141.26 16.35 17.47
N MET A 109 -140.62 16.37 18.62
CA MET A 109 -140.10 15.14 19.21
C MET A 109 -140.11 15.26 20.72
N ILE A 110 -140.22 14.11 21.39
CA ILE A 110 -140.34 14.06 22.84
C ILE A 110 -139.53 12.88 23.36
N LYS A 111 -138.66 13.14 24.32
CA LYS A 111 -137.94 12.10 25.04
C LYS A 111 -138.63 11.82 26.36
N ARG A 112 -138.32 10.68 26.96
CA ARG A 112 -139.00 10.23 28.16
C ARG A 112 -138.04 10.11 29.34
N LEU A 113 -138.61 10.08 30.53
CA LEU A 113 -137.84 10.04 31.77
C LEU A 113 -137.35 8.64 32.07
N ASP A 114 -136.32 8.56 32.89
CA ASP A 114 -135.85 7.32 33.48
C ASP A 114 -136.35 7.23 34.92
N ARG A 115 -136.09 6.10 35.57
CA ARG A 115 -136.43 5.92 36.97
C ARG A 115 -135.38 5.07 37.65
N ARG A 116 -134.83 5.58 38.74
CA ARG A 116 -133.82 4.88 39.52
C ARG A 116 -134.02 5.23 40.99
N SER A 117 -133.05 4.90 41.82
CA SER A 117 -133.09 5.27 43.23
C SER A 117 -131.69 5.09 43.81
N LEU A 118 -131.59 5.21 45.12
CA LEU A 118 -130.38 4.96 45.89
C LEU A 118 -130.81 4.48 47.27
N ASN A 119 -129.96 3.71 47.93
CA ASN A 119 -130.34 3.21 49.25
C ASN A 119 -129.10 2.80 50.03
N ALA A 120 -129.26 2.76 51.34
CA ALA A 120 -128.24 2.29 52.26
C ALA A 120 -128.92 1.56 53.41
N ALA A 121 -128.13 0.98 54.30
CA ALA A 121 -128.66 0.27 55.45
C ALA A 121 -127.90 0.71 56.70
N PHE A 122 -128.60 0.73 57.82
CA PHE A 122 -128.14 1.49 58.97
C PHE A 122 -128.39 0.74 60.28
N SER A 123 -128.19 -0.57 60.27
CA SER A 123 -128.61 -1.38 61.41
C SER A 123 -127.91 -0.94 62.70
N ILE A 124 -128.63 -1.08 63.82
CA ILE A 124 -128.12 -0.80 65.16
C ILE A 124 -128.52 -1.93 66.08
N ALA A 125 -127.63 -2.27 67.01
CA ALA A 125 -127.80 -3.45 67.84
C ALA A 125 -128.68 -3.16 69.05
N VAL A 126 -129.30 -4.22 69.57
CA VAL A 126 -130.20 -4.05 70.70
C VAL A 126 -129.42 -3.80 71.99
N GLU A 127 -128.26 -4.47 72.13
CA GLU A 127 -127.46 -4.34 73.35
C GLU A 127 -127.19 -2.88 73.68
N ALA A 128 -127.15 -2.01 72.66
CA ALA A 128 -127.03 -0.59 72.87
C ALA A 128 -128.35 0.16 72.68
N LEU A 129 -129.26 -0.36 71.86
CA LEU A 129 -130.55 0.29 71.70
C LEU A 129 -131.25 0.46 73.04
N GLY A 130 -131.13 -0.55 73.91
CA GLY A 130 -131.65 -0.39 75.25
C GLY A 130 -131.08 0.84 75.94
N LEU A 131 -129.77 1.03 75.82
CA LEU A 131 -129.12 2.17 76.48
C LEU A 131 -129.55 3.48 75.87
N ILE A 132 -129.89 3.49 74.57
CA ILE A 132 -130.23 4.75 73.91
C ILE A 132 -131.50 5.33 74.50
N SER A 133 -132.60 4.57 74.45
CA SER A 133 -133.89 5.08 74.87
C SER A 133 -133.91 5.44 76.34
N GLY A 134 -133.08 4.79 77.14
CA GLY A 134 -133.05 5.03 78.56
C GLY A 134 -133.81 4.02 79.38
N GLU A 135 -134.39 3.00 78.76
CA GLU A 135 -135.18 2.01 79.49
C GLU A 135 -134.28 1.16 80.38
N ASN A 136 -133.31 0.47 79.78
CA ASN A 136 -132.37 -0.31 80.57
C ASN A 136 -131.35 0.56 81.29
N LEU A 137 -131.42 1.87 81.12
CA LEU A 137 -130.44 2.77 81.70
C LEU A 137 -130.63 2.83 83.21
N ASP A 138 -129.80 2.10 83.93
CA ASP A 138 -129.77 2.15 85.39
C ASP A 138 -128.89 3.30 85.86
N GLY A 139 -129.09 3.71 87.10
CA GLY A 139 -128.30 4.79 87.65
C GLY A 139 -127.02 4.31 88.31
N THR A 140 -125.92 4.38 87.56
CA THR A 140 -124.58 4.11 88.10
C THR A 140 -123.65 5.15 87.51
N HIS A 141 -122.35 4.94 87.74
CA HIS A 141 -121.34 5.63 86.95
C HIS A 141 -120.79 4.73 85.85
N ILE A 142 -121.09 3.44 85.89
CA ILE A 142 -120.62 2.51 84.86
C ILE A 142 -121.61 2.36 83.73
N SER A 143 -122.80 2.94 83.85
CA SER A 143 -123.80 2.83 82.79
C SER A 143 -123.86 4.06 81.91
N SER A 144 -123.81 5.26 82.48
CA SER A 144 -123.72 6.46 81.65
C SER A 144 -122.47 6.44 80.79
N ALA A 145 -121.39 5.86 81.31
CA ALA A 145 -120.17 5.74 80.52
C ALA A 145 -120.38 4.86 79.31
N MET A 146 -121.35 3.94 79.38
CA MET A 146 -121.68 3.11 78.22
C MET A 146 -122.71 3.78 77.32
N ARG A 147 -123.60 4.58 77.90
CA ARG A 147 -124.55 5.33 77.07
C ARG A 147 -123.82 6.33 76.20
N LEU A 148 -122.82 7.00 76.74
CA LEU A 148 -121.99 7.89 75.93
C LEU A 148 -121.36 7.13 74.77
N ARG A 149 -120.89 5.91 75.03
CA ARG A 149 -120.25 5.13 73.98
C ARG A 149 -121.26 4.75 72.89
N ALA A 150 -122.47 4.35 73.30
CA ALA A 150 -123.48 3.98 72.32
C ALA A 150 -123.89 5.18 71.49
N ILE A 151 -124.04 6.35 72.12
CA ILE A 151 -124.41 7.55 71.37
C ILE A 151 -123.32 7.91 70.38
N GLN A 152 -122.06 7.86 70.82
CA GLN A 152 -120.96 8.18 69.92
C GLN A 152 -120.92 7.20 68.76
N GLN A 153 -121.17 5.93 69.03
CA GLN A 153 -121.19 4.93 67.95
C GLN A 153 -122.27 5.24 66.94
N LEU A 154 -123.48 5.52 67.43
CA LEU A 154 -124.59 5.83 66.51
C LEU A 154 -124.29 7.08 65.70
N ALA A 155 -123.69 8.09 66.33
CA ALA A 155 -123.39 9.32 65.62
C ALA A 155 -122.34 9.07 64.55
N ARG A 156 -121.32 8.28 64.85
CA ARG A 156 -120.32 7.94 63.85
C ARG A 156 -120.96 7.20 62.69
N ASN A 157 -121.83 6.23 62.99
CA ASN A 157 -122.47 5.44 61.95
C ASN A 157 -123.34 6.32 61.05
N VAL A 158 -124.09 7.24 61.64
CA VAL A 158 -124.97 8.09 60.84
C VAL A 158 -124.15 9.09 60.03
N GLN A 159 -123.05 9.62 60.61
CA GLN A 159 -122.14 10.47 59.86
C GLN A 159 -121.61 9.74 58.64
N ALA A 160 -121.32 8.45 58.78
CA ALA A 160 -120.82 7.69 57.65
C ALA A 160 -121.90 7.50 56.59
N VAL A 161 -123.10 7.10 57.00
CA VAL A 161 -124.10 6.74 56.00
C VAL A 161 -124.60 7.97 55.25
N LEU A 162 -124.76 9.09 55.94
CA LEU A 162 -125.30 10.26 55.27
C LEU A 162 -124.37 10.75 54.16
N ASP A 163 -123.06 10.68 54.39
CA ASP A 163 -122.11 11.06 53.36
C ASP A 163 -122.19 10.15 52.15
N SER A 164 -122.72 8.95 52.31
CA SER A 164 -122.69 7.98 51.23
C SER A 164 -123.49 8.43 50.01
N PHE A 165 -124.43 9.34 50.18
CA PHE A 165 -125.26 9.73 49.04
C PHE A 165 -124.53 10.68 48.10
N GLU A 166 -123.59 11.48 48.60
CA GLU A 166 -122.80 12.30 47.70
C GLU A 166 -121.94 11.44 46.77
N ARG A 167 -121.22 10.48 47.36
CA ARG A 167 -120.47 9.53 46.54
C ARG A 167 -121.41 8.75 45.62
N GLY A 168 -122.58 8.39 46.13
CA GLY A 168 -123.54 7.66 45.29
C GLY A 168 -123.95 8.45 44.08
N THR A 169 -124.20 9.75 44.24
CA THR A 169 -124.56 10.59 43.11
C THR A 169 -123.40 10.75 42.15
N ALA A 170 -122.20 10.99 42.69
CA ALA A 170 -121.03 11.10 41.83
C ALA A 170 -120.82 9.83 41.02
N ASP A 171 -121.20 8.68 41.55
CA ASP A 171 -121.08 7.44 40.80
C ASP A 171 -122.22 7.26 39.82
N GLN A 172 -123.42 7.67 40.21
CA GLN A 172 -124.57 7.54 39.33
C GLN A 172 -124.38 8.36 38.06
N MET A 173 -123.78 9.54 38.19
CA MET A 173 -123.53 10.36 37.02
C MET A 173 -122.65 9.62 36.02
N LEU A 174 -121.55 9.04 36.49
CA LEU A 174 -120.69 8.27 35.60
C LEU A 174 -121.44 7.08 35.01
N ARG A 175 -122.24 6.41 35.84
CA ARG A 175 -122.96 5.24 35.35
C ARG A 175 -123.85 5.59 34.18
N VAL A 176 -124.58 6.71 34.28
CA VAL A 176 -125.52 7.05 33.22
C VAL A 176 -124.79 7.62 32.02
N LEU A 177 -123.76 8.45 32.25
CA LEU A 177 -123.03 9.03 31.13
C LEU A 177 -122.31 7.97 30.32
N MET A 178 -121.88 6.90 30.97
CA MET A 178 -121.21 5.81 30.27
C MET A 178 -122.17 4.96 29.49
N GLU A 179 -123.40 5.41 29.27
CA GLU A 179 -124.41 4.64 28.56
C GLU A 179 -124.82 5.25 27.24
N LYS A 180 -124.98 6.57 27.17
CA LYS A 180 -125.38 7.19 25.91
C LYS A 180 -124.19 7.47 25.00
N ALA A 181 -122.99 7.52 25.54
CA ALA A 181 -121.83 7.88 24.74
C ALA A 181 -121.47 6.75 23.80
N PRO A 182 -121.56 6.94 22.49
CA PRO A 182 -121.05 5.95 21.58
C PRO A 182 -119.54 6.11 21.44
N PRO A 183 -118.83 5.09 20.97
CA PRO A 183 -117.39 5.22 20.84
C PRO A 183 -117.04 6.24 19.76
N LEU A 184 -115.97 6.99 20.02
CA LEU A 184 -115.55 8.03 19.09
C LEU A 184 -115.23 7.45 17.71
N SER A 185 -114.56 6.30 17.69
CA SER A 185 -114.20 5.68 16.42
C SER A 185 -115.41 5.48 15.53
N LEU A 186 -116.57 5.24 16.11
CA LEU A 186 -117.80 5.04 15.37
C LEU A 186 -118.56 6.34 15.15
N LEU A 187 -117.96 7.48 15.43
CA LEU A 187 -118.66 8.76 15.34
C LEU A 187 -117.99 9.73 14.40
N ALA A 188 -116.66 9.84 14.43
CA ALA A 188 -115.95 10.65 13.45
C ALA A 188 -116.30 10.30 12.01
N PRO A 189 -116.26 9.04 11.57
CA PRO A 189 -116.66 8.73 10.19
C PRO A 189 -118.15 8.85 9.97
N PHE A 190 -118.91 9.18 11.00
CA PHE A 190 -120.33 9.43 10.83
C PHE A 190 -120.58 10.85 10.35
N THR A 191 -119.95 11.85 10.98
CA THR A 191 -120.21 13.24 10.64
C THR A 191 -119.82 13.56 9.20
N LEU A 192 -118.79 12.91 8.67
CA LEU A 192 -118.36 13.19 7.31
C LEU A 192 -119.39 12.78 6.27
N TYR A 193 -120.48 12.12 6.67
CA TYR A 193 -121.44 11.59 5.71
C TYR A 193 -122.87 12.02 6.04
N GLU A 194 -123.04 13.16 6.69
CA GLU A 194 -124.38 13.53 7.12
C GLU A 194 -125.18 14.14 5.98
N GLY A 195 -126.50 14.12 6.15
CA GLY A 195 -127.42 14.64 5.16
C GLY A 195 -127.39 13.88 3.85
N ARG A 196 -126.78 12.70 3.84
CA ARG A 196 -126.59 11.97 2.61
C ARG A 196 -126.93 10.49 2.68
N LEU A 197 -127.27 9.94 3.84
CA LEU A 197 -127.58 8.51 3.85
C LEU A 197 -129.01 8.29 3.37
N ALA A 198 -129.36 8.90 2.24
CA ALA A 198 -130.66 8.65 1.62
C ALA A 198 -130.57 7.47 0.66
N ASP A 199 -129.74 7.58 -0.36
CA ASP A 199 -129.57 6.48 -1.29
C ASP A 199 -128.71 5.39 -0.65
N ARG A 200 -128.84 4.18 -1.18
CA ARG A 200 -128.18 3.04 -0.54
C ARG A 200 -126.68 3.07 -0.73
N VAL A 201 -126.19 3.70 -1.80
CA VAL A 201 -124.75 3.73 -2.04
C VAL A 201 -124.04 4.44 -0.90
N ALA A 202 -124.65 5.50 -0.38
CA ALA A 202 -124.02 6.26 0.68
C ALA A 202 -123.84 5.41 1.93
N CYS A 203 -124.90 4.74 2.36
CA CYS A 203 -124.79 3.91 3.56
C CYS A 203 -123.87 2.72 3.32
N ALA A 204 -123.83 2.19 2.09
CA ALA A 204 -122.94 1.09 1.80
C ALA A 204 -121.49 1.52 1.87
N ALA A 205 -121.20 2.76 1.51
CA ALA A 205 -119.84 3.27 1.73
C ALA A 205 -119.57 3.53 3.20
N LEU A 206 -120.59 4.01 3.91
CA LEU A 206 -120.40 4.34 5.33
C LEU A 206 -120.07 3.11 6.15
N VAL A 207 -120.76 1.99 5.89
CA VAL A 207 -120.49 0.79 6.69
C VAL A 207 -119.09 0.28 6.44
N SER A 208 -118.60 0.40 5.19
CA SER A 208 -117.24 -0.02 4.90
C SER A 208 -116.24 0.89 5.60
N GLU A 209 -116.52 2.19 5.67
CA GLU A 209 -115.59 3.07 6.38
C GLU A 209 -115.63 2.81 7.88
N LEU A 210 -116.79 2.45 8.42
CA LEU A 210 -116.85 2.04 9.82
C LEU A 210 -115.95 0.84 10.06
N LYS A 211 -116.14 -0.23 9.26
CA LYS A 211 -115.33 -1.43 9.43
C LYS A 211 -113.84 -1.11 9.29
N ARG A 212 -113.49 -0.22 8.37
CA ARG A 212 -112.08 0.13 8.22
C ARG A 212 -111.58 0.89 9.45
N ARG A 213 -112.38 1.79 9.99
CA ARG A 213 -111.90 2.68 11.05
C ARG A 213 -111.81 1.96 12.39
N VAL A 214 -112.73 1.05 12.67
CA VAL A 214 -112.76 0.42 13.98
C VAL A 214 -111.55 -0.46 14.20
N ARG A 215 -110.97 -1.01 13.14
CA ARG A 215 -109.81 -1.88 13.27
C ARG A 215 -108.49 -1.13 13.13
N ASP A 216 -108.54 0.20 13.04
CA ASP A 216 -107.33 0.99 12.86
C ASP A 216 -107.00 1.84 14.08
N ASP A 217 -107.92 2.71 14.50
CA ASP A 217 -107.63 3.68 15.55
C ASP A 217 -108.49 3.44 16.79
N THR A 218 -108.78 2.18 17.08
CA THR A 218 -109.52 1.90 18.31
C THR A 218 -108.64 1.98 19.54
N PHE A 219 -107.38 2.36 19.40
CA PHE A 219 -106.50 2.63 20.53
C PHE A 219 -105.50 3.69 20.12
N PHE A 220 -105.34 4.71 20.95
CA PHE A 220 -104.23 5.64 20.81
C PHE A 220 -103.39 5.59 22.08
N LEU A 221 -102.33 6.40 22.09
CA LEU A 221 -101.31 6.42 23.15
C LEU A 221 -100.77 5.03 23.46
N THR A 222 -100.99 4.08 22.57
CA THR A 222 -100.32 2.79 22.58
C THR A 222 -99.68 2.47 21.24
N LYS A 223 -100.34 2.83 20.15
CA LYS A 223 -99.70 2.90 18.84
C LYS A 223 -99.10 4.26 18.58
N HIS A 224 -99.52 5.29 19.31
CA HIS A 224 -99.09 6.65 19.08
C HIS A 224 -98.61 7.31 20.38
N GLU A 225 -97.98 6.53 21.25
CA GLU A 225 -97.40 7.08 22.48
C GLU A 225 -96.10 7.83 22.22
N ARG A 226 -95.68 7.92 20.97
CA ARG A 226 -94.49 8.68 20.57
C ARG A 226 -94.85 10.00 19.91
N ASN A 227 -95.79 9.99 18.97
CA ASN A 227 -96.19 11.18 18.23
C ASN A 227 -97.01 12.09 19.14
N LYS A 228 -96.35 13.08 19.75
CA LYS A 228 -97.05 13.96 20.68
C LYS A 228 -98.15 14.75 19.98
N ASP A 229 -98.02 14.99 18.68
CA ASP A 229 -99.03 15.76 17.96
C ASP A 229 -100.27 14.92 17.67
N ALA A 230 -100.07 13.65 17.31
CA ALA A 230 -101.20 12.79 16.97
C ALA A 230 -102.20 12.70 18.11
N VAL A 231 -101.70 12.50 19.34
CA VAL A 231 -102.58 12.40 20.50
C VAL A 231 -103.37 13.69 20.69
N LEU A 232 -102.68 14.82 20.63
CA LEU A 232 -103.35 16.10 20.85
C LEU A 232 -104.42 16.33 19.80
N ASP A 233 -104.13 16.04 18.54
CA ASP A 233 -105.13 16.23 17.51
C ASP A 233 -106.29 15.27 17.67
N ARG A 234 -106.03 14.05 18.15
CA ARG A 234 -107.12 13.12 18.37
C ARG A 234 -108.04 13.61 19.48
N LEU A 235 -107.47 14.12 20.58
CA LEU A 235 -108.30 14.69 21.63
C LEU A 235 -109.07 15.90 21.11
N SER A 236 -108.44 16.70 20.24
CA SER A 236 -109.15 17.81 19.63
C SER A 236 -110.37 17.32 18.86
N ASP A 237 -110.20 16.28 18.05
CA ASP A 237 -111.32 15.76 17.28
C ASP A 237 -112.38 15.17 18.19
N LEU A 238 -111.97 14.56 19.30
CA LEU A 238 -112.95 14.06 20.26
C LEU A 238 -113.79 15.20 20.83
N VAL A 239 -113.14 16.23 21.36
CA VAL A 239 -113.88 17.29 22.02
C VAL A 239 -114.66 18.12 21.03
N ASN A 240 -114.29 18.12 19.75
CA ASN A 240 -115.05 18.86 18.76
C ASN A 240 -116.13 18.04 18.08
N CYS A 241 -116.12 16.72 18.22
CA CYS A 241 -117.08 15.91 17.48
C CYS A 241 -118.49 16.01 18.05
N THR A 242 -118.63 16.51 19.27
CA THR A 242 -119.93 16.57 19.92
C THR A 242 -120.51 17.98 19.82
N ALA A 243 -121.83 18.05 19.61
CA ALA A 243 -122.57 19.29 19.44
C ALA A 243 -123.06 19.81 20.80
N PRO A 244 -123.03 21.12 21.01
CA PRO A 244 -123.42 21.66 22.31
C PRO A 244 -124.91 21.50 22.55
N SER A 245 -125.28 21.44 23.81
CA SER A 245 -126.65 21.20 24.22
C SER A 245 -127.38 22.52 24.43
N VAL A 246 -128.55 22.46 25.06
CA VAL A 246 -129.29 23.65 25.41
C VAL A 246 -128.45 24.53 26.34
N ALA A 247 -128.71 25.83 26.28
CA ALA A 247 -128.07 26.80 27.16
C ALA A 247 -128.97 27.07 28.37
N VAL A 248 -128.34 27.20 29.54
CA VAL A 248 -129.02 27.56 30.77
C VAL A 248 -128.20 28.63 31.48
N ALA A 249 -128.87 29.37 32.37
CA ALA A 249 -128.28 30.55 32.98
C ALA A 249 -127.85 30.33 34.42
N ARG A 250 -127.79 29.09 34.88
CA ARG A 250 -127.40 28.79 36.25
C ARG A 250 -126.06 28.09 36.34
N MET A 251 -125.29 28.05 35.26
CA MET A 251 -124.00 27.35 35.31
C MET A 251 -122.91 28.24 35.90
N THR A 252 -122.55 29.30 35.18
CA THR A 252 -121.53 30.25 35.61
C THR A 252 -120.21 29.55 35.92
N HIS A 253 -120.07 28.30 35.53
CA HIS A 253 -118.80 27.59 35.73
C HIS A 253 -117.73 28.27 34.90
N ALA A 254 -116.82 28.98 35.56
CA ALA A 254 -115.90 29.85 34.84
C ALA A 254 -114.50 29.73 35.41
N ASP A 255 -113.51 30.00 34.56
CA ASP A 255 -112.16 30.19 35.01
C ASP A 255 -112.09 31.35 36.00
N THR A 256 -111.12 31.30 36.90
CA THR A 256 -110.99 32.32 37.93
C THR A 256 -110.81 33.71 37.34
N GLN A 257 -110.43 33.82 36.07
CA GLN A 257 -110.23 35.10 35.41
C GLN A 257 -111.25 35.37 34.33
N GLY A 258 -111.53 34.41 33.47
CA GLY A 258 -112.25 34.69 32.24
C GLY A 258 -113.36 33.74 31.82
N ARG A 259 -113.20 33.22 30.59
CA ARG A 259 -114.28 32.56 29.88
C ARG A 259 -114.80 31.34 30.64
N PRO A 260 -116.06 30.97 30.44
CA PRO A 260 -116.62 29.80 31.11
C PRO A 260 -116.13 28.51 30.50
N VAL A 261 -116.29 27.43 31.27
CA VAL A 261 -115.84 26.10 30.87
C VAL A 261 -116.88 25.48 29.94
N ASP A 262 -116.52 24.36 29.31
CA ASP A 262 -117.38 23.71 28.33
C ASP A 262 -117.78 22.29 28.69
N GLY A 263 -116.93 21.54 29.37
CA GLY A 263 -117.26 20.17 29.69
C GLY A 263 -116.21 19.54 30.58
N VAL A 264 -116.24 18.22 30.65
CA VAL A 264 -115.32 17.47 31.51
C VAL A 264 -114.68 16.35 30.72
N LEU A 265 -113.45 16.02 31.08
CA LEU A 265 -112.70 14.91 30.51
C LEU A 265 -112.39 13.96 31.65
N VAL A 266 -113.30 13.04 31.94
CA VAL A 266 -113.14 12.13 33.07
C VAL A 266 -112.29 10.95 32.62
N THR A 267 -111.18 10.72 33.32
CA THR A 267 -110.25 9.67 32.98
C THR A 267 -109.70 9.04 34.25
N THR A 268 -109.14 7.84 34.11
CA THR A 268 -108.48 7.22 35.24
C THR A 268 -107.15 7.92 35.53
N ALA A 269 -106.57 7.63 36.69
CA ALA A 269 -105.33 8.30 37.07
C ALA A 269 -104.16 7.85 36.21
N GLY A 270 -104.18 6.60 35.74
CA GLY A 270 -103.10 6.13 34.89
C GLY A 270 -102.99 6.89 33.59
N VAL A 271 -104.11 7.38 33.08
CA VAL A 271 -104.08 8.23 31.89
C VAL A 271 -103.81 9.68 32.26
N ARG A 272 -104.24 10.11 33.45
CA ARG A 272 -103.98 11.47 33.88
C ARG A 272 -102.48 11.72 34.01
N GLN A 273 -101.79 10.87 34.76
CA GLN A 273 -100.36 11.07 34.95
C GLN A 273 -99.58 10.98 33.65
N ARG A 274 -100.20 10.51 32.57
CA ARG A 274 -99.58 10.50 31.25
C ARG A 274 -99.86 11.79 30.49
N LEU A 275 -101.13 12.18 30.41
CA LEU A 275 -101.46 13.38 29.66
C LEU A 275 -100.93 14.63 30.33
N LEU A 276 -100.73 14.59 31.64
CA LEU A 276 -100.38 15.80 32.36
C LEU A 276 -98.90 16.13 32.30
N HIS A 277 -98.06 15.16 31.95
CA HIS A 277 -96.63 15.39 31.91
C HIS A 277 -96.12 15.73 30.53
N HIS A 278 -96.80 15.32 29.48
CA HIS A 278 -96.15 15.47 28.18
C HIS A 278 -96.97 16.24 27.15
N VAL A 279 -98.28 16.02 27.07
CA VAL A 279 -99.06 16.54 25.97
C VAL A 279 -99.94 17.72 26.36
N LEU A 280 -100.36 17.82 27.62
CA LEU A 280 -101.28 18.87 28.05
C LEU A 280 -100.63 19.71 29.12
N THR A 281 -100.86 21.02 29.06
CA THR A 281 -100.35 21.95 30.05
C THR A 281 -101.51 22.56 30.82
N LEU A 282 -101.29 22.80 32.11
CA LEU A 282 -102.37 23.26 32.99
C LEU A 282 -102.79 24.66 32.61
N ALA A 283 -104.05 24.83 32.21
CA ALA A 283 -104.58 26.16 31.96
C ALA A 283 -104.56 26.99 33.23
N ASP A 284 -105.34 26.58 34.23
CA ASP A 284 -105.39 27.27 35.51
C ASP A 284 -105.70 26.23 36.57
N THR A 285 -105.48 26.60 37.83
CA THR A 285 -105.55 25.64 38.93
C THR A 285 -106.68 25.92 39.91
N HIS A 286 -107.54 26.88 39.64
CA HIS A 286 -108.73 27.10 40.45
C HIS A 286 -109.90 27.39 39.52
N ALA A 287 -111.09 27.50 40.10
CA ALA A 287 -112.29 27.65 39.28
C ALA A 287 -113.38 28.32 40.11
N ASP A 288 -114.55 28.47 39.48
CA ASP A 288 -115.70 29.10 40.08
C ASP A 288 -116.90 28.19 39.89
N VAL A 289 -117.58 27.86 40.98
CA VAL A 289 -118.67 26.89 40.94
C VAL A 289 -119.89 27.46 41.63
N PRO A 290 -121.10 27.18 41.17
CA PRO A 290 -122.29 27.52 41.95
C PRO A 290 -122.34 26.70 43.23
N VAL A 291 -123.14 27.18 44.19
CA VAL A 291 -123.18 26.59 45.51
C VAL A 291 -124.49 25.85 45.80
N THR A 292 -125.59 26.24 45.16
CA THR A 292 -126.88 25.66 45.46
C THR A 292 -127.48 24.97 44.24
N TYR A 293 -128.37 24.02 44.51
CA TYR A 293 -129.12 23.37 43.44
C TYR A 293 -130.14 24.32 42.84
N GLY A 294 -130.88 23.81 41.87
CA GLY A 294 -132.09 24.46 41.43
C GLY A 294 -133.29 23.95 42.20
N GLU A 295 -134.44 24.56 41.93
CA GLU A 295 -135.65 24.28 42.68
C GLU A 295 -136.84 24.31 41.73
N MET A 296 -137.65 23.26 41.78
CA MET A 296 -138.89 23.19 41.00
C MET A 296 -139.98 22.59 41.87
N VAL A 297 -141.01 23.38 42.16
CA VAL A 297 -142.08 22.96 43.06
C VAL A 297 -143.42 23.31 42.43
N ILE A 298 -144.36 22.37 42.49
CA ILE A 298 -145.72 22.67 42.07
C ILE A 298 -146.34 23.64 43.07
N ALA A 299 -147.23 24.50 42.58
CA ALA A 299 -147.62 25.67 43.34
C ALA A 299 -149.07 26.03 43.00
N ASN A 300 -149.45 27.27 43.30
CA ASN A 300 -150.83 27.75 43.27
C ASN A 300 -151.64 27.22 42.10
N THR A 301 -151.20 27.51 40.87
CA THR A 301 -152.01 27.10 39.73
C THR A 301 -151.75 25.66 39.33
N ASN A 302 -150.50 25.22 39.37
CA ASN A 302 -150.17 23.86 38.94
C ASN A 302 -150.87 22.83 39.82
N LEU A 303 -150.97 23.12 41.12
CA LEU A 303 -151.59 22.16 42.04
C LEU A 303 -153.02 21.86 41.64
N VAL A 304 -153.75 22.86 41.16
CA VAL A 304 -155.15 22.67 40.80
C VAL A 304 -155.28 21.56 39.77
N THR A 305 -154.65 21.75 38.59
CA THR A 305 -154.76 20.76 37.53
C THR A 305 -154.08 19.46 37.92
N ALA A 306 -153.03 19.51 38.73
CA ALA A 306 -152.39 18.27 39.17
C ALA A 306 -153.32 17.45 40.04
N LEU A 307 -154.24 18.11 40.74
CA LEU A 307 -155.15 17.40 41.63
C LEU A 307 -156.43 16.97 40.94
N VAL A 308 -156.96 17.77 40.02
CA VAL A 308 -158.25 17.46 39.39
C VAL A 308 -158.07 16.83 38.01
N MET A 309 -157.25 17.43 37.15
CA MET A 309 -157.10 16.90 35.79
C MET A 309 -156.12 15.73 35.77
N GLY A 310 -154.89 15.97 36.20
CA GLY A 310 -153.89 14.93 36.19
C GLY A 310 -152.70 15.26 35.31
N LYS A 311 -152.48 16.54 35.08
CA LYS A 311 -151.36 17.01 34.28
C LYS A 311 -150.63 18.09 35.06
N ALA A 312 -149.50 18.52 34.50
CA ALA A 312 -148.70 19.59 35.08
C ALA A 312 -147.65 20.01 34.06
N VAL A 313 -147.13 21.22 34.24
CA VAL A 313 -146.05 21.72 33.40
C VAL A 313 -144.99 22.32 34.31
N SER A 314 -143.85 22.65 33.69
CA SER A 314 -142.77 23.28 34.46
C SER A 314 -143.00 24.76 34.63
N ASN A 315 -143.44 25.44 33.57
CA ASN A 315 -143.69 26.87 33.59
C ASN A 315 -145.18 27.09 33.41
N MET A 316 -145.91 27.14 34.51
CA MET A 316 -147.33 27.44 34.46
C MET A 316 -147.62 28.91 34.66
N ASP A 317 -146.91 29.54 35.60
CA ASP A 317 -147.09 30.98 35.83
C ASP A 317 -146.87 31.76 34.54
N ASP A 318 -145.84 31.41 33.78
CA ASP A 318 -145.54 32.19 32.59
C ASP A 318 -146.54 31.95 31.47
N VAL A 319 -146.96 30.70 31.27
CA VAL A 319 -147.94 30.48 30.22
C VAL A 319 -149.26 31.15 30.58
N ALA A 320 -149.60 31.20 31.86
CA ALA A 320 -150.80 31.93 32.27
C ALA A 320 -150.64 33.42 32.00
N ARG A 321 -149.52 34.00 32.47
CA ARG A 321 -149.27 35.42 32.26
C ARG A 321 -149.06 35.78 30.80
N TYR A 322 -148.90 34.79 29.91
CA TYR A 322 -148.85 35.08 28.49
C TYR A 322 -150.21 34.96 27.83
N LEU A 323 -150.96 33.91 28.14
CA LEU A 323 -152.26 33.72 27.51
C LEU A 323 -153.25 34.80 27.90
N LEU A 324 -153.01 35.49 29.02
CA LEU A 324 -153.76 36.70 29.35
C LEU A 324 -152.76 37.76 29.79
N GLY A 325 -153.23 39.00 29.87
CA GLY A 325 -152.34 40.13 30.06
C GLY A 325 -151.41 39.99 31.26
N GLY A 326 -151.87 39.32 32.31
CA GLY A 326 -151.06 39.15 33.50
C GLY A 326 -151.86 39.25 34.78
N GLY A 337 -124.70 32.97 43.81
CA GLY A 337 -123.93 32.17 44.73
C GLY A 337 -122.76 31.47 44.06
N SER A 338 -121.55 31.73 44.55
CA SER A 338 -120.35 31.19 43.94
C SER A 338 -119.28 30.95 44.99
N ALA A 339 -118.46 29.93 44.75
CA ALA A 339 -117.34 29.62 45.61
C ALA A 339 -116.11 29.38 44.75
N ARG A 340 -114.95 29.31 45.40
CA ARG A 340 -113.67 29.10 44.72
C ARG A 340 -113.12 27.75 45.18
N VAL A 341 -113.03 26.80 44.24
CA VAL A 341 -112.61 25.45 44.59
C VAL A 341 -111.31 25.11 43.85
N ARG A 342 -110.79 23.92 44.07
CA ARG A 342 -109.60 23.45 43.39
C ARG A 342 -110.00 22.52 42.25
N ALA A 343 -109.55 22.85 41.04
CA ALA A 343 -109.79 22.03 39.86
C ALA A 343 -108.60 22.18 38.94
N ASP A 344 -108.62 21.44 37.84
CA ASP A 344 -107.52 21.45 36.88
C ASP A 344 -108.10 21.68 35.49
N LEU A 345 -108.27 22.93 35.12
CA LEU A 345 -108.76 23.26 33.79
C LEU A 345 -107.64 23.13 32.78
N VAL A 346 -108.01 22.75 31.56
CA VAL A 346 -107.06 22.62 30.47
C VAL A 346 -107.66 23.29 29.25
N VAL A 347 -106.85 23.44 28.21
CA VAL A 347 -107.30 23.91 26.91
C VAL A 347 -106.99 22.81 25.91
N VAL A 348 -108.04 22.29 25.28
CA VAL A 348 -107.90 21.24 24.28
C VAL A 348 -108.75 21.62 23.08
N GLY A 349 -108.27 21.30 21.89
CA GLY A 349 -108.90 21.81 20.69
C GLY A 349 -108.85 23.32 20.73
N ASP A 350 -110.00 23.93 20.99
CA ASP A 350 -110.04 25.36 21.25
C ASP A 350 -110.81 25.73 22.49
N ARG A 351 -111.54 24.81 23.10
CA ARG A 351 -112.35 25.11 24.26
C ARG A 351 -111.59 24.77 25.55
N LEU A 352 -112.21 25.13 26.66
CA LEU A 352 -111.63 24.95 27.99
C LEU A 352 -112.50 24.00 28.78
N VAL A 353 -111.93 22.89 29.23
CA VAL A 353 -112.68 21.84 29.91
C VAL A 353 -111.93 21.42 31.17
N PHE A 354 -112.67 20.75 32.06
CA PHE A 354 -112.07 20.19 33.26
C PHE A 354 -111.25 18.95 32.90
N LEU A 355 -110.56 18.41 33.90
CA LEU A 355 -109.78 17.18 33.70
C LEU A 355 -109.64 16.51 35.07
N GLU A 356 -110.46 15.50 35.32
CA GLU A 356 -110.59 14.92 36.64
C GLU A 356 -110.36 13.42 36.61
N ALA A 357 -109.94 12.89 37.75
CA ALA A 357 -109.69 11.45 37.91
C ALA A 357 -110.16 11.06 39.31
N LEU A 358 -111.35 10.46 39.38
CA LEU A 358 -112.03 10.23 40.64
C LEU A 358 -111.64 8.91 41.29
N GLU A 359 -110.45 8.40 41.02
CA GLU A 359 -109.99 7.21 41.73
C GLU A 359 -109.67 7.52 43.18
N LYS A 360 -109.21 8.73 43.48
CA LYS A 360 -108.77 9.06 44.81
C LYS A 360 -109.91 9.56 45.69
N ARG A 361 -110.55 10.66 45.29
CA ARG A 361 -111.58 11.27 46.12
C ARG A 361 -112.72 10.29 46.40
N VAL A 362 -113.14 9.57 45.37
CA VAL A 362 -114.20 8.58 45.50
C VAL A 362 -113.60 7.22 45.15
N TYR A 363 -114.32 6.16 45.54
CA TYR A 363 -114.00 4.77 45.20
C TYR A 363 -112.78 4.25 45.93
N GLN A 364 -112.05 5.10 46.63
CA GLN A 364 -110.84 4.65 47.31
C GLN A 364 -111.23 3.91 48.58
N ALA A 365 -110.66 2.72 48.76
CA ALA A 365 -110.98 1.87 49.89
C ALA A 365 -112.48 1.61 49.98
N THR A 366 -113.00 0.97 48.94
CA THR A 366 -114.41 0.65 48.84
C THR A 366 -114.58 -0.45 47.80
N GLN A 367 -115.45 -1.40 48.08
CA GLN A 367 -115.54 -2.58 47.24
C GLN A 367 -116.21 -2.34 45.91
N VAL A 368 -116.44 -1.10 45.51
CA VAL A 368 -117.04 -0.80 44.21
C VAL A 368 -115.93 -0.59 43.19
N PRO A 369 -116.06 -1.09 41.97
CA PRO A 369 -115.02 -0.86 40.97
C PRO A 369 -115.29 0.38 40.13
N TYR A 370 -114.20 1.02 39.72
CA TYR A 370 -114.29 2.20 38.89
C TYR A 370 -115.07 1.88 37.61
N PRO A 371 -115.99 2.75 37.19
CA PRO A 371 -116.83 2.46 36.03
C PRO A 371 -116.23 2.85 34.68
N LEU A 372 -114.97 3.30 34.63
CA LEU A 372 -114.36 3.69 33.38
C LEU A 372 -113.43 2.62 32.82
N VAL A 373 -113.37 1.45 33.43
CA VAL A 373 -112.54 0.36 32.91
C VAL A 373 -113.46 -0.49 32.04
N GLY A 374 -113.66 -0.04 30.81
CA GLY A 374 -114.61 -0.66 29.91
C GLY A 374 -114.24 -2.07 29.56
N ASN A 375 -115.11 -2.71 28.77
CA ASN A 375 -114.94 -4.11 28.39
C ASN A 375 -115.10 -4.23 26.88
N LEU A 376 -113.98 -4.21 26.17
CA LEU A 376 -113.99 -4.50 24.75
C LEU A 376 -114.29 -5.98 24.52
N ASP A 377 -114.87 -6.28 23.37
CA ASP A 377 -115.27 -7.64 23.04
C ASP A 377 -114.98 -7.89 21.57
N VAL A 378 -114.23 -8.95 21.27
CA VAL A 378 -114.03 -9.42 19.90
C VAL A 378 -114.26 -10.92 19.88
N THR A 379 -114.49 -11.45 18.68
CA THR A 379 -114.74 -12.87 18.49
C THR A 379 -113.84 -13.37 17.36
N PHE A 380 -112.85 -14.18 17.71
CA PHE A 380 -111.91 -14.68 16.73
C PHE A 380 -112.51 -15.86 15.96
N VAL A 381 -111.78 -16.31 14.93
CA VAL A 381 -112.21 -17.43 14.11
C VAL A 381 -110.99 -17.95 13.38
N MET A 382 -110.93 -19.26 13.16
CA MET A 382 -109.79 -19.83 12.49
C MET A 382 -110.20 -21.12 11.79
N PRO A 383 -109.91 -21.25 10.49
CA PRO A 383 -110.27 -22.49 9.79
C PRO A 383 -109.37 -23.63 10.22
N LEU A 384 -109.94 -24.82 10.34
CA LEU A 384 -109.21 -25.95 10.89
C LEU A 384 -108.59 -26.83 9.81
N GLY A 385 -109.40 -27.43 8.95
CA GLY A 385 -108.88 -28.50 8.12
C GLY A 385 -108.97 -28.24 6.64
N VAL A 386 -108.91 -26.97 6.24
CA VAL A 386 -109.02 -26.64 4.82
C VAL A 386 -107.82 -27.21 4.08
N PHE A 387 -108.03 -27.53 2.81
CA PHE A 387 -106.98 -28.07 1.94
C PHE A 387 -106.92 -27.18 0.70
N LYS A 388 -105.80 -26.49 0.54
CA LYS A 388 -105.67 -25.58 -0.58
C LYS A 388 -105.69 -26.36 -1.90
N PRO A 389 -106.31 -25.82 -2.95
CA PRO A 389 -106.31 -26.50 -4.24
C PRO A 389 -104.89 -26.68 -4.77
N ALA A 390 -104.77 -27.54 -5.79
CA ALA A 390 -103.46 -28.01 -6.23
C ALA A 390 -102.62 -26.93 -6.89
N ALA A 391 -103.16 -25.72 -7.09
CA ALA A 391 -102.37 -24.65 -7.67
C ALA A 391 -101.63 -23.82 -6.64
N ASP A 392 -101.93 -23.99 -5.36
CA ASP A 392 -101.38 -23.13 -4.32
C ASP A 392 -100.43 -23.87 -3.39
N ARG A 393 -100.11 -25.13 -3.67
CA ARG A 393 -99.15 -25.88 -2.86
C ARG A 393 -97.78 -25.64 -3.47
N TYR A 394 -97.10 -24.61 -2.99
CA TYR A 394 -95.83 -24.18 -3.56
C TYR A 394 -94.92 -23.72 -2.45
N ALA A 395 -93.63 -23.96 -2.62
CA ALA A 395 -92.63 -23.50 -1.67
C ALA A 395 -92.08 -22.15 -2.10
N ARG A 396 -91.94 -21.24 -1.15
CA ARG A 396 -91.45 -19.90 -1.45
C ARG A 396 -90.00 -19.94 -1.93
N HIS A 397 -89.19 -20.82 -1.35
CA HIS A 397 -87.81 -20.95 -1.73
C HIS A 397 -87.46 -22.43 -1.87
N ALA A 398 -86.31 -22.69 -2.50
CA ALA A 398 -85.84 -24.06 -2.60
C ALA A 398 -85.48 -24.63 -1.25
N GLY A 399 -84.93 -23.81 -0.36
CA GLY A 399 -84.55 -24.31 0.94
C GLY A 399 -85.77 -24.38 1.83
N SER A 400 -86.30 -25.59 1.96
CA SER A 400 -87.56 -25.81 2.64
C SER A 400 -87.33 -25.98 4.13
N PHE A 401 -88.36 -26.46 4.83
CA PHE A 401 -88.17 -27.11 6.12
C PHE A 401 -87.79 -28.57 5.83
N ALA A 402 -86.57 -28.74 5.37
CA ALA A 402 -86.12 -30.04 4.92
C ALA A 402 -86.29 -31.08 6.02
N PRO A 403 -86.82 -32.24 5.72
CA PRO A 403 -87.00 -33.27 6.74
C PRO A 403 -85.73 -34.09 6.89
N THR A 404 -85.77 -35.03 7.83
CA THR A 404 -84.63 -35.91 8.04
C THR A 404 -84.36 -36.70 6.77
N PRO A 405 -83.13 -36.70 6.26
CA PRO A 405 -82.85 -37.43 5.01
C PRO A 405 -83.16 -38.91 5.17
N GLY A 406 -83.92 -39.44 4.22
CA GLY A 406 -84.35 -40.81 4.27
C GLY A 406 -85.70 -41.03 4.94
N LEU A 407 -86.46 -39.97 5.18
CA LEU A 407 -87.77 -40.05 5.78
C LEU A 407 -88.76 -39.26 4.94
N PRO A 408 -89.99 -39.72 4.80
CA PRO A 408 -90.98 -38.95 4.04
C PRO A 408 -91.34 -37.66 4.77
N ASP A 409 -91.53 -36.61 3.99
CA ASP A 409 -91.84 -35.31 4.56
C ASP A 409 -93.25 -35.32 5.14
N PRO A 410 -93.43 -34.88 6.38
CA PRO A 410 -94.78 -34.76 6.96
C PRO A 410 -95.50 -33.47 6.62
N ARG A 411 -95.01 -32.69 5.66
CA ARG A 411 -95.58 -31.40 5.35
C ARG A 411 -96.58 -31.45 4.20
N THR A 412 -96.40 -32.37 3.26
CA THR A 412 -97.28 -32.41 2.10
C THR A 412 -98.70 -32.86 2.45
N HIS A 413 -98.85 -33.66 3.51
CA HIS A 413 -100.14 -34.20 3.86
C HIS A 413 -101.14 -33.09 4.19
N PRO A 414 -102.42 -33.33 4.00
CA PRO A 414 -103.43 -32.34 4.39
C PRO A 414 -103.37 -32.11 5.90
N PRO A 415 -103.53 -30.87 6.33
CA PRO A 415 -103.37 -30.57 7.75
C PRO A 415 -104.58 -31.02 8.55
N ARG A 416 -104.34 -31.24 9.85
CA ARG A 416 -105.41 -31.69 10.72
C ARG A 416 -105.34 -31.03 12.09
N ALA A 417 -104.81 -29.82 12.16
CA ALA A 417 -104.74 -29.11 13.42
C ALA A 417 -104.52 -27.63 13.14
N VAL A 418 -104.51 -26.84 14.20
CA VAL A 418 -104.16 -25.43 14.14
C VAL A 418 -103.30 -25.10 15.35
N HIS A 419 -102.58 -24.00 15.26
CA HIS A 419 -101.77 -23.54 16.38
C HIS A 419 -101.94 -22.03 16.51
N PHE A 420 -101.94 -21.56 17.75
CA PHE A 420 -102.02 -20.13 18.01
C PHE A 420 -101.46 -19.87 19.40
N PHE A 421 -101.44 -18.60 19.78
CA PHE A 421 -100.84 -18.18 21.03
C PHE A 421 -101.90 -17.95 22.10
N ASN A 422 -101.49 -18.08 23.34
CA ASN A 422 -102.38 -17.95 24.48
C ASN A 422 -102.40 -16.48 24.94
N LYS A 423 -102.97 -16.25 26.12
CA LYS A 423 -103.01 -14.89 26.66
C LYS A 423 -101.61 -14.38 26.97
N ASP A 424 -100.75 -15.23 27.50
CA ASP A 424 -99.41 -14.81 27.86
C ASP A 424 -98.40 -15.00 26.74
N GLY A 425 -98.58 -16.02 25.91
CA GLY A 425 -97.62 -16.30 24.85
C GLY A 425 -97.31 -17.77 24.75
N VAL A 426 -97.75 -18.53 25.74
CA VAL A 426 -97.51 -19.99 25.70
C VAL A 426 -98.28 -20.57 24.52
N PRO A 427 -97.67 -21.42 23.71
CA PRO A 427 -98.40 -21.96 22.56
C PRO A 427 -99.48 -22.92 23.01
N CYS A 428 -100.61 -22.88 22.33
CA CYS A 428 -101.74 -23.74 22.64
C CYS A 428 -102.42 -24.11 21.34
N HIS A 429 -102.61 -25.40 21.12
CA HIS A 429 -103.08 -25.90 19.84
C HIS A 429 -104.47 -26.53 19.99
N VAL A 430 -105.11 -26.71 18.85
CA VAL A 430 -106.45 -27.28 18.76
C VAL A 430 -106.46 -28.25 17.59
N THR A 431 -107.19 -29.36 17.75
CA THR A 431 -107.15 -30.42 16.76
C THR A 431 -108.51 -31.11 16.71
N PHE A 432 -108.60 -32.17 15.91
CA PHE A 432 -109.89 -32.80 15.65
C PHE A 432 -110.45 -33.47 16.89
N GLU A 433 -109.59 -34.10 17.71
CA GLU A 433 -110.07 -34.82 18.88
C GLU A 433 -111.00 -33.96 19.73
N HIS A 434 -110.71 -32.67 19.84
CA HIS A 434 -111.51 -31.80 20.68
C HIS A 434 -112.91 -31.59 20.11
N ALA A 435 -113.13 -31.90 18.84
CA ALA A 435 -114.44 -31.71 18.24
C ALA A 435 -115.42 -32.81 18.61
N MET A 436 -114.95 -33.90 19.23
CA MET A 436 -115.82 -35.04 19.51
C MET A 436 -117.06 -34.61 20.27
N GLY A 437 -116.90 -33.71 21.24
CA GLY A 437 -118.05 -33.22 21.98
C GLY A 437 -119.12 -32.56 21.13
N THR A 438 -118.83 -32.28 19.87
CA THR A 438 -119.79 -31.66 18.97
C THR A 438 -120.24 -32.59 17.85
N LEU A 439 -119.30 -33.19 17.13
CA LEU A 439 -119.68 -34.10 16.06
C LEU A 439 -120.27 -35.38 16.62
N CYS A 440 -119.64 -35.97 17.64
CA CYS A 440 -120.11 -37.22 18.22
C CYS A 440 -121.24 -36.91 19.18
N HIS A 441 -122.45 -36.81 18.63
CA HIS A 441 -123.64 -36.50 19.43
C HIS A 441 -124.86 -36.86 18.61
N PRO A 442 -125.93 -37.32 19.24
CA PRO A 442 -127.14 -37.70 18.49
C PRO A 442 -127.73 -36.57 17.68
N SER A 443 -127.46 -35.32 18.04
CA SER A 443 -128.01 -34.20 17.27
C SER A 443 -127.45 -34.18 15.86
N PHE A 444 -126.24 -34.73 15.66
CA PHE A 444 -125.69 -34.86 14.32
C PHE A 444 -126.58 -35.67 13.40
N LEU A 445 -127.54 -36.41 13.96
CA LEU A 445 -128.42 -37.24 13.17
C LEU A 445 -129.88 -36.91 13.43
N ASP A 446 -130.22 -35.62 13.43
CA ASP A 446 -131.59 -35.18 13.59
C ASP A 446 -132.00 -34.40 12.34
N VAL A 447 -132.84 -35.00 11.51
CA VAL A 447 -133.30 -34.40 10.26
C VAL A 447 -134.82 -34.34 10.19
N ASP A 448 -135.51 -34.57 11.30
CA ASP A 448 -136.96 -34.64 11.24
C ASP A 448 -137.58 -33.26 11.00
N ALA A 449 -137.09 -32.25 11.72
CA ALA A 449 -137.64 -30.90 11.54
C ALA A 449 -137.31 -30.36 10.16
N THR A 450 -136.08 -30.59 9.69
CA THR A 450 -135.69 -30.15 8.37
C THR A 450 -136.58 -30.79 7.30
N LEU A 451 -136.79 -32.10 7.42
CA LEU A 451 -137.65 -32.80 6.47
C LEU A 451 -139.07 -32.26 6.52
N ALA A 452 -139.59 -32.06 7.73
CA ALA A 452 -140.95 -31.56 7.87
C ALA A 452 -141.12 -30.21 7.20
N ALA A 453 -140.24 -29.26 7.53
CA ALA A 453 -140.37 -27.93 6.95
C ALA A 453 -140.08 -27.93 5.45
N LEU A 454 -139.25 -28.85 4.98
CA LEU A 454 -138.91 -28.85 3.57
C LEU A 454 -140.07 -29.33 2.71
N ARG A 455 -140.95 -30.17 3.25
CA ARG A 455 -142.12 -30.61 2.51
C ARG A 455 -143.13 -29.50 2.27
N GLN A 456 -142.92 -28.32 2.86
CA GLN A 456 -143.86 -27.22 2.66
C GLN A 456 -144.03 -26.88 1.19
N GLU A 457 -142.99 -27.06 0.40
CA GLU A 457 -143.08 -26.86 -1.04
C GLU A 457 -144.24 -27.67 -1.60
N PRO A 458 -145.00 -27.14 -2.57
CA PRO A 458 -146.21 -27.84 -3.03
C PRO A 458 -145.97 -29.23 -3.60
N ALA A 459 -145.24 -29.32 -4.72
CA ALA A 459 -144.93 -30.59 -5.35
C ALA A 459 -143.96 -30.40 -6.51
N GLU A 460 -143.07 -31.37 -6.72
CA GLU A 460 -142.16 -31.34 -7.87
C GLU A 460 -141.82 -32.77 -8.26
N VAL A 461 -141.64 -32.99 -9.56
CA VAL A 461 -141.03 -34.23 -10.04
C VAL A 461 -140.28 -33.91 -11.33
N GLN A 462 -138.97 -34.14 -11.33
CA GLN A 462 -138.17 -33.88 -12.51
C GLN A 462 -137.90 -35.17 -13.28
N CYS A 463 -137.33 -36.15 -12.60
CA CYS A 463 -137.12 -37.48 -13.16
C CYS A 463 -137.24 -38.48 -12.02
N ALA A 464 -137.34 -39.76 -12.39
CA ALA A 464 -137.49 -40.80 -11.38
C ALA A 464 -136.49 -41.94 -11.56
N PHE A 465 -135.54 -41.80 -12.48
CA PHE A 465 -134.68 -42.92 -12.82
C PHE A 465 -133.76 -43.32 -11.67
N GLY A 466 -133.27 -42.35 -10.92
CA GLY A 466 -132.35 -42.62 -9.84
C GLY A 466 -132.96 -42.65 -8.46
N ALA A 467 -134.28 -42.54 -8.34
CA ALA A 467 -134.92 -42.44 -7.04
C ALA A 467 -136.09 -43.40 -6.92
N TYR A 468 -136.01 -44.55 -7.57
CA TYR A 468 -137.15 -45.46 -7.62
C TYR A 468 -136.66 -46.88 -7.80
N VAL A 469 -137.01 -47.74 -6.85
CA VAL A 469 -136.64 -49.14 -6.90
C VAL A 469 -137.91 -49.98 -6.89
N ALA A 470 -137.89 -51.07 -7.65
CA ALA A 470 -139.05 -51.95 -7.77
C ALA A 470 -138.60 -53.39 -7.66
N ASP A 471 -139.56 -54.27 -7.37
CA ASP A 471 -139.26 -55.68 -7.19
C ASP A 471 -139.33 -56.42 -8.53
N ALA A 472 -138.67 -57.57 -8.58
CA ALA A 472 -138.50 -58.33 -9.81
C ALA A 472 -139.26 -59.65 -9.72
N ARG A 473 -140.14 -59.88 -10.70
CA ARG A 473 -140.85 -61.14 -10.82
C ARG A 473 -139.91 -62.22 -11.35
N PRO A 474 -140.36 -63.47 -11.44
CA PRO A 474 -139.52 -64.51 -12.07
C PRO A 474 -139.29 -64.26 -13.55
N ASP A 475 -138.58 -65.19 -14.21
CA ASP A 475 -138.12 -64.99 -15.59
C ASP A 475 -137.22 -63.75 -15.66
N ALA A 476 -136.08 -63.86 -15.01
CA ALA A 476 -135.21 -62.72 -14.84
C ALA A 476 -134.01 -62.75 -15.78
N LEU A 477 -133.39 -61.58 -15.93
CA LEU A 477 -132.07 -61.35 -16.50
C LEU A 477 -132.00 -61.54 -18.00
N VAL A 478 -133.07 -61.94 -18.66
CA VAL A 478 -133.07 -61.97 -20.12
C VAL A 478 -134.27 -61.16 -20.59
N GLY A 479 -135.46 -61.56 -20.14
CA GLY A 479 -136.64 -60.76 -20.41
C GLY A 479 -136.68 -59.49 -19.60
N LEU A 480 -136.16 -59.51 -18.38
CA LEU A 480 -136.20 -58.34 -17.53
C LEU A 480 -135.33 -57.21 -18.08
N MET A 481 -134.08 -57.52 -18.39
CA MET A 481 -133.19 -56.51 -18.96
C MET A 481 -133.77 -55.94 -20.25
N GLN A 482 -134.21 -56.82 -21.16
CA GLN A 482 -134.75 -56.36 -22.43
C GLN A 482 -135.99 -55.49 -22.22
N ARG A 483 -136.84 -55.85 -21.28
CA ARG A 483 -138.02 -55.03 -21.01
C ARG A 483 -137.61 -53.68 -20.44
N PHE A 484 -136.60 -53.65 -19.57
CA PHE A 484 -136.16 -52.40 -18.98
C PHE A 484 -135.57 -51.47 -20.03
N LEU A 485 -134.82 -52.02 -20.98
CA LEU A 485 -134.25 -51.21 -22.04
C LEU A 485 -135.31 -50.65 -22.99
N GLU A 486 -136.59 -50.92 -22.74
CA GLU A 486 -137.67 -50.35 -23.52
C GLU A 486 -138.53 -49.37 -22.73
N GLU A 487 -138.32 -49.27 -21.42
CA GLU A 487 -138.99 -48.27 -20.60
C GLU A 487 -138.00 -47.31 -19.97
N TRP A 488 -136.77 -47.26 -20.47
CA TRP A 488 -135.78 -46.31 -19.98
C TRP A 488 -135.98 -44.92 -20.58
N PRO A 489 -136.25 -44.79 -21.88
CA PRO A 489 -136.57 -43.44 -22.39
C PRO A 489 -137.73 -42.78 -21.69
N GLY A 490 -138.84 -43.49 -21.52
CA GLY A 490 -139.99 -42.94 -20.82
C GLY A 490 -139.74 -42.62 -19.36
N MET A 491 -138.58 -42.98 -18.83
CA MET A 491 -138.27 -42.75 -17.43
C MET A 491 -137.53 -41.44 -17.19
N MET A 492 -136.75 -40.97 -18.16
CA MET A 492 -135.98 -39.73 -18.01
C MET A 492 -136.48 -38.67 -18.97
N PRO A 493 -137.30 -37.73 -18.52
CA PRO A 493 -137.55 -36.54 -19.34
C PRO A 493 -136.33 -35.67 -19.51
N VAL A 494 -135.48 -35.58 -18.49
CA VAL A 494 -134.18 -34.93 -18.57
C VAL A 494 -133.15 -35.91 -18.04
N ARG A 495 -131.89 -35.67 -18.39
CA ARG A 495 -130.82 -36.41 -17.76
C ARG A 495 -130.84 -36.14 -16.27
N PRO A 496 -130.59 -37.14 -15.43
CA PRO A 496 -130.67 -36.92 -13.99
C PRO A 496 -129.54 -36.02 -13.52
N ARG A 497 -129.86 -35.15 -12.56
CA ARG A 497 -128.86 -34.18 -12.13
C ARG A 497 -127.72 -34.83 -11.37
N TRP A 498 -127.99 -35.92 -10.64
CA TRP A 498 -126.91 -36.58 -9.91
C TRP A 498 -125.86 -37.16 -10.84
N ALA A 499 -126.28 -37.57 -12.04
CA ALA A 499 -125.33 -38.20 -12.97
C ALA A 499 -124.27 -37.21 -13.39
N ALA A 500 -124.70 -36.05 -13.88
CA ALA A 500 -123.79 -35.00 -14.30
C ALA A 500 -123.64 -34.00 -13.16
N PRO A 501 -122.58 -34.06 -12.38
CA PRO A 501 -122.37 -33.05 -11.34
C PRO A 501 -122.35 -31.65 -11.95
N ALA A 502 -122.82 -30.69 -11.18
CA ALA A 502 -122.97 -29.34 -11.71
C ALA A 502 -121.63 -28.75 -12.13
N ALA A 503 -120.77 -28.48 -11.17
CA ALA A 503 -119.43 -27.92 -11.43
C ALA A 503 -118.71 -27.88 -10.08
N ALA A 504 -117.52 -27.28 -10.08
CA ALA A 504 -116.80 -27.06 -8.83
C ALA A 504 -117.37 -25.88 -8.07
N ASP A 505 -117.42 -24.71 -8.70
CA ASP A 505 -117.92 -23.50 -8.06
C ASP A 505 -119.33 -23.13 -8.50
N GLN A 506 -119.69 -23.41 -9.75
CA GLN A 506 -121.02 -23.06 -10.25
C GLN A 506 -122.13 -23.69 -9.43
N LEU A 507 -121.83 -24.73 -8.64
CA LEU A 507 -122.81 -25.23 -7.70
C LEU A 507 -123.28 -24.12 -6.77
N LEU A 508 -122.38 -23.23 -6.38
CA LEU A 508 -122.71 -22.10 -5.51
C LEU A 508 -123.13 -20.87 -6.29
N ALA A 509 -123.54 -21.02 -7.54
CA ALA A 509 -124.09 -19.90 -8.26
C ALA A 509 -125.39 -19.44 -7.60
N PRO A 510 -125.71 -18.15 -7.69
CA PRO A 510 -126.87 -17.64 -6.96
C PRO A 510 -128.21 -18.15 -7.45
N GLY A 511 -128.27 -19.03 -8.44
CA GLY A 511 -129.56 -19.37 -8.98
C GLY A 511 -129.87 -20.82 -9.32
N ASN A 512 -128.90 -21.72 -9.23
CA ASN A 512 -129.21 -23.10 -9.60
C ASN A 512 -130.08 -23.74 -8.52
N ALA A 513 -130.61 -24.91 -8.85
CA ALA A 513 -131.58 -25.58 -7.98
C ALA A 513 -130.98 -26.73 -7.20
N ASP A 514 -129.66 -26.76 -7.05
CA ASP A 514 -129.00 -27.85 -6.35
C ASP A 514 -128.66 -27.51 -4.91
N LEU A 515 -128.19 -26.29 -4.65
CA LEU A 515 -127.93 -25.88 -3.28
C LEU A 515 -129.20 -25.80 -2.45
N ARG A 516 -130.37 -25.88 -3.07
CA ARG A 516 -131.61 -25.92 -2.31
C ARG A 516 -131.75 -27.24 -1.56
N LEU A 517 -131.15 -28.31 -2.07
CA LEU A 517 -131.29 -29.63 -1.47
C LEU A 517 -129.97 -30.17 -0.95
N GLU A 518 -128.97 -29.30 -0.77
CA GLU A 518 -127.68 -29.70 -0.22
C GLU A 518 -127.47 -28.88 1.05
N LEU A 519 -127.91 -29.42 2.18
CA LEU A 519 -127.86 -28.65 3.41
C LEU A 519 -127.49 -29.51 4.62
N HIS A 520 -126.75 -30.60 4.40
CA HIS A 520 -126.30 -31.40 5.54
C HIS A 520 -125.16 -32.28 5.09
N PRO A 521 -124.09 -32.42 5.88
CA PRO A 521 -122.94 -33.19 5.42
C PRO A 521 -123.16 -34.68 5.43
N ALA A 522 -124.25 -35.18 6.03
CA ALA A 522 -124.44 -36.61 6.19
C ALA A 522 -125.81 -37.07 5.72
N PHE A 523 -126.45 -36.33 4.83
CA PHE A 523 -127.81 -36.67 4.41
C PHE A 523 -128.06 -36.15 3.01
N ASP A 524 -128.32 -37.05 2.08
CA ASP A 524 -128.70 -36.69 0.73
C ASP A 524 -130.21 -36.47 0.68
N PHE A 525 -130.62 -35.34 0.13
CA PHE A 525 -132.03 -34.99 0.00
C PHE A 525 -132.39 -34.99 -1.48
N PHE A 526 -133.33 -35.84 -1.86
CA PHE A 526 -133.77 -35.92 -3.24
C PHE A 526 -135.29 -35.88 -3.29
N VAL A 527 -135.80 -35.80 -4.51
CA VAL A 527 -137.24 -35.88 -4.76
C VAL A 527 -137.54 -37.22 -5.41
N ALA A 528 -138.63 -37.85 -4.99
CA ALA A 528 -138.92 -39.21 -5.44
C ALA A 528 -140.43 -39.40 -5.51
N PRO A 529 -140.91 -40.26 -6.39
CA PRO A 529 -142.34 -40.54 -6.44
C PRO A 529 -142.85 -41.07 -5.11
N GLU A 530 -144.11 -40.75 -4.80
CA GLU A 530 -144.66 -41.04 -3.48
C GLU A 530 -145.37 -42.41 -3.50
N VAL A 531 -144.54 -43.44 -3.60
CA VAL A 531 -144.98 -44.82 -3.46
C VAL A 531 -143.92 -45.56 -2.65
N ASP A 532 -144.36 -46.42 -1.73
CA ASP A 532 -143.43 -47.16 -0.90
C ASP A 532 -142.49 -48.00 -1.76
N VAL A 533 -141.31 -48.27 -1.22
CA VAL A 533 -140.29 -49.00 -1.94
C VAL A 533 -140.20 -50.42 -1.39
N PRO A 534 -140.01 -51.44 -2.24
CA PRO A 534 -140.01 -51.31 -3.70
C PRO A 534 -141.43 -51.41 -4.26
N GLY A 535 -141.62 -51.03 -5.51
CA GLY A 535 -142.95 -50.95 -6.08
C GLY A 535 -143.10 -51.77 -7.33
N PRO A 536 -144.08 -51.41 -8.16
CA PRO A 536 -144.34 -52.17 -9.38
C PRO A 536 -143.33 -51.85 -10.47
N PHE A 537 -143.21 -52.77 -11.42
CA PHE A 537 -142.22 -52.60 -12.47
C PHE A 537 -142.57 -51.43 -13.37
N ALA A 538 -143.85 -51.23 -13.65
CA ALA A 538 -144.30 -50.06 -14.39
C ALA A 538 -144.31 -48.86 -13.44
N VAL A 539 -143.58 -47.82 -13.77
CA VAL A 539 -143.45 -46.69 -12.84
C VAL A 539 -144.76 -45.90 -12.82
N PRO A 540 -145.26 -45.54 -11.64
CA PRO A 540 -146.43 -44.67 -11.59
C PRO A 540 -146.02 -43.21 -11.73
N GLN A 541 -147.00 -42.38 -12.07
CA GLN A 541 -146.79 -40.94 -12.21
C GLN A 541 -147.44 -40.14 -11.09
N VAL A 542 -147.53 -40.75 -9.90
CA VAL A 542 -148.02 -40.03 -8.73
C VAL A 542 -147.04 -38.92 -8.38
N MET A 543 -147.56 -37.83 -7.83
CA MET A 543 -146.74 -36.68 -7.48
C MET A 543 -145.56 -37.08 -6.59
N GLY A 544 -144.54 -36.23 -6.58
CA GLY A 544 -143.33 -36.53 -5.84
C GLY A 544 -143.30 -35.93 -4.45
N GLN A 545 -142.31 -36.35 -3.68
CA GLN A 545 -142.12 -35.90 -2.31
C GLN A 545 -140.64 -35.84 -2.03
N VAL A 546 -140.29 -35.21 -0.91
CA VAL A 546 -138.90 -34.99 -0.52
C VAL A 546 -138.56 -36.02 0.54
N ARG A 547 -137.70 -36.96 0.20
CA ARG A 547 -137.23 -37.97 1.14
C ARG A 547 -135.76 -37.72 1.42
N ALA A 548 -135.19 -38.54 2.31
CA ALA A 548 -133.82 -38.36 2.72
C ALA A 548 -133.17 -39.70 2.99
N MET A 549 -131.85 -39.72 2.94
CA MET A 549 -131.07 -40.93 3.14
C MET A 549 -129.71 -40.53 3.69
N PRO A 550 -129.08 -41.38 4.50
CA PRO A 550 -127.76 -41.04 5.03
C PRO A 550 -126.65 -41.46 4.07
N ARG A 551 -125.70 -40.56 3.87
CA ARG A 551 -124.46 -40.91 3.18
C ARG A 551 -123.66 -41.82 4.08
N ILE A 552 -123.69 -43.12 3.80
CA ILE A 552 -123.08 -44.06 4.74
C ILE A 552 -121.57 -43.91 4.77
N ILE A 553 -120.97 -43.47 3.68
CA ILE A 553 -119.52 -43.39 3.56
C ILE A 553 -119.13 -42.00 3.11
N ASN A 554 -118.03 -41.48 3.65
CA ASN A 554 -117.59 -40.14 3.30
C ASN A 554 -117.30 -39.99 1.82
N GLY A 555 -117.15 -41.10 1.09
CA GLY A 555 -116.97 -41.01 -0.34
C GLY A 555 -118.19 -40.54 -1.08
N ASN A 556 -119.35 -40.55 -0.44
CA ASN A 556 -120.58 -40.11 -1.09
C ASN A 556 -120.69 -38.60 -1.19
N ILE A 557 -119.85 -37.85 -0.49
CA ILE A 557 -119.90 -36.40 -0.62
C ILE A 557 -119.69 -36.01 -2.08
N PRO A 558 -120.56 -35.22 -2.69
CA PRO A 558 -120.37 -34.87 -4.09
C PRO A 558 -119.02 -34.21 -4.31
N LEU A 559 -118.43 -34.48 -5.48
CA LEU A 559 -117.07 -34.03 -5.75
C LEU A 559 -116.94 -32.52 -5.57
N ALA A 560 -118.01 -31.77 -5.83
CA ALA A 560 -117.96 -30.32 -5.70
C ALA A 560 -117.57 -29.87 -4.31
N LEU A 561 -117.78 -30.70 -3.29
CA LEU A 561 -117.45 -30.35 -1.91
C LEU A 561 -116.33 -31.21 -1.35
N CYS A 562 -115.81 -32.16 -2.11
CA CYS A 562 -114.61 -32.90 -1.75
C CYS A 562 -113.90 -33.29 -3.02
N PRO A 563 -113.19 -32.35 -3.65
CA PRO A 563 -112.66 -32.59 -4.99
C PRO A 563 -111.63 -33.70 -5.03
N VAL A 564 -111.38 -34.19 -6.24
CA VAL A 564 -110.52 -35.35 -6.44
C VAL A 564 -109.14 -35.12 -5.85
N ASP A 565 -108.64 -33.88 -5.95
CA ASP A 565 -107.31 -33.58 -5.46
C ASP A 565 -107.16 -33.94 -4.00
N PHE A 566 -108.15 -33.59 -3.18
CA PHE A 566 -108.06 -33.88 -1.76
C PHE A 566 -107.98 -35.37 -1.51
N ARG A 567 -108.81 -36.15 -2.21
CA ARG A 567 -108.82 -37.58 -2.00
C ARG A 567 -107.50 -38.21 -2.40
N ASP A 568 -106.92 -37.78 -3.51
CA ASP A 568 -105.64 -38.34 -3.91
C ASP A 568 -104.54 -37.94 -2.93
N ALA A 569 -104.58 -36.71 -2.41
CA ALA A 569 -103.61 -36.32 -1.41
C ALA A 569 -103.73 -37.20 -0.18
N ARG A 570 -104.96 -37.45 0.27
CA ARG A 570 -105.14 -38.31 1.44
C ARG A 570 -104.64 -39.72 1.15
N GLY A 571 -104.92 -40.23 -0.04
CA GLY A 571 -104.42 -41.54 -0.41
C GLY A 571 -102.92 -41.63 -0.32
N PHE A 572 -102.22 -40.71 -1.00
CA PHE A 572 -100.77 -40.73 -0.96
C PHE A 572 -100.25 -40.54 0.46
N GLU A 573 -101.03 -39.88 1.31
CA GLU A 573 -100.63 -39.78 2.71
C GLU A 573 -100.73 -41.12 3.40
N LEU A 574 -101.75 -41.91 3.07
CA LEU A 574 -101.91 -43.21 3.71
C LEU A 574 -100.99 -44.28 3.15
N SER A 575 -100.52 -44.12 1.92
CA SER A 575 -99.77 -45.17 1.23
C SER A 575 -98.29 -45.17 1.56
N VAL A 576 -97.82 -44.29 2.43
CA VAL A 576 -96.40 -44.25 2.74
C VAL A 576 -96.03 -45.49 3.54
N ASP A 577 -94.92 -46.12 3.15
CA ASP A 577 -94.29 -47.26 3.82
C ASP A 577 -95.26 -48.27 4.42
N ARG A 578 -96.33 -48.58 3.70
CA ARG A 578 -97.25 -49.64 4.13
C ARG A 578 -97.16 -50.86 3.21
N HIS A 579 -97.42 -50.67 1.92
CA HIS A 579 -97.25 -51.72 0.93
C HIS A 579 -97.30 -51.12 -0.46
N ARG A 580 -96.29 -51.41 -1.26
CA ARG A 580 -96.22 -50.92 -2.63
C ARG A 580 -96.28 -52.10 -3.58
N LEU A 581 -96.89 -51.88 -4.74
CA LEU A 581 -96.97 -52.91 -5.75
C LEU A 581 -95.83 -52.73 -6.73
N ALA A 582 -95.10 -53.81 -6.99
CA ALA A 582 -93.96 -53.73 -7.89
C ALA A 582 -94.39 -53.19 -9.24
N PRO A 583 -93.52 -52.46 -9.93
CA PRO A 583 -93.89 -51.96 -11.26
C PRO A 583 -94.20 -53.07 -12.24
N ALA A 584 -93.54 -54.22 -12.10
CA ALA A 584 -93.81 -55.34 -12.98
C ALA A 584 -95.25 -55.82 -12.84
N THR A 585 -95.64 -56.18 -11.62
CA THR A 585 -96.99 -56.73 -11.41
C THR A 585 -98.06 -55.71 -11.76
N VAL A 586 -97.84 -54.44 -11.45
CA VAL A 586 -98.84 -53.43 -11.74
C VAL A 586 -98.96 -53.25 -13.25
N ALA A 587 -97.83 -53.23 -13.96
CA ALA A 587 -97.89 -53.11 -15.40
C ALA A 587 -98.59 -54.30 -16.02
N ALA A 588 -98.35 -55.50 -15.48
CA ALA A 588 -98.96 -56.70 -16.04
C ALA A 588 -100.47 -56.69 -15.84
N VAL A 589 -100.92 -56.42 -14.62
CA VAL A 589 -102.36 -56.40 -14.36
C VAL A 589 -103.03 -55.31 -15.18
N ARG A 590 -102.38 -54.15 -15.31
CA ARG A 590 -102.97 -53.06 -16.09
C ARG A 590 -103.09 -53.45 -17.55
N GLY A 591 -102.04 -54.03 -18.12
CA GLY A 591 -102.11 -54.47 -19.50
C GLY A 591 -103.15 -55.54 -19.72
N ALA A 592 -103.37 -56.40 -18.72
CA ALA A 592 -104.41 -57.40 -18.83
C ALA A 592 -105.79 -56.76 -18.86
N PHE A 593 -106.07 -55.89 -17.90
CA PHE A 593 -107.38 -55.25 -17.84
C PHE A 593 -107.65 -54.43 -19.10
N ARG A 594 -106.71 -53.55 -19.45
CA ARG A 594 -106.91 -52.66 -20.59
C ARG A 594 -107.03 -53.41 -21.91
N ASP A 595 -106.60 -54.67 -21.94
CA ASP A 595 -106.59 -55.43 -23.19
C ASP A 595 -107.97 -55.49 -23.80
N ALA A 596 -108.02 -55.54 -25.13
CA ALA A 596 -109.28 -55.58 -25.86
C ALA A 596 -109.64 -56.96 -26.38
N ASN A 597 -108.64 -57.80 -26.66
CA ASN A 597 -108.88 -59.09 -27.27
C ASN A 597 -108.51 -60.22 -26.31
N TYR A 598 -108.91 -60.07 -25.06
CA TYR A 598 -108.81 -61.16 -24.09
C TYR A 598 -109.43 -62.41 -24.68
N PRO A 599 -108.75 -63.55 -24.63
CA PRO A 599 -109.29 -64.77 -25.24
C PRO A 599 -110.60 -65.18 -24.58
N MET A 600 -111.60 -65.46 -25.41
CA MET A 600 -112.93 -65.80 -24.91
C MET A 600 -112.91 -67.10 -24.12
N VAL A 601 -112.03 -68.03 -24.49
CA VAL A 601 -111.99 -69.32 -23.81
C VAL A 601 -111.70 -69.15 -22.33
N PHE A 602 -111.00 -68.08 -21.95
CA PHE A 602 -110.76 -67.83 -20.53
C PHE A 602 -112.07 -67.51 -19.82
N TYR A 603 -112.90 -66.66 -20.42
CA TYR A 603 -114.21 -66.38 -19.86
C TYR A 603 -115.05 -67.64 -19.79
N ILE A 604 -114.95 -68.49 -20.81
CA ILE A 604 -115.72 -69.73 -20.81
C ILE A 604 -115.32 -70.62 -19.65
N ILE A 605 -114.01 -70.83 -19.48
CA ILE A 605 -113.52 -71.67 -18.40
C ILE A 605 -113.95 -71.10 -17.05
N GLU A 606 -113.87 -69.78 -16.89
CA GLU A 606 -114.33 -69.15 -15.66
C GLU A 606 -115.80 -69.45 -15.42
N ALA A 607 -116.64 -69.28 -16.44
CA ALA A 607 -118.05 -69.54 -16.26
C ALA A 607 -118.31 -71.00 -15.92
N VAL A 608 -117.49 -71.91 -16.44
CA VAL A 608 -117.70 -73.32 -16.20
C VAL A 608 -117.33 -73.69 -14.77
N ILE A 609 -116.16 -73.24 -14.31
CA ILE A 609 -115.77 -73.57 -12.95
C ILE A 609 -116.70 -72.93 -11.94
N HIS A 610 -117.28 -71.78 -12.29
CA HIS A 610 -118.29 -71.07 -11.50
C HIS A 610 -117.97 -71.05 -10.02
N GLY A 611 -116.71 -70.81 -9.67
CA GLY A 611 -116.34 -70.62 -8.28
C GLY A 611 -116.28 -71.87 -7.44
N SER A 612 -116.38 -73.05 -8.04
CA SER A 612 -116.31 -74.26 -7.23
C SER A 612 -114.92 -74.42 -6.63
N GLU A 613 -114.78 -75.45 -5.80
CA GLU A 613 -113.50 -75.80 -5.23
C GLU A 613 -112.97 -77.13 -5.75
N ARG A 614 -113.82 -78.15 -5.83
CA ARG A 614 -113.40 -79.43 -6.37
C ARG A 614 -113.14 -79.35 -7.86
N THR A 615 -113.96 -78.58 -8.59
CA THR A 615 -113.73 -78.44 -10.03
C THR A 615 -112.40 -77.76 -10.32
N PHE A 616 -111.97 -76.83 -9.47
CA PHE A 616 -110.66 -76.21 -9.68
C PHE A 616 -109.55 -77.21 -9.48
N CYS A 617 -109.60 -77.98 -8.39
CA CYS A 617 -108.59 -79.01 -8.19
C CYS A 617 -108.62 -80.06 -9.29
N ALA A 618 -109.75 -80.18 -9.98
CA ALA A 618 -109.81 -81.07 -11.14
C ALA A 618 -109.11 -80.48 -12.34
N LEU A 619 -109.43 -79.23 -12.66
CA LEU A 619 -108.95 -78.60 -13.89
C LEU A 619 -107.59 -77.92 -13.72
N ALA A 620 -106.96 -78.04 -12.55
CA ALA A 620 -105.67 -77.42 -12.30
C ALA A 620 -104.69 -77.53 -13.46
N ARG A 621 -104.62 -78.70 -14.10
CA ARG A 621 -103.69 -78.88 -15.21
C ARG A 621 -104.02 -77.91 -16.34
N LEU A 622 -105.29 -77.89 -16.76
CA LEU A 622 -105.69 -77.01 -17.85
C LEU A 622 -105.49 -75.55 -17.49
N VAL A 623 -105.78 -75.19 -16.23
CA VAL A 623 -105.63 -73.81 -15.80
C VAL A 623 -104.18 -73.39 -15.90
N ALA A 624 -103.27 -74.23 -15.39
CA ALA A 624 -101.85 -73.89 -15.43
C ALA A 624 -101.35 -73.81 -16.86
N GLN A 625 -101.86 -74.68 -17.74
CA GLN A 625 -101.49 -74.61 -19.15
C GLN A 625 -101.91 -73.27 -19.75
N CYS A 626 -103.14 -72.85 -19.49
CA CYS A 626 -103.61 -71.57 -20.00
C CYS A 626 -102.78 -70.42 -19.47
N ILE A 627 -102.47 -70.45 -18.17
CA ILE A 627 -101.68 -69.39 -17.56
C ILE A 627 -100.32 -69.28 -18.25
N GLN A 628 -99.61 -70.40 -18.35
CA GLN A 628 -98.29 -70.40 -18.95
C GLN A 628 -98.35 -69.92 -20.39
N SER A 629 -99.38 -70.34 -21.13
CA SER A 629 -99.49 -69.92 -22.52
C SER A 629 -99.66 -68.42 -22.63
N TYR A 630 -100.60 -67.86 -21.86
CA TYR A 630 -100.81 -66.42 -21.92
C TYR A 630 -99.56 -65.66 -21.49
N TRP A 631 -98.86 -66.14 -20.47
CA TRP A 631 -97.68 -65.45 -19.99
C TRP A 631 -96.59 -65.44 -21.06
N ARG A 632 -96.23 -66.61 -21.58
CA ARG A 632 -95.19 -66.64 -22.61
C ARG A 632 -95.66 -66.02 -23.92
N ASN A 633 -96.94 -65.71 -24.05
CA ASN A 633 -97.42 -65.09 -25.28
C ASN A 633 -97.44 -63.56 -25.20
N THR A 634 -97.78 -62.98 -24.05
CA THR A 634 -97.86 -61.53 -23.94
C THR A 634 -97.25 -60.96 -22.66
N HIS A 635 -96.95 -61.78 -21.65
CA HIS A 635 -96.40 -61.34 -20.37
C HIS A 635 -97.42 -60.59 -19.52
N ASN A 636 -98.70 -60.90 -19.69
CA ASN A 636 -99.76 -60.32 -18.88
C ASN A 636 -100.16 -61.30 -17.79
N ALA A 637 -101.22 -60.98 -17.07
CA ALA A 637 -101.82 -61.91 -16.13
C ALA A 637 -103.05 -62.52 -16.76
N ALA A 638 -103.81 -63.29 -15.99
CA ALA A 638 -105.04 -63.89 -16.51
C ALA A 638 -105.98 -64.20 -15.36
N PHE A 639 -107.27 -64.28 -15.69
CA PHE A 639 -108.33 -64.66 -14.77
C PHE A 639 -108.50 -63.68 -13.61
N VAL A 640 -107.78 -62.56 -13.62
CA VAL A 640 -107.78 -61.67 -12.47
C VAL A 640 -109.15 -61.06 -12.17
N ASN A 641 -110.12 -61.23 -13.08
CA ASN A 641 -111.45 -60.69 -12.80
C ASN A 641 -112.09 -61.39 -11.61
N ASN A 642 -112.09 -62.71 -11.62
CA ASN A 642 -112.64 -63.47 -10.51
C ASN A 642 -111.69 -63.43 -9.32
N PHE A 643 -112.27 -63.43 -8.13
CA PHE A 643 -111.44 -63.42 -6.93
C PHE A 643 -111.14 -64.82 -6.41
N TYR A 644 -112.15 -65.70 -6.43
CA TYR A 644 -111.90 -67.08 -6.01
C TYR A 644 -110.80 -67.70 -6.85
N MET A 645 -110.74 -67.36 -8.13
CA MET A 645 -109.72 -67.93 -9.00
C MET A 645 -108.34 -67.45 -8.61
N VAL A 646 -108.19 -66.15 -8.36
CA VAL A 646 -106.88 -65.62 -8.00
C VAL A 646 -106.48 -66.07 -6.61
N MET A 647 -107.45 -66.51 -5.79
CA MET A 647 -107.08 -67.12 -4.52
C MET A 647 -106.63 -68.57 -4.71
N TYR A 648 -107.43 -69.34 -5.45
CA TYR A 648 -107.08 -70.73 -5.69
C TYR A 648 -105.74 -70.86 -6.40
N ILE A 649 -105.41 -69.89 -7.26
CA ILE A 649 -104.15 -69.96 -7.99
C ILE A 649 -102.97 -70.06 -7.02
N ASN A 650 -102.79 -69.03 -6.19
CA ASN A 650 -101.66 -69.05 -5.29
C ASN A 650 -101.91 -69.85 -4.04
N THR A 651 -103.04 -70.55 -3.93
CA THR A 651 -103.12 -71.56 -2.87
C THR A 651 -102.80 -72.95 -3.36
N TYR A 652 -103.05 -73.26 -4.64
CA TYR A 652 -102.86 -74.61 -5.16
C TYR A 652 -101.68 -74.69 -6.11
N LEU A 653 -101.68 -73.90 -7.18
CA LEU A 653 -100.58 -73.95 -8.12
C LEU A 653 -99.31 -73.40 -7.49
N GLY A 654 -99.32 -72.13 -7.12
CA GLY A 654 -98.33 -71.56 -6.23
C GLY A 654 -96.90 -72.01 -6.46
N ASN A 655 -96.36 -72.72 -5.47
CA ASN A 655 -94.99 -73.22 -5.51
C ASN A 655 -94.72 -74.16 -6.66
N GLY A 656 -95.73 -74.52 -7.45
CA GLY A 656 -95.55 -75.57 -8.43
C GLY A 656 -95.06 -75.10 -9.78
N GLU A 657 -95.85 -75.37 -10.81
CA GLU A 657 -95.43 -75.33 -12.20
C GLU A 657 -95.49 -73.94 -12.83
N LEU A 658 -96.08 -72.96 -12.16
CA LEU A 658 -96.09 -71.62 -12.71
C LEU A 658 -94.66 -71.06 -12.76
N PRO A 659 -94.33 -70.27 -13.79
CA PRO A 659 -92.97 -69.78 -13.92
C PRO A 659 -92.58 -68.88 -12.75
N GLU A 660 -91.27 -68.58 -12.68
CA GLU A 660 -90.72 -67.92 -11.50
C GLU A 660 -91.20 -66.48 -11.39
N ASP A 661 -91.61 -65.86 -12.49
CA ASP A 661 -92.04 -64.48 -12.49
C ASP A 661 -93.56 -64.33 -12.61
N CYS A 662 -94.21 -65.11 -13.47
CA CYS A 662 -95.66 -65.05 -13.60
C CYS A 662 -96.39 -65.42 -12.33
N ALA A 663 -95.71 -65.98 -11.34
CA ALA A 663 -96.33 -66.17 -10.04
C ALA A 663 -96.23 -64.92 -9.18
N ALA A 664 -95.24 -64.07 -9.44
CA ALA A 664 -95.10 -62.85 -8.66
C ALA A 664 -96.36 -62.01 -8.72
N VAL A 665 -97.01 -61.96 -9.87
CA VAL A 665 -98.25 -61.21 -10.00
C VAL A 665 -99.28 -61.73 -9.01
N TYR A 666 -99.48 -63.05 -8.98
CA TYR A 666 -100.53 -63.61 -8.15
C TYR A 666 -100.16 -63.67 -6.67
N LYS A 667 -98.88 -63.53 -6.34
CA LYS A 667 -98.52 -63.39 -4.93
C LYS A 667 -98.74 -61.96 -4.46
N ASP A 668 -98.21 -60.99 -5.21
CA ASP A 668 -98.33 -59.59 -4.81
C ASP A 668 -99.79 -59.15 -4.80
N LEU A 669 -100.56 -59.56 -5.81
CA LEU A 669 -101.94 -59.13 -5.90
C LEU A 669 -102.75 -59.58 -4.70
N LEU A 670 -102.30 -60.61 -3.99
CA LEU A 670 -102.98 -61.05 -2.79
C LEU A 670 -102.39 -60.44 -1.53
N GLU A 671 -101.07 -60.32 -1.43
CA GLU A 671 -100.50 -59.67 -0.25
C GLU A 671 -100.98 -58.24 -0.14
N HIS A 672 -101.24 -57.59 -1.28
CA HIS A 672 -101.78 -56.23 -1.24
C HIS A 672 -103.14 -56.21 -0.56
N VAL A 673 -104.03 -57.13 -0.96
CA VAL A 673 -105.36 -57.16 -0.35
C VAL A 673 -105.25 -57.50 1.13
N HIS A 674 -104.30 -58.35 1.49
CA HIS A 674 -104.12 -58.67 2.91
C HIS A 674 -103.74 -57.44 3.70
N ALA A 675 -102.74 -56.68 3.22
CA ALA A 675 -102.34 -55.47 3.92
C ALA A 675 -103.49 -54.46 3.95
N LEU A 676 -104.25 -54.39 2.86
CA LEU A 676 -105.36 -53.45 2.81
C LEU A 676 -106.43 -53.69 3.86
N ARG A 677 -106.79 -54.96 4.09
CA ARG A 677 -107.73 -55.27 5.16
C ARG A 677 -107.11 -55.08 6.55
N ARG A 678 -105.82 -55.36 6.67
CA ARG A 678 -105.16 -55.19 7.96
C ARG A 678 -105.19 -53.71 8.31
N LEU A 679 -105.23 -52.84 7.31
CA LEU A 679 -105.20 -51.40 7.55
C LEU A 679 -106.22 -50.98 8.60
N ILE A 680 -107.51 -51.20 8.32
CA ILE A 680 -108.55 -50.72 9.23
C ILE A 680 -108.43 -51.33 10.61
N GLY A 681 -107.62 -52.39 10.76
CA GLY A 681 -107.39 -52.92 12.08
C GLY A 681 -106.64 -51.95 12.98
N GLU A 682 -105.88 -51.03 12.39
CA GLU A 682 -105.12 -50.06 13.15
C GLU A 682 -105.77 -48.68 13.16
N PHE A 683 -106.87 -48.50 12.44
CA PHE A 683 -107.63 -47.24 12.48
C PHE A 683 -108.90 -47.39 13.31
N THR A 684 -108.89 -48.25 14.31
CA THR A 684 -110.06 -48.50 15.13
C THR A 684 -109.62 -48.79 16.55
N LEU A 685 -110.18 -48.06 17.51
CA LEU A 685 -109.87 -48.31 18.90
C LEU A 685 -110.36 -49.69 19.31
N PRO A 686 -109.67 -50.34 20.25
CA PRO A 686 -110.20 -51.61 20.77
C PRO A 686 -111.49 -51.37 21.53
N GLY A 687 -112.60 -51.89 21.03
CA GLY A 687 -113.88 -51.58 21.62
C GLY A 687 -114.67 -52.78 22.07
N ASP A 688 -115.95 -52.56 22.37
CA ASP A 688 -116.86 -53.58 22.88
C ASP A 688 -117.93 -53.87 21.86
N PRO A 689 -118.15 -55.14 21.49
CA PRO A 689 -119.26 -55.48 20.59
C PRO A 689 -120.57 -54.87 21.05
N LEU A 690 -121.11 -53.97 20.23
CA LEU A 690 -122.24 -53.13 20.62
C LEU A 690 -123.58 -53.71 20.17
N GLY A 691 -123.78 -53.85 18.86
CA GLY A 691 -125.03 -54.36 18.34
C GLY A 691 -124.87 -55.79 17.85
N ASN A 692 -124.17 -56.60 18.63
CA ASN A 692 -123.75 -57.94 18.22
C ASN A 692 -122.90 -57.88 16.96
N GLN A 693 -122.27 -56.72 16.74
CA GLN A 693 -121.32 -56.53 15.66
C GLN A 693 -120.02 -56.06 16.29
N PRO A 694 -118.88 -56.60 15.88
CA PRO A 694 -117.61 -56.10 16.40
C PRO A 694 -117.44 -54.63 16.07
N GLN A 695 -116.79 -53.91 16.99
CA GLN A 695 -116.63 -52.47 16.83
C GLN A 695 -116.08 -52.12 15.47
N GLU A 696 -115.08 -52.87 15.01
CA GLU A 696 -114.45 -52.62 13.72
C GLU A 696 -115.44 -52.66 12.56
N GLU A 697 -116.63 -53.21 12.76
CA GLU A 697 -117.65 -53.22 11.72
C GLU A 697 -118.50 -51.96 11.70
N LEU A 698 -118.59 -51.26 12.83
CA LEU A 698 -119.24 -49.96 12.83
C LEU A 698 -118.32 -48.87 12.30
N ASN A 699 -117.02 -49.14 12.19
CA ASN A 699 -116.09 -48.15 11.69
C ASN A 699 -116.08 -48.13 10.16
N HIS A 700 -115.68 -49.23 9.54
CA HIS A 700 -115.64 -49.33 8.09
C HIS A 700 -116.99 -49.79 7.56
N ALA A 701 -117.11 -49.76 6.23
CA ALA A 701 -118.31 -50.22 5.56
C ALA A 701 -118.09 -51.47 4.75
N LEU A 702 -116.85 -51.97 4.69
CA LEU A 702 -116.55 -53.19 3.97
C LEU A 702 -116.25 -54.36 4.88
N ALA A 703 -115.82 -54.11 6.11
CA ALA A 703 -115.75 -55.19 7.09
C ALA A 703 -117.11 -55.54 7.66
N ASP A 704 -118.16 -54.87 7.20
CA ASP A 704 -119.51 -55.19 7.62
C ASP A 704 -119.92 -56.57 7.09
N ALA A 705 -120.84 -57.21 7.80
CA ALA A 705 -121.41 -58.47 7.37
C ALA A 705 -122.78 -58.34 6.72
N THR A 706 -123.43 -57.18 6.86
CA THR A 706 -124.75 -56.98 6.28
C THR A 706 -124.71 -56.60 4.81
N LEU A 707 -123.56 -56.19 4.29
CA LEU A 707 -123.43 -55.78 2.90
C LEU A 707 -123.04 -56.99 2.08
N LEU A 708 -123.89 -57.36 1.14
CA LEU A 708 -123.53 -58.48 0.28
C LEU A 708 -122.58 -58.02 -0.82
N PRO A 709 -121.52 -58.79 -1.08
CA PRO A 709 -120.59 -58.44 -2.15
C PRO A 709 -121.30 -58.29 -3.48
N PRO A 710 -120.69 -57.64 -4.46
CA PRO A 710 -121.38 -57.45 -5.74
C PRO A 710 -121.62 -58.74 -6.48
N LEU A 711 -120.73 -59.72 -6.34
CA LEU A 711 -120.83 -60.97 -7.09
C LEU A 711 -120.54 -62.12 -6.13
N ILE A 712 -121.56 -62.91 -5.81
CA ILE A 712 -121.38 -64.09 -4.99
C ILE A 712 -121.43 -65.32 -5.88
N TRP A 713 -120.91 -66.42 -5.36
CA TRP A 713 -120.86 -67.68 -6.11
C TRP A 713 -121.36 -68.87 -5.32
N ASP A 714 -121.65 -68.71 -4.05
CA ASP A 714 -122.27 -69.74 -3.22
C ASP A 714 -123.25 -69.04 -2.28
N CYS A 715 -123.71 -69.75 -1.26
CA CYS A 715 -124.56 -69.14 -0.26
C CYS A 715 -123.80 -68.76 1.01
N ASP A 716 -122.47 -68.77 0.95
CA ASP A 716 -121.68 -68.46 2.15
C ASP A 716 -122.03 -67.10 2.74
N PRO A 717 -121.96 -65.99 1.98
CA PRO A 717 -122.21 -64.69 2.63
C PRO A 717 -123.64 -64.54 3.10
N ILE A 718 -124.60 -65.16 2.42
CA ILE A 718 -126.00 -65.02 2.81
C ILE A 718 -126.21 -65.59 4.21
N LEU A 719 -125.74 -66.80 4.45
CA LEU A 719 -125.95 -67.44 5.74
C LEU A 719 -125.38 -66.59 6.86
N TYR A 720 -124.16 -66.08 6.69
CA TYR A 720 -123.57 -65.22 7.71
C TYR A 720 -124.37 -63.95 7.89
N ARG A 721 -125.09 -63.52 6.86
CA ARG A 721 -125.86 -62.28 6.93
C ARG A 721 -127.13 -62.46 7.75
N ASP A 722 -127.73 -63.65 7.68
CA ASP A 722 -128.99 -63.87 8.39
C ASP A 722 -128.80 -63.91 9.90
N GLY A 723 -127.62 -64.31 10.37
CA GLY A 723 -127.39 -64.41 11.80
C GLY A 723 -127.41 -63.09 12.53
N LEU A 724 -127.51 -61.98 11.82
CA LEU A 724 -127.53 -60.64 12.42
C LEU A 724 -128.97 -60.14 12.35
N ALA A 725 -129.65 -60.11 13.50
CA ALA A 725 -131.07 -59.79 13.55
C ALA A 725 -131.36 -58.46 14.23
N GLU A 726 -130.34 -57.76 14.73
CA GLU A 726 -130.57 -56.50 15.43
C GLU A 726 -131.27 -55.49 14.52
N ARG A 727 -130.60 -55.11 13.44
CA ARG A 727 -131.24 -54.34 12.37
C ARG A 727 -131.84 -55.34 11.40
N LEU A 728 -133.17 -55.44 11.40
CA LEU A 728 -133.86 -56.50 10.69
C LEU A 728 -133.51 -56.49 9.21
N PRO A 729 -132.81 -57.50 8.73
CA PRO A 729 -132.49 -57.55 7.30
C PRO A 729 -133.57 -58.28 6.54
N GLU A 730 -133.45 -58.33 5.22
CA GLU A 730 -134.35 -59.13 4.40
C GLU A 730 -133.68 -59.34 3.06
N LEU A 731 -134.10 -60.40 2.38
CA LEU A 731 -133.59 -60.74 1.07
C LEU A 731 -134.78 -61.01 0.16
N ARG A 732 -134.61 -60.75 -1.14
CA ARG A 732 -135.67 -61.00 -2.10
C ARG A 732 -135.02 -61.43 -3.41
N VAL A 733 -134.87 -62.74 -3.59
CA VAL A 733 -134.28 -63.28 -4.81
C VAL A 733 -135.45 -63.67 -5.72
N ASN A 734 -135.80 -62.76 -6.62
CA ASN A 734 -136.88 -62.92 -7.58
C ASN A 734 -138.24 -63.08 -6.95
N GLY A 735 -138.35 -62.92 -5.63
CA GLY A 735 -139.64 -62.98 -4.96
C GLY A 735 -139.73 -63.97 -3.82
N ALA A 736 -139.14 -65.15 -3.99
CA ALA A 736 -139.09 -66.08 -2.87
C ALA A 736 -137.98 -65.67 -1.91
N HIS A 737 -138.04 -66.19 -0.69
CA HIS A 737 -136.98 -65.88 0.26
C HIS A 737 -135.67 -66.43 -0.27
N PHE A 738 -135.55 -67.75 -0.29
CA PHE A 738 -134.60 -68.54 -1.05
C PHE A 738 -134.84 -69.99 -0.66
N GLN A 739 -134.42 -70.90 -1.54
CA GLN A 739 -134.56 -72.33 -1.27
C GLN A 739 -133.18 -72.93 -1.42
N HIS A 740 -132.50 -73.13 -0.30
CA HIS A 740 -131.14 -73.66 -0.33
C HIS A 740 -131.17 -75.07 -0.92
N ILE A 741 -130.70 -75.20 -2.16
CA ILE A 741 -130.57 -76.51 -2.78
C ILE A 741 -129.09 -76.82 -2.93
N LEU A 742 -128.76 -78.10 -2.84
CA LEU A 742 -127.39 -78.55 -2.93
C LEU A 742 -127.00 -78.71 -4.39
N TRP A 743 -125.88 -79.39 -4.64
CA TRP A 743 -125.36 -79.58 -5.98
C TRP A 743 -126.42 -80.12 -6.92
N VAL A 744 -126.28 -79.78 -8.20
CA VAL A 744 -127.19 -80.20 -9.24
C VAL A 744 -126.44 -81.20 -10.14
N GLU A 745 -127.20 -81.96 -10.91
CA GLU A 745 -126.63 -83.00 -11.77
C GLU A 745 -127.28 -82.95 -13.14
N MET A 746 -126.58 -83.51 -14.12
CA MET A 746 -126.98 -83.39 -15.52
C MET A 746 -128.32 -84.04 -15.82
N ALA A 747 -128.80 -84.93 -14.95
CA ALA A 747 -130.06 -85.61 -15.23
C ALA A 747 -131.27 -84.70 -15.04
N GLN A 748 -131.19 -83.74 -14.13
CA GLN A 748 -132.26 -82.76 -13.92
C GLN A 748 -131.62 -81.37 -13.88
N VAL A 749 -131.40 -80.78 -15.05
CA VAL A 749 -130.70 -79.50 -15.10
C VAL A 749 -131.66 -78.33 -14.97
N ASN A 750 -132.80 -78.38 -15.64
CA ASN A 750 -133.81 -77.33 -15.60
C ASN A 750 -133.19 -75.97 -15.92
N PHE A 751 -132.74 -75.85 -17.17
CA PHE A 751 -132.20 -74.58 -17.65
C PHE A 751 -133.24 -73.48 -17.71
N ARG A 752 -134.47 -73.73 -17.28
CA ARG A 752 -135.55 -72.77 -17.34
C ARG A 752 -136.17 -72.50 -15.97
N ASN A 753 -135.37 -72.66 -14.91
CA ASN A 753 -135.88 -72.40 -13.57
C ASN A 753 -136.06 -70.90 -13.35
N VAL A 754 -137.09 -70.55 -12.59
CA VAL A 754 -137.42 -69.15 -12.37
C VAL A 754 -137.54 -68.78 -10.90
N GLY A 755 -137.79 -69.72 -10.00
CA GLY A 755 -138.01 -69.38 -8.61
C GLY A 755 -136.72 -69.02 -7.90
N GLY A 756 -136.84 -68.80 -6.59
CA GLY A 756 -135.68 -68.48 -5.79
C GLY A 756 -135.01 -69.72 -5.23
N GLY A 757 -133.97 -70.18 -5.93
CA GLY A 757 -133.20 -71.32 -5.47
C GLY A 757 -131.76 -71.25 -5.94
N LEU A 758 -130.83 -71.32 -5.00
CA LEU A 758 -129.42 -71.14 -5.29
C LEU A 758 -128.66 -72.43 -4.98
N VAL A 759 -127.52 -72.59 -5.63
CA VAL A 759 -126.80 -73.86 -5.61
C VAL A 759 -125.49 -73.71 -4.86
N HIS A 760 -125.01 -74.83 -4.34
CA HIS A 760 -123.72 -74.95 -3.69
C HIS A 760 -122.87 -75.81 -4.61
N ASN A 761 -122.01 -75.17 -5.37
CA ASN A 761 -121.16 -75.88 -6.32
C ASN A 761 -120.38 -77.01 -5.64
N ARG A 762 -120.76 -78.24 -5.98
CA ARG A 762 -120.11 -79.41 -5.41
C ARG A 762 -120.07 -79.27 -3.90
N PRO A 763 -121.19 -79.50 -3.23
CA PRO A 763 -121.52 -78.79 -1.99
C PRO A 763 -120.35 -78.54 -1.08
N VAL A 764 -119.63 -79.60 -0.75
CA VAL A 764 -118.50 -79.52 0.15
C VAL A 764 -117.38 -80.36 -0.43
N ARG A 765 -116.15 -79.87 -0.24
CA ARG A 765 -114.99 -80.66 -0.61
C ARG A 765 -115.03 -82.04 0.02
N ASN A 766 -115.30 -82.10 1.31
CA ASN A 766 -115.08 -83.34 2.04
C ASN A 766 -116.27 -83.81 2.88
N GLU A 767 -116.97 -82.89 3.54
CA GLU A 767 -117.85 -83.28 4.63
C GLU A 767 -119.18 -83.85 4.13
N ASN A 768 -119.77 -83.24 3.10
CA ASN A 768 -121.11 -83.60 2.63
C ASN A 768 -122.12 -83.55 3.77
N GLN A 769 -121.93 -82.59 4.68
CA GLN A 769 -122.78 -82.33 5.83
C GLN A 769 -123.91 -81.38 5.44
N PRO A 770 -125.01 -81.36 6.21
CA PRO A 770 -126.13 -80.49 5.83
C PRO A 770 -125.90 -79.03 6.15
N LEU A 771 -125.70 -78.21 5.12
CA LEU A 771 -125.78 -76.75 5.21
C LEU A 771 -124.78 -76.20 6.24
N HIS A 772 -123.50 -76.31 5.89
CA HIS A 772 -122.51 -75.57 6.64
C HIS A 772 -121.59 -74.82 5.68
N PRO A 773 -121.27 -73.57 5.97
CA PRO A 773 -120.46 -72.77 5.04
C PRO A 773 -119.03 -73.27 4.99
N HIS A 774 -118.52 -73.46 3.78
CA HIS A 774 -117.18 -74.02 3.60
C HIS A 774 -116.11 -72.94 3.48
N HIS A 775 -116.33 -71.78 4.08
CA HIS A 775 -115.33 -70.73 4.13
C HIS A 775 -115.64 -69.85 5.32
N ASP A 776 -114.62 -69.52 6.10
CA ASP A 776 -114.88 -68.65 7.25
C ASP A 776 -115.15 -67.22 6.76
N ALA A 777 -115.70 -66.41 7.67
CA ALA A 777 -116.36 -65.18 7.26
C ALA A 777 -115.42 -64.22 6.53
N GLU A 778 -114.13 -64.20 6.88
CA GLU A 778 -113.21 -63.24 6.29
C GLU A 778 -113.11 -63.39 4.78
N TRP A 779 -113.59 -64.50 4.23
CA TRP A 779 -113.60 -64.67 2.80
C TRP A 779 -114.45 -63.60 2.11
N SER A 780 -115.64 -63.35 2.63
CA SER A 780 -116.51 -62.34 2.05
C SER A 780 -115.89 -60.95 2.21
N VAL A 781 -115.24 -60.69 3.34
CA VAL A 781 -114.59 -59.40 3.55
C VAL A 781 -113.50 -59.19 2.51
N LEU A 782 -112.63 -60.18 2.33
CA LEU A 782 -111.59 -60.07 1.33
C LEU A 782 -112.18 -59.89 -0.06
N SER A 783 -113.26 -60.60 -0.36
CA SER A 783 -113.88 -60.48 -1.67
C SER A 783 -114.39 -59.07 -1.90
N LYS A 784 -115.03 -58.49 -0.88
CA LYS A 784 -115.55 -57.13 -1.02
C LYS A 784 -114.42 -56.13 -1.18
N ILE A 785 -113.35 -56.28 -0.41
CA ILE A 785 -112.20 -55.40 -0.55
C ILE A 785 -111.68 -55.45 -1.98
N TYR A 786 -111.51 -56.67 -2.51
CA TYR A 786 -110.97 -56.80 -3.86
C TYR A 786 -111.90 -56.18 -4.89
N TYR A 787 -113.19 -56.43 -4.79
CA TYR A 787 -114.08 -55.99 -5.85
C TYR A 787 -114.46 -54.53 -5.75
N TYR A 788 -114.27 -53.89 -4.60
CA TYR A 788 -114.62 -52.50 -4.45
C TYR A 788 -113.41 -51.57 -4.47
N ALA A 789 -112.22 -52.07 -4.21
CA ALA A 789 -111.04 -51.21 -4.15
C ALA A 789 -110.08 -51.45 -5.30
N VAL A 790 -109.58 -52.67 -5.48
CA VAL A 790 -108.46 -52.87 -6.39
C VAL A 790 -108.88 -53.10 -7.84
N VAL A 791 -110.13 -53.46 -8.09
CA VAL A 791 -110.58 -53.63 -9.47
C VAL A 791 -110.74 -52.27 -10.15
N PRO A 792 -111.50 -51.33 -9.59
CA PRO A 792 -111.57 -50.02 -10.23
C PRO A 792 -110.24 -49.30 -10.26
N ALA A 793 -109.31 -49.67 -9.39
CA ALA A 793 -108.00 -49.06 -9.41
C ALA A 793 -107.31 -49.28 -10.73
N PHE A 794 -107.42 -50.49 -11.29
CA PHE A 794 -106.78 -50.79 -12.56
C PHE A 794 -107.71 -50.55 -13.75
N SER A 795 -108.98 -50.89 -13.61
CA SER A 795 -109.90 -50.77 -14.73
C SER A 795 -110.21 -49.31 -15.02
N ARG A 796 -110.48 -48.53 -13.97
CA ARG A 796 -110.86 -47.13 -14.11
C ARG A 796 -112.08 -46.98 -15.02
N GLY A 797 -113.14 -47.71 -14.68
CA GLY A 797 -114.40 -47.57 -15.35
C GLY A 797 -114.45 -48.14 -16.76
N ASN A 798 -114.06 -49.41 -16.90
CA ASN A 798 -114.28 -50.15 -18.13
C ASN A 798 -115.08 -51.41 -17.92
N CYS A 799 -114.86 -52.10 -16.81
CA CYS A 799 -115.54 -53.35 -16.54
C CYS A 799 -117.04 -53.15 -16.42
N CYS A 800 -117.78 -54.21 -16.75
CA CYS A 800 -119.24 -54.18 -16.66
C CYS A 800 -119.69 -55.63 -16.52
N THR A 801 -120.16 -55.99 -15.33
CA THR A 801 -120.58 -57.36 -15.07
C THR A 801 -121.63 -57.81 -16.06
N MET A 802 -121.68 -59.12 -16.31
CA MET A 802 -122.57 -59.70 -17.30
C MET A 802 -123.27 -60.92 -16.71
N GLY A 803 -124.46 -61.20 -17.23
CA GLY A 803 -125.19 -62.39 -16.86
C GLY A 803 -124.96 -63.49 -17.88
N VAL A 804 -124.30 -64.57 -17.46
CA VAL A 804 -123.87 -65.58 -18.40
C VAL A 804 -125.07 -66.37 -18.92
N ARG A 805 -124.99 -66.78 -20.18
CA ARG A 805 -125.98 -67.64 -20.80
C ARG A 805 -125.44 -69.06 -20.78
N TYR A 806 -126.05 -69.94 -19.98
CA TYR A 806 -125.47 -71.24 -19.71
C TYR A 806 -125.80 -72.25 -20.80
N ASP A 807 -127.00 -72.21 -21.35
CA ASP A 807 -127.42 -73.20 -22.33
C ASP A 807 -126.53 -73.22 -23.55
N ARG A 808 -125.74 -72.17 -23.78
CA ARG A 808 -124.80 -72.17 -24.89
C ARG A 808 -123.44 -72.72 -24.48
N VAL A 809 -122.90 -72.26 -23.35
CA VAL A 809 -121.56 -72.67 -22.97
C VAL A 809 -121.51 -74.16 -22.64
N TYR A 810 -122.53 -74.67 -21.95
CA TYR A 810 -122.56 -76.09 -21.63
C TYR A 810 -122.64 -76.92 -22.89
N GLN A 811 -123.54 -76.55 -23.80
CA GLN A 811 -123.65 -77.27 -25.06
C GLN A 811 -122.34 -77.24 -25.83
N LEU A 812 -121.59 -76.14 -25.73
CA LEU A 812 -120.36 -76.03 -26.49
C LEU A 812 -119.24 -76.88 -25.90
N VAL A 813 -119.08 -76.83 -24.58
CA VAL A 813 -117.89 -77.41 -23.96
C VAL A 813 -117.81 -78.91 -24.20
N GLN A 814 -118.95 -79.57 -24.37
CA GLN A 814 -118.92 -81.02 -24.54
C GLN A 814 -118.29 -81.42 -25.88
N THR A 815 -118.64 -80.73 -26.95
CA THR A 815 -118.29 -81.16 -28.30
C THR A 815 -116.81 -80.92 -28.57
N MET A 816 -115.97 -81.76 -27.96
CA MET A 816 -114.54 -81.76 -28.20
C MET A 816 -114.16 -82.94 -29.09
N VAL A 817 -113.09 -82.76 -29.87
CA VAL A 817 -112.63 -83.80 -30.80
C VAL A 817 -111.24 -84.24 -30.36
N VAL A 818 -111.08 -85.55 -30.16
CA VAL A 818 -109.80 -86.13 -29.74
C VAL A 818 -109.64 -87.49 -30.39
N PRO A 819 -108.61 -87.69 -31.21
CA PRO A 819 -108.32 -89.05 -31.68
C PRO A 819 -107.84 -89.94 -30.54
N GLU A 820 -107.97 -91.24 -30.75
CA GLU A 820 -107.60 -92.24 -29.74
C GLU A 820 -106.19 -92.72 -30.02
N THR A 821 -105.26 -92.38 -29.14
CA THR A 821 -103.87 -92.80 -29.25
C THR A 821 -103.32 -93.08 -27.85
N ASP A 822 -102.28 -93.92 -27.79
CA ASP A 822 -101.70 -94.24 -26.49
C ASP A 822 -100.69 -93.18 -26.04
N GLU A 823 -99.62 -93.00 -26.79
CA GLU A 823 -98.53 -92.14 -26.39
C GLU A 823 -98.56 -90.83 -27.17
N GLU A 824 -98.37 -89.72 -26.45
CA GLU A 824 -98.38 -88.40 -27.07
C GLU A 824 -97.12 -88.18 -27.90
N VAL A 825 -97.30 -87.64 -29.11
CA VAL A 825 -96.22 -87.46 -30.05
C VAL A 825 -95.76 -86.01 -30.16
N GLY A 826 -96.64 -85.04 -29.93
CA GLY A 826 -96.32 -83.64 -30.06
C GLY A 826 -97.28 -82.93 -30.98
N THR A 827 -96.91 -81.70 -31.35
CA THR A 827 -97.73 -80.81 -32.16
C THR A 827 -97.30 -80.85 -33.62
N ASP A 828 -96.96 -82.04 -34.11
CA ASP A 828 -96.70 -82.23 -35.52
C ASP A 828 -97.64 -83.24 -36.17
N ASP A 829 -97.83 -84.39 -35.55
CA ASP A 829 -98.63 -85.43 -36.17
C ASP A 829 -100.12 -85.07 -36.13
N PRO A 830 -100.87 -85.38 -37.19
CA PRO A 830 -102.32 -85.11 -37.17
C PRO A 830 -103.07 -85.77 -36.02
N ARG A 831 -102.45 -86.69 -35.29
CA ARG A 831 -103.13 -87.23 -34.12
C ARG A 831 -103.16 -86.25 -32.95
N HIS A 832 -102.70 -85.02 -33.18
CA HIS A 832 -102.76 -83.93 -32.21
C HIS A 832 -104.16 -83.31 -32.22
N PRO A 833 -104.70 -82.96 -31.05
CA PRO A 833 -106.06 -82.40 -31.04
C PRO A 833 -106.16 -81.05 -31.74
N LEU A 834 -105.14 -80.21 -31.65
CA LEU A 834 -105.16 -78.89 -32.25
C LEU A 834 -104.55 -78.86 -33.65
N HIS A 835 -104.13 -80.00 -34.19
CA HIS A 835 -103.60 -80.02 -35.54
C HIS A 835 -104.69 -79.66 -36.53
N PRO A 836 -104.38 -78.85 -37.55
CA PRO A 836 -105.43 -78.37 -38.47
C PRO A 836 -106.22 -79.50 -39.12
N ARG A 837 -105.67 -80.71 -39.19
CA ARG A 837 -106.38 -81.80 -39.87
C ARG A 837 -107.67 -82.15 -39.14
N ASN A 838 -107.62 -82.29 -37.82
CA ASN A 838 -108.78 -82.62 -37.01
C ASN A 838 -109.43 -81.39 -36.40
N LEU A 839 -109.40 -80.26 -37.11
CA LEU A 839 -110.00 -79.02 -36.64
C LEU A 839 -111.38 -78.88 -37.29
N VAL A 840 -112.31 -79.67 -36.78
CA VAL A 840 -113.69 -79.63 -37.30
C VAL A 840 -114.31 -78.27 -37.00
N PRO A 841 -115.08 -77.69 -37.91
CA PRO A 841 -115.58 -76.33 -37.66
C PRO A 841 -116.60 -76.30 -36.53
N ASN A 842 -116.63 -75.16 -35.85
CA ASN A 842 -117.62 -74.88 -34.79
C ASN A 842 -117.49 -75.86 -33.63
N SER A 843 -116.30 -76.40 -33.42
CA SER A 843 -116.02 -77.21 -32.26
C SER A 843 -115.65 -76.32 -31.08
N LEU A 844 -115.15 -76.92 -30.01
CA LEU A 844 -114.51 -76.14 -28.97
C LEU A 844 -113.05 -75.87 -29.29
N ASN A 845 -112.40 -76.81 -29.97
CA ASN A 845 -110.97 -76.69 -30.23
C ASN A 845 -110.65 -75.47 -31.08
N VAL A 846 -111.60 -75.00 -31.89
CA VAL A 846 -111.34 -73.81 -32.69
C VAL A 846 -111.20 -72.59 -31.78
N LEU A 847 -111.90 -72.57 -30.65
CA LEU A 847 -111.75 -71.47 -29.71
C LEU A 847 -110.37 -71.48 -29.07
N PHE A 848 -109.88 -72.66 -28.70
CA PHE A 848 -108.51 -72.77 -28.21
C PHE A 848 -107.51 -72.34 -29.28
N HIS A 849 -107.77 -72.70 -30.53
CA HIS A 849 -106.88 -72.29 -31.61
C HIS A 849 -106.92 -70.79 -31.87
N ASN A 850 -108.03 -70.14 -31.55
CA ASN A 850 -108.09 -68.70 -31.71
C ASN A 850 -107.22 -67.94 -30.70
N ALA A 851 -106.67 -68.63 -29.71
CA ALA A 851 -105.84 -67.99 -28.69
C ALA A 851 -104.44 -68.56 -28.63
N CYS A 852 -104.06 -69.41 -29.60
CA CYS A 852 -102.69 -69.90 -29.72
C CYS A 852 -102.19 -70.53 -28.42
N VAL A 853 -103.08 -71.20 -27.71
CA VAL A 853 -102.72 -71.82 -26.44
C VAL A 853 -102.13 -73.19 -26.72
N ALA A 854 -101.32 -73.67 -25.77
CA ALA A 854 -100.68 -74.98 -25.86
C ALA A 854 -101.28 -75.88 -24.80
N VAL A 855 -102.12 -76.81 -25.22
CA VAL A 855 -102.79 -77.74 -24.33
C VAL A 855 -102.45 -79.17 -24.76
N ASP A 856 -102.97 -80.13 -24.00
CA ASP A 856 -102.73 -81.54 -24.25
C ASP A 856 -104.07 -82.26 -24.35
N ALA A 857 -104.07 -83.40 -25.03
CA ALA A 857 -105.23 -84.27 -25.03
C ALA A 857 -105.71 -84.54 -23.61
N ASP A 858 -104.82 -85.03 -22.75
CA ASP A 858 -105.15 -85.23 -21.34
C ASP A 858 -105.75 -83.97 -20.73
N ALA A 859 -105.09 -82.83 -20.93
CA ALA A 859 -105.57 -81.58 -20.35
C ALA A 859 -107.00 -81.28 -20.79
N MET A 860 -107.31 -81.52 -22.06
CA MET A 860 -108.66 -81.25 -22.56
C MET A 860 -109.67 -82.27 -22.03
N LEU A 861 -109.27 -83.53 -21.89
CA LEU A 861 -110.20 -84.57 -21.47
C LEU A 861 -110.63 -84.41 -20.01
N ILE A 862 -109.90 -83.60 -19.23
CA ILE A 862 -110.34 -83.32 -17.87
C ILE A 862 -111.66 -82.57 -17.86
N LEU A 863 -111.97 -81.86 -18.95
CA LEU A 863 -113.17 -81.04 -19.00
C LEU A 863 -114.46 -81.85 -18.86
N GLN A 864 -114.37 -83.18 -18.83
CA GLN A 864 -115.58 -83.97 -18.59
C GLN A 864 -116.04 -83.87 -17.14
N GLU A 865 -115.11 -83.74 -16.19
CA GLU A 865 -115.47 -83.71 -14.78
C GLU A 865 -116.38 -82.54 -14.40
N THR A 866 -116.69 -81.67 -15.35
CA THR A 866 -117.56 -80.54 -15.09
C THR A 866 -119.03 -80.89 -15.11
N VAL A 867 -119.39 -82.09 -15.57
CA VAL A 867 -120.80 -82.43 -15.70
C VAL A 867 -121.38 -82.91 -14.38
N THR A 868 -120.57 -83.55 -13.53
CA THR A 868 -121.07 -84.03 -12.24
C THR A 868 -121.42 -82.91 -11.27
N ASN A 869 -121.20 -81.65 -11.64
CA ASN A 869 -121.56 -80.52 -10.79
C ASN A 869 -121.79 -79.33 -11.71
N MET A 870 -123.06 -78.98 -11.91
CA MET A 870 -123.45 -77.96 -12.88
C MET A 870 -123.85 -76.69 -12.15
N ALA A 871 -124.18 -75.66 -12.93
CA ALA A 871 -124.69 -74.39 -12.42
C ALA A 871 -125.88 -73.98 -13.27
N GLU A 872 -127.01 -73.72 -12.62
CA GLU A 872 -128.27 -73.58 -13.34
C GLU A 872 -128.33 -72.27 -14.12
N ARG A 873 -128.24 -71.15 -13.42
CA ARG A 873 -128.44 -69.85 -14.05
C ARG A 873 -128.00 -68.76 -13.06
N THR A 874 -127.77 -67.57 -13.58
CA THR A 874 -127.44 -66.43 -12.74
C THR A 874 -128.73 -65.70 -12.37
N THR A 875 -128.81 -65.25 -11.12
CA THR A 875 -130.02 -64.67 -10.59
C THR A 875 -129.71 -63.38 -9.84
N PRO A 876 -130.66 -62.44 -9.80
CA PRO A 876 -130.43 -61.19 -9.08
C PRO A 876 -130.75 -61.35 -7.60
N LEU A 877 -130.36 -60.35 -6.84
CA LEU A 877 -130.66 -60.31 -5.41
C LEU A 877 -130.92 -58.88 -5.01
N LEU A 878 -131.77 -58.69 -3.99
CA LEU A 878 -132.14 -57.37 -3.52
C LEU A 878 -132.13 -57.40 -1.99
N ALA A 879 -130.98 -57.11 -1.40
CA ALA A 879 -130.92 -57.04 0.04
C ALA A 879 -131.43 -55.69 0.52
N SER A 880 -131.49 -55.55 1.84
CA SER A 880 -131.86 -54.29 2.48
C SER A 880 -131.54 -54.38 3.96
N VAL A 881 -131.00 -53.31 4.54
CA VAL A 881 -130.59 -53.31 5.92
C VAL A 881 -130.81 -51.92 6.49
N ALA A 882 -131.49 -51.85 7.64
CA ALA A 882 -131.68 -50.59 8.31
C ALA A 882 -130.33 -50.03 8.75
N PRO A 883 -130.20 -48.70 8.85
CA PRO A 883 -128.93 -48.12 9.29
C PRO A 883 -128.53 -48.67 10.65
N ASP A 884 -127.22 -48.91 10.79
CA ASP A 884 -126.71 -49.66 11.93
C ASP A 884 -126.89 -48.86 13.22
N ALA A 885 -126.41 -49.43 14.32
CA ALA A 885 -126.57 -48.83 15.62
C ALA A 885 -125.77 -47.54 15.75
N GLY A 886 -125.12 -47.12 14.68
CA GLY A 886 -124.48 -45.82 14.64
C GLY A 886 -125.42 -44.75 14.16
N MET A 887 -126.11 -45.01 13.07
CA MET A 887 -127.23 -44.17 12.64
C MET A 887 -128.54 -44.84 13.05
N ALA A 888 -128.76 -44.87 14.36
CA ALA A 888 -129.89 -45.58 14.95
C ALA A 888 -130.84 -44.63 15.65
N THR A 889 -131.15 -43.51 15.03
CA THR A 889 -132.08 -42.54 15.60
C THR A 889 -133.50 -42.90 15.20
N VAL A 890 -134.44 -42.65 16.12
CA VAL A 890 -135.85 -42.94 15.88
C VAL A 890 -136.36 -42.26 14.61
N ALA A 891 -135.78 -41.13 14.23
CA ALA A 891 -136.18 -40.46 13.00
C ALA A 891 -135.58 -41.09 11.75
N THR A 892 -134.64 -42.03 11.91
CA THR A 892 -133.96 -42.64 10.78
C THR A 892 -134.18 -44.15 10.73
N ARG A 893 -135.21 -44.65 11.40
CA ARG A 893 -135.40 -46.10 11.46
C ARG A 893 -135.85 -46.68 10.13
N ASP A 894 -136.47 -45.87 9.28
CA ASP A 894 -137.07 -46.37 8.04
C ASP A 894 -136.31 -45.92 6.81
N MET A 895 -135.07 -45.49 6.96
CA MET A 895 -134.22 -45.12 5.83
C MET A 895 -133.30 -46.29 5.51
N ARG A 896 -133.89 -47.37 5.01
CA ARG A 896 -133.14 -48.56 4.67
C ARG A 896 -132.71 -48.50 3.21
N THR A 897 -131.61 -49.21 2.91
CA THR A 897 -131.00 -49.19 1.59
C THR A 897 -131.46 -50.38 0.77
N HIS A 898 -131.05 -50.40 -0.50
CA HIS A 898 -131.44 -51.47 -1.42
C HIS A 898 -130.30 -51.68 -2.40
N ASP A 899 -129.51 -52.73 -2.21
CA ASP A 899 -128.39 -53.01 -3.08
C ASP A 899 -128.65 -54.28 -3.88
N GLY A 900 -128.19 -54.28 -5.13
CA GLY A 900 -128.29 -55.44 -5.98
C GLY A 900 -127.00 -56.25 -5.96
N SER A 901 -127.12 -57.49 -6.44
CA SER A 901 -125.97 -58.37 -6.55
C SER A 901 -126.32 -59.50 -7.50
N LEU A 902 -125.31 -60.28 -7.86
CA LEU A 902 -125.47 -61.38 -8.79
C LEU A 902 -124.94 -62.66 -8.19
N HIS A 903 -125.59 -63.77 -8.51
CA HIS A 903 -125.16 -65.10 -8.08
C HIS A 903 -124.77 -65.89 -9.32
N HIS A 904 -123.52 -66.38 -9.33
CA HIS A 904 -122.94 -67.01 -10.51
C HIS A 904 -122.97 -66.06 -11.70
N GLY A 905 -122.52 -64.85 -11.47
CA GLY A 905 -122.42 -63.84 -12.50
C GLY A 905 -121.10 -63.91 -13.23
N LEU A 906 -120.64 -62.76 -13.72
CA LEU A 906 -119.37 -62.70 -14.43
C LEU A 906 -119.00 -61.24 -14.63
N LEU A 907 -117.70 -60.94 -14.45
CA LEU A 907 -117.16 -59.61 -14.70
C LEU A 907 -116.19 -59.73 -15.86
N MET A 908 -116.62 -59.32 -17.05
CA MET A 908 -115.69 -59.23 -18.16
C MET A 908 -114.97 -57.88 -18.13
N MET A 909 -113.69 -57.91 -18.49
CA MET A 909 -112.83 -56.75 -18.22
C MET A 909 -113.09 -55.62 -19.22
N ALA A 910 -112.80 -55.86 -20.48
CA ALA A 910 -112.96 -54.82 -21.49
C ALA A 910 -113.59 -55.43 -22.72
N TYR A 911 -114.47 -54.67 -23.37
CA TYR A 911 -115.28 -55.22 -24.44
C TYR A 911 -114.49 -55.27 -25.75
N GLN A 912 -115.07 -55.96 -26.73
CA GLN A 912 -114.43 -56.14 -28.03
C GLN A 912 -115.50 -56.17 -29.11
N PRO A 913 -115.94 -55.01 -29.57
CA PRO A 913 -117.07 -54.98 -30.51
C PRO A 913 -116.67 -55.34 -31.93
N ASN A 914 -115.48 -54.91 -32.34
CA ASN A 914 -115.07 -55.05 -33.73
C ASN A 914 -114.74 -56.47 -34.11
N ASP A 915 -114.60 -57.37 -33.13
CA ASP A 915 -114.34 -58.77 -33.44
C ASP A 915 -115.47 -59.34 -34.28
N ALA A 916 -115.13 -60.29 -35.15
CA ALA A 916 -116.10 -60.91 -36.03
C ALA A 916 -116.00 -62.42 -36.08
N THR A 917 -115.08 -63.04 -35.35
CA THR A 917 -114.97 -64.49 -35.29
C THR A 917 -115.95 -65.11 -34.30
N LEU A 918 -116.96 -64.36 -33.89
CA LEU A 918 -117.92 -64.85 -32.90
C LEU A 918 -119.15 -63.96 -32.94
N LEU A 919 -120.29 -64.55 -32.57
CA LEU A 919 -121.53 -63.81 -32.41
C LEU A 919 -121.37 -62.70 -31.39
N GLU A 920 -122.30 -61.74 -31.43
CA GLU A 920 -122.26 -60.64 -30.49
C GLU A 920 -122.78 -61.09 -29.13
N GLY A 921 -124.05 -61.50 -29.08
CA GLY A 921 -124.60 -62.06 -27.86
C GLY A 921 -124.32 -63.54 -27.78
N ALA A 922 -123.06 -63.92 -27.90
CA ALA A 922 -122.70 -65.33 -27.98
C ALA A 922 -122.92 -66.03 -26.65
N PHE A 923 -122.43 -65.45 -25.57
CA PHE A 923 -122.50 -66.10 -24.27
C PHE A 923 -122.99 -65.21 -23.14
N PHE A 924 -122.92 -63.90 -23.27
CA PHE A 924 -123.19 -63.03 -22.13
C PHE A 924 -124.02 -61.84 -22.57
N TYR A 925 -124.82 -61.34 -21.64
CA TYR A 925 -125.57 -60.11 -21.84
C TYR A 925 -125.28 -59.17 -20.68
N PRO A 926 -125.40 -57.87 -20.88
CA PRO A 926 -125.10 -56.93 -19.80
C PRO A 926 -126.12 -57.04 -18.68
N ALA A 927 -125.65 -56.75 -17.47
CA ALA A 927 -126.51 -56.70 -16.28
C ALA A 927 -125.79 -55.91 -15.20
N PRO A 928 -125.70 -54.60 -15.33
CA PRO A 928 -124.92 -53.81 -14.37
C PRO A 928 -125.60 -53.78 -13.00
N VAL A 929 -124.78 -53.61 -11.98
CA VAL A 929 -125.26 -53.65 -10.61
C VAL A 929 -125.08 -52.29 -9.97
N ASN A 930 -123.94 -51.67 -10.24
CA ASN A 930 -123.52 -50.49 -9.51
C ASN A 930 -122.77 -49.58 -10.47
N ALA A 931 -122.90 -48.27 -10.25
CA ALA A 931 -122.35 -47.29 -11.17
C ALA A 931 -120.86 -47.48 -11.42
N LEU A 932 -120.17 -48.20 -10.55
CA LEU A 932 -118.80 -48.59 -10.85
C LEU A 932 -118.77 -49.62 -11.98
N PHE A 933 -119.49 -50.71 -11.81
CA PHE A 933 -119.53 -51.77 -12.81
C PHE A 933 -120.67 -51.54 -13.80
N ALA A 934 -120.61 -50.40 -14.48
CA ALA A 934 -121.59 -50.09 -15.52
C ALA A 934 -120.89 -49.22 -16.56
N CYS A 935 -120.37 -49.86 -17.59
CA CYS A 935 -119.82 -49.14 -18.72
C CYS A 935 -120.95 -48.85 -19.70
N ALA A 936 -120.60 -48.41 -20.91
CA ALA A 936 -121.60 -48.11 -21.92
C ALA A 936 -121.49 -49.02 -23.14
N ASP A 937 -120.31 -49.11 -23.75
CA ASP A 937 -120.16 -49.93 -24.94
C ASP A 937 -120.35 -51.41 -24.66
N HIS A 938 -120.27 -51.82 -23.40
CA HIS A 938 -120.57 -53.19 -23.05
C HIS A 938 -122.01 -53.55 -23.35
N LEU A 939 -122.89 -52.56 -23.50
CA LEU A 939 -124.29 -52.81 -23.85
C LEU A 939 -124.44 -53.38 -25.24
N GLY A 940 -123.39 -53.34 -26.06
CA GLY A 940 -123.48 -53.92 -27.40
C GLY A 940 -123.69 -55.41 -27.38
N ALA A 941 -123.33 -56.07 -26.28
CA ALA A 941 -123.52 -57.52 -26.19
C ALA A 941 -124.99 -57.89 -26.11
N MET A 942 -125.82 -57.02 -25.54
CA MET A 942 -127.25 -57.27 -25.53
C MET A 942 -127.76 -57.33 -26.96
N ARG A 943 -128.58 -58.34 -27.25
CA ARG A 943 -129.09 -58.51 -28.60
C ARG A 943 -130.11 -57.42 -28.92
N ASP A 944 -130.01 -56.86 -30.13
CA ASP A 944 -130.95 -55.87 -30.65
C ASP A 944 -131.03 -54.65 -29.74
N VAL A 945 -129.91 -53.95 -29.65
CA VAL A 945 -129.86 -52.72 -28.86
C VAL A 945 -130.61 -51.62 -29.59
N GLY A 946 -131.33 -50.79 -28.83
CA GLY A 946 -131.93 -49.61 -29.40
C GLY A 946 -130.89 -48.59 -29.83
N ALA A 947 -131.23 -47.81 -30.85
CA ALA A 947 -130.28 -46.84 -31.38
C ALA A 947 -130.16 -45.64 -30.45
N GLU A 948 -131.26 -45.20 -29.87
CA GLU A 948 -131.26 -43.97 -29.08
C GLU A 948 -130.58 -44.17 -27.74
N VAL A 949 -130.81 -45.33 -27.11
CA VAL A 949 -130.38 -45.51 -25.73
C VAL A 949 -128.87 -45.42 -25.61
N ARG A 950 -128.14 -45.97 -26.59
CA ARG A 950 -126.68 -45.87 -26.55
C ARG A 950 -126.22 -44.43 -26.50
N ALA A 951 -126.89 -43.55 -27.25
CA ALA A 951 -126.56 -42.13 -27.21
C ALA A 951 -126.79 -41.52 -25.84
N ALA A 952 -127.59 -42.18 -25.00
CA ALA A 952 -127.90 -41.65 -23.68
C ALA A 952 -127.17 -42.38 -22.57
N ALA A 953 -126.47 -43.47 -22.87
CA ALA A 953 -125.81 -44.25 -21.84
C ALA A 953 -124.38 -43.82 -21.56
N GLN A 954 -123.70 -43.24 -22.55
CA GLN A 954 -122.33 -42.79 -22.35
C GLN A 954 -122.24 -41.62 -21.38
N HIS A 955 -123.36 -41.04 -20.99
CA HIS A 955 -123.37 -39.94 -20.04
C HIS A 955 -123.84 -40.34 -18.65
N VAL A 956 -124.80 -41.24 -18.55
CA VAL A 956 -125.36 -41.64 -17.27
C VAL A 956 -125.21 -43.15 -17.10
N PRO A 957 -124.87 -43.65 -15.91
CA PRO A 957 -124.86 -45.10 -15.68
C PRO A 957 -126.21 -45.73 -16.04
N CYS A 958 -126.21 -47.03 -16.30
CA CYS A 958 -127.41 -47.71 -16.78
C CYS A 958 -127.89 -48.78 -15.81
N VAL A 959 -127.70 -48.56 -14.51
CA VAL A 959 -128.15 -49.50 -13.49
C VAL A 959 -129.66 -49.70 -13.62
N PRO A 960 -130.11 -50.90 -13.96
CA PRO A 960 -131.55 -51.13 -14.08
C PRO A 960 -132.22 -51.08 -12.72
N HIS A 961 -133.46 -50.58 -12.72
CA HIS A 961 -134.13 -50.22 -11.48
C HIS A 961 -134.82 -51.37 -10.79
N PHE A 962 -134.43 -52.62 -11.06
CA PHE A 962 -134.77 -53.73 -10.19
C PHE A 962 -133.54 -54.27 -9.47
N LEU A 963 -132.47 -53.49 -9.44
CA LEU A 963 -131.26 -53.84 -8.69
C LEU A 963 -130.84 -52.74 -7.73
N GLY A 964 -131.64 -51.68 -7.59
CA GLY A 964 -131.32 -50.63 -6.67
C GLY A 964 -130.92 -49.35 -7.37
N ALA A 965 -131.57 -48.25 -7.02
CA ALA A 965 -131.19 -46.98 -7.59
C ALA A 965 -129.96 -46.42 -6.84
N ASN A 966 -129.32 -45.43 -7.47
CA ASN A 966 -128.09 -44.83 -6.96
C ASN A 966 -128.26 -44.10 -5.65
N TYR A 967 -129.47 -43.63 -5.36
CA TYR A 967 -129.68 -42.96 -4.08
C TYR A 967 -129.78 -43.97 -2.96
N TYR A 968 -130.55 -45.03 -3.18
CA TYR A 968 -130.79 -46.04 -2.16
C TYR A 968 -129.65 -47.03 -2.00
N ALA A 969 -128.57 -46.88 -2.76
CA ALA A 969 -127.48 -47.83 -2.64
C ALA A 969 -126.54 -47.42 -1.53
N THR A 970 -125.69 -48.36 -1.12
CA THR A 970 -124.63 -48.06 -0.15
C THR A 970 -123.34 -47.64 -0.83
N VAL A 971 -123.33 -47.58 -2.16
CA VAL A 971 -122.22 -47.04 -2.92
C VAL A 971 -122.80 -46.13 -3.99
N ARG A 972 -122.74 -44.83 -3.75
CA ARG A 972 -123.45 -43.88 -4.58
C ARG A 972 -122.68 -43.64 -5.86
N GLN A 973 -123.07 -42.62 -6.61
CA GLN A 973 -122.45 -42.25 -7.86
C GLN A 973 -121.09 -41.56 -7.69
N PRO A 974 -120.93 -40.61 -6.77
CA PRO A 974 -119.67 -39.86 -6.72
C PRO A 974 -118.43 -40.72 -6.58
N VAL A 975 -118.46 -41.77 -5.76
CA VAL A 975 -117.27 -42.58 -5.56
C VAL A 975 -116.83 -43.24 -6.86
N ALA A 976 -117.77 -43.52 -7.76
CA ALA A 976 -117.42 -44.09 -9.05
C ALA A 976 -116.72 -43.07 -9.93
N GLN A 977 -117.35 -41.92 -10.15
CA GLN A 977 -116.71 -40.86 -10.90
C GLN A 977 -115.35 -40.52 -10.35
N HIS A 978 -115.17 -40.65 -9.03
CA HIS A 978 -113.87 -40.36 -8.46
C HIS A 978 -112.79 -41.28 -9.02
N ALA A 979 -113.09 -42.56 -9.13
CA ALA A 979 -112.15 -43.51 -9.69
C ALA A 979 -112.23 -43.56 -11.21
N ALA A 980 -113.06 -42.73 -11.81
CA ALA A 980 -113.11 -42.64 -13.26
C ALA A 980 -112.21 -41.56 -13.83
N GLN A 981 -111.74 -40.61 -13.01
CA GLN A 981 -110.91 -39.54 -13.55
C GLN A 981 -109.77 -39.14 -12.63
N SER A 982 -109.35 -39.99 -11.71
CA SER A 982 -108.28 -39.65 -10.79
C SER A 982 -106.95 -39.98 -11.47
N ARG A 983 -106.26 -38.95 -11.95
CA ARG A 983 -105.00 -39.13 -12.65
C ARG A 983 -103.85 -39.22 -11.65
N ALA A 984 -103.84 -40.32 -10.89
CA ALA A 984 -102.85 -40.45 -9.82
C ALA A 984 -102.62 -41.92 -9.51
N ASP A 985 -101.54 -42.47 -10.04
CA ASP A 985 -100.77 -43.52 -9.35
C ASP A 985 -101.63 -44.60 -8.73
N GLU A 986 -102.27 -45.43 -9.56
CA GLU A 986 -103.24 -46.44 -9.11
C GLU A 986 -102.79 -47.17 -7.85
N ASN A 987 -101.49 -47.39 -7.69
CA ASN A 987 -100.97 -47.97 -6.46
C ASN A 987 -101.45 -47.20 -5.24
N THR A 988 -101.58 -45.89 -5.36
CA THR A 988 -102.16 -45.08 -4.30
C THR A 988 -103.65 -44.83 -4.50
N LEU A 989 -104.15 -44.95 -5.72
CA LEU A 989 -105.58 -44.80 -5.93
C LEU A 989 -106.35 -45.87 -5.18
N SER A 990 -105.77 -47.07 -5.03
CA SER A 990 -106.44 -48.11 -4.29
C SER A 990 -106.55 -47.75 -2.81
N TYR A 991 -105.45 -47.27 -2.22
CA TYR A 991 -105.50 -46.81 -0.84
C TYR A 991 -106.51 -45.69 -0.68
N ALA A 992 -106.59 -44.80 -1.67
CA ALA A 992 -107.55 -43.70 -1.59
C ALA A 992 -108.98 -44.20 -1.60
N LEU A 993 -109.30 -45.08 -2.54
CA LEU A 993 -110.63 -45.66 -2.60
C LEU A 993 -110.98 -46.34 -1.28
N MET A 994 -110.06 -47.16 -0.77
CA MET A 994 -110.35 -47.89 0.47
C MET A 994 -110.53 -46.93 1.64
N ALA A 995 -109.76 -45.85 1.69
CA ALA A 995 -109.94 -44.86 2.73
C ALA A 995 -111.28 -44.17 2.61
N GLY A 996 -111.80 -44.03 1.40
CA GLY A 996 -113.05 -43.33 1.21
C GLY A 996 -114.27 -44.15 1.60
N TYR A 997 -114.09 -45.15 2.46
CA TYR A 997 -115.18 -46.05 2.81
C TYR A 997 -115.46 -46.11 4.31
N PHE A 998 -114.86 -45.24 5.11
CA PHE A 998 -115.18 -45.20 6.53
C PHE A 998 -116.55 -44.57 6.73
N LYS A 999 -117.28 -45.05 7.71
CA LYS A 999 -118.64 -44.56 7.93
C LYS A 999 -118.62 -43.17 8.54
N MET A 1000 -119.70 -42.44 8.30
CA MET A 1000 -119.93 -41.12 8.91
C MET A 1000 -121.00 -41.30 9.97
N SER A 1001 -120.56 -41.52 11.21
CA SER A 1001 -121.47 -41.75 12.33
C SER A 1001 -120.71 -41.53 13.61
N PRO A 1002 -121.38 -41.08 14.67
CA PRO A 1002 -120.68 -40.82 15.93
C PRO A 1002 -119.79 -41.96 16.37
N VAL A 1003 -120.25 -43.21 16.27
CA VAL A 1003 -119.42 -44.32 16.68
C VAL A 1003 -118.26 -44.53 15.73
N ALA A 1004 -118.31 -43.94 14.53
CA ALA A 1004 -117.17 -43.98 13.62
C ALA A 1004 -116.24 -42.81 13.82
N PHE A 1005 -116.78 -41.66 14.23
CA PHE A 1005 -115.93 -40.52 14.53
C PHE A 1005 -115.13 -40.76 15.80
N THR A 1006 -115.76 -41.29 16.84
CA THR A 1006 -115.02 -41.57 18.07
C THR A 1006 -113.84 -42.49 17.84
N HIS A 1007 -113.73 -43.12 16.67
CA HIS A 1007 -112.56 -43.89 16.30
C HIS A 1007 -111.62 -43.10 15.39
N GLN A 1008 -112.13 -42.58 14.27
CA GLN A 1008 -111.26 -41.90 13.33
C GLN A 1008 -110.62 -40.65 13.93
N LEU A 1009 -111.44 -39.80 14.55
CA LEU A 1009 -110.91 -38.57 15.12
C LEU A 1009 -109.89 -38.84 16.21
N ARG A 1010 -109.84 -40.05 16.75
CA ARG A 1010 -108.80 -40.38 17.72
C ARG A 1010 -107.60 -41.05 17.08
N ARG A 1011 -107.77 -41.69 15.93
CA ARG A 1011 -106.67 -42.34 15.24
C ARG A 1011 -105.94 -41.41 14.28
N GLN A 1012 -106.25 -40.12 14.31
CA GLN A 1012 -105.55 -39.12 13.51
C GLN A 1012 -105.70 -39.38 12.02
N LEU A 1013 -106.90 -39.79 11.61
CA LEU A 1013 -107.29 -39.72 10.21
C LEU A 1013 -108.07 -38.43 10.01
N HIS A 1014 -108.06 -37.94 8.76
CA HIS A 1014 -108.75 -36.70 8.44
C HIS A 1014 -110.01 -36.99 7.64
N PRO A 1015 -111.19 -36.90 8.25
CA PRO A 1015 -112.42 -37.14 7.48
C PRO A 1015 -112.69 -36.03 6.48
N GLY A 1016 -113.78 -36.13 5.74
CA GLY A 1016 -114.04 -35.17 4.68
C GLY A 1016 -114.71 -33.89 5.13
N PHE A 1017 -114.20 -33.28 6.19
CA PHE A 1017 -114.74 -32.04 6.72
C PHE A 1017 -113.65 -30.98 6.80
N ALA A 1018 -114.06 -29.80 7.27
CA ALA A 1018 -113.11 -28.77 7.69
C ALA A 1018 -113.86 -27.90 8.69
N LEU A 1019 -113.59 -28.09 9.97
CA LEU A 1019 -114.28 -27.33 10.99
C LEU A 1019 -113.88 -25.87 10.92
N THR A 1020 -114.63 -25.03 11.64
CA THR A 1020 -114.40 -23.59 11.65
C THR A 1020 -114.55 -23.09 13.08
N VAL A 1021 -113.44 -23.10 13.82
CA VAL A 1021 -113.47 -22.75 15.23
C VAL A 1021 -113.88 -21.30 15.40
N VAL A 1022 -114.67 -21.02 16.44
CA VAL A 1022 -115.02 -19.67 16.82
C VAL A 1022 -114.93 -19.55 18.33
N ARG A 1023 -114.56 -18.37 18.81
CA ARG A 1023 -114.45 -18.14 20.24
C ARG A 1023 -114.48 -16.65 20.50
N GLN A 1024 -114.78 -16.29 21.74
CA GLN A 1024 -115.01 -14.90 22.12
C GLN A 1024 -114.05 -14.51 23.24
N ASP A 1025 -113.65 -13.24 23.26
CA ASP A 1025 -112.69 -12.75 24.23
C ASP A 1025 -113.13 -11.39 24.75
N ARG A 1026 -112.65 -11.02 25.93
CA ARG A 1026 -112.98 -9.75 26.54
C ARG A 1026 -111.71 -9.11 27.07
N PHE A 1027 -111.55 -7.81 26.80
CA PHE A 1027 -110.38 -7.06 27.20
C PHE A 1027 -110.83 -5.81 27.96
N ALA A 1028 -110.26 -5.59 29.13
CA ALA A 1028 -110.58 -4.42 29.92
C ALA A 1028 -109.66 -3.28 29.52
N THR A 1029 -110.25 -2.15 29.15
CA THR A 1029 -109.50 -1.01 28.64
C THR A 1029 -109.61 0.17 29.61
N GLU A 1030 -109.04 1.30 29.20
CA GLU A 1030 -109.13 2.55 29.94
C GLU A 1030 -109.69 3.60 29.00
N ASN A 1031 -110.79 4.22 29.40
CA ASN A 1031 -111.51 5.14 28.53
C ASN A 1031 -111.16 6.59 28.88
N VAL A 1032 -111.57 7.48 27.98
CA VAL A 1032 -111.47 8.91 28.17
C VAL A 1032 -112.83 9.48 27.76
N LEU A 1033 -113.71 9.71 28.73
CA LEU A 1033 -115.06 10.13 28.43
C LEU A 1033 -115.19 11.64 28.55
N PHE A 1034 -116.06 12.20 27.71
CA PHE A 1034 -116.26 13.65 27.64
C PHE A 1034 -117.74 13.95 27.54
N ALA A 1035 -118.21 14.88 28.37
CA ALA A 1035 -119.60 15.33 28.41
C ALA A 1035 -119.65 16.81 28.05
N GLU A 1036 -120.82 17.41 28.23
CA GLU A 1036 -121.02 18.77 27.73
C GLU A 1036 -121.47 19.72 28.82
N LYS A 1037 -121.77 20.97 28.40
CA LYS A 1037 -122.06 22.02 29.36
C LYS A 1037 -123.30 21.71 30.17
N ALA A 1038 -124.33 21.17 29.54
CA ALA A 1038 -125.49 20.66 30.27
C ALA A 1038 -126.01 19.47 29.47
N SER A 1039 -125.50 18.29 29.80
CA SER A 1039 -125.80 17.10 29.03
C SER A 1039 -126.95 16.28 29.59
N GLU A 1040 -127.35 16.53 30.84
CA GLU A 1040 -128.33 15.68 31.48
C GLU A 1040 -129.16 16.51 32.45
N SER A 1041 -130.48 16.35 32.36
CA SER A 1041 -131.35 16.85 33.40
C SER A 1041 -131.40 15.83 34.53
N TYR A 1042 -131.46 16.31 35.76
CA TYR A 1042 -131.37 15.43 36.92
C TYR A 1042 -132.33 15.91 38.00
N PHE A 1043 -133.16 15.00 38.50
CA PHE A 1043 -134.20 15.33 39.47
C PHE A 1043 -134.00 14.47 40.71
N MET A 1044 -133.51 15.09 41.78
CA MET A 1044 -133.33 14.39 43.05
C MET A 1044 -134.60 14.55 43.88
N GLY A 1045 -135.17 13.43 44.31
CA GLY A 1045 -136.33 13.46 45.17
C GLY A 1045 -135.95 13.71 46.62
N GLN A 1046 -136.90 13.44 47.51
CA GLN A 1046 -136.69 13.62 48.94
C GLN A 1046 -136.44 12.27 49.60
N MET A 1047 -135.67 12.28 50.69
CA MET A 1047 -135.33 11.05 51.38
C MET A 1047 -136.59 10.36 51.90
N GLN A 1048 -136.48 9.08 52.18
CA GLN A 1048 -137.63 8.28 52.61
C GLN A 1048 -137.12 7.09 53.41
N VAL A 1049 -137.19 7.18 54.73
CA VAL A 1049 -136.72 6.10 55.60
C VAL A 1049 -137.85 5.10 55.80
N ALA A 1050 -137.48 3.84 55.99
CA ALA A 1050 -138.46 2.76 56.24
C ALA A 1050 -137.86 1.84 57.29
N ARG A 1051 -138.18 2.11 58.56
CA ARG A 1051 -137.57 1.38 59.67
C ARG A 1051 -138.23 0.02 59.84
N THR A 1052 -137.41 -1.00 59.99
CA THR A 1052 -137.87 -2.37 60.22
C THR A 1052 -137.04 -2.97 61.34
N GLU A 1053 -137.70 -3.70 62.23
CA GLU A 1053 -137.04 -4.39 63.31
C GLU A 1053 -136.57 -5.77 62.87
N SER A 1054 -135.43 -6.19 63.40
CA SER A 1054 -134.84 -7.47 63.01
C SER A 1054 -133.77 -7.89 64.01
N GLY A 1055 -133.87 -9.10 64.53
CA GLY A 1055 -132.91 -9.56 65.53
C GLY A 1055 -132.86 -8.69 66.76
N GLY A 1056 -133.98 -8.15 67.18
CA GLY A 1056 -134.02 -7.24 68.32
C GLY A 1056 -133.68 -5.80 67.99
N GLY A 1057 -132.61 -5.60 67.23
CA GLY A 1057 -132.21 -4.25 66.88
C GLY A 1057 -132.96 -3.71 65.69
N LEU A 1058 -133.00 -2.38 65.60
CA LEU A 1058 -133.58 -1.74 64.44
C LEU A 1058 -132.72 -2.00 63.20
N HIS A 1059 -133.37 -2.07 62.05
CA HIS A 1059 -132.69 -2.20 60.77
C HIS A 1059 -133.28 -1.16 59.83
N LEU A 1060 -132.76 0.06 59.89
CA LEU A 1060 -133.28 1.12 59.05
C LEU A 1060 -132.83 0.91 57.61
N GLN A 1061 -133.46 1.66 56.70
CA GLN A 1061 -133.11 1.56 55.28
C GLN A 1061 -133.50 2.86 54.61
N LEU A 1062 -132.52 3.74 54.41
CA LEU A 1062 -132.78 5.00 53.74
C LEU A 1062 -132.96 4.76 52.25
N THR A 1063 -133.73 5.63 51.61
CA THR A 1063 -134.06 5.46 50.20
C THR A 1063 -134.36 6.82 49.61
N GLN A 1064 -134.01 6.98 48.33
CA GLN A 1064 -134.26 8.23 47.65
C GLN A 1064 -134.50 7.98 46.17
N PRO A 1065 -135.63 8.41 45.63
CA PRO A 1065 -135.86 8.28 44.19
C PRO A 1065 -135.21 9.42 43.44
N ARG A 1066 -134.84 9.13 42.19
CA ARG A 1066 -134.28 10.15 41.32
C ARG A 1066 -134.45 9.72 39.87
N ALA A 1067 -134.52 10.69 38.98
CA ALA A 1067 -134.84 10.42 37.59
C ALA A 1067 -134.13 11.44 36.69
N ASN A 1068 -133.72 11.00 35.51
CA ASN A 1068 -132.94 11.84 34.62
C ASN A 1068 -133.28 11.54 33.17
N VAL A 1069 -132.97 12.50 32.30
CA VAL A 1069 -133.30 12.42 30.88
C VAL A 1069 -132.35 13.32 30.12
N ASP A 1070 -131.84 12.84 28.99
CA ASP A 1070 -130.99 13.69 28.17
C ASP A 1070 -131.81 14.85 27.62
N LEU A 1071 -131.12 15.94 27.31
CA LEU A 1071 -131.82 17.11 26.80
C LEU A 1071 -131.06 17.78 25.67
N GLY A 1072 -130.07 17.09 25.10
CA GLY A 1072 -129.39 17.61 23.93
C GLY A 1072 -129.69 16.78 22.70
N VAL A 1073 -130.32 17.39 21.70
CA VAL A 1073 -130.58 16.67 20.47
C VAL A 1073 -129.24 16.25 19.85
N GLY A 1074 -129.21 15.06 19.30
CA GLY A 1074 -127.97 14.49 18.85
C GLY A 1074 -127.23 13.80 19.97
N PHE A 1075 -125.97 13.49 19.70
CA PHE A 1075 -125.12 12.85 20.68
C PHE A 1075 -124.40 13.91 21.51
N THR A 1076 -124.22 13.63 22.79
CA THR A 1076 -123.67 14.61 23.70
C THR A 1076 -122.59 14.03 24.61
N ALA A 1077 -121.96 12.94 24.19
CA ALA A 1077 -120.84 12.36 24.92
C ALA A 1077 -120.23 11.26 24.07
N ALA A 1078 -118.94 11.02 24.27
CA ALA A 1078 -118.23 9.97 23.56
C ALA A 1078 -116.94 9.66 24.29
N TYR A 1079 -116.54 8.40 24.26
CA TYR A 1079 -115.30 7.98 24.90
C TYR A 1079 -114.26 7.65 23.84
N ALA A 1080 -113.10 7.19 24.28
CA ALA A 1080 -112.01 6.99 23.35
C ALA A 1080 -111.34 5.63 23.48
N ALA A 1081 -111.38 5.05 24.69
CA ALA A 1081 -110.67 3.80 24.99
C ALA A 1081 -109.17 3.94 24.72
N ALA A 1082 -108.54 4.81 25.50
CA ALA A 1082 -107.14 5.14 25.28
C ALA A 1082 -106.21 3.94 25.45
N ALA A 1083 -106.08 3.45 26.67
CA ALA A 1083 -105.07 2.45 26.98
C ALA A 1083 -105.65 1.05 26.78
N LEU A 1084 -104.93 0.03 27.25
CA LEU A 1084 -105.43 -1.34 27.22
C LEU A 1084 -104.85 -2.07 28.41
N ARG A 1085 -105.69 -2.41 29.39
CA ARG A 1085 -105.24 -3.19 30.52
C ARG A 1085 -105.19 -4.66 30.11
N ALA A 1086 -104.99 -5.54 31.09
CA ALA A 1086 -104.78 -6.94 30.79
C ALA A 1086 -106.06 -7.58 30.25
N PRO A 1087 -105.92 -8.55 29.35
CA PRO A 1087 -107.10 -9.31 28.89
C PRO A 1087 -107.73 -10.08 30.04
N VAL A 1088 -109.03 -9.86 30.25
CA VAL A 1088 -109.69 -10.41 31.43
C VAL A 1088 -110.02 -11.88 31.26
N THR A 1089 -110.19 -12.35 30.03
CA THR A 1089 -110.47 -13.76 29.80
C THR A 1089 -109.22 -14.46 29.30
N ASP A 1090 -109.10 -15.74 29.65
CA ASP A 1090 -108.13 -16.60 29.01
C ASP A 1090 -108.37 -16.60 27.51
N MET A 1091 -107.35 -16.99 26.76
CA MET A 1091 -107.47 -17.13 25.32
C MET A 1091 -107.37 -18.59 24.89
N GLY A 1092 -107.21 -19.51 25.83
CA GLY A 1092 -107.01 -20.90 25.51
C GLY A 1092 -108.24 -21.54 24.91
N ASN A 1093 -108.15 -22.85 24.74
CA ASN A 1093 -109.23 -23.62 24.15
C ASN A 1093 -109.98 -24.39 25.23
N LEU A 1094 -111.26 -24.62 24.97
CA LEU A 1094 -112.12 -25.36 25.87
C LEU A 1094 -113.27 -25.91 25.05
N PRO A 1095 -113.17 -27.15 24.58
CA PRO A 1095 -114.22 -27.68 23.72
C PRO A 1095 -115.55 -27.71 24.44
N GLN A 1096 -116.60 -27.34 23.73
CA GLN A 1096 -117.93 -27.33 24.32
C GLN A 1096 -118.53 -28.73 24.22
N ASN A 1097 -118.97 -29.26 25.35
CA ASN A 1097 -119.54 -30.60 25.38
C ASN A 1097 -121.04 -30.48 25.15
N LEU A 1098 -121.48 -30.82 23.94
CA LEU A 1098 -122.89 -30.71 23.59
C LEU A 1098 -123.77 -31.61 24.44
N PHE A 1099 -123.20 -32.39 25.35
CA PHE A 1099 -123.99 -33.31 26.16
C PHE A 1099 -124.61 -32.63 27.37
N ALA A 1100 -124.20 -31.42 27.71
CA ALA A 1100 -124.89 -30.67 28.74
C ALA A 1100 -126.20 -30.08 28.25
N THR A 1101 -126.48 -30.17 26.95
CA THR A 1101 -127.66 -29.57 26.35
C THR A 1101 -128.78 -30.61 26.24
N ARG A 1102 -129.94 -30.14 25.79
CA ARG A 1102 -131.14 -30.97 25.74
C ARG A 1102 -131.71 -31.00 24.34
N GLY A 1103 -132.90 -31.59 24.18
CA GLY A 1103 -133.60 -31.59 22.92
C GLY A 1103 -133.12 -32.59 21.89
N ALA A 1104 -132.02 -33.29 22.15
CA ALA A 1104 -131.50 -34.28 21.21
C ALA A 1104 -132.16 -35.62 21.48
N PRO A 1105 -132.99 -36.14 20.59
CA PRO A 1105 -133.61 -37.44 20.81
C PRO A 1105 -132.57 -38.54 20.82
N PRO A 1106 -132.44 -39.27 21.93
CA PRO A 1106 -131.36 -40.26 22.04
C PRO A 1106 -131.59 -41.43 21.11
N MET A 1107 -130.48 -42.09 20.79
CA MET A 1107 -130.49 -43.19 19.84
C MET A 1107 -131.24 -44.39 20.41
N LEU A 1108 -131.53 -45.36 19.55
CA LEU A 1108 -132.30 -46.52 19.95
C LEU A 1108 -131.60 -47.35 21.02
N ASP A 1109 -130.50 -47.99 20.67
CA ASP A 1109 -129.86 -48.93 21.56
C ASP A 1109 -129.25 -48.17 22.72
N ALA A 1110 -129.82 -48.34 23.92
CA ALA A 1110 -129.36 -47.59 25.08
C ALA A 1110 -127.86 -47.72 25.27
N ASP A 1111 -127.34 -48.94 25.15
CA ASP A 1111 -125.91 -49.16 25.37
C ASP A 1111 -125.05 -48.33 24.43
N ALA A 1112 -125.53 -48.04 23.22
CA ALA A 1112 -124.79 -47.17 22.32
C ALA A 1112 -124.67 -45.76 22.91
N ASP A 1113 -125.79 -45.22 23.40
CA ASP A 1113 -125.76 -43.92 24.05
C ASP A 1113 -124.84 -43.92 25.27
N ASP A 1114 -124.91 -45.00 26.06
CA ASP A 1114 -124.03 -45.11 27.22
C ASP A 1114 -122.57 -45.09 26.79
N TYR A 1115 -122.25 -45.81 25.72
CA TYR A 1115 -120.87 -45.83 25.23
C TYR A 1115 -120.43 -44.44 24.79
N LEU A 1116 -121.29 -43.74 24.05
CA LEU A 1116 -120.97 -42.38 23.63
C LEU A 1116 -120.66 -41.50 24.83
N ARG A 1117 -121.59 -41.43 25.78
CA ARG A 1117 -121.37 -40.55 26.92
C ARG A 1117 -120.16 -40.98 27.73
N ARG A 1118 -119.86 -42.27 27.79
CA ARG A 1118 -118.72 -42.71 28.57
C ARG A 1118 -117.41 -42.38 27.89
N THR A 1119 -117.36 -42.40 26.55
CA THR A 1119 -116.08 -42.12 25.91
C THR A 1119 -115.85 -40.62 25.77
N VAL A 1120 -116.91 -39.83 25.56
CA VAL A 1120 -116.70 -38.40 25.34
C VAL A 1120 -116.37 -37.69 26.65
N ASN A 1121 -117.19 -37.90 27.67
CA ASN A 1121 -116.97 -37.23 28.95
C ASN A 1121 -115.81 -37.82 29.73
N ALA A 1122 -115.15 -38.85 29.21
CA ALA A 1122 -114.00 -39.42 29.91
C ALA A 1122 -112.83 -38.45 29.86
N GLY A 1123 -112.36 -38.05 31.05
CA GLY A 1123 -111.21 -37.16 31.14
C GLY A 1123 -111.38 -35.89 30.34
N ASN A 1124 -112.48 -35.19 30.58
CA ASN A 1124 -112.82 -34.00 29.83
C ASN A 1124 -113.46 -32.98 30.75
N ARG A 1125 -112.96 -31.74 30.70
CA ARG A 1125 -113.65 -30.66 31.39
C ARG A 1125 -115.06 -30.51 30.82
N LEU A 1126 -115.87 -29.70 31.51
CA LEU A 1126 -117.24 -29.42 31.11
C LEU A 1126 -118.12 -30.67 31.12
N ALA A 1127 -117.62 -31.79 31.63
CA ALA A 1127 -118.42 -33.00 31.73
C ALA A 1127 -119.53 -32.76 32.75
N PRO A 1128 -120.79 -32.87 32.37
CA PRO A 1128 -121.87 -32.55 33.31
C PRO A 1128 -121.96 -33.55 34.45
N VAL A 1129 -121.55 -33.13 35.64
CA VAL A 1129 -121.82 -33.93 36.84
C VAL A 1129 -123.33 -34.01 37.01
N PRO A 1130 -123.92 -35.21 37.15
CA PRO A 1130 -125.38 -35.31 37.13
C PRO A 1130 -126.00 -34.68 38.38
N VAL A 1131 -126.83 -33.67 38.15
CA VAL A 1131 -127.77 -33.17 39.14
C VAL A 1131 -129.13 -33.12 38.46
N PHE A 1132 -130.18 -33.30 39.25
CA PHE A 1132 -131.54 -33.34 38.71
C PHE A 1132 -131.89 -31.98 38.11
N GLY A 1133 -132.05 -31.95 36.79
CA GLY A 1133 -132.58 -30.81 36.04
C GLY A 1133 -131.70 -29.57 36.09
N GLN A 1134 -130.40 -29.73 36.36
CA GLN A 1134 -129.48 -28.59 36.27
C GLN A 1134 -128.35 -28.82 35.28
N MET A 1135 -127.66 -29.97 35.38
CA MET A 1135 -126.57 -30.33 34.46
C MET A 1135 -125.47 -29.27 34.47
N LEU A 1136 -124.82 -29.16 35.62
CA LEU A 1136 -123.74 -28.19 35.82
C LEU A 1136 -122.43 -28.92 36.09
N PRO A 1137 -121.40 -28.73 35.28
CA PRO A 1137 -120.12 -29.40 35.53
C PRO A 1137 -119.42 -28.85 36.77
N GLN A 1138 -118.55 -29.68 37.33
CA GLN A 1138 -117.96 -29.42 38.63
C GLN A 1138 -117.05 -28.19 38.60
N VAL A 1139 -116.78 -27.66 39.78
CA VAL A 1139 -115.94 -26.47 39.95
C VAL A 1139 -114.48 -26.89 39.88
N PRO A 1140 -113.60 -26.11 39.26
CA PRO A 1140 -112.18 -26.45 39.24
C PRO A 1140 -111.43 -25.85 40.41
N ALA A 1141 -110.37 -26.54 40.80
CA ALA A 1141 -109.53 -26.11 41.92
C ALA A 1141 -108.45 -25.19 41.38
N GLY A 1142 -108.75 -23.90 41.36
CA GLY A 1142 -107.74 -22.91 41.00
C GLY A 1142 -107.72 -22.60 39.52
N LEU A 1143 -107.33 -21.37 39.21
CA LEU A 1143 -107.22 -20.90 37.84
C LEU A 1143 -105.85 -20.28 37.63
N ALA A 1144 -105.31 -20.47 36.42
CA ALA A 1144 -104.03 -19.85 36.09
C ALA A 1144 -104.22 -18.42 35.63
N ARG A 1145 -105.29 -18.15 34.90
CA ARG A 1145 -105.55 -16.83 34.35
C ARG A 1145 -107.07 -16.62 34.33
N GLY A 1146 -107.52 -15.64 33.55
CA GLY A 1146 -108.93 -15.30 33.49
C GLY A 1146 -109.84 -16.45 33.14
N GLN A 1147 -111.14 -16.25 33.26
CA GLN A 1147 -112.10 -17.33 32.99
C GLN A 1147 -111.90 -17.86 31.58
N GLN A 1148 -111.86 -19.18 31.45
CA GLN A 1148 -111.60 -19.78 30.15
C GLN A 1148 -112.79 -19.60 29.23
N SER A 1149 -112.51 -19.27 27.98
CA SER A 1149 -113.57 -19.07 26.99
C SER A 1149 -114.07 -20.43 26.51
N VAL A 1150 -114.92 -20.42 25.49
CA VAL A 1150 -115.49 -21.63 24.92
C VAL A 1150 -115.36 -21.56 23.41
N CYS A 1151 -115.02 -22.68 22.78
CA CYS A 1151 -114.87 -22.76 21.34
C CYS A 1151 -115.91 -23.72 20.78
N GLU A 1152 -116.54 -23.34 19.68
CA GLU A 1152 -117.47 -24.21 18.98
C GLU A 1152 -116.81 -24.80 17.74
N PHE A 1153 -117.60 -25.47 16.92
CA PHE A 1153 -117.10 -26.07 15.70
C PHE A 1153 -118.23 -26.09 14.67
N ILE A 1154 -117.98 -25.51 13.50
CA ILE A 1154 -118.96 -25.43 12.43
C ILE A 1154 -118.48 -26.32 11.29
N ALA A 1155 -119.36 -27.18 10.79
CA ALA A 1155 -119.02 -28.00 9.65
C ALA A 1155 -118.83 -27.14 8.41
N THR A 1156 -117.91 -27.55 7.53
CA THR A 1156 -117.58 -26.79 6.34
C THR A 1156 -116.75 -27.66 5.41
N PRO A 1157 -117.04 -27.69 4.11
CA PRO A 1157 -116.29 -28.56 3.20
C PRO A 1157 -114.81 -28.22 3.18
N VAL A 1158 -114.04 -29.12 2.57
CA VAL A 1158 -112.60 -28.88 2.48
C VAL A 1158 -112.29 -27.90 1.35
N SER A 1159 -113.14 -27.84 0.33
CA SER A 1159 -112.86 -27.02 -0.84
C SER A 1159 -113.09 -25.54 -0.62
N VAL A 1160 -113.45 -25.12 0.60
CA VAL A 1160 -113.72 -23.72 0.85
C VAL A 1160 -112.45 -22.91 0.64
N ASP A 1161 -112.59 -21.72 0.06
CA ASP A 1161 -111.44 -20.92 -0.31
C ASP A 1161 -110.71 -20.46 0.95
N LEU A 1162 -109.43 -20.82 1.06
CA LEU A 1162 -108.65 -20.37 2.21
C LEU A 1162 -108.54 -18.85 2.23
N ALA A 1163 -108.55 -18.22 1.06
CA ALA A 1163 -108.46 -16.76 1.01
C ALA A 1163 -109.68 -16.08 1.61
N TYR A 1164 -110.76 -16.81 1.84
CA TYR A 1164 -111.93 -16.21 2.46
C TYR A 1164 -111.66 -15.85 3.91
N PHE A 1165 -110.76 -16.55 4.57
CA PHE A 1165 -110.50 -16.34 5.99
C PHE A 1165 -109.35 -15.39 6.26
N ARG A 1166 -108.59 -15.00 5.24
CA ARG A 1166 -107.50 -14.05 5.46
C ARG A 1166 -108.05 -12.72 5.97
N ARG A 1167 -108.86 -12.05 5.16
CA ARG A 1167 -109.49 -10.82 5.57
C ARG A 1167 -110.53 -11.11 6.64
N ALA A 1168 -111.15 -10.06 7.16
CA ALA A 1168 -112.23 -10.22 8.11
C ALA A 1168 -113.41 -10.90 7.43
N CYS A 1169 -113.94 -11.94 8.06
CA CYS A 1169 -114.96 -12.78 7.46
C CYS A 1169 -116.07 -13.05 8.45
N ASN A 1170 -117.15 -13.64 7.93
CA ASN A 1170 -118.27 -14.08 8.75
C ASN A 1170 -118.31 -15.60 8.80
N PRO A 1171 -118.55 -16.20 9.97
CA PRO A 1171 -118.47 -17.66 10.06
C PRO A 1171 -119.62 -18.37 9.36
N ARG A 1172 -120.78 -17.75 9.27
CA ARG A 1172 -121.94 -18.44 8.69
C ARG A 1172 -121.74 -18.70 7.21
N GLY A 1173 -120.97 -17.87 6.52
CA GLY A 1173 -120.75 -18.04 5.10
C GLY A 1173 -121.45 -16.97 4.29
N ARG A 1174 -122.68 -16.64 4.67
CA ARG A 1174 -123.41 -15.52 4.12
C ARG A 1174 -123.20 -14.34 5.05
N ALA A 1175 -122.67 -13.25 4.52
CA ALA A 1175 -122.28 -12.10 5.34
C ALA A 1175 -123.43 -11.13 5.54
N ALA A 1176 -124.67 -11.61 5.50
CA ALA A 1176 -125.83 -10.73 5.48
C ALA A 1176 -125.85 -9.76 6.66
N GLY A 1177 -126.02 -10.27 7.88
CA GLY A 1177 -126.10 -9.34 8.97
C GLY A 1177 -127.29 -8.40 8.81
N GLU A 1178 -127.11 -7.16 9.28
CA GLU A 1178 -128.20 -6.20 9.21
C GLU A 1178 -127.82 -4.86 8.59
N VAL A 1179 -126.62 -4.36 8.86
CA VAL A 1179 -126.30 -2.98 8.50
C VAL A 1179 -126.26 -2.81 6.99
N HIS A 1180 -125.80 -3.81 6.27
CA HIS A 1180 -125.70 -3.78 4.82
C HIS A 1180 -126.64 -4.87 4.30
N GLY A 1181 -127.89 -4.51 4.12
CA GLY A 1181 -128.87 -5.45 3.63
C GLY A 1181 -130.26 -5.24 4.19
N GLU A 1182 -131.25 -5.26 3.30
CA GLU A 1182 -132.65 -5.21 3.72
C GLU A 1182 -133.02 -6.54 4.37
N GLU A 1183 -134.29 -6.67 4.73
CA GLU A 1183 -134.77 -7.91 5.31
C GLU A 1183 -134.93 -8.97 4.23
N GLY A 1184 -134.82 -10.23 4.66
CA GLY A 1184 -134.95 -11.36 3.76
C GLY A 1184 -133.67 -11.76 3.06
N LEU A 1185 -132.67 -10.88 3.05
CA LEU A 1185 -131.39 -11.22 2.43
C LEU A 1185 -130.70 -12.34 3.17
N MET A 1186 -130.95 -12.49 4.46
CA MET A 1186 -130.21 -13.46 5.27
C MET A 1186 -130.43 -14.87 4.77
N PHE A 1187 -131.68 -15.29 4.67
CA PHE A 1187 -131.99 -16.69 4.43
C PHE A 1187 -132.28 -17.03 2.98
N ASP A 1188 -132.52 -16.04 2.13
CA ASP A 1188 -132.81 -16.35 0.74
C ASP A 1188 -131.54 -16.68 -0.02
N HIS A 1189 -131.71 -17.35 -1.16
CA HIS A 1189 -130.56 -17.76 -1.96
C HIS A 1189 -130.81 -17.55 -3.44
N SER A 1190 -131.64 -16.58 -3.79
CA SER A 1190 -131.73 -16.13 -5.18
C SER A 1190 -130.85 -14.92 -5.45
N HIS A 1191 -130.50 -14.17 -4.42
CA HIS A 1191 -129.60 -13.03 -4.55
C HIS A 1191 -128.18 -13.45 -4.18
N ALA A 1192 -127.21 -12.80 -4.80
CA ALA A 1192 -125.82 -13.08 -4.49
C ALA A 1192 -125.48 -12.55 -3.10
N ASP A 1193 -124.51 -13.18 -2.47
CA ASP A 1193 -124.00 -12.69 -1.20
C ASP A 1193 -123.42 -11.30 -1.39
N PRO A 1194 -123.76 -10.34 -0.54
CA PRO A 1194 -123.20 -8.98 -0.72
C PRO A 1194 -121.68 -8.95 -0.63
N ALA A 1195 -121.10 -9.60 0.39
CA ALA A 1195 -119.66 -9.50 0.62
C ALA A 1195 -118.87 -10.04 -0.56
N HIS A 1196 -119.35 -11.10 -1.19
CA HIS A 1196 -118.69 -11.71 -2.34
C HIS A 1196 -119.70 -11.85 -3.47
N PRO A 1197 -119.69 -10.96 -4.44
CA PRO A 1197 -120.74 -10.97 -5.46
C PRO A 1197 -120.77 -12.23 -6.30
N HIS A 1198 -119.63 -12.88 -6.52
CA HIS A 1198 -119.60 -14.08 -7.33
C HIS A 1198 -120.44 -15.19 -6.75
N ARG A 1199 -120.00 -15.70 -5.60
CA ARG A 1199 -120.64 -16.85 -5.01
C ARG A 1199 -122.00 -16.47 -4.45
N ALA A 1200 -122.86 -17.46 -4.31
CA ALA A 1200 -124.08 -17.26 -3.54
C ALA A 1200 -123.79 -17.33 -2.06
N THR A 1201 -123.06 -18.36 -1.64
CA THR A 1201 -122.57 -18.47 -0.28
C THR A 1201 -121.15 -19.00 -0.34
N ALA A 1202 -120.65 -19.45 0.81
CA ALA A 1202 -119.36 -20.12 0.87
C ALA A 1202 -119.41 -21.39 1.69
N ASN A 1203 -120.56 -21.74 2.26
CA ASN A 1203 -120.67 -22.92 3.11
C ASN A 1203 -122.12 -23.36 3.18
N PRO A 1204 -122.61 -24.09 2.19
CA PRO A 1204 -124.02 -24.48 2.20
C PRO A 1204 -124.41 -25.29 3.41
N TRP A 1205 -123.49 -25.97 4.04
CA TRP A 1205 -123.93 -26.69 5.23
C TRP A 1205 -124.15 -25.80 6.39
N ALA A 1206 -124.14 -24.48 6.24
CA ALA A 1206 -124.35 -23.60 7.38
C ALA A 1206 -125.19 -22.37 7.08
N SER A 1207 -125.73 -22.21 5.86
CA SER A 1207 -126.36 -20.96 5.50
C SER A 1207 -127.85 -21.08 5.24
N GLN A 1208 -128.29 -22.06 4.45
CA GLN A 1208 -129.70 -22.17 4.13
C GLN A 1208 -130.53 -22.36 5.39
N ARG A 1209 -131.81 -21.99 5.29
CA ARG A 1209 -132.71 -22.19 6.40
C ARG A 1209 -132.83 -23.67 6.72
N HIS A 1210 -132.81 -23.99 8.02
CA HIS A 1210 -132.87 -25.37 8.49
C HIS A 1210 -131.65 -26.17 8.06
N SER A 1211 -130.52 -25.51 7.87
CA SER A 1211 -129.29 -26.23 7.62
C SER A 1211 -128.78 -26.87 8.91
N TYR A 1212 -127.76 -27.71 8.76
CA TYR A 1212 -127.23 -28.44 9.92
C TYR A 1212 -126.75 -27.48 10.98
N ALA A 1213 -125.78 -26.64 10.63
CA ALA A 1213 -125.27 -25.66 11.59
C ALA A 1213 -126.38 -24.78 12.12
N ASP A 1214 -127.41 -24.51 11.30
CA ASP A 1214 -128.51 -23.68 11.75
C ASP A 1214 -129.26 -24.34 12.90
N ARG A 1215 -129.70 -25.58 12.70
CA ARG A 1215 -130.45 -26.29 13.73
C ARG A 1215 -129.66 -26.43 15.03
N LEU A 1216 -128.34 -26.27 14.98
CA LEU A 1216 -127.50 -26.48 16.14
C LEU A 1216 -127.11 -25.19 16.85
N TYR A 1217 -127.00 -24.08 16.11
CA TYR A 1217 -126.51 -22.85 16.70
C TYR A 1217 -127.47 -21.70 16.48
N ASN A 1218 -128.75 -21.92 16.71
CA ASN A 1218 -129.75 -20.88 16.55
C ASN A 1218 -130.51 -20.71 17.85
N GLY A 1219 -131.33 -19.67 17.91
CA GLY A 1219 -132.09 -19.41 19.11
C GLY A 1219 -133.53 -19.85 19.01
N GLN A 1220 -134.16 -19.61 17.87
CA GLN A 1220 -135.58 -19.88 17.71
C GLN A 1220 -135.90 -21.37 17.70
N TYR A 1221 -134.91 -22.21 17.97
CA TYR A 1221 -135.10 -23.65 17.87
C TYR A 1221 -134.80 -24.41 19.15
N ASN A 1222 -134.51 -23.70 20.25
CA ASN A 1222 -134.46 -24.30 21.58
C ASN A 1222 -133.41 -25.42 21.67
N MET A 1223 -132.15 -25.01 21.53
CA MET A 1223 -130.99 -25.81 21.90
C MET A 1223 -130.27 -25.15 23.08
N SER A 1224 -131.05 -24.53 23.96
CA SER A 1224 -130.49 -23.68 25.01
C SER A 1224 -129.77 -24.54 26.05
N GLY A 1225 -128.44 -24.50 26.03
CA GLY A 1225 -127.65 -25.20 27.01
C GLY A 1225 -127.15 -24.24 28.09
N PRO A 1226 -126.53 -24.78 29.13
CA PRO A 1226 -126.07 -23.93 30.22
C PRO A 1226 -124.84 -23.12 29.87
N ALA A 1227 -123.97 -23.65 29.01
CA ALA A 1227 -122.74 -22.96 28.66
C ALA A 1227 -122.98 -21.91 27.59
N TYR A 1228 -122.15 -20.89 27.61
CA TYR A 1228 -122.26 -19.82 26.62
C TYR A 1228 -121.89 -20.35 25.23
N SER A 1229 -122.39 -19.66 24.21
CA SER A 1229 -122.16 -20.05 22.82
C SER A 1229 -121.74 -18.82 22.04
N PRO A 1230 -120.44 -18.60 21.89
CA PRO A 1230 -119.95 -17.46 21.12
C PRO A 1230 -120.61 -17.25 19.78
N CYS A 1231 -120.92 -18.31 19.06
CA CYS A 1231 -121.46 -18.17 17.72
C CYS A 1231 -122.96 -17.92 17.69
N PHE A 1232 -123.54 -17.46 18.80
CA PHE A 1232 -124.98 -17.25 18.86
C PHE A 1232 -125.40 -15.97 18.16
N LYS A 1233 -124.63 -14.91 18.28
CA LYS A 1233 -125.00 -13.63 17.69
C LYS A 1233 -124.85 -13.61 16.18
N PHE A 1234 -124.35 -14.69 15.57
CA PHE A 1234 -124.16 -14.72 14.13
C PHE A 1234 -125.31 -15.39 13.39
N PHE A 1235 -126.07 -16.26 14.06
CA PHE A 1235 -127.11 -17.01 13.38
C PHE A 1235 -128.51 -16.54 13.69
N THR A 1236 -128.77 -16.01 14.88
CA THR A 1236 -130.11 -15.60 15.24
C THR A 1236 -130.46 -14.29 14.53
N PRO A 1237 -131.49 -14.27 13.69
CA PRO A 1237 -131.95 -13.02 13.08
C PRO A 1237 -133.05 -12.34 13.87
N ALA A 1238 -133.49 -12.92 14.99
CA ALA A 1238 -134.68 -12.44 15.69
C ALA A 1238 -134.60 -10.97 16.05
N GLU A 1239 -133.40 -10.38 16.02
CA GLU A 1239 -133.32 -8.93 16.18
C GLU A 1239 -133.94 -8.21 14.99
N ALA A 1240 -134.08 -8.88 13.84
CA ALA A 1240 -134.63 -8.23 12.66
C ALA A 1240 -136.11 -7.91 12.82
N VAL A 1241 -136.83 -8.65 13.68
CA VAL A 1241 -138.25 -8.38 13.86
C VAL A 1241 -138.46 -7.01 14.51
N ALA A 1242 -137.52 -6.56 15.33
CA ALA A 1242 -137.57 -5.23 15.94
C ALA A 1242 -136.64 -4.33 15.14
N LYS A 1243 -137.16 -3.83 14.01
CA LYS A 1243 -136.35 -3.02 13.11
C LYS A 1243 -135.96 -1.71 13.76
N SER A 1244 -134.70 -1.31 13.54
CA SER A 1244 -134.20 -0.02 14.00
C SER A 1244 -134.27 0.98 12.85
N ARG A 1245 -134.87 2.15 13.10
CA ARG A 1245 -135.22 3.09 12.06
C ARG A 1245 -134.13 4.14 11.82
N GLY A 1246 -132.86 3.78 12.03
CA GLY A 1246 -131.77 4.70 11.80
C GLY A 1246 -130.44 4.15 12.28
N LEU A 1247 -129.39 4.37 11.48
CA LEU A 1247 -128.07 3.89 11.86
C LEU A 1247 -127.62 4.45 13.19
N ALA A 1248 -128.10 5.66 13.53
CA ALA A 1248 -127.76 6.23 14.83
C ALA A 1248 -128.24 5.36 15.97
N ARG A 1249 -129.37 4.67 15.79
CA ARG A 1249 -129.83 3.76 16.84
C ARG A 1249 -128.83 2.63 17.06
N LEU A 1250 -128.32 2.05 15.96
CA LEU A 1250 -127.28 1.04 16.08
C LEU A 1250 -126.06 1.61 16.79
N ILE A 1251 -125.63 2.80 16.39
CA ILE A 1251 -124.42 3.40 16.96
C ILE A 1251 -124.59 3.65 18.45
N ALA A 1252 -125.80 4.01 18.87
CA ALA A 1252 -126.04 4.26 20.29
C ALA A 1252 -126.20 2.96 21.07
N ASP A 1253 -126.67 1.90 20.42
CA ASP A 1253 -126.84 0.62 21.11
C ASP A 1253 -125.50 -0.03 21.39
N THR A 1254 -124.65 -0.14 20.37
CA THR A 1254 -123.32 -0.70 20.57
C THR A 1254 -122.55 0.12 21.60
N GLY A 1255 -121.76 -0.56 22.42
CA GLY A 1255 -121.04 0.09 23.49
C GLY A 1255 -121.80 0.18 24.79
N ALA A 1256 -123.07 -0.23 24.82
CA ALA A 1256 -123.84 -0.20 26.05
C ALA A 1256 -124.74 -1.43 26.21
N ALA A 1257 -124.44 -2.52 25.51
CA ALA A 1257 -125.24 -3.73 25.65
C ALA A 1257 -124.98 -4.39 27.00
N ALA A 1258 -125.83 -5.35 27.34
CA ALA A 1258 -125.67 -6.10 28.57
C ALA A 1258 -124.73 -7.28 28.33
N SER A 1259 -123.98 -7.62 29.37
CA SER A 1259 -123.02 -8.71 29.25
C SER A 1259 -123.74 -10.05 29.28
N PRO A 1260 -123.49 -10.93 28.32
CA PRO A 1260 -124.16 -12.24 28.33
C PRO A 1260 -123.46 -13.25 29.24
N THR A 1261 -122.16 -13.10 29.43
CA THR A 1261 -121.40 -14.03 30.24
C THR A 1261 -121.27 -13.54 31.67
N SER A 1262 -121.21 -14.48 32.60
CA SER A 1262 -121.08 -14.16 34.02
C SER A 1262 -119.61 -13.92 34.36
N ASN A 1263 -119.30 -13.85 35.64
CA ASN A 1263 -117.93 -13.74 36.12
C ASN A 1263 -117.47 -15.02 36.83
N GLY A 1264 -117.90 -16.17 36.32
CA GLY A 1264 -117.53 -17.43 36.91
C GLY A 1264 -116.16 -17.90 36.43
N GLU A 1265 -115.80 -19.09 36.90
CA GLU A 1265 -114.55 -19.71 36.48
C GLU A 1265 -114.61 -20.15 35.03
N TYR A 1266 -115.78 -20.57 34.57
CA TYR A 1266 -116.01 -20.91 33.18
C TYR A 1266 -116.84 -19.80 32.54
N GLN A 1267 -117.25 -20.02 31.29
CA GLN A 1267 -118.07 -19.05 30.57
C GLN A 1267 -119.50 -19.59 30.53
N PHE A 1268 -120.34 -19.11 31.43
CA PHE A 1268 -121.73 -19.52 31.51
C PHE A 1268 -122.63 -18.33 31.18
N LYS A 1269 -123.83 -18.62 30.67
CA LYS A 1269 -124.76 -17.57 30.31
C LYS A 1269 -125.35 -16.94 31.56
N ARG A 1270 -125.77 -15.68 31.44
CA ARG A 1270 -126.14 -14.85 32.57
C ARG A 1270 -127.60 -14.40 32.45
N PRO A 1271 -128.36 -14.45 33.54
CA PRO A 1271 -129.74 -13.95 33.49
C PRO A 1271 -129.80 -12.44 33.38
N VAL A 1272 -130.55 -11.95 32.40
CA VAL A 1272 -130.48 -10.56 31.96
C VAL A 1272 -130.93 -9.59 33.04
N GLY A 1273 -131.32 -10.12 34.21
CA GLY A 1273 -131.75 -9.28 35.30
C GLY A 1273 -130.65 -8.54 36.03
N ALA A 1274 -129.39 -8.88 35.77
CA ALA A 1274 -128.30 -8.27 36.53
C ALA A 1274 -127.92 -6.90 35.98
N GLY A 1275 -127.44 -6.85 34.74
CA GLY A 1275 -127.01 -5.59 34.16
C GLY A 1275 -125.51 -5.36 34.21
N GLU A 1276 -124.94 -4.96 33.08
CA GLU A 1276 -123.51 -4.75 32.95
C GLU A 1276 -123.24 -4.06 31.61
N LEU A 1277 -122.21 -3.24 31.59
CA LEU A 1277 -121.87 -2.45 30.40
C LEU A 1277 -120.74 -3.14 29.64
N VAL A 1278 -120.83 -3.09 28.31
CA VAL A 1278 -119.87 -3.78 27.46
C VAL A 1278 -119.96 -3.18 26.07
N GLU A 1279 -118.85 -3.21 25.34
CA GLU A 1279 -118.75 -2.63 24.01
C GLU A 1279 -118.20 -3.67 23.05
N ASP A 1280 -118.89 -3.88 21.93
CA ASP A 1280 -118.44 -4.88 20.97
C ASP A 1280 -118.74 -4.45 19.54
N PRO A 1281 -117.71 -4.15 18.74
CA PRO A 1281 -117.94 -3.86 17.33
C PRO A 1281 -118.37 -5.08 16.54
N CYS A 1282 -118.19 -6.28 17.10
CA CYS A 1282 -118.60 -7.50 16.42
C CYS A 1282 -120.11 -7.57 16.26
N ALA A 1283 -120.86 -7.17 17.30
CA ALA A 1283 -122.31 -7.30 17.25
C ALA A 1283 -122.91 -6.40 16.17
N LEU A 1284 -122.29 -5.25 15.91
CA LEU A 1284 -122.86 -4.32 14.94
C LEU A 1284 -122.65 -4.82 13.52
N PHE A 1285 -121.46 -5.33 13.21
CA PHE A 1285 -121.13 -5.71 11.85
C PHE A 1285 -121.37 -7.18 11.57
N GLN A 1286 -121.55 -8.01 12.58
CA GLN A 1286 -121.68 -9.45 12.43
C GLN A 1286 -120.49 -10.00 11.64
N GLU A 1287 -119.31 -9.80 12.23
CA GLU A 1287 -118.04 -10.14 11.61
C GLU A 1287 -117.13 -10.76 12.65
N ALA A 1288 -116.18 -11.56 12.17
CA ALA A 1288 -115.19 -12.15 13.05
C ALA A 1288 -113.79 -11.81 12.53
N TYR A 1289 -112.82 -11.80 13.43
CA TYR A 1289 -111.46 -11.40 13.10
C TYR A 1289 -110.52 -12.57 13.25
N PRO A 1290 -109.82 -12.98 12.20
CA PRO A 1290 -108.90 -14.09 12.32
C PRO A 1290 -107.64 -13.66 13.05
N PRO A 1291 -107.24 -14.39 14.07
CA PRO A 1291 -106.04 -14.01 14.83
C PRO A 1291 -104.79 -14.66 14.27
N LEU A 1292 -103.63 -14.41 14.88
CA LEU A 1292 -102.37 -14.91 14.38
C LEU A 1292 -102.32 -16.42 14.62
N CYS A 1293 -102.94 -17.15 13.71
CA CYS A 1293 -103.02 -18.61 13.77
C CYS A 1293 -102.12 -19.23 12.71
N ALA A 1294 -101.87 -20.52 12.86
CA ALA A 1294 -100.98 -21.22 11.94
C ALA A 1294 -101.28 -22.71 12.01
N SER A 1295 -100.99 -23.40 10.91
CA SER A 1295 -101.26 -24.83 10.78
C SER A 1295 -100.03 -25.69 11.03
N ASP A 1296 -99.00 -25.13 11.67
CA ASP A 1296 -97.80 -25.88 12.01
C ASP A 1296 -97.06 -25.14 13.10
N SER A 1297 -96.50 -25.89 14.04
CA SER A 1297 -95.66 -25.26 15.07
C SER A 1297 -94.45 -24.59 14.45
N ALA A 1298 -94.01 -25.05 13.27
CA ALA A 1298 -92.80 -24.52 12.67
C ALA A 1298 -93.01 -23.15 12.04
N LEU A 1299 -94.24 -22.78 11.74
CA LEU A 1299 -94.51 -21.49 11.12
C LEU A 1299 -94.62 -20.36 12.12
N LEU A 1300 -94.45 -20.63 13.41
CA LEU A 1300 -94.52 -19.62 14.45
C LEU A 1300 -93.16 -19.53 15.13
N ARG A 1301 -92.28 -18.73 14.56
CA ARG A 1301 -90.95 -18.51 15.10
C ARG A 1301 -90.59 -17.05 14.91
N THR A 1302 -89.35 -16.69 15.27
CA THR A 1302 -88.91 -15.32 15.05
C THR A 1302 -88.87 -14.96 13.57
N PRO A 1303 -88.30 -15.76 12.66
CA PRO A 1303 -88.30 -15.33 11.25
C PRO A 1303 -89.53 -15.83 10.52
N LEU A 1304 -90.66 -15.19 10.79
CA LEU A 1304 -91.93 -15.60 10.19
C LEU A 1304 -91.81 -15.72 8.68
N GLY A 1305 -91.45 -14.63 8.02
CA GLY A 1305 -91.16 -14.63 6.60
C GLY A 1305 -92.26 -15.19 5.72
N ALA A 1306 -92.01 -16.34 5.10
CA ALA A 1306 -92.97 -16.92 4.20
C ALA A 1306 -94.21 -17.37 4.96
N GLU A 1307 -95.37 -17.27 4.28
CA GLU A 1307 -96.64 -17.58 4.90
C GLU A 1307 -97.26 -18.88 4.40
N GLU A 1308 -96.83 -19.38 3.25
CA GLU A 1308 -97.36 -20.62 2.70
C GLU A 1308 -96.20 -21.47 2.23
N HIS A 1309 -95.93 -22.58 2.91
CA HIS A 1309 -94.79 -23.43 2.57
C HIS A 1309 -95.17 -24.55 1.62
N PHE A 1310 -96.20 -25.30 1.95
CA PHE A 1310 -96.73 -26.39 1.15
C PHE A 1310 -98.20 -26.44 1.47
N ALA A 1311 -98.84 -27.61 1.35
CA ALA A 1311 -100.26 -27.73 1.66
C ALA A 1311 -100.68 -26.98 2.92
N GLN A 1312 -99.77 -26.75 3.86
CA GLN A 1312 -100.10 -26.01 5.07
C GLN A 1312 -100.15 -24.50 4.78
N TYR A 1313 -100.33 -23.72 5.84
CA TYR A 1313 -100.59 -22.29 5.67
C TYR A 1313 -100.49 -21.58 7.00
N LEU A 1314 -100.21 -20.28 6.94
CA LEU A 1314 -100.22 -19.37 8.07
C LEU A 1314 -101.14 -18.20 7.75
N ILE A 1315 -101.72 -17.61 8.80
CA ILE A 1315 -102.63 -16.49 8.63
C ILE A 1315 -102.13 -15.32 9.45
N ARG A 1316 -101.78 -14.23 8.78
CA ARG A 1316 -101.38 -13.02 9.49
C ARG A 1316 -102.55 -12.48 10.31
N ASP A 1317 -102.21 -11.91 11.46
CA ASP A 1317 -103.23 -11.34 12.34
C ASP A 1317 -103.86 -10.11 11.68
N GLU A 1318 -105.19 -10.10 11.66
CA GLU A 1318 -105.96 -8.92 11.25
C GLU A 1318 -107.11 -8.77 12.24
N SER A 1319 -107.00 -7.80 13.14
CA SER A 1319 -107.94 -7.62 14.22
C SER A 1319 -107.67 -6.28 14.88
N PRO A 1320 -108.57 -5.77 15.72
CA PRO A 1320 -108.29 -4.52 16.44
C PRO A 1320 -107.14 -4.62 17.43
N LEU A 1321 -106.43 -5.75 17.48
CA LEU A 1321 -105.40 -5.94 18.48
C LEU A 1321 -104.06 -6.30 17.86
N LYS A 1322 -103.62 -5.56 16.85
CA LYS A 1322 -102.30 -5.87 16.29
C LYS A 1322 -101.17 -5.47 17.17
N GLY A 1323 -101.40 -5.08 18.42
CA GLY A 1323 -100.34 -4.76 19.34
C GLY A 1323 -100.61 -5.30 20.73
N MET B 1 -19.55 47.81 -44.85
CA MET B 1 -20.27 47.84 -46.11
C MET B 1 -21.71 47.40 -45.92
N GLU B 2 -22.63 48.09 -46.59
CA GLU B 2 -24.06 47.77 -46.50
C GLU B 2 -24.68 48.01 -47.86
N VAL B 3 -25.13 46.93 -48.51
CA VAL B 3 -25.64 47.04 -49.86
C VAL B 3 -26.95 47.80 -49.84
N ASP B 4 -27.14 48.66 -50.83
CA ASP B 4 -28.34 49.48 -50.96
C ASP B 4 -29.13 48.96 -52.15
N ILE B 5 -30.11 48.09 -51.88
CA ILE B 5 -31.00 47.60 -52.92
C ILE B 5 -32.08 48.65 -53.14
N ALA B 6 -32.12 49.24 -54.33
CA ALA B 6 -33.14 50.21 -54.64
C ALA B 6 -34.37 49.53 -55.22
N LEU B 7 -35.55 50.10 -54.94
CA LEU B 7 -36.80 49.52 -55.38
C LEU B 7 -37.48 50.39 -56.41
N PRO B 8 -38.06 49.82 -57.46
CA PRO B 8 -38.93 50.60 -58.33
C PRO B 8 -40.22 50.96 -57.62
N THR B 9 -41.18 51.55 -58.32
CA THR B 9 -42.47 51.82 -57.69
C THR B 9 -43.26 50.53 -57.53
N LEU B 10 -44.04 50.45 -56.46
CA LEU B 10 -44.82 49.27 -56.14
C LEU B 10 -46.27 49.65 -55.90
N SER B 11 -47.17 48.71 -56.15
CA SER B 11 -48.54 48.86 -55.72
C SER B 11 -48.61 48.78 -54.19
N PRO B 12 -49.46 49.59 -53.56
CA PRO B 12 -49.48 49.61 -52.09
C PRO B 12 -49.81 48.27 -51.46
N GLY B 13 -50.19 47.27 -52.24
CA GLY B 13 -50.54 45.98 -51.69
C GLY B 13 -49.36 45.11 -51.34
N ASP B 14 -48.46 44.88 -52.31
CA ASP B 14 -47.35 43.96 -52.11
C ASP B 14 -46.21 44.59 -51.32
N LEU B 15 -46.12 45.92 -51.26
CA LEU B 15 -45.10 46.55 -50.44
C LEU B 15 -45.28 46.15 -48.98
N SER B 16 -46.54 46.09 -48.51
CA SER B 16 -46.79 45.72 -47.12
C SER B 16 -46.37 44.29 -46.85
N ALA B 17 -46.53 43.39 -47.82
CA ALA B 17 -46.09 42.01 -47.62
C ALA B 17 -44.57 41.91 -47.66
N LEU B 18 -43.94 42.62 -48.59
CA LEU B 18 -42.48 42.68 -48.62
C LEU B 18 -41.92 43.20 -47.31
N GLN B 19 -42.63 44.13 -46.67
CA GLN B 19 -42.20 44.64 -45.38
C GLN B 19 -42.04 43.56 -44.34
N ARG B 20 -42.77 42.44 -44.47
CA ARG B 20 -42.66 41.35 -43.52
C ARG B 20 -41.49 40.43 -43.81
N CYS B 21 -40.72 40.69 -44.85
CA CYS B 21 -39.52 39.91 -45.16
C CYS B 21 -38.27 40.57 -44.57
N GLU B 22 -38.26 40.75 -43.26
CA GLU B 22 -37.19 41.51 -42.64
C GLU B 22 -35.96 40.67 -42.32
N GLY B 23 -36.03 39.36 -42.48
CA GLY B 23 -34.92 38.52 -42.06
C GLY B 23 -34.52 37.48 -43.07
N ARG B 24 -35.14 37.48 -44.24
CA ARG B 24 -34.78 36.49 -45.24
C ARG B 24 -33.56 36.95 -46.03
N VAL B 25 -32.90 35.99 -46.66
CA VAL B 25 -31.61 36.22 -47.29
C VAL B 25 -31.76 36.20 -48.80
N VAL B 26 -30.93 36.97 -49.49
CA VAL B 26 -30.93 37.05 -50.94
C VAL B 26 -29.57 36.64 -51.47
N PHE B 27 -29.42 36.66 -52.80
CA PHE B 27 -28.18 36.23 -53.43
C PHE B 27 -27.83 37.22 -54.53
N LEU B 28 -26.95 38.18 -54.22
CA LEU B 28 -26.45 39.08 -55.23
C LEU B 28 -25.47 38.37 -56.15
N GLU B 29 -24.96 39.09 -57.12
CA GLU B 29 -23.92 38.59 -58.01
C GLU B 29 -22.64 39.41 -57.92
N THR B 30 -22.75 40.73 -57.96
CA THR B 30 -21.64 41.63 -57.75
C THR B 30 -21.89 42.43 -56.47
N LEU B 31 -20.81 42.79 -55.78
CA LEU B 31 -20.88 43.38 -54.45
C LEU B 31 -20.69 44.89 -54.48
N ARG B 32 -21.23 45.56 -55.50
CA ARG B 32 -21.23 47.01 -55.49
C ARG B 32 -22.11 47.53 -54.35
N ARG B 33 -21.90 48.80 -54.00
CA ARG B 33 -22.70 49.39 -52.93
C ARG B 33 -24.15 49.57 -53.35
N HIS B 34 -24.38 49.92 -54.61
CA HIS B 34 -25.72 50.16 -55.11
C HIS B 34 -26.20 48.98 -55.94
N ALA B 35 -27.51 48.74 -55.91
CA ALA B 35 -28.09 47.63 -56.66
C ALA B 35 -29.60 47.83 -56.76
N THR B 36 -30.19 47.15 -57.73
CA THR B 36 -31.61 47.28 -58.03
C THR B 36 -32.30 45.92 -57.85
N LEU B 37 -33.56 45.97 -57.46
CA LEU B 37 -34.31 44.75 -57.18
C LEU B 37 -34.28 43.78 -58.35
N ARG B 38 -34.41 44.30 -59.57
CA ARG B 38 -34.45 43.42 -60.73
C ARG B 38 -33.25 42.49 -60.80
N GLU B 39 -32.11 42.90 -60.26
CA GLU B 39 -30.90 42.11 -60.34
C GLU B 39 -31.06 40.79 -59.60
N VAL B 40 -31.27 40.84 -58.28
CA VAL B 40 -31.43 39.61 -57.51
C VAL B 40 -32.85 39.10 -57.73
N ALA B 41 -32.98 38.07 -58.57
CA ALA B 41 -34.29 37.53 -58.88
C ALA B 41 -34.11 36.11 -59.40
N LEU B 42 -34.61 35.17 -58.69
CA LEU B 42 -34.50 33.79 -59.09
C LEU B 42 -35.81 33.31 -59.69
N PRO B 43 -35.75 32.49 -60.74
CA PRO B 43 -36.98 31.97 -61.36
C PRO B 43 -37.77 31.09 -60.41
N CYS B 44 -38.93 30.60 -60.86
CA CYS B 44 -39.78 29.82 -60.00
C CYS B 44 -39.14 28.47 -59.68
N GLY B 45 -39.84 27.67 -58.88
CA GLY B 45 -39.33 26.40 -58.40
C GLY B 45 -38.89 25.44 -59.49
N GLY B 46 -37.92 24.59 -59.19
CA GLY B 46 -37.42 23.61 -60.12
C GLY B 46 -35.91 23.47 -59.98
N ASP B 47 -35.42 22.25 -60.20
CA ASP B 47 -34.00 21.95 -60.20
C ASP B 47 -33.35 22.34 -58.86
N VAL B 48 -33.75 21.60 -57.81
CA VAL B 48 -33.13 21.80 -56.51
C VAL B 48 -31.63 21.56 -56.58
N LEU B 49 -31.20 20.64 -57.44
CA LEU B 49 -29.77 20.36 -57.57
C LEU B 49 -29.05 21.50 -58.27
N ALA B 50 -29.61 22.00 -59.37
CA ALA B 50 -28.99 23.10 -60.09
C ALA B 50 -28.97 24.37 -59.23
N ALA B 51 -30.07 24.63 -58.51
CA ALA B 51 -30.10 25.78 -57.64
C ALA B 51 -29.07 25.67 -56.53
N MET B 52 -29.00 24.51 -55.88
CA MET B 52 -27.97 24.29 -54.87
C MET B 52 -26.58 24.49 -55.44
N ALA B 53 -26.37 24.09 -56.69
CA ALA B 53 -25.09 24.35 -57.35
C ALA B 53 -24.87 25.84 -57.56
N ALA B 54 -25.94 26.61 -57.77
CA ALA B 54 -25.82 28.03 -58.04
C ALA B 54 -25.80 28.88 -56.79
N TYR B 55 -25.65 28.27 -55.61
CA TYR B 55 -25.53 29.01 -54.37
C TYR B 55 -24.09 29.17 -53.91
N ARG B 56 -23.17 28.39 -54.46
CA ARG B 56 -21.77 28.52 -54.11
C ARG B 56 -21.03 29.46 -55.05
N ARG B 57 -21.60 29.76 -56.22
CA ARG B 57 -20.96 30.72 -57.12
C ARG B 57 -21.27 32.16 -56.73
N ARG B 58 -22.45 32.40 -56.19
CA ARG B 58 -22.80 33.71 -55.65
C ARG B 58 -22.69 33.68 -54.14
N PHE B 59 -22.66 34.87 -53.54
CA PHE B 59 -22.58 35.02 -52.10
C PHE B 59 -23.87 35.62 -51.57
N ALA B 60 -24.16 35.36 -50.30
CA ALA B 60 -25.44 35.73 -49.71
C ALA B 60 -25.39 37.14 -49.12
N ALA B 61 -26.58 37.62 -48.75
CA ALA B 61 -26.73 38.91 -48.07
C ALA B 61 -28.11 39.01 -47.43
N VAL B 62 -28.15 39.30 -46.12
CA VAL B 62 -29.42 39.42 -45.42
C VAL B 62 -29.79 40.88 -45.36
N ILE B 63 -31.09 41.13 -45.24
CA ILE B 63 -31.63 42.48 -45.28
C ILE B 63 -32.18 42.83 -43.90
N THR B 64 -32.22 44.13 -43.61
CA THR B 64 -32.57 44.57 -42.26
C THR B 64 -33.68 45.60 -42.22
N ARG B 65 -33.89 46.35 -43.30
CA ARG B 65 -34.88 47.42 -43.28
C ARG B 65 -35.42 47.65 -44.68
N VAL B 66 -36.72 47.89 -44.77
CA VAL B 66 -37.39 48.13 -46.04
C VAL B 66 -38.15 49.45 -45.92
N THR B 67 -37.55 50.52 -46.43
CA THR B 67 -38.28 51.76 -46.57
C THR B 67 -39.18 51.67 -47.78
N PRO B 68 -40.11 52.61 -47.95
CA PRO B 68 -40.94 52.61 -49.17
C PRO B 68 -40.12 52.77 -50.44
N HIS B 69 -38.83 53.11 -50.35
CA HIS B 69 -38.02 53.38 -51.51
C HIS B 69 -36.82 52.45 -51.64
N ARG B 70 -35.99 52.34 -50.62
CA ARG B 70 -34.74 51.59 -50.68
C ARG B 70 -34.85 50.33 -49.83
N MET B 71 -33.75 49.59 -49.76
CA MET B 71 -33.74 48.28 -49.10
C MET B 71 -32.33 48.03 -48.60
N LEU B 72 -32.13 48.16 -47.29
CA LEU B 72 -30.84 47.88 -46.71
C LEU B 72 -30.55 46.38 -46.77
N ALA B 73 -29.27 46.04 -46.67
CA ALA B 73 -28.86 44.64 -46.73
C ALA B 73 -27.58 44.49 -45.94
N THR B 74 -26.98 43.31 -46.01
CA THR B 74 -25.73 43.05 -45.30
C THR B 74 -24.95 41.96 -46.02
N PRO B 75 -23.83 42.30 -46.66
CA PRO B 75 -23.00 41.25 -47.28
C PRO B 75 -22.55 40.25 -46.22
N LEU B 76 -22.99 39.00 -46.36
CA LEU B 76 -22.95 38.08 -45.25
C LEU B 76 -21.54 37.79 -44.75
N GLY B 77 -20.75 37.07 -45.53
CA GLY B 77 -19.36 36.91 -45.12
C GLY B 77 -18.37 37.30 -46.20
N VAL B 78 -17.73 38.45 -46.03
CA VAL B 78 -16.59 38.79 -46.86
C VAL B 78 -15.45 39.25 -45.95
N GLY B 79 -15.81 39.87 -44.83
CA GLY B 79 -14.81 40.34 -43.88
C GLY B 79 -15.26 40.29 -42.44
N GLY B 80 -16.42 39.72 -42.19
CA GLY B 80 -16.98 39.67 -40.85
C GLY B 80 -17.03 38.24 -40.34
N ARG B 81 -16.64 38.06 -39.09
CA ARG B 81 -16.75 36.76 -38.44
C ARG B 81 -17.30 36.88 -37.03
N GLY B 82 -17.76 38.05 -36.62
CA GLY B 82 -18.41 38.23 -35.34
C GLY B 82 -19.55 39.23 -35.45
N GLN B 83 -19.91 39.58 -36.68
CA GLN B 83 -20.94 40.57 -36.94
C GLN B 83 -22.29 39.98 -36.56
N SER B 84 -22.80 40.36 -35.39
CA SER B 84 -24.08 39.85 -34.96
C SER B 84 -25.20 40.42 -35.84
N LEU B 85 -26.21 39.60 -36.09
CA LEU B 85 -27.36 40.03 -36.85
C LEU B 85 -28.51 39.06 -36.57
N VAL B 86 -29.62 39.26 -37.27
CA VAL B 86 -30.83 38.48 -37.06
C VAL B 86 -31.39 38.09 -38.41
N LEU B 87 -31.92 36.87 -38.50
CA LEU B 87 -32.56 36.38 -39.72
C LEU B 87 -33.66 35.42 -39.33
N GLN B 88 -34.78 35.48 -40.04
CA GLN B 88 -35.95 34.71 -39.65
C GLN B 88 -35.86 33.29 -40.18
N ASN B 89 -36.08 32.33 -39.28
CA ASN B 89 -36.04 30.92 -39.63
C ASN B 89 -37.22 30.60 -40.55
N THR B 90 -36.92 30.35 -41.82
CA THR B 90 -37.95 30.08 -42.81
C THR B 90 -37.96 28.62 -43.25
N GLY B 91 -37.43 27.73 -42.42
CA GLY B 91 -37.40 26.33 -42.75
C GLY B 91 -38.50 25.57 -42.02
N PRO B 92 -38.72 24.31 -42.41
CA PRO B 92 -39.76 23.52 -41.75
C PRO B 92 -39.35 22.99 -40.39
N PHE B 93 -38.07 23.01 -40.07
CA PHE B 93 -37.59 22.48 -38.80
C PHE B 93 -37.48 23.59 -37.76
N ASP B 94 -37.07 23.21 -36.56
CA ASP B 94 -36.64 24.14 -35.53
C ASP B 94 -35.12 24.14 -35.47
N LEU B 95 -34.57 25.21 -34.92
CA LEU B 95 -33.13 25.32 -34.72
C LEU B 95 -32.88 25.70 -33.27
N THR B 96 -32.34 24.76 -32.50
CA THR B 96 -32.06 24.97 -31.09
C THR B 96 -30.82 25.87 -31.00
N ASN B 97 -30.29 26.09 -29.81
CA ASN B 97 -29.12 26.92 -29.65
C ASN B 97 -27.88 26.17 -30.10
N GLY B 98 -26.86 26.91 -30.52
CA GLY B 98 -25.54 26.38 -30.74
C GLY B 98 -25.30 25.73 -32.09
N ASP B 99 -26.31 25.10 -32.68
CA ASP B 99 -26.09 24.38 -33.93
C ASP B 99 -25.97 25.35 -35.10
N HIS B 100 -25.08 25.03 -36.02
CA HIS B 100 -24.87 25.87 -37.19
C HIS B 100 -26.05 25.78 -38.14
N VAL B 101 -26.13 26.74 -39.06
CA VAL B 101 -27.22 26.79 -40.04
C VAL B 101 -26.62 26.72 -41.44
N CYS B 102 -27.49 26.37 -42.39
CA CYS B 102 -27.06 26.27 -43.78
C CYS B 102 -28.19 26.68 -44.69
N LEU B 103 -27.82 27.26 -45.83
CA LEU B 103 -28.79 27.67 -46.84
C LEU B 103 -29.11 26.50 -47.74
N VAL B 104 -30.39 26.20 -47.89
CA VAL B 104 -30.83 25.19 -48.85
C VAL B 104 -31.98 25.77 -49.66
N PRO B 105 -32.02 25.53 -50.96
CA PRO B 105 -33.11 26.02 -51.79
C PRO B 105 -34.45 25.47 -51.30
N PRO B 106 -35.56 26.09 -51.70
CA PRO B 106 -36.86 25.70 -51.15
C PRO B 106 -37.31 24.34 -51.66
N LEU B 107 -38.40 23.87 -51.05
CA LEU B 107 -38.95 22.56 -51.31
C LEU B 107 -40.38 22.71 -51.84
N LEU B 108 -40.69 21.95 -52.88
CA LEU B 108 -42.04 21.84 -53.44
C LEU B 108 -42.46 23.08 -54.22
N GLY B 109 -41.66 24.14 -54.14
CA GLY B 109 -42.15 25.41 -54.66
C GLY B 109 -43.26 25.94 -53.77
N ASP B 110 -44.05 26.87 -54.33
CA ASP B 110 -45.22 27.46 -53.66
C ASP B 110 -44.79 28.43 -52.55
N GLU B 111 -43.50 28.52 -52.26
CA GLU B 111 -42.99 29.52 -51.33
C GLU B 111 -42.19 30.52 -52.16
N CYS B 112 -42.89 31.53 -52.67
CA CYS B 112 -42.32 32.52 -53.57
C CYS B 112 -43.08 33.81 -53.40
N LEU B 113 -42.35 34.91 -53.20
CA LEU B 113 -42.95 36.23 -53.08
C LEU B 113 -43.02 36.86 -54.47
N ARG B 114 -44.23 37.13 -54.93
CA ARG B 114 -44.47 37.64 -56.28
C ARG B 114 -44.91 39.10 -56.19
N LEU B 115 -44.22 39.96 -56.92
CA LEU B 115 -44.51 41.37 -56.95
C LEU B 115 -45.16 41.71 -58.29
N THR B 116 -46.36 42.29 -58.23
CA THR B 116 -47.11 42.57 -59.44
C THR B 116 -46.51 43.73 -60.23
N SER B 117 -46.20 44.84 -59.54
CA SER B 117 -45.68 46.02 -60.21
C SER B 117 -44.39 45.68 -60.97
N ALA B 118 -43.41 45.13 -60.27
CA ALA B 118 -42.14 44.80 -60.92
C ALA B 118 -42.24 43.59 -61.85
N ASN B 119 -43.32 42.82 -61.77
CA ASN B 119 -43.52 41.65 -62.62
C ASN B 119 -42.46 40.57 -62.33
N LEU B 120 -41.86 40.62 -61.14
CA LEU B 120 -40.80 39.69 -60.79
C LEU B 120 -41.21 38.88 -59.57
N GLU B 121 -40.40 37.85 -59.28
CA GLU B 121 -40.60 37.01 -58.11
C GLU B 121 -39.26 36.74 -57.46
N LEU B 122 -39.31 36.42 -56.17
CA LEU B 122 -38.12 36.12 -55.38
C LEU B 122 -38.35 34.80 -54.65
N ARG B 123 -37.27 34.04 -54.49
CA ARG B 123 -37.35 32.72 -53.86
C ARG B 123 -36.35 32.69 -52.71
N PHE B 124 -36.78 33.15 -51.55
CA PHE B 124 -35.91 33.19 -50.39
C PHE B 124 -35.64 31.78 -49.88
N PRO B 125 -34.40 31.33 -49.80
CA PRO B 125 -34.12 29.95 -49.41
C PRO B 125 -34.35 29.72 -47.93
N MET B 126 -34.68 28.48 -47.60
CA MET B 126 -34.91 28.12 -46.21
C MET B 126 -33.59 27.84 -45.52
N THR B 127 -33.63 27.84 -44.18
CA THR B 127 -32.44 27.66 -43.35
C THR B 127 -32.63 26.42 -42.48
N LEU B 128 -31.79 25.42 -42.68
CA LEU B 128 -31.88 24.21 -41.91
C LEU B 128 -30.65 24.04 -41.02
N PRO B 129 -30.78 23.31 -39.91
CA PRO B 129 -29.58 22.94 -39.15
C PRO B 129 -28.67 22.08 -40.02
N LEU B 130 -27.35 22.28 -39.82
CA LEU B 130 -26.36 21.55 -40.61
C LEU B 130 -26.63 20.05 -40.58
N ALA B 131 -26.96 19.51 -39.40
CA ALA B 131 -27.08 18.07 -39.24
C ALA B 131 -28.16 17.46 -40.13
N GLN B 132 -29.13 18.25 -40.57
CA GLN B 132 -30.15 17.75 -41.48
C GLN B 132 -29.97 18.23 -42.91
N ALA B 133 -29.31 19.37 -43.10
CA ALA B 133 -28.97 19.79 -44.46
C ALA B 133 -28.01 18.81 -45.10
N ARG B 134 -27.07 18.28 -44.32
CA ARG B 134 -26.20 17.23 -44.83
C ARG B 134 -27.01 16.03 -45.32
N GLU B 135 -27.98 15.60 -44.51
CA GLU B 135 -28.76 14.42 -44.87
C GLU B 135 -29.62 14.69 -46.09
N LEU B 136 -30.19 15.89 -46.20
CA LEU B 136 -30.98 16.22 -47.38
C LEU B 136 -30.13 16.24 -48.63
N THR B 137 -28.93 16.84 -48.55
CA THR B 137 -28.02 16.82 -49.68
C THR B 137 -27.68 15.40 -50.08
N ALA B 138 -27.42 14.55 -49.10
CA ALA B 138 -27.14 13.14 -49.37
C ALA B 138 -28.30 12.49 -50.11
N ARG B 139 -29.53 12.73 -49.65
CA ARG B 139 -30.69 12.12 -50.27
C ARG B 139 -30.86 12.58 -51.71
N VAL B 140 -30.71 13.88 -51.94
CA VAL B 140 -30.91 14.40 -53.29
C VAL B 140 -29.83 13.87 -54.23
N VAL B 141 -28.59 13.79 -53.75
CA VAL B 141 -27.52 13.30 -54.61
C VAL B 141 -27.70 11.81 -54.90
N ALA B 142 -28.10 11.04 -53.89
CA ALA B 142 -28.34 9.62 -54.11
C ALA B 142 -29.46 9.39 -55.12
N ARG B 143 -30.52 10.19 -55.03
CA ARG B 143 -31.61 10.04 -56.00
C ARG B 143 -31.16 10.49 -57.39
N ALA B 144 -30.30 11.51 -57.46
CA ALA B 144 -29.77 11.92 -58.75
C ALA B 144 -28.91 10.83 -59.37
N ALA B 145 -28.23 10.06 -58.54
CA ALA B 145 -27.39 8.97 -59.04
C ALA B 145 -28.18 7.79 -59.57
N GLU B 146 -29.52 7.83 -59.52
CA GLU B 146 -30.33 6.72 -60.01
C GLU B 146 -30.70 6.86 -61.47
N THR B 147 -30.65 8.06 -62.03
CA THR B 147 -30.79 8.27 -63.48
C THR B 147 -29.37 8.42 -64.03
N LEU B 148 -28.77 7.29 -64.35
CA LEU B 148 -27.36 7.19 -64.67
C LEU B 148 -26.99 8.03 -65.89
N GLN B 168 -43.73 14.93 -51.98
CA GLN B 168 -42.72 15.87 -51.49
C GLN B 168 -41.39 15.64 -52.19
N LEU B 169 -41.44 15.21 -53.45
CA LEU B 169 -40.21 14.99 -54.21
C LEU B 169 -40.36 15.56 -55.62
N PRO B 170 -39.46 16.45 -56.03
CA PRO B 170 -39.44 16.89 -57.43
C PRO B 170 -38.48 16.05 -58.24
N PRO B 171 -38.78 15.81 -59.52
CA PRO B 171 -37.92 14.96 -60.35
C PRO B 171 -36.79 15.76 -60.96
N PRO B 172 -35.63 15.13 -61.21
CA PRO B 172 -34.48 15.88 -61.74
C PRO B 172 -34.54 16.07 -63.25
N HIS B 173 -33.47 16.62 -63.82
CA HIS B 173 -33.44 16.98 -65.23
C HIS B 173 -32.40 16.26 -66.06
N ARG B 174 -31.39 15.64 -65.43
CA ARG B 174 -30.31 14.93 -66.11
C ARG B 174 -29.36 15.92 -66.78
N ASP B 175 -29.71 17.20 -66.79
CA ASP B 175 -28.84 18.20 -67.39
C ASP B 175 -27.58 18.39 -66.57
N ASN B 176 -27.73 18.67 -65.28
CA ASN B 176 -26.60 18.88 -64.39
C ASN B 176 -26.51 17.83 -63.29
N ALA B 177 -27.43 16.86 -63.26
CA ALA B 177 -27.30 15.76 -62.32
C ALA B 177 -26.02 14.97 -62.60
N GLU B 178 -25.65 14.86 -63.88
CA GLU B 178 -24.38 14.23 -64.22
C GLU B 178 -23.20 14.93 -63.59
N ALA B 179 -23.26 16.27 -63.50
CA ALA B 179 -22.17 17.00 -62.86
C ALA B 179 -22.03 16.62 -61.40
N ALA B 180 -23.16 16.47 -60.71
CA ALA B 180 -23.11 16.08 -59.31
C ALA B 180 -22.57 14.67 -59.15
N THR B 181 -23.03 13.74 -60.00
CA THR B 181 -22.50 12.38 -59.93
C THR B 181 -21.01 12.37 -60.20
N ARG B 182 -20.56 13.23 -61.11
CA ARG B 182 -19.13 13.33 -61.38
C ARG B 182 -18.38 13.81 -60.16
N SER B 183 -18.86 14.87 -59.51
CA SER B 183 -18.21 15.38 -58.31
C SER B 183 -18.15 14.32 -57.22
N LEU B 184 -19.16 13.45 -57.16
CA LEU B 184 -19.14 12.38 -56.16
C LEU B 184 -18.11 11.31 -56.52
N VAL B 185 -18.18 10.80 -57.75
CA VAL B 185 -17.33 9.69 -58.13
C VAL B 185 -15.86 10.10 -58.14
N LEU B 186 -15.57 11.38 -58.35
CA LEU B 186 -14.17 11.81 -58.29
C LEU B 186 -13.58 11.57 -56.91
N ASN B 187 -14.24 12.12 -55.88
CA ASN B 187 -13.74 11.94 -54.52
C ASN B 187 -13.79 10.48 -54.10
N MET B 188 -14.75 9.70 -54.61
CA MET B 188 -14.79 8.30 -54.20
C MET B 188 -13.69 7.49 -54.88
N ILE B 189 -13.31 7.86 -56.11
CA ILE B 189 -12.21 7.18 -56.78
C ILE B 189 -10.89 7.53 -56.13
N PHE B 190 -10.68 8.81 -55.83
CA PHE B 190 -9.38 9.17 -55.28
C PHE B 190 -9.19 8.74 -53.86
N LEU B 191 -10.15 8.02 -53.30
CA LEU B 191 -9.97 7.40 -52.00
C LEU B 191 -9.28 6.06 -52.09
N LEU B 192 -9.35 5.40 -53.24
CA LEU B 192 -8.69 4.11 -53.42
C LEU B 192 -7.19 4.33 -53.59
N ASN B 193 -6.43 3.85 -52.61
CA ASN B 193 -4.98 3.96 -52.67
C ASN B 193 -4.40 2.60 -52.28
N GLU B 194 -3.08 2.53 -52.29
CA GLU B 194 -2.40 1.27 -52.06
C GLU B 194 -2.51 0.79 -50.62
N GLY B 195 -2.81 1.68 -49.68
CA GLY B 195 -3.04 1.26 -48.31
C GLY B 195 -4.50 1.00 -48.06
N ALA B 196 -5.36 1.53 -48.93
CA ALA B 196 -6.78 1.24 -48.84
C ALA B 196 -7.05 -0.24 -49.01
N VAL B 197 -6.28 -0.91 -49.87
CA VAL B 197 -6.43 -2.36 -50.02
C VAL B 197 -6.02 -3.07 -48.74
N ILE B 198 -4.93 -2.60 -48.11
CA ILE B 198 -4.53 -3.18 -46.83
C ILE B 198 -5.65 -3.07 -45.83
N LEU B 199 -6.20 -1.88 -45.67
CA LEU B 199 -7.29 -1.68 -44.71
C LEU B 199 -8.52 -2.48 -45.09
N LEU B 200 -8.73 -2.70 -46.39
CA LEU B 200 -9.84 -3.53 -46.85
C LEU B 200 -9.59 -5.00 -46.53
N SER B 201 -8.32 -5.39 -46.36
CA SER B 201 -8.02 -6.80 -46.14
C SER B 201 -8.58 -7.31 -44.82
N LEU B 202 -8.80 -6.43 -43.84
CA LEU B 202 -9.18 -6.86 -42.51
C LEU B 202 -10.68 -6.82 -42.26
N ILE B 203 -11.50 -6.70 -43.31
CA ILE B 203 -12.94 -6.68 -43.13
C ILE B 203 -13.44 -7.88 -42.31
N PRO B 204 -13.07 -9.12 -42.63
CA PRO B 204 -13.47 -10.21 -41.71
C PRO B 204 -12.81 -10.10 -40.36
N ASN B 205 -11.55 -9.63 -40.32
CA ASN B 205 -10.88 -9.44 -39.05
C ASN B 205 -11.48 -8.30 -38.25
N LEU B 206 -12.39 -7.53 -38.84
CA LEU B 206 -13.16 -6.52 -38.14
C LEU B 206 -14.54 -7.03 -37.74
N LEU B 207 -15.19 -7.77 -38.64
CA LEU B 207 -16.46 -8.39 -38.30
C LEU B 207 -16.32 -9.29 -37.08
N THR B 208 -15.27 -10.13 -37.06
CA THR B 208 -15.06 -11.00 -35.91
C THR B 208 -14.85 -10.23 -34.63
N LEU B 209 -14.54 -8.94 -34.71
CA LEU B 209 -14.54 -8.08 -33.53
C LEU B 209 -15.92 -7.50 -33.27
N GLY B 210 -16.68 -7.24 -34.31
CA GLY B 210 -18.02 -6.70 -34.15
C GLY B 210 -19.02 -7.62 -33.49
N ALA B 211 -18.67 -8.88 -33.25
CA ALA B 211 -19.56 -9.80 -32.57
C ALA B 211 -19.03 -10.20 -31.19
N GLN B 212 -17.99 -9.52 -30.70
CA GLN B 212 -17.47 -9.75 -29.37
C GLN B 212 -17.81 -8.64 -28.40
N ASP B 213 -18.20 -7.47 -28.89
CA ASP B 213 -18.55 -6.34 -28.03
C ASP B 213 -19.80 -5.66 -28.58
N GLY B 214 -20.55 -5.04 -27.68
CA GLY B 214 -21.77 -4.37 -28.07
C GLY B 214 -21.53 -3.09 -28.83
N TYR B 215 -20.68 -2.21 -28.29
CA TYR B 215 -20.41 -0.94 -28.94
C TYR B 215 -19.93 -1.15 -30.37
N ALA B 216 -18.89 -1.98 -30.54
CA ALA B 216 -18.38 -2.27 -31.87
C ALA B 216 -19.49 -2.71 -32.80
N ASN B 217 -20.39 -3.58 -32.32
CA ASN B 217 -21.51 -4.01 -33.15
C ASN B 217 -22.36 -2.82 -33.55
N ALA B 218 -22.60 -1.88 -32.63
CA ALA B 218 -23.43 -0.73 -32.97
C ALA B 218 -22.72 0.23 -33.92
N VAL B 219 -21.39 0.19 -33.99
CA VAL B 219 -20.69 1.05 -34.93
C VAL B 219 -20.89 0.58 -36.36
N ILE B 220 -21.18 -0.70 -36.57
CA ILE B 220 -21.42 -1.26 -37.89
C ILE B 220 -22.92 -1.36 -38.09
N GLN B 221 -23.46 -0.56 -39.00
CA GLN B 221 -24.90 -0.47 -39.18
C GLN B 221 -25.45 -1.75 -39.77
N LEU B 222 -26.77 -1.75 -40.00
CA LEU B 222 -27.44 -2.94 -40.54
C LEU B 222 -27.31 -3.03 -42.05
N GLY B 223 -27.62 -1.95 -42.77
CA GLY B 223 -27.52 -1.96 -44.21
C GLY B 223 -26.16 -1.50 -44.68
N SER B 224 -25.12 -1.98 -43.99
CA SER B 224 -23.78 -1.42 -44.12
C SER B 224 -23.08 -1.79 -45.42
N ALA B 225 -23.67 -2.64 -46.23
CA ALA B 225 -23.14 -2.99 -47.55
C ALA B 225 -21.74 -3.59 -47.50
N THR B 226 -21.22 -3.88 -46.29
CA THR B 226 -19.92 -4.50 -46.18
C THR B 226 -20.04 -5.75 -45.31
N ARG B 227 -21.02 -5.77 -44.41
CA ARG B 227 -21.37 -7.01 -43.75
C ARG B 227 -21.84 -8.04 -44.76
N GLU B 228 -22.46 -7.59 -45.85
CA GLU B 228 -22.83 -8.47 -46.94
C GLU B 228 -21.64 -8.85 -47.81
N LEU B 229 -20.46 -8.30 -47.55
CA LEU B 229 -19.27 -8.71 -48.25
C LEU B 229 -18.46 -9.73 -47.47
N GLY B 230 -18.35 -9.57 -46.15
CA GLY B 230 -17.57 -10.46 -45.33
C GLY B 230 -18.12 -11.87 -45.25
N GLN B 231 -19.27 -12.09 -45.90
CA GLN B 231 -19.87 -13.42 -45.97
C GLN B 231 -19.81 -14.03 -47.36
N LEU B 232 -19.38 -13.29 -48.37
CA LEU B 232 -19.41 -13.76 -49.74
C LEU B 232 -18.05 -13.97 -50.36
N VAL B 233 -17.05 -13.19 -49.97
CA VAL B 233 -15.77 -13.15 -50.66
C VAL B 233 -14.64 -13.40 -49.67
N ARG B 234 -13.66 -14.18 -50.11
CA ARG B 234 -12.41 -14.37 -49.39
C ARG B 234 -11.28 -13.76 -50.20
N GLN B 235 -10.34 -13.13 -49.51
CA GLN B 235 -9.24 -12.44 -50.18
C GLN B 235 -7.91 -12.88 -49.60
N PRO B 236 -6.91 -13.06 -50.44
CA PRO B 236 -5.58 -13.46 -49.96
C PRO B 236 -4.91 -12.29 -49.26
N PRO B 237 -3.82 -12.54 -48.53
CA PRO B 237 -3.04 -11.45 -47.96
C PRO B 237 -2.49 -10.55 -49.06
N PRO B 238 -2.49 -9.24 -48.87
CA PRO B 238 -2.17 -8.35 -49.98
C PRO B 238 -0.68 -8.41 -50.29
N PRO B 239 -0.29 -8.14 -51.54
CA PRO B 239 1.13 -8.16 -51.87
C PRO B 239 1.86 -6.99 -51.23
N LEU B 240 3.09 -7.23 -50.81
CA LEU B 240 3.84 -6.20 -50.13
C LEU B 240 4.20 -5.09 -51.11
N PRO B 241 4.12 -3.83 -50.69
CA PRO B 241 4.35 -2.72 -51.60
C PRO B 241 5.75 -2.65 -52.18
N GLN B 242 5.93 -1.79 -53.16
CA GLN B 242 7.27 -1.50 -53.67
C GLN B 242 8.04 -0.75 -52.60
N ASP B 243 9.06 -1.39 -52.05
CA ASP B 243 9.85 -0.83 -50.96
C ASP B 243 8.94 -0.48 -49.79
N HIS B 244 8.37 -1.52 -49.19
CA HIS B 244 7.55 -1.32 -48.00
C HIS B 244 8.38 -1.08 -46.76
N ALA B 245 9.64 -1.48 -46.76
CA ALA B 245 10.46 -1.33 -45.57
C ALA B 245 10.79 0.11 -45.22
N ARG B 246 10.63 1.04 -46.16
CA ARG B 246 11.01 2.43 -45.97
C ARG B 246 9.85 3.32 -45.58
N ARG B 247 8.67 3.11 -46.15
CA ARG B 247 7.49 3.90 -45.85
C ARG B 247 6.35 2.96 -45.48
N PHE B 248 5.35 3.53 -44.82
CA PHE B 248 4.19 2.77 -44.32
C PHE B 248 2.94 3.42 -44.87
N CYS B 249 2.13 2.64 -45.58
CA CYS B 249 1.14 3.22 -46.49
C CYS B 249 -0.19 3.52 -45.80
N VAL B 250 -0.56 2.72 -44.80
CA VAL B 250 -1.87 2.85 -44.18
C VAL B 250 -2.05 4.24 -43.58
N PHE B 251 -0.95 4.86 -43.14
CA PHE B 251 -1.09 6.12 -42.44
C PHE B 251 -1.45 7.26 -43.39
N GLU B 252 -0.76 7.36 -44.53
CA GLU B 252 -1.15 8.42 -45.46
C GLU B 252 -2.47 8.09 -46.13
N ALA B 253 -2.81 6.80 -46.24
CA ALA B 253 -4.17 6.47 -46.66
C ALA B 253 -5.18 7.09 -45.72
N LEU B 254 -4.98 6.91 -44.41
CA LEU B 254 -5.95 7.44 -43.45
C LEU B 254 -5.93 8.96 -43.41
N GLU B 255 -4.76 9.57 -43.62
CA GLU B 255 -4.70 11.02 -43.66
C GLU B 255 -5.47 11.57 -44.86
N ALA B 256 -5.27 10.95 -46.03
CA ALA B 256 -6.05 11.34 -47.19
C ALA B 256 -7.54 11.19 -46.92
N TRP B 257 -7.93 10.12 -46.23
CA TRP B 257 -9.35 9.94 -45.93
C TRP B 257 -9.88 11.03 -45.02
N ILE B 258 -9.13 11.37 -43.97
CA ILE B 258 -9.56 12.41 -43.04
C ILE B 258 -9.74 13.72 -43.79
N ALA B 259 -8.74 14.10 -44.59
CA ALA B 259 -8.81 15.37 -45.30
C ALA B 259 -9.95 15.38 -46.30
N SER B 260 -10.19 14.28 -46.99
CA SER B 260 -11.24 14.26 -48.00
C SER B 260 -12.63 14.26 -47.36
N ALA B 261 -12.80 13.54 -46.25
CA ALA B 261 -14.10 13.52 -45.61
C ALA B 261 -14.39 14.82 -44.87
N SER B 262 -13.34 15.55 -44.49
CA SER B 262 -13.57 16.84 -43.84
C SER B 262 -14.28 17.81 -44.76
N ARG B 263 -14.05 17.73 -46.07
CA ARG B 263 -14.63 18.65 -47.03
C ARG B 263 -15.38 17.91 -48.12
N LEU B 264 -16.08 16.84 -47.75
CA LEU B 264 -16.89 16.12 -48.72
C LEU B 264 -18.23 16.80 -48.94
N GLY B 265 -19.00 16.96 -47.86
CA GLY B 265 -20.32 17.55 -47.99
C GLY B 265 -20.29 18.94 -48.59
N ASP B 266 -19.27 19.73 -48.21
CA ASP B 266 -19.06 21.04 -48.81
C ASP B 266 -19.05 20.95 -50.33
N THR B 267 -18.34 19.97 -50.88
CA THR B 267 -18.23 19.82 -52.33
C THR B 267 -19.57 19.55 -52.99
N LEU B 268 -20.54 19.01 -52.26
CA LEU B 268 -21.87 18.73 -52.80
C LEU B 268 -22.92 19.72 -52.32
N GLY B 269 -23.05 19.89 -51.01
CA GLY B 269 -24.06 20.77 -50.45
C GLY B 269 -23.60 22.20 -50.33
N THR B 270 -23.68 22.76 -49.12
CA THR B 270 -23.29 24.14 -48.87
C THR B 270 -22.61 24.24 -47.52
N ARG B 271 -21.61 25.13 -47.44
CA ARG B 271 -20.86 25.31 -46.21
C ARG B 271 -21.74 25.94 -45.13
N PRO B 272 -21.45 25.68 -43.85
CA PRO B 272 -22.17 26.37 -42.79
C PRO B 272 -21.83 27.85 -42.79
N VAL B 273 -22.85 28.67 -42.54
CA VAL B 273 -22.73 30.11 -42.72
C VAL B 273 -22.83 30.89 -41.41
N ALA B 274 -23.47 30.34 -40.38
CA ALA B 274 -23.56 31.02 -39.11
C ALA B 274 -23.99 30.01 -38.05
N ARG B 275 -23.58 30.26 -36.82
CA ARG B 275 -24.05 29.48 -35.68
C ARG B 275 -24.93 30.39 -34.83
N VAL B 276 -26.06 29.85 -34.38
CA VAL B 276 -27.07 30.64 -33.69
C VAL B 276 -26.75 30.67 -32.21
N CYS B 277 -26.90 31.84 -31.58
CA CYS B 277 -26.66 31.99 -30.16
C CYS B 277 -27.60 33.04 -29.60
N ILE B 278 -28.26 32.70 -28.49
CA ILE B 278 -29.21 33.59 -27.85
C ILE B 278 -28.83 33.73 -26.39
N PHE B 279 -29.01 34.94 -25.86
CA PHE B 279 -28.65 35.26 -24.48
C PHE B 279 -29.85 35.27 -23.56
N ASP B 280 -30.97 35.83 -23.99
CA ASP B 280 -32.13 36.02 -23.13
C ASP B 280 -33.31 35.14 -23.51
N GLY B 281 -33.77 35.21 -24.76
CA GLY B 281 -34.92 34.46 -25.21
C GLY B 281 -34.76 32.96 -24.98
N PRO B 282 -35.88 32.24 -25.04
CA PRO B 282 -35.80 30.79 -24.83
C PRO B 282 -34.98 30.14 -25.93
N PRO B 283 -34.32 29.01 -25.64
CA PRO B 283 -33.36 28.46 -26.60
C PRO B 283 -33.97 28.10 -27.95
N THR B 284 -34.96 27.21 -27.96
CA THR B 284 -35.57 26.82 -29.22
C THR B 284 -36.42 27.96 -29.76
N VAL B 285 -36.32 28.21 -31.06
CA VAL B 285 -37.12 29.22 -31.73
C VAL B 285 -37.97 28.55 -32.79
N PRO B 286 -39.29 28.72 -32.77
CA PRO B 286 -40.15 28.04 -33.72
C PRO B 286 -40.03 28.67 -35.10
N PRO B 287 -40.54 28.01 -36.14
CA PRO B 287 -40.41 28.56 -37.50
C PRO B 287 -41.16 29.88 -37.64
N GLY B 288 -40.78 30.62 -38.67
CA GLY B 288 -41.36 31.93 -38.89
C GLY B 288 -41.13 32.89 -37.74
N GLU B 289 -40.00 32.78 -37.06
CA GLU B 289 -39.70 33.66 -35.93
C GLU B 289 -38.26 34.13 -36.06
N LYS B 290 -38.04 35.41 -35.78
CA LYS B 290 -36.71 36.01 -35.93
C LYS B 290 -35.84 35.65 -34.73
N ALA B 291 -34.63 35.16 -35.02
CA ALA B 291 -33.71 34.71 -33.98
C ALA B 291 -32.32 35.28 -34.24
N ALA B 292 -31.68 35.76 -33.18
CA ALA B 292 -30.35 36.35 -33.30
C ALA B 292 -29.33 35.29 -33.74
N VAL B 293 -28.20 35.78 -34.27
CA VAL B 293 -27.17 34.87 -34.76
C VAL B 293 -25.84 35.61 -34.92
N VAL B 294 -24.75 34.89 -34.70
CA VAL B 294 -23.42 35.35 -35.06
C VAL B 294 -22.97 34.52 -36.24
N GLU B 295 -22.16 35.10 -37.11
CA GLU B 295 -21.74 34.45 -38.33
C GLU B 295 -20.32 33.91 -38.21
N VAL B 296 -20.06 32.79 -38.87
CA VAL B 296 -18.72 32.23 -38.94
C VAL B 296 -18.43 31.84 -40.37
N MET C 1 -91.40 65.81 -71.28
CA MET C 1 -90.92 65.96 -72.63
C MET C 1 -91.94 66.54 -73.62
N GLU C 2 -91.42 67.41 -74.47
CA GLU C 2 -92.18 68.16 -75.44
C GLU C 2 -91.27 68.42 -76.63
N VAL C 3 -91.75 68.16 -77.83
CA VAL C 3 -90.95 68.40 -79.02
C VAL C 3 -91.19 69.82 -79.50
N ASP C 4 -90.10 70.49 -79.89
CA ASP C 4 -90.15 71.88 -80.36
C ASP C 4 -89.72 71.88 -81.82
N ILE C 5 -90.68 71.88 -82.73
CA ILE C 5 -90.39 71.92 -84.16
C ILE C 5 -90.41 73.38 -84.58
N ALA C 6 -89.22 73.97 -84.73
CA ALA C 6 -89.12 75.36 -85.10
C ALA C 6 -89.57 75.57 -86.54
N LEU C 7 -90.17 76.73 -86.79
CA LEU C 7 -90.69 77.06 -88.11
C LEU C 7 -89.91 78.21 -88.73
N PRO C 8 -89.69 78.18 -90.04
CA PRO C 8 -89.11 79.34 -90.72
C PRO C 8 -90.14 80.45 -90.83
N THR C 9 -89.81 81.55 -91.51
CA THR C 9 -90.81 82.56 -91.76
C THR C 9 -91.77 82.05 -92.84
N LEU C 10 -93.07 82.26 -92.61
CA LEU C 10 -94.10 81.78 -93.52
C LEU C 10 -94.94 82.97 -93.97
N SER C 11 -95.81 82.73 -94.93
CA SER C 11 -96.70 83.77 -95.40
C SER C 11 -97.80 84.01 -94.37
N PRO C 12 -98.06 85.26 -93.98
CA PRO C 12 -99.20 85.53 -93.10
C PRO C 12 -100.52 85.05 -93.70
N GLY C 13 -100.61 84.95 -95.03
CA GLY C 13 -101.73 84.32 -95.65
C GLY C 13 -101.75 82.81 -95.52
N ASP C 14 -100.69 82.21 -95.00
CA ASP C 14 -100.62 80.77 -94.80
C ASP C 14 -100.24 80.36 -93.39
N LEU C 15 -99.49 81.19 -92.65
CA LEU C 15 -99.29 80.90 -91.23
C LEU C 15 -100.61 80.68 -90.53
N SER C 16 -101.58 81.57 -90.78
CA SER C 16 -102.90 81.45 -90.16
C SER C 16 -103.60 80.15 -90.56
N ALA C 17 -103.46 79.73 -91.82
CA ALA C 17 -104.04 78.47 -92.23
C ALA C 17 -103.40 77.30 -91.49
N LEU C 18 -102.10 77.40 -91.22
CA LEU C 18 -101.43 76.33 -90.51
C LEU C 18 -101.77 76.34 -89.02
N GLN C 19 -102.22 77.49 -88.52
CA GLN C 19 -102.72 77.53 -87.14
C GLN C 19 -103.98 76.68 -86.97
N ARG C 20 -104.63 76.29 -88.06
CA ARG C 20 -105.80 75.42 -87.99
C ARG C 20 -105.43 73.95 -87.81
N CYS C 21 -104.16 73.65 -87.50
CA CYS C 21 -103.69 72.29 -87.31
C CYS C 21 -103.31 72.14 -85.84
N GLU C 22 -104.23 71.61 -85.04
CA GLU C 22 -104.06 71.48 -83.61
C GLU C 22 -104.23 70.05 -83.11
N GLY C 23 -104.72 69.14 -83.93
CA GLY C 23 -104.95 67.78 -83.51
C GLY C 23 -104.51 66.75 -84.54
N ARG C 24 -103.64 67.15 -85.44
CA ARG C 24 -103.11 66.25 -86.46
C ARG C 24 -101.73 65.79 -86.08
N VAL C 25 -101.41 64.56 -86.39
CA VAL C 25 -100.17 63.94 -85.96
C VAL C 25 -99.15 64.00 -87.10
N VAL C 26 -97.87 63.97 -86.71
CA VAL C 26 -96.76 64.03 -87.65
C VAL C 26 -95.75 62.95 -87.28
N PHE C 27 -94.93 62.56 -88.25
CA PHE C 27 -94.02 61.42 -88.11
C PHE C 27 -92.58 61.90 -88.11
N LEU C 28 -92.00 62.01 -86.92
CA LEU C 28 -90.60 62.38 -86.81
C LEU C 28 -89.73 61.19 -87.23
N GLU C 29 -88.41 61.34 -87.06
CA GLU C 29 -87.50 60.21 -87.21
C GLU C 29 -86.64 59.96 -85.99
N THR C 30 -86.29 61.00 -85.22
CA THR C 30 -85.61 60.81 -83.95
C THR C 30 -86.20 61.80 -82.95
N LEU C 31 -85.97 61.51 -81.67
CA LEU C 31 -86.68 62.16 -80.57
C LEU C 31 -85.83 63.21 -79.86
N ARG C 32 -85.02 63.97 -80.60
CA ARG C 32 -84.28 65.07 -79.99
C ARG C 32 -85.25 66.18 -79.63
N ARG C 33 -84.94 66.90 -78.54
CA ARG C 33 -85.87 67.88 -78.00
C ARG C 33 -86.19 68.99 -79.01
N HIS C 34 -85.22 69.37 -79.82
CA HIS C 34 -85.43 70.35 -80.87
C HIS C 34 -85.45 69.65 -82.23
N ALA C 35 -86.03 70.34 -83.21
CA ALA C 35 -86.15 69.81 -84.57
C ALA C 35 -86.56 70.96 -85.47
N THR C 36 -86.74 70.66 -86.75
CA THR C 36 -87.07 71.68 -87.74
C THR C 36 -88.23 71.20 -88.61
N LEU C 37 -88.98 72.16 -89.15
CA LEU C 37 -90.14 71.83 -89.96
C LEU C 37 -89.74 71.17 -91.27
N ARG C 38 -88.64 71.63 -91.87
CA ARG C 38 -88.12 71.02 -93.08
C ARG C 38 -87.92 69.52 -92.92
N GLU C 39 -87.75 69.04 -91.69
CA GLU C 39 -87.47 67.62 -91.49
C GLU C 39 -88.73 66.75 -91.63
N VAL C 40 -89.72 66.97 -90.77
CA VAL C 40 -90.93 66.14 -90.81
C VAL C 40 -91.74 66.59 -92.03
N ALA C 41 -91.61 65.84 -93.11
CA ALA C 41 -92.28 66.20 -94.36
C ALA C 41 -92.21 65.01 -95.31
N LEU C 42 -93.30 64.80 -96.04
CA LEU C 42 -93.44 63.77 -97.03
C LEU C 42 -93.95 64.40 -98.31
N PRO C 43 -93.61 63.86 -99.46
CA PRO C 43 -94.16 64.38 -100.72
C PRO C 43 -95.65 64.16 -100.84
N CYS C 44 -96.21 64.50 -101.99
CA CYS C 44 -97.64 64.32 -102.24
C CYS C 44 -97.98 62.83 -102.24
N GLY C 45 -99.26 62.54 -102.48
CA GLY C 45 -99.77 61.18 -102.44
C GLY C 45 -99.09 60.22 -103.40
N GLY C 46 -99.19 58.93 -103.11
CA GLY C 46 -98.60 57.91 -103.95
C GLY C 46 -98.09 56.72 -103.17
N ASP C 47 -98.42 55.51 -103.64
CA ASP C 47 -97.94 54.26 -103.04
C ASP C 47 -98.37 54.16 -101.57
N VAL C 48 -99.69 54.03 -101.39
CA VAL C 48 -100.27 53.94 -100.05
C VAL C 48 -99.60 52.83 -99.24
N LEU C 49 -99.21 51.74 -99.90
CA LEU C 49 -98.53 50.66 -99.20
C LEU C 49 -97.13 51.07 -98.78
N ALA C 50 -96.41 51.82 -99.63
CA ALA C 50 -95.14 52.39 -99.21
C ALA C 50 -95.33 53.27 -97.99
N ALA C 51 -96.36 54.12 -98.02
CA ALA C 51 -96.61 55.01 -96.89
C ALA C 51 -96.86 54.24 -95.61
N MET C 52 -97.79 53.27 -95.64
CA MET C 52 -98.07 52.51 -94.44
C MET C 52 -96.88 51.71 -93.97
N ALA C 53 -95.98 51.31 -94.88
CA ALA C 53 -94.73 50.72 -94.44
C ALA C 53 -93.83 51.77 -93.79
N ALA C 54 -93.96 53.02 -94.19
CA ALA C 54 -93.19 54.09 -93.58
C ALA C 54 -93.68 54.45 -92.19
N TYR C 55 -94.95 54.18 -91.89
CA TYR C 55 -95.55 54.58 -90.62
C TYR C 55 -95.30 53.58 -89.50
N ARG C 56 -94.36 52.66 -89.67
CA ARG C 56 -94.04 51.68 -88.64
C ARG C 56 -92.64 51.82 -88.08
N ARG C 57 -91.70 52.36 -88.85
CA ARG C 57 -90.34 52.55 -88.40
C ARG C 57 -90.12 53.90 -87.75
N ARG C 58 -91.08 54.81 -87.85
CA ARG C 58 -90.95 56.16 -87.36
C ARG C 58 -92.10 56.48 -86.42
N PHE C 59 -91.80 56.64 -85.14
CA PHE C 59 -92.83 56.92 -84.16
C PHE C 59 -93.35 58.35 -84.33
N ALA C 60 -94.65 58.52 -84.09
CA ALA C 60 -95.36 59.75 -84.39
C ALA C 60 -95.46 60.65 -83.17
N ALA C 61 -95.95 61.87 -83.41
CA ALA C 61 -96.17 62.83 -82.35
C ALA C 61 -97.29 63.77 -82.76
N VAL C 62 -98.08 64.21 -81.80
CA VAL C 62 -99.21 65.10 -82.03
C VAL C 62 -98.83 66.51 -81.63
N ILE C 63 -99.30 67.48 -82.38
CA ILE C 63 -99.02 68.88 -82.13
C ILE C 63 -100.10 69.46 -81.22
N THR C 64 -99.73 70.46 -80.44
CA THR C 64 -100.64 71.03 -79.46
C THR C 64 -100.81 72.53 -79.59
N ARG C 65 -99.73 73.26 -79.88
CA ARG C 65 -99.77 74.71 -79.97
C ARG C 65 -99.00 75.16 -81.18
N VAL C 66 -99.50 76.21 -81.83
CA VAL C 66 -98.83 76.78 -83.00
C VAL C 66 -98.71 78.29 -82.82
N THR C 67 -97.56 78.73 -82.32
CA THR C 67 -97.28 80.16 -82.22
C THR C 67 -96.44 80.59 -83.42
N PRO C 68 -96.51 81.86 -83.83
CA PRO C 68 -95.74 82.31 -85.00
C PRO C 68 -94.24 82.01 -84.92
N HIS C 69 -93.72 81.54 -83.78
CA HIS C 69 -92.30 81.27 -83.65
C HIS C 69 -92.00 79.78 -83.60
N ARG C 70 -92.56 79.06 -82.64
CA ARG C 70 -92.31 77.64 -82.47
C ARG C 70 -93.62 76.88 -82.63
N MET C 71 -93.52 75.55 -82.58
CA MET C 71 -94.70 74.69 -82.66
C MET C 71 -94.43 73.49 -81.76
N LEU C 72 -95.11 73.44 -80.62
CA LEU C 72 -94.90 72.34 -79.70
C LEU C 72 -95.51 71.06 -80.27
N ALA C 73 -95.26 69.95 -79.59
CA ALA C 73 -95.82 68.66 -79.98
C ALA C 73 -95.76 67.74 -78.77
N THR C 74 -96.03 66.46 -78.99
CA THR C 74 -95.92 65.48 -77.91
C THR C 74 -95.70 64.10 -78.49
N PRO C 75 -94.62 63.42 -78.10
CA PRO C 75 -94.37 62.07 -78.61
C PRO C 75 -95.51 61.14 -78.23
N LEU C 76 -96.11 60.51 -79.24
CA LEU C 76 -97.37 59.81 -79.05
C LEU C 76 -97.27 58.75 -77.97
N GLY C 77 -96.52 57.68 -78.21
CA GLY C 77 -96.20 56.78 -77.13
C GLY C 77 -94.73 56.46 -77.05
N VAL C 78 -94.05 56.91 -76.01
CA VAL C 78 -92.66 56.51 -75.84
C VAL C 78 -92.45 55.96 -74.45
N GLY C 79 -93.23 56.43 -73.49
CA GLY C 79 -93.25 55.91 -72.12
C GLY C 79 -94.61 56.03 -71.45
N GLY C 80 -95.56 56.64 -72.15
CA GLY C 80 -96.84 57.03 -71.57
C GLY C 80 -97.83 55.89 -71.71
N ARG C 81 -98.65 55.71 -70.68
CA ARG C 81 -99.71 54.72 -70.70
C ARG C 81 -101.09 55.31 -70.47
N GLY C 82 -101.17 56.55 -70.00
CA GLY C 82 -102.45 57.21 -69.80
C GLY C 82 -102.37 58.69 -70.12
N GLN C 83 -101.37 59.08 -70.92
CA GLN C 83 -101.11 60.50 -71.15
C GLN C 83 -102.22 61.07 -72.02
N SER C 84 -103.19 61.72 -71.39
CA SER C 84 -104.35 62.22 -72.10
C SER C 84 -104.00 63.45 -72.93
N LEU C 85 -104.42 63.45 -74.18
CA LEU C 85 -104.22 64.58 -75.08
C LEU C 85 -105.45 64.70 -75.96
N VAL C 86 -105.38 65.58 -76.95
CA VAL C 86 -106.47 65.79 -77.90
C VAL C 86 -105.93 65.63 -79.31
N LEU C 87 -106.76 65.05 -80.18
CA LEU C 87 -106.47 64.98 -81.60
C LEU C 87 -107.79 64.94 -82.34
N GLN C 88 -107.81 65.56 -83.52
CA GLN C 88 -109.04 65.73 -84.28
C GLN C 88 -109.18 64.62 -85.32
N ASN C 89 -110.41 64.20 -85.55
CA ASN C 89 -110.69 63.25 -86.60
C ASN C 89 -110.50 63.91 -87.96
N THR C 90 -109.75 63.26 -88.84
CA THR C 90 -109.57 63.75 -90.19
C THR C 90 -109.81 62.63 -91.20
N GLY C 91 -110.65 61.68 -90.84
CA GLY C 91 -111.02 60.61 -91.72
C GLY C 91 -112.44 60.77 -92.24
N PRO C 92 -112.88 59.83 -93.07
CA PRO C 92 -114.24 59.92 -93.62
C PRO C 92 -115.30 59.36 -92.69
N PHE C 93 -114.88 58.44 -91.83
CA PHE C 93 -115.80 57.81 -90.88
C PHE C 93 -115.82 58.58 -89.56
N ASP C 94 -116.89 58.39 -88.80
CA ASP C 94 -117.02 58.97 -87.48
C ASP C 94 -116.30 58.07 -86.47
N LEU C 95 -116.40 58.41 -85.19
CA LEU C 95 -115.82 57.57 -84.15
C LEU C 95 -116.62 57.77 -82.86
N THR C 96 -117.06 56.66 -82.28
CA THR C 96 -117.84 56.65 -81.05
C THR C 96 -116.91 56.49 -79.85
N ASN C 97 -117.50 56.53 -78.65
CA ASN C 97 -116.71 56.40 -77.44
C ASN C 97 -116.08 55.01 -77.34
N GLY C 98 -114.95 54.94 -76.67
CA GLY C 98 -114.36 53.67 -76.28
C GLY C 98 -113.44 53.00 -77.28
N ASP C 99 -113.82 52.99 -78.54
CA ASP C 99 -113.09 52.22 -79.55
C ASP C 99 -111.70 52.81 -79.78
N HIS C 100 -110.76 51.92 -80.10
CA HIS C 100 -109.40 52.35 -80.38
C HIS C 100 -109.32 53.06 -81.73
N VAL C 101 -108.25 53.83 -81.91
CA VAL C 101 -108.01 54.56 -83.14
C VAL C 101 -106.75 54.00 -83.78
N CYS C 102 -106.71 54.06 -85.12
CA CYS C 102 -105.54 53.67 -85.87
C CYS C 102 -105.22 54.76 -86.88
N LEU C 103 -103.96 54.79 -87.31
CA LEU C 103 -103.47 55.77 -88.27
C LEU C 103 -103.18 55.08 -89.60
N VAL C 104 -103.78 55.57 -90.67
CA VAL C 104 -103.56 55.01 -91.99
C VAL C 104 -103.21 56.17 -92.91
N PRO C 105 -102.33 55.98 -93.89
CA PRO C 105 -101.97 57.08 -94.79
C PRO C 105 -103.20 57.67 -95.47
N PRO C 106 -103.10 58.89 -95.99
CA PRO C 106 -104.25 59.54 -96.60
C PRO C 106 -104.61 58.89 -97.94
N LEU C 107 -105.89 58.60 -98.12
CA LEU C 107 -106.36 57.95 -99.33
C LEU C 107 -106.67 58.99 -100.41
N LEU C 108 -106.44 58.62 -101.67
CA LEU C 108 -106.74 59.43 -102.84
C LEU C 108 -105.88 60.68 -102.92
N GLY C 109 -105.05 60.93 -101.91
CA GLY C 109 -104.24 62.13 -101.94
C GLY C 109 -105.09 63.40 -101.93
N ASP C 110 -104.47 64.46 -102.46
CA ASP C 110 -105.09 65.77 -102.65
C ASP C 110 -105.30 66.50 -101.34
N GLU C 111 -104.97 65.84 -100.23
CA GLU C 111 -104.95 66.48 -98.91
C GLU C 111 -103.49 66.75 -98.55
N CYS C 112 -102.99 67.89 -99.01
CA CYS C 112 -101.62 68.30 -98.76
C CYS C 112 -101.63 69.75 -98.30
N LEU C 113 -101.11 69.99 -97.11
CA LEU C 113 -101.06 71.35 -96.58
C LEU C 113 -99.91 72.10 -97.23
N ARG C 114 -100.20 72.76 -98.34
CA ARG C 114 -99.17 73.40 -99.15
C ARG C 114 -98.68 74.67 -98.49
N LEU C 115 -97.35 74.81 -98.39
CA LEU C 115 -96.71 75.99 -97.80
C LEU C 115 -95.72 76.57 -98.80
N THR C 116 -96.21 77.45 -99.67
CA THR C 116 -95.36 78.01 -100.72
C THR C 116 -94.21 78.83 -100.15
N SER C 117 -94.35 79.38 -98.95
CA SER C 117 -93.27 80.18 -98.37
C SER C 117 -92.07 79.33 -98.03
N ALA C 118 -92.28 78.27 -97.24
CA ALA C 118 -91.21 77.34 -96.94
C ALA C 118 -90.98 76.33 -98.05
N ASN C 119 -91.80 76.35 -99.10
CA ASN C 119 -91.70 75.47 -100.26
C ASN C 119 -91.93 74.01 -99.91
N LEU C 120 -92.37 73.71 -98.70
CA LEU C 120 -92.54 72.34 -98.23
C LEU C 120 -93.97 72.12 -97.79
N GLU C 121 -94.48 70.91 -98.04
CA GLU C 121 -95.85 70.56 -97.74
C GLU C 121 -95.90 69.27 -96.93
N LEU C 122 -97.02 69.07 -96.23
CA LEU C 122 -97.19 67.93 -95.35
C LEU C 122 -98.44 67.15 -95.75
N ARG C 123 -98.55 65.93 -95.21
CA ARG C 123 -99.70 65.05 -95.39
C ARG C 123 -100.07 64.50 -94.03
N PHE C 124 -100.97 65.17 -93.33
CA PHE C 124 -101.37 64.70 -92.02
C PHE C 124 -102.21 63.43 -92.18
N PRO C 125 -101.80 62.31 -91.62
CA PRO C 125 -102.52 61.06 -91.86
C PRO C 125 -103.84 61.03 -91.12
N MET C 126 -104.77 60.23 -91.65
CA MET C 126 -106.12 60.18 -91.13
C MET C 126 -106.22 59.20 -89.97
N THR C 127 -107.35 59.25 -89.27
CA THR C 127 -107.61 58.42 -88.11
C THR C 127 -108.90 57.66 -88.34
N LEU C 128 -108.84 56.34 -88.23
CA LEU C 128 -110.00 55.49 -88.43
C LEU C 128 -110.25 54.63 -87.19
N PRO C 129 -111.47 54.16 -87.00
CA PRO C 129 -111.70 53.09 -86.02
C PRO C 129 -110.91 51.86 -86.42
N LEU C 130 -110.57 51.06 -85.41
CA LEU C 130 -109.71 49.89 -85.61
C LEU C 130 -110.34 48.93 -86.63
N ALA C 131 -111.53 48.42 -86.31
CA ALA C 131 -112.14 47.32 -87.04
C ALA C 131 -112.38 47.66 -88.52
N GLN C 132 -112.33 48.94 -88.85
CA GLN C 132 -112.53 49.42 -90.22
C GLN C 132 -111.22 49.65 -90.96
N ALA C 133 -110.21 50.17 -90.28
CA ALA C 133 -108.87 50.17 -90.86
C ALA C 133 -108.42 48.75 -91.15
N ARG C 134 -108.87 47.77 -90.36
CA ARG C 134 -108.59 46.38 -90.67
C ARG C 134 -109.08 46.01 -92.07
N GLU C 135 -110.35 46.32 -92.34
CA GLU C 135 -110.91 46.05 -93.66
C GLU C 135 -110.15 46.79 -94.75
N LEU C 136 -109.79 48.05 -94.49
CA LEU C 136 -109.09 48.84 -95.50
C LEU C 136 -107.75 48.21 -95.86
N THR C 137 -106.92 47.93 -94.85
CA THR C 137 -105.62 47.32 -95.09
C THR C 137 -105.76 45.96 -95.76
N ALA C 138 -106.71 45.14 -95.31
CA ALA C 138 -106.92 43.83 -95.93
C ALA C 138 -107.24 43.97 -97.41
N ARG C 139 -108.14 44.89 -97.75
CA ARG C 139 -108.49 45.09 -99.15
C ARG C 139 -107.28 45.52 -99.96
N VAL C 140 -106.48 46.44 -99.41
CA VAL C 140 -105.33 46.94 -100.17
C VAL C 140 -104.31 45.84 -100.40
N VAL C 141 -104.03 45.03 -99.37
CA VAL C 141 -103.00 44.00 -99.54
C VAL C 141 -103.51 42.88 -100.44
N ALA C 142 -104.80 42.58 -100.37
CA ALA C 142 -105.35 41.57 -101.28
C ALA C 142 -105.24 42.03 -102.73
N ARG C 143 -105.58 43.29 -102.99
CA ARG C 143 -105.49 43.79 -104.36
C ARG C 143 -104.04 43.92 -104.81
N ALA C 144 -103.12 44.17 -103.87
CA ALA C 144 -101.71 44.22 -104.23
C ALA C 144 -101.18 42.83 -104.57
N ALA C 145 -101.60 41.82 -103.80
CA ALA C 145 -101.21 40.45 -104.10
C ALA C 145 -101.85 39.96 -105.39
N GLU C 146 -102.99 40.53 -105.78
CA GLU C 146 -103.58 40.18 -107.07
C GLU C 146 -102.57 40.39 -108.19
N THR C 147 -101.83 41.48 -108.16
CA THR C 147 -100.73 41.68 -109.08
C THR C 147 -99.69 40.60 -108.81
N LEU C 148 -99.57 39.67 -109.75
CA LEU C 148 -98.75 38.47 -109.57
C LEU C 148 -97.30 38.84 -109.24
N GLN C 168 -112.48 55.45 -106.83
CA GLN C 168 -111.74 55.75 -105.61
C GLN C 168 -110.70 54.68 -105.32
N LEU C 169 -109.69 54.58 -106.18
CA LEU C 169 -108.67 53.56 -106.03
C LEU C 169 -107.35 54.04 -106.64
N PRO C 170 -106.25 53.96 -105.90
CA PRO C 170 -104.94 54.29 -106.47
C PRO C 170 -104.35 53.08 -107.16
N PRO C 171 -103.51 53.30 -108.17
CA PRO C 171 -102.86 52.18 -108.85
C PRO C 171 -101.67 51.67 -108.05
N PRO C 172 -101.48 50.35 -107.97
CA PRO C 172 -100.35 49.81 -107.18
C PRO C 172 -99.02 50.00 -107.88
N HIS C 173 -97.94 49.49 -107.28
CA HIS C 173 -96.60 49.77 -107.77
C HIS C 173 -95.82 48.55 -108.24
N ARG C 174 -96.10 47.37 -107.69
CA ARG C 174 -95.44 46.10 -108.04
C ARG C 174 -93.98 46.05 -107.60
N ASP C 175 -93.48 47.13 -106.98
CA ASP C 175 -92.10 47.18 -106.50
C ASP C 175 -92.02 46.76 -105.04
N ASN C 176 -92.75 47.46 -104.17
CA ASN C 176 -92.80 47.12 -102.76
C ASN C 176 -94.00 46.26 -102.41
N ALA C 177 -94.94 46.09 -103.34
CA ALA C 177 -96.04 45.15 -103.10
C ALA C 177 -95.54 43.75 -102.84
N GLU C 178 -94.35 43.42 -103.36
CA GLU C 178 -93.76 42.13 -103.10
C GLU C 178 -93.36 41.99 -101.63
N ALA C 179 -92.99 43.10 -100.99
CA ALA C 179 -92.77 43.06 -99.55
C ALA C 179 -94.03 42.68 -98.80
N ALA C 180 -95.17 43.25 -99.21
CA ALA C 180 -96.44 42.90 -98.58
C ALA C 180 -96.81 41.44 -98.83
N THR C 181 -96.69 41.00 -100.08
CA THR C 181 -96.98 39.61 -100.42
C THR C 181 -96.09 38.66 -99.63
N ARG C 182 -94.81 39.02 -99.48
CA ARG C 182 -93.87 38.17 -98.75
C ARG C 182 -94.24 38.11 -97.27
N SER C 183 -94.48 39.28 -96.66
CA SER C 183 -94.84 39.31 -95.24
C SER C 183 -96.13 38.55 -94.98
N LEU C 184 -97.05 38.53 -95.95
CA LEU C 184 -98.28 37.77 -95.77
C LEU C 184 -98.04 36.28 -95.94
N VAL C 185 -97.40 35.89 -97.05
CA VAL C 185 -97.28 34.48 -97.38
C VAL C 185 -96.38 33.78 -96.37
N LEU C 186 -95.44 34.49 -95.75
CA LEU C 186 -94.61 33.85 -94.74
C LEU C 186 -95.45 33.43 -93.54
N ASN C 187 -96.25 34.37 -93.00
CA ASN C 187 -97.07 34.04 -91.84
C ASN C 187 -98.12 33.00 -92.19
N MET C 188 -98.63 33.03 -93.43
CA MET C 188 -99.63 32.03 -93.80
C MET C 188 -98.97 30.65 -93.90
N ILE C 189 -97.78 30.57 -94.50
CA ILE C 189 -97.11 29.28 -94.68
C ILE C 189 -96.74 28.70 -93.33
N PHE C 190 -96.31 29.55 -92.40
CA PHE C 190 -95.85 28.94 -91.15
C PHE C 190 -96.99 28.44 -90.28
N LEU C 191 -98.22 28.50 -90.80
CA LEU C 191 -99.37 27.90 -90.15
C LEU C 191 -99.48 26.40 -90.41
N LEU C 192 -98.75 25.89 -91.40
CA LEU C 192 -98.91 24.50 -91.83
C LEU C 192 -98.05 23.62 -90.96
N ASN C 193 -98.68 22.93 -90.02
CA ASN C 193 -98.02 21.99 -89.14
C ASN C 193 -98.60 20.61 -89.36
N GLU C 194 -97.86 19.59 -88.90
CA GLU C 194 -98.32 18.21 -89.06
C GLU C 194 -99.66 17.98 -88.39
N GLY C 195 -100.01 18.80 -87.39
CA GLY C 195 -101.33 18.73 -86.81
C GLY C 195 -102.39 19.44 -87.61
N ALA C 196 -102.00 20.41 -88.45
CA ALA C 196 -102.98 21.15 -89.24
C ALA C 196 -103.82 20.23 -90.12
N VAL C 197 -103.20 19.20 -90.68
CA VAL C 197 -103.96 18.28 -91.53
C VAL C 197 -104.95 17.48 -90.70
N ILE C 198 -104.66 17.26 -89.41
CA ILE C 198 -105.64 16.59 -88.55
C ILE C 198 -106.88 17.44 -88.40
N LEU C 199 -106.71 18.76 -88.28
CA LEU C 199 -107.84 19.68 -88.25
C LEU C 199 -108.49 19.83 -89.62
N LEU C 200 -107.73 19.62 -90.68
CA LEU C 200 -108.26 19.67 -92.03
C LEU C 200 -109.04 18.42 -92.40
N SER C 201 -108.82 17.31 -91.69
CA SER C 201 -109.49 16.07 -92.02
C SER C 201 -110.92 16.03 -91.53
N LEU C 202 -111.50 17.15 -91.11
CA LEU C 202 -112.87 17.19 -90.63
C LEU C 202 -113.73 18.19 -91.39
N ILE C 203 -113.24 18.75 -92.51
CA ILE C 203 -114.06 19.66 -93.31
C ILE C 203 -115.42 19.05 -93.63
N PRO C 204 -115.52 17.81 -94.11
CA PRO C 204 -116.86 17.21 -94.25
C PRO C 204 -117.60 17.11 -92.93
N ASN C 205 -116.91 16.62 -91.89
CA ASN C 205 -117.52 16.52 -90.58
C ASN C 205 -117.91 17.88 -90.01
N LEU C 206 -117.22 18.95 -90.41
CA LEU C 206 -117.64 20.29 -90.01
C LEU C 206 -118.88 20.73 -90.76
N LEU C 207 -118.87 20.56 -92.09
CA LEU C 207 -119.98 21.04 -92.91
C LEU C 207 -121.28 20.37 -92.51
N THR C 208 -121.25 19.05 -92.31
CA THR C 208 -122.48 18.39 -91.88
C THR C 208 -122.98 18.89 -90.53
N LEU C 209 -122.08 19.44 -89.69
CA LEU C 209 -122.54 20.07 -88.46
C LEU C 209 -123.08 21.47 -88.73
N GLY C 210 -122.54 22.15 -89.74
CA GLY C 210 -122.96 23.50 -90.02
C GLY C 210 -124.41 23.57 -90.43
N ALA C 211 -124.89 22.57 -91.16
CA ALA C 211 -126.24 22.57 -91.68
C ALA C 211 -127.29 22.08 -90.69
N GLN C 212 -126.90 21.70 -89.48
CA GLN C 212 -127.86 21.23 -88.50
C GLN C 212 -128.26 22.29 -87.48
N ASP C 213 -127.48 23.37 -87.35
CA ASP C 213 -127.79 24.43 -86.40
C ASP C 213 -127.63 25.78 -87.10
N GLY C 214 -128.49 26.73 -86.73
CA GLY C 214 -128.45 28.03 -87.39
C GLY C 214 -127.18 28.79 -87.13
N TYR C 215 -126.70 28.77 -85.89
CA TYR C 215 -125.49 29.52 -85.55
C TYR C 215 -124.28 28.99 -86.33
N ALA C 216 -124.13 27.67 -86.38
CA ALA C 216 -123.02 27.08 -87.12
C ALA C 216 -123.07 27.47 -88.59
N ASN C 217 -124.27 27.51 -89.16
CA ASN C 217 -124.41 27.88 -90.57
C ASN C 217 -124.11 29.36 -90.77
N ALA C 218 -124.44 30.20 -89.78
CA ALA C 218 -124.14 31.62 -89.91
C ALA C 218 -122.66 31.90 -89.75
N VAL C 219 -121.96 31.11 -88.93
CA VAL C 219 -120.52 31.26 -88.75
C VAL C 219 -119.80 31.14 -90.08
N ILE C 220 -120.03 30.04 -90.79
CA ILE C 220 -119.44 29.87 -92.11
C ILE C 220 -120.08 30.87 -93.06
N GLN C 221 -119.24 31.61 -93.78
CA GLN C 221 -119.74 32.67 -94.64
C GLN C 221 -120.29 32.04 -95.93
N LEU C 222 -120.60 32.87 -96.91
CA LEU C 222 -121.09 32.36 -98.18
C LEU C 222 -119.94 32.00 -99.13
N GLY C 223 -119.05 32.95 -99.40
CA GLY C 223 -117.89 32.65 -100.22
C GLY C 223 -116.73 32.19 -99.36
N SER C 224 -116.98 31.21 -98.50
CA SER C 224 -116.01 30.77 -97.51
C SER C 224 -114.80 30.08 -98.11
N ALA C 225 -114.82 29.77 -99.40
CA ALA C 225 -113.71 29.15 -100.11
C ALA C 225 -113.30 27.80 -99.53
N THR C 226 -114.08 27.26 -98.59
CA THR C 226 -113.86 25.92 -98.07
C THR C 226 -115.14 25.13 -98.26
N ARG C 227 -116.28 25.81 -98.15
CA ARG C 227 -117.55 25.19 -98.49
C ARG C 227 -117.57 24.75 -99.95
N GLU C 228 -116.80 25.42 -100.79
CA GLU C 228 -116.62 24.98 -102.17
C GLU C 228 -115.59 23.88 -102.30
N LEU C 229 -114.93 23.53 -101.20
CA LEU C 229 -114.02 22.39 -101.17
C LEU C 229 -114.67 21.15 -100.59
N GLY C 230 -115.58 21.30 -99.63
CA GLY C 230 -116.20 20.17 -98.97
C GLY C 230 -117.06 19.32 -99.88
N GLN C 231 -117.42 19.84 -101.04
CA GLN C 231 -118.25 19.11 -101.99
C GLN C 231 -117.51 18.70 -103.26
N LEU C 232 -116.22 19.03 -103.38
CA LEU C 232 -115.45 18.69 -104.57
C LEU C 232 -114.39 17.63 -104.35
N VAL C 233 -113.75 17.58 -103.18
CA VAL C 233 -112.61 16.70 -102.97
C VAL C 233 -112.86 15.85 -101.74
N ARG C 234 -112.33 14.63 -101.75
CA ARG C 234 -112.37 13.72 -100.63
C ARG C 234 -110.95 13.48 -100.11
N GLN C 235 -110.83 13.29 -98.80
CA GLN C 235 -109.55 12.96 -98.21
C GLN C 235 -109.69 11.74 -97.30
N PRO C 236 -108.75 10.81 -97.36
CA PRO C 236 -108.83 9.61 -96.53
C PRO C 236 -108.47 9.93 -95.09
N PRO C 237 -108.60 8.96 -94.18
CA PRO C 237 -108.16 9.19 -92.81
C PRO C 237 -106.71 9.64 -92.79
N PRO C 238 -106.33 10.48 -91.84
CA PRO C 238 -104.98 11.04 -91.83
C PRO C 238 -103.99 10.07 -91.22
N PRO C 239 -102.83 9.90 -91.85
CA PRO C 239 -101.82 8.98 -91.30
C PRO C 239 -101.27 9.47 -89.98
N LEU C 240 -101.17 8.55 -89.02
CA LEU C 240 -100.66 8.89 -87.71
C LEU C 240 -99.22 9.37 -87.82
N PRO C 241 -98.88 10.52 -87.25
CA PRO C 241 -97.52 11.04 -87.36
C PRO C 241 -96.50 10.20 -86.60
N GLN C 242 -95.25 10.64 -86.63
CA GLN C 242 -94.17 9.92 -85.94
C GLN C 242 -94.29 10.13 -84.44
N ASP C 243 -94.22 9.03 -83.69
CA ASP C 243 -94.34 9.06 -82.23
C ASP C 243 -95.63 9.75 -81.81
N HIS C 244 -96.74 9.30 -82.37
CA HIS C 244 -98.05 9.83 -82.02
C HIS C 244 -98.61 9.21 -80.75
N ALA C 245 -97.76 8.56 -79.97
CA ALA C 245 -98.16 7.93 -78.72
C ALA C 245 -97.63 8.63 -77.49
N ARG C 246 -96.76 9.64 -77.65
CA ARG C 246 -96.34 10.46 -76.52
C ARG C 246 -97.02 11.83 -76.52
N ARG C 247 -96.87 12.59 -77.59
CA ARG C 247 -97.33 13.96 -77.67
C ARG C 247 -98.63 14.05 -78.47
N PHE C 248 -99.07 15.27 -78.76
CA PHE C 248 -100.29 15.51 -79.52
C PHE C 248 -100.13 16.82 -80.29
N CYS C 249 -100.52 16.80 -81.57
CA CYS C 249 -100.22 17.91 -82.47
C CYS C 249 -101.35 18.91 -82.60
N VAL C 250 -102.57 18.53 -82.27
CA VAL C 250 -103.71 19.44 -82.37
C VAL C 250 -103.50 20.67 -81.50
N PHE C 251 -103.12 20.45 -80.24
CA PHE C 251 -102.96 21.56 -79.30
C PHE C 251 -101.81 22.46 -79.70
N GLU C 252 -100.69 21.88 -80.13
CA GLU C 252 -99.56 22.67 -80.61
C GLU C 252 -99.97 23.52 -81.81
N ALA C 253 -100.70 22.91 -82.75
CA ALA C 253 -101.15 23.64 -83.92
C ALA C 253 -102.02 24.82 -83.52
N LEU C 254 -102.96 24.60 -82.61
CA LEU C 254 -103.89 25.67 -82.26
C LEU C 254 -103.19 26.78 -81.47
N GLU C 255 -102.22 26.42 -80.63
CA GLU C 255 -101.46 27.44 -79.93
C GLU C 255 -100.65 28.29 -80.90
N ALA C 256 -99.99 27.65 -81.87
CA ALA C 256 -99.33 28.40 -82.92
C ALA C 256 -100.31 29.34 -83.61
N TRP C 257 -101.49 28.83 -83.94
CA TRP C 257 -102.48 29.64 -84.66
C TRP C 257 -102.85 30.88 -83.87
N ILE C 258 -103.22 30.72 -82.61
CA ILE C 258 -103.67 31.88 -81.84
C ILE C 258 -102.53 32.85 -81.62
N ALA C 259 -101.34 32.33 -81.29
CA ALA C 259 -100.22 33.22 -81.01
C ALA C 259 -99.82 34.02 -82.23
N SER C 260 -99.91 33.43 -83.42
CA SER C 260 -99.50 34.11 -84.63
C SER C 260 -100.62 34.90 -85.29
N ALA C 261 -101.87 34.68 -84.89
CA ALA C 261 -102.97 35.47 -85.42
C ALA C 261 -103.30 36.67 -84.55
N SER C 262 -102.96 36.61 -83.26
CA SER C 262 -103.17 37.76 -82.39
C SER C 262 -102.39 38.99 -82.83
N ARG C 263 -101.44 38.85 -83.76
CA ARG C 263 -100.67 39.99 -84.23
C ARG C 263 -100.59 40.07 -85.75
N LEU C 264 -101.39 39.27 -86.46
CA LEU C 264 -101.32 39.25 -87.92
C LEU C 264 -101.52 40.64 -88.51
N GLY C 265 -102.62 41.30 -88.14
CA GLY C 265 -102.90 42.61 -88.70
C GLY C 265 -101.85 43.65 -88.37
N ASP C 266 -101.17 43.49 -87.23
CA ASP C 266 -100.18 44.48 -86.81
C ASP C 266 -99.02 44.53 -87.78
N THR C 267 -98.44 43.37 -88.11
CA THR C 267 -97.33 43.33 -89.05
C THR C 267 -97.75 43.67 -90.47
N LEU C 268 -99.04 43.84 -90.73
CA LEU C 268 -99.54 44.32 -91.99
C LEU C 268 -99.99 45.77 -91.91
N GLY C 269 -100.94 46.08 -91.04
CA GLY C 269 -101.45 47.42 -90.87
C GLY C 269 -100.63 48.21 -89.87
N THR C 270 -101.32 48.91 -88.98
CA THR C 270 -100.69 49.71 -87.96
C THR C 270 -101.28 49.36 -86.60
N ARG C 271 -100.42 49.27 -85.59
CA ARG C 271 -100.87 48.96 -84.25
C ARG C 271 -101.83 50.04 -83.76
N PRO C 272 -102.78 49.68 -82.90
CA PRO C 272 -103.57 50.71 -82.22
C PRO C 272 -102.66 51.54 -81.32
N VAL C 273 -102.98 52.82 -81.22
CA VAL C 273 -102.15 53.74 -80.43
C VAL C 273 -102.93 54.44 -79.34
N ALA C 274 -104.23 54.65 -79.49
CA ALA C 274 -105.01 55.38 -78.51
C ALA C 274 -106.45 54.91 -78.60
N ARG C 275 -107.17 55.07 -77.50
CA ARG C 275 -108.59 54.82 -77.47
C ARG C 275 -109.29 56.08 -77.00
N VAL C 276 -110.39 56.41 -77.65
CA VAL C 276 -111.07 57.67 -77.38
C VAL C 276 -111.91 57.50 -76.11
N CYS C 277 -111.75 58.43 -75.18
CA CYS C 277 -112.56 58.50 -73.98
C CYS C 277 -113.18 59.88 -73.89
N ILE C 278 -114.42 59.94 -73.41
CA ILE C 278 -115.14 61.19 -73.29
C ILE C 278 -115.92 61.17 -71.99
N PHE C 279 -115.68 62.15 -71.13
CA PHE C 279 -116.29 62.17 -69.81
C PHE C 279 -117.62 62.90 -69.78
N ASP C 280 -117.74 64.01 -70.51
CA ASP C 280 -118.91 64.86 -70.40
C ASP C 280 -119.58 65.12 -71.74
N GLY C 281 -118.79 65.19 -72.81
CA GLY C 281 -119.30 65.54 -74.12
C GLY C 281 -120.25 64.50 -74.68
N PRO C 282 -120.79 64.78 -75.87
CA PRO C 282 -121.70 63.82 -76.51
C PRO C 282 -120.99 62.52 -76.82
N PRO C 283 -121.72 61.42 -76.97
CA PRO C 283 -121.06 60.12 -77.18
C PRO C 283 -120.20 60.06 -78.42
N THR C 284 -120.71 60.49 -79.57
CA THR C 284 -119.97 60.41 -80.81
C THR C 284 -119.38 61.76 -81.17
N VAL C 285 -118.27 61.73 -81.90
CA VAL C 285 -117.66 62.95 -82.43
C VAL C 285 -117.79 62.91 -83.95
N PRO C 286 -118.42 63.89 -84.56
CA PRO C 286 -118.54 63.91 -86.02
C PRO C 286 -117.21 64.25 -86.66
N PRO C 287 -117.04 64.01 -87.96
CA PRO C 287 -115.76 64.30 -88.60
C PRO C 287 -115.38 65.76 -88.50
N GLY C 288 -114.09 66.02 -88.39
CA GLY C 288 -113.59 67.37 -88.34
C GLY C 288 -113.81 68.09 -87.03
N GLU C 289 -113.92 67.36 -85.92
CA GLU C 289 -114.07 67.96 -84.62
C GLU C 289 -113.07 67.36 -83.64
N LYS C 290 -112.51 68.19 -82.78
CA LYS C 290 -111.59 67.71 -81.77
C LYS C 290 -112.30 66.73 -80.84
N ALA C 291 -111.56 65.74 -80.37
CA ALA C 291 -112.08 64.76 -79.43
C ALA C 291 -111.02 64.44 -78.40
N ALA C 292 -111.42 64.36 -77.14
CA ALA C 292 -110.52 63.90 -76.10
C ALA C 292 -110.12 62.45 -76.37
N VAL C 293 -108.97 62.06 -75.83
CA VAL C 293 -108.44 60.72 -76.06
C VAL C 293 -107.44 60.41 -74.97
N VAL C 294 -107.28 59.12 -74.68
CA VAL C 294 -106.20 58.64 -73.83
C VAL C 294 -105.34 57.71 -74.66
N GLU C 295 -104.03 57.83 -74.51
CA GLU C 295 -103.11 57.01 -75.28
C GLU C 295 -102.88 55.68 -74.56
N VAL C 296 -102.71 54.63 -75.36
CA VAL C 296 -102.42 53.31 -74.82
C VAL C 296 -101.27 52.70 -75.62
N MET D 1 -169.34 21.32 -4.09
CA MET D 1 -170.11 20.29 -3.38
C MET D 1 -169.24 19.54 -2.39
N GLU D 2 -169.83 19.11 -1.28
CA GLU D 2 -169.09 18.43 -0.23
C GLU D 2 -170.04 17.47 0.46
N VAL D 3 -169.80 16.17 0.31
CA VAL D 3 -170.60 15.18 1.03
C VAL D 3 -170.30 15.26 2.51
N ASP D 4 -171.34 15.22 3.33
CA ASP D 4 -171.23 15.33 4.77
C ASP D 4 -171.58 13.98 5.39
N ILE D 5 -170.57 13.23 5.79
CA ILE D 5 -170.78 11.94 6.44
C ILE D 5 -170.86 12.18 7.94
N ALA D 6 -172.00 11.81 8.53
CA ALA D 6 -172.21 12.00 9.96
C ALA D 6 -171.59 10.85 10.74
N LEU D 7 -171.44 11.06 12.05
CA LEU D 7 -170.81 10.10 12.93
C LEU D 7 -171.62 9.91 14.19
N PRO D 8 -171.65 8.69 14.73
CA PRO D 8 -172.16 8.51 16.08
C PRO D 8 -171.12 8.93 17.10
N THR D 9 -171.37 8.72 18.39
CA THR D 9 -170.36 8.99 19.40
C THR D 9 -169.46 7.76 19.53
N LEU D 10 -168.18 8.00 19.75
CA LEU D 10 -167.19 6.93 19.82
C LEU D 10 -166.24 7.19 20.98
N SER D 11 -165.61 6.13 21.46
CA SER D 11 -164.59 6.27 22.47
C SER D 11 -163.34 6.89 21.85
N PRO D 12 -162.59 7.71 22.60
CA PRO D 12 -161.40 8.34 22.03
C PRO D 12 -160.31 7.37 21.65
N GLY D 13 -160.35 6.12 22.13
CA GLY D 13 -159.37 5.13 21.73
C GLY D 13 -159.38 4.84 20.24
N ASP D 14 -160.51 5.07 19.57
CA ASP D 14 -160.62 4.85 18.14
C ASP D 14 -160.89 6.10 17.34
N LEU D 15 -161.32 7.19 17.96
CA LEU D 15 -161.43 8.44 17.22
C LEU D 15 -160.07 8.89 16.72
N SER D 16 -159.04 8.73 17.55
CA SER D 16 -157.69 9.06 17.10
C SER D 16 -157.21 8.09 16.03
N ALA D 17 -157.78 6.88 15.98
CA ALA D 17 -157.43 5.95 14.91
C ALA D 17 -158.08 6.37 13.60
N LEU D 18 -159.37 6.70 13.63
CA LEU D 18 -160.05 7.19 12.45
C LEU D 18 -159.48 8.53 11.98
N GLN D 19 -158.98 9.34 12.91
CA GLN D 19 -158.44 10.64 12.54
C GLN D 19 -157.19 10.52 11.69
N ARG D 20 -156.43 9.43 11.86
CA ARG D 20 -155.25 9.26 11.02
C ARG D 20 -155.59 8.85 9.59
N CYS D 21 -156.86 8.65 9.27
CA CYS D 21 -157.29 8.37 7.91
C CYS D 21 -157.91 9.64 7.34
N GLU D 22 -157.04 10.48 6.77
CA GLU D 22 -157.45 11.77 6.21
C GLU D 22 -157.34 11.82 4.70
N GLY D 23 -156.85 10.77 4.07
CA GLY D 23 -156.63 10.81 2.64
C GLY D 23 -157.02 9.54 1.93
N ARG D 24 -157.76 8.68 2.60
CA ARG D 24 -158.22 7.45 1.97
C ARG D 24 -159.60 7.67 1.36
N VAL D 25 -159.95 6.80 0.43
CA VAL D 25 -161.14 6.96 -0.41
C VAL D 25 -162.19 5.97 0.04
N VAL D 26 -163.45 6.38 -0.02
CA VAL D 26 -164.57 5.53 0.34
C VAL D 26 -165.48 5.37 -0.86
N PHE D 27 -166.52 4.56 -0.73
CA PHE D 27 -167.45 4.28 -1.82
C PHE D 27 -168.87 4.44 -1.33
N LEU D 28 -169.55 5.49 -1.78
CA LEU D 28 -170.93 5.74 -1.40
C LEU D 28 -171.83 4.79 -2.19
N GLU D 29 -173.15 5.03 -2.11
CA GLU D 29 -174.12 4.42 -3.00
C GLU D 29 -174.95 5.45 -3.74
N THR D 30 -175.18 6.62 -3.15
CA THR D 30 -175.94 7.68 -3.79
C THR D 30 -175.23 8.99 -3.46
N LEU D 31 -175.48 10.02 -4.27
CA LEU D 31 -174.80 11.30 -4.10
C LEU D 31 -175.70 12.31 -3.37
N ARG D 32 -176.39 11.86 -2.34
CA ARG D 32 -177.03 12.79 -1.43
C ARG D 32 -175.98 13.60 -0.69
N ARG D 33 -176.37 14.80 -0.27
CA ARG D 33 -175.46 15.66 0.46
C ARG D 33 -175.07 15.03 1.79
N HIS D 34 -176.05 14.61 2.58
CA HIS D 34 -175.80 13.99 3.86
C HIS D 34 -175.74 12.48 3.75
N ALA D 35 -174.97 11.87 4.66
CA ALA D 35 -174.84 10.42 4.70
C ALA D 35 -174.30 10.02 6.06
N THR D 36 -174.65 8.82 6.50
CA THR D 36 -174.26 8.30 7.79
C THR D 36 -173.14 7.27 7.59
N LEU D 37 -172.37 7.04 8.65
CA LEU D 37 -171.21 6.15 8.56
C LEU D 37 -171.63 4.73 8.19
N ARG D 38 -172.84 4.31 8.56
CA ARG D 38 -173.27 2.95 8.27
C ARG D 38 -173.40 2.68 6.79
N GLU D 39 -173.71 3.71 5.98
CA GLU D 39 -173.88 3.51 4.55
C GLU D 39 -172.59 3.06 3.90
N VAL D 40 -171.50 3.73 4.20
CA VAL D 40 -170.19 3.41 3.63
C VAL D 40 -169.49 2.49 4.61
N ALA D 41 -169.74 1.19 4.47
CA ALA D 41 -169.15 0.21 5.36
C ALA D 41 -169.24 -1.14 4.67
N LEU D 42 -168.10 -1.77 4.43
CA LEU D 42 -168.04 -3.07 3.82
C LEU D 42 -167.66 -4.11 4.85
N PRO D 43 -168.00 -5.39 4.61
CA PRO D 43 -167.53 -6.44 5.53
C PRO D 43 -166.03 -6.63 5.48
N CYS D 44 -165.53 -7.59 6.24
CA CYS D 44 -164.10 -7.86 6.27
C CYS D 44 -163.67 -8.50 4.95
N GLY D 45 -162.41 -8.95 4.90
CA GLY D 45 -161.84 -9.53 3.71
C GLY D 45 -162.69 -10.62 3.08
N GLY D 46 -162.69 -10.69 1.75
CA GLY D 46 -163.45 -11.69 1.03
C GLY D 46 -163.86 -11.27 -0.36
N ASP D 47 -163.74 -12.19 -1.32
CA ASP D 47 -164.23 -12.01 -2.69
C ASP D 47 -163.56 -10.83 -3.38
N VAL D 48 -162.25 -10.95 -3.59
CA VAL D 48 -161.49 -9.87 -4.22
C VAL D 48 -162.06 -9.53 -5.59
N LEU D 49 -162.38 -10.55 -6.39
CA LEU D 49 -162.93 -10.31 -7.71
C LEU D 49 -164.32 -9.68 -7.61
N ALA D 50 -165.17 -10.21 -6.73
CA ALA D 50 -166.49 -9.62 -6.55
C ALA D 50 -166.39 -8.19 -6.05
N ALA D 51 -165.50 -7.94 -5.09
CA ALA D 51 -165.33 -6.59 -4.57
C ALA D 51 -164.92 -5.64 -5.68
N MET D 52 -163.91 -6.01 -6.46
CA MET D 52 -163.53 -5.19 -7.61
C MET D 52 -164.72 -4.96 -8.54
N ALA D 53 -165.52 -5.99 -8.76
CA ALA D 53 -166.72 -5.83 -9.58
C ALA D 53 -167.72 -4.89 -8.95
N ALA D 54 -167.62 -4.66 -7.64
CA ALA D 54 -168.51 -3.72 -6.97
C ALA D 54 -168.06 -2.28 -7.10
N TYR D 55 -166.77 -2.03 -7.27
CA TYR D 55 -166.27 -0.67 -7.41
C TYR D 55 -166.67 -0.03 -8.74
N ARG D 56 -167.32 -0.78 -9.64
CA ARG D 56 -167.67 -0.27 -10.95
C ARG D 56 -169.13 0.16 -11.04
N ARG D 57 -169.90 0.01 -9.98
CA ARG D 57 -171.28 0.49 -9.95
C ARG D 57 -171.46 1.71 -9.06
N ARG D 58 -170.93 1.68 -7.85
CA ARG D 58 -170.90 2.85 -6.99
C ARG D 58 -169.71 3.72 -7.36
N PHE D 59 -169.79 4.99 -6.99
CA PHE D 59 -168.72 5.93 -7.30
C PHE D 59 -168.01 6.35 -6.02
N ALA D 60 -166.73 6.64 -6.17
CA ALA D 60 -165.84 6.84 -5.03
C ALA D 60 -165.88 8.28 -4.53
N ALA D 61 -165.29 8.48 -3.37
CA ALA D 61 -165.17 9.79 -2.76
C ALA D 61 -164.06 9.72 -1.72
N VAL D 62 -163.15 10.69 -1.77
CA VAL D 62 -162.05 10.77 -0.80
C VAL D 62 -162.48 11.72 0.30
N ILE D 63 -162.05 11.44 1.52
CA ILE D 63 -162.39 12.30 2.64
C ILE D 63 -161.29 13.33 2.85
N THR D 64 -161.64 14.44 3.46
CA THR D 64 -160.64 15.49 3.57
C THR D 64 -160.40 15.96 5.00
N ARG D 65 -161.40 15.92 5.87
CA ARG D 65 -161.22 16.35 7.25
C ARG D 65 -162.09 15.50 8.16
N VAL D 66 -161.66 15.38 9.41
CA VAL D 66 -162.37 14.59 10.41
C VAL D 66 -162.58 15.46 11.65
N THR D 67 -163.73 15.98 11.79
CA THR D 67 -163.93 16.59 13.09
C THR D 67 -164.63 15.61 14.01
N PRO D 68 -164.51 15.76 15.33
CA PRO D 68 -165.21 14.84 16.25
C PRO D 68 -166.73 14.83 16.08
N HIS D 69 -167.30 15.59 15.15
CA HIS D 69 -168.72 15.59 14.90
C HIS D 69 -169.08 15.02 13.54
N ARG D 70 -168.55 15.59 12.46
CA ARG D 70 -168.85 15.17 11.10
C ARG D 70 -167.57 14.72 10.40
N MET D 71 -167.72 14.28 9.15
CA MET D 71 -166.57 13.86 8.36
C MET D 71 -166.84 14.26 6.91
N LEU D 72 -166.05 15.21 6.42
CA LEU D 72 -166.24 15.71 5.07
C LEU D 72 -165.69 14.70 4.05
N ALA D 73 -166.07 14.91 2.80
CA ALA D 73 -165.64 14.05 1.70
C ALA D 73 -165.69 14.87 0.42
N THR D 74 -165.58 14.19 -0.72
CA THR D 74 -165.67 14.87 -1.99
C THR D 74 -166.00 13.86 -3.09
N PRO D 75 -167.09 14.07 -3.83
CA PRO D 75 -167.43 13.17 -4.93
C PRO D 75 -166.31 13.18 -5.95
N LEU D 76 -165.75 11.99 -6.21
CA LEU D 76 -164.49 11.92 -6.94
C LEU D 76 -164.62 12.50 -8.34
N GLY D 77 -165.36 11.84 -9.23
CA GLY D 77 -165.60 12.47 -10.51
C GLY D 77 -167.07 12.54 -10.88
N VAL D 78 -167.65 13.73 -10.81
CA VAL D 78 -168.95 13.98 -11.44
C VAL D 78 -168.90 15.27 -12.23
N GLY D 79 -168.04 16.21 -11.82
CA GLY D 79 -168.03 17.52 -12.42
C GLY D 79 -166.69 18.20 -12.48
N GLY D 80 -165.63 17.48 -12.11
CA GLY D 80 -164.32 18.08 -12.06
C GLY D 80 -163.26 17.32 -12.81
N ARG D 81 -162.48 18.02 -13.64
CA ARG D 81 -161.33 17.43 -14.29
C ARG D 81 -160.03 18.11 -13.85
N GLY D 82 -160.11 19.03 -12.90
CA GLY D 82 -158.93 19.71 -12.40
C GLY D 82 -159.00 19.96 -10.91
N GLN D 83 -159.92 19.26 -10.24
CA GLN D 83 -160.12 19.48 -8.81
C GLN D 83 -158.93 18.97 -8.02
N SER D 84 -157.97 19.83 -7.73
CA SER D 84 -156.77 19.41 -7.02
C SER D 84 -157.11 19.02 -5.60
N LEU D 85 -156.73 17.80 -5.22
CA LEU D 85 -157.06 17.22 -3.93
C LEU D 85 -155.85 16.46 -3.42
N VAL D 86 -156.03 15.74 -2.31
CA VAL D 86 -154.98 14.94 -1.71
C VAL D 86 -155.54 13.58 -1.36
N LEU D 87 -154.75 12.53 -1.59
CA LEU D 87 -155.09 11.20 -1.10
C LEU D 87 -153.79 10.46 -0.83
N GLN D 88 -153.78 9.66 0.23
CA GLN D 88 -152.54 9.06 0.68
C GLN D 88 -152.30 7.73 -0.01
N ASN D 89 -151.03 7.45 -0.30
CA ASN D 89 -150.64 6.26 -1.03
C ASN D 89 -150.65 5.07 -0.08
N THR D 90 -151.71 4.27 -0.14
CA THR D 90 -151.92 3.18 0.80
C THR D 90 -151.67 1.81 0.16
N GLY D 91 -150.78 1.76 -0.82
CA GLY D 91 -150.40 0.50 -1.43
C GLY D 91 -149.00 0.12 -1.04
N PRO D 92 -148.50 -0.97 -1.59
CA PRO D 92 -147.13 -1.40 -1.26
C PRO D 92 -146.07 -0.66 -2.07
N PHE D 93 -146.43 -0.25 -3.28
CA PHE D 93 -145.49 0.40 -4.18
C PHE D 93 -145.54 1.90 -4.02
N ASP D 94 -144.37 2.53 -3.96
CA ASP D 94 -144.32 3.97 -4.12
C ASP D 94 -144.60 4.33 -5.57
N LEU D 95 -145.02 5.55 -5.79
CA LEU D 95 -145.40 5.99 -7.13
C LEU D 95 -144.77 7.33 -7.44
N THR D 96 -144.34 7.48 -8.69
CA THR D 96 -143.57 8.62 -9.16
C THR D 96 -144.53 9.65 -9.76
N ASN D 97 -144.00 10.85 -9.99
CA ASN D 97 -144.76 11.89 -10.67
C ASN D 97 -145.06 11.49 -12.11
N GLY D 98 -146.32 11.61 -12.51
CA GLY D 98 -146.67 11.46 -13.90
C GLY D 98 -147.73 10.42 -14.22
N ASP D 99 -147.65 9.26 -13.57
CA ASP D 99 -148.55 8.16 -13.90
C ASP D 99 -149.88 8.32 -13.19
N HIS D 100 -150.90 7.68 -13.73
CA HIS D 100 -152.21 7.69 -13.10
C HIS D 100 -152.24 6.72 -11.92
N VAL D 101 -153.42 6.57 -11.32
CA VAL D 101 -153.61 5.67 -10.19
C VAL D 101 -154.95 4.95 -10.37
N CYS D 102 -155.01 3.74 -9.84
CA CYS D 102 -156.21 2.91 -9.96
C CYS D 102 -156.52 2.27 -8.62
N LEU D 103 -157.81 2.19 -8.31
CA LEU D 103 -158.24 1.63 -7.02
C LEU D 103 -158.43 0.13 -7.13
N VAL D 104 -157.92 -0.59 -6.13
CA VAL D 104 -158.05 -2.05 -6.06
C VAL D 104 -158.33 -2.45 -4.62
N PRO D 105 -159.21 -3.42 -4.39
CA PRO D 105 -159.43 -3.89 -3.04
C PRO D 105 -158.15 -4.49 -2.47
N PRO D 106 -157.97 -4.45 -1.16
CA PRO D 106 -156.72 -4.92 -0.56
C PRO D 106 -156.60 -6.43 -0.68
N LEU D 107 -155.45 -6.94 -0.26
CA LEU D 107 -155.18 -8.37 -0.23
C LEU D 107 -154.86 -8.80 1.19
N LEU D 108 -154.81 -10.12 1.38
CA LEU D 108 -154.41 -10.74 2.65
C LEU D 108 -155.39 -10.46 3.78
N GLY D 109 -156.41 -9.67 3.52
CA GLY D 109 -157.19 -9.17 4.63
C GLY D 109 -156.32 -8.36 5.58
N ASP D 110 -156.82 -8.23 6.81
CA ASP D 110 -156.12 -7.60 7.94
C ASP D 110 -156.03 -6.09 7.78
N GLU D 111 -156.41 -5.55 6.63
CA GLU D 111 -156.50 -4.11 6.45
C GLU D 111 -157.95 -3.67 6.62
N CYS D 112 -158.43 -3.84 7.85
CA CYS D 112 -159.80 -3.52 8.21
C CYS D 112 -159.78 -2.67 9.48
N LEU D 113 -160.36 -1.48 9.40
CA LEU D 113 -160.35 -0.53 10.52
C LEU D 113 -161.58 -0.81 11.36
N ARG D 114 -161.42 -1.68 12.36
CA ARG D 114 -162.52 -2.07 13.22
C ARG D 114 -162.78 -0.99 14.27
N LEU D 115 -164.02 -0.55 14.37
CA LEU D 115 -164.46 0.36 15.43
C LEU D 115 -165.47 -0.40 16.27
N THR D 116 -165.03 -0.80 17.46
CA THR D 116 -165.90 -1.54 18.37
C THR D 116 -166.97 -0.65 18.99
N SER D 117 -166.78 0.66 18.94
CA SER D 117 -167.76 1.57 19.51
C SER D 117 -169.11 1.50 18.81
N ALA D 118 -169.16 0.97 17.58
CA ALA D 118 -170.42 0.74 16.90
C ALA D 118 -170.48 -0.58 16.15
N ASN D 119 -169.50 -1.47 16.35
CA ASN D 119 -169.52 -2.82 15.77
C ASN D 119 -169.45 -2.78 14.24
N LEU D 120 -168.74 -1.79 13.70
CA LEU D 120 -168.59 -1.65 12.26
C LEU D 120 -167.10 -1.59 11.93
N GLU D 121 -166.80 -1.69 10.63
CA GLU D 121 -165.43 -1.61 10.16
C GLU D 121 -165.44 -1.27 8.68
N LEU D 122 -164.33 -0.72 8.21
CA LEU D 122 -164.17 -0.28 6.84
C LEU D 122 -163.05 -1.05 6.18
N ARG D 123 -163.02 -1.00 4.85
CA ARG D 123 -161.94 -1.59 4.06
C ARG D 123 -161.54 -0.57 3.01
N PHE D 124 -160.54 0.23 3.35
CA PHE D 124 -160.04 1.22 2.40
C PHE D 124 -159.24 0.53 1.31
N PRO D 125 -159.52 0.80 0.05
CA PRO D 125 -158.75 0.17 -1.04
C PRO D 125 -157.38 0.80 -1.19
N MET D 126 -156.43 -0.01 -1.62
CA MET D 126 -155.11 0.52 -1.87
C MET D 126 -155.06 1.17 -3.25
N THR D 127 -154.00 1.94 -3.48
CA THR D 127 -153.83 2.71 -4.70
C THR D 127 -152.59 2.21 -5.43
N LEU D 128 -152.77 1.67 -6.63
CA LEU D 128 -151.62 1.22 -7.37
C LEU D 128 -151.44 2.02 -8.66
N PRO D 129 -150.21 2.20 -9.11
CA PRO D 129 -149.98 2.72 -10.46
C PRO D 129 -150.51 1.74 -11.50
N LEU D 130 -150.78 2.28 -12.69
CA LEU D 130 -151.48 1.50 -13.71
C LEU D 130 -150.64 0.33 -14.18
N ALA D 131 -149.35 0.56 -14.45
CA ALA D 131 -148.47 -0.45 -15.00
C ALA D 131 -148.36 -1.67 -14.09
N GLN D 132 -148.95 -1.58 -12.91
CA GLN D 132 -148.99 -2.71 -12.00
C GLN D 132 -150.40 -3.18 -11.67
N ALA D 133 -151.37 -2.27 -11.61
CA ALA D 133 -152.75 -2.71 -11.45
C ALA D 133 -153.18 -3.57 -12.61
N ARG D 134 -152.69 -3.26 -13.82
CA ARG D 134 -152.98 -4.10 -14.97
C ARG D 134 -152.47 -5.52 -14.74
N GLU D 135 -151.21 -5.65 -14.33
CA GLU D 135 -150.65 -6.98 -14.10
C GLU D 135 -151.39 -7.71 -12.99
N LEU D 136 -151.77 -7.01 -11.93
CA LEU D 136 -152.48 -7.66 -10.84
C LEU D 136 -153.81 -8.22 -11.32
N THR D 137 -154.63 -7.38 -11.95
CA THR D 137 -155.91 -7.88 -12.44
C THR D 137 -155.73 -8.99 -13.46
N ALA D 138 -154.68 -8.92 -14.28
CA ALA D 138 -154.43 -9.98 -15.24
C ALA D 138 -154.17 -11.28 -14.53
N ARG D 139 -153.25 -11.27 -13.56
CA ARG D 139 -152.91 -12.48 -12.81
C ARG D 139 -154.15 -13.06 -12.14
N VAL D 140 -154.98 -12.19 -11.56
CA VAL D 140 -156.12 -12.70 -10.81
C VAL D 140 -157.17 -13.31 -11.72
N VAL D 141 -157.50 -12.63 -12.83
CA VAL D 141 -158.50 -13.19 -13.73
C VAL D 141 -157.98 -14.46 -14.39
N ALA D 142 -156.69 -14.50 -14.73
CA ALA D 142 -156.13 -15.70 -15.34
C ALA D 142 -156.17 -16.86 -14.36
N ARG D 143 -155.82 -16.63 -13.10
CA ARG D 143 -155.87 -17.71 -12.12
C ARG D 143 -157.29 -18.19 -11.90
N ALA D 144 -158.22 -17.26 -11.68
CA ALA D 144 -159.61 -17.64 -11.46
C ALA D 144 -160.24 -18.28 -12.69
N ALA D 145 -159.69 -18.07 -13.88
CA ALA D 145 -160.19 -18.77 -15.05
C ALA D 145 -159.77 -20.23 -15.08
N GLU D 146 -158.80 -20.62 -14.25
CA GLU D 146 -158.34 -22.00 -14.26
C GLU D 146 -159.39 -22.93 -13.64
N THR D 147 -160.00 -22.52 -12.53
CA THR D 147 -161.07 -23.28 -11.91
C THR D 147 -162.34 -23.08 -12.76
N LEU D 148 -162.43 -23.91 -13.81
CA LEU D 148 -163.48 -23.81 -14.82
C LEU D 148 -164.87 -23.66 -14.23
N GLN D 168 -148.74 -14.76 -0.82
CA GLN D 168 -149.85 -13.82 -0.90
C GLN D 168 -150.86 -14.25 -1.96
N LEU D 169 -151.71 -15.23 -1.60
CA LEU D 169 -152.61 -15.79 -2.60
C LEU D 169 -153.91 -16.29 -1.99
N PRO D 170 -155.02 -15.56 -2.16
CA PRO D 170 -156.31 -16.05 -1.67
C PRO D 170 -157.05 -16.81 -2.76
N PRO D 171 -157.97 -17.70 -2.38
CA PRO D 171 -158.67 -18.52 -3.37
C PRO D 171 -159.97 -17.87 -3.81
N PRO D 172 -160.53 -18.29 -4.95
CA PRO D 172 -161.80 -17.72 -5.42
C PRO D 172 -163.00 -18.37 -4.76
N HIS D 173 -164.21 -18.02 -5.23
CA HIS D 173 -165.43 -18.56 -4.65
C HIS D 173 -166.35 -19.25 -5.66
N ARG D 174 -166.03 -19.20 -6.95
CA ARG D 174 -166.68 -19.98 -7.99
C ARG D 174 -168.12 -19.54 -8.26
N ASP D 175 -168.65 -18.61 -7.46
CA ASP D 175 -169.98 -18.09 -7.74
C ASP D 175 -169.94 -16.86 -8.61
N ASN D 176 -168.82 -16.16 -8.66
CA ASN D 176 -168.65 -15.01 -9.53
C ASN D 176 -167.49 -15.16 -10.50
N ALA D 177 -166.67 -16.20 -10.36
CA ALA D 177 -165.59 -16.43 -11.32
C ALA D 177 -166.14 -16.59 -12.72
N GLU D 178 -167.21 -17.38 -12.87
CA GLU D 178 -167.78 -17.62 -14.19
C GLU D 178 -168.22 -16.32 -14.86
N ALA D 179 -168.69 -15.34 -14.09
CA ALA D 179 -169.07 -14.07 -14.68
C ALA D 179 -167.85 -13.36 -15.28
N ALA D 180 -166.73 -13.38 -14.56
CA ALA D 180 -165.52 -12.76 -15.08
C ALA D 180 -165.01 -13.52 -16.30
N THR D 181 -165.06 -14.85 -16.26
CA THR D 181 -164.65 -15.63 -17.43
C THR D 181 -165.52 -15.30 -18.63
N ARG D 182 -166.82 -15.10 -18.41
CA ARG D 182 -167.71 -14.70 -19.50
C ARG D 182 -167.30 -13.34 -20.04
N SER D 183 -167.10 -12.37 -19.14
CA SER D 183 -166.69 -11.04 -19.56
C SER D 183 -165.42 -11.09 -20.40
N LEU D 184 -164.51 -11.99 -20.06
CA LEU D 184 -163.26 -12.12 -20.81
C LEU D 184 -163.48 -12.81 -22.15
N VAL D 185 -164.01 -14.03 -22.11
CA VAL D 185 -164.19 -14.82 -23.32
C VAL D 185 -165.06 -14.11 -24.33
N LEU D 186 -165.93 -13.21 -23.87
CA LEU D 186 -166.80 -12.51 -24.80
C LEU D 186 -166.00 -11.55 -25.67
N ASN D 187 -165.20 -10.68 -25.03
CA ASN D 187 -164.30 -9.81 -25.76
C ASN D 187 -163.34 -10.62 -26.63
N MET D 188 -162.92 -11.79 -26.16
CA MET D 188 -162.02 -12.59 -26.98
C MET D 188 -162.71 -13.12 -28.23
N ILE D 189 -163.92 -13.67 -28.09
CA ILE D 189 -164.55 -14.33 -29.24
C ILE D 189 -164.97 -13.29 -30.27
N PHE D 190 -165.38 -12.11 -29.83
CA PHE D 190 -165.82 -11.17 -30.85
C PHE D 190 -164.67 -10.59 -31.64
N LEU D 191 -163.42 -10.90 -31.30
CA LEU D 191 -162.30 -10.41 -32.07
C LEU D 191 -162.15 -11.16 -33.38
N LEU D 192 -162.52 -12.44 -33.40
CA LEU D 192 -162.36 -13.25 -34.60
C LEU D 192 -163.36 -12.82 -35.67
N ASN D 193 -162.84 -12.44 -36.84
CA ASN D 193 -163.69 -12.10 -37.98
C ASN D 193 -163.00 -12.59 -39.24
N GLU D 194 -163.65 -12.34 -40.38
CA GLU D 194 -163.09 -12.77 -41.66
C GLU D 194 -161.68 -12.21 -41.85
N GLY D 195 -161.46 -10.97 -41.43
CA GLY D 195 -160.12 -10.41 -41.50
C GLY D 195 -159.13 -11.17 -40.64
N ALA D 196 -159.57 -11.65 -39.48
CA ALA D 196 -158.66 -12.28 -38.54
C ALA D 196 -157.91 -13.45 -39.16
N VAL D 197 -158.57 -14.22 -40.02
CA VAL D 197 -157.90 -15.39 -40.59
C VAL D 197 -156.82 -14.96 -41.57
N ILE D 198 -157.00 -13.84 -42.27
CA ILE D 198 -155.95 -13.32 -43.13
C ILE D 198 -154.70 -13.05 -42.33
N LEU D 199 -154.85 -12.30 -41.23
CA LEU D 199 -153.72 -12.01 -40.36
C LEU D 199 -153.14 -13.28 -39.78
N LEU D 200 -153.97 -14.27 -39.48
CA LEU D 200 -153.48 -15.54 -38.98
C LEU D 200 -152.74 -16.32 -40.06
N SER D 201 -152.93 -15.99 -41.33
CA SER D 201 -152.34 -16.75 -42.41
C SER D 201 -150.85 -16.46 -42.61
N LEU D 202 -150.26 -15.55 -41.84
CA LEU D 202 -148.88 -15.14 -42.05
C LEU D 202 -147.99 -15.43 -40.85
N ILE D 203 -148.48 -16.18 -39.86
CA ILE D 203 -147.65 -16.51 -38.70
C ILE D 203 -146.30 -17.09 -39.12
N PRO D 204 -146.22 -18.05 -40.06
CA PRO D 204 -144.90 -18.43 -40.58
C PRO D 204 -144.18 -17.28 -41.26
N ASN D 205 -144.91 -16.48 -42.05
CA ASN D 205 -144.30 -15.35 -42.73
C ASN D 205 -143.84 -14.28 -41.74
N LEU D 206 -144.38 -14.29 -40.52
CA LEU D 206 -143.90 -13.40 -39.48
C LEU D 206 -142.68 -13.98 -38.78
N LEU D 207 -142.74 -15.25 -38.40
CA LEU D 207 -141.62 -15.87 -37.71
C LEU D 207 -140.37 -15.89 -38.58
N THR D 208 -140.52 -16.09 -39.89
CA THR D 208 -139.34 -16.01 -40.75
C THR D 208 -138.76 -14.61 -40.78
N LEU D 209 -139.56 -13.59 -40.47
CA LEU D 209 -139.05 -12.24 -40.35
C LEU D 209 -138.42 -11.98 -38.99
N GLY D 210 -138.96 -12.58 -37.93
CA GLY D 210 -138.46 -12.36 -36.60
C GLY D 210 -137.15 -13.06 -36.33
N ALA D 211 -136.48 -13.49 -37.40
CA ALA D 211 -135.17 -14.10 -37.28
C ALA D 211 -134.14 -13.42 -38.16
N GLN D 212 -134.51 -12.34 -38.86
CA GLN D 212 -133.61 -11.64 -39.74
C GLN D 212 -133.21 -10.27 -39.21
N ASP D 213 -133.81 -9.80 -38.12
CA ASP D 213 -133.42 -8.56 -37.48
C ASP D 213 -133.61 -8.69 -35.98
N GLY D 214 -133.06 -7.74 -35.23
CA GLY D 214 -133.09 -7.83 -33.79
C GLY D 214 -134.42 -7.46 -33.16
N TYR D 215 -134.90 -6.26 -33.48
CA TYR D 215 -136.10 -5.76 -32.82
C TYR D 215 -137.30 -6.65 -33.09
N ALA D 216 -137.35 -7.27 -34.27
CA ALA D 216 -138.46 -8.18 -34.56
C ALA D 216 -138.42 -9.39 -33.65
N ASN D 217 -137.22 -9.93 -33.42
CA ASN D 217 -137.12 -11.02 -32.46
C ASN D 217 -137.46 -10.55 -31.05
N ALA D 218 -137.21 -9.27 -30.76
CA ALA D 218 -137.49 -8.77 -29.41
C ALA D 218 -138.98 -8.61 -29.17
N VAL D 219 -139.71 -8.08 -30.16
CA VAL D 219 -141.13 -7.78 -29.96
C VAL D 219 -141.94 -9.05 -29.73
N ILE D 220 -141.45 -10.19 -30.17
CA ILE D 220 -142.10 -11.47 -29.90
C ILE D 220 -141.57 -11.99 -28.58
N GLN D 221 -142.47 -12.23 -27.63
CA GLN D 221 -142.03 -12.80 -26.35
C GLN D 221 -141.57 -14.24 -26.55
N LEU D 222 -141.08 -14.83 -25.47
CA LEU D 222 -140.48 -16.15 -25.55
C LEU D 222 -141.54 -17.24 -25.53
N GLY D 223 -142.33 -17.31 -24.47
CA GLY D 223 -143.43 -18.24 -24.40
C GLY D 223 -144.69 -17.65 -25.01
N SER D 224 -144.56 -17.13 -26.23
CA SER D 224 -145.64 -16.39 -26.88
C SER D 224 -146.75 -17.28 -27.40
N ALA D 225 -146.74 -18.57 -27.14
CA ALA D 225 -147.82 -19.49 -27.52
C ALA D 225 -148.12 -19.47 -29.00
N THR D 226 -147.33 -18.74 -29.79
CA THR D 226 -147.45 -18.75 -31.24
C THR D 226 -146.18 -19.23 -31.92
N ARG D 227 -145.03 -19.14 -31.23
CA ARG D 227 -143.87 -19.89 -31.68
C ARG D 227 -144.09 -21.39 -31.54
N GLU D 228 -145.01 -21.81 -30.68
CA GLU D 228 -145.41 -23.20 -30.60
C GLU D 228 -146.60 -23.51 -31.49
N LEU D 229 -146.92 -22.64 -32.44
CA LEU D 229 -147.94 -22.93 -33.46
C LEU D 229 -147.34 -22.98 -34.85
N GLY D 230 -146.54 -21.99 -35.23
CA GLY D 230 -145.86 -22.04 -36.51
C GLY D 230 -144.90 -23.20 -36.65
N GLN D 231 -144.61 -23.89 -35.56
CA GLN D 231 -143.72 -25.05 -35.58
C GLN D 231 -144.46 -26.37 -35.49
N LEU D 232 -145.79 -26.34 -35.40
CA LEU D 232 -146.59 -27.55 -35.32
C LEU D 232 -147.63 -27.69 -36.41
N VAL D 233 -148.10 -26.58 -37.00
CA VAL D 233 -149.26 -26.63 -37.87
C VAL D 233 -148.98 -25.77 -39.10
N ARG D 234 -149.38 -26.29 -40.27
CA ARG D 234 -149.28 -25.57 -41.53
C ARG D 234 -150.69 -25.25 -42.02
N GLN D 235 -150.84 -24.09 -42.67
CA GLN D 235 -152.14 -23.69 -43.15
C GLN D 235 -152.06 -23.27 -44.61
N PRO D 236 -153.11 -23.50 -45.37
CA PRO D 236 -153.08 -23.21 -46.81
C PRO D 236 -153.26 -21.72 -47.07
N PRO D 237 -153.17 -21.29 -48.33
CA PRO D 237 -153.54 -19.92 -48.66
C PRO D 237 -154.96 -19.61 -48.20
N PRO D 238 -155.21 -18.39 -47.74
CA PRO D 238 -156.51 -18.09 -47.15
C PRO D 238 -157.59 -18.08 -48.22
N PRO D 239 -158.80 -18.49 -47.89
CA PRO D 239 -159.89 -18.45 -48.87
C PRO D 239 -160.34 -17.00 -49.09
N LEU D 240 -160.58 -16.65 -50.34
CA LEU D 240 -160.99 -15.29 -50.64
C LEU D 240 -162.40 -15.04 -50.11
N PRO D 241 -162.63 -13.88 -49.51
CA PRO D 241 -163.97 -13.60 -48.98
C PRO D 241 -164.99 -13.33 -50.07
N GLN D 242 -166.24 -13.14 -49.68
CA GLN D 242 -167.28 -12.75 -50.61
C GLN D 242 -167.11 -11.27 -50.94
N ASP D 243 -167.19 -10.94 -52.23
CA ASP D 243 -167.04 -9.58 -52.71
C ASP D 243 -165.70 -8.99 -52.28
N HIS D 244 -164.63 -9.62 -52.74
CA HIS D 244 -163.28 -9.16 -52.44
C HIS D 244 -162.78 -8.14 -53.45
N ALA D 245 -163.63 -7.72 -54.40
CA ALA D 245 -163.27 -6.67 -55.33
C ALA D 245 -163.68 -5.28 -54.86
N ARG D 246 -164.50 -5.19 -53.81
CA ARG D 246 -165.04 -3.93 -53.36
C ARG D 246 -164.60 -3.56 -51.95
N ARG D 247 -164.71 -4.47 -50.99
CA ARG D 247 -164.33 -4.22 -49.62
C ARG D 247 -163.01 -4.94 -49.30
N PHE D 248 -162.54 -4.74 -48.07
CA PHE D 248 -161.30 -5.36 -47.63
C PHE D 248 -161.36 -5.53 -46.12
N CYS D 249 -161.12 -6.76 -45.68
CA CYS D 249 -161.47 -7.17 -44.32
C CYS D 249 -160.43 -6.77 -43.30
N VAL D 250 -159.15 -6.77 -43.69
CA VAL D 250 -158.08 -6.60 -42.71
C VAL D 250 -158.19 -5.27 -42.00
N PHE D 251 -158.53 -4.20 -42.72
CA PHE D 251 -158.58 -2.90 -42.09
C PHE D 251 -159.73 -2.82 -41.09
N GLU D 252 -160.88 -3.39 -41.43
CA GLU D 252 -161.98 -3.44 -40.48
C GLU D 252 -161.61 -4.26 -39.25
N ALA D 253 -160.92 -5.38 -39.47
CA ALA D 253 -160.49 -6.21 -38.35
C ALA D 253 -159.57 -5.44 -37.42
N LEU D 254 -158.64 -4.66 -37.98
CA LEU D 254 -157.69 -3.95 -37.14
C LEU D 254 -158.35 -2.78 -36.43
N GLU D 255 -159.31 -2.12 -37.09
CA GLU D 255 -160.11 -1.11 -36.40
C GLU D 255 -160.86 -1.72 -35.22
N ALA D 256 -161.47 -2.89 -35.44
CA ALA D 256 -162.15 -3.56 -34.35
C ALA D 256 -161.19 -3.90 -33.22
N TRP D 257 -160.01 -4.42 -33.56
CA TRP D 257 -159.05 -4.80 -32.54
C TRP D 257 -158.63 -3.59 -31.72
N ILE D 258 -158.38 -2.45 -32.37
CA ILE D 258 -158.00 -1.25 -31.64
C ILE D 258 -159.12 -0.82 -30.71
N ALA D 259 -160.35 -0.78 -31.24
CA ALA D 259 -161.49 -0.34 -30.43
C ALA D 259 -161.71 -1.24 -29.24
N SER D 260 -161.43 -2.54 -29.37
CA SER D 260 -161.70 -3.47 -28.28
C SER D 260 -160.56 -3.51 -27.28
N ALA D 261 -159.32 -3.34 -27.74
CA ALA D 261 -158.19 -3.34 -26.82
C ALA D 261 -158.09 -2.04 -26.06
N SER D 262 -158.60 -0.95 -26.62
CA SER D 262 -158.56 0.32 -25.92
C SER D 262 -159.46 0.37 -24.69
N ARG D 263 -160.32 -0.63 -24.50
CA ARG D 263 -161.23 -0.66 -23.35
C ARG D 263 -161.28 -2.06 -22.76
N LEU D 264 -160.14 -2.72 -22.64
CA LEU D 264 -160.12 -4.03 -22.00
C LEU D 264 -159.93 -3.94 -20.50
N GLY D 265 -159.02 -3.07 -20.04
CA GLY D 265 -158.82 -2.91 -18.61
C GLY D 265 -160.05 -2.42 -17.89
N ASP D 266 -160.92 -1.69 -18.59
CA ASP D 266 -162.16 -1.22 -17.99
C ASP D 266 -163.04 -2.38 -17.56
N THR D 267 -163.34 -3.28 -18.50
CA THR D 267 -164.26 -4.37 -18.22
C THR D 267 -163.70 -5.40 -17.24
N LEU D 268 -162.39 -5.37 -16.98
CA LEU D 268 -161.78 -6.32 -16.06
C LEU D 268 -161.32 -5.66 -14.77
N GLY D 269 -160.45 -4.67 -14.85
CA GLY D 269 -160.04 -3.95 -13.66
C GLY D 269 -160.96 -2.78 -13.42
N THR D 270 -160.40 -1.58 -13.38
CA THR D 270 -161.19 -0.36 -13.29
C THR D 270 -160.43 0.75 -13.98
N ARG D 271 -161.15 1.75 -14.46
CA ARG D 271 -160.50 2.86 -15.14
C ARG D 271 -159.76 3.73 -14.12
N PRO D 272 -158.57 4.22 -14.45
CA PRO D 272 -157.90 5.14 -13.53
C PRO D 272 -158.71 6.40 -13.34
N VAL D 273 -158.42 7.10 -12.25
CA VAL D 273 -159.25 8.25 -11.87
C VAL D 273 -158.40 9.51 -11.71
N ALA D 274 -157.12 9.36 -11.43
CA ALA D 274 -156.29 10.52 -11.16
C ALA D 274 -154.84 10.21 -11.52
N ARG D 275 -154.11 11.25 -11.88
CA ARG D 275 -152.68 11.16 -12.12
C ARG D 275 -151.97 12.13 -11.19
N VAL D 276 -150.84 11.68 -10.64
CA VAL D 276 -150.17 12.46 -9.61
C VAL D 276 -149.43 13.62 -10.26
N CYS D 277 -149.45 14.78 -9.60
CA CYS D 277 -148.70 15.95 -10.01
C CYS D 277 -148.04 16.55 -8.79
N ILE D 278 -146.75 16.89 -8.92
CA ILE D 278 -145.98 17.43 -7.79
C ILE D 278 -145.13 18.59 -8.32
N PHE D 279 -145.31 19.77 -7.73
CA PHE D 279 -144.58 20.94 -8.18
C PHE D 279 -143.29 21.17 -7.39
N ASP D 280 -143.27 20.81 -6.11
CA ASP D 280 -142.19 21.19 -5.22
C ASP D 280 -141.40 20.00 -4.68
N GLY D 281 -142.07 19.05 -4.02
CA GLY D 281 -141.39 18.00 -3.33
C GLY D 281 -140.68 17.05 -4.27
N PRO D 282 -139.94 16.10 -3.69
CA PRO D 282 -139.30 15.10 -4.52
C PRO D 282 -140.33 14.31 -5.29
N PRO D 283 -139.96 13.74 -6.43
CA PRO D 283 -140.96 13.02 -7.24
C PRO D 283 -141.55 11.83 -6.51
N THR D 284 -140.71 10.94 -6.00
CA THR D 284 -141.21 9.71 -5.37
C THR D 284 -141.90 10.02 -4.05
N VAL D 285 -143.06 9.38 -3.85
CA VAL D 285 -143.78 9.50 -2.58
C VAL D 285 -143.91 8.10 -1.98
N PRO D 286 -143.13 7.79 -0.95
CA PRO D 286 -143.06 6.42 -0.45
C PRO D 286 -144.39 5.97 0.12
N PRO D 287 -144.60 4.66 0.31
CA PRO D 287 -145.88 4.18 0.80
C PRO D 287 -146.25 4.78 2.14
N GLY D 288 -147.55 4.96 2.36
CA GLY D 288 -148.06 5.42 3.64
C GLY D 288 -147.77 6.88 3.94
N GLU D 289 -147.75 7.72 2.91
CA GLU D 289 -147.54 9.15 3.09
C GLU D 289 -148.45 9.88 2.12
N LYS D 290 -148.96 11.04 2.54
CA LYS D 290 -149.84 11.81 1.69
C LYS D 290 -149.10 12.29 0.45
N ALA D 291 -149.87 12.60 -0.60
CA ALA D 291 -149.29 13.11 -1.84
C ALA D 291 -150.38 13.81 -2.63
N ALA D 292 -150.03 14.97 -3.18
CA ALA D 292 -150.98 15.72 -3.97
C ALA D 292 -151.30 14.98 -5.27
N VAL D 293 -152.37 15.42 -5.93
CA VAL D 293 -152.85 14.77 -7.14
C VAL D 293 -153.82 15.70 -7.84
N VAL D 294 -153.98 15.51 -9.14
CA VAL D 294 -155.05 16.13 -9.92
C VAL D 294 -155.82 15.01 -10.58
N GLU D 295 -157.15 15.11 -10.54
CA GLU D 295 -158.02 14.05 -11.03
C GLU D 295 -158.21 14.19 -12.53
N VAL D 296 -158.31 13.05 -13.21
CA VAL D 296 -158.63 13.01 -14.63
C VAL D 296 -159.94 12.26 -14.81
N MET E 1 -144.77 47.98 -39.60
CA MET E 1 -144.36 46.58 -39.60
C MET E 1 -143.63 46.22 -38.30
N GLU E 2 -142.72 47.09 -37.89
CA GLU E 2 -141.98 46.95 -36.64
C GLU E 2 -142.70 47.72 -35.54
N ARG E 3 -142.01 47.95 -34.42
CA ARG E 3 -142.58 48.68 -33.31
C ARG E 3 -143.20 49.99 -33.81
N PRO E 4 -144.38 50.36 -33.34
CA PRO E 4 -145.11 51.48 -33.94
C PRO E 4 -144.44 52.82 -33.67
N ALA E 5 -144.92 53.82 -34.39
CA ALA E 5 -144.42 55.18 -34.22
C ALA E 5 -144.94 55.75 -32.90
N ILE E 6 -144.02 56.09 -32.01
CA ILE E 6 -144.38 56.53 -30.67
C ILE E 6 -145.11 57.87 -30.72
N LEU E 7 -144.78 58.71 -31.69
CA LEU E 7 -145.46 59.99 -31.87
C LEU E 7 -145.43 60.35 -33.35
N PRO E 8 -146.58 60.33 -34.03
CA PRO E 8 -146.59 60.62 -35.46
C PRO E 8 -146.18 62.06 -35.73
N SER E 9 -145.42 62.24 -36.82
CA SER E 9 -144.92 63.55 -37.17
C SER E 9 -145.99 64.41 -37.84
N GLY E 10 -146.70 63.86 -38.82
CA GLY E 10 -147.77 64.57 -39.49
C GLY E 10 -148.98 63.67 -39.63
N GLN E 11 -150.08 64.28 -40.07
CA GLN E 11 -151.35 63.57 -40.21
C GLN E 11 -151.81 63.63 -41.66
N ILE E 12 -152.08 62.45 -42.23
CA ILE E 12 -152.55 62.37 -43.61
C ILE E 12 -153.91 63.05 -43.72
N LEU E 13 -154.17 63.63 -44.89
CA LEU E 13 -155.38 64.42 -45.10
C LEU E 13 -156.50 63.59 -45.71
N SER E 14 -156.28 63.05 -46.91
CA SER E 14 -157.34 62.38 -47.64
C SER E 14 -157.49 60.94 -47.18
N ASN E 15 -158.74 60.56 -46.88
CA ASN E 15 -159.06 59.19 -46.47
C ASN E 15 -159.40 58.38 -47.72
N ILE E 16 -158.48 57.50 -48.11
CA ILE E 16 -158.68 56.63 -49.27
C ILE E 16 -158.54 55.19 -48.81
N GLU E 17 -159.39 54.32 -49.37
CA GLU E 17 -159.25 52.89 -49.15
C GLU E 17 -157.82 52.46 -49.45
N VAL E 18 -157.20 51.79 -48.48
CA VAL E 18 -155.77 51.51 -48.60
C VAL E 18 -155.51 50.25 -49.41
N HIS E 19 -156.37 49.23 -49.27
CA HIS E 19 -156.05 47.91 -49.80
C HIS E 19 -155.87 47.94 -51.30
N SER E 20 -156.77 48.61 -52.02
CA SER E 20 -156.65 48.63 -53.48
C SER E 20 -155.42 49.41 -53.93
N HIS E 21 -154.92 50.32 -53.09
CA HIS E 21 -153.65 50.98 -53.36
C HIS E 21 -152.51 50.22 -52.69
N ARG E 22 -152.47 48.91 -52.91
CA ARG E 22 -151.39 48.09 -52.37
C ARG E 22 -150.12 48.22 -53.19
N ALA E 23 -150.25 48.54 -54.47
CA ALA E 23 -149.07 48.61 -55.33
C ALA E 23 -148.22 49.84 -55.00
N LEU E 24 -148.87 50.98 -54.75
CA LEU E 24 -148.14 52.22 -54.52
C LEU E 24 -147.26 52.16 -53.28
N PHE E 25 -147.50 51.22 -52.38
CA PHE E 25 -146.78 51.16 -51.13
C PHE E 25 -145.67 50.13 -51.18
N ASP E 26 -144.77 50.21 -50.18
CA ASP E 26 -143.82 49.15 -49.91
C ASP E 26 -144.54 48.06 -49.12
N ILE E 27 -143.78 47.14 -48.51
CA ILE E 27 -144.39 46.09 -47.72
C ILE E 27 -145.26 46.71 -46.64
N PHE E 28 -146.47 46.18 -46.47
CA PHE E 28 -147.41 46.71 -45.50
C PHE E 28 -148.26 45.58 -44.93
N LYS E 29 -148.71 45.77 -43.70
CA LYS E 29 -149.45 44.76 -42.97
C LYS E 29 -150.96 44.99 -43.09
N ARG E 30 -151.72 43.92 -42.90
CA ARG E 30 -153.17 44.05 -42.84
C ARG E 30 -153.62 44.44 -41.45
N PHE E 31 -153.08 43.78 -40.42
CA PHE E 31 -153.19 44.23 -39.03
C PHE E 31 -154.65 44.33 -38.58
N ARG E 32 -155.27 43.15 -38.45
CA ARG E 32 -156.55 43.04 -37.76
C ARG E 32 -156.40 43.63 -36.36
N SER E 33 -157.52 43.93 -35.70
CA SER E 33 -157.52 44.69 -34.46
C SER E 33 -156.59 44.07 -33.40
N ASP E 34 -155.92 44.95 -32.67
CA ASP E 34 -155.14 44.68 -31.45
C ASP E 34 -154.35 43.36 -31.48
N ASP E 35 -153.43 43.22 -32.43
CA ASP E 35 -152.51 42.10 -32.40
C ASP E 35 -151.70 42.12 -31.11
N ASN E 36 -151.17 40.95 -30.73
CA ASN E 36 -150.38 40.90 -29.51
C ASN E 36 -148.94 41.31 -29.75
N ASN E 37 -148.40 41.05 -30.94
CA ASN E 37 -146.99 41.34 -31.19
C ASN E 37 -146.68 42.82 -31.09
N LEU E 38 -147.67 43.69 -31.22
CA LEU E 38 -147.43 45.13 -31.07
C LEU E 38 -146.80 45.43 -29.72
N TYR E 39 -147.38 44.93 -28.65
CA TYR E 39 -146.81 45.11 -27.34
C TYR E 39 -145.62 44.16 -27.16
N GLY E 40 -144.83 44.43 -26.13
CA GLY E 40 -143.63 43.67 -25.89
C GLY E 40 -142.40 44.40 -26.37
N ALA E 41 -141.70 45.05 -25.45
CA ALA E 41 -140.52 45.85 -25.76
C ALA E 41 -139.30 45.05 -25.30
N GLU E 42 -138.64 44.40 -26.24
CA GLU E 42 -137.47 43.58 -25.97
C GLU E 42 -136.27 44.23 -26.63
N PHE E 43 -135.23 44.51 -25.86
CA PHE E 43 -134.07 45.22 -26.35
C PHE E 43 -132.80 44.47 -25.97
N ASP E 44 -131.77 44.64 -26.80
CA ASP E 44 -130.44 44.16 -26.47
C ASP E 44 -129.74 45.16 -25.57
N ALA E 45 -128.63 44.75 -24.97
CA ALA E 45 -127.92 45.64 -24.07
C ALA E 45 -126.43 45.33 -24.11
N LEU E 46 -125.63 46.39 -24.25
CA LEU E 46 -124.18 46.32 -24.11
C LEU E 46 -123.87 46.69 -22.66
N LEU E 47 -123.43 45.70 -21.88
CA LEU E 47 -123.32 45.86 -20.45
C LEU E 47 -121.98 46.43 -20.00
N GLY E 48 -121.11 46.79 -20.94
CA GLY E 48 -119.84 47.39 -20.57
C GLY E 48 -118.80 47.20 -21.66
N THR E 49 -117.72 47.96 -21.53
CA THR E 49 -116.62 47.92 -22.47
C THR E 49 -115.30 48.03 -21.72
N TYR E 50 -114.27 47.38 -22.27
CA TYR E 50 -112.98 47.31 -21.59
C TYR E 50 -111.86 47.26 -22.62
N CYS E 51 -111.06 48.33 -22.69
CA CYS E 51 -109.91 48.38 -23.58
C CYS E 51 -108.64 48.39 -22.74
N SER E 52 -107.68 47.57 -23.12
CA SER E 52 -106.44 47.49 -22.37
C SER E 52 -105.56 48.70 -22.67
N THR E 53 -104.44 48.78 -21.97
CA THR E 53 -103.43 49.79 -22.21
C THR E 53 -102.08 49.14 -22.38
N LEU E 54 -101.17 49.85 -23.03
CA LEU E 54 -99.82 49.35 -23.18
C LEU E 54 -99.08 49.43 -21.85
N SER E 55 -97.99 48.68 -21.75
CA SER E 55 -97.07 48.77 -20.62
C SER E 55 -95.72 49.13 -21.22
N LEU E 56 -95.49 50.43 -21.37
CA LEU E 56 -94.24 50.88 -21.98
C LEU E 56 -93.06 50.55 -21.08
N VAL E 57 -91.98 50.09 -21.70
CA VAL E 57 -90.75 49.79 -20.99
C VAL E 57 -89.62 50.60 -21.62
N ARG E 58 -88.70 51.07 -20.79
CA ARG E 58 -87.52 51.77 -21.24
C ARG E 58 -86.30 50.91 -20.93
N PHE E 59 -85.34 50.87 -21.85
CA PHE E 59 -84.19 50.01 -21.64
C PHE E 59 -83.37 50.45 -20.44
N LEU E 60 -83.32 51.75 -20.17
CA LEU E 60 -82.44 52.25 -19.13
C LEU E 60 -82.87 51.77 -17.77
N GLU E 61 -84.16 51.91 -17.45
CA GLU E 61 -84.63 51.51 -16.13
C GLU E 61 -84.49 50.01 -15.89
N LEU E 62 -84.32 49.22 -16.94
CA LEU E 62 -84.04 47.81 -16.76
C LEU E 62 -82.64 47.65 -16.18
N GLY E 63 -82.51 46.79 -15.18
CA GLY E 63 -81.20 46.56 -14.59
C GLY E 63 -80.19 45.99 -15.56
N LEU E 64 -80.65 45.37 -16.64
CA LEU E 64 -79.74 44.81 -17.63
C LEU E 64 -78.83 45.86 -18.25
N SER E 65 -79.23 47.13 -18.24
CA SER E 65 -78.48 48.15 -18.98
C SER E 65 -77.04 48.23 -18.53
N VAL E 66 -76.75 47.89 -17.27
CA VAL E 66 -75.39 47.95 -16.78
C VAL E 66 -74.45 47.12 -17.63
N ALA E 67 -74.97 46.21 -18.44
CA ALA E 67 -74.11 45.37 -19.25
C ALA E 67 -73.37 46.19 -20.30
N CYS E 68 -74.10 47.02 -21.05
CA CYS E 68 -73.53 47.68 -22.21
C CYS E 68 -73.50 49.20 -22.01
N VAL E 69 -72.51 49.83 -22.61
CA VAL E 69 -72.36 51.28 -22.54
C VAL E 69 -72.99 51.83 -23.81
N CYS E 70 -74.30 52.09 -23.74
CA CYS E 70 -75.00 52.66 -24.88
C CYS E 70 -74.52 54.09 -25.12
N THR E 71 -74.41 54.46 -26.40
CA THR E 71 -74.06 55.83 -26.75
C THR E 71 -74.58 56.13 -28.14
N LYS E 72 -74.95 57.38 -28.37
CA LYS E 72 -75.56 57.79 -29.62
C LYS E 72 -74.51 58.23 -30.62
N PHE E 73 -74.80 58.01 -31.90
CA PHE E 73 -73.85 58.24 -32.98
C PHE E 73 -74.62 58.61 -34.24
N PRO E 74 -75.06 59.87 -34.33
CA PRO E 74 -76.00 60.24 -35.41
C PRO E 74 -75.57 59.84 -36.80
N GLU E 75 -74.32 60.09 -37.18
CA GLU E 75 -73.87 59.75 -38.52
C GLU E 75 -73.27 58.34 -38.55
N LEU E 76 -73.96 57.39 -37.94
CA LEU E 76 -73.49 56.02 -37.97
C LEU E 76 -73.61 55.44 -39.37
N SER E 77 -74.59 55.89 -40.15
CA SER E 77 -74.78 55.34 -41.48
C SER E 77 -73.69 55.75 -42.47
N TYR E 78 -72.81 56.66 -42.10
CA TYR E 78 -71.74 57.10 -42.98
C TYR E 78 -70.46 56.32 -42.78
N VAL E 79 -70.45 55.36 -41.86
CA VAL E 79 -69.21 54.78 -41.37
C VAL E 79 -69.05 53.38 -41.96
N ALA E 80 -67.88 53.13 -42.53
CA ALA E 80 -67.45 51.79 -42.92
C ALA E 80 -66.81 51.13 -41.70
N GLU E 81 -66.07 50.03 -41.92
CA GLU E 81 -65.70 49.18 -40.81
C GLU E 81 -64.77 49.86 -39.80
N GLY E 82 -65.33 50.34 -38.69
CA GLY E 82 -64.53 50.94 -37.65
C GLY E 82 -63.86 49.90 -36.77
N THR E 83 -62.88 50.36 -35.99
CA THR E 83 -62.12 49.47 -35.12
C THR E 83 -61.88 50.15 -33.79
N ILE E 84 -61.18 49.44 -32.90
CA ILE E 84 -60.61 50.02 -31.69
C ILE E 84 -59.24 49.40 -31.48
N GLN E 85 -58.46 49.98 -30.57
CA GLN E 85 -57.09 49.54 -30.35
C GLN E 85 -56.91 49.02 -28.93
N PHE E 86 -55.77 48.40 -28.69
CA PHE E 86 -55.44 47.86 -27.37
C PHE E 86 -53.93 47.78 -27.24
N GLU E 87 -53.43 48.02 -26.03
CA GLU E 87 -52.02 47.89 -25.74
C GLU E 87 -51.85 47.34 -24.32
N VAL E 88 -51.16 46.22 -24.19
CA VAL E 88 -51.00 45.55 -22.91
C VAL E 88 -49.54 45.16 -22.73
N GLN E 89 -49.05 45.25 -21.51
CA GLN E 89 -47.75 44.73 -21.13
C GLN E 89 -47.94 43.46 -20.31
N GLN E 90 -46.84 42.88 -19.88
CA GLN E 90 -46.92 41.72 -19.00
C GLN E 90 -45.85 41.84 -17.93
N PRO E 91 -46.21 41.82 -16.66
CA PRO E 91 -45.19 41.87 -15.61
C PRO E 91 -44.19 40.75 -15.78
N MET E 92 -42.97 40.97 -15.30
CA MET E 92 -41.86 40.08 -15.58
C MET E 92 -41.15 39.70 -14.30
N ILE E 93 -40.79 38.42 -14.18
CA ILE E 93 -40.09 37.91 -13.01
C ILE E 93 -38.61 37.80 -13.34
N ALA E 94 -37.78 38.18 -12.37
CA ALA E 94 -36.33 38.14 -12.55
C ALA E 94 -35.85 36.76 -12.12
N ARG E 95 -35.74 35.86 -13.09
CA ARG E 95 -35.35 34.48 -12.79
C ARG E 95 -33.90 34.43 -12.32
N ASP E 96 -33.44 33.22 -11.99
CA ASP E 96 -32.11 33.05 -11.42
C ASP E 96 -31.37 31.92 -12.12
N GLY E 97 -30.04 31.99 -12.03
CA GLY E 97 -29.16 30.87 -12.26
C GLY E 97 -29.46 30.03 -13.48
N PRO E 98 -29.84 28.79 -13.25
CA PRO E 98 -30.03 27.82 -14.34
C PRO E 98 -31.31 28.03 -15.13
N HIS E 99 -31.55 29.28 -15.55
CA HIS E 99 -32.68 29.64 -16.36
C HIS E 99 -32.28 30.88 -17.14
N PRO E 100 -32.58 30.93 -18.43
CA PRO E 100 -32.30 32.15 -19.18
C PRO E 100 -33.19 33.29 -18.70
N ALA E 101 -32.64 34.50 -18.74
CA ALA E 101 -33.38 35.68 -18.33
C ALA E 101 -34.50 35.95 -19.32
N ASP E 102 -35.23 37.04 -19.11
CA ASP E 102 -36.35 37.36 -19.98
C ASP E 102 -36.43 38.86 -20.20
N GLN E 103 -37.11 39.24 -21.32
CA GLN E 103 -37.45 40.58 -21.77
C GLN E 103 -38.91 40.87 -21.47
N PRO E 104 -39.29 42.14 -21.36
CA PRO E 104 -40.70 42.48 -21.23
C PRO E 104 -41.37 42.50 -22.59
N VAL E 105 -42.52 41.85 -22.68
CA VAL E 105 -43.19 41.63 -23.95
C VAL E 105 -44.42 42.52 -24.03
N HIS E 106 -44.63 43.13 -25.19
CA HIS E 106 -45.79 43.96 -25.47
C HIS E 106 -46.70 43.23 -26.44
N ASN E 107 -47.81 43.88 -26.80
CA ASN E 107 -48.69 43.37 -27.85
C ASN E 107 -49.68 44.44 -28.24
N TYR E 108 -50.24 44.31 -29.45
CA TYR E 108 -51.21 45.25 -30.00
C TYR E 108 -52.35 44.46 -30.61
N MET E 109 -53.58 44.79 -30.22
CA MET E 109 -54.76 44.11 -30.70
C MET E 109 -55.67 45.09 -31.41
N ILE E 110 -56.47 44.57 -32.35
CA ILE E 110 -57.37 45.38 -33.14
C ILE E 110 -58.70 44.63 -33.26
N LYS E 111 -59.72 45.14 -32.59
CA LYS E 111 -61.04 44.53 -32.64
C LYS E 111 -61.91 45.32 -33.62
N ARG E 112 -62.71 44.60 -34.40
CA ARG E 112 -63.47 45.20 -35.48
C ARG E 112 -64.93 45.40 -35.08
N LEU E 113 -65.53 46.43 -35.67
CA LEU E 113 -66.93 46.75 -35.40
C LEU E 113 -67.84 45.70 -36.02
N ASP E 114 -69.14 45.88 -35.81
CA ASP E 114 -70.15 45.04 -36.42
C ASP E 114 -71.36 45.90 -36.75
N ARG E 115 -72.13 45.48 -37.75
CA ARG E 115 -73.31 46.21 -38.18
C ARG E 115 -74.50 45.30 -38.16
N ARG E 116 -75.58 45.75 -37.53
CA ARG E 116 -76.86 45.05 -37.58
C ARG E 116 -77.95 46.07 -37.31
N SER E 117 -78.95 46.11 -38.19
CA SER E 117 -80.02 47.11 -38.09
C SER E 117 -81.33 46.39 -37.83
N LEU E 118 -81.91 46.64 -36.66
CA LEU E 118 -83.23 46.13 -36.36
C LEU E 118 -84.26 47.15 -36.78
N ASN E 119 -85.31 46.68 -37.45
CA ASN E 119 -86.26 47.57 -38.07
C ASN E 119 -87.66 47.06 -37.83
N ALA E 120 -88.56 47.99 -37.59
CA ALA E 120 -89.98 47.70 -37.48
C ALA E 120 -90.71 48.44 -38.59
N ALA E 121 -91.94 48.03 -38.82
CA ALA E 121 -92.78 48.68 -39.80
C ALA E 121 -94.21 48.63 -39.32
N PHE E 122 -94.92 49.75 -39.42
CA PHE E 122 -96.32 49.82 -39.02
C PHE E 122 -97.17 50.36 -40.17
N SER E 123 -98.22 49.64 -40.52
CA SER E 123 -99.09 50.00 -41.65
C SER E 123 -100.13 51.09 -41.34
N ILE E 124 -100.69 51.66 -42.41
CA ILE E 124 -101.71 52.69 -42.28
C ILE E 124 -102.94 52.29 -43.09
N ALA E 125 -104.11 52.77 -42.66
CA ALA E 125 -105.36 52.44 -43.34
C ALA E 125 -105.53 53.16 -44.68
N VAL E 126 -106.50 52.70 -45.47
CA VAL E 126 -106.78 53.29 -46.77
C VAL E 126 -108.11 54.04 -46.77
N GLU E 127 -109.17 53.37 -46.34
CA GLU E 127 -110.49 53.97 -46.28
C GLU E 127 -110.42 55.22 -45.41
N ALA E 128 -109.96 55.04 -44.19
CA ALA E 128 -109.82 56.13 -43.24
C ALA E 128 -108.57 56.94 -43.56
N LEU E 129 -108.69 57.82 -44.54
CA LEU E 129 -107.57 58.65 -44.95
C LEU E 129 -107.96 60.12 -45.02
N GLY E 130 -109.26 60.38 -45.04
CA GLY E 130 -109.71 61.73 -45.10
C GLY E 130 -109.95 62.37 -43.76
N LEU E 131 -110.59 61.66 -42.84
CA LEU E 131 -111.05 62.26 -41.59
C LEU E 131 -110.00 63.15 -41.00
N ILE E 132 -108.80 62.59 -40.87
CA ILE E 132 -107.79 63.43 -40.36
C ILE E 132 -107.60 64.59 -41.33
N SER E 133 -107.95 64.42 -42.61
CA SER E 133 -107.41 65.30 -43.69
C SER E 133 -108.23 66.48 -44.18
N GLY E 134 -109.41 66.34 -44.78
CA GLY E 134 -109.83 67.58 -45.42
C GLY E 134 -109.77 67.62 -46.90
N GLU E 135 -109.18 66.63 -47.54
CA GLU E 135 -109.49 66.49 -48.95
C GLU E 135 -110.96 66.23 -49.12
N ASN E 136 -111.44 65.14 -48.52
CA ASN E 136 -112.84 64.79 -48.55
C ASN E 136 -113.53 65.02 -47.20
N LEU E 137 -112.82 65.60 -46.22
CA LEU E 137 -113.52 66.04 -45.01
C LEU E 137 -114.63 67.00 -45.40
N ASP E 138 -115.68 66.97 -44.61
CA ASP E 138 -116.86 67.76 -44.90
C ASP E 138 -117.24 68.58 -43.69
N GLY E 139 -117.81 69.75 -43.94
CA GLY E 139 -118.19 70.68 -42.90
C GLY E 139 -119.28 70.19 -41.96
N THR E 140 -119.83 69.00 -42.17
CA THR E 140 -120.82 68.48 -41.24
C THR E 140 -120.17 68.14 -39.90
N HIS E 141 -121.00 67.61 -39.00
CA HIS E 141 -120.58 67.33 -37.64
C HIS E 141 -120.13 65.90 -37.41
N ILE E 142 -120.56 64.97 -38.27
CA ILE E 142 -120.19 63.57 -38.05
C ILE E 142 -118.78 63.29 -38.57
N SER E 143 -118.33 64.04 -39.57
CA SER E 143 -117.00 63.82 -40.12
C SER E 143 -115.93 64.10 -39.08
N SER E 144 -116.13 65.12 -38.24
CA SER E 144 -115.13 65.43 -37.21
C SER E 144 -115.14 64.37 -36.11
N ALA E 145 -116.31 63.82 -35.80
CA ALA E 145 -116.35 62.73 -34.83
C ALA E 145 -115.57 61.52 -35.33
N MET E 146 -115.85 61.09 -36.56
CA MET E 146 -115.09 59.99 -37.14
C MET E 146 -113.61 60.34 -37.26
N ARG E 147 -113.33 61.62 -37.45
CA ARG E 147 -111.97 62.11 -37.47
C ARG E 147 -111.24 61.84 -36.18
N LEU E 148 -111.91 62.10 -35.05
CA LEU E 148 -111.28 61.77 -33.77
C LEU E 148 -111.00 60.28 -33.66
N ARG E 149 -111.84 59.44 -34.29
CA ARG E 149 -111.55 58.01 -34.32
C ARG E 149 -110.27 57.73 -35.08
N ALA E 150 -110.13 58.32 -36.27
CA ALA E 150 -108.91 58.09 -37.05
C ALA E 150 -107.66 58.60 -36.33
N ILE E 151 -107.80 59.71 -35.60
CA ILE E 151 -106.65 60.28 -34.92
C ILE E 151 -106.26 59.43 -33.71
N GLN E 152 -107.24 59.07 -32.88
CA GLN E 152 -107.02 58.11 -31.82
C GLN E 152 -106.37 56.85 -32.37
N GLN E 153 -106.84 56.39 -33.53
CA GLN E 153 -106.30 55.22 -34.20
C GLN E 153 -104.82 55.37 -34.48
N LEU E 154 -104.44 56.47 -35.12
CA LEU E 154 -103.04 56.74 -35.37
C LEU E 154 -102.25 56.73 -34.08
N ALA E 155 -102.56 57.65 -33.17
CA ALA E 155 -101.85 57.72 -31.90
C ALA E 155 -101.61 56.33 -31.33
N ARG E 156 -102.61 55.45 -31.44
CA ARG E 156 -102.50 54.13 -30.84
C ARG E 156 -101.53 53.24 -31.59
N ASN E 157 -101.61 53.17 -32.92
CA ASN E 157 -100.70 52.23 -33.58
C ASN E 157 -99.27 52.77 -33.61
N VAL E 158 -99.10 54.08 -33.76
CA VAL E 158 -97.85 54.73 -33.35
C VAL E 158 -97.25 54.07 -32.11
N GLN E 159 -97.96 54.30 -30.98
CA GLN E 159 -97.68 53.83 -29.64
C GLN E 159 -97.76 52.33 -29.61
N ALA E 160 -97.84 51.74 -30.78
CA ALA E 160 -97.84 50.30 -30.97
C ALA E 160 -96.73 49.73 -31.86
N VAL E 161 -96.02 50.55 -32.57
CA VAL E 161 -95.16 49.84 -33.47
C VAL E 161 -93.70 50.10 -33.23
N LEU E 162 -93.28 51.25 -32.75
CA LEU E 162 -91.85 51.52 -32.97
C LEU E 162 -90.91 51.50 -31.73
N ASP E 163 -91.23 50.82 -30.61
CA ASP E 163 -90.54 50.90 -29.27
C ASP E 163 -90.21 49.55 -28.79
N SER E 164 -90.85 48.63 -29.44
CA SER E 164 -90.19 47.47 -29.92
C SER E 164 -88.78 47.79 -30.33
N PHE E 165 -88.40 49.06 -30.45
CA PHE E 165 -87.02 49.45 -30.30
C PHE E 165 -86.56 49.35 -28.85
N GLU E 166 -87.37 49.75 -27.86
CA GLU E 166 -86.90 49.54 -26.49
C GLU E 166 -86.87 48.04 -26.16
N ARG E 167 -87.98 47.35 -26.41
CA ARG E 167 -87.98 45.90 -26.29
C ARG E 167 -86.93 45.27 -27.20
N GLY E 168 -86.71 45.86 -28.37
CA GLY E 168 -85.80 45.28 -29.32
C GLY E 168 -84.36 45.40 -28.89
N THR E 169 -84.00 46.54 -28.29
CA THR E 169 -82.69 46.68 -27.69
C THR E 169 -82.52 45.70 -26.55
N ALA E 170 -83.55 45.59 -25.70
CA ALA E 170 -83.50 44.59 -24.63
C ALA E 170 -83.29 43.19 -25.20
N ASP E 171 -83.81 42.93 -26.40
CA ASP E 171 -83.63 41.64 -27.03
C ASP E 171 -82.21 41.49 -27.55
N GLN E 172 -81.74 42.47 -28.33
CA GLN E 172 -80.43 42.39 -28.94
C GLN E 172 -79.34 42.23 -27.89
N MET E 173 -79.50 42.87 -26.73
CA MET E 173 -78.51 42.71 -25.67
C MET E 173 -78.32 41.23 -25.33
N LEU E 174 -79.41 40.52 -25.06
CA LEU E 174 -79.30 39.11 -24.74
C LEU E 174 -78.81 38.31 -25.94
N ARG E 175 -79.31 38.64 -27.14
CA ARG E 175 -78.96 37.87 -28.32
C ARG E 175 -77.47 37.96 -28.62
N VAL E 176 -76.83 39.06 -28.21
CA VAL E 176 -75.39 39.20 -28.38
C VAL E 176 -74.63 38.60 -27.21
N LEU E 177 -75.06 38.89 -25.97
CA LEU E 177 -74.40 38.33 -24.81
C LEU E 177 -74.40 36.81 -24.82
N MET E 178 -75.33 36.19 -25.55
CA MET E 178 -75.39 34.74 -25.59
C MET E 178 -74.33 34.15 -26.51
N GLU E 179 -74.17 34.72 -27.71
CA GLU E 179 -73.32 34.13 -28.72
C GLU E 179 -71.83 34.35 -28.47
N LYS E 180 -71.44 34.83 -27.30
CA LYS E 180 -70.04 35.04 -26.99
C LYS E 180 -69.64 34.50 -25.63
N ALA E 181 -70.56 33.91 -24.88
CA ALA E 181 -70.26 33.43 -23.54
C ALA E 181 -70.06 31.93 -23.59
N PRO E 182 -68.86 31.43 -23.36
CA PRO E 182 -68.66 29.98 -23.27
C PRO E 182 -69.26 29.44 -21.99
N PRO E 183 -69.55 28.15 -21.93
CA PRO E 183 -70.13 27.59 -20.72
C PRO E 183 -69.11 27.49 -19.60
N LEU E 184 -69.57 27.73 -18.37
CA LEU E 184 -68.66 27.75 -17.23
C LEU E 184 -67.86 26.46 -17.12
N SER E 185 -68.44 25.34 -17.51
CA SER E 185 -67.76 24.06 -17.39
C SER E 185 -66.47 24.04 -18.20
N LEU E 186 -66.54 24.46 -19.45
CA LEU E 186 -65.33 24.49 -20.27
C LEU E 186 -64.42 25.61 -19.92
N LEU E 187 -64.60 26.35 -18.84
CA LEU E 187 -63.78 27.53 -18.63
C LEU E 187 -63.12 27.50 -17.25
N ALA E 188 -63.78 26.89 -16.28
CA ALA E 188 -63.21 26.79 -14.94
C ALA E 188 -61.85 26.10 -14.93
N PRO E 189 -61.61 25.00 -15.63
CA PRO E 189 -60.26 24.42 -15.63
C PRO E 189 -59.31 25.20 -16.53
N PHE E 190 -59.85 25.80 -17.60
CA PHE E 190 -59.01 26.48 -18.56
C PHE E 190 -58.22 27.61 -17.93
N THR E 191 -58.76 28.25 -16.90
CA THR E 191 -58.00 29.29 -16.23
C THR E 191 -57.03 28.72 -15.21
N LEU E 192 -57.34 27.53 -14.68
CA LEU E 192 -56.47 26.94 -13.67
C LEU E 192 -55.13 26.54 -14.27
N TYR E 193 -55.15 25.85 -15.40
CA TYR E 193 -53.93 25.41 -16.05
C TYR E 193 -53.30 26.50 -16.91
N GLU E 194 -53.68 27.75 -16.73
CA GLU E 194 -53.16 28.80 -17.57
C GLU E 194 -51.70 29.10 -17.26
N GLY E 195 -50.96 29.52 -18.28
CA GLY E 195 -49.55 29.79 -18.14
C GLY E 195 -48.72 28.59 -18.53
N ARG E 196 -48.96 27.46 -17.88
CA ARG E 196 -48.17 26.26 -18.18
C ARG E 196 -48.59 25.60 -19.46
N LEU E 197 -49.37 26.27 -20.29
CA LEU E 197 -49.85 25.69 -21.53
C LEU E 197 -48.71 25.57 -22.54
N ALA E 198 -49.04 24.98 -23.68
CA ALA E 198 -48.20 24.85 -24.88
C ALA E 198 -47.02 23.92 -24.71
N ASP E 199 -46.90 23.23 -23.57
CA ASP E 199 -45.85 22.24 -23.37
C ASP E 199 -46.25 20.86 -23.88
N ARG E 200 -47.41 20.74 -24.51
CA ARG E 200 -47.86 19.52 -25.17
C ARG E 200 -48.01 18.34 -24.22
N VAL E 201 -47.85 18.59 -22.92
CA VAL E 201 -48.21 17.63 -21.89
C VAL E 201 -49.25 18.23 -20.94
N ALA E 202 -48.99 19.45 -20.47
CA ALA E 202 -50.02 20.19 -19.76
C ALA E 202 -51.26 20.33 -20.62
N CYS E 203 -51.11 20.43 -21.94
CA CYS E 203 -52.28 20.48 -22.81
C CYS E 203 -53.08 19.19 -22.72
N ALA E 204 -52.40 18.05 -22.68
CA ALA E 204 -53.10 16.78 -22.58
C ALA E 204 -53.80 16.64 -21.23
N ALA E 205 -53.10 16.98 -20.15
CA ALA E 205 -53.75 16.95 -18.84
C ALA E 205 -54.96 17.89 -18.82
N LEU E 206 -54.85 19.03 -19.48
CA LEU E 206 -55.95 19.98 -19.51
C LEU E 206 -57.15 19.38 -20.22
N VAL E 207 -56.95 18.83 -21.41
CA VAL E 207 -58.10 18.29 -22.14
C VAL E 207 -58.70 17.11 -21.39
N SER E 208 -57.87 16.32 -20.71
CA SER E 208 -58.40 15.17 -19.99
C SER E 208 -59.22 15.61 -18.78
N GLU E 209 -58.78 16.66 -18.09
CA GLU E 209 -59.58 17.16 -16.96
C GLU E 209 -60.84 17.84 -17.43
N LEU E 210 -60.77 18.53 -18.58
CA LEU E 210 -61.92 19.21 -19.12
C LEU E 210 -63.00 18.22 -19.53
N LYS E 211 -62.60 17.09 -20.12
CA LYS E 211 -63.55 16.07 -20.51
C LYS E 211 -64.35 15.54 -19.32
N ARG E 212 -63.76 15.52 -18.13
CA ARG E 212 -64.50 15.04 -16.97
C ARG E 212 -65.32 16.16 -16.34
N ARG E 213 -64.79 17.37 -16.31
CA ARG E 213 -65.56 18.45 -15.72
C ARG E 213 -66.81 18.76 -16.53
N VAL E 214 -66.78 18.51 -17.84
CA VAL E 214 -67.99 18.71 -18.62
C VAL E 214 -69.01 17.61 -18.37
N ARG E 215 -68.58 16.43 -17.94
CA ARG E 215 -69.50 15.32 -17.72
C ARG E 215 -70.08 15.31 -16.32
N ASP E 216 -69.32 15.76 -15.32
CA ASP E 216 -69.82 15.69 -13.96
C ASP E 216 -70.66 16.91 -13.58
N ASP E 217 -70.13 18.12 -13.80
CA ASP E 217 -70.74 19.35 -13.33
C ASP E 217 -71.45 20.11 -14.44
N THR E 218 -72.07 19.41 -15.40
CA THR E 218 -72.75 20.13 -16.47
C THR E 218 -74.03 20.80 -15.96
N PHE E 219 -74.65 20.25 -14.93
CA PHE E 219 -75.88 20.78 -14.37
C PHE E 219 -75.68 21.00 -12.87
N PHE E 220 -76.55 21.84 -12.31
CA PHE E 220 -76.64 21.96 -10.86
C PHE E 220 -78.05 22.34 -10.50
N LEU E 221 -78.33 22.39 -9.19
CA LEU E 221 -79.67 22.56 -8.63
C LEU E 221 -80.67 21.59 -9.25
N THR E 222 -80.20 20.54 -9.87
CA THR E 222 -80.98 19.43 -10.41
C THR E 222 -80.45 18.08 -9.96
N LYS E 223 -79.14 17.93 -9.85
CA LYS E 223 -78.53 16.69 -9.39
C LYS E 223 -77.96 16.80 -7.98
N HIS E 224 -77.60 17.99 -7.54
CA HIS E 224 -77.13 18.23 -6.17
C HIS E 224 -77.89 19.45 -5.64
N GLU E 225 -79.06 19.21 -5.05
CA GLU E 225 -79.91 20.30 -4.59
C GLU E 225 -80.17 20.30 -3.09
N ARG E 226 -79.84 19.21 -2.38
CA ARG E 226 -80.17 19.15 -0.96
C ARG E 226 -79.23 20.01 -0.12
N ASN E 227 -77.97 20.12 -0.50
CA ASN E 227 -77.00 20.90 0.25
C ASN E 227 -76.87 22.28 -0.37
N LYS E 228 -77.13 23.31 0.43
CA LYS E 228 -77.04 24.68 -0.08
C LYS E 228 -75.60 25.10 -0.32
N ASP E 229 -74.65 24.54 0.43
CA ASP E 229 -73.27 24.97 0.33
C ASP E 229 -72.69 24.66 -1.05
N ALA E 230 -73.11 23.53 -1.64
CA ALA E 230 -72.56 23.14 -2.93
C ALA E 230 -73.01 24.09 -4.03
N VAL E 231 -74.17 24.73 -3.87
CA VAL E 231 -74.66 25.65 -4.89
C VAL E 231 -73.93 26.98 -4.81
N LEU E 232 -73.90 27.59 -3.62
CA LEU E 232 -73.26 28.89 -3.46
C LEU E 232 -71.81 28.85 -3.95
N ASP E 233 -71.13 27.72 -3.79
CA ASP E 233 -69.78 27.61 -4.33
C ASP E 233 -69.79 27.75 -5.85
N ARG E 234 -70.79 27.18 -6.50
CA ARG E 234 -70.83 27.24 -7.96
C ARG E 234 -71.05 28.66 -8.45
N LEU E 235 -72.00 29.37 -7.87
CA LEU E 235 -72.24 30.75 -8.29
C LEU E 235 -71.06 31.64 -7.93
N SER E 236 -70.45 31.40 -6.76
CA SER E 236 -69.30 32.19 -6.37
C SER E 236 -68.12 31.95 -7.30
N ASP E 237 -68.02 30.75 -7.87
CA ASP E 237 -66.96 30.49 -8.83
C ASP E 237 -67.31 31.03 -10.21
N LEU E 238 -68.60 31.09 -10.54
CA LEU E 238 -68.99 31.68 -11.81
C LEU E 238 -68.71 33.18 -11.82
N VAL E 239 -69.19 33.90 -10.81
CA VAL E 239 -69.05 35.35 -10.80
C VAL E 239 -67.62 35.81 -10.67
N ASN E 240 -66.69 34.91 -10.36
CA ASN E 240 -65.29 35.28 -10.24
C ASN E 240 -64.43 34.80 -11.40
N CYS E 241 -64.94 33.88 -12.21
CA CYS E 241 -64.14 33.29 -13.29
C CYS E 241 -64.26 34.07 -14.58
N THR E 242 -64.53 35.37 -14.49
CA THR E 242 -64.43 36.30 -15.60
C THR E 242 -63.38 37.35 -15.27
N ALA E 243 -63.25 38.35 -16.14
CA ALA E 243 -62.24 39.37 -15.98
C ALA E 243 -62.88 40.74 -16.18
N PRO E 244 -62.66 41.68 -15.25
CA PRO E 244 -63.31 42.98 -15.37
C PRO E 244 -62.87 43.70 -16.64
N SER E 245 -63.82 44.37 -17.28
CA SER E 245 -63.57 45.03 -18.55
C SER E 245 -63.00 46.42 -18.29
N VAL E 246 -62.96 47.24 -19.35
CA VAL E 246 -62.42 48.59 -19.24
C VAL E 246 -63.32 49.42 -18.33
N ALA E 247 -62.70 50.30 -17.54
CA ALA E 247 -63.43 51.14 -16.61
C ALA E 247 -63.78 52.46 -17.28
N VAL E 248 -65.06 52.79 -17.31
CA VAL E 248 -65.53 54.09 -17.75
C VAL E 248 -66.02 54.84 -16.51
N ALA E 249 -65.87 56.16 -16.55
CA ALA E 249 -66.25 57.00 -15.42
C ALA E 249 -67.69 57.47 -15.49
N ARG E 250 -68.54 56.75 -16.20
CA ARG E 250 -69.86 57.26 -16.56
C ARG E 250 -70.98 56.27 -16.23
N MET E 251 -70.72 55.28 -15.38
CA MET E 251 -71.75 54.30 -15.06
C MET E 251 -72.54 54.68 -13.81
N THR E 252 -71.85 54.81 -12.67
CA THR E 252 -72.44 55.19 -11.40
C THR E 252 -73.60 54.28 -10.98
N HIS E 253 -73.73 53.12 -11.60
CA HIS E 253 -74.69 52.15 -11.11
C HIS E 253 -74.35 51.78 -9.68
N ALA E 254 -75.27 52.06 -8.75
CA ALA E 254 -75.00 51.80 -7.35
C ALA E 254 -76.30 51.60 -6.61
N ASP E 255 -76.18 51.02 -5.42
CA ASP E 255 -77.34 50.80 -4.55
C ASP E 255 -77.69 52.09 -3.84
N THR E 256 -78.59 52.02 -2.86
CA THR E 256 -78.96 53.17 -2.06
C THR E 256 -77.95 53.48 -0.96
N GLN E 257 -76.83 52.76 -0.92
CA GLN E 257 -75.78 53.02 0.05
C GLN E 257 -74.49 53.48 -0.58
N GLY E 258 -74.42 53.54 -1.91
CA GLY E 258 -73.25 54.02 -2.61
C GLY E 258 -72.30 52.94 -3.09
N ARG E 259 -72.52 51.69 -2.70
CA ARG E 259 -71.63 50.62 -3.12
C ARG E 259 -71.75 50.42 -4.62
N PRO E 260 -70.66 50.48 -5.38
CA PRO E 260 -70.76 50.36 -6.83
C PRO E 260 -71.12 48.94 -7.26
N VAL E 261 -72.02 48.86 -8.23
CA VAL E 261 -72.49 47.58 -8.76
C VAL E 261 -71.42 47.01 -9.68
N ASP E 262 -71.38 45.68 -9.78
CA ASP E 262 -70.35 44.99 -10.56
C ASP E 262 -70.89 44.28 -11.78
N GLY E 263 -72.00 43.55 -11.67
CA GLY E 263 -72.49 42.79 -12.81
C GLY E 263 -73.97 42.48 -12.80
N VAL E 264 -74.39 41.58 -13.69
CA VAL E 264 -75.80 41.24 -13.84
C VAL E 264 -75.93 39.73 -14.00
N LEU E 265 -76.97 39.16 -13.39
CA LEU E 265 -77.24 37.72 -13.42
C LEU E 265 -78.65 37.52 -13.98
N VAL E 266 -78.75 37.34 -15.28
CA VAL E 266 -80.05 37.22 -15.94
C VAL E 266 -80.35 35.74 -16.14
N THR E 267 -81.60 35.35 -15.92
CA THR E 267 -81.94 33.94 -15.86
C THR E 267 -83.43 33.76 -16.10
N THR E 268 -83.90 32.53 -15.89
CA THR E 268 -85.28 32.13 -16.12
C THR E 268 -86.08 32.18 -14.81
N ALA E 269 -87.36 32.54 -14.93
CA ALA E 269 -88.18 32.82 -13.76
C ALA E 269 -88.17 31.67 -12.77
N GLY E 270 -88.28 30.43 -13.27
CA GLY E 270 -88.24 29.29 -12.37
C GLY E 270 -86.96 29.23 -11.56
N VAL E 271 -85.82 29.38 -12.22
CA VAL E 271 -84.55 29.39 -11.52
C VAL E 271 -84.49 30.53 -10.52
N ARG E 272 -84.95 31.70 -10.92
CA ARG E 272 -84.95 32.84 -10.01
C ARG E 272 -85.72 32.53 -8.74
N GLN E 273 -86.93 32.02 -8.88
CA GLN E 273 -87.73 31.73 -7.69
C GLN E 273 -87.10 30.62 -6.87
N ARG E 274 -86.39 29.68 -7.51
CA ARG E 274 -85.69 28.68 -6.73
C ARG E 274 -84.51 29.28 -5.98
N LEU E 275 -83.97 30.40 -6.47
CA LEU E 275 -82.80 30.99 -5.84
C LEU E 275 -83.18 31.87 -4.65
N LEU E 276 -84.11 32.81 -4.86
CA LEU E 276 -84.50 33.70 -3.78
C LEU E 276 -85.27 33.00 -2.68
N HIS E 277 -85.49 31.69 -2.81
CA HIS E 277 -86.24 30.95 -1.80
C HIS E 277 -85.35 30.56 -0.62
N HIS E 278 -84.32 29.76 -0.88
CA HIS E 278 -83.47 29.23 0.18
C HIS E 278 -82.02 29.68 0.06
N VAL E 279 -81.42 29.51 -1.12
CA VAL E 279 -79.97 29.58 -1.22
C VAL E 279 -79.43 30.99 -1.31
N LEU E 280 -80.28 31.98 -1.60
CA LEU E 280 -79.80 33.33 -1.85
C LEU E 280 -80.74 34.34 -1.21
N THR E 281 -80.16 35.37 -0.59
CA THR E 281 -80.91 36.36 0.17
C THR E 281 -80.72 37.75 -0.42
N LEU E 282 -81.79 38.53 -0.45
CA LEU E 282 -81.71 39.88 -0.99
C LEU E 282 -80.83 40.76 -0.13
N ALA E 283 -79.94 41.52 -0.78
CA ALA E 283 -79.15 42.52 -0.07
C ALA E 283 -79.93 43.82 0.09
N ASP E 284 -80.27 44.46 -1.02
CA ASP E 284 -81.07 45.68 -1.02
C ASP E 284 -82.15 45.54 -2.09
N THR E 285 -82.93 46.60 -2.29
CA THR E 285 -84.08 46.50 -3.17
C THR E 285 -84.29 47.71 -4.07
N HIS E 286 -83.38 48.67 -4.09
CA HIS E 286 -83.48 49.81 -5.01
C HIS E 286 -82.07 50.22 -5.41
N ALA E 287 -81.96 50.78 -6.61
CA ALA E 287 -80.67 51.12 -7.17
C ALA E 287 -80.70 52.51 -7.78
N ASP E 288 -79.50 53.05 -8.03
CA ASP E 288 -79.34 54.33 -8.69
C ASP E 288 -78.77 54.07 -10.07
N VAL E 289 -79.44 54.60 -11.09
CA VAL E 289 -79.11 54.29 -12.47
C VAL E 289 -79.02 55.60 -13.25
N PRO E 290 -78.07 55.75 -14.18
CA PRO E 290 -78.06 56.96 -15.01
C PRO E 290 -79.32 57.05 -15.85
N VAL E 291 -79.59 58.26 -16.30
CA VAL E 291 -80.82 58.54 -17.05
C VAL E 291 -80.55 58.79 -18.53
N THR E 292 -79.36 59.22 -18.90
CA THR E 292 -79.08 59.70 -20.24
C THR E 292 -78.00 58.89 -20.92
N TYR E 293 -77.97 58.96 -22.24
CA TYR E 293 -76.96 58.29 -23.06
C TYR E 293 -75.68 59.13 -23.09
N GLY E 294 -74.78 58.78 -23.99
CA GLY E 294 -73.61 59.58 -24.25
C GLY E 294 -73.50 59.90 -25.73
N GLU E 295 -72.98 61.07 -26.04
CA GLU E 295 -72.91 61.56 -27.41
C GLU E 295 -71.46 61.63 -27.88
N MET E 296 -71.23 61.20 -29.12
CA MET E 296 -69.93 61.29 -29.78
C MET E 296 -70.19 61.74 -31.22
N VAL E 297 -70.20 63.05 -31.43
CA VAL E 297 -70.50 63.65 -32.73
C VAL E 297 -69.24 64.28 -33.29
N ILE E 298 -69.11 64.23 -34.61
CA ILE E 298 -67.97 64.85 -35.27
C ILE E 298 -68.01 66.36 -35.08
N ALA E 299 -66.85 66.98 -34.99
CA ALA E 299 -66.73 68.37 -34.58
C ALA E 299 -65.52 68.98 -35.28
N ASN E 300 -65.03 70.10 -34.74
CA ASN E 300 -64.09 70.98 -35.40
C ASN E 300 -62.95 70.30 -36.15
N THR E 301 -62.07 69.60 -35.44
CA THR E 301 -60.95 68.98 -36.12
C THR E 301 -61.33 67.65 -36.74
N ASN E 302 -62.22 66.91 -36.08
CA ASN E 302 -62.72 65.67 -36.65
C ASN E 302 -63.39 65.91 -37.99
N LEU E 303 -64.14 67.01 -38.12
CA LEU E 303 -64.92 67.24 -39.32
C LEU E 303 -64.02 67.40 -40.54
N VAL E 304 -63.04 68.30 -40.46
CA VAL E 304 -62.26 68.64 -41.65
C VAL E 304 -61.57 67.39 -42.20
N THR E 305 -61.01 66.57 -41.32
CA THR E 305 -60.32 65.36 -41.78
C THR E 305 -61.31 64.33 -42.29
N ALA E 306 -62.45 64.16 -41.61
CA ALA E 306 -63.47 63.26 -42.11
C ALA E 306 -63.95 63.68 -43.49
N LEU E 307 -63.86 64.97 -43.79
CA LEU E 307 -64.36 65.46 -45.07
C LEU E 307 -63.32 65.30 -46.17
N VAL E 308 -62.06 65.64 -45.90
CA VAL E 308 -61.06 65.60 -46.96
C VAL E 308 -60.32 64.27 -46.97
N MET E 309 -59.69 63.91 -45.84
CA MET E 309 -58.85 62.73 -45.81
C MET E 309 -59.68 61.46 -45.99
N GLY E 310 -60.69 61.28 -45.15
CA GLY E 310 -61.46 60.07 -45.18
C GLY E 310 -61.15 59.19 -43.98
N LYS E 311 -60.96 59.82 -42.83
CA LYS E 311 -60.73 59.12 -41.59
C LYS E 311 -61.18 60.01 -40.44
N ALA E 312 -61.37 59.41 -39.28
CA ALA E 312 -61.83 60.14 -38.12
C ALA E 312 -61.33 59.44 -36.86
N VAL E 313 -61.42 60.13 -35.74
CA VAL E 313 -60.95 59.63 -34.45
C VAL E 313 -61.95 60.02 -33.39
N SER E 314 -62.16 59.13 -32.42
CA SER E 314 -63.09 59.42 -31.33
C SER E 314 -62.62 60.61 -30.49
N ASN E 315 -61.32 60.71 -30.25
CA ASN E 315 -60.81 61.78 -29.39
C ASN E 315 -59.77 62.63 -30.09
N MET E 316 -60.04 63.02 -31.34
CA MET E 316 -59.09 63.82 -32.09
C MET E 316 -58.75 65.12 -31.38
N ASP E 317 -59.72 65.73 -30.70
CA ASP E 317 -59.48 66.98 -30.01
C ASP E 317 -58.39 66.85 -28.95
N ASP E 318 -58.42 65.74 -28.20
CA ASP E 318 -57.43 65.58 -27.14
C ASP E 318 -56.04 65.37 -27.71
N VAL E 319 -55.91 64.60 -28.80
CA VAL E 319 -54.58 64.38 -29.34
C VAL E 319 -54.05 65.65 -29.99
N ALA E 320 -54.92 66.45 -30.58
CA ALA E 320 -54.49 67.75 -31.10
C ALA E 320 -54.01 68.64 -29.98
N ARG E 321 -54.81 68.78 -28.92
CA ARG E 321 -54.41 69.57 -27.76
C ARG E 321 -53.15 69.03 -27.11
N TYR E 322 -52.84 67.75 -27.31
CA TYR E 322 -51.62 67.21 -26.75
C TYR E 322 -50.41 67.56 -27.60
N LEU E 323 -50.53 67.44 -28.92
CA LEU E 323 -49.36 67.61 -29.77
C LEU E 323 -48.93 69.08 -29.87
N LEU E 324 -49.88 70.00 -29.76
CA LEU E 324 -49.59 71.41 -29.95
C LEU E 324 -49.75 72.23 -28.68
N GLY E 325 -50.76 71.95 -27.88
CA GLY E 325 -51.01 72.69 -26.66
C GLY E 325 -50.28 72.19 -25.44
N GLY E 326 -49.39 71.22 -25.59
CA GLY E 326 -48.64 70.69 -24.46
C GLY E 326 -49.51 69.97 -23.44
N VAL E 336 -74.46 64.91 -15.06
CA VAL E 336 -75.03 63.58 -15.00
C VAL E 336 -76.23 63.58 -14.06
N GLY E 337 -77.17 62.67 -14.31
CA GLY E 337 -78.32 62.54 -13.46
C GLY E 337 -78.52 61.10 -13.04
N SER E 338 -79.25 60.92 -11.95
CA SER E 338 -79.57 59.62 -11.42
C SER E 338 -81.07 59.49 -11.22
N ALA E 339 -81.52 58.25 -11.02
CA ALA E 339 -82.94 57.99 -10.85
C ALA E 339 -83.13 56.69 -10.11
N ARG E 340 -83.81 56.75 -8.97
CA ARG E 340 -84.11 55.53 -8.22
C ARG E 340 -85.01 54.62 -9.03
N VAL E 341 -84.65 53.35 -9.09
CA VAL E 341 -85.43 52.35 -9.81
C VAL E 341 -85.53 51.10 -8.95
N ARG E 342 -86.66 50.42 -9.05
CA ARG E 342 -86.85 49.15 -8.35
C ARG E 342 -86.11 48.05 -9.09
N ALA E 343 -85.37 47.23 -8.35
CA ALA E 343 -84.63 46.12 -8.92
C ALA E 343 -84.28 45.17 -7.78
N ASP E 344 -83.49 44.14 -8.09
CA ASP E 344 -83.09 43.14 -7.10
C ASP E 344 -81.57 43.07 -7.10
N LEU E 345 -80.95 43.64 -6.08
CA LEU E 345 -79.51 43.54 -5.92
C LEU E 345 -79.20 42.51 -4.85
N VAL E 346 -78.08 41.81 -5.04
CA VAL E 346 -77.71 40.73 -4.14
C VAL E 346 -76.21 40.55 -4.22
N VAL E 347 -75.60 40.22 -3.09
CA VAL E 347 -74.17 39.95 -3.03
C VAL E 347 -73.96 38.47 -3.27
N VAL E 348 -72.98 38.13 -4.12
CA VAL E 348 -72.61 36.76 -4.41
C VAL E 348 -71.10 36.69 -4.35
N GLY E 349 -70.57 35.68 -3.67
CA GLY E 349 -69.15 35.66 -3.42
C GLY E 349 -68.75 36.85 -2.58
N ASP E 350 -68.07 37.82 -3.18
CA ASP E 350 -67.74 39.06 -2.51
C ASP E 350 -68.17 40.29 -3.30
N ARG E 351 -68.70 40.14 -4.51
CA ARG E 351 -69.14 41.25 -5.32
C ARG E 351 -70.60 41.60 -5.00
N LEU E 352 -71.16 42.49 -5.80
CA LEU E 352 -72.57 42.85 -5.74
C LEU E 352 -73.08 42.96 -7.16
N VAL E 353 -74.04 42.12 -7.53
CA VAL E 353 -74.53 42.05 -8.90
C VAL E 353 -76.05 42.09 -8.90
N PHE E 354 -76.60 42.43 -10.06
CA PHE E 354 -78.04 42.43 -10.25
C PHE E 354 -78.56 40.99 -10.29
N LEU E 355 -79.88 40.86 -10.35
CA LEU E 355 -80.52 39.55 -10.51
C LEU E 355 -81.88 39.81 -11.15
N GLU E 356 -81.96 39.61 -12.46
CA GLU E 356 -83.11 40.08 -13.22
C GLU E 356 -83.57 39.01 -14.20
N ALA E 357 -84.87 38.76 -14.22
CA ALA E 357 -85.49 37.88 -15.21
C ALA E 357 -86.48 38.69 -16.02
N LEU E 358 -86.45 38.53 -17.34
CA LEU E 358 -87.19 39.39 -18.25
C LEU E 358 -88.20 38.59 -19.06
N GLU E 359 -88.94 37.70 -18.42
CA GLU E 359 -90.01 37.01 -19.09
C GLU E 359 -91.35 37.70 -18.92
N LYS E 360 -91.52 38.48 -17.86
CA LYS E 360 -92.78 39.16 -17.59
C LYS E 360 -92.81 40.56 -18.17
N ARG E 361 -91.76 41.36 -17.93
CA ARG E 361 -91.78 42.75 -18.34
C ARG E 361 -91.66 42.87 -19.86
N VAL E 362 -90.73 42.14 -20.45
CA VAL E 362 -90.61 42.06 -21.90
C VAL E 362 -90.86 40.61 -22.31
N TYR E 363 -90.96 40.41 -23.62
CA TYR E 363 -91.14 39.09 -24.21
C TYR E 363 -92.48 38.46 -23.86
N GLN E 364 -93.25 39.11 -23.00
CA GLN E 364 -94.48 38.52 -22.50
C GLN E 364 -95.62 38.82 -23.47
N ALA E 365 -96.48 37.83 -23.67
CA ALA E 365 -97.66 37.99 -24.51
C ALA E 365 -97.31 38.40 -25.93
N THR E 366 -96.11 38.03 -26.39
CA THR E 366 -95.69 38.28 -27.75
C THR E 366 -95.16 36.98 -28.33
N GLN E 367 -94.91 36.99 -29.65
CA GLN E 367 -94.66 35.77 -30.40
C GLN E 367 -93.18 35.50 -30.60
N VAL E 368 -92.33 35.88 -29.65
CA VAL E 368 -90.89 35.69 -29.74
C VAL E 368 -90.46 34.84 -28.56
N PRO E 369 -89.76 33.73 -28.78
CA PRO E 369 -89.36 32.88 -27.66
C PRO E 369 -88.28 33.55 -26.82
N TYR E 370 -88.18 33.09 -25.57
CA TYR E 370 -87.14 33.60 -24.70
C TYR E 370 -85.78 33.08 -25.15
N PRO E 371 -84.76 33.93 -25.18
CA PRO E 371 -83.46 33.49 -25.71
C PRO E 371 -82.62 32.72 -24.71
N LEU E 372 -83.03 32.63 -23.45
CA LEU E 372 -82.25 31.92 -22.47
C LEU E 372 -82.56 30.43 -22.42
N VAL E 373 -83.73 30.01 -22.91
CA VAL E 373 -84.02 28.58 -22.94
C VAL E 373 -83.15 27.98 -24.04
N GLY E 374 -82.02 27.43 -23.65
CA GLY E 374 -81.01 27.00 -24.60
C GLY E 374 -81.31 25.64 -25.19
N ASN E 375 -80.28 25.05 -25.81
CA ASN E 375 -80.37 23.72 -26.36
C ASN E 375 -79.05 23.01 -26.14
N LEU E 376 -79.13 21.71 -25.89
CA LEU E 376 -77.95 20.89 -25.67
C LEU E 376 -77.99 19.71 -26.63
N ASP E 377 -76.82 19.17 -26.94
CA ASP E 377 -76.69 18.09 -27.90
C ASP E 377 -75.80 16.99 -27.32
N VAL E 378 -76.27 15.76 -27.41
CA VAL E 378 -75.45 14.59 -27.13
C VAL E 378 -75.68 13.56 -28.23
N THR E 379 -74.67 12.76 -28.49
CA THR E 379 -74.72 11.76 -29.56
C THR E 379 -74.55 10.39 -28.94
N PHE E 380 -75.62 9.60 -28.91
CA PHE E 380 -75.60 8.30 -28.26
C PHE E 380 -75.12 7.22 -29.22
N VAL E 381 -74.30 6.32 -28.71
CA VAL E 381 -73.75 5.21 -29.49
C VAL E 381 -73.99 3.92 -28.71
N MET E 382 -74.30 2.85 -29.44
CA MET E 382 -74.60 1.59 -28.77
C MET E 382 -74.20 0.40 -29.64
N PRO E 383 -73.40 -0.52 -29.12
CA PRO E 383 -73.06 -1.70 -29.90
C PRO E 383 -74.27 -2.59 -30.08
N LEU E 384 -74.32 -3.29 -31.21
CA LEU E 384 -75.48 -4.09 -31.54
C LEU E 384 -75.24 -5.58 -31.39
N GLY E 385 -74.26 -6.14 -32.07
CA GLY E 385 -74.12 -7.58 -32.08
C GLY E 385 -72.74 -8.08 -31.76
N VAL E 386 -72.04 -7.41 -30.86
CA VAL E 386 -70.70 -7.87 -30.49
C VAL E 386 -70.80 -9.21 -29.78
N PHE E 387 -69.68 -9.93 -29.76
CA PHE E 387 -69.61 -11.25 -29.16
C PHE E 387 -68.37 -11.30 -28.27
N LYS E 388 -68.59 -11.38 -26.97
CA LYS E 388 -67.49 -11.39 -26.02
C LYS E 388 -66.68 -12.68 -26.15
N PRO E 389 -65.38 -12.63 -25.87
CA PRO E 389 -64.55 -13.83 -26.00
C PRO E 389 -64.96 -14.90 -25.00
N ALA E 390 -64.35 -16.08 -25.16
CA ALA E 390 -64.76 -17.24 -24.36
C ALA E 390 -64.38 -17.07 -22.90
N ALA E 391 -63.24 -16.44 -22.62
CA ALA E 391 -62.80 -16.25 -21.25
C ALA E 391 -63.67 -15.29 -20.46
N ASP E 392 -64.69 -14.70 -21.08
CA ASP E 392 -65.51 -13.69 -20.42
C ASP E 392 -66.99 -14.01 -20.43
N ARG E 393 -67.40 -15.15 -20.99
CA ARG E 393 -68.80 -15.53 -21.01
C ARG E 393 -69.09 -16.36 -19.77
N TYR E 394 -69.54 -15.69 -18.71
CA TYR E 394 -69.77 -16.36 -17.44
C TYR E 394 -71.09 -15.84 -16.85
N ALA E 395 -71.37 -16.27 -15.64
CA ALA E 395 -72.58 -15.85 -14.93
C ALA E 395 -72.23 -15.61 -13.47
N ARG E 396 -72.73 -14.50 -12.94
CA ARG E 396 -72.31 -14.09 -11.60
C ARG E 396 -72.76 -15.07 -10.54
N HIS E 397 -73.93 -15.67 -10.71
CA HIS E 397 -74.47 -16.59 -9.72
C HIS E 397 -74.84 -17.91 -10.38
N ALA E 398 -74.96 -18.94 -9.53
CA ALA E 398 -75.13 -20.30 -10.04
C ALA E 398 -76.39 -20.43 -10.88
N GLY E 399 -77.53 -20.10 -10.29
CA GLY E 399 -78.79 -20.18 -11.01
C GLY E 399 -79.46 -18.84 -11.14
N SER E 400 -78.69 -17.80 -11.46
CA SER E 400 -79.23 -16.44 -11.50
C SER E 400 -80.48 -16.36 -12.35
N PHE E 401 -80.39 -16.78 -13.61
CA PHE E 401 -81.56 -16.98 -14.44
C PHE E 401 -81.73 -18.47 -14.67
N ALA E 402 -82.86 -18.83 -15.26
CA ALA E 402 -83.09 -20.22 -15.58
C ALA E 402 -84.18 -20.33 -16.64
N PRO E 403 -83.90 -21.00 -17.75
CA PRO E 403 -84.93 -21.16 -18.78
C PRO E 403 -86.01 -22.11 -18.29
N THR E 404 -87.07 -22.21 -19.08
CA THR E 404 -88.15 -23.11 -18.75
C THR E 404 -87.62 -24.54 -18.69
N PRO E 405 -87.90 -25.30 -17.63
CA PRO E 405 -87.35 -26.65 -17.52
C PRO E 405 -87.81 -27.53 -18.68
N GLY E 406 -86.86 -28.03 -19.45
CA GLY E 406 -87.14 -28.80 -20.64
C GLY E 406 -86.80 -28.11 -21.94
N LEU E 407 -86.21 -26.92 -21.90
CA LEU E 407 -85.88 -26.16 -23.09
C LEU E 407 -84.45 -25.63 -22.98
N PRO E 408 -83.79 -25.38 -24.10
CA PRO E 408 -82.46 -24.78 -24.04
C PRO E 408 -82.55 -23.30 -23.75
N ASP E 409 -81.57 -22.77 -23.02
CA ASP E 409 -81.60 -21.36 -22.65
C ASP E 409 -81.12 -20.51 -23.82
N PRO E 410 -81.92 -19.57 -24.32
CA PRO E 410 -81.47 -18.72 -25.43
C PRO E 410 -80.40 -17.73 -25.02
N ARG E 411 -79.93 -17.76 -23.78
CA ARG E 411 -78.95 -16.77 -23.33
C ARG E 411 -77.59 -17.02 -23.96
N THR E 412 -77.21 -18.28 -24.15
CA THR E 412 -75.86 -18.58 -24.60
C THR E 412 -75.61 -18.19 -26.05
N HIS E 413 -76.65 -18.08 -26.86
CA HIS E 413 -76.50 -17.75 -28.26
C HIS E 413 -76.03 -16.32 -28.43
N PRO E 414 -75.43 -16.00 -29.57
CA PRO E 414 -74.98 -14.62 -29.80
C PRO E 414 -76.17 -13.69 -29.94
N PRO E 415 -76.07 -12.48 -29.40
CA PRO E 415 -77.22 -11.56 -29.44
C PRO E 415 -77.33 -10.86 -30.77
N ARG E 416 -78.57 -10.50 -31.11
CA ARG E 416 -78.84 -9.81 -32.37
C ARG E 416 -79.88 -8.72 -32.19
N ALA E 417 -79.91 -8.07 -31.03
CA ALA E 417 -80.82 -6.98 -30.76
C ALA E 417 -80.34 -6.25 -29.51
N VAL E 418 -80.64 -4.96 -29.44
CA VAL E 418 -80.33 -4.16 -28.27
C VAL E 418 -81.58 -3.38 -27.87
N HIS E 419 -81.90 -3.43 -26.58
CA HIS E 419 -83.06 -2.73 -26.04
C HIS E 419 -82.58 -1.51 -25.26
N PHE E 420 -83.43 -0.49 -25.23
CA PHE E 420 -83.10 0.74 -24.52
C PHE E 420 -84.37 1.51 -24.24
N PHE E 421 -84.30 2.37 -23.24
CA PHE E 421 -85.47 3.12 -22.81
C PHE E 421 -85.72 4.32 -23.71
N ASN E 422 -86.97 4.71 -23.81
CA ASN E 422 -87.40 5.79 -24.68
C ASN E 422 -87.29 7.11 -23.93
N LYS E 423 -87.90 8.17 -24.49
CA LYS E 423 -87.88 9.47 -23.86
C LYS E 423 -88.44 9.41 -22.45
N ASP E 424 -89.53 8.68 -22.25
CA ASP E 424 -90.17 8.57 -20.95
C ASP E 424 -90.22 7.13 -20.48
N GLY E 425 -89.20 6.35 -20.78
CA GLY E 425 -89.04 5.06 -20.15
C GLY E 425 -89.89 3.94 -20.68
N VAL E 426 -90.55 4.11 -21.82
CA VAL E 426 -91.24 2.97 -22.43
C VAL E 426 -90.24 2.17 -23.26
N PRO E 427 -90.16 0.86 -23.08
CA PRO E 427 -89.10 0.10 -23.75
C PRO E 427 -89.31 0.09 -25.26
N CYS E 428 -88.20 0.20 -25.98
CA CYS E 428 -88.20 0.42 -27.42
C CYS E 428 -86.87 -0.09 -27.95
N HIS E 429 -86.93 -1.10 -28.82
CA HIS E 429 -85.72 -1.83 -29.20
C HIS E 429 -85.39 -1.63 -30.67
N VAL E 430 -84.12 -1.85 -30.99
CA VAL E 430 -83.60 -1.76 -32.34
C VAL E 430 -82.70 -2.96 -32.58
N THR E 431 -82.67 -3.44 -33.82
CA THR E 431 -81.99 -4.68 -34.13
C THR E 431 -81.71 -4.74 -35.63
N PHE E 432 -81.20 -5.90 -36.08
CA PHE E 432 -80.67 -6.02 -37.44
C PHE E 432 -81.71 -5.68 -38.49
N GLU E 433 -82.95 -6.10 -38.28
CA GLU E 433 -83.98 -5.96 -39.31
C GLU E 433 -84.10 -4.52 -39.80
N HIS E 434 -83.81 -3.55 -38.94
CA HIS E 434 -83.96 -2.16 -39.34
C HIS E 434 -82.84 -1.73 -40.28
N ALA E 435 -81.68 -2.34 -40.17
CA ALA E 435 -80.52 -1.90 -40.95
C ALA E 435 -80.60 -2.26 -42.39
N MET E 436 -81.70 -2.81 -42.89
CA MET E 436 -81.78 -3.13 -44.31
C MET E 436 -81.64 -1.88 -45.15
N GLY E 437 -82.27 -0.77 -44.73
CA GLY E 437 -82.16 0.48 -45.44
C GLY E 437 -80.74 1.02 -45.57
N THR E 438 -79.77 0.34 -44.98
CA THR E 438 -78.36 0.68 -45.14
C THR E 438 -77.56 -0.44 -45.76
N LEU E 439 -77.72 -1.66 -45.27
CA LEU E 439 -76.96 -2.80 -45.76
C LEU E 439 -77.60 -3.49 -46.94
N CYS E 440 -78.67 -2.93 -47.49
CA CYS E 440 -79.32 -3.47 -48.69
C CYS E 440 -79.47 -2.32 -49.66
N HIS E 441 -78.41 -2.05 -50.41
CA HIS E 441 -78.35 -0.88 -51.26
C HIS E 441 -77.12 -0.97 -52.15
N PRO E 442 -77.17 -0.50 -53.39
CA PRO E 442 -76.01 -0.61 -54.27
C PRO E 442 -74.75 0.05 -53.71
N SER E 443 -74.88 1.01 -52.81
CA SER E 443 -73.71 1.61 -52.19
C SER E 443 -72.87 0.58 -51.44
N PHE E 444 -73.44 -0.58 -51.13
CA PHE E 444 -72.67 -1.62 -50.48
C PHE E 444 -71.56 -2.15 -51.39
N LEU E 445 -71.63 -1.86 -52.69
CA LEU E 445 -70.72 -2.43 -53.68
C LEU E 445 -70.10 -1.34 -54.53
N ASP E 446 -69.57 -0.32 -53.89
CA ASP E 446 -68.89 0.77 -54.58
C ASP E 446 -67.41 0.70 -54.25
N VAL E 447 -66.62 0.13 -55.15
CA VAL E 447 -65.18 0.06 -54.99
C VAL E 447 -64.42 0.80 -56.09
N ASP E 448 -65.11 1.34 -57.09
CA ASP E 448 -64.42 1.98 -58.21
C ASP E 448 -63.57 3.14 -57.73
N ALA E 449 -64.08 3.91 -56.77
CA ALA E 449 -63.32 5.05 -56.25
C ALA E 449 -62.12 4.59 -55.47
N THR E 450 -62.33 3.75 -54.45
CA THR E 450 -61.23 3.25 -53.65
C THR E 450 -60.20 2.56 -54.51
N LEU E 451 -60.64 1.79 -55.50
CA LEU E 451 -59.70 1.09 -56.37
C LEU E 451 -58.83 2.08 -57.13
N ALA E 452 -59.37 3.25 -57.45
CA ALA E 452 -58.55 4.28 -58.08
C ALA E 452 -57.61 4.91 -57.07
N ALA E 453 -57.98 4.92 -55.80
CA ALA E 453 -57.17 5.59 -54.79
C ALA E 453 -55.90 4.85 -54.46
N LEU E 454 -55.81 3.56 -54.79
CA LEU E 454 -54.62 2.79 -54.43
C LEU E 454 -53.63 2.68 -55.58
N ARG E 455 -54.06 2.87 -56.82
CA ARG E 455 -53.17 2.74 -57.96
C ARG E 455 -52.36 3.99 -58.24
N GLN E 456 -52.38 4.98 -57.34
CA GLN E 456 -51.54 6.15 -57.54
C GLN E 456 -50.10 5.84 -57.12
N GLU E 457 -49.92 5.19 -55.99
CA GLU E 457 -48.57 4.78 -55.65
C GLU E 457 -48.27 3.45 -56.31
N PRO E 458 -47.09 3.27 -56.90
CA PRO E 458 -46.77 1.98 -57.52
C PRO E 458 -46.39 0.95 -56.48
N ALA E 459 -46.81 -0.28 -56.72
CA ALA E 459 -46.59 -1.37 -55.77
C ALA E 459 -45.79 -2.47 -56.43
N GLU E 460 -44.82 -3.02 -55.70
CA GLU E 460 -43.99 -4.13 -56.18
C GLU E 460 -44.51 -5.42 -55.55
N VAL E 461 -44.83 -6.39 -56.38
CA VAL E 461 -45.33 -7.66 -55.88
C VAL E 461 -44.20 -8.44 -55.24
N GLN E 462 -44.49 -9.07 -54.10
CA GLN E 462 -43.51 -9.91 -53.43
C GLN E 462 -43.80 -11.39 -53.60
N CYS E 463 -45.04 -11.81 -53.44
CA CYS E 463 -45.45 -13.18 -53.72
C CYS E 463 -46.57 -13.15 -54.75
N ALA E 464 -46.48 -14.04 -55.73
CA ALA E 464 -47.48 -14.14 -56.78
C ALA E 464 -48.03 -15.54 -56.85
N PHE E 465 -47.97 -16.28 -55.76
CA PHE E 465 -48.36 -17.68 -55.81
C PHE E 465 -49.87 -17.84 -55.92
N GLY E 466 -50.62 -17.06 -55.15
CA GLY E 466 -52.06 -17.23 -55.14
C GLY E 466 -52.82 -16.04 -55.66
N ALA E 467 -52.18 -15.25 -56.50
CA ALA E 467 -52.83 -14.12 -57.16
C ALA E 467 -52.74 -14.25 -58.67
N TYR E 468 -52.49 -15.45 -59.18
CA TYR E 468 -52.26 -15.66 -60.60
C TYR E 468 -52.84 -16.99 -61.00
N VAL E 469 -53.48 -17.03 -62.15
CA VAL E 469 -54.08 -18.25 -62.69
C VAL E 469 -53.78 -18.32 -64.17
N ALA E 470 -53.39 -19.51 -64.63
CA ALA E 470 -53.05 -19.70 -66.03
C ALA E 470 -53.73 -20.96 -66.54
N ASP E 471 -53.97 -21.00 -67.84
CA ASP E 471 -54.46 -22.19 -68.50
C ASP E 471 -53.29 -23.04 -68.94
N ALA E 472 -53.47 -24.35 -68.93
CA ALA E 472 -52.46 -25.28 -69.40
C ALA E 472 -52.94 -25.95 -70.68
N ARG E 473 -52.00 -26.18 -71.59
CA ARG E 473 -52.31 -26.90 -72.82
C ARG E 473 -52.75 -28.32 -72.47
N PRO E 474 -53.36 -29.02 -73.42
CA PRO E 474 -53.79 -30.40 -73.14
C PRO E 474 -52.59 -31.32 -73.04
N ASP E 475 -52.03 -31.45 -71.84
CA ASP E 475 -50.73 -32.09 -71.65
C ASP E 475 -50.75 -33.13 -70.54
N ALA E 476 -51.73 -34.05 -70.56
CA ALA E 476 -51.61 -35.33 -69.86
C ALA E 476 -51.35 -35.13 -68.36
N LEU E 477 -52.41 -34.70 -67.67
CA LEU E 477 -52.36 -34.15 -66.32
C LEU E 477 -51.29 -34.73 -65.39
N VAL E 478 -51.12 -36.06 -65.40
CA VAL E 478 -50.13 -36.69 -64.51
C VAL E 478 -48.76 -36.04 -64.64
N GLY E 479 -48.45 -35.52 -65.83
CA GLY E 479 -47.17 -34.84 -66.03
C GLY E 479 -47.23 -33.38 -65.66
N LEU E 480 -48.44 -32.81 -65.62
CA LEU E 480 -48.59 -31.41 -65.28
C LEU E 480 -48.16 -31.14 -63.85
N MET E 481 -48.49 -32.05 -62.93
CA MET E 481 -48.05 -31.88 -61.54
C MET E 481 -46.54 -31.87 -61.45
N GLN E 482 -45.88 -32.79 -62.17
CA GLN E 482 -44.42 -32.80 -62.19
C GLN E 482 -43.88 -31.48 -62.74
N ARG E 483 -44.48 -31.00 -63.82
CA ARG E 483 -44.01 -29.76 -64.43
C ARG E 483 -44.20 -28.57 -63.51
N PHE E 484 -45.22 -28.62 -62.66
CA PHE E 484 -45.53 -27.49 -61.79
C PHE E 484 -44.75 -27.54 -60.48
N LEU E 485 -44.43 -28.73 -59.98
CA LEU E 485 -43.73 -28.84 -58.71
C LEU E 485 -42.27 -28.44 -58.79
N GLU E 486 -41.74 -28.18 -59.98
CA GLU E 486 -40.39 -27.66 -60.11
C GLU E 486 -40.36 -26.14 -60.08
N GLU E 487 -41.48 -25.48 -60.40
CA GLU E 487 -41.56 -24.03 -60.39
C GLU E 487 -42.24 -23.48 -59.15
N TRP E 488 -42.73 -24.34 -58.26
CA TRP E 488 -43.44 -23.83 -57.10
C TRP E 488 -42.54 -23.02 -56.17
N PRO E 489 -41.36 -23.50 -55.77
CA PRO E 489 -40.44 -22.61 -55.04
C PRO E 489 -40.03 -21.39 -55.85
N GLY E 490 -40.15 -21.45 -57.17
CA GLY E 490 -39.85 -20.29 -58.00
C GLY E 490 -40.89 -19.21 -57.97
N MET E 491 -42.07 -19.49 -57.40
CA MET E 491 -43.14 -18.50 -57.30
C MET E 491 -43.34 -18.02 -55.87
N MET E 492 -42.47 -18.41 -54.94
CA MET E 492 -42.59 -18.03 -53.54
C MET E 492 -41.25 -17.51 -53.05
N PRO E 493 -40.89 -16.28 -53.40
CA PRO E 493 -39.65 -15.70 -52.85
C PRO E 493 -39.78 -15.50 -51.36
N VAL E 494 -40.87 -14.84 -50.96
CA VAL E 494 -41.22 -14.65 -49.56
C VAL E 494 -42.59 -15.26 -49.33
N ARG E 495 -42.77 -15.86 -48.16
CA ARG E 495 -43.98 -16.63 -47.90
C ARG E 495 -45.22 -15.79 -48.13
N PRO E 496 -46.30 -16.40 -48.61
CA PRO E 496 -47.50 -15.64 -48.94
C PRO E 496 -48.23 -15.17 -47.69
N ARG E 497 -49.20 -14.29 -47.90
CA ARG E 497 -49.90 -13.62 -46.82
C ARG E 497 -51.26 -14.25 -46.53
N TRP E 498 -51.39 -15.57 -46.71
CA TRP E 498 -52.56 -16.25 -46.19
C TRP E 498 -52.23 -17.63 -45.63
N ALA E 499 -51.01 -17.85 -45.17
CA ALA E 499 -50.73 -19.08 -44.44
C ALA E 499 -51.14 -18.94 -42.98
N ALA E 500 -50.75 -17.83 -42.36
CA ALA E 500 -51.18 -17.46 -41.03
C ALA E 500 -50.96 -15.95 -40.88
N PRO E 501 -51.93 -15.14 -41.26
CA PRO E 501 -51.69 -13.69 -41.34
C PRO E 501 -51.26 -13.06 -40.02
N ALA E 502 -52.12 -13.17 -39.01
CA ALA E 502 -51.86 -12.65 -37.67
C ALA E 502 -52.97 -13.14 -36.77
N ALA E 503 -52.61 -13.62 -35.58
CA ALA E 503 -53.59 -14.33 -34.77
C ALA E 503 -54.76 -13.44 -34.36
N ALA E 504 -54.52 -12.48 -33.47
CA ALA E 504 -55.60 -11.65 -32.96
C ALA E 504 -55.36 -10.17 -33.14
N ASP E 505 -54.23 -9.66 -32.69
CA ASP E 505 -54.01 -8.23 -32.59
C ASP E 505 -52.80 -7.72 -33.34
N GLN E 506 -51.83 -8.57 -33.68
CA GLN E 506 -50.73 -8.12 -34.52
C GLN E 506 -51.24 -7.58 -35.84
N LEU E 507 -52.49 -7.87 -36.20
CA LEU E 507 -53.10 -7.20 -37.34
C LEU E 507 -53.32 -5.72 -37.04
N LEU E 508 -53.84 -5.40 -35.86
CA LEU E 508 -54.15 -4.03 -35.51
C LEU E 508 -52.96 -3.25 -34.99
N ALA E 509 -51.76 -3.85 -35.00
CA ALA E 509 -50.59 -3.13 -34.55
C ALA E 509 -50.33 -1.93 -35.46
N PRO E 510 -49.65 -0.89 -34.95
CA PRO E 510 -49.39 0.29 -35.78
C PRO E 510 -48.36 0.07 -36.87
N GLY E 511 -47.75 -1.10 -36.95
CA GLY E 511 -46.67 -1.29 -37.89
C GLY E 511 -46.97 -2.12 -39.11
N ASN E 512 -47.74 -3.20 -38.93
CA ASN E 512 -47.93 -4.16 -40.01
C ASN E 512 -48.57 -3.49 -41.22
N ALA E 513 -48.45 -4.17 -42.36
CA ALA E 513 -48.90 -3.61 -43.63
C ALA E 513 -50.15 -4.25 -44.18
N ASP E 514 -50.55 -5.42 -43.66
CA ASP E 514 -51.77 -6.04 -44.17
C ASP E 514 -53.01 -5.24 -43.79
N LEU E 515 -52.95 -4.52 -42.67
CA LEU E 515 -54.05 -3.63 -42.32
C LEU E 515 -54.21 -2.52 -43.34
N ARG E 516 -53.11 -2.10 -43.96
CA ARG E 516 -53.11 -1.01 -44.93
C ARG E 516 -53.85 -1.41 -46.20
N LEU E 517 -54.33 -2.65 -46.27
CA LEU E 517 -54.89 -3.19 -47.48
C LEU E 517 -56.32 -3.68 -47.35
N GLU E 518 -56.79 -3.95 -46.13
CA GLU E 518 -58.09 -4.57 -45.92
C GLU E 518 -59.05 -3.52 -45.35
N LEU E 519 -59.76 -2.83 -46.23
CA LEU E 519 -60.74 -1.83 -45.82
C LEU E 519 -62.06 -2.07 -46.57
N HIS E 520 -62.80 -3.07 -46.12
CA HIS E 520 -64.17 -3.35 -46.51
C HIS E 520 -64.62 -4.60 -45.78
N PRO E 521 -65.90 -4.78 -45.54
CA PRO E 521 -66.34 -6.04 -44.96
C PRO E 521 -66.66 -7.09 -46.01
N ALA E 522 -66.86 -6.67 -47.25
CA ALA E 522 -67.37 -7.58 -48.27
C ALA E 522 -66.48 -7.61 -49.51
N PHE E 523 -65.18 -7.36 -49.35
CA PHE E 523 -64.28 -7.41 -50.49
C PHE E 523 -62.90 -7.83 -50.01
N ASP E 524 -62.11 -8.34 -50.94
CA ASP E 524 -60.73 -8.74 -50.68
C ASP E 524 -59.80 -8.00 -51.61
N PHE E 525 -58.72 -7.46 -51.06
CA PHE E 525 -57.77 -6.66 -51.80
C PHE E 525 -56.41 -7.33 -51.79
N PHE E 526 -55.68 -7.20 -52.90
CA PHE E 526 -54.37 -7.81 -53.02
C PHE E 526 -53.65 -7.19 -54.20
N VAL E 527 -52.32 -7.36 -54.20
CA VAL E 527 -51.48 -6.96 -55.32
C VAL E 527 -51.25 -8.17 -56.20
N ALA E 528 -51.22 -7.96 -57.51
CA ALA E 528 -51.13 -9.06 -58.43
C ALA E 528 -50.38 -8.63 -59.68
N PRO E 529 -49.60 -9.53 -60.29
CA PRO E 529 -48.97 -9.18 -61.57
C PRO E 529 -50.02 -8.88 -62.63
N GLU E 530 -49.80 -7.80 -63.36
CA GLU E 530 -50.74 -7.39 -64.40
C GLU E 530 -50.61 -8.35 -65.57
N VAL E 531 -51.55 -9.28 -65.67
CA VAL E 531 -51.58 -10.24 -66.77
C VAL E 531 -53.02 -10.37 -67.29
N ASP E 532 -53.23 -11.28 -68.23
CA ASP E 532 -54.55 -11.45 -68.81
C ASP E 532 -55.54 -12.09 -67.84
N VAL E 533 -55.09 -13.00 -66.98
CA VAL E 533 -55.95 -13.76 -66.09
C VAL E 533 -57.05 -14.45 -66.88
N PRO E 534 -56.77 -15.57 -67.56
CA PRO E 534 -55.54 -16.34 -67.38
C PRO E 534 -54.46 -16.03 -68.39
N GLY E 535 -53.29 -16.63 -68.22
CA GLY E 535 -52.17 -16.34 -69.10
C GLY E 535 -51.27 -17.55 -69.30
N PRO E 536 -50.01 -17.28 -69.62
CA PRO E 536 -49.07 -18.38 -69.89
C PRO E 536 -48.72 -19.14 -68.63
N PHE E 537 -48.32 -20.40 -68.83
CA PHE E 537 -47.96 -21.25 -67.70
C PHE E 537 -46.79 -20.68 -66.92
N ALA E 538 -45.77 -20.20 -67.62
CA ALA E 538 -44.67 -19.53 -66.95
C ALA E 538 -45.12 -18.17 -66.46
N VAL E 539 -44.86 -17.88 -65.19
CA VAL E 539 -45.28 -16.58 -64.64
C VAL E 539 -44.34 -15.50 -65.17
N PRO E 540 -44.85 -14.41 -65.73
CA PRO E 540 -43.98 -13.34 -66.19
C PRO E 540 -43.42 -12.55 -65.02
N GLN E 541 -42.49 -11.66 -65.34
CA GLN E 541 -41.75 -10.89 -64.34
C GLN E 541 -42.04 -9.40 -64.49
N VAL E 542 -43.31 -9.05 -64.66
CA VAL E 542 -43.72 -7.67 -64.84
C VAL E 542 -44.24 -7.13 -63.51
N MET E 543 -44.12 -5.81 -63.33
CA MET E 543 -44.69 -5.16 -62.16
C MET E 543 -46.21 -5.24 -62.22
N GLY E 544 -46.83 -5.30 -61.05
CA GLY E 544 -48.26 -5.44 -60.96
C GLY E 544 -48.86 -4.40 -60.03
N GLN E 545 -50.18 -4.23 -60.16
CA GLN E 545 -50.95 -3.28 -59.36
C GLN E 545 -51.96 -4.04 -58.51
N VAL E 546 -52.69 -3.30 -57.68
CA VAL E 546 -53.66 -3.87 -56.77
C VAL E 546 -54.98 -4.05 -57.50
N ARG E 547 -55.67 -5.14 -57.21
CA ARG E 547 -56.99 -5.42 -57.77
C ARG E 547 -57.85 -6.03 -56.69
N ALA E 548 -59.17 -5.87 -56.85
CA ALA E 548 -60.12 -6.31 -55.85
C ALA E 548 -60.98 -7.44 -56.38
N MET E 549 -61.53 -8.22 -55.45
CA MET E 549 -62.39 -9.35 -55.73
C MET E 549 -63.36 -9.42 -54.56
N PRO E 550 -64.62 -9.77 -54.80
CA PRO E 550 -65.60 -9.77 -53.70
C PRO E 550 -65.61 -11.06 -52.89
N ARG E 551 -65.66 -10.89 -51.58
CA ARG E 551 -65.85 -12.02 -50.67
C ARG E 551 -67.28 -12.50 -50.82
N ILE E 552 -67.48 -13.59 -51.56
CA ILE E 552 -68.85 -14.02 -51.83
C ILE E 552 -69.45 -14.76 -50.64
N ILE E 553 -68.62 -15.42 -49.84
CA ILE E 553 -69.10 -16.28 -48.77
C ILE E 553 -69.02 -15.53 -47.45
N ASN E 554 -70.04 -15.72 -46.62
CA ASN E 554 -70.04 -15.18 -45.27
C ASN E 554 -68.76 -15.54 -44.53
N GLY E 555 -68.19 -16.70 -44.81
CA GLY E 555 -67.05 -17.20 -44.07
C GLY E 555 -65.71 -16.78 -44.58
N ASN E 556 -65.63 -16.07 -45.70
CA ASN E 556 -64.34 -15.66 -46.24
C ASN E 556 -63.74 -14.47 -45.51
N ILE E 557 -64.40 -13.95 -44.48
CA ILE E 557 -63.79 -12.92 -43.63
C ILE E 557 -62.62 -13.53 -42.88
N PRO E 558 -61.43 -12.92 -42.90
CA PRO E 558 -60.27 -13.54 -42.27
C PRO E 558 -60.50 -13.81 -40.80
N LEU E 559 -59.82 -14.82 -40.29
CA LEU E 559 -60.10 -15.31 -38.93
C LEU E 559 -59.92 -14.21 -37.89
N ALA E 560 -58.94 -13.34 -38.10
CA ALA E 560 -58.67 -12.29 -37.12
C ALA E 560 -59.87 -11.38 -36.91
N LEU E 561 -60.77 -11.29 -37.88
CA LEU E 561 -61.92 -10.40 -37.80
C LEU E 561 -63.24 -11.14 -37.64
N CYS E 562 -63.21 -12.44 -37.40
CA CYS E 562 -64.40 -13.23 -37.12
C CYS E 562 -63.94 -14.51 -36.44
N PRO E 563 -63.67 -14.47 -35.14
CA PRO E 563 -62.94 -15.56 -34.50
C PRO E 563 -63.69 -16.87 -34.57
N VAL E 564 -62.95 -17.96 -34.34
CA VAL E 564 -63.50 -19.29 -34.54
C VAL E 564 -64.58 -19.59 -33.52
N ASP E 565 -64.37 -19.17 -32.26
CA ASP E 565 -65.37 -19.43 -31.23
C ASP E 565 -66.73 -18.85 -31.60
N PHE E 566 -66.73 -17.72 -32.30
CA PHE E 566 -68.01 -17.14 -32.70
C PHE E 566 -68.71 -18.02 -33.73
N ARG E 567 -67.97 -18.56 -34.69
CA ARG E 567 -68.58 -19.46 -35.66
C ARG E 567 -69.11 -20.71 -34.99
N ASP E 568 -68.34 -21.25 -34.05
CA ASP E 568 -68.81 -22.41 -33.28
C ASP E 568 -70.09 -22.08 -32.54
N ALA E 569 -70.17 -20.88 -31.95
CA ALA E 569 -71.37 -20.52 -31.21
C ALA E 569 -72.57 -20.39 -32.13
N ARG E 570 -72.39 -19.75 -33.29
CA ARG E 570 -73.49 -19.64 -34.22
C ARG E 570 -73.96 -21.02 -34.67
N GLY E 571 -73.01 -21.94 -34.86
CA GLY E 571 -73.39 -23.30 -35.19
C GLY E 571 -74.22 -23.93 -34.08
N PHE E 572 -73.68 -23.94 -32.86
CA PHE E 572 -74.38 -24.56 -31.74
C PHE E 572 -75.73 -23.93 -31.50
N GLU E 573 -75.92 -22.67 -31.93
CA GLU E 573 -77.25 -22.09 -31.88
C GLU E 573 -78.13 -22.68 -32.97
N LEU E 574 -77.68 -22.61 -34.22
CA LEU E 574 -78.47 -23.14 -35.32
C LEU E 574 -78.69 -24.64 -35.16
N SER E 575 -77.70 -25.35 -34.65
CA SER E 575 -77.75 -26.80 -34.57
C SER E 575 -78.57 -27.31 -33.42
N VAL E 576 -79.40 -26.46 -32.80
CA VAL E 576 -80.13 -26.92 -31.62
C VAL E 576 -81.24 -27.87 -32.10
N ASP E 577 -81.12 -29.13 -31.68
CA ASP E 577 -82.11 -30.18 -31.89
C ASP E 577 -82.63 -30.26 -33.34
N ARG E 578 -81.85 -29.83 -34.33
CA ARG E 578 -82.30 -29.97 -35.71
C ARG E 578 -82.27 -31.42 -36.14
N HIS E 579 -81.08 -32.02 -36.19
CA HIS E 579 -80.94 -33.44 -36.46
C HIS E 579 -79.57 -33.86 -35.98
N ARG E 580 -79.52 -34.67 -34.92
CA ARG E 580 -78.27 -35.01 -34.27
C ARG E 580 -77.77 -36.35 -34.78
N LEU E 581 -76.50 -36.40 -35.16
CA LEU E 581 -75.87 -37.65 -35.56
C LEU E 581 -75.64 -38.49 -34.31
N ALA E 582 -76.29 -39.66 -34.25
CA ALA E 582 -76.19 -40.50 -33.08
C ALA E 582 -74.74 -40.86 -32.78
N PRO E 583 -74.40 -41.14 -31.52
CA PRO E 583 -73.00 -41.45 -31.20
C PRO E 583 -72.44 -42.61 -32.00
N ALA E 584 -73.26 -43.61 -32.31
CA ALA E 584 -72.76 -44.78 -33.02
C ALA E 584 -72.20 -44.40 -34.39
N THR E 585 -72.99 -43.70 -35.20
CA THR E 585 -72.57 -43.43 -36.56
C THR E 585 -71.39 -42.46 -36.60
N VAL E 586 -71.37 -41.48 -35.70
CA VAL E 586 -70.27 -40.53 -35.73
C VAL E 586 -68.98 -41.19 -35.25
N ALA E 587 -69.07 -42.04 -34.22
CA ALA E 587 -67.91 -42.81 -33.81
C ALA E 587 -67.38 -43.64 -34.97
N ALA E 588 -68.28 -44.37 -35.65
CA ALA E 588 -67.85 -45.24 -36.73
C ALA E 588 -67.16 -44.46 -37.84
N VAL E 589 -67.82 -43.42 -38.35
CA VAL E 589 -67.29 -42.70 -39.50
C VAL E 589 -65.99 -41.99 -39.13
N ARG E 590 -65.95 -41.34 -37.96
CA ARG E 590 -64.75 -40.65 -37.56
C ARG E 590 -63.58 -41.62 -37.38
N GLY E 591 -63.88 -42.83 -36.90
CA GLY E 591 -62.83 -43.83 -36.85
C GLY E 591 -62.37 -44.27 -38.22
N ALA E 592 -63.30 -44.27 -39.19
CA ALA E 592 -62.92 -44.65 -40.55
C ALA E 592 -62.01 -43.61 -41.17
N PHE E 593 -62.34 -42.33 -41.02
CA PHE E 593 -61.57 -41.26 -41.66
C PHE E 593 -60.14 -41.21 -41.12
N ARG E 594 -60.00 -41.23 -39.80
CA ARG E 594 -58.69 -41.16 -39.18
C ARG E 594 -57.98 -42.51 -39.16
N ASP E 595 -58.47 -43.48 -39.92
CA ASP E 595 -57.85 -44.80 -39.99
C ASP E 595 -56.85 -44.80 -41.14
N ALA E 596 -55.56 -44.87 -40.81
CA ALA E 596 -54.51 -44.86 -41.81
C ALA E 596 -54.25 -46.24 -42.41
N ASN E 597 -54.92 -47.28 -41.93
CA ASN E 597 -54.77 -48.63 -42.46
C ASN E 597 -55.96 -49.03 -43.33
N TYR E 598 -56.49 -48.06 -44.08
CA TYR E 598 -57.65 -48.31 -44.93
C TYR E 598 -57.28 -49.31 -46.03
N PRO E 599 -58.17 -50.26 -46.32
CA PRO E 599 -57.87 -51.24 -47.38
C PRO E 599 -57.72 -50.57 -48.73
N MET E 600 -56.65 -50.93 -49.44
CA MET E 600 -56.40 -50.32 -50.73
C MET E 600 -57.40 -50.78 -51.78
N VAL E 601 -57.90 -52.01 -51.67
CA VAL E 601 -58.75 -52.55 -52.71
C VAL E 601 -60.05 -51.75 -52.82
N PHE E 602 -60.48 -51.12 -51.74
CA PHE E 602 -61.71 -50.34 -51.79
C PHE E 602 -61.56 -49.16 -52.74
N TYR E 603 -60.38 -48.56 -52.77
CA TYR E 603 -60.13 -47.49 -53.74
C TYR E 603 -60.16 -48.05 -55.16
N ILE E 604 -59.70 -49.28 -55.35
CA ILE E 604 -59.73 -49.87 -56.68
C ILE E 604 -61.16 -50.11 -57.12
N ILE E 605 -62.01 -50.62 -56.21
CA ILE E 605 -63.41 -50.83 -56.56
C ILE E 605 -64.09 -49.51 -56.86
N GLU E 606 -63.81 -48.48 -56.07
CA GLU E 606 -64.35 -47.17 -56.36
C GLU E 606 -63.90 -46.69 -57.74
N ALA E 607 -62.62 -46.87 -58.06
CA ALA E 607 -62.10 -46.42 -59.33
C ALA E 607 -62.81 -47.12 -60.49
N VAL E 608 -62.94 -48.44 -60.41
CA VAL E 608 -63.56 -49.15 -61.51
C VAL E 608 -65.04 -48.82 -61.59
N ILE E 609 -65.66 -48.47 -60.46
CA ILE E 609 -67.07 -48.06 -60.49
C ILE E 609 -67.20 -46.70 -61.14
N HIS E 610 -66.36 -45.75 -60.73
CA HIS E 610 -66.36 -44.36 -61.20
C HIS E 610 -67.79 -43.81 -61.33
N GLY E 611 -68.57 -43.99 -60.27
CA GLY E 611 -69.89 -43.40 -60.21
C GLY E 611 -70.82 -43.86 -61.31
N SER E 612 -70.74 -45.12 -61.69
CA SER E 612 -71.61 -45.66 -62.71
C SER E 612 -72.78 -46.39 -62.07
N GLU E 613 -73.95 -46.29 -62.71
CA GLU E 613 -75.11 -47.01 -62.22
C GLU E 613 -75.02 -48.49 -62.56
N ARG E 614 -74.87 -48.80 -63.84
CA ARG E 614 -74.81 -50.19 -64.28
C ARG E 614 -73.71 -50.95 -63.56
N THR E 615 -72.52 -50.37 -63.50
CA THR E 615 -71.39 -51.06 -62.89
C THR E 615 -71.69 -51.42 -61.44
N PHE E 616 -72.20 -50.47 -60.66
CA PHE E 616 -72.46 -50.75 -59.26
C PHE E 616 -73.57 -51.78 -59.11
N CYS E 617 -74.67 -51.60 -59.84
CA CYS E 617 -75.76 -52.56 -59.72
C CYS E 617 -75.33 -53.94 -60.19
N ALA E 618 -74.24 -54.03 -60.95
CA ALA E 618 -73.71 -55.32 -61.36
C ALA E 618 -72.87 -55.97 -60.27
N LEU E 619 -71.98 -55.20 -59.66
CA LEU E 619 -71.06 -55.74 -58.65
C LEU E 619 -71.62 -55.63 -57.24
N ALA E 620 -72.94 -55.60 -57.08
CA ALA E 620 -73.53 -55.35 -55.77
C ALA E 620 -73.05 -56.37 -54.73
N ARG E 621 -73.11 -57.66 -55.09
CA ARG E 621 -72.72 -58.70 -54.13
C ARG E 621 -71.29 -58.51 -53.66
N LEU E 622 -70.41 -58.07 -54.57
CA LEU E 622 -69.02 -57.83 -54.22
C LEU E 622 -68.91 -56.80 -53.10
N VAL E 623 -69.44 -55.60 -53.33
CA VAL E 623 -69.33 -54.54 -52.35
C VAL E 623 -70.06 -54.91 -51.06
N ALA E 624 -71.11 -55.72 -51.17
CA ALA E 624 -71.77 -56.21 -49.96
C ALA E 624 -70.82 -57.03 -49.12
N GLN E 625 -70.08 -57.95 -49.76
CA GLN E 625 -69.10 -58.74 -49.03
C GLN E 625 -68.02 -57.85 -48.44
N CYS E 626 -67.57 -56.85 -49.20
CA CYS E 626 -66.56 -55.92 -48.69
C CYS E 626 -67.04 -55.26 -47.40
N ILE E 627 -68.26 -54.74 -47.42
CA ILE E 627 -68.79 -54.03 -46.25
C ILE E 627 -68.93 -54.98 -45.07
N GLN E 628 -69.46 -56.18 -45.33
CA GLN E 628 -69.59 -57.17 -44.27
C GLN E 628 -68.26 -57.41 -43.58
N SER E 629 -67.22 -57.67 -44.37
CA SER E 629 -65.91 -57.96 -43.80
C SER E 629 -65.38 -56.77 -43.00
N TYR E 630 -65.41 -55.59 -43.60
CA TYR E 630 -64.83 -54.42 -42.96
C TYR E 630 -65.55 -54.12 -41.65
N TRP E 631 -66.86 -54.32 -41.61
CA TRP E 631 -67.59 -54.09 -40.36
C TRP E 631 -67.27 -55.15 -39.34
N ARG E 632 -67.11 -56.40 -39.78
CA ARG E 632 -66.85 -57.45 -38.81
C ARG E 632 -65.49 -57.29 -38.14
N ASN E 633 -64.51 -56.77 -38.87
CA ASN E 633 -63.17 -56.71 -38.29
C ASN E 633 -62.75 -55.31 -37.82
N THR E 634 -63.47 -54.25 -38.16
CA THR E 634 -63.10 -52.92 -37.69
C THR E 634 -64.22 -52.13 -37.03
N HIS E 635 -65.48 -52.52 -37.19
CA HIS E 635 -66.66 -51.80 -36.69
C HIS E 635 -66.84 -50.45 -37.36
N ASN E 636 -66.02 -50.11 -38.34
CA ASN E 636 -66.12 -48.83 -39.02
C ASN E 636 -67.11 -48.95 -40.18
N ALA E 637 -67.14 -47.93 -41.04
CA ALA E 637 -67.92 -47.94 -42.26
C ALA E 637 -66.98 -47.77 -43.44
N ALA E 638 -67.27 -48.46 -44.54
CA ALA E 638 -66.43 -48.40 -45.73
C ALA E 638 -67.10 -47.56 -46.81
N PHE E 639 -66.31 -47.24 -47.83
CA PHE E 639 -66.80 -46.60 -49.05
C PHE E 639 -67.35 -45.20 -48.82
N VAL E 640 -67.10 -44.59 -47.67
CA VAL E 640 -67.66 -43.27 -47.40
C VAL E 640 -66.91 -42.15 -48.09
N ASN E 641 -65.72 -42.42 -48.64
CA ASN E 641 -64.96 -41.37 -49.31
C ASN E 641 -65.75 -40.81 -50.49
N ASN E 642 -66.44 -41.66 -51.22
CA ASN E 642 -67.30 -41.22 -52.31
C ASN E 642 -68.65 -40.80 -51.75
N PHE E 643 -69.41 -40.07 -52.57
CA PHE E 643 -70.77 -39.71 -52.20
C PHE E 643 -71.82 -40.54 -52.94
N TYR E 644 -71.71 -40.64 -54.27
CA TYR E 644 -72.62 -41.47 -55.03
C TYR E 644 -72.66 -42.88 -54.47
N MET E 645 -71.51 -43.37 -54.01
CA MET E 645 -71.47 -44.66 -53.33
C MET E 645 -72.37 -44.65 -52.10
N VAL E 646 -72.25 -43.62 -51.26
CA VAL E 646 -73.02 -43.55 -50.04
C VAL E 646 -74.51 -43.48 -50.35
N MET E 647 -74.86 -42.91 -51.49
CA MET E 647 -76.25 -42.93 -51.93
C MET E 647 -76.68 -44.34 -52.33
N TYR E 648 -75.86 -44.98 -53.16
CA TYR E 648 -76.26 -46.26 -53.74
C TYR E 648 -76.38 -47.33 -52.67
N ILE E 649 -75.48 -47.32 -51.68
CA ILE E 649 -75.50 -48.38 -50.68
C ILE E 649 -76.86 -48.45 -50.00
N ASN E 650 -77.37 -47.29 -49.57
CA ASN E 650 -78.63 -47.27 -48.84
C ASN E 650 -79.84 -47.04 -49.73
N THR E 651 -79.66 -46.95 -51.05
CA THR E 651 -80.84 -47.03 -51.90
C THR E 651 -81.03 -48.38 -52.57
N TYR E 652 -80.00 -49.24 -52.62
CA TYR E 652 -80.15 -50.53 -53.27
C TYR E 652 -80.04 -51.71 -52.32
N LEU E 653 -78.91 -51.85 -51.62
CA LEU E 653 -78.71 -52.98 -50.72
C LEU E 653 -78.89 -52.56 -49.26
N GLY E 654 -79.79 -51.62 -49.03
CA GLY E 654 -80.13 -51.16 -47.71
C GLY E 654 -81.38 -51.76 -47.12
N ASN E 655 -81.99 -52.75 -47.79
CA ASN E 655 -83.16 -53.40 -47.21
C ASN E 655 -82.76 -54.49 -46.22
N GLY E 656 -82.09 -55.54 -46.70
CA GLY E 656 -81.76 -56.64 -45.82
C GLY E 656 -80.38 -57.24 -46.00
N GLU E 657 -79.63 -56.74 -46.98
CA GLU E 657 -78.33 -57.32 -47.29
C GLU E 657 -77.33 -57.01 -46.19
N LEU E 658 -77.18 -55.73 -45.84
CA LEU E 658 -76.31 -55.37 -44.74
C LEU E 658 -76.97 -55.73 -43.42
N PRO E 659 -76.18 -55.98 -42.38
CA PRO E 659 -76.77 -56.24 -41.07
C PRO E 659 -77.53 -55.04 -40.55
N GLU E 660 -78.28 -55.26 -39.47
CA GLU E 660 -79.13 -54.21 -38.92
C GLU E 660 -78.30 -53.01 -38.49
N ASP E 661 -77.34 -53.23 -37.59
CA ASP E 661 -76.56 -52.13 -37.03
C ASP E 661 -75.72 -51.42 -38.06
N CYS E 662 -75.55 -52.00 -39.25
CA CYS E 662 -74.73 -51.39 -40.28
C CYS E 662 -75.52 -50.41 -41.15
N ALA E 663 -76.81 -50.63 -41.33
CA ALA E 663 -77.59 -49.76 -42.21
C ALA E 663 -77.85 -48.41 -41.58
N ALA E 664 -77.85 -48.34 -40.25
CA ALA E 664 -78.11 -47.08 -39.56
C ALA E 664 -77.08 -46.03 -39.95
N VAL E 665 -75.81 -46.43 -40.10
CA VAL E 665 -74.77 -45.47 -40.44
C VAL E 665 -74.97 -44.94 -41.84
N TYR E 666 -75.07 -45.85 -42.82
CA TYR E 666 -75.24 -45.42 -44.21
C TYR E 666 -76.57 -44.73 -44.44
N LYS E 667 -77.51 -44.82 -43.51
CA LYS E 667 -78.70 -43.98 -43.59
C LYS E 667 -78.44 -42.60 -43.01
N ASP E 668 -77.91 -42.56 -41.78
CA ASP E 668 -77.70 -41.28 -41.10
C ASP E 668 -76.80 -40.38 -41.93
N LEU E 669 -75.75 -40.93 -42.53
CA LEU E 669 -74.89 -40.13 -43.39
C LEU E 669 -75.63 -39.55 -44.58
N LEU E 670 -76.90 -39.91 -44.77
CA LEU E 670 -77.73 -39.35 -45.83
C LEU E 670 -78.80 -38.41 -45.29
N GLU E 671 -79.59 -38.85 -44.32
CA GLU E 671 -80.67 -38.01 -43.84
C GLU E 671 -80.14 -36.69 -43.29
N HIS E 672 -78.95 -36.71 -42.68
CA HIS E 672 -78.35 -35.46 -42.24
C HIS E 672 -78.16 -34.50 -43.40
N VAL E 673 -77.82 -35.02 -44.58
CA VAL E 673 -77.70 -34.16 -45.74
C VAL E 673 -79.06 -33.58 -46.13
N HIS E 674 -80.12 -34.37 -45.98
CA HIS E 674 -81.46 -33.85 -46.24
C HIS E 674 -81.80 -32.72 -45.28
N ALA E 675 -81.42 -32.88 -44.01
CA ALA E 675 -81.68 -31.82 -43.02
C ALA E 675 -80.92 -30.55 -43.38
N LEU E 676 -79.65 -30.70 -43.76
CA LEU E 676 -78.88 -29.52 -44.15
C LEU E 676 -79.48 -28.86 -45.38
N ARG E 677 -79.97 -29.67 -46.33
CA ARG E 677 -80.58 -29.11 -47.53
C ARG E 677 -81.86 -28.35 -47.18
N ARG E 678 -82.61 -28.84 -46.20
CA ARG E 678 -83.79 -28.11 -45.75
C ARG E 678 -83.42 -26.81 -45.05
N LEU E 679 -82.29 -26.79 -44.34
CA LEU E 679 -81.94 -25.60 -43.57
C LEU E 679 -81.90 -24.36 -44.44
N ILE E 680 -81.35 -24.46 -45.64
CA ILE E 680 -81.27 -23.29 -46.53
C ILE E 680 -82.65 -22.95 -47.07
N GLY E 681 -83.68 -23.65 -46.59
CA GLY E 681 -85.03 -23.30 -46.92
C GLY E 681 -85.64 -22.36 -45.89
N GLU E 682 -85.48 -22.72 -44.62
CA GLU E 682 -86.09 -21.95 -43.54
C GLU E 682 -85.50 -20.56 -43.38
N PHE E 683 -84.40 -20.25 -44.08
CA PHE E 683 -83.80 -18.93 -44.02
C PHE E 683 -83.94 -18.18 -45.35
N THR E 684 -85.01 -18.46 -46.10
CA THR E 684 -85.23 -17.85 -47.40
C THR E 684 -86.66 -17.34 -47.50
N LEU E 685 -86.81 -16.05 -47.73
CA LEU E 685 -88.12 -15.50 -48.00
C LEU E 685 -88.58 -15.95 -49.39
N PRO E 686 -89.83 -16.39 -49.53
CA PRO E 686 -90.32 -16.77 -50.86
C PRO E 686 -90.47 -15.55 -51.75
N GLY E 687 -89.78 -15.57 -52.88
CA GLY E 687 -89.84 -14.49 -53.85
C GLY E 687 -89.89 -15.04 -55.27
N ASP E 688 -89.40 -14.26 -56.23
CA ASP E 688 -89.39 -14.64 -57.62
C ASP E 688 -87.96 -14.72 -58.14
N PRO E 689 -87.73 -15.39 -59.27
CA PRO E 689 -86.39 -15.39 -59.85
C PRO E 689 -85.95 -13.99 -60.27
N LEU E 690 -84.73 -13.63 -59.88
CA LEU E 690 -84.17 -12.32 -60.23
C LEU E 690 -83.37 -12.41 -61.52
N GLY E 691 -82.28 -13.16 -61.50
CA GLY E 691 -81.48 -13.36 -62.69
C GLY E 691 -81.85 -14.63 -63.42
N ASN E 692 -83.16 -14.83 -63.63
CA ASN E 692 -83.66 -16.07 -64.22
C ASN E 692 -83.16 -17.28 -63.43
N GLN E 693 -83.23 -17.18 -62.11
CA GLN E 693 -82.86 -18.28 -61.22
C GLN E 693 -83.54 -18.04 -59.88
N PRO E 694 -84.08 -19.08 -59.25
CA PRO E 694 -84.76 -18.89 -57.96
C PRO E 694 -83.90 -18.19 -56.94
N GLN E 695 -84.55 -17.74 -55.87
CA GLN E 695 -83.84 -17.08 -54.79
C GLN E 695 -83.27 -18.07 -53.77
N GLU E 696 -83.69 -19.33 -53.84
CA GLU E 696 -83.11 -20.34 -52.95
C GLU E 696 -81.60 -20.44 -53.14
N GLU E 697 -81.10 -20.10 -54.32
CA GLU E 697 -79.66 -20.04 -54.56
C GLU E 697 -79.13 -18.62 -54.63
N LEU E 698 -80.01 -17.62 -54.70
CA LEU E 698 -79.54 -16.26 -54.52
C LEU E 698 -79.11 -16.04 -53.07
N ASN E 699 -79.87 -16.63 -52.14
CA ASN E 699 -79.52 -16.52 -50.73
C ASN E 699 -78.24 -17.29 -50.44
N HIS E 700 -78.26 -18.60 -50.64
CA HIS E 700 -77.12 -19.45 -50.32
C HIS E 700 -76.12 -19.43 -51.47
N ALA E 701 -75.00 -20.11 -51.29
CA ALA E 701 -74.05 -20.32 -52.36
C ALA E 701 -73.86 -21.78 -52.71
N LEU E 702 -74.29 -22.70 -51.86
CA LEU E 702 -74.26 -24.13 -52.14
C LEU E 702 -75.53 -24.61 -52.79
N ALA E 703 -76.23 -23.74 -53.51
CA ALA E 703 -77.48 -24.09 -54.15
C ALA E 703 -77.58 -23.65 -55.60
N ASP E 704 -76.64 -22.84 -56.10
CA ASP E 704 -76.66 -22.49 -57.51
C ASP E 704 -76.12 -23.63 -58.34
N ALA E 705 -76.43 -23.59 -59.63
CA ALA E 705 -75.92 -24.58 -60.57
C ALA E 705 -74.65 -24.13 -61.28
N THR E 706 -74.12 -22.96 -60.92
CA THR E 706 -72.91 -22.45 -61.56
C THR E 706 -71.65 -22.89 -60.84
N LEU E 707 -71.70 -23.07 -59.53
CA LEU E 707 -70.56 -23.58 -58.79
C LEU E 707 -70.58 -25.11 -58.86
N LEU E 708 -69.52 -25.67 -59.41
CA LEU E 708 -69.46 -27.11 -59.58
C LEU E 708 -69.00 -27.80 -58.30
N PRO E 709 -69.43 -29.04 -58.08
CA PRO E 709 -68.85 -29.84 -57.01
C PRO E 709 -67.37 -30.05 -57.26
N PRO E 710 -66.60 -30.39 -56.23
CA PRO E 710 -65.17 -30.61 -56.47
C PRO E 710 -64.89 -31.86 -57.29
N LEU E 711 -65.64 -32.93 -57.07
CA LEU E 711 -65.39 -34.21 -57.73
C LEU E 711 -66.67 -34.64 -58.45
N ILE E 712 -66.81 -34.24 -59.70
CA ILE E 712 -67.96 -34.66 -60.49
C ILE E 712 -67.65 -36.01 -61.12
N TRP E 713 -68.69 -36.80 -61.38
CA TRP E 713 -68.54 -38.14 -61.92
C TRP E 713 -69.17 -38.32 -63.28
N ASP E 714 -69.96 -37.38 -63.75
CA ASP E 714 -70.50 -37.42 -65.09
C ASP E 714 -70.67 -35.98 -65.55
N CYS E 715 -71.37 -35.79 -66.65
CA CYS E 715 -71.58 -34.45 -67.17
C CYS E 715 -72.87 -33.82 -66.66
N ASP E 716 -73.57 -34.47 -65.74
CA ASP E 716 -74.85 -33.92 -65.31
C ASP E 716 -74.72 -32.49 -64.81
N PRO E 717 -73.82 -32.17 -63.87
CA PRO E 717 -73.76 -30.77 -63.41
C PRO E 717 -73.39 -29.80 -64.52
N ILE E 718 -72.49 -30.17 -65.42
CA ILE E 718 -72.11 -29.21 -66.46
C ILE E 718 -73.24 -29.00 -67.45
N LEU E 719 -74.12 -29.99 -67.61
CA LEU E 719 -75.25 -29.81 -68.50
C LEU E 719 -76.27 -28.82 -67.97
N TYR E 720 -76.45 -28.76 -66.65
CA TYR E 720 -77.34 -27.76 -66.07
C TYR E 720 -76.71 -26.39 -65.98
N ARG E 721 -75.39 -26.30 -66.16
CA ARG E 721 -74.70 -25.03 -65.95
C ARG E 721 -74.85 -24.11 -67.16
N ASP E 722 -74.35 -24.54 -68.32
CA ASP E 722 -74.34 -23.67 -69.49
C ASP E 722 -75.73 -23.28 -69.94
N GLY E 723 -76.76 -23.99 -69.51
CA GLY E 723 -78.10 -23.69 -69.95
C GLY E 723 -78.78 -22.60 -69.15
N LEU E 724 -78.90 -22.81 -67.84
CA LEU E 724 -79.65 -21.89 -67.01
C LEU E 724 -78.98 -20.52 -66.96
N ALA E 725 -77.75 -20.46 -66.47
CA ALA E 725 -77.07 -19.19 -66.30
C ALA E 725 -76.70 -18.58 -67.64
N GLU E 726 -76.97 -17.29 -67.80
CA GLU E 726 -76.58 -16.54 -68.98
C GLU E 726 -75.52 -15.48 -68.68
N ARG E 727 -75.08 -15.37 -67.42
CA ARG E 727 -74.05 -14.40 -67.06
C ARG E 727 -72.66 -14.96 -67.35
N LEU E 728 -72.47 -15.36 -68.62
CA LEU E 728 -71.21 -15.83 -69.16
C LEU E 728 -70.63 -16.95 -68.30
N PRO E 729 -71.20 -18.15 -68.36
CA PRO E 729 -70.70 -19.25 -67.52
C PRO E 729 -69.59 -20.05 -68.18
N GLU E 730 -68.94 -19.49 -69.20
CA GLU E 730 -67.99 -20.24 -70.01
C GLU E 730 -66.96 -20.96 -69.16
N LEU E 731 -66.47 -22.08 -69.70
CA LEU E 731 -65.51 -22.94 -69.01
C LEU E 731 -64.56 -23.54 -70.03
N ARG E 732 -63.59 -24.31 -69.54
CA ARG E 732 -62.62 -24.96 -70.41
C ARG E 732 -62.04 -26.15 -69.68
N VAL E 733 -62.03 -27.30 -70.34
CA VAL E 733 -61.47 -28.52 -69.77
C VAL E 733 -60.14 -28.79 -70.47
N ASN E 734 -59.05 -28.68 -69.71
CA ASN E 734 -57.70 -28.81 -70.26
C ASN E 734 -57.51 -27.90 -71.47
N GLY E 735 -58.09 -26.70 -71.39
CA GLY E 735 -58.05 -25.71 -72.47
C GLY E 735 -58.64 -26.29 -73.76
N ALA E 736 -59.94 -26.56 -73.69
CA ALA E 736 -60.66 -27.12 -74.82
C ALA E 736 -62.08 -26.57 -74.79
N HIS E 737 -63.00 -27.20 -75.52
CA HIS E 737 -64.36 -26.72 -75.62
C HIS E 737 -65.39 -27.79 -75.27
N PHE E 738 -64.99 -28.82 -74.52
CA PHE E 738 -65.91 -29.80 -73.94
C PHE E 738 -66.71 -30.50 -75.03
N GLN E 739 -66.00 -31.30 -75.82
CA GLN E 739 -66.68 -32.18 -76.76
C GLN E 739 -67.25 -33.38 -76.00
N HIS E 740 -68.49 -33.72 -76.29
CA HIS E 740 -69.16 -34.79 -75.57
C HIS E 740 -68.83 -36.15 -76.17
N ILE E 741 -68.60 -37.14 -75.30
CA ILE E 741 -68.44 -38.52 -75.71
C ILE E 741 -69.28 -39.38 -74.79
N LEU E 742 -69.87 -40.43 -75.35
CA LEU E 742 -70.93 -41.18 -74.67
C LEU E 742 -70.38 -42.31 -73.80
N TRP E 743 -69.68 -43.27 -74.38
CA TRP E 743 -69.09 -44.35 -73.60
C TRP E 743 -67.92 -44.93 -74.37
N VAL E 744 -67.14 -45.76 -73.68
CA VAL E 744 -66.02 -46.48 -74.28
C VAL E 744 -66.19 -47.96 -73.94
N GLU E 745 -66.28 -48.80 -74.98
CA GLU E 745 -66.55 -50.21 -74.73
C GLU E 745 -65.28 -51.01 -74.46
N MET E 746 -64.48 -51.26 -75.49
CA MET E 746 -63.30 -52.09 -75.29
C MET E 746 -62.04 -51.56 -75.96
N ALA E 747 -62.18 -51.09 -77.20
CA ALA E 747 -61.01 -50.80 -78.03
C ALA E 747 -60.79 -49.32 -78.25
N GLN E 748 -61.85 -48.53 -78.25
CA GLN E 748 -61.75 -47.08 -78.40
C GLN E 748 -61.47 -46.42 -77.05
N VAL E 749 -60.43 -46.90 -76.38
CA VAL E 749 -60.12 -46.45 -75.02
C VAL E 749 -59.13 -45.29 -75.07
N ASN E 750 -57.94 -45.55 -75.60
CA ASN E 750 -56.90 -44.53 -75.74
C ASN E 750 -56.54 -43.93 -74.37
N PHE E 751 -55.93 -44.79 -73.53
CA PHE E 751 -55.43 -44.34 -72.24
C PHE E 751 -54.64 -43.03 -72.34
N ARG E 752 -53.98 -42.81 -73.49
CA ARG E 752 -53.25 -41.56 -73.71
C ARG E 752 -54.10 -40.53 -74.43
N ASN E 753 -55.43 -40.68 -74.42
CA ASN E 753 -56.29 -39.60 -74.89
C ASN E 753 -56.06 -38.37 -74.02
N VAL E 754 -55.90 -37.22 -74.68
CA VAL E 754 -55.51 -36.01 -73.96
C VAL E 754 -56.42 -34.82 -74.26
N GLY E 755 -57.11 -34.78 -75.39
CA GLY E 755 -57.90 -33.63 -75.75
C GLY E 755 -59.11 -33.44 -74.86
N GLY E 756 -60.03 -32.62 -75.34
CA GLY E 756 -61.22 -32.30 -74.57
C GLY E 756 -62.40 -33.21 -74.84
N GLY E 757 -62.61 -34.18 -73.97
CA GLY E 757 -63.74 -35.08 -74.08
C GLY E 757 -64.09 -35.74 -72.77
N LEU E 758 -65.36 -35.73 -72.39
CA LEU E 758 -65.81 -36.24 -71.11
C LEU E 758 -66.69 -37.46 -71.32
N VAL E 759 -66.33 -38.57 -70.67
CA VAL E 759 -67.04 -39.82 -70.84
C VAL E 759 -68.26 -39.85 -69.93
N HIS E 760 -69.32 -40.51 -70.39
CA HIS E 760 -70.49 -40.77 -69.57
C HIS E 760 -70.51 -42.23 -69.14
N ASN E 761 -71.16 -42.49 -68.01
CA ASN E 761 -71.52 -43.86 -67.70
C ASN E 761 -72.67 -44.29 -68.60
N ARG E 762 -72.68 -45.57 -68.95
CA ARG E 762 -73.69 -46.07 -69.86
C ARG E 762 -75.08 -45.83 -69.26
N PRO E 763 -75.93 -45.05 -69.92
CA PRO E 763 -77.23 -44.71 -69.33
C PRO E 763 -78.07 -45.94 -69.08
N VAL E 764 -79.19 -45.73 -68.38
CA VAL E 764 -80.01 -46.82 -67.88
C VAL E 764 -81.24 -47.03 -68.76
N ARG E 765 -81.98 -45.96 -69.05
CA ARG E 765 -83.26 -46.13 -69.72
C ARG E 765 -83.08 -46.41 -71.21
N ASN E 766 -82.53 -45.46 -71.95
CA ASN E 766 -82.53 -45.53 -73.41
C ASN E 766 -81.15 -45.21 -73.92
N GLU E 767 -80.57 -46.13 -74.69
CA GLU E 767 -79.23 -45.95 -75.25
C GLU E 767 -79.23 -45.15 -76.54
N ASN E 768 -80.28 -44.38 -76.82
CA ASN E 768 -80.38 -43.64 -78.07
C ASN E 768 -80.76 -42.17 -77.92
N GLN E 769 -81.30 -41.76 -76.78
CA GLN E 769 -81.66 -40.35 -76.67
C GLN E 769 -80.41 -39.49 -76.46
N PRO E 770 -80.40 -38.26 -76.98
CA PRO E 770 -79.20 -37.42 -76.94
C PRO E 770 -78.97 -36.80 -75.57
N LEU E 771 -77.98 -37.33 -74.85
CA LEU E 771 -77.45 -36.75 -73.60
C LEU E 771 -78.55 -36.33 -72.63
N HIS E 772 -79.58 -37.13 -72.53
CA HIS E 772 -80.59 -36.85 -71.50
C HIS E 772 -79.93 -36.96 -70.13
N PRO E 773 -79.79 -35.87 -69.39
CA PRO E 773 -79.12 -35.97 -68.08
C PRO E 773 -79.88 -36.93 -67.18
N HIS E 774 -79.16 -37.89 -66.60
CA HIS E 774 -79.78 -38.98 -65.89
C HIS E 774 -79.83 -38.75 -64.38
N HIS E 775 -80.01 -37.50 -63.95
CA HIS E 775 -80.29 -37.19 -62.56
C HIS E 775 -80.96 -35.82 -62.52
N ASP E 776 -81.40 -35.44 -61.32
CA ASP E 776 -82.01 -34.13 -61.12
C ASP E 776 -80.97 -33.13 -60.65
N ALA E 777 -81.40 -31.89 -60.44
CA ALA E 777 -80.50 -30.88 -59.89
C ALA E 777 -80.27 -31.10 -58.41
N GLU E 778 -81.28 -31.58 -57.71
CA GLU E 778 -81.14 -31.85 -56.28
C GLU E 778 -80.01 -32.82 -56.01
N TRP E 779 -79.69 -33.69 -56.97
CA TRP E 779 -78.58 -34.61 -56.78
C TRP E 779 -77.25 -33.87 -56.72
N SER E 780 -77.00 -32.98 -57.68
CA SER E 780 -75.80 -32.18 -57.63
C SER E 780 -75.76 -31.32 -56.38
N VAL E 781 -76.91 -30.78 -55.98
CA VAL E 781 -76.96 -29.96 -54.78
C VAL E 781 -76.57 -30.78 -53.55
N LEU E 782 -77.10 -32.00 -53.45
CA LEU E 782 -76.76 -32.85 -52.31
C LEU E 782 -75.30 -33.22 -52.32
N SER E 783 -74.73 -33.49 -53.50
CA SER E 783 -73.32 -33.82 -53.57
C SER E 783 -72.46 -32.64 -53.12
N LYS E 784 -72.81 -31.44 -53.56
CA LYS E 784 -72.10 -30.25 -53.11
C LYS E 784 -72.20 -30.08 -51.60
N ILE E 785 -73.40 -30.25 -51.06
CA ILE E 785 -73.60 -30.15 -49.62
C ILE E 785 -72.70 -31.13 -48.89
N TYR E 786 -72.70 -32.38 -49.36
CA TYR E 786 -71.85 -33.39 -48.73
C TYR E 786 -70.40 -32.93 -48.74
N TYR E 787 -69.83 -32.76 -49.93
CA TYR E 787 -68.39 -32.54 -50.06
C TYR E 787 -67.94 -31.20 -49.49
N TYR E 788 -68.85 -30.28 -49.22
CA TYR E 788 -68.44 -29.02 -48.61
C TYR E 788 -68.80 -28.90 -47.15
N ALA E 789 -69.66 -29.77 -46.63
CA ALA E 789 -70.16 -29.58 -45.28
C ALA E 789 -69.85 -30.72 -44.32
N VAL E 790 -69.82 -31.96 -44.76
CA VAL E 790 -69.65 -33.09 -43.85
C VAL E 790 -68.25 -33.67 -43.91
N VAL E 791 -67.68 -33.81 -45.10
CA VAL E 791 -66.31 -34.34 -45.17
C VAL E 791 -65.31 -33.37 -44.54
N PRO E 792 -65.45 -32.04 -44.62
CA PRO E 792 -64.53 -31.20 -43.85
C PRO E 792 -64.85 -31.19 -42.38
N ALA E 793 -65.99 -31.74 -41.98
CA ALA E 793 -66.28 -31.84 -40.56
C ALA E 793 -65.58 -33.03 -39.93
N PHE E 794 -65.45 -34.12 -40.67
CA PHE E 794 -64.79 -35.31 -40.16
C PHE E 794 -63.30 -35.33 -40.46
N SER E 795 -62.90 -34.79 -41.61
CA SER E 795 -61.50 -34.86 -42.02
C SER E 795 -60.62 -33.97 -41.16
N ARG E 796 -61.14 -32.83 -40.73
CA ARG E 796 -60.35 -31.83 -40.01
C ARG E 796 -59.12 -31.43 -40.82
N GLY E 797 -59.29 -31.34 -42.13
CA GLY E 797 -58.17 -31.01 -43.00
C GLY E 797 -57.12 -32.11 -43.03
N ASN E 798 -57.56 -33.34 -43.24
CA ASN E 798 -56.69 -34.51 -43.30
C ASN E 798 -57.09 -35.39 -44.48
N CYS E 799 -57.29 -34.77 -45.64
CA CYS E 799 -57.64 -35.50 -46.85
C CYS E 799 -57.32 -34.65 -48.06
N CYS E 800 -57.23 -35.30 -49.21
CA CYS E 800 -56.90 -34.59 -50.43
C CYS E 800 -57.42 -35.36 -51.63
N THR E 801 -57.62 -34.64 -52.72
CA THR E 801 -58.12 -35.25 -53.94
C THR E 801 -56.97 -35.86 -54.72
N MET E 802 -57.15 -37.10 -55.15
CA MET E 802 -56.12 -37.79 -55.92
C MET E 802 -56.66 -38.17 -57.28
N GLY E 803 -55.78 -38.10 -58.28
CA GLY E 803 -56.10 -38.54 -59.62
C GLY E 803 -55.60 -39.96 -59.85
N VAL E 804 -56.47 -40.79 -60.43
CA VAL E 804 -56.24 -42.23 -60.61
C VAL E 804 -55.40 -42.47 -61.86
N ARG E 805 -54.52 -43.47 -61.80
CA ARG E 805 -53.77 -43.91 -62.98
C ARG E 805 -54.53 -45.10 -63.54
N TYR E 806 -55.51 -44.82 -64.39
CA TYR E 806 -56.34 -45.87 -64.93
C TYR E 806 -55.56 -46.90 -65.73
N ASP E 807 -54.41 -46.51 -66.30
CA ASP E 807 -53.67 -47.42 -67.16
C ASP E 807 -53.38 -48.74 -66.46
N ARG E 808 -53.05 -48.68 -65.16
CA ARG E 808 -52.59 -49.86 -64.44
C ARG E 808 -53.68 -50.58 -63.68
N VAL E 809 -54.70 -49.87 -63.19
CA VAL E 809 -55.72 -50.55 -62.38
C VAL E 809 -56.52 -51.53 -63.22
N TYR E 810 -56.79 -51.18 -64.48
CA TYR E 810 -57.52 -52.08 -65.36
C TYR E 810 -56.71 -53.34 -65.61
N GLN E 811 -55.42 -53.20 -65.92
CA GLN E 811 -54.60 -54.37 -66.13
C GLN E 811 -54.50 -55.21 -64.87
N LEU E 812 -54.46 -54.57 -63.71
CA LEU E 812 -54.32 -55.31 -62.46
C LEU E 812 -55.58 -56.11 -62.15
N VAL E 813 -56.74 -55.45 -62.22
CA VAL E 813 -58.00 -56.07 -61.83
C VAL E 813 -58.35 -57.28 -62.68
N GLN E 814 -57.65 -57.47 -63.80
CA GLN E 814 -57.96 -58.59 -64.68
C GLN E 814 -57.11 -59.82 -64.43
N THR E 815 -55.95 -59.68 -63.76
CA THR E 815 -55.10 -60.83 -63.48
C THR E 815 -55.61 -61.54 -62.24
N MET E 816 -56.61 -62.39 -62.45
CA MET E 816 -57.24 -63.17 -61.39
C MET E 816 -57.04 -64.64 -61.65
N VAL E 817 -56.88 -65.41 -60.57
CA VAL E 817 -56.82 -66.87 -60.65
C VAL E 817 -58.10 -67.43 -60.07
N VAL E 818 -58.78 -68.26 -60.84
CA VAL E 818 -60.04 -68.86 -60.41
C VAL E 818 -60.09 -70.33 -60.82
N PRO E 819 -59.98 -71.26 -59.88
CA PRO E 819 -60.17 -72.68 -60.23
C PRO E 819 -61.59 -72.93 -60.70
N GLU E 820 -61.78 -74.07 -61.35
CA GLU E 820 -63.09 -74.46 -61.87
C GLU E 820 -63.73 -75.46 -60.92
N THR E 821 -64.90 -75.10 -60.39
CA THR E 821 -65.64 -75.99 -59.50
C THR E 821 -67.07 -75.53 -59.30
N ASP E 822 -68.02 -76.46 -59.40
CA ASP E 822 -69.43 -76.12 -59.38
C ASP E 822 -70.16 -76.50 -58.11
N GLU E 823 -69.77 -77.59 -57.44
CA GLU E 823 -70.56 -78.08 -56.31
C GLU E 823 -70.61 -77.05 -55.17
N GLU E 824 -69.47 -76.78 -54.55
CA GLU E 824 -69.40 -75.82 -53.46
C GLU E 824 -67.93 -75.55 -53.15
N VAL E 825 -67.65 -74.39 -52.59
CA VAL E 825 -66.30 -73.96 -52.26
C VAL E 825 -66.27 -73.61 -50.78
N GLY E 826 -65.48 -74.36 -50.02
CA GLY E 826 -65.28 -74.09 -48.61
C GLY E 826 -63.99 -73.31 -48.39
N THR E 827 -63.94 -72.57 -47.28
CA THR E 827 -62.77 -71.75 -47.01
C THR E 827 -61.49 -72.58 -46.93
N ASP E 828 -61.59 -73.81 -46.42
CA ASP E 828 -60.43 -74.68 -46.26
C ASP E 828 -60.23 -75.58 -47.47
N ASP E 829 -60.70 -75.18 -48.65
CA ASP E 829 -60.50 -76.02 -49.82
C ASP E 829 -59.31 -75.52 -50.64
N PRO E 830 -58.49 -76.44 -51.15
CA PRO E 830 -57.39 -76.03 -52.04
C PRO E 830 -57.87 -75.34 -53.31
N ARG E 831 -59.12 -75.51 -53.72
CA ARG E 831 -59.64 -74.83 -54.90
C ARG E 831 -60.43 -73.58 -54.54
N HIS E 832 -60.47 -73.22 -53.26
CA HIS E 832 -60.99 -71.92 -52.86
C HIS E 832 -60.08 -70.83 -53.41
N PRO E 833 -60.64 -69.74 -53.94
CA PRO E 833 -59.80 -68.71 -54.56
C PRO E 833 -58.88 -68.01 -53.59
N LEU E 834 -59.04 -68.22 -52.29
CA LEU E 834 -58.21 -67.59 -51.28
C LEU E 834 -57.45 -68.61 -50.44
N HIS E 835 -57.29 -69.83 -50.94
CA HIS E 835 -56.40 -70.76 -50.29
C HIS E 835 -54.96 -70.46 -50.70
N PRO E 836 -54.00 -70.53 -49.78
CA PRO E 836 -52.62 -70.15 -50.11
C PRO E 836 -52.02 -70.92 -51.27
N ARG E 837 -52.66 -72.00 -51.72
CA ARG E 837 -52.17 -72.72 -52.88
C ARG E 837 -52.54 -72.05 -54.19
N ASN E 838 -53.16 -70.87 -54.15
CA ASN E 838 -53.49 -70.13 -55.35
C ASN E 838 -52.90 -68.72 -55.37
N LEU E 839 -52.21 -68.32 -54.30
CA LEU E 839 -51.67 -66.97 -54.20
C LEU E 839 -50.45 -66.86 -55.11
N VAL E 840 -50.73 -66.65 -56.40
CA VAL E 840 -49.66 -66.35 -57.34
C VAL E 840 -49.31 -64.88 -57.16
N PRO E 841 -48.04 -64.50 -57.24
CA PRO E 841 -47.66 -63.15 -56.85
C PRO E 841 -48.09 -62.11 -57.88
N ASN E 842 -48.29 -60.89 -57.39
CA ASN E 842 -48.65 -59.75 -58.22
C ASN E 842 -49.99 -59.96 -58.94
N SER E 843 -50.80 -60.86 -58.40
CA SER E 843 -52.13 -61.11 -58.93
C SER E 843 -53.13 -60.21 -58.21
N LEU E 844 -54.42 -60.49 -58.37
CA LEU E 844 -55.42 -59.72 -57.66
C LEU E 844 -55.69 -60.28 -56.27
N ASN E 845 -55.96 -61.58 -56.19
CA ASN E 845 -56.43 -62.18 -54.94
C ASN E 845 -55.46 -61.95 -53.79
N VAL E 846 -54.19 -61.69 -54.09
CA VAL E 846 -53.25 -61.36 -53.03
C VAL E 846 -53.67 -60.07 -52.34
N LEU E 847 -54.26 -59.13 -53.08
CA LEU E 847 -54.71 -57.89 -52.48
C LEU E 847 -55.91 -58.13 -51.56
N PHE E 848 -56.87 -58.94 -52.02
CA PHE E 848 -57.96 -59.33 -51.14
C PHE E 848 -57.44 -60.06 -49.91
N HIS E 849 -56.30 -60.74 -50.03
CA HIS E 849 -55.73 -61.38 -48.86
C HIS E 849 -54.96 -60.41 -47.98
N ASN E 850 -54.54 -59.27 -48.52
CA ASN E 850 -53.84 -58.28 -47.70
C ASN E 850 -54.77 -57.64 -46.69
N ALA E 851 -56.04 -57.46 -47.07
CA ALA E 851 -57.02 -56.78 -46.23
C ALA E 851 -57.93 -57.72 -45.47
N CYS E 852 -57.66 -59.02 -45.52
CA CYS E 852 -58.45 -60.04 -44.81
C CYS E 852 -59.94 -59.84 -45.08
N VAL E 853 -60.29 -59.83 -46.35
CA VAL E 853 -61.66 -59.65 -46.80
C VAL E 853 -62.16 -60.97 -47.34
N ALA E 854 -63.15 -61.55 -46.66
CA ALA E 854 -63.68 -62.85 -47.03
C ALA E 854 -64.64 -62.67 -48.20
N VAL E 855 -64.28 -63.23 -49.36
CA VAL E 855 -65.11 -63.17 -50.55
C VAL E 855 -65.27 -64.58 -51.11
N ASP E 856 -66.33 -64.76 -51.88
CA ASP E 856 -66.59 -66.02 -52.56
C ASP E 856 -65.92 -66.00 -53.93
N ALA E 857 -65.84 -67.19 -54.55
CA ALA E 857 -65.24 -67.28 -55.87
C ALA E 857 -66.02 -66.46 -56.89
N ASP E 858 -67.34 -66.58 -56.89
CA ASP E 858 -68.16 -65.88 -57.88
C ASP E 858 -67.96 -64.37 -57.81
N ALA E 859 -67.68 -63.84 -56.62
CA ALA E 859 -67.35 -62.43 -56.47
C ALA E 859 -66.30 -62.02 -57.48
N MET E 860 -65.15 -62.72 -57.47
CA MET E 860 -64.10 -62.42 -58.45
C MET E 860 -64.59 -62.57 -59.88
N LEU E 861 -65.59 -63.42 -60.10
CA LEU E 861 -66.07 -63.61 -61.47
C LEU E 861 -66.94 -62.44 -61.93
N ILE E 862 -67.55 -61.71 -61.00
CA ILE E 862 -68.46 -60.65 -61.41
C ILE E 862 -67.71 -59.46 -62.02
N LEU E 863 -66.45 -59.27 -61.65
CA LEU E 863 -65.74 -58.06 -62.08
C LEU E 863 -65.55 -57.95 -63.58
N GLN E 864 -65.72 -59.05 -64.33
CA GLN E 864 -65.58 -58.97 -65.78
C GLN E 864 -66.49 -57.89 -66.37
N GLU E 865 -67.61 -57.58 -65.72
CA GLU E 865 -68.55 -56.64 -66.30
C GLU E 865 -67.94 -55.26 -66.49
N THR E 866 -66.99 -54.88 -65.63
CA THR E 866 -66.39 -53.56 -65.74
C THR E 866 -65.69 -53.35 -67.08
N VAL E 867 -65.47 -54.41 -67.85
CA VAL E 867 -64.79 -54.26 -69.13
C VAL E 867 -65.68 -53.56 -70.14
N THR E 868 -66.99 -53.75 -70.04
CA THR E 868 -67.90 -53.20 -71.02
C THR E 868 -67.99 -51.68 -70.92
N ASN E 869 -67.84 -51.13 -69.72
CA ASN E 869 -67.99 -49.70 -69.47
C ASN E 869 -66.75 -49.20 -68.73
N MET E 870 -65.87 -48.52 -69.44
CA MET E 870 -64.58 -48.11 -68.91
C MET E 870 -64.51 -46.59 -68.73
N ALA E 871 -63.42 -46.15 -68.11
CA ALA E 871 -63.12 -44.74 -67.91
C ALA E 871 -61.62 -44.54 -68.13
N GLU E 872 -61.27 -43.42 -68.77
CA GLU E 872 -59.93 -43.25 -69.33
C GLU E 872 -58.95 -42.53 -68.43
N ARG E 873 -59.29 -41.33 -67.97
CA ARG E 873 -58.33 -40.51 -67.23
C ARG E 873 -59.05 -39.64 -66.22
N THR E 874 -58.29 -38.82 -65.51
CA THR E 874 -58.81 -37.79 -64.60
C THR E 874 -58.60 -36.43 -65.24
N THR E 875 -59.65 -35.88 -65.81
CA THR E 875 -59.18 -34.63 -66.37
C THR E 875 -59.56 -33.46 -65.49
N PRO E 876 -58.70 -32.45 -65.40
CA PRO E 876 -59.05 -31.25 -64.62
C PRO E 876 -59.99 -30.35 -65.41
N LEU E 877 -60.72 -29.54 -64.67
CA LEU E 877 -61.66 -28.58 -65.24
C LEU E 877 -61.22 -27.17 -64.87
N LEU E 878 -61.98 -26.19 -65.36
CA LEU E 878 -61.80 -24.81 -64.96
C LEU E 878 -63.08 -24.05 -65.30
N ALA E 879 -63.80 -23.61 -64.28
CA ALA E 879 -65.04 -22.88 -64.47
C ALA E 879 -64.81 -21.39 -64.30
N SER E 880 -65.70 -20.60 -64.88
CA SER E 880 -65.63 -19.16 -64.79
C SER E 880 -67.04 -18.61 -64.90
N VAL E 881 -67.38 -17.66 -64.03
CA VAL E 881 -68.73 -17.12 -64.00
C VAL E 881 -68.68 -15.71 -63.45
N ALA E 882 -69.44 -14.81 -64.07
CA ALA E 882 -69.60 -13.48 -63.54
C ALA E 882 -70.37 -13.54 -62.23
N PRO E 883 -70.25 -12.52 -61.38
CA PRO E 883 -71.07 -12.48 -60.16
C PRO E 883 -72.56 -12.46 -60.51
N ASP E 884 -73.37 -12.78 -59.50
CA ASP E 884 -74.79 -13.00 -59.72
C ASP E 884 -75.51 -11.65 -59.89
N ALA E 885 -76.84 -11.69 -59.85
CA ALA E 885 -77.60 -10.45 -59.91
C ALA E 885 -77.32 -9.53 -58.73
N GLY E 886 -76.84 -10.08 -57.61
CA GLY E 886 -76.55 -9.27 -56.44
C GLY E 886 -75.36 -8.35 -56.64
N MET E 887 -74.17 -8.93 -56.74
CA MET E 887 -72.95 -8.14 -56.97
C MET E 887 -72.79 -7.83 -58.46
N ALA E 888 -73.77 -7.11 -58.99
CA ALA E 888 -73.85 -6.87 -60.43
C ALA E 888 -73.83 -5.38 -60.76
N THR E 889 -72.99 -4.61 -60.08
CA THR E 889 -72.87 -3.21 -60.42
C THR E 889 -71.89 -3.04 -61.58
N VAL E 890 -71.72 -1.79 -62.02
CA VAL E 890 -70.78 -1.51 -63.11
C VAL E 890 -69.37 -1.89 -62.71
N ALA E 891 -69.02 -1.70 -61.44
CA ALA E 891 -67.68 -1.98 -60.95
C ALA E 891 -67.51 -3.42 -60.51
N THR E 892 -68.33 -4.33 -61.04
CA THR E 892 -68.19 -5.75 -60.71
C THR E 892 -68.28 -6.68 -61.91
N ARG E 893 -68.65 -6.20 -63.10
CA ARG E 893 -68.73 -7.10 -64.25
C ARG E 893 -67.35 -7.64 -64.63
N ASP E 894 -66.30 -6.87 -64.37
CA ASP E 894 -64.95 -7.34 -64.68
C ASP E 894 -64.42 -8.30 -63.63
N MET E 895 -65.05 -8.38 -62.47
CA MET E 895 -64.72 -9.42 -61.52
C MET E 895 -65.08 -10.77 -62.11
N ARG E 896 -64.32 -11.79 -61.72
CA ARG E 896 -64.53 -13.14 -62.22
C ARG E 896 -64.10 -14.14 -61.16
N THR E 897 -64.58 -15.36 -61.29
CA THR E 897 -64.20 -16.44 -60.41
C THR E 897 -63.63 -17.59 -61.22
N HIS E 898 -62.74 -18.36 -60.60
CA HIS E 898 -62.10 -19.47 -61.27
C HIS E 898 -61.83 -20.56 -60.25
N ASP E 899 -62.35 -21.76 -60.50
CA ASP E 899 -62.08 -22.90 -59.63
C ASP E 899 -62.26 -24.20 -60.40
N GLY E 900 -61.18 -24.96 -60.52
CA GLY E 900 -61.23 -26.20 -61.26
C GLY E 900 -62.01 -27.26 -60.52
N SER E 901 -61.97 -28.46 -61.07
CA SER E 901 -62.58 -29.63 -60.47
C SER E 901 -62.05 -30.86 -61.21
N LEU E 902 -62.16 -31.99 -60.56
CA LEU E 902 -61.66 -33.24 -61.10
C LEU E 902 -62.80 -34.03 -61.72
N HIS E 903 -62.63 -34.43 -62.97
CA HIS E 903 -63.55 -35.35 -63.62
C HIS E 903 -63.03 -36.76 -63.41
N HIS E 904 -63.89 -37.65 -62.92
CA HIS E 904 -63.52 -39.02 -62.59
C HIS E 904 -62.38 -39.08 -61.59
N GLY E 905 -62.34 -38.11 -60.67
CA GLY E 905 -61.27 -38.05 -59.69
C GLY E 905 -61.45 -39.07 -58.58
N LEU E 906 -61.00 -38.72 -57.38
CA LEU E 906 -61.15 -39.58 -56.22
C LEU E 906 -60.85 -38.77 -54.98
N LEU E 907 -61.21 -39.32 -53.82
CA LEU E 907 -60.91 -38.71 -52.53
C LEU E 907 -60.31 -39.79 -51.65
N MET E 908 -59.05 -39.59 -51.25
CA MET E 908 -58.39 -40.50 -50.32
C MET E 908 -58.61 -40.00 -48.89
N MET E 909 -58.68 -40.95 -47.96
CA MET E 909 -58.92 -40.60 -46.57
C MET E 909 -57.64 -40.17 -45.86
N ALA E 910 -56.66 -41.07 -45.76
CA ALA E 910 -55.42 -40.74 -45.09
C ALA E 910 -54.29 -41.52 -45.74
N TYR E 911 -53.11 -40.91 -45.81
CA TYR E 911 -51.99 -41.57 -46.48
C TYR E 911 -51.35 -42.60 -45.57
N GLN E 912 -50.91 -43.69 -46.16
CA GLN E 912 -50.14 -44.69 -45.44
C GLN E 912 -48.70 -44.61 -45.93
N PRO E 913 -47.88 -43.73 -45.36
CA PRO E 913 -46.58 -43.43 -45.96
C PRO E 913 -45.49 -44.43 -45.60
N ASN E 914 -45.72 -45.31 -44.63
CA ASN E 914 -44.67 -46.18 -44.14
C ASN E 914 -44.82 -47.63 -44.54
N ASP E 915 -45.93 -48.02 -45.16
CA ASP E 915 -46.08 -49.41 -45.55
C ASP E 915 -45.23 -49.72 -46.78
N ALA E 916 -44.86 -50.99 -46.90
CA ALA E 916 -43.97 -51.42 -47.96
C ALA E 916 -44.58 -52.44 -48.91
N THR E 917 -45.76 -52.95 -48.63
CA THR E 917 -46.32 -54.00 -49.49
C THR E 917 -46.77 -53.48 -50.82
N LEU E 918 -46.48 -52.22 -51.14
CA LEU E 918 -46.94 -51.64 -52.38
C LEU E 918 -46.16 -50.37 -52.65
N LEU E 919 -45.89 -50.11 -53.92
CA LEU E 919 -45.24 -48.86 -54.31
C LEU E 919 -46.05 -47.67 -53.83
N GLU E 920 -45.35 -46.60 -53.48
CA GLU E 920 -46.05 -45.39 -53.04
C GLU E 920 -46.85 -44.77 -54.18
N GLY E 921 -46.19 -44.47 -55.30
CA GLY E 921 -46.89 -43.92 -56.44
C GLY E 921 -47.50 -45.01 -57.30
N ALA E 922 -48.26 -45.91 -56.68
CA ALA E 922 -48.75 -47.08 -57.40
C ALA E 922 -49.85 -46.71 -58.38
N PHE E 923 -50.97 -46.21 -57.86
CA PHE E 923 -52.13 -45.92 -58.69
C PHE E 923 -52.64 -44.51 -58.59
N PHE E 924 -52.15 -43.69 -57.66
CA PHE E 924 -52.79 -42.44 -57.32
C PHE E 924 -51.77 -41.32 -57.22
N TYR E 925 -51.84 -40.40 -58.08
CA TYR E 925 -50.98 -39.26 -57.90
C TYR E 925 -51.75 -38.13 -57.24
N PRO E 926 -51.11 -37.34 -56.37
CA PRO E 926 -51.82 -36.26 -55.71
C PRO E 926 -52.24 -35.18 -56.70
N ALA E 927 -53.43 -34.64 -56.47
CA ALA E 927 -53.99 -33.59 -57.34
C ALA E 927 -54.99 -32.77 -56.55
N PRO E 928 -54.50 -31.87 -55.70
CA PRO E 928 -55.41 -31.05 -54.90
C PRO E 928 -56.17 -30.06 -55.78
N VAL E 929 -57.40 -29.78 -55.37
CA VAL E 929 -58.28 -28.88 -56.10
C VAL E 929 -58.58 -27.62 -55.31
N ASN E 930 -58.77 -27.73 -54.01
CA ASN E 930 -59.09 -26.57 -53.19
C ASN E 930 -58.47 -26.73 -51.81
N ALA E 931 -58.33 -25.60 -51.12
CA ALA E 931 -57.63 -25.56 -49.85
C ALA E 931 -58.25 -26.48 -48.80
N LEU E 932 -59.51 -26.87 -48.97
CA LEU E 932 -60.08 -27.87 -48.09
C LEU E 932 -59.32 -29.18 -48.18
N PHE E 933 -58.88 -29.53 -49.39
CA PHE E 933 -58.32 -30.84 -49.68
C PHE E 933 -56.86 -30.68 -50.10
N ALA E 934 -55.98 -30.63 -49.10
CA ALA E 934 -54.55 -30.54 -49.36
C ALA E 934 -53.81 -30.89 -48.08
N CYS E 935 -52.98 -31.92 -48.13
CA CYS E 935 -52.09 -32.27 -47.05
C CYS E 935 -50.71 -32.52 -47.62
N ALA E 936 -49.68 -32.07 -46.90
CA ALA E 936 -48.32 -32.34 -47.35
C ALA E 936 -47.99 -33.83 -47.30
N ASP E 937 -48.80 -34.64 -46.64
CA ASP E 937 -48.53 -36.07 -46.58
C ASP E 937 -48.77 -36.75 -47.92
N HIS E 938 -49.73 -36.27 -48.70
CA HIS E 938 -50.07 -36.95 -49.94
C HIS E 938 -49.10 -36.64 -51.07
N LEU E 939 -48.21 -35.67 -50.90
CA LEU E 939 -47.18 -35.45 -51.91
C LEU E 939 -46.18 -36.60 -51.95
N GLY E 940 -46.11 -37.41 -50.89
CA GLY E 940 -45.21 -38.54 -50.87
C GLY E 940 -45.47 -39.56 -51.95
N ALA E 941 -46.70 -39.61 -52.47
CA ALA E 941 -47.00 -40.52 -53.57
C ALA E 941 -46.42 -40.05 -54.89
N MET E 942 -45.92 -38.84 -54.96
CA MET E 942 -45.26 -38.38 -56.17
C MET E 942 -43.89 -39.04 -56.32
N ARG E 943 -43.46 -39.22 -57.55
CA ARG E 943 -42.19 -39.86 -57.83
C ARG E 943 -41.06 -38.83 -57.68
N ASP E 944 -40.02 -39.22 -56.93
CA ASP E 944 -38.80 -38.44 -56.72
C ASP E 944 -39.06 -36.97 -56.45
N VAL E 945 -40.07 -36.65 -55.65
CA VAL E 945 -40.31 -35.26 -55.29
C VAL E 945 -39.21 -34.79 -54.34
N GLY E 946 -38.79 -33.55 -54.52
CA GLY E 946 -37.65 -33.05 -53.77
C GLY E 946 -37.96 -32.84 -52.30
N ALA E 947 -36.88 -32.76 -51.51
CA ALA E 947 -37.01 -32.55 -50.07
C ALA E 947 -37.18 -31.07 -49.72
N GLU E 948 -36.87 -30.16 -50.63
CA GLU E 948 -37.02 -28.74 -50.37
C GLU E 948 -38.46 -28.28 -50.50
N VAL E 949 -39.28 -28.99 -51.27
CA VAL E 949 -40.68 -28.60 -51.41
C VAL E 949 -41.56 -29.27 -50.36
N ARG E 950 -41.21 -30.49 -49.94
CA ARG E 950 -41.99 -31.16 -48.91
C ARG E 950 -41.91 -30.46 -47.56
N ALA E 951 -40.86 -29.67 -47.34
CA ALA E 951 -40.75 -28.91 -46.10
C ALA E 951 -41.62 -27.66 -46.14
N ALA E 952 -41.74 -27.03 -47.30
CA ALA E 952 -42.57 -25.83 -47.42
C ALA E 952 -44.03 -26.16 -47.64
N ALA E 953 -44.35 -27.36 -48.11
CA ALA E 953 -45.74 -27.77 -48.27
C ALA E 953 -46.46 -27.93 -46.96
N GLN E 954 -45.73 -27.98 -45.85
CA GLN E 954 -46.38 -28.14 -44.55
C GLN E 954 -47.13 -26.89 -44.11
N HIS E 955 -46.67 -25.71 -44.52
CA HIS E 955 -47.28 -24.49 -44.03
C HIS E 955 -48.38 -23.96 -44.95
N VAL E 956 -48.16 -23.97 -46.25
CA VAL E 956 -49.13 -23.40 -47.18
C VAL E 956 -49.87 -24.54 -47.88
N PRO E 957 -51.05 -24.29 -48.46
CA PRO E 957 -51.67 -25.29 -49.32
C PRO E 957 -50.93 -25.39 -50.64
N CYS E 958 -51.08 -26.55 -51.29
CA CYS E 958 -50.32 -26.87 -52.49
C CYS E 958 -51.19 -26.90 -53.73
N VAL E 959 -52.21 -26.06 -53.80
CA VAL E 959 -53.08 -26.06 -54.97
C VAL E 959 -52.30 -25.58 -56.18
N PRO E 960 -52.42 -26.25 -57.33
CA PRO E 960 -51.71 -25.78 -58.52
C PRO E 960 -52.37 -24.55 -59.13
N HIS E 961 -51.55 -23.77 -59.81
CA HIS E 961 -51.97 -22.48 -60.34
C HIS E 961 -52.68 -22.59 -61.69
N PHE E 962 -53.07 -23.79 -62.10
CA PHE E 962 -53.96 -23.95 -63.25
C PHE E 962 -55.30 -24.56 -62.85
N LEU E 963 -55.57 -24.64 -61.55
CA LEU E 963 -56.87 -25.07 -61.05
C LEU E 963 -57.57 -24.01 -60.23
N GLY E 964 -56.98 -22.83 -60.09
CA GLY E 964 -57.63 -21.73 -59.39
C GLY E 964 -56.89 -21.28 -58.15
N ALA E 965 -56.35 -20.07 -58.18
CA ALA E 965 -55.70 -19.51 -57.01
C ALA E 965 -56.75 -19.13 -55.97
N ASN E 966 -56.29 -19.00 -54.72
CA ASN E 966 -57.24 -18.84 -53.63
C ASN E 966 -57.97 -17.50 -53.71
N TYR E 967 -57.30 -16.45 -54.18
CA TYR E 967 -57.95 -15.14 -54.23
C TYR E 967 -59.05 -15.10 -55.29
N TYR E 968 -58.95 -15.93 -56.32
CA TYR E 968 -59.96 -15.96 -57.37
C TYR E 968 -60.99 -17.05 -57.16
N ALA E 969 -60.73 -18.02 -56.29
CA ALA E 969 -61.71 -19.06 -56.04
C ALA E 969 -62.85 -18.51 -55.18
N THR E 970 -63.93 -19.29 -55.11
CA THR E 970 -65.08 -18.92 -54.31
C THR E 970 -65.03 -19.48 -52.90
N VAL E 971 -64.09 -20.37 -52.62
CA VAL E 971 -63.91 -20.94 -51.29
C VAL E 971 -62.46 -20.69 -50.91
N ARG E 972 -62.21 -19.64 -50.16
CA ARG E 972 -60.86 -19.17 -49.91
C ARG E 972 -60.22 -19.99 -48.78
N GLN E 973 -59.08 -19.52 -48.30
CA GLN E 973 -58.34 -20.15 -47.24
C GLN E 973 -59.04 -20.11 -45.89
N PRO E 974 -59.58 -18.97 -45.44
CA PRO E 974 -60.07 -18.89 -44.06
C PRO E 974 -61.04 -19.98 -43.67
N VAL E 975 -61.91 -20.43 -44.57
CA VAL E 975 -62.85 -21.47 -44.20
C VAL E 975 -62.13 -22.79 -43.97
N ALA E 976 -61.12 -23.09 -44.80
CA ALA E 976 -60.32 -24.28 -44.56
C ALA E 976 -59.56 -24.18 -43.25
N GLN E 977 -59.01 -22.99 -42.97
CA GLN E 977 -58.33 -22.77 -41.70
C GLN E 977 -59.28 -23.02 -40.54
N HIS E 978 -60.54 -22.59 -40.69
CA HIS E 978 -61.53 -22.86 -39.66
C HIS E 978 -61.75 -24.35 -39.49
N ALA E 979 -61.86 -25.07 -40.61
CA ALA E 979 -62.23 -26.48 -40.56
C ALA E 979 -61.17 -27.34 -39.86
N ALA E 980 -60.06 -26.75 -39.45
CA ALA E 980 -59.00 -27.48 -38.79
C ALA E 980 -58.62 -26.95 -37.42
N GLN E 981 -58.95 -25.71 -37.11
CA GLN E 981 -58.64 -25.12 -35.81
C GLN E 981 -59.82 -25.22 -34.84
N SER E 982 -60.88 -25.91 -35.23
CA SER E 982 -62.05 -26.06 -34.38
C SER E 982 -62.00 -27.39 -33.65
N ARG E 983 -62.35 -27.37 -32.38
CA ARG E 983 -62.47 -28.57 -31.55
C ARG E 983 -63.86 -28.51 -30.94
N ALA E 984 -64.86 -28.98 -31.69
CA ALA E 984 -66.22 -28.57 -31.37
C ALA E 984 -67.27 -29.66 -31.58
N ASP E 985 -66.92 -30.95 -31.39
CA ASP E 985 -67.93 -32.00 -31.42
C ASP E 985 -68.66 -32.02 -32.77
N GLU E 986 -67.94 -32.53 -33.77
CA GLU E 986 -68.19 -32.35 -35.20
C GLU E 986 -69.66 -32.32 -35.63
N ASN E 987 -70.54 -32.99 -34.89
CA ASN E 987 -71.97 -32.80 -35.11
C ASN E 987 -72.32 -31.31 -35.12
N THR E 988 -71.69 -30.54 -34.24
CA THR E 988 -71.88 -29.09 -34.24
C THR E 988 -71.09 -28.43 -35.35
N LEU E 989 -69.89 -28.91 -35.62
CA LEU E 989 -69.05 -28.31 -36.64
C LEU E 989 -69.71 -28.34 -38.01
N SER E 990 -70.51 -29.38 -38.28
CA SER E 990 -71.19 -29.46 -39.56
C SER E 990 -72.12 -28.27 -39.77
N TYR E 991 -73.00 -28.02 -38.79
CA TYR E 991 -73.89 -26.88 -38.90
C TYR E 991 -73.12 -25.58 -38.90
N ALA E 992 -72.11 -25.46 -38.03
CA ALA E 992 -71.34 -24.23 -37.97
C ALA E 992 -70.68 -23.92 -39.30
N LEU E 993 -70.26 -24.96 -40.02
CA LEU E 993 -69.56 -24.78 -41.27
C LEU E 993 -70.50 -24.52 -42.43
N MET E 994 -71.69 -25.10 -42.39
CA MET E 994 -72.61 -24.82 -43.49
C MET E 994 -73.29 -23.47 -43.30
N ALA E 995 -73.48 -23.03 -42.06
CA ALA E 995 -74.04 -21.71 -41.83
C ALA E 995 -73.15 -20.61 -42.37
N GLY E 996 -71.85 -20.83 -42.43
CA GLY E 996 -70.95 -19.84 -42.99
C GLY E 996 -70.86 -19.95 -44.50
N TYR E 997 -72.00 -20.05 -45.17
CA TYR E 997 -71.99 -20.17 -46.62
C TYR E 997 -73.11 -19.38 -47.29
N PHE E 998 -73.78 -18.48 -46.57
CA PHE E 998 -74.72 -17.59 -47.22
C PHE E 998 -73.97 -16.45 -47.91
N LYS E 999 -74.56 -15.93 -48.98
CA LYS E 999 -73.93 -14.83 -49.68
C LYS E 999 -73.82 -13.61 -48.76
N MET E 1000 -72.93 -12.70 -49.13
CA MET E 1000 -72.86 -11.37 -48.50
C MET E 1000 -73.17 -10.39 -49.62
N SER E 1001 -74.46 -10.12 -49.83
CA SER E 1001 -74.91 -9.39 -51.00
C SER E 1001 -76.07 -8.50 -50.62
N PRO E 1002 -76.25 -7.39 -51.32
CA PRO E 1002 -77.42 -6.54 -51.06
C PRO E 1002 -78.73 -7.22 -51.39
N VAL E 1003 -78.68 -8.47 -51.82
CA VAL E 1003 -79.89 -9.26 -51.99
C VAL E 1003 -80.02 -10.32 -50.91
N ALA E 1004 -78.92 -10.98 -50.55
CA ALA E 1004 -78.98 -11.99 -49.51
C ALA E 1004 -79.26 -11.41 -48.14
N PHE E 1005 -78.96 -10.13 -47.94
CA PHE E 1005 -79.28 -9.51 -46.67
C PHE E 1005 -80.77 -9.31 -46.50
N THR E 1006 -81.49 -9.11 -47.60
CA THR E 1006 -82.94 -9.02 -47.51
C THR E 1006 -83.54 -10.30 -46.94
N HIS E 1007 -82.82 -11.42 -47.08
CA HIS E 1007 -83.30 -12.67 -46.52
C HIS E 1007 -82.73 -12.92 -45.13
N GLN E 1008 -81.40 -12.94 -45.00
CA GLN E 1008 -80.79 -13.35 -43.75
C GLN E 1008 -81.13 -12.42 -42.61
N LEU E 1009 -81.16 -11.11 -42.87
CA LEU E 1009 -81.40 -10.16 -41.79
C LEU E 1009 -82.84 -10.21 -41.30
N ARG E 1010 -83.77 -10.69 -42.11
CA ARG E 1010 -85.17 -10.72 -41.73
C ARG E 1010 -85.63 -12.08 -41.23
N ARG E 1011 -84.72 -13.02 -41.04
CA ARG E 1011 -85.06 -14.35 -40.54
C ARG E 1011 -84.17 -14.74 -39.37
N GLN E 1012 -83.84 -13.76 -38.53
CA GLN E 1012 -83.14 -14.02 -37.27
C GLN E 1012 -81.83 -14.78 -37.51
N LEU E 1013 -81.05 -14.31 -38.47
CA LEU E 1013 -79.73 -14.86 -38.73
C LEU E 1013 -78.70 -13.77 -38.45
N HIS E 1014 -77.62 -14.15 -37.77
CA HIS E 1014 -76.58 -13.20 -37.41
C HIS E 1014 -75.39 -13.40 -38.33
N PRO E 1015 -75.20 -12.57 -39.34
CA PRO E 1015 -74.03 -12.72 -40.20
C PRO E 1015 -72.74 -12.36 -39.47
N GLY E 1016 -71.61 -12.38 -40.18
CA GLY E 1016 -70.34 -12.13 -39.55
C GLY E 1016 -70.07 -10.67 -39.24
N PHE E 1017 -71.10 -9.85 -39.32
CA PHE E 1017 -70.96 -8.44 -39.04
C PHE E 1017 -71.07 -8.17 -37.55
N ALA E 1018 -71.02 -6.88 -37.22
CA ALA E 1018 -71.39 -6.36 -35.91
C ALA E 1018 -71.57 -4.87 -36.11
N LEU E 1019 -72.70 -4.34 -35.68
CA LEU E 1019 -73.06 -2.98 -36.01
C LEU E 1019 -72.94 -2.07 -34.80
N THR E 1020 -72.57 -0.83 -35.04
CA THR E 1020 -72.58 0.20 -34.01
C THR E 1020 -73.52 1.31 -34.48
N VAL E 1021 -74.37 1.76 -33.58
CA VAL E 1021 -75.44 2.70 -33.90
C VAL E 1021 -75.06 4.07 -33.34
N VAL E 1022 -75.33 5.11 -34.11
CA VAL E 1022 -75.08 6.48 -33.69
C VAL E 1022 -76.37 7.27 -33.84
N ARG E 1023 -76.68 8.09 -32.85
CA ARG E 1023 -77.90 8.89 -32.87
C ARG E 1023 -77.68 10.13 -32.02
N GLN E 1024 -78.07 11.28 -32.55
CA GLN E 1024 -77.82 12.57 -31.92
C GLN E 1024 -79.13 13.17 -31.43
N ASP E 1025 -79.12 13.64 -30.19
CA ASP E 1025 -80.32 14.11 -29.52
C ASP E 1025 -80.18 15.58 -29.14
N ARG E 1026 -81.30 16.17 -28.73
CA ARG E 1026 -81.35 17.55 -28.31
C ARG E 1026 -82.30 17.68 -27.14
N PHE E 1027 -82.05 18.67 -26.29
CA PHE E 1027 -83.03 19.04 -25.27
C PHE E 1027 -82.69 20.40 -24.71
N ALA E 1028 -83.73 21.11 -24.28
CA ALA E 1028 -83.59 22.49 -23.84
C ALA E 1028 -83.28 22.55 -22.35
N THR E 1029 -82.46 23.53 -21.98
CA THR E 1029 -82.07 23.74 -20.60
C THR E 1029 -82.29 25.19 -20.22
N GLU E 1030 -82.44 25.43 -18.92
CA GLU E 1030 -82.52 26.76 -18.36
C GLU E 1030 -81.17 27.14 -17.80
N ASN E 1031 -80.68 28.32 -18.17
CA ASN E 1031 -79.32 28.72 -17.85
C ASN E 1031 -79.31 30.06 -17.16
N VAL E 1032 -78.23 30.31 -16.43
CA VAL E 1032 -78.00 31.58 -15.75
C VAL E 1032 -76.84 32.27 -16.46
N LEU E 1033 -77.11 33.44 -17.02
CA LEU E 1033 -76.11 34.20 -17.73
C LEU E 1033 -75.50 35.24 -16.80
N PHE E 1034 -74.28 35.67 -17.14
CA PHE E 1034 -73.58 36.67 -16.36
C PHE E 1034 -72.78 37.57 -17.27
N ALA E 1035 -72.73 38.85 -16.92
CA ALA E 1035 -71.97 39.83 -17.69
C ALA E 1035 -71.10 40.66 -16.76
N GLU E 1036 -70.49 41.71 -17.28
CA GLU E 1036 -69.56 42.51 -16.50
C GLU E 1036 -69.99 43.97 -16.50
N LYS E 1037 -69.30 44.76 -15.67
CA LYS E 1037 -69.69 46.15 -15.42
C LYS E 1037 -69.91 46.92 -16.71
N ALA E 1038 -69.11 46.64 -17.73
CA ALA E 1038 -69.36 47.18 -19.07
C ALA E 1038 -68.85 46.13 -20.05
N SER E 1039 -69.75 45.24 -20.47
CA SER E 1039 -69.31 44.11 -21.29
C SER E 1039 -68.91 44.56 -22.67
N GLU E 1040 -69.66 45.47 -23.27
CA GLU E 1040 -69.43 45.78 -24.68
C GLU E 1040 -70.00 47.15 -25.01
N SER E 1041 -69.30 47.85 -25.90
CA SER E 1041 -69.79 49.10 -26.43
C SER E 1041 -71.01 48.85 -27.31
N TYR E 1042 -71.68 49.94 -27.68
CA TYR E 1042 -72.92 49.84 -28.43
C TYR E 1042 -73.22 51.20 -29.03
N PHE E 1043 -73.48 51.23 -30.33
CA PHE E 1043 -73.69 52.48 -31.06
C PHE E 1043 -75.07 52.47 -31.70
N MET E 1044 -75.92 53.40 -31.29
CA MET E 1044 -77.22 53.58 -31.91
C MET E 1044 -77.15 54.63 -33.00
N GLY E 1045 -77.93 54.43 -34.06
CA GLY E 1045 -78.00 55.35 -35.17
C GLY E 1045 -79.23 56.25 -35.09
N GLN E 1046 -79.32 57.13 -36.07
CA GLN E 1046 -80.50 57.96 -36.23
C GLN E 1046 -81.54 57.21 -37.05
N MET E 1047 -82.79 57.33 -36.65
CA MET E 1047 -83.85 56.55 -37.26
C MET E 1047 -84.20 57.07 -38.65
N GLN E 1048 -84.17 56.19 -39.63
CA GLN E 1048 -84.69 56.48 -40.95
C GLN E 1048 -86.16 56.13 -41.00
N VAL E 1049 -86.86 56.73 -41.95
CA VAL E 1049 -88.27 56.44 -42.17
C VAL E 1049 -88.47 56.15 -43.65
N ALA E 1050 -88.43 54.89 -44.01
CA ALA E 1050 -88.63 54.52 -45.40
C ALA E 1050 -90.09 54.68 -45.78
N ARG E 1051 -90.30 55.10 -47.02
CA ARG E 1051 -91.63 55.18 -47.60
C ARG E 1051 -91.86 53.99 -48.50
N THR E 1052 -93.14 53.65 -48.69
CA THR E 1052 -93.58 52.89 -49.85
C THR E 1052 -95.10 52.95 -49.91
N GLU E 1053 -95.60 53.01 -51.14
CA GLU E 1053 -97.03 52.95 -51.40
C GLU E 1053 -97.43 51.49 -51.64
N SER E 1054 -98.68 51.14 -51.33
CA SER E 1054 -99.20 49.81 -51.65
C SER E 1054 -100.72 49.84 -51.87
N GLY E 1055 -101.14 50.06 -53.10
CA GLY E 1055 -102.56 49.94 -53.46
C GLY E 1055 -103.53 50.64 -52.54
N GLY E 1056 -103.42 51.97 -52.41
CA GLY E 1056 -104.29 52.72 -51.55
C GLY E 1056 -104.13 52.45 -50.07
N GLY E 1057 -103.45 51.38 -49.68
CA GLY E 1057 -103.08 51.18 -48.30
C GLY E 1057 -101.59 51.38 -48.15
N LEU E 1058 -101.18 52.27 -47.27
CA LEU E 1058 -99.76 52.58 -47.19
C LEU E 1058 -99.14 51.89 -46.00
N HIS E 1059 -97.81 51.94 -45.92
CA HIS E 1059 -97.09 51.13 -44.95
C HIS E 1059 -95.76 51.82 -44.70
N LEU E 1060 -95.57 52.28 -43.47
CA LEU E 1060 -94.29 52.85 -43.11
C LEU E 1060 -93.30 51.74 -42.82
N GLN E 1061 -92.02 52.09 -42.81
CA GLN E 1061 -90.96 51.12 -42.56
C GLN E 1061 -89.87 51.83 -41.79
N LEU E 1062 -89.89 51.70 -40.47
CA LEU E 1062 -88.88 52.34 -39.65
C LEU E 1062 -87.58 51.54 -39.70
N THR E 1063 -86.48 52.21 -39.36
CA THR E 1063 -85.18 51.57 -39.44
C THR E 1063 -84.19 52.36 -38.59
N GLN E 1064 -83.33 51.64 -37.87
CA GLN E 1064 -82.30 52.26 -37.06
C GLN E 1064 -81.06 51.36 -37.04
N PRO E 1065 -79.95 51.82 -37.59
CA PRO E 1065 -78.73 50.99 -37.59
C PRO E 1065 -78.04 51.01 -36.23
N ARG E 1066 -77.32 49.93 -35.95
CA ARG E 1066 -76.65 49.73 -34.68
C ARG E 1066 -75.24 49.21 -34.92
N ALA E 1067 -74.53 48.98 -33.82
CA ALA E 1067 -73.16 48.46 -33.84
C ALA E 1067 -72.79 48.04 -32.42
N ASN E 1068 -71.79 47.16 -32.33
CA ASN E 1068 -71.39 46.64 -31.03
C ASN E 1068 -70.01 46.00 -31.13
N VAL E 1069 -69.16 46.31 -30.17
CA VAL E 1069 -67.86 45.65 -30.02
C VAL E 1069 -67.67 45.30 -28.55
N ASP E 1070 -67.11 44.13 -28.30
CA ASP E 1070 -66.82 43.70 -26.94
C ASP E 1070 -65.58 44.45 -26.45
N LEU E 1071 -65.76 45.27 -25.42
CA LEU E 1071 -64.69 46.15 -24.99
C LEU E 1071 -63.60 45.38 -24.24
N GLY E 1072 -64.00 44.47 -23.36
CA GLY E 1072 -63.01 43.79 -22.53
C GLY E 1072 -62.15 42.85 -23.35
N VAL E 1073 -60.91 42.71 -22.91
CA VAL E 1073 -60.02 41.68 -23.42
C VAL E 1073 -60.20 40.45 -22.54
N GLY E 1074 -60.08 39.28 -23.15
CA GLY E 1074 -60.43 38.06 -22.45
C GLY E 1074 -61.94 37.90 -22.30
N PHE E 1075 -62.34 36.70 -21.96
CA PHE E 1075 -63.77 36.41 -21.83
C PHE E 1075 -64.36 37.23 -20.69
N THR E 1076 -65.52 37.82 -20.94
CA THR E 1076 -66.18 38.70 -20.00
C THR E 1076 -67.66 38.39 -19.91
N ALA E 1077 -68.03 37.11 -20.07
CA ALA E 1077 -69.43 36.70 -19.96
C ALA E 1077 -69.47 35.20 -19.76
N ALA E 1078 -70.08 34.77 -18.66
CA ALA E 1078 -70.13 33.35 -18.33
C ALA E 1078 -71.45 32.75 -18.83
N TYR E 1079 -71.71 31.51 -18.42
CA TYR E 1079 -72.85 30.73 -18.88
C TYR E 1079 -72.97 29.50 -17.99
N ALA E 1080 -74.18 29.15 -17.56
CA ALA E 1080 -74.33 28.14 -16.52
C ALA E 1080 -75.02 26.86 -16.98
N ALA E 1081 -76.17 26.97 -17.64
CA ALA E 1081 -77.04 25.84 -17.93
C ALA E 1081 -77.46 25.13 -16.65
N ALA E 1082 -78.18 25.87 -15.81
CA ALA E 1082 -78.53 25.41 -14.48
C ALA E 1082 -79.40 24.16 -14.47
N ALA E 1083 -80.63 24.29 -14.95
CA ALA E 1083 -81.63 23.24 -14.79
C ALA E 1083 -81.76 22.41 -16.05
N LEU E 1084 -82.70 21.46 -16.02
CA LEU E 1084 -82.97 20.60 -17.16
C LEU E 1084 -84.47 20.60 -17.41
N ARG E 1085 -84.88 21.13 -18.56
CA ARG E 1085 -86.26 21.01 -18.98
C ARG E 1085 -86.37 19.76 -19.85
N ALA E 1086 -87.59 19.44 -20.28
CA ALA E 1086 -87.86 18.17 -20.92
C ALA E 1086 -87.09 18.01 -22.22
N PRO E 1087 -86.72 16.78 -22.58
CA PRO E 1087 -86.10 16.54 -23.89
C PRO E 1087 -87.03 16.95 -25.02
N VAL E 1088 -86.52 17.81 -25.91
CA VAL E 1088 -87.36 18.35 -26.97
C VAL E 1088 -87.57 17.31 -28.07
N THR E 1089 -86.52 16.61 -28.46
CA THR E 1089 -86.61 15.62 -29.51
C THR E 1089 -86.76 14.23 -28.90
N ASP E 1090 -87.42 13.34 -29.63
CA ASP E 1090 -87.60 11.98 -29.17
C ASP E 1090 -86.26 11.31 -28.99
N MET E 1091 -86.23 10.31 -28.12
CA MET E 1091 -85.07 9.45 -27.97
C MET E 1091 -85.28 8.09 -28.62
N GLY E 1092 -86.22 8.01 -29.56
CA GLY E 1092 -86.61 6.75 -30.15
C GLY E 1092 -85.64 6.30 -31.22
N ASN E 1093 -86.10 5.35 -32.03
CA ASN E 1093 -85.31 4.78 -33.11
C ASN E 1093 -85.99 5.04 -34.44
N LEU E 1094 -85.18 5.31 -35.44
CA LEU E 1094 -85.69 5.59 -36.78
C LEU E 1094 -84.58 5.21 -37.75
N PRO E 1095 -84.64 4.02 -38.33
CA PRO E 1095 -83.56 3.59 -39.22
C PRO E 1095 -83.44 4.52 -40.41
N GLN E 1096 -82.21 4.90 -40.72
CA GLN E 1096 -81.97 5.74 -41.88
C GLN E 1096 -82.21 4.96 -43.15
N ASN E 1097 -82.88 5.58 -44.11
CA ASN E 1097 -83.12 4.97 -45.41
C ASN E 1097 -82.18 5.61 -46.41
N LEU E 1098 -81.18 4.85 -46.85
CA LEU E 1098 -80.21 5.38 -47.79
C LEU E 1098 -80.80 5.61 -49.16
N PHE E 1099 -81.95 5.01 -49.47
CA PHE E 1099 -82.55 5.15 -50.80
C PHE E 1099 -83.02 6.57 -51.05
N ALA E 1100 -82.81 7.46 -50.08
CA ALA E 1100 -83.16 8.86 -50.23
C ALA E 1100 -82.00 9.70 -50.75
N THR E 1101 -80.88 9.09 -51.10
CA THR E 1101 -79.71 9.82 -51.52
C THR E 1101 -79.53 9.74 -53.04
N ARG E 1102 -78.44 10.33 -53.51
CA ARG E 1102 -78.06 10.31 -54.91
C ARG E 1102 -76.55 10.20 -55.01
N GLY E 1103 -76.08 9.51 -56.05
CA GLY E 1103 -74.65 9.41 -56.29
C GLY E 1103 -74.11 8.00 -56.26
N ALA E 1104 -75.00 7.01 -56.21
CA ALA E 1104 -74.59 5.62 -56.26
C ALA E 1104 -75.04 5.01 -57.58
N PRO E 1105 -74.13 4.40 -58.34
CA PRO E 1105 -74.52 3.84 -59.63
C PRO E 1105 -75.47 2.68 -59.46
N PRO E 1106 -76.50 2.59 -60.29
CA PRO E 1106 -77.53 1.57 -60.09
C PRO E 1106 -77.00 0.17 -60.40
N MET E 1107 -77.72 -0.82 -59.91
CA MET E 1107 -77.39 -2.20 -60.23
C MET E 1107 -77.79 -2.52 -61.66
N LEU E 1108 -76.95 -3.30 -62.33
CA LEU E 1108 -77.08 -3.47 -63.77
C LEU E 1108 -78.22 -4.40 -64.17
N ASP E 1109 -78.90 -5.00 -63.21
CA ASP E 1109 -80.16 -5.69 -63.46
C ASP E 1109 -81.28 -4.83 -62.88
N ALA E 1110 -81.98 -4.10 -63.75
CA ALA E 1110 -83.02 -3.18 -63.28
C ALA E 1110 -84.06 -3.89 -62.44
N ASP E 1111 -84.38 -5.14 -62.80
CA ASP E 1111 -85.36 -5.90 -62.03
C ASP E 1111 -84.93 -6.07 -60.58
N ALA E 1112 -83.65 -6.35 -60.35
CA ALA E 1112 -83.17 -6.50 -58.99
C ALA E 1112 -83.23 -5.19 -58.24
N ASP E 1113 -82.91 -4.08 -58.92
CA ASP E 1113 -83.05 -2.76 -58.30
C ASP E 1113 -84.48 -2.52 -57.85
N ASP E 1114 -85.44 -2.83 -58.71
CA ASP E 1114 -86.84 -2.61 -58.35
C ASP E 1114 -87.27 -3.55 -57.23
N TYR E 1115 -86.76 -4.78 -57.24
CA TYR E 1115 -87.09 -5.70 -56.15
C TYR E 1115 -86.58 -5.17 -54.82
N LEU E 1116 -85.36 -4.62 -54.80
CA LEU E 1116 -84.86 -4.01 -53.58
C LEU E 1116 -85.72 -2.82 -53.17
N ARG E 1117 -85.96 -1.90 -54.11
CA ARG E 1117 -86.79 -0.74 -53.81
C ARG E 1117 -88.14 -1.15 -53.22
N ARG E 1118 -88.67 -2.28 -53.69
CA ARG E 1118 -89.97 -2.73 -53.20
C ARG E 1118 -89.87 -3.37 -51.83
N THR E 1119 -88.80 -4.13 -51.58
CA THR E 1119 -88.72 -4.85 -50.32
C THR E 1119 -88.20 -4.00 -49.16
N VAL E 1120 -87.58 -2.86 -49.44
CA VAL E 1120 -87.07 -2.01 -48.37
C VAL E 1120 -88.01 -0.87 -48.05
N ASN E 1121 -88.60 -0.24 -49.07
CA ASN E 1121 -89.50 0.88 -48.79
C ASN E 1121 -90.83 0.43 -48.18
N ALA E 1122 -91.11 -0.87 -48.15
CA ALA E 1122 -92.42 -1.37 -47.69
C ALA E 1122 -92.40 -1.43 -46.16
N GLY E 1123 -92.74 -0.33 -45.53
CA GLY E 1123 -92.84 -0.28 -44.08
C GLY E 1123 -91.90 0.70 -43.42
N ASN E 1124 -91.24 1.53 -44.22
CA ASN E 1124 -90.31 2.53 -43.69
C ASN E 1124 -90.94 3.90 -43.76
N ARG E 1125 -90.99 4.59 -42.63
CA ARG E 1125 -91.48 5.96 -42.62
C ARG E 1125 -90.68 6.87 -43.53
N LEU E 1126 -89.42 6.52 -43.81
CA LEU E 1126 -88.57 7.33 -44.67
C LEU E 1126 -88.67 6.95 -46.13
N ALA E 1127 -89.75 6.28 -46.52
CA ALA E 1127 -89.95 6.00 -47.93
C ALA E 1127 -90.25 7.29 -48.67
N PRO E 1128 -89.56 7.57 -49.77
CA PRO E 1128 -89.82 8.82 -50.50
C PRO E 1128 -91.13 8.74 -51.28
N VAL E 1129 -91.53 9.89 -51.80
CA VAL E 1129 -92.71 9.97 -52.65
C VAL E 1129 -92.25 10.11 -54.10
N PRO E 1130 -93.07 9.74 -55.08
CA PRO E 1130 -92.64 9.87 -56.48
C PRO E 1130 -92.79 11.29 -57.00
N VAL E 1131 -92.89 12.26 -56.09
CA VAL E 1131 -92.95 13.66 -56.50
C VAL E 1131 -91.70 14.02 -57.32
N PHE E 1132 -91.83 15.06 -58.13
CA PHE E 1132 -90.78 15.44 -59.06
C PHE E 1132 -89.53 15.91 -58.34
N GLY E 1133 -89.66 16.99 -57.55
CA GLY E 1133 -88.51 17.72 -57.05
C GLY E 1133 -87.53 16.95 -56.19
N GLN E 1134 -87.97 16.51 -55.02
CA GLN E 1134 -87.07 15.90 -54.05
C GLN E 1134 -87.75 14.67 -53.46
N MET E 1135 -87.17 14.15 -52.39
CA MET E 1135 -87.66 12.94 -51.73
C MET E 1135 -88.08 13.29 -50.31
N LEU E 1136 -89.30 13.79 -50.15
CA LEU E 1136 -89.69 13.93 -48.75
C LEU E 1136 -90.68 12.82 -48.40
N PRO E 1137 -90.57 12.26 -47.21
CA PRO E 1137 -91.35 11.05 -46.92
C PRO E 1137 -92.84 11.25 -47.02
N GLN E 1138 -93.41 12.06 -46.12
CA GLN E 1138 -94.78 12.58 -46.21
C GLN E 1138 -95.01 13.37 -44.93
N VAL E 1139 -96.15 14.05 -44.87
CA VAL E 1139 -96.54 14.81 -43.69
C VAL E 1139 -97.38 13.89 -42.80
N PRO E 1140 -96.80 13.28 -41.77
CA PRO E 1140 -97.57 12.33 -40.98
C PRO E 1140 -98.56 13.03 -40.07
N ALA E 1141 -99.23 12.27 -39.20
CA ALA E 1141 -100.13 12.84 -38.21
C ALA E 1141 -99.69 12.49 -36.79
N GLY E 1142 -98.52 11.88 -36.63
CA GLY E 1142 -98.15 11.32 -35.35
C GLY E 1142 -97.85 12.32 -34.25
N LEU E 1143 -96.73 13.01 -34.34
CA LEU E 1143 -96.23 13.86 -33.27
C LEU E 1143 -96.28 13.12 -31.94
N ALA E 1144 -95.51 12.04 -31.86
CA ALA E 1144 -95.55 11.21 -30.67
C ALA E 1144 -95.09 11.96 -29.44
N ARG E 1145 -93.78 12.27 -29.38
CA ARG E 1145 -93.19 13.01 -28.27
C ARG E 1145 -91.99 13.76 -28.85
N GLY E 1146 -92.23 15.00 -29.25
CA GLY E 1146 -91.21 15.75 -29.96
C GLY E 1146 -90.89 15.14 -31.31
N GLN E 1147 -89.97 15.79 -32.02
CA GLN E 1147 -89.54 15.25 -33.30
C GLN E 1147 -88.68 14.02 -33.08
N GLN E 1148 -88.70 13.11 -34.05
CA GLN E 1148 -88.00 11.84 -33.95
C GLN E 1148 -86.61 11.97 -34.56
N SER E 1149 -85.61 11.51 -33.83
CA SER E 1149 -84.25 11.51 -34.33
C SER E 1149 -84.08 10.42 -35.38
N VAL E 1150 -82.87 10.31 -35.92
CA VAL E 1150 -82.56 9.30 -36.92
C VAL E 1150 -81.30 8.57 -36.50
N CYS E 1151 -81.31 7.25 -36.60
CA CYS E 1151 -80.18 6.43 -36.21
C CYS E 1151 -79.36 6.03 -37.43
N GLU E 1152 -78.13 5.62 -37.17
CA GLU E 1152 -77.20 5.24 -38.24
C GLU E 1152 -76.63 3.86 -37.97
N PHE E 1153 -75.80 3.40 -38.90
CA PHE E 1153 -75.22 2.06 -38.80
C PHE E 1153 -73.83 2.08 -39.42
N ILE E 1154 -72.91 1.39 -38.76
CA ILE E 1154 -71.53 1.29 -39.22
C ILE E 1154 -71.10 -0.15 -39.06
N ALA E 1155 -70.49 -0.71 -40.11
CA ALA E 1155 -69.94 -2.04 -40.01
C ALA E 1155 -68.82 -2.07 -38.97
N THR E 1156 -68.60 -3.24 -38.37
CA THR E 1156 -67.60 -3.36 -37.33
C THR E 1156 -67.30 -4.83 -37.12
N PRO E 1157 -66.04 -5.22 -36.98
CA PRO E 1157 -65.74 -6.63 -36.74
C PRO E 1157 -66.37 -7.11 -35.44
N VAL E 1158 -66.92 -8.33 -35.48
CA VAL E 1158 -67.58 -8.87 -34.30
C VAL E 1158 -66.60 -9.09 -33.16
N SER E 1159 -65.31 -9.21 -33.46
CA SER E 1159 -64.31 -9.40 -32.42
C SER E 1159 -63.91 -8.09 -31.75
N VAL E 1160 -64.69 -7.03 -31.89
CA VAL E 1160 -64.32 -5.75 -31.31
C VAL E 1160 -64.39 -5.85 -29.78
N ASP E 1161 -63.38 -5.32 -29.12
CA ASP E 1161 -63.35 -5.34 -27.67
C ASP E 1161 -64.53 -4.58 -27.12
N LEU E 1162 -65.36 -5.27 -26.33
CA LEU E 1162 -66.57 -4.65 -25.80
C LEU E 1162 -66.25 -3.49 -24.87
N ALA E 1163 -65.21 -3.63 -24.05
CA ALA E 1163 -64.90 -2.59 -23.07
C ALA E 1163 -64.59 -1.25 -23.71
N TYR E 1164 -64.40 -1.20 -25.03
CA TYR E 1164 -64.22 0.08 -25.69
C TYR E 1164 -65.50 0.90 -25.71
N PHE E 1165 -66.65 0.28 -25.45
CA PHE E 1165 -67.93 0.98 -25.55
C PHE E 1165 -68.49 1.43 -24.20
N ARG E 1166 -68.09 0.79 -23.10
CA ARG E 1166 -68.65 1.14 -21.80
C ARG E 1166 -68.27 2.57 -21.42
N ARG E 1167 -66.98 2.87 -21.39
CA ARG E 1167 -66.58 4.26 -21.24
C ARG E 1167 -67.00 5.03 -22.48
N ALA E 1168 -66.89 6.35 -22.40
CA ALA E 1168 -67.20 7.18 -23.56
C ALA E 1168 -66.09 7.05 -24.60
N CYS E 1169 -66.48 7.07 -25.87
CA CYS E 1169 -65.54 6.77 -26.94
C CYS E 1169 -65.94 7.52 -28.20
N ASN E 1170 -65.32 7.14 -29.32
CA ASN E 1170 -65.56 7.65 -30.65
C ASN E 1170 -65.93 6.51 -31.57
N PRO E 1171 -66.96 6.65 -32.40
CA PRO E 1171 -67.39 5.54 -33.24
C PRO E 1171 -66.39 5.17 -34.32
N ARG E 1172 -65.64 6.14 -34.83
CA ARG E 1172 -64.73 5.86 -35.94
C ARG E 1172 -63.66 4.86 -35.55
N GLY E 1173 -63.20 4.89 -34.30
CA GLY E 1173 -62.15 4.00 -33.87
C GLY E 1173 -60.89 4.72 -33.48
N ARG E 1174 -60.51 5.74 -34.25
CA ARG E 1174 -59.38 6.60 -33.93
C ARG E 1174 -59.92 7.99 -33.60
N ALA E 1175 -59.39 8.58 -32.53
CA ALA E 1175 -60.01 9.73 -31.89
C ALA E 1175 -59.42 11.06 -32.36
N ALA E 1176 -59.04 11.18 -33.62
CA ALA E 1176 -58.45 12.41 -34.10
C ALA E 1176 -59.51 13.49 -34.27
N GLY E 1177 -59.04 14.71 -34.56
CA GLY E 1177 -59.90 15.85 -34.80
C GLY E 1177 -59.52 17.04 -33.94
N GLU E 1178 -58.99 16.75 -32.76
CA GLU E 1178 -58.67 17.76 -31.76
C GLU E 1178 -57.35 18.39 -32.13
N VAL E 1179 -56.73 19.12 -31.20
CA VAL E 1179 -55.33 19.44 -31.43
C VAL E 1179 -54.52 18.32 -30.79
N HIS E 1180 -55.19 17.18 -30.55
CA HIS E 1180 -54.51 15.92 -30.22
C HIS E 1180 -53.22 15.77 -31.02
N GLY E 1181 -53.35 15.74 -32.35
CA GLY E 1181 -52.20 15.68 -33.22
C GLY E 1181 -52.39 16.59 -34.41
N GLU E 1182 -51.38 17.39 -34.74
CA GLU E 1182 -51.52 18.36 -35.81
C GLU E 1182 -51.08 17.81 -37.15
N GLU E 1183 -49.96 17.08 -37.19
CA GLU E 1183 -49.41 16.59 -38.45
C GLU E 1183 -50.40 15.71 -39.22
N GLY E 1184 -51.52 15.36 -38.62
CA GLY E 1184 -52.49 14.54 -39.31
C GLY E 1184 -52.41 13.12 -38.81
N LEU E 1185 -53.32 12.77 -37.90
CA LEU E 1185 -53.43 11.42 -37.38
C LEU E 1185 -54.81 10.83 -37.66
N MET E 1186 -55.65 11.58 -38.38
CA MET E 1186 -56.98 11.07 -38.71
C MET E 1186 -56.90 9.92 -39.69
N PHE E 1187 -55.90 9.90 -40.57
CA PHE E 1187 -55.85 8.91 -41.63
C PHE E 1187 -54.52 8.18 -41.74
N ASP E 1188 -53.54 8.53 -40.90
CA ASP E 1188 -52.31 7.75 -40.90
C ASP E 1188 -52.46 6.54 -39.98
N HIS E 1189 -51.64 5.53 -40.24
CA HIS E 1189 -51.60 4.37 -39.37
C HIS E 1189 -50.18 3.97 -39.00
N SER E 1190 -49.17 4.64 -39.54
CA SER E 1190 -47.81 4.40 -39.09
C SER E 1190 -47.67 4.67 -37.60
N HIS E 1191 -48.41 5.64 -37.08
CA HIS E 1191 -48.42 5.92 -35.65
C HIS E 1191 -49.52 5.11 -34.97
N ALA E 1192 -49.68 5.33 -33.68
CA ALA E 1192 -50.70 4.64 -32.90
C ALA E 1192 -51.81 5.61 -32.52
N ASP E 1193 -52.89 5.06 -32.00
CA ASP E 1193 -54.00 5.90 -31.60
C ASP E 1193 -53.73 6.49 -30.21
N PRO E 1194 -53.96 7.78 -30.01
CA PRO E 1194 -53.67 8.37 -28.69
C PRO E 1194 -54.55 7.81 -27.60
N ALA E 1195 -55.84 7.58 -27.87
CA ALA E 1195 -56.74 7.11 -26.83
C ALA E 1195 -56.39 5.70 -26.36
N HIS E 1196 -55.76 4.91 -27.22
CA HIS E 1196 -55.34 3.56 -26.85
C HIS E 1196 -54.01 3.26 -27.51
N PRO E 1197 -52.90 3.50 -26.83
CA PRO E 1197 -51.58 3.25 -27.44
C PRO E 1197 -51.30 1.79 -27.70
N HIS E 1198 -52.13 0.86 -27.21
CA HIS E 1198 -51.94 -0.54 -27.53
C HIS E 1198 -51.94 -0.76 -29.03
N ARG E 1199 -53.07 -0.50 -29.66
CA ARG E 1199 -53.31 -0.79 -31.06
C ARG E 1199 -53.31 0.51 -31.85
N ALA E 1200 -53.63 0.41 -33.13
CA ALA E 1200 -53.70 1.56 -34.00
C ALA E 1200 -55.11 1.94 -34.42
N THR E 1201 -56.06 1.00 -34.34
CA THR E 1201 -57.42 1.24 -34.80
C THR E 1201 -58.38 0.18 -34.30
N ALA E 1202 -59.46 0.59 -33.65
CA ALA E 1202 -60.40 -0.37 -33.13
C ALA E 1202 -61.40 -0.87 -34.17
N ASN E 1203 -61.34 -0.36 -35.39
CA ASN E 1203 -62.28 -0.73 -36.45
C ASN E 1203 -61.64 -0.46 -37.79
N PRO E 1204 -60.95 -1.45 -38.37
CA PRO E 1204 -60.23 -1.20 -39.63
C PRO E 1204 -61.14 -0.92 -40.81
N TRP E 1205 -62.44 -1.12 -40.67
CA TRP E 1205 -63.36 -0.88 -41.78
C TRP E 1205 -63.84 0.56 -41.85
N ALA E 1206 -63.53 1.39 -40.86
CA ALA E 1206 -64.16 2.69 -40.78
C ALA E 1206 -63.22 3.82 -40.42
N SER E 1207 -61.92 3.57 -40.28
CA SER E 1207 -60.99 4.61 -39.83
C SER E 1207 -60.17 5.19 -40.97
N GLN E 1208 -59.45 4.35 -41.70
CA GLN E 1208 -58.52 4.85 -42.68
C GLN E 1208 -59.24 5.40 -43.91
N ARG E 1209 -58.54 6.25 -44.65
CA ARG E 1209 -59.15 6.94 -45.78
C ARG E 1209 -59.66 5.93 -46.80
N HIS E 1210 -60.76 6.30 -47.45
CA HIS E 1210 -61.41 5.50 -48.49
C HIS E 1210 -61.87 4.14 -47.97
N SER E 1211 -62.07 4.01 -46.66
CA SER E 1211 -62.68 2.82 -46.12
C SER E 1211 -64.15 2.76 -46.52
N TYR E 1212 -64.77 1.62 -46.25
CA TYR E 1212 -66.16 1.43 -46.60
C TYR E 1212 -67.04 2.50 -45.96
N ALA E 1213 -66.98 2.60 -44.63
CA ALA E 1213 -67.76 3.61 -43.93
C ALA E 1213 -67.41 5.03 -44.36
N ASP E 1214 -66.18 5.25 -44.82
CA ASP E 1214 -65.80 6.61 -45.21
C ASP E 1214 -66.52 7.04 -46.47
N ARG E 1215 -66.78 6.11 -47.38
CA ARG E 1215 -67.54 6.46 -48.58
C ARG E 1215 -69.01 6.68 -48.29
N LEU E 1216 -69.42 6.67 -47.04
CA LEU E 1216 -70.81 6.83 -46.67
C LEU E 1216 -71.10 8.07 -45.84
N TYR E 1217 -70.14 8.54 -45.06
CA TYR E 1217 -70.40 9.60 -44.10
C TYR E 1217 -69.32 10.67 -44.14
N ASN E 1218 -68.82 11.00 -45.32
CA ASN E 1218 -67.80 12.04 -45.43
C ASN E 1218 -68.39 13.27 -46.09
N GLY E 1219 -67.60 14.33 -46.10
CA GLY E 1219 -68.08 15.58 -46.68
C GLY E 1219 -67.73 15.68 -48.15
N GLN E 1220 -66.49 15.36 -48.48
CA GLN E 1220 -65.98 15.55 -49.83
C GLN E 1220 -66.36 14.43 -50.79
N TYR E 1221 -67.36 13.61 -50.45
CA TYR E 1221 -67.69 12.45 -51.27
C TYR E 1221 -69.16 12.39 -51.68
N ASN E 1222 -69.88 13.50 -51.60
CA ASN E 1222 -71.22 13.72 -52.17
C ASN E 1222 -72.22 12.57 -52.09
N MET E 1223 -72.50 12.05 -50.89
CA MET E 1223 -73.62 11.14 -50.71
C MET E 1223 -74.90 11.87 -50.28
N SER E 1224 -75.02 13.14 -50.68
CA SER E 1224 -75.99 14.04 -50.07
C SER E 1224 -77.42 13.53 -50.24
N GLY E 1225 -78.22 13.74 -49.20
CA GLY E 1225 -79.63 13.42 -49.20
C GLY E 1225 -80.35 14.25 -48.16
N PRO E 1226 -81.67 14.33 -48.25
CA PRO E 1226 -82.42 15.25 -47.37
C PRO E 1226 -82.36 14.85 -45.90
N ALA E 1227 -82.22 13.57 -45.59
CA ALA E 1227 -82.18 13.14 -44.21
C ALA E 1227 -80.87 13.55 -43.56
N TYR E 1228 -80.95 13.88 -42.27
CA TYR E 1228 -79.76 14.23 -41.51
C TYR E 1228 -78.85 13.01 -41.35
N SER E 1229 -77.59 13.27 -41.03
CA SER E 1229 -76.61 12.21 -40.76
C SER E 1229 -75.92 12.50 -39.44
N PRO E 1230 -76.32 11.83 -38.37
CA PRO E 1230 -75.75 12.18 -37.06
C PRO E 1230 -74.25 12.03 -36.99
N CYS E 1231 -73.68 11.10 -37.75
CA CYS E 1231 -72.25 10.88 -37.75
C CYS E 1231 -71.56 11.63 -38.89
N PHE E 1232 -72.21 12.62 -39.48
CA PHE E 1232 -71.55 13.44 -40.49
C PHE E 1232 -70.34 14.15 -39.90
N LYS E 1233 -70.46 14.66 -38.68
CA LYS E 1233 -69.40 15.42 -38.05
C LYS E 1233 -68.36 14.54 -37.39
N PHE E 1234 -68.28 13.27 -37.75
CA PHE E 1234 -67.28 12.37 -37.20
C PHE E 1234 -66.29 11.88 -38.23
N PHE E 1235 -66.58 12.06 -39.52
CA PHE E 1235 -65.70 11.57 -40.57
C PHE E 1235 -65.14 12.64 -41.47
N THR E 1236 -65.62 13.87 -41.40
CA THR E 1236 -65.01 14.94 -42.17
C THR E 1236 -63.78 15.47 -41.43
N PRO E 1237 -62.65 15.60 -42.09
CA PRO E 1237 -61.43 16.03 -41.39
C PRO E 1237 -61.28 17.53 -41.34
N ALA E 1238 -62.36 18.26 -41.59
CA ALA E 1238 -62.34 19.72 -41.63
C ALA E 1238 -61.68 20.33 -40.40
N ARG E 1245 -53.16 28.13 -34.31
CA ARG E 1245 -54.62 28.20 -34.22
C ARG E 1245 -55.07 28.83 -32.91
N GLY E 1246 -54.97 28.08 -31.82
CA GLY E 1246 -55.42 28.57 -30.53
C GLY E 1246 -56.56 27.73 -29.95
N LEU E 1247 -56.38 27.24 -28.73
CA LEU E 1247 -57.43 26.43 -28.11
C LEU E 1247 -58.60 27.29 -27.64
N ALA E 1248 -58.32 28.53 -27.25
CA ALA E 1248 -59.39 29.41 -26.79
C ALA E 1248 -60.45 29.61 -27.87
N ARG E 1249 -60.04 29.61 -29.14
CA ARG E 1249 -61.01 29.69 -30.21
C ARG E 1249 -61.92 28.48 -30.22
N LEU E 1250 -61.36 27.29 -29.98
CA LEU E 1250 -62.20 26.10 -29.91
C LEU E 1250 -63.18 26.18 -28.75
N ILE E 1251 -62.71 26.60 -27.58
CA ILE E 1251 -63.59 26.68 -26.42
C ILE E 1251 -64.70 27.70 -26.67
N ALA E 1252 -64.37 28.81 -27.31
CA ALA E 1252 -65.39 29.83 -27.56
C ALA E 1252 -66.38 29.38 -28.63
N ASP E 1253 -65.93 28.60 -29.61
CA ASP E 1253 -66.83 28.18 -30.67
C ASP E 1253 -67.95 27.31 -30.12
N THR E 1254 -67.62 26.40 -29.22
CA THR E 1254 -68.66 25.65 -28.52
C THR E 1254 -69.56 26.62 -27.78
N GLY E 1255 -70.82 26.66 -28.16
CA GLY E 1255 -71.76 27.63 -27.64
C GLY E 1255 -72.23 28.64 -28.67
N ALA E 1256 -71.56 28.72 -29.81
CA ALA E 1256 -71.97 29.61 -30.90
C ALA E 1256 -72.33 28.83 -32.15
N ALA E 1257 -72.51 27.52 -32.03
CA ALA E 1257 -72.72 26.68 -33.20
C ALA E 1257 -74.15 26.79 -33.71
N ALA E 1258 -74.30 26.77 -35.02
CA ALA E 1258 -75.61 26.79 -35.65
C ALA E 1258 -76.15 25.36 -35.75
N SER E 1259 -77.39 25.18 -35.36
CA SER E 1259 -77.99 23.85 -35.32
C SER E 1259 -78.17 23.31 -36.72
N PRO E 1260 -77.60 22.14 -37.04
CA PRO E 1260 -77.79 21.54 -38.36
C PRO E 1260 -79.03 20.67 -38.46
N THR E 1261 -80.16 21.19 -37.97
CA THR E 1261 -81.38 20.42 -37.97
C THR E 1261 -82.56 21.37 -38.00
N SER E 1262 -83.66 20.90 -38.58
CA SER E 1262 -84.87 21.70 -38.70
C SER E 1262 -85.82 21.37 -37.55
N ASN E 1263 -87.05 21.88 -37.62
CA ASN E 1263 -88.08 21.57 -36.62
C ASN E 1263 -89.29 20.90 -37.25
N GLY E 1264 -89.17 20.42 -38.49
CA GLY E 1264 -90.30 19.85 -39.19
C GLY E 1264 -90.63 18.43 -38.77
N GLU E 1265 -90.69 18.20 -37.47
CA GLU E 1265 -91.08 16.92 -36.87
C GLU E 1265 -90.38 15.72 -37.49
N TYR E 1266 -89.23 15.98 -38.11
CA TYR E 1266 -88.34 14.96 -38.66
C TYR E 1266 -86.95 15.58 -38.67
N GLN E 1267 -85.95 14.85 -38.21
CA GLN E 1267 -84.61 15.43 -38.17
C GLN E 1267 -84.09 15.56 -39.60
N PHE E 1268 -84.20 16.75 -40.16
CA PHE E 1268 -83.87 17.01 -41.55
C PHE E 1268 -82.60 17.85 -41.66
N LYS E 1269 -82.18 18.09 -42.91
CA LYS E 1269 -81.07 18.98 -43.17
C LYS E 1269 -81.42 20.40 -42.70
N ARG E 1270 -80.40 21.10 -42.21
CA ARG E 1270 -80.60 22.46 -41.72
C ARG E 1270 -81.27 23.31 -42.80
N PRO E 1271 -82.22 24.16 -42.46
CA PRO E 1271 -82.80 25.06 -43.46
C PRO E 1271 -81.84 26.17 -43.82
N VAL E 1272 -81.94 26.63 -45.06
CA VAL E 1272 -81.14 27.75 -45.52
C VAL E 1272 -81.56 29.08 -44.89
N GLY E 1273 -82.72 29.12 -44.23
CA GLY E 1273 -83.22 30.35 -43.66
C GLY E 1273 -82.43 30.87 -42.48
N ALA E 1274 -82.48 30.15 -41.37
CA ALA E 1274 -81.78 30.54 -40.16
C ALA E 1274 -81.58 29.32 -39.29
N GLY E 1275 -80.94 29.53 -38.15
CA GLY E 1275 -80.71 28.44 -37.22
C GLY E 1275 -80.49 28.90 -35.79
N GLU E 1276 -81.25 28.33 -34.86
CA GLU E 1276 -81.07 28.65 -33.46
C GLU E 1276 -79.73 28.14 -32.96
N LEU E 1277 -79.25 28.75 -31.88
CA LEU E 1277 -77.93 28.46 -31.35
C LEU E 1277 -78.03 27.29 -30.38
N VAL E 1278 -77.11 26.33 -30.51
CA VAL E 1278 -77.06 25.17 -29.63
C VAL E 1278 -75.66 25.07 -29.05
N GLU E 1279 -75.54 24.23 -28.03
CA GLU E 1279 -74.28 23.93 -27.38
C GLU E 1279 -74.00 22.44 -27.48
N ASP E 1280 -72.76 22.08 -27.83
CA ASP E 1280 -72.44 20.66 -27.79
C ASP E 1280 -70.98 20.44 -27.41
N PRO E 1281 -70.70 19.46 -26.56
CA PRO E 1281 -69.31 19.14 -26.27
C PRO E 1281 -68.71 18.17 -27.28
N CYS E 1282 -69.53 17.38 -27.96
CA CYS E 1282 -69.01 16.33 -28.83
C CYS E 1282 -68.16 16.90 -29.95
N ALA E 1283 -68.58 18.00 -30.57
CA ALA E 1283 -67.81 18.60 -31.64
C ALA E 1283 -66.42 18.99 -31.16
N LEU E 1284 -66.30 19.44 -29.91
CA LEU E 1284 -65.00 19.79 -29.38
C LEU E 1284 -64.14 18.57 -29.13
N PHE E 1285 -64.76 17.42 -28.85
CA PHE E 1285 -64.02 16.22 -28.49
C PHE E 1285 -64.03 15.14 -29.56
N GLN E 1286 -65.00 15.13 -30.45
CA GLN E 1286 -65.22 13.99 -31.34
C GLN E 1286 -65.39 12.72 -30.51
N GLU E 1287 -66.49 12.72 -29.76
CA GLU E 1287 -66.79 11.66 -28.82
C GLU E 1287 -68.28 11.43 -28.78
N ALA E 1288 -68.68 10.19 -28.50
CA ALA E 1288 -70.08 9.82 -28.36
C ALA E 1288 -70.31 9.22 -26.98
N TYR E 1289 -71.41 9.59 -26.36
CA TYR E 1289 -71.60 9.02 -25.04
C TYR E 1289 -72.51 7.79 -25.11
N PRO E 1290 -72.20 6.75 -24.34
CA PRO E 1290 -73.02 5.56 -24.36
C PRO E 1290 -74.20 5.68 -23.40
N PRO E 1291 -75.42 5.51 -23.89
CA PRO E 1291 -76.59 5.61 -23.02
C PRO E 1291 -76.94 4.27 -22.43
N LEU E 1292 -77.88 4.30 -21.48
CA LEU E 1292 -78.26 3.08 -20.78
C LEU E 1292 -78.96 2.15 -21.75
N CYS E 1293 -78.26 1.11 -22.19
CA CYS E 1293 -78.80 0.14 -23.13
C CYS E 1293 -78.34 -1.24 -22.73
N ALA E 1294 -79.10 -2.24 -23.17
CA ALA E 1294 -78.78 -3.62 -22.84
C ALA E 1294 -79.23 -4.50 -24.01
N SER E 1295 -78.62 -5.68 -24.09
CA SER E 1295 -78.87 -6.59 -25.19
C SER E 1295 -79.92 -7.64 -24.85
N ASP E 1296 -80.60 -7.51 -23.72
CA ASP E 1296 -81.68 -8.43 -23.38
C ASP E 1296 -82.61 -7.74 -22.41
N SER E 1297 -83.90 -7.66 -22.78
CA SER E 1297 -84.87 -6.90 -22.00
C SER E 1297 -84.86 -7.31 -20.53
N ALA E 1298 -84.67 -8.59 -20.25
CA ALA E 1298 -84.73 -9.07 -18.87
C ALA E 1298 -83.67 -8.42 -18.01
N LEU E 1299 -82.55 -8.01 -18.60
CA LEU E 1299 -81.49 -7.37 -17.84
C LEU E 1299 -81.82 -5.94 -17.47
N LEU E 1300 -82.97 -5.41 -17.89
CA LEU E 1300 -83.32 -4.03 -17.62
C LEU E 1300 -84.30 -3.86 -16.47
N ARG E 1301 -85.13 -4.86 -16.19
CA ARG E 1301 -86.09 -4.75 -15.11
C ARG E 1301 -85.37 -4.63 -13.77
N THR E 1302 -85.92 -3.81 -12.89
CA THR E 1302 -85.34 -3.64 -11.58
C THR E 1302 -85.37 -4.97 -10.81
N PRO E 1303 -84.35 -5.26 -9.99
CA PRO E 1303 -83.18 -4.43 -9.74
C PRO E 1303 -82.14 -4.54 -10.84
N LEU E 1304 -81.25 -3.56 -10.93
CA LEU E 1304 -80.21 -3.59 -11.94
C LEU E 1304 -79.17 -4.64 -11.56
N GLY E 1305 -79.36 -5.86 -12.04
CA GLY E 1305 -78.38 -6.90 -11.80
C GLY E 1305 -77.07 -6.59 -12.46
N ALA E 1306 -76.04 -7.33 -12.05
CA ALA E 1306 -74.73 -7.16 -12.66
C ALA E 1306 -74.82 -7.37 -14.17
N GLU E 1307 -73.96 -6.66 -14.89
CA GLU E 1307 -73.93 -6.78 -16.33
C GLU E 1307 -73.31 -8.12 -16.71
N GLU E 1308 -73.07 -8.30 -18.01
CA GLU E 1308 -72.30 -9.43 -18.55
C GLU E 1308 -72.83 -10.78 -18.05
N HIS E 1309 -74.06 -11.10 -18.45
CA HIS E 1309 -74.56 -12.45 -18.25
C HIS E 1309 -73.91 -13.36 -19.29
N PHE E 1310 -74.42 -14.60 -19.42
CA PHE E 1310 -73.76 -15.63 -20.22
C PHE E 1310 -73.17 -15.11 -21.51
N ALA E 1311 -74.01 -14.53 -22.36
CA ALA E 1311 -73.53 -13.85 -23.55
C ALA E 1311 -74.11 -12.47 -23.73
N GLN E 1312 -75.22 -12.14 -23.08
CA GLN E 1312 -75.77 -10.81 -23.14
C GLN E 1312 -74.94 -9.86 -22.28
N TYR E 1313 -75.21 -8.57 -22.41
CA TYR E 1313 -74.39 -7.57 -21.76
C TYR E 1313 -75.21 -6.31 -21.52
N LEU E 1314 -74.91 -5.64 -20.42
CA LEU E 1314 -75.58 -4.41 -20.02
C LEU E 1314 -74.56 -3.29 -19.97
N ILE E 1315 -74.98 -2.09 -20.38
CA ILE E 1315 -74.09 -0.93 -20.45
C ILE E 1315 -74.70 0.16 -19.58
N ARG E 1316 -74.21 0.31 -18.35
CA ARG E 1316 -74.63 1.45 -17.55
C ARG E 1316 -74.11 2.72 -18.20
N ASP E 1317 -74.96 3.73 -18.33
CA ASP E 1317 -74.56 4.91 -19.08
C ASP E 1317 -73.59 5.77 -18.28
N GLU E 1318 -72.75 6.50 -19.00
CA GLU E 1318 -71.90 7.54 -18.42
C GLU E 1318 -72.02 8.73 -19.37
N SER E 1319 -73.02 9.55 -19.14
CA SER E 1319 -73.35 10.70 -19.98
C SER E 1319 -73.47 11.92 -19.09
N PRO E 1320 -73.61 13.10 -19.68
CA PRO E 1320 -73.88 14.28 -18.85
C PRO E 1320 -75.30 14.29 -18.31
N LEU E 1321 -76.00 13.16 -18.48
CA LEU E 1321 -77.40 13.05 -18.09
C LEU E 1321 -77.58 11.90 -17.11
N LYS E 1322 -76.74 11.86 -16.08
CA LYS E 1322 -76.77 10.78 -15.09
C LYS E 1322 -78.06 10.76 -14.30
N GLY E 1323 -78.98 11.69 -14.58
CA GLY E 1323 -80.27 11.71 -13.93
C GLY E 1323 -81.36 12.35 -14.77
N MET F 1 -26.90 29.38 47.90
CA MET F 1 -26.53 29.21 49.30
C MET F 1 -25.70 27.97 49.52
N SER F 2 -24.91 27.59 48.51
CA SER F 2 -24.03 26.45 48.72
C SER F 2 -22.62 26.64 48.14
N VAL F 3 -22.26 27.80 47.60
CA VAL F 3 -21.10 27.74 46.72
C VAL F 3 -19.97 28.72 47.03
N GLN F 4 -18.79 28.13 47.24
CA GLN F 4 -17.38 28.52 47.29
C GLN F 4 -16.78 29.59 48.27
N ILE F 5 -16.75 29.21 49.58
CA ILE F 5 -15.87 29.57 50.72
C ILE F 5 -15.35 28.31 51.52
N GLY F 6 -16.10 27.16 51.55
CA GLY F 6 -15.62 25.72 51.54
C GLY F 6 -15.33 25.06 50.14
N ASN F 7 -16.20 25.32 49.08
CA ASN F 7 -15.74 25.40 47.65
C ASN F 7 -14.83 26.63 47.30
N GLY F 8 -14.83 27.82 48.14
CA GLY F 8 -13.62 28.72 48.63
C GLY F 8 -12.22 28.10 49.08
N LEU F 9 -12.12 27.57 50.32
CA LEU F 9 -11.09 26.56 50.67
C LEU F 9 -10.68 25.70 49.45
N LEU F 10 -11.68 25.04 48.88
CA LEU F 10 -11.51 24.02 47.88
C LEU F 10 -10.76 24.42 46.65
N MET F 11 -11.16 25.50 45.95
CA MET F 11 -10.29 25.62 44.80
C MET F 11 -8.95 26.16 45.22
N VAL F 12 -8.86 27.30 45.89
CA VAL F 12 -7.50 27.83 45.71
C VAL F 12 -6.63 27.66 46.93
N VAL F 13 -6.64 26.47 47.54
CA VAL F 13 -5.41 25.99 48.18
C VAL F 13 -4.15 26.22 47.30
N ALA F 14 -4.28 26.90 46.13
CA ALA F 14 -3.34 26.77 45.00
C ALA F 14 -1.97 27.43 45.11
N PRO F 15 -1.79 28.75 45.67
CA PRO F 15 -0.54 29.55 45.60
C PRO F 15 0.68 29.24 46.50
N GLY F 16 0.61 28.42 47.66
CA GLY F 16 1.55 27.34 48.29
C GLY F 16 2.29 26.13 47.48
N THR F 17 3.50 26.18 46.63
CA THR F 17 4.49 25.04 46.26
C THR F 17 5.78 24.95 46.98
N LEU F 18 6.31 25.96 47.63
CA LEU F 18 7.51 25.49 48.26
C LEU F 18 7.21 24.63 49.46
N THR F 19 6.64 25.19 50.52
CA THR F 19 6.73 24.42 51.75
C THR F 19 8.15 23.90 51.76
N VAL F 20 9.04 24.88 51.76
CA VAL F 20 10.39 24.93 51.20
C VAL F 20 11.14 23.60 51.14
N GLY F 21 12.12 23.51 50.27
CA GLY F 21 12.94 22.34 50.42
C GLY F 21 14.26 22.54 51.10
N SER F 22 14.33 22.88 52.40
CA SER F 22 15.60 23.25 53.00
C SER F 22 15.47 23.28 54.53
N ALA F 23 16.48 22.75 55.25
CA ALA F 23 16.46 22.56 56.73
C ALA F 23 17.44 23.49 57.28
N MET G 1 -100.60 67.22 -27.68
CA MET G 1 -99.83 66.04 -28.03
C MET G 1 -100.52 65.21 -29.10
N SER G 2 -101.28 65.86 -29.96
CA SER G 2 -101.88 65.12 -31.07
C SER G 2 -101.84 65.82 -32.41
N VAL G 3 -101.20 66.98 -32.55
CA VAL G 3 -101.57 67.77 -33.73
C VAL G 3 -100.42 68.22 -34.63
N GLN G 4 -100.54 67.81 -35.89
CA GLN G 4 -99.97 68.16 -37.20
C GLN G 4 -98.44 68.07 -37.54
N ILE G 5 -97.95 66.80 -37.61
CA ILE G 5 -96.82 66.19 -38.37
C ILE G 5 -97.23 64.86 -39.11
N GLY G 6 -98.25 64.08 -38.61
CA GLY G 6 -99.28 63.28 -39.37
C GLY G 6 -100.59 64.03 -39.82
N ASN G 7 -101.17 64.94 -38.95
CA ASN G 7 -101.90 66.17 -39.41
C ASN G 7 -100.99 67.28 -40.08
N GLY G 8 -99.55 67.31 -39.82
CA GLY G 8 -98.34 67.58 -40.80
C GLY G 8 -98.31 66.99 -42.28
N LEU G 9 -97.96 65.70 -42.46
CA LEU G 9 -98.36 64.93 -43.66
C LEU G 9 -99.68 65.43 -44.25
N LEU G 10 -100.72 65.39 -43.43
CA LEU G 10 -102.10 65.60 -43.83
C LEU G 10 -102.39 66.90 -44.51
N MET G 11 -102.04 68.05 -43.93
CA MET G 11 -102.48 69.12 -44.78
C MET G 11 -101.59 69.25 -45.97
N VAL G 12 -100.27 69.41 -45.81
CA VAL G 12 -99.72 70.00 -47.05
C VAL G 12 -98.97 69.01 -47.90
N VAL G 13 -99.53 67.82 -48.11
CA VAL G 13 -99.31 67.15 -49.40
C VAL G 13 -99.44 68.12 -50.61
N ALA G 14 -99.62 69.43 -50.37
CA ALA G 14 -100.25 70.35 -51.35
C ALA G 14 -99.44 70.80 -52.57
N PRO G 15 -98.04 71.16 -52.46
CA PRO G 15 -97.23 71.81 -53.53
C PRO G 15 -96.72 71.03 -54.76
N GLY G 16 -96.67 69.62 -54.82
CA GLY G 16 -96.97 68.56 -55.94
C GLY G 16 -98.27 68.57 -56.93
N THR G 17 -98.53 69.40 -58.13
CA THR G 17 -99.47 69.12 -59.33
C THR G 17 -98.88 68.61 -60.60
N LEU G 18 -97.60 68.74 -60.89
CA LEU G 18 -97.38 68.09 -62.16
C LEU G 18 -97.38 66.59 -62.00
N THR G 19 -96.41 66.01 -61.30
CA THR G 19 -96.25 64.58 -61.51
C THR G 19 -96.40 64.41 -63.01
N VAL G 20 -95.48 65.09 -63.68
CA VAL G 20 -95.55 65.70 -65.00
C VAL G 20 -96.48 65.04 -66.01
N GLY G 21 -96.91 65.78 -67.01
CA GLY G 21 -97.59 65.04 -68.04
C GLY G 21 -96.79 64.75 -69.29
N SER G 22 -95.73 63.93 -69.24
CA SER G 22 -94.85 63.79 -70.39
C SER G 22 -93.93 62.57 -70.23
N ALA G 23 -93.74 61.78 -71.31
CA ALA G 23 -92.99 60.49 -71.28
C ALA G 23 -91.77 60.71 -72.04
N MET H 1 -170.49 57.01 -25.80
CA MET H 1 -170.89 57.38 -24.45
C MET H 1 -171.60 56.24 -23.75
N SER H 2 -171.24 55.01 -24.08
CA SER H 2 -171.82 53.88 -23.34
C SER H 2 -170.84 52.79 -22.99
N VAL H 3 -169.53 52.92 -23.25
CA VAL H 3 -168.77 51.68 -23.27
C VAL H 3 -167.51 51.65 -22.39
N GLN H 4 -167.51 50.65 -21.50
CA GLN H 4 -166.55 49.96 -20.65
C GLN H 4 -165.69 50.66 -19.54
N ILE H 5 -166.39 51.08 -18.46
CA ILE H 5 -166.03 51.29 -17.02
C ILE H 5 -167.08 50.65 -16.03
N GLY H 6 -168.40 50.51 -16.42
CA GLY H 6 -169.35 49.37 -16.09
C GLY H 6 -169.33 48.12 -17.03
N ASN H 7 -169.19 48.29 -18.40
CA ASN H 7 -168.47 47.31 -19.29
C ASN H 7 -166.91 47.23 -19.07
N GLY H 8 -166.19 48.33 -18.43
CA GLY H 8 -165.03 48.29 -17.34
C GLY H 8 -165.03 47.24 -16.14
N LEU H 9 -165.80 47.51 -15.07
CA LEU H 9 -166.26 46.43 -14.14
C LEU H 9 -166.40 45.08 -14.85
N LEU H 10 -167.24 45.07 -15.88
CA LEU H 10 -167.70 43.88 -16.56
C LEU H 10 -166.63 43.00 -17.13
N MET H 11 -165.71 43.51 -17.95
CA MET H 11 -164.85 42.43 -18.38
C MET H 11 -163.91 42.06 -17.27
N VAL H 12 -163.12 42.99 -16.72
CA VAL H 12 -162.00 42.30 -16.07
C VAL H 12 -162.10 42.24 -14.56
N VAL H 13 -163.28 41.90 -14.04
CA VAL H 13 -163.30 41.13 -12.79
C VAL H 13 -162.24 40.00 -12.76
N ALA H 14 -161.38 39.87 -13.79
CA ALA H 14 -160.70 38.61 -14.15
C ALA H 14 -159.54 38.12 -13.28
N PRO H 15 -158.54 39.04 -12.77
CA PRO H 15 -157.27 38.64 -12.10
C PRO H 15 -157.24 38.11 -10.66
N GLY H 16 -158.30 38.28 -9.73
CA GLY H 16 -158.95 37.38 -8.63
C GLY H 16 -159.34 35.80 -8.81
N THR H 17 -158.48 34.61 -8.77
CA THR H 17 -158.84 33.14 -8.46
C THR H 17 -158.53 32.59 -7.11
N LEU H 18 -157.66 33.15 -6.31
CA LEU H 18 -157.67 32.40 -5.08
C LEU H 18 -158.89 32.73 -4.25
N THR H 19 -159.03 33.95 -3.76
CA THR H 19 -160.00 34.08 -2.67
C THR H 19 -159.76 32.86 -1.82
N VAL H 20 -158.54 32.81 -1.33
CA VAL H 20 -157.69 31.68 -1.00
C VAL H 20 -158.41 30.42 -0.55
N GLY H 21 -157.77 29.29 -0.67
CA GLY H 21 -158.40 28.16 -0.02
C GLY H 21 -157.82 27.74 1.31
N SER H 22 -157.91 28.56 2.37
CA SER H 22 -157.19 28.23 3.60
C SER H 22 -157.69 29.10 4.76
N ALA H 23 -157.89 28.51 5.95
CA ALA H 23 -158.51 29.15 7.14
C ALA H 23 -157.45 29.32 8.13
N SER I 2 -127.17 -89.91 -38.78
CA SER I 2 -127.93 -90.51 -37.68
C SER I 2 -129.35 -89.98 -37.66
N PHE I 3 -129.57 -88.88 -38.36
CA PHE I 3 -130.88 -88.25 -38.46
C PHE I 3 -130.79 -87.18 -39.54
N ASP I 4 -131.91 -86.52 -39.79
CA ASP I 4 -131.90 -85.41 -40.74
C ASP I 4 -132.05 -84.09 -40.01
N PRO I 5 -131.30 -83.07 -40.37
CA PRO I 5 -131.39 -81.79 -39.63
C PRO I 5 -132.68 -81.04 -39.85
N ASN I 6 -133.27 -81.13 -41.06
CA ASN I 6 -134.44 -80.32 -41.36
C ASN I 6 -135.66 -80.73 -40.55
N ASN I 7 -135.58 -81.83 -39.83
CA ASN I 7 -136.66 -82.24 -38.92
C ASN I 7 -136.11 -82.42 -37.52
N PRO I 8 -136.48 -81.56 -36.56
CA PRO I 8 -136.05 -81.77 -35.17
C PRO I 8 -136.77 -82.91 -34.48
N ARG I 9 -137.96 -83.30 -34.95
CA ARG I 9 -138.74 -84.30 -34.26
C ARG I 9 -138.14 -85.70 -34.36
N THR I 10 -137.05 -85.86 -35.11
CA THR I 10 -136.49 -87.18 -35.36
C THR I 10 -135.32 -87.53 -34.46
N ILE I 11 -134.86 -86.62 -33.60
CA ILE I 11 -133.75 -86.94 -32.72
C ILE I 11 -134.29 -87.49 -31.40
N THR I 12 -133.58 -88.49 -30.85
CA THR I 12 -133.96 -89.15 -29.62
C THR I 12 -132.84 -90.06 -29.17
N ALA I 13 -133.00 -90.64 -27.99
CA ALA I 13 -131.99 -91.55 -27.44
C ALA I 13 -131.67 -92.71 -28.36
N GLN I 14 -132.64 -93.16 -29.16
CA GLN I 14 -132.40 -94.27 -30.06
C GLN I 14 -131.37 -93.92 -31.12
N THR I 15 -131.49 -92.74 -31.74
CA THR I 15 -130.58 -92.33 -32.80
C THR I 15 -129.32 -91.67 -32.28
N LEU I 16 -129.35 -91.05 -31.10
CA LEU I 16 -128.16 -90.38 -30.59
C LEU I 16 -127.17 -91.34 -29.95
N GLU I 17 -127.59 -92.58 -29.65
CA GLU I 17 -126.64 -93.56 -29.13
C GLU I 17 -125.55 -93.93 -30.11
N GLY I 18 -125.70 -93.53 -31.38
CA GLY I 18 -124.82 -93.94 -32.46
C GLY I 18 -123.33 -93.92 -32.20
N ALA I 19 -122.76 -92.76 -31.93
CA ALA I 19 -121.31 -92.64 -31.90
C ALA I 19 -120.91 -91.38 -31.13
N LEU I 20 -119.64 -91.01 -31.23
CA LEU I 20 -119.00 -89.89 -30.57
C LEU I 20 -119.64 -88.56 -30.96
N PRO I 21 -119.36 -87.47 -30.24
CA PRO I 21 -119.96 -86.18 -30.61
C PRO I 21 -119.61 -85.69 -32.00
N VAL I 22 -118.57 -86.23 -32.64
CA VAL I 22 -118.26 -85.85 -34.01
C VAL I 22 -119.45 -86.11 -34.93
N ASP I 23 -120.15 -87.23 -34.72
CA ASP I 23 -121.30 -87.54 -35.56
C ASP I 23 -122.41 -86.53 -35.35
N ILE I 24 -122.69 -86.18 -34.09
CA ILE I 24 -123.69 -85.15 -33.78
C ILE I 24 -123.34 -83.86 -34.49
N LEU I 25 -122.10 -83.40 -34.34
CA LEU I 25 -121.73 -82.08 -34.84
C LEU I 25 -121.71 -82.06 -36.37
N LEU I 26 -121.22 -83.14 -36.98
CA LEU I 26 -121.20 -83.19 -38.44
C LEU I 26 -122.60 -83.32 -39.02
N ARG I 27 -123.49 -84.05 -38.34
CA ARG I 27 -124.89 -84.06 -38.75
C ARG I 27 -125.48 -82.66 -38.70
N LEU I 28 -125.26 -81.95 -37.60
CA LEU I 28 -125.78 -80.59 -37.48
C LEU I 28 -125.10 -79.64 -38.45
N ASN I 29 -123.94 -80.03 -38.99
CA ASN I 29 -123.18 -79.15 -39.87
C ASN I 29 -123.75 -79.10 -41.28
N ARG I 30 -124.43 -80.15 -41.73
CA ARG I 30 -124.91 -80.24 -43.10
C ARG I 30 -126.39 -79.92 -43.21
N ALA I 31 -126.90 -79.05 -42.35
CA ALA I 31 -128.28 -78.61 -42.43
C ALA I 31 -128.48 -77.72 -43.65
N THR I 32 -129.73 -77.58 -44.08
CA THR I 32 -130.08 -76.73 -45.21
C THR I 32 -131.57 -76.45 -45.26
N ALA I 41 -144.31 -75.40 -31.93
CA ALA I 41 -143.30 -74.46 -32.41
C ALA I 41 -142.06 -74.49 -31.53
N HIS I 42 -141.95 -73.51 -30.62
CA HIS I 42 -140.76 -73.41 -29.80
C HIS I 42 -140.60 -74.61 -28.87
N ALA I 43 -141.71 -75.26 -28.48
CA ALA I 43 -141.59 -76.42 -27.63
C ALA I 43 -140.90 -77.56 -28.34
N ILE I 44 -141.15 -77.73 -29.65
CA ILE I 44 -140.49 -78.79 -30.40
C ILE I 44 -138.99 -78.63 -30.34
N VAL I 45 -138.50 -77.47 -30.79
CA VAL I 45 -137.07 -77.25 -30.80
C VAL I 45 -136.49 -77.26 -29.40
N GLU I 46 -137.28 -76.87 -28.40
CA GLU I 46 -136.76 -76.86 -27.03
C GLU I 46 -136.53 -78.29 -26.53
N ASP I 47 -137.55 -79.14 -26.63
CA ASP I 47 -137.38 -80.54 -26.26
C ASP I 47 -136.26 -81.19 -27.06
N ALA I 48 -136.15 -80.87 -28.34
CA ALA I 48 -135.07 -81.44 -29.15
C ALA I 48 -133.72 -81.02 -28.62
N ARG I 49 -133.57 -79.74 -28.24
CA ARG I 49 -132.34 -79.28 -27.63
C ARG I 49 -132.04 -80.06 -26.35
N ARG I 50 -133.06 -80.32 -25.55
CA ARG I 50 -132.83 -81.05 -24.30
C ARG I 50 -132.31 -82.45 -24.56
N THR I 51 -133.01 -83.21 -25.40
CA THR I 51 -132.54 -84.57 -25.66
C THR I 51 -131.19 -84.56 -26.34
N LEU I 52 -130.91 -83.56 -27.18
CA LEU I 52 -129.61 -83.47 -27.82
C LEU I 52 -128.51 -83.23 -26.79
N PHE I 53 -128.78 -82.37 -25.80
CA PHE I 53 -127.80 -82.17 -24.73
C PHE I 53 -127.51 -83.47 -24.01
N ILE I 54 -128.55 -84.20 -23.62
CA ILE I 54 -128.32 -85.46 -22.91
C ILE I 54 -127.54 -86.43 -23.80
N GLY I 55 -127.90 -86.49 -25.08
CA GLY I 55 -127.22 -87.39 -25.99
C GLY I 55 -125.74 -87.07 -26.13
N THR I 56 -125.40 -85.79 -26.25
CA THR I 56 -124.00 -85.42 -26.40
C THR I 56 -123.23 -85.66 -25.10
N SER I 57 -123.88 -85.51 -23.95
CA SER I 57 -123.22 -85.88 -22.70
C SER I 57 -122.93 -87.38 -22.66
N LEU I 58 -123.88 -88.20 -23.08
CA LEU I 58 -123.62 -89.65 -23.09
C LEU I 58 -122.51 -89.99 -24.08
N ALA I 59 -122.51 -89.34 -25.24
CA ALA I 59 -121.43 -89.51 -26.20
C ALA I 59 -120.09 -89.13 -25.61
N LEU I 60 -120.04 -88.04 -24.84
CA LEU I 60 -118.77 -87.59 -24.30
C LEU I 60 -118.28 -88.54 -23.22
N VAL I 61 -119.19 -89.08 -22.41
CA VAL I 61 -118.71 -90.01 -21.38
C VAL I 61 -118.26 -91.31 -22.03
N ASN I 62 -118.88 -91.69 -23.15
CA ASN I 62 -118.41 -92.88 -23.85
C ASN I 62 -117.02 -92.66 -24.44
N LEU I 63 -116.80 -91.49 -25.05
CA LEU I 63 -115.46 -91.17 -25.54
C LEU I 63 -114.44 -91.22 -24.42
N ARG I 64 -114.79 -90.68 -23.24
CA ARG I 64 -113.84 -90.70 -22.14
C ARG I 64 -113.56 -92.12 -21.66
N ARG I 65 -114.58 -92.98 -21.65
CA ARG I 65 -114.34 -94.39 -21.36
C ARG I 65 -113.31 -94.97 -22.32
N ALA I 66 -113.55 -94.79 -23.62
CA ALA I 66 -112.67 -95.37 -24.62
C ALA I 66 -111.24 -94.88 -24.46
N HIS I 67 -111.05 -93.60 -24.18
CA HIS I 67 -109.70 -93.07 -24.03
C HIS I 67 -109.10 -93.37 -22.66
N ASP I 68 -109.92 -93.57 -21.64
CA ASP I 68 -109.46 -93.83 -20.27
C ASP I 68 -109.11 -95.28 -20.06
N LYS I 69 -109.53 -96.17 -20.96
CA LYS I 69 -109.03 -97.53 -20.90
C LYS I 69 -107.50 -97.62 -21.00
N HIS I 70 -106.82 -96.51 -21.29
CA HIS I 70 -105.38 -96.51 -21.45
C HIS I 70 -104.69 -95.53 -20.51
N LEU I 71 -105.34 -95.11 -19.44
CA LEU I 71 -104.81 -94.08 -18.55
C LEU I 71 -104.62 -94.61 -17.14
N VAL I 72 -104.03 -93.74 -16.31
CA VAL I 72 -103.68 -94.03 -14.93
C VAL I 72 -104.94 -94.01 -14.07
N GLU I 73 -104.89 -94.71 -12.93
CA GLU I 73 -106.01 -94.71 -12.00
C GLU I 73 -106.17 -93.34 -11.36
N ARG I 74 -107.41 -92.97 -11.04
CA ARG I 74 -107.72 -91.62 -10.58
C ARG I 74 -107.88 -91.65 -9.05
N GLN I 75 -106.97 -90.96 -8.37
CA GLN I 75 -106.98 -90.94 -6.93
C GLN I 75 -108.01 -89.94 -6.41
N PRO I 76 -108.38 -90.02 -5.13
CA PRO I 76 -109.21 -88.96 -4.54
C PRO I 76 -108.37 -87.72 -4.32
N MET I 77 -108.87 -86.57 -4.79
CA MET I 77 -108.09 -85.35 -4.78
C MET I 77 -107.99 -84.70 -3.41
N PHE I 78 -109.02 -84.85 -2.58
CA PHE I 78 -109.09 -84.11 -1.32
C PHE I 78 -108.93 -85.05 -0.14
N ALA I 79 -108.22 -84.55 0.87
CA ALA I 79 -108.02 -85.27 2.12
C ALA I 79 -109.27 -85.14 2.99
N THR I 80 -109.12 -85.49 4.27
CA THR I 80 -110.09 -85.26 5.32
C THR I 80 -111.28 -86.21 5.21
N SER I 81 -111.37 -86.96 4.12
CA SER I 81 -112.34 -88.03 3.99
C SER I 81 -111.79 -89.26 4.69
N ASP I 82 -112.29 -89.53 5.90
CA ASP I 82 -111.61 -90.43 6.82
C ASP I 82 -112.59 -91.43 7.40
N TYR I 83 -112.29 -92.71 7.22
CA TYR I 83 -112.99 -93.79 7.91
C TYR I 83 -112.02 -94.57 8.81
N SER I 84 -110.91 -95.02 8.24
CA SER I 84 -109.82 -95.59 9.05
C SER I 84 -108.77 -94.51 9.31
N SER I 85 -109.23 -93.47 10.02
CA SER I 85 -108.36 -92.33 10.29
C SER I 85 -107.39 -92.63 11.42
N TRP I 86 -107.83 -93.40 12.41
CA TRP I 86 -107.01 -93.65 13.59
C TRP I 86 -105.67 -94.27 13.25
N ALA I 87 -105.53 -94.91 12.09
CA ALA I 87 -104.25 -95.51 11.72
C ALA I 87 -103.40 -94.55 10.91
N ARG I 88 -103.94 -94.08 9.79
CA ARG I 88 -103.17 -93.24 8.87
C ARG I 88 -103.77 -91.85 8.82
N PRO I 89 -102.95 -90.81 8.65
CA PRO I 89 -103.50 -89.46 8.44
C PRO I 89 -103.81 -89.24 6.97
N THR I 90 -105.05 -88.85 6.69
CA THR I 90 -105.48 -88.73 5.31
C THR I 90 -104.80 -87.55 4.62
N VAL I 91 -104.30 -87.79 3.41
CA VAL I 91 -103.61 -86.77 2.63
C VAL I 91 -104.10 -86.79 1.19
N GLY I 92 -104.57 -85.66 0.70
CA GLY I 92 -105.05 -85.57 -0.66
C GLY I 92 -103.93 -85.59 -1.67
N LEU I 93 -104.30 -85.43 -2.94
CA LEU I 93 -103.34 -85.42 -4.04
C LEU I 93 -103.71 -84.29 -4.99
N LYS I 94 -102.73 -83.42 -5.28
CA LYS I 94 -102.93 -82.39 -6.29
C LYS I 94 -102.77 -83.00 -7.68
N ARG I 95 -103.81 -82.90 -8.49
CA ARG I 95 -103.79 -83.45 -9.85
C ARG I 95 -103.09 -82.49 -10.80
N THR I 96 -101.86 -82.15 -10.46
CA THR I 96 -101.05 -81.24 -11.26
C THR I 96 -100.71 -81.81 -12.61
N PHE I 97 -100.24 -83.05 -12.69
CA PHE I 97 -100.09 -83.76 -13.95
C PHE I 97 -99.97 -85.26 -13.69
N CYS I 98 -100.90 -86.01 -14.29
CA CYS I 98 -100.83 -87.48 -14.33
C CYS I 98 -101.13 -87.94 -15.75
N PRO I 99 -100.29 -87.56 -16.71
CA PRO I 99 -100.56 -87.88 -18.11
C PRO I 99 -99.89 -89.16 -18.58
N ARG I 100 -100.60 -89.90 -19.44
CA ARG I 100 -100.08 -91.12 -20.04
C ARG I 100 -100.73 -91.36 -21.39
N SER J 2 -104.06 -108.98 4.45
CA SER J 2 -103.34 -109.53 5.60
C SER J 2 -104.25 -109.55 6.82
N PHE J 3 -105.33 -108.79 6.75
CA PHE J 3 -106.31 -108.70 7.83
C PHE J 3 -107.51 -107.94 7.30
N ASP J 4 -108.52 -107.79 8.16
CA ASP J 4 -109.67 -107.00 7.75
C ASP J 4 -109.69 -105.69 8.52
N PRO J 5 -110.01 -104.57 7.86
CA PRO J 5 -109.96 -103.29 8.58
C PRO J 5 -111.07 -103.11 9.59
N ASN J 6 -112.26 -103.67 9.33
CA ASN J 6 -113.41 -103.42 10.21
C ASN J 6 -113.23 -104.04 11.59
N ASN J 7 -112.18 -104.84 11.79
CA ASN J 7 -111.87 -105.38 13.10
C ASN J 7 -110.44 -105.02 13.47
N PRO J 8 -110.21 -104.16 14.46
CA PRO J 8 -108.84 -103.88 14.89
C PRO J 8 -108.22 -105.00 15.69
N ARG J 9 -109.02 -105.88 16.30
CA ARG J 9 -108.49 -106.92 17.17
C ARG J 9 -107.72 -108.00 16.41
N THR J 10 -107.71 -107.94 15.08
CA THR J 10 -107.10 -108.99 14.29
C THR J 10 -105.69 -108.69 13.82
N ILE J 11 -105.15 -107.50 14.11
CA ILE J 11 -103.78 -107.21 13.70
C ILE J 11 -102.81 -107.58 14.81
N THR J 12 -101.65 -108.11 14.42
CA THR J 12 -100.63 -108.57 15.35
C THR J 12 -99.37 -108.91 14.56
N ALA J 13 -98.30 -109.22 15.30
CA ALA J 13 -97.02 -109.55 14.68
C ALA J 13 -97.13 -110.71 13.70
N GLN J 14 -98.06 -111.64 13.92
CA GLN J 14 -98.21 -112.78 13.02
C GLN J 14 -98.65 -112.33 11.64
N THR J 15 -99.64 -111.45 11.56
CA THR J 15 -100.18 -111.01 10.29
C THR J 15 -99.40 -109.84 9.69
N LEU J 16 -98.75 -109.01 10.51
CA LEU J 16 -98.01 -107.87 9.97
C LEU J 16 -96.65 -108.26 9.41
N GLU J 17 -96.15 -109.45 9.72
CA GLU J 17 -94.89 -109.90 9.13
C GLU J 17 -94.97 -110.07 7.62
N GLY J 18 -96.18 -110.04 7.05
CA GLY J 18 -96.42 -110.36 5.66
C GLY J 18 -95.48 -109.76 4.63
N ALA J 19 -95.46 -108.44 4.52
CA ALA J 19 -94.75 -107.82 3.41
C ALA J 19 -94.45 -106.36 3.75
N LEU J 20 -94.04 -105.60 2.74
CA LEU J 20 -93.63 -104.20 2.80
C LEU J 20 -94.78 -103.32 3.27
N PRO J 21 -94.50 -102.06 3.65
CA PRO J 21 -95.59 -101.18 4.13
C PRO J 21 -96.68 -100.93 3.10
N VAL J 22 -96.45 -101.21 1.82
CA VAL J 22 -97.50 -101.06 0.83
C VAL J 22 -98.70 -101.93 1.19
N ASP J 23 -98.46 -103.15 1.69
CA ASP J 23 -99.56 -104.02 2.06
C ASP J 23 -100.34 -103.44 3.24
N ILE J 24 -99.63 -102.94 4.24
CA ILE J 24 -100.30 -102.29 5.37
C ILE J 24 -101.17 -101.15 4.89
N LEU J 25 -100.62 -100.26 4.07
CA LEU J 25 -101.34 -99.05 3.68
C LEU J 25 -102.53 -99.38 2.78
N LEU J 26 -102.34 -100.32 1.86
CA LEU J 26 -103.43 -100.70 0.98
C LEU J 26 -104.53 -101.44 1.73
N ARG J 27 -104.16 -102.26 2.71
CA ARG J 27 -105.17 -102.86 3.58
C ARG J 27 -105.97 -101.78 4.30
N LEU J 28 -105.29 -100.81 4.89
CA LEU J 28 -105.99 -99.73 5.58
C LEU J 28 -106.77 -98.85 4.62
N ASN J 29 -106.45 -98.92 3.32
CA ASN J 29 -107.09 -98.05 2.35
C ASN J 29 -108.49 -98.53 1.97
N ARG J 30 -108.77 -99.83 2.08
CA ARG J 30 -110.04 -100.39 1.64
C ARG J 30 -110.99 -100.65 2.81
N ALA J 31 -110.91 -99.84 3.85
CA ALA J 31 -111.83 -99.94 4.97
C ALA J 31 -113.23 -99.49 4.55
N THR J 32 -114.24 -99.90 5.31
CA THR J 32 -115.61 -99.50 5.05
C THR J 32 -116.50 -99.80 6.25
N ALA J 41 -112.91 -100.25 24.36
CA ALA J 41 -113.14 -99.16 23.43
C ALA J 41 -111.83 -98.55 22.96
N HIS J 42 -111.46 -97.41 23.56
CA HIS J 42 -110.26 -96.72 23.12
C HIS J 42 -109.00 -97.54 23.35
N ALA J 43 -109.00 -98.42 24.35
CA ALA J 43 -107.82 -99.25 24.58
C ALA J 43 -107.58 -100.20 23.42
N ILE J 44 -108.65 -100.74 22.84
CA ILE J 44 -108.51 -101.64 21.71
C ILE J 44 -107.78 -100.96 20.56
N VAL J 45 -108.33 -99.83 20.11
CA VAL J 45 -107.72 -99.13 18.98
C VAL J 45 -106.33 -98.61 19.36
N GLU J 46 -106.10 -98.30 20.63
CA GLU J 46 -104.78 -97.80 21.03
C GLU J 46 -103.73 -98.90 20.92
N ASP J 47 -103.98 -100.06 21.52
CA ASP J 47 -103.08 -101.19 21.40
C ASP J 47 -102.87 -101.57 19.94
N ALA J 48 -103.95 -101.53 19.14
CA ALA J 48 -103.82 -101.85 17.71
C ALA J 48 -102.89 -100.87 17.02
N ARG J 49 -103.02 -99.58 17.34
CA ARG J 49 -102.11 -98.59 16.79
C ARG J 49 -100.67 -98.89 17.18
N ARG J 50 -100.45 -99.31 18.42
CA ARG J 50 -99.08 -99.59 18.86
C ARG J 50 -98.48 -100.76 18.06
N THR J 51 -99.19 -101.88 18.00
CA THR J 51 -98.63 -103.02 17.26
C THR J 51 -98.48 -102.68 15.79
N LEU J 52 -99.39 -101.87 15.24
CA LEU J 52 -99.27 -101.47 13.84
C LEU J 52 -98.02 -100.63 13.62
N PHE J 53 -97.72 -99.73 14.54
CA PHE J 53 -96.49 -98.95 14.44
C PHE J 53 -95.27 -99.86 14.42
N ILE J 54 -95.20 -100.80 15.36
CA ILE J 54 -94.05 -101.70 15.39
C ILE J 54 -93.98 -102.51 14.11
N GLY J 55 -95.13 -102.98 13.62
CA GLY J 55 -95.14 -103.78 12.41
C GLY J 55 -94.63 -103.00 11.20
N THR J 56 -95.06 -101.74 11.07
CA THR J 56 -94.62 -100.95 9.93
C THR J 56 -93.14 -100.60 10.03
N SER J 57 -92.63 -100.43 11.25
CA SER J 57 -91.19 -100.24 11.40
C SER J 57 -90.42 -101.49 10.96
N LEU J 58 -90.91 -102.67 11.34
CA LEU J 58 -90.23 -103.89 10.90
C LEU J 58 -90.30 -104.03 9.38
N ALA J 59 -91.46 -103.71 8.81
CA ALA J 59 -91.61 -103.71 7.35
C ALA J 59 -90.62 -102.76 6.70
N LEU J 60 -90.43 -101.58 7.28
CA LEU J 60 -89.55 -100.61 6.66
C LEU J 60 -88.09 -101.04 6.77
N VAL J 61 -87.72 -101.67 7.87
CA VAL J 61 -86.32 -102.10 7.96
C VAL J 61 -86.09 -103.27 7.01
N ASN J 62 -87.12 -104.09 6.78
CA ASN J 62 -86.98 -105.17 5.81
C ASN J 62 -86.82 -104.62 4.40
N LEU J 63 -87.63 -103.62 4.04
CA LEU J 63 -87.48 -102.97 2.76
C LEU J 63 -86.07 -102.40 2.59
N ARG J 64 -85.55 -101.77 3.64
CA ARG J 64 -84.21 -101.20 3.53
C ARG J 64 -83.16 -102.28 3.36
N ARG J 65 -83.32 -103.42 4.05
CA ARG J 65 -82.42 -104.54 3.80
C ARG J 65 -82.43 -104.93 2.34
N ALA J 66 -83.63 -105.14 1.78
CA ALA J 66 -83.75 -105.59 0.40
C ALA J 66 -83.10 -104.61 -0.56
N HIS J 67 -83.28 -103.31 -0.33
CA HIS J 67 -82.70 -102.33 -1.24
C HIS J 67 -81.22 -102.07 -0.96
N ASP J 68 -80.75 -102.30 0.27
CA ASP J 68 -79.38 -102.07 0.66
C ASP J 68 -78.46 -103.21 0.28
N LYS J 69 -79.02 -104.37 -0.07
CA LYS J 69 -78.20 -105.42 -0.64
C LYS J 69 -77.49 -104.98 -1.92
N HIS J 70 -77.81 -103.80 -2.46
CA HIS J 70 -77.21 -103.33 -3.69
C HIS J 70 -76.51 -101.99 -3.54
N LEU J 71 -76.18 -101.59 -2.32
CA LEU J 71 -75.63 -100.27 -2.06
C LEU J 71 -74.23 -100.35 -1.46
N VAL J 72 -73.63 -99.18 -1.31
CA VAL J 72 -72.27 -99.00 -0.82
C VAL J 72 -72.24 -99.22 0.69
N GLU J 73 -71.06 -99.57 1.21
CA GLU J 73 -70.89 -99.75 2.65
C GLU J 73 -71.01 -98.41 3.37
N ARG J 74 -71.52 -98.46 4.59
CA ARG J 74 -71.84 -97.23 5.34
C ARG J 74 -70.73 -96.96 6.34
N GLN J 75 -70.01 -95.85 6.14
CA GLN J 75 -68.90 -95.52 7.00
C GLN J 75 -69.41 -94.86 8.28
N PRO J 76 -68.57 -94.76 9.31
CA PRO J 76 -68.94 -93.96 10.48
C PRO J 76 -68.83 -92.48 10.14
N MET J 77 -69.88 -91.73 10.45
CA MET J 77 -69.97 -90.34 10.02
C MET J 77 -69.11 -89.40 10.85
N PHE J 78 -68.91 -89.70 12.13
CA PHE J 78 -68.26 -88.78 13.05
C PHE J 78 -66.89 -89.29 13.48
N ALA J 79 -65.95 -88.37 13.58
CA ALA J 79 -64.62 -88.66 14.04
C ALA J 79 -64.61 -88.78 15.56
N THR J 80 -63.40 -88.75 16.13
CA THR J 80 -63.16 -88.64 17.57
C THR J 80 -63.46 -89.96 18.29
N SER J 81 -64.07 -90.91 17.60
CA SER J 81 -64.24 -92.26 18.13
C SER J 81 -62.95 -93.02 17.92
N ASP J 82 -62.15 -93.15 18.98
CA ASP J 82 -60.75 -93.52 18.83
C ASP J 82 -60.39 -94.65 19.79
N TYR J 83 -59.89 -95.76 19.25
CA TYR J 83 -59.28 -96.81 20.04
C TYR J 83 -57.80 -96.98 19.68
N SER J 84 -57.50 -97.12 18.39
CA SER J 84 -56.12 -97.07 17.91
C SER J 84 -55.82 -95.66 17.41
N SER J 85 -55.90 -94.71 18.34
CA SER J 85 -55.70 -93.31 17.99
C SER J 85 -54.22 -92.98 17.84
N TRP J 86 -53.38 -93.61 18.66
CA TRP J 86 -51.95 -93.28 18.66
C TRP J 86 -51.31 -93.45 17.30
N ALA J 87 -51.90 -94.25 16.41
CA ALA J 87 -51.31 -94.43 15.09
C ALA J 87 -51.90 -93.45 14.08
N ARG J 88 -53.21 -93.46 13.91
CA ARG J 88 -53.87 -92.65 12.91
C ARG J 88 -54.74 -91.61 13.57
N PRO J 89 -54.87 -90.40 12.99
CA PRO J 89 -55.83 -89.43 13.51
C PRO J 89 -57.21 -89.67 12.93
N THR J 90 -58.19 -89.82 13.80
CA THR J 90 -59.54 -90.19 13.36
C THR J 90 -60.18 -89.03 12.60
N VAL J 91 -60.78 -89.35 11.46
CA VAL J 91 -61.44 -88.36 10.61
C VAL J 91 -62.79 -88.88 10.14
N GLY J 92 -63.85 -88.13 10.41
CA GLY J 92 -65.17 -88.53 10.01
C GLY J 92 -65.39 -88.38 8.52
N LEU J 93 -66.62 -88.66 8.09
CA LEU J 93 -67.01 -88.56 6.69
C LEU J 93 -68.35 -87.88 6.60
N LYS J 94 -68.44 -86.83 5.78
CA LYS J 94 -69.71 -86.19 5.52
C LYS J 94 -70.47 -87.00 4.47
N ARG J 95 -71.67 -87.46 4.84
CA ARG J 95 -72.50 -88.27 3.94
C ARG J 95 -73.26 -87.36 2.98
N THR J 96 -72.51 -86.54 2.26
CA THR J 96 -73.08 -85.62 1.29
C THR J 96 -73.75 -86.33 0.13
N PHE J 97 -73.08 -87.31 -0.47
CA PHE J 97 -73.72 -88.19 -1.46
C PHE J 97 -72.87 -89.45 -1.63
N CYS J 98 -73.50 -90.60 -1.37
CA CYS J 98 -72.93 -91.91 -1.68
C CYS J 98 -74.01 -92.76 -2.35
N PRO J 99 -74.47 -92.34 -3.53
CA PRO J 99 -75.58 -93.05 -4.18
C PRO J 99 -75.12 -94.08 -5.20
N ARG J 100 -75.84 -95.19 -5.25
CA ARG J 100 -75.58 -96.26 -6.21
C ARG J 100 -76.86 -97.02 -6.53
N SER K 2 -51.57 -108.15 8.47
CA SER K 2 -50.11 -108.13 8.51
C SER K 2 -49.61 -108.18 9.94
N PHE K 3 -50.50 -107.89 10.87
CA PHE K 3 -50.19 -107.88 12.30
C PHE K 3 -51.52 -107.75 13.05
N ASP K 4 -51.44 -107.77 14.38
CA ASP K 4 -52.63 -107.54 15.17
C ASP K 4 -52.57 -106.19 15.84
N PRO K 5 -53.67 -105.44 15.86
CA PRO K 5 -53.61 -104.09 16.44
C PRO K 5 -53.46 -104.09 17.95
N ASN K 6 -54.03 -105.07 18.65
CA ASN K 6 -54.03 -105.03 20.12
C ASN K 6 -52.64 -105.20 20.70
N ASN K 7 -51.65 -105.52 19.87
CA ASN K 7 -50.27 -105.59 20.33
C ASN K 7 -49.40 -104.69 19.46
N PRO K 8 -48.87 -103.58 20.02
CA PRO K 8 -47.95 -102.75 19.23
C PRO K 8 -46.58 -103.35 19.05
N ARG K 9 -46.18 -104.30 19.90
CA ARG K 9 -44.83 -104.84 19.85
C ARG K 9 -44.59 -105.73 18.62
N THR K 10 -45.64 -105.97 17.83
CA THR K 10 -45.53 -106.91 16.72
C THR K 10 -45.29 -106.25 15.37
N ILE K 11 -45.27 -104.92 15.30
CA ILE K 11 -45.01 -104.27 14.02
C ILE K 11 -43.53 -104.01 13.86
N THR K 12 -43.03 -104.17 12.63
CA THR K 12 -41.62 -104.01 12.30
C THR K 12 -41.46 -104.05 10.79
N ALA K 13 -40.23 -103.79 10.34
CA ALA K 13 -39.93 -103.79 8.91
C ALA K 13 -40.28 -105.11 8.23
N GLN K 14 -40.22 -106.22 8.96
CA GLN K 14 -40.53 -107.52 8.37
C GLN K 14 -42.00 -107.61 7.97
N THR K 15 -42.89 -107.16 8.84
CA THR K 15 -44.32 -107.25 8.56
C THR K 15 -44.85 -106.06 7.78
N LEU K 16 -44.22 -104.89 7.87
CA LEU K 16 -44.72 -103.73 7.14
C LEU K 16 -44.32 -103.73 5.67
N GLU K 17 -43.35 -104.56 5.28
CA GLU K 17 -42.99 -104.66 3.87
C GLU K 17 -44.12 -105.20 3.02
N GLY K 18 -45.18 -105.74 3.64
CA GLY K 18 -46.25 -106.44 2.95
C GLY K 18 -46.81 -105.81 1.69
N ALA K 19 -47.39 -104.63 1.79
CA ALA K 19 -48.13 -104.08 0.67
C ALA K 19 -48.30 -102.57 0.85
N LEU K 20 -49.16 -101.98 0.04
CA LEU K 20 -49.47 -100.56 -0.02
C LEU K 20 -50.03 -100.04 1.30
N PRO K 21 -50.09 -98.71 1.49
CA PRO K 21 -50.63 -98.18 2.76
C PRO K 21 -52.07 -98.58 3.06
N VAL K 22 -52.82 -99.06 2.07
CA VAL K 22 -54.18 -99.53 2.33
C VAL K 22 -54.15 -100.65 3.36
N ASP K 23 -53.17 -101.55 3.29
CA ASP K 23 -53.10 -102.65 4.25
C ASP K 23 -52.81 -102.12 5.65
N ILE K 24 -51.88 -101.17 5.76
CA ILE K 24 -51.60 -100.55 7.06
C ILE K 24 -52.87 -99.94 7.63
N LEU K 25 -53.57 -99.13 6.84
CA LEU K 25 -54.70 -98.39 7.38
C LEU K 25 -55.87 -99.30 7.71
N LEU K 26 -56.11 -100.32 6.88
CA LEU K 26 -57.19 -101.25 7.15
C LEU K 26 -56.88 -102.12 8.36
N ARG K 27 -55.61 -102.50 8.53
CA ARG K 27 -55.21 -103.20 9.75
C ARG K 27 -55.48 -102.34 10.98
N LEU K 28 -55.07 -101.08 10.94
CA LEU K 28 -55.31 -100.18 12.06
C LEU K 28 -56.79 -99.88 12.24
N ASN K 29 -57.60 -100.14 11.21
CA ASN K 29 -59.01 -99.81 11.27
C ASN K 29 -59.82 -100.82 12.08
N ARG K 30 -59.37 -102.07 12.17
CA ARG K 30 -60.12 -103.13 12.83
C ARG K 30 -59.60 -103.42 14.23
N ALA K 31 -59.08 -102.41 14.91
CA ALA K 31 -58.64 -102.57 16.28
C ALA K 31 -59.85 -102.74 17.20
N THR K 32 -59.60 -103.28 18.40
CA THR K 32 -60.66 -103.47 19.38
C THR K 32 -60.06 -103.76 20.76
N ALA K 41 -44.15 -98.65 28.62
CA ALA K 41 -45.42 -97.97 28.41
C ALA K 41 -45.36 -97.06 27.19
N HIS K 42 -45.16 -95.75 27.43
CA HIS K 42 -45.17 -94.81 26.31
C HIS K 42 -44.04 -95.06 25.33
N ALA K 43 -42.92 -95.62 25.80
CA ALA K 43 -41.82 -95.90 24.88
C ALA K 43 -42.21 -96.96 23.86
N ILE K 44 -43.00 -97.95 24.28
CA ILE K 44 -43.43 -98.99 23.36
C ILE K 44 -44.22 -98.39 22.20
N VAL K 45 -45.29 -97.66 22.53
CA VAL K 45 -46.12 -97.08 21.49
C VAL K 45 -45.34 -96.04 20.70
N GLU K 46 -44.36 -95.38 21.31
CA GLU K 46 -43.59 -94.37 20.58
C GLU K 46 -42.72 -95.02 19.51
N ASP K 47 -41.92 -96.02 19.91
CA ASP K 47 -41.11 -96.75 18.94
C ASP K 47 -41.99 -97.37 17.85
N ALA K 48 -43.16 -97.90 18.23
CA ALA K 48 -44.05 -98.48 17.24
C ALA K 48 -44.51 -97.43 16.25
N ARG K 49 -44.85 -96.23 16.73
CA ARG K 49 -45.20 -95.14 15.83
C ARG K 49 -44.06 -94.82 14.88
N ARG K 50 -42.82 -94.83 15.38
CA ARG K 50 -41.69 -94.51 14.52
C ARG K 50 -41.53 -95.53 13.39
N THR K 51 -41.50 -96.81 13.75
CA THR K 51 -41.34 -97.83 12.70
C THR K 51 -42.52 -97.82 11.76
N LEU K 52 -43.72 -97.53 12.27
CA LEU K 52 -44.89 -97.46 11.41
C LEU K 52 -44.78 -96.31 10.41
N PHE K 53 -44.26 -95.16 10.86
CA PHE K 53 -44.04 -94.05 9.94
C PHE K 53 -43.07 -94.45 8.83
N ILE K 54 -41.94 -95.06 9.19
CA ILE K 54 -40.99 -95.47 8.17
C ILE K 54 -41.62 -96.48 7.21
N GLY K 55 -42.38 -97.43 7.77
CA GLY K 55 -43.02 -98.44 6.94
C GLY K 55 -43.99 -97.85 5.95
N THR K 56 -44.80 -96.88 6.39
CA THR K 56 -45.77 -96.28 5.48
C THR K 56 -45.08 -95.41 4.43
N SER K 57 -43.96 -94.79 4.78
CA SER K 57 -43.19 -94.08 3.76
C SER K 57 -42.65 -95.05 2.70
N LEU K 58 -42.14 -96.20 3.13
CA LEU K 58 -41.66 -97.17 2.15
C LEU K 58 -42.80 -97.68 1.28
N ALA K 59 -43.95 -97.94 1.90
CA ALA K 59 -45.14 -98.33 1.16
C ALA K 59 -45.53 -97.27 0.13
N LEU K 60 -45.45 -96.00 0.50
CA LEU K 60 -45.87 -94.95 -0.41
C LEU K 60 -44.89 -94.82 -1.56
N VAL K 61 -43.59 -94.99 -1.31
CA VAL K 61 -42.65 -94.87 -2.42
C VAL K 61 -42.80 -96.08 -3.34
N ASN K 62 -43.18 -97.24 -2.78
CA ASN K 62 -43.42 -98.39 -3.64
C ASN K 62 -44.65 -98.17 -4.52
N LEU K 63 -45.72 -97.64 -3.94
CA LEU K 63 -46.89 -97.29 -4.73
C LEU K 63 -46.54 -96.32 -5.85
N ARG K 64 -45.71 -95.32 -5.54
CA ARG K 64 -45.35 -94.36 -6.58
C ARG K 64 -44.53 -95.01 -7.67
N ARG K 65 -43.63 -95.93 -7.31
CA ARG K 65 -42.92 -96.69 -8.33
C ARG K 65 -43.90 -97.39 -9.26
N ALA K 66 -44.85 -98.14 -8.66
CA ALA K 66 -45.79 -98.92 -9.47
C ALA K 66 -46.59 -98.03 -10.40
N HIS K 67 -47.02 -96.87 -9.93
CA HIS K 67 -47.81 -95.98 -10.77
C HIS K 67 -46.96 -95.16 -11.74
N ASP K 68 -45.69 -94.92 -11.41
CA ASP K 68 -44.79 -94.13 -12.24
C ASP K 68 -44.16 -94.94 -13.35
N LYS K 69 -44.26 -96.27 -13.29
CA LYS K 69 -43.86 -97.07 -14.44
C LYS K 69 -44.67 -96.72 -15.70
N HIS K 70 -45.70 -95.89 -15.59
CA HIS K 70 -46.54 -95.55 -16.72
C HIS K 70 -46.61 -94.04 -16.98
N LEU K 71 -45.65 -93.28 -16.46
CA LEU K 71 -45.70 -91.83 -16.54
C LEU K 71 -44.50 -91.27 -17.31
N VAL K 72 -44.54 -89.96 -17.51
CA VAL K 72 -43.55 -89.20 -18.26
C VAL K 72 -42.29 -89.04 -17.43
N GLU K 73 -41.16 -88.82 -18.09
CA GLU K 73 -39.89 -88.60 -17.40
C GLU K 73 -39.93 -87.25 -16.68
N ARG K 74 -39.24 -87.17 -15.56
CA ARG K 74 -39.31 -86.01 -14.68
C ARG K 74 -38.07 -85.13 -14.91
N GLN K 75 -38.31 -83.92 -15.43
CA GLN K 75 -37.22 -83.02 -15.75
C GLN K 75 -36.76 -82.30 -14.50
N PRO K 76 -35.57 -81.68 -14.53
CA PRO K 76 -35.17 -80.81 -13.42
C PRO K 76 -35.97 -79.50 -13.48
N MET K 77 -36.56 -79.12 -12.36
CA MET K 77 -37.48 -78.00 -12.33
C MET K 77 -36.78 -76.65 -12.37
N PHE K 78 -35.58 -76.55 -11.81
CA PHE K 78 -34.91 -75.27 -11.64
C PHE K 78 -33.70 -75.15 -12.54
N ALA K 79 -33.51 -73.95 -13.09
CA ALA K 79 -32.35 -73.65 -13.92
C ALA K 79 -31.14 -73.39 -13.04
N THR K 80 -30.10 -72.81 -13.64
CA THR K 80 -28.91 -72.29 -12.97
C THR K 80 -28.00 -73.41 -12.49
N SER K 81 -28.46 -74.66 -12.57
CA SER K 81 -27.61 -75.82 -12.32
C SER K 81 -26.82 -76.09 -13.59
N ASP K 82 -25.55 -75.69 -13.61
CA ASP K 82 -24.81 -75.57 -14.86
C ASP K 82 -23.45 -76.24 -14.73
N TYR K 83 -23.18 -77.19 -15.62
CA TYR K 83 -21.85 -77.75 -15.79
C TYR K 83 -21.32 -77.47 -17.20
N SER K 84 -22.11 -77.79 -18.22
CA SER K 84 -21.79 -77.39 -19.59
C SER K 84 -22.59 -76.11 -19.92
N SER K 85 -22.28 -75.07 -19.16
CA SER K 85 -23.00 -73.81 -19.31
C SER K 85 -22.50 -73.03 -20.52
N TRP K 86 -21.20 -73.10 -20.80
CA TRP K 86 -20.61 -72.31 -21.87
C TRP K 86 -21.26 -72.56 -23.22
N ALA K 87 -21.93 -73.69 -23.40
CA ALA K 87 -22.58 -73.97 -24.68
C ALA K 87 -24.04 -73.52 -24.66
N ARG K 88 -24.82 -74.04 -23.72
CA ARG K 88 -26.25 -73.76 -23.69
C ARG K 88 -26.59 -72.96 -22.43
N PRO K 89 -27.57 -72.07 -22.50
CA PRO K 89 -28.03 -71.39 -21.28
C PRO K 89 -29.09 -72.23 -20.58
N THR K 90 -28.86 -72.51 -19.31
CA THR K 90 -29.72 -73.40 -18.57
C THR K 90 -31.09 -72.77 -18.34
N VAL K 91 -32.15 -73.54 -18.59
CA VAL K 91 -33.52 -73.06 -18.42
C VAL K 91 -34.35 -74.12 -17.72
N GLY K 92 -34.96 -73.75 -16.60
CA GLY K 92 -35.79 -74.68 -15.86
C GLY K 92 -37.10 -74.97 -16.54
N LEU K 93 -37.95 -75.75 -15.86
CA LEU K 93 -39.25 -76.13 -16.38
C LEU K 93 -40.28 -76.01 -15.27
N LYS K 94 -41.35 -75.28 -15.53
CA LYS K 94 -42.46 -75.22 -14.58
C LYS K 94 -43.31 -76.45 -14.72
N ARG K 95 -43.46 -77.20 -13.63
CA ARG K 95 -44.24 -78.43 -13.64
C ARG K 95 -45.73 -78.12 -13.46
N THR K 96 -46.23 -77.27 -14.38
CA THR K 96 -47.63 -76.86 -14.35
C THR K 96 -48.57 -78.02 -14.62
N PHE K 97 -48.31 -78.81 -15.65
CA PHE K 97 -49.04 -80.06 -15.87
C PHE K 97 -48.25 -80.95 -16.83
N CYS K 98 -47.92 -82.14 -16.35
CA CYS K 98 -47.35 -83.21 -17.18
C CYS K 98 -48.07 -84.53 -16.86
N PRO K 99 -49.38 -84.58 -17.13
CA PRO K 99 -50.16 -85.76 -16.75
C PRO K 99 -50.30 -86.77 -17.88
N ARG K 100 -50.25 -88.05 -17.50
CA ARG K 100 -50.45 -89.15 -18.44
C ARG K 100 -51.05 -90.36 -17.74
N SER L 2 -22.43 -88.09 -30.35
CA SER L 2 -21.66 -87.56 -31.47
C SER L 2 -20.30 -87.09 -31.00
N PHE L 3 -20.15 -86.92 -29.70
CA PHE L 3 -18.90 -86.48 -29.09
C PHE L 3 -19.06 -86.64 -27.58
N ASP L 4 -18.00 -86.32 -26.86
CA ASP L 4 -18.09 -86.35 -25.40
C ASP L 4 -18.07 -84.94 -24.85
N PRO L 5 -18.91 -84.64 -23.86
CA PRO L 5 -18.96 -83.26 -23.36
C PRO L 5 -17.73 -82.85 -22.57
N ASN L 6 -17.10 -83.78 -21.85
CA ASN L 6 -16.00 -83.41 -20.96
C ASN L 6 -14.77 -82.94 -21.74
N ASN L 7 -14.78 -83.07 -23.06
CA ASN L 7 -13.69 -82.54 -23.89
C ASN L 7 -14.27 -81.62 -24.95
N PRO L 8 -14.01 -80.32 -24.87
CA PRO L 8 -14.47 -79.41 -25.94
C PRO L 8 -13.68 -79.53 -27.22
N ARG L 9 -12.45 -80.04 -27.16
CA ARG L 9 -11.58 -80.08 -28.35
C ARG L 9 -12.06 -81.09 -29.38
N THR L 10 -13.11 -81.86 -29.08
CA THR L 10 -13.53 -82.94 -29.97
C THR L 10 -14.69 -82.57 -30.86
N ILE L 11 -15.26 -81.37 -30.73
CA ILE L 11 -16.36 -80.99 -31.60
C ILE L 11 -15.83 -80.27 -32.83
N THR L 12 -16.46 -80.53 -33.97
CA THR L 12 -16.06 -79.97 -35.26
C THR L 12 -17.12 -80.31 -36.30
N ALA L 13 -16.93 -79.75 -37.50
CA ALA L 13 -17.88 -79.98 -38.59
C ALA L 13 -18.05 -81.46 -38.92
N GLN L 14 -17.02 -82.27 -38.70
CA GLN L 14 -17.13 -83.69 -39.00
C GLN L 14 -18.15 -84.37 -38.10
N THR L 15 -18.11 -84.09 -36.80
CA THR L 15 -19.01 -84.72 -35.85
C THR L 15 -20.36 -84.01 -35.73
N LEU L 16 -20.43 -82.71 -36.00
CA LEU L 16 -21.69 -82.00 -35.87
C LEU L 16 -22.61 -82.21 -37.08
N GLU L 17 -22.09 -82.71 -38.19
CA GLU L 17 -22.95 -83.02 -39.33
C GLU L 17 -23.98 -84.10 -39.03
N GLY L 18 -23.82 -84.81 -37.92
CA GLY L 18 -24.61 -85.98 -37.59
C GLY L 18 -26.12 -85.89 -37.81
N ALA L 19 -26.79 -84.99 -37.10
CA ALA L 19 -28.25 -85.02 -37.12
C ALA L 19 -28.79 -83.67 -36.65
N LEU L 20 -30.08 -83.62 -36.38
CA LEU L 20 -30.84 -82.45 -35.96
C LEU L 20 -30.33 -81.87 -34.66
N PRO L 21 -30.72 -80.65 -34.29
CA PRO L 21 -30.24 -80.05 -33.03
C PRO L 21 -30.59 -80.84 -31.78
N VAL L 22 -31.54 -81.78 -31.85
CA VAL L 22 -31.84 -82.61 -30.70
C VAL L 22 -30.60 -83.39 -30.26
N ASP L 23 -29.81 -83.88 -31.22
CA ASP L 23 -28.61 -84.62 -30.85
C ASP L 23 -27.60 -83.72 -30.17
N ILE L 24 -27.41 -82.50 -30.69
CA ILE L 24 -26.51 -81.53 -30.04
C ILE L 24 -26.95 -81.30 -28.61
N LEU L 25 -28.24 -80.99 -28.42
CA LEU L 25 -28.71 -80.58 -27.10
C LEU L 25 -28.67 -81.74 -26.11
N LEU L 26 -29.04 -82.94 -26.57
CA LEU L 26 -29.01 -84.10 -25.70
C LEU L 26 -27.58 -84.50 -25.35
N ARG L 27 -26.66 -84.36 -26.30
CA ARG L 27 -25.24 -84.57 -25.98
C ARG L 27 -24.79 -83.59 -24.90
N LEU L 28 -25.10 -82.31 -25.07
CA LEU L 28 -24.72 -81.32 -24.06
C LEU L 28 -25.46 -81.53 -22.75
N ASN L 29 -26.56 -82.28 -22.77
CA ASN L 29 -27.36 -82.47 -21.57
C ASN L 29 -26.75 -83.48 -20.61
N ARG L 30 -25.97 -84.44 -21.10
CA ARG L 30 -25.42 -85.51 -20.26
C ARG L 30 -23.98 -85.26 -19.88
N ALA L 31 -23.58 -84.00 -19.73
CA ALA L 31 -22.25 -83.67 -19.27
C ALA L 31 -22.09 -84.04 -17.80
N THR L 32 -20.84 -84.15 -17.36
CA THR L 32 -20.54 -84.47 -15.97
C THR L 32 -19.08 -84.20 -15.65
N ALA L 41 -6.95 -72.18 -22.69
CA ALA L 41 -8.04 -72.04 -21.72
C ALA L 41 -9.29 -71.49 -22.36
N HIS L 42 -9.52 -70.18 -22.19
CA HIS L 42 -10.75 -69.58 -22.70
C HIS L 42 -10.82 -69.64 -24.22
N ALA L 43 -9.68 -69.66 -24.91
CA ALA L 43 -9.71 -69.75 -26.37
C ALA L 43 -10.28 -71.08 -26.82
N ILE L 44 -9.97 -72.16 -26.10
CA ILE L 44 -10.49 -73.46 -26.47
C ILE L 44 -12.01 -73.46 -26.45
N VAL L 45 -12.59 -73.10 -25.30
CA VAL L 45 -14.03 -73.10 -25.19
C VAL L 45 -14.65 -72.07 -26.13
N GLU L 46 -13.94 -70.99 -26.42
CA GLU L 46 -14.50 -69.98 -27.32
C GLU L 46 -14.62 -70.51 -28.74
N ASP L 47 -13.51 -71.04 -29.28
CA ASP L 47 -13.56 -71.66 -30.60
C ASP L 47 -14.60 -72.78 -30.66
N ALA L 48 -14.70 -73.58 -29.59
CA ALA L 48 -15.69 -74.65 -29.57
C ALA L 48 -17.10 -74.08 -29.65
N ARG L 49 -17.37 -73.00 -28.92
CA ARG L 49 -18.66 -72.35 -29.01
C ARG L 49 -18.93 -71.88 -30.44
N ARG L 50 -17.91 -71.33 -31.10
CA ARG L 50 -18.12 -70.85 -32.47
C ARG L 50 -18.51 -71.98 -33.42
N THR L 51 -17.71 -73.06 -33.42
CA THR L 51 -18.03 -74.16 -34.33
C THR L 51 -19.37 -74.79 -33.96
N LEU L 52 -19.70 -74.83 -32.66
CA LEU L 52 -20.99 -75.38 -32.25
C LEU L 52 -22.13 -74.52 -32.77
N PHE L 53 -21.98 -73.19 -32.74
CA PHE L 53 -23.00 -72.33 -33.30
C PHE L 53 -23.21 -72.62 -34.78
N ILE L 54 -22.12 -72.69 -35.54
CA ILE L 54 -22.26 -72.96 -36.97
C ILE L 54 -22.91 -74.33 -37.19
N GLY L 55 -22.50 -75.32 -36.41
CA GLY L 55 -23.06 -76.65 -36.56
C GLY L 55 -24.56 -76.68 -36.30
N THR L 56 -25.01 -75.99 -35.24
CA THR L 56 -26.43 -76.00 -34.94
C THR L 56 -27.22 -75.22 -35.98
N SER L 57 -26.63 -74.18 -36.57
CA SER L 57 -27.30 -73.50 -37.68
C SER L 57 -27.45 -74.44 -38.88
N LEU L 58 -26.40 -75.20 -39.19
CA LEU L 58 -26.53 -76.15 -40.30
C LEU L 58 -27.58 -77.21 -40.00
N ALA L 59 -27.59 -77.70 -38.76
CA ALA L 59 -28.61 -78.65 -38.33
C ALA L 59 -30.01 -78.06 -38.49
N LEU L 60 -30.18 -76.79 -38.13
CA LEU L 60 -31.51 -76.20 -38.20
C LEU L 60 -31.95 -76.00 -39.64
N VAL L 61 -31.01 -75.65 -40.54
CA VAL L 61 -31.44 -75.48 -41.92
C VAL L 61 -31.75 -76.84 -42.53
N ASN L 62 -31.06 -77.89 -42.08
CA ASN L 62 -31.39 -79.22 -42.56
C ASN L 62 -32.77 -79.66 -42.10
N LEU L 63 -33.08 -79.41 -40.83
CA LEU L 63 -34.42 -79.69 -40.33
C LEU L 63 -35.47 -78.94 -41.13
N ARG L 64 -35.22 -77.67 -41.44
CA ARG L 64 -36.20 -76.91 -42.21
C ARG L 64 -36.36 -77.48 -43.61
N ARG L 65 -35.26 -77.92 -44.23
CA ARG L 65 -35.39 -78.60 -45.52
C ARG L 65 -36.32 -79.80 -45.41
N ALA L 66 -36.07 -80.66 -44.43
CA ALA L 66 -36.85 -81.89 -44.28
C ALA L 66 -38.33 -81.58 -44.08
N HIS L 67 -38.64 -80.56 -43.28
CA HIS L 67 -40.03 -80.22 -43.04
C HIS L 67 -40.66 -79.41 -44.16
N ASP L 68 -39.86 -78.68 -44.93
CA ASP L 68 -40.34 -77.83 -46.01
C ASP L 68 -40.55 -78.61 -47.29
N LYS L 69 -40.04 -79.84 -47.38
CA LYS L 69 -40.41 -80.69 -48.50
C LYS L 69 -41.91 -80.95 -48.57
N HIS L 70 -42.68 -80.54 -47.56
CA HIS L 70 -44.11 -80.78 -47.53
C HIS L 70 -44.93 -79.50 -47.42
N LEU L 71 -44.35 -78.36 -47.74
CA LEU L 71 -45.00 -77.07 -47.54
C LEU L 71 -45.19 -76.33 -48.85
N VAL L 72 -45.89 -75.20 -48.75
CA VAL L 72 -46.25 -74.34 -49.87
C VAL L 72 -45.04 -73.56 -50.34
N GLU L 73 -45.06 -73.12 -51.59
CA GLU L 73 -43.98 -72.32 -52.14
C GLU L 73 -43.98 -70.94 -51.48
N ARG L 74 -42.78 -70.36 -51.34
CA ARG L 74 -42.61 -69.12 -50.59
C ARG L 74 -42.50 -67.95 -51.57
N GLN L 75 -43.49 -67.07 -51.51
CA GLN L 75 -43.54 -65.95 -52.43
C GLN L 75 -42.62 -64.83 -51.93
N PRO L 76 -42.29 -63.86 -52.79
CA PRO L 76 -41.58 -62.67 -52.31
C PRO L 76 -42.54 -61.78 -51.53
N MET L 77 -42.13 -61.37 -50.33
CA MET L 77 -43.03 -60.66 -49.43
C MET L 77 -43.22 -59.21 -49.82
N PHE L 78 -42.23 -58.57 -50.40
CA PHE L 78 -42.26 -57.13 -50.63
C PHE L 78 -42.38 -56.82 -52.11
N ALA L 79 -43.17 -55.79 -52.41
CA ALA L 79 -43.33 -55.30 -53.77
C ALA L 79 -42.14 -54.44 -54.16
N THR L 80 -42.30 -53.70 -55.24
CA THR L 80 -41.38 -52.65 -55.70
C THR L 80 -40.12 -53.24 -56.31
N SER L 81 -39.93 -54.55 -56.18
CA SER L 81 -38.84 -55.23 -56.87
C SER L 81 -39.30 -55.52 -58.29
N ASP L 82 -38.83 -54.72 -59.24
CA ASP L 82 -39.46 -54.63 -60.56
C ASP L 82 -38.41 -54.74 -61.64
N TYR L 83 -38.57 -55.72 -62.53
CA TYR L 83 -37.80 -55.80 -63.77
C TYR L 83 -38.72 -55.69 -64.99
N SER L 84 -39.78 -56.49 -65.03
CA SER L 84 -40.83 -56.34 -66.04
C SER L 84 -41.98 -55.54 -65.41
N SER L 85 -41.66 -54.30 -65.05
CA SER L 85 -42.64 -53.44 -64.38
C SER L 85 -43.61 -52.85 -65.39
N TRP L 86 -43.13 -52.53 -66.59
CA TRP L 86 -43.96 -51.86 -67.58
C TRP L 86 -45.24 -52.61 -67.90
N ALA L 87 -45.26 -53.92 -67.66
CA ALA L 87 -46.47 -54.70 -67.95
C ALA L 87 -47.37 -54.79 -66.73
N ARG L 88 -46.85 -55.32 -65.63
CA ARG L 88 -47.65 -55.56 -64.44
C ARG L 88 -47.20 -54.65 -63.31
N PRO L 89 -48.10 -54.20 -62.45
CA PRO L 89 -47.66 -53.47 -61.25
C PRO L 89 -47.33 -54.43 -60.12
N THR L 90 -46.12 -54.30 -59.58
CA THR L 90 -45.65 -55.25 -58.59
C THR L 90 -46.42 -55.10 -57.28
N VAL L 91 -46.85 -56.22 -56.71
CA VAL L 91 -47.60 -56.24 -55.47
C VAL L 91 -47.08 -57.31 -54.55
N GLY L 92 -46.68 -56.94 -53.34
CA GLY L 92 -46.16 -57.89 -52.38
C GLY L 92 -47.25 -58.77 -51.81
N LEU L 93 -46.86 -59.62 -50.85
CA LEU L 93 -47.75 -60.54 -50.19
C LEU L 93 -47.47 -60.53 -48.70
N LYS L 94 -48.51 -60.29 -47.90
CA LYS L 94 -48.37 -60.41 -46.45
C LYS L 94 -48.44 -61.87 -46.04
N ARG L 95 -47.38 -62.34 -45.39
CA ARG L 95 -47.30 -63.72 -44.96
C ARG L 95 -48.05 -63.91 -43.64
N THR L 96 -49.32 -63.54 -43.67
CA THR L 96 -50.19 -63.65 -42.49
C THR L 96 -50.43 -65.09 -42.08
N PHE L 97 -50.77 -65.97 -43.02
CA PHE L 97 -50.81 -67.40 -42.76
C PHE L 97 -50.80 -68.16 -44.09
N CYS L 98 -49.79 -69.02 -44.25
CA CYS L 98 -49.71 -69.97 -45.35
C CYS L 98 -49.33 -71.34 -44.78
N PRO L 99 -50.17 -71.92 -43.92
CA PRO L 99 -49.81 -73.18 -43.26
C PRO L 99 -50.36 -74.40 -43.97
N ARG L 100 -49.54 -75.46 -43.97
CA ARG L 100 -49.92 -76.75 -44.55
C ARG L 100 -49.21 -77.88 -43.83
N SER M 2 137.30 -20.96 -73.38
CA SER M 2 136.66 -20.75 -74.67
C SER M 2 137.29 -19.57 -75.40
N PHE M 3 138.02 -18.76 -74.64
CA PHE M 3 138.70 -17.59 -75.18
C PHE M 3 139.62 -17.06 -74.09
N ASP M 4 140.36 -16.00 -74.41
CA ASP M 4 141.18 -15.37 -73.40
C ASP M 4 140.61 -14.03 -73.00
N PRO M 5 140.60 -13.70 -71.71
CA PRO M 5 139.98 -12.43 -71.30
C PRO M 5 140.76 -11.20 -71.71
N ASN M 6 142.10 -11.28 -71.74
CA ASN M 6 142.91 -10.10 -71.99
C ASN M 6 142.74 -9.57 -73.40
N ASN M 7 142.04 -10.31 -74.27
CA ASN M 7 141.73 -9.82 -75.62
C ASN M 7 140.23 -9.87 -75.84
N PRO M 8 139.56 -8.73 -75.94
CA PRO M 8 138.12 -8.75 -76.26
C PRO M 8 137.83 -9.10 -77.71
N ARG M 9 138.79 -8.92 -78.62
CA ARG M 9 138.53 -9.13 -80.04
C ARG M 9 138.34 -10.60 -80.39
N THR M 10 138.52 -11.50 -79.43
CA THR M 10 138.48 -12.93 -79.72
C THR M 10 137.15 -13.60 -79.40
N ILE M 11 136.17 -12.86 -78.85
CA ILE M 11 134.88 -13.48 -78.57
C ILE M 11 133.95 -13.28 -79.75
N THR M 12 133.15 -14.30 -80.03
CA THR M 12 132.22 -14.31 -81.16
C THR M 12 131.31 -15.53 -81.04
N ALA M 13 130.32 -15.58 -81.95
CA ALA M 13 129.37 -16.69 -81.95
C ALA M 13 130.05 -18.05 -82.08
N GLN M 14 131.21 -18.11 -82.74
CA GLN M 14 131.90 -19.39 -82.90
C GLN M 14 132.38 -19.93 -81.56
N THR M 15 132.98 -19.08 -80.73
CA THR M 15 133.51 -19.51 -79.45
C THR M 15 132.48 -19.50 -78.34
N LEU M 16 131.44 -18.67 -78.41
CA LEU M 16 130.44 -18.62 -77.35
C LEU M 16 129.43 -19.76 -77.44
N GLU M 17 129.34 -20.44 -78.58
CA GLU M 17 128.46 -21.59 -78.69
C GLU M 17 128.84 -22.73 -77.75
N GLY M 18 130.03 -22.68 -77.16
CA GLY M 18 130.59 -23.75 -76.38
C GLY M 18 129.68 -24.45 -75.39
N ALA M 19 129.20 -23.73 -74.39
CA ALA M 19 128.50 -24.40 -73.29
C ALA M 19 127.65 -23.38 -72.54
N LEU M 20 127.16 -23.79 -71.37
CA LEU M 20 126.27 -23.04 -70.49
C LEU M 20 126.92 -21.74 -70.01
N PRO M 21 126.15 -20.82 -69.43
CA PRO M 21 126.75 -19.55 -68.96
C PRO M 21 127.83 -19.72 -67.91
N VAL M 22 127.94 -20.87 -67.26
CA VAL M 22 129.01 -21.09 -66.31
C VAL M 22 130.37 -20.93 -66.98
N ASP M 23 130.51 -21.41 -68.22
CA ASP M 23 131.77 -21.27 -68.92
C ASP M 23 132.08 -19.81 -69.21
N ILE M 24 131.09 -19.05 -69.66
CA ILE M 24 131.27 -17.62 -69.88
C ILE M 24 131.75 -16.95 -68.61
N LEU M 25 131.04 -17.18 -67.50
CA LEU M 25 131.34 -16.45 -66.27
C LEU M 25 132.68 -16.86 -65.69
N LEU M 26 133.01 -18.15 -65.74
CA LEU M 26 134.29 -18.60 -65.24
C LEU M 26 135.44 -18.12 -66.10
N ARG M 27 135.24 -18.05 -67.43
CA ARG M 27 136.24 -17.44 -68.28
C ARG M 27 136.48 -15.98 -67.90
N LEU M 28 135.39 -15.23 -67.73
CA LEU M 28 135.53 -13.83 -67.33
C LEU M 28 136.08 -13.69 -65.93
N ASN M 29 136.03 -14.75 -65.14
CA ASN M 29 136.47 -14.68 -63.76
C ASN M 29 137.99 -14.72 -63.61
N ARG M 30 138.70 -15.34 -64.56
CA ARG M 30 140.14 -15.52 -64.46
C ARG M 30 140.90 -14.51 -65.29
N ALA M 31 140.37 -13.31 -65.45
CA ALA M 31 141.07 -12.25 -66.16
C ALA M 31 142.25 -11.75 -65.33
N THR M 32 143.20 -11.10 -65.99
CA THR M 32 144.37 -10.53 -65.32
C THR M 32 145.09 -9.54 -66.22
N ALA M 41 138.99 1.60 -79.62
CA ALA M 41 138.96 1.70 -78.17
C ALA M 41 137.60 1.27 -77.61
N HIS M 42 136.76 2.25 -77.28
CA HIS M 42 135.47 1.91 -76.67
C HIS M 42 134.58 1.12 -77.61
N ALA M 43 134.73 1.28 -78.93
CA ALA M 43 133.91 0.51 -79.85
C ALA M 43 134.23 -0.97 -79.76
N ILE M 44 135.50 -1.31 -79.56
CA ILE M 44 135.89 -2.72 -79.45
C ILE M 44 135.16 -3.37 -78.28
N VAL M 45 135.32 -2.81 -77.09
CA VAL M 45 134.70 -3.39 -75.92
C VAL M 45 133.18 -3.32 -76.02
N GLU M 46 132.64 -2.32 -76.72
CA GLU M 46 131.19 -2.23 -76.84
C GLU M 46 130.64 -3.36 -77.70
N ASP M 47 131.19 -3.54 -78.91
CA ASP M 47 130.79 -4.66 -79.75
C ASP M 47 130.98 -5.99 -79.04
N ALA M 48 132.09 -6.14 -78.29
CA ALA M 48 132.31 -7.38 -77.56
C ALA M 48 131.22 -7.61 -76.54
N ARG M 49 130.83 -6.56 -75.82
CA ARG M 49 129.72 -6.67 -74.88
C ARG M 49 128.44 -7.11 -75.59
N ARG M 50 128.19 -6.57 -76.78
CA ARG M 50 126.96 -6.94 -77.48
C ARG M 50 126.96 -8.42 -77.85
N THR M 51 128.03 -8.89 -78.50
CA THR M 51 128.05 -10.31 -78.88
C THR M 51 128.03 -11.20 -77.64
N LEU M 52 128.66 -10.76 -76.56
CA LEU M 52 128.65 -11.54 -75.32
C LEU M 52 127.23 -11.65 -74.77
N PHE M 53 126.47 -10.55 -74.82
CA PHE M 53 125.07 -10.60 -74.38
C PHE M 53 124.30 -11.62 -75.20
N ILE M 54 124.42 -11.55 -76.53
CA ILE M 54 123.68 -12.50 -77.36
C ILE M 54 124.12 -13.93 -77.06
N GLY M 55 125.42 -14.14 -76.88
CA GLY M 55 125.92 -15.47 -76.59
C GLY M 55 125.38 -16.03 -75.29
N THR M 56 125.33 -15.20 -74.25
CA THR M 56 124.83 -15.69 -72.97
C THR M 56 123.33 -15.94 -73.02
N SER M 57 122.60 -15.16 -73.82
CA SER M 57 121.18 -15.47 -74.02
C SER M 57 121.01 -16.82 -74.71
N LEU M 58 121.83 -17.10 -75.73
CA LEU M 58 121.70 -18.40 -76.40
C LEU M 58 122.08 -19.53 -75.43
N ALA M 59 123.11 -19.31 -74.63
CA ALA M 59 123.49 -20.28 -73.60
C ALA M 59 122.34 -20.53 -72.63
N LEU M 60 121.65 -19.46 -72.23
CA LEU M 60 120.59 -19.63 -71.25
C LEU M 60 119.40 -20.36 -71.86
N VAL M 61 119.09 -20.09 -73.12
CA VAL M 61 117.95 -20.81 -73.71
C VAL M 61 118.32 -22.28 -73.91
N ASN M 62 119.61 -22.56 -74.17
CA ASN M 62 120.03 -23.95 -74.29
C ASN M 62 119.91 -24.67 -72.94
N LEU M 63 120.36 -24.01 -71.87
CA LEU M 63 120.18 -24.58 -70.54
C LEU M 63 118.72 -24.86 -70.25
N ARG M 64 117.84 -23.93 -70.61
CA ARG M 64 116.43 -24.14 -70.33
C ARG M 64 115.88 -25.30 -71.15
N ARG M 65 116.33 -25.46 -72.39
CA ARG M 65 115.95 -26.64 -73.16
C ARG M 65 116.34 -27.91 -72.42
N ALA M 66 117.60 -27.99 -72.00
CA ALA M 66 118.10 -29.19 -71.34
C ALA M 66 117.31 -29.51 -70.08
N HIS M 67 116.97 -28.50 -69.30
CA HIS M 67 116.23 -28.74 -68.07
C HIS M 67 114.73 -28.94 -68.31
N ASP M 68 114.19 -28.38 -69.39
CA ASP M 68 112.78 -28.47 -69.71
C ASP M 68 112.42 -29.77 -70.40
N LYS M 69 113.41 -30.51 -70.89
CA LYS M 69 113.12 -31.86 -71.36
C LYS M 69 112.53 -32.75 -70.28
N HIS M 70 112.48 -32.29 -69.03
CA HIS M 70 111.96 -33.10 -67.93
C HIS M 70 110.82 -32.42 -67.19
N LEU M 71 110.15 -31.45 -67.81
CA LEU M 71 109.13 -30.66 -67.14
C LEU M 71 107.78 -30.81 -67.84
N VAL M 72 106.78 -30.20 -67.21
CA VAL M 72 105.38 -30.24 -67.63
C VAL M 72 105.18 -29.34 -68.83
N GLU M 73 104.16 -29.61 -69.63
CA GLU M 73 103.83 -28.77 -70.77
C GLU M 73 103.33 -27.41 -70.30
N ARG M 74 103.61 -26.38 -71.10
CA ARG M 74 103.34 -25.00 -70.70
C ARG M 74 102.06 -24.53 -71.38
N GLN M 75 101.04 -24.27 -70.57
CA GLN M 75 99.75 -23.86 -71.10
C GLN M 75 99.77 -22.37 -71.43
N PRO M 76 98.79 -21.90 -72.21
CA PRO M 76 98.64 -20.45 -72.40
C PRO M 76 98.07 -19.83 -71.13
N MET M 77 98.71 -18.77 -70.66
CA MET M 77 98.35 -18.20 -69.37
C MET M 77 97.08 -17.35 -69.42
N PHE M 78 96.80 -16.71 -70.54
CA PHE M 78 95.73 -15.74 -70.62
C PHE M 78 94.58 -16.25 -71.48
N ALA M 79 93.37 -15.96 -71.05
CA ALA M 79 92.17 -16.31 -71.80
C ALA M 79 91.96 -15.31 -72.92
N THR M 80 90.75 -15.33 -73.50
CA THR M 80 90.24 -14.35 -74.45
C THR M 80 90.89 -14.52 -75.83
N SER M 81 91.91 -15.37 -75.92
CA SER M 81 92.46 -15.75 -77.22
C SER M 81 91.59 -16.84 -77.80
N ASP M 82 90.73 -16.48 -78.76
CA ASP M 82 89.59 -17.31 -79.14
C ASP M 82 89.53 -17.45 -80.65
N TYR M 83 89.55 -18.69 -81.13
CA TYR M 83 89.25 -19.00 -82.52
C TYR M 83 88.01 -19.91 -82.62
N SER M 84 88.00 -21.01 -81.87
CA SER M 84 86.80 -21.82 -81.72
C SER M 84 86.10 -21.43 -80.42
N SER M 85 85.67 -20.16 -80.39
CA SER M 85 85.03 -19.62 -79.19
C SER M 85 83.58 -20.08 -79.08
N TRP M 86 82.90 -20.19 -80.22
CA TRP M 86 81.48 -20.51 -80.21
C TRP M 86 81.17 -21.81 -79.49
N ALA M 87 82.14 -22.71 -79.34
CA ALA M 87 81.88 -23.96 -78.65
C ALA M 87 82.24 -23.86 -77.17
N ARG M 88 83.48 -23.50 -76.86
CA ARG M 88 83.94 -23.48 -75.49
C ARG M 88 84.25 -22.05 -75.07
N PRO M 89 84.04 -21.69 -73.81
CA PRO M 89 84.48 -20.37 -73.33
C PRO M 89 85.93 -20.42 -72.88
N THR M 90 86.74 -19.53 -73.44
CA THR M 90 88.17 -19.58 -73.18
C THR M 90 88.48 -19.17 -71.74
N VAL M 91 89.34 -19.95 -71.09
CA VAL M 91 89.70 -19.70 -69.70
C VAL M 91 91.21 -19.86 -69.53
N GLY M 92 91.87 -18.81 -69.03
CA GLY M 92 93.30 -18.86 -68.83
C GLY M 92 93.69 -19.74 -67.66
N LEU M 93 94.99 -19.75 -67.37
CA LEU M 93 95.54 -20.55 -66.27
C LEU M 93 96.55 -19.70 -65.51
N LYS M 94 96.37 -19.60 -64.20
CA LYS M 94 97.36 -18.93 -63.36
C LYS M 94 98.52 -19.87 -63.10
N ARG M 95 99.72 -19.46 -63.49
CA ARG M 95 100.91 -20.29 -63.31
C ARG M 95 101.46 -20.13 -61.89
N THR M 96 100.58 -20.42 -60.93
CA THR M 96 100.93 -20.32 -59.51
C THR M 96 101.99 -21.33 -59.11
N PHE M 97 101.84 -22.60 -59.49
CA PHE M 97 102.90 -23.59 -59.33
C PHE M 97 102.61 -24.79 -60.23
N CYS M 98 103.56 -25.07 -61.12
CA CYS M 98 103.56 -26.29 -61.92
C CYS M 98 104.97 -26.89 -61.89
N PRO M 99 105.44 -27.29 -60.71
CA PRO M 99 106.82 -27.78 -60.59
C PRO M 99 106.93 -29.29 -60.68
N ARG M 100 108.01 -29.74 -61.32
CA ARG M 100 108.32 -31.16 -61.45
C ARG M 100 109.82 -31.38 -61.56
N SER N 2 88.37 -37.16 -83.32
CA SER N 2 87.02 -37.66 -83.56
C SER N 2 86.36 -36.89 -84.68
N PHE N 3 86.93 -35.72 -85.00
CA PHE N 3 86.42 -34.86 -86.06
C PHE N 3 87.45 -33.78 -86.29
N ASP N 4 87.18 -32.90 -87.26
CA ASP N 4 88.07 -31.78 -87.49
C ASP N 4 87.41 -30.50 -87.04
N PRO N 5 88.14 -29.60 -86.37
CA PRO N 5 87.50 -28.38 -85.86
C PRO N 5 87.12 -27.39 -86.94
N ASN N 6 87.89 -27.32 -88.03
CA ASN N 6 87.64 -26.29 -89.04
C ASN N 6 86.34 -26.50 -89.78
N ASN N 7 85.68 -27.64 -89.57
CA ASN N 7 84.36 -27.89 -90.15
C ASN N 7 83.37 -28.22 -89.05
N PRO N 8 82.40 -27.36 -88.76
CA PRO N 8 81.38 -27.71 -87.77
C PRO N 8 80.37 -28.73 -88.27
N ARG N 9 80.20 -28.88 -89.58
CA ARG N 9 79.18 -29.76 -90.13
C ARG N 9 79.49 -31.23 -89.90
N THR N 10 80.66 -31.55 -89.35
CA THR N 10 81.08 -32.94 -89.23
C THR N 10 80.83 -33.54 -87.85
N ILE N 11 80.33 -32.76 -86.89
CA ILE N 11 80.06 -33.33 -85.58
C ILE N 11 78.63 -33.83 -85.51
N THR N 12 78.44 -34.96 -84.83
CA THR N 12 77.13 -35.60 -84.69
C THR N 12 77.24 -36.74 -83.68
N ALA N 13 76.10 -37.34 -83.37
CA ALA N 13 76.04 -38.42 -82.40
C ALA N 13 76.95 -39.58 -82.78
N GLN N 14 77.19 -39.80 -84.07
CA GLN N 14 78.04 -40.91 -84.50
C GLN N 14 79.48 -40.69 -84.05
N THR N 15 80.01 -39.49 -84.23
CA THR N 15 81.40 -39.20 -83.87
C THR N 15 81.57 -38.81 -82.41
N LEU N 16 80.54 -38.24 -81.77
CA LEU N 16 80.69 -37.84 -80.38
C LEU N 16 80.56 -39.00 -79.40
N GLU N 17 80.04 -40.14 -79.84
CA GLU N 17 79.97 -41.30 -78.97
C GLU N 17 81.35 -41.81 -78.56
N GLY N 18 82.41 -41.34 -79.21
CA GLY N 18 83.75 -41.85 -79.04
C GLY N 18 84.23 -42.11 -77.64
N ALA N 19 84.32 -41.08 -76.80
CA ALA N 19 84.98 -41.24 -75.51
C ALA N 19 84.55 -40.11 -74.59
N LEU N 20 85.25 -39.98 -73.47
CA LEU N 20 85.03 -39.02 -72.39
C LEU N 20 85.14 -37.58 -72.88
N PRO N 21 84.68 -36.60 -72.10
CA PRO N 21 84.77 -35.20 -72.55
C PRO N 21 86.19 -34.72 -72.82
N VAL N 22 87.22 -35.41 -72.33
CA VAL N 22 88.59 -35.02 -72.64
C VAL N 22 88.82 -35.02 -74.14
N ASP N 23 88.26 -36.00 -74.86
CA ASP N 23 88.44 -36.05 -76.30
C ASP N 23 87.76 -34.87 -76.97
N ILE N 24 86.54 -34.54 -76.55
CA ILE N 24 85.85 -33.36 -77.08
C ILE N 24 86.70 -32.12 -76.87
N LEU N 25 87.16 -31.90 -75.65
CA LEU N 25 87.85 -30.65 -75.33
C LEU N 25 89.20 -30.57 -76.03
N LEU N 26 89.93 -31.68 -76.10
CA LEU N 26 91.21 -31.68 -76.78
C LEU N 26 91.05 -31.50 -78.28
N ARG N 27 90.00 -32.09 -78.87
CA ARG N 27 89.70 -31.83 -80.26
C ARG N 27 89.44 -30.35 -80.49
N LEU N 28 88.60 -29.74 -79.66
CA LEU N 28 88.32 -28.32 -79.80
C LEU N 28 89.54 -27.46 -79.49
N ASN N 29 90.54 -28.03 -78.82
CA ASN N 29 91.71 -27.28 -78.42
C ASN N 29 92.68 -27.05 -79.57
N ARG N 30 92.71 -27.94 -80.56
CA ARG N 30 93.69 -27.87 -81.65
C ARG N 30 93.10 -27.28 -82.92
N ALA N 31 92.14 -26.37 -82.78
CA ALA N 31 91.58 -25.69 -83.93
C ALA N 31 92.60 -24.72 -84.51
N THR N 32 92.39 -24.33 -85.77
CA THR N 32 93.26 -23.38 -86.44
C THR N 32 92.61 -22.84 -87.70
N ALA N 41 74.90 -20.10 -92.17
CA ALA N 41 75.84 -19.34 -91.36
C ALA N 41 75.64 -19.63 -89.88
N HIS N 42 74.95 -18.73 -89.17
CA HIS N 42 74.79 -18.90 -87.74
C HIS N 42 74.00 -20.15 -87.39
N ALA N 43 73.10 -20.60 -88.27
CA ALA N 43 72.35 -21.82 -87.99
C ALA N 43 73.26 -23.03 -87.94
N ILE N 44 74.27 -23.07 -88.79
CA ILE N 44 75.20 -24.20 -88.80
C ILE N 44 75.88 -24.32 -87.44
N VAL N 45 76.54 -23.25 -87.00
CA VAL N 45 77.25 -23.29 -85.73
C VAL N 45 76.29 -23.47 -84.58
N GLU N 46 75.05 -22.99 -84.71
CA GLU N 46 74.09 -23.15 -83.62
C GLU N 46 73.70 -24.62 -83.44
N ASP N 47 73.26 -25.26 -84.53
CA ASP N 47 72.95 -26.69 -84.47
C ASP N 47 74.16 -27.50 -84.00
N ALA N 48 75.36 -27.14 -84.46
CA ALA N 48 76.55 -27.85 -84.01
C ALA N 48 76.74 -27.71 -82.51
N ARG N 49 76.54 -26.50 -81.98
CA ARG N 49 76.60 -26.31 -80.54
C ARG N 49 75.59 -27.19 -79.82
N ARG N 50 74.38 -27.29 -80.37
CA ARG N 50 73.36 -28.11 -79.71
C ARG N 50 73.78 -29.57 -79.64
N THR N 51 74.15 -30.16 -80.79
CA THR N 51 74.54 -31.56 -80.76
C THR N 51 75.78 -31.78 -79.91
N LEU N 52 76.69 -30.80 -79.89
CA LEU N 52 77.88 -30.91 -79.05
C LEU N 52 77.50 -30.92 -77.57
N PHE N 53 76.54 -30.09 -77.17
CA PHE N 53 76.07 -30.11 -75.80
C PHE N 53 75.53 -31.49 -75.43
N ILE N 54 74.64 -32.03 -76.28
CA ILE N 54 74.08 -33.34 -75.98
C ILE N 54 75.18 -34.39 -75.91
N GLY N 55 76.14 -34.33 -76.83
CA GLY N 55 77.22 -35.29 -76.84
C GLY N 55 78.06 -35.24 -75.59
N THR N 56 78.38 -34.04 -75.11
CA THR N 56 79.19 -33.94 -73.90
C THR N 56 78.41 -34.37 -72.67
N SER N 57 77.10 -34.15 -72.65
CA SER N 57 76.29 -34.69 -71.57
C SER N 57 76.33 -36.22 -71.57
N LEU N 58 76.21 -36.83 -72.74
CA LEU N 58 76.27 -38.30 -72.78
C LEU N 58 77.65 -38.80 -72.35
N ALA N 59 78.70 -38.10 -72.79
CA ALA N 59 80.06 -38.42 -72.35
C ALA N 59 80.19 -38.32 -70.84
N LEU N 60 79.59 -37.30 -70.23
CA LEU N 60 79.73 -37.11 -68.80
C LEU N 60 78.97 -38.19 -68.05
N VAL N 61 77.80 -38.60 -68.55
CA VAL N 61 77.08 -39.63 -67.81
C VAL N 61 77.80 -40.96 -67.97
N ASN N 62 78.48 -41.17 -69.10
CA ASN N 62 79.26 -42.39 -69.25
C ASN N 62 80.45 -42.41 -68.29
N LEU N 63 81.14 -41.27 -68.18
CA LEU N 63 82.21 -41.17 -67.20
C LEU N 63 81.72 -41.46 -65.79
N ARG N 64 80.54 -40.93 -65.44
CA ARG N 64 80.02 -41.17 -64.11
C ARG N 64 79.67 -42.64 -63.90
N ARG N 65 79.14 -43.30 -64.93
CA ARG N 65 78.93 -44.74 -64.85
C ARG N 65 80.23 -45.45 -64.52
N ALA N 66 81.28 -45.17 -65.30
CA ALA N 66 82.55 -45.85 -65.14
C ALA N 66 83.11 -45.64 -63.73
N HIS N 67 83.00 -44.43 -63.20
CA HIS N 67 83.54 -44.17 -61.87
C HIS N 67 82.61 -44.63 -60.75
N ASP N 68 81.31 -44.73 -61.02
CA ASP N 68 80.32 -45.13 -60.02
C ASP N 68 80.23 -46.64 -59.88
N LYS N 69 80.78 -47.38 -60.83
CA LYS N 69 80.91 -48.82 -60.63
C LYS N 69 81.71 -49.18 -59.38
N HIS N 70 82.34 -48.20 -58.72
CA HIS N 70 83.17 -48.45 -57.55
C HIS N 70 82.71 -47.67 -56.33
N LEU N 71 81.48 -47.19 -56.31
CA LEU N 71 81.00 -46.31 -55.25
C LEU N 71 79.82 -46.94 -54.50
N VAL N 72 79.41 -46.24 -53.46
CA VAL N 72 78.35 -46.65 -52.54
C VAL N 72 76.99 -46.44 -53.22
N GLU N 73 75.98 -47.18 -52.77
CA GLU N 73 74.63 -47.02 -53.29
C GLU N 73 74.06 -45.68 -52.87
N ARG N 74 73.22 -45.12 -53.72
CA ARG N 74 72.71 -43.75 -53.53
C ARG N 74 71.30 -43.82 -52.95
N GLN N 75 71.16 -43.34 -51.71
CA GLN N 75 69.88 -43.40 -51.03
C GLN N 75 68.99 -42.25 -51.49
N PRO N 76 67.69 -42.32 -51.22
CA PRO N 76 66.81 -41.16 -51.46
C PRO N 76 67.08 -40.10 -50.40
N MET N 77 67.31 -38.86 -50.85
CA MET N 77 67.73 -37.81 -49.94
C MET N 77 66.60 -37.25 -49.10
N PHE N 78 65.37 -37.25 -49.61
CA PHE N 78 64.27 -36.57 -48.95
C PHE N 78 63.25 -37.57 -48.41
N ALA N 79 62.73 -37.27 -47.24
CA ALA N 79 61.70 -38.07 -46.61
C ALA N 79 60.34 -37.75 -47.24
N THR N 80 59.28 -38.19 -46.58
CA THR N 80 57.89 -37.84 -46.88
C THR N 80 57.38 -38.55 -48.13
N SER N 81 58.27 -39.22 -48.85
CA SER N 81 57.87 -40.07 -49.96
C SER N 81 57.46 -41.42 -49.37
N ASP N 82 56.15 -41.65 -49.28
CA ASP N 82 55.62 -42.70 -48.41
C ASP N 82 54.60 -43.53 -49.18
N TYR N 83 54.84 -44.84 -49.24
CA TYR N 83 53.86 -45.80 -49.72
C TYR N 83 53.49 -46.80 -48.60
N SER N 84 54.49 -47.41 -47.98
CA SER N 84 54.27 -48.21 -46.77
C SER N 84 54.59 -47.35 -45.55
N SER N 85 53.81 -46.28 -45.42
CA SER N 85 54.03 -45.33 -44.32
C SER N 85 53.48 -45.86 -43.01
N TRP N 86 52.36 -46.58 -43.06
CA TRP N 86 51.70 -47.04 -41.85
C TRP N 86 52.61 -47.88 -40.96
N ALA N 87 53.66 -48.47 -41.52
CA ALA N 87 54.56 -49.27 -40.70
C ALA N 87 55.73 -48.45 -40.18
N ARG N 88 56.48 -47.84 -41.09
CA ARG N 88 57.68 -47.11 -40.70
C ARG N 88 57.51 -45.62 -40.97
N PRO N 89 58.09 -44.75 -40.16
CA PRO N 89 58.07 -43.32 -40.48
C PRO N 89 59.24 -42.97 -41.41
N THR N 90 58.91 -42.35 -42.54
CA THR N 90 59.93 -42.08 -43.55
C THR N 90 60.92 -41.02 -43.07
N VAL N 91 62.20 -41.29 -43.26
CA VAL N 91 63.26 -40.38 -42.84
C VAL N 91 64.30 -40.24 -43.95
N GLY N 92 64.55 -39.02 -44.38
CA GLY N 92 65.52 -38.78 -45.42
C GLY N 92 66.95 -38.95 -44.94
N LEU N 93 67.90 -38.67 -45.83
CA LEU N 93 69.32 -38.78 -45.53
C LEU N 93 70.04 -37.55 -46.07
N LYS N 94 70.79 -36.87 -45.22
CA LYS N 94 71.62 -35.78 -45.68
C LYS N 94 72.90 -36.33 -46.30
N ARG N 95 73.13 -36.00 -47.57
CA ARG N 95 74.30 -36.48 -48.29
C ARG N 95 75.52 -35.62 -47.96
N THR N 96 75.81 -35.52 -46.67
CA THR N 96 76.94 -34.75 -46.20
C THR N 96 78.27 -35.30 -46.65
N PHE N 97 78.49 -36.61 -46.51
CA PHE N 97 79.65 -37.27 -47.10
C PHE N 97 79.40 -38.77 -47.15
N CYS N 98 79.46 -39.32 -48.37
CA CYS N 98 79.45 -40.76 -48.61
C CYS N 98 80.55 -41.09 -49.62
N PRO N 99 81.81 -40.83 -49.28
CA PRO N 99 82.90 -41.02 -50.24
C PRO N 99 83.58 -42.37 -50.12
N ARG N 100 83.95 -42.93 -51.26
CA ARG N 100 84.67 -44.20 -51.33
C ARG N 100 85.56 -44.25 -52.58
N SER O 2 60.91 -62.40 -46.24
CA SER O 2 60.22 -63.13 -45.17
C SER O 2 58.72 -63.05 -45.38
N PHE O 3 58.29 -62.10 -46.19
CA PHE O 3 56.88 -61.89 -46.49
C PHE O 3 56.80 -60.90 -47.64
N ASP O 4 55.58 -60.61 -48.08
CA ASP O 4 55.41 -59.60 -49.11
C ASP O 4 54.78 -58.35 -48.52
N PRO O 5 55.25 -57.17 -48.90
CA PRO O 5 54.71 -55.95 -48.27
C PRO O 5 53.29 -55.62 -48.72
N ASN O 6 52.92 -55.94 -49.96
CA ASN O 6 51.62 -55.53 -50.48
C ASN O 6 50.47 -56.24 -49.77
N ASN O 7 50.77 -57.23 -48.93
CA ASN O 7 49.74 -57.89 -48.14
C ASN O 7 50.11 -57.83 -46.66
N PRO O 8 49.39 -57.07 -45.85
CA PRO O 8 49.67 -57.06 -44.41
C PRO O 8 49.22 -58.32 -43.70
N ARG O 9 48.28 -59.08 -44.26
CA ARG O 9 47.72 -60.23 -43.57
C ARG O 9 48.71 -61.39 -43.48
N THR O 10 49.89 -61.26 -44.08
CA THR O 10 50.83 -62.38 -44.15
C THR O 10 51.92 -62.31 -43.09
N ILE O 11 51.99 -61.25 -42.28
CA ILE O 11 53.01 -61.19 -41.25
C ILE O 11 52.48 -61.80 -39.95
N THR O 12 53.36 -62.51 -39.24
CA THR O 12 53.02 -63.20 -38.01
C THR O 12 54.29 -63.71 -37.36
N ALA O 13 54.14 -64.26 -36.15
CA ALA O 13 55.29 -64.78 -35.41
C ALA O 13 56.05 -65.85 -36.18
N GLN O 14 55.37 -66.60 -37.05
CA GLN O 14 56.04 -67.65 -37.80
C GLN O 14 57.06 -67.06 -38.78
N THR O 15 56.68 -66.00 -39.50
CA THR O 15 57.56 -65.40 -40.49
C THR O 15 58.51 -64.37 -39.89
N LEU O 16 58.14 -63.72 -38.79
CA LEU O 16 59.01 -62.71 -38.20
C LEU O 16 60.14 -63.30 -37.38
N GLU O 17 60.06 -64.58 -37.01
CA GLU O 17 61.16 -65.22 -36.30
C GLU O 17 62.44 -65.29 -37.12
N GLY O 18 62.35 -65.02 -38.42
CA GLY O 18 63.45 -65.22 -39.36
C GLY O 18 64.82 -64.74 -38.93
N ALA O 19 64.99 -63.44 -38.71
CA ALA O 19 66.34 -62.91 -38.52
C ALA O 19 66.24 -61.55 -37.83
N LEU O 20 67.36 -60.83 -37.82
CA LEU O 20 67.55 -59.53 -37.18
C LEU O 20 66.62 -58.47 -37.78
N PRO O 21 66.48 -57.31 -37.13
CA PRO O 21 65.59 -56.27 -37.66
C PRO O 21 65.97 -55.77 -39.05
N VAL O 22 67.19 -56.02 -39.52
CA VAL O 22 67.56 -55.64 -40.87
C VAL O 22 66.63 -56.29 -41.89
N ASP O 23 66.26 -57.55 -41.67
CA ASP O 23 65.37 -58.23 -42.61
C ASP O 23 63.99 -57.59 -42.60
N ILE O 24 63.47 -57.26 -41.42
CA ILE O 24 62.19 -56.57 -41.32
C ILE O 24 62.25 -55.27 -42.10
N LEU O 25 63.26 -54.45 -41.85
CA LEU O 25 63.31 -53.11 -42.43
C LEU O 25 63.52 -53.16 -43.94
N LEU O 26 64.38 -54.08 -44.39
CA LEU O 26 64.62 -54.21 -45.83
C LEU O 26 63.40 -54.77 -46.55
N ARG O 27 62.67 -55.69 -45.91
CA ARG O 27 61.40 -56.13 -46.47
C ARG O 27 60.43 -54.98 -46.62
N LEU O 28 60.28 -54.17 -45.57
CA LEU O 28 59.39 -53.02 -45.64
C LEU O 28 59.89 -51.96 -46.60
N ASN O 29 61.18 -52.02 -46.96
CA ASN O 29 61.76 -51.01 -47.82
C ASN O 29 61.40 -51.21 -49.29
N ARG O 30 61.12 -52.43 -49.72
CA ARG O 30 60.87 -52.73 -51.13
C ARG O 30 59.39 -52.86 -51.43
N ALA O 31 58.55 -52.14 -50.71
CA ALA O 31 57.12 -52.14 -50.98
C ALA O 31 56.84 -51.41 -52.30
N THR O 32 55.66 -51.66 -52.87
CA THR O 32 55.25 -51.01 -54.11
C THR O 32 53.76 -51.20 -54.35
N ALA O 41 39.58 -53.25 -42.70
CA ALA O 41 40.33 -52.08 -43.14
C ALA O 41 41.40 -51.70 -42.13
N HIS O 42 41.10 -50.69 -41.31
CA HIS O 42 42.10 -50.20 -40.36
C HIS O 42 42.46 -51.25 -39.32
N ALA O 43 41.55 -52.17 -39.01
CA ALA O 43 41.87 -53.20 -38.03
C ALA O 43 42.96 -54.12 -38.56
N ILE O 44 42.94 -54.42 -39.87
CA ILE O 44 43.96 -55.29 -40.45
C ILE O 44 45.34 -54.69 -40.24
N VAL O 45 45.53 -53.45 -40.72
CA VAL O 45 46.83 -52.82 -40.60
C VAL O 45 47.19 -52.59 -39.14
N GLU O 46 46.20 -52.39 -38.27
CA GLU O 46 46.50 -52.17 -36.86
C GLU O 46 47.07 -53.43 -36.22
N ASP O 47 46.35 -54.55 -36.35
CA ASP O 47 46.85 -55.82 -35.85
C ASP O 47 48.22 -56.15 -36.44
N ALA O 48 48.41 -55.88 -37.73
CA ALA O 48 49.70 -56.14 -38.36
C ALA O 48 50.80 -55.31 -37.72
N ARG O 49 50.51 -54.03 -37.45
CA ARG O 49 51.47 -53.19 -36.74
C ARG O 49 51.80 -53.77 -35.37
N ARG O 50 50.80 -54.29 -34.66
CA ARG O 50 51.06 -54.85 -33.34
C ARG O 50 52.00 -56.05 -33.41
N THR O 51 51.67 -57.02 -34.26
CA THR O 51 52.53 -58.20 -34.34
C THR O 51 53.91 -57.83 -34.86
N LEU O 52 53.99 -56.83 -35.75
CA LEU O 52 55.29 -56.39 -36.25
C LEU O 52 56.13 -55.79 -35.12
N PHE O 53 55.49 -55.00 -34.24
CA PHE O 53 56.21 -54.45 -33.10
C PHE O 53 56.77 -55.57 -32.24
N ILE O 54 55.94 -56.56 -31.90
CA ILE O 54 56.42 -57.65 -31.06
C ILE O 54 57.55 -58.40 -31.77
N GLY O 55 57.41 -58.63 -33.07
CA GLY O 55 58.43 -59.34 -33.81
C GLY O 55 59.76 -58.60 -33.81
N THR O 56 59.73 -57.28 -34.00
CA THR O 56 60.98 -56.53 -34.02
C THR O 56 61.61 -56.46 -32.64
N SER O 57 60.79 -56.44 -31.59
CA SER O 57 61.35 -56.53 -30.25
C SER O 57 62.05 -57.87 -30.03
N LEU O 58 61.43 -58.97 -30.48
CA LEU O 58 62.10 -60.27 -30.33
C LEU O 58 63.38 -60.32 -31.15
N ALA O 59 63.36 -59.76 -32.36
CA ALA O 59 64.56 -59.66 -33.18
C ALA O 59 65.65 -58.87 -32.47
N LEU O 60 65.27 -57.78 -31.81
CA LEU O 60 66.28 -56.94 -31.16
C LEU O 60 66.87 -57.64 -29.96
N VAL O 61 66.05 -58.39 -29.21
CA VAL O 61 66.63 -59.07 -28.05
C VAL O 61 67.52 -60.22 -28.53
N ASN O 62 67.18 -60.82 -29.67
CA ASN O 62 68.06 -61.85 -30.21
C ASN O 62 69.40 -61.27 -30.65
N LEU O 63 69.36 -60.12 -31.34
CA LEU O 63 70.60 -59.44 -31.69
C LEU O 63 71.44 -59.13 -30.47
N ARG O 64 70.79 -58.66 -29.39
CA ARG O 64 71.55 -58.34 -28.18
C ARG O 64 72.16 -59.59 -27.57
N ARG O 65 71.44 -60.71 -27.59
CA ARG O 65 72.03 -61.96 -27.14
C ARG O 65 73.29 -62.27 -27.93
N ALA O 66 73.20 -62.23 -29.26
CA ALA O 66 74.33 -62.57 -30.10
C ALA O 66 75.54 -61.68 -29.83
N HIS O 67 75.30 -60.39 -29.63
CA HIS O 67 76.41 -59.48 -29.38
C HIS O 67 76.89 -59.51 -27.93
N ASP O 68 76.02 -59.89 -26.99
CA ASP O 68 76.35 -59.92 -25.58
C ASP O 68 77.07 -61.20 -25.18
N LYS O 69 77.06 -62.21 -26.05
CA LYS O 69 77.91 -63.37 -25.81
C LYS O 69 79.38 -63.00 -25.73
N HIS O 70 79.75 -61.75 -26.04
CA HIS O 70 81.15 -61.34 -26.03
C HIS O 70 81.40 -60.15 -25.12
N LEU O 71 80.52 -59.89 -24.16
CA LEU O 71 80.60 -58.71 -23.32
C LEU O 71 80.75 -59.08 -21.85
N VAL O 72 80.95 -58.04 -21.05
CA VAL O 72 81.19 -58.14 -19.60
C VAL O 72 79.86 -58.44 -18.90
N GLU O 73 79.95 -59.03 -17.71
CA GLU O 73 78.76 -59.31 -16.91
C GLU O 73 78.14 -58.02 -16.42
N ARG O 74 76.81 -58.02 -16.29
CA ARG O 74 76.06 -56.80 -15.98
C ARG O 74 75.72 -56.79 -14.49
N GLN O 75 76.29 -55.83 -13.77
CA GLN O 75 76.09 -55.74 -12.33
C GLN O 75 74.75 -55.06 -12.03
N PRO O 76 74.25 -55.19 -10.81
CA PRO O 76 73.09 -54.38 -10.41
C PRO O 76 73.49 -52.94 -10.22
N MET O 77 72.76 -52.02 -10.82
CA MET O 77 73.15 -50.62 -10.85
C MET O 77 72.87 -49.91 -9.54
N PHE O 78 71.83 -50.30 -8.81
CA PHE O 78 71.37 -49.56 -7.65
C PHE O 78 71.64 -50.33 -6.36
N ALA O 79 72.04 -49.60 -5.34
CA ALA O 79 72.26 -50.17 -4.01
C ALA O 79 70.93 -50.35 -3.31
N THR O 80 71.00 -50.58 -2.00
CA THR O 80 69.86 -50.60 -1.08
C THR O 80 69.03 -51.87 -1.23
N SER O 81 69.30 -52.66 -2.27
CA SER O 81 68.69 -53.97 -2.40
C SER O 81 69.48 -54.95 -1.54
N ASP O 82 68.92 -55.29 -0.38
CA ASP O 82 69.71 -55.89 0.70
C ASP O 82 68.98 -57.11 1.24
N TYR O 83 69.65 -58.26 1.21
CA TYR O 83 69.21 -59.46 1.92
C TYR O 83 70.23 -59.87 2.98
N SER O 84 71.49 -59.99 2.60
CA SER O 84 72.57 -60.17 3.56
C SER O 84 73.22 -58.82 3.83
N SER O 85 72.41 -57.93 4.40
CA SER O 85 72.86 -56.57 4.66
C SER O 85 73.72 -56.50 5.91
N TRP O 86 73.38 -57.31 6.92
CA TRP O 86 74.07 -57.26 8.20
C TRP O 86 75.57 -57.47 8.08
N ALA O 87 76.04 -58.10 7.00
CA ALA O 87 77.47 -58.31 6.83
C ALA O 87 78.12 -57.19 6.03
N ARG O 88 77.62 -56.95 4.82
CA ARG O 88 78.24 -55.99 3.93
C ARG O 88 77.28 -54.83 3.69
N PRO O 89 77.78 -53.61 3.52
CA PRO O 89 76.90 -52.50 3.13
C PRO O 89 76.74 -52.45 1.62
N THR O 90 75.49 -52.46 1.17
CA THR O 90 75.23 -52.55 -0.27
C THR O 90 75.64 -51.26 -0.97
N VAL O 91 76.33 -51.41 -2.09
CA VAL O 91 76.81 -50.27 -2.88
C VAL O 91 76.55 -50.50 -4.35
N GLY O 92 75.83 -49.59 -4.99
CA GLY O 92 75.53 -49.72 -6.40
C GLY O 92 76.74 -49.46 -7.28
N LEU O 93 76.52 -49.48 -8.58
CA LEU O 93 77.56 -49.25 -9.57
C LEU O 93 77.02 -48.33 -10.66
N LYS O 94 77.74 -47.23 -10.91
CA LYS O 94 77.39 -46.36 -12.03
C LYS O 94 77.91 -46.96 -13.32
N ARG O 95 77.00 -47.21 -14.26
CA ARG O 95 77.36 -47.80 -15.54
C ARG O 95 77.87 -46.73 -16.49
N THR O 96 78.91 -46.03 -16.04
CA THR O 96 79.51 -44.96 -16.82
C THR O 96 80.18 -45.48 -18.08
N PHE O 97 80.98 -46.53 -17.98
CA PHE O 97 81.51 -47.23 -19.16
C PHE O 97 82.02 -48.61 -18.75
N CYS O 98 81.44 -49.64 -19.37
CA CYS O 98 81.92 -51.01 -19.28
C CYS O 98 81.96 -51.61 -20.69
N PRO O 99 82.79 -51.05 -21.57
CA PRO O 99 82.80 -51.52 -22.96
C PRO O 99 83.87 -52.55 -23.23
N ARG O 100 83.52 -53.52 -24.09
CA ARG O 100 84.44 -54.56 -24.52
C ARG O 100 84.08 -55.05 -25.92
N SER P 2 131.62 -55.14 11.01
CA SER P 2 132.99 -54.68 11.22
C SER P 2 133.27 -54.49 12.71
N PHE P 3 132.20 -54.41 13.48
CA PHE P 3 132.27 -54.23 14.93
C PHE P 3 130.88 -54.44 15.49
N ASP P 4 130.77 -54.35 16.81
CA ASP P 4 129.45 -54.45 17.42
C ASP P 4 129.02 -53.09 17.95
N PRO P 5 127.76 -52.70 17.76
CA PRO P 5 127.34 -51.36 18.19
C PRO P 5 127.26 -51.21 19.71
N ASN P 6 126.90 -52.27 20.42
CA ASN P 6 126.67 -52.15 21.86
C ASN P 6 127.96 -51.84 22.63
N ASN P 7 129.11 -51.91 21.97
CA ASN P 7 130.37 -51.53 22.59
C ASN P 7 131.06 -50.47 21.75
N PRO P 8 131.16 -49.23 22.24
CA PRO P 8 131.90 -48.20 21.48
C PRO P 8 133.40 -48.39 21.53
N ARG P 9 133.93 -49.11 22.53
CA ARG P 9 135.37 -49.22 22.70
C ARG P 9 136.02 -50.08 21.61
N THR P 10 135.23 -50.68 20.73
CA THR P 10 135.77 -51.61 19.75
C THR P 10 136.00 -51.00 18.37
N ILE P 11 135.64 -49.74 18.17
CA ILE P 11 135.89 -49.12 16.86
C ILE P 11 137.25 -48.43 16.85
N THR P 12 137.94 -48.53 15.72
CA THR P 12 139.28 -47.98 15.54
C THR P 12 139.67 -48.07 14.08
N ALA P 13 140.82 -47.48 13.76
CA ALA P 13 141.32 -47.48 12.39
C ALA P 13 141.46 -48.89 11.82
N GLN P 14 141.74 -49.87 12.66
CA GLN P 14 141.91 -51.25 12.18
C GLN P 14 140.60 -51.80 11.61
N THR P 15 139.49 -51.58 12.32
CA THR P 15 138.20 -52.11 11.89
C THR P 15 137.47 -51.19 10.92
N LEU P 16 137.73 -49.88 10.96
CA LEU P 16 137.03 -48.98 10.06
C LEU P 16 137.63 -48.95 8.65
N GLU P 17 138.83 -49.48 8.47
CA GLU P 17 139.41 -49.57 7.14
C GLU P 17 138.62 -50.48 6.21
N GLY P 18 137.70 -51.26 6.75
CA GLY P 18 136.98 -52.29 6.02
C GLY P 18 136.46 -51.94 4.64
N ALA P 19 135.54 -50.98 4.56
CA ALA P 19 134.85 -50.76 3.29
C ALA P 19 134.23 -49.36 3.29
N LEU P 20 133.37 -49.11 2.33
CA LEU P 20 132.67 -47.85 2.07
C LEU P 20 131.80 -47.44 3.25
N PRO P 21 131.33 -46.18 3.29
CA PRO P 21 130.49 -45.76 4.43
C PRO P 21 129.20 -46.54 4.58
N VAL P 22 128.76 -47.30 3.57
CA VAL P 22 127.57 -48.13 3.72
C VAL P 22 127.77 -49.13 4.85
N ASP P 23 128.97 -49.69 4.99
CA ASP P 23 129.21 -50.65 6.06
C ASP P 23 129.12 -49.96 7.43
N ILE P 24 129.71 -48.77 7.56
CA ILE P 24 129.61 -48.01 8.80
C ILE P 24 128.15 -47.77 9.15
N LEU P 25 127.37 -47.26 8.20
CA LEU P 25 126.01 -46.86 8.50
C LEU P 25 125.12 -48.06 8.79
N LEU P 26 125.31 -49.15 8.04
CA LEU P 26 124.51 -50.35 8.29
C LEU P 26 124.88 -51.00 9.62
N ARG P 27 126.16 -50.97 9.98
CA ARG P 27 126.56 -51.44 11.31
C ARG P 27 125.88 -50.61 12.39
N LEU P 28 125.91 -49.29 12.26
CA LEU P 28 125.25 -48.44 13.24
C LEU P 28 123.74 -48.59 13.21
N ASN P 29 123.20 -49.14 12.13
CA ASN P 29 121.76 -49.25 11.98
C ASN P 29 121.17 -50.40 12.79
N ARG P 30 121.94 -51.44 13.06
CA ARG P 30 121.44 -52.64 13.73
C ARG P 30 121.81 -52.67 15.21
N ALA P 31 121.91 -51.50 15.84
CA ALA P 31 122.17 -51.43 17.27
C ALA P 31 120.94 -51.89 18.04
N THR P 32 121.16 -52.26 19.31
CA THR P 32 120.07 -52.69 20.18
C THR P 32 120.50 -52.69 21.63
N ALA P 41 132.94 -42.55 30.78
CA ALA P 41 131.57 -42.29 30.35
C ALA P 41 131.55 -41.48 29.05
N HIS P 42 131.33 -40.18 29.16
CA HIS P 42 131.20 -39.35 27.97
C HIS P 42 132.50 -39.31 27.17
N ALA P 43 133.66 -39.48 27.81
CA ALA P 43 134.91 -39.47 27.07
C ALA P 43 134.99 -40.67 26.13
N ILE P 44 134.47 -41.83 26.55
CA ILE P 44 134.49 -43.01 25.71
C ILE P 44 133.75 -42.74 24.41
N VAL P 45 132.48 -42.35 24.52
CA VAL P 45 131.68 -42.11 23.33
C VAL P 45 132.23 -40.94 22.53
N GLU P 46 132.87 -39.98 23.19
CA GLU P 46 133.42 -38.84 22.46
C GLU P 46 134.59 -39.27 21.58
N ASP P 47 135.58 -39.94 22.17
CA ASP P 47 136.69 -40.47 21.39
C ASP P 47 136.20 -41.39 20.28
N ALA P 48 135.19 -42.23 20.57
CA ALA P 48 134.66 -43.11 19.53
C ALA P 48 134.07 -42.31 18.39
N ARG P 49 133.34 -41.24 18.71
CA ARG P 49 132.82 -40.37 17.66
C ARG P 49 133.95 -39.78 16.82
N ARG P 50 135.05 -39.39 17.47
CA ARG P 50 136.15 -38.80 16.71
C ARG P 50 136.76 -39.80 15.74
N THR P 51 137.12 -40.99 16.23
CA THR P 51 137.71 -41.97 15.32
C THR P 51 136.72 -42.38 14.24
N LEU P 52 135.43 -42.43 14.58
CA LEU P 52 134.43 -42.77 13.57
C LEU P 52 134.36 -41.71 12.48
N PHE P 53 134.45 -40.44 12.87
CA PHE P 53 134.48 -39.37 11.87
C PHE P 53 135.66 -39.54 10.93
N ILE P 54 136.86 -39.76 11.50
CA ILE P 54 138.03 -39.92 10.64
C ILE P 54 137.86 -41.14 9.73
N GLY P 55 137.33 -42.23 10.29
CA GLY P 55 137.15 -43.43 9.50
C GLY P 55 136.20 -43.23 8.34
N THR P 56 135.09 -42.52 8.57
CA THR P 56 134.13 -42.31 7.48
C THR P 56 134.69 -41.34 6.44
N SER P 57 135.52 -40.39 6.86
CA SER P 57 136.20 -39.56 5.87
C SER P 57 137.14 -40.39 4.99
N LEU P 58 137.90 -41.30 5.61
CA LEU P 58 138.78 -42.14 4.80
C LEU P 58 137.97 -43.03 3.86
N ALA P 59 136.85 -43.58 4.35
CA ALA P 59 135.96 -44.36 3.52
C ALA P 59 135.44 -43.54 2.34
N LEU P 60 135.09 -42.28 2.59
CA LEU P 60 134.53 -41.46 1.52
C LEU P 60 135.59 -41.11 0.49
N VAL P 61 136.82 -40.87 0.93
CA VAL P 61 137.85 -40.55 -0.08
C VAL P 61 138.18 -41.81 -0.87
N ASN P 62 138.08 -42.98 -0.25
CA ASN P 62 138.31 -44.21 -1.00
C ASN P 62 137.22 -44.43 -2.04
N LEU P 63 135.96 -44.20 -1.65
CA LEU P 63 134.87 -44.28 -2.61
C LEU P 63 135.09 -43.32 -3.78
N ARG P 64 135.54 -42.10 -3.48
CA ARG P 64 135.75 -41.14 -4.55
C ARG P 64 136.88 -41.60 -5.46
N ARG P 65 137.95 -42.18 -4.90
CA ARG P 65 138.99 -42.76 -5.75
C ARG P 65 138.39 -43.79 -6.70
N ALA P 66 137.63 -44.73 -6.16
CA ALA P 66 137.08 -45.81 -6.97
C ALA P 66 136.20 -45.27 -8.10
N HIS P 67 135.39 -44.25 -7.80
CA HIS P 67 134.51 -43.69 -8.83
C HIS P 67 135.23 -42.73 -9.77
N ASP P 68 136.31 -42.10 -9.31
CA ASP P 68 137.06 -41.13 -10.10
C ASP P 68 138.05 -41.79 -11.04
N LYS P 69 138.33 -43.08 -10.85
CA LYS P 69 139.10 -43.81 -11.86
C LYS P 69 138.42 -43.79 -13.22
N HIS P 70 137.19 -43.31 -13.33
CA HIS P 70 136.46 -43.30 -14.59
C HIS P 70 136.01 -41.91 -15.01
N LEU P 71 136.61 -40.86 -14.47
CA LEU P 71 136.17 -39.50 -14.70
C LEU P 71 137.25 -38.67 -15.37
N VAL P 72 136.87 -37.44 -15.72
CA VAL P 72 137.70 -36.47 -16.42
C VAL P 72 138.72 -35.88 -15.47
N GLU P 73 139.82 -35.39 -16.01
CA GLU P 73 140.86 -34.74 -15.19
C GLU P 73 140.33 -33.43 -14.64
N ARG P 74 140.80 -33.07 -13.45
CA ARG P 74 140.27 -31.92 -12.71
C ARG P 74 141.22 -30.74 -12.88
N GLN P 75 140.72 -29.69 -13.55
CA GLN P 75 141.54 -28.53 -13.84
C GLN P 75 141.58 -27.62 -12.61
N PRO P 76 142.53 -26.68 -12.58
CA PRO P 76 142.50 -25.65 -11.53
C PRO P 76 141.38 -24.66 -11.82
N MET P 77 140.55 -24.39 -10.81
CA MET P 77 139.35 -23.59 -11.03
C MET P 77 139.64 -22.11 -11.13
N PHE P 78 140.66 -21.62 -10.44
CA PHE P 78 140.89 -20.18 -10.33
C PHE P 78 142.15 -19.77 -11.09
N ALA P 79 142.06 -18.61 -11.73
CA ALA P 79 143.18 -18.03 -12.43
C ALA P 79 144.13 -17.36 -11.45
N THR P 80 145.03 -16.54 -11.98
CA THR P 80 145.92 -15.65 -11.22
C THR P 80 147.02 -16.41 -10.53
N SER P 81 146.96 -17.74 -10.53
CA SER P 81 148.06 -18.56 -10.06
C SER P 81 149.08 -18.68 -11.18
N ASP P 82 150.16 -17.92 -11.09
CA ASP P 82 151.01 -17.65 -12.25
C ASP P 82 152.47 -17.88 -11.88
N TYR P 83 153.13 -18.76 -12.63
CA TYR P 83 154.59 -18.91 -12.57
C TYR P 83 155.21 -18.57 -13.94
N SER P 84 154.71 -19.19 -15.00
CA SER P 84 155.09 -18.80 -16.36
C SER P 84 154.02 -17.85 -16.91
N SER P 85 153.90 -16.71 -16.24
CA SER P 85 152.89 -15.73 -16.61
C SER P 85 153.30 -14.93 -17.82
N TRP P 86 154.59 -14.63 -17.93
CA TRP P 86 155.08 -13.77 -19.00
C TRP P 86 154.73 -14.28 -20.38
N ALA P 87 154.46 -15.58 -20.53
CA ALA P 87 154.10 -16.12 -21.83
C ALA P 87 152.60 -16.13 -22.05
N ARG P 88 151.87 -16.79 -21.16
CA ARG P 88 150.43 -16.95 -21.33
C ARG P 88 149.69 -16.21 -20.22
N PRO P 89 148.52 -15.66 -20.50
CA PRO P 89 147.71 -15.08 -19.43
C PRO P 89 146.85 -16.13 -18.77
N THR P 90 146.96 -16.24 -17.45
CA THR P 90 146.29 -17.31 -16.73
C THR P 90 144.78 -17.10 -16.73
N VAL P 91 144.03 -18.17 -17.03
CA VAL P 91 142.58 -18.12 -17.09
C VAL P 91 141.99 -19.32 -16.38
N GLY P 92 141.13 -19.09 -15.39
CA GLY P 92 140.51 -20.16 -14.65
C GLY P 92 139.45 -20.88 -15.46
N LEU P 93 138.78 -21.84 -14.82
CA LEU P 93 137.73 -22.62 -15.44
C LEU P 93 136.56 -22.74 -14.48
N LYS P 94 135.37 -22.37 -14.94
CA LYS P 94 134.17 -22.58 -14.14
C LYS P 94 133.74 -24.04 -14.27
N ARG P 95 133.65 -24.72 -13.12
CA ARG P 95 133.27 -26.12 -13.10
C ARG P 95 131.75 -26.25 -13.14
N THR P 96 131.17 -25.66 -14.18
CA THR P 96 129.72 -25.69 -14.37
C THR P 96 129.19 -27.08 -14.64
N PHE P 97 129.82 -27.84 -15.54
CA PHE P 97 129.52 -29.25 -15.70
C PHE P 97 130.67 -29.93 -16.46
N CYS P 98 131.25 -30.94 -15.82
CA CYS P 98 132.22 -31.84 -16.45
C CYS P 98 131.87 -33.28 -16.08
N PRO P 99 130.68 -33.74 -16.50
CA PRO P 99 130.23 -35.08 -16.09
C PRO P 99 130.55 -36.16 -17.12
N ARG P 100 130.91 -37.34 -16.61
CA ARG P 100 131.18 -38.50 -17.44
C ARG P 100 130.86 -39.78 -16.69
N SER Q 2 82.66 -71.42 0.77
CA SER Q 2 83.31 -71.67 2.04
C SER Q 2 82.29 -71.88 3.14
N PHE Q 3 81.05 -71.48 2.86
CA PHE Q 3 79.96 -71.62 3.80
C PHE Q 3 78.67 -71.28 3.05
N ASP Q 4 77.54 -71.39 3.74
CA ASP Q 4 76.29 -70.99 3.13
C ASP Q 4 75.78 -69.71 3.75
N PRO Q 5 75.26 -68.78 2.95
CA PRO Q 5 74.84 -67.50 3.52
C PRO Q 5 73.58 -67.59 4.37
N ASN Q 6 72.65 -68.49 4.02
CA ASN Q 6 71.37 -68.54 4.72
C ASN Q 6 71.52 -68.99 6.17
N ASN Q 7 72.69 -69.43 6.58
CA ASN Q 7 72.95 -69.78 7.97
C ASN Q 7 74.16 -69.00 8.48
N PRO Q 8 73.97 -68.05 9.39
CA PRO Q 8 75.12 -67.34 9.96
C PRO Q 8 75.92 -68.18 10.95
N ARG Q 9 75.32 -69.23 11.53
CA ARG Q 9 75.99 -70.00 12.56
C ARG Q 9 77.14 -70.85 12.01
N THR Q 10 77.34 -70.86 10.69
CA THR Q 10 78.32 -71.74 10.10
C THR Q 10 79.64 -71.06 9.79
N ILE Q 11 79.77 -69.76 10.01
CA ILE Q 11 81.04 -69.09 9.75
C ILE Q 11 81.90 -69.10 11.00
N THR Q 12 83.21 -69.29 10.81
CA THR Q 12 84.17 -69.36 11.90
C THR Q 12 85.57 -69.36 11.32
N ALA Q 13 86.57 -69.30 12.21
CA ALA Q 13 87.96 -69.28 11.79
C ALA Q 13 88.34 -70.47 10.94
N GLN Q 14 87.69 -71.61 11.13
CA GLN Q 14 88.02 -72.80 10.34
C GLN Q 14 87.66 -72.59 8.87
N THR Q 15 86.49 -72.05 8.59
CA THR Q 15 86.05 -71.86 7.22
C THR Q 15 86.54 -70.55 6.60
N LEU Q 16 86.81 -69.52 7.41
CA LEU Q 16 87.25 -68.26 6.85
C LEU Q 16 88.74 -68.25 6.50
N GLU Q 17 89.50 -69.21 6.99
CA GLU Q 17 90.91 -69.31 6.62
C GLU Q 17 91.10 -69.58 5.13
N GLY Q 18 90.03 -69.96 4.42
CA GLY Q 18 90.11 -70.42 3.05
C GLY Q 18 90.98 -69.62 2.10
N ALA Q 19 90.65 -68.36 1.86
CA ALA Q 19 91.31 -67.63 0.79
C ALA Q 19 91.12 -66.13 1.00
N LEU Q 20 91.45 -65.35 -0.02
CA LEU Q 20 91.42 -63.89 -0.05
C LEU Q 20 90.02 -63.35 0.19
N PRO Q 21 89.86 -62.06 0.47
CA PRO Q 21 88.52 -61.51 0.71
C PRO Q 21 87.56 -61.65 -0.46
N VAL Q 22 88.05 -61.93 -1.67
CA VAL Q 22 87.15 -62.15 -2.80
C VAL Q 22 86.21 -63.32 -2.50
N ASP Q 23 86.71 -64.37 -1.85
CA ASP Q 23 85.87 -65.52 -1.55
C ASP Q 23 84.79 -65.13 -0.53
N ILE Q 24 85.16 -64.37 0.50
CA ILE Q 24 84.19 -63.88 1.47
C ILE Q 24 83.10 -63.09 0.76
N LEU Q 25 83.49 -62.12 -0.07
CA LEU Q 25 82.53 -61.21 -0.66
C LEU Q 25 81.63 -61.92 -1.66
N LEU Q 26 82.22 -62.82 -2.46
CA LEU Q 26 81.43 -63.56 -3.43
C LEU Q 26 80.48 -64.54 -2.75
N ARG Q 27 80.91 -65.15 -1.64
CA ARG Q 27 79.99 -65.97 -0.86
C ARG Q 27 78.83 -65.14 -0.35
N LEU Q 28 79.11 -63.97 0.23
CA LEU Q 28 78.04 -63.11 0.71
C LEU Q 28 77.19 -62.56 -0.43
N ASN Q 29 77.70 -62.61 -1.66
CA ASN Q 29 76.99 -62.04 -2.79
C ASN Q 29 75.85 -62.92 -3.29
N ARG Q 30 75.95 -64.24 -3.09
CA ARG Q 30 74.97 -65.18 -3.61
C ARG Q 30 73.97 -65.63 -2.56
N ALA Q 31 73.66 -64.77 -1.60
CA ALA Q 31 72.65 -65.07 -0.61
C ALA Q 31 71.27 -65.08 -1.24
N THR Q 32 70.31 -65.72 -0.57
CA THR Q 32 68.93 -65.77 -1.04
C THR Q 32 67.99 -66.24 0.06
N ALA Q 41 68.83 -64.51 18.44
CA ALA Q 41 68.44 -63.60 17.37
C ALA Q 41 69.58 -62.65 17.02
N HIS Q 42 69.52 -61.42 17.54
CA HIS Q 42 70.52 -60.43 17.18
C HIS Q 42 71.92 -60.83 17.65
N ALA Q 43 72.02 -61.62 18.73
CA ALA Q 43 73.34 -62.04 19.18
C ALA Q 43 74.01 -62.95 18.17
N ILE Q 44 73.23 -63.81 17.50
CA ILE Q 44 73.80 -64.71 16.50
C ILE Q 44 74.46 -63.90 15.39
N VAL Q 45 73.69 -63.01 14.76
CA VAL Q 45 74.23 -62.23 13.66
C VAL Q 45 75.34 -61.31 14.15
N GLU Q 46 75.29 -60.87 15.40
CA GLU Q 46 76.34 -59.98 15.91
C GLU Q 46 77.66 -60.72 16.04
N ASP Q 47 77.65 -61.86 16.73
CA ASP Q 47 78.87 -62.69 16.82
C ASP Q 47 79.38 -63.07 15.44
N ALA Q 48 78.47 -63.40 14.52
CA ALA Q 48 78.90 -63.76 13.17
C ALA Q 48 79.60 -62.59 12.50
N ARG Q 49 79.06 -61.38 12.66
CA ARG Q 49 79.72 -60.20 12.13
C ARG Q 49 81.11 -60.03 12.72
N ARG Q 50 81.26 -60.29 14.02
CA ARG Q 50 82.57 -60.14 14.65
C ARG Q 50 83.59 -61.11 14.07
N THR Q 51 83.24 -62.40 14.03
CA THR Q 51 84.20 -63.36 13.49
C THR Q 51 84.47 -63.09 12.01
N LEU Q 52 83.47 -62.62 11.28
CA LEU Q 52 83.67 -62.29 9.88
C LEU Q 52 84.64 -61.13 9.72
N PHE Q 53 84.54 -60.12 10.59
CA PHE Q 53 85.50 -59.01 10.55
C PHE Q 53 86.91 -59.53 10.77
N ILE Q 54 87.10 -60.35 11.81
CA ILE Q 54 88.44 -60.86 12.08
C ILE Q 54 88.93 -61.70 10.89
N GLY Q 55 88.05 -62.52 10.32
CA GLY Q 55 88.44 -63.35 9.20
C GLY Q 55 88.88 -62.53 8.00
N THR Q 56 88.14 -61.47 7.69
CA THR Q 56 88.51 -60.65 6.53
C THR Q 56 89.79 -59.88 6.79
N SER Q 57 90.04 -59.48 8.03
CA SER Q 57 91.34 -58.87 8.34
C SER Q 57 92.48 -59.86 8.13
N LEU Q 58 92.30 -61.11 8.57
CA LEU Q 58 93.36 -62.10 8.33
C LEU Q 58 93.55 -62.35 6.85
N ALA Q 59 92.45 -62.42 6.10
CA ALA Q 59 92.53 -62.55 4.65
C ALA Q 59 93.29 -61.39 4.02
N LEU Q 60 93.04 -60.18 4.50
CA LEU Q 60 93.70 -59.01 3.91
C LEU Q 60 95.18 -59.00 4.24
N VAL Q 61 95.56 -59.42 5.44
CA VAL Q 61 96.99 -59.41 5.74
C VAL Q 61 97.67 -60.52 4.95
N ASN Q 62 96.97 -61.62 4.68
CA ASN Q 62 97.56 -62.67 3.85
C ASN Q 62 97.76 -62.18 2.42
N LEU Q 63 96.75 -61.50 1.87
CA LEU Q 63 96.91 -60.89 0.55
C LEU Q 63 98.10 -59.96 0.51
N ARG Q 64 98.27 -59.13 1.54
CA ARG Q 64 99.38 -58.20 1.55
C ARG Q 64 100.71 -58.93 1.62
N ARG Q 65 100.78 -60.02 2.39
CA ARG Q 65 101.99 -60.84 2.37
C ARG Q 65 102.31 -61.30 0.96
N ALA Q 66 101.31 -61.89 0.28
CA ALA Q 66 101.54 -62.45 -1.05
C ALA Q 66 102.02 -61.37 -2.01
N HIS Q 67 101.44 -60.18 -1.95
CA HIS Q 67 101.85 -59.12 -2.86
C HIS Q 67 103.13 -58.42 -2.43
N ASP Q 68 103.46 -58.43 -1.13
CA ASP Q 68 104.64 -57.77 -0.61
C ASP Q 68 105.89 -58.62 -0.75
N LYS Q 69 105.73 -59.91 -1.05
CA LYS Q 69 106.90 -60.70 -1.40
C LYS Q 69 107.64 -60.15 -2.62
N HIS Q 70 107.08 -59.16 -3.31
CA HIS Q 70 107.69 -58.60 -4.50
C HIS Q 70 107.95 -57.11 -4.40
N LEU Q 71 107.98 -56.56 -3.20
CA LEU Q 71 108.08 -55.12 -3.00
C LEU Q 71 109.35 -54.75 -2.23
N VAL Q 72 109.55 -53.44 -2.12
CA VAL Q 72 110.72 -52.83 -1.49
C VAL Q 72 110.59 -52.95 0.03
N GLU Q 73 111.72 -52.91 0.73
CA GLU Q 73 111.72 -52.94 2.19
C GLU Q 73 111.12 -51.65 2.74
N ARG Q 74 110.46 -51.77 3.89
CA ARG Q 74 109.70 -50.65 4.46
C ARG Q 74 110.53 -50.00 5.57
N GLN Q 75 110.93 -48.75 5.34
CA GLN Q 75 111.76 -48.05 6.29
C GLN Q 75 110.90 -47.49 7.43
N PRO Q 76 111.51 -47.10 8.54
CA PRO Q 76 110.77 -46.36 9.57
C PRO Q 76 110.50 -44.94 9.10
N MET Q 77 109.24 -44.52 9.20
CA MET Q 77 108.82 -43.24 8.62
C MET Q 77 109.26 -42.05 9.46
N PHE Q 78 109.33 -42.20 10.77
CA PHE Q 78 109.55 -41.07 11.66
C PHE Q 78 110.92 -41.13 12.30
N ALA Q 79 111.54 -39.96 12.43
CA ALA Q 79 112.82 -39.82 13.09
C ALA Q 79 112.64 -39.84 14.60
N THR Q 80 113.68 -39.42 15.31
CA THR Q 80 113.68 -39.17 16.75
C THR Q 80 113.65 -40.45 17.56
N SER Q 81 113.46 -41.59 16.89
CA SER Q 81 113.60 -42.89 17.54
C SER Q 81 115.07 -43.24 17.56
N ASP Q 82 115.71 -43.08 18.72
CA ASP Q 82 117.16 -43.02 18.79
C ASP Q 82 117.67 -43.94 19.90
N TYR Q 83 118.54 -44.87 19.54
CA TYR Q 83 119.30 -45.65 20.50
C TYR Q 83 120.80 -45.40 20.34
N SER Q 84 121.31 -45.52 19.12
CA SER Q 84 122.69 -45.10 18.82
C SER Q 84 122.64 -43.70 18.22
N SER Q 85 122.16 -42.76 19.03
CA SER Q 85 122.01 -41.38 18.57
C SER Q 85 123.33 -40.65 18.57
N TRP Q 86 124.19 -40.94 19.54
CA TRP Q 86 125.44 -40.22 19.69
C TRP Q 86 126.31 -40.26 18.45
N ALA Q 87 126.11 -41.24 17.57
CA ALA Q 87 126.92 -41.33 16.35
C ALA Q 87 126.23 -40.62 15.19
N ARG Q 88 125.01 -41.04 14.87
CA ARG Q 88 124.31 -40.51 13.71
C ARG Q 88 123.09 -39.73 14.15
N PRO Q 89 122.71 -38.67 13.44
CA PRO Q 89 121.44 -37.99 13.74
C PRO Q 89 120.29 -38.67 13.01
N THR Q 90 119.27 -39.04 13.77
CA THR Q 90 118.17 -39.81 13.19
C THR Q 90 117.35 -38.95 12.25
N VAL Q 91 117.03 -39.50 11.08
CA VAL Q 91 116.26 -38.79 10.06
C VAL Q 91 115.20 -39.72 9.48
N GLY Q 92 113.94 -39.31 9.55
CA GLY Q 92 112.85 -40.10 9.02
C GLY Q 92 112.83 -40.12 7.50
N LEU Q 93 111.81 -40.77 6.97
CA LEU Q 93 111.62 -40.88 5.52
C LEU Q 93 110.17 -40.64 5.19
N LYS Q 94 109.91 -39.70 4.28
CA LYS Q 94 108.55 -39.49 3.79
C LYS Q 94 108.22 -40.55 2.74
N ARG Q 95 107.16 -41.32 3.01
CA ARG Q 95 106.75 -42.38 2.09
C ARG Q 95 105.90 -41.81 0.96
N THR Q 96 106.50 -40.84 0.26
CA THR Q 96 105.84 -40.19 -0.86
C THR Q 96 105.58 -41.13 -2.02
N PHE Q 97 106.58 -41.91 -2.43
CA PHE Q 97 106.37 -43.00 -3.39
C PHE Q 97 107.56 -43.96 -3.33
N CYS Q 98 107.24 -45.22 -3.04
CA CYS Q 98 108.21 -46.32 -3.13
C CYS Q 98 107.53 -47.49 -3.85
N PRO Q 99 107.14 -47.30 -5.12
CA PRO Q 99 106.39 -48.35 -5.83
C PRO Q 99 107.28 -49.25 -6.67
N ARG Q 100 106.91 -50.53 -6.69
CA ARG Q 100 107.61 -51.53 -7.50
C ARG Q 100 106.66 -52.65 -7.91
N SER R 2 38.92 -106.11 57.06
CA SER R 2 37.56 -106.60 56.87
C SER R 2 36.93 -105.94 55.65
N PHE R 3 37.52 -104.83 55.23
CA PHE R 3 37.04 -104.07 54.08
C PHE R 3 38.12 -103.04 53.74
N ASP R 4 37.86 -102.27 52.69
CA ASP R 4 38.79 -101.19 52.36
C ASP R 4 38.14 -99.85 52.67
N PRO R 5 38.89 -98.91 53.25
CA PRO R 5 38.27 -97.63 53.62
C PRO R 5 37.92 -96.75 52.43
N ASN R 6 38.71 -96.81 51.35
CA ASN R 6 38.50 -95.88 50.24
C ASN R 6 37.20 -96.15 49.50
N ASN R 7 36.51 -97.24 49.82
CA ASN R 7 35.19 -97.52 49.26
C ASN R 7 34.19 -97.72 50.36
N PRO R 8 33.24 -96.81 50.56
CA PRO R 8 32.18 -97.03 51.56
C PRO R 8 31.17 -98.07 51.16
N ARG R 9 31.02 -98.35 49.86
CA ARG R 9 29.97 -99.26 49.40
C ARG R 9 30.25 -100.71 49.78
N THR R 10 31.41 -101.00 50.38
CA THR R 10 31.79 -102.38 50.65
C THR R 10 31.51 -102.83 52.07
N ILE R 11 31.03 -101.95 52.95
CA ILE R 11 30.72 -102.37 54.31
C ILE R 11 29.28 -102.83 54.41
N THR R 12 29.06 -103.87 55.20
CA THR R 12 27.74 -104.48 55.38
C THR R 12 27.81 -105.49 56.51
N ALA R 13 26.64 -106.04 56.86
CA ALA R 13 26.56 -107.02 57.94
C ALA R 13 27.45 -108.22 57.69
N GLN R 14 27.69 -108.58 56.43
CA GLN R 14 28.52 -109.74 56.14
C GLN R 14 29.95 -109.52 56.58
N THR R 15 30.51 -108.35 56.28
CA THR R 15 31.90 -108.05 56.62
C THR R 15 32.07 -107.51 58.04
N LEU R 16 31.04 -106.86 58.61
CA LEU R 16 31.19 -106.31 59.95
C LEU R 16 31.02 -107.37 61.04
N GLU R 17 30.48 -108.54 60.72
CA GLU R 17 30.38 -109.60 61.70
C GLU R 17 31.73 -110.10 62.19
N GLY R 18 32.81 -109.72 61.50
CA GLY R 18 34.15 -110.24 61.74
C GLY R 18 34.60 -110.36 63.18
N ALA R 19 34.70 -109.25 63.90
CA ALA R 19 35.34 -109.29 65.20
C ALA R 19 34.93 -108.07 66.00
N LEU R 20 35.62 -107.83 67.11
CA LEU R 20 35.40 -106.77 68.08
C LEU R 20 35.55 -105.39 67.45
N PRO R 21 35.11 -104.32 68.12
CA PRO R 21 35.24 -102.97 67.53
C PRO R 21 36.67 -102.54 67.23
N VAL R 22 37.68 -103.21 67.79
CA VAL R 22 39.05 -102.88 67.47
C VAL R 22 39.30 -103.06 65.98
N ASP R 23 38.73 -104.08 65.36
CA ASP R 23 38.92 -104.28 63.93
C ASP R 23 38.28 -103.16 63.13
N ILE R 24 37.07 -102.76 63.51
CA ILE R 24 36.41 -101.64 62.84
C ILE R 24 37.29 -100.40 62.93
N LEU R 25 37.74 -100.07 64.13
CA LEU R 25 38.45 -98.80 64.32
C LEU R 25 39.81 -98.82 63.65
N LEU R 26 40.51 -99.94 63.70
CA LEU R 26 41.80 -100.05 63.05
C LEU R 26 41.67 -100.03 61.53
N ARG R 27 40.61 -100.64 60.99
CA ARG R 27 40.33 -100.52 59.57
C ARG R 27 40.11 -99.07 59.19
N LEU R 28 39.27 -98.37 59.94
CA LEU R 28 39.03 -96.95 59.65
C LEU R 28 40.26 -96.11 59.89
N ASN R 29 41.24 -96.62 60.62
CA ASN R 29 42.42 -95.84 60.96
C ASN R 29 43.42 -95.76 59.81
N ARG R 30 43.43 -96.75 58.92
CA ARG R 30 44.42 -96.82 57.85
C ARG R 30 43.86 -96.35 56.51
N ALA R 31 42.92 -95.41 56.54
CA ALA R 31 42.39 -94.84 55.32
C ALA R 31 43.44 -93.95 54.65
N THR R 32 43.24 -93.69 53.36
CA THR R 32 44.15 -92.83 52.61
C THR R 32 43.52 -92.41 51.28
N ALA R 41 25.93 -89.78 46.30
CA ALA R 41 26.88 -88.96 47.04
C ALA R 41 26.67 -89.10 48.54
N HIS R 42 25.98 -88.12 49.14
CA HIS R 42 25.80 -88.13 50.58
C HIS R 42 24.97 -89.33 51.05
N ALA R 43 24.09 -89.84 50.20
CA ALA R 43 23.30 -91.00 50.61
C ALA R 43 24.18 -92.23 50.80
N ILE R 44 25.20 -92.38 49.96
CA ILE R 44 26.11 -93.52 50.10
C ILE R 44 26.76 -93.52 51.47
N VAL R 45 27.45 -92.42 51.79
CA VAL R 45 28.14 -92.34 53.06
C VAL R 45 27.16 -92.39 54.22
N GLU R 46 25.93 -91.89 54.02
CA GLU R 46 24.96 -91.91 55.11
C GLU R 46 24.53 -93.34 55.43
N ASP R 47 24.09 -94.09 54.41
CA ASP R 47 23.75 -95.49 54.62
C ASP R 47 24.93 -96.27 55.19
N ALA R 48 26.16 -95.99 54.72
CA ALA R 48 27.32 -96.68 55.24
C ALA R 48 27.50 -96.39 56.73
N ARG R 49 27.31 -95.13 57.13
CA ARG R 49 27.36 -94.79 58.54
C ARG R 49 26.32 -95.56 59.34
N ARG R 50 25.12 -95.71 58.78
CA ARG R 50 24.07 -96.42 59.51
C ARG R 50 24.45 -97.88 59.73
N THR R 51 24.83 -98.58 58.66
CA THR R 51 25.19 -99.99 58.84
C THR R 51 26.41 -100.13 59.72
N LEU R 52 27.34 -99.19 59.65
CA LEU R 52 28.52 -99.23 60.52
C LEU R 52 28.13 -99.09 61.98
N PHE R 53 27.18 -98.19 62.28
CA PHE R 53 26.70 -98.06 63.65
C PHE R 53 26.11 -99.38 64.15
N ILE R 54 25.22 -99.99 63.34
CA ILE R 54 24.63 -101.25 63.77
C ILE R 54 25.70 -102.31 63.96
N GLY R 55 26.68 -102.36 63.05
CA GLY R 55 27.74 -103.35 63.15
C GLY R 55 28.56 -103.19 64.42
N THR R 56 28.90 -101.94 64.76
CA THR R 56 29.70 -101.73 65.97
C THR R 56 28.90 -102.02 67.23
N SER R 57 27.59 -101.77 67.20
CA SER R 57 26.76 -102.18 68.34
C SER R 57 26.76 -103.70 68.49
N LEU R 58 26.64 -104.44 67.38
CA LEU R 58 26.67 -105.90 67.49
C LEU R 58 28.03 -106.37 67.99
N ALA R 59 29.11 -105.75 67.50
CA ALA R 59 30.44 -106.05 67.99
C ALA R 59 30.56 -105.81 69.49
N LEU R 60 29.98 -104.71 69.96
CA LEU R 60 30.11 -104.37 71.38
C LEU R 60 29.31 -105.35 72.24
N VAL R 61 28.14 -105.78 71.76
CA VAL R 61 27.38 -106.72 72.58
C VAL R 61 28.08 -108.08 72.58
N ASN R 62 28.77 -108.42 71.48
CA ASN R 62 29.52 -109.66 71.47
C ASN R 62 30.70 -109.60 72.44
N LEU R 63 31.42 -108.48 72.45
CA LEU R 63 32.48 -108.30 73.43
C LEU R 63 31.95 -108.44 74.85
N ARG R 64 30.79 -107.83 75.12
CA ARG R 64 30.25 -107.93 76.47
C ARG R 64 29.87 -109.36 76.82
N ARG R 65 29.33 -110.11 75.86
CA ARG R 65 29.08 -111.54 76.09
C ARG R 65 30.37 -112.24 76.50
N ALA R 66 31.43 -112.06 75.71
CA ALA R 66 32.69 -112.74 75.97
C ALA R 66 33.24 -112.40 77.35
N HIS R 67 33.14 -111.14 77.76
CA HIS R 67 33.67 -110.76 79.06
C HIS R 67 32.72 -111.08 80.20
N ASP R 68 31.42 -111.18 79.94
CA ASP R 68 30.42 -111.45 80.95
C ASP R 68 30.28 -112.93 81.25
N LYS R 69 30.83 -113.79 80.39
CA LYS R 69 30.92 -115.20 80.74
C LYS R 69 31.71 -115.44 82.03
N HIS R 70 32.35 -114.40 82.59
CA HIS R 70 33.16 -114.56 83.78
C HIS R 70 32.70 -113.64 84.92
N LEU R 71 31.48 -113.14 84.87
CA LEU R 71 31.01 -112.15 85.83
C LEU R 71 29.80 -112.66 86.61
N VAL R 72 29.40 -111.85 87.59
CA VAL R 72 28.32 -112.15 88.51
C VAL R 72 26.98 -111.98 87.80
N GLU R 73 25.94 -112.64 88.31
CA GLU R 73 24.61 -112.52 87.76
C GLU R 73 24.06 -111.11 88.03
N ARG R 74 23.23 -110.62 87.11
CA ARG R 74 22.76 -109.25 87.16
C ARG R 74 21.34 -109.23 87.72
N GLN R 75 21.20 -108.61 88.89
CA GLN R 75 19.91 -108.57 89.56
C GLN R 75 19.05 -107.46 88.97
N PRO R 76 17.74 -107.48 89.22
CA PRO R 76 16.91 -106.33 88.86
C PRO R 76 17.18 -105.17 89.81
N MET R 77 17.43 -104.00 89.23
CA MET R 77 17.86 -102.85 90.03
C MET R 77 16.73 -102.20 90.80
N PHE R 78 15.52 -102.22 90.28
CA PHE R 78 14.42 -101.46 90.85
C PHE R 78 13.38 -102.37 91.47
N ALA R 79 12.85 -101.93 92.61
CA ALA R 79 11.79 -102.64 93.29
C ALA R 79 10.46 -102.37 92.61
N THR R 80 9.37 -102.71 93.30
CA THR R 80 7.99 -102.36 92.95
C THR R 80 7.49 -103.19 91.78
N SER R 81 8.37 -103.94 91.13
CA SER R 81 7.97 -104.90 90.12
C SER R 81 7.51 -106.17 90.83
N ASP R 82 6.20 -106.36 90.93
CA ASP R 82 5.64 -107.31 91.89
C ASP R 82 4.61 -108.19 91.20
N TYR R 83 4.83 -109.51 91.28
CA TYR R 83 3.82 -110.49 90.90
C TYR R 83 3.42 -111.35 92.11
N SER R 84 4.40 -111.91 92.79
CA SER R 84 4.15 -112.59 94.07
C SER R 84 4.47 -111.60 95.20
N SER R 85 3.71 -110.52 95.22
CA SER R 85 3.93 -109.46 96.21
C SER R 85 3.36 -109.84 97.56
N TRP R 86 2.23 -110.54 97.56
CA TRP R 86 1.54 -110.85 98.81
C TRP R 86 2.42 -111.62 99.79
N ALA R 87 3.47 -112.28 99.32
CA ALA R 87 4.34 -113.02 100.23
C ALA R 87 5.52 -112.17 100.68
N ARG R 88 6.31 -111.67 99.73
CA ARG R 88 7.51 -110.93 100.05
C ARG R 88 7.37 -109.48 99.62
N PRO R 89 7.96 -108.54 100.34
CA PRO R 89 7.98 -107.15 99.87
C PRO R 89 9.16 -106.92 98.93
N THR R 90 8.87 -106.42 97.74
CA THR R 90 9.90 -106.28 96.73
C THR R 90 10.90 -105.20 97.11
N VAL R 91 12.18 -105.51 96.96
CA VAL R 91 13.26 -104.58 97.31
C VAL R 91 14.32 -104.58 96.20
N GLY R 92 14.60 -103.42 95.64
CA GLY R 92 15.59 -103.31 94.60
C GLY R 92 17.00 -103.45 95.12
N LEU R 93 17.97 -103.29 94.22
CA LEU R 93 19.38 -103.40 94.55
C LEU R 93 20.14 -102.25 93.89
N LYS R 94 20.90 -101.50 94.68
CA LYS R 94 21.77 -100.47 94.12
C LYS R 94 23.03 -101.12 93.57
N ARG R 95 23.28 -100.92 92.29
CA ARG R 95 24.44 -101.50 91.63
C ARG R 95 25.68 -100.63 91.88
N THR R 96 25.96 -100.42 93.17
CA THR R 96 27.10 -99.62 93.59
C THR R 96 28.43 -100.25 93.20
N PHE R 97 28.61 -101.53 93.48
CA PHE R 97 29.76 -102.27 92.97
C PHE R 97 29.49 -103.77 93.07
N CYS R 98 29.54 -104.44 91.91
CA CYS R 98 29.52 -105.90 91.84
C CYS R 98 30.61 -106.36 90.87
N PRO R 99 31.87 -106.09 91.22
CA PRO R 99 32.97 -106.40 90.28
C PRO R 99 33.62 -107.76 90.56
N ARG R 100 33.98 -108.43 89.48
CA ARG R 100 34.68 -109.71 89.55
C ARG R 100 35.57 -109.91 88.33
N SER S 2 158.94 -29.90 -26.33
CA SER S 2 159.67 -29.25 -27.42
C SER S 2 160.78 -28.39 -26.87
N PHE S 3 160.71 -28.08 -25.58
CA PHE S 3 161.70 -27.27 -24.90
C PHE S 3 161.42 -27.36 -23.41
N ASP S 4 162.26 -26.69 -22.62
CA ASP S 4 162.01 -26.66 -21.18
C ASP S 4 161.57 -25.26 -20.78
N PRO S 5 160.56 -25.14 -19.91
CA PRO S 5 160.06 -23.80 -19.56
C PRO S 5 161.03 -23.00 -18.70
N ASN S 6 161.80 -23.66 -17.83
CA ASN S 6 162.64 -22.92 -16.89
C ASN S 6 163.78 -22.18 -17.58
N ASN S 7 163.98 -22.41 -18.88
CA ASN S 7 164.96 -21.66 -19.64
C ASN S 7 164.29 -21.02 -20.85
N PRO S 8 164.17 -19.68 -20.88
CA PRO S 8 163.61 -19.03 -22.08
C PRO S 8 164.57 -19.01 -23.25
N ARG S 9 165.87 -19.15 -23.03
CA ARG S 9 166.84 -19.02 -24.11
C ARG S 9 166.80 -20.19 -25.08
N THR S 10 165.98 -21.22 -24.80
CA THR S 10 165.98 -22.42 -25.61
C THR S 10 164.87 -22.46 -26.65
N ILE S 11 163.98 -21.47 -26.69
CA ILE S 11 162.93 -21.48 -27.70
C ILE S 11 163.40 -20.73 -28.94
N THR S 12 163.01 -21.24 -30.11
CA THR S 12 163.40 -20.69 -31.40
C THR S 12 162.61 -21.37 -32.50
N ALA S 13 162.78 -20.88 -33.72
CA ALA S 13 162.07 -21.44 -34.88
C ALA S 13 162.35 -22.93 -35.06
N GLN S 14 163.53 -23.40 -34.66
CA GLN S 14 163.85 -24.81 -34.83
C GLN S 14 162.96 -25.69 -33.96
N THR S 15 162.75 -25.30 -32.70
CA THR S 15 161.95 -26.11 -31.79
C THR S 15 160.47 -25.81 -31.88
N LEU S 16 160.08 -24.59 -32.28
CA LEU S 16 158.66 -24.26 -32.35
C LEU S 16 157.98 -24.81 -33.61
N GLU S 17 158.76 -25.22 -34.62
CA GLU S 17 158.16 -25.83 -35.79
C GLU S 17 157.44 -27.14 -35.49
N GLY S 18 157.65 -27.69 -34.29
CA GLY S 18 157.17 -29.01 -33.93
C GLY S 18 155.74 -29.37 -34.31
N ALA S 19 154.76 -28.66 -33.76
CA ALA S 19 153.38 -29.09 -33.92
C ALA S 19 152.44 -27.92 -33.65
N LEU S 20 151.16 -28.22 -33.50
CA LEU S 20 150.05 -27.29 -33.29
C LEU S 20 150.24 -26.50 -32.00
N PRO S 21 149.47 -25.41 -31.81
CA PRO S 21 149.63 -24.62 -30.57
C PRO S 21 149.35 -25.39 -29.29
N VAL S 22 148.71 -26.55 -29.36
CA VAL S 22 148.50 -27.35 -28.15
C VAL S 22 149.85 -27.71 -27.53
N ASP S 23 150.86 -28.02 -28.34
CA ASP S 23 152.17 -28.37 -27.79
C ASP S 23 152.80 -27.17 -27.10
N ILE S 24 152.71 -25.98 -27.73
CA ILE S 24 153.21 -24.77 -27.10
C ILE S 24 152.55 -24.56 -25.75
N LEU S 25 151.22 -24.62 -25.72
CA LEU S 25 150.50 -24.26 -24.49
C LEU S 25 150.72 -25.30 -23.40
N LEU S 26 150.75 -26.57 -23.77
CA LEU S 26 151.00 -27.62 -22.78
C LEU S 26 152.43 -27.57 -22.25
N ARG S 27 153.40 -27.24 -23.12
CA ARG S 27 154.76 -27.02 -22.64
C ARG S 27 154.79 -25.88 -21.63
N LEU S 28 154.15 -24.76 -21.96
CA LEU S 28 154.13 -23.63 -21.03
C LEU S 28 153.32 -23.94 -19.78
N ASN S 29 152.49 -24.98 -19.83
CA ASN S 29 151.63 -25.30 -18.70
C ASN S 29 152.36 -26.01 -17.58
N ARG S 30 153.43 -26.74 -17.90
CA ARG S 30 154.14 -27.55 -16.91
C ARG S 30 155.40 -26.88 -16.40
N ALA S 31 155.41 -25.56 -16.35
CA ALA S 31 156.55 -24.83 -15.80
C ALA S 31 156.61 -25.03 -14.29
N THR S 32 157.78 -24.76 -13.72
CA THR S 32 157.98 -24.87 -12.28
C THR S 32 159.27 -24.19 -11.85
N ALA S 41 168.41 -9.76 -18.88
CA ALA S 41 167.23 -9.86 -18.02
C ALA S 41 165.95 -9.73 -18.85
N HIS S 42 165.35 -8.54 -18.83
CA HIS S 42 164.08 -8.35 -19.52
C HIS S 42 164.22 -8.53 -21.02
N ALA S 43 165.39 -8.27 -21.59
CA ALA S 43 165.57 -8.46 -23.02
C ALA S 43 165.44 -9.94 -23.39
N ILE S 44 165.95 -10.83 -22.54
CA ILE S 44 165.86 -12.26 -22.82
C ILE S 44 164.40 -12.68 -22.96
N VAL S 45 163.62 -12.42 -21.92
CA VAL S 45 162.22 -12.82 -21.94
C VAL S 45 161.46 -12.07 -23.04
N GLU S 46 161.88 -10.86 -23.37
CA GLU S 46 161.17 -10.11 -24.41
C GLU S 46 161.39 -10.75 -25.78
N ASP S 47 162.65 -10.99 -26.15
CA ASP S 47 162.93 -11.69 -27.41
C ASP S 47 162.26 -13.05 -27.44
N ALA S 48 162.26 -13.78 -26.31
CA ALA S 48 161.60 -15.07 -26.28
C ALA S 48 160.12 -14.95 -26.56
N ARG S 49 159.47 -13.93 -25.96
CA ARG S 49 158.07 -13.68 -26.26
C ARG S 49 157.85 -13.41 -27.74
N ARG S 50 158.76 -12.65 -28.37
CA ARG S 50 158.59 -12.34 -29.78
C ARG S 50 158.65 -13.60 -30.63
N THR S 51 159.71 -14.41 -30.46
CA THR S 51 159.82 -15.62 -31.27
C THR S 51 158.67 -16.57 -30.97
N LEU S 52 158.20 -16.61 -29.72
CA LEU S 52 157.08 -17.46 -29.38
C LEU S 52 155.81 -17.01 -30.09
N PHE S 53 155.59 -15.70 -30.18
CA PHE S 53 154.45 -15.20 -30.93
C PHE S 53 154.51 -15.64 -32.38
N ILE S 54 155.66 -15.44 -33.02
CA ILE S 54 155.78 -15.85 -34.43
C ILE S 54 155.56 -17.35 -34.56
N GLY S 55 156.12 -18.14 -33.64
CA GLY S 55 155.97 -19.58 -33.71
C GLY S 55 154.53 -20.02 -33.59
N THR S 56 153.77 -19.41 -32.67
CA THR S 56 152.37 -19.79 -32.51
C THR S 56 151.53 -19.35 -33.70
N SER S 57 151.89 -18.22 -34.33
CA SER S 57 151.21 -17.85 -35.56
C SER S 57 151.46 -18.88 -36.66
N LEU S 58 152.71 -19.33 -36.80
CA LEU S 58 152.99 -20.34 -37.82
C LEU S 58 152.24 -21.65 -37.51
N ALA S 59 152.21 -22.02 -36.23
CA ALA S 59 151.43 -23.19 -35.81
C ALA S 59 149.97 -23.04 -36.16
N LEU S 60 149.41 -21.85 -35.95
CA LEU S 60 148.00 -21.66 -36.21
C LEU S 60 147.70 -21.70 -37.70
N VAL S 61 148.59 -21.16 -38.53
CA VAL S 61 148.32 -21.21 -39.96
C VAL S 61 148.47 -22.64 -40.46
N ASN S 62 149.35 -23.42 -39.83
CA ASN S 62 149.47 -24.82 -40.21
C ASN S 62 148.22 -25.60 -39.84
N LEU S 63 147.69 -25.36 -38.64
CA LEU S 63 146.42 -25.97 -38.24
C LEU S 63 145.31 -25.62 -39.22
N ARG S 64 145.26 -24.35 -39.63
CA ARG S 64 144.20 -23.96 -40.57
C ARG S 64 144.38 -24.64 -41.92
N ARG S 65 145.62 -24.80 -42.38
CA ARG S 65 145.85 -25.58 -43.60
C ARG S 65 145.27 -26.98 -43.45
N ALA S 66 145.63 -27.67 -42.36
CA ALA S 66 145.20 -29.05 -42.16
C ALA S 66 143.68 -29.16 -42.14
N HIS S 67 143.00 -28.21 -41.49
CA HIS S 67 141.55 -28.27 -41.42
C HIS S 67 140.87 -27.75 -42.69
N ASP S 68 141.54 -26.87 -43.44
CA ASP S 68 140.98 -26.28 -44.65
C ASP S 68 141.14 -27.18 -45.85
N LYS S 69 141.98 -28.21 -45.77
CA LYS S 69 142.00 -29.21 -46.82
C LYS S 69 140.65 -29.89 -47.01
N HIS S 70 139.67 -29.64 -46.14
CA HIS S 70 138.37 -30.27 -46.22
C HIS S 70 137.23 -29.27 -46.31
N LEU S 71 137.51 -28.04 -46.69
CA LEU S 71 136.51 -26.98 -46.69
C LEU S 71 136.28 -26.42 -48.09
N VAL S 72 135.30 -25.52 -48.16
CA VAL S 72 134.85 -24.90 -49.40
C VAL S 72 135.85 -23.84 -49.83
N GLU S 73 135.87 -23.51 -51.11
CA GLU S 73 136.75 -22.46 -51.63
C GLU S 73 136.30 -21.11 -51.12
N ARG S 74 137.26 -20.21 -50.92
CA ARG S 74 136.99 -18.91 -50.29
C ARG S 74 136.89 -17.84 -51.37
N GLN S 75 135.70 -17.27 -51.50
CA GLN S 75 135.46 -16.27 -52.53
C GLN S 75 135.97 -14.91 -52.06
N PRO S 76 136.13 -13.95 -52.98
CA PRO S 76 136.42 -12.57 -52.56
C PRO S 76 135.16 -11.94 -51.97
N MET S 77 135.30 -11.36 -50.79
CA MET S 77 134.14 -10.86 -50.05
C MET S 77 133.60 -9.55 -50.60
N PHE S 78 134.44 -8.71 -51.15
CA PHE S 78 134.05 -7.36 -51.53
C PHE S 78 134.03 -7.19 -53.04
N ALA S 79 133.03 -6.45 -53.52
CA ALA S 79 132.91 -6.13 -54.93
C ALA S 79 133.86 -5.00 -55.28
N THR S 80 133.64 -4.41 -56.46
CA THR S 80 134.28 -3.18 -56.93
C THR S 80 135.73 -3.43 -57.34
N SER S 81 136.26 -4.62 -57.06
CA SER S 81 137.56 -5.02 -57.56
C SER S 81 137.37 -5.52 -58.98
N ASP S 82 137.72 -4.68 -59.97
CA ASP S 82 137.26 -4.88 -61.34
C ASP S 82 138.42 -4.76 -62.30
N TYR S 83 138.64 -5.80 -63.10
CA TYR S 83 139.55 -5.75 -64.23
C TYR S 83 138.79 -6.00 -65.55
N SER S 84 138.01 -7.07 -65.61
CA SER S 84 137.09 -7.29 -66.72
C SER S 84 135.69 -6.81 -66.30
N SER S 85 135.62 -5.51 -66.04
CA SER S 85 134.37 -4.91 -65.57
C SER S 85 133.40 -4.70 -66.71
N TRP S 86 133.92 -4.34 -67.89
CA TRP S 86 133.07 -4.00 -69.01
C TRP S 86 132.10 -5.12 -69.39
N ALA S 87 132.39 -6.35 -69.01
CA ALA S 87 131.49 -7.45 -69.34
C ALA S 87 130.51 -7.71 -68.21
N ARG S 88 131.02 -7.99 -67.02
CA ARG S 88 130.16 -8.36 -65.89
C ARG S 88 130.23 -7.30 -64.82
N PRO S 89 129.13 -7.05 -64.10
CA PRO S 89 129.19 -6.14 -62.95
C PRO S 89 129.64 -6.89 -61.70
N THR S 90 130.69 -6.38 -61.07
CA THR S 90 131.28 -7.08 -59.93
C THR S 90 130.34 -7.06 -58.74
N VAL S 91 130.17 -8.22 -58.10
CA VAL S 91 129.29 -8.35 -56.94
C VAL S 91 129.99 -9.17 -55.86
N GLY S 92 130.11 -8.61 -54.66
CA GLY S 92 130.74 -9.31 -53.57
C GLY S 92 129.89 -10.42 -53.01
N LEU S 93 130.38 -11.05 -51.95
CA LEU S 93 129.68 -12.14 -51.29
C LEU S 93 129.76 -11.94 -49.78
N LYS S 94 128.62 -11.96 -49.12
CA LYS S 94 128.59 -11.92 -47.66
C LYS S 94 128.89 -13.30 -47.11
N ARG S 95 129.95 -13.41 -46.31
CA ARG S 95 130.35 -14.69 -45.73
C ARG S 95 129.52 -14.98 -44.49
N THR S 96 128.20 -14.99 -44.67
CA THR S 96 127.27 -15.25 -43.58
C THR S 96 127.39 -16.67 -43.04
N PHE S 97 127.41 -17.67 -43.93
CA PHE S 97 127.73 -19.04 -43.52
C PHE S 97 128.12 -19.86 -44.76
N CYS S 98 129.33 -20.40 -44.72
CA CYS S 98 129.79 -21.38 -45.71
C CYS S 98 130.48 -22.53 -44.97
N PRO S 99 129.71 -23.25 -44.14
CA PRO S 99 130.33 -24.31 -43.32
C PRO S 99 130.23 -25.69 -43.96
N ARG S 100 131.29 -26.47 -43.77
CA ARG S 100 131.35 -27.84 -44.25
C ARG S 100 132.25 -28.69 -43.35
N SER T 2 88.16 -90.14 65.83
CA SER T 2 87.53 -90.05 64.51
C SER T 2 88.21 -88.99 63.66
N PHE T 3 88.95 -88.11 64.33
CA PHE T 3 89.67 -87.02 63.66
C PHE T 3 90.59 -86.40 64.70
N ASP T 4 91.36 -85.40 64.26
CA ASP T 4 92.20 -84.69 65.21
C ASP T 4 91.66 -83.29 65.44
N PRO T 5 91.64 -82.81 66.68
CA PRO T 5 91.05 -81.49 66.93
C PRO T 5 91.87 -80.34 66.40
N ASN T 6 93.20 -80.47 66.38
CA ASN T 6 94.05 -79.33 66.01
C ASN T 6 93.91 -78.97 64.55
N ASN T 7 93.21 -79.78 63.77
CA ASN T 7 92.92 -79.44 62.37
C ASN T 7 91.41 -79.49 62.13
N PRO T 8 90.77 -78.35 61.89
CA PRO T 8 89.34 -78.38 61.56
C PRO T 8 89.04 -78.87 60.16
N ARG T 9 90.02 -78.83 59.24
CA ARG T 9 89.76 -79.20 57.85
C ARG T 9 89.54 -80.69 57.68
N THR T 10 89.68 -81.49 58.74
CA THR T 10 89.62 -82.94 58.61
C THR T 10 88.26 -83.52 58.99
N ILE T 11 87.30 -82.71 59.44
CA ILE T 11 85.99 -83.24 59.77
C ILE T 11 85.08 -83.16 58.56
N THR T 12 84.24 -84.19 58.39
CA THR T 12 83.32 -84.30 57.27
C THR T 12 82.38 -85.47 57.51
N ALA T 13 81.41 -85.62 56.62
CA ALA T 13 80.42 -86.69 56.73
C ALA T 13 81.06 -88.06 56.76
N GLN T 14 82.22 -88.24 56.13
CA GLN T 14 82.88 -89.54 56.13
C GLN T 14 83.34 -89.93 57.53
N THR T 15 83.95 -89.01 58.25
CA THR T 15 84.47 -89.30 59.58
C THR T 15 83.42 -89.14 60.68
N LEU T 16 82.41 -88.29 60.48
CA LEU T 16 81.41 -88.10 61.53
C LEU T 16 80.37 -89.21 61.56
N GLU T 17 80.27 -90.02 60.51
CA GLU T 17 79.35 -91.15 60.53
C GLU T 17 79.69 -92.18 61.59
N GLY T 18 80.88 -92.08 62.18
CA GLY T 18 81.41 -93.08 63.10
C GLY T 18 80.48 -93.64 64.15
N ALA T 19 79.99 -92.79 65.06
CA ALA T 19 79.28 -93.32 66.21
C ALA T 19 78.44 -92.20 66.83
N LEU T 20 77.93 -92.45 68.03
CA LEU T 20 77.07 -91.58 68.81
C LEU T 20 77.74 -90.26 69.15
N PRO T 21 76.99 -89.24 69.60
CA PRO T 21 77.62 -87.95 69.93
C PRO T 21 78.68 -88.02 71.00
N VAL T 22 78.75 -89.10 71.78
CA VAL T 22 79.82 -89.23 72.77
C VAL T 22 81.18 -89.18 72.09
N ASP T 23 81.31 -89.81 70.93
CA ASP T 23 82.59 -89.78 70.22
C ASP T 23 82.94 -88.37 69.77
N ILE T 24 81.97 -87.64 69.22
CA ILE T 24 82.20 -86.26 68.85
C ILE T 24 82.68 -85.45 70.04
N LEU T 25 81.96 -85.54 71.15
CA LEU T 25 82.26 -84.68 72.30
C LEU T 25 83.60 -85.05 72.94
N LEU T 26 83.88 -86.35 73.03
CA LEU T 26 85.15 -86.77 73.60
C LEU T 26 86.32 -86.42 72.70
N ARG T 27 86.14 -86.51 71.38
CA ARG T 27 87.16 -86.02 70.47
C ARG T 27 87.42 -84.53 70.68
N LEU T 28 86.36 -83.74 70.75
CA LEU T 28 86.53 -82.31 70.98
C LEU T 28 87.08 -82.01 72.37
N ASN T 29 86.98 -82.98 73.28
CA ASN T 29 87.42 -82.76 74.65
C ASN T 29 88.93 -82.82 74.81
N ARG T 30 89.63 -83.56 73.95
CA ARG T 30 91.08 -83.77 74.09
C ARG T 30 91.87 -82.88 73.15
N ALA T 31 91.37 -81.70 72.84
CA ALA T 31 92.10 -80.75 72.03
C ALA T 31 93.29 -80.18 72.81
N THR T 32 94.25 -79.63 72.08
CA THR T 32 95.44 -79.03 72.70
C THR T 32 96.19 -78.17 71.70
N ALA T 41 90.51 -68.49 57.03
CA ALA T 41 90.47 -68.24 58.47
C ALA T 41 89.10 -68.56 59.05
N HIS T 42 88.27 -67.54 59.26
CA HIS T 42 86.98 -67.76 59.89
C HIS T 42 86.07 -68.64 59.03
N ALA T 43 86.24 -68.63 57.72
CA ALA T 43 85.41 -69.48 56.88
C ALA T 43 85.68 -70.96 57.13
N ILE T 44 86.94 -71.30 57.39
CA ILE T 44 87.29 -72.69 57.67
C ILE T 44 86.53 -73.19 58.89
N VAL T 45 86.70 -72.50 60.02
CA VAL T 45 86.05 -72.92 61.24
C VAL T 45 84.53 -72.83 61.12
N GLU T 46 84.03 -71.90 60.29
CA GLU T 46 82.58 -71.78 60.14
C GLU T 46 82.01 -72.99 59.42
N ASP T 47 82.57 -73.32 58.24
CA ASP T 47 82.14 -74.52 57.53
C ASP T 47 82.29 -75.76 58.39
N ALA T 48 83.39 -75.85 59.16
CA ALA T 48 83.58 -77.01 60.04
C ALA T 48 82.47 -77.09 61.07
N ARG T 49 82.10 -75.95 61.66
CA ARG T 49 80.98 -75.93 62.59
C ARG T 49 79.70 -76.41 61.93
N ARG T 50 79.47 -76.00 60.68
CA ARG T 50 78.24 -76.42 60.01
C ARG T 50 78.20 -77.94 59.81
N THR T 51 79.26 -78.51 59.23
CA THR T 51 79.25 -79.95 59.03
C THR T 51 79.20 -80.70 60.35
N LEU T 52 79.83 -80.15 61.39
CA LEU T 52 79.78 -80.79 62.71
C LEU T 52 78.36 -80.79 63.25
N PHE T 53 77.62 -79.69 63.07
CA PHE T 53 76.23 -79.66 63.49
C PHE T 53 75.43 -80.74 62.79
N ILE T 54 75.56 -80.83 61.45
CA ILE T 54 74.81 -81.85 60.73
C ILE T 54 75.21 -83.24 61.21
N GLY T 55 76.50 -83.46 61.42
CA GLY T 55 76.96 -84.77 61.87
C GLY T 55 76.40 -85.16 63.21
N THR T 56 76.36 -84.21 64.16
CA THR T 56 75.84 -84.54 65.48
C THR T 56 74.33 -84.75 65.44
N SER T 57 73.63 -84.06 64.55
CA SER T 57 72.20 -84.34 64.37
C SER T 57 72.00 -85.75 63.84
N LEU T 58 72.81 -86.17 62.86
CA LEU T 58 72.67 -87.54 62.36
C LEU T 58 73.00 -88.55 63.44
N ALA T 59 74.04 -88.28 64.23
CA ALA T 59 74.37 -89.13 65.36
C ALA T 59 73.22 -89.23 66.35
N LEU T 60 72.55 -88.12 66.61
CA LEU T 60 71.47 -88.13 67.59
C LEU T 60 70.27 -88.90 67.06
N VAL T 61 69.98 -88.77 65.77
CA VAL T 61 68.83 -89.52 65.26
C VAL T 61 69.17 -91.01 65.23
N ASN T 62 70.44 -91.36 65.02
CA ASN T 62 70.82 -92.77 65.08
C ASN T 62 70.68 -93.32 66.49
N LEU T 63 71.13 -92.55 67.48
CA LEU T 63 70.93 -92.96 68.86
C LEU T 63 69.45 -93.16 69.18
N ARG T 64 68.61 -92.26 68.70
CA ARG T 64 67.18 -92.41 68.98
C ARG T 64 66.61 -93.64 68.30
N ARG T 65 67.06 -93.95 67.08
CA ARG T 65 66.66 -95.21 66.46
C ARG T 65 67.01 -96.38 67.35
N ALA T 66 68.27 -96.45 67.78
CA ALA T 66 68.74 -97.58 68.58
C ALA T 66 67.93 -97.73 69.86
N HIS T 67 67.60 -96.62 70.52
CA HIS T 67 66.85 -96.71 71.75
C HIS T 67 65.34 -96.89 71.53
N ASP T 68 64.83 -96.45 70.38
CA ASP T 68 63.41 -96.54 70.05
C ASP T 68 63.02 -97.90 69.52
N LYS T 69 64.00 -98.71 69.13
CA LYS T 69 63.69 -100.10 68.81
C LYS T 69 63.06 -100.84 69.99
N HIS T 70 63.00 -100.24 71.18
CA HIS T 70 62.46 -100.91 72.35
C HIS T 70 61.33 -100.12 72.99
N LEU T 71 60.70 -99.21 72.25
CA LEU T 71 59.69 -98.32 72.82
C LEU T 71 58.34 -98.51 72.14
N VAL T 72 57.35 -97.80 72.67
CA VAL T 72 55.96 -97.87 72.25
C VAL T 72 55.79 -97.10 70.94
N GLU T 73 54.77 -97.43 70.18
CA GLU T 73 54.47 -96.72 68.94
C GLU T 73 54.00 -95.31 69.24
N ARG T 74 54.32 -94.38 68.33
CA ARG T 74 54.08 -92.96 68.56
C ARG T 74 52.82 -92.54 67.82
N GLN T 75 51.80 -92.15 68.58
CA GLN T 75 50.53 -91.79 68.00
C GLN T 75 50.59 -90.34 67.50
N PRO T 76 49.64 -89.94 66.65
CA PRO T 76 49.52 -88.52 66.29
C PRO T 76 48.95 -87.75 67.47
N MET T 77 49.62 -86.65 67.83
CA MET T 77 49.27 -85.92 69.04
C MET T 77 48.03 -85.06 68.88
N PHE T 78 47.78 -84.54 67.68
CA PHE T 78 46.72 -83.56 67.48
C PHE T 78 45.58 -84.14 66.67
N ALA T 79 44.37 -83.76 67.05
CA ALA T 79 43.16 -84.17 66.34
C ALA T 79 42.99 -83.30 65.11
N THR T 80 41.78 -83.36 64.53
CA THR T 80 41.31 -82.49 63.46
C THR T 80 41.96 -82.83 62.11
N SER T 81 42.95 -83.71 62.12
CA SER T 81 43.51 -84.25 60.89
C SER T 81 42.61 -85.39 60.43
N ASP T 82 41.77 -85.11 59.42
CA ASP T 82 40.63 -85.95 59.14
C ASP T 82 40.56 -86.26 57.65
N TYR T 83 40.56 -87.55 57.31
CA TYR T 83 40.26 -88.01 55.97
C TYR T 83 39.00 -88.90 55.96
N SER T 84 38.95 -89.89 56.82
CA SER T 84 37.73 -90.65 57.05
C SER T 84 37.03 -90.10 58.29
N SER T 85 36.63 -88.83 58.17
CA SER T 85 36.00 -88.14 59.29
C SER T 85 34.54 -88.54 59.45
N TRP T 86 33.86 -88.77 58.32
CA TRP T 86 32.44 -89.05 58.33
C TRP T 86 32.08 -90.25 59.21
N ALA T 87 33.03 -91.14 59.47
CA ALA T 87 32.73 -92.30 60.30
C ALA T 87 33.07 -92.03 61.76
N ARG T 88 34.32 -91.69 62.04
CA ARG T 88 34.77 -91.50 63.41
C ARG T 88 35.12 -90.05 63.66
N PRO T 89 34.90 -89.53 64.87
CA PRO T 89 35.38 -88.18 65.19
C PRO T 89 36.82 -88.22 65.66
N THR T 90 37.67 -87.42 65.02
CA THR T 90 39.09 -87.47 65.30
C THR T 90 39.39 -86.91 66.69
N VAL T 91 40.22 -87.63 67.44
CA VAL T 91 40.59 -87.23 68.79
C VAL T 91 42.09 -87.40 68.99
N GLY T 92 42.77 -86.34 69.37
CA GLY T 92 44.20 -86.39 69.59
C GLY T 92 44.56 -87.14 70.87
N LEU T 93 45.85 -87.15 71.17
CA LEU T 93 46.37 -87.82 72.36
C LEU T 93 47.39 -86.92 73.02
N LYS T 94 47.21 -86.66 74.31
CA LYS T 94 48.21 -85.93 75.07
C LYS T 94 49.34 -86.87 75.46
N ARG T 95 50.56 -86.53 75.05
CA ARG T 95 51.72 -87.35 75.33
C ARG T 95 52.25 -87.06 76.73
N THR T 96 51.37 -87.20 77.71
CA THR T 96 51.71 -86.95 79.10
C THR T 96 52.74 -87.94 79.63
N PHE T 97 52.55 -89.23 79.40
CA PHE T 97 53.58 -90.23 79.68
C PHE T 97 53.27 -91.51 78.92
N CYS T 98 54.22 -91.92 78.09
CA CYS T 98 54.20 -93.23 77.43
C CYS T 98 55.59 -93.86 77.55
N PRO T 99 56.04 -94.13 78.78
CA PRO T 99 57.41 -94.63 78.97
C PRO T 99 57.47 -96.15 79.06
N ARG T 100 58.54 -96.70 78.48
CA ARG T 100 58.81 -98.13 78.52
C ARG T 100 60.31 -98.40 78.46
N SER U 2 10.09 -126.70 95.92
CA SER U 2 9.36 -127.30 97.03
C SER U 2 7.85 -127.19 96.80
N PHE U 3 7.47 -126.31 95.89
CA PHE U 3 6.07 -126.07 95.54
C PHE U 3 6.05 -125.20 94.30
N ASP U 4 4.85 -124.91 93.82
CA ASP U 4 4.74 -124.00 92.69
C ASP U 4 4.15 -122.69 93.14
N PRO U 5 4.68 -121.56 92.66
CA PRO U 5 4.17 -120.27 93.14
C PRO U 5 2.77 -119.93 92.65
N ASN U 6 2.41 -120.36 91.44
CA ASN U 6 1.13 -119.95 90.86
C ASN U 6 -0.06 -120.55 91.61
N ASN U 7 0.18 -121.45 92.54
CA ASN U 7 -0.88 -121.99 93.39
C ASN U 7 -0.52 -121.80 94.85
N PRO U 8 -1.22 -120.94 95.58
CA PRO U 8 -0.95 -120.79 97.02
C PRO U 8 -1.46 -121.96 97.84
N ARG U 9 -2.43 -122.74 97.34
CA ARG U 9 -3.04 -123.80 98.13
C ARG U 9 -2.10 -124.97 98.35
N THR U 10 -0.91 -124.95 97.75
CA THR U 10 -0.02 -126.10 97.82
C THR U 10 1.07 -125.98 98.88
N ILE U 11 1.15 -124.85 99.58
CA ILE U 11 2.17 -124.72 100.62
C ILE U 11 1.60 -125.17 101.96
N THR U 12 2.44 -125.84 102.75
CA THR U 12 2.06 -126.40 104.05
C THR U 12 3.30 -126.89 104.76
N ALA U 13 3.11 -127.32 106.01
CA ALA U 13 4.23 -127.80 106.82
C ALA U 13 4.95 -128.97 106.17
N GLN U 14 4.26 -129.78 105.37
CA GLN U 14 4.90 -130.92 104.73
C GLN U 14 5.95 -130.46 103.72
N THR U 15 5.63 -129.47 102.90
CA THR U 15 6.55 -129.00 101.87
C THR U 15 7.53 -127.95 102.38
N LEU U 16 7.17 -127.18 103.41
CA LEU U 16 8.07 -126.15 103.91
C LEU U 16 9.17 -126.71 104.81
N GLU U 17 9.03 -127.94 105.29
CA GLU U 17 10.10 -128.54 106.08
C GLU U 17 11.38 -128.75 105.29
N GLY U 18 11.33 -128.61 103.97
CA GLY U 18 12.43 -128.93 103.08
C GLY U 18 13.81 -128.47 103.48
N ALA U 19 14.02 -127.16 103.58
CA ALA U 19 15.38 -126.66 103.74
C ALA U 19 15.33 -125.24 104.28
N LEU U 20 16.48 -124.56 104.25
CA LEU U 20 16.72 -123.22 104.75
C LEU U 20 15.83 -122.19 104.04
N PRO U 21 15.73 -120.96 104.58
CA PRO U 21 14.89 -119.95 103.92
C PRO U 21 15.30 -119.60 102.50
N VAL U 22 16.52 -119.94 102.09
CA VAL U 22 16.92 -119.70 100.70
C VAL U 22 15.99 -120.42 99.74
N ASP U 23 15.56 -121.64 100.07
CA ASP U 23 14.66 -122.37 99.20
C ASP U 23 13.30 -121.67 99.11
N ILE U 24 12.78 -121.23 100.25
CA ILE U 24 11.53 -120.47 100.25
C ILE U 24 11.64 -119.26 99.35
N LEU U 25 12.69 -118.47 99.54
CA LEU U 25 12.79 -117.19 98.83
C LEU U 25 13.03 -117.40 97.35
N LEU U 26 13.85 -118.38 97.00
CA LEU U 26 14.10 -118.66 95.58
C LEU U 26 12.87 -119.25 94.89
N ARG U 27 12.10 -120.08 95.61
CA ARG U 27 10.82 -120.53 95.08
C ARG U 27 9.90 -119.35 94.81
N LEU U 28 9.77 -118.44 95.77
CA LEU U 28 8.92 -117.27 95.56
C LEU U 28 9.49 -116.33 94.51
N ASN U 29 10.77 -116.48 94.19
CA ASN U 29 11.40 -115.58 93.23
C ASN U 29 11.05 -115.90 91.79
N ARG U 30 10.73 -117.15 91.48
CA ARG U 30 10.48 -117.58 90.10
C ARG U 30 9.00 -117.69 89.79
N ALA U 31 8.18 -116.86 90.42
CA ALA U 31 6.76 -116.83 90.11
C ALA U 31 6.53 -116.23 88.73
N THR U 32 5.35 -116.50 88.17
CA THR U 32 4.98 -115.95 86.86
C THR U 32 3.49 -116.10 86.62
N ALA U 41 -10.92 -116.47 98.17
CA ALA U 41 -10.11 -115.38 97.62
C ALA U 41 -9.04 -114.93 98.62
N HIS U 42 -9.32 -113.83 99.33
CA HIS U 42 -8.32 -113.29 100.25
C HIS U 42 -8.00 -114.25 101.39
N ALA U 43 -8.96 -115.10 101.77
CA ALA U 43 -8.69 -116.05 102.85
C ALA U 43 -7.63 -117.05 102.43
N ILE U 44 -7.64 -117.47 101.16
CA ILE U 44 -6.65 -118.43 100.69
C ILE U 44 -5.25 -117.86 100.86
N VAL U 45 -5.00 -116.69 100.26
CA VAL U 45 -3.69 -116.10 100.34
C VAL U 45 -3.34 -115.74 101.77
N GLU U 46 -4.33 -115.41 102.61
CA GLU U 46 -4.03 -115.07 103.99
C GLU U 46 -3.53 -116.28 104.77
N ASP U 47 -4.29 -117.39 104.73
CA ASP U 47 -3.84 -118.62 105.37
C ASP U 47 -2.48 -119.05 104.83
N ALA U 48 -2.26 -118.91 103.52
CA ALA U 48 -0.98 -119.29 102.95
C ALA U 48 0.14 -118.44 103.53
N ARG U 49 -0.10 -117.14 103.67
CA ARG U 49 0.88 -116.26 104.30
C ARG U 49 1.18 -116.73 105.72
N ARG U 50 0.15 -117.13 106.46
CA ARG U 50 0.37 -117.55 107.84
C ARG U 50 1.25 -118.80 107.90
N THR U 51 0.90 -119.84 107.15
CA THR U 51 1.72 -121.05 107.19
C THR U 51 3.11 -120.78 106.67
N LEU U 52 3.25 -119.89 105.69
CA LEU U 52 4.56 -119.54 105.18
C LEU U 52 5.41 -118.86 106.24
N PHE U 53 4.80 -117.97 107.02
CA PHE U 53 5.52 -117.34 108.12
C PHE U 53 6.03 -118.39 109.11
N ILE U 54 5.15 -119.30 109.53
CA ILE U 54 5.58 -120.33 110.47
C ILE U 54 6.69 -121.18 109.86
N GLY U 55 6.55 -121.53 108.58
CA GLY U 55 7.56 -122.35 107.94
C GLY U 55 8.91 -121.67 107.89
N THR U 56 8.94 -120.37 107.57
CA THR U 56 10.22 -119.68 107.50
C THR U 56 10.83 -119.49 108.88
N SER U 57 10.00 -119.34 109.90
CA SER U 57 10.54 -119.32 111.26
C SER U 57 11.18 -120.66 111.61
N LEU U 58 10.54 -121.77 111.26
CA LEU U 58 11.14 -123.07 111.55
C LEU U 58 12.44 -123.25 110.77
N ALA U 59 12.45 -122.81 109.51
CA ALA U 59 13.66 -122.83 108.69
C ALA U 59 14.78 -122.02 109.34
N LEU U 60 14.44 -120.85 109.89
CA LEU U 60 15.46 -120.00 110.46
C LEU U 60 16.01 -120.61 111.75
N VAL U 61 15.15 -121.24 112.55
CA VAL U 61 15.68 -121.82 113.78
C VAL U 61 16.54 -123.04 113.44
N ASN U 62 16.20 -123.74 112.35
CA ASN U 62 17.04 -124.86 111.93
C ASN U 62 18.41 -124.37 111.45
N LEU U 63 18.42 -123.30 110.67
CA LEU U 63 19.69 -122.70 110.26
C LEU U 63 20.52 -122.30 111.47
N ARG U 64 19.88 -121.70 112.47
CA ARG U 64 20.63 -121.30 113.66
C ARG U 64 21.18 -122.50 114.40
N ARG U 65 20.42 -123.59 114.48
CA ARG U 65 20.96 -124.81 115.06
C ARG U 65 22.22 -125.24 114.33
N ALA U 66 22.14 -125.33 113.00
CA ALA U 66 23.27 -125.80 112.21
C ALA U 66 24.50 -124.93 112.42
N HIS U 67 24.32 -123.61 112.48
CA HIS U 67 25.47 -122.73 112.66
C HIS U 67 25.92 -122.64 114.12
N ASP U 68 25.03 -122.88 115.08
CA ASP U 68 25.34 -122.80 116.49
C ASP U 68 26.00 -124.05 117.02
N LYS U 69 25.95 -125.15 116.26
CA LYS U 69 26.76 -126.31 116.62
C LYS U 69 28.25 -125.98 116.70
N HIS U 70 28.68 -124.79 116.27
CA HIS U 70 30.08 -124.43 116.25
C HIS U 70 30.36 -123.17 117.07
N LEU U 71 29.48 -122.77 117.97
CA LEU U 71 29.60 -121.52 118.69
C LEU U 71 29.71 -121.75 120.19
N VAL U 72 29.94 -120.65 120.90
CA VAL U 72 30.15 -120.61 122.34
C VAL U 72 28.82 -120.79 123.05
N GLU U 73 28.86 -121.26 124.29
CA GLU U 73 27.65 -121.42 125.09
C GLU U 73 27.07 -120.06 125.44
N ARG U 74 25.75 -120.00 125.56
CA ARG U 74 25.04 -118.73 125.74
C ARG U 74 24.69 -118.57 127.21
N GLN U 75 25.28 -117.56 127.84
CA GLN U 75 25.06 -117.33 129.25
C GLN U 75 23.75 -116.56 129.46
N PRO U 76 23.23 -116.54 130.69
CA PRO U 76 22.09 -115.67 130.99
C PRO U 76 22.55 -114.22 131.05
N MET U 77 21.85 -113.36 130.33
CA MET U 77 22.30 -111.97 130.18
C MET U 77 22.03 -111.12 131.41
N PHE U 78 20.97 -111.40 132.15
CA PHE U 78 20.53 -110.54 133.23
C PHE U 78 20.74 -111.18 134.58
N ALA U 79 21.16 -110.37 135.55
CA ALA U 79 21.33 -110.81 136.91
C ALA U 79 19.99 -110.87 137.62
N THR U 80 20.03 -110.98 138.95
CA THR U 80 18.89 -110.87 139.84
C THR U 80 18.00 -112.10 139.80
N SER U 81 18.26 -113.01 138.85
CA SER U 81 17.60 -114.30 138.83
C SER U 81 18.34 -115.22 139.80
N ASP U 82 17.76 -115.41 140.99
CA ASP U 82 18.50 -115.94 142.12
C ASP U 82 17.72 -117.07 142.78
N TYR U 83 18.35 -118.24 142.88
CA TYR U 83 17.85 -119.34 143.68
C TYR U 83 18.84 -119.69 144.80
N SER U 84 20.10 -119.90 144.45
CA SER U 84 21.17 -120.03 145.45
C SER U 84 21.86 -118.68 145.61
N SER U 85 21.07 -117.71 146.06
CA SER U 85 21.58 -116.34 146.19
C SER U 85 22.42 -116.20 147.45
N TRP U 86 22.04 -116.89 148.52
CA TRP U 86 22.71 -116.73 149.80
C TRP U 86 24.20 -117.01 149.72
N ALA U 87 24.66 -117.76 148.72
CA ALA U 87 26.08 -118.04 148.60
C ALA U 87 26.78 -117.03 147.71
N ARG U 88 26.32 -116.90 146.46
CA ARG U 88 26.97 -116.03 145.50
C ARG U 88 26.07 -114.87 145.13
N PRO U 89 26.62 -113.70 144.85
CA PRO U 89 25.78 -112.60 144.34
C PRO U 89 25.65 -112.70 142.83
N THR U 90 24.41 -112.71 142.36
CA THR U 90 24.16 -112.92 140.94
C THR U 90 24.63 -111.73 140.12
N VAL U 91 25.33 -112.01 139.02
CA VAL U 91 25.86 -110.97 138.14
C VAL U 91 25.61 -111.35 136.69
N GLY U 92 24.94 -110.47 135.96
CA GLY U 92 24.66 -110.73 134.56
C GLY U 92 25.89 -110.60 133.69
N LEU U 93 25.68 -110.74 132.39
CA LEU U 93 26.75 -110.65 131.39
C LEU U 93 26.26 -109.81 130.22
N LYS U 94 27.03 -108.78 129.87
CA LYS U 94 26.73 -108.01 128.67
C LYS U 94 27.23 -108.75 127.45
N ARG U 95 26.33 -109.06 126.52
CA ARG U 95 26.69 -109.79 125.32
C ARG U 95 27.25 -108.84 124.27
N THR U 96 28.30 -108.12 124.67
CA THR U 96 28.96 -107.17 123.80
C THR U 96 29.63 -107.83 122.60
N PHE U 97 30.39 -108.90 122.82
CA PHE U 97 30.90 -109.72 121.72
C PHE U 97 31.34 -111.08 122.28
N CYS U 98 30.73 -112.14 121.74
CA CYS U 98 31.16 -113.51 121.98
C CYS U 98 31.20 -114.25 120.65
N PRO U 99 32.05 -113.81 119.73
CA PRO U 99 32.07 -114.42 118.38
C PRO U 99 33.11 -115.52 118.23
N ARG U 100 32.73 -116.54 117.47
CA ARG U 100 33.61 -117.65 117.15
C ARG U 100 33.24 -118.27 115.81
N SER V 2 -45.65 -68.93 -73.53
CA SER V 2 -46.35 -68.45 -74.73
C SER V 2 -45.48 -67.44 -75.47
N PHE V 3 -44.47 -66.92 -74.79
CA PHE V 3 -43.56 -65.94 -75.37
C PHE V 3 -42.41 -65.78 -74.39
N ASP V 4 -41.44 -64.94 -74.76
CA ASP V 4 -40.35 -64.66 -73.85
C ASP V 4 -40.47 -63.25 -73.31
N PRO V 5 -40.23 -63.03 -72.02
CA PRO V 5 -40.41 -61.68 -71.47
C PRO V 5 -39.36 -60.69 -71.93
N ASN V 6 -38.12 -61.14 -72.15
CA ASN V 6 -37.04 -60.20 -72.45
C ASN V 6 -37.22 -59.54 -73.81
N ASN V 7 -38.19 -59.97 -74.60
CA ASN V 7 -38.51 -59.32 -75.86
C ASN V 7 -39.97 -58.93 -75.89
N PRO V 8 -40.31 -57.64 -75.85
CA PRO V 8 -41.72 -57.24 -75.96
C PRO V 8 -42.27 -57.37 -77.37
N ARG V 9 -41.41 -57.39 -78.39
CA ARG V 9 -41.89 -57.41 -79.77
C ARG V 9 -42.53 -58.74 -80.16
N THR V 10 -42.51 -59.73 -79.27
CA THR V 10 -42.99 -61.06 -79.62
C THR V 10 -44.40 -61.35 -79.15
N ILE V 11 -45.05 -60.43 -78.43
CA ILE V 11 -46.42 -60.68 -78.01
C ILE V 11 -47.39 -60.13 -79.05
N THR V 12 -48.48 -60.86 -79.25
CA THR V 12 -49.50 -60.53 -80.24
C THR V 12 -50.70 -61.44 -80.05
N ALA V 13 -51.76 -61.16 -80.82
CA ALA V 13 -52.98 -61.95 -80.74
C ALA V 13 -52.74 -63.43 -81.02
N GLN V 14 -51.74 -63.75 -81.83
CA GLN V 14 -51.47 -65.16 -82.15
C GLN V 14 -50.99 -65.92 -80.91
N THR V 15 -50.09 -65.34 -80.13
CA THR V 15 -49.55 -66.00 -78.96
C THR V 15 -50.40 -65.80 -77.72
N LEU V 16 -51.15 -64.70 -77.62
CA LEU V 16 -51.97 -64.47 -76.43
C LEU V 16 -53.27 -65.27 -76.42
N GLU V 17 -53.67 -65.81 -77.57
CA GLU V 17 -54.86 -66.65 -77.60
C GLU V 17 -54.71 -67.92 -76.78
N GLY V 18 -53.49 -68.25 -76.36
CA GLY V 18 -53.16 -69.50 -75.71
C GLY V 18 -54.11 -70.01 -74.64
N ALA V 19 -54.25 -69.26 -73.54
CA ALA V 19 -54.97 -69.80 -72.40
C ALA V 19 -55.41 -68.66 -71.49
N LEU V 20 -55.85 -69.00 -70.29
CA LEU V 20 -56.37 -68.10 -69.26
C LEU V 20 -55.32 -67.08 -68.81
N PRO V 21 -55.73 -66.03 -68.10
CA PRO V 21 -54.74 -65.02 -67.66
C PRO V 21 -53.63 -65.56 -66.78
N VAL V 22 -53.79 -66.75 -66.19
CA VAL V 22 -52.72 -67.34 -65.41
C VAL V 22 -51.46 -67.51 -66.26
N ASP V 23 -51.61 -67.90 -67.52
CA ASP V 23 -50.45 -68.07 -68.39
C ASP V 23 -49.77 -66.73 -68.65
N ILE V 24 -50.56 -65.68 -68.92
CA ILE V 24 -50.00 -64.34 -69.10
C ILE V 24 -49.21 -63.94 -67.88
N LEU V 25 -49.80 -64.06 -66.69
CA LEU V 25 -49.18 -63.54 -65.49
C LEU V 25 -47.94 -64.36 -65.11
N LEU V 26 -48.00 -65.68 -65.27
CA LEU V 26 -46.85 -66.51 -64.96
C LEU V 26 -45.72 -66.29 -65.96
N ARG V 27 -46.05 -66.07 -67.23
CA ARG V 27 -45.03 -65.68 -68.20
C ARG V 27 -44.36 -64.39 -67.78
N LEU V 28 -45.15 -63.37 -67.43
CA LEU V 28 -44.57 -62.10 -67.00
C LEU V 28 -43.83 -62.23 -65.68
N ASN V 29 -44.09 -63.31 -64.93
CA ASN V 29 -43.49 -63.47 -63.63
C ASN V 29 -42.04 -63.95 -63.69
N ARG V 30 -41.65 -64.65 -64.75
CA ARG V 30 -40.32 -65.24 -64.86
C ARG V 30 -39.40 -64.41 -65.75
N ALA V 31 -39.60 -63.10 -65.78
CA ALA V 31 -38.71 -62.22 -66.52
C ALA V 31 -37.34 -62.15 -65.85
N THR V 32 -36.33 -61.72 -66.60
CA THR V 32 -34.99 -61.57 -66.07
C THR V 32 -34.12 -60.74 -67.02
N ALA V 41 -38.34 -47.28 -78.94
CA ALA V 41 -38.17 -47.30 -77.50
C ALA V 41 -39.51 -47.40 -76.78
N HIS V 42 -40.00 -46.25 -76.29
CA HIS V 42 -41.24 -46.27 -75.53
C HIS V 42 -42.44 -46.70 -76.36
N ALA V 43 -42.40 -46.48 -77.69
CA ALA V 43 -43.51 -46.91 -78.53
C ALA V 43 -43.62 -48.43 -78.54
N ILE V 44 -42.48 -49.13 -78.53
CA ILE V 44 -42.50 -50.59 -78.53
C ILE V 44 -43.24 -51.10 -77.32
N VAL V 45 -42.79 -50.71 -76.12
CA VAL V 45 -43.41 -51.18 -74.91
C VAL V 45 -44.84 -50.70 -74.80
N GLU V 46 -45.15 -49.53 -75.37
CA GLU V 46 -46.52 -49.02 -75.29
C GLU V 46 -47.47 -49.89 -76.12
N ASP V 47 -47.14 -50.11 -77.40
CA ASP V 47 -47.95 -51.00 -78.23
C ASP V 47 -48.05 -52.39 -77.60
N ALA V 48 -46.96 -52.89 -77.02
CA ALA V 48 -47.01 -54.21 -76.39
C ALA V 48 -47.99 -54.21 -75.23
N ARG V 49 -47.98 -53.15 -74.42
CA ARG V 49 -48.95 -53.03 -73.34
C ARG V 49 -50.38 -53.03 -73.89
N ARG V 50 -50.60 -52.35 -75.01
CA ARG V 50 -51.96 -52.31 -75.56
C ARG V 50 -52.43 -53.70 -75.99
N THR V 51 -51.62 -54.40 -76.79
CA THR V 51 -52.04 -55.72 -77.24
C THR V 51 -52.17 -56.67 -76.05
N LEU V 52 -51.32 -56.51 -75.03
CA LEU V 52 -51.41 -57.36 -73.85
C LEU V 52 -52.73 -57.11 -73.11
N PHE V 53 -53.14 -55.85 -73.01
CA PHE V 53 -54.43 -55.55 -72.39
C PHE V 53 -55.57 -56.24 -73.14
N ILE V 54 -55.58 -56.10 -74.47
CA ILE V 54 -56.65 -56.74 -75.23
C ILE V 54 -56.61 -58.25 -75.05
N GLY V 55 -55.40 -58.82 -75.07
CA GLY V 55 -55.27 -60.26 -74.91
C GLY V 55 -55.80 -60.76 -73.58
N THR V 56 -55.48 -60.03 -72.49
CA THR V 56 -55.95 -60.47 -71.19
C THR V 56 -57.45 -60.29 -71.04
N SER V 57 -58.02 -59.28 -71.69
CA SER V 57 -59.47 -59.16 -71.71
C SER V 57 -60.11 -60.35 -72.43
N LEU V 58 -59.54 -60.75 -73.57
CA LEU V 58 -60.09 -61.91 -74.27
C LEU V 58 -59.95 -63.17 -73.41
N ALA V 59 -58.81 -63.33 -72.76
CA ALA V 59 -58.60 -64.44 -71.83
C ALA V 59 -59.65 -64.44 -70.73
N LEU V 60 -59.96 -63.26 -70.19
CA LEU V 60 -60.90 -63.20 -69.07
C LEU V 60 -62.31 -63.52 -69.54
N VAL V 61 -62.68 -63.08 -70.75
CA VAL V 61 -64.03 -63.40 -71.19
C VAL V 61 -64.12 -64.90 -71.52
N ASN V 62 -63.02 -65.50 -71.96
CA ASN V 62 -63.04 -66.94 -72.20
C ASN V 62 -63.18 -67.70 -70.88
N LEU V 63 -62.44 -67.29 -69.85
CA LEU V 63 -62.61 -67.88 -68.53
C LEU V 63 -64.05 -67.78 -68.06
N ARG V 64 -64.66 -66.61 -68.25
CA ARG V 64 -66.03 -66.45 -67.80
C ARG V 64 -66.99 -67.34 -68.58
N ARG V 65 -66.75 -67.51 -69.88
CA ARG V 65 -67.54 -68.48 -70.64
C ARG V 65 -67.44 -69.87 -70.02
N ALA V 66 -66.21 -70.32 -69.78
CA ALA V 66 -66.00 -71.67 -69.26
C ALA V 66 -66.70 -71.86 -67.92
N HIS V 67 -66.63 -70.86 -67.04
CA HIS V 67 -67.27 -70.98 -65.74
C HIS V 67 -68.77 -70.73 -65.77
N ASP V 68 -69.26 -69.97 -66.75
CA ASP V 68 -70.66 -69.63 -66.87
C ASP V 68 -71.46 -70.72 -67.57
N LYS V 69 -70.78 -71.66 -68.23
CA LYS V 69 -71.49 -72.84 -68.71
C LYS V 69 -72.19 -73.61 -67.59
N HIS V 70 -71.96 -73.26 -66.33
CA HIS V 70 -72.54 -73.98 -65.21
C HIS V 70 -73.36 -73.07 -64.29
N LEU V 71 -73.78 -71.92 -64.76
CA LEU V 71 -74.45 -70.93 -63.94
C LEU V 71 -75.86 -70.64 -64.44
N VAL V 72 -76.57 -69.83 -63.65
CA VAL V 72 -77.95 -69.45 -63.87
C VAL V 72 -78.03 -68.43 -65.00
N GLU V 73 -79.18 -68.34 -65.66
CA GLU V 73 -79.38 -67.36 -66.70
C GLU V 73 -79.42 -65.96 -66.12
N ARG V 74 -78.95 -64.97 -66.89
CA ARG V 74 -78.77 -63.61 -66.40
C ARG V 74 -79.94 -62.75 -66.88
N GLN V 75 -80.74 -62.29 -65.93
CA GLN V 75 -81.90 -61.50 -66.25
C GLN V 75 -81.51 -60.05 -66.52
N PRO V 76 -82.39 -59.26 -67.14
CA PRO V 76 -82.14 -57.82 -67.23
C PRO V 76 -82.35 -57.17 -65.87
N MET V 77 -81.39 -56.37 -65.45
CA MET V 77 -81.41 -55.83 -64.10
C MET V 77 -82.38 -54.66 -63.94
N PHE V 78 -82.59 -53.88 -64.97
CA PHE V 78 -83.36 -52.65 -64.87
C PHE V 78 -84.69 -52.75 -65.58
N ALA V 79 -85.71 -52.17 -64.97
CA ALA V 79 -87.04 -52.11 -65.57
C ALA V 79 -87.10 -51.01 -66.61
N THR V 80 -88.31 -50.65 -67.01
CA THR V 80 -88.63 -49.49 -67.84
C THR V 80 -88.23 -49.72 -69.29
N SER V 81 -87.52 -50.81 -69.58
CA SER V 81 -87.25 -51.22 -70.95
C SER V 81 -88.47 -51.97 -71.46
N ASP V 82 -89.29 -51.30 -72.26
CA ASP V 82 -90.66 -51.76 -72.52
C ASP V 82 -90.94 -51.75 -74.01
N TYR V 83 -91.32 -52.91 -74.55
CA TYR V 83 -91.86 -53.01 -75.89
C TYR V 83 -93.32 -53.52 -75.85
N SER V 84 -93.55 -54.63 -75.17
CA SER V 84 -94.91 -55.09 -74.89
C SER V 84 -95.31 -54.62 -73.49
N SER V 85 -95.35 -53.30 -73.35
CA SER V 85 -95.66 -52.71 -72.04
C SER V 85 -97.15 -52.74 -71.76
N TRP V 86 -97.97 -52.58 -72.80
CA TRP V 86 -99.41 -52.49 -72.62
C TRP V 86 -99.99 -53.70 -71.91
N ALA V 87 -99.31 -54.85 -71.94
CA ALA V 87 -99.82 -56.03 -71.28
C ALA V 87 -99.28 -56.15 -69.85
N ARG V 88 -97.96 -56.18 -69.71
CA ARG V 88 -97.35 -56.39 -68.40
C ARG V 88 -96.59 -55.15 -67.97
N PRO V 89 -96.55 -54.84 -66.67
CA PRO V 89 -95.70 -53.74 -66.21
C PRO V 89 -94.28 -54.22 -65.96
N THR V 90 -93.31 -53.56 -66.59
CA THR V 90 -91.94 -54.02 -66.53
C THR V 90 -91.37 -53.83 -65.13
N VAL V 91 -90.70 -54.87 -64.64
CA VAL V 91 -90.10 -54.85 -63.30
C VAL V 91 -88.69 -55.43 -63.35
N GLY V 92 -87.71 -54.65 -62.90
CA GLY V 92 -86.35 -55.11 -62.90
C GLY V 92 -86.08 -56.16 -61.83
N LEU V 93 -84.81 -56.55 -61.72
CA LEU V 93 -84.38 -57.55 -60.76
C LEU V 93 -83.09 -57.09 -60.10
N LYS V 94 -83.08 -57.04 -58.78
CA LYS V 94 -81.85 -56.75 -58.05
C LYS V 94 -80.98 -57.99 -57.99
N ARG V 95 -79.77 -57.90 -58.52
CA ARG V 95 -78.84 -59.03 -58.55
C ARG V 95 -78.12 -59.14 -57.21
N THR V 96 -78.92 -59.26 -56.15
CA THR V 96 -78.39 -59.38 -54.79
C THR V 96 -77.62 -60.67 -54.58
N PHE V 97 -78.18 -61.81 -54.99
CA PHE V 97 -77.43 -63.07 -55.03
C PHE V 97 -78.15 -64.06 -55.94
N CYS V 98 -77.43 -64.52 -56.96
CA CYS V 98 -77.87 -65.63 -57.81
C CYS V 98 -76.70 -66.60 -57.99
N PRO V 99 -76.24 -67.20 -56.90
CA PRO V 99 -75.04 -68.06 -56.99
C PRO V 99 -75.38 -69.53 -57.17
N ARG V 100 -74.56 -70.21 -57.97
CA ARG V 100 -74.69 -71.64 -58.21
C ARG V 100 -73.33 -72.26 -58.54
N ARG W 3 5.63 70.35 -55.69
CA ARG W 3 4.44 69.66 -55.20
C ARG W 3 3.60 70.48 -54.22
N PRO W 4 4.21 71.04 -53.16
CA PRO W 4 3.41 71.78 -52.18
C PRO W 4 2.73 73.01 -52.79
N ALA W 5 3.52 73.91 -53.39
CA ALA W 5 3.02 75.17 -53.94
C ALA W 5 2.27 75.94 -52.86
N ILE W 6 3.05 76.39 -51.87
CA ILE W 6 2.48 76.90 -50.62
C ILE W 6 1.52 78.05 -50.90
N LEU W 7 2.02 79.14 -51.47
CA LEU W 7 1.20 80.33 -51.74
C LEU W 7 1.35 80.70 -53.20
N PRO W 8 0.27 80.80 -53.96
CA PRO W 8 0.37 81.12 -55.38
C PRO W 8 0.83 82.56 -55.58
N SER W 9 1.03 82.90 -56.85
CA SER W 9 1.46 84.25 -57.22
C SER W 9 0.71 84.75 -58.44
N GLY W 10 -0.56 84.43 -58.54
CA GLY W 10 -1.35 84.84 -59.69
C GLY W 10 -2.60 84.00 -59.82
N GLN W 11 -3.42 84.37 -60.79
CA GLN W 11 -4.67 83.67 -61.06
C GLN W 11 -4.65 83.07 -62.47
N ILE W 12 -5.44 82.02 -62.63
CA ILE W 12 -5.58 81.31 -63.89
C ILE W 12 -6.98 81.59 -64.40
N LEU W 13 -7.09 82.25 -65.55
CA LEU W 13 -8.34 82.84 -65.99
C LEU W 13 -9.03 82.03 -67.09
N SER W 14 -8.71 80.75 -67.22
CA SER W 14 -9.33 79.92 -68.24
C SER W 14 -9.85 78.63 -67.62
N ASN W 15 -11.00 78.17 -68.11
CA ASN W 15 -11.61 76.91 -67.67
C ASN W 15 -11.51 75.93 -68.83
N ILE W 16 -10.38 75.24 -68.94
CA ILE W 16 -10.12 74.30 -70.02
C ILE W 16 -9.73 72.97 -69.43
N GLU W 17 -10.20 71.89 -70.05
CA GLU W 17 -9.81 70.56 -69.61
C GLU W 17 -8.32 70.36 -69.83
N VAL W 18 -7.62 70.00 -68.75
CA VAL W 18 -6.17 69.86 -68.87
C VAL W 18 -5.80 68.50 -69.44
N HIS W 19 -6.54 67.45 -69.10
CA HIS W 19 -6.13 66.10 -69.47
C HIS W 19 -6.06 65.93 -70.98
N SER W 20 -6.96 66.57 -71.71
CA SER W 20 -6.94 66.44 -73.16
C SER W 20 -5.73 67.14 -73.76
N HIS W 21 -5.34 68.29 -73.21
CA HIS W 21 -4.21 69.05 -73.72
C HIS W 21 -2.91 68.70 -73.04
N ARG W 22 -2.75 67.47 -72.56
CA ARG W 22 -1.57 67.12 -71.79
C ARG W 22 -0.29 67.12 -72.62
N ALA W 23 -0.35 67.51 -73.89
CA ALA W 23 0.83 67.57 -74.73
C ALA W 23 1.59 68.87 -74.60
N LEU W 24 0.97 69.92 -74.04
CA LEU W 24 1.69 71.17 -73.86
C LEU W 24 2.70 71.07 -72.74
N PHE W 25 2.34 70.39 -71.65
CA PHE W 25 3.23 70.30 -70.50
C PHE W 25 4.23 69.16 -70.69
N ASP W 26 5.13 69.03 -69.71
CA ASP W 26 6.09 67.93 -69.68
C ASP W 26 5.92 67.07 -68.45
N ILE W 27 5.81 67.68 -67.27
CA ILE W 27 5.48 66.98 -66.04
C ILE W 27 4.03 67.28 -65.71
N PHE W 28 3.25 66.24 -65.47
CA PHE W 28 1.80 66.40 -65.36
C PHE W 28 1.22 65.18 -64.66
N LYS W 29 0.64 65.38 -63.48
CA LYS W 29 0.05 64.29 -62.72
C LYS W 29 -1.39 64.67 -62.35
N ARG W 30 -2.04 63.79 -61.61
CA ARG W 30 -3.44 63.99 -61.24
C ARG W 30 -3.80 63.00 -60.14
N PHE W 31 -4.90 63.29 -59.46
CA PHE W 31 -5.42 62.39 -58.44
C PHE W 31 -6.87 62.78 -58.15
N ARG W 32 -7.53 61.93 -57.37
CA ARG W 32 -8.97 62.09 -57.15
C ARG W 32 -9.25 63.12 -56.07
N SER W 33 -8.68 62.95 -54.89
CA SER W 33 -9.01 63.76 -53.73
C SER W 33 -7.75 63.83 -52.86
N ASP W 34 -7.94 64.12 -51.57
CA ASP W 34 -6.83 64.14 -50.62
C ASP W 34 -5.95 62.90 -50.79
N ASP W 35 -4.64 63.12 -50.71
CA ASP W 35 -3.65 62.05 -50.80
C ASP W 35 -2.76 62.05 -49.56
N ASN W 36 -2.37 60.85 -49.12
CA ASN W 36 -1.56 60.75 -47.92
C ASN W 36 -0.13 61.21 -48.14
N ASN W 37 0.39 61.04 -49.35
CA ASN W 37 1.79 61.36 -49.64
C ASN W 37 1.99 62.85 -49.91
N LEU W 38 1.04 63.68 -49.51
CA LEU W 38 1.12 65.11 -49.76
C LEU W 38 1.46 65.91 -48.52
N TYR W 39 1.29 65.35 -47.33
CA TYR W 39 1.43 66.09 -46.09
C TYR W 39 2.69 65.76 -45.30
N GLY W 40 3.31 64.61 -45.56
CA GLY W 40 4.59 64.33 -44.95
C GLY W 40 5.70 65.11 -45.60
N ALA W 41 6.31 66.03 -44.85
CA ALA W 41 7.37 66.89 -45.37
C ALA W 41 8.68 66.49 -44.73
N GLU W 42 9.68 66.19 -45.55
CA GLU W 42 11.00 65.83 -45.06
C GLU W 42 12.03 66.75 -45.70
N PHE W 43 13.19 66.84 -45.06
CA PHE W 43 14.26 67.69 -45.53
C PHE W 43 15.58 67.15 -45.00
N ASP W 44 16.67 67.77 -45.43
CA ASP W 44 17.99 67.46 -44.90
C ASP W 44 18.71 68.77 -44.62
N ALA W 45 19.67 68.72 -43.72
CA ALA W 45 20.35 69.92 -43.29
C ALA W 45 21.79 69.60 -42.93
N LEU W 46 22.65 70.61 -43.03
CA LEU W 46 23.97 70.55 -42.44
C LEU W 46 23.90 71.16 -41.06
N LEU W 47 24.43 70.44 -40.07
CA LEU W 47 24.31 70.87 -38.69
C LEU W 47 25.52 71.66 -38.23
N GLY W 48 25.85 72.69 -38.98
CA GLY W 48 26.92 73.60 -38.60
C GLY W 48 28.23 73.27 -39.28
N THR W 49 28.98 74.32 -39.58
CA THR W 49 30.32 74.21 -40.14
C THR W 49 31.36 74.55 -39.08
N TYR W 50 32.63 74.34 -39.41
CA TYR W 50 33.69 74.49 -38.43
C TYR W 50 34.96 74.93 -39.13
N CYS W 51 35.42 76.14 -38.83
CA CYS W 51 36.61 76.72 -39.45
C CYS W 51 37.84 76.43 -38.61
N SER W 52 38.99 76.98 -39.02
CA SER W 52 40.26 76.73 -38.36
C SER W 52 41.09 78.00 -38.40
N THR W 53 41.47 78.51 -37.23
CA THR W 53 42.30 79.70 -37.17
C THR W 53 43.74 79.33 -37.51
N LEU W 54 44.60 80.34 -37.56
CA LEU W 54 46.03 80.15 -37.78
C LEU W 54 46.77 80.87 -36.65
N SER W 55 47.24 80.11 -35.67
CA SER W 55 47.95 80.67 -34.53
C SER W 55 49.34 81.09 -34.98
N LEU W 56 49.52 82.38 -35.22
CA LEU W 56 50.82 82.87 -35.65
C LEU W 56 51.83 82.81 -34.51
N VAL W 57 53.10 82.83 -34.88
CA VAL W 57 54.20 82.77 -33.92
C VAL W 57 55.14 83.92 -34.21
N ARG W 58 55.60 84.58 -33.14
CA ARG W 58 56.60 85.63 -33.24
C ARG W 58 57.98 85.05 -32.97
N PHE W 59 58.96 85.49 -33.75
CA PHE W 59 60.30 84.92 -33.60
C PHE W 59 60.96 85.42 -32.32
N LEU W 60 60.91 86.72 -32.08
CA LEU W 60 61.60 87.27 -30.91
C LEU W 60 61.08 86.68 -29.62
N GLU W 61 59.78 86.38 -29.55
CA GLU W 61 59.22 85.82 -28.32
C GLU W 61 59.61 84.37 -28.11
N LEU W 62 60.33 83.75 -29.04
CA LEU W 62 60.79 82.38 -28.86
C LEU W 62 61.93 82.37 -27.84
N GLY W 63 62.56 81.22 -27.69
CA GLY W 63 63.72 81.13 -26.83
C GLY W 63 65.01 81.19 -27.63
N LEU W 64 64.98 80.61 -28.83
CA LEU W 64 66.17 80.59 -29.68
C LEU W 64 66.72 81.98 -29.97
N SER W 65 65.87 83.01 -29.88
CA SER W 65 66.30 84.36 -30.23
C SER W 65 67.58 84.77 -29.52
N VAL W 66 67.83 84.22 -28.33
CA VAL W 66 69.03 84.56 -27.60
C VAL W 66 70.29 84.15 -28.33
N ALA W 67 70.21 83.21 -29.26
CA ALA W 67 71.42 82.71 -29.90
C ALA W 67 72.06 83.78 -30.80
N CYS W 68 71.27 84.35 -31.71
CA CYS W 68 71.78 85.28 -32.69
C CYS W 68 71.19 86.67 -32.47
N VAL W 69 71.92 87.67 -32.94
CA VAL W 69 71.45 89.05 -32.91
C VAL W 69 70.94 89.41 -34.29
N CYS W 70 69.72 89.95 -34.33
CA CYS W 70 69.04 90.24 -35.58
C CYS W 70 68.89 91.75 -35.70
N THR W 71 69.47 92.33 -36.75
CA THR W 71 69.40 93.77 -36.95
C THR W 71 68.98 94.07 -38.38
N LYS W 72 68.05 95.01 -38.54
CA LYS W 72 67.42 95.29 -39.84
C LYS W 72 68.35 96.18 -40.65
N PHE W 73 69.05 95.58 -41.61
CA PHE W 73 69.89 96.34 -42.53
C PHE W 73 69.18 96.42 -43.87
N PRO W 74 68.69 97.60 -44.26
CA PRO W 74 67.77 97.65 -45.41
C PRO W 74 68.44 97.46 -46.76
N GLU W 75 69.62 98.03 -46.96
CA GLU W 75 70.23 98.07 -48.27
C GLU W 75 71.15 96.88 -48.55
N LEU W 76 71.05 95.81 -47.76
CA LEU W 76 71.96 94.69 -47.95
C LEU W 76 71.87 94.14 -49.37
N SER W 77 70.64 94.01 -49.89
CA SER W 77 70.46 93.41 -51.22
C SER W 77 71.24 94.17 -52.29
N TYR W 78 71.50 95.45 -52.06
CA TYR W 78 72.27 96.24 -53.01
C TYR W 78 73.77 96.14 -52.75
N VAL W 79 74.18 96.36 -51.49
CA VAL W 79 75.60 96.41 -51.15
C VAL W 79 76.21 95.03 -51.00
N ALA W 80 75.43 93.96 -51.15
CA ALA W 80 76.01 92.62 -51.03
C ALA W 80 76.82 92.23 -52.25
N GLU W 81 76.92 93.10 -53.26
CA GLU W 81 77.62 92.73 -54.49
C GLU W 81 79.08 92.43 -54.27
N GLY W 82 79.68 92.95 -53.21
CA GLY W 82 81.06 92.65 -52.91
C GLY W 82 81.22 91.93 -51.58
N THR W 83 82.36 92.13 -50.93
CA THR W 83 82.62 91.57 -49.61
C THR W 83 82.64 92.69 -48.58
N ILE W 84 82.56 92.29 -47.31
CA ILE W 84 82.62 93.22 -46.20
C ILE W 84 83.89 93.02 -45.38
N GLN W 85 84.21 91.77 -45.06
CA GLN W 85 85.58 91.36 -44.71
C GLN W 85 86.11 92.11 -43.50
N PHE W 86 85.51 91.83 -42.35
CA PHE W 86 86.03 92.30 -41.07
C PHE W 86 86.59 91.13 -40.28
N GLU W 87 87.81 91.30 -39.79
CA GLU W 87 88.41 90.36 -38.86
C GLU W 87 87.97 90.68 -37.43
N VAL W 88 88.33 89.82 -36.48
CA VAL W 88 87.86 90.04 -35.13
C VAL W 88 89.00 90.34 -34.17
N GLN W 89 89.86 89.34 -33.90
CA GLN W 89 90.85 89.47 -32.84
C GLN W 89 91.70 88.21 -32.69
N GLN W 90 92.70 88.27 -31.81
CA GLN W 90 93.29 87.11 -31.16
C GLN W 90 94.16 87.57 -30.00
N PRO W 91 94.00 87.01 -28.82
CA PRO W 91 94.88 87.36 -27.71
C PRO W 91 96.25 86.72 -27.89
N MET W 92 97.21 87.21 -27.11
CA MET W 92 98.58 86.69 -27.19
C MET W 92 99.28 86.87 -25.86
N ILE W 93 99.91 85.80 -25.38
CA ILE W 93 100.62 85.81 -24.11
C ILE W 93 101.98 86.45 -24.32
N ALA W 94 102.40 87.25 -23.35
CA ALA W 94 103.72 87.90 -23.40
C ALA W 94 104.73 86.91 -22.86
N ARG W 95 105.32 86.12 -23.74
CA ARG W 95 106.35 85.18 -23.34
C ARG W 95 107.67 85.91 -23.10
N ASP W 96 108.45 85.39 -22.15
CA ASP W 96 109.77 85.94 -21.93
C ASP W 96 110.69 85.59 -23.10
N GLY W 97 111.87 86.19 -23.11
CA GLY W 97 112.76 86.03 -24.22
C GLY W 97 112.35 86.92 -25.38
N PRO W 98 113.32 87.51 -26.07
CA PRO W 98 112.98 88.55 -27.06
C PRO W 98 112.39 87.94 -28.32
N HIS W 99 111.23 88.45 -28.70
CA HIS W 99 110.61 88.01 -29.94
C HIS W 99 111.45 88.49 -31.13
N PRO W 100 111.71 87.65 -32.11
CA PRO W 100 112.54 88.06 -33.25
C PRO W 100 111.86 89.12 -34.09
N ALA W 101 112.64 89.70 -34.99
CA ALA W 101 112.15 90.75 -35.90
C ALA W 101 111.73 90.11 -37.22
N ASP W 102 110.60 89.41 -37.17
CA ASP W 102 110.10 88.70 -38.34
C ASP W 102 108.66 89.09 -38.66
N GLN W 103 108.06 88.42 -39.63
CA GLN W 103 106.72 88.71 -40.09
C GLN W 103 105.61 88.15 -39.20
N PRO W 104 105.67 86.88 -38.74
CA PRO W 104 104.47 86.25 -38.16
C PRO W 104 104.01 86.87 -36.86
N VAL W 105 103.40 88.05 -36.94
CA VAL W 105 102.69 88.65 -35.83
C VAL W 105 101.19 88.57 -36.02
N HIS W 106 100.74 87.64 -36.88
CA HIS W 106 99.33 87.53 -37.23
C HIS W 106 98.50 87.16 -36.00
N ASN W 107 97.55 88.02 -35.65
CA ASN W 107 96.62 87.76 -34.56
C ASN W 107 95.22 88.27 -34.90
N TYR W 108 94.90 88.37 -36.19
CA TYR W 108 93.68 89.06 -36.63
C TYR W 108 92.98 88.28 -37.73
N MET W 109 92.75 86.98 -37.51
CA MET W 109 92.09 86.15 -38.51
C MET W 109 90.81 86.82 -39.00
N ILE W 110 90.55 86.68 -40.29
CA ILE W 110 89.47 87.41 -40.95
C ILE W 110 88.20 86.56 -40.97
N LYS W 111 87.07 87.23 -41.18
CA LYS W 111 85.79 86.57 -41.39
C LYS W 111 85.07 87.26 -42.54
N ARG W 112 84.44 86.47 -43.39
CA ARG W 112 83.83 86.96 -44.62
C ARG W 112 82.35 86.65 -44.62
N LEU W 113 81.56 87.57 -45.16
CA LEU W 113 80.11 87.40 -45.19
C LEU W 113 79.71 86.22 -46.05
N ASP W 114 78.61 85.58 -45.68
CA ASP W 114 77.89 84.66 -46.55
C ASP W 114 76.44 85.12 -46.62
N ARG W 115 75.78 84.77 -47.72
CA ARG W 115 74.45 85.27 -48.00
C ARG W 115 73.45 84.13 -48.06
N ARG W 116 72.20 84.46 -47.75
CA ARG W 116 71.12 83.50 -47.79
C ARG W 116 69.85 84.20 -48.22
N SER W 117 68.92 83.42 -48.76
CA SER W 117 67.64 83.96 -49.22
C SER W 117 66.48 83.20 -48.60
N LEU W 118 65.26 83.52 -49.01
CA LEU W 118 64.06 82.82 -48.56
C LEU W 118 63.00 82.97 -49.64
N ASN W 119 62.27 81.90 -49.91
CA ASN W 119 61.30 81.90 -51.01
C ASN W 119 59.90 81.59 -50.49
N ALA W 120 58.92 81.99 -51.28
CA ALA W 120 57.51 81.75 -50.98
C ALA W 120 56.72 81.90 -52.27
N ALA W 121 55.64 81.12 -52.37
CA ALA W 121 54.79 81.13 -53.56
C ALA W 121 53.38 81.50 -53.15
N PHE W 122 52.74 82.36 -53.93
CA PHE W 122 51.52 83.04 -53.53
C PHE W 122 50.53 83.05 -54.69
N SER W 123 50.31 81.88 -55.29
CA SER W 123 49.46 81.80 -56.47
C SER W 123 48.07 82.34 -56.20
N ILE W 124 47.54 83.11 -57.16
CA ILE W 124 46.18 83.64 -57.09
C ILE W 124 45.47 83.31 -58.39
N ALA W 125 44.20 82.92 -58.29
CA ALA W 125 43.47 82.40 -59.42
C ALA W 125 43.10 83.52 -60.40
N VAL W 126 42.60 83.11 -61.56
CA VAL W 126 42.30 84.06 -62.64
C VAL W 126 40.93 84.68 -62.45
N GLU W 127 39.98 83.96 -61.84
CA GLU W 127 38.69 84.58 -61.55
C GLU W 127 38.80 85.56 -60.40
N ALA W 128 39.72 85.31 -59.46
CA ALA W 128 39.86 86.18 -58.30
C ALA W 128 40.12 87.61 -58.74
N LEU W 129 41.27 87.87 -59.36
CA LEU W 129 41.58 89.23 -59.76
C LEU W 129 40.58 89.77 -60.78
N GLY W 130 39.88 88.89 -61.49
CA GLY W 130 38.79 89.34 -62.32
C GLY W 130 37.76 90.07 -61.49
N LEU W 131 37.30 89.43 -60.42
CA LEU W 131 36.33 90.09 -59.55
C LEU W 131 36.96 91.17 -58.67
N ILE W 132 38.27 91.13 -58.50
CA ILE W 132 38.95 92.10 -57.63
C ILE W 132 39.10 93.43 -58.35
N SER W 133 39.52 93.38 -59.61
CA SER W 133 39.81 94.58 -60.39
C SER W 133 38.56 95.26 -60.91
N GLY W 134 37.38 94.74 -60.61
CA GLY W 134 36.15 95.34 -61.11
C GLY W 134 35.90 95.18 -62.58
N GLU W 135 36.72 94.38 -63.28
CA GLU W 135 36.51 94.20 -64.71
C GLU W 135 35.36 93.25 -64.99
N ASN W 136 35.38 92.06 -64.41
CA ASN W 136 34.25 91.13 -64.50
C ASN W 136 33.33 91.40 -63.32
N LEU W 137 32.51 92.42 -63.46
CA LEU W 137 31.62 92.85 -62.39
C LEU W 137 30.33 93.39 -62.99
N ASP W 138 29.20 92.98 -62.41
CA ASP W 138 27.91 93.60 -62.70
C ASP W 138 27.27 94.01 -61.38
N GLY W 139 26.45 95.05 -61.44
CA GLY W 139 25.89 95.64 -60.24
C GLY W 139 24.98 94.76 -59.41
N THR W 140 24.78 93.52 -59.85
CA THR W 140 23.89 92.62 -59.13
C THR W 140 24.43 92.33 -57.74
N HIS W 141 23.51 92.02 -56.83
CA HIS W 141 23.90 91.60 -55.49
C HIS W 141 24.83 90.39 -55.54
N ILE W 142 24.62 89.51 -56.52
CA ILE W 142 25.44 88.30 -56.62
C ILE W 142 26.91 88.68 -56.78
N SER W 143 27.21 89.48 -57.79
CA SER W 143 28.61 89.85 -58.04
C SER W 143 29.19 90.66 -56.90
N SER W 144 28.39 91.53 -56.29
CA SER W 144 28.85 92.27 -55.14
C SER W 144 29.09 91.39 -53.93
N ALA W 145 28.75 90.11 -54.01
CA ALA W 145 29.01 89.17 -52.92
C ALA W 145 30.17 88.23 -53.21
N MET W 146 30.25 87.69 -54.42
CA MET W 146 31.36 86.80 -54.76
C MET W 146 32.70 87.52 -54.67
N ARG W 147 32.72 88.81 -54.99
CA ARG W 147 33.95 89.60 -54.81
C ARG W 147 34.38 89.60 -53.35
N LEU W 148 33.42 89.69 -52.43
CA LEU W 148 33.76 89.60 -51.02
C LEU W 148 34.42 88.27 -50.70
N ARG W 149 33.91 87.18 -51.28
CA ARG W 149 34.52 85.88 -51.04
C ARG W 149 35.94 85.85 -51.56
N ALA W 150 36.15 86.38 -52.77
CA ALA W 150 37.49 86.35 -53.35
C ALA W 150 38.48 87.17 -52.51
N ILE W 151 38.05 88.34 -52.04
CA ILE W 151 38.98 89.17 -51.28
C ILE W 151 39.22 88.56 -49.90
N GLN W 152 38.19 87.95 -49.29
CA GLN W 152 38.41 87.25 -48.04
C GLN W 152 39.37 86.09 -48.21
N GLN W 153 39.35 85.46 -49.38
CA GLN W 153 40.28 84.36 -49.63
C GLN W 153 41.70 84.87 -49.82
N LEU W 154 41.85 85.93 -50.61
CA LEU W 154 43.18 86.53 -50.78
C LEU W 154 43.76 86.92 -49.42
N ALA W 155 42.96 87.53 -48.55
CA ALA W 155 43.45 87.89 -47.23
C ALA W 155 43.97 86.67 -46.48
N ARG W 156 43.31 85.52 -46.66
CA ARG W 156 43.73 84.32 -45.96
C ARG W 156 45.13 83.88 -46.38
N ASN W 157 45.45 84.02 -47.67
CA ASN W 157 46.75 83.59 -48.15
C ASN W 157 47.85 84.50 -47.63
N VAL W 158 47.64 85.81 -47.70
CA VAL W 158 48.68 86.77 -47.32
C VAL W 158 49.13 86.54 -45.89
N GLN W 159 48.17 86.37 -44.97
CA GLN W 159 48.52 86.15 -43.58
C GLN W 159 49.43 84.93 -43.43
N ALA W 160 49.15 83.87 -44.19
CA ALA W 160 49.95 82.66 -44.08
C ALA W 160 51.36 82.88 -44.59
N VAL W 161 51.49 83.47 -45.78
CA VAL W 161 52.82 83.70 -46.36
C VAL W 161 53.63 84.63 -45.46
N LEU W 162 52.97 85.61 -44.86
CA LEU W 162 53.68 86.54 -43.99
C LEU W 162 54.16 85.85 -42.71
N ASP W 163 53.27 85.09 -42.06
CA ASP W 163 53.67 84.36 -40.87
C ASP W 163 54.77 83.35 -41.18
N SER W 164 54.80 82.85 -42.42
CA SER W 164 55.77 81.82 -42.79
C SER W 164 57.20 82.24 -42.47
N PHE W 165 57.56 83.47 -42.83
CA PHE W 165 58.93 83.92 -42.63
C PHE W 165 59.33 83.85 -41.16
N GLU W 166 58.42 84.19 -40.26
CA GLU W 166 58.73 84.10 -38.85
C GLU W 166 58.88 82.65 -38.37
N ARG W 167 58.61 81.68 -39.24
CA ARG W 167 58.99 80.30 -39.01
C ARG W 167 60.23 79.90 -39.80
N GLY W 168 60.30 80.32 -41.06
CA GLY W 168 61.49 80.08 -41.85
C GLY W 168 62.74 80.67 -41.23
N THR W 169 62.59 81.78 -40.51
CA THR W 169 63.71 82.36 -39.79
C THR W 169 64.28 81.37 -38.78
N ALA W 170 63.40 80.78 -37.97
CA ALA W 170 63.86 79.80 -36.99
C ALA W 170 64.49 78.59 -37.67
N ASP W 171 63.86 78.11 -38.74
CA ASP W 171 64.43 76.96 -39.44
C ASP W 171 65.81 77.27 -39.97
N GLN W 172 65.99 78.47 -40.54
CA GLN W 172 67.28 78.82 -41.10
C GLN W 172 68.34 78.96 -40.02
N MET W 173 67.96 79.54 -38.88
CA MET W 173 68.89 79.62 -37.76
C MET W 173 69.33 78.23 -37.34
N LEU W 174 68.38 77.30 -37.25
CA LEU W 174 68.75 75.94 -36.87
C LEU W 174 69.67 75.31 -37.91
N ARG W 175 69.37 75.49 -39.19
CA ARG W 175 70.23 74.93 -40.24
C ARG W 175 71.65 75.46 -40.11
N VAL W 176 71.79 76.77 -39.97
CA VAL W 176 73.11 77.38 -39.88
C VAL W 176 73.85 76.84 -38.66
N LEU W 177 73.21 76.89 -37.49
CA LEU W 177 73.89 76.46 -36.27
C LEU W 177 74.31 75.00 -36.35
N MET W 178 73.39 74.13 -36.76
CA MET W 178 73.71 72.70 -36.81
C MET W 178 74.77 72.40 -37.87
N GLU W 179 74.84 73.20 -38.92
CA GLU W 179 75.87 72.99 -39.93
C GLU W 179 77.25 73.42 -39.46
N LYS W 180 77.32 74.41 -38.57
CA LYS W 180 78.58 74.94 -38.10
C LYS W 180 79.07 74.29 -36.81
N ALA W 181 78.30 73.37 -36.24
CA ALA W 181 78.84 72.94 -34.96
C ALA W 181 79.58 71.61 -35.11
N PRO W 182 80.69 71.45 -34.41
CA PRO W 182 81.37 70.17 -34.39
C PRO W 182 80.81 69.29 -33.28
N PRO W 183 80.99 67.98 -33.39
CA PRO W 183 80.43 67.09 -32.37
C PRO W 183 81.15 67.23 -31.04
N LEU W 184 80.37 67.25 -29.96
CA LEU W 184 80.95 67.36 -28.62
C LEU W 184 82.02 66.32 -28.36
N SER W 185 81.85 65.13 -28.92
CA SER W 185 82.86 64.09 -28.72
C SER W 185 84.11 64.33 -29.55
N LEU W 186 84.21 65.46 -30.25
CA LEU W 186 85.42 65.81 -30.99
C LEU W 186 85.89 67.23 -30.67
N LEU W 187 85.32 67.87 -29.66
CA LEU W 187 85.72 69.21 -29.25
C LEU W 187 86.22 69.25 -27.83
N ALA W 188 85.48 68.65 -26.89
CA ALA W 188 85.91 68.61 -25.49
C ALA W 188 87.35 68.12 -25.34
N PRO W 189 87.77 67.00 -25.93
CA PRO W 189 89.17 66.61 -25.78
C PRO W 189 90.10 67.49 -26.59
N PHE W 190 89.69 67.92 -27.77
CA PHE W 190 90.53 68.78 -28.59
C PHE W 190 90.82 70.11 -27.90
N THR W 191 89.99 70.50 -26.94
CA THR W 191 90.31 71.69 -26.15
C THR W 191 91.20 71.35 -24.97
N LEU W 192 91.15 70.11 -24.48
CA LEU W 192 92.04 69.70 -23.40
C LEU W 192 93.48 69.67 -23.87
N TYR W 193 93.72 69.27 -25.12
CA TYR W 193 95.07 69.23 -25.68
C TYR W 193 95.39 70.53 -26.41
N GLU W 194 95.17 71.65 -25.74
CA GLU W 194 95.38 72.95 -26.36
C GLU W 194 96.79 73.44 -26.09
N GLY W 195 97.32 74.24 -27.02
CA GLY W 195 98.66 74.74 -26.88
C GLY W 195 99.73 73.70 -26.98
N ARG W 196 99.44 72.57 -27.63
CA ARG W 196 100.43 71.52 -27.79
C ARG W 196 100.40 70.85 -29.15
N LEU W 197 99.56 71.31 -30.08
CA LEU W 197 99.42 70.61 -31.36
C LEU W 197 100.51 71.00 -32.35
N ALA W 198 101.75 71.02 -31.92
CA ALA W 198 102.86 71.41 -32.78
C ALA W 198 103.78 70.24 -33.10
N ASP W 199 104.10 69.42 -32.12
CA ASP W 199 104.93 68.24 -32.33
C ASP W 199 104.07 67.15 -32.94
N ARG W 200 104.60 65.94 -33.00
CA ARG W 200 103.84 64.81 -33.50
C ARG W 200 103.27 63.93 -32.40
N VAL W 201 103.92 63.90 -31.23
CA VAL W 201 103.47 63.00 -30.18
C VAL W 201 102.20 63.52 -29.53
N ALA W 202 102.06 64.83 -29.41
CA ALA W 202 100.79 65.39 -28.95
C ALA W 202 99.70 65.17 -29.98
N CYS W 203 100.01 65.37 -31.27
CA CYS W 203 99.03 65.16 -32.32
C CYS W 203 98.72 63.69 -32.55
N ALA W 204 99.46 62.78 -31.94
CA ALA W 204 99.09 61.38 -31.94
C ALA W 204 98.26 61.01 -30.72
N ALA W 205 98.67 61.49 -29.54
CA ALA W 205 97.87 61.27 -28.35
C ALA W 205 96.49 61.88 -28.49
N LEU W 206 96.38 62.99 -29.22
CA LEU W 206 95.06 63.58 -29.44
C LEU W 206 94.15 62.62 -30.17
N VAL W 207 94.65 61.96 -31.21
CA VAL W 207 93.83 61.03 -31.96
C VAL W 207 93.51 59.80 -31.12
N SER W 208 94.51 59.31 -30.39
CA SER W 208 94.28 58.15 -29.53
C SER W 208 93.21 58.44 -28.47
N GLU W 209 93.10 59.69 -28.03
CA GLU W 209 92.05 60.04 -27.09
C GLU W 209 90.72 60.26 -27.81
N LEU W 210 90.77 60.85 -28.99
CA LEU W 210 89.55 61.08 -29.76
C LEU W 210 88.81 59.79 -30.03
N LYS W 211 89.55 58.73 -30.34
CA LYS W 211 88.89 57.46 -30.68
C LYS W 211 88.03 56.97 -29.53
N ARG W 212 88.58 56.94 -28.32
CA ARG W 212 87.79 56.46 -27.19
C ARG W 212 86.73 57.46 -26.77
N ARG W 213 86.98 58.77 -26.96
CA ARG W 213 85.94 59.74 -26.68
C ARG W 213 84.72 59.48 -27.54
N VAL W 214 84.93 59.14 -28.81
CA VAL W 214 83.82 58.79 -29.68
C VAL W 214 83.19 57.48 -29.25
N ARG W 215 84.02 56.49 -28.93
CA ARG W 215 83.50 55.16 -28.66
C ARG W 215 82.64 55.14 -27.41
N ASP W 216 82.98 55.93 -26.41
CA ASP W 216 82.31 55.83 -25.11
C ASP W 216 81.33 56.96 -24.85
N ASP W 217 81.21 57.94 -25.74
CA ASP W 217 80.38 59.11 -25.47
C ASP W 217 79.52 59.44 -26.68
N THR W 218 78.91 58.43 -27.28
CA THR W 218 78.04 58.65 -28.41
C THR W 218 76.57 58.58 -28.04
N PHE W 219 76.23 57.96 -26.91
CA PHE W 219 74.85 57.94 -26.45
C PHE W 219 74.88 58.01 -24.91
N PHE W 220 74.76 59.22 -24.38
CA PHE W 220 74.73 59.44 -22.95
C PHE W 220 73.31 59.56 -22.41
N LEU W 221 72.33 59.00 -23.11
CA LEU W 221 70.96 58.98 -22.63
C LEU W 221 70.28 57.64 -22.79
N THR W 222 70.88 56.70 -23.50
CA THR W 222 70.32 55.36 -23.65
C THR W 222 71.26 54.27 -23.14
N LYS W 223 72.56 54.52 -23.12
CA LYS W 223 73.48 53.55 -22.52
C LYS W 223 73.20 53.40 -21.03
N HIS W 224 73.34 54.50 -20.28
CA HIS W 224 73.14 54.50 -18.84
C HIS W 224 72.22 55.66 -18.49
N GLU W 225 70.92 55.39 -18.47
CA GLU W 225 69.93 56.34 -17.98
C GLU W 225 69.73 56.23 -16.48
N ARG W 226 70.20 55.15 -15.85
CA ARG W 226 69.90 54.91 -14.45
C ARG W 226 70.52 55.98 -13.55
N ASN W 227 71.84 56.07 -13.52
CA ASN W 227 72.51 57.02 -12.65
C ASN W 227 72.48 58.40 -13.29
N LYS W 228 71.73 59.31 -12.69
CA LYS W 228 71.59 60.65 -13.26
C LYS W 228 72.86 61.46 -13.13
N ASP W 229 73.78 61.06 -12.26
CA ASP W 229 75.01 61.81 -12.07
C ASP W 229 75.85 61.83 -13.34
N ALA W 230 75.93 60.69 -14.04
CA ALA W 230 76.73 60.63 -15.25
C ALA W 230 76.17 61.55 -16.33
N VAL W 231 74.85 61.50 -16.54
CA VAL W 231 74.23 62.38 -17.52
C VAL W 231 74.43 63.83 -17.14
N LEU W 232 74.29 64.15 -15.86
CA LEU W 232 74.45 65.53 -15.42
C LEU W 232 75.89 66.00 -15.66
N ASP W 233 76.86 65.13 -15.41
CA ASP W 233 78.25 65.49 -15.65
C ASP W 233 78.49 65.74 -17.13
N ARG W 234 77.94 64.89 -18.00
CA ARG W 234 78.14 65.10 -19.44
C ARG W 234 77.47 66.39 -19.90
N LEU W 235 76.28 66.68 -19.40
CA LEU W 235 75.61 67.92 -19.77
C LEU W 235 76.40 69.13 -19.30
N SER W 236 76.98 69.05 -18.10
CA SER W 236 77.84 70.14 -17.63
C SER W 236 79.07 70.28 -18.50
N ASP W 237 79.57 69.17 -19.03
CA ASP W 237 80.67 69.25 -20.00
C ASP W 237 80.23 70.01 -21.25
N LEU W 238 79.07 69.65 -21.80
CA LEU W 238 78.64 70.21 -23.07
C LEU W 238 78.61 71.73 -23.03
N VAL W 239 78.08 72.30 -21.95
CA VAL W 239 77.87 73.75 -21.90
C VAL W 239 79.19 74.48 -21.77
N ASN W 240 80.09 73.97 -20.92
CA ASN W 240 81.26 74.75 -20.55
C ASN W 240 82.33 74.78 -21.63
N CYS W 241 82.43 73.75 -22.46
CA CYS W 241 83.57 73.58 -23.35
C CYS W 241 83.57 74.56 -24.52
N THR W 242 82.71 75.57 -24.50
CA THR W 242 82.64 76.56 -25.56
C THR W 242 83.06 77.92 -25.03
N ALA W 243 83.97 78.58 -25.73
CA ALA W 243 84.43 79.89 -25.31
C ALA W 243 83.32 80.93 -25.51
N PRO W 244 83.23 81.91 -24.63
CA PRO W 244 82.19 82.93 -24.76
C PRO W 244 82.51 83.95 -25.85
N SER W 245 81.48 84.69 -26.24
CA SER W 245 81.61 85.73 -27.24
C SER W 245 81.65 87.10 -26.58
N VAL W 246 81.63 88.14 -27.41
CA VAL W 246 81.66 89.51 -26.91
C VAL W 246 80.31 89.86 -26.29
N ALA W 247 80.33 90.77 -25.32
CA ALA W 247 79.11 91.22 -24.66
C ALA W 247 78.49 92.37 -25.44
N VAL W 248 77.22 92.24 -25.79
CA VAL W 248 76.49 93.25 -26.56
C VAL W 248 75.46 93.89 -25.66
N ALA W 249 75.32 95.22 -25.77
CA ALA W 249 74.44 95.96 -24.88
C ALA W 249 72.96 95.71 -25.18
N ARG W 250 72.64 95.12 -26.32
CA ARG W 250 71.24 94.93 -26.68
C ARG W 250 70.66 93.69 -26.03
N MET W 251 71.34 92.56 -26.14
CA MET W 251 70.86 91.31 -25.57
C MET W 251 70.83 91.42 -24.05
N THR W 252 69.63 91.52 -23.48
CA THR W 252 69.43 91.54 -22.04
C THR W 252 68.50 90.42 -21.61
N HIS W 253 68.53 89.30 -22.33
CA HIS W 253 67.75 88.14 -21.94
C HIS W 253 68.18 87.67 -20.57
N ALA W 254 67.25 87.66 -19.63
CA ALA W 254 67.58 87.34 -18.25
C ALA W 254 66.36 86.76 -17.56
N ASP W 255 66.57 86.30 -16.33
CA ASP W 255 65.48 85.79 -15.53
C ASP W 255 64.54 86.92 -15.14
N THR W 256 63.34 86.56 -14.70
CA THR W 256 62.35 87.56 -14.34
C THR W 256 62.81 88.44 -13.18
N GLN W 257 63.75 87.95 -12.36
CA GLN W 257 64.39 88.80 -11.38
C GLN W 257 65.87 88.51 -11.22
N GLY W 258 66.44 87.57 -11.97
CA GLY W 258 67.73 87.02 -11.68
C GLY W 258 68.80 87.36 -12.71
N ARG W 259 69.88 86.57 -12.69
CA ARG W 259 71.04 86.81 -13.52
C ARG W 259 70.69 86.61 -15.00
N PRO W 260 71.54 87.09 -15.90
CA PRO W 260 71.28 86.89 -17.33
C PRO W 260 71.47 85.43 -17.72
N VAL W 261 70.81 85.06 -18.80
CA VAL W 261 70.92 83.72 -19.38
C VAL W 261 72.07 83.71 -20.36
N ASP W 262 72.73 82.56 -20.51
CA ASP W 262 73.95 82.47 -21.28
C ASP W 262 73.82 81.70 -22.58
N GLY W 263 72.91 80.73 -22.65
CA GLY W 263 72.81 79.95 -23.87
C GLY W 263 71.42 79.38 -24.05
N VAL W 264 71.31 78.47 -25.01
CA VAL W 264 70.06 77.77 -25.29
C VAL W 264 70.40 76.35 -25.72
N LEU W 265 69.60 75.40 -25.27
CA LEU W 265 69.78 73.99 -25.60
C LEU W 265 68.53 73.53 -26.34
N VAL W 266 68.59 73.48 -27.66
CA VAL W 266 67.47 73.00 -28.46
C VAL W 266 67.57 71.48 -28.56
N THR W 267 66.45 70.80 -28.42
CA THR W 267 66.41 69.35 -28.36
C THR W 267 65.15 68.86 -29.05
N THR W 268 64.84 67.59 -28.83
CA THR W 268 63.60 66.97 -29.28
C THR W 268 62.69 66.75 -28.07
N ALA W 269 61.39 66.91 -28.29
CA ALA W 269 60.43 66.82 -27.20
C ALA W 269 60.60 65.55 -26.38
N GLY W 270 61.01 64.45 -27.02
CA GLY W 270 61.26 63.22 -26.30
C GLY W 270 62.34 63.37 -25.26
N VAL W 271 63.53 63.78 -25.69
CA VAL W 271 64.63 63.90 -24.75
C VAL W 271 64.41 65.07 -23.80
N ARG W 272 63.69 66.10 -24.24
CA ARG W 272 63.36 67.19 -23.34
C ARG W 272 62.50 66.71 -22.20
N GLN W 273 61.48 65.91 -22.51
CA GLN W 273 60.65 65.33 -21.46
C GLN W 273 61.47 64.41 -20.56
N ARG W 274 62.34 63.58 -21.15
CA ARG W 274 63.15 62.68 -20.33
C ARG W 274 64.03 63.46 -19.37
N LEU W 275 64.56 64.59 -19.81
CA LEU W 275 65.40 65.40 -18.92
C LEU W 275 64.54 66.06 -17.83
N LEU W 276 63.50 66.77 -18.24
CA LEU W 276 62.71 67.52 -17.26
C LEU W 276 61.98 66.62 -16.29
N HIS W 277 61.83 65.33 -16.59
CA HIS W 277 61.19 64.42 -15.65
C HIS W 277 61.96 64.36 -14.34
N HIS W 278 63.21 63.88 -14.39
CA HIS W 278 63.89 63.57 -13.15
C HIS W 278 65.35 63.98 -13.13
N VAL W 279 65.82 64.75 -14.11
CA VAL W 279 67.22 65.11 -14.23
C VAL W 279 67.45 66.57 -13.86
N LEU W 280 66.69 67.48 -14.45
CA LEU W 280 66.89 68.91 -14.23
C LEU W 280 65.67 69.52 -13.56
N THR W 281 65.91 70.60 -12.83
CA THR W 281 64.85 71.36 -12.20
C THR W 281 64.48 72.56 -13.07
N LEU W 282 63.56 73.38 -12.58
CA LEU W 282 63.09 74.56 -13.29
C LEU W 282 63.50 75.81 -12.54
N ALA W 283 64.14 76.74 -13.25
CA ALA W 283 64.37 78.06 -12.68
C ALA W 283 63.04 78.78 -12.52
N ASP W 284 62.32 78.98 -13.61
CA ASP W 284 60.99 79.58 -13.58
C ASP W 284 60.38 79.46 -14.98
N THR W 285 59.13 79.89 -15.10
CA THR W 285 58.37 79.83 -16.34
C THR W 285 58.06 81.23 -16.88
N HIS W 286 58.98 82.16 -16.70
CA HIS W 286 58.82 83.50 -17.26
C HIS W 286 60.20 84.09 -17.51
N ALA W 287 60.33 84.86 -18.59
CA ALA W 287 61.60 85.46 -18.94
C ALA W 287 61.37 86.85 -19.49
N ASP W 288 62.43 87.65 -19.47
CA ASP W 288 62.39 89.04 -19.90
C ASP W 288 63.22 89.17 -21.17
N VAL W 289 62.55 89.36 -22.29
CA VAL W 289 63.18 89.29 -23.60
C VAL W 289 63.03 90.65 -24.29
N PRO W 290 64.04 91.12 -25.03
CA PRO W 290 63.85 92.33 -25.83
C PRO W 290 62.71 92.17 -26.82
N VAL W 291 62.18 93.30 -27.26
CA VAL W 291 60.94 93.31 -28.03
C VAL W 291 61.16 93.66 -29.50
N THR W 292 62.21 94.39 -29.84
CA THR W 292 62.38 94.94 -31.18
C THR W 292 63.68 94.50 -31.81
N TYR W 293 63.76 94.64 -33.12
CA TYR W 293 64.99 94.45 -33.87
C TYR W 293 65.92 95.65 -33.67
N GLY W 294 67.16 95.50 -34.13
CA GLY W 294 68.10 96.58 -34.17
C GLY W 294 68.21 97.13 -35.59
N GLU W 295 68.74 98.36 -35.69
CA GLU W 295 68.84 99.05 -36.97
C GLU W 295 70.23 99.65 -37.10
N MET W 296 71.03 99.08 -38.02
CA MET W 296 72.37 99.59 -38.27
C MET W 296 72.31 101.00 -38.84
N VAL W 297 73.29 101.82 -38.49
CA VAL W 297 73.39 103.18 -38.97
C VAL W 297 74.50 103.24 -40.02
N ILE W 298 74.25 103.97 -41.10
CA ILE W 298 75.21 104.11 -42.19
C ILE W 298 75.73 105.53 -42.16
N ALA W 299 76.96 105.70 -41.70
CA ALA W 299 77.61 107.00 -41.66
C ALA W 299 78.70 107.05 -42.73
N ASN W 300 78.93 108.25 -43.26
CA ASN W 300 79.99 108.46 -44.23
C ASN W 300 81.33 108.47 -43.51
N THR W 301 82.38 108.85 -44.21
CA THR W 301 83.71 108.79 -43.59
C THR W 301 83.92 109.85 -42.52
N ASN W 302 82.92 110.64 -42.13
CA ASN W 302 83.10 111.61 -41.06
C ASN W 302 83.52 110.91 -39.78
N LEU W 303 84.39 111.54 -39.01
CA LEU W 303 85.08 110.87 -37.92
C LEU W 303 85.12 111.74 -36.68
N VAL W 304 85.24 111.08 -35.53
CA VAL W 304 85.52 111.71 -34.25
C VAL W 304 86.84 111.18 -33.74
N THR W 305 87.68 112.08 -33.23
CA THR W 305 89.00 111.70 -32.74
C THR W 305 89.36 112.46 -31.47
N SER W 338 61.32 95.54 -23.58
CA SER W 338 61.32 94.33 -22.76
C SER W 338 59.88 93.85 -22.54
N ALA W 339 59.72 92.54 -22.40
CA ALA W 339 58.40 91.96 -22.20
C ALA W 339 58.51 90.85 -21.16
N ARG W 340 57.45 90.06 -21.04
CA ARG W 340 57.37 88.97 -20.07
C ARG W 340 56.78 87.77 -20.80
N VAL W 341 57.64 86.93 -21.35
CA VAL W 341 57.21 85.81 -22.15
C VAL W 341 57.27 84.53 -21.32
N ARG W 342 56.68 83.47 -21.84
CA ARG W 342 56.69 82.17 -21.18
C ARG W 342 57.83 81.33 -21.75
N ALA W 343 58.73 80.90 -20.88
CA ALA W 343 59.88 80.10 -21.32
C ALA W 343 60.40 79.29 -20.14
N ASP W 344 61.19 78.27 -20.44
CA ASP W 344 61.74 77.38 -19.45
C ASP W 344 63.24 77.58 -19.34
N LEU W 345 63.73 77.74 -18.11
CA LEU W 345 65.15 77.97 -17.84
C LEU W 345 65.64 76.96 -16.82
N VAL W 346 66.83 76.44 -17.04
CA VAL W 346 67.44 75.48 -16.14
C VAL W 346 68.89 75.89 -15.87
N VAL W 347 69.41 75.41 -14.75
CA VAL W 347 70.76 75.73 -14.29
C VAL W 347 71.64 74.51 -14.49
N VAL W 348 72.63 74.63 -15.38
CA VAL W 348 73.61 73.58 -15.63
C VAL W 348 74.99 74.18 -15.38
N GLY W 349 75.78 73.50 -14.55
CA GLY W 349 77.03 74.07 -14.11
C GLY W 349 76.77 75.28 -13.25
N ASP W 350 77.07 76.46 -13.78
CA ASP W 350 76.67 77.71 -13.14
C ASP W 350 75.86 78.59 -14.07
N ARG W 351 75.53 78.10 -15.27
CA ARG W 351 74.94 78.92 -16.31
C ARG W 351 73.44 78.70 -16.38
N LEU W 352 72.72 79.79 -16.61
CA LEU W 352 71.30 79.71 -16.93
C LEU W 352 71.15 79.59 -18.43
N VAL W 353 70.31 78.66 -18.87
CA VAL W 353 70.17 78.37 -20.28
C VAL W 353 68.70 78.14 -20.60
N PHE W 354 68.27 78.60 -21.77
CA PHE W 354 66.98 78.20 -22.29
C PHE W 354 66.98 76.72 -22.60
N LEU W 355 65.79 76.14 -22.65
CA LEU W 355 65.66 74.72 -22.96
C LEU W 355 64.29 74.55 -23.63
N GLU W 356 64.29 74.36 -24.94
CA GLU W 356 63.03 74.27 -25.64
C GLU W 356 63.17 73.40 -26.88
N ALA W 357 62.13 72.64 -27.16
CA ALA W 357 61.96 71.96 -28.43
C ALA W 357 60.92 72.71 -29.25
N LEU W 358 61.18 72.83 -30.55
CA LEU W 358 60.35 73.64 -31.42
C LEU W 358 59.39 72.81 -32.25
N GLU W 359 59.43 71.49 -32.13
CA GLU W 359 58.66 70.63 -33.00
C GLU W 359 57.16 70.87 -32.83
N LYS W 360 56.71 70.99 -31.58
CA LYS W 360 55.28 71.05 -31.31
C LYS W 360 54.68 72.40 -31.67
N ARG W 361 55.49 73.43 -31.86
CA ARG W 361 54.98 74.77 -32.10
C ARG W 361 55.34 75.31 -33.47
N VAL W 362 56.51 74.98 -34.00
CA VAL W 362 56.98 75.54 -35.25
C VAL W 362 56.85 74.58 -36.42
N TYR W 363 56.92 73.28 -36.19
CA TYR W 363 56.97 72.31 -37.27
C TYR W 363 55.77 71.37 -37.33
N GLN W 364 54.81 71.51 -36.44
CA GLN W 364 53.67 70.62 -36.47
C GLN W 364 52.87 70.88 -37.74
N ALA W 365 52.46 69.79 -38.39
CA ALA W 365 51.54 69.81 -39.52
C ALA W 365 52.10 70.50 -40.76
N THR W 366 53.41 70.62 -40.88
CA THR W 366 54.02 71.02 -42.13
C THR W 366 54.75 69.82 -42.73
N GLN W 367 55.48 70.05 -43.81
CA GLN W 367 56.08 68.95 -44.56
C GLN W 367 57.58 68.82 -44.36
N VAL W 368 58.24 69.84 -43.83
CA VAL W 368 59.70 69.82 -43.71
C VAL W 368 60.09 68.93 -42.54
N PRO W 369 61.16 68.16 -42.65
CA PRO W 369 61.62 67.36 -41.53
C PRO W 369 62.36 68.18 -40.50
N TYR W 370 62.22 67.78 -39.24
CA TYR W 370 62.88 68.50 -38.16
C TYR W 370 64.40 68.39 -38.31
N PRO W 371 65.13 69.49 -38.23
CA PRO W 371 66.57 69.45 -38.52
C PRO W 371 67.42 68.91 -37.40
N LEU W 372 66.85 68.54 -36.26
CA LEU W 372 67.64 68.00 -35.16
C LEU W 372 67.78 66.50 -35.21
N VAL W 373 66.75 65.78 -35.62
CA VAL W 373 66.86 64.32 -35.72
C VAL W 373 67.78 64.01 -36.90
N GLY W 374 68.99 63.56 -36.59
CA GLY W 374 70.01 63.31 -37.59
C GLY W 374 70.33 61.84 -37.71
N ASN W 375 71.41 61.56 -38.42
CA ASN W 375 71.85 60.19 -38.64
C ASN W 375 73.33 60.05 -38.29
N LEU W 376 73.78 58.80 -38.26
CA LEU W 376 75.15 58.46 -37.94
C LEU W 376 75.51 57.19 -38.69
N ASP W 377 76.79 57.04 -39.01
CA ASP W 377 77.25 55.93 -39.84
C ASP W 377 78.33 55.12 -39.15
N VAL W 378 78.21 53.81 -39.23
CA VAL W 378 79.22 52.89 -38.75
C VAL W 378 79.46 51.85 -39.84
N THR W 379 80.65 51.26 -39.84
CA THR W 379 80.99 50.20 -40.77
C THR W 379 81.51 49.02 -39.97
N PHE W 380 80.72 47.96 -39.90
CA PHE W 380 81.13 46.79 -39.13
C PHE W 380 81.99 45.87 -40.00
N VAL W 381 82.81 45.07 -39.33
CA VAL W 381 83.73 44.17 -40.00
C VAL W 381 83.99 42.99 -39.08
N MET W 382 84.02 41.79 -39.65
CA MET W 382 84.26 40.59 -38.87
C MET W 382 85.00 39.59 -39.74
N PRO W 383 85.89 38.79 -39.16
CA PRO W 383 86.57 37.76 -39.94
C PRO W 383 85.63 36.58 -40.18
N LEU W 384 85.93 35.81 -41.23
CA LEU W 384 85.07 34.71 -41.59
C LEU W 384 85.73 33.36 -41.32
N GLY W 385 86.89 33.10 -41.91
CA GLY W 385 87.45 31.76 -41.84
C GLY W 385 88.84 31.68 -41.28
N VAL W 386 89.15 32.52 -40.30
CA VAL W 386 90.49 32.50 -39.75
C VAL W 386 90.66 31.29 -38.84
N PHE W 387 91.90 30.85 -38.71
CA PHE W 387 92.28 29.76 -37.83
C PHE W 387 93.09 30.32 -36.68
N LYS W 388 93.34 29.47 -35.70
CA LYS W 388 94.13 29.93 -34.56
C LYS W 388 95.41 29.12 -34.43
N PRO W 389 96.49 29.73 -33.97
CA PRO W 389 97.71 28.98 -33.71
C PRO W 389 97.48 27.89 -32.67
N ALA W 390 98.21 26.78 -32.83
CA ALA W 390 97.98 25.61 -32.01
C ALA W 390 98.12 25.91 -30.53
N ALA W 391 98.99 26.85 -30.16
CA ALA W 391 99.15 27.22 -28.76
C ALA W 391 97.94 27.99 -28.23
N ASP W 392 96.99 28.34 -29.08
CA ASP W 392 95.85 29.14 -28.67
C ASP W 392 94.54 28.36 -28.65
N ARG W 393 94.55 27.10 -29.09
CA ARG W 393 93.32 26.32 -29.17
C ARG W 393 93.20 25.52 -27.88
N TYR W 394 92.36 26.00 -26.97
CA TYR W 394 92.20 25.41 -25.65
C TYR W 394 90.71 25.37 -25.32
N ALA W 395 90.40 25.09 -24.06
CA ALA W 395 89.03 25.13 -23.57
C ALA W 395 89.04 25.62 -22.15
N ARG W 396 88.09 26.50 -21.82
CA ARG W 396 88.08 27.10 -20.50
C ARG W 396 87.74 26.10 -19.41
N HIS W 397 87.06 25.00 -19.73
CA HIS W 397 86.66 24.04 -18.72
C HIS W 397 86.69 22.63 -19.30
N ALA W 398 86.51 21.65 -18.41
CA ALA W 398 86.65 20.26 -18.80
C ALA W 398 85.63 19.87 -19.85
N GLY W 399 84.35 19.96 -19.52
CA GLY W 399 83.29 19.47 -20.37
C GLY W 399 82.32 20.52 -20.85
N SER W 400 82.84 21.67 -21.29
CA SER W 400 81.97 22.79 -21.62
C SER W 400 80.92 22.41 -22.65
N PHE W 401 81.33 22.08 -23.87
CA PHE W 401 80.41 21.68 -24.93
C PHE W 401 80.70 20.24 -25.29
N ALA W 402 80.11 19.31 -24.56
CA ALA W 402 80.32 17.90 -24.86
C ALA W 402 79.37 17.46 -25.97
N PRO W 403 79.88 16.97 -27.08
CA PRO W 403 78.99 16.52 -28.15
C PRO W 403 78.30 15.22 -27.78
N THR W 404 77.29 14.87 -28.57
CA THR W 404 76.48 13.71 -28.24
C THR W 404 77.36 12.47 -28.14
N PRO W 405 77.09 11.56 -27.20
CA PRO W 405 77.97 10.40 -27.00
C PRO W 405 77.97 9.51 -28.23
N GLY W 406 79.16 9.26 -28.76
CA GLY W 406 79.31 8.43 -29.95
C GLY W 406 79.47 9.18 -31.24
N LEU W 407 79.89 10.44 -31.20
CA LEU W 407 80.08 11.21 -32.41
C LEU W 407 81.33 12.06 -32.29
N PRO W 408 82.09 12.22 -33.37
CA PRO W 408 83.27 13.07 -33.31
C PRO W 408 82.88 14.52 -33.08
N ASP W 409 83.68 15.22 -32.28
CA ASP W 409 83.36 16.58 -31.87
C ASP W 409 83.35 17.53 -33.07
N PRO W 410 82.21 18.10 -33.40
CA PRO W 410 82.17 19.06 -34.51
C PRO W 410 82.59 20.44 -34.08
N ARG W 411 83.24 20.53 -32.92
CA ARG W 411 83.73 21.80 -32.41
C ARG W 411 85.14 22.11 -32.88
N THR W 412 86.03 21.10 -32.88
CA THR W 412 87.43 21.31 -33.17
C THR W 412 87.73 21.35 -34.65
N HIS W 413 86.77 21.57 -35.46
CA HIS W 413 87.00 21.70 -36.88
C HIS W 413 87.22 23.15 -37.25
N PRO W 414 87.90 23.44 -38.35
CA PRO W 414 88.08 24.84 -38.77
C PRO W 414 86.75 25.47 -39.11
N PRO W 415 86.51 26.70 -38.68
CA PRO W 415 85.18 27.29 -38.86
C PRO W 415 84.94 27.61 -40.33
N ARG W 416 83.65 27.79 -40.67
CA ARG W 416 83.31 28.09 -42.04
C ARG W 416 82.18 29.12 -42.17
N ALA W 417 81.80 29.81 -41.11
CA ALA W 417 80.77 30.83 -41.17
C ALA W 417 80.76 31.59 -39.86
N VAL W 418 80.02 32.70 -39.84
CA VAL W 418 79.89 33.52 -38.65
C VAL W 418 78.42 33.80 -38.41
N HIS W 419 78.06 34.00 -37.14
CA HIS W 419 76.69 34.26 -36.74
C HIS W 419 76.64 35.51 -35.88
N PHE W 420 75.72 36.41 -36.24
CA PHE W 420 75.61 37.68 -35.53
C PHE W 420 74.13 38.01 -35.38
N PHE W 421 73.84 39.23 -34.93
CA PHE W 421 72.49 39.63 -34.59
C PHE W 421 71.97 40.67 -35.57
N ASN W 422 70.71 40.49 -35.98
CA ASN W 422 70.04 41.42 -36.88
C ASN W 422 69.65 42.68 -36.12
N LYS W 423 68.93 43.59 -36.78
CA LYS W 423 68.46 44.79 -36.11
C LYS W 423 67.44 44.44 -35.02
N ASP W 424 66.43 43.65 -35.36
CA ASP W 424 65.41 43.25 -34.40
C ASP W 424 65.80 41.99 -33.65
N GLY W 425 67.03 41.96 -33.13
CA GLY W 425 67.52 40.85 -32.36
C GLY W 425 67.37 39.48 -32.99
N VAL W 426 67.30 39.41 -34.32
CA VAL W 426 67.10 38.15 -35.03
C VAL W 426 68.45 37.52 -35.34
N PRO W 427 68.62 36.22 -35.13
CA PRO W 427 69.89 35.59 -35.52
C PRO W 427 69.96 35.46 -37.04
N CYS W 428 71.12 35.77 -37.59
CA CYS W 428 71.31 35.80 -39.03
C CYS W 428 72.77 35.49 -39.34
N HIS W 429 72.99 34.57 -40.27
CA HIS W 429 74.33 34.05 -40.53
C HIS W 429 74.74 34.33 -41.96
N VAL W 430 76.05 34.39 -42.17
CA VAL W 430 76.64 34.46 -43.50
C VAL W 430 77.75 33.42 -43.58
N THR W 431 77.80 32.69 -44.69
CA THR W 431 78.74 31.59 -44.88
C THR W 431 79.48 31.78 -46.19
N PHE W 432 80.42 30.86 -46.46
CA PHE W 432 81.22 30.94 -47.68
C PHE W 432 80.34 31.08 -48.91
N GLU W 433 79.26 30.31 -48.99
CA GLU W 433 78.45 30.25 -50.19
C GLU W 433 78.02 31.64 -50.66
N HIS W 434 77.86 32.58 -49.74
CA HIS W 434 77.44 33.91 -50.14
C HIS W 434 78.50 34.63 -50.96
N ALA W 435 79.76 34.27 -50.79
CA ALA W 435 80.85 34.99 -51.43
C ALA W 435 80.98 34.72 -52.91
N MET W 436 80.14 33.84 -53.47
CA MET W 436 80.29 33.50 -54.89
C MET W 436 80.16 34.73 -55.77
N GLY W 437 79.37 35.72 -55.34
CA GLY W 437 79.19 36.94 -56.11
C GLY W 437 80.46 37.73 -56.32
N THR W 438 81.53 37.43 -55.57
CA THR W 438 82.81 38.07 -55.78
C THR W 438 83.95 37.11 -56.06
N LEU W 439 83.83 35.85 -55.68
CA LEU W 439 84.89 34.89 -55.98
C LEU W 439 84.79 34.43 -57.43
N CYS W 440 83.66 33.84 -57.82
CA CYS W 440 83.51 33.21 -59.12
C CYS W 440 83.51 34.21 -60.28
N HIS W 441 83.67 35.50 -60.02
CA HIS W 441 83.66 36.46 -61.11
C HIS W 441 84.94 36.36 -61.92
N PRO W 442 84.89 36.68 -63.22
CA PRO W 442 86.11 36.61 -64.04
C PRO W 442 87.16 37.66 -63.70
N SER W 443 86.84 38.64 -62.86
CA SER W 443 87.87 39.58 -62.41
C SER W 443 88.92 38.90 -61.55
N PHE W 444 88.61 37.74 -60.99
CA PHE W 444 89.57 37.00 -60.18
C PHE W 444 90.86 36.71 -60.93
N LEU W 445 90.85 36.84 -62.24
CA LEU W 445 92.01 36.53 -63.08
C LEU W 445 92.39 37.73 -63.94
N ASP W 446 92.32 38.92 -63.37
CA ASP W 446 92.75 40.14 -64.05
C ASP W 446 94.07 40.56 -63.43
N VAL W 447 95.17 40.14 -64.06
CA VAL W 447 96.50 40.41 -63.54
C VAL W 447 97.30 41.34 -64.42
N ASP W 448 96.97 41.45 -65.71
CA ASP W 448 97.83 42.14 -66.67
C ASP W 448 98.15 43.56 -66.24
N ALA W 449 97.21 44.23 -65.56
CA ALA W 449 97.49 45.58 -65.06
C ALA W 449 98.60 45.54 -64.03
N THR W 450 98.50 44.62 -63.06
CA THR W 450 99.55 44.46 -62.07
C THR W 450 100.89 44.17 -62.72
N LEU W 451 100.89 43.29 -63.73
CA LEU W 451 102.13 42.98 -64.43
C LEU W 451 102.70 44.22 -65.10
N ALA W 452 101.94 44.81 -66.03
CA ALA W 452 102.44 45.93 -66.81
C ALA W 452 102.91 47.08 -65.93
N ALA W 453 102.24 47.32 -64.80
CA ALA W 453 102.69 48.38 -63.92
C ALA W 453 103.90 47.95 -63.11
N LEU W 454 104.05 46.67 -62.82
CA LEU W 454 105.15 46.20 -62.00
C LEU W 454 106.47 46.13 -62.77
N ARG W 455 106.41 45.90 -64.08
CA ARG W 455 107.61 45.84 -64.90
C ARG W 455 108.02 47.23 -65.38
N GLN W 456 108.13 48.16 -64.45
CA GLN W 456 108.48 49.53 -64.76
C GLN W 456 109.97 49.82 -64.59
N GLU W 457 110.54 49.44 -63.45
CA GLU W 457 112.00 49.47 -63.35
C GLU W 457 112.54 48.07 -63.60
N PRO W 458 113.55 47.92 -64.43
CA PRO W 458 114.07 46.56 -64.70
C PRO W 458 114.80 45.98 -63.51
N ALA W 459 114.20 44.98 -62.88
CA ALA W 459 114.83 44.32 -61.74
C ALA W 459 115.91 43.36 -62.22
N GLU W 460 117.06 43.42 -61.56
CA GLU W 460 118.14 42.49 -61.87
C GLU W 460 117.73 41.07 -61.48
N VAL W 461 118.58 40.10 -61.82
CA VAL W 461 118.28 38.69 -61.66
C VAL W 461 119.08 38.13 -60.50
N GLN W 462 118.38 37.48 -59.57
CA GLN W 462 119.01 36.68 -58.53
C GLN W 462 119.31 35.31 -59.11
N CYS W 463 119.56 34.32 -58.26
CA CYS W 463 119.69 32.96 -58.74
C CYS W 463 118.47 32.58 -59.57
N ALA W 464 118.67 32.41 -60.87
CA ALA W 464 117.59 32.05 -61.78
C ALA W 464 117.60 30.55 -62.05
N PHE W 465 117.36 29.78 -60.99
CA PHE W 465 117.41 28.33 -61.08
C PHE W 465 116.03 27.70 -61.29
N GLY W 466 115.05 28.06 -60.47
CA GLY W 466 113.74 27.47 -60.57
C GLY W 466 112.76 28.23 -61.43
N ALA W 467 113.19 29.27 -62.13
CA ALA W 467 112.32 30.05 -62.98
C ALA W 467 112.65 29.89 -64.46
N TYR W 468 113.63 29.05 -64.79
CA TYR W 468 114.06 28.82 -66.16
C TYR W 468 114.04 27.33 -66.43
N VAL W 469 113.47 26.94 -67.59
CA VAL W 469 113.51 25.56 -68.04
C VAL W 469 114.13 25.54 -69.42
N ALA W 470 114.61 24.37 -69.84
CA ALA W 470 115.34 24.26 -71.09
C ALA W 470 115.12 22.88 -71.71
N ASP W 471 115.25 22.82 -73.03
CA ASP W 471 115.13 21.57 -73.74
C ASP W 471 116.42 20.76 -73.62
N ALA W 472 116.48 19.64 -74.33
CA ALA W 472 117.59 18.72 -74.20
C ALA W 472 117.82 17.99 -75.51
N ARG W 473 119.08 17.95 -75.95
CA ARG W 473 119.43 17.19 -77.14
C ARG W 473 119.31 15.69 -76.86
N PRO W 474 119.07 14.89 -77.89
CA PRO W 474 118.95 13.44 -77.68
C PRO W 474 120.22 12.86 -77.06
N ASP W 475 120.09 12.31 -75.86
CA ASP W 475 121.22 11.73 -75.15
C ASP W 475 120.73 10.58 -74.29
N ALA W 476 121.63 10.03 -73.48
CA ALA W 476 121.35 8.84 -72.68
C ALA W 476 120.87 9.17 -71.27
N LEU W 477 120.60 10.45 -70.97
CA LEU W 477 120.05 10.89 -69.70
C LEU W 477 121.05 10.73 -68.55
N VAL W 478 122.18 10.09 -68.81
CA VAL W 478 123.20 9.91 -67.78
C VAL W 478 124.25 10.97 -68.02
N GLY W 479 124.86 10.97 -69.20
CA GLY W 479 125.65 12.10 -69.61
C GLY W 479 124.88 13.39 -69.53
N LEU W 480 123.57 13.35 -69.82
CA LEU W 480 122.73 14.51 -69.60
C LEU W 480 122.64 14.84 -68.12
N MET W 481 122.65 13.83 -67.25
CA MET W 481 122.69 14.10 -65.82
C MET W 481 124.07 14.57 -65.38
N GLN W 482 125.12 14.08 -66.03
CA GLN W 482 126.46 14.56 -65.71
C GLN W 482 126.59 16.04 -65.98
N ARG W 483 126.14 16.49 -67.15
CA ARG W 483 126.31 17.89 -67.54
C ARG W 483 125.68 18.84 -66.53
N PHE W 484 124.47 18.51 -66.06
CA PHE W 484 123.76 19.43 -65.18
C PHE W 484 124.50 19.65 -63.87
N LEU W 485 125.28 18.66 -63.42
CA LEU W 485 125.90 18.77 -62.11
C LEU W 485 127.14 19.63 -62.09
N GLU W 486 127.60 20.14 -63.24
CA GLU W 486 128.67 21.12 -63.25
C GLU W 486 128.16 22.55 -63.34
N GLU W 487 127.03 22.74 -64.01
CA GLU W 487 126.40 24.05 -64.10
C GLU W 487 125.44 24.30 -62.95
N TRP W 488 125.22 23.31 -62.09
CA TRP W 488 124.38 23.51 -60.92
C TRP W 488 124.85 24.68 -60.06
N PRO W 489 126.12 24.77 -59.64
CA PRO W 489 126.53 25.93 -58.84
C PRO W 489 126.71 27.20 -59.65
N GLY W 490 126.97 27.08 -60.96
CA GLY W 490 127.13 28.27 -61.78
C GLY W 490 125.87 29.12 -61.81
N MET W 491 124.72 28.49 -61.99
CA MET W 491 123.44 29.21 -61.96
C MET W 491 122.81 29.17 -60.57
N MET W 492 123.59 29.49 -59.54
CA MET W 492 123.06 29.55 -58.18
C MET W 492 124.01 30.30 -57.27
N PRO W 493 124.14 31.62 -57.40
CA PRO W 493 125.02 32.36 -56.49
C PRO W 493 124.53 32.32 -55.05
N VAL W 494 123.28 32.69 -54.84
CA VAL W 494 122.69 32.70 -53.51
C VAL W 494 121.65 31.59 -53.44
N ARG W 495 121.36 31.15 -52.23
CA ARG W 495 120.32 30.13 -52.03
C ARG W 495 118.98 30.73 -52.42
N PRO W 496 118.23 30.09 -53.32
CA PRO W 496 116.98 30.69 -53.81
C PRO W 496 115.99 30.94 -52.68
N ARG W 497 115.10 31.90 -52.93
CA ARG W 497 114.18 32.33 -51.88
C ARG W 497 113.16 31.25 -51.53
N TRP W 498 112.78 30.42 -52.50
CA TRP W 498 111.78 29.39 -52.22
C TRP W 498 112.39 28.17 -51.53
N ALA W 499 113.72 28.00 -51.60
CA ALA W 499 114.34 26.90 -50.88
C ALA W 499 114.08 27.02 -49.39
N ALA W 500 114.17 28.24 -48.85
CA ALA W 500 113.80 28.53 -47.47
C ALA W 500 112.92 29.77 -47.48
N PRO W 501 111.60 29.60 -47.51
CA PRO W 501 110.71 30.75 -47.59
C PRO W 501 110.68 31.60 -46.33
N ALA W 502 111.29 31.13 -45.24
CA ALA W 502 111.25 31.83 -43.95
C ALA W 502 109.82 32.13 -43.53
N ALA W 503 109.02 31.06 -43.49
CA ALA W 503 107.60 31.17 -43.19
C ALA W 503 107.43 31.49 -41.71
N ALA W 504 107.26 32.75 -41.39
CA ALA W 504 107.04 33.23 -40.03
C ALA W 504 106.58 34.67 -40.12
N ASP W 505 106.51 35.34 -38.97
CA ASP W 505 106.21 36.77 -38.97
C ASP W 505 107.29 37.55 -39.70
N GLN W 506 108.52 37.04 -39.68
CA GLN W 506 109.63 37.74 -40.30
C GLN W 506 109.42 38.02 -41.78
N LEU W 507 108.47 37.33 -42.42
CA LEU W 507 108.09 37.71 -43.77
C LEU W 507 107.50 39.11 -43.78
N LEU W 508 106.58 39.38 -42.85
CA LEU W 508 105.90 40.66 -42.77
C LEU W 508 106.76 41.73 -42.11
N ALA W 509 108.07 41.50 -41.99
CA ALA W 509 108.97 42.57 -41.62
C ALA W 509 109.21 43.48 -42.82
N PRO W 510 109.21 44.80 -42.63
CA PRO W 510 109.15 45.70 -43.78
C PRO W 510 110.48 45.88 -44.49
N GLY W 511 111.21 44.79 -44.71
CA GLY W 511 112.47 44.89 -45.42
C GLY W 511 112.67 43.93 -46.56
N ASN W 512 111.91 42.83 -46.58
CA ASN W 512 112.17 41.77 -47.54
C ASN W 512 111.37 41.99 -48.83
N ALA W 513 111.88 41.42 -49.92
CA ALA W 513 111.22 41.57 -51.19
C ALA W 513 110.11 40.55 -51.41
N ASP W 514 110.12 39.45 -50.65
CA ASP W 514 109.06 38.47 -50.77
C ASP W 514 107.70 39.11 -50.50
N LEU W 515 107.62 39.92 -49.44
CA LEU W 515 106.40 40.69 -49.20
C LEU W 515 106.12 41.63 -50.36
N ARG W 516 107.17 42.10 -51.03
CA ARG W 516 106.99 43.03 -52.14
C ARG W 516 106.46 42.34 -53.38
N LEU W 517 106.58 41.02 -53.48
CA LEU W 517 106.17 40.30 -54.68
C LEU W 517 105.01 39.34 -54.42
N GLU W 518 104.21 39.58 -53.40
CA GLU W 518 103.05 38.76 -53.08
C GLU W 518 101.83 39.67 -53.13
N LEU W 519 101.18 39.74 -54.29
CA LEU W 519 100.12 40.70 -54.53
C LEU W 519 98.79 40.07 -54.88
N HIS W 520 98.71 38.75 -54.97
CA HIS W 520 97.50 38.12 -55.46
C HIS W 520 97.39 36.69 -54.93
N PRO W 521 96.24 36.31 -54.38
CA PRO W 521 96.13 35.00 -53.72
C PRO W 521 96.03 33.81 -54.66
N ALA W 522 96.22 34.02 -55.96
CA ALA W 522 96.14 32.91 -56.89
C ALA W 522 97.27 32.89 -57.91
N PHE W 523 98.20 33.83 -57.85
CA PHE W 523 99.28 33.90 -58.83
C PHE W 523 100.62 33.87 -58.11
N ASP W 524 101.68 33.76 -58.89
CA ASP W 524 103.04 33.74 -58.36
C ASP W 524 103.87 34.67 -59.25
N PHE W 525 103.99 35.93 -58.84
CA PHE W 525 104.86 36.85 -59.55
C PHE W 525 106.30 36.54 -59.17
N PHE W 526 107.18 36.41 -60.17
CA PHE W 526 108.57 36.11 -59.89
C PHE W 526 109.45 36.69 -60.98
N VAL W 527 110.68 36.97 -60.61
CA VAL W 527 111.70 37.38 -61.59
C VAL W 527 112.23 36.13 -62.29
N ALA W 528 112.63 36.30 -63.53
CA ALA W 528 113.14 35.19 -64.34
C ALA W 528 113.95 35.78 -65.49
N PRO W 529 114.91 35.03 -66.02
CA PRO W 529 115.70 35.56 -67.13
C PRO W 529 114.85 35.78 -68.36
N GLU W 530 115.10 36.89 -69.05
CA GLU W 530 114.35 37.26 -70.24
C GLU W 530 114.73 36.31 -71.36
N VAL W 531 113.89 35.31 -71.59
CA VAL W 531 114.11 34.33 -72.66
C VAL W 531 112.79 33.60 -72.87
N ASP W 532 112.64 32.97 -74.03
CA ASP W 532 111.51 32.10 -74.25
C ASP W 532 111.53 30.94 -73.26
N VAL W 533 110.35 30.39 -72.98
CA VAL W 533 110.24 29.36 -71.94
C VAL W 533 111.16 28.17 -72.21
N PRO W 534 111.14 27.52 -73.38
CA PRO W 534 112.16 26.51 -73.64
C PRO W 534 113.41 27.13 -74.24
N GLY W 535 114.57 26.83 -73.67
CA GLY W 535 115.80 27.45 -74.09
C GLY W 535 116.97 26.50 -74.19
N PRO W 536 118.14 27.03 -74.55
CA PRO W 536 119.33 26.17 -74.67
C PRO W 536 119.74 25.58 -73.33
N PHE W 537 120.61 24.56 -73.41
CA PHE W 537 120.98 23.80 -72.24
C PHE W 537 121.85 24.59 -71.27
N ALA W 538 122.58 25.58 -71.75
CA ALA W 538 123.37 26.45 -70.88
C ALA W 538 122.60 27.73 -70.63
N VAL W 539 122.59 28.18 -69.38
CA VAL W 539 121.80 29.34 -68.98
C VAL W 539 122.55 30.63 -69.29
N PRO W 540 122.02 31.49 -70.16
CA PRO W 540 122.70 32.75 -70.45
C PRO W 540 122.47 33.77 -69.34
N GLN W 541 123.47 34.60 -69.11
CA GLN W 541 123.42 35.60 -68.04
C GLN W 541 122.94 36.92 -68.63
N VAL W 542 121.62 37.14 -68.57
CA VAL W 542 121.00 38.37 -69.06
C VAL W 542 119.92 38.77 -68.05
N MET W 543 119.65 40.07 -67.99
CA MET W 543 118.60 40.58 -67.12
C MET W 543 117.23 40.18 -67.65
N GLY W 544 116.30 39.93 -66.75
CA GLY W 544 114.98 39.49 -67.13
C GLY W 544 113.91 40.16 -66.30
N GLN W 545 112.74 40.35 -66.90
CA GLN W 545 111.62 40.98 -66.25
C GLN W 545 110.93 39.98 -65.34
N VAL W 546 109.74 40.32 -64.85
CA VAL W 546 108.97 39.44 -63.99
C VAL W 546 107.82 38.85 -64.79
N ARG W 547 107.40 37.64 -64.40
CA ARG W 547 106.35 36.90 -65.07
C ARG W 547 105.18 36.68 -64.12
N ALA W 548 104.21 35.88 -64.57
CA ALA W 548 103.03 35.57 -63.79
C ALA W 548 102.60 34.15 -64.08
N MET W 549 102.42 33.35 -63.04
CA MET W 549 102.05 31.97 -63.18
C MET W 549 101.01 31.64 -62.12
N PRO W 550 99.91 30.99 -62.48
CA PRO W 550 98.86 30.74 -61.50
C PRO W 550 99.11 29.50 -60.65
N ARG W 551 99.01 29.65 -59.33
CA ARG W 551 99.09 28.51 -58.44
C ARG W 551 97.90 27.60 -58.71
N ILE W 552 98.15 26.46 -59.35
CA ILE W 552 97.05 25.63 -59.81
C ILE W 552 96.24 25.10 -58.65
N ILE W 553 96.91 24.65 -57.58
CA ILE W 553 96.25 23.92 -56.51
C ILE W 553 96.29 24.74 -55.23
N ASN W 554 95.46 24.33 -54.27
CA ASN W 554 95.43 24.99 -52.98
C ASN W 554 96.78 24.93 -52.29
N GLY W 555 97.50 23.81 -52.46
CA GLY W 555 98.74 23.61 -51.74
C GLY W 555 99.85 24.57 -52.12
N ASN W 556 99.80 25.12 -53.33
CA ASN W 556 100.90 25.96 -53.82
C ASN W 556 100.90 27.35 -53.21
N ILE W 557 100.15 27.57 -52.14
CA ILE W 557 100.20 28.84 -51.41
C ILE W 557 101.36 28.78 -50.41
N PRO W 558 102.22 29.80 -50.35
CA PRO W 558 103.38 29.72 -49.47
C PRO W 558 102.99 29.50 -48.01
N LEU W 559 103.87 28.80 -47.29
CA LEU W 559 103.50 28.31 -45.96
C LEU W 559 103.21 29.44 -44.99
N ALA W 560 103.82 30.61 -45.19
CA ALA W 560 103.56 31.74 -44.31
C ALA W 560 102.10 32.14 -44.30
N LEU W 561 101.33 31.72 -45.31
CA LEU W 561 99.91 32.04 -45.39
C LEU W 561 99.03 30.81 -45.24
N CYS W 562 99.60 29.62 -45.12
CA CYS W 562 98.84 28.40 -44.88
C CYS W 562 99.67 27.49 -44.01
N PRO W 563 99.73 27.74 -42.71
CA PRO W 563 100.61 26.97 -41.83
C PRO W 563 100.20 25.51 -41.78
N VAL W 564 101.16 24.67 -41.42
CA VAL W 564 100.97 23.22 -41.53
C VAL W 564 99.88 22.73 -40.61
N ASP W 565 99.69 23.38 -39.45
CA ASP W 565 98.65 22.95 -38.53
C ASP W 565 97.28 23.06 -39.17
N PHE W 566 97.05 24.09 -39.98
CA PHE W 566 95.74 24.25 -40.62
C PHE W 566 95.49 23.14 -41.63
N ARG W 567 96.49 22.80 -42.44
CA ARG W 567 96.33 21.71 -43.38
C ARG W 567 96.03 20.41 -42.65
N ASP W 568 96.79 20.13 -41.58
CA ASP W 568 96.53 18.92 -40.83
C ASP W 568 95.16 18.96 -40.18
N ALA W 569 94.65 20.14 -39.87
CA ALA W 569 93.34 20.26 -39.26
C ALA W 569 92.25 19.89 -40.27
N ARG W 570 92.32 20.47 -41.46
CA ARG W 570 91.33 20.10 -42.47
C ARG W 570 91.47 18.64 -42.85
N GLY W 571 92.68 18.08 -42.75
CA GLY W 571 92.86 16.67 -43.00
C GLY W 571 92.14 15.82 -41.97
N PHE W 572 92.46 16.02 -40.69
CA PHE W 572 91.78 15.29 -39.63
C PHE W 572 90.27 15.48 -39.70
N GLU W 573 89.82 16.64 -40.19
CA GLU W 573 88.39 16.84 -40.37
C GLU W 573 87.85 15.91 -41.46
N LEU W 574 88.56 15.82 -42.58
CA LEU W 574 88.04 15.02 -43.69
C LEU W 574 88.11 13.53 -43.41
N SER W 575 88.93 13.09 -42.45
CA SER W 575 89.08 11.67 -42.15
C SER W 575 88.20 11.28 -40.95
N VAL W 576 86.90 11.30 -41.17
CA VAL W 576 85.93 10.89 -40.16
C VAL W 576 85.04 9.82 -40.79
N ASP W 577 85.30 8.56 -40.43
CA ASP W 577 84.55 7.39 -40.85
C ASP W 577 84.61 7.16 -42.35
N ARG W 578 85.38 7.95 -43.11
CA ARG W 578 85.53 7.68 -44.54
C ARG W 578 86.33 6.41 -44.76
N HIS W 579 87.54 6.35 -44.23
CA HIS W 579 88.37 5.16 -44.27
C HIS W 579 89.57 5.38 -43.37
N ARG W 580 90.02 4.31 -42.73
CA ARG W 580 91.13 4.39 -41.80
C ARG W 580 92.04 3.20 -42.00
N LEU W 581 93.32 3.46 -42.30
CA LEU W 581 94.29 2.38 -42.43
C LEU W 581 94.50 1.71 -41.09
N ALA W 582 94.47 0.39 -41.08
CA ALA W 582 94.61 -0.34 -39.83
C ALA W 582 96.01 -0.14 -39.26
N PRO W 583 96.17 -0.25 -37.94
CA PRO W 583 97.51 -0.07 -37.35
C PRO W 583 98.51 -1.11 -37.83
N ALA W 584 98.08 -2.34 -38.07
CA ALA W 584 99.02 -3.38 -38.50
C ALA W 584 99.58 -3.08 -39.89
N THR W 585 98.71 -2.72 -40.83
CA THR W 585 99.18 -2.48 -42.19
C THR W 585 100.04 -1.23 -42.26
N VAL W 586 99.70 -0.18 -41.49
CA VAL W 586 100.54 1.01 -41.53
C VAL W 586 101.88 0.73 -40.87
N ALA W 587 101.88 -0.06 -39.78
CA ALA W 587 103.14 -0.43 -39.17
C ALA W 587 104.03 -1.18 -40.14
N ALA W 588 103.46 -2.16 -40.84
CA ALA W 588 104.26 -2.96 -41.77
C ALA W 588 104.77 -2.11 -42.92
N VAL W 589 103.89 -1.33 -43.55
CA VAL W 589 104.30 -0.53 -44.70
C VAL W 589 105.34 0.50 -44.30
N ARG W 590 105.17 1.11 -43.13
CA ARG W 590 106.13 2.10 -42.68
C ARG W 590 107.48 1.49 -42.35
N GLY W 591 107.47 0.34 -41.67
CA GLY W 591 108.72 -0.38 -41.44
C GLY W 591 109.41 -0.74 -42.74
N ALA W 592 108.64 -1.03 -43.78
CA ALA W 592 109.24 -1.22 -45.09
C ALA W 592 109.83 0.08 -45.62
N PHE W 593 109.17 1.20 -45.34
CA PHE W 593 109.61 2.46 -45.93
C PHE W 593 110.88 2.97 -45.29
N ARG W 594 110.98 2.90 -43.98
CA ARG W 594 112.14 3.41 -43.28
C ARG W 594 113.27 2.41 -43.20
N ASP W 595 113.10 1.21 -43.76
CA ASP W 595 114.18 0.25 -43.69
C ASP W 595 115.35 0.71 -44.54
N ALA W 596 116.51 0.12 -44.28
CA ALA W 596 117.77 0.52 -44.88
C ALA W 596 118.32 -0.53 -45.84
N ASN W 597 118.41 -1.78 -45.40
CA ASN W 597 118.95 -2.85 -46.22
C ASN W 597 117.83 -3.54 -47.01
N TYR W 598 117.14 -2.75 -47.82
CA TYR W 598 116.17 -3.33 -48.73
C TYR W 598 116.89 -4.21 -49.75
N PRO W 599 116.49 -5.47 -49.91
CA PRO W 599 117.22 -6.36 -50.83
C PRO W 599 117.13 -5.86 -52.27
N MET W 600 118.30 -5.50 -52.82
CA MET W 600 118.35 -4.94 -54.16
C MET W 600 117.82 -5.86 -55.23
N VAL W 601 117.68 -7.16 -54.95
CA VAL W 601 117.12 -8.07 -55.93
C VAL W 601 115.67 -7.73 -56.22
N PHE W 602 114.95 -7.20 -55.23
CA PHE W 602 113.57 -6.78 -55.48
C PHE W 602 113.54 -5.65 -56.50
N TYR W 603 114.53 -4.75 -56.43
CA TYR W 603 114.67 -3.72 -57.46
C TYR W 603 114.97 -4.36 -58.82
N ILE W 604 115.69 -5.48 -58.83
CA ILE W 604 115.96 -6.15 -60.10
C ILE W 604 114.67 -6.74 -60.67
N ILE W 605 113.87 -7.38 -59.83
CA ILE W 605 112.64 -8.01 -60.31
C ILE W 605 111.65 -6.95 -60.80
N GLU W 606 111.56 -5.82 -60.10
CA GLU W 606 110.70 -4.75 -60.56
C GLU W 606 111.21 -4.14 -61.86
N ALA W 607 112.53 -4.02 -62.00
CA ALA W 607 113.07 -3.49 -63.24
C ALA W 607 112.78 -4.42 -64.41
N VAL W 608 112.87 -5.72 -64.18
CA VAL W 608 112.64 -6.65 -65.27
C VAL W 608 111.15 -6.76 -65.59
N ILE W 609 110.27 -6.58 -64.60
CA ILE W 609 108.84 -6.67 -64.89
C ILE W 609 108.36 -5.42 -65.64
N HIS W 610 108.70 -4.24 -65.13
CA HIS W 610 108.34 -2.94 -65.69
C HIS W 610 106.90 -2.88 -66.20
N GLY W 611 105.96 -3.41 -65.43
CA GLY W 611 104.55 -3.17 -65.71
C GLY W 611 104.01 -3.83 -66.95
N SER W 612 103.89 -5.15 -66.94
CA SER W 612 103.26 -5.86 -68.04
C SER W 612 102.69 -7.16 -67.51
N GLU W 613 101.36 -7.30 -67.56
CA GLU W 613 100.73 -8.54 -67.13
C GLU W 613 101.33 -9.74 -67.86
N ARG W 614 101.67 -9.55 -69.14
CA ARG W 614 102.28 -10.61 -69.93
C ARG W 614 103.49 -11.21 -69.23
N THR W 615 104.40 -10.37 -68.75
CA THR W 615 105.56 -10.90 -68.04
C THR W 615 105.24 -11.19 -66.58
N PHE W 616 104.25 -10.51 -66.01
CA PHE W 616 104.00 -10.67 -64.58
C PHE W 616 103.41 -12.03 -64.27
N CYS W 617 102.36 -12.42 -65.00
CA CYS W 617 101.75 -13.72 -64.74
C CYS W 617 102.71 -14.86 -65.03
N ALA W 618 103.74 -14.59 -65.85
CA ALA W 618 104.74 -15.61 -66.11
C ALA W 618 105.71 -15.76 -64.94
N LEU W 619 105.95 -14.68 -64.20
CA LEU W 619 106.88 -14.69 -63.08
C LEU W 619 106.16 -14.73 -61.73
N ALA W 620 104.94 -15.27 -61.71
CA ALA W 620 104.15 -15.29 -60.48
C ALA W 620 104.90 -16.01 -59.37
N ARG W 621 105.15 -17.31 -59.56
CA ARG W 621 105.71 -18.14 -58.49
C ARG W 621 106.94 -17.49 -57.87
N LEU W 622 107.78 -16.86 -58.69
CA LEU W 622 108.94 -16.17 -58.16
C LEU W 622 108.53 -15.09 -57.18
N VAL W 623 107.67 -14.16 -57.62
CA VAL W 623 107.28 -13.04 -56.76
C VAL W 623 106.61 -13.54 -55.50
N ALA W 624 105.78 -14.58 -55.63
CA ALA W 624 105.12 -15.15 -54.46
C ALA W 624 106.13 -15.64 -53.45
N GLN W 625 107.12 -16.41 -53.89
CA GLN W 625 108.15 -16.90 -52.98
C GLN W 625 108.91 -15.74 -52.35
N CYS W 626 109.28 -14.74 -53.15
CA CYS W 626 110.00 -13.59 -52.62
C CYS W 626 109.22 -12.91 -51.52
N ILE W 627 107.95 -12.61 -51.78
CA ILE W 627 107.14 -11.88 -50.83
C ILE W 627 106.98 -12.69 -49.55
N GLN W 628 106.67 -13.98 -49.68
CA GLN W 628 106.46 -14.81 -48.50
C GLN W 628 107.72 -14.88 -47.66
N SER W 629 108.88 -15.02 -48.30
CA SER W 629 110.12 -15.12 -47.53
C SER W 629 110.45 -13.79 -46.86
N TYR W 630 110.29 -12.68 -47.57
CA TYR W 630 110.52 -11.38 -46.95
C TYR W 630 109.62 -11.18 -45.74
N TRP W 631 108.36 -11.60 -45.85
CA TRP W 631 107.44 -11.45 -44.73
C TRP W 631 107.89 -12.29 -43.55
N ARG W 632 108.15 -13.59 -43.78
CA ARG W 632 108.62 -14.44 -42.71
C ARG W 632 109.97 -14.01 -42.18
N ASN W 633 110.67 -13.12 -42.87
CA ASN W 633 111.95 -12.62 -42.39
C ASN W 633 111.83 -11.36 -41.54
N THR W 634 111.00 -10.40 -41.97
CA THR W 634 110.97 -9.10 -41.31
C THR W 634 109.56 -8.57 -40.98
N HIS W 635 108.51 -9.32 -41.26
CA HIS W 635 107.13 -8.90 -40.97
C HIS W 635 106.76 -7.63 -41.71
N ASN W 636 107.25 -7.47 -42.93
CA ASN W 636 107.07 -6.23 -43.67
C ASN W 636 106.47 -6.49 -45.04
N ALA W 637 106.02 -5.41 -45.68
CA ALA W 637 105.48 -5.46 -47.02
C ALA W 637 106.61 -5.62 -48.03
N ALA W 638 106.27 -5.55 -49.31
CA ALA W 638 107.28 -5.70 -50.35
C ALA W 638 106.73 -5.10 -51.64
N PHE W 639 107.63 -4.61 -52.48
CA PHE W 639 107.31 -4.01 -53.77
C PHE W 639 106.36 -2.83 -53.62
N VAL W 640 106.28 -2.25 -52.42
CA VAL W 640 105.35 -1.16 -52.15
C VAL W 640 105.73 0.11 -52.90
N ASN W 641 106.88 0.12 -53.57
CA ASN W 641 107.31 1.32 -54.29
C ASN W 641 106.50 1.51 -55.57
N ASN W 642 106.22 0.44 -56.30
CA ASN W 642 105.49 0.55 -57.56
C ASN W 642 104.00 0.35 -57.33
N PHE W 643 103.21 1.02 -58.17
CA PHE W 643 101.76 0.94 -58.11
C PHE W 643 101.22 -0.21 -58.97
N TYR W 644 101.68 -0.29 -60.21
CA TYR W 644 101.29 -1.42 -61.06
C TYR W 644 101.62 -2.74 -60.39
N MET W 645 102.74 -2.78 -59.67
CA MET W 645 103.12 -4.01 -58.98
C MET W 645 102.06 -4.42 -57.98
N VAL W 646 101.71 -3.53 -57.05
CA VAL W 646 100.73 -3.90 -56.03
C VAL W 646 99.38 -4.20 -56.65
N MET W 647 99.03 -3.49 -57.73
CA MET W 647 97.79 -3.80 -58.43
C MET W 647 97.81 -5.24 -58.94
N TYR W 648 98.90 -5.63 -59.57
CA TYR W 648 99.01 -7.00 -60.08
C TYR W 648 98.99 -8.01 -58.95
N ILE W 649 99.62 -7.69 -57.83
CA ILE W 649 99.61 -8.61 -56.70
C ILE W 649 98.18 -8.82 -56.22
N ASN W 650 97.41 -7.73 -56.10
CA ASN W 650 96.03 -7.85 -55.65
C ASN W 650 95.19 -8.65 -56.64
N THR W 651 95.48 -8.51 -57.94
CA THR W 651 94.65 -9.20 -58.92
C THR W 651 94.98 -10.69 -58.98
N TYR W 652 96.27 -11.03 -59.14
CA TYR W 652 96.67 -12.38 -59.52
C TYR W 652 97.23 -13.21 -58.38
N LEU W 653 97.37 -12.67 -57.18
CA LEU W 653 98.06 -13.37 -56.11
C LEU W 653 97.33 -13.42 -54.78
N GLY W 654 96.37 -12.55 -54.54
CA GLY W 654 95.73 -12.52 -53.24
C GLY W 654 94.49 -13.37 -53.15
N ASN W 655 94.62 -14.66 -53.40
CA ASN W 655 93.50 -15.58 -53.22
C ASN W 655 93.75 -16.58 -52.10
N GLY W 656 94.79 -17.39 -52.21
CA GLY W 656 95.25 -18.22 -51.11
C GLY W 656 96.75 -18.44 -51.17
N GLU W 657 97.39 -17.73 -52.09
CA GLU W 657 98.75 -18.08 -52.49
C GLU W 657 99.76 -17.70 -51.43
N LEU W 658 99.64 -16.54 -50.84
CA LEU W 658 100.52 -16.08 -49.79
C LEU W 658 99.74 -15.92 -48.49
N PRO W 659 100.40 -15.96 -47.33
CA PRO W 659 99.69 -15.94 -46.05
C PRO W 659 98.70 -14.78 -45.95
N GLU W 660 97.55 -15.07 -45.35
CA GLU W 660 96.46 -14.10 -45.32
C GLU W 660 96.83 -12.83 -44.57
N ASP W 661 97.80 -12.89 -43.66
CA ASP W 661 98.23 -11.68 -42.96
C ASP W 661 99.11 -10.81 -43.84
N CYS W 662 99.84 -11.41 -44.77
CA CYS W 662 100.66 -10.61 -45.68
C CYS W 662 99.83 -10.02 -46.81
N ALA W 663 98.77 -10.70 -47.22
CA ALA W 663 97.85 -10.09 -48.17
C ALA W 663 97.00 -9.01 -47.53
N ALA W 664 96.82 -9.08 -46.22
CA ALA W 664 95.97 -8.15 -45.48
C ALA W 664 96.52 -6.73 -45.47
N VAL W 665 97.63 -6.46 -46.16
CA VAL W 665 98.11 -5.09 -46.26
C VAL W 665 97.83 -4.56 -47.65
N TYR W 666 97.85 -5.44 -48.65
CA TYR W 666 97.69 -4.97 -50.03
C TYR W 666 96.24 -4.59 -50.32
N LYS W 667 95.28 -5.41 -49.87
CA LYS W 667 93.89 -5.08 -50.14
C LYS W 667 93.49 -3.79 -49.42
N ASP W 668 94.00 -3.58 -48.21
CA ASP W 668 93.74 -2.32 -47.52
C ASP W 668 94.40 -1.16 -48.24
N LEU W 669 95.67 -1.34 -48.63
CA LEU W 669 96.38 -0.30 -49.35
C LEU W 669 95.67 0.07 -50.65
N LEU W 670 94.87 -0.84 -51.19
CA LEU W 670 94.15 -0.51 -52.41
C LEU W 670 92.78 0.11 -52.13
N GLU W 671 92.04 -0.42 -51.15
CA GLU W 671 90.72 0.14 -50.88
C GLU W 671 90.84 1.54 -50.31
N HIS W 672 91.96 1.86 -49.66
CA HIS W 672 92.19 3.25 -49.25
C HIS W 672 92.28 4.18 -50.44
N VAL W 673 93.02 3.77 -51.48
CA VAL W 673 93.10 4.58 -52.68
C VAL W 673 91.75 4.68 -53.36
N HIS W 674 90.98 3.59 -53.33
CA HIS W 674 89.63 3.64 -53.89
C HIS W 674 88.80 4.72 -53.20
N ALA W 675 88.80 4.72 -51.86
CA ALA W 675 88.05 5.72 -51.13
C ALA W 675 88.58 7.12 -51.41
N LEU W 676 89.90 7.26 -51.53
CA LEU W 676 90.47 8.55 -51.84
C LEU W 676 90.00 9.06 -53.19
N ARG W 677 89.81 8.15 -54.15
CA ARG W 677 89.26 8.55 -55.45
C ARG W 677 87.80 8.96 -55.31
N ARG W 678 87.02 8.16 -54.58
CA ARG W 678 85.61 8.49 -54.39
C ARG W 678 85.43 9.85 -53.72
N LEU W 679 86.41 10.27 -52.92
CA LEU W 679 86.34 11.59 -52.29
C LEU W 679 86.13 12.70 -53.31
N ILE W 680 86.71 12.54 -54.51
CA ILE W 680 86.56 13.58 -55.53
C ILE W 680 85.10 13.69 -55.97
N GLY W 681 84.44 12.56 -56.20
CA GLY W 681 83.03 12.58 -56.50
C GLY W 681 82.19 13.08 -55.34
N GLU W 682 82.69 12.94 -54.10
CA GLU W 682 81.96 13.47 -52.96
C GLU W 682 81.82 14.99 -53.03
N PHE W 683 82.87 15.68 -53.47
CA PHE W 683 82.95 17.13 -53.38
C PHE W 683 82.80 17.83 -54.73
N THR W 684 81.94 17.32 -55.60
CA THR W 684 81.73 17.94 -56.90
C THR W 684 80.24 18.08 -57.17
N LEU W 685 79.90 19.11 -57.91
CA LEU W 685 78.51 19.25 -58.29
C LEU W 685 78.24 18.48 -59.59
N PRO W 686 77.09 17.85 -59.72
CA PRO W 686 76.74 17.22 -61.00
C PRO W 686 76.44 18.27 -62.06
N GLY W 687 77.32 18.40 -63.04
CA GLY W 687 77.15 19.40 -64.08
C GLY W 687 77.27 18.86 -65.48
N ASP W 688 77.48 19.74 -66.44
CA ASP W 688 77.59 19.37 -67.84
C ASP W 688 79.00 19.61 -68.35
N PRO W 689 79.54 18.69 -69.15
CA PRO W 689 80.93 18.84 -69.61
C PRO W 689 81.11 20.14 -70.37
N LEU W 690 82.13 20.91 -69.96
CA LEU W 690 82.33 22.27 -70.46
C LEU W 690 83.26 22.31 -71.66
N GLY W 691 84.52 21.93 -71.46
CA GLY W 691 85.54 22.03 -72.48
C GLY W 691 85.97 20.67 -72.99
N ASN W 692 85.00 19.81 -73.25
CA ASN W 692 85.22 18.39 -73.50
C ASN W 692 85.78 17.68 -72.27
N GLN W 693 85.63 18.31 -71.11
CA GLN W 693 86.09 17.75 -69.86
C GLN W 693 84.92 17.46 -68.96
N PRO W 694 84.89 16.30 -68.30
CA PRO W 694 83.87 16.06 -67.28
C PRO W 694 83.96 17.11 -66.19
N GLN W 695 82.85 17.26 -65.47
CA GLN W 695 82.73 18.38 -64.54
C GLN W 695 83.77 18.33 -63.43
N GLU W 696 84.12 17.13 -62.97
CA GLU W 696 85.14 17.02 -61.93
C GLU W 696 86.54 17.34 -62.45
N GLU W 697 86.75 17.29 -63.77
CA GLU W 697 88.08 17.54 -64.31
C GLU W 697 88.48 19.01 -64.19
N LEU W 698 87.52 19.91 -64.01
CA LEU W 698 87.85 21.29 -63.71
C LEU W 698 88.04 21.54 -62.22
N ASN W 699 87.65 20.59 -61.39
CA ASN W 699 87.67 20.76 -59.94
C ASN W 699 88.98 20.31 -59.33
N HIS W 700 89.29 19.02 -59.46
CA HIS W 700 90.47 18.44 -58.84
C HIS W 700 91.63 18.44 -59.81
N ALA W 701 92.84 18.61 -59.28
CA ALA W 701 94.03 18.62 -60.11
C ALA W 701 94.61 17.24 -60.35
N LEU W 702 93.98 16.20 -59.81
CA LEU W 702 94.42 14.84 -60.04
C LEU W 702 93.51 14.09 -61.00
N ALA W 703 92.20 14.34 -60.94
CA ALA W 703 91.27 13.77 -61.90
C ALA W 703 91.45 14.33 -63.30
N ASP W 704 92.45 15.18 -63.52
CA ASP W 704 92.75 15.68 -64.84
C ASP W 704 93.44 14.62 -65.68
N ALA W 705 93.21 14.67 -66.98
CA ALA W 705 93.88 13.78 -67.92
C ALA W 705 95.09 14.41 -68.58
N THR W 706 95.21 15.73 -68.55
CA THR W 706 96.33 16.44 -69.15
C THR W 706 97.52 16.54 -68.22
N LEU W 707 97.58 15.71 -67.18
CA LEU W 707 98.68 15.72 -66.22
C LEU W 707 99.25 14.32 -66.13
N LEU W 708 100.48 14.17 -66.55
CA LEU W 708 101.10 12.85 -66.60
C LEU W 708 101.58 12.42 -65.22
N PRO W 709 101.46 11.14 -64.89
CA PRO W 709 102.00 10.63 -63.64
C PRO W 709 103.49 10.91 -63.56
N PRO W 710 104.08 10.86 -62.37
CA PRO W 710 105.51 11.16 -62.27
C PRO W 710 106.39 10.22 -63.07
N LEU W 711 105.93 9.00 -63.35
CA LEU W 711 106.71 8.08 -64.15
C LEU W 711 105.79 7.05 -64.80
N ILE W 712 105.94 6.87 -66.11
CA ILE W 712 105.04 6.07 -66.91
C ILE W 712 105.71 4.75 -67.26
N TRP W 713 104.89 3.73 -67.54
CA TRP W 713 105.37 2.41 -67.93
C TRP W 713 104.71 1.90 -69.20
N ASP W 714 103.92 2.74 -69.86
CA ASP W 714 103.23 2.37 -71.09
C ASP W 714 103.03 3.63 -71.90
N CYS W 715 102.09 3.60 -72.84
CA CYS W 715 101.65 4.81 -73.53
C CYS W 715 100.16 5.06 -73.36
N ASP W 716 99.54 4.44 -72.35
CA ASP W 716 98.13 4.69 -72.09
C ASP W 716 97.84 6.14 -71.79
N PRO W 717 98.46 6.78 -70.79
CA PRO W 717 98.09 8.17 -70.49
C PRO W 717 98.44 9.12 -71.62
N ILE W 718 99.49 8.82 -72.38
CA ILE W 718 99.84 9.68 -73.52
C ILE W 718 98.70 9.72 -74.52
N LEU W 719 98.14 8.55 -74.85
CA LEU W 719 96.99 8.52 -75.75
C LEU W 719 95.78 9.19 -75.12
N TYR W 720 95.43 8.80 -73.88
CA TYR W 720 94.26 9.37 -73.23
C TYR W 720 94.33 10.89 -73.18
N ARG W 721 95.52 11.45 -73.04
CA ARG W 721 95.73 12.88 -72.96
C ARG W 721 95.71 13.54 -74.34
N ASP W 722 96.46 12.98 -75.29
CA ASP W 722 96.53 13.57 -76.62
C ASP W 722 95.21 13.46 -77.36
N GLY W 723 94.32 12.57 -76.92
CA GLY W 723 92.99 12.50 -77.51
C GLY W 723 92.30 13.86 -77.50
N LEU W 724 92.03 14.38 -76.32
CA LEU W 724 91.41 15.69 -76.19
C LEU W 724 92.45 16.77 -76.46
N ALA W 725 92.08 18.03 -76.27
CA ALA W 725 93.01 19.13 -76.42
C ALA W 725 92.63 20.24 -75.46
N GLU W 726 93.61 20.74 -74.71
CA GLU W 726 93.49 21.99 -73.97
C GLU W 726 94.15 23.12 -74.74
N ARG W 727 93.98 23.08 -76.07
CA ARG W 727 94.45 24.05 -77.05
C ARG W 727 95.95 23.92 -77.26
N LEU W 728 96.63 23.15 -76.42
CA LEU W 728 98.03 22.84 -76.63
C LEU W 728 98.43 21.66 -75.76
N PRO W 729 97.89 20.47 -75.99
CA PRO W 729 98.38 19.31 -75.23
C PRO W 729 99.70 18.80 -75.76
N GLU W 730 100.73 19.63 -75.67
CA GLU W 730 102.01 19.34 -76.29
C GLU W 730 102.81 18.32 -75.48
N LEU W 731 103.39 17.36 -76.17
CA LEU W 731 104.24 16.36 -75.56
C LEU W 731 105.58 16.36 -76.28
N ARG W 732 106.62 15.94 -75.57
CA ARG W 732 107.98 15.98 -76.11
C ARG W 732 108.79 14.88 -75.45
N VAL W 733 109.12 13.84 -76.20
CA VAL W 733 109.90 12.71 -75.65
C VAL W 733 111.37 13.04 -75.87
N ASN W 734 111.89 13.87 -74.96
CA ASN W 734 113.31 14.06 -74.73
C ASN W 734 114.01 14.78 -75.86
N GLY W 735 113.51 14.71 -77.09
CA GLY W 735 113.90 15.72 -78.05
C GLY W 735 112.89 16.23 -79.05
N ALA W 736 112.06 15.33 -79.60
CA ALA W 736 111.27 15.72 -80.75
C ALA W 736 109.78 15.44 -80.63
N HIS W 737 109.42 14.19 -80.45
CA HIS W 737 108.04 13.73 -80.69
C HIS W 737 107.89 12.34 -80.10
N PHE W 738 106.76 11.70 -80.39
CA PHE W 738 106.41 10.41 -79.84
C PHE W 738 106.39 9.36 -80.93
N GLN W 739 107.09 8.25 -80.70
CA GLN W 739 107.06 7.10 -81.59
C GLN W 739 107.05 5.83 -80.75
N HIS W 740 106.33 4.82 -81.24
CA HIS W 740 106.18 3.55 -80.55
C HIS W 740 106.79 2.43 -81.38
N ILE W 741 107.11 1.32 -80.72
CA ILE W 741 107.60 0.14 -81.41
C ILE W 741 106.78 -1.11 -81.09
N LEU W 742 105.93 -1.06 -80.08
CA LEU W 742 104.88 -2.04 -79.77
C LEU W 742 105.39 -3.34 -79.17
N TRP W 743 106.69 -3.58 -79.23
CA TRP W 743 107.37 -4.60 -78.46
C TRP W 743 108.84 -4.61 -78.87
N VAL W 744 109.65 -5.42 -78.21
CA VAL W 744 111.05 -5.58 -78.59
C VAL W 744 111.46 -7.01 -78.25
N GLU W 745 112.49 -7.48 -78.95
CA GLU W 745 112.92 -8.87 -78.85
C GLU W 745 114.43 -8.89 -78.67
N MET W 746 114.94 -10.04 -78.20
CA MET W 746 116.36 -10.14 -77.87
C MET W 746 117.26 -9.95 -79.08
N ALA W 747 116.72 -10.11 -80.29
CA ALA W 747 117.52 -9.92 -81.50
C ALA W 747 117.66 -8.45 -81.87
N GLN W 748 116.79 -7.58 -81.37
CA GLN W 748 116.78 -6.17 -81.72
C GLN W 748 116.74 -5.31 -80.46
N VAL W 749 117.64 -5.58 -79.53
CA VAL W 749 117.61 -4.90 -78.24
C VAL W 749 117.91 -3.41 -78.38
N ASN W 750 119.04 -3.08 -79.00
CA ASN W 750 119.47 -1.69 -79.22
C ASN W 750 119.54 -0.92 -77.90
N PHE W 751 120.48 -1.36 -77.06
CA PHE W 751 120.58 -0.87 -75.68
C PHE W 751 120.71 0.65 -75.60
N ARG W 752 121.07 1.32 -76.68
CA ARG W 752 121.22 2.77 -76.66
C ARG W 752 120.72 3.33 -77.98
N ASN W 753 119.53 3.89 -77.96
CA ASN W 753 119.00 4.71 -79.05
C ASN W 753 118.51 6.02 -78.45
N VAL W 754 118.65 7.10 -79.21
CA VAL W 754 118.41 8.43 -78.67
C VAL W 754 117.15 9.07 -79.22
N GLY W 755 116.35 8.35 -79.99
CA GLY W 755 115.09 8.88 -80.46
C GLY W 755 114.00 8.80 -79.40
N GLY W 756 112.91 9.50 -79.66
CA GLY W 756 111.77 9.46 -78.78
C GLY W 756 110.96 8.19 -78.94
N GLY W 757 111.60 7.05 -78.70
CA GLY W 757 110.99 5.76 -78.90
C GLY W 757 110.58 5.13 -77.59
N LEU W 758 109.28 4.83 -77.48
CA LEU W 758 108.74 4.17 -76.31
C LEU W 758 108.07 2.87 -76.74
N VAL W 759 107.73 2.04 -75.76
CA VAL W 759 107.29 0.69 -76.03
C VAL W 759 106.01 0.39 -75.24
N HIS W 760 104.99 -0.09 -75.93
CA HIS W 760 103.90 -0.81 -75.29
C HIS W 760 104.41 -2.23 -75.11
N ASN W 761 104.74 -2.59 -73.87
CA ASN W 761 105.46 -3.84 -73.60
C ASN W 761 104.90 -5.01 -74.38
N ARG W 762 103.67 -5.40 -74.09
CA ARG W 762 103.00 -6.43 -74.88
C ARG W 762 101.52 -6.45 -74.57
N PRO W 763 100.65 -6.40 -75.57
CA PRO W 763 99.22 -6.62 -75.34
C PRO W 763 98.98 -7.97 -74.69
N VAL W 764 97.80 -8.10 -74.09
CA VAL W 764 97.49 -9.20 -73.20
C VAL W 764 96.55 -10.19 -73.90
N ARG W 765 95.69 -9.68 -74.77
CA ARG W 765 94.68 -10.46 -75.46
C ARG W 765 94.85 -10.45 -76.96
N ASN W 766 94.95 -9.27 -77.56
CA ASN W 766 94.86 -9.09 -79.00
C ASN W 766 96.16 -8.48 -79.52
N GLU W 767 96.88 -9.23 -80.33
CA GLU W 767 98.03 -8.72 -81.05
C GLU W 767 97.64 -8.42 -82.49
N ASN W 768 98.57 -7.80 -83.21
CA ASN W 768 98.37 -7.46 -84.62
C ASN W 768 97.07 -6.68 -84.82
N GLN W 769 96.86 -5.70 -83.95
CA GLN W 769 95.74 -4.78 -84.03
C GLN W 769 96.32 -3.38 -83.95
N PRO W 770 95.68 -2.39 -84.57
CA PRO W 770 96.17 -1.01 -84.48
C PRO W 770 96.41 -0.59 -83.03
N LEU W 771 97.30 0.38 -82.87
CA LEU W 771 97.72 0.81 -81.54
C LEU W 771 96.53 1.21 -80.68
N HIS W 772 96.35 0.48 -79.58
CA HIS W 772 95.26 0.74 -78.67
C HIS W 772 95.75 0.58 -77.25
N PRO W 773 95.35 1.46 -76.32
CA PRO W 773 95.71 1.29 -74.93
C PRO W 773 95.07 0.03 -74.36
N HIS W 774 95.66 -0.49 -73.29
CA HIS W 774 95.17 -1.72 -72.68
C HIS W 774 94.82 -1.49 -71.21
N HIS W 775 94.15 -0.39 -70.92
CA HIS W 775 93.66 -0.13 -69.57
C HIS W 775 92.54 0.89 -69.62
N ASP W 776 91.74 0.89 -68.56
CA ASP W 776 90.66 1.86 -68.40
C ASP W 776 91.25 3.26 -68.24
N ALA W 777 90.39 4.27 -68.42
CA ALA W 777 90.81 5.64 -68.15
C ALA W 777 91.15 5.83 -66.68
N GLU W 778 90.31 5.30 -65.79
CA GLU W 778 90.56 5.38 -64.37
C GLU W 778 91.88 4.73 -63.98
N TRP W 779 92.38 3.81 -64.81
CA TRP W 779 93.60 3.08 -64.47
C TRP W 779 94.81 3.99 -64.33
N SER W 780 94.73 5.22 -64.85
CA SER W 780 95.85 6.15 -64.73
C SER W 780 95.69 7.14 -63.60
N VAL W 781 94.48 7.67 -63.38
CA VAL W 781 94.28 8.61 -62.29
C VAL W 781 94.62 7.96 -60.95
N LEU W 782 94.40 6.65 -60.83
CA LEU W 782 94.78 5.95 -59.61
C LEU W 782 96.28 6.08 -59.37
N SER W 783 97.08 6.06 -60.44
CA SER W 783 98.53 6.16 -60.27
C SER W 783 98.92 7.53 -59.73
N LYS W 784 98.30 8.60 -60.24
CA LYS W 784 98.60 9.93 -59.73
C LYS W 784 98.17 10.05 -58.28
N ILE W 785 96.96 9.59 -57.97
CA ILE W 785 96.49 9.59 -56.59
C ILE W 785 97.52 8.93 -55.69
N TYR W 786 97.95 7.74 -56.08
CA TYR W 786 98.93 7.00 -55.28
C TYR W 786 100.21 7.80 -55.10
N TYR W 787 100.91 8.05 -56.20
CA TYR W 787 102.24 8.67 -56.13
C TYR W 787 102.22 10.08 -55.58
N TYR W 788 101.05 10.71 -55.44
CA TYR W 788 101.01 12.07 -54.96
C TYR W 788 100.38 12.22 -53.58
N ALA W 789 99.66 11.21 -53.09
CA ALA W 789 99.01 11.37 -51.80
C ALA W 789 99.09 10.14 -50.91
N VAL W 790 99.89 9.13 -51.25
CA VAL W 790 100.09 8.03 -50.32
C VAL W 790 101.59 7.86 -50.09
N VAL W 791 102.35 7.79 -51.18
CA VAL W 791 103.80 7.66 -51.11
C VAL W 791 104.40 8.79 -50.28
N PRO W 792 104.14 10.06 -50.58
CA PRO W 792 104.73 11.12 -49.75
C PRO W 792 104.30 11.04 -48.31
N ALA W 793 103.07 10.58 -48.06
CA ALA W 793 102.60 10.47 -46.68
C ALA W 793 103.48 9.54 -45.86
N PHE W 794 104.05 8.52 -46.49
CA PHE W 794 104.88 7.57 -45.78
C PHE W 794 106.37 7.88 -45.85
N SER W 795 106.84 8.45 -46.96
CA SER W 795 108.27 8.65 -47.13
C SER W 795 108.79 9.86 -46.37
N ARG W 796 108.00 10.92 -46.28
CA ARG W 796 108.43 12.18 -45.68
C ARG W 796 109.64 12.75 -46.40
N GLY W 797 109.64 12.64 -47.73
CA GLY W 797 110.71 13.16 -48.54
C GLY W 797 111.96 12.31 -48.59
N ASN W 798 111.90 11.06 -48.14
CA ASN W 798 113.06 10.20 -48.11
C ASN W 798 113.30 9.45 -49.40
N CYS W 799 112.37 9.49 -50.35
CA CYS W 799 112.47 8.71 -51.57
C CYS W 799 112.90 9.58 -52.74
N CYS W 800 113.55 8.95 -53.71
CA CYS W 800 113.98 9.61 -54.94
C CYS W 800 113.81 8.65 -56.11
N THR W 801 113.35 9.18 -57.23
CA THR W 801 113.12 8.34 -58.39
C THR W 801 114.39 8.23 -59.23
N MET W 802 114.67 7.01 -59.68
CA MET W 802 115.96 6.68 -60.29
C MET W 802 115.76 5.97 -61.61
N GLY W 803 116.61 6.28 -62.57
CA GLY W 803 116.62 5.57 -63.84
C GLY W 803 117.56 4.37 -63.77
N VAL W 804 117.20 3.33 -64.49
CA VAL W 804 117.94 2.07 -64.46
C VAL W 804 118.89 2.01 -65.64
N ARG W 805 119.95 1.23 -65.51
CA ARG W 805 120.91 1.00 -66.59
C ARG W 805 120.68 -0.41 -67.10
N TYR W 806 119.78 -0.53 -68.08
CA TYR W 806 119.26 -1.83 -68.47
C TYR W 806 120.35 -2.73 -69.03
N ASP W 807 121.37 -2.15 -69.66
CA ASP W 807 122.42 -2.97 -70.28
C ASP W 807 123.14 -3.81 -69.23
N ARG W 808 123.33 -3.27 -68.03
CA ARG W 808 124.08 -3.97 -67.00
C ARG W 808 123.22 -4.94 -66.20
N VAL W 809 121.92 -4.69 -66.09
CA VAL W 809 121.07 -5.66 -65.41
C VAL W 809 120.71 -6.80 -66.34
N TYR W 810 120.56 -6.54 -67.64
CA TYR W 810 120.25 -7.59 -68.60
C TYR W 810 121.43 -8.52 -68.85
N GLN W 811 122.56 -8.32 -68.17
CA GLN W 811 123.66 -9.27 -68.19
C GLN W 811 123.70 -10.10 -66.92
N LEU W 812 123.78 -9.44 -65.77
CA LEU W 812 123.72 -10.15 -64.50
C LEU W 812 122.47 -11.03 -64.40
N VAL W 813 121.39 -10.63 -65.05
CA VAL W 813 120.13 -11.37 -64.99
C VAL W 813 120.25 -12.78 -65.56
N GLN W 814 121.29 -13.06 -66.34
CA GLN W 814 121.39 -14.31 -67.07
C GLN W 814 122.54 -15.21 -66.63
N THR W 815 123.25 -14.84 -65.57
CA THR W 815 124.36 -15.63 -65.07
C THR W 815 123.92 -16.48 -63.88
N MET W 816 123.07 -17.45 -64.17
CA MET W 816 122.58 -18.37 -63.15
C MET W 816 123.31 -19.71 -63.23
N VAL W 817 123.41 -20.36 -62.08
CA VAL W 817 124.10 -21.64 -61.95
C VAL W 817 123.07 -22.62 -61.40
N VAL W 818 122.52 -23.46 -62.27
CA VAL W 818 121.52 -24.44 -61.88
C VAL W 818 122.01 -25.81 -62.34
N PRO W 819 122.07 -26.80 -61.46
CA PRO W 819 122.36 -28.17 -61.89
C PRO W 819 121.10 -28.96 -62.16
N GLU W 820 121.22 -29.90 -63.11
CA GLU W 820 120.06 -30.68 -63.53
C GLU W 820 119.67 -31.68 -62.45
N THR W 821 118.38 -31.68 -62.09
CA THR W 821 117.85 -32.64 -61.13
C THR W 821 116.93 -33.61 -61.85
N ASP W 822 117.16 -34.91 -61.65
CA ASP W 822 116.31 -35.94 -62.22
C ASP W 822 115.15 -36.30 -61.31
N GLU W 823 115.22 -35.93 -60.04
CA GLU W 823 114.31 -36.34 -58.99
C GLU W 823 113.72 -35.09 -58.35
N GLU W 824 112.93 -35.26 -57.28
CA GLU W 824 112.43 -34.10 -56.57
C GLU W 824 113.59 -33.29 -56.02
N VAL W 825 113.46 -31.97 -56.10
CA VAL W 825 114.56 -31.08 -55.74
C VAL W 825 114.77 -31.08 -54.23
N GLY W 826 116.04 -31.01 -53.83
CA GLY W 826 116.40 -30.82 -52.44
C GLY W 826 116.67 -29.35 -52.14
N THR W 827 116.95 -29.10 -50.86
CA THR W 827 117.22 -27.73 -50.42
C THR W 827 118.54 -27.65 -49.65
N ASP W 828 118.88 -28.70 -48.91
CA ASP W 828 120.14 -28.75 -48.17
C ASP W 828 120.92 -29.96 -48.68
N ASP W 829 121.65 -29.75 -49.77
CA ASP W 829 122.44 -30.75 -50.45
C ASP W 829 123.18 -30.07 -51.60
N PRO W 830 124.32 -30.61 -52.06
CA PRO W 830 125.08 -29.92 -53.11
C PRO W 830 124.33 -29.75 -54.42
N ARG W 831 123.14 -30.34 -54.56
CA ARG W 831 122.36 -30.16 -55.77
C ARG W 831 121.51 -28.90 -55.75
N HIS W 832 121.28 -28.33 -54.57
CA HIS W 832 120.43 -27.15 -54.48
C HIS W 832 121.15 -25.93 -55.08
N PRO W 833 120.42 -25.05 -55.76
CA PRO W 833 121.08 -23.88 -56.37
C PRO W 833 121.63 -22.89 -55.37
N LEU W 834 121.39 -23.08 -54.07
CA LEU W 834 121.84 -22.16 -53.05
C LEU W 834 122.78 -22.78 -52.04
N HIS W 835 123.04 -24.08 -52.14
CA HIS W 835 123.97 -24.72 -51.21
C HIS W 835 125.35 -24.11 -51.38
N PRO W 836 126.05 -23.80 -50.27
CA PRO W 836 127.32 -23.08 -50.36
C PRO W 836 128.35 -23.68 -51.31
N ARG W 837 128.10 -24.91 -51.78
CA ARG W 837 128.99 -25.52 -52.76
C ARG W 837 128.85 -24.89 -54.14
N ASN W 838 127.71 -24.28 -54.45
CA ASN W 838 127.42 -23.78 -55.78
C ASN W 838 127.47 -22.26 -55.88
N LEU W 839 128.08 -21.59 -54.91
CA LEU W 839 128.07 -20.13 -54.88
C LEU W 839 129.28 -19.62 -55.66
N VAL W 840 129.09 -19.46 -56.96
CA VAL W 840 130.12 -18.93 -57.85
C VAL W 840 130.02 -17.41 -57.84
N PRO W 841 131.13 -16.68 -57.73
CA PRO W 841 131.04 -15.24 -57.52
C PRO W 841 130.57 -14.49 -58.76
N ASN W 842 129.96 -13.33 -58.50
CA ASN W 842 129.44 -12.42 -59.52
C ASN W 842 128.33 -13.03 -60.35
N SER W 843 127.60 -13.99 -59.81
CA SER W 843 126.44 -14.56 -60.48
C SER W 843 125.16 -13.92 -59.95
N LEU W 844 124.02 -14.37 -60.46
CA LEU W 844 122.76 -13.89 -59.92
C LEU W 844 122.42 -14.55 -58.60
N ASN W 845 122.64 -15.86 -58.49
CA ASN W 845 122.18 -16.62 -57.34
C ASN W 845 122.90 -16.24 -56.06
N VAL W 846 123.94 -15.43 -56.10
CA VAL W 846 124.58 -15.01 -54.86
C VAL W 846 123.81 -13.86 -54.22
N LEU W 847 123.25 -12.96 -55.04
CA LEU W 847 122.42 -11.89 -54.50
C LEU W 847 121.21 -12.45 -53.78
N PHE W 848 120.69 -13.59 -54.23
CA PHE W 848 119.65 -14.28 -53.49
C PHE W 848 120.19 -14.90 -52.20
N HIS W 849 121.49 -14.86 -51.99
CA HIS W 849 122.06 -15.31 -50.73
C HIS W 849 122.51 -14.16 -49.84
N ASN W 850 122.67 -12.96 -50.38
CA ASN W 850 122.96 -11.81 -49.54
C ASN W 850 121.73 -11.35 -48.76
N ALA W 851 120.57 -11.95 -49.00
CA ALA W 851 119.33 -11.51 -48.37
C ALA W 851 118.60 -12.63 -47.63
N CYS W 852 119.21 -13.82 -47.54
CA CYS W 852 118.64 -14.94 -46.81
C CYS W 852 117.22 -15.27 -47.28
N VAL W 853 117.00 -15.14 -48.59
CA VAL W 853 115.70 -15.44 -49.18
C VAL W 853 115.75 -16.83 -49.80
N ALA W 854 114.59 -17.47 -49.87
CA ALA W 854 114.48 -18.82 -50.40
C ALA W 854 113.87 -18.80 -51.78
N VAL W 855 114.47 -19.56 -52.70
CA VAL W 855 114.01 -19.67 -54.08
C VAL W 855 114.18 -21.11 -54.53
N ASP W 856 113.22 -21.61 -55.30
CA ASP W 856 113.27 -22.96 -55.84
C ASP W 856 113.73 -22.90 -57.29
N ALA W 857 114.55 -23.88 -57.68
CA ALA W 857 115.12 -23.89 -59.03
C ALA W 857 114.02 -23.97 -60.08
N ASP W 858 112.99 -24.78 -59.84
CA ASP W 858 111.87 -24.86 -60.76
C ASP W 858 111.26 -23.49 -61.01
N ALA W 859 111.29 -22.62 -60.00
CA ALA W 859 110.87 -21.23 -60.14
C ALA W 859 112.03 -20.27 -60.33
N MET W 860 113.26 -20.71 -60.09
CA MET W 860 114.41 -19.87 -60.41
C MET W 860 114.62 -19.76 -61.92
N LEU W 861 114.30 -20.83 -62.66
CA LEU W 861 114.59 -20.86 -64.08
C LEU W 861 113.58 -20.09 -64.91
N ILE W 862 112.34 -19.92 -64.43
CA ILE W 862 111.31 -19.28 -65.22
C ILE W 862 111.65 -17.81 -65.44
N LEU W 863 112.74 -17.36 -64.83
CA LEU W 863 113.23 -16.01 -65.06
C LEU W 863 113.50 -15.73 -66.53
N GLN W 864 113.81 -16.76 -67.31
CA GLN W 864 114.08 -16.60 -68.74
C GLN W 864 112.99 -15.81 -69.44
N GLU W 865 111.75 -15.89 -68.97
CA GLU W 865 110.58 -15.39 -69.67
C GLU W 865 110.67 -13.90 -69.98
N THR W 866 111.69 -13.24 -69.43
CA THR W 866 111.89 -11.82 -69.70
C THR W 866 112.45 -11.57 -71.09
N VAL W 867 113.22 -12.52 -71.62
CA VAL W 867 113.95 -12.28 -72.86
C VAL W 867 112.98 -12.06 -74.01
N THR W 868 111.78 -12.64 -73.93
CA THR W 868 110.78 -12.47 -74.97
C THR W 868 110.24 -11.05 -75.04
N ASN W 869 110.29 -10.30 -73.95
CA ASN W 869 109.77 -8.93 -73.91
C ASN W 869 110.76 -8.06 -73.13
N MET W 870 111.62 -7.36 -73.85
CA MET W 870 112.70 -6.59 -73.25
C MET W 870 112.30 -5.13 -73.08
N ALA W 871 113.25 -4.33 -72.60
CA ALA W 871 113.04 -2.91 -72.39
C ALA W 871 114.36 -2.19 -72.60
N GLU W 872 114.31 -1.02 -73.23
CA GLU W 872 115.53 -0.35 -73.66
C GLU W 872 116.19 0.44 -72.54
N ARG W 873 115.52 1.47 -72.04
CA ARG W 873 116.17 2.46 -71.20
C ARG W 873 115.09 3.24 -70.46
N THR W 874 115.50 4.33 -69.82
CA THR W 874 114.60 5.28 -69.21
C THR W 874 114.76 6.63 -69.90
N THR W 875 113.66 7.32 -70.14
CA THR W 875 113.74 8.58 -70.86
C THR W 875 112.88 9.64 -70.18
N PRO W 876 113.31 10.89 -70.24
CA PRO W 876 112.50 11.97 -69.66
C PRO W 876 111.42 12.43 -70.61
N LEU W 877 110.42 13.09 -70.03
CA LEU W 877 109.27 13.58 -70.80
C LEU W 877 108.94 14.99 -70.34
N LEU W 878 108.85 15.92 -71.29
CA LEU W 878 108.42 17.28 -71.02
C LEU W 878 107.06 17.51 -71.67
N ALA W 879 106.21 18.29 -71.00
CA ALA W 879 104.86 18.49 -71.48
C ALA W 879 104.43 19.94 -71.27
N SER W 880 103.64 20.44 -72.21
CA SER W 880 103.07 21.77 -72.13
C SER W 880 101.55 21.67 -72.27
N VAL W 881 100.85 22.52 -71.54
CA VAL W 881 99.39 22.61 -71.63
C VAL W 881 98.96 23.99 -71.16
N ALA W 882 98.07 24.62 -71.91
CA ALA W 882 97.49 25.86 -71.49
C ALA W 882 96.52 25.61 -70.34
N PRO W 883 96.21 26.63 -69.54
CA PRO W 883 95.26 26.43 -68.45
C PRO W 883 93.89 26.04 -68.98
N ASP W 884 93.16 25.28 -68.17
CA ASP W 884 91.85 24.80 -68.57
C ASP W 884 90.87 25.96 -68.76
N ALA W 885 89.74 25.64 -69.40
CA ALA W 885 88.78 26.67 -69.75
C ALA W 885 88.18 27.37 -68.54
N GLY W 886 88.39 26.84 -67.34
CA GLY W 886 87.88 27.49 -66.15
C GLY W 886 88.69 28.69 -65.71
N MET W 887 90.01 28.61 -65.88
CA MET W 887 90.90 29.70 -65.51
C MET W 887 91.65 30.23 -66.72
N ALA W 888 91.07 30.10 -67.91
CA ALA W 888 91.71 30.52 -69.15
C ALA W 888 91.10 31.84 -69.62
N THR W 889 91.62 32.93 -69.09
CA THR W 889 91.26 34.26 -69.57
C THR W 889 92.29 34.71 -70.60
N VAL W 890 91.89 35.69 -71.41
CA VAL W 890 92.74 36.14 -72.51
C VAL W 890 94.06 36.69 -71.99
N ALA W 891 94.05 37.27 -70.79
CA ALA W 891 95.29 37.76 -70.22
C ALA W 891 96.20 36.63 -69.75
N THR W 892 95.65 35.45 -69.49
CA THR W 892 96.40 34.34 -68.93
C THR W 892 96.39 33.12 -69.84
N ARG W 893 96.27 33.33 -71.15
CA ARG W 893 96.19 32.24 -72.11
C ARG W 893 97.54 31.92 -72.74
N ASP W 894 98.64 32.23 -72.06
CA ASP W 894 99.96 31.96 -72.61
C ASP W 894 100.85 31.24 -71.60
N MET W 895 100.65 31.52 -70.31
CA MET W 895 101.49 30.92 -69.28
C MET W 895 101.16 29.44 -69.19
N ARG W 896 102.06 28.60 -69.70
CA ARG W 896 101.86 27.17 -69.71
C ARG W 896 102.73 26.51 -68.66
N THR W 897 102.22 25.44 -68.06
CA THR W 897 103.00 24.67 -67.10
C THR W 897 103.81 23.61 -67.84
N HIS W 898 105.00 23.34 -67.33
CA HIS W 898 105.94 22.43 -67.98
C HIS W 898 106.33 21.35 -66.97
N ASP W 899 105.50 20.32 -66.87
CA ASP W 899 105.78 19.23 -65.95
C ASP W 899 106.71 18.22 -66.60
N GLY W 900 107.28 17.35 -65.76
CA GLY W 900 108.18 16.33 -66.24
C GLY W 900 107.72 14.96 -65.78
N SER W 901 108.21 13.94 -66.47
CA SER W 901 107.89 12.57 -66.11
C SER W 901 108.90 11.64 -66.74
N LEU W 902 108.93 10.41 -66.25
CA LEU W 902 109.87 9.41 -66.69
C LEU W 902 109.13 8.23 -67.32
N HIS W 903 109.87 7.46 -68.11
CA HIS W 903 109.35 6.27 -68.76
C HIS W 903 110.18 5.07 -68.32
N HIS W 904 109.50 4.03 -67.83
CA HIS W 904 110.15 2.83 -67.34
C HIS W 904 111.13 3.14 -66.22
N GLY W 905 110.91 4.24 -65.52
CA GLY W 905 111.80 4.65 -64.45
C GLY W 905 111.71 3.78 -63.21
N LEU W 906 111.98 4.38 -62.06
CA LEU W 906 112.00 3.67 -60.80
C LEU W 906 112.16 4.70 -59.69
N LEU W 907 111.53 4.46 -58.55
CA LEU W 907 111.72 5.28 -57.37
C LEU W 907 112.34 4.43 -56.26
N MET W 908 113.45 4.91 -55.72
CA MET W 908 114.17 4.17 -54.70
C MET W 908 113.68 4.55 -53.32
N MET W 909 113.43 3.53 -52.52
CA MET W 909 112.82 3.72 -51.21
C MET W 909 113.71 4.52 -50.27
N ALA W 910 114.85 3.94 -49.89
CA ALA W 910 115.74 4.59 -48.95
C ALA W 910 117.16 4.19 -49.30
N TYR W 911 118.06 5.16 -49.38
CA TYR W 911 119.40 4.88 -49.83
C TYR W 911 120.24 4.22 -48.76
N GLN W 912 121.00 3.20 -49.15
CA GLN W 912 121.91 2.48 -48.28
C GLN W 912 123.32 2.62 -48.83
N PRO W 913 124.04 3.69 -48.49
CA PRO W 913 125.39 3.87 -49.03
C PRO W 913 126.46 3.13 -48.27
N ASN W 914 126.20 2.73 -47.03
CA ASN W 914 127.21 2.12 -46.19
C ASN W 914 127.41 0.64 -46.47
N ASP W 915 126.94 0.16 -47.62
CA ASP W 915 127.21 -1.20 -48.06
C ASP W 915 128.51 -1.24 -48.86
N ALA W 916 129.13 -2.41 -48.90
CA ALA W 916 130.31 -2.61 -49.72
C ALA W 916 130.19 -3.77 -50.69
N THR W 917 129.20 -4.65 -50.51
CA THR W 917 129.05 -5.77 -51.42
C THR W 917 128.57 -5.36 -52.81
N LEU W 918 128.21 -4.10 -53.01
CA LEU W 918 127.81 -3.61 -54.31
C LEU W 918 128.57 -2.33 -54.64
N LEU W 919 128.54 -1.97 -55.92
CA LEU W 919 129.10 -0.70 -56.35
C LEU W 919 128.31 0.45 -55.73
N GLU W 920 128.92 1.64 -55.76
CA GLU W 920 128.17 2.85 -55.44
C GLU W 920 127.08 3.08 -56.49
N GLY W 921 127.47 3.31 -57.73
CA GLY W 921 126.52 3.40 -58.81
C GLY W 921 126.33 2.05 -59.47
N ALA W 922 125.79 1.09 -58.72
CA ALA W 922 125.76 -0.30 -59.18
C ALA W 922 124.95 -0.44 -60.46
N PHE W 923 123.65 -0.16 -60.40
CA PHE W 923 122.82 -0.36 -61.58
C PHE W 923 121.98 0.88 -61.87
N PHE W 924 121.66 1.65 -60.84
CA PHE W 924 120.73 2.75 -60.96
C PHE W 924 121.48 4.08 -60.95
N TYR W 925 120.91 5.07 -61.64
CA TYR W 925 121.40 6.43 -61.54
C TYR W 925 120.26 7.34 -61.13
N PRO W 926 120.53 8.33 -60.29
CA PRO W 926 119.45 9.20 -59.81
C PRO W 926 118.96 10.14 -60.90
N ALA W 927 117.66 10.36 -60.90
CA ALA W 927 117.04 11.29 -61.83
C ALA W 927 115.70 11.76 -61.27
N PRO W 928 115.70 12.79 -60.44
CA PRO W 928 114.44 13.23 -59.83
C PRO W 928 113.59 13.99 -60.84
N VAL W 929 112.30 14.06 -60.54
CA VAL W 929 111.32 14.68 -61.41
C VAL W 929 110.80 15.99 -60.83
N ASN W 930 110.43 15.99 -59.54
CA ASN W 930 109.90 17.18 -58.90
C ASN W 930 110.38 17.24 -57.46
N ALA W 931 110.01 18.33 -56.77
CA ALA W 931 110.56 18.60 -55.45
C ALA W 931 110.10 17.58 -54.42
N LEU W 932 108.90 17.00 -54.60
CA LEU W 932 108.46 15.99 -53.64
C LEU W 932 109.36 14.77 -53.63
N PHE W 933 110.06 14.49 -54.73
CA PHE W 933 110.84 13.27 -54.85
C PHE W 933 112.34 13.50 -54.92
N ALA W 934 112.82 14.74 -55.04
CA ALA W 934 114.25 14.99 -55.21
C ALA W 934 114.97 14.89 -53.87
N CYS W 935 115.01 13.67 -53.35
CA CYS W 935 115.73 13.43 -52.11
C CYS W 935 117.22 13.73 -52.29
N ALA W 936 117.90 13.98 -51.17
CA ALA W 936 119.31 14.36 -51.21
C ALA W 936 120.25 13.21 -50.87
N ASP W 937 119.85 12.31 -49.97
CA ASP W 937 120.71 11.20 -49.60
C ASP W 937 121.03 10.31 -50.80
N HIS W 938 120.15 10.29 -51.80
CA HIS W 938 120.34 9.46 -52.97
C HIS W 938 121.32 10.03 -53.97
N LEU W 939 121.88 11.21 -53.73
CA LEU W 939 122.86 11.76 -54.67
C LEU W 939 124.19 11.03 -54.60
N GLY W 940 124.31 10.00 -53.78
CA GLY W 940 125.55 9.25 -53.69
C GLY W 940 125.71 8.14 -54.71
N ALA W 941 124.69 7.87 -55.51
CA ALA W 941 124.73 6.76 -56.46
C ALA W 941 125.35 7.14 -57.81
N MET W 942 126.11 8.23 -57.85
CA MET W 942 126.75 8.67 -59.09
C MET W 942 128.25 8.53 -58.97
N ARG W 943 128.90 8.43 -60.13
CA ARG W 943 130.36 8.41 -60.19
C ARG W 943 130.88 9.83 -60.27
N ASP W 944 131.84 10.15 -59.41
CA ASP W 944 132.47 11.47 -59.35
C ASP W 944 131.42 12.56 -59.10
N VAL W 945 130.80 12.49 -57.93
CA VAL W 945 129.90 13.55 -57.50
C VAL W 945 130.74 14.74 -57.04
N GLY W 946 130.17 15.94 -57.18
CA GLY W 946 130.88 17.13 -56.79
C GLY W 946 131.08 17.22 -55.29
N ALA W 947 132.15 17.91 -54.89
CA ALA W 947 132.44 18.05 -53.48
C ALA W 947 131.50 19.04 -52.79
N GLU W 948 130.99 20.02 -53.55
CA GLU W 948 130.14 21.06 -52.99
C GLU W 948 128.65 20.78 -53.18
N VAL W 949 128.27 19.99 -54.17
CA VAL W 949 126.87 19.67 -54.36
C VAL W 949 126.33 18.88 -53.18
N ARG W 950 127.19 18.10 -52.52
CA ARG W 950 126.77 17.39 -51.32
C ARG W 950 126.21 18.36 -50.28
N ALA W 951 126.96 19.40 -49.97
CA ALA W 951 126.49 20.40 -49.02
C ALA W 951 125.42 21.31 -49.60
N ALA W 952 125.36 21.45 -50.93
CA ALA W 952 124.38 22.35 -51.52
C ALA W 952 122.99 21.74 -51.53
N ALA W 953 122.87 20.50 -52.00
CA ALA W 953 121.57 19.84 -52.09
C ALA W 953 121.06 19.34 -50.75
N GLN W 954 121.85 19.46 -49.68
CA GLN W 954 121.35 19.10 -48.37
C GLN W 954 120.12 19.91 -47.98
N HIS W 955 119.90 21.05 -48.63
CA HIS W 955 118.75 21.90 -48.36
C HIS W 955 117.92 22.17 -49.60
N VAL W 956 118.53 22.36 -50.76
CA VAL W 956 117.82 22.69 -51.98
C VAL W 956 117.53 21.41 -52.75
N PRO W 957 116.33 21.25 -53.31
CA PRO W 957 116.07 20.11 -54.18
C PRO W 957 116.84 20.24 -55.49
N CYS W 958 117.31 19.11 -56.01
CA CYS W 958 118.22 19.08 -57.15
C CYS W 958 117.54 18.70 -58.46
N VAL W 959 116.32 19.17 -58.68
CA VAL W 959 115.63 18.85 -59.94
C VAL W 959 116.34 19.58 -61.08
N PRO W 960 116.74 18.88 -62.14
CA PRO W 960 117.41 19.54 -63.25
C PRO W 960 116.42 20.27 -64.16
N HIS W 961 116.93 21.31 -64.82
CA HIS W 961 116.09 22.24 -65.56
C HIS W 961 115.74 21.73 -66.95
N PHE W 962 115.96 20.46 -67.26
CA PHE W 962 115.44 19.85 -68.48
C PHE W 962 114.37 18.82 -68.17
N LEU W 963 113.81 18.86 -66.96
CA LEU W 963 112.61 18.13 -66.61
C LEU W 963 111.52 19.04 -66.06
N GLY W 964 111.84 20.28 -65.69
CA GLY W 964 110.83 21.18 -65.15
C GLY W 964 111.34 21.84 -63.87
N ALA W 965 111.23 23.16 -63.83
CA ALA W 965 111.68 23.93 -62.69
C ALA W 965 110.52 24.15 -61.73
N ASN W 966 110.77 24.92 -60.67
CA ASN W 966 109.77 25.08 -59.63
C ASN W 966 108.64 25.99 -60.08
N TYR W 967 108.96 27.19 -60.55
CA TYR W 967 107.94 28.18 -60.88
C TYR W 967 107.25 27.89 -62.20
N TYR W 968 107.43 26.71 -62.77
CA TYR W 968 106.71 26.32 -63.98
C TYR W 968 105.95 25.02 -63.83
N ALA W 969 106.29 24.17 -62.88
CA ALA W 969 105.61 22.89 -62.73
C ALA W 969 104.24 23.12 -62.11
N THR W 970 103.55 22.03 -61.78
CA THR W 970 102.27 22.12 -61.08
C THR W 970 102.42 21.82 -59.60
N VAL W 971 102.99 20.67 -59.25
CA VAL W 971 103.23 20.30 -57.86
C VAL W 971 104.53 20.97 -57.44
N ARG W 972 104.42 22.15 -56.85
CA ARG W 972 105.58 22.97 -56.54
C ARG W 972 106.18 22.59 -55.19
N GLN W 973 107.08 23.43 -54.69
CA GLN W 973 107.83 23.09 -53.48
C GLN W 973 106.98 23.10 -52.21
N PRO W 974 106.10 24.08 -51.97
CA PRO W 974 105.44 24.16 -50.66
C PRO W 974 104.71 22.89 -50.25
N VAL W 975 104.12 22.16 -51.19
CA VAL W 975 103.44 20.93 -50.80
C VAL W 975 104.46 19.90 -50.33
N ALA W 976 105.65 19.87 -50.93
CA ALA W 976 106.69 18.98 -50.43
C ALA W 976 107.16 19.38 -49.05
N GLN W 977 107.34 20.69 -48.82
CA GLN W 977 107.67 21.17 -47.48
C GLN W 977 106.64 20.70 -46.48
N HIS W 978 105.36 20.87 -46.81
CA HIS W 978 104.29 20.42 -45.92
C HIS W 978 104.37 18.93 -45.68
N ALA W 979 104.71 18.17 -46.72
CA ALA W 979 104.84 16.73 -46.56
C ALA W 979 106.02 16.37 -45.67
N ALA W 980 107.01 17.25 -45.55
CA ALA W 980 108.19 16.94 -44.76
C ALA W 980 108.05 17.33 -43.30
N GLN W 981 107.51 18.51 -43.02
CA GLN W 981 107.51 19.03 -41.66
C GLN W 981 106.30 18.61 -40.85
N SER W 982 105.24 18.11 -41.47
CA SER W 982 104.04 17.73 -40.74
C SER W 982 104.36 16.50 -39.90
N ARG W 983 104.23 16.63 -38.58
CA ARG W 983 104.50 15.54 -37.66
C ARG W 983 103.20 14.95 -37.11
N ALA W 984 102.15 14.88 -37.92
CA ALA W 984 100.87 14.40 -37.43
C ALA W 984 100.77 12.89 -37.45
N ASP W 985 100.80 12.31 -38.65
CA ASP W 985 100.34 10.93 -38.85
C ASP W 985 100.63 10.56 -40.30
N GLU W 986 100.23 9.35 -40.68
CA GLU W 986 100.28 8.91 -42.06
C GLU W 986 98.91 8.91 -42.73
N ASN W 987 97.85 8.59 -42.00
CA ASN W 987 96.50 8.62 -42.57
C ASN W 987 96.00 10.04 -42.69
N THR W 988 95.99 10.77 -41.57
CA THR W 988 95.52 12.15 -41.57
C THR W 988 96.31 12.99 -42.56
N LEU W 989 97.63 12.79 -42.62
CA LEU W 989 98.44 13.51 -43.59
C LEU W 989 98.03 13.18 -45.01
N SER W 990 97.70 11.91 -45.26
CA SER W 990 97.28 11.52 -46.60
C SER W 990 96.00 12.24 -47.00
N TYR W 991 95.01 12.24 -46.11
CA TYR W 991 93.77 12.95 -46.42
C TYR W 991 94.02 14.43 -46.61
N ALA W 992 94.90 15.01 -45.79
CA ALA W 992 95.17 16.44 -45.90
C ALA W 992 95.83 16.77 -47.23
N LEU W 993 96.81 15.97 -47.63
CA LEU W 993 97.48 16.19 -48.90
C LEU W 993 96.50 16.07 -50.05
N MET W 994 95.63 15.05 -50.02
CA MET W 994 94.62 14.94 -51.06
C MET W 994 93.73 16.17 -51.10
N ALA W 995 93.33 16.65 -49.92
CA ALA W 995 92.46 17.82 -49.86
C ALA W 995 93.16 19.04 -50.43
N GLY W 996 94.47 19.15 -50.23
CA GLY W 996 95.19 20.31 -50.69
C GLY W 996 95.52 20.26 -52.17
N TYR W 997 94.67 19.60 -52.97
CA TYR W 997 94.91 19.44 -54.39
C TYR W 997 93.80 19.99 -55.28
N PHE W 998 92.70 20.46 -54.72
CA PHE W 998 91.67 21.08 -55.55
C PHE W 998 92.23 22.34 -56.21
N LYS W 999 91.51 22.83 -57.20
CA LYS W 999 92.00 23.97 -57.94
C LYS W 999 91.44 25.27 -57.36
N MET W 1000 91.90 26.39 -57.88
CA MET W 1000 91.45 27.73 -57.47
C MET W 1000 91.02 28.46 -58.72
N SER W 1001 89.77 28.26 -59.12
CA SER W 1001 89.27 28.83 -60.36
C SER W 1001 87.82 29.23 -60.18
N PRO W 1002 87.39 30.32 -60.83
CA PRO W 1002 86.00 30.77 -60.68
C PRO W 1002 84.97 29.70 -61.04
N VAL W 1003 85.37 28.62 -61.69
CA VAL W 1003 84.47 27.49 -61.86
C VAL W 1003 84.76 26.39 -60.86
N ALA W 1004 85.96 26.31 -60.33
CA ALA W 1004 86.24 25.31 -59.30
C ALA W 1004 85.68 25.74 -57.96
N PHE W 1005 85.46 27.03 -57.76
CA PHE W 1005 84.89 27.50 -56.50
C PHE W 1005 83.44 27.11 -56.36
N THR W 1006 82.66 27.29 -57.42
CA THR W 1006 81.24 26.95 -57.40
C THR W 1006 81.02 25.46 -57.19
N HIS W 1007 82.12 24.71 -57.09
CA HIS W 1007 82.07 23.33 -56.65
C HIS W 1007 82.51 23.13 -55.21
N GLN W 1008 83.42 23.98 -54.72
CA GLN W 1008 83.94 23.81 -53.38
C GLN W 1008 83.15 24.60 -52.35
N LEU W 1009 82.74 25.81 -52.68
CA LEU W 1009 81.98 26.61 -51.73
C LEU W 1009 80.66 25.94 -51.38
N ARG W 1010 79.93 25.48 -52.39
CA ARG W 1010 78.61 24.91 -52.15
C ARG W 1010 78.66 23.57 -51.44
N ARG W 1011 79.83 22.95 -51.31
CA ARG W 1011 79.92 21.63 -50.69
C ARG W 1011 80.59 21.68 -49.32
N GLN W 1012 80.58 22.86 -48.70
CA GLN W 1012 81.04 23.03 -47.32
C GLN W 1012 82.48 22.56 -47.15
N LEU W 1013 83.35 23.15 -47.96
CA LEU W 1013 84.79 22.87 -47.90
C LEU W 1013 85.53 24.17 -47.64
N HIS W 1014 86.55 24.10 -46.80
CA HIS W 1014 87.32 25.29 -46.44
C HIS W 1014 88.51 25.47 -47.37
N PRO W 1015 88.44 26.39 -48.33
CA PRO W 1015 89.61 26.65 -49.17
C PRO W 1015 90.70 27.35 -48.37
N GLY W 1016 91.80 27.71 -49.01
CA GLY W 1016 92.87 28.37 -48.30
C GLY W 1016 92.73 29.88 -48.23
N PHE W 1017 91.60 30.35 -47.72
CA PHE W 1017 91.31 31.78 -47.64
C PHE W 1017 90.80 32.13 -46.26
N ALA W 1018 90.53 33.42 -46.08
CA ALA W 1018 89.81 33.91 -44.91
C ALA W 1018 89.21 35.25 -45.31
N LEU W 1019 87.90 35.28 -45.48
CA LEU W 1019 87.24 36.51 -45.88
C LEU W 1019 86.98 37.39 -44.66
N THR W 1020 86.89 38.70 -44.90
CA THR W 1020 86.60 39.68 -43.85
C THR W 1020 85.48 40.57 -44.38
N VAL W 1021 84.23 40.21 -44.06
CA VAL W 1021 83.10 40.97 -44.58
C VAL W 1021 83.15 42.39 -44.05
N VAL W 1022 82.52 43.30 -44.79
CA VAL W 1022 82.48 44.72 -44.45
C VAL W 1022 81.12 45.26 -44.90
N ARG W 1023 80.37 45.87 -43.98
CA ARG W 1023 79.10 46.45 -44.33
C ARG W 1023 78.87 47.73 -43.53
N GLN W 1024 78.17 48.67 -44.13
CA GLN W 1024 77.92 49.98 -43.54
C GLN W 1024 76.44 50.12 -43.19
N ASP W 1025 76.18 50.66 -42.01
CA ASP W 1025 74.83 50.86 -41.47
C ASP W 1025 74.52 52.34 -41.41
N ARG W 1026 73.38 52.67 -40.80
CA ARG W 1026 72.97 54.06 -40.65
C ARG W 1026 72.03 54.16 -39.45
N PHE W 1027 72.34 55.07 -38.52
CA PHE W 1027 71.59 55.19 -37.28
C PHE W 1027 71.02 56.59 -37.16
N ALA W 1028 69.71 56.71 -37.35
CA ALA W 1028 69.05 57.99 -37.09
C ALA W 1028 68.99 58.25 -35.60
N THR W 1029 69.29 59.48 -35.20
CA THR W 1029 69.40 59.80 -33.78
C THR W 1029 68.82 61.17 -33.50
N GLU W 1030 68.53 61.40 -32.23
CA GLU W 1030 68.01 62.68 -31.75
C GLU W 1030 69.15 63.46 -31.11
N ASN W 1031 69.50 64.59 -31.70
CA ASN W 1031 70.66 65.35 -31.29
C ASN W 1031 70.27 66.42 -30.27
N VAL W 1032 71.29 66.95 -29.59
CA VAL W 1032 71.14 68.08 -28.68
C VAL W 1032 72.14 69.14 -29.11
N LEU W 1033 71.67 70.36 -29.34
CA LEU W 1033 72.50 71.45 -29.80
C LEU W 1033 72.54 72.55 -28.75
N PHE W 1034 73.70 73.21 -28.65
CA PHE W 1034 73.91 74.28 -27.69
C PHE W 1034 74.49 75.50 -28.39
N ALA W 1035 73.98 76.67 -28.03
CA ALA W 1035 74.42 77.93 -28.62
C ALA W 1035 74.94 78.85 -27.53
N GLU W 1036 75.29 80.07 -27.92
CA GLU W 1036 75.92 81.02 -27.02
C GLU W 1036 75.05 82.26 -26.85
N LYS W 1037 75.43 83.11 -25.90
CA LYS W 1037 74.64 84.30 -25.59
C LYS W 1037 74.46 85.19 -26.82
N ALA W 1038 75.50 85.30 -27.64
CA ALA W 1038 75.35 85.93 -28.95
C ALA W 1038 76.40 85.30 -29.86
N SER W 1039 76.01 84.27 -30.58
CA SER W 1039 76.97 83.53 -31.38
C SER W 1039 77.04 84.02 -32.81
N GLU W 1040 75.90 84.32 -33.42
CA GLU W 1040 75.85 84.66 -34.83
C GLU W 1040 75.27 86.05 -35.01
N SER W 1041 75.90 86.84 -35.87
CA SER W 1041 75.26 88.05 -36.35
C SER W 1041 74.33 87.70 -37.49
N TYR W 1042 73.46 88.63 -37.84
CA TYR W 1042 72.37 88.31 -38.74
C TYR W 1042 71.71 89.58 -39.25
N PHE W 1043 71.59 89.69 -40.57
CA PHE W 1043 71.06 90.88 -41.21
C PHE W 1043 69.88 90.50 -42.10
N MET W 1044 68.76 91.17 -41.89
CA MET W 1044 67.55 90.94 -42.68
C MET W 1044 67.46 92.03 -43.74
N GLY W 1045 67.41 91.60 -45.01
CA GLY W 1045 67.26 92.53 -46.11
C GLY W 1045 65.85 93.05 -46.26
N GLN W 1046 65.49 93.41 -47.48
CA GLN W 1046 64.18 93.96 -47.78
C GLN W 1046 63.41 93.01 -48.69
N MET W 1047 62.14 92.78 -48.37
CA MET W 1047 61.34 91.84 -49.13
C MET W 1047 61.17 92.31 -50.57
N GLN W 1048 60.98 91.35 -51.48
CA GLN W 1048 60.82 91.64 -52.89
C GLN W 1048 59.68 90.81 -53.45
N VAL W 1049 58.96 91.41 -54.40
CA VAL W 1049 57.89 90.74 -55.11
C VAL W 1049 58.33 90.51 -56.56
N ALA W 1050 57.67 89.58 -57.22
CA ALA W 1050 58.01 89.25 -58.60
C ALA W 1050 56.76 88.65 -59.25
N ARG W 1051 56.10 89.43 -60.08
CA ARG W 1051 54.89 88.99 -60.76
C ARG W 1051 55.23 88.36 -62.10
N THR W 1052 54.42 87.39 -62.50
CA THR W 1052 54.56 86.80 -63.83
C THR W 1052 53.19 86.30 -64.29
N GLU W 1053 52.70 86.84 -65.39
CA GLU W 1053 51.37 86.50 -65.86
C GLU W 1053 51.34 85.08 -66.42
N SER W 1054 50.18 84.45 -66.35
CA SER W 1054 50.03 83.06 -66.75
C SER W 1054 48.58 82.83 -67.15
N GLY W 1055 48.24 81.56 -67.38
CA GLY W 1055 46.88 81.21 -67.74
C GLY W 1055 46.01 80.98 -66.52
N GLY W 1056 46.48 80.14 -65.60
CA GLY W 1056 45.69 79.79 -64.43
C GLY W 1056 45.72 80.84 -63.34
N GLY W 1057 45.89 82.10 -63.71
CA GLY W 1057 45.89 83.16 -62.72
C GLY W 1057 47.17 83.97 -62.69
N LEU W 1058 47.89 83.90 -61.57
CA LEU W 1058 49.06 84.75 -61.39
C LEU W 1058 49.97 84.13 -60.33
N HIS W 1059 51.26 84.22 -60.57
CA HIS W 1059 52.28 83.71 -59.66
C HIS W 1059 52.97 84.89 -58.99
N LEU W 1060 53.17 84.79 -57.69
CA LEU W 1060 53.59 85.91 -56.85
C LEU W 1060 54.80 85.53 -56.01
N GLN W 1061 55.82 84.97 -56.64
CA GLN W 1061 57.03 84.60 -55.94
C GLN W 1061 57.60 85.78 -55.16
N LEU W 1062 57.68 85.62 -53.84
CA LEU W 1062 58.11 86.68 -52.93
C LEU W 1062 59.39 86.22 -52.25
N THR W 1063 60.44 87.04 -52.33
CA THR W 1063 61.76 86.66 -51.82
C THR W 1063 62.29 87.72 -50.86
N GLN W 1064 63.36 87.32 -50.14
CA GLN W 1064 64.01 88.19 -49.16
C GLN W 1064 65.43 87.69 -48.91
N PRO W 1065 66.45 88.52 -49.11
CA PRO W 1065 67.83 88.09 -48.90
C PRO W 1065 68.32 88.38 -47.49
N ARG W 1066 69.22 87.53 -47.02
CA ARG W 1066 69.68 87.57 -45.64
C ARG W 1066 71.17 87.22 -45.60
N ALA W 1067 71.83 87.59 -44.50
CA ALA W 1067 73.26 87.37 -44.37
C ALA W 1067 73.59 87.05 -42.92
N ASN W 1068 74.74 86.41 -42.72
CA ASN W 1068 75.16 86.01 -41.38
C ASN W 1068 76.68 85.90 -41.35
N VAL W 1069 77.22 85.88 -40.13
CA VAL W 1069 78.64 85.65 -39.91
C VAL W 1069 78.87 85.38 -38.43
N ASP W 1070 79.79 84.48 -38.10
CA ASP W 1070 80.13 84.29 -36.70
C ASP W 1070 81.20 85.29 -36.29
N LEU W 1071 81.31 85.53 -34.99
CA LEU W 1071 82.24 86.53 -34.48
C LEU W 1071 83.29 85.93 -33.56
N GLY W 1072 82.87 85.21 -32.52
CA GLY W 1072 83.80 84.80 -31.49
C GLY W 1072 84.88 83.88 -32.02
N VAL W 1073 86.07 84.01 -31.44
CA VAL W 1073 87.15 83.08 -31.74
C VAL W 1073 86.80 81.72 -31.16
N GLY W 1074 87.30 80.67 -31.80
CA GLY W 1074 86.92 79.34 -31.39
C GLY W 1074 85.49 79.03 -31.82
N PHE W 1075 85.02 77.89 -31.35
CA PHE W 1075 83.70 77.43 -31.74
C PHE W 1075 82.64 78.04 -30.84
N THR W 1076 81.38 77.93 -31.28
CA THR W 1076 80.28 78.48 -30.50
C THR W 1076 79.06 77.57 -30.50
N ALA W 1077 79.22 76.29 -30.81
CA ALA W 1077 78.11 75.35 -30.80
C ALA W 1077 78.65 73.94 -30.82
N ALA W 1078 77.79 72.98 -30.49
CA ALA W 1078 78.23 71.60 -30.39
C ALA W 1078 77.06 70.66 -30.58
N TYR W 1079 77.39 69.41 -30.89
CA TYR W 1079 76.40 68.35 -30.94
C TYR W 1079 76.20 67.74 -29.56
N ALA W 1080 75.20 66.86 -29.48
CA ALA W 1080 75.15 65.84 -28.45
C ALA W 1080 74.23 64.74 -28.98
N ALA W 1081 74.83 63.64 -29.43
CA ALA W 1081 74.05 62.51 -29.91
C ALA W 1081 73.40 61.87 -28.68
N ALA W 1082 72.26 62.42 -28.27
CA ALA W 1082 71.70 62.06 -26.99
C ALA W 1082 71.10 60.66 -27.01
N ALA W 1083 70.07 60.46 -27.81
CA ALA W 1083 69.33 59.21 -27.81
C ALA W 1083 69.48 58.53 -29.16
N LEU W 1084 68.81 57.39 -29.30
CA LEU W 1084 68.94 56.55 -30.49
C LEU W 1084 67.55 56.23 -31.01
N ARG W 1085 67.18 56.87 -32.12
CA ARG W 1085 66.01 56.42 -32.84
C ARG W 1085 66.30 55.07 -33.49
N ALA W 1086 65.26 54.41 -33.95
CA ALA W 1086 65.42 53.06 -34.49
C ALA W 1086 66.37 53.09 -35.68
N PRO W 1087 67.37 52.21 -35.71
CA PRO W 1087 68.30 52.18 -36.84
C PRO W 1087 67.55 51.97 -38.15
N VAL W 1088 67.84 52.85 -39.12
CA VAL W 1088 67.03 52.89 -40.33
C VAL W 1088 67.32 51.72 -41.26
N THR W 1089 68.55 51.20 -41.25
CA THR W 1089 68.92 50.08 -42.11
C THR W 1089 69.26 48.87 -41.26
N ASP W 1090 68.61 47.75 -41.54
CA ASP W 1090 68.86 46.54 -40.77
C ASP W 1090 70.27 46.02 -41.04
N MET W 1091 70.72 45.14 -40.15
CA MET W 1091 72.03 44.53 -40.32
C MET W 1091 71.94 43.21 -41.07
N GLY W 1092 71.27 43.25 -42.22
CA GLY W 1092 71.14 42.06 -43.05
C GLY W 1092 72.43 41.73 -43.76
N ASN W 1093 72.39 40.66 -44.55
CA ASN W 1093 73.52 40.24 -45.36
C ASN W 1093 73.06 40.15 -46.81
N LEU W 1094 73.20 41.25 -47.53
CA LEU W 1094 72.93 41.27 -48.96
C LEU W 1094 74.23 41.01 -49.68
N PRO W 1095 74.51 39.79 -50.13
CA PRO W 1095 75.81 39.49 -50.75
C PRO W 1095 75.92 40.16 -52.12
N GLN W 1096 76.89 41.05 -52.26
CA GLN W 1096 77.06 41.76 -53.51
C GLN W 1096 77.68 40.85 -54.56
N ASN W 1097 77.07 40.82 -55.74
CA ASN W 1097 77.60 40.06 -56.87
C ASN W 1097 78.21 41.03 -57.87
N LEU W 1098 79.45 40.75 -58.27
CA LEU W 1098 80.17 41.67 -59.14
C LEU W 1098 79.58 41.76 -60.53
N PHE W 1099 78.75 40.79 -60.92
CA PHE W 1099 78.25 40.76 -62.29
C PHE W 1099 77.34 41.93 -62.60
N ALA W 1100 76.88 42.66 -61.60
CA ALA W 1100 76.16 43.89 -61.88
C ALA W 1100 77.08 44.96 -62.44
N THR W 1101 78.36 44.91 -62.10
CA THR W 1101 79.33 45.90 -62.53
C THR W 1101 79.65 45.66 -64.01
N ARG W 1102 80.63 46.38 -64.53
CA ARG W 1102 81.07 46.20 -65.90
C ARG W 1102 82.46 46.79 -66.06
N GLY W 1103 83.29 46.11 -66.84
CA GLY W 1103 84.63 46.60 -67.10
C GLY W 1103 85.73 45.57 -66.95
N ALA W 1104 85.37 44.32 -66.78
CA ALA W 1104 86.36 43.26 -66.73
C ALA W 1104 86.29 42.43 -68.01
N PRO W 1105 87.43 41.91 -68.47
CA PRO W 1105 87.43 41.12 -69.70
C PRO W 1105 86.83 39.75 -69.47
N PRO W 1106 85.91 39.32 -70.32
CA PRO W 1106 85.35 37.98 -70.20
C PRO W 1106 86.31 36.93 -70.76
N MET W 1107 86.17 35.71 -70.23
CA MET W 1107 87.11 34.66 -70.59
C MET W 1107 86.86 34.18 -72.01
N LEU W 1108 87.62 33.16 -72.42
CA LEU W 1108 87.61 32.73 -73.82
C LEU W 1108 86.31 32.01 -74.18
N ASP W 1109 86.07 30.87 -73.53
CA ASP W 1109 84.92 30.05 -73.88
C ASP W 1109 83.65 30.68 -73.32
N ALA W 1110 82.70 31.01 -74.19
CA ALA W 1110 81.43 31.56 -73.75
C ALA W 1110 80.64 30.56 -72.92
N ASP W 1111 80.90 29.26 -73.09
CA ASP W 1111 80.24 28.25 -72.28
C ASP W 1111 80.45 28.54 -70.80
N ALA W 1112 81.70 28.73 -70.39
CA ALA W 1112 81.99 29.00 -69.00
C ALA W 1112 81.38 30.32 -68.55
N ASP W 1113 81.30 31.31 -69.45
CA ASP W 1113 80.66 32.57 -69.10
C ASP W 1113 79.21 32.35 -68.72
N ASP W 1114 78.43 31.75 -69.63
CA ASP W 1114 77.02 31.52 -69.32
C ASP W 1114 76.87 30.59 -68.12
N TYR W 1115 77.82 29.67 -67.93
CA TYR W 1115 77.75 28.79 -66.77
C TYR W 1115 77.87 29.58 -65.48
N LEU W 1116 78.88 30.45 -65.39
CA LEU W 1116 79.04 31.29 -64.22
C LEU W 1116 77.79 32.13 -63.98
N ARG W 1117 77.29 32.78 -65.04
CA ARG W 1117 76.10 33.61 -64.87
C ARG W 1117 74.94 32.80 -64.32
N ARG W 1118 74.73 31.59 -64.86
CA ARG W 1118 73.64 30.76 -64.39
C ARG W 1118 73.84 30.32 -62.94
N THR W 1119 75.09 30.11 -62.53
CA THR W 1119 75.32 29.65 -61.16
C THR W 1119 75.12 30.76 -60.15
N VAL W 1120 75.66 31.95 -60.41
CA VAL W 1120 75.55 33.00 -59.42
C VAL W 1120 74.18 33.66 -59.45
N ASN W 1121 73.53 33.70 -60.60
CA ASN W 1121 72.17 34.25 -60.68
C ASN W 1121 71.12 33.16 -60.55
N ALA W 1122 71.25 32.34 -59.51
CA ALA W 1122 70.24 31.34 -59.16
C ALA W 1122 69.44 31.92 -58.01
N GLY W 1123 68.57 32.86 -58.34
CA GLY W 1123 67.79 33.53 -57.32
C GLY W 1123 68.66 34.34 -56.38
N ASN W 1124 69.46 35.25 -56.93
CA ASN W 1124 70.23 36.16 -56.11
C ASN W 1124 69.48 37.48 -55.99
N ARG W 1125 69.31 37.96 -54.76
CA ARG W 1125 68.49 39.14 -54.51
C ARG W 1125 68.99 40.38 -55.22
N LEU W 1126 70.20 40.34 -55.80
CA LEU W 1126 70.73 41.46 -56.56
C LEU W 1126 70.94 41.09 -58.02
N ALA W 1127 70.25 40.05 -58.49
CA ALA W 1127 70.39 39.58 -59.87
C ALA W 1127 70.03 40.71 -60.83
N PRO W 1128 71.00 41.25 -61.56
CA PRO W 1128 70.70 42.40 -62.41
C PRO W 1128 69.84 42.02 -63.60
N VAL W 1129 68.89 42.89 -63.92
CA VAL W 1129 68.06 42.77 -65.11
C VAL W 1129 68.36 43.95 -66.01
N PRO W 1130 68.60 43.74 -67.31
CA PRO W 1130 68.93 44.87 -68.18
C PRO W 1130 67.71 45.71 -68.51
N VAL W 1131 67.63 46.88 -67.89
CA VAL W 1131 66.64 47.88 -68.22
C VAL W 1131 67.30 48.88 -69.16
N PHE W 1132 66.51 49.79 -69.72
CA PHE W 1132 67.03 50.72 -70.71
C PHE W 1132 68.13 51.55 -70.07
N GLY W 1133 69.38 51.22 -70.38
CA GLY W 1133 70.51 51.76 -69.68
C GLY W 1133 70.58 51.34 -68.23
N GLN W 1134 71.72 51.58 -67.59
CA GLN W 1134 71.93 51.48 -66.14
C GLN W 1134 71.24 50.27 -65.53
N MET W 1135 71.68 49.08 -65.95
CA MET W 1135 71.15 47.84 -65.40
C MET W 1135 71.23 47.84 -63.87
N LEU W 1136 70.21 47.28 -63.23
CA LEU W 1136 70.07 47.33 -61.79
C LEU W 1136 68.98 46.36 -61.35
N PRO W 1137 69.01 45.87 -60.12
CA PRO W 1137 68.13 44.75 -59.74
C PRO W 1137 66.67 45.16 -59.69
N GLN W 1138 65.82 44.14 -59.66
CA GLN W 1138 64.39 44.32 -59.69
C GLN W 1138 63.87 44.87 -58.37
N VAL W 1139 62.69 45.47 -58.43
CA VAL W 1139 62.08 46.07 -57.24
C VAL W 1139 61.59 44.95 -56.32
N PRO W 1140 62.01 44.93 -55.06
CA PRO W 1140 61.56 43.86 -54.16
C PRO W 1140 60.07 43.96 -53.89
N ALA W 1141 59.47 42.82 -53.57
CA ALA W 1141 58.05 42.74 -53.28
C ALA W 1141 57.86 42.84 -51.77
N GLY W 1142 58.06 44.05 -51.25
CA GLY W 1142 57.83 44.30 -49.84
C GLY W 1142 59.06 44.27 -48.96
N LEU W 1143 59.25 45.34 -48.18
CA LEU W 1143 60.35 45.44 -47.24
C LEU W 1143 59.90 44.98 -45.87
N ALA W 1144 60.84 44.40 -45.12
CA ALA W 1144 60.55 43.89 -43.79
C ALA W 1144 60.91 44.90 -42.70
N ARG W 1145 62.18 45.27 -42.59
CA ARG W 1145 62.65 46.05 -41.46
C ARG W 1145 63.42 47.30 -41.86
N GLY W 1146 63.48 47.63 -43.14
CA GLY W 1146 64.24 48.78 -43.58
C GLY W 1146 65.11 48.43 -44.77
N GLN W 1147 65.75 49.42 -45.38
CA GLN W 1147 66.60 49.14 -46.53
C GLN W 1147 67.79 48.30 -46.10
N GLN W 1148 68.08 47.27 -46.87
CA GLN W 1148 69.08 46.29 -46.50
C GLN W 1148 70.44 46.75 -46.98
N SER W 1149 71.37 46.91 -46.05
CA SER W 1149 72.74 47.23 -46.40
C SER W 1149 73.34 46.09 -47.22
N VAL W 1150 74.46 46.39 -47.87
CA VAL W 1150 75.14 45.43 -48.73
C VAL W 1150 76.44 45.00 -48.05
N CYS W 1151 76.74 43.71 -48.11
CA CYS W 1151 77.95 43.18 -47.53
C CYS W 1151 79.05 43.13 -48.58
N GLU W 1152 80.29 43.13 -48.09
CA GLU W 1152 81.47 43.06 -48.94
C GLU W 1152 82.27 41.81 -48.61
N PHE W 1153 83.40 41.66 -49.29
CA PHE W 1153 84.28 40.53 -49.06
C PHE W 1153 85.69 40.91 -49.45
N ILE W 1154 86.66 40.41 -48.69
CA ILE W 1154 88.08 40.70 -48.91
C ILE W 1154 88.89 39.45 -48.57
N ALA W 1155 89.72 39.02 -49.52
CA ALA W 1155 90.57 37.86 -49.28
C ALA W 1155 91.66 38.19 -48.27
N THR W 1156 92.11 37.17 -47.55
CA THR W 1156 93.09 37.34 -46.49
C THR W 1156 93.62 35.97 -46.06
N PRO W 1157 94.92 35.83 -45.82
CA PRO W 1157 95.46 34.54 -45.40
C PRO W 1157 94.84 34.08 -44.10
N VAL W 1158 94.62 32.77 -44.01
CA VAL W 1158 94.04 32.14 -42.83
C VAL W 1158 94.90 32.33 -41.60
N SER W 1159 96.17 32.71 -41.75
CA SER W 1159 97.08 32.80 -40.63
C SER W 1159 96.96 34.09 -39.84
N VAL W 1160 96.16 35.06 -40.31
CA VAL W 1160 96.03 36.30 -39.57
C VAL W 1160 95.40 36.01 -38.21
N ASP W 1161 95.81 36.77 -37.20
CA ASP W 1161 95.37 36.50 -35.84
C ASP W 1161 94.10 37.28 -35.51
N LEU W 1162 93.29 36.70 -34.64
CA LEU W 1162 92.08 37.37 -34.21
C LEU W 1162 92.38 38.59 -33.36
N ALA W 1163 93.59 38.70 -32.83
CA ALA W 1163 93.95 39.87 -32.05
C ALA W 1163 93.85 41.14 -32.87
N TYR W 1164 93.98 41.04 -34.20
CA TYR W 1164 93.85 42.24 -35.00
C TYR W 1164 92.41 42.71 -35.08
N PHE W 1165 91.46 41.78 -35.04
CA PHE W 1165 90.06 42.15 -35.21
C PHE W 1165 89.37 42.43 -33.89
N ARG W 1166 89.88 41.93 -32.78
CA ARG W 1166 89.16 42.06 -31.51
C ARG W 1166 88.93 43.52 -31.15
N ARG W 1167 89.93 44.36 -31.35
CA ARG W 1167 89.79 45.78 -31.06
C ARG W 1167 89.38 46.51 -32.34
N ALA W 1168 89.41 47.84 -32.31
CA ALA W 1168 89.11 48.61 -33.50
C ALA W 1168 90.23 48.43 -34.51
N CYS W 1169 89.88 48.00 -35.71
CA CYS W 1169 90.87 47.64 -36.72
C CYS W 1169 90.54 48.35 -38.04
N ASN W 1170 91.48 48.27 -38.98
CA ASN W 1170 91.31 48.74 -40.33
C ASN W 1170 91.22 47.55 -41.28
N PRO W 1171 90.27 47.55 -42.22
CA PRO W 1171 90.09 46.37 -43.07
C PRO W 1171 91.20 46.20 -44.09
N ARG W 1172 91.88 47.27 -44.48
CA ARG W 1172 92.95 47.15 -45.45
C ARG W 1172 94.10 46.31 -44.92
N GLY W 1173 94.28 46.27 -43.61
CA GLY W 1173 95.44 45.66 -43.03
C GLY W 1173 96.61 46.59 -42.84
N ARG W 1174 96.44 47.87 -43.14
CA ARG W 1174 97.51 48.86 -42.96
C ARG W 1174 96.85 50.23 -42.90
N ALA W 1175 97.02 50.91 -41.76
CA ALA W 1175 96.33 52.17 -41.55
C ALA W 1175 96.80 53.23 -42.55
N ALA W 1176 95.94 54.22 -42.79
CA ALA W 1176 96.22 55.31 -43.69
C ALA W 1176 95.38 56.52 -43.27
N GLY W 1177 95.39 57.54 -44.09
CA GLY W 1177 94.59 58.71 -43.79
C GLY W 1177 95.44 59.87 -43.29
N GLU W 1178 94.97 61.09 -43.57
CA GLU W 1178 95.73 62.28 -43.21
C GLU W 1178 95.84 62.46 -41.70
N VAL W 1179 94.98 61.80 -40.92
CA VAL W 1179 95.05 61.92 -39.48
C VAL W 1179 96.26 61.18 -38.91
N HIS W 1180 96.90 60.33 -39.71
CA HIS W 1180 98.02 59.54 -39.22
C HIS W 1180 99.38 60.12 -39.62
N GLY W 1181 99.62 60.36 -40.91
CA GLY W 1181 100.90 60.91 -41.30
C GLY W 1181 100.89 61.42 -42.72
N GLU W 1182 102.07 61.85 -43.17
CA GLU W 1182 102.21 62.38 -44.52
C GLU W 1182 101.94 61.29 -45.55
N GLU W 1183 101.22 61.68 -46.62
CA GLU W 1183 100.62 60.74 -47.55
C GLU W 1183 101.55 59.61 -47.98
N GLY W 1184 102.86 59.83 -47.92
CA GLY W 1184 103.77 58.77 -48.29
C GLY W 1184 103.81 57.64 -47.28
N LEU W 1185 102.64 57.17 -46.85
CA LEU W 1185 102.55 56.06 -45.92
C LEU W 1185 101.49 55.04 -46.27
N MET W 1186 100.60 55.32 -47.24
CA MET W 1186 99.54 54.37 -47.55
C MET W 1186 100.08 53.14 -48.26
N PHE W 1187 100.98 53.33 -49.22
CA PHE W 1187 101.48 52.24 -50.04
C PHE W 1187 102.95 51.92 -49.81
N ASP W 1188 103.76 52.90 -49.42
CA ASP W 1188 105.15 52.66 -49.09
C ASP W 1188 105.26 51.52 -48.08
N HIS W 1189 105.96 50.46 -48.45
CA HIS W 1189 106.16 49.33 -47.57
C HIS W 1189 107.57 49.27 -47.00
N SER W 1190 108.27 50.40 -46.97
CA SER W 1190 109.50 50.45 -46.19
C SER W 1190 109.18 50.68 -44.72
N HIS W 1191 108.31 51.63 -44.42
CA HIS W 1191 107.95 51.94 -43.05
C HIS W 1191 106.95 50.93 -42.51
N ALA W 1192 106.90 50.84 -41.19
CA ALA W 1192 106.00 49.90 -40.55
C ALA W 1192 104.61 50.52 -40.36
N ASP W 1193 103.63 49.64 -40.16
CA ASP W 1193 102.28 50.09 -39.87
C ASP W 1193 102.26 50.80 -38.52
N PRO W 1194 101.76 52.03 -38.46
CA PRO W 1194 101.64 52.69 -37.14
C PRO W 1194 100.89 51.86 -36.13
N ALA W 1195 99.71 51.35 -36.50
CA ALA W 1195 98.88 50.63 -35.55
C ALA W 1195 99.56 49.38 -35.00
N HIS W 1196 100.58 48.86 -35.69
CA HIS W 1196 101.36 47.73 -35.18
C HIS W 1196 102.79 47.89 -35.71
N PRO W 1197 103.69 48.47 -34.93
CA PRO W 1197 105.02 48.75 -35.46
C PRO W 1197 105.82 47.50 -35.81
N HIS W 1198 105.72 46.44 -35.01
CA HIS W 1198 106.61 45.30 -35.25
C HIS W 1198 106.26 44.59 -36.55
N ARG W 1199 105.00 44.59 -36.96
CA ARG W 1199 104.66 44.09 -38.27
C ARG W 1199 104.93 45.17 -39.31
N ALA W 1200 104.55 44.90 -40.56
CA ALA W 1200 104.51 45.92 -41.59
C ALA W 1200 103.10 46.12 -42.14
N THR W 1201 102.35 45.04 -42.31
CA THR W 1201 100.95 45.08 -42.71
C THR W 1201 100.21 44.03 -41.89
N ALA W 1202 99.00 43.69 -42.32
CA ALA W 1202 98.27 42.56 -41.78
C ALA W 1202 98.08 41.44 -42.79
N ASN W 1203 97.76 41.78 -44.04
CA ASN W 1203 97.71 40.81 -45.11
C ASN W 1203 98.23 41.50 -46.37
N PRO W 1204 99.16 40.87 -47.09
CA PRO W 1204 99.75 41.56 -48.24
C PRO W 1204 98.81 41.68 -49.41
N TRP W 1205 97.86 40.75 -49.57
CA TRP W 1205 96.96 40.79 -50.71
C TRP W 1205 96.07 42.02 -50.73
N ALA W 1206 96.09 42.84 -49.68
CA ALA W 1206 95.16 43.96 -49.59
C ALA W 1206 95.86 45.30 -49.46
N SER W 1207 96.90 45.40 -48.64
CA SER W 1207 97.47 46.70 -48.35
C SER W 1207 98.27 47.26 -49.53
N GLN W 1208 99.09 46.42 -50.16
CA GLN W 1208 100.01 46.90 -51.18
C GLN W 1208 99.25 47.50 -52.37
N ARG W 1209 99.97 48.29 -53.16
CA ARG W 1209 99.40 48.84 -54.37
C ARG W 1209 99.36 47.78 -55.47
N HIS W 1210 98.36 47.89 -56.33
CA HIS W 1210 98.10 46.90 -57.37
C HIS W 1210 97.86 45.52 -56.78
N SER W 1211 97.31 45.48 -55.57
CA SER W 1211 96.94 44.20 -54.99
C SER W 1211 95.58 43.78 -55.55
N TYR W 1212 95.29 42.48 -55.43
CA TYR W 1212 93.99 41.96 -55.84
C TYR W 1212 92.87 42.81 -55.26
N ALA W 1213 92.82 42.87 -53.92
CA ALA W 1213 91.81 43.66 -53.24
C ALA W 1213 91.75 45.08 -53.79
N ASP W 1214 92.90 45.67 -54.07
CA ASP W 1214 92.91 47.02 -54.61
C ASP W 1214 92.21 47.09 -55.96
N ARG W 1215 92.53 46.15 -56.85
CA ARG W 1215 91.90 46.16 -58.17
C ARG W 1215 90.40 45.93 -58.08
N LEU W 1216 89.95 45.21 -57.06
CA LEU W 1216 88.51 45.05 -56.86
C LEU W 1216 87.87 46.36 -56.43
N TYR W 1217 88.31 46.88 -55.28
CA TYR W 1217 87.78 48.11 -54.72
C TYR W 1217 88.84 49.19 -54.83
N ASN W 1218 88.56 50.21 -55.63
CA ASN W 1218 89.41 51.38 -55.72
C ASN W 1218 88.67 52.46 -56.49
N GLY W 1219 88.91 53.70 -56.12
CA GLY W 1219 88.28 54.79 -56.81
C GLY W 1219 88.98 55.25 -58.06
N GLN W 1220 90.13 54.65 -58.38
CA GLN W 1220 90.93 55.10 -59.51
C GLN W 1220 90.89 54.15 -60.70
N TYR W 1221 90.17 53.03 -60.60
CA TYR W 1221 90.13 52.06 -61.70
C TYR W 1221 88.72 51.89 -62.25
N ASN W 1222 87.79 52.77 -61.90
CA ASN W 1222 86.45 52.84 -62.50
C ASN W 1222 85.77 51.47 -62.59
N MET W 1223 86.06 50.59 -61.63
CA MET W 1223 85.50 49.25 -61.69
C MET W 1223 84.07 49.17 -61.14
N SER W 1224 83.65 50.16 -60.34
CA SER W 1224 82.35 50.10 -59.69
C SER W 1224 81.27 50.75 -60.54
N GLY W 1225 80.12 50.10 -60.60
CA GLY W 1225 78.96 50.60 -61.29
C GLY W 1225 77.83 50.92 -60.35
N PRO W 1226 76.91 49.97 -60.20
CA PRO W 1226 75.74 50.16 -59.34
C PRO W 1226 76.09 50.20 -57.86
N ALA W 1227 75.07 49.97 -57.03
CA ALA W 1227 74.93 50.43 -55.65
C ALA W 1227 76.17 50.48 -54.77
N TYR W 1228 76.16 51.48 -53.88
CA TYR W 1228 77.23 51.85 -52.96
C TYR W 1228 77.96 50.67 -52.34
N SER W 1229 79.29 50.75 -52.33
CA SER W 1229 80.15 49.73 -51.77
C SER W 1229 80.75 50.24 -50.48
N PRO W 1230 80.46 49.62 -49.34
CA PRO W 1230 80.91 50.18 -48.06
C PRO W 1230 82.41 50.35 -47.95
N CYS W 1231 83.17 49.39 -48.45
CA CYS W 1231 84.61 49.42 -48.28
C CYS W 1231 85.32 50.30 -49.30
N PHE W 1232 84.60 51.12 -50.05
CA PHE W 1232 85.26 52.02 -51.00
C PHE W 1232 86.00 53.14 -50.28
N LYS W 1233 85.48 53.59 -49.15
CA LYS W 1233 86.04 54.74 -48.46
C LYS W 1233 87.39 54.46 -47.85
N PHE W 1234 87.86 53.21 -47.85
CA PHE W 1234 89.14 52.89 -47.25
C PHE W 1234 90.24 52.62 -48.26
N PHE W 1235 89.91 52.10 -49.43
CA PHE W 1235 90.91 51.70 -50.40
C PHE W 1235 91.25 52.78 -51.41
N THR W 1236 90.76 53.99 -51.25
CA THR W 1236 91.06 55.02 -52.21
C THR W 1236 91.63 56.25 -51.53
N PRO W 1237 92.76 56.76 -51.99
CA PRO W 1237 93.24 58.07 -51.54
C PRO W 1237 92.77 59.24 -52.39
N ALA W 1238 91.81 59.01 -53.30
CA ALA W 1238 91.34 60.06 -54.19
C ALA W 1238 90.68 61.21 -53.44
N GLU W 1239 90.35 61.02 -52.17
CA GLU W 1239 89.88 62.12 -51.34
C GLU W 1239 91.01 63.02 -50.88
N ALA W 1240 92.26 62.58 -51.04
CA ALA W 1240 93.42 63.27 -50.46
C ALA W 1240 94.07 64.23 -51.45
N VAL W 1241 93.29 64.83 -52.34
CA VAL W 1241 93.83 65.68 -53.39
C VAL W 1241 93.83 67.16 -52.99
N ALA W 1242 92.81 67.61 -52.26
CA ALA W 1242 92.68 69.03 -51.94
C ALA W 1242 92.63 69.33 -50.44
N LYS W 1243 92.52 68.33 -49.58
CA LYS W 1243 92.39 68.59 -48.15
C LYS W 1243 93.70 69.16 -47.59
N SER W 1244 93.57 70.23 -46.81
CA SER W 1244 94.71 70.90 -46.20
C SER W 1244 94.85 70.46 -44.75
N ARG W 1245 95.93 70.92 -44.12
CA ARG W 1245 96.37 70.42 -42.83
C ARG W 1245 95.62 71.04 -41.65
N GLY W 1246 94.47 71.67 -41.89
CA GLY W 1246 93.68 72.21 -40.80
C GLY W 1246 93.31 71.13 -39.81
N LEU W 1247 92.85 71.58 -38.64
CA LEU W 1247 92.31 70.67 -37.63
C LEU W 1247 90.88 71.03 -37.28
N ALA W 1248 90.61 72.31 -37.02
CA ALA W 1248 89.24 72.77 -36.81
C ALA W 1248 88.36 72.40 -37.98
N ARG W 1249 88.90 72.44 -39.19
CA ARG W 1249 88.13 72.01 -40.35
C ARG W 1249 87.80 70.53 -40.27
N LEU W 1250 88.79 69.71 -39.92
CA LEU W 1250 88.55 68.27 -39.79
C LEU W 1250 87.41 68.01 -38.81
N ILE W 1251 87.49 68.59 -37.62
CA ILE W 1251 86.49 68.27 -36.61
C ILE W 1251 85.13 68.88 -36.95
N ALA W 1252 85.12 70.04 -37.62
CA ALA W 1252 83.86 70.72 -37.86
C ALA W 1252 83.04 70.01 -38.93
N ASP W 1253 83.58 69.92 -40.14
CA ASP W 1253 82.80 69.45 -41.27
C ASP W 1253 82.63 67.94 -41.31
N THR W 1254 82.92 67.23 -40.22
CA THR W 1254 82.62 65.80 -40.20
C THR W 1254 81.12 65.55 -40.25
N GLY W 1255 80.31 66.53 -39.83
CA GLY W 1255 78.88 66.44 -39.98
C GLY W 1255 78.46 67.03 -41.30
N ALA W 1256 79.35 67.81 -41.90
CA ALA W 1256 79.06 68.50 -43.15
C ALA W 1256 79.29 67.63 -44.38
N ALA W 1257 79.49 66.34 -44.21
CA ALA W 1257 79.63 65.46 -45.36
C ALA W 1257 78.28 65.27 -46.05
N ALA W 1258 78.33 64.71 -47.25
CA ALA W 1258 77.14 64.35 -48.01
C ALA W 1258 77.17 62.85 -48.22
N SER W 1259 76.22 62.15 -47.61
CA SER W 1259 76.23 60.70 -47.59
C SER W 1259 76.02 60.13 -49.00
N PRO W 1260 76.94 59.32 -49.52
CA PRO W 1260 76.73 58.72 -50.84
C PRO W 1260 75.60 57.71 -50.87
N THR W 1261 75.11 57.28 -49.71
CA THR W 1261 73.94 56.42 -49.68
C THR W 1261 72.69 57.24 -49.96
N SER W 1262 71.54 56.56 -50.05
CA SER W 1262 70.27 57.21 -50.31
C SER W 1262 69.19 56.46 -49.54
N ASN W 1263 67.93 56.74 -49.88
CA ASN W 1263 66.78 56.12 -49.22
C ASN W 1263 65.91 55.45 -50.29
N GLY W 1264 66.27 54.23 -50.64
CA GLY W 1264 65.56 53.45 -51.62
C GLY W 1264 65.17 52.09 -51.06
N GLU W 1265 65.13 51.10 -51.95
CA GLU W 1265 64.70 49.77 -51.54
C GLU W 1265 65.85 49.00 -50.88
N TYR W 1266 66.92 48.72 -51.62
CA TYR W 1266 68.05 48.06 -51.00
C TYR W 1266 69.11 49.05 -50.54
N GLN W 1267 69.77 49.68 -51.50
CA GLN W 1267 70.80 50.69 -51.31
C GLN W 1267 71.28 51.05 -52.72
N PHE W 1268 71.88 52.24 -52.83
CA PHE W 1268 72.32 52.71 -54.14
C PHE W 1268 73.24 53.89 -53.93
N LYS W 1269 74.19 54.05 -54.85
CA LYS W 1269 74.96 55.29 -54.91
C LYS W 1269 74.01 56.43 -55.26
N ARG W 1270 73.84 57.36 -54.34
CA ARG W 1270 72.87 58.43 -54.51
C ARG W 1270 73.12 59.16 -55.83
N PRO W 1271 72.08 59.74 -56.42
CA PRO W 1271 72.30 60.61 -57.58
C PRO W 1271 73.07 61.87 -57.20
N VAL W 1272 73.39 62.69 -58.19
CA VAL W 1272 74.05 63.97 -57.91
C VAL W 1272 73.15 64.92 -57.13
N GLY W 1273 71.83 64.73 -57.19
CA GLY W 1273 70.90 65.69 -56.63
C GLY W 1273 70.40 65.39 -55.23
N ALA W 1274 71.29 64.98 -54.32
CA ALA W 1274 70.92 64.70 -52.94
C ALA W 1274 71.87 65.43 -52.01
N GLY W 1275 71.32 66.29 -51.16
CA GLY W 1275 72.12 66.98 -50.17
C GLY W 1275 71.43 67.12 -48.83
N GLU W 1276 72.05 66.60 -47.78
CA GLU W 1276 71.52 66.69 -46.43
C GLU W 1276 72.65 66.46 -45.45
N LEU W 1277 72.32 66.44 -44.17
CA LEU W 1277 73.31 66.28 -43.12
C LEU W 1277 73.57 64.81 -42.83
N VAL W 1278 74.83 64.49 -42.55
CA VAL W 1278 75.21 63.14 -42.14
C VAL W 1278 76.49 63.25 -41.31
N GLU W 1279 76.58 62.42 -40.28
CA GLU W 1279 77.73 62.41 -39.38
C GLU W 1279 78.38 61.04 -39.44
N ASP W 1280 79.70 61.02 -39.63
CA ASP W 1280 80.44 59.78 -39.79
C ASP W 1280 81.82 59.93 -39.18
N PRO W 1281 82.03 59.42 -37.97
CA PRO W 1281 83.40 59.37 -37.43
C PRO W 1281 84.27 58.36 -38.14
N CYS W 1282 83.70 57.48 -38.96
CA CYS W 1282 84.49 56.44 -39.59
C CYS W 1282 85.42 57.02 -40.64
N ALA W 1283 84.90 57.89 -41.51
CA ALA W 1283 85.72 58.49 -42.55
C ALA W 1283 86.84 59.36 -41.99
N LEU W 1284 86.85 59.61 -40.68
CA LEU W 1284 87.92 60.37 -40.07
C LEU W 1284 89.09 59.46 -39.69
N PHE W 1285 88.81 58.34 -39.05
CA PHE W 1285 89.85 57.43 -38.58
C PHE W 1285 90.13 56.29 -39.55
N GLN W 1286 89.28 56.08 -40.55
CA GLN W 1286 89.37 54.94 -41.46
C GLN W 1286 89.45 53.65 -40.66
N GLU W 1287 88.56 53.53 -39.68
CA GLU W 1287 88.56 52.41 -38.76
C GLU W 1287 87.16 51.83 -38.71
N ALA W 1288 87.08 50.51 -38.73
CA ALA W 1288 85.79 49.82 -38.68
C ALA W 1288 85.62 49.14 -37.33
N TYR W 1289 84.47 49.25 -36.79
CA TYR W 1289 84.40 48.59 -35.50
C TYR W 1289 83.83 47.19 -35.65
N PRO W 1290 84.28 46.24 -34.83
CA PRO W 1290 83.73 44.90 -34.88
C PRO W 1290 82.48 44.80 -34.03
N PRO W 1291 81.39 44.28 -34.59
CA PRO W 1291 80.16 44.15 -33.81
C PRO W 1291 80.12 42.82 -33.09
N LEU W 1292 79.04 42.55 -32.37
CA LEU W 1292 78.90 41.27 -31.68
C LEU W 1292 78.81 40.15 -32.71
N CYS W 1293 79.84 39.32 -32.78
CA CYS W 1293 79.91 38.24 -33.75
C CYS W 1293 80.58 37.04 -33.12
N ALA W 1294 80.28 35.87 -33.66
CA ALA W 1294 80.89 34.63 -33.24
C ALA W 1294 80.76 33.62 -34.37
N SER W 1295 81.53 32.55 -34.26
CA SER W 1295 81.60 31.56 -35.32
C SER W 1295 80.68 30.37 -35.09
N ASP W 1296 79.84 30.41 -34.06
CA ASP W 1296 78.89 29.33 -33.84
C ASP W 1296 77.73 29.82 -32.99
N SER W 1297 76.51 29.56 -33.47
CA SER W 1297 75.31 30.02 -32.80
C SER W 1297 75.21 29.53 -31.36
N ALA W 1298 75.85 28.40 -31.03
CA ALA W 1298 75.79 27.94 -29.66
C ALA W 1298 76.69 28.74 -28.72
N LEU W 1299 77.47 29.68 -29.25
CA LEU W 1299 78.27 30.55 -28.41
C LEU W 1299 77.56 31.85 -28.08
N LEU W 1300 76.35 32.06 -28.59
CA LEU W 1300 75.56 33.25 -28.31
C LEU W 1300 74.35 32.91 -27.47
N ARG W 1301 74.49 31.95 -26.57
CA ARG W 1301 73.44 31.68 -25.59
C ARG W 1301 73.39 32.82 -24.59
N THR W 1302 72.43 32.75 -23.68
CA THR W 1302 72.22 33.85 -22.75
C THR W 1302 73.40 34.13 -21.82
N PRO W 1303 74.11 33.12 -21.27
CA PRO W 1303 75.30 33.48 -20.46
C PRO W 1303 76.58 33.60 -21.29
N LEU W 1304 76.73 34.76 -21.94
CA LEU W 1304 77.87 34.97 -22.83
C LEU W 1304 79.17 35.12 -22.06
N GLY W 1305 79.63 34.04 -21.43
CA GLY W 1305 80.86 34.13 -20.68
C GLY W 1305 82.08 33.69 -21.45
N ALA W 1306 82.03 32.49 -22.03
CA ALA W 1306 83.19 31.94 -22.70
C ALA W 1306 83.55 32.79 -23.91
N GLU W 1307 84.84 33.01 -24.11
CA GLU W 1307 85.32 33.81 -25.23
C GLU W 1307 85.82 32.98 -26.39
N GLU W 1308 86.46 31.85 -26.12
CA GLU W 1308 86.99 30.99 -27.18
C GLU W 1308 86.84 29.54 -26.77
N HIS W 1309 86.25 28.74 -27.64
CA HIS W 1309 86.30 27.30 -27.50
C HIS W 1309 87.46 26.78 -28.36
N PHE W 1310 87.50 25.47 -28.57
CA PHE W 1310 88.66 24.81 -29.16
C PHE W 1310 89.15 25.54 -30.40
N ALA W 1311 88.33 25.62 -31.42
CA ALA W 1311 88.70 26.34 -32.63
C ALA W 1311 87.72 27.43 -33.00
N GLN W 1312 86.61 27.56 -32.28
CA GLN W 1312 85.65 28.62 -32.50
C GLN W 1312 86.04 29.84 -31.67
N TYR W 1313 85.42 30.98 -31.98
CA TYR W 1313 85.76 32.21 -31.30
C TYR W 1313 84.54 33.10 -31.20
N LEU W 1314 84.60 34.05 -30.27
CA LEU W 1314 83.53 35.00 -30.02
C LEU W 1314 84.12 36.39 -29.93
N ILE W 1315 83.72 37.26 -30.84
CA ILE W 1315 84.22 38.62 -30.87
C ILE W 1315 83.26 39.52 -30.12
N ARG W 1316 83.71 40.09 -29.02
CA ARG W 1316 82.82 40.93 -28.22
C ARG W 1316 82.63 42.28 -28.87
N ASP W 1317 81.50 42.92 -28.55
CA ASP W 1317 81.14 44.15 -29.22
C ASP W 1317 82.02 45.30 -28.77
N GLU W 1318 82.41 46.14 -29.74
CA GLU W 1318 83.14 47.36 -29.42
C GLU W 1318 82.67 48.54 -30.26
N SER W 1319 81.47 48.45 -30.84
CA SER W 1319 80.90 49.55 -31.61
C SER W 1319 80.64 50.74 -30.70
N PRO W 1320 80.32 51.91 -31.26
CA PRO W 1320 79.91 53.03 -30.41
C PRO W 1320 78.62 52.77 -29.64
N LEU W 1321 77.93 51.67 -29.90
CA LEU W 1321 76.75 51.29 -29.13
C LEU W 1321 77.05 50.02 -28.35
N LYS W 1322 76.83 50.06 -27.03
CA LYS W 1322 77.06 48.92 -26.14
C LYS W 1322 76.03 48.99 -25.02
N GLY W 1323 74.92 48.29 -25.19
CA GLY W 1323 73.88 48.25 -24.19
C GLY W 1323 73.94 47.04 -23.29
N ARG X 24 -8.87 49.52 -36.11
CA ARG X 24 -7.46 49.43 -36.44
C ARG X 24 -7.05 47.99 -36.75
N ALA X 25 -5.81 47.82 -37.19
CA ALA X 25 -5.31 46.51 -37.56
C ALA X 25 -4.26 46.07 -36.56
N ARG X 26 -4.00 44.76 -36.52
CA ARG X 26 -3.06 44.20 -35.58
C ARG X 26 -1.88 43.56 -36.31
N LEU X 27 -0.70 43.65 -35.70
CA LEU X 27 0.54 43.37 -36.39
C LEU X 27 1.25 42.16 -35.79
N ILE X 28 2.29 41.73 -36.48
CA ILE X 28 3.17 40.65 -36.04
C ILE X 28 4.60 41.15 -36.16
N ARG X 29 5.43 40.84 -35.17
CA ARG X 29 6.85 41.13 -35.24
C ARG X 29 7.62 39.83 -35.08
N GLN X 30 8.57 39.58 -35.98
CA GLN X 30 9.36 38.36 -35.95
C GLN X 30 10.80 38.70 -36.28
N VAL X 31 11.66 38.69 -35.26
CA VAL X 31 13.10 38.86 -35.49
C VAL X 31 13.64 37.66 -36.25
N THR X 32 14.57 37.91 -37.16
CA THR X 32 15.04 36.86 -38.05
C THR X 32 16.31 37.33 -38.75
N LEU X 33 16.78 36.48 -39.67
CA LEU X 33 17.99 36.75 -40.43
C LEU X 33 17.66 37.41 -41.76
N ALA X 34 18.56 38.28 -42.20
CA ALA X 34 18.41 38.97 -43.49
C ALA X 34 18.82 38.07 -44.64
N ASP X 35 18.22 36.89 -44.71
CA ASP X 35 18.52 35.92 -45.75
C ASP X 35 17.70 36.09 -47.01
N PHE X 36 16.37 36.03 -46.88
CA PHE X 36 15.48 35.98 -48.02
C PHE X 36 14.63 37.22 -48.20
N CYS X 37 14.22 37.87 -47.12
CA CYS X 37 13.44 39.11 -47.21
C CYS X 37 14.34 40.21 -46.67
N GLU X 38 14.52 41.28 -47.43
CA GLU X 38 15.58 42.17 -47.02
C GLU X 38 15.00 43.59 -46.88
N PRO X 39 14.42 43.91 -45.73
CA PRO X 39 13.45 45.01 -45.62
C PRO X 39 14.01 46.40 -45.90
N GLN X 40 15.32 46.56 -45.96
CA GLN X 40 15.85 47.83 -46.45
C GLN X 40 15.93 47.87 -47.97
N ALA X 41 16.16 46.73 -48.64
CA ALA X 41 16.21 46.71 -50.09
C ALA X 41 14.87 47.04 -50.75
N GLU X 42 13.76 46.52 -50.25
CA GLU X 42 12.44 46.82 -50.83
C GLU X 42 11.77 47.90 -49.97
N ARG X 43 10.86 48.65 -50.57
CA ARG X 43 10.10 49.55 -49.72
C ARG X 43 8.89 48.80 -49.15
N PRO X 44 8.20 49.35 -48.15
CA PRO X 44 7.09 48.58 -47.55
C PRO X 44 6.02 48.21 -48.56
N GLY X 45 5.10 47.36 -48.11
CA GLY X 45 3.97 46.99 -48.93
C GLY X 45 4.22 45.85 -49.91
N LEU X 46 4.60 44.69 -49.38
CA LEU X 46 4.70 43.48 -50.18
C LEU X 46 4.62 42.28 -49.25
N VAL X 47 3.92 41.23 -49.70
CA VAL X 47 3.60 40.13 -48.78
C VAL X 47 4.86 39.35 -48.44
N VAL X 48 4.91 38.86 -47.20
CA VAL X 48 6.01 38.07 -46.70
C VAL X 48 5.47 36.71 -46.27
N LEU X 49 6.33 35.71 -46.31
CA LEU X 49 5.94 34.34 -45.98
C LEU X 49 6.78 33.84 -44.83
N ALA X 50 6.22 32.92 -44.06
CA ALA X 50 6.92 32.28 -42.96
C ALA X 50 7.37 30.89 -43.40
N LEU X 51 8.65 30.60 -43.23
CA LEU X 51 9.21 29.31 -43.63
C LEU X 51 9.34 28.40 -42.43
N ARG X 52 8.79 27.20 -42.57
CA ARG X 52 8.86 26.11 -41.60
C ARG X 52 10.31 25.81 -41.25
N HIS X 53 10.49 25.22 -40.06
CA HIS X 53 11.80 24.68 -39.71
C HIS X 53 12.12 23.52 -40.63
N PRO X 54 13.29 23.50 -41.26
CA PRO X 54 13.55 22.48 -42.28
C PRO X 54 13.80 21.10 -41.72
N ALA X 55 14.09 20.97 -40.43
CA ALA X 55 14.38 19.66 -39.87
C ALA X 55 13.22 18.71 -40.06
N ASP X 56 12.00 19.15 -39.74
CA ASP X 56 10.87 18.25 -39.85
C ASP X 56 10.51 17.96 -41.31
N LEU X 57 10.78 18.89 -42.22
CA LEU X 57 10.62 18.58 -43.64
C LEU X 57 11.55 17.46 -44.05
N ALA X 58 12.84 17.60 -43.73
CA ALA X 58 13.81 16.56 -44.06
C ALA X 58 13.43 15.23 -43.44
N GLY X 59 12.87 15.27 -42.23
CA GLY X 59 12.45 14.03 -41.59
C GLY X 59 11.26 13.41 -42.29
N ALA X 60 10.17 14.18 -42.45
CA ALA X 60 8.96 13.67 -43.07
C ALA X 60 9.19 13.18 -44.49
N ALA X 61 10.21 13.70 -45.16
CA ALA X 61 10.59 13.14 -46.46
C ALA X 61 10.83 11.64 -46.34
N TYR X 62 11.66 11.24 -45.37
CA TYR X 62 12.07 9.84 -45.21
C TYR X 62 10.88 8.88 -45.35
N ALA X 63 9.70 9.31 -44.92
CA ALA X 63 8.51 8.48 -45.06
C ALA X 63 7.58 8.95 -46.18
N ALA X 64 7.85 10.10 -46.79
CA ALA X 64 6.90 10.67 -47.73
C ALA X 64 7.27 10.51 -49.19
N THR X 65 8.56 10.43 -49.53
CA THR X 65 8.92 10.29 -50.94
C THR X 65 8.36 8.96 -51.47
N PRO X 66 7.83 8.95 -52.69
CA PRO X 66 7.11 7.77 -53.19
C PRO X 66 8.07 6.63 -53.46
N PRO X 67 7.55 5.46 -53.84
CA PRO X 67 8.45 4.35 -54.20
C PRO X 67 9.21 4.64 -55.48
N GLY X 68 10.39 4.05 -55.59
CA GLY X 68 11.22 4.20 -56.77
C GLY X 68 12.13 5.41 -56.77
N LYS X 69 11.63 6.53 -56.29
CA LYS X 69 12.41 7.77 -56.30
C LYS X 69 13.48 7.73 -55.20
N ASN X 70 14.28 8.79 -55.18
CA ASN X 70 15.25 8.96 -54.10
C ASN X 70 14.55 9.33 -52.80
N HIS X 71 15.17 8.96 -51.69
CA HIS X 71 14.59 9.19 -50.37
C HIS X 71 15.51 9.97 -49.45
N ARG X 72 16.60 10.51 -49.98
CA ARG X 72 17.47 11.39 -49.20
C ARG X 72 17.93 12.60 -49.98
N ASP X 73 17.37 12.86 -51.15
CA ASP X 73 17.85 13.95 -51.98
C ASP X 73 17.45 15.32 -51.45
N LEU X 74 16.35 15.39 -50.70
CA LEU X 74 16.00 16.66 -50.06
C LEU X 74 16.96 16.98 -48.92
N GLU X 75 17.34 15.97 -48.14
CA GLU X 75 18.44 16.13 -47.18
C GLU X 75 19.63 16.84 -47.81
N GLU X 76 20.10 16.33 -48.95
CA GLU X 76 21.26 16.91 -49.60
C GLU X 76 20.98 18.30 -50.12
N ALA X 77 19.82 18.49 -50.76
CA ALA X 77 19.48 19.81 -51.30
C ALA X 77 19.46 20.86 -50.20
N TRP X 78 18.92 20.51 -49.03
CA TRP X 78 18.97 21.44 -47.92
C TRP X 78 20.39 21.67 -47.42
N LEU X 79 21.14 20.59 -47.19
CA LEU X 79 22.51 20.73 -46.70
C LEU X 79 23.35 21.59 -47.62
N ALA X 80 22.99 21.65 -48.90
CA ALA X 80 23.70 22.49 -49.86
C ALA X 80 23.39 23.97 -49.71
N LEU X 81 22.66 24.40 -48.68
CA LEU X 81 22.30 25.80 -48.51
C LEU X 81 22.73 26.28 -47.12
N ASP X 82 23.97 25.97 -46.76
CA ASP X 82 24.47 26.28 -45.43
C ASP X 82 25.92 26.78 -45.43
N ARG X 94 17.42 31.81 -36.46
CA ARG X 94 17.39 31.11 -37.74
C ARG X 94 16.81 32.01 -38.83
N ALA X 95 17.00 31.61 -40.09
CA ALA X 95 16.37 32.31 -41.21
C ALA X 95 14.97 31.79 -41.42
N SER X 96 13.98 32.67 -41.31
CA SER X 96 12.59 32.23 -41.22
C SER X 96 11.67 32.83 -42.26
N VAL X 97 11.84 34.10 -42.63
CA VAL X 97 10.91 34.74 -43.54
C VAL X 97 11.48 34.71 -44.95
N VAL X 98 10.60 34.87 -45.92
CA VAL X 98 10.97 34.98 -47.32
C VAL X 98 9.97 35.89 -48.00
N SER X 99 10.45 36.96 -48.62
CA SER X 99 9.55 37.86 -49.33
C SER X 99 9.10 37.20 -50.62
N LEU X 100 7.84 37.40 -50.96
CA LEU X 100 7.34 36.90 -52.23
C LEU X 100 8.15 37.46 -53.39
N ASN X 101 8.57 38.73 -53.29
CA ASN X 101 9.42 39.30 -54.31
C ASN X 101 10.66 38.46 -54.55
N PHE X 102 11.17 37.80 -53.52
CA PHE X 102 12.32 36.91 -53.68
C PHE X 102 11.91 35.55 -54.22
N LEU X 103 10.81 35.00 -53.73
CA LEU X 103 10.43 33.64 -54.11
C LEU X 103 10.02 33.56 -55.56
N VAL X 104 9.27 34.56 -56.05
CA VAL X 104 8.80 34.53 -57.43
C VAL X 104 9.97 34.44 -58.40
N ALA X 105 11.12 35.01 -58.02
CA ALA X 105 12.28 34.96 -58.90
C ALA X 105 12.80 33.54 -59.03
N ALA X 106 12.82 32.78 -57.94
CA ALA X 106 13.30 31.40 -57.98
C ALA X 106 12.21 30.43 -58.38
N ALA X 107 11.57 30.69 -59.52
CA ALA X 107 10.64 29.74 -60.09
C ALA X 107 10.82 29.77 -61.60
N GLU X 108 10.08 28.89 -62.29
CA GLU X 108 10.04 28.95 -63.74
C GLU X 108 9.56 30.33 -64.18
N ASN X 109 8.31 30.65 -63.90
CA ASN X 109 7.74 31.88 -64.41
C ASN X 109 8.27 33.08 -63.64
N ALA X 110 8.70 34.09 -64.41
CA ALA X 110 9.41 35.28 -63.97
C ALA X 110 9.77 36.07 -65.22
N ASP X 111 9.77 37.39 -65.10
CA ASP X 111 10.29 38.19 -66.20
C ASP X 111 11.67 38.69 -65.80
N ASP X 112 12.67 38.48 -66.66
CA ASP X 112 14.06 38.62 -66.26
C ASP X 112 14.39 39.99 -65.69
N ALA X 113 13.52 40.99 -65.92
CA ALA X 113 13.73 42.28 -65.28
C ALA X 113 13.74 42.14 -63.78
N LEU X 114 12.85 41.30 -63.24
CA LEU X 114 12.77 41.13 -61.79
C LEU X 114 13.97 40.33 -61.26
N ARG X 115 14.44 39.36 -62.04
CA ARG X 115 15.70 38.71 -61.67
C ARG X 115 16.82 39.73 -61.56
N ALA X 116 16.97 40.59 -62.57
CA ALA X 116 18.01 41.59 -62.53
C ALA X 116 17.86 42.51 -61.32
N HIS X 117 16.62 42.91 -61.02
CA HIS X 117 16.37 43.75 -59.85
C HIS X 117 16.81 43.06 -58.57
N VAL X 118 16.32 41.83 -58.34
CA VAL X 118 16.68 41.10 -57.14
C VAL X 118 18.19 40.92 -57.03
N THR X 119 18.85 40.65 -58.15
CA THR X 119 20.28 40.39 -58.11
C THR X 119 21.08 41.65 -57.81
N THR X 120 20.84 42.73 -58.55
CA THR X 120 21.69 43.92 -58.47
C THR X 120 21.24 44.93 -57.43
N ASN X 121 20.06 44.71 -56.83
CA ASN X 121 19.45 45.67 -55.93
C ASN X 121 19.47 45.20 -54.48
N TYR X 122 19.49 43.88 -54.28
CA TYR X 122 19.80 43.32 -52.97
C TYR X 122 21.27 43.62 -52.63
N ARG X 123 21.50 44.16 -51.44
CA ARG X 123 22.87 44.41 -51.00
C ARG X 123 23.69 43.14 -50.86
N ASP X 124 23.02 42.02 -50.62
CA ASP X 124 23.69 40.96 -49.87
C ASP X 124 24.71 40.24 -50.76
N ARG X 125 25.78 39.78 -50.10
CA ARG X 125 26.75 38.85 -50.67
C ARG X 125 26.08 37.60 -51.23
N ARG X 126 26.76 36.96 -52.19
CA ARG X 126 26.54 35.58 -52.59
C ARG X 126 25.08 35.30 -52.95
N THR X 127 24.33 36.35 -53.26
CA THR X 127 22.88 36.27 -53.35
C THR X 127 22.39 35.41 -54.52
N ALA X 128 22.96 35.62 -55.71
CA ALA X 128 22.53 34.85 -56.88
C ALA X 128 22.74 33.36 -56.66
N ALA X 129 23.87 33.00 -56.07
CA ALA X 129 24.11 31.59 -55.74
C ALA X 129 23.01 31.07 -54.83
N ARG X 130 22.66 31.82 -53.78
CA ARG X 130 21.59 31.40 -52.89
C ARG X 130 20.27 31.24 -53.62
N LEU X 131 19.96 32.14 -54.56
CA LEU X 131 18.74 32.00 -55.33
C LEU X 131 18.74 30.69 -56.10
N GLU X 132 19.88 30.35 -56.70
CA GLU X 132 20.01 29.09 -57.42
C GLU X 132 19.76 27.90 -56.50
N ARG X 133 20.39 27.91 -55.32
CA ARG X 133 20.22 26.81 -54.39
C ARG X 133 18.77 26.68 -53.95
N PHE X 134 18.10 27.81 -53.69
CA PHE X 134 16.69 27.79 -53.30
C PHE X 134 15.84 27.18 -54.40
N ALA X 135 16.12 27.52 -55.67
CA ALA X 135 15.44 26.89 -56.77
C ALA X 135 15.59 25.38 -56.71
N THR X 136 16.82 24.91 -56.50
CA THR X 136 17.05 23.48 -56.40
C THR X 136 16.29 22.87 -55.22
N VAL X 137 16.17 23.63 -54.13
CA VAL X 137 15.44 23.15 -52.96
C VAL X 137 13.98 22.90 -53.30
N LEU X 138 13.33 23.90 -53.89
CA LEU X 138 11.91 23.76 -54.21
C LEU X 138 11.67 22.65 -55.23
N ARG X 139 12.54 22.56 -56.24
CA ARG X 139 12.41 21.46 -57.19
C ARG X 139 12.62 20.10 -56.54
N ALA X 140 13.44 20.03 -55.49
CA ALA X 140 13.53 18.78 -54.76
C ALA X 140 12.28 18.52 -53.93
N MET X 141 11.68 19.59 -53.39
CA MET X 141 10.50 19.45 -52.54
C MET X 141 9.36 18.79 -53.29
N ILE X 142 9.10 19.23 -54.52
CA ILE X 142 8.02 18.63 -55.30
C ILE X 142 8.37 17.21 -55.71
N ARG X 143 9.65 16.93 -55.98
CA ARG X 143 10.04 15.59 -56.34
C ARG X 143 9.82 14.61 -55.18
N SER X 144 9.99 15.06 -53.94
CA SER X 144 9.89 14.20 -52.78
C SER X 144 8.48 14.16 -52.22
N HIS X 145 7.50 14.70 -52.94
CA HIS X 145 6.10 14.70 -52.53
C HIS X 145 5.87 15.30 -51.15
N VAL X 146 6.74 16.21 -50.73
CA VAL X 146 6.44 17.11 -49.63
C VAL X 146 6.33 18.50 -50.22
N PHE X 147 5.11 18.93 -50.50
CA PHE X 147 4.89 20.08 -51.35
C PHE X 147 5.15 21.38 -50.59
N PRO X 148 5.67 22.40 -51.27
CA PRO X 148 6.03 23.63 -50.56
C PRO X 148 4.86 24.34 -49.91
N HIS X 149 3.64 24.11 -50.38
CA HIS X 149 2.49 24.70 -49.71
C HIS X 149 2.34 24.18 -48.30
N ARG X 150 2.91 23.02 -47.99
CA ARG X 150 3.04 22.52 -46.64
C ARG X 150 4.35 22.97 -45.99
N ALA X 151 4.96 24.04 -46.50
CA ALA X 151 6.20 24.53 -45.92
C ALA X 151 6.26 26.06 -45.87
N LEU X 152 5.21 26.76 -46.27
CA LEU X 152 5.23 28.23 -46.34
C LEU X 152 3.86 28.77 -45.95
N HIS X 153 3.69 29.09 -44.67
CA HIS X 153 2.55 29.87 -44.24
C HIS X 153 2.77 31.33 -44.62
N VAL X 154 1.68 32.06 -44.84
CA VAL X 154 1.74 33.41 -45.37
C VAL X 154 1.40 34.40 -44.26
N LEU X 155 2.25 35.42 -44.12
CA LEU X 155 1.96 36.53 -43.23
C LEU X 155 1.48 37.71 -44.06
N GLY X 156 1.26 38.85 -43.43
CA GLY X 156 0.80 40.03 -44.12
C GLY X 156 1.92 40.78 -44.80
N GLY X 157 1.64 42.01 -45.19
CA GLY X 157 2.62 42.85 -45.85
C GLY X 157 3.44 43.61 -44.84
N LEU X 158 4.76 43.56 -45.01
CA LEU X 158 5.66 44.21 -44.07
C LEU X 158 5.53 45.72 -44.16
N LEU X 159 5.80 46.39 -43.05
CA LEU X 159 5.81 47.84 -43.06
C LEU X 159 7.04 48.44 -42.41
N GLY X 160 7.63 47.77 -41.42
CA GLY X 160 8.73 48.34 -40.67
C GLY X 160 9.80 47.31 -40.39
N HIS X 161 10.96 47.82 -39.97
CA HIS X 161 12.11 46.97 -39.70
C HIS X 161 13.22 47.80 -39.05
N VAL X 162 13.94 47.17 -38.13
CA VAL X 162 15.21 47.68 -37.63
C VAL X 162 16.25 46.59 -37.84
N THR X 163 17.40 46.95 -38.37
CA THR X 163 18.38 45.96 -38.80
C THR X 163 19.69 46.20 -38.06
N GLN X 164 20.26 45.12 -37.50
CA GLN X 164 21.66 45.11 -37.12
C GLN X 164 22.45 44.66 -38.34
N ASP X 165 23.70 44.24 -38.14
CA ASP X 165 24.46 43.65 -39.24
C ASP X 165 24.00 42.22 -39.49
N ARG X 166 23.26 42.02 -40.58
CA ARG X 166 22.73 40.70 -40.96
C ARG X 166 21.83 40.14 -39.85
N LEU X 167 20.92 40.96 -39.33
CA LEU X 167 19.86 40.47 -38.44
C LEU X 167 18.77 41.53 -38.39
N ALA X 168 17.55 41.14 -38.78
CA ALA X 168 16.45 42.08 -38.95
C ALA X 168 15.28 41.70 -38.05
N SER X 169 14.32 42.62 -37.94
CA SER X 169 13.07 42.38 -37.23
C SER X 169 11.95 43.02 -38.05
N VAL X 170 11.40 42.25 -38.97
CA VAL X 170 10.33 42.76 -39.84
C VAL X 170 9.02 42.81 -39.07
N THR X 171 8.09 43.63 -39.55
CA THR X 171 6.78 43.79 -38.93
C THR X 171 5.75 43.88 -40.04
N CYS X 172 4.75 43.01 -40.01
CA CYS X 172 3.73 42.95 -41.03
C CYS X 172 2.35 42.98 -40.40
N VAL X 173 1.37 43.48 -41.16
CA VAL X 173 -0.02 43.41 -40.73
C VAL X 173 -0.48 41.96 -40.76
N ALA X 174 -1.59 41.70 -40.06
CA ALA X 174 -2.18 40.37 -40.04
C ALA X 174 -3.68 40.35 -40.26
N ARG X 175 -4.39 41.40 -39.87
CA ARG X 175 -5.81 41.53 -40.14
C ARG X 175 -6.08 42.98 -40.48
N GLY X 176 -7.33 43.30 -40.76
CA GLY X 176 -7.67 44.67 -41.09
C GLY X 176 -7.06 45.10 -42.41
N ASP X 177 -7.29 46.36 -42.75
CA ASP X 177 -6.81 46.87 -44.02
C ASP X 177 -5.41 47.42 -43.82
N GLN X 178 -4.61 47.39 -44.89
CA GLN X 178 -3.20 47.70 -44.83
C GLN X 178 -2.95 49.09 -44.27
N GLU X 179 -3.62 50.10 -44.80
CA GLU X 179 -3.32 51.49 -44.50
C GLU X 179 -3.87 51.96 -43.17
N ALA X 180 -4.30 51.05 -42.30
CA ALA X 180 -4.55 51.42 -40.92
C ALA X 180 -3.25 51.49 -40.12
N ALA X 181 -2.14 51.08 -40.71
CA ALA X 181 -0.85 51.03 -40.02
C ALA X 181 -0.21 52.42 -40.01
N ARG X 182 1.06 52.48 -39.60
CA ARG X 182 1.78 53.76 -39.53
C ARG X 182 3.27 53.46 -39.68
N THR X 183 3.80 53.71 -40.87
CA THR X 183 5.20 53.42 -41.15
C THR X 183 6.06 54.59 -40.70
N ASN X 184 7.32 54.30 -40.33
CA ASN X 184 8.24 55.33 -39.86
C ASN X 184 9.09 55.89 -40.99
N ASP X 185 8.53 55.94 -42.19
CA ASP X 185 9.20 56.55 -43.32
C ASP X 185 9.17 58.08 -43.24
N MET X 186 8.03 58.66 -42.84
CA MET X 186 7.74 60.09 -42.79
C MET X 186 7.65 60.74 -44.16
N ALA X 187 7.91 60.02 -45.24
CA ALA X 187 7.54 60.50 -46.57
C ALA X 187 6.18 60.00 -47.01
N ALA X 188 5.89 58.73 -46.73
CA ALA X 188 4.57 58.14 -46.96
C ALA X 188 4.25 57.32 -45.70
N ARG X 189 3.56 57.95 -44.75
CA ARG X 189 3.19 57.26 -43.52
C ARG X 189 2.46 55.96 -43.82
N ARG X 190 1.36 56.03 -44.57
CA ARG X 190 0.63 54.84 -44.96
C ARG X 190 1.36 54.18 -46.12
N SER X 191 0.82 53.07 -46.60
CA SER X 191 1.46 52.31 -47.67
C SER X 191 0.38 51.76 -48.58
N GLN X 192 0.76 50.79 -49.41
CA GLN X 192 -0.18 50.00 -50.20
C GLN X 192 0.37 48.58 -50.25
N VAL X 193 -0.13 47.78 -51.17
CA VAL X 193 0.36 46.42 -51.37
C VAL X 193 0.88 46.31 -52.79
N HIS X 194 2.13 45.87 -52.93
CA HIS X 194 2.80 45.77 -54.22
C HIS X 194 3.03 44.31 -54.57
N VAL X 195 2.64 43.93 -55.77
CA VAL X 195 2.82 42.56 -56.26
C VAL X 195 3.50 42.62 -57.62
N PRO X 196 4.52 41.80 -57.87
CA PRO X 196 5.17 41.80 -59.18
C PRO X 196 4.16 41.46 -60.28
N ALA X 197 3.94 42.44 -61.17
CA ALA X 197 2.92 42.30 -62.19
C ALA X 197 3.19 41.14 -63.13
N CYS X 198 4.41 40.64 -63.19
CA CYS X 198 4.72 39.49 -64.01
C CYS X 198 3.94 38.25 -63.60
N ALA X 199 3.60 38.12 -62.32
CA ALA X 199 2.93 36.94 -61.79
C ALA X 199 1.44 37.12 -61.59
N LEU X 200 0.95 38.35 -61.53
CA LEU X 200 -0.47 38.59 -61.26
C LEU X 200 -1.31 38.11 -62.44
N MET X 201 -2.06 37.02 -62.24
CA MET X 201 -2.93 36.47 -63.27
C MET X 201 -4.36 36.77 -62.85
N ASP X 202 -5.01 37.64 -63.62
CA ASP X 202 -6.44 37.87 -63.40
C ASP X 202 -7.22 36.68 -63.94
N VAL X 203 -8.41 36.49 -63.41
CA VAL X 203 -9.25 35.33 -63.72
C VAL X 203 -10.52 35.73 -64.48
N ASP X 204 -11.29 36.70 -63.97
CA ASP X 204 -12.62 36.95 -64.55
C ASP X 204 -12.51 37.42 -65.99
N ARG X 205 -11.79 38.53 -66.21
CA ARG X 205 -11.48 39.02 -67.53
C ARG X 205 -10.77 37.96 -68.35
N GLU X 206 -10.07 37.04 -67.68
CA GLU X 206 -9.50 35.86 -68.33
C GLU X 206 -10.58 34.87 -68.72
N LEU X 207 -11.40 34.42 -67.77
CA LEU X 207 -12.44 33.45 -68.08
C LEU X 207 -13.60 34.06 -68.86
N ARG X 208 -13.65 35.37 -68.99
CA ARG X 208 -14.75 36.08 -69.65
C ARG X 208 -16.08 35.69 -69.03
N LEU X 209 -16.23 36.04 -67.75
CA LEU X 209 -17.52 35.87 -67.08
C LEU X 209 -18.52 36.95 -67.47
N GLY X 210 -18.12 37.94 -68.27
CA GLY X 210 -19.00 39.05 -68.56
C GLY X 210 -19.35 39.88 -67.35
N GLY X 211 -18.67 39.69 -66.23
CA GLY X 211 -19.01 40.36 -65.00
C GLY X 211 -18.56 41.80 -64.96
N ASP X 212 -18.88 42.47 -63.86
CA ASP X 212 -18.54 43.86 -63.68
C ASP X 212 -17.75 44.02 -62.38
N ASP X 213 -16.58 44.64 -62.49
CA ASP X 213 -15.64 44.66 -61.39
C ASP X 213 -16.22 45.38 -60.18
N GLY X 214 -16.41 44.65 -59.09
CA GLY X 214 -16.77 45.27 -57.84
C GLY X 214 -15.71 44.98 -56.80
N LEU X 215 -16.10 44.28 -55.73
CA LEU X 215 -15.16 43.79 -54.74
C LEU X 215 -14.76 42.37 -55.13
N ARG X 216 -13.46 42.14 -55.27
CA ARG X 216 -12.95 40.85 -55.69
C ARG X 216 -12.03 40.27 -54.64
N PHE X 217 -12.02 38.94 -54.56
CA PHE X 217 -11.13 38.25 -53.63
C PHE X 217 -9.70 38.27 -54.18
N ALA X 218 -8.79 37.72 -53.39
CA ALA X 218 -7.39 37.64 -53.79
C ALA X 218 -6.83 36.31 -53.32
N TYR X 219 -6.26 35.55 -54.26
CA TYR X 219 -5.74 34.23 -53.97
C TYR X 219 -4.30 34.11 -54.45
N LEU X 220 -3.45 33.60 -53.57
CA LEU X 220 -2.10 33.21 -53.93
C LEU X 220 -2.11 31.71 -54.25
N VAL X 221 -1.72 31.35 -55.46
CA VAL X 221 -1.82 29.98 -55.93
C VAL X 221 -0.44 29.47 -56.32
N PHE X 222 -0.22 28.18 -56.09
CA PHE X 222 0.96 27.47 -56.54
C PHE X 222 0.59 26.51 -57.66
N VAL X 223 1.54 26.28 -58.56
CA VAL X 223 1.34 25.35 -59.68
C VAL X 223 2.49 24.36 -59.67
N TYR X 224 2.19 23.11 -59.38
CA TYR X 224 3.19 22.06 -59.43
C TYR X 224 3.20 21.41 -60.81
N THR X 225 4.32 20.76 -61.13
CA THR X 225 4.38 19.88 -62.31
C THR X 225 5.39 18.80 -61.97
N GLN X 226 5.06 17.55 -62.31
CA GLN X 226 5.81 16.40 -61.83
C GLN X 226 6.25 15.54 -63.02
N ARG X 227 7.54 15.62 -63.34
CA ARG X 227 8.20 14.73 -64.28
C ARG X 227 9.61 14.55 -63.77
N HIS X 228 9.99 13.31 -63.49
CA HIS X 228 11.17 13.05 -62.67
C HIS X 228 12.43 13.64 -63.30
N ARG X 229 13.17 14.41 -62.51
CA ARG X 229 14.36 15.16 -62.91
C ARG X 229 14.08 16.24 -63.94
N ARG X 230 12.84 16.39 -64.36
CA ARG X 230 12.45 17.50 -65.25
C ARG X 230 11.13 18.07 -64.76
N GLU X 231 11.21 18.97 -63.78
CA GLU X 231 10.02 19.49 -63.12
C GLU X 231 10.31 20.91 -62.64
N ALA X 232 9.25 21.64 -62.33
CA ALA X 232 9.38 23.03 -61.91
C ALA X 232 8.14 23.45 -61.14
N LEU X 233 8.14 24.69 -60.69
CA LEU X 233 7.04 25.27 -59.92
C LEU X 233 6.71 26.64 -60.49
N ARG X 234 5.42 26.92 -60.65
CA ARG X 234 4.94 28.21 -61.15
C ARG X 234 4.12 28.88 -60.06
N VAL X 235 4.34 30.17 -59.87
CA VAL X 235 3.63 30.95 -58.87
C VAL X 235 2.72 31.94 -59.58
N HIS X 236 1.64 32.32 -58.91
CA HIS X 236 0.72 33.32 -59.42
C HIS X 236 0.03 34.00 -58.25
N VAL X 237 -0.55 35.16 -58.53
CA VAL X 237 -1.42 35.82 -57.57
C VAL X 237 -2.72 36.13 -58.30
N ALA X 238 -3.80 35.50 -57.88
CA ALA X 238 -5.05 35.51 -58.62
C ALA X 238 -6.10 36.31 -57.86
N VAL X 239 -6.82 37.16 -58.58
CA VAL X 239 -7.94 37.90 -58.03
C VAL X 239 -9.17 37.59 -58.87
N SER X 240 -10.33 37.57 -58.23
CA SER X 240 -11.59 37.29 -58.91
C SER X 240 -12.70 37.46 -57.88
N ARG X 241 -13.93 37.35 -58.35
CA ARG X 241 -15.10 37.29 -57.49
C ARG X 241 -15.44 35.87 -57.07
N LEU X 242 -14.76 34.87 -57.62
CA LEU X 242 -15.08 33.48 -57.37
C LEU X 242 -14.72 33.09 -55.95
N PRO X 243 -15.69 32.78 -55.09
CA PRO X 243 -15.34 32.34 -53.73
C PRO X 243 -14.74 30.95 -53.69
N GLU X 244 -15.02 30.12 -54.67
CA GLU X 244 -14.55 28.73 -54.67
C GLU X 244 -13.82 28.49 -55.98
N LEU X 245 -12.49 28.36 -55.90
CA LEU X 245 -11.70 28.21 -57.11
C LEU X 245 -12.02 26.91 -57.84
N GLY X 246 -11.61 25.79 -57.26
CA GLY X 246 -12.03 24.48 -57.74
C GLY X 246 -12.01 24.29 -59.24
N ASP X 247 -13.21 24.15 -59.80
CA ASP X 247 -13.35 23.92 -61.24
C ASP X 247 -12.65 25.01 -62.05
N ALA X 248 -12.57 26.22 -61.51
CA ALA X 248 -11.95 27.31 -62.24
C ALA X 248 -10.49 27.02 -62.52
N LEU X 249 -9.73 26.60 -61.51
CA LEU X 249 -8.36 26.20 -61.75
C LEU X 249 -8.28 24.89 -62.50
N SER X 250 -9.18 23.95 -62.19
CA SER X 250 -9.15 22.68 -62.89
C SER X 250 -9.23 22.86 -64.40
N PHE X 251 -9.94 23.88 -64.86
CA PHE X 251 -9.96 24.22 -66.27
C PHE X 251 -8.81 25.12 -66.67
N LEU X 252 -8.45 26.08 -65.81
CA LEU X 252 -7.34 26.98 -66.11
C LEU X 252 -6.04 26.24 -66.36
N LEU X 253 -5.75 25.24 -65.53
CA LEU X 253 -4.49 24.51 -65.60
C LEU X 253 -4.66 23.15 -66.26
N ALA X 254 -5.50 23.08 -67.29
CA ALA X 254 -5.87 21.78 -67.88
C ALA X 254 -4.66 21.03 -68.38
N GLY X 255 -3.76 21.70 -69.10
CA GLY X 255 -2.59 21.03 -69.63
C GLY X 255 -1.72 20.45 -68.53
N THR X 256 -1.57 21.18 -67.42
CA THR X 256 -0.77 20.71 -66.32
C THR X 256 -1.35 19.44 -65.70
N ARG X 257 -2.64 19.44 -65.41
CA ARG X 257 -3.27 18.24 -64.86
C ARG X 257 -3.17 17.08 -65.85
N VAL X 258 -3.39 17.35 -67.13
CA VAL X 258 -3.30 16.29 -68.14
C VAL X 258 -1.92 15.65 -68.12
N ASP X 259 -0.88 16.44 -68.35
CA ASP X 259 0.44 15.84 -68.49
C ASP X 259 1.03 15.44 -67.15
N ASN X 260 0.35 15.78 -66.05
CA ASN X 260 0.81 15.37 -64.72
C ASN X 260 0.20 14.06 -64.27
N ALA X 261 -1.02 13.74 -64.73
CA ALA X 261 -1.63 12.48 -64.30
C ALA X 261 -0.97 11.27 -64.95
N ILE X 262 -0.36 11.45 -66.12
CA ILE X 262 0.15 10.32 -66.89
C ILE X 262 1.63 10.06 -66.65
N HIS X 263 2.43 11.14 -66.56
CA HIS X 263 3.85 11.01 -66.26
C HIS X 263 4.14 11.00 -64.77
N GLY X 264 3.11 10.95 -63.93
CA GLY X 264 3.34 11.06 -62.50
C GLY X 264 3.62 9.75 -61.80
N THR X 265 3.06 8.65 -62.32
CA THR X 265 3.23 7.33 -61.72
C THR X 265 4.56 6.70 -62.12
N ASP X 266 5.35 7.40 -62.94
CA ASP X 266 6.59 6.87 -63.46
C ASP X 266 7.54 6.45 -62.33
N GLU X 267 8.41 5.51 -62.67
CA GLU X 267 9.42 4.92 -61.79
C GLU X 267 8.81 3.97 -60.76
N ALA X 268 7.50 3.74 -60.81
CA ALA X 268 6.83 2.80 -59.94
C ALA X 268 6.60 1.50 -60.71
N ASP X 269 7.19 0.41 -60.24
CA ASP X 269 7.01 -0.89 -60.86
C ASP X 269 5.55 -1.31 -60.74
N ALA X 270 4.82 -1.25 -61.85
CA ALA X 270 3.52 -1.87 -61.89
C ALA X 270 3.66 -3.32 -62.30
N PRO X 271 2.84 -4.22 -61.77
CA PRO X 271 2.93 -5.63 -62.17
C PRO X 271 2.47 -5.83 -63.60
N ALA X 272 2.38 -7.09 -64.02
CA ALA X 272 1.95 -7.42 -65.37
C ALA X 272 0.44 -7.20 -65.47
N ALA X 273 -0.16 -7.67 -66.57
CA ALA X 273 -1.58 -7.49 -66.82
C ALA X 273 -2.38 -7.93 -65.59
N PRO X 274 -3.36 -7.14 -65.15
CA PRO X 274 -4.09 -7.48 -63.92
C PRO X 274 -4.88 -8.77 -64.08
N ALA X 275 -4.85 -9.59 -63.03
CA ALA X 275 -5.55 -10.88 -63.06
C ALA X 275 -7.05 -10.67 -63.16
N ALA X 276 -7.73 -11.64 -63.79
CA ALA X 276 -9.17 -11.57 -63.93
C ALA X 276 -9.85 -11.64 -62.56
N ALA X 277 -9.18 -12.21 -61.57
CA ALA X 277 -9.72 -12.24 -60.22
C ALA X 277 -9.86 -10.85 -59.62
N ALA X 278 -9.17 -9.86 -60.19
CA ALA X 278 -9.30 -8.49 -59.69
C ALA X 278 -10.67 -7.90 -59.98
N ALA X 279 -11.40 -8.42 -60.97
CA ALA X 279 -12.72 -7.92 -61.27
C ALA X 279 -13.64 -8.21 -60.09
N PHE X 280 -13.99 -7.18 -59.34
CA PHE X 280 -14.83 -7.35 -58.17
C PHE X 280 -16.20 -7.86 -58.57
N PRO X 281 -16.60 -9.05 -58.15
CA PRO X 281 -17.87 -9.62 -58.61
C PRO X 281 -19.07 -8.87 -58.05
N ALA X 282 -19.94 -8.40 -58.95
CA ALA X 282 -21.16 -7.73 -58.55
C ALA X 282 -22.40 -8.59 -58.74
N TYR X 283 -22.33 -9.65 -59.54
CA TYR X 283 -23.51 -10.44 -59.88
C TYR X 283 -24.04 -11.22 -58.69
N LEU X 284 -23.29 -11.22 -57.60
CA LEU X 284 -23.49 -12.13 -56.48
C LEU X 284 -24.17 -11.49 -55.29
N PHE X 285 -24.56 -10.23 -55.38
CA PHE X 285 -25.15 -9.53 -54.24
C PHE X 285 -26.58 -10.01 -53.98
N ASN X 286 -27.45 -9.87 -54.97
CA ASN X 286 -28.84 -10.26 -54.84
C ASN X 286 -29.15 -11.61 -55.48
N ASP X 287 -28.17 -12.51 -55.49
CA ASP X 287 -28.37 -13.91 -55.83
C ASP X 287 -29.09 -14.62 -54.68
N PRO X 288 -30.32 -15.10 -54.86
CA PRO X 288 -30.95 -15.85 -53.76
C PRO X 288 -30.23 -17.13 -53.43
N ARG X 289 -29.85 -17.89 -54.45
CA ARG X 289 -29.05 -19.11 -54.29
C ARG X 289 -27.58 -18.79 -54.55
N SER X 290 -26.77 -18.79 -53.50
CA SER X 290 -25.33 -18.59 -53.63
C SER X 290 -24.66 -19.12 -52.37
N ALA X 291 -23.36 -19.40 -52.49
CA ALA X 291 -22.60 -19.85 -51.33
C ALA X 291 -22.55 -18.74 -50.29
N ARG X 292 -22.75 -19.12 -49.03
CA ARG X 292 -22.88 -18.13 -47.97
C ARG X 292 -22.12 -18.62 -46.75
N CYS X 293 -21.79 -17.69 -45.87
CA CYS X 293 -21.02 -18.05 -44.69
C CYS X 293 -21.34 -17.10 -43.54
N PRO X 294 -21.98 -17.57 -42.48
CA PRO X 294 -22.22 -16.68 -41.33
C PRO X 294 -20.94 -16.37 -40.60
N THR X 295 -20.95 -15.25 -39.87
CA THR X 295 -19.80 -14.86 -39.07
C THR X 295 -19.54 -15.88 -37.97
N GLY X 296 -18.33 -15.84 -37.42
CA GLY X 296 -17.97 -16.75 -36.36
C GLY X 296 -17.44 -18.08 -36.82
N ARG X 297 -17.44 -18.33 -38.12
CA ARG X 297 -16.78 -19.50 -38.69
C ARG X 297 -15.88 -19.06 -39.83
N LEU X 298 -15.05 -18.04 -39.57
CA LEU X 298 -14.06 -17.59 -40.54
C LEU X 298 -12.65 -17.68 -39.95
N ASN X 299 -12.07 -18.88 -39.93
CA ASN X 299 -10.62 -19.01 -39.91
C ASN X 299 -10.10 -19.82 -41.09
N THR X 300 -10.40 -21.13 -41.12
CA THR X 300 -10.10 -22.12 -42.15
C THR X 300 -11.09 -23.27 -41.98
N PRO X 301 -12.39 -23.01 -42.06
CA PRO X 301 -13.35 -24.11 -42.01
C PRO X 301 -13.59 -24.70 -43.38
N ALA X 302 -14.61 -25.55 -43.50
CA ALA X 302 -15.09 -25.94 -44.82
C ALA X 302 -15.85 -24.77 -45.45
N ALA X 303 -15.16 -23.65 -45.63
CA ALA X 303 -15.72 -22.46 -46.26
C ALA X 303 -14.91 -22.03 -47.47
N GLU X 304 -14.13 -22.93 -48.05
CA GLU X 304 -13.23 -22.59 -49.13
C GLU X 304 -13.96 -22.30 -50.43
N ALA X 305 -15.26 -22.58 -50.47
CA ALA X 305 -16.10 -22.41 -51.64
C ALA X 305 -16.43 -20.95 -51.95
N LEU X 306 -15.90 -20.02 -51.16
CA LEU X 306 -16.18 -18.63 -51.48
C LEU X 306 -15.27 -18.16 -52.60
N PRO X 307 -15.78 -17.32 -53.50
CA PRO X 307 -14.95 -16.83 -54.59
C PRO X 307 -13.81 -15.96 -54.06
N VAL X 308 -12.68 -16.00 -54.77
CA VAL X 308 -11.54 -15.18 -54.38
C VAL X 308 -11.58 -13.89 -55.17
N TRP X 309 -11.21 -12.78 -54.53
CA TRP X 309 -11.09 -11.49 -55.18
C TRP X 309 -9.92 -10.76 -54.56
N ALA X 310 -8.94 -10.42 -55.39
CA ALA X 310 -7.72 -9.77 -54.93
C ALA X 310 -7.64 -8.37 -55.50
N PRO X 311 -8.23 -7.38 -54.83
CA PRO X 311 -8.02 -5.99 -55.26
C PRO X 311 -6.55 -5.63 -55.18
N ASP X 312 -5.96 -5.37 -56.33
CA ASP X 312 -4.51 -5.28 -56.47
C ASP X 312 -4.16 -3.93 -57.06
N MET X 313 -3.70 -3.02 -56.22
CA MET X 313 -3.43 -1.64 -56.64
C MET X 313 -1.99 -1.29 -56.27
N ARG X 314 -1.11 -1.37 -57.26
CA ARG X 314 0.33 -1.22 -57.04
C ARG X 314 0.92 -0.48 -58.24
N GLY X 315 1.04 0.83 -58.13
CA GLY X 315 1.64 1.66 -59.16
C GLY X 315 0.68 2.56 -59.89
N ARG X 316 -0.62 2.52 -59.57
CA ARG X 316 -1.58 3.37 -60.22
C ARG X 316 -1.48 4.79 -59.66
N ALA X 317 -2.24 5.71 -60.25
CA ALA X 317 -2.16 7.12 -59.90
C ALA X 317 -2.86 7.36 -58.57
N THR X 318 -2.08 7.69 -57.54
CA THR X 318 -2.65 8.09 -56.26
C THR X 318 -2.99 9.58 -56.31
N ARG X 319 -3.58 10.08 -55.22
CA ARG X 319 -3.96 11.49 -55.23
C ARG X 319 -2.74 12.40 -55.26
N ASN X 320 -1.74 12.14 -54.43
CA ASN X 320 -0.52 12.93 -54.43
C ASN X 320 0.19 12.88 -55.78
N SER X 321 -0.13 11.88 -56.60
CA SER X 321 0.41 11.78 -57.95
C SER X 321 -0.26 12.76 -58.91
N CYS X 322 -1.51 13.11 -58.63
CA CYS X 322 -2.27 13.98 -59.51
C CYS X 322 -2.39 15.39 -58.96
N MET X 323 -1.71 15.68 -57.85
CA MET X 323 -1.62 17.04 -57.34
C MET X 323 -0.94 17.93 -58.37
N TYR X 324 -1.60 19.04 -58.69
CA TYR X 324 -1.05 19.99 -59.66
C TYR X 324 -1.07 21.43 -59.19
N ALA X 325 -1.94 21.81 -58.26
CA ALA X 325 -2.02 23.18 -57.81
C ALA X 325 -2.48 23.21 -56.36
N ALA X 326 -2.22 24.34 -55.70
CA ALA X 326 -2.69 24.58 -54.35
C ALA X 326 -2.87 26.09 -54.17
N TYR X 327 -3.93 26.50 -53.47
CA TYR X 327 -4.20 27.91 -53.31
C TYR X 327 -4.64 28.20 -51.88
N VAL X 328 -4.64 29.48 -51.55
CA VAL X 328 -5.01 29.96 -50.23
C VAL X 328 -5.53 31.38 -50.36
N ARG X 329 -6.62 31.67 -49.66
CA ARG X 329 -7.25 32.99 -49.77
C ARG X 329 -6.43 34.03 -49.03
N LEU X 330 -6.33 35.22 -49.60
CA LEU X 330 -5.54 36.29 -49.02
C LEU X 330 -6.36 37.43 -48.45
N GLY X 331 -7.43 37.84 -49.11
CA GLY X 331 -8.22 38.96 -48.65
C GLY X 331 -9.10 39.48 -49.78
N THR X 332 -9.53 40.73 -49.62
CA THR X 332 -10.44 41.36 -50.56
C THR X 332 -9.80 42.60 -51.16
N VAL X 333 -10.18 42.92 -52.39
CA VAL X 333 -9.53 43.98 -53.16
C VAL X 333 -10.58 44.75 -53.94
N GLU X 334 -10.38 46.06 -54.01
CA GLU X 334 -11.09 46.95 -54.92
C GLU X 334 -10.53 46.95 -56.34
N ARG X 335 -9.27 47.33 -56.51
CA ARG X 335 -8.76 47.73 -57.80
C ARG X 335 -7.32 47.27 -57.96
N VAL X 336 -6.91 47.11 -59.22
CA VAL X 336 -5.52 46.81 -59.55
C VAL X 336 -5.10 47.72 -60.70
N VAL X 337 -4.04 48.49 -60.49
CA VAL X 337 -3.49 49.37 -61.51
C VAL X 337 -2.01 49.01 -61.70
N ARG X 338 -1.53 49.19 -62.92
CA ARG X 338 -0.18 48.77 -63.29
C ARG X 338 0.63 49.99 -63.71
N ARG X 339 1.84 50.08 -63.17
CA ARG X 339 2.55 51.35 -63.08
C ARG X 339 3.87 51.11 -62.36
N ALA X 340 4.89 51.87 -62.77
CA ALA X 340 6.25 51.65 -62.27
C ALA X 340 6.69 52.72 -61.29
N LEU X 348 11.05 48.66 -63.82
CA LEU X 348 10.46 47.47 -63.22
C LEU X 348 8.94 47.59 -63.13
N PRO X 349 8.22 46.63 -63.72
CA PRO X 349 6.76 46.67 -63.68
C PRO X 349 6.23 46.17 -62.34
N LEU X 350 5.15 46.81 -61.87
CA LEU X 350 4.55 46.43 -60.59
C LEU X 350 3.03 46.46 -60.73
N ALA X 351 2.33 46.24 -59.60
CA ALA X 351 0.87 46.19 -59.58
C ALA X 351 0.41 46.64 -58.19
N HIS X 352 -0.02 47.90 -58.09
CA HIS X 352 -0.47 48.44 -56.82
C HIS X 352 -1.89 47.98 -56.53
N MET X 353 -2.10 47.43 -55.33
CA MET X 353 -3.43 47.04 -54.89
C MET X 353 -4.23 48.28 -54.53
N GLU X 354 -5.46 48.07 -54.04
CA GLU X 354 -6.33 49.18 -53.71
C GLU X 354 -7.23 48.73 -52.57
N ARG X 355 -6.99 49.28 -51.38
CA ARG X 355 -7.83 48.99 -50.21
C ARG X 355 -7.79 47.49 -49.87
N PHE X 356 -6.59 46.93 -49.78
CA PHE X 356 -6.45 45.52 -49.46
C PHE X 356 -6.84 45.31 -48.00
N THR X 357 -7.70 44.33 -47.76
CA THR X 357 -8.09 43.96 -46.40
C THR X 357 -7.53 42.57 -46.12
N TRP X 358 -6.58 42.50 -45.19
CA TRP X 358 -5.91 41.24 -44.91
C TRP X 358 -6.84 40.30 -44.16
N ASP X 359 -7.09 39.14 -44.77
CA ASP X 359 -7.88 38.05 -44.19
C ASP X 359 -7.28 36.75 -44.73
N VAL X 360 -6.39 36.16 -43.96
CA VAL X 360 -5.69 34.97 -44.43
C VAL X 360 -6.53 33.74 -44.10
N GLY X 361 -6.57 32.80 -45.04
CA GLY X 361 -7.31 31.57 -44.86
C GLY X 361 -6.40 30.36 -44.81
N ALA X 362 -7.00 29.18 -44.84
CA ALA X 362 -6.25 27.94 -44.79
C ALA X 362 -5.88 27.48 -46.19
N TRP X 363 -4.94 26.54 -46.26
CA TRP X 363 -4.50 26.04 -47.55
C TRP X 363 -5.56 25.15 -48.16
N GLU X 364 -5.35 24.81 -49.42
CA GLU X 364 -6.33 24.04 -50.19
C GLU X 364 -5.59 23.19 -51.21
N GLU X 365 -6.07 21.98 -51.40
CA GLU X 365 -5.53 21.09 -52.41
C GLU X 365 -6.34 21.23 -53.70
N CYS X 366 -5.69 20.98 -54.82
CA CYS X 366 -6.33 20.98 -56.13
C CYS X 366 -5.73 19.82 -56.92
N PHE X 367 -6.39 18.67 -56.88
CA PHE X 367 -5.89 17.47 -57.52
C PHE X 367 -6.86 16.87 -58.52
N PHE X 368 -8.16 16.92 -58.25
CA PHE X 368 -9.14 16.33 -59.14
C PHE X 368 -9.30 17.16 -60.41
N ARG Y 3 -43.11 0.06 73.96
CA ARG Y 3 -42.69 1.43 74.19
C ARG Y 3 -43.35 2.38 73.21
N PRO Y 4 -44.58 2.77 73.50
CA PRO Y 4 -45.28 3.71 72.63
C PRO Y 4 -44.80 5.14 72.85
N ALA Y 5 -44.85 5.92 71.77
CA ALA Y 5 -44.38 7.29 71.85
C ALA Y 5 -45.21 8.08 72.84
N ILE Y 6 -44.57 9.02 73.52
CA ILE Y 6 -45.25 9.80 74.55
C ILE Y 6 -46.29 10.71 73.92
N LEU Y 7 -45.85 11.58 73.02
CA LEU Y 7 -46.71 12.62 72.49
C LEU Y 7 -46.76 12.51 70.97
N PRO Y 8 -47.96 12.44 70.39
CA PRO Y 8 -48.05 12.39 68.93
C PRO Y 8 -47.74 13.74 68.31
N SER Y 9 -46.95 13.72 67.24
CA SER Y 9 -46.53 14.97 66.62
C SER Y 9 -47.63 15.56 65.75
N GLY Y 10 -48.20 14.76 64.85
CA GLY Y 10 -49.21 15.23 63.93
C GLY Y 10 -50.36 14.27 63.84
N GLN Y 11 -51.50 14.78 63.38
CA GLN Y 11 -52.71 13.98 63.29
C GLN Y 11 -52.76 13.23 61.97
N ILE Y 12 -53.69 12.30 61.88
CA ILE Y 12 -53.94 11.53 60.66
C ILE Y 12 -55.32 11.91 60.15
N LEU Y 13 -55.45 12.02 58.82
CA LEU Y 13 -56.73 12.35 58.20
C LEU Y 13 -57.48 11.12 57.73
N SER Y 14 -56.80 10.01 57.48
CA SER Y 14 -57.46 8.85 56.92
C SER Y 14 -58.35 8.19 57.97
N ASN Y 15 -59.20 7.28 57.49
CA ASN Y 15 -59.98 6.41 58.35
C ASN Y 15 -60.13 5.10 57.60
N ILE Y 16 -59.22 4.17 57.86
CA ILE Y 16 -59.04 2.99 57.02
C ILE Y 16 -58.64 1.83 57.89
N GLU Y 17 -59.07 0.64 57.50
CA GLU Y 17 -58.63 -0.58 58.17
C GLU Y 17 -57.20 -0.88 57.77
N VAL Y 18 -56.43 -1.44 58.70
CA VAL Y 18 -55.00 -1.61 58.50
C VAL Y 18 -54.59 -3.07 58.40
N HIS Y 19 -55.32 -4.00 59.01
CA HIS Y 19 -54.87 -5.38 59.00
C HIS Y 19 -54.67 -5.89 57.58
N SER Y 20 -55.50 -5.46 56.65
CA SER Y 20 -55.34 -5.87 55.27
C SER Y 20 -54.22 -5.14 54.56
N HIS Y 21 -53.61 -4.14 55.20
CA HIS Y 21 -52.41 -3.50 54.68
C HIS Y 21 -51.20 -3.89 55.51
N ARG Y 22 -51.24 -5.09 56.08
CA ARG Y 22 -50.15 -5.57 56.92
C ARG Y 22 -48.82 -5.65 56.17
N ALA Y 23 -48.82 -5.44 54.86
CA ALA Y 23 -47.61 -5.52 54.08
C ALA Y 23 -46.89 -4.18 53.97
N LEU Y 24 -47.65 -3.09 53.83
CA LEU Y 24 -47.08 -1.77 53.62
C LEU Y 24 -46.13 -1.35 54.74
N PHE Y 25 -46.18 -2.02 55.88
CA PHE Y 25 -45.34 -1.67 57.02
C PHE Y 25 -44.23 -2.70 57.19
N ASP Y 26 -43.28 -2.36 58.06
CA ASP Y 26 -42.19 -3.27 58.38
C ASP Y 26 -42.60 -4.27 59.45
N ILE Y 27 -42.88 -3.77 60.66
CA ILE Y 27 -43.32 -4.58 61.78
C ILE Y 27 -44.45 -3.85 62.49
N PHE Y 28 -45.34 -4.62 63.11
CA PHE Y 28 -46.46 -4.05 63.83
C PHE Y 28 -47.19 -5.16 64.55
N LYS Y 29 -47.76 -4.83 65.70
CA LYS Y 29 -48.54 -5.79 66.48
C LYS Y 29 -49.82 -5.09 66.92
N ARG Y 30 -50.95 -5.76 66.72
CA ARG Y 30 -52.24 -5.21 67.10
C ARG Y 30 -52.79 -6.01 68.27
N PHE Y 31 -52.70 -5.46 69.46
CA PHE Y 31 -53.33 -6.06 70.61
C PHE Y 31 -54.82 -5.70 70.63
N ARG Y 32 -55.59 -6.51 71.34
CA ARG Y 32 -57.04 -6.38 71.30
C ARG Y 32 -57.56 -5.31 72.27
N SER Y 33 -57.26 -5.46 73.55
CA SER Y 33 -57.87 -4.62 74.58
C SER Y 33 -56.84 -4.16 75.60
N ASP Y 34 -55.74 -3.56 75.12
CA ASP Y 34 -54.74 -2.94 75.99
C ASP Y 34 -54.03 -3.99 76.86
N ASP Y 35 -53.24 -4.80 76.17
CA ASP Y 35 -52.34 -5.77 76.79
C ASP Y 35 -51.55 -5.14 77.93
N ASN Y 36 -51.17 -5.98 78.89
CA ASN Y 36 -50.49 -5.52 80.10
C ASN Y 36 -48.97 -5.65 79.99
N ASN Y 37 -48.41 -5.00 78.98
CA ASN Y 37 -46.95 -4.94 78.89
C ASN Y 37 -46.44 -3.56 78.47
N LEU Y 38 -47.30 -2.60 78.20
CA LEU Y 38 -46.87 -1.24 77.96
C LEU Y 38 -46.90 -0.39 79.21
N TYR Y 39 -46.86 -1.04 80.38
CA TYR Y 39 -46.70 -0.35 81.66
C TYR Y 39 -45.39 -0.75 82.33
N GLY Y 40 -44.39 -1.11 81.53
CA GLY Y 40 -43.12 -1.53 82.06
C GLY Y 40 -41.97 -0.67 81.62
N ALA Y 41 -41.24 -0.10 82.57
CA ALA Y 41 -40.07 0.70 82.31
C ALA Y 41 -38.83 -0.09 82.71
N GLU Y 42 -37.74 0.11 81.95
CA GLU Y 42 -36.47 -0.53 82.27
C GLU Y 42 -35.38 0.24 81.56
N PHE Y 43 -34.24 0.39 82.22
CA PHE Y 43 -33.17 1.21 81.70
C PHE Y 43 -31.88 0.86 82.39
N ASP Y 44 -30.78 0.89 81.65
CA ASP Y 44 -29.45 0.81 82.26
C ASP Y 44 -28.96 2.21 82.58
N ALA Y 45 -27.95 2.28 83.44
CA ALA Y 45 -27.54 3.57 83.96
C ALA Y 45 -26.13 3.48 84.51
N LEU Y 46 -25.23 4.33 84.00
CA LEU Y 46 -23.91 4.44 84.57
C LEU Y 46 -23.93 5.44 85.72
N LEU Y 47 -23.15 5.15 86.75
CA LEU Y 47 -23.33 5.82 88.03
C LEU Y 47 -22.10 6.60 88.44
N GLY Y 48 -21.52 7.36 87.52
CA GLY Y 48 -20.41 8.21 87.89
C GLY Y 48 -19.15 7.93 87.11
N THR Y 49 -18.45 8.97 86.70
CA THR Y 49 -17.21 8.86 85.96
C THR Y 49 -16.11 9.54 86.76
N TYR Y 50 -14.92 8.97 86.72
CA TYR Y 50 -13.80 9.46 87.53
C TYR Y 50 -12.60 9.70 86.63
N CYS Y 51 -12.20 10.95 86.49
CA CYS Y 51 -10.99 11.29 85.76
C CYS Y 51 -9.81 11.34 86.71
N SER Y 52 -8.62 11.45 86.15
CA SER Y 52 -7.39 11.52 86.93
C SER Y 52 -6.71 12.86 86.69
N THR Y 53 -6.02 13.35 87.71
CA THR Y 53 -5.30 14.60 87.62
C THR Y 53 -3.81 14.34 87.78
N LEU Y 54 -3.02 14.94 86.91
CA LEU Y 54 -1.57 14.71 86.92
C LEU Y 54 -0.93 15.64 87.93
N SER Y 55 -0.04 15.09 88.75
CA SER Y 55 0.62 15.84 89.82
C SER Y 55 1.97 16.31 89.32
N LEU Y 56 2.09 17.61 89.08
CA LEU Y 56 3.32 18.17 88.57
C LEU Y 56 4.39 18.21 89.66
N VAL Y 57 5.64 18.26 89.23
CA VAL Y 57 6.78 18.29 90.14
C VAL Y 57 7.78 19.30 89.61
N ARG Y 58 8.33 20.13 90.49
CA ARG Y 58 9.28 21.16 90.12
C ARG Y 58 10.64 20.82 90.74
N PHE Y 59 11.69 20.88 89.92
CA PHE Y 59 12.98 20.34 90.34
C PHE Y 59 13.54 21.10 91.53
N LEU Y 60 13.63 22.43 91.43
CA LEU Y 60 14.24 23.22 92.49
C LEU Y 60 13.54 23.06 93.83
N GLU Y 61 12.34 22.49 93.87
CA GLU Y 61 11.68 22.24 95.13
C GLU Y 61 12.13 20.96 95.80
N LEU Y 62 12.81 20.07 95.07
CA LEU Y 62 13.36 18.88 95.68
C LEU Y 62 14.55 19.27 96.56
N GLY Y 63 15.15 18.27 97.17
CA GLY Y 63 16.34 18.50 97.97
C GLY Y 63 17.59 18.22 97.18
N LEU Y 64 17.44 17.53 96.05
CA LEU Y 64 18.59 17.16 95.24
C LEU Y 64 19.29 18.39 94.64
N SER Y 65 18.62 19.53 94.60
CA SER Y 65 19.20 20.68 93.91
C SER Y 65 20.45 21.19 94.59
N VAL Y 66 20.73 20.74 95.81
CA VAL Y 66 21.87 21.24 96.56
C VAL Y 66 23.13 20.56 96.03
N ALA Y 67 22.98 19.71 95.02
CA ALA Y 67 24.11 18.99 94.47
C ALA Y 67 24.71 19.65 93.24
N CYS Y 68 23.99 20.52 92.55
CA CYS Y 68 24.44 21.04 91.27
C CYS Y 68 24.09 22.52 91.16
N VAL Y 69 24.93 23.25 90.42
CA VAL Y 69 24.69 24.67 90.16
C VAL Y 69 24.14 24.78 88.74
N CYS Y 70 22.83 24.71 88.63
CA CYS Y 70 22.22 24.82 87.32
C CYS Y 70 22.39 26.24 86.78
N THR Y 71 22.32 26.37 85.46
CA THR Y 71 22.40 27.70 84.85
C THR Y 71 21.93 27.61 83.40
N LYS Y 72 21.22 28.65 82.96
CA LYS Y 72 20.82 28.73 81.57
C LYS Y 72 22.02 29.03 80.69
N PHE Y 73 21.93 28.60 79.44
CA PHE Y 73 23.02 28.78 78.48
C PHE Y 73 22.46 28.62 77.09
N PRO Y 74 21.74 29.61 76.57
CA PRO Y 74 20.90 29.36 75.39
C PRO Y 74 21.65 29.14 74.09
N GLU Y 75 22.97 29.04 74.14
CA GLU Y 75 23.76 28.77 72.94
C GLU Y 75 24.60 27.52 73.09
N LEU Y 76 24.13 26.57 73.90
CA LEU Y 76 24.88 25.34 74.11
C LEU Y 76 24.98 24.50 72.84
N SER Y 77 24.09 24.72 71.88
CA SER Y 77 24.14 23.94 70.65
C SER Y 77 25.26 24.41 69.74
N TYR Y 78 25.70 25.64 69.89
CA TYR Y 78 26.81 26.16 69.09
C TYR Y 78 28.17 25.87 69.71
N VAL Y 79 28.21 25.21 70.87
CA VAL Y 79 29.43 25.13 71.67
C VAL Y 79 30.12 23.81 71.40
N ALA Y 80 31.36 23.87 70.93
CA ALA Y 80 32.23 22.71 70.82
C ALA Y 80 32.82 22.40 72.18
N GLU Y 81 33.88 21.59 72.21
CA GLU Y 81 34.53 21.25 73.48
C GLU Y 81 34.76 22.47 74.34
N GLY Y 82 34.22 22.44 75.56
CA GLY Y 82 34.49 23.49 76.52
C GLY Y 82 35.11 22.91 77.77
N THR Y 83 35.86 23.75 78.48
CA THR Y 83 36.68 23.28 79.60
C THR Y 83 36.60 24.27 80.76
N ILE Y 84 37.23 23.89 81.87
CA ILE Y 84 37.44 24.77 83.03
C ILE Y 84 38.80 24.47 83.65
N GLN Y 85 39.45 25.50 84.20
CA GLN Y 85 40.81 25.40 84.70
C GLN Y 85 40.84 25.47 86.21
N PHE Y 86 41.81 24.78 86.82
CA PHE Y 86 42.02 24.84 88.25
C PHE Y 86 43.42 25.36 88.55
N GLU Y 87 43.53 26.22 89.55
CA GLU Y 87 44.80 26.69 90.08
C GLU Y 87 44.96 26.18 91.50
N VAL Y 88 46.15 25.71 91.85
CA VAL Y 88 46.39 25.27 93.22
C VAL Y 88 47.89 25.16 93.44
N GLN Y 89 48.32 25.55 94.64
CA GLN Y 89 49.72 25.50 95.06
C GLN Y 89 49.78 24.90 96.45
N GLN Y 90 50.71 24.00 96.66
CA GLN Y 90 50.76 23.25 97.91
C GLN Y 90 51.64 23.96 98.93
N PRO Y 91 51.43 23.70 100.21
CA PRO Y 91 52.33 24.23 101.24
C PRO Y 91 53.63 23.46 101.26
N MET Y 92 54.49 23.79 102.21
CA MET Y 92 55.76 23.10 102.37
C MET Y 92 56.34 23.42 103.73
N ILE Y 93 57.09 22.47 104.27
CA ILE Y 93 57.77 22.63 105.55
C ILE Y 93 59.25 22.49 105.33
N ALA Y 94 60.04 23.24 106.10
CA ALA Y 94 61.48 23.31 105.90
C ALA Y 94 62.16 22.35 106.87
N ARG Y 95 62.63 21.23 106.34
CA ARG Y 95 63.24 20.20 107.19
C ARG Y 95 64.67 20.59 107.53
N ASP Y 96 65.35 19.73 108.27
CA ASP Y 96 66.72 19.97 108.68
C ASP Y 96 67.47 18.65 108.76
N GLY Y 97 68.79 18.74 108.75
CA GLY Y 97 69.63 17.57 108.90
C GLY Y 97 69.98 16.95 107.58
N PRO Y 98 69.97 15.61 107.52
CA PRO Y 98 70.30 14.94 106.26
C PRO Y 98 69.30 15.17 105.15
N HIS Y 99 68.05 15.44 105.49
CA HIS Y 99 67.04 15.62 104.46
C HIS Y 99 67.29 16.93 103.70
N PRO Y 100 67.07 16.95 102.40
CA PRO Y 100 67.25 18.18 101.63
C PRO Y 100 65.99 19.03 101.60
N ALA Y 101 66.19 20.34 101.59
CA ALA Y 101 65.06 21.25 101.52
C ALA Y 101 64.30 21.06 100.23
N ASP Y 102 63.05 21.52 100.21
CA ASP Y 102 62.19 21.39 99.05
C ASP Y 102 61.64 22.75 98.65
N GLN Y 103 61.51 22.96 97.35
CA GLN Y 103 60.87 24.16 96.84
C GLN Y 103 59.37 23.95 96.75
N PRO Y 104 58.59 25.03 96.75
CA PRO Y 104 57.15 24.89 96.57
C PRO Y 104 56.83 24.24 95.25
N VAL Y 105 55.61 23.71 95.14
CA VAL Y 105 55.13 23.08 93.92
C VAL Y 105 53.86 23.78 93.49
N HIS Y 106 53.75 24.02 92.19
CA HIS Y 106 52.54 24.55 91.60
C HIS Y 106 52.07 23.58 90.53
N ASN Y 107 50.80 23.71 90.14
CA ASN Y 107 50.33 22.91 89.02
C ASN Y 107 49.04 23.48 88.48
N TYR Y 108 48.83 23.30 87.19
CA TYR Y 108 47.62 23.71 86.51
C TYR Y 108 46.93 22.47 85.96
N MET Y 109 45.69 22.64 85.52
CA MET Y 109 44.89 21.49 85.14
C MET Y 109 43.63 21.99 84.47
N ILE Y 110 43.02 21.12 83.65
CA ILE Y 110 41.79 21.44 82.96
C ILE Y 110 40.89 20.22 82.95
N LYS Y 111 39.57 20.47 82.94
CA LYS Y 111 38.57 19.43 82.84
C LYS Y 111 37.64 19.75 81.68
N ARG Y 112 37.28 18.74 80.91
CA ARG Y 112 36.43 18.94 79.74
C ARG Y 112 34.98 18.64 80.10
N LEU Y 113 34.06 19.24 79.35
CA LEU Y 113 32.66 19.02 79.59
C LEU Y 113 32.22 17.67 79.05
N ASP Y 114 31.09 17.19 79.58
CA ASP Y 114 30.39 16.03 79.04
C ASP Y 114 29.02 16.49 78.56
N ARG Y 115 28.59 15.96 77.43
CA ARG Y 115 27.39 16.48 76.78
C ARG Y 115 26.41 15.36 76.48
N ARG Y 116 25.13 15.64 76.72
CA ARG Y 116 24.06 14.67 76.56
C ARG Y 116 22.85 15.40 75.96
N SER Y 117 21.70 14.74 75.99
CA SER Y 117 20.47 15.31 75.45
C SER Y 117 19.30 14.47 75.94
N LEU Y 118 18.10 15.00 75.77
CA LEU Y 118 16.86 14.32 76.13
C LEU Y 118 15.93 14.29 74.92
N ASN Y 119 14.75 13.72 75.09
CA ASN Y 119 13.80 13.59 73.99
C ASN Y 119 12.46 13.11 74.53
N ALA Y 120 11.39 13.44 73.80
CA ALA Y 120 10.05 12.98 74.15
C ALA Y 120 9.09 13.25 73.00
N ALA Y 121 8.30 12.27 72.61
CA ALA Y 121 7.37 12.46 71.51
C ALA Y 121 6.03 12.97 72.02
N PHE Y 122 5.24 13.55 71.11
CA PHE Y 122 4.01 14.23 71.48
C PHE Y 122 2.91 14.03 70.43
N SER Y 123 2.92 12.89 69.73
CA SER Y 123 2.08 12.71 68.55
C SER Y 123 0.64 13.14 68.79
N ILE Y 124 0.04 13.78 67.80
CA ILE Y 124 -1.38 14.14 67.85
C ILE Y 124 -2.05 13.69 66.55
N ALA Y 125 -3.36 13.53 66.63
CA ALA Y 125 -4.10 12.87 65.57
C ALA Y 125 -4.40 13.82 64.42
N VAL Y 126 -4.96 13.26 63.35
CA VAL Y 126 -5.30 14.03 62.17
C VAL Y 126 -6.69 14.63 62.28
N GLU Y 127 -7.63 13.91 62.90
CA GLU Y 127 -8.97 14.45 63.06
C GLU Y 127 -8.95 15.68 63.95
N ALA Y 128 -8.22 15.62 65.07
CA ALA Y 128 -8.11 16.78 65.92
C ALA Y 128 -7.34 17.91 65.23
N LEU Y 129 -6.38 17.55 64.38
CA LEU Y 129 -5.66 18.58 63.63
C LEU Y 129 -6.59 19.33 62.70
N GLY Y 130 -7.46 18.60 62.00
CA GLY Y 130 -8.40 19.26 61.10
C GLY Y 130 -9.56 19.93 61.81
N LEU Y 131 -9.87 19.50 63.02
CA LEU Y 131 -10.93 20.12 63.79
C LEU Y 131 -10.45 21.34 64.55
N ILE Y 132 -9.14 21.45 64.79
CA ILE Y 132 -8.60 22.64 65.46
C ILE Y 132 -8.56 23.81 64.49
N SER Y 133 -7.95 23.61 63.32
CA SER Y 133 -7.77 24.70 62.38
C SER Y 133 -9.10 25.20 61.84
N GLY Y 134 -10.02 24.28 61.57
CA GLY Y 134 -11.24 24.60 60.83
C GLY Y 134 -11.30 23.93 59.48
N GLU Y 135 -10.26 23.20 59.09
CA GLU Y 135 -10.24 22.53 57.81
C GLU Y 135 -11.37 21.53 57.65
N ASN Y 136 -11.72 20.80 58.71
CA ASN Y 136 -12.80 19.82 58.67
C ASN Y 136 -13.96 20.23 59.56
N LEU Y 137 -14.12 21.53 59.81
CA LEU Y 137 -15.21 22.00 60.64
C LEU Y 137 -16.53 21.83 59.91
N ASP Y 138 -17.62 22.23 60.56
CA ASP Y 138 -18.94 22.23 59.97
C ASP Y 138 -19.73 23.39 60.57
N GLY Y 139 -20.78 23.79 59.87
CA GLY Y 139 -21.73 24.67 60.50
C GLY Y 139 -22.86 23.86 61.11
N THR Y 140 -22.70 23.51 62.38
CA THR Y 140 -23.67 22.70 63.11
C THR Y 140 -23.59 23.09 64.57
N HIS Y 141 -24.38 22.41 65.40
CA HIS Y 141 -24.23 22.48 66.84
C HIS Y 141 -23.50 21.28 67.39
N ILE Y 142 -22.94 20.45 66.52
CA ILE Y 142 -22.26 19.22 66.92
C ILE Y 142 -20.78 19.25 66.59
N SER Y 143 -20.32 20.17 65.75
CA SER Y 143 -18.89 20.26 65.46
C SER Y 143 -18.14 20.88 66.64
N SER Y 144 -18.58 22.06 67.09
CA SER Y 144 -17.90 22.72 68.20
C SER Y 144 -17.87 21.84 69.44
N ALA Y 145 -18.92 21.06 69.65
CA ALA Y 145 -18.96 20.15 70.78
C ALA Y 145 -17.80 19.17 70.78
N MET Y 146 -17.20 18.92 69.62
CA MET Y 146 -16.03 18.07 69.55
C MET Y 146 -14.74 18.86 69.36
N ARG Y 147 -14.81 20.07 68.81
CA ARG Y 147 -13.63 20.92 68.79
C ARG Y 147 -13.15 21.20 70.20
N LEU Y 148 -14.09 21.46 71.11
CA LEU Y 148 -13.72 21.62 72.51
C LEU Y 148 -13.01 20.39 73.04
N ARG Y 149 -13.54 19.21 72.72
CA ARG Y 149 -12.91 17.97 73.18
C ARG Y 149 -11.49 17.84 72.67
N ALA Y 150 -11.29 18.09 71.38
CA ALA Y 150 -9.96 17.95 70.79
C ALA Y 150 -8.98 18.92 71.42
N ILE Y 151 -9.39 20.19 71.58
CA ILE Y 151 -8.45 21.17 72.09
C ILE Y 151 -8.11 20.89 73.55
N GLN Y 152 -9.09 20.48 74.35
CA GLN Y 152 -8.78 20.18 75.74
C GLN Y 152 -7.91 18.94 75.87
N GLN Y 153 -8.08 17.98 74.96
CA GLN Y 153 -7.22 16.81 75.01
C GLN Y 153 -5.80 17.17 74.60
N LEU Y 154 -5.64 18.03 73.61
CA LEU Y 154 -4.32 18.50 73.22
C LEU Y 154 -3.63 19.21 74.39
N ALA Y 155 -4.39 20.01 75.13
CA ALA Y 155 -3.80 20.69 76.29
C ALA Y 155 -3.40 19.69 77.36
N ARG Y 156 -4.29 18.74 77.67
CA ARG Y 156 -3.96 17.70 78.65
C ARG Y 156 -2.76 16.88 78.21
N ASN Y 157 -2.47 16.84 76.92
CA ASN Y 157 -1.33 16.08 76.42
C ASN Y 157 -0.03 16.87 76.55
N VAL Y 158 -0.06 18.13 76.13
CA VAL Y 158 1.15 18.94 76.20
C VAL Y 158 1.52 19.22 77.65
N GLN Y 159 0.54 19.26 78.55
CA GLN Y 159 0.87 19.44 79.96
C GLN Y 159 1.66 18.27 80.50
N ALA Y 160 1.44 17.07 79.98
CA ALA Y 160 2.20 15.92 80.42
C ALA Y 160 3.56 15.84 79.74
N VAL Y 161 3.63 16.17 78.45
CA VAL Y 161 4.91 16.08 77.77
C VAL Y 161 5.88 17.14 78.28
N LEU Y 162 5.43 18.41 78.31
CA LEU Y 162 6.32 19.48 78.75
C LEU Y 162 6.75 19.30 80.20
N ASP Y 163 5.94 18.62 81.00
CA ASP Y 163 6.33 18.38 82.39
C ASP Y 163 7.51 17.43 82.48
N SER Y 164 7.58 16.47 81.56
CA SER Y 164 8.54 15.39 81.69
C SER Y 164 9.99 15.87 81.71
N PHE Y 165 10.26 17.09 81.31
CA PHE Y 165 11.62 17.59 81.35
C PHE Y 165 12.04 18.08 82.73
N GLU Y 166 11.20 17.94 83.74
CA GLU Y 166 11.60 18.17 85.12
C GLU Y 166 11.99 16.88 85.82
N ARG Y 167 11.11 15.89 85.78
CA ARG Y 167 11.50 14.55 86.18
C ARG Y 167 12.73 14.09 85.40
N GLY Y 168 12.87 14.55 84.15
CA GLY Y 168 14.03 14.17 83.36
C GLY Y 168 15.33 14.65 83.96
N THR Y 169 15.40 15.93 84.33
CA THR Y 169 16.63 16.41 84.94
C THR Y 169 16.82 15.82 86.32
N ALA Y 170 15.74 15.58 87.05
CA ALA Y 170 15.85 14.93 88.34
C ALA Y 170 16.51 13.56 88.20
N ASP Y 171 16.19 12.85 87.11
CA ASP Y 171 16.82 11.55 86.91
C ASP Y 171 18.26 11.68 86.41
N GLN Y 172 18.50 12.62 85.51
CA GLN Y 172 19.85 12.76 84.96
C GLN Y 172 20.86 13.14 86.03
N MET Y 173 20.43 13.91 87.02
CA MET Y 173 21.34 14.26 88.11
C MET Y 173 21.81 13.01 88.85
N LEU Y 174 20.88 12.10 89.17
CA LEU Y 174 21.27 10.86 89.81
C LEU Y 174 22.16 10.02 88.90
N ARG Y 175 21.80 9.95 87.62
CA ARG Y 175 22.58 9.13 86.70
C ARG Y 175 24.02 9.60 86.63
N VAL Y 176 24.25 10.91 86.71
CA VAL Y 176 25.62 11.39 86.60
C VAL Y 176 26.33 11.34 87.94
N LEU Y 177 25.62 11.57 89.05
CA LEU Y 177 26.28 11.47 90.35
C LEU Y 177 26.72 10.05 90.63
N MET Y 178 25.87 9.07 90.32
CA MET Y 178 26.18 7.69 90.65
C MET Y 178 27.36 7.16 89.86
N GLU Y 179 27.73 7.80 88.75
CA GLU Y 179 28.88 7.34 87.99
C GLU Y 179 30.19 7.80 88.60
N LYS Y 180 30.23 9.00 89.17
CA LYS Y 180 31.47 9.51 89.74
C LYS Y 180 31.82 8.79 91.03
N ALA Y 181 30.81 8.44 91.82
CA ALA Y 181 31.04 8.01 93.19
C ALA Y 181 31.85 6.73 93.25
N PRO Y 182 33.00 6.72 93.91
CA PRO Y 182 33.68 5.46 94.17
C PRO Y 182 33.15 4.84 95.44
N PRO Y 183 33.14 3.51 95.53
CA PRO Y 183 32.59 2.87 96.73
C PRO Y 183 33.39 3.27 97.96
N LEU Y 184 32.66 3.47 99.07
CA LEU Y 184 33.30 3.98 100.27
C LEU Y 184 34.36 3.03 100.80
N SER Y 185 34.09 1.72 100.74
CA SER Y 185 35.03 0.75 101.26
C SER Y 185 36.37 0.85 100.56
N LEU Y 186 36.36 1.03 99.24
CA LEU Y 186 37.61 1.18 98.49
C LEU Y 186 38.25 2.53 98.70
N LEU Y 187 37.62 3.44 99.44
CA LEU Y 187 38.09 4.81 99.54
C LEU Y 187 38.55 5.21 100.93
N ALA Y 188 37.92 4.70 101.98
CA ALA Y 188 38.32 5.07 103.34
C ALA Y 188 39.78 4.76 103.63
N PRO Y 189 40.32 3.57 103.33
CA PRO Y 189 41.74 3.35 103.62
C PRO Y 189 42.67 4.01 102.64
N PHE Y 190 42.19 4.39 101.45
CA PHE Y 190 43.07 5.02 100.49
C PHE Y 190 43.50 6.41 100.96
N THR Y 191 42.62 7.13 101.65
CA THR Y 191 42.98 8.46 102.11
C THR Y 191 43.78 8.44 103.40
N LEU Y 192 44.32 7.30 103.79
CA LEU Y 192 45.19 7.19 104.95
C LEU Y 192 46.63 6.90 104.59
N TYR Y 193 46.91 6.58 103.33
CA TYR Y 193 48.26 6.39 102.83
C TYR Y 193 48.69 7.52 101.92
N GLU Y 194 47.87 8.57 101.78
CA GLU Y 194 48.14 9.64 100.84
C GLU Y 194 49.50 10.27 101.12
N GLY Y 195 50.08 10.85 100.06
CA GLY Y 195 51.41 11.41 100.15
C GLY Y 195 52.52 10.41 100.40
N ARG Y 196 52.19 9.12 100.53
CA ARG Y 196 53.19 8.09 100.72
C ARG Y 196 53.25 7.10 99.57
N LEU Y 197 52.37 7.22 98.58
CA LEU Y 197 52.36 6.28 97.48
C LEU Y 197 53.49 6.58 96.51
N ALA Y 198 54.72 6.66 97.03
CA ALA Y 198 55.90 6.91 96.22
C ALA Y 198 56.67 5.63 95.94
N ASP Y 199 57.09 4.93 96.99
CA ASP Y 199 57.84 3.69 96.79
C ASP Y 199 56.90 2.56 96.41
N ARG Y 200 57.48 1.38 96.20
CA ARG Y 200 56.67 0.21 95.93
C ARG Y 200 56.17 -0.44 97.21
N VAL Y 201 56.86 -0.26 98.33
CA VAL Y 201 56.51 -0.95 99.57
C VAL Y 201 55.11 -0.52 100.04
N ALA Y 202 54.92 0.77 100.23
CA ALA Y 202 53.63 1.24 100.71
C ALA Y 202 52.55 1.02 99.68
N CYS Y 203 52.87 1.22 98.40
CA CYS Y 203 51.92 0.94 97.34
C CYS Y 203 51.52 -0.54 97.31
N ALA Y 204 52.31 -1.40 97.96
CA ALA Y 204 51.95 -2.80 98.04
C ALA Y 204 51.18 -3.13 99.31
N ALA Y 205 51.52 -2.47 100.42
CA ALA Y 205 50.72 -2.67 101.63
C ALA Y 205 49.32 -2.11 101.47
N LEU Y 206 49.15 -1.08 100.64
CA LEU Y 206 47.84 -0.47 100.48
C LEU Y 206 46.83 -1.44 99.91
N VAL Y 207 47.25 -2.29 98.96
CA VAL Y 207 46.29 -3.19 98.36
C VAL Y 207 46.02 -4.37 99.28
N SER Y 208 47.00 -4.78 100.09
CA SER Y 208 46.71 -5.77 101.11
C SER Y 208 45.72 -5.23 102.12
N GLU Y 209 45.67 -3.92 102.32
CA GLU Y 209 44.62 -3.41 103.19
C GLU Y 209 43.28 -3.26 102.47
N LEU Y 210 43.29 -2.83 101.20
CA LEU Y 210 42.06 -2.72 100.45
C LEU Y 210 41.35 -4.05 100.33
N LYS Y 211 42.12 -5.13 100.15
CA LYS Y 211 41.51 -6.46 100.04
C LYS Y 211 40.75 -6.82 101.30
N ARG Y 212 41.33 -6.53 102.46
CA ARG Y 212 40.63 -6.85 103.70
C ARG Y 212 39.46 -5.91 103.93
N ARG Y 213 39.55 -4.68 103.44
CA ARG Y 213 38.40 -3.77 103.59
C ARG Y 213 37.21 -4.24 102.78
N VAL Y 214 37.47 -4.72 101.55
CA VAL Y 214 36.37 -5.09 100.66
C VAL Y 214 35.50 -6.15 101.30
N ARG Y 215 36.09 -7.28 101.65
CA ARG Y 215 35.33 -8.44 102.10
C ARG Y 215 34.93 -8.38 103.55
N ASP Y 216 35.00 -7.22 104.19
CA ASP Y 216 34.52 -7.16 105.56
C ASP Y 216 33.52 -6.04 105.78
N ASP Y 217 33.71 -4.88 105.17
CA ASP Y 217 32.87 -3.73 105.41
C ASP Y 217 32.14 -3.29 104.14
N THR Y 218 31.76 -4.24 103.30
CA THR Y 218 30.98 -3.94 102.11
C THR Y 218 29.49 -4.05 102.35
N PHE Y 219 29.08 -4.27 103.59
CA PHE Y 219 27.65 -4.32 103.93
C PHE Y 219 27.52 -3.92 105.39
N PHE Y 220 26.94 -2.75 105.64
CA PHE Y 220 26.55 -2.38 106.99
C PHE Y 220 25.04 -2.42 107.10
N LEU Y 221 24.57 -2.44 108.35
CA LEU Y 221 23.17 -2.70 108.72
C LEU Y 221 22.64 -4.00 108.11
N THR Y 222 23.52 -4.86 107.63
CA THR Y 222 23.13 -6.22 107.26
C THR Y 222 24.12 -7.20 107.87
N LYS Y 223 25.37 -6.78 108.01
CA LYS Y 223 26.37 -7.59 108.67
C LYS Y 223 26.38 -7.41 110.18
N HIS Y 224 25.82 -6.31 110.68
CA HIS Y 224 25.45 -6.17 112.08
C HIS Y 224 24.02 -5.63 112.08
N GLU Y 225 23.06 -6.54 111.98
CA GLU Y 225 21.64 -6.19 111.89
C GLU Y 225 21.02 -5.86 113.23
N ARG Y 226 21.82 -5.62 114.25
CA ARG Y 226 21.27 -5.31 115.57
C ARG Y 226 21.85 -4.04 116.17
N ASN Y 227 23.13 -3.78 115.97
CA ASN Y 227 23.78 -2.68 116.67
C ASN Y 227 23.26 -1.33 116.19
N LYS Y 228 23.67 -0.27 116.87
CA LYS Y 228 23.28 1.07 116.51
C LYS Y 228 24.50 1.98 116.37
N ASP Y 229 25.56 1.69 117.13
CA ASP Y 229 26.71 2.58 117.12
C ASP Y 229 27.55 2.39 115.87
N ALA Y 230 27.74 1.15 115.43
CA ALA Y 230 28.52 0.92 114.22
C ALA Y 230 27.87 1.60 113.02
N VAL Y 231 26.54 1.62 112.98
CA VAL Y 231 25.84 2.30 111.89
C VAL Y 231 26.14 3.78 111.90
N LEU Y 232 26.11 4.39 113.09
CA LEU Y 232 26.39 5.81 113.17
C LEU Y 232 27.83 6.11 112.79
N ASP Y 233 28.75 5.22 113.17
CA ASP Y 233 30.15 5.38 112.78
C ASP Y 233 30.29 5.33 111.26
N ARG Y 234 29.69 4.32 110.63
CA ARG Y 234 29.77 4.20 109.18
C ARG Y 234 29.21 5.43 108.50
N LEU Y 235 28.08 5.95 108.99
CA LEU Y 235 27.49 7.13 108.38
C LEU Y 235 28.38 8.35 108.53
N SER Y 236 28.95 8.54 109.73
CA SER Y 236 29.83 9.69 109.92
C SER Y 236 31.06 9.60 109.01
N ASP Y 237 31.63 8.41 108.88
CA ASP Y 237 32.77 8.25 108.00
C ASP Y 237 32.39 8.54 106.56
N LEU Y 238 31.23 8.03 106.13
CA LEU Y 238 30.77 8.29 104.77
C LEU Y 238 30.60 9.79 104.52
N VAL Y 239 30.11 10.51 105.54
CA VAL Y 239 29.87 11.93 105.35
C VAL Y 239 31.18 12.72 105.38
N ASN Y 240 32.19 12.21 106.05
CA ASN Y 240 33.43 12.96 106.19
C ASN Y 240 34.52 12.57 105.20
N CYS Y 241 34.37 11.47 104.46
CA CYS Y 241 35.46 11.03 103.59
C CYS Y 241 35.57 11.84 102.30
N THR Y 242 34.60 12.69 101.98
CA THR Y 242 34.66 13.49 100.77
C THR Y 242 35.50 14.74 101.03
N ALA Y 243 35.47 15.68 100.10
CA ALA Y 243 36.21 16.93 100.21
C ALA Y 243 35.38 18.05 99.63
N PRO Y 244 35.30 19.19 100.32
CA PRO Y 244 34.44 20.28 99.86
C PRO Y 244 34.90 20.85 98.53
N SER Y 245 33.95 21.39 97.78
CA SER Y 245 34.17 21.91 96.44
C SER Y 245 34.39 23.42 96.48
N VAL Y 246 34.34 24.06 95.30
CA VAL Y 246 34.54 25.50 95.26
C VAL Y 246 33.41 26.20 96.00
N ALA Y 247 33.67 27.45 96.35
CA ALA Y 247 32.71 28.27 97.10
C ALA Y 247 31.97 29.17 96.12
N VAL Y 248 30.69 28.91 95.93
CA VAL Y 248 29.81 29.76 95.13
C VAL Y 248 28.85 30.45 96.10
N ALA Y 249 28.66 31.77 95.90
CA ALA Y 249 27.89 32.58 96.83
C ALA Y 249 26.45 32.75 96.38
N ARG Y 250 25.89 31.77 95.68
CA ARG Y 250 24.56 31.88 95.12
C ARG Y 250 23.60 30.80 95.58
N MET Y 251 24.06 29.84 96.38
CA MET Y 251 23.17 28.74 96.77
C MET Y 251 22.29 29.13 97.95
N THR Y 252 22.90 29.41 99.10
CA THR Y 252 22.17 29.79 100.30
C THR Y 252 21.10 28.76 100.67
N HIS Y 253 21.39 27.49 100.41
CA HIS Y 253 20.53 26.42 100.88
C HIS Y 253 20.71 26.29 102.38
N ALA Y 254 19.76 26.82 103.15
CA ALA Y 254 19.89 26.82 104.60
C ALA Y 254 18.59 26.39 105.23
N ASP Y 255 18.70 25.92 106.48
CA ASP Y 255 17.52 25.63 107.27
C ASP Y 255 16.72 26.91 107.50
N THR Y 256 15.44 26.74 107.79
CA THR Y 256 14.56 27.87 108.03
C THR Y 256 14.99 28.72 109.22
N GLN Y 257 15.98 28.27 109.98
CA GLN Y 257 16.40 28.98 111.18
C GLN Y 257 17.82 29.52 111.12
N GLY Y 258 18.79 28.68 110.80
CA GLY Y 258 20.18 29.06 110.98
C GLY Y 258 21.15 28.64 109.89
N ARG Y 259 22.17 27.89 110.33
CA ARG Y 259 23.34 27.55 109.52
C ARG Y 259 22.94 26.88 108.20
N PRO Y 260 23.83 26.87 107.22
CA PRO Y 260 23.52 26.29 105.91
C PRO Y 260 23.77 24.79 105.84
N VAL Y 261 23.11 24.16 104.88
CA VAL Y 261 23.23 22.73 104.66
C VAL Y 261 24.56 22.46 103.97
N ASP Y 262 24.98 21.22 103.93
CA ASP Y 262 26.25 20.92 103.27
C ASP Y 262 26.12 19.88 102.16
N GLY Y 263 25.33 18.83 102.37
CA GLY Y 263 25.26 17.79 101.38
C GLY Y 263 23.88 17.27 101.09
N VAL Y 264 23.79 15.99 100.76
CA VAL Y 264 22.51 15.34 100.53
C VAL Y 264 22.75 13.84 100.66
N LEU Y 265 21.78 13.15 101.24
CA LEU Y 265 21.87 11.70 101.46
C LEU Y 265 20.71 11.06 100.73
N VAL Y 266 20.88 10.82 99.45
CA VAL Y 266 19.82 10.21 98.66
C VAL Y 266 19.92 8.70 98.80
N THR Y 267 18.78 8.05 98.93
CA THR Y 267 18.74 6.60 99.16
C THR Y 267 17.38 6.07 98.77
N THR Y 268 17.21 4.76 98.89
CA THR Y 268 15.92 4.14 98.63
C THR Y 268 15.05 4.22 99.88
N ALA Y 269 13.73 4.15 99.65
CA ALA Y 269 12.80 4.39 100.74
C ALA Y 269 12.90 3.33 101.83
N GLY Y 270 13.12 2.07 101.44
CA GLY Y 270 13.21 1.00 102.42
C GLY Y 270 14.33 1.17 103.41
N VAL Y 271 15.30 2.00 103.10
CA VAL Y 271 16.41 2.27 104.01
C VAL Y 271 16.19 3.56 104.79
N ARG Y 272 15.57 4.56 104.16
CA ARG Y 272 15.15 5.74 104.89
C ARG Y 272 14.20 5.38 106.00
N GLN Y 273 13.34 4.39 105.78
CA GLN Y 273 12.40 3.95 106.80
C GLN Y 273 13.13 3.40 108.02
N ARG Y 274 14.30 2.80 107.81
CA ARG Y 274 15.10 2.34 108.95
C ARG Y 274 15.84 3.49 109.59
N LEU Y 275 16.44 4.36 108.79
CA LEU Y 275 17.30 5.41 109.35
C LEU Y 275 16.49 6.41 110.16
N LEU Y 276 15.29 6.75 109.71
CA LEU Y 276 14.48 7.74 110.40
C LEU Y 276 13.68 7.17 111.55
N HIS Y 277 14.01 5.96 112.02
CA HIS Y 277 13.21 5.35 113.07
C HIS Y 277 14.05 4.90 114.26
N HIS Y 278 15.29 4.50 114.01
CA HIS Y 278 16.06 3.83 115.05
C HIS Y 278 17.51 4.29 115.18
N VAL Y 279 18.06 5.04 114.24
CA VAL Y 279 19.46 5.44 114.34
C VAL Y 279 19.61 6.96 114.22
N LEU Y 280 18.72 7.61 113.50
CA LEU Y 280 18.84 9.04 113.26
C LEU Y 280 17.70 9.79 113.94
N THR Y 281 17.76 11.11 113.86
CA THR Y 281 16.77 11.97 114.50
C THR Y 281 16.54 13.18 113.61
N LEU Y 282 15.30 13.36 113.15
CA LEU Y 282 14.98 14.45 112.25
C LEU Y 282 15.20 15.78 112.94
N ALA Y 283 15.87 16.70 112.23
CA ALA Y 283 16.20 18.00 112.80
C ALA Y 283 15.12 19.04 112.53
N ASP Y 284 14.66 19.14 111.29
CA ASP Y 284 13.63 20.11 110.94
C ASP Y 284 12.82 19.58 109.75
N THR Y 285 11.74 20.30 109.43
CA THR Y 285 10.83 19.86 108.38
C THR Y 285 10.66 20.91 107.29
N HIS Y 286 11.58 21.86 107.16
CA HIS Y 286 11.46 22.89 106.15
C HIS Y 286 12.83 23.45 105.84
N ALA Y 287 12.95 24.04 104.65
CA ALA Y 287 14.21 24.62 104.20
C ALA Y 287 13.92 25.89 103.40
N ASP Y 288 14.99 26.59 103.04
CA ASP Y 288 14.90 27.85 102.30
C ASP Y 288 15.82 27.76 101.09
N VAL Y 289 15.29 27.22 99.99
CA VAL Y 289 16.08 27.01 98.78
C VAL Y 289 15.91 28.21 97.86
N PRO Y 290 16.87 28.51 96.99
CA PRO Y 290 16.68 29.58 96.02
C PRO Y 290 15.63 29.20 94.98
N VAL Y 291 15.25 30.18 94.17
CA VAL Y 291 14.07 30.02 93.32
C VAL Y 291 14.33 30.37 91.86
N THR Y 292 15.58 30.29 91.42
CA THR Y 292 15.89 30.70 90.06
C THR Y 292 17.07 29.90 89.52
N TYR Y 293 17.39 30.18 88.26
CA TYR Y 293 18.55 29.62 87.58
C TYR Y 293 19.62 30.70 87.43
N GLY Y 294 20.69 30.34 86.75
CA GLY Y 294 21.76 31.28 86.43
C GLY Y 294 21.76 31.57 84.95
N GLU Y 295 21.83 32.85 84.62
CA GLU Y 295 21.88 33.28 83.23
C GLU Y 295 23.34 33.49 82.84
N MET Y 296 23.70 33.04 81.64
CA MET Y 296 25.04 33.24 81.10
C MET Y 296 24.92 33.39 79.60
N VAL Y 297 25.07 34.62 79.12
CA VAL Y 297 24.98 34.89 77.69
C VAL Y 297 26.34 35.35 77.20
N ILE Y 298 26.53 35.24 75.89
CA ILE Y 298 27.70 35.81 75.23
C ILE Y 298 27.26 37.09 74.54
N ALA Y 299 27.87 38.21 74.92
CA ALA Y 299 27.42 39.49 74.41
C ALA Y 299 28.44 40.60 74.61
N ASN Y 300 28.73 41.33 73.54
CA ASN Y 300 29.38 42.64 73.49
C ASN Y 300 30.87 42.58 73.82
N THR Y 301 31.36 41.48 74.34
CA THR Y 301 32.79 41.26 74.23
C THR Y 301 33.12 39.85 73.80
N ASN Y 302 32.38 38.85 74.29
CA ASN Y 302 32.53 37.50 73.79
C ASN Y 302 31.86 37.33 72.44
N LEU Y 303 30.93 38.21 72.09
CA LEU Y 303 30.28 38.12 70.79
C LEU Y 303 31.30 38.27 69.67
N VAL Y 304 32.01 39.40 69.65
CA VAL Y 304 33.01 39.64 68.63
C VAL Y 304 34.08 38.55 68.67
N THR Y 305 34.46 38.12 69.87
CA THR Y 305 35.52 37.13 70.01
C THR Y 305 35.10 35.79 69.42
N ALA Y 306 33.89 35.34 69.72
CA ALA Y 306 33.42 34.07 69.21
C ALA Y 306 33.10 34.13 67.73
N LEU Y 307 32.83 35.31 67.20
CA LEU Y 307 32.52 35.38 65.78
C LEU Y 307 33.78 35.47 64.92
N VAL Y 308 34.79 36.23 65.35
CA VAL Y 308 35.99 36.35 64.52
C VAL Y 308 37.06 35.35 64.92
N MET Y 309 37.31 35.18 66.22
CA MET Y 309 38.39 34.33 66.68
C MET Y 309 38.03 32.86 66.58
N GLY Y 310 37.02 32.45 67.34
CA GLY Y 310 36.65 31.05 67.41
C GLY Y 310 36.67 30.54 68.84
N LYS Y 311 36.93 31.43 69.79
CA LYS Y 311 36.93 31.08 71.20
C LYS Y 311 36.13 32.11 71.98
N ALA Y 312 35.82 31.78 73.23
CA ALA Y 312 35.06 32.67 74.09
C ALA Y 312 35.26 32.24 75.52
N VAL Y 313 35.43 33.22 76.41
CA VAL Y 313 35.70 32.96 77.81
C VAL Y 313 34.54 33.48 78.65
N SER Y 314 34.43 32.97 79.87
CA SER Y 314 33.25 33.19 80.68
C SER Y 314 33.19 34.60 81.25
N ASN Y 315 34.16 34.95 82.09
CA ASN Y 315 34.17 36.26 82.73
C ASN Y 315 35.07 37.23 81.95
N MET Y 316 34.72 37.42 80.68
CA MET Y 316 35.52 38.29 79.83
C MET Y 316 35.41 39.75 80.26
N ASP Y 317 34.22 40.16 80.70
CA ASP Y 317 34.03 41.55 81.11
C ASP Y 317 34.99 41.93 82.23
N ASP Y 318 35.15 41.05 83.22
CA ASP Y 318 35.97 41.40 84.37
C ASP Y 318 37.44 41.46 84.01
N VAL Y 319 37.94 40.46 83.28
CA VAL Y 319 39.35 40.47 82.92
C VAL Y 319 39.65 41.65 82.00
N ALA Y 320 38.72 41.98 81.11
CA ALA Y 320 38.90 43.15 80.26
C ALA Y 320 38.98 44.42 81.10
N ARG Y 321 37.98 44.64 81.95
CA ARG Y 321 37.97 45.80 82.83
C ARG Y 321 39.18 45.83 83.74
N TYR Y 322 39.85 44.70 83.94
CA TYR Y 322 41.02 44.68 84.80
C TYR Y 322 42.30 45.03 84.04
N LEU Y 323 42.52 44.42 82.88
CA LEU Y 323 43.78 44.63 82.17
C LEU Y 323 43.96 46.10 81.81
N LEU Y 324 43.05 46.66 81.03
CA LEU Y 324 42.99 48.10 80.85
C LEU Y 324 42.15 48.69 81.98
N GLY Y 325 42.48 49.92 82.37
CA GLY Y 325 41.87 50.50 83.56
C GLY Y 325 40.36 50.62 83.47
N GLY Y 326 39.83 50.79 82.26
CA GLY Y 326 38.40 50.96 82.08
C GLY Y 326 37.93 52.36 82.40
N GLY Y 337 16.77 36.56 97.20
CA GLY Y 337 15.36 36.21 97.24
C GLY Y 337 15.12 34.72 97.12
N SER Y 338 14.45 34.14 98.11
CA SER Y 338 14.26 32.71 98.18
C SER Y 338 12.84 32.40 98.63
N ALA Y 339 12.53 31.12 98.80
CA ALA Y 339 11.23 30.67 99.23
C ALA Y 339 11.40 29.51 100.19
N ARG Y 340 10.28 28.98 100.68
CA ARG Y 340 10.27 27.97 101.72
C ARG Y 340 9.55 26.72 101.23
N VAL Y 341 10.21 25.57 101.40
CA VAL Y 341 9.67 24.27 101.02
C VAL Y 341 10.06 23.27 102.10
N ARG Y 342 9.34 22.16 102.15
CA ARG Y 342 9.56 21.17 103.20
C ARG Y 342 10.54 20.09 102.74
N ALA Y 343 11.33 19.62 103.70
CA ALA Y 343 12.36 18.61 103.45
C ALA Y 343 12.77 18.05 104.80
N ASP Y 344 13.66 17.05 104.77
CA ASP Y 344 14.06 16.34 105.98
C ASP Y 344 15.54 16.58 106.23
N LEU Y 345 15.85 17.55 107.08
CA LEU Y 345 17.22 17.85 107.43
C LEU Y 345 17.65 16.97 108.61
N VAL Y 346 18.78 16.29 108.45
CA VAL Y 346 19.30 15.38 109.45
C VAL Y 346 20.75 15.72 109.70
N VAL Y 347 21.18 15.60 110.95
CA VAL Y 347 22.56 15.92 111.35
C VAL Y 347 23.33 14.62 111.50
N VAL Y 348 24.37 14.47 110.70
CA VAL Y 348 25.27 13.32 110.77
C VAL Y 348 26.68 13.84 110.98
N GLY Y 349 27.43 13.19 111.86
CA GLY Y 349 28.71 13.73 112.25
C GLY Y 349 28.51 15.11 112.87
N ASP Y 350 29.29 16.08 112.41
CA ASP Y 350 29.12 17.47 112.78
C ASP Y 350 28.66 18.25 111.54
N ARG Y 351 27.69 17.70 110.84
CA ARG Y 351 27.26 18.25 109.58
C ARG Y 351 25.75 18.23 109.50
N LEU Y 352 25.20 19.08 108.63
CA LEU Y 352 23.77 19.11 108.37
C LEU Y 352 23.56 18.78 106.90
N VAL Y 353 22.71 17.78 106.63
CA VAL Y 353 22.50 17.30 105.28
C VAL Y 353 21.01 17.11 105.05
N PHE Y 354 20.60 17.22 103.79
CA PHE Y 354 19.28 16.75 103.41
C PHE Y 354 19.22 15.23 103.54
N LEU Y 355 18.02 14.69 103.37
CA LEU Y 355 17.86 13.24 103.32
C LEU Y 355 16.55 12.97 102.59
N GLU Y 356 16.64 12.41 101.40
CA GLU Y 356 15.45 12.28 100.58
C GLU Y 356 15.51 10.98 99.77
N ALA Y 357 14.34 10.40 99.55
CA ALA Y 357 14.19 9.23 98.70
C ALA Y 357 13.19 9.58 97.60
N LEU Y 358 13.61 9.40 96.35
CA LEU Y 358 12.82 9.81 95.19
C LEU Y 358 12.05 8.66 94.57
N GLU Y 359 11.57 7.71 95.37
CA GLU Y 359 10.77 6.63 94.83
C GLU Y 359 9.31 7.00 94.70
N LYS Y 360 8.87 8.07 95.36
CA LYS Y 360 7.48 8.48 95.34
C LYS Y 360 7.25 9.72 94.48
N ARG Y 361 7.99 10.80 94.73
CA ARG Y 361 7.84 12.01 93.94
C ARG Y 361 8.05 11.72 92.47
N VAL Y 362 9.16 11.07 92.15
CA VAL Y 362 9.48 10.71 90.77
C VAL Y 362 9.45 9.19 90.68
N TYR Y 363 9.54 8.68 89.45
CA TYR Y 363 9.68 7.25 89.16
C TYR Y 363 8.42 6.45 89.48
N GLN Y 364 7.43 7.08 90.10
CA GLN Y 364 6.25 6.34 90.49
C GLN Y 364 5.32 6.16 89.30
N ALA Y 365 4.79 4.95 89.14
CA ALA Y 365 3.82 4.64 88.09
C ALA Y 365 4.37 4.94 86.71
N THR Y 366 5.66 4.69 86.50
CA THR Y 366 6.25 4.79 85.17
C THR Y 366 7.26 3.67 85.00
N GLN Y 367 7.59 3.39 83.74
CA GLN Y 367 8.31 2.17 83.40
C GLN Y 367 9.82 2.31 83.46
N VAL Y 368 10.34 3.38 84.04
CA VAL Y 368 11.78 3.51 84.19
C VAL Y 368 12.16 3.00 85.58
N PRO Y 369 13.15 2.12 85.70
CA PRO Y 369 13.53 1.62 87.02
C PRO Y 369 14.25 2.69 87.81
N TYR Y 370 14.54 2.36 89.07
CA TYR Y 370 15.22 3.25 89.98
C TYR Y 370 16.73 3.10 89.85
N PRO Y 371 17.48 4.19 89.89
CA PRO Y 371 18.92 4.10 89.61
C PRO Y 371 19.76 3.68 90.79
N LEU Y 372 19.32 3.94 92.01
CA LEU Y 372 20.16 3.68 93.17
C LEU Y 372 20.20 2.21 93.56
N VAL Y 373 19.48 1.34 92.87
CA VAL Y 373 19.56 -0.10 93.14
C VAL Y 373 20.65 -0.64 92.23
N GLY Y 374 21.89 -0.53 92.70
CA GLY Y 374 23.03 -0.93 91.91
C GLY Y 374 23.14 -2.44 91.81
N ASN Y 375 24.24 -2.87 91.21
CA ASN Y 375 24.52 -4.29 91.00
C ASN Y 375 25.93 -4.60 91.47
N LEU Y 376 26.05 -5.47 92.45
CA LEU Y 376 27.34 -6.02 92.83
C LEU Y 376 27.72 -7.14 91.88
N ASP Y 377 29.01 -7.48 91.85
CA ASP Y 377 29.51 -8.51 90.94
C ASP Y 377 30.64 -9.26 91.63
N VAL Y 378 30.48 -10.56 91.80
CA VAL Y 378 31.50 -11.40 92.42
C VAL Y 378 31.69 -12.62 91.55
N THR Y 379 32.92 -13.13 91.49
CA THR Y 379 33.25 -14.31 90.69
C THR Y 379 33.80 -15.38 91.60
N PHE Y 380 33.07 -16.48 91.75
CA PHE Y 380 33.47 -17.56 92.62
C PHE Y 380 34.41 -18.53 91.89
N VAL Y 381 35.03 -19.42 92.66
CA VAL Y 381 35.96 -20.41 92.12
C VAL Y 381 36.02 -21.56 93.10
N MET Y 382 36.13 -22.78 92.58
CA MET Y 382 36.19 -23.93 93.45
C MET Y 382 36.93 -25.06 92.76
N PRO Y 383 37.69 -25.87 93.49
CA PRO Y 383 38.47 -26.94 92.88
C PRO Y 383 37.67 -28.23 92.76
N LEU Y 384 37.84 -28.92 91.65
CA LEU Y 384 36.98 -30.07 91.37
C LEU Y 384 37.52 -31.37 91.96
N GLY Y 385 38.68 -31.81 91.49
CA GLY Y 385 39.13 -33.14 91.85
C GLY Y 385 40.54 -33.20 92.38
N VAL Y 386 40.96 -32.17 93.11
CA VAL Y 386 42.30 -32.19 93.66
C VAL Y 386 42.42 -33.35 94.64
N PHE Y 387 43.66 -33.75 94.89
CA PHE Y 387 43.96 -34.90 95.74
C PHE Y 387 45.01 -34.50 96.75
N LYS Y 388 44.62 -34.41 98.01
CA LYS Y 388 45.54 -34.03 99.06
C LYS Y 388 46.69 -35.04 99.13
N PRO Y 389 47.88 -34.60 99.56
CA PRO Y 389 49.01 -35.54 99.66
C PRO Y 389 48.76 -36.62 100.70
N ALA Y 390 49.71 -37.53 100.86
CA ALA Y 390 49.47 -38.67 101.74
C ALA Y 390 49.69 -38.36 103.21
N ALA Y 391 49.97 -37.11 103.57
CA ALA Y 391 50.17 -36.76 104.97
C ALA Y 391 48.98 -36.04 105.58
N ASP Y 392 48.09 -35.48 104.77
CA ASP Y 392 46.94 -34.74 105.27
C ASP Y 392 45.66 -35.56 105.24
N ARG Y 393 45.76 -36.87 105.06
CA ARG Y 393 44.58 -37.74 105.05
C ARG Y 393 44.42 -38.29 106.46
N TYR Y 394 43.68 -37.54 107.28
CA TYR Y 394 43.53 -37.83 108.69
C TYR Y 394 42.12 -37.46 109.13
N ALA Y 395 41.58 -38.20 110.08
CA ALA Y 395 40.28 -37.89 110.67
C ALA Y 395 40.52 -37.38 112.08
N ARG Y 396 40.11 -36.14 112.35
CA ARG Y 396 40.48 -35.54 113.63
C ARG Y 396 39.78 -36.20 114.81
N HIS Y 397 38.61 -36.78 114.58
CA HIS Y 397 37.95 -37.60 115.59
C HIS Y 397 38.00 -39.05 115.15
N ALA Y 398 38.23 -39.94 116.11
CA ALA Y 398 38.27 -41.37 115.77
C ALA Y 398 36.94 -41.82 115.19
N GLY Y 399 35.83 -41.35 115.77
CA GLY Y 399 34.54 -41.68 115.22
C GLY Y 399 34.32 -40.97 113.89
N SER Y 400 34.40 -41.72 112.82
CA SER Y 400 34.36 -41.17 111.48
C SER Y 400 32.92 -41.12 110.99
N PHE Y 401 32.75 -40.92 109.69
CA PHE Y 401 31.51 -41.29 109.02
C PHE Y 401 31.61 -42.76 108.67
N ALA Y 402 31.57 -43.58 109.72
CA ALA Y 402 31.82 -45.01 109.57
C ALA Y 402 30.83 -45.63 108.58
N PRO Y 403 31.31 -46.34 107.57
CA PRO Y 403 30.39 -46.87 106.56
C PRO Y 403 29.61 -48.06 107.09
N THR Y 404 28.69 -48.54 106.26
CA THR Y 404 27.94 -49.74 106.58
C THR Y 404 28.92 -50.90 106.77
N PRO Y 405 28.81 -51.64 107.86
CA PRO Y 405 29.78 -52.73 108.08
C PRO Y 405 29.72 -53.75 106.96
N GLY Y 406 30.90 -54.19 106.53
CA GLY Y 406 31.02 -55.16 105.46
C GLY Y 406 31.21 -54.59 104.08
N LEU Y 407 31.35 -53.27 103.95
CA LEU Y 407 31.49 -52.63 102.65
C LEU Y 407 32.65 -51.65 102.70
N PRO Y 408 33.39 -51.51 101.61
CA PRO Y 408 34.53 -50.58 101.60
C PRO Y 408 34.06 -49.15 101.78
N ASP Y 409 34.87 -48.38 102.50
CA ASP Y 409 34.36 -47.03 102.71
C ASP Y 409 34.63 -46.15 101.50
N PRO Y 410 33.66 -45.37 101.09
CA PRO Y 410 33.84 -44.53 99.90
C PRO Y 410 34.58 -43.24 100.21
N ARG Y 411 35.25 -43.19 101.35
CA ARG Y 411 35.95 -41.97 101.74
C ARG Y 411 37.40 -41.95 101.30
N THR Y 412 38.06 -43.10 101.25
CA THR Y 412 39.48 -43.10 100.93
C THR Y 412 39.76 -42.96 99.45
N HIS Y 413 38.77 -42.97 98.62
CA HIS Y 413 39.08 -42.83 97.20
C HIS Y 413 39.25 -41.36 96.84
N PRO Y 414 40.00 -41.07 95.78
CA PRO Y 414 40.13 -39.68 95.34
C PRO Y 414 38.80 -39.14 94.87
N PRO Y 415 38.43 -37.93 95.26
CA PRO Y 415 37.08 -37.44 94.97
C PRO Y 415 36.95 -37.05 93.51
N ARG Y 416 35.70 -37.02 93.05
CA ARG Y 416 35.45 -36.70 91.65
C ARG Y 416 34.21 -35.82 91.49
N ALA Y 417 33.88 -35.01 92.50
CA ALA Y 417 32.74 -34.12 92.41
C ALA Y 417 32.86 -33.07 93.50
N VAL Y 418 32.03 -32.04 93.39
CA VAL Y 418 31.90 -31.02 94.42
C VAL Y 418 30.43 -30.94 94.82
N HIS Y 419 30.15 -30.09 95.79
CA HIS Y 419 28.79 -29.87 96.25
C HIS Y 419 28.72 -28.49 96.87
N PHE Y 420 27.79 -27.67 96.41
CA PHE Y 420 27.64 -26.32 96.93
C PHE Y 420 26.15 -26.02 97.07
N PHE Y 421 25.82 -24.76 97.27
CA PHE Y 421 24.45 -24.36 97.53
C PHE Y 421 23.95 -23.45 96.41
N ASN Y 422 22.66 -23.56 96.13
CA ASN Y 422 22.03 -22.77 95.09
C ASN Y 422 21.69 -21.40 95.65
N LYS Y 423 20.93 -20.60 94.89
CA LYS Y 423 20.46 -19.34 95.41
C LYS Y 423 19.47 -19.55 96.55
N ASP Y 424 18.41 -20.33 96.29
CA ASP Y 424 17.42 -20.58 97.32
C ASP Y 424 17.95 -21.48 98.43
N GLY Y 425 19.00 -22.24 98.17
CA GLY Y 425 19.58 -23.13 99.16
C GLY Y 425 19.56 -24.59 98.78
N VAL Y 426 18.93 -24.97 97.67
CA VAL Y 426 18.87 -26.39 97.31
C VAL Y 426 20.28 -26.86 96.95
N PRO Y 427 20.68 -28.05 97.36
CA PRO Y 427 22.03 -28.54 97.00
C PRO Y 427 22.09 -28.81 95.51
N CYS Y 428 23.11 -28.26 94.87
CA CYS Y 428 23.28 -28.38 93.42
C CYS Y 428 24.75 -28.66 93.16
N HIS Y 429 25.03 -29.81 92.55
CA HIS Y 429 26.38 -30.33 92.49
C HIS Y 429 26.92 -30.32 91.07
N VAL Y 430 28.25 -30.29 90.98
CA VAL Y 430 28.97 -30.32 89.71
C VAL Y 430 29.93 -31.49 89.73
N THR Y 431 30.00 -32.22 88.62
CA THR Y 431 30.91 -33.35 88.51
C THR Y 431 31.61 -33.29 87.16
N PHE Y 432 32.47 -34.29 86.92
CA PHE Y 432 33.29 -34.30 85.71
C PHE Y 432 32.44 -34.26 84.46
N GLU Y 433 31.41 -35.11 84.39
CA GLU Y 433 30.58 -35.23 83.20
C GLU Y 433 30.19 -33.88 82.63
N HIS Y 434 30.06 -32.87 83.49
CA HIS Y 434 29.72 -31.54 83.01
C HIS Y 434 30.84 -30.90 82.19
N ALA Y 435 32.05 -31.44 82.24
CA ALA Y 435 33.16 -30.83 81.52
C ALA Y 435 33.28 -31.30 80.07
N MET Y 436 32.46 -32.26 79.64
CA MET Y 436 32.57 -32.78 78.29
C MET Y 436 32.52 -31.68 77.25
N GLY Y 437 31.75 -30.62 77.52
CA GLY Y 437 31.71 -29.51 76.59
C GLY Y 437 33.02 -28.78 76.41
N THR Y 438 34.03 -29.11 77.20
CA THR Y 438 35.33 -28.44 77.15
C THR Y 438 36.46 -29.38 76.80
N LEU Y 439 36.52 -30.55 77.42
CA LEU Y 439 37.57 -31.51 77.13
C LEU Y 439 37.25 -32.43 75.97
N CYS Y 440 36.12 -32.22 75.29
CA CYS Y 440 35.77 -33.01 74.11
C CYS Y 440 35.48 -32.02 73.00
N HIS Y 441 36.54 -31.56 72.35
CA HIS Y 441 36.42 -30.57 71.30
C HIS Y 441 37.75 -30.49 70.56
N PRO Y 442 37.73 -30.44 69.25
CA PRO Y 442 38.99 -30.41 68.49
C PRO Y 442 39.95 -29.32 68.93
N SER Y 443 39.44 -28.31 69.62
CA SER Y 443 40.33 -27.29 70.19
C SER Y 443 41.26 -27.87 71.23
N PHE Y 444 40.93 -29.04 71.79
CA PHE Y 444 41.81 -29.70 72.75
C PHE Y 444 43.13 -30.14 72.13
N LEU Y 445 43.24 -30.10 70.81
CA LEU Y 445 44.44 -30.53 70.09
C LEU Y 445 44.91 -29.43 69.16
N ASP Y 446 45.00 -28.22 69.69
CA ASP Y 446 45.39 -27.06 68.91
C ASP Y 446 46.80 -26.66 69.31
N VAL Y 447 47.78 -27.10 68.54
CA VAL Y 447 49.17 -26.78 68.79
C VAL Y 447 49.82 -26.08 67.60
N ASP Y 448 49.03 -25.46 66.72
CA ASP Y 448 49.65 -24.73 65.63
C ASP Y 448 50.38 -23.50 66.16
N ALA Y 449 49.67 -22.64 66.88
CA ALA Y 449 50.26 -21.39 67.36
C ALA Y 449 51.37 -21.66 68.36
N THR Y 450 51.17 -22.63 69.25
CA THR Y 450 52.19 -22.93 70.26
C THR Y 450 53.51 -23.30 69.60
N LEU Y 451 53.48 -24.30 68.71
CA LEU Y 451 54.70 -24.67 68.00
C LEU Y 451 55.26 -23.49 67.24
N ALA Y 452 54.44 -22.88 66.35
CA ALA Y 452 54.94 -21.82 65.49
C ALA Y 452 55.56 -20.68 66.28
N ALA Y 453 55.12 -20.48 67.52
CA ALA Y 453 55.70 -19.44 68.36
C ALA Y 453 56.87 -19.92 69.19
N LEU Y 454 57.02 -21.23 69.37
CA LEU Y 454 58.14 -21.73 70.15
C LEU Y 454 59.42 -21.92 69.34
N ARG Y 455 59.34 -21.82 68.02
CA ARG Y 455 60.52 -21.92 67.18
C ARG Y 455 61.14 -20.56 66.89
N GLN Y 456 60.85 -19.55 67.70
CA GLN Y 456 61.41 -18.23 67.45
C GLN Y 456 62.87 -18.17 67.87
N GLU Y 457 63.15 -18.43 69.14
CA GLU Y 457 64.53 -18.68 69.53
C GLU Y 457 65.02 -19.93 68.81
N PRO Y 458 66.18 -19.87 68.12
CA PRO Y 458 66.47 -20.91 67.12
C PRO Y 458 66.51 -22.34 67.65
N ALA Y 459 67.49 -22.66 68.51
CA ALA Y 459 67.62 -24.00 69.05
C ALA Y 459 68.85 -24.05 69.94
N GLU Y 460 68.97 -25.17 70.67
CA GLU Y 460 70.20 -25.54 71.34
C GLU Y 460 70.07 -27.03 71.63
N VAL Y 461 70.89 -27.84 70.98
CA VAL Y 461 70.75 -29.28 71.15
C VAL Y 461 71.57 -29.75 72.34
N GLN Y 462 70.95 -29.77 73.52
CA GLN Y 462 71.65 -30.22 74.71
C GLN Y 462 72.11 -31.66 74.54
N CYS Y 463 71.15 -32.58 74.48
CA CYS Y 463 71.42 -33.99 74.27
C CYS Y 463 70.41 -34.51 73.28
N ALA Y 464 70.87 -35.36 72.37
CA ALA Y 464 70.02 -35.85 71.28
C ALA Y 464 69.55 -37.27 71.51
N PHE Y 465 69.72 -37.82 72.71
CA PHE Y 465 69.48 -39.24 72.90
C PHE Y 465 68.01 -39.57 72.89
N GLY Y 466 67.22 -38.90 73.72
CA GLY Y 466 65.83 -39.27 73.84
C GLY Y 466 64.94 -38.77 72.72
N ALA Y 467 65.53 -38.19 71.68
CA ALA Y 467 64.73 -37.61 70.61
C ALA Y 467 65.33 -37.94 69.25
N TYR Y 468 65.73 -39.18 69.05
CA TYR Y 468 66.32 -39.55 67.77
C TYR Y 468 66.19 -41.05 67.56
N VAL Y 469 65.64 -41.44 66.41
CA VAL Y 469 65.61 -42.83 65.99
C VAL Y 469 66.38 -42.95 64.69
N ALA Y 470 66.56 -44.19 64.24
CA ALA Y 470 67.30 -44.46 63.01
C ALA Y 470 66.97 -45.87 62.54
N ASP Y 471 66.98 -46.06 61.23
CA ASP Y 471 66.88 -47.39 60.67
C ASP Y 471 68.29 -47.96 60.55
N ALA Y 472 68.45 -49.23 60.88
CA ALA Y 472 69.74 -49.89 60.83
C ALA Y 472 69.75 -50.91 59.71
N ARG Y 473 70.87 -50.98 59.00
CA ARG Y 473 71.02 -51.92 57.91
C ARG Y 473 71.09 -53.33 58.49
N PRO Y 474 70.93 -54.35 57.65
CA PRO Y 474 70.94 -55.73 58.16
C PRO Y 474 72.30 -56.18 58.69
N ASP Y 475 72.44 -57.47 58.97
CA ASP Y 475 73.53 -58.04 59.76
C ASP Y 475 73.46 -57.54 61.19
N ALA Y 476 72.38 -57.90 61.88
CA ALA Y 476 71.92 -57.14 63.04
C ALA Y 476 71.94 -57.97 64.32
N LEU Y 477 71.69 -57.25 65.41
CA LEU Y 477 71.32 -57.69 66.75
C LEU Y 477 72.46 -58.26 67.57
N VAL Y 478 73.65 -58.44 66.99
CA VAL Y 478 74.84 -58.79 67.77
C VAL Y 478 75.93 -57.75 67.56
N GLY Y 479 76.19 -57.38 66.32
CA GLY Y 479 77.10 -56.28 66.06
C GLY Y 479 76.44 -54.93 66.21
N LEU Y 480 75.11 -54.87 66.04
CA LEU Y 480 74.42 -53.61 66.24
C LEU Y 480 74.55 -53.12 67.66
N MET Y 481 74.48 -54.04 68.64
CA MET Y 481 74.66 -53.64 70.03
C MET Y 481 76.03 -53.03 70.26
N GLN Y 482 77.06 -53.62 69.66
CA GLN Y 482 78.40 -53.05 69.80
C GLN Y 482 78.48 -51.68 69.14
N ARG Y 483 78.01 -51.58 67.90
CA ARG Y 483 78.03 -50.31 67.20
C ARG Y 483 77.25 -49.24 67.94
N PHE Y 484 76.30 -49.63 68.79
CA PHE Y 484 75.57 -48.66 69.58
C PHE Y 484 76.32 -48.28 70.84
N LEU Y 485 76.66 -49.27 71.66
CA LEU Y 485 77.30 -49.00 72.94
C LEU Y 485 78.60 -48.24 72.78
N GLU Y 486 79.38 -48.57 71.75
CA GLU Y 486 80.71 -47.98 71.61
C GLU Y 486 80.64 -46.49 71.33
N GLU Y 487 79.57 -46.01 70.72
CA GLU Y 487 79.40 -44.59 70.44
C GLU Y 487 78.30 -43.94 71.25
N TRP Y 488 77.63 -44.68 72.12
CA TRP Y 488 76.55 -44.11 72.92
C TRP Y 488 76.99 -42.93 73.77
N PRO Y 489 78.10 -43.00 74.51
CA PRO Y 489 78.52 -41.81 75.28
C PRO Y 489 78.78 -40.59 74.43
N GLY Y 490 79.20 -40.76 73.18
CA GLY Y 490 79.44 -39.63 72.31
C GLY Y 490 78.16 -38.95 71.86
N MET Y 491 77.03 -39.40 72.39
CA MET Y 491 75.74 -38.82 72.06
C MET Y 491 75.08 -38.10 73.21
N MET Y 492 75.61 -38.23 74.43
CA MET Y 492 75.07 -37.56 75.62
C MET Y 492 76.17 -36.69 76.21
N PRO Y 493 76.35 -35.47 75.69
CA PRO Y 493 77.29 -34.55 76.34
C PRO Y 493 76.90 -34.19 77.75
N VAL Y 494 75.63 -34.36 78.12
CA VAL Y 494 75.14 -34.09 79.46
C VAL Y 494 74.16 -35.20 79.84
N ARG Y 495 73.63 -35.11 81.04
CA ARG Y 495 72.59 -36.05 81.43
C ARG Y 495 71.28 -35.67 80.75
N PRO Y 496 70.50 -36.65 80.30
CA PRO Y 496 69.24 -36.32 79.63
C PRO Y 496 68.16 -35.95 80.64
N ARG Y 497 67.38 -34.94 80.29
CA ARG Y 497 66.39 -34.43 81.22
C ARG Y 497 65.23 -35.40 81.42
N TRP Y 498 64.84 -36.11 80.37
CA TRP Y 498 63.65 -36.94 80.46
C TRP Y 498 63.86 -38.12 81.39
N ALA Y 499 65.05 -38.72 81.36
CA ALA Y 499 65.29 -39.91 82.18
C ALA Y 499 65.42 -39.55 83.65
N ALA Y 500 66.43 -38.78 83.99
CA ALA Y 500 66.57 -38.30 85.35
C ALA Y 500 65.49 -37.26 85.61
N PRO Y 501 64.49 -37.55 86.44
CA PRO Y 501 63.37 -36.62 86.60
C PRO Y 501 63.86 -35.28 87.13
N ALA Y 502 63.08 -34.25 86.85
CA ALA Y 502 63.49 -32.89 87.22
C ALA Y 502 63.50 -32.74 88.74
N ALA Y 503 62.33 -32.82 89.35
CA ALA Y 503 62.18 -32.72 90.79
C ALA Y 503 60.73 -33.02 91.13
N ALA Y 504 60.38 -32.86 92.39
CA ALA Y 504 58.98 -32.83 92.81
C ALA Y 504 58.44 -31.41 92.89
N ASP Y 505 59.16 -30.53 93.58
CA ASP Y 505 58.80 -29.13 93.70
C ASP Y 505 59.70 -28.21 92.91
N GLN Y 506 61.02 -28.47 92.91
CA GLN Y 506 61.95 -27.61 92.21
C GLN Y 506 61.66 -27.52 90.72
N LEU Y 507 60.75 -28.33 90.20
CA LEU Y 507 60.20 -28.07 88.87
C LEU Y 507 59.56 -26.70 88.83
N LEU Y 508 58.73 -26.38 89.81
CA LEU Y 508 58.04 -25.10 89.90
C LEU Y 508 58.93 -23.98 90.39
N ALA Y 509 60.23 -24.23 90.58
CA ALA Y 509 61.14 -23.17 90.98
C ALA Y 509 61.17 -22.09 89.92
N PRO Y 510 61.45 -20.85 90.30
CA PRO Y 510 61.26 -19.72 89.36
C PRO Y 510 62.34 -19.59 88.30
N GLY Y 511 63.24 -20.54 88.13
CA GLY Y 511 64.29 -20.33 87.16
C GLY Y 511 64.69 -21.49 86.27
N ASN Y 512 64.13 -22.67 86.49
CA ASN Y 512 64.64 -23.84 85.78
C ASN Y 512 64.25 -23.78 84.31
N ALA Y 513 64.67 -24.79 83.55
CA ALA Y 513 64.52 -24.81 82.10
C ALA Y 513 63.64 -25.97 81.66
N ASP Y 514 62.57 -26.23 82.41
CA ASP Y 514 61.54 -27.17 81.99
C ASP Y 514 60.18 -26.52 81.83
N LEU Y 515 59.87 -25.50 82.64
CA LEU Y 515 58.64 -24.75 82.45
C LEU Y 515 58.55 -24.17 81.05
N ARG Y 516 59.69 -23.83 80.45
CA ARG Y 516 59.70 -23.35 79.08
C ARG Y 516 59.25 -24.40 78.08
N LEU Y 517 59.09 -25.66 78.51
CA LEU Y 517 58.68 -26.74 77.62
C LEU Y 517 57.59 -27.58 78.26
N GLU Y 518 56.79 -26.97 79.13
CA GLU Y 518 55.69 -27.67 79.80
C GLU Y 518 54.49 -26.72 79.81
N LEU Y 519 53.69 -26.77 78.74
CA LEU Y 519 52.59 -25.83 78.65
C LEU Y 519 51.35 -26.44 77.99
N HIS Y 520 51.13 -27.75 78.15
CA HIS Y 520 49.92 -28.38 77.65
C HIS Y 520 49.79 -29.73 78.30
N PRO Y 521 48.58 -30.17 78.67
CA PRO Y 521 48.44 -31.41 79.42
C PRO Y 521 48.45 -32.67 78.58
N ALA Y 522 48.35 -32.57 77.26
CA ALA Y 522 48.30 -33.76 76.41
C ALA Y 522 49.31 -33.65 75.28
N PHE Y 523 50.48 -33.07 75.56
CA PHE Y 523 51.49 -32.90 74.53
C PHE Y 523 52.84 -32.73 75.21
N ASP Y 524 53.84 -33.42 74.71
CA ASP Y 524 55.21 -33.30 75.19
C ASP Y 524 56.02 -32.48 74.20
N PHE Y 525 56.79 -31.53 74.72
CA PHE Y 525 57.64 -30.69 73.90
C PHE Y 525 59.09 -30.96 74.24
N PHE Y 526 59.95 -30.97 73.22
CA PHE Y 526 61.36 -31.23 73.44
C PHE Y 526 62.14 -30.62 72.29
N VAL Y 527 63.45 -30.60 72.44
CA VAL Y 527 64.34 -30.24 71.35
C VAL Y 527 64.84 -31.53 70.70
N ALA Y 528 65.02 -31.49 69.39
CA ALA Y 528 65.42 -32.67 68.64
C ALA Y 528 66.16 -32.23 67.39
N PRO Y 529 67.15 -32.99 66.95
CA PRO Y 529 67.92 -32.58 65.76
C PRO Y 529 67.04 -32.47 64.53
N GLU Y 530 67.29 -31.42 63.75
CA GLU Y 530 66.47 -31.13 62.57
C GLU Y 530 66.85 -32.10 61.46
N VAL Y 531 66.30 -33.31 61.55
CA VAL Y 531 66.34 -34.31 60.50
C VAL Y 531 64.98 -34.98 60.42
N ASP Y 532 64.84 -35.89 59.47
CA ASP Y 532 63.64 -36.70 59.41
C ASP Y 532 63.83 -38.00 60.17
N VAL Y 533 62.72 -38.65 60.49
CA VAL Y 533 62.71 -39.84 61.33
C VAL Y 533 62.16 -41.00 60.50
N PRO Y 534 62.84 -42.14 60.44
CA PRO Y 534 64.17 -42.35 61.04
C PRO Y 534 65.27 -41.69 60.22
N GLY Y 535 66.53 -41.97 60.55
CA GLY Y 535 67.64 -41.39 59.85
C GLY Y 535 68.82 -42.32 59.80
N PRO Y 536 69.98 -41.79 59.41
CA PRO Y 536 71.19 -42.61 59.39
C PRO Y 536 71.62 -42.98 60.80
N PHE Y 537 72.48 -43.98 60.89
CA PHE Y 537 72.87 -44.50 62.20
C PHE Y 537 73.67 -43.47 62.99
N ALA Y 538 74.63 -42.82 62.34
CA ALA Y 538 75.36 -41.75 63.00
C ALA Y 538 74.49 -40.49 63.02
N VAL Y 539 74.35 -39.90 64.20
CA VAL Y 539 73.53 -38.69 64.33
C VAL Y 539 74.30 -37.50 63.78
N PRO Y 540 73.70 -36.68 62.92
CA PRO Y 540 74.40 -35.50 62.42
C PRO Y 540 74.47 -34.43 63.49
N GLN Y 541 75.04 -33.28 63.17
CA GLN Y 541 75.18 -32.18 64.11
C GLN Y 541 74.51 -30.93 63.60
N VAL Y 542 73.31 -31.06 63.06
CA VAL Y 542 72.55 -29.90 62.63
C VAL Y 542 71.87 -29.27 63.83
N MET Y 543 71.50 -27.99 63.68
CA MET Y 543 70.82 -27.29 64.75
C MET Y 543 69.41 -27.84 64.91
N GLY Y 544 69.02 -28.13 66.14
CA GLY Y 544 67.78 -28.82 66.39
C GLY Y 544 66.56 -27.96 66.16
N GLN Y 545 65.41 -28.53 66.50
CA GLN Y 545 64.14 -27.81 66.48
C GLN Y 545 63.36 -28.17 67.72
N VAL Y 546 62.13 -27.70 67.82
CA VAL Y 546 61.27 -27.97 68.97
C VAL Y 546 60.06 -28.72 68.44
N ARG Y 547 60.14 -30.04 68.43
CA ARG Y 547 59.03 -30.84 67.94
C ARG Y 547 58.02 -31.08 69.06
N ALA Y 548 57.00 -31.88 68.76
CA ALA Y 548 55.96 -32.16 69.73
C ALA Y 548 55.36 -33.52 69.42
N MET Y 549 55.07 -34.29 70.47
CA MET Y 549 54.53 -35.61 70.34
C MET Y 549 53.43 -35.75 71.39
N PRO Y 550 52.25 -36.23 71.03
CA PRO Y 550 51.15 -36.26 71.98
C PRO Y 550 51.35 -37.37 73.00
N ARG Y 551 51.00 -37.07 74.25
CA ARG Y 551 50.97 -38.10 75.28
C ARG Y 551 49.79 -39.00 74.97
N ILE Y 552 50.06 -40.15 74.36
CA ILE Y 552 48.98 -41.05 73.99
C ILE Y 552 48.23 -41.54 75.22
N ILE Y 553 48.91 -41.64 76.35
CA ILE Y 553 48.39 -42.28 77.54
C ILE Y 553 48.48 -41.32 78.71
N ASN Y 554 47.48 -41.36 79.60
CA ASN Y 554 47.50 -40.49 80.76
C ASN Y 554 48.54 -40.91 81.79
N GLY Y 555 49.20 -42.04 81.59
CA GLY Y 555 50.29 -42.40 82.48
C GLY Y 555 51.55 -41.63 82.21
N ASN Y 556 51.76 -41.23 80.95
CA ASN Y 556 52.97 -40.52 80.58
C ASN Y 556 53.05 -39.11 81.14
N ILE Y 557 52.01 -38.64 81.82
CA ILE Y 557 52.06 -37.37 82.54
C ILE Y 557 53.28 -37.44 83.45
N PRO Y 558 54.15 -36.44 83.45
CA PRO Y 558 55.35 -36.53 84.28
C PRO Y 558 54.99 -36.72 85.75
N LEU Y 559 55.90 -37.36 86.48
CA LEU Y 559 55.59 -37.74 87.85
C LEU Y 559 55.32 -36.53 88.73
N ALA Y 560 56.05 -35.44 88.50
CA ALA Y 560 55.94 -34.28 89.38
C ALA Y 560 54.55 -33.67 89.37
N LEU Y 561 53.73 -33.97 88.38
CA LEU Y 561 52.40 -33.39 88.30
C LEU Y 561 51.28 -34.41 88.44
N CYS Y 562 51.60 -35.70 88.47
CA CYS Y 562 50.63 -36.75 88.74
C CYS Y 562 51.35 -37.76 89.61
N PRO Y 563 51.45 -37.48 90.91
CA PRO Y 563 52.40 -38.21 91.75
C PRO Y 563 52.03 -39.69 91.89
N VAL Y 564 52.95 -40.43 92.48
CA VAL Y 564 52.79 -41.88 92.57
C VAL Y 564 51.68 -42.24 93.55
N ASP Y 565 51.55 -41.49 94.63
CA ASP Y 565 50.51 -41.76 95.61
C ASP Y 565 49.13 -41.73 94.96
N PHE Y 566 48.89 -40.75 94.09
CA PHE Y 566 47.59 -40.67 93.42
C PHE Y 566 47.35 -41.88 92.53
N ARG Y 567 48.39 -42.33 91.83
CA ARG Y 567 48.22 -43.49 90.96
C ARG Y 567 47.88 -44.73 91.77
N ASP Y 568 48.59 -44.96 92.87
CA ASP Y 568 48.30 -46.12 93.68
C ASP Y 568 46.94 -46.01 94.36
N ALA Y 569 46.51 -44.79 94.69
CA ALA Y 569 45.18 -44.62 95.25
C ALA Y 569 44.12 -44.99 94.24
N ARG Y 570 44.27 -44.53 92.99
CA ARG Y 570 43.32 -44.89 91.95
C ARG Y 570 43.32 -46.41 91.72
N GLY Y 571 44.50 -47.02 91.76
CA GLY Y 571 44.55 -48.47 91.62
C GLY Y 571 43.80 -49.18 92.72
N PHE Y 572 44.10 -48.85 93.98
CA PHE Y 572 43.37 -49.43 95.09
C PHE Y 572 41.88 -49.16 94.98
N GLU Y 573 41.51 -48.05 94.35
CA GLU Y 573 40.09 -47.78 94.13
C GLU Y 573 39.48 -48.80 93.17
N LEU Y 574 40.14 -49.02 92.04
CA LEU Y 574 39.60 -50.00 91.09
C LEU Y 574 39.69 -51.42 91.60
N SER Y 575 40.47 -51.68 92.65
CA SER Y 575 40.81 -53.04 93.04
C SER Y 575 39.90 -53.63 94.10
N VAL Y 576 38.93 -52.88 94.62
CA VAL Y 576 37.97 -53.48 95.53
C VAL Y 576 37.08 -54.43 94.74
N ASP Y 577 36.80 -55.59 95.33
CA ASP Y 577 35.83 -56.57 94.87
C ASP Y 577 35.73 -56.74 93.36
N ARG Y 578 36.86 -56.77 92.66
CA ARG Y 578 36.89 -57.15 91.25
C ARG Y 578 37.61 -58.48 91.05
N HIS Y 579 38.85 -58.57 91.51
CA HIS Y 579 39.58 -59.82 91.55
C HIS Y 579 40.75 -59.65 92.49
N ARG Y 580 41.30 -60.77 92.94
CA ARG Y 580 42.37 -60.77 93.91
C ARG Y 580 43.40 -61.78 93.44
N LEU Y 581 44.58 -61.72 94.04
CA LEU Y 581 45.58 -62.77 93.89
C LEU Y 581 45.80 -63.39 95.26
N ALA Y 582 45.55 -64.68 95.38
CA ALA Y 582 45.72 -65.36 96.64
C ALA Y 582 47.15 -65.14 97.14
N PRO Y 583 47.35 -64.97 98.45
CA PRO Y 583 48.70 -64.60 98.94
C PRO Y 583 49.77 -65.61 98.58
N ALA Y 584 49.45 -66.91 98.57
CA ALA Y 584 50.44 -67.90 98.17
C ALA Y 584 50.86 -67.72 96.72
N THR Y 585 49.91 -67.39 95.85
CA THR Y 585 50.22 -67.19 94.45
C THR Y 585 51.22 -66.06 94.25
N VAL Y 586 50.91 -64.89 94.81
CA VAL Y 586 51.82 -63.76 94.65
C VAL Y 586 53.14 -64.04 95.34
N ALA Y 587 53.12 -64.74 96.47
CA ALA Y 587 54.37 -65.06 97.16
C ALA Y 587 55.27 -65.91 96.27
N ALA Y 588 54.73 -66.97 95.69
CA ALA Y 588 55.54 -67.86 94.85
C ALA Y 588 56.04 -67.13 93.60
N VAL Y 589 55.16 -66.38 92.93
CA VAL Y 589 55.60 -65.71 91.71
C VAL Y 589 56.66 -64.67 92.01
N ARG Y 590 56.47 -63.88 93.07
CA ARG Y 590 57.50 -62.92 93.45
C ARG Y 590 58.80 -63.61 93.80
N GLY Y 591 58.72 -64.75 94.47
CA GLY Y 591 59.94 -65.50 94.76
C GLY Y 591 60.67 -65.90 93.49
N ALA Y 592 59.92 -66.33 92.47
CA ALA Y 592 60.56 -66.66 91.20
C ALA Y 592 61.20 -65.44 90.58
N PHE Y 593 60.49 -64.31 90.56
CA PHE Y 593 61.00 -63.13 89.88
C PHE Y 593 62.19 -62.51 90.62
N ARG Y 594 62.27 -62.69 91.93
CA ARG Y 594 63.38 -62.18 92.71
C ARG Y 594 64.50 -63.20 92.87
N ASP Y 595 64.31 -64.42 92.39
CA ASP Y 595 65.28 -65.48 92.61
C ASP Y 595 66.63 -65.12 92.00
N ALA Y 596 67.68 -65.65 92.61
CA ALA Y 596 69.04 -65.36 92.18
C ALA Y 596 69.69 -66.49 91.40
N ASN Y 597 69.19 -67.71 91.51
CA ASN Y 597 69.79 -68.85 90.83
C ASN Y 597 68.77 -69.60 90.00
N TYR Y 598 67.99 -68.87 89.22
CA TYR Y 598 67.11 -69.49 88.25
C TYR Y 598 67.92 -70.42 87.36
N PRO Y 599 67.52 -71.68 87.20
CA PRO Y 599 68.34 -72.62 86.43
C PRO Y 599 68.34 -72.27 84.95
N MET Y 600 69.54 -72.23 84.36
CA MET Y 600 69.67 -71.82 82.96
C MET Y 600 68.98 -72.78 82.02
N VAL Y 601 68.85 -74.05 82.42
CA VAL Y 601 68.19 -75.03 81.56
C VAL Y 601 66.77 -74.60 81.26
N PHE Y 602 66.14 -73.86 82.17
CA PHE Y 602 64.80 -73.35 81.90
C PHE Y 602 64.82 -72.35 80.76
N TYR Y 603 65.79 -71.45 80.75
CA TYR Y 603 65.92 -70.53 79.62
C TYR Y 603 66.18 -71.31 78.33
N ILE Y 604 66.95 -72.39 78.43
CA ILE Y 604 67.23 -73.18 77.23
C ILE Y 604 65.95 -73.80 76.69
N ILE Y 605 65.13 -74.37 77.58
CA ILE Y 605 63.85 -74.94 77.16
C ILE Y 605 62.96 -73.86 76.57
N GLU Y 606 62.94 -72.69 77.19
CA GLU Y 606 62.19 -71.56 76.66
C GLU Y 606 62.61 -71.27 75.23
N ALA Y 607 63.92 -71.18 74.99
CA ALA Y 607 64.40 -70.83 73.67
C ALA Y 607 64.05 -71.90 72.66
N VAL Y 608 64.26 -73.17 73.00
CA VAL Y 608 64.03 -74.23 72.04
C VAL Y 608 62.55 -74.38 71.75
N ILE Y 609 61.68 -74.03 72.69
CA ILE Y 609 60.24 -74.09 72.41
C ILE Y 609 59.81 -72.86 71.62
N HIS Y 610 60.35 -71.69 71.96
CA HIS Y 610 60.08 -70.43 71.28
C HIS Y 610 58.62 -70.23 70.94
N GLY Y 611 57.72 -70.59 71.86
CA GLY Y 611 56.31 -70.36 71.63
C GLY Y 611 55.72 -71.18 70.52
N SER Y 612 56.10 -72.45 70.42
CA SER Y 612 55.52 -73.31 69.41
C SER Y 612 54.42 -74.17 70.01
N GLU Y 613 53.34 -74.32 69.26
CA GLU Y 613 52.26 -75.17 69.74
C GLU Y 613 52.65 -76.64 69.67
N ARG Y 614 53.14 -77.09 68.53
CA ARG Y 614 53.48 -78.50 68.38
C ARG Y 614 54.61 -78.90 69.32
N THR Y 615 55.69 -78.11 69.34
CA THR Y 615 56.88 -78.50 70.09
C THR Y 615 56.58 -78.61 71.59
N PHE Y 616 55.71 -77.75 72.10
CA PHE Y 616 55.39 -77.84 73.53
C PHE Y 616 54.57 -79.09 73.82
N CYS Y 617 53.59 -79.40 72.97
CA CYS Y 617 52.85 -80.63 73.17
C CYS Y 617 53.72 -81.85 72.96
N ALA Y 618 54.88 -81.70 72.33
CA ALA Y 618 55.83 -82.79 72.23
C ALA Y 618 56.69 -82.92 73.48
N LEU Y 619 57.13 -81.79 74.04
CA LEU Y 619 58.04 -81.80 75.19
C LEU Y 619 57.32 -81.72 76.53
N ALA Y 620 55.99 -81.83 76.52
CA ALA Y 620 55.20 -81.73 77.75
C ALA Y 620 55.78 -82.53 78.90
N ARG Y 621 56.29 -83.73 78.63
CA ARG Y 621 56.73 -84.58 79.73
C ARG Y 621 57.94 -83.99 80.44
N LEU Y 622 58.96 -83.58 79.68
CA LEU Y 622 60.12 -82.95 80.28
C LEU Y 622 59.74 -81.65 80.97
N VAL Y 623 58.84 -80.88 80.36
CA VAL Y 623 58.40 -79.64 80.98
C VAL Y 623 57.78 -79.91 82.35
N ALA Y 624 56.89 -80.90 82.41
CA ALA Y 624 56.25 -81.22 83.68
C ALA Y 624 57.26 -81.73 84.69
N GLN Y 625 58.24 -82.51 84.24
CA GLN Y 625 59.27 -82.98 85.16
C GLN Y 625 60.01 -81.81 85.79
N CYS Y 626 60.40 -80.84 84.96
CA CYS Y 626 61.09 -79.68 85.47
C CYS Y 626 60.23 -78.92 86.47
N ILE Y 627 58.95 -78.73 86.14
CA ILE Y 627 58.06 -78.00 87.04
C ILE Y 627 57.97 -78.71 88.38
N GLN Y 628 57.70 -80.01 88.36
CA GLN Y 628 57.58 -80.76 89.60
C GLN Y 628 58.83 -80.63 90.45
N SER Y 629 60.00 -80.81 89.83
CA SER Y 629 61.24 -80.79 90.60
C SER Y 629 61.50 -79.41 91.19
N TYR Y 630 61.42 -78.37 90.37
CA TYR Y 630 61.69 -77.03 90.88
C TYR Y 630 60.70 -76.65 91.97
N TRP Y 631 59.43 -77.02 91.81
CA TRP Y 631 58.44 -76.70 92.82
C TRP Y 631 58.77 -77.40 94.14
N ARG Y 632 58.95 -78.72 94.10
CA ARG Y 632 59.27 -79.40 95.35
C ARG Y 632 60.64 -79.03 95.88
N ASN Y 633 61.43 -78.28 95.11
CA ASN Y 633 62.70 -77.79 95.60
C ASN Y 633 62.57 -76.46 96.32
N THR Y 634 61.79 -75.50 95.79
CA THR Y 634 61.72 -74.18 96.41
C THR Y 634 60.32 -73.57 96.46
N HIS Y 635 59.29 -74.29 96.02
CA HIS Y 635 57.89 -73.85 96.00
C HIS Y 635 57.64 -72.72 95.01
N ASN Y 636 58.66 -72.22 94.34
CA ASN Y 636 58.47 -71.17 93.35
C ASN Y 636 58.04 -71.77 92.02
N ALA Y 637 57.17 -71.06 91.32
CA ALA Y 637 56.74 -71.49 90.00
C ALA Y 637 57.88 -71.35 89.01
N ALA Y 638 57.63 -71.73 87.76
CA ALA Y 638 58.64 -71.66 86.73
C ALA Y 638 57.99 -71.33 85.40
N PHE Y 639 58.83 -70.84 84.47
CA PHE Y 639 58.44 -70.47 83.11
C PHE Y 639 57.53 -69.25 83.08
N VAL Y 640 57.43 -68.49 84.16
CA VAL Y 640 56.46 -67.40 84.25
C VAL Y 640 56.93 -66.20 83.45
N ASN Y 641 58.13 -66.28 82.87
CA ASN Y 641 58.63 -65.15 82.10
C ASN Y 641 57.97 -65.07 80.73
N ASN Y 642 57.68 -66.22 80.11
CA ASN Y 642 57.03 -66.24 78.81
C ASN Y 642 55.53 -66.44 78.97
N PHE Y 643 54.75 -65.68 78.20
CA PHE Y 643 53.30 -65.75 78.33
C PHE Y 643 52.73 -66.98 77.63
N TYR Y 644 53.19 -67.25 76.41
CA TYR Y 644 52.67 -68.41 75.69
C TYR Y 644 52.88 -69.68 76.50
N MET Y 645 53.97 -69.76 77.26
CA MET Y 645 54.21 -70.95 78.05
C MET Y 645 53.24 -71.04 79.21
N VAL Y 646 53.00 -69.94 79.92
CA VAL Y 646 52.06 -69.97 81.03
C VAL Y 646 50.64 -70.17 80.54
N MET Y 647 50.38 -69.96 79.25
CA MET Y 647 49.07 -70.32 78.72
C MET Y 647 49.01 -71.80 78.39
N TYR Y 648 50.01 -72.29 77.66
CA TYR Y 648 50.04 -73.70 77.28
C TYR Y 648 50.04 -74.62 78.48
N ILE Y 649 50.68 -74.20 79.58
CA ILE Y 649 50.74 -75.03 80.78
C ILE Y 649 49.33 -75.40 81.21
N ASN Y 650 48.52 -74.39 81.53
CA ASN Y 650 47.16 -74.67 82.00
C ASN Y 650 46.31 -75.26 80.89
N THR Y 651 46.58 -74.93 79.62
CA THR Y 651 45.74 -75.47 78.55
C THR Y 651 45.89 -76.98 78.44
N TYR Y 652 47.12 -77.47 78.36
CA TYR Y 652 47.35 -78.89 78.11
C TYR Y 652 47.76 -79.64 79.36
N LEU Y 653 48.83 -79.22 80.02
CA LEU Y 653 49.29 -79.94 81.20
C LEU Y 653 48.24 -79.91 82.30
N GLY Y 654 47.97 -78.72 82.82
CA GLY Y 654 46.78 -78.43 83.61
C GLY Y 654 46.34 -79.46 84.63
N ASN Y 655 45.17 -80.04 84.39
CA ASN Y 655 44.49 -80.91 85.35
C ASN Y 655 45.23 -82.22 85.63
N GLY Y 656 46.38 -82.40 85.00
CA GLY Y 656 47.03 -83.69 85.05
C GLY Y 656 48.20 -83.82 86.00
N GLU Y 657 49.42 -83.74 85.46
CA GLU Y 657 50.59 -84.18 86.20
C GLU Y 657 50.95 -83.23 87.34
N LEU Y 658 50.64 -81.95 87.22
CA LEU Y 658 51.01 -81.01 88.25
C LEU Y 658 50.23 -81.28 89.54
N PRO Y 659 50.83 -81.09 90.70
CA PRO Y 659 50.07 -81.20 91.95
C PRO Y 659 49.06 -80.07 92.06
N GLU Y 660 48.05 -80.28 92.91
CA GLU Y 660 47.01 -79.28 93.06
C GLU Y 660 47.59 -77.92 93.43
N ASP Y 661 48.47 -77.89 94.44
CA ASP Y 661 49.04 -76.63 94.89
C ASP Y 661 49.89 -75.96 93.83
N CYS Y 662 50.38 -76.70 92.85
CA CYS Y 662 51.19 -76.12 91.79
C CYS Y 662 50.38 -75.63 90.60
N ALA Y 663 49.17 -76.16 90.41
CA ALA Y 663 48.32 -75.64 89.36
C ALA Y 663 47.62 -74.36 89.77
N ALA Y 664 47.48 -74.12 91.07
CA ALA Y 664 46.81 -72.92 91.55
C ALA Y 664 47.47 -71.67 91.00
N VAL Y 665 48.80 -71.63 90.99
CA VAL Y 665 49.50 -70.45 90.52
C VAL Y 665 49.24 -70.22 89.05
N TYR Y 666 49.32 -71.29 88.25
CA TYR Y 666 49.13 -71.16 86.82
C TYR Y 666 47.69 -70.91 86.43
N LYS Y 667 46.75 -71.12 87.35
CA LYS Y 667 45.38 -70.73 87.07
C LYS Y 667 45.10 -69.29 87.51
N ASP Y 668 45.72 -68.88 88.63
CA ASP Y 668 45.56 -67.50 89.07
C ASP Y 668 46.18 -66.52 88.09
N LEU Y 669 47.38 -66.81 87.61
CA LEU Y 669 48.02 -65.90 86.67
C LEU Y 669 47.19 -65.71 85.41
N LEU Y 670 46.39 -66.70 85.06
CA LEU Y 670 45.56 -66.59 83.88
C LEU Y 670 44.27 -65.85 84.18
N GLU Y 671 43.60 -66.20 85.28
CA GLU Y 671 42.31 -65.57 85.56
C GLU Y 671 42.48 -64.11 85.93
N HIS Y 672 43.64 -63.72 86.46
CA HIS Y 672 43.88 -62.31 86.71
C HIS Y 672 43.93 -61.53 85.41
N VAL Y 673 44.61 -62.09 84.41
CA VAL Y 673 44.66 -61.46 83.09
C VAL Y 673 43.25 -61.38 82.51
N HIS Y 674 42.45 -62.43 82.72
CA HIS Y 674 41.10 -62.40 82.18
C HIS Y 674 40.26 -61.31 82.85
N ALA Y 675 40.43 -61.13 84.15
CA ALA Y 675 39.72 -60.05 84.83
C ALA Y 675 40.16 -58.69 84.31
N LEU Y 676 41.46 -58.49 84.15
CA LEU Y 676 41.94 -57.22 83.63
C LEU Y 676 41.44 -56.96 82.22
N ARG Y 677 41.28 -58.02 81.42
CA ARG Y 677 40.70 -57.85 80.09
C ARG Y 677 39.24 -57.45 80.18
N ARG Y 678 38.51 -58.05 81.14
CA ARG Y 678 37.12 -57.64 81.34
C ARG Y 678 37.03 -56.18 81.76
N LEU Y 679 38.08 -55.66 82.41
CA LEU Y 679 37.99 -54.31 82.96
C LEU Y 679 37.71 -53.27 81.88
N ILE Y 680 38.53 -53.22 80.83
CA ILE Y 680 38.39 -52.16 79.84
C ILE Y 680 37.02 -52.20 79.20
N GLY Y 681 36.38 -53.37 79.16
CA GLY Y 681 35.06 -53.46 78.56
C GLY Y 681 34.01 -52.70 79.35
N GLU Y 682 34.11 -52.72 80.67
CA GLU Y 682 33.11 -52.10 81.53
C GLU Y 682 33.42 -50.65 81.83
N PHE Y 683 34.28 -50.01 81.05
CA PHE Y 683 34.54 -48.59 81.20
C PHE Y 683 34.27 -47.83 79.90
N THR Y 684 33.38 -48.35 79.06
CA THR Y 684 33.06 -47.68 77.82
C THR Y 684 31.60 -47.91 77.47
N LEU Y 685 30.96 -46.88 76.93
CA LEU Y 685 29.59 -47.02 76.47
C LEU Y 685 29.59 -47.53 75.04
N PRO Y 686 28.84 -48.60 74.75
CA PRO Y 686 28.98 -49.24 73.43
C PRO Y 686 28.51 -48.34 72.31
N GLY Y 687 29.08 -48.56 71.13
CA GLY Y 687 28.77 -47.78 69.96
C GLY Y 687 29.03 -48.56 68.71
N ASP Y 688 29.60 -47.90 67.70
CA ASP Y 688 29.87 -48.52 66.42
C ASP Y 688 31.31 -48.23 66.01
N PRO Y 689 31.92 -49.14 65.24
CA PRO Y 689 33.30 -48.91 64.77
C PRO Y 689 33.38 -47.60 63.99
N LEU Y 690 34.18 -46.68 64.50
CA LEU Y 690 34.27 -45.35 63.90
C LEU Y 690 35.35 -45.29 62.83
N GLY Y 691 36.60 -45.53 63.20
CA GLY Y 691 37.70 -45.46 62.27
C GLY Y 691 38.08 -46.82 61.74
N ASN Y 692 37.07 -47.62 61.38
CA ASN Y 692 37.26 -49.03 61.06
C ASN Y 692 37.97 -49.75 62.21
N GLN Y 693 37.65 -49.31 63.42
CA GLN Y 693 38.22 -49.84 64.64
C GLN Y 693 37.07 -49.86 65.65
N PRO Y 694 36.87 -50.98 66.35
CA PRO Y 694 35.84 -51.01 67.38
C PRO Y 694 36.02 -49.89 68.39
N GLN Y 695 34.90 -49.38 68.88
CA GLN Y 695 34.93 -48.24 69.81
C GLN Y 695 35.77 -48.51 71.03
N GLU Y 696 36.07 -49.78 71.31
CA GLU Y 696 36.82 -50.11 72.52
C GLU Y 696 38.23 -49.57 72.45
N GLU Y 697 39.00 -49.99 71.45
CA GLU Y 697 40.42 -49.65 71.41
C GLU Y 697 40.66 -48.16 71.24
N LEU Y 698 39.67 -47.38 70.80
CA LEU Y 698 39.82 -45.94 70.83
C LEU Y 698 39.78 -45.40 72.24
N ASN Y 699 39.22 -46.16 73.18
CA ASN Y 699 39.17 -45.74 74.57
C ASN Y 699 40.44 -46.13 75.30
N HIS Y 700 40.73 -47.42 75.35
CA HIS Y 700 41.94 -47.90 76.01
C HIS Y 700 43.13 -47.74 75.07
N ALA Y 701 44.28 -48.30 75.45
CA ALA Y 701 45.45 -48.28 74.59
C ALA Y 701 46.17 -49.62 74.59
N LEU Y 702 45.58 -50.65 75.17
CA LEU Y 702 46.14 -51.99 75.14
C LEU Y 702 45.27 -52.96 74.36
N ALA Y 703 44.10 -52.53 73.91
CA ALA Y 703 43.32 -53.29 72.95
C ALA Y 703 43.59 -52.83 71.54
N ASP Y 704 44.44 -51.82 71.36
CA ASP Y 704 44.79 -51.35 70.03
C ASP Y 704 45.58 -52.43 69.30
N ALA Y 705 45.03 -52.90 68.18
CA ALA Y 705 45.71 -53.91 67.40
C ALA Y 705 46.91 -53.36 66.65
N THR Y 706 47.03 -52.04 66.55
CA THR Y 706 48.15 -51.41 65.87
C THR Y 706 49.29 -51.04 66.83
N LEU Y 707 49.38 -51.73 67.96
CA LEU Y 707 50.48 -51.54 68.90
C LEU Y 707 51.07 -52.92 69.17
N LEU Y 708 52.27 -53.17 68.65
CA LEU Y 708 52.84 -54.49 68.74
C LEU Y 708 53.23 -54.80 70.19
N PRO Y 709 53.00 -56.03 70.65
CA PRO Y 709 53.46 -56.42 71.97
C PRO Y 709 54.98 -56.33 72.06
N PRO Y 710 55.55 -56.43 73.26
CA PRO Y 710 57.01 -56.34 73.34
C PRO Y 710 57.73 -57.50 72.69
N LEU Y 711 57.16 -58.70 72.71
CA LEU Y 711 57.81 -59.88 72.18
C LEU Y 711 56.81 -60.70 71.40
N ILE Y 712 57.06 -60.91 70.12
CA ILE Y 712 56.22 -61.75 69.28
C ILE Y 712 56.97 -63.04 68.98
N TRP Y 713 56.21 -64.04 68.53
CA TRP Y 713 56.79 -65.34 68.19
C TRP Y 713 56.20 -65.91 66.91
N ASP Y 714 55.47 -65.11 66.15
CA ASP Y 714 54.93 -65.51 64.86
C ASP Y 714 54.65 -64.23 64.10
N CYS Y 715 53.84 -64.30 63.05
CA CYS Y 715 53.38 -63.10 62.39
C CYS Y 715 51.93 -62.78 62.73
N ASP Y 716 51.34 -63.53 63.67
CA ASP Y 716 49.93 -63.33 64.02
C ASP Y 716 49.58 -61.88 64.31
N PRO Y 717 50.29 -61.16 65.19
CA PRO Y 717 49.96 -59.74 65.39
C PRO Y 717 50.11 -58.93 64.12
N ILE Y 718 51.11 -59.23 63.29
CA ILE Y 718 51.36 -58.42 62.11
C ILE Y 718 50.28 -58.66 61.06
N LEU Y 719 49.79 -59.90 60.94
CA LEU Y 719 48.75 -60.16 59.96
C LEU Y 719 47.49 -59.35 60.26
N TYR Y 720 47.15 -59.20 61.54
CA TYR Y 720 46.02 -58.37 61.91
C TYR Y 720 46.35 -56.89 61.89
N ARG Y 721 47.63 -56.52 61.78
CA ARG Y 721 48.01 -55.12 61.81
C ARG Y 721 47.76 -54.45 60.46
N ASP Y 722 48.17 -55.10 59.38
CA ASP Y 722 48.06 -54.47 58.07
C ASP Y 722 46.63 -54.31 57.60
N GLY Y 723 45.67 -54.97 58.24
CA GLY Y 723 44.27 -54.77 57.88
C GLY Y 723 43.76 -53.37 58.14
N LEU Y 724 44.52 -52.55 58.84
CA LEU Y 724 44.14 -51.17 59.16
C LEU Y 724 45.05 -50.26 58.35
N ALA Y 725 44.52 -49.72 57.25
CA ALA Y 725 45.27 -48.83 56.38
C ALA Y 725 44.82 -47.38 56.49
N GLU Y 726 43.75 -47.12 57.24
CA GLU Y 726 43.25 -45.76 57.37
C GLU Y 726 44.32 -44.83 57.92
N ARG Y 727 44.87 -45.16 59.08
CA ARG Y 727 46.06 -44.50 59.59
C ARG Y 727 47.24 -45.39 59.22
N LEU Y 728 47.73 -45.20 58.01
CA LEU Y 728 48.62 -46.15 57.36
C LEU Y 728 49.84 -46.42 58.23
N PRO Y 729 50.03 -47.66 58.68
CA PRO Y 729 51.26 -48.03 59.38
C PRO Y 729 52.33 -48.50 58.41
N GLU Y 730 53.56 -48.48 58.89
CA GLU Y 730 54.70 -48.87 58.05
C GLU Y 730 55.69 -49.64 58.93
N LEU Y 731 55.57 -50.96 58.92
CA LEU Y 731 56.48 -51.82 59.66
C LEU Y 731 57.71 -52.11 58.81
N ARG Y 732 58.88 -52.08 59.44
CA ARG Y 732 60.13 -52.35 58.77
C ARG Y 732 61.00 -53.22 59.66
N VAL Y 733 61.49 -54.32 59.12
CA VAL Y 733 62.37 -55.24 59.84
C VAL Y 733 63.75 -55.13 59.20
N ASN Y 734 64.65 -54.42 59.86
CA ASN Y 734 66.02 -54.21 59.37
C ASN Y 734 66.05 -53.61 57.98
N GLY Y 735 64.97 -52.98 57.53
CA GLY Y 735 64.95 -52.33 56.25
C GLY Y 735 64.07 -53.04 55.24
N ALA Y 736 64.15 -54.37 55.20
CA ALA Y 736 63.27 -55.14 54.34
C ALA Y 736 61.87 -55.18 54.95
N HIS Y 737 60.86 -55.20 54.08
CA HIS Y 737 59.49 -55.19 54.59
C HIS Y 737 59.22 -56.43 55.41
N PHE Y 738 59.09 -57.57 54.75
CA PHE Y 738 59.34 -58.90 55.31
C PHE Y 738 58.99 -59.94 54.25
N GLN Y 739 59.56 -61.12 54.41
CA GLN Y 739 59.30 -62.25 53.52
C GLN Y 739 58.80 -63.39 54.39
N HIS Y 740 57.51 -63.67 54.33
CA HIS Y 740 56.89 -64.64 55.22
C HIS Y 740 57.33 -66.04 54.84
N ILE Y 741 58.32 -66.57 55.56
CA ILE Y 741 58.79 -67.92 55.32
C ILE Y 741 58.24 -68.84 56.40
N LEU Y 742 57.87 -70.04 56.00
CA LEU Y 742 57.24 -70.99 56.91
C LEU Y 742 58.29 -71.77 57.69
N TRP Y 743 57.87 -72.86 58.33
CA TRP Y 743 58.78 -73.71 59.08
C TRP Y 743 60.03 -74.01 58.27
N VAL Y 744 61.17 -74.10 58.97
CA VAL Y 744 62.44 -74.45 58.37
C VAL Y 744 62.99 -75.67 59.10
N GLU Y 745 63.40 -76.67 58.34
CA GLU Y 745 63.96 -77.88 58.92
C GLU Y 745 65.48 -77.76 58.98
N MET Y 746 66.15 -78.86 59.26
CA MET Y 746 67.60 -78.87 59.27
C MET Y 746 68.19 -78.60 57.89
N ALA Y 747 67.39 -78.71 56.83
CA ALA Y 747 67.91 -78.55 55.48
C ALA Y 747 68.44 -77.14 55.26
N GLN Y 748 67.58 -76.13 55.41
CA GLN Y 748 67.97 -74.74 55.18
C GLN Y 748 67.93 -74.00 56.52
N VAL Y 749 69.03 -74.06 57.26
CA VAL Y 749 69.08 -73.37 58.55
C VAL Y 749 69.62 -71.96 58.39
N ASN Y 750 70.72 -71.78 57.66
CA ASN Y 750 71.26 -70.48 57.27
C ASN Y 750 71.26 -69.48 58.43
N PHE Y 751 72.04 -69.81 59.46
CA PHE Y 751 72.08 -68.97 60.66
C PHE Y 751 72.67 -67.59 60.40
N ARG Y 752 72.99 -67.25 59.16
CA ARG Y 752 73.60 -65.97 58.84
C ARG Y 752 72.69 -65.03 58.06
N ASN Y 753 71.51 -65.48 57.66
CA ASN Y 753 70.61 -64.63 56.90
C ASN Y 753 70.29 -63.38 57.69
N VAL Y 754 69.99 -62.30 56.96
CA VAL Y 754 69.86 -60.98 57.58
C VAL Y 754 68.57 -60.30 57.16
N GLY Y 755 67.97 -60.78 56.07
CA GLY Y 755 66.81 -60.10 55.49
C GLY Y 755 65.60 -60.03 56.39
N GLY Y 756 64.51 -59.49 55.88
CA GLY Y 756 63.28 -59.47 56.63
C GLY Y 756 62.51 -60.76 56.44
N GLY Y 757 62.69 -61.69 57.36
CA GLY Y 757 62.00 -62.96 57.28
C GLY Y 757 61.69 -63.52 58.65
N LEU Y 758 60.42 -63.78 58.91
CA LEU Y 758 59.99 -64.38 60.15
C LEU Y 758 59.48 -65.79 59.86
N VAL Y 759 59.36 -66.59 60.92
CA VAL Y 759 59.05 -68.01 60.78
C VAL Y 759 57.78 -68.33 61.55
N HIS Y 760 56.76 -68.79 60.83
CA HIS Y 760 55.61 -69.43 61.45
C HIS Y 760 56.02 -70.83 61.87
N ASN Y 761 56.18 -71.04 63.16
CA ASN Y 761 56.66 -72.32 63.66
C ASN Y 761 55.69 -73.46 63.32
N ARG Y 762 56.12 -74.38 62.43
CA ARG Y 762 55.36 -75.59 62.17
C ARG Y 762 53.92 -75.21 61.86
N PRO Y 763 53.64 -74.70 60.67
CA PRO Y 763 52.67 -73.62 60.51
C PRO Y 763 51.51 -73.65 61.48
N VAL Y 764 50.90 -74.82 61.63
CA VAL Y 764 49.72 -74.99 62.45
C VAL Y 764 49.65 -76.45 62.86
N ARG Y 765 48.86 -76.72 63.89
CA ARG Y 765 48.66 -78.09 64.33
C ARG Y 765 48.13 -78.98 63.20
N ASN Y 766 47.25 -78.44 62.35
CA ASN Y 766 46.52 -79.36 61.50
C ASN Y 766 46.50 -78.99 60.02
N GLU Y 767 46.37 -77.71 59.68
CA GLU Y 767 45.90 -77.35 58.35
C GLU Y 767 46.97 -77.53 57.28
N ASN Y 768 48.10 -76.83 57.41
CA ASN Y 768 49.09 -76.73 56.34
C ASN Y 768 48.47 -76.13 55.08
N GLN Y 769 47.94 -74.93 55.25
CA GLN Y 769 47.24 -74.16 54.24
C GLN Y 769 47.94 -72.81 54.05
N PRO Y 770 47.63 -72.07 52.98
CA PRO Y 770 48.38 -70.83 52.75
C PRO Y 770 48.03 -69.71 53.72
N LEU Y 771 48.91 -69.45 54.68
CA LEU Y 771 48.93 -68.20 55.45
C LEU Y 771 47.58 -67.91 56.11
N HIS Y 772 47.24 -68.75 57.08
CA HIS Y 772 46.09 -68.47 57.93
C HIS Y 772 46.60 -68.23 59.35
N PRO Y 773 46.30 -67.08 59.95
CA PRO Y 773 46.75 -66.83 61.32
C PRO Y 773 46.09 -67.81 62.29
N HIS Y 774 46.90 -68.44 63.13
CA HIS Y 774 46.44 -69.54 63.96
C HIS Y 774 46.18 -69.13 65.40
N HIS Y 775 45.83 -67.86 65.61
CA HIS Y 775 45.44 -67.38 66.94
C HIS Y 775 44.62 -66.12 66.76
N ASP Y 776 43.47 -66.07 67.40
CA ASP Y 776 42.50 -65.00 67.24
C ASP Y 776 43.08 -63.68 67.73
N ALA Y 777 42.33 -62.58 67.58
CA ALA Y 777 42.86 -61.28 67.94
C ALA Y 777 43.12 -61.17 69.43
N GLU Y 778 42.12 -61.54 70.24
CA GLU Y 778 42.19 -61.30 71.68
C GLU Y 778 43.38 -61.99 72.33
N TRP Y 779 43.99 -62.96 71.67
CA TRP Y 779 45.16 -63.61 72.23
C TRP Y 779 46.32 -62.62 72.35
N SER Y 780 46.59 -61.86 71.29
CA SER Y 780 47.62 -60.84 71.36
C SER Y 780 47.27 -59.77 72.38
N VAL Y 781 45.99 -59.47 72.55
CA VAL Y 781 45.56 -58.52 73.56
C VAL Y 781 45.94 -59.02 74.94
N LEU Y 782 45.65 -60.30 75.20
CA LEU Y 782 46.06 -60.91 76.47
C LEU Y 782 47.56 -60.83 76.65
N SER Y 783 48.31 -61.03 75.58
CA SER Y 783 49.76 -60.95 75.67
C SER Y 783 50.22 -59.55 76.11
N LYS Y 784 49.70 -58.53 75.43
CA LYS Y 784 50.03 -57.16 75.81
C LYS Y 784 49.67 -56.88 77.26
N ILE Y 785 48.50 -57.35 77.69
CA ILE Y 785 48.09 -57.17 79.08
C ILE Y 785 49.15 -57.75 80.00
N TYR Y 786 49.46 -59.03 79.80
CA TYR Y 786 50.37 -59.71 80.72
C TYR Y 786 51.72 -59.01 80.78
N TYR Y 787 52.22 -58.55 79.63
CA TYR Y 787 53.58 -58.03 79.63
C TYR Y 787 53.66 -56.58 80.09
N TYR Y 788 52.65 -55.77 79.82
CA TYR Y 788 52.70 -54.37 80.21
C TYR Y 788 52.06 -54.07 81.55
N ALA Y 789 51.40 -55.04 82.17
CA ALA Y 789 50.67 -54.76 83.40
C ALA Y 789 51.08 -55.63 84.58
N VAL Y 790 51.41 -56.89 84.36
CA VAL Y 790 51.65 -57.82 85.45
C VAL Y 790 53.14 -58.06 85.68
N VAL Y 791 53.92 -58.20 84.62
CA VAL Y 791 55.35 -58.46 84.78
C VAL Y 791 56.02 -57.36 85.59
N PRO Y 792 55.94 -56.08 85.19
CA PRO Y 792 56.59 -55.05 86.01
C PRO Y 792 55.96 -54.92 87.38
N ALA Y 793 54.72 -55.34 87.53
CA ALA Y 793 54.08 -55.34 88.84
C ALA Y 793 54.74 -56.30 89.81
N PHE Y 794 55.58 -57.21 89.32
CA PHE Y 794 56.32 -58.13 90.20
C PHE Y 794 57.82 -57.91 90.15
N SER Y 795 58.38 -57.66 88.98
CA SER Y 795 59.83 -57.47 88.88
C SER Y 795 60.27 -56.13 89.44
N ARG Y 796 59.47 -55.09 89.23
CA ARG Y 796 59.81 -53.74 89.70
C ARG Y 796 61.13 -53.26 89.08
N GLY Y 797 61.36 -53.61 87.83
CA GLY Y 797 62.53 -53.12 87.13
C GLY Y 797 63.74 -54.00 87.24
N ASN Y 798 63.60 -55.28 86.92
CA ASN Y 798 64.76 -56.16 86.86
C ASN Y 798 64.87 -56.89 85.54
N CYS Y 799 63.75 -57.32 84.97
CA CYS Y 799 63.79 -58.06 83.71
C CYS Y 799 64.40 -57.21 82.61
N CYS Y 800 64.84 -57.88 81.54
CA CYS Y 800 65.43 -57.20 80.39
C CYS Y 800 65.37 -58.15 79.21
N THR Y 801 64.64 -57.76 78.17
CA THR Y 801 64.50 -58.62 77.00
C THR Y 801 65.86 -58.87 76.37
N MET Y 802 66.11 -60.10 75.94
CA MET Y 802 67.41 -60.47 75.43
C MET Y 802 67.31 -61.29 74.15
N GLY Y 803 68.20 -61.00 73.21
CA GLY Y 803 68.36 -61.83 72.04
C GLY Y 803 69.26 -63.00 72.35
N VAL Y 804 68.92 -64.15 71.79
CA VAL Y 804 69.52 -65.42 72.15
C VAL Y 804 70.37 -65.93 70.98
N ARG Y 805 71.51 -66.54 71.30
CA ARG Y 805 72.38 -67.15 70.30
C ARG Y 805 71.84 -68.53 69.96
N TYR Y 806 71.10 -68.62 68.86
CA TYR Y 806 70.51 -69.89 68.50
C TYR Y 806 71.53 -70.91 68.01
N ASP Y 807 72.78 -70.51 67.80
CA ASP Y 807 73.78 -71.45 67.32
C ASP Y 807 74.29 -72.31 68.46
N ARG Y 808 74.85 -71.69 69.50
CA ARG Y 808 75.39 -72.44 70.62
C ARG Y 808 74.33 -73.33 71.26
N VAL Y 809 73.10 -72.82 71.39
CA VAL Y 809 72.09 -73.59 72.09
C VAL Y 809 71.70 -74.83 71.30
N TYR Y 810 71.58 -74.71 69.98
CA TYR Y 810 71.23 -75.88 69.19
C TYR Y 810 72.39 -76.86 69.14
N GLN Y 811 73.61 -76.35 68.97
CA GLN Y 811 74.76 -77.25 69.00
C GLN Y 811 74.92 -77.95 70.33
N LEU Y 812 74.39 -77.37 71.40
CA LEU Y 812 74.46 -77.99 72.73
C LEU Y 812 73.32 -78.95 72.99
N VAL Y 813 72.10 -78.64 72.55
CA VAL Y 813 70.97 -79.48 72.92
C VAL Y 813 71.09 -80.87 72.31
N GLN Y 814 71.81 -81.00 71.20
CA GLN Y 814 71.89 -82.30 70.54
C GLN Y 814 72.87 -83.25 71.22
N THR Y 815 73.76 -82.76 72.08
CA THR Y 815 74.80 -83.63 72.65
C THR Y 815 74.42 -84.15 74.04
N MET Y 816 73.37 -84.97 74.06
CA MET Y 816 73.03 -85.74 75.24
C MET Y 816 73.79 -87.05 75.25
N VAL Y 817 74.06 -87.55 76.45
CA VAL Y 817 74.65 -88.88 76.62
C VAL Y 817 73.65 -89.74 77.39
N VAL Y 818 73.17 -90.79 76.75
CA VAL Y 818 72.26 -91.73 77.39
C VAL Y 818 72.71 -93.15 77.05
N PRO Y 819 72.92 -94.01 78.03
CA PRO Y 819 73.22 -95.41 77.74
C PRO Y 819 71.95 -96.16 77.36
N GLU Y 820 72.08 -97.05 76.39
CA GLU Y 820 70.95 -97.85 75.97
C GLU Y 820 70.55 -98.80 77.10
N THR Y 821 69.24 -98.91 77.35
CA THR Y 821 68.72 -99.85 78.33
C THR Y 821 67.26 -100.10 78.01
N ASP Y 822 66.84 -101.36 78.15
CA ASP Y 822 65.53 -101.79 77.69
C ASP Y 822 64.41 -101.05 78.42
N GLU Y 823 64.32 -101.22 79.74
CA GLU Y 823 63.30 -100.57 80.54
C GLU Y 823 63.95 -99.61 81.54
N GLU Y 824 63.12 -98.94 82.33
CA GLU Y 824 63.59 -97.91 83.23
C GLU Y 824 64.28 -98.50 84.44
N VAL Y 825 65.30 -97.80 84.93
CA VAL Y 825 66.12 -98.30 86.02
C VAL Y 825 65.98 -97.47 87.29
N GLY Y 826 65.79 -96.16 87.17
CA GLY Y 826 65.74 -95.31 88.35
C GLY Y 826 66.97 -94.41 88.46
N THR Y 827 67.62 -94.41 89.62
CA THR Y 827 68.77 -93.55 89.83
C THR Y 827 69.97 -94.32 90.35
N ASP Y 828 69.72 -95.42 91.06
CA ASP Y 828 70.82 -96.20 91.64
C ASP Y 828 71.67 -96.83 90.54
N ASP Y 829 71.05 -97.29 89.47
CA ASP Y 829 71.76 -98.02 88.44
C ASP Y 829 72.69 -97.08 87.67
N PRO Y 830 73.92 -97.52 87.37
CA PRO Y 830 74.87 -96.64 86.67
C PRO Y 830 74.39 -96.16 85.31
N ARG Y 831 73.46 -96.87 84.67
CA ARG Y 831 72.93 -96.40 83.40
C ARG Y 831 71.89 -95.31 83.56
N HIS Y 832 71.67 -94.83 84.78
CA HIS Y 832 70.81 -93.68 84.98
C HIS Y 832 71.39 -92.48 84.24
N PRO Y 833 70.62 -91.81 83.38
CA PRO Y 833 71.22 -90.78 82.53
C PRO Y 833 71.93 -89.68 83.27
N LEU Y 834 71.66 -89.51 84.57
CA LEU Y 834 72.35 -88.52 85.37
C LEU Y 834 73.18 -89.15 86.47
N HIS Y 835 73.64 -90.36 86.28
CA HIS Y 835 74.56 -90.93 87.25
C HIS Y 835 75.97 -90.42 86.99
N PRO Y 836 76.75 -90.16 88.04
CA PRO Y 836 78.09 -89.60 87.84
C PRO Y 836 79.04 -90.49 87.05
N ARG Y 837 78.58 -91.67 86.65
CA ARG Y 837 79.44 -92.55 85.86
C ARG Y 837 79.66 -91.99 84.46
N ASN Y 838 78.62 -91.45 83.84
CA ASN Y 838 78.69 -90.99 82.48
C ASN Y 838 78.31 -89.52 82.37
N LEU Y 839 78.64 -88.74 83.40
CA LEU Y 839 78.44 -87.29 83.37
C LEU Y 839 79.64 -86.67 82.67
N VAL Y 840 79.57 -86.64 81.34
CA VAL Y 840 80.69 -86.15 80.55
C VAL Y 840 80.67 -84.62 80.57
N PRO Y 841 81.81 -83.96 80.79
CA PRO Y 841 81.83 -82.50 80.80
C PRO Y 841 81.42 -81.92 79.46
N ASN Y 842 80.99 -80.66 79.49
CA ASN Y 842 80.58 -79.92 78.30
C ASN Y 842 79.37 -80.54 77.62
N SER Y 843 78.60 -81.35 78.33
CA SER Y 843 77.41 -81.97 77.77
C SER Y 843 76.16 -81.35 78.38
N LEU Y 844 75.00 -81.74 77.83
CA LEU Y 844 73.74 -81.22 78.34
C LEU Y 844 73.47 -81.72 79.76
N ASN Y 845 73.99 -82.90 80.10
CA ASN Y 845 73.63 -83.50 81.38
C ASN Y 845 74.18 -82.72 82.56
N VAL Y 846 75.31 -82.03 82.38
CA VAL Y 846 75.82 -81.23 83.49
C VAL Y 846 74.90 -80.07 83.78
N LEU Y 847 74.29 -79.48 82.74
CA LEU Y 847 73.32 -78.42 82.97
C LEU Y 847 72.16 -78.91 83.82
N PHE Y 848 71.69 -80.13 83.58
CA PHE Y 848 70.62 -80.67 84.39
C PHE Y 848 71.10 -80.95 85.81
N HIS Y 849 72.31 -81.48 85.96
CA HIS Y 849 72.76 -81.85 87.29
C HIS Y 849 73.01 -80.63 88.16
N ASN Y 850 73.45 -79.52 87.56
CA ASN Y 850 73.67 -78.32 88.35
C ASN Y 850 72.37 -77.72 88.87
N ALA Y 851 71.24 -78.06 88.26
CA ALA Y 851 69.95 -77.56 88.70
C ALA Y 851 69.24 -78.52 89.65
N CYS Y 852 69.89 -79.62 90.01
CA CYS Y 852 69.33 -80.62 90.93
C CYS Y 852 67.98 -81.16 90.46
N VAL Y 853 67.62 -80.92 89.21
CA VAL Y 853 66.38 -81.45 88.65
C VAL Y 853 66.61 -82.90 88.24
N ALA Y 854 65.58 -83.73 88.44
CA ALA Y 854 65.63 -85.13 88.06
C ALA Y 854 64.79 -85.33 86.81
N VAL Y 855 65.30 -86.10 85.86
CA VAL Y 855 64.59 -86.43 84.63
C VAL Y 855 64.80 -87.92 84.35
N ASP Y 856 64.17 -88.39 83.29
CA ASP Y 856 64.33 -89.76 82.83
C ASP Y 856 64.87 -89.77 81.41
N ALA Y 857 65.64 -90.81 81.09
CA ALA Y 857 66.25 -90.90 79.77
C ALA Y 857 65.20 -90.85 78.67
N ASP Y 858 64.11 -91.61 78.85
CA ASP Y 858 63.03 -91.57 77.87
C ASP Y 858 62.44 -90.18 77.76
N ALA Y 859 62.51 -89.39 78.85
CA ALA Y 859 62.05 -88.02 78.80
C ALA Y 859 63.04 -87.12 78.07
N MET Y 860 64.34 -87.38 78.22
CA MET Y 860 65.33 -86.56 77.53
C MET Y 860 65.35 -86.84 76.03
N LEU Y 861 65.04 -88.07 75.63
CA LEU Y 861 65.22 -88.45 74.23
C LEU Y 861 64.32 -87.69 73.27
N ILE Y 862 63.20 -87.13 73.76
CA ILE Y 862 62.29 -86.41 72.87
C ILE Y 862 62.79 -85.03 72.50
N LEU Y 863 63.97 -84.63 72.98
CA LEU Y 863 64.50 -83.32 72.65
C LEU Y 863 64.80 -83.15 71.17
N GLN Y 864 65.00 -84.25 70.45
CA GLN Y 864 65.31 -84.16 69.04
C GLN Y 864 64.09 -83.85 68.18
N GLU Y 865 62.89 -83.82 68.76
CA GLU Y 865 61.71 -83.41 68.00
C GLU Y 865 61.87 -82.00 67.45
N THR Y 866 62.70 -81.17 68.09
CA THR Y 866 62.87 -79.79 67.67
C THR Y 866 63.55 -79.65 66.32
N VAL Y 867 64.28 -80.69 65.88
CA VAL Y 867 64.98 -80.61 64.60
C VAL Y 867 63.99 -80.42 63.45
N THR Y 868 62.76 -80.88 63.61
CA THR Y 868 61.76 -80.70 62.57
C THR Y 868 61.30 -79.25 62.50
N ASN Y 869 61.24 -78.56 63.63
CA ASN Y 869 60.74 -77.19 63.72
C ASN Y 869 61.81 -76.35 64.39
N MET Y 870 62.72 -75.80 63.60
CA MET Y 870 63.86 -75.06 64.13
C MET Y 870 63.49 -73.59 64.36
N ALA Y 871 64.41 -72.86 64.99
CA ALA Y 871 64.29 -71.41 65.16
C ALA Y 871 65.57 -70.78 64.66
N GLU Y 872 65.45 -69.88 63.68
CA GLU Y 872 66.63 -69.42 62.96
C GLU Y 872 67.44 -68.41 63.77
N ARG Y 873 66.82 -67.30 64.13
CA ARG Y 873 67.52 -66.18 64.76
C ARG Y 873 66.47 -65.22 65.31
N THR Y 874 66.88 -64.44 66.30
CA THR Y 874 66.02 -63.38 66.81
C THR Y 874 66.35 -62.08 66.09
N THR Y 875 65.32 -61.26 65.89
CA THR Y 875 65.46 -60.07 65.05
C THR Y 875 64.63 -58.94 65.62
N PRO Y 876 65.06 -57.69 65.44
CA PRO Y 876 64.32 -56.55 65.94
C PRO Y 876 63.36 -55.96 64.92
N LEU Y 877 62.25 -55.44 65.44
CA LEU Y 877 61.24 -54.77 64.64
C LEU Y 877 61.20 -53.29 64.97
N LEU Y 878 60.48 -52.53 64.15
CA LEU Y 878 60.28 -51.10 64.42
C LEU Y 878 58.93 -50.70 63.83
N ALA Y 879 57.91 -50.70 64.68
CA ALA Y 879 56.58 -50.31 64.22
C ALA Y 879 56.51 -48.80 64.04
N SER Y 880 55.47 -48.37 63.35
CA SER Y 880 55.24 -46.95 63.12
C SER Y 880 53.80 -46.79 62.66
N VAL Y 881 53.14 -45.75 63.17
CA VAL Y 881 51.72 -45.59 62.91
C VAL Y 881 51.29 -44.17 63.26
N ALA Y 882 50.34 -43.64 62.51
CA ALA Y 882 49.78 -42.34 62.85
C ALA Y 882 48.85 -42.48 64.05
N PRO Y 883 48.59 -41.38 64.75
CA PRO Y 883 47.56 -41.41 65.79
C PRO Y 883 46.20 -41.73 65.21
N ASP Y 884 45.35 -42.35 66.02
CA ASP Y 884 44.10 -42.92 65.56
C ASP Y 884 43.10 -41.81 65.26
N ALA Y 885 41.85 -42.22 64.97
CA ALA Y 885 40.79 -41.27 64.70
C ALA Y 885 40.41 -40.43 65.90
N GLY Y 886 41.01 -40.69 67.07
CA GLY Y 886 40.78 -39.83 68.22
C GLY Y 886 41.50 -38.51 68.09
N MET Y 887 42.73 -38.52 67.59
CA MET Y 887 43.49 -37.31 67.29
C MET Y 887 43.74 -37.33 65.78
N ALA Y 888 42.92 -36.61 65.04
CA ALA Y 888 43.05 -36.52 63.59
C ALA Y 888 42.94 -35.08 63.13
N THR Y 889 43.66 -34.20 63.79
CA THR Y 889 43.67 -32.79 63.40
C THR Y 889 44.79 -32.55 62.39
N VAL Y 890 44.59 -31.54 61.54
CA VAL Y 890 45.53 -31.25 60.46
C VAL Y 890 46.93 -31.01 61.00
N ALA Y 891 47.04 -30.59 62.24
CA ALA Y 891 48.33 -30.41 62.90
C ALA Y 891 48.86 -31.70 63.49
N THR Y 892 48.26 -32.84 63.15
CA THR Y 892 48.73 -34.13 63.64
C THR Y 892 48.65 -35.17 62.52
N ARG Y 893 49.10 -34.80 61.34
CA ARG Y 893 49.26 -35.76 60.25
C ARG Y 893 50.68 -36.29 60.13
N ASP Y 894 51.67 -35.49 60.52
CA ASP Y 894 53.07 -35.89 60.49
C ASP Y 894 53.57 -36.38 61.84
N MET Y 895 52.70 -36.46 62.84
CA MET Y 895 53.10 -36.76 64.20
C MET Y 895 52.94 -38.25 64.49
N ARG Y 896 53.74 -39.06 63.82
CA ARG Y 896 53.66 -40.50 63.97
C ARG Y 896 54.55 -40.97 65.12
N THR Y 897 54.28 -42.18 65.59
CA THR Y 897 54.96 -42.75 66.74
C THR Y 897 55.67 -44.04 66.37
N HIS Y 898 56.92 -44.15 66.79
CA HIS Y 898 57.72 -45.34 66.55
C HIS Y 898 57.95 -46.07 67.88
N ASP Y 899 57.98 -47.39 67.82
CA ASP Y 899 58.32 -48.19 68.99
C ASP Y 899 58.84 -49.53 68.52
N GLY Y 900 59.59 -50.19 69.38
CA GLY Y 900 60.28 -51.41 69.02
C GLY Y 900 59.60 -52.67 69.54
N SER Y 901 60.13 -53.80 69.08
CA SER Y 901 59.73 -55.12 69.54
C SER Y 901 60.73 -56.13 69.02
N LEU Y 902 60.81 -57.27 69.69
CA LEU Y 902 61.76 -58.32 69.34
C LEU Y 902 61.01 -59.55 68.88
N HIS Y 903 61.38 -60.07 67.71
CA HIS Y 903 60.85 -61.33 67.23
C HIS Y 903 61.74 -62.46 67.73
N HIS Y 904 61.12 -63.50 68.26
CA HIS Y 904 61.82 -64.70 68.72
C HIS Y 904 62.87 -64.40 69.78
N GLY Y 905 62.76 -63.27 70.48
CA GLY Y 905 63.65 -62.97 71.57
C GLY Y 905 63.33 -63.79 72.79
N LEU Y 906 63.78 -63.31 73.95
CA LEU Y 906 63.47 -63.96 75.21
C LEU Y 906 63.74 -63.00 76.34
N LEU Y 907 62.78 -62.90 77.26
CA LEU Y 907 62.91 -62.10 78.47
C LEU Y 907 63.43 -62.98 79.59
N MET Y 908 64.43 -62.51 80.32
CA MET Y 908 64.85 -63.18 81.54
C MET Y 908 64.78 -62.22 82.72
N MET Y 909 64.93 -62.79 83.92
CA MET Y 909 64.43 -62.16 85.14
C MET Y 909 65.50 -61.41 85.92
N ALA Y 910 66.54 -62.10 86.36
CA ALA Y 910 67.52 -61.49 87.26
C ALA Y 910 68.91 -61.96 86.91
N TYR Y 911 69.76 -61.03 86.49
CA TYR Y 911 71.11 -61.38 86.09
C TYR Y 911 71.88 -61.96 87.27
N GLN Y 912 72.60 -63.05 87.01
CA GLN Y 912 73.40 -63.74 88.02
C GLN Y 912 74.86 -63.56 87.70
N PRO Y 913 75.51 -62.52 88.18
CA PRO Y 913 76.92 -62.28 87.83
C PRO Y 913 77.85 -63.23 88.56
N ASN Y 914 77.60 -63.46 89.84
CA ASN Y 914 78.54 -64.20 90.68
C ASN Y 914 78.67 -65.64 90.29
N ASP Y 915 77.99 -66.09 89.24
CA ASP Y 915 78.16 -67.46 88.78
C ASP Y 915 79.58 -67.67 88.27
N ALA Y 916 79.98 -68.94 88.21
CA ALA Y 916 81.31 -69.29 87.75
C ALA Y 916 81.33 -70.46 86.77
N THR Y 917 80.25 -71.21 86.64
CA THR Y 917 80.23 -72.39 85.79
C THR Y 917 79.78 -72.09 84.37
N LEU Y 918 79.57 -70.83 84.02
CA LEU Y 918 79.26 -70.42 82.67
C LEU Y 918 80.00 -69.13 82.37
N LEU Y 919 80.06 -68.79 81.08
CA LEU Y 919 80.57 -67.49 80.70
C LEU Y 919 79.44 -66.46 80.76
N GLU Y 920 79.82 -65.19 80.75
CA GLU Y 920 78.84 -64.13 80.89
C GLU Y 920 77.84 -64.16 79.73
N GLY Y 921 78.33 -63.94 78.51
CA GLY Y 921 77.48 -63.99 77.34
C GLY Y 921 77.42 -65.36 76.71
N ALA Y 922 77.21 -66.39 77.54
CA ALA Y 922 77.27 -67.76 77.05
C ALA Y 922 76.18 -68.03 76.02
N PHE Y 923 74.95 -67.60 76.30
CA PHE Y 923 73.84 -67.85 75.40
C PHE Y 923 73.04 -66.62 75.03
N PHE Y 924 73.11 -65.53 75.80
CA PHE Y 924 72.24 -64.39 75.60
C PHE Y 924 73.08 -63.11 75.62
N TYR Y 925 72.40 -62.00 75.39
CA TYR Y 925 73.03 -60.68 75.45
C TYR Y 925 71.93 -59.67 75.68
N PRO Y 926 72.24 -58.52 76.27
CA PRO Y 926 71.20 -57.52 76.50
C PRO Y 926 70.69 -56.95 75.19
N ALA Y 927 69.39 -56.71 75.14
CA ALA Y 927 68.76 -56.05 74.00
C ALA Y 927 67.42 -55.50 74.45
N PRO Y 928 67.40 -54.43 75.24
CA PRO Y 928 66.13 -53.89 75.72
C PRO Y 928 65.29 -53.36 74.58
N VAL Y 929 63.99 -53.25 74.83
CA VAL Y 929 63.06 -52.84 73.80
C VAL Y 929 62.32 -51.59 74.25
N ASN Y 930 62.17 -51.41 75.56
CA ASN Y 930 61.40 -50.29 76.08
C ASN Y 930 61.98 -49.90 77.43
N ALA Y 931 61.28 -49.00 78.12
CA ALA Y 931 61.84 -48.44 79.35
C ALA Y 931 61.60 -49.33 80.55
N LEU Y 932 60.51 -50.11 80.56
CA LEU Y 932 60.29 -51.04 81.65
C LEU Y 932 61.30 -52.18 81.63
N PHE Y 933 61.43 -52.84 80.48
CA PHE Y 933 62.28 -54.02 80.35
C PHE Y 933 63.68 -53.62 79.93
N ALA Y 934 64.30 -52.78 80.75
CA ALA Y 934 65.68 -52.36 80.49
C ALA Y 934 66.34 -52.14 81.86
N CYS Y 935 66.97 -53.20 82.37
CA CYS Y 935 67.76 -53.07 83.57
C CYS Y 935 69.20 -52.77 83.19
N ALA Y 936 70.06 -52.61 84.19
CA ALA Y 936 71.45 -52.32 83.94
C ALA Y 936 72.38 -53.48 84.24
N ASP Y 937 72.05 -54.31 85.23
CA ASP Y 937 72.93 -55.40 85.60
C ASP Y 937 73.14 -56.40 84.48
N HIS Y 938 72.27 -56.38 83.47
CA HIS Y 938 72.41 -57.34 82.39
C HIS Y 938 73.47 -56.95 81.38
N LEU Y 939 73.93 -55.69 81.40
CA LEU Y 939 74.95 -55.26 80.46
C LEU Y 939 76.24 -56.03 80.62
N GLY Y 940 76.49 -56.61 81.80
CA GLY Y 940 77.65 -57.44 81.98
C GLY Y 940 77.66 -58.63 81.04
N ALA Y 941 76.48 -59.12 80.67
CA ALA Y 941 76.42 -60.25 79.74
C ALA Y 941 76.95 -59.87 78.37
N MET Y 942 76.85 -58.60 78.00
CA MET Y 942 77.43 -58.15 76.74
C MET Y 942 78.94 -58.19 76.83
N ARG Y 943 79.58 -58.79 75.84
CA ARG Y 943 81.03 -58.98 75.88
C ARG Y 943 81.75 -57.67 75.62
N ASP Y 944 82.85 -57.45 76.34
CA ASP Y 944 83.74 -56.32 76.14
C ASP Y 944 82.99 -54.99 76.27
N VAL Y 945 82.50 -54.75 77.48
CA VAL Y 945 81.77 -53.52 77.79
C VAL Y 945 82.70 -52.56 78.51
N GLY Y 946 82.62 -51.28 78.16
CA GLY Y 946 83.43 -50.27 78.79
C GLY Y 946 83.06 -50.07 80.24
N ALA Y 947 83.85 -49.22 80.90
CA ALA Y 947 83.60 -48.90 82.30
C ALA Y 947 82.80 -47.62 82.46
N GLU Y 948 83.13 -46.58 81.70
CA GLU Y 948 82.37 -45.34 81.78
C GLU Y 948 80.96 -45.52 81.24
N VAL Y 949 80.75 -46.48 80.34
CA VAL Y 949 79.41 -46.76 79.87
C VAL Y 949 78.55 -47.29 81.00
N ARG Y 950 79.02 -48.34 81.67
CA ARG Y 950 78.28 -48.94 82.76
C ARG Y 950 78.06 -47.96 83.91
N ALA Y 951 78.87 -46.91 84.00
CA ALA Y 951 78.63 -45.89 85.01
C ALA Y 951 77.35 -45.12 84.73
N ALA Y 952 77.09 -44.80 83.47
CA ALA Y 952 75.89 -44.09 83.07
C ALA Y 952 74.75 -45.02 82.69
N ALA Y 953 74.75 -46.24 83.21
CA ALA Y 953 73.70 -47.20 82.89
C ALA Y 953 72.63 -47.30 83.98
N GLN Y 954 72.88 -46.72 85.15
CA GLN Y 954 71.91 -46.79 86.24
C GLN Y 954 70.95 -45.62 86.24
N HIS Y 955 71.34 -44.49 85.66
CA HIS Y 955 70.47 -43.33 85.64
C HIS Y 955 69.49 -43.41 84.47
N VAL Y 956 69.99 -43.60 83.26
CA VAL Y 956 69.14 -43.59 82.08
C VAL Y 956 68.91 -45.03 81.62
N PRO Y 957 67.79 -45.33 80.98
CA PRO Y 957 67.61 -46.67 80.41
C PRO Y 957 68.45 -46.83 79.16
N CYS Y 958 68.78 -48.08 78.85
CA CYS Y 958 69.74 -48.40 77.80
C CYS Y 958 69.06 -48.76 76.49
N VAL Y 959 67.93 -48.15 76.18
CA VAL Y 959 67.26 -48.48 74.92
C VAL Y 959 68.07 -47.88 73.76
N PRO Y 960 68.47 -48.69 72.78
CA PRO Y 960 69.22 -48.15 71.64
C PRO Y 960 68.32 -47.42 70.66
N HIS Y 961 68.94 -46.53 69.90
CA HIS Y 961 68.22 -45.62 69.03
C HIS Y 961 67.91 -46.23 67.66
N PHE Y 962 67.88 -47.55 67.56
CA PHE Y 962 67.26 -48.23 66.43
C PHE Y 962 66.09 -49.09 66.89
N LEU Y 963 65.67 -48.96 68.15
CA LEU Y 963 64.50 -49.63 68.67
C LEU Y 963 63.50 -48.66 69.28
N GLY Y 964 63.76 -47.35 69.18
CA GLY Y 964 62.83 -46.37 69.69
C GLY Y 964 63.36 -45.58 70.87
N ALA Y 965 63.25 -44.27 70.83
CA ALA Y 965 63.74 -43.41 71.89
C ALA Y 965 62.64 -43.18 72.92
N ASN Y 966 62.86 -42.23 73.82
CA ASN Y 966 61.94 -41.98 74.93
C ASN Y 966 60.89 -40.93 74.61
N TYR Y 967 60.89 -40.38 73.41
CA TYR Y 967 59.89 -39.40 73.06
C TYR Y 967 59.01 -39.81 71.90
N TYR Y 968 59.50 -40.67 71.01
CA TYR Y 968 58.68 -41.17 69.93
C TYR Y 968 57.96 -42.46 70.28
N ALA Y 969 58.30 -43.08 71.40
CA ALA Y 969 57.62 -44.30 71.81
C ALA Y 969 56.22 -43.99 72.32
N THR Y 970 55.42 -45.03 72.47
CA THR Y 970 54.08 -44.90 73.03
C THR Y 970 53.99 -45.36 74.47
N VAL Y 971 55.12 -45.72 75.08
CA VAL Y 971 55.20 -46.02 76.50
C VAL Y 971 56.43 -45.28 77.02
N ARG Y 972 56.22 -44.08 77.55
CA ARG Y 972 57.33 -43.19 77.86
C ARG Y 972 57.98 -43.63 79.17
N GLN Y 973 58.85 -42.80 79.71
CA GLN Y 973 59.63 -43.15 80.89
C GLN Y 973 58.82 -43.11 82.19
N PRO Y 974 58.05 -42.05 82.46
CA PRO Y 974 57.37 -41.98 83.77
C PRO Y 974 56.52 -43.18 84.11
N VAL Y 975 55.88 -43.83 83.13
CA VAL Y 975 55.11 -45.03 83.46
C VAL Y 975 56.05 -46.14 83.91
N ALA Y 976 57.26 -46.18 83.36
CA ALA Y 976 58.23 -47.15 83.83
C ALA Y 976 58.80 -46.77 85.19
N GLN Y 977 58.99 -45.47 85.42
CA GLN Y 977 59.53 -45.02 86.69
C GLN Y 977 58.55 -45.23 87.83
N HIS Y 978 57.25 -45.09 87.56
CA HIS Y 978 56.25 -45.30 88.60
C HIS Y 978 56.33 -46.70 89.15
N ALA Y 979 56.55 -47.69 88.30
CA ALA Y 979 56.59 -49.08 88.72
C ALA Y 979 57.86 -49.43 89.49
N ALA Y 980 58.78 -48.48 89.65
CA ALA Y 980 60.03 -48.76 90.33
C ALA Y 980 60.12 -48.18 91.72
N GLN Y 981 59.36 -47.14 92.03
CA GLN Y 981 59.43 -46.46 93.32
C GLN Y 981 58.04 -46.38 93.94
N SER Y 982 57.33 -47.50 93.98
CA SER Y 982 56.00 -47.56 94.58
C SER Y 982 55.89 -48.84 95.40
N ARG Y 983 56.23 -48.76 96.68
CA ARG Y 983 56.10 -49.89 97.59
C ARG Y 983 54.63 -50.00 97.96
N ALA Y 984 53.85 -50.63 97.09
CA ALA Y 984 52.39 -50.54 97.15
C ALA Y 984 51.69 -51.86 96.89
N ASP Y 985 52.10 -52.93 97.58
CA ASP Y 985 51.26 -54.13 97.68
C ASP Y 985 50.96 -54.71 96.30
N GLU Y 986 51.98 -55.35 95.73
CA GLU Y 986 52.10 -55.59 94.29
C GLU Y 986 50.84 -56.06 93.58
N ASN Y 987 49.83 -56.52 94.32
CA ASN Y 987 48.53 -56.74 93.68
C ASN Y 987 47.95 -55.43 93.17
N THR Y 988 47.66 -54.48 94.06
CA THR Y 988 47.05 -53.23 93.65
C THR Y 988 47.90 -52.47 92.64
N LEU Y 989 49.21 -52.71 92.64
CA LEU Y 989 50.06 -52.08 91.63
C LEU Y 989 49.62 -52.48 90.23
N SER Y 990 49.16 -53.72 90.05
CA SER Y 990 48.73 -54.15 88.72
C SER Y 990 47.53 -53.35 88.26
N TYR Y 991 46.54 -53.16 89.13
CA TYR Y 991 45.38 -52.36 88.77
C TYR Y 991 45.77 -50.92 88.50
N ALA Y 992 46.68 -50.38 89.30
CA ALA Y 992 47.12 -49.00 89.08
C ALA Y 992 47.75 -48.85 87.70
N LEU Y 993 48.69 -49.75 87.38
CA LEU Y 993 49.31 -49.70 86.07
C LEU Y 993 48.28 -49.85 84.97
N MET Y 994 47.35 -50.77 85.12
CA MET Y 994 46.33 -50.97 84.11
C MET Y 994 45.53 -49.70 83.88
N ALA Y 995 45.09 -49.06 84.95
CA ALA Y 995 44.36 -47.81 84.82
C ALA Y 995 45.22 -46.74 84.18
N GLY Y 996 46.54 -46.83 84.35
CA GLY Y 996 47.40 -45.86 83.72
C GLY Y 996 47.63 -46.15 82.25
N TYR Y 997 46.61 -46.65 81.55
CA TYR Y 997 46.71 -46.94 80.13
C TYR Y 997 45.46 -46.54 79.37
N PHE Y 998 44.77 -45.50 79.83
CA PHE Y 998 43.58 -45.01 79.16
C PHE Y 998 43.92 -43.75 78.38
N LYS Y 999 43.58 -43.73 77.09
CA LYS Y 999 44.01 -42.66 76.22
C LYS Y 999 43.45 -41.32 76.66
N MET Y 1000 44.09 -40.25 76.19
CA MET Y 1000 43.67 -38.87 76.44
C MET Y 1000 43.27 -38.26 75.10
N SER Y 1001 41.98 -38.18 74.85
CA SER Y 1001 41.46 -37.70 73.58
C SER Y 1001 39.95 -37.48 73.71
N PRO Y 1002 39.39 -36.52 72.98
CA PRO Y 1002 37.95 -36.27 73.08
C PRO Y 1002 37.09 -37.52 72.98
N VAL Y 1003 37.31 -38.34 71.95
CA VAL Y 1003 36.50 -39.53 71.78
C VAL Y 1003 36.71 -40.50 72.93
N ALA Y 1004 37.88 -40.43 73.59
CA ALA Y 1004 38.09 -41.28 74.76
C ALA Y 1004 37.50 -40.64 76.01
N PHE Y 1005 37.45 -39.32 76.05
CA PHE Y 1005 36.90 -38.65 77.21
C PHE Y 1005 35.40 -38.86 77.31
N THR Y 1006 34.68 -38.79 76.19
CA THR Y 1006 33.25 -39.04 76.25
C THR Y 1006 32.92 -40.44 76.75
N HIS Y 1007 33.92 -41.30 76.90
CA HIS Y 1007 33.75 -42.59 77.57
C HIS Y 1007 34.18 -42.53 79.03
N GLN Y 1008 35.41 -42.10 79.28
CA GLN Y 1008 35.93 -42.15 80.64
C GLN Y 1008 35.20 -41.19 81.56
N LEU Y 1009 35.14 -39.91 81.17
CA LEU Y 1009 34.50 -38.92 82.04
C LEU Y 1009 33.07 -39.26 82.36
N ARG Y 1010 32.42 -40.08 81.54
CA ARG Y 1010 31.03 -40.42 81.76
C ARG Y 1010 30.83 -41.77 82.44
N ARG Y 1011 31.82 -42.66 82.39
CA ARG Y 1011 31.70 -43.94 83.07
C ARG Y 1011 32.30 -43.92 84.47
N GLN Y 1012 32.35 -42.76 85.11
CA GLN Y 1012 32.77 -42.64 86.51
C GLN Y 1012 34.22 -43.10 86.71
N LEU Y 1013 35.13 -42.42 86.01
CA LEU Y 1013 36.55 -42.63 86.17
C LEU Y 1013 37.23 -41.28 86.40
N HIS Y 1014 38.39 -41.31 87.02
CA HIS Y 1014 39.13 -40.08 87.32
C HIS Y 1014 40.40 -40.03 86.48
N PRO Y 1015 40.49 -39.16 85.49
CA PRO Y 1015 41.74 -38.99 84.75
C PRO Y 1015 42.69 -38.10 85.54
N GLY Y 1016 43.87 -37.91 84.99
CA GLY Y 1016 44.89 -37.15 85.69
C GLY Y 1016 44.75 -35.64 85.57
N PHE Y 1017 43.64 -35.09 86.07
CA PHE Y 1017 43.43 -33.66 86.09
C PHE Y 1017 42.87 -33.26 87.44
N ALA Y 1018 42.64 -31.96 87.58
CA ALA Y 1018 41.79 -31.45 88.65
C ALA Y 1018 41.21 -30.14 88.11
N LEU Y 1019 40.01 -30.21 87.56
CA LEU Y 1019 39.44 -29.04 86.93
C LEU Y 1019 39.21 -27.94 87.97
N THR Y 1020 39.17 -26.71 87.49
CA THR Y 1020 38.97 -25.53 88.34
C THR Y 1020 37.76 -24.78 87.79
N VAL Y 1021 36.68 -24.76 88.54
CA VAL Y 1021 35.44 -24.16 88.08
C VAL Y 1021 35.47 -22.68 88.42
N VAL Y 1022 34.98 -21.85 87.51
CA VAL Y 1022 34.81 -20.42 87.72
C VAL Y 1022 33.42 -20.03 87.28
N ARG Y 1023 32.84 -19.02 87.93
CA ARG Y 1023 31.55 -18.52 87.49
C ARG Y 1023 31.28 -17.17 88.14
N GLN Y 1024 30.59 -16.31 87.41
CA GLN Y 1024 30.28 -14.97 87.87
C GLN Y 1024 28.91 -14.94 88.53
N ASP Y 1025 28.60 -13.81 89.17
CA ASP Y 1025 27.31 -13.59 89.79
C ASP Y 1025 27.07 -12.10 89.90
N ARG Y 1026 25.80 -11.73 90.10
CA ARG Y 1026 25.41 -10.34 90.30
C ARG Y 1026 24.38 -10.28 91.42
N PHE Y 1027 24.50 -9.27 92.27
CA PHE Y 1027 23.64 -9.13 93.44
C PHE Y 1027 23.09 -7.72 93.47
N ALA Y 1028 21.77 -7.59 93.59
CA ALA Y 1028 21.17 -6.28 93.65
C ALA Y 1028 21.24 -5.73 95.06
N THR Y 1029 21.84 -4.56 95.21
CA THR Y 1029 22.00 -3.90 96.50
C THR Y 1029 21.20 -2.61 96.53
N GLU Y 1030 21.18 -1.98 97.71
CA GLU Y 1030 20.54 -0.69 97.89
C GLU Y 1030 21.57 0.28 98.46
N ASN Y 1031 22.00 1.23 97.65
CA ASN Y 1031 23.11 2.09 98.02
C ASN Y 1031 22.62 3.33 98.75
N VAL Y 1032 23.58 4.09 99.27
CA VAL Y 1032 23.30 5.36 99.94
C VAL Y 1032 24.31 6.39 99.44
N LEU Y 1033 23.91 7.20 98.46
CA LEU Y 1033 24.84 8.13 97.85
C LEU Y 1033 25.03 9.36 98.75
N PHE Y 1034 26.05 10.15 98.44
CA PHE Y 1034 26.28 11.40 99.14
C PHE Y 1034 26.98 12.38 98.21
N ALA Y 1035 26.72 13.67 98.42
CA ALA Y 1035 27.33 14.73 97.61
C ALA Y 1035 27.54 15.93 98.50
N GLU Y 1036 27.92 17.06 97.90
CA GLU Y 1036 28.16 18.25 98.72
C GLU Y 1036 27.53 19.50 98.12
N LYS Y 1037 27.89 20.64 98.69
CA LYS Y 1037 27.21 21.90 98.41
C LYS Y 1037 27.15 22.18 96.92
N ALA Y 1038 28.22 21.86 96.20
CA ALA Y 1038 28.24 22.09 94.75
C ALA Y 1038 29.16 21.05 94.14
N SER Y 1039 28.59 19.94 93.68
CA SER Y 1039 29.39 18.90 93.09
C SER Y 1039 29.43 18.94 91.58
N GLU Y 1040 28.44 19.56 90.94
CA GLU Y 1040 28.33 19.51 89.49
C GLU Y 1040 28.01 20.89 88.94
N SER Y 1041 28.81 21.36 87.99
CA SER Y 1041 28.39 22.46 87.14
C SER Y 1041 27.54 21.88 86.02
N TYR Y 1042 26.36 22.46 85.82
CA TYR Y 1042 25.33 21.84 85.02
C TYR Y 1042 24.65 22.91 84.16
N PHE Y 1043 24.67 22.71 82.85
CA PHE Y 1043 24.20 23.71 81.90
C PHE Y 1043 23.04 23.16 81.09
N MET Y 1044 22.10 24.04 80.73
CA MET Y 1044 20.95 23.67 79.93
C MET Y 1044 20.86 24.55 78.70
N GLY Y 1045 20.49 23.94 77.58
CA GLY Y 1045 20.37 24.66 76.33
C GLY Y 1045 19.01 25.27 76.13
N GLN Y 1046 18.43 25.09 74.95
CA GLN Y 1046 17.11 25.58 74.63
C GLN Y 1046 16.31 24.48 73.97
N MET Y 1047 15.05 24.36 74.37
CA MET Y 1047 14.22 23.25 73.88
C MET Y 1047 14.02 23.35 72.38
N GLN Y 1048 14.25 22.25 71.69
CA GLN Y 1048 14.37 22.23 70.23
C GLN Y 1048 13.40 21.21 69.68
N VAL Y 1049 12.45 21.65 68.86
CA VAL Y 1049 11.37 20.82 68.39
C VAL Y 1049 11.59 20.49 66.92
N ALA Y 1050 11.05 19.34 66.49
CA ALA Y 1050 11.11 18.92 65.09
C ALA Y 1050 9.72 18.43 64.68
N ARG Y 1051 8.89 19.35 64.19
CA ARG Y 1051 7.50 19.06 63.89
C ARG Y 1051 7.42 18.40 62.50
N THR Y 1052 7.82 17.15 62.45
CA THR Y 1052 7.78 16.39 61.21
C THR Y 1052 6.38 15.80 61.02
N GLU Y 1053 5.70 16.21 59.97
CA GLU Y 1053 4.43 15.59 59.63
C GLU Y 1053 4.68 14.17 59.14
N SER Y 1054 3.82 13.25 59.55
CA SER Y 1054 3.99 11.85 59.17
C SER Y 1054 2.62 11.17 59.20
N GLY Y 1055 2.05 10.97 58.01
CA GLY Y 1055 0.82 10.21 57.90
C GLY Y 1055 -0.41 10.90 58.45
N GLY Y 1056 -0.79 12.02 57.84
CA GLY Y 1056 -1.97 12.74 58.28
C GLY Y 1056 -1.76 13.57 59.53
N GLY Y 1057 -1.37 12.93 60.63
CA GLY Y 1057 -1.23 13.61 61.90
C GLY Y 1057 0.22 14.03 62.16
N LEU Y 1058 0.38 15.23 62.72
CA LEU Y 1058 1.69 15.67 63.14
C LEU Y 1058 2.28 14.70 64.15
N HIS Y 1059 3.60 14.59 64.15
CA HIS Y 1059 4.31 13.75 65.12
C HIS Y 1059 5.48 14.57 65.65
N LEU Y 1060 5.22 15.34 66.71
CA LEU Y 1060 6.24 16.22 67.24
C LEU Y 1060 7.36 15.41 67.89
N GLN Y 1061 8.51 16.05 68.02
CA GLN Y 1061 9.71 15.40 68.56
C GLN Y 1061 10.48 16.45 69.36
N LEU Y 1062 10.40 16.38 70.67
CA LEU Y 1062 11.05 17.36 71.52
C LEU Y 1062 12.49 16.95 71.80
N THR Y 1063 13.33 17.93 72.09
CA THR Y 1063 14.74 17.67 72.36
C THR Y 1063 15.34 18.88 73.06
N GLN Y 1064 16.18 18.63 74.06
CA GLN Y 1064 16.90 19.67 74.75
C GLN Y 1064 18.29 19.15 75.09
N PRO Y 1065 19.34 19.86 74.71
CA PRO Y 1065 20.71 19.43 75.06
C PRO Y 1065 21.17 20.07 76.36
N ARG Y 1066 21.93 19.29 77.11
CA ARG Y 1066 22.40 19.74 78.41
C ARG Y 1066 23.76 19.13 78.69
N ALA Y 1067 24.61 19.88 79.39
CA ALA Y 1067 25.97 19.47 79.67
C ALA Y 1067 26.28 19.66 81.13
N ASN Y 1068 27.21 18.85 81.64
CA ASN Y 1068 27.56 18.83 83.04
C ASN Y 1068 29.05 18.59 83.20
N VAL Y 1069 29.61 19.03 84.32
CA VAL Y 1069 31.02 18.79 84.61
C VAL Y 1069 31.22 18.89 86.10
N ASP Y 1070 32.17 18.10 86.61
CA ASP Y 1070 32.56 18.18 88.00
C ASP Y 1070 33.49 19.35 88.22
N LEU Y 1071 33.57 19.82 89.46
CA LEU Y 1071 34.44 20.94 89.77
C LEU Y 1071 35.17 20.76 91.09
N GLY Y 1072 35.31 19.53 91.57
CA GLY Y 1072 36.00 19.35 92.82
C GLY Y 1072 37.29 18.56 92.69
N VAL Y 1073 38.39 19.12 93.17
CA VAL Y 1073 39.60 18.32 93.28
C VAL Y 1073 39.41 17.30 94.39
N GLY Y 1074 39.81 16.07 94.13
CA GLY Y 1074 39.52 15.01 95.06
C GLY Y 1074 38.08 14.55 94.93
N PHE Y 1075 37.78 13.35 95.38
CA PHE Y 1075 36.46 12.78 95.19
C PHE Y 1075 35.40 13.61 95.91
N THR Y 1076 34.20 13.65 95.33
CA THR Y 1076 33.10 14.41 95.91
C THR Y 1076 31.82 13.59 95.92
N ALA Y 1077 31.92 12.28 96.16
CA ALA Y 1077 30.76 11.42 96.24
C ALA Y 1077 31.21 10.05 96.70
N ALA Y 1078 30.31 9.33 97.35
CA ALA Y 1078 30.61 7.98 97.79
C ALA Y 1078 29.34 7.25 98.20
N TYR Y 1079 29.08 6.09 97.63
CA TYR Y 1079 27.95 5.29 98.06
C TYR Y 1079 28.40 4.24 99.05
N ALA Y 1080 27.44 3.54 99.63
CA ALA Y 1080 27.73 2.70 100.79
C ALA Y 1080 27.22 1.28 100.70
N ALA Y 1081 26.22 0.98 99.87
CA ALA Y 1081 25.73 -0.39 99.69
C ALA Y 1081 25.25 -0.99 101.01
N ALA Y 1082 24.16 -0.43 101.52
CA ALA Y 1082 23.68 -0.80 102.84
C ALA Y 1082 23.05 -2.18 102.87
N ALA Y 1083 21.93 -2.37 102.20
CA ALA Y 1083 21.17 -3.60 102.31
C ALA Y 1083 21.53 -4.54 101.16
N LEU Y 1084 20.77 -5.61 101.01
CA LEU Y 1084 21.03 -6.59 99.96
C LEU Y 1084 19.71 -7.19 99.50
N ARG Y 1085 19.30 -6.87 98.28
CA ARG Y 1085 18.11 -7.48 97.69
C ARG Y 1085 18.47 -8.89 97.22
N ALA Y 1086 17.53 -9.54 96.52
CA ALA Y 1086 17.78 -10.89 96.07
C ALA Y 1086 18.82 -10.90 94.95
N PRO Y 1087 19.67 -11.94 94.90
CA PRO Y 1087 20.62 -12.05 93.80
C PRO Y 1087 19.91 -12.15 92.46
N VAL Y 1088 20.17 -11.18 91.58
CA VAL Y 1088 19.49 -11.17 90.29
C VAL Y 1088 19.85 -12.41 89.48
N THR Y 1089 21.08 -12.86 89.59
CA THR Y 1089 21.46 -14.08 88.89
C THR Y 1089 21.11 -15.28 89.73
N ASP Y 1090 21.01 -16.42 89.05
CA ASP Y 1090 21.04 -17.68 89.76
C ASP Y 1090 22.47 -17.98 90.17
N MET Y 1091 22.64 -19.01 91.00
CA MET Y 1091 23.95 -19.50 91.36
C MET Y 1091 24.05 -21.01 91.10
N GLY Y 1092 23.32 -21.50 90.11
CA GLY Y 1092 23.32 -22.91 89.77
C GLY Y 1092 24.59 -23.31 89.04
N ASN Y 1093 24.44 -24.29 88.15
CA ASN Y 1093 25.54 -24.77 87.33
C ASN Y 1093 25.05 -24.94 85.90
N LEU Y 1094 25.84 -24.46 84.96
CA LEU Y 1094 25.51 -24.55 83.55
C LEU Y 1094 26.81 -24.58 82.77
N PRO Y 1095 27.25 -25.75 82.34
CA PRO Y 1095 28.58 -25.85 81.73
C PRO Y 1095 28.60 -25.19 80.37
N GLN Y 1096 29.76 -24.66 80.01
CA GLN Y 1096 29.93 -24.05 78.71
C GLN Y 1096 30.07 -25.13 77.65
N ASN Y 1097 29.55 -24.84 76.46
CA ASN Y 1097 29.61 -25.76 75.33
C ASN Y 1097 30.43 -25.08 74.24
N LEU Y 1098 31.68 -25.51 74.10
CA LEU Y 1098 32.56 -24.86 73.14
C LEU Y 1098 32.14 -25.11 71.70
N PHE Y 1099 31.27 -26.09 71.46
CA PHE Y 1099 30.85 -26.36 70.09
C PHE Y 1099 30.06 -25.21 69.48
N ALA Y 1100 29.64 -24.24 70.28
CA ALA Y 1100 28.95 -23.07 69.78
C ALA Y 1100 29.89 -21.96 69.35
N THR Y 1101 31.16 -22.28 69.09
CA THR Y 1101 32.16 -21.27 68.77
C THR Y 1101 32.76 -21.52 67.39
N ARG Y 1102 33.76 -20.71 67.05
CA ARG Y 1102 34.44 -20.79 65.76
C ARG Y 1102 35.92 -20.98 65.98
N GLY Y 1103 36.72 -20.84 64.91
CA GLY Y 1103 38.15 -20.91 65.06
C GLY Y 1103 38.67 -22.24 65.56
N ALA Y 1104 37.95 -23.32 65.32
CA ALA Y 1104 38.40 -24.65 65.72
C ALA Y 1104 38.65 -25.48 64.48
N PRO Y 1105 39.90 -25.77 64.12
CA PRO Y 1105 40.17 -26.66 63.00
C PRO Y 1105 39.54 -28.02 63.23
N PRO Y 1106 38.69 -28.48 62.33
CA PRO Y 1106 37.95 -29.72 62.58
C PRO Y 1106 38.85 -30.93 62.49
N MET Y 1107 38.28 -32.08 62.84
CA MET Y 1107 39.01 -33.34 62.80
C MET Y 1107 39.00 -33.91 61.39
N LEU Y 1108 40.15 -34.44 60.96
CA LEU Y 1108 40.30 -34.88 59.58
C LEU Y 1108 39.49 -36.11 59.25
N ASP Y 1109 38.85 -36.74 60.23
CA ASP Y 1109 37.94 -37.85 59.97
C ASP Y 1109 36.51 -37.31 59.93
N ALA Y 1110 35.86 -37.47 58.80
CA ALA Y 1110 34.54 -36.89 58.60
C ALA Y 1110 33.48 -37.45 59.53
N ASP Y 1111 33.80 -38.49 60.29
CA ASP Y 1111 32.81 -39.13 61.15
C ASP Y 1111 32.99 -38.83 62.63
N ALA Y 1112 34.23 -38.68 63.09
CA ALA Y 1112 34.46 -38.39 64.49
C ALA Y 1112 33.82 -37.08 64.89
N ASP Y 1113 33.86 -36.09 64.01
CA ASP Y 1113 33.30 -34.78 64.35
C ASP Y 1113 31.80 -34.87 64.58
N ASP Y 1114 31.08 -35.51 63.66
CA ASP Y 1114 29.65 -35.65 63.86
C ASP Y 1114 29.34 -36.54 65.06
N TYR Y 1115 30.17 -37.56 65.31
CA TYR Y 1115 29.96 -38.37 66.50
C TYR Y 1115 30.06 -37.52 67.76
N LEU Y 1116 31.07 -36.66 67.83
CA LEU Y 1116 31.25 -35.82 69.01
C LEU Y 1116 30.08 -34.85 69.16
N ARG Y 1117 29.71 -34.17 68.07
CA ARG Y 1117 28.60 -33.22 68.17
C ARG Y 1117 27.31 -33.91 68.58
N ARG Y 1118 27.11 -35.17 68.15
CA ARG Y 1118 25.89 -35.86 68.50
C ARG Y 1118 25.92 -36.43 69.91
N THR Y 1119 27.10 -36.73 70.45
CA THR Y 1119 27.18 -37.29 71.78
C THR Y 1119 27.39 -36.25 72.86
N VAL Y 1120 27.68 -35.01 72.51
CA VAL Y 1120 27.83 -33.93 73.49
C VAL Y 1120 26.58 -33.06 73.56
N ASN Y 1121 26.05 -32.67 72.41
CA ASN Y 1121 24.79 -31.94 72.38
C ASN Y 1121 23.61 -32.78 72.82
N ALA Y 1122 23.82 -34.04 73.17
CA ALA Y 1122 22.72 -34.92 73.57
C ALA Y 1122 22.22 -34.47 74.94
N GLY Y 1123 21.11 -33.75 74.95
CA GLY Y 1123 20.54 -33.31 76.21
C GLY Y 1123 21.41 -32.32 76.97
N ASN Y 1124 22.05 -31.42 76.26
CA ASN Y 1124 22.83 -30.35 76.87
C ASN Y 1124 22.21 -29.02 76.49
N ARG Y 1125 21.88 -28.22 77.49
CA ARG Y 1125 21.34 -26.90 77.22
C ARG Y 1125 22.33 -26.08 76.40
N LEU Y 1126 21.80 -25.05 75.76
CA LEU Y 1126 22.56 -24.20 74.82
C LEU Y 1126 23.35 -25.02 73.81
N ALA Y 1127 22.85 -26.18 73.43
CA ALA Y 1127 23.35 -26.82 72.22
C ALA Y 1127 22.90 -25.99 71.03
N PRO Y 1128 23.81 -25.55 70.18
CA PRO Y 1128 23.43 -24.58 69.14
C PRO Y 1128 22.50 -25.21 68.11
N VAL Y 1129 21.42 -24.49 67.81
CA VAL Y 1129 20.48 -24.87 66.75
C VAL Y 1129 20.77 -23.99 65.55
N PRO Y 1130 21.04 -24.54 64.39
CA PRO Y 1130 21.51 -23.72 63.26
C PRO Y 1130 20.41 -22.94 62.55
N VAL Y 1131 19.98 -21.84 63.17
CA VAL Y 1131 19.27 -20.82 62.42
C VAL Y 1131 20.28 -20.06 61.58
N PHE Y 1132 19.92 -19.79 60.33
CA PHE Y 1132 20.92 -19.37 59.35
C PHE Y 1132 21.72 -18.17 59.85
N GLY Y 1133 23.04 -18.33 59.83
CA GLY Y 1133 24.01 -17.32 60.23
C GLY Y 1133 23.86 -16.90 61.69
N GLN Y 1134 23.32 -17.77 62.55
CA GLN Y 1134 23.14 -17.40 63.96
C GLN Y 1134 23.89 -18.32 64.91
N MET Y 1135 23.68 -19.63 64.84
CA MET Y 1135 24.29 -20.59 65.76
C MET Y 1135 23.95 -20.23 67.22
N LEU Y 1136 22.66 -20.32 67.53
CA LEU Y 1136 22.07 -19.85 68.78
C LEU Y 1136 21.34 -20.98 69.49
N PRO Y 1137 21.23 -20.92 70.81
CA PRO Y 1137 20.44 -21.92 71.54
C PRO Y 1137 18.95 -21.62 71.48
N GLN Y 1138 18.16 -22.65 71.71
CA GLN Y 1138 16.71 -22.50 71.70
C GLN Y 1138 16.22 -21.98 73.04
N VAL Y 1139 15.22 -21.10 72.98
CA VAL Y 1139 14.74 -20.45 74.20
C VAL Y 1139 14.11 -21.49 75.11
N PRO Y 1140 14.37 -21.48 76.41
CA PRO Y 1140 13.77 -22.47 77.30
C PRO Y 1140 12.32 -22.15 77.61
N ALA Y 1141 11.56 -23.21 77.89
CA ALA Y 1141 10.15 -23.09 78.23
C ALA Y 1141 10.03 -22.82 79.72
N GLY Y 1142 10.14 -21.55 80.07
CA GLY Y 1142 10.00 -21.14 81.46
C GLY Y 1142 11.20 -21.47 82.31
N LEU Y 1143 11.50 -20.62 83.28
CA LEU Y 1143 12.64 -20.82 84.16
C LEU Y 1143 12.28 -20.31 85.55
N ALA Y 1144 12.91 -20.90 86.56
CA ALA Y 1144 12.44 -20.77 87.92
C ALA Y 1144 13.11 -19.66 88.71
N ARG Y 1145 14.36 -19.34 88.41
CA ARG Y 1145 15.08 -18.31 89.16
C ARG Y 1145 15.77 -17.36 88.21
N GLY Y 1146 16.69 -16.54 88.71
CA GLY Y 1146 17.37 -15.57 87.88
C GLY Y 1146 18.08 -16.17 86.68
N GLN Y 1147 18.66 -15.33 85.83
CA GLN Y 1147 19.28 -15.82 84.61
C GLN Y 1147 20.41 -16.78 84.96
N GLN Y 1148 20.28 -18.02 84.52
CA GLN Y 1148 21.24 -19.05 84.87
C GLN Y 1148 22.63 -18.67 84.38
N SER Y 1149 23.62 -18.82 85.25
CA SER Y 1149 24.97 -18.35 84.97
C SER Y 1149 25.70 -19.33 84.06
N VAL Y 1150 26.99 -19.12 83.86
CA VAL Y 1150 27.81 -19.98 83.02
C VAL Y 1150 29.14 -20.21 83.70
N CYS Y 1151 29.55 -21.47 83.80
CA CYS Y 1151 30.80 -21.85 84.43
C CYS Y 1151 31.72 -22.53 83.42
N GLU Y 1152 33.03 -22.39 83.62
CA GLU Y 1152 34.02 -22.98 82.75
C GLU Y 1152 34.87 -23.98 83.52
N PHE Y 1153 35.93 -24.46 82.88
CA PHE Y 1153 36.81 -25.43 83.49
C PHE Y 1153 38.22 -25.18 82.98
N ILE Y 1154 39.20 -25.33 83.88
CA ILE Y 1154 40.60 -25.08 83.57
C ILE Y 1154 41.39 -26.29 84.01
N ALA Y 1155 42.14 -26.88 83.09
CA ALA Y 1155 42.97 -28.02 83.46
C ALA Y 1155 43.99 -27.62 84.50
N THR Y 1156 44.34 -28.55 85.37
CA THR Y 1156 45.20 -28.24 86.50
C THR Y 1156 45.80 -29.51 87.07
N PRO Y 1157 47.10 -29.56 87.32
CA PRO Y 1157 47.71 -30.78 87.81
C PRO Y 1157 47.12 -31.21 89.13
N VAL Y 1158 47.03 -32.53 89.32
CA VAL Y 1158 46.36 -33.09 90.49
C VAL Y 1158 47.04 -32.62 91.76
N SER Y 1159 48.36 -32.51 91.73
CA SER Y 1159 49.13 -32.18 92.92
C SER Y 1159 49.09 -30.70 93.26
N VAL Y 1160 48.18 -29.93 92.66
CA VAL Y 1160 48.09 -28.51 93.01
C VAL Y 1160 47.78 -28.40 94.49
N ASP Y 1161 48.41 -27.43 95.15
CA ASP Y 1161 48.24 -27.28 96.58
C ASP Y 1161 46.81 -26.90 96.91
N LEU Y 1162 46.18 -27.65 97.82
CA LEU Y 1162 44.81 -27.31 98.19
C LEU Y 1162 44.75 -25.99 98.92
N ALA Y 1163 45.71 -25.74 99.81
CA ALA Y 1163 45.73 -24.50 100.56
C ALA Y 1163 45.76 -23.27 99.67
N TYR Y 1164 46.00 -23.43 98.37
CA TYR Y 1164 45.95 -22.28 97.47
C TYR Y 1164 44.54 -21.80 97.23
N PHE Y 1165 43.54 -22.65 97.46
CA PHE Y 1165 42.16 -22.32 97.16
C PHE Y 1165 41.38 -21.82 98.36
N ARG Y 1166 41.92 -21.92 99.57
CA ARG Y 1166 41.14 -21.58 100.74
C ARG Y 1166 40.98 -20.08 100.92
N ARG Y 1167 41.96 -19.30 100.47
CA ARG Y 1167 41.87 -17.85 100.48
C ARG Y 1167 41.45 -17.37 99.11
N ALA Y 1168 41.39 -16.05 98.94
CA ALA Y 1168 41.20 -15.49 97.62
C ALA Y 1168 42.37 -15.87 96.74
N CYS Y 1169 42.09 -16.54 95.63
CA CYS Y 1169 43.13 -17.02 94.73
C CYS Y 1169 42.86 -16.46 93.33
N ASN Y 1170 43.86 -16.61 92.46
CA ASN Y 1170 43.73 -16.27 91.07
C ASN Y 1170 43.71 -17.54 90.25
N PRO Y 1171 42.65 -17.82 89.48
CA PRO Y 1171 42.59 -19.10 88.75
C PRO Y 1171 43.73 -19.28 87.77
N ARG Y 1172 44.30 -18.20 87.26
CA ARG Y 1172 45.44 -18.29 86.37
C ARG Y 1172 46.64 -18.98 87.02
N GLY Y 1173 46.63 -19.17 88.32
CA GLY Y 1173 47.79 -19.70 89.01
C GLY Y 1173 48.71 -18.59 89.43
N ARG Y 1174 49.07 -17.72 88.50
CA ARG Y 1174 49.95 -16.59 88.80
C ARG Y 1174 49.15 -15.52 89.53
N ALA Y 1175 49.72 -14.34 89.65
CA ALA Y 1175 49.08 -13.21 90.31
C ALA Y 1175 49.23 -11.96 89.46
N ALA Y 1176 48.87 -12.08 88.18
CA ALA Y 1176 49.24 -11.07 87.19
C ALA Y 1176 48.81 -9.67 87.59
N GLY Y 1177 47.50 -9.41 87.59
CA GLY Y 1177 47.00 -8.10 87.95
C GLY Y 1177 47.68 -6.96 87.23
N GLU Y 1178 47.49 -5.75 87.74
CA GLU Y 1178 48.32 -4.61 87.37
C GLU Y 1178 48.65 -3.85 88.64
N VAL Y 1179 47.81 -4.05 89.65
CA VAL Y 1179 47.87 -3.23 90.86
C VAL Y 1179 49.09 -3.61 91.69
N HIS Y 1180 49.55 -4.87 91.60
CA HIS Y 1180 50.79 -5.28 92.24
C HIS Y 1180 51.67 -5.89 91.15
N GLY Y 1181 52.49 -5.05 90.52
CA GLY Y 1181 53.40 -5.48 89.48
C GLY Y 1181 53.40 -4.56 88.28
N GLU Y 1182 54.59 -4.20 87.81
CA GLU Y 1182 54.71 -3.45 86.56
C GLU Y 1182 54.59 -4.42 85.40
N GLU Y 1183 54.92 -3.97 84.19
CA GLU Y 1183 54.80 -4.86 83.04
C GLU Y 1183 55.99 -5.82 83.00
N GLY Y 1184 55.70 -7.08 82.68
CA GLY Y 1184 56.67 -8.13 82.71
C GLY Y 1184 56.48 -9.09 83.86
N LEU Y 1185 55.81 -8.67 84.92
CA LEU Y 1185 55.54 -9.51 86.08
C LEU Y 1185 54.27 -10.32 85.90
N MET Y 1186 53.89 -10.60 84.67
CA MET Y 1186 52.69 -11.39 84.35
C MET Y 1186 53.02 -12.66 83.58
N PHE Y 1187 53.85 -12.57 82.54
CA PHE Y 1187 54.13 -13.72 81.70
C PHE Y 1187 55.55 -14.25 81.81
N ASP Y 1188 56.49 -13.46 82.33
CA ASP Y 1188 57.84 -13.96 82.50
C ASP Y 1188 57.92 -14.88 83.70
N HIS Y 1189 58.68 -15.96 83.57
CA HIS Y 1189 58.82 -16.95 84.61
C HIS Y 1189 60.23 -16.99 85.15
N SER Y 1190 60.81 -15.81 85.37
CA SER Y 1190 62.06 -15.68 86.09
C SER Y 1190 61.89 -14.88 87.37
N HIS Y 1191 60.74 -14.27 87.59
CA HIS Y 1191 60.42 -13.58 88.83
C HIS Y 1191 59.31 -14.34 89.53
N ALA Y 1192 59.47 -14.55 90.84
CA ALA Y 1192 58.54 -15.37 91.58
C ALA Y 1192 57.14 -14.76 91.58
N ASP Y 1193 56.16 -15.59 91.84
CA ASP Y 1193 54.79 -15.14 91.98
C ASP Y 1193 54.71 -14.16 93.15
N PRO Y 1194 54.37 -12.91 92.91
CA PRO Y 1194 54.39 -11.93 94.00
C PRO Y 1194 53.37 -12.22 95.09
N ALA Y 1195 52.62 -13.32 94.95
CA ALA Y 1195 51.67 -13.73 95.98
C ALA Y 1195 52.13 -14.93 96.78
N HIS Y 1196 53.00 -15.77 96.20
CA HIS Y 1196 53.61 -16.89 96.92
C HIS Y 1196 55.04 -17.03 96.43
N PRO Y 1197 55.95 -16.22 96.93
CA PRO Y 1197 57.30 -16.18 96.37
C PRO Y 1197 58.07 -17.48 96.48
N HIS Y 1198 57.49 -18.53 97.08
CA HIS Y 1198 58.16 -19.82 97.10
C HIS Y 1198 58.41 -20.33 95.68
N ARG Y 1199 57.40 -20.20 94.81
CA ARG Y 1199 57.40 -20.84 93.51
C ARG Y 1199 57.02 -19.83 92.43
N ALA Y 1200 57.33 -20.19 91.19
CA ALA Y 1200 57.02 -19.34 90.07
C ALA Y 1200 55.51 -19.26 89.86
N THR Y 1201 54.87 -20.40 89.70
CA THR Y 1201 53.44 -20.46 89.48
C THR Y 1201 52.89 -21.72 90.13
N ALA Y 1202 51.57 -21.84 90.18
CA ALA Y 1202 50.92 -22.97 90.81
C ALA Y 1202 50.14 -23.83 89.82
N ASN Y 1203 50.24 -23.54 88.54
CA ASN Y 1203 49.51 -24.25 87.50
C ASN Y 1203 50.23 -24.07 86.18
N PRO Y 1204 51.20 -24.91 85.88
CA PRO Y 1204 52.07 -24.65 84.71
C PRO Y 1204 51.35 -24.71 83.39
N TRP Y 1205 50.07 -25.05 83.39
CA TRP Y 1205 49.31 -25.19 82.16
C TRP Y 1205 48.45 -23.97 81.85
N ALA Y 1206 48.48 -22.95 82.70
CA ALA Y 1206 47.65 -21.78 82.46
C ALA Y 1206 48.37 -20.48 82.79
N SER Y 1207 49.69 -20.44 82.61
CA SER Y 1207 50.42 -19.21 82.88
C SER Y 1207 51.34 -18.85 81.73
N GLN Y 1208 51.88 -19.84 81.05
CA GLN Y 1208 52.86 -19.56 80.01
C GLN Y 1208 52.18 -18.96 78.78
N ARG Y 1209 52.90 -18.07 78.11
CA ARG Y 1209 52.45 -17.57 76.82
C ARG Y 1209 52.17 -18.74 75.89
N HIS Y 1210 51.01 -18.70 75.24
CA HIS Y 1210 50.57 -19.75 74.33
C HIS Y 1210 50.46 -21.10 75.03
N SER Y 1211 50.11 -21.10 76.31
CA SER Y 1211 49.85 -22.35 77.02
C SER Y 1211 48.51 -22.91 76.57
N TYR Y 1212 48.07 -23.99 77.20
CA TYR Y 1212 46.77 -24.54 76.87
C TYR Y 1212 45.67 -23.55 77.19
N ALA Y 1213 45.44 -23.30 78.48
CA ALA Y 1213 44.30 -22.47 78.88
C ALA Y 1213 44.39 -21.09 78.26
N ASP Y 1214 45.59 -20.55 78.13
CA ASP Y 1214 45.73 -19.23 77.52
C ASP Y 1214 45.25 -19.24 76.08
N ARG Y 1215 45.53 -20.32 75.35
CA ARG Y 1215 45.08 -20.40 73.96
C ARG Y 1215 43.58 -20.59 73.85
N LEU Y 1216 42.86 -20.67 74.95
CA LEU Y 1216 41.41 -20.77 74.96
C LEU Y 1216 40.74 -19.49 75.40
N TYR Y 1217 41.13 -18.93 76.53
CA TYR Y 1217 40.41 -17.82 77.16
C TYR Y 1217 41.19 -16.51 77.10
N ASN Y 1218 41.91 -16.25 76.02
CA ASN Y 1218 42.61 -14.99 75.90
C ASN Y 1218 41.91 -14.09 74.89
N GLY Y 1219 42.14 -12.79 75.02
CA GLY Y 1219 41.31 -11.81 74.37
C GLY Y 1219 41.68 -11.44 72.95
N GLN Y 1220 42.60 -12.14 72.32
CA GLN Y 1220 42.92 -11.81 70.94
C GLN Y 1220 43.16 -13.03 70.06
N TYR Y 1221 42.64 -14.19 70.43
CA TYR Y 1221 42.91 -15.42 69.69
C TYR Y 1221 41.68 -15.96 68.99
N ASN Y 1222 40.75 -15.08 68.61
CA ASN Y 1222 39.68 -15.39 67.66
C ASN Y 1222 38.85 -16.61 68.06
N MET Y 1223 38.73 -16.88 69.35
CA MET Y 1223 37.90 -17.98 69.84
C MET Y 1223 36.55 -17.48 70.33
N SER Y 1224 36.01 -16.44 69.69
CA SER Y 1224 34.81 -15.79 70.20
C SER Y 1224 33.59 -16.65 69.94
N GLY Y 1225 32.75 -16.79 70.97
CA GLY Y 1225 31.48 -17.47 70.85
C GLY Y 1225 30.39 -16.69 71.55
N PRO Y 1226 29.14 -16.95 71.19
CA PRO Y 1226 28.04 -16.15 71.76
C PRO Y 1226 27.90 -16.32 73.26
N ALA Y 1227 28.48 -17.36 73.84
CA ALA Y 1227 28.36 -17.57 75.27
C ALA Y 1227 29.35 -16.69 76.04
N TYR Y 1228 28.91 -16.18 77.18
CA TYR Y 1228 29.78 -15.37 78.02
C TYR Y 1228 30.75 -16.26 78.79
N SER Y 1229 31.94 -15.75 79.03
CA SER Y 1229 33.00 -16.51 79.70
C SER Y 1229 33.52 -15.71 80.88
N PRO Y 1230 33.12 -16.07 82.10
CA PRO Y 1230 33.65 -15.36 83.28
C PRO Y 1230 35.16 -15.21 83.32
N CYS Y 1231 35.91 -16.22 82.90
CA CYS Y 1231 37.35 -16.15 83.00
C CYS Y 1231 37.98 -15.34 81.88
N PHE Y 1232 37.20 -14.51 81.20
CA PHE Y 1232 37.77 -13.64 80.18
C PHE Y 1232 38.70 -12.60 80.79
N LYS Y 1233 38.24 -11.91 81.82
CA LYS Y 1233 38.97 -10.78 82.39
C LYS Y 1233 40.15 -11.20 83.25
N PHE Y 1234 40.47 -12.49 83.31
CA PHE Y 1234 41.64 -12.94 84.04
C PHE Y 1234 42.85 -13.15 83.14
N PHE Y 1235 42.62 -13.56 81.89
CA PHE Y 1235 43.70 -13.94 81.00
C PHE Y 1235 44.01 -12.89 79.94
N THR Y 1236 43.18 -11.85 79.82
CA THR Y 1236 43.43 -10.82 78.82
C THR Y 1236 44.24 -9.69 79.44
N PRO Y 1237 45.47 -9.45 78.97
CA PRO Y 1237 46.32 -8.40 79.57
C PRO Y 1237 46.27 -7.05 78.85
N ALA Y 1238 45.39 -6.88 77.85
CA ALA Y 1238 45.39 -5.67 77.04
C ALA Y 1238 45.17 -4.41 77.87
N GLU Y 1239 44.56 -4.53 79.05
CA GLU Y 1239 44.39 -3.36 79.91
C GLU Y 1239 45.73 -2.75 80.30
N ALA Y 1240 46.80 -3.56 80.29
CA ALA Y 1240 48.12 -3.00 80.56
C ALA Y 1240 48.50 -1.97 79.51
N VAL Y 1241 48.15 -2.23 78.25
CA VAL Y 1241 48.40 -1.25 77.19
C VAL Y 1241 47.62 0.02 77.47
N ALA Y 1242 46.44 -0.10 78.06
CA ALA Y 1242 45.76 1.05 78.66
C ALA Y 1242 46.46 1.38 79.97
N LYS Y 1243 47.67 1.93 79.82
CA LYS Y 1243 48.60 2.10 80.93
C LYS Y 1243 47.96 2.92 82.05
N SER Y 1244 48.35 2.59 83.28
CA SER Y 1244 47.81 3.22 84.48
C SER Y 1244 48.77 4.29 84.97
N ARG Y 1245 48.29 5.54 84.99
CA ARG Y 1245 49.07 6.66 85.50
C ARG Y 1245 48.45 7.25 86.76
N GLY Y 1246 47.74 6.42 87.52
CA GLY Y 1246 47.18 6.82 88.79
C GLY Y 1246 46.36 5.72 89.41
N LEU Y 1247 46.54 5.48 90.71
CA LEU Y 1247 45.69 4.50 91.37
C LEU Y 1247 44.26 5.00 91.51
N ALA Y 1248 44.09 6.31 91.67
CA ALA Y 1248 42.74 6.87 91.71
C ALA Y 1248 41.96 6.53 90.46
N ARG Y 1249 42.64 6.34 89.33
CA ARG Y 1249 41.95 5.88 88.13
C ARG Y 1249 41.29 4.53 88.38
N LEU Y 1250 42.07 3.57 88.89
CA LEU Y 1250 41.52 2.24 89.16
C LEU Y 1250 40.40 2.31 90.18
N ILE Y 1251 40.57 3.12 91.21
CA ILE Y 1251 39.53 3.22 92.24
C ILE Y 1251 38.25 3.77 91.64
N ALA Y 1252 38.34 4.87 90.91
CA ALA Y 1252 37.16 5.50 90.35
C ALA Y 1252 36.54 4.67 89.23
N ASP Y 1253 37.28 3.73 88.65
CA ASP Y 1253 36.69 2.93 87.58
C ASP Y 1253 35.83 1.81 88.12
N THR Y 1254 36.28 1.13 89.18
CA THR Y 1254 35.43 0.10 89.78
C THR Y 1254 34.31 0.78 90.54
N GLY Y 1255 33.11 0.72 89.98
CA GLY Y 1255 32.00 1.54 90.41
C GLY Y 1255 31.42 2.25 89.21
N ALA Y 1256 32.14 2.20 88.10
CA ALA Y 1256 31.68 2.80 86.85
C ALA Y 1256 31.85 1.85 85.67
N ALA Y 1257 32.05 0.56 85.93
CA ALA Y 1257 32.28 -0.39 84.84
C ALA Y 1257 31.01 -0.65 84.08
N ALA Y 1258 31.17 -1.06 82.82
CA ALA Y 1258 30.04 -1.42 81.98
C ALA Y 1258 29.75 -2.90 82.09
N SER Y 1259 28.48 -3.24 82.19
CA SER Y 1259 28.09 -4.64 82.32
C SER Y 1259 28.38 -5.38 81.03
N PRO Y 1260 29.14 -6.47 81.05
CA PRO Y 1260 29.43 -7.21 79.83
C PRO Y 1260 28.40 -8.25 79.44
N THR Y 1261 27.36 -8.46 80.24
CA THR Y 1261 26.37 -9.50 79.95
C THR Y 1261 25.02 -8.85 79.68
N SER Y 1262 24.09 -9.68 79.24
CA SER Y 1262 22.76 -9.24 78.83
C SER Y 1262 21.75 -9.50 79.95
N ASN Y 1263 20.49 -9.28 79.64
CA ASN Y 1263 19.38 -9.54 80.56
C ASN Y 1263 18.42 -10.54 79.97
N GLY Y 1264 18.95 -11.57 79.31
CA GLY Y 1264 18.15 -12.62 78.73
C GLY Y 1264 17.98 -13.78 79.69
N GLU Y 1265 17.36 -14.84 79.18
CA GLU Y 1265 17.16 -16.05 79.97
C GLU Y 1265 18.46 -16.82 80.17
N TYR Y 1266 19.54 -16.42 79.51
CA TYR Y 1266 20.88 -16.95 79.75
C TYR Y 1266 21.84 -15.77 79.85
N GLN Y 1267 23.12 -16.08 79.94
CA GLN Y 1267 24.18 -15.08 80.02
C GLN Y 1267 24.88 -15.01 78.67
N PHE Y 1268 24.63 -13.94 77.93
CA PHE Y 1268 25.21 -13.78 76.61
C PHE Y 1268 26.14 -12.58 76.57
N LYS Y 1269 26.98 -12.54 75.55
CA LYS Y 1269 27.83 -11.38 75.34
C LYS Y 1269 26.97 -10.16 75.06
N ARG Y 1270 27.12 -9.14 75.88
CA ARG Y 1270 26.20 -8.04 75.64
C ARG Y 1270 26.71 -7.14 74.51
N PRO Y 1271 25.82 -6.69 73.63
CA PRO Y 1271 26.22 -5.69 72.63
C PRO Y 1271 26.77 -4.44 73.32
N VAL Y 1272 28.05 -4.16 73.08
CA VAL Y 1272 28.75 -3.08 73.77
C VAL Y 1272 28.09 -1.72 73.52
N GLY Y 1273 27.33 -1.59 72.43
CA GLY Y 1273 26.82 -0.28 72.04
C GLY Y 1273 25.98 0.39 73.11
N ALA Y 1274 25.03 -0.34 73.69
CA ALA Y 1274 24.11 0.25 74.67
C ALA Y 1274 24.84 0.73 75.92
N GLY Y 1275 25.42 -0.18 76.69
CA GLY Y 1275 26.15 0.20 77.88
C GLY Y 1275 25.31 0.26 79.14
N GLU Y 1276 25.77 -0.40 80.21
CA GLU Y 1276 25.02 -0.51 81.45
C GLU Y 1276 25.98 -0.42 82.63
N LEU Y 1277 25.59 0.36 83.64
CA LEU Y 1277 26.48 0.65 84.78
C LEU Y 1277 26.44 -0.47 85.81
N VAL Y 1278 27.60 -1.04 86.11
CA VAL Y 1278 27.74 -2.10 87.10
C VAL Y 1278 29.10 -1.98 87.75
N GLU Y 1279 29.21 -2.40 89.00
CA GLU Y 1279 30.45 -2.36 89.76
C GLU Y 1279 30.97 -3.77 90.03
N ASP Y 1280 32.29 -3.93 90.05
CA ASP Y 1280 32.91 -5.18 90.54
C ASP Y 1280 34.26 -4.90 91.17
N PRO Y 1281 34.55 -5.47 92.34
CA PRO Y 1281 35.86 -5.28 92.95
C PRO Y 1281 36.88 -6.29 92.45
N CYS Y 1282 36.39 -7.46 92.01
CA CYS Y 1282 37.29 -8.54 91.62
C CYS Y 1282 38.14 -8.14 90.40
N ALA Y 1283 37.62 -7.28 89.54
CA ALA Y 1283 38.40 -6.83 88.40
C ALA Y 1283 39.51 -5.87 88.79
N LEU Y 1284 39.49 -5.34 90.01
CA LEU Y 1284 40.57 -4.47 90.45
C LEU Y 1284 41.78 -5.26 90.90
N PHE Y 1285 41.56 -6.36 91.62
CA PHE Y 1285 42.64 -7.22 92.08
C PHE Y 1285 42.86 -8.42 91.19
N GLN Y 1286 42.00 -8.63 90.18
CA GLN Y 1286 42.01 -9.84 89.39
C GLN Y 1286 42.05 -11.07 90.30
N GLU Y 1287 40.98 -11.24 91.06
CA GLU Y 1287 40.96 -12.19 92.15
C GLU Y 1287 39.55 -12.73 92.34
N ALA Y 1288 39.46 -13.99 92.75
CA ALA Y 1288 38.19 -14.68 92.88
C ALA Y 1288 38.05 -15.21 94.30
N TYR Y 1289 36.82 -15.27 94.76
CA TYR Y 1289 36.60 -15.73 96.11
C TYR Y 1289 36.00 -17.15 96.11
N PRO Y 1290 36.38 -17.99 97.05
CA PRO Y 1290 35.84 -19.36 97.09
C PRO Y 1290 34.56 -19.40 97.89
N PRO Y 1291 33.52 -20.05 97.38
CA PRO Y 1291 32.24 -20.07 98.10
C PRO Y 1291 32.16 -21.25 99.04
N LEU Y 1292 31.03 -21.42 99.71
CA LEU Y 1292 30.86 -22.57 100.59
C LEU Y 1292 30.67 -23.82 99.74
N CYS Y 1293 31.77 -24.54 99.49
CA CYS Y 1293 31.73 -25.76 98.70
C CYS Y 1293 32.35 -26.88 99.52
N ALA Y 1294 32.13 -28.11 99.05
CA ALA Y 1294 32.66 -29.28 99.74
C ALA Y 1294 32.77 -30.41 98.75
N SER Y 1295 33.46 -31.47 99.17
CA SER Y 1295 33.76 -32.59 98.29
C SER Y 1295 32.80 -33.76 98.45
N ASP Y 1296 31.79 -33.63 99.31
CA ASP Y 1296 30.73 -34.63 99.40
C ASP Y 1296 29.57 -34.01 100.16
N SER Y 1297 28.35 -34.26 99.70
CA SER Y 1297 27.20 -33.64 100.35
C SER Y 1297 27.04 -34.07 101.80
N ALA Y 1298 27.84 -35.02 102.28
CA ALA Y 1298 27.72 -35.46 103.66
C ALA Y 1298 28.36 -34.48 104.64
N LEU Y 1299 29.25 -33.61 104.17
CA LEU Y 1299 29.89 -32.66 105.07
C LEU Y 1299 29.05 -31.41 105.29
N LEU Y 1300 28.22 -31.04 104.32
CA LEU Y 1300 27.41 -29.83 104.41
C LEU Y 1300 26.10 -30.10 105.14
N ARG Y 1301 26.21 -30.58 106.36
CA ARG Y 1301 25.06 -30.68 107.23
C ARG Y 1301 25.01 -29.46 108.15
N THR Y 1302 24.03 -29.44 109.05
CA THR Y 1302 23.88 -28.28 109.92
C THR Y 1302 25.08 -28.07 110.85
N PRO Y 1303 25.57 -29.09 111.59
CA PRO Y 1303 26.77 -28.87 112.41
C PRO Y 1303 28.04 -29.03 111.61
N LEU Y 1304 28.48 -27.95 110.94
CA LEU Y 1304 29.61 -28.02 110.02
C LEU Y 1304 30.81 -28.69 110.66
N GLY Y 1305 31.36 -28.11 111.72
CA GLY Y 1305 32.41 -28.75 112.49
C GLY Y 1305 33.66 -29.12 111.71
N ALA Y 1306 33.85 -30.42 111.48
CA ALA Y 1306 35.08 -30.91 110.86
C ALA Y 1306 35.31 -30.28 109.50
N GLU Y 1307 36.56 -30.00 109.18
CA GLU Y 1307 36.94 -29.36 107.93
C GLU Y 1307 37.59 -30.28 106.93
N GLU Y 1308 38.30 -31.32 107.39
CA GLU Y 1308 38.82 -32.36 106.52
C GLU Y 1308 38.59 -33.70 107.19
N HIS Y 1309 38.28 -34.72 106.39
CA HIS Y 1309 38.02 -36.04 106.94
C HIS Y 1309 39.00 -37.08 106.44
N PHE Y 1310 39.14 -37.21 105.13
CA PHE Y 1310 40.02 -38.15 104.47
C PHE Y 1310 40.32 -37.47 103.15
N ALA Y 1311 40.55 -38.23 102.09
CA ALA Y 1311 40.64 -37.65 100.76
C ALA Y 1311 39.64 -36.50 100.55
N GLN Y 1312 38.43 -36.62 101.09
CA GLN Y 1312 37.43 -35.56 100.96
C GLN Y 1312 37.83 -34.33 101.77
N TYR Y 1313 37.28 -33.19 101.36
CA TYR Y 1313 37.68 -31.91 101.95
C TYR Y 1313 36.51 -30.94 101.89
N LEU Y 1314 36.45 -30.07 102.89
CA LEU Y 1314 35.49 -28.97 102.92
C LEU Y 1314 36.24 -27.65 102.83
N ILE Y 1315 35.64 -26.68 102.15
CA ILE Y 1315 36.24 -25.36 101.99
C ILE Y 1315 35.30 -24.35 102.63
N ARG Y 1316 35.83 -23.59 103.59
CA ARG Y 1316 35.02 -22.60 104.26
C ARG Y 1316 34.66 -21.47 103.30
N ASP Y 1317 33.77 -20.60 103.75
CA ASP Y 1317 33.30 -19.49 102.94
C ASP Y 1317 34.15 -18.26 103.22
N GLU Y 1318 34.68 -17.65 102.15
CA GLU Y 1318 35.53 -16.47 102.29
C GLU Y 1318 35.22 -15.53 101.12
N SER Y 1319 34.28 -14.62 101.33
CA SER Y 1319 33.80 -13.74 100.27
C SER Y 1319 33.05 -12.60 100.92
N PRO Y 1320 32.84 -11.49 100.20
CA PRO Y 1320 32.10 -10.37 100.79
C PRO Y 1320 30.67 -10.69 101.18
N LEU Y 1321 30.22 -11.92 100.96
CA LEU Y 1321 28.84 -12.30 101.22
C LEU Y 1321 28.74 -13.41 102.24
N LYS Y 1322 29.44 -13.25 103.35
CA LYS Y 1322 29.40 -14.30 104.37
C LYS Y 1322 28.07 -14.37 105.11
N GLY Y 1323 27.02 -13.67 104.69
CA GLY Y 1323 25.73 -13.77 105.34
C GLY Y 1323 24.56 -13.65 104.39
N SER Z 2 -98.03 -69.82 -77.67
CA SER Z 2 -99.49 -69.89 -77.74
C SER Z 2 -100.02 -68.84 -78.70
N PHE Z 3 -99.18 -67.86 -79.02
CA PHE Z 3 -99.53 -66.78 -79.93
C PHE Z 3 -98.26 -66.01 -80.24
N ASP Z 4 -98.38 -65.00 -81.09
CA ASP Z 4 -97.23 -64.16 -81.37
C ASP Z 4 -97.42 -62.80 -80.74
N PRO Z 5 -96.39 -62.21 -80.13
CA PRO Z 5 -96.58 -60.93 -79.44
C PRO Z 5 -96.77 -59.77 -80.39
N ASN Z 6 -96.15 -59.79 -81.57
CA ASN Z 6 -96.19 -58.64 -82.46
C ASN Z 6 -97.59 -58.39 -83.02
N ASN Z 7 -98.53 -59.31 -82.79
CA ASN Z 7 -99.91 -59.11 -83.20
C ASN Z 7 -100.82 -59.28 -81.99
N PRO Z 8 -101.46 -58.21 -81.50
CA PRO Z 8 -102.41 -58.36 -80.40
C PRO Z 8 -103.73 -58.99 -80.82
N ARG Z 9 -104.08 -58.94 -82.10
CA ARG Z 9 -105.37 -59.43 -82.54
C ARG Z 9 -105.49 -60.95 -82.48
N THR Z 10 -104.41 -61.65 -82.12
CA THR Z 10 -104.41 -63.10 -82.16
C THR Z 10 -104.66 -63.75 -80.81
N ILE Z 11 -104.79 -62.98 -79.74
CA ILE Z 11 -105.05 -63.59 -78.44
C ILE Z 11 -106.56 -63.67 -78.19
N THR Z 12 -106.98 -64.76 -77.57
CA THR Z 12 -108.40 -65.02 -77.31
C THR Z 12 -108.50 -66.23 -76.40
N ALA Z 13 -109.74 -66.52 -75.97
CA ALA Z 13 -109.99 -67.65 -75.08
C ALA Z 13 -109.51 -68.98 -75.66
N GLN Z 14 -109.51 -69.11 -76.99
CA GLN Z 14 -109.08 -70.35 -77.61
C GLN Z 14 -107.59 -70.60 -77.36
N THR Z 15 -106.75 -69.58 -77.52
CA THR Z 15 -105.32 -69.74 -77.35
C THR Z 15 -104.86 -69.57 -75.91
N LEU Z 16 -105.60 -68.81 -75.09
CA LEU Z 16 -105.17 -68.61 -73.70
C LEU Z 16 -105.53 -69.79 -72.80
N GLU Z 17 -106.41 -70.68 -73.24
CA GLU Z 17 -106.71 -71.87 -72.45
C GLU Z 17 -105.50 -72.79 -72.29
N GLY Z 18 -104.44 -72.56 -73.04
CA GLY Z 18 -103.29 -73.45 -73.11
C GLY Z 18 -102.75 -73.99 -71.80
N ALA Z 19 -102.27 -73.12 -70.93
CA ALA Z 19 -101.53 -73.60 -69.76
C ALA Z 19 -101.50 -72.50 -68.70
N LEU Z 20 -100.66 -72.69 -67.69
CA LEU Z 20 -100.47 -71.83 -66.53
C LEU Z 20 -99.99 -70.45 -66.93
N PRO Z 21 -100.05 -69.46 -66.03
CA PRO Z 21 -99.61 -68.10 -66.39
C PRO Z 21 -98.15 -68.01 -66.82
N VAL Z 22 -97.32 -69.02 -66.54
CA VAL Z 22 -95.94 -68.99 -67.01
C VAL Z 22 -95.90 -68.91 -68.53
N ASP Z 23 -96.81 -69.60 -69.22
CA ASP Z 23 -96.82 -69.55 -70.67
C ASP Z 23 -97.19 -68.15 -71.16
N ILE Z 24 -98.20 -67.54 -70.54
CA ILE Z 24 -98.58 -66.17 -70.88
C ILE Z 24 -97.38 -65.24 -70.72
N LEU Z 25 -96.73 -65.29 -69.56
CA LEU Z 25 -95.67 -64.33 -69.26
C LEU Z 25 -94.45 -64.55 -70.14
N LEU Z 26 -94.10 -65.82 -70.38
CA LEU Z 26 -92.96 -66.10 -71.24
C LEU Z 26 -93.24 -65.74 -72.69
N ARG Z 27 -94.47 -65.93 -73.15
CA ARG Z 27 -94.85 -65.44 -74.47
C ARG Z 27 -94.69 -63.94 -74.57
N LEU Z 28 -95.21 -63.21 -73.57
CA LEU Z 28 -95.06 -61.76 -73.58
C LEU Z 28 -93.62 -61.32 -73.39
N ASN Z 29 -92.77 -62.22 -72.90
CA ASN Z 29 -91.38 -61.86 -72.63
C ASN Z 29 -90.52 -61.81 -73.88
N ARG Z 30 -90.87 -62.56 -74.93
CA ARG Z 30 -90.06 -62.64 -76.13
C ARG Z 30 -90.60 -61.77 -77.26
N ALA Z 31 -91.23 -60.66 -76.93
CA ALA Z 31 -91.69 -59.71 -77.94
C ALA Z 31 -90.51 -59.02 -78.60
N THR Z 32 -90.74 -58.45 -79.77
CA THR Z 32 -89.71 -57.71 -80.50
C THR Z 32 -90.31 -56.88 -81.62
N ALA Z 41 -106.84 -48.80 -83.29
CA ALA Z 41 -105.63 -48.43 -82.57
C ALA Z 41 -105.72 -48.82 -81.10
N HIS Z 42 -106.03 -47.84 -80.25
CA HIS Z 42 -106.06 -48.11 -78.82
C HIS Z 42 -107.15 -49.11 -78.44
N ALA Z 43 -108.23 -49.19 -79.23
CA ALA Z 43 -109.28 -50.17 -78.90
C ALA Z 43 -108.76 -51.59 -79.07
N ILE Z 44 -107.91 -51.83 -80.07
CA ILE Z 44 -107.36 -53.17 -80.28
C ILE Z 44 -106.60 -53.62 -79.04
N VAL Z 45 -105.60 -52.82 -78.64
CA VAL Z 45 -104.79 -53.20 -77.50
C VAL Z 45 -105.62 -53.23 -76.23
N GLU Z 46 -106.67 -52.41 -76.14
CA GLU Z 46 -107.50 -52.40 -74.94
C GLU Z 46 -108.28 -53.71 -74.81
N ASP Z 47 -109.01 -54.09 -75.87
CA ASP Z 47 -109.71 -55.36 -75.86
C ASP Z 47 -108.75 -56.53 -75.63
N ALA Z 48 -107.56 -56.48 -76.22
CA ALA Z 48 -106.59 -57.54 -76.01
C ALA Z 48 -106.19 -57.62 -74.54
N ARG Z 49 -105.96 -56.47 -73.91
CA ARG Z 49 -105.68 -56.46 -72.48
C ARG Z 49 -106.81 -57.08 -71.69
N ARG Z 50 -108.05 -56.79 -72.07
CA ARG Z 50 -109.19 -57.35 -71.32
C ARG Z 50 -109.21 -58.87 -71.41
N THR Z 51 -109.17 -59.41 -72.64
CA THR Z 51 -109.20 -60.86 -72.77
C THR Z 51 -107.99 -61.50 -72.11
N LEU Z 52 -106.84 -60.83 -72.16
CA LEU Z 52 -105.64 -61.36 -71.51
C LEU Z 52 -105.83 -61.43 -70.00
N PHE Z 53 -106.45 -60.41 -69.41
CA PHE Z 53 -106.74 -60.45 -67.99
C PHE Z 53 -107.62 -61.64 -67.64
N ILE Z 54 -108.71 -61.81 -68.39
CA ILE Z 54 -109.60 -62.94 -68.11
C ILE Z 54 -108.86 -64.26 -68.27
N GLY Z 55 -108.04 -64.37 -69.31
CA GLY Z 55 -107.29 -65.60 -69.54
C GLY Z 55 -106.34 -65.92 -68.41
N THR Z 56 -105.63 -64.91 -67.91
CA THR Z 56 -104.68 -65.17 -66.83
C THR Z 56 -105.41 -65.51 -65.53
N SER Z 57 -106.59 -64.93 -65.31
CA SER Z 57 -107.38 -65.33 -64.15
C SER Z 57 -107.80 -66.80 -64.27
N LEU Z 58 -108.23 -67.23 -65.46
CA LEU Z 58 -108.60 -68.63 -65.61
C LEU Z 58 -107.40 -69.53 -65.42
N ALA Z 59 -106.25 -69.13 -65.95
CA ALA Z 59 -105.00 -69.85 -65.73
C ALA Z 59 -104.67 -69.97 -64.25
N LEU Z 60 -104.87 -68.88 -63.50
CA LEU Z 60 -104.51 -68.90 -62.09
C LEU Z 60 -105.46 -69.80 -61.30
N VAL Z 61 -106.74 -69.80 -61.66
CA VAL Z 61 -107.65 -70.67 -60.91
C VAL Z 61 -107.37 -72.12 -61.27
N ASN Z 62 -106.93 -72.39 -62.49
CA ASN Z 62 -106.56 -73.76 -62.84
C ASN Z 62 -105.33 -74.21 -62.06
N LEU Z 63 -104.32 -73.34 -61.97
CA LEU Z 63 -103.15 -73.65 -61.15
C LEU Z 63 -103.55 -73.94 -59.71
N ARG Z 64 -104.46 -73.13 -59.16
CA ARG Z 64 -104.88 -73.36 -57.77
C ARG Z 64 -105.61 -74.69 -57.64
N ARG Z 65 -106.44 -75.05 -58.62
CA ARG Z 65 -107.05 -76.38 -58.60
C ARG Z 65 -105.98 -77.46 -58.51
N ALA Z 66 -105.00 -77.40 -59.42
CA ALA Z 66 -103.97 -78.43 -59.48
C ALA Z 66 -103.22 -78.54 -58.17
N HIS Z 67 -102.90 -77.41 -57.54
CA HIS Z 67 -102.16 -77.46 -56.28
C HIS Z 67 -103.04 -77.76 -55.08
N ASP Z 68 -104.34 -77.45 -55.16
CA ASP Z 68 -105.27 -77.67 -54.07
C ASP Z 68 -105.79 -79.09 -54.03
N LYS Z 69 -105.59 -79.86 -55.08
CA LYS Z 69 -105.88 -81.28 -55.00
C LYS Z 69 -105.07 -81.97 -53.91
N HIS Z 70 -104.11 -81.30 -53.29
CA HIS Z 70 -103.26 -81.90 -52.27
C HIS Z 70 -103.32 -81.15 -50.94
N LEU Z 71 -104.35 -80.35 -50.71
CA LEU Z 71 -104.42 -79.50 -49.53
C LEU Z 71 -105.64 -79.84 -48.68
N VAL Z 72 -105.70 -79.17 -47.53
CA VAL Z 72 -106.72 -79.37 -46.51
C VAL Z 72 -108.02 -78.71 -46.96
N GLU Z 73 -109.14 -79.18 -46.42
CA GLU Z 73 -110.43 -78.59 -46.73
C GLU Z 73 -110.53 -77.19 -46.14
N ARG Z 74 -111.27 -76.32 -46.82
CA ARG Z 74 -111.33 -74.91 -46.46
C ARG Z 74 -112.62 -74.64 -45.69
N GLN Z 75 -112.46 -74.28 -44.42
CA GLN Z 75 -113.61 -74.04 -43.57
C GLN Z 75 -114.18 -72.64 -43.82
N PRO Z 76 -115.41 -72.37 -43.36
CA PRO Z 76 -115.91 -71.00 -43.40
C PRO Z 76 -115.22 -70.17 -42.32
N MET Z 77 -114.70 -69.01 -42.71
CA MET Z 77 -113.89 -68.22 -41.80
C MET Z 77 -114.70 -67.47 -40.76
N PHE Z 78 -115.92 -67.06 -41.09
CA PHE Z 78 -116.69 -66.18 -40.23
C PHE Z 78 -117.88 -66.90 -39.63
N ALA Z 79 -118.15 -66.59 -38.37
CA ALA Z 79 -119.30 -67.13 -37.66
C ALA Z 79 -120.55 -66.37 -38.07
N THR Z 80 -121.62 -66.57 -37.29
CA THR Z 80 -122.87 -65.81 -37.36
C THR Z 80 -123.70 -66.21 -38.56
N SER Z 81 -123.14 -67.01 -39.46
CA SER Z 81 -123.90 -67.60 -40.55
C SER Z 81 -124.62 -68.83 -40.02
N ASP Z 82 -125.92 -68.69 -39.74
CA ASP Z 82 -126.63 -69.63 -38.89
C ASP Z 82 -127.93 -70.06 -39.55
N TYR Z 83 -128.09 -71.37 -39.75
CA TYR Z 83 -129.37 -71.95 -40.13
C TYR Z 83 -129.88 -72.92 -39.05
N SER Z 84 -129.03 -73.85 -38.63
CA SER Z 84 -129.33 -74.68 -37.46
C SER Z 84 -128.64 -74.09 -36.24
N SER Z 85 -129.05 -72.86 -35.91
CA SER Z 85 -128.44 -72.14 -34.81
C SER Z 85 -128.95 -72.62 -33.47
N TRP Z 86 -130.23 -72.99 -33.41
CA TRP Z 86 -130.85 -73.37 -32.15
C TRP Z 86 -130.13 -74.52 -31.45
N ALA Z 87 -129.37 -75.33 -32.19
CA ALA Z 87 -128.66 -76.44 -31.57
C ALA Z 87 -127.24 -76.03 -31.17
N ARG Z 88 -126.45 -75.57 -32.13
CA ARG Z 88 -125.06 -75.25 -31.87
C ARG Z 88 -124.82 -73.76 -32.02
N PRO Z 89 -123.92 -73.17 -31.24
CA PRO Z 89 -123.55 -71.78 -31.46
C PRO Z 89 -122.46 -71.67 -32.51
N THR Z 90 -122.71 -70.87 -33.54
CA THR Z 90 -121.79 -70.79 -34.66
C THR Z 90 -120.49 -70.11 -34.25
N VAL Z 91 -119.37 -70.70 -34.65
CA VAL Z 91 -118.04 -70.18 -34.32
C VAL Z 91 -117.15 -70.22 -35.55
N GLY Z 92 -116.60 -69.07 -35.94
CA GLY Z 92 -115.73 -69.01 -37.09
C GLY Z 92 -114.38 -69.63 -36.83
N LEU Z 93 -113.50 -69.53 -37.81
CA LEU Z 93 -112.15 -70.07 -37.73
C LEU Z 93 -111.17 -69.05 -38.29
N LYS Z 94 -110.15 -68.70 -37.51
CA LYS Z 94 -109.09 -67.84 -38.00
C LYS Z 94 -108.12 -68.66 -38.84
N ARG Z 95 -107.95 -68.28 -40.11
CA ARG Z 95 -107.07 -68.99 -41.02
C ARG Z 95 -105.62 -68.54 -40.81
N THR Z 96 -105.16 -68.68 -39.57
CA THR Z 96 -103.81 -68.31 -39.21
C THR Z 96 -102.76 -69.16 -39.89
N PHE Z 97 -102.92 -70.48 -39.87
CA PHE Z 97 -102.08 -71.37 -40.67
C PHE Z 97 -102.77 -72.74 -40.79
N CYS Z 98 -103.02 -73.13 -42.04
CA CYS Z 98 -103.46 -74.49 -42.37
C CYS Z 98 -102.65 -75.00 -43.55
N PRO Z 99 -101.34 -75.14 -43.37
CA PRO Z 99 -100.48 -75.53 -44.50
C PRO Z 99 -100.21 -77.03 -44.57
N ARG Z 100 -100.16 -77.54 -45.79
CA ARG Z 100 -99.85 -78.94 -46.05
C ARG Z 100 -99.18 -79.10 -47.41
N MET AA 1 -101.30 75.06 -67.07
CA MET AA 1 -102.13 73.88 -66.88
C MET AA 1 -101.29 72.65 -66.59
N SER AA 2 -100.15 72.84 -65.95
CA SER AA 2 -99.36 71.67 -65.56
C SER AA 2 -98.76 71.74 -64.16
N VAL AA 3 -99.06 72.77 -63.35
CA VAL AA 3 -98.13 72.95 -62.24
C VAL AA 3 -98.77 73.02 -60.85
N GLN AA 4 -98.28 72.12 -60.00
CA GLN AA 4 -98.26 71.90 -58.54
C GLN AA 4 -99.55 71.73 -57.66
N ILE AA 5 -100.24 70.58 -57.86
CA ILE AA 5 -101.12 69.74 -57.00
C ILE AA 5 -100.77 68.21 -57.04
N GLY AA 6 -100.19 67.68 -58.18
CA GLY AA 6 -99.12 66.59 -58.26
C GLY AA 6 -97.63 67.02 -58.16
N ASN AA 7 -97.22 68.19 -58.78
CA ASN AA 7 -96.13 69.08 -58.23
C ASN AA 7 -96.49 69.84 -56.90
N GLY AA 8 -97.88 70.04 -56.51
CA GLY AA 8 -98.58 69.91 -55.08
C GLY AA 8 -98.19 68.75 -54.06
N LEU AA 9 -98.72 67.52 -54.26
CA LEU AA 9 -98.08 66.30 -53.71
C LEU AA 9 -96.56 66.44 -53.57
N LEU AA 10 -95.93 66.70 -54.70
CA LEU AA 10 -94.49 66.68 -54.86
C LEU AA 10 -93.71 67.55 -53.93
N MET AA 11 -94.00 68.85 -53.85
CA MET AA 11 -93.05 69.45 -52.92
C MET AA 11 -93.42 69.09 -51.51
N VAL AA 12 -94.64 69.36 -51.04
CA VAL AA 12 -94.57 69.38 -49.57
C VAL AA 12 -95.15 68.16 -48.91
N VAL AA 13 -94.83 66.97 -49.42
CA VAL AA 13 -94.70 65.82 -48.50
C VAL AA 13 -93.95 66.18 -47.19
N ALA AA 14 -93.59 67.46 -46.97
CA ALA AA 14 -92.47 67.86 -46.08
C ALA AA 14 -92.69 67.77 -44.56
N PRO AA 15 -93.92 68.20 -43.94
CA PRO AA 15 -94.14 68.37 -42.49
C PRO AA 15 -94.32 67.17 -41.54
N GLY AA 16 -94.63 65.87 -41.99
CA GLY AA 16 -94.19 64.42 -41.57
C GLY AA 16 -92.65 63.95 -41.29
N THR AA 17 -91.81 64.17 -40.09
CA THR AA 17 -90.59 63.37 -39.59
C THR AA 17 -90.76 62.41 -38.47
N LEU AA 18 -91.79 62.46 -37.65
CA LEU AA 18 -91.67 61.33 -36.76
C LEU AA 18 -92.05 60.04 -37.44
N THR AA 19 -93.31 59.85 -37.84
CA THR AA 19 -93.68 58.48 -38.13
C THR AA 19 -93.04 57.69 -37.01
N VAL AA 20 -93.49 58.05 -35.81
CA VAL AA 20 -92.83 58.04 -34.51
C VAL AA 20 -91.76 56.98 -34.31
N GLY AA 21 -90.86 57.20 -33.39
CA GLY AA 21 -90.03 56.06 -33.08
C GLY AA 21 -90.37 55.30 -31.82
N SER AA 22 -91.51 54.63 -31.72
CA SER AA 22 -91.93 54.04 -30.46
C SER AA 22 -93.10 53.05 -30.67
N ALA AA 23 -93.04 51.89 -29.99
CA ALA AA 23 -94.00 50.76 -30.17
C ALA AA 23 -94.80 50.69 -28.96
N ILE BA 16 82.16 93.49 -62.70
CA ILE BA 16 83.15 94.51 -63.04
C ILE BA 16 84.23 94.56 -61.96
N GLU BA 17 84.85 93.41 -61.71
CA GLU BA 17 85.96 93.29 -60.77
C GLU BA 17 85.59 93.84 -59.39
N VAL BA 18 84.66 93.13 -58.75
CA VAL BA 18 84.06 93.56 -57.50
C VAL BA 18 85.13 93.86 -56.45
N HIS BA 19 84.80 94.74 -55.51
CA HIS BA 19 85.67 95.12 -54.41
C HIS BA 19 84.95 94.91 -53.09
N SER BA 20 85.56 95.38 -52.02
CA SER BA 20 84.99 95.25 -50.69
C SER BA 20 84.26 96.55 -50.33
N HIS BA 21 83.87 96.67 -49.06
CA HIS BA 21 83.27 97.87 -48.52
C HIS BA 21 83.69 98.00 -47.07
N ARG BA 22 83.51 99.19 -46.51
CA ARG BA 22 83.85 99.40 -45.11
C ARG BA 22 83.03 98.44 -44.25
N ALA BA 23 83.68 97.87 -43.25
CA ALA BA 23 83.07 96.83 -42.44
C ALA BA 23 82.31 97.43 -41.26
N LEU BA 24 81.37 96.65 -40.74
CA LEU BA 24 80.65 97.11 -39.56
C LEU BA 24 81.60 97.25 -38.39
N PHE BA 25 81.48 98.35 -37.68
CA PHE BA 25 82.18 98.57 -36.44
C PHE BA 25 81.17 98.62 -35.31
N ASP BA 26 81.51 97.98 -34.19
CA ASP BA 26 80.57 97.87 -33.09
C ASP BA 26 80.14 99.26 -32.63
N ILE BA 27 78.85 99.38 -32.31
CA ILE BA 27 78.30 100.65 -31.84
C ILE BA 27 79.08 101.15 -30.63
N PHE BA 28 79.54 100.23 -29.78
CA PHE BA 28 80.28 100.61 -28.57
C PHE BA 28 81.77 100.76 -28.80
N LYS BA 29 82.23 100.84 -30.05
CA LYS BA 29 83.65 101.11 -30.29
C LYS BA 29 83.99 102.50 -29.78
N ARG BA 30 84.87 102.56 -28.79
CA ARG BA 30 85.23 103.79 -28.11
C ARG BA 30 86.74 103.91 -28.01
N PHE BA 31 87.42 103.81 -29.16
CA PHE BA 31 88.86 103.99 -29.20
C PHE BA 31 89.27 105.21 -28.39
N ARG BA 32 88.88 106.40 -28.89
CA ARG BA 32 88.99 107.67 -28.17
C ARG BA 32 90.23 107.73 -27.29
N SER BA 33 91.35 107.33 -27.88
CA SER BA 33 92.65 107.46 -27.25
C SER BA 33 93.47 108.60 -27.84
N ASP BA 34 93.09 109.08 -29.02
CA ASP BA 34 93.74 110.24 -29.58
C ASP BA 34 93.63 111.46 -28.66
N ASP BA 35 92.64 111.47 -27.77
CA ASP BA 35 92.54 112.56 -26.79
C ASP BA 35 93.83 112.71 -26.01
N ASN BA 36 94.54 111.61 -25.77
CA ASN BA 36 95.90 111.70 -25.24
C ASN BA 36 96.92 111.89 -26.35
N ASN BA 37 96.67 111.31 -27.51
CA ASN BA 37 97.67 111.25 -28.57
C ASN BA 37 97.50 112.32 -29.63
N LEU BA 38 96.62 113.31 -29.41
CA LEU BA 38 96.44 114.32 -30.44
C LEU BA 38 97.70 115.15 -30.65
N TYR BA 39 98.06 115.97 -29.66
CA TYR BA 39 99.30 116.74 -29.68
C TYR BA 39 100.14 116.50 -28.43
N GLY BA 40 99.53 116.60 -27.25
CA GLY BA 40 100.22 116.41 -25.99
C GLY BA 40 99.33 115.71 -24.98
N ALA BA 41 99.85 114.65 -24.36
CA ALA BA 41 99.06 113.80 -23.49
C ALA BA 41 99.07 114.32 -22.06
N GLU BA 42 97.89 114.42 -21.47
CA GLU BA 42 97.72 114.89 -20.09
C GLU BA 42 97.38 113.67 -19.23
N PHE BA 43 98.42 112.99 -18.74
CA PHE BA 43 98.26 111.76 -18.00
C PHE BA 43 97.62 111.97 -16.63
N ASP BA 44 97.43 113.21 -16.19
CA ASP BA 44 97.05 113.47 -14.80
C ASP BA 44 95.73 112.80 -14.45
N ALA BA 45 94.73 112.95 -15.31
CA ALA BA 45 93.45 112.28 -15.07
C ALA BA 45 92.84 111.67 -16.33
N LEU BA 46 93.38 111.92 -17.52
CA LEU BA 46 92.73 111.47 -18.75
C LEU BA 46 92.72 109.96 -18.87
N LEU BA 47 93.62 109.28 -18.16
CA LEU BA 47 93.69 107.83 -18.20
C LEU BA 47 92.54 107.23 -17.41
N GLY BA 48 92.57 105.92 -17.24
CA GLY BA 48 91.48 105.23 -16.54
C GLY BA 48 90.25 105.08 -17.40
N THR BA 49 89.74 106.19 -17.94
CA THR BA 49 88.68 106.09 -18.94
C THR BA 49 89.10 105.17 -20.08
N TYR BA 50 90.36 105.25 -20.50
CA TYR BA 50 90.86 104.33 -21.52
C TYR BA 50 90.76 102.89 -21.06
N CYS BA 51 91.18 102.62 -19.83
CA CYS BA 51 91.03 101.28 -19.28
C CYS BA 51 89.58 100.94 -19.02
N SER BA 52 88.77 101.93 -18.63
CA SER BA 52 87.38 101.67 -18.32
C SER BA 52 86.62 101.14 -19.53
N THR BA 53 86.86 101.74 -20.70
CA THR BA 53 86.19 101.24 -21.90
C THR BA 53 86.77 99.91 -22.37
N LEU BA 54 87.98 99.57 -21.96
CA LEU BA 54 88.55 98.31 -22.38
C LEU BA 54 87.96 97.17 -21.57
N SER BA 55 88.41 95.96 -21.90
CA SER BA 55 88.04 94.76 -21.16
C SER BA 55 89.34 94.00 -20.90
N LEU BA 56 89.87 94.14 -19.70
CA LEU BA 56 91.16 93.56 -19.34
C LEU BA 56 90.96 92.55 -18.22
N VAL BA 57 91.86 91.57 -18.16
CA VAL BA 57 91.94 90.66 -17.03
C VAL BA 57 93.04 91.20 -16.12
N ARG BA 58 92.66 92.12 -15.24
CA ARG BA 58 93.64 92.70 -14.32
C ARG BA 58 94.20 91.63 -13.42
N PHE BA 59 95.50 91.72 -13.15
CA PHE BA 59 96.15 90.71 -12.32
C PHE BA 59 95.61 90.74 -10.89
N LEU BA 60 95.20 91.91 -10.41
CA LEU BA 60 94.76 92.04 -9.02
C LEU BA 60 93.25 91.87 -8.89
N GLU BA 61 92.69 90.85 -9.51
CA GLU BA 61 91.32 90.46 -9.20
C GLU BA 61 91.13 88.96 -9.12
N LEU BA 62 92.10 88.17 -9.55
CA LEU BA 62 92.01 86.72 -9.46
C LEU BA 62 92.30 86.26 -8.04
N GLY BA 63 92.14 84.97 -7.81
CA GLY BA 63 92.62 84.40 -6.58
C GLY BA 63 94.10 84.15 -6.55
N LEU BA 64 94.81 84.50 -7.62
CA LEU BA 64 96.24 84.25 -7.67
C LEU BA 64 97.04 85.36 -7.02
N SER BA 65 96.52 86.58 -7.01
CA SER BA 65 97.27 87.71 -6.46
C SER BA 65 97.59 87.51 -4.99
N VAL BA 66 96.81 86.70 -4.29
CA VAL BA 66 96.92 86.56 -2.85
C VAL BA 66 98.15 85.75 -2.50
N ALA BA 67 98.86 85.26 -3.52
CA ALA BA 67 100.02 84.43 -3.28
C ALA BA 67 101.32 85.21 -3.21
N CYS BA 68 101.53 86.16 -4.13
CA CYS BA 68 102.75 86.94 -4.17
C CYS BA 68 102.47 88.36 -3.72
N VAL BA 69 103.44 88.96 -3.04
CA VAL BA 69 103.33 90.34 -2.58
C VAL BA 69 104.01 91.21 -3.64
N CYS BA 70 103.24 91.59 -4.64
CA CYS BA 70 103.75 92.48 -5.67
C CYS BA 70 104.14 93.81 -5.04
N THR BA 71 105.24 94.38 -5.51
CA THR BA 71 105.58 95.74 -5.11
C THR BA 71 106.36 96.42 -6.22
N LYS BA 72 105.94 97.63 -6.56
CA LYS BA 72 106.58 98.38 -7.64
C LYS BA 72 107.97 98.84 -7.22
N PHE BA 73 108.91 98.78 -8.15
CA PHE BA 73 110.29 99.18 -7.87
C PHE BA 73 110.90 99.74 -9.14
N PRO BA 74 110.86 101.06 -9.29
CA PRO BA 74 111.39 101.66 -10.53
C PRO BA 74 112.85 101.36 -10.77
N GLU BA 75 113.70 101.53 -9.77
CA GLU BA 75 115.14 101.39 -9.95
C GLU BA 75 115.60 99.96 -9.73
N LEU BA 76 114.95 99.00 -10.39
CA LEU BA 76 115.41 97.62 -10.32
C LEU BA 76 116.60 97.37 -11.24
N SER BA 77 116.77 98.20 -12.26
CA SER BA 77 117.82 97.93 -13.25
C SER BA 77 119.21 98.21 -12.69
N TYR BA 78 119.36 99.23 -11.86
CA TYR BA 78 120.66 99.56 -11.30
C TYR BA 78 120.94 98.78 -10.03
N VAL BA 79 120.75 97.46 -10.06
CA VAL BA 79 120.81 96.64 -8.86
C VAL BA 79 121.70 95.44 -9.13
N ALA BA 80 122.74 95.29 -8.32
CA ALA BA 80 123.55 94.08 -8.30
C ALA BA 80 122.81 93.02 -7.50
N GLU BA 81 123.49 91.96 -7.09
CA GLU BA 81 122.85 90.90 -6.31
C GLU BA 81 122.01 91.47 -5.18
N GLY BA 82 120.72 91.19 -5.22
CA GLY BA 82 119.82 91.56 -4.14
C GLY BA 82 119.69 90.40 -3.16
N THR BA 83 119.72 90.73 -1.88
CA THR BA 83 119.79 89.73 -0.83
C THR BA 83 118.65 89.95 0.16
N ILE BA 84 118.58 89.05 1.14
CA ILE BA 84 117.55 89.09 2.17
C ILE BA 84 118.01 88.20 3.31
N GLN BA 85 117.67 88.59 4.54
CA GLN BA 85 118.23 87.95 5.71
C GLN BA 85 117.14 87.35 6.59
N PHE BA 86 117.56 86.42 7.46
CA PHE BA 86 116.67 85.79 8.40
C PHE BA 86 117.42 85.53 9.70
N GLU BA 87 116.67 85.21 10.74
CA GLU BA 87 117.23 84.71 11.99
C GLU BA 87 116.11 84.08 12.79
N VAL BA 88 116.41 82.97 13.46
CA VAL BA 88 115.42 82.25 14.24
C VAL BA 88 116.03 81.81 15.55
N GLN BA 89 115.17 81.66 16.57
CA GLN BA 89 115.55 81.08 17.84
C GLN BA 89 114.73 79.83 18.04
N GLN BA 90 115.40 78.71 18.22
CA GLN BA 90 114.40 77.67 18.38
C GLN BA 90 114.06 77.52 19.86
N PRO BA 91 112.79 77.33 20.18
CA PRO BA 91 112.41 77.14 21.58
C PRO BA 91 113.04 75.86 22.12
N MET BA 92 113.41 75.91 23.39
CA MET BA 92 114.02 74.77 24.05
C MET BA 92 113.17 74.33 25.22
N ILE BA 93 113.39 73.11 25.68
CA ILE BA 93 112.75 72.61 26.88
C ILE BA 93 113.84 72.11 27.81
N ALA BA 94 113.59 72.27 29.11
CA ALA BA 94 114.55 71.83 30.11
C ALA BA 94 114.53 70.32 30.24
N ARG BA 95 115.70 69.74 30.44
CA ARG BA 95 115.80 68.29 30.59
C ARG BA 95 115.84 67.93 32.08
N ASP BA 96 115.98 66.64 32.36
CA ASP BA 96 116.02 66.15 33.73
C ASP BA 96 117.44 65.91 34.21
N GLY BA 97 118.18 65.05 33.52
CA GLY BA 97 119.57 64.85 33.84
C GLY BA 97 120.40 66.04 33.42
N PRO BA 98 121.13 66.63 34.35
CA PRO BA 98 121.92 67.83 34.03
C PRO BA 98 123.02 67.55 33.02
N HIS BA 99 122.90 68.11 31.83
CA HIS BA 99 123.98 68.10 30.85
C HIS BA 99 124.08 69.50 30.25
N PRO BA 100 125.19 70.21 30.46
CA PRO BA 100 125.32 71.60 30.00
C PRO BA 100 125.57 71.71 28.50
N ALA BA 101 124.55 71.35 27.71
CA ALA BA 101 124.67 71.42 26.27
C ALA BA 101 123.40 71.94 25.60
N ASP BA 102 122.51 72.61 26.32
CA ASP BA 102 121.28 73.11 25.71
C ASP BA 102 121.53 74.43 25.00
N GLN BA 103 121.85 75.49 25.77
CA GLN BA 103 122.40 76.74 25.26
C GLN BA 103 121.68 77.23 24.01
N PRO BA 104 120.49 77.81 24.14
CA PRO BA 104 119.61 78.04 22.97
C PRO BA 104 120.31 78.57 21.74
N VAL BA 105 120.07 77.92 20.60
CA VAL BA 105 120.83 78.18 19.38
C VAL BA 105 120.37 79.46 18.73
N HIS BA 106 121.14 79.93 17.74
CA HIS BA 106 120.79 81.08 16.93
C HIS BA 106 121.19 80.78 15.49
N ASN BA 107 120.30 81.10 14.55
CA ASN BA 107 120.53 80.86 13.15
C ASN BA 107 120.46 82.17 12.38
N TYR BA 108 121.15 82.23 11.25
CA TYR BA 108 121.15 83.41 10.39
C TYR BA 108 121.11 82.93 8.94
N MET BA 109 119.91 82.78 8.40
CA MET BA 109 119.78 82.36 7.02
C MET BA 109 119.82 83.58 6.10
N ILE BA 110 120.17 83.34 4.83
CA ILE BA 110 120.27 84.41 3.85
C ILE BA 110 119.92 83.83 2.49
N LYS BA 111 119.21 84.62 1.69
CA LYS BA 111 118.79 84.23 0.35
C LYS BA 111 119.18 85.31 -0.64
N ARG BA 112 119.13 84.97 -1.92
CA ARG BA 112 119.51 85.87 -2.99
C ARG BA 112 118.38 86.00 -3.99
N LEU BA 113 118.42 87.07 -4.77
CA LEU BA 113 117.42 87.31 -5.81
C LEU BA 113 117.75 86.49 -7.05
N ASP BA 114 116.72 86.24 -7.86
CA ASP BA 114 116.85 85.54 -9.12
C ASP BA 114 116.31 86.44 -10.21
N ARG BA 115 117.06 86.57 -11.30
CA ARG BA 115 116.70 87.52 -12.34
C ARG BA 115 115.78 86.87 -13.37
N ARG BA 116 114.91 87.70 -13.95
CA ARG BA 116 113.90 87.23 -14.87
C ARG BA 116 113.32 88.42 -15.61
N SER BA 117 112.99 88.19 -16.88
CA SER BA 117 112.46 89.23 -17.74
C SER BA 117 111.09 88.81 -18.26
N LEU BA 118 110.43 89.73 -18.95
CA LEU BA 118 109.10 89.51 -19.47
C LEU BA 118 108.93 90.44 -20.66
N ASN BA 119 108.79 89.89 -21.85
CA ASN BA 119 108.86 90.67 -23.07
C ASN BA 119 107.54 90.65 -23.82
N ALA BA 120 107.43 91.56 -24.79
CA ALA BA 120 106.25 91.70 -25.63
C ALA BA 120 106.64 92.45 -26.89
N ALA BA 121 106.07 92.03 -28.02
CA ALA BA 121 106.42 92.58 -29.31
C ALA BA 121 105.28 93.45 -29.84
N PHE BA 122 105.61 94.26 -30.84
CA PHE BA 122 104.69 95.25 -31.40
C PHE BA 122 105.32 95.83 -32.65
N SER BA 123 104.49 96.09 -33.66
CA SER BA 123 105.04 96.50 -34.95
C SER BA 123 104.03 97.38 -35.69
N ILE BA 124 104.54 98.16 -36.64
CA ILE BA 124 103.70 99.04 -37.46
C ILE BA 124 104.52 99.45 -38.67
N ALA BA 125 103.82 99.85 -39.74
CA ALA BA 125 104.47 100.29 -40.97
C ALA BA 125 104.89 101.76 -40.87
N VAL BA 126 105.72 102.19 -41.81
CA VAL BA 126 106.42 103.46 -41.65
C VAL BA 126 105.58 104.63 -42.15
N GLU BA 127 105.04 104.55 -43.37
CA GLU BA 127 104.11 105.57 -43.81
C GLU BA 127 102.82 105.51 -43.00
N ALA BA 128 102.46 104.31 -42.55
CA ALA BA 128 101.26 104.12 -41.74
C ALA BA 128 101.20 105.14 -40.60
N LEU BA 129 102.30 105.30 -39.87
CA LEU BA 129 102.33 106.32 -38.83
C LEU BA 129 102.24 107.71 -39.43
N GLY BA 130 102.92 107.95 -40.56
CA GLY BA 130 102.98 109.28 -41.12
C GLY BA 130 101.61 109.90 -41.36
N LEU BA 131 100.60 109.07 -41.61
CA LEU BA 131 99.27 109.59 -41.89
C LEU BA 131 98.64 110.24 -40.67
N ILE BA 132 98.88 109.69 -39.48
CA ILE BA 132 98.26 110.21 -38.27
C ILE BA 132 98.86 111.54 -37.84
N SER BA 133 99.95 111.97 -38.46
CA SER BA 133 100.60 113.22 -38.06
C SER BA 133 99.74 114.42 -38.44
N GLY BA 134 99.38 114.54 -39.72
CA GLY BA 134 98.70 115.74 -40.19
C GLY BA 134 97.30 115.86 -39.61
N GLU BA 135 96.89 117.10 -39.33
CA GLU BA 135 95.54 117.41 -38.85
C GLU BA 135 94.77 118.01 -40.01
N ASN BA 136 93.91 117.21 -40.63
CA ASN BA 136 93.14 117.64 -41.78
C ASN BA 136 91.67 117.45 -41.51
N LEU BA 137 90.85 118.36 -42.06
CA LEU BA 137 89.41 118.28 -41.90
C LEU BA 137 88.76 117.55 -43.07
N HIS BA 141 86.70 116.69 -48.69
CA HIS BA 141 87.79 116.01 -48.00
C HIS BA 141 89.10 116.15 -48.77
N ILE BA 142 90.17 115.60 -48.21
CA ILE BA 142 91.50 115.67 -48.81
C ILE BA 142 91.85 114.29 -49.36
N SER BA 143 90.82 113.53 -49.77
CA SER BA 143 90.98 112.35 -50.60
C SER BA 143 91.86 111.28 -49.96
N SER BA 144 91.88 111.22 -48.62
CA SER BA 144 92.66 110.19 -47.95
C SER BA 144 91.93 109.62 -46.73
N ALA BA 145 90.64 109.91 -46.58
CA ALA BA 145 89.88 109.45 -45.43
C ALA BA 145 89.92 107.92 -45.33
N MET BA 146 89.43 107.24 -46.37
CA MET BA 146 89.39 105.78 -46.35
C MET BA 146 90.75 105.19 -46.00
N ARG BA 147 91.83 105.82 -46.47
CA ARG BA 147 93.15 105.38 -46.04
C ARG BA 147 93.42 105.78 -44.60
N LEU BA 148 93.01 106.99 -44.21
CA LEU BA 148 93.33 107.48 -42.87
C LEU BA 148 92.65 106.65 -41.79
N ARG BA 149 91.35 106.40 -41.94
CA ARG BA 149 90.66 105.56 -40.98
C ARG BA 149 91.05 104.11 -41.09
N ALA BA 150 91.70 103.72 -42.19
CA ALA BA 150 92.19 102.35 -42.31
C ALA BA 150 93.40 102.08 -41.43
N ILE BA 151 94.02 103.11 -40.88
CA ILE BA 151 95.22 102.95 -40.08
C ILE BA 151 95.02 103.29 -38.62
N GLN BA 152 93.98 104.06 -38.28
CA GLN BA 152 93.68 104.31 -36.87
C GLN BA 152 93.48 103.02 -36.09
N GLN BA 153 93.33 101.88 -36.76
CA GLN BA 153 93.15 100.60 -36.09
C GLN BA 153 94.44 100.02 -35.54
N LEU BA 154 95.51 100.81 -35.44
CA LEU BA 154 96.63 100.38 -34.61
C LEU BA 154 96.21 100.28 -33.16
N ALA BA 155 95.20 101.07 -32.77
CA ALA BA 155 94.63 100.94 -31.43
C ALA BA 155 94.32 99.48 -31.11
N ARG BA 156 93.90 98.72 -32.12
CA ARG BA 156 93.67 97.29 -31.92
C ARG BA 156 94.95 96.57 -31.55
N ASN BA 157 96.11 97.11 -31.93
CA ASN BA 157 97.37 96.46 -31.56
C ASN BA 157 97.76 96.81 -30.12
N VAL BA 158 97.68 98.10 -29.77
CA VAL BA 158 98.09 98.50 -28.43
C VAL BA 158 97.13 97.94 -27.39
N GLN BA 159 95.85 97.84 -27.70
CA GLN BA 159 94.91 97.23 -26.78
C GLN BA 159 95.16 95.74 -26.59
N ALA BA 160 95.99 95.14 -27.43
CA ALA BA 160 96.40 93.75 -27.27
C ALA BA 160 97.73 93.62 -26.54
N VAL BA 161 98.71 94.43 -26.93
CA VAL BA 161 100.01 94.40 -26.27
C VAL BA 161 99.86 94.74 -24.79
N LEU BA 162 99.22 95.87 -24.50
CA LEU BA 162 98.99 96.25 -23.12
C LEU BA 162 98.26 95.16 -22.34
N ASP BA 163 97.34 94.45 -23.00
CA ASP BA 163 96.68 93.34 -22.34
C ASP BA 163 97.59 92.13 -22.18
N SER BA 164 98.65 92.04 -22.99
CA SER BA 164 99.52 90.88 -22.91
C SER BA 164 100.23 90.79 -21.57
N PHE BA 165 100.49 91.93 -20.93
CA PHE BA 165 101.31 91.90 -19.74
C PHE BA 165 100.59 91.28 -18.55
N GLU BA 166 99.28 91.49 -18.43
CA GLU BA 166 98.54 90.86 -17.34
C GLU BA 166 98.61 89.35 -17.43
N ARG BA 167 98.27 88.81 -18.60
CA ARG BA 167 98.32 87.36 -18.79
C ARG BA 167 99.74 86.84 -18.63
N GLY BA 168 100.73 87.63 -19.07
CA GLY BA 168 102.11 87.21 -18.88
C GLY BA 168 102.50 87.10 -17.43
N THR BA 169 102.08 88.07 -16.61
CA THR BA 169 102.38 88.02 -15.19
C THR BA 169 101.71 86.80 -14.55
N ALA BA 170 100.44 86.58 -14.88
CA ALA BA 170 99.76 85.40 -14.35
C ALA BA 170 100.52 84.13 -14.71
N ASP BA 171 100.95 84.03 -15.96
CA ASP BA 171 101.66 82.83 -16.41
C ASP BA 171 102.98 82.66 -15.67
N GLN BA 172 103.74 83.74 -15.54
CA GLN BA 172 105.04 83.63 -14.89
C GLN BA 172 104.90 83.26 -13.43
N MET BA 173 103.90 83.81 -12.75
CA MET BA 173 103.66 83.43 -11.37
C MET BA 173 103.30 81.95 -11.28
N LEU BA 174 102.45 81.47 -12.18
CA LEU BA 174 102.10 80.06 -12.17
C LEU BA 174 103.33 79.19 -12.42
N ARG BA 175 104.25 79.65 -13.27
CA ARG BA 175 105.45 78.86 -13.52
C ARG BA 175 106.35 78.82 -12.29
N VAL BA 176 106.50 79.96 -11.62
CA VAL BA 176 107.39 79.99 -10.46
C VAL BA 176 106.83 79.15 -9.34
N LEU BA 177 105.53 79.25 -9.07
CA LEU BA 177 104.96 78.48 -7.97
C LEU BA 177 105.07 76.98 -8.25
N MET BA 178 104.85 76.57 -9.51
CA MET BA 178 104.96 75.17 -9.86
C MET BA 178 106.39 74.64 -9.77
N GLU BA 179 107.38 75.54 -9.70
CA GLU BA 179 108.77 75.10 -9.73
C GLU BA 179 109.21 74.57 -8.37
N LYS BA 180 109.15 75.43 -7.36
CA LYS BA 180 109.74 75.18 -6.05
C LYS BA 180 108.88 74.32 -5.14
N ALA BA 181 107.87 73.64 -5.65
CA ALA BA 181 106.94 72.91 -4.80
C ALA BA 181 107.20 71.42 -4.88
N PRO BA 182 107.50 70.76 -3.78
CA PRO BA 182 107.64 69.32 -3.79
C PRO BA 182 106.28 68.65 -3.83
N PRO BA 183 106.22 67.36 -4.15
CA PRO BA 183 104.93 66.67 -4.15
C PRO BA 183 104.48 66.32 -2.74
N LEU BA 184 103.18 66.49 -2.49
CA LEU BA 184 102.64 66.18 -1.18
C LEU BA 184 102.91 64.74 -0.78
N SER BA 185 103.01 63.85 -1.76
CA SER BA 185 103.21 62.44 -1.46
C SER BA 185 104.48 62.20 -0.67
N LEU BA 186 105.53 62.98 -0.95
CA LEU BA 186 106.82 62.82 -0.28
C LEU BA 186 107.03 63.85 0.82
N LEU BA 187 105.98 64.46 1.32
CA LEU BA 187 106.14 65.55 2.27
C LEU BA 187 105.53 65.24 3.64
N ALA BA 188 104.24 64.90 3.69
CA ALA BA 188 103.62 64.56 4.97
C ALA BA 188 104.37 63.46 5.72
N PRO BA 189 104.75 62.33 5.10
CA PRO BA 189 105.53 61.34 5.84
C PRO BA 189 106.85 61.87 6.33
N PHE BA 190 107.39 62.88 5.65
CA PHE BA 190 108.62 63.50 6.11
C PHE BA 190 108.37 64.30 7.39
N THR BA 191 107.48 65.27 7.32
CA THR BA 191 107.21 66.09 8.49
C THR BA 191 106.60 65.28 9.63
N LEU BA 192 106.19 64.05 9.39
CA LEU BA 192 105.74 63.20 10.49
C LEU BA 192 106.93 62.67 11.29
N TYR BA 193 107.96 62.19 10.59
CA TYR BA 193 109.12 61.57 11.23
C TYR BA 193 110.24 62.56 11.48
N GLU BA 194 109.94 63.84 11.59
CA GLU BA 194 110.98 64.82 11.89
C GLU BA 194 111.39 64.72 13.36
N GLY BA 195 112.59 65.23 13.65
CA GLY BA 195 113.13 65.24 15.00
C GLY BA 195 113.88 64.00 15.38
N ARG BA 196 113.40 62.83 14.95
CA ARG BA 196 114.04 61.57 15.25
C ARG BA 196 114.99 61.11 14.16
N LEU BA 197 115.31 61.98 13.21
CA LEU BA 197 116.23 61.65 12.13
C LEU BA 197 117.67 61.65 12.64
N ALA BA 198 117.93 60.77 13.60
CA ALA BA 198 119.25 60.60 14.17
C ALA BA 198 119.85 59.23 13.86
N ASP BA 199 119.14 58.16 14.20
CA ASP BA 199 119.64 56.82 13.97
C ASP BA 199 119.17 56.29 12.63
N ARG BA 200 119.68 55.12 12.26
CA ARG BA 200 119.29 54.50 11.01
C ARG BA 200 117.91 53.86 11.09
N VAL BA 201 117.53 53.35 12.27
CA VAL BA 201 116.24 52.71 12.42
C VAL BA 201 115.11 53.68 12.07
N ALA BA 202 115.35 54.98 12.24
CA ALA BA 202 114.34 55.96 11.89
C ALA BA 202 114.18 56.06 10.38
N CYS BA 203 115.25 56.45 9.69
CA CYS BA 203 115.16 56.61 8.24
C CYS BA 203 114.81 55.30 7.55
N ALA BA 204 115.16 54.16 8.17
CA ALA BA 204 114.79 52.89 7.60
C ALA BA 204 113.28 52.71 7.55
N ALA BA 205 112.56 53.27 8.53
CA ALA BA 205 111.10 53.20 8.49
C ALA BA 205 110.52 54.32 7.63
N LEU BA 206 111.16 55.48 7.66
CA LEU BA 206 110.71 56.59 6.81
C LEU BA 206 110.71 56.19 5.35
N VAL BA 207 111.73 55.45 4.92
CA VAL BA 207 111.82 55.06 3.52
C VAL BA 207 110.66 54.15 3.13
N SER BA 208 110.35 53.18 3.99
CA SER BA 208 109.25 52.28 3.68
C SER BA 208 107.92 53.03 3.66
N GLU BA 209 107.72 53.95 4.60
CA GLU BA 209 106.49 54.73 4.55
C GLU BA 209 106.42 55.58 3.29
N LEU BA 210 107.56 56.10 2.83
CA LEU BA 210 107.58 56.88 1.60
C LEU BA 210 107.16 56.02 0.41
N LYS BA 211 107.71 54.80 0.33
CA LYS BA 211 107.29 53.90 -0.75
C LYS BA 211 105.80 53.64 -0.68
N ARG BA 212 105.28 53.37 0.51
CA ARG BA 212 103.86 53.08 0.64
C ARG BA 212 103.01 54.27 0.19
N ARG BA 213 103.38 55.47 0.63
CA ARG BA 213 102.62 56.65 0.23
C ARG BA 213 102.65 56.83 -1.28
N VAL BA 214 103.85 56.81 -1.87
CA VAL BA 214 103.96 57.08 -3.30
C VAL BA 214 103.29 56.00 -4.11
N ARG BA 215 103.04 54.81 -3.54
CA ARG BA 215 102.23 53.87 -4.29
C ARG BA 215 100.74 54.12 -4.12
N ASP BA 216 100.27 54.28 -2.88
CA ASP BA 216 98.85 54.27 -2.60
C ASP BA 216 98.20 55.65 -2.60
N ASP BA 217 98.94 56.71 -2.93
CA ASP BA 217 98.35 58.04 -2.81
C ASP BA 217 98.75 58.96 -3.95
N THR BA 218 99.00 58.42 -5.13
CA THR BA 218 99.43 59.23 -6.27
C THR BA 218 98.25 59.76 -7.08
N PHE BA 219 97.05 59.28 -6.84
CA PHE BA 219 95.88 59.77 -7.57
C PHE BA 219 94.69 59.75 -6.62
N PHE BA 220 94.23 60.94 -6.21
CA PHE BA 220 93.13 61.00 -5.27
C PHE BA 220 91.87 60.37 -5.83
N LEU BA 221 91.31 61.00 -6.87
CA LEU BA 221 89.92 60.77 -7.22
C LEU BA 221 89.72 59.80 -8.37
N THR BA 222 90.74 59.59 -9.20
CA THR BA 222 90.59 58.61 -10.27
C THR BA 222 90.29 57.22 -9.70
N LYS BA 223 90.77 56.93 -8.50
CA LYS BA 223 90.52 55.64 -7.87
C LYS BA 223 89.59 55.72 -6.67
N HIS BA 224 89.59 56.83 -5.94
CA HIS BA 224 88.84 56.93 -4.69
C HIS BA 224 87.67 57.91 -4.79
N GLU BA 225 86.97 57.89 -5.91
CA GLU BA 225 85.79 58.76 -6.06
C GLU BA 225 84.50 58.10 -5.59
N ARG BA 226 84.54 56.83 -5.20
CA ARG BA 226 83.35 56.19 -4.65
C ARG BA 226 82.96 56.82 -3.32
N ASN BA 227 83.92 56.98 -2.42
CA ASN BA 227 83.66 57.59 -1.12
C ASN BA 227 84.18 59.02 -1.08
N LYS BA 228 83.70 59.77 -0.09
CA LYS BA 228 83.99 61.19 0.05
C LYS BA 228 85.00 61.50 1.13
N ASP BA 229 85.17 60.62 2.12
CA ASP BA 229 86.07 60.93 3.22
C ASP BA 229 87.54 60.86 2.80
N ALA BA 230 87.87 60.00 1.84
CA ALA BA 230 89.27 59.86 1.45
C ALA BA 230 89.79 61.13 0.79
N VAL BA 231 89.07 61.62 -0.22
CA VAL BA 231 89.50 62.83 -0.92
C VAL BA 231 89.47 64.04 0.01
N LEU BA 232 88.43 64.13 0.84
CA LEU BA 232 88.36 65.23 1.78
C LEU BA 232 89.53 65.23 2.73
N ASP BA 233 89.87 64.05 3.26
CA ASP BA 233 91.01 63.96 4.17
C ASP BA 233 92.31 64.31 3.46
N ARG BA 234 92.49 63.84 2.23
CA ARG BA 234 93.68 64.18 1.47
C ARG BA 234 93.82 65.69 1.32
N LEU BA 235 92.75 66.35 0.90
CA LEU BA 235 92.81 67.80 0.74
C LEU BA 235 93.07 68.50 2.06
N SER BA 236 92.39 68.06 3.12
CA SER BA 236 92.65 68.64 4.44
C SER BA 236 94.07 68.32 4.89
N ASP BA 237 94.60 67.17 4.49
CA ASP BA 237 95.98 66.86 4.82
C ASP BA 237 96.95 67.73 4.03
N LEU BA 238 96.53 68.20 2.85
CA LEU BA 238 97.41 69.05 2.05
C LEU BA 238 97.68 70.35 2.79
N VAL BA 239 96.65 71.14 3.07
CA VAL BA 239 96.90 72.43 3.69
C VAL BA 239 96.90 72.27 5.19
N ASN BA 240 97.90 71.59 5.68
CA ASN BA 240 98.36 71.72 7.06
C ASN BA 240 99.85 71.49 7.18
N CYS BA 241 100.55 71.24 6.08
CA CYS BA 241 101.96 70.89 6.10
C CYS BA 241 102.83 72.04 5.61
N THR BA 242 102.24 73.02 4.94
CA THR BA 242 102.93 74.23 4.53
C THR BA 242 102.91 75.23 5.69
N ALA BA 243 104.06 75.79 6.02
CA ALA BA 243 104.06 76.67 7.18
C ALA BA 243 103.71 78.10 6.78
N PRO BA 244 102.89 78.77 7.57
CA PRO BA 244 102.54 80.16 7.25
C PRO BA 244 103.77 81.05 7.29
N SER BA 245 103.86 81.95 6.32
CA SER BA 245 105.03 82.79 6.15
C SER BA 245 104.95 84.04 7.00
N VAL BA 246 105.80 85.02 6.70
CA VAL BA 246 105.82 86.25 7.48
C VAL BA 246 104.52 87.01 7.24
N ALA BA 247 104.17 87.86 8.19
CA ALA BA 247 102.91 88.59 8.18
C ALA BA 247 103.15 89.99 7.64
N VAL BA 248 102.40 90.35 6.60
CA VAL BA 248 102.39 91.70 6.04
C VAL BA 248 100.99 92.26 6.21
N ALA BA 249 100.89 93.48 6.74
CA ALA BA 249 99.61 94.07 7.05
C ALA BA 249 98.94 94.71 5.84
N ARG BA 250 99.34 94.32 4.63
CA ARG BA 250 98.85 94.96 3.42
C ARG BA 250 97.91 94.10 2.61
N MET BA 251 97.81 92.79 2.89
CA MET BA 251 97.00 91.91 2.06
C MET BA 251 95.51 92.08 2.35
N THR BA 252 95.10 91.77 3.57
CA THR BA 252 93.73 91.99 4.04
C THR BA 252 92.68 91.27 3.19
N HIS BA 253 93.09 90.32 2.34
CA HIS BA 253 92.11 89.57 1.57
C HIS BA 253 91.16 88.86 2.52
N ALA BA 254 89.87 89.18 2.42
CA ALA BA 254 88.89 88.61 3.32
C ALA BA 254 87.62 88.30 2.55
N ASP BA 255 86.64 87.75 3.25
CA ASP BA 255 85.32 87.54 2.70
C ASP BA 255 84.46 88.77 2.99
N THR BA 256 83.19 88.69 2.63
CA THR BA 256 82.27 89.78 2.96
C THR BA 256 82.16 89.96 4.46
N GLN BA 257 82.15 88.86 5.21
CA GLN BA 257 82.08 88.96 6.66
C GLN BA 257 83.37 89.51 7.25
N GLY BA 258 84.50 89.26 6.59
CA GLY BA 258 85.78 89.80 7.03
C GLY BA 258 86.80 88.78 7.50
N ARG BA 259 86.47 87.50 7.50
CA ARG BA 259 87.43 86.49 7.89
C ARG BA 259 88.56 86.45 6.87
N PRO BA 260 89.80 86.73 7.27
CA PRO BA 260 90.89 86.78 6.28
C PRO BA 260 91.19 85.41 5.70
N VAL BA 261 91.36 85.36 4.38
CA VAL BA 261 91.70 84.12 3.70
C VAL BA 261 93.15 83.78 4.00
N ASP BA 262 93.57 82.56 3.67
CA ASP BA 262 94.90 82.08 4.01
C ASP BA 262 95.77 81.78 2.80
N GLY BA 263 95.28 80.98 1.85
CA GLY BA 263 96.11 80.57 0.73
C GLY BA 263 95.38 80.58 -0.60
N VAL BA 264 95.76 79.67 -1.50
CA VAL BA 264 95.10 79.57 -2.80
C VAL BA 264 95.32 78.17 -3.35
N LEU BA 265 94.27 77.59 -3.93
CA LEU BA 265 94.32 76.29 -4.56
C LEU BA 265 94.06 76.48 -6.04
N VAL BA 266 95.07 76.25 -6.88
CA VAL BA 266 94.94 76.38 -8.32
C VAL BA 266 94.84 74.99 -8.92
N THR BA 267 94.02 74.86 -9.96
CA THR BA 267 93.76 73.56 -10.56
C THR BA 267 93.11 73.76 -11.92
N THR BA 268 93.18 72.73 -12.75
CA THR BA 268 92.46 72.74 -14.02
C THR BA 268 90.96 72.67 -13.77
N ALA BA 269 90.19 73.02 -14.81
CA ALA BA 269 88.73 72.99 -14.69
C ALA BA 269 88.22 71.56 -14.53
N GLY BA 270 88.87 70.61 -15.19
CA GLY BA 270 88.47 69.22 -15.12
C GLY BA 270 88.50 68.65 -13.73
N VAL BA 271 89.24 69.27 -12.82
CA VAL BA 271 89.26 68.83 -11.42
C VAL BA 271 88.37 69.75 -10.62
N ARG BA 272 88.28 71.02 -11.02
CA ARG BA 272 87.44 71.97 -10.31
C ARG BA 272 85.99 71.50 -10.27
N GLN BA 273 85.47 71.09 -11.43
CA GLN BA 273 84.09 70.65 -11.46
C GLN BA 273 83.89 69.38 -10.64
N ARG BA 274 84.85 68.46 -10.68
CA ARG BA 274 84.72 67.25 -9.89
C ARG BA 274 84.83 67.52 -8.41
N LEU BA 275 85.50 68.61 -8.02
CA LEU BA 275 85.58 68.95 -6.60
C LEU BA 275 84.31 69.63 -6.13
N LEU BA 276 83.74 70.49 -6.95
CA LEU BA 276 82.50 71.15 -6.56
C LEU BA 276 81.27 70.29 -6.80
N HIS BA 277 81.41 69.16 -7.48
CA HIS BA 277 80.27 68.29 -7.71
C HIS BA 277 79.81 67.61 -6.43
N HIS BA 278 80.73 66.86 -5.79
CA HIS BA 278 80.32 66.05 -4.65
C HIS BA 278 81.36 66.03 -3.53
N VAL BA 279 82.33 66.93 -3.54
CA VAL BA 279 83.41 66.93 -2.55
C VAL BA 279 83.33 68.15 -1.64
N LEU BA 280 83.41 69.35 -2.20
CA LEU BA 280 83.34 70.57 -1.41
C LEU BA 280 82.02 71.27 -1.67
N THR BA 281 81.86 72.44 -1.06
CA THR BA 281 80.70 73.27 -1.33
C THR BA 281 81.10 74.72 -1.11
N LEU BA 282 80.50 75.61 -1.91
CA LEU BA 282 80.96 76.99 -1.97
C LEU BA 282 80.65 77.71 -0.67
N ALA BA 283 81.71 78.14 0.01
CA ALA BA 283 81.52 78.85 1.27
C ALA BA 283 81.25 80.34 1.08
N ASP BA 284 81.49 80.87 -0.12
CA ASP BA 284 81.27 82.28 -0.39
C ASP BA 284 81.36 82.50 -1.89
N THR BA 285 81.00 83.70 -2.32
CA THR BA 285 81.06 84.09 -3.72
C THR BA 285 81.74 85.44 -3.92
N HIS BA 286 81.90 86.26 -2.89
CA HIS BA 286 82.47 87.58 -3.06
C HIS BA 286 83.54 87.81 -2.01
N ALA BA 287 84.66 88.39 -2.44
CA ALA BA 287 85.78 88.66 -1.56
C ALA BA 287 86.36 90.03 -1.89
N ASP BA 288 86.84 90.71 -0.86
CA ASP BA 288 87.44 92.03 -1.02
C ASP BA 288 88.96 91.89 -1.12
N VAL BA 289 89.55 92.62 -2.05
CA VAL BA 289 90.98 92.49 -2.32
C VAL BA 289 91.60 93.88 -2.33
N PRO BA 290 92.91 93.97 -2.14
CA PRO BA 290 93.59 95.26 -2.31
C PRO BA 290 93.48 95.73 -3.75
N VAL BA 291 93.71 97.02 -3.94
CA VAL BA 291 93.41 97.65 -5.22
C VAL BA 291 94.68 97.91 -6.03
N THR BA 292 95.77 98.23 -5.35
CA THR BA 292 96.99 98.65 -6.03
C THR BA 292 98.18 97.89 -5.47
N TYR BA 293 99.34 98.16 -6.07
CA TYR BA 293 100.60 97.60 -5.60
C TYR BA 293 101.10 98.39 -4.39
N GLY BA 294 102.31 98.10 -3.96
CA GLY BA 294 103.00 98.91 -2.97
C GLY BA 294 104.32 99.38 -3.54
N GLU BA 295 104.63 100.65 -3.33
CA GLU BA 295 105.81 101.24 -3.94
C GLU BA 295 107.00 101.17 -2.99
N MET BA 296 108.20 101.22 -3.57
CA MET BA 296 109.43 101.25 -2.79
C MET BA 296 110.48 101.95 -3.63
N VAL BA 297 111.01 103.05 -3.12
CA VAL BA 297 111.92 103.89 -3.88
C VAL BA 297 113.01 104.42 -2.95
N ILE BA 298 114.19 104.64 -3.50
CA ILE BA 298 115.33 105.17 -2.75
C ILE BA 298 115.16 106.67 -2.63
N ALA BA 299 115.12 107.18 -1.40
CA ALA BA 299 114.70 108.56 -1.20
C ALA BA 299 115.34 109.16 0.05
N ASN BA 300 116.14 110.20 -0.15
CA ASN BA 300 116.48 111.23 0.84
C ASN BA 300 117.30 110.72 2.02
N THR BA 301 117.47 109.41 2.13
CA THR BA 301 118.55 108.88 2.97
C THR BA 301 119.32 107.74 2.30
N ASN BA 302 118.66 106.91 1.49
CA ASN BA 302 119.36 105.87 0.75
C ASN BA 302 120.13 106.42 -0.43
N LEU BA 303 119.76 107.61 -0.91
CA LEU BA 303 120.36 108.12 -2.14
C LEU BA 303 121.86 108.31 -1.98
N VAL BA 304 122.28 108.96 -0.89
CA VAL BA 304 123.69 109.22 -0.70
C VAL BA 304 124.45 107.90 -0.53
N THR BA 305 123.86 106.95 0.19
CA THR BA 305 124.52 105.67 0.42
C THR BA 305 124.65 104.87 -0.87
N ALA BA 306 123.70 105.02 -1.79
CA ALA BA 306 123.77 104.31 -3.05
C ALA BA 306 124.76 104.95 -4.00
N LEU BA 307 124.84 106.29 -3.97
CA LEU BA 307 125.75 106.98 -4.88
C LEU BA 307 127.20 106.83 -4.44
N VAL BA 308 127.46 107.09 -3.16
CA VAL BA 308 128.84 107.21 -2.69
C VAL BA 308 129.42 105.86 -2.27
N MET BA 309 128.64 105.04 -1.57
CA MET BA 309 129.13 103.78 -1.05
C MET BA 309 128.80 102.59 -1.93
N GLY BA 310 127.56 102.46 -2.38
CA GLY BA 310 127.15 101.33 -3.17
C GLY BA 310 126.24 100.34 -2.46
N LYS BA 311 125.53 100.78 -1.42
CA LYS BA 311 124.65 99.91 -0.67
C LYS BA 311 123.37 100.67 -0.33
N ALA BA 312 122.26 99.93 -0.26
CA ALA BA 312 120.97 100.51 0.08
C ALA BA 312 120.22 99.53 0.97
N VAL BA 313 119.34 100.09 1.79
CA VAL BA 313 118.55 99.32 2.74
C VAL BA 313 117.09 99.74 2.62
N SER BA 314 116.19 98.77 2.76
CA SER BA 314 114.76 99.07 2.65
C SER BA 314 114.32 100.00 3.78
N ASN BA 315 114.46 99.57 5.03
CA ASN BA 315 113.99 100.36 6.15
C ASN BA 315 115.06 101.32 6.66
N MET BA 316 115.64 102.09 5.74
CA MET BA 316 116.72 102.98 6.10
C MET BA 316 116.24 104.14 6.97
N ASP BA 317 115.10 104.73 6.62
CA ASP BA 317 114.56 105.80 7.45
C ASP BA 317 114.24 105.30 8.85
N ASP BA 318 113.72 104.07 8.95
CA ASP BA 318 113.39 103.50 10.25
C ASP BA 318 114.65 103.26 11.06
N VAL BA 319 115.70 102.70 10.45
CA VAL BA 319 116.92 102.46 11.20
C VAL BA 319 117.57 103.78 11.59
N ALA BA 320 117.37 104.83 10.80
CA ALA BA 320 117.83 106.15 11.20
C ALA BA 320 117.09 106.63 12.44
N ARG BA 321 115.75 106.57 12.41
CA ARG BA 321 114.96 106.92 13.58
C ARG BA 321 115.38 106.12 14.79
N TYR BA 322 115.84 104.88 14.58
CA TYR BA 322 116.22 104.03 15.69
C TYR BA 322 117.59 104.38 16.23
N LEU BA 323 118.50 104.85 15.37
CA LEU BA 323 119.84 105.14 15.83
C LEU BA 323 120.00 106.56 16.34
N LEU BA 324 119.17 107.49 15.88
CA LEU BA 324 119.17 108.85 16.38
C LEU BA 324 117.86 109.28 17.00
N GLY BA 325 116.75 109.15 16.27
CA GLY BA 325 115.47 109.66 16.71
C GLY BA 325 114.99 110.83 15.89
N VAL BA 336 94.11 102.03 2.99
CA VAL BA 336 94.04 101.26 1.75
C VAL BA 336 92.58 100.95 1.42
N GLY BA 337 92.21 101.15 0.16
CA GLY BA 337 90.87 100.85 -0.30
C GLY BA 337 90.63 99.36 -0.44
N SER BA 338 89.73 98.98 -1.33
CA SER BA 338 89.39 97.58 -1.57
C SER BA 338 88.59 97.50 -2.86
N ALA BA 339 88.06 96.31 -3.14
CA ALA BA 339 87.18 96.11 -4.28
C ALA BA 339 86.44 94.78 -4.16
N ARG BA 340 85.12 94.81 -4.22
CA ARG BA 340 84.35 93.57 -4.26
C ARG BA 340 84.61 92.87 -5.58
N VAL BA 341 84.82 91.56 -5.53
CA VAL BA 341 85.21 90.78 -6.70
C VAL BA 341 84.50 89.43 -6.65
N ARG BA 342 84.05 88.96 -7.81
CA ARG BA 342 83.40 87.66 -7.92
C ARG BA 342 84.48 86.58 -7.98
N ALA BA 343 84.64 85.83 -6.90
CA ALA BA 343 85.58 84.72 -6.86
C ALA BA 343 85.00 83.65 -5.95
N ASP BA 344 85.76 82.58 -5.74
CA ASP BA 344 85.30 81.43 -4.97
C ASP BA 344 86.14 81.27 -3.72
N LEU BA 345 85.48 80.91 -2.61
CA LEU BA 345 86.14 80.69 -1.33
C LEU BA 345 85.62 79.40 -0.72
N VAL BA 346 86.54 78.58 -0.19
CA VAL BA 346 86.22 77.27 0.35
C VAL BA 346 86.89 77.11 1.70
N VAL BA 347 86.36 76.18 2.49
CA VAL BA 347 86.78 75.96 3.87
C VAL BA 347 87.39 74.56 3.97
N VAL BA 348 88.11 74.16 2.93
CA VAL BA 348 88.82 72.89 2.96
C VAL BA 348 89.70 72.83 4.21
N GLY BA 349 89.74 71.65 4.82
CA GLY BA 349 90.47 71.49 6.08
C GLY BA 349 89.74 72.17 7.21
N ASP BA 350 90.30 73.28 7.70
CA ASP BA 350 89.62 74.09 8.71
C ASP BA 350 89.78 75.58 8.44
N ARG BA 351 90.30 75.95 7.27
CA ARG BA 351 90.66 77.32 6.98
C ARG BA 351 90.03 77.76 5.66
N LEU BA 352 89.98 79.08 5.46
CA LEU BA 352 89.47 79.65 4.23
C LEU BA 352 90.59 79.71 3.20
N VAL BA 353 90.24 79.52 1.93
CA VAL BA 353 91.24 79.44 0.87
C VAL BA 353 90.57 79.75 -0.45
N PHE BA 354 91.36 80.30 -1.39
CA PHE BA 354 90.89 80.53 -2.74
C PHE BA 354 90.93 79.24 -3.54
N LEU BA 355 89.90 78.99 -4.32
CA LEU BA 355 89.81 77.80 -5.18
C LEU BA 355 89.50 78.29 -6.60
N GLU BA 356 90.45 78.14 -7.50
CA GLU BA 356 90.42 78.86 -8.77
C GLU BA 356 91.00 78.01 -9.89
N ALA BA 357 90.59 78.32 -11.12
CA ALA BA 357 91.10 77.67 -12.32
C ALA BA 357 91.38 78.73 -13.38
N LEU BA 358 92.55 78.63 -14.02
CA LEU BA 358 93.02 79.65 -14.96
C LEU BA 358 92.87 79.22 -16.42
N GLU BA 359 91.82 78.48 -16.75
CA GLU BA 359 91.75 78.03 -18.13
C GLU BA 359 90.85 78.90 -18.99
N LYS BA 360 89.76 79.42 -18.41
CA LYS BA 360 88.84 80.23 -19.19
C LYS BA 360 89.34 81.66 -19.30
N ARG BA 361 89.56 82.32 -18.15
CA ARG BA 361 89.91 83.74 -18.16
C ARG BA 361 91.24 83.97 -18.86
N VAL BA 362 92.23 83.12 -18.62
CA VAL BA 362 93.56 83.26 -19.17
C VAL BA 362 93.87 82.01 -19.97
N TYR BA 363 94.83 82.13 -20.90
CA TYR BA 363 95.30 81.07 -21.77
C TYR BA 363 94.27 80.66 -22.81
N GLN BA 364 93.06 81.19 -22.77
CA GLN BA 364 92.04 80.72 -23.69
C GLN BA 364 92.33 81.22 -25.10
N ALA BA 365 92.15 80.33 -26.07
CA ALA BA 365 92.31 80.58 -27.50
C ALA BA 365 93.73 80.91 -27.90
N THR BA 366 94.69 80.93 -26.97
CA THR BA 366 96.08 81.14 -27.32
C THR BA 366 96.80 79.80 -27.41
N GLN BA 367 98.09 79.86 -27.73
CA GLN BA 367 98.87 78.68 -28.08
C GLN BA 367 99.99 78.41 -27.08
N VAL BA 368 99.68 78.52 -25.79
CA VAL BA 368 100.66 78.19 -24.76
C VAL BA 368 100.05 77.19 -23.79
N PRO BA 369 100.80 76.20 -23.34
CA PRO BA 369 100.21 75.15 -22.51
C PRO BA 369 100.02 75.60 -21.06
N TYR BA 370 98.90 75.16 -20.49
CA TYR BA 370 98.63 75.38 -19.08
C TYR BA 370 99.70 74.69 -18.25
N PRO BA 371 100.42 75.41 -17.39
CA PRO BA 371 101.57 74.81 -16.69
C PRO BA 371 101.20 73.87 -15.55
N LEU BA 372 99.94 73.48 -15.41
CA LEU BA 372 99.51 72.58 -14.35
C LEU BA 372 99.37 71.15 -14.82
N VAL BA 373 100.07 70.77 -15.89
CA VAL BA 373 100.04 69.40 -16.36
C VAL BA 373 101.37 68.72 -16.03
N GLY BA 374 101.42 68.06 -14.88
CA GLY BA 374 102.64 67.45 -14.42
C GLY BA 374 103.09 66.32 -15.33
N ASN BA 375 104.17 65.67 -14.91
CA ASN BA 375 104.70 64.52 -15.64
C ASN BA 375 105.20 63.50 -14.66
N LEU BA 376 104.80 62.25 -14.84
CA LEU BA 376 105.19 61.14 -13.99
C LEU BA 376 106.06 60.18 -14.78
N ASP BA 377 107.07 59.63 -14.13
CA ASP BA 377 108.02 58.72 -14.78
C ASP BA 377 108.17 57.46 -13.94
N VAL BA 378 107.46 56.41 -14.35
CA VAL BA 378 107.60 55.10 -13.73
C VAL BA 378 108.30 54.18 -14.71
N THR BA 379 108.93 53.14 -14.18
CA THR BA 379 109.71 52.20 -15.00
C THR BA 379 109.25 50.79 -14.69
N PHE BA 380 108.82 50.07 -15.71
CA PHE BA 380 108.32 48.71 -15.56
C PHE BA 380 109.41 47.69 -15.89
N VAL BA 381 109.31 46.53 -15.25
CA VAL BA 381 110.21 45.42 -15.51
C VAL BA 381 109.37 44.16 -15.68
N MET BA 382 109.80 43.31 -16.59
CA MET BA 382 109.04 42.10 -16.88
C MET BA 382 109.99 40.92 -17.03
N PRO BA 383 109.83 39.87 -16.22
CA PRO BA 383 110.69 38.69 -16.37
C PRO BA 383 110.31 37.92 -17.62
N LEU BA 384 111.32 37.52 -18.39
CA LEU BA 384 111.07 37.00 -19.73
C LEU BA 384 110.95 35.48 -19.77
N GLY BA 385 112.01 34.77 -19.37
CA GLY BA 385 112.01 33.34 -19.54
C GLY BA 385 112.29 32.56 -18.28
N VAL BA 386 111.84 33.07 -17.13
CA VAL BA 386 112.07 32.37 -15.88
C VAL BA 386 111.31 31.05 -15.88
N PHE BA 387 111.78 30.12 -15.07
CA PHE BA 387 111.19 28.78 -14.99
C PHE BA 387 111.04 28.41 -13.52
N LYS BA 388 109.80 28.41 -13.04
CA LYS BA 388 109.52 28.08 -11.66
C LYS BA 388 110.00 26.67 -11.36
N PRO BA 389 110.38 26.38 -10.12
CA PRO BA 389 110.84 25.03 -9.77
C PRO BA 389 109.72 24.01 -9.92
N ALA BA 390 110.08 22.74 -9.75
CA ALA BA 390 109.10 21.67 -9.90
C ALA BA 390 108.15 21.58 -8.72
N ALA BA 391 108.45 22.29 -7.63
CA ALA BA 391 107.57 22.23 -6.47
C ALA BA 391 106.32 23.09 -6.66
N ASP BA 392 106.43 24.19 -7.40
CA ASP BA 392 105.35 25.16 -7.52
C ASP BA 392 104.79 25.22 -8.93
N ARG BA 393 104.63 24.06 -9.56
CA ARG BA 393 103.99 23.94 -10.85
C ARG BA 393 102.75 23.09 -10.67
N TYR BA 394 101.58 23.69 -10.86
CA TYR BA 394 100.33 23.01 -10.54
C TYR BA 394 99.20 23.68 -11.32
N ALA BA 395 97.97 23.37 -10.94
CA ALA BA 395 96.79 24.03 -11.48
C ALA BA 395 95.78 24.17 -10.37
N ARG BA 396 95.03 25.28 -10.40
CA ARG BA 396 94.10 25.54 -9.32
C ARG BA 396 92.97 24.51 -9.28
N HIS BA 397 92.35 24.26 -10.42
CA HIS BA 397 91.26 23.30 -10.52
C HIS BA 397 91.69 22.12 -11.38
N ALA BA 398 90.84 21.09 -11.39
CA ALA BA 398 91.18 19.80 -11.99
C ALA BA 398 91.59 19.94 -13.44
N GLY BA 399 90.66 20.34 -14.30
CA GLY BA 399 91.00 20.65 -15.67
C GLY BA 399 90.44 21.98 -16.07
N SER BA 400 91.31 22.95 -16.34
CA SER BA 400 90.89 24.31 -16.65
C SER BA 400 91.40 24.83 -17.99
N PHE BA 401 92.45 24.25 -18.53
CA PHE BA 401 92.99 24.65 -19.82
C PHE BA 401 93.28 23.43 -20.67
N ALA BA 402 92.32 22.52 -20.72
CA ALA BA 402 92.51 21.28 -21.46
C ALA BA 402 92.71 21.57 -22.94
N PRO BA 403 93.70 20.95 -23.57
CA PRO BA 403 93.94 21.19 -24.99
C PRO BA 403 93.05 20.29 -25.83
N THR BA 404 93.20 20.42 -27.15
CA THR BA 404 92.47 19.55 -28.06
C THR BA 404 92.80 18.09 -27.76
N PRO BA 405 91.80 17.23 -27.56
CA PRO BA 405 92.09 15.84 -27.22
C PRO BA 405 93.03 15.20 -28.22
N GLY BA 406 93.83 14.27 -27.73
CA GLY BA 406 94.84 13.64 -28.56
C GLY BA 406 96.07 14.48 -28.82
N LEU BA 407 96.26 15.56 -28.05
CA LEU BA 407 97.43 16.41 -28.21
C LEU BA 407 98.20 16.50 -26.90
N PRO BA 408 99.53 16.65 -26.97
CA PRO BA 408 100.28 16.94 -25.74
C PRO BA 408 100.04 18.37 -25.27
N ASP BA 409 100.02 18.52 -23.96
CA ASP BA 409 99.68 19.82 -23.36
C ASP BA 409 100.76 20.84 -23.67
N PRO BA 410 100.41 21.98 -24.27
CA PRO BA 410 101.41 23.01 -24.58
C PRO BA 410 101.64 24.03 -23.47
N ARG BA 411 101.13 23.79 -22.26
CA ARG BA 411 101.37 24.67 -21.14
C ARG BA 411 102.42 24.13 -20.18
N THR BA 412 102.98 22.96 -20.45
CA THR BA 412 103.99 22.38 -19.58
C THR BA 412 105.41 22.69 -20.04
N HIS BA 413 105.59 23.13 -21.26
CA HIS BA 413 106.91 23.55 -21.71
C HIS BA 413 107.32 24.82 -21.01
N PRO BA 414 108.62 25.09 -20.91
CA PRO BA 414 109.08 26.35 -20.36
C PRO BA 414 108.69 27.51 -21.25
N PRO BA 415 108.19 28.59 -20.69
CA PRO BA 415 107.72 29.71 -21.51
C PRO BA 415 108.89 30.48 -22.09
N ARG BA 416 108.63 31.15 -23.22
CA ARG BA 416 109.69 31.89 -23.88
C ARG BA 416 109.21 33.23 -24.44
N ALA BA 417 108.25 33.85 -23.79
CA ALA BA 417 107.76 35.16 -24.22
C ALA BA 417 107.01 35.80 -23.05
N VAL BA 418 106.31 36.89 -23.33
CA VAL BA 418 105.48 37.55 -22.33
C VAL BA 418 104.53 38.48 -23.07
N HIS BA 419 103.31 38.60 -22.55
CA HIS BA 419 102.31 39.47 -23.14
C HIS BA 419 101.86 40.49 -22.10
N PHE BA 420 101.40 41.64 -22.59
CA PHE BA 420 100.94 42.72 -21.74
C PHE BA 420 100.05 43.63 -22.57
N PHE BA 421 99.59 44.72 -21.99
CA PHE BA 421 98.61 45.58 -22.62
C PHE BA 421 99.24 46.91 -23.02
N ASN BA 422 98.80 47.43 -24.16
CA ASN BA 422 99.32 48.67 -24.70
C ASN BA 422 98.69 49.83 -23.95
N LYS BA 423 98.87 51.04 -24.49
CA LYS BA 423 98.32 52.23 -23.84
C LYS BA 423 96.80 52.23 -23.89
N ASP BA 424 96.22 51.81 -25.02
CA ASP BA 424 94.77 51.71 -25.10
C ASP BA 424 94.26 50.41 -24.47
N GLY BA 425 94.94 49.31 -24.73
CA GLY BA 425 94.50 48.02 -24.22
C GLY BA 425 94.73 46.88 -25.18
N VAL BA 426 95.15 47.20 -26.41
CA VAL BA 426 95.42 46.12 -27.37
C VAL BA 426 96.60 45.29 -26.86
N PRO BA 427 96.52 43.96 -26.86
CA PRO BA 427 97.62 43.16 -26.33
C PRO BA 427 98.81 43.17 -27.28
N CYS BA 428 99.96 43.60 -26.79
CA CYS BA 428 101.18 43.62 -27.59
C CYS BA 428 101.94 42.32 -27.40
N HIS BA 429 103.17 42.26 -27.87
CA HIS BA 429 103.91 41.01 -27.93
C HIS BA 429 105.38 41.27 -27.65
N VAL BA 430 105.99 40.41 -26.84
CA VAL BA 430 107.42 40.45 -26.55
C VAL BA 430 107.92 39.02 -26.47
N THR BA 431 108.92 38.69 -27.28
CA THR BA 431 109.43 37.33 -27.35
C THR BA 431 110.96 37.36 -27.30
N PHE BA 432 111.54 36.17 -27.38
CA PHE BA 432 112.99 36.06 -27.38
C PHE BA 432 113.60 36.70 -28.62
N GLU BA 433 112.90 36.66 -29.74
CA GLU BA 433 113.46 37.14 -31.00
C GLU BA 433 113.95 38.57 -30.87
N HIS BA 434 113.19 39.42 -30.20
CA HIS BA 434 113.57 40.83 -30.12
C HIS BA 434 114.92 41.02 -29.43
N ALA BA 435 115.37 40.04 -28.65
CA ALA BA 435 116.65 40.16 -27.99
C ALA BA 435 117.83 40.10 -28.95
N MET BA 436 117.60 39.79 -30.23
CA MET BA 436 118.68 39.71 -31.19
C MET BA 436 119.47 41.01 -31.27
N GLY BA 437 118.85 42.14 -30.94
CA GLY BA 437 119.57 43.40 -30.98
C GLY BA 437 120.60 43.56 -29.88
N THR BA 438 120.61 42.69 -28.89
CA THR BA 438 121.53 42.82 -27.78
C THR BA 438 122.34 41.56 -27.50
N LEU BA 439 121.83 40.38 -27.82
CA LEU BA 439 122.61 39.16 -27.65
C LEU BA 439 123.37 38.76 -28.90
N CYS BA 440 123.32 39.56 -29.96
CA CYS BA 440 124.07 39.28 -31.16
C CYS BA 440 125.16 40.31 -31.46
N HIS BA 441 125.10 41.49 -30.84
CA HIS BA 441 126.16 42.46 -31.01
C HIS BA 441 127.47 41.87 -30.51
N PRO BA 442 128.60 42.18 -31.15
CA PRO BA 442 129.88 41.58 -30.74
C PRO BA 442 130.27 41.88 -29.32
N SER BA 443 129.63 42.83 -28.65
CA SER BA 443 130.00 43.13 -27.27
C SER BA 443 129.68 41.98 -26.32
N PHE BA 444 128.84 41.03 -26.75
CA PHE BA 444 128.57 39.86 -25.92
C PHE BA 444 129.83 39.06 -25.66
N LEU BA 445 130.88 39.27 -26.45
CA LEU BA 445 132.15 38.56 -26.33
C LEU BA 445 133.29 39.53 -26.21
N ASP BA 446 133.15 40.50 -25.32
CA ASP BA 446 134.22 41.46 -25.04
C ASP BA 446 134.59 41.33 -23.57
N VAL BA 447 135.51 40.42 -23.27
CA VAL BA 447 136.01 40.34 -21.92
C VAL BA 447 137.48 40.74 -21.92
N ASP BA 448 137.74 42.04 -21.84
CA ASP BA 448 139.09 42.56 -21.71
C ASP BA 448 139.25 43.41 -20.46
N ALA BA 449 138.40 44.43 -20.31
CA ALA BA 449 138.53 45.31 -19.15
C ALA BA 449 138.25 44.57 -17.86
N THR BA 450 137.23 43.70 -17.86
CA THR BA 450 136.89 42.98 -16.66
C THR BA 450 138.01 42.02 -16.26
N LEU BA 451 138.64 41.37 -17.25
CA LEU BA 451 139.74 40.47 -16.95
C LEU BA 451 140.92 41.23 -16.36
N ALA BA 452 141.34 42.30 -17.03
CA ALA BA 452 142.47 43.09 -16.52
C ALA BA 452 142.18 43.62 -15.12
N ALA BA 453 140.96 44.07 -14.87
CA ALA BA 453 140.63 44.60 -13.56
C ALA BA 453 140.66 43.50 -12.50
N LEU BA 454 140.14 42.31 -12.83
CA LEU BA 454 140.22 41.20 -11.90
C LEU BA 454 141.67 40.81 -11.61
N ARG BA 455 142.57 41.02 -12.57
CA ARG BA 455 143.96 40.62 -12.40
C ARG BA 455 144.72 41.54 -11.45
N GLN BA 456 144.09 42.59 -10.91
CA GLN BA 456 144.84 43.53 -10.08
C GLN BA 456 145.18 42.91 -8.73
N GLU BA 457 144.18 42.55 -7.95
CA GLU BA 457 144.41 41.95 -6.65
C GLU BA 457 144.85 40.50 -6.81
N PRO BA 458 145.91 40.06 -6.15
CA PRO BA 458 146.33 38.65 -6.28
C PRO BA 458 145.24 37.71 -5.80
N ALA BA 459 145.07 36.61 -6.52
CA ALA BA 459 144.05 35.63 -6.21
C ALA BA 459 144.69 34.41 -5.54
N GLU BA 460 143.83 33.52 -5.04
CA GLU BA 460 144.26 32.31 -4.38
C GLU BA 460 144.55 31.22 -5.39
N VAL BA 461 145.58 30.42 -5.12
CA VAL BA 461 146.10 29.45 -6.07
C VAL BA 461 145.97 28.06 -5.45
N GLN BA 462 144.91 27.85 -4.66
CA GLN BA 462 144.79 26.64 -3.87
C GLN BA 462 144.77 25.39 -4.74
N CYS BA 463 143.87 25.34 -5.72
CA CYS BA 463 143.70 24.18 -6.57
C CYS BA 463 144.42 24.38 -7.89
N ALA BA 464 145.08 23.33 -8.37
CA ALA BA 464 145.82 23.43 -9.61
C ALA BA 464 145.67 22.18 -10.46
N PHE BA 465 144.56 21.45 -10.29
CA PHE BA 465 144.39 20.18 -10.98
C PHE BA 465 143.49 20.29 -12.21
N GLY BA 466 142.44 21.10 -12.15
CA GLY BA 466 141.53 21.21 -13.26
C GLY BA 466 141.84 22.33 -14.24
N ALA BA 467 142.96 23.03 -14.05
CA ALA BA 467 143.28 24.18 -14.88
C ALA BA 467 144.72 24.09 -15.37
N TYR BA 468 145.12 22.93 -15.87
CA TYR BA 468 146.48 22.76 -16.33
C TYR BA 468 146.56 21.62 -17.33
N VAL BA 469 147.49 21.74 -18.27
CA VAL BA 469 147.76 20.71 -19.25
C VAL BA 469 149.26 20.62 -19.47
N ALA BA 470 149.77 19.40 -19.56
CA ALA BA 470 151.19 19.15 -19.74
C ALA BA 470 151.44 18.54 -21.11
N ASP BA 471 152.70 18.57 -21.52
CA ASP BA 471 153.16 17.97 -22.77
C ASP BA 471 154.00 16.76 -22.41
N ALA BA 472 153.40 15.58 -22.52
CA ALA BA 472 154.07 14.36 -22.11
C ALA BA 472 155.27 14.07 -23.02
N ARG BA 473 156.10 13.16 -22.56
CA ARG BA 473 157.22 12.59 -23.30
C ARG BA 473 156.76 11.31 -23.97
N PRO BA 474 157.08 11.07 -25.25
CA PRO BA 474 156.47 9.93 -25.94
C PRO BA 474 156.85 8.60 -25.32
N ASP BA 475 155.88 7.96 -24.66
CA ASP BA 475 156.13 6.75 -23.88
C ASP BA 475 154.90 5.86 -23.99
N ALA BA 476 155.01 4.68 -23.39
CA ALA BA 476 153.93 3.69 -23.45
C ALA BA 476 152.81 4.07 -22.49
N LEU BA 477 151.57 3.87 -22.94
CA LEU BA 477 150.41 4.44 -22.25
C LEU BA 477 150.35 3.97 -20.80
N VAL BA 478 150.35 2.66 -20.57
CA VAL BA 478 150.27 2.12 -19.22
C VAL BA 478 151.38 2.70 -18.35
N GLY BA 479 152.54 2.96 -18.94
CA GLY BA 479 153.66 3.50 -18.21
C GLY BA 479 153.36 4.86 -17.61
N LEU BA 480 153.18 5.87 -18.45
CA LEU BA 480 152.98 7.22 -17.93
C LEU BA 480 151.65 7.41 -17.25
N MET BA 481 150.70 6.49 -17.45
CA MET BA 481 149.47 6.54 -16.66
C MET BA 481 149.74 6.23 -15.20
N GLN BA 482 150.63 5.27 -14.93
CA GLN BA 482 151.02 5.01 -13.56
C GLN BA 482 151.76 6.19 -12.96
N ARG BA 483 152.50 6.94 -13.77
CA ARG BA 483 153.20 8.10 -13.25
C ARG BA 483 152.23 9.18 -12.80
N PHE BA 484 151.17 9.41 -13.58
CA PHE BA 484 150.17 10.38 -13.17
C PHE BA 484 149.52 9.97 -11.86
N LEU BA 485 149.15 8.69 -11.75
CA LEU BA 485 148.42 8.23 -10.57
C LEU BA 485 149.25 8.39 -9.30
N GLU BA 486 150.57 8.29 -9.40
CA GLU BA 486 151.40 8.42 -8.20
C GLU BA 486 151.73 9.86 -7.86
N GLU BA 487 151.13 10.83 -8.56
CA GLU BA 487 151.36 12.24 -8.26
C GLU BA 487 150.08 13.04 -8.10
N TRP BA 488 148.95 12.57 -8.63
CA TRP BA 488 147.67 13.27 -8.49
C TRP BA 488 147.38 13.71 -7.06
N PRO BA 489 147.50 12.87 -6.02
CA PRO BA 489 147.30 13.37 -4.66
C PRO BA 489 148.30 14.45 -4.26
N GLY BA 490 149.40 14.58 -4.98
CA GLY BA 490 150.33 15.66 -4.74
C GLY BA 490 149.97 16.88 -5.57
N MET BA 491 148.72 16.95 -6.01
CA MET BA 491 148.24 18.06 -6.81
C MET BA 491 147.00 18.74 -6.27
N MET BA 492 146.19 18.06 -5.45
CA MET BA 492 144.97 18.65 -4.90
C MET BA 492 145.14 18.80 -3.39
N PRO BA 493 145.73 19.90 -2.93
CA PRO BA 493 145.92 20.04 -1.48
C PRO BA 493 144.63 20.25 -0.71
N VAL BA 494 143.66 20.96 -1.28
CA VAL BA 494 142.46 21.27 -0.51
C VAL BA 494 141.20 20.67 -1.15
N ARG BA 495 140.83 21.12 -2.36
CA ARG BA 495 139.60 20.74 -3.01
C ARG BA 495 139.59 21.26 -4.45
N PRO BA 496 139.13 20.49 -5.42
CA PRO BA 496 138.79 21.06 -6.72
C PRO BA 496 137.40 21.65 -6.65
N ARG BA 497 137.31 22.97 -6.81
CA ARG BA 497 136.03 23.61 -6.55
C ARG BA 497 134.99 23.22 -7.59
N TRP BA 498 135.37 23.13 -8.86
CA TRP BA 498 134.42 22.75 -9.88
C TRP BA 498 133.95 21.30 -9.77
N ALA BA 499 134.57 20.50 -8.90
CA ALA BA 499 134.17 19.11 -8.76
C ALA BA 499 132.74 19.01 -8.26
N ALA BA 500 132.34 19.90 -7.37
CA ALA BA 500 130.97 19.90 -6.85
C ALA BA 500 130.60 21.28 -6.34
N PRO BA 501 129.94 22.11 -7.14
CA PRO BA 501 129.43 23.39 -6.64
C PRO BA 501 128.44 23.16 -5.52
N ALA BA 502 128.11 24.23 -4.80
CA ALA BA 502 127.42 24.08 -3.53
C ALA BA 502 125.92 23.83 -3.71
N ALA BA 503 125.20 24.84 -4.22
CA ALA BA 503 123.75 24.79 -4.33
C ALA BA 503 123.24 26.06 -4.99
N ALA BA 504 121.92 26.18 -5.15
CA ALA BA 504 121.34 27.48 -5.45
C ALA BA 504 121.72 28.48 -4.37
N ASP BA 505 121.34 28.18 -3.12
CA ASP BA 505 121.92 28.89 -1.99
C ASP BA 505 123.38 28.47 -1.82
N GLN BA 506 124.06 29.10 -0.87
CA GLN BA 506 125.46 28.82 -0.56
C GLN BA 506 126.35 29.25 -1.71
N LEU BA 507 125.74 29.68 -2.81
CA LEU BA 507 126.45 30.39 -3.87
C LEU BA 507 126.03 31.84 -3.94
N LEU BA 508 124.79 32.14 -3.63
CA LEU BA 508 124.32 33.51 -3.47
C LEU BA 508 124.41 33.98 -2.01
N ALA BA 509 124.82 33.10 -1.11
CA ALA BA 509 125.03 33.53 0.28
C ALA BA 509 126.24 34.44 0.34
N PRO BA 510 126.19 35.49 1.14
CA PRO BA 510 127.29 36.46 1.17
C PRO BA 510 128.58 35.83 1.67
N GLY BA 511 129.69 36.31 1.15
CA GLY BA 511 131.00 35.98 1.64
C GLY BA 511 131.72 34.88 0.89
N ASN BA 512 131.00 33.87 0.40
CA ASN BA 512 131.66 32.71 -0.18
C ASN BA 512 132.49 33.11 -1.39
N ALA BA 513 133.51 32.30 -1.67
CA ALA BA 513 134.51 32.67 -2.66
C ALA BA 513 134.08 32.41 -4.09
N ASP BA 514 133.07 31.56 -4.30
CA ASP BA 514 132.68 31.25 -5.66
C ASP BA 514 132.00 32.44 -6.34
N LEU BA 515 131.11 33.13 -5.62
CA LEU BA 515 130.27 34.13 -6.25
C LEU BA 515 131.07 35.21 -6.95
N ARG BA 516 132.25 35.54 -6.45
CA ARG BA 516 133.01 36.66 -6.97
C ARG BA 516 133.72 36.35 -8.28
N LEU BA 517 133.46 35.19 -8.89
CA LEU BA 517 134.10 34.82 -10.14
C LEU BA 517 133.12 34.52 -11.26
N GLU BA 518 131.86 34.26 -10.95
CA GLU BA 518 130.85 34.01 -11.98
C GLU BA 518 130.19 35.35 -12.31
N LEU BA 519 130.70 36.02 -13.33
CA LEU BA 519 130.21 37.35 -13.65
C LEU BA 519 130.06 37.56 -15.15
N HIS BA 520 129.87 36.49 -15.90
CA HIS BA 520 129.53 36.60 -17.31
C HIS BA 520 128.86 35.30 -17.74
N PRO BA 521 127.69 35.37 -18.36
CA PRO BA 521 126.93 34.15 -18.68
C PRO BA 521 127.48 33.37 -19.87
N ALA BA 522 128.63 33.75 -20.41
CA ALA BA 522 129.18 33.03 -21.54
C ALA BA 522 130.70 32.84 -21.43
N PHE BA 523 131.26 32.95 -20.23
CA PHE BA 523 132.68 32.75 -20.01
C PHE BA 523 132.88 32.00 -18.71
N ASP BA 524 134.14 31.86 -18.31
CA ASP BA 524 134.48 31.16 -17.09
C ASP BA 524 135.83 31.67 -16.61
N PHE BA 525 135.84 32.35 -15.48
CA PHE BA 525 137.06 32.94 -14.93
C PHE BA 525 137.54 32.05 -13.79
N PHE BA 526 138.67 31.39 -14.02
CA PHE BA 526 139.27 30.51 -13.02
C PHE BA 526 140.69 30.95 -12.72
N VAL BA 527 141.15 30.64 -11.53
CA VAL BA 527 142.53 30.85 -11.16
C VAL BA 527 143.35 29.71 -11.74
N ALA BA 528 144.60 29.99 -12.10
CA ALA BA 528 145.44 29.00 -12.75
C ALA BA 528 146.88 29.41 -12.58
N PRO BA 529 147.82 28.46 -12.66
CA PRO BA 529 149.23 28.83 -12.69
C PRO BA 529 149.53 29.71 -13.90
N GLU BA 530 150.50 30.62 -13.72
CA GLU BA 530 150.80 31.64 -14.73
C GLU BA 530 151.93 31.15 -15.64
N VAL BA 531 151.61 30.10 -16.39
CA VAL BA 531 152.53 29.52 -17.37
C VAL BA 531 151.78 29.37 -18.68
N ASP BA 532 152.55 29.34 -19.77
CA ASP BA 532 151.94 29.00 -21.05
C ASP BA 532 151.45 27.56 -21.03
N VAL BA 533 150.59 27.23 -21.99
CA VAL BA 533 150.03 25.87 -22.06
C VAL BA 533 150.30 25.29 -23.44
N PRO BA 534 150.71 24.02 -23.54
CA PRO BA 534 151.03 23.14 -22.41
C PRO BA 534 152.50 23.27 -22.01
N GLY BA 535 152.91 22.58 -20.96
CA GLY BA 535 154.27 22.69 -20.47
C GLY BA 535 154.83 21.39 -19.95
N PRO BA 536 155.63 21.48 -18.88
CA PRO BA 536 156.29 20.29 -18.33
C PRO BA 536 155.29 19.36 -17.67
N PHE BA 537 155.74 18.13 -17.40
CA PHE BA 537 154.86 17.11 -16.86
C PHE BA 537 154.47 17.44 -15.42
N ALA BA 538 155.43 17.81 -14.59
CA ALA BA 538 155.15 18.24 -13.23
C ALA BA 538 154.90 19.73 -13.21
N VAL BA 539 153.84 20.16 -12.53
CA VAL BA 539 153.44 21.56 -12.59
C VAL BA 539 154.46 22.41 -11.86
N PRO BA 540 154.80 23.59 -12.36
CA PRO BA 540 155.69 24.50 -11.63
C PRO BA 540 154.89 25.32 -10.63
N GLN BA 541 155.26 25.23 -9.36
CA GLN BA 541 154.49 25.89 -8.30
C GLN BA 541 154.77 27.39 -8.34
N VAL BA 542 153.89 28.13 -9.00
CA VAL BA 542 154.01 29.57 -9.13
C VAL BA 542 152.69 30.17 -8.62
N MET BA 543 152.72 31.48 -8.36
CA MET BA 543 151.54 32.19 -7.90
C MET BA 543 150.40 32.04 -8.90
N GLY BA 544 149.19 32.34 -8.44
CA GLY BA 544 148.01 32.17 -9.25
C GLY BA 544 147.89 33.22 -10.34
N GLN BA 545 146.90 32.99 -11.20
CA GLN BA 545 146.59 33.88 -12.31
C GLN BA 545 145.25 33.46 -12.89
N VAL BA 546 144.42 34.43 -13.26
CA VAL BA 546 143.08 34.15 -13.76
C VAL BA 546 143.10 34.24 -15.29
N ARG BA 547 142.36 33.35 -15.93
CA ARG BA 547 142.26 33.32 -17.39
C ARG BA 547 140.85 32.88 -17.76
N ALA BA 548 140.24 33.61 -18.68
CA ALA BA 548 138.88 33.34 -19.09
C ALA BA 548 138.86 32.45 -20.33
N MET BA 549 138.00 31.45 -20.30
CA MET BA 549 137.80 30.58 -21.44
C MET BA 549 136.30 30.57 -21.75
N PRO BA 550 135.91 30.76 -23.00
CA PRO BA 550 134.48 30.89 -23.32
C PRO BA 550 133.80 29.52 -23.26
N ARG BA 551 132.77 29.41 -22.41
CA ARG BA 551 131.90 28.26 -22.46
C ARG BA 551 131.28 28.18 -23.85
N ILE BA 552 131.49 27.06 -24.54
CA ILE BA 552 131.01 26.96 -25.91
C ILE BA 552 129.58 26.44 -25.97
N ILE BA 553 129.26 25.43 -25.19
CA ILE BA 553 127.95 24.80 -25.24
C ILE BA 553 127.06 25.40 -24.15
N ASN BA 554 125.75 25.28 -24.36
CA ASN BA 554 124.79 25.77 -23.38
C ASN BA 554 125.00 25.10 -22.04
N GLY BA 555 125.04 23.76 -22.04
CA GLY BA 555 125.08 22.98 -20.82
C GLY BA 555 126.27 23.21 -19.92
N ASN BA 556 127.21 24.06 -20.31
CA ASN BA 556 128.39 24.32 -19.48
C ASN BA 556 128.10 25.24 -18.32
N ILE BA 557 126.98 25.95 -18.33
CA ILE BA 557 126.65 26.84 -17.21
C ILE BA 557 126.46 25.99 -15.95
N PRO BA 558 127.11 26.32 -14.84
CA PRO BA 558 127.02 25.46 -13.65
C PRO BA 558 125.59 25.27 -13.20
N LEU BA 559 125.32 24.09 -12.65
CA LEU BA 559 123.95 23.68 -12.32
C LEU BA 559 123.28 24.64 -11.35
N ALA BA 560 124.04 25.44 -10.61
CA ALA BA 560 123.41 26.37 -9.68
C ALA BA 560 122.58 27.41 -10.40
N LEU BA 561 122.92 27.69 -11.66
CA LEU BA 561 122.19 28.67 -12.46
C LEU BA 561 121.49 28.04 -13.65
N CYS BA 562 121.31 26.73 -13.66
CA CYS BA 562 120.58 26.02 -14.71
C CYS BA 562 120.21 24.65 -14.16
N PRO BA 563 119.15 24.54 -13.37
CA PRO BA 563 118.88 23.28 -12.67
C PRO BA 563 118.51 22.17 -13.63
N VAL BA 564 118.60 20.94 -13.12
CA VAL BA 564 118.38 19.77 -13.97
C VAL BA 564 116.93 19.71 -14.45
N ASP BA 565 116.00 20.18 -13.62
CA ASP BA 565 114.60 20.15 -14.01
C ASP BA 565 114.37 20.95 -15.29
N PHE BA 566 115.04 22.09 -15.43
CA PHE BA 566 114.86 22.90 -16.62
C PHE BA 566 115.36 22.16 -17.85
N ARG BA 567 116.53 21.52 -17.75
CA ARG BA 567 117.05 20.78 -18.89
C ARG BA 567 116.12 19.65 -19.30
N ASP BA 568 115.64 18.88 -18.32
CA ASP BA 568 114.78 17.77 -18.66
C ASP BA 568 113.42 18.23 -19.18
N ALA BA 569 112.94 19.39 -18.72
CA ALA BA 569 111.70 19.93 -19.25
C ALA BA 569 111.88 20.37 -20.69
N ARG BA 570 113.00 21.01 -21.00
CA ARG BA 570 113.29 21.35 -22.39
C ARG BA 570 113.35 20.09 -23.25
N GLY BA 571 113.99 19.05 -22.73
CA GLY BA 571 114.01 17.79 -23.44
C GLY BA 571 112.61 17.28 -23.75
N PHE BA 572 111.78 17.16 -22.71
CA PHE BA 572 110.41 16.73 -22.89
C PHE BA 572 109.70 17.57 -23.94
N GLU BA 573 109.96 18.88 -23.94
CA GLU BA 573 109.36 19.73 -24.97
C GLU BA 573 109.86 19.34 -26.35
N LEU BA 574 111.10 18.86 -26.43
CA LEU BA 574 111.64 18.43 -27.71
C LEU BA 574 111.33 16.98 -28.04
N SER BA 575 110.93 16.18 -27.06
CA SER BA 575 110.69 14.76 -27.29
C SER BA 575 109.35 14.46 -27.93
N VAL BA 576 108.45 15.43 -28.02
CA VAL BA 576 107.14 15.17 -28.61
C VAL BA 576 107.31 14.90 -30.09
N ASP BA 577 106.57 13.90 -30.57
CA ASP BA 577 106.38 13.56 -31.99
C ASP BA 577 107.63 13.77 -32.84
N ARG BA 578 108.78 13.32 -32.34
CA ARG BA 578 109.97 13.23 -33.17
C ARG BA 578 110.43 11.78 -33.34
N HIS BA 579 110.77 11.10 -32.25
CA HIS BA 579 111.06 9.69 -32.30
C HIS BA 579 111.01 9.08 -30.91
N ARG BA 580 110.09 8.16 -30.68
CA ARG BA 580 110.02 7.46 -29.41
C ARG BA 580 110.94 6.25 -29.47
N LEU BA 581 111.69 6.02 -28.41
CA LEU BA 581 112.47 4.80 -28.29
C LEU BA 581 111.59 3.70 -27.72
N ALA BA 582 111.55 2.57 -28.41
CA ALA BA 582 110.59 1.52 -28.06
C ALA BA 582 110.78 1.08 -26.62
N PRO BA 583 109.69 0.83 -25.88
CA PRO BA 583 109.82 0.44 -24.47
C PRO BA 583 110.42 -0.93 -24.24
N ALA BA 584 110.84 -1.63 -25.30
CA ALA BA 584 111.48 -2.94 -25.17
C ALA BA 584 112.93 -2.95 -25.60
N THR BA 585 113.25 -2.29 -26.71
CA THR BA 585 114.65 -2.16 -27.12
C THR BA 585 115.48 -1.52 -26.02
N VAL BA 586 114.88 -0.59 -25.29
CA VAL BA 586 115.62 0.06 -24.21
C VAL BA 586 115.63 -0.82 -22.97
N ALA BA 587 114.56 -1.58 -22.73
CA ALA BA 587 114.61 -2.58 -21.68
C ALA BA 587 115.73 -3.58 -21.92
N ALA BA 588 116.12 -3.75 -23.18
CA ALA BA 588 117.27 -4.56 -23.51
C ALA BA 588 118.58 -3.80 -23.30
N VAL BA 589 118.70 -2.62 -23.90
CA VAL BA 589 119.96 -1.89 -23.85
C VAL BA 589 120.35 -1.57 -22.41
N ARG BA 590 119.46 -0.93 -21.66
CA ARG BA 590 119.77 -0.62 -20.28
C ARG BA 590 120.03 -1.89 -19.48
N GLY BA 591 119.31 -2.98 -19.80
CA GLY BA 591 119.64 -4.25 -19.22
C GLY BA 591 121.04 -4.72 -19.52
N ALA BA 592 121.64 -4.21 -20.61
CA ALA BA 592 123.02 -4.58 -20.91
C ALA BA 592 124.00 -3.76 -20.08
N PHE BA 593 123.82 -2.44 -20.04
CA PHE BA 593 124.78 -1.59 -19.35
C PHE BA 593 124.80 -1.87 -17.85
N ARG BA 594 123.63 -1.95 -17.23
CA ARG BA 594 123.57 -2.22 -15.79
C ARG BA 594 124.22 -3.54 -15.43
N ASP BA 595 124.27 -4.49 -16.36
CA ASP BA 595 124.80 -5.80 -16.04
C ASP BA 595 126.29 -5.73 -15.75
N ALA BA 596 126.73 -6.55 -14.80
CA ALA BA 596 128.15 -6.64 -14.46
C ALA BA 596 128.83 -7.87 -15.06
N ASN BA 597 128.06 -8.87 -15.46
CA ASN BA 597 128.60 -10.14 -15.95
C ASN BA 597 128.71 -10.17 -17.46
N TYR BA 598 128.97 -9.03 -18.08
CA TYR BA 598 129.20 -8.97 -19.51
C TYR BA 598 130.32 -9.93 -19.89
N PRO BA 599 130.09 -10.85 -20.83
CA PRO BA 599 131.14 -11.82 -21.20
C PRO BA 599 132.35 -11.13 -21.80
N MET BA 600 133.49 -11.27 -21.11
CA MET BA 600 134.72 -10.62 -21.55
C MET BA 600 135.16 -11.09 -22.92
N VAL BA 601 134.70 -12.26 -23.35
CA VAL BA 601 134.93 -12.69 -24.73
C VAL BA 601 134.44 -11.64 -25.70
N PHE BA 602 133.33 -10.97 -25.37
CA PHE BA 602 132.83 -9.91 -26.24
C PHE BA 602 133.82 -8.76 -26.33
N TYR BA 603 134.40 -8.36 -25.20
CA TYR BA 603 135.40 -7.31 -25.21
C TYR BA 603 136.62 -7.72 -26.03
N ILE BA 604 137.02 -8.99 -25.92
CA ILE BA 604 138.19 -9.46 -26.65
C ILE BA 604 137.91 -9.46 -28.14
N ILE BA 605 136.75 -9.97 -28.55
CA ILE BA 605 136.36 -9.93 -29.95
C ILE BA 605 136.34 -8.49 -30.44
N GLU BA 606 135.87 -7.57 -29.59
CA GLU BA 606 135.87 -6.16 -29.97
C GLU BA 606 137.28 -5.65 -30.19
N ALA BA 607 138.18 -5.97 -29.27
CA ALA BA 607 139.56 -5.54 -29.40
C ALA BA 607 140.17 -6.04 -30.70
N VAL BA 608 139.90 -7.30 -31.04
CA VAL BA 608 140.53 -7.85 -32.23
C VAL BA 608 139.90 -7.28 -33.50
N ILE BA 609 138.61 -6.97 -33.50
CA ILE BA 609 138.03 -6.40 -34.71
C ILE BA 609 138.39 -4.93 -34.85
N HIS BA 610 138.36 -4.18 -33.74
CA HIS BA 610 138.79 -2.79 -33.63
C HIS BA 610 138.35 -1.91 -34.79
N GLY BA 611 137.14 -2.12 -35.29
CA GLY BA 611 136.56 -1.21 -36.25
C GLY BA 611 137.17 -1.27 -37.64
N SER BA 612 137.04 -2.41 -38.31
CA SER BA 612 137.44 -2.54 -39.70
C SER BA 612 136.46 -3.48 -40.37
N GLU BA 613 135.69 -2.97 -41.34
CA GLU BA 613 134.74 -3.83 -42.03
C GLU BA 613 135.42 -5.05 -42.60
N ARG BA 614 136.68 -4.89 -43.06
CA ARG BA 614 137.43 -5.98 -43.64
C ARG BA 614 137.45 -7.20 -42.74
N THR BA 615 137.86 -7.02 -41.48
CA THR BA 615 137.88 -8.13 -40.56
C THR BA 615 136.47 -8.52 -40.10
N PHE BA 616 135.53 -7.58 -40.13
CA PHE BA 616 134.19 -7.87 -39.63
C PHE BA 616 133.48 -8.87 -40.52
N CYS BA 617 133.29 -8.51 -41.79
CA CYS BA 617 132.62 -9.40 -42.74
C CYS BA 617 133.37 -10.72 -42.90
N ALA BA 618 134.60 -10.80 -42.41
CA ALA BA 618 135.25 -12.12 -42.30
C ALA BA 618 134.73 -12.86 -41.08
N LEU BA 619 134.59 -12.17 -39.95
CA LEU BA 619 134.20 -12.79 -38.69
C LEU BA 619 132.69 -12.79 -38.49
N ALA BA 620 131.91 -12.64 -39.55
CA ALA BA 620 130.47 -12.46 -39.42
C ALA BA 620 129.84 -13.60 -38.62
N ARG BA 621 130.16 -14.85 -38.97
CA ARG BA 621 129.49 -15.98 -38.34
C ARG BA 621 129.77 -16.03 -36.84
N LEU BA 622 131.00 -15.70 -36.45
CA LEU BA 622 131.35 -15.71 -35.03
C LEU BA 622 130.46 -14.77 -34.24
N VAL BA 623 130.40 -13.50 -34.65
CA VAL BA 623 129.64 -12.52 -33.89
C VAL BA 623 128.15 -12.80 -34.01
N ALA BA 624 127.70 -13.37 -35.12
CA ALA BA 624 126.30 -13.73 -35.23
C ALA BA 624 125.93 -14.79 -34.19
N GLN BA 625 126.79 -15.81 -34.05
CA GLN BA 625 126.56 -16.80 -33.01
C GLN BA 625 126.62 -16.17 -31.62
N CYS BA 626 127.56 -15.25 -31.41
CA CYS BA 626 127.66 -14.57 -30.12
C CYS BA 626 126.36 -13.85 -29.79
N ILE BA 627 125.84 -13.08 -30.75
CA ILE BA 627 124.62 -12.31 -30.53
C ILE BA 627 123.45 -13.23 -30.25
N GLN BA 628 123.29 -14.28 -31.08
CA GLN BA 628 122.20 -15.22 -30.84
C GLN BA 628 122.29 -15.82 -29.45
N SER BA 629 123.50 -16.23 -29.04
CA SER BA 629 123.68 -16.86 -27.74
C SER BA 629 123.32 -15.90 -26.61
N TYR BA 630 123.80 -14.67 -26.70
CA TYR BA 630 123.54 -13.70 -25.64
C TYR BA 630 122.05 -13.39 -25.55
N TRP BA 631 121.44 -13.08 -26.70
CA TRP BA 631 120.01 -12.79 -26.73
C TRP BA 631 119.17 -13.97 -26.27
N ARG BA 632 119.72 -15.19 -26.36
CA ARG BA 632 119.01 -16.36 -25.85
C ARG BA 632 119.14 -16.48 -24.34
N ASN BA 633 120.34 -16.29 -23.80
CA ASN BA 633 120.56 -16.61 -22.40
C ASN BA 633 120.29 -15.45 -21.45
N THR BA 634 120.24 -14.20 -21.94
CA THR BA 634 119.94 -13.10 -21.02
C THR BA 634 118.97 -12.06 -21.54
N HIS BA 635 118.55 -12.11 -22.80
CA HIS BA 635 117.59 -11.19 -23.40
C HIS BA 635 118.11 -9.76 -23.49
N ASN BA 636 119.39 -9.54 -23.19
CA ASN BA 636 120.01 -8.25 -23.40
C ASN BA 636 120.44 -8.13 -24.85
N ALA BA 637 121.27 -7.14 -25.16
CA ALA BA 637 121.94 -7.04 -26.44
C ALA BA 637 123.44 -7.10 -26.20
N ALA BA 638 124.21 -7.19 -27.29
CA ALA BA 638 125.65 -7.31 -27.21
C ALA BA 638 126.31 -6.22 -28.05
N PHE BA 639 127.56 -5.91 -27.68
CA PHE BA 639 128.40 -5.01 -28.45
C PHE BA 639 127.82 -3.60 -28.55
N VAL BA 640 126.94 -3.23 -27.62
CA VAL BA 640 126.36 -1.89 -27.68
C VAL BA 640 127.34 -0.81 -27.25
N ASN BA 641 128.52 -1.19 -26.77
CA ASN BA 641 129.47 -0.19 -26.29
C ASN BA 641 130.16 0.54 -27.44
N ASN BA 642 130.22 -0.06 -28.62
CA ASN BA 642 130.90 0.53 -29.76
C ASN BA 642 129.87 0.94 -30.82
N PHE BA 643 130.18 2.02 -31.52
CA PHE BA 643 129.29 2.52 -32.56
C PHE BA 643 129.49 1.78 -33.87
N TYR BA 644 130.75 1.65 -34.29
CA TYR BA 644 131.04 1.04 -35.58
C TYR BA 644 130.46 -0.37 -35.67
N MET BA 645 130.61 -1.14 -34.61
CA MET BA 645 130.05 -2.49 -34.61
C MET BA 645 128.53 -2.45 -34.75
N VAL BA 646 127.88 -1.43 -34.17
CA VAL BA 646 126.43 -1.34 -34.30
C VAL BA 646 126.05 -1.03 -35.74
N MET BA 647 126.72 -0.06 -36.35
CA MET BA 647 126.46 0.24 -37.75
C MET BA 647 126.69 -0.99 -38.62
N TYR BA 648 127.72 -1.78 -38.30
CA TYR BA 648 128.02 -2.94 -39.11
C TYR BA 648 126.96 -4.03 -38.94
N ILE BA 649 126.54 -4.29 -37.71
CA ILE BA 649 125.49 -5.28 -37.48
C ILE BA 649 124.22 -4.85 -38.19
N ASN BA 650 123.96 -3.54 -38.27
CA ASN BA 650 122.82 -3.07 -39.03
C ASN BA 650 123.01 -3.36 -40.51
N THR BA 651 124.13 -2.91 -41.08
CA THR BA 651 124.30 -2.98 -42.53
C THR BA 651 124.33 -4.42 -43.03
N TYR BA 652 125.02 -5.31 -42.31
CA TYR BA 652 125.36 -6.61 -42.86
C TYR BA 652 124.53 -7.75 -42.31
N LEU BA 653 123.77 -7.54 -41.24
CA LEU BA 653 123.01 -8.65 -40.67
C LEU BA 653 121.57 -8.26 -40.37
N GLY BA 654 121.02 -7.26 -41.05
CA GLY BA 654 119.64 -6.87 -40.85
C GLY BA 654 118.63 -7.92 -41.23
N ASN BA 655 119.06 -8.96 -41.95
CA ASN BA 655 118.19 -10.11 -42.20
C ASN BA 655 118.97 -11.41 -42.05
N GLY BA 656 120.10 -11.39 -41.36
CA GLY BA 656 120.96 -12.55 -41.26
C GLY BA 656 120.54 -13.50 -40.17
N GLU BA 657 121.49 -14.30 -39.72
CA GLU BA 657 121.22 -15.42 -38.80
C GLU BA 657 121.04 -14.88 -37.39
N LEU BA 658 119.90 -14.24 -37.17
CA LEU BA 658 119.48 -13.83 -35.83
C LEU BA 658 117.96 -13.65 -35.86
N PRO BA 659 117.29 -13.87 -34.73
CA PRO BA 659 115.82 -13.77 -34.72
C PRO BA 659 115.36 -12.36 -35.09
N GLU BA 660 114.10 -12.28 -35.54
CA GLU BA 660 113.59 -11.00 -36.00
C GLU BA 660 113.62 -9.95 -34.91
N ASP BA 661 113.28 -10.33 -33.68
CA ASP BA 661 113.08 -9.35 -32.62
C ASP BA 661 114.39 -8.73 -32.14
N CYS BA 662 115.54 -9.35 -32.44
CA CYS BA 662 116.78 -8.84 -31.89
C CYS BA 662 117.35 -7.70 -32.73
N ALA BA 663 117.37 -7.86 -34.06
CA ALA BA 663 117.83 -6.77 -34.92
C ALA BA 663 116.99 -5.52 -34.75
N ALA BA 664 115.81 -5.64 -34.14
CA ALA BA 664 114.96 -4.49 -33.91
C ALA BA 664 115.68 -3.45 -33.06
N VAL BA 665 116.44 -3.89 -32.07
CA VAL BA 665 117.07 -2.94 -31.16
C VAL BA 665 118.18 -2.18 -31.87
N TYR BA 666 118.93 -2.87 -32.74
CA TYR BA 666 119.98 -2.20 -33.49
C TYR BA 666 119.39 -1.22 -34.50
N LYS BA 667 118.35 -1.65 -35.23
CA LYS BA 667 117.69 -0.74 -36.16
C LYS BA 667 117.14 0.47 -35.43
N ASP BA 668 116.58 0.26 -34.24
CA ASP BA 668 116.04 1.36 -33.47
C ASP BA 668 117.13 2.33 -33.05
N LEU BA 669 118.25 1.80 -32.57
CA LEU BA 669 119.35 2.68 -32.16
C LEU BA 669 119.84 3.52 -33.33
N LEU BA 670 120.00 2.91 -34.51
CA LEU BA 670 120.49 3.70 -35.64
C LEU BA 670 119.45 4.72 -36.10
N GLU BA 671 118.18 4.33 -36.19
CA GLU BA 671 117.16 5.28 -36.62
C GLU BA 671 117.05 6.42 -35.63
N HIS BA 672 117.17 6.12 -34.33
CA HIS BA 672 117.16 7.17 -33.33
C HIS BA 672 118.31 8.14 -33.54
N VAL BA 673 119.51 7.61 -33.79
CA VAL BA 673 120.65 8.49 -34.05
C VAL BA 673 120.39 9.37 -35.26
N HIS BA 674 119.77 8.81 -36.30
CA HIS BA 674 119.46 9.61 -37.49
C HIS BA 674 118.49 10.73 -37.15
N ALA BA 675 117.50 10.45 -36.31
CA ALA BA 675 116.55 11.49 -35.93
C ALA BA 675 117.24 12.58 -35.11
N LEU BA 676 118.07 12.17 -34.16
CA LEU BA 676 118.90 13.13 -33.43
C LEU BA 676 119.67 14.02 -34.40
N ARG BA 677 120.19 13.42 -35.46
CA ARG BA 677 120.95 14.20 -36.45
C ARG BA 677 120.06 15.21 -37.15
N ARG BA 678 118.88 14.76 -37.61
CA ARG BA 678 117.97 15.67 -38.30
C ARG BA 678 117.54 16.82 -37.40
N LEU BA 679 117.50 16.58 -36.08
CA LEU BA 679 117.09 17.63 -35.16
C LEU BA 679 117.92 18.89 -35.33
N ILE BA 680 119.24 18.74 -35.48
CA ILE BA 680 120.11 19.91 -35.65
C ILE BA 680 119.69 20.70 -36.89
N GLY BA 681 119.70 20.04 -38.05
CA GLY BA 681 119.32 20.71 -39.28
C GLY BA 681 117.94 21.30 -39.25
N GLU BA 682 117.07 20.86 -38.34
CA GLU BA 682 115.77 21.48 -38.23
C GLU BA 682 115.85 22.86 -37.57
N PHE BA 683 116.67 23.00 -36.54
CA PHE BA 683 116.72 24.23 -35.76
C PHE BA 683 117.72 25.24 -36.30
N THR BA 684 118.08 25.16 -37.56
CA THR BA 684 119.09 26.05 -38.12
C THR BA 684 118.56 26.69 -39.39
N LEU BA 685 118.66 28.01 -39.46
CA LEU BA 685 118.29 28.71 -40.68
C LEU BA 685 119.39 28.51 -41.72
N PRO BA 686 119.04 28.17 -42.96
CA PRO BA 686 120.07 27.99 -44.00
C PRO BA 686 120.65 29.32 -44.43
N GLY BA 687 121.94 29.51 -44.19
CA GLY BA 687 122.61 30.77 -44.44
C GLY BA 687 123.67 30.75 -45.52
N ASP BA 688 124.93 30.67 -45.10
CA ASP BA 688 126.07 30.87 -45.98
C ASP BA 688 127.29 30.24 -45.31
N PRO BA 689 128.18 29.61 -46.07
CA PRO BA 689 129.44 29.13 -45.48
C PRO BA 689 130.34 30.27 -45.08
N LEU BA 690 130.08 30.82 -43.88
CA LEU BA 690 130.79 31.99 -43.41
C LEU BA 690 132.28 31.72 -43.25
N GLY BA 691 132.64 30.84 -42.33
CA GLY BA 691 134.03 30.60 -42.00
C GLY BA 691 134.60 29.37 -42.68
N ASN BA 692 134.29 29.21 -43.97
CA ASN BA 692 134.57 27.99 -44.73
C ASN BA 692 133.91 26.77 -44.09
N GLN BA 693 132.90 27.02 -43.27
CA GLN BA 693 132.20 25.99 -42.53
C GLN BA 693 130.71 26.23 -42.70
N PRO BA 694 129.95 25.22 -43.13
CA PRO BA 694 128.50 25.39 -43.24
C PRO BA 694 127.89 25.85 -41.93
N GLN BA 695 126.71 26.45 -42.03
CA GLN BA 695 126.13 27.11 -40.87
C GLN BA 695 125.83 26.14 -39.74
N GLU BA 696 125.46 24.90 -40.07
CA GLU BA 696 125.04 23.97 -39.03
C GLU BA 696 126.18 23.63 -38.07
N GLU BA 697 127.40 23.42 -38.60
CA GLU BA 697 128.51 23.13 -37.72
C GLU BA 697 129.00 24.35 -36.99
N LEU BA 698 128.69 25.54 -37.49
CA LEU BA 698 128.93 26.75 -36.72
C LEU BA 698 127.91 26.91 -35.60
N ASN BA 699 126.77 26.24 -35.71
CA ASN BA 699 125.68 26.37 -34.74
C ASN BA 699 125.84 25.38 -33.59
N HIS BA 700 125.84 24.09 -33.91
CA HIS BA 700 125.82 23.04 -32.91
C HIS BA 700 127.22 22.43 -32.78
N ALA BA 701 127.75 22.44 -31.57
CA ALA BA 701 129.14 22.04 -31.37
C ALA BA 701 129.37 20.58 -31.74
N LEU BA 702 128.36 19.73 -31.57
CA LEU BA 702 128.57 18.30 -31.79
C LEU BA 702 128.61 17.97 -33.27
N ALA BA 703 127.74 18.57 -34.07
CA ALA BA 703 127.79 18.36 -35.50
C ALA BA 703 128.82 19.28 -36.12
N ASP BA 704 130.03 19.29 -35.57
CA ASP BA 704 131.12 20.12 -36.03
C ASP BA 704 132.22 19.25 -36.63
N ALA BA 705 133.09 19.89 -37.40
CA ALA BA 705 134.22 19.21 -38.01
C ALA BA 705 135.45 19.19 -37.11
N THR BA 706 135.78 20.33 -36.51
CA THR BA 706 137.04 20.48 -35.79
C THR BA 706 137.08 19.71 -34.48
N LEU BA 707 135.98 19.14 -34.03
CA LEU BA 707 135.97 18.36 -32.80
C LEU BA 707 136.23 16.89 -33.11
N LEU BA 708 136.99 16.24 -32.23
CA LEU BA 708 137.16 14.83 -32.50
C LEU BA 708 136.33 13.99 -31.54
N PRO BA 709 135.82 12.86 -32.00
CA PRO BA 709 135.12 11.95 -31.10
C PRO BA 709 136.03 11.53 -29.96
N PRO BA 710 135.46 11.16 -28.81
CA PRO BA 710 136.33 10.70 -27.72
C PRO BA 710 137.13 9.48 -28.10
N LEU BA 711 136.47 8.42 -28.56
CA LEU BA 711 137.14 7.22 -29.01
C LEU BA 711 137.21 7.23 -30.54
N ILE BA 712 138.36 6.84 -31.06
CA ILE BA 712 138.58 6.75 -32.49
C ILE BA 712 139.00 5.33 -32.81
N TRP BA 713 138.79 4.93 -34.06
CA TRP BA 713 139.10 3.58 -34.49
C TRP BA 713 139.91 3.52 -35.77
N ASP BA 714 140.07 4.62 -36.49
CA ASP BA 714 140.95 4.72 -37.64
C ASP BA 714 141.27 6.19 -37.82
N CYS BA 715 141.81 6.55 -38.98
CA CYS BA 715 142.33 7.91 -39.17
C CYS BA 715 141.44 8.77 -40.06
N ASP BA 716 140.15 8.46 -40.16
CA ASP BA 716 139.38 9.25 -41.12
C ASP BA 716 139.08 10.68 -40.64
N PRO BA 717 138.73 10.94 -39.38
CA PRO BA 717 138.33 12.31 -39.03
C PRO BA 717 139.50 13.26 -38.88
N ILE BA 718 140.69 12.75 -38.57
CA ILE BA 718 141.87 13.61 -38.54
C ILE BA 718 142.11 14.22 -39.91
N LEU BA 719 141.90 13.42 -40.96
CA LEU BA 719 142.04 13.94 -42.32
C LEU BA 719 141.02 15.00 -42.63
N TYR BA 720 139.91 15.05 -41.90
CA TYR BA 720 138.96 16.14 -42.06
C TYR BA 720 139.16 17.25 -41.05
N ARG BA 721 139.95 17.01 -40.00
CA ARG BA 721 140.22 18.05 -39.02
C ARG BA 721 141.11 19.14 -39.62
N ASP BA 722 142.10 18.74 -40.39
CA ASP BA 722 142.99 19.69 -41.05
C ASP BA 722 142.27 20.27 -42.25
N GLY BA 723 143.01 20.97 -43.11
CA GLY BA 723 142.40 21.56 -44.28
C GLY BA 723 141.49 22.72 -43.99
N LEU BA 724 141.36 23.12 -42.72
CA LEU BA 724 140.59 24.31 -42.33
C LEU BA 724 141.58 25.26 -41.67
N ALA BA 725 142.28 26.03 -42.49
CA ALA BA 725 143.43 26.80 -42.03
C ALA BA 725 143.05 28.21 -41.60
N GLU BA 726 142.04 28.32 -40.77
CA GLU BA 726 141.71 29.58 -40.12
C GLU BA 726 141.62 29.41 -38.61
N ARG BA 727 141.11 28.28 -38.15
CA ARG BA 727 141.26 27.84 -36.77
C ARG BA 727 142.40 26.84 -36.76
N LEU BA 728 143.56 27.26 -36.25
CA LEU BA 728 144.77 26.45 -36.31
C LEU BA 728 144.56 25.11 -35.65
N PRO BA 729 144.52 24.01 -36.42
CA PRO BA 729 144.21 22.71 -35.82
C PRO BA 729 145.22 22.25 -34.77
N GLU BA 730 146.49 22.18 -35.12
CA GLU BA 730 147.57 21.90 -34.17
C GLU BA 730 147.31 20.61 -33.37
N LEU BA 731 147.30 19.50 -34.08
CA LEU BA 731 147.20 18.20 -33.44
C LEU BA 731 148.58 17.68 -33.06
N ARG BA 732 148.61 16.90 -31.99
CA ARG BA 732 149.82 16.18 -31.60
C ARG BA 732 149.43 14.86 -30.97
N VAL BA 733 150.13 13.80 -31.35
CA VAL BA 733 149.84 12.45 -30.89
C VAL BA 733 151.00 11.97 -30.03
N ASN BA 734 150.75 11.83 -28.73
CA ASN BA 734 151.72 11.28 -27.79
C ASN BA 734 153.07 11.97 -27.92
N GLY BA 735 153.03 13.29 -28.10
CA GLY BA 735 154.25 14.03 -28.32
C GLY BA 735 154.36 14.61 -29.72
N ALA BA 736 155.23 14.02 -30.54
CA ALA BA 736 155.54 14.56 -31.85
C ALA BA 736 154.32 14.51 -32.76
N HIS BA 737 154.51 14.99 -33.99
CA HIS BA 737 153.41 15.20 -34.92
C HIS BA 737 152.77 13.87 -35.32
N PHE BA 738 151.74 13.98 -36.16
CA PHE BA 738 151.04 12.81 -36.67
C PHE BA 738 151.84 12.21 -37.82
N GLN BA 739 152.13 10.92 -37.73
CA GLN BA 739 152.85 10.20 -38.77
C GLN BA 739 152.02 8.97 -39.14
N HIS BA 740 151.86 8.73 -40.44
CA HIS BA 740 150.94 7.73 -40.94
C HIS BA 740 151.66 6.43 -41.26
N ILE BA 741 150.99 5.32 -40.99
CA ILE BA 741 151.42 3.99 -41.44
C ILE BA 741 150.20 3.29 -42.01
N LEU BA 742 150.42 2.49 -43.05
CA LEU BA 742 149.28 1.96 -43.81
C LEU BA 742 148.62 0.79 -43.08
N TRP BA 743 149.35 -0.32 -42.93
CA TRP BA 743 148.78 -1.47 -42.23
C TRP BA 743 149.88 -2.47 -41.95
N VAL BA 744 149.76 -3.14 -40.81
CA VAL BA 744 150.74 -4.12 -40.35
C VAL BA 744 150.23 -5.51 -40.68
N GLU BA 745 151.16 -6.44 -40.89
CA GLU BA 745 150.81 -7.81 -41.26
C GLU BA 745 151.70 -8.81 -40.53
N MET BA 746 151.92 -8.60 -39.23
CA MET BA 746 152.66 -9.49 -38.34
C MET BA 746 154.15 -9.52 -38.65
N ALA BA 747 154.62 -8.82 -39.67
CA ALA BA 747 156.05 -8.79 -39.96
C ALA BA 747 156.75 -7.75 -39.09
N GLN BA 748 156.17 -6.56 -38.96
CA GLN BA 748 156.66 -5.53 -38.06
C GLN BA 748 155.60 -5.31 -36.99
N VAL BA 749 155.90 -5.72 -35.76
CA VAL BA 749 154.92 -5.73 -34.66
C VAL BA 749 155.18 -4.60 -33.67
N ASN BA 750 156.36 -4.58 -33.06
CA ASN BA 750 156.78 -3.53 -32.12
C ASN BA 750 155.68 -3.18 -31.13
N PHE BA 751 155.33 -4.17 -30.30
CA PHE BA 751 154.27 -3.97 -29.32
C PHE BA 751 154.57 -2.83 -28.36
N ARG BA 752 155.85 -2.58 -28.08
CA ARG BA 752 156.24 -1.40 -27.30
C ARG BA 752 156.78 -0.32 -28.22
N ASN BA 753 155.88 0.24 -29.01
CA ASN BA 753 156.23 1.39 -29.82
C ASN BA 753 156.17 2.66 -28.97
N VAL BA 754 156.72 3.75 -29.51
CA VAL BA 754 156.77 5.00 -28.76
C VAL BA 754 156.21 6.17 -29.57
N GLY BA 755 156.78 6.42 -30.75
CA GLY BA 755 156.44 7.61 -31.48
C GLY BA 755 155.06 7.56 -32.08
N GLY BA 756 154.62 8.70 -32.60
CA GLY BA 756 153.30 8.79 -33.19
C GLY BA 756 153.18 7.98 -34.46
N GLY BA 757 152.47 6.86 -34.38
CA GLY BA 757 152.20 6.03 -35.54
C GLY BA 757 150.80 5.46 -35.46
N LEU BA 758 149.98 5.74 -36.47
CA LEU BA 758 148.57 5.42 -36.42
C LEU BA 758 148.27 4.26 -37.36
N VAL BA 759 147.86 3.13 -36.79
CA VAL BA 759 147.59 1.93 -37.55
C VAL BA 759 146.26 2.07 -38.27
N HIS BA 760 146.30 2.53 -39.51
CA HIS BA 760 145.09 2.59 -40.31
C HIS BA 760 144.63 1.19 -40.63
N ASN BA 761 143.35 0.91 -40.43
CA ASN BA 761 142.84 -0.41 -40.75
C ASN BA 761 142.99 -0.68 -42.24
N ARG BA 762 143.05 -1.96 -42.59
CA ARG BA 762 143.35 -2.34 -43.96
C ARG BA 762 142.34 -1.71 -44.92
N PRO BA 763 142.78 -1.11 -46.02
CA PRO BA 763 141.84 -0.50 -46.95
C PRO BA 763 140.95 -1.56 -47.59
N VAL BA 764 139.89 -1.07 -48.22
CA VAL BA 764 138.83 -1.90 -48.78
C VAL BA 764 138.40 -1.31 -50.09
N ARG BA 765 138.15 -2.17 -51.08
CA ARG BA 765 137.61 -1.76 -52.38
C ARG BA 765 138.67 -0.99 -53.16
N ASN BA 766 139.78 -0.65 -52.50
CA ASN BA 766 140.83 0.15 -53.12
C ASN BA 766 142.07 0.05 -52.26
N GLU BA 767 143.16 -0.47 -52.83
CA GLU BA 767 144.36 -0.78 -52.06
C GLU BA 767 145.57 0.05 -52.46
N ASN BA 768 145.89 0.14 -53.75
CA ASN BA 768 147.12 0.79 -54.20
C ASN BA 768 146.85 2.25 -54.51
N GLN BA 769 146.55 3.00 -53.47
CA GLN BA 769 146.26 4.42 -53.61
C GLN BA 769 146.92 5.21 -52.49
N PRO BA 770 146.93 6.54 -52.57
CA PRO BA 770 147.31 7.34 -51.40
C PRO BA 770 146.33 7.15 -50.24
N LEU BA 771 146.66 7.72 -49.09
CA LEU BA 771 145.79 7.63 -47.92
C LEU BA 771 144.41 8.18 -48.26
N HIS BA 772 143.39 7.32 -48.14
CA HIS BA 772 142.04 7.65 -48.56
C HIS BA 772 141.06 7.26 -47.46
N PRO BA 773 140.27 8.20 -46.95
CA PRO BA 773 139.35 7.85 -45.85
C PRO BA 773 138.22 6.97 -46.33
N HIS BA 774 137.76 6.10 -45.43
CA HIS BA 774 136.77 5.09 -45.79
C HIS BA 774 135.38 5.69 -45.94
N HIS BA 775 134.83 6.21 -44.86
CA HIS BA 775 133.46 6.68 -44.81
C HIS BA 775 133.46 8.20 -44.88
N ASP BA 776 132.63 8.74 -45.77
CA ASP BA 776 132.88 10.09 -46.29
C ASP BA 776 132.86 11.16 -45.22
N ALA BA 777 131.69 11.50 -44.68
CA ALA BA 777 131.65 12.56 -43.69
C ALA BA 777 130.78 12.29 -42.47
N GLU BA 778 129.70 11.51 -42.60
CA GLU BA 778 128.72 11.47 -41.53
C GLU BA 778 129.12 10.55 -40.40
N TRP BA 779 130.03 9.61 -40.63
CA TRP BA 779 130.37 8.67 -39.58
C TRP BA 779 131.01 9.37 -38.39
N SER BA 780 131.75 10.45 -38.62
CA SER BA 780 132.35 11.18 -37.51
C SER BA 780 131.29 11.79 -36.62
N VAL BA 781 130.34 12.52 -37.21
CA VAL BA 781 129.34 13.20 -36.40
C VAL BA 781 128.40 12.18 -35.77
N LEU BA 782 128.12 11.09 -36.47
CA LEU BA 782 127.25 10.07 -35.89
C LEU BA 782 127.92 9.38 -34.72
N SER BA 783 129.22 9.13 -34.81
CA SER BA 783 129.95 8.58 -33.67
C SER BA 783 129.95 9.56 -32.52
N LYS BA 784 130.17 10.85 -32.80
CA LYS BA 784 130.17 11.84 -31.73
C LYS BA 784 128.82 11.90 -31.03
N ILE BA 785 127.74 11.87 -31.80
CA ILE BA 785 126.41 11.89 -31.21
C ILE BA 785 126.19 10.65 -30.37
N TYR BA 786 126.54 9.48 -30.91
CA TYR BA 786 126.32 8.24 -30.18
C TYR BA 786 127.11 8.19 -28.89
N TYR BA 787 128.28 8.84 -28.87
CA TYR BA 787 129.13 8.76 -27.69
C TYR BA 787 128.95 9.93 -26.74
N TYR BA 788 128.22 10.97 -27.13
CA TYR BA 788 127.96 12.08 -26.22
C TYR BA 788 126.49 12.26 -25.86
N ALA BA 789 125.58 11.55 -26.49
CA ALA BA 789 124.17 11.76 -26.21
C ALA BA 789 123.40 10.50 -25.91
N VAL BA 790 123.82 9.36 -26.46
CA VAL BA 790 123.08 8.12 -26.25
C VAL BA 790 123.69 7.29 -25.13
N VAL BA 791 125.00 7.10 -25.14
CA VAL BA 791 125.64 6.26 -24.13
C VAL BA 791 125.69 6.93 -22.75
N PRO BA 792 125.83 8.26 -22.62
CA PRO BA 792 125.77 8.80 -21.25
C PRO BA 792 124.38 8.81 -20.69
N ALA BA 793 123.35 8.84 -21.55
CA ALA BA 793 121.99 8.74 -21.06
C ALA BA 793 121.65 7.32 -20.63
N PHE BA 794 122.35 6.33 -21.17
CA PHE BA 794 122.11 4.94 -20.82
C PHE BA 794 122.98 4.47 -19.65
N SER BA 795 124.15 5.07 -19.46
CA SER BA 795 125.07 4.62 -18.42
C SER BA 795 124.93 5.41 -17.13
N ARG BA 796 124.80 6.73 -17.22
CA ARG BA 796 124.74 7.61 -16.05
C ARG BA 796 125.98 7.44 -15.17
N GLY BA 797 127.13 7.76 -15.75
CA GLY BA 797 128.36 7.71 -14.98
C GLY BA 797 128.82 6.31 -14.61
N ASN BA 798 128.35 5.28 -15.31
CA ASN BA 798 128.87 3.94 -15.12
C ASN BA 798 129.99 3.60 -16.08
N CYS BA 799 129.93 4.15 -17.29
CA CYS BA 799 130.91 3.81 -18.32
C CYS BA 799 132.26 4.43 -18.00
N CYS BA 800 133.27 3.94 -18.71
CA CYS BA 800 134.64 4.45 -18.60
C CYS BA 800 135.47 3.95 -19.76
N THR BA 801 136.17 4.83 -20.44
CA THR BA 801 136.99 4.42 -21.57
C THR BA 801 138.26 3.75 -21.07
N MET BA 802 138.64 2.65 -21.71
CA MET BA 802 139.78 1.86 -21.28
C MET BA 802 140.66 1.54 -22.49
N GLY BA 803 141.92 1.25 -22.21
CA GLY BA 803 142.88 0.93 -23.24
C GLY BA 803 143.20 -0.54 -23.30
N VAL BA 804 143.67 -0.97 -24.46
CA VAL BA 804 143.95 -2.39 -24.71
C VAL BA 804 145.41 -2.67 -24.42
N ARG BA 805 145.67 -3.75 -23.69
CA ARG BA 805 147.03 -4.29 -23.55
C ARG BA 805 147.17 -5.39 -24.59
N TYR BA 806 147.52 -4.97 -25.81
CA TYR BA 806 147.42 -5.86 -26.96
C TYR BA 806 148.34 -7.07 -26.87
N ASP BA 807 149.40 -6.99 -26.06
CA ASP BA 807 150.37 -8.08 -25.99
C ASP BA 807 149.72 -9.41 -25.67
N ARG BA 808 148.66 -9.39 -24.87
CA ARG BA 808 148.06 -10.62 -24.38
C ARG BA 808 146.81 -11.02 -25.13
N VAL BA 809 146.10 -10.08 -25.74
CA VAL BA 809 144.89 -10.46 -26.46
C VAL BA 809 145.24 -11.16 -27.76
N TYR BA 810 146.30 -10.73 -28.44
CA TYR BA 810 146.77 -11.46 -29.60
C TYR BA 810 147.49 -12.74 -29.22
N GLN BA 811 147.74 -12.95 -27.93
CA GLN BA 811 148.19 -14.25 -27.47
C GLN BA 811 147.02 -15.21 -27.30
N LEU BA 812 145.93 -14.75 -26.70
CA LEU BA 812 144.76 -15.60 -26.52
C LEU BA 812 143.83 -15.60 -27.71
N VAL BA 813 144.39 -15.78 -28.91
CA VAL BA 813 143.62 -15.97 -30.13
C VAL BA 813 144.29 -17.15 -30.81
N GLN BA 814 145.52 -17.43 -30.39
CA GLN BA 814 146.34 -18.48 -30.98
C GLN BA 814 146.47 -19.69 -30.07
N THR BA 815 146.05 -19.63 -28.82
CA THR BA 815 146.09 -20.78 -27.94
C THR BA 815 144.77 -21.56 -27.98
N MET BA 816 144.33 -21.87 -29.19
CA MET BA 816 143.10 -22.62 -29.38
C MET BA 816 143.34 -24.11 -29.21
N VAL BA 817 142.25 -24.86 -29.31
CA VAL BA 817 142.32 -26.32 -29.43
C VAL BA 817 141.08 -26.78 -30.17
N VAL BA 818 141.27 -27.59 -31.19
CA VAL BA 818 140.14 -28.17 -31.91
C VAL BA 818 140.58 -29.50 -32.53
N PRO BA 819 139.90 -30.59 -32.20
CA PRO BA 819 140.21 -31.85 -32.87
C PRO BA 819 139.76 -31.82 -34.32
N GLU BA 820 140.43 -32.61 -35.14
CA GLU BA 820 140.05 -32.79 -36.53
C GLU BA 820 138.98 -33.87 -36.60
N THR BA 821 137.86 -33.56 -37.24
CA THR BA 821 136.79 -34.53 -37.42
C THR BA 821 135.95 -34.07 -38.60
N ASP BA 822 135.46 -35.02 -39.37
CA ASP BA 822 134.64 -34.73 -40.54
C ASP BA 822 133.29 -34.13 -40.13
N ASP BA 829 128.67 -35.34 -28.57
CA ASP BA 829 129.91 -35.77 -29.22
C ASP BA 829 131.12 -35.52 -28.33
N PRO BA 830 132.11 -36.40 -28.40
CA PRO BA 830 133.40 -36.13 -27.76
C PRO BA 830 134.36 -35.33 -28.63
N ARG BA 831 133.93 -34.91 -29.82
CA ARG BA 831 134.71 -34.08 -30.70
C ARG BA 831 134.37 -32.61 -30.58
N HIS BA 832 133.28 -32.27 -29.90
CA HIS BA 832 132.84 -30.90 -29.81
C HIS BA 832 133.94 -30.02 -29.24
N PRO BA 833 134.26 -28.89 -29.88
CA PRO BA 833 135.32 -28.01 -29.36
C PRO BA 833 135.06 -27.53 -27.95
N LEU BA 834 133.88 -27.80 -27.39
CA LEU BA 834 133.56 -27.43 -26.03
C LEU BA 834 133.34 -28.64 -25.13
N HIS BA 835 133.52 -29.85 -25.64
CA HIS BA 835 133.34 -31.03 -24.82
C HIS BA 835 134.50 -31.14 -23.82
N PRO BA 836 134.20 -31.38 -22.53
CA PRO BA 836 135.22 -31.23 -21.48
C PRO BA 836 136.54 -31.93 -21.77
N ARG BA 837 136.54 -32.96 -22.62
CA ARG BA 837 137.78 -33.61 -23.01
C ARG BA 837 138.75 -32.64 -23.68
N ASN BA 838 138.23 -31.61 -24.32
CA ASN BA 838 139.06 -30.70 -25.08
C ASN BA 838 139.06 -29.30 -24.46
N LEU BA 839 139.17 -29.24 -23.14
CA LEU BA 839 139.16 -27.97 -22.43
C LEU BA 839 140.47 -27.74 -21.71
N VAL BA 840 141.58 -27.95 -22.41
CA VAL BA 840 142.93 -27.71 -21.88
C VAL BA 840 142.99 -26.33 -21.26
N PRO BA 841 143.51 -26.20 -20.03
CA PRO BA 841 143.38 -24.93 -19.31
C PRO BA 841 144.17 -23.80 -19.95
N ASN BA 842 143.84 -22.59 -19.52
CA ASN BA 842 144.51 -21.37 -19.97
C ASN BA 842 144.44 -21.20 -21.48
N SER BA 843 143.37 -21.69 -22.09
CA SER BA 843 143.21 -21.66 -23.54
C SER BA 843 142.18 -20.61 -23.91
N LEU BA 844 141.83 -20.57 -25.20
CA LEU BA 844 140.79 -19.66 -25.64
C LEU BA 844 139.41 -20.19 -25.28
N ASN BA 845 139.10 -21.42 -25.72
CA ASN BA 845 137.74 -21.93 -25.61
C ASN BA 845 137.27 -22.07 -24.18
N VAL BA 846 138.18 -22.07 -23.20
CA VAL BA 846 137.73 -22.05 -21.82
C VAL BA 846 136.98 -20.76 -21.53
N LEU BA 847 137.30 -19.68 -22.24
CA LEU BA 847 136.54 -18.45 -22.11
C LEU BA 847 135.13 -18.61 -22.67
N PHE BA 848 135.03 -19.19 -23.87
CA PHE BA 848 133.72 -19.42 -24.47
C PHE BA 848 132.86 -20.30 -23.58
N HIS BA 849 133.46 -21.29 -22.92
CA HIS BA 849 132.71 -22.08 -21.97
C HIS BA 849 132.41 -21.30 -20.70
N ASN BA 850 133.24 -20.31 -20.37
CA ASN BA 850 132.99 -19.48 -19.20
C ASN BA 850 131.86 -18.48 -19.41
N ALA BA 851 131.39 -18.32 -20.63
CA ALA BA 851 130.31 -17.40 -20.93
C ALA BA 851 129.10 -18.09 -21.54
N CYS BA 852 129.05 -19.42 -21.51
CA CYS BA 852 127.90 -20.19 -21.98
C CYS BA 852 127.49 -19.77 -23.39
N VAL BA 853 128.48 -19.66 -24.27
CA VAL BA 853 128.28 -19.18 -25.62
C VAL BA 853 128.42 -20.38 -26.56
N ALA BA 854 127.30 -20.82 -27.12
CA ALA BA 854 127.31 -21.95 -28.04
C ALA BA 854 127.87 -21.49 -29.38
N VAL BA 855 129.07 -21.98 -29.72
CA VAL BA 855 129.73 -21.61 -30.96
C VAL BA 855 129.92 -22.85 -31.83
N ASP BA 856 129.94 -22.63 -33.13
CA ASP BA 856 130.15 -23.71 -34.08
C ASP BA 856 131.62 -24.15 -34.06
N ALA BA 857 131.85 -25.40 -34.47
CA ALA BA 857 133.21 -25.93 -34.51
C ALA BA 857 134.08 -25.12 -35.47
N ASP BA 858 133.69 -25.06 -36.74
CA ASP BA 858 134.47 -24.35 -37.73
C ASP BA 858 134.32 -22.84 -37.64
N ALA BA 859 133.41 -22.34 -36.80
CA ALA BA 859 133.29 -20.89 -36.62
C ALA BA 859 134.45 -20.33 -35.81
N MET BA 860 135.11 -21.15 -35.00
CA MET BA 860 136.26 -20.66 -34.24
C MET BA 860 137.44 -20.39 -35.16
N LEU BA 861 137.65 -21.25 -36.15
CA LEU BA 861 138.83 -21.14 -36.99
C LEU BA 861 138.82 -19.91 -37.88
N ILE BA 862 137.68 -19.21 -37.98
CA ILE BA 862 137.63 -17.98 -38.76
C ILE BA 862 138.44 -16.86 -38.13
N LEU BA 863 138.96 -17.07 -36.93
CA LEU BA 863 139.74 -16.03 -36.25
C LEU BA 863 141.08 -15.77 -36.91
N GLN BA 864 141.27 -16.30 -38.12
CA GLN BA 864 142.53 -16.24 -38.82
C GLN BA 864 142.78 -14.94 -39.55
N GLU BA 865 141.74 -14.33 -40.07
CA GLU BA 865 141.98 -13.17 -40.90
C GLU BA 865 142.35 -11.95 -40.12
N THR BA 866 142.70 -12.10 -38.84
CA THR BA 866 143.12 -10.94 -38.05
C THR BA 866 144.61 -10.70 -38.10
N VAL BA 867 145.42 -11.74 -38.25
CA VAL BA 867 146.87 -11.54 -38.26
C VAL BA 867 147.34 -10.87 -39.54
N THR BA 868 146.51 -10.88 -40.59
CA THR BA 868 146.86 -10.16 -41.81
C THR BA 868 146.68 -8.66 -41.66
N ASN BA 869 145.93 -8.23 -40.65
CA ASN BA 869 145.66 -6.81 -40.41
C ASN BA 869 145.54 -6.64 -38.91
N MET BA 870 146.64 -6.30 -38.26
CA MET BA 870 146.78 -6.34 -36.81
C MET BA 870 146.66 -4.92 -36.24
N ALA BA 871 146.57 -4.84 -34.91
CA ALA BA 871 146.51 -3.58 -34.19
C ALA BA 871 147.68 -3.49 -33.22
N GLU BA 872 148.36 -2.34 -33.22
CA GLU BA 872 149.58 -2.20 -32.43
C GLU BA 872 149.29 -1.85 -30.98
N ARG BA 873 148.68 -0.70 -30.73
CA ARG BA 873 148.55 -0.18 -29.37
C ARG BA 873 147.63 1.02 -29.37
N THR BA 874 147.26 1.45 -28.16
CA THR BA 874 146.39 2.61 -27.96
C THR BA 874 147.22 3.85 -27.69
N THR BA 875 146.98 4.91 -28.45
CA THR BA 875 147.76 6.12 -28.34
C THR BA 875 146.91 7.28 -27.83
N PRO BA 876 147.43 8.11 -26.93
CA PRO BA 876 146.73 9.33 -26.57
C PRO BA 876 146.83 10.36 -27.68
N LEU BA 877 145.96 11.36 -27.59
CA LEU BA 877 145.86 12.41 -28.59
C LEU BA 877 145.68 13.74 -27.89
N LEU BA 878 145.68 14.82 -28.68
CA LEU BA 878 145.39 16.15 -28.15
C LEU BA 878 145.07 17.07 -29.31
N ALA BA 879 143.99 17.81 -29.19
CA ALA BA 879 143.58 18.77 -30.21
C ALA BA 879 143.43 20.14 -29.57
N SER BA 880 143.80 21.18 -30.32
CA SER BA 880 143.76 22.54 -29.79
C SER BA 880 143.32 23.47 -30.92
N VAL BA 881 142.08 23.92 -30.88
CA VAL BA 881 141.49 24.72 -31.93
C VAL BA 881 141.15 26.10 -31.40
N ALA BA 882 141.44 27.13 -32.20
CA ALA BA 882 141.03 28.48 -31.86
C ALA BA 882 139.52 28.61 -32.02
N PRO BA 883 138.90 29.55 -31.32
CA PRO BA 883 137.45 29.70 -31.40
C PRO BA 883 136.99 29.95 -32.83
N ASP BA 884 135.72 29.63 -33.08
CA ASP BA 884 135.19 29.58 -34.43
C ASP BA 884 135.10 30.98 -35.04
N ALA BA 885 134.61 31.04 -36.27
CA ALA BA 885 134.50 32.31 -36.97
C ALA BA 885 133.52 33.26 -36.29
N GLY BA 886 132.58 32.73 -35.52
CA GLY BA 886 131.57 33.53 -34.85
C GLY BA 886 131.81 33.79 -33.39
N MET BA 887 132.95 33.36 -32.85
CA MET BA 887 133.38 33.72 -31.52
C MET BA 887 134.72 34.43 -31.52
N ALA BA 888 135.30 34.64 -32.70
CA ALA BA 888 136.66 35.15 -32.80
C ALA BA 888 136.66 36.67 -32.71
N THR BA 889 137.31 37.19 -31.67
CA THR BA 889 137.66 38.61 -31.59
C THR BA 889 139.12 38.71 -31.23
N VAL BA 890 139.66 39.94 -31.31
CA VAL BA 890 141.06 40.16 -30.99
C VAL BA 890 141.38 39.76 -29.57
N ALA BA 891 140.40 39.85 -28.67
CA ALA BA 891 140.60 39.42 -27.29
C ALA BA 891 140.53 37.91 -27.12
N THR BA 892 139.61 37.25 -27.83
CA THR BA 892 139.44 35.80 -27.69
C THR BA 892 140.25 35.00 -28.69
N ARG BA 893 141.10 35.66 -29.48
CA ARG BA 893 141.89 34.96 -30.49
C ARG BA 893 142.91 34.02 -29.87
N ASP BA 894 143.23 34.17 -28.59
CA ASP BA 894 144.34 33.48 -27.96
C ASP BA 894 143.89 32.61 -26.80
N MET BA 895 142.75 31.94 -26.94
CA MET BA 895 142.30 30.96 -25.94
C MET BA 895 141.73 29.76 -26.68
N ARG BA 896 142.60 28.80 -26.97
CA ARG BA 896 142.21 27.59 -27.68
C ARG BA 896 142.03 26.44 -26.70
N THR BA 897 141.08 25.57 -27.02
CA THR BA 897 140.75 24.46 -26.12
C THR BA 897 141.85 23.41 -26.15
N HIS BA 898 141.64 22.35 -25.37
CA HIS BA 898 142.58 21.23 -25.31
C HIS BA 898 141.76 19.96 -25.04
N ASP BA 899 141.39 19.27 -26.10
CA ASP BA 899 140.60 18.06 -25.98
C ASP BA 899 141.51 16.84 -26.06
N GLY BA 900 141.13 15.79 -25.33
CA GLY BA 900 141.81 14.52 -25.40
C GLY BA 900 141.07 13.55 -26.31
N SER BA 901 141.66 12.36 -26.45
CA SER BA 901 141.08 11.28 -27.25
C SER BA 901 141.84 10.00 -26.91
N LEU BA 902 141.56 8.94 -27.67
CA LEU BA 902 142.36 7.72 -27.66
C LEU BA 902 142.44 7.23 -29.10
N HIS BA 903 143.01 6.04 -29.28
CA HIS BA 903 143.00 5.37 -30.57
C HIS BA 903 143.04 3.87 -30.36
N HIS BA 904 142.07 3.18 -30.95
CA HIS BA 904 141.92 1.73 -30.77
C HIS BA 904 141.71 1.36 -29.31
N GLY BA 905 141.13 2.26 -28.53
CA GLY BA 905 140.82 2.00 -27.14
C GLY BA 905 139.57 1.17 -26.99
N LEU BA 906 138.92 1.29 -25.82
CA LEU BA 906 137.66 0.61 -25.59
C LEU BA 906 136.82 1.40 -24.61
N LEU BA 907 135.57 0.96 -24.47
CA LEU BA 907 134.61 1.55 -23.53
C LEU BA 907 134.00 0.41 -22.73
N MET BA 908 134.62 0.07 -21.60
CA MET BA 908 134.09 -0.97 -20.75
C MET BA 908 132.81 -0.47 -20.08
N MET BA 909 131.70 -1.15 -20.36
CA MET BA 909 130.39 -0.65 -19.94
C MET BA 909 130.26 -0.63 -18.42
N ALA BA 910 130.37 -1.79 -17.79
CA ALA BA 910 130.34 -1.89 -16.34
C ALA BA 910 131.56 -2.66 -15.89
N TYR BA 911 132.01 -2.39 -14.66
CA TYR BA 911 133.19 -3.05 -14.12
C TYR BA 911 132.79 -4.08 -13.07
N GLN BA 912 133.60 -5.13 -12.97
CA GLN BA 912 133.32 -6.27 -12.12
C GLN BA 912 134.59 -6.65 -11.37
N PRO BA 913 134.75 -6.22 -10.14
CA PRO BA 913 135.93 -6.63 -9.38
C PRO BA 913 135.72 -7.91 -8.59
N ASN BA 914 135.13 -8.94 -9.18
CA ASN BA 914 134.94 -10.18 -8.43
C ASN BA 914 135.17 -11.46 -9.22
N ASP BA 915 135.32 -11.42 -10.54
CA ASP BA 915 135.58 -12.62 -11.31
C ASP BA 915 136.95 -13.17 -10.92
N ALA BA 916 136.98 -14.24 -10.14
CA ALA BA 916 138.25 -14.89 -9.82
C ALA BA 916 138.77 -15.72 -10.97
N THR BA 917 137.96 -15.94 -12.01
CA THR BA 917 138.44 -16.66 -13.18
C THR BA 917 139.48 -15.88 -13.96
N LEU BA 918 139.70 -14.61 -13.62
CA LEU BA 918 140.73 -13.79 -14.24
C LEU BA 918 141.33 -12.88 -13.19
N LEU BA 919 142.41 -12.21 -13.56
CA LEU BA 919 143.04 -11.23 -12.70
C LEU BA 919 142.40 -9.86 -12.92
N GLU BA 920 142.33 -9.07 -11.84
CA GLU BA 920 141.61 -7.81 -11.87
C GLU BA 920 142.04 -6.96 -13.07
N GLY BA 921 143.34 -6.79 -13.26
CA GLY BA 921 143.81 -6.16 -14.49
C GLY BA 921 144.65 -7.11 -15.30
N ALA BA 922 144.09 -7.60 -16.41
CA ALA BA 922 144.77 -8.58 -17.25
C ALA BA 922 144.70 -8.31 -18.73
N PHE BA 923 143.70 -7.57 -19.21
CA PHE BA 923 143.59 -7.27 -20.63
C PHE BA 923 143.28 -5.83 -20.92
N PHE BA 924 142.87 -5.04 -19.94
CA PHE BA 924 142.53 -3.64 -20.17
C PHE BA 924 142.96 -2.82 -18.98
N TYR BA 925 143.12 -1.52 -19.22
CA TYR BA 925 143.57 -0.61 -18.20
C TYR BA 925 142.76 0.68 -18.30
N PRO BA 926 142.44 1.28 -17.17
CA PRO BA 926 141.67 2.52 -17.19
C PRO BA 926 142.46 3.66 -17.82
N ALA BA 927 141.76 4.45 -18.62
CA ALA BA 927 142.35 5.62 -19.25
C ALA BA 927 141.27 6.63 -19.60
N PRO BA 928 140.72 7.35 -18.62
CA PRO BA 928 139.61 8.26 -18.91
C PRO BA 928 140.06 9.44 -19.74
N VAL BA 929 139.18 9.85 -20.67
CA VAL BA 929 139.48 10.94 -21.58
C VAL BA 929 138.73 12.20 -21.15
N ASN BA 930 137.55 12.02 -20.56
CA ASN BA 930 136.75 13.16 -20.13
C ASN BA 930 135.83 12.72 -18.99
N ALA BA 931 135.23 13.71 -18.33
CA ALA BA 931 134.45 13.45 -17.12
C ALA BA 931 133.29 12.52 -17.38
N LEU BA 932 132.79 12.47 -18.61
CA LEU BA 932 131.67 11.60 -18.93
C LEU BA 932 132.03 10.13 -18.79
N PHE BA 933 133.30 9.77 -18.87
CA PHE BA 933 133.72 8.38 -18.98
C PHE BA 933 134.75 8.03 -17.93
N ALA BA 934 134.48 8.37 -16.67
CA ALA BA 934 135.40 8.05 -15.58
C ALA BA 934 134.59 7.61 -14.37
N CYS BA 935 134.63 6.32 -14.06
CA CYS BA 935 134.02 5.80 -12.85
C CYS BA 935 135.11 5.27 -11.94
N ALA BA 936 135.09 5.70 -10.68
CA ALA BA 936 136.13 5.32 -9.74
C ALA BA 936 136.20 3.82 -9.52
N ASP BA 937 135.13 3.08 -9.81
CA ASP BA 937 135.16 1.63 -9.67
C ASP BA 937 136.04 0.97 -10.72
N HIS BA 938 136.39 1.67 -11.79
CA HIS BA 938 137.23 1.09 -12.83
C HIS BA 938 138.71 1.14 -12.49
N LEU BA 939 139.14 2.13 -11.69
CA LEU BA 939 140.54 2.22 -11.34
C LEU BA 939 141.01 1.03 -10.53
N GLY BA 940 140.10 0.26 -9.94
CA GLY BA 940 140.49 -0.97 -9.28
C GLY BA 940 141.16 -1.95 -10.21
N ALA BA 941 140.84 -1.87 -11.50
CA ALA BA 941 141.50 -2.73 -12.49
C ALA BA 941 142.99 -2.47 -12.52
N MET BA 942 143.41 -1.24 -12.26
CA MET BA 942 144.83 -0.93 -12.25
C MET BA 942 145.50 -1.57 -11.04
N ARG BA 943 146.59 -2.29 -11.28
CA ARG BA 943 147.30 -2.92 -10.19
C ARG BA 943 148.27 -1.93 -9.58
N ASP BA 944 148.65 -2.22 -8.33
CA ASP BA 944 149.63 -1.42 -7.58
C ASP BA 944 149.11 0.00 -7.34
N VAL BA 945 147.88 0.09 -6.85
CA VAL BA 945 147.24 1.37 -6.56
C VAL BA 945 147.10 1.51 -5.06
N GLY BA 946 147.55 2.64 -4.53
CA GLY BA 946 147.40 2.89 -3.11
C GLY BA 946 145.96 3.18 -2.75
N ALA BA 947 145.49 2.54 -1.68
CA ALA BA 947 144.12 2.76 -1.20
C ALA BA 947 143.85 4.21 -0.85
N GLU BA 948 144.89 5.03 -0.71
CA GLU BA 948 144.70 6.44 -0.40
C GLU BA 948 144.01 7.17 -1.54
N VAL BA 949 144.32 6.82 -2.78
CA VAL BA 949 143.77 7.55 -3.91
C VAL BA 949 142.40 7.03 -4.33
N ARG BA 950 142.11 5.75 -4.09
CA ARG BA 950 140.80 5.21 -4.45
C ARG BA 950 139.70 5.88 -3.65
N ALA BA 951 140.02 6.41 -2.47
CA ALA BA 951 139.04 7.10 -1.67
C ALA BA 951 138.78 8.53 -2.15
N ALA BA 952 139.71 9.11 -2.90
CA ALA BA 952 139.50 10.46 -3.42
C ALA BA 952 138.78 10.46 -4.75
N ALA BA 953 138.90 9.39 -5.54
CA ALA BA 953 138.29 9.33 -6.85
C ALA BA 953 136.78 9.25 -6.80
N GLN BA 954 136.19 9.08 -5.61
CA GLN BA 954 134.74 8.92 -5.52
C GLN BA 954 134.01 10.17 -5.98
N HIS BA 955 134.54 11.34 -5.67
CA HIS BA 955 133.87 12.59 -6.01
C HIS BA 955 134.52 13.34 -7.16
N VAL BA 956 135.80 13.11 -7.42
CA VAL BA 956 136.52 13.85 -8.45
C VAL BA 956 136.68 12.96 -9.67
N PRO BA 957 136.49 13.48 -10.88
CA PRO BA 957 136.83 12.71 -12.07
C PRO BA 957 138.33 12.53 -12.19
N CYS BA 958 138.73 11.33 -12.64
CA CYS BA 958 140.13 10.93 -12.64
C CYS BA 958 140.85 11.28 -13.93
N VAL BA 959 140.33 12.22 -14.71
CA VAL BA 959 140.93 12.47 -16.02
C VAL BA 959 142.33 13.04 -15.83
N PRO BA 960 143.33 12.56 -16.56
CA PRO BA 960 144.69 13.06 -16.38
C PRO BA 960 145.01 14.22 -17.33
N HIS BA 961 146.08 14.93 -17.00
CA HIS BA 961 146.43 16.15 -17.71
C HIS BA 961 147.23 15.91 -18.98
N PHE BA 962 147.26 14.68 -19.51
CA PHE BA 962 147.71 14.50 -20.88
C PHE BA 962 146.58 14.81 -21.86
N LEU BA 963 145.34 14.65 -21.40
CA LEU BA 963 144.17 14.70 -22.27
C LEU BA 963 143.27 15.89 -21.96
N GLY BA 964 143.83 16.93 -21.34
CA GLY BA 964 143.07 18.13 -21.04
C GLY BA 964 142.31 18.04 -19.74
N ALA BA 965 142.24 19.15 -19.01
CA ALA BA 965 141.52 19.21 -17.76
C ALA BA 965 140.14 19.79 -17.98
N ASN BA 966 139.41 20.04 -16.89
CA ASN BA 966 138.02 20.47 -17.01
C ASN BA 966 137.91 21.87 -17.59
N TYR BA 967 138.74 22.78 -17.11
CA TYR BA 967 138.59 24.16 -17.59
C TYR BA 967 139.05 24.36 -18.98
N TYR BA 968 139.42 23.32 -19.72
CA TYR BA 968 139.91 23.53 -21.07
C TYR BA 968 139.16 22.67 -22.08
N ALA BA 969 138.69 21.51 -21.64
CA ALA BA 969 137.98 20.60 -22.54
C ALA BA 969 136.68 21.23 -23.00
N THR BA 970 136.09 20.63 -24.04
CA THR BA 970 134.86 21.18 -24.58
C THR BA 970 133.66 20.85 -23.70
N VAL BA 971 133.50 19.59 -23.32
CA VAL BA 971 132.40 19.19 -22.46
C VAL BA 971 132.90 19.27 -21.02
N ARG BA 972 132.47 20.31 -20.31
CA ARG BA 972 132.99 20.59 -18.98
C ARG BA 972 132.32 19.68 -17.96
N GLN BA 973 132.60 19.93 -16.68
CA GLN BA 973 132.07 19.09 -15.62
C GLN BA 973 130.55 19.14 -15.49
N PRO BA 974 129.89 20.31 -15.55
CA PRO BA 974 128.46 20.33 -15.26
C PRO BA 974 127.62 19.43 -16.15
N VAL BA 975 128.01 19.21 -17.40
CA VAL BA 975 127.19 18.34 -18.24
C VAL BA 975 127.32 16.88 -17.78
N ALA BA 976 128.53 16.47 -17.39
CA ALA BA 976 128.68 15.14 -16.82
C ALA BA 976 127.97 15.01 -15.49
N GLN BA 977 127.90 16.11 -14.74
CA GLN BA 977 127.08 16.12 -13.54
C GLN BA 977 125.62 15.87 -13.89
N HIS BA 978 125.07 16.68 -14.79
CA HIS BA 978 123.67 16.52 -15.19
C HIS BA 978 123.38 15.11 -15.67
N ALA BA 979 124.33 14.50 -16.37
CA ALA BA 979 124.10 13.18 -16.94
C ALA BA 979 123.76 12.16 -15.86
N ALA BA 980 124.46 12.22 -14.73
CA ALA BA 980 124.28 11.24 -13.68
C ALA BA 980 123.37 11.71 -12.57
N GLN BA 981 122.74 12.88 -12.73
CA GLN BA 981 121.84 13.40 -11.71
C GLN BA 981 120.38 13.17 -12.02
N SER BA 982 119.96 13.36 -13.27
CA SER BA 982 118.54 13.32 -13.58
C SER BA 982 117.95 11.95 -13.28
N ARG BA 983 116.66 11.95 -12.97
CA ARG BA 983 115.91 10.72 -12.80
C ARG BA 983 114.73 10.69 -13.76
N ALA BA 984 114.92 11.21 -14.96
CA ALA BA 984 113.89 11.20 -15.98
C ALA BA 984 113.91 9.87 -16.72
N ASP BA 985 113.14 9.79 -17.79
CA ASP BA 985 113.16 8.59 -18.62
C ASP BA 985 114.42 8.57 -19.47
N GLU BA 986 114.85 7.35 -19.82
CA GLU BA 986 116.01 7.19 -20.68
C GLU BA 986 115.83 7.87 -22.03
N ASN BA 987 114.59 8.02 -22.48
CA ASN BA 987 114.33 8.61 -23.79
C ASN BA 987 114.30 10.12 -23.77
N THR BA 988 113.83 10.71 -22.67
CA THR BA 988 113.83 12.17 -22.56
C THR BA 988 115.23 12.70 -22.29
N LEU BA 989 116.02 11.96 -21.52
CA LEU BA 989 117.36 12.40 -21.18
C LEU BA 989 118.23 12.57 -22.42
N SER BA 990 118.03 11.71 -23.42
CA SER BA 990 118.80 11.80 -24.66
C SER BA 990 118.55 13.13 -25.36
N TYR BA 991 117.29 13.42 -25.65
CA TYR BA 991 116.96 14.68 -26.31
C TYR BA 991 117.38 15.86 -25.46
N ALA BA 992 117.31 15.75 -24.13
CA ALA BA 992 117.75 16.84 -23.27
C ALA BA 992 119.23 17.11 -23.46
N LEU BA 993 120.05 16.05 -23.33
CA LEU BA 993 121.49 16.19 -23.54
C LEU BA 993 121.79 16.79 -24.90
N MET BA 994 121.06 16.35 -25.93
CA MET BA 994 121.28 16.90 -27.26
C MET BA 994 120.99 18.40 -27.28
N ALA BA 995 119.84 18.79 -26.74
CA ALA BA 995 119.47 20.20 -26.73
C ALA BA 995 120.52 21.04 -26.01
N GLY BA 996 121.09 20.51 -24.95
CA GLY BA 996 122.04 21.27 -24.17
C GLY BA 996 123.42 21.31 -24.77
N TYR BA 997 123.51 21.33 -26.10
CA TYR BA 997 124.80 21.36 -26.78
C TYR BA 997 124.94 22.51 -27.77
N PHE BA 998 123.88 23.24 -28.10
CA PHE BA 998 124.00 24.34 -29.05
C PHE BA 998 124.94 25.39 -28.50
N LYS BA 999 125.62 26.08 -29.40
CA LYS BA 999 126.68 26.97 -28.97
C LYS BA 999 126.11 28.27 -28.41
N MET BA 1000 126.97 28.99 -27.70
CA MET BA 1000 126.66 30.31 -27.16
C MET BA 1000 127.57 31.30 -27.87
N SER BA 1001 127.08 31.86 -28.98
CA SER BA 1001 127.85 32.77 -29.77
C SER BA 1001 126.91 33.73 -30.48
N PRO BA 1002 127.29 35.01 -30.61
CA PRO BA 1002 126.45 35.97 -31.33
C PRO BA 1002 126.10 35.54 -32.74
N VAL BA 1003 126.74 34.51 -33.29
CA VAL BA 1003 126.35 34.01 -34.60
C VAL BA 1003 125.37 32.85 -34.47
N ALA BA 1004 125.49 32.03 -33.44
CA ALA BA 1004 124.51 30.98 -33.23
C ALA BA 1004 123.16 31.55 -32.81
N PHE BA 1005 123.17 32.66 -32.08
CA PHE BA 1005 121.94 33.19 -31.54
C PHE BA 1005 121.00 33.65 -32.63
N THR BA 1006 121.52 34.19 -33.73
CA THR BA 1006 120.66 34.54 -34.85
C THR BA 1006 119.93 33.35 -35.43
N HIS BA 1007 120.29 32.14 -35.01
CA HIS BA 1007 119.55 30.94 -35.39
C HIS BA 1007 118.68 30.41 -34.26
N GLN BA 1008 119.24 30.27 -33.05
CA GLN BA 1008 118.44 29.72 -31.97
C GLN BA 1008 117.28 30.64 -31.59
N LEU BA 1009 117.46 31.94 -31.68
CA LEU BA 1009 116.43 32.85 -31.21
C LEU BA 1009 115.29 33.00 -32.19
N ARG BA 1010 115.32 32.30 -33.33
CA ARG BA 1010 114.26 32.40 -34.33
C ARG BA 1010 113.69 31.05 -34.71
N ARG BA 1011 113.95 30.01 -33.94
CA ARG BA 1011 113.33 28.71 -34.13
C ARG BA 1011 112.70 28.22 -32.84
N GLN BA 1012 112.33 29.15 -31.96
CA GLN BA 1012 111.66 28.84 -30.70
C GLN BA 1012 112.48 27.87 -29.85
N LEU BA 1013 113.75 28.19 -29.67
CA LEU BA 1013 114.61 27.44 -28.77
C LEU BA 1013 114.94 28.30 -27.56
N HIS BA 1014 114.84 27.71 -26.38
CA HIS BA 1014 115.04 28.44 -25.13
C HIS BA 1014 116.43 28.15 -24.61
N PRO BA 1015 117.37 29.07 -24.74
CA PRO BA 1015 118.70 28.83 -24.16
C PRO BA 1015 118.65 28.95 -22.64
N GLY BA 1016 119.79 28.83 -21.98
CA GLY BA 1016 119.81 28.81 -20.53
C GLY BA 1016 119.69 30.16 -19.87
N PHE BA 1017 118.98 31.10 -20.51
CA PHE BA 1017 118.90 32.46 -20.05
C PHE BA 1017 117.54 32.75 -19.42
N ALA BA 1018 117.44 33.93 -18.84
CA ALA BA 1018 116.17 34.46 -18.36
C ALA BA 1018 116.31 35.98 -18.37
N LEU BA 1019 115.76 36.62 -19.38
CA LEU BA 1019 115.94 38.05 -19.50
C LEU BA 1019 114.96 38.81 -18.63
N THR BA 1020 115.27 40.08 -18.38
CA THR BA 1020 114.37 40.99 -17.68
C THR BA 1020 114.25 42.27 -18.52
N VAL BA 1021 113.08 42.46 -19.10
CA VAL BA 1021 112.84 43.65 -19.92
C VAL BA 1021 112.66 44.85 -19.01
N VAL BA 1022 113.13 46.00 -19.44
CA VAL BA 1022 112.96 47.25 -18.71
C VAL BA 1022 112.54 48.33 -19.69
N ARG BA 1023 111.59 49.17 -19.28
CA ARG BA 1023 111.19 50.32 -20.07
C ARG BA 1023 110.67 51.39 -19.14
N GLN BA 1024 110.67 52.63 -19.62
CA GLN BA 1024 110.22 53.78 -18.84
C GLN BA 1024 109.18 54.56 -19.62
N ASP BA 1025 108.09 54.94 -18.95
CA ASP BA 1025 107.00 55.64 -19.59
C ASP BA 1025 106.69 56.92 -18.84
N ARG BA 1026 106.00 57.82 -19.53
CA ARG BA 1026 105.65 59.13 -18.98
C ARG BA 1026 104.14 59.30 -18.94
N PHE BA 1027 103.66 59.96 -17.89
CA PHE BA 1027 102.24 60.22 -17.71
C PHE BA 1027 102.00 61.71 -17.58
N ALA BA 1028 100.90 62.18 -18.17
CA ALA BA 1028 100.45 63.56 -18.00
C ALA BA 1028 99.37 63.58 -16.94
N THR BA 1029 99.59 64.34 -15.87
CA THR BA 1029 98.72 64.31 -14.72
C THR BA 1029 98.18 65.70 -14.41
N GLU BA 1030 96.89 65.76 -14.07
CA GLU BA 1030 96.29 66.99 -13.59
C GLU BA 1030 96.66 67.17 -12.12
N ASN BA 1031 97.21 68.32 -11.78
CA ASN BA 1031 97.73 68.55 -10.44
C ASN BA 1031 96.81 69.50 -9.66
N VAL BA 1032 97.04 69.54 -8.35
CA VAL BA 1032 96.34 70.45 -7.45
C VAL BA 1032 97.44 71.12 -6.63
N LEU BA 1033 97.79 72.35 -7.00
CA LEU BA 1033 98.87 73.06 -6.33
C LEU BA 1033 98.29 73.97 -5.26
N PHE BA 1034 99.02 74.12 -4.16
CA PHE BA 1034 98.67 75.04 -3.10
C PHE BA 1034 99.81 76.02 -2.89
N ALA BA 1035 99.49 77.17 -2.31
CA ALA BA 1035 100.48 78.17 -1.96
C ALA BA 1035 99.95 79.00 -0.79
N GLU BA 1036 100.88 79.55 -0.02
CA GLU BA 1036 100.49 80.28 1.17
C GLU BA 1036 100.30 81.76 0.83
N LYS BA 1037 99.89 82.54 1.84
CA LYS BA 1037 99.56 83.94 1.66
C LYS BA 1037 100.73 84.73 1.07
N ALA BA 1038 101.81 84.87 1.81
CA ALA BA 1038 102.99 85.56 1.30
C ALA BA 1038 104.00 84.49 0.87
N SER BA 1039 103.70 83.86 -0.28
CA SER BA 1039 104.57 82.80 -0.75
C SER BA 1039 105.95 83.34 -1.10
N GLU BA 1040 106.01 84.49 -1.76
CA GLU BA 1040 107.29 85.02 -2.21
C GLU BA 1040 107.12 86.47 -2.61
N SER BA 1041 108.20 87.25 -2.47
CA SER BA 1041 108.19 88.65 -2.84
C SER BA 1041 108.64 88.82 -4.28
N TYR BA 1042 108.01 89.78 -4.96
CA TYR BA 1042 108.01 89.83 -6.42
C TYR BA 1042 108.14 91.29 -6.85
N PHE BA 1043 109.31 91.66 -7.36
CA PHE BA 1043 109.65 93.05 -7.63
C PHE BA 1043 109.46 93.35 -9.12
N MET BA 1044 108.47 94.17 -9.44
CA MET BA 1044 108.19 94.56 -10.81
C MET BA 1044 108.97 95.83 -11.16
N GLY BA 1045 109.69 95.79 -12.27
CA GLY BA 1045 110.54 96.88 -12.70
C GLY BA 1045 109.81 97.92 -13.53
N GLN BA 1046 110.57 98.58 -14.41
CA GLN BA 1046 110.04 99.62 -15.28
C GLN BA 1046 110.17 99.20 -16.73
N MET BA 1047 109.24 99.68 -17.55
CA MET BA 1047 109.15 99.26 -18.93
C MET BA 1047 110.18 99.97 -19.79
N GLN BA 1048 110.69 99.28 -20.80
CA GLN BA 1048 111.65 99.83 -21.74
C GLN BA 1048 111.25 99.46 -23.15
N VAL BA 1049 111.64 100.30 -24.11
CA VAL BA 1049 111.38 100.05 -25.51
C VAL BA 1049 112.71 99.90 -26.24
N ALA BA 1050 112.64 99.33 -27.44
CA ALA BA 1050 113.80 99.21 -28.32
C ALA BA 1050 113.34 99.63 -29.71
N ARG BA 1051 113.43 100.93 -29.98
CA ARG BA 1051 113.00 101.48 -31.26
C ARG BA 1051 113.91 100.97 -32.36
N THR BA 1052 113.36 100.15 -33.25
CA THR BA 1052 114.15 99.57 -34.33
C THR BA 1052 113.24 99.30 -35.52
N GLU BA 1053 113.75 99.63 -36.71
CA GLU BA 1053 113.02 99.41 -37.95
C GLU BA 1053 113.70 98.32 -38.77
N SER BA 1054 112.88 97.54 -39.47
CA SER BA 1054 113.39 96.43 -40.27
C SER BA 1054 112.48 96.24 -41.48
N GLY BA 1055 113.06 96.30 -42.67
CA GLY BA 1055 112.34 96.03 -43.90
C GLY BA 1055 111.10 96.86 -44.12
N GLY BA 1056 111.23 98.18 -43.99
CA GLY BA 1056 110.09 99.06 -44.18
C GLY BA 1056 109.03 98.94 -43.09
N GLY BA 1057 109.44 98.62 -41.86
CA GLY BA 1057 108.51 98.48 -40.76
C GLY BA 1057 109.13 98.73 -39.41
N LEU BA 1058 108.48 99.56 -38.59
CA LEU BA 1058 108.92 99.78 -37.22
C LEU BA 1058 108.64 98.53 -36.39
N HIS BA 1059 109.69 97.93 -35.86
CA HIS BA 1059 109.58 96.75 -35.00
C HIS BA 1059 110.22 97.09 -33.66
N LEU BA 1060 109.42 97.65 -32.77
CA LEU BA 1060 109.88 97.97 -31.42
C LEU BA 1060 109.28 96.99 -30.44
N GLN BA 1061 110.11 96.50 -29.52
CA GLN BA 1061 109.69 95.50 -28.55
C GLN BA 1061 109.67 96.09 -27.15
N LEU BA 1062 109.01 95.39 -26.25
CA LEU BA 1062 108.81 95.85 -24.88
C LEU BA 1062 109.45 94.88 -23.90
N THR BA 1063 109.86 95.40 -22.75
CA THR BA 1063 110.60 94.63 -21.76
C THR BA 1063 110.35 95.21 -20.37
N GLN BA 1064 110.38 94.34 -19.37
CA GLN BA 1064 110.16 94.75 -17.99
C GLN BA 1064 110.89 93.75 -17.10
N PRO BA 1065 112.08 94.08 -16.62
CA PRO BA 1065 112.83 93.13 -15.78
C PRO BA 1065 112.09 92.85 -14.48
N ARG BA 1066 112.31 91.65 -13.96
CA ARG BA 1066 111.63 91.22 -12.74
C ARG BA 1066 112.61 90.44 -11.86
N ALA BA 1067 112.16 90.14 -10.65
CA ALA BA 1067 112.93 89.32 -9.73
C ALA BA 1067 111.98 88.79 -8.66
N ASN BA 1068 112.31 87.61 -8.12
CA ASN BA 1068 111.46 86.97 -7.13
C ASN BA 1068 112.32 86.28 -6.09
N VAL BA 1069 111.80 86.23 -4.87
CA VAL BA 1069 112.50 85.60 -3.75
C VAL BA 1069 111.46 85.08 -2.78
N ASP BA 1070 111.70 83.87 -2.28
CA ASP BA 1070 110.73 83.18 -1.42
C ASP BA 1070 111.02 83.57 0.03
N LEU BA 1071 110.10 84.30 0.64
CA LEU BA 1071 110.31 84.77 2.00
C LEU BA 1071 109.72 83.81 3.03
N GLY BA 1072 110.01 82.52 2.86
CA GLY BA 1072 109.49 81.52 3.76
C GLY BA 1072 110.53 80.52 4.22
N VAL BA 1073 110.79 80.48 5.53
CA VAL BA 1073 111.65 79.45 6.08
C VAL BA 1073 110.92 78.11 5.97
N GLY BA 1074 111.61 77.11 5.44
CA GLY BA 1074 110.96 75.85 5.14
C GLY BA 1074 110.06 76.00 3.92
N PHE BA 1075 109.48 74.89 3.51
CA PHE BA 1075 108.67 74.89 2.31
C PHE BA 1075 107.46 75.78 2.49
N THR BA 1076 107.03 76.40 1.39
CA THR BA 1076 105.88 77.28 1.41
C THR BA 1076 104.88 76.98 0.30
N ALA BA 1077 105.09 75.93 -0.49
CA ALA BA 1077 104.14 75.54 -1.52
C ALA BA 1077 104.27 74.05 -1.77
N ALA BA 1078 103.12 73.39 -1.86
CA ALA BA 1078 103.09 71.96 -2.15
C ALA BA 1078 102.05 71.70 -3.22
N TYR BA 1079 102.19 70.56 -3.89
CA TYR BA 1079 101.27 70.17 -4.94
C TYR BA 1079 101.10 68.67 -4.92
N ALA BA 1080 100.12 68.19 -5.67
CA ALA BA 1080 99.85 66.75 -5.70
C ALA BA 1080 99.19 66.40 -7.03
N ALA BA 1081 99.39 65.16 -7.45
CA ALA BA 1081 98.79 64.65 -8.67
C ALA BA 1081 97.41 64.10 -8.34
N ALA BA 1082 96.37 64.76 -8.84
CA ALA BA 1082 95.01 64.37 -8.49
C ALA BA 1082 94.47 63.29 -9.40
N ALA BA 1083 94.40 63.57 -10.70
CA ALA BA 1083 93.80 62.65 -11.66
C ALA BA 1083 94.82 62.24 -12.71
N LEU BA 1084 94.35 61.49 -13.69
CA LEU BA 1084 95.21 60.88 -14.70
C LEU BA 1084 94.65 61.24 -16.07
N ARG BA 1085 95.43 61.98 -16.85
CA ARG BA 1085 95.09 62.20 -18.24
C ARG BA 1085 95.67 61.08 -19.09
N ALA BA 1086 95.57 61.20 -20.41
CA ALA BA 1086 96.11 60.17 -21.28
C ALA BA 1086 97.63 60.14 -21.18
N PRO BA 1087 98.24 58.97 -21.02
CA PRO BA 1087 99.70 58.89 -21.02
C PRO BA 1087 100.26 59.39 -22.34
N VAL BA 1088 101.44 60.00 -22.26
CA VAL BA 1088 102.00 60.63 -23.46
C VAL BA 1088 102.73 59.64 -24.33
N THR BA 1089 103.41 58.66 -23.74
CA THR BA 1089 104.10 57.64 -24.51
C THR BA 1089 103.37 56.31 -24.35
N ASP BA 1090 103.49 55.46 -25.36
CA ASP BA 1090 102.83 54.17 -25.31
C ASP BA 1090 103.63 53.21 -24.45
N MET BA 1091 103.18 51.95 -24.41
CA MET BA 1091 103.89 50.88 -23.72
C MET BA 1091 104.38 49.83 -24.70
N GLY BA 1092 104.33 50.10 -26.00
CA GLY BA 1092 104.60 49.09 -27.00
C GLY BA 1092 106.01 48.54 -26.91
N ASN BA 1093 106.23 47.48 -27.68
CA ASN BA 1093 107.52 46.82 -27.70
C ASN BA 1093 108.46 47.53 -28.68
N LEU BA 1094 109.70 47.70 -28.27
CA LEU BA 1094 110.73 48.24 -29.15
C LEU BA 1094 112.08 47.77 -28.64
N PRO BA 1095 112.65 46.74 -29.25
CA PRO BA 1095 113.99 46.32 -28.85
C PRO BA 1095 115.02 47.32 -29.34
N GLN BA 1096 115.90 47.73 -28.44
CA GLN BA 1096 116.96 48.64 -28.82
C GLN BA 1096 118.00 47.88 -29.62
N ASN BA 1097 118.56 48.53 -30.63
CA ASN BA 1097 119.59 47.93 -31.46
C ASN BA 1097 120.94 48.49 -31.00
N LEU BA 1098 121.76 47.64 -30.40
CA LEU BA 1098 123.07 48.06 -29.94
C LEU BA 1098 124.05 48.32 -31.08
N PHE BA 1099 123.68 48.01 -32.32
CA PHE BA 1099 124.56 48.32 -33.43
C PHE BA 1099 124.63 49.80 -33.74
N ALA BA 1100 123.98 50.63 -32.93
CA ALA BA 1100 124.16 52.06 -33.02
C ALA BA 1100 125.46 52.48 -32.37
N THR BA 1101 125.62 52.20 -31.08
CA THR BA 1101 126.76 52.69 -30.31
C THR BA 1101 128.08 52.27 -30.95
N ARG BA 1102 129.13 53.03 -30.64
CA ARG BA 1102 130.42 52.88 -31.29
C ARG BA 1102 131.53 52.42 -30.37
N GLY BA 1103 131.28 52.35 -29.06
CA GLY BA 1103 132.30 51.89 -28.14
C GLY BA 1103 132.35 50.38 -27.99
N ALA BA 1104 132.87 49.69 -29.01
CA ALA BA 1104 132.94 48.23 -28.96
C ALA BA 1104 133.94 47.74 -29.99
N PRO BA 1105 134.73 46.71 -29.67
CA PRO BA 1105 135.66 46.18 -30.66
C PRO BA 1105 134.92 45.35 -31.68
N PRO BA 1106 135.41 45.28 -32.92
CA PRO BA 1106 134.73 44.52 -33.95
C PRO BA 1106 135.14 43.06 -33.97
N MET BA 1107 134.23 42.22 -34.47
CA MET BA 1107 134.53 40.80 -34.61
C MET BA 1107 135.67 40.60 -35.60
N LEU BA 1108 136.41 39.50 -35.41
CA LEU BA 1108 137.67 39.33 -36.13
C LEU BA 1108 137.46 39.27 -37.63
N ASP BA 1109 136.76 38.23 -38.10
CA ASP BA 1109 136.60 38.03 -39.53
C ASP BA 1109 135.63 39.06 -40.10
N ALA BA 1110 136.10 39.85 -41.06
CA ALA BA 1110 135.27 40.91 -41.62
C ALA BA 1110 134.00 40.34 -42.25
N ASP BA 1111 134.11 39.20 -42.94
CA ASP BA 1111 132.93 38.60 -43.53
C ASP BA 1111 131.90 38.20 -42.49
N ALA BA 1112 132.33 37.99 -41.24
CA ALA BA 1112 131.42 37.59 -40.19
C ALA BA 1112 130.66 38.77 -39.59
N ASP BA 1113 131.20 39.97 -39.69
CA ASP BA 1113 130.52 41.13 -39.13
C ASP BA 1113 129.29 41.49 -39.95
N ASP BA 1114 129.50 41.76 -41.24
CA ASP BA 1114 128.38 42.23 -42.07
C ASP BA 1114 127.27 41.21 -42.18
N TYR BA 1115 127.56 39.92 -41.95
CA TYR BA 1115 126.48 38.95 -41.83
C TYR BA 1115 125.60 39.29 -40.63
N LEU BA 1116 126.22 39.63 -39.49
CA LEU BA 1116 125.45 40.02 -38.32
C LEU BA 1116 124.60 41.25 -38.60
N ARG BA 1117 125.21 42.29 -39.16
CA ARG BA 1117 124.44 43.49 -39.49
C ARG BA 1117 123.29 43.17 -40.43
N ARG BA 1118 123.53 42.30 -41.42
CA ARG BA 1118 122.48 41.97 -42.37
C ARG BA 1118 121.32 41.26 -41.69
N THR BA 1119 121.61 40.31 -40.80
CA THR BA 1119 120.55 39.57 -40.14
C THR BA 1119 120.02 40.24 -38.88
N VAL BA 1120 120.52 41.43 -38.54
CA VAL BA 1120 120.00 42.16 -37.40
C VAL BA 1120 119.30 43.45 -37.81
N ASN BA 1121 119.60 43.99 -38.99
CA ASN BA 1121 118.96 45.20 -39.49
C ASN BA 1121 117.93 44.89 -40.55
N ALA BA 1122 117.19 43.79 -40.38
CA ALA BA 1122 116.12 43.46 -41.30
C ALA BA 1122 115.01 44.50 -41.25
N GLY BA 1123 114.37 44.64 -40.09
CA GLY BA 1123 113.23 45.54 -40.01
C GLY BA 1123 113.08 46.29 -38.71
N ASN BA 1124 114.11 46.25 -37.85
CA ASN BA 1124 114.04 47.00 -36.60
C ASN BA 1124 114.12 48.49 -36.91
N ARG BA 1125 113.16 49.26 -36.39
CA ARG BA 1125 113.06 50.67 -36.72
C ARG BA 1125 114.25 51.47 -36.24
N LEU BA 1126 115.07 50.94 -35.34
CA LEU BA 1126 116.24 51.64 -34.85
C LEU BA 1126 117.44 51.48 -35.76
N ALA BA 1127 117.33 50.69 -36.82
CA ALA BA 1127 118.45 50.46 -37.71
C ALA BA 1127 118.88 51.78 -38.35
N PRO BA 1128 120.11 52.22 -38.14
CA PRO BA 1128 120.52 53.52 -38.67
C PRO BA 1128 120.61 53.49 -40.18
N VAL BA 1129 120.39 54.65 -40.79
CA VAL BA 1129 120.54 54.80 -42.22
C VAL BA 1129 121.96 55.29 -42.47
N PRO BA 1130 122.68 54.74 -43.46
CA PRO BA 1130 124.09 55.12 -43.63
C PRO BA 1130 124.30 56.48 -44.27
N VAL BA 1131 123.27 57.06 -44.87
CA VAL BA 1131 123.41 58.35 -45.53
C VAL BA 1131 123.30 59.48 -44.51
N PHE BA 1132 124.31 60.34 -44.50
CA PHE BA 1132 124.44 61.54 -43.67
C PHE BA 1132 124.32 61.26 -42.17
N GLY BA 1133 124.28 60.00 -41.76
CA GLY BA 1133 124.05 59.70 -40.36
C GLY BA 1133 124.66 58.40 -39.92
N GLN BA 1134 125.14 58.36 -38.67
CA GLN BA 1134 125.79 57.17 -38.14
C GLN BA 1134 124.93 56.41 -37.14
N MET BA 1135 124.00 57.09 -36.47
CA MET BA 1135 123.15 56.42 -35.49
C MET BA 1135 121.70 56.92 -35.56
N LEU BA 1136 121.32 57.62 -36.62
CA LEU BA 1136 120.02 58.27 -36.71
C LEU BA 1136 119.08 57.40 -37.51
N PRO BA 1137 118.16 56.69 -36.89
CA PRO BA 1137 117.22 55.86 -37.65
C PRO BA 1137 116.33 56.71 -38.53
N GLN BA 1138 115.87 56.11 -39.64
CA GLN BA 1138 115.07 56.84 -40.61
C GLN BA 1138 113.81 57.37 -39.97
N VAL BA 1139 113.51 58.64 -40.22
CA VAL BA 1139 112.33 59.26 -39.62
C VAL BA 1139 111.10 58.52 -40.14
N PRO BA 1140 110.28 57.96 -39.25
CA PRO BA 1140 109.21 57.07 -39.71
C PRO BA 1140 108.07 57.87 -40.32
N ALA BA 1141 107.12 57.12 -40.89
CA ALA BA 1141 105.86 57.69 -41.34
C ALA BA 1141 105.00 57.95 -40.11
N GLY BA 1142 103.73 58.28 -40.34
CA GLY BA 1142 102.82 58.59 -39.25
C GLY BA 1142 102.85 57.58 -38.12
N LEU BA 1143 103.10 58.06 -36.92
CA LEU BA 1143 103.09 57.22 -35.73
C LEU BA 1143 101.70 57.20 -35.13
N ALA BA 1144 101.43 56.17 -34.33
CA ALA BA 1144 100.06 55.90 -33.93
C ALA BA 1144 99.68 56.55 -32.61
N ARG BA 1145 100.36 56.18 -31.53
CA ARG BA 1145 99.83 56.42 -30.20
C ARG BA 1145 100.74 57.25 -29.31
N GLY BA 1146 101.86 57.75 -29.84
CA GLY BA 1146 102.73 58.62 -29.09
C GLY BA 1146 104.17 58.16 -29.16
N GLN BA 1147 104.99 58.70 -28.26
CA GLN BA 1147 106.39 58.32 -28.19
C GLN BA 1147 106.50 56.81 -27.98
N GLN BA 1148 107.35 56.18 -28.78
CA GLN BA 1148 107.57 54.74 -28.64
C GLN BA 1148 108.69 54.51 -27.63
N SER BA 1149 108.41 53.70 -26.61
CA SER BA 1149 109.40 53.48 -25.58
C SER BA 1149 110.56 52.63 -26.11
N VAL BA 1150 111.58 52.49 -25.29
CA VAL BA 1150 112.77 51.71 -25.62
C VAL BA 1150 112.95 50.66 -24.54
N CYS BA 1151 112.95 49.40 -24.95
CA CYS BA 1151 113.04 48.28 -24.01
C CYS BA 1151 114.46 47.74 -23.95
N GLU BA 1152 114.78 47.10 -22.83
CA GLU BA 1152 116.12 46.62 -22.58
C GLU BA 1152 116.10 45.14 -22.21
N PHE BA 1153 117.28 44.56 -22.06
CA PHE BA 1153 117.38 43.14 -21.76
C PHE BA 1153 118.62 42.90 -20.91
N ILE BA 1154 118.43 42.19 -19.80
CA ILE BA 1154 119.50 41.87 -18.87
C ILE BA 1154 119.49 40.36 -18.67
N ALA BA 1155 120.59 39.70 -18.99
CA ALA BA 1155 120.66 38.25 -18.85
C ALA BA 1155 120.71 37.86 -17.39
N THR BA 1156 119.89 36.90 -17.00
CA THR BA 1156 119.81 36.45 -15.62
C THR BA 1156 119.71 34.93 -15.62
N PRO BA 1157 120.13 34.29 -14.54
CA PRO BA 1157 119.98 32.84 -14.46
C PRO BA 1157 118.51 32.45 -14.36
N VAL BA 1158 118.19 31.28 -14.91
CA VAL BA 1158 116.80 30.84 -14.92
C VAL BA 1158 116.29 30.59 -13.51
N SER BA 1159 117.15 30.14 -12.63
CA SER BA 1159 116.71 29.75 -11.29
C SER BA 1159 116.28 30.93 -10.44
N VAL BA 1160 116.21 32.17 -10.93
CA VAL BA 1160 115.73 33.27 -10.10
C VAL BA 1160 114.27 33.04 -9.80
N ASP BA 1161 113.87 33.36 -8.56
CA ASP BA 1161 112.49 33.12 -8.14
C ASP BA 1161 111.60 34.25 -8.60
N LEU BA 1162 110.34 33.89 -8.91
CA LEU BA 1162 109.39 34.91 -9.33
C LEU BA 1162 109.01 35.82 -8.17
N ALA BA 1163 109.11 35.33 -6.94
CA ALA BA 1163 108.74 36.12 -5.76
C ALA BA 1163 109.61 37.36 -5.63
N TYR BA 1164 110.60 37.51 -6.50
CA TYR BA 1164 111.39 38.73 -6.56
C TYR BA 1164 110.81 39.75 -7.52
N PHE BA 1165 109.90 39.33 -8.41
CA PHE BA 1165 109.27 40.26 -9.32
C PHE BA 1165 107.82 40.59 -8.97
N ARG BA 1166 107.19 39.81 -8.09
CA ARG BA 1166 105.81 40.10 -7.71
C ARG BA 1166 105.70 41.47 -7.06
N ARG BA 1167 106.55 41.74 -6.08
CA ARG BA 1167 106.58 43.05 -5.45
C ARG BA 1167 107.42 44.00 -6.29
N ALA BA 1168 107.59 45.23 -5.80
CA ALA BA 1168 108.53 46.14 -6.42
C ALA BA 1168 109.96 45.64 -6.21
N CYS BA 1169 110.79 45.87 -7.21
CA CYS BA 1169 112.11 45.26 -7.23
C CYS BA 1169 113.10 46.25 -7.82
N ASN BA 1170 114.33 45.76 -8.04
CA ASN BA 1170 115.39 46.51 -8.67
C ASN BA 1170 115.96 45.63 -9.77
N PRO BA 1171 116.19 46.17 -10.97
CA PRO BA 1171 116.68 45.32 -12.06
C PRO BA 1171 118.05 44.75 -11.81
N ARG BA 1172 118.83 45.37 -10.93
CA ARG BA 1172 120.19 44.91 -10.67
C ARG BA 1172 120.26 43.68 -9.79
N GLY BA 1173 119.13 43.21 -9.28
CA GLY BA 1173 119.15 42.06 -8.40
C GLY BA 1173 119.87 42.32 -7.10
N ARG BA 1174 120.11 43.59 -6.79
CA ARG BA 1174 120.74 43.96 -5.53
C ARG BA 1174 120.40 45.42 -5.26
N ALA BA 1175 119.61 45.67 -4.22
CA ALA BA 1175 119.18 47.02 -3.92
C ALA BA 1175 120.37 47.93 -3.68
N ALA BA 1176 120.20 49.20 -4.03
CA ALA BA 1176 121.27 50.18 -3.93
C ALA BA 1176 120.66 51.56 -3.74
N GLY BA 1177 121.52 52.56 -3.69
CA GLY BA 1177 121.09 53.93 -3.62
C GLY BA 1177 121.45 54.59 -2.30
N GLU BA 1178 121.33 55.92 -2.30
CA GLU BA 1178 121.69 56.70 -1.12
C GLU BA 1178 120.73 56.47 0.03
N VAL BA 1179 119.47 56.13 -0.27
CA VAL BA 1179 118.49 55.97 0.81
C VAL BA 1179 118.86 54.83 1.72
N HIS BA 1180 119.53 53.81 1.18
CA HIS BA 1180 120.09 52.74 2.00
C HIS BA 1180 121.51 53.05 2.45
N GLY BA 1181 122.02 54.24 2.13
CA GLY BA 1181 123.22 54.79 2.73
C GLY BA 1181 124.49 53.96 2.64
N GLU BA 1182 125.51 54.38 3.38
CA GLU BA 1182 126.71 53.60 3.66
C GLU BA 1182 127.65 53.48 2.47
N GLU BA 1183 127.19 53.88 1.28
CA GLU BA 1183 128.08 54.18 0.17
C GLU BA 1183 128.92 52.99 -0.32
N GLY BA 1184 128.83 51.85 0.36
CA GLY BA 1184 129.71 50.74 0.02
C GLY BA 1184 128.95 49.52 -0.46
N LEU BA 1185 127.67 49.46 -0.12
CA LEU BA 1185 126.81 48.34 -0.47
C LEU BA 1185 126.55 48.26 -1.97
N MET BA 1186 126.91 49.28 -2.73
CA MET BA 1186 126.52 49.31 -4.14
C MET BA 1186 127.24 48.23 -4.94
N PHE BA 1187 128.46 47.85 -4.54
CA PHE BA 1187 129.19 46.83 -5.29
C PHE BA 1187 129.84 45.74 -4.46
N ASP BA 1188 129.96 45.88 -3.14
CA ASP BA 1188 130.55 44.81 -2.33
C ASP BA 1188 129.66 43.58 -2.35
N HIS BA 1189 130.24 42.45 -1.94
CA HIS BA 1189 129.44 41.24 -1.82
C HIS BA 1189 129.81 40.45 -0.57
N SER BA 1190 130.49 41.07 0.39
CA SER BA 1190 130.67 40.53 1.71
C SER BA 1190 129.56 40.94 2.66
N HIS BA 1191 128.53 41.61 2.15
CA HIS BA 1191 127.47 42.16 2.97
C HIS BA 1191 126.12 41.75 2.43
N ALA BA 1192 125.23 41.36 3.33
CA ALA BA 1192 123.90 40.93 2.93
C ALA BA 1192 123.17 42.04 2.19
N ASP BA 1193 122.54 41.66 1.09
CA ASP BA 1193 121.72 42.59 0.34
C ASP BA 1193 120.60 43.11 1.23
N PRO BA 1194 120.58 44.41 1.55
CA PRO BA 1194 119.60 44.90 2.53
C PRO BA 1194 118.16 44.60 2.16
N ALA BA 1195 117.83 44.58 0.87
CA ALA BA 1195 116.44 44.34 0.48
C ALA BA 1195 116.03 42.89 0.72
N HIS BA 1196 116.99 41.96 0.71
CA HIS BA 1196 116.68 40.54 0.90
C HIS BA 1196 117.85 39.88 1.62
N PRO BA 1197 117.87 39.94 2.95
CA PRO BA 1197 119.04 39.45 3.69
C PRO BA 1197 119.29 37.96 3.55
N HIS BA 1198 118.34 37.18 3.03
CA HIS BA 1198 118.57 35.74 2.87
C HIS BA 1198 119.81 35.48 2.04
N ARG BA 1199 119.99 36.25 0.98
CA ARG BA 1199 121.06 36.05 0.01
C ARG BA 1199 121.85 37.34 -0.13
N ALA BA 1200 122.89 37.29 -0.94
CA ALA BA 1200 123.70 38.46 -1.22
C ALA BA 1200 123.34 39.12 -2.54
N THR BA 1201 122.73 38.39 -3.46
CA THR BA 1201 122.21 38.95 -4.69
C THR BA 1201 121.24 37.96 -5.31
N ALA BA 1202 120.40 38.46 -6.20
CA ALA BA 1202 119.51 37.60 -6.97
C ALA BA 1202 120.01 37.39 -8.38
N ASN BA 1203 121.01 38.14 -8.83
CA ASN BA 1203 121.58 38.00 -10.16
C ASN BA 1203 123.08 38.20 -10.06
N PRO BA 1204 123.87 37.13 -10.10
CA PRO BA 1204 125.32 37.29 -10.06
C PRO BA 1204 125.88 37.90 -11.32
N TRP BA 1205 125.14 37.87 -12.42
CA TRP BA 1205 125.68 38.31 -13.70
C TRP BA 1205 125.56 39.81 -13.93
N ALA BA 1206 124.91 40.55 -13.04
CA ALA BA 1206 124.78 41.99 -13.24
C ALA BA 1206 124.92 42.81 -11.97
N SER BA 1207 125.21 42.20 -10.83
CA SER BA 1207 125.33 42.93 -9.58
C SER BA 1207 126.76 43.09 -9.12
N GLN BA 1208 127.73 42.78 -9.96
CA GLN BA 1208 129.14 42.83 -9.59
C GLN BA 1208 129.90 43.76 -10.52
N ARG BA 1209 130.94 44.39 -9.99
CA ARG BA 1209 131.76 45.27 -10.80
C ARG BA 1209 132.38 44.50 -11.94
N HIS BA 1210 132.41 45.12 -13.12
CA HIS BA 1210 132.98 44.52 -14.31
C HIS BA 1210 132.27 43.24 -14.71
N SER BA 1211 130.94 43.22 -14.54
CA SER BA 1211 130.16 42.09 -15.02
C SER BA 1211 129.78 42.32 -16.48
N TYR BA 1212 129.12 41.33 -17.07
CA TYR BA 1212 128.71 41.46 -18.47
C TYR BA 1212 127.69 42.58 -18.62
N ALA BA 1213 126.57 42.48 -17.92
CA ALA BA 1213 125.54 43.50 -18.02
C ALA BA 1213 126.03 44.85 -17.53
N ASP BA 1214 127.08 44.88 -16.71
CA ASP BA 1214 127.57 46.16 -16.20
C ASP BA 1214 128.33 46.92 -17.27
N ARG BA 1215 129.23 46.24 -17.99
CA ARG BA 1215 130.03 46.92 -19.00
C ARG BA 1215 129.18 47.45 -20.15
N LEU BA 1216 127.89 47.12 -20.21
CA LEU BA 1216 127.04 47.62 -21.27
C LEU BA 1216 126.31 48.89 -20.88
N TYR BA 1217 125.76 48.93 -19.66
CA TYR BA 1217 124.84 49.99 -19.28
C TYR BA 1217 125.45 51.05 -18.40
N ASN BA 1218 126.49 50.72 -17.63
CA ASN BA 1218 127.10 51.72 -16.76
C ASN BA 1218 127.62 52.88 -17.59
N GLY BA 1219 127.80 54.02 -16.92
CA GLY BA 1219 128.12 55.24 -17.62
C GLY BA 1219 129.60 55.56 -17.64
N GLN BA 1220 130.31 55.18 -16.58
CA GLN BA 1220 131.73 55.47 -16.51
C GLN BA 1220 132.53 54.74 -17.58
N TYR BA 1221 131.93 53.74 -18.24
CA TYR BA 1221 132.62 52.98 -19.26
C TYR BA 1221 132.21 53.39 -20.68
N ASN BA 1222 131.27 54.32 -20.80
CA ASN BA 1222 131.02 55.06 -22.04
C ASN BA 1222 130.68 54.13 -23.20
N MET BA 1223 129.50 53.51 -23.07
CA MET BA 1223 128.92 52.77 -24.20
C MET BA 1223 127.63 53.44 -24.64
N SER BA 1224 127.65 54.76 -24.78
CA SER BA 1224 126.45 55.53 -25.07
C SER BA 1224 126.14 55.54 -26.57
N GLY BA 1225 124.93 56.02 -26.88
CA GLY BA 1225 124.47 56.18 -28.24
C GLY BA 1225 123.33 57.19 -28.26
N PRO BA 1226 122.51 57.17 -29.31
CA PRO BA 1226 121.38 58.08 -29.36
C PRO BA 1226 120.18 57.59 -28.56
N ALA BA 1227 119.98 56.28 -28.53
CA ALA BA 1227 118.82 55.70 -27.89
C ALA BA 1227 118.94 55.81 -26.38
N TYR BA 1228 117.98 56.48 -25.74
CA TYR BA 1228 117.95 56.58 -24.29
C TYR BA 1228 118.01 55.19 -23.67
N SER BA 1229 118.61 55.10 -22.50
CA SER BA 1229 118.74 53.83 -21.81
C SER BA 1229 117.95 53.87 -20.51
N PRO BA 1230 116.83 53.16 -20.41
CA PRO BA 1230 116.04 53.21 -19.17
C PRO BA 1230 116.79 52.68 -17.98
N CYS BA 1231 117.62 51.67 -18.17
CA CYS BA 1231 118.39 51.10 -17.07
C CYS BA 1231 119.70 51.85 -16.84
N PHE BA 1232 119.77 53.11 -17.27
CA PHE BA 1232 120.95 53.91 -16.98
C PHE BA 1232 121.00 54.29 -15.50
N LYS BA 1233 119.93 54.88 -15.00
CA LYS BA 1233 119.91 55.38 -13.62
C LYS BA 1233 120.01 54.26 -12.60
N PHE BA 1234 119.84 53.01 -13.00
CA PHE BA 1234 119.94 51.90 -12.06
C PHE BA 1234 121.34 51.32 -11.96
N PHE BA 1235 122.23 51.69 -12.86
CA PHE BA 1235 123.59 51.15 -12.84
C PHE BA 1235 124.66 52.20 -12.59
N THR BA 1236 124.47 53.42 -13.09
CA THR BA 1236 125.44 54.49 -12.84
C THR BA 1236 125.38 54.89 -11.37
N PRO BA 1237 126.36 54.49 -10.58
CA PRO BA 1237 126.21 54.58 -9.12
C PRO BA 1237 126.50 55.94 -8.53
N ALA BA 1238 127.50 56.64 -9.05
CA ALA BA 1238 128.08 57.77 -8.34
C ALA BA 1238 127.12 58.94 -8.23
N GLU BA 1239 126.07 58.98 -9.03
CA GLU BA 1239 125.19 60.14 -9.12
C GLU BA 1239 124.37 60.39 -7.86
N ALA BA 1240 124.59 59.62 -6.79
CA ALA BA 1240 123.79 59.72 -5.58
C ALA BA 1240 124.55 60.30 -4.39
N VAL BA 1241 125.81 59.90 -4.21
CA VAL BA 1241 126.55 60.29 -3.01
C VAL BA 1241 126.59 61.79 -2.85
N ALA BA 1242 126.69 62.54 -3.95
CA ALA BA 1242 126.84 63.98 -3.89
C ALA BA 1242 125.67 64.67 -3.19
N LYS BA 1243 124.58 63.95 -2.91
CA LYS BA 1243 123.43 64.49 -2.21
C LYS BA 1243 123.34 63.93 -0.80
N SER BA 1244 124.50 63.75 -0.15
CA SER BA 1244 124.56 63.12 1.15
C SER BA 1244 123.86 63.93 2.25
N ARG BA 1245 123.33 65.10 1.93
CA ARG BA 1245 122.71 65.95 2.93
C ARG BA 1245 121.32 65.44 3.26
N GLY BA 1246 120.56 66.26 4.00
CA GLY BA 1246 119.27 65.80 4.49
C GLY BA 1246 118.30 65.53 3.37
N LEU BA 1247 117.36 64.62 3.64
CA LEU BA 1247 116.36 64.27 2.65
C LEU BA 1247 115.63 65.49 2.14
N ALA BA 1248 115.50 66.53 2.97
CA ALA BA 1248 114.89 67.77 2.52
C ALA BA 1248 115.53 68.27 1.22
N ARG BA 1249 116.86 68.20 1.15
CA ARG BA 1249 117.52 68.48 -0.12
C ARG BA 1249 117.11 67.48 -1.18
N LEU BA 1250 117.16 66.19 -0.85
CA LEU BA 1250 116.81 65.16 -1.81
C LEU BA 1250 115.34 65.20 -2.18
N ILE BA 1251 114.48 65.54 -1.22
CA ILE BA 1251 113.05 65.65 -1.52
C ILE BA 1251 112.81 66.78 -2.50
N ALA BA 1252 113.45 67.93 -2.28
CA ALA BA 1252 113.18 69.10 -3.11
C ALA BA 1252 113.55 68.89 -4.57
N ASP BA 1253 114.38 67.89 -4.87
CA ASP BA 1253 114.80 67.65 -6.25
C ASP BA 1253 113.98 66.57 -6.93
N THR BA 1254 113.39 65.64 -6.19
CA THR BA 1254 112.56 64.63 -6.80
C THR BA 1254 111.34 65.23 -7.49
N GLY BA 1255 110.90 66.41 -7.05
CA GLY BA 1255 109.72 67.01 -7.66
C GLY BA 1255 109.96 67.47 -9.08
N ALA BA 1256 111.01 68.26 -9.30
CA ALA BA 1256 111.25 68.93 -10.57
C ALA BA 1256 112.70 68.78 -10.99
N ALA BA 1257 113.22 67.55 -10.97
CA ALA BA 1257 114.65 67.34 -11.19
C ALA BA 1257 115.14 67.80 -12.56
N ALA BA 1258 114.72 67.11 -13.61
CA ALA BA 1258 115.23 67.35 -14.96
C ALA BA 1258 114.44 66.51 -15.94
N SER BA 1259 114.80 66.56 -17.22
CA SER BA 1259 114.10 65.78 -18.25
C SER BA 1259 115.11 65.10 -19.17
N PRO BA 1260 115.55 63.90 -18.83
CA PRO BA 1260 116.58 63.20 -19.61
C PRO BA 1260 116.01 62.45 -20.80
N THR BA 1261 115.23 63.14 -21.62
CA THR BA 1261 114.55 62.50 -22.74
C THR BA 1261 114.07 63.58 -23.69
N SER BA 1262 114.28 63.36 -24.99
CA SER BA 1262 113.91 64.34 -25.98
C SER BA 1262 112.44 64.21 -26.37
N ASN BA 1263 111.85 65.32 -26.77
CA ASN BA 1263 110.46 65.33 -27.24
C ASN BA 1263 110.45 65.17 -28.75
N GLY BA 1264 110.74 63.95 -29.18
CA GLY BA 1264 110.71 63.60 -30.59
C GLY BA 1264 109.84 62.40 -30.85
N GLU BA 1265 109.96 61.80 -32.03
CA GLU BA 1265 109.15 60.64 -32.36
C GLU BA 1265 109.56 59.44 -31.51
N TYR BA 1266 110.84 59.31 -31.22
CA TYR BA 1266 111.36 58.22 -30.41
C TYR BA 1266 111.89 58.75 -29.09
N GLN BA 1267 112.50 57.86 -28.32
CA GLN BA 1267 113.09 58.20 -27.03
C GLN BA 1267 114.59 58.41 -27.23
N PHE BA 1268 114.97 59.65 -27.49
CA PHE BA 1268 116.38 60.00 -27.61
C PHE BA 1268 116.81 60.80 -26.38
N LYS BA 1269 118.11 60.78 -26.13
CA LYS BA 1269 118.68 61.55 -25.04
C LYS BA 1269 118.62 63.03 -25.40
N ARG BA 1270 117.84 63.79 -24.64
CA ARG BA 1270 117.76 65.24 -24.84
C ARG BA 1270 119.15 65.81 -24.71
N PRO BA 1271 119.76 66.25 -25.81
CA PRO BA 1271 121.18 66.60 -25.78
C PRO BA 1271 121.51 67.75 -24.84
N VAL BA 1272 120.97 68.92 -25.12
CA VAL BA 1272 121.27 70.15 -24.39
C VAL BA 1272 120.05 71.05 -24.42
N GLY BA 1273 120.17 72.22 -23.78
CA GLY BA 1273 119.18 73.27 -23.95
C GLY BA 1273 118.12 73.33 -22.87
N ALA BA 1274 116.91 73.69 -23.26
CA ALA BA 1274 115.81 73.77 -22.31
C ALA BA 1274 115.46 72.39 -21.80
N GLY BA 1275 115.06 72.32 -20.55
CA GLY BA 1275 114.64 71.07 -19.93
C GLY BA 1275 113.25 71.19 -19.36
N GLU BA 1276 112.48 70.11 -19.48
CA GLU BA 1276 111.13 70.08 -18.96
C GLU BA 1276 111.20 69.69 -17.48
N LEU BA 1277 110.05 69.53 -16.85
CA LEU BA 1277 109.99 69.13 -15.45
C LEU BA 1277 109.24 67.80 -15.36
N VAL BA 1278 109.72 66.92 -14.48
CA VAL BA 1278 109.03 65.67 -14.23
C VAL BA 1278 109.44 65.10 -12.89
N GLU BA 1279 108.45 64.67 -12.09
CA GLU BA 1279 108.75 64.06 -10.81
C GLU BA 1279 109.16 62.61 -11.03
N ASP BA 1280 110.25 62.21 -10.38
CA ASP BA 1280 110.86 60.89 -10.55
C ASP BA 1280 111.07 60.29 -9.18
N PRO BA 1281 110.07 59.59 -8.63
CA PRO BA 1281 110.30 58.86 -7.38
C PRO BA 1281 111.30 57.75 -7.54
N CYS BA 1282 111.46 57.21 -8.74
CA CYS BA 1282 112.34 56.06 -8.92
C CYS BA 1282 113.79 56.43 -8.66
N ALA BA 1283 114.24 57.59 -9.14
CA ALA BA 1283 115.60 58.03 -8.85
C ALA BA 1283 115.86 58.05 -7.36
N LEU BA 1284 114.90 58.53 -6.58
CA LEU BA 1284 115.03 58.52 -5.13
C LEU BA 1284 115.05 57.09 -4.60
N PHE BA 1285 114.26 56.21 -5.19
CA PHE BA 1285 114.10 54.84 -4.70
C PHE BA 1285 114.97 53.83 -5.41
N GLN BA 1286 115.26 54.04 -6.69
CA GLN BA 1286 115.99 53.06 -7.51
C GLN BA 1286 115.27 51.72 -7.52
N GLU BA 1287 113.96 51.75 -7.69
CA GLU BA 1287 113.16 50.55 -7.82
C GLU BA 1287 112.35 50.63 -9.10
N ALA BA 1288 111.74 49.51 -9.47
CA ALA BA 1288 110.83 49.45 -10.59
C ALA BA 1288 109.50 48.84 -10.14
N TYR BA 1289 108.57 48.72 -11.08
CA TYR BA 1289 107.25 48.23 -10.75
C TYR BA 1289 106.81 47.23 -11.82
N PRO BA 1290 106.26 46.09 -11.43
CA PRO BA 1290 105.81 45.12 -12.40
C PRO BA 1290 104.40 45.44 -12.87
N PRO BA 1291 104.18 45.58 -14.17
CA PRO BA 1291 102.84 45.87 -14.67
C PRO BA 1291 102.07 44.61 -14.96
N LEU BA 1292 100.82 44.74 -15.39
CA LEU BA 1292 100.01 43.57 -15.72
C LEU BA 1292 100.66 42.80 -16.86
N CYS BA 1293 101.21 41.63 -16.54
CA CYS BA 1293 101.94 40.86 -17.53
C CYS BA 1293 101.79 39.38 -17.21
N ALA BA 1294 101.90 38.56 -18.25
CA ALA BA 1294 101.76 37.11 -18.09
C ALA BA 1294 102.49 36.44 -19.23
N SER BA 1295 102.57 35.12 -19.14
CA SER BA 1295 103.36 34.35 -20.10
C SER BA 1295 102.54 33.80 -21.24
N ASP BA 1296 101.22 34.01 -21.25
CA ASP BA 1296 100.42 33.58 -22.39
C ASP BA 1296 99.20 34.47 -22.51
N SER BA 1297 98.73 34.64 -23.74
CA SER BA 1297 97.56 35.49 -23.98
C SER BA 1297 96.32 34.94 -23.30
N ALA BA 1298 96.23 33.62 -23.16
CA ALA BA 1298 95.04 32.98 -22.63
C ALA BA 1298 94.89 33.15 -21.13
N LEU BA 1299 95.82 33.81 -20.46
CA LEU BA 1299 95.74 34.04 -19.02
C LEU BA 1299 95.32 35.47 -18.69
N LEU BA 1300 94.83 36.22 -19.68
CA LEU BA 1300 94.51 37.62 -19.50
C LEU BA 1300 93.06 37.97 -19.82
N ARG BA 1301 92.19 36.99 -20.03
CA ARG BA 1301 90.80 37.31 -20.30
C ARG BA 1301 90.16 37.93 -19.07
N THR BA 1302 88.92 38.40 -19.24
CA THR BA 1302 88.29 39.16 -18.17
C THR BA 1302 87.95 38.32 -16.93
N PRO BA 1303 87.60 36.98 -17.02
CA PRO BA 1303 87.35 36.22 -15.79
C PRO BA 1303 88.63 35.70 -15.15
N LEU BA 1304 89.60 36.59 -14.97
CA LEU BA 1304 90.88 36.19 -14.39
C LEU BA 1304 90.70 35.95 -12.90
N GLY BA 1305 90.91 34.70 -12.47
CA GLY BA 1305 90.86 34.34 -11.08
C GLY BA 1305 91.96 33.35 -10.77
N ALA BA 1306 92.74 33.02 -11.79
CA ALA BA 1306 93.85 32.09 -11.66
C ALA BA 1306 95.14 32.88 -11.59
N GLU BA 1307 95.98 32.56 -10.61
CA GLU BA 1307 97.24 33.26 -10.47
C GLU BA 1307 98.30 32.67 -11.39
N GLU BA 1308 98.47 31.35 -11.37
CA GLU BA 1308 99.44 30.70 -12.22
C GLU BA 1308 98.82 29.44 -12.81
N HIS BA 1309 99.65 28.68 -13.51
CA HIS BA 1309 99.22 27.45 -14.16
C HIS BA 1309 100.42 26.51 -14.13
N PHE BA 1310 100.38 25.49 -14.99
CA PHE BA 1310 101.43 24.48 -14.97
C PHE BA 1310 102.82 25.09 -15.04
N ALA BA 1311 103.08 25.92 -16.04
CA ALA BA 1311 104.39 26.54 -16.16
C ALA BA 1311 104.37 28.04 -16.37
N GLN BA 1312 103.31 28.61 -16.92
CA GLN BA 1312 103.24 30.04 -17.15
C GLN BA 1312 103.02 30.74 -15.82
N TYR BA 1313 102.88 32.07 -15.86
CA TYR BA 1313 102.69 32.84 -14.64
C TYR BA 1313 102.00 34.15 -15.00
N LEU BA 1314 101.69 34.92 -13.96
CA LEU BA 1314 100.94 36.15 -14.14
C LEU BA 1314 101.30 37.09 -12.99
N ILE BA 1315 101.95 38.19 -13.30
CA ILE BA 1315 102.30 39.21 -12.32
C ILE BA 1315 101.20 40.26 -12.36
N ARG BA 1316 100.36 40.30 -11.33
CA ARG BA 1316 99.07 40.95 -11.54
C ARG BA 1316 99.23 42.46 -11.69
N ASP BA 1317 99.57 43.17 -10.61
CA ASP BA 1317 99.84 44.59 -10.71
C ASP BA 1317 100.34 45.16 -9.40
N GLU BA 1318 101.40 45.97 -9.45
CA GLU BA 1318 101.83 46.69 -8.26
C GLU BA 1318 102.27 48.11 -8.58
N SER BA 1319 102.05 48.59 -9.79
CA SER BA 1319 102.44 49.93 -10.16
C SER BA 1319 101.54 50.94 -9.46
N PRO BA 1320 101.90 52.21 -9.49
CA PRO BA 1320 100.96 53.24 -9.05
C PRO BA 1320 99.85 53.46 -10.06
N LEU BA 1321 99.20 52.36 -10.47
CA LEU BA 1321 98.06 52.42 -11.39
C LEU BA 1321 96.98 51.41 -11.02
N LYS BA 1322 96.95 50.92 -9.79
CA LYS BA 1322 95.99 49.88 -9.44
C LYS BA 1322 94.59 50.46 -9.34
N GLY BA 1323 94.03 50.89 -10.48
CA GLY BA 1323 92.70 51.46 -10.52
C GLY BA 1323 92.50 52.45 -11.65
N MET CA 1 20.83 99.09 -71.19
CA MET CA 1 20.30 100.32 -71.74
C MET CA 1 21.25 100.90 -72.79
N SER CA 2 21.15 102.22 -73.02
CA SER CA 2 22.11 102.88 -73.89
C SER CA 2 23.52 102.79 -73.34
N VAL CA 3 23.65 102.81 -72.02
CA VAL CA 3 24.91 102.59 -71.33
C VAL CA 3 25.29 101.13 -71.54
N GLN CA 4 26.52 100.76 -71.16
CA GLN CA 4 27.13 99.45 -71.37
C GLN CA 4 27.57 99.27 -72.82
N ILE CA 5 27.36 100.27 -73.66
CA ILE CA 5 28.04 100.41 -74.94
C ILE CA 5 28.97 101.62 -74.94
N GLY CA 6 28.43 102.79 -74.59
CA GLY CA 6 29.28 103.91 -74.28
C GLY CA 6 30.16 103.64 -73.06
N ASN CA 7 29.69 102.79 -72.15
CA ASN CA 7 30.54 102.30 -71.07
C ASN CA 7 31.76 101.60 -71.64
N GLY CA 8 31.53 100.59 -72.49
CA GLY CA 8 32.64 99.90 -73.11
C GLY CA 8 33.53 100.82 -73.91
N LEU CA 9 32.95 101.85 -74.53
CA LEU CA 9 33.75 102.80 -75.29
C LEU CA 9 34.66 103.61 -74.39
N LEU CA 10 34.12 104.16 -73.31
CA LEU CA 10 34.95 104.88 -72.35
C LEU CA 10 36.02 103.96 -71.77
N MET CA 11 35.72 102.68 -71.63
CA MET CA 11 36.72 101.74 -71.11
C MET CA 11 37.83 101.47 -72.10
N VAL CA 12 37.52 101.42 -73.40
CA VAL CA 12 38.56 101.19 -74.39
C VAL CA 12 39.34 102.47 -74.68
N VAL CA 13 38.74 103.63 -74.41
CA VAL CA 13 39.45 104.89 -74.62
C VAL CA 13 40.59 105.03 -73.61
N ALA CA 14 40.42 104.52 -72.40
CA ALA CA 14 41.43 104.69 -71.36
C ALA CA 14 42.79 104.13 -71.75
N PRO CA 15 42.92 102.87 -72.23
CA PRO CA 15 44.25 102.42 -72.67
C PRO CA 15 44.77 103.20 -73.85
N GLY CA 16 44.00 103.28 -74.93
CA GLY CA 16 44.40 104.05 -76.09
C GLY CA 16 44.57 105.51 -75.78
N ASP DA 44 91.72 96.59 -51.63
CA ASP DA 44 93.11 96.82 -52.01
C ASP DA 44 93.55 98.23 -51.64
N ALA DA 45 93.91 99.01 -52.65
CA ALA DA 45 94.40 100.37 -52.46
C ALA DA 45 93.58 101.35 -53.29
N LEU DA 46 92.26 101.25 -53.20
CA LEU DA 46 91.39 102.13 -53.96
C LEU DA 46 91.42 103.54 -53.38
N LEU DA 47 91.70 104.52 -54.22
CA LEU DA 47 91.73 105.92 -53.83
C LEU DA 47 90.39 106.63 -54.06
N GLY DA 48 89.71 106.28 -55.13
CA GLY DA 48 88.45 106.91 -55.45
C GLY DA 48 88.02 106.52 -56.84
N THR DA 49 86.88 107.07 -57.24
CA THR DA 49 86.31 106.82 -58.55
C THR DA 49 86.19 108.14 -59.29
N TYR DA 50 86.52 108.13 -60.58
CA TYR DA 50 86.33 109.28 -61.44
C TYR DA 50 85.31 108.92 -62.51
N CYS DA 51 84.18 109.61 -62.50
CA CYS DA 51 83.07 109.34 -63.41
C CYS DA 51 83.05 110.44 -64.46
N SER DA 52 83.63 110.16 -65.62
CA SER DA 52 83.66 111.12 -66.70
C SER DA 52 82.25 111.41 -67.21
N THR DA 53 82.07 112.60 -67.77
CA THR DA 53 80.78 112.99 -68.32
C THR DA 53 80.58 112.34 -69.69
N LEU DA 54 79.39 112.52 -70.23
CA LEU DA 54 79.07 112.15 -71.60
C LEU DA 54 78.88 113.41 -72.43
N SER DA 55 79.02 113.27 -73.74
CA SER DA 55 78.97 114.39 -74.66
C SER DA 55 77.57 114.48 -75.24
N LEU DA 56 76.76 115.38 -74.67
CA LEU DA 56 75.40 115.58 -75.16
C LEU DA 56 75.40 116.53 -76.34
N VAL DA 57 74.56 116.23 -77.33
CA VAL DA 57 74.58 116.90 -78.63
C VAL DA 57 73.16 117.21 -79.05
N ARG DA 58 73.00 118.27 -79.84
CA ARG DA 58 71.70 118.70 -80.33
C ARG DA 58 71.68 118.71 -81.86
N PHE DA 59 70.49 118.49 -82.42
CA PHE DA 59 70.33 118.47 -83.88
C PHE DA 59 70.32 119.88 -84.46
N LEU DA 60 69.63 120.81 -83.80
CA LEU DA 60 69.65 122.20 -84.23
C LEU DA 60 71.06 122.76 -84.33
N GLU DA 61 72.00 122.21 -83.58
CA GLU DA 61 73.37 122.71 -83.55
C GLU DA 61 74.19 122.25 -84.74
N LEU DA 62 73.95 121.05 -85.24
CA LEU DA 62 74.75 120.55 -86.35
C LEU DA 62 74.46 121.35 -87.62
N GLY DA 63 75.36 121.20 -88.60
CA GLY DA 63 75.17 121.85 -89.88
C GLY DA 63 74.18 121.16 -90.79
N LEU DA 64 73.81 119.92 -90.46
CA LEU DA 64 72.86 119.17 -91.27
C LEU DA 64 71.45 119.72 -91.18
N SER DA 65 71.16 120.53 -90.18
CA SER DA 65 69.80 120.98 -89.87
C SER DA 65 69.24 121.94 -90.87
N VAL DA 66 69.88 122.20 -92.01
CA VAL DA 66 69.30 123.14 -92.97
C VAL DA 66 68.11 122.49 -93.68
N ALA DA 67 68.33 121.36 -94.34
CA ALA DA 67 67.32 120.69 -95.16
C ALA DA 67 66.36 119.84 -94.35
N CYS DA 68 66.31 120.00 -93.03
CA CYS DA 68 65.38 119.29 -92.19
C CYS DA 68 64.41 120.28 -91.56
N VAL DA 69 63.14 120.18 -91.94
CA VAL DA 69 62.13 121.10 -91.46
C VAL DA 69 61.46 120.48 -90.24
N CYS DA 70 62.00 120.77 -89.06
CA CYS DA 70 61.49 120.19 -87.83
C CYS DA 70 60.12 120.77 -87.50
N THR DA 71 59.16 119.89 -87.17
CA THR DA 71 57.82 120.31 -86.84
C THR DA 71 57.22 119.36 -85.80
N LYS DA 72 56.37 119.90 -84.94
CA LYS DA 72 55.76 119.15 -83.86
C LYS DA 72 54.30 118.86 -84.19
N PHE DA 73 54.00 117.59 -84.47
CA PHE DA 73 52.64 117.12 -84.74
C PHE DA 73 52.26 116.12 -83.65
N PRO DA 74 51.55 116.56 -82.61
CA PRO DA 74 51.37 115.69 -81.43
C PRO DA 74 50.52 114.45 -81.66
N GLU DA 75 49.85 114.32 -82.80
CA GLU DA 75 48.92 113.21 -83.00
C GLU DA 75 49.30 112.43 -84.25
N LEU DA 76 50.58 112.07 -84.35
CA LEU DA 76 51.09 111.31 -85.49
C LEU DA 76 50.73 109.83 -85.45
N SER DA 77 50.84 109.18 -84.29
CA SER DA 77 50.60 107.74 -84.21
C SER DA 77 49.17 107.36 -84.57
N TYR DA 78 48.27 108.33 -84.71
CA TYR DA 78 46.89 108.06 -85.10
C TYR DA 78 46.62 108.34 -86.56
N VAL DA 79 47.40 109.22 -87.18
CA VAL DA 79 47.25 109.46 -88.61
C VAL DA 79 47.83 108.26 -89.33
N ALA DA 80 46.95 107.40 -89.85
CA ALA DA 80 47.40 106.21 -90.57
C ALA DA 80 47.87 106.52 -91.98
N GLU DA 81 47.44 107.65 -92.54
CA GLU DA 81 47.85 108.05 -93.88
C GLU DA 81 47.53 109.53 -94.06
N GLY DA 82 48.53 110.30 -94.42
CA GLY DA 82 48.35 111.73 -94.62
C GLY DA 82 48.94 112.14 -95.94
N THR DA 83 48.37 113.19 -96.52
CA THR DA 83 48.75 113.64 -97.85
C THR DA 83 48.65 115.15 -97.94
N ILE DA 84 49.71 115.78 -98.45
CA ILE DA 84 49.83 117.23 -98.50
C ILE DA 84 49.81 117.67 -99.95
N GLN DA 85 49.13 118.78 -100.21
CA GLN DA 85 48.93 119.29 -101.56
C GLN DA 85 49.86 120.49 -101.77
N PHE DA 86 50.91 120.29 -102.56
CA PHE DA 86 51.90 121.34 -102.82
C PHE DA 86 51.44 122.20 -103.99
N GLU DA 87 51.41 123.51 -103.78
CA GLU DA 87 51.08 124.46 -104.83
C GLU DA 87 52.31 125.30 -105.13
N VAL DA 88 52.77 125.25 -106.37
CA VAL DA 88 53.96 125.97 -106.80
C VAL DA 88 53.56 126.95 -107.89
N GLN DA 89 53.96 128.21 -107.71
CA GLN DA 89 53.76 129.22 -108.73
C GLN DA 89 54.80 129.04 -109.85
N GLN DA 90 54.61 129.77 -110.94
CA GLN DA 90 55.49 129.65 -112.09
C GLN DA 90 55.73 131.02 -112.72
N PRO DA 91 56.98 131.37 -113.02
CA PRO DA 91 57.25 132.67 -113.62
C PRO DA 91 57.02 132.68 -115.13
N MET DA 92 56.76 133.88 -115.64
CA MET DA 92 56.46 134.11 -117.04
C MET DA 92 56.92 135.51 -117.41
N ILE DA 93 57.34 135.67 -118.64
CA ILE DA 93 57.94 136.91 -119.12
C ILE DA 93 56.94 137.64 -120.01
N ALA DA 94 56.88 138.96 -119.85
CA ALA DA 94 56.01 139.80 -120.67
C ALA DA 94 56.66 139.98 -122.03
N ARG DA 95 56.28 139.15 -122.99
CA ARG DA 95 56.90 139.17 -124.30
C ARG DA 95 56.41 140.36 -125.13
N ASP DA 96 57.33 140.92 -125.92
CA ASP DA 96 56.98 142.01 -126.84
C ASP DA 96 56.81 141.47 -128.25
N GLY DA 97 55.68 140.79 -128.46
CA GLY DA 97 55.33 140.30 -129.77
C GLY DA 97 53.86 140.45 -130.04
N PRO DA 98 53.52 140.93 -131.24
CA PRO DA 98 52.09 141.08 -131.59
C PRO DA 98 51.35 139.74 -131.66
N HIS DA 99 52.05 138.65 -131.35
CA HIS DA 99 51.41 137.36 -131.22
C HIS DA 99 50.54 137.33 -129.97
N PRO DA 100 49.55 136.44 -129.92
CA PRO DA 100 48.67 136.38 -128.74
C PRO DA 100 49.46 136.14 -127.47
N ALA DA 101 48.93 136.64 -126.36
CA ALA DA 101 49.64 136.63 -125.09
C ALA DA 101 49.71 135.21 -124.54
N ASP DA 102 50.29 135.11 -123.35
CA ASP DA 102 50.40 133.85 -122.64
C ASP DA 102 49.70 133.97 -121.29
N GLN DA 103 49.29 132.87 -120.78
CA GLN DA 103 48.64 132.88 -119.48
C GLN DA 103 49.59 132.37 -118.40
N PRO DA 104 49.45 132.84 -117.17
CA PRO DA 104 50.29 132.32 -116.09
C PRO DA 104 49.91 130.90 -115.72
N VAL DA 105 50.74 129.94 -116.11
CA VAL DA 105 50.44 128.54 -115.81
C VAL DA 105 50.89 128.23 -114.40
N HIS DA 106 50.41 127.12 -113.87
CA HIS DA 106 50.87 126.60 -112.59
C HIS DA 106 50.55 125.11 -112.55
N ASN DA 107 51.20 124.41 -111.63
CA ASN DA 107 51.02 122.97 -111.49
C ASN DA 107 50.54 122.64 -110.08
N TYR DA 108 50.23 121.36 -109.88
CA TYR DA 108 49.73 120.89 -108.60
C TYR DA 108 50.41 119.57 -108.26
N MET DA 109 50.95 119.49 -107.05
CA MET DA 109 51.72 118.32 -106.63
C MET DA 109 51.09 117.70 -105.39
N ILE DA 110 51.01 116.37 -105.39
CA ILE DA 110 50.47 115.59 -104.30
C ILE DA 110 51.59 114.71 -103.78
N LYS DA 111 51.85 114.77 -102.48
CA LYS DA 111 52.92 114.00 -101.87
C LYS DA 111 52.40 113.18 -100.70
N ARG DA 112 53.08 112.06 -100.43
CA ARG DA 112 52.66 111.10 -99.42
C ARG DA 112 53.62 111.13 -98.23
N LEU DA 113 53.09 110.84 -97.05
CA LEU DA 113 53.88 110.83 -95.82
C LEU DA 113 54.26 109.39 -95.49
N ASP DA 114 55.55 109.07 -95.62
CA ASP DA 114 56.06 107.73 -95.34
C ASP DA 114 56.44 107.63 -93.87
N ARG DA 115 55.91 106.61 -93.19
CA ARG DA 115 56.01 106.51 -91.74
C ARG DA 115 57.10 105.53 -91.33
N ARG DA 116 57.90 105.93 -90.35
CA ARG DA 116 58.84 105.07 -89.67
C ARG DA 116 58.74 105.35 -88.18
N SER DA 117 59.55 104.64 -87.40
CA SER DA 117 59.57 104.84 -85.96
C SER DA 117 60.87 104.28 -85.40
N LEU DA 118 61.44 104.97 -84.43
CA LEU DA 118 62.64 104.52 -83.75
C LEU DA 118 62.30 104.12 -82.32
N ASN DA 119 63.17 103.29 -81.75
CA ASN DA 119 62.98 102.88 -80.36
C ASN DA 119 64.34 102.64 -79.72
N ALA DA 120 64.39 102.83 -78.41
CA ALA DA 120 65.55 102.52 -77.60
C ALA DA 120 65.08 102.06 -76.24
N ALA DA 121 65.99 101.45 -75.48
CA ALA DA 121 65.59 100.88 -74.21
C ALA DA 121 66.77 100.81 -73.26
N PHE DA 122 66.46 100.71 -71.98
CA PHE DA 122 67.44 100.48 -70.92
C PHE DA 122 66.80 99.52 -69.93
N SER DA 123 67.39 99.42 -68.74
CA SER DA 123 66.83 98.58 -67.70
C SER DA 123 67.16 99.20 -66.34
N ILE DA 124 66.96 98.40 -65.29
CA ILE DA 124 67.26 98.82 -63.94
C ILE DA 124 67.27 97.56 -63.08
N ALA DA 125 68.16 97.52 -62.10
CA ALA DA 125 68.44 96.30 -61.34
C ALA DA 125 67.50 96.18 -60.15
N VAL DA 126 66.98 94.96 -59.95
CA VAL DA 126 65.99 94.73 -58.90
C VAL DA 126 66.54 95.14 -57.54
N GLU DA 127 67.85 95.06 -57.34
CA GLU DA 127 68.42 95.42 -56.05
C GLU DA 127 68.32 96.92 -55.80
N ALA DA 128 68.39 97.72 -56.87
CA ALA DA 128 68.34 99.17 -56.76
C ALA DA 128 66.96 99.74 -57.04
N LEU DA 129 65.91 98.91 -57.03
CA LEU DA 129 64.56 99.40 -57.26
C LEU DA 129 64.02 100.09 -56.01
N GLY DA 130 63.84 99.32 -54.93
CA GLY DA 130 63.29 99.85 -53.71
C GLY DA 130 64.19 100.83 -52.99
N LEU DA 131 65.45 100.91 -53.39
CA LEU DA 131 66.35 101.89 -52.80
C LEU DA 131 65.96 103.31 -53.18
N ILE DA 132 65.23 103.49 -54.28
CA ILE DA 132 64.93 104.83 -54.78
C ILE DA 132 63.55 105.28 -54.30
N SER DA 133 62.52 104.55 -54.69
CA SER DA 133 61.16 104.97 -54.38
C SER DA 133 60.72 104.52 -53.00
N GLY DA 134 61.41 103.54 -52.41
CA GLY DA 134 61.00 103.01 -51.13
C GLY DA 134 61.02 104.03 -50.00
N GLU DA 135 59.85 104.35 -49.47
CA GLU DA 135 59.73 105.33 -48.40
C GLU DA 135 59.83 104.69 -47.01
N ASN DA 136 60.42 103.50 -46.93
CA ASN DA 136 60.64 102.88 -45.63
C ASN DA 136 61.87 103.43 -44.92
N LEU DA 137 62.84 103.91 -45.68
CA LEU DA 137 64.10 104.42 -45.12
C LEU DA 137 63.81 105.70 -44.36
N ASP DA 138 63.93 105.65 -43.02
CA ASP DA 138 63.42 106.75 -42.19
C ASP DA 138 64.42 107.90 -42.05
N GLY DA 139 65.56 107.65 -41.41
CA GLY DA 139 66.34 108.77 -40.91
C GLY DA 139 67.71 109.03 -41.52
N THR DA 140 68.44 107.99 -41.89
CA THR DA 140 69.81 108.17 -42.35
C THR DA 140 70.07 107.61 -43.74
N HIS DA 141 69.39 106.55 -44.15
CA HIS DA 141 69.56 106.03 -45.49
C HIS DA 141 69.00 106.94 -46.57
N ILE DA 142 68.18 107.94 -46.21
CA ILE DA 142 67.67 108.86 -47.20
C ILE DA 142 68.75 109.78 -47.74
N SER DA 143 69.86 109.92 -47.02
CA SER DA 143 70.99 110.73 -47.47
C SER DA 143 72.29 109.92 -47.49
N SER DA 144 72.17 108.61 -47.70
CA SER DA 144 73.34 107.75 -47.73
C SER DA 144 74.15 108.04 -49.00
N ALA DA 145 75.24 107.28 -49.17
CA ALA DA 145 76.04 107.40 -50.38
C ALA DA 145 75.55 106.51 -51.50
N MET DA 146 75.10 105.29 -51.17
CA MET DA 146 74.61 104.39 -52.20
C MET DA 146 73.32 104.89 -52.83
N ARG DA 147 72.48 105.62 -52.08
CA ARG DA 147 71.29 106.18 -52.69
C ARG DA 147 71.66 107.22 -53.74
N LEU DA 148 72.55 108.14 -53.39
CA LEU DA 148 73.11 109.06 -54.37
C LEU DA 148 73.65 108.32 -55.58
N ARG DA 149 74.42 107.25 -55.33
CA ARG DA 149 74.96 106.43 -56.40
C ARG DA 149 73.86 106.01 -57.36
N ALA DA 150 72.88 105.28 -56.83
CA ALA DA 150 71.81 104.72 -57.67
C ALA DA 150 71.07 105.80 -58.43
N ILE DA 151 70.73 106.91 -57.76
CA ILE DA 151 70.00 107.98 -58.43
C ILE DA 151 70.82 108.51 -59.60
N GLN DA 152 72.13 108.68 -59.39
CA GLN DA 152 72.96 109.22 -60.47
C GLN DA 152 73.07 108.23 -61.62
N GLN DA 153 73.17 106.93 -61.32
CA GLN DA 153 73.23 105.95 -62.41
C GLN DA 153 71.97 106.00 -63.25
N LEU DA 154 70.80 106.03 -62.59
CA LEU DA 154 69.55 106.10 -63.33
C LEU DA 154 69.48 107.37 -64.19
N ALA DA 155 69.86 108.50 -63.61
CA ALA DA 155 69.85 109.75 -64.36
C ALA DA 155 70.73 109.65 -65.59
N ARG DA 156 71.92 109.08 -65.44
CA ARG DA 156 72.83 108.98 -66.57
C ARG DA 156 72.25 108.08 -67.66
N ASN DA 157 71.61 106.98 -67.26
CA ASN DA 157 71.03 106.10 -68.26
C ASN DA 157 69.93 106.79 -69.05
N VAL DA 158 69.02 107.49 -68.36
CA VAL DA 158 67.93 108.13 -69.08
C VAL DA 158 68.46 109.26 -69.97
N GLN DA 159 69.49 109.98 -69.51
CA GLN DA 159 70.09 111.00 -70.34
C GLN DA 159 70.73 110.39 -71.58
N ALA DA 160 71.37 109.24 -71.41
CA ALA DA 160 71.95 108.54 -72.57
C ALA DA 160 70.88 108.15 -73.56
N VAL DA 161 69.71 107.74 -73.07
CA VAL DA 161 68.62 107.36 -73.96
C VAL DA 161 68.15 108.57 -74.78
N LEU DA 162 67.97 109.71 -74.11
CA LEU DA 162 67.60 110.93 -74.83
C LEU DA 162 68.63 111.28 -75.90
N ASP DA 163 69.91 111.30 -75.51
CA ASP DA 163 70.98 111.57 -76.46
C ASP DA 163 70.91 110.63 -77.65
N SER DA 164 70.65 109.34 -77.39
CA SER DA 164 70.62 108.37 -78.47
C SER DA 164 69.47 108.63 -79.42
N PHE DA 165 68.33 109.10 -78.89
CA PHE DA 165 67.25 109.54 -79.78
C PHE DA 165 67.73 110.64 -80.72
N GLU DA 166 68.45 111.62 -80.17
CA GLU DA 166 68.93 112.71 -81.02
C GLU DA 166 69.88 112.19 -82.10
N ARG DA 167 70.85 111.35 -81.71
CA ARG DA 167 71.79 110.81 -82.67
C ARG DA 167 71.08 109.96 -83.73
N GLY DA 168 70.05 109.23 -83.33
CA GLY DA 168 69.30 108.45 -84.28
C GLY DA 168 68.54 109.30 -85.27
N THR DA 169 67.96 110.41 -84.80
CA THR DA 169 67.35 111.37 -85.73
C THR DA 169 68.37 111.82 -86.76
N ALA DA 170 69.59 112.13 -86.31
CA ALA DA 170 70.65 112.49 -87.24
C ALA DA 170 70.87 111.39 -88.29
N ASP DA 171 71.12 110.17 -87.83
CA ASP DA 171 71.41 109.08 -88.77
C ASP DA 171 70.26 108.86 -89.74
N GLN DA 172 69.02 108.92 -89.25
CA GLN DA 172 67.89 108.65 -90.13
C GLN DA 172 67.71 109.74 -91.16
N MET DA 173 68.02 110.99 -90.81
CA MET DA 173 68.02 112.03 -91.83
C MET DA 173 69.08 111.73 -92.89
N LEU DA 174 70.27 111.33 -92.45
CA LEU DA 174 71.30 110.95 -93.41
C LEU DA 174 70.80 109.85 -94.33
N ARG DA 175 70.09 108.87 -93.77
CA ARG DA 175 69.60 107.74 -94.57
C ARG DA 175 68.55 108.18 -95.58
N VAL DA 176 67.58 109.00 -95.13
CA VAL DA 176 66.53 109.41 -96.06
C VAL DA 176 67.09 110.30 -97.15
N LEU DA 177 68.14 111.07 -96.85
CA LEU DA 177 68.81 111.80 -97.92
C LEU DA 177 69.53 110.85 -98.87
N MET DA 178 70.15 109.80 -98.33
CA MET DA 178 70.90 108.85 -99.15
C MET DA 178 69.99 108.12 -100.12
N GLU DA 179 68.92 107.50 -99.61
CA GLU DA 179 68.12 106.56 -100.39
C GLU DA 179 67.46 107.19 -101.59
N LYS DA 180 67.23 108.51 -101.58
CA LYS DA 180 66.51 109.16 -102.66
C LYS DA 180 67.41 110.00 -103.55
N ALA DA 181 68.71 109.98 -103.33
CA ALA DA 181 69.63 110.77 -104.14
C ALA DA 181 70.14 109.95 -105.31
N PRO DA 182 70.13 110.47 -106.53
CA PRO DA 182 70.80 109.80 -107.63
C PRO DA 182 72.20 110.35 -107.80
N PRO DA 183 73.15 109.53 -108.25
CA PRO DA 183 74.51 110.03 -108.48
C PRO DA 183 74.54 111.10 -109.55
N LEU DA 184 75.55 111.98 -109.44
CA LEU DA 184 75.65 113.12 -110.35
C LEU DA 184 75.80 112.68 -111.79
N SER DA 185 76.56 111.60 -112.03
CA SER DA 185 76.76 111.11 -113.38
C SER DA 185 75.44 110.85 -114.11
N LEU DA 186 74.32 110.81 -113.38
CA LEU DA 186 73.02 110.74 -114.04
C LEU DA 186 72.53 112.13 -114.46
N LEU DA 187 72.57 113.10 -113.55
CA LEU DA 187 71.90 114.37 -113.77
C LEU DA 187 72.77 115.42 -114.43
N ALA DA 188 74.07 115.21 -114.54
CA ALA DA 188 74.92 116.16 -115.25
C ALA DA 188 74.61 116.24 -116.75
N PRO DA 189 74.37 115.14 -117.48
CA PRO DA 189 74.00 115.26 -118.88
C PRO DA 189 72.52 115.46 -119.15
N PHE DA 190 71.65 115.26 -118.15
CA PHE DA 190 70.22 115.41 -118.37
C PHE DA 190 69.77 116.86 -118.37
N THR DA 191 70.58 117.77 -117.84
CA THR DA 191 70.19 119.17 -117.71
C THR DA 191 70.33 119.93 -119.03
N ASP DA 199 66.22 111.93 -131.98
CA ASP DA 199 66.32 110.69 -132.72
C ASP DA 199 67.08 109.64 -131.94
N ARG DA 200 67.45 108.54 -132.60
CA ARG DA 200 68.31 107.55 -131.97
C ARG DA 200 69.76 108.00 -131.92
N VAL DA 201 70.16 108.94 -132.79
CA VAL DA 201 71.45 109.61 -132.62
C VAL DA 201 71.48 110.36 -131.29
N ALA DA 202 70.33 110.84 -130.83
CA ALA DA 202 70.27 111.55 -129.55
C ALA DA 202 70.53 110.60 -128.38
N CYS DA 203 69.88 109.43 -128.38
CA CYS DA 203 70.13 108.48 -127.31
C CYS DA 203 71.54 107.91 -127.40
N ALA DA 204 72.09 107.80 -128.61
CA ALA DA 204 73.50 107.45 -128.75
C ALA DA 204 74.39 108.50 -128.09
N ALA DA 205 74.10 109.77 -128.31
CA ALA DA 205 74.89 110.83 -127.68
C ALA DA 205 74.76 110.79 -126.17
N LEU DA 206 73.55 110.52 -125.67
CA LEU DA 206 73.34 110.48 -124.23
C LEU DA 206 74.11 109.32 -123.59
N VAL DA 207 74.05 108.13 -124.20
CA VAL DA 207 74.77 106.99 -123.63
C VAL DA 207 76.27 107.21 -123.71
N SER DA 208 76.73 107.85 -124.80
CA SER DA 208 78.15 108.16 -124.92
C SER DA 208 78.60 109.12 -123.83
N GLU DA 209 77.83 110.19 -123.60
CA GLU DA 209 78.22 111.15 -122.55
C GLU DA 209 78.11 110.52 -121.17
N LEU DA 210 77.17 109.59 -120.97
CA LEU DA 210 77.14 108.86 -119.71
C LEU DA 210 78.44 108.10 -119.50
N LYS DA 211 78.89 107.36 -120.52
CA LYS DA 211 80.14 106.63 -120.42
C LYS DA 211 81.32 107.57 -120.20
N ARG DA 212 81.31 108.73 -120.87
CA ARG DA 212 82.40 109.69 -120.73
C ARG DA 212 82.45 110.27 -119.33
N ARG DA 213 81.30 110.65 -118.78
CA ARG DA 213 81.24 111.17 -117.41
C ARG DA 213 81.74 110.12 -116.42
N VAL DA 214 81.24 108.88 -116.54
CA VAL DA 214 81.60 107.87 -115.55
C VAL DA 214 83.07 107.50 -115.67
N ARG DA 215 83.66 107.62 -116.87
CA ARG DA 215 85.08 107.29 -117.00
C ARG DA 215 85.97 108.45 -116.59
N ASP DA 216 85.47 109.69 -116.62
CA ASP DA 216 86.31 110.84 -116.31
C ASP DA 216 86.24 111.26 -114.85
N ASP DA 217 85.07 111.18 -114.22
CA ASP DA 217 84.86 111.87 -112.95
C ASP DA 217 84.35 110.91 -111.88
N THR DA 218 85.02 109.77 -111.73
CA THR DA 218 84.64 108.77 -110.74
C THR DA 218 85.44 108.86 -109.45
N PHE DA 219 86.68 109.33 -109.52
CA PHE DA 219 87.46 109.62 -108.31
C PHE DA 219 88.10 110.98 -108.54
N PHE DA 220 87.35 112.04 -108.24
CA PHE DA 220 87.70 113.39 -108.62
C PHE DA 220 88.46 114.14 -107.54
N LEU DA 221 88.83 113.46 -106.45
CA LEU DA 221 89.65 114.07 -105.40
C LEU DA 221 91.04 113.48 -105.30
N THR DA 222 91.23 112.24 -105.71
CA THR DA 222 92.56 111.65 -105.78
C THR DA 222 93.18 111.81 -107.16
N LYS DA 223 92.37 111.77 -108.22
CA LYS DA 223 92.92 111.91 -109.56
C LYS DA 223 93.55 113.26 -109.78
N HIS DA 224 92.94 114.33 -109.26
CA HIS DA 224 93.43 115.69 -109.48
C HIS DA 224 93.68 116.38 -108.15
N GLU DA 225 94.28 115.68 -107.20
CA GLU DA 225 94.58 116.28 -105.91
C GLU DA 225 95.58 117.43 -106.04
N ARG DA 226 96.38 117.46 -107.10
CA ARG DA 226 97.31 118.56 -107.35
C ARG DA 226 96.77 119.61 -108.29
N ASN DA 227 95.61 119.37 -108.90
CA ASN DA 227 94.97 120.31 -109.81
C ASN DA 227 93.70 120.81 -109.14
N LYS DA 228 93.76 122.02 -108.60
CA LYS DA 228 92.62 122.56 -107.89
C LYS DA 228 91.43 122.81 -108.81
N ASP DA 229 91.69 123.09 -110.10
CA ASP DA 229 90.65 123.59 -110.99
C ASP DA 229 89.61 122.52 -111.29
N ALA DA 230 90.05 121.32 -111.69
CA ALA DA 230 89.10 120.25 -112.01
C ALA DA 230 88.24 119.93 -110.80
N VAL DA 231 88.84 119.94 -109.61
CA VAL DA 231 88.07 119.74 -108.38
C VAL DA 231 87.02 120.83 -108.23
N LEU DA 232 87.46 122.10 -108.26
CA LEU DA 232 86.53 123.21 -108.09
C LEU DA 232 85.36 123.12 -109.06
N ASP DA 233 85.63 122.73 -110.31
CA ASP DA 233 84.58 122.74 -111.32
C ASP DA 233 83.64 121.56 -111.16
N ARG DA 234 84.18 120.39 -110.85
CA ARG DA 234 83.32 119.25 -110.53
C ARG DA 234 82.39 119.60 -109.37
N LEU DA 235 82.91 120.32 -108.37
CA LEU DA 235 82.09 120.68 -107.21
C LEU DA 235 81.04 121.72 -107.57
N SER DA 236 81.41 122.71 -108.40
CA SER DA 236 80.43 123.66 -108.91
C SER DA 236 79.32 122.96 -109.68
N ASP DA 237 79.65 121.96 -110.47
CA ASP DA 237 78.63 121.16 -111.13
C ASP DA 237 77.76 120.45 -110.09
N LEU DA 238 78.39 119.77 -109.15
CA LEU DA 238 77.68 119.01 -108.12
C LEU DA 238 76.65 119.86 -107.40
N VAL DA 239 77.00 121.11 -107.09
CA VAL DA 239 76.06 121.99 -106.40
C VAL DA 239 75.07 122.67 -107.35
N ASN DA 240 75.27 122.52 -108.66
CA ASN DA 240 74.46 123.20 -109.66
C ASN DA 240 73.83 122.20 -110.63
N CYS DA 241 73.19 121.18 -110.08
CA CYS DA 241 72.28 120.34 -110.85
C CYS DA 241 70.96 120.09 -110.14
N THR DA 242 70.85 120.35 -108.85
CA THR DA 242 69.59 120.17 -108.14
C THR DA 242 68.59 121.24 -108.52
N ALA DA 243 67.31 120.89 -108.41
CA ALA DA 243 66.25 121.87 -108.55
C ALA DA 243 66.04 122.58 -107.22
N PRO DA 244 65.45 123.77 -107.24
CA PRO DA 244 65.17 124.47 -105.99
C PRO DA 244 64.00 123.86 -105.24
N SER DA 245 64.07 123.91 -103.92
CA SER DA 245 62.94 123.55 -103.08
C SER DA 245 62.00 124.73 -102.92
N VAL DA 246 60.72 124.42 -102.74
CA VAL DA 246 59.66 125.36 -103.08
C VAL DA 246 59.69 126.58 -102.16
N ALA DA 247 59.44 126.36 -100.87
CA ALA DA 247 59.16 127.46 -99.95
C ALA DA 247 60.41 127.77 -99.13
N VAL DA 248 61.06 128.89 -99.46
CA VAL DA 248 62.16 129.41 -98.65
C VAL DA 248 61.50 130.18 -97.51
N ALA DA 249 61.36 129.50 -96.37
CA ALA DA 249 60.54 129.98 -95.28
C ALA DA 249 61.29 131.06 -94.49
N ARG DA 250 60.80 131.38 -93.31
CA ARG DA 250 61.45 132.33 -92.41
C ARG DA 250 62.48 131.66 -91.51
N MET DA 251 62.99 130.49 -91.89
CA MET DA 251 64.08 129.86 -91.14
C MET DA 251 65.39 130.62 -91.33
N THR DA 252 65.66 131.03 -92.57
CA THR DA 252 66.79 131.90 -92.92
C THR DA 252 68.10 131.45 -92.26
N HIS DA 253 68.54 130.26 -92.68
CA HIS DA 253 69.81 129.72 -92.21
C HIS DA 253 70.95 130.52 -92.81
N ALA DA 254 71.64 131.29 -91.97
CA ALA DA 254 72.68 132.20 -92.41
C ALA DA 254 73.71 132.32 -91.30
N ASP DA 255 74.55 133.36 -91.37
CA ASP DA 255 75.61 133.57 -90.40
C ASP DA 255 75.50 134.97 -89.78
N THR DA 256 76.56 135.40 -89.09
CA THR DA 256 76.57 136.73 -88.51
C THR DA 256 76.67 137.82 -89.57
N GLN DA 257 77.27 137.54 -90.73
CA GLN DA 257 77.46 138.60 -91.72
C GLN DA 257 76.16 139.04 -92.36
N GLY DA 258 75.27 138.09 -92.68
CA GLY DA 258 73.99 138.49 -93.24
C GLY DA 258 73.72 138.04 -94.65
N ARG DA 259 74.22 136.86 -95.03
CA ARG DA 259 73.91 136.27 -96.31
C ARG DA 259 73.37 134.86 -96.08
N PRO DA 260 72.28 134.48 -96.76
CA PRO DA 260 71.63 133.20 -96.46
C PRO DA 260 72.39 132.02 -97.08
N VAL DA 261 72.63 131.00 -96.26
CA VAL DA 261 73.16 129.74 -96.76
C VAL DA 261 72.10 129.04 -97.61
N ASP DA 262 72.54 128.15 -98.49
CA ASP DA 262 71.62 127.55 -99.44
C ASP DA 262 71.66 126.03 -99.41
N GLY DA 263 72.82 125.45 -99.10
CA GLY DA 263 72.93 124.00 -99.05
C GLY DA 263 73.84 123.46 -97.98
N VAL DA 264 73.93 122.13 -97.88
CA VAL DA 264 74.83 121.48 -96.94
C VAL DA 264 75.67 120.46 -97.70
N LEU DA 265 76.90 120.27 -97.24
CA LEU DA 265 77.81 119.29 -97.82
C LEU DA 265 78.08 118.20 -96.79
N VAL DA 266 77.67 116.98 -97.11
CA VAL DA 266 77.90 115.82 -96.26
C VAL DA 266 79.07 115.05 -96.84
N THR DA 267 80.11 114.83 -96.02
CA THR DA 267 81.26 114.08 -96.49
C THR DA 267 81.94 113.41 -95.30
N THR DA 268 83.02 112.67 -95.60
CA THR DA 268 83.79 111.96 -94.59
C THR DA 268 84.87 112.87 -94.01
N ALA DA 269 85.65 112.32 -93.08
CA ALA DA 269 86.66 113.11 -92.41
C ALA DA 269 87.85 113.41 -93.32
N GLY DA 270 88.27 112.42 -94.10
CA GLY DA 270 89.45 112.62 -94.95
C GLY DA 270 89.16 113.53 -96.12
N VAL DA 271 88.01 113.34 -96.77
CA VAL DA 271 87.62 114.21 -97.88
C VAL DA 271 87.43 115.64 -97.38
N ARG DA 272 86.71 115.80 -96.27
CA ARG DA 272 86.58 117.13 -95.69
C ARG DA 272 87.94 117.72 -95.37
N GLN DA 273 88.85 116.92 -94.81
CA GLN DA 273 90.14 117.44 -94.38
C GLN DA 273 90.93 117.95 -95.57
N ARG DA 274 91.13 117.10 -96.59
CA ARG DA 274 91.90 117.52 -97.76
C ARG DA 274 91.21 118.67 -98.49
N LEU DA 275 89.87 118.64 -98.55
CA LEU DA 275 89.11 119.69 -99.20
C LEU DA 275 89.32 121.03 -98.50
N LEU DA 276 88.87 121.13 -97.25
CA LEU DA 276 89.06 122.32 -96.45
C LEU DA 276 90.53 122.66 -96.25
N HIS DA 277 91.43 121.74 -96.58
CA HIS DA 277 92.84 122.01 -96.47
C HIS DA 277 93.33 122.83 -97.65
N HIS DA 278 93.13 122.32 -98.86
CA HIS DA 278 93.80 122.94 -100.00
C HIS DA 278 92.93 123.31 -101.19
N VAL DA 279 91.66 122.89 -101.25
CA VAL DA 279 90.86 123.31 -102.41
C VAL DA 279 90.00 124.53 -102.08
N LEU DA 280 89.44 124.58 -100.88
CA LEU DA 280 88.48 125.60 -100.48
C LEU DA 280 89.02 126.40 -99.30
N THR DA 281 88.54 127.63 -99.15
CA THR DA 281 88.85 128.49 -98.02
C THR DA 281 87.56 128.87 -97.30
N LEU DA 282 87.64 129.00 -95.98
CA LEU DA 282 86.45 129.23 -95.16
C LEU DA 282 86.12 130.72 -95.12
N ALA DA 283 84.84 131.05 -95.29
CA ALA DA 283 84.38 132.43 -95.26
C ALA DA 283 83.99 132.87 -93.85
N ASP DA 284 83.23 132.05 -93.12
CA ASP DA 284 82.77 132.42 -91.80
C ASP DA 284 82.85 131.22 -90.86
N THR DA 285 83.07 131.51 -89.59
CA THR DA 285 83.24 130.48 -88.56
C THR DA 285 82.08 130.43 -87.58
N HIS DA 286 80.95 131.05 -87.91
CA HIS DA 286 79.80 131.01 -87.03
C HIS DA 286 78.54 131.21 -87.85
N ALA DA 287 77.42 130.70 -87.34
CA ALA DA 287 76.15 130.81 -88.04
C ALA DA 287 75.02 130.78 -87.04
N ASP DA 288 73.92 131.41 -87.40
CA ASP DA 288 72.72 131.48 -86.57
C ASP DA 288 71.60 130.69 -87.21
N VAL DA 289 70.91 129.89 -86.41
CA VAL DA 289 69.74 129.13 -86.85
C VAL DA 289 68.70 129.16 -85.76
N PRO DA 290 67.45 128.83 -86.08
CA PRO DA 290 66.45 128.62 -85.05
C PRO DA 290 66.84 127.48 -84.12
N VAL DA 291 66.31 127.55 -82.90
CA VAL DA 291 66.47 126.51 -81.90
C VAL DA 291 65.12 125.84 -81.62
N THR DA 292 64.06 126.35 -82.24
CA THR DA 292 62.69 125.95 -81.96
C THR DA 292 62.16 125.03 -83.03
N TYR DA 293 61.33 124.07 -82.62
CA TYR DA 293 60.50 123.33 -83.55
C TYR DA 293 59.20 124.10 -83.79
N GLY DA 294 58.59 123.85 -84.96
CA GLY DA 294 57.41 124.57 -85.38
C GLY DA 294 56.16 123.73 -85.26
N GLU DA 295 55.06 124.32 -85.74
CA GLU DA 295 53.75 123.66 -85.77
C GLU DA 295 53.01 124.12 -87.01
N MET DA 296 52.76 123.19 -87.93
CA MET DA 296 51.98 123.51 -89.12
C MET DA 296 50.52 123.75 -88.73
N VAL DA 297 49.93 124.84 -89.24
CA VAL DA 297 48.63 125.29 -88.76
C VAL DA 297 47.72 125.66 -89.91
N ILE DA 298 46.42 125.70 -89.59
CA ILE DA 298 45.33 126.06 -90.49
C ILE DA 298 44.67 127.31 -89.90
N ALA DA 299 45.49 128.17 -89.29
CA ALA DA 299 44.97 129.27 -88.48
C ALA DA 299 44.01 130.17 -89.26
N ASN DA 300 44.52 130.86 -90.28
CA ASN DA 300 43.69 131.81 -91.02
C ASN DA 300 44.18 131.98 -92.45
N SER DA 338 65.71 131.82 -82.09
CA SER DA 338 66.98 131.57 -82.78
C SER DA 338 68.16 131.82 -81.85
N ALA DA 339 69.27 131.12 -82.10
CA ALA DA 339 70.47 131.29 -81.33
C ALA DA 339 71.66 131.28 -82.28
N ARG DA 340 72.86 131.20 -81.71
CA ARG DA 340 74.09 131.25 -82.49
C ARG DA 340 75.00 130.11 -82.04
N VAL DA 341 75.49 129.33 -83.01
CA VAL DA 341 76.36 128.19 -82.75
C VAL DA 341 77.52 128.21 -83.73
N ARG DA 342 78.62 127.58 -83.34
CA ARG DA 342 79.78 127.42 -84.21
C ARG DA 342 79.38 126.72 -85.50
N ALA DA 343 80.00 127.11 -86.60
CA ALA DA 343 79.66 126.56 -87.90
C ALA DA 343 80.79 126.81 -88.88
N ASP DA 344 80.75 126.11 -90.00
CA ASP DA 344 81.77 126.17 -91.04
C ASP DA 344 81.11 126.45 -92.38
N LEU DA 345 81.27 127.68 -92.87
CA LEU DA 345 80.59 128.16 -94.07
C LEU DA 345 81.60 128.48 -95.15
N VAL DA 346 81.40 127.88 -96.32
CA VAL DA 346 82.28 128.07 -97.47
C VAL DA 346 81.43 128.39 -98.68
N VAL DA 347 82.02 129.07 -99.66
CA VAL DA 347 81.32 129.48 -100.88
C VAL DA 347 81.88 128.67 -102.04
N VAL DA 348 80.97 128.06 -102.80
CA VAL DA 348 81.30 127.29 -103.99
C VAL DA 348 80.21 127.54 -105.03
N GLY DA 349 80.61 127.84 -106.26
CA GLY DA 349 79.61 128.19 -107.27
C GLY DA 349 78.82 129.41 -106.91
N ASP DA 350 79.40 130.31 -106.10
CA ASP DA 350 78.80 131.57 -105.68
C ASP DA 350 77.55 131.36 -104.81
N ARG DA 351 77.70 130.54 -103.77
CA ARG DA 351 76.66 130.36 -102.78
C ARG DA 351 77.27 129.72 -101.54
N LEU DA 352 76.70 130.07 -100.38
CA LEU DA 352 77.18 129.55 -99.11
C LEU DA 352 76.62 128.16 -98.84
N VAL DA 353 77.49 127.27 -98.37
CA VAL DA 353 77.12 125.88 -98.09
C VAL DA 353 77.75 125.47 -96.77
N PHE DA 354 77.06 124.58 -96.05
CA PHE DA 354 77.60 123.98 -94.84
C PHE DA 354 78.39 122.72 -95.20
N LEU DA 355 79.59 122.59 -94.65
CA LEU DA 355 80.40 121.39 -94.82
C LEU DA 355 80.64 120.78 -93.44
N GLU DA 356 80.07 119.59 -93.21
CA GLU DA 356 80.24 118.91 -91.94
C GLU DA 356 80.46 117.43 -92.16
N ALA DA 357 81.10 116.79 -91.19
CA ALA DA 357 81.36 115.36 -91.19
C ALA DA 357 80.92 114.80 -89.84
N LEU DA 358 80.08 113.77 -89.86
CA LEU DA 358 79.35 113.35 -88.67
C LEU DA 358 79.89 112.06 -88.06
N GLU DA 359 81.10 111.66 -88.44
CA GLU DA 359 81.73 110.50 -87.81
C GLU DA 359 82.28 110.83 -86.43
N LYS DA 360 82.78 112.05 -86.24
CA LYS DA 360 83.46 112.38 -85.00
C LYS DA 360 82.47 112.61 -83.85
N ARG DA 361 81.33 113.23 -84.13
CA ARG DA 361 80.35 113.55 -83.10
C ARG DA 361 79.24 112.53 -83.00
N VAL DA 362 78.80 111.96 -84.13
CA VAL DA 362 77.62 111.11 -84.13
C VAL DA 362 78.03 109.64 -84.08
N TYR DA 363 78.84 109.21 -85.05
CA TYR DA 363 79.09 107.79 -85.25
C TYR DA 363 80.31 107.26 -84.50
N GLN DA 364 81.06 108.13 -83.82
CA GLN DA 364 82.31 107.69 -83.22
C GLN DA 364 82.08 106.71 -82.08
N ALA DA 365 82.94 105.69 -82.01
CA ALA DA 365 82.94 104.70 -80.92
C ALA DA 365 81.61 103.94 -80.87
N THR DA 366 80.95 103.81 -82.00
CA THR DA 366 79.66 103.14 -82.07
C THR DA 366 79.75 101.95 -83.01
N GLN DA 367 79.11 100.85 -82.66
CA GLN DA 367 79.06 99.72 -83.56
C GLN DA 367 78.36 100.07 -84.86
N VAL DA 368 77.46 101.05 -84.82
CA VAL DA 368 76.77 101.56 -86.01
C VAL DA 368 77.79 102.14 -86.97
N PRO DA 369 78.06 101.51 -88.10
CA PRO DA 369 79.06 102.03 -89.03
C PRO DA 369 78.53 103.23 -89.80
N TYR DA 370 79.44 103.84 -90.56
CA TYR DA 370 79.10 105.08 -91.27
C TYR DA 370 78.22 104.75 -92.47
N PRO DA 371 77.24 105.61 -92.79
CA PRO DA 371 76.37 105.34 -93.94
C PRO DA 371 76.97 105.74 -95.27
N LEU DA 372 77.93 106.67 -95.27
CA LEU DA 372 78.46 107.21 -96.51
C LEU DA 372 79.41 106.25 -97.21
N VAL DA 373 80.16 105.46 -96.44
CA VAL DA 373 81.20 104.61 -97.03
C VAL DA 373 80.55 103.62 -97.99
N GLY DA 374 81.04 103.62 -99.24
CA GLY DA 374 80.55 102.69 -100.24
C GLY DA 374 81.70 102.12 -101.03
N ASN DA 375 81.41 101.04 -101.76
CA ASN DA 375 82.42 100.38 -102.58
C ASN DA 375 81.92 100.26 -104.00
N LEU DA 376 82.82 99.84 -104.89
CA LEU DA 376 82.48 99.63 -106.29
C LEU DA 376 83.24 98.41 -106.80
N ASP DA 377 82.77 97.87 -107.91
CA ASP DA 377 83.44 96.77 -108.59
C ASP DA 377 83.82 97.22 -109.99
N VAL DA 378 85.03 96.84 -110.41
CA VAL DA 378 85.53 97.19 -111.74
C VAL DA 378 86.20 95.96 -112.33
N THR DA 379 85.78 95.59 -113.53
CA THR DA 379 86.39 94.45 -114.23
C THR DA 379 87.37 94.96 -115.27
N PHE DA 380 88.41 94.16 -115.52
CA PHE DA 380 89.46 94.50 -116.47
C PHE DA 380 89.51 93.45 -117.57
N VAL DA 381 90.23 93.79 -118.64
CA VAL DA 381 90.41 92.89 -119.77
C VAL DA 381 91.77 93.17 -120.40
N MET DA 382 92.42 92.09 -120.87
CA MET DA 382 93.71 92.23 -121.51
C MET DA 382 93.98 91.01 -122.38
N PRO DA 383 94.60 91.18 -123.54
CA PRO DA 383 94.92 90.02 -124.37
C PRO DA 383 96.21 89.36 -123.92
N LEU DA 384 96.31 88.06 -124.18
CA LEU DA 384 97.50 87.30 -123.80
C LEU DA 384 98.51 87.21 -124.94
N GLY DA 385 98.13 86.58 -126.05
CA GLY DA 385 99.10 86.25 -127.07
C GLY DA 385 98.76 86.62 -128.50
N VAL DA 386 98.11 87.77 -128.71
CA VAL DA 386 97.76 88.18 -130.05
C VAL DA 386 99.00 88.62 -130.81
N PHE DA 387 98.96 88.45 -132.13
CA PHE DA 387 100.03 88.91 -133.02
C PHE DA 387 99.53 90.07 -133.85
N LYS DA 388 100.33 91.14 -133.89
CA LYS DA 388 100.06 92.34 -134.65
C LYS DA 388 100.54 92.17 -136.09
N PRO DA 389 99.74 92.61 -137.08
CA PRO DA 389 100.05 92.27 -138.48
C PRO DA 389 101.31 92.93 -139.01
N ALA DA 390 101.66 92.62 -140.26
CA ALA DA 390 102.87 93.15 -140.87
C ALA DA 390 102.80 94.65 -141.11
N ALA DA 391 101.62 95.24 -141.01
CA ALA DA 391 101.48 96.68 -141.27
C ALA DA 391 101.77 97.53 -140.04
N ASP DA 392 101.93 96.93 -138.86
CA ASP DA 392 102.03 97.71 -137.63
C ASP DA 392 103.23 97.13 -136.89
N ARG DA 393 104.07 96.32 -137.52
CA ARG DA 393 105.17 95.67 -136.78
C ARG DA 393 106.47 96.46 -136.23
N TYR DA 394 106.14 97.72 -136.02
CA TYR DA 394 107.12 98.77 -135.80
C TYR DA 394 107.49 99.22 -134.38
N ALA DA 395 108.74 99.69 -134.24
CA ALA DA 395 109.21 100.29 -133.01
C ALA DA 395 109.16 101.80 -133.13
N ARG DA 396 108.55 102.45 -132.14
CA ARG DA 396 108.48 103.91 -132.13
C ARG DA 396 109.86 104.53 -132.25
N HIS DA 397 110.85 103.94 -131.59
CA HIS DA 397 112.23 104.37 -131.71
C HIS DA 397 113.10 103.16 -132.06
N ALA DA 398 113.99 103.36 -133.02
CA ALA DA 398 114.76 102.23 -133.57
C ALA DA 398 115.72 101.66 -132.54
N GLY DA 399 116.34 102.50 -131.73
CA GLY DA 399 117.39 102.06 -130.84
C GLY DA 399 116.95 101.52 -129.49
N SER DA 400 115.68 101.68 -129.16
CA SER DA 400 115.19 101.24 -127.86
C SER DA 400 115.24 99.72 -127.75
N PHE DA 401 115.57 99.23 -126.55
CA PHE DA 401 115.64 97.80 -126.26
C PHE DA 401 116.61 97.10 -127.20
N ALA DA 402 117.76 97.70 -127.45
CA ALA DA 402 118.80 97.07 -128.24
C ALA DA 402 119.22 95.77 -127.57
N PRO DA 403 119.07 94.62 -128.23
CA PRO DA 403 119.32 93.34 -127.54
C PRO DA 403 120.74 93.16 -127.08
N THR DA 404 121.69 93.18 -128.02
CA THR DA 404 123.10 92.92 -127.79
C THR DA 404 123.82 93.10 -129.12
N PRO DA 405 125.15 93.23 -129.12
CA PRO DA 405 125.86 93.22 -130.42
C PRO DA 405 125.77 91.90 -131.16
N GLY DA 406 125.79 90.77 -130.46
CA GLY DA 406 126.00 89.48 -131.11
C GLY DA 406 125.06 88.35 -130.80
N LEU DA 407 123.76 88.63 -130.67
CA LEU DA 407 122.78 87.56 -130.51
C LEU DA 407 121.45 88.10 -131.02
N PRO DA 408 120.74 87.35 -131.87
CA PRO DA 408 119.45 87.83 -132.36
C PRO DA 408 118.52 88.21 -131.20
N ASP DA 409 117.62 89.10 -131.48
CA ASP DA 409 116.79 89.72 -130.46
C ASP DA 409 115.55 88.88 -130.22
N PRO DA 410 115.22 88.57 -128.95
CA PRO DA 410 113.94 87.96 -128.61
C PRO DA 410 112.84 88.98 -128.29
N ARG DA 411 112.61 89.92 -129.21
CA ARG DA 411 111.47 90.83 -129.12
C ARG DA 411 110.73 90.98 -130.44
N THR DA 412 111.08 90.20 -131.47
CA THR DA 412 110.24 90.03 -132.65
C THR DA 412 109.44 88.74 -132.58
N HIS DA 413 109.71 87.88 -131.60
CA HIS DA 413 109.02 86.62 -131.44
C HIS DA 413 107.63 86.84 -130.84
N PRO DA 414 106.67 85.97 -131.16
CA PRO DA 414 105.28 86.19 -130.72
C PRO DA 414 105.15 86.04 -129.21
N PRO DA 415 104.55 87.02 -128.55
CA PRO DA 415 104.47 86.98 -127.08
C PRO DA 415 103.54 85.89 -126.58
N ARG DA 416 103.79 85.45 -125.36
CA ARG DA 416 102.91 84.49 -124.70
C ARG DA 416 102.71 84.80 -123.22
N ALA DA 417 103.21 85.92 -122.73
CA ALA DA 417 102.98 86.36 -121.36
C ALA DA 417 102.62 87.84 -121.36
N VAL DA 418 101.97 88.28 -120.28
CA VAL DA 418 101.45 89.64 -120.17
C VAL DA 418 101.69 90.14 -118.75
N HIS DA 419 102.27 91.33 -118.62
CA HIS DA 419 102.71 91.86 -117.34
C HIS DA 419 101.93 93.13 -116.99
N PHE DA 420 101.59 93.26 -115.72
CA PHE DA 420 100.73 94.33 -115.23
C PHE DA 420 101.14 94.65 -113.79
N PHE DA 421 100.27 95.35 -113.06
CA PHE DA 421 100.58 95.84 -111.73
C PHE DA 421 99.62 95.27 -110.69
N ASN DA 422 100.17 94.85 -109.56
CA ASN DA 422 99.42 94.09 -108.56
C ASN DA 422 98.68 95.03 -107.61
N LYS DA 423 98.12 94.45 -106.54
CA LYS DA 423 97.36 95.24 -105.57
C LYS DA 423 98.25 96.26 -104.87
N ASP DA 424 99.45 95.85 -104.47
CA ASP DA 424 100.40 96.81 -103.93
C ASP DA 424 101.28 97.41 -105.03
N GLY DA 425 101.46 96.70 -106.14
CA GLY DA 425 102.18 97.27 -107.26
C GLY DA 425 103.20 96.35 -107.91
N VAL DA 426 103.50 95.22 -107.28
CA VAL DA 426 104.58 94.39 -107.80
C VAL DA 426 104.17 93.80 -109.14
N PRO DA 427 105.06 93.79 -110.14
CA PRO DA 427 104.68 93.23 -111.45
C PRO DA 427 104.50 91.72 -111.38
N CYS DA 428 103.28 91.27 -111.71
CA CYS DA 428 102.96 89.86 -111.74
C CYS DA 428 102.42 89.52 -113.12
N HIS DA 429 102.96 88.47 -113.73
CA HIS DA 429 102.65 88.14 -115.11
C HIS DA 429 101.58 87.07 -115.18
N VAL DA 430 101.19 86.75 -116.43
CA VAL DA 430 100.32 85.63 -116.74
C VAL DA 430 100.95 84.87 -117.90
N THR DA 431 100.43 83.68 -118.16
CA THR DA 431 100.97 82.79 -119.19
C THR DA 431 99.97 81.67 -119.41
N PHE DA 432 100.09 81.00 -120.56
CA PHE DA 432 99.24 79.85 -120.88
C PHE DA 432 99.23 78.80 -119.77
N GLU DA 433 100.34 78.70 -119.02
CA GLU DA 433 100.36 77.83 -117.85
C GLU DA 433 99.33 78.23 -116.81
N HIS DA 434 98.77 79.43 -116.93
CA HIS DA 434 97.64 79.82 -116.10
C HIS DA 434 96.30 79.50 -116.77
N ALA DA 435 96.27 79.39 -118.10
CA ALA DA 435 95.06 79.04 -118.82
C ALA DA 435 94.83 77.54 -118.90
N MET DA 436 95.83 76.73 -118.55
CA MET DA 436 95.66 75.29 -118.60
C MET DA 436 94.52 74.82 -117.70
N GLY DA 437 94.19 75.59 -116.66
CA GLY DA 437 93.12 75.19 -115.76
C GLY DA 437 91.77 75.08 -116.43
N THR DA 438 91.50 75.94 -117.41
CA THR DA 438 90.29 75.86 -118.21
C THR DA 438 90.48 75.06 -119.49
N LEU DA 439 91.65 75.15 -120.11
CA LEU DA 439 91.85 74.45 -121.38
C LEU DA 439 91.90 72.94 -121.18
N CYS DA 440 92.67 72.47 -120.19
CA CYS DA 440 92.85 71.03 -119.95
C CYS DA 440 91.61 70.37 -119.34
N HIS DA 441 90.56 71.13 -119.20
CA HIS DA 441 89.29 70.60 -118.73
C HIS DA 441 88.53 69.99 -119.90
N PRO DA 442 87.99 68.78 -119.76
CA PRO DA 442 87.49 68.04 -120.92
C PRO DA 442 86.16 68.52 -121.46
N SER DA 443 85.68 69.70 -121.06
CA SER DA 443 84.52 70.28 -121.71
C SER DA 443 84.88 70.98 -123.02
N PHE DA 444 86.15 70.90 -123.41
CA PHE DA 444 86.66 71.43 -124.66
C PHE DA 444 86.19 70.65 -125.88
N LEU DA 445 85.43 69.56 -125.67
CA LEU DA 445 85.07 68.64 -126.75
C LEU DA 445 83.57 68.49 -126.97
N ASP DA 446 82.73 69.07 -126.11
CA ASP DA 446 81.29 68.85 -126.23
C ASP DA 446 80.74 69.53 -127.47
N VAL DA 447 80.03 68.77 -128.29
CA VAL DA 447 79.47 69.27 -129.54
C VAL DA 447 77.98 68.99 -129.60
N ASP DA 448 77.47 68.26 -128.60
CA ASP DA 448 76.08 67.80 -128.65
C ASP DA 448 75.10 68.95 -128.73
N ALA DA 449 75.30 69.97 -127.88
CA ALA DA 449 74.37 71.10 -127.88
C ALA DA 449 74.51 71.94 -129.14
N THR DA 450 75.74 72.13 -129.62
CA THR DA 450 75.95 72.90 -130.85
C THR DA 450 75.40 72.16 -132.06
N LEU DA 451 75.71 70.87 -132.19
CA LEU DA 451 75.15 70.05 -133.25
C LEU DA 451 73.63 70.07 -133.21
N ALA DA 452 73.06 69.89 -132.02
CA ALA DA 452 71.61 69.91 -131.87
C ALA DA 452 71.02 71.27 -132.26
N ALA DA 453 71.73 72.35 -131.94
CA ALA DA 453 71.23 73.68 -132.28
C ALA DA 453 71.24 73.90 -133.78
N LEU DA 454 72.30 73.46 -134.46
CA LEU DA 454 72.30 73.59 -135.91
C LEU DA 454 71.40 72.56 -136.58
N ARG DA 455 70.95 71.52 -135.86
CA ARG DA 455 70.03 70.55 -136.44
C ARG DA 455 68.72 71.18 -136.88
N GLN DA 456 68.21 72.13 -136.09
CA GLN DA 456 66.85 72.62 -136.33
C GLN DA 456 66.78 73.44 -137.62
N GLU DA 457 67.82 74.20 -137.93
CA GLU DA 457 67.78 75.02 -139.13
C GLU DA 457 68.05 74.16 -140.36
N PRO DA 458 67.31 74.38 -141.44
CA PRO DA 458 67.52 73.57 -142.66
C PRO DA 458 68.82 73.93 -143.35
N ALA DA 459 69.22 73.06 -144.28
CA ALA DA 459 70.50 73.20 -144.99
C ALA DA 459 70.25 73.04 -146.47
N GLU DA 460 70.45 74.12 -147.23
CA GLU DA 460 70.41 74.04 -148.68
C GLU DA 460 71.60 73.23 -149.18
N VAL DA 461 71.58 72.92 -150.47
CA VAL DA 461 72.55 72.01 -151.09
C VAL DA 461 73.55 72.82 -151.89
N GLN DA 462 74.78 72.90 -151.38
CA GLN DA 462 75.91 73.44 -152.12
C GLN DA 462 76.59 72.28 -152.85
N CYS DA 463 77.80 72.51 -153.33
CA CYS DA 463 78.61 71.42 -153.85
C CYS DA 463 78.88 70.39 -152.76
N ALA DA 464 79.29 69.19 -153.18
CA ALA DA 464 79.51 68.08 -152.26
C ALA DA 464 80.88 67.45 -152.48
N PHE DA 465 81.87 68.27 -152.79
CA PHE DA 465 83.15 67.74 -153.25
C PHE DA 465 83.97 67.15 -152.10
N GLY DA 466 84.37 67.99 -151.15
CA GLY DA 466 85.32 67.60 -150.13
C GLY DA 466 84.77 66.85 -148.94
N ALA DA 467 83.44 66.72 -148.84
CA ALA DA 467 82.83 66.05 -147.71
C ALA DA 467 82.59 64.56 -147.95
N TYR DA 468 82.09 64.19 -149.13
CA TYR DA 468 81.80 62.79 -149.40
C TYR DA 468 83.08 61.98 -149.46
N VAL DA 469 82.96 60.69 -149.13
CA VAL DA 469 84.05 59.74 -149.26
C VAL DA 469 83.54 58.57 -150.08
N ALA DA 470 84.32 58.15 -151.06
CA ALA DA 470 83.97 57.00 -151.88
C ALA DA 470 84.96 55.88 -151.65
N ASP DA 471 84.48 54.65 -151.79
CA ASP DA 471 85.32 53.45 -151.75
C ASP DA 471 85.24 52.76 -153.10
N ALA DA 472 86.33 52.06 -153.45
CA ALA DA 472 86.45 51.46 -154.78
C ALA DA 472 85.49 50.28 -154.88
N ARG DA 473 84.24 50.61 -155.24
CA ARG DA 473 83.27 49.55 -155.52
C ARG DA 473 83.71 48.62 -156.64
N PRO DA 474 84.30 49.09 -157.76
CA PRO DA 474 84.90 48.15 -158.70
C PRO DA 474 86.20 47.58 -158.17
N ASP DA 475 86.89 46.79 -158.98
CA ASP DA 475 88.19 46.24 -158.60
C ASP DA 475 89.34 46.74 -159.46
N ALA DA 476 89.06 47.46 -160.55
CA ALA DA 476 90.12 47.99 -161.40
C ALA DA 476 90.87 49.11 -160.68
N LEU DA 477 91.83 49.71 -161.38
CA LEU DA 477 92.70 50.72 -160.78
C LEU DA 477 92.62 52.07 -161.48
N VAL DA 478 92.83 52.13 -162.80
CA VAL DA 478 92.91 53.43 -163.47
C VAL DA 478 91.54 53.82 -164.05
N GLY DA 479 90.65 52.85 -164.26
CA GLY DA 479 89.30 53.19 -164.65
C GLY DA 479 88.61 54.11 -163.65
N LEU DA 480 88.96 53.98 -162.37
CA LEU DA 480 88.41 54.87 -161.35
C LEU DA 480 88.71 56.33 -161.67
N MET DA 481 89.98 56.64 -161.95
CA MET DA 481 90.32 58.03 -162.24
C MET DA 481 89.81 58.46 -163.62
N GLN DA 482 89.79 57.53 -164.58
CA GLN DA 482 89.27 57.89 -165.91
C GLN DA 482 87.78 58.22 -165.87
N ARG DA 483 87.02 57.56 -165.00
CA ARG DA 483 85.60 57.88 -164.85
C ARG DA 483 85.38 59.06 -163.91
N PHE DA 484 86.27 59.26 -162.93
CA PHE DA 484 86.16 60.42 -162.07
C PHE DA 484 86.48 61.70 -162.82
N LEU DA 485 87.31 61.62 -163.86
CA LEU DA 485 87.55 62.78 -164.72
C LEU DA 485 86.24 63.40 -165.18
N GLU DA 486 85.28 62.58 -165.59
CA GLU DA 486 84.00 63.07 -166.05
C GLU DA 486 83.00 63.26 -164.90
N GLU DA 487 83.08 62.42 -163.87
CA GLU DA 487 82.16 62.57 -162.74
C GLU DA 487 82.42 63.86 -161.95
N TRP DA 488 83.65 64.36 -161.98
CA TRP DA 488 84.00 65.49 -161.11
C TRP DA 488 83.37 66.80 -161.55
N PRO DA 489 83.46 67.24 -162.82
CA PRO DA 489 82.90 68.55 -163.18
C PRO DA 489 81.39 68.67 -162.96
N GLY DA 490 80.72 67.59 -162.59
CA GLY DA 490 79.31 67.65 -162.24
C GLY DA 490 79.10 67.54 -160.74
N MET DA 491 79.91 66.70 -160.09
CA MET DA 491 79.86 66.58 -158.64
C MET DA 491 80.10 67.93 -157.97
N MET DA 492 80.90 68.80 -158.59
CA MET DA 492 81.05 70.17 -158.15
C MET DA 492 80.43 71.10 -159.18
N PRO DA 493 79.18 71.53 -158.99
CA PRO DA 493 78.52 72.37 -160.01
C PRO DA 493 79.19 73.70 -160.28
N VAL DA 494 79.35 74.53 -159.25
CA VAL DA 494 79.95 75.86 -159.38
C VAL DA 494 81.03 75.94 -158.30
N ARG DA 495 81.64 77.11 -158.12
CA ARG DA 495 82.78 77.23 -157.22
C ARG DA 495 82.38 77.03 -155.77
N PRO DA 496 82.90 76.01 -155.10
CA PRO DA 496 82.55 75.77 -153.70
C PRO DA 496 83.37 76.66 -152.77
N ARG DA 497 82.97 76.65 -151.50
CA ARG DA 497 83.80 77.20 -150.45
C ARG DA 497 84.99 76.27 -150.20
N TRP DA 498 85.82 76.62 -149.21
CA TRP DA 498 87.00 75.84 -148.87
C TRP DA 498 87.97 75.78 -150.05
N ALA DA 499 87.65 76.46 -151.14
CA ALA DA 499 88.51 76.55 -152.31
C ALA DA 499 89.54 77.67 -152.17
N ALA DA 500 89.06 78.91 -152.10
CA ALA DA 500 89.92 80.07 -151.92
C ALA DA 500 89.21 81.10 -151.05
N PRO DA 501 89.07 80.81 -149.75
CA PRO DA 501 88.70 81.88 -148.81
C PRO DA 501 89.85 82.80 -148.48
N ALA DA 502 91.06 82.48 -148.97
CA ALA DA 502 92.19 83.38 -148.81
C ALA DA 502 91.94 84.72 -149.48
N ALA DA 503 91.16 84.73 -150.57
CA ALA DA 503 90.79 85.98 -151.21
C ALA DA 503 89.77 86.77 -150.39
N ALA DA 504 89.03 86.10 -149.51
CA ALA DA 504 88.04 86.77 -148.67
C ALA DA 504 88.61 87.01 -147.27
N ASP DA 505 89.55 87.96 -147.18
CA ASP DA 505 90.15 88.28 -145.89
C ASP DA 505 89.13 88.82 -144.91
N GLN DA 506 88.09 89.49 -145.41
CA GLN DA 506 87.00 89.99 -144.56
C GLN DA 506 85.92 88.92 -144.41
N LEU DA 507 86.35 87.75 -143.92
CA LEU DA 507 85.40 86.68 -143.64
C LEU DA 507 84.35 87.09 -142.62
N LEU DA 508 84.60 88.17 -141.87
CA LEU DA 508 83.64 88.70 -140.90
C LEU DA 508 82.71 89.73 -141.52
N ALA DA 509 82.49 89.65 -142.84
CA ALA DA 509 81.58 90.58 -143.50
C ALA DA 509 80.18 90.43 -142.92
N PRO DA 510 79.40 91.52 -142.85
CA PRO DA 510 78.08 91.44 -142.23
C PRO DA 510 77.03 90.75 -143.10
N GLY DA 511 77.45 90.13 -144.19
CA GLY DA 511 76.51 89.50 -145.10
C GLY DA 511 76.85 88.09 -145.54
N ASN DA 512 78.03 87.61 -145.21
CA ASN DA 512 78.43 86.26 -145.61
C ASN DA 512 77.79 85.23 -144.69
N ALA DA 513 77.96 83.96 -145.06
CA ALA DA 513 77.42 82.85 -144.29
C ALA DA 513 78.46 82.09 -143.49
N ASP DA 514 79.73 82.13 -143.92
CA ASP DA 514 80.80 81.44 -143.19
C ASP DA 514 80.90 81.88 -141.74
N LEU DA 515 80.34 83.05 -141.41
CA LEU DA 515 80.30 83.47 -140.02
C LEU DA 515 79.51 82.48 -139.17
N ARG DA 516 78.36 82.03 -139.69
CA ARG DA 516 77.49 81.11 -138.93
C ARG DA 516 78.09 79.72 -138.77
N LEU DA 517 79.20 79.43 -139.45
CA LEU DA 517 79.76 78.08 -139.46
C LEU DA 517 80.87 77.86 -138.45
N GLU DA 518 81.66 78.88 -138.14
CA GLU DA 518 82.83 78.74 -137.27
C GLU DA 518 82.44 79.05 -135.84
N LEU DA 519 82.39 78.01 -135.01
CA LEU DA 519 81.96 78.12 -133.61
C LEU DA 519 82.97 77.56 -132.62
N HIS DA 520 83.96 76.81 -133.05
CA HIS DA 520 84.81 76.07 -132.14
C HIS DA 520 86.23 76.00 -132.67
N PRO DA 521 87.22 76.50 -131.91
CA PRO DA 521 88.60 76.50 -132.42
C PRO DA 521 89.18 75.11 -132.63
N ALA DA 522 88.53 74.05 -132.14
CA ALA DA 522 89.06 72.70 -132.28
C ALA DA 522 88.08 71.75 -132.95
N PHE DA 523 86.98 72.25 -133.48
CA PHE DA 523 86.03 71.41 -134.21
C PHE DA 523 85.56 72.12 -135.45
N ASP DA 524 85.65 71.44 -136.60
CA ASP DA 524 85.25 72.01 -137.87
C ASP DA 524 83.81 71.61 -138.17
N PHE DA 525 82.96 72.61 -138.40
CA PHE DA 525 81.57 72.39 -138.74
C PHE DA 525 81.40 72.66 -140.22
N PHE DA 526 80.50 71.91 -140.86
CA PHE DA 526 80.29 72.04 -142.30
C PHE DA 526 79.06 71.27 -142.72
N VAL DA 527 78.48 71.70 -143.83
CA VAL DA 527 77.37 71.00 -144.47
C VAL DA 527 77.90 69.76 -145.17
N ALA DA 528 77.08 68.72 -145.21
CA ALA DA 528 77.47 67.48 -145.88
C ALA DA 528 76.24 66.62 -146.10
N PRO DA 529 76.20 65.83 -147.17
CA PRO DA 529 75.20 64.76 -147.27
C PRO DA 529 75.53 63.62 -146.32
N GLU DA 530 74.48 62.91 -145.92
CA GLU DA 530 74.58 61.97 -144.81
C GLU DA 530 74.07 60.58 -145.21
N VAL DA 531 74.56 60.04 -146.31
CA VAL DA 531 74.06 58.73 -146.72
C VAL DA 531 74.92 57.60 -146.16
N ASP DA 532 76.19 57.50 -146.56
CA ASP DA 532 77.03 56.39 -146.12
C ASP DA 532 78.28 56.84 -145.36
N VAL DA 533 79.15 57.62 -145.99
CA VAL DA 533 80.41 58.08 -145.40
C VAL DA 533 81.16 56.90 -144.78
N PRO DA 534 81.84 56.06 -145.59
CA PRO DA 534 82.10 56.25 -147.02
C PRO DA 534 81.07 55.61 -147.93
N GLY DA 535 80.86 56.19 -149.10
CA GLY DA 535 79.86 55.70 -150.02
C GLY DA 535 80.45 55.05 -151.25
N PRO DA 536 79.58 54.53 -152.14
CA PRO DA 536 80.05 53.96 -153.41
C PRO DA 536 80.56 55.04 -154.36
N PHE DA 537 81.02 54.63 -155.55
CA PHE DA 537 81.61 55.55 -156.52
C PHE DA 537 80.53 56.30 -157.30
N ALA DA 538 79.72 57.05 -156.56
CA ALA DA 538 78.71 57.94 -157.12
C ALA DA 538 78.10 58.75 -155.99
N VAL DA 539 77.67 59.95 -156.31
CA VAL DA 539 77.01 60.85 -155.37
C VAL DA 539 75.57 61.05 -155.83
N PRO DA 540 74.58 60.67 -155.03
CA PRO DA 540 73.18 60.81 -155.45
C PRO DA 540 72.72 62.25 -155.34
N GLN DA 541 71.52 62.49 -155.87
CA GLN DA 541 70.90 63.82 -155.84
C GLN DA 541 69.83 63.82 -154.75
N VAL DA 542 70.29 63.94 -153.51
CA VAL DA 542 69.44 63.92 -152.33
C VAL DA 542 69.93 65.04 -151.39
N MET DA 543 69.22 65.22 -150.27
CA MET DA 543 69.51 66.29 -149.31
C MET DA 543 70.76 65.97 -148.49
N GLY DA 544 71.03 66.85 -147.51
CA GLY DA 544 72.14 66.68 -146.59
C GLY DA 544 71.93 67.59 -145.40
N GLN DA 545 72.87 67.53 -144.46
CA GLN DA 545 72.77 68.31 -143.23
C GLN DA 545 74.15 68.84 -142.86
N VAL DA 546 74.28 69.31 -141.62
CA VAL DA 546 75.51 69.89 -141.09
C VAL DA 546 76.03 68.98 -139.97
N ARG DA 547 77.34 68.77 -139.95
CA ARG DA 547 77.98 67.86 -139.01
C ARG DA 547 79.22 68.55 -138.44
N ALA DA 548 80.07 67.78 -137.77
CA ALA DA 548 81.27 68.31 -137.15
C ALA DA 548 82.43 67.35 -137.35
N MET DA 549 83.63 67.92 -137.48
CA MET DA 549 84.86 67.16 -137.60
C MET DA 549 85.87 67.69 -136.59
N PRO DA 550 86.54 66.82 -135.83
CA PRO DA 550 87.55 67.31 -134.88
C PRO DA 550 88.78 67.84 -135.60
N ARG DA 551 89.15 69.08 -135.30
CA ARG DA 551 90.39 69.67 -135.81
C ARG DA 551 91.53 69.08 -135.01
N ILE DA 552 92.19 68.06 -135.56
CA ILE DA 552 93.17 67.30 -134.80
C ILE DA 552 94.41 68.14 -134.52
N ILE DA 553 94.99 68.73 -135.56
CA ILE DA 553 96.20 69.51 -135.42
C ILE DA 553 95.85 71.00 -135.52
N ASN DA 554 96.83 71.85 -135.22
CA ASN DA 554 96.61 73.28 -135.21
C ASN DA 554 96.60 73.87 -136.61
N GLY DA 555 97.46 73.38 -137.50
CA GLY DA 555 97.62 73.97 -138.82
C GLY DA 555 96.36 73.97 -139.65
N ASN DA 556 95.38 73.13 -139.32
CA ASN DA 556 94.12 73.10 -140.05
C ASN DA 556 93.33 74.39 -139.90
N ILE DA 557 93.77 75.31 -139.05
CA ILE DA 557 93.02 76.55 -138.87
C ILE DA 557 93.08 77.36 -140.16
N PRO DA 558 91.95 77.87 -140.65
CA PRO DA 558 91.99 78.74 -141.83
C PRO DA 558 92.90 79.94 -141.60
N LEU DA 559 93.38 80.52 -142.69
CA LEU DA 559 94.38 81.58 -142.61
C LEU DA 559 93.82 82.84 -141.96
N ALA DA 560 92.53 83.13 -142.17
CA ALA DA 560 91.96 84.38 -141.70
C ALA DA 560 91.94 84.49 -140.18
N LEU DA 561 91.97 83.37 -139.47
CA LEU DA 561 92.05 83.38 -138.02
C LEU DA 561 93.44 83.02 -137.51
N CYS DA 562 94.39 82.76 -138.42
CA CYS DA 562 95.78 82.47 -138.06
C CYS DA 562 96.67 82.72 -139.27
N PRO DA 563 97.13 83.95 -139.46
CA PRO DA 563 97.86 84.29 -140.69
C PRO DA 563 99.18 83.54 -140.83
N VAL DA 564 99.64 83.48 -142.09
CA VAL DA 564 100.89 82.80 -142.41
C VAL DA 564 102.08 83.54 -141.81
N ASP DA 565 101.96 84.85 -141.61
CA ASP DA 565 103.03 85.62 -140.98
C ASP DA 565 103.35 85.06 -139.60
N PHE DA 566 102.32 84.81 -138.79
CA PHE DA 566 102.54 84.25 -137.46
C PHE DA 566 103.17 82.87 -137.55
N ARG DA 567 102.77 82.08 -138.55
CA ARG DA 567 103.33 80.74 -138.70
C ARG DA 567 104.82 80.80 -139.00
N ASP DA 568 105.22 81.65 -139.95
CA ASP DA 568 106.63 81.80 -140.25
C ASP DA 568 107.39 82.43 -139.08
N ALA DA 569 106.74 83.29 -138.31
CA ALA DA 569 107.38 83.86 -137.14
C ALA DA 569 107.69 82.80 -136.09
N ARG DA 570 106.70 81.97 -135.77
CA ARG DA 570 106.94 80.92 -134.79
C ARG DA 570 107.91 79.86 -135.30
N GLY DA 571 107.90 79.61 -136.61
CA GLY DA 571 108.93 78.75 -137.19
C GLY DA 571 110.33 79.32 -137.00
N PHE DA 572 110.48 80.61 -137.29
CA PHE DA 572 111.74 81.30 -137.03
C PHE DA 572 112.12 81.20 -135.57
N GLU DA 573 111.12 81.26 -134.67
CA GLU DA 573 111.40 81.07 -133.26
C GLU DA 573 112.00 79.69 -133.00
N LEU DA 574 111.32 78.64 -133.48
CA LEU DA 574 111.82 77.29 -133.28
C LEU DA 574 113.11 77.03 -134.07
N SER DA 575 113.41 77.87 -135.05
CA SER DA 575 114.53 77.60 -135.95
C SER DA 575 115.88 77.72 -135.25
N VAL DA 576 116.06 78.76 -134.45
CA VAL DA 576 117.37 79.10 -133.88
C VAL DA 576 117.80 78.02 -132.90
N ASP DA 577 119.11 77.81 -132.81
CA ASP DA 577 119.78 76.99 -131.80
C ASP DA 577 119.61 75.50 -132.01
N ARG DA 578 119.04 75.06 -133.14
CA ARG DA 578 118.88 73.64 -133.41
C ARG DA 578 119.73 73.18 -134.59
N HIS DA 579 119.51 73.76 -135.78
CA HIS DA 579 120.24 73.37 -136.96
C HIS DA 579 119.99 74.37 -138.06
N ARG DA 580 121.05 74.70 -138.80
CA ARG DA 580 120.98 75.56 -139.97
C ARG DA 580 121.41 74.78 -141.19
N LEU DA 581 120.64 74.89 -142.26
CA LEU DA 581 120.90 74.16 -143.50
C LEU DA 581 121.70 75.09 -144.40
N ALA DA 582 123.00 74.85 -144.49
CA ALA DA 582 123.95 75.71 -145.21
C ALA DA 582 123.48 75.95 -146.64
N PRO DA 583 123.75 77.13 -147.19
CA PRO DA 583 123.17 77.50 -148.50
C PRO DA 583 123.44 76.51 -149.62
N ALA DA 584 124.55 75.78 -149.58
CA ALA DA 584 124.88 74.88 -150.69
C ALA DA 584 123.95 73.67 -150.72
N THR DA 585 123.68 73.09 -149.56
CA THR DA 585 122.80 71.92 -149.49
C THR DA 585 121.40 72.25 -150.02
N VAL DA 586 120.76 73.23 -149.39
CA VAL DA 586 119.43 73.66 -149.83
C VAL DA 586 119.48 74.16 -151.26
N ALA DA 587 120.62 74.71 -151.69
CA ALA DA 587 120.77 75.18 -153.06
C ALA DA 587 120.62 74.02 -154.04
N ALA DA 588 121.37 72.94 -153.81
CA ALA DA 588 121.24 71.77 -154.67
C ALA DA 588 119.84 71.18 -154.58
N VAL DA 589 119.26 71.17 -153.39
CA VAL DA 589 117.93 70.60 -153.21
C VAL DA 589 116.90 71.36 -154.05
N ARG DA 590 116.91 72.69 -153.97
CA ARG DA 590 115.94 73.46 -154.74
C ARG DA 590 116.28 73.46 -156.23
N GLY DA 591 117.56 73.33 -156.58
CA GLY DA 591 117.91 73.17 -157.98
C GLY DA 591 117.32 71.90 -158.57
N ALA DA 592 117.26 70.84 -157.78
CA ALA DA 592 116.60 69.63 -158.25
C ALA DA 592 115.09 69.76 -158.19
N PHE DA 593 114.57 70.51 -157.21
CA PHE DA 593 113.13 70.63 -157.00
C PHE DA 593 112.44 71.57 -157.99
N ARG DA 594 113.17 72.49 -158.61
CA ARG DA 594 112.56 73.57 -159.38
C ARG DA 594 112.57 73.36 -160.88
N ASP DA 595 113.66 72.84 -161.44
CA ASP DA 595 113.78 72.72 -162.89
C ASP DA 595 112.84 71.64 -163.42
N ALA DA 596 112.52 71.75 -164.71
CA ALA DA 596 111.70 70.77 -165.42
C ALA DA 596 112.51 69.92 -166.37
N ASN DA 597 113.84 70.06 -166.39
CA ASN DA 597 114.71 69.22 -167.20
C ASN DA 597 115.22 68.01 -166.43
N TYR DA 598 114.47 67.53 -165.45
CA TYR DA 598 114.90 66.38 -164.67
C TYR DA 598 114.72 65.11 -165.49
N PRO DA 599 115.72 64.21 -165.50
CA PRO DA 599 115.66 63.06 -166.41
C PRO DA 599 114.66 62.01 -165.94
N MET DA 600 113.79 61.58 -166.85
CA MET DA 600 112.88 60.48 -166.58
C MET DA 600 113.61 59.17 -166.33
N VAL DA 601 114.87 59.08 -166.77
CA VAL DA 601 115.67 57.89 -166.49
C VAL DA 601 115.86 57.74 -164.99
N PHE DA 602 116.09 58.84 -164.28
CA PHE DA 602 116.13 58.80 -162.82
C PHE DA 602 114.87 58.16 -162.26
N TYR DA 603 113.70 58.58 -162.78
CA TYR DA 603 112.43 58.05 -162.29
C TYR DA 603 112.34 56.55 -162.51
N ILE DA 604 112.71 56.09 -163.71
CA ILE DA 604 112.58 54.66 -163.96
C ILE DA 604 113.61 53.88 -163.15
N ILE DA 605 114.76 54.48 -162.83
CA ILE DA 605 115.69 53.82 -161.92
C ILE DA 605 115.04 53.64 -160.55
N GLU DA 606 114.40 54.70 -160.05
CA GLU DA 606 113.67 54.59 -158.79
C GLU DA 606 112.66 53.46 -158.86
N ALA DA 607 111.81 53.47 -159.89
CA ALA DA 607 110.77 52.46 -160.03
C ALA DA 607 111.36 51.06 -160.14
N VAL DA 608 112.58 50.95 -160.67
CA VAL DA 608 113.23 49.65 -160.77
C VAL DA 608 113.71 49.18 -159.40
N ILE DA 609 114.34 50.09 -158.64
CA ILE DA 609 114.80 49.73 -157.31
C ILE DA 609 113.59 49.60 -156.37
N HIS DA 610 112.71 50.60 -156.39
CA HIS DA 610 111.53 50.70 -155.53
C HIS DA 610 111.81 50.30 -154.09
N GLY DA 611 112.98 50.67 -153.57
CA GLY DA 611 113.26 50.62 -152.15
C GLY DA 611 113.78 49.31 -151.60
N SER DA 612 114.03 48.31 -152.45
CA SER DA 612 114.48 47.01 -151.97
C SER DA 612 115.99 47.02 -151.76
N GLU DA 613 116.43 46.49 -150.61
CA GLU DA 613 117.86 46.49 -150.29
C GLU DA 613 118.64 45.59 -151.25
N ARG DA 614 118.05 44.45 -151.62
CA ARG DA 614 118.72 43.53 -152.53
C ARG DA 614 118.96 44.17 -153.89
N THR DA 615 117.91 44.71 -154.51
CA THR DA 615 118.05 45.35 -155.81
C THR DA 615 118.62 46.75 -155.72
N PHE DA 616 118.93 47.26 -154.53
CA PHE DA 616 119.79 48.43 -154.46
C PHE DA 616 121.25 48.02 -154.45
N CYS DA 617 121.62 47.10 -153.56
CA CYS DA 617 123.00 46.64 -153.49
C CYS DA 617 123.45 46.01 -154.81
N ALA DA 618 122.53 45.36 -155.53
CA ALA DA 618 122.86 44.83 -156.84
C ALA DA 618 122.87 45.93 -157.91
N LEU DA 619 122.19 47.04 -157.67
CA LEU DA 619 122.13 48.15 -158.62
C LEU DA 619 122.97 49.33 -158.14
N ALA DA 620 124.13 49.04 -157.54
CA ALA DA 620 124.92 50.07 -156.87
C ALA DA 620 125.73 50.91 -157.86
N ARG DA 621 126.41 50.27 -158.82
CA ARG DA 621 127.28 51.04 -159.70
C ARG DA 621 126.48 51.95 -160.62
N LEU DA 622 125.29 51.52 -161.03
CA LEU DA 622 124.43 52.36 -161.87
C LEU DA 622 124.06 53.65 -161.15
N VAL DA 623 123.53 53.55 -159.93
CA VAL DA 623 123.12 54.74 -159.20
C VAL DA 623 124.33 55.59 -158.84
N ALA DA 624 125.48 54.95 -158.58
CA ALA DA 624 126.69 55.73 -158.32
C ALA DA 624 127.08 56.57 -159.53
N GLN DA 625 127.12 55.92 -160.70
CA GLN DA 625 127.45 56.63 -161.93
C GLN DA 625 126.50 57.78 -162.18
N CYS DA 626 125.20 57.55 -161.93
CA CYS DA 626 124.22 58.59 -162.21
C CYS DA 626 124.38 59.78 -161.27
N ILE DA 627 124.54 59.52 -159.96
CA ILE DA 627 124.85 60.59 -159.01
C ILE DA 627 126.02 61.42 -159.51
N GLN DA 628 127.11 60.73 -159.87
CA GLN DA 628 128.34 61.43 -160.19
C GLN DA 628 128.19 62.27 -161.46
N SER DA 629 127.64 61.70 -162.53
CA SER DA 629 127.51 62.46 -163.77
C SER DA 629 126.53 63.63 -163.62
N TYR DA 630 125.45 63.43 -162.87
CA TYR DA 630 124.49 64.52 -162.71
C TYR DA 630 125.11 65.69 -161.95
N TRP DA 631 125.89 65.41 -160.91
CA TRP DA 631 126.60 66.50 -160.23
C TRP DA 631 127.61 67.16 -161.16
N ARG DA 632 128.37 66.36 -161.92
CA ARG DA 632 129.36 66.93 -162.82
C ARG DA 632 128.72 67.85 -163.86
N ASN DA 633 127.47 67.58 -164.23
CA ASN DA 633 126.85 68.41 -165.24
C ASN DA 633 126.23 69.66 -164.62
N THR DA 634 125.46 69.52 -163.53
CA THR DA 634 124.67 70.64 -163.02
C THR DA 634 125.00 71.06 -161.61
N HIS DA 635 125.67 70.20 -160.82
CA HIS DA 635 125.93 70.45 -159.38
C HIS DA 635 124.64 70.43 -158.57
N ASN DA 636 123.76 69.48 -158.88
CA ASN DA 636 122.52 69.29 -158.15
C ASN DA 636 122.46 67.86 -157.63
N ALA DA 637 121.59 67.63 -156.65
CA ALA DA 637 121.42 66.29 -156.11
C ALA DA 637 120.29 65.57 -156.84
N ALA DA 638 120.30 64.24 -156.74
CA ALA DA 638 119.31 63.41 -157.40
C ALA DA 638 118.68 62.47 -156.38
N PHE DA 639 117.56 61.88 -156.80
CA PHE DA 639 116.81 60.91 -156.00
C PHE DA 639 116.36 61.48 -154.65
N VAL DA 640 116.25 62.81 -154.54
CA VAL DA 640 115.83 63.42 -153.28
C VAL DA 640 114.39 63.06 -152.95
N ASN DA 641 113.57 62.77 -153.97
CA ASN DA 641 112.15 62.50 -153.78
C ASN DA 641 111.88 61.11 -153.21
N ASN DA 642 112.88 60.43 -152.66
CA ASN DA 642 112.68 59.10 -152.08
C ASN DA 642 113.54 58.95 -150.84
N PHE DA 643 112.89 58.82 -149.67
CA PHE DA 643 113.62 58.67 -148.42
C PHE DA 643 114.42 57.37 -148.39
N TYR DA 644 113.84 56.29 -148.92
CA TYR DA 644 114.57 55.03 -149.00
C TYR DA 644 115.84 55.18 -149.81
N MET DA 645 115.75 55.90 -150.95
CA MET DA 645 116.93 56.08 -151.78
C MET DA 645 118.00 56.89 -151.07
N VAL DA 646 117.60 58.00 -150.44
CA VAL DA 646 118.58 58.85 -149.76
C VAL DA 646 119.23 58.11 -148.59
N MET DA 647 118.46 57.26 -147.89
CA MET DA 647 119.03 56.55 -146.76
C MET DA 647 119.94 55.41 -147.23
N TYR DA 648 119.56 54.71 -148.30
CA TYR DA 648 120.46 53.72 -148.87
C TYR DA 648 121.76 54.36 -149.30
N ILE DA 649 121.69 55.56 -149.87
CA ILE DA 649 122.88 56.29 -150.28
C ILE DA 649 123.75 56.59 -149.06
N ASN DA 650 123.17 57.24 -148.04
CA ASN DA 650 123.98 57.62 -146.88
C ASN DA 650 124.42 56.42 -146.06
N THR DA 651 123.85 55.24 -146.30
CA THR DA 651 124.26 54.06 -145.56
C THR DA 651 125.38 53.30 -146.25
N TYR DA 652 125.14 52.85 -147.48
CA TYR DA 652 126.10 52.02 -148.19
C TYR DA 652 127.03 52.82 -149.10
N LEU DA 653 126.58 53.97 -149.61
CA LEU DA 653 127.45 54.86 -150.37
C LEU DA 653 128.06 55.89 -149.42
N GLY DA 654 128.95 55.39 -148.57
CA GLY DA 654 129.72 56.23 -147.68
C GLY DA 654 131.21 56.09 -147.94
N ASN DA 655 131.54 55.18 -148.86
CA ASN DA 655 132.95 54.89 -149.16
C ASN DA 655 133.64 56.03 -149.89
N GLY DA 656 132.88 56.88 -150.58
CA GLY DA 656 133.46 58.03 -151.26
C GLY DA 656 133.59 57.91 -152.76
N GLU DA 657 132.87 56.99 -153.41
CA GLU DA 657 132.90 56.92 -154.87
C GLU DA 657 132.33 58.19 -155.48
N LEU DA 658 131.15 58.60 -155.02
CA LEU DA 658 130.72 59.97 -155.25
C LEU DA 658 131.67 60.91 -154.52
N PRO DA 659 131.84 62.14 -154.99
CA PRO DA 659 132.79 63.04 -154.34
C PRO DA 659 132.33 63.43 -152.95
N GLU DA 660 133.15 64.26 -152.32
CA GLU DA 660 132.91 64.66 -150.94
C GLU DA 660 131.68 65.55 -150.81
N ASP DA 661 131.41 66.36 -151.84
CA ASP DA 661 130.26 67.26 -151.80
C ASP DA 661 128.94 66.49 -151.99
N CYS DA 662 128.92 65.55 -152.93
CA CYS DA 662 127.70 64.78 -153.19
C CYS DA 662 127.26 64.01 -151.95
N ALA DA 663 128.21 63.55 -151.13
CA ALA DA 663 127.85 62.87 -149.90
C ALA DA 663 127.57 63.86 -148.77
N ALA DA 664 128.26 65.01 -148.77
CA ALA DA 664 128.05 65.99 -147.71
C ALA DA 664 126.63 66.56 -147.75
N VAL DA 665 126.12 66.84 -148.96
CA VAL DA 665 124.76 67.33 -149.07
C VAL DA 665 123.78 66.33 -148.47
N TYR DA 666 123.85 65.07 -148.92
CA TYR DA 666 122.92 64.05 -148.47
C TYR DA 666 123.01 63.86 -146.95
N LYS DA 667 124.23 63.82 -146.42
CA LYS DA 667 124.38 63.60 -144.98
C LYS DA 667 123.79 64.75 -144.19
N ASP DA 668 124.03 66.00 -144.62
CA ASP DA 668 123.44 67.13 -143.91
C ASP DA 668 121.92 67.09 -143.98
N LEU DA 669 121.38 66.71 -145.13
CA LEU DA 669 119.93 66.58 -145.27
C LEU DA 669 119.37 65.60 -144.23
N LEU DA 670 119.94 64.40 -144.19
CA LEU DA 670 119.42 63.41 -143.26
C LEU DA 670 119.65 63.81 -141.81
N GLU DA 671 120.72 64.57 -141.51
CA GLU DA 671 120.91 65.03 -140.14
C GLU DA 671 119.88 66.08 -139.77
N HIS DA 672 119.45 66.92 -140.72
CA HIS DA 672 118.33 67.80 -140.43
C HIS DA 672 117.07 67.01 -140.18
N VAL DA 673 116.87 65.93 -140.93
CA VAL DA 673 115.72 65.05 -140.66
C VAL DA 673 115.78 64.53 -139.23
N HIS DA 674 116.97 64.13 -138.78
CA HIS DA 674 117.12 63.57 -137.43
C HIS DA 674 116.90 64.62 -136.35
N ALA DA 675 117.48 65.82 -136.51
CA ALA DA 675 117.24 66.89 -135.52
C ALA DA 675 115.78 67.30 -135.51
N LEU DA 676 115.14 67.28 -136.69
CA LEU DA 676 113.70 67.51 -136.77
C LEU DA 676 112.93 66.46 -135.99
N ARG DA 677 113.40 65.21 -136.02
CA ARG DA 677 112.83 64.19 -135.13
C ARG DA 677 113.05 64.55 -133.67
N ARG DA 678 114.24 65.06 -133.35
CA ARG DA 678 114.56 65.37 -131.96
C ARG DA 678 113.69 66.49 -131.39
N LEU DA 679 113.25 67.41 -132.24
CA LEU DA 679 112.49 68.57 -131.77
C LEU DA 679 111.37 68.20 -130.81
N ILE DA 680 110.64 67.12 -131.11
CA ILE DA 680 109.41 66.81 -130.37
C ILE DA 680 109.72 66.41 -128.93
N GLY DA 681 110.66 65.48 -128.75
CA GLY DA 681 110.97 64.98 -127.42
C GLY DA 681 111.35 66.08 -126.44
N GLU DA 682 111.87 67.19 -126.95
CA GLU DA 682 112.17 68.33 -126.09
C GLU DA 682 110.90 68.98 -125.54
N PHE DA 683 109.81 68.97 -126.32
CA PHE DA 683 108.57 69.64 -125.95
C PHE DA 683 107.53 68.67 -125.40
N THR DA 684 107.98 67.62 -124.71
CA THR DA 684 107.09 66.56 -124.26
C THR DA 684 107.62 66.00 -122.95
N LEU DA 685 106.73 65.82 -121.98
CA LEU DA 685 107.07 65.28 -120.67
C LEU DA 685 106.85 63.78 -120.65
N PRO DA 686 107.76 63.03 -120.04
CA PRO DA 686 107.52 61.60 -119.84
C PRO DA 686 106.41 61.35 -118.83
N GLY DA 687 105.86 60.16 -118.88
CA GLY DA 687 104.80 59.76 -117.97
C GLY DA 687 104.58 58.27 -118.02
N ASP DA 688 103.31 57.87 -118.00
CA ASP DA 688 102.88 56.49 -118.11
C ASP DA 688 101.95 56.31 -119.32
N PRO DA 689 101.98 55.15 -119.98
CA PRO DA 689 101.10 54.92 -121.14
C PRO DA 689 99.64 55.21 -120.86
N LEU DA 690 99.09 56.21 -121.56
CA LEU DA 690 97.70 56.59 -121.37
C LEU DA 690 96.75 55.71 -122.17
N GLY DA 691 96.87 55.73 -123.50
CA GLY DA 691 95.99 54.95 -124.35
C GLY DA 691 96.70 53.72 -124.86
N ASN DA 692 97.46 53.06 -123.97
CA ASN DA 692 98.38 52.00 -124.35
C ASN DA 692 99.29 52.49 -125.48
N GLN DA 693 99.79 53.71 -125.30
CA GLN DA 693 100.45 54.46 -126.36
C GLN DA 693 101.34 55.50 -125.71
N PRO DA 694 102.57 55.69 -126.20
CA PRO DA 694 103.48 56.66 -125.57
C PRO DA 694 102.86 58.05 -125.47
N GLN DA 695 103.37 58.83 -124.52
CA GLN DA 695 102.84 60.16 -124.27
C GLN DA 695 103.35 61.16 -125.30
N GLU DA 696 104.60 61.02 -125.71
CA GLU DA 696 105.11 61.83 -126.83
C GLU DA 696 104.27 61.63 -128.08
N GLU DA 697 103.73 60.42 -128.26
CA GLU DA 697 102.91 60.13 -129.44
C GLU DA 697 101.63 60.96 -129.43
N LEU DA 698 101.02 61.12 -128.26
CA LEU DA 698 99.74 61.81 -128.14
C LEU DA 698 99.86 63.32 -128.26
N ASN DA 699 101.07 63.84 -128.50
CA ASN DA 699 101.29 65.28 -128.64
C ASN DA 699 101.62 65.70 -130.06
N HIS DA 700 102.32 64.88 -130.82
CA HIS DA 700 102.66 65.20 -132.21
C HIS DA 700 102.03 64.18 -133.14
N ALA DA 701 101.32 64.69 -134.15
CA ALA DA 701 100.60 63.84 -135.09
C ALA DA 701 101.52 63.19 -136.12
N LEU DA 702 102.72 63.71 -136.31
CA LEU DA 702 103.67 63.06 -137.22
C LEU DA 702 104.24 61.80 -136.59
N ALA DA 703 104.60 61.86 -135.31
CA ALA DA 703 105.04 60.67 -134.59
C ALA DA 703 103.89 59.73 -134.27
N ASP DA 704 102.64 60.16 -134.50
CA ASP DA 704 101.48 59.32 -134.26
C ASP DA 704 101.51 58.10 -135.17
N ALA DA 705 101.58 56.91 -134.56
CA ALA DA 705 101.62 55.66 -135.33
C ALA DA 705 100.33 55.38 -136.06
N THR DA 706 99.27 56.14 -135.78
CA THR DA 706 97.96 55.89 -136.38
C THR DA 706 97.87 56.38 -137.82
N LEU DA 707 98.74 57.29 -138.23
CA LEU DA 707 98.76 57.80 -139.58
C LEU DA 707 99.79 57.03 -140.40
N LEU DA 708 99.39 56.60 -141.63
CA LEU DA 708 100.32 55.87 -142.48
C LEU DA 708 101.08 56.84 -143.39
N PRO DA 709 102.34 56.53 -143.70
CA PRO DA 709 103.12 57.42 -144.55
C PRO DA 709 102.55 57.44 -145.95
N PRO DA 710 102.71 58.55 -146.68
CA PRO DA 710 102.02 58.70 -147.96
C PRO DA 710 102.62 57.85 -149.07
N LEU DA 711 103.67 57.09 -148.77
CA LEU DA 711 104.34 56.28 -149.78
C LEU DA 711 104.98 55.09 -149.06
N ILE DA 712 104.34 53.93 -149.15
CA ILE DA 712 104.81 52.70 -148.52
C ILE DA 712 105.21 51.71 -149.62
N TRP DA 713 106.32 51.02 -149.40
CA TRP DA 713 106.81 50.01 -150.34
C TRP DA 713 106.92 48.63 -149.69
N ASP DA 714 106.25 48.41 -148.56
CA ASP DA 714 106.39 47.16 -147.82
C ASP DA 714 105.12 46.94 -147.00
N CYS DA 715 105.19 46.05 -146.02
CA CYS DA 715 104.09 45.77 -145.11
C CYS DA 715 104.39 46.17 -143.67
N ASP DA 716 105.51 46.86 -143.43
CA ASP DA 716 105.89 47.16 -142.04
C ASP DA 716 104.91 48.12 -141.36
N PRO DA 717 104.66 49.33 -141.87
CA PRO DA 717 103.84 50.27 -141.10
C PRO DA 717 102.37 49.88 -141.05
N ILE DA 718 101.84 49.31 -142.13
CA ILE DA 718 100.41 48.98 -142.17
C ILE DA 718 100.08 47.90 -141.14
N LEU DA 719 100.95 46.88 -141.01
CA LEU DA 719 100.73 45.86 -140.00
C LEU DA 719 101.15 46.34 -138.61
N TYR DA 720 102.14 47.24 -138.55
CA TYR DA 720 102.60 47.77 -137.27
C TYR DA 720 101.54 48.63 -136.61
N ARG DA 721 100.75 49.38 -137.40
CA ARG DA 721 99.68 50.16 -136.81
C ARG DA 721 98.62 49.26 -136.19
N ASP DA 722 98.37 48.10 -136.79
CA ASP DA 722 97.38 47.20 -136.21
C ASP DA 722 97.98 46.34 -135.11
N GLY DA 723 99.30 46.28 -135.02
CA GLY DA 723 99.95 45.69 -133.88
C GLY DA 723 100.23 46.66 -132.74
N LEU DA 724 100.01 47.96 -132.94
CA LEU DA 724 100.15 48.96 -131.88
C LEU DA 724 98.84 49.58 -131.45
N ALA DA 725 98.07 50.13 -132.38
CA ALA DA 725 96.79 50.74 -132.03
C ALA DA 725 95.89 49.75 -131.33
N GLU DA 726 95.99 48.48 -131.71
CA GLU DA 726 95.40 47.36 -130.96
C GLU DA 726 93.92 47.59 -130.68
N ARG DA 727 93.15 47.74 -131.76
CA ARG DA 727 91.69 47.69 -131.73
C ARG DA 727 91.06 48.74 -130.81
N LEU DA 728 91.87 49.58 -130.15
CA LEU DA 728 91.29 50.57 -129.26
C LEU DA 728 90.64 51.70 -130.03
N PRO DA 729 91.26 52.28 -131.07
CA PRO DA 729 90.48 53.10 -132.01
C PRO DA 729 89.99 52.26 -133.17
N GLU DA 730 88.81 52.62 -133.66
CA GLU DA 730 88.17 51.83 -134.71
C GLU DA 730 88.85 52.08 -136.06
N LEU DA 731 89.91 51.33 -136.35
CA LEU DA 731 90.63 51.44 -137.60
C LEU DA 731 90.19 50.35 -138.57
N ARG DA 732 90.39 50.61 -139.86
CA ARG DA 732 90.23 49.62 -140.91
C ARG DA 732 91.01 50.07 -142.14
N VAL DA 733 91.62 49.11 -142.83
CA VAL DA 733 92.39 49.36 -144.04
C VAL DA 733 91.47 49.07 -145.23
N ASN DA 734 90.89 50.12 -145.80
CA ASN DA 734 89.91 49.98 -146.86
C ASN DA 734 90.61 49.89 -148.21
N GLY DA 735 89.86 50.03 -149.29
CA GLY DA 735 90.40 49.83 -150.64
C GLY DA 735 89.92 48.52 -151.22
N ALA DA 736 90.77 47.50 -151.23
CA ALA DA 736 90.38 46.13 -151.52
C ALA DA 736 90.59 45.28 -150.28
N HIS DA 737 89.69 44.34 -150.05
CA HIS DA 737 89.76 43.53 -148.83
C HIS DA 737 91.08 42.77 -148.78
N PHE DA 738 91.61 42.65 -147.57
CA PHE DA 738 93.04 42.41 -147.38
C PHE DA 738 93.45 40.98 -147.67
N GLN DA 739 94.60 40.83 -148.36
CA GLN DA 739 95.30 39.57 -148.51
C GLN DA 739 96.77 39.80 -148.23
N HIS DA 740 97.43 38.80 -147.63
CA HIS DA 740 98.82 38.92 -147.22
C HIS DA 740 99.68 37.89 -147.92
N ILE DA 741 100.84 38.34 -148.41
CA ILE DA 741 101.80 37.49 -149.12
C ILE DA 741 103.20 37.86 -148.65
N LEU DA 742 104.01 36.84 -148.40
CA LEU DA 742 105.38 37.02 -147.89
C LEU DA 742 106.22 37.94 -148.77
N VAL DA 754 94.92 43.86 -159.63
CA VAL DA 754 93.51 44.19 -159.61
C VAL DA 754 92.92 43.85 -158.24
N GLY DA 755 93.47 42.80 -157.62
CA GLY DA 755 93.00 42.34 -156.32
C GLY DA 755 93.66 43.06 -155.17
N GLY DA 756 93.58 42.44 -153.99
CA GLY DA 756 94.15 43.01 -152.79
C GLY DA 756 95.50 42.44 -152.44
N GLY DA 757 96.36 42.26 -153.44
CA GLY DA 757 97.66 41.69 -153.19
C GLY DA 757 98.63 42.72 -152.64
N LEU DA 758 99.55 42.25 -151.79
CA LEU DA 758 100.61 43.07 -151.24
C LEU DA 758 101.92 42.31 -151.29
N VAL DA 759 103.00 43.05 -151.50
CA VAL DA 759 104.34 42.48 -151.61
C VAL DA 759 105.15 42.85 -150.38
N HIS DA 760 106.00 41.92 -149.95
CA HIS DA 760 106.89 42.12 -148.80
C HIS DA 760 108.32 41.89 -149.30
N ASN DA 761 108.95 42.93 -149.84
CA ASN DA 761 110.30 42.80 -150.35
C ASN DA 761 111.26 42.44 -149.23
N ARG DA 762 112.10 41.44 -149.47
CA ARG DA 762 113.03 40.96 -148.47
C ARG DA 762 114.34 40.55 -149.11
N PRO DA 763 115.48 40.80 -148.45
CA PRO DA 763 116.79 40.34 -148.93
C PRO DA 763 117.04 38.87 -148.60
N HIS DA 772 107.86 39.43 -137.66
CA HIS DA 772 109.29 39.62 -137.84
C HIS DA 772 109.61 40.31 -139.16
N PRO DA 773 109.28 41.60 -139.27
CA PRO DA 773 109.58 42.34 -140.50
C PRO DA 773 111.06 42.70 -140.60
N HIS DA 774 111.42 43.51 -141.60
CA HIS DA 774 112.82 43.81 -141.87
C HIS DA 774 113.32 45.08 -141.19
N HIS DA 775 112.58 46.19 -141.28
CA HIS DA 775 113.03 47.43 -140.66
C HIS DA 775 112.42 47.59 -139.27
N ASP DA 776 112.75 48.70 -138.63
CA ASP DA 776 112.25 49.06 -137.31
C ASP DA 776 111.00 49.94 -137.42
N ALA DA 777 110.60 50.54 -136.30
CA ALA DA 777 109.47 51.47 -136.30
C ALA DA 777 109.90 52.91 -136.56
N GLU DA 778 111.13 53.27 -136.18
CA GLU DA 778 111.58 54.65 -136.37
C GLU DA 778 111.73 55.01 -137.84
N TRP DA 779 111.94 54.01 -138.70
CA TRP DA 779 111.93 54.23 -140.14
C TRP DA 779 110.64 54.93 -140.57
N SER DA 780 109.49 54.43 -140.08
CA SER DA 780 108.20 54.95 -140.52
C SER DA 780 108.00 56.39 -140.08
N VAL DA 781 108.36 56.71 -138.84
CA VAL DA 781 108.19 58.09 -138.39
C VAL DA 781 109.16 59.01 -139.11
N LEU DA 782 110.39 58.55 -139.36
CA LEU DA 782 111.33 59.37 -140.12
C LEU DA 782 110.79 59.68 -141.50
N SER DA 783 110.21 58.67 -142.17
CA SER DA 783 109.65 58.88 -143.50
C SER DA 783 108.47 59.84 -143.45
N LYS DA 784 107.55 59.63 -142.52
CA LYS DA 784 106.44 60.54 -142.31
C LYS DA 784 106.93 61.98 -142.19
N ILE DA 785 107.77 62.24 -141.19
CA ILE DA 785 108.19 63.61 -140.91
C ILE DA 785 108.90 64.23 -142.11
N TYR DA 786 109.84 63.50 -142.72
CA TYR DA 786 110.55 64.02 -143.88
C TYR DA 786 109.57 64.38 -145.00
N TYR DA 787 108.79 63.39 -145.46
CA TYR DA 787 107.88 63.60 -146.58
C TYR DA 787 106.92 64.75 -146.35
N TYR DA 788 106.45 64.93 -145.11
CA TYR DA 788 105.42 65.93 -144.85
C TYR DA 788 105.98 67.31 -144.54
N ALA DA 789 107.24 67.42 -144.15
CA ALA DA 789 107.79 68.74 -143.84
C ALA DA 789 108.79 69.22 -144.90
N VAL DA 790 109.83 68.45 -145.18
CA VAL DA 790 110.94 68.97 -145.97
C VAL DA 790 110.55 69.07 -147.44
N VAL DA 791 109.78 68.11 -147.94
CA VAL DA 791 109.43 68.11 -149.36
C VAL DA 791 108.58 69.32 -149.75
N PRO DA 792 107.45 69.62 -149.10
CA PRO DA 792 106.65 70.78 -149.55
C PRO DA 792 107.35 72.10 -149.31
N ALA DA 793 108.38 72.15 -148.47
CA ALA DA 793 109.10 73.40 -148.23
C ALA DA 793 109.91 73.80 -149.45
N PHE DA 794 110.53 72.84 -150.13
CA PHE DA 794 111.19 73.11 -151.39
C PHE DA 794 110.22 73.07 -152.58
N SER DA 795 109.10 72.36 -152.43
CA SER DA 795 108.18 72.18 -153.56
C SER DA 795 107.29 73.38 -153.77
N ARG DA 796 106.86 74.03 -152.69
CA ARG DA 796 105.99 75.21 -152.77
C ARG DA 796 104.66 74.87 -153.45
N GLY DA 797 104.28 73.60 -153.45
CA GLY DA 797 103.05 73.19 -154.09
C GLY DA 797 103.17 72.81 -155.54
N ASN DA 798 104.30 72.25 -155.97
CA ASN DA 798 104.51 71.86 -157.35
C ASN DA 798 104.47 70.36 -157.57
N CYS DA 799 104.80 69.56 -156.56
CA CYS DA 799 104.87 68.12 -156.69
C CYS DA 799 103.48 67.53 -156.92
N CYS DA 800 103.46 66.22 -157.19
CA CYS DA 800 102.22 65.45 -157.31
C CYS DA 800 102.56 63.97 -157.26
N THR DA 801 101.81 63.22 -156.47
CA THR DA 801 101.96 61.77 -156.45
C THR DA 801 101.45 61.19 -157.77
N MET DA 802 102.24 60.32 -158.36
CA MET DA 802 101.91 59.71 -159.64
C MET DA 802 101.64 58.23 -159.45
N GLY DA 803 100.79 57.68 -160.31
CA GLY DA 803 100.66 56.24 -160.44
C GLY DA 803 101.47 55.77 -161.63
N VAL DA 804 102.18 54.67 -161.45
CA VAL DA 804 103.06 54.12 -162.46
C VAL DA 804 102.43 52.86 -163.04
N ARG DA 805 102.50 52.73 -164.37
CA ARG DA 805 102.09 51.52 -165.08
C ARG DA 805 103.34 50.71 -165.39
N TYR DA 806 103.53 49.61 -164.66
CA TYR DA 806 104.82 48.94 -164.62
C TYR DA 806 105.20 48.27 -165.93
N ASP DA 807 104.22 47.91 -166.77
CA ASP DA 807 104.52 47.11 -167.95
C ASP DA 807 105.27 47.91 -169.01
N ARG DA 808 105.02 49.20 -169.12
CA ARG DA 808 105.76 50.02 -170.07
C ARG DA 808 107.20 50.28 -169.61
N VAL DA 809 107.48 50.10 -168.33
CA VAL DA 809 108.87 50.06 -167.88
C VAL DA 809 109.48 48.69 -168.17
N TYR DA 810 108.72 47.62 -167.88
CA TYR DA 810 109.24 46.26 -168.02
C TYR DA 810 109.47 45.86 -169.46
N GLN DA 811 108.77 46.49 -170.41
CA GLN DA 811 109.03 46.19 -171.81
C GLN DA 811 110.28 46.89 -172.32
N LEU DA 812 110.62 48.04 -171.76
CA LEU DA 812 111.86 48.72 -172.11
C LEU DA 812 113.07 48.14 -171.39
N VAL DA 813 112.85 47.44 -170.28
CA VAL DA 813 113.98 46.82 -169.55
C VAL DA 813 114.90 46.04 -170.48
N GLN DA 814 114.33 45.36 -171.47
CA GLN DA 814 115.09 44.43 -172.30
C GLN DA 814 115.88 45.10 -173.43
N THR DA 815 116.01 46.42 -173.43
CA THR DA 815 116.70 47.16 -174.50
C THR DA 815 116.14 46.81 -175.88
N PRO DA 841 114.00 50.80 -180.87
CA PRO DA 841 112.67 51.41 -180.73
C PRO DA 841 112.36 51.78 -179.28
N ASN DA 842 112.53 53.06 -178.95
CA ASN DA 842 112.54 53.52 -177.56
C ASN DA 842 113.39 52.57 -176.71
N SER DA 843 114.64 52.40 -177.11
CA SER DA 843 115.56 51.59 -176.32
C SER DA 843 115.94 52.35 -175.05
N LEU DA 844 116.82 51.75 -174.27
CA LEU DA 844 117.29 52.40 -173.05
C LEU DA 844 118.50 53.29 -173.29
N ASN DA 845 119.39 52.91 -174.21
CA ASN DA 845 120.61 53.67 -174.45
C ASN DA 845 120.32 55.08 -174.95
N VAL DA 846 119.28 55.25 -175.77
CA VAL DA 846 118.94 56.58 -176.26
C VAL DA 846 118.55 57.49 -175.10
N LEU DA 847 117.73 56.98 -174.18
CA LEU DA 847 117.35 57.76 -173.00
C LEU DA 847 118.57 58.05 -172.14
N PHE DA 848 119.48 57.08 -172.00
CA PHE DA 848 120.64 57.27 -171.14
C PHE DA 848 121.56 58.35 -171.70
N HIS DA 849 121.85 58.29 -173.00
CA HIS DA 849 122.73 59.28 -173.59
C HIS DA 849 122.06 60.65 -173.64
N ASN DA 850 120.74 60.69 -173.83
CA ASN DA 850 120.02 61.95 -173.75
C ASN DA 850 120.21 62.63 -172.40
N ALA DA 851 120.60 61.88 -171.38
CA ALA DA 851 120.83 62.41 -170.04
C ALA DA 851 122.29 62.79 -169.78
N CYS DA 852 123.17 62.60 -170.76
CA CYS DA 852 124.58 62.97 -170.66
C CYS DA 852 125.27 62.28 -169.47
N VAL DA 853 124.98 61.00 -169.31
CA VAL DA 853 125.67 60.15 -168.34
C VAL DA 853 126.46 59.09 -169.09
N ALA DA 854 127.67 58.79 -168.61
CA ALA DA 854 128.45 57.72 -169.19
C ALA DA 854 127.73 56.39 -168.96
N VAL DA 855 127.58 55.61 -170.03
CA VAL DA 855 126.86 54.35 -169.96
C VAL DA 855 127.86 53.20 -169.91
N ASP DA 856 127.57 52.21 -169.09
CA ASP DA 856 128.38 51.01 -168.95
C ASP DA 856 127.47 49.80 -169.05
N ALA DA 857 127.81 48.87 -169.94
CA ALA DA 857 126.91 47.76 -170.25
C ALA DA 857 126.68 46.85 -169.05
N ASP DA 858 127.66 46.77 -168.14
CA ASP DA 858 127.49 45.90 -166.97
C ASP DA 858 126.30 46.31 -166.13
N ALA DA 859 126.04 47.61 -166.05
CA ALA DA 859 124.87 48.08 -165.31
C ALA DA 859 123.59 47.52 -165.89
N MET DA 860 123.47 47.54 -167.23
CA MET DA 860 122.25 47.07 -167.87
C MET DA 860 122.11 45.55 -167.76
N LEU DA 861 123.22 44.82 -167.88
CA LEU DA 861 123.11 43.36 -167.75
C LEU DA 861 122.76 42.96 -166.33
N ILE DA 862 123.31 43.66 -165.34
CA ILE DA 862 122.93 43.37 -163.96
C ILE DA 862 121.47 43.78 -163.70
N LEU DA 863 121.01 44.86 -164.33
CA LEU DA 863 119.61 45.25 -164.18
C LEU DA 863 118.69 44.18 -164.75
N GLN DA 864 118.99 43.69 -165.95
CA GLN DA 864 118.21 42.63 -166.55
C GLN DA 864 118.34 41.31 -165.78
N GLU DA 865 119.40 41.13 -165.01
CA GLU DA 865 119.50 39.96 -164.14
C GLU DA 865 118.63 40.10 -162.89
N THR DA 866 118.62 41.29 -162.28
CA THR DA 866 117.83 41.54 -161.08
C THR DA 866 116.36 41.81 -161.36
N VAL DA 867 115.96 41.83 -162.64
CA VAL DA 867 114.54 41.94 -163.02
C VAL DA 867 113.64 41.03 -162.20
N THR DA 868 114.19 39.91 -161.69
CA THR DA 868 113.41 38.93 -160.94
C THR DA 868 112.49 39.59 -159.89
N ASN DA 869 112.90 40.72 -159.33
CA ASN DA 869 112.03 41.48 -158.44
C ASN DA 869 111.01 42.24 -159.28
N MET DA 870 109.73 41.94 -159.06
CA MET DA 870 108.66 42.51 -159.87
C MET DA 870 107.47 42.89 -158.99
N ALA DA 871 106.88 44.03 -159.28
CA ALA DA 871 105.68 44.51 -158.61
C ALA DA 871 104.53 44.55 -159.60
N GLU DA 872 103.40 43.95 -159.25
CA GLU DA 872 102.29 43.85 -160.18
C GLU DA 872 101.77 45.22 -160.59
N ARG DA 873 101.21 45.98 -159.65
CA ARG DA 873 100.60 47.25 -159.99
C ARG DA 873 100.60 48.18 -158.79
N THR DA 874 100.25 49.44 -159.07
CA THR DA 874 100.16 50.49 -158.07
C THR DA 874 98.73 50.62 -157.57
N THR DA 875 98.57 50.64 -156.24
CA THR DA 875 97.26 50.50 -155.61
C THR DA 875 96.98 51.60 -154.60
N PRO DA 876 95.77 52.15 -154.59
CA PRO DA 876 95.38 53.12 -153.56
C PRO DA 876 94.69 52.43 -152.38
N LEU DA 877 94.77 53.11 -151.23
CA LEU DA 877 94.26 52.58 -149.97
C LEU DA 877 93.39 53.64 -149.30
N LEU DA 878 92.76 53.25 -148.19
CA LEU DA 878 91.96 54.17 -147.37
C LEU DA 878 92.04 53.70 -145.92
N ALA DA 879 92.56 54.56 -145.05
CA ALA DA 879 92.67 54.26 -143.63
C ALA DA 879 91.74 55.18 -142.85
N SER DA 880 90.88 54.57 -142.02
CA SER DA 880 89.96 55.30 -141.17
C SER DA 880 90.16 54.83 -139.74
N VAL DA 881 90.03 55.75 -138.78
CA VAL DA 881 90.36 55.45 -137.40
C VAL DA 881 89.61 56.39 -136.47
N ALA DA 882 89.35 55.92 -135.25
CA ALA DA 882 88.76 56.74 -134.20
C ALA DA 882 89.79 57.71 -133.64
N PRO DA 883 89.33 58.83 -133.07
CA PRO DA 883 90.29 59.80 -132.50
C PRO DA 883 90.99 59.20 -131.29
N ASP DA 884 92.07 59.89 -130.88
CA ASP DA 884 92.94 59.40 -129.82
C ASP DA 884 92.19 59.36 -128.48
N ALA DA 885 92.79 58.67 -127.52
CA ALA DA 885 92.17 58.50 -126.20
C ALA DA 885 92.11 59.80 -125.41
N GLY DA 886 92.91 60.80 -125.79
CA GLY DA 886 92.85 62.10 -125.13
C GLY DA 886 91.79 63.03 -125.68
N MET DA 887 91.24 62.71 -126.85
CA MET DA 887 90.05 63.38 -127.38
C MET DA 887 88.83 62.46 -127.38
N ALA DA 888 88.86 61.39 -126.59
CA ALA DA 888 87.85 60.35 -126.66
C ALA DA 888 86.57 60.80 -125.95
N THR DA 889 85.50 61.03 -126.73
CA THR DA 889 84.21 61.36 -126.16
C THR DA 889 83.14 60.70 -127.02
N VAL DA 890 82.10 60.17 -126.36
CA VAL DA 890 81.03 59.48 -127.06
C VAL DA 890 80.41 60.39 -128.11
N ALA DA 891 80.49 61.71 -127.89
CA ALA DA 891 80.11 62.66 -128.92
C ALA DA 891 81.04 62.63 -130.12
N THR DA 892 82.22 62.03 -129.97
CA THR DA 892 83.24 62.01 -131.01
C THR DA 892 83.76 60.60 -131.26
N ARG DA 893 82.94 59.59 -131.01
CA ARG DA 893 83.31 58.21 -131.34
C ARG DA 893 82.75 57.75 -132.67
N ASP DA 894 81.67 58.36 -133.14
CA ASP DA 894 81.05 57.89 -134.38
C ASP DA 894 81.81 58.38 -135.61
N MET DA 895 82.36 59.59 -135.56
CA MET DA 895 83.11 60.12 -136.70
C MET DA 895 84.53 59.57 -136.68
N ARG DA 896 85.05 59.26 -137.86
CA ARG DA 896 86.41 58.77 -138.03
C ARG DA 896 87.06 59.48 -139.20
N THR DA 897 88.39 59.55 -139.17
CA THR DA 897 89.12 60.21 -140.23
C THR DA 897 89.10 59.35 -141.49
N HIS DA 898 89.49 59.94 -142.61
CA HIS DA 898 89.56 59.23 -143.88
C HIS DA 898 90.83 59.68 -144.60
N ASP DA 899 91.84 58.81 -144.61
CA ASP DA 899 93.15 59.14 -145.14
C ASP DA 899 93.55 58.15 -146.23
N GLY DA 900 94.19 58.66 -147.28
CA GLY DA 900 94.63 57.84 -148.39
C GLY DA 900 96.14 57.68 -148.42
N SER DA 901 96.58 56.66 -149.15
CA SER DA 901 98.00 56.32 -149.19
C SER DA 901 98.31 55.77 -150.58
N LEU DA 902 99.46 55.11 -150.71
CA LEU DA 902 99.98 54.70 -152.00
C LEU DA 902 100.94 53.54 -151.81
N HIS DA 903 100.77 52.48 -152.61
CA HIS DA 903 101.57 51.27 -152.51
C HIS DA 903 102.36 51.08 -153.81
N HIS DA 904 103.68 51.17 -153.72
CA HIS DA 904 104.57 51.02 -154.87
C HIS DA 904 104.29 52.07 -155.93
N GLY DA 905 104.21 53.33 -155.49
CA GLY DA 905 104.11 54.45 -156.39
C GLY DA 905 105.28 55.39 -156.17
N LEU DA 906 105.35 56.43 -156.99
CA LEU DA 906 106.48 57.35 -156.98
C LEU DA 906 106.00 58.76 -156.66
N LEU DA 907 106.93 59.71 -156.76
CA LEU DA 907 106.66 61.11 -156.50
C LEU DA 907 107.29 61.95 -157.62
N MET DA 908 106.44 62.48 -158.51
CA MET DA 908 106.91 63.42 -159.52
C MET DA 908 107.10 64.79 -158.88
N MET DA 909 107.73 65.70 -159.63
CA MET DA 909 108.04 67.00 -159.07
C MET DA 909 107.40 68.18 -159.78
N ALA DA 910 107.13 68.09 -161.08
CA ALA DA 910 106.55 69.22 -161.79
C ALA DA 910 105.92 68.71 -163.07
N TYR DA 911 104.99 69.50 -163.61
CA TYR DA 911 104.39 69.18 -164.90
C TYR DA 911 105.36 69.53 -166.01
N GLN DA 912 105.75 68.54 -166.81
CA GLN DA 912 106.68 68.72 -167.90
C GLN DA 912 105.92 69.07 -169.18
N PRO DA 913 105.82 70.36 -169.53
CA PRO DA 913 104.90 70.73 -170.62
C PRO DA 913 105.41 70.35 -172.00
N ASN DA 914 106.71 70.52 -172.25
CA ASN DA 914 107.24 70.18 -173.57
C ASN DA 914 107.42 68.68 -173.76
N ASP DA 915 107.57 67.92 -172.67
CA ASP DA 915 107.82 66.49 -172.76
C ASP DA 915 106.57 65.73 -173.19
N PHE DA 923 102.62 55.98 -169.55
CA PHE DA 923 103.79 55.75 -168.70
C PHE DA 923 103.56 56.19 -167.26
N PHE DA 924 103.24 57.46 -167.07
CA PHE DA 924 102.90 58.00 -165.76
C PHE DA 924 101.48 58.53 -165.78
N TYR DA 925 100.63 57.98 -164.93
CA TYR DA 925 99.28 58.49 -164.74
C TYR DA 925 99.16 59.08 -163.34
N PRO DA 926 98.68 60.31 -163.22
CA PRO DA 926 98.64 60.96 -161.89
C PRO DA 926 97.69 60.25 -160.94
N ALA DA 927 97.96 60.47 -159.64
CA ALA DA 927 97.14 59.94 -158.55
C ALA DA 927 97.38 60.77 -157.30
N PRO DA 928 96.69 61.89 -157.12
CA PRO DA 928 96.92 62.73 -155.95
C PRO DA 928 96.37 62.10 -154.69
N VAL DA 929 97.11 62.25 -153.59
CA VAL DA 929 96.74 61.65 -152.32
C VAL DA 929 96.17 62.70 -151.35
N ASN DA 930 96.90 63.81 -151.16
CA ASN DA 930 96.44 64.88 -150.30
C ASN DA 930 96.55 66.20 -151.04
N ALA DA 931 95.88 67.22 -150.49
CA ALA DA 931 95.91 68.56 -151.08
C ALA DA 931 97.33 69.08 -151.23
N LEU DA 932 98.26 68.68 -150.35
CA LEU DA 932 99.64 69.12 -150.47
C LEU DA 932 100.25 68.83 -151.84
N PHE DA 933 99.73 67.82 -152.54
CA PHE DA 933 100.33 67.35 -153.77
C PHE DA 933 99.45 67.52 -155.00
N ALA DA 934 98.15 67.76 -154.85
CA ALA DA 934 97.25 67.88 -155.99
C ALA DA 934 97.49 69.22 -156.67
N CYS DA 935 98.31 69.21 -157.73
CA CYS DA 935 98.60 70.43 -158.46
C CYS DA 935 97.95 70.40 -159.83
N ALA DA 951 92.79 77.93 -164.67
CA ALA DA 951 91.37 77.59 -164.65
C ALA DA 951 91.19 76.09 -164.50
N ALA DA 952 92.30 75.36 -164.41
CA ALA DA 952 92.24 73.91 -164.28
C ALA DA 952 92.05 73.49 -162.82
N ALA DA 953 93.02 73.84 -161.96
CA ALA DA 953 92.95 73.50 -160.55
C ALA DA 953 93.39 74.65 -159.66
N GLN DA 954 93.47 75.88 -160.19
CA GLN DA 954 93.77 77.03 -159.36
C GLN DA 954 92.62 77.34 -158.41
N HIS DA 955 91.41 76.95 -158.77
CA HIS DA 955 90.25 77.17 -157.91
C HIS DA 955 90.20 76.15 -156.78
N VAL DA 956 90.09 74.86 -157.14
CA VAL DA 956 90.13 73.77 -156.19
C VAL DA 956 91.22 72.81 -156.66
N PRO DA 957 91.92 72.13 -155.77
CA PRO DA 957 92.89 71.13 -156.22
C PRO DA 957 92.19 69.89 -156.76
N CYS DA 958 92.96 68.85 -157.08
CA CYS DA 958 92.38 67.67 -157.71
C CYS DA 958 92.49 66.43 -156.85
N VAL DA 959 92.21 66.57 -155.55
CA VAL DA 959 92.21 65.41 -154.65
C VAL DA 959 91.02 64.53 -155.01
N PRO DA 960 91.25 63.29 -155.43
CA PRO DA 960 90.16 62.47 -155.98
C PRO DA 960 89.10 62.09 -154.96
N HIS DA 961 87.96 61.67 -155.49
CA HIS DA 961 86.75 61.49 -154.70
C HIS DA 961 86.81 60.25 -153.81
N PHE DA 962 87.39 59.16 -154.33
CA PHE DA 962 87.37 57.88 -153.64
C PHE DA 962 88.63 57.58 -152.86
N LEU DA 963 89.66 58.44 -152.94
CA LEU DA 963 90.87 58.18 -152.16
C LEU DA 963 90.74 58.67 -150.73
N GLY DA 964 90.55 59.97 -150.54
CA GLY DA 964 90.38 60.51 -149.22
C GLY DA 964 89.82 61.92 -149.22
N ALA DA 965 88.76 62.15 -148.45
CA ALA DA 965 88.18 63.48 -148.37
C ALA DA 965 89.07 64.41 -147.56
N ASN DA 966 89.07 65.69 -147.94
CA ASN DA 966 89.83 66.67 -147.18
C ASN DA 966 89.25 66.84 -145.78
N TYR DA 967 87.92 67.01 -145.68
CA TYR DA 967 87.29 67.27 -144.39
C TYR DA 967 87.45 66.12 -143.41
N TYR DA 968 87.63 64.90 -143.91
CA TYR DA 968 87.85 63.78 -143.01
C TYR DA 968 89.32 63.44 -142.82
N ALA DA 969 90.18 63.85 -143.76
CA ALA DA 969 91.61 63.61 -143.60
C ALA DA 969 92.21 64.54 -142.56
N THR DA 970 93.20 64.02 -141.83
CA THR DA 970 93.91 64.81 -140.84
C THR DA 970 94.73 65.93 -141.46
N VAL DA 971 95.00 65.88 -142.76
CA VAL DA 971 95.80 66.89 -143.43
C VAL DA 971 94.85 67.65 -144.34
N ARG DA 972 94.50 68.86 -143.95
CA ARG DA 972 93.53 69.67 -144.67
C ARG DA 972 94.22 70.77 -145.46
N GLN DA 973 93.43 71.60 -146.12
CA GLN DA 973 93.91 72.58 -147.08
C GLN DA 973 94.71 73.74 -146.47
N PRO DA 974 94.33 74.28 -145.30
CA PRO DA 974 95.09 75.43 -144.76
C PRO DA 974 96.59 75.24 -144.68
N VAL DA 975 97.09 74.06 -144.30
CA VAL DA 975 98.54 73.88 -144.24
C VAL DA 975 99.14 73.94 -145.64
N ALA DA 976 98.42 73.43 -146.63
CA ALA DA 976 98.90 73.52 -148.00
C ALA DA 976 98.95 74.96 -148.48
N GLN DA 977 97.90 75.74 -148.15
CA GLN DA 977 97.92 77.16 -148.50
C GLN DA 977 99.03 77.90 -147.75
N HIS DA 978 99.37 77.43 -146.55
CA HIS DA 978 100.49 77.99 -145.81
C HIS DA 978 101.82 77.73 -146.51
N ALA DA 979 102.05 76.47 -146.90
CA ALA DA 979 103.28 76.14 -147.62
C ALA DA 979 103.36 76.86 -148.95
N ALA DA 980 102.23 77.05 -149.62
CA ALA DA 980 102.21 77.67 -150.94
C ALA DA 980 102.21 79.19 -150.90
N GLN DA 981 101.89 79.80 -149.76
CA GLN DA 981 101.84 81.24 -149.66
C GLN DA 981 103.05 81.85 -148.99
N SER DA 982 103.77 81.08 -148.16
CA SER DA 982 104.90 81.63 -147.42
C SER DA 982 106.07 81.96 -148.34
N ARG DA 983 106.87 82.93 -147.91
CA ARG DA 983 108.02 83.39 -148.69
C ARG DA 983 109.27 83.52 -147.83
N ALA DA 984 109.30 82.88 -146.67
CA ALA DA 984 110.36 83.18 -145.71
C ALA DA 984 111.69 82.54 -146.11
N ASP DA 985 111.76 81.21 -146.13
CA ASP DA 985 113.00 80.49 -146.40
C ASP DA 985 112.70 78.99 -146.34
N GLU DA 986 113.59 78.21 -146.96
CA GLU DA 986 113.48 76.76 -147.00
C GLU DA 986 114.03 76.07 -145.76
N ASN DA 987 114.69 76.80 -144.86
CA ASN DA 987 115.06 76.25 -143.56
C ASN DA 987 114.00 76.52 -142.50
N THR DA 988 113.51 77.76 -142.41
CA THR DA 988 112.52 78.12 -141.41
C THR DA 988 111.16 77.49 -141.69
N LEU DA 989 110.82 77.30 -142.97
CA LEU DA 989 109.52 76.75 -143.30
C LEU DA 989 109.36 75.34 -142.75
N SER DA 990 110.47 74.58 -142.67
CA SER DA 990 110.38 73.22 -142.15
C SER DA 990 109.95 73.22 -140.69
N TYR DA 991 110.57 74.06 -139.87
CA TYR DA 991 110.17 74.18 -138.47
C TYR DA 991 108.77 74.76 -138.36
N ALA DA 992 108.39 75.66 -139.26
CA ALA DA 992 107.04 76.20 -139.26
C ALA DA 992 106.00 75.11 -139.49
N LEU DA 993 106.25 74.24 -140.47
CA LEU DA 993 105.30 73.16 -140.75
C LEU DA 993 105.27 72.15 -139.59
N MET DA 994 106.45 71.72 -139.12
CA MET DA 994 106.52 70.87 -137.94
C MET DA 994 105.73 71.47 -136.79
N ALA DA 995 105.77 72.80 -136.66
CA ALA DA 995 104.97 73.48 -135.65
C ALA DA 995 103.48 73.33 -135.94
N GLY DA 996 103.08 73.56 -137.19
CA GLY DA 996 101.69 73.40 -137.56
C GLY DA 996 101.15 72.00 -137.30
N TYR DA 997 102.03 71.01 -137.18
CA TYR DA 997 101.61 69.62 -137.06
C TYR DA 997 101.47 69.13 -135.62
N PHE DA 998 101.34 70.04 -134.65
CA PHE DA 998 101.13 69.65 -133.26
C PHE DA 998 99.65 69.33 -133.02
N LYS DA 999 99.37 68.66 -131.89
CA LYS DA 999 98.02 68.21 -131.56
C LYS DA 999 97.31 69.22 -130.68
N MET DA 1000 96.06 69.52 -131.02
CA MET DA 1000 95.22 70.45 -130.26
C MET DA 1000 94.20 69.65 -129.45
N SER DA 1001 94.64 69.19 -128.29
CA SER DA 1001 93.82 68.37 -127.42
C SER DA 1001 94.23 68.61 -125.99
N PRO DA 1002 93.31 68.50 -125.03
CA PRO DA 1002 93.67 68.80 -123.63
C PRO DA 1002 94.88 68.01 -123.14
N VAL DA 1003 94.91 66.70 -123.39
CA VAL DA 1003 96.08 65.90 -123.01
C VAL DA 1003 97.33 66.46 -123.67
N ALA DA 1004 97.25 66.78 -124.96
CA ALA DA 1004 98.37 67.44 -125.61
C ALA DA 1004 98.59 68.84 -125.06
N PHE DA 1005 97.51 69.57 -124.79
CA PHE DA 1005 97.61 70.92 -124.23
C PHE DA 1005 98.52 70.93 -123.02
N THR DA 1006 98.46 69.89 -122.19
CA THR DA 1006 99.37 69.79 -121.05
C THR DA 1006 100.82 69.97 -121.49
N HIS DA 1007 101.31 69.06 -122.34
CA HIS DA 1007 102.71 69.09 -122.75
C HIS DA 1007 103.05 70.31 -123.58
N GLN DA 1008 102.07 70.87 -124.29
CA GLN DA 1008 102.33 72.04 -125.12
C GLN DA 1008 102.52 73.28 -124.26
N LEU DA 1009 101.50 73.62 -123.47
CA LEU DA 1009 101.55 74.83 -122.66
C LEU DA 1009 102.55 74.74 -121.52
N ARG DA 1010 102.91 73.53 -121.08
CA ARG DA 1010 103.86 73.41 -119.98
C ARG DA 1010 105.29 73.69 -120.42
N ARG DA 1011 105.62 73.43 -121.68
CA ARG DA 1011 106.97 73.59 -122.19
C ARG DA 1011 107.14 74.87 -122.99
N GLN DA 1012 106.32 75.88 -122.69
CA GLN DA 1012 106.42 77.20 -123.33
C GLN DA 1012 106.19 77.11 -124.84
N LEU DA 1013 105.00 76.67 -125.21
CA LEU DA 1013 104.56 76.65 -126.60
C LEU DA 1013 103.34 77.54 -126.74
N HIS DA 1014 103.33 78.37 -127.77
CA HIS DA 1014 102.20 79.21 -128.08
C HIS DA 1014 101.25 78.47 -129.01
N PRO DA 1015 100.05 78.09 -128.56
CA PRO DA 1015 99.12 77.37 -129.45
C PRO DA 1015 98.56 78.27 -130.54
N GLY DA 1016 97.73 77.72 -131.40
CA GLY DA 1016 97.23 78.46 -132.55
C GLY DA 1016 96.16 79.48 -132.25
N PHE DA 1017 96.05 79.93 -131.01
CA PHE DA 1017 95.07 80.95 -130.66
C PHE DA 1017 95.63 81.82 -129.55
N ALA DA 1018 94.85 82.83 -129.16
CA ALA DA 1018 95.20 83.75 -128.10
C ALA DA 1018 94.08 83.81 -127.07
N LEU DA 1019 94.42 84.17 -125.85
CA LEU DA 1019 93.45 84.27 -124.76
C LEU DA 1019 93.32 85.71 -124.31
N THR DA 1020 92.18 86.01 -123.70
CA THR DA 1020 91.86 87.34 -123.22
C THR DA 1020 91.35 87.23 -121.79
N VAL DA 1021 92.17 87.65 -120.83
CA VAL DA 1021 91.87 87.47 -119.43
C VAL DA 1021 90.91 88.56 -118.98
N VAL DA 1022 90.05 88.21 -118.03
CA VAL DA 1022 89.12 89.13 -117.40
C VAL DA 1022 89.13 88.87 -115.90
N ARG DA 1023 88.87 89.91 -115.13
CA ARG DA 1023 88.78 89.75 -113.68
C ARG DA 1023 88.08 90.96 -113.09
N GLN DA 1024 87.23 90.72 -112.09
CA GLN DA 1024 86.54 91.78 -111.37
C GLN DA 1024 87.31 92.12 -110.09
N ASP DA 1025 87.33 93.40 -109.74
CA ASP DA 1025 88.03 93.87 -108.57
C ASP DA 1025 87.16 94.89 -107.84
N ARG DA 1026 87.28 94.88 -106.51
CA ARG DA 1026 86.51 95.77 -105.65
C ARG DA 1026 87.40 96.88 -105.11
N PHE DA 1027 86.86 98.09 -105.04
CA PHE DA 1027 87.56 99.22 -104.44
C PHE DA 1027 86.57 99.98 -103.56
N ALA DA 1028 87.12 100.74 -102.62
CA ALA DA 1028 86.32 101.47 -101.65
C ALA DA 1028 86.16 102.93 -102.05
N THR DA 1029 84.91 103.38 -102.14
CA THR DA 1029 84.60 104.76 -102.48
C THR DA 1029 84.28 105.54 -101.21
N GLU DA 1030 84.44 106.86 -101.32
CA GLU DA 1030 84.07 107.81 -100.27
C GLU DA 1030 83.13 108.81 -100.94
N ASN DA 1031 81.84 108.49 -100.96
CA ASN DA 1031 80.88 109.34 -101.63
C ASN DA 1031 80.79 110.70 -100.95
N VAL DA 1032 80.11 111.63 -101.61
CA VAL DA 1032 79.77 112.93 -101.03
C VAL DA 1032 78.32 113.22 -101.35
N LEU DA 1033 77.56 113.67 -100.35
CA LEU DA 1033 76.16 113.95 -100.50
C LEU DA 1033 75.91 115.45 -100.35
N PHE DA 1034 74.94 115.96 -101.11
CA PHE DA 1034 74.59 117.37 -101.09
C PHE DA 1034 73.09 117.52 -100.95
N ALA DA 1035 72.67 118.57 -100.25
CA ALA DA 1035 71.27 118.82 -99.99
C ALA DA 1035 70.98 120.29 -100.29
N GLU DA 1036 69.75 120.71 -100.02
CA GLU DA 1036 69.28 122.05 -100.34
C GLU DA 1036 68.87 122.76 -99.04
N LYS DA 1037 68.24 123.92 -99.20
CA LYS DA 1037 67.74 124.66 -98.04
C LYS DA 1037 66.66 123.86 -97.32
N ALA DA 1038 65.63 123.43 -98.05
CA ALA DA 1038 64.48 122.76 -97.46
C ALA DA 1038 64.08 121.55 -98.28
N SER DA 1039 65.05 120.71 -98.61
CA SER DA 1039 64.79 119.57 -99.48
C SER DA 1039 63.73 118.64 -98.89
N GLU DA 1040 63.73 118.50 -97.57
CA GLU DA 1040 62.88 117.51 -96.89
C GLU DA 1040 62.35 118.12 -95.60
N SER DA 1041 61.15 117.70 -95.23
CA SER DA 1041 60.57 118.11 -93.96
C SER DA 1041 60.80 117.02 -92.93
N TYR DA 1042 60.25 117.20 -91.74
CA TYR DA 1042 60.38 116.21 -90.68
C TYR DA 1042 59.32 116.50 -89.62
N PHE DA 1043 58.88 115.45 -88.93
CA PHE DA 1043 57.79 115.57 -87.97
C PHE DA 1043 58.08 114.72 -86.75
N MET DA 1044 57.87 115.30 -85.58
CA MET DA 1044 58.08 114.63 -84.31
C MET DA 1044 56.75 114.31 -83.65
N GLY DA 1045 56.62 113.08 -83.16
CA GLY DA 1045 55.43 112.64 -82.47
C GLY DA 1045 55.69 112.43 -80.99
N GLN DA 1046 54.61 112.22 -80.25
CA GLN DA 1046 54.73 111.96 -78.81
C GLN DA 1046 55.40 110.61 -78.59
N MET DA 1047 56.29 110.57 -77.60
CA MET DA 1047 57.02 109.35 -77.30
C MET DA 1047 56.20 108.44 -76.41
N GLN DA 1048 56.33 107.13 -76.61
CA GLN DA 1048 55.54 106.13 -75.90
C GLN DA 1048 56.42 105.31 -74.99
N VAL DA 1049 56.05 105.23 -73.71
CA VAL DA 1049 56.79 104.49 -72.71
C VAL DA 1049 56.05 103.16 -72.47
N ALA DA 1050 56.78 102.05 -72.59
CA ALA DA 1050 56.18 100.72 -72.52
C ALA DA 1050 57.00 99.86 -71.57
N ARG DA 1051 56.57 99.79 -70.31
CA ARG DA 1051 57.30 99.03 -69.30
C ARG DA 1051 56.90 97.57 -69.34
N THR DA 1052 57.82 96.73 -68.86
CA THR DA 1052 57.58 95.30 -68.76
C THR DA 1052 58.42 94.75 -67.62
N GLU DA 1053 57.96 93.66 -67.03
CA GLU DA 1053 58.53 93.12 -65.80
C GLU DA 1053 59.27 91.82 -66.09
N SER DA 1054 60.47 91.70 -65.54
CA SER DA 1054 61.28 90.50 -65.68
C SER DA 1054 61.87 90.12 -64.34
N GLY DA 1055 62.56 88.98 -64.31
CA GLY DA 1055 63.19 88.53 -63.08
C GLY DA 1055 64.29 89.46 -62.61
N GLY DA 1056 64.91 90.19 -63.54
CA GLY DA 1056 65.86 91.23 -63.19
C GLY DA 1056 65.24 92.53 -62.75
N GLY DA 1057 63.92 92.56 -62.62
CA GLY DA 1057 63.22 93.76 -62.19
C GLY DA 1057 62.36 94.35 -63.29
N LEU DA 1058 62.67 95.59 -63.67
CA LEU DA 1058 61.94 96.31 -64.70
C LEU DA 1058 62.87 96.54 -65.89
N HIS DA 1059 62.28 96.61 -67.08
CA HIS DA 1059 63.03 96.92 -68.29
C HIS DA 1059 62.17 97.83 -69.15
N LEU DA 1060 62.45 99.13 -69.13
CA LEU DA 1060 61.69 100.06 -69.93
C LEU DA 1060 61.97 99.85 -71.42
N GLN DA 1061 61.14 100.47 -72.25
CA GLN DA 1061 61.35 100.45 -73.69
C GLN DA 1061 60.67 101.69 -74.25
N LEU DA 1062 61.47 102.70 -74.58
CA LEU DA 1062 60.96 103.92 -75.14
C LEU DA 1062 60.97 103.84 -76.66
N THR DA 1063 60.11 104.64 -77.29
CA THR DA 1063 59.95 104.58 -78.73
C THR DA 1063 59.35 105.90 -79.20
N GLN DA 1064 59.39 106.12 -80.51
CA GLN DA 1064 58.80 107.33 -81.04
C GLN DA 1064 58.43 107.16 -82.51
N PRO DA 1065 57.24 107.60 -82.90
CA PRO DA 1065 56.89 107.64 -84.31
C PRO DA 1065 57.34 108.94 -84.95
N ARG DA 1066 57.67 108.84 -86.24
CA ARG DA 1066 58.22 109.98 -86.96
C ARG DA 1066 58.04 109.75 -88.46
N ALA DA 1067 57.82 110.85 -89.18
CA ALA DA 1067 57.63 110.76 -90.62
C ALA DA 1067 58.14 112.03 -91.27
N ASN DA 1068 58.34 111.96 -92.58
CA ASN DA 1068 58.83 113.08 -93.38
C ASN DA 1068 58.23 112.98 -94.77
N VAL DA 1069 58.57 113.96 -95.60
CA VAL DA 1069 58.01 114.07 -96.94
C VAL DA 1069 58.94 114.91 -97.80
N ASP DA 1070 59.02 114.55 -99.09
CA ASP DA 1070 59.85 115.29 -100.04
C ASP DA 1070 59.19 116.61 -100.41
N LEU DA 1071 59.97 117.68 -100.40
CA LEU DA 1071 59.47 119.01 -100.71
C LEU DA 1071 59.86 119.45 -102.12
N GLY DA 1072 61.15 119.41 -102.44
CA GLY DA 1072 61.60 119.97 -103.70
C GLY DA 1072 60.99 119.27 -104.89
N VAL DA 1073 60.70 120.04 -105.93
CA VAL DA 1073 60.24 119.49 -107.19
C VAL DA 1073 61.43 118.89 -107.92
N GLY DA 1074 61.27 117.69 -108.43
CA GLY DA 1074 62.40 116.99 -108.99
C GLY DA 1074 63.36 116.51 -107.90
N PHE DA 1075 64.63 116.40 -108.29
CA PHE DA 1075 65.66 115.85 -107.43
C PHE DA 1075 66.40 116.95 -106.67
N THR DA 1076 66.76 116.65 -105.42
CA THR DA 1076 67.37 117.62 -104.53
C THR DA 1076 68.59 117.05 -103.82
N ALA DA 1077 69.29 116.10 -104.44
CA ALA DA 1077 70.49 115.51 -103.86
C ALA DA 1077 71.22 114.72 -104.93
N ALA DA 1078 72.54 114.54 -104.74
CA ALA DA 1078 73.37 113.87 -105.73
C ALA DA 1078 74.63 113.30 -105.09
N TYR DA 1079 74.92 112.03 -105.39
CA TYR DA 1079 76.12 111.38 -104.88
C TYR DA 1079 77.38 112.01 -105.50
N ALA DA 1080 78.53 111.66 -104.91
CA ALA DA 1080 79.81 111.98 -105.54
C ALA DA 1080 80.88 111.06 -104.96
N ALA DA 1081 81.24 110.00 -105.70
CA ALA DA 1081 82.36 109.15 -105.30
C ALA DA 1081 83.63 109.98 -105.40
N ALA DA 1082 84.17 110.39 -104.24
CA ALA DA 1082 85.20 111.44 -104.23
C ALA DA 1082 86.61 110.87 -104.32
N ALA DA 1083 87.00 110.05 -103.35
CA ALA DA 1083 88.33 109.45 -103.32
C ALA DA 1083 88.19 107.96 -103.09
N LEU DA 1084 89.34 107.31 -102.92
CA LEU DA 1084 89.39 105.87 -102.71
C LEU DA 1084 90.35 105.53 -101.59
N ARG DA 1085 89.99 104.50 -100.82
CA ARG DA 1085 90.91 103.94 -99.84
C ARG DA 1085 91.81 102.93 -100.56
N ALA DA 1086 92.59 102.16 -99.80
CA ALA DA 1086 93.36 101.08 -100.40
C ALA DA 1086 92.41 100.00 -100.92
N PRO DA 1087 92.79 99.30 -101.99
CA PRO DA 1087 91.93 98.24 -102.53
C PRO DA 1087 91.68 97.16 -101.50
N VAL DA 1088 90.55 96.48 -101.64
CA VAL DA 1088 90.10 95.48 -100.68
C VAL DA 1088 90.39 94.06 -101.14
N THR DA 1089 90.44 93.83 -102.45
CA THR DA 1089 90.74 92.51 -102.98
C THR DA 1089 92.01 92.56 -103.82
N ASP DA 1090 92.73 91.44 -103.85
CA ASP DA 1090 94.02 91.40 -104.51
C ASP DA 1090 93.85 91.39 -106.02
N MET DA 1091 94.52 92.30 -106.70
CA MET DA 1091 94.50 92.36 -108.16
C MET DA 1091 95.66 91.52 -108.71
N GLY DA 1092 95.60 90.24 -108.38
CA GLY DA 1092 96.63 89.30 -108.75
C GLY DA 1092 96.12 88.27 -109.73
N ASN DA 1093 96.74 87.10 -109.71
CA ASN DA 1093 96.45 86.03 -110.66
C ASN DA 1093 95.95 84.81 -109.89
N LEU DA 1094 94.65 84.63 -109.86
CA LEU DA 1094 94.06 83.37 -109.42
C LEU DA 1094 93.25 82.81 -110.59
N PRO DA 1095 93.66 81.69 -111.18
CA PRO DA 1095 92.95 81.17 -112.36
C PRO DA 1095 91.64 80.49 -111.97
N GLN DA 1096 90.73 80.44 -112.93
CA GLN DA 1096 89.42 79.83 -112.76
C GLN DA 1096 89.49 78.37 -113.20
N ASN DA 1097 89.62 77.48 -112.22
CA ASN DA 1097 89.65 76.04 -112.52
C ASN DA 1097 88.26 75.56 -112.86
N LEU DA 1098 88.13 74.90 -114.01
CA LEU DA 1098 86.85 74.35 -114.42
C LEU DA 1098 86.62 72.95 -113.89
N PHE DA 1099 87.33 72.55 -112.83
CA PHE DA 1099 87.11 71.27 -112.19
C PHE DA 1099 86.37 71.38 -110.87
N ALA DA 1100 86.39 72.55 -110.24
CA ALA DA 1100 85.52 72.76 -109.09
C ALA DA 1100 84.08 73.05 -109.51
N THR DA 1101 83.84 73.33 -110.79
CA THR DA 1101 82.51 73.50 -111.32
C THR DA 1101 82.26 72.50 -112.44
N ARG DA 1102 81.05 71.92 -112.45
CA ARG DA 1102 80.74 70.77 -113.28
C ARG DA 1102 79.95 71.18 -114.51
N GLY DA 1103 79.50 70.19 -115.27
CA GLY DA 1103 78.94 70.42 -116.58
C GLY DA 1103 79.81 69.74 -117.63
N ALA DA 1104 80.50 68.69 -117.20
CA ALA DA 1104 81.44 67.97 -118.07
C ALA DA 1104 81.08 66.50 -118.14
N PRO DA 1105 80.58 66.01 -119.26
CA PRO DA 1105 80.45 64.56 -119.44
C PRO DA 1105 81.82 63.92 -119.56
N PRO DA 1106 81.98 62.70 -119.05
CA PRO DA 1106 83.32 62.11 -118.98
C PRO DA 1106 83.80 61.59 -120.32
N MET DA 1107 85.13 61.65 -120.49
CA MET DA 1107 85.77 61.04 -121.64
C MET DA 1107 85.60 59.52 -121.57
N LEU DA 1108 85.95 58.85 -122.66
CA LEU DA 1108 85.72 57.40 -122.76
C LEU DA 1108 86.55 56.64 -121.73
N ASP DA 1109 87.87 56.70 -121.85
CA ASP DA 1109 88.75 55.96 -120.98
C ASP DA 1109 88.98 56.78 -119.72
N ALA DA 1110 88.72 56.15 -118.55
CA ALA DA 1110 88.88 56.88 -117.30
C ALA DA 1110 90.33 57.19 -117.01
N ASP DA 1111 91.26 56.42 -117.58
CA ASP DA 1111 92.67 56.66 -117.34
C ASP DA 1111 93.13 57.99 -117.92
N ALA DA 1112 92.35 58.59 -118.83
CA ALA DA 1112 92.61 59.95 -119.27
C ALA DA 1112 91.94 60.97 -118.36
N ASP DA 1113 90.73 60.68 -117.90
CA ASP DA 1113 90.04 61.61 -117.00
C ASP DA 1113 90.85 61.83 -115.73
N ASP DA 1114 91.21 60.75 -115.05
CA ASP DA 1114 91.97 60.90 -113.81
C ASP DA 1114 93.35 61.49 -114.08
N TYR DA 1115 93.94 61.17 -115.23
CA TYR DA 1115 95.22 61.78 -115.59
C TYR DA 1115 95.12 63.30 -115.64
N LEU DA 1116 94.18 63.80 -116.43
CA LEU DA 1116 93.98 65.25 -116.53
C LEU DA 1116 93.65 65.84 -115.18
N ARG DA 1117 92.72 65.22 -114.45
CA ARG DA 1117 92.32 65.71 -113.14
C ARG DA 1117 93.51 65.86 -112.21
N ARG DA 1118 94.24 64.78 -111.98
CA ARG DA 1118 95.37 64.80 -111.06
C ARG DA 1118 96.46 65.75 -111.54
N THR DA 1119 96.68 65.87 -112.84
CA THR DA 1119 97.76 66.73 -113.32
C THR DA 1119 97.40 68.21 -113.26
N VAL DA 1120 96.11 68.55 -113.31
CA VAL DA 1120 95.73 69.96 -113.37
C VAL DA 1120 95.33 70.51 -112.00
N ASN DA 1121 94.75 69.69 -111.13
CA ASN DA 1121 94.34 70.20 -109.82
C ASN DA 1121 95.55 70.55 -108.96
N ALA DA 1122 96.46 69.59 -108.77
CA ALA DA 1122 97.59 69.79 -107.87
C ALA DA 1122 98.52 70.89 -108.37
N GLN DA 1148 89.30 86.74 -103.69
CA GLN DA 1148 90.67 86.57 -104.17
C GLN DA 1148 90.81 87.02 -105.62
N SER DA 1149 89.72 87.51 -106.20
CA SER DA 1149 89.68 88.06 -107.56
C SER DA 1149 90.16 87.03 -108.58
N VAL DA 1150 89.43 85.93 -108.67
CA VAL DA 1150 89.76 84.89 -109.65
C VAL DA 1150 89.63 85.47 -111.05
N CYS DA 1151 90.59 85.11 -111.92
CA CYS DA 1151 90.58 85.54 -113.31
C CYS DA 1151 90.28 84.35 -114.22
N GLU DA 1152 89.78 84.67 -115.42
CA GLU DA 1152 89.30 83.69 -116.37
C GLU DA 1152 89.92 83.97 -117.74
N PHE DA 1153 89.57 83.14 -118.72
CA PHE DA 1153 90.19 83.19 -120.04
C PHE DA 1153 89.13 83.08 -121.12
N ILE DA 1154 89.36 83.78 -122.22
CA ILE DA 1154 88.44 83.85 -123.35
C ILE DA 1154 89.22 83.58 -124.62
N ALA DA 1155 88.87 82.52 -125.32
CA ALA DA 1155 89.58 82.16 -126.54
C ALA DA 1155 89.33 83.20 -127.62
N THR DA 1156 90.36 83.47 -128.42
CA THR DA 1156 90.30 84.54 -129.39
C THR DA 1156 91.35 84.28 -130.45
N PRO DA 1157 91.01 84.36 -131.74
CA PRO DA 1157 91.99 84.07 -132.78
C PRO DA 1157 93.14 85.07 -132.78
N VAL DA 1158 94.29 84.59 -133.27
CA VAL DA 1158 95.48 85.44 -133.30
C VAL DA 1158 95.31 86.64 -134.22
N SER DA 1159 94.41 86.56 -135.19
CA SER DA 1159 94.21 87.63 -136.16
C SER DA 1159 93.37 88.77 -135.62
N VAL DA 1160 92.95 88.70 -134.35
CA VAL DA 1160 92.11 89.74 -133.79
C VAL DA 1160 92.89 91.05 -133.70
N ASP DA 1161 92.18 92.16 -133.90
CA ASP DA 1161 92.82 93.46 -133.87
C ASP DA 1161 93.08 93.90 -132.44
N LEU DA 1162 94.25 94.48 -132.21
CA LEU DA 1162 94.63 94.95 -130.90
C LEU DA 1162 93.96 96.27 -130.54
N ALA DA 1163 93.65 97.11 -131.54
CA ALA DA 1163 93.01 98.39 -131.27
C ALA DA 1163 91.58 98.24 -130.78
N TYR DA 1164 91.04 97.03 -130.77
CA TYR DA 1164 89.76 96.79 -130.11
C TYR DA 1164 89.88 96.96 -128.60
N PHE DA 1165 91.04 96.62 -128.04
CA PHE DA 1165 91.22 96.53 -126.59
C PHE DA 1165 91.83 97.78 -125.97
N ARG DA 1166 92.05 98.83 -126.76
CA ARG DA 1166 92.62 100.07 -126.25
C ARG DA 1166 91.56 101.07 -125.80
N ARG DA 1167 90.29 100.77 -125.99
CA ARG DA 1167 89.18 101.58 -125.49
C ARG DA 1167 88.17 100.67 -124.82
N ALA DA 1168 87.06 101.26 -124.39
CA ALA DA 1168 85.98 100.48 -123.79
C ALA DA 1168 85.51 99.40 -124.75
N CYS DA 1169 85.34 98.19 -124.22
CA CYS DA 1169 85.09 97.04 -125.07
C CYS DA 1169 84.23 96.02 -124.33
N ASN DA 1170 83.38 95.33 -125.09
CA ASN DA 1170 82.66 94.19 -124.57
C ASN DA 1170 83.43 92.92 -124.90
N PRO DA 1171 83.89 92.16 -123.90
CA PRO DA 1171 84.76 91.02 -124.19
C PRO DA 1171 84.09 89.94 -125.03
N ARG DA 1172 82.76 89.97 -125.16
CA ARG DA 1172 82.09 89.01 -126.03
C ARG DA 1172 82.54 89.14 -127.48
N GLY DA 1173 82.96 90.33 -127.88
CA GLY DA 1173 83.25 90.61 -129.28
C GLY DA 1173 82.13 91.26 -130.04
N ARG DA 1174 80.99 91.49 -129.38
CA ARG DA 1174 79.85 92.17 -129.99
C ARG DA 1174 78.98 92.71 -128.87
N ALA DA 1175 78.75 94.01 -128.86
CA ALA DA 1175 77.99 94.62 -127.78
C ALA DA 1175 76.54 94.14 -127.81
N ALA DA 1176 75.95 94.06 -126.63
CA ALA DA 1176 74.53 93.72 -126.52
C ALA DA 1176 73.67 94.93 -126.88
N GLY DA 1177 72.50 94.64 -127.43
CA GLY DA 1177 71.64 95.69 -127.93
C GLY DA 1177 70.62 96.19 -126.94
N GLU DA 1178 70.75 97.46 -126.52
CA GLU DA 1178 69.71 98.14 -125.75
C GLU DA 1178 69.62 99.58 -126.25
N VAL DA 1179 68.77 99.79 -127.25
CA VAL DA 1179 68.43 101.10 -127.79
C VAL DA 1179 66.96 101.07 -128.16
N HIS DA 1180 66.37 102.25 -128.39
CA HIS DA 1180 64.97 102.31 -128.78
C HIS DA 1180 64.83 101.84 -130.23
N GLY DA 1181 65.25 100.60 -130.49
CA GLY DA 1181 65.17 100.03 -131.82
C GLY DA 1181 64.82 98.55 -131.73
N GLU DA 1182 65.47 97.73 -132.55
CA GLU DA 1182 65.27 96.29 -132.43
C GLU DA 1182 66.10 95.77 -131.26
N GLU DA 1183 65.47 94.95 -130.41
CA GLU DA 1183 66.16 94.28 -129.32
C GLU DA 1183 66.55 92.86 -129.70
N GLY DA 1184 66.45 92.50 -130.99
CA GLY DA 1184 66.88 91.21 -131.47
C GLY DA 1184 68.32 91.23 -131.95
N LEU DA 1185 69.10 92.17 -131.43
CA LEU DA 1185 70.52 92.24 -131.72
C LEU DA 1185 71.24 91.20 -130.85
N MET DA 1186 72.57 91.30 -130.79
CA MET DA 1186 73.42 90.56 -129.85
C MET DA 1186 73.32 89.04 -130.00
N PHE DA 1187 72.52 88.57 -130.96
CA PHE DA 1187 72.65 87.20 -131.42
C PHE DA 1187 72.50 87.03 -132.91
N ASP DA 1188 72.03 88.04 -133.64
CA ASP DA 1188 71.95 88.00 -135.08
C ASP DA 1188 73.20 88.61 -135.70
N HIS DA 1189 73.39 88.36 -136.99
CA HIS DA 1189 74.62 88.74 -137.68
C HIS DA 1189 74.41 89.49 -138.97
N SER DA 1190 73.20 89.49 -139.56
CA SER DA 1190 72.94 90.27 -140.75
C SER DA 1190 73.04 91.78 -140.50
N HIS DA 1191 73.32 92.19 -139.27
CA HIS DA 1191 73.53 93.59 -138.93
C HIS DA 1191 74.93 93.78 -138.36
N ALA DA 1192 75.38 95.04 -138.37
CA ALA DA 1192 76.72 95.39 -137.93
C ALA DA 1192 76.77 95.48 -136.40
N ASP DA 1193 77.86 96.03 -135.88
CA ASP DA 1193 77.97 96.26 -134.45
C ASP DA 1193 77.63 97.70 -134.13
N PRO DA 1194 76.69 97.95 -133.20
CA PRO DA 1194 76.42 99.34 -132.79
C PRO DA 1194 77.65 100.08 -132.27
N ALA DA 1195 78.64 99.36 -131.75
CA ALA DA 1195 79.90 99.98 -131.34
C ALA DA 1195 80.97 99.89 -132.43
N HIS DA 1196 80.72 99.12 -133.49
CA HIS DA 1196 81.67 99.00 -134.61
C HIS DA 1196 80.88 98.78 -135.88
N PRO DA 1197 80.48 99.87 -136.56
CA PRO DA 1197 79.62 99.72 -137.74
C PRO DA 1197 80.35 99.36 -139.02
N HIS DA 1198 81.59 98.90 -138.91
CA HIS DA 1198 82.34 98.45 -140.08
C HIS DA 1198 82.35 96.94 -140.23
N ARG DA 1199 82.73 96.20 -139.19
CA ARG DA 1199 82.77 94.74 -139.24
C ARG DA 1199 81.46 94.18 -138.70
N ALA DA 1200 81.44 92.87 -138.44
CA ALA DA 1200 80.27 92.21 -137.85
C ALA DA 1200 80.50 91.79 -136.41
N THR DA 1201 81.60 91.08 -136.12
CA THR DA 1201 81.95 90.69 -134.76
C THR DA 1201 83.47 90.58 -134.65
N ALA DA 1202 83.98 90.90 -133.46
CA ALA DA 1202 85.42 90.90 -133.25
C ALA DA 1202 86.01 89.52 -133.48
N ASN DA 1203 85.50 88.52 -132.76
CA ASN DA 1203 85.95 87.15 -132.87
C ASN DA 1203 84.74 86.24 -132.94
N PRO DA 1204 84.79 85.18 -133.75
CA PRO DA 1204 83.60 84.33 -133.89
C PRO DA 1204 83.35 83.47 -132.67
N TRP DA 1205 84.41 82.97 -132.04
CA TRP DA 1205 84.32 81.95 -131.00
C TRP DA 1205 83.63 82.42 -129.72
N ALA DA 1206 83.20 83.67 -129.64
CA ALA DA 1206 82.58 84.16 -128.40
C ALA DA 1206 81.20 84.76 -128.59
N SER DA 1207 80.98 85.51 -129.67
CA SER DA 1207 79.75 86.29 -129.81
C SER DA 1207 78.62 85.52 -130.49
N GLN DA 1208 78.95 84.55 -131.33
CA GLN DA 1208 77.92 83.85 -132.07
C GLN DA 1208 77.14 82.90 -131.16
N ARG DA 1209 75.84 82.79 -131.44
CA ARG DA 1209 74.98 81.89 -130.70
C ARG DA 1209 75.58 80.49 -130.64
N HIS DA 1210 75.51 79.86 -129.47
CA HIS DA 1210 75.95 78.49 -129.22
C HIS DA 1210 77.45 78.29 -129.40
N SER DA 1211 78.22 79.37 -129.55
CA SER DA 1211 79.65 79.19 -129.80
C SER DA 1211 80.35 78.63 -128.58
N TYR DA 1212 81.67 78.44 -128.72
CA TYR DA 1212 82.46 77.82 -127.65
C TYR DA 1212 82.32 78.59 -126.34
N ALA DA 1213 82.52 79.91 -126.37
CA ALA DA 1213 82.34 80.71 -125.17
C ALA DA 1213 80.89 80.65 -124.69
N ASP DA 1214 79.93 80.77 -125.62
CA ASP DA 1214 78.53 80.69 -125.24
C ASP DA 1214 78.19 79.34 -124.65
N ARG DA 1215 78.97 78.31 -124.98
CA ARG DA 1215 78.82 77.04 -124.29
C ARG DA 1215 79.48 77.06 -122.92
N LEU DA 1216 80.56 77.81 -122.76
CA LEU DA 1216 81.30 77.79 -121.49
C LEU DA 1216 80.59 78.61 -120.41
N TYR DA 1217 80.54 79.92 -120.60
CA TYR DA 1217 80.16 80.84 -119.53
C TYR DA 1217 78.71 81.30 -119.68
N ASN DA 1218 77.79 80.34 -119.59
CA ASN DA 1218 76.37 80.62 -119.67
C ASN DA 1218 75.66 79.83 -118.58
N GLY DA 1219 75.01 80.55 -117.66
CA GLY DA 1219 74.16 79.88 -116.70
C GLY DA 1219 72.91 79.25 -117.32
N GLN DA 1220 72.65 79.54 -118.59
CA GLN DA 1220 71.48 78.97 -119.25
C GLN DA 1220 71.71 77.53 -119.64
N TYR DA 1221 72.93 77.18 -120.07
CA TYR DA 1221 73.25 75.82 -120.47
C TYR DA 1221 73.56 74.95 -119.26
N ALA DA 1227 80.97 78.36 -107.37
CA ALA DA 1227 81.96 79.40 -107.59
C ALA DA 1227 81.35 80.58 -108.34
N TYR DA 1228 81.91 81.77 -108.12
CA TYR DA 1228 81.42 82.96 -108.77
C TYR DA 1228 82.13 83.18 -110.10
N SER DA 1229 81.47 83.94 -110.98
CA SER DA 1229 82.00 84.21 -112.31
C SER DA 1229 81.88 85.68 -112.66
N PRO DA 1230 83.01 86.39 -112.74
CA PRO DA 1230 82.98 87.81 -113.15
C PRO DA 1230 82.40 88.04 -114.54
N CYS DA 1231 82.76 87.22 -115.51
CA CYS DA 1231 82.27 87.39 -116.88
C CYS DA 1231 80.88 86.78 -117.08
N PHE DA 1232 80.25 86.30 -116.02
CA PHE DA 1232 78.87 85.83 -116.13
C PHE DA 1232 77.95 86.95 -116.58
N LYS DA 1233 78.32 88.19 -116.31
CA LYS DA 1233 77.54 89.37 -116.69
C LYS DA 1233 77.75 89.77 -118.15
N PHE DA 1234 78.27 88.88 -118.99
CA PHE DA 1234 78.60 89.25 -120.36
C PHE DA 1234 77.93 88.38 -121.42
N PHE DA 1235 77.76 87.08 -121.18
CA PHE DA 1235 77.20 86.18 -122.17
C PHE DA 1235 75.75 85.80 -121.88
N THR DA 1236 75.03 86.60 -121.09
CA THR DA 1236 73.65 86.30 -120.72
C THR DA 1236 72.79 87.52 -121.01
N PRO DA 1237 71.77 87.40 -121.87
CA PRO DA 1237 70.86 88.53 -122.12
C PRO DA 1237 69.78 88.70 -121.05
N ALA DA 1238 69.83 87.92 -119.98
CA ALA DA 1238 68.88 88.12 -118.89
C ALA DA 1238 69.11 89.44 -118.18
N GLU DA 1239 70.37 89.83 -118.01
CA GLU DA 1239 70.68 91.08 -117.32
C GLU DA 1239 70.51 92.30 -118.21
N ALA DA 1240 70.75 92.17 -119.50
CA ALA DA 1240 70.63 93.30 -120.42
C ALA DA 1240 69.17 93.65 -120.69
N GLY DA 1246 68.06 96.05 -118.04
CA GLY DA 1246 69.15 96.95 -117.71
C GLY DA 1246 68.91 98.40 -118.10
N LEU DA 1247 69.55 98.82 -119.19
CA LEU DA 1247 69.55 100.21 -119.62
C LEU DA 1247 68.14 100.64 -120.05
N ALA DA 1248 68.01 101.92 -120.40
CA ALA DA 1248 66.88 102.52 -121.08
C ALA DA 1248 65.67 102.74 -120.18
N ARG DA 1249 65.73 102.29 -118.93
CA ARG DA 1249 64.68 102.56 -117.95
C ARG DA 1249 65.00 103.76 -117.08
N LEU DA 1250 66.26 103.88 -116.64
CA LEU DA 1250 66.71 105.07 -115.94
C LEU DA 1250 66.48 106.33 -116.78
N ILE DA 1251 66.82 106.28 -118.07
CA ILE DA 1251 66.65 107.44 -118.92
C ILE DA 1251 65.18 107.65 -119.31
N ALA DA 1252 64.38 106.58 -119.35
CA ALA DA 1252 62.99 106.71 -119.76
C ALA DA 1252 62.11 107.26 -118.66
N ASP DA 1253 62.35 106.84 -117.41
CA ASP DA 1253 61.52 107.31 -116.30
C ASP DA 1253 61.90 108.71 -115.85
N THR DA 1254 63.09 109.17 -116.19
CA THR DA 1254 63.54 110.49 -115.81
C THR DA 1254 62.81 111.57 -116.60
N GLY DA 1264 52.53 110.88 -113.85
CA GLY DA 1264 52.16 111.75 -112.76
C GLY DA 1264 53.31 112.60 -112.24
N GLU DA 1265 52.99 113.56 -111.38
CA GLU DA 1265 53.97 114.45 -110.76
C GLU DA 1265 54.05 114.18 -109.26
N TYR DA 1266 54.08 112.91 -108.89
CA TYR DA 1266 54.11 112.45 -107.52
C TYR DA 1266 55.56 112.39 -107.04
N GLN DA 1267 55.80 111.72 -105.92
CA GLN DA 1267 57.14 111.60 -105.36
C GLN DA 1267 58.12 111.03 -106.38
N PHE DA 1268 59.39 111.35 -106.18
CA PHE DA 1268 60.50 110.88 -107.03
C PHE DA 1268 61.52 110.21 -106.14
N LYS DA 1269 61.62 108.88 -106.23
CA LYS DA 1269 62.70 108.17 -105.55
C LYS DA 1269 63.91 108.15 -106.48
N ARG DA 1270 64.94 107.36 -106.11
CA ARG DA 1270 66.03 107.09 -107.04
C ARG DA 1270 65.40 106.58 -108.33
N PRO DA 1271 65.54 107.31 -109.43
CA PRO DA 1271 64.60 107.21 -110.57
C PRO DA 1271 64.07 105.81 -110.85
N VAL DA 1272 64.95 104.82 -110.92
CA VAL DA 1272 64.54 103.43 -111.13
C VAL DA 1272 65.29 102.56 -110.15
N GLY DA 1273 64.65 101.48 -109.72
CA GLY DA 1273 65.34 100.48 -108.94
C GLY DA 1273 66.56 99.95 -109.68
N ALA DA 1274 67.58 99.60 -108.90
CA ALA DA 1274 68.88 99.19 -109.44
C ALA DA 1274 69.47 100.24 -110.36
N GLY DA 1275 69.14 101.51 -110.11
CA GLY DA 1275 69.74 102.62 -110.85
C GLY DA 1275 70.91 103.24 -110.11
N GLU DA 1276 71.99 102.47 -109.93
CA GLU DA 1276 73.10 102.92 -109.10
C GLU DA 1276 74.17 103.68 -109.91
N LEU DA 1277 74.69 103.06 -110.98
CA LEU DA 1277 75.68 103.65 -111.88
C LEU DA 1277 77.03 103.87 -111.20
N VAL DA 1278 77.12 103.63 -109.90
CA VAL DA 1278 78.36 103.82 -109.14
C VAL DA 1278 78.98 102.50 -108.74
N GLU DA 1279 78.24 101.69 -107.96
CA GLU DA 1279 78.76 100.41 -107.49
C GLU DA 1279 79.19 99.51 -108.65
N ASP DA 1280 78.48 99.57 -109.77
CA ASP DA 1280 78.76 98.68 -110.89
C ASP DA 1280 78.20 99.28 -112.18
N PRO DA 1281 78.95 100.15 -112.85
CA PRO DA 1281 78.58 100.56 -114.21
C PRO DA 1281 78.85 99.50 -115.25
N CYS DA 1282 79.58 98.44 -114.90
CA CYS DA 1282 79.93 97.42 -115.87
C CYS DA 1282 78.69 96.68 -116.36
N ALA DA 1283 77.92 96.13 -115.43
CA ALA DA 1283 76.68 95.44 -115.80
C ALA DA 1283 75.64 96.36 -116.41
N LEU DA 1284 75.81 97.68 -116.28
CA LEU DA 1284 74.95 98.65 -116.94
C LEU DA 1284 75.39 98.95 -118.36
N PHE DA 1285 76.69 98.91 -118.62
CA PHE DA 1285 77.22 99.21 -119.95
C PHE DA 1285 77.86 98.01 -120.63
N GLN DA 1286 77.98 96.87 -119.95
CA GLN DA 1286 78.61 95.67 -120.50
C GLN DA 1286 80.00 96.01 -121.06
N GLU DA 1287 80.89 96.42 -120.15
CA GLU DA 1287 82.22 96.88 -120.52
C GLU DA 1287 83.25 96.30 -119.58
N ALA DA 1288 84.52 96.48 -119.97
CA ALA DA 1288 85.67 96.07 -119.17
C ALA DA 1288 86.83 96.95 -119.59
N TYR DA 1289 87.34 97.70 -118.67
CA TYR DA 1289 88.33 98.66 -119.10
C TYR DA 1289 89.72 98.04 -119.13
N PRO DA 1290 90.62 98.58 -119.95
CA PRO DA 1290 91.97 98.04 -120.02
C PRO DA 1290 92.90 98.70 -119.01
N PRO DA 1291 93.57 97.91 -118.18
CA PRO DA 1291 94.54 98.48 -117.24
C PRO DA 1291 95.91 98.68 -117.88
N LEU DA 1292 96.90 99.05 -117.07
CA LEU DA 1292 98.27 99.13 -117.56
C LEU DA 1292 98.73 97.74 -117.99
N CYS DA 1293 98.82 97.52 -119.29
CA CYS DA 1293 99.16 96.21 -119.84
C CYS DA 1293 100.49 96.27 -120.57
N ALA DA 1294 101.23 95.17 -120.51
CA ALA DA 1294 102.52 95.06 -121.16
C ALA DA 1294 102.85 93.59 -121.35
N SER DA 1295 103.11 93.19 -122.58
CA SER DA 1295 103.51 91.81 -122.84
C SER DA 1295 104.93 91.52 -122.43
N ASP DA 1296 105.55 92.48 -121.75
CA ASP DA 1296 106.95 92.38 -121.33
C ASP DA 1296 107.13 93.18 -120.06
N SER DA 1297 107.83 92.59 -119.09
CA SER DA 1297 108.13 93.31 -117.86
C SER DA 1297 109.12 94.44 -118.10
N ALA DA 1298 109.96 94.33 -119.13
CA ALA DA 1298 110.92 95.37 -119.44
C ALA DA 1298 110.30 96.58 -120.13
N LEU DA 1299 109.03 96.50 -120.52
CA LEU DA 1299 108.39 97.54 -121.30
C LEU DA 1299 107.78 98.64 -120.44
N LEU DA 1300 108.02 98.64 -119.13
CA LEU DA 1300 107.34 99.63 -118.30
C LEU DA 1300 108.19 100.22 -117.17
N ARG DA 1301 109.51 100.02 -117.17
CA ARG DA 1301 110.22 100.21 -115.91
C ARG DA 1301 110.43 101.69 -115.57
N THR DA 1302 111.33 102.37 -116.27
CA THR DA 1302 111.44 103.79 -115.97
C THR DA 1302 110.51 104.65 -116.82
N PRO DA 1303 110.56 104.60 -118.16
CA PRO DA 1303 109.80 105.55 -118.97
C PRO DA 1303 108.47 105.04 -119.51
N LEU DA 1304 108.14 103.77 -119.27
CA LEU DA 1304 107.06 103.04 -119.93
C LEU DA 1304 107.42 102.77 -121.39
N GLY DA 1305 108.54 103.32 -121.85
CA GLY DA 1305 109.11 102.98 -123.14
C GLY DA 1305 108.44 103.62 -124.32
N ALA DA 1306 107.31 103.04 -124.74
CA ALA DA 1306 106.53 103.50 -125.88
C ALA DA 1306 105.26 102.68 -125.92
N GLU DA 1307 104.46 102.90 -126.97
CA GLU DA 1307 103.22 102.13 -127.12
C GLU DA 1307 103.48 100.74 -127.70
N GLU DA 1308 104.28 100.64 -128.77
CA GLU DA 1308 104.61 99.31 -129.29
C GLU DA 1308 106.06 99.25 -129.76
N HIS DA 1309 106.71 98.12 -129.47
CA HIS DA 1309 107.97 97.72 -130.08
C HIS DA 1309 107.65 96.86 -131.30
N PHE DA 1310 108.64 96.16 -131.84
CA PHE DA 1310 108.44 95.32 -133.02
C PHE DA 1310 107.24 94.39 -132.84
N ALA DA 1311 107.30 93.49 -131.86
CA ALA DA 1311 106.25 92.50 -131.65
C ALA DA 1311 105.42 92.75 -130.41
N GLN DA 1312 106.04 93.12 -129.29
CA GLN DA 1312 105.31 93.36 -128.06
C GLN DA 1312 104.49 94.65 -128.18
N TYR DA 1313 103.72 94.95 -127.14
CA TYR DA 1313 102.89 96.15 -127.13
C TYR DA 1313 102.61 96.55 -125.69
N LEU DA 1314 102.26 97.83 -125.51
CA LEU DA 1314 101.87 98.36 -124.22
C LEU DA 1314 100.51 99.05 -124.39
N ILE DA 1315 99.49 98.46 -123.79
CA ILE DA 1315 98.13 99.00 -123.84
C ILE DA 1315 98.00 99.98 -122.67
N ARG DA 1316 98.06 101.27 -122.96
CA ARG DA 1316 97.92 102.27 -121.92
C ARG DA 1316 96.49 102.27 -121.37
N ASP DA 1317 96.37 102.61 -120.10
CA ASP DA 1317 95.14 102.41 -119.34
C ASP DA 1317 94.12 103.49 -119.63
N GLU DA 1318 92.84 103.09 -119.62
CA GLU DA 1318 91.71 104.01 -119.52
C GLU DA 1318 90.71 103.33 -118.60
N SER DA 1319 90.83 103.63 -117.32
CA SER DA 1319 90.13 102.95 -116.24
C SER DA 1319 89.72 103.99 -115.22
N PRO DA 1320 88.67 103.73 -114.44
CA PRO DA 1320 88.26 104.69 -113.40
C PRO DA 1320 89.37 105.05 -112.44
N LEU DA 1321 90.47 104.30 -112.43
CA LEU DA 1321 91.61 104.51 -111.56
C LEU DA 1321 92.83 104.93 -112.36
N LYS DA 1322 92.63 105.82 -113.33
CA LYS DA 1322 93.75 106.28 -114.14
C LYS DA 1322 94.84 106.91 -113.30
N GLY DA 1323 94.48 107.48 -112.15
CA GLY DA 1323 95.45 108.13 -111.28
C GLY DA 1323 95.15 107.97 -109.81
N ARG EA 3 -0.87 -24.43 211.44
CA ARG EA 3 -1.34 -23.06 211.27
C ARG EA 3 -2.02 -22.55 212.54
N PRO EA 4 -1.22 -22.07 213.49
CA PRO EA 4 -1.77 -21.66 214.79
C PRO EA 4 -2.81 -20.56 214.65
N ALA EA 5 -3.59 -20.38 215.70
CA ALA EA 5 -4.69 -19.43 215.68
C ALA EA 5 -4.22 -18.06 216.14
N ILE EA 6 -4.79 -17.01 215.52
CA ILE EA 6 -4.40 -15.66 215.86
C ILE EA 6 -5.13 -15.18 217.11
N LEU EA 7 -6.46 -15.15 217.05
CA LEU EA 7 -7.28 -14.73 218.18
C LEU EA 7 -8.24 -15.86 218.52
N PRO EA 8 -8.13 -16.46 219.70
CA PRO EA 8 -9.01 -17.59 220.04
C PRO EA 8 -10.42 -17.12 220.31
N SER EA 9 -11.36 -18.07 220.25
CA SER EA 9 -12.77 -17.77 220.42
C SER EA 9 -13.35 -18.28 221.73
N GLY EA 10 -12.80 -19.34 222.31
CA GLY EA 10 -13.34 -19.86 223.55
C GLY EA 10 -12.31 -19.92 224.66
N GLN EA 11 -12.64 -20.63 225.74
CA GLN EA 11 -11.71 -20.87 226.83
C GLN EA 11 -11.92 -22.28 227.34
N ILE EA 12 -10.85 -23.04 227.42
CA ILE EA 12 -10.93 -24.40 227.95
C ILE EA 12 -10.94 -24.32 229.47
N LEU EA 13 -11.55 -25.31 230.11
CA LEU EA 13 -11.68 -25.31 231.57
C LEU EA 13 -10.93 -26.43 232.25
N SER EA 14 -10.73 -27.57 231.60
CA SER EA 14 -10.09 -28.70 232.23
C SER EA 14 -8.57 -28.55 232.21
N ASN EA 15 -7.92 -29.21 233.16
CA ASN EA 15 -6.47 -29.16 233.29
C ASN EA 15 -5.80 -30.50 233.04
N ILE EA 16 -6.47 -31.41 232.33
CA ILE EA 16 -5.90 -32.73 232.08
C ILE EA 16 -4.74 -32.62 231.11
N GLU EA 17 -3.91 -33.66 231.06
CA GLU EA 17 -2.83 -33.68 230.10
C GLU EA 17 -3.36 -34.15 228.75
N VAL EA 18 -2.48 -34.26 227.75
CA VAL EA 18 -2.93 -34.62 226.42
C VAL EA 18 -2.07 -35.72 225.82
N HIS EA 19 -1.12 -36.25 226.58
CA HIS EA 19 -0.37 -37.40 226.11
C HIS EA 19 -1.00 -38.71 226.52
N SER EA 20 -2.03 -38.67 227.35
CA SER EA 20 -2.80 -39.86 227.67
C SER EA 20 -4.11 -39.93 226.93
N HIS EA 21 -4.66 -38.80 226.52
CA HIS EA 21 -5.91 -38.75 225.77
C HIS EA 21 -5.68 -38.43 224.31
N ARG EA 22 -4.53 -38.81 223.77
CA ARG EA 22 -4.22 -38.46 222.39
C ARG EA 22 -5.04 -39.25 221.38
N ALA EA 23 -5.96 -40.11 221.84
CA ALA EA 23 -6.78 -40.86 220.92
C ALA EA 23 -8.01 -40.08 220.48
N LEU EA 24 -8.46 -39.14 221.29
CA LEU EA 24 -9.72 -38.47 221.02
C LEU EA 24 -9.63 -37.58 219.79
N PHE EA 25 -8.49 -36.97 219.57
CA PHE EA 25 -8.34 -36.02 218.48
C PHE EA 25 -7.95 -36.71 217.19
N ASP EA 26 -8.23 -36.05 216.08
CA ASP EA 26 -7.87 -36.61 214.78
C ASP EA 26 -6.41 -36.33 214.46
N ILE EA 27 -6.04 -35.06 214.43
CA ILE EA 27 -4.66 -34.64 214.20
C ILE EA 27 -4.13 -34.07 215.51
N PHE EA 28 -2.90 -34.44 215.87
CA PHE EA 28 -2.36 -34.05 217.16
C PHE EA 28 -0.85 -33.86 217.05
N LYS EA 29 -0.35 -32.79 217.64
CA LYS EA 29 1.08 -32.50 217.62
C LYS EA 29 1.42 -31.61 218.80
N ARG EA 30 2.48 -31.98 219.53
CA ARG EA 30 2.88 -31.25 220.73
C ARG EA 30 4.39 -31.25 220.84
N PHE EA 31 4.98 -30.06 221.02
CA PHE EA 31 6.42 -29.91 221.12
C PHE EA 31 6.82 -29.53 222.53
N ARG EA 32 8.14 -29.50 222.78
CA ARG EA 32 8.64 -29.25 224.13
C ARG EA 32 8.46 -27.78 224.49
N SER EA 33 9.13 -26.89 223.78
CA SER EA 33 9.00 -25.47 224.06
C SER EA 33 9.52 -24.67 222.88
N ASP EA 34 8.64 -23.87 222.26
CA ASP EA 34 9.04 -22.94 221.22
C ASP EA 34 9.69 -23.65 220.04
N ASP EA 35 8.94 -24.45 219.30
CA ASP EA 35 9.42 -24.96 218.03
C ASP EA 35 9.69 -23.80 217.08
N ASN EA 36 10.49 -24.05 216.06
CA ASN EA 36 10.89 -23.01 215.14
C ASN EA 36 9.97 -22.87 213.94
N ASN EA 37 9.32 -23.95 213.51
CA ASN EA 37 8.63 -23.92 212.23
C ASN EA 37 7.39 -23.05 212.22
N LEU EA 38 6.87 -22.63 213.38
CA LEU EA 38 5.61 -21.91 213.39
C LEU EA 38 5.77 -20.41 213.21
N TYR EA 39 6.88 -19.95 212.65
CA TYR EA 39 7.06 -18.53 212.36
C TYR EA 39 7.02 -18.23 210.86
N GLY EA 40 7.76 -18.98 210.05
CA GLY EA 40 7.67 -18.83 208.62
C GLY EA 40 6.26 -19.06 208.13
N ALA EA 41 5.59 -18.00 207.70
CA ALA EA 41 4.18 -18.07 207.33
C ALA EA 41 4.03 -18.33 205.84
N GLU EA 42 4.58 -19.44 205.39
CA GLU EA 42 4.50 -19.82 204.00
C GLU EA 42 3.03 -19.91 203.56
N PHE EA 43 2.72 -19.30 202.43
CA PHE EA 43 1.35 -19.24 201.94
C PHE EA 43 1.38 -19.14 200.42
N ASP EA 44 0.61 -19.96 199.73
CA ASP EA 44 0.55 -19.85 198.29
C ASP EA 44 -0.47 -18.80 197.87
N ALA EA 45 -0.31 -18.28 196.66
CA ALA EA 45 -1.15 -17.19 196.21
C ALA EA 45 -1.16 -17.13 194.70
N LEU EA 46 -2.34 -16.91 194.12
CA LEU EA 46 -2.46 -16.69 192.68
C LEU EA 46 -2.29 -15.22 192.36
N LEU EA 47 -1.91 -14.94 191.12
CA LEU EA 47 -1.48 -13.60 190.74
C LEU EA 47 -2.22 -13.10 189.51
N GLY EA 48 -3.51 -13.37 189.40
CA GLY EA 48 -4.31 -12.75 188.36
C GLY EA 48 -5.10 -13.71 187.51
N THR EA 49 -6.18 -13.21 186.91
CA THR EA 49 -7.01 -13.96 185.99
C THR EA 49 -7.09 -13.21 184.67
N TYR EA 50 -7.51 -13.91 183.62
CA TYR EA 50 -7.59 -13.31 182.29
C TYR EA 50 -8.73 -13.95 181.53
N CYS EA 51 -9.72 -13.14 181.15
CA CYS EA 51 -10.93 -13.61 180.52
C CYS EA 51 -10.97 -13.14 179.08
N SER EA 52 -11.21 -14.07 178.16
CA SER EA 52 -11.32 -13.71 176.75
C SER EA 52 -12.68 -13.15 176.44
N THR EA 53 -12.76 -12.40 175.33
CA THR EA 53 -14.02 -11.94 174.78
C THR EA 53 -14.00 -12.13 173.27
N LEU EA 54 -15.13 -12.53 172.72
CA LEU EA 54 -15.19 -12.79 171.29
C LEU EA 54 -15.55 -11.52 170.54
N SER EA 55 -15.11 -11.45 169.29
CA SER EA 55 -15.40 -10.32 168.42
C SER EA 55 -16.60 -10.65 167.56
N LEU EA 56 -17.48 -9.67 167.38
CA LEU EA 56 -18.65 -9.89 166.55
C LEU EA 56 -18.30 -9.70 165.09
N VAL EA 57 -19.06 -10.37 164.23
CA VAL EA 57 -18.98 -10.17 162.78
C VAL EA 57 -20.39 -10.02 162.25
N ARG EA 58 -20.57 -9.08 161.33
CA ARG EA 58 -21.87 -8.84 160.71
C ARG EA 58 -21.75 -9.07 159.22
N PHE EA 59 -22.70 -9.80 158.65
CA PHE EA 59 -22.62 -10.17 157.25
C PHE EA 59 -22.51 -8.94 156.36
N LEU EA 60 -23.48 -8.04 156.45
CA LEU EA 60 -23.51 -6.89 155.56
C LEU EA 60 -22.26 -6.03 155.67
N GLU EA 61 -21.53 -6.10 156.78
CA GLU EA 61 -20.25 -5.40 156.84
C GLU EA 61 -19.16 -6.11 156.05
N LEU EA 62 -19.41 -7.35 155.63
CA LEU EA 62 -18.40 -8.11 154.91
C LEU EA 62 -18.53 -7.83 153.42
N GLY EA 63 -17.40 -7.86 152.72
CA GLY EA 63 -17.42 -7.62 151.29
C GLY EA 63 -18.04 -8.75 150.48
N LEU EA 64 -18.20 -9.92 151.09
CA LEU EA 64 -18.88 -11.02 150.41
C LEU EA 64 -20.35 -10.71 150.17
N SER EA 65 -20.90 -9.70 150.85
CA SER EA 65 -22.33 -9.45 150.76
C SER EA 65 -22.77 -9.15 149.35
N VAL EA 66 -21.91 -8.54 148.54
CA VAL EA 66 -22.30 -8.14 147.21
C VAL EA 66 -22.58 -9.32 146.28
N ALA EA 67 -22.25 -10.53 146.71
CA ALA EA 67 -22.44 -11.68 145.83
C ALA EA 67 -23.89 -12.13 145.76
N CYS EA 68 -24.73 -11.72 146.70
CA CYS EA 68 -26.10 -12.20 146.76
C CYS EA 68 -27.02 -11.09 147.24
N VAL EA 69 -28.27 -11.14 146.78
CA VAL EA 69 -29.30 -10.22 147.25
C VAL EA 69 -30.04 -10.88 148.39
N CYS EA 70 -30.04 -10.23 149.54
CA CYS EA 70 -30.63 -10.81 150.75
C CYS EA 70 -31.98 -10.16 151.02
N THR EA 71 -32.99 -10.99 151.26
CA THR EA 71 -34.31 -10.48 151.61
C THR EA 71 -34.97 -11.44 152.57
N LYS EA 72 -35.69 -10.90 153.54
CA LYS EA 72 -36.37 -11.69 154.54
C LYS EA 72 -37.76 -12.05 154.06
N PHE EA 73 -38.18 -13.28 154.35
CA PHE EA 73 -39.46 -13.81 153.88
C PHE EA 73 -40.08 -14.57 155.04
N PRO EA 74 -40.86 -13.89 155.89
CA PRO EA 74 -41.35 -14.52 157.12
C PRO EA 74 -42.34 -15.66 156.91
N GLU EA 75 -42.61 -16.07 155.67
CA GLU EA 75 -43.57 -17.14 155.42
C GLU EA 75 -42.95 -18.33 154.69
N LEU EA 76 -41.62 -18.41 154.63
CA LEU EA 76 -40.98 -19.47 153.87
C LEU EA 76 -41.36 -20.86 154.37
N SER EA 77 -41.98 -20.95 155.54
CA SER EA 77 -42.42 -22.26 156.02
C SER EA 77 -43.63 -22.78 155.27
N TYR EA 78 -44.31 -21.94 154.50
CA TYR EA 78 -45.56 -22.34 153.87
C TYR EA 78 -45.45 -22.63 152.39
N VAL EA 79 -44.39 -22.20 151.72
CA VAL EA 79 -44.34 -22.33 150.27
C VAL EA 79 -44.01 -23.75 149.89
N ALA EA 80 -44.72 -24.26 148.89
CA ALA EA 80 -44.28 -25.41 148.12
C ALA EA 80 -43.26 -24.88 147.12
N GLU EA 81 -42.93 -25.65 146.09
CA GLU EA 81 -41.93 -25.23 145.12
C GLU EA 81 -42.16 -23.78 144.69
N GLY EA 82 -41.10 -22.98 144.74
CA GLY EA 82 -41.13 -21.60 144.29
C GLY EA 82 -40.25 -21.46 143.06
N THR EA 83 -40.69 -20.62 142.13
CA THR EA 83 -40.06 -20.54 140.82
C THR EA 83 -39.76 -19.10 140.47
N ILE EA 84 -39.01 -18.93 139.38
CA ILE EA 84 -38.83 -17.63 138.72
C ILE EA 84 -38.81 -17.89 137.24
N GLN EA 85 -39.29 -16.92 136.47
CA GLN EA 85 -39.41 -17.07 135.02
C GLN EA 85 -38.42 -16.18 134.29
N PHE EA 86 -38.05 -16.61 133.10
CA PHE EA 86 -37.13 -15.87 132.26
C PHE EA 86 -37.70 -15.80 130.85
N GLU EA 87 -37.55 -14.64 130.21
CA GLU EA 87 -37.94 -14.47 128.82
C GLU EA 87 -36.83 -13.72 128.11
N VAL EA 88 -36.30 -14.31 127.05
CA VAL EA 88 -35.17 -13.72 126.35
C VAL EA 88 -35.37 -13.93 124.86
N GLN EA 89 -35.02 -12.92 124.08
CA GLN EA 89 -35.28 -12.89 122.65
C GLN EA 89 -33.96 -12.66 121.92
N GLN EA 90 -33.50 -13.67 121.19
CA GLN EA 90 -32.21 -13.54 120.53
C GLN EA 90 -32.33 -12.66 119.30
N PRO EA 91 -31.27 -11.93 118.96
CA PRO EA 91 -31.26 -11.19 117.69
C PRO EA 91 -31.13 -12.14 116.53
N MET EA 92 -31.21 -11.59 115.33
CA MET EA 92 -31.05 -12.37 114.12
C MET EA 92 -30.59 -11.45 113.00
N ILE EA 93 -29.83 -12.01 112.06
CA ILE EA 93 -29.34 -11.24 110.93
C ILE EA 93 -29.96 -11.80 109.66
N ALA EA 94 -30.28 -10.91 108.72
CA ALA EA 94 -31.05 -11.26 107.54
C ALA EA 94 -30.12 -11.81 106.47
N ARG EA 95 -29.82 -13.10 106.58
CA ARG EA 95 -28.93 -13.74 105.64
C ARG EA 95 -29.49 -13.65 104.22
N ASP EA 96 -28.58 -13.58 103.25
CA ASP EA 96 -28.96 -13.58 101.84
C ASP EA 96 -28.74 -14.97 101.28
N GLY EA 97 -29.44 -15.28 100.19
CA GLY EA 97 -29.23 -16.53 99.51
C GLY EA 97 -30.51 -17.25 99.15
N PRO EA 98 -30.39 -18.28 98.32
CA PRO EA 98 -31.58 -19.00 97.85
C PRO EA 98 -32.30 -19.79 98.91
N HIS EA 99 -31.65 -20.15 100.01
CA HIS EA 99 -32.30 -20.94 101.04
C HIS EA 99 -33.44 -20.14 101.69
N PRO EA 100 -34.41 -20.83 102.31
CA PRO EA 100 -35.55 -20.13 102.89
C PRO EA 100 -35.13 -19.17 104.00
N ALA EA 101 -36.04 -18.25 104.32
CA ALA EA 101 -35.77 -17.21 105.29
C ALA EA 101 -35.75 -17.77 106.71
N ASP EA 102 -35.46 -16.92 107.67
CA ASP EA 102 -35.34 -17.30 109.06
C ASP EA 102 -36.15 -16.35 109.93
N GLN EA 103 -37.02 -16.90 110.76
CA GLN EA 103 -37.89 -16.14 111.63
C GLN EA 103 -37.26 -15.93 113.00
N PRO EA 104 -37.68 -14.91 113.74
CA PRO EA 104 -37.14 -14.72 115.09
C PRO EA 104 -37.64 -15.77 116.05
N VAL EA 105 -36.86 -16.03 117.08
CA VAL EA 105 -37.16 -17.07 118.06
C VAL EA 105 -37.45 -16.42 119.41
N HIS EA 106 -38.34 -17.05 120.17
CA HIS EA 106 -38.60 -16.68 121.55
C HIS EA 106 -38.53 -17.93 122.40
N ASN EA 107 -38.06 -17.79 123.63
CA ASN EA 107 -38.00 -18.92 124.53
C ASN EA 107 -38.16 -18.47 125.98
N TYR EA 108 -38.76 -19.32 126.79
CA TYR EA 108 -38.97 -19.06 128.20
C TYR EA 108 -38.27 -20.15 129.01
N MET EA 109 -37.85 -19.79 130.22
CA MET EA 109 -37.14 -20.71 131.08
C MET EA 109 -37.56 -20.45 132.51
N ILE EA 110 -37.79 -21.53 133.27
CA ILE EA 110 -38.16 -21.43 134.68
C ILE EA 110 -37.11 -22.14 135.51
N LYS EA 111 -36.79 -21.57 136.66
CA LYS EA 111 -35.87 -22.16 137.61
C LYS EA 111 -36.60 -22.44 138.91
N ARG EA 112 -36.29 -23.55 139.54
CA ARG EA 112 -36.97 -23.96 140.76
C ARG EA 112 -36.07 -23.71 141.96
N LEU EA 113 -36.65 -23.15 143.02
CA LEU EA 113 -35.93 -22.97 144.26
C LEU EA 113 -35.38 -24.29 144.78
N ASP EA 114 -34.33 -24.20 145.59
CA ASP EA 114 -33.89 -25.32 146.40
C ASP EA 114 -33.80 -24.82 147.84
N ARG EA 115 -33.93 -25.74 148.79
CA ARG EA 115 -34.13 -25.38 150.18
C ARG EA 115 -32.99 -25.87 151.05
N ARG EA 116 -32.56 -25.01 151.97
CA ARG EA 116 -31.43 -25.28 152.86
C ARG EA 116 -31.89 -25.11 154.30
N SER EA 117 -30.94 -25.07 155.23
CA SER EA 117 -31.27 -24.80 156.63
C SER EA 117 -30.01 -24.37 157.36
N LEU EA 118 -30.21 -23.92 158.60
CA LEU EA 118 -29.12 -23.63 159.52
C LEU EA 118 -29.57 -24.07 160.91
N ASN EA 119 -28.60 -24.36 161.78
CA ASN EA 119 -28.96 -24.84 163.10
C ASN EA 119 -27.79 -24.69 164.05
N ALA EA 120 -28.09 -24.77 165.34
CA ALA EA 120 -27.11 -24.57 166.40
C ALA EA 120 -27.54 -25.43 167.59
N ALA EA 121 -26.97 -25.13 168.77
CA ALA EA 121 -27.31 -25.85 169.99
C ALA EA 121 -26.92 -25.00 171.18
N PHE EA 122 -27.65 -25.16 172.28
CA PHE EA 122 -27.60 -24.15 173.33
C PHE EA 122 -27.71 -24.76 174.74
N SER EA 123 -27.18 -25.95 174.97
CA SER EA 123 -27.46 -26.67 176.21
C SER EA 123 -27.18 -25.84 177.45
N ILE EA 124 -27.99 -26.06 178.50
CA ILE EA 124 -27.74 -25.51 179.83
C ILE EA 124 -28.01 -26.59 180.87
N ALA EA 125 -27.31 -26.49 182.00
CA ALA EA 125 -27.29 -27.54 182.99
C ALA EA 125 -28.62 -27.60 183.74
N VAL EA 126 -28.66 -28.46 184.76
CA VAL EA 126 -29.88 -28.64 185.54
C VAL EA 126 -29.87 -27.79 186.81
N GLU EA 127 -28.73 -27.74 187.51
CA GLU EA 127 -28.64 -26.81 188.62
C GLU EA 127 -28.81 -25.37 188.16
N ALA EA 128 -28.33 -25.06 186.96
CA ALA EA 128 -28.60 -23.76 186.39
C ALA EA 128 -30.09 -23.56 186.20
N LEU EA 129 -30.82 -24.61 185.80
CA LEU EA 129 -32.26 -24.48 185.66
C LEU EA 129 -32.91 -24.21 187.00
N GLY EA 130 -32.46 -24.90 188.05
CA GLY EA 130 -33.03 -24.68 189.36
C GLY EA 130 -32.75 -23.30 189.91
N LEU EA 131 -31.59 -22.74 189.58
CA LEU EA 131 -31.23 -21.44 190.12
C LEU EA 131 -31.79 -20.27 189.30
N ILE EA 132 -31.84 -20.40 187.98
CA ILE EA 132 -32.35 -19.33 187.15
C ILE EA 132 -33.85 -19.15 187.36
N SER EA 133 -34.61 -20.24 187.26
CA SER EA 133 -36.04 -20.18 187.49
C SER EA 133 -36.39 -19.74 188.90
N GLY EA 134 -35.40 -19.60 189.78
CA GLY EA 134 -35.63 -19.16 191.13
C GLY EA 134 -36.40 -20.13 192.00
N GLU EA 135 -36.78 -21.29 191.48
CA GLU EA 135 -37.54 -22.25 192.27
C GLU EA 135 -36.68 -22.80 193.40
N ASN EA 136 -35.44 -23.18 193.10
CA ASN EA 136 -34.53 -23.72 194.08
C ASN EA 136 -33.69 -22.64 194.76
N LEU EA 137 -34.04 -21.38 194.60
CA LEU EA 137 -33.23 -20.30 195.15
C LEU EA 137 -33.34 -20.30 196.67
N ASP EA 138 -32.41 -20.97 197.33
CA ASP EA 138 -32.38 -20.92 198.78
C ASP EA 138 -32.06 -19.49 199.23
N GLY EA 139 -32.72 -19.06 200.30
CA GLY EA 139 -32.53 -17.70 200.74
C GLY EA 139 -31.34 -17.55 201.66
N THR EA 140 -30.19 -17.16 201.10
CA THR EA 140 -28.97 -16.92 201.86
C THR EA 140 -28.28 -15.71 201.28
N HIS EA 141 -27.02 -15.53 201.67
CA HIS EA 141 -26.16 -14.54 201.05
C HIS EA 141 -25.22 -15.16 200.04
N ILE EA 142 -25.24 -16.48 199.90
CA ILE EA 142 -24.30 -17.19 199.04
C ILE EA 142 -24.97 -17.71 197.78
N SER EA 143 -26.17 -18.29 197.91
CA SER EA 143 -26.88 -18.78 196.74
C SER EA 143 -27.23 -17.65 195.79
N SER EA 144 -27.36 -16.42 196.29
CA SER EA 144 -27.52 -15.28 195.41
C SER EA 144 -26.32 -15.15 194.47
N ALA EA 145 -25.11 -15.36 195.00
CA ALA EA 145 -23.93 -15.28 194.16
C ALA EA 145 -23.94 -16.35 193.10
N MET EA 146 -24.36 -17.57 193.46
CA MET EA 146 -24.45 -18.63 192.47
C MET EA 146 -25.51 -18.33 191.42
N ARG EA 147 -26.59 -17.67 191.81
CA ARG EA 147 -27.58 -17.28 190.82
C ARG EA 147 -27.03 -16.24 189.85
N LEU EA 148 -26.31 -15.25 190.38
CA LEU EA 148 -25.65 -14.28 189.51
C LEU EA 148 -24.72 -14.98 188.55
N ARG EA 149 -23.95 -15.96 189.04
CA ARG EA 149 -23.01 -16.67 188.18
C ARG EA 149 -23.74 -17.44 187.09
N ALA EA 150 -24.81 -18.14 187.45
CA ALA EA 150 -25.52 -18.93 186.45
C ALA EA 150 -26.16 -18.04 185.40
N ILE EA 151 -26.71 -16.89 185.80
CA ILE EA 151 -27.33 -16.02 184.81
C ILE EA 151 -26.27 -15.38 183.93
N GLN EA 152 -25.10 -15.08 184.48
CA GLN EA 152 -24.00 -14.59 183.66
C GLN EA 152 -23.60 -15.63 182.63
N GLN EA 153 -23.49 -16.89 183.05
CA GLN EA 153 -23.17 -17.96 182.13
C GLN EA 153 -24.20 -18.09 181.03
N LEU EA 154 -25.48 -18.02 181.40
CA LEU EA 154 -26.55 -18.12 180.41
C LEU EA 154 -26.44 -17.00 179.38
N ALA EA 155 -26.21 -15.78 179.84
CA ALA EA 155 -26.11 -14.67 178.91
C ALA EA 155 -24.92 -14.84 177.98
N ARG EA 156 -23.77 -15.28 178.52
CA ARG EA 156 -22.60 -15.49 177.68
C ARG EA 156 -22.86 -16.55 176.63
N ASN EA 157 -23.49 -17.65 177.02
CA ASN EA 157 -23.76 -18.73 176.08
C ASN EA 157 -24.71 -18.29 174.98
N VAL EA 158 -25.80 -17.59 175.34
CA VAL EA 158 -26.73 -17.19 174.30
C VAL EA 158 -26.11 -16.12 173.41
N GLN EA 159 -25.23 -15.28 173.97
CA GLN EA 159 -24.54 -14.30 173.13
C GLN EA 159 -23.60 -14.99 172.15
N ALA EA 160 -23.01 -16.11 172.54
CA ALA EA 160 -22.14 -16.82 171.61
C ALA EA 160 -22.95 -17.55 170.54
N VAL EA 161 -24.08 -18.14 170.91
CA VAL EA 161 -24.82 -18.93 169.93
C VAL EA 161 -25.61 -18.06 168.98
N LEU EA 162 -26.06 -16.88 169.43
CA LEU EA 162 -26.74 -15.98 168.53
C LEU EA 162 -25.80 -15.37 167.51
N ASP EA 163 -24.51 -15.41 167.77
CA ASP EA 163 -23.54 -14.90 166.81
C ASP EA 163 -23.27 -15.90 165.69
N SER EA 164 -23.41 -17.20 165.96
CA SER EA 164 -23.11 -18.19 164.94
C SER EA 164 -24.01 -18.07 163.72
N PHE EA 165 -25.12 -17.36 163.81
CA PHE EA 165 -26.00 -17.23 162.67
C PHE EA 165 -25.56 -16.14 161.71
N GLU EA 166 -24.35 -15.60 161.87
CA GLU EA 166 -23.76 -14.72 160.88
C GLU EA 166 -22.59 -15.38 160.17
N ARG EA 167 -21.68 -15.98 160.92
CA ARG EA 167 -20.71 -16.86 160.31
C ARG EA 167 -21.40 -17.99 159.56
N GLY EA 168 -22.59 -18.37 160.01
CA GLY EA 168 -23.35 -19.39 159.30
C GLY EA 168 -23.67 -18.97 157.88
N THR EA 169 -24.18 -17.75 157.71
CA THR EA 169 -24.48 -17.29 156.36
C THR EA 169 -23.21 -17.05 155.57
N ALA EA 170 -22.17 -16.52 156.23
CA ALA EA 170 -20.92 -16.30 155.54
C ALA EA 170 -20.30 -17.59 155.07
N ASP EA 171 -20.67 -18.72 155.67
CA ASP EA 171 -20.21 -20.01 155.19
C ASP EA 171 -21.14 -20.61 154.17
N GLN EA 172 -22.45 -20.44 154.33
CA GLN EA 172 -23.40 -20.95 153.35
C GLN EA 172 -23.15 -20.31 152.00
N MET EA 173 -22.83 -19.01 151.98
CA MET EA 173 -22.60 -18.33 150.72
C MET EA 173 -21.47 -18.99 149.94
N LEU EA 174 -20.35 -19.31 150.62
CA LEU EA 174 -19.26 -19.97 149.93
C LEU EA 174 -19.63 -21.39 149.55
N ARG EA 175 -20.24 -22.13 150.47
CA ARG EA 175 -20.57 -23.51 150.19
C ARG EA 175 -21.53 -23.63 149.01
N VAL EA 176 -22.33 -22.61 148.75
CA VAL EA 176 -23.27 -22.66 147.65
C VAL EA 176 -22.69 -22.05 146.37
N LEU EA 177 -21.80 -21.07 146.49
CA LEU EA 177 -21.14 -20.58 145.30
C LEU EA 177 -20.19 -21.61 144.72
N MET EA 178 -19.60 -22.44 145.58
CA MET EA 178 -18.65 -23.44 145.09
C MET EA 178 -19.32 -24.53 144.27
N GLU EA 179 -20.64 -24.54 144.17
CA GLU EA 179 -21.30 -25.55 143.36
C GLU EA 179 -21.64 -25.07 141.97
N LYS EA 180 -21.88 -23.77 141.80
CA LYS EA 180 -22.20 -23.26 140.48
C LYS EA 180 -20.94 -23.10 139.64
N ALA EA 181 -19.84 -22.70 140.25
CA ALA EA 181 -18.66 -22.29 139.50
C ALA EA 181 -17.96 -23.46 138.84
N PRO EA 182 -17.96 -23.54 137.51
CA PRO EA 182 -17.15 -24.53 136.84
C PRO EA 182 -15.72 -24.04 136.74
N PRO EA 183 -14.74 -24.95 136.69
CA PRO EA 183 -13.35 -24.51 136.67
C PRO EA 183 -13.06 -23.63 135.47
N LEU EA 184 -12.15 -22.68 135.65
CA LEU EA 184 -11.85 -21.76 134.56
C LEU EA 184 -11.22 -22.48 133.39
N SER EA 185 -10.44 -23.52 133.64
CA SER EA 185 -9.81 -24.26 132.56
C SER EA 185 -10.83 -24.76 131.55
N LEU EA 186 -11.88 -25.41 132.02
CA LEU EA 186 -12.93 -25.88 131.14
C LEU EA 186 -13.91 -24.80 130.76
N LEU EA 187 -13.58 -23.53 130.94
CA LEU EA 187 -14.50 -22.46 130.59
C LEU EA 187 -13.90 -21.41 129.67
N ALA EA 188 -12.59 -21.24 129.65
CA ALA EA 188 -12.00 -20.27 128.73
C ALA EA 188 -12.30 -20.60 127.28
N PRO EA 189 -12.07 -21.81 126.78
CA PRO EA 189 -12.39 -22.07 125.37
C PRO EA 189 -13.88 -22.22 125.09
N PHE EA 190 -14.69 -22.55 126.10
CA PHE EA 190 -16.11 -22.69 125.86
C PHE EA 190 -16.76 -21.40 125.41
N THR EA 191 -16.11 -20.26 125.63
CA THR EA 191 -16.58 -19.01 125.05
C THR EA 191 -16.04 -18.79 123.66
N LEU EA 192 -14.99 -19.51 123.25
CA LEU EA 192 -14.43 -19.32 121.93
C LEU EA 192 -15.29 -20.01 120.87
N TYR EA 193 -15.88 -21.14 121.21
CA TYR EA 193 -16.68 -21.92 120.27
C TYR EA 193 -18.17 -21.69 120.49
N GLU EA 194 -18.54 -20.45 120.82
CA GLU EA 194 -19.94 -20.12 121.01
C GLU EA 194 -20.71 -20.30 119.70
N GLY EA 195 -21.96 -20.73 119.83
CA GLY EA 195 -22.84 -20.92 118.70
C GLY EA 195 -22.29 -21.80 117.60
N ARG EA 196 -21.25 -22.56 117.92
CA ARG EA 196 -20.53 -23.33 116.91
C ARG EA 196 -20.72 -24.83 117.03
N LEU EA 197 -21.19 -25.33 118.17
CA LEU EA 197 -21.29 -26.77 118.38
C LEU EA 197 -22.59 -27.34 117.83
N ALA EA 198 -22.92 -26.99 116.60
CA ALA EA 198 -24.06 -27.58 115.92
C ALA EA 198 -23.66 -28.87 115.22
N ASP EA 199 -22.56 -28.84 114.50
CA ASP EA 199 -22.04 -30.03 113.84
C ASP EA 199 -21.26 -30.87 114.85
N ARG EA 200 -20.48 -31.82 114.37
CA ARG EA 200 -19.67 -32.66 115.23
C ARG EA 200 -18.19 -32.29 115.24
N VAL EA 201 -17.67 -31.79 114.12
CA VAL EA 201 -16.22 -31.60 114.03
C VAL EA 201 -15.77 -30.50 114.98
N ALA EA 202 -16.59 -29.45 115.14
CA ALA EA 202 -16.23 -28.41 116.09
C ALA EA 202 -16.32 -28.93 117.52
N CYS EA 203 -17.32 -29.77 117.80
CA CYS EA 203 -17.43 -30.39 119.11
C CYS EA 203 -16.25 -31.29 119.41
N ALA EA 204 -15.61 -31.85 118.38
CA ALA EA 204 -14.42 -32.66 118.61
C ALA EA 204 -13.18 -31.80 118.82
N ALA EA 205 -13.02 -30.76 118.00
CA ALA EA 205 -11.90 -29.85 118.22
C ALA EA 205 -11.98 -29.21 119.60
N LEU EA 206 -13.20 -29.00 120.10
CA LEU EA 206 -13.35 -28.39 121.41
C LEU EA 206 -12.72 -29.24 122.49
N VAL EA 207 -13.03 -30.53 122.52
CA VAL EA 207 -12.46 -31.38 123.57
C VAL EA 207 -10.97 -31.56 123.34
N SER EA 208 -10.54 -31.63 122.09
CA SER EA 208 -9.10 -31.71 121.85
C SER EA 208 -8.37 -30.47 122.33
N GLU EA 209 -9.09 -29.35 122.46
CA GLU EA 209 -8.49 -28.16 123.06
C GLU EA 209 -8.59 -28.19 124.58
N LEU EA 210 -9.70 -28.72 125.10
CA LEU EA 210 -9.90 -28.76 126.54
C LEU EA 210 -8.85 -29.63 127.21
N LYS EA 211 -8.52 -30.78 126.60
CA LYS EA 211 -7.52 -31.64 127.19
C LYS EA 211 -6.17 -30.93 127.29
N ARG EA 212 -5.79 -30.21 126.24
CA ARG EA 212 -4.52 -29.48 126.28
C ARG EA 212 -4.58 -28.33 127.27
N ARG EA 213 -5.76 -27.76 127.49
CA ARG EA 213 -5.85 -26.65 128.43
C ARG EA 213 -5.70 -27.14 129.86
N VAL EA 214 -6.33 -28.26 130.21
CA VAL EA 214 -6.36 -28.65 131.61
C VAL EA 214 -5.03 -29.19 132.08
N ARG EA 215 -4.22 -29.76 131.19
CA ARG EA 215 -2.98 -30.41 131.61
C ARG EA 215 -1.77 -29.51 131.49
N ASP EA 216 -1.93 -28.28 130.99
CA ASP EA 216 -0.82 -27.35 130.87
C ASP EA 216 -1.07 -26.01 131.53
N ASP EA 217 -2.32 -25.60 131.71
CA ASP EA 217 -2.67 -24.25 132.16
C ASP EA 217 -3.59 -24.31 133.37
N THR EA 218 -3.21 -25.10 134.37
CA THR EA 218 -4.07 -25.32 135.53
C THR EA 218 -3.57 -24.70 136.82
N PHE EA 219 -2.28 -24.40 136.93
CA PHE EA 219 -1.69 -23.99 138.20
C PHE EA 219 -0.90 -22.71 138.05
N PHE EA 220 -1.51 -21.70 137.44
CA PHE EA 220 -0.89 -20.38 137.41
C PHE EA 220 -0.56 -19.95 138.84
N LEU EA 221 0.34 -18.99 138.99
CA LEU EA 221 0.81 -18.44 140.25
C LEU EA 221 1.75 -19.39 140.98
N THR EA 222 1.94 -20.62 140.50
CA THR EA 222 2.88 -21.54 141.12
C THR EA 222 4.10 -21.83 140.27
N LYS EA 223 3.92 -22.07 138.98
CA LYS EA 223 5.04 -22.29 138.08
C LYS EA 223 5.25 -21.18 137.06
N HIS EA 224 4.20 -20.43 136.74
CA HIS EA 224 4.30 -19.34 135.77
C HIS EA 224 4.16 -17.97 136.43
N GLU EA 225 4.58 -17.86 137.68
CA GLU EA 225 4.58 -16.59 138.39
C GLU EA 225 5.77 -15.70 138.02
N ARG EA 226 6.68 -16.21 137.18
CA ARG EA 226 7.83 -15.40 136.78
C ARG EA 226 7.38 -14.20 135.95
N ASN EA 227 6.59 -14.43 134.91
CA ASN EA 227 6.11 -13.37 134.04
C ASN EA 227 4.81 -12.83 134.64
N LYS EA 228 4.92 -11.70 135.34
CA LYS EA 228 3.73 -11.07 135.91
C LYS EA 228 2.71 -10.70 134.84
N ASP EA 229 3.12 -10.60 133.58
CA ASP EA 229 2.15 -10.48 132.50
C ASP EA 229 1.24 -11.71 132.47
N ALA EA 230 1.81 -12.88 132.71
CA ALA EA 230 1.05 -14.12 132.57
C ALA EA 230 -0.06 -14.20 133.61
N VAL EA 231 0.29 -14.03 134.89
CA VAL EA 231 -0.73 -14.13 135.93
C VAL EA 231 -1.77 -13.02 135.75
N LEU EA 232 -1.34 -11.85 135.31
CA LEU EA 232 -2.27 -10.73 135.16
C LEU EA 232 -3.26 -11.00 134.04
N ASP EA 233 -2.79 -11.49 132.88
CA ASP EA 233 -3.71 -11.74 131.79
C ASP EA 233 -4.62 -12.93 132.10
N ARG EA 234 -4.10 -13.93 132.82
CA ARG EA 234 -4.95 -15.04 133.23
C ARG EA 234 -6.04 -14.57 134.16
N LEU EA 235 -5.69 -13.75 135.15
CA LEU EA 235 -6.69 -13.25 136.09
C LEU EA 235 -7.71 -12.36 135.38
N SER EA 236 -7.27 -11.56 134.41
CA SER EA 236 -8.23 -10.74 133.67
C SER EA 236 -9.16 -11.60 132.85
N ASP EA 237 -8.65 -12.66 132.21
CA ASP EA 237 -9.53 -13.58 131.52
C ASP EA 237 -10.53 -14.20 132.48
N LEU EA 238 -10.11 -14.49 133.70
CA LEU EA 238 -11.05 -15.01 134.69
C LEU EA 238 -12.15 -14.01 134.97
N VAL EA 239 -11.78 -12.78 135.31
CA VAL EA 239 -12.79 -11.78 135.66
C VAL EA 239 -13.69 -11.44 134.49
N ASN EA 240 -13.25 -11.70 133.27
CA ASN EA 240 -14.08 -11.38 132.12
C ASN EA 240 -14.93 -12.54 131.63
N CYS EA 241 -14.54 -13.78 131.90
CA CYS EA 241 -15.18 -14.92 131.25
C CYS EA 241 -16.64 -15.04 131.65
N THR EA 242 -16.95 -14.88 132.93
CA THR EA 242 -18.33 -15.02 133.37
C THR EA 242 -19.15 -13.82 132.93
N ALA EA 243 -20.48 -14.01 132.92
CA ALA EA 243 -21.36 -13.03 132.32
C ALA EA 243 -22.22 -12.34 133.36
N PRO EA 244 -22.48 -11.05 133.20
CA PRO EA 244 -23.25 -10.31 134.22
C PRO EA 244 -24.65 -10.87 134.37
N SER EA 245 -25.22 -10.63 135.55
CA SER EA 245 -26.51 -11.15 135.93
C SER EA 245 -27.60 -10.10 135.70
N VAL EA 246 -28.79 -10.36 136.23
CA VAL EA 246 -29.88 -9.42 136.11
C VAL EA 246 -29.50 -8.12 136.81
N ALA EA 247 -30.03 -7.01 136.31
CA ALA EA 247 -29.72 -5.70 136.85
C ALA EA 247 -30.71 -5.37 137.96
N VAL EA 248 -30.20 -5.27 139.18
CA VAL EA 248 -31.02 -4.87 140.33
C VAL EA 248 -30.52 -3.52 140.82
N ALA EA 249 -31.41 -2.79 141.49
CA ALA EA 249 -31.12 -1.40 141.84
C ALA EA 249 -31.23 -1.16 143.33
N ARG EA 250 -30.64 -2.03 144.14
CA ARG EA 250 -30.62 -1.83 145.58
C ARG EA 250 -29.19 -1.89 146.11
N MET EA 251 -28.32 -2.63 145.42
CA MET EA 251 -26.97 -2.85 145.92
C MET EA 251 -26.21 -1.55 146.12
N THR EA 252 -25.90 -0.86 145.02
CA THR EA 252 -25.11 0.36 145.04
C THR EA 252 -23.85 0.21 145.88
N HIS EA 253 -23.30 -1.00 145.97
CA HIS EA 253 -22.01 -1.17 146.61
C HIS EA 253 -21.00 -0.36 145.82
N ALA EA 254 -20.49 0.72 146.40
CA ALA EA 254 -19.72 1.67 145.63
C ALA EA 254 -18.47 2.07 146.38
N ASP EA 255 -17.46 2.47 145.62
CA ASP EA 255 -16.30 3.13 146.17
C ASP EA 255 -16.72 4.48 146.76
N THR EA 256 -15.81 5.07 147.55
CA THR EA 256 -16.07 6.40 148.10
C THR EA 256 -16.44 7.39 147.02
N GLN EA 257 -15.73 7.34 145.90
CA GLN EA 257 -15.98 8.23 144.77
C GLN EA 257 -16.39 7.47 143.52
N GLY EA 258 -15.65 6.45 143.15
CA GLY EA 258 -15.70 5.89 141.83
C GLY EA 258 -16.93 5.07 141.54
N ARG EA 259 -16.81 4.27 140.48
CA ARG EA 259 -17.92 3.51 139.96
C ARG EA 259 -18.30 2.38 140.91
N PRO EA 260 -19.54 1.90 140.84
CA PRO EA 260 -19.94 0.77 141.66
C PRO EA 260 -19.08 -0.46 141.38
N VAL EA 261 -19.00 -1.34 142.39
CA VAL EA 261 -18.17 -2.53 142.31
C VAL EA 261 -18.91 -3.60 141.54
N ASP EA 262 -18.19 -4.66 141.15
CA ASP EA 262 -18.76 -5.70 140.31
C ASP EA 262 -18.73 -7.08 140.96
N GLY EA 263 -17.66 -7.45 141.65
CA GLY EA 263 -17.61 -8.79 142.19
C GLY EA 263 -16.74 -8.97 143.42
N VAL EA 264 -16.39 -10.22 143.72
CA VAL EA 264 -15.52 -10.55 144.84
C VAL EA 264 -14.48 -11.55 144.37
N LEU EA 265 -13.21 -11.25 144.63
CA LEU EA 265 -12.13 -12.19 144.35
C LEU EA 265 -11.74 -12.92 145.63
N VAL EA 266 -12.70 -13.66 146.20
CA VAL EA 266 -12.45 -14.30 147.48
C VAL EA 266 -11.43 -15.41 147.30
N THR EA 267 -10.46 -15.48 148.20
CA THR EA 267 -9.40 -16.47 148.10
C THR EA 267 -8.79 -16.67 149.47
N THR EA 268 -7.82 -17.58 149.55
CA THR EA 268 -7.18 -17.88 150.81
C THR EA 268 -6.26 -16.73 151.22
N ALA EA 269 -5.63 -16.87 152.38
CA ALA EA 269 -4.77 -15.80 152.87
C ALA EA 269 -3.42 -15.78 152.17
N GLY EA 270 -2.81 -16.95 151.95
CA GLY EA 270 -1.50 -16.98 151.35
C GLY EA 270 -1.48 -16.46 149.94
N VAL EA 271 -2.45 -16.91 149.13
CA VAL EA 271 -2.51 -16.49 147.74
C VAL EA 271 -2.76 -15.00 147.63
N ARG EA 272 -3.64 -14.47 148.48
CA ARG EA 272 -3.89 -13.03 148.47
C ARG EA 272 -2.64 -12.26 148.88
N GLN EA 273 -1.97 -12.70 149.94
CA GLN EA 273 -0.75 -12.05 150.38
C GLN EA 273 0.28 -12.03 149.26
N ARG EA 274 0.41 -13.13 148.52
CA ARG EA 274 1.38 -13.17 147.43
C ARG EA 274 0.93 -12.31 146.26
N LEU EA 275 -0.38 -12.16 146.06
CA LEU EA 275 -0.86 -11.31 144.98
C LEU EA 275 -0.59 -9.84 145.27
N LEU EA 276 -0.67 -9.44 146.53
CA LEU EA 276 -0.64 -8.01 146.84
C LEU EA 276 0.72 -7.39 146.53
N HIS EA 277 1.81 -8.05 146.91
CA HIS EA 277 3.10 -7.38 146.84
C HIS EA 277 3.61 -7.25 145.41
N HIS EA 278 3.34 -8.23 144.57
CA HIS EA 278 3.99 -8.28 143.26
C HIS EA 278 3.12 -7.74 142.12
N VAL EA 279 1.87 -8.20 142.02
CA VAL EA 279 1.12 -8.06 140.78
C VAL EA 279 -0.07 -7.11 140.91
N LEU EA 280 -0.67 -6.96 142.09
CA LEU EA 280 -1.84 -6.11 142.24
C LEU EA 280 -1.51 -4.92 143.13
N THR EA 281 -2.47 -4.01 143.22
CA THR EA 281 -2.28 -2.76 143.96
C THR EA 281 -3.65 -2.19 144.29
N LEU EA 282 -3.88 -1.92 145.57
CA LEU EA 282 -5.19 -1.49 146.03
C LEU EA 282 -5.61 -0.18 145.38
N ALA EA 283 -6.84 -0.14 144.87
CA ALA EA 283 -7.40 1.08 144.32
C ALA EA 283 -8.12 1.91 145.38
N ASP EA 284 -8.49 1.30 146.51
CA ASP EA 284 -9.17 2.00 147.59
C ASP EA 284 -9.21 1.09 148.80
N THR EA 285 -9.52 1.70 149.95
CA THR EA 285 -9.55 0.97 151.21
C THR EA 285 -10.82 1.24 152.01
N HIS EA 286 -11.88 1.69 151.35
CA HIS EA 286 -13.15 1.93 152.04
C HIS EA 286 -14.27 1.77 151.02
N ALA EA 287 -15.39 1.22 151.48
CA ALA EA 287 -16.54 0.96 150.64
C ALA EA 287 -17.75 1.73 151.16
N ASP EA 288 -18.87 1.62 150.45
CA ASP EA 288 -20.12 2.23 150.87
C ASP EA 288 -21.23 1.23 150.58
N VAL EA 289 -21.56 0.41 151.56
CA VAL EA 289 -22.48 -0.70 151.37
C VAL EA 289 -23.86 -0.32 151.90
N PRO EA 290 -24.92 -1.04 151.53
CA PRO EA 290 -26.22 -0.82 152.18
C PRO EA 290 -26.20 -1.40 153.59
N VAL EA 291 -27.25 -1.07 154.34
CA VAL EA 291 -27.28 -1.37 155.77
C VAL EA 291 -28.48 -2.22 156.17
N THR EA 292 -29.35 -2.58 155.24
CA THR EA 292 -30.57 -3.30 155.61
C THR EA 292 -30.93 -4.31 154.54
N TYR EA 293 -31.49 -5.43 154.98
CA TYR EA 293 -31.97 -6.44 154.06
C TYR EA 293 -33.10 -5.91 153.19
N GLY EA 294 -33.33 -6.59 152.08
CA GLY EA 294 -34.52 -6.38 151.30
C GLY EA 294 -35.75 -6.79 152.09
N GLU EA 295 -36.89 -6.78 151.40
CA GLU EA 295 -38.14 -7.08 152.08
C GLU EA 295 -39.09 -7.80 151.13
N MET EA 296 -39.95 -8.64 151.71
CA MET EA 296 -40.99 -9.31 150.93
C MET EA 296 -42.02 -9.87 151.91
N VAL EA 297 -43.29 -9.57 151.69
CA VAL EA 297 -44.35 -10.03 152.57
C VAL EA 297 -45.65 -10.05 151.78
N ILE EA 298 -46.48 -11.05 152.05
CA ILE EA 298 -47.78 -11.16 151.40
C ILE EA 298 -48.78 -10.30 152.15
N ALA EA 299 -49.49 -9.42 151.42
CA ALA EA 299 -50.31 -8.42 152.08
C ALA EA 299 -51.37 -7.89 151.13
N ASN EA 300 -52.63 -8.10 151.48
CA ASN EA 300 -53.81 -7.38 151.01
C ASN EA 300 -54.15 -7.59 149.55
N THR EA 301 -53.29 -8.22 148.79
CA THR EA 301 -53.77 -8.75 147.53
C THR EA 301 -53.32 -10.18 147.30
N ASN EA 302 -52.08 -10.50 147.67
CA ASN EA 302 -51.65 -11.88 147.65
C ASN EA 302 -52.37 -12.71 148.70
N LEU EA 303 -52.98 -12.08 149.68
CA LEU EA 303 -53.63 -12.81 150.76
C LEU EA 303 -54.81 -13.62 150.24
N VAL EA 304 -55.75 -12.95 149.56
CA VAL EA 304 -56.94 -13.65 149.08
C VAL EA 304 -56.57 -14.70 148.05
N THR EA 305 -55.62 -14.37 147.16
CA THR EA 305 -55.18 -15.36 146.18
C THR EA 305 -54.56 -16.56 146.84
N ALA EA 306 -53.72 -16.33 147.85
CA ALA EA 306 -53.05 -17.42 148.55
C ALA EA 306 -54.03 -18.27 149.34
N LEU EA 307 -55.13 -17.68 149.80
CA LEU EA 307 -56.05 -18.46 150.60
C LEU EA 307 -57.04 -19.23 149.74
N VAL EA 308 -57.64 -18.58 148.74
CA VAL EA 308 -58.65 -19.26 147.94
C VAL EA 308 -58.06 -19.89 146.69
N MET EA 309 -57.32 -19.13 145.87
CA MET EA 309 -56.81 -19.72 144.64
C MET EA 309 -55.63 -20.62 144.93
N GLY EA 310 -54.76 -20.22 145.85
CA GLY EA 310 -53.65 -21.05 146.28
C GLY EA 310 -52.30 -20.68 145.70
N LYS EA 311 -52.15 -19.48 145.15
CA LYS EA 311 -50.90 -19.06 144.55
C LYS EA 311 -50.60 -17.64 144.99
N ALA EA 312 -49.44 -17.12 144.59
CA ALA EA 312 -49.08 -15.76 144.93
C ALA EA 312 -48.04 -15.27 143.93
N VAL EA 313 -47.88 -13.95 143.88
CA VAL EA 313 -46.93 -13.31 142.98
C VAL EA 313 -46.20 -12.22 143.75
N SER EA 314 -44.97 -11.94 143.35
CA SER EA 314 -44.17 -10.93 144.05
C SER EA 314 -44.70 -9.53 143.79
N ASN EA 315 -44.70 -9.11 142.53
CA ASN EA 315 -45.11 -7.76 142.15
C ASN EA 315 -46.62 -7.66 141.91
N MET EA 316 -47.42 -8.51 142.55
CA MET EA 316 -48.86 -8.50 142.33
C MET EA 316 -49.46 -7.12 142.59
N ASP EA 317 -48.91 -6.39 143.57
CA ASP EA 317 -49.37 -5.03 143.83
C ASP EA 317 -49.29 -4.16 142.59
N ASP EA 318 -48.37 -4.45 141.69
CA ASP EA 318 -48.23 -3.68 140.45
C ASP EA 318 -49.02 -4.27 139.30
N VAL EA 319 -49.14 -5.60 139.22
CA VAL EA 319 -49.97 -6.21 138.20
C VAL EA 319 -51.41 -5.77 138.36
N ALA EA 320 -51.87 -5.63 139.61
CA ALA EA 320 -53.23 -5.17 139.84
C ALA EA 320 -53.42 -3.74 139.37
N ARG EA 321 -52.42 -2.89 139.58
CA ARG EA 321 -52.55 -1.51 139.14
C ARG EA 321 -52.47 -1.38 137.63
N TYR EA 322 -51.68 -2.24 136.99
CA TYR EA 322 -51.46 -2.11 135.54
C TYR EA 322 -52.57 -2.76 134.73
N LEU EA 323 -53.06 -3.92 135.18
CA LEU EA 323 -54.05 -4.65 134.41
C LEU EA 323 -55.32 -3.83 134.22
N LEU EA 324 -55.71 -3.08 135.25
CA LEU EA 324 -56.74 -2.08 135.13
C LEU EA 324 -56.10 -0.71 135.00
N GLY EA 325 -56.91 0.35 135.02
CA GLY EA 325 -56.37 1.69 134.87
C GLY EA 325 -55.47 2.09 136.03
N GLY EA 326 -56.05 2.23 137.21
CA GLY EA 326 -55.30 2.62 138.38
C GLY EA 326 -56.01 3.69 139.19
N GLY EA 337 -30.34 4.31 152.31
CA GLY EA 337 -29.35 4.06 153.33
C GLY EA 337 -27.99 3.67 152.78
N SER EA 338 -26.96 3.79 153.62
CA SER EA 338 -25.60 3.46 153.22
C SER EA 338 -24.73 3.47 154.47
N ALA EA 339 -23.49 3.05 154.31
CA ALA EA 339 -22.53 3.00 155.41
C ALA EA 339 -21.14 3.27 154.84
N ARG EA 340 -20.11 2.95 155.62
CA ARG EA 340 -18.74 3.07 155.13
C ARG EA 340 -17.88 2.11 155.93
N VAL EA 341 -17.42 1.04 155.30
CA VAL EA 341 -16.66 0.01 156.00
C VAL EA 341 -15.30 -0.14 155.34
N ARG EA 342 -14.50 -1.07 155.85
CA ARG EA 342 -13.14 -1.30 155.38
C ARG EA 342 -13.12 -2.54 154.52
N ALA EA 343 -12.73 -2.39 153.26
CA ALA EA 343 -12.56 -3.51 152.35
C ALA EA 343 -11.36 -3.21 151.47
N ASP EA 344 -11.10 -4.10 150.51
CA ASP EA 344 -9.98 -3.95 149.59
C ASP EA 344 -10.53 -3.97 148.17
N LEU EA 345 -10.56 -2.81 147.52
CA LEU EA 345 -11.05 -2.71 146.16
C LEU EA 345 -9.87 -2.54 145.22
N VAL EA 346 -9.68 -3.50 144.32
CA VAL EA 346 -8.62 -3.44 143.33
C VAL EA 346 -9.26 -3.32 141.95
N VAL EA 347 -8.42 -3.12 140.94
CA VAL EA 347 -8.88 -3.06 139.56
C VAL EA 347 -8.11 -4.09 138.77
N VAL EA 348 -8.82 -4.99 138.11
CA VAL EA 348 -8.23 -6.04 137.28
C VAL EA 348 -9.00 -6.08 135.98
N GLY EA 349 -8.28 -6.30 134.88
CA GLY EA 349 -8.88 -6.11 133.57
C GLY EA 349 -9.31 -4.66 133.45
N ASP EA 350 -10.61 -4.43 133.52
CA ASP EA 350 -11.15 -3.09 133.63
C ASP EA 350 -12.12 -2.92 134.78
N ARG EA 351 -12.71 -4.01 135.27
CA ARG EA 351 -13.71 -3.94 136.31
C ARG EA 351 -13.09 -3.47 137.62
N LEU EA 352 -13.94 -3.23 138.61
CA LEU EA 352 -13.52 -2.86 139.96
C LEU EA 352 -14.13 -3.88 140.90
N VAL EA 353 -13.27 -4.65 141.57
CA VAL EA 353 -13.74 -5.79 142.35
C VAL EA 353 -13.27 -5.66 143.79
N PHE EA 354 -13.97 -6.36 144.68
CA PHE EA 354 -13.49 -6.55 146.03
C PHE EA 354 -12.31 -7.51 146.03
N LEU EA 355 -11.72 -7.73 147.21
CA LEU EA 355 -10.66 -8.72 147.34
C LEU EA 355 -10.58 -9.11 148.80
N GLU EA 356 -11.02 -10.33 149.12
CA GLU EA 356 -11.25 -10.69 150.51
C GLU EA 356 -10.76 -12.10 150.79
N ALA EA 357 -10.08 -12.27 151.92
CA ALA EA 357 -9.77 -13.56 152.50
C ALA EA 357 -10.49 -13.67 153.83
N LEU EA 358 -11.19 -14.78 154.04
CA LEU EA 358 -12.05 -14.95 155.20
C LEU EA 358 -11.48 -15.97 156.19
N GLU EA 359 -10.17 -15.95 156.38
CA GLU EA 359 -9.55 -16.89 157.30
C GLU EA 359 -9.45 -16.33 158.71
N LYS EA 360 -9.36 -15.01 158.86
CA LYS EA 360 -9.18 -14.40 160.16
C LYS EA 360 -10.47 -13.84 160.74
N ARG EA 361 -11.26 -13.14 159.93
CA ARG EA 361 -12.56 -12.67 160.41
C ARG EA 361 -13.44 -13.84 160.78
N VAL EA 362 -13.71 -14.70 159.82
CA VAL EA 362 -14.48 -15.91 160.05
C VAL EA 362 -13.50 -17.08 160.07
N TYR EA 363 -13.97 -18.23 160.55
CA TYR EA 363 -13.25 -19.49 160.47
C TYR EA 363 -12.02 -19.54 161.36
N GLN EA 364 -11.68 -18.43 161.99
CA GLN EA 364 -10.46 -18.40 162.79
C GLN EA 364 -10.73 -19.04 164.14
N ALA EA 365 -9.91 -20.02 164.49
CA ALA EA 365 -9.96 -20.68 165.79
C ALA EA 365 -11.28 -21.37 166.07
N THR EA 366 -12.08 -21.65 165.05
CA THR EA 366 -13.22 -22.53 165.19
C THR EA 366 -12.86 -23.88 164.63
N GLN EA 367 -13.85 -24.77 164.51
CA GLN EA 367 -13.59 -26.16 164.19
C GLN EA 367 -14.17 -26.58 162.84
N VAL EA 368 -14.04 -25.75 161.82
CA VAL EA 368 -14.45 -26.16 160.49
C VAL EA 368 -13.31 -25.90 159.50
N PRO EA 369 -13.17 -26.72 158.47
CA PRO EA 369 -12.16 -26.46 157.46
C PRO EA 369 -12.60 -25.38 156.49
N TYR EA 370 -11.63 -24.64 156.01
CA TYR EA 370 -11.90 -23.59 155.03
C TYR EA 370 -12.46 -24.21 153.76
N PRO EA 371 -13.55 -23.68 153.20
CA PRO EA 371 -14.15 -24.27 152.00
C PRO EA 371 -13.49 -23.90 150.70
N LEU EA 372 -12.28 -23.32 150.72
CA LEU EA 372 -11.59 -22.94 149.50
C LEU EA 372 -10.28 -23.68 149.31
N VAL EA 373 -10.02 -24.71 150.10
CA VAL EA 373 -8.89 -25.61 149.85
C VAL EA 373 -9.48 -26.82 149.14
N GLY EA 374 -9.57 -26.73 147.83
CA GLY EA 374 -10.22 -27.76 147.04
C GLY EA 374 -9.41 -29.05 147.01
N ASN EA 375 -9.91 -29.99 146.23
CA ASN EA 375 -9.28 -31.31 146.11
C ASN EA 375 -9.23 -31.69 144.63
N LEU EA 376 -8.03 -31.81 144.09
CA LEU EA 376 -7.85 -32.33 142.75
C LEU EA 376 -7.66 -33.84 142.80
N ASP EA 377 -8.21 -34.54 141.81
CA ASP EA 377 -8.20 -36.00 141.79
C ASP EA 377 -7.70 -36.46 140.43
N VAL EA 378 -6.42 -36.84 140.36
CA VAL EA 378 -5.87 -37.41 139.13
C VAL EA 378 -5.65 -38.89 139.35
N THR EA 379 -5.66 -39.66 138.26
CA THR EA 379 -5.44 -41.09 138.30
C THR EA 379 -4.29 -41.46 137.38
N PHE EA 380 -3.32 -42.19 137.90
CA PHE EA 380 -2.14 -42.55 137.14
C PHE EA 380 -2.26 -43.98 136.60
N VAL EA 381 -1.39 -44.30 135.65
CA VAL EA 381 -1.39 -45.61 135.02
C VAL EA 381 0.01 -45.89 134.51
N MET EA 382 0.47 -47.14 134.65
CA MET EA 382 1.79 -47.45 134.21
C MET EA 382 1.88 -48.91 133.80
N PRO EA 383 2.52 -49.22 132.68
CA PRO EA 383 2.57 -50.60 132.20
C PRO EA 383 3.62 -51.40 132.94
N LEU EA 384 3.24 -52.62 133.31
CA LEU EA 384 4.10 -53.42 134.17
C LEU EA 384 5.19 -54.14 133.40
N GLY EA 385 4.81 -55.06 132.53
CA GLY EA 385 5.81 -55.93 131.94
C GLY EA 385 5.80 -56.04 130.44
N VAL EA 386 5.37 -54.99 129.75
CA VAL EA 386 5.32 -55.05 128.29
C VAL EA 386 6.72 -55.28 127.75
N PHE EA 387 6.79 -55.83 126.54
CA PHE EA 387 8.05 -56.18 125.92
C PHE EA 387 8.09 -55.54 124.54
N LYS EA 388 9.00 -54.58 124.36
CA LYS EA 388 9.09 -53.86 123.11
C LYS EA 388 9.46 -54.81 121.97
N PRO EA 389 9.04 -54.51 120.74
CA PRO EA 389 9.33 -55.41 119.62
C PRO EA 389 10.80 -55.44 119.28
N ALA EA 390 11.16 -56.17 118.23
CA ALA EA 390 12.57 -56.47 117.98
C ALA EA 390 13.33 -55.23 117.50
N ALA EA 391 12.68 -54.34 116.78
CA ALA EA 391 13.34 -53.22 116.13
C ALA EA 391 13.44 -51.97 117.02
N ASP EA 392 13.11 -52.09 118.31
CA ASP EA 392 13.15 -50.94 119.21
C ASP EA 392 14.04 -51.20 120.42
N ARG EA 393 14.84 -52.25 120.39
CA ARG EA 393 15.81 -52.53 121.45
C ARG EA 393 17.15 -52.05 120.94
N TYR EA 394 17.61 -50.92 121.46
CA TYR EA 394 18.76 -50.25 120.92
C TYR EA 394 19.31 -49.29 121.96
N ALA EA 395 20.63 -49.23 122.09
CA ALA EA 395 21.28 -48.32 123.01
C ALA EA 395 21.65 -47.04 122.26
N ARG EA 396 21.32 -45.89 122.86
CA ARG EA 396 21.61 -44.61 122.21
C ARG EA 396 23.11 -44.36 122.06
N HIS EA 397 23.93 -45.02 122.87
CA HIS EA 397 25.37 -44.84 122.80
C HIS EA 397 26.07 -46.16 123.06
N ALA EA 398 27.15 -46.41 122.33
CA ALA EA 398 27.89 -47.65 122.52
C ALA EA 398 28.34 -47.81 123.97
N GLY EA 399 28.96 -46.77 124.52
CA GLY EA 399 29.31 -46.80 125.91
C GLY EA 399 28.09 -46.59 126.76
N SER EA 400 27.61 -47.67 127.38
CA SER EA 400 26.30 -47.68 127.99
C SER EA 400 26.39 -48.22 129.40
N PHE EA 401 25.25 -48.56 129.99
CA PHE EA 401 25.27 -49.13 131.33
C PHE EA 401 25.87 -50.53 131.26
N ALA EA 402 27.17 -50.59 131.01
CA ALA EA 402 27.83 -51.86 130.79
C ALA EA 402 27.82 -52.69 132.07
N PRO EA 403 27.70 -54.01 131.94
CA PRO EA 403 27.67 -54.87 133.12
C PRO EA 403 29.08 -55.19 133.58
N THR EA 404 29.16 -55.80 134.76
CA THR EA 404 30.43 -56.26 135.28
C THR EA 404 31.11 -57.17 134.27
N PRO EA 405 32.40 -56.97 133.98
CA PRO EA 405 33.07 -57.86 133.04
C PRO EA 405 33.08 -59.29 133.55
N GLY EA 406 32.55 -60.19 132.73
CA GLY EA 406 32.45 -61.59 133.08
C GLY EA 406 31.07 -62.04 133.51
N LEU EA 407 30.01 -61.34 133.13
CA LEU EA 407 28.65 -61.68 133.49
C LEU EA 407 27.74 -61.39 132.31
N PRO EA 408 26.59 -62.05 132.24
CA PRO EA 408 25.67 -61.76 131.14
C PRO EA 408 25.04 -60.39 131.30
N ASP EA 409 24.65 -59.80 130.16
CA ASP EA 409 24.05 -58.48 130.19
C ASP EA 409 22.60 -58.57 130.62
N PRO EA 410 22.25 -58.16 131.85
CA PRO EA 410 20.89 -58.34 132.34
C PRO EA 410 19.88 -57.37 131.75
N ARG EA 411 20.34 -56.37 131.00
CA ARG EA 411 19.40 -55.42 130.41
C ARG EA 411 18.73 -55.95 129.15
N THR EA 412 19.10 -57.13 128.69
CA THR EA 412 18.47 -57.71 127.51
C THR EA 412 17.25 -58.55 127.84
N HIS EA 413 17.06 -58.90 129.10
CA HIS EA 413 15.97 -59.76 129.49
C HIS EA 413 14.67 -58.98 129.62
N PRO EA 414 13.53 -59.63 129.43
CA PRO EA 414 12.25 -58.92 129.48
C PRO EA 414 11.99 -58.35 130.87
N PRO EA 415 11.54 -57.11 130.96
CA PRO EA 415 11.38 -56.48 132.26
C PRO EA 415 10.23 -57.09 133.03
N ARG EA 416 10.36 -57.07 134.35
CA ARG EA 416 9.34 -57.68 135.21
C ARG EA 416 9.05 -56.85 136.44
N ALA EA 417 9.16 -55.52 136.34
CA ALA EA 417 8.87 -54.64 137.45
C ALA EA 417 8.70 -53.22 136.93
N VAL EA 418 8.36 -52.30 137.82
CA VAL EA 418 8.38 -50.88 137.55
C VAL EA 418 9.00 -50.17 138.75
N HIS EA 419 9.42 -48.93 138.53
CA HIS EA 419 9.96 -48.13 139.61
C HIS EA 419 9.42 -46.72 139.46
N PHE EA 420 9.01 -46.12 140.57
CA PHE EA 420 8.50 -44.76 140.56
C PHE EA 420 8.79 -44.13 141.91
N PHE EA 421 8.44 -42.86 142.04
CA PHE EA 421 8.78 -42.09 143.22
C PHE EA 421 7.56 -41.95 144.12
N ASN EA 422 7.83 -41.88 145.43
CA ASN EA 422 6.78 -41.78 146.43
C ASN EA 422 6.28 -40.35 146.50
N LYS EA 423 5.52 -40.02 147.55
CA LYS EA 423 5.08 -38.65 147.73
C LYS EA 423 6.26 -37.70 147.95
N ASP EA 424 7.28 -38.17 148.65
CA ASP EA 424 8.48 -37.37 148.89
C ASP EA 424 9.59 -37.64 147.88
N GLY EA 425 9.79 -38.89 147.49
CA GLY EA 425 10.82 -39.20 146.54
C GLY EA 425 11.51 -40.51 146.84
N VAL EA 426 11.21 -41.10 147.99
CA VAL EA 426 11.83 -42.37 148.35
C VAL EA 426 11.33 -43.42 147.36
N PRO EA 427 12.21 -44.11 146.66
CA PRO EA 427 11.76 -45.00 145.59
C PRO EA 427 10.98 -46.18 146.15
N CYS EA 428 9.85 -46.47 145.51
CA CYS EA 428 8.99 -47.59 145.90
C CYS EA 428 8.58 -48.33 144.64
N HIS EA 429 8.93 -49.61 144.57
CA HIS EA 429 8.77 -50.38 143.33
C HIS EA 429 7.58 -51.32 143.43
N VAL EA 430 7.09 -51.72 142.26
CA VAL EA 430 5.94 -52.61 142.12
C VAL EA 430 6.35 -53.74 141.19
N THR EA 431 6.31 -54.97 141.68
CA THR EA 431 6.68 -56.12 140.89
C THR EA 431 5.46 -57.03 140.69
N PHE EA 432 5.68 -58.10 139.93
CA PHE EA 432 4.58 -59.03 139.62
C PHE EA 432 3.97 -59.59 140.88
N GLU EA 433 4.79 -59.94 141.86
CA GLU EA 433 4.34 -60.61 143.07
C GLU EA 433 3.18 -59.88 143.74
N HIS EA 434 3.08 -58.57 143.55
CA HIS EA 434 1.98 -57.82 144.14
C HIS EA 434 0.65 -58.16 143.50
N ALA EA 435 0.65 -58.67 142.27
CA ALA EA 435 -0.59 -58.95 141.58
C ALA EA 435 -1.24 -60.26 142.01
N MET EA 436 -0.61 -61.01 142.91
CA MET EA 436 -1.18 -62.28 143.34
C MET EA 436 -2.54 -62.09 144.01
N GLY EA 437 -2.82 -60.90 144.53
CA GLY EA 437 -4.14 -60.66 145.08
C GLY EA 437 -5.24 -60.66 144.05
N THR EA 438 -4.91 -60.53 142.78
CA THR EA 438 -5.89 -60.47 141.70
C THR EA 438 -5.81 -61.67 140.77
N LEU EA 439 -4.61 -62.02 140.32
CA LEU EA 439 -4.44 -63.15 139.41
C LEU EA 439 -4.54 -64.49 140.08
N CYS EA 440 -4.71 -64.55 141.41
CA CYS EA 440 -4.84 -65.83 142.12
C CYS EA 440 -6.14 -65.78 142.90
N HIS EA 441 -7.23 -66.10 142.23
CA HIS EA 441 -8.55 -66.00 142.84
C HIS EA 441 -9.54 -66.70 141.93
N PRO EA 442 -10.52 -67.42 142.48
CA PRO EA 442 -11.47 -68.14 141.62
C PRO EA 442 -12.19 -67.25 140.63
N SER EA 443 -12.14 -65.92 140.78
CA SER EA 443 -12.67 -65.06 139.75
C SER EA 443 -11.86 -65.16 138.45
N PHE EA 444 -10.66 -65.71 138.52
CA PHE EA 444 -9.90 -65.98 137.31
C PHE EA 444 -10.58 -67.00 136.41
N LEU EA 445 -11.49 -67.80 136.96
CA LEU EA 445 -12.13 -68.85 136.20
C LEU EA 445 -13.63 -68.69 136.21
N ASP EA 446 -14.10 -67.48 135.98
CA ASP EA 446 -15.52 -67.13 136.00
C ASP EA 446 -15.97 -66.98 134.55
N VAL EA 447 -16.41 -68.08 133.95
CA VAL EA 447 -16.78 -68.07 132.53
C VAL EA 447 -18.14 -68.70 132.30
N ASP EA 448 -19.02 -68.66 133.31
CA ASP EA 448 -20.39 -69.08 133.08
C ASP EA 448 -21.21 -67.94 132.49
N ALA EA 449 -21.05 -66.74 133.03
CA ALA EA 449 -21.82 -65.59 132.56
C ALA EA 449 -21.51 -65.28 131.11
N THR EA 450 -20.22 -65.25 130.75
CA THR EA 450 -19.83 -64.99 129.38
C THR EA 450 -20.45 -66.00 128.43
N LEU EA 451 -20.42 -67.28 128.80
CA LEU EA 451 -21.01 -68.31 127.96
C LEU EA 451 -22.50 -68.09 127.80
N ALA EA 452 -23.22 -67.95 128.91
CA ALA EA 452 -24.66 -67.74 128.82
C ALA EA 452 -25.02 -66.48 128.06
N ALA EA 453 -24.10 -65.53 127.97
CA ALA EA 453 -24.36 -64.31 127.22
C ALA EA 453 -24.00 -64.43 125.75
N LEU EA 454 -23.06 -65.29 125.41
CA LEU EA 454 -22.62 -65.40 124.01
C LEU EA 454 -23.57 -66.21 123.16
N ARG EA 455 -24.43 -67.04 123.75
CA ARG EA 455 -25.23 -67.98 122.99
C ARG EA 455 -26.46 -67.35 122.35
N GLN EA 456 -26.51 -66.03 122.23
CA GLN EA 456 -27.67 -65.40 121.58
C GLN EA 456 -27.55 -65.47 120.06
N GLU EA 457 -26.37 -65.20 119.53
CA GLU EA 457 -26.14 -65.35 118.10
C GLU EA 457 -26.50 -66.77 117.67
N PRO EA 458 -27.18 -66.94 116.53
CA PRO EA 458 -27.59 -68.30 116.12
C PRO EA 458 -26.41 -69.23 115.87
N ALA EA 459 -25.54 -68.86 114.93
CA ALA EA 459 -24.39 -69.68 114.58
C ALA EA 459 -23.49 -68.97 113.58
N GLU EA 460 -22.21 -69.32 113.58
CA GLU EA 460 -21.26 -68.84 112.59
C GLU EA 460 -20.55 -70.00 111.90
N VAL EA 461 -21.18 -71.18 111.88
CA VAL EA 461 -20.47 -72.40 111.53
C VAL EA 461 -19.93 -72.28 110.11
N GLN EA 462 -18.64 -72.52 109.97
CA GLN EA 462 -17.98 -72.59 108.68
C GLN EA 462 -17.10 -73.82 108.53
N CYS EA 463 -16.72 -74.47 109.62
CA CYS EA 463 -15.95 -75.71 109.58
C CYS EA 463 -15.94 -76.30 110.97
N ALA EA 464 -16.00 -77.62 111.05
CA ALA EA 464 -16.00 -78.33 112.32
C ALA EA 464 -14.79 -79.24 112.49
N PHE EA 465 -13.75 -79.06 111.67
CA PHE EA 465 -12.64 -80.01 111.69
C PHE EA 465 -11.87 -79.93 112.99
N GLY EA 466 -11.66 -78.73 113.52
CA GLY EA 466 -10.82 -78.63 114.68
C GLY EA 466 -11.51 -78.67 116.01
N ALA EA 467 -12.82 -78.92 116.05
CA ALA EA 467 -13.55 -78.84 117.30
C ALA EA 467 -14.54 -80.00 117.42
N TYR EA 468 -14.13 -81.20 117.03
CA TYR EA 468 -15.03 -82.35 117.12
C TYR EA 468 -14.21 -83.62 117.05
N VAL EA 469 -14.23 -84.42 118.10
CA VAL EA 469 -13.54 -85.71 118.12
C VAL EA 469 -14.57 -86.81 117.91
N ALA EA 470 -14.12 -87.91 117.33
CA ALA EA 470 -14.99 -89.02 116.98
C ALA EA 470 -14.64 -90.24 117.83
N ASP EA 471 -15.35 -91.33 117.58
CA ASP EA 471 -15.11 -92.60 118.26
C ASP EA 471 -14.76 -93.65 117.23
N ALA EA 472 -13.61 -94.30 117.42
CA ALA EA 472 -13.14 -95.29 116.47
C ALA EA 472 -13.69 -96.67 116.81
N ARG EA 473 -13.94 -97.45 115.77
CA ARG EA 473 -14.32 -98.84 115.89
C ARG EA 473 -13.08 -99.70 115.65
N PRO EA 474 -13.18 -101.02 115.72
CA PRO EA 474 -12.06 -101.87 115.29
C PRO EA 474 -11.80 -101.76 113.79
N ASP EA 475 -10.94 -102.64 113.25
CA ASP EA 475 -10.35 -102.46 111.92
C ASP EA 475 -9.43 -101.25 111.98
N ALA EA 476 -8.36 -101.37 112.75
CA ALA EA 476 -7.61 -100.22 113.24
C ALA EA 476 -6.51 -99.77 112.29
N LEU EA 477 -6.38 -98.45 112.16
CA LEU EA 477 -5.19 -97.69 111.77
C LEU EA 477 -4.79 -97.84 110.31
N VAL EA 478 -5.49 -98.62 109.50
CA VAL EA 478 -5.23 -98.53 108.07
C VAL EA 478 -6.52 -98.16 107.37
N GLY EA 479 -7.55 -98.98 107.54
CA GLY EA 479 -8.85 -98.62 107.01
C GLY EA 479 -9.36 -97.32 107.59
N LEU EA 480 -8.98 -97.03 108.83
CA LEU EA 480 -9.46 -95.80 109.47
C LEU EA 480 -8.96 -94.57 108.73
N MET EA 481 -7.65 -94.47 108.53
CA MET EA 481 -7.11 -93.34 107.80
C MET EA 481 -7.68 -93.27 106.39
N GLN EA 482 -7.88 -94.42 105.76
CA GLN EA 482 -8.41 -94.42 104.40
C GLN EA 482 -9.81 -93.84 104.36
N ARG EA 483 -10.66 -94.19 105.33
CA ARG EA 483 -11.98 -93.59 105.37
C ARG EA 483 -11.90 -92.12 105.78
N PHE EA 484 -10.87 -91.76 106.55
CA PHE EA 484 -10.74 -90.38 107.00
C PHE EA 484 -10.43 -89.45 105.83
N LEU EA 485 -9.47 -89.85 104.99
CA LEU EA 485 -9.06 -89.02 103.87
C LEU EA 485 -10.13 -88.90 102.80
N GLU EA 486 -11.32 -89.46 103.01
CA GLU EA 486 -12.42 -89.32 102.08
C GLU EA 486 -13.54 -88.43 102.60
N GLU EA 487 -13.68 -88.30 103.92
CA GLU EA 487 -14.62 -87.35 104.48
C GLU EA 487 -14.00 -85.99 104.74
N TRP EA 488 -12.66 -85.91 104.77
CA TRP EA 488 -12.00 -84.63 105.00
C TRP EA 488 -12.34 -83.58 103.96
N PRO EA 489 -12.05 -83.78 102.67
CA PRO EA 489 -12.28 -82.70 101.70
C PRO EA 489 -13.71 -82.24 101.63
N GLY EA 490 -14.65 -83.04 102.13
CA GLY EA 490 -16.03 -82.63 102.18
C GLY EA 490 -16.43 -82.06 103.52
N MET EA 491 -15.53 -82.17 104.50
CA MET EA 491 -15.84 -81.69 105.84
C MET EA 491 -15.74 -80.17 105.92
N MET EA 492 -14.57 -79.62 105.59
CA MET EA 492 -14.37 -78.18 105.68
C MET EA 492 -14.72 -77.52 104.35
N PRO EA 493 -15.78 -76.73 104.28
CA PRO EA 493 -16.03 -75.95 103.06
C PRO EA 493 -14.91 -74.96 102.82
N VAL EA 494 -14.67 -74.12 103.81
CA VAL EA 494 -13.58 -73.16 103.79
C VAL EA 494 -12.51 -73.62 104.76
N ARG EA 495 -11.36 -72.98 104.70
CA ARG EA 495 -10.29 -73.29 105.63
C ARG EA 495 -10.74 -72.99 107.05
N PRO EA 496 -10.22 -73.70 108.04
CA PRO EA 496 -10.58 -73.40 109.43
C PRO EA 496 -10.04 -72.05 109.86
N ARG EA 497 -10.31 -71.65 111.10
CA ARG EA 497 -9.79 -70.38 111.57
C ARG EA 497 -8.48 -70.54 112.31
N TRP EA 498 -8.37 -71.56 113.15
CA TRP EA 498 -7.18 -71.74 113.97
C TRP EA 498 -5.97 -72.17 113.14
N ALA EA 499 -6.18 -72.59 111.90
CA ALA EA 499 -5.07 -73.09 111.09
C ALA EA 499 -4.04 -72.01 110.86
N ALA EA 500 -4.41 -70.97 110.14
CA ALA EA 500 -3.55 -69.82 109.96
C ALA EA 500 -4.15 -68.65 110.72
N PRO EA 501 -3.44 -68.08 111.68
CA PRO EA 501 -4.01 -66.97 112.45
C PRO EA 501 -4.34 -65.78 111.56
N ALA EA 502 -5.01 -64.80 112.16
CA ALA EA 502 -5.49 -63.65 111.40
C ALA EA 502 -4.34 -62.92 110.73
N ALA EA 503 -3.47 -62.33 111.54
CA ALA EA 503 -2.26 -61.65 111.09
C ALA EA 503 -1.50 -61.26 112.35
N ALA EA 504 -0.42 -60.52 112.19
CA ALA EA 504 0.21 -59.91 113.35
C ALA EA 504 -0.75 -58.95 114.04
N ASP EA 505 -1.34 -58.04 113.28
CA ASP EA 505 -2.22 -57.03 113.82
C ASP EA 505 -3.64 -57.09 113.31
N GLN EA 506 -3.87 -57.51 112.06
CA GLN EA 506 -5.17 -57.41 111.43
C GLN EA 506 -6.22 -58.22 112.16
N LEU EA 507 -5.79 -58.93 113.20
CA LEU EA 507 -6.74 -59.46 114.18
C LEU EA 507 -7.51 -58.31 114.84
N LEU EA 508 -6.88 -57.16 115.00
CA LEU EA 508 -7.49 -56.01 115.64
C LEU EA 508 -8.22 -55.12 114.65
N ALA EA 509 -8.49 -55.59 113.44
CA ALA EA 509 -9.22 -54.78 112.48
C ALA EA 509 -10.64 -54.54 112.99
N PRO EA 510 -11.23 -53.41 112.64
CA PRO EA 510 -12.54 -53.07 113.22
C PRO EA 510 -13.70 -53.90 112.70
N GLY EA 511 -13.42 -54.96 111.96
CA GLY EA 511 -14.52 -55.76 111.46
C GLY EA 511 -14.30 -57.26 111.42
N ASN EA 512 -13.15 -57.74 111.86
CA ASN EA 512 -12.84 -59.16 111.70
C ASN EA 512 -13.76 -60.01 112.58
N ALA EA 513 -13.62 -61.33 112.46
CA ALA EA 513 -14.50 -62.27 113.12
C ALA EA 513 -13.80 -63.06 114.21
N ASP EA 514 -12.65 -62.60 114.67
CA ASP EA 514 -11.94 -63.25 115.75
C ASP EA 514 -12.00 -62.50 117.07
N LEU EA 515 -12.18 -61.17 117.02
CA LEU EA 515 -12.36 -60.42 118.25
C LEU EA 515 -13.58 -60.89 119.04
N ARG EA 516 -14.62 -61.35 118.34
CA ARG EA 516 -15.82 -61.79 119.03
C ARG EA 516 -15.58 -62.98 119.93
N LEU EA 517 -14.54 -63.77 119.66
CA LEU EA 517 -14.30 -64.99 120.40
C LEU EA 517 -13.08 -64.93 121.31
N GLU EA 518 -12.34 -63.84 121.28
CA GLU EA 518 -11.11 -63.71 122.06
C GLU EA 518 -11.35 -62.64 123.13
N LEU EA 519 -11.83 -63.07 124.30
CA LEU EA 519 -12.13 -62.10 125.35
C LEU EA 519 -11.71 -62.59 126.73
N HIS EA 520 -10.77 -63.53 126.80
CA HIS EA 520 -10.23 -63.96 128.07
C HIS EA 520 -8.87 -64.61 127.83
N PRO EA 521 -7.89 -64.39 128.71
CA PRO EA 521 -6.55 -64.89 128.39
C PRO EA 521 -6.39 -66.39 128.60
N ALA EA 522 -7.05 -66.97 129.60
CA ALA EA 522 -6.86 -68.38 129.93
C ALA EA 522 -7.98 -69.25 129.40
N PHE EA 523 -8.55 -68.94 128.24
CA PHE EA 523 -9.66 -69.73 127.73
C PHE EA 523 -9.67 -69.68 126.21
N ASP EA 524 -10.35 -70.65 125.63
CA ASP EA 524 -10.53 -70.74 124.18
C ASP EA 524 -12.01 -70.87 123.89
N PHE EA 525 -12.54 -69.98 123.07
CA PHE EA 525 -13.94 -70.00 122.68
C PHE EA 525 -14.03 -70.29 121.19
N PHE EA 526 -15.01 -71.09 120.79
CA PHE EA 526 -15.12 -71.48 119.40
C PHE EA 526 -16.57 -71.86 119.11
N VAL EA 527 -16.81 -72.33 117.88
CA VAL EA 527 -18.11 -72.79 117.45
C VAL EA 527 -18.01 -74.27 117.13
N ALA EA 528 -18.84 -75.08 117.78
CA ALA EA 528 -18.78 -76.52 117.65
C ALA EA 528 -20.17 -77.08 117.38
N PRO EA 529 -20.26 -78.24 116.77
CA PRO EA 529 -21.58 -78.85 116.54
C PRO EA 529 -22.23 -79.24 117.84
N GLU EA 530 -23.55 -79.07 117.91
CA GLU EA 530 -24.33 -79.34 119.11
C GLU EA 530 -24.50 -80.85 119.28
N VAL EA 531 -23.37 -81.50 119.58
CA VAL EA 531 -23.32 -82.94 119.78
C VAL EA 531 -22.29 -83.23 120.85
N ASP EA 532 -22.66 -84.02 121.85
CA ASP EA 532 -21.72 -84.36 122.91
C ASP EA 532 -20.58 -85.18 122.34
N VAL EA 533 -19.40 -85.00 122.94
CA VAL EA 533 -18.17 -85.58 122.39
C VAL EA 533 -17.67 -86.69 123.31
N PRO EA 534 -17.05 -87.75 122.76
CA PRO EA 534 -16.95 -87.99 121.32
C PRO EA 534 -18.26 -88.54 120.76
N GLY EA 535 -18.29 -88.83 119.47
CA GLY EA 535 -19.52 -89.27 118.83
C GLY EA 535 -19.29 -90.21 117.68
N PRO EA 536 -20.17 -90.16 116.69
CA PRO EA 536 -20.04 -91.05 115.53
C PRO EA 536 -18.97 -90.55 114.56
N PHE EA 537 -18.44 -91.49 113.79
CA PHE EA 537 -17.38 -91.15 112.85
C PHE EA 537 -17.86 -90.16 111.79
N ALA EA 538 -19.05 -90.38 111.25
CA ALA EA 538 -19.61 -89.43 110.30
C ALA EA 538 -19.97 -88.14 111.02
N VAL EA 539 -19.64 -87.01 110.42
CA VAL EA 539 -19.89 -85.71 111.05
C VAL EA 539 -21.35 -85.32 110.83
N PRO EA 540 -22.12 -85.09 111.88
CA PRO EA 540 -23.49 -84.62 111.71
C PRO EA 540 -23.54 -83.20 111.19
N GLN EA 541 -24.69 -82.83 110.64
CA GLN EA 541 -24.89 -81.51 110.06
C GLN EA 541 -25.78 -80.62 110.93
N VAL EA 542 -25.74 -80.83 112.23
CA VAL EA 542 -26.58 -80.07 113.16
C VAL EA 542 -26.01 -78.67 113.33
N MET EA 543 -26.87 -77.72 113.67
CA MET EA 543 -26.44 -76.35 113.94
C MET EA 543 -25.46 -76.31 115.10
N GLY EA 544 -24.74 -75.19 115.20
CA GLY EA 544 -23.63 -75.07 116.12
C GLY EA 544 -23.92 -74.25 117.36
N GLN EA 545 -23.11 -74.47 118.38
CA GLN EA 545 -23.13 -73.74 119.64
C GLN EA 545 -21.83 -72.98 119.81
N VAL EA 546 -21.64 -72.37 120.97
CA VAL EA 546 -20.42 -71.65 121.30
C VAL EA 546 -19.91 -72.23 122.61
N ARG EA 547 -18.99 -73.18 122.52
CA ARG EA 547 -18.45 -73.80 123.72
C ARG EA 547 -17.23 -73.02 124.21
N ALA EA 548 -16.61 -73.53 125.27
CA ALA EA 548 -15.42 -72.91 125.83
C ALA EA 548 -14.47 -74.01 126.29
N MET EA 549 -13.20 -73.64 126.47
CA MET EA 549 -12.19 -74.61 126.85
C MET EA 549 -10.98 -73.85 127.37
N PRO EA 550 -10.34 -74.31 128.45
CA PRO EA 550 -9.23 -73.55 129.02
C PRO EA 550 -7.91 -73.85 128.34
N ARG EA 551 -7.12 -72.81 128.14
CA ARG EA 551 -5.74 -72.96 127.69
C ARG EA 551 -4.92 -73.45 128.87
N ILE EA 552 -4.72 -74.76 128.94
CA ILE EA 552 -4.04 -75.35 130.09
C ILE EA 552 -2.63 -74.81 130.22
N ILE EA 553 -2.02 -74.41 129.12
CA ILE EA 553 -0.60 -74.08 129.07
C ILE EA 553 -0.44 -72.68 128.52
N ASN EA 554 0.44 -71.89 129.15
CA ASN EA 554 0.62 -70.51 128.70
C ASN EA 554 1.07 -70.42 127.26
N GLY EA 555 1.72 -71.46 126.73
CA GLY EA 555 2.15 -71.45 125.35
C GLY EA 555 1.01 -71.34 124.36
N ASN EA 556 -0.20 -71.68 124.76
CA ASN EA 556 -1.33 -71.75 123.84
C ASN EA 556 -1.87 -70.38 123.46
N ILE EA 557 -1.38 -69.30 124.06
CA ILE EA 557 -1.84 -67.97 123.65
C ILE EA 557 -1.58 -67.79 122.17
N PRO EA 558 -2.53 -67.29 121.38
CA PRO EA 558 -2.28 -67.12 119.95
C PRO EA 558 -1.10 -66.21 119.69
N LEU EA 559 -0.36 -66.50 118.62
CA LEU EA 559 0.87 -65.78 118.35
C LEU EA 559 0.65 -64.31 118.08
N ALA EA 560 -0.56 -63.90 117.68
CA ALA EA 560 -0.82 -62.49 117.47
C ALA EA 560 -0.91 -61.71 118.77
N LEU EA 561 -0.83 -62.39 119.93
CA LEU EA 561 -0.90 -61.72 121.22
C LEU EA 561 0.26 -62.09 122.13
N CYS EA 562 1.25 -62.83 121.63
CA CYS EA 562 2.43 -63.20 122.37
C CYS EA 562 3.49 -63.59 121.35
N PRO EA 563 4.14 -62.61 120.72
CA PRO EA 563 4.89 -62.89 119.49
C PRO EA 563 6.06 -63.84 119.73
N VAL EA 564 6.57 -64.36 118.63
CA VAL EA 564 7.64 -65.36 118.69
C VAL EA 564 8.86 -64.81 119.39
N ASP EA 565 9.25 -63.59 119.03
CA ASP EA 565 10.48 -63.03 119.56
C ASP EA 565 10.47 -62.97 121.08
N PHE EA 566 9.31 -62.69 121.68
CA PHE EA 566 9.25 -62.64 123.13
C PHE EA 566 9.51 -64.01 123.73
N ARG EA 567 8.92 -65.06 123.15
CA ARG EA 567 9.15 -66.39 123.67
C ARG EA 567 10.62 -66.77 123.57
N ASP EA 568 11.25 -66.46 122.43
CA ASP EA 568 12.65 -66.81 122.29
C ASP EA 568 13.54 -65.98 123.20
N ALA EA 569 13.13 -64.75 123.51
CA ALA EA 569 13.89 -63.96 124.47
C ALA EA 569 13.76 -64.54 125.87
N ARG EA 570 12.56 -64.97 126.26
CA ARG EA 570 12.40 -65.64 127.54
C ARG EA 570 13.27 -66.88 127.61
N GLY EA 571 13.33 -67.63 126.51
CA GLY EA 571 14.21 -68.78 126.47
C GLY EA 571 15.67 -68.39 126.67
N PHE EA 572 16.17 -67.50 125.82
CA PHE EA 572 17.56 -67.10 125.92
C PHE EA 572 17.89 -66.54 127.29
N GLU EA 573 16.90 -66.01 128.00
CA GLU EA 573 17.16 -65.55 129.36
C GLU EA 573 17.23 -66.72 130.33
N LEU EA 574 16.37 -67.73 130.14
CA LEU EA 574 16.43 -68.88 131.03
C LEU EA 574 17.62 -69.77 130.76
N SER EA 575 18.31 -69.59 129.63
CA SER EA 575 19.33 -70.52 129.16
C SER EA 575 20.74 -70.08 129.49
N VAL EA 576 20.92 -68.99 130.22
CA VAL EA 576 22.25 -68.56 130.58
C VAL EA 576 22.76 -69.42 131.72
N ASP EA 577 24.04 -69.82 131.63
CA ASP EA 577 24.79 -70.50 132.69
C ASP EA 577 24.06 -71.73 133.26
N ARG EA 578 23.10 -72.30 132.54
CA ARG EA 578 22.47 -73.53 133.00
C ARG EA 578 23.08 -74.76 132.35
N HIS EA 579 22.97 -74.88 131.02
CA HIS EA 579 23.57 -75.99 130.30
C HIS EA 579 23.39 -75.75 128.81
N ARG EA 580 24.37 -76.22 128.03
CA ARG EA 580 24.36 -76.01 126.59
C ARG EA 580 24.73 -77.33 125.91
N LEU EA 581 24.88 -77.27 124.60
CA LEU EA 581 25.30 -78.41 123.80
C LEU EA 581 26.45 -77.96 122.92
N ALA EA 582 27.56 -78.69 122.98
CA ALA EA 582 28.71 -78.34 122.16
C ALA EA 582 28.32 -78.32 120.69
N PRO EA 583 28.87 -77.41 119.90
CA PRO EA 583 28.45 -77.31 118.49
C PRO EA 583 28.54 -78.61 117.72
N ALA EA 584 29.49 -79.48 118.08
CA ALA EA 584 29.60 -80.76 117.39
C ALA EA 584 28.37 -81.62 117.62
N THR EA 585 27.89 -81.68 118.86
CA THR EA 585 26.72 -82.50 119.17
C THR EA 585 25.51 -82.03 118.38
N VAL EA 586 25.25 -80.72 118.40
CA VAL EA 586 24.06 -80.21 117.74
C VAL EA 586 24.19 -80.33 116.24
N ALA EA 587 25.40 -80.14 115.70
CA ALA EA 587 25.60 -80.34 114.27
C ALA EA 587 25.32 -81.79 113.89
N ALA EA 588 25.77 -82.74 114.71
CA ALA EA 588 25.54 -84.15 114.42
C ALA EA 588 24.06 -84.48 114.43
N VAL EA 589 23.37 -84.09 115.50
CA VAL EA 589 21.95 -84.41 115.61
C VAL EA 589 21.16 -83.74 114.48
N ARG EA 590 21.50 -82.49 114.15
CA ARG EA 590 20.75 -81.81 113.10
C ARG EA 590 21.01 -82.44 111.74
N GLY EA 591 22.27 -82.79 111.46
CA GLY EA 591 22.55 -83.50 110.22
C GLY EA 591 21.81 -84.82 110.13
N ALA EA 592 21.63 -85.49 111.27
CA ALA EA 592 20.81 -86.69 111.27
C ALA EA 592 19.36 -86.38 110.91
N PHE EA 593 18.79 -85.37 111.57
CA PHE EA 593 17.37 -85.07 111.38
C PHE EA 593 17.07 -84.49 110.01
N ARG EA 594 18.03 -83.85 109.36
CA ARG EA 594 17.82 -83.30 108.03
C ARG EA 594 18.17 -84.28 106.93
N ASP EA 595 18.81 -85.39 107.26
CA ASP EA 595 19.23 -86.34 106.24
C ASP EA 595 18.03 -86.88 105.50
N ALA EA 596 18.09 -86.88 104.17
CA ALA EA 596 17.00 -87.42 103.38
C ALA EA 596 17.19 -88.89 103.07
N ASN EA 597 18.43 -89.37 102.96
CA ASN EA 597 18.68 -90.76 102.59
C ASN EA 597 19.04 -91.60 103.81
N TYR EA 598 18.36 -91.32 104.93
CA TYR EA 598 18.54 -92.11 106.13
C TYR EA 598 18.34 -93.59 105.84
N PRO EA 599 19.17 -94.46 106.39
CA PRO EA 599 19.07 -95.91 106.09
C PRO EA 599 17.77 -96.49 106.61
N MET EA 600 16.95 -97.01 105.71
CA MET EA 600 15.69 -97.62 106.12
C MET EA 600 15.91 -98.81 107.03
N VAL EA 601 17.06 -99.47 106.90
CA VAL EA 601 17.37 -100.59 107.78
C VAL EA 601 17.37 -100.15 109.24
N PHE EA 602 17.69 -98.88 109.51
CA PHE EA 602 17.67 -98.41 110.89
C PHE EA 602 16.25 -98.37 111.43
N TYR EA 603 15.32 -97.82 110.65
CA TYR EA 603 13.92 -97.86 111.05
C TYR EA 603 13.45 -99.28 111.24
N ILE EA 604 13.91 -100.20 110.38
CA ILE EA 604 13.48 -101.59 110.49
C ILE EA 604 13.97 -102.20 111.81
N ILE EA 605 15.26 -102.05 112.10
CA ILE EA 605 15.81 -102.53 113.35
C ILE EA 605 15.04 -101.96 114.52
N GLU EA 606 14.77 -100.65 114.48
CA GLU EA 606 14.09 -100.02 115.60
C GLU EA 606 12.68 -100.55 115.78
N ALA EA 607 11.97 -100.78 114.68
CA ALA EA 607 10.62 -101.33 114.79
C ALA EA 607 10.67 -102.73 115.36
N VAL EA 608 11.66 -103.53 114.96
CA VAL EA 608 11.75 -104.89 115.47
C VAL EA 608 12.01 -104.89 116.97
N ILE EA 609 12.96 -104.06 117.42
CA ILE EA 609 13.23 -103.99 118.84
C ILE EA 609 12.01 -103.50 119.61
N HIS EA 610 11.21 -102.62 118.99
CA HIS EA 610 9.97 -102.09 119.53
C HIS EA 610 10.06 -101.75 121.01
N GLY EA 611 11.13 -101.08 121.40
CA GLY EA 611 11.25 -100.60 122.76
C GLY EA 611 11.35 -101.68 123.81
N SER EA 612 11.78 -102.87 123.43
CA SER EA 612 11.94 -103.95 124.40
C SER EA 612 13.14 -103.66 125.29
N GLU EA 613 13.47 -104.58 126.14
CA GLU EA 613 14.68 -104.44 126.93
C GLU EA 613 15.60 -105.64 126.79
N ARG EA 614 15.04 -106.84 126.69
CA ARG EA 614 15.86 -108.01 126.46
C ARG EA 614 16.28 -108.10 125.00
N THR EA 615 15.37 -107.75 124.07
CA THR EA 615 15.74 -107.73 122.67
C THR EA 615 16.90 -106.78 122.41
N PHE EA 616 16.99 -105.69 123.17
CA PHE EA 616 18.11 -104.78 122.98
C PHE EA 616 19.40 -105.41 123.45
N CYS EA 617 19.39 -106.05 124.63
CA CYS EA 617 20.59 -106.72 125.09
C CYS EA 617 20.92 -107.95 124.26
N ALA EA 618 20.02 -108.36 123.36
CA ALA EA 618 20.35 -109.42 122.43
C ALA EA 618 20.92 -108.88 121.13
N LEU EA 619 20.42 -107.74 120.66
CA LEU EA 619 20.91 -107.14 119.43
C LEU EA 619 21.95 -106.05 119.68
N ALA EA 620 22.53 -106.03 120.88
CA ALA EA 620 23.60 -105.09 121.21
C ALA EA 620 24.68 -105.05 120.14
N ARG EA 621 25.23 -106.20 119.78
CA ARG EA 621 26.35 -106.22 118.83
C ARG EA 621 25.94 -105.64 117.50
N LEU EA 622 24.78 -106.03 116.99
CA LEU EA 622 24.31 -105.53 115.71
C LEU EA 622 24.14 -104.02 115.75
N VAL EA 623 23.47 -103.52 116.79
CA VAL EA 623 23.21 -102.08 116.84
C VAL EA 623 24.51 -101.31 116.99
N ALA EA 624 25.50 -101.88 117.68
CA ALA EA 624 26.78 -101.21 117.82
C ALA EA 624 27.50 -101.14 116.49
N GLN EA 625 27.49 -102.24 115.73
CA GLN EA 625 28.09 -102.20 114.40
C GLN EA 625 27.39 -101.17 113.52
N CYS EA 626 26.07 -101.09 113.62
CA CYS EA 626 25.33 -100.12 112.82
C CYS EA 626 25.72 -98.69 113.19
N ILE EA 627 25.77 -98.40 114.49
CA ILE EA 627 26.15 -97.06 114.93
C ILE EA 627 27.54 -96.70 114.41
N GLN EA 628 28.49 -97.63 114.56
CA GLN EA 628 29.86 -97.35 114.13
C GLN EA 628 29.91 -97.08 112.64
N SER EA 629 29.21 -97.89 111.84
CA SER EA 629 29.26 -97.70 110.39
C SER EA 629 28.66 -96.36 110.00
N TYR EA 630 27.49 -96.02 110.54
CA TYR EA 630 26.89 -94.74 110.19
C TYR EA 630 27.77 -93.58 110.62
N TRP EA 631 28.33 -93.67 111.83
CA TRP EA 631 29.14 -92.57 112.34
C TRP EA 631 30.43 -92.39 111.55
N ARG EA 632 31.02 -93.48 111.07
CA ARG EA 632 32.19 -93.34 110.24
C ARG EA 632 31.85 -92.92 108.81
N ASN EA 633 30.62 -93.19 108.37
CA ASN EA 633 30.29 -92.83 106.99
C ASN EA 633 29.86 -91.38 106.85
N THR EA 634 29.02 -90.87 107.76
CA THR EA 634 28.52 -89.50 107.60
C THR EA 634 28.63 -88.66 108.87
N HIS EA 635 29.42 -89.08 109.85
CA HIS EA 635 29.71 -88.30 111.06
C HIS EA 635 28.47 -87.95 111.87
N ASN EA 636 27.32 -88.53 111.56
CA ASN EA 636 26.09 -88.25 112.29
C ASN EA 636 25.89 -89.30 113.39
N ALA EA 637 24.80 -89.14 114.13
CA ALA EA 637 24.38 -90.13 115.11
C ALA EA 637 23.03 -90.72 114.67
N ALA EA 638 22.85 -92.01 114.90
CA ALA EA 638 21.65 -92.71 114.47
C ALA EA 638 20.74 -92.98 115.66
N PHE EA 639 19.53 -93.45 115.34
CA PHE EA 639 18.52 -93.87 116.30
C PHE EA 639 18.03 -92.74 117.19
N VAL EA 640 18.42 -91.50 116.92
CA VAL EA 640 17.98 -90.38 117.71
C VAL EA 640 16.46 -90.22 117.65
N ASN EA 641 15.82 -90.78 116.62
CA ASN EA 641 14.38 -90.64 116.46
C ASN EA 641 13.62 -91.22 117.65
N ASN EA 642 14.13 -92.28 118.25
CA ASN EA 642 13.48 -92.94 119.38
C ASN EA 642 14.15 -92.55 120.69
N PHE EA 643 13.39 -92.64 121.78
CA PHE EA 643 13.89 -92.27 123.08
C PHE EA 643 14.42 -93.45 123.88
N TYR EA 644 13.69 -94.56 123.90
CA TYR EA 644 14.19 -95.71 124.65
C TYR EA 644 15.52 -96.20 124.11
N MET EA 645 15.73 -96.07 122.80
CA MET EA 645 17.02 -96.44 122.23
C MET EA 645 18.11 -95.51 122.72
N VAL EA 646 17.87 -94.19 122.68
CA VAL EA 646 18.92 -93.26 123.09
C VAL EA 646 19.16 -93.34 124.59
N MET EA 647 18.24 -93.95 125.33
CA MET EA 647 18.52 -94.21 126.73
C MET EA 647 19.36 -95.48 126.90
N TYR EA 648 18.95 -96.56 126.24
CA TYR EA 648 19.69 -97.82 126.39
C TYR EA 648 21.09 -97.71 125.83
N ILE EA 649 21.32 -96.83 124.85
CA ILE EA 649 22.64 -96.71 124.25
C ILE EA 649 23.66 -96.32 125.31
N ASN EA 650 23.47 -95.16 125.93
CA ASN EA 650 24.40 -94.75 126.97
C ASN EA 650 24.13 -95.43 128.31
N THR EA 651 23.12 -96.30 128.38
CA THR EA 651 23.03 -97.15 129.57
C THR EA 651 23.95 -98.36 129.46
N TYR EA 652 23.94 -99.04 128.32
CA TYR EA 652 24.65 -100.31 128.16
C TYR EA 652 25.91 -100.18 127.32
N LEU EA 653 25.81 -99.67 126.10
CA LEU EA 653 26.99 -99.59 125.26
C LEU EA 653 28.01 -98.66 125.91
N GLY EA 654 27.68 -97.38 126.00
CA GLY EA 654 28.46 -96.46 126.80
C GLY EA 654 29.95 -96.46 126.51
N ASN EA 655 30.72 -97.03 127.44
CA ASN EA 655 32.18 -96.98 127.43
C ASN EA 655 32.83 -97.98 126.48
N GLY EA 656 32.06 -98.84 125.82
CA GLY EA 656 32.65 -99.93 125.10
C GLY EA 656 32.79 -99.71 123.62
N GLU EA 657 31.88 -100.29 122.84
CA GLU EA 657 31.94 -100.39 121.39
C GLU EA 657 31.80 -99.09 120.69
N LEU EA 658 31.74 -97.94 121.35
CA LEU EA 658 31.54 -96.72 120.59
C LEU EA 658 32.77 -95.82 120.72
N PRO EA 659 33.20 -95.21 119.61
CA PRO EA 659 34.38 -94.35 119.66
C PRO EA 659 34.14 -93.17 120.59
N GLU EA 660 35.24 -92.59 121.06
CA GLU EA 660 35.14 -91.53 122.08
C GLU EA 660 34.37 -90.33 121.57
N ASP EA 661 34.38 -90.10 120.27
CA ASP EA 661 33.68 -88.95 119.70
C ASP EA 661 32.23 -89.24 119.36
N CYS EA 662 31.74 -90.44 119.64
CA CYS EA 662 30.38 -90.82 119.28
C CYS EA 662 29.51 -91.21 120.46
N ALA EA 663 30.09 -91.42 121.64
CA ALA EA 663 29.29 -91.61 122.84
C ALA EA 663 29.00 -90.28 123.53
N ALA EA 664 29.89 -89.30 123.34
CA ALA EA 664 29.64 -87.97 123.87
C ALA EA 664 28.33 -87.40 123.36
N VAL EA 665 28.01 -87.69 122.10
CA VAL EA 665 26.76 -87.21 121.52
C VAL EA 665 25.57 -87.68 122.36
N TYR EA 666 25.47 -88.99 122.58
CA TYR EA 666 24.31 -89.52 123.29
C TYR EA 666 24.32 -89.10 124.75
N LYS EA 667 25.50 -89.05 125.36
CA LYS EA 667 25.57 -88.64 126.76
C LYS EA 667 25.10 -87.20 126.93
N ASP EA 668 25.52 -86.31 126.02
CA ASP EA 668 25.05 -84.93 126.09
C ASP EA 668 23.57 -84.84 125.78
N LEU EA 669 23.10 -85.61 124.80
CA LEU EA 669 21.68 -85.58 124.45
C LEU EA 669 20.83 -86.00 125.64
N LEU EA 670 21.35 -86.87 126.50
CA LEU EA 670 20.61 -87.25 127.69
C LEU EA 670 20.77 -86.24 128.82
N GLU EA 671 21.96 -85.68 128.98
CA GLU EA 671 22.17 -84.76 130.10
C GLU EA 671 21.42 -83.45 129.90
N HIS EA 672 21.27 -83.02 128.64
CA HIS EA 672 20.42 -81.86 128.39
C HIS EA 672 19.01 -82.11 128.88
N VAL EA 673 18.48 -83.31 128.65
CA VAL EA 673 17.16 -83.66 129.14
C VAL EA 673 17.13 -83.64 130.66
N HIS EA 674 18.16 -84.21 131.29
CA HIS EA 674 18.21 -84.21 132.75
C HIS EA 674 18.20 -82.79 133.30
N ALA EA 675 18.93 -81.88 132.66
CA ALA EA 675 18.95 -80.50 133.12
C ALA EA 675 17.60 -79.83 132.94
N LEU EA 676 16.94 -80.10 131.80
CA LEU EA 676 15.59 -79.61 131.62
C LEU EA 676 14.67 -80.09 132.73
N ARG EA 677 14.86 -81.34 133.16
CA ARG EA 677 14.07 -81.87 134.28
C ARG EA 677 14.38 -81.13 135.56
N ARG EA 678 15.67 -80.86 135.81
CA ARG EA 678 16.05 -80.12 137.00
C ARG EA 678 15.46 -78.71 137.00
N LEU EA 679 15.20 -78.16 135.81
CA LEU EA 679 14.74 -76.78 135.72
C LEU EA 679 13.45 -76.57 136.49
N ILE EA 680 12.41 -77.36 136.20
CA ILE EA 680 11.13 -77.17 136.88
C ILE EA 680 11.21 -77.41 138.36
N GLY EA 681 12.35 -77.86 138.88
CA GLY EA 681 12.51 -77.95 140.32
C GLY EA 681 12.89 -76.63 140.95
N GLU EA 682 13.44 -75.71 140.16
CA GLU EA 682 13.86 -74.42 140.67
C GLU EA 682 12.82 -73.33 140.39
N PHE EA 683 11.64 -73.71 139.94
CA PHE EA 683 10.59 -72.73 139.68
C PHE EA 683 9.29 -73.08 140.38
N THR EA 684 9.36 -73.88 141.43
CA THR EA 684 8.17 -74.26 142.19
C THR EA 684 8.49 -74.25 143.67
N LEU EA 685 7.65 -73.59 144.45
CA LEU EA 685 7.86 -73.54 145.88
C LEU EA 685 7.60 -74.92 146.48
N PRO EA 686 8.28 -75.27 147.57
CA PRO EA 686 8.03 -76.56 148.21
C PRO EA 686 6.69 -76.56 148.92
N GLY EA 687 5.91 -77.60 148.67
CA GLY EA 687 4.55 -77.68 149.18
C GLY EA 687 4.19 -79.08 149.60
N ASP EA 688 2.89 -79.38 149.57
CA ASP EA 688 2.34 -80.64 150.03
C ASP EA 688 1.19 -81.01 149.12
N PRO EA 689 0.83 -82.29 149.05
CA PRO EA 689 -0.21 -82.72 148.10
C PRO EA 689 -1.49 -81.92 148.24
N LEU EA 690 -2.00 -81.46 147.11
CA LEU EA 690 -3.23 -80.67 147.06
C LEU EA 690 -4.38 -81.47 146.47
N GLY EA 691 -4.19 -82.06 145.30
CA GLY EA 691 -5.17 -82.95 144.70
C GLY EA 691 -4.60 -84.35 144.60
N ASN EA 692 -3.94 -84.78 145.67
CA ASN EA 692 -3.17 -86.02 145.69
C ASN EA 692 -2.11 -86.07 144.60
N GLN EA 693 -1.73 -84.91 144.09
CA GLN EA 693 -0.61 -84.75 143.18
C GLN EA 693 0.35 -83.74 143.79
N PRO EA 694 1.65 -84.03 143.81
CA PRO EA 694 2.60 -83.06 144.36
C PRO EA 694 2.60 -81.78 143.55
N GLN EA 695 3.08 -80.71 144.18
CA GLN EA 695 3.07 -79.41 143.53
C GLN EA 695 3.75 -79.45 142.18
N GLU EA 696 4.84 -80.22 142.06
CA GLU EA 696 5.55 -80.33 140.80
C GLU EA 696 4.68 -80.80 139.65
N GLU EA 697 3.47 -81.28 139.94
CA GLU EA 697 2.53 -81.67 138.90
C GLU EA 697 1.40 -80.68 138.72
N LEU EA 698 1.28 -79.69 139.59
CA LEU EA 698 0.33 -78.61 139.39
C LEU EA 698 0.95 -77.39 138.75
N ASN EA 699 2.24 -77.19 138.92
CA ASN EA 699 2.91 -76.05 138.32
C ASN EA 699 3.19 -76.30 136.84
N HIS EA 700 4.02 -77.29 136.55
CA HIS EA 700 4.31 -77.63 135.17
C HIS EA 700 3.18 -78.47 134.60
N ALA EA 701 3.25 -78.74 133.30
CA ALA EA 701 2.29 -79.63 132.66
C ALA EA 701 2.91 -80.92 132.18
N LEU EA 702 4.17 -80.90 131.77
CA LEU EA 702 4.81 -82.13 131.35
C LEU EA 702 5.10 -83.03 132.54
N ALA EA 703 5.41 -82.46 133.69
CA ALA EA 703 5.64 -83.27 134.88
C ALA EA 703 4.36 -83.87 135.42
N ASP EA 704 3.23 -83.70 134.75
CA ASP EA 704 2.00 -84.29 135.20
C ASP EA 704 2.03 -85.81 135.00
N ALA EA 705 1.14 -86.49 135.72
CA ALA EA 705 1.00 -87.93 135.59
C ALA EA 705 -0.16 -88.34 134.70
N THR EA 706 -1.00 -87.40 134.31
CA THR EA 706 -2.15 -87.71 133.47
C THR EA 706 -1.90 -87.50 131.99
N LEU EA 707 -1.04 -86.54 131.63
CA LEU EA 707 -0.71 -86.33 130.23
C LEU EA 707 0.08 -87.53 129.71
N LEU EA 708 -0.41 -88.12 128.62
CA LEU EA 708 0.22 -89.30 128.05
C LEU EA 708 1.27 -88.90 127.01
N PRO EA 709 2.43 -89.54 127.02
CA PRO EA 709 3.43 -89.27 126.00
C PRO EA 709 2.89 -89.57 124.62
N PRO EA 710 3.45 -88.97 123.57
CA PRO EA 710 2.91 -89.24 122.23
C PRO EA 710 3.08 -90.70 121.83
N LEU EA 711 4.27 -91.25 122.01
CA LEU EA 711 4.57 -92.63 121.62
C LEU EA 711 4.97 -93.42 122.86
N ILE EA 712 4.07 -94.23 123.36
CA ILE EA 712 4.41 -95.16 124.43
C ILE EA 712 4.75 -96.50 123.81
N TRP EA 713 5.62 -97.24 124.49
CA TRP EA 713 6.08 -98.52 123.98
C TRP EA 713 5.68 -99.70 124.85
N ASP EA 714 4.98 -99.45 125.96
CA ASP EA 714 4.46 -100.52 126.80
C ASP EA 714 3.31 -99.93 127.61
N CYS EA 715 2.86 -100.66 128.63
CA CYS EA 715 1.74 -100.22 129.45
C CYS EA 715 2.19 -99.67 130.80
N ASP EA 716 3.34 -99.02 130.85
CA ASP EA 716 3.73 -98.41 132.12
C ASP EA 716 2.92 -97.15 132.38
N PRO EA 717 2.91 -96.16 131.49
CA PRO EA 717 2.14 -94.94 131.79
C PRO EA 717 0.64 -95.16 131.82
N ILE EA 718 0.15 -96.30 131.33
CA ILE EA 718 -1.26 -96.59 131.49
C ILE EA 718 -1.55 -96.95 132.94
N LEU EA 719 -0.61 -97.63 133.59
CA LEU EA 719 -0.84 -98.10 134.96
C LEU EA 719 -0.62 -97.01 135.98
N TYR EA 720 0.41 -96.18 135.80
CA TYR EA 720 0.63 -95.07 136.71
C TYR EA 720 -0.50 -94.06 136.64
N ARG EA 721 -1.30 -94.08 135.58
CA ARG EA 721 -2.29 -93.03 135.37
C ARG EA 721 -3.58 -93.31 136.12
N ASP EA 722 -4.08 -94.55 136.04
CA ASP EA 722 -5.41 -94.85 136.53
C ASP EA 722 -5.54 -94.75 138.04
N GLY EA 723 -4.44 -94.53 138.76
CA GLY EA 723 -4.54 -94.43 140.21
C GLY EA 723 -5.09 -93.13 140.73
N LEU EA 724 -5.32 -92.15 139.85
CA LEU EA 724 -5.73 -90.80 140.24
C LEU EA 724 -7.22 -90.65 139.96
N ALA EA 725 -8.03 -91.03 140.94
CA ALA EA 725 -9.48 -91.00 140.78
C ALA EA 725 -10.10 -89.67 141.13
N GLU EA 726 -9.30 -88.66 141.49
CA GLU EA 726 -9.87 -87.34 141.75
C GLU EA 726 -10.27 -86.66 140.45
N ARG EA 727 -9.47 -86.81 139.41
CA ARG EA 727 -9.85 -86.48 138.05
C ARG EA 727 -10.11 -87.79 137.35
N LEU EA 728 -11.37 -88.13 137.15
CA LEU EA 728 -11.69 -89.44 136.59
C LEU EA 728 -11.20 -89.54 135.15
N PRO EA 729 -10.16 -90.34 134.89
CA PRO EA 729 -9.71 -90.55 133.52
C PRO EA 729 -10.33 -91.80 132.93
N GLU EA 730 -10.54 -91.77 131.63
CA GLU EA 730 -11.04 -92.96 130.95
C GLU EA 730 -10.27 -93.12 129.65
N LEU EA 731 -9.63 -94.27 129.52
CA LEU EA 731 -8.85 -94.60 128.34
C LEU EA 731 -9.72 -95.40 127.38
N ARG EA 732 -9.46 -95.26 126.09
CA ARG EA 732 -10.23 -95.98 125.09
C ARG EA 732 -9.31 -96.40 123.96
N VAL EA 733 -9.31 -97.69 123.65
CA VAL EA 733 -8.55 -98.25 122.55
C VAL EA 733 -9.56 -98.84 121.57
N ASN EA 734 -9.86 -98.10 120.50
CA ASN EA 734 -10.79 -98.53 119.46
C ASN EA 734 -12.17 -98.86 120.03
N GLY EA 735 -12.49 -98.39 121.22
CA GLY EA 735 -13.80 -98.65 121.79
C GLY EA 735 -13.74 -99.49 123.05
N ALA EA 736 -12.92 -100.52 123.07
CA ALA EA 736 -12.79 -101.32 124.26
C ALA EA 736 -12.00 -100.54 125.33
N HIS EA 737 -12.18 -100.94 126.59
CA HIS EA 737 -11.45 -100.27 127.65
C HIS EA 737 -9.96 -100.43 127.41
N PHE EA 738 -9.48 -101.66 127.59
CA PHE EA 738 -8.23 -102.17 127.02
C PHE EA 738 -8.06 -103.59 127.52
N GLN EA 739 -7.27 -104.36 126.79
CA GLN EA 739 -6.94 -105.72 127.18
C GLN EA 739 -5.45 -105.79 127.49
N HIS EA 740 -5.10 -106.66 128.43
CA HIS EA 740 -3.71 -106.81 128.86
C HIS EA 740 -3.25 -108.24 128.56
N ILE EA 741 -2.61 -108.43 127.41
CA ILE EA 741 -2.02 -109.70 127.05
C ILE EA 741 -0.51 -109.55 127.04
N LEU EA 742 0.18 -110.55 127.57
CA LEU EA 742 1.62 -110.51 127.76
C LEU EA 742 2.32 -110.93 126.47
N TRP EA 743 3.61 -111.25 126.56
CA TRP EA 743 4.41 -111.60 125.39
C TRP EA 743 3.72 -112.64 124.53
N VAL EA 744 4.00 -112.58 123.23
CA VAL EA 744 3.52 -113.56 122.27
C VAL EA 744 4.71 -114.08 121.48
N GLU EA 745 4.58 -115.29 120.96
CA GLU EA 745 5.64 -115.95 120.21
C GLU EA 745 5.09 -116.38 118.86
N MET EA 746 5.95 -117.05 118.08
CA MET EA 746 5.57 -117.45 116.73
C MET EA 746 4.39 -118.41 116.72
N ALA EA 747 4.10 -119.07 117.84
CA ALA EA 747 3.02 -120.06 117.86
C ALA EA 747 1.69 -119.43 117.48
N GLN EA 748 1.46 -118.16 117.84
CA GLN EA 748 0.30 -117.42 117.37
C GLN EA 748 0.62 -115.94 117.44
N VAL EA 749 0.27 -115.20 116.39
CA VAL EA 749 0.57 -113.77 116.29
C VAL EA 749 -0.69 -112.94 116.05
N ASN EA 750 -1.53 -113.35 115.09
CA ASN EA 750 -2.76 -112.64 114.75
C ASN EA 750 -2.49 -111.18 114.41
N PHE EA 751 -1.77 -110.98 113.29
CA PHE EA 751 -1.59 -109.64 112.76
C PHE EA 751 -2.92 -108.95 112.47
N ARG EA 752 -3.99 -109.74 112.24
CA ARG EA 752 -5.30 -109.20 111.94
C ARG EA 752 -6.16 -109.02 113.19
N ASN EA 753 -5.53 -108.85 114.35
CA ASN EA 753 -6.28 -108.55 115.56
C ASN EA 753 -6.89 -107.16 115.45
N VAL EA 754 -8.19 -107.08 115.69
CA VAL EA 754 -8.92 -105.82 115.59
C VAL EA 754 -9.26 -105.23 116.95
N GLY EA 755 -9.36 -106.04 117.99
CA GLY EA 755 -9.76 -105.56 119.28
C GLY EA 755 -8.75 -104.63 119.92
N GLY EA 756 -9.08 -104.16 121.12
CA GLY EA 756 -8.17 -103.34 121.87
C GLY EA 756 -7.35 -104.14 122.86
N GLY EA 757 -6.13 -104.51 122.49
CA GLY EA 757 -5.27 -105.28 123.35
C GLY EA 757 -3.80 -104.91 123.19
N LEU EA 758 -3.14 -104.64 124.30
CA LEU EA 758 -1.75 -104.21 124.30
C LEU EA 758 -0.85 -105.33 124.83
N VAL EA 759 0.45 -105.14 124.67
CA VAL EA 759 1.44 -106.15 125.06
C VAL EA 759 2.59 -105.47 125.78
N HIS EA 760 3.00 -106.04 126.91
CA HIS EA 760 4.27 -105.69 127.52
C HIS EA 760 5.38 -106.39 126.74
N ASN EA 761 6.32 -105.62 126.21
CA ASN EA 761 7.35 -106.16 125.35
C ASN EA 761 8.24 -107.09 126.17
N ARG EA 762 8.05 -108.41 125.99
CA ARG EA 762 8.70 -109.41 126.81
C ARG EA 762 8.64 -108.95 128.26
N PRO EA 763 7.46 -109.00 128.85
CA PRO EA 763 7.09 -108.06 129.94
C PRO EA 763 8.22 -107.62 130.84
N VAL EA 764 9.04 -108.57 131.24
CA VAL EA 764 9.91 -108.38 132.39
C VAL EA 764 11.33 -108.71 132.00
N ARG EA 765 12.27 -108.03 132.64
CA ARG EA 765 13.67 -108.42 132.51
C ARG EA 765 13.96 -109.69 133.31
N ASN EA 766 13.58 -109.71 134.60
CA ASN EA 766 13.97 -110.81 135.46
C ASN EA 766 12.83 -111.42 136.28
N GLU EA 767 11.91 -110.60 136.78
CA GLU EA 767 10.99 -111.05 137.83
C GLU EA 767 9.97 -112.06 137.31
N ASN EA 768 9.17 -111.65 136.33
CA ASN EA 768 8.06 -112.46 135.81
C ASN EA 768 7.00 -112.70 136.90
N GLN EA 769 6.55 -111.60 137.50
CA GLN EA 769 5.59 -111.19 138.52
C GLN EA 769 4.31 -110.69 137.87
N PRO EA 770 3.14 -110.92 138.48
CA PRO EA 770 1.89 -110.52 137.82
C PRO EA 770 1.66 -109.02 137.72
N LEU EA 771 1.76 -108.47 136.51
CA LEU EA 771 1.23 -107.15 136.17
C LEU EA 771 1.80 -106.05 137.07
N HIS EA 772 3.10 -105.83 136.93
CA HIS EA 772 3.75 -104.74 137.62
C HIS EA 772 4.54 -103.91 136.64
N PRO EA 773 4.72 -102.62 136.90
CA PRO EA 773 5.56 -101.79 136.02
C PRO EA 773 7.01 -102.20 136.11
N HIS EA 774 7.68 -102.25 134.96
CA HIS EA 774 9.09 -102.61 134.89
C HIS EA 774 9.96 -101.40 134.53
N HIS EA 775 9.49 -100.20 134.86
CA HIS EA 775 10.29 -98.98 134.77
C HIS EA 775 9.72 -98.00 135.77
N ASP EA 776 10.60 -97.18 136.36
CA ASP EA 776 10.15 -96.23 137.36
C ASP EA 776 9.25 -95.16 136.72
N ALA EA 777 8.73 -94.28 137.56
CA ALA EA 777 7.73 -93.32 137.09
C ALA EA 777 8.34 -92.23 136.22
N GLU EA 778 9.38 -91.55 136.72
CA GLU EA 778 9.96 -90.42 136.01
C GLU EA 778 10.46 -90.78 134.62
N TRP EA 779 10.49 -92.07 134.28
CA TRP EA 779 10.84 -92.46 132.92
C TRP EA 779 9.89 -91.83 131.91
N SER EA 780 8.59 -91.90 132.18
CA SER EA 780 7.63 -91.28 131.29
C SER EA 780 7.77 -89.77 131.28
N VAL EA 781 8.13 -89.17 132.41
CA VAL EA 781 8.35 -87.73 132.45
C VAL EA 781 9.50 -87.35 131.51
N LEU EA 782 10.60 -88.09 131.61
CA LEU EA 782 11.74 -87.83 130.73
C LEU EA 782 11.36 -88.04 129.27
N SER EA 783 10.52 -89.03 128.99
CA SER EA 783 10.05 -89.24 127.63
C SER EA 783 9.25 -88.04 127.13
N LYS EA 784 8.35 -87.53 127.96
CA LYS EA 784 7.56 -86.37 127.59
C LYS EA 784 8.47 -85.17 127.33
N ILE EA 785 9.49 -85.00 128.16
CA ILE EA 785 10.45 -83.92 127.93
C ILE EA 785 11.10 -84.08 126.56
N TYR EA 786 11.71 -85.23 126.32
CA TYR EA 786 12.48 -85.43 125.09
C TYR EA 786 11.60 -85.30 123.86
N TYR EA 787 10.32 -85.61 123.97
CA TYR EA 787 9.47 -85.56 122.79
C TYR EA 787 8.71 -84.26 122.62
N TYR EA 788 8.57 -83.45 123.67
CA TYR EA 788 7.85 -82.19 123.56
C TYR EA 788 8.74 -80.96 123.60
N ALA EA 789 10.03 -81.11 123.92
CA ALA EA 789 10.89 -79.95 124.05
C ALA EA 789 12.29 -80.15 123.48
N VAL EA 790 12.54 -81.24 122.77
CA VAL EA 790 13.85 -81.43 122.15
C VAL EA 790 13.68 -81.74 120.67
N VAL EA 791 12.91 -82.79 120.36
CA VAL EA 791 12.67 -83.13 118.96
C VAL EA 791 12.11 -81.97 118.17
N PRO EA 792 11.10 -81.24 118.63
CA PRO EA 792 10.64 -80.07 117.87
C PRO EA 792 11.66 -78.96 117.77
N ALA EA 793 12.73 -79.00 118.56
CA ALA EA 793 13.77 -78.00 118.41
C ALA EA 793 14.66 -78.30 117.22
N PHE EA 794 15.05 -79.56 117.04
CA PHE EA 794 15.95 -79.92 115.96
C PHE EA 794 15.21 -80.11 114.65
N SER EA 795 14.02 -80.69 114.71
CA SER EA 795 13.27 -80.95 113.48
C SER EA 795 12.65 -79.69 112.92
N ARG EA 796 12.06 -78.87 113.80
CA ARG EA 796 11.34 -77.67 113.38
C ARG EA 796 10.23 -77.99 112.39
N GLY EA 797 9.45 -79.02 112.71
CA GLY EA 797 8.32 -79.38 111.89
C GLY EA 797 8.65 -80.27 110.71
N ASN EA 798 9.26 -81.42 110.99
CA ASN EA 798 9.54 -82.40 109.94
C ASN EA 798 8.99 -83.77 110.33
N CYS EA 799 9.00 -84.07 111.61
CA CYS EA 799 8.60 -85.40 112.06
C CYS EA 799 7.12 -85.65 111.80
N CYS EA 800 6.76 -86.92 111.73
CA CYS EA 800 5.37 -87.32 111.58
C CYS EA 800 5.28 -88.77 112.04
N THR EA 801 4.62 -89.01 113.17
CA THR EA 801 4.56 -90.35 113.74
C THR EA 801 3.95 -91.32 112.74
N MET EA 802 4.62 -92.44 112.53
CA MET EA 802 4.24 -93.39 111.50
C MET EA 802 3.70 -94.68 112.12
N GLY EA 803 2.69 -95.24 111.46
CA GLY EA 803 2.14 -96.54 111.84
C GLY EA 803 2.72 -97.63 110.97
N VAL EA 804 3.06 -98.75 111.59
CA VAL EA 804 3.85 -99.78 110.94
C VAL EA 804 2.96 -100.91 110.46
N ARG EA 805 3.51 -101.71 109.54
CA ARG EA 805 2.88 -102.94 109.06
C ARG EA 805 3.80 -104.08 109.49
N TYR EA 806 3.52 -104.63 110.67
CA TYR EA 806 4.45 -105.58 111.27
C TYR EA 806 4.62 -106.83 110.44
N ASP EA 807 3.57 -107.24 109.72
CA ASP EA 807 3.63 -108.50 108.99
C ASP EA 807 4.73 -108.46 107.93
N ARG EA 808 4.77 -107.41 107.13
CA ARG EA 808 5.77 -107.31 106.07
C ARG EA 808 7.18 -107.32 106.64
N VAL EA 809 7.41 -106.52 107.68
CA VAL EA 809 8.77 -106.40 108.19
C VAL EA 809 9.21 -107.70 108.86
N TYR EA 810 8.33 -108.33 109.63
CA TYR EA 810 8.69 -109.61 110.24
C TYR EA 810 8.93 -110.66 109.19
N GLN EA 811 8.17 -110.61 108.09
CA GLN EA 811 8.48 -111.46 106.95
C GLN EA 811 9.88 -111.20 106.45
N LEU EA 812 10.25 -109.93 106.33
CA LEU EA 812 11.53 -109.58 105.72
C LEU EA 812 12.69 -110.05 106.56
N VAL EA 813 12.63 -109.85 107.87
CA VAL EA 813 13.75 -110.19 108.77
C VAL EA 813 13.96 -111.71 108.79
N GLN EA 814 13.08 -112.45 108.12
CA GLN EA 814 13.27 -113.89 108.00
C GLN EA 814 13.98 -114.29 106.71
N THR EA 815 14.16 -113.38 105.77
CA THR EA 815 14.79 -113.69 104.49
C THR EA 815 16.26 -113.25 104.54
N MET EA 816 17.08 -114.08 105.19
CA MET EA 816 18.51 -113.85 105.28
C MET EA 816 19.25 -115.04 104.71
N VAL EA 817 20.35 -114.77 104.01
CA VAL EA 817 21.19 -115.82 103.45
C VAL EA 817 22.54 -115.78 104.15
N VAL EA 818 22.96 -116.91 104.68
CA VAL EA 818 24.22 -117.02 105.42
C VAL EA 818 24.82 -118.39 105.15
N PRO EA 819 25.97 -118.48 104.47
CA PRO EA 819 26.58 -119.77 104.23
C PRO EA 819 27.33 -120.26 105.47
N GLU EA 820 27.30 -121.57 105.66
CA GLU EA 820 27.96 -122.16 106.80
C GLU EA 820 29.47 -122.05 106.64
N THR EA 821 30.13 -121.49 107.64
CA THR EA 821 31.57 -121.28 107.59
C THR EA 821 32.23 -121.90 108.82
N ASP EA 822 33.52 -121.64 109.00
CA ASP EA 822 34.25 -122.10 110.17
C ASP EA 822 34.79 -120.97 111.03
N GLU EA 823 34.70 -119.73 110.57
CA GLU EA 823 35.31 -118.59 111.25
C GLU EA 823 34.74 -117.32 110.65
N GLU EA 824 35.12 -116.17 111.23
CA GLU EA 824 34.83 -114.88 110.65
C GLU EA 824 35.98 -114.49 109.72
N VAL EA 825 35.64 -114.06 108.51
CA VAL EA 825 36.62 -113.86 107.46
C VAL EA 825 36.73 -112.39 107.05
N GLY EA 826 35.61 -111.67 107.03
CA GLY EA 826 35.56 -110.33 106.49
C GLY EA 826 34.91 -110.31 105.12
N THR EA 827 34.69 -109.10 104.63
CA THR EA 827 33.97 -108.95 103.36
C THR EA 827 34.77 -109.40 102.17
N ASP EA 828 35.94 -110.00 102.35
CA ASP EA 828 36.75 -110.42 101.21
C ASP EA 828 36.28 -111.76 100.65
N ASP EA 829 36.14 -112.76 101.51
CA ASP EA 829 35.81 -114.09 101.05
C ASP EA 829 34.42 -114.08 100.39
N PRO EA 830 34.22 -114.85 99.31
CA PRO EA 830 32.89 -114.91 98.68
C PRO EA 830 31.81 -115.48 99.59
N ARG EA 831 32.16 -116.09 100.72
CA ARG EA 831 31.15 -116.57 101.65
C ARG EA 831 30.67 -115.48 102.61
N HIS EA 832 31.26 -114.29 102.55
CA HIS EA 832 30.82 -113.23 103.43
C HIS EA 832 29.41 -112.77 103.05
N PRO EA 833 28.57 -112.42 104.02
CA PRO EA 833 27.16 -112.13 103.70
C PRO EA 833 26.96 -110.97 102.75
N LEU EA 834 27.91 -110.05 102.64
CA LEU EA 834 27.76 -108.92 101.74
C LEU EA 834 28.51 -109.08 100.44
N HIS EA 835 28.96 -110.29 100.13
CA HIS EA 835 29.60 -110.50 98.84
C HIS EA 835 28.55 -110.57 97.74
N PRO EA 836 28.80 -109.97 96.57
CA PRO EA 836 27.74 -109.86 95.56
C PRO EA 836 27.22 -111.18 95.02
N ARG EA 837 27.96 -112.28 95.16
CA ARG EA 837 27.51 -113.54 94.57
C ARG EA 837 26.24 -114.05 95.24
N ASN EA 838 26.31 -114.29 96.55
CA ASN EA 838 25.18 -114.86 97.28
C ASN EA 838 24.09 -113.83 97.56
N LEU EA 839 24.14 -112.66 96.95
CA LEU EA 839 23.20 -111.58 97.24
C LEU EA 839 21.93 -111.78 96.42
N VAL EA 840 21.15 -112.78 96.82
CA VAL EA 840 19.92 -113.12 96.11
C VAL EA 840 18.97 -111.93 96.13
N PRO EA 841 18.09 -111.76 95.14
CA PRO EA 841 17.23 -110.57 95.12
C PRO EA 841 16.22 -110.61 96.24
N ASN EA 842 15.68 -109.43 96.56
CA ASN EA 842 14.60 -109.24 97.51
C ASN EA 842 14.89 -109.85 98.88
N SER EA 843 16.15 -110.15 99.17
CA SER EA 843 16.52 -110.69 100.47
C SER EA 843 16.59 -109.55 101.48
N LEU EA 844 17.11 -109.84 102.67
CA LEU EA 844 17.38 -108.78 103.62
C LEU EA 844 18.75 -108.15 103.40
N ASN EA 845 19.76 -108.96 103.12
CA ASN EA 845 21.11 -108.45 102.95
C ASN EA 845 21.18 -107.39 101.87
N VAL EA 846 20.24 -107.39 100.93
CA VAL EA 846 20.19 -106.31 99.96
C VAL EA 846 19.93 -104.99 100.66
N LEU EA 847 19.25 -105.01 101.81
CA LEU EA 847 19.05 -103.77 102.55
C LEU EA 847 20.33 -103.30 103.22
N PHE EA 848 21.00 -104.20 103.94
CA PHE EA 848 22.28 -103.84 104.56
C PHE EA 848 23.28 -103.34 103.52
N HIS EA 849 23.25 -103.90 102.32
CA HIS EA 849 24.17 -103.45 101.29
C HIS EA 849 23.71 -102.15 100.66
N ASN EA 850 22.40 -101.94 100.51
CA ASN EA 850 21.88 -100.70 99.95
C ASN EA 850 22.22 -99.50 100.82
N ALA EA 851 22.50 -99.72 102.10
CA ALA EA 851 22.83 -98.65 103.02
C ALA EA 851 24.33 -98.47 103.21
N CYS EA 852 25.15 -99.26 102.51
CA CYS EA 852 26.61 -99.16 102.59
C CYS EA 852 27.08 -99.22 104.03
N VAL EA 853 26.53 -100.16 104.79
CA VAL EA 853 26.92 -100.39 106.16
C VAL EA 853 27.66 -101.71 106.25
N ALA EA 854 28.63 -101.77 107.15
CA ALA EA 854 29.49 -102.93 107.31
C ALA EA 854 29.06 -103.69 108.55
N VAL EA 855 28.66 -104.96 108.37
CA VAL EA 855 28.25 -105.82 109.46
C VAL EA 855 28.91 -107.17 109.27
N ASP EA 856 28.56 -108.13 110.12
CA ASP EA 856 29.10 -109.49 110.02
C ASP EA 856 27.96 -110.51 110.12
N ALA EA 857 28.17 -111.65 109.46
CA ALA EA 857 27.20 -112.74 109.54
C ALA EA 857 27.05 -113.25 110.95
N ASP EA 858 28.17 -113.43 111.65
CA ASP EA 858 28.14 -113.85 113.05
C ASP EA 858 27.38 -112.88 113.92
N ALA EA 859 27.05 -111.69 113.40
CA ALA EA 859 26.19 -110.75 114.09
C ALA EA 859 24.80 -110.65 113.47
N MET EA 860 24.67 -110.93 112.17
CA MET EA 860 23.35 -110.91 111.56
C MET EA 860 22.54 -112.15 111.92
N LEU EA 861 23.19 -113.20 112.41
CA LEU EA 861 22.48 -114.42 112.79
C LEU EA 861 21.67 -114.24 114.07
N ILE EA 862 22.04 -113.27 114.92
CA ILE EA 862 21.33 -113.05 116.18
C ILE EA 862 19.95 -112.44 115.96
N LEU EA 863 19.66 -111.97 114.74
CA LEU EA 863 18.36 -111.37 114.45
C LEU EA 863 17.20 -112.30 114.74
N GLN EA 864 17.43 -113.61 114.71
CA GLN EA 864 16.36 -114.57 114.94
C GLN EA 864 15.74 -114.43 116.32
N GLU EA 865 16.41 -113.77 117.26
CA GLU EA 865 15.90 -113.69 118.62
C GLU EA 865 14.53 -113.05 118.67
N THR EA 866 14.23 -112.14 117.75
CA THR EA 866 12.97 -111.42 117.78
C THR EA 866 11.75 -112.32 117.79
N VAL EA 867 11.90 -113.61 117.50
CA VAL EA 867 10.74 -114.48 117.42
C VAL EA 867 10.22 -114.90 118.79
N THR EA 868 11.05 -114.84 119.83
CA THR EA 868 10.54 -115.17 121.17
C THR EA 868 9.73 -114.04 121.76
N ASN EA 869 9.77 -112.86 121.16
CA ASN EA 869 9.02 -111.70 121.67
C ASN EA 869 8.58 -110.88 120.45
N MET EA 870 7.37 -111.14 119.99
CA MET EA 870 6.85 -110.45 118.83
C MET EA 870 6.14 -109.17 119.26
N ALA EA 871 5.57 -108.47 118.28
CA ALA EA 871 4.75 -107.29 118.52
C ALA EA 871 3.59 -107.34 117.55
N GLU EA 872 2.37 -107.47 118.07
CA GLU EA 872 1.22 -107.74 117.21
C GLU EA 872 1.01 -106.61 116.22
N ARG EA 873 0.69 -105.42 116.72
CA ARG EA 873 0.28 -104.33 115.86
C ARG EA 873 0.44 -103.02 116.62
N THR EA 874 0.45 -101.93 115.86
CA THR EA 874 0.39 -100.60 116.43
C THR EA 874 -1.07 -100.17 116.51
N THR EA 875 -1.40 -99.43 117.57
CA THR EA 875 -2.79 -99.16 117.87
C THR EA 875 -2.97 -97.74 118.38
N PRO EA 876 -4.10 -97.10 118.08
CA PRO EA 876 -4.37 -95.77 118.59
C PRO EA 876 -4.99 -95.79 119.98
N LEU EA 877 -4.67 -94.75 120.74
CA LEU EA 877 -5.22 -94.54 122.07
C LEU EA 877 -5.96 -93.21 122.09
N LEU EA 878 -6.75 -92.98 123.12
CA LEU EA 878 -7.45 -91.71 123.27
C LEU EA 878 -7.69 -91.47 124.77
N ALA EA 879 -6.79 -90.71 125.38
CA ALA EA 879 -6.94 -90.40 126.78
C ALA EA 879 -7.88 -89.22 126.96
N SER EA 880 -8.40 -89.06 128.18
CA SER EA 880 -9.36 -88.01 128.47
C SER EA 880 -9.37 -87.76 129.96
N VAL EA 881 -8.91 -86.58 130.37
CA VAL EA 881 -8.78 -86.25 131.79
C VAL EA 881 -9.55 -84.96 132.06
N ALA EA 882 -10.21 -84.91 133.21
CA ALA EA 882 -10.83 -83.68 133.67
C ALA EA 882 -9.76 -82.65 133.98
N PRO EA 883 -10.12 -81.37 134.03
CA PRO EA 883 -9.14 -80.35 134.39
C PRO EA 883 -8.70 -80.49 135.83
N ASP EA 884 -7.49 -80.02 136.11
CA ASP EA 884 -6.81 -80.32 137.36
C ASP EA 884 -7.40 -79.52 138.52
N ALA EA 885 -6.77 -79.66 139.67
CA ALA EA 885 -7.23 -79.06 140.91
C ALA EA 885 -7.01 -77.55 140.96
N GLY EA 886 -6.48 -76.95 139.90
CA GLY EA 886 -6.39 -75.51 139.82
C GLY EA 886 -7.48 -74.92 138.94
N MET EA 887 -7.70 -75.50 137.76
CA MET EA 887 -8.81 -75.12 136.91
C MET EA 887 -9.99 -75.98 137.30
N ALA EA 888 -10.68 -75.58 138.37
CA ALA EA 888 -11.65 -76.50 138.95
C ALA EA 888 -12.93 -75.80 139.42
N THR EA 889 -13.17 -74.57 138.98
CA THR EA 889 -14.43 -73.93 139.35
C THR EA 889 -15.60 -74.76 138.85
N VAL EA 890 -16.75 -74.60 139.50
CA VAL EA 890 -17.92 -75.42 139.18
C VAL EA 890 -18.25 -75.36 137.69
N ALA EA 891 -17.87 -74.28 137.02
CA ALA EA 891 -18.10 -74.14 135.59
C ALA EA 891 -17.03 -74.84 134.76
N THR EA 892 -16.17 -75.65 135.39
CA THR EA 892 -15.16 -76.41 134.67
C THR EA 892 -15.26 -77.90 134.93
N ARG EA 893 -16.36 -78.37 135.53
CA ARG EA 893 -16.46 -79.78 135.85
C ARG EA 893 -16.52 -80.65 134.61
N ASP EA 894 -17.02 -80.11 133.49
CA ASP EA 894 -17.21 -80.89 132.29
C ASP EA 894 -16.19 -80.62 131.20
N MET EA 895 -15.45 -79.53 131.29
CA MET EA 895 -14.55 -79.16 130.21
C MET EA 895 -13.31 -80.05 130.20
N ARG EA 896 -13.50 -81.32 129.86
CA ARG EA 896 -12.41 -82.28 129.84
C ARG EA 896 -11.74 -82.32 128.47
N THR EA 897 -10.48 -82.70 128.45
CA THR EA 897 -9.66 -82.69 127.25
C THR EA 897 -9.48 -84.10 126.70
N HIS EA 898 -9.04 -84.17 125.44
CA HIS EA 898 -8.74 -85.43 124.78
C HIS EA 898 -7.50 -85.25 123.93
N ASP EA 899 -6.61 -86.24 123.94
CA ASP EA 899 -5.38 -86.15 123.17
C ASP EA 899 -4.88 -87.55 122.87
N GLY EA 900 -4.67 -87.84 121.61
CA GLY EA 900 -4.32 -89.18 121.19
C GLY EA 900 -2.90 -89.55 121.52
N SER EA 901 -2.57 -90.80 121.18
CA SER EA 901 -1.22 -91.32 121.27
C SER EA 901 -1.20 -92.65 120.53
N LEU EA 902 0.01 -93.10 120.18
CA LEU EA 902 0.19 -94.36 119.49
C LEU EA 902 0.94 -95.32 120.38
N HIS EA 903 0.54 -96.58 120.35
CA HIS EA 903 1.25 -97.64 121.04
C HIS EA 903 2.03 -98.46 120.03
N HIS EA 904 3.31 -98.70 120.32
CA HIS EA 904 4.18 -99.43 119.41
C HIS EA 904 4.20 -98.78 118.03
N GLY EA 905 4.26 -97.46 118.01
CA GLY EA 905 4.34 -96.69 116.79
C GLY EA 905 5.78 -96.50 116.35
N LEU EA 906 6.03 -95.35 115.72
CA LEU EA 906 7.37 -95.01 115.27
C LEU EA 906 7.36 -93.57 114.79
N LEU EA 907 8.47 -92.88 114.98
CA LEU EA 907 8.61 -91.49 114.55
C LEU EA 907 9.74 -91.41 113.53
N MET EA 908 9.39 -91.33 112.27
CA MET EA 908 10.39 -91.14 111.22
C MET EA 908 10.68 -89.66 111.05
N MET EA 909 11.89 -89.38 110.56
CA MET EA 909 12.44 -88.03 110.67
C MET EA 909 12.15 -87.17 109.44
N ALA EA 910 12.61 -87.59 108.27
CA ALA EA 910 12.37 -86.82 107.06
C ALA EA 910 12.11 -87.78 105.90
N TYR EA 911 11.04 -87.53 105.16
CA TYR EA 911 10.64 -88.44 104.11
C TYR EA 911 11.66 -88.45 102.98
N GLN EA 912 11.65 -89.54 102.21
CA GLN EA 912 12.49 -89.70 101.04
C GLN EA 912 11.59 -90.07 99.86
N PRO EA 913 10.74 -89.14 99.43
CA PRO EA 913 9.75 -89.50 98.40
C PRO EA 913 10.38 -89.77 97.05
N ASN EA 914 11.38 -88.97 96.67
CA ASN EA 914 11.97 -89.08 95.36
C ASN EA 914 12.76 -90.35 95.16
N ASP EA 915 12.97 -91.14 96.21
CA ASP EA 915 13.59 -92.44 96.03
C ASP EA 915 12.71 -93.33 95.16
N ALA EA 916 13.34 -94.29 94.50
CA ALA EA 916 12.64 -95.19 93.60
C ALA EA 916 12.94 -96.65 93.84
N THR EA 917 13.88 -96.99 94.70
CA THR EA 917 14.24 -98.39 94.89
C THR EA 917 13.31 -99.12 95.86
N LEU EA 918 12.29 -98.46 96.40
CA LEU EA 918 11.29 -99.14 97.21
C LEU EA 918 9.93 -98.49 96.97
N LEU EA 919 8.88 -99.22 97.31
CA LEU EA 919 7.54 -98.67 97.23
C LEU EA 919 7.40 -97.50 98.19
N GLU EA 920 6.33 -96.73 98.01
CA GLU EA 920 6.10 -95.59 98.90
C GLU EA 920 5.75 -96.07 100.30
N GLY EA 921 4.61 -96.74 100.45
CA GLY EA 921 4.18 -97.23 101.74
C GLY EA 921 4.59 -98.66 102.00
N ALA EA 922 5.86 -98.96 101.80
CA ALA EA 922 6.32 -100.35 101.87
C ALA EA 922 6.11 -100.94 103.25
N PHE EA 923 6.54 -100.22 104.29
CA PHE EA 923 6.45 -100.73 105.64
C PHE EA 923 5.61 -99.86 106.56
N PHE EA 924 5.75 -98.55 106.48
CA PHE EA 924 5.12 -97.64 107.42
C PHE EA 924 4.09 -96.78 106.71
N TYR EA 925 3.09 -96.34 107.45
CA TYR EA 925 2.08 -95.44 106.92
C TYR EA 925 1.85 -94.30 107.88
N PRO EA 926 1.55 -93.10 107.38
CA PRO EA 926 1.46 -91.94 108.26
C PRO EA 926 0.20 -91.98 109.11
N ALA EA 927 0.37 -91.63 110.38
CA ALA EA 927 -0.75 -91.49 111.30
C ALA EA 927 -0.36 -90.48 112.36
N PRO EA 928 -0.53 -89.19 112.07
CA PRO EA 928 -0.07 -88.16 112.99
C PRO EA 928 -0.88 -88.17 114.27
N VAL EA 929 -0.28 -87.62 115.32
CA VAL EA 929 -0.88 -87.56 116.64
C VAL EA 929 -1.20 -86.14 117.05
N ASN EA 930 -0.21 -85.26 117.01
CA ASN EA 930 -0.37 -83.89 117.47
C ASN EA 930 0.12 -82.93 116.39
N ALA EA 931 -0.34 -81.68 116.50
CA ALA EA 931 0.00 -80.67 115.50
C ALA EA 931 1.50 -80.49 115.34
N LEU EA 932 2.30 -80.93 116.31
CA LEU EA 932 3.75 -80.89 116.13
C LEU EA 932 4.20 -81.89 115.08
N PHE EA 933 3.79 -83.15 115.22
CA PHE EA 933 4.25 -84.21 114.33
C PHE EA 933 3.29 -84.45 113.17
N ALA EA 934 2.94 -83.41 112.44
CA ALA EA 934 2.09 -83.55 111.25
C ALA EA 934 2.75 -82.80 110.12
N CYS EA 935 3.70 -83.44 109.45
CA CYS EA 935 4.25 -82.91 108.23
C CYS EA 935 3.37 -83.27 107.05
N ALA EA 936 3.54 -82.53 105.96
CA ALA EA 936 2.68 -82.74 104.80
C ALA EA 936 3.20 -83.89 103.93
N ASP EA 937 4.45 -83.78 103.48
CA ASP EA 937 4.96 -84.70 102.48
C ASP EA 937 5.13 -86.13 102.99
N HIS EA 938 4.73 -86.42 104.22
CA HIS EA 938 4.71 -87.81 104.65
C HIS EA 938 3.43 -88.52 104.26
N LEU EA 939 2.42 -87.79 103.80
CA LEU EA 939 1.22 -88.42 103.30
C LEU EA 939 1.45 -89.19 102.01
N GLY EA 940 2.61 -89.02 101.39
CA GLY EA 940 2.92 -89.76 100.17
C GLY EA 940 3.02 -91.25 100.39
N ALA EA 941 3.18 -91.69 101.64
CA ALA EA 941 3.26 -93.13 101.90
C ALA EA 941 1.93 -93.82 101.68
N MET EA 942 0.82 -93.11 101.77
CA MET EA 942 -0.48 -93.73 101.52
C MET EA 942 -0.59 -94.12 100.06
N ARG EA 943 -1.69 -94.80 99.73
CA ARG EA 943 -1.94 -95.28 98.39
C ARG EA 943 -3.09 -94.51 97.75
N ASP EA 944 -2.92 -94.16 96.48
CA ASP EA 944 -3.97 -93.57 95.65
C ASP EA 944 -4.59 -92.36 96.32
N VAL EA 945 -3.75 -91.38 96.62
CA VAL EA 945 -4.17 -90.15 97.28
C VAL EA 945 -4.07 -89.03 96.27
N GLY EA 946 -5.22 -88.50 95.87
CA GLY EA 946 -5.26 -87.46 94.86
C GLY EA 946 -4.95 -86.08 95.44
N ALA EA 947 -4.37 -85.23 94.60
CA ALA EA 947 -3.96 -83.89 95.02
C ALA EA 947 -5.15 -83.04 95.41
N GLU EA 948 -6.36 -83.59 95.28
CA GLU EA 948 -7.55 -82.91 95.80
C GLU EA 948 -7.46 -82.74 97.31
N VAL EA 949 -6.74 -83.62 98.00
CA VAL EA 949 -6.53 -83.49 99.43
C VAL EA 949 -5.08 -83.12 99.76
N ARG EA 950 -4.10 -83.54 98.95
CA ARG EA 950 -2.71 -83.22 99.23
C ARG EA 950 -2.49 -81.71 99.23
N ALA EA 951 -3.18 -81.00 98.35
CA ALA EA 951 -3.10 -79.55 98.36
C ALA EA 951 -3.72 -78.95 99.62
N ALA EA 952 -4.58 -79.70 100.30
CA ALA EA 952 -5.24 -79.23 101.51
C ALA EA 952 -4.47 -79.62 102.77
N ALA EA 953 -3.19 -79.95 102.65
CA ALA EA 953 -2.37 -80.26 103.80
C ALA EA 953 -1.16 -79.36 103.95
N GLN EA 954 -0.78 -78.62 102.91
CA GLN EA 954 0.35 -77.72 103.00
C GLN EA 954 0.06 -76.50 103.85
N HIS EA 955 -1.12 -76.37 104.40
CA HIS EA 955 -1.42 -75.23 105.26
C HIS EA 955 -1.98 -75.64 106.61
N VAL EA 956 -2.78 -76.70 106.66
CA VAL EA 956 -3.39 -77.14 107.92
C VAL EA 956 -2.76 -78.47 108.31
N PRO EA 957 -2.73 -78.82 109.60
CA PRO EA 957 -2.30 -80.17 109.97
C PRO EA 957 -3.31 -81.20 109.50
N CYS EA 958 -2.97 -82.46 109.69
CA CYS EA 958 -3.82 -83.55 109.23
C CYS EA 958 -4.10 -84.55 110.34
N VAL EA 959 -4.21 -84.07 111.58
CA VAL EA 959 -4.58 -84.94 112.70
C VAL EA 959 -5.98 -85.48 112.44
N PRO EA 960 -6.17 -86.79 112.39
CA PRO EA 960 -7.51 -87.34 112.17
C PRO EA 960 -8.42 -87.03 113.36
N HIS EA 961 -9.72 -86.97 113.07
CA HIS EA 961 -10.68 -86.56 114.08
C HIS EA 961 -11.08 -87.69 115.02
N PHE EA 962 -10.27 -88.75 115.11
CA PHE EA 962 -10.41 -89.74 116.16
C PHE EA 962 -9.18 -89.79 117.05
N LEU EA 963 -8.38 -88.73 117.04
CA LEU EA 963 -7.19 -88.64 117.89
C LEU EA 963 -7.08 -87.28 118.56
N GLY EA 964 -8.20 -86.59 118.74
CA GLY EA 964 -8.19 -85.30 119.41
C GLY EA 964 -7.92 -84.17 118.44
N ALA EA 965 -8.85 -83.23 118.33
CA ALA EA 965 -8.70 -82.15 117.37
C ALA EA 965 -7.86 -81.03 117.99
N ASN EA 966 -7.78 -79.90 117.31
CA ASN EA 966 -6.92 -78.81 117.75
C ASN EA 966 -7.45 -78.08 118.97
N TYR EA 967 -8.75 -78.16 119.26
CA TYR EA 967 -9.31 -77.40 120.37
C TYR EA 967 -9.46 -78.19 121.66
N TYR EA 968 -9.63 -79.49 121.58
CA TYR EA 968 -9.74 -80.30 122.78
C TYR EA 968 -8.41 -80.89 123.22
N ALA EA 969 -7.32 -80.60 122.51
CA ALA EA 969 -6.03 -81.15 122.88
C ALA EA 969 -5.40 -80.29 123.97
N THR EA 970 -4.25 -80.75 124.46
CA THR EA 970 -3.51 -80.03 125.49
C THR EA 970 -2.26 -79.35 124.97
N VAL EA 971 -1.94 -79.50 123.69
CA VAL EA 971 -0.89 -78.73 123.03
C VAL EA 971 -1.47 -78.26 121.71
N ARG EA 972 -2.01 -77.05 121.69
CA ARG EA 972 -2.71 -76.58 120.51
C ARG EA 972 -1.73 -76.20 119.41
N GLN EA 973 -2.27 -75.69 118.32
CA GLN EA 973 -1.46 -75.33 117.16
C GLN EA 973 -0.40 -74.29 117.47
N PRO EA 974 -0.67 -73.20 118.20
CA PRO EA 974 0.33 -72.14 118.32
C PRO EA 974 1.69 -72.58 118.80
N VAL EA 975 1.78 -73.65 119.59
CA VAL EA 975 3.09 -74.14 120.01
C VAL EA 975 3.87 -74.67 118.80
N ALA EA 976 3.22 -75.50 118.00
CA ALA EA 976 3.87 -76.02 116.80
C ALA EA 976 4.21 -74.89 115.83
N GLN EA 977 3.23 -74.02 115.57
CA GLN EA 977 3.48 -72.89 114.69
C GLN EA 977 4.65 -72.07 115.18
N HIS EA 978 4.80 -71.94 116.50
CA HIS EA 978 5.96 -71.25 117.05
C HIS EA 978 7.24 -71.98 116.70
N ALA EA 979 7.30 -73.27 117.06
CA ALA EA 979 8.53 -74.02 116.85
C ALA EA 979 8.91 -74.12 115.38
N ALA EA 980 7.97 -73.89 114.47
CA ALA EA 980 8.26 -74.04 113.06
C ALA EA 980 8.83 -72.79 112.41
N GLN EA 981 8.63 -71.62 113.01
CA GLN EA 981 9.03 -70.36 112.37
C GLN EA 981 9.79 -69.48 113.34
N SER EA 982 10.76 -70.06 114.04
CA SER EA 982 11.62 -69.31 114.95
C SER EA 982 13.06 -69.57 114.56
N ARG EA 983 13.65 -68.62 113.82
CA ARG EA 983 15.05 -68.72 113.41
C ARG EA 983 15.92 -68.26 114.57
N ALA EA 984 16.03 -69.12 115.57
CA ALA EA 984 16.54 -68.68 116.87
C ALA EA 984 17.44 -69.72 117.55
N ASP EA 985 18.43 -70.26 116.84
CA ASP EA 985 19.51 -70.96 117.56
C ASP EA 985 19.01 -72.18 118.33
N GLU EA 986 18.77 -73.29 117.62
CA GLU EA 986 18.07 -74.46 118.15
C GLU EA 986 18.49 -74.92 119.54
N ASN EA 987 19.58 -74.39 120.09
CA ASN EA 987 19.86 -74.63 121.50
C ASN EA 987 18.84 -73.94 122.40
N THR EA 988 18.73 -72.61 122.28
CA THR EA 988 17.83 -71.87 123.15
C THR EA 988 16.37 -72.14 122.85
N LEU EA 989 16.07 -72.63 121.65
CA LEU EA 989 14.70 -73.01 121.34
C LEU EA 989 14.21 -74.08 122.30
N SER EA 990 15.11 -74.93 122.78
CA SER EA 990 14.74 -75.95 123.75
C SER EA 990 14.22 -75.32 125.03
N TYR EA 991 14.98 -74.41 125.61
CA TYR EA 991 14.53 -73.76 126.84
C TYR EA 991 13.28 -72.92 126.61
N ALA EA 992 13.16 -72.30 125.43
CA ALA EA 992 11.96 -71.54 125.14
C ALA EA 992 10.73 -72.44 125.17
N LEU EA 993 10.76 -73.52 124.40
CA LEU EA 993 9.65 -74.46 124.37
C LEU EA 993 9.37 -75.01 125.77
N MET EA 994 10.42 -75.28 126.55
CA MET EA 994 10.22 -75.86 127.85
C MET EA 994 9.56 -74.88 128.81
N ALA EA 995 9.98 -73.63 128.80
CA ALA EA 995 9.34 -72.64 129.65
C ALA EA 995 7.92 -72.36 129.20
N GLY EA 996 7.64 -72.52 127.92
CA GLY EA 996 6.29 -72.25 127.45
C GLY EA 996 5.31 -73.37 127.73
N TYR EA 997 5.58 -74.17 128.77
CA TYR EA 997 4.70 -75.28 129.12
C TYR EA 997 4.18 -75.20 130.55
N PHE EA 998 4.37 -74.07 131.23
CA PHE EA 998 3.88 -73.93 132.59
C PHE EA 998 2.38 -73.71 132.59
N LYS EA 999 1.72 -74.26 133.59
CA LYS EA 999 0.26 -74.17 133.65
C LYS EA 999 -0.17 -72.76 134.01
N MET EA 1000 -1.34 -72.38 133.49
CA MET EA 1000 -1.91 -71.05 133.70
C MET EA 1000 -3.14 -71.22 134.59
N SER EA 1001 -2.95 -71.01 135.89
CA SER EA 1001 -3.98 -71.29 136.89
C SER EA 1001 -3.59 -70.60 138.18
N PRO EA 1002 -4.56 -70.22 139.01
CA PRO EA 1002 -4.20 -69.52 140.25
C PRO EA 1002 -3.21 -70.28 141.12
N VAL EA 1003 -3.49 -71.54 141.42
CA VAL EA 1003 -2.58 -72.33 142.24
C VAL EA 1003 -1.24 -72.55 141.56
N ALA EA 1004 -1.11 -72.18 140.29
CA ALA EA 1004 0.18 -72.18 139.61
C ALA EA 1004 0.80 -70.80 139.52
N PHE EA 1005 -0.02 -69.76 139.39
CA PHE EA 1005 0.49 -68.41 139.47
C PHE EA 1005 1.12 -68.15 140.83
N THR EA 1006 0.61 -68.78 141.87
CA THR EA 1006 1.25 -68.59 143.17
C THR EA 1006 2.64 -69.20 143.24
N HIS EA 1007 3.18 -69.76 142.17
CA HIS EA 1007 4.60 -70.07 142.07
C HIS EA 1007 5.27 -69.25 140.99
N GLN EA 1008 4.62 -69.15 139.83
CA GLN EA 1008 5.14 -68.34 138.74
C GLN EA 1008 5.42 -66.92 139.20
N LEU EA 1009 4.38 -66.22 139.65
CA LEU EA 1009 4.49 -64.84 140.06
C LEU EA 1009 5.47 -64.63 141.21
N ARG EA 1010 5.88 -65.71 141.87
CA ARG EA 1010 6.73 -65.61 143.04
C ARG EA 1010 8.20 -65.86 142.74
N ARG EA 1011 8.51 -66.78 141.83
CA ARG EA 1011 9.89 -67.21 141.61
C ARG EA 1011 10.52 -66.53 140.40
N GLN EA 1012 10.17 -65.27 140.14
CA GLN EA 1012 10.83 -64.47 139.11
C GLN EA 1012 10.72 -65.11 137.73
N LEU EA 1013 9.48 -65.30 137.29
CA LEU EA 1013 9.22 -65.76 135.94
C LEU EA 1013 8.13 -64.89 135.33
N HIS EA 1014 8.29 -64.57 134.06
CA HIS EA 1014 7.39 -63.64 133.39
C HIS EA 1014 6.41 -64.43 132.53
N PRO EA 1015 5.20 -64.66 132.99
CA PRO EA 1015 4.22 -65.33 132.13
C PRO EA 1015 3.82 -64.45 130.96
N GLY EA 1016 2.95 -64.94 130.08
CA GLY EA 1016 2.67 -64.21 128.86
C GLY EA 1016 1.71 -63.05 129.00
N PHE EA 1017 1.83 -62.27 130.06
CA PHE EA 1017 0.95 -61.13 130.30
C PHE EA 1017 1.76 -59.85 130.37
N ALA EA 1018 1.04 -58.75 130.58
CA ALA EA 1018 1.67 -57.49 130.95
C ALA EA 1018 0.59 -56.68 131.67
N LEU EA 1019 0.66 -56.66 133.00
CA LEU EA 1019 -0.39 -56.02 133.75
C LEU EA 1019 -0.31 -54.50 133.60
N THR EA 1020 -1.44 -53.84 133.88
CA THR EA 1020 -1.59 -52.40 133.70
C THR EA 1020 -2.05 -51.81 135.02
N VAL EA 1021 -1.11 -51.29 135.81
CA VAL EA 1021 -1.44 -50.74 137.11
C VAL EA 1021 -2.25 -49.46 136.96
N VAL EA 1022 -3.24 -49.29 137.82
CA VAL EA 1022 -4.08 -48.09 137.84
C VAL EA 1022 -4.33 -47.70 139.29
N ARG EA 1023 -4.18 -46.42 139.62
CA ARG EA 1023 -4.43 -45.95 140.96
C ARG EA 1023 -4.81 -44.48 140.90
N GLN EA 1024 -5.46 -44.01 141.96
CA GLN EA 1024 -6.02 -42.67 142.01
C GLN EA 1024 -5.52 -41.93 143.23
N ASP EA 1025 -5.14 -40.66 143.03
CA ASP EA 1025 -4.60 -39.83 144.10
C ASP EA 1025 -5.50 -38.62 144.31
N ARG EA 1026 -5.20 -37.87 145.36
CA ARG EA 1026 -5.90 -36.64 145.70
C ARG EA 1026 -4.89 -35.57 146.07
N PHE EA 1027 -5.09 -34.37 145.57
CA PHE EA 1027 -4.20 -33.25 145.87
C PHE EA 1027 -5.02 -32.10 146.41
N ALA EA 1028 -4.46 -31.38 147.38
CA ALA EA 1028 -5.16 -30.29 148.06
C ALA EA 1028 -4.60 -28.97 147.56
N THR EA 1029 -5.45 -28.18 146.88
CA THR EA 1029 -5.03 -26.95 146.25
C THR EA 1029 -5.81 -25.77 146.81
N GLU EA 1030 -5.31 -24.57 146.55
CA GLU EA 1030 -6.03 -23.33 146.84
C GLU EA 1030 -6.81 -22.89 145.60
N ASN EA 1031 -7.85 -22.10 145.84
CA ASN EA 1031 -8.71 -21.65 144.77
C ASN EA 1031 -8.94 -20.15 144.90
N VAL EA 1032 -9.30 -19.53 143.78
CA VAL EA 1032 -9.58 -18.11 143.73
C VAL EA 1032 -10.95 -17.97 143.07
N LEU EA 1033 -12.00 -17.96 143.86
CA LEU EA 1033 -13.35 -17.91 143.32
C LEU EA 1033 -13.75 -16.48 143.00
N PHE EA 1034 -14.62 -16.33 142.02
CA PHE EA 1034 -15.11 -15.02 141.59
C PHE EA 1034 -16.63 -15.06 141.50
N ALA EA 1035 -17.26 -13.92 141.74
CA ALA EA 1035 -18.71 -13.82 141.67
C ALA EA 1035 -19.09 -12.51 141.00
N GLU EA 1036 -20.37 -12.38 140.68
CA GLU EA 1036 -20.84 -11.22 139.93
C GLU EA 1036 -21.51 -10.23 140.86
N LYS EA 1037 -22.11 -9.18 140.29
CA LYS EA 1037 -22.75 -8.15 141.10
C LYS EA 1037 -23.94 -8.71 141.87
N ALA EA 1038 -24.69 -9.63 141.27
CA ALA EA 1038 -25.78 -10.28 142.00
C ALA EA 1038 -25.93 -11.67 141.40
N SER EA 1039 -25.24 -12.64 142.00
CA SER EA 1039 -25.22 -13.99 141.47
C SER EA 1039 -26.21 -14.92 142.14
N GLU EA 1040 -26.85 -14.50 143.22
CA GLU EA 1040 -27.74 -15.38 143.95
C GLU EA 1040 -28.94 -14.60 144.47
N SER EA 1041 -30.13 -15.14 144.28
CA SER EA 1041 -31.31 -14.67 144.98
C SER EA 1041 -31.44 -15.49 146.25
N TYR EA 1042 -31.46 -14.82 147.39
CA TYR EA 1042 -31.26 -15.46 148.68
C TYR EA 1042 -32.39 -15.07 149.62
N PHE EA 1043 -33.16 -16.07 150.06
CA PHE EA 1043 -34.33 -15.85 150.89
C PHE EA 1043 -34.09 -16.42 152.27
N MET EA 1044 -34.13 -15.57 153.29
CA MET EA 1044 -34.07 -16.05 154.66
C MET EA 1044 -35.47 -16.19 155.23
N GLY EA 1045 -35.57 -16.92 156.32
CA GLY EA 1045 -36.86 -17.18 156.92
C GLY EA 1045 -36.97 -16.69 158.34
N GLN EA 1046 -37.94 -17.23 159.08
CA GLN EA 1046 -38.15 -16.86 160.47
C GLN EA 1046 -37.59 -17.94 161.38
N MET EA 1047 -36.92 -17.53 162.45
CA MET EA 1047 -36.20 -18.45 163.30
C MET EA 1047 -37.14 -19.17 164.26
N GLN EA 1048 -36.99 -20.48 164.36
CA GLN EA 1048 -37.80 -21.31 165.25
C GLN EA 1048 -36.90 -21.98 166.27
N VAL EA 1049 -37.45 -22.19 167.46
CA VAL EA 1049 -36.75 -22.82 168.56
C VAL EA 1049 -37.49 -24.09 168.94
N ALA EA 1050 -36.75 -25.15 169.24
CA ALA EA 1050 -37.33 -26.42 169.62
C ALA EA 1050 -36.79 -26.83 170.98
N ARG EA 1051 -37.68 -26.98 171.95
CA ARG EA 1051 -37.30 -27.30 173.32
C ARG EA 1051 -37.24 -28.81 173.48
N THR EA 1052 -36.20 -29.28 174.17
CA THR EA 1052 -35.96 -30.71 174.28
C THR EA 1052 -35.02 -30.97 175.45
N GLU EA 1053 -35.36 -31.94 176.29
CA GLU EA 1053 -34.52 -32.32 177.42
C GLU EA 1053 -33.82 -33.65 177.13
N SER EA 1054 -32.53 -33.69 177.42
CA SER EA 1054 -31.71 -34.89 177.29
C SER EA 1054 -30.33 -34.57 177.84
N GLY EA 1055 -29.70 -35.58 178.44
CA GLY EA 1055 -28.36 -35.45 178.96
C GLY EA 1055 -28.14 -34.23 179.83
N GLY EA 1056 -28.80 -34.19 180.99
CA GLY EA 1056 -28.75 -33.02 181.83
C GLY EA 1056 -29.98 -32.16 181.64
N GLY EA 1057 -29.84 -30.85 181.80
CA GLY EA 1057 -30.96 -29.95 181.64
C GLY EA 1057 -31.44 -29.91 180.20
N LEU EA 1058 -32.55 -29.19 180.01
CA LEU EA 1058 -33.06 -29.00 178.67
C LEU EA 1058 -32.02 -28.30 177.81
N HIS EA 1059 -31.97 -28.68 176.53
CA HIS EA 1059 -31.09 -28.01 175.59
C HIS EA 1059 -31.89 -27.63 174.35
N LEU EA 1060 -31.79 -26.37 173.97
CA LEU EA 1060 -32.53 -25.83 172.84
C LEU EA 1060 -31.79 -26.13 171.54
N GLN EA 1061 -32.54 -26.09 170.44
CA GLN EA 1061 -31.99 -26.38 169.11
C GLN EA 1061 -32.55 -25.36 168.14
N LEU EA 1062 -31.84 -24.26 167.95
CA LEU EA 1062 -32.31 -23.21 167.05
C LEU EA 1062 -32.30 -23.71 165.61
N THR EA 1063 -33.06 -23.04 164.76
CA THR EA 1063 -33.24 -23.48 163.38
C THR EA 1063 -33.80 -22.32 162.57
N GLN EA 1064 -33.38 -22.22 161.31
CA GLN EA 1064 -33.83 -21.15 160.44
C GLN EA 1064 -33.97 -21.64 159.02
N PRO EA 1065 -35.18 -21.75 158.48
CA PRO EA 1065 -35.33 -22.22 157.11
C PRO EA 1065 -34.99 -21.12 156.13
N ARG EA 1066 -34.14 -21.43 155.17
CA ARG EA 1066 -33.76 -20.46 154.16
C ARG EA 1066 -33.53 -21.17 152.84
N ALA EA 1067 -33.63 -20.40 151.75
CA ALA EA 1067 -33.55 -20.97 150.42
C ALA EA 1067 -32.92 -19.94 149.49
N ASN EA 1068 -32.55 -20.40 148.29
CA ASN EA 1068 -31.84 -19.55 147.36
C ASN EA 1068 -32.06 -20.05 145.94
N VAL EA 1069 -31.61 -19.26 144.97
CA VAL EA 1069 -31.61 -19.65 143.57
C VAL EA 1069 -30.74 -18.66 142.79
N ASP EA 1070 -30.02 -19.15 141.78
CA ASP EA 1070 -29.28 -18.22 140.95
C ASP EA 1070 -30.25 -17.44 140.08
N LEU EA 1071 -29.78 -16.30 139.57
CA LEU EA 1071 -30.69 -15.48 138.78
C LEU EA 1071 -29.98 -14.85 137.58
N GLY EA 1072 -28.97 -15.52 137.06
CA GLY EA 1072 -28.37 -15.08 135.81
C GLY EA 1072 -28.30 -16.21 134.81
N VAL EA 1073 -28.93 -16.04 133.65
CA VAL EA 1073 -28.82 -17.06 132.63
C VAL EA 1073 -27.36 -17.14 132.19
N GLY EA 1074 -26.86 -18.37 132.09
CA GLY EA 1074 -25.45 -18.59 131.89
C GLY EA 1074 -24.69 -18.56 133.20
N PHE EA 1075 -23.44 -19.02 133.14
CA PHE EA 1075 -22.65 -19.14 134.36
C PHE EA 1075 -22.33 -17.76 134.93
N THR EA 1076 -22.30 -17.67 136.26
CA THR EA 1076 -22.11 -16.41 136.94
C THR EA 1076 -20.99 -16.47 137.97
N ALA EA 1077 -20.12 -17.48 137.89
CA ALA EA 1077 -19.01 -17.61 138.81
C ALA EA 1077 -18.03 -18.61 138.23
N ALA EA 1078 -16.78 -18.53 138.70
CA ALA EA 1078 -15.76 -19.44 138.22
C ALA EA 1078 -14.56 -19.34 139.14
N TYR EA 1079 -13.89 -20.46 139.37
CA TYR EA 1079 -12.71 -20.47 140.21
C TYR EA 1079 -11.50 -20.84 139.36
N ALA EA 1080 -10.32 -20.84 139.99
CA ALA EA 1080 -9.09 -20.88 139.21
C ALA EA 1080 -8.14 -22.00 139.63
N ALA EA 1081 -8.13 -22.35 140.91
CA ALA EA 1081 -7.24 -23.37 141.45
C ALA EA 1081 -5.76 -22.98 141.24
N ALA EA 1082 -5.37 -21.91 141.93
CA ALA EA 1082 -4.08 -21.29 141.68
C ALA EA 1082 -2.90 -22.11 142.19
N ALA EA 1083 -2.78 -22.27 143.51
CA ALA EA 1083 -1.57 -22.86 144.08
C ALA EA 1083 -1.75 -24.36 144.28
N LEU EA 1084 -0.83 -24.97 145.03
CA LEU EA 1084 -0.92 -26.40 145.35
C LEU EA 1084 -0.20 -26.68 146.66
N ARG EA 1085 -0.86 -27.40 147.55
CA ARG EA 1085 -0.30 -27.83 148.82
C ARG EA 1085 0.11 -29.30 148.75
N ALA EA 1086 0.55 -29.84 149.88
CA ALA EA 1086 1.07 -31.19 149.89
C ALA EA 1086 0.01 -32.17 149.41
N PRO EA 1087 0.38 -33.17 148.63
CA PRO EA 1087 -0.57 -34.21 148.23
C PRO EA 1087 -1.14 -34.90 149.46
N VAL EA 1088 -2.46 -34.84 149.60
CA VAL EA 1088 -3.07 -35.30 150.84
C VAL EA 1088 -2.91 -36.80 151.01
N THR EA 1089 -3.01 -37.54 149.92
CA THR EA 1089 -2.86 -38.99 149.98
C THR EA 1089 -1.48 -39.41 149.51
N ASP EA 1090 -1.05 -40.56 150.00
CA ASP EA 1090 0.20 -41.12 149.54
C ASP EA 1090 0.12 -41.42 148.05
N MET EA 1091 1.28 -41.52 147.42
CA MET EA 1091 1.40 -42.05 146.07
C MET EA 1091 2.05 -43.42 146.06
N GLY EA 1092 1.99 -44.12 147.18
CA GLY EA 1092 2.65 -45.40 147.32
C GLY EA 1092 1.98 -46.52 146.57
N ASN EA 1093 2.15 -47.74 147.06
CA ASN EA 1093 1.57 -48.92 146.43
C ASN EA 1093 0.82 -49.71 147.48
N LEU EA 1094 -0.28 -50.32 147.07
CA LEU EA 1094 -1.08 -51.12 147.99
C LEU EA 1094 -1.97 -52.05 147.19
N PRO EA 1095 -1.49 -53.24 146.85
CA PRO EA 1095 -2.25 -54.11 145.94
C PRO EA 1095 -3.63 -54.40 146.49
N GLN EA 1096 -4.65 -54.22 145.64
CA GLN EA 1096 -6.00 -54.55 146.03
C GLN EA 1096 -6.13 -56.06 146.16
N ASN EA 1097 -6.77 -56.50 147.24
CA ASN EA 1097 -6.88 -57.91 147.57
C ASN EA 1097 -8.32 -58.34 147.34
N LEU EA 1098 -8.55 -59.09 146.26
CA LEU EA 1098 -9.91 -59.46 145.89
C LEU EA 1098 -10.53 -60.49 146.81
N PHE EA 1099 -9.81 -61.01 147.79
CA PHE EA 1099 -10.34 -62.08 148.61
C PHE EA 1099 -11.38 -61.61 149.62
N ALA EA 1100 -11.70 -60.32 149.65
CA ALA EA 1100 -12.74 -59.79 150.52
C ALA EA 1100 -14.02 -59.49 149.75
N THR EA 1101 -14.24 -60.18 148.64
CA THR EA 1101 -15.41 -59.96 147.80
C THR EA 1101 -16.17 -61.26 147.62
N ARG EA 1102 -17.38 -61.15 147.09
CA ARG EA 1102 -18.23 -62.28 146.81
C ARG EA 1102 -18.53 -62.33 145.32
N GLY EA 1103 -19.44 -63.22 144.93
CA GLY EA 1103 -19.86 -63.31 143.55
C GLY EA 1103 -19.03 -64.19 142.66
N ALA EA 1104 -17.90 -64.68 143.16
CA ALA EA 1104 -17.08 -65.62 142.39
C ALA EA 1104 -17.21 -67.00 143.01
N PRO EA 1105 -17.81 -67.96 142.33
CA PRO EA 1105 -17.97 -69.29 142.90
C PRO EA 1105 -16.62 -69.91 143.18
N PRO EA 1106 -16.31 -70.20 144.45
CA PRO EA 1106 -14.96 -70.63 144.80
C PRO EA 1106 -14.63 -71.98 144.23
N MET EA 1107 -13.34 -72.29 144.22
CA MET EA 1107 -12.87 -73.58 143.75
C MET EA 1107 -13.49 -74.68 144.60
N LEU EA 1108 -14.01 -75.72 143.94
CA LEU EA 1108 -14.83 -76.69 144.65
C LEU EA 1108 -14.02 -77.46 145.68
N ASP EA 1109 -12.72 -77.60 145.48
CA ASP EA 1109 -11.87 -78.33 146.40
C ASP EA 1109 -11.52 -77.44 147.59
N ALA EA 1110 -11.89 -77.89 148.79
CA ALA EA 1110 -11.62 -77.09 149.98
C ALA EA 1110 -10.13 -76.82 150.16
N ASP EA 1111 -9.31 -77.85 149.99
CA ASP EA 1111 -7.87 -77.68 150.15
C ASP EA 1111 -7.34 -76.64 149.18
N ALA EA 1112 -7.90 -76.59 147.97
CA ALA EA 1112 -7.42 -75.66 146.95
C ALA EA 1112 -7.54 -74.21 147.44
N ASP EA 1113 -8.76 -73.78 147.72
CA ASP EA 1113 -8.91 -72.39 148.10
C ASP EA 1113 -8.39 -72.11 149.51
N ASP EA 1114 -8.28 -73.13 150.36
CA ASP EA 1114 -7.61 -72.91 151.64
C ASP EA 1114 -6.15 -72.57 151.43
N TYR EA 1115 -5.46 -73.33 150.57
CA TYR EA 1115 -4.08 -73.00 150.22
C TYR EA 1115 -3.99 -71.63 149.58
N LEU EA 1116 -4.92 -71.32 148.68
CA LEU EA 1116 -4.93 -70.01 148.05
C LEU EA 1116 -5.01 -68.89 149.08
N ARG EA 1117 -6.00 -68.97 149.98
CA ARG EA 1117 -6.14 -67.96 151.01
C ARG EA 1117 -4.88 -67.87 151.86
N ARG EA 1118 -4.39 -69.00 152.34
CA ARG EA 1118 -3.25 -68.97 153.24
C ARG EA 1118 -2.04 -68.32 152.59
N THR EA 1119 -1.84 -68.55 151.30
CA THR EA 1119 -0.63 -68.03 150.68
C THR EA 1119 -0.78 -66.59 150.23
N VAL EA 1120 -1.92 -66.24 149.63
CA VAL EA 1120 -2.12 -64.86 149.19
C VAL EA 1120 -2.22 -63.92 150.38
N ASN EA 1121 -2.92 -64.34 151.42
CA ASN EA 1121 -3.07 -63.54 152.64
C ASN EA 1121 -1.86 -63.63 153.56
N ALA EA 1122 -0.83 -64.37 153.18
CA ALA EA 1122 0.35 -64.52 154.03
C ALA EA 1122 1.14 -63.22 154.03
N GLY EA 1123 0.95 -62.40 155.05
CA GLY EA 1123 1.68 -61.16 155.14
C GLY EA 1123 1.30 -60.16 154.07
N ASN EA 1124 0.01 -59.88 153.97
CA ASN EA 1124 -0.52 -58.88 153.05
C ASN EA 1124 -1.37 -57.91 153.84
N ARG EA 1125 -1.24 -56.62 153.53
CA ARG EA 1125 -2.06 -55.63 154.20
C ARG EA 1125 -3.53 -55.89 153.93
N LEU EA 1126 -4.36 -55.51 154.90
CA LEU EA 1126 -5.78 -55.27 154.69
C LEU EA 1126 -6.58 -56.43 154.12
N ALA EA 1127 -6.00 -57.61 153.98
CA ALA EA 1127 -6.66 -58.48 153.02
C ALA EA 1127 -8.01 -59.04 153.51
N PRO EA 1128 -8.11 -60.08 154.37
CA PRO EA 1128 -9.25 -60.14 155.28
C PRO EA 1128 -8.83 -59.87 156.71
N VAL EA 1129 -9.79 -59.63 157.60
CA VAL EA 1129 -9.62 -59.88 159.03
C VAL EA 1129 -10.93 -60.43 159.56
N PRO EA 1130 -10.93 -61.58 160.22
CA PRO EA 1130 -12.20 -62.13 160.73
C PRO EA 1130 -12.74 -61.37 161.93
N VAL EA 1131 -12.93 -60.06 161.78
CA VAL EA 1131 -13.53 -59.26 162.83
C VAL EA 1131 -15.03 -59.52 162.87
N PHE EA 1132 -15.63 -59.27 164.03
CA PHE EA 1132 -17.04 -59.61 164.24
C PHE EA 1132 -17.94 -58.83 163.29
N GLY EA 1133 -18.72 -59.57 162.50
CA GLY EA 1133 -19.88 -59.06 161.77
C GLY EA 1133 -19.51 -58.07 160.66
N GLN EA 1134 -18.26 -57.68 160.55
CA GLN EA 1134 -17.87 -56.64 159.61
C GLN EA 1134 -16.97 -57.12 158.48
N MET EA 1135 -16.07 -58.08 158.74
CA MET EA 1135 -15.16 -58.60 157.73
C MET EA 1135 -14.26 -57.48 157.20
N LEU EA 1136 -13.70 -56.70 158.14
CA LEU EA 1136 -13.01 -55.47 157.81
C LEU EA 1136 -11.54 -55.57 158.18
N PRO EA 1137 -10.64 -55.03 157.34
CA PRO EA 1137 -9.21 -55.14 157.63
C PRO EA 1137 -8.84 -54.45 158.93
N GLN EA 1138 -7.75 -54.92 159.52
CA GLN EA 1138 -7.32 -54.41 160.82
C GLN EA 1138 -6.66 -53.05 160.68
N VAL EA 1139 -6.88 -52.20 161.67
CA VAL EA 1139 -6.34 -50.84 161.62
C VAL EA 1139 -4.82 -50.91 161.74
N PRO EA 1140 -4.08 -50.20 160.90
CA PRO EA 1140 -2.62 -50.25 161.00
C PRO EA 1140 -2.15 -49.52 162.24
N ALA EA 1141 -0.94 -49.85 162.67
CA ALA EA 1141 -0.35 -49.26 163.86
C ALA EA 1141 0.51 -48.07 163.45
N GLY EA 1142 -0.16 -46.96 163.17
CA GLY EA 1142 0.53 -45.71 162.91
C GLY EA 1142 0.86 -45.47 161.46
N LEU EA 1143 0.30 -44.40 160.89
CA LEU EA 1143 0.59 -44.06 159.52
C LEU EA 1143 1.99 -43.50 159.39
N ALA EA 1144 2.44 -43.34 158.15
CA ALA EA 1144 3.73 -42.74 157.84
C ALA EA 1144 3.58 -41.43 157.08
N ARG EA 1145 2.74 -41.44 156.05
CA ARG EA 1145 2.42 -40.24 155.29
C ARG EA 1145 0.90 -40.29 155.15
N GLY EA 1146 0.35 -39.49 154.25
CA GLY EA 1146 -1.09 -39.48 154.06
C GLY EA 1146 -1.69 -40.85 153.79
N GLN EA 1147 -3.01 -40.96 153.82
CA GLN EA 1147 -3.66 -42.24 153.61
C GLN EA 1147 -3.20 -42.86 152.30
N GLN EA 1148 -3.14 -44.19 152.28
CA GLN EA 1148 -2.49 -44.91 151.19
C GLN EA 1148 -3.51 -45.34 150.15
N SER EA 1149 -3.20 -45.08 148.88
CA SER EA 1149 -4.10 -45.37 147.79
C SER EA 1149 -4.09 -46.87 147.49
N VAL EA 1150 -4.88 -47.28 146.50
CA VAL EA 1150 -5.04 -48.68 146.15
C VAL EA 1150 -4.81 -48.83 144.66
N CYS EA 1151 -4.17 -49.91 144.26
CA CYS EA 1151 -3.87 -50.19 142.86
C CYS EA 1151 -4.57 -51.46 142.41
N GLU EA 1152 -4.86 -51.54 141.12
CA GLU EA 1152 -5.44 -52.74 140.52
C GLU EA 1152 -4.53 -53.25 139.41
N PHE EA 1153 -4.99 -54.27 138.72
CA PHE EA 1153 -4.19 -54.88 137.67
C PHE EA 1153 -5.13 -55.40 136.59
N ILE EA 1154 -4.77 -55.15 135.35
CA ILE EA 1154 -5.55 -55.55 134.19
C ILE EA 1154 -4.66 -56.39 133.29
N ALA EA 1155 -5.15 -57.54 132.86
CA ALA EA 1155 -4.38 -58.34 131.93
C ALA EA 1155 -4.27 -57.61 130.59
N THR EA 1156 -3.16 -57.81 129.92
CA THR EA 1156 -2.94 -57.11 128.66
C THR EA 1156 -1.93 -57.88 127.81
N PRO EA 1157 -2.24 -58.13 126.54
CA PRO EA 1157 -1.29 -58.85 125.70
C PRO EA 1157 0.04 -58.12 125.62
N VAL EA 1158 1.12 -58.90 125.75
CA VAL EA 1158 2.46 -58.32 125.85
C VAL EA 1158 2.75 -57.41 124.68
N SER EA 1159 2.25 -57.73 123.50
CA SER EA 1159 2.57 -56.97 122.30
C SER EA 1159 1.83 -55.65 122.23
N VAL EA 1160 1.19 -55.20 123.32
CA VAL EA 1160 0.50 -53.92 123.30
C VAL EA 1160 1.51 -52.82 123.01
N ASP EA 1161 1.13 -51.88 122.14
CA ASP EA 1161 2.05 -50.84 121.71
C ASP EA 1161 2.43 -49.98 122.90
N LEU EA 1162 3.73 -49.85 123.14
CA LEU EA 1162 4.18 -49.07 124.29
C LEU EA 1162 3.90 -47.58 124.10
N ALA EA 1163 4.09 -47.08 122.88
CA ALA EA 1163 3.84 -45.68 122.60
C ALA EA 1163 2.40 -45.27 122.90
N TYR EA 1164 1.52 -46.24 123.16
CA TYR EA 1164 0.16 -45.94 123.60
C TYR EA 1164 0.12 -45.45 125.03
N PHE EA 1165 1.19 -45.64 125.80
CA PHE EA 1165 1.22 -45.27 127.21
C PHE EA 1165 2.07 -44.04 127.48
N ARG EA 1166 2.58 -43.38 126.45
CA ARG EA 1166 3.40 -42.19 126.67
C ARG EA 1166 2.51 -40.98 126.91
N ARG EA 1167 1.66 -40.64 125.95
CA ARG EA 1167 0.68 -39.59 126.17
C ARG EA 1167 -0.36 -40.06 127.16
N ALA EA 1168 -1.31 -39.19 127.46
CA ALA EA 1168 -2.45 -39.63 128.26
C ALA EA 1168 -3.13 -40.78 127.55
N CYS EA 1169 -3.52 -41.79 128.33
CA CYS EA 1169 -4.09 -43.00 127.78
C CYS EA 1169 -5.34 -43.38 128.56
N ASN EA 1170 -6.10 -44.31 128.00
CA ASN EA 1170 -7.23 -44.91 128.67
C ASN EA 1170 -6.92 -46.37 128.96
N PRO EA 1171 -7.20 -46.86 130.17
CA PRO EA 1171 -6.79 -48.23 130.50
C PRO EA 1171 -7.57 -49.28 129.73
N ARG EA 1172 -8.81 -48.99 129.37
CA ARG EA 1172 -9.61 -49.98 128.64
C ARG EA 1172 -9.08 -50.17 127.23
N GLY EA 1173 -8.82 -49.09 126.52
CA GLY EA 1173 -8.38 -49.16 125.15
C GLY EA 1173 -9.37 -48.48 124.22
N ARG EA 1174 -10.65 -48.74 124.42
CA ARG EA 1174 -11.69 -48.02 123.73
C ARG EA 1174 -12.01 -46.78 124.54
N ALA EA 1175 -11.78 -45.62 123.96
CA ALA EA 1175 -11.77 -44.39 124.73
C ALA EA 1175 -13.15 -43.86 125.02
N ALA EA 1176 -14.17 -44.71 124.96
CA ALA EA 1176 -15.55 -44.28 124.76
C ALA EA 1176 -15.97 -43.07 125.59
N GLY EA 1177 -16.06 -43.23 126.90
CA GLY EA 1177 -16.65 -42.17 127.70
C GLY EA 1177 -17.97 -41.71 127.12
N GLU EA 1178 -18.23 -40.41 127.21
CA GLU EA 1178 -19.42 -39.83 126.60
C GLU EA 1178 -19.08 -38.57 125.83
N VAL EA 1179 -18.01 -37.89 126.24
CA VAL EA 1179 -17.73 -36.55 125.72
C VAL EA 1179 -17.48 -36.59 124.23
N HIS EA 1180 -16.89 -37.67 123.72
CA HIS EA 1180 -16.67 -37.85 122.30
C HIS EA 1180 -17.21 -39.23 121.94
N GLY EA 1181 -18.44 -39.26 121.46
CA GLY EA 1181 -19.09 -40.50 121.09
C GLY EA 1181 -20.58 -40.47 121.31
N GLU EA 1182 -21.29 -41.29 120.56
CA GLU EA 1182 -22.72 -41.50 120.71
C GLU EA 1182 -22.92 -42.74 121.56
N GLU EA 1183 -24.15 -42.95 122.03
CA GLU EA 1183 -24.51 -44.15 122.75
C GLU EA 1183 -24.12 -45.40 121.95
N GLY EA 1184 -23.86 -46.48 122.67
CA GLY EA 1184 -23.51 -47.72 122.00
C GLY EA 1184 -22.14 -47.72 121.37
N LEU EA 1185 -21.25 -46.85 121.82
CA LEU EA 1185 -19.88 -46.81 121.33
C LEU EA 1185 -18.92 -47.61 122.17
N MET EA 1186 -19.26 -47.86 123.43
CA MET EA 1186 -18.30 -48.42 124.37
C MET EA 1186 -17.97 -49.87 124.06
N PHE EA 1187 -18.93 -50.64 123.56
CA PHE EA 1187 -18.73 -52.08 123.40
C PHE EA 1187 -18.86 -52.58 121.97
N ASP EA 1188 -19.40 -51.78 121.06
CA ASP EA 1188 -19.43 -52.18 119.66
C ASP EA 1188 -18.01 -52.41 119.16
N HIS EA 1189 -17.87 -53.29 118.18
CA HIS EA 1189 -16.55 -53.52 117.60
C HIS EA 1189 -16.64 -53.64 116.08
N SER EA 1190 -17.67 -53.04 115.48
CA SER EA 1190 -17.71 -52.82 114.05
C SER EA 1190 -17.33 -51.40 113.67
N HIS EA 1191 -17.11 -50.53 114.66
CA HIS EA 1191 -16.68 -49.17 114.43
C HIS EA 1191 -15.31 -48.96 115.05
N ALA EA 1192 -14.45 -48.26 114.34
CA ALA EA 1192 -13.07 -48.10 114.76
C ALA EA 1192 -12.98 -47.30 116.05
N ASP EA 1193 -11.85 -47.43 116.72
CA ASP EA 1193 -11.61 -46.67 117.92
C ASP EA 1193 -11.42 -45.21 117.57
N PRO EA 1194 -12.12 -44.29 118.24
CA PRO EA 1194 -11.91 -42.87 117.94
C PRO EA 1194 -10.48 -42.41 118.16
N ALA EA 1195 -9.86 -42.81 119.27
CA ALA EA 1195 -8.54 -42.27 119.61
C ALA EA 1195 -7.48 -42.71 118.62
N HIS EA 1196 -7.46 -43.98 118.24
CA HIS EA 1196 -6.47 -44.53 117.31
C HIS EA 1196 -7.20 -45.29 116.22
N PRO EA 1197 -7.63 -44.62 115.14
CA PRO EA 1197 -8.52 -45.26 114.18
C PRO EA 1197 -7.89 -46.39 113.38
N HIS EA 1198 -6.57 -46.55 113.39
CA HIS EA 1198 -5.98 -47.71 112.74
C HIS EA 1198 -6.61 -48.98 113.28
N ARG EA 1199 -6.45 -49.22 114.57
CA ARG EA 1199 -6.93 -50.43 115.21
C ARG EA 1199 -8.41 -50.27 115.54
N ALA EA 1200 -8.99 -51.34 116.07
CA ALA EA 1200 -10.33 -51.31 116.62
C ALA EA 1200 -10.35 -51.13 118.12
N THR EA 1201 -9.33 -51.64 118.79
CA THR EA 1201 -9.13 -51.46 120.21
C THR EA 1201 -7.63 -51.51 120.46
N ALA EA 1202 -7.24 -51.67 121.71
CA ALA EA 1202 -5.84 -51.86 122.02
C ALA EA 1202 -5.61 -52.92 123.08
N ASN EA 1203 -6.63 -53.62 123.51
CA ASN EA 1203 -6.53 -54.62 124.56
C ASN EA 1203 -7.75 -55.53 124.48
N PRO EA 1204 -7.70 -56.60 123.68
CA PRO EA 1204 -8.91 -57.40 123.47
C PRO EA 1204 -9.48 -57.97 124.74
N TRP EA 1205 -8.65 -58.21 125.74
CA TRP EA 1205 -9.09 -58.84 126.97
C TRP EA 1205 -9.81 -57.89 127.92
N ALA EA 1206 -10.02 -56.64 127.55
CA ALA EA 1206 -10.70 -55.74 128.48
C ALA EA 1206 -11.66 -54.78 127.78
N SER EA 1207 -12.14 -55.09 126.59
CA SER EA 1207 -13.02 -54.16 125.88
C SER EA 1207 -14.40 -54.73 125.60
N GLN EA 1208 -14.49 -55.91 125.00
CA GLN EA 1208 -15.78 -56.49 124.66
C GLN EA 1208 -16.66 -56.62 125.90
N ARG EA 1209 -17.96 -56.60 125.70
CA ARG EA 1209 -18.86 -56.87 126.81
C ARG EA 1209 -18.67 -58.30 127.26
N HIS EA 1210 -18.77 -58.50 128.57
CA HIS EA 1210 -18.49 -59.79 129.20
C HIS EA 1210 -17.05 -60.24 129.00
N SER EA 1211 -16.14 -59.30 128.74
CA SER EA 1211 -14.73 -59.63 128.71
C SER EA 1211 -14.24 -59.98 130.10
N TYR EA 1212 -12.95 -60.29 130.20
CA TYR EA 1212 -12.40 -60.67 131.50
C TYR EA 1212 -12.37 -59.50 132.46
N ALA EA 1213 -11.64 -58.44 132.11
CA ALA EA 1213 -11.54 -57.30 132.98
C ALA EA 1213 -12.87 -56.61 133.20
N ASP EA 1214 -13.87 -56.92 132.38
CA ASP EA 1214 -15.18 -56.29 132.57
C ASP EA 1214 -15.89 -56.89 133.76
N ARG EA 1215 -15.80 -58.20 133.94
CA ARG EA 1215 -16.52 -58.85 135.04
C ARG EA 1215 -15.99 -58.39 136.39
N LEU EA 1216 -14.69 -58.11 136.49
CA LEU EA 1216 -14.12 -57.76 137.79
C LEU EA 1216 -14.37 -56.33 138.20
N TYR EA 1217 -14.58 -55.42 137.23
CA TYR EA 1217 -14.56 -54.00 137.54
C TYR EA 1217 -15.80 -53.26 137.08
N ASN EA 1218 -16.80 -53.94 136.55
CA ASN EA 1218 -17.99 -53.25 136.08
C ASN EA 1218 -18.83 -52.79 137.27
N GLY EA 1219 -20.02 -52.27 136.98
CA GLY EA 1219 -20.82 -51.69 138.04
C GLY EA 1219 -22.12 -52.41 138.30
N GLN EA 1220 -22.53 -53.28 137.39
CA GLN EA 1220 -23.82 -53.95 137.49
C GLN EA 1220 -23.68 -55.46 137.46
N TYR EA 1221 -22.54 -55.99 137.89
CA TYR EA 1221 -22.32 -57.42 137.90
C TYR EA 1221 -22.13 -57.99 139.29
N ASN EA 1222 -22.15 -57.14 140.33
CA ASN EA 1222 -21.99 -57.57 141.72
C ASN EA 1222 -20.65 -58.30 141.91
N MET EA 1223 -19.58 -57.53 141.71
CA MET EA 1223 -18.24 -58.00 142.05
C MET EA 1223 -17.50 -56.98 142.89
N SER EA 1224 -18.22 -56.06 143.52
CA SER EA 1224 -17.60 -55.01 144.30
C SER EA 1224 -17.26 -55.50 145.70
N GLY EA 1225 -16.33 -54.80 146.33
CA GLY EA 1225 -15.92 -55.13 147.68
C GLY EA 1225 -15.96 -53.94 148.60
N PRO EA 1226 -15.28 -54.04 149.74
CA PRO EA 1226 -15.24 -52.94 150.70
C PRO EA 1226 -14.10 -51.96 150.51
N ALA EA 1227 -13.33 -52.06 149.44
CA ALA EA 1227 -12.23 -51.15 149.18
C ALA EA 1227 -12.48 -50.41 147.88
N TYR EA 1228 -11.91 -49.21 147.78
CA TYR EA 1228 -12.09 -48.40 146.60
C TYR EA 1228 -11.53 -49.12 145.38
N SER EA 1229 -12.04 -48.76 144.21
CA SER EA 1229 -11.57 -49.32 142.95
C SER EA 1229 -11.37 -48.19 141.95
N PRO EA 1230 -10.17 -47.65 141.84
CA PRO EA 1230 -9.93 -46.51 140.95
C PRO EA 1230 -10.44 -46.72 139.54
N CYS EA 1231 -10.51 -47.97 139.08
CA CYS EA 1231 -11.00 -48.26 137.75
C CYS EA 1231 -12.50 -48.58 137.74
N PHE EA 1232 -13.25 -48.04 138.70
CA PHE EA 1232 -14.70 -48.14 138.64
C PHE EA 1232 -15.28 -47.15 137.64
N LYS EA 1233 -14.67 -45.98 137.50
CA LYS EA 1233 -15.20 -44.96 136.60
C LYS EA 1233 -14.96 -45.27 135.14
N PHE EA 1234 -14.15 -46.28 134.82
CA PHE EA 1234 -13.84 -46.56 133.43
C PHE EA 1234 -14.63 -47.74 132.87
N PHE EA 1235 -15.13 -48.62 133.72
CA PHE EA 1235 -15.79 -49.83 133.27
C PHE EA 1235 -17.28 -49.86 133.62
N THR EA 1236 -17.92 -48.70 133.78
CA THR EA 1236 -19.35 -48.66 134.01
C THR EA 1236 -19.98 -47.72 132.99
N PRO EA 1237 -20.99 -48.16 132.28
CA PRO EA 1237 -21.57 -47.32 131.22
C PRO EA 1237 -22.68 -46.42 131.73
N ALA EA 1238 -22.79 -46.29 133.06
CA ALA EA 1238 -23.92 -45.58 133.66
C ALA EA 1238 -24.19 -44.23 133.03
N GLU EA 1239 -23.15 -43.61 132.46
CA GLU EA 1239 -23.36 -42.36 131.72
C GLU EA 1239 -24.28 -42.57 130.53
N ALA EA 1240 -24.31 -43.80 129.98
CA ALA EA 1240 -25.32 -44.10 128.97
C ALA EA 1240 -26.69 -44.26 129.61
N VAL EA 1241 -26.74 -44.80 130.84
CA VAL EA 1241 -27.98 -44.80 131.60
C VAL EA 1241 -28.35 -43.39 132.00
N ALA EA 1242 -27.38 -42.61 132.46
CA ALA EA 1242 -27.57 -41.19 132.75
C ALA EA 1242 -27.06 -40.33 131.60
N LYS EA 1243 -27.71 -40.48 130.45
CA LYS EA 1243 -27.34 -39.67 129.29
C LYS EA 1243 -27.62 -38.20 129.55
N SER EA 1244 -26.85 -37.34 128.91
CA SER EA 1244 -26.91 -35.90 129.13
C SER EA 1244 -27.47 -35.19 127.91
N ARG EA 1245 -28.14 -34.07 128.15
CA ARG EA 1245 -28.73 -33.26 127.09
C ARG EA 1245 -28.08 -31.88 127.05
N GLY EA 1246 -26.75 -31.86 127.19
CA GLY EA 1246 -26.01 -30.62 127.09
C GLY EA 1246 -24.55 -30.78 127.49
N LEU EA 1247 -23.65 -30.18 126.72
CA LEU EA 1247 -22.24 -30.22 127.09
C LEU EA 1247 -21.97 -29.35 128.30
N ALA EA 1248 -22.64 -28.21 128.39
CA ALA EA 1248 -22.48 -27.34 129.55
C ALA EA 1248 -22.85 -28.06 130.84
N ARG EA 1249 -23.76 -29.03 130.77
CA ARG EA 1249 -24.08 -29.82 131.95
C ARG EA 1249 -22.87 -30.62 132.40
N LEU EA 1250 -22.21 -31.30 131.47
CA LEU EA 1250 -21.01 -32.04 131.82
C LEU EA 1250 -19.95 -31.10 132.36
N ILE EA 1251 -19.83 -29.90 131.79
CA ILE EA 1251 -18.82 -28.95 132.27
C ILE EA 1251 -19.10 -28.57 133.71
N ALA EA 1252 -20.29 -28.06 133.99
CA ALA EA 1252 -20.62 -27.61 135.34
C ALA EA 1252 -20.56 -28.76 136.34
N ASP EA 1253 -20.82 -29.98 135.89
CA ASP EA 1253 -20.76 -31.13 136.79
C ASP EA 1253 -19.32 -31.40 137.22
N THR EA 1254 -18.40 -31.44 136.27
CA THR EA 1254 -16.98 -31.66 136.57
C THR EA 1254 -16.46 -30.48 137.37
N GLY EA 1255 -16.16 -30.69 138.64
CA GLY EA 1255 -15.87 -29.62 139.56
C GLY EA 1255 -16.85 -29.51 140.70
N ALA EA 1256 -17.88 -30.35 140.71
CA ALA EA 1256 -18.83 -30.40 141.82
C ALA EA 1256 -19.23 -31.82 142.16
N ALA EA 1257 -18.51 -32.82 141.67
CA ALA EA 1257 -18.86 -34.20 141.96
C ALA EA 1257 -18.56 -34.54 143.41
N ALA EA 1258 -19.37 -35.41 143.98
CA ALA EA 1258 -19.15 -35.84 145.35
C ALA EA 1258 -17.94 -36.78 145.41
N SER EA 1259 -17.31 -36.82 146.57
CA SER EA 1259 -16.14 -37.67 146.75
C SER EA 1259 -16.58 -39.11 146.93
N PRO EA 1260 -16.13 -40.04 146.09
CA PRO EA 1260 -16.53 -41.43 146.25
C PRO EA 1260 -15.68 -42.20 147.24
N THR EA 1261 -14.56 -41.65 147.67
CA THR EA 1261 -13.67 -42.35 148.58
C THR EA 1261 -13.96 -41.98 150.03
N SER EA 1262 -13.26 -42.65 150.94
CA SER EA 1262 -13.45 -42.46 152.37
C SER EA 1262 -12.49 -41.40 152.89
N ASN EA 1263 -12.38 -41.30 154.21
CA ASN EA 1263 -11.44 -40.38 154.83
C ASN EA 1263 -10.74 -41.02 156.04
N GLY EA 1264 -10.63 -42.34 156.04
CA GLY EA 1264 -9.98 -43.03 157.13
C GLY EA 1264 -8.48 -43.15 156.95
N GLU EA 1265 -7.95 -44.36 157.07
CA GLU EA 1265 -6.54 -44.63 156.84
C GLU EA 1265 -6.30 -45.43 155.57
N TYR EA 1266 -7.35 -45.75 154.83
CA TYR EA 1266 -7.24 -46.42 153.55
C TYR EA 1266 -8.25 -45.77 152.61
N GLN EA 1267 -8.34 -46.30 151.40
CA GLN EA 1267 -9.31 -45.81 150.43
C GLN EA 1267 -10.48 -46.78 150.41
N PHE EA 1268 -11.55 -46.42 151.11
CA PHE EA 1268 -12.72 -47.26 151.24
C PHE EA 1268 -13.91 -46.60 150.54
N LYS EA 1269 -14.96 -47.40 150.34
CA LYS EA 1269 -16.20 -46.84 149.84
C LYS EA 1269 -16.91 -46.09 150.97
N ARG EA 1270 -17.89 -45.28 150.59
CA ARG EA 1270 -18.65 -44.53 151.57
C ARG EA 1270 -19.98 -44.12 150.97
N PRO EA 1271 -21.07 -44.19 151.72
CA PRO EA 1271 -22.35 -43.68 151.20
C PRO EA 1271 -22.29 -42.19 150.91
N VAL EA 1272 -23.08 -41.77 149.92
CA VAL EA 1272 -23.05 -40.39 149.45
C VAL EA 1272 -23.52 -39.41 150.53
N GLY EA 1273 -24.21 -39.91 151.57
CA GLY EA 1273 -24.88 -39.04 152.51
C GLY EA 1273 -24.04 -37.91 153.08
N ALA EA 1274 -22.73 -38.12 153.20
CA ALA EA 1274 -21.86 -37.07 153.70
C ALA EA 1274 -21.65 -36.00 152.65
N GLY EA 1275 -21.08 -36.38 151.51
CA GLY EA 1275 -20.85 -35.43 150.44
C GLY EA 1275 -19.59 -34.59 150.64
N GLU EA 1276 -18.83 -34.42 149.56
CA GLU EA 1276 -17.63 -33.61 149.58
C GLU EA 1276 -17.25 -33.31 148.14
N LEU EA 1277 -16.91 -32.07 147.86
CA LEU EA 1277 -16.67 -31.63 146.50
C LEU EA 1277 -15.21 -31.85 146.12
N VAL EA 1278 -14.99 -32.55 145.01
CA VAL EA 1278 -13.67 -32.72 144.44
C VAL EA 1278 -13.77 -32.47 142.94
N GLU EA 1279 -12.73 -31.85 142.39
CA GLU EA 1279 -12.66 -31.62 140.96
C GLU EA 1279 -11.89 -32.75 140.30
N ASP EA 1280 -12.40 -33.24 139.18
CA ASP EA 1280 -11.71 -34.32 138.51
C ASP EA 1280 -11.82 -34.19 137.00
N PRO EA 1281 -10.73 -33.80 136.33
CA PRO EA 1281 -10.76 -33.77 134.86
C PRO EA 1281 -10.78 -35.15 134.23
N CYS EA 1282 -10.71 -36.21 135.02
CA CYS EA 1282 -10.74 -37.57 134.50
C CYS EA 1282 -12.14 -38.16 134.47
N ALA EA 1283 -13.09 -37.60 135.22
CA ALA EA 1283 -14.46 -38.08 135.15
C ALA EA 1283 -15.17 -37.58 133.91
N LEU EA 1284 -14.74 -36.45 133.35
CA LEU EA 1284 -15.33 -35.94 132.13
C LEU EA 1284 -14.67 -36.53 130.90
N PHE EA 1285 -13.34 -36.71 130.95
CA PHE EA 1285 -12.58 -37.15 129.79
C PHE EA 1285 -12.37 -38.65 129.73
N GLN EA 1286 -12.44 -39.35 130.86
CA GLN EA 1286 -12.17 -40.77 130.92
C GLN EA 1286 -10.79 -41.09 130.35
N GLU EA 1287 -9.79 -40.60 131.08
CA GLU EA 1287 -8.40 -40.69 130.65
C GLU EA 1287 -7.51 -40.67 131.89
N ALA EA 1288 -6.39 -41.36 131.81
CA ALA EA 1288 -5.41 -41.38 132.88
C ALA EA 1288 -4.10 -40.76 132.39
N TYR EA 1289 -3.28 -40.34 133.33
CA TYR EA 1289 -2.02 -39.67 133.00
C TYR EA 1289 -0.85 -40.50 133.51
N PRO EA 1290 0.10 -40.86 132.66
CA PRO EA 1290 1.22 -41.67 133.10
C PRO EA 1290 2.17 -40.86 133.96
N PRO EA 1291 2.67 -41.43 135.05
CA PRO EA 1291 3.59 -40.69 135.92
C PRO EA 1291 5.04 -40.92 135.54
N LEU EA 1292 5.96 -40.31 136.28
CA LEU EA 1292 7.38 -40.54 136.04
C LEU EA 1292 7.77 -41.92 136.53
N CYS EA 1293 7.61 -42.92 135.68
CA CYS EA 1293 7.93 -44.31 136.01
C CYS EA 1293 9.07 -44.78 135.11
N ALA EA 1294 9.55 -45.98 135.40
CA ALA EA 1294 10.65 -46.55 134.64
C ALA EA 1294 10.68 -48.05 134.91
N SER EA 1295 11.38 -48.76 134.04
CA SER EA 1295 11.46 -50.21 134.15
C SER EA 1295 12.71 -50.70 134.87
N ASP EA 1296 13.54 -49.79 135.35
CA ASP EA 1296 14.71 -50.16 136.14
C ASP EA 1296 15.25 -48.90 136.80
N SER EA 1297 15.69 -49.05 138.04
CA SER EA 1297 16.07 -47.88 138.84
C SER EA 1297 17.20 -47.10 138.19
N ALA EA 1298 18.14 -47.79 137.54
CA ALA EA 1298 19.29 -47.11 136.96
C ALA EA 1298 18.88 -46.05 135.97
N LEU EA 1299 17.70 -46.17 135.38
CA LEU EA 1299 17.24 -45.16 134.44
C LEU EA 1299 16.76 -43.90 135.14
N LEU EA 1300 16.64 -43.91 136.46
CA LEU EA 1300 16.17 -42.75 137.22
C LEU EA 1300 17.33 -42.19 138.04
N ARG EA 1301 18.14 -41.36 137.39
CA ARG EA 1301 19.21 -40.65 138.08
C ARG EA 1301 19.08 -39.17 137.75
N THR EA 1302 20.06 -38.35 138.13
CA THR EA 1302 19.92 -36.95 137.76
C THR EA 1302 20.15 -36.71 136.27
N PRO EA 1303 21.05 -37.46 135.56
CA PRO EA 1303 21.07 -37.26 134.09
C PRO EA 1303 20.11 -38.23 133.41
N LEU EA 1304 18.82 -37.91 133.48
CA LEU EA 1304 17.79 -38.82 132.97
C LEU EA 1304 18.04 -39.18 131.51
N GLY EA 1305 17.99 -38.20 130.63
CA GLY EA 1305 18.50 -38.37 129.28
C GLY EA 1305 17.87 -39.49 128.49
N ALA EA 1306 18.62 -40.58 128.33
CA ALA EA 1306 18.19 -41.71 127.51
C ALA EA 1306 16.79 -42.18 127.88
N GLU EA 1307 15.88 -42.08 126.92
CA GLU EA 1307 14.49 -42.46 127.19
C GLU EA 1307 14.28 -43.96 127.08
N GLU EA 1308 14.97 -44.61 126.15
CA GLU EA 1308 14.85 -46.04 125.96
C GLU EA 1308 16.24 -46.61 125.75
N HIS EA 1309 16.58 -47.67 126.48
CA HIS EA 1309 17.95 -48.19 126.49
C HIS EA 1309 18.06 -49.57 125.88
N PHE EA 1310 17.30 -50.53 126.39
CA PHE EA 1310 17.32 -51.91 125.93
C PHE EA 1310 15.91 -52.41 126.16
N ALA EA 1311 15.74 -53.70 126.37
CA ALA EA 1311 14.42 -54.21 126.76
C ALA EA 1311 13.73 -53.33 127.79
N GLN EA 1312 14.50 -52.63 128.63
CA GLN EA 1312 13.93 -51.69 129.60
C GLN EA 1312 13.36 -50.47 128.89
N TYR EA 1313 12.79 -49.56 129.67
CA TYR EA 1313 12.15 -48.37 129.11
C TYR EA 1313 11.84 -47.38 130.22
N LEU EA 1314 11.90 -46.11 129.89
CA LEU EA 1314 11.51 -45.04 130.80
C LEU EA 1314 10.35 -44.27 130.19
N ILE EA 1315 9.46 -43.78 131.05
CA ILE EA 1315 8.26 -43.09 130.62
C ILE EA 1315 8.28 -41.70 131.25
N ARG EA 1316 8.47 -40.68 130.44
CA ARG EA 1316 8.43 -39.33 130.95
C ARG EA 1316 7.03 -39.01 131.48
N ASP EA 1317 6.94 -37.94 132.25
CA ASP EA 1317 5.72 -37.60 132.98
C ASP EA 1317 4.94 -36.55 132.21
N GLU EA 1318 3.72 -36.89 131.80
CA GLU EA 1318 2.80 -35.95 131.14
C GLU EA 1318 1.53 -35.92 131.96
N SER EA 1319 1.53 -35.10 133.00
CA SER EA 1319 0.42 -35.00 133.93
C SER EA 1319 0.28 -33.54 134.31
N PRO EA 1320 -0.90 -33.12 134.78
CA PRO EA 1320 -1.09 -31.71 135.13
C PRO EA 1320 -0.15 -31.22 136.22
N LEU EA 1321 0.75 -32.10 136.67
CA LEU EA 1321 1.71 -31.80 137.71
C LEU EA 1321 3.14 -31.87 137.18
N LYS EA 1322 3.38 -31.27 136.01
CA LYS EA 1322 4.76 -31.18 135.56
C LYS EA 1322 5.61 -30.29 136.44
N GLY EA 1323 5.05 -29.76 137.52
CA GLY EA 1323 5.80 -29.02 138.52
C GLY EA 1323 5.04 -28.92 139.84
N ARG FA 3 49.57 28.38 79.83
CA ARG FA 3 48.68 29.50 79.55
C ARG FA 3 47.63 29.64 80.62
N PRO FA 4 47.96 30.35 81.70
CA PRO FA 4 47.03 30.51 82.81
C PRO FA 4 46.11 31.71 82.62
N ALA FA 5 44.97 31.65 83.30
CA ALA FA 5 44.10 32.81 83.31
C ALA FA 5 44.69 33.87 84.25
N ILE FA 6 44.10 35.06 84.20
CA ILE FA 6 44.63 36.17 84.97
C ILE FA 6 43.79 36.39 86.21
N LEU FA 7 42.52 36.74 86.02
CA LEU FA 7 41.63 36.97 87.14
C LEU FA 7 40.73 35.76 87.31
N PRO FA 8 40.86 35.00 88.39
CA PRO FA 8 40.09 33.77 88.53
C PRO FA 8 38.62 34.05 88.77
N SER FA 9 37.83 32.99 88.95
CA SER FA 9 36.40 33.14 89.20
C SER FA 9 36.02 32.78 90.63
N GLY FA 10 36.37 31.60 91.09
CA GLY FA 10 36.06 31.16 92.43
C GLY FA 10 37.27 30.56 93.11
N GLN FA 11 37.31 30.72 94.42
CA GLN FA 11 38.41 30.22 95.22
C GLN FA 11 38.12 28.78 95.62
N ILE FA 12 38.93 27.85 95.12
CA ILE FA 12 38.86 26.49 95.61
C ILE FA 12 39.35 26.47 97.05
N LEU FA 13 38.64 25.74 97.91
CA LEU FA 13 38.90 25.82 99.34
C LEU FA 13 39.39 24.53 99.97
N SER FA 14 39.21 23.39 99.32
CA SER FA 14 39.65 22.13 99.90
C SER FA 14 41.17 22.05 99.87
N ASN FA 15 41.79 21.93 101.04
CA ASN FA 15 43.23 21.77 101.11
C ASN FA 15 43.56 20.29 100.95
N ILE FA 16 43.61 19.84 99.71
CA ILE FA 16 43.80 18.44 99.41
C ILE FA 16 45.10 18.25 98.65
N GLU FA 17 45.68 17.08 98.78
CA GLU FA 17 46.78 16.69 97.91
C GLU FA 17 46.24 16.49 96.51
N VAL FA 18 47.03 16.88 95.51
CA VAL FA 18 46.57 16.87 94.13
C VAL FA 18 47.34 15.89 93.26
N HIS FA 19 48.60 15.59 93.59
CA HIS FA 19 49.35 14.67 92.74
C HIS FA 19 48.79 13.26 92.85
N SER FA 20 48.36 12.85 94.05
CA SER FA 20 47.86 11.49 94.21
C SER FA 20 46.61 11.26 93.38
N HIS FA 21 45.82 12.30 93.16
CA HIS FA 21 44.63 12.20 92.29
C HIS FA 21 44.99 12.61 90.87
N ARG FA 22 45.98 11.92 90.31
CA ARG FA 22 46.47 12.26 88.99
C ARG FA 22 45.37 12.15 87.95
N ALA FA 23 44.89 10.95 87.72
CA ALA FA 23 44.00 10.68 86.59
C ALA FA 23 42.57 11.13 86.84
N LEU FA 24 42.33 11.95 87.86
CA LEU FA 24 40.98 12.44 88.05
C LEU FA 24 40.54 13.39 86.95
N PHE FA 25 41.45 13.86 86.11
CA PHE FA 25 41.08 14.77 85.04
C PHE FA 25 42.10 14.68 83.91
N ASP FA 26 41.86 15.45 82.85
CA ASP FA 26 42.48 15.18 81.56
C ASP FA 26 43.94 15.59 81.54
N ILE FA 27 44.23 16.87 81.69
CA ILE FA 27 45.53 17.44 81.38
C ILE FA 27 46.02 18.24 82.58
N PHE FA 28 47.25 17.98 83.00
CA PHE FA 28 47.83 18.75 84.10
C PHE FA 28 49.33 18.60 84.09
N LYS FA 29 50.01 19.70 84.39
CA LYS FA 29 51.46 19.76 84.47
C LYS FA 29 51.85 20.46 85.75
N ARG FA 30 52.93 19.99 86.38
CA ARG FA 30 53.42 20.53 87.63
C ARG FA 30 54.89 20.86 87.50
N PHE FA 31 55.37 21.73 88.39
CA PHE FA 31 56.77 22.11 88.42
C PHE FA 31 57.10 22.64 89.81
N ARG FA 32 58.24 23.32 89.93
CA ARG FA 32 58.68 23.82 91.22
C ARG FA 32 58.72 25.34 91.28
N SER FA 33 59.34 26.01 90.31
CA SER FA 33 59.27 27.46 90.18
C SER FA 33 60.02 27.86 88.92
N ASP FA 34 59.80 29.11 88.50
CA ASP FA 34 60.56 29.73 87.42
C ASP FA 34 60.72 28.79 86.24
N ASP FA 35 59.60 28.40 85.65
CA ASP FA 35 59.64 27.50 84.51
C ASP FA 35 60.12 28.17 83.24
N ASN FA 36 60.09 29.51 83.20
CA ASN FA 36 60.51 30.34 82.07
C ASN FA 36 59.70 30.03 80.82
N ASN FA 37 58.74 29.13 80.92
CA ASN FA 37 57.76 28.94 79.86
C ASN FA 37 56.50 29.75 80.15
N LEU FA 38 56.03 29.68 81.40
CA LEU FA 38 54.96 30.53 81.86
C LEU FA 38 55.24 31.99 81.55
N TYR FA 39 56.50 32.40 81.67
CA TYR FA 39 56.88 33.81 81.49
C TYR FA 39 57.25 34.10 80.05
N GLY FA 40 56.42 33.67 79.11
CA GLY FA 40 56.63 33.99 77.72
C GLY FA 40 55.33 34.08 76.96
N ALA FA 41 55.06 35.21 76.33
CA ALA FA 41 53.81 35.41 75.62
C ALA FA 41 53.99 35.03 74.17
N GLU FA 42 53.00 34.35 73.62
CA GLU FA 42 53.01 33.96 72.22
C GLU FA 42 51.59 33.98 71.70
N PHE FA 43 51.42 34.45 70.48
CA PHE FA 43 50.10 34.49 69.85
C PHE FA 43 50.27 34.34 68.36
N ASP FA 44 49.14 34.16 67.68
CA ASP FA 44 49.12 33.96 66.23
C ASP FA 44 48.19 35.01 65.64
N ALA FA 45 48.75 35.95 64.89
CA ALA FA 45 47.98 37.05 64.34
C ALA FA 45 47.71 36.83 62.87
N LEU FA 46 46.54 37.29 62.41
CA LEU FA 46 46.28 37.46 61.00
C LEU FA 46 46.27 38.95 60.71
N LEU FA 47 47.05 39.36 59.71
CA LEU FA 47 47.44 40.76 59.57
C LEU FA 47 46.67 41.50 58.51
N GLY FA 48 45.67 40.88 57.88
CA GLY FA 48 44.90 41.59 56.90
C GLY FA 48 43.92 40.73 56.11
N THR FA 49 42.74 41.28 55.86
CA THR FA 49 41.73 40.62 55.06
C THR FA 49 41.48 41.45 53.81
N TYR FA 50 41.23 40.78 52.69
CA TYR FA 50 41.07 41.47 51.41
C TYR FA 50 39.92 40.84 50.65
N CYS FA 51 38.85 41.59 50.47
CA CYS FA 51 37.70 41.14 49.70
C CYS FA 51 37.90 41.52 48.24
N SER FA 52 36.85 41.40 47.43
CA SER FA 52 36.95 41.74 46.02
C SER FA 52 35.62 42.29 45.53
N THR FA 53 35.69 43.33 44.72
CA THR FA 53 34.49 43.95 44.14
C THR FA 53 34.05 43.13 42.92
N LEU FA 54 33.10 43.69 42.17
CA LEU FA 54 32.60 43.04 40.96
C LEU FA 54 32.50 44.11 39.88
N SER FA 55 33.38 44.03 38.89
CA SER FA 55 33.44 45.03 37.82
C SER FA 55 32.17 44.89 36.96
N LEU FA 56 31.23 45.79 37.18
CA LEU FA 56 29.97 45.73 36.44
C LEU FA 56 30.18 46.23 35.02
N VAL FA 57 29.37 45.70 34.11
CA VAL FA 57 29.43 46.06 32.70
C VAL FA 57 28.00 46.19 32.18
N ARG FA 58 27.75 47.20 31.36
CA ARG FA 58 26.48 47.37 30.68
C ARG FA 58 26.70 47.15 29.19
N PHE FA 59 25.60 46.87 28.48
CA PHE FA 59 25.76 46.51 27.08
C PHE FA 59 25.76 47.72 26.17
N LEU FA 60 24.91 48.70 26.43
CA LEU FA 60 24.81 49.83 25.52
C LEU FA 60 26.08 50.65 25.46
N GLU FA 61 26.94 50.56 26.47
CA GLU FA 61 28.17 51.32 26.45
C GLU FA 61 29.23 50.71 25.54
N LEU FA 62 29.09 49.43 25.22
CA LEU FA 62 30.07 48.78 24.34
C LEU FA 62 29.97 49.31 22.93
N GLY FA 63 31.07 49.19 22.19
CA GLY FA 63 31.03 49.49 20.79
C GLY FA 63 30.22 48.51 19.97
N LEU FA 64 30.02 47.30 20.49
CA LEU FA 64 29.31 46.28 19.75
C LEU FA 64 27.84 46.62 19.55
N SER FA 65 27.28 47.52 20.36
CA SER FA 65 25.85 47.78 20.31
C SER FA 65 25.42 48.36 18.97
N VAL FA 66 26.34 48.97 18.22
CA VAL FA 66 25.97 49.63 16.97
C VAL FA 66 25.75 48.63 15.84
N ALA FA 67 25.93 47.34 16.09
CA ALA FA 67 25.70 46.33 15.07
C ALA FA 67 24.31 45.70 15.18
N CYS FA 68 23.44 46.21 16.04
CA CYS FA 68 22.14 45.60 16.23
C CYS FA 68 21.19 46.60 16.87
N VAL FA 69 19.91 46.47 16.55
CA VAL FA 69 18.87 47.30 17.11
C VAL FA 69 18.09 46.46 18.12
N CYS FA 70 18.12 46.87 19.39
CA CYS FA 70 17.52 46.10 20.47
C CYS FA 70 16.20 46.74 20.87
N THR FA 71 15.15 45.92 20.93
CA THR FA 71 13.83 46.39 21.34
C THR FA 71 13.21 45.40 22.29
N LYS FA 72 12.70 45.88 23.41
CA LYS FA 72 11.97 45.02 24.33
C LYS FA 72 10.60 44.71 23.77
N PHE FA 73 10.19 43.45 23.89
CA PHE FA 73 8.94 42.98 23.29
C PHE FA 73 8.29 42.01 24.27
N PRO FA 74 7.72 42.53 25.35
CA PRO FA 74 7.35 41.66 26.48
C PRO FA 74 6.32 40.58 26.16
N GLU FA 75 5.82 40.54 24.94
CA GLU FA 75 4.89 39.50 24.52
C GLU FA 75 5.53 38.48 23.59
N LEU FA 76 6.86 38.42 23.57
CA LEU FA 76 7.52 37.48 22.68
C LEU FA 76 7.21 36.04 23.05
N SER FA 77 7.00 35.76 24.33
CA SER FA 77 6.68 34.40 24.74
C SER FA 77 5.36 33.91 24.17
N TYR FA 78 4.58 34.78 23.53
CA TYR FA 78 3.31 34.39 22.95
C TYR FA 78 3.35 34.24 21.44
N VAL FA 79 4.31 34.85 20.77
CA VAL FA 79 4.24 35.00 19.33
C VAL FA 79 4.70 33.71 18.66
N ALA FA 80 3.91 33.24 17.71
CA ALA FA 80 4.33 32.17 16.82
C ALA FA 80 5.25 32.78 15.78
N GLU FA 81 5.52 32.06 14.70
CA GLU FA 81 6.57 32.48 13.79
C GLU FA 81 6.27 33.83 13.18
N GLY FA 82 7.19 34.78 13.36
CA GLY FA 82 7.04 36.13 12.86
C GLY FA 82 8.01 36.38 11.71
N THR FA 83 7.58 37.25 10.79
CA THR FA 83 8.30 37.49 9.55
C THR FA 83 8.61 38.96 9.41
N ILE FA 84 9.36 39.31 8.38
CA ILE FA 84 9.53 40.69 7.94
C ILE FA 84 9.51 40.68 6.42
N GLN FA 85 8.85 41.66 5.82
CA GLN FA 85 8.63 41.68 4.39
C GLN FA 85 9.48 42.76 3.74
N PHE FA 86 10.28 42.37 2.77
CA PHE FA 86 11.00 43.33 1.96
C PHE FA 86 10.25 43.55 0.65
N GLU FA 87 10.67 44.57 -0.07
CA GLU FA 87 10.31 44.71 -1.47
C GLU FA 87 11.39 45.57 -2.11
N VAL FA 88 12.01 45.06 -3.17
CA VAL FA 88 13.07 45.80 -3.84
C VAL FA 88 12.75 45.83 -5.32
N GLN FA 89 13.21 46.88 -5.99
CA GLN FA 89 12.90 47.12 -7.40
C GLN FA 89 14.20 47.42 -8.11
N GLN FA 90 14.67 46.48 -8.91
CA GLN FA 90 15.95 46.66 -9.58
C GLN FA 90 15.84 47.72 -10.66
N PRO FA 91 16.83 48.59 -10.80
CA PRO FA 91 16.84 49.53 -11.92
C PRO FA 91 17.10 48.79 -13.22
N MET FA 92 16.87 49.49 -14.33
CA MET FA 92 17.06 48.90 -15.64
C MET FA 92 17.59 49.96 -16.59
N ILE FA 93 18.26 49.52 -17.64
CA ILE FA 93 18.80 50.43 -18.64
C ILE FA 93 18.26 50.04 -20.01
N ALA FA 94 18.19 51.02 -20.90
CA ALA FA 94 17.53 50.85 -22.18
C ALA FA 94 18.55 50.43 -23.23
N ARG FA 95 18.45 49.21 -23.72
CA ARG FA 95 19.25 48.77 -24.86
C ARG FA 95 18.61 49.31 -26.13
N ASP FA 96 19.06 48.83 -27.28
CA ASP FA 96 18.53 49.30 -28.55
C ASP FA 96 18.76 48.22 -29.60
N GLY FA 97 18.29 48.49 -30.80
CA GLY FA 97 18.44 47.55 -31.89
C GLY FA 97 17.34 46.53 -31.93
N PRO FA 98 17.61 45.41 -32.54
CA PRO FA 98 16.54 44.45 -32.86
C PRO FA 98 15.85 43.82 -31.67
N HIS FA 99 16.63 43.28 -30.74
CA HIS FA 99 16.06 42.44 -29.70
C HIS FA 99 15.09 43.23 -28.84
N PRO FA 100 13.96 42.65 -28.46
CA PRO FA 100 12.92 43.42 -27.78
C PRO FA 100 13.36 43.89 -26.40
N ALA FA 101 12.73 44.96 -25.95
CA ALA FA 101 13.05 45.52 -24.65
C ALA FA 101 12.54 44.60 -23.54
N ASP FA 102 12.70 45.05 -22.30
CA ASP FA 102 12.22 44.28 -21.16
C ASP FA 102 11.59 45.23 -20.15
N GLN FA 103 10.54 44.75 -19.50
CA GLN FA 103 9.87 45.51 -18.48
C GLN FA 103 10.73 45.58 -17.23
N PRO FA 104 10.45 46.52 -16.33
CA PRO FA 104 11.19 46.58 -15.06
C PRO FA 104 10.63 45.57 -14.08
N VAL FA 105 11.52 44.86 -13.41
CA VAL FA 105 11.14 43.73 -12.57
C VAL FA 105 10.91 44.19 -11.13
N HIS FA 106 9.96 43.55 -10.48
CA HIS FA 106 9.70 43.71 -9.05
C HIS FA 106 9.91 42.37 -8.37
N ASN FA 107 9.97 42.38 -7.05
CA ASN FA 107 9.97 41.14 -6.29
C ASN FA 107 9.73 41.44 -4.83
N TYR FA 108 9.19 40.44 -4.13
CA TYR FA 108 8.97 40.49 -2.70
C TYR FA 108 9.71 39.33 -2.06
N MET FA 109 9.81 39.36 -0.73
CA MET FA 109 10.51 38.31 -0.01
C MET FA 109 10.25 38.52 1.47
N ILE FA 110 10.35 37.43 2.23
CA ILE FA 110 10.19 37.48 3.68
C ILE FA 110 11.29 36.67 4.34
N LYS FA 111 11.69 37.09 5.52
CA LYS FA 111 12.67 36.38 6.33
C LYS FA 111 12.07 36.16 7.71
N ARG FA 112 12.12 34.93 8.18
CA ARG FA 112 11.48 34.57 9.43
C ARG FA 112 12.48 34.62 10.58
N LEU FA 113 11.97 34.59 11.80
CA LEU FA 113 12.80 34.74 12.98
C LEU FA 113 13.37 33.37 13.40
N ASP FA 114 13.99 33.32 14.57
CA ASP FA 114 14.42 32.07 15.18
C ASP FA 114 14.52 32.29 16.68
N ARG FA 115 14.54 31.18 17.42
CA ARG FA 115 14.39 31.24 18.86
C ARG FA 115 15.71 30.98 19.57
N ARG FA 116 16.03 31.82 20.54
CA ARG FA 116 17.18 31.63 21.41
C ARG FA 116 16.77 32.03 22.82
N SER FA 117 17.61 31.70 23.79
CA SER FA 117 17.30 32.00 25.17
C SER FA 117 18.56 31.94 26.00
N LEU FA 118 18.49 32.50 27.20
CA LEU FA 118 19.60 32.45 28.14
C LEU FA 118 19.10 31.83 29.43
N ASN FA 119 20.03 31.54 30.35
CA ASN FA 119 19.66 31.05 31.66
C ASN FA 119 20.89 31.08 32.57
N ALA FA 120 20.64 31.02 33.87
CA ALA FA 120 21.72 31.05 34.85
C ALA FA 120 21.17 30.53 36.18
N ALA FA 121 21.77 29.46 36.69
CA ALA FA 121 21.32 28.89 37.95
C ALA FA 121 21.71 29.80 39.11
N PHE FA 122 21.06 29.58 40.26
CA PHE FA 122 21.18 30.53 41.37
C PHE FA 122 21.19 29.85 42.73
N SER FA 123 21.66 28.61 42.84
CA SER FA 123 21.37 27.77 43.99
C SER FA 123 21.66 28.46 45.31
N ILE FA 124 20.75 28.33 46.27
CA ILE FA 124 20.96 28.77 47.64
C ILE FA 124 20.79 27.57 48.56
N ALA FA 125 21.38 27.67 49.74
CA ALA FA 125 21.69 26.51 50.54
C ALA FA 125 20.59 26.18 51.54
N VAL FA 126 20.90 25.23 52.41
CA VAL FA 126 19.96 24.69 53.38
C VAL FA 126 19.93 25.48 54.67
N GLU FA 127 21.05 25.43 55.38
CA GLU FA 127 21.21 26.14 56.63
C GLU FA 127 20.83 27.60 56.48
N ALA FA 128 21.09 28.20 55.32
CA ALA FA 128 20.81 29.61 55.10
C ALA FA 128 19.35 29.89 54.80
N LEU FA 129 18.68 29.00 54.07
CA LEU FA 129 17.26 29.18 53.84
C LEU FA 129 16.49 29.01 55.13
N GLY FA 130 17.06 28.28 56.09
CA GLY FA 130 16.48 28.29 57.42
C GLY FA 130 16.54 29.64 58.09
N LEU FA 131 17.61 30.39 57.87
CA LEU FA 131 17.79 31.66 58.58
C LEU FA 131 17.11 32.82 57.88
N ILE FA 132 16.96 32.76 56.55
CA ILE FA 132 16.38 33.87 55.82
C ILE FA 132 14.92 34.06 56.21
N SER FA 133 14.14 32.99 56.18
CA SER FA 133 12.71 33.06 56.39
C SER FA 133 12.33 33.28 57.85
N GLY FA 134 13.29 33.34 58.76
CA GLY FA 134 13.00 33.50 60.17
C GLY FA 134 12.49 32.26 60.86
N GLU FA 135 12.22 31.19 60.14
CA GLU FA 135 11.77 29.94 60.77
C GLU FA 135 12.82 29.43 61.76
N ASN FA 136 13.99 29.08 61.25
CA ASN FA 136 15.05 28.54 62.10
C ASN FA 136 15.70 29.58 62.99
N LEU FA 137 15.26 30.83 62.93
CA LEU FA 137 15.91 31.88 63.69
C LEU FA 137 15.68 31.67 65.19
N ASP FA 138 16.74 31.83 65.96
CA ASP FA 138 16.68 31.74 67.41
C ASP FA 138 16.90 33.11 68.01
N GLY FA 139 16.43 33.30 69.23
CA GLY FA 139 16.61 34.58 69.87
C GLY FA 139 17.94 34.63 70.61
N THR FA 140 18.96 35.15 69.93
CA THR FA 140 20.29 35.30 70.48
C THR FA 140 20.91 36.56 69.91
N HIS FA 141 22.11 36.88 70.38
CA HIS FA 141 22.94 37.88 69.75
C HIS FA 141 23.90 37.27 68.75
N ILE FA 142 23.82 35.96 68.52
CA ILE FA 142 24.70 35.31 67.57
C ILE FA 142 23.96 34.81 66.34
N SER FA 143 22.71 34.36 66.48
CA SER FA 143 21.94 33.95 65.31
C SER FA 143 21.64 35.13 64.41
N SER FA 144 21.40 36.32 64.98
CA SER FA 144 21.13 37.48 64.16
C SER FA 144 22.31 37.78 63.25
N ALA FA 145 23.53 37.70 63.77
CA ALA FA 145 24.70 37.99 62.94
C ALA FA 145 24.83 37.00 61.80
N MET FA 146 24.56 35.71 62.07
CA MET FA 146 24.61 34.73 61.00
C MET FA 146 23.52 34.98 59.96
N ARG FA 147 22.36 35.45 60.39
CA ARG FA 147 21.32 35.81 59.43
C ARG FA 147 21.76 36.98 58.56
N LEU FA 148 22.38 37.98 59.17
CA LEU FA 148 22.94 39.08 58.39
C LEU FA 148 23.95 38.56 57.37
N ARG FA 149 24.81 37.64 57.78
CA ARG FA 149 25.78 37.07 56.85
C ARG FA 149 25.10 36.36 55.70
N ALA FA 150 24.07 35.55 55.99
CA ALA FA 150 23.41 34.81 54.93
C ALA FA 150 22.70 35.74 53.96
N ILE FA 151 22.11 36.83 54.47
CA ILE FA 151 21.42 37.72 53.56
C ILE FA 151 22.41 38.54 52.74
N GLN FA 152 23.58 38.85 53.30
CA GLN FA 152 24.61 39.50 52.50
C GLN FA 152 25.10 38.54 51.41
N GLN FA 153 25.20 37.25 51.73
CA GLN FA 153 25.56 36.27 50.72
C GLN FA 153 24.53 36.26 49.60
N LEU FA 154 23.25 36.25 49.95
CA LEU FA 154 22.20 36.21 48.93
C LEU FA 154 22.24 37.44 48.05
N ALA FA 155 22.49 38.61 48.65
CA ALA FA 155 22.57 39.83 47.84
C ALA FA 155 23.80 39.81 46.93
N ARG FA 156 24.96 39.43 47.46
CA ARG FA 156 26.17 39.34 46.66
C ARG FA 156 26.06 38.27 45.60
N ASN FA 157 25.11 37.36 45.74
CA ASN FA 157 24.90 36.33 44.74
C ASN FA 157 23.99 36.83 43.62
N VAL FA 158 22.85 37.43 43.99
CA VAL FA 158 21.94 37.94 42.97
C VAL FA 158 22.59 39.07 42.20
N GLN FA 159 23.54 39.78 42.82
CA GLN FA 159 24.28 40.81 42.09
C GLN FA 159 25.00 40.22 40.89
N ALA FA 160 25.72 39.12 41.11
CA ALA FA 160 26.45 38.50 40.01
C ALA FA 160 25.51 37.84 39.02
N VAL FA 161 24.42 37.25 39.50
CA VAL FA 161 23.51 36.57 38.58
C VAL FA 161 22.85 37.55 37.64
N LEU FA 162 22.35 38.68 38.17
CA LEU FA 162 21.67 39.65 37.33
C LEU FA 162 22.62 40.31 36.34
N ASP FA 163 23.88 40.51 36.73
CA ASP FA 163 24.84 41.11 35.81
C ASP FA 163 25.05 40.23 34.60
N SER FA 164 25.01 38.91 34.79
CA SER FA 164 25.36 37.99 33.71
C SER FA 164 24.50 38.18 32.46
N PHE FA 165 23.33 38.80 32.58
CA PHE FA 165 22.49 38.96 31.41
C PHE FA 165 22.93 40.10 30.52
N GLU FA 166 24.02 40.77 30.83
CA GLU FA 166 24.65 41.72 29.92
C GLU FA 166 25.75 41.07 29.10
N ARG FA 167 26.71 40.46 29.78
CA ARG FA 167 27.70 39.65 29.09
C ARG FA 167 27.05 38.56 28.26
N GLY FA 168 25.88 38.09 28.68
CA GLY FA 168 25.17 37.12 27.88
C GLY FA 168 24.88 37.63 26.48
N THR FA 169 24.30 38.84 26.39
CA THR FA 169 24.02 39.40 25.08
C THR FA 169 25.30 39.79 24.36
N ALA FA 170 26.28 40.28 25.10
CA ALA FA 170 27.56 40.62 24.49
C ALA FA 170 28.18 39.41 23.80
N ASP FA 171 27.98 38.22 24.36
CA ASP FA 171 28.47 37.00 23.74
C ASP FA 171 27.54 36.54 22.62
N GLN FA 172 26.23 36.65 22.85
CA GLN FA 172 25.26 36.17 21.88
C GLN FA 172 25.38 36.92 20.57
N MET FA 173 25.65 38.21 20.62
CA MET FA 173 25.80 39.00 19.40
C MET FA 173 26.97 38.50 18.58
N LEU FA 174 28.08 38.19 19.22
CA LEU FA 174 29.22 37.66 18.48
C LEU FA 174 28.91 36.28 17.93
N ARG FA 175 28.23 35.44 18.71
CA ARG FA 175 27.89 34.11 18.22
C ARG FA 175 26.98 34.20 16.99
N VAL FA 176 26.10 35.18 16.96
CA VAL FA 176 25.19 35.32 15.82
C VAL FA 176 25.93 35.89 14.61
N LEU FA 177 26.62 37.02 14.79
CA LEU FA 177 27.31 37.64 13.67
C LEU FA 177 28.35 36.71 13.06
N MET FA 178 29.02 35.91 13.90
CA MET FA 178 30.13 35.10 13.40
C MET FA 178 29.64 33.99 12.48
N GLU FA 179 28.41 33.54 12.62
CA GLU FA 179 27.93 32.39 11.86
C GLU FA 179 27.30 32.78 10.53
N LYS FA 180 26.98 34.05 10.34
CA LYS FA 180 26.33 34.50 9.11
C LYS FA 180 27.29 35.23 8.18
N ALA FA 181 28.56 35.36 8.55
CA ALA FA 181 29.51 36.15 7.77
C ALA FA 181 30.39 35.22 6.96
N PRO FA 182 30.40 35.34 5.64
CA PRO FA 182 31.28 34.52 4.84
C PRO FA 182 32.70 35.04 4.93
N PRO FA 183 33.70 34.20 4.66
CA PRO FA 183 35.07 34.69 4.70
C PRO FA 183 35.31 35.77 3.65
N LEU FA 184 36.30 36.60 3.90
CA LEU FA 184 36.59 37.67 2.94
C LEU FA 184 37.12 37.09 1.64
N SER FA 185 38.02 36.11 1.73
CA SER FA 185 38.62 35.53 0.54
C SER FA 185 37.56 35.04 -0.43
N LEU FA 186 36.67 34.17 0.04
CA LEU FA 186 35.62 33.66 -0.82
C LEU FA 186 34.60 34.72 -1.20
N LEU FA 187 34.76 35.96 -0.76
CA LEU FA 187 33.74 36.98 -0.98
C LEU FA 187 34.18 38.09 -1.91
N ALA FA 188 35.46 38.44 -1.94
CA ALA FA 188 35.89 39.54 -2.79
C ALA FA 188 35.67 39.26 -4.26
N PRO FA 189 36.11 38.13 -4.83
CA PRO FA 189 35.87 37.93 -6.26
C PRO FA 189 34.43 37.66 -6.59
N PHE FA 190 33.64 37.13 -5.66
CA PHE FA 190 32.23 36.87 -5.96
C PHE FA 190 31.50 38.17 -6.27
N THR FA 191 31.81 39.23 -5.55
CA THR FA 191 31.23 40.53 -5.87
C THR FA 191 31.91 41.20 -7.06
N LEU FA 192 32.79 40.47 -7.75
CA LEU FA 192 33.44 40.96 -8.94
C LEU FA 192 32.86 40.35 -10.22
N TYR FA 193 32.15 39.23 -10.10
CA TYR FA 193 31.52 38.56 -11.24
C TYR FA 193 30.01 38.66 -11.19
N GLU FA 194 29.46 39.62 -10.44
CA GLU FA 194 28.02 39.74 -10.30
C GLU FA 194 27.36 40.00 -11.64
N GLY FA 195 26.11 39.56 -11.77
CA GLY FA 195 25.38 39.67 -13.01
C GLY FA 195 25.86 38.77 -14.13
N ARG FA 196 27.03 38.15 -13.98
CA ARG FA 196 27.62 37.36 -15.04
C ARG FA 196 27.47 35.85 -14.83
N LEU FA 197 27.02 35.40 -13.66
CA LEU FA 197 27.03 33.99 -13.37
C LEU FA 197 25.85 33.26 -14.00
N ALA FA 198 25.67 33.46 -15.31
CA ALA FA 198 24.59 32.80 -16.05
C ALA FA 198 25.13 31.63 -16.87
N ASP FA 199 26.09 31.88 -17.75
CA ASP FA 199 26.67 30.82 -18.53
C ASP FA 199 27.70 30.05 -17.70
N ARG FA 200 28.06 28.86 -18.18
CA ARG FA 200 28.96 28.02 -17.40
C ARG FA 200 30.37 28.57 -17.37
N VAL FA 201 30.81 29.26 -18.43
CA VAL FA 201 32.21 29.66 -18.52
C VAL FA 201 32.55 30.70 -17.45
N ALA FA 202 31.62 31.62 -17.17
CA ALA FA 202 31.88 32.60 -16.13
C ALA FA 202 31.97 31.95 -14.77
N CYS FA 203 31.06 31.02 -14.48
CA CYS FA 203 31.14 30.29 -13.22
C CYS FA 203 32.45 29.51 -13.12
N ALA FA 204 32.92 28.97 -14.24
CA ALA FA 204 34.18 28.24 -14.23
C ALA FA 204 35.34 29.15 -13.87
N ALA FA 205 35.43 30.31 -14.52
CA ALA FA 205 36.47 31.25 -14.18
C ALA FA 205 36.36 31.69 -12.73
N LEU FA 206 35.13 31.85 -12.22
CA LEU FA 206 34.94 32.26 -10.85
C LEU FA 206 35.50 31.22 -9.89
N VAL FA 207 35.22 29.96 -10.12
CA VAL FA 207 35.74 28.96 -9.19
C VAL FA 207 37.25 28.81 -9.34
N SER FA 208 37.78 29.01 -10.55
CA SER FA 208 39.22 28.94 -10.71
C SER FA 208 39.93 30.10 -10.03
N GLU FA 209 39.24 31.21 -9.81
CA GLU FA 209 39.84 32.29 -9.02
C GLU FA 209 39.63 32.13 -7.53
N LEU FA 210 38.50 31.55 -7.13
CA LEU FA 210 38.31 31.21 -5.71
C LEU FA 210 39.39 30.26 -5.24
N LYS FA 211 39.67 29.21 -6.04
CA LYS FA 211 40.68 28.23 -5.67
C LYS FA 211 42.04 28.86 -5.43
N ARG FA 212 42.31 30.03 -5.99
CA ARG FA 212 43.57 30.69 -5.72
C ARG FA 212 43.46 31.64 -4.55
N ARG FA 213 42.39 32.45 -4.51
CA ARG FA 213 42.24 33.40 -3.40
C ARG FA 213 42.29 32.68 -2.06
N VAL FA 214 41.63 31.52 -1.97
CA VAL FA 214 41.55 30.85 -0.69
C VAL FA 214 42.92 30.40 -0.20
N ARG FA 215 43.87 30.20 -1.13
CA ARG FA 215 45.18 29.67 -0.76
C ARG FA 215 46.29 30.68 -0.97
N ASP FA 216 45.95 31.96 -1.07
CA ASP FA 216 46.99 32.98 -1.26
C ASP FA 216 46.81 34.16 -0.31
N ASP FA 217 45.59 34.41 0.12
CA ASP FA 217 45.26 35.59 0.91
C ASP FA 217 44.48 35.21 2.16
N THR FA 218 44.77 34.04 2.71
CA THR FA 218 44.05 33.58 3.90
C THR FA 218 44.81 33.87 5.18
N PHE FA 219 45.91 34.60 5.11
CA PHE FA 219 46.63 35.03 6.30
C PHE FA 219 47.41 36.28 5.94
N PHE FA 220 47.00 37.43 6.44
CA PHE FA 220 47.81 38.63 6.35
C PHE FA 220 48.28 39.03 7.73
N LEU FA 221 49.21 39.98 7.75
CA LEU FA 221 49.91 40.45 8.96
C LEU FA 221 50.52 39.31 9.78
N THR FA 222 50.74 38.15 9.17
CA THR FA 222 51.65 37.18 9.78
C THR FA 222 52.65 36.73 8.74
N LYS FA 223 52.21 36.60 7.49
CA LYS FA 223 53.12 36.37 6.38
C LYS FA 223 53.54 37.65 5.70
N HIS FA 224 52.98 38.79 6.12
CA HIS FA 224 53.40 40.10 5.63
C HIS FA 224 53.54 41.03 6.83
N GLU FA 225 54.71 41.00 7.44
CA GLU FA 225 55.05 41.91 8.53
C GLU FA 225 56.06 42.96 8.11
N ARG FA 226 56.45 42.96 6.84
CA ARG FA 226 57.35 43.96 6.27
C ARG FA 226 56.60 45.08 5.56
N ASN FA 227 55.51 44.74 4.88
CA ASN FA 227 54.71 45.76 4.22
C ASN FA 227 53.73 46.38 5.20
N LYS FA 228 53.34 47.61 4.91
CA LYS FA 228 52.33 48.32 5.68
C LYS FA 228 51.08 48.62 4.87
N ASP FA 229 51.23 48.93 3.57
CA ASP FA 229 50.07 49.30 2.77
C ASP FA 229 49.24 48.11 2.32
N ALA FA 230 49.84 46.92 2.21
CA ALA FA 230 49.04 45.74 1.90
C ALA FA 230 48.01 45.48 2.97
N VAL FA 231 48.41 45.62 4.24
CA VAL FA 231 47.47 45.50 5.34
C VAL FA 231 46.33 46.49 5.20
N LEU FA 232 46.66 47.75 4.96
CA LEU FA 232 45.64 48.78 4.86
C LEU FA 232 44.70 48.52 3.69
N ASP FA 233 45.24 48.03 2.58
CA ASP FA 233 44.41 47.73 1.43
C ASP FA 233 43.46 46.58 1.72
N ARG FA 234 43.96 45.55 2.41
CA ARG FA 234 43.08 44.44 2.79
C ARG FA 234 41.97 44.90 3.72
N LEU FA 235 42.30 45.77 4.69
CA LEU FA 235 41.27 46.25 5.60
C LEU FA 235 40.25 47.12 4.88
N SER FA 236 40.70 47.96 3.95
CA SER FA 236 39.75 48.75 3.18
C SER FA 236 38.85 47.86 2.35
N ASP FA 237 39.41 46.82 1.74
CA ASP FA 237 38.60 45.86 1.00
C ASP FA 237 37.56 45.23 1.91
N LEU FA 238 37.96 44.84 3.12
CA LEU FA 238 37.03 44.19 4.04
C LEU FA 238 35.91 45.14 4.43
N VAL FA 239 36.24 46.41 4.68
CA VAL FA 239 35.22 47.35 5.13
C VAL FA 239 34.33 47.81 3.98
N ASN FA 240 34.75 47.64 2.73
CA ASN FA 240 33.92 48.10 1.62
C ASN FA 240 33.20 46.99 0.87
N CYS FA 241 33.56 45.71 1.08
CA CYS FA 241 32.88 44.64 0.37
C CYS FA 241 31.42 44.49 0.79
N THR FA 242 31.03 45.05 1.92
CA THR FA 242 29.71 44.90 2.47
C THR FA 242 28.81 46.07 2.07
N ALA FA 243 27.50 45.82 2.04
CA ALA FA 243 26.53 46.80 1.60
C ALA FA 243 25.69 47.31 2.76
N PRO FA 244 25.39 48.61 2.79
CA PRO FA 244 24.63 49.17 3.91
C PRO FA 244 23.24 48.56 4.01
N SER FA 245 22.73 48.50 5.24
CA SER FA 245 21.42 47.96 5.50
C SER FA 245 20.42 49.08 5.71
N VAL FA 246 19.21 48.72 6.15
CA VAL FA 246 18.12 49.67 6.21
C VAL FA 246 18.43 50.80 7.21
N ALA FA 247 17.69 51.90 7.05
CA ALA FA 247 17.95 53.12 7.80
C ALA FA 247 16.94 53.25 8.94
N VAL FA 248 17.45 53.49 10.13
CA VAL FA 248 16.61 53.70 11.31
C VAL FA 248 17.19 54.87 12.10
N ALA FA 249 16.31 55.75 12.59
CA ALA FA 249 16.72 56.97 13.25
C ALA FA 249 16.92 56.80 14.75
N ARG FA 250 16.73 55.61 15.29
CA ARG FA 250 16.90 55.38 16.71
C ARG FA 250 18.35 55.07 17.07
N MET FA 251 19.25 55.00 16.10
CA MET FA 251 20.64 54.69 16.40
C MET FA 251 21.41 55.93 16.83
N THR FA 252 21.57 56.90 15.92
CA THR FA 252 22.24 58.17 16.19
C THR FA 252 23.64 57.98 16.75
N HIS FA 253 24.26 56.82 16.54
CA HIS FA 253 25.62 56.60 17.04
C HIS FA 253 26.56 57.59 16.37
N ALA FA 254 27.07 58.56 17.12
CA ALA FA 254 27.82 59.66 16.55
C ALA FA 254 29.13 59.86 17.27
N ASP FA 255 30.11 60.39 16.54
CA ASP FA 255 31.34 60.86 17.11
C ASP FA 255 31.08 62.12 17.94
N THR FA 256 32.08 62.52 18.73
CA THR FA 256 31.94 63.72 19.56
C THR FA 256 31.72 64.96 18.72
N GLN FA 257 32.15 64.96 17.46
CA GLN FA 257 32.03 66.14 16.62
C GLN FA 257 30.97 66.00 15.53
N GLY FA 258 31.11 65.01 14.66
CA GLY FA 258 30.37 65.06 13.41
C GLY FA 258 29.68 63.79 12.95
N ARG FA 259 30.03 63.36 11.74
CA ARG FA 259 29.28 62.34 11.03
C ARG FA 259 29.17 61.06 11.85
N PRO FA 260 28.13 60.27 11.64
CA PRO FA 260 27.92 59.08 12.46
C PRO FA 260 28.87 57.97 12.09
N VAL FA 261 28.94 56.97 12.98
CA VAL FA 261 29.81 55.82 12.80
C VAL FA 261 29.14 54.87 11.81
N ASP FA 262 29.88 53.86 11.37
CA ASP FA 262 29.34 52.95 10.36
C ASP FA 262 29.37 51.49 10.77
N GLY FA 263 30.38 51.04 11.49
CA GLY FA 263 30.44 49.63 11.84
C GLY FA 263 31.39 49.37 12.98
N VAL FA 264 31.56 48.09 13.29
CA VAL FA 264 32.46 47.67 14.34
C VAL FA 264 33.64 46.95 13.73
N LEU FA 265 34.67 46.74 14.55
CA LEU FA 265 35.82 45.90 14.18
C LEU FA 265 36.22 45.18 15.46
N VAL FA 266 35.68 43.99 15.66
CA VAL FA 266 36.02 43.21 16.84
C VAL FA 266 37.16 42.28 16.49
N THR FA 267 38.11 42.15 17.39
CA THR FA 267 39.33 41.39 17.14
C THR FA 267 39.78 40.75 18.44
N THR FA 268 40.97 40.18 18.42
CA THR FA 268 41.63 39.79 19.66
C THR FA 268 42.57 40.90 20.10
N ALA FA 269 43.00 40.81 21.36
CA ALA FA 269 43.89 41.85 21.87
C ALA FA 269 45.20 41.88 21.10
N GLY FA 270 45.69 40.73 20.66
CA GLY FA 270 46.96 40.69 19.95
C GLY FA 270 46.88 41.40 18.61
N VAL FA 271 45.85 41.12 17.83
CA VAL FA 271 45.70 41.77 16.54
C VAL FA 271 45.46 43.26 16.72
N ARG FA 272 44.66 43.64 17.71
CA ARG FA 272 44.43 45.05 17.94
C ARG FA 272 45.72 45.77 18.31
N GLN FA 273 46.58 45.12 19.10
CA GLN FA 273 47.84 45.74 19.47
C GLN FA 273 48.76 45.86 18.27
N ARG FA 274 48.85 44.80 17.46
CA ARG FA 274 49.70 44.89 16.27
C ARG FA 274 49.15 45.88 15.26
N LEU FA 275 47.86 46.21 15.32
CA LEU FA 275 47.28 47.18 14.40
C LEU FA 275 47.45 48.61 14.87
N LEU FA 276 47.25 48.86 16.17
CA LEU FA 276 47.22 50.21 16.70
C LEU FA 276 48.59 50.79 16.96
N HIS FA 277 49.64 50.25 16.36
CA HIS FA 277 50.96 50.80 16.55
C HIS FA 277 51.76 50.94 15.27
N HIS FA 278 51.33 50.34 14.17
CA HIS FA 278 52.13 50.39 12.96
C HIS FA 278 51.34 50.92 11.77
N VAL FA 279 50.04 50.62 11.71
CA VAL FA 279 49.28 50.85 10.50
C VAL FA 279 48.06 51.75 10.71
N LEU FA 280 47.47 51.79 11.91
CA LEU FA 280 46.24 52.54 12.13
C LEU FA 280 46.45 53.62 13.17
N THR FA 281 45.81 54.76 12.96
CA THR FA 281 45.88 55.90 13.86
C THR FA 281 44.52 56.16 14.47
N LEU FA 282 44.51 56.40 15.78
CA LEU FA 282 43.26 56.65 16.48
C LEU FA 282 42.63 57.95 15.99
N ALA FA 283 41.30 57.97 15.94
CA ALA FA 283 40.57 59.16 15.52
C ALA FA 283 40.13 59.99 16.72
N ASP FA 284 39.52 59.36 17.72
CA ASP FA 284 39.14 60.04 18.94
C ASP FA 284 39.07 59.01 20.07
N THR FA 285 38.51 59.41 21.20
CA THR FA 285 38.42 58.53 22.36
C THR FA 285 37.09 58.62 23.07
N HIS FA 286 36.08 59.25 22.48
CA HIS FA 286 34.76 59.32 23.09
C HIS FA 286 33.73 59.30 21.96
N ALA FA 287 32.49 58.98 22.31
CA ALA FA 287 31.45 58.92 21.30
C ALA FA 287 30.09 59.04 21.98
N ASP FA 288 29.16 59.68 21.30
CA ASP FA 288 27.79 59.81 21.79
C ASP FA 288 26.98 58.63 21.29
N VAL FA 289 26.37 57.90 22.22
CA VAL FA 289 25.58 56.72 21.89
C VAL FA 289 24.21 56.88 22.53
N PRO FA 290 23.20 56.18 22.02
CA PRO FA 290 21.90 56.17 22.69
C PRO FA 290 22.00 55.45 24.03
N VAL FA 291 21.07 55.79 24.91
CA VAL FA 291 21.02 55.21 26.25
C VAL FA 291 19.69 54.52 26.54
N THR FA 292 18.73 54.60 25.63
CA THR FA 292 17.42 54.00 25.84
C THR FA 292 17.17 52.91 24.79
N TYR FA 293 16.48 51.86 25.21
CA TYR FA 293 16.13 50.78 24.32
C TYR FA 293 14.99 51.20 23.38
N GLY FA 294 14.60 50.28 22.51
CA GLY FA 294 13.37 50.42 21.77
C GLY FA 294 12.22 49.77 22.49
N GLU FA 295 11.02 49.94 21.93
CA GLU FA 295 9.83 49.38 22.54
C GLU FA 295 8.87 48.92 21.45
N MET FA 296 8.14 47.85 21.74
CA MET FA 296 7.11 47.36 20.83
C MET FA 296 6.06 46.67 21.68
N VAL FA 297 4.88 47.26 21.77
CA VAL FA 297 3.80 46.73 22.59
C VAL FA 297 2.54 46.66 21.72
N ILE FA 298 1.65 45.75 22.08
CA ILE FA 298 0.36 45.59 21.42
C ILE FA 298 -0.70 46.23 22.28
N ALA FA 299 -1.49 47.13 21.70
CA ALA FA 299 -2.49 47.85 22.49
C ALA FA 299 -3.48 48.51 21.55
N ASN FA 300 -4.76 48.25 21.79
CA ASN FA 300 -5.89 49.07 21.37
C ASN FA 300 -6.17 49.04 19.88
N THR FA 301 -5.26 48.53 19.09
CA THR FA 301 -5.67 48.09 17.75
C THR FA 301 -5.12 46.73 17.39
N ASN FA 302 -3.85 46.47 17.72
CA ASN FA 302 -3.29 45.15 17.55
C ASN FA 302 -3.95 44.15 18.48
N LEU FA 303 -4.49 44.62 19.60
CA LEU FA 303 -5.07 43.72 20.59
C LEU FA 303 -6.26 42.98 20.01
N VAL FA 304 -7.24 43.72 19.48
CA VAL FA 304 -8.43 43.08 18.96
C VAL FA 304 -8.06 42.12 17.85
N THR FA 305 -7.11 42.51 17.00
CA THR FA 305 -6.76 41.68 15.86
C THR FA 305 -6.06 40.41 16.29
N ALA FA 306 -5.10 40.52 17.21
CA ALA FA 306 -4.41 39.35 17.72
C ALA FA 306 -5.33 38.47 18.55
N LEU FA 307 -6.43 38.99 19.07
CA LEU FA 307 -7.30 38.17 19.88
C LEU FA 307 -8.41 37.50 19.10
N VAL FA 308 -8.88 38.09 17.99
CA VAL FA 308 -9.96 37.50 17.21
C VAL FA 308 -9.48 36.91 15.90
N MET FA 309 -8.61 37.59 15.17
CA MET FA 309 -8.11 37.03 13.92
C MET FA 309 -6.97 36.07 14.17
N GLY FA 310 -5.86 36.58 14.70
CA GLY FA 310 -4.70 35.76 14.96
C GLY FA 310 -3.40 36.36 14.47
N LYS FA 311 -3.42 37.63 14.07
CA LYS FA 311 -2.22 38.32 13.62
C LYS FA 311 -2.25 39.75 14.14
N ALA FA 312 -1.07 40.39 14.16
CA ALA FA 312 -1.00 41.77 14.65
C ALA FA 312 0.24 42.46 14.08
N VAL FA 313 0.05 43.26 13.02
CA VAL FA 313 1.17 44.00 12.47
C VAL FA 313 1.73 44.95 13.52
N SER FA 314 2.97 45.38 13.31
CA SER FA 314 3.63 46.25 14.29
C SER FA 314 3.21 47.71 14.12
N ASN FA 315 3.41 48.26 12.93
CA ASN FA 315 2.98 49.63 12.68
C ASN FA 315 1.49 49.67 12.38
N MET FA 316 0.68 49.06 13.24
CA MET FA 316 -0.75 48.98 12.97
C MET FA 316 -1.41 50.34 13.09
N ASP FA 317 -1.02 51.13 14.09
CA ASP FA 317 -1.67 52.42 14.30
C ASP FA 317 -1.43 53.35 13.13
N ASP FA 318 -0.24 53.30 12.53
CA ASP FA 318 0.04 54.15 11.39
C ASP FA 318 -0.77 53.73 10.18
N VAL FA 319 -0.86 52.43 9.92
CA VAL FA 319 -1.72 51.94 8.84
C VAL FA 319 -3.16 52.37 9.07
N ALA FA 320 -3.61 52.33 10.32
CA ALA FA 320 -4.96 52.76 10.64
C ALA FA 320 -5.14 54.24 10.30
N ARG FA 321 -4.41 55.11 10.99
CA ARG FA 321 -4.60 56.55 10.81
C ARG FA 321 -4.25 57.00 9.41
N TYR FA 322 -3.63 56.17 8.59
CA TYR FA 322 -3.46 56.50 7.19
C TYR FA 322 -4.62 56.04 6.35
N LEU FA 323 -5.20 54.89 6.70
CA LEU FA 323 -6.25 54.30 5.88
C LEU FA 323 -7.56 55.07 6.04
N LEU FA 324 -8.00 55.25 7.29
CA LEU FA 324 -9.02 56.25 7.59
C LEU FA 324 -8.33 57.58 7.84
N GLY FA 325 -9.09 58.67 7.66
CA GLY FA 325 -8.50 59.99 7.66
C GLY FA 325 -7.69 60.31 8.89
N GLY FA 326 -8.10 59.82 10.05
CA GLY FA 326 -7.36 60.04 11.28
C GLY FA 326 -7.46 61.48 11.77
N GLY FA 337 18.12 61.45 24.60
CA GLY FA 337 19.13 61.18 25.61
C GLY FA 337 20.35 60.46 25.06
N SER FA 338 21.40 61.23 24.78
CA SER FA 338 22.63 60.71 24.22
C SER FA 338 23.72 60.77 25.27
N ALA FA 339 24.24 59.62 25.67
CA ALA FA 339 25.26 59.56 26.69
C ALA FA 339 26.62 59.90 26.10
N ARG FA 340 27.66 59.78 26.93
CA ARG FA 340 29.03 60.08 26.52
C ARG FA 340 29.92 58.98 27.09
N VAL FA 341 30.36 58.06 26.21
CA VAL FA 341 31.06 56.87 26.65
C VAL FA 341 32.44 56.84 26.00
N ARG FA 342 33.39 56.23 26.69
CA ARG FA 342 34.80 56.22 26.28
C ARG FA 342 35.09 54.98 25.47
N ALA FA 343 34.94 55.09 24.15
CA ALA FA 343 35.31 54.04 23.21
C ALA FA 343 36.45 54.53 22.33
N ASP FA 344 36.88 53.67 21.41
CA ASP FA 344 38.04 53.97 20.55
C ASP FA 344 37.61 53.86 19.10
N LEU FA 345 37.56 55.00 18.41
CA LEU FA 345 37.20 55.01 17.00
C LEU FA 345 38.44 54.90 16.13
N VAL FA 346 38.21 54.79 14.82
CA VAL FA 346 39.28 54.77 13.83
C VAL FA 346 38.63 55.01 12.47
N VAL FA 347 39.41 55.52 11.53
CA VAL FA 347 38.93 55.74 10.17
C VAL FA 347 39.72 54.84 9.23
N VAL FA 348 39.00 54.11 8.38
CA VAL FA 348 39.60 53.14 7.47
C VAL FA 348 38.85 53.22 6.16
N GLY FA 349 39.58 53.31 5.05
CA GLY FA 349 38.95 53.62 3.79
C GLY FA 349 38.37 55.01 3.84
N ASP FA 350 37.06 55.11 3.66
CA ASP FA 350 36.36 56.38 3.83
C ASP FA 350 35.22 56.26 4.81
N ARG FA 351 35.33 55.35 5.78
CA ARG FA 351 34.30 55.10 6.77
C ARG FA 351 34.89 55.22 8.17
N LEU FA 352 34.00 55.32 9.14
CA LEU FA 352 34.38 55.48 10.54
C LEU FA 352 33.78 54.32 11.32
N VAL FA 353 34.65 53.52 11.94
CA VAL FA 353 34.21 52.29 12.58
C VAL FA 353 34.72 52.24 14.02
N PHE FA 354 34.00 51.51 14.85
CA PHE FA 354 34.49 51.18 16.18
C PHE FA 354 35.58 50.12 16.07
N LEU FA 355 36.53 50.14 16.99
CA LEU FA 355 37.68 49.24 16.95
C LEU FA 355 37.87 48.62 18.34
N GLU FA 356 37.26 47.46 18.55
CA GLU FA 356 37.13 46.90 19.88
C GLU FA 356 37.88 45.59 20.01
N ALA FA 357 38.23 45.28 21.26
CA ALA FA 357 38.78 43.98 21.64
C ALA FA 357 38.15 43.63 22.98
N LEU FA 358 37.10 42.82 22.94
CA LEU FA 358 36.29 42.53 24.11
C LEU FA 358 36.84 41.39 24.94
N GLU FA 359 38.12 41.05 24.82
CA GLU FA 359 38.61 39.92 25.61
C GLU FA 359 38.79 40.27 27.07
N LYS FA 360 38.99 41.55 27.41
CA LYS FA 360 39.23 41.93 28.79
C LYS FA 360 37.99 42.46 29.48
N ARG FA 361 37.28 43.40 28.84
CA ARG FA 361 36.07 43.95 29.46
C ARG FA 361 35.07 42.86 29.78
N VAL FA 362 34.87 41.93 28.86
CA VAL FA 362 34.04 40.76 29.05
C VAL FA 362 34.90 39.56 28.70
N TYR FA 363 34.39 38.36 28.99
CA TYR FA 363 35.07 37.09 28.76
C TYR FA 363 36.28 36.87 29.64
N GLN FA 364 36.63 37.83 30.49
CA GLN FA 364 37.84 37.72 31.29
C GLN FA 364 37.53 37.05 32.62
N ALA FA 365 38.43 36.17 33.05
CA ALA FA 365 38.30 35.48 34.33
C ALA FA 365 36.98 34.72 34.42
N THR FA 366 36.69 33.96 33.38
CA THR FA 366 35.57 33.04 33.37
C THR FA 366 36.00 31.79 32.62
N GLN FA 367 35.05 30.93 32.28
CA GLN FA 367 35.40 29.63 31.72
C GLN FA 367 34.78 29.40 30.34
N VAL FA 368 34.67 30.46 29.53
CA VAL FA 368 34.19 30.28 28.17
C VAL FA 368 35.30 30.68 27.21
N PRO FA 369 35.39 30.06 26.04
CA PRO FA 369 36.42 30.44 25.08
C PRO FA 369 35.98 31.61 24.21
N TYR FA 370 36.86 32.58 24.08
CA TYR FA 370 36.64 33.73 23.22
C TYR FA 370 36.23 33.28 21.83
N PRO FA 371 35.06 33.67 21.33
CA PRO FA 371 34.54 33.11 20.08
C PRO FA 371 35.19 33.63 18.81
N LEU FA 372 36.28 34.39 18.89
CA LEU FA 372 36.93 34.91 17.70
C LEU FA 372 38.21 34.19 17.34
N VAL FA 373 38.56 33.13 18.05
CA VAL FA 373 39.69 32.29 17.66
C VAL FA 373 39.10 31.14 16.84
N GLY FA 374 39.09 31.32 15.54
CA GLY FA 374 38.42 30.39 14.65
C GLY FA 374 39.11 29.05 14.54
N ASN FA 375 38.79 28.30 13.49
CA ASN FA 375 39.36 26.98 13.30
C ASN FA 375 39.43 26.71 11.81
N LEU FA 376 40.64 26.70 11.27
CA LEU FA 376 40.84 26.37 9.88
C LEU FA 376 41.05 24.87 9.74
N ASP FA 377 40.61 24.32 8.60
CA ASP FA 377 40.62 22.88 8.39
C ASP FA 377 41.18 22.57 7.01
N VAL FA 378 42.33 21.93 6.97
CA VAL FA 378 42.95 21.53 5.72
C VAL FA 378 43.13 20.02 5.73
N THR FA 379 42.98 19.40 4.57
CA THR FA 379 43.17 17.97 4.41
C THR FA 379 44.36 17.74 3.50
N PHE FA 380 45.42 17.17 4.03
CA PHE FA 380 46.64 16.94 3.26
C PHE FA 380 46.56 15.60 2.54
N VAL FA 381 47.37 15.47 1.50
CA VAL FA 381 47.43 14.24 0.70
C VAL FA 381 48.84 14.07 0.18
N MET FA 382 49.36 12.84 0.25
CA MET FA 382 50.69 12.57 -0.24
C MET FA 382 50.77 11.17 -0.81
N PRO FA 383 51.47 10.98 -1.92
CA PRO FA 383 51.54 9.66 -2.54
C PRO FA 383 52.64 8.82 -1.92
N LEU FA 384 52.36 7.53 -1.74
CA LEU FA 384 53.23 6.69 -0.94
C LEU FA 384 54.29 5.96 -1.76
N GLY FA 385 53.86 5.11 -2.70
CA GLY FA 385 54.83 4.25 -3.36
C GLY FA 385 54.85 4.35 -4.87
N VAL FA 386 54.53 5.51 -5.41
CA VAL FA 386 54.46 5.66 -6.86
C VAL FA 386 55.85 5.58 -7.45
N PHE FA 387 55.97 4.94 -8.60
CA PHE FA 387 57.23 4.76 -9.30
C PHE FA 387 57.19 5.55 -10.60
N LYS FA 388 58.04 6.56 -10.70
CA LYS FA 388 58.02 7.44 -11.85
C LYS FA 388 58.29 6.66 -13.14
N PRO FA 389 57.83 7.16 -14.29
CA PRO FA 389 58.10 6.46 -15.56
C PRO FA 389 59.57 6.48 -15.92
N ALA FA 390 59.92 5.89 -17.06
CA ALA FA 390 61.33 5.66 -17.38
C ALA FA 390 62.03 6.95 -17.75
N ALA FA 391 61.43 7.75 -18.63
CA ALA FA 391 62.09 8.93 -19.16
C ALA FA 391 62.15 10.09 -18.18
N ASP FA 392 61.75 9.88 -16.92
CA ASP FA 392 61.72 10.96 -15.94
C ASP FA 392 62.65 10.72 -14.76
N ARG FA 393 63.44 9.66 -14.78
CA ARG FA 393 64.45 9.41 -13.75
C ARG FA 393 65.79 9.87 -14.27
N TYR FA 394 66.38 10.87 -13.61
CA TYR FA 394 67.56 11.52 -14.13
C TYR FA 394 68.15 12.40 -13.04
N ALA FA 395 69.47 12.41 -12.94
CA ALA FA 395 70.16 13.23 -11.96
C ALA FA 395 70.41 14.63 -12.54
N ARG FA 396 70.08 15.65 -11.76
CA ARG FA 396 70.28 17.02 -12.23
C ARG FA 396 71.77 17.35 -12.36
N HIS FA 397 72.62 16.66 -11.61
CA HIS FA 397 74.05 16.86 -11.68
C HIS FA 397 74.75 15.52 -11.54
N ALA FA 398 75.73 15.26 -12.40
CA ALA FA 398 76.39 13.96 -12.39
C ALA FA 398 76.98 13.64 -11.03
N GLY FA 399 77.38 14.66 -10.28
CA GLY FA 399 77.78 14.39 -8.92
C GLY FA 399 76.54 14.37 -8.06
N SER FA 400 76.01 13.19 -7.86
CA SER FA 400 74.75 13.01 -7.17
C SER FA 400 75.03 12.80 -5.69
N PHE FA 401 74.01 12.34 -4.96
CA PHE FA 401 74.22 11.82 -3.62
C PHE FA 401 74.88 10.45 -3.77
N ALA FA 402 76.14 10.48 -4.18
CA ALA FA 402 76.86 9.25 -4.51
C ALA FA 402 76.99 8.38 -3.26
N PRO FA 403 76.60 7.12 -3.33
CA PRO FA 403 76.67 6.27 -2.14
C PRO FA 403 78.08 5.87 -1.81
N THR FA 404 78.25 5.09 -0.75
CA THR FA 404 79.58 4.68 -0.34
C THR FA 404 80.21 3.81 -1.42
N PRO FA 405 81.49 4.02 -1.73
CA PRO FA 405 82.09 3.29 -2.85
C PRO FA 405 82.22 1.81 -2.55
N GLY FA 406 81.75 0.98 -3.48
CA GLY FA 406 81.77 -0.45 -3.32
C GLY FA 406 80.43 -1.08 -2.98
N LEU FA 407 79.45 -0.28 -2.56
CA LEU FA 407 78.13 -0.82 -2.28
C LEU FA 407 77.14 -0.39 -3.36
N PRO FA 408 76.12 -1.19 -3.64
CA PRO FA 408 75.14 -0.81 -4.65
C PRO FA 408 74.38 0.44 -4.23
N ASP FA 409 73.87 1.14 -5.23
CA ASP FA 409 73.26 2.45 -5.02
C ASP FA 409 71.77 2.28 -4.71
N PRO FA 410 71.34 2.49 -3.47
CA PRO FA 410 69.92 2.32 -3.14
C PRO FA 410 69.03 3.48 -3.57
N ARG FA 411 69.51 4.38 -4.42
CA ARG FA 411 68.70 5.48 -4.91
C ARG FA 411 67.96 5.16 -6.20
N THR FA 412 68.22 4.02 -6.82
CA THR FA 412 67.55 3.68 -8.07
C THR FA 412 66.30 2.86 -7.87
N HIS FA 413 66.18 2.17 -6.75
CA HIS FA 413 65.09 1.24 -6.51
C HIS FA 413 63.77 1.96 -6.33
N PRO FA 414 62.65 1.29 -6.57
CA PRO FA 414 61.35 1.88 -6.30
C PRO FA 414 61.21 2.21 -4.82
N PRO FA 415 60.81 3.44 -4.50
CA PRO FA 415 60.70 3.84 -3.10
C PRO FA 415 59.53 3.15 -2.42
N ARG FA 416 59.58 3.13 -1.09
CA ARG FA 416 58.52 2.47 -0.34
C ARG FA 416 58.17 3.22 0.94
N ALA FA 417 58.42 4.53 0.98
CA ALA FA 417 58.10 5.30 2.18
C ALA FA 417 58.20 6.78 1.84
N VAL FA 418 57.50 7.59 2.64
CA VAL FA 418 57.56 9.04 2.51
C VAL FA 418 57.97 9.63 3.84
N HIS FA 419 58.66 10.76 3.78
CA HIS FA 419 59.10 11.48 4.96
C HIS FA 419 58.53 12.88 4.95
N PHE FA 420 58.03 13.34 6.09
CA PHE FA 420 57.48 14.67 6.20
C PHE FA 420 57.69 15.16 7.62
N PHE FA 421 57.36 16.42 7.85
CA PHE FA 421 57.65 17.07 9.12
C PHE FA 421 56.44 17.07 10.03
N ASN FA 422 56.71 16.97 11.33
CA ASN FA 422 55.68 16.96 12.35
C ASN FA 422 55.18 18.38 12.58
N LYS FA 423 54.42 18.58 13.67
CA LYS FA 423 53.95 19.92 13.97
C LYS FA 423 55.11 20.87 14.24
N ASP FA 424 56.11 20.41 14.98
CA ASP FA 424 57.24 21.27 15.30
C ASP FA 424 58.35 21.18 14.26
N GLY FA 425 58.62 19.98 13.75
CA GLY FA 425 59.70 19.83 12.81
C GLY FA 425 60.44 18.52 12.97
N VAL FA 426 60.14 17.79 14.04
CA VAL FA 426 60.75 16.45 14.15
C VAL FA 426 60.26 15.61 12.98
N PRO FA 427 61.10 14.80 12.36
CA PRO FA 427 60.62 14.03 11.22
C PRO FA 427 59.90 12.77 11.65
N CYS FA 428 58.77 12.50 11.00
CA CYS FA 428 57.99 11.29 11.23
C CYS FA 428 57.55 10.77 9.87
N HIS FA 429 57.84 9.51 9.60
CA HIS FA 429 57.62 8.92 8.30
C HIS FA 429 56.48 7.92 8.34
N VAL FA 430 55.99 7.57 7.17
CA VAL FA 430 54.95 6.57 7.00
C VAL FA 430 55.41 5.58 5.94
N THR FA 431 55.32 4.29 6.27
CA THR FA 431 55.73 3.23 5.37
C THR FA 431 54.60 2.23 5.22
N PHE FA 432 54.80 1.28 4.30
CA PHE FA 432 53.74 0.34 3.95
C PHE FA 432 53.19 -0.37 5.19
N GLU FA 433 54.08 -0.88 6.04
CA GLU FA 433 53.64 -1.70 7.15
C GLU FA 433 52.74 -0.95 8.12
N HIS FA 434 52.48 0.33 7.87
CA HIS FA 434 51.41 1.03 8.56
C HIS FA 434 50.06 0.83 7.89
N ALA FA 435 50.04 0.26 6.68
CA ALA FA 435 48.80 0.02 5.98
C ALA FA 435 48.20 -1.35 6.30
N MET FA 436 48.85 -2.13 7.16
CA MET FA 436 48.29 -3.42 7.55
C MET FA 436 46.89 -3.25 8.12
N GLY FA 437 46.64 -2.15 8.81
CA GLY FA 437 45.31 -1.91 9.33
C GLY FA 437 44.24 -1.81 8.27
N THR FA 438 44.64 -1.62 7.02
CA THR FA 438 43.70 -1.49 5.91
C THR FA 438 43.78 -2.64 4.93
N LEU FA 439 44.97 -2.98 4.45
CA LEU FA 439 45.12 -4.04 3.47
C LEU FA 439 45.12 -5.42 4.07
N CYS FA 440 44.87 -5.55 5.37
CA CYS FA 440 44.78 -6.86 6.02
C CYS FA 440 43.45 -6.89 6.75
N HIS FA 441 42.39 -7.21 6.02
CA HIS FA 441 41.06 -7.24 6.59
C HIS FA 441 40.14 -7.98 5.64
N PRO FA 442 39.21 -8.75 6.14
CA PRO FA 442 38.28 -9.45 5.26
C PRO FA 442 37.55 -8.50 4.34
N SER FA 443 37.41 -7.24 4.75
CA SER FA 443 36.79 -6.24 3.90
C SER FA 443 37.49 -6.12 2.56
N PHE FA 444 38.77 -6.49 2.52
CA PHE FA 444 39.53 -6.48 1.28
C PHE FA 444 38.95 -7.44 0.25
N LEU FA 445 38.12 -8.37 0.66
CA LEU FA 445 37.58 -9.42 -0.20
C LEU FA 445 36.06 -9.45 -0.14
N ASP FA 446 35.44 -8.28 -0.28
CA ASP FA 446 33.99 -8.12 -0.24
C ASP FA 446 33.52 -7.72 -1.63
N VAL FA 447 32.93 -8.67 -2.35
CA VAL FA 447 32.60 -8.43 -3.76
C VAL FA 447 31.14 -8.77 -4.06
N ASP FA 448 30.47 -9.46 -3.13
CA ASP FA 448 29.08 -9.85 -3.39
C ASP FA 448 28.23 -8.63 -3.72
N ALA FA 449 28.45 -7.52 -3.02
CA ALA FA 449 27.69 -6.31 -3.30
C ALA FA 449 27.98 -5.80 -4.71
N THR FA 450 29.25 -5.71 -5.06
CA THR FA 450 29.62 -5.23 -6.39
C THR FA 450 29.06 -6.14 -7.47
N LEU FA 451 29.17 -7.45 -7.27
CA LEU FA 451 28.61 -8.38 -8.23
C LEU FA 451 27.12 -8.14 -8.42
N ALA FA 452 26.34 -8.29 -7.34
CA ALA FA 452 24.90 -8.16 -7.44
C ALA FA 452 24.50 -6.79 -8.00
N ALA FA 453 25.34 -5.79 -7.82
CA ALA FA 453 25.02 -4.48 -8.38
C ALA FA 453 25.34 -4.41 -9.87
N LEU FA 454 26.35 -5.15 -10.32
CA LEU FA 454 26.76 -5.09 -11.71
C LEU FA 454 25.84 -5.85 -12.65
N ARG FA 455 25.05 -6.78 -12.12
CA ARG FA 455 24.17 -7.58 -12.94
C ARG FA 455 22.88 -6.86 -13.31
N GLN FA 456 22.80 -5.54 -13.09
CA GLN FA 456 21.58 -4.82 -13.42
C GLN FA 456 21.38 -4.74 -14.93
N GLU FA 457 22.45 -4.50 -15.68
CA GLU FA 457 22.39 -4.69 -17.11
C GLU FA 457 22.01 -6.14 -17.39
N PRO FA 458 21.01 -6.40 -18.25
CA PRO FA 458 20.50 -7.76 -18.39
C PRO FA 458 21.55 -8.79 -18.77
N ALA FA 459 22.17 -8.61 -19.94
CA ALA FA 459 23.23 -9.47 -20.43
C ALA FA 459 23.69 -8.93 -21.78
N GLU FA 460 24.84 -9.43 -22.23
CA GLU FA 460 25.37 -9.16 -23.56
C GLU FA 460 26.58 -10.05 -23.75
N VAL FA 461 26.87 -10.39 -25.01
CA VAL FA 461 27.98 -11.25 -25.34
C VAL FA 461 28.77 -10.60 -26.47
N GLN FA 462 30.10 -10.58 -26.33
CA GLN FA 462 31.00 -10.14 -27.38
C GLN FA 462 31.96 -11.24 -27.80
N CYS FA 463 32.57 -11.91 -26.83
CA CYS FA 463 33.40 -13.08 -27.10
C CYS FA 463 33.35 -13.98 -25.88
N ALA FA 464 33.66 -15.26 -26.09
CA ALA FA 464 33.52 -16.22 -25.01
C ALA FA 464 34.72 -17.17 -24.93
N PHE FA 465 35.87 -16.79 -25.49
CA PHE FA 465 36.97 -17.72 -25.59
C PHE FA 465 37.62 -17.98 -24.24
N GLY FA 466 38.19 -16.94 -23.63
CA GLY FA 466 38.93 -17.14 -22.40
C GLY FA 466 38.05 -17.18 -21.16
N ALA FA 467 36.81 -17.65 -21.31
CA ALA FA 467 35.91 -17.66 -20.16
C ALA FA 467 35.07 -18.92 -20.08
N TYR FA 468 35.48 -20.00 -20.74
CA TYR FA 468 34.67 -21.22 -20.76
C TYR FA 468 35.59 -22.42 -20.85
N VAL FA 469 35.52 -23.29 -19.85
CA VAL FA 469 36.29 -24.53 -19.82
C VAL FA 469 35.31 -25.69 -19.87
N ALA FA 470 35.73 -26.79 -20.48
CA ALA FA 470 34.82 -27.89 -20.75
C ALA FA 470 35.49 -29.22 -20.45
N ASP FA 471 34.68 -30.18 -20.01
CA ASP FA 471 35.12 -31.56 -19.87
C ASP FA 471 35.11 -32.24 -21.24
N ALA FA 472 36.16 -32.98 -21.53
CA ALA FA 472 36.25 -33.72 -22.78
C ALA FA 472 35.98 -35.19 -22.54
N ARG FA 473 35.73 -35.90 -23.63
CA ARG FA 473 35.54 -37.34 -23.59
C ARG FA 473 36.86 -38.05 -23.83
N PRO FA 474 36.89 -39.37 -23.71
CA PRO FA 474 38.11 -40.12 -24.10
C PRO FA 474 38.37 -40.01 -25.60
N ASP FA 475 39.37 -40.74 -26.10
CA ASP FA 475 39.96 -40.48 -27.42
C ASP FA 475 40.57 -39.08 -27.42
N ALA FA 476 41.64 -38.95 -26.63
CA ALA FA 476 42.22 -37.67 -26.32
C ALA FA 476 43.46 -37.39 -27.15
N LEU FA 477 43.78 -36.10 -27.25
CA LEU FA 477 45.07 -35.53 -27.60
C LEU FA 477 45.46 -35.67 -29.06
N VAL FA 478 44.64 -36.29 -29.90
CA VAL FA 478 44.90 -36.22 -31.33
C VAL FA 478 43.66 -35.73 -32.04
N GLY FA 479 42.55 -36.45 -31.85
CA GLY FA 479 41.28 -35.98 -32.36
C GLY FA 479 40.67 -34.86 -31.54
N LEU FA 480 41.09 -34.73 -30.28
CA LEU FA 480 40.64 -33.61 -29.46
C LEU FA 480 41.17 -32.30 -30.01
N MET FA 481 42.46 -32.26 -30.32
CA MET FA 481 43.03 -31.05 -30.91
C MET FA 481 42.36 -30.72 -32.24
N GLN FA 482 42.09 -31.74 -33.05
CA GLN FA 482 41.41 -31.52 -34.32
C GLN FA 482 40.04 -30.91 -34.08
N ARG FA 483 39.22 -31.57 -33.26
CA ARG FA 483 37.86 -31.06 -33.01
C ARG FA 483 37.90 -29.64 -32.46
N PHE FA 484 38.91 -29.33 -31.64
CA PHE FA 484 39.06 -27.96 -31.15
C PHE FA 484 39.32 -27.01 -32.31
N LEU FA 485 40.26 -27.36 -33.18
CA LEU FA 485 40.62 -26.46 -34.27
C LEU FA 485 39.48 -26.28 -35.26
N GLU FA 486 38.60 -27.27 -35.39
CA GLU FA 486 37.49 -27.18 -36.32
C GLU FA 486 36.35 -26.31 -35.82
N GLU FA 487 36.46 -25.78 -34.60
CA GLU FA 487 35.42 -24.94 -34.03
C GLU FA 487 35.97 -23.66 -33.43
N TRP FA 488 37.28 -23.48 -33.42
CA TRP FA 488 37.88 -22.30 -32.78
C TRP FA 488 37.40 -20.99 -33.37
N PRO FA 489 37.37 -20.80 -34.70
CA PRO FA 489 36.79 -19.54 -35.22
C PRO FA 489 35.33 -19.35 -34.87
N GLY FA 490 34.60 -20.43 -34.57
CA GLY FA 490 33.22 -20.30 -34.15
C GLY FA 490 33.08 -19.93 -32.70
N MET FA 491 34.12 -19.30 -32.15
CA MET FA 491 34.15 -18.96 -30.74
C MET FA 491 34.49 -17.49 -30.55
N MET FA 492 35.27 -16.93 -31.47
CA MET FA 492 35.77 -15.55 -31.39
C MET FA 492 35.25 -14.75 -32.57
N PRO FA 493 33.99 -14.30 -32.53
CA PRO FA 493 33.51 -13.41 -33.60
C PRO FA 493 34.31 -12.13 -33.68
N VAL FA 494 34.64 -11.55 -32.53
CA VAL FA 494 35.55 -10.42 -32.44
C VAL FA 494 36.67 -10.80 -31.48
N ARG FA 495 37.81 -10.15 -31.66
CA ARG FA 495 38.99 -10.49 -30.88
C ARG FA 495 38.70 -10.36 -29.39
N PRO FA 496 39.33 -11.18 -28.55
CA PRO FA 496 39.15 -11.04 -27.11
C PRO FA 496 39.98 -9.91 -26.56
N ARG FA 497 39.44 -9.25 -25.54
CA ARG FA 497 40.12 -8.08 -25.01
C ARG FA 497 41.37 -8.46 -24.23
N TRP FA 498 41.29 -9.53 -23.45
CA TRP FA 498 42.43 -9.91 -22.61
C TRP FA 498 43.63 -10.30 -23.46
N ALA FA 499 43.40 -11.01 -24.56
CA ALA FA 499 44.50 -11.54 -25.36
C ALA FA 499 45.32 -10.40 -25.97
N ALA FA 500 44.68 -9.56 -26.76
CA ALA FA 500 45.35 -8.37 -27.24
C ALA FA 500 45.72 -7.49 -26.05
N PRO FA 501 46.75 -6.66 -26.18
CA PRO FA 501 46.99 -5.65 -25.14
C PRO FA 501 45.75 -4.79 -24.98
N ALA FA 502 45.25 -4.73 -23.74
CA ALA FA 502 44.05 -3.95 -23.48
C ALA FA 502 44.21 -2.52 -23.95
N ALA FA 503 45.19 -1.82 -23.39
CA ALA FA 503 45.53 -0.46 -23.78
C ALA FA 503 46.77 -0.04 -23.01
N ALA FA 504 47.22 1.18 -23.26
CA ALA FA 504 48.23 1.83 -22.45
C ALA FA 504 47.71 3.11 -21.81
N ASP FA 505 47.06 3.96 -22.59
CA ASP FA 505 46.43 5.17 -22.10
C ASP FA 505 44.92 5.17 -22.31
N GLN FA 506 44.45 4.73 -23.47
CA GLN FA 506 43.02 4.77 -23.78
C GLN FA 506 42.25 3.81 -22.88
N LEU FA 507 42.95 3.06 -22.04
CA LEU FA 507 42.27 2.41 -20.93
C LEU FA 507 41.69 3.43 -19.97
N LEU FA 508 42.12 4.70 -20.06
CA LEU FA 508 41.56 5.78 -19.27
C LEU FA 508 40.89 6.83 -20.16
N ALA FA 509 40.52 6.46 -21.38
CA ALA FA 509 39.84 7.40 -22.26
C ALA FA 509 38.41 7.62 -21.78
N PRO FA 510 37.81 8.76 -22.14
CA PRO FA 510 36.49 9.10 -21.59
C PRO FA 510 35.34 8.25 -22.10
N GLY FA 511 35.57 7.23 -22.91
CA GLY FA 511 34.44 6.48 -23.44
C GLY FA 511 34.66 5.00 -23.61
N ASN FA 512 35.75 4.48 -23.05
CA ASN FA 512 36.12 3.09 -23.32
C ASN FA 512 35.06 2.13 -22.78
N ALA FA 513 35.12 0.90 -23.29
CA ALA FA 513 34.18 -0.15 -22.93
C ALA FA 513 34.83 -1.24 -22.08
N ASP FA 514 35.95 -0.93 -21.43
CA ASP FA 514 36.59 -1.87 -20.51
C ASP FA 514 36.75 -1.32 -19.10
N LEU FA 515 36.70 0.00 -18.92
CA LEU FA 515 36.70 0.55 -17.59
C LEU FA 515 35.50 0.06 -16.79
N ARG FA 516 34.39 -0.23 -17.47
CA ARG FA 516 33.19 -0.66 -16.77
C ARG FA 516 33.35 -1.98 -16.04
N LEU FA 517 34.48 -2.67 -16.20
CA LEU FA 517 34.70 -3.94 -15.56
C LEU FA 517 35.98 -3.99 -14.72
N GLU FA 518 36.66 -2.86 -14.55
CA GLU FA 518 37.93 -2.83 -13.82
C GLU FA 518 37.74 -1.90 -12.63
N LEU FA 519 37.34 -2.46 -11.50
CA LEU FA 519 37.06 -1.61 -10.34
C LEU FA 519 37.56 -2.24 -9.04
N HIS FA 520 38.57 -3.11 -9.11
CA HIS FA 520 39.12 -3.67 -7.89
C HIS FA 520 40.54 -4.14 -8.18
N PRO FA 521 41.47 -3.97 -7.26
CA PRO FA 521 42.85 -4.34 -7.54
C PRO FA 521 43.10 -5.83 -7.49
N ALA FA 522 42.38 -6.56 -6.64
CA ALA FA 522 42.64 -7.98 -6.43
C ALA FA 522 41.52 -8.85 -6.99
N PHE FA 523 40.92 -8.45 -8.10
CA PHE FA 523 39.86 -9.24 -8.70
C PHE FA 523 39.82 -8.99 -10.20
N ASP FA 524 39.15 -9.89 -10.90
CA ASP FA 524 38.93 -9.77 -12.33
C ASP FA 524 37.45 -9.96 -12.61
N PHE FA 525 36.88 -9.06 -13.39
CA PHE FA 525 35.47 -9.13 -13.74
C PHE FA 525 35.36 -9.32 -15.25
N PHE FA 526 34.84 -10.47 -15.67
CA PHE FA 526 34.64 -10.76 -17.08
C PHE FA 526 33.18 -11.13 -17.31
N VAL FA 527 32.81 -11.18 -18.56
CA VAL FA 527 31.52 -11.74 -18.97
C VAL FA 527 31.73 -13.22 -19.25
N ALA FA 528 30.70 -14.02 -18.98
CA ALA FA 528 30.81 -15.45 -19.14
C ALA FA 528 29.47 -16.02 -19.60
N PRO FA 529 29.48 -16.98 -20.53
CA PRO FA 529 28.25 -17.65 -20.92
C PRO FA 529 27.61 -18.33 -19.71
N GLU FA 530 26.32 -18.09 -19.53
CA GLU FA 530 25.61 -18.53 -18.33
C GLU FA 530 25.39 -20.04 -18.41
N VAL FA 531 26.44 -20.78 -18.07
CA VAL FA 531 26.38 -22.23 -17.93
C VAL FA 531 27.29 -22.64 -16.78
N ASP FA 532 26.98 -23.78 -16.18
CA ASP FA 532 27.84 -24.31 -15.13
C ASP FA 532 29.22 -24.61 -15.69
N VAL FA 533 30.21 -24.59 -14.82
CA VAL FA 533 31.61 -24.75 -15.19
C VAL FA 533 32.15 -25.98 -14.50
N PRO FA 534 32.78 -26.92 -15.21
CA PRO FA 534 32.93 -26.91 -16.68
C PRO FA 534 31.66 -27.37 -17.39
N GLY FA 535 31.72 -27.59 -18.69
CA GLY FA 535 30.54 -27.94 -19.45
C GLY FA 535 30.83 -28.81 -20.66
N PRO FA 536 29.87 -28.88 -21.57
CA PRO FA 536 30.05 -29.70 -22.76
C PRO FA 536 31.09 -29.11 -23.69
N PHE FA 537 31.59 -29.96 -24.60
CA PHE FA 537 32.61 -29.53 -25.54
C PHE FA 537 32.07 -28.50 -26.52
N ALA FA 538 30.80 -28.62 -26.90
CA ALA FA 538 30.19 -27.60 -27.74
C ALA FA 538 29.74 -26.43 -26.88
N VAL FA 539 29.79 -25.24 -27.46
CA VAL FA 539 29.37 -24.03 -26.75
C VAL FA 539 27.93 -23.71 -27.14
N PRO FA 540 27.07 -23.36 -26.18
CA PRO FA 540 25.73 -22.90 -26.53
C PRO FA 540 25.73 -21.40 -26.84
N GLN FA 541 24.56 -20.85 -27.13
CA GLN FA 541 24.42 -19.42 -27.39
C GLN FA 541 23.66 -18.71 -26.29
N VAL FA 542 23.72 -19.26 -25.07
CA VAL FA 542 22.97 -18.68 -23.96
C VAL FA 542 23.51 -17.30 -23.63
N MET FA 543 22.72 -16.54 -22.86
CA MET FA 543 23.11 -15.19 -22.50
C MET FA 543 24.24 -15.22 -21.47
N GLY FA 544 24.77 -14.03 -21.18
CA GLY FA 544 25.96 -13.96 -20.36
C GLY FA 544 25.81 -13.20 -19.06
N GLN FA 545 26.06 -13.89 -17.94
CA GLN FA 545 26.16 -13.25 -16.64
C GLN FA 545 27.59 -12.77 -16.44
N VAL FA 546 27.81 -11.98 -15.39
CA VAL FA 546 29.13 -11.43 -15.10
C VAL FA 546 29.67 -12.16 -13.88
N ARG FA 547 30.84 -12.75 -14.04
CA ARG FA 547 31.48 -13.51 -12.98
C ARG FA 547 32.66 -12.74 -12.42
N ALA FA 548 33.38 -13.38 -11.51
CA ALA FA 548 34.56 -12.78 -10.91
C ALA FA 548 35.48 -13.90 -10.46
N MET FA 549 36.78 -13.72 -10.73
CA MET FA 549 37.79 -14.68 -10.30
C MET FA 549 38.94 -13.90 -9.68
N PRO FA 550 39.46 -14.32 -8.54
CA PRO FA 550 40.47 -13.52 -7.85
C PRO FA 550 41.85 -13.66 -8.48
N ARG FA 551 42.52 -12.53 -8.62
CA ARG FA 551 43.92 -12.51 -9.05
C ARG FA 551 44.75 -13.09 -7.93
N ILE FA 552 45.12 -14.36 -8.05
CA ILE FA 552 45.86 -15.00 -6.96
C ILE FA 552 47.27 -14.44 -6.86
N ILE FA 553 47.83 -13.97 -7.97
CA ILE FA 553 49.22 -13.58 -8.04
C ILE FA 553 49.32 -12.12 -8.44
N ASN FA 554 50.10 -11.35 -7.67
CA ASN FA 554 50.26 -9.93 -7.96
C ASN FA 554 50.87 -9.67 -9.33
N GLY FA 555 51.33 -10.70 -10.03
CA GLY FA 555 51.77 -10.50 -11.39
C GLY FA 555 50.62 -10.30 -12.34
N ASN FA 556 49.47 -10.90 -12.06
CA ASN FA 556 48.34 -10.88 -12.98
C ASN FA 556 47.74 -9.50 -13.17
N ILE FA 557 48.22 -8.47 -12.47
CA ILE FA 557 47.67 -7.13 -12.64
C ILE FA 557 47.83 -6.72 -14.09
N PRO FA 558 46.78 -6.23 -14.76
CA PRO FA 558 46.91 -5.87 -16.17
C PRO FA 558 48.01 -4.84 -16.39
N LEU FA 559 48.77 -5.03 -17.47
CA LEU FA 559 49.98 -4.25 -17.69
C LEU FA 559 49.71 -2.75 -17.71
N ALA FA 560 48.53 -2.35 -18.17
CA ALA FA 560 48.23 -0.93 -18.30
C ALA FA 560 48.20 -0.21 -16.97
N LEU FA 561 48.28 -0.93 -15.86
CA LEU FA 561 48.37 -0.32 -14.53
C LEU FA 561 49.68 -0.56 -13.84
N CYS FA 562 50.33 -1.70 -14.10
CA CYS FA 562 51.63 -2.04 -13.53
C CYS FA 562 52.57 -2.29 -14.70
N PRO FA 563 53.21 -1.26 -15.22
CA PRO FA 563 53.96 -1.39 -16.47
C PRO FA 563 55.18 -2.28 -16.29
N VAL FA 564 55.77 -2.66 -17.42
CA VAL FA 564 56.85 -3.64 -17.40
C VAL FA 564 58.08 -3.08 -16.71
N ASP FA 565 58.33 -1.77 -16.88
CA ASP FA 565 59.53 -1.16 -16.32
C ASP FA 565 59.56 -1.30 -14.81
N PHE FA 566 58.41 -1.15 -14.15
CA PHE FA 566 58.38 -1.33 -12.71
C PHE FA 566 58.75 -2.75 -12.34
N ARG FA 567 58.29 -3.73 -13.12
CA ARG FA 567 58.63 -5.12 -12.85
C ARG FA 567 60.13 -5.34 -12.97
N ASP FA 568 60.73 -4.82 -14.04
CA ASP FA 568 62.18 -4.98 -14.21
C ASP FA 568 62.94 -4.29 -13.08
N ALA FA 569 62.46 -3.12 -12.65
CA ALA FA 569 63.11 -2.43 -11.55
C ALA FA 569 63.06 -3.26 -10.27
N ARG FA 570 61.88 -3.83 -9.98
CA ARG FA 570 61.77 -4.67 -8.79
C ARG FA 570 62.70 -5.87 -8.88
N GLY FA 571 62.78 -6.48 -10.06
CA GLY FA 571 63.67 -7.61 -10.24
C GLY FA 571 65.11 -7.24 -9.99
N PHE FA 572 65.58 -6.17 -10.65
CA PHE FA 572 66.94 -5.70 -10.42
C PHE FA 572 67.16 -5.38 -8.95
N GLU FA 573 66.12 -4.92 -8.26
CA GLU FA 573 66.25 -4.64 -6.84
C GLU FA 573 66.53 -5.91 -6.06
N LEU FA 574 65.77 -6.97 -6.31
CA LEU FA 574 66.05 -8.24 -5.65
C LEU FA 574 67.35 -8.86 -6.12
N SER FA 575 67.90 -8.41 -7.24
CA SER FA 575 68.99 -9.12 -7.91
C SER FA 575 70.36 -8.78 -7.37
N VAL FA 576 70.52 -7.71 -6.60
CA VAL FA 576 71.84 -7.35 -6.10
C VAL FA 576 72.33 -8.46 -5.18
N ASP FA 577 73.61 -8.79 -5.31
CA ASP FA 577 74.38 -9.69 -4.44
C ASP FA 577 73.57 -10.86 -3.89
N ARG FA 578 72.71 -11.45 -4.73
CA ARG FA 578 72.03 -12.70 -4.38
C ARG FA 578 72.70 -13.89 -5.06
N HIS FA 579 72.72 -13.89 -6.39
CA HIS FA 579 73.35 -14.94 -7.17
C HIS FA 579 73.32 -14.53 -8.63
N ARG FA 580 74.33 -14.93 -9.37
CA ARG FA 580 74.45 -14.54 -10.76
C ARG FA 580 74.79 -15.74 -11.62
N LEU FA 581 74.49 -15.62 -12.91
CA LEU FA 581 74.86 -16.62 -13.90
C LEU FA 581 75.97 -16.04 -14.74
N ALA FA 582 77.16 -16.62 -14.64
CA ALA FA 582 78.29 -16.12 -15.41
C ALA FA 582 77.95 -16.09 -16.90
N PRO FA 583 78.48 -15.12 -17.64
CA PRO FA 583 78.08 -14.98 -19.06
C PRO FA 583 78.28 -16.23 -19.89
N ALA FA 584 79.13 -17.15 -19.49
CA ALA FA 584 79.25 -18.41 -20.22
C ALA FA 584 77.96 -19.21 -20.12
N THR FA 585 77.39 -19.29 -18.92
CA THR FA 585 76.16 -20.04 -18.72
C THR FA 585 75.04 -19.49 -19.60
N VAL FA 586 74.87 -18.17 -19.60
CA VAL FA 586 73.78 -17.59 -20.37
C VAL FA 586 74.07 -17.68 -21.87
N ALA FA 587 75.34 -17.52 -22.26
CA ALA FA 587 75.68 -17.60 -23.68
C ALA FA 587 75.54 -19.00 -24.22
N ALA FA 588 75.56 -20.01 -23.34
CA ALA FA 588 75.28 -21.37 -23.77
C ALA FA 588 73.79 -21.67 -23.79
N VAL FA 589 73.09 -21.36 -22.69
CA VAL FA 589 71.68 -21.74 -22.60
C VAL FA 589 70.85 -20.96 -23.61
N ARG FA 590 71.09 -19.67 -23.76
CA ARG FA 590 70.33 -18.89 -24.73
C ARG FA 590 70.60 -19.37 -26.14
N GLY FA 591 71.87 -19.70 -26.43
CA GLY FA 591 72.17 -20.25 -27.73
C GLY FA 591 71.44 -21.55 -28.00
N ALA FA 592 71.28 -22.36 -26.96
CA ALA FA 592 70.50 -23.59 -27.12
C ALA FA 592 69.04 -23.28 -27.41
N PHE FA 593 68.41 -22.46 -26.58
CA PHE FA 593 66.99 -22.20 -26.73
C PHE FA 593 66.69 -21.48 -28.04
N ARG FA 594 67.62 -20.68 -28.53
CA ARG FA 594 67.45 -19.99 -29.80
C ARG FA 594 67.95 -20.78 -30.98
N ASP FA 595 68.41 -22.01 -30.76
CA ASP FA 595 68.93 -22.82 -31.84
C ASP FA 595 67.81 -23.22 -32.79
N ALA FA 596 68.08 -23.15 -34.08
CA ALA FA 596 67.06 -23.42 -35.09
C ALA FA 596 66.98 -24.89 -35.46
N ASN FA 597 68.03 -25.68 -35.21
CA ASN FA 597 68.08 -27.06 -35.64
C ASN FA 597 68.58 -27.96 -34.51
N TYR FA 598 68.00 -27.79 -33.32
CA TYR FA 598 68.23 -28.72 -32.23
C TYR FA 598 68.05 -30.14 -32.76
N PRO FA 599 69.03 -31.02 -32.60
CA PRO FA 599 69.00 -32.33 -33.28
C PRO FA 599 67.88 -33.20 -32.73
N MET FA 600 66.93 -33.53 -33.61
CA MET FA 600 65.71 -34.22 -33.20
C MET FA 600 65.98 -35.51 -32.43
N VAL FA 601 67.16 -36.09 -32.60
CA VAL FA 601 67.48 -37.31 -31.87
C VAL FA 601 67.47 -37.06 -30.38
N PHE FA 602 67.85 -35.86 -29.94
CA PHE FA 602 67.78 -35.54 -28.52
C PHE FA 602 66.34 -35.56 -28.02
N TYR FA 603 65.43 -35.00 -28.80
CA TYR FA 603 64.01 -35.10 -28.46
C TYR FA 603 63.57 -36.54 -28.38
N ILE FA 604 64.03 -37.36 -29.33
CA ILE FA 604 63.62 -38.77 -29.33
C ILE FA 604 64.11 -39.45 -28.06
N ILE FA 605 65.34 -39.18 -27.65
CA ILE FA 605 65.88 -39.82 -26.47
C ILE FA 605 65.13 -39.35 -25.23
N GLU FA 606 64.78 -38.08 -25.17
CA GLU FA 606 64.03 -37.61 -24.00
C GLU FA 606 62.63 -38.21 -23.97
N ALA FA 607 62.03 -38.42 -25.14
CA ALA FA 607 60.76 -39.12 -25.18
C ALA FA 607 60.90 -40.53 -24.63
N VAL FA 608 61.84 -41.28 -25.18
CA VAL FA 608 61.97 -42.69 -24.80
C VAL FA 608 62.41 -42.85 -23.36
N ILE FA 609 63.03 -41.83 -22.76
CA ILE FA 609 63.37 -41.94 -21.35
C ILE FA 609 62.22 -41.48 -20.46
N HIS FA 610 61.36 -40.59 -20.96
CA HIS FA 610 60.18 -40.09 -20.29
C HIS FA 610 60.41 -39.83 -18.80
N GLY FA 611 61.57 -39.27 -18.45
CA GLY FA 611 61.84 -38.88 -17.09
C GLY FA 611 61.83 -40.01 -16.08
N SER FA 612 62.33 -41.17 -16.47
CA SER FA 612 62.40 -42.30 -15.53
C SER FA 612 63.60 -42.12 -14.61
N GLU FA 613 63.88 -43.14 -13.81
CA GLU FA 613 65.08 -43.17 -12.99
C GLU FA 613 66.03 -44.27 -13.44
N ARG FA 614 65.57 -45.52 -13.46
CA ARG FA 614 66.42 -46.61 -13.91
C ARG FA 614 66.81 -46.42 -15.37
N THR FA 615 65.91 -45.86 -16.17
CA THR FA 615 66.22 -45.66 -17.58
C THR FA 615 67.41 -44.72 -17.75
N PHE FA 616 67.52 -43.67 -16.93
CA PHE FA 616 68.60 -42.71 -17.14
C PHE FA 616 69.94 -43.31 -16.77
N CYS FA 617 70.06 -43.86 -15.57
CA CYS FA 617 71.31 -44.51 -15.18
C CYS FA 617 71.62 -45.70 -16.06
N ALA FA 618 70.64 -46.19 -16.82
CA ALA FA 618 70.94 -47.20 -17.83
C ALA FA 618 71.59 -46.56 -19.05
N LEU FA 619 70.88 -45.66 -19.70
CA LEU FA 619 71.33 -45.01 -20.94
C LEU FA 619 72.41 -43.93 -20.71
N ALA FA 620 72.90 -43.87 -19.48
CA ALA FA 620 73.92 -42.91 -19.08
C ALA FA 620 75.04 -42.75 -20.09
N ARG FA 621 75.58 -43.87 -20.57
CA ARG FA 621 76.73 -43.80 -21.46
C ARG FA 621 76.39 -43.04 -22.74
N LEU FA 622 75.28 -43.41 -23.36
CA LEU FA 622 74.85 -42.73 -24.59
C LEU FA 622 74.56 -41.26 -24.32
N VAL FA 623 73.92 -40.96 -23.17
CA VAL FA 623 73.61 -39.58 -22.85
C VAL FA 623 74.88 -38.76 -22.77
N ALA FA 624 75.88 -39.28 -22.06
CA ALA FA 624 77.15 -38.57 -21.92
C ALA FA 624 77.81 -38.37 -23.27
N GLN FA 625 77.83 -39.41 -24.10
CA GLN FA 625 78.44 -39.26 -25.42
C GLN FA 625 77.72 -38.20 -26.25
N CYS FA 626 76.39 -38.18 -26.17
CA CYS FA 626 75.61 -37.17 -26.89
C CYS FA 626 76.00 -35.77 -26.43
N ILE FA 627 76.06 -35.57 -25.12
CA ILE FA 627 76.39 -34.25 -24.59
C ILE FA 627 77.77 -33.81 -25.07
N GLN FA 628 78.74 -34.72 -24.97
CA GLN FA 628 80.08 -34.41 -25.45
C GLN FA 628 80.06 -34.00 -26.91
N SER FA 629 79.38 -34.79 -27.74
CA SER FA 629 79.35 -34.53 -29.16
C SER FA 629 78.77 -33.15 -29.44
N TYR FA 630 77.62 -32.85 -28.86
CA TYR FA 630 77.00 -31.55 -29.10
C TYR FA 630 77.88 -30.41 -28.66
N TRP FA 631 78.47 -30.52 -27.46
CA TRP FA 631 79.32 -29.44 -26.97
C TRP FA 631 80.51 -29.23 -27.89
N ARG FA 632 81.20 -30.31 -28.26
CA ARG FA 632 82.34 -30.17 -29.16
C ARG FA 632 81.92 -29.57 -30.49
N ASN FA 633 80.72 -29.88 -30.96
CA ASN FA 633 80.31 -29.38 -32.27
C ASN FA 633 80.01 -27.89 -32.23
N THR FA 634 79.27 -27.43 -31.22
CA THR FA 634 78.80 -26.05 -31.24
C THR FA 634 78.84 -25.30 -29.91
N HIS FA 635 79.33 -25.91 -28.83
CA HIS FA 635 79.53 -25.21 -27.55
C HIS FA 635 78.21 -24.70 -26.95
N ASN FA 636 77.11 -25.40 -27.19
CA ASN FA 636 75.81 -25.05 -26.62
C ASN FA 636 75.29 -26.23 -25.82
N ALA FA 637 74.88 -25.98 -24.58
CA ALA FA 637 74.42 -27.06 -23.71
C ALA FA 637 73.20 -27.76 -24.32
N ALA FA 638 72.92 -28.96 -23.84
CA ALA FA 638 71.87 -29.79 -24.40
C ALA FA 638 71.02 -30.40 -23.28
N PHE FA 639 69.83 -30.86 -23.67
CA PHE FA 639 68.87 -31.50 -22.80
C PHE FA 639 68.28 -30.56 -21.75
N VAL FA 640 68.36 -29.25 -21.97
CA VAL FA 640 67.85 -28.29 -20.99
C VAL FA 640 66.36 -28.06 -21.11
N ASN FA 641 65.68 -28.75 -22.03
CA ASN FA 641 64.23 -28.60 -22.13
C ASN FA 641 63.52 -29.33 -21.00
N ASN FA 642 63.91 -30.56 -20.73
CA ASN FA 642 63.33 -31.34 -19.65
C ASN FA 642 64.07 -31.05 -18.36
N PHE FA 643 63.32 -30.79 -17.29
CA PHE FA 643 63.98 -30.46 -16.03
C PHE FA 643 64.52 -31.70 -15.33
N TYR FA 644 63.75 -32.79 -15.34
CA TYR FA 644 64.18 -33.99 -14.64
C TYR FA 644 65.54 -34.46 -15.16
N MET FA 645 65.73 -34.40 -16.47
CA MET FA 645 67.04 -34.72 -17.03
C MET FA 645 68.09 -33.77 -16.52
N VAL FA 646 67.76 -32.48 -16.38
CA VAL FA 646 68.74 -31.50 -15.95
C VAL FA 646 69.19 -31.80 -14.53
N MET FA 647 68.27 -32.25 -13.69
CA MET FA 647 68.67 -32.65 -12.33
C MET FA 647 69.49 -33.92 -12.36
N TYR FA 648 69.07 -34.90 -13.18
CA TYR FA 648 69.78 -36.17 -13.22
C TYR FA 648 71.20 -36.01 -13.75
N ILE FA 649 71.42 -35.03 -14.62
CA ILE FA 649 72.74 -34.87 -15.23
C ILE FA 649 73.78 -34.66 -14.15
N ASN FA 650 73.67 -33.60 -13.37
CA ASN FA 650 74.63 -33.39 -12.31
C ASN FA 650 74.34 -34.25 -11.09
N THR FA 651 73.25 -34.99 -11.08
CA THR FA 651 73.07 -35.98 -10.03
C THR FA 651 74.01 -37.16 -10.23
N TYR FA 652 74.09 -37.67 -11.46
CA TYR FA 652 74.83 -38.89 -11.74
C TYR FA 652 76.11 -38.65 -12.52
N LEU FA 653 76.03 -38.04 -13.69
CA LEU FA 653 77.24 -37.80 -14.47
C LEU FA 653 78.16 -36.88 -13.70
N GLY FA 654 77.74 -35.63 -13.53
CA GLY FA 654 78.42 -34.70 -12.63
C GLY FA 654 79.93 -34.66 -12.77
N ASN FA 655 80.61 -35.16 -11.74
CA ASN FA 655 82.07 -35.15 -11.66
C ASN FA 655 82.73 -36.10 -12.63
N GLY FA 656 81.97 -36.85 -13.41
CA GLY FA 656 82.53 -37.93 -14.19
C GLY FA 656 82.94 -37.55 -15.60
N GLU FA 657 82.19 -38.05 -16.57
CA GLU FA 657 82.66 -38.03 -17.95
C GLU FA 657 82.76 -36.61 -18.50
N LEU FA 658 81.80 -35.75 -18.18
CA LEU FA 658 81.76 -34.43 -18.81
C LEU FA 658 83.01 -33.65 -18.48
N PRO FA 659 83.52 -32.81 -19.40
CA PRO FA 659 84.72 -32.03 -19.09
C PRO FA 659 84.44 -30.94 -18.07
N GLU FA 660 85.44 -30.12 -17.77
CA GLU FA 660 85.30 -29.16 -16.69
C GLU FA 660 84.26 -28.09 -17.02
N ASP FA 661 84.39 -27.44 -18.17
CA ASP FA 661 83.52 -26.32 -18.48
C ASP FA 661 82.07 -26.76 -18.64
N CYS FA 662 81.84 -27.81 -19.41
CA CYS FA 662 80.46 -28.20 -19.74
C CYS FA 662 79.68 -28.55 -18.49
N ALA FA 663 80.34 -29.09 -17.46
CA ALA FA 663 79.62 -29.44 -16.24
C ALA FA 663 79.22 -28.19 -15.44
N ALA FA 664 80.03 -27.14 -15.51
CA ALA FA 664 79.71 -25.92 -14.78
C ALA FA 664 78.34 -25.38 -15.17
N VAL FA 665 77.96 -25.55 -16.44
CA VAL FA 665 76.65 -25.09 -16.89
C VAL FA 665 75.55 -25.87 -16.19
N TYR FA 666 75.64 -27.19 -16.19
CA TYR FA 666 74.64 -28.01 -15.53
C TYR FA 666 74.72 -27.90 -14.01
N LYS FA 667 75.73 -27.23 -13.48
CA LYS FA 667 75.77 -26.94 -12.06
C LYS FA 667 75.12 -25.61 -11.74
N ASP FA 668 75.35 -24.60 -12.57
CA ASP FA 668 74.67 -23.32 -12.39
C ASP FA 668 73.18 -23.45 -12.60
N LEU FA 669 72.76 -24.19 -13.62
CA LEU FA 669 71.34 -24.33 -13.91
C LEU FA 669 70.59 -25.01 -12.78
N LEU FA 670 71.31 -25.40 -11.74
CA LEU FA 670 70.70 -25.95 -10.53
C LEU FA 670 70.93 -25.08 -9.31
N GLU FA 671 72.13 -24.54 -9.13
CA GLU FA 671 72.35 -23.66 -7.99
C GLU FA 671 71.54 -22.39 -8.09
N HIS FA 672 71.29 -21.91 -9.31
CA HIS FA 672 70.39 -20.78 -9.49
C HIS FA 672 69.01 -21.10 -8.94
N VAL FA 673 68.49 -22.28 -9.24
CA VAL FA 673 67.18 -22.67 -8.73
C VAL FA 673 67.21 -22.80 -7.22
N HIS FA 674 68.31 -23.32 -6.67
CA HIS FA 674 68.42 -23.43 -5.22
C HIS FA 674 68.36 -22.06 -4.57
N ALA FA 675 69.09 -21.10 -5.11
CA ALA FA 675 69.06 -19.75 -4.57
C ALA FA 675 67.68 -19.14 -4.71
N LEU FA 676 67.05 -19.35 -5.87
CA LEU FA 676 65.72 -18.83 -6.11
C LEU FA 676 64.74 -19.37 -5.08
N ARG FA 677 64.85 -20.65 -4.75
CA ARG FA 677 63.97 -21.24 -3.76
C ARG FA 677 64.26 -20.70 -2.38
N ARG FA 678 65.55 -20.49 -2.06
CA ARG FA 678 65.88 -19.87 -0.78
C ARG FA 678 65.28 -18.49 -0.65
N LEU FA 679 65.10 -17.80 -1.78
CA LEU FA 679 64.61 -16.42 -1.76
C LEU FA 679 63.33 -16.27 -0.93
N ILE FA 680 62.34 -17.15 -1.17
CA ILE FA 680 61.07 -17.01 -0.46
C ILE FA 680 61.26 -17.22 1.04
N GLY FA 681 62.30 -17.95 1.44
CA GLY FA 681 62.51 -18.20 2.85
C GLY FA 681 62.78 -16.95 3.66
N GLU FA 682 63.23 -15.88 3.00
CA GLU FA 682 63.52 -14.63 3.68
C GLU FA 682 62.46 -13.57 3.44
N PHE FA 683 61.27 -13.97 3.00
CA PHE FA 683 60.15 -13.06 2.90
C PHE FA 683 58.94 -13.65 3.61
N THR FA 684 59.16 -14.38 4.69
CA THR FA 684 58.10 -15.03 5.44
C THR FA 684 58.36 -14.87 6.93
N LEU FA 685 57.32 -14.54 7.67
CA LEU FA 685 57.40 -14.48 9.12
C LEU FA 685 57.11 -15.87 9.68
N PRO FA 686 58.04 -16.48 10.41
CA PRO FA 686 57.80 -17.85 10.90
C PRO FA 686 56.68 -17.87 11.93
N GLY FA 687 55.68 -18.69 11.66
CA GLY FA 687 54.50 -18.79 12.54
C GLY FA 687 54.00 -20.20 12.60
N ASP FA 688 52.69 -20.35 12.59
CA ASP FA 688 52.03 -21.64 12.70
C ASP FA 688 51.38 -22.01 11.37
N PRO FA 689 51.04 -23.29 11.18
CA PRO FA 689 50.27 -23.67 9.99
C PRO FA 689 48.80 -23.29 10.14
N LEU FA 690 48.21 -22.82 9.05
CA LEU FA 690 46.84 -22.30 9.05
C LEU FA 690 45.86 -23.19 8.31
N GLY FA 691 46.12 -23.51 7.05
CA GLY FA 691 45.25 -24.41 6.31
C GLY FA 691 45.86 -25.78 6.24
N ASN FA 692 46.40 -26.24 7.37
CA ASN FA 692 47.24 -27.43 7.45
C ASN FA 692 48.42 -27.34 6.49
N GLN FA 693 48.81 -26.12 6.14
CA GLN FA 693 49.98 -25.87 5.32
C GLN FA 693 50.83 -24.83 6.05
N PRO FA 694 52.14 -25.02 6.12
CA PRO FA 694 53.01 -23.95 6.65
C PRO FA 694 52.81 -22.64 5.92
N GLN FA 695 53.29 -21.54 6.52
CA GLN FA 695 52.95 -20.21 6.01
C GLN FA 695 53.38 -20.04 4.57
N GLU FA 696 54.52 -20.61 4.20
CA GLU FA 696 55.12 -20.34 2.90
C GLU FA 696 54.14 -20.63 1.76
N GLU FA 697 53.31 -21.66 1.93
CA GLU FA 697 52.33 -21.96 0.90
C GLU FA 697 51.27 -20.87 0.81
N LEU FA 698 50.87 -20.31 1.95
CA LEU FA 698 49.93 -19.19 1.92
C LEU FA 698 50.58 -17.94 1.34
N ASN FA 699 51.86 -17.74 1.62
CA ASN FA 699 52.52 -16.51 1.21
C ASN FA 699 52.85 -16.52 -0.28
N HIS FA 700 53.73 -17.43 -0.70
CA HIS FA 700 54.06 -17.52 -2.10
C HIS FA 700 52.98 -18.30 -2.85
N ALA FA 701 53.09 -18.32 -4.16
CA ALA FA 701 52.14 -19.05 -4.99
C ALA FA 701 52.72 -20.30 -5.61
N LEU FA 702 54.02 -20.49 -5.53
CA LEU FA 702 54.69 -21.64 -6.14
C LEU FA 702 55.23 -22.60 -5.11
N ALA FA 703 54.96 -22.37 -3.83
CA ALA FA 703 55.20 -23.38 -2.80
C ALA FA 703 53.97 -24.20 -2.51
N ASP FA 704 52.85 -23.90 -3.17
CA ASP FA 704 51.61 -24.62 -2.94
C ASP FA 704 51.76 -26.09 -3.32
N ALA FA 705 51.38 -26.96 -2.41
CA ALA FA 705 51.28 -28.37 -2.75
C ALA FA 705 50.08 -28.67 -3.64
N THR FA 706 49.24 -27.68 -3.90
CA THR FA 706 48.01 -27.88 -4.65
C THR FA 706 48.05 -27.28 -6.04
N LEU FA 707 49.18 -26.73 -6.47
CA LEU FA 707 49.34 -26.23 -7.83
C LEU FA 707 50.20 -27.23 -8.59
N LEU FA 708 49.63 -27.84 -9.62
CA LEU FA 708 50.35 -28.85 -10.36
C LEU FA 708 51.32 -28.22 -11.35
N PRO FA 709 52.54 -28.73 -11.44
CA PRO FA 709 53.49 -28.22 -12.42
C PRO FA 709 52.95 -28.41 -13.83
N PRO FA 710 53.53 -27.74 -14.83
CA PRO FA 710 52.94 -27.84 -16.17
C PRO FA 710 53.15 -29.20 -16.80
N LEU FA 711 54.27 -29.86 -16.52
CA LEU FA 711 54.59 -31.16 -17.10
C LEU FA 711 54.99 -32.10 -15.98
N ILE FA 712 54.31 -33.23 -15.88
CA ILE FA 712 54.62 -34.22 -14.85
C ILE FA 712 55.05 -35.52 -15.53
N TRP FA 713 55.95 -36.23 -14.86
CA TRP FA 713 56.48 -37.49 -15.37
C TRP FA 713 56.17 -38.68 -14.48
N ASP FA 714 55.42 -38.48 -13.39
CA ASP FA 714 55.08 -39.56 -12.48
C ASP FA 714 53.86 -39.10 -11.69
N CYS FA 715 53.56 -39.81 -10.59
CA CYS FA 715 52.42 -39.47 -9.78
C CYS FA 715 52.79 -38.72 -8.49
N ASP FA 716 54.08 -38.50 -8.24
CA ASP FA 716 54.51 -37.84 -7.02
C ASP FA 716 53.72 -36.58 -6.69
N PRO FA 717 53.46 -35.66 -7.61
CA PRO FA 717 52.65 -34.50 -7.24
C PRO FA 717 51.23 -34.87 -6.85
N ILE FA 718 50.59 -35.76 -7.61
CA ILE FA 718 49.19 -36.06 -7.38
C ILE FA 718 48.99 -36.68 -6.01
N LEU FA 719 49.81 -37.68 -5.67
CA LEU FA 719 49.68 -38.33 -4.38
C LEU FA 719 49.80 -37.33 -3.23
N TYR FA 720 50.65 -36.33 -3.38
CA TYR FA 720 50.75 -35.30 -2.35
C TYR FA 720 49.57 -34.35 -2.37
N ARG FA 721 48.94 -34.17 -3.53
CA ARG FA 721 47.86 -33.20 -3.66
C ARG FA 721 46.65 -33.61 -2.84
N ASP FA 722 46.22 -34.87 -2.98
CA ASP FA 722 45.01 -35.33 -2.32
C ASP FA 722 45.12 -35.32 -0.80
N GLY FA 723 46.31 -35.11 -0.25
CA GLY FA 723 46.46 -35.02 1.20
C GLY FA 723 46.01 -33.71 1.79
N LEU FA 724 45.54 -32.78 0.96
CA LEU FA 724 45.11 -31.45 1.41
C LEU FA 724 43.61 -31.35 1.18
N ALA FA 725 42.83 -31.82 2.16
CA ALA FA 725 41.39 -31.86 2.04
C ALA FA 725 40.70 -30.60 2.56
N GLU FA 726 41.45 -29.63 3.08
CA GLU FA 726 40.83 -28.41 3.57
C GLU FA 726 40.16 -27.64 2.43
N ARG FA 727 40.70 -27.74 1.23
CA ARG FA 727 40.03 -27.25 0.04
C ARG FA 727 39.80 -28.45 -0.85
N LEU FA 728 38.53 -28.79 -1.08
CA LEU FA 728 38.21 -30.00 -1.82
C LEU FA 728 38.90 -29.98 -3.18
N PRO FA 729 39.92 -30.80 -3.35
CA PRO FA 729 40.62 -30.82 -4.63
C PRO FA 729 40.07 -31.90 -5.54
N GLU FA 730 40.09 -31.67 -6.84
CA GLU FA 730 39.61 -32.68 -7.76
C GLU FA 730 40.29 -32.47 -9.10
N LEU FA 731 40.82 -33.54 -9.68
CA LEU FA 731 41.42 -33.50 -10.99
C LEU FA 731 40.72 -34.52 -11.87
N ARG FA 732 40.48 -34.14 -13.11
CA ARG FA 732 39.73 -34.98 -14.05
C ARG FA 732 40.67 -35.37 -15.18
N VAL FA 733 41.07 -36.64 -15.22
CA VAL FA 733 41.92 -37.16 -16.27
C VAL FA 733 40.97 -37.86 -17.25
N ASN FA 734 40.51 -37.11 -18.25
CA ASN FA 734 39.62 -37.61 -19.29
C ASN FA 734 38.30 -38.15 -18.74
N GLY FA 735 38.04 -37.96 -17.45
CA GLY FA 735 36.78 -38.42 -16.88
C GLY FA 735 36.93 -39.27 -15.64
N ALA FA 736 37.95 -40.12 -15.60
CA ALA FA 736 38.20 -40.95 -14.43
C ALA FA 736 39.09 -40.19 -13.45
N HIS FA 737 38.99 -40.56 -12.17
CA HIS FA 737 39.79 -39.88 -11.16
C HIS FA 737 41.27 -40.11 -11.45
N PHE FA 738 41.74 -41.34 -11.23
CA PHE FA 738 42.92 -41.90 -11.88
C PHE FA 738 43.09 -43.35 -11.44
N GLN FA 739 43.48 -44.22 -12.35
CA GLN FA 739 43.76 -45.61 -12.03
C GLN FA 739 45.26 -45.75 -11.86
N HIS FA 740 45.70 -45.93 -10.63
CA HIS FA 740 47.13 -45.99 -10.33
C HIS FA 740 47.67 -47.35 -10.75
N ILE FA 741 48.12 -47.43 -12.00
CA ILE FA 741 48.67 -48.68 -12.53
C ILE FA 741 50.18 -48.57 -12.57
N LEU FA 742 50.84 -49.71 -12.41
CA LEU FA 742 52.28 -49.75 -12.20
C LEU FA 742 53.00 -49.88 -13.54
N TRP FA 743 54.29 -50.21 -13.49
CA TRP FA 743 55.12 -50.30 -14.68
C TRP FA 743 54.62 -51.38 -15.61
N VAL FA 744 54.77 -51.12 -16.91
CA VAL FA 744 54.35 -52.04 -17.95
C VAL FA 744 55.59 -52.58 -18.66
N GLU FA 745 55.36 -53.55 -19.53
CA GLU FA 745 56.42 -54.13 -20.33
C GLU FA 745 55.93 -54.26 -21.76
N MET FA 746 56.66 -55.04 -22.54
CA MET FA 746 56.34 -55.20 -23.96
C MET FA 746 55.00 -55.89 -24.18
N ALA FA 747 54.58 -56.75 -23.26
CA ALA FA 747 53.41 -57.58 -23.50
C ALA FA 747 52.13 -56.75 -23.53
N GLN FA 748 51.81 -56.09 -22.43
CA GLN FA 748 50.60 -55.28 -22.32
C GLN FA 748 50.96 -53.83 -22.58
N VAL FA 749 50.44 -53.26 -23.66
CA VAL FA 749 50.80 -51.89 -24.03
C VAL FA 749 49.56 -51.01 -24.17
N ASN FA 750 48.58 -51.46 -24.94
CA ASN FA 750 47.35 -50.69 -25.20
C ASN FA 750 47.68 -49.23 -25.52
N PHE FA 751 48.40 -49.04 -26.62
CA PHE FA 751 48.78 -47.69 -27.05
C PHE FA 751 47.59 -46.76 -27.21
N ARG FA 752 46.38 -47.31 -27.30
CA ARG FA 752 45.19 -46.52 -27.58
C ARG FA 752 44.26 -46.39 -26.39
N ASN FA 753 44.68 -46.84 -25.20
CA ASN FA 753 43.78 -46.81 -24.06
C ASN FA 753 43.41 -45.37 -23.73
N VAL FA 754 42.22 -45.20 -23.15
CA VAL FA 754 41.67 -43.87 -22.96
C VAL FA 754 41.12 -43.71 -21.55
N GLY FA 755 41.41 -44.67 -20.67
CA GLY FA 755 40.99 -44.55 -19.30
C GLY FA 755 41.88 -43.58 -18.54
N GLY FA 756 41.97 -43.74 -17.22
CA GLY FA 756 42.97 -42.99 -16.49
C GLY FA 756 44.26 -43.78 -16.39
N GLY FA 757 45.18 -43.53 -17.31
CA GLY FA 757 46.42 -44.27 -17.36
C GLY FA 757 47.62 -43.50 -16.86
N LEU FA 758 48.02 -43.77 -15.62
CA LEU FA 758 49.21 -43.17 -15.04
C LEU FA 758 50.14 -44.28 -14.58
N VAL FA 759 51.44 -44.09 -14.75
CA VAL FA 759 52.43 -45.11 -14.40
C VAL FA 759 53.63 -44.46 -13.70
N HIS FA 760 54.04 -45.06 -12.59
CA HIS FA 760 55.37 -44.79 -12.02
C HIS FA 760 56.36 -45.58 -12.87
N ASN FA 761 57.03 -44.90 -13.78
CA ASN FA 761 58.01 -45.60 -14.61
C ASN FA 761 59.10 -46.21 -13.73
N ARG FA 762 59.20 -47.54 -13.76
CA ARG FA 762 60.06 -48.26 -12.83
C ARG FA 762 59.72 -47.80 -11.41
N PRO FA 763 58.60 -48.28 -10.87
CA PRO FA 763 57.97 -47.57 -9.74
C PRO FA 763 58.90 -47.12 -8.65
N VAL FA 764 59.70 -48.04 -8.13
CA VAL FA 764 60.62 -47.74 -7.03
C VAL FA 764 62.01 -48.13 -7.46
N ARG FA 765 63.00 -47.31 -7.09
CA ARG FA 765 64.38 -47.66 -7.37
C ARG FA 765 64.75 -49.00 -6.75
N ASN FA 766 64.33 -49.24 -5.51
CA ASN FA 766 64.81 -50.40 -4.76
C ASN FA 766 63.72 -51.33 -4.26
N GLU FA 767 62.71 -50.80 -3.58
CA GLU FA 767 61.90 -51.62 -2.68
C GLU FA 767 60.74 -52.33 -3.37
N ASN FA 768 59.99 -51.63 -4.21
CA ASN FA 768 58.78 -52.16 -4.84
C ASN FA 768 57.73 -52.56 -3.79
N GLN FA 769 57.32 -51.56 -3.02
CA GLN FA 769 56.34 -51.67 -1.96
C GLN FA 769 55.04 -50.96 -2.36
N PRO FA 770 53.94 -51.14 -1.59
CA PRO FA 770 52.64 -50.66 -2.07
C PRO FA 770 52.52 -49.16 -2.26
N LEU FA 771 52.40 -48.75 -3.51
CA LEU FA 771 51.90 -47.44 -3.94
C LEU FA 771 52.38 -46.29 -3.06
N HIS FA 772 53.70 -46.12 -3.02
CA HIS FA 772 54.23 -44.99 -2.28
C HIS FA 772 55.02 -44.06 -3.20
N PRO FA 773 55.01 -42.76 -2.91
CA PRO FA 773 55.77 -41.82 -3.75
C PRO FA 773 57.26 -42.14 -3.73
N HIS FA 774 57.96 -41.62 -4.75
CA HIS FA 774 59.38 -41.94 -4.88
C HIS FA 774 60.20 -40.68 -5.18
N HIS FA 775 59.96 -39.63 -4.43
CA HIS FA 775 60.84 -38.46 -4.35
C HIS FA 775 60.52 -37.74 -3.04
N ASP FA 776 60.97 -36.50 -2.91
CA ASP FA 776 60.55 -35.66 -1.80
C ASP FA 776 59.62 -34.56 -2.30
N ALA FA 777 58.93 -33.92 -1.35
CA ALA FA 777 57.95 -32.91 -1.71
C ALA FA 777 58.59 -31.75 -2.48
N GLU FA 778 59.67 -31.19 -1.94
CA GLU FA 778 60.30 -30.01 -2.54
C GLU FA 778 60.73 -30.25 -3.98
N TRP FA 779 60.73 -31.50 -4.45
CA TRP FA 779 60.98 -31.75 -5.86
C TRP FA 779 59.95 -31.04 -6.72
N SER FA 780 58.68 -31.11 -6.33
CA SER FA 780 57.63 -30.43 -7.09
C SER FA 780 57.83 -28.93 -7.05
N VAL FA 781 58.25 -28.39 -5.91
CA VAL FA 781 58.51 -26.96 -5.80
C VAL FA 781 59.61 -26.56 -6.76
N LEU FA 782 60.70 -27.31 -6.77
CA LEU FA 782 61.81 -26.98 -7.66
C LEU FA 782 61.39 -27.08 -9.13
N SER FA 783 60.56 -28.08 -9.45
CA SER FA 783 60.10 -28.21 -10.83
C SER FA 783 59.24 -27.02 -11.24
N LYS FA 784 58.30 -26.64 -10.39
CA LYS FA 784 57.47 -25.47 -10.67
C LYS FA 784 58.33 -24.23 -10.84
N ILE FA 785 59.32 -24.05 -9.98
CA ILE FA 785 60.22 -22.89 -10.08
C ILE FA 785 60.93 -22.89 -11.41
N TYR FA 786 61.53 -24.02 -11.78
CA TYR FA 786 62.25 -24.09 -13.04
C TYR FA 786 61.34 -23.77 -14.21
N TYR FA 787 60.16 -24.37 -14.24
CA TYR FA 787 59.32 -24.23 -15.42
C TYR FA 787 58.55 -22.93 -15.48
N TYR FA 788 58.46 -22.19 -14.36
CA TYR FA 788 57.68 -20.97 -14.35
C TYR FA 788 58.52 -19.70 -14.28
N ALA FA 789 59.72 -19.76 -13.73
CA ALA FA 789 60.50 -18.55 -13.49
C ALA FA 789 61.88 -18.56 -14.12
N VAL FA 790 62.23 -19.60 -14.87
CA VAL FA 790 63.52 -19.67 -15.57
C VAL FA 790 63.34 -19.90 -17.06
N VAL FA 791 62.57 -20.93 -17.43
CA VAL FA 791 62.34 -21.21 -18.85
C VAL FA 791 61.79 -20.01 -19.60
N PRO FA 792 60.78 -19.30 -19.10
CA PRO FA 792 60.35 -18.09 -19.81
C PRO FA 792 61.41 -17.02 -19.86
N ALA FA 793 62.35 -17.02 -18.91
CA ALA FA 793 63.40 -16.00 -18.92
C ALA FA 793 64.32 -16.16 -20.11
N PHE FA 794 64.55 -17.39 -20.56
CA PHE FA 794 65.44 -17.65 -21.68
C PHE FA 794 64.69 -17.82 -22.99
N SER FA 795 63.49 -18.40 -22.95
CA SER FA 795 62.76 -18.67 -24.18
C SER FA 795 62.14 -17.41 -24.76
N ARG FA 796 61.53 -16.58 -23.91
CA ARG FA 796 60.88 -15.36 -24.35
C ARG FA 796 59.77 -15.65 -25.35
N GLY FA 797 58.93 -16.62 -25.01
CA GLY FA 797 57.75 -16.90 -25.81
C GLY FA 797 57.98 -17.72 -27.05
N ASN FA 798 58.94 -18.64 -27.04
CA ASN FA 798 59.15 -19.56 -28.14
C ASN FA 798 58.82 -21.00 -27.81
N CYS FA 799 59.01 -21.41 -26.57
CA CYS FA 799 58.76 -22.78 -26.17
C CYS FA 799 57.27 -23.11 -26.24
N CYS FA 800 56.98 -24.40 -26.40
CA CYS FA 800 55.61 -24.87 -26.49
C CYS FA 800 55.57 -26.35 -26.18
N THR FA 801 54.75 -26.75 -25.22
CA THR FA 801 54.62 -28.15 -24.86
C THR FA 801 54.01 -28.92 -26.02
N MET FA 802 54.46 -30.16 -26.19
CA MET FA 802 53.98 -31.01 -27.27
C MET FA 802 53.59 -32.37 -26.72
N GLY FA 803 52.74 -33.07 -27.48
CA GLY FA 803 52.35 -34.41 -27.16
C GLY FA 803 52.99 -35.36 -28.14
N VAL FA 804 53.74 -36.32 -27.60
CA VAL FA 804 54.60 -37.17 -28.42
C VAL FA 804 53.82 -38.37 -28.93
N ARG FA 805 54.05 -38.74 -30.18
CA ARG FA 805 53.39 -39.87 -30.80
C ARG FA 805 54.15 -41.13 -30.41
N TYR FA 806 53.59 -41.89 -29.48
CA TYR FA 806 54.32 -43.04 -28.94
C TYR FA 806 54.33 -44.21 -29.90
N ASP FA 807 53.30 -44.35 -30.74
CA ASP FA 807 53.22 -45.53 -31.60
C ASP FA 807 54.30 -45.52 -32.68
N ARG FA 808 54.96 -44.40 -32.90
CA ARG FA 808 55.99 -44.32 -33.93
C ARG FA 808 57.40 -44.26 -33.39
N VAL FA 809 57.62 -43.61 -32.24
CA VAL FA 809 58.98 -43.50 -31.72
C VAL FA 809 59.51 -44.87 -31.30
N TYR FA 810 58.65 -45.69 -30.71
CA TYR FA 810 59.08 -47.04 -30.35
C TYR FA 810 59.25 -47.91 -31.57
N GLN FA 811 58.41 -47.69 -32.59
CA GLN FA 811 58.61 -48.38 -33.86
C GLN FA 811 59.98 -48.06 -34.44
N LEU FA 812 60.40 -46.81 -34.31
CA LEU FA 812 61.67 -46.39 -34.90
C LEU FA 812 62.87 -46.91 -34.12
N VAL FA 813 62.85 -46.75 -32.79
CA VAL FA 813 64.04 -47.06 -32.00
C VAL FA 813 64.49 -48.50 -32.20
N GLN FA 814 63.56 -49.41 -32.48
CA GLN FA 814 63.94 -50.80 -32.66
C GLN FA 814 64.77 -50.99 -33.92
N THR FA 815 64.41 -50.34 -35.01
CA THR FA 815 65.02 -50.59 -36.32
C THR FA 815 66.42 -50.00 -36.32
N MET FA 816 67.33 -50.69 -35.63
CA MET FA 816 68.73 -50.29 -35.53
C MET FA 816 69.61 -51.36 -36.15
N VAL FA 817 70.82 -50.97 -36.53
CA VAL FA 817 71.75 -51.86 -37.20
C VAL FA 817 73.06 -51.89 -36.42
N VAL FA 818 73.42 -53.08 -35.93
CA VAL FA 818 74.61 -53.25 -35.10
C VAL FA 818 75.40 -54.44 -35.62
N PRO FA 819 76.55 -54.22 -36.26
CA PRO FA 819 77.37 -55.35 -36.68
C PRO FA 819 77.92 -56.13 -35.50
N GLU FA 820 78.49 -57.29 -35.81
CA GLU FA 820 79.08 -58.15 -34.79
C GLU FA 820 80.60 -58.01 -34.82
N THR FA 821 81.19 -57.82 -33.65
CA THR FA 821 82.62 -57.59 -33.51
C THR FA 821 82.97 -57.70 -32.04
N ASP FA 822 84.16 -58.24 -31.75
CA ASP FA 822 84.57 -58.42 -30.37
C ASP FA 822 84.86 -57.08 -29.69
N GLU FA 823 85.82 -56.32 -30.24
CA GLU FA 823 86.31 -55.11 -29.62
C GLU FA 823 85.81 -53.87 -30.37
N GLU FA 824 86.24 -52.71 -29.89
CA GLU FA 824 85.81 -51.45 -30.47
C GLU FA 824 86.24 -51.36 -31.93
N VAL FA 825 85.52 -50.52 -32.68
CA VAL FA 825 85.64 -50.50 -34.14
C VAL FA 825 86.14 -49.14 -34.61
N GLY FA 826 85.83 -48.09 -33.85
CA GLY FA 826 86.30 -46.77 -34.20
C GLY FA 826 85.48 -46.14 -35.32
N THR FA 827 86.13 -45.30 -36.13
CA THR FA 827 85.47 -44.57 -37.20
C THR FA 827 85.94 -44.96 -38.60
N ASP FA 828 87.08 -45.64 -38.71
CA ASP FA 828 87.61 -46.03 -40.02
C ASP FA 828 87.18 -47.44 -40.41
N ASP FA 829 87.19 -48.37 -39.46
CA ASP FA 829 86.89 -49.76 -39.78
C ASP FA 829 85.49 -49.89 -40.38
N PRO FA 830 85.36 -50.52 -41.55
CA PRO FA 830 84.04 -50.62 -42.19
C PRO FA 830 83.00 -51.36 -41.37
N ARG FA 831 83.39 -51.98 -40.25
CA ARG FA 831 82.44 -52.53 -39.31
C ARG FA 831 81.88 -51.49 -38.36
N HIS FA 832 82.03 -50.21 -38.68
CA HIS FA 832 81.49 -49.16 -37.84
C HIS FA 832 79.99 -49.05 -38.02
N PRO FA 833 79.21 -48.98 -36.94
CA PRO FA 833 77.76 -48.77 -37.09
C PRO FA 833 77.41 -47.45 -37.74
N LEU FA 834 78.41 -46.63 -38.06
CA LEU FA 834 78.17 -45.36 -38.74
C LEU FA 834 78.93 -45.25 -40.06
N HIS FA 835 79.54 -46.32 -40.52
CA HIS FA 835 80.17 -46.32 -41.83
C HIS FA 835 79.09 -46.28 -42.91
N PRO FA 836 79.36 -45.62 -44.04
CA PRO FA 836 78.33 -45.49 -45.09
C PRO FA 836 77.83 -46.81 -45.66
N ARG FA 837 78.40 -47.93 -45.22
CA ARG FA 837 77.98 -49.22 -45.74
C ARG FA 837 76.71 -49.71 -45.06
N ASN FA 838 76.69 -49.74 -43.73
CA ASN FA 838 75.54 -50.23 -42.99
C ASN FA 838 74.54 -49.13 -42.66
N LEU FA 839 74.48 -48.07 -43.47
CA LEU FA 839 73.47 -47.02 -43.32
C LEU FA 839 72.18 -47.51 -43.97
N VAL FA 840 71.52 -48.42 -43.29
CA VAL FA 840 70.30 -49.02 -43.85
C VAL FA 840 69.21 -47.96 -43.91
N PRO FA 841 68.50 -47.83 -45.03
CA PRO FA 841 67.64 -46.65 -45.24
C PRO FA 841 66.51 -46.59 -44.22
N ASN FA 842 66.21 -45.37 -43.77
CA ASN FA 842 65.10 -45.12 -42.86
C ASN FA 842 65.24 -45.91 -41.57
N SER FA 843 66.44 -45.93 -41.00
CA SER FA 843 66.68 -46.59 -39.73
C SER FA 843 67.16 -45.58 -38.71
N LEU FA 844 67.38 -46.05 -37.48
CA LEU FA 844 67.79 -45.15 -36.41
C LEU FA 844 69.12 -44.48 -36.72
N ASN FA 845 70.07 -45.25 -37.26
CA ASN FA 845 71.39 -44.71 -37.51
C ASN FA 845 71.35 -43.52 -38.47
N VAL FA 846 70.32 -43.44 -39.31
CA VAL FA 846 70.16 -42.27 -40.15
C VAL FA 846 70.03 -41.01 -39.30
N LEU FA 847 69.20 -41.08 -38.25
CA LEU FA 847 69.03 -39.93 -37.37
C LEU FA 847 70.34 -39.57 -36.68
N PHE FA 848 70.99 -40.57 -36.07
CA PHE FA 848 72.28 -40.34 -35.43
C PHE FA 848 73.28 -39.71 -36.39
N HIS FA 849 73.15 -39.99 -37.69
CA HIS FA 849 74.08 -39.42 -38.65
C HIS FA 849 73.69 -38.02 -39.08
N ASN FA 850 72.40 -37.71 -39.09
CA ASN FA 850 71.97 -36.36 -39.44
C ASN FA 850 72.43 -35.32 -38.42
N ALA FA 851 72.70 -35.75 -37.19
CA ALA FA 851 73.08 -34.84 -36.12
C ALA FA 851 74.58 -34.81 -35.87
N CYS FA 852 75.35 -35.63 -36.59
CA CYS FA 852 76.80 -35.67 -36.43
C CYS FA 852 77.17 -35.93 -34.98
N VAL FA 853 76.52 -36.91 -34.38
CA VAL FA 853 76.88 -37.35 -33.04
C VAL FA 853 77.84 -38.52 -33.16
N ALA FA 854 78.82 -38.58 -32.26
CA ALA FA 854 79.82 -39.63 -32.27
C ALA FA 854 79.44 -40.66 -31.21
N VAL FA 855 79.00 -41.84 -31.65
CA VAL FA 855 78.50 -42.87 -30.77
C VAL FA 855 79.26 -44.17 -31.05
N ASP FA 856 79.00 -45.17 -30.22
CA ASP FA 856 79.59 -46.49 -30.39
C ASP FA 856 78.50 -47.54 -30.26
N ALA FA 857 78.70 -48.67 -30.94
CA ALA FA 857 77.71 -49.74 -30.93
C ALA FA 857 77.43 -50.24 -29.52
N ASP FA 858 78.40 -50.15 -28.62
CA ASP FA 858 78.17 -50.61 -27.25
C ASP FA 858 77.10 -49.78 -26.57
N ALA FA 859 77.22 -48.46 -26.61
CA ALA FA 859 76.21 -47.59 -26.04
C ALA FA 859 75.00 -47.41 -26.93
N MET FA 860 75.12 -47.75 -28.23
CA MET FA 860 73.98 -47.66 -29.10
C MET FA 860 73.04 -48.85 -28.93
N LEU FA 861 73.58 -50.03 -28.58
CA LEU FA 861 72.74 -51.19 -28.36
C LEU FA 861 71.97 -51.12 -27.06
N ILE FA 862 72.46 -50.35 -26.08
CA ILE FA 862 71.89 -50.32 -24.75
C ILE FA 862 70.45 -49.79 -24.77
N LEU FA 863 70.00 -49.38 -25.95
CA LEU FA 863 68.65 -48.82 -26.08
C LEU FA 863 67.55 -49.83 -25.78
N GLN FA 864 67.84 -51.13 -25.84
CA GLN FA 864 66.79 -52.11 -25.61
C GLN FA 864 66.33 -52.14 -24.17
N GLU FA 865 67.11 -51.59 -23.23
CA GLU FA 865 66.73 -51.62 -21.83
C GLU FA 865 65.41 -50.91 -21.58
N THR FA 866 64.94 -50.11 -22.54
CA THR FA 866 63.70 -49.36 -22.35
C THR FA 866 62.48 -50.25 -22.37
N VAL FA 867 62.60 -51.48 -22.88
CA VAL FA 867 61.40 -52.30 -23.07
C VAL FA 867 60.83 -52.74 -21.73
N THR FA 868 61.66 -52.88 -20.71
CA THR FA 868 61.15 -53.22 -19.39
C THR FA 868 60.49 -52.05 -18.67
N ASN FA 869 60.40 -50.89 -19.32
CA ASN FA 869 59.73 -49.73 -18.74
C ASN FA 869 59.24 -48.86 -19.88
N MET FA 870 57.97 -49.01 -20.24
CA MET FA 870 57.40 -48.35 -21.41
C MET FA 870 56.59 -47.13 -21.00
N ALA FA 871 56.08 -46.43 -22.01
CA ALA FA 871 55.26 -45.24 -21.81
C ALA FA 871 54.06 -45.32 -22.75
N GLU FA 872 52.87 -45.46 -22.19
CA GLU FA 872 51.71 -45.79 -23.01
C GLU FA 872 51.27 -44.61 -23.86
N ARG FA 873 50.88 -43.51 -23.23
CA ARG FA 873 50.35 -42.36 -23.95
C ARG FA 873 50.47 -41.14 -23.07
N THR FA 874 50.72 -40.00 -23.70
CA THR FA 874 50.61 -38.74 -22.98
C THR FA 874 49.14 -38.42 -22.79
N THR FA 875 48.82 -37.78 -21.67
CA THR FA 875 47.43 -37.56 -21.33
C THR FA 875 47.26 -36.19 -20.69
N PRO FA 876 46.16 -35.51 -20.95
CA PRO FA 876 45.93 -34.21 -20.33
C PRO FA 876 45.28 -34.35 -18.97
N LEU FA 877 45.44 -33.31 -18.17
CA LEU FA 877 44.86 -33.25 -16.84
C LEU FA 877 44.04 -31.98 -16.72
N LEU FA 878 43.35 -31.84 -15.59
CA LEU FA 878 42.59 -30.63 -15.31
C LEU FA 878 42.41 -30.53 -13.79
N ALA FA 879 43.17 -29.65 -13.17
CA ALA FA 879 43.09 -29.48 -11.72
C ALA FA 879 42.06 -28.42 -11.35
N SER FA 880 41.60 -28.47 -10.11
CA SER FA 880 40.65 -27.51 -9.61
C SER FA 880 40.78 -27.44 -8.10
N VAL FA 881 40.72 -26.22 -7.57
CA VAL FA 881 40.84 -26.04 -6.12
C VAL FA 881 40.26 -24.67 -5.77
N ALA FA 882 39.57 -24.62 -4.64
CA ALA FA 882 39.06 -23.36 -4.13
C ALA FA 882 40.21 -22.48 -3.64
N PRO FA 883 39.99 -21.19 -3.46
CA PRO FA 883 41.01 -20.35 -2.84
C PRO FA 883 41.28 -20.75 -1.41
N ASP FA 884 42.49 -20.44 -0.95
CA ASP FA 884 43.01 -20.98 0.31
C ASP FA 884 42.38 -20.26 1.51
N ALA FA 885 42.94 -20.51 2.69
CA ALA FA 885 42.51 -19.82 3.89
C ALA FA 885 42.69 -18.31 3.78
N GLY FA 886 43.50 -17.85 2.84
CA GLY FA 886 43.65 -16.42 2.61
C GLY FA 886 42.36 -15.81 2.10
N MET FA 887 41.91 -16.24 0.93
CA MET FA 887 40.67 -15.72 0.35
C MET FA 887 39.51 -16.67 0.68
N ALA FA 888 39.21 -16.74 1.97
CA ALA FA 888 38.24 -17.68 2.52
C ALA FA 888 36.92 -17.01 2.86
N THR FA 889 36.43 -16.10 2.03
CA THR FA 889 35.19 -15.42 2.34
C THR FA 889 34.00 -16.15 1.75
N VAL FA 890 32.83 -15.89 2.32
CA VAL FA 890 31.61 -16.58 1.90
C VAL FA 890 31.29 -16.29 0.45
N ALA FA 891 31.67 -15.12 -0.04
CA ALA FA 891 31.44 -14.76 -1.43
C ALA FA 891 32.56 -15.24 -2.35
N THR FA 892 33.37 -16.20 -1.89
CA THR FA 892 34.45 -16.74 -2.70
C THR FA 892 34.56 -18.25 -2.64
N ARG FA 893 33.66 -18.94 -1.95
CA ARG FA 893 33.75 -20.40 -1.87
C ARG FA 893 33.67 -21.02 -3.26
N ASP FA 894 32.57 -20.79 -3.96
CA ASP FA 894 32.37 -21.38 -5.28
C ASP FA 894 33.30 -20.81 -6.34
N MET FA 895 34.22 -19.93 -5.97
CA MET FA 895 35.09 -19.25 -6.93
C MET FA 895 36.36 -20.06 -7.19
N ARG FA 896 36.17 -21.31 -7.58
CA ARG FA 896 37.27 -22.23 -7.74
C ARG FA 896 37.97 -22.05 -9.08
N THR FA 897 39.27 -22.34 -9.10
CA THR FA 897 40.08 -22.13 -10.29
C THR FA 897 39.96 -23.32 -11.25
N HIS FA 898 40.71 -23.25 -12.35
CA HIS FA 898 40.69 -24.31 -13.36
C HIS FA 898 41.97 -24.17 -14.16
N ASP FA 899 42.87 -25.15 -14.04
CA ASP FA 899 44.08 -25.13 -14.83
C ASP FA 899 44.49 -26.57 -15.12
N GLY FA 900 45.33 -26.73 -16.15
CA GLY FA 900 45.69 -28.03 -16.66
C GLY FA 900 47.18 -28.29 -16.60
N SER FA 901 47.55 -29.45 -17.13
CA SER FA 901 48.93 -29.93 -17.14
C SER FA 901 48.97 -31.15 -18.05
N LEU FA 902 50.18 -31.50 -18.47
CA LEU FA 902 50.40 -32.65 -19.33
C LEU FA 902 51.16 -33.73 -18.57
N HIS FA 903 50.85 -34.98 -18.89
CA HIS FA 903 51.55 -36.13 -18.32
C HIS FA 903 52.27 -36.85 -19.44
N HIS FA 904 53.54 -37.18 -19.20
CA HIS FA 904 54.40 -37.78 -20.22
C HIS FA 904 54.40 -36.93 -21.48
N GLY FA 905 54.53 -35.62 -21.32
CA GLY FA 905 54.59 -34.69 -22.41
C GLY FA 905 56.00 -34.39 -22.85
N LEU FA 906 56.19 -33.22 -23.44
CA LEU FA 906 57.52 -32.83 -23.89
C LEU FA 906 57.53 -31.36 -24.24
N LEU FA 907 58.58 -30.67 -23.83
CA LEU FA 907 58.72 -29.22 -24.05
C LEU FA 907 59.74 -29.00 -25.16
N MET FA 908 59.25 -28.83 -26.39
CA MET FA 908 60.13 -28.50 -27.48
C MET FA 908 60.38 -26.99 -27.48
N MET FA 909 61.58 -26.60 -27.91
CA MET FA 909 62.06 -25.24 -27.69
C MET FA 909 61.77 -24.33 -28.87
N ALA FA 910 62.34 -24.64 -30.04
CA ALA FA 910 62.16 -23.81 -31.22
C ALA FA 910 61.90 -24.72 -32.41
N TYR FA 911 60.68 -24.74 -32.90
CA TYR FA 911 60.31 -25.69 -33.95
C TYR FA 911 60.93 -25.26 -35.26
N GLN FA 912 61.68 -26.16 -35.89
CA GLN FA 912 62.24 -25.90 -37.19
C GLN FA 912 61.20 -26.16 -38.27
N PRO FA 913 60.69 -25.12 -38.91
CA PRO FA 913 59.61 -25.33 -39.88
C PRO FA 913 60.11 -25.82 -41.22
N ASN FA 914 61.32 -25.42 -41.60
CA ASN FA 914 61.80 -25.61 -42.97
C ASN FA 914 62.77 -26.77 -43.09
N ASP FA 915 62.54 -27.86 -42.35
CA ASP FA 915 63.28 -29.08 -42.59
C ASP FA 915 62.81 -29.73 -43.89
N ALA FA 916 63.57 -30.71 -44.35
CA ALA FA 916 63.15 -31.56 -45.46
C ALA FA 916 63.38 -33.04 -45.21
N THR FA 917 64.23 -33.40 -44.26
CA THR FA 917 64.56 -34.79 -44.02
C THR FA 917 63.59 -35.49 -43.08
N LEU FA 918 62.58 -34.79 -42.57
CA LEU FA 918 61.60 -35.37 -41.66
C LEU FA 918 60.22 -34.82 -41.99
N LEU FA 919 59.20 -35.61 -41.69
CA LEU FA 919 57.83 -35.11 -41.75
C LEU FA 919 57.61 -34.10 -40.64
N GLU FA 920 56.72 -33.14 -40.90
CA GLU FA 920 56.48 -32.09 -39.91
C GLU FA 920 55.85 -32.67 -38.65
N GLY FA 921 54.65 -33.22 -38.78
CA GLY FA 921 54.00 -33.84 -37.64
C GLY FA 921 54.37 -35.29 -37.52
N ALA FA 922 55.66 -35.58 -37.64
CA ALA FA 922 56.11 -36.96 -37.69
C ALA FA 922 55.95 -37.64 -36.34
N PHE FA 923 56.33 -36.98 -35.26
CA PHE FA 923 56.36 -37.60 -33.95
C PHE FA 923 55.74 -36.76 -32.84
N PHE FA 924 55.34 -35.52 -33.11
CA PHE FA 924 54.77 -34.66 -32.09
C PHE FA 924 53.64 -33.83 -32.67
N TYR FA 925 52.66 -33.53 -31.84
CA TYR FA 925 51.63 -32.57 -32.17
C TYR FA 925 51.63 -31.47 -31.11
N PRO FA 926 51.18 -30.27 -31.44
CA PRO FA 926 51.17 -29.19 -30.45
C PRO FA 926 50.13 -29.44 -29.35
N ALA FA 927 50.44 -28.97 -28.16
CA ALA FA 927 49.53 -29.07 -27.03
C ALA FA 927 49.84 -28.02 -25.97
N PRO FA 928 49.46 -26.77 -26.20
CA PRO FA 928 49.78 -25.72 -25.23
C PRO FA 928 48.95 -25.88 -23.96
N VAL FA 929 49.59 -25.67 -22.82
CA VAL FA 929 48.94 -25.90 -21.52
C VAL FA 929 48.68 -24.57 -20.83
N ASN FA 930 49.53 -23.57 -21.08
CA ASN FA 930 49.39 -22.27 -20.45
C ASN FA 930 49.77 -21.18 -21.45
N ALA FA 931 49.39 -19.96 -21.14
CA ALA FA 931 49.65 -18.85 -22.03
C ALA FA 931 51.15 -18.62 -22.25
N LEU FA 932 51.99 -19.08 -21.32
CA LEU FA 932 53.43 -18.93 -21.49
C LEU FA 932 53.96 -19.90 -22.53
N PHE FA 933 53.48 -21.14 -22.49
CA PHE FA 933 53.98 -22.18 -23.38
C PHE FA 933 53.03 -22.38 -24.57
N ALA FA 934 52.92 -21.33 -25.38
CA ALA FA 934 52.07 -21.38 -26.57
C ALA FA 934 52.71 -20.48 -27.64
N CYS FA 935 53.51 -21.08 -28.51
CA CYS FA 935 54.04 -20.40 -29.68
C CYS FA 935 53.25 -20.84 -30.89
N ALA FA 936 52.81 -19.86 -31.68
CA ALA FA 936 51.95 -20.18 -32.82
C ALA FA 936 52.68 -20.93 -33.92
N ASP FA 937 54.02 -20.93 -33.90
CA ASP FA 937 54.77 -21.56 -34.98
C ASP FA 937 54.66 -23.09 -34.96
N HIS FA 938 54.30 -23.67 -33.81
CA HIS FA 938 54.12 -25.11 -33.75
C HIS FA 938 52.74 -25.55 -34.24
N LEU FA 939 51.82 -24.62 -34.47
CA LEU FA 939 50.53 -25.00 -35.01
C LEU FA 939 50.65 -25.43 -36.46
N GLY FA 940 51.29 -24.60 -37.28
CA GLY FA 940 51.61 -25.01 -38.64
C GLY FA 940 52.41 -26.29 -38.69
N ALA FA 941 52.99 -26.71 -37.57
CA ALA FA 941 53.68 -28.00 -37.51
C ALA FA 941 52.68 -29.14 -37.53
N MET FA 942 51.50 -28.94 -36.95
CA MET FA 942 50.47 -29.97 -36.98
C MET FA 942 50.00 -30.17 -38.41
N ARG FA 943 50.14 -31.39 -38.92
CA ARG FA 943 49.76 -31.67 -40.29
C ARG FA 943 48.26 -31.48 -40.46
N ASP FA 944 47.87 -30.98 -41.65
CA ASP FA 944 46.47 -30.76 -42.01
C ASP FA 944 45.80 -29.74 -41.08
N VAL FA 945 46.32 -28.51 -41.14
CA VAL FA 945 45.71 -27.37 -40.46
C VAL FA 945 45.52 -26.26 -41.50
N GLY FA 946 44.30 -25.75 -41.59
CA GLY FA 946 44.01 -24.73 -42.58
C GLY FA 946 44.67 -23.40 -42.25
N ALA FA 947 44.85 -22.59 -43.28
CA ALA FA 947 45.46 -21.28 -43.10
C ALA FA 947 44.57 -20.31 -42.34
N GLU FA 948 43.27 -20.57 -42.30
CA GLU FA 948 42.33 -19.65 -41.65
C GLU FA 948 42.65 -19.50 -40.17
N VAL FA 949 42.65 -20.62 -39.44
CA VAL FA 949 42.92 -20.58 -38.01
C VAL FA 949 44.33 -20.08 -37.75
N ARG FA 950 45.28 -20.45 -38.61
CA ARG FA 950 46.67 -20.08 -38.37
C ARG FA 950 46.89 -18.59 -38.60
N ALA FA 951 46.10 -17.97 -39.49
CA ALA FA 951 46.25 -16.54 -39.73
C ALA FA 951 45.85 -15.73 -38.50
N ALA FA 952 44.85 -16.18 -37.76
CA ALA FA 952 44.38 -15.49 -36.57
C ALA FA 952 44.94 -16.08 -35.28
N ALA FA 953 46.09 -16.78 -35.37
CA ALA FA 953 46.64 -17.47 -34.22
C ALA FA 953 47.91 -16.84 -33.68
N GLN FA 954 48.54 -15.91 -34.40
CA GLN FA 954 49.76 -15.30 -33.91
C GLN FA 954 49.50 -14.33 -32.78
N HIS FA 955 48.30 -13.73 -32.75
CA HIS FA 955 48.02 -12.69 -31.77
C HIS FA 955 47.35 -13.22 -30.52
N VAL FA 956 46.62 -14.31 -30.61
CA VAL FA 956 45.90 -14.90 -29.49
C VAL FA 956 46.56 -16.23 -29.14
N PRO FA 957 46.87 -16.49 -27.87
CA PRO FA 957 47.34 -17.82 -27.50
C PRO FA 957 46.28 -18.86 -27.80
N CYS FA 958 46.72 -20.07 -28.13
CA CYS FA 958 45.83 -21.12 -28.62
C CYS FA 958 45.69 -22.26 -27.62
N VAL FA 959 45.59 -21.94 -26.34
CA VAL FA 959 45.30 -23.00 -25.36
C VAL FA 959 43.90 -23.53 -25.63
N PRO FA 960 43.68 -24.83 -25.56
CA PRO FA 960 42.33 -25.36 -25.77
C PRO FA 960 41.49 -25.25 -24.51
N HIS FA 961 40.17 -25.23 -24.71
CA HIS FA 961 39.26 -25.00 -23.60
C HIS FA 961 38.91 -26.27 -22.85
N PHE FA 962 39.76 -27.29 -22.93
CA PHE FA 962 39.69 -28.44 -22.03
C PHE FA 962 40.97 -28.58 -21.22
N LEU FA 963 41.75 -27.51 -21.13
CA LEU FA 963 42.96 -27.49 -20.32
C LEU FA 963 43.07 -26.25 -19.44
N GLY FA 964 42.10 -25.35 -19.52
CA GLY FA 964 42.15 -24.12 -18.75
C GLY FA 964 42.00 -22.90 -19.63
N ALA FA 965 41.02 -22.07 -19.33
CA ALA FA 965 40.87 -20.80 -20.03
C ALA FA 965 41.86 -19.81 -19.44
N ASN FA 966 41.87 -18.58 -19.96
CA ASN FA 966 42.76 -17.57 -19.40
C ASN FA 966 42.26 -17.01 -18.08
N TYR FA 967 40.95 -16.84 -17.93
CA TYR FA 967 40.42 -16.20 -16.74
C TYR FA 967 40.26 -17.12 -15.55
N TYR FA 968 40.18 -18.43 -15.78
CA TYR FA 968 40.08 -19.39 -14.68
C TYR FA 968 41.42 -19.97 -14.28
N ALA FA 969 42.46 -19.75 -15.06
CA ALA FA 969 43.77 -20.29 -14.74
C ALA FA 969 44.44 -19.44 -13.65
N THR FA 970 45.41 -20.03 -12.99
CA THR FA 970 46.13 -19.35 -11.92
C THR FA 970 47.27 -18.49 -12.43
N VAL FA 971 47.59 -18.55 -13.71
CA VAL FA 971 48.63 -17.72 -14.29
C VAL FA 971 48.11 -17.15 -15.60
N ARG FA 972 47.62 -15.91 -15.56
CA ARG FA 972 46.86 -15.36 -16.67
C ARG FA 972 47.80 -14.85 -17.75
N GLN FA 973 47.23 -14.11 -18.70
CA GLN FA 973 48.03 -13.60 -19.83
C GLN FA 973 49.07 -12.58 -19.41
N PRO FA 974 48.76 -11.55 -18.62
CA PRO FA 974 49.73 -10.45 -18.45
C PRO FA 974 51.11 -10.86 -17.99
N VAL FA 975 51.23 -11.82 -17.08
CA VAL FA 975 52.57 -12.25 -16.69
C VAL FA 975 53.28 -12.90 -17.86
N ALA FA 976 52.54 -13.56 -18.76
CA ALA FA 976 53.17 -14.16 -19.92
C ALA FA 976 53.57 -13.08 -20.92
N GLN FA 977 52.64 -12.16 -21.22
CA GLN FA 977 52.96 -11.03 -22.09
C GLN FA 977 54.15 -10.24 -21.55
N HIS FA 978 54.37 -10.28 -20.24
CA HIS FA 978 55.53 -9.63 -19.67
C HIS FA 978 56.82 -10.23 -20.20
N ALA FA 979 56.88 -11.55 -20.29
CA ALA FA 979 58.12 -12.22 -20.68
C ALA FA 979 58.61 -11.73 -22.03
N ALA FA 980 57.79 -11.88 -23.07
CA ALA FA 980 58.21 -11.48 -24.39
C ALA FA 980 58.31 -9.97 -24.55
N GLN FA 981 58.11 -9.20 -23.49
CA GLN FA 981 58.13 -7.75 -23.59
C GLN FA 981 59.23 -7.09 -22.78
N SER FA 982 59.98 -7.84 -21.97
CA SER FA 982 60.98 -7.25 -21.10
C SER FA 982 62.13 -6.69 -21.93
N ARG FA 983 63.11 -6.11 -21.23
CA ARG FA 983 64.14 -5.35 -21.92
C ARG FA 983 65.43 -6.14 -22.15
N ALA FA 984 66.04 -6.63 -21.09
CA ALA FA 984 67.31 -7.36 -21.22
C ALA FA 984 67.62 -8.07 -19.90
N ASP FA 985 68.84 -8.59 -19.79
CA ASP FA 985 69.40 -9.11 -18.54
C ASP FA 985 68.57 -10.28 -18.00
N GLU FA 986 68.67 -11.40 -18.73
CA GLU FA 986 68.00 -12.65 -18.38
C GLU FA 986 67.98 -12.93 -16.88
N ASN FA 987 69.10 -12.66 -16.21
CA ASN FA 987 69.14 -12.79 -14.75
C ASN FA 987 68.05 -11.95 -14.10
N THR FA 988 68.03 -10.65 -14.40
CA THR FA 988 67.03 -9.78 -13.79
C THR FA 988 65.63 -10.17 -14.21
N LEU FA 989 65.45 -10.65 -15.44
CA LEU FA 989 64.12 -11.10 -15.85
C LEU FA 989 63.67 -12.28 -14.99
N SER FA 990 64.57 -13.21 -14.72
CA SER FA 990 64.23 -14.34 -13.88
C SER FA 990 63.84 -13.89 -12.48
N TYR FA 991 64.63 -12.98 -11.91
CA TYR FA 991 64.32 -12.50 -10.57
C TYR FA 991 62.98 -11.76 -10.55
N ALA FA 992 62.73 -10.92 -11.55
CA ALA FA 992 61.47 -10.19 -11.61
C ALA FA 992 60.29 -11.14 -11.70
N LEU FA 993 60.39 -12.14 -12.58
CA LEU FA 993 59.33 -13.12 -12.69
C LEU FA 993 59.09 -13.84 -11.37
N MET FA 994 60.16 -14.20 -10.67
CA MET FA 994 59.99 -14.90 -9.40
C MET FA 994 59.31 -14.01 -8.37
N ALA FA 995 59.71 -12.73 -8.30
CA ALA FA 995 59.05 -11.83 -7.36
C ALA FA 995 57.60 -11.63 -7.73
N GLY FA 996 57.27 -11.69 -9.01
CA GLY FA 996 55.90 -11.55 -9.42
C GLY FA 996 55.12 -12.83 -9.26
N TYR FA 997 55.34 -13.55 -8.17
CA TYR FA 997 54.59 -14.76 -7.87
C TYR FA 997 54.20 -14.82 -6.40
N PHE FA 998 54.01 -13.68 -5.78
CA PHE FA 998 53.59 -13.62 -4.39
C PHE FA 998 52.08 -13.45 -4.32
N LYS FA 999 51.45 -14.19 -3.42
CA LYS FA 999 50.00 -14.19 -3.36
C LYS FA 999 49.48 -12.80 -3.01
N MET FA 1000 48.23 -12.56 -3.37
CA MET FA 1000 47.58 -11.27 -3.18
C MET FA 1000 46.43 -11.50 -2.20
N SER FA 1001 46.71 -11.34 -0.91
CA SER FA 1001 45.75 -11.70 0.11
C SER FA 1001 46.19 -11.06 1.43
N PRO FA 1002 45.27 -10.90 2.37
CA PRO FA 1002 45.67 -10.31 3.67
C PRO FA 1002 46.75 -11.08 4.38
N VAL FA 1003 46.56 -12.40 4.58
CA VAL FA 1003 47.55 -13.17 5.31
C VAL FA 1003 48.88 -13.21 4.58
N ALA FA 1004 48.89 -12.87 3.29
CA ALA FA 1004 50.15 -12.76 2.55
C ALA FA 1004 50.76 -11.38 2.70
N PHE FA 1005 49.93 -10.35 2.76
CA PHE FA 1005 50.44 -9.01 3.02
C PHE FA 1005 51.12 -8.94 4.37
N THR FA 1006 50.56 -9.64 5.37
CA THR FA 1006 51.14 -9.63 6.70
C THR FA 1006 52.62 -10.01 6.69
N HIS FA 1007 53.08 -10.74 5.68
CA HIS FA 1007 54.50 -11.02 5.52
C HIS FA 1007 55.17 -10.09 4.53
N GLN FA 1008 54.60 -9.95 3.33
CA GLN FA 1008 55.27 -9.17 2.29
C GLN FA 1008 55.46 -7.72 2.73
N LEU FA 1009 54.40 -7.06 3.16
CA LEU FA 1009 54.52 -5.70 3.65
C LEU FA 1009 55.46 -5.60 4.84
N ARG FA 1010 55.68 -6.70 5.54
CA ARG FA 1010 56.51 -6.66 6.72
C ARG FA 1010 57.99 -6.75 6.39
N ARG FA 1011 58.35 -7.57 5.41
CA ARG FA 1011 59.75 -7.81 5.10
C ARG FA 1011 60.27 -6.94 3.97
N GLN FA 1012 59.74 -5.73 3.84
CA GLN FA 1012 60.30 -4.73 2.94
C GLN FA 1012 60.28 -5.20 1.49
N LEU FA 1013 59.11 -5.64 1.05
CA LEU FA 1013 58.86 -5.93 -0.36
C LEU FA 1013 57.77 -5.01 -0.87
N HIS FA 1014 57.85 -4.65 -2.14
CA HIS FA 1014 56.95 -3.64 -2.69
C HIS FA 1014 55.91 -4.30 -3.59
N PRO FA 1015 54.69 -4.48 -3.14
CA PRO FA 1015 53.64 -5.01 -4.03
C PRO FA 1015 53.27 -3.99 -5.09
N GLY FA 1016 52.31 -4.34 -5.95
CA GLY FA 1016 52.01 -3.50 -7.09
C GLY FA 1016 50.94 -2.44 -6.89
N PHE FA 1017 51.03 -1.69 -5.79
CA PHE FA 1017 50.10 -0.60 -5.54
C PHE FA 1017 50.89 0.68 -5.32
N ALA FA 1018 50.16 1.73 -4.96
CA ALA FA 1018 50.76 2.96 -4.47
C ALA FA 1018 49.67 3.67 -3.68
N LEU FA 1019 49.80 3.67 -2.36
CA LEU FA 1019 48.77 4.25 -1.52
C LEU FA 1019 48.86 5.76 -1.52
N THR FA 1020 47.73 6.41 -1.25
CA THR FA 1020 47.66 7.87 -1.23
C THR FA 1020 47.13 8.30 0.14
N VAL FA 1021 48.04 8.46 1.10
CA VAL FA 1021 47.64 8.81 2.45
C VAL FA 1021 46.85 10.10 2.45
N VAL FA 1022 45.88 10.19 3.36
CA VAL FA 1022 45.02 11.37 3.50
C VAL FA 1022 44.78 11.61 4.98
N ARG FA 1023 44.95 12.85 5.42
CA ARG FA 1023 44.70 13.20 6.81
C ARG FA 1023 44.17 14.62 6.89
N GLN FA 1024 43.62 14.96 8.04
CA GLN FA 1024 42.93 16.22 8.24
C GLN FA 1024 43.36 16.86 9.55
N ASP FA 1025 43.61 18.17 9.52
CA ASP FA 1025 44.11 18.90 10.67
C ASP FA 1025 43.15 20.02 11.05
N ARG FA 1026 43.49 20.72 12.13
CA ARG FA 1026 42.74 21.89 12.57
C ARG FA 1026 43.74 22.92 13.07
N PHE FA 1027 43.66 24.14 12.55
CA PHE FA 1027 44.54 25.23 12.94
C PHE FA 1027 43.72 26.29 13.65
N ALA FA 1028 44.15 26.69 14.84
CA ALA FA 1028 43.49 27.77 15.57
C ALA FA 1028 44.05 29.09 15.10
N THR FA 1029 43.19 29.97 14.62
CA THR FA 1029 43.58 31.23 14.01
C THR FA 1029 42.95 32.40 14.76
N GLU FA 1030 43.23 33.61 14.30
CA GLU FA 1030 42.69 34.84 14.87
C GLU FA 1030 41.94 35.59 13.80
N ASN FA 1031 40.64 35.81 14.02
CA ASN FA 1031 39.78 36.44 13.03
C ASN FA 1031 39.65 37.93 13.29
N VAL FA 1032 39.14 38.63 12.28
CA VAL FA 1032 38.83 40.05 12.38
C VAL FA 1032 37.47 40.28 11.76
N LEU FA 1033 36.45 40.48 12.60
CA LEU FA 1033 35.08 40.53 12.13
C LEU FA 1033 34.63 41.97 11.93
N PHE FA 1034 33.64 42.15 11.06
CA PHE FA 1034 33.12 43.47 10.71
C PHE FA 1034 31.60 43.38 10.59
N ALA FA 1035 30.94 44.50 10.84
CA ALA FA 1035 29.48 44.55 10.78
C ALA FA 1035 29.07 45.90 10.20
N GLU FA 1036 27.78 46.19 10.28
CA GLU FA 1036 27.24 47.41 9.66
C GLU FA 1036 26.35 48.14 10.65
N LYS FA 1037 26.05 49.39 10.31
CA LYS FA 1037 25.34 50.29 11.22
C LYS FA 1037 24.09 49.65 11.81
N ALA FA 1038 23.43 48.78 11.05
CA ALA FA 1038 22.28 48.06 11.59
C ALA FA 1038 22.21 46.72 10.87
N SER FA 1039 22.76 45.68 11.49
CA SER FA 1039 22.79 44.38 10.86
C SER FA 1039 21.79 43.40 11.46
N GLU FA 1040 21.28 43.66 12.65
CA GLU FA 1040 20.44 42.67 13.30
C GLU FA 1040 19.33 43.34 14.09
N SER FA 1041 18.09 42.98 13.78
CA SER FA 1041 17.01 43.21 14.72
C SER FA 1041 17.11 42.17 15.83
N TYR FA 1042 16.69 42.55 17.02
CA TYR FA 1042 17.02 41.76 18.20
C TYR FA 1042 15.98 42.05 19.26
N PHE FA 1043 15.14 41.08 19.56
CA PHE FA 1043 14.01 41.26 20.48
C PHE FA 1043 14.27 40.47 21.76
N MET FA 1044 14.21 41.16 22.89
CA MET FA 1044 14.39 40.54 24.19
C MET FA 1044 13.05 40.41 24.88
N GLY FA 1045 12.72 39.20 25.30
CA GLY FA 1045 11.44 38.92 25.93
C GLY FA 1045 11.37 39.45 27.34
N GLN FA 1046 10.62 38.73 28.18
CA GLN FA 1046 10.54 39.03 29.60
C GLN FA 1046 11.14 37.89 30.40
N MET FA 1047 11.99 38.23 31.36
CA MET FA 1047 12.61 37.22 32.20
C MET FA 1047 11.56 36.52 33.06
N GLN FA 1048 11.85 35.28 33.42
CA GLN FA 1048 10.98 34.54 34.32
C GLN FA 1048 11.80 33.52 35.08
N VAL FA 1049 11.41 33.27 36.32
CA VAL FA 1049 12.16 32.43 37.24
C VAL FA 1049 11.43 31.11 37.40
N ALA FA 1050 12.13 30.01 37.23
CA ALA FA 1050 11.60 28.68 37.48
C ALA FA 1050 12.28 28.11 38.72
N ARG FA 1051 11.50 27.72 39.69
CA ARG FA 1051 11.98 27.26 40.99
C ARG FA 1051 11.88 25.74 41.08
N THR FA 1052 12.79 25.14 41.83
CA THR FA 1052 12.76 23.70 42.01
C THR FA 1052 13.51 23.34 43.28
N GLU FA 1053 13.46 22.06 43.62
CA GLU FA 1053 14.21 21.50 44.74
C GLU FA 1053 15.29 20.57 44.19
N SER FA 1054 16.48 20.67 44.77
CA SER FA 1054 17.59 19.82 44.37
C SER FA 1054 18.40 19.38 45.59
N GLY FA 1056 19.72 19.06 48.39
CA GLY FA 1056 20.05 19.95 49.47
C GLY FA 1056 20.18 21.39 49.03
N GLY FA 1057 19.06 22.09 49.01
CA GLY FA 1057 19.05 23.49 48.62
C GLY FA 1057 17.78 23.91 47.90
N LEU FA 1058 17.89 24.91 47.03
CA LEU FA 1058 16.75 25.38 46.27
C LEU FA 1058 17.28 26.08 45.03
N HIS FA 1059 17.15 25.43 43.88
CA HIS FA 1059 17.79 25.90 42.65
C HIS FA 1059 16.85 26.86 41.93
N LEU FA 1060 17.14 28.15 42.01
CA LEU FA 1060 16.44 29.11 41.18
C LEU FA 1060 17.13 29.16 39.83
N GLN FA 1061 16.34 29.07 38.76
CA GLN FA 1061 16.88 28.90 37.41
C GLN FA 1061 16.25 29.95 36.49
N LEU FA 1062 16.94 31.07 36.33
CA LEU FA 1062 16.44 32.14 35.47
C LEU FA 1062 16.32 31.66 34.03
N THR FA 1063 15.69 32.50 33.22
CA THR FA 1063 15.63 32.29 31.78
C THR FA 1063 15.09 33.56 31.14
N GLN FA 1064 15.34 33.69 29.85
CA GLN FA 1064 14.88 34.86 29.12
C GLN FA 1064 14.80 34.52 27.63
N PRO FA 1065 13.60 34.51 27.06
CA PRO FA 1065 13.49 34.20 25.63
C PRO FA 1065 13.77 35.42 24.78
N ARG FA 1066 14.55 35.23 23.73
CA ARG FA 1066 14.90 36.32 22.85
C ARG FA 1066 15.11 35.79 21.44
N ALA FA 1067 14.89 36.67 20.46
CA ALA FA 1067 14.94 36.28 19.06
C ALA FA 1067 15.64 37.36 18.26
N ASN FA 1068 16.11 36.98 17.08
CA ASN FA 1068 16.80 37.90 16.18
C ASN FA 1068 16.43 37.59 14.75
N VAL FA 1069 16.72 38.54 13.87
CA VAL FA 1069 16.51 38.32 12.44
C VAL FA 1069 17.39 39.27 11.65
N ASP FA 1070 18.08 38.75 10.64
CA ASP FA 1070 18.82 39.61 9.73
C ASP FA 1070 17.85 40.53 9.03
N LEU FA 1071 18.28 41.76 8.78
CA LEU FA 1071 17.41 42.71 8.09
C LEU FA 1071 18.14 43.47 7.01
N GLY FA 1072 19.20 42.91 6.46
CA GLY FA 1072 19.85 43.53 5.31
C GLY FA 1072 19.84 42.59 4.12
N VAL FA 1073 19.27 43.03 3.01
CA VAL FA 1073 19.37 42.23 1.79
C VAL FA 1073 20.82 42.21 1.35
N GLY FA 1074 21.34 41.01 1.14
CA GLY FA 1074 22.76 40.85 0.90
C GLY FA 1074 23.54 40.72 2.20
N PHE FA 1075 24.84 40.51 2.06
CA PHE FA 1075 25.69 40.25 3.20
C PHE FA 1075 25.94 41.52 4.00
N THR FA 1076 25.94 41.39 5.33
CA THR FA 1076 26.17 42.51 6.21
C THR FA 1076 27.32 42.30 7.17
N ALA FA 1077 28.14 41.27 6.96
CA ALA FA 1077 29.27 41.01 7.84
C ALA FA 1077 30.28 40.14 7.11
N ALA FA 1078 31.54 40.29 7.49
CA ALA FA 1078 32.61 39.56 6.83
C ALA FA 1078 33.84 39.57 7.72
N TYR FA 1079 34.59 38.48 7.70
CA TYR FA 1079 35.81 38.38 8.49
C TYR FA 1079 36.97 37.94 7.61
N ALA FA 1080 38.18 38.07 8.16
CA ALA FA 1080 39.39 37.91 7.36
C ALA FA 1080 40.39 36.90 7.90
N ALA FA 1081 40.37 36.58 9.19
CA ALA FA 1081 41.27 35.58 9.77
C ALA FA 1081 42.74 35.96 9.53
N ALA FA 1082 43.14 37.06 10.17
CA ALA FA 1082 44.43 37.66 9.85
C ALA FA 1082 45.61 36.81 10.31
N ALA FA 1083 45.78 36.63 11.60
CA ALA FA 1083 47.00 36.03 12.13
C ALA FA 1083 46.89 34.51 12.10
N LEU FA 1084 47.83 33.84 12.75
CA LEU FA 1084 47.77 32.39 12.89
C LEU FA 1084 48.39 32.00 14.21
N ARG FA 1085 47.73 31.11 14.93
CA ARG FA 1085 48.26 30.57 16.17
C ARG FA 1085 48.60 29.10 15.98
N ALA FA 1086 49.04 28.45 17.05
CA ALA FA 1086 49.58 27.10 16.93
C ALA FA 1086 48.51 26.13 16.45
N PRO FA 1087 48.87 25.17 15.61
CA PRO FA 1087 47.91 24.15 15.18
C PRO FA 1087 47.38 23.37 16.37
N VAL FA 1088 46.05 23.38 16.53
CA VAL FA 1088 45.47 22.77 17.72
C VAL FA 1088 45.63 21.27 17.70
N THR FA 1089 45.69 20.66 16.51
CA THR FA 1089 45.89 19.23 16.41
C THR FA 1089 47.31 18.94 15.95
N ASP FA 1090 47.80 17.78 16.35
CA ASP FA 1090 49.08 17.31 15.85
C ASP FA 1090 48.96 17.06 14.35
N MET FA 1091 50.11 16.99 13.68
CA MET FA 1091 50.16 16.72 12.26
C MET FA 1091 50.98 15.47 11.98
N GLY FA 1092 50.97 14.53 12.90
CA GLY FA 1092 51.76 13.32 12.75
C GLY FA 1092 51.09 12.27 11.89
N ASN FA 1093 51.16 11.02 12.34
CA ASN FA 1093 50.55 9.92 11.61
C ASN FA 1093 49.88 8.98 12.58
N LEU FA 1094 48.81 8.36 12.13
CA LEU FA 1094 48.13 7.34 12.91
C LEU FA 1094 47.36 6.41 11.99
N PRO FA 1095 47.89 5.22 11.72
CA PRO FA 1095 47.19 4.29 10.83
C PRO FA 1095 45.84 3.91 11.41
N GLN FA 1096 44.78 4.19 10.64
CA GLN FA 1096 43.46 3.77 11.05
C GLN FA 1096 43.38 2.25 11.05
N ASN FA 1097 42.77 1.71 12.10
CA ASN FA 1097 42.61 0.27 12.26
C ASN FA 1097 41.17 -0.07 11.95
N LEU FA 1098 40.96 -0.85 10.89
CA LEU FA 1098 39.60 -1.20 10.48
C LEU FA 1098 38.97 -2.25 11.37
N PHE FA 1099 39.73 -2.90 12.24
CA PHE FA 1099 39.17 -3.97 13.05
C PHE FA 1099 38.17 -3.48 14.07
N ALA FA 1100 37.97 -2.17 14.20
CA ALA FA 1100 36.90 -1.66 15.04
C ALA FA 1100 35.57 -1.59 14.30
N THR FA 1101 35.57 -1.71 12.98
CA THR FA 1101 34.35 -1.64 12.20
C THR FA 1101 33.70 -3.00 12.09
N ARG FA 1102 32.40 -3.00 11.82
CA ARG FA 1102 31.64 -4.19 11.54
C ARG FA 1102 30.87 -4.00 10.25
N GLY FA 1103 30.47 -5.10 9.63
CA GLY FA 1103 29.82 -5.06 8.35
C GLY FA 1103 30.59 -5.73 7.25
N ALA FA 1104 31.83 -6.13 7.53
CA ALA FA 1104 32.62 -6.88 6.57
C ALA FA 1104 32.52 -8.36 6.90
N PRO FA 1105 32.04 -9.20 5.99
CA PRO FA 1105 31.89 -10.61 6.30
C PRO FA 1105 33.23 -11.24 6.63
N PRO FA 1106 33.37 -11.84 7.81
CA PRO FA 1106 34.67 -12.38 8.20
C PRO FA 1106 35.00 -13.63 7.41
N MET FA 1107 36.25 -14.04 7.51
CA MET FA 1107 36.72 -15.19 6.76
C MET FA 1107 36.23 -16.48 7.41
N LEU FA 1108 36.14 -17.54 6.60
CA LEU FA 1108 35.56 -18.79 7.06
C LEU FA 1108 36.38 -19.40 8.19
N ASP FA 1109 37.65 -19.67 7.93
CA ASP FA 1109 38.51 -20.31 8.91
C ASP FA 1109 38.74 -19.36 10.08
N ALA FA 1110 38.19 -19.71 11.25
CA ALA FA 1110 38.32 -18.82 12.40
C ALA FA 1110 39.75 -18.66 12.83
N ASP FA 1111 40.59 -19.68 12.64
CA ASP FA 1111 42.00 -19.52 12.97
C ASP FA 1111 42.64 -18.43 12.13
N ALA FA 1112 42.26 -18.33 10.86
CA ALA FA 1112 42.83 -17.32 9.98
C ALA FA 1112 42.62 -15.93 10.55
N ASP FA 1113 41.37 -15.55 10.81
CA ASP FA 1113 41.13 -14.19 11.27
C ASP FA 1113 41.55 -13.98 12.72
N ASP FA 1114 41.57 -15.03 13.54
CA ASP FA 1114 42.13 -14.87 14.87
C ASP FA 1114 43.61 -14.54 14.79
N TYR FA 1115 44.33 -15.19 13.87
CA TYR FA 1115 45.72 -14.84 13.63
C TYR FA 1115 45.84 -13.41 13.10
N LEU FA 1116 44.92 -13.01 12.22
CA LEU FA 1116 44.91 -11.63 11.74
C LEU FA 1116 44.80 -10.65 12.90
N ARG FA 1117 43.78 -10.81 13.73
CA ARG FA 1117 43.58 -9.92 14.85
C ARG FA 1117 44.79 -9.92 15.77
N ARG FA 1118 45.41 -11.08 15.98
CA ARG FA 1118 46.57 -11.12 16.85
C ARG FA 1118 47.78 -10.44 16.24
N THR FA 1119 47.87 -10.38 14.91
CA THR FA 1119 49.07 -9.82 14.29
C THR FA 1119 48.92 -8.38 13.83
N VAL FA 1120 47.70 -7.84 13.76
CA VAL FA 1120 47.56 -6.43 13.41
C VAL FA 1120 47.38 -5.58 14.64
N ASN FA 1121 46.61 -6.04 15.62
CA ASN FA 1121 46.41 -5.29 16.85
C ASN FA 1121 47.68 -5.20 17.69
N ALA FA 1122 48.70 -5.98 17.38
CA ALA FA 1122 49.92 -5.96 18.18
C ALA FA 1122 50.65 -4.64 18.03
N GLY FA 1123 50.85 -3.95 19.16
CA GLY FA 1123 51.60 -2.71 19.15
C GLY FA 1123 50.95 -1.57 18.38
N ASN FA 1124 49.68 -1.70 18.03
CA ASN FA 1124 48.97 -0.70 17.26
C ASN FA 1124 47.93 -0.06 18.17
N ARG FA 1125 48.10 1.24 18.45
CA ARG FA 1125 47.14 1.92 19.29
C ARG FA 1125 45.79 2.01 18.60
N LEU FA 1126 44.81 2.54 19.33
CA LEU FA 1126 43.40 2.47 18.94
C LEU FA 1126 43.00 1.07 18.50
N ALA FA 1127 43.64 0.07 19.06
CA ALA FA 1127 43.16 -1.28 18.86
C ALA FA 1127 42.00 -1.54 19.82
N PRO FA 1128 40.93 -2.13 19.35
CA PRO FA 1128 39.75 -2.27 20.19
C PRO FA 1128 39.96 -3.28 21.31
N VAL FA 1129 40.60 -2.82 22.39
CA VAL FA 1129 40.75 -3.68 23.56
C VAL FA 1129 39.37 -3.99 24.14
N PRO FA 1130 39.08 -5.21 24.58
CA PRO FA 1130 37.75 -5.57 25.09
C PRO FA 1130 37.48 -5.09 26.52
N VAL FA 1131 37.79 -3.81 26.78
CA VAL FA 1131 37.39 -3.22 28.05
C VAL FA 1131 35.87 -3.22 28.13
N PHE FA 1132 35.35 -3.43 29.34
CA PHE FA 1132 33.93 -3.68 29.55
C PHE FA 1132 33.05 -2.64 28.85
N GLY FA 1133 31.94 -3.13 28.29
CA GLY FA 1133 30.81 -2.36 27.79
C GLY FA 1133 31.03 -1.65 26.46
N GLN FA 1134 32.26 -1.53 26.03
CA GLN FA 1134 32.40 -0.75 24.79
C GLN FA 1134 33.27 -1.42 23.74
N MET FA 1135 34.32 -2.12 24.14
CA MET FA 1135 35.33 -2.62 23.22
C MET FA 1135 35.85 -1.47 22.34
N LEU FA 1136 36.49 -0.52 23.02
CA LEU FA 1136 36.91 0.75 22.45
C LEU FA 1136 38.39 0.98 22.73
N PRO FA 1137 39.03 1.88 21.99
CA PRO FA 1137 40.44 2.19 22.27
C PRO FA 1137 40.62 2.69 23.69
N GLN FA 1138 41.67 2.22 24.35
CA GLN FA 1138 41.90 2.56 25.74
C GLN FA 1138 42.42 3.98 25.86
N VAL FA 1139 42.21 4.57 27.03
CA VAL FA 1139 42.61 5.95 27.29
C VAL FA 1139 44.13 6.05 27.33
N PRO FA 1140 44.76 6.71 26.37
CA PRO FA 1140 46.22 6.80 26.37
C PRO FA 1140 46.70 7.61 27.56
N ALA FA 1141 48.01 7.54 27.80
CA ALA FA 1141 48.65 8.26 28.89
C ALA FA 1141 49.70 9.18 28.29
N GLY FA 1142 49.62 10.47 28.60
CA GLY FA 1142 50.59 11.42 28.11
C GLY FA 1142 50.30 11.84 26.68
N LEU FA 1143 50.38 13.15 26.43
CA LEU FA 1143 50.06 13.70 25.13
C LEU FA 1143 51.25 14.49 24.62
N ALA FA 1144 51.79 14.09 23.47
CA ALA FA 1144 52.89 14.83 22.85
C ALA FA 1144 52.46 16.24 22.52
N ARG FA 1145 51.51 16.37 21.61
CA ARG FA 1145 50.97 17.63 21.16
C ARG FA 1145 49.47 17.43 21.04
N GLY FA 1146 48.80 18.30 20.30
CA GLY FA 1146 47.36 18.21 20.16
C GLY FA 1146 46.88 16.84 19.70
N GLN FA 1147 45.57 16.62 19.74
CA GLN FA 1147 45.02 15.31 19.41
C GLN FA 1147 45.57 14.82 18.07
N GLN FA 1148 46.14 13.62 18.09
CA GLN FA 1148 46.77 13.08 16.90
C GLN FA 1148 45.71 12.72 15.87
N SER FA 1149 45.91 13.17 14.64
CA SER FA 1149 44.94 12.93 13.57
C SER FA 1149 44.98 11.47 13.14
N VAL FA 1150 44.17 11.14 12.15
CA VAL FA 1150 44.09 9.79 11.61
C VAL FA 1150 44.41 9.85 10.14
N CYS FA 1151 44.99 8.78 9.61
CA CYS FA 1151 45.35 8.71 8.20
C CYS FA 1151 44.65 7.54 7.53
N GLU FA 1152 44.43 7.67 6.23
CA GLU FA 1152 43.80 6.62 5.43
C GLU FA 1152 44.72 6.20 4.30
N PHE FA 1153 44.34 5.13 3.63
CA PHE FA 1153 45.12 4.61 2.51
C PHE FA 1153 44.17 4.24 1.40
N ILE FA 1154 44.52 4.62 0.18
CA ILE FA 1154 43.69 4.38 -1.00
C ILE FA 1154 44.55 3.71 -2.04
N ALA FA 1155 44.14 2.52 -2.48
CA ALA FA 1155 44.89 1.82 -3.52
C ALA FA 1155 44.93 2.67 -4.79
N THR FA 1156 46.01 2.53 -5.54
CA THR FA 1156 46.21 3.33 -6.74
C THR FA 1156 47.28 2.71 -7.61
N PRO FA 1157 47.02 2.54 -8.91
CA PRO FA 1157 48.02 1.88 -9.77
C PRO FA 1157 49.32 2.66 -9.81
N VAL FA 1158 50.42 1.92 -9.96
CA VAL FA 1158 51.74 2.52 -9.86
C VAL FA 1158 52.00 3.46 -11.03
N SER FA 1159 51.39 3.23 -12.18
CA SER FA 1159 51.61 4.07 -13.33
C SER FA 1159 50.83 5.38 -13.26
N VAL FA 1160 50.28 5.74 -12.11
CA VAL FA 1160 49.59 7.02 -11.99
C VAL FA 1160 50.60 8.13 -12.12
N ASP FA 1161 50.25 9.17 -12.86
CA ASP FA 1161 51.17 10.27 -13.05
C ASP FA 1161 51.47 10.94 -11.71
N LEU FA 1162 52.69 11.44 -11.58
CA LEU FA 1162 53.07 12.14 -10.36
C LEU FA 1162 52.67 13.59 -10.39
N ALA FA 1163 52.66 14.21 -11.57
CA ALA FA 1163 52.27 15.61 -11.67
C ALA FA 1163 50.83 15.85 -11.22
N TYR FA 1164 50.07 14.80 -10.95
CA TYR FA 1164 48.74 14.93 -10.40
C TYR FA 1164 48.76 15.25 -8.91
N PHE FA 1165 49.91 15.11 -8.24
CA PHE FA 1165 50.01 15.38 -6.83
C PHE FA 1165 50.78 16.66 -6.52
N ARG FA 1166 51.29 17.36 -7.52
CA ARG FA 1166 51.95 18.64 -7.26
C ARG FA 1166 50.94 19.70 -6.86
N ARG FA 1167 50.00 20.00 -7.74
CA ARG FA 1167 48.96 20.97 -7.45
C ARG FA 1167 47.96 20.37 -6.47
N ALA FA 1168 46.90 21.13 -6.19
CA ALA FA 1168 45.79 20.56 -5.43
C ALA FA 1168 45.11 19.47 -6.24
N CYS FA 1169 44.76 18.37 -5.56
CA CYS FA 1169 44.22 17.21 -6.24
C CYS FA 1169 43.03 16.67 -5.44
N ASN FA 1170 42.37 15.67 -6.00
CA ASN FA 1170 41.25 15.00 -5.34
C ASN FA 1170 41.62 13.53 -5.19
N PRO FA 1171 41.62 12.99 -3.98
CA PRO FA 1171 42.01 11.59 -3.78
C PRO FA 1171 41.31 10.60 -4.72
N ARG FA 1172 40.13 10.96 -5.19
CA ARG FA 1172 39.44 10.10 -6.16
C ARG FA 1172 40.17 10.09 -7.49
N GLY FA 1173 40.33 11.25 -8.11
CA GLY FA 1173 40.78 11.35 -9.47
C GLY FA 1173 39.71 12.02 -10.31
N ARG FA 1174 38.46 11.63 -10.08
CA ARG FA 1174 37.33 12.38 -10.62
C ARG FA 1174 37.07 13.54 -9.68
N ALA FA 1175 37.32 14.76 -10.17
CA ALA FA 1175 37.31 15.94 -9.32
C ALA FA 1175 35.92 16.51 -9.16
N ALA FA 1176 34.88 15.68 -9.28
CA ALA FA 1176 33.53 16.16 -9.47
C ALA FA 1176 33.09 17.15 -8.41
N GLY FA 1177 32.95 16.71 -7.16
CA GLY FA 1177 32.41 17.60 -6.16
C GLY FA 1177 31.06 18.14 -6.59
N GLU FA 1178 30.80 19.39 -6.25
CA GLU FA 1178 29.53 20.01 -6.64
C GLU FA 1178 29.70 21.33 -7.37
N VAL FA 1179 30.66 22.16 -6.96
CA VAL FA 1179 30.69 23.54 -7.40
C VAL FA 1179 30.85 23.63 -8.91
N HIS FA 1180 31.59 22.69 -9.50
CA HIS FA 1180 31.81 22.66 -10.93
C HIS FA 1180 31.35 21.30 -11.44
N GLY FA 1181 30.17 21.28 -12.04
CA GLY FA 1181 29.59 20.04 -12.53
C GLY FA 1181 28.15 19.88 -12.08
N GLU FA 1182 27.26 19.56 -13.03
CA GLU FA 1182 25.89 19.24 -12.69
C GLU FA 1182 25.81 17.83 -12.13
N GLU FA 1183 24.59 17.41 -11.78
CA GLU FA 1183 24.39 16.05 -11.32
C GLU FA 1183 24.77 15.06 -12.42
N GLY FA 1184 25.01 13.81 -12.02
CA GLY FA 1184 25.45 12.82 -12.96
C GLY FA 1184 26.91 12.91 -13.33
N LEU FA 1185 27.67 13.73 -12.62
CA LEU FA 1185 29.09 13.86 -12.87
C LEU FA 1185 29.93 12.97 -11.96
N MET FA 1186 29.47 12.73 -10.73
CA MET FA 1186 30.31 12.09 -9.74
C MET FA 1186 30.76 10.70 -10.17
N PHE FA 1187 29.87 9.95 -10.82
CA PHE FA 1187 30.15 8.56 -11.11
C PHE FA 1187 30.14 8.20 -12.58
N ASP FA 1188 29.58 9.02 -13.45
CA ASP FA 1188 29.60 8.72 -14.87
C ASP FA 1188 31.05 8.68 -15.36
N HIS FA 1189 31.29 7.88 -16.39
CA HIS FA 1189 32.60 7.79 -17.01
C HIS FA 1189 32.56 7.98 -18.51
N SER FA 1190 31.38 8.15 -19.11
CA SER FA 1190 31.30 8.50 -20.51
C SER FA 1190 31.55 9.98 -20.75
N HIS FA 1191 31.70 10.77 -19.68
CA HIS FA 1191 32.01 12.19 -19.77
C HIS FA 1191 33.39 12.42 -19.15
N ALA FA 1192 34.27 13.04 -19.92
CA ALA FA 1192 35.66 13.21 -19.49
C ALA FA 1192 35.73 13.97 -18.18
N ASP FA 1193 36.82 13.76 -17.46
CA ASP FA 1193 37.01 14.45 -16.19
C ASP FA 1193 37.10 15.95 -16.43
N PRO FA 1194 36.48 16.76 -15.57
CA PRO FA 1194 36.57 18.21 -15.78
C PRO FA 1194 37.97 18.75 -15.57
N ALA FA 1195 38.68 18.28 -14.54
CA ALA FA 1195 39.97 18.85 -14.19
C ALA FA 1195 41.10 18.42 -15.11
N HIS FA 1196 40.94 17.32 -15.83
CA HIS FA 1196 41.98 16.81 -16.74
C HIS FA 1196 41.32 16.19 -17.95
N PRO FA 1197 40.81 17.01 -18.86
CA PRO FA 1197 39.97 16.49 -19.95
C PRO FA 1197 40.66 15.45 -20.82
N HIS FA 1198 41.97 15.29 -20.72
CA HIS FA 1198 42.64 14.24 -21.47
C HIS FA 1198 42.06 12.88 -21.10
N ARG FA 1199 42.23 12.48 -19.84
CA ARG FA 1199 41.81 11.17 -19.38
C ARG FA 1199 40.46 11.25 -18.69
N ALA FA 1200 39.87 10.08 -18.48
CA ALA FA 1200 38.57 9.99 -17.84
C ALA FA 1200 38.71 10.05 -16.33
N THR FA 1201 39.58 9.23 -15.76
CA THR FA 1201 39.85 9.27 -14.33
C THR FA 1201 41.36 9.26 -14.15
N ALA FA 1202 41.80 9.17 -12.90
CA ALA FA 1202 43.21 8.98 -12.61
C ALA FA 1202 43.43 7.83 -11.66
N ASN FA 1203 42.39 7.08 -11.32
CA ASN FA 1203 42.48 5.95 -10.41
C ASN FA 1203 41.26 5.07 -10.55
N PRO FA 1204 41.20 4.20 -11.56
CA PRO FA 1204 40.00 3.39 -11.77
C PRO FA 1204 39.58 2.60 -10.56
N TRP FA 1205 40.50 2.31 -9.64
CA TRP FA 1205 40.14 1.59 -8.43
C TRP FA 1205 39.43 2.44 -7.41
N ALA FA 1206 39.19 3.72 -7.70
CA ALA FA 1206 38.55 4.57 -6.71
C ALA FA 1206 37.54 5.55 -7.30
N SER FA 1207 37.03 5.29 -8.47
CA SER FA 1207 36.07 6.25 -9.01
C SER FA 1207 34.77 5.62 -9.46
N GLN FA 1208 34.80 4.40 -10.00
CA GLN FA 1208 33.58 3.77 -10.46
C GLN FA 1208 32.60 3.59 -9.32
N ARG FA 1209 31.32 3.56 -9.66
CA ARG FA 1209 30.29 3.24 -8.67
C ARG FA 1209 30.43 1.78 -8.25
N HIS FA 1210 30.46 1.55 -6.95
CA HIS FA 1210 30.73 0.25 -6.34
C HIS FA 1210 32.17 -0.20 -6.50
N SER FA 1211 33.09 0.72 -6.76
CA SER FA 1211 34.49 0.35 -6.89
C SER FA 1211 35.05 -0.05 -5.53
N TYR FA 1212 36.35 -0.33 -5.49
CA TYR FA 1212 36.94 -0.78 -4.24
C TYR FA 1212 36.87 0.31 -3.18
N ALA FA 1213 37.51 1.45 -3.44
CA ALA FA 1213 37.54 2.52 -2.45
C ALA FA 1213 36.15 2.98 -2.07
N ASP FA 1214 35.21 2.98 -3.02
CA ASP FA 1214 33.85 3.42 -2.72
C ASP FA 1214 33.23 2.56 -1.63
N ARG FA 1215 33.41 1.24 -1.71
CA ARG FA 1215 32.79 0.36 -0.74
C ARG FA 1215 33.35 0.51 0.66
N LEU FA 1216 34.34 1.37 0.87
CA LEU FA 1216 34.95 1.55 2.18
C LEU FA 1216 34.72 2.94 2.77
N TYR FA 1217 34.69 3.98 1.95
CA TYR FA 1217 34.57 5.33 2.45
C TYR FA 1217 33.35 6.04 1.88
N ASN FA 1218 32.21 5.38 1.85
CA ASN FA 1218 30.98 5.98 1.35
C ASN FA 1218 29.96 6.06 2.45
N GLY FA 1219 28.93 6.87 2.23
CA GLY FA 1219 27.93 7.10 3.25
C GLY FA 1219 26.95 5.98 3.40
N GLN FA 1220 26.44 5.45 2.29
CA GLN FA 1220 25.35 4.50 2.30
C GLN FA 1220 25.82 3.06 2.18
N TYR FA 1221 26.97 2.73 2.77
CA TYR FA 1221 27.49 1.37 2.71
C TYR FA 1221 27.84 0.82 4.08
N ASN FA 1222 27.32 1.43 5.14
CA ASN FA 1222 27.34 0.90 6.51
C ASN FA 1222 28.68 0.35 6.98
N MET FA 1223 29.80 0.87 6.47
CA MET FA 1223 31.09 0.38 6.94
C MET FA 1223 31.85 1.49 7.65
N SER FA 1224 31.16 2.22 8.51
CA SER FA 1224 31.76 3.24 9.34
C SER FA 1224 32.03 2.69 10.74
N GLY FA 1225 32.94 3.35 11.44
CA GLY FA 1225 33.32 2.94 12.77
C GLY FA 1225 33.42 4.10 13.73
N PRO FA 1226 34.02 3.86 14.89
CA PRO FA 1226 34.16 4.94 15.87
C PRO FA 1226 35.22 5.95 15.48
N ALA FA 1227 36.20 5.57 14.68
CA ALA FA 1227 37.26 6.48 14.31
C ALA FA 1227 36.82 7.38 13.17
N TYR FA 1228 37.35 8.59 13.17
CA TYR FA 1228 37.00 9.55 12.13
C TYR FA 1228 37.72 9.23 10.84
N SER FA 1229 36.98 9.25 9.74
CA SER FA 1229 37.55 8.93 8.43
C SER FA 1229 37.80 10.22 7.66
N PRO FA 1230 39.03 10.69 7.59
CA PRO FA 1230 39.29 11.99 6.96
C PRO FA 1230 38.82 12.10 5.54
N CYS FA 1231 38.59 10.99 4.85
CA CYS FA 1231 38.15 11.01 3.46
C CYS FA 1231 36.67 10.71 3.32
N PHE FA 1232 35.89 10.83 4.41
CA PHE FA 1232 34.48 10.53 4.34
C PHE FA 1232 33.73 11.53 3.47
N LYS FA 1233 34.23 12.76 3.34
CA LYS FA 1233 33.54 13.81 2.61
C LYS FA 1233 33.99 13.91 1.17
N PHE FA 1234 34.68 12.89 0.65
CA PHE FA 1234 35.07 12.88 -0.76
C PHE FA 1234 34.34 11.83 -1.58
N PHE FA 1235 33.87 10.75 -0.96
CA PHE FA 1235 33.15 9.70 -1.64
C PHE FA 1235 31.70 9.63 -1.18
N THR FA 1236 31.06 10.78 -1.03
CA THR FA 1236 29.68 10.74 -0.59
C THR FA 1236 28.82 11.73 -1.36
N PRO FA 1237 27.92 11.25 -2.20
CA PRO FA 1237 26.99 12.14 -2.90
C PRO FA 1237 25.68 12.38 -2.19
N ALA FA 1238 25.50 11.85 -0.97
CA ALA FA 1238 24.22 11.84 -0.28
C ALA FA 1238 23.59 13.21 -0.17
N GLU FA 1239 24.37 14.26 -0.41
CA GLU FA 1239 23.85 15.61 -0.50
C GLU FA 1239 23.03 15.83 -1.77
N ALA FA 1240 22.77 14.78 -2.55
CA ALA FA 1240 21.90 14.93 -3.71
C ALA FA 1240 20.51 15.42 -3.31
N VAL FA 1241 20.04 15.02 -2.12
CA VAL FA 1241 18.82 15.59 -1.58
C VAL FA 1241 18.99 17.08 -1.35
N ALA FA 1242 20.19 17.49 -0.94
CA ALA FA 1242 20.48 18.91 -0.71
C ALA FA 1242 21.11 19.51 -1.95
N LYS FA 1243 20.30 19.62 -3.00
CA LYS FA 1243 20.76 20.29 -4.21
C LYS FA 1243 20.91 21.79 -3.92
N SER FA 1244 21.90 22.41 -4.58
CA SER FA 1244 22.15 23.82 -4.36
C SER FA 1244 21.48 24.68 -5.41
N ARG FA 1245 20.80 25.73 -4.92
CA ARG FA 1245 20.13 26.71 -5.76
C ARG FA 1245 20.78 28.08 -5.66
N GLY FA 1246 22.11 28.11 -5.57
CA GLY FA 1246 22.84 29.37 -5.55
C GLY FA 1246 24.23 29.23 -4.97
N LEU FA 1247 25.21 29.89 -5.58
CA LEU FA 1247 26.55 29.83 -5.05
C LEU FA 1247 26.65 30.53 -3.70
N ALA FA 1248 25.83 31.56 -3.50
CA ALA FA 1248 25.85 32.27 -2.22
C ALA FA 1248 25.51 31.34 -1.06
N ARG FA 1249 24.64 30.35 -1.30
CA ARG FA 1249 24.34 29.38 -0.26
C ARG FA 1249 25.59 28.61 0.14
N LEU FA 1250 26.41 28.21 -0.83
CA LEU FA 1250 27.63 27.47 -0.50
C LEU FA 1250 28.65 28.35 0.17
N ILE FA 1251 28.76 29.60 -0.28
CA ILE FA 1251 29.69 30.52 0.36
C ILE FA 1251 29.31 30.71 1.82
N ALA FA 1252 28.05 31.03 2.08
CA ALA FA 1252 27.59 31.21 3.45
C ALA FA 1252 27.72 29.92 4.26
N ASP FA 1253 27.55 28.77 3.62
CA ASP FA 1253 27.60 27.51 4.35
C ASP FA 1253 28.99 27.25 4.93
N THR FA 1254 30.03 27.42 4.11
CA THR FA 1254 31.38 27.30 4.64
C THR FA 1254 31.66 28.45 5.59
N GLY FA 1255 32.72 28.30 6.38
CA GLY FA 1255 32.98 29.22 7.45
C GLY FA 1255 32.01 29.15 8.60
N ALA FA 1256 30.97 28.32 8.51
CA ALA FA 1256 30.03 28.15 9.60
C ALA FA 1256 29.58 26.71 9.78
N ALA FA 1257 30.16 25.77 9.04
CA ALA FA 1257 29.73 24.38 9.16
C ALA FA 1257 30.15 23.82 10.51
N ALA FA 1258 29.28 23.01 11.09
CA ALA FA 1258 29.54 22.44 12.41
C ALA FA 1258 30.69 21.44 12.35
N SER FA 1259 31.38 21.28 13.46
CA SER FA 1259 32.56 20.43 13.49
C SER FA 1259 32.14 18.97 13.53
N PRO FA 1260 32.70 18.12 12.69
CA PRO FA 1260 32.30 16.72 12.69
C PRO FA 1260 32.99 15.91 13.77
N THR FA 1261 34.22 16.29 14.11
CA THR FA 1261 35.04 15.47 14.99
C THR FA 1261 34.72 15.77 16.45
N SER FA 1262 35.55 15.22 17.34
CA SER FA 1262 35.41 15.39 18.77
C SER FA 1262 36.62 16.14 19.31
N ASN FA 1263 36.69 16.27 20.63
CA ASN FA 1263 37.76 16.98 21.30
C ASN FA 1263 38.55 16.10 22.25
N GLY FA 1264 38.38 14.79 22.18
CA GLY FA 1264 39.14 13.89 23.01
C GLY FA 1264 40.60 13.82 22.56
N GLU FA 1265 41.31 12.85 23.12
CA GLU FA 1265 42.73 12.71 22.82
C GLU FA 1265 42.97 12.12 21.43
N TYR FA 1266 41.93 11.73 20.72
CA TYR FA 1266 42.05 11.28 19.34
C TYR FA 1266 41.00 12.01 18.52
N GLN FA 1267 40.86 11.61 17.26
CA GLN FA 1267 39.83 12.17 16.39
C GLN FA 1267 38.67 11.19 16.31
N PHE FA 1268 37.83 11.20 17.33
CA PHE FA 1268 36.68 10.33 17.33
C PHE FA 1268 35.52 10.97 16.62
N LYS FA 1269 34.57 10.15 16.22
CA LYS FA 1269 33.35 10.66 15.59
C LYS FA 1269 32.43 11.20 16.67
N ARG FA 1270 31.75 12.30 16.35
CA ARG FA 1270 30.92 12.97 17.33
C ARG FA 1270 29.48 13.07 16.84
N PRO FA 1271 28.51 12.89 17.72
CA PRO FA 1271 27.11 13.08 17.31
C PRO FA 1271 26.90 14.47 16.72
N VAL FA 1272 26.11 14.52 15.65
CA VAL FA 1272 25.97 15.74 14.88
C VAL FA 1272 25.25 16.83 15.65
N GLY FA 1273 24.43 16.46 16.64
CA GLY FA 1273 23.63 17.46 17.34
C GLY FA 1273 24.47 18.47 18.09
N ALA FA 1274 25.50 18.01 18.80
CA ALA FA 1274 26.30 18.89 19.64
C ALA FA 1274 27.00 19.97 18.81
N GLY FA 1275 27.94 19.56 17.97
CA GLY FA 1275 28.58 20.46 17.04
C GLY FA 1275 29.37 21.62 17.63
N GLU FA 1276 30.03 22.38 16.76
CA GLU FA 1276 30.86 23.52 17.11
C GLU FA 1276 31.29 24.18 15.81
N LEU FA 1277 31.56 25.49 15.86
CA LEU FA 1277 31.85 26.25 14.65
C LEU FA 1277 33.26 26.00 14.17
N VAL FA 1278 33.41 25.80 12.86
CA VAL FA 1278 34.72 25.57 12.24
C VAL FA 1278 34.58 25.86 10.76
N GLU FA 1279 35.65 26.35 10.16
CA GLU FA 1279 35.68 26.77 8.77
C GLU FA 1279 36.43 25.76 7.93
N ASP FA 1280 35.89 25.42 6.75
CA ASP FA 1280 36.63 24.55 5.85
C ASP FA 1280 36.36 24.86 4.38
N PRO FA 1281 37.37 25.32 3.63
CA PRO FA 1281 37.19 25.50 2.19
C PRO FA 1281 37.34 24.24 1.38
N CYS FA 1282 37.67 23.11 2.01
CA CYS FA 1282 37.78 21.86 1.26
C CYS FA 1282 36.41 21.32 0.90
N ALA FA 1283 35.45 21.41 1.81
CA ALA FA 1283 34.10 20.96 1.51
C ALA FA 1283 33.46 21.76 0.38
N LEU FA 1284 33.97 22.95 0.09
CA LEU FA 1284 33.45 23.70 -1.05
C LEU FA 1284 34.05 23.22 -2.36
N PHE FA 1285 35.32 22.82 -2.34
CA PHE FA 1285 36.02 22.44 -3.56
C PHE FA 1285 36.20 20.93 -3.73
N GLN FA 1286 36.09 20.16 -2.65
CA GLN FA 1286 36.42 18.75 -2.68
C GLN FA 1286 37.84 18.54 -3.22
N GLU FA 1287 38.78 19.27 -2.63
CA GLU FA 1287 40.17 19.26 -3.05
C GLU FA 1287 41.06 19.20 -1.82
N ALA FA 1288 42.27 18.69 -2.01
CA ALA FA 1288 43.23 18.55 -0.94
C ALA FA 1288 44.53 19.22 -1.33
N TYR FA 1289 45.35 19.52 -0.33
CA TYR FA 1289 46.60 20.20 -0.59
C TYR FA 1289 47.78 19.32 -0.22
N PRO FA 1290 48.84 19.32 -1.02
CA PRO FA 1290 49.99 18.49 -0.71
C PRO FA 1290 50.94 19.20 0.22
N PRO FA 1291 51.35 18.56 1.31
CA PRO FA 1291 52.29 19.18 2.24
C PRO FA 1291 53.72 19.02 1.73
N LEU FA 1292 54.66 19.56 2.49
CA LEU FA 1292 56.06 19.33 2.18
C LEU FA 1292 56.42 17.89 2.51
N CYS FA 1293 56.59 17.06 1.48
CA CYS FA 1293 56.92 15.66 1.67
C CYS FA 1293 57.95 15.26 0.62
N ALA FA 1294 58.65 14.17 0.91
CA ALA FA 1294 59.66 13.67 -0.01
C ALA FA 1294 59.94 12.22 0.31
N SER FA 1295 60.51 11.52 -0.65
CA SER FA 1295 60.62 10.07 -0.59
C SER FA 1295 61.87 9.59 0.12
N ASP FA 1296 62.68 10.48 0.67
CA ASP FA 1296 63.84 10.05 1.46
C ASP FA 1296 64.28 11.20 2.35
N SER FA 1297 64.79 10.85 3.53
CA SER FA 1297 65.20 11.88 4.46
C SER FA 1297 66.33 12.74 3.91
N ALA FA 1298 67.03 12.26 2.88
CA ALA FA 1298 68.18 12.99 2.37
C ALA FA 1298 67.80 14.19 1.53
N LEU FA 1299 66.55 14.29 1.09
CA LEU FA 1299 66.14 15.42 0.28
C LEU FA 1299 65.56 16.56 1.08
N LEU FA 1300 65.10 16.29 2.31
CA LEU FA 1300 64.59 17.34 3.19
C LEU FA 1300 65.69 17.92 4.07
N ARG FA 1301 66.69 18.47 3.42
CA ARG FA 1301 67.79 19.13 4.12
C ARG FA 1301 67.88 20.57 3.67
N THR FA 1302 68.41 21.40 4.56
CA THR FA 1302 68.31 22.85 4.39
C THR FA 1302 68.78 23.36 3.03
N PRO FA 1303 69.81 22.81 2.38
CA PRO FA 1303 69.98 23.14 0.95
C PRO FA 1303 69.08 22.24 0.10
N LEU FA 1304 67.83 22.68 -0.06
CA LEU FA 1304 66.81 21.86 -0.72
C LEU FA 1304 67.25 21.47 -2.13
N GLY FA 1305 67.43 22.45 -3.00
CA GLY FA 1305 67.95 22.18 -4.32
C GLY FA 1305 67.01 21.41 -5.24
N ALA FA 1306 67.46 20.26 -5.72
CA ALA FA 1306 66.73 19.55 -6.77
C ALA FA 1306 65.51 18.84 -6.23
N GLU FA 1307 64.47 18.77 -7.06
CA GLU FA 1307 63.18 18.22 -6.65
C GLU FA 1307 62.90 16.83 -7.20
N GLU FA 1308 63.72 16.34 -8.14
CA GLU FA 1308 63.63 14.97 -8.61
C GLU FA 1308 65.05 14.49 -8.87
N HIS FA 1309 65.48 13.47 -8.13
CA HIS FA 1309 66.86 13.01 -8.18
C HIS FA 1309 67.00 11.74 -9.02
N PHE FA 1310 66.28 10.69 -8.65
CA PHE FA 1310 66.28 9.38 -9.26
C PHE FA 1310 64.86 8.89 -9.07
N ALA FA 1311 64.67 7.57 -9.01
CA ALA FA 1311 63.38 7.03 -8.59
C ALA FA 1311 62.76 7.80 -7.43
N GLN FA 1312 63.57 8.33 -6.52
CA GLN FA 1312 63.05 9.14 -5.42
C GLN FA 1312 62.56 10.50 -5.91
N TYR FA 1313 61.55 11.04 -5.23
CA TYR FA 1313 60.91 12.28 -5.62
C TYR FA 1313 60.76 13.21 -4.43
N LEU FA 1314 60.55 14.49 -4.72
CA LEU FA 1314 60.25 15.48 -3.70
C LEU FA 1314 59.11 16.35 -4.20
N ILE FA 1315 58.26 16.78 -3.27
CA ILE FA 1315 57.05 17.53 -3.59
C ILE FA 1315 57.04 18.79 -2.75
N ARG FA 1316 57.24 19.94 -3.38
CA ARG FA 1316 57.12 21.21 -2.69
C ARG FA 1316 55.72 21.35 -2.10
N ASP FA 1317 55.62 22.18 -1.07
CA ASP FA 1317 54.34 22.42 -0.42
C ASP FA 1317 53.57 23.48 -1.20
N GLU FA 1318 52.28 23.21 -1.40
CA GLU FA 1318 51.39 24.20 -2.02
C GLU FA 1318 50.07 24.13 -1.25
N SER FA 1319 49.97 24.94 -0.21
CA SER FA 1319 48.85 24.91 0.70
C SER FA 1319 48.52 26.34 1.09
N PRO FA 1320 47.50 26.60 1.89
CA PRO FA 1320 47.32 27.95 2.42
C PRO FA 1320 48.35 28.30 3.48
N LEU FA 1321 49.33 27.42 3.67
CA LEU FA 1321 50.29 27.57 4.75
C LEU FA 1321 51.72 27.68 4.25
N LYS FA 1322 51.95 28.55 3.28
CA LYS FA 1322 53.32 28.77 2.80
C LYS FA 1322 54.27 29.23 3.89
N GLY FA 1323 53.77 29.62 5.06
CA GLY FA 1323 54.64 30.02 6.15
C GLY FA 1323 54.24 29.44 7.50
N ARG GA 24 -1.12 13.83 50.49
CA ARG GA 24 -2.32 13.01 50.46
C ARG GA 24 -2.09 11.75 49.64
N ALA GA 25 -3.08 10.86 49.64
CA ALA GA 25 -2.98 9.59 48.94
C ALA GA 25 -3.93 9.59 47.77
N ARG GA 26 -3.69 8.70 46.81
CA ARG GA 26 -4.50 8.62 45.60
C ARG GA 26 -5.20 7.28 45.52
N LEU GA 27 -6.40 7.29 44.98
CA LEU GA 27 -7.32 6.17 45.08
C LEU GA 27 -7.61 5.56 43.73
N ILE GA 28 -8.28 4.41 43.77
CA ILE GA 28 -8.75 3.69 42.59
C ILE GA 28 -10.21 3.37 42.80
N ARG GA 29 -11.03 3.52 41.76
CA ARG GA 29 -12.42 3.11 41.79
C ARG GA 29 -12.65 2.11 40.67
N GLN GA 30 -13.27 0.98 41.01
CA GLN GA 30 -13.54 -0.06 40.03
C GLN GA 30 -14.92 -0.63 40.29
N VAL GA 31 -15.88 -0.28 39.43
CA VAL GA 31 -17.20 -0.88 39.49
C VAL GA 31 -17.10 -2.36 39.13
N THR GA 32 -17.91 -3.18 39.81
CA THR GA 32 -17.79 -4.62 39.66
C THR GA 32 -18.99 -5.30 40.28
N LEU GA 33 -18.95 -6.63 40.30
CA LEU GA 33 -20.01 -7.45 40.84
C LEU GA 33 -19.74 -7.81 42.29
N ALA GA 34 -20.80 -7.91 43.08
CA ALA GA 34 -20.70 -8.29 44.49
C ALA GA 34 -20.56 -9.80 44.63
N ASP GA 35 -19.54 -10.35 43.96
CA ASP GA 35 -19.28 -11.78 43.99
C ASP GA 35 -18.37 -12.21 45.15
N PHE GA 36 -17.17 -11.65 45.20
CA PHE GA 36 -16.14 -12.11 46.12
C PHE GA 36 -15.81 -11.13 47.22
N CYS GA 37 -15.87 -9.82 46.95
CA CYS GA 37 -15.61 -8.82 47.98
C CYS GA 37 -16.93 -8.11 48.21
N GLU GA 38 -17.36 -8.03 49.46
CA GLU GA 38 -18.73 -7.60 49.62
C GLU GA 38 -18.77 -6.40 50.57
N PRO GA 39 -18.57 -5.18 50.06
CA PRO GA 39 -18.10 -4.05 50.88
C PRO GA 39 -19.10 -3.59 51.94
N GLN GA 40 -20.33 -4.04 51.91
CA GLN GA 40 -21.21 -3.79 53.04
C GLN GA 40 -21.04 -4.82 54.15
N ALA GA 41 -20.71 -6.07 53.80
CA ALA GA 41 -20.50 -7.10 54.82
C ALA GA 41 -19.29 -6.82 55.73
N GLU GA 42 -18.16 -6.37 55.18
CA GLU GA 42 -16.98 -6.07 55.99
C GLU GA 42 -16.92 -4.57 56.22
N ARG GA 43 -16.28 -4.14 57.29
CA ARG GA 43 -16.06 -2.70 57.41
C ARG GA 43 -14.78 -2.32 56.67
N PRO GA 44 -14.52 -1.03 56.43
CA PRO GA 44 -13.34 -0.67 55.64
C PRO GA 44 -12.05 -1.18 56.28
N GLY GA 45 -10.97 -1.05 55.51
CA GLY GA 45 -9.66 -1.41 56.02
C GLY GA 45 -9.29 -2.87 55.89
N LEU GA 46 -9.28 -3.39 54.66
CA LEU GA 46 -8.79 -4.74 54.39
C LEU GA 46 -8.42 -4.82 52.92
N VAL GA 47 -7.32 -5.50 52.62
CA VAL GA 47 -6.76 -5.45 51.27
C VAL GA 47 -7.67 -6.18 50.30
N VAL GA 48 -7.74 -5.67 49.07
CA VAL GA 48 -8.54 -6.26 48.01
C VAL GA 48 -7.61 -6.60 46.85
N LEU GA 49 -8.00 -7.58 46.06
CA LEU GA 49 -7.19 -8.06 44.97
C LEU GA 49 -7.96 -7.92 43.67
N ALA GA 50 -7.23 -7.76 42.57
CA ALA GA 50 -7.82 -7.69 41.24
C ALA GA 50 -7.63 -9.03 40.54
N LEU GA 51 -8.71 -9.58 40.02
CA LEU GA 51 -8.68 -10.87 39.35
C LEU GA 51 -8.65 -10.68 37.84
N ARG GA 52 -7.66 -11.31 37.21
CA ARG GA 52 -7.49 -11.37 35.77
C ARG GA 52 -8.76 -11.87 35.08
N HIS GA 53 -8.90 -11.50 33.82
CA HIS GA 53 -9.95 -12.09 32.99
C HIS GA 53 -9.65 -13.58 32.82
N PRO GA 54 -10.61 -14.46 33.07
CA PRO GA 54 -10.29 -15.90 33.07
C PRO GA 54 -10.08 -16.48 31.69
N ALA GA 55 -10.52 -15.78 30.64
CA ALA GA 55 -10.39 -16.34 29.29
C ALA GA 55 -8.93 -16.61 28.95
N ASP GA 56 -8.05 -15.65 29.21
CA ASP GA 56 -6.65 -15.86 28.84
C ASP GA 56 -5.98 -16.89 29.73
N LEU GA 57 -6.41 -17.03 30.98
CA LEU GA 57 -5.91 -18.13 31.81
C LEU GA 57 -6.26 -19.47 31.20
N ALA GA 58 -7.55 -19.66 30.88
CA ALA GA 58 -7.98 -20.90 30.25
C ALA GA 58 -7.23 -21.16 28.97
N GLY GA 59 -6.96 -20.10 28.20
CA GLY GA 59 -6.21 -20.27 26.96
C GLY GA 59 -4.77 -20.68 27.20
N ALA GA 60 -4.06 -19.90 28.01
CA ALA GA 60 -2.65 -20.16 28.29
C ALA GA 60 -2.43 -21.52 28.92
N ALA GA 61 -3.43 -22.05 29.63
CA ALA GA 61 -3.34 -23.43 30.10
C ALA GA 61 -3.03 -24.38 28.97
N TYR GA 62 -3.80 -24.29 27.87
CA TYR GA 62 -3.66 -25.21 26.74
C TYR GA 62 -2.20 -25.44 26.35
N ALA GA 63 -1.36 -24.43 26.52
CA ALA GA 63 0.07 -24.57 26.23
C ALA GA 63 0.93 -24.70 27.48
N ALA GA 64 0.36 -24.49 28.67
CA ALA GA 64 1.16 -24.41 29.88
C ALA GA 64 1.12 -25.65 30.75
N THR GA 65 0.05 -26.42 30.75
CA THR GA 65 0.02 -27.60 31.60
C THR GA 65 1.11 -28.58 31.16
N PRO GA 66 1.81 -29.20 32.10
CA PRO GA 66 3.00 -30.00 31.76
C PRO GA 66 2.60 -31.27 31.03
N PRO GA 67 3.57 -32.07 30.58
CA PRO GA 67 3.23 -33.34 29.94
C PRO GA 67 2.66 -34.32 30.94
N GLY GA 68 1.84 -35.22 30.44
CA GLY GA 68 1.21 -36.25 31.26
C GLY GA 68 -0.07 -35.85 31.95
N LYS GA 69 -0.12 -34.62 32.45
CA LYS GA 69 -1.30 -34.17 33.17
C LYS GA 69 -2.44 -33.85 32.22
N ASN GA 70 -3.59 -33.48 32.80
CA ASN GA 70 -4.71 -33.02 32.01
C ASN GA 70 -4.43 -31.63 31.44
N HIS GA 71 -5.04 -31.35 30.29
CA HIS GA 71 -4.82 -30.09 29.60
C HIS GA 71 -6.12 -29.33 29.34
N ARG GA 72 -7.23 -29.78 29.92
CA ARG GA 72 -8.48 -29.04 29.85
C ARG GA 72 -9.22 -28.98 31.16
N ASP GA 73 -8.60 -29.40 32.27
CA ASP GA 73 -9.31 -29.47 33.53
C ASP GA 73 -9.56 -28.10 34.14
N LEU GA 74 -8.72 -27.12 33.81
CA LEU GA 74 -8.98 -25.76 34.28
C LEU GA 74 -10.17 -25.16 33.54
N GLU GA 75 -10.27 -25.40 32.24
CA GLU GA 75 -11.49 -25.09 31.50
C GLU GA 75 -12.74 -25.52 32.26
N GLU GA 76 -12.78 -26.80 32.65
CA GLU GA 76 -13.95 -27.34 33.34
C GLU GA 76 -14.13 -26.69 34.70
N ALA GA 77 -13.04 -26.57 35.46
CA ALA GA 77 -13.12 -25.98 36.79
C ALA GA 77 -13.68 -24.57 36.74
N TRP GA 78 -13.28 -23.79 35.73
CA TRP GA 78 -13.86 -22.46 35.58
C TRP GA 78 -15.32 -22.54 35.18
N LEU GA 79 -15.64 -23.34 34.15
CA LEU GA 79 -17.02 -23.44 33.70
C LEU GA 79 -17.95 -23.87 34.81
N ALA GA 80 -17.43 -24.56 35.82
CA ALA GA 80 -18.22 -24.96 36.97
C ALA GA 80 -18.53 -23.80 37.93
N LEU GA 81 -18.20 -22.57 37.60
CA LEU GA 81 -18.43 -21.43 38.49
C LEU GA 81 -19.24 -20.36 37.76
N ASP GA 82 -20.31 -20.78 37.10
CA ASP GA 82 -21.12 -19.88 36.29
C ASP GA 82 -22.62 -20.12 36.42
N ARG GA 94 -18.32 -7.61 34.72
CA ARG GA 94 -17.80 -8.92 35.15
C ARG GA 94 -17.43 -8.86 36.64
N ALA GA 95 -17.24 -10.04 37.23
CA ALA GA 95 -16.75 -10.12 38.60
C ALA GA 95 -15.22 -10.06 38.61
N SER GA 96 -14.68 -9.04 39.29
CA SER GA 96 -13.26 -8.71 39.12
C SER GA 96 -12.47 -8.69 40.42
N VAL GA 97 -13.04 -8.22 41.51
CA VAL GA 97 -12.27 -8.08 42.75
C VAL GA 97 -12.54 -9.26 43.65
N VAL GA 98 -11.63 -9.48 44.59
CA VAL GA 98 -11.78 -10.52 45.60
C VAL GA 98 -11.10 -10.02 46.86
N SER GA 99 -11.84 -9.96 47.96
CA SER GA 99 -11.24 -9.54 49.22
C SER GA 99 -10.35 -10.66 49.75
N LEU GA 100 -9.22 -10.27 50.32
CA LEU GA 100 -8.36 -11.25 50.96
C LEU GA 100 -9.11 -12.00 52.05
N ASN GA 101 -9.99 -11.30 52.78
CA ASN GA 101 -10.80 -11.96 53.79
C ASN GA 101 -11.57 -13.14 53.19
N PHE GA 102 -11.96 -13.04 51.93
CA PHE GA 102 -12.64 -14.15 51.27
C PHE GA 102 -11.67 -15.20 50.78
N LEU GA 103 -10.54 -14.79 50.20
CA LEU GA 103 -9.62 -15.75 49.61
C LEU GA 103 -8.96 -16.63 50.66
N VAL GA 104 -8.58 -16.05 51.80
CA VAL GA 104 -7.91 -16.82 52.84
C VAL GA 104 -8.78 -17.98 53.29
N ALA GA 105 -10.10 -17.81 53.25
CA ALA GA 105 -10.98 -18.89 53.66
C ALA GA 105 -10.90 -20.08 52.71
N ALA GA 106 -10.82 -19.81 51.41
CA ALA GA 106 -10.72 -20.88 50.42
C ALA GA 106 -9.30 -21.34 50.20
N ALA GA 107 -8.62 -21.71 51.29
CA ALA GA 107 -7.32 -22.33 51.20
C ALA GA 107 -7.23 -23.41 52.25
N GLU GA 108 -6.11 -24.14 52.26
CA GLU GA 108 -5.84 -25.07 53.34
C GLU GA 108 -5.85 -24.33 54.67
N ASN GA 109 -4.88 -23.45 54.87
CA ASN GA 109 -4.74 -22.80 56.17
C ASN GA 109 -5.81 -21.74 56.36
N ALA GA 110 -6.45 -21.80 57.53
CA ALA GA 110 -7.62 -21.02 57.93
C ALA GA 110 -8.04 -21.52 59.31
N ASP GA 111 -8.55 -20.62 60.13
CA ASP GA 111 -9.13 -21.06 61.38
C ASP GA 111 -10.66 -21.01 61.22
N ASP GA 112 -11.33 -22.12 61.55
CA ASP GA 112 -12.73 -22.29 61.16
C ASP GA 112 -13.64 -21.17 61.64
N ALA GA 113 -13.18 -20.38 62.62
CA ALA GA 113 -13.97 -19.22 63.01
C ALA GA 113 -14.18 -18.28 61.83
N LEU GA 114 -13.15 -18.09 61.01
CA LEU GA 114 -13.27 -17.19 59.88
C LEU GA 114 -14.13 -17.80 58.77
N ARG GA 115 -14.07 -19.12 58.59
CA ARG GA 115 -15.03 -19.76 57.70
C ARG GA 115 -16.46 -19.48 58.14
N ALA GA 116 -16.74 -19.67 59.44
CA ALA GA 116 -18.09 -19.43 59.95
C ALA GA 116 -18.49 -17.98 59.72
N HIS GA 117 -17.56 -17.04 59.96
CA HIS GA 117 -17.86 -15.63 59.75
C HIS GA 117 -18.21 -15.36 58.29
N VAL GA 118 -17.35 -15.79 57.36
CA VAL GA 118 -17.60 -15.56 55.95
C VAL GA 118 -18.92 -16.19 55.52
N THR GA 119 -19.23 -17.38 56.04
CA THR GA 119 -20.44 -18.06 55.62
C THR GA 119 -21.71 -17.38 56.15
N THR GA 120 -21.76 -17.10 57.45
CA THR GA 120 -22.99 -16.65 58.09
C THR GA 120 -23.13 -15.13 58.10
N ASN GA 121 -22.09 -14.41 57.70
CA ASN GA 121 -22.05 -12.96 57.80
C ASN GA 121 -22.14 -12.29 56.43
N TYR GA 122 -21.69 -12.97 55.39
CA TYR GA 122 -22.00 -12.55 54.03
C TYR GA 122 -23.50 -12.70 53.77
N ARG GA 123 -24.12 -11.65 53.25
CA ARG GA 123 -25.53 -11.72 52.91
C ARG GA 123 -25.83 -12.74 51.81
N ASP GA 124 -24.84 -13.02 50.98
CA ASP GA 124 -25.17 -13.43 49.63
C ASP GA 124 -25.68 -14.87 49.60
N ARG GA 125 -26.59 -15.13 48.67
CA ARG GA 125 -27.03 -16.47 48.29
C ARG GA 125 -25.85 -17.36 47.94
N ARG GA 126 -26.06 -18.68 48.07
CA ARG GA 126 -25.27 -19.73 47.45
C ARG GA 126 -23.77 -19.59 47.73
N THR GA 127 -23.43 -18.85 48.79
CA THR GA 127 -22.07 -18.40 49.01
C THR GA 127 -21.11 -19.55 49.34
N ALA GA 128 -21.50 -20.44 50.25
CA ALA GA 128 -20.61 -21.55 50.62
C ALA GA 128 -20.28 -22.42 49.42
N ALA GA 129 -21.27 -22.68 48.57
CA ALA GA 129 -21.02 -23.41 47.34
C ALA GA 129 -19.98 -22.71 46.49
N ARG GA 130 -20.12 -21.39 46.32
CA ARG GA 130 -19.14 -20.63 45.54
C ARG GA 130 -17.76 -20.73 46.15
N LEU GA 131 -17.65 -20.67 47.48
CA LEU GA 131 -16.35 -20.81 48.13
C LEU GA 131 -15.73 -22.17 47.79
N GLU GA 132 -16.55 -23.22 47.80
CA GLU GA 132 -16.05 -24.54 47.44
C GLU GA 132 -15.54 -24.57 46.00
N ARG GA 133 -16.31 -24.00 45.08
CA ARG GA 133 -15.91 -23.99 43.67
C ARG GA 133 -14.62 -23.21 43.50
N PHE GA 134 -14.47 -22.07 44.19
CA PHE GA 134 -13.25 -21.28 44.10
C PHE GA 134 -12.05 -22.07 44.60
N ALA GA 135 -12.23 -22.83 45.69
CA ALA GA 135 -11.18 -23.72 46.15
C ALA GA 135 -10.76 -24.67 45.05
N THR GA 136 -11.74 -25.29 44.40
CA THR GA 136 -11.41 -26.21 43.31
C THR GA 136 -10.71 -25.49 42.17
N VAL GA 137 -11.07 -24.23 41.93
CA VAL GA 137 -10.42 -23.46 40.87
C VAL GA 137 -8.94 -23.28 41.18
N LEU GA 138 -8.62 -22.80 42.37
CA LEU GA 138 -7.22 -22.56 42.70
C LEU GA 138 -6.42 -23.85 42.71
N ARG GA 139 -7.00 -24.93 43.24
CA ARG GA 139 -6.30 -26.21 43.19
C ARG GA 139 -6.10 -26.70 41.76
N ALA GA 140 -6.99 -26.35 40.85
CA ALA GA 140 -6.74 -26.67 39.45
C ALA GA 140 -5.64 -25.79 38.87
N MET GA 141 -5.59 -24.52 39.30
CA MET GA 141 -4.60 -23.58 38.77
C MET GA 141 -3.18 -24.06 39.02
N ILE GA 142 -2.92 -24.53 40.25
CA ILE GA 142 -1.57 -25.01 40.55
C ILE GA 142 -1.28 -26.30 39.82
N ARG GA 143 -2.29 -27.15 39.64
CA ARG GA 143 -2.08 -28.40 38.91
C ARG GA 143 -1.71 -28.13 37.46
N SER GA 144 -2.25 -27.08 36.86
CA SER GA 144 -2.03 -26.79 35.45
C SER GA 144 -0.82 -25.88 35.23
N HIS GA 145 -0.01 -25.66 36.26
CA HIS GA 145 1.19 -24.84 36.17
C HIS GA 145 0.93 -23.44 35.63
N VAL GA 146 -0.28 -22.92 35.83
CA VAL GA 146 -0.52 -21.50 35.70
C VAL GA 146 -0.85 -20.99 37.10
N PHE GA 147 0.15 -20.44 37.77
CA PHE GA 147 0.06 -20.21 39.19
C PHE GA 147 -0.80 -18.98 39.50
N PRO GA 148 -1.54 -19.00 40.60
CA PRO GA 148 -2.46 -17.90 40.88
C PRO GA 148 -1.76 -16.56 41.08
N HIS GA 149 -0.49 -16.55 41.45
CA HIS GA 149 0.23 -15.28 41.54
C HIS GA 149 0.31 -14.59 40.19
N ARG GA 150 0.18 -15.34 39.10
CA ARG GA 150 0.01 -14.77 37.77
C ARG GA 150 -1.46 -14.56 37.42
N ALA GA 151 -2.32 -14.47 38.42
CA ALA GA 151 -3.74 -14.25 38.17
C ALA GA 151 -4.38 -13.29 39.16
N LEU GA 152 -3.62 -12.71 40.09
CA LEU GA 152 -4.17 -11.85 41.14
C LEU GA 152 -3.20 -10.71 41.43
N HIS GA 153 -3.39 -9.58 40.77
CA HIS GA 153 -2.71 -8.36 41.17
C HIS GA 153 -3.40 -7.80 42.40
N VAL GA 154 -2.65 -7.06 43.21
CA VAL GA 154 -3.12 -6.61 44.52
C VAL GA 154 -3.38 -5.11 44.45
N LEU GA 155 -4.55 -4.70 44.91
CA LEU GA 155 -4.86 -3.29 45.08
C LEU GA 155 -4.73 -2.94 46.55
N GLY GA 156 -5.06 -1.70 46.92
CA GLY GA 156 -4.98 -1.26 48.29
C GLY GA 156 -6.16 -1.69 49.11
N GLY GA 157 -6.30 -1.07 50.28
CA GLY GA 157 -7.39 -1.38 51.18
C GLY GA 157 -8.61 -0.53 50.85
N LEU GA 158 -9.76 -1.19 50.75
CA LEU GA 158 -10.98 -0.50 50.38
C LEU GA 158 -11.41 0.44 51.49
N LEU GA 159 -12.10 1.50 51.13
CA LEU GA 159 -12.66 2.40 52.12
C LEU GA 159 -14.12 2.74 51.89
N GLY GA 160 -14.57 2.77 50.64
CA GLY GA 160 -15.91 3.21 50.32
C GLY GA 160 -16.56 2.34 49.26
N HIS GA 161 -17.87 2.49 49.14
CA HIS GA 161 -18.64 1.71 48.19
C HIS GA 161 -20.07 2.23 48.12
N VAL GA 162 -20.66 2.18 46.93
CA VAL GA 162 -22.08 2.35 46.73
C VAL GA 162 -22.58 1.13 45.98
N THR GA 163 -23.68 0.55 46.44
CA THR GA 163 -24.12 -0.73 45.93
C THR GA 163 -25.53 -0.60 45.37
N GLN GA 164 -25.73 -1.11 44.14
CA GLN GA 164 -27.07 -1.40 43.65
C GLN GA 164 -27.42 -2.82 44.10
N ASP GA 165 -28.42 -3.42 43.48
CA ASP GA 165 -28.71 -4.82 43.76
C ASP GA 165 -27.72 -5.71 43.02
N ARG GA 166 -26.77 -6.28 43.77
CA ARG GA 166 -25.73 -7.16 43.22
C ARG GA 166 -24.89 -6.42 42.18
N LEU GA 167 -24.46 -5.21 42.50
CA LEU GA 167 -23.46 -4.49 41.69
C LEU GA 167 -22.87 -3.37 42.55
N ALA GA 168 -21.55 -3.41 42.74
CA ALA GA 168 -20.87 -2.52 43.67
C ALA GA 168 -19.82 -1.69 42.93
N SER GA 169 -19.32 -0.67 43.63
CA SER GA 169 -18.20 0.14 43.14
C SER GA 169 -17.30 0.42 44.34
N VAL GA 170 -16.33 -0.47 44.56
CA VAL GA 170 -15.42 -0.33 45.67
C VAL GA 170 -14.37 0.73 45.35
N THR GA 171 -13.75 1.27 46.39
CA THR GA 171 -12.72 2.31 46.26
C THR GA 171 -11.63 2.00 47.27
N CYS GA 172 -10.40 1.86 46.80
CA CYS GA 172 -9.26 1.52 47.64
C CYS GA 172 -8.13 2.51 47.42
N VAL GA 173 -7.30 2.69 48.44
CA VAL GA 173 -6.09 3.46 48.29
C VAL GA 173 -5.11 2.73 47.39
N ALA GA 174 -4.12 3.46 46.89
CA ALA GA 174 -3.09 2.87 46.05
C ALA GA 174 -1.68 3.29 46.41
N ARG GA 175 -1.49 4.49 46.96
CA ARG GA 175 -0.20 4.93 47.46
C ARG GA 175 -0.45 5.71 48.74
N GLY GA 176 0.62 6.20 49.34
CA GLY GA 176 0.47 6.96 50.55
C GLY GA 176 -0.03 6.10 51.69
N ASP GA 177 -0.22 6.75 52.83
CA ASP GA 177 -0.65 6.03 54.02
C ASP GA 177 -2.16 5.96 54.06
N GLN GA 178 -2.68 4.91 54.68
CA GLN GA 178 -4.11 4.59 54.65
C GLN GA 178 -4.95 5.75 55.15
N GLU GA 179 -4.62 6.28 56.32
CA GLU GA 179 -5.48 7.23 57.00
C GLU GA 179 -5.38 8.64 56.46
N ALA GA 180 -4.79 8.81 55.28
CA ALA GA 180 -4.94 10.09 54.58
C ALA GA 180 -6.29 10.18 53.86
N ALA GA 181 -7.05 9.08 53.85
CA ALA GA 181 -8.32 9.02 53.14
C ALA GA 181 -9.43 9.66 53.97
N ARG GA 182 -10.67 9.49 53.53
CA ARG GA 182 -11.82 10.05 54.24
C ARG GA 182 -13.04 9.19 53.93
N THR GA 183 -13.41 8.33 54.87
CA THR GA 183 -14.53 7.42 54.66
C THR GA 183 -15.85 8.12 55.01
N ASN GA 184 -16.94 7.70 54.38
CA ASN GA 184 -18.24 8.32 54.60
C ASN GA 184 -19.03 7.56 55.66
N ASP GA 185 -18.34 7.00 56.63
CA ASP GA 185 -18.98 6.36 57.77
C ASP GA 185 -19.55 7.38 58.75
N MET GA 186 -18.79 8.44 59.05
CA MET GA 186 -19.08 9.49 60.03
C MET GA 186 -19.01 9.00 61.47
N ALA GA 187 -18.78 7.72 61.70
CA ALA GA 187 -18.41 7.26 63.03
C ALA GA 187 -16.90 7.18 63.21
N ALA GA 188 -16.21 6.69 62.19
CA ALA GA 188 -14.75 6.67 62.13
C ALA GA 188 -14.36 7.12 60.72
N ARG GA 189 -14.13 8.44 60.58
CA ARG GA 189 -13.74 8.98 59.28
C ARG GA 189 -12.54 8.24 58.72
N ARG GA 190 -11.44 8.21 59.47
CA ARG GA 190 -10.27 7.48 59.03
C ARG GA 190 -10.48 6.00 59.31
N SER GA 191 -9.48 5.19 58.97
CA SER GA 191 -9.59 3.74 59.12
C SER GA 191 -8.25 3.20 59.57
N GLN GA 192 -8.08 1.88 59.43
CA GLN GA 192 -6.80 1.22 59.59
C GLN GA 192 -6.76 0.09 58.57
N VAL GA 193 -5.84 -0.85 58.76
CA VAL GA 193 -5.75 -2.02 57.90
C VAL GA 193 -5.93 -3.26 58.76
N HIS GA 194 -6.88 -4.11 58.37
CA HIS GA 194 -7.22 -5.30 59.13
C HIS GA 194 -6.82 -6.53 58.35
N VAL GA 195 -6.13 -7.45 59.01
CA VAL GA 195 -5.68 -8.70 58.38
C VAL GA 195 -6.10 -9.85 59.29
N PRO GA 196 -6.67 -10.92 58.75
CA PRO GA 196 -7.03 -12.07 59.60
C PRO GA 196 -5.81 -12.63 60.31
N ALA GA 197 -5.82 -12.54 61.64
CA ALA GA 197 -4.66 -12.92 62.43
C ALA GA 197 -4.31 -14.39 62.27
N CYS GA 198 -5.23 -15.21 61.78
CA CYS GA 198 -4.94 -16.62 61.53
C CYS GA 198 -3.82 -16.81 60.51
N ALA GA 199 -3.68 -15.88 59.55
CA ALA GA 199 -2.72 -16.02 58.47
C ALA GA 199 -1.46 -15.18 58.67
N LEU GA 200 -1.49 -14.18 59.55
CA LEU GA 200 -0.35 -13.31 59.73
C LEU GA 200 0.80 -14.08 60.37
N MET GA 201 1.86 -14.33 59.60
CA MET GA 201 3.04 -15.04 60.09
C MET GA 201 4.16 -14.02 60.21
N ASP GA 202 4.56 -13.74 61.44
CA ASP GA 202 5.73 -12.91 61.65
C ASP GA 202 6.98 -13.71 61.35
N VAL GA 203 8.06 -13.01 61.00
CA VAL GA 203 9.31 -13.62 60.58
C VAL GA 203 10.44 -13.39 61.57
N ASP GA 204 10.68 -12.14 61.98
CA ASP GA 204 11.90 -11.86 62.76
C ASP GA 204 11.87 -12.59 64.10
N ARG GA 205 10.85 -12.32 64.91
CA ARG GA 205 10.59 -13.04 66.13
C ARG GA 205 10.49 -14.53 65.88
N GLU GA 206 10.08 -14.93 64.68
CA GLU GA 206 10.12 -16.32 64.26
C GLU GA 206 11.54 -16.80 64.01
N LEU GA 207 12.29 -16.10 63.15
CA LEU GA 207 13.67 -16.52 62.87
C LEU GA 207 14.63 -16.23 64.01
N ARG GA 208 14.19 -15.48 65.01
CA ARG GA 208 15.04 -15.06 66.13
C ARG GA 208 16.30 -14.35 65.62
N LEU GA 209 16.08 -13.21 64.97
CA LEU GA 209 17.19 -12.36 64.57
C LEU GA 209 17.78 -11.58 65.73
N GLY GA 210 17.18 -11.65 66.91
CA GLY GA 210 17.60 -10.82 68.01
C GLY GA 210 17.41 -9.34 67.78
N GLY GA 211 16.66 -8.97 66.74
CA GLY GA 211 16.52 -7.57 66.38
C GLY GA 211 15.55 -6.83 67.26
N ASP GA 212 15.40 -5.54 66.98
CA ASP GA 212 14.54 -4.67 67.75
C ASP GA 212 13.53 -4.00 66.82
N ASP GA 213 12.26 -4.13 67.15
CA ASP GA 213 11.20 -3.73 66.23
C ASP GA 213 11.25 -2.25 65.94
N GLY GA 214 11.53 -1.90 64.70
CA GLY GA 214 11.39 -0.51 64.28
C GLY GA 214 10.36 -0.39 63.18
N LEU GA 215 10.79 0.04 62.00
CA LEU GA 215 9.95 0.05 60.81
C LEU GA 215 10.20 -1.26 60.07
N ARG GA 216 9.12 -2.00 59.82
CA ARG GA 216 9.22 -3.30 59.16
C ARG GA 216 8.41 -3.30 57.87
N PHE GA 217 8.90 -4.07 56.90
CA PHE GA 217 8.19 -4.22 55.64
C PHE GA 217 6.98 -5.13 55.83
N ALA GA 218 6.21 -5.29 54.75
CA ALA GA 218 5.03 -6.15 54.77
C ALA GA 218 4.95 -6.89 53.45
N TYR GA 219 4.88 -8.21 53.52
CA TYR GA 219 4.86 -9.05 52.33
C TYR GA 219 3.68 -10.00 52.37
N LEU GA 220 2.93 -10.05 51.27
CA LEU GA 220 1.91 -11.07 51.05
C LEU GA 220 2.54 -12.20 50.26
N VAL GA 221 2.53 -13.40 50.83
CA VAL GA 221 3.23 -14.54 50.24
C VAL GA 221 2.23 -15.65 49.95
N PHE GA 222 2.48 -16.39 48.88
CA PHE GA 222 1.74 -17.60 48.54
C PHE GA 222 2.64 -18.81 48.73
N VAL GA 223 2.01 -19.93 49.09
CA VAL GA 223 2.73 -21.19 49.27
C VAL GA 223 2.05 -22.25 48.42
N TYR GA 224 2.75 -22.73 47.41
CA TYR GA 224 2.25 -23.80 46.57
C TYR GA 224 2.72 -25.14 47.12
N THR GA 225 2.00 -26.21 46.73
CA THR GA 225 2.47 -27.57 46.97
C THR GA 225 1.91 -28.42 45.83
N GLN GA 226 2.74 -29.29 45.27
CA GLN GA 226 2.41 -29.98 44.02
C GLN GA 226 2.53 -31.48 44.22
N ARG GA 227 1.38 -32.15 44.31
CA ARG GA 227 1.28 -33.60 44.28
C ARG GA 227 -0.04 -33.91 43.57
N HIS GA 228 0.04 -34.64 42.46
CA HIS GA 228 -1.07 -34.70 41.53
C HIS GA 228 -2.33 -35.26 42.19
N ARG GA 229 -3.43 -34.52 42.04
CA ARG GA 229 -4.72 -34.78 42.67
C ARG GA 229 -4.70 -34.71 44.19
N ARG GA 230 -3.56 -34.41 44.78
CA ARG GA 230 -3.47 -34.18 46.22
C ARG GA 230 -2.57 -32.97 46.46
N GLU GA 231 -3.14 -31.78 46.37
CA GLU GA 231 -2.38 -30.55 46.44
C GLU GA 231 -3.24 -29.45 47.01
N ALA GA 232 -2.61 -28.36 47.46
CA ALA GA 232 -3.33 -27.28 48.08
C ALA GA 232 -2.49 -26.01 48.01
N LEU GA 233 -3.04 -24.92 48.53
CA LEU GA 233 -2.38 -23.62 48.54
C LEU GA 233 -2.50 -23.03 49.94
N ARG GA 234 -1.41 -22.46 50.44
CA ARG GA 234 -1.38 -21.80 51.73
C ARG GA 234 -1.06 -20.33 51.55
N VAL GA 235 -1.79 -19.48 52.26
CA VAL GA 235 -1.60 -18.04 52.18
C VAL GA 235 -1.03 -17.56 53.51
N HIS GA 236 -0.30 -16.44 53.45
CA HIS GA 236 0.25 -15.81 54.64
C HIS GA 236 0.41 -14.33 54.37
N VAL GA 237 0.56 -13.56 55.45
CA VAL GA 237 0.94 -12.15 55.34
C VAL GA 237 2.12 -11.96 56.27
N ALA GA 238 3.27 -11.65 55.70
CA ALA GA 238 4.54 -11.66 56.41
C ALA GA 238 5.05 -10.25 56.58
N VAL GA 239 5.52 -9.92 57.78
CA VAL GA 239 6.17 -8.66 58.06
C VAL GA 239 7.54 -8.96 58.64
N SER GA 240 8.50 -8.07 58.34
CA SER GA 240 9.87 -8.22 58.81
C SER GA 240 10.64 -6.99 58.36
N ARG GA 241 11.89 -6.90 58.81
CA ARG GA 241 12.83 -5.90 58.32
C ARG GA 241 13.60 -6.38 57.10
N LEU GA 242 13.44 -7.64 56.71
CA LEU GA 242 14.22 -8.21 55.63
C LEU GA 242 13.80 -7.63 54.29
N PRO GA 243 14.65 -6.86 53.61
CA PRO GA 243 14.27 -6.35 52.29
C PRO GA 243 14.24 -7.42 51.21
N GLU GA 244 14.98 -8.51 51.39
CA GLU GA 244 15.06 -9.55 50.38
C GLU GA 244 14.71 -10.87 51.04
N LEU GA 245 13.54 -11.41 50.70
CA LEU GA 245 13.08 -12.63 51.34
C LEU GA 245 13.99 -13.80 51.01
N GLY GA 246 13.95 -14.28 49.77
CA GLY GA 246 14.90 -15.26 49.29
C GLY GA 246 15.20 -16.41 50.22
N ASP GA 247 16.45 -16.42 50.71
CA ASP GA 247 16.92 -17.48 51.59
C ASP GA 247 16.01 -17.61 52.81
N ALA GA 248 15.38 -16.52 53.24
CA ALA GA 248 14.53 -16.57 54.42
C ALA GA 248 13.36 -17.51 54.21
N LEU GA 249 12.65 -17.38 53.08
CA LEU GA 249 11.59 -18.33 52.78
C LEU GA 249 12.14 -19.69 52.41
N SER GA 250 13.27 -19.72 51.68
CA SER GA 250 13.85 -21.01 51.30
C SER GA 250 14.10 -21.87 52.51
N PHE GA 251 14.45 -21.26 53.65
CA PHE GA 251 14.58 -22.03 54.89
C PHE GA 251 13.25 -22.16 55.62
N LEU GA 252 12.41 -21.12 55.61
CA LEU GA 252 11.12 -21.19 56.28
C LEU GA 252 10.27 -22.33 55.75
N LEU GA 253 10.23 -22.50 54.43
CA LEU GA 253 9.37 -23.49 53.79
C LEU GA 253 10.15 -24.73 53.37
N ALA GA 254 11.13 -25.15 54.18
CA ALA GA 254 12.04 -26.20 53.76
C ALA GA 254 11.32 -27.50 53.43
N GLY GA 255 10.36 -27.90 54.27
CA GLY GA 255 9.65 -29.13 54.01
C GLY GA 255 8.88 -29.09 52.70
N THR GA 256 8.29 -27.94 52.39
CA THR GA 256 7.54 -27.79 51.14
C THR GA 256 8.44 -27.95 49.93
N ARG GA 257 9.57 -27.24 49.91
CA ARG GA 257 10.50 -27.38 48.79
C ARG GA 257 11.01 -28.81 48.69
N VAL GA 258 11.34 -29.43 49.83
CA VAL GA 258 11.83 -30.80 49.81
C VAL GA 258 10.81 -31.73 49.15
N ASP GA 259 9.60 -31.80 49.71
CA ASP GA 259 8.64 -32.78 49.19
C ASP GA 259 8.03 -32.33 47.87
N ASN GA 260 8.33 -31.11 47.42
CA ASN GA 260 7.84 -30.65 46.13
C ASN GA 260 8.81 -30.93 44.99
N ALA GA 261 10.12 -30.96 45.28
CA ALA GA 261 11.08 -31.23 44.22
C ALA GA 261 11.05 -32.68 43.76
N ILE GA 262 10.61 -33.60 44.62
CA ILE GA 262 10.73 -35.02 44.32
C ILE GA 262 9.43 -35.58 43.75
N HIS GA 263 8.28 -35.16 44.31
CA HIS GA 263 6.98 -35.59 43.79
C HIS GA 263 6.46 -34.70 42.68
N GLY GA 264 7.27 -33.77 42.20
CA GLY GA 264 6.79 -32.81 41.22
C GLY GA 264 6.91 -33.27 39.78
N THR GA 265 7.92 -34.08 39.48
CA THR GA 265 8.15 -34.57 38.13
C THR GA 265 7.24 -35.75 37.78
N ASP GA 266 6.41 -36.16 38.72
CA ASP GA 266 5.57 -37.34 38.55
C ASP GA 266 4.67 -37.20 37.33
N GLU GA 267 4.29 -38.35 36.78
CA GLU GA 267 3.44 -38.51 35.60
C GLU GA 267 4.18 -38.18 34.31
N ALA GA 268 5.46 -37.83 34.38
CA ALA GA 268 6.28 -37.58 33.21
C ALA GA 268 7.11 -38.83 32.91
N ASP GA 269 6.89 -39.42 31.74
CA ASP GA 269 7.67 -40.58 31.32
C ASP GA 269 9.14 -40.20 31.18
N ALA GA 270 9.95 -40.63 32.12
CA ALA GA 270 11.38 -40.54 31.91
C ALA GA 270 11.87 -41.78 31.18
N PRO GA 271 12.87 -41.67 30.32
CA PRO GA 271 13.39 -42.85 29.63
C PRO GA 271 14.13 -43.77 30.58
N ALA GA 272 14.76 -44.81 30.03
CA ALA GA 272 15.51 -45.76 30.83
C ALA GA 272 16.82 -45.12 31.28
N ALA GA 273 17.72 -45.92 31.83
CA ALA GA 273 18.99 -45.42 32.33
C ALA GA 273 19.67 -44.56 31.28
N PRO GA 274 20.20 -43.39 31.65
CA PRO GA 274 20.78 -42.49 30.66
C PRO GA 274 22.01 -43.10 30.01
N ALA GA 275 22.12 -42.91 28.70
CA ALA GA 275 23.24 -43.46 27.94
C ALA GA 275 24.54 -42.83 28.38
N ALA GA 276 25.63 -43.59 28.26
CA ALA GA 276 26.94 -43.07 28.62
C ALA GA 276 27.36 -41.94 27.70
N ALA GA 277 26.79 -41.88 26.49
CA ALA GA 277 27.06 -40.77 25.59
C ALA GA 277 26.56 -39.44 26.14
N ALA GA 278 25.66 -39.47 27.12
CA ALA GA 278 25.18 -38.23 27.72
C ALA GA 278 26.25 -37.52 28.54
N ALA GA 279 27.27 -38.24 28.99
CA ALA GA 279 28.35 -37.62 29.75
C ALA GA 279 29.09 -36.65 28.84
N PHE GA 280 28.89 -35.37 29.06
CA PHE GA 280 29.51 -34.35 28.23
C PHE GA 280 31.03 -34.41 28.38
N PRO GA 281 31.77 -34.71 27.32
CA PRO GA 281 33.22 -34.90 27.45
C PRO GA 281 33.92 -33.58 27.74
N ALA GA 282 34.70 -33.56 28.82
CA ALA GA 282 35.49 -32.40 29.19
C ALA GA 282 36.98 -32.59 28.93
N TYR GA 283 37.45 -33.83 28.76
CA TYR GA 283 38.88 -34.08 28.63
C TYR GA 283 39.44 -33.56 27.33
N LEU GA 284 38.57 -33.11 26.43
CA LEU GA 284 38.92 -32.84 25.05
C LEU GA 284 39.09 -31.37 24.74
N PHE GA 285 38.99 -30.49 25.73
CA PHE GA 285 39.07 -29.05 25.46
C PHE GA 285 40.50 -28.63 25.18
N ASN GA 286 41.41 -28.88 26.10
CA ASN GA 286 42.80 -28.50 25.95
C ASN GA 286 43.70 -29.66 25.53
N ASP GA 287 43.15 -30.60 24.78
CA ASP GA 287 43.92 -31.63 24.08
C ASP GA 287 44.63 -31.01 22.89
N PRO GA 288 45.97 -30.97 22.87
CA PRO GA 288 46.65 -30.44 21.68
C PRO GA 288 46.41 -31.30 20.45
N ARG GA 289 46.53 -32.61 20.60
CA ARG GA 289 46.22 -33.57 19.55
C ARG GA 289 44.82 -34.12 19.72
N SER GA 290 43.89 -33.71 18.85
CA SER GA 290 42.54 -34.24 18.86
C SER GA 290 41.91 -33.97 17.50
N ALA GA 291 40.85 -34.72 17.20
CA ALA GA 291 40.13 -34.51 15.97
C ALA GA 291 39.49 -33.13 15.97
N ARG GA 292 39.60 -32.43 14.84
CA ARG GA 292 39.17 -31.05 14.78
C ARG GA 292 38.45 -30.82 13.46
N CYS GA 293 37.65 -29.77 13.41
CA CYS GA 293 36.87 -29.49 12.21
C CYS GA 293 36.61 -28.00 12.09
N PRO GA 294 37.19 -27.32 11.10
CA PRO GA 294 36.89 -25.90 10.92
C PRO GA 294 35.46 -25.70 10.42
N THR GA 295 34.94 -24.51 10.68
CA THR GA 295 33.61 -24.16 10.20
C THR GA 295 33.56 -24.16 8.68
N GLY GA 296 32.35 -24.22 8.13
CA GLY GA 296 32.19 -24.20 6.70
C GLY GA 296 32.28 -25.56 6.04
N ARG GA 297 32.60 -26.60 6.79
CA ARG GA 297 32.53 -27.96 6.30
C ARG GA 297 31.75 -28.81 7.29
N LEU GA 298 30.56 -28.33 7.67
CA LEU GA 298 29.65 -29.09 8.52
C LEU GA 298 28.30 -29.28 7.84
N ASN GA 299 28.22 -30.24 6.91
CA ASN GA 299 26.95 -30.87 6.59
C ASN GA 299 26.99 -32.38 6.81
N THR GA 300 27.75 -33.09 5.98
CA THR GA 300 28.04 -34.53 5.99
C THR GA 300 29.34 -34.76 5.24
N PRO GA 301 30.44 -34.15 5.65
CA PRO GA 301 31.72 -34.42 5.01
C PRO GA 301 32.39 -35.64 5.62
N ALA GA 302 33.67 -35.85 5.29
CA ALA GA 302 34.47 -36.80 6.02
C ALA GA 302 34.84 -36.20 7.38
N ALA GA 303 33.82 -35.89 8.18
CA ALA GA 303 33.99 -35.36 9.52
C ALA GA 303 33.28 -36.22 10.56
N GLU GA 304 33.02 -37.48 10.25
CA GLU GA 304 32.25 -38.35 11.13
C GLU GA 304 33.04 -38.77 12.36
N ALA GA 305 34.33 -38.47 12.38
CA ALA GA 305 35.24 -38.84 13.47
C ALA GA 305 35.02 -38.01 14.72
N LEU GA 306 34.07 -37.09 14.72
CA LEU GA 306 33.85 -36.33 15.94
C LEU GA 306 33.05 -37.15 16.93
N PRO GA 307 33.34 -37.04 18.22
CA PRO GA 307 32.58 -37.80 19.22
C PRO GA 307 31.14 -37.33 19.27
N VAL GA 308 30.24 -38.26 19.57
CA VAL GA 308 28.83 -37.94 19.69
C VAL GA 308 28.52 -37.66 21.15
N TRP GA 309 27.65 -36.67 21.37
CA TRP GA 309 27.18 -36.35 22.71
C TRP GA 309 25.71 -35.93 22.60
N ALA GA 310 24.83 -36.65 23.28
CA ALA GA 310 23.40 -36.41 23.21
C ALA GA 310 22.90 -35.95 24.57
N PRO GA 311 22.95 -34.65 24.85
CA PRO GA 311 22.31 -34.15 26.07
C PRO GA 311 20.82 -34.45 26.05
N ASP GA 312 20.38 -35.30 26.96
CA ASP GA 312 19.06 -35.90 26.90
C ASP GA 312 18.33 -35.59 28.20
N MET GA 313 17.42 -34.62 28.15
CA MET GA 313 16.72 -34.15 29.36
C MET GA 313 15.22 -34.23 29.11
N ARG GA 314 14.61 -35.29 29.64
CA ARG GA 314 13.22 -35.61 29.37
C ARG GA 314 12.61 -36.20 30.64
N GLY GA 315 11.98 -35.34 31.44
CA GLY GA 315 11.30 -35.76 32.65
C GLY GA 315 11.97 -35.32 33.93
N ARG GA 316 13.10 -34.64 33.86
CA ARG GA 316 13.76 -34.16 35.07
C ARG GA 316 13.05 -32.94 35.62
N ALA GA 317 13.49 -32.47 36.78
CA ALA GA 317 12.83 -31.38 37.49
C ALA GA 317 13.14 -30.06 36.80
N THR GA 318 12.14 -29.46 36.18
CA THR GA 318 12.28 -28.11 35.62
C THR GA 318 12.04 -27.08 36.72
N ARG GA 319 12.20 -25.81 36.38
CA ARG GA 319 12.02 -24.79 37.41
C ARG GA 319 10.57 -24.71 37.87
N ASN GA 320 9.62 -24.70 36.94
CA ASN GA 320 8.21 -24.68 37.31
C ASN GA 320 7.81 -25.90 38.13
N SER GA 321 8.63 -26.96 38.08
CA SER GA 321 8.40 -28.14 38.90
C SER GA 321 8.80 -27.92 40.35
N CYS GA 322 9.76 -27.02 40.58
CA CYS GA 322 10.27 -26.78 41.91
C CYS GA 322 9.75 -25.49 42.50
N MET GA 323 8.84 -24.82 41.81
CA MET GA 323 8.16 -23.66 42.36
C MET GA 323 7.39 -24.06 43.61
N TYR GA 324 7.62 -23.33 44.69
CA TYR GA 324 6.93 -23.61 45.94
C TYR GA 324 6.31 -22.39 46.60
N ALA GA 325 6.81 -21.18 46.32
CA ALA GA 325 6.29 -19.99 46.96
C ALA GA 325 6.45 -18.81 46.01
N ALA GA 326 5.67 -17.75 46.27
CA ALA GA 326 5.78 -16.50 45.54
C ALA GA 326 5.34 -15.38 46.47
N TYR GA 327 6.03 -14.24 46.41
CA TYR GA 327 5.72 -13.13 47.29
C TYR GA 327 5.76 -11.82 46.54
N VAL GA 328 5.23 -10.78 47.19
CA VAL GA 328 5.16 -9.45 46.62
C VAL GA 328 5.12 -8.45 47.76
N ARG GA 329 5.88 -7.37 47.63
CA ARG GA 329 5.98 -6.39 48.70
C ARG GA 329 4.71 -5.55 48.75
N LEU GA 330 4.27 -5.23 49.97
CA LEU GA 330 3.04 -4.48 50.17
C LEU GA 330 3.27 -3.06 50.66
N GLY GA 331 4.20 -2.84 51.57
CA GLY GA 331 4.42 -1.52 52.13
C GLY GA 331 5.21 -1.62 53.42
N THR GA 332 5.11 -0.57 54.22
CA THR GA 332 5.86 -0.46 55.46
C THR GA 332 4.91 -0.33 56.65
N VAL GA 333 5.35 -0.83 57.81
CA VAL GA 333 4.49 -0.95 58.97
C VAL GA 333 5.29 -0.59 60.22
N GLU GA 334 4.62 0.11 61.14
CA GLU GA 334 5.09 0.32 62.51
C GLU GA 334 4.83 -0.85 63.43
N ARG GA 335 3.56 -1.23 63.62
CA ARG GA 335 3.17 -2.05 64.74
C ARG GA 335 2.06 -2.99 64.34
N VAL GA 336 1.96 -4.11 65.05
CA VAL GA 336 0.87 -5.06 64.89
C VAL GA 336 0.34 -5.43 66.26
N VAL GA 337 -0.95 -5.21 66.48
CA VAL GA 337 -1.61 -5.58 67.73
C VAL GA 337 -2.78 -6.50 67.40
N ARG GA 338 -3.09 -7.41 68.31
CA ARG GA 338 -4.09 -8.44 68.10
C ARG GA 338 -5.22 -8.28 69.10
N ARG GA 339 -6.44 -8.32 68.61
CA ARG GA 339 -7.59 -7.74 69.31
C ARG GA 339 -8.82 -7.91 68.44
N ALA GA 340 -9.97 -8.10 69.09
CA ALA GA 340 -11.21 -8.44 68.38
C ALA GA 340 -12.18 -7.27 68.35
N LEU GA 348 -14.19 -13.21 66.73
CA LEU GA 348 -13.29 -13.31 65.58
C LEU GA 348 -11.98 -12.58 65.81
N PRO GA 349 -10.86 -13.31 65.69
CA PRO GA 349 -9.55 -12.69 65.90
C PRO GA 349 -9.12 -11.89 64.69
N LEU GA 350 -8.45 -10.76 64.95
CA LEU GA 350 -7.97 -9.89 63.87
C LEU GA 350 -6.58 -9.38 64.21
N ALA GA 351 -6.06 -8.48 63.36
CA ALA GA 351 -4.71 -7.93 63.53
C ALA GA 351 -4.69 -6.53 62.91
N HIS GA 352 -4.79 -5.52 63.76
CA HIS GA 352 -4.81 -4.14 63.30
C HIS GA 352 -3.40 -3.68 62.97
N MET GA 353 -3.20 -3.13 61.79
CA MET GA 353 -1.92 -2.56 61.41
C MET GA 353 -1.72 -1.23 62.11
N GLU GA 354 -0.62 -0.57 61.80
CA GLU GA 354 -0.29 0.69 62.45
C GLU GA 354 0.50 1.54 61.47
N ARG GA 355 -0.12 2.60 60.95
CA ARG GA 355 0.55 3.52 60.04
C ARG GA 355 1.03 2.81 58.78
N PHE GA 356 0.12 2.06 58.15
CA PHE GA 356 0.47 1.34 56.93
C PHE GA 356 0.65 2.35 55.80
N THR GA 357 1.76 2.24 55.08
CA THR GA 357 2.02 3.08 53.91
C THR GA 357 1.98 2.19 52.69
N TRP GA 358 0.99 2.41 51.84
CA TRP GA 358 0.82 1.56 50.67
C TRP GA 358 1.89 1.83 49.62
N ASP GA 359 2.66 0.79 49.31
CA ASP GA 359 3.68 0.80 48.27
C ASP GA 359 3.72 -0.60 47.68
N VAL GA 360 3.01 -0.79 46.60
CA VAL GA 360 2.90 -2.12 46.01
C VAL GA 360 4.06 -2.35 45.06
N GLY GA 361 4.62 -3.55 45.10
CA GLY GA 361 5.71 -3.92 44.23
C GLY GA 361 5.34 -4.98 43.23
N ALA GA 362 6.34 -5.52 42.54
CA ALA GA 362 6.11 -6.54 41.55
C ALA GA 362 6.19 -7.92 42.18
N TRP GA 363 5.70 -8.92 41.44
CA TRP GA 363 5.70 -10.28 41.94
C TRP GA 363 7.12 -10.84 41.94
N GLU GA 364 7.28 -12.00 42.58
CA GLU GA 364 8.58 -12.61 42.75
C GLU GA 364 8.40 -14.12 42.78
N GLU GA 365 9.33 -14.83 42.16
CA GLU GA 365 9.34 -16.28 42.20
C GLU GA 365 10.25 -16.75 43.33
N CYS GA 366 9.94 -17.92 43.87
CA CYS GA 366 10.76 -18.56 44.89
C CYS GA 366 10.78 -20.05 44.58
N PHE GA 367 11.81 -20.49 43.86
CA PHE GA 367 11.92 -21.86 43.42
C PHE GA 367 13.19 -22.55 43.87
N PHE GA 368 14.31 -21.83 43.90
CA PHE GA 368 15.58 -22.42 44.28
C PHE GA 368 15.63 -22.70 45.78
N ARG HA 24 46.40 85.54 -75.02
CA ARG HA 24 45.20 84.71 -75.10
C ARG HA 24 45.42 83.55 -76.06
N ALA HA 25 44.44 82.66 -76.13
CA ALA HA 25 44.53 81.48 -76.97
C ALA HA 25 43.53 81.60 -78.11
N ARG HA 26 43.75 80.82 -79.18
CA ARG HA 26 42.90 80.88 -80.36
C ARG HA 26 42.21 79.54 -80.57
N LEU HA 27 40.98 79.60 -81.07
CA LEU HA 27 40.09 78.46 -81.06
C LEU HA 27 39.77 78.01 -82.47
N ILE HA 28 39.09 76.85 -82.54
CA ILE HA 28 38.60 76.26 -83.77
C ILE HA 28 37.13 75.91 -83.55
N ARG HA 29 36.29 76.16 -84.54
CA ARG HA 29 34.90 75.73 -84.51
C ARG HA 29 34.65 74.86 -85.73
N GLN HA 30 34.05 73.70 -85.51
CA GLN HA 30 33.75 72.76 -86.58
C GLN HA 30 32.39 72.16 -86.35
N VAL HA 31 31.40 72.59 -87.14
CA VAL HA 31 30.08 71.97 -87.10
C VAL HA 31 30.18 70.55 -87.63
N THR HA 32 29.41 69.64 -87.02
CA THR HA 32 29.54 68.23 -87.34
C THR HA 32 28.36 67.47 -86.75
N LEU HA 33 28.41 66.14 -86.90
CA LEU HA 33 27.37 65.26 -86.41
C LEU HA 33 27.71 64.74 -85.03
N ALA HA 34 26.66 64.53 -84.22
CA ALA HA 34 26.82 64.00 -82.87
C ALA HA 34 26.99 62.48 -82.91
N ASP HA 35 27.97 62.02 -83.67
CA ASP HA 35 28.26 60.60 -83.81
C ASP HA 35 29.20 60.06 -82.75
N PHE HA 36 30.40 60.62 -82.66
CA PHE HA 36 31.47 60.07 -81.84
C PHE HA 36 31.83 60.93 -80.64
N CYS HA 37 31.75 62.25 -80.76
CA CYS HA 37 32.03 63.14 -79.64
C CYS HA 37 30.71 63.80 -79.28
N GLU HA 38 30.32 63.73 -78.01
CA GLU HA 38 28.96 64.12 -77.76
C GLU HA 38 28.94 65.20 -76.67
N PRO HA 39 29.12 66.47 -77.05
CA PRO HA 39 29.60 67.51 -76.12
C PRO HA 39 28.64 67.84 -74.99
N GLN HA 40 27.39 67.38 -75.03
CA GLN HA 40 26.57 67.49 -73.85
C GLN HA 40 26.78 66.33 -72.87
N ALA HA 41 27.11 65.14 -73.36
CA ALA HA 41 27.37 64.00 -72.48
C ALA HA 41 28.61 64.18 -71.59
N GLU HA 42 29.71 64.72 -72.12
CA GLU HA 42 30.90 64.94 -71.31
C GLU HA 42 30.97 66.41 -70.92
N ARG HA 43 31.64 66.71 -69.84
CA ARG HA 43 31.84 68.12 -69.55
C ARG HA 43 33.10 68.61 -70.29
N PRO HA 44 33.34 69.91 -70.38
CA PRO HA 44 34.49 70.38 -71.17
C PRO HA 44 35.80 69.82 -70.64
N GLY HA 45 36.86 70.05 -71.42
CA GLY HA 45 38.19 69.65 -71.00
C GLY HA 45 38.57 68.22 -71.30
N LEU HA 46 38.53 67.84 -72.58
CA LEU HA 46 39.02 66.55 -73.02
C LEU HA 46 39.35 66.63 -74.50
N VAL HA 47 40.45 66.00 -74.92
CA VAL HA 47 40.96 66.22 -76.27
C VAL HA 47 40.02 65.59 -77.29
N VAL HA 48 39.91 66.24 -78.44
CA VAL HA 48 39.09 65.77 -79.54
C VAL HA 48 39.97 65.57 -80.76
N LEU HA 49 39.55 64.68 -81.64
CA LEU HA 49 40.34 64.34 -82.82
C LEU HA 49 39.52 64.62 -84.07
N ALA HA 50 40.22 64.92 -85.16
CA ALA HA 50 39.58 65.13 -86.45
C ALA HA 50 39.76 63.89 -87.31
N LEU HA 51 38.66 63.38 -87.84
CA LEU HA 51 38.68 62.17 -88.67
C LEU HA 51 38.66 62.53 -90.14
N ARG HA 52 39.63 61.99 -90.88
CA ARG HA 52 39.74 62.11 -92.32
C ARG HA 52 38.46 61.68 -93.00
N HIS HA 53 38.27 62.17 -94.22
CA HIS HA 53 37.21 61.67 -95.07
C HIS HA 53 37.51 60.22 -95.44
N PRO HA 54 36.58 59.29 -95.24
CA PRO HA 54 36.91 57.88 -95.42
C PRO HA 54 37.07 57.46 -96.88
N ALA HA 55 36.59 58.26 -97.82
CA ALA HA 55 36.68 57.86 -99.22
C ALA HA 55 38.12 57.65 -99.64
N ASP HA 56 39.01 58.59 -99.30
CA ASP HA 56 40.39 58.45 -99.74
C ASP HA 56 41.11 57.33 -98.99
N LEU HA 57 40.71 57.03 -97.75
CA LEU HA 57 41.25 55.87 -97.07
C LEU HA 57 40.89 54.59 -97.82
N ALA HA 58 39.60 54.43 -98.12
CA ALA HA 58 39.15 53.26 -98.86
C ALA HA 58 39.86 53.15 -100.21
N GLY HA 59 40.11 54.29 -100.85
CA GLY HA 59 40.80 54.28 -102.12
C GLY HA 59 42.26 53.87 -101.97
N ALA HA 60 43.00 54.56 -101.11
CA ALA HA 60 44.41 54.28 -100.91
C ALA HA 60 44.66 52.86 -100.44
N ALA HA 61 43.69 52.24 -99.77
CA ALA HA 61 43.81 50.83 -99.46
C ALA HA 61 44.09 50.02 -100.71
N TYR HA 62 43.29 50.22 -101.77
CA TYR HA 62 43.40 49.43 -103.00
C TYR HA 62 44.85 49.26 -103.45
N ALA HA 63 45.69 50.26 -103.20
CA ALA HA 63 47.10 50.16 -103.55
C ALA HA 63 48.00 49.92 -102.35
N ALA HA 64 47.46 49.98 -101.13
CA ALA HA 64 48.31 49.94 -99.95
C ALA HA 64 48.32 48.60 -99.22
N THR HA 65 47.25 47.82 -99.27
CA THR HA 65 47.26 46.55 -98.56
C THR HA 65 48.34 45.64 -99.15
N PRO HA 66 49.09 44.93 -98.32
CA PRO HA 66 50.25 44.19 -98.79
C PRO HA 66 49.85 43.00 -99.63
N PRO HA 67 50.82 42.27 -100.21
CA PRO HA 67 50.46 41.08 -100.98
C PRO HA 67 49.94 39.98 -100.07
N GLY HA 68 49.10 39.14 -100.66
CA GLY HA 68 48.52 38.01 -99.93
C GLY HA 68 47.26 38.32 -99.16
N LYS HA 69 47.21 39.47 -98.52
CA LYS HA 69 46.06 39.84 -97.71
C LYS HA 69 44.87 40.24 -98.58
N ASN HA 70 43.75 40.53 -97.92
CA ASN HA 70 42.59 41.06 -98.62
C ASN HA 70 42.85 42.50 -99.04
N HIS HA 71 42.18 42.91 -100.12
CA HIS HA 71 42.37 44.25 -100.68
C HIS HA 71 41.06 45.01 -100.80
N ARG HA 72 39.98 44.49 -100.24
CA ARG HA 72 38.72 45.22 -100.19
C ARG HA 72 38.01 45.11 -98.85
N ASP HA 73 38.68 44.57 -97.83
CA ASP HA 73 38.01 44.35 -96.56
C ASP HA 73 37.77 45.64 -95.79
N LEU HA 74 38.60 46.66 -96.02
CA LEU HA 74 38.33 47.96 -95.39
C LEU HA 74 37.12 48.63 -96.01
N GLU HA 75 36.98 48.53 -97.34
CA GLU HA 75 35.73 48.92 -98.00
C GLU HA 75 34.51 48.38 -97.25
N GLU HA 76 34.49 47.07 -97.01
CA GLU HA 76 33.36 46.44 -96.35
C GLU HA 76 33.22 46.92 -94.91
N ALA HA 77 34.33 46.97 -94.17
CA ALA HA 77 34.29 47.40 -92.79
C ALA HA 77 33.71 48.80 -92.66
N TRP HA 78 34.08 49.70 -93.58
CA TRP HA 78 33.48 51.02 -93.56
C TRP HA 78 32.01 50.98 -93.93
N LEU HA 79 31.66 50.30 -95.03
CA LEU HA 79 30.27 50.23 -95.45
C LEU HA 79 29.38 49.66 -94.35
N ALA HA 80 29.94 48.87 -93.44
CA ALA HA 80 29.18 48.33 -92.32
C ALA HA 80 28.91 49.36 -91.23
N LEU HA 81 29.21 50.64 -91.42
CA LEU HA 81 29.00 51.66 -90.41
C LEU HA 81 28.16 52.79 -90.98
N ASP HA 82 27.07 52.43 -91.64
CA ASP HA 82 26.23 53.42 -92.33
C ASP HA 82 24.73 53.13 -92.18
N ARG HA 94 28.86 65.82 -92.57
CA ARG HA 94 29.41 64.48 -92.30
C ARG HA 94 29.83 64.36 -90.84
N ALA HA 95 30.05 63.14 -90.39
CA ALA HA 95 30.59 62.90 -89.06
C ALA HA 95 32.11 62.98 -89.09
N SER HA 96 32.67 63.93 -88.32
CA SER HA 96 34.07 64.28 -88.49
C SER HA 96 34.91 64.17 -87.22
N VAL HA 97 34.38 64.50 -86.06
CA VAL HA 97 35.18 64.51 -84.86
C VAL HA 97 34.95 63.22 -84.08
N VAL HA 98 35.89 62.91 -83.20
CA VAL HA 98 35.79 61.77 -82.31
C VAL HA 98 36.52 62.13 -81.03
N SER HA 99 35.81 62.06 -79.90
CA SER HA 99 36.45 62.34 -78.63
C SER HA 99 37.37 61.18 -78.26
N LEU HA 100 38.52 61.52 -77.68
CA LEU HA 100 39.40 60.47 -77.19
C LEU HA 100 38.70 59.59 -76.16
N ASN HA 101 37.84 60.19 -75.33
CA ASN HA 101 37.07 59.41 -74.39
C ASN HA 101 36.29 58.30 -75.08
N PHE HA 102 35.85 58.54 -76.31
CA PHE HA 102 35.16 57.51 -77.07
C PHE HA 102 36.12 56.52 -77.71
N LEU HA 103 37.23 57.02 -78.27
CA LEU HA 103 38.14 56.14 -79.01
C LEU HA 103 38.83 55.15 -78.08
N VAL HA 104 39.25 55.61 -76.90
CA VAL HA 104 39.97 54.73 -75.98
C VAL HA 104 39.13 53.52 -75.63
N ALA HA 105 37.81 53.67 -75.62
CA ALA HA 105 36.94 52.54 -75.31
C ALA HA 105 37.01 51.47 -76.39
N ALA HA 106 37.04 51.88 -77.65
CA ALA HA 106 37.10 50.93 -78.75
C ALA HA 106 38.53 50.53 -79.07
N ALA HA 107 39.24 50.05 -78.06
CA ALA HA 107 40.56 49.45 -78.26
C ALA HA 107 40.69 48.26 -77.34
N GLU HA 108 41.80 47.55 -77.46
CA GLU HA 108 42.12 46.51 -76.49
C GLU HA 108 42.15 47.09 -75.09
N ASN HA 109 43.12 47.95 -74.82
CA ASN HA 109 43.31 48.44 -73.46
C ASN HA 109 42.23 49.47 -73.10
N ALA HA 110 41.63 49.27 -71.94
CA ALA HA 110 40.47 49.97 -71.41
C ALA HA 110 40.10 49.32 -70.09
N ASP HA 111 39.61 50.12 -69.16
CA ASP HA 111 39.07 49.53 -67.94
C ASP HA 111 37.54 49.57 -68.04
N ASP HA 112 36.89 48.43 -67.82
CA ASP HA 112 35.48 48.27 -68.19
C ASP HA 112 34.58 49.33 -67.56
N ALA HA 113 35.06 50.01 -66.51
CA ALA HA 113 34.28 51.11 -65.95
C ALA HA 113 34.02 52.17 -67.01
N LEU HA 114 35.02 52.46 -67.84
CA LEU HA 114 34.86 53.49 -68.86
C LEU HA 114 33.96 53.01 -69.99
N ARG HA 115 34.02 51.72 -70.33
CA ARG HA 115 33.04 51.16 -71.25
C ARG HA 115 31.62 51.38 -70.73
N ALA HA 116 31.39 51.03 -69.47
CA ALA HA 116 30.06 51.20 -68.89
C ALA HA 116 29.63 52.66 -68.92
N HIS HA 117 30.56 53.57 -68.62
CA HIS HA 117 30.25 55.00 -68.65
C HIS HA 117 29.85 55.43 -70.06
N VAL HA 118 30.67 55.13 -71.05
CA VAL HA 118 30.38 55.51 -72.43
C VAL HA 118 29.05 54.91 -72.88
N THR HA 119 28.77 53.67 -72.49
CA THR HA 119 27.54 53.02 -72.95
C THR HA 119 26.30 53.62 -72.30
N THR HA 120 26.28 53.75 -70.97
CA THR HA 120 25.06 54.11 -70.25
C THR HA 120 24.91 55.61 -70.06
N ASN HA 121 25.93 56.38 -70.41
CA ASN HA 121 25.96 57.82 -70.15
C ASN HA 121 25.83 58.64 -71.42
N TYR HA 122 26.24 58.09 -72.55
CA TYR HA 122 25.89 58.65 -73.85
C TYR HA 122 24.38 58.51 -74.06
N ARG HA 123 23.74 59.62 -74.44
CA ARG HA 123 22.30 59.56 -74.75
C ARG HA 123 21.99 58.68 -75.94
N ASP HA 124 22.96 58.51 -76.83
CA ASP HA 124 22.58 58.25 -78.21
C ASP HA 124 22.08 56.81 -78.39
N ARG HA 125 21.14 56.65 -79.31
CA ARG HA 125 20.70 55.36 -79.82
C ARG HA 125 21.87 54.52 -80.32
N ARG HA 126 21.67 53.20 -80.33
CA ARG HA 126 22.46 52.24 -81.09
C ARG HA 126 23.96 52.37 -80.84
N THR HA 127 24.33 52.98 -79.72
CA THR HA 127 25.70 53.42 -79.49
C THR HA 127 26.67 52.25 -79.33
N ALA HA 128 26.33 51.26 -78.51
CA ALA HA 128 27.24 50.12 -78.31
C ALA HA 128 27.54 49.41 -79.61
N ALA HA 129 26.52 49.23 -80.45
CA ALA HA 129 26.73 48.64 -81.76
C ALA HA 129 27.74 49.45 -82.56
N ARG HA 130 27.58 50.78 -82.58
CA ARG HA 130 28.52 51.63 -83.29
C ARG HA 130 29.93 51.49 -82.74
N LEU HA 131 30.08 51.39 -81.42
CA LEU HA 131 31.40 51.19 -80.84
C LEU HA 131 32.02 49.90 -81.35
N GLU HA 132 31.22 48.85 -81.43
CA GLU HA 132 31.71 47.57 -81.96
C GLU HA 132 32.18 47.71 -83.40
N ARG HA 133 31.37 48.38 -84.23
CA ARG HA 133 31.72 48.56 -85.63
C ARG HA 133 33.01 49.36 -85.77
N PHE HA 134 33.16 50.42 -84.96
CA PHE HA 134 34.37 51.23 -84.99
C PHE HA 134 35.59 50.40 -84.62
N ALA HA 135 35.46 49.53 -83.62
CA ALA HA 135 36.53 48.61 -83.30
C ALA HA 135 36.92 47.78 -84.52
N THR HA 136 35.92 47.23 -85.21
CA THR HA 136 36.21 46.44 -86.40
C THR HA 136 36.89 47.30 -87.47
N VAL HA 137 36.50 48.57 -87.55
CA VAL HA 137 37.10 49.47 -88.54
C VAL HA 137 38.59 49.63 -88.27
N LEU HA 138 38.95 49.97 -87.03
CA LEU HA 138 40.36 50.19 -86.72
C LEU HA 138 41.17 48.91 -86.89
N ARG HA 139 40.62 47.78 -86.46
CA ARG HA 139 41.33 46.51 -86.68
C ARG HA 139 41.49 46.21 -88.17
N ALA HA 140 40.56 46.65 -89.01
CA ALA HA 140 40.76 46.49 -90.44
C ALA HA 140 41.84 47.45 -90.95
N MET HA 141 41.89 48.65 -90.38
CA MET HA 141 42.84 49.67 -90.82
C MET HA 141 44.28 49.18 -90.68
N ILE HA 142 44.60 48.57 -89.53
CA ILE HA 142 45.95 48.08 -89.32
C ILE HA 142 46.23 46.89 -90.21
N ARG HA 143 45.22 46.05 -90.45
CA ARG HA 143 45.42 44.90 -91.33
C ARG HA 143 45.74 45.32 -92.75
N SER HA 144 45.17 46.44 -93.21
CA SER HA 144 45.34 46.89 -94.58
C SER HA 144 46.53 47.84 -94.74
N HIS HA 145 47.37 47.95 -93.71
CA HIS HA 145 48.57 48.78 -93.75
C HIS HA 145 48.28 50.24 -94.10
N VAL HA 146 47.06 50.71 -93.81
CA VAL HA 146 46.80 52.14 -93.77
C VAL HA 146 46.51 52.48 -92.32
N PHE HA 147 47.54 52.96 -91.63
CA PHE HA 147 47.49 53.02 -90.18
C PHE HA 147 46.64 54.20 -89.71
N PRO HA 148 45.94 54.04 -88.58
CA PRO HA 148 45.01 55.09 -88.15
C PRO HA 148 45.70 56.41 -87.83
N HIS HA 149 46.99 56.40 -87.50
CA HIS HA 149 47.69 57.65 -87.29
C HIS HA 149 47.72 58.50 -88.55
N ARG HA 150 47.56 57.88 -89.71
CA ARG HA 150 47.36 58.59 -90.96
C ARG HA 150 45.87 58.82 -91.24
N ALA HA 151 45.04 58.78 -90.20
CA ALA HA 151 43.61 59.01 -90.38
C ALA HA 151 42.99 59.84 -89.27
N LEU HA 152 43.78 60.33 -88.30
CA LEU HA 152 43.25 61.05 -87.14
C LEU HA 152 44.23 62.15 -86.76
N HIS HA 153 44.00 63.36 -87.28
CA HIS HA 153 44.69 64.54 -86.77
C HIS HA 153 44.04 64.94 -85.46
N VAL HA 154 44.81 65.59 -84.59
CA VAL HA 154 44.38 65.89 -83.23
C VAL HA 154 44.11 67.37 -83.12
N LEU HA 155 42.94 67.72 -82.57
CA LEU HA 155 42.62 69.09 -82.23
C LEU HA 155 42.80 69.28 -80.73
N GLY HA 156 42.48 70.45 -80.23
CA GLY HA 156 42.61 70.74 -78.81
C GLY HA 156 41.45 70.20 -78.00
N GLY HA 157 41.36 70.69 -76.76
CA GLY HA 157 40.29 70.27 -75.87
C GLY HA 157 39.06 71.13 -76.06
N LEU HA 158 37.91 70.47 -76.20
CA LEU HA 158 36.67 71.19 -76.44
C LEU HA 158 36.27 71.99 -75.21
N LEU HA 159 35.56 73.07 -75.44
CA LEU HA 159 35.03 73.84 -74.33
C LEU HA 159 33.56 74.19 -74.47
N GLY HA 160 33.06 74.35 -75.70
CA GLY HA 160 31.71 74.81 -75.91
C GLY HA 160 31.04 74.07 -77.05
N HIS HA 161 29.72 74.22 -77.11
CA HIS HA 161 28.91 73.53 -78.12
C HIS HA 161 27.48 74.03 -78.08
N VAL HA 162 26.86 74.13 -79.24
CA VAL HA 162 25.42 74.29 -79.37
C VAL HA 162 24.91 73.16 -80.25
N THR HA 163 23.83 72.51 -79.81
CA THR HA 163 23.38 71.29 -80.47
C THR HA 163 21.95 71.47 -80.96
N GLN HA 164 21.72 71.11 -82.22
CA GLN HA 164 20.37 70.85 -82.70
C GLN HA 164 20.05 69.40 -82.41
N ASP HA 165 19.03 68.85 -83.06
CA ASP HA 165 18.76 67.42 -82.94
C ASP HA 165 19.74 66.63 -83.80
N ARG HA 166 20.71 65.99 -83.15
CA ARG HA 166 21.74 65.20 -83.82
C ARG HA 166 22.54 66.06 -84.82
N LEU HA 167 22.98 67.24 -84.36
CA LEU HA 167 23.93 68.05 -85.12
C LEU HA 167 24.54 69.07 -84.17
N ALA HA 168 25.86 69.03 -84.02
CA ALA HA 168 26.57 69.82 -83.01
C ALA HA 168 27.59 70.74 -83.68
N SER HA 169 28.10 71.68 -82.90
CA SER HA 169 29.20 72.56 -83.32
C SER HA 169 30.14 72.71 -82.13
N VAL HA 170 31.12 71.81 -82.06
CA VAL HA 170 32.07 71.84 -80.95
C VAL HA 170 33.10 72.94 -81.19
N THR HA 171 33.75 73.36 -80.11
CA THR HA 171 34.75 74.41 -80.16
C THR HA 171 35.89 74.02 -79.23
N CYS HA 172 37.11 73.95 -79.75
CA CYS HA 172 38.26 73.53 -78.98
C CYS HA 172 39.39 74.54 -79.13
N VAL HA 173 40.24 74.61 -78.13
CA VAL HA 173 41.45 75.42 -78.23
C VAL HA 173 42.41 74.80 -79.23
N ALA HA 174 43.37 75.60 -79.69
CA ALA HA 174 44.37 75.13 -80.62
C ALA HA 174 45.79 75.52 -80.25
N ARG HA 175 46.00 76.65 -79.59
CA ARG HA 175 47.29 77.05 -79.07
C ARG HA 175 47.08 77.67 -77.71
N GLY HA 176 48.17 78.10 -77.10
CA GLY HA 176 48.06 78.72 -75.79
C GLY HA 176 47.61 77.73 -74.74
N ASP HA 177 47.44 78.24 -73.53
CA ASP HA 177 47.07 77.37 -72.42
C ASP HA 177 45.54 77.29 -72.36
N GLN HA 178 45.07 76.16 -71.83
CA GLN HA 178 43.64 75.84 -71.86
C GLN HA 178 42.80 76.93 -71.19
N GLU HA 179 43.17 77.32 -69.98
CA GLU HA 179 42.33 78.17 -69.16
C GLU HA 179 42.39 79.64 -69.55
N ALA HA 180 42.94 79.96 -70.71
CA ALA HA 180 42.76 81.30 -71.26
C ALA HA 180 41.38 81.44 -71.91
N ALA HA 181 40.63 80.36 -72.03
CA ALA HA 181 39.34 80.37 -72.71
C ALA HA 181 38.26 80.88 -71.77
N ARG HA 182 37.00 80.74 -72.18
CA ARG HA 182 35.87 81.22 -71.37
C ARG HA 182 34.66 80.37 -71.75
N THR HA 183 34.31 79.41 -70.89
CA THR HA 183 33.19 78.51 -71.17
C THR HA 183 31.89 79.16 -70.70
N ASN HA 184 30.78 78.80 -71.34
CA ASN HA 184 29.48 79.37 -71.01
C ASN HA 184 28.73 78.49 -70.01
N ASP HA 185 29.46 77.83 -69.14
CA ASP HA 185 28.87 77.06 -68.06
C ASP HA 185 28.32 77.95 -66.95
N MET HA 186 29.07 78.98 -66.56
CA MET HA 186 28.82 79.90 -65.45
C MET HA 186 28.94 79.26 -64.09
N ALA HA 187 29.19 77.96 -64.01
CA ALA HA 187 29.60 77.36 -62.75
C ALA HA 187 31.11 77.26 -62.64
N ALA HA 188 31.78 76.91 -63.73
CA ALA HA 188 33.24 76.92 -63.83
C ALA HA 188 33.58 77.53 -65.18
N ARG HA 189 33.79 78.85 -65.19
CA ARG HA 189 34.13 79.55 -66.42
C ARG HA 189 35.32 78.90 -67.11
N ARG HA 190 36.45 78.80 -66.41
CA ARG HA 190 37.61 78.14 -66.96
C ARG HA 190 37.42 76.62 -66.85
N SER HA 191 38.41 75.87 -67.31
CA SER HA 191 38.32 74.42 -67.33
C SER HA 191 39.68 73.84 -66.99
N GLN HA 192 39.86 72.55 -67.28
CA GLN HA 192 41.15 71.90 -67.25
C GLN HA 192 41.16 70.89 -68.39
N VAL HA 193 42.10 69.95 -68.34
CA VAL HA 193 42.17 68.88 -69.33
C VAL HA 193 42.03 67.54 -68.62
N HIS HA 194 41.07 66.74 -69.05
CA HIS HA 194 40.76 65.46 -68.43
C HIS HA 194 41.15 64.33 -69.38
N VAL HA 195 41.88 63.36 -68.84
CA VAL HA 195 42.30 62.19 -69.61
C VAL HA 195 41.93 60.93 -68.83
N PRO HA 196 41.35 59.93 -69.47
CA PRO HA 196 41.03 58.69 -68.75
C PRO HA 196 42.28 58.06 -68.15
N ALA HA 197 42.32 58.00 -66.82
CA ALA HA 197 43.50 57.54 -66.12
C ALA HA 197 43.86 56.11 -66.45
N CYS HA 198 42.93 55.34 -67.00
CA CYS HA 198 43.24 53.98 -67.42
C CYS HA 198 44.31 53.92 -68.50
N ALA HA 199 44.40 54.94 -69.34
CA ALA HA 199 45.33 54.96 -70.45
C ALA HA 199 46.59 55.78 -70.21
N LEU HA 200 46.59 56.66 -69.22
CA LEU HA 200 47.73 57.53 -68.98
C LEU HA 200 48.91 56.70 -68.48
N MET HA 201 49.94 56.55 -69.31
CA MET HA 201 51.14 55.80 -68.95
C MET HA 201 52.26 56.82 -68.74
N ASP HA 202 52.69 56.96 -67.49
CA ASP HA 202 53.86 57.79 -67.23
C ASP HA 202 55.11 57.03 -67.66
N VAL HA 203 56.17 57.78 -67.95
CA VAL HA 203 57.41 57.24 -68.50
C VAL HA 203 58.57 57.37 -67.52
N ASP HA 204 58.82 58.57 -66.98
CA ASP HA 204 60.06 58.77 -66.21
C ASP HA 204 60.08 57.89 -64.96
N ARG HA 205 59.08 58.06 -64.11
CA ARG HA 205 58.88 57.20 -62.95
C ARG HA 205 58.77 55.75 -63.36
N GLU HA 206 58.33 55.48 -64.60
CA GLU HA 206 58.37 54.15 -65.18
C GLU HA 206 59.79 53.73 -65.52
N LEU HA 207 60.50 54.53 -66.32
CA LEU HA 207 61.86 54.15 -66.69
C LEU HA 207 62.86 54.33 -65.56
N ARG HA 208 62.45 54.96 -64.46
CA ARG HA 208 63.34 55.26 -63.34
C ARG HA 208 64.57 56.02 -63.80
N LEU HA 209 64.33 57.24 -64.32
CA LEU HA 209 65.42 58.14 -64.65
C LEU HA 209 66.04 58.79 -63.42
N GLY HA 210 65.46 58.57 -62.24
CA GLY HA 210 65.92 59.28 -61.06
C GLY HA 210 65.70 60.78 -61.12
N GLY HA 211 64.92 61.26 -62.09
CA GLY HA 211 64.75 62.67 -62.29
C GLY HA 211 63.82 63.31 -61.28
N ASP HA 212 63.65 64.61 -61.41
CA ASP HA 212 62.80 65.38 -60.51
C ASP HA 212 61.77 66.15 -61.33
N ASP HA 213 60.50 65.95 -60.99
CA ASP HA 213 59.40 66.44 -61.82
C ASP HA 213 59.43 67.95 -61.92
N GLY HA 214 59.66 68.45 -63.13
CA GLY HA 214 59.50 69.86 -63.38
C GLY HA 214 58.44 70.10 -64.42
N LEU HA 215 58.82 70.66 -65.56
CA LEU HA 215 57.94 70.80 -66.72
C LEU HA 215 58.17 69.58 -67.61
N ARG HA 216 57.10 68.87 -67.91
CA ARG HA 216 57.18 67.66 -68.72
C ARG HA 216 56.33 67.80 -69.97
N PHE HA 217 56.79 67.14 -71.03
CA PHE HA 217 56.04 67.12 -72.28
C PHE HA 217 54.83 66.20 -72.16
N ALA HA 218 54.04 66.14 -73.22
CA ALA HA 218 52.87 65.27 -73.26
C ALA HA 218 52.75 64.69 -74.66
N TYR HA 219 52.69 63.36 -74.74
CA TYR HA 219 52.64 62.68 -76.02
C TYR HA 219 51.47 61.70 -76.04
N LEU HA 220 50.68 61.77 -77.11
CA LEU HA 220 49.67 60.77 -77.42
C LEU HA 220 50.28 59.74 -78.35
N VAL HA 221 50.31 58.48 -77.93
CA VAL HA 221 50.98 57.43 -78.66
C VAL HA 221 49.99 56.35 -79.04
N PHE HA 222 50.20 55.73 -80.20
CA PHE HA 222 49.47 54.58 -80.66
C PHE HA 222 50.38 53.35 -80.63
N VAL HA 223 49.79 52.19 -80.39
CA VAL HA 223 50.52 50.93 -80.37
C VAL HA 223 49.82 49.97 -81.32
N TYR HA 224 50.48 49.62 -82.41
CA TYR HA 224 49.96 48.65 -83.34
C TYR HA 224 50.46 47.25 -82.97
N THR HA 225 49.75 46.23 -83.45
CA THR HA 225 50.23 44.85 -83.39
C THR HA 225 49.64 44.14 -84.60
N GLN HA 226 50.45 43.34 -85.28
CA GLN HA 226 50.09 42.80 -86.58
C GLN HA 226 50.23 41.28 -86.56
N ARG HA 227 49.09 40.59 -86.50
CA ARG HA 227 49.00 39.15 -86.71
C ARG HA 227 47.68 38.92 -87.40
N HIS HA 228 47.72 38.31 -88.58
CA HIS HA 228 46.57 38.34 -89.49
C HIS HA 228 45.34 37.70 -88.85
N ARG HA 229 44.23 38.44 -88.87
CA ARG HA 229 42.95 38.09 -88.24
C ARG HA 229 43.03 38.00 -86.72
N ARG HA 230 44.20 38.23 -86.14
CA ARG HA 230 44.33 38.30 -84.68
C ARG HA 230 45.23 39.48 -84.34
N GLU HA 231 44.64 40.67 -84.28
CA GLU HA 231 45.40 41.90 -84.08
C GLU HA 231 44.53 42.91 -83.36
N ALA HA 232 45.18 43.95 -82.82
CA ALA HA 232 44.47 44.95 -82.05
C ALA HA 232 45.30 46.23 -82.01
N LEU HA 233 44.76 47.24 -81.34
CA LEU HA 233 45.39 48.54 -81.21
C LEU HA 233 45.33 48.96 -79.75
N ARG HA 234 46.43 49.48 -79.23
CA ARG HA 234 46.50 49.99 -77.86
C ARG HA 234 46.80 51.48 -77.88
N VAL HA 235 46.08 52.24 -77.06
CA VAL HA 235 46.26 53.68 -76.97
C VAL HA 235 46.88 54.02 -75.63
N HIS HA 236 47.59 55.13 -75.58
CA HIS HA 236 48.17 55.63 -74.34
C HIS HA 236 48.32 57.14 -74.45
N VAL HA 237 48.50 57.78 -73.30
CA VAL HA 237 48.85 59.19 -73.24
C VAL HA 237 50.07 59.29 -72.35
N ALA HA 238 51.19 59.68 -72.92
CA ALA HA 238 52.48 59.60 -72.24
C ALA HA 238 52.99 61.00 -71.94
N VAL HA 239 53.49 61.18 -70.72
CA VAL HA 239 54.14 62.41 -70.32
C VAL HA 239 55.54 62.07 -69.83
N SER HA 240 56.48 62.99 -70.05
CA SER HA 240 57.86 62.82 -69.65
C SER HA 240 58.60 64.11 -69.98
N ARG HA 241 59.87 64.15 -69.57
CA ARG HA 241 60.78 65.21 -69.97
C ARG HA 241 61.52 64.88 -71.25
N LEU HA 242 61.35 63.68 -71.78
CA LEU HA 242 62.10 63.24 -72.94
C LEU HA 242 61.63 63.96 -74.20
N PRO HA 243 62.45 64.82 -74.81
CA PRO HA 243 62.02 65.47 -76.06
C PRO HA 243 61.96 64.53 -77.24
N GLU HA 244 62.71 63.44 -77.21
CA GLU HA 244 62.77 62.53 -78.35
C GLU HA 244 62.45 61.13 -77.83
N LEU HA 245 61.29 60.61 -78.19
CA LEU HA 245 60.85 59.32 -77.68
C LEU HA 245 61.77 58.21 -78.16
N GLY HA 246 61.68 57.88 -79.45
CA GLY HA 246 62.63 56.98 -80.08
C GLY HA 246 62.97 55.73 -79.29
N ASP HA 247 64.23 55.68 -78.85
CA ASP HA 247 64.73 54.53 -78.11
C ASP HA 247 63.88 54.24 -76.88
N ALA HA 248 63.26 55.28 -76.31
CA ALA HA 248 62.44 55.07 -75.12
C ALA HA 248 61.26 54.15 -75.39
N LEU HA 249 60.53 54.41 -76.48
CA LEU HA 249 59.47 53.49 -76.85
C LEU HA 249 60.02 52.18 -77.40
N SER HA 250 61.11 52.25 -78.16
CA SER HA 250 61.69 51.03 -78.70
C SER HA 250 61.99 50.03 -77.60
N PHE HA 251 62.38 50.50 -76.42
CA PHE HA 251 62.56 49.62 -75.28
C PHE HA 251 61.25 49.38 -74.53
N LEU HA 252 60.41 50.40 -74.39
CA LEU HA 252 59.14 50.23 -73.69
C LEU HA 252 58.27 49.15 -74.32
N LEU HA 253 58.20 49.13 -75.65
CA LEU HA 253 57.33 48.21 -76.37
C LEU HA 253 58.10 47.04 -76.96
N ALA HA 254 59.11 46.54 -76.23
CA ALA HA 254 60.02 45.56 -76.79
C ALA HA 254 59.29 44.31 -77.25
N GLY HA 255 58.38 43.80 -76.43
CA GLY HA 255 57.65 42.59 -76.81
C GLY HA 255 56.85 42.77 -78.08
N THR HA 256 56.22 43.94 -78.23
CA THR HA 256 55.44 44.22 -79.43
C THR HA 256 56.30 44.21 -80.68
N ARG HA 257 57.42 44.93 -80.66
CA ARG HA 257 58.32 44.94 -81.81
C ARG HA 257 58.83 43.54 -82.10
N VAL HA 258 59.21 42.79 -81.05
CA VAL HA 258 59.71 41.43 -81.25
C VAL HA 258 58.68 40.58 -81.96
N ASP HA 259 57.49 40.43 -81.38
CA ASP HA 259 56.53 39.51 -81.97
C ASP HA 259 55.86 40.09 -83.22
N ASN HA 260 56.13 41.35 -83.53
CA ASN HA 260 55.60 41.96 -84.74
C ASN HA 260 56.54 41.82 -85.93
N ALA HA 261 57.84 41.76 -85.70
CA ALA HA 261 58.77 41.65 -86.82
C ALA HA 261 58.74 40.26 -87.44
N ILE HA 262 58.35 39.24 -86.68
CA ILE HA 262 58.45 37.86 -87.14
C ILE HA 262 57.14 37.35 -87.73
N HIS HA 263 56.02 37.69 -87.09
CA HIS HA 263 54.71 37.30 -87.61
C HIS HA 263 54.14 38.31 -88.58
N GLY HA 264 54.92 39.31 -88.99
CA GLY HA 264 54.40 40.37 -89.83
C GLY HA 264 54.47 40.07 -91.31
N THR HA 265 55.48 39.31 -91.74
CA THR HA 265 55.67 38.98 -93.15
C THR HA 265 54.76 37.84 -93.60
N ASP HA 266 53.96 37.31 -92.68
CA ASP HA 266 53.12 36.15 -92.96
C ASP HA 266 52.19 36.41 -94.14
N GLU HA 267 51.80 35.33 -94.79
CA GLU HA 267 50.91 35.30 -95.96
C GLU HA 267 51.60 35.79 -97.22
N ALA HA 268 52.88 36.13 -97.15
CA ALA HA 268 53.66 36.53 -98.32
C ALA HA 268 54.49 35.33 -98.78
N ASP HA 269 54.24 34.88 -100.01
CA ASP HA 269 55.01 33.78 -100.57
C ASP HA 269 56.47 34.20 -100.73
N ALA HA 270 57.31 33.68 -99.87
CA ALA HA 270 58.74 33.81 -100.11
C ALA HA 270 59.21 32.65 -100.99
N PRO HA 271 60.18 32.88 -101.87
CA PRO HA 271 60.69 31.79 -102.71
C PRO HA 271 61.48 30.78 -101.89
N ALA HA 272 62.08 29.83 -102.58
CA ALA HA 272 62.87 28.79 -101.92
C ALA HA 272 64.19 29.40 -101.44
N ALA HA 273 65.12 28.55 -101.03
CA ALA HA 273 66.40 28.99 -100.50
C ALA HA 273 67.04 29.99 -101.47
N PRO HA 274 67.57 31.11 -100.98
CA PRO HA 274 68.10 32.13 -101.89
C PRO HA 274 69.32 31.61 -102.65
N ALA HA 275 69.37 31.95 -103.93
CA ALA HA 275 70.47 31.51 -104.78
C ALA HA 275 71.79 32.10 -104.31
N ALA HA 276 72.88 31.37 -104.55
CA ALA HA 276 74.20 31.86 -104.18
C ALA HA 276 74.58 33.10 -104.98
N ALA HA 277 73.96 33.29 -106.15
CA ALA HA 277 74.19 34.49 -106.93
C ALA HA 277 73.69 35.75 -106.23
N ALA HA 278 72.83 35.59 -105.22
CA ALA HA 278 72.36 36.74 -104.46
C ALA HA 278 73.45 37.37 -103.62
N ALA HA 279 74.50 36.63 -103.27
CA ALA HA 279 75.60 37.17 -102.48
C ALA HA 279 76.30 38.24 -103.29
N PHE HA 280 76.09 39.50 -102.92
CA PHE HA 280 76.68 40.60 -103.65
C PHE HA 280 78.19 40.55 -103.56
N PRO HA 281 78.90 40.38 -104.67
CA PRO HA 281 80.36 40.20 -104.62
C PRO HA 281 81.07 41.48 -104.19
N ALA HA 282 81.87 41.38 -103.14
CA ALA HA 282 82.67 42.50 -102.68
C ALA HA 282 84.15 42.37 -103.00
N TYR HA 283 84.62 41.16 -103.34
CA TYR HA 283 86.06 40.94 -103.53
C TYR HA 283 86.56 41.60 -104.78
N LEU HA 284 85.65 42.15 -105.59
CA LEU HA 284 85.95 42.57 -106.94
C LEU HA 284 86.10 44.08 -107.10
N PHE HA 285 86.03 44.84 -106.01
CA PHE HA 285 86.09 46.30 -106.10
C PHE HA 285 87.50 46.77 -106.39
N ASN HA 286 88.44 46.43 -105.52
CA ASN HA 286 89.83 46.84 -105.68
C ASN HA 286 90.72 45.75 -106.27
N ASP HA 287 90.16 44.90 -107.10
CA ASP HA 287 90.91 43.96 -107.93
C ASP HA 287 91.58 44.72 -109.06
N PRO HA 288 92.91 44.79 -109.12
CA PRO HA 288 93.55 45.46 -110.27
C PRO HA 288 93.27 44.74 -111.58
N ARG HA 289 93.40 43.42 -111.59
CA ARG HA 289 93.07 42.58 -112.74
C ARG HA 289 91.68 42.00 -112.57
N SER HA 290 90.72 42.49 -113.36
CA SER HA 290 89.37 41.95 -113.37
C SER HA 290 88.69 42.36 -114.66
N ALA HA 291 87.64 41.65 -115.02
CA ALA HA 291 86.87 41.98 -116.20
C ALA HA 291 86.22 43.34 -116.02
N ARG HA 292 86.28 44.16 -117.06
CA ARG HA 292 85.83 45.54 -116.94
C ARG HA 292 85.08 45.91 -118.21
N CYS HA 293 84.26 46.95 -118.11
CA CYS HA 293 83.45 47.36 -119.25
C CYS HA 293 83.16 48.85 -119.18
N PRO HA 294 83.70 49.64 -120.10
CA PRO HA 294 83.38 51.07 -120.11
C PRO HA 294 81.94 51.30 -120.54
N THR HA 295 81.41 52.46 -120.13
CA THR HA 295 80.06 52.84 -120.51
C THR HA 295 79.97 53.02 -122.02
N GLY HA 296 78.74 53.01 -122.54
CA GLY HA 296 78.53 53.18 -123.95
C GLY HA 296 78.61 51.92 -124.78
N ARG HA 297 78.96 50.80 -124.16
CA ARG HA 297 78.90 49.49 -124.79
C ARG HA 297 78.14 48.53 -123.89
N LEU HA 298 76.97 48.95 -123.42
CA LEU HA 298 76.09 48.08 -122.62
C LEU HA 298 74.73 47.96 -123.27
N ASN HA 299 74.63 47.10 -124.31
CA ASN HA 299 73.34 46.50 -124.65
C ASN HA 299 73.40 44.98 -124.62
N THR HA 300 74.15 44.37 -125.54
CA THR HA 300 74.44 42.95 -125.71
C THR HA 300 75.72 42.83 -126.52
N PRO HA 301 76.83 43.40 -126.08
CA PRO HA 301 78.09 43.21 -126.79
C PRO HA 301 78.80 41.95 -126.34
N ALA HA 302 80.06 41.79 -126.74
CA ALA HA 302 80.90 40.77 -126.14
C ALA HA 302 81.30 41.21 -124.74
N ALA HA 303 80.31 41.42 -123.88
CA ALA HA 303 80.52 41.79 -122.49
C ALA HA 303 79.86 40.80 -121.54
N GLU HA 304 79.59 39.59 -121.98
CA GLU HA 304 78.87 38.61 -121.19
C GLU HA 304 79.70 38.07 -120.03
N ALA HA 305 80.99 38.39 -120.02
CA ALA HA 305 81.93 37.91 -119.02
C ALA HA 305 81.76 38.58 -117.66
N LEU HA 306 80.80 39.48 -117.53
CA LEU HA 306 80.62 40.10 -116.23
C LEU HA 306 79.84 39.15 -115.30
N PRO HA 307 80.19 39.12 -114.02
CA PRO HA 307 79.47 38.25 -113.10
C PRO HA 307 78.02 38.68 -112.95
N VAL HA 308 77.15 37.71 -112.72
CA VAL HA 308 75.74 38.00 -112.52
C VAL HA 308 75.46 38.12 -111.04
N TRP HA 309 74.60 39.06 -110.67
CA TRP HA 309 74.17 39.22 -109.28
C TRP HA 309 72.70 39.64 -109.30
N ALA HA 310 71.85 38.82 -108.68
CA ALA HA 310 70.41 39.06 -108.68
C ALA HA 310 69.96 39.35 -107.25
N PRO HA 311 70.00 40.61 -106.82
CA PRO HA 311 69.41 40.96 -105.53
C PRO HA 311 67.92 40.65 -105.54
N ASP HA 312 67.52 39.69 -104.72
CA ASP HA 312 66.20 39.08 -104.81
C ASP HA 312 65.51 39.23 -103.45
N MET HA 313 64.59 40.19 -103.36
CA MET HA 313 63.93 40.51 -102.10
C MET HA 313 62.43 40.44 -102.30
N ARG HA 314 61.84 39.32 -101.87
CA ARG HA 314 60.44 39.01 -102.13
C ARG HA 314 59.88 38.27 -100.92
N GLY HA 315 59.27 39.03 -100.00
CA GLY HA 315 58.65 38.47 -98.83
C GLY HA 315 59.35 38.76 -97.52
N ARG HA 316 60.46 39.47 -97.55
CA ARG HA 316 61.17 39.81 -96.33
C ARG HA 316 60.46 40.96 -95.62
N ALA HA 317 60.95 41.29 -94.42
CA ALA HA 317 60.29 42.28 -93.58
C ALA HA 317 60.58 43.67 -94.11
N THR HA 318 59.55 44.34 -94.63
CA THR HA 318 59.66 45.73 -95.04
C THR HA 318 59.44 46.63 -93.82
N ARG HA 319 59.58 47.94 -94.01
CA ARG HA 319 59.42 48.83 -92.87
C ARG HA 319 58.00 48.83 -92.35
N ASN HA 320 57.01 48.95 -93.25
CA ASN HA 320 55.61 48.90 -92.83
C ASN HA 320 55.26 47.59 -92.14
N SER HA 321 56.08 46.56 -92.33
CA SER HA 321 55.89 45.29 -91.64
C SER HA 321 56.34 45.35 -90.20
N CYS HA 322 57.30 46.22 -89.90
CA CYS HA 322 57.85 46.31 -88.56
C CYS HA 322 57.34 47.52 -87.82
N MET HA 323 56.39 48.25 -88.41
CA MET HA 323 55.72 49.33 -87.69
C MET HA 323 55.00 48.78 -86.47
N TYR HA 324 55.26 49.39 -85.32
CA TYR HA 324 54.62 48.96 -84.10
C TYR HA 324 54.01 50.09 -83.28
N ALA HA 325 54.49 51.33 -83.43
CA ALA HA 325 53.99 52.44 -82.65
C ALA HA 325 54.09 53.72 -83.46
N ALA HA 326 53.32 54.73 -83.05
CA ALA HA 326 53.39 56.06 -83.63
C ALA HA 326 52.98 57.06 -82.57
N TYR HA 327 53.65 58.21 -82.52
CA TYR HA 327 53.37 59.20 -81.50
C TYR HA 327 53.37 60.60 -82.10
N VAL HA 328 52.84 61.54 -81.32
CA VAL HA 328 52.74 62.93 -81.73
C VAL HA 328 52.74 63.79 -80.49
N ARG HA 329 53.49 64.89 -80.52
CA ARG HA 329 53.61 65.74 -79.35
C ARG HA 329 52.34 66.55 -79.15
N LEU HA 330 51.94 66.72 -77.89
CA LEU HA 330 50.70 67.44 -77.57
C LEU HA 330 50.94 68.79 -76.93
N GLY HA 331 51.89 68.91 -76.02
CA GLY HA 331 52.13 70.16 -75.33
C GLY HA 331 52.97 69.92 -74.09
N THR HA 332 52.88 70.88 -73.17
CA THR HA 332 53.67 70.86 -71.95
C THR HA 332 52.76 70.83 -70.73
N VAL HA 333 53.24 70.22 -69.65
CA VAL HA 333 52.43 69.95 -68.48
C VAL HA 333 53.26 70.18 -67.22
N GLU HA 334 52.63 70.76 -66.22
CA GLU HA 334 53.14 70.82 -64.84
C GLU HA 334 52.91 69.54 -64.05
N ARG HA 335 51.66 69.13 -63.86
CA ARG HA 335 51.32 68.18 -62.83
C ARG HA 335 50.20 67.27 -63.30
N VAL HA 336 50.13 66.08 -62.72
CA VAL HA 336 49.04 65.15 -62.96
C VAL HA 336 48.56 64.61 -61.61
N VAL HA 337 47.28 64.79 -61.34
CA VAL HA 337 46.67 64.27 -60.12
C VAL HA 337 45.49 63.38 -60.50
N ARG HA 338 45.23 62.37 -59.69
CA ARG HA 338 44.22 61.36 -59.99
C ARG HA 338 43.13 61.39 -58.94
N ARG HA 339 41.88 61.39 -59.39
CA ARG HA 339 40.77 61.87 -58.60
C ARG HA 339 39.50 61.78 -59.44
N ALA HA 340 38.38 61.51 -58.78
CA ALA HA 340 37.13 61.24 -59.47
C ALA HA 340 36.14 62.39 -59.34
N LEU HA 348 34.14 56.65 -61.57
CA LEU HA 348 34.98 56.69 -62.75
C LEU HA 348 36.30 57.41 -62.47
N PRO HA 349 37.42 56.71 -62.72
CA PRO HA 349 38.74 57.31 -62.47
C PRO HA 349 39.12 58.27 -63.60
N LEU HA 350 39.78 59.36 -63.25
CA LEU HA 350 40.21 60.35 -64.23
C LEU HA 350 41.62 60.84 -63.88
N ALA HA 351 42.10 61.83 -64.63
CA ALA HA 351 43.45 62.38 -64.45
C ALA HA 351 43.43 63.83 -64.91
N HIS HA 352 43.35 64.75 -63.94
CA HIS HA 352 43.31 66.17 -64.25
C HIS HA 352 44.71 66.67 -64.56
N MET HA 353 44.85 67.36 -65.69
CA MET HA 353 46.12 67.99 -66.05
C MET HA 353 46.34 69.24 -65.19
N GLU HA 354 47.42 69.95 -65.46
CA GLU HA 354 47.74 71.13 -64.67
C GLU HA 354 48.50 72.09 -65.58
N ARG HA 355 47.86 73.19 -65.95
CA ARG HA 355 48.48 74.22 -66.77
C ARG HA 355 48.92 73.67 -68.13
N PHE HA 356 48.01 72.98 -68.80
CA PHE HA 356 48.32 72.42 -70.11
C PHE HA 356 48.46 73.54 -71.12
N THR HA 357 49.55 73.53 -71.88
CA THR HA 357 49.75 74.50 -72.95
C THR HA 357 49.69 73.75 -74.27
N TRP HA 358 48.66 74.06 -75.06
CA TRP HA 358 48.45 73.34 -76.31
C TRP HA 358 49.48 73.74 -77.35
N ASP HA 359 50.25 72.75 -77.80
CA ASP HA 359 51.24 72.90 -78.87
C ASP HA 359 51.27 71.58 -79.62
N VAL HA 360 50.51 71.50 -80.71
CA VAL HA 360 50.40 70.24 -81.43
C VAL HA 360 51.53 70.15 -82.43
N GLY HA 361 52.11 68.95 -82.55
CA GLY HA 361 53.18 68.71 -83.49
C GLY HA 361 52.77 67.75 -84.60
N ALA HA 362 53.75 67.32 -85.37
CA ALA HA 362 53.50 66.41 -86.47
C ALA HA 362 53.62 64.96 -86.01
N TRP HA 363 53.10 64.06 -86.84
CA TRP HA 363 53.14 62.65 -86.48
C TRP HA 363 54.56 62.10 -86.61
N GLU HA 364 54.75 60.90 -86.11
CA GLU HA 364 56.06 60.27 -86.06
C GLU HA 364 55.89 58.77 -86.19
N GLU HA 365 56.81 58.15 -86.93
CA GLU HA 365 56.85 56.70 -87.05
C GLU HA 365 57.79 56.13 -86.02
N CYS HA 366 57.51 54.89 -85.61
CA CYS HA 366 58.37 54.15 -84.68
C CYS HA 366 58.39 52.71 -85.17
N PHE HA 367 59.39 52.36 -85.96
CA PHE HA 367 59.50 51.05 -86.57
C PHE HA 367 60.80 50.34 -86.24
N PHE HA 368 61.91 51.06 -86.16
CA PHE HA 368 63.20 50.45 -85.89
C PHE HA 368 63.30 50.00 -84.45
N MET IA 1 55.57 92.74 -86.48
CA MET IA 1 56.49 93.17 -87.52
C MET IA 1 55.81 93.11 -88.88
N GLU IA 2 55.96 94.17 -89.66
CA GLU IA 2 55.30 94.27 -90.95
C GLU IA 2 56.18 95.00 -91.95
N VAL IA 3 56.13 94.54 -93.20
CA VAL IA 3 56.99 95.02 -94.27
C VAL IA 3 56.12 95.54 -95.40
N ASP IA 4 56.43 96.74 -95.88
CA ASP IA 4 55.79 97.32 -97.05
C ASP IA 4 56.74 97.22 -98.24
N ILE IA 5 56.16 97.11 -99.43
CA ILE IA 5 56.92 96.85 -100.64
C ILE IA 5 56.59 97.91 -101.67
N ALA IA 6 57.62 98.54 -102.22
CA ALA IA 6 57.45 99.60 -103.21
C ALA IA 6 56.92 98.99 -104.50
N LEU IA 7 55.62 99.16 -104.73
CA LEU IA 7 55.00 98.74 -105.98
C LEU IA 7 55.17 99.86 -107.00
N PRO IA 8 55.95 99.67 -108.07
CA PRO IA 8 55.91 100.64 -109.17
C PRO IA 8 54.53 100.67 -109.82
N THR IA 9 54.26 101.75 -110.53
CA THR IA 9 52.97 101.97 -111.17
C THR IA 9 52.88 101.09 -112.41
N LEU IA 10 52.14 99.99 -112.33
CA LEU IA 10 52.16 99.00 -113.40
C LEU IA 10 51.22 99.36 -114.55
N SER IA 11 49.91 99.23 -114.32
CA SER IA 11 48.91 99.36 -115.38
C SER IA 11 47.50 99.16 -114.81
N PRO IA 12 46.46 99.52 -115.56
CA PRO IA 12 45.11 99.14 -115.15
C PRO IA 12 44.78 97.70 -115.51
N GLY IA 13 43.95 97.08 -114.70
CA GLY IA 13 43.47 95.73 -114.97
C GLY IA 13 44.40 94.59 -114.61
N ASP IA 14 45.68 94.68 -115.00
CA ASP IA 14 46.65 93.68 -114.60
C ASP IA 14 47.08 93.91 -113.15
N LEU IA 15 47.15 95.17 -112.72
CA LEU IA 15 47.22 95.44 -111.29
C LEU IA 15 45.99 94.90 -110.59
N SER IA 16 44.81 95.11 -111.19
CA SER IA 16 43.59 94.52 -110.64
C SER IA 16 43.65 92.99 -110.68
N ALA IA 17 44.49 92.43 -111.56
CA ALA IA 17 44.68 90.99 -111.57
C ALA IA 17 45.58 90.54 -110.41
N LEU IA 18 46.63 91.32 -110.13
CA LEU IA 18 47.42 91.06 -108.93
C LEU IA 18 46.58 91.23 -107.67
N GLN IA 19 45.56 92.09 -107.74
CA GLN IA 19 44.62 92.35 -106.65
C GLN IA 19 43.72 91.17 -106.36
N ARG IA 20 43.92 90.05 -107.04
CA ARG IA 20 43.22 88.81 -106.74
C ARG IA 20 44.06 87.86 -105.90
N CYS IA 21 45.38 88.01 -105.92
CA CYS IA 21 46.28 87.17 -105.14
C CYS IA 21 46.68 87.91 -103.86
N GLU IA 22 45.67 88.12 -103.00
CA GLU IA 22 45.86 88.82 -101.73
C GLU IA 22 46.06 87.86 -100.56
N GLY IA 23 46.44 86.62 -100.83
CA GLY IA 23 46.69 85.67 -99.77
C GLY IA 23 47.92 84.81 -100.04
N ARG IA 24 48.56 85.03 -101.19
CA ARG IA 24 49.73 84.23 -101.55
C ARG IA 24 50.87 84.49 -100.59
N VAL IA 25 51.89 83.64 -100.68
CA VAL IA 25 53.10 83.77 -99.88
C VAL IA 25 54.26 84.09 -100.81
N VAL IA 26 55.15 84.95 -100.34
CA VAL IA 26 56.30 85.42 -101.11
C VAL IA 26 57.49 85.48 -100.17
N PHE IA 27 58.65 85.08 -100.67
CA PHE IA 27 59.86 84.99 -99.87
C PHE IA 27 60.63 86.30 -99.96
N LEU IA 28 60.75 86.98 -98.83
CA LEU IA 28 61.61 88.16 -98.74
C LEU IA 28 63.06 87.67 -98.67
N GLU IA 29 64.01 88.61 -98.64
CA GLU IA 29 65.41 88.27 -98.42
C GLU IA 29 65.90 88.66 -97.04
N THR IA 30 65.45 89.80 -96.50
CA THR IA 30 65.83 90.25 -95.17
C THR IA 30 64.64 90.92 -94.52
N LEU IA 31 64.40 90.59 -93.24
CA LEU IA 31 63.44 91.35 -92.45
C LEU IA 31 63.86 92.81 -92.40
N ARG IA 32 62.99 93.69 -92.88
CA ARG IA 32 63.26 95.12 -92.96
C ARG IA 32 61.92 95.84 -92.98
N ARG IA 33 61.93 97.11 -93.44
CA ARG IA 33 60.70 97.89 -93.53
C ARG IA 33 60.45 98.44 -94.93
N HIS IA 34 61.30 98.10 -95.89
CA HIS IA 34 61.17 98.66 -97.24
C HIS IA 34 61.63 97.60 -98.24
N ALA IA 35 60.82 97.39 -99.29
CA ALA IA 35 61.12 96.38 -100.29
C ALA IA 35 60.57 96.80 -101.64
N THR IA 36 60.87 96.02 -102.67
CA THR IA 36 60.55 96.34 -104.04
C THR IA 36 60.17 95.07 -104.79
N LEU IA 37 59.36 95.23 -105.85
CA LEU IA 37 58.86 94.11 -106.64
C LEU IA 37 59.93 93.32 -107.36
N ARG IA 38 61.14 93.85 -107.46
CA ARG IA 38 62.15 93.16 -108.25
C ARG IA 38 62.79 92.02 -107.48
N GLU IA 39 63.16 92.26 -106.23
CA GLU IA 39 63.84 91.25 -105.45
C GLU IA 39 62.93 90.09 -105.08
N VAL IA 40 61.65 90.37 -104.85
CA VAL IA 40 60.68 89.32 -104.49
C VAL IA 40 60.08 88.83 -105.81
N ALA IA 41 60.83 87.97 -106.49
CA ALA IA 41 60.44 87.42 -107.78
C ALA IA 41 61.43 86.34 -108.17
N LEU IA 42 60.94 85.28 -108.78
CA LEU IA 42 61.74 84.18 -109.29
C LEU IA 42 61.40 83.95 -110.76
N PRO IA 43 62.32 83.39 -111.54
CA PRO IA 43 62.01 83.08 -112.94
C PRO IA 43 60.80 82.14 -112.99
N CYS IA 44 60.04 82.14 -114.09
CA CYS IA 44 58.73 81.50 -113.96
C CYS IA 44 58.89 79.98 -113.99
N GLY IA 45 59.87 79.46 -114.73
CA GLY IA 45 60.15 78.02 -114.76
C GLY IA 45 61.61 77.61 -114.60
N GLY IA 46 61.93 76.91 -113.50
CA GLY IA 46 63.27 76.44 -113.23
C GLY IA 46 63.22 75.15 -112.43
N ASP IA 47 64.40 74.60 -112.16
CA ASP IA 47 64.49 73.35 -111.42
C ASP IA 47 63.90 73.51 -110.03
N VAL IA 48 63.14 72.49 -109.61
CA VAL IA 48 62.47 72.55 -108.32
C VAL IA 48 63.48 72.58 -107.18
N LEU IA 49 64.70 72.09 -107.43
CA LEU IA 49 65.69 72.02 -106.35
C LEU IA 49 66.25 73.38 -105.98
N ALA IA 50 66.50 74.25 -106.95
CA ALA IA 50 67.02 75.57 -106.61
C ALA IA 50 65.95 76.40 -105.90
N ALA IA 51 64.69 76.28 -106.34
CA ALA IA 51 63.62 76.93 -105.62
C ALA IA 51 63.52 76.40 -104.19
N MET IA 52 63.71 75.09 -104.01
CA MET IA 52 63.67 74.50 -102.68
C MET IA 52 64.83 74.99 -101.82
N ALA IA 53 66.03 75.06 -102.39
CA ALA IA 53 67.18 75.55 -101.64
C ALA IA 53 67.11 77.06 -101.43
N ALA IA 54 66.25 77.74 -102.19
CA ALA IA 54 66.03 79.17 -101.97
C ALA IA 54 65.03 79.39 -100.86
N TYR IA 55 64.00 78.53 -100.77
CA TYR IA 55 62.99 78.65 -99.73
C TYR IA 55 63.54 78.41 -98.33
N ARG IA 56 64.75 77.87 -98.20
CA ARG IA 56 65.35 77.63 -96.90
C ARG IA 56 66.30 78.74 -96.48
N ARG IA 57 66.76 79.58 -97.41
CA ARG IA 57 67.67 80.67 -97.10
C ARG IA 57 66.96 82.02 -97.03
N ARG IA 58 65.66 82.06 -97.24
CA ARG IA 58 64.90 83.29 -97.25
C ARG IA 58 63.94 83.32 -96.07
N PHE IA 59 63.14 84.37 -96.01
CA PHE IA 59 62.12 84.53 -94.98
C PHE IA 59 60.75 84.59 -95.63
N ALA IA 60 59.82 83.79 -95.13
CA ALA IA 60 58.47 83.77 -95.68
C ALA IA 60 57.74 85.05 -95.33
N ALA IA 61 56.66 85.31 -96.07
CA ALA IA 61 55.82 86.48 -95.87
C ALA IA 61 54.52 86.29 -96.62
N VAL IA 62 53.40 86.68 -96.00
CA VAL IA 62 52.08 86.53 -96.59
C VAL IA 62 51.60 87.89 -97.09
N ILE IA 63 50.95 87.90 -98.24
CA ILE IA 63 50.41 89.12 -98.82
C ILE IA 63 49.13 89.49 -98.10
N THR IA 64 49.11 90.66 -97.48
CA THR IA 64 47.88 91.22 -96.93
C THR IA 64 47.23 92.09 -97.99
N ARG IA 65 46.26 92.91 -97.59
CA ARG IA 65 45.57 93.80 -98.52
C ARG IA 65 46.60 94.67 -99.25
N VAL IA 66 46.29 94.96 -100.51
CA VAL IA 66 47.21 95.63 -101.42
C VAL IA 66 46.55 96.90 -101.93
N THR IA 67 47.07 98.05 -101.52
CA THR IA 67 46.66 99.30 -102.11
C THR IA 67 47.53 99.58 -103.34
N PRO IA 68 46.94 100.14 -104.42
CA PRO IA 68 47.71 100.36 -105.66
C PRO IA 68 49.01 101.13 -105.49
N HIS IA 69 49.27 101.70 -104.31
CA HIS IA 69 50.56 102.34 -104.09
C HIS IA 69 51.60 101.35 -103.58
N ARG IA 70 51.24 100.55 -102.57
CA ARG IA 70 52.19 99.62 -101.97
C ARG IA 70 51.42 98.50 -101.28
N MET IA 71 52.08 97.37 -101.11
CA MET IA 71 51.48 96.17 -100.55
C MET IA 71 52.18 95.75 -99.26
N LEU IA 72 51.38 95.30 -98.29
CA LEU IA 72 51.85 94.95 -96.97
C LEU IA 72 52.06 93.45 -96.85
N ALA IA 73 52.93 93.05 -95.93
CA ALA IA 73 53.24 91.64 -95.76
C ALA IA 73 53.76 91.40 -94.35
N THR IA 74 53.60 90.16 -93.87
CA THR IA 74 54.05 89.79 -92.55
C THR IA 74 54.71 88.42 -92.61
N PRO IA 75 55.89 88.26 -92.03
CA PRO IA 75 56.56 86.96 -92.02
C PRO IA 75 55.88 85.99 -91.07
N LEU IA 76 56.29 84.73 -91.19
CA LEU IA 76 55.61 83.62 -90.51
C LEU IA 76 56.41 83.13 -89.30
N GLY IA 77 57.71 82.85 -89.49
CA GLY IA 77 58.48 82.24 -88.42
C GLY IA 77 58.47 83.04 -87.13
N VAL IA 78 58.44 84.36 -87.25
CA VAL IA 78 58.44 85.24 -86.08
C VAL IA 78 57.06 85.90 -86.00
N GLY IA 79 56.60 86.10 -84.76
CA GLY IA 79 55.30 86.70 -84.56
C GLY IA 79 55.09 87.04 -83.10
N GLY IA 80 54.04 87.81 -82.86
CA GLY IA 80 53.68 88.18 -81.50
C GLY IA 80 52.57 87.31 -80.95
N ARG IA 81 52.95 86.35 -80.10
CA ARG IA 81 52.02 85.40 -79.49
C ARG IA 81 51.20 84.61 -80.51
N GLY IA 82 51.71 84.49 -81.74
CA GLY IA 82 51.04 83.66 -82.74
C GLY IA 82 49.68 84.18 -83.16
N GLN IA 83 49.64 85.30 -83.86
CA GLN IA 83 48.37 85.93 -84.19
C GLN IA 83 47.72 85.23 -85.38
N SER IA 84 46.59 85.76 -85.82
CA SER IA 84 45.80 85.19 -86.90
C SER IA 84 46.09 85.90 -88.21
N LEU IA 85 46.04 85.13 -89.30
CA LEU IA 85 46.21 85.69 -90.63
C LEU IA 85 45.56 84.75 -91.63
N VAL IA 86 45.00 85.32 -92.67
CA VAL IA 86 44.37 84.51 -93.70
C VAL IA 86 45.41 84.11 -94.75
N LEU IA 87 45.21 82.93 -95.33
CA LEU IA 87 46.20 82.38 -96.26
C LEU IA 87 45.44 81.72 -97.41
N GLN IA 88 45.54 82.29 -98.60
CA GLN IA 88 44.81 81.78 -99.75
C GLN IA 88 45.36 80.42 -100.17
N ASN IA 89 44.46 79.46 -100.38
CA ASN IA 89 44.88 78.15 -100.84
C ASN IA 89 45.18 78.17 -102.33
N THR IA 90 46.25 77.48 -102.72
CA THR IA 90 46.63 77.36 -104.11
C THR IA 90 46.85 75.93 -104.57
N GLY IA 91 46.67 74.93 -103.68
CA GLY IA 91 46.99 73.57 -103.99
C GLY IA 91 46.06 72.98 -105.03
N PRO IA 92 46.27 71.70 -105.35
CA PRO IA 92 45.38 71.04 -106.30
C PRO IA 92 44.14 70.50 -105.62
N PHE IA 93 44.29 70.14 -104.35
CA PHE IA 93 43.24 69.55 -103.54
C PHE IA 93 43.08 70.39 -102.28
N ASP IA 94 41.97 70.16 -101.59
CA ASP IA 94 41.58 70.97 -100.45
C ASP IA 94 42.36 70.57 -99.20
N LEU IA 95 42.31 71.45 -98.21
CA LEU IA 95 42.82 71.16 -96.87
C LEU IA 95 41.68 71.38 -95.88
N THR IA 96 41.57 70.47 -94.91
CA THR IA 96 40.48 70.53 -93.94
C THR IA 96 40.97 71.19 -92.65
N ASN IA 97 40.00 71.55 -91.81
CA ASN IA 97 40.31 72.19 -90.53
C ASN IA 97 41.12 71.23 -89.66
N GLY IA 98 42.26 71.68 -89.17
CA GLY IA 98 43.08 70.85 -88.33
C GLY IA 98 44.16 70.10 -89.08
N ASP IA 99 44.83 70.80 -89.99
CA ASP IA 99 45.89 70.21 -90.77
C ASP IA 99 47.17 71.02 -90.59
N HIS IA 100 48.27 70.46 -91.08
CA HIS IA 100 49.56 71.13 -91.08
C HIS IA 100 49.91 71.47 -92.52
N VAL IA 101 50.20 72.75 -92.77
CA VAL IA 101 50.41 73.25 -94.11
C VAL IA 101 51.91 73.35 -94.37
N CYS IA 102 52.32 72.98 -95.58
CA CYS IA 102 53.69 73.10 -96.02
C CYS IA 102 53.74 74.01 -97.25
N LEU IA 103 54.96 74.26 -97.73
CA LEU IA 103 55.17 75.10 -98.91
C LEU IA 103 56.19 74.40 -99.80
N VAL IA 104 55.73 73.87 -100.93
CA VAL IA 104 56.61 73.23 -101.90
C VAL IA 104 56.50 73.97 -103.22
N PRO IA 105 57.58 74.07 -104.01
CA PRO IA 105 57.48 74.64 -105.35
C PRO IA 105 56.46 73.91 -106.19
N PRO IA 106 55.98 74.52 -107.28
CA PRO IA 106 54.91 73.88 -108.08
C PRO IA 106 55.39 72.70 -108.89
N LEU IA 107 55.46 71.53 -108.27
CA LEU IA 107 55.91 70.32 -108.97
C LEU IA 107 55.07 70.04 -110.21
N LEU IA 108 53.79 70.40 -110.18
CA LEU IA 108 52.89 70.20 -111.31
C LEU IA 108 53.14 71.33 -112.31
N GLY IA 109 52.26 71.42 -113.32
CA GLY IA 109 52.26 72.57 -114.20
C GLY IA 109 52.21 73.85 -113.39
N ASP IA 110 53.27 74.63 -113.52
CA ASP IA 110 53.47 75.79 -112.66
C ASP IA 110 52.49 76.90 -113.00
N GLU IA 111 52.52 77.95 -112.17
CA GLU IA 111 51.77 79.16 -112.40
C GLU IA 111 52.75 80.32 -112.26
N CYS IA 112 52.78 81.19 -113.26
CA CYS IA 112 53.80 82.23 -113.33
C CYS IA 112 53.01 83.48 -113.64
N LEU IA 113 53.03 84.46 -112.76
CA LEU IA 113 52.30 85.69 -113.00
C LEU IA 113 53.08 86.51 -114.01
N ARG IA 114 52.56 86.58 -115.23
CA ARG IA 114 53.28 87.27 -116.28
C ARG IA 114 52.96 88.75 -116.32
N LEU IA 115 53.78 89.57 -115.65
CA LEU IA 115 53.64 91.02 -115.69
C LEU IA 115 54.27 91.54 -116.97
N THR IA 116 53.52 91.46 -118.06
CA THR IA 116 53.99 92.01 -119.32
C THR IA 116 54.06 93.53 -119.30
N SER IA 117 53.34 94.17 -118.37
CA SER IA 117 53.40 95.62 -118.26
C SER IA 117 54.75 96.08 -117.73
N ALA IA 118 55.15 95.58 -116.57
CA ALA IA 118 56.37 96.02 -115.90
C ALA IA 118 57.58 95.14 -116.18
N ASN IA 119 57.44 94.11 -117.00
CA ASN IA 119 58.55 93.24 -117.38
C ASN IA 119 59.18 92.57 -116.16
N LEU IA 120 58.34 92.07 -115.26
CA LEU IA 120 58.76 91.19 -114.19
C LEU IA 120 57.97 89.89 -114.30
N GLU IA 121 58.29 88.93 -113.44
CA GLU IA 121 57.54 87.68 -113.38
C GLU IA 121 57.50 87.23 -111.93
N LEU IA 122 56.33 86.74 -111.51
CA LEU IA 122 56.13 86.25 -110.15
C LEU IA 122 55.81 84.77 -110.18
N ARG IA 123 56.30 84.05 -109.17
CA ARG IA 123 56.08 82.61 -109.05
C ARG IA 123 55.83 82.29 -107.60
N PHE IA 124 54.67 81.70 -107.31
CA PHE IA 124 54.28 81.43 -105.94
C PHE IA 124 54.33 79.93 -105.67
N PRO IA 125 54.72 79.53 -104.46
CA PRO IA 125 54.72 78.11 -104.13
C PRO IA 125 53.33 77.59 -103.87
N MET IA 126 53.21 76.32 -103.52
CA MET IA 126 51.91 75.70 -103.33
C MET IA 126 51.71 75.33 -101.87
N THR IA 127 50.45 75.20 -101.49
CA THR IA 127 50.06 74.86 -100.13
C THR IA 127 49.51 73.44 -100.11
N LEU IA 128 50.07 72.60 -99.24
CA LEU IA 128 49.63 71.22 -99.15
C LEU IA 128 49.61 70.77 -97.70
N PRO IA 129 48.70 69.88 -97.34
CA PRO IA 129 48.82 69.17 -96.06
C PRO IA 129 49.98 68.20 -96.07
N LEU IA 130 50.59 68.04 -94.89
CA LEU IA 130 51.84 67.29 -94.77
C LEU IA 130 51.69 65.87 -95.28
N ALA IA 131 50.59 65.20 -94.93
CA ALA IA 131 50.37 63.82 -95.35
C ALA IA 131 50.46 63.70 -96.87
N GLN IA 132 49.67 64.50 -97.59
CA GLN IA 132 49.66 64.40 -99.05
C GLN IA 132 50.86 65.09 -99.69
N ALA IA 133 51.48 66.03 -98.98
CA ALA IA 133 52.68 66.66 -99.52
C ALA IA 133 53.84 65.68 -99.55
N ARG IA 134 53.97 64.85 -98.52
CA ARG IA 134 55.03 63.86 -98.52
C ARG IA 134 54.83 62.78 -99.57
N GLU IA 135 53.64 62.70 -100.17
CA GLU IA 135 53.35 61.66 -101.16
C GLU IA 135 53.23 62.17 -102.59
N LEU IA 136 52.87 63.43 -102.80
CA LEU IA 136 52.78 63.95 -104.16
C LEU IA 136 54.14 63.98 -104.84
N THR IA 137 55.17 64.43 -104.10
CA THR IA 137 56.53 64.36 -104.59
C THR IA 137 56.90 62.94 -105.00
N ALA IA 138 56.52 61.96 -104.17
CA ALA IA 138 56.89 60.58 -104.46
C ALA IA 138 56.16 60.06 -105.68
N ARG IA 139 54.89 60.43 -105.85
CA ARG IA 139 54.18 60.10 -107.08
C ARG IA 139 54.90 60.67 -108.29
N VAL IA 140 55.34 61.93 -108.18
CA VAL IA 140 55.98 62.60 -109.31
C VAL IA 140 57.26 61.87 -109.69
N VAL IA 141 58.09 61.55 -108.70
CA VAL IA 141 59.36 60.88 -109.01
C VAL IA 141 59.13 59.45 -109.46
N ALA IA 142 58.06 58.82 -108.97
CA ALA IA 142 57.77 57.45 -109.37
C ALA IA 142 57.34 57.39 -110.82
N ARG IA 143 56.62 58.42 -111.30
CA ARG IA 143 56.25 58.44 -112.71
C ARG IA 143 57.49 58.52 -113.60
N ALA IA 144 58.49 59.28 -113.19
CA ALA IA 144 59.71 59.38 -113.97
C ALA IA 144 60.63 58.17 -113.81
N ALA IA 145 60.53 57.47 -112.68
CA ALA IA 145 61.34 56.28 -112.47
C ALA IA 145 61.13 55.25 -113.56
N GLU IA 146 59.87 54.98 -113.91
CA GLU IA 146 59.59 54.00 -114.95
C GLU IA 146 60.03 54.49 -116.32
N THR IA 147 59.85 55.78 -116.61
CA THR IA 147 60.23 56.27 -117.92
C THR IA 147 61.74 56.33 -118.08
N LEU IA 148 62.49 56.28 -116.97
CA LEU IA 148 63.94 56.12 -117.08
C LEU IA 148 64.30 54.81 -117.79
N ARG IA 149 63.41 53.82 -117.77
CA ARG IA 149 63.68 52.53 -118.40
C ARG IA 149 62.69 52.18 -119.50
N ALA IA 157 46.96 53.67 -111.09
CA ALA IA 157 48.28 54.06 -111.57
C ALA IA 157 48.78 55.30 -110.84
N ASP IA 158 48.38 56.48 -111.33
CA ASP IA 158 48.75 57.75 -110.72
C ASP IA 158 47.47 58.46 -110.28
N VAL IA 159 46.96 58.06 -109.11
CA VAL IA 159 45.74 58.64 -108.58
C VAL IA 159 45.98 59.04 -107.12
N VAL IA 160 45.62 60.27 -106.78
CA VAL IA 160 45.60 60.70 -105.40
C VAL IA 160 44.15 60.95 -105.03
N PHE IA 161 43.80 60.59 -103.81
CA PHE IA 161 42.45 60.76 -103.31
C PHE IA 161 42.50 61.78 -102.17
N SER IA 162 41.50 62.65 -102.11
CA SER IA 162 41.52 63.72 -101.11
C SER IA 162 40.09 64.22 -100.93
N ASN IA 163 39.54 64.01 -99.73
CA ASN IA 163 38.22 64.52 -99.37
C ASN IA 163 37.16 64.11 -100.38
N GLY IA 164 37.11 62.80 -100.64
CA GLY IA 164 36.13 62.22 -101.54
C GLY IA 164 36.51 62.17 -103.00
N ARG IA 165 37.10 63.24 -103.51
CA ARG IA 165 37.35 63.37 -104.94
C ARG IA 165 38.77 62.96 -105.29
N ARG IA 166 39.01 62.77 -106.58
CA ARG IA 166 40.17 62.06 -107.06
C ARG IA 166 40.82 62.80 -108.21
N TYR IA 167 42.15 62.85 -108.19
CA TYR IA 167 42.93 63.61 -109.15
C TYR IA 167 43.82 62.68 -109.97
N GLN IA 168 44.19 63.17 -111.15
CA GLN IA 168 44.78 62.34 -112.18
C GLN IA 168 46.19 62.76 -112.57
N LEU IA 169 46.82 63.66 -111.82
CA LEU IA 169 48.24 63.98 -111.94
C LEU IA 169 48.62 64.28 -113.39
N PRO IA 170 48.27 65.47 -113.88
CA PRO IA 170 48.41 65.80 -115.31
C PRO IA 170 49.71 65.30 -115.91
N PRO IA 171 49.65 64.83 -117.16
CA PRO IA 171 50.77 64.09 -117.74
C PRO IA 171 52.01 64.95 -117.90
N PRO IA 172 53.18 64.34 -118.12
CA PRO IA 172 54.42 65.11 -118.16
C PRO IA 172 54.42 66.15 -119.28
N HIS IA 173 55.27 67.17 -119.10
CA HIS IA 173 55.44 68.32 -120.00
C HIS IA 173 54.12 68.88 -120.49
N ARG IA 174 53.07 68.79 -119.67
CA ARG IA 174 51.86 69.58 -119.91
C ARG IA 174 52.15 71.06 -119.75
N ASP IA 175 53.27 71.39 -119.12
CA ASP IA 175 53.79 72.73 -118.92
C ASP IA 175 55.08 72.81 -119.73
N ASN IA 176 55.87 73.86 -119.49
CA ASN IA 176 57.10 74.10 -120.24
C ASN IA 176 57.85 72.81 -120.56
N ALA IA 177 58.15 72.00 -119.54
CA ALA IA 177 58.80 70.71 -119.73
C ALA IA 177 58.83 69.99 -118.39
N GLU IA 178 59.21 68.71 -118.44
CA GLU IA 178 59.53 67.98 -117.22
C GLU IA 178 60.99 68.15 -116.82
N ALA IA 179 61.75 68.97 -117.55
CA ALA IA 179 63.14 69.23 -117.19
C ALA IA 179 63.25 69.95 -115.86
N ALA IA 180 62.22 70.71 -115.48
CA ALA IA 180 62.23 71.40 -114.20
C ALA IA 180 62.22 70.46 -113.01
N THR IA 181 61.93 69.18 -113.21
CA THR IA 181 61.89 68.22 -112.11
C THR IA 181 62.75 67.00 -112.42
N ARG IA 182 63.87 67.21 -113.10
CA ARG IA 182 64.80 66.14 -113.39
C ARG IA 182 65.81 65.91 -112.27
N SER IA 183 66.55 66.95 -111.89
CA SER IA 183 67.59 66.84 -110.88
C SER IA 183 67.07 66.19 -109.59
N LEU IA 184 65.85 66.53 -109.19
CA LEU IA 184 65.25 65.88 -108.02
C LEU IA 184 65.17 64.37 -108.22
N VAL IA 185 64.62 63.95 -109.37
CA VAL IA 185 64.53 62.52 -109.67
C VAL IA 185 65.90 61.87 -109.55
N LEU IA 186 66.90 62.49 -110.19
CA LEU IA 186 68.22 61.86 -110.29
C LEU IA 186 68.87 61.73 -108.92
N ASN IA 187 68.84 62.79 -108.11
CA ASN IA 187 69.42 62.71 -106.78
C ASN IA 187 68.67 61.71 -105.91
N MET IA 188 67.34 61.81 -105.90
CA MET IA 188 66.55 60.95 -105.01
C MET IA 188 66.70 59.48 -105.36
N ILE IA 189 67.01 59.14 -106.61
CA ILE IA 189 67.26 57.73 -106.91
C ILE IA 189 68.70 57.34 -106.61
N PHE IA 190 69.66 58.21 -106.93
CA PHE IA 190 71.07 57.84 -106.78
C PHE IA 190 71.44 57.65 -105.31
N LEU IA 191 70.98 58.56 -104.44
CA LEU IA 191 71.33 58.44 -103.03
C LEU IA 191 70.74 57.18 -102.41
N LEU IA 192 69.53 56.81 -102.81
CA LEU IA 192 68.91 55.60 -102.28
C LEU IA 192 69.66 54.36 -102.75
N ASN IA 193 70.02 54.32 -104.03
CA ASN IA 193 70.84 53.21 -104.52
C ASN IA 193 72.16 53.12 -103.78
N GLU IA 194 72.75 54.28 -103.46
CA GLU IA 194 73.98 54.32 -102.69
C GLU IA 194 73.79 53.70 -101.31
N GLY IA 195 72.77 54.15 -100.59
CA GLY IA 195 72.50 53.56 -99.29
C GLY IA 195 72.33 52.05 -99.36
N ALA IA 196 71.60 51.59 -100.37
CA ALA IA 196 71.40 50.15 -100.55
C ALA IA 196 72.73 49.43 -100.72
N VAL IA 197 73.55 49.88 -101.67
CA VAL IA 197 74.78 49.14 -101.96
C VAL IA 197 75.74 49.20 -100.79
N ILE IA 198 75.88 50.36 -100.13
CA ILE IA 198 76.82 50.44 -99.02
C ILE IA 198 76.38 49.49 -97.92
N LEU IA 199 75.08 49.48 -97.62
CA LEU IA 199 74.60 48.58 -96.58
C LEU IA 199 74.90 47.13 -96.92
N LEU IA 200 74.64 46.74 -98.17
CA LEU IA 200 74.88 45.35 -98.53
C LEU IA 200 76.36 45.01 -98.47
N SER IA 201 77.24 45.95 -98.81
CA SER IA 201 78.66 45.71 -98.70
C SER IA 201 79.11 45.56 -97.25
N LEU IA 202 78.47 46.29 -96.34
CA LEU IA 202 78.93 46.30 -94.95
C LEU IA 202 78.69 44.96 -94.26
N ILE IA 203 77.48 44.41 -94.39
CA ILE IA 203 77.26 43.03 -93.98
C ILE IA 203 76.90 42.24 -95.24
N PRO IA 204 77.85 41.53 -95.84
CA PRO IA 204 77.59 40.91 -97.16
C PRO IA 204 76.53 39.83 -97.13
N ASN IA 205 76.56 38.95 -96.13
CA ASN IA 205 75.67 37.79 -96.10
C ASN IA 205 74.25 38.13 -95.69
N LEU IA 206 73.87 39.42 -95.69
CA LEU IA 206 72.52 39.81 -95.26
C LEU IA 206 71.43 39.19 -96.13
N LEU IA 207 71.71 38.92 -97.39
CA LEU IA 207 70.67 38.45 -98.31
C LEU IA 207 70.66 36.94 -98.46
N THR IA 208 71.44 36.21 -97.66
CA THR IA 208 71.42 34.76 -97.66
C THR IA 208 70.65 34.18 -96.49
N LEU IA 209 70.43 34.94 -95.42
CA LEU IA 209 69.65 34.45 -94.29
C LEU IA 209 68.26 33.99 -94.73
N GLY IA 210 67.67 33.14 -93.90
CA GLY IA 210 66.31 32.68 -94.12
C GLY IA 210 65.33 33.83 -94.15
N ALA IA 211 64.65 34.00 -95.28
CA ALA IA 211 63.79 35.16 -95.48
C ALA IA 211 62.70 35.24 -94.41
N GLN IA 212 62.24 34.10 -93.92
CA GLN IA 212 61.20 34.10 -92.91
C GLN IA 212 61.74 34.17 -91.49
N ASP IA 213 62.88 33.53 -91.21
CA ASP IA 213 63.37 33.40 -89.84
C ASP IA 213 64.71 34.08 -89.60
N GLY IA 214 65.73 33.77 -90.41
CA GLY IA 214 67.06 34.27 -90.12
C GLY IA 214 67.15 35.78 -90.24
N TYR IA 215 66.65 36.34 -91.34
CA TYR IA 215 66.66 37.78 -91.51
C TYR IA 215 65.94 38.48 -90.36
N ALA IA 216 64.78 37.94 -89.96
CA ALA IA 216 64.02 38.55 -88.87
C ALA IA 216 64.79 38.49 -87.56
N ASN IA 217 65.41 37.36 -87.27
CA ASN IA 217 66.19 37.25 -86.04
C ASN IA 217 67.34 38.23 -86.04
N ALA IA 218 67.97 38.45 -87.20
CA ALA IA 218 69.02 39.45 -87.29
C ALA IA 218 68.48 40.85 -87.04
N VAL IA 219 67.42 41.23 -87.74
CA VAL IA 219 66.88 42.58 -87.59
C VAL IA 219 66.35 42.83 -86.19
N ILE IA 220 66.03 41.78 -85.44
CA ILE IA 220 65.51 41.97 -84.09
C ILE IA 220 66.62 41.99 -83.06
N GLN IA 221 67.53 41.01 -83.10
CA GLN IA 221 68.68 41.05 -82.21
C GLN IA 221 69.59 42.24 -82.49
N LEU IA 222 69.41 42.92 -83.63
CA LEU IA 222 70.12 44.17 -83.86
C LEU IA 222 69.38 45.35 -83.25
N GLY IA 223 68.07 45.25 -83.07
CA GLY IA 223 67.33 46.32 -82.42
C GLY IA 223 67.61 46.41 -80.93
N SER IA 224 67.99 45.30 -80.31
CA SER IA 224 68.35 45.24 -78.91
C SER IA 224 69.82 44.84 -78.79
N ALA IA 225 70.29 44.70 -77.55
CA ALA IA 225 71.68 44.30 -77.29
C ALA IA 225 71.91 42.87 -77.78
N PHE IA 248 89.50 53.34 -103.23
CA PHE IA 248 88.09 53.17 -102.88
C PHE IA 248 87.94 52.56 -101.50
N CYS IA 249 87.63 53.41 -100.52
CA CYS IA 249 87.40 52.96 -99.15
C CYS IA 249 85.93 53.11 -98.82
N VAL IA 250 85.33 52.04 -98.30
CA VAL IA 250 83.90 52.03 -98.01
C VAL IA 250 83.54 53.11 -97.01
N PHE IA 251 84.46 53.46 -96.11
CA PHE IA 251 84.13 54.36 -95.03
C PHE IA 251 84.09 55.82 -95.49
N GLU IA 252 84.95 56.18 -96.44
CA GLU IA 252 84.84 57.51 -97.05
C GLU IA 252 83.51 57.64 -97.79
N ALA IA 253 83.12 56.58 -98.51
CA ALA IA 253 81.81 56.57 -99.15
C ALA IA 253 80.70 56.70 -98.12
N LEU IA 254 80.89 56.07 -96.95
CA LEU IA 254 79.88 56.17 -95.91
C LEU IA 254 79.72 57.61 -95.44
N GLU IA 255 80.83 58.28 -95.12
CA GLU IA 255 80.78 59.67 -94.71
C GLU IA 255 80.12 60.55 -95.77
N ALA IA 256 80.50 60.34 -97.03
CA ALA IA 256 79.90 61.12 -98.11
C ALA IA 256 78.39 60.89 -98.20
N TRP IA 257 77.96 59.63 -98.10
CA TRP IA 257 76.54 59.34 -98.18
C TRP IA 257 75.78 59.99 -97.03
N ILE IA 258 76.30 59.89 -95.81
CA ILE IA 258 75.63 60.53 -94.68
C ILE IA 258 75.46 62.01 -94.94
N ALA IA 259 76.54 62.66 -95.37
CA ALA IA 259 76.47 64.10 -95.63
C ALA IA 259 75.39 64.42 -96.66
N SER IA 260 75.39 63.70 -97.77
CA SER IA 260 74.47 64.03 -98.84
C SER IA 260 73.02 63.74 -98.45
N ALA IA 261 72.79 62.62 -97.78
CA ALA IA 261 71.43 62.28 -97.36
C ALA IA 261 70.89 63.30 -96.37
N SER IA 262 71.73 63.75 -95.42
CA SER IA 262 71.29 64.79 -94.50
C SER IA 262 70.97 66.08 -95.24
N ARG IA 263 71.85 66.49 -96.15
CA ARG IA 263 71.62 67.73 -96.88
C ARG IA 263 70.35 67.66 -97.72
N LEU IA 264 70.04 66.49 -98.28
CA LEU IA 264 68.86 66.39 -99.13
C LEU IA 264 67.58 66.26 -98.32
N GLY IA 265 67.59 65.42 -97.28
CA GLY IA 265 66.46 65.33 -96.39
C GLY IA 265 66.11 66.64 -95.72
N ASP IA 266 67.10 67.48 -95.41
CA ASP IA 266 66.80 68.77 -94.80
C ASP IA 266 65.99 69.65 -95.75
N THR IA 267 66.39 69.69 -97.02
CA THR IA 267 65.74 70.57 -97.99
C THR IA 267 64.67 69.79 -98.78
N LEU IA 268 63.63 69.38 -98.05
CA LEU IA 268 62.50 68.70 -98.69
C LEU IA 268 61.17 69.20 -98.15
N GLY IA 269 61.15 70.40 -97.59
CA GLY IA 269 59.94 70.85 -96.93
C GLY IA 269 59.70 70.00 -95.70
N THR IA 270 58.54 69.33 -95.66
CA THR IA 270 58.17 68.41 -94.58
C THR IA 270 58.39 69.03 -93.20
N ARG IA 271 58.34 70.35 -93.11
CA ARG IA 271 58.39 71.06 -91.83
C ARG IA 271 57.28 72.09 -91.88
N PRO IA 272 56.13 71.81 -91.27
CA PRO IA 272 55.00 72.72 -91.37
C PRO IA 272 55.31 74.06 -90.72
N VAL IA 273 54.71 75.11 -91.28
CA VAL IA 273 54.96 76.48 -90.84
C VAL IA 273 53.62 77.12 -90.49
N ALA IA 274 52.55 76.34 -90.62
CA ALA IA 274 51.21 76.84 -90.37
C ALA IA 274 50.35 75.71 -89.83
N ARG IA 275 49.19 76.07 -89.31
CA ARG IA 275 48.21 75.09 -88.84
C ARG IA 275 46.85 75.73 -88.94
N VAL IA 276 45.96 75.15 -89.75
CA VAL IA 276 44.72 75.84 -90.09
C VAL IA 276 43.74 75.74 -88.94
N CYS IA 277 43.05 76.84 -88.66
CA CYS IA 277 42.33 77.08 -87.43
C CYS IA 277 41.02 77.80 -87.72
N ILE IA 278 40.36 77.44 -88.83
CA ILE IA 278 39.24 78.23 -89.34
C ILE IA 278 38.10 78.22 -88.33
N PHE IA 279 37.82 79.39 -87.77
CA PHE IA 279 36.77 79.59 -86.79
C PHE IA 279 35.64 80.39 -87.45
N ASP IA 280 34.41 79.91 -87.25
CA ASP IA 280 33.24 80.49 -87.91
C ASP IA 280 33.36 80.42 -89.43
N GLY IA 281 33.39 79.19 -89.94
CA GLY IA 281 33.47 78.95 -91.36
C GLY IA 281 33.34 77.47 -91.70
N PRO IA 282 33.07 77.17 -92.97
CA PRO IA 282 32.90 75.77 -93.38
C PRO IA 282 34.16 74.97 -93.12
N PRO IA 283 34.03 73.73 -92.65
CA PRO IA 283 35.22 72.98 -92.19
C PRO IA 283 36.21 72.64 -93.29
N THR IA 284 35.87 72.84 -94.55
CA THR IA 284 36.77 72.53 -95.65
C THR IA 284 36.89 73.74 -96.56
N VAL IA 285 38.10 73.99 -97.05
CA VAL IA 285 38.35 75.10 -97.96
C VAL IA 285 38.82 74.50 -99.30
N PRO IA 286 38.01 74.57 -100.35
CA PRO IA 286 38.42 74.05 -101.65
C PRO IA 286 39.57 74.85 -102.23
N PRO IA 287 40.21 74.36 -103.29
CA PRO IA 287 41.34 75.10 -103.88
C PRO IA 287 40.86 76.42 -104.50
N GLY IA 288 41.53 77.51 -104.13
CA GLY IA 288 41.23 78.79 -104.74
C GLY IA 288 40.85 79.89 -103.76
N GLU IA 289 40.09 79.53 -102.73
CA GLU IA 289 39.59 80.50 -101.76
C GLU IA 289 40.43 80.48 -100.48
N LYS IA 290 40.29 81.56 -99.71
CA LYS IA 290 41.15 81.81 -98.58
C LYS IA 290 40.74 80.95 -97.38
N ALA IA 291 41.47 81.12 -96.28
CA ALA IA 291 41.20 80.39 -95.03
C ALA IA 291 42.03 81.01 -93.91
N ALA IA 292 41.48 80.99 -92.71
CA ALA IA 292 42.12 81.55 -91.53
C ALA IA 292 43.07 80.53 -90.92
N VAL IA 293 44.37 80.82 -90.94
CA VAL IA 293 45.39 79.91 -90.44
C VAL IA 293 46.18 80.62 -89.35
N VAL IA 294 46.62 79.85 -88.35
CA VAL IA 294 47.46 80.37 -87.28
C VAL IA 294 48.87 79.85 -87.51
N GLU IA 295 49.86 80.73 -87.32
CA GLU IA 295 51.25 80.32 -87.44
C GLU IA 295 51.63 79.41 -86.28
N VAL IA 296 52.46 78.41 -86.58
CA VAL IA 296 52.93 77.49 -85.56
C VAL IA 296 53.79 78.23 -84.54
N MET JA 1 58.58 82.89 -68.19
CA MET JA 1 59.30 81.70 -67.73
C MET JA 1 60.81 81.91 -67.83
N GLU JA 2 61.41 82.36 -66.72
CA GLU JA 2 62.86 82.55 -66.66
C GLU JA 2 63.39 81.76 -65.47
N VAL JA 3 64.27 80.79 -65.76
CA VAL JA 3 64.82 79.96 -64.70
C VAL JA 3 65.88 80.73 -63.91
N ASP JA 4 66.06 80.33 -62.66
CA ASP JA 4 66.96 81.00 -61.72
C ASP JA 4 68.05 80.02 -61.29
N ILE JA 5 69.30 80.42 -61.49
CA ILE JA 5 70.45 79.60 -61.13
C ILE JA 5 71.24 80.35 -60.06
N ALA JA 6 71.23 79.82 -58.85
CA ALA JA 6 71.99 80.42 -57.76
C ALA JA 6 73.45 79.98 -57.83
N LEU JA 7 74.31 80.73 -57.15
CA LEU JA 7 75.73 80.49 -57.12
C LEU JA 7 76.22 80.41 -55.68
N PRO JA 8 77.33 79.71 -55.45
CA PRO JA 8 78.03 79.83 -54.17
C PRO JA 8 78.98 81.03 -54.22
N THR JA 9 79.72 81.22 -53.14
CA THR JA 9 80.70 82.29 -53.08
C THR JA 9 81.91 81.90 -53.93
N LEU JA 10 82.21 82.70 -54.95
CA LEU JA 10 83.30 82.43 -55.88
C LEU JA 10 84.40 83.46 -55.69
N SER JA 11 85.45 83.33 -56.49
CA SER JA 11 86.49 84.35 -56.33
C SER JA 11 86.16 85.59 -57.15
N PRO JA 12 86.38 86.78 -56.59
CA PRO JA 12 86.21 88.01 -57.37
C PRO JA 12 87.01 88.02 -58.67
N GLY JA 13 88.05 87.20 -58.79
CA GLY JA 13 88.77 87.10 -60.05
C GLY JA 13 88.14 86.17 -61.06
N ASP JA 14 87.06 85.46 -60.69
CA ASP JA 14 86.40 84.55 -61.60
C ASP JA 14 85.01 85.00 -62.02
N LEU JA 15 84.31 85.78 -61.20
CA LEU JA 15 83.06 86.36 -61.66
C LEU JA 15 83.28 87.34 -62.80
N SER JA 16 84.45 87.98 -62.83
CA SER JA 16 84.79 88.87 -63.93
C SER JA 16 84.94 88.13 -65.25
N ALA JA 17 85.25 86.84 -65.21
CA ALA JA 17 85.35 86.01 -66.40
C ALA JA 17 84.04 85.29 -66.74
N LEU JA 18 83.35 84.78 -65.72
CA LEU JA 18 82.05 84.14 -65.96
C LEU JA 18 81.02 85.14 -66.43
N GLN JA 19 81.11 86.40 -65.98
CA GLN JA 19 80.21 87.44 -66.47
C GLN JA 19 80.37 87.62 -67.98
N ARG JA 20 81.55 87.36 -68.52
CA ARG JA 20 81.75 87.43 -69.96
C ARG JA 20 81.05 86.30 -70.70
N CYS JA 21 80.36 85.41 -69.99
CA CYS JA 21 79.57 84.35 -70.61
C CYS JA 21 78.11 84.79 -70.54
N GLU JA 22 77.61 85.32 -71.65
CA GLU JA 22 76.24 85.81 -71.73
C GLU JA 22 75.48 85.29 -72.95
N GLY JA 23 76.09 84.44 -73.76
CA GLY JA 23 75.43 83.94 -74.95
C GLY JA 23 75.61 82.45 -75.18
N ARG JA 24 76.34 81.80 -74.28
CA ARG JA 24 76.54 80.36 -74.35
C ARG JA 24 75.39 79.64 -73.66
N VAL JA 25 75.03 78.49 -74.19
CA VAL JA 25 73.85 77.79 -73.72
C VAL JA 25 74.25 76.75 -72.68
N VAL JA 26 73.36 76.52 -71.72
CA VAL JA 26 73.55 75.48 -70.70
C VAL JA 26 72.50 74.41 -70.92
N PHE JA 27 72.73 73.25 -70.31
CA PHE JA 27 71.89 72.08 -70.52
C PHE JA 27 71.37 71.56 -69.18
N LEU JA 28 70.13 71.91 -68.87
CA LEU JA 28 69.51 71.50 -67.62
C LEU JA 28 68.77 70.19 -67.81
N GLU JA 29 68.55 69.49 -66.69
CA GLU JA 29 67.91 68.18 -66.73
C GLU JA 29 66.41 68.32 -66.53
N THR JA 30 66.01 69.28 -65.71
CA THR JA 30 64.61 69.62 -65.50
C THR JA 30 64.44 71.13 -65.59
N LEU JA 31 63.19 71.57 -65.60
CA LEU JA 31 62.81 72.96 -65.83
C LEU JA 31 61.98 73.48 -64.66
N ARG JA 32 62.48 73.30 -63.44
CA ARG JA 32 61.90 74.07 -62.37
C ARG JA 32 62.45 75.48 -62.39
N ARG JA 33 61.65 76.43 -61.90
CA ARG JA 33 62.01 77.83 -61.96
C ARG JA 33 63.31 78.11 -61.22
N HIS JA 34 63.34 77.83 -59.91
CA HIS JA 34 64.57 77.94 -59.16
C HIS JA 34 65.42 76.69 -59.36
N ALA JA 35 66.74 76.90 -59.39
CA ALA JA 35 67.66 75.82 -59.71
C ALA JA 35 69.03 76.20 -59.20
N THR JA 36 69.92 75.22 -59.15
CA THR JA 36 71.29 75.43 -58.71
C THR JA 36 72.25 75.35 -59.89
N LEU JA 37 73.50 75.72 -59.64
CA LEU JA 37 74.55 75.62 -60.63
C LEU JA 37 75.27 74.28 -60.57
N ARG JA 38 75.40 73.70 -59.38
CA ARG JA 38 76.04 72.40 -59.22
C ARG JA 38 75.37 71.34 -60.09
N GLU JA 39 74.06 71.45 -60.32
CA GLU JA 39 73.37 70.44 -61.10
C GLU JA 39 73.86 70.45 -62.55
N VAL JA 40 73.90 71.61 -63.18
CA VAL JA 40 74.40 71.73 -64.54
C VAL JA 40 75.93 71.76 -64.47
N ALA JA 41 76.55 70.64 -64.81
CA ALA JA 41 78.00 70.50 -64.75
C ALA JA 41 78.39 69.39 -65.72
N LEU JA 42 79.59 69.53 -66.29
CA LEU JA 42 80.08 68.59 -67.27
C LEU JA 42 81.57 68.39 -67.04
N PRO JA 43 82.06 67.17 -67.16
CA PRO JA 43 83.52 66.97 -67.09
C PRO JA 43 84.22 67.54 -68.30
N CYS JA 44 85.54 67.37 -68.36
CA CYS JA 44 86.32 67.87 -69.48
C CYS JA 44 86.05 67.00 -70.71
N GLY JA 45 86.83 67.24 -71.78
CA GLY JA 45 86.60 66.57 -73.04
C GLY JA 45 86.57 65.06 -72.98
N GLY JA 46 86.06 64.43 -74.03
CA GLY JA 46 86.05 62.98 -74.10
C GLY JA 46 84.72 62.40 -74.56
N ASP JA 47 84.77 61.52 -75.56
CA ASP JA 47 83.59 60.85 -76.10
C ASP JA 47 82.56 61.86 -76.60
N VAL JA 48 82.95 62.56 -77.67
CA VAL JA 48 82.07 63.53 -78.31
C VAL JA 48 80.71 62.91 -78.64
N LEU JA 49 80.68 61.60 -78.90
CA LEU JA 49 79.42 60.92 -79.21
C LEU JA 49 78.51 60.86 -77.99
N ALA JA 50 79.07 60.58 -76.81
CA ALA JA 50 78.27 60.54 -75.60
C ALA JA 50 77.59 61.88 -75.37
N ALA JA 51 78.34 62.98 -75.45
CA ALA JA 51 77.75 64.29 -75.24
C ALA JA 51 76.74 64.62 -76.32
N MET JA 52 77.03 64.27 -77.57
CA MET JA 52 76.07 64.51 -78.65
C MET JA 52 74.75 63.81 -78.37
N ALA JA 53 74.81 62.59 -77.84
CA ALA JA 53 73.58 61.90 -77.47
C ALA JA 53 72.92 62.57 -76.28
N ALA JA 54 73.71 63.04 -75.31
CA ALA JA 54 73.16 63.73 -74.16
C ALA JA 54 72.51 65.05 -74.55
N TYR JA 55 72.86 65.61 -75.71
CA TYR JA 55 72.28 66.86 -76.18
C TYR JA 55 70.88 66.68 -76.74
N ARG JA 56 70.36 65.45 -76.76
CA ARG JA 56 68.98 65.20 -77.15
C ARG JA 56 68.07 64.94 -75.96
N ARG JA 57 68.59 64.35 -74.89
CA ARG JA 57 67.75 64.08 -73.73
C ARG JA 57 67.53 65.33 -72.90
N ARG JA 58 68.56 66.16 -72.77
CA ARG JA 58 68.45 67.41 -72.04
C ARG JA 58 68.13 68.55 -72.99
N PHE JA 59 67.38 69.53 -72.50
CA PHE JA 59 66.97 70.66 -73.32
C PHE JA 59 67.77 71.90 -72.94
N ALA JA 60 67.98 72.78 -73.93
CA ALA JA 60 68.91 73.88 -73.80
C ALA JA 60 68.27 75.04 -73.02
N ALA JA 61 69.09 76.04 -72.72
CA ALA JA 61 68.63 77.25 -72.05
C ALA JA 61 69.69 78.33 -72.20
N VAL JA 62 69.31 79.47 -72.77
CA VAL JA 62 70.23 80.57 -73.00
C VAL JA 62 70.21 81.51 -71.80
N ILE JA 63 71.39 81.97 -71.38
CA ILE JA 63 71.52 82.89 -70.27
C ILE JA 63 71.62 84.31 -70.79
N THR JA 64 71.07 85.25 -70.05
CA THR JA 64 71.07 86.64 -70.51
C THR JA 64 71.54 87.63 -69.47
N ARG JA 65 71.37 87.34 -68.18
CA ARG JA 65 71.76 88.26 -67.11
C ARG JA 65 72.50 87.48 -66.03
N VAL JA 66 73.69 87.97 -65.67
CA VAL JA 66 74.49 87.38 -64.60
C VAL JA 66 74.56 88.37 -63.45
N THR JA 67 74.56 87.85 -62.23
CA THR JA 67 74.75 88.60 -61.01
C THR JA 67 75.56 87.75 -60.04
N PRO JA 68 76.47 88.34 -59.29
CA PRO JA 68 77.27 87.55 -58.33
C PRO JA 68 76.42 86.74 -57.35
N HIS JA 69 75.12 87.02 -57.29
CA HIS JA 69 74.18 86.25 -56.50
C HIS JA 69 73.57 85.10 -57.28
N ARG JA 70 72.86 85.40 -58.37
CA ARG JA 70 72.12 84.39 -59.11
C ARG JA 70 72.37 84.59 -60.60
N MET JA 71 71.76 83.72 -61.41
CA MET JA 71 71.91 83.75 -62.86
C MET JA 71 70.55 83.52 -63.50
N LEU JA 72 70.11 84.47 -64.31
CA LEU JA 72 68.83 84.37 -65.01
C LEU JA 72 69.07 83.75 -66.37
N ALA JA 73 68.35 82.67 -66.67
CA ALA JA 73 68.50 81.98 -67.95
C ALA JA 73 67.14 81.81 -68.60
N THR JA 74 67.16 81.58 -69.91
CA THR JA 74 65.94 81.47 -70.70
C THR JA 74 65.77 80.04 -71.18
N PRO JA 75 64.70 79.34 -70.79
CA PRO JA 75 64.43 78.04 -71.41
C PRO JA 75 64.31 78.21 -72.91
N LEU JA 76 65.25 77.63 -73.65
CA LEU JA 76 65.36 77.94 -75.07
C LEU JA 76 64.11 77.53 -75.80
N GLY JA 77 63.88 76.22 -75.96
CA GLY JA 77 62.69 75.79 -76.66
C GLY JA 77 61.90 74.71 -75.95
N VAL JA 78 60.73 75.07 -75.44
CA VAL JA 78 59.77 74.04 -75.05
C VAL JA 78 58.38 74.38 -75.55
N GLY JA 79 58.10 75.68 -75.67
CA GLY JA 79 56.78 76.12 -76.04
C GLY JA 79 56.72 77.41 -76.83
N GLY JA 80 57.87 77.89 -77.27
CA GLY JA 80 57.94 79.20 -77.90
C GLY JA 80 58.69 79.18 -79.21
N ARG JA 81 58.16 79.91 -80.19
CA ARG JA 81 58.72 79.94 -81.53
C ARG JA 81 58.95 81.37 -82.01
N GLY JA 82 58.97 82.35 -81.11
CA GLY JA 82 59.20 83.72 -81.52
C GLY JA 82 60.01 84.53 -80.53
N GLN JA 83 60.62 83.86 -79.56
CA GLN JA 83 61.34 84.53 -78.48
C GLN JA 83 62.65 85.02 -79.04
N SER JA 84 62.59 86.15 -79.74
CA SER JA 84 63.79 86.73 -80.32
C SER JA 84 64.77 87.08 -79.22
N LEU JA 85 65.95 86.45 -79.26
CA LEU JA 85 66.96 86.65 -78.23
C LEU JA 85 68.33 86.65 -78.90
N VAL JA 86 69.36 86.83 -78.09
CA VAL JA 86 70.72 86.94 -78.58
C VAL JA 86 71.58 85.87 -77.90
N LEU JA 87 72.45 85.24 -78.69
CA LEU JA 87 73.43 84.32 -78.16
C LEU JA 87 74.73 84.54 -78.93
N GLN JA 88 75.85 84.48 -78.23
CA GLN JA 88 77.13 84.79 -78.85
C GLN JA 88 77.61 83.64 -79.72
N ASN JA 89 78.43 83.97 -80.71
CA ASN JA 89 78.91 82.99 -81.69
C ASN JA 89 80.26 82.45 -81.24
N THR JA 90 80.22 81.34 -80.49
CA THR JA 90 81.42 80.65 -80.04
C THR JA 90 81.80 79.51 -80.98
N GLY JA 91 81.51 79.66 -82.28
CA GLY JA 91 81.84 78.64 -83.25
C GLY JA 91 83.07 79.01 -84.05
N PRO JA 92 83.67 78.02 -84.71
CA PRO JA 92 84.82 78.31 -85.57
C PRO JA 92 84.44 79.01 -86.85
N PHE JA 93 83.31 78.62 -87.45
CA PHE JA 93 82.92 79.17 -88.74
C PHE JA 93 82.14 80.47 -88.56
N ASP JA 94 81.80 81.09 -89.69
CA ASP JA 94 81.13 82.39 -89.74
C ASP JA 94 79.74 82.24 -90.32
N LEU JA 95 78.74 82.75 -89.60
CA LEU JA 95 77.35 82.48 -89.88
C LEU JA 95 76.66 83.71 -90.47
N THR JA 96 76.13 83.58 -91.68
CA THR JA 96 75.48 84.69 -92.36
C THR JA 96 74.01 84.74 -91.98
N ASN JA 97 73.25 85.58 -92.66
CA ASN JA 97 71.84 85.78 -92.33
C ASN JA 97 71.00 84.65 -92.91
N GLY JA 98 69.92 84.30 -92.20
CA GLY JA 98 69.06 83.21 -92.60
C GLY JA 98 69.74 81.87 -92.56
N ASP JA 99 70.38 81.55 -91.43
CA ASP JA 99 71.09 80.29 -91.24
C ASP JA 99 70.52 79.60 -90.01
N HIS JA 100 70.04 78.37 -90.19
CA HIS JA 100 69.64 77.58 -89.04
C HIS JA 100 70.87 77.08 -88.31
N VAL JA 101 70.91 77.29 -87.01
CA VAL JA 101 72.09 77.03 -86.21
C VAL JA 101 71.94 75.68 -85.53
N CYS JA 102 73.07 75.14 -85.06
CA CYS JA 102 73.05 73.85 -84.39
C CYS JA 102 74.13 73.81 -83.32
N LEU JA 103 73.80 73.23 -82.16
CA LEU JA 103 74.74 73.09 -81.07
C LEU JA 103 75.51 71.79 -81.21
N VAL JA 104 76.83 71.89 -81.19
CA VAL JA 104 77.72 70.73 -81.30
C VAL JA 104 78.71 70.77 -80.16
N PRO JA 105 79.02 69.64 -79.52
CA PRO JA 105 80.00 69.65 -78.43
C PRO JA 105 81.34 70.16 -78.92
N PRO JA 106 82.16 70.74 -78.04
CA PRO JA 106 83.46 71.26 -78.47
C PRO JA 106 84.44 70.14 -78.75
N LEU JA 107 85.44 70.48 -79.56
CA LEU JA 107 86.39 69.51 -80.08
C LEU JA 107 87.70 69.60 -79.31
N LEU JA 108 88.37 68.44 -79.19
CA LEU JA 108 89.72 68.32 -78.63
C LEU JA 108 89.74 68.50 -77.11
N GLY JA 109 88.61 68.87 -76.52
CA GLY JA 109 88.60 69.19 -75.10
C GLY JA 109 89.51 70.32 -74.71
N ASP JA 110 89.80 71.23 -75.64
CA ASP JA 110 90.75 72.31 -75.37
C ASP JA 110 90.10 73.47 -74.66
N GLU JA 111 88.86 73.81 -75.01
CA GLU JA 111 88.21 75.01 -74.53
C GLU JA 111 87.11 74.62 -73.53
N CYS JA 112 87.42 74.81 -72.25
CA CYS JA 112 86.43 74.65 -71.18
C CYS JA 112 86.59 75.80 -70.20
N LEU JA 113 85.92 75.72 -69.06
CA LEU JA 113 85.99 76.77 -68.03
C LEU JA 113 86.24 76.10 -66.68
N ARG JA 114 87.51 75.92 -66.35
CA ARG JA 114 87.89 75.33 -65.07
C ARG JA 114 87.62 76.35 -63.96
N LEU JA 115 86.52 76.18 -63.25
CA LEU JA 115 86.14 77.05 -62.15
C LEU JA 115 86.71 76.47 -60.86
N THR JA 116 87.80 77.06 -60.37
CA THR JA 116 88.47 76.59 -59.18
C THR JA 116 87.80 77.05 -57.89
N SER JA 117 86.99 78.10 -57.93
CA SER JA 117 86.33 78.57 -56.73
C SER JA 117 85.47 77.49 -56.10
N ALA JA 118 84.92 76.59 -56.91
CA ALA JA 118 84.10 75.49 -56.43
C ALA JA 118 84.48 74.14 -56.99
N ASN JA 119 85.56 74.05 -57.78
CA ASN JA 119 86.04 72.79 -58.35
C ASN JA 119 84.94 72.14 -59.19
N LEU JA 120 84.62 72.81 -60.29
CA LEU JA 120 83.71 72.26 -61.29
C LEU JA 120 83.87 73.05 -62.58
N GLU JA 121 83.76 72.36 -63.71
CA GLU JA 121 83.95 72.98 -65.01
C GLU JA 121 82.70 72.84 -65.85
N LEU JA 122 82.42 73.86 -66.64
CA LEU JA 122 81.26 73.88 -67.54
C LEU JA 122 81.76 73.94 -68.97
N ARG JA 123 81.36 72.97 -69.79
CA ARG JA 123 81.82 72.86 -71.17
C ARG JA 123 80.69 73.36 -72.07
N PHE JA 124 80.67 74.68 -72.30
CA PHE JA 124 79.67 75.25 -73.17
C PHE JA 124 79.95 74.85 -74.62
N PRO JA 125 78.97 74.29 -75.32
CA PRO JA 125 79.19 73.85 -76.69
C PRO JA 125 79.33 75.03 -77.64
N MET JA 126 79.63 74.69 -78.90
CA MET JA 126 79.83 75.68 -79.95
C MET JA 126 78.66 75.66 -80.92
N THR JA 127 78.42 76.80 -81.56
CA THR JA 127 77.32 76.95 -82.51
C THR JA 127 77.85 77.03 -83.93
N LEU JA 128 77.41 76.10 -84.77
CA LEU JA 128 77.82 76.00 -86.16
C LEU JA 128 76.62 76.10 -87.08
N PRO JA 129 76.81 76.53 -88.32
CA PRO JA 129 75.73 76.44 -89.30
C PRO JA 129 75.35 74.98 -89.53
N LEU JA 130 74.10 74.77 -89.95
CA LEU JA 130 73.63 73.41 -90.20
C LEU JA 130 74.51 72.70 -91.22
N ALA JA 131 74.90 73.41 -92.28
CA ALA JA 131 75.59 72.76 -93.39
C ALA JA 131 76.90 72.13 -92.94
N GLN JA 132 77.60 72.73 -91.98
CA GLN JA 132 78.86 72.18 -91.50
C GLN JA 132 78.69 71.24 -90.32
N ALA JA 133 77.67 71.47 -89.49
CA ALA JA 133 77.36 70.49 -88.46
C ALA JA 133 77.00 69.14 -89.07
N ARG JA 134 76.32 69.15 -90.21
CA ARG JA 134 75.98 67.89 -90.86
C ARG JA 134 77.24 67.14 -91.30
N GLU JA 135 78.19 67.84 -91.91
CA GLU JA 135 79.41 67.17 -92.33
C GLU JA 135 80.22 66.68 -91.14
N LEU JA 136 80.24 67.46 -90.05
CA LEU JA 136 80.97 67.02 -88.86
C LEU JA 136 80.36 65.75 -88.29
N THR JA 137 79.03 65.74 -88.10
CA THR JA 137 78.36 64.55 -87.61
C THR JA 137 78.63 63.36 -88.52
N ALA JA 138 78.59 63.59 -89.83
CA ALA JA 138 78.84 62.51 -90.78
C ALA JA 138 80.24 61.93 -90.61
N ARG JA 139 81.24 62.81 -90.51
CA ARG JA 139 82.61 62.35 -90.37
C ARG JA 139 82.79 61.55 -89.09
N VAL JA 140 82.22 62.03 -88.00
CA VAL JA 140 82.40 61.34 -86.73
C VAL JA 140 81.70 59.98 -86.73
N VAL JA 141 80.49 59.91 -87.30
CA VAL JA 141 79.79 58.63 -87.30
C VAL JA 141 80.49 57.65 -88.25
N ALA JA 142 81.07 58.15 -89.34
CA ALA JA 142 81.83 57.26 -90.21
C ALA JA 142 83.05 56.70 -89.50
N ARG JA 143 83.79 57.56 -88.79
CA ARG JA 143 84.97 57.10 -88.07
C ARG JA 143 84.58 56.12 -86.96
N ALA JA 144 83.45 56.36 -86.30
CA ALA JA 144 83.02 55.43 -85.26
C ALA JA 144 82.63 54.08 -85.85
N ALA JA 145 81.90 54.08 -86.96
CA ALA JA 145 81.56 52.83 -87.63
C ALA JA 145 82.78 52.08 -88.12
N GLU JA 146 83.85 52.81 -88.46
CA GLU JA 146 85.04 52.17 -89.00
C GLU JA 146 85.64 51.18 -88.00
N THR JA 147 85.69 51.55 -86.72
CA THR JA 147 86.32 50.72 -85.70
C THR JA 147 85.35 49.64 -85.23
N LEU JA 148 84.89 48.82 -86.17
CA LEU JA 148 84.04 47.65 -85.89
C LEU JA 148 82.91 47.91 -84.89
N GLN JA 168 92.64 69.12 -85.94
CA GLN JA 168 91.77 68.77 -84.82
C GLN JA 168 91.28 67.33 -84.96
N LEU JA 169 91.91 66.42 -84.23
CA LEU JA 169 91.61 64.98 -84.32
C LEU JA 169 91.49 64.41 -82.92
N PRO JA 170 90.28 64.10 -82.46
CA PRO JA 170 90.11 63.49 -81.15
C PRO JA 170 90.09 61.98 -81.25
N PRO JA 171 90.23 61.27 -80.13
CA PRO JA 171 90.16 59.81 -80.17
C PRO JA 171 88.75 59.33 -79.88
N PRO JA 172 88.42 58.10 -80.29
CA PRO JA 172 87.08 57.56 -79.98
C PRO JA 172 87.01 56.97 -78.58
N HIS JA 173 85.88 56.38 -78.24
CA HIS JA 173 85.68 55.73 -76.95
C HIS JA 173 85.46 54.24 -77.04
N ARG JA 174 84.71 53.78 -78.06
CA ARG JA 174 84.44 52.37 -78.32
C ARG JA 174 83.61 51.71 -77.22
N ASP JA 175 83.04 52.49 -76.29
CA ASP JA 175 82.05 51.97 -75.36
C ASP JA 175 80.63 52.26 -75.83
N ASN JA 176 80.41 53.45 -76.39
CA ASN JA 176 79.11 53.81 -76.97
C ASN JA 176 79.20 53.97 -78.49
N ALA JA 177 80.29 53.52 -79.10
CA ALA JA 177 80.31 53.42 -80.55
C ALA JA 177 79.30 52.40 -81.04
N GLU JA 178 79.08 51.34 -80.24
CA GLU JA 178 78.05 50.37 -80.55
C GLU JA 178 76.71 51.04 -80.81
N ALA JA 179 76.36 52.04 -79.99
CA ALA JA 179 75.07 52.70 -80.15
C ALA JA 179 74.99 53.47 -81.47
N ALA JA 180 76.04 54.22 -81.80
CA ALA JA 180 76.02 55.02 -83.02
C ALA JA 180 75.95 54.14 -84.25
N THR JA 181 76.87 53.17 -84.35
CA THR JA 181 76.79 52.25 -85.47
C THR JA 181 75.48 51.49 -85.49
N ARG JA 182 74.91 51.21 -84.31
CA ARG JA 182 73.62 50.53 -84.26
C ARG JA 182 72.54 51.37 -84.92
N SER JA 183 72.34 52.60 -84.44
CA SER JA 183 71.34 53.48 -85.02
C SER JA 183 71.54 53.63 -86.51
N LEU JA 184 72.80 53.75 -86.94
CA LEU JA 184 73.09 53.87 -88.37
C LEU JA 184 72.61 52.65 -89.13
N VAL JA 185 73.02 51.45 -88.69
CA VAL JA 185 72.68 50.27 -89.48
C VAL JA 185 71.19 49.95 -89.38
N LEU JA 186 70.51 50.40 -88.32
CA LEU JA 186 69.05 50.22 -88.28
C LEU JA 186 68.37 51.12 -89.29
N ASN JA 187 68.67 52.42 -89.23
CA ASN JA 187 68.12 53.37 -90.20
C ASN JA 187 68.47 52.96 -91.61
N MET JA 188 69.51 52.15 -91.77
CA MET JA 188 69.88 51.70 -93.11
C MET JA 188 69.17 50.41 -93.49
N ILE JA 189 69.12 49.42 -92.60
CA ILE JA 189 68.53 48.14 -92.92
C ILE JA 189 67.05 48.30 -93.20
N PHE JA 190 66.40 49.26 -92.56
CA PHE JA 190 65.00 49.47 -92.88
C PHE JA 190 64.81 50.39 -94.08
N LEU JA 191 65.86 50.59 -94.87
CA LEU JA 191 65.75 51.24 -96.17
C LEU JA 191 65.70 50.24 -97.31
N LEU JA 192 66.02 48.97 -97.04
CA LEU JA 192 65.85 47.94 -98.06
C LEU JA 192 64.40 47.50 -98.10
N ASN JA 193 63.91 47.27 -99.32
CA ASN JA 193 62.48 47.06 -99.54
C ASN JA 193 62.31 46.34 -100.86
N GLU JA 194 61.15 45.71 -101.01
CA GLU JA 194 60.86 44.98 -102.23
C GLU JA 194 60.99 45.87 -103.46
N GLY JA 195 60.82 47.18 -103.31
CA GLY JA 195 61.04 48.09 -104.42
C GLY JA 195 62.47 48.59 -104.56
N ALA JA 196 63.29 48.40 -103.53
CA ALA JA 196 64.69 48.77 -103.64
C ALA JA 196 65.41 47.95 -104.71
N VAL JA 197 65.00 46.69 -104.90
CA VAL JA 197 65.63 45.89 -105.94
C VAL JA 197 65.24 46.39 -107.33
N ILE JA 198 63.99 46.82 -107.50
CA ILE JA 198 63.59 47.41 -108.78
C ILE JA 198 64.38 48.69 -109.02
N LEU JA 199 64.57 49.50 -107.98
CA LEU JA 199 65.34 50.72 -108.19
C LEU JA 199 66.82 50.43 -108.43
N LEU JA 200 67.32 49.31 -107.90
CA LEU JA 200 68.71 48.90 -108.11
C LEU JA 200 68.94 48.34 -109.50
N SER JA 201 67.96 47.63 -110.07
CA SER JA 201 68.13 47.03 -111.39
C SER JA 201 68.19 48.07 -112.50
N LEU JA 202 68.30 49.34 -112.15
CA LEU JA 202 68.40 50.43 -113.11
C LEU JA 202 69.75 51.13 -113.03
N ILE JA 203 70.66 50.63 -112.18
CA ILE JA 203 71.97 51.26 -112.04
C ILE JA 203 72.73 51.32 -113.36
N PRO JA 204 72.76 50.27 -114.19
CA PRO JA 204 73.38 50.44 -115.52
C PRO JA 204 72.67 51.47 -116.37
N ASN JA 205 71.34 51.50 -116.33
CA ASN JA 205 70.59 52.50 -117.09
C ASN JA 205 70.89 53.92 -116.61
N LEU JA 206 71.29 54.09 -115.36
CA LEU JA 206 71.71 55.39 -114.89
C LEU JA 206 73.14 55.72 -115.31
N LEU JA 207 74.03 54.74 -115.21
CA LEU JA 207 75.43 54.95 -115.57
C LEU JA 207 75.56 55.28 -117.06
N THR JA 208 74.79 54.61 -117.92
CA THR JA 208 74.77 54.99 -119.33
C THR JA 208 74.32 56.43 -119.54
N LEU JA 209 73.46 56.95 -118.66
CA LEU JA 209 73.13 58.37 -118.75
C LEU JA 209 74.25 59.23 -118.20
N GLY JA 210 75.09 58.67 -117.33
CA GLY JA 210 76.22 59.40 -116.80
C GLY JA 210 77.29 59.74 -117.79
N ALA JA 211 77.18 59.26 -119.03
CA ALA JA 211 78.12 59.60 -120.09
C ALA JA 211 77.53 60.49 -121.17
N GLN JA 212 76.21 60.40 -121.40
CA GLN JA 212 75.57 61.24 -122.41
C GLN JA 212 75.49 62.70 -121.96
N ASP JA 213 75.15 62.91 -120.69
CA ASP JA 213 74.97 64.24 -120.14
C ASP JA 213 76.04 64.54 -119.08
N GLY JA 214 76.38 65.83 -118.97
CA GLY JA 214 77.38 66.27 -118.02
C GLY JA 214 76.87 66.37 -116.60
N TYR JA 215 75.67 66.91 -116.43
CA TYR JA 215 75.07 66.96 -115.10
C TYR JA 215 74.79 65.56 -114.57
N ALA JA 216 74.51 64.61 -115.45
CA ALA JA 216 74.32 63.22 -115.01
C ALA JA 216 75.59 62.67 -114.40
N ASN JA 217 76.74 62.96 -115.00
CA ASN JA 217 78.01 62.60 -114.37
C ASN JA 217 78.26 63.44 -113.13
N ALA JA 218 77.69 64.65 -113.09
CA ALA JA 218 77.92 65.53 -111.94
C ALA JA 218 77.23 64.99 -110.69
N VAL JA 219 75.97 64.56 -110.81
CA VAL JA 219 75.20 64.17 -109.64
C VAL JA 219 75.78 62.95 -108.96
N ILE JA 220 76.53 62.13 -109.69
CA ILE JA 220 77.19 60.96 -109.14
C ILE JA 220 78.63 61.34 -108.80
N GLN JA 221 79.03 61.08 -107.56
CA GLN JA 221 80.35 61.49 -107.09
C GLN JA 221 81.42 60.59 -107.72
N LEU JA 222 82.67 60.84 -107.33
CA LEU JA 222 83.80 60.14 -107.94
C LEU JA 222 83.95 58.73 -107.39
N GLY JA 223 84.08 58.60 -106.06
CA GLY JA 223 84.28 57.30 -105.45
C GLY JA 223 83.00 56.73 -104.90
N SER JA 224 81.92 56.85 -105.66
CA SER JA 224 80.58 56.61 -105.14
C SER JA 224 80.26 55.15 -104.88
N ALA JA 225 81.18 54.21 -105.08
CA ALA JA 225 80.95 52.81 -104.73
C ALA JA 225 79.74 52.20 -105.44
N THR JA 226 79.16 52.92 -106.41
CA THR JA 226 78.16 52.37 -107.33
C THR JA 226 78.64 52.37 -108.77
N ARG JA 227 79.28 53.46 -109.21
CA ARG JA 227 79.92 53.48 -110.52
C ARG JA 227 81.06 52.46 -110.59
N GLU JA 228 81.60 52.02 -109.45
CA GLU JA 228 82.46 50.85 -109.45
C GLU JA 228 81.65 49.58 -109.63
N LEU JA 229 80.57 49.44 -108.84
CA LEU JA 229 79.70 48.28 -108.98
C LEU JA 229 79.15 48.15 -110.39
N GLY JA 230 78.84 49.27 -111.03
CA GLY JA 230 78.12 49.29 -112.30
C GLY JA 230 78.72 48.47 -113.42
N GLN JA 231 80.01 48.17 -113.33
CA GLN JA 231 80.69 47.39 -114.36
C GLN JA 231 81.13 46.02 -113.91
N LEU JA 232 81.08 45.72 -112.61
CA LEU JA 232 81.67 44.50 -112.09
C LEU JA 232 80.65 43.39 -111.85
N VAL JA 233 79.36 43.66 -112.01
CA VAL JA 233 78.35 42.60 -111.99
C VAL JA 233 77.32 42.84 -113.07
N ARG JA 234 76.44 41.87 -113.21
CA ARG JA 234 75.26 41.97 -114.05
C ARG JA 234 74.06 41.48 -113.25
N GLN JA 235 72.88 41.94 -113.62
CA GLN JA 235 71.68 41.60 -112.90
C GLN JA 235 70.55 41.37 -113.90
N PRO JA 236 69.68 40.40 -113.64
CA PRO JA 236 68.57 40.15 -114.55
C PRO JA 236 67.42 41.07 -114.24
N PRO JA 237 66.45 41.19 -115.14
CA PRO JA 237 65.22 41.92 -114.82
C PRO JA 237 64.57 41.36 -113.57
N PRO JA 238 64.03 42.22 -112.72
CA PRO JA 238 63.57 41.79 -111.39
C PRO JA 238 62.36 40.89 -111.48
N PRO JA 239 62.32 39.81 -110.71
CA PRO JA 239 61.17 38.89 -110.76
C PRO JA 239 59.91 39.58 -110.27
N LEU JA 240 58.80 39.21 -110.89
CA LEU JA 240 57.52 39.83 -110.58
C LEU JA 240 57.08 39.46 -109.17
N PRO JA 241 56.87 40.43 -108.29
CA PRO JA 241 56.46 40.12 -106.91
C PRO JA 241 55.01 39.66 -106.84
N GLN JA 242 54.54 39.46 -105.62
CA GLN JA 242 53.16 39.04 -105.39
C GLN JA 242 52.22 40.25 -105.50
N ASP JA 243 51.05 40.04 -106.08
CA ASP JA 243 49.96 41.02 -106.15
C ASP JA 243 50.36 42.31 -106.86
N HIS JA 244 51.46 42.30 -107.61
CA HIS JA 244 51.96 43.50 -108.29
C HIS JA 244 51.02 43.99 -109.39
N ALA JA 245 50.04 43.18 -109.80
CA ALA JA 245 49.02 43.70 -110.70
C ALA JA 245 48.11 44.71 -110.02
N ARG JA 246 48.10 44.73 -108.69
CA ARG JA 246 47.27 45.63 -107.91
C ARG JA 246 48.08 46.74 -107.26
N ARG JA 247 49.10 46.39 -106.49
CA ARG JA 247 49.93 47.37 -105.80
C ARG JA 247 51.20 47.65 -106.58
N PHE JA 248 51.70 48.87 -106.44
CA PHE JA 248 52.98 49.28 -106.98
C PHE JA 248 53.94 49.51 -105.82
N CYS JA 249 55.20 49.16 -106.02
CA CYS JA 249 56.17 49.10 -104.94
C CYS JA 249 57.19 50.24 -104.96
N VAL JA 250 57.56 50.72 -106.15
CA VAL JA 250 58.59 51.75 -106.22
C VAL JA 250 58.12 53.02 -105.53
N PHE JA 251 56.82 53.30 -105.59
CA PHE JA 251 56.30 54.47 -104.90
C PHE JA 251 56.38 54.31 -103.38
N GLU JA 252 56.02 53.13 -102.89
CA GLU JA 252 56.15 52.87 -101.45
C GLU JA 252 57.61 53.00 -101.01
N ALA JA 253 58.54 52.47 -101.82
CA ALA JA 253 59.96 52.59 -101.50
C ALA JA 253 60.39 54.05 -101.46
N LEU JA 254 60.00 54.83 -102.47
CA LEU JA 254 60.38 56.23 -102.51
C LEU JA 254 59.81 57.00 -101.33
N GLU JA 255 58.53 56.77 -101.01
CA GLU JA 255 57.93 57.44 -99.86
C GLU JA 255 58.64 57.08 -98.57
N ALA JA 256 58.96 55.80 -98.40
CA ALA JA 256 59.70 55.38 -97.22
C ALA JA 256 61.04 56.08 -97.13
N TRP JA 257 61.73 56.21 -98.26
CA TRP JA 257 63.03 56.86 -98.25
C TRP JA 257 62.91 58.34 -97.90
N ILE JA 258 61.89 59.02 -98.42
CA ILE JA 258 61.68 60.42 -98.06
C ILE JA 258 61.45 60.54 -96.57
N ALA JA 259 60.54 59.72 -96.04
CA ALA JA 259 60.22 59.78 -94.61
C ALA JA 259 61.44 59.51 -93.75
N SER JA 260 62.29 58.57 -94.16
CA SER JA 260 63.48 58.26 -93.38
C SER JA 260 64.50 59.39 -93.47
N ALA JA 261 64.95 59.70 -94.68
CA ALA JA 261 66.01 60.69 -94.87
C ALA JA 261 65.62 62.06 -94.34
N SER JA 262 64.32 62.39 -94.31
CA SER JA 262 63.90 63.64 -93.70
C SER JA 262 64.28 63.70 -92.22
N ARG JA 263 64.56 62.55 -91.60
CA ARG JA 263 64.83 62.47 -90.16
C ARG JA 263 66.18 61.82 -89.89
N LEU JA 264 67.04 61.71 -90.89
CA LEU JA 264 68.36 61.13 -90.66
C LEU JA 264 69.23 62.06 -89.81
N GLY JA 265 69.46 63.28 -90.30
CA GLY JA 265 70.37 64.21 -89.64
C GLY JA 265 70.08 64.46 -88.17
N ASP JA 266 68.87 64.15 -87.70
CA ASP JA 266 68.55 64.35 -86.29
C ASP JA 266 69.10 63.22 -85.44
N THR JA 267 68.64 61.98 -85.68
CA THR JA 267 68.95 60.85 -84.82
C THR JA 267 70.45 60.55 -84.71
N LEU JA 268 71.30 61.21 -85.51
CA LEU JA 268 72.74 61.10 -85.36
C LEU JA 268 73.40 62.35 -84.84
N GLY JA 269 72.83 63.53 -85.08
CA GLY JA 269 73.38 64.76 -84.58
C GLY JA 269 72.41 65.53 -83.70
N THR JA 270 72.17 66.78 -84.03
CA THR JA 270 71.27 67.64 -83.28
C THR JA 270 70.35 68.36 -84.25
N ARG JA 271 69.11 68.58 -83.82
CA ARG JA 271 68.15 69.28 -84.65
C ARG JA 271 68.47 70.78 -84.68
N PRO JA 272 68.11 71.47 -85.75
CA PRO JA 272 68.33 72.92 -85.79
C PRO JA 272 67.52 73.61 -84.70
N VAL JA 273 68.21 74.31 -83.82
CA VAL JA 273 67.56 74.84 -82.62
C VAL JA 273 66.91 76.20 -82.87
N ALA JA 274 67.45 77.00 -83.78
CA ALA JA 274 66.91 78.31 -84.09
C ALA JA 274 67.63 78.83 -85.33
N ARG JA 275 67.26 80.05 -85.74
CA ARG JA 275 67.84 80.66 -86.93
C ARG JA 275 68.05 82.15 -86.68
N VAL JA 276 68.94 82.74 -87.47
CA VAL JA 276 69.37 84.11 -87.29
C VAL JA 276 68.58 85.01 -88.22
N CYS JA 277 68.50 86.30 -87.86
CA CYS JA 277 67.87 87.30 -88.70
C CYS JA 277 68.35 88.68 -88.26
N ILE JA 278 68.73 89.50 -89.25
CA ILE JA 278 69.23 90.85 -89.03
C ILE JA 278 68.40 91.80 -89.88
N PHE JA 279 68.61 93.11 -89.66
CA PHE JA 279 67.93 94.14 -90.44
C PHE JA 279 68.89 94.85 -91.39
N ASP JA 280 69.95 95.47 -90.88
CA ASP JA 280 70.72 96.45 -91.64
C ASP JA 280 72.19 96.12 -91.79
N GLY JA 281 72.86 95.69 -90.72
CA GLY JA 281 74.30 95.69 -90.66
C GLY JA 281 74.99 94.66 -91.54
N PRO JA 282 76.23 94.33 -91.19
CA PRO JA 282 77.00 93.36 -91.98
C PRO JA 282 76.36 92.00 -91.95
N PRO JA 283 76.36 91.28 -93.08
CA PRO JA 283 75.68 89.98 -93.13
C PRO JA 283 76.22 88.98 -92.11
N THR JA 284 77.52 88.76 -92.14
CA THR JA 284 78.14 87.76 -91.29
C THR JA 284 78.40 88.32 -89.88
N VAL JA 285 78.43 87.43 -88.90
CA VAL JA 285 78.83 87.76 -87.54
C VAL JA 285 80.04 86.90 -87.18
N PRO JA 286 81.24 87.43 -87.30
CA PRO JA 286 82.45 86.68 -86.94
C PRO JA 286 82.39 86.20 -85.50
N PRO JA 287 83.20 85.19 -85.14
CA PRO JA 287 83.04 84.56 -83.83
C PRO JA 287 83.25 85.53 -82.67
N GLY JA 288 82.76 85.11 -81.50
CA GLY JA 288 82.87 85.91 -80.29
C GLY JA 288 82.06 87.18 -80.35
N GLU JA 289 80.85 87.10 -80.89
CA GLU JA 289 80.01 88.27 -81.10
C GLU JA 289 78.57 87.91 -80.83
N LYS JA 290 77.77 88.91 -80.47
CA LYS JA 290 76.36 88.70 -80.17
C LYS JA 290 75.54 88.78 -81.45
N ALA JA 291 74.65 87.81 -81.63
CA ALA JA 291 73.78 87.75 -82.80
C ALA JA 291 72.35 87.53 -82.34
N ALA JA 292 71.43 88.38 -82.81
CA ALA JA 292 70.03 88.26 -82.47
C ALA JA 292 69.36 87.23 -83.37
N VAL JA 293 68.72 86.23 -82.77
CA VAL JA 293 68.11 85.13 -83.51
C VAL JA 293 66.65 84.99 -83.11
N VAL JA 294 65.82 84.61 -84.07
CA VAL JA 294 64.48 84.11 -83.77
C VAL JA 294 64.64 82.63 -83.43
N GLU JA 295 63.60 82.04 -82.88
CA GLU JA 295 63.64 80.63 -82.47
C GLU JA 295 62.66 79.82 -83.30
N VAL JA 296 63.15 78.76 -83.93
CA VAL JA 296 62.31 77.88 -84.72
C VAL JA 296 62.65 76.43 -84.43
N ARG KA 3 -16.47 6.71 72.55
CA ARG KA 3 -17.39 7.64 73.17
C ARG KA 3 -17.18 7.70 74.68
N PRO KA 4 -16.17 8.45 75.10
CA PRO KA 4 -15.88 8.57 76.53
C PRO KA 4 -16.87 9.52 77.18
N ALA KA 5 -16.62 9.80 78.46
CA ALA KA 5 -17.51 10.66 79.22
C ALA KA 5 -17.19 12.12 78.96
N ILE KA 6 -18.18 12.98 79.22
CA ILE KA 6 -18.04 14.40 78.94
C ILE KA 6 -17.58 15.16 80.17
N LEU KA 7 -18.16 14.90 81.33
CA LEU KA 7 -17.70 15.53 82.55
C LEU KA 7 -17.41 14.51 83.62
N PRO KA 8 -16.29 14.64 84.31
CA PRO KA 8 -15.99 13.71 85.40
C PRO KA 8 -16.70 14.09 86.67
N SER KA 9 -17.25 13.08 87.36
CA SER KA 9 -17.99 13.35 88.59
C SER KA 9 -17.04 13.73 89.72
N GLY KA 10 -16.12 12.85 90.07
CA GLY KA 10 -15.17 13.12 91.13
C GLY KA 10 -13.78 12.70 90.72
N GLN KA 11 -12.79 13.32 91.36
CA GLN KA 11 -11.42 13.07 90.96
C GLN KA 11 -10.89 11.81 91.65
N ILE KA 12 -9.89 11.22 91.02
CA ILE KA 12 -9.23 10.05 91.55
C ILE KA 12 -8.02 10.51 92.34
N LEU KA 13 -7.49 9.61 93.17
CA LEU KA 13 -6.39 10.00 94.05
C LEU KA 13 -5.13 9.17 93.84
N SER KA 14 -5.26 7.88 93.59
CA SER KA 14 -4.09 7.03 93.47
C SER KA 14 -3.28 7.39 92.24
N ASN KA 15 -1.96 7.28 92.36
CA ASN KA 15 -1.03 7.45 91.26
C ASN KA 15 -0.33 6.11 91.08
N ILE KA 16 -0.94 5.22 90.30
CA ILE KA 16 -0.43 3.87 90.15
C ILE KA 16 -0.51 3.48 88.69
N GLU KA 17 0.48 2.73 88.23
CA GLU KA 17 0.38 2.16 86.90
C GLU KA 17 -0.80 1.20 86.86
N VAL KA 18 -1.36 1.03 85.67
CA VAL KA 18 -2.63 0.34 85.53
C VAL KA 18 -2.57 -0.87 84.61
N HIS KA 19 -1.63 -0.94 83.68
CA HIS KA 19 -1.58 -2.10 82.80
C HIS KA 19 -1.38 -3.39 83.57
N SER KA 20 -0.76 -3.32 84.74
CA SER KA 20 -0.54 -4.53 85.54
C SER KA 20 -1.76 -4.92 86.36
N HIS KA 21 -2.71 -4.02 86.57
CA HIS KA 21 -3.94 -4.34 87.27
C HIS KA 21 -5.13 -4.46 86.33
N ARG KA 22 -4.91 -4.96 85.12
CA ARG KA 22 -6.05 -5.09 84.22
C ARG KA 22 -6.98 -6.22 84.62
N ALA KA 23 -6.70 -6.91 85.72
CA ALA KA 23 -7.57 -8.00 86.13
C ALA KA 23 -8.86 -7.47 86.76
N LEU KA 24 -8.77 -6.37 87.50
CA LEU KA 24 -9.92 -5.89 88.25
C LEU KA 24 -11.05 -5.39 87.37
N PHE KA 25 -10.75 -4.98 86.15
CA PHE KA 25 -11.76 -4.34 85.30
C PHE KA 25 -12.39 -5.36 84.36
N ASP KA 26 -13.43 -4.90 83.65
CA ASP KA 26 -14.16 -5.75 82.72
C ASP KA 26 -13.75 -5.53 81.28
N ILE KA 27 -13.68 -4.27 80.83
CA ILE KA 27 -13.03 -3.96 79.57
C ILE KA 27 -12.01 -2.85 79.81
N PHE KA 28 -10.94 -2.89 79.05
CA PHE KA 28 -9.77 -2.06 79.33
C PHE KA 28 -9.09 -1.76 78.00
N LYS KA 29 -9.01 -0.48 77.65
CA LYS KA 29 -8.46 -0.06 76.37
C LYS KA 29 -7.50 1.09 76.60
N ARG KA 30 -6.27 0.95 76.09
CA ARG KA 30 -5.25 1.98 76.26
C ARG KA 30 -4.70 2.35 74.89
N PHE KA 31 -5.01 3.56 74.44
CA PHE KA 31 -4.45 4.05 73.20
C PHE KA 31 -3.21 4.88 73.50
N ARG KA 32 -2.32 4.96 72.53
CA ARG KA 32 -0.99 5.50 72.78
C ARG KA 32 -1.05 7.00 73.07
N SER KA 33 -1.52 7.79 72.12
CA SER KA 33 -1.66 9.22 72.35
C SER KA 33 -2.62 9.79 71.32
N ASP KA 34 -3.74 10.33 71.80
CA ASP KA 34 -4.69 11.04 70.95
C ASP KA 34 -5.06 10.22 69.72
N ASP KA 35 -5.74 9.11 69.97
CA ASP KA 35 -6.30 8.33 68.87
C ASP KA 35 -7.33 9.17 68.14
N ASN KA 36 -7.44 8.97 66.83
CA ASN KA 36 -8.36 9.72 66.00
C ASN KA 36 -9.72 9.06 65.91
N ASN KA 37 -10.03 8.14 66.82
CA ASN KA 37 -11.28 7.41 66.76
C ASN KA 37 -12.34 7.93 67.72
N LEU KA 38 -11.93 8.53 68.84
CA LEU KA 38 -12.88 8.96 69.85
C LEU KA 38 -13.60 10.24 69.47
N TYR KA 39 -13.53 10.68 68.22
CA TYR KA 39 -14.15 11.93 67.81
C TYR KA 39 -15.47 11.70 67.09
N GLY KA 40 -15.46 10.94 66.00
CA GLY KA 40 -16.67 10.66 65.25
C GLY KA 40 -17.82 10.17 66.11
N ALA KA 41 -18.93 10.89 66.06
CA ALA KA 41 -20.09 10.61 66.91
C ALA KA 41 -21.34 10.56 66.03
N GLU KA 42 -21.89 9.37 65.85
CA GLU KA 42 -23.13 9.17 65.13
C GLU KA 42 -24.27 8.97 66.13
N PHE KA 43 -25.49 8.95 65.61
CA PHE KA 43 -26.64 8.80 66.49
C PHE KA 43 -27.83 8.30 65.67
N ASP KA 44 -28.70 7.56 66.34
CA ASP KA 44 -29.98 7.14 65.80
C ASP KA 44 -31.03 8.22 66.07
N ALA KA 45 -32.14 8.14 65.35
CA ALA KA 45 -33.16 9.17 65.49
C ALA KA 45 -34.52 8.64 65.11
N LEU KA 46 -35.55 9.20 65.75
CA LEU KA 46 -36.94 8.95 65.41
C LEU KA 46 -37.56 10.24 64.89
N LEU KA 47 -38.12 10.19 63.69
CA LEU KA 47 -38.50 11.40 62.95
C LEU KA 47 -40.02 11.46 62.85
N GLY KA 48 -40.66 12.04 63.85
CA GLY KA 48 -42.08 12.29 63.80
C GLY KA 48 -42.94 11.09 64.14
N THR KA 49 -44.00 11.32 64.92
CA THR KA 49 -44.95 10.29 65.29
C THR KA 49 -46.35 10.74 64.88
N TYR KA 50 -47.12 9.83 64.32
CA TYR KA 50 -48.43 10.16 63.78
C TYR KA 50 -49.49 9.28 64.42
N CYS KA 51 -50.32 9.86 65.27
CA CYS KA 51 -51.40 9.15 65.93
C CYS KA 51 -52.72 9.48 65.27
N SER KA 52 -53.74 8.73 65.66
CA SER KA 52 -55.05 8.81 65.03
C SER KA 52 -56.10 9.29 66.01
N THR KA 53 -57.15 9.89 65.46
CA THR KA 53 -58.29 10.35 66.24
C THR KA 53 -59.56 9.72 65.69
N LEU KA 54 -60.55 9.56 66.57
CA LEU KA 54 -61.79 8.91 66.21
C LEU KA 54 -62.82 9.94 65.77
N SER KA 55 -63.56 9.61 64.71
CA SER KA 55 -64.58 10.50 64.16
C SER KA 55 -65.91 10.22 64.87
N LEU KA 56 -66.25 11.06 65.83
CA LEU KA 56 -67.50 10.90 66.56
C LEU KA 56 -68.70 11.11 65.65
N VAL KA 57 -69.72 10.27 65.82
CA VAL KA 57 -70.93 10.33 65.00
C VAL KA 57 -72.16 10.27 65.90
N ARG KA 58 -73.13 11.14 65.65
CA ARG KA 58 -74.39 11.16 66.35
C ARG KA 58 -75.48 10.56 65.47
N PHE KA 59 -76.60 10.20 66.09
CA PHE KA 59 -77.67 9.59 65.32
C PHE KA 59 -78.64 10.62 64.75
N LEU KA 60 -79.03 11.61 65.53
CA LEU KA 60 -79.99 12.59 65.04
C LEU KA 60 -79.40 13.42 63.90
N GLU KA 61 -78.10 13.64 63.90
CA GLU KA 61 -77.47 14.33 62.79
C GLU KA 61 -77.59 13.56 61.48
N LEU KA 62 -77.86 12.26 61.55
CA LEU KA 62 -78.05 11.49 60.33
C LEU KA 62 -79.40 11.82 59.70
N GLY KA 63 -79.53 11.53 58.41
CA GLY KA 63 -80.79 11.73 57.74
C GLY KA 63 -81.79 10.62 57.97
N LEU KA 64 -81.32 9.45 58.40
CA LEU KA 64 -82.21 8.32 58.62
C LEU KA 64 -83.22 8.61 59.73
N SER KA 65 -82.94 9.60 60.58
CA SER KA 65 -83.72 9.78 61.80
C SER KA 65 -85.19 9.99 61.54
N VAL KA 66 -85.54 10.55 60.39
CA VAL KA 66 -86.95 10.83 60.09
C VAL KA 66 -87.75 9.56 59.85
N ALA KA 67 -87.11 8.39 59.89
CA ALA KA 67 -87.86 7.17 59.67
C ALA KA 67 -88.56 6.69 60.93
N CYS KA 68 -87.91 6.83 62.09
CA CYS KA 68 -88.44 6.31 63.34
C CYS KA 68 -88.49 7.42 64.37
N VAL KA 69 -89.40 7.28 65.33
CA VAL KA 69 -89.55 8.28 66.38
C VAL KA 69 -88.96 7.75 67.68
N CYS KA 70 -87.68 8.01 67.89
CA CYS KA 70 -86.97 7.47 69.04
C CYS KA 70 -87.44 8.15 70.31
N THR KA 71 -87.91 7.37 71.28
CA THR KA 71 -88.33 7.92 72.56
C THR KA 71 -87.74 7.09 73.69
N LYS KA 72 -87.18 7.77 74.68
CA LYS KA 72 -86.63 7.09 75.84
C LYS KA 72 -87.74 6.43 76.64
N PHE KA 73 -87.37 5.38 77.35
CA PHE KA 73 -88.35 4.62 78.12
C PHE KA 73 -87.64 3.84 79.21
N PRO KA 74 -87.34 4.46 80.33
CA PRO KA 74 -86.39 3.86 81.27
C PRO KA 74 -86.92 2.64 82.00
N GLU KA 75 -88.08 2.11 81.60
CA GLU KA 75 -88.63 0.94 82.27
C GLU KA 75 -88.91 -0.20 81.31
N LEU KA 76 -88.20 -0.25 80.18
CA LEU KA 76 -88.43 -1.34 79.24
C LEU KA 76 -88.00 -2.68 79.79
N SER KA 77 -87.17 -2.70 80.82
CA SER KA 77 -86.72 -3.96 81.39
C SER KA 77 -87.85 -4.71 82.09
N TYR KA 78 -88.91 -4.02 82.49
CA TYR KA 78 -90.03 -4.66 83.16
C TYR KA 78 -91.18 -5.03 82.23
N VAL KA 79 -91.22 -4.45 81.03
CA VAL KA 79 -92.42 -4.56 80.21
C VAL KA 79 -92.49 -5.94 79.60
N ALA KA 80 -93.59 -6.65 79.89
CA ALA KA 80 -93.93 -7.86 79.15
C ALA KA 80 -94.56 -7.43 77.83
N GLU KA 81 -95.26 -8.35 77.16
CA GLU KA 81 -95.71 -8.10 75.80
C GLU KA 81 -96.56 -6.84 75.67
N GLY KA 82 -96.00 -5.81 75.05
CA GLY KA 82 -96.69 -4.54 74.87
C GLY KA 82 -97.34 -4.42 73.50
N THR KA 83 -98.40 -3.61 73.42
CA THR KA 83 -99.23 -3.57 72.23
C THR KA 83 -99.60 -2.14 71.87
N ILE KA 84 -100.21 -1.99 70.69
CA ILE KA 84 -100.88 -0.76 70.28
C ILE KA 84 -102.12 -1.17 69.52
N GLN KA 85 -103.08 -0.25 69.42
CA GLN KA 85 -104.37 -0.54 68.79
C GLN KA 85 -104.64 0.43 67.66
N PHE KA 86 -105.31 -0.08 66.62
CA PHE KA 86 -105.76 0.75 65.52
C PHE KA 86 -107.27 0.62 65.37
N GLU KA 87 -107.92 1.70 64.96
CA GLU KA 87 -109.36 1.72 64.73
C GLU KA 87 -109.61 2.53 63.46
N VAL KA 88 -109.89 1.84 62.36
CA VAL KA 88 -110.18 2.50 61.10
C VAL KA 88 -111.63 2.20 60.74
N GLN KA 89 -112.24 3.13 60.03
CA GLN KA 89 -113.65 3.01 59.63
C GLN KA 89 -113.75 3.32 58.15
N GLN KA 90 -113.98 2.29 57.34
CA GLN KA 90 -113.98 2.48 55.90
C GLN KA 90 -115.19 3.29 55.46
N PRO KA 91 -115.05 4.09 54.42
CA PRO KA 91 -116.21 4.77 53.86
C PRO KA 91 -117.07 3.79 53.08
N MET KA 92 -118.20 4.26 52.56
CA MET KA 92 -119.04 3.41 51.74
C MET KA 92 -119.90 4.29 50.85
N ILE KA 93 -120.30 3.75 49.71
CA ILE KA 93 -121.15 4.47 48.77
C ILE KA 93 -122.48 3.75 48.66
N ALA KA 94 -123.56 4.53 48.61
CA ALA KA 94 -124.88 3.96 48.37
C ALA KA 94 -125.10 3.80 46.88
N ARG KA 95 -125.57 2.63 46.49
CA ARG KA 95 -125.76 2.35 45.08
C ARG KA 95 -127.07 1.59 44.88
N ASP KA 96 -127.62 1.73 43.69
CA ASP KA 96 -128.86 1.07 43.32
C ASP KA 96 -128.58 -0.14 42.44
N GLY KA 97 -129.56 -1.04 42.39
CA GLY KA 97 -129.47 -2.21 41.57
C GLY KA 97 -129.83 -3.46 42.34
N PRO KA 98 -129.60 -4.62 41.71
CA PRO KA 98 -129.95 -5.88 42.39
C PRO KA 98 -129.06 -6.15 43.59
N HIS KA 99 -127.79 -5.80 43.50
CA HIS KA 99 -126.89 -6.00 44.63
C HIS KA 99 -127.29 -5.09 45.76
N PRO KA 100 -127.75 -5.61 46.89
CA PRO KA 100 -128.36 -4.77 47.92
C PRO KA 100 -127.34 -3.84 48.57
N ALA KA 101 -127.86 -2.95 49.40
CA ALA KA 101 -127.04 -1.98 50.08
C ALA KA 101 -126.07 -2.66 51.05
N ASP KA 102 -125.00 -1.95 51.38
CA ASP KA 102 -124.00 -2.43 52.32
C ASP KA 102 -123.99 -1.54 53.56
N GLN KA 103 -123.83 -2.15 54.69
CA GLN KA 103 -123.73 -1.33 55.89
C GLN KA 103 -122.30 -0.90 56.12
N PRO KA 104 -122.08 0.21 56.83
CA PRO KA 104 -120.70 0.64 57.07
C PRO KA 104 -119.97 -0.34 57.96
N VAL KA 105 -118.77 -0.70 57.55
CA VAL KA 105 -118.00 -1.74 58.22
C VAL KA 105 -116.99 -1.09 59.15
N HIS KA 106 -116.72 -1.76 60.28
CA HIS KA 106 -115.70 -1.33 61.22
C HIS KA 106 -114.73 -2.48 61.42
N ASN KA 107 -113.57 -2.16 62.00
CA ASN KA 107 -112.59 -3.20 62.28
C ASN KA 107 -111.59 -2.69 63.29
N TYR KA 108 -110.98 -3.62 64.02
CA TYR KA 108 -109.98 -3.33 65.03
C TYR KA 108 -108.74 -4.16 64.76
N MET KA 109 -107.59 -3.60 65.09
CA MET KA 109 -106.32 -4.27 64.82
C MET KA 109 -105.35 -3.90 65.93
N ILE KA 110 -104.50 -4.86 66.29
CA ILE KA 110 -103.48 -4.63 67.31
C ILE KA 110 -102.16 -5.23 66.85
N LYS KA 111 -101.08 -4.55 67.22
CA LYS KA 111 -99.74 -5.04 66.92
C LYS KA 111 -98.95 -5.22 68.20
N ARG KA 112 -97.85 -5.95 68.10
CA ARG KA 112 -97.06 -6.35 69.25
C ARG KA 112 -95.62 -5.90 69.09
N LEU KA 113 -94.96 -5.67 70.22
CA LEU KA 113 -93.59 -5.22 70.18
C LEU KA 113 -92.65 -6.37 69.82
N ASP KA 114 -91.46 -6.00 69.35
CA ASP KA 114 -90.35 -6.92 69.17
C ASP KA 114 -89.19 -6.42 70.02
N ARG KA 115 -88.51 -7.32 70.70
CA ARG KA 115 -87.53 -6.94 71.71
C ARG KA 115 -86.15 -7.45 71.32
N ARG KA 116 -85.20 -6.53 71.16
CA ARG KA 116 -83.81 -6.86 70.91
C ARG KA 116 -82.93 -6.21 71.97
N SER KA 117 -81.62 -6.32 71.83
CA SER KA 117 -80.71 -5.76 72.84
C SER KA 117 -79.33 -5.60 72.25
N LEU KA 118 -78.85 -4.36 72.17
CA LEU KA 118 -77.46 -4.13 71.82
C LEU KA 118 -76.55 -4.67 72.92
N ASN KA 119 -75.28 -4.81 72.60
CA ASN KA 119 -74.28 -5.11 73.61
C ASN KA 119 -72.89 -4.97 73.00
N ALA KA 120 -71.99 -4.34 73.75
CA ALA KA 120 -70.60 -4.24 73.39
C ALA KA 120 -69.78 -4.96 74.46
N ALA KA 121 -68.47 -4.84 74.38
CA ALA KA 121 -67.60 -5.37 75.41
C ALA KA 121 -66.46 -4.39 75.62
N PHE KA 122 -65.82 -4.50 76.78
CA PHE KA 122 -64.79 -3.53 77.11
C PHE KA 122 -63.95 -4.08 78.25
N SER KA 123 -62.68 -4.34 77.99
CA SER KA 123 -61.80 -4.90 79.01
C SER KA 123 -60.87 -3.83 79.55
N ILE KA 124 -60.11 -4.19 80.59
CA ILE KA 124 -59.16 -3.29 81.21
C ILE KA 124 -58.11 -4.13 81.93
N ALA KA 125 -56.85 -3.81 81.72
CA ALA KA 125 -55.76 -4.68 82.14
C ALA KA 125 -55.69 -4.76 83.67
N VAL KA 126 -54.79 -5.60 84.16
CA VAL KA 126 -54.59 -5.75 85.59
C VAL KA 126 -53.63 -4.70 86.13
N GLU KA 127 -52.49 -4.51 85.46
CA GLU KA 127 -51.53 -3.52 85.91
C GLU KA 127 -52.12 -2.13 85.84
N ALA KA 128 -52.88 -1.83 84.78
CA ALA KA 128 -53.53 -0.53 84.70
C ALA KA 128 -54.50 -0.36 85.85
N LEU KA 129 -55.21 -1.43 86.22
CA LEU KA 129 -56.11 -1.35 87.35
C LEU KA 129 -55.36 -1.00 88.62
N GLY KA 130 -54.24 -1.67 88.87
CA GLY KA 130 -53.44 -1.35 90.04
C GLY KA 130 -52.94 0.07 90.02
N LEU KA 131 -52.45 0.52 88.88
CA LEU KA 131 -51.90 1.87 88.77
C LEU KA 131 -52.97 2.93 88.94
N ILE KA 132 -54.23 2.60 88.65
CA ILE KA 132 -55.29 3.58 88.81
C ILE KA 132 -55.71 3.70 90.27
N SER KA 133 -55.97 2.57 90.92
CA SER KA 133 -56.40 2.62 92.31
C SER KA 133 -55.31 3.18 93.21
N GLY KA 134 -54.07 2.74 93.03
CA GLY KA 134 -52.95 3.18 93.84
C GLY KA 134 -52.28 2.08 94.61
N GLU KA 135 -52.87 0.90 94.73
CA GLU KA 135 -52.26 -0.19 95.49
C GLU KA 135 -51.02 -0.75 94.81
N ASN KA 136 -50.67 -0.27 93.62
CA ASN KA 136 -49.42 -0.63 92.97
C ASN KA 136 -48.47 0.55 92.84
N LEU KA 137 -48.99 1.78 92.93
CA LEU KA 137 -48.14 2.96 92.84
C LEU KA 137 -47.12 2.98 93.97
N ASP KA 138 -45.97 3.58 93.69
CA ASP KA 138 -44.91 3.73 94.66
C ASP KA 138 -44.32 5.11 94.55
N GLY KA 139 -43.67 5.56 95.61
CA GLY KA 139 -43.22 6.93 95.68
C GLY KA 139 -42.04 7.23 94.77
N THR KA 140 -42.28 7.23 93.46
CA THR KA 140 -41.23 7.60 92.53
C THR KA 140 -41.84 8.25 91.31
N HIS KA 141 -41.08 9.17 90.70
CA HIS KA 141 -41.60 9.94 89.58
C HIS KA 141 -41.91 9.05 88.38
N ILE KA 142 -41.23 7.92 88.27
CA ILE KA 142 -41.29 7.12 87.06
C ILE KA 142 -42.49 6.19 87.09
N SER KA 143 -43.37 6.39 88.08
CA SER KA 143 -44.63 5.65 88.12
C SER KA 143 -45.85 6.53 87.96
N SER KA 144 -45.79 7.78 88.38
CA SER KA 144 -46.88 8.70 88.05
C SER KA 144 -47.02 8.85 86.53
N ALA KA 145 -45.91 8.74 85.81
CA ALA KA 145 -45.98 8.73 84.35
C ALA KA 145 -46.80 7.55 83.87
N MET KA 146 -46.54 6.37 84.43
CA MET KA 146 -47.30 5.19 84.04
C MET KA 146 -48.77 5.35 84.41
N ARG KA 147 -49.05 6.00 85.53
CA ARG KA 147 -50.44 6.21 85.91
C ARG KA 147 -51.15 7.12 84.91
N LEU KA 148 -50.49 8.21 84.51
CA LEU KA 148 -51.06 9.08 83.49
C LEU KA 148 -51.30 8.31 82.20
N ARG KA 149 -50.35 7.49 81.78
CA ARG KA 149 -50.54 6.70 80.57
C ARG KA 149 -51.74 5.77 80.70
N ALA KA 150 -51.87 5.12 81.84
CA ALA KA 150 -52.97 4.17 82.02
C ALA KA 150 -54.32 4.86 82.00
N ILE KA 151 -54.43 6.00 82.69
CA ILE KA 151 -55.71 6.68 82.71
C ILE KA 151 -56.05 7.23 81.33
N GLN KA 152 -55.04 7.71 80.59
CA GLN KA 152 -55.28 8.15 79.23
C GLN KA 152 -55.78 6.99 78.38
N GLN KA 153 -55.22 5.81 78.59
CA GLN KA 153 -55.66 4.64 77.84
C GLN KA 153 -57.10 4.28 78.17
N LEU KA 154 -57.46 4.29 79.45
CA LEU KA 154 -58.82 3.96 79.83
C LEU KA 154 -59.82 4.92 79.21
N ALA KA 155 -59.50 6.22 79.22
CA ALA KA 155 -60.40 7.18 78.61
C ALA KA 155 -60.50 6.97 77.10
N ARG KA 156 -59.36 6.76 76.44
CA ARG KA 156 -59.34 6.55 75.01
C ARG KA 156 -60.07 5.27 74.62
N ASN KA 157 -60.28 4.37 75.56
CA ASN KA 157 -61.05 3.17 75.27
C ASN KA 157 -62.54 3.36 75.54
N VAL KA 158 -62.89 4.00 76.66
CA VAL KA 158 -64.30 4.18 76.96
C VAL KA 158 -64.95 5.11 75.95
N GLN KA 159 -64.19 6.06 75.39
CA GLN KA 159 -64.77 6.92 74.37
C GLN KA 159 -65.20 6.10 73.17
N ALA KA 160 -64.37 5.15 72.76
CA ALA KA 160 -64.70 4.34 71.60
C ALA KA 160 -65.78 3.32 71.90
N VAL KA 161 -65.97 2.95 73.16
CA VAL KA 161 -67.07 2.03 73.47
C VAL KA 161 -68.40 2.76 73.53
N LEU KA 162 -68.45 3.90 74.23
CA LEU KA 162 -69.71 4.64 74.34
C LEU KA 162 -70.19 5.13 72.99
N ASP KA 163 -69.26 5.46 72.09
CA ASP KA 163 -69.64 5.90 70.76
C ASP KA 163 -70.27 4.79 69.94
N SER KA 164 -70.08 3.53 70.35
CA SER KA 164 -70.49 2.42 69.49
C SER KA 164 -72.00 2.26 69.43
N PHE KA 165 -72.71 2.65 70.49
CA PHE KA 165 -74.15 2.49 70.48
C PHE KA 165 -74.85 3.34 69.43
N GLU KA 166 -74.26 4.48 69.05
CA GLU KA 166 -74.85 5.29 67.99
C GLU KA 166 -74.83 4.55 66.66
N ARG KA 167 -73.64 4.12 66.22
CA ARG KA 167 -73.57 3.31 65.01
C ARG KA 167 -74.39 2.04 65.15
N GLY KA 168 -74.52 1.52 66.36
CA GLY KA 168 -75.36 0.35 66.56
C GLY KA 168 -76.81 0.62 66.22
N THR KA 169 -77.35 1.72 66.72
CA THR KA 169 -78.74 2.06 66.39
C THR KA 169 -78.87 2.34 64.90
N ALA KA 170 -77.90 3.04 64.32
CA ALA KA 170 -77.99 3.35 62.90
C ALA KA 170 -77.97 2.10 62.05
N ASP KA 171 -77.33 1.04 62.53
CA ASP KA 171 -77.36 -0.23 61.81
C ASP KA 171 -78.64 -1.00 62.09
N GLN KA 172 -79.13 -0.93 63.31
CA GLN KA 172 -80.35 -1.66 63.66
C GLN KA 172 -81.54 -1.13 62.89
N MET KA 173 -81.61 0.18 62.70
CA MET KA 173 -82.71 0.74 61.94
C MET KA 173 -82.76 0.18 60.53
N LEU KA 174 -81.59 0.07 59.89
CA LEU KA 174 -81.56 -0.52 58.55
C LEU KA 174 -81.93 -2.00 58.60
N ARG KA 175 -81.39 -2.73 59.56
CA ARG KA 175 -81.69 -4.15 59.66
C ARG KA 175 -83.19 -4.38 59.78
N VAL KA 176 -83.88 -3.53 60.54
CA VAL KA 176 -85.29 -3.76 60.80
C VAL KA 176 -86.18 -3.19 59.68
N LEU KA 177 -85.78 -2.09 59.05
CA LEU KA 177 -86.56 -1.61 57.90
C LEU KA 177 -86.44 -2.58 56.73
N MET KA 178 -85.24 -3.08 56.47
CA MET KA 178 -85.00 -4.01 55.37
C MET KA 178 -85.68 -5.36 55.57
N GLU KA 179 -86.45 -5.52 56.65
CA GLU KA 179 -87.14 -6.78 56.91
C GLU KA 179 -88.65 -6.69 56.71
N LYS KA 180 -89.25 -5.51 56.90
CA LYS KA 180 -90.67 -5.33 56.73
C LYS KA 180 -91.04 -4.77 55.36
N ALA KA 181 -90.06 -4.51 54.51
CA ALA KA 181 -90.31 -3.89 53.23
C ALA KA 181 -90.40 -4.93 52.14
N PRO KA 182 -91.48 -4.97 51.37
CA PRO KA 182 -91.56 -5.91 50.27
C PRO KA 182 -90.99 -5.29 49.00
N PRO KA 183 -90.56 -6.11 48.04
CA PRO KA 183 -89.94 -5.56 46.84
C PRO KA 183 -90.97 -4.84 45.98
N LEU KA 184 -90.56 -3.70 45.42
CA LEU KA 184 -91.48 -2.86 44.68
C LEU KA 184 -92.09 -3.61 43.50
N SER KA 185 -91.29 -4.40 42.80
CA SER KA 185 -91.76 -5.07 41.59
C SER KA 185 -93.00 -5.91 41.86
N LEU KA 186 -93.12 -6.48 43.06
CA LEU KA 186 -94.29 -7.25 43.43
C LEU KA 186 -95.43 -6.38 43.92
N LEU KA 187 -95.19 -5.12 44.22
CA LEU KA 187 -96.16 -4.27 44.91
C LEU KA 187 -96.98 -3.41 43.96
N ALA KA 188 -96.34 -2.82 42.95
CA ALA KA 188 -97.06 -1.94 42.04
C ALA KA 188 -98.22 -2.60 41.31
N PRO KA 189 -98.15 -3.87 40.91
CA PRO KA 189 -99.38 -4.53 40.42
C PRO KA 189 -100.34 -4.89 41.52
N PHE KA 190 -99.88 -5.02 42.76
CA PHE KA 190 -100.79 -5.33 43.85
C PHE KA 190 -101.59 -4.10 44.25
N THR KA 191 -100.96 -2.94 44.29
CA THR KA 191 -101.70 -1.72 44.61
C THR KA 191 -102.65 -1.30 43.52
N LEU KA 192 -102.65 -1.99 42.39
CA LEU KA 192 -103.53 -1.63 41.29
C LEU KA 192 -104.85 -2.39 41.34
N TYR KA 193 -104.82 -3.67 41.68
CA TYR KA 193 -106.01 -4.49 41.76
C TYR KA 193 -106.69 -4.41 43.12
N GLU KA 194 -106.40 -3.38 43.90
CA GLU KA 194 -106.91 -3.31 45.27
C GLU KA 194 -108.43 -3.36 45.28
N GLY KA 195 -108.98 -3.97 46.32
CA GLY KA 195 -110.43 -4.05 46.46
C GLY KA 195 -111.06 -5.13 45.62
N ARG KA 196 -110.62 -5.26 44.37
CA ARG KA 196 -111.19 -6.25 43.47
C ARG KA 196 -110.85 -7.68 43.86
N LEU KA 197 -109.96 -7.88 44.82
CA LEU KA 197 -109.56 -9.22 45.24
C LEU KA 197 -110.66 -9.83 46.12
N ALA KA 198 -111.76 -10.16 45.47
CA ALA KA 198 -112.85 -10.87 46.11
C ALA KA 198 -113.25 -12.13 45.37
N ASP KA 199 -113.26 -12.09 44.04
CA ASP KA 199 -113.59 -13.23 43.22
C ASP KA 199 -112.38 -14.15 43.12
N ARG KA 200 -112.42 -15.08 42.16
CA ARG KA 200 -111.27 -15.90 41.84
C ARG KA 200 -110.61 -15.54 40.52
N VAL KA 201 -111.38 -15.03 39.55
CA VAL KA 201 -110.77 -14.70 38.27
C VAL KA 201 -109.84 -13.50 38.39
N ALA KA 202 -110.15 -12.55 39.29
CA ALA KA 202 -109.23 -11.46 39.52
C ALA KA 202 -107.97 -11.95 40.22
N CYS KA 203 -108.12 -12.82 41.21
CA CYS KA 203 -106.95 -13.42 41.84
C CYS KA 203 -106.17 -14.29 40.89
N ALA KA 204 -106.77 -14.69 39.78
CA ALA KA 204 -106.06 -15.47 38.77
C ALA KA 204 -105.32 -14.60 37.78
N ALA KA 205 -105.92 -13.48 37.37
CA ALA KA 205 -105.21 -12.58 36.46
C ALA KA 205 -104.12 -11.80 37.19
N LEU KA 206 -104.32 -11.53 38.48
CA LEU KA 206 -103.33 -10.79 39.24
C LEU KA 206 -102.02 -11.55 39.32
N VAL KA 207 -102.09 -12.87 39.50
CA VAL KA 207 -100.85 -13.62 39.62
C VAL KA 207 -100.12 -13.66 38.29
N SER KA 208 -100.86 -13.63 37.18
CA SER KA 208 -100.20 -13.55 35.88
C SER KA 208 -99.51 -12.22 35.70
N GLU KA 209 -100.18 -11.13 36.10
CA GLU KA 209 -99.53 -9.83 36.00
C GLU KA 209 -98.30 -9.76 36.90
N LEU KA 210 -98.38 -10.38 38.07
CA LEU KA 210 -97.20 -10.46 38.95
C LEU KA 210 -96.06 -11.18 38.26
N LYS KA 211 -96.32 -12.39 37.76
CA LYS KA 211 -95.28 -13.17 37.12
C LYS KA 211 -94.65 -12.41 35.96
N ARG KA 212 -95.47 -11.71 35.18
CA ARG KA 212 -94.92 -10.94 34.08
C ARG KA 212 -94.15 -9.73 34.58
N ARG KA 213 -94.50 -9.21 35.75
CA ARG KA 213 -93.82 -8.00 36.24
C ARG KA 213 -92.46 -8.33 36.83
N VAL KA 214 -92.33 -9.46 37.51
CA VAL KA 214 -91.05 -9.79 38.13
C VAL KA 214 -89.97 -9.94 37.06
N ARG KA 215 -90.21 -10.80 36.08
CA ARG KA 215 -89.21 -11.12 35.08
C ARG KA 215 -89.04 -10.07 34.01
N ASP KA 216 -89.56 -8.85 34.22
CA ASP KA 216 -89.46 -7.80 33.22
C ASP KA 216 -88.64 -6.62 33.69
N ASP KA 217 -88.88 -6.12 34.90
CA ASP KA 217 -88.17 -4.94 35.39
C ASP KA 217 -87.75 -5.13 36.84
N THR KA 218 -87.22 -6.30 37.18
CA THR KA 218 -86.62 -6.47 38.49
C THR KA 218 -85.21 -5.89 38.56
N PHE KA 219 -84.75 -5.25 37.49
CA PHE KA 219 -83.44 -4.61 37.48
C PHE KA 219 -83.56 -3.41 36.54
N PHE KA 220 -83.67 -2.22 37.11
CA PHE KA 220 -83.50 -1.01 36.33
C PHE KA 220 -82.13 -0.41 36.65
N LEU KA 221 -81.81 0.70 35.99
CA LEU KA 221 -80.59 1.44 36.23
C LEU KA 221 -79.35 0.67 35.78
N THR KA 222 -79.52 -0.57 35.39
CA THR KA 222 -78.42 -1.31 34.78
C THR KA 222 -78.82 -1.95 33.46
N LYS KA 223 -80.05 -2.44 33.35
CA LYS KA 223 -80.56 -2.87 32.06
C LYS KA 223 -80.92 -1.69 31.16
N HIS KA 224 -80.80 -0.46 31.66
CA HIS KA 224 -81.09 0.76 30.88
C HIS KA 224 -79.91 1.70 31.01
N GLU KA 225 -78.91 1.52 30.17
CA GLU KA 225 -77.73 2.38 30.14
C GLU KA 225 -77.90 3.58 29.23
N ARG KA 226 -79.10 3.79 28.68
CA ARG KA 226 -79.31 4.82 27.67
C ARG KA 226 -80.36 5.84 28.08
N ASN KA 227 -81.45 5.42 28.72
CA ASN KA 227 -82.56 6.32 28.99
C ASN KA 227 -82.40 7.00 30.35
N LYS KA 228 -83.12 8.09 30.51
CA LYS KA 228 -83.27 8.80 31.77
C LYS KA 228 -84.71 8.90 32.23
N ASP KA 229 -85.68 8.87 31.32
CA ASP KA 229 -87.08 9.02 31.70
C ASP KA 229 -87.59 7.82 32.47
N ALA KA 230 -87.21 6.61 32.04
CA ALA KA 230 -87.69 5.42 32.73
C ALA KA 230 -87.24 5.40 34.18
N VAL KA 231 -86.01 5.85 34.44
CA VAL KA 231 -85.51 5.89 35.81
C VAL KA 231 -86.33 6.86 36.65
N LEU KA 232 -86.59 8.05 36.12
CA LEU KA 232 -87.39 9.02 36.85
C LEU KA 232 -88.78 8.47 37.15
N ASP KA 233 -89.37 7.78 36.18
CA ASP KA 233 -90.70 7.23 36.38
C ASP KA 233 -90.69 6.14 37.45
N ARG KA 234 -89.67 5.29 37.45
CA ARG KA 234 -89.61 4.23 38.46
C ARG KA 234 -89.41 4.82 39.84
N LEU KA 235 -88.55 5.83 39.96
CA LEU KA 235 -88.38 6.47 41.26
C LEU KA 235 -89.68 7.10 41.74
N SER KA 236 -90.39 7.80 40.85
CA SER KA 236 -91.66 8.39 41.25
C SER KA 236 -92.67 7.32 41.66
N ASP KA 237 -92.68 6.19 40.97
CA ASP KA 237 -93.61 5.13 41.31
C ASP KA 237 -93.28 4.54 42.68
N LEU KA 238 -92.01 4.25 42.92
CA LEU KA 238 -91.61 3.72 44.22
C LEU KA 238 -91.94 4.69 45.33
N VAL KA 239 -91.80 5.99 45.07
CA VAL KA 239 -92.08 6.96 46.12
C VAL KA 239 -93.57 7.05 46.40
N ASN KA 240 -94.41 7.04 45.36
CA ASN KA 240 -95.84 7.18 45.55
C ASN KA 240 -96.54 5.88 45.92
N CYS KA 241 -95.83 4.74 45.92
CA CYS KA 241 -96.51 3.47 46.10
C CYS KA 241 -96.84 3.16 47.55
N THR KA 242 -96.14 3.73 48.51
CA THR KA 242 -96.42 3.47 49.92
C THR KA 242 -97.61 4.32 50.37
N ALA KA 243 -97.88 4.32 51.67
CA ALA KA 243 -99.01 5.06 52.22
C ALA KA 243 -98.57 5.79 53.49
N PRO KA 244 -99.07 7.00 53.72
CA PRO KA 244 -98.62 7.76 54.88
C PRO KA 244 -99.08 7.12 56.18
N SER KA 245 -98.24 7.22 57.20
CA SER KA 245 -98.50 6.64 58.50
C SER KA 245 -99.25 7.63 59.39
N VAL KA 246 -99.29 7.36 60.70
CA VAL KA 246 -99.88 8.30 61.63
C VAL KA 246 -99.08 9.60 61.65
N ALA KA 247 -99.76 10.70 61.95
CA ALA KA 247 -99.15 12.03 61.94
C ALA KA 247 -98.78 12.45 63.35
N VAL KA 248 -97.50 12.77 63.55
CA VAL KA 248 -96.99 13.29 64.81
C VAL KA 248 -96.56 14.74 64.59
N ALA KA 249 -96.72 15.57 65.62
CA ALA KA 249 -96.37 16.98 65.52
C ALA KA 249 -95.04 17.31 66.16
N ARG KA 250 -94.21 16.30 66.43
CA ARG KA 250 -92.91 16.51 67.04
C ARG KA 250 -91.75 16.19 66.09
N MET KA 251 -92.02 15.98 64.81
CA MET KA 251 -90.94 15.73 63.88
C MET KA 251 -90.32 17.03 63.38
N THR KA 252 -91.10 17.84 62.67
CA THR KA 252 -90.65 19.14 62.16
C THR KA 252 -89.35 19.04 61.39
N HIS KA 253 -89.09 17.88 60.77
CA HIS KA 253 -88.01 17.78 59.81
C HIS KA 253 -88.39 18.54 58.55
N ALA KA 254 -87.64 19.58 58.23
CA ALA KA 254 -88.06 20.45 57.15
C ALA KA 254 -86.86 20.87 56.31
N ASP KA 255 -87.16 21.57 55.23
CA ASP KA 255 -86.13 22.27 54.48
C ASP KA 255 -85.59 23.42 55.31
N THR KA 256 -84.46 23.96 54.88
CA THR KA 256 -83.97 25.18 55.51
C THR KA 256 -84.83 26.38 55.17
N GLN KA 257 -85.70 26.27 54.17
CA GLN KA 257 -86.54 27.38 53.73
C GLN KA 257 -88.03 27.08 53.83
N GLY KA 258 -88.47 25.93 53.35
CA GLY KA 258 -89.90 25.71 53.19
C GLY KA 258 -90.49 24.46 53.80
N ARG KA 259 -91.13 23.66 52.94
CA ARG KA 259 -92.03 22.59 53.37
C ARG KA 259 -91.26 21.49 54.10
N PRO KA 260 -91.97 20.61 54.80
CA PRO KA 260 -91.29 19.54 55.53
C PRO KA 260 -91.01 18.33 54.66
N VAL KA 261 -89.96 17.60 55.05
CA VAL KA 261 -89.54 16.43 54.30
C VAL KA 261 -90.47 15.26 54.59
N ASP KA 262 -90.41 14.25 53.71
CA ASP KA 262 -91.40 13.18 53.74
C ASP KA 262 -90.80 11.77 53.72
N GLY KA 263 -89.49 11.62 53.86
CA GLY KA 263 -88.91 10.29 53.93
C GLY KA 263 -87.47 10.29 53.47
N VAL KA 264 -86.88 9.09 53.50
CA VAL KA 264 -85.49 8.89 53.13
C VAL KA 264 -85.42 7.94 51.96
N LEU KA 265 -84.28 7.98 51.26
CA LEU KA 265 -84.00 7.10 50.14
C LEU KA 265 -82.57 6.63 50.31
N VAL KA 266 -82.38 5.56 51.06
CA VAL KA 266 -81.03 5.09 51.39
C VAL KA 266 -80.57 4.14 50.30
N THR KA 267 -79.27 4.17 50.03
CA THR KA 267 -78.65 3.32 49.03
C THR KA 267 -77.15 3.38 49.22
N THR KA 268 -76.41 2.76 48.31
CA THR KA 268 -74.96 2.71 48.39
C THR KA 268 -74.35 4.04 47.94
N ALA KA 269 -73.03 4.06 47.81
CA ALA KA 269 -72.37 5.22 47.24
C ALA KA 269 -72.37 5.18 45.72
N GLY KA 270 -72.30 3.98 45.13
CA GLY KA 270 -72.28 3.89 43.69
C GLY KA 270 -73.57 4.37 43.05
N VAL KA 271 -74.70 3.89 43.56
CA VAL KA 271 -75.99 4.29 43.00
C VAL KA 271 -76.25 5.76 43.29
N ARG KA 272 -75.84 6.25 44.46
CA ARG KA 272 -76.00 7.66 44.76
C ARG KA 272 -75.23 8.52 43.78
N GLN KA 273 -74.00 8.12 43.45
CA GLN KA 273 -73.22 8.87 42.48
C GLN KA 273 -73.84 8.77 41.09
N ARG KA 274 -74.42 7.62 40.74
CA ARG KA 274 -75.06 7.50 39.45
C ARG KA 274 -76.26 8.44 39.35
N LEU KA 275 -77.03 8.58 40.44
CA LEU KA 275 -78.22 9.41 40.39
C LEU KA 275 -77.87 10.89 40.41
N LEU KA 276 -76.97 11.29 41.31
CA LEU KA 276 -76.69 12.71 41.49
C LEU KA 276 -75.92 13.33 40.34
N HIS KA 277 -75.61 12.57 39.30
CA HIS KA 277 -74.81 13.07 38.20
C HIS KA 277 -75.60 13.24 36.90
N HIS KA 278 -76.70 12.51 36.73
CA HIS KA 278 -77.37 12.53 35.43
C HIS KA 278 -78.88 12.76 35.52
N VAL KA 279 -79.54 12.27 36.57
CA VAL KA 279 -80.98 12.16 36.57
C VAL KA 279 -81.67 12.99 37.65
N LEU KA 280 -80.97 13.42 38.70
CA LEU KA 280 -81.58 14.19 39.77
C LEU KA 280 -80.74 15.42 40.05
N THR KA 281 -81.22 16.27 40.96
CA THR KA 281 -80.50 17.47 41.38
C THR KA 281 -80.68 17.67 42.87
N LEU KA 282 -79.62 18.14 43.52
CA LEU KA 282 -79.72 18.51 44.93
C LEU KA 282 -80.72 19.63 45.12
N ALA KA 283 -81.86 19.34 45.74
CA ALA KA 283 -82.82 20.39 46.03
C ALA KA 283 -82.25 21.40 47.01
N ASP KA 284 -81.65 20.92 48.10
CA ASP KA 284 -81.01 21.78 49.08
C ASP KA 284 -79.82 21.04 49.66
N THR KA 285 -79.17 21.65 50.65
CA THR KA 285 -78.03 21.03 51.29
C THR KA 285 -78.01 21.26 52.80
N HIS KA 286 -79.03 21.87 53.39
CA HIS KA 286 -79.11 22.05 54.83
C HIS KA 286 -80.53 21.80 55.26
N ALA KA 287 -80.72 20.95 56.27
CA ALA KA 287 -82.01 20.69 56.86
C ALA KA 287 -82.01 21.14 58.32
N ASP KA 288 -83.19 21.18 58.91
CA ASP KA 288 -83.35 21.58 60.32
C ASP KA 288 -84.07 20.45 61.04
N VAL KA 289 -83.33 19.67 61.82
CA VAL KA 289 -83.87 18.51 62.51
C VAL KA 289 -84.09 18.87 63.97
N PRO KA 290 -84.83 18.08 64.74
CA PRO KA 290 -84.92 18.33 66.18
C PRO KA 290 -83.68 17.78 66.88
N VAL KA 291 -83.52 18.19 68.13
CA VAL KA 291 -82.30 17.92 68.88
C VAL KA 291 -82.54 17.12 70.15
N THR KA 292 -83.70 16.48 70.30
CA THR KA 292 -84.01 15.81 71.54
C THR KA 292 -84.91 14.62 71.27
N TYR KA 293 -84.67 13.53 72.00
CA TYR KA 293 -85.48 12.33 71.90
C TYR KA 293 -86.90 12.61 72.38
N GLY KA 294 -87.74 11.59 72.31
CA GLY KA 294 -89.04 11.63 72.95
C GLY KA 294 -88.88 11.50 74.45
N GLU KA 295 -89.98 11.16 75.10
CA GLU KA 295 -89.96 10.97 76.55
C GLU KA 295 -91.24 10.26 77.01
N MET KA 296 -91.09 9.20 77.80
CA MET KA 296 -92.24 8.48 78.32
C MET KA 296 -91.89 7.90 79.67
N VAL KA 297 -92.80 8.07 80.63
CA VAL KA 297 -92.58 7.65 82.01
C VAL KA 297 -93.92 7.31 82.63
N ILE KA 298 -93.89 6.43 83.63
CA ILE KA 298 -95.08 6.01 84.36
C ILE KA 298 -95.04 6.64 85.75
N ALA KA 299 -96.11 7.37 86.10
CA ALA KA 299 -96.11 8.06 87.38
C ALA KA 299 -97.50 8.56 87.70
N ASN KA 300 -97.84 8.48 88.99
CA ASN KA 300 -98.89 9.23 89.68
C ASN KA 300 -100.30 8.84 89.27
N THR KA 301 -100.46 8.12 88.18
CA THR KA 301 -101.66 7.29 88.02
C THR KA 301 -101.38 5.93 87.41
N ASN KA 302 -100.41 5.82 86.49
CA ASN KA 302 -100.05 4.50 85.97
C ASN KA 302 -99.28 3.72 87.00
N LEU KA 303 -98.61 4.41 87.93
CA LEU KA 303 -97.82 3.72 88.94
C LEU KA 303 -98.70 2.80 89.78
N VAL KA 304 -99.83 3.32 90.23
CA VAL KA 304 -100.74 2.54 91.06
C VAL KA 304 -101.19 1.29 90.34
N THR KA 305 -101.72 1.45 89.13
CA THR KA 305 -102.28 0.33 88.41
C THR KA 305 -101.20 -0.64 87.94
N ALA KA 306 -100.00 -0.14 87.68
CA ALA KA 306 -98.91 -1.01 87.29
C ALA KA 306 -98.41 -1.83 88.47
N LEU KA 307 -98.51 -1.29 89.68
CA LEU KA 307 -98.07 -2.06 90.84
C LEU KA 307 -99.12 -3.05 91.30
N VAL KA 308 -100.40 -2.68 91.28
CA VAL KA 308 -101.43 -3.50 91.90
C VAL KA 308 -102.27 -4.25 90.87
N MET KA 309 -102.64 -3.62 89.76
CA MET KA 309 -103.45 -4.31 88.76
C MET KA 309 -102.59 -5.17 87.86
N GLY KA 310 -101.52 -4.60 87.33
CA GLY KA 310 -100.64 -5.29 86.42
C GLY KA 310 -100.67 -4.78 84.99
N LYS KA 311 -101.14 -3.56 84.75
CA LYS KA 311 -101.21 -3.00 83.41
C LYS KA 311 -100.89 -1.52 83.48
N ALA KA 312 -100.74 -0.91 82.31
CA ALA KA 312 -100.52 0.52 82.21
C ALA KA 312 -100.99 0.99 80.84
N VAL KA 313 -101.02 2.32 80.66
CA VAL KA 313 -101.42 2.89 79.40
C VAL KA 313 -100.58 4.15 79.15
N SER KA 314 -100.40 4.47 77.88
CA SER KA 314 -99.58 5.63 77.51
C SER KA 314 -100.16 6.91 78.11
N ASN KA 315 -101.42 7.18 77.80
CA ASN KA 315 -102.07 8.42 78.21
C ASN KA 315 -103.15 8.07 79.23
N MET KA 316 -102.75 7.95 80.49
CA MET KA 316 -103.74 7.79 81.55
C MET KA 316 -104.22 9.12 82.07
N ASP KA 317 -103.39 10.16 82.01
CA ASP KA 317 -103.83 11.48 82.43
C ASP KA 317 -104.99 11.96 81.57
N ASP KA 318 -104.89 11.78 80.26
CA ASP KA 318 -105.94 12.26 79.37
C ASP KA 318 -107.25 11.52 79.62
N VAL KA 319 -107.19 10.18 79.72
CA VAL KA 319 -108.39 9.40 79.97
C VAL KA 319 -109.01 9.74 81.31
N ALA KA 320 -108.15 9.88 82.34
CA ALA KA 320 -108.65 10.24 83.67
C ALA KA 320 -109.36 11.58 83.63
N ARG KA 321 -108.69 12.61 83.12
CA ARG KA 321 -109.34 13.91 82.95
C ARG KA 321 -110.66 13.77 82.21
N TYR KA 322 -110.72 12.87 81.23
CA TYR KA 322 -111.91 12.77 80.41
C TYR KA 322 -113.08 12.19 81.20
N LEU KA 323 -112.90 11.00 81.77
CA LEU KA 323 -114.02 10.34 82.43
C LEU KA 323 -114.42 11.04 83.73
N LEU KA 324 -113.66 12.02 84.18
CA LEU KA 324 -114.00 12.83 85.33
C LEU KA 324 -114.13 14.29 84.88
N GLY KA 325 -114.23 15.19 85.84
CA GLY KA 325 -114.32 16.61 85.53
C GLY KA 325 -113.23 17.11 84.59
N GLY KA 326 -111.99 17.09 85.06
CA GLY KA 326 -110.87 17.55 84.25
C GLY KA 326 -110.66 19.04 84.27
N GLY KA 337 -86.77 22.18 70.38
CA GLY KA 337 -85.58 22.82 69.82
C GLY KA 337 -85.36 22.48 68.36
N SER KA 338 -84.33 23.08 67.76
CA SER KA 338 -84.03 22.84 66.36
C SER KA 338 -82.52 22.86 66.17
N ALA KA 339 -82.09 22.65 64.94
CA ALA KA 339 -80.68 22.69 64.58
C ALA KA 339 -80.58 23.01 63.10
N ARG KA 340 -79.37 22.87 62.56
CA ARG KA 340 -79.15 23.05 61.13
C ARG KA 340 -78.05 22.09 60.71
N VAL KA 341 -78.41 21.08 59.94
CA VAL KA 341 -77.55 19.96 59.63
C VAL KA 341 -77.16 20.02 58.17
N ARG KA 342 -75.92 19.62 57.88
CA ARG KA 342 -75.50 19.39 56.50
C ARG KA 342 -76.07 18.06 56.03
N ALA KA 343 -76.84 18.10 54.95
CA ALA KA 343 -77.43 16.89 54.40
C ALA KA 343 -77.69 17.12 52.92
N ASP KA 344 -78.41 16.20 52.29
CA ASP KA 344 -78.70 16.28 50.87
C ASP KA 344 -80.16 15.92 50.65
N LEU KA 345 -80.93 16.87 50.12
CA LEU KA 345 -82.36 16.69 49.90
C LEU KA 345 -82.64 16.72 48.41
N VAL KA 346 -83.71 16.05 48.01
CA VAL KA 346 -84.06 15.92 46.60
C VAL KA 346 -85.57 15.91 46.46
N VAL KA 347 -86.06 16.38 45.32
CA VAL KA 347 -87.48 16.41 45.00
C VAL KA 347 -87.71 15.38 43.90
N VAL KA 348 -88.25 14.23 44.26
CA VAL KA 348 -88.54 13.17 43.30
C VAL KA 348 -90.05 12.99 43.24
N GLY KA 349 -90.57 12.81 42.02
CA GLY KA 349 -92.00 12.71 41.85
C GLY KA 349 -92.70 13.97 42.34
N ASP KA 350 -93.36 13.86 43.48
CA ASP KA 350 -93.95 15.00 44.17
C ASP KA 350 -93.22 15.35 45.44
N ARG KA 351 -92.97 14.37 46.29
CA ARG KA 351 -92.51 14.64 47.65
C ARG KA 351 -91.09 15.19 47.65
N LEU KA 352 -90.66 15.58 48.84
CA LEU KA 352 -89.30 16.07 49.09
C LEU KA 352 -88.69 15.13 50.11
N VAL KA 353 -87.68 14.37 49.70
CA VAL KA 353 -87.13 13.31 50.53
C VAL KA 353 -85.65 13.54 50.75
N PHE KA 354 -85.11 12.88 51.77
CA PHE KA 354 -83.68 12.87 52.00
C PHE KA 354 -83.00 11.97 50.97
N LEU KA 355 -81.67 11.95 51.01
CA LEU KA 355 -80.91 11.05 50.15
C LEU KA 355 -79.61 10.74 50.88
N GLU KA 356 -79.58 9.63 51.60
CA GLU KA 356 -78.47 9.30 52.47
C GLU KA 356 -77.81 8.02 52.01
N ALA KA 357 -76.49 7.97 52.17
CA ALA KA 357 -75.72 6.75 51.99
C ALA KA 357 -74.77 6.64 53.17
N LEU KA 358 -74.87 5.54 53.90
CA LEU KA 358 -74.16 5.39 55.16
C LEU KA 358 -72.94 4.48 55.02
N GLU KA 359 -72.26 4.54 53.89
CA GLU KA 359 -71.05 3.77 53.70
C GLU KA 359 -69.81 4.47 54.24
N LYS KA 360 -69.82 5.80 54.27
CA LYS KA 360 -68.65 6.55 54.72
C LYS KA 360 -68.75 6.90 56.19
N ARG KA 361 -69.84 7.54 56.61
CA ARG KA 361 -70.01 7.88 58.01
C ARG KA 361 -69.96 6.64 58.89
N VAL KA 362 -70.76 5.64 58.55
CA VAL KA 362 -70.84 4.39 59.29
C VAL KA 362 -70.25 3.30 58.43
N TYR KA 363 -69.89 2.19 59.08
CA TYR KA 363 -69.47 0.96 58.42
C TYR KA 363 -68.08 1.05 57.81
N GLN KA 364 -67.48 2.22 57.80
CA GLN KA 364 -66.16 2.37 57.22
C GLN KA 364 -65.12 1.87 58.20
N ALA KA 365 -64.21 1.03 57.72
CA ALA KA 365 -63.13 0.51 58.54
C ALA KA 365 -63.65 -0.23 59.76
N THR KA 366 -64.66 -1.05 59.56
CA THR KA 366 -65.11 -1.99 60.59
C THR KA 366 -65.63 -3.24 59.90
N GLN KA 367 -65.43 -4.39 60.57
CA GLN KA 367 -65.59 -5.66 59.90
C GLN KA 367 -67.02 -5.96 59.48
N VAL KA 368 -68.00 -5.26 60.05
CA VAL KA 368 -69.40 -5.53 59.74
C VAL KA 368 -69.68 -5.13 58.30
N PRO KA 369 -70.50 -5.86 57.56
CA PRO KA 369 -70.82 -5.48 56.20
C PRO KA 369 -72.02 -4.53 56.12
N TYR KA 370 -72.33 -4.13 54.91
CA TYR KA 370 -73.43 -3.19 54.65
C TYR KA 370 -74.71 -3.96 54.39
N PRO KA 371 -75.83 -3.59 55.02
CA PRO KA 371 -77.05 -4.38 54.92
C PRO KA 371 -77.97 -4.05 53.75
N LEU KA 372 -77.51 -3.33 52.73
CA LEU KA 372 -78.32 -3.08 51.55
C LEU KA 372 -77.81 -3.81 50.31
N VAL KA 373 -76.74 -4.58 50.43
CA VAL KA 373 -76.28 -5.43 49.32
C VAL KA 373 -77.03 -6.75 49.49
N GLY KA 374 -78.26 -6.76 48.99
CA GLY KA 374 -79.14 -7.90 49.19
C GLY KA 374 -78.69 -9.11 48.41
N ASN KA 375 -79.48 -10.16 48.52
CA ASN KA 375 -79.22 -11.42 47.83
C ASN KA 375 -80.50 -11.90 47.16
N LEU KA 376 -80.43 -12.10 45.85
CA LEU KA 376 -81.53 -12.62 45.05
C LEU KA 376 -81.25 -14.07 44.70
N ASP KA 377 -82.30 -14.90 44.72
CA ASP KA 377 -82.16 -16.35 44.56
C ASP KA 377 -83.08 -16.84 43.45
N VAL KA 378 -82.49 -17.37 42.39
CA VAL KA 378 -83.23 -17.89 41.24
C VAL KA 378 -82.84 -19.33 41.03
N THR KA 379 -83.77 -20.12 40.49
CA THR KA 379 -83.56 -21.55 40.27
C THR KA 379 -83.78 -21.88 38.80
N PHE KA 380 -82.72 -22.36 38.15
CA PHE KA 380 -82.81 -22.72 36.74
C PHE KA 380 -83.18 -24.19 36.59
N VAL KA 381 -83.72 -24.53 35.41
CA VAL KA 381 -83.99 -25.92 35.05
C VAL KA 381 -83.69 -26.08 33.57
N MET KA 382 -83.27 -27.29 33.20
CA MET KA 382 -82.97 -27.54 31.81
C MET KA 382 -83.22 -29.01 31.49
N PRO KA 383 -83.91 -29.31 30.41
CA PRO KA 383 -84.11 -30.71 30.03
C PRO KA 383 -82.80 -31.31 29.58
N LEU KA 384 -82.63 -32.61 29.85
CA LEU KA 384 -81.36 -33.27 29.59
C LEU KA 384 -81.37 -34.10 28.31
N GLY KA 385 -82.29 -35.06 28.20
CA GLY KA 385 -82.21 -35.96 27.08
C GLY KA 385 -83.52 -36.18 26.36
N VAL KA 386 -84.38 -35.18 26.31
CA VAL KA 386 -85.69 -35.32 25.69
C VAL KA 386 -85.50 -35.57 24.20
N PHE KA 387 -86.55 -36.03 23.54
CA PHE KA 387 -86.51 -36.32 22.11
C PHE KA 387 -87.75 -35.72 21.48
N LYS KA 388 -87.54 -34.81 20.53
CA LYS KA 388 -88.66 -34.17 19.87
C LYS KA 388 -89.47 -35.19 19.08
N PRO KA 389 -90.75 -34.95 18.87
CA PRO KA 389 -91.57 -35.89 18.10
C PRO KA 389 -91.17 -35.94 16.65
N ALA KA 390 -91.89 -36.71 15.84
CA ALA KA 390 -91.47 -36.94 14.46
C ALA KA 390 -91.73 -35.74 13.56
N ALA KA 391 -92.67 -34.88 13.90
CA ALA KA 391 -93.07 -33.79 13.03
C ALA KA 391 -92.27 -32.52 13.26
N ASP KA 392 -91.33 -32.51 14.18
CA ASP KA 392 -90.55 -31.31 14.49
C ASP KA 392 -89.07 -31.49 14.23
N ARG KA 393 -88.65 -32.63 13.70
CA ARG KA 393 -87.25 -32.82 13.32
C ARG KA 393 -87.11 -32.36 11.89
N TYR KA 394 -86.87 -31.06 11.71
CA TYR KA 394 -86.81 -30.46 10.40
C TYR KA 394 -85.65 -29.47 10.37
N ALA KA 395 -84.85 -29.52 9.31
CA ALA KA 395 -83.83 -28.52 9.12
C ALA KA 395 -84.48 -27.21 8.70
N ARG KA 396 -83.86 -26.09 9.10
CA ARG KA 396 -84.42 -24.79 8.76
C ARG KA 396 -84.14 -24.42 7.31
N HIS KA 397 -82.90 -24.54 6.89
CA HIS KA 397 -82.50 -24.35 5.50
C HIS KA 397 -81.88 -25.62 4.97
N ALA KA 398 -81.84 -25.74 3.64
CA ALA KA 398 -81.28 -26.94 3.02
C ALA KA 398 -79.79 -27.08 3.33
N GLY KA 399 -79.08 -25.98 3.39
CA GLY KA 399 -77.67 -26.03 3.73
C GLY KA 399 -77.48 -26.02 5.22
N SER KA 400 -77.35 -27.20 5.79
CA SER KA 400 -77.35 -27.38 7.23
C SER KA 400 -75.92 -27.32 7.76
N PHE KA 401 -75.74 -27.74 9.00
CA PHE KA 401 -74.40 -28.02 9.50
C PHE KA 401 -73.96 -29.35 8.89
N ALA KA 402 -73.62 -29.29 7.62
CA ALA KA 402 -73.31 -30.50 6.88
C ALA KA 402 -72.08 -31.18 7.48
N PRO KA 403 -72.10 -32.49 7.61
CA PRO KA 403 -70.95 -33.20 8.18
C PRO KA 403 -69.89 -33.42 7.10
N THR KA 404 -68.73 -33.90 7.55
CA THR KA 404 -67.63 -34.11 6.62
C THR KA 404 -68.05 -35.10 5.54
N PRO KA 405 -67.66 -34.87 4.30
CA PRO KA 405 -68.17 -35.70 3.20
C PRO KA 405 -67.75 -37.16 3.33
N GLY KA 406 -68.72 -38.04 3.51
CA GLY KA 406 -68.47 -39.44 3.72
C GLY KA 406 -68.62 -39.91 5.14
N LEU KA 407 -69.39 -39.22 5.97
CA LEU KA 407 -69.64 -39.61 7.34
C LEU KA 407 -71.13 -39.49 7.59
N PRO KA 408 -71.71 -40.42 8.34
CA PRO KA 408 -73.14 -40.34 8.65
C PRO KA 408 -73.43 -39.16 9.56
N ASP KA 409 -74.36 -38.31 9.14
CA ASP KA 409 -74.73 -37.10 9.87
C ASP KA 409 -75.03 -37.43 11.32
N PRO KA 410 -74.19 -37.00 12.26
CA PRO KA 410 -74.42 -37.28 13.68
C PRO KA 410 -75.29 -36.26 14.39
N ARG KA 411 -75.98 -35.38 13.68
CA ARG KA 411 -76.91 -34.44 14.29
C ARG KA 411 -78.31 -35.01 14.43
N THR KA 412 -78.60 -36.14 13.81
CA THR KA 412 -79.93 -36.72 13.80
C THR KA 412 -80.21 -37.62 15.00
N HIS KA 413 -79.24 -38.01 15.68
CA HIS KA 413 -79.43 -38.99 16.73
C HIS KA 413 -79.90 -38.32 18.02
N PRO KA 414 -80.61 -39.05 18.89
CA PRO KA 414 -81.17 -38.44 20.09
C PRO KA 414 -80.08 -37.86 20.98
N PRO KA 415 -80.19 -36.61 21.38
CA PRO KA 415 -79.11 -35.95 22.10
C PRO KA 415 -78.89 -36.61 23.46
N ARG KA 416 -77.69 -36.40 24.00
CA ARG KA 416 -77.40 -36.99 25.29
C ARG KA 416 -76.57 -36.07 26.19
N ALA KA 417 -76.57 -34.77 25.93
CA ALA KA 417 -75.91 -33.81 26.81
C ALA KA 417 -76.42 -32.43 26.48
N VAL KA 418 -76.26 -31.50 27.43
CA VAL KA 418 -76.65 -30.12 27.22
C VAL KA 418 -75.47 -29.22 27.59
N HIS KA 419 -75.34 -28.12 26.85
CA HIS KA 419 -74.27 -27.16 27.08
C HIS KA 419 -74.88 -25.83 27.51
N PHE KA 420 -74.29 -25.21 28.51
CA PHE KA 420 -74.71 -23.89 28.96
C PHE KA 420 -73.48 -23.12 29.39
N PHE KA 421 -73.69 -21.90 29.87
CA PHE KA 421 -72.59 -21.00 30.16
C PHE KA 421 -72.36 -20.89 31.66
N ASN KA 422 -71.10 -20.71 32.02
CA ASN KA 422 -70.67 -20.59 33.40
C ASN KA 422 -70.95 -19.17 33.88
N LYS KA 423 -70.40 -18.81 35.05
CA LYS KA 423 -70.54 -17.43 35.51
C LYS KA 423 -69.80 -16.46 34.61
N ASP KA 424 -68.67 -16.87 34.05
CA ASP KA 424 -67.91 -15.98 33.19
C ASP KA 424 -68.26 -16.14 31.72
N GLY KA 425 -68.48 -17.37 31.28
CA GLY KA 425 -68.76 -17.63 29.89
C GLY KA 425 -68.08 -18.90 29.42
N VAL KA 426 -67.14 -19.39 30.23
CA VAL KA 426 -66.43 -20.63 29.92
C VAL KA 426 -67.46 -21.75 29.84
N PRO KA 427 -67.66 -22.36 28.67
CA PRO KA 427 -68.73 -23.35 28.52
C PRO KA 427 -68.47 -24.58 29.38
N CYS KA 428 -69.43 -24.89 30.25
CA CYS KA 428 -69.35 -26.05 31.13
C CYS KA 428 -70.61 -26.88 30.92
N HIS KA 429 -70.44 -28.10 30.43
CA HIS KA 429 -71.54 -28.93 29.98
C HIS KA 429 -71.89 -30.00 31.01
N VAL KA 430 -73.07 -30.58 30.83
CA VAL KA 430 -73.58 -31.64 31.70
C VAL KA 430 -74.02 -32.81 30.82
N THR KA 431 -73.57 -34.01 31.17
CA THR KA 431 -73.90 -35.21 30.44
C THR KA 431 -74.53 -36.23 31.37
N PHE KA 432 -74.91 -37.38 30.78
CA PHE KA 432 -75.58 -38.42 31.54
C PHE KA 432 -74.71 -38.92 32.70
N GLU KA 433 -73.49 -39.35 32.39
CA GLU KA 433 -72.64 -39.98 33.39
C GLU KA 433 -72.40 -39.10 34.62
N HIS KA 434 -72.83 -37.84 34.58
CA HIS KA 434 -72.84 -37.05 35.79
C HIS KA 434 -73.96 -37.48 36.72
N ALA KA 435 -75.05 -38.01 36.18
CA ALA KA 435 -76.20 -38.37 36.98
C ALA KA 435 -76.05 -39.73 37.65
N MET KA 436 -74.85 -40.32 37.65
CA MET KA 436 -74.68 -41.63 38.27
C MET KA 436 -74.95 -41.56 39.77
N GLY KA 437 -74.66 -40.41 40.39
CA GLY KA 437 -74.84 -40.27 41.82
C GLY KA 437 -76.27 -40.40 42.29
N THR KA 438 -77.22 -40.48 41.37
CA THR KA 438 -78.62 -40.64 41.72
C THR KA 438 -79.20 -41.94 41.23
N LEU KA 439 -79.00 -42.28 39.95
CA LEU KA 439 -79.55 -43.50 39.38
C LEU KA 439 -78.75 -44.74 39.71
N CYS KA 440 -77.72 -44.64 40.55
CA CYS KA 440 -76.96 -45.81 41.01
C CYS KA 440 -76.89 -45.74 42.52
N HIS KA 441 -77.95 -46.21 43.17
CA HIS KA 441 -78.05 -46.12 44.61
C HIS KA 441 -79.26 -46.94 45.05
N PRO KA 442 -79.17 -47.67 46.15
CA PRO KA 442 -80.26 -48.57 46.56
C PRO KA 442 -81.61 -47.88 46.62
N SER KA 443 -81.61 -46.57 46.85
CA SER KA 443 -82.86 -45.83 46.90
C SER KA 443 -83.62 -45.90 45.58
N PHE KA 444 -82.94 -46.20 44.47
CA PHE KA 444 -83.61 -46.37 43.20
C PHE KA 444 -84.52 -47.58 43.19
N LEU KA 445 -84.44 -48.45 44.19
CA LEU KA 445 -85.26 -49.65 44.30
C LEU KA 445 -85.97 -49.70 45.63
N ASP KA 446 -86.61 -48.60 45.99
CA ASP KA 446 -87.31 -48.47 47.27
C ASP KA 446 -88.80 -48.29 46.99
N VAL KA 447 -89.57 -49.34 47.21
CA VAL KA 447 -91.00 -49.31 46.89
C VAL KA 447 -91.83 -49.83 48.06
N ASP KA 448 -91.19 -50.08 49.20
CA ASP KA 448 -91.90 -50.68 50.32
C ASP KA 448 -93.02 -49.78 50.81
N ALA KA 449 -92.70 -48.53 51.15
CA ALA KA 449 -93.72 -47.63 51.66
C ALA KA 449 -94.75 -47.29 50.60
N THR KA 450 -94.38 -47.27 49.33
CA THR KA 450 -95.35 -47.03 48.28
C THR KA 450 -96.43 -48.10 48.28
N LEU KA 451 -96.03 -49.37 48.39
CA LEU KA 451 -97.00 -50.44 48.56
C LEU KA 451 -97.82 -50.23 49.83
N ALA KA 452 -97.13 -50.04 50.96
CA ALA KA 452 -97.82 -49.92 52.23
C ALA KA 452 -98.86 -48.81 52.21
N ALA KA 453 -98.65 -47.80 51.37
CA ALA KA 453 -99.63 -46.72 51.24
C ALA KA 453 -100.70 -47.03 50.21
N LEU KA 454 -100.38 -47.78 49.16
CA LEU KA 454 -101.37 -48.15 48.17
C LEU KA 454 -102.25 -49.30 48.62
N ARG KA 455 -101.97 -49.91 49.77
CA ARG KA 455 -102.82 -50.94 50.34
C ARG KA 455 -103.87 -50.36 51.28
N GLN KA 456 -104.12 -49.06 51.21
CA GLN KA 456 -105.16 -48.44 52.01
C GLN KA 456 -106.53 -48.57 51.36
N GLU KA 457 -106.64 -48.15 50.11
CA GLU KA 457 -107.80 -48.52 49.33
C GLU KA 457 -107.88 -50.04 49.29
N PRO KA 458 -109.04 -50.65 49.58
CA PRO KA 458 -109.08 -52.11 49.82
C PRO KA 458 -108.60 -52.96 48.66
N ALA KA 459 -109.31 -52.92 47.53
CA ALA KA 459 -108.96 -53.68 46.33
C ALA KA 459 -110.03 -53.40 45.28
N GLU KA 460 -109.78 -53.89 44.07
CA GLU KA 460 -110.79 -53.95 43.02
C GLU KA 460 -110.28 -54.89 41.94
N VAL KA 461 -111.02 -55.95 41.64
CA VAL KA 461 -110.53 -56.94 40.70
C VAL KA 461 -111.25 -56.80 39.36
N GLN KA 462 -110.66 -56.05 38.44
CA GLN KA 462 -111.27 -55.88 37.13
C GLN KA 462 -110.96 -57.06 36.22
N CYS KA 463 -109.69 -57.25 35.90
CA CYS KA 463 -109.24 -58.32 35.02
C CYS KA 463 -108.31 -59.25 35.77
N ALA KA 464 -108.31 -60.51 35.36
CA ALA KA 464 -107.47 -61.51 35.99
C ALA KA 464 -106.59 -62.24 35.01
N PHE KA 465 -106.67 -61.93 33.72
CA PHE KA 465 -105.96 -62.68 32.70
C PHE KA 465 -104.45 -62.62 32.90
N GLY KA 466 -103.87 -61.43 32.76
CA GLY KA 466 -102.43 -61.34 32.73
C GLY KA 466 -101.76 -61.16 34.08
N ALA KA 467 -102.41 -61.60 35.15
CA ALA KA 467 -101.84 -61.43 36.47
C ALA KA 467 -102.03 -62.69 37.31
N TYR KA 468 -101.82 -63.85 36.70
CA TYR KA 468 -102.07 -65.10 37.40
C TYR KA 468 -101.43 -66.24 36.63
N VAL KA 469 -100.78 -67.15 37.37
CA VAL KA 469 -100.14 -68.32 36.80
C VAL KA 469 -100.54 -69.53 37.65
N ALA KA 470 -100.51 -70.71 37.04
CA ALA KA 470 -100.94 -71.92 37.71
C ALA KA 470 -100.00 -73.07 37.38
N ASP KA 471 -99.63 -73.84 38.41
CA ASP KA 471 -98.76 -75.00 38.24
C ASP KA 471 -99.57 -76.13 37.63
N ALA KA 472 -99.26 -76.49 36.39
CA ALA KA 472 -100.05 -77.48 35.67
C ALA KA 472 -99.63 -78.89 36.02
N ARG KA 473 -100.62 -79.76 36.17
CA ARG KA 473 -100.41 -81.17 36.47
C ARG KA 473 -100.05 -81.90 35.18
N PRO KA 474 -99.81 -83.22 35.24
CA PRO KA 474 -99.51 -83.96 34.01
C PRO KA 474 -100.68 -84.02 33.04
N ASP KA 475 -100.56 -84.79 31.96
CA ASP KA 475 -101.43 -84.68 30.79
C ASP KA 475 -101.25 -83.32 30.12
N ALA KA 476 -100.04 -83.14 29.60
CA ALA KA 476 -99.56 -81.83 29.17
C ALA KA 476 -99.90 -81.52 27.72
N LEU KA 477 -100.23 -80.25 27.47
CA LEU KA 477 -100.12 -79.55 26.20
C LEU KA 477 -101.19 -79.89 25.17
N VAL KA 478 -102.07 -80.84 25.42
CA VAL KA 478 -103.20 -81.02 24.51
C VAL KA 478 -104.50 -80.90 25.31
N GLY KA 479 -104.66 -81.79 26.28
CA GLY KA 479 -105.75 -81.60 27.23
C GLY KA 479 -105.70 -80.31 28.01
N LEU KA 480 -104.50 -79.84 28.33
CA LEU KA 480 -104.36 -78.55 29.00
C LEU KA 480 -104.74 -77.38 28.08
N MET KA 481 -104.33 -77.47 26.82
CA MET KA 481 -104.69 -76.43 25.86
C MET KA 481 -106.21 -76.40 25.75
N GLN KA 482 -106.83 -77.56 25.63
CA GLN KA 482 -108.28 -77.62 25.53
C GLN KA 482 -108.94 -77.04 26.78
N ARG KA 483 -108.49 -77.49 27.95
CA ARG KA 483 -109.06 -77.00 29.20
C ARG KA 483 -108.88 -75.49 29.32
N PHE KA 484 -107.71 -74.97 28.94
CA PHE KA 484 -107.48 -73.53 29.05
C PHE KA 484 -108.42 -72.76 28.13
N LEU KA 485 -108.47 -73.16 26.86
CA LEU KA 485 -109.30 -72.44 25.90
C LEU KA 485 -110.75 -72.37 26.33
N GLU KA 486 -111.21 -73.36 27.11
CA GLU KA 486 -112.60 -73.39 27.52
C GLU KA 486 -112.90 -72.26 28.50
N GLU KA 487 -112.16 -72.20 29.60
CA GLU KA 487 -112.45 -71.24 30.65
C GLU KA 487 -111.94 -69.85 30.34
N TRP KA 488 -111.40 -69.61 29.13
CA TRP KA 488 -110.80 -68.31 28.83
C TRP KA 488 -111.81 -67.18 28.83
N PRO KA 489 -112.93 -67.25 28.10
CA PRO KA 489 -113.85 -66.09 28.10
C PRO KA 489 -114.30 -65.68 29.47
N GLY KA 490 -114.48 -66.64 30.38
CA GLY KA 490 -114.84 -66.30 31.74
C GLY KA 490 -113.74 -65.71 32.56
N MET KA 491 -112.53 -65.60 32.03
CA MET KA 491 -111.41 -65.07 32.79
C MET KA 491 -111.24 -63.57 32.63
N MET KA 492 -111.62 -63.02 31.48
CA MET KA 492 -111.55 -61.58 31.25
C MET KA 492 -112.97 -61.02 31.22
N PRO KA 493 -113.49 -60.55 32.36
CA PRO KA 493 -114.82 -59.91 32.31
C PRO KA 493 -114.83 -58.68 31.43
N VAL KA 494 -113.92 -57.75 31.68
CA VAL KA 494 -113.65 -56.64 30.78
C VAL KA 494 -112.26 -56.85 30.20
N ARG KA 495 -111.97 -56.14 29.13
CA ARG KA 495 -110.67 -56.25 28.51
C ARG KA 495 -109.60 -55.83 29.52
N PRO KA 496 -108.46 -56.53 29.56
CA PRO KA 496 -107.39 -56.14 30.48
C PRO KA 496 -106.63 -54.93 29.94
N ARG KA 497 -106.23 -54.05 30.85
CA ARG KA 497 -105.62 -52.81 30.39
C ARG KA 497 -104.25 -53.04 29.77
N TRP KA 498 -103.50 -54.03 30.25
CA TRP KA 498 -102.16 -54.25 29.73
C TRP KA 498 -102.18 -54.69 28.29
N ALA KA 499 -103.24 -55.37 27.87
CA ALA KA 499 -103.27 -55.94 26.51
C ALA KA 499 -103.49 -54.86 25.47
N ALA KA 500 -104.63 -54.19 25.54
CA ALA KA 500 -104.87 -53.08 24.64
C ALA KA 500 -103.99 -51.91 25.05
N PRO KA 501 -103.49 -51.12 24.10
CA PRO KA 501 -102.72 -49.93 24.48
C PRO KA 501 -103.62 -48.96 25.23
N ALA KA 502 -103.07 -48.43 26.33
CA ALA KA 502 -103.83 -47.46 27.11
C ALA KA 502 -104.23 -46.26 26.26
N ALA KA 503 -103.24 -45.50 25.79
CA ALA KA 503 -103.44 -44.37 24.90
C ALA KA 503 -102.07 -43.90 24.44
N ALA KA 504 -102.05 -42.79 23.71
CA ALA KA 504 -100.81 -42.08 23.42
C ALA KA 504 -100.64 -40.84 24.29
N ASP KA 505 -101.72 -40.07 24.46
CA ASP KA 505 -101.76 -38.93 25.35
C ASP KA 505 -102.87 -39.00 26.37
N GLN KA 506 -104.00 -39.62 26.03
CA GLN KA 506 -105.08 -39.79 26.99
C GLN KA 506 -104.66 -40.55 28.23
N LEU KA 507 -103.47 -41.17 28.23
CA LEU KA 507 -102.95 -41.67 29.49
C LEU KA 507 -102.74 -40.55 30.48
N LEU KA 508 -102.46 -39.35 29.98
CA LEU KA 508 -102.32 -38.16 30.81
C LEU KA 508 -103.62 -37.39 30.95
N ALA KA 509 -104.75 -38.00 30.63
CA ALA KA 509 -106.03 -37.35 30.79
C ALA KA 509 -106.26 -37.00 32.25
N PRO KA 510 -107.15 -36.05 32.54
CA PRO KA 510 -107.41 -35.68 33.93
C PRO KA 510 -108.28 -36.64 34.70
N GLY KA 511 -108.74 -37.73 34.08
CA GLY KA 511 -109.64 -38.63 34.78
C GLY KA 511 -109.33 -40.10 34.60
N ASN KA 512 -108.32 -40.41 33.80
CA ASN KA 512 -108.00 -41.80 33.49
C ASN KA 512 -107.62 -42.57 34.75
N ALA KA 513 -107.70 -43.90 34.65
CA ALA KA 513 -107.49 -44.78 35.78
C ALA KA 513 -106.12 -45.44 35.78
N ASP KA 514 -105.19 -44.96 34.96
CA ASP KA 514 -103.84 -45.50 34.91
C ASP KA 514 -102.84 -44.62 35.64
N LEU KA 515 -102.98 -43.30 35.53
CA LEU KA 515 -102.09 -42.39 36.23
C LEU KA 515 -102.00 -42.68 37.72
N ARG KA 516 -102.99 -43.36 38.28
CA ARG KA 516 -102.95 -43.75 39.68
C ARG KA 516 -102.04 -44.94 39.91
N LEU KA 517 -101.44 -45.51 38.87
CA LEU KA 517 -100.62 -46.70 39.06
C LEU KA 517 -99.32 -46.68 38.26
N GLU KA 518 -99.01 -45.57 37.59
CA GLU KA 518 -97.73 -45.42 36.90
C GLU KA 518 -96.94 -44.35 37.64
N LEU KA 519 -96.16 -44.79 38.63
CA LEU KA 519 -95.49 -43.83 39.50
C LEU KA 519 -94.06 -44.25 39.83
N HIS KA 520 -93.40 -44.94 38.92
CA HIS KA 520 -92.00 -45.28 39.05
C HIS KA 520 -91.48 -45.79 37.72
N PRO KA 521 -90.31 -45.34 37.25
CA PRO KA 521 -89.85 -45.75 35.92
C PRO KA 521 -89.35 -47.17 35.86
N ALA KA 522 -88.86 -47.72 36.97
CA ALA KA 522 -88.23 -49.03 36.96
C ALA KA 522 -89.17 -50.16 37.36
N PHE KA 523 -90.25 -49.87 38.06
CA PHE KA 523 -91.16 -50.89 38.55
C PHE KA 523 -92.46 -50.87 37.76
N ASP KA 524 -93.32 -51.83 38.08
CA ASP KA 524 -94.63 -51.95 37.44
C ASP KA 524 -95.60 -52.48 38.47
N PHE KA 525 -96.68 -51.75 38.69
CA PHE KA 525 -97.69 -52.11 39.67
C PHE KA 525 -98.95 -52.56 38.95
N PHE KA 526 -99.60 -53.58 39.49
CA PHE KA 526 -100.81 -54.11 38.88
C PHE KA 526 -101.72 -54.62 39.99
N VAL KA 527 -102.81 -55.29 39.59
CA VAL KA 527 -103.81 -55.79 40.50
C VAL KA 527 -103.98 -57.28 40.25
N ALA KA 528 -103.60 -58.10 41.22
CA ALA KA 528 -103.69 -59.54 41.09
C ALA KA 528 -104.50 -60.13 42.24
N PRO KA 529 -105.18 -61.25 42.01
CA PRO KA 529 -105.93 -61.89 43.10
C PRO KA 529 -104.99 -62.39 44.18
N GLU KA 530 -105.44 -62.26 45.43
CA GLU KA 530 -104.60 -62.56 46.59
C GLU KA 530 -104.44 -64.08 46.72
N VAL KA 531 -103.48 -64.60 45.97
CA VAL KA 531 -103.05 -66.00 46.07
C VAL KA 531 -101.55 -66.04 45.86
N ASP KA 532 -100.90 -67.02 46.49
CA ASP KA 532 -99.49 -67.24 46.21
C ASP KA 532 -99.34 -67.86 44.83
N VAL KA 533 -98.27 -67.48 44.13
CA VAL KA 533 -98.05 -67.94 42.76
C VAL KA 533 -96.87 -68.89 42.73
N PRO KA 534 -96.93 -69.98 41.96
CA PRO KA 534 -98.07 -70.37 41.15
C PRO KA 534 -99.21 -70.91 42.00
N GLY KA 535 -100.36 -71.17 41.40
CA GLY KA 535 -101.53 -71.55 42.15
C GLY KA 535 -102.37 -72.60 41.48
N PRO KA 536 -103.60 -72.76 41.95
CA PRO KA 536 -104.48 -73.78 41.39
C PRO KA 536 -104.89 -73.44 39.97
N PHE KA 537 -105.18 -74.48 39.20
CA PHE KA 537 -105.52 -74.29 37.79
C PHE KA 537 -106.78 -73.46 37.64
N ALA KA 538 -107.75 -73.65 38.53
CA ALA KA 538 -109.00 -72.90 38.47
C ALA KA 538 -108.84 -71.60 39.25
N VAL KA 539 -109.15 -70.49 38.61
CA VAL KA 539 -108.94 -69.19 39.24
C VAL KA 539 -109.89 -69.04 40.43
N PRO KA 540 -109.43 -68.63 41.59
CA PRO KA 540 -110.33 -68.43 42.73
C PRO KA 540 -111.06 -67.09 42.63
N GLN KA 541 -111.79 -66.72 43.67
CA GLN KA 541 -112.58 -65.51 43.66
C GLN KA 541 -112.23 -64.59 44.85
N VAL KA 542 -111.00 -64.70 45.33
CA VAL KA 542 -110.57 -63.90 46.48
C VAL KA 542 -110.52 -62.43 46.10
N MET KA 543 -110.41 -61.55 47.10
CA MET KA 543 -110.27 -60.13 46.83
C MET KA 543 -108.82 -59.82 46.47
N GLY KA 544 -108.62 -59.03 45.43
CA GLY KA 544 -107.31 -58.79 44.88
C GLY KA 544 -106.43 -57.94 45.77
N GLN KA 545 -105.24 -57.64 45.26
CA GLN KA 545 -104.27 -56.81 45.95
C GLN KA 545 -103.54 -55.96 44.92
N VAL KA 546 -102.48 -55.30 45.37
CA VAL KA 546 -101.62 -54.49 44.53
C VAL KA 546 -100.19 -54.93 44.77
N ARG KA 547 -99.61 -55.65 43.82
CA ARG KA 547 -98.25 -56.12 43.93
C ARG KA 547 -97.33 -55.28 43.07
N ALA KA 548 -96.03 -55.53 43.22
CA ALA KA 548 -95.01 -54.80 42.47
C ALA KA 548 -94.10 -55.80 41.78
N MET KA 549 -93.89 -55.60 40.49
CA MET KA 549 -92.99 -56.45 39.72
C MET KA 549 -92.00 -55.56 38.98
N PRO KA 550 -90.70 -55.80 39.11
CA PRO KA 550 -89.72 -54.93 38.46
C PRO KA 550 -89.60 -55.23 36.97
N ARG KA 551 -89.71 -54.20 36.16
CA ARG KA 551 -89.40 -54.32 34.74
C ARG KA 551 -87.92 -54.59 34.60
N ILE KA 552 -87.55 -55.82 34.24
CA ILE KA 552 -86.14 -56.15 34.14
C ILE KA 552 -85.50 -55.46 32.95
N ILE KA 553 -86.25 -55.29 31.86
CA ILE KA 553 -85.71 -54.81 30.60
C ILE KA 553 -86.25 -53.41 30.35
N ASN KA 554 -85.35 -52.50 29.96
CA ASN KA 554 -85.74 -51.10 29.75
C ASN KA 554 -86.84 -50.98 28.70
N GLY KA 555 -86.93 -51.93 27.77
CA GLY KA 555 -87.95 -51.87 26.76
C GLY KA 555 -89.35 -52.03 27.29
N ASN KA 556 -89.51 -52.46 28.54
CA ASN KA 556 -90.82 -52.72 29.11
C ASN KA 556 -91.59 -51.46 29.48
N ILE KA 557 -91.06 -50.28 29.21
CA ILE KA 557 -91.83 -49.06 29.42
C ILE KA 557 -93.00 -49.03 28.44
N PRO KA 558 -94.21 -48.69 28.88
CA PRO KA 558 -95.33 -48.64 27.93
C PRO KA 558 -95.07 -47.66 26.81
N LEU KA 559 -95.75 -47.87 25.69
CA LEU KA 559 -95.49 -47.08 24.49
C LEU KA 559 -95.85 -45.61 24.67
N ALA KA 560 -96.68 -45.28 25.67
CA ALA KA 560 -97.05 -43.88 25.87
C ALA KA 560 -95.90 -43.06 26.43
N LEU KA 561 -94.93 -43.70 27.07
CA LEU KA 561 -93.82 -43.00 27.70
C LEU KA 561 -92.48 -43.28 27.03
N CYS KA 562 -92.50 -43.98 25.90
CA CYS KA 562 -91.31 -44.24 25.09
C CYS KA 562 -91.80 -44.65 23.71
N PRO KA 563 -92.28 -43.73 22.90
CA PRO KA 563 -92.97 -44.10 21.67
C PRO KA 563 -92.01 -44.75 20.67
N VAL KA 564 -92.60 -45.40 19.67
CA VAL KA 564 -91.81 -46.20 18.74
C VAL KA 564 -90.76 -45.35 18.03
N ASP KA 565 -91.06 -44.07 17.80
CA ASP KA 565 -90.13 -43.21 17.07
C ASP KA 565 -88.79 -43.15 17.77
N PHE KA 566 -88.80 -43.01 19.09
CA PHE KA 566 -87.54 -42.92 19.83
C PHE KA 566 -86.76 -44.23 19.74
N ARG KA 567 -87.45 -45.35 19.83
CA ARG KA 567 -86.77 -46.63 19.77
C ARG KA 567 -86.13 -46.85 18.42
N ASP KA 568 -86.84 -46.56 17.35
CA ASP KA 568 -86.26 -46.70 16.02
C ASP KA 568 -85.15 -45.71 15.79
N ALA KA 569 -85.21 -44.54 16.44
CA ALA KA 569 -84.12 -43.59 16.33
C ALA KA 569 -82.85 -44.14 16.98
N ARG KA 570 -82.95 -44.64 18.20
CA ARG KA 570 -81.76 -45.20 18.84
C ARG KA 570 -81.28 -46.45 18.09
N GLY KA 571 -82.18 -47.19 17.48
CA GLY KA 571 -81.78 -48.31 16.66
C GLY KA 571 -80.92 -47.84 15.51
N PHE KA 572 -81.47 -46.93 14.70
CA PHE KA 572 -80.72 -46.40 13.57
C PHE KA 572 -79.40 -45.78 14.02
N GLU KA 573 -79.33 -45.30 15.25
CA GLU KA 573 -78.06 -44.81 15.77
C GLU KA 573 -77.07 -45.96 15.98
N LEU KA 574 -77.55 -47.07 16.53
CA LEU KA 574 -76.64 -48.18 16.81
C LEU KA 574 -76.20 -48.93 15.56
N SER KA 575 -76.85 -48.72 14.42
CA SER KA 575 -76.63 -49.51 13.23
C SER KA 575 -75.63 -48.90 12.28
N VAL KA 576 -74.90 -47.87 12.70
CA VAL KA 576 -74.06 -47.12 11.77
C VAL KA 576 -72.71 -47.80 11.66
N ASP KA 577 -72.44 -48.40 10.50
CA ASP KA 577 -71.14 -48.99 10.21
C ASP KA 577 -70.83 -50.13 11.18
N ARG KA 578 -71.86 -50.64 11.84
CA ARG KA 578 -71.73 -51.83 12.68
C ARG KA 578 -71.75 -53.08 11.81
N HIS KA 579 -72.87 -53.30 11.13
CA HIS KA 579 -73.02 -54.39 10.17
C HIS KA 579 -74.36 -54.21 9.47
N ARG KA 580 -74.46 -54.74 8.26
CA ARG KA 580 -75.67 -54.58 7.47
C ARG KA 580 -76.02 -55.92 6.83
N LEU KA 581 -77.28 -56.05 6.44
CA LEU KA 581 -77.75 -57.20 5.68
C LEU KA 581 -78.01 -56.76 4.25
N ALA KA 582 -77.26 -57.33 3.31
CA ALA KA 582 -77.42 -56.97 1.92
C ALA KA 582 -78.87 -57.22 1.48
N PRO KA 583 -79.37 -56.47 0.52
CA PRO KA 583 -80.77 -56.66 0.10
C PRO KA 583 -81.08 -58.06 -0.37
N ALA KA 584 -80.10 -58.77 -0.94
CA ALA KA 584 -80.37 -60.09 -1.50
C ALA KA 584 -80.79 -61.09 -0.43
N THR KA 585 -80.18 -61.04 0.75
CA THR KA 585 -80.55 -62.00 1.79
C THR KA 585 -81.82 -61.61 2.52
N VAL KA 586 -82.05 -60.31 2.73
CA VAL KA 586 -83.25 -59.92 3.46
C VAL KA 586 -84.48 -60.10 2.59
N ALA KA 587 -84.37 -59.81 1.29
CA ALA KA 587 -85.48 -60.09 0.39
C ALA KA 587 -85.88 -61.55 0.45
N ALA KA 588 -84.91 -62.46 0.40
CA ALA KA 588 -85.18 -63.89 0.49
C ALA KA 588 -85.82 -64.28 1.81
N VAL KA 589 -85.23 -63.88 2.94
CA VAL KA 589 -85.74 -64.31 4.23
C VAL KA 589 -87.16 -63.77 4.44
N ARG KA 590 -87.40 -62.52 4.07
CA ARG KA 590 -88.72 -61.93 4.27
C ARG KA 590 -89.74 -62.55 3.31
N GLY KA 591 -89.31 -62.88 2.09
CA GLY KA 591 -90.21 -63.58 1.19
C GLY KA 591 -90.57 -64.95 1.70
N ALA KA 592 -89.66 -65.59 2.43
CA ALA KA 592 -89.99 -66.86 3.06
C ALA KA 592 -90.99 -66.65 4.19
N PHE KA 593 -90.74 -65.65 5.04
CA PHE KA 593 -91.60 -65.47 6.21
C PHE KA 593 -93.00 -65.03 5.81
N ARG KA 594 -93.12 -64.21 4.78
CA ARG KA 594 -94.43 -63.79 4.31
C ARG KA 594 -95.14 -64.87 3.51
N ASP KA 595 -94.46 -65.94 3.15
CA ASP KA 595 -95.07 -66.97 2.32
C ASP KA 595 -96.06 -67.78 3.11
N ALA KA 596 -97.13 -68.20 2.44
CA ALA KA 596 -98.14 -69.05 3.05
C ALA KA 596 -98.13 -70.47 2.54
N ASN KA 597 -97.52 -70.73 1.39
CA ASN KA 597 -97.46 -72.07 0.82
C ASN KA 597 -96.15 -72.77 1.15
N TYR KA 598 -95.59 -72.48 2.32
CA TYR KA 598 -94.41 -73.16 2.79
C TYR KA 598 -94.69 -74.65 2.87
N PRO KA 599 -93.87 -75.50 2.24
CA PRO KA 599 -94.17 -76.93 2.23
C PRO KA 599 -94.12 -77.53 3.62
N MET KA 600 -95.17 -78.29 3.96
CA MET KA 600 -95.22 -78.93 5.27
C MET KA 600 -94.09 -79.91 5.46
N VAL KA 601 -93.61 -80.52 4.37
CA VAL KA 601 -92.55 -81.52 4.47
C VAL KA 601 -91.34 -80.95 5.18
N PHE KA 602 -91.12 -79.64 5.06
CA PHE KA 602 -90.01 -79.02 5.80
C PHE KA 602 -90.27 -79.03 7.29
N TYR KA 603 -91.50 -78.71 7.70
CA TYR KA 603 -91.85 -78.85 9.11
C TYR KA 603 -91.67 -80.29 9.56
N ILE KA 604 -92.03 -81.24 8.69
CA ILE KA 604 -91.88 -82.65 9.03
C ILE KA 604 -90.42 -83.00 9.29
N ILE KA 605 -89.55 -82.62 8.36
CA ILE KA 605 -88.13 -82.90 8.51
C ILE KA 605 -87.59 -82.27 9.78
N GLU KA 606 -87.91 -81.00 10.00
CA GLU KA 606 -87.34 -80.29 11.13
C GLU KA 606 -87.97 -80.72 12.46
N ALA KA 607 -89.11 -81.39 12.43
CA ALA KA 607 -89.66 -82.00 13.64
C ALA KA 607 -89.09 -83.39 13.88
N VAL KA 608 -88.66 -84.06 12.81
CA VAL KA 608 -87.98 -85.33 12.95
C VAL KA 608 -86.58 -85.12 13.53
N ILE KA 609 -85.85 -84.14 13.00
CA ILE KA 609 -84.49 -83.90 13.44
C ILE KA 609 -84.47 -83.42 14.88
N HIS KA 610 -85.33 -82.44 15.20
CA HIS KA 610 -85.38 -81.78 16.50
C HIS KA 610 -83.97 -81.54 17.05
N GLY KA 611 -83.13 -80.94 16.22
CA GLY KA 611 -81.83 -80.50 16.66
C GLY KA 611 -80.81 -81.58 16.90
N SER KA 612 -81.03 -82.78 16.39
CA SER KA 612 -80.04 -83.84 16.57
C SER KA 612 -78.86 -83.59 15.64
N GLU KA 613 -77.66 -83.56 16.23
CA GLU KA 613 -76.46 -83.44 15.41
C GLU KA 613 -76.34 -84.61 14.45
N ARG KA 614 -76.78 -85.79 14.87
CA ARG KA 614 -76.51 -87.01 14.11
C ARG KA 614 -77.51 -87.20 12.98
N THR KA 615 -78.81 -87.15 13.31
CA THR KA 615 -79.81 -87.35 12.27
C THR KA 615 -79.65 -86.36 11.13
N PHE KA 616 -79.25 -85.12 11.44
CA PHE KA 616 -79.07 -84.15 10.37
C PHE KA 616 -77.85 -84.49 9.51
N CYS KA 617 -76.74 -84.85 10.15
CA CYS KA 617 -75.58 -85.23 9.35
C CYS KA 617 -75.85 -86.50 8.56
N ALA KA 618 -76.86 -87.27 8.95
CA ALA KA 618 -77.26 -88.42 8.16
C ALA KA 618 -78.13 -88.00 6.97
N LEU KA 619 -79.07 -87.09 7.21
CA LEU KA 619 -80.01 -86.66 6.19
C LEU KA 619 -79.50 -85.52 5.33
N ALA KA 620 -78.25 -85.10 5.53
CA ALA KA 620 -77.65 -83.99 4.78
C ALA KA 620 -77.96 -84.04 3.29
N ARG KA 621 -77.89 -85.23 2.68
CA ARG KA 621 -78.23 -85.37 1.28
C ARG KA 621 -79.65 -84.88 1.00
N LEU KA 622 -80.61 -85.39 1.78
CA LEU KA 622 -82.01 -85.01 1.59
C LEU KA 622 -82.21 -83.52 1.83
N VAL KA 623 -81.60 -83.00 2.89
CA VAL KA 623 -81.77 -81.58 3.22
C VAL KA 623 -81.25 -80.71 2.10
N ALA KA 624 -80.07 -81.04 1.56
CA ALA KA 624 -79.51 -80.25 0.46
C ALA KA 624 -80.38 -80.34 -0.78
N GLN KA 625 -80.92 -81.53 -1.08
CA GLN KA 625 -81.81 -81.66 -2.23
C GLN KA 625 -83.03 -80.77 -2.06
N CYS KA 626 -83.62 -80.77 -0.86
CA CYS KA 626 -84.80 -79.94 -0.61
C CYS KA 626 -84.47 -78.46 -0.77
N ILE KA 627 -83.37 -78.02 -0.15
CA ILE KA 627 -82.97 -76.61 -0.23
C ILE KA 627 -82.78 -76.21 -1.68
N GLN KA 628 -82.06 -77.03 -2.43
CA GLN KA 628 -81.78 -76.72 -3.84
C GLN KA 628 -83.08 -76.59 -4.62
N SER KA 629 -84.00 -77.54 -4.42
CA SER KA 629 -85.27 -77.50 -5.14
C SER KA 629 -86.03 -76.22 -4.81
N TYR KA 630 -86.13 -75.89 -3.53
CA TYR KA 630 -86.92 -74.73 -3.15
C TYR KA 630 -86.30 -73.44 -3.70
N TRP KA 631 -84.98 -73.33 -3.64
CA TRP KA 631 -84.34 -72.14 -4.18
C TRP KA 631 -84.57 -72.02 -5.68
N ARG KA 632 -84.30 -73.09 -6.43
CA ARG KA 632 -84.53 -73.04 -7.86
C ARG KA 632 -86.00 -72.86 -8.20
N ASN KA 633 -86.90 -73.05 -7.24
CA ASN KA 633 -88.32 -72.93 -7.50
C ASN KA 633 -88.90 -71.57 -7.16
N THR KA 634 -88.37 -70.88 -6.15
CA THR KA 634 -88.97 -69.62 -5.72
C THR KA 634 -87.95 -68.53 -5.40
N HIS KA 635 -86.67 -68.85 -5.24
CA HIS KA 635 -85.64 -67.90 -4.80
C HIS KA 635 -85.92 -67.40 -3.38
N ASN KA 636 -85.98 -68.34 -2.46
CA ASN KA 636 -86.24 -68.05 -1.06
C ASN KA 636 -85.27 -68.86 -0.22
N ALA KA 637 -85.53 -68.91 1.09
CA ALA KA 637 -84.76 -69.74 2.00
C ALA KA 637 -85.70 -70.70 2.72
N ALA KA 638 -85.15 -71.78 3.24
CA ALA KA 638 -85.92 -72.76 3.98
C ALA KA 638 -85.25 -73.05 5.30
N PHE KA 639 -86.04 -73.60 6.23
CA PHE KA 639 -85.58 -73.91 7.59
C PHE KA 639 -85.04 -72.68 8.30
N VAL KA 640 -85.58 -71.50 7.98
CA VAL KA 640 -85.13 -70.29 8.64
C VAL KA 640 -85.69 -70.20 10.05
N ASN KA 641 -86.68 -71.03 10.39
CA ASN KA 641 -87.33 -70.92 11.69
C ASN KA 641 -86.52 -71.57 12.81
N ASN KA 642 -85.83 -72.67 12.53
CA ASN KA 642 -84.98 -73.29 13.53
C ASN KA 642 -83.65 -72.59 13.61
N PHE KA 643 -83.15 -72.42 14.83
CA PHE KA 643 -81.79 -71.94 14.98
C PHE KA 643 -80.79 -73.06 14.72
N TYR KA 644 -81.05 -74.24 15.26
CA TYR KA 644 -80.09 -75.33 15.11
C TYR KA 644 -79.95 -75.75 13.66
N MET KA 645 -81.02 -75.65 12.88
CA MET KA 645 -80.93 -76.01 11.47
C MET KA 645 -80.11 -74.98 10.68
N VAL KA 646 -80.37 -73.69 10.92
CA VAL KA 646 -79.59 -72.65 10.26
C VAL KA 646 -78.17 -72.59 10.77
N MET KA 647 -77.88 -73.30 11.86
CA MET KA 647 -76.48 -73.47 12.23
C MET KA 647 -75.85 -74.64 11.49
N TYR KA 648 -76.52 -75.80 11.56
CA TYR KA 648 -75.97 -77.00 10.94
C TYR KA 648 -75.77 -76.81 9.44
N ILE KA 649 -76.65 -76.04 8.81
CA ILE KA 649 -76.54 -75.82 7.37
C ILE KA 649 -75.15 -75.31 7.01
N ASN KA 650 -74.76 -74.18 7.58
CA ASN KA 650 -73.47 -73.60 7.24
C ASN KA 650 -72.32 -74.21 8.02
N THR KA 651 -72.57 -75.08 8.99
CA THR KA 651 -71.43 -75.76 9.60
C THR KA 651 -71.03 -77.01 8.84
N TYR KA 652 -72.00 -77.78 8.34
CA TYR KA 652 -71.72 -79.04 7.66
C TYR KA 652 -71.94 -78.93 6.16
N LEU KA 653 -73.13 -78.52 5.74
CA LEU KA 653 -73.37 -78.34 4.31
C LEU KA 653 -72.44 -77.29 3.73
N GLY KA 654 -72.54 -76.06 4.24
CA GLY KA 654 -71.57 -75.01 3.98
C GLY KA 654 -71.08 -74.88 2.56
N ASN KA 655 -69.79 -75.09 2.36
CA ASN KA 655 -69.12 -74.99 1.07
C ASN KA 655 -69.42 -76.14 0.17
N GLY KA 656 -70.40 -76.96 0.52
CA GLY KA 656 -70.67 -78.18 -0.19
C GLY KA 656 -71.71 -78.08 -1.28
N GLU KA 657 -72.84 -78.74 -1.08
CA GLU KA 657 -73.79 -78.96 -2.17
C GLU KA 657 -74.61 -77.71 -2.51
N LEU KA 658 -74.61 -76.70 -1.65
CA LEU KA 658 -75.38 -75.51 -1.92
C LEU KA 658 -74.85 -74.79 -3.16
N PRO KA 659 -75.69 -74.07 -3.88
CA PRO KA 659 -75.20 -73.28 -5.00
C PRO KA 659 -74.28 -72.17 -4.53
N GLU KA 660 -73.65 -71.50 -5.49
CA GLU KA 660 -72.71 -70.43 -5.17
C GLU KA 660 -73.37 -69.28 -4.43
N ASP KA 661 -74.69 -69.13 -4.57
CA ASP KA 661 -75.44 -68.02 -4.02
C ASP KA 661 -76.23 -68.37 -2.77
N CYS KA 662 -76.85 -69.56 -2.73
CA CYS KA 662 -77.77 -69.87 -1.66
C CYS KA 662 -77.08 -69.86 -0.30
N ALA KA 663 -75.85 -70.35 -0.22
CA ALA KA 663 -75.15 -70.39 1.05
C ALA KA 663 -74.85 -69.00 1.58
N ALA KA 664 -74.81 -68.00 0.71
CA ALA KA 664 -74.54 -66.64 1.16
C ALA KA 664 -75.61 -66.17 2.13
N VAL KA 665 -76.86 -66.53 1.88
CA VAL KA 665 -77.95 -66.18 2.79
C VAL KA 665 -77.62 -66.64 4.21
N TYR KA 666 -77.24 -67.90 4.34
CA TYR KA 666 -77.03 -68.47 5.67
C TYR KA 666 -75.77 -67.92 6.31
N LYS KA 667 -74.72 -67.70 5.51
CA LYS KA 667 -73.50 -67.11 6.07
C LYS KA 667 -73.77 -65.72 6.61
N ASP KA 668 -74.52 -64.90 5.86
CA ASP KA 668 -74.88 -63.58 6.35
C ASP KA 668 -75.75 -63.68 7.60
N LEU KA 669 -76.72 -64.59 7.58
CA LEU KA 669 -77.62 -64.72 8.71
C LEU KA 669 -76.89 -65.13 9.97
N LEU KA 670 -75.77 -65.84 9.84
CA LEU KA 670 -75.00 -66.18 11.03
C LEU KA 670 -74.05 -65.06 11.45
N GLU KA 671 -73.35 -64.45 10.50
CA GLU KA 671 -72.44 -63.37 10.88
C GLU KA 671 -73.20 -62.20 11.49
N HIS KA 672 -74.48 -62.05 11.15
CA HIS KA 672 -75.28 -61.00 11.77
C HIS KA 672 -75.48 -61.27 13.25
N VAL KA 673 -75.84 -62.49 13.61
CA VAL KA 673 -75.97 -62.83 15.02
C VAL KA 673 -74.64 -62.68 15.72
N HIS KA 674 -73.55 -62.99 15.02
CA HIS KA 674 -72.24 -62.77 15.62
C HIS KA 674 -72.02 -61.30 15.94
N ALA KA 675 -72.42 -60.42 15.02
CA ALA KA 675 -72.26 -58.99 15.26
C ALA KA 675 -73.11 -58.53 16.43
N LEU KA 676 -74.36 -58.99 16.49
CA LEU KA 676 -75.23 -58.59 17.60
C LEU KA 676 -74.68 -59.10 18.92
N ARG KA 677 -74.09 -60.29 18.92
CA ARG KA 677 -73.48 -60.80 20.14
C ARG KA 677 -72.28 -59.96 20.55
N ARG KA 678 -71.47 -59.55 19.57
CA ARG KA 678 -70.31 -58.72 19.88
C ARG KA 678 -70.73 -57.35 20.39
N LEU KA 679 -71.91 -56.88 20.00
CA LEU KA 679 -72.38 -55.55 20.40
C LEU KA 679 -72.27 -55.36 21.91
N ILE KA 680 -72.94 -56.20 22.69
CA ILE KA 680 -72.91 -56.05 24.13
C ILE KA 680 -71.51 -56.20 24.69
N GLY KA 681 -70.60 -56.79 23.92
CA GLY KA 681 -69.22 -56.90 24.37
C GLY KA 681 -68.53 -55.55 24.51
N GLU KA 682 -69.00 -54.54 23.79
CA GLU KA 682 -68.41 -53.21 23.84
C GLU KA 682 -69.23 -52.22 24.66
N PHE KA 683 -70.33 -52.66 25.26
CA PHE KA 683 -71.10 -51.81 26.15
C PHE KA 683 -71.00 -52.28 27.60
N THR KA 684 -69.87 -52.85 27.97
CA THR KA 684 -69.67 -53.29 29.34
C THR KA 684 -68.27 -52.91 29.78
N LEU KA 685 -68.16 -52.19 30.88
CA LEU KA 685 -66.86 -51.90 31.45
C LEU KA 685 -66.35 -53.14 32.13
N PRO KA 686 -65.25 -53.74 31.67
CA PRO KA 686 -64.81 -55.01 32.24
C PRO KA 686 -64.48 -54.89 33.71
N GLY KA 687 -65.05 -55.78 34.52
CA GLY KA 687 -64.83 -55.78 35.95
C GLY KA 687 -64.87 -57.18 36.53
N ASP KA 688 -65.01 -57.29 37.84
CA ASP KA 688 -64.99 -58.61 38.45
C ASP KA 688 -66.40 -59.17 38.56
N PRO KA 689 -66.58 -60.45 38.24
CA PRO KA 689 -67.89 -61.08 38.44
C PRO KA 689 -68.37 -60.91 39.87
N LEU KA 690 -69.57 -60.35 40.01
CA LEU KA 690 -70.08 -59.95 41.32
C LEU KA 690 -70.92 -61.05 41.97
N GLY KA 691 -72.05 -61.40 41.34
CA GLY KA 691 -72.92 -62.41 41.90
C GLY KA 691 -72.60 -63.77 41.33
N ASN KA 692 -71.32 -64.12 41.31
CA ASN KA 692 -70.81 -65.32 40.66
C ASN KA 692 -71.22 -65.38 39.19
N GLN KA 693 -71.52 -64.23 38.59
CA GLN KA 693 -71.76 -64.11 37.17
C GLN KA 693 -70.90 -62.97 36.63
N PRO KA 694 -70.29 -63.15 35.47
CA PRO KA 694 -69.54 -62.05 34.85
C PRO KA 694 -70.42 -60.82 34.64
N GLN KA 695 -69.76 -59.67 34.58
CA GLN KA 695 -70.48 -58.41 34.41
C GLN KA 695 -71.29 -58.40 33.13
N GLU KA 696 -70.85 -59.13 32.12
CA GLU KA 696 -71.58 -59.19 30.86
C GLU KA 696 -72.96 -59.79 31.00
N GLU KA 697 -73.29 -60.36 32.16
CA GLU KA 697 -74.64 -60.83 32.45
C GLU KA 697 -75.46 -59.84 33.25
N LEU KA 698 -74.85 -59.19 34.23
CA LEU KA 698 -75.58 -58.18 34.99
C LEU KA 698 -76.03 -57.03 34.11
N ASN KA 699 -75.34 -56.80 33.00
CA ASN KA 699 -75.65 -55.66 32.14
C ASN KA 699 -76.81 -55.96 31.21
N HIS KA 700 -76.62 -56.91 30.29
CA HIS KA 700 -77.62 -57.21 29.29
C HIS KA 700 -78.67 -58.11 29.89
N ALA KA 701 -79.62 -58.57 29.09
CA ALA KA 701 -80.64 -59.49 29.53
C ALA KA 701 -80.61 -60.83 28.82
N LEU KA 702 -80.13 -60.86 27.58
CA LEU KA 702 -80.03 -62.12 26.86
C LEU KA 702 -78.72 -62.83 27.13
N ALA KA 703 -77.65 -62.09 27.40
CA ALA KA 703 -76.41 -62.71 27.82
C ALA KA 703 -76.53 -63.39 29.18
N ASP KA 704 -77.62 -63.15 29.90
CA ASP KA 704 -77.83 -63.83 31.16
C ASP KA 704 -78.05 -65.32 30.93
N ALA KA 705 -77.63 -66.12 31.90
CA ALA KA 705 -77.73 -67.57 31.79
C ALA KA 705 -79.01 -68.12 32.38
N THR KA 706 -79.61 -67.42 33.34
CA THR KA 706 -80.80 -67.91 34.03
C THR KA 706 -82.09 -67.50 33.32
N LEU KA 707 -82.03 -67.26 32.01
CA LEU KA 707 -83.21 -66.94 31.22
C LEU KA 707 -83.30 -67.95 30.09
N LEU KA 708 -84.24 -68.88 30.21
CA LEU KA 708 -84.34 -69.95 29.22
C LEU KA 708 -84.78 -69.39 27.87
N PRO KA 709 -84.25 -69.93 26.78
CA PRO KA 709 -84.76 -69.58 25.47
C PRO KA 709 -86.22 -69.97 25.35
N PRO KA 710 -86.91 -69.54 24.29
CA PRO KA 710 -88.30 -69.99 24.12
C PRO KA 710 -88.41 -71.44 23.69
N LEU KA 711 -87.45 -71.95 22.92
CA LEU KA 711 -87.53 -73.29 22.36
C LEU KA 711 -86.20 -74.01 22.58
N ILE KA 712 -86.13 -74.87 23.59
CA ILE KA 712 -84.95 -75.70 23.79
C ILE KA 712 -85.10 -76.97 22.96
N TRP KA 713 -84.00 -77.70 22.79
CA TRP KA 713 -84.06 -79.01 22.16
C TRP KA 713 -83.32 -80.08 22.95
N ASP KA 714 -82.64 -79.70 24.04
CA ASP KA 714 -82.00 -80.65 24.93
C ASP KA 714 -81.71 -79.91 26.23
N CYS KA 715 -81.06 -80.60 27.16
CA CYS KA 715 -80.80 -80.03 28.47
C CYS KA 715 -79.46 -79.29 28.54
N ASP KA 716 -78.96 -78.81 27.40
CA ASP KA 716 -77.79 -77.92 27.45
C ASP KA 716 -78.07 -76.67 28.27
N PRO KA 717 -79.17 -75.95 28.09
CA PRO KA 717 -79.37 -74.75 28.92
C PRO KA 717 -79.60 -75.06 30.38
N ILE KA 718 -80.40 -76.08 30.68
CA ILE KA 718 -80.75 -76.34 32.07
C ILE KA 718 -79.54 -76.82 32.86
N LEU KA 719 -78.73 -77.69 32.26
CA LEU KA 719 -77.53 -78.14 32.95
C LEU KA 719 -76.53 -77.01 33.15
N TYR KA 720 -76.59 -75.98 32.33
CA TYR KA 720 -75.82 -74.76 32.58
C TYR KA 720 -76.52 -73.85 33.59
N ARG KA 721 -77.82 -74.04 33.81
CA ARG KA 721 -78.61 -73.07 34.55
C ARG KA 721 -78.48 -73.25 36.05
N ASP KA 722 -78.51 -74.49 36.52
CA ASP KA 722 -78.53 -74.74 37.97
C ASP KA 722 -77.25 -74.28 38.65
N GLY KA 723 -76.15 -74.12 37.90
CA GLY KA 723 -74.88 -73.78 38.53
C GLY KA 723 -74.91 -72.48 39.29
N LEU KA 724 -75.75 -71.54 38.87
CA LEU KA 724 -75.77 -70.20 39.46
C LEU KA 724 -76.82 -70.13 40.56
N ALA KA 725 -76.51 -70.81 41.66
CA ALA KA 725 -77.46 -71.04 42.74
C ALA KA 725 -77.38 -70.00 43.85
N GLU KA 726 -76.86 -68.81 43.55
CA GLU KA 726 -76.92 -67.74 44.55
C GLU KA 726 -78.34 -67.21 44.67
N ARG KA 727 -78.86 -66.62 43.60
CA ARG KA 727 -80.28 -66.32 43.52
C ARG KA 727 -80.97 -67.62 43.17
N LEU KA 728 -81.59 -68.24 44.16
CA LEU KA 728 -82.08 -69.62 44.05
C LEU KA 728 -83.03 -69.76 42.86
N PRO KA 729 -82.65 -70.52 41.85
CA PRO KA 729 -83.55 -70.78 40.72
C PRO KA 729 -84.38 -72.03 40.97
N GLU KA 730 -85.50 -72.10 40.26
CA GLU KA 730 -86.37 -73.26 40.36
C GLU KA 730 -86.91 -73.60 38.98
N LEU KA 731 -87.12 -74.89 38.76
CA LEU KA 731 -87.70 -75.39 37.53
C LEU KA 731 -88.80 -76.37 37.88
N ARG KA 732 -89.90 -76.31 37.14
CA ARG KA 732 -91.05 -77.17 37.39
C ARG KA 732 -91.63 -77.60 36.05
N VAL KA 733 -91.17 -78.73 35.52
CA VAL KA 733 -91.73 -79.30 34.31
C VAL KA 733 -92.95 -80.11 34.69
N ASN KA 734 -94.12 -79.47 34.65
CA ASN KA 734 -95.41 -80.09 34.94
C ASN KA 734 -95.48 -80.67 36.35
N GLY KA 735 -94.50 -80.38 37.20
CA GLY KA 735 -94.54 -80.82 38.58
C GLY KA 735 -93.34 -81.64 38.98
N ALA KA 736 -92.93 -82.57 38.11
CA ALA KA 736 -91.71 -83.31 38.36
C ALA KA 736 -90.51 -82.39 38.12
N HIS KA 737 -89.46 -82.59 38.91
CA HIS KA 737 -88.32 -81.69 38.82
C HIS KA 737 -87.70 -81.78 37.43
N PHE KA 738 -87.07 -82.90 37.10
CA PHE KA 738 -86.90 -83.41 35.75
C PHE KA 738 -86.05 -84.67 35.84
N GLN KA 739 -86.12 -85.49 34.79
CA GLN KA 739 -85.41 -86.76 34.74
C GLN KA 739 -84.49 -86.74 33.53
N HIS KA 740 -83.19 -86.72 33.79
CA HIS KA 740 -82.20 -86.71 32.73
C HIS KA 740 -82.12 -88.11 32.14
N ILE KA 741 -82.95 -88.37 31.14
CA ILE KA 741 -82.94 -89.66 30.46
C ILE KA 741 -82.20 -89.52 29.15
N LEU KA 742 -81.58 -90.62 28.72
CA LEU KA 742 -80.68 -90.61 27.58
C LEU KA 742 -81.48 -90.88 26.31
N TRP KA 743 -80.79 -91.19 25.22
CA TRP KA 743 -81.45 -91.50 23.96
C TRP KA 743 -82.43 -92.65 24.13
N VAL KA 744 -83.49 -92.62 23.33
CA VAL KA 744 -84.47 -93.70 23.30
C VAL KA 744 -84.38 -94.39 21.94
N GLU KA 745 -85.10 -95.50 21.81
CA GLU KA 745 -85.14 -96.24 20.57
C GLU KA 745 -86.58 -96.66 20.26
N MET KA 746 -86.76 -97.51 19.24
CA MET KA 746 -88.11 -97.89 18.84
C MET KA 746 -88.83 -98.68 19.93
N ALA KA 747 -88.08 -99.36 20.80
CA ALA KA 747 -88.70 -100.28 21.73
C ALA KA 747 -89.66 -99.56 22.67
N GLN KA 748 -89.14 -98.65 23.49
CA GLN KA 748 -89.94 -97.92 24.46
C GLN KA 748 -90.11 -96.48 23.95
N VAL KA 749 -91.22 -96.22 23.27
CA VAL KA 749 -91.52 -94.88 22.80
C VAL KA 749 -92.52 -94.18 23.72
N ASN KA 750 -93.52 -94.91 24.21
CA ASN KA 750 -94.46 -94.44 25.22
C ASN KA 750 -94.94 -93.02 24.93
N PHE KA 751 -95.66 -92.91 23.82
CA PHE KA 751 -96.17 -91.62 23.34
C PHE KA 751 -97.17 -91.02 24.31
N ARG KA 752 -97.42 -91.71 25.43
CA ARG KA 752 -98.41 -91.27 26.40
C ARG KA 752 -97.82 -90.94 27.76
N ASN KA 753 -96.50 -91.06 27.93
CA ASN KA 753 -95.91 -90.75 29.22
C ASN KA 753 -96.07 -89.26 29.51
N VAL KA 754 -96.11 -88.92 30.79
CA VAL KA 754 -96.44 -87.57 31.20
C VAL KA 754 -95.40 -87.06 32.19
N GLY KA 755 -94.59 -87.97 32.71
CA GLY KA 755 -93.60 -87.61 33.71
C GLY KA 755 -92.63 -86.55 33.21
N GLY KA 756 -91.92 -85.97 34.16
CA GLY KA 756 -90.95 -84.97 33.77
C GLY KA 756 -89.64 -85.61 33.41
N GLY KA 757 -89.46 -85.86 32.12
CA GLY KA 757 -88.24 -86.45 31.63
C GLY KA 757 -87.97 -86.03 30.20
N LEU KA 758 -86.80 -85.45 29.98
CA LEU KA 758 -86.44 -84.91 28.68
C LEU KA 758 -85.29 -85.73 28.09
N VAL KA 759 -85.22 -85.72 26.77
CA VAL KA 759 -84.29 -86.59 26.05
C VAL KA 759 -83.17 -85.75 25.46
N HIS KA 760 -81.98 -86.34 25.43
CA HIS KA 760 -80.86 -85.82 24.67
C HIS KA 760 -80.80 -86.64 23.40
N ASN KA 761 -81.17 -86.05 22.27
CA ASN KA 761 -81.29 -86.82 21.06
C ASN KA 761 -79.93 -87.40 20.69
N ARG KA 762 -79.76 -88.71 20.92
CA ARG KA 762 -78.48 -89.40 20.82
C ARG KA 762 -77.42 -88.61 21.56
N PRO KA 763 -77.40 -88.69 22.89
CA PRO KA 763 -76.81 -87.64 23.73
C PRO KA 763 -75.40 -87.23 23.37
N VAL KA 764 -74.74 -88.00 22.51
CA VAL KA 764 -73.39 -87.68 22.08
C VAL KA 764 -73.27 -87.90 20.59
N ARG KA 765 -72.34 -87.17 19.99
CA ARG KA 765 -71.80 -87.59 18.72
C ARG KA 765 -70.80 -88.73 18.91
N ASN KA 766 -69.90 -88.59 19.87
CA ASN KA 766 -68.80 -89.52 20.06
C ASN KA 766 -68.70 -90.12 21.45
N GLU KA 767 -68.72 -89.28 22.50
CA GLU KA 767 -68.10 -89.67 23.77
C GLU KA 767 -68.87 -90.79 24.44
N ASN KA 768 -70.18 -90.61 24.62
CA ASN KA 768 -71.03 -91.55 25.36
C ASN KA 768 -70.56 -91.68 26.81
N GLN KA 769 -70.45 -90.54 27.47
CA GLN KA 769 -70.13 -90.44 28.88
C GLN KA 769 -71.32 -89.85 29.63
N PRO KA 770 -71.47 -90.15 30.91
CA PRO KA 770 -72.67 -89.70 31.63
C PRO KA 770 -72.51 -88.29 32.15
N LEU KA 771 -73.63 -87.55 32.15
CA LEU KA 771 -73.73 -86.24 32.79
C LEU KA 771 -72.70 -85.26 32.21
N HIS KA 772 -72.93 -84.90 30.96
CA HIS KA 772 -72.19 -83.77 30.41
C HIS KA 772 -72.94 -83.17 29.22
N PRO KA 773 -73.09 -81.85 29.18
CA PRO KA 773 -73.72 -81.22 28.01
C PRO KA 773 -72.83 -81.37 26.78
N HIS KA 774 -73.46 -81.32 25.61
CA HIS KA 774 -72.73 -81.45 24.35
C HIS KA 774 -72.81 -80.16 23.54
N HIS KA 775 -72.64 -79.04 24.21
CA HIS KA 775 -72.40 -77.76 23.55
C HIS KA 775 -71.73 -76.84 24.55
N ASP KA 776 -71.11 -75.79 24.03
CA ASP KA 776 -70.47 -74.79 24.86
C ASP KA 776 -71.54 -73.89 25.49
N ALA KA 777 -71.10 -72.79 26.10
CA ALA KA 777 -72.05 -71.91 26.75
C ALA KA 777 -72.72 -70.96 25.76
N GLU KA 778 -71.96 -70.34 24.86
CA GLU KA 778 -72.49 -69.27 24.02
C GLU KA 778 -73.56 -69.75 23.06
N TRP KA 779 -73.78 -71.05 22.94
CA TRP KA 779 -74.83 -71.55 22.05
C TRP KA 779 -76.19 -71.02 22.47
N SER KA 780 -76.52 -71.15 23.76
CA SER KA 780 -77.81 -70.69 24.23
C SER KA 780 -77.96 -69.18 24.04
N VAL KA 781 -76.88 -68.43 24.22
CA VAL KA 781 -76.95 -66.98 24.05
C VAL KA 781 -77.23 -66.64 22.59
N LEU KA 782 -76.54 -67.32 21.66
CA LEU KA 782 -76.83 -67.08 20.25
C LEU KA 782 -78.28 -67.42 19.92
N SER KA 783 -78.80 -68.49 20.51
CA SER KA 783 -80.19 -68.86 20.27
C SER KA 783 -81.14 -67.77 20.77
N LYS KA 784 -80.92 -67.32 22.00
CA LYS KA 784 -81.76 -66.26 22.55
C LYS KA 784 -81.71 -65.02 21.67
N ILE KA 785 -80.52 -64.65 21.21
CA ILE KA 785 -80.39 -63.50 20.31
C ILE KA 785 -81.27 -63.72 19.07
N TYR KA 786 -81.09 -64.86 18.42
CA TYR KA 786 -81.78 -65.11 17.17
C TYR KA 786 -83.29 -65.08 17.34
N TYR KA 787 -83.78 -65.55 18.48
CA TYR KA 787 -85.22 -65.66 18.61
C TYR KA 787 -85.87 -64.40 19.18
N TYR KA 788 -85.18 -63.64 20.02
CA TYR KA 788 -85.76 -62.46 20.61
C TYR KA 788 -85.44 -61.18 19.88
N ALA KA 789 -84.53 -61.20 18.91
CA ALA KA 789 -84.09 -59.96 18.29
C ALA KA 789 -84.02 -59.99 16.77
N VAL KA 790 -84.09 -61.15 16.13
CA VAL KA 790 -83.94 -61.25 14.68
C VAL KA 790 -85.20 -61.76 14.01
N VAL KA 791 -85.78 -62.84 14.54
CA VAL KA 791 -87.02 -63.36 13.97
C VAL KA 791 -88.14 -62.34 14.02
N PRO KA 792 -88.48 -61.73 15.16
CA PRO KA 792 -89.56 -60.73 15.16
C PRO KA 792 -89.31 -59.59 14.20
N ALA KA 793 -88.07 -59.36 13.78
CA ALA KA 793 -87.79 -58.28 12.85
C ALA KA 793 -88.23 -58.60 11.43
N PHE KA 794 -88.28 -59.88 11.08
CA PHE KA 794 -88.80 -60.30 9.78
C PHE KA 794 -90.24 -60.72 9.85
N SER KA 795 -90.65 -61.37 10.93
CA SER KA 795 -92.02 -61.83 11.07
C SER KA 795 -92.97 -60.68 11.32
N ARG KA 796 -92.57 -59.75 12.19
CA ARG KA 796 -93.41 -58.63 12.58
C ARG KA 796 -94.74 -59.11 13.14
N GLY KA 797 -94.65 -59.82 14.26
CA GLY KA 797 -95.83 -60.31 14.96
C GLY KA 797 -96.72 -61.15 14.09
N ASN KA 798 -96.16 -62.20 13.49
CA ASN KA 798 -96.95 -63.07 12.63
C ASN KA 798 -96.76 -64.54 12.98
N CYS KA 799 -95.59 -64.90 13.50
CA CYS KA 799 -95.29 -66.29 13.80
C CYS KA 799 -95.86 -66.69 15.15
N CYS KA 800 -95.98 -68.01 15.35
CA CYS KA 800 -96.57 -68.55 16.57
C CYS KA 800 -95.97 -69.91 16.84
N THR KA 801 -95.33 -70.07 17.99
CA THR KA 801 -94.76 -71.36 18.37
C THR KA 801 -95.87 -72.39 18.56
N MET KA 802 -95.54 -73.65 18.31
CA MET KA 802 -96.53 -74.71 18.29
C MET KA 802 -95.93 -75.99 18.87
N GLY KA 803 -96.80 -76.97 19.07
CA GLY KA 803 -96.39 -78.29 19.54
C GLY KA 803 -96.87 -79.35 18.56
N VAL KA 804 -96.04 -80.37 18.36
CA VAL KA 804 -96.25 -81.33 17.28
C VAL KA 804 -96.72 -82.66 17.87
N ARG KA 805 -97.56 -83.36 17.10
CA ARG KA 805 -98.05 -84.68 17.48
C ARG KA 805 -97.08 -85.72 16.97
N TYR KA 806 -96.16 -86.16 17.84
CA TYR KA 806 -95.07 -87.00 17.37
C TYR KA 806 -95.56 -88.35 16.88
N ASP KA 807 -96.66 -88.86 17.42
CA ASP KA 807 -97.15 -90.16 16.97
C ASP KA 807 -97.56 -90.11 15.51
N ARG KA 808 -98.39 -89.12 15.15
CA ARG KA 808 -98.93 -89.07 13.79
C ARG KA 808 -97.90 -88.66 12.74
N VAL KA 809 -96.75 -88.15 13.15
CA VAL KA 809 -95.71 -87.88 12.16
C VAL KA 809 -94.78 -89.08 12.00
N TYR KA 810 -94.40 -89.73 13.10
CA TYR KA 810 -93.61 -90.95 13.00
C TYR KA 810 -94.41 -92.04 12.28
N GLN KA 811 -95.73 -91.99 12.36
CA GLN KA 811 -96.54 -92.98 11.67
C GLN KA 811 -96.53 -92.75 10.16
N LEU KA 812 -96.38 -91.51 9.71
CA LEU KA 812 -96.35 -91.24 8.28
C LEU KA 812 -94.95 -91.36 7.69
N VAL KA 813 -93.92 -91.01 8.45
CA VAL KA 813 -92.56 -91.06 7.90
C VAL KA 813 -92.18 -92.47 7.51
N GLN KA 814 -92.74 -93.49 8.18
CA GLN KA 814 -92.36 -94.86 7.85
C GLN KA 814 -93.03 -95.35 6.58
N THR KA 815 -94.20 -94.83 6.24
CA THR KA 815 -94.95 -95.34 5.09
C THR KA 815 -94.46 -94.65 3.81
N MET KA 816 -93.26 -95.01 3.41
CA MET KA 816 -92.72 -94.60 2.11
C MET KA 816 -92.77 -95.78 1.15
N VAL KA 817 -92.75 -95.47 -0.14
CA VAL KA 817 -92.90 -96.47 -1.20
C VAL KA 817 -91.84 -96.22 -2.26
N VAL KA 818 -91.06 -97.25 -2.58
CA VAL KA 818 -90.07 -97.16 -3.65
C VAL KA 818 -89.69 -98.56 -4.11
N PRO KA 819 -89.71 -98.83 -5.41
CA PRO KA 819 -89.21 -100.11 -5.91
C PRO KA 819 -87.68 -100.13 -5.91
N GLU KA 820 -87.13 -101.29 -6.26
CA GLU KA 820 -85.69 -101.47 -6.23
C GLU KA 820 -85.11 -101.50 -7.64
N THR KA 821 -83.87 -101.05 -7.75
CA THR KA 821 -83.12 -100.99 -9.01
C THR KA 821 -81.65 -100.80 -8.66
N ASP KA 822 -80.76 -101.31 -9.51
CA ASP KA 822 -79.34 -101.34 -9.20
C ASP KA 822 -78.53 -100.25 -9.91
N GLU KA 823 -79.18 -99.28 -10.52
CA GLU KA 823 -78.43 -98.24 -11.22
C GLU KA 823 -79.20 -96.93 -11.12
N GLU KA 824 -78.54 -95.86 -11.54
CA GLU KA 824 -79.18 -94.55 -11.61
C GLU KA 824 -80.43 -94.63 -12.49
N VAL KA 825 -81.56 -94.20 -11.93
CA VAL KA 825 -82.87 -94.49 -12.49
C VAL KA 825 -83.41 -93.34 -13.33
N GLY KA 826 -83.20 -92.10 -12.91
CA GLY KA 826 -83.77 -90.95 -13.60
C GLY KA 826 -85.23 -90.76 -13.25
N THR KA 827 -85.79 -89.66 -13.75
CA THR KA 827 -87.17 -89.31 -13.43
C THR KA 827 -88.18 -89.89 -14.42
N ASP KA 828 -87.80 -90.04 -15.69
CA ASP KA 828 -88.73 -90.59 -16.67
C ASP KA 828 -88.89 -92.10 -16.55
N ASP KA 829 -88.01 -92.74 -15.81
CA ASP KA 829 -88.13 -94.18 -15.59
C ASP KA 829 -89.37 -94.47 -14.76
N PRO KA 830 -90.17 -95.47 -15.12
CA PRO KA 830 -91.36 -95.80 -14.32
C PRO KA 830 -91.05 -96.30 -12.93
N ARG KA 831 -89.79 -96.57 -12.59
CA ARG KA 831 -89.45 -97.01 -11.25
C ARG KA 831 -89.05 -95.86 -10.34
N HIS KA 832 -89.18 -94.62 -10.81
CA HIS KA 832 -88.83 -93.48 -9.97
C HIS KA 832 -89.83 -93.34 -8.83
N PRO KA 833 -89.37 -92.98 -7.63
CA PRO KA 833 -90.31 -92.78 -6.51
C PRO KA 833 -91.25 -91.61 -6.69
N LEU KA 834 -91.22 -90.95 -7.84
CA LEU KA 834 -92.19 -89.91 -8.17
C LEU KA 834 -92.91 -90.20 -9.48
N HIS KA 835 -92.60 -91.31 -10.15
CA HIS KA 835 -93.25 -91.60 -11.42
C HIS KA 835 -94.73 -91.85 -11.21
N PRO KA 836 -95.62 -91.15 -11.92
CA PRO KA 836 -97.04 -91.10 -11.54
C PRO KA 836 -97.70 -92.46 -11.35
N ARG KA 837 -97.05 -93.55 -11.78
CA ARG KA 837 -97.62 -94.87 -11.60
C ARG KA 837 -97.77 -95.21 -10.12
N ASN KA 838 -96.67 -95.10 -9.36
CA ASN KA 838 -96.61 -95.61 -7.99
C ASN KA 838 -96.85 -94.51 -6.95
N LEU KA 839 -97.66 -93.50 -7.27
CA LEU KA 839 -98.00 -92.46 -6.30
C LEU KA 839 -99.20 -92.93 -5.48
N VAL KA 840 -98.94 -93.96 -4.69
CA VAL KA 840 -99.93 -94.64 -3.85
C VAL KA 840 -100.55 -93.61 -2.90
N PRO KA 841 -101.84 -93.70 -2.58
CA PRO KA 841 -102.45 -92.65 -1.75
C PRO KA 841 -101.83 -92.54 -0.37
N ASN KA 842 -101.93 -91.34 0.20
CA ASN KA 842 -101.66 -91.10 1.61
C ASN KA 842 -100.30 -91.64 2.06
N SER KA 843 -99.36 -91.76 1.14
CA SER KA 843 -98.01 -92.17 1.51
C SER KA 843 -97.11 -90.95 1.57
N LEU KA 844 -95.87 -91.18 2.02
CA LEU KA 844 -94.92 -90.09 2.12
C LEU KA 844 -94.65 -89.44 0.77
N ASN KA 845 -94.80 -90.20 -0.31
CA ASN KA 845 -94.42 -89.69 -1.63
C ASN KA 845 -95.34 -88.55 -2.06
N VAL KA 846 -96.61 -88.61 -1.70
CA VAL KA 846 -97.53 -87.55 -2.13
C VAL KA 846 -97.21 -86.24 -1.44
N LEU KA 847 -96.71 -86.28 -0.20
CA LEU KA 847 -96.33 -85.05 0.48
C LEU KA 847 -95.18 -84.37 -0.26
N PHE KA 848 -94.11 -85.11 -0.53
CA PHE KA 848 -93.02 -84.56 -1.32
C PHE KA 848 -93.49 -84.09 -2.69
N HIS KA 849 -94.51 -84.74 -3.25
CA HIS KA 849 -94.96 -84.34 -4.58
C HIS KA 849 -95.77 -83.05 -4.53
N ASN KA 850 -96.43 -82.77 -3.41
CA ASN KA 850 -97.25 -81.56 -3.33
C ASN KA 850 -96.41 -80.29 -3.43
N ALA KA 851 -95.14 -80.36 -3.03
CA ALA KA 851 -94.25 -79.21 -3.06
C ALA KA 851 -93.33 -79.20 -4.27
N CYS KA 852 -93.46 -80.18 -5.16
CA CYS KA 852 -92.69 -80.22 -6.41
C CYS KA 852 -91.19 -80.23 -6.15
N VAL KA 853 -90.77 -80.91 -5.09
CA VAL KA 853 -89.34 -81.12 -4.86
C VAL KA 853 -88.87 -82.29 -5.70
N ALA KA 854 -87.63 -82.22 -6.16
CA ALA KA 854 -87.03 -83.28 -6.96
C ALA KA 854 -86.04 -84.01 -6.08
N VAL KA 855 -86.45 -85.17 -5.56
CA VAL KA 855 -85.63 -85.96 -4.65
C VAL KA 855 -85.54 -87.38 -5.19
N ASP KA 856 -84.39 -88.01 -4.98
CA ASP KA 856 -84.14 -89.34 -5.51
C ASP KA 856 -84.42 -90.42 -4.47
N ALA KA 857 -84.44 -91.67 -4.94
CA ALA KA 857 -84.84 -92.78 -4.07
C ALA KA 857 -83.80 -93.05 -2.98
N ASP KA 858 -82.53 -93.12 -3.35
CA ASP KA 858 -81.47 -93.19 -2.36
C ASP KA 858 -81.63 -92.12 -1.31
N ALA KA 859 -82.05 -90.92 -1.72
CA ALA KA 859 -82.28 -89.83 -0.79
C ALA KA 859 -83.55 -90.03 0.01
N MET KA 860 -84.38 -91.00 -0.34
CA MET KA 860 -85.55 -91.33 0.46
C MET KA 860 -85.30 -92.48 1.41
N LEU KA 861 -84.32 -93.33 1.13
CA LEU KA 861 -84.04 -94.46 2.00
C LEU KA 861 -83.40 -94.02 3.32
N ILE KA 862 -82.72 -92.87 3.32
CA ILE KA 862 -81.95 -92.42 4.48
C ILE KA 862 -82.88 -92.05 5.62
N LEU KA 863 -84.19 -92.01 5.34
CA LEU KA 863 -85.14 -91.58 6.35
C LEU KA 863 -85.25 -92.57 7.51
N GLN KA 864 -84.97 -93.84 7.27
CA GLN KA 864 -85.19 -94.85 8.32
C GLN KA 864 -84.32 -94.61 9.53
N GLU KA 865 -83.14 -94.01 9.36
CA GLU KA 865 -82.16 -93.91 10.43
C GLU KA 865 -82.69 -93.16 11.66
N THR KA 866 -83.79 -92.42 11.53
CA THR KA 866 -84.34 -91.72 12.69
C THR KA 866 -84.89 -92.67 13.74
N VAL KA 867 -85.18 -93.90 13.37
CA VAL KA 867 -85.75 -94.86 14.32
C VAL KA 867 -84.83 -95.04 15.51
N THR KA 868 -83.52 -94.98 15.28
CA THR KA 868 -82.56 -95.13 16.37
C THR KA 868 -82.74 -94.06 17.43
N ASN KA 869 -83.15 -92.85 17.03
CA ASN KA 869 -83.16 -91.70 17.92
C ASN KA 869 -84.49 -90.97 17.74
N MET KA 870 -85.45 -91.27 18.61
CA MET KA 870 -86.82 -90.79 18.47
C MET KA 870 -87.11 -89.69 19.48
N ALA KA 871 -88.32 -89.13 19.38
CA ALA KA 871 -88.77 -88.05 20.23
C ALA KA 871 -90.20 -88.33 20.67
N GLU KA 872 -90.42 -88.42 21.97
CA GLU KA 872 -91.72 -88.86 22.48
C GLU KA 872 -92.77 -87.75 22.35
N ARG KA 873 -92.58 -86.65 23.06
CA ARG KA 873 -93.61 -85.62 23.15
C ARG KA 873 -92.94 -84.30 23.47
N THR KA 874 -93.60 -83.21 23.08
CA THR KA 874 -93.15 -81.87 23.40
C THR KA 874 -93.89 -81.37 24.64
N THR KA 875 -93.15 -80.79 25.57
CA THR KA 875 -93.70 -80.52 26.89
C THR KA 875 -93.51 -79.06 27.26
N PRO KA 876 -94.39 -78.51 28.08
CA PRO KA 876 -94.20 -77.15 28.57
C PRO KA 876 -93.30 -77.11 29.80
N LEU KA 877 -92.56 -76.03 29.92
CA LEU KA 877 -91.67 -75.79 31.04
C LEU KA 877 -92.13 -74.57 31.82
N LEU KA 878 -91.42 -74.27 32.91
CA LEU KA 878 -91.72 -73.10 33.71
C LEU KA 878 -90.49 -72.74 34.54
N ALA KA 879 -89.85 -71.63 34.22
CA ALA KA 879 -88.70 -71.16 34.97
C ALA KA 879 -89.13 -70.21 36.07
N SER KA 880 -88.23 -70.00 37.04
CA SER KA 880 -88.51 -69.05 38.11
C SER KA 880 -87.18 -68.68 38.75
N VAL KA 881 -86.79 -67.41 38.62
CA VAL KA 881 -85.55 -66.92 39.21
C VAL KA 881 -85.85 -65.69 40.04
N ALA KA 882 -85.04 -65.47 41.06
CA ALA KA 882 -85.08 -64.23 41.79
C ALA KA 882 -84.39 -63.13 41.00
N PRO KA 883 -84.67 -61.88 41.30
CA PRO KA 883 -83.86 -60.80 40.72
C PRO KA 883 -82.40 -60.98 41.08
N ASP KA 884 -81.52 -60.64 40.15
CA ASP KA 884 -80.10 -60.87 40.33
C ASP KA 884 -79.54 -59.87 41.36
N ALA KA 885 -78.22 -59.90 41.52
CA ALA KA 885 -77.56 -59.04 42.49
C ALA KA 885 -77.74 -57.56 42.18
N GLY KA 886 -78.36 -57.26 41.04
CA GLY KA 886 -78.71 -55.90 40.71
C GLY KA 886 -79.92 -55.41 41.50
N MET KA 887 -81.08 -56.02 41.25
CA MET KA 887 -82.29 -55.71 42.01
C MET KA 887 -82.40 -56.61 43.23
N ALA KA 888 -81.34 -56.66 44.02
CA ALA KA 888 -81.25 -57.57 45.16
C ALA KA 888 -81.45 -56.85 46.48
N THR KA 889 -82.38 -55.91 46.55
CA THR KA 889 -82.63 -55.23 47.80
C THR KA 889 -83.62 -56.03 48.65
N VAL KA 890 -83.52 -55.85 49.96
CA VAL KA 890 -84.27 -56.63 50.93
C VAL KA 890 -85.78 -56.51 50.75
N ALA KA 891 -86.24 -55.53 49.98
CA ALA KA 891 -87.66 -55.38 49.72
C ALA KA 891 -88.12 -56.13 48.48
N THR KA 892 -87.20 -56.75 47.75
CA THR KA 892 -87.55 -57.42 46.49
C THR KA 892 -87.03 -58.84 46.45
N ARG KA 893 -86.89 -59.48 47.61
CA ARG KA 893 -86.38 -60.85 47.63
C ARG KA 893 -87.33 -61.84 46.97
N ASP KA 894 -88.61 -61.50 46.84
CA ASP KA 894 -89.62 -62.43 46.39
C ASP KA 894 -90.18 -62.10 45.01
N MET KA 895 -89.85 -60.95 44.44
CA MET KA 895 -90.41 -60.59 43.15
C MET KA 895 -89.78 -61.42 42.04
N ARG KA 896 -90.05 -62.71 42.04
CA ARG KA 896 -89.46 -63.63 41.07
C ARG KA 896 -90.27 -63.62 39.78
N THR KA 897 -89.60 -63.90 38.68
CA THR KA 897 -90.28 -63.98 37.39
C THR KA 897 -90.75 -65.41 37.13
N HIS KA 898 -91.55 -65.57 36.09
CA HIS KA 898 -92.11 -66.86 35.73
C HIS KA 898 -92.14 -66.96 34.21
N ASP KA 899 -91.09 -67.53 33.63
CA ASP KA 899 -90.99 -67.68 32.18
C ASP KA 899 -91.23 -69.12 31.79
N GLY KA 900 -91.79 -69.32 30.60
CA GLY KA 900 -92.05 -70.64 30.07
C GLY KA 900 -91.29 -70.88 28.78
N SER KA 901 -91.33 -72.13 28.34
CA SER KA 901 -90.63 -72.53 27.11
C SER KA 901 -91.18 -73.87 26.65
N LEU KA 902 -90.80 -74.23 25.43
CA LEU KA 902 -91.22 -75.50 24.83
C LEU KA 902 -90.00 -76.38 24.60
N HIS KA 903 -90.14 -77.65 24.96
CA HIS KA 903 -89.10 -78.65 24.74
C HIS KA 903 -89.50 -79.52 23.57
N HIS KA 904 -88.59 -79.67 22.60
CA HIS KA 904 -88.86 -80.38 21.35
C HIS KA 904 -90.09 -79.81 20.66
N GLY KA 905 -90.32 -78.52 20.79
CA GLY KA 905 -91.45 -77.87 20.18
C GLY KA 905 -91.18 -77.54 18.73
N LEU KA 906 -91.91 -76.54 18.23
CA LEU KA 906 -91.77 -76.12 16.85
C LEU KA 906 -92.37 -74.74 16.69
N LEU KA 907 -91.75 -73.94 15.84
CA LEU KA 907 -92.24 -72.61 15.51
C LEU KA 907 -92.56 -72.57 14.02
N MET KA 908 -93.85 -72.52 13.70
CA MET KA 908 -94.29 -72.38 12.33
C MET KA 908 -94.53 -70.91 12.02
N MET KA 909 -94.42 -70.56 10.74
CA MET KA 909 -94.12 -69.19 10.39
C MET KA 909 -95.35 -68.36 10.05
N ALA KA 910 -96.10 -68.76 9.02
CA ALA KA 910 -97.30 -68.02 8.63
C ALA KA 910 -98.41 -69.02 8.38
N TYR KA 911 -99.49 -68.93 9.15
CA TYR KA 911 -100.52 -69.95 9.09
C TYR KA 911 -101.08 -70.06 7.68
N GLN KA 912 -101.53 -71.27 7.34
CA GLN KA 912 -102.03 -71.60 6.02
C GLN KA 912 -103.44 -72.16 6.21
N PRO KA 913 -104.41 -71.29 6.44
CA PRO KA 913 -105.73 -71.77 6.87
C PRO KA 913 -106.56 -72.41 5.76
N ASN KA 914 -106.56 -71.79 4.59
CA ASN KA 914 -107.59 -72.07 3.58
C ASN KA 914 -107.22 -73.22 2.66
N ASP KA 915 -106.39 -74.14 3.10
CA ASP KA 915 -106.05 -75.26 2.23
C ASP KA 915 -107.04 -76.40 2.39
N ALA KA 916 -106.94 -77.37 1.49
CA ALA KA 916 -107.87 -78.48 1.43
C ALA KA 916 -107.18 -79.84 1.31
N THR KA 917 -105.88 -79.86 1.01
CA THR KA 917 -105.16 -81.11 0.84
C THR KA 917 -104.76 -81.76 2.15
N LEU KA 918 -105.17 -81.21 3.28
CA LEU KA 918 -104.69 -81.73 4.55
C LEU KA 918 -105.59 -81.25 5.68
N LEU KA 919 -105.63 -82.03 6.75
CA LEU KA 919 -106.34 -81.62 7.95
C LEU KA 919 -105.71 -80.38 8.55
N GLU KA 920 -106.52 -79.61 9.27
CA GLU KA 920 -106.00 -78.44 9.97
C GLU KA 920 -105.18 -78.87 11.18
N GLY KA 921 -105.80 -79.57 12.11
CA GLY KA 921 -105.07 -80.13 13.22
C GLY KA 921 -104.39 -81.43 12.84
N ALA KA 922 -103.89 -81.50 11.61
CA ALA KA 922 -103.28 -82.72 11.11
C ALA KA 922 -102.14 -83.17 12.02
N PHE KA 923 -101.10 -82.36 12.14
CA PHE KA 923 -99.92 -82.75 12.90
C PHE KA 923 -99.48 -81.74 13.94
N PHE KA 924 -99.77 -80.46 13.77
CA PHE KA 924 -99.29 -79.43 14.68
C PHE KA 924 -100.47 -78.75 15.35
N TYR KA 925 -100.34 -78.51 16.65
CA TYR KA 925 -101.35 -77.76 17.37
C TYR KA 925 -100.72 -76.54 18.02
N PRO KA 926 -101.48 -75.46 18.20
CA PRO KA 926 -100.88 -74.22 18.70
C PRO KA 926 -100.57 -74.31 20.17
N ALA KA 927 -99.51 -73.59 20.55
CA ALA KA 927 -99.12 -73.50 21.96
C ALA KA 927 -98.23 -72.28 22.14
N PRO KA 928 -98.80 -71.08 22.20
CA PRO KA 928 -97.99 -69.89 22.42
C PRO KA 928 -97.27 -69.98 23.76
N VAL KA 929 -96.07 -69.41 23.81
CA VAL KA 929 -95.27 -69.39 25.01
C VAL KA 929 -95.03 -67.96 25.50
N ASN KA 930 -94.76 -67.03 24.59
CA ASN KA 930 -94.46 -65.65 24.94
C ASN KA 930 -95.37 -64.73 24.16
N ALA KA 931 -95.61 -63.55 24.73
CA ALA KA 931 -96.51 -62.59 24.08
C ALA KA 931 -95.99 -62.19 22.71
N LEU KA 932 -94.69 -62.32 22.48
CA LEU KA 932 -94.15 -62.02 21.16
C LEU KA 932 -94.57 -63.06 20.14
N PHE KA 933 -94.47 -64.34 20.50
CA PHE KA 933 -94.79 -65.44 19.58
C PHE KA 933 -96.19 -65.98 19.87
N ALA KA 934 -97.18 -65.14 19.61
CA ALA KA 934 -98.56 -65.61 19.70
C ALA KA 934 -99.38 -64.87 18.66
N CYS KA 935 -99.45 -65.44 17.47
CA CYS KA 935 -100.31 -64.87 16.45
C CYS KA 935 -101.76 -65.26 16.74
N ALA KA 936 -102.67 -64.63 16.01
CA ALA KA 936 -104.08 -64.94 16.23
C ALA KA 936 -104.59 -66.00 15.27
N ASP KA 937 -104.24 -65.87 13.99
CA ASP KA 937 -104.75 -66.78 12.97
C ASP KA 937 -104.24 -68.20 13.13
N HIS KA 938 -103.26 -68.42 14.00
CA HIS KA 938 -102.81 -69.78 14.26
C HIS KA 938 -103.74 -70.54 15.19
N LEU KA 939 -104.77 -69.89 15.72
CA LEU KA 939 -105.75 -70.60 16.53
C LEU KA 939 -106.69 -71.44 15.68
N GLY KA 940 -106.63 -71.33 14.36
CA GLY KA 940 -107.48 -72.13 13.51
C GLY KA 940 -106.97 -73.54 13.33
N ALA KA 941 -106.04 -73.95 14.19
CA ALA KA 941 -105.50 -75.30 14.16
C ALA KA 941 -106.04 -76.20 15.27
N MET KA 942 -106.79 -75.65 16.21
CA MET KA 942 -107.41 -76.47 17.23
C MET KA 942 -108.64 -77.17 16.66
N ARG KA 943 -109.28 -77.98 17.48
CA ARG KA 943 -110.55 -78.60 17.16
C ARG KA 943 -111.61 -78.08 18.13
N ASP KA 944 -112.76 -77.67 17.60
CA ASP KA 944 -113.82 -77.05 18.41
C ASP KA 944 -113.30 -75.80 19.13
N VAL KA 945 -112.97 -74.79 18.31
CA VAL KA 945 -112.43 -73.56 18.85
C VAL KA 945 -113.52 -72.60 19.30
N GLY KA 946 -114.70 -72.64 18.68
CA GLY KA 946 -115.75 -71.71 19.00
C GLY KA 946 -115.47 -70.31 18.45
N ALA KA 947 -116.52 -69.50 18.40
CA ALA KA 947 -116.44 -68.18 17.80
C ALA KA 947 -116.16 -67.07 18.80
N GLU KA 948 -116.32 -67.34 20.10
CA GLU KA 948 -116.12 -66.29 21.08
C GLU KA 948 -114.65 -65.96 21.28
N VAL KA 949 -113.77 -66.95 21.12
CA VAL KA 949 -112.37 -66.72 21.41
C VAL KA 949 -111.60 -66.21 20.21
N ARG KA 950 -111.98 -66.60 18.99
CA ARG KA 950 -111.28 -66.11 17.81
C ARG KA 950 -111.40 -64.60 17.69
N ALA KA 951 -112.43 -64.00 18.28
CA ALA KA 951 -112.54 -62.54 18.28
C ALA KA 951 -111.52 -61.94 19.24
N ALA KA 952 -111.63 -62.27 20.53
CA ALA KA 952 -110.70 -61.71 21.51
C ALA KA 952 -109.27 -62.09 21.18
N ALA KA 953 -109.06 -63.24 20.55
CA ALA KA 953 -107.71 -63.64 20.14
C ALA KA 953 -107.07 -62.64 19.20
N GLN KA 954 -107.84 -61.73 18.61
CA GLN KA 954 -107.26 -60.75 17.71
C GLN KA 954 -106.52 -59.66 18.47
N HIS KA 955 -107.06 -59.25 19.62
CA HIS KA 955 -106.55 -58.07 20.30
C HIS KA 955 -105.82 -58.37 21.60
N VAL KA 956 -105.98 -59.55 22.17
CA VAL KA 956 -105.21 -59.90 23.35
C VAL KA 956 -104.33 -61.10 22.99
N PRO KA 957 -103.11 -61.19 23.52
CA PRO KA 957 -102.30 -62.36 23.25
C PRO KA 957 -102.84 -63.56 24.00
N CYS KA 958 -102.81 -64.72 23.35
CA CYS KA 958 -103.47 -65.90 23.86
C CYS KA 958 -102.54 -66.79 24.67
N VAL KA 959 -101.55 -66.21 25.35
CA VAL KA 959 -100.63 -67.02 26.13
C VAL KA 959 -101.43 -67.69 27.25
N PRO KA 960 -101.41 -69.01 27.33
CA PRO KA 960 -102.20 -69.69 28.37
C PRO KA 960 -101.56 -69.48 29.73
N HIS KA 961 -102.40 -69.27 30.74
CA HIS KA 961 -101.91 -68.82 32.03
C HIS KA 961 -101.03 -69.84 32.74
N PHE KA 962 -100.85 -71.05 32.20
CA PHE KA 962 -99.90 -71.98 32.78
C PHE KA 962 -98.54 -71.90 32.11
N LEU KA 963 -98.28 -70.86 31.33
CA LEU KA 963 -96.99 -70.63 30.71
C LEU KA 963 -96.47 -69.24 31.03
N GLY KA 964 -96.75 -68.74 32.23
CA GLY KA 964 -96.34 -67.40 32.61
C GLY KA 964 -97.27 -66.34 32.08
N ALA KA 965 -97.58 -65.34 32.89
CA ALA KA 965 -98.50 -64.29 32.50
C ALA KA 965 -97.73 -63.03 32.13
N ASN KA 966 -98.41 -62.16 31.39
CA ASN KA 966 -97.74 -60.99 30.81
C ASN KA 966 -97.45 -59.93 31.80
N TYR KA 967 -97.53 -60.23 33.09
CA TYR KA 967 -96.92 -59.40 34.12
C TYR KA 967 -95.71 -60.03 34.76
N TYR KA 968 -95.69 -61.35 34.90
CA TYR KA 968 -94.62 -62.02 35.60
C TYR KA 968 -93.47 -62.43 34.69
N ALA KA 969 -93.67 -62.44 33.38
CA ALA KA 969 -92.60 -62.85 32.48
C ALA KA 969 -91.46 -61.85 32.50
N THR KA 970 -90.40 -62.15 31.74
CA THR KA 970 -89.28 -61.24 31.62
C THR KA 970 -89.31 -60.42 30.35
N VAL KA 971 -90.12 -60.84 29.37
CA VAL KA 971 -90.30 -60.09 28.13
C VAL KA 971 -91.78 -59.75 28.07
N ARG KA 972 -92.15 -58.55 28.49
CA ARG KA 972 -93.53 -58.18 28.69
C ARG KA 972 -94.18 -57.80 27.38
N GLN KA 973 -95.36 -57.17 27.46
CA GLN KA 973 -96.15 -56.92 26.27
C GLN KA 973 -95.59 -55.82 25.38
N PRO KA 974 -95.14 -54.66 25.90
CA PRO KA 974 -94.82 -53.54 24.99
C PRO KA 974 -93.79 -53.85 23.93
N VAL KA 975 -92.82 -54.74 24.19
CA VAL KA 975 -91.81 -55.00 23.17
C VAL KA 975 -92.45 -55.65 21.96
N ALA KA 976 -93.37 -56.57 22.17
CA ALA KA 976 -94.07 -57.19 21.05
C ALA KA 976 -94.89 -56.18 20.28
N GLN KA 977 -95.60 -55.30 21.00
CA GLN KA 977 -96.37 -54.26 20.36
C GLN KA 977 -95.49 -53.38 19.49
N HIS KA 978 -94.34 -52.97 20.02
CA HIS KA 978 -93.40 -52.17 19.24
C HIS KA 978 -92.97 -52.91 17.99
N ALA KA 979 -92.58 -54.18 18.15
CA ALA KA 979 -92.19 -54.98 17.00
C ALA KA 979 -93.31 -55.17 16.01
N ALA KA 980 -94.56 -54.94 16.42
CA ALA KA 980 -95.68 -55.21 15.54
C ALA KA 980 -96.21 -53.98 14.81
N GLN KA 981 -95.82 -52.78 15.22
CA GLN KA 981 -96.37 -51.57 14.61
C GLN KA 981 -95.29 -50.54 14.36
N SER KA 982 -94.11 -50.99 13.93
CA SER KA 982 -93.04 -50.10 13.53
C SER KA 982 -92.68 -50.38 12.09
N ARG KA 983 -92.44 -49.34 11.32
CA ARG KA 983 -92.09 -49.47 9.91
C ARG KA 983 -90.69 -48.85 9.74
N ALA KA 984 -89.67 -49.65 10.04
CA ALA KA 984 -88.34 -49.09 10.25
C ALA KA 984 -87.23 -49.98 9.69
N ASP KA 985 -87.36 -50.46 8.45
CA ASP KA 985 -86.20 -51.04 7.79
C ASP KA 985 -85.62 -52.20 8.60
N GLU KA 986 -86.28 -53.35 8.57
CA GLU KA 986 -86.02 -54.46 9.48
C GLU KA 986 -84.55 -54.68 9.82
N ASN KA 987 -83.63 -54.33 8.92
CA ASN KA 987 -82.22 -54.30 9.30
C ASN KA 987 -82.00 -53.34 10.48
N THR KA 988 -82.77 -52.27 10.54
CA THR KA 988 -82.70 -51.36 11.68
C THR KA 988 -83.54 -51.85 12.85
N LEU KA 989 -84.68 -52.46 12.57
CA LEU KA 989 -85.50 -53.00 13.66
C LEU KA 989 -84.73 -54.04 14.46
N SER KA 990 -83.85 -54.79 13.79
CA SER KA 990 -83.03 -55.76 14.49
C SER KA 990 -82.21 -55.09 15.59
N TYR KA 991 -81.43 -54.07 15.22
CA TYR KA 991 -80.61 -53.38 16.20
C TYR KA 991 -81.48 -52.68 17.23
N ALA KA 992 -82.61 -52.13 16.81
CA ALA KA 992 -83.50 -51.47 17.77
C ALA KA 992 -83.92 -52.42 18.86
N LEU KA 993 -84.41 -53.59 18.46
CA LEU KA 993 -84.85 -54.57 19.44
C LEU KA 993 -83.69 -55.03 20.31
N MET KA 994 -82.55 -55.33 19.69
CA MET KA 994 -81.40 -55.79 20.46
C MET KA 994 -80.96 -54.74 21.46
N ALA KA 995 -81.14 -53.46 21.14
CA ALA KA 995 -80.82 -52.41 22.10
C ALA KA 995 -81.85 -52.33 23.20
N GLY KA 996 -83.11 -52.59 22.88
CA GLY KA 996 -84.14 -52.54 23.89
C GLY KA 996 -84.12 -53.78 24.78
N TYR KA 997 -82.92 -54.20 25.20
CA TYR KA 997 -82.80 -55.38 26.04
C TYR KA 997 -81.74 -55.21 27.13
N PHE KA 998 -81.39 -53.98 27.48
CA PHE KA 998 -80.46 -53.75 28.57
C PHE KA 998 -81.24 -53.62 29.87
N LYS KA 999 -80.67 -54.14 30.95
CA LYS KA 999 -81.37 -54.11 32.22
C LYS KA 999 -81.49 -52.68 32.74
N MET KA 1000 -82.30 -52.52 33.79
CA MET KA 1000 -82.49 -51.23 34.45
C MET KA 1000 -82.16 -51.43 35.92
N SER KA 1001 -80.89 -51.30 36.26
CA SER KA 1001 -80.41 -51.54 37.61
C SER KA 1001 -79.19 -50.69 37.83
N PRO KA 1002 -78.96 -50.22 39.06
CA PRO KA 1002 -77.75 -49.46 39.34
C PRO KA 1002 -76.49 -50.13 38.80
N VAL KA 1003 -76.36 -51.44 39.00
CA VAL KA 1003 -75.19 -52.15 38.49
C VAL KA 1003 -75.15 -52.09 36.97
N ALA KA 1004 -76.31 -51.98 36.33
CA ALA KA 1004 -76.36 -51.91 34.87
C ALA KA 1004 -76.17 -50.48 34.37
N PHE KA 1005 -76.70 -49.51 35.11
CA PHE KA 1005 -76.48 -48.12 34.75
C PHE KA 1005 -75.00 -47.78 34.81
N THR KA 1006 -74.31 -48.31 35.83
CA THR KA 1006 -72.87 -48.09 35.96
C THR KA 1006 -72.11 -48.36 34.67
N HIS KA 1007 -72.64 -49.23 33.81
CA HIS KA 1007 -72.05 -49.50 32.51
C HIS KA 1007 -72.71 -48.70 31.40
N GLN KA 1008 -74.04 -48.67 31.36
CA GLN KA 1008 -74.73 -48.08 30.22
C GLN KA 1008 -74.51 -46.57 30.16
N LEU KA 1009 -74.66 -45.88 31.29
CA LEU KA 1009 -74.47 -44.44 31.32
C LEU KA 1009 -73.06 -44.08 30.87
N ARG KA 1010 -72.06 -44.78 31.40
CA ARG KA 1010 -70.69 -44.42 31.14
C ARG KA 1010 -70.26 -44.80 29.73
N ARG KA 1011 -70.90 -45.80 29.14
CA ARG KA 1011 -70.55 -46.24 27.79
C ARG KA 1011 -71.31 -45.47 26.71
N GLN KA 1012 -71.85 -44.31 27.06
CA GLN KA 1012 -72.46 -43.41 26.07
C GLN KA 1012 -73.63 -44.08 25.36
N LEU KA 1013 -74.49 -44.72 26.14
CA LEU KA 1013 -75.76 -45.21 25.65
C LEU KA 1013 -76.89 -44.44 26.33
N HIS KA 1014 -77.95 -44.17 25.58
CA HIS KA 1014 -79.04 -43.36 26.10
C HIS KA 1014 -80.18 -44.25 26.53
N PRO KA 1015 -80.42 -44.41 27.83
CA PRO KA 1015 -81.56 -45.22 28.26
C PRO KA 1015 -82.88 -44.50 28.01
N GLY KA 1016 -83.98 -45.09 28.44
CA GLY KA 1016 -85.29 -44.53 28.14
C GLY KA 1016 -85.76 -43.48 29.13
N PHE KA 1017 -84.86 -42.63 29.59
CA PHE KA 1017 -85.19 -41.55 30.51
C PHE KA 1017 -85.00 -40.21 29.83
N ALA KA 1018 -85.32 -39.16 30.57
CA ALA KA 1018 -84.95 -37.80 30.17
C ALA KA 1018 -84.89 -36.99 31.46
N LEU KA 1019 -83.69 -36.79 31.97
CA LEU KA 1019 -83.57 -36.14 33.27
C LEU KA 1019 -83.88 -34.65 33.15
N THR KA 1020 -83.96 -33.98 34.30
CA THR KA 1020 -84.34 -32.57 34.35
C THR KA 1020 -83.49 -31.90 35.42
N VAL KA 1021 -82.37 -31.31 34.99
CA VAL KA 1021 -81.42 -30.75 35.93
C VAL KA 1021 -81.99 -29.50 36.58
N VAL KA 1022 -81.83 -29.39 37.89
CA VAL KA 1022 -82.27 -28.23 38.66
C VAL KA 1022 -81.11 -27.75 39.52
N ARG KA 1023 -80.97 -26.44 39.65
CA ARG KA 1023 -79.92 -25.88 40.49
C ARG KA 1023 -80.32 -24.47 40.89
N GLN KA 1024 -79.68 -23.95 41.92
CA GLN KA 1024 -80.03 -22.67 42.50
C GLN KA 1024 -78.83 -21.75 42.52
N ASP KA 1025 -79.03 -20.50 42.12
CA ASP KA 1025 -77.97 -19.51 42.10
C ASP KA 1025 -78.36 -18.34 42.99
N ARG KA 1026 -77.37 -17.53 43.35
CA ARG KA 1026 -77.57 -16.38 44.21
C ARG KA 1026 -76.81 -15.20 43.63
N PHE KA 1027 -77.51 -14.08 43.46
CA PHE KA 1027 -76.91 -12.86 42.96
C PHE KA 1027 -76.87 -11.83 44.06
N ALA KA 1028 -75.77 -11.11 44.16
CA ALA KA 1028 -75.67 -9.99 45.08
C ALA KA 1028 -76.12 -8.74 44.36
N THR KA 1029 -77.22 -8.16 44.82
CA THR KA 1029 -77.82 -7.00 44.17
C THR KA 1029 -77.55 -5.74 44.98
N GLU KA 1030 -77.99 -4.61 44.44
CA GLU KA 1030 -77.81 -3.32 45.07
C GLU KA 1030 -79.17 -2.61 45.14
N ASN KA 1031 -79.66 -2.42 46.35
CA ASN KA 1031 -81.03 -1.96 46.56
C ASN KA 1031 -81.10 -0.46 46.73
N VAL KA 1032 -82.32 0.06 46.65
CA VAL KA 1032 -82.62 1.46 46.97
C VAL KA 1032 -83.86 1.42 47.85
N LEU KA 1033 -83.65 1.50 49.17
CA LEU KA 1033 -84.75 1.42 50.11
C LEU KA 1033 -85.41 2.79 50.28
N PHE KA 1034 -86.68 2.77 50.65
CA PHE KA 1034 -87.43 3.99 50.90
C PHE KA 1034 -88.23 3.81 52.18
N ALA KA 1035 -88.53 4.92 52.84
CA ALA KA 1035 -89.30 4.89 54.08
C ALA KA 1035 -90.22 6.10 54.10
N GLU KA 1036 -91.10 6.14 55.09
CA GLU KA 1036 -92.10 7.19 55.19
C GLU KA 1036 -91.77 8.12 56.36
N LYS KA 1037 -92.62 9.14 56.52
CA LYS KA 1037 -92.33 10.21 57.47
C LYS KA 1037 -92.20 9.71 58.89
N ALA KA 1038 -92.93 8.65 59.25
CA ALA KA 1038 -92.75 8.02 60.56
C ALA KA 1038 -93.25 6.59 60.43
N SER KA 1039 -92.33 5.65 60.25
CA SER KA 1039 -92.69 4.29 59.93
C SER KA 1039 -92.39 3.31 61.05
N GLU KA 1040 -91.85 3.76 62.18
CA GLU KA 1040 -91.48 2.86 63.25
C GLU KA 1040 -91.52 3.61 64.58
N SER KA 1041 -92.26 3.06 65.54
CA SER KA 1041 -92.09 3.49 66.91
C SER KA 1041 -90.88 2.79 67.49
N TYR KA 1042 -90.15 3.47 68.35
CA TYR KA 1042 -88.86 2.98 68.82
C TYR KA 1042 -88.68 3.36 70.28
N PHE KA 1043 -88.34 2.39 71.12
CA PHE KA 1043 -88.18 2.60 72.55
C PHE KA 1043 -86.81 2.15 72.98
N MET KA 1044 -85.98 3.09 73.42
CA MET KA 1044 -84.67 2.76 73.96
C MET KA 1044 -84.77 2.48 75.44
N GLY KA 1045 -84.09 1.44 75.90
CA GLY KA 1045 -84.10 1.10 77.30
C GLY KA 1045 -83.06 1.88 78.08
N GLN KA 1046 -82.36 1.20 78.99
CA GLN KA 1046 -81.35 1.85 79.82
C GLN KA 1046 -80.12 0.96 79.89
N MET KA 1047 -78.95 1.56 79.78
CA MET KA 1047 -77.71 0.80 79.67
C MET KA 1047 -77.40 0.07 80.97
N GLN KA 1048 -76.98 -1.18 80.86
CA GLN KA 1048 -76.80 -2.07 82.00
C GLN KA 1048 -75.43 -2.75 81.93
N VAL KA 1049 -74.50 -2.30 82.75
CA VAL KA 1049 -73.18 -2.91 82.81
C VAL KA 1049 -73.24 -4.14 83.71
N ALA KA 1050 -72.34 -5.09 83.46
CA ALA KA 1050 -72.23 -6.30 84.28
C ALA KA 1050 -70.75 -6.54 84.55
N ARG KA 1051 -70.26 -5.95 85.63
CA ARG KA 1051 -68.83 -6.00 85.94
C ARG KA 1051 -68.47 -7.37 86.47
N THR KA 1052 -67.55 -8.04 85.79
CA THR KA 1052 -67.02 -9.32 86.23
C THR KA 1052 -65.51 -9.25 86.27
N GLU KA 1053 -64.90 -10.26 86.89
CA GLU KA 1053 -63.46 -10.39 86.93
C GLU KA 1053 -63.02 -11.47 85.97
N SER KA 1054 -61.85 -11.27 85.36
CA SER KA 1054 -61.25 -12.28 84.48
C SER KA 1054 -59.75 -12.05 84.47
N GLY KA 1055 -58.99 -13.08 84.84
CA GLY KA 1055 -57.54 -12.96 84.89
C GLY KA 1055 -57.06 -11.80 85.72
N GLY KA 1056 -57.77 -11.47 86.80
CA GLY KA 1056 -57.45 -10.34 87.62
C GLY KA 1056 -58.04 -9.02 87.14
N GLY KA 1057 -58.27 -8.89 85.83
CA GLY KA 1057 -58.68 -7.64 85.25
C GLY KA 1057 -60.16 -7.62 84.90
N LEU KA 1058 -60.82 -6.53 85.24
CA LEU KA 1058 -62.25 -6.40 84.98
C LEU KA 1058 -62.55 -6.60 83.50
N HIS KA 1059 -63.71 -7.18 83.22
CA HIS KA 1059 -64.18 -7.36 81.85
C HIS KA 1059 -65.59 -6.79 81.81
N LEU KA 1060 -65.68 -5.49 81.61
CA LEU KA 1060 -66.97 -4.84 81.63
C LEU KA 1060 -67.78 -5.26 80.42
N GLN KA 1061 -69.10 -5.36 80.61
CA GLN KA 1061 -70.00 -5.80 79.56
C GLN KA 1061 -71.21 -4.88 79.54
N LEU KA 1062 -71.46 -4.26 78.40
CA LEU KA 1062 -72.58 -3.35 78.28
C LEU KA 1062 -73.78 -4.08 77.69
N THR KA 1063 -74.95 -3.45 77.82
CA THR KA 1063 -76.20 -4.02 77.33
C THR KA 1063 -77.27 -2.94 77.36
N GLN KA 1064 -78.13 -2.94 76.36
CA GLN KA 1064 -79.19 -1.95 76.28
C GLN KA 1064 -80.38 -2.55 75.56
N PRO KA 1065 -81.49 -2.79 76.26
CA PRO KA 1065 -82.68 -3.31 75.59
C PRO KA 1065 -83.38 -2.22 74.82
N ARG KA 1066 -84.01 -2.62 73.72
CA ARG KA 1066 -84.76 -1.69 72.90
C ARG KA 1066 -85.82 -2.46 72.15
N ALA KA 1067 -86.98 -1.84 71.97
CA ALA KA 1067 -88.13 -2.51 71.37
C ALA KA 1067 -88.75 -1.62 70.31
N ASN KA 1068 -88.96 -2.18 69.13
CA ASN KA 1068 -89.52 -1.45 68.00
C ASN KA 1068 -90.83 -2.07 67.58
N VAL KA 1069 -91.64 -1.29 66.88
CA VAL KA 1069 -92.94 -1.76 66.42
C VAL KA 1069 -93.36 -0.89 65.24
N ASP KA 1070 -93.97 -1.52 64.24
CA ASP KA 1070 -94.58 -0.76 63.17
C ASP KA 1070 -95.73 0.06 63.73
N LEU KA 1071 -96.04 1.16 63.06
CA LEU KA 1071 -97.21 1.94 63.44
C LEU KA 1071 -97.94 2.48 62.22
N GLY KA 1072 -97.91 1.75 61.12
CA GLY KA 1072 -98.67 2.14 59.96
C GLY KA 1072 -99.47 1.01 59.36
N VAL KA 1073 -100.73 1.26 59.04
CA VAL KA 1073 -101.51 0.28 58.30
C VAL KA 1073 -101.06 0.28 56.85
N GLY KA 1074 -100.95 -0.91 56.26
CA GLY KA 1074 -100.38 -1.05 54.94
C GLY KA 1074 -98.87 -0.84 54.95
N PHE KA 1075 -98.24 -1.20 53.85
CA PHE KA 1075 -96.79 -1.12 53.78
C PHE KA 1075 -96.33 0.33 53.72
N THR KA 1076 -95.23 0.63 54.41
CA THR KA 1076 -94.66 1.97 54.42
C THR KA 1076 -93.19 1.97 54.03
N ALA KA 1077 -92.72 0.92 53.36
CA ALA KA 1077 -91.33 0.85 52.95
C ALA KA 1077 -91.21 -0.15 51.82
N ALA KA 1078 -90.43 0.21 50.80
CA ALA KA 1078 -90.25 -0.67 49.66
C ALA KA 1078 -88.89 -0.39 49.06
N TYR KA 1079 -88.29 -1.42 48.47
CA TYR KA 1079 -86.98 -1.28 47.84
C TYR KA 1079 -87.07 -1.69 46.37
N ALA KA 1080 -85.96 -1.55 45.65
CA ALA KA 1080 -86.03 -1.67 44.20
C ALA KA 1080 -85.01 -2.63 43.62
N ALA KA 1081 -83.84 -2.76 44.25
CA ALA KA 1081 -82.77 -3.62 43.75
C ALA KA 1081 -82.34 -3.19 42.35
N ALA KA 1082 -81.75 -2.00 42.28
CA ALA KA 1082 -81.41 -1.41 40.99
C ALA KA 1082 -80.25 -2.13 40.30
N ALA KA 1083 -79.05 -2.07 40.87
CA ALA KA 1083 -77.85 -2.53 40.18
C ALA KA 1083 -77.71 -4.04 40.27
N LEU KA 1084 -76.54 -4.55 39.92
CA LEU KA 1084 -76.28 -5.99 40.04
C LEU KA 1084 -74.78 -6.21 40.20
N ARG KA 1085 -74.36 -6.56 41.42
CA ARG KA 1085 -72.98 -6.97 41.64
C ARG KA 1085 -72.76 -8.35 41.02
N ALA KA 1086 -71.54 -8.86 41.17
CA ALA KA 1086 -71.21 -10.15 40.59
C ALA KA 1086 -71.94 -11.27 41.31
N PRO KA 1087 -72.34 -12.32 40.60
CA PRO KA 1087 -73.04 -13.45 41.24
C PRO KA 1087 -72.17 -14.06 42.33
N VAL KA 1088 -72.69 -14.07 43.56
CA VAL KA 1088 -71.90 -14.56 44.69
C VAL KA 1088 -71.58 -16.03 44.52
N THR KA 1089 -72.48 -16.80 43.94
CA THR KA 1089 -72.24 -18.21 43.73
C THR KA 1089 -71.81 -18.47 42.30
N ASP KA 1090 -71.20 -19.62 42.10
CA ASP KA 1090 -70.85 -20.08 40.78
C ASP KA 1090 -72.09 -20.61 40.07
N MET KA 1091 -72.01 -20.67 38.74
CA MET KA 1091 -73.07 -21.25 37.93
C MET KA 1091 -72.67 -22.58 37.32
N GLY KA 1092 -71.68 -23.26 37.89
CA GLY KA 1092 -71.17 -24.47 37.30
C GLY KA 1092 -72.09 -25.65 37.47
N ASN KA 1093 -71.52 -26.86 37.43
CA ASN KA 1093 -72.27 -28.08 37.66
C ASN KA 1093 -71.54 -28.92 38.71
N LEU KA 1094 -72.30 -29.48 39.64
CA LEU KA 1094 -71.74 -30.30 40.71
C LEU KA 1094 -72.75 -31.36 41.03
N PRO KA 1095 -72.68 -32.50 40.36
CA PRO KA 1095 -73.73 -33.51 40.49
C PRO KA 1095 -73.82 -34.01 41.93
N GLN KA 1096 -75.03 -33.98 42.47
CA GLN KA 1096 -75.23 -34.39 43.85
C GLN KA 1096 -74.98 -35.88 44.01
N ASN KA 1097 -74.60 -36.27 45.22
CA ASN KA 1097 -74.23 -37.64 45.52
C ASN KA 1097 -75.10 -38.13 46.67
N LEU KA 1098 -75.97 -39.10 46.39
CA LEU KA 1098 -76.90 -39.58 47.41
C LEU KA 1098 -76.23 -40.43 48.48
N PHE KA 1099 -75.00 -40.90 48.24
CA PHE KA 1099 -74.38 -41.81 49.19
C PHE KA 1099 -73.99 -41.14 50.51
N ALA KA 1100 -74.26 -39.85 50.67
CA ALA KA 1100 -73.95 -39.15 51.90
C ALA KA 1100 -75.14 -39.09 52.85
N THR KA 1101 -76.14 -39.93 52.62
CA THR KA 1101 -77.39 -39.89 53.39
C THR KA 1101 -77.56 -41.21 54.15
N ARG KA 1102 -78.74 -41.37 54.76
CA ARG KA 1102 -79.09 -42.59 55.47
C ARG KA 1102 -80.51 -42.99 55.07
N GLY KA 1103 -81.10 -43.93 55.81
CA GLY KA 1103 -82.46 -44.32 55.54
C GLY KA 1103 -82.65 -45.13 54.27
N ALA KA 1104 -81.58 -45.40 53.52
CA ALA KA 1104 -81.67 -46.25 52.35
C ALA KA 1104 -81.44 -47.68 52.78
N PRO KA 1105 -82.43 -48.57 52.68
CA PRO KA 1105 -82.20 -49.97 53.00
C PRO KA 1105 -81.20 -50.58 52.04
N PRO KA 1106 -80.03 -50.99 52.54
CA PRO KA 1106 -78.95 -51.40 51.65
C PRO KA 1106 -79.31 -52.66 50.88
N MET KA 1107 -78.58 -52.87 49.79
CA MET KA 1107 -78.74 -54.09 49.01
C MET KA 1107 -78.18 -55.28 49.79
N LEU KA 1108 -78.67 -56.47 49.44
CA LEU KA 1108 -78.33 -57.66 50.22
C LEU KA 1108 -76.84 -57.96 50.14
N ASP KA 1109 -76.35 -58.27 48.94
CA ASP KA 1109 -74.96 -58.67 48.79
C ASP KA 1109 -74.02 -57.50 49.09
N ALA KA 1110 -73.18 -57.67 50.11
CA ALA KA 1110 -72.31 -56.58 50.54
C ALA KA 1110 -71.34 -56.16 49.45
N ASP KA 1111 -70.87 -57.12 48.64
CA ASP KA 1111 -69.92 -56.80 47.59
C ASP KA 1111 -70.52 -55.84 46.57
N ALA KA 1112 -71.82 -55.98 46.28
CA ALA KA 1112 -72.45 -55.07 45.33
C ALA KA 1112 -72.44 -53.64 45.85
N ASP KA 1113 -72.71 -53.45 47.14
CA ASP KA 1113 -72.70 -52.11 47.71
C ASP KA 1113 -71.29 -51.54 47.73
N ASP KA 1114 -70.30 -52.35 48.13
CA ASP KA 1114 -68.93 -51.85 48.09
C ASP KA 1114 -68.50 -51.53 46.67
N TYR KA 1115 -69.02 -52.27 45.69
CA TYR KA 1115 -68.70 -51.97 44.29
C TYR KA 1115 -69.33 -50.66 43.85
N LEU KA 1116 -70.59 -50.43 44.23
CA LEU KA 1116 -71.22 -49.17 43.88
C LEU KA 1116 -70.49 -48.00 44.52
N ARG KA 1117 -70.06 -48.16 45.77
CA ARG KA 1117 -69.25 -47.11 46.39
C ARG KA 1117 -67.96 -46.89 45.61
N ARG KA 1118 -67.14 -47.93 45.50
CA ARG KA 1118 -65.85 -47.82 44.82
C ARG KA 1118 -65.99 -47.33 43.39
N THR KA 1119 -67.18 -47.38 42.82
CA THR KA 1119 -67.37 -46.81 41.49
C THR KA 1119 -67.78 -45.34 41.53
N VAL KA 1120 -68.91 -45.05 42.18
CA VAL KA 1120 -69.43 -43.69 42.14
C VAL KA 1120 -68.50 -42.71 42.85
N ASN KA 1121 -67.83 -43.17 43.90
CA ASN KA 1121 -66.91 -42.30 44.63
C ASN KA 1121 -65.53 -42.26 44.03
N ALA KA 1122 -65.37 -42.64 42.77
CA ALA KA 1122 -64.08 -42.59 42.08
C ALA KA 1122 -63.92 -41.19 41.51
N GLY KA 1123 -63.14 -40.36 42.20
CA GLY KA 1123 -62.89 -39.01 41.74
C GLY KA 1123 -64.07 -38.08 41.77
N ASN KA 1124 -65.29 -38.58 41.97
CA ASN KA 1124 -66.43 -37.69 42.15
C ASN KA 1124 -66.25 -36.89 43.44
N ARG KA 1125 -66.42 -35.58 43.33
CA ARG KA 1125 -66.24 -34.71 44.47
C ARG KA 1125 -67.22 -35.06 45.59
N LEU KA 1126 -66.86 -34.64 46.79
CA LEU KA 1126 -67.73 -34.44 47.95
C LEU KA 1126 -68.38 -35.67 48.55
N ALA KA 1127 -68.25 -36.85 47.95
CA ALA KA 1127 -69.08 -37.89 48.55
C ALA KA 1127 -68.53 -38.43 49.88
N PRO KA 1128 -67.45 -39.22 49.91
CA PRO KA 1128 -67.09 -39.89 51.18
C PRO KA 1128 -65.96 -39.25 51.96
N VAL KA 1129 -66.11 -39.11 53.27
CA VAL KA 1129 -64.97 -39.00 54.19
C VAL KA 1129 -65.39 -39.64 55.50
N PRO KA 1130 -64.83 -40.79 55.86
CA PRO KA 1130 -65.24 -41.42 57.12
C PRO KA 1130 -64.47 -40.88 58.32
N VAL KA 1131 -64.74 -39.61 58.65
CA VAL KA 1131 -64.36 -39.10 59.96
C VAL KA 1131 -65.44 -39.49 60.97
N PHE KA 1132 -65.05 -39.54 62.24
CA PHE KA 1132 -65.89 -40.19 63.23
C PHE KA 1132 -67.22 -39.47 63.39
N GLY KA 1133 -68.31 -40.18 63.08
CA GLY KA 1133 -69.68 -39.77 63.37
C GLY KA 1133 -70.09 -38.49 62.65
N GLN KA 1134 -69.44 -38.12 61.56
CA GLN KA 1134 -69.83 -36.92 60.83
C GLN KA 1134 -70.25 -37.18 59.39
N MET KA 1135 -69.41 -37.84 58.61
CA MET KA 1135 -69.68 -38.14 57.19
C MET KA 1135 -69.93 -36.85 56.40
N LEU KA 1136 -68.87 -36.06 56.29
CA LEU KA 1136 -68.87 -34.82 55.51
C LEU KA 1136 -67.66 -34.80 54.59
N PRO KA 1137 -67.75 -34.15 53.44
CA PRO KA 1137 -66.65 -34.18 52.48
C PRO KA 1137 -65.44 -33.43 53.01
N GLN KA 1138 -64.35 -33.50 52.25
CA GLN KA 1138 -63.10 -32.88 52.65
C GLN KA 1138 -62.91 -31.55 51.94
N VAL KA 1139 -62.25 -30.63 52.62
CA VAL KA 1139 -62.09 -29.27 52.10
C VAL KA 1139 -61.25 -29.30 50.84
N PRO KA 1140 -61.68 -28.71 49.75
CA PRO KA 1140 -60.88 -28.74 48.52
C PRO KA 1140 -59.67 -27.83 48.66
N ALA KA 1141 -58.82 -27.83 47.63
CA ALA KA 1141 -57.70 -26.90 47.56
C ALA KA 1141 -58.03 -25.86 46.51
N GLY KA 1142 -58.23 -24.62 46.95
CA GLY KA 1142 -58.38 -23.53 46.02
C GLY KA 1142 -59.75 -23.40 45.38
N LEU KA 1143 -60.24 -22.17 45.29
CA LEU KA 1143 -61.48 -21.87 44.58
C LEU KA 1143 -61.18 -20.89 43.46
N ALA KA 1144 -61.76 -21.14 42.30
CA ALA KA 1144 -61.60 -20.25 41.16
C ALA KA 1144 -62.71 -19.23 41.04
N ARG KA 1145 -63.93 -19.60 41.43
CA ARG KA 1145 -65.07 -18.70 41.34
C ARG KA 1145 -65.84 -18.77 42.64
N GLY KA 1146 -67.04 -18.21 42.67
CA GLY KA 1146 -67.87 -18.27 43.87
C GLY KA 1146 -68.12 -19.70 44.31
N GLN KA 1147 -68.77 -19.82 45.47
CA GLN KA 1147 -69.10 -21.14 45.98
C GLN KA 1147 -69.87 -21.93 44.93
N GLN KA 1148 -69.58 -23.22 44.86
CA GLN KA 1148 -70.08 -24.03 43.76
C GLN KA 1148 -71.47 -24.56 44.09
N SER KA 1149 -72.40 -24.40 43.16
CA SER KA 1149 -73.76 -24.84 43.36
C SER KA 1149 -73.81 -26.36 43.36
N VAL KA 1150 -75.02 -26.90 43.50
CA VAL KA 1150 -75.22 -28.35 43.46
C VAL KA 1150 -76.43 -28.64 42.58
N CYS KA 1151 -76.28 -29.58 41.66
CA CYS KA 1151 -77.36 -29.91 40.74
C CYS KA 1151 -78.19 -31.06 41.29
N GLU KA 1152 -79.29 -31.34 40.60
CA GLU KA 1152 -80.17 -32.43 40.96
C GLU KA 1152 -80.54 -33.20 39.69
N PHE KA 1153 -81.40 -34.19 39.84
CA PHE KA 1153 -81.85 -34.97 38.71
C PHE KA 1153 -83.22 -35.55 39.03
N ILE KA 1154 -84.09 -35.61 38.01
CA ILE KA 1154 -85.45 -36.05 38.17
C ILE KA 1154 -85.83 -36.87 36.93
N ALA KA 1155 -86.26 -38.10 37.14
CA ALA KA 1155 -86.67 -38.92 36.01
C ALA KA 1155 -87.88 -38.30 35.33
N THR KA 1156 -88.01 -38.55 34.03
CA THR KA 1156 -89.07 -37.93 33.23
C THR KA 1156 -89.17 -38.64 31.90
N PRO KA 1157 -90.39 -38.93 31.41
CA PRO KA 1157 -90.53 -39.68 30.17
C PRO KA 1157 -89.88 -38.95 29.00
N VAL KA 1158 -89.39 -39.74 28.04
CA VAL KA 1158 -88.70 -39.18 26.90
C VAL KA 1158 -89.63 -38.41 25.98
N SER KA 1159 -90.93 -38.66 26.07
CA SER KA 1159 -91.90 -37.99 25.19
C SER KA 1159 -92.46 -36.72 25.79
N VAL KA 1160 -91.88 -36.23 26.88
CA VAL KA 1160 -92.37 -34.98 27.45
C VAL KA 1160 -92.22 -33.87 26.43
N ASP KA 1161 -93.17 -32.94 26.41
CA ASP KA 1161 -93.15 -31.89 25.42
C ASP KA 1161 -91.97 -30.96 25.67
N LEU KA 1162 -91.24 -30.65 24.61
CA LEU KA 1162 -90.16 -29.68 24.74
C LEU KA 1162 -90.71 -28.29 25.03
N ALA KA 1163 -91.85 -27.95 24.45
CA ALA KA 1163 -92.46 -26.64 24.65
C ALA KA 1163 -92.92 -26.40 26.08
N TYR KA 1164 -92.73 -27.36 26.98
CA TYR KA 1164 -93.07 -27.13 28.38
C TYR KA 1164 -91.94 -26.46 29.14
N PHE KA 1165 -90.72 -26.46 28.59
CA PHE KA 1165 -89.61 -25.80 29.24
C PHE KA 1165 -89.26 -24.47 28.60
N ARG KA 1166 -89.81 -24.16 27.43
CA ARG KA 1166 -89.49 -22.89 26.78
C ARG KA 1166 -89.93 -21.70 27.60
N ARG KA 1167 -90.86 -21.88 28.53
CA ARG KA 1167 -91.33 -20.82 29.41
C ARG KA 1167 -90.98 -21.14 30.85
N ALA KA 1168 -91.28 -20.22 31.75
CA ALA KA 1168 -91.11 -20.48 33.16
C ALA KA 1168 -92.09 -21.57 33.59
N CYS KA 1169 -91.58 -22.61 34.26
CA CYS KA 1169 -92.37 -23.80 34.50
C CYS KA 1169 -92.10 -24.31 35.90
N ASN KA 1170 -92.59 -25.52 36.16
CA ASN KA 1170 -92.45 -26.22 37.42
C ASN KA 1170 -91.79 -27.57 37.15
N PRO KA 1171 -90.75 -27.94 37.91
CA PRO KA 1171 -90.09 -29.22 37.63
C PRO KA 1171 -90.98 -30.41 37.86
N ARG KA 1172 -91.91 -30.31 38.81
CA ARG KA 1172 -92.83 -31.41 39.08
C ARG KA 1172 -93.59 -31.81 37.82
N GLY KA 1173 -94.32 -30.86 37.24
CA GLY KA 1173 -95.19 -31.15 36.12
C GLY KA 1173 -96.56 -30.56 36.36
N ARG KA 1174 -97.00 -30.58 37.61
CA ARG KA 1174 -98.21 -29.90 38.03
C ARG KA 1174 -97.83 -28.55 38.63
N ALA KA 1175 -98.78 -27.63 38.58
CA ALA KA 1175 -98.53 -26.24 38.99
C ALA KA 1175 -99.01 -25.97 40.40
N ALA KA 1176 -98.85 -26.93 41.30
CA ALA KA 1176 -99.47 -26.91 42.62
C ALA KA 1176 -99.39 -25.56 43.32
N GLY KA 1177 -98.18 -25.16 43.71
CA GLY KA 1177 -97.96 -23.90 44.41
C GLY KA 1177 -98.94 -23.68 45.54
N GLU KA 1178 -99.09 -22.40 45.91
CA GLU KA 1178 -100.12 -22.01 46.86
C GLU KA 1178 -100.93 -20.82 46.36
N VAL KA 1179 -100.24 -19.87 45.70
CA VAL KA 1179 -100.87 -18.62 45.33
C VAL KA 1179 -101.99 -18.80 44.32
N HIS KA 1180 -101.96 -19.87 43.55
CA HIS KA 1180 -103.03 -20.20 42.62
C HIS KA 1180 -103.40 -21.66 42.79
N GLY KA 1181 -104.65 -21.91 43.14
CA GLY KA 1181 -105.09 -23.24 43.50
C GLY KA 1181 -105.21 -23.38 45.00
N GLU KA 1182 -106.24 -24.08 45.46
CA GLU KA 1182 -106.41 -24.28 46.88
C GLU KA 1182 -105.68 -25.54 47.34
N GLU KA 1183 -105.67 -25.75 48.65
CA GLU KA 1183 -105.12 -27.00 49.18
C GLU KA 1183 -105.94 -28.16 48.67
N GLY KA 1184 -105.28 -29.29 48.43
CA GLY KA 1184 -105.86 -30.42 47.77
C GLY KA 1184 -105.57 -30.46 46.28
N LEU KA 1185 -105.11 -29.36 45.71
CA LEU KA 1185 -104.71 -29.35 44.31
C LEU KA 1185 -103.36 -30.02 44.10
N MET KA 1186 -102.50 -30.01 45.11
CA MET KA 1186 -101.12 -30.42 44.91
C MET KA 1186 -101.03 -31.87 44.47
N PHE KA 1187 -101.71 -32.77 45.18
CA PHE KA 1187 -101.49 -34.20 45.00
C PHE KA 1187 -102.67 -34.95 44.40
N ASP KA 1188 -103.80 -34.31 44.17
CA ASP KA 1188 -104.90 -34.98 43.51
C ASP KA 1188 -104.64 -35.05 42.00
N HIS KA 1189 -105.35 -35.95 41.33
CA HIS KA 1189 -105.22 -36.06 39.88
C HIS KA 1189 -106.56 -36.31 39.21
N SER KA 1190 -107.63 -35.79 39.79
CA SER KA 1190 -108.93 -35.77 39.13
C SER KA 1190 -109.24 -34.42 38.53
N HIS KA 1191 -108.46 -33.39 38.85
CA HIS KA 1191 -108.62 -32.06 38.30
C HIS KA 1191 -107.49 -31.77 37.33
N ALA KA 1192 -107.77 -30.94 36.33
CA ALA KA 1192 -106.74 -30.57 35.38
C ALA KA 1192 -105.66 -29.74 36.05
N ASP KA 1193 -104.48 -29.75 35.45
CA ASP KA 1193 -103.45 -28.81 35.84
C ASP KA 1193 -103.94 -27.40 35.54
N PRO KA 1194 -103.91 -26.48 36.51
CA PRO KA 1194 -104.26 -25.09 36.21
C PRO KA 1194 -103.44 -24.50 35.07
N ALA KA 1195 -102.15 -24.85 34.98
CA ALA KA 1195 -101.29 -24.25 33.96
C ALA KA 1195 -101.76 -24.60 32.56
N HIS KA 1196 -101.69 -25.88 32.20
CA HIS KA 1196 -102.10 -26.37 30.88
C HIS KA 1196 -103.27 -27.32 31.08
N PRO KA 1197 -104.50 -26.80 31.12
CA PRO KA 1197 -105.64 -27.62 31.56
C PRO KA 1197 -105.93 -28.83 30.70
N HIS KA 1198 -105.29 -29.00 29.54
CA HIS KA 1198 -105.50 -30.22 28.78
C HIS KA 1198 -105.03 -31.44 29.56
N ARG KA 1199 -103.73 -31.53 29.83
CA ARG KA 1199 -103.19 -32.63 30.60
C ARG KA 1199 -103.52 -32.46 32.08
N ALA KA 1200 -103.25 -33.51 32.83
CA ALA KA 1200 -103.26 -33.44 34.28
C ALA KA 1200 -101.86 -33.62 34.86
N THR KA 1201 -100.85 -33.75 34.00
CA THR KA 1201 -99.47 -33.95 34.40
C THR KA 1201 -98.62 -33.84 33.14
N ALA KA 1202 -97.36 -33.46 33.33
CA ALA KA 1202 -96.38 -33.53 32.26
C ALA KA 1202 -95.27 -34.51 32.56
N ASN KA 1203 -95.32 -35.18 33.70
CA ASN KA 1203 -94.28 -36.09 34.16
C ASN KA 1203 -94.84 -36.98 35.26
N PRO KA 1204 -95.53 -38.07 34.91
CA PRO KA 1204 -96.17 -38.89 35.94
C PRO KA 1204 -95.22 -39.36 37.02
N TRP KA 1205 -94.00 -39.71 36.66
CA TRP KA 1205 -93.08 -40.25 37.65
C TRP KA 1205 -92.63 -39.26 38.67
N ALA KA 1206 -93.14 -38.04 38.71
CA ALA KA 1206 -92.74 -37.10 39.74
C ALA KA 1206 -93.90 -36.34 40.36
N SER KA 1207 -95.13 -36.61 39.96
CA SER KA 1207 -96.27 -35.80 40.38
C SER KA 1207 -97.12 -36.46 41.45
N GLN KA 1208 -97.54 -37.72 41.24
CA GLN KA 1208 -98.41 -38.36 42.21
C GLN KA 1208 -97.68 -38.57 43.53
N ARG KA 1209 -98.48 -38.72 44.59
CA ARG KA 1209 -97.91 -39.02 45.89
C ARG KA 1209 -97.26 -40.39 45.86
N HIS KA 1210 -96.14 -40.52 46.59
CA HIS KA 1210 -95.38 -41.75 46.67
C HIS KA 1210 -94.81 -42.17 45.32
N SER KA 1211 -94.59 -41.20 44.44
CA SER KA 1211 -93.92 -41.48 43.19
C SER KA 1211 -92.43 -41.67 43.43
N TYR KA 1212 -91.70 -41.96 42.35
CA TYR KA 1212 -90.26 -42.12 42.47
C TYR KA 1212 -89.60 -40.84 42.96
N ALA KA 1213 -89.82 -39.74 42.23
CA ALA KA 1213 -89.18 -38.48 42.61
C ALA KA 1213 -89.61 -38.03 44.00
N ASP KA 1214 -90.88 -38.23 44.34
CA ASP KA 1214 -91.37 -37.74 45.63
C ASP KA 1214 -90.66 -38.43 46.78
N ARG KA 1215 -90.55 -39.76 46.73
CA ARG KA 1215 -89.89 -40.48 47.81
C ARG KA 1215 -88.46 -40.03 47.98
N LEU KA 1216 -87.86 -39.41 46.96
CA LEU KA 1216 -86.50 -38.90 47.06
C LEU KA 1216 -86.47 -37.50 47.63
N TYR KA 1217 -87.13 -36.56 46.98
CA TYR KA 1217 -86.94 -35.14 47.20
C TYR KA 1217 -88.03 -34.52 48.05
N ASN KA 1218 -88.53 -35.22 49.04
CA ASN KA 1218 -89.57 -34.66 49.90
C ASN KA 1218 -89.03 -34.42 51.29
N GLY KA 1219 -89.69 -33.52 52.01
CA GLY KA 1219 -89.18 -33.08 53.29
C GLY KA 1219 -89.63 -33.93 54.45
N GLN KA 1220 -90.86 -34.42 54.39
CA GLN KA 1220 -91.46 -35.15 55.49
C GLN KA 1220 -91.18 -36.66 55.41
N TYR KA 1221 -90.19 -37.07 54.61
CA TYR KA 1221 -89.88 -38.47 54.45
C TYR KA 1221 -88.49 -38.84 54.95
N ASN KA 1222 -87.64 -37.86 55.23
CA ASN KA 1222 -86.37 -38.06 55.92
C ASN KA 1222 -85.44 -38.98 55.13
N MET KA 1223 -85.09 -38.52 53.93
CA MET KA 1223 -83.93 -39.02 53.20
C MET KA 1223 -82.90 -37.90 53.05
N SER KA 1224 -82.72 -37.14 54.11
CA SER KA 1224 -81.92 -35.92 54.07
C SER KA 1224 -80.47 -36.20 54.45
N GLY KA 1225 -79.59 -35.35 53.94
CA GLY KA 1225 -78.18 -35.45 54.22
C GLY KA 1225 -77.55 -34.08 54.35
N PRO KA 1226 -76.22 -34.03 54.42
CA PRO KA 1226 -75.54 -32.76 54.66
C PRO KA 1226 -75.42 -31.86 53.45
N ALA KA 1227 -75.99 -32.25 52.31
CA ALA KA 1227 -75.90 -31.45 51.09
C ALA KA 1227 -77.24 -30.78 50.82
N TYR KA 1228 -77.18 -29.54 50.34
CA TYR KA 1228 -78.39 -28.83 49.97
C TYR KA 1228 -79.05 -29.48 48.76
N SER KA 1229 -80.36 -29.33 48.67
CA SER KA 1229 -81.13 -29.90 47.56
C SER KA 1229 -82.07 -28.84 47.01
N PRO KA 1230 -81.75 -28.23 45.88
CA PRO KA 1230 -82.55 -27.11 45.39
C PRO KA 1230 -84.01 -27.45 45.19
N CYS KA 1231 -84.32 -28.68 44.79
CA CYS KA 1231 -85.70 -29.07 44.55
C CYS KA 1231 -86.42 -29.47 45.82
N PHE KA 1232 -85.88 -29.10 46.99
CA PHE KA 1232 -86.58 -29.36 48.24
C PHE KA 1232 -87.84 -28.53 48.36
N LYS KA 1233 -87.81 -27.29 47.87
CA LYS KA 1233 -88.94 -26.39 48.02
C LYS KA 1233 -90.02 -26.58 46.97
N PHE KA 1234 -89.93 -27.62 46.14
CA PHE KA 1234 -90.96 -27.91 45.15
C PHE KA 1234 -91.80 -29.11 45.49
N PHE KA 1235 -91.26 -30.11 46.19
CA PHE KA 1235 -91.99 -31.32 46.54
C PHE KA 1235 -92.27 -31.40 48.03
N THR KA 1236 -92.15 -30.28 48.76
CA THR KA 1236 -92.37 -30.28 50.20
C THR KA 1236 -93.57 -29.41 50.52
N PRO KA 1237 -94.75 -30.00 50.71
CA PRO KA 1237 -95.90 -29.21 51.17
C PRO KA 1237 -95.84 -28.87 52.65
N ALA KA 1238 -94.79 -29.30 53.36
CA ALA KA 1238 -94.68 -28.98 54.78
C ALA KA 1238 -94.57 -27.48 55.01
N GLU KA 1239 -93.79 -26.81 54.17
CA GLU KA 1239 -93.80 -25.35 54.18
C GLU KA 1239 -95.12 -24.81 53.62
N ALA KA 1240 -95.83 -25.61 52.84
CA ALA KA 1240 -97.17 -25.24 52.41
C ALA KA 1240 -98.23 -25.58 53.46
N VAL KA 1241 -97.87 -26.38 54.46
CA VAL KA 1241 -98.78 -26.62 55.58
C VAL KA 1241 -99.13 -25.30 56.27
N ALA KA 1242 -98.10 -24.56 56.66
CA ALA KA 1242 -98.30 -23.23 57.26
C ALA KA 1242 -98.56 -22.24 56.13
N LYS KA 1243 -99.83 -22.16 55.72
CA LYS KA 1243 -100.24 -21.23 54.68
C LYS KA 1243 -100.36 -19.82 55.27
N SER KA 1244 -100.71 -18.88 54.40
CA SER KA 1244 -100.91 -17.49 54.78
C SER KA 1244 -102.33 -17.08 54.46
N ARG KA 1245 -102.83 -16.09 55.21
CA ARG KA 1245 -104.22 -15.69 55.08
C ARG KA 1245 -104.45 -14.85 53.84
N GLY KA 1246 -103.82 -13.68 53.78
CA GLY KA 1246 -103.91 -12.83 52.61
C GLY KA 1246 -102.66 -12.92 51.77
N LEU KA 1247 -102.82 -12.74 50.45
CA LEU KA 1247 -101.66 -12.69 49.57
C LEU KA 1247 -100.62 -11.73 50.09
N ALA KA 1248 -101.06 -10.67 50.78
CA ALA KA 1248 -100.13 -9.71 51.35
C ALA KA 1248 -99.11 -10.37 52.25
N ARG KA 1249 -99.51 -11.43 52.95
CA ARG KA 1249 -98.57 -12.11 53.83
C ARG KA 1249 -97.45 -12.76 53.04
N LEU KA 1250 -97.81 -13.49 51.97
CA LEU KA 1250 -96.80 -14.08 51.11
C LEU KA 1250 -95.89 -13.01 50.54
N ILE KA 1251 -96.48 -11.91 50.05
CA ILE KA 1251 -95.69 -10.85 49.44
C ILE KA 1251 -94.68 -10.30 50.44
N ALA KA 1252 -95.14 -10.02 51.66
CA ALA KA 1252 -94.23 -9.50 52.67
C ALA KA 1252 -93.23 -10.53 53.14
N ASP KA 1253 -93.53 -11.83 52.98
CA ASP KA 1253 -92.60 -12.85 53.43
C ASP KA 1253 -91.41 -12.97 52.49
N THR KA 1254 -91.66 -12.95 51.19
CA THR KA 1254 -90.58 -12.77 50.22
C THR KA 1254 -89.81 -11.51 50.57
N GLY KA 1255 -88.49 -11.56 50.39
CA GLY KA 1255 -87.64 -10.51 50.90
C GLY KA 1255 -87.28 -10.66 52.35
N ALA KA 1256 -87.80 -11.67 53.02
CA ALA KA 1256 -87.51 -11.87 54.44
C ALA KA 1256 -87.25 -13.32 54.81
N ALA KA 1257 -87.37 -14.26 53.88
CA ALA KA 1257 -87.10 -15.65 54.19
C ALA KA 1257 -85.62 -15.86 54.50
N ALA KA 1258 -85.35 -16.63 55.54
CA ALA KA 1258 -83.97 -16.89 55.92
C ALA KA 1258 -83.28 -17.75 54.88
N SER KA 1259 -81.97 -17.59 54.77
CA SER KA 1259 -81.20 -18.30 53.76
C SER KA 1259 -80.99 -19.74 54.21
N PRO KA 1260 -81.43 -20.74 53.43
CA PRO KA 1260 -81.20 -22.13 53.79
C PRO KA 1260 -79.87 -22.71 53.30
N THR KA 1261 -78.92 -21.90 52.87
CA THR KA 1261 -77.62 -22.39 52.46
C THR KA 1261 -76.52 -21.72 53.28
N SER KA 1262 -75.35 -22.36 53.29
CA SER KA 1262 -74.24 -21.91 54.10
C SER KA 1262 -73.28 -21.05 53.27
N ASN KA 1263 -72.13 -20.71 53.85
CA ASN KA 1263 -71.11 -19.92 53.18
C ASN KA 1263 -69.86 -20.73 52.87
N GLY KA 1264 -69.87 -22.02 53.15
CA GLY KA 1264 -68.71 -22.85 52.86
C GLY KA 1264 -68.43 -22.91 51.38
N GLU KA 1265 -67.31 -23.56 51.06
CA GLU KA 1265 -66.87 -23.68 49.69
C GLU KA 1265 -67.83 -24.50 48.84
N TYR KA 1266 -68.68 -25.30 49.49
CA TYR KA 1266 -69.77 -25.98 48.82
C TYR KA 1266 -71.09 -25.43 49.34
N GLN KA 1267 -72.18 -26.03 48.90
CA GLN KA 1267 -73.52 -25.52 49.20
C GLN KA 1267 -74.19 -26.49 50.16
N PHE KA 1268 -73.95 -26.29 51.45
CA PHE KA 1268 -74.55 -27.12 52.48
C PHE KA 1268 -75.74 -26.40 53.10
N LYS KA 1269 -76.72 -27.18 53.56
CA LYS KA 1269 -77.79 -26.59 54.35
C LYS KA 1269 -77.26 -26.27 55.74
N ARG KA 1270 -77.55 -25.08 56.21
CA ARG KA 1270 -76.99 -24.57 57.45
C ARG KA 1270 -78.02 -24.62 58.56
N PRO KA 1271 -77.58 -24.53 59.82
CA PRO KA 1271 -78.54 -24.37 60.93
C PRO KA 1271 -79.43 -23.16 60.70
N VAL KA 1272 -80.74 -23.35 60.94
CA VAL KA 1272 -81.73 -22.32 60.63
C VAL KA 1272 -81.76 -21.19 61.64
N GLY KA 1273 -81.02 -21.31 62.75
CA GLY KA 1273 -80.96 -20.27 63.75
C GLY KA 1273 -79.75 -19.38 63.60
N ALA KA 1274 -79.19 -19.33 62.39
CA ALA KA 1274 -78.06 -18.46 62.10
C ALA KA 1274 -78.51 -17.06 61.73
N GLY KA 1275 -79.51 -16.96 60.87
CA GLY KA 1275 -80.05 -15.66 60.52
C GLY KA 1275 -79.35 -15.03 59.34
N GLU KA 1276 -80.10 -14.80 58.26
CA GLU KA 1276 -79.63 -14.08 57.11
C GLU KA 1276 -80.85 -13.49 56.42
N LEU KA 1277 -80.61 -12.77 55.32
CA LEU KA 1277 -81.70 -12.19 54.57
C LEU KA 1277 -81.47 -12.44 53.10
N VAL KA 1278 -82.32 -13.25 52.50
CA VAL KA 1278 -82.38 -13.42 51.06
C VAL KA 1278 -83.81 -13.19 50.62
N GLU KA 1279 -83.97 -12.86 49.36
CA GLU KA 1279 -85.28 -12.67 48.74
C GLU KA 1279 -85.39 -13.62 47.56
N ASP KA 1280 -86.59 -14.12 47.31
CA ASP KA 1280 -86.74 -14.96 46.14
C ASP KA 1280 -88.19 -15.07 45.69
N PRO KA 1281 -88.50 -14.76 44.43
CA PRO KA 1281 -89.84 -15.02 43.93
C PRO KA 1281 -90.12 -16.49 43.77
N CYS KA 1282 -89.09 -17.33 43.74
CA CYS KA 1282 -89.30 -18.75 43.49
C CYS KA 1282 -90.08 -19.40 44.61
N ALA KA 1283 -89.83 -19.02 45.86
CA ALA KA 1283 -90.64 -19.58 46.93
C ALA KA 1283 -92.04 -18.99 46.96
N LEU KA 1284 -92.41 -18.15 46.00
CA LEU KA 1284 -93.73 -17.54 45.95
C LEU KA 1284 -94.61 -18.18 44.89
N PHE KA 1285 -94.13 -18.20 43.64
CA PHE KA 1285 -94.85 -18.90 42.60
C PHE KA 1285 -94.48 -20.36 42.49
N GLN KA 1286 -93.35 -20.77 43.08
CA GLN KA 1286 -92.88 -22.15 43.06
C GLN KA 1286 -92.54 -22.60 41.65
N GLU KA 1287 -91.93 -21.71 40.88
CA GLU KA 1287 -91.60 -21.99 39.49
C GLU KA 1287 -90.14 -21.67 39.22
N ALA KA 1288 -89.62 -22.24 38.14
CA ALA KA 1288 -88.23 -22.11 37.76
C ALA KA 1288 -88.12 -21.47 36.38
N TYR KA 1289 -86.97 -20.85 36.13
CA TYR KA 1289 -86.77 -20.22 34.85
C TYR KA 1289 -85.67 -20.94 34.06
N PRO KA 1290 -85.83 -21.09 32.75
CA PRO KA 1290 -84.82 -21.80 31.97
C PRO KA 1290 -83.68 -20.87 31.59
N PRO KA 1291 -82.44 -21.34 31.64
CA PRO KA 1291 -81.31 -20.51 31.24
C PRO KA 1291 -80.95 -20.75 29.78
N LEU KA 1292 -80.00 -19.99 29.26
CA LEU KA 1292 -79.59 -20.13 27.86
C LEU KA 1292 -78.84 -21.44 27.72
N CYS KA 1293 -79.55 -22.49 27.29
CA CYS KA 1293 -78.99 -23.82 27.20
C CYS KA 1293 -79.34 -24.43 25.85
N ALA KA 1294 -78.53 -25.37 25.39
CA ALA KA 1294 -78.76 -26.03 24.13
C ALA KA 1294 -78.09 -27.39 24.14
N SER KA 1295 -78.42 -28.21 23.15
CA SER KA 1295 -77.95 -29.59 23.08
C SER KA 1295 -76.81 -29.77 22.11
N ASP KA 1296 -76.11 -28.70 21.76
CA ASP KA 1296 -74.92 -28.78 20.93
C ASP KA 1296 -74.14 -27.48 21.00
N SER KA 1297 -72.85 -27.56 21.35
CA SER KA 1297 -71.99 -26.38 21.34
C SER KA 1297 -72.09 -25.64 20.03
N ALA KA 1298 -72.30 -26.36 18.93
CA ALA KA 1298 -72.37 -25.77 17.61
C ALA KA 1298 -73.57 -24.84 17.42
N LEU KA 1299 -74.38 -24.63 18.46
CA LEU KA 1299 -75.48 -23.70 18.37
C LEU KA 1299 -75.26 -22.44 19.20
N LEU KA 1300 -74.32 -22.44 20.13
CA LEU KA 1300 -73.99 -21.25 20.90
C LEU KA 1300 -72.76 -20.57 20.31
N ARG KA 1301 -72.93 -20.06 19.10
CA ARG KA 1301 -71.93 -19.23 18.46
C ARG KA 1301 -72.49 -17.83 18.30
N THR KA 1302 -71.65 -16.91 17.82
CA THR KA 1302 -72.10 -15.54 17.63
C THR KA 1302 -73.36 -15.44 16.77
N PRO KA 1303 -73.50 -16.17 15.64
CA PRO KA 1303 -74.80 -16.16 14.94
C PRO KA 1303 -75.78 -17.20 15.48
N LEU KA 1304 -76.47 -16.84 16.57
CA LEU KA 1304 -77.39 -17.76 17.21
C LEU KA 1304 -78.46 -18.25 16.23
N GLY KA 1305 -79.28 -17.33 15.73
CA GLY KA 1305 -80.21 -17.65 14.66
C GLY KA 1305 -81.24 -18.70 14.97
N ALA KA 1306 -81.15 -19.85 14.30
CA ALA KA 1306 -82.20 -20.86 14.36
C ALA KA 1306 -82.31 -21.47 15.76
N GLU KA 1307 -83.54 -21.84 16.11
CA GLU KA 1307 -83.86 -22.35 17.44
C GLU KA 1307 -83.81 -23.86 17.53
N GLU KA 1308 -84.22 -24.57 16.49
CA GLU KA 1308 -84.10 -26.02 16.44
C GLU KA 1308 -83.61 -26.40 15.06
N HIS KA 1309 -82.81 -27.44 15.00
CA HIS KA 1309 -82.20 -27.88 13.74
C HIS KA 1309 -82.64 -29.27 13.34
N PHE KA 1310 -82.46 -30.23 14.24
CA PHE KA 1310 -82.78 -31.64 14.02
C PHE KA 1310 -83.09 -32.16 15.40
N ALA KA 1311 -82.87 -33.43 15.67
CA ALA KA 1311 -83.02 -33.94 17.03
C ALA KA 1311 -82.43 -33.01 18.09
N GLN KA 1312 -81.47 -32.17 17.73
CA GLN KA 1312 -80.93 -31.16 18.64
C GLN KA 1312 -81.98 -30.09 18.93
N TYR KA 1313 -81.67 -29.19 19.86
CA TYR KA 1313 -82.58 -28.09 20.18
C TYR KA 1313 -81.87 -27.06 21.03
N LEU KA 1314 -82.30 -25.80 20.89
CA LEU KA 1314 -81.75 -24.67 21.64
C LEU KA 1314 -82.87 -23.98 22.40
N ILE KA 1315 -82.53 -23.47 23.59
CA ILE KA 1315 -83.50 -22.86 24.48
C ILE KA 1315 -83.01 -21.47 24.85
N ARG KA 1316 -83.70 -20.45 24.38
CA ARG KA 1316 -83.32 -19.08 24.71
C ARG KA 1316 -83.67 -18.77 26.15
N ASP KA 1317 -82.91 -17.84 26.72
CA ASP KA 1317 -83.11 -17.49 28.12
C ASP KA 1317 -84.46 -16.81 28.32
N GLU KA 1318 -85.12 -17.15 29.42
CA GLU KA 1318 -86.34 -16.48 29.85
C GLU KA 1318 -86.26 -16.42 31.38
N SER KA 1319 -85.71 -15.33 31.88
CA SER KA 1319 -85.35 -15.22 33.30
C SER KA 1319 -85.10 -13.76 33.61
N PRO KA 1320 -85.28 -13.35 34.86
CA PRO KA 1320 -85.09 -11.94 35.20
C PRO KA 1320 -83.68 -11.43 34.98
N LEU KA 1321 -82.81 -12.27 34.44
CA LEU KA 1321 -81.38 -11.98 34.32
C LEU KA 1321 -80.95 -11.88 32.88
N LYS KA 1322 -81.73 -11.19 32.05
CA LYS KA 1322 -81.39 -10.98 30.65
C LYS KA 1322 -80.37 -9.87 30.43
N GLY KA 1323 -79.81 -9.31 31.50
CA GLY KA 1323 -78.78 -8.30 31.36
C GLY KA 1323 -77.61 -8.61 32.28
N ARG LA 3 -0.15 39.71 -1.60
CA ARG LA 3 -0.42 40.39 -0.35
C ARG LA 3 0.75 41.32 0.02
N PRO LA 4 0.82 42.48 -0.62
CA PRO LA 4 1.92 43.40 -0.33
C PRO LA 4 1.62 44.27 0.88
N ALA LA 5 2.56 45.15 1.23
CA ALA LA 5 2.40 46.04 2.36
C ALA LA 5 1.84 47.38 1.90
N ILE LA 6 1.35 48.16 2.86
CA ILE LA 6 0.73 49.44 2.59
C ILE LA 6 1.60 50.60 3.05
N LEU LA 7 2.16 50.52 4.25
CA LEU LA 7 3.07 51.55 4.75
C LEU LA 7 4.39 50.92 5.15
N PRO LA 8 5.44 51.09 4.37
CA PRO LA 8 6.74 50.54 4.75
C PRO LA 8 7.28 51.20 6.00
N SER LA 9 7.76 50.37 6.92
CA SER LA 9 8.29 50.90 8.17
C SER LA 9 9.57 51.69 7.94
N GLY LA 10 10.43 51.23 7.05
CA GLY LA 10 11.69 51.90 6.78
C GLY LA 10 12.17 51.62 5.38
N GLN LA 11 12.94 52.55 4.84
CA GLN LA 11 13.46 52.42 3.48
C GLN LA 11 14.79 51.70 3.51
N ILE LA 12 15.02 50.87 2.49
CA ILE LA 12 16.32 50.23 2.33
C ILE LA 12 17.33 51.27 1.85
N LEU LA 13 18.55 51.20 2.39
CA LEU LA 13 19.54 52.19 2.03
C LEU LA 13 20.23 51.85 0.71
N SER LA 14 20.70 50.62 0.57
CA SER LA 14 21.50 50.25 -0.59
C SER LA 14 20.74 49.31 -1.50
N ASN LA 15 20.88 49.54 -2.80
CA ASN LA 15 20.43 48.60 -3.81
C ASN LA 15 21.49 47.52 -4.00
N ILE LA 16 21.04 46.34 -4.43
CA ILE LA 16 21.93 45.22 -4.63
C ILE LA 16 21.23 44.22 -5.53
N GLU LA 17 22.01 43.59 -6.40
CA GLU LA 17 21.46 42.52 -7.23
C GLU LA 17 20.89 41.46 -6.29
N VAL LA 18 19.57 41.29 -6.32
CA VAL LA 18 18.91 40.48 -5.30
C VAL LA 18 18.72 39.03 -5.73
N HIS LA 19 18.73 38.74 -7.03
CA HIS LA 19 18.52 37.36 -7.46
C HIS LA 19 19.67 36.46 -7.03
N SER LA 20 20.91 36.92 -7.20
CA SER LA 20 22.04 36.08 -6.85
C SER LA 20 22.10 35.80 -5.36
N HIS LA 21 21.66 36.74 -4.54
CA HIS LA 21 21.59 36.55 -3.10
C HIS LA 21 20.28 35.92 -2.66
N ARG LA 22 19.60 35.19 -3.55
CA ARG LA 22 18.30 34.63 -3.22
C ARG LA 22 18.39 33.59 -2.11
N ALA LA 23 19.58 33.07 -1.82
CA ALA LA 23 19.71 32.03 -0.81
C ALA LA 23 19.57 32.57 0.61
N LEU LA 24 19.45 33.88 0.78
CA LEU LA 24 19.33 34.43 2.12
C LEU LA 24 17.89 34.43 2.61
N PHE LA 25 16.93 34.56 1.72
CA PHE LA 25 15.54 34.64 2.11
C PHE LA 25 14.93 33.26 2.21
N ASP LA 26 13.73 33.21 2.78
CA ASP LA 26 13.04 31.94 2.96
C ASP LA 26 12.13 31.63 1.77
N ILE LA 27 11.20 32.52 1.48
CA ILE LA 27 10.37 32.41 0.28
C ILE LA 27 10.30 33.76 -0.38
N PHE LA 28 10.31 33.76 -1.71
CA PHE LA 28 10.27 35.00 -2.46
C PHE LA 28 9.73 34.71 -3.85
N LYS LA 29 9.31 35.77 -4.53
CA LYS LA 29 8.77 35.64 -5.87
C LYS LA 29 8.94 36.95 -6.59
N ARG LA 30 9.55 36.90 -7.77
CA ARG LA 30 9.63 38.03 -8.66
C ARG LA 30 8.53 37.90 -9.70
N PHE LA 31 8.19 39.03 -10.31
CA PHE LA 31 7.32 39.00 -11.48
C PHE LA 31 7.77 40.05 -12.48
N ARG LA 32 7.40 39.83 -13.74
CA ARG LA 32 7.90 40.68 -14.81
C ARG LA 32 7.53 42.13 -14.57
N SER LA 33 6.24 42.44 -14.62
CA SER LA 33 5.76 43.78 -14.32
C SER LA 33 4.26 43.78 -14.15
N ASP LA 34 3.77 44.34 -13.05
CA ASP LA 34 2.34 44.51 -12.81
C ASP LA 34 1.60 43.16 -12.87
N ASP LA 35 1.90 42.33 -11.89
CA ASP LA 35 1.11 41.11 -11.70
C ASP LA 35 -0.35 41.48 -11.48
N ASN LA 36 -1.24 40.59 -11.90
CA ASN LA 36 -2.66 40.86 -11.80
C ASN LA 36 -3.24 40.44 -10.46
N ASN LA 37 -2.58 39.53 -9.77
CA ASN LA 37 -3.15 39.01 -8.53
C ASN LA 37 -3.20 40.07 -7.44
N LEU LA 38 -2.21 40.95 -7.38
CA LEU LA 38 -2.06 41.84 -6.23
C LEU LA 38 -3.11 42.94 -6.16
N TYR LA 39 -4.06 43.00 -7.09
CA TYR LA 39 -5.06 44.06 -7.05
C TYR LA 39 -6.33 43.62 -6.35
N GLY LA 40 -7.01 42.62 -6.91
CA GLY LA 40 -8.26 42.18 -6.31
C GLY LA 40 -8.04 41.46 -5.01
N ALA LA 41 -8.37 42.12 -3.90
CA ALA LA 41 -8.23 41.51 -2.59
C ALA LA 41 -9.62 41.23 -2.04
N GLU LA 42 -9.87 39.99 -1.69
CA GLU LA 42 -11.16 39.55 -1.17
C GLU LA 42 -10.96 39.03 0.24
N PHE LA 43 -11.85 39.41 1.13
CA PHE LA 43 -11.74 39.05 2.53
C PHE LA 43 -12.67 37.89 2.84
N ASP LA 44 -12.79 37.56 4.12
CA ASP LA 44 -13.71 36.53 4.57
C ASP LA 44 -14.30 36.96 5.90
N ALA LA 45 -15.63 37.10 5.96
CA ALA LA 45 -16.28 37.70 7.11
C ALA LA 45 -17.35 36.77 7.64
N LEU LA 46 -17.31 36.52 8.95
CA LEU LA 46 -18.41 35.87 9.63
C LEU LA 46 -19.45 36.92 10.01
N LEU LA 47 -20.71 36.61 9.77
CA LEU LA 47 -21.78 37.59 9.81
C LEU LA 47 -22.71 37.38 10.99
N GLY LA 48 -22.16 37.02 12.14
CA GLY LA 48 -22.97 36.89 13.32
C GLY LA 48 -22.62 35.72 14.20
N THR LA 49 -22.65 35.93 15.51
CA THR LA 49 -22.43 34.88 16.49
C THR LA 49 -23.66 34.76 17.37
N TYR LA 50 -23.94 33.55 17.82
CA TYR LA 50 -25.17 33.31 18.58
C TYR LA 50 -24.86 32.34 19.72
N CYS LA 51 -24.93 32.83 20.95
CA CYS LA 51 -24.71 32.02 22.14
C CYS LA 51 -26.04 31.81 22.85
N SER LA 52 -26.32 30.55 23.20
CA SER LA 52 -27.58 30.21 23.84
C SER LA 52 -27.47 30.37 25.35
N THR LA 53 -28.61 30.63 25.98
CA THR LA 53 -28.67 30.78 27.42
C THR LA 53 -28.99 29.45 28.06
N LEU LA 54 -29.31 29.46 29.35
CA LEU LA 54 -29.74 28.27 30.07
C LEU LA 54 -30.97 28.60 30.88
N SER LA 55 -32.03 27.81 30.73
CA SER LA 55 -33.30 28.05 31.40
C SER LA 55 -33.29 27.33 32.74
N LEU LA 56 -33.04 28.06 33.81
CA LEU LA 56 -33.11 27.47 35.14
C LEU LA 56 -34.53 26.98 35.41
N VAL LA 57 -34.64 26.04 36.35
CA VAL LA 57 -35.92 25.59 36.85
C VAL LA 57 -35.83 25.46 38.36
N ARG LA 58 -36.82 26.01 39.06
CA ARG LA 58 -36.91 25.89 40.50
C ARG LA 58 -37.94 24.82 40.83
N PHE LA 59 -37.57 23.87 41.69
CA PHE LA 59 -38.46 22.76 41.99
C PHE LA 59 -39.76 23.25 42.60
N LEU LA 60 -39.67 24.03 43.67
CA LEU LA 60 -40.87 24.45 44.39
C LEU LA 60 -41.80 25.28 43.54
N GLU LA 61 -41.32 25.84 42.43
CA GLU LA 61 -42.22 26.56 41.53
C GLU LA 61 -43.04 25.61 40.67
N LEU LA 62 -42.62 24.35 40.53
CA LEU LA 62 -43.47 23.38 39.88
C LEU LA 62 -44.65 23.04 40.79
N GLY LA 63 -45.69 22.47 40.18
CA GLY LA 63 -46.82 22.02 40.97
C GLY LA 63 -46.67 20.62 41.53
N LEU LA 64 -45.65 19.89 41.08
CA LEU LA 64 -45.36 18.59 41.67
C LEU LA 64 -44.94 18.70 43.13
N SER LA 65 -44.53 19.90 43.56
CA SER LA 65 -43.99 20.06 44.91
C SER LA 65 -44.99 19.68 45.98
N VAL LA 66 -46.29 19.76 45.66
CA VAL LA 66 -47.28 19.42 46.66
C VAL LA 66 -47.22 17.94 47.01
N ALA LA 67 -46.59 17.13 46.17
CA ALA LA 67 -46.50 15.71 46.46
C ALA LA 67 -45.72 15.45 47.75
N CYS LA 68 -44.55 16.06 47.90
CA CYS LA 68 -43.62 15.70 48.96
C CYS LA 68 -43.36 16.88 49.87
N VAL LA 69 -43.31 16.61 51.16
CA VAL LA 69 -42.87 17.60 52.14
C VAL LA 69 -41.36 17.49 52.28
N CYS LA 70 -40.67 18.61 52.10
CA CYS LA 70 -39.21 18.65 52.15
C CYS LA 70 -38.78 19.42 53.38
N THR LA 71 -37.78 18.89 54.09
CA THR LA 71 -37.21 19.58 55.24
C THR LA 71 -35.69 19.47 55.16
N LYS LA 72 -35.02 20.61 55.04
CA LYS LA 72 -33.56 20.61 55.07
C LYS LA 72 -33.08 20.12 56.42
N PHE LA 73 -32.14 19.18 56.41
CA PHE LA 73 -31.73 18.47 57.60
C PHE LA 73 -30.20 18.37 57.60
N PRO LA 74 -29.52 19.38 58.13
CA PRO LA 74 -28.05 19.45 57.97
C PRO LA 74 -27.29 18.34 58.67
N GLU LA 75 -27.93 17.46 59.42
CA GLU LA 75 -27.24 16.40 60.14
C GLU LA 75 -27.50 15.03 59.56
N LEU LA 76 -28.23 14.94 58.44
CA LEU LA 76 -28.64 13.65 57.90
C LEU LA 76 -27.47 12.70 57.73
N SER LA 77 -26.27 13.23 57.45
CA SER LA 77 -25.13 12.37 57.22
C SER LA 77 -24.73 11.59 58.47
N TYR LA 78 -24.95 12.17 59.66
CA TYR LA 78 -24.62 11.45 60.88
C TYR LA 78 -25.59 10.30 61.14
N VAL LA 79 -26.83 10.44 60.67
CA VAL LA 79 -27.93 9.62 61.14
C VAL LA 79 -27.77 8.20 60.62
N ALA LA 80 -27.71 7.24 61.54
CA ALA LA 80 -27.82 5.83 61.21
C ALA LA 80 -29.30 5.52 60.98
N GLU LA 81 -29.69 4.26 61.00
CA GLU LA 81 -31.09 3.92 60.73
C GLU LA 81 -32.04 4.79 61.54
N GLY LA 82 -33.05 5.32 60.87
CA GLY LA 82 -34.06 6.14 61.50
C GLY LA 82 -35.43 5.63 61.15
N THR LA 83 -36.44 5.91 61.97
CA THR LA 83 -37.75 5.32 61.78
C THR LA 83 -38.82 6.34 62.11
N ILE LA 84 -40.03 6.10 61.60
CA ILE LA 84 -41.21 6.86 62.00
C ILE LA 84 -42.27 5.88 62.47
N GLN LA 85 -43.16 6.36 63.33
CA GLN LA 85 -44.13 5.51 64.00
C GLN LA 85 -45.55 5.82 63.54
N PHE LA 86 -46.47 4.96 63.99
CA PHE LA 86 -47.89 5.11 63.67
C PHE LA 86 -48.69 4.40 64.75
N GLU LA 87 -49.87 4.93 65.05
CA GLU LA 87 -50.78 4.30 66.01
C GLU LA 87 -52.20 4.72 65.64
N VAL LA 88 -52.99 3.78 65.14
CA VAL LA 88 -54.34 4.07 64.69
C VAL LA 88 -55.33 3.33 65.59
N GLN LA 89 -56.54 3.86 65.68
CA GLN LA 89 -57.58 3.31 66.54
C GLN LA 89 -58.82 3.06 65.71
N GLN LA 90 -59.17 1.81 65.53
CA GLN LA 90 -60.31 1.50 64.67
C GLN LA 90 -61.61 1.64 65.45
N PRO LA 91 -62.68 2.05 64.78
CA PRO LA 91 -63.98 2.12 65.45
C PRO LA 91 -64.57 0.73 65.62
N MET LA 92 -65.81 0.67 66.09
CA MET LA 92 -66.53 -0.59 66.22
C MET LA 92 -68.00 -0.27 66.45
N ILE LA 93 -68.87 -1.20 66.08
CA ILE LA 93 -70.30 -0.98 66.22
C ILE LA 93 -70.87 -2.07 67.11
N ALA LA 94 -71.89 -1.70 67.88
CA ALA LA 94 -72.45 -2.59 68.90
C ALA LA 94 -73.50 -3.49 68.27
N ARG LA 95 -73.02 -4.45 67.49
CA ARG LA 95 -73.92 -5.37 66.82
C ARG LA 95 -74.59 -6.28 67.84
N ASP LA 96 -75.87 -6.55 67.61
CA ASP LA 96 -76.65 -7.38 68.50
C ASP LA 96 -76.57 -8.83 68.05
N GLY LA 97 -76.76 -9.74 69.01
CA GLY LA 97 -76.85 -11.13 68.68
C GLY LA 97 -75.76 -11.97 69.31
N PRO LA 98 -75.69 -13.24 68.92
CA PRO LA 98 -74.71 -14.16 69.52
C PRO LA 98 -73.28 -13.87 69.14
N HIS LA 99 -73.01 -13.03 68.14
CA HIS LA 99 -71.63 -12.78 67.78
C HIS LA 99 -70.91 -12.13 68.96
N PRO LA 100 -69.75 -12.63 69.36
CA PRO LA 100 -69.02 -12.02 70.47
C PRO LA 100 -68.75 -10.56 70.18
N ALA LA 101 -69.25 -9.70 71.07
CA ALA LA 101 -69.10 -8.27 70.88
C ALA LA 101 -67.62 -7.92 70.87
N ASP LA 102 -67.12 -7.55 69.69
CA ASP LA 102 -65.69 -7.31 69.54
C ASP LA 102 -65.27 -6.14 70.40
N GLN LA 103 -64.15 -6.29 71.07
CA GLN LA 103 -63.62 -5.18 71.83
C GLN LA 103 -62.83 -4.26 70.91
N PRO LA 104 -62.82 -2.97 71.19
CA PRO LA 104 -62.13 -2.02 70.30
C PRO LA 104 -60.65 -2.36 70.18
N VAL LA 105 -60.22 -2.55 68.95
CA VAL LA 105 -58.87 -3.03 68.67
C VAL LA 105 -57.93 -1.86 68.45
N HIS LA 106 -56.68 -2.02 68.87
CA HIS LA 106 -55.63 -1.04 68.71
C HIS LA 106 -54.53 -1.64 67.85
N ASN LA 107 -53.45 -0.87 67.65
CA ASN LA 107 -52.28 -1.39 66.95
C ASN LA 107 -51.16 -0.36 67.05
N TYR LA 108 -50.01 -0.72 66.49
CA TYR LA 108 -48.80 0.07 66.65
C TYR LA 108 -47.86 -0.34 65.54
N MET LA 109 -47.60 0.57 64.59
CA MET LA 109 -46.87 0.24 63.38
C MET LA 109 -45.78 1.28 63.15
N ILE LA 110 -44.60 0.82 62.72
CA ILE LA 110 -43.49 1.72 62.45
C ILE LA 110 -43.06 1.54 60.99
N LYS LA 111 -42.15 2.42 60.56
CA LYS LA 111 -41.71 2.44 59.18
C LYS LA 111 -40.26 2.90 59.14
N ARG LA 112 -39.50 2.35 58.19
CA ARG LA 112 -38.07 2.56 58.10
C ARG LA 112 -37.73 3.49 56.96
N LEU LA 113 -36.79 4.40 57.21
CA LEU LA 113 -36.33 5.31 56.17
C LEU LA 113 -35.56 4.55 55.10
N ASP LA 114 -35.51 5.14 53.91
CA ASP LA 114 -34.65 4.67 52.83
C ASP LA 114 -33.76 5.81 52.40
N ARG LA 115 -32.50 5.50 52.11
CA ARG LA 115 -31.48 6.53 51.92
C ARG LA 115 -30.90 6.43 50.51
N ARG LA 116 -31.01 7.53 49.76
CA ARG LA 116 -30.48 7.63 48.41
C ARG LA 116 -29.44 8.75 48.36
N SER LA 117 -28.98 9.06 47.15
CA SER LA 117 -27.97 10.10 46.99
C SER LA 117 -28.11 10.69 45.60
N LEU LA 118 -27.33 11.74 45.36
CA LEU LA 118 -27.23 12.36 44.05
C LEU LA 118 -25.79 12.83 43.88
N ASN LA 119 -25.32 12.84 42.64
CA ASN LA 119 -23.98 13.35 42.41
C ASN LA 119 -23.81 13.77 40.96
N ALA LA 120 -23.30 14.98 40.77
CA ALA LA 120 -22.89 15.48 39.47
C ALA LA 120 -21.48 16.01 39.59
N ALA LA 121 -20.75 16.01 38.48
CA ALA LA 121 -19.35 16.37 38.51
C ALA LA 121 -19.04 17.30 37.34
N PHE LA 122 -17.95 18.04 37.49
CA PHE LA 122 -17.45 18.88 36.40
C PHE LA 122 -15.96 19.09 36.60
N SER LA 123 -15.21 18.95 35.53
CA SER LA 123 -13.76 19.03 35.57
C SER LA 123 -13.29 20.45 35.31
N ILE LA 124 -12.00 20.61 35.08
CA ILE LA 124 -11.43 21.89 34.72
C ILE LA 124 -10.06 21.62 34.10
N ALA LA 125 -9.73 22.38 33.06
CA ALA LA 125 -8.55 22.05 32.29
C ALA LA 125 -7.28 22.25 33.12
N VAL LA 126 -6.15 21.93 32.51
CA VAL LA 126 -4.89 21.96 33.26
C VAL LA 126 -4.26 23.35 33.20
N GLU LA 127 -4.34 24.02 32.06
CA GLU LA 127 -3.81 25.38 31.97
C GLU LA 127 -4.81 26.43 32.42
N ALA LA 128 -6.10 26.19 32.25
CA ALA LA 128 -7.08 27.07 32.86
C ALA LA 128 -6.84 27.19 34.36
N LEU LA 129 -6.41 26.11 35.01
CA LEU LA 129 -6.12 26.16 36.43
C LEU LA 129 -4.98 27.10 36.73
N GLY LA 130 -3.94 27.10 35.90
CA GLY LA 130 -2.89 28.08 36.06
C GLY LA 130 -3.38 29.49 35.83
N LEU LA 131 -4.34 29.65 34.93
CA LEU LA 131 -4.85 31.00 34.66
C LEU LA 131 -5.66 31.54 35.82
N ILE LA 132 -6.47 30.70 36.47
CA ILE LA 132 -7.34 31.18 37.54
C ILE LA 132 -6.52 31.59 38.76
N SER LA 133 -5.66 30.68 39.23
CA SER LA 133 -4.90 30.94 40.45
C SER LA 133 -3.97 32.13 40.26
N GLY LA 134 -3.22 32.16 39.17
CA GLY LA 134 -2.28 33.23 38.89
C GLY LA 134 -0.86 32.79 38.67
N GLU LA 135 -0.56 31.49 38.77
CA GLU LA 135 0.82 31.03 38.61
C GLU LA 135 1.27 31.04 37.16
N ASN LA 136 0.34 31.02 36.21
CA ASN LA 136 0.65 31.18 34.80
C ASN LA 136 0.33 32.58 34.31
N LEU LA 137 -0.09 33.48 35.19
CA LEU LA 137 -0.44 34.83 34.80
C LEU LA 137 0.81 35.66 34.61
N ASP LA 138 0.81 36.48 33.56
CA ASP LA 138 1.87 37.45 33.31
C ASP LA 138 1.31 38.84 33.48
N GLY LA 139 2.18 39.76 33.88
CA GLY LA 139 1.77 41.14 34.04
C GLY LA 139 1.63 41.84 32.71
N THR LA 140 0.96 41.19 31.76
CA THR LA 140 0.83 41.68 30.41
C THR LA 140 -0.61 42.15 30.19
N HIS LA 141 -0.91 42.50 28.94
CA HIS LA 141 -2.25 42.97 28.59
C HIS LA 141 -3.11 41.88 27.98
N ILE LA 142 -2.53 40.78 27.53
CA ILE LA 142 -3.29 39.67 26.97
C ILE LA 142 -3.80 38.73 28.05
N SER LA 143 -2.90 38.31 28.94
CA SER LA 143 -3.25 37.29 29.93
C SER LA 143 -4.46 37.67 30.74
N SER LA 144 -4.72 38.96 30.91
CA SER LA 144 -5.97 39.37 31.55
C SER LA 144 -7.17 38.87 30.75
N ALA LA 145 -7.11 38.99 29.42
CA ALA LA 145 -8.23 38.54 28.61
C ALA LA 145 -8.46 37.04 28.76
N MET LA 146 -7.39 36.25 28.75
CA MET LA 146 -7.55 34.81 28.91
C MET LA 146 -8.07 34.47 30.30
N ARG LA 147 -7.62 35.19 31.32
CA ARG LA 147 -8.13 34.92 32.66
C ARG LA 147 -9.61 35.23 32.75
N LEU LA 148 -10.05 36.34 32.14
CA LEU LA 148 -11.47 36.64 32.11
C LEU LA 148 -12.24 35.54 31.40
N ARG LA 149 -11.70 35.05 30.28
CA ARG LA 149 -12.38 33.98 29.55
C ARG LA 149 -12.49 32.72 30.40
N ALA LA 150 -11.43 32.37 31.12
CA ALA LA 150 -11.45 31.15 31.91
C ALA LA 150 -12.40 31.27 33.09
N ILE LA 151 -12.38 32.41 33.77
CA ILE LA 151 -13.32 32.63 34.88
C ILE LA 151 -14.75 32.56 34.37
N GLN LA 152 -15.01 33.14 33.20
CA GLN LA 152 -16.36 33.11 32.65
C GLN LA 152 -16.78 31.68 32.34
N GLN LA 153 -15.89 30.90 31.74
CA GLN LA 153 -16.21 29.51 31.45
C GLN LA 153 -16.51 28.73 32.73
N LEU LA 154 -15.68 28.93 33.76
CA LEU LA 154 -15.92 28.24 35.03
C LEU LA 154 -17.26 28.65 35.63
N ALA LA 155 -17.60 29.93 35.53
CA ALA LA 155 -18.88 30.37 36.09
C ALA LA 155 -20.04 29.74 35.35
N ARG LA 156 -19.97 29.71 34.02
CA ARG LA 156 -21.02 29.05 33.24
C ARG LA 156 -21.14 27.59 33.63
N ASN LA 157 -20.01 26.92 33.78
CA ASN LA 157 -20.02 25.50 34.11
C ASN LA 157 -20.61 25.24 35.48
N VAL LA 158 -20.25 26.05 36.46
CA VAL LA 158 -20.75 25.82 37.82
C VAL LA 158 -22.23 26.18 37.91
N GLN LA 159 -22.68 27.18 37.14
CA GLN LA 159 -24.11 27.46 37.12
C GLN LA 159 -24.87 26.30 36.50
N ALA LA 160 -24.31 25.71 35.45
CA ALA LA 160 -25.00 24.57 34.83
C ALA LA 160 -25.06 23.39 35.78
N VAL LA 161 -23.97 23.10 36.49
CA VAL LA 161 -23.96 21.88 37.29
C VAL LA 161 -24.74 22.07 38.57
N LEU LA 162 -24.69 23.24 39.18
CA LEU LA 162 -25.47 23.47 40.39
C LEU LA 162 -26.96 23.42 40.10
N ASP LA 163 -27.37 23.76 38.89
CA ASP LA 163 -28.76 23.72 38.50
C ASP LA 163 -29.27 22.30 38.28
N SER LA 164 -28.37 21.34 38.11
CA SER LA 164 -28.80 19.98 37.84
C SER LA 164 -29.47 19.32 39.03
N PHE LA 165 -29.35 19.89 40.22
CA PHE LA 165 -29.93 19.25 41.39
C PHE LA 165 -31.43 19.52 41.47
N GLU LA 166 -31.90 20.65 40.97
CA GLU LA 166 -33.33 20.89 40.92
C GLU LA 166 -34.02 19.83 40.07
N ARG LA 167 -33.59 19.69 38.81
CA ARG LA 167 -34.11 18.61 37.98
C ARG LA 167 -33.84 17.25 38.60
N GLY LA 168 -32.73 17.11 39.32
CA GLY LA 168 -32.44 15.83 39.95
C GLY LA 168 -33.52 15.41 40.93
N THR LA 169 -33.90 16.33 41.82
CA THR LA 169 -34.96 16.02 42.78
C THR LA 169 -36.30 15.89 42.08
N ALA LA 170 -36.56 16.74 41.09
CA ALA LA 170 -37.82 16.62 40.36
C ALA LA 170 -37.92 15.30 39.63
N ASP LA 171 -36.79 14.64 39.37
CA ASP LA 171 -36.83 13.31 38.77
C ASP LA 171 -36.91 12.22 39.83
N GLN LA 172 -36.19 12.38 40.94
CA GLN LA 172 -36.25 11.38 42.00
C GLN LA 172 -37.66 11.26 42.56
N MET LA 173 -38.37 12.38 42.65
CA MET LA 173 -39.74 12.33 43.16
C MET LA 173 -40.61 11.45 42.27
N LEU LA 174 -40.53 11.65 40.96
CA LEU LA 174 -41.28 10.80 40.05
C LEU LA 174 -40.83 9.35 40.16
N ARG LA 175 -39.52 9.12 40.25
CA ARG LA 175 -39.01 7.76 40.35
C ARG LA 175 -39.61 7.03 41.54
N VAL LA 176 -39.68 7.71 42.68
CA VAL LA 176 -40.15 7.04 43.88
C VAL LA 176 -41.66 6.90 43.85
N LEU LA 177 -42.40 7.94 43.45
CA LEU LA 177 -43.85 7.83 43.41
C LEU LA 177 -44.30 6.73 42.47
N MET LA 178 -43.67 6.63 41.29
CA MET LA 178 -44.07 5.64 40.31
C MET LA 178 -43.77 4.22 40.78
N GLU LA 179 -42.99 4.05 41.83
CA GLU LA 179 -42.63 2.72 42.29
C GLU LA 179 -43.68 2.13 43.23
N LYS LA 180 -44.35 2.96 44.03
CA LYS LA 180 -45.32 2.47 44.99
C LYS LA 180 -46.71 2.31 44.41
N ALA LA 181 -47.08 3.17 43.49
CA ALA LA 181 -48.45 3.21 43.00
C ALA LA 181 -48.85 1.89 42.37
N PRO LA 182 -49.90 1.24 42.86
CA PRO LA 182 -50.42 0.06 42.19
C PRO LA 182 -51.32 0.47 41.04
N PRO LA 183 -51.46 -0.36 40.02
CA PRO LA 183 -52.29 0.01 38.89
C PRO LA 183 -53.75 0.15 39.31
N LEU LA 184 -54.41 1.18 38.78
CA LEU LA 184 -55.77 1.47 39.19
C LEU LA 184 -56.69 0.29 38.98
N SER LA 185 -56.51 -0.43 37.87
CA SER LA 185 -57.39 -1.54 37.56
C SER LA 185 -57.39 -2.59 38.66
N LEU LA 186 -56.23 -2.81 39.28
CA LEU LA 186 -56.12 -3.74 40.40
C LEU LA 186 -56.36 -3.06 41.74
N LEU LA 187 -56.91 -1.86 41.74
CA LEU LA 187 -57.15 -1.16 42.99
C LEU LA 187 -58.60 -0.80 43.22
N ALA LA 188 -59.30 -0.28 42.20
CA ALA LA 188 -60.68 0.15 42.38
C ALA LA 188 -61.57 -0.96 42.91
N PRO LA 189 -61.56 -2.18 42.37
CA PRO LA 189 -62.39 -3.22 42.97
C PRO LA 189 -61.85 -3.73 44.29
N PHE LA 190 -60.58 -3.48 44.61
CA PHE LA 190 -60.03 -4.04 45.83
C PHE LA 190 -60.55 -3.30 47.06
N THR LA 191 -60.72 -1.99 46.97
CA THR LA 191 -61.35 -1.27 48.08
C THR LA 191 -62.84 -1.53 48.15
N LEU LA 192 -63.41 -2.16 47.11
CA LEU LA 192 -64.82 -2.47 47.10
C LEU LA 192 -65.17 -3.68 47.95
N TYR LA 193 -64.19 -4.52 48.27
CA TYR LA 193 -64.43 -5.76 49.00
C TYR LA 193 -63.79 -5.76 50.38
N GLU LA 194 -63.47 -4.58 50.91
CA GLU LA 194 -62.74 -4.49 52.18
C GLU LA 194 -63.53 -5.18 53.30
N GLY LA 195 -62.79 -5.55 54.35
CA GLY LA 195 -63.41 -6.12 55.53
C GLY LA 195 -64.03 -7.48 55.29
N ARG LA 196 -63.78 -8.06 54.12
CA ARG LA 196 -64.34 -9.36 53.78
C ARG LA 196 -63.30 -10.34 53.27
N LEU LA 197 -62.01 -9.98 53.30
CA LEU LA 197 -60.98 -10.85 52.76
C LEU LA 197 -60.60 -11.93 53.76
N ALA LA 198 -61.60 -12.64 54.31
CA ALA LA 198 -61.34 -13.59 55.37
C ALA LA 198 -61.89 -14.97 55.02
N ASP LA 199 -63.02 -15.00 54.34
CA ASP LA 199 -63.62 -16.22 53.85
C ASP LA 199 -63.16 -16.46 52.42
N ARG LA 200 -62.96 -17.73 52.08
CA ARG LA 200 -62.39 -18.05 50.77
C ARG LA 200 -63.34 -17.72 49.63
N VAL LA 201 -64.64 -17.63 49.88
CA VAL LA 201 -65.58 -17.29 48.82
C VAL LA 201 -65.39 -15.85 48.37
N ALA LA 202 -65.16 -14.94 49.32
CA ALA LA 202 -64.96 -13.55 48.95
C ALA LA 202 -63.72 -13.37 48.08
N CYS LA 203 -62.60 -13.96 48.50
CA CYS LA 203 -61.39 -13.90 47.68
C CYS LA 203 -61.62 -14.56 46.34
N ALA LA 204 -62.41 -15.64 46.32
CA ALA LA 204 -62.64 -16.35 45.07
C ALA LA 204 -63.47 -15.54 44.10
N ALA LA 205 -64.35 -14.68 44.60
CA ALA LA 205 -65.07 -13.79 43.70
C ALA LA 205 -64.21 -12.61 43.30
N LEU LA 206 -63.37 -12.13 44.22
CA LEU LA 206 -62.54 -10.97 43.93
C LEU LA 206 -61.52 -11.28 42.85
N VAL LA 207 -60.97 -12.49 42.84
CA VAL LA 207 -59.98 -12.81 41.82
C VAL LA 207 -60.62 -12.80 40.43
N SER LA 208 -61.85 -13.28 40.33
CA SER LA 208 -62.54 -13.22 39.04
C SER LA 208 -62.88 -11.79 38.66
N GLU LA 209 -63.23 -10.96 39.63
CA GLU LA 209 -63.49 -9.56 39.32
C GLU LA 209 -62.23 -8.88 38.79
N LEU LA 210 -61.08 -9.18 39.39
CA LEU LA 210 -59.82 -8.63 38.89
C LEU LA 210 -59.55 -9.11 37.47
N LYS LA 211 -59.69 -10.42 37.24
CA LYS LA 211 -59.44 -10.95 35.91
C LYS LA 211 -60.35 -10.32 34.87
N ARG LA 212 -61.56 -9.93 35.26
CA ARG LA 212 -62.44 -9.25 34.32
C ARG LA 212 -62.03 -7.80 34.12
N ARG LA 213 -61.65 -7.10 35.20
CA ARG LA 213 -61.32 -5.69 35.08
C ARG LA 213 -60.07 -5.47 34.24
N VAL LA 214 -59.09 -6.36 34.36
CA VAL LA 214 -57.80 -6.11 33.71
C VAL LA 214 -57.96 -6.09 32.19
N ARG LA 215 -58.60 -7.12 31.64
CA ARG LA 215 -58.69 -7.24 30.19
C ARG LA 215 -59.79 -6.37 29.58
N ASP LA 216 -60.30 -5.40 30.32
CA ASP LA 216 -61.30 -4.48 29.78
C ASP LA 216 -60.88 -3.04 30.02
N ASP LA 217 -60.30 -2.78 31.19
CA ASP LA 217 -60.12 -1.42 31.69
C ASP LA 217 -58.63 -1.10 31.76
N THR LA 218 -57.90 -1.47 30.72
CA THR LA 218 -56.46 -1.23 30.71
C THR LA 218 -56.01 -0.23 29.67
N PHE LA 219 -56.89 0.19 28.77
CA PHE LA 219 -56.58 1.33 27.89
C PHE LA 219 -57.88 2.12 27.68
N PHE LA 220 -58.10 3.09 28.55
CA PHE LA 220 -59.19 4.03 28.34
C PHE LA 220 -58.66 5.24 27.57
N LEU LA 221 -59.59 6.04 27.07
CA LEU LA 221 -59.32 7.08 26.06
C LEU LA 221 -58.44 6.55 24.92
N THR LA 222 -58.52 5.26 24.63
CA THR LA 222 -58.01 4.74 23.36
C THR LA 222 -59.06 3.83 22.76
N LYS LA 223 -59.87 3.22 23.62
CA LYS LA 223 -61.05 2.50 23.20
C LYS LA 223 -62.33 3.31 23.38
N HIS LA 224 -62.27 4.39 24.15
CA HIS LA 224 -63.45 5.19 24.45
C HIS LA 224 -63.19 6.67 24.20
N GLU LA 225 -62.31 6.98 23.25
CA GLU LA 225 -62.11 8.38 22.84
C GLU LA 225 -63.42 9.01 22.40
N ARG LA 226 -64.37 8.22 21.92
CA ARG LA 226 -65.64 8.75 21.44
C ARG LA 226 -66.44 9.34 22.59
N ASN LA 227 -66.83 8.50 23.55
CA ASN LA 227 -67.72 8.94 24.61
C ASN LA 227 -66.98 9.77 25.64
N LYS LA 228 -67.55 10.91 26.01
CA LYS LA 228 -66.93 11.78 26.99
C LYS LA 228 -67.23 11.35 28.42
N ASP LA 229 -68.32 10.63 28.64
CA ASP LA 229 -68.70 10.26 30.00
C ASP LA 229 -67.71 9.26 30.59
N ALA LA 230 -67.46 8.17 29.87
CA ALA LA 230 -66.62 7.09 30.42
C ALA LA 230 -65.28 7.63 30.87
N VAL LA 231 -64.70 8.56 30.11
CA VAL LA 231 -63.41 9.14 30.48
C VAL LA 231 -63.52 9.85 31.81
N LEU LA 232 -64.50 10.76 31.94
CA LEU LA 232 -64.62 11.53 33.15
C LEU LA 232 -64.90 10.63 34.35
N ASP LA 233 -65.67 9.56 34.13
CA ASP LA 233 -65.95 8.63 35.21
C ASP LA 233 -64.68 7.92 35.66
N ARG LA 234 -63.86 7.46 34.71
CA ARG LA 234 -62.61 6.81 35.09
C ARG LA 234 -61.69 7.76 35.82
N LEU LA 235 -61.64 9.03 35.39
CA LEU LA 235 -60.78 9.99 36.06
C LEU LA 235 -61.25 10.23 37.49
N SER LA 236 -62.56 10.45 37.67
CA SER LA 236 -63.09 10.63 39.02
C SER LA 236 -62.80 9.41 39.89
N ASP LA 237 -62.95 8.22 39.31
CA ASP LA 237 -62.61 7.00 40.03
C ASP LA 237 -61.16 7.04 40.51
N LEU LA 238 -60.24 7.37 39.60
CA LEU LA 238 -58.83 7.40 39.96
C LEU LA 238 -58.57 8.40 41.07
N VAL LA 239 -59.13 9.61 40.96
CA VAL LA 239 -58.82 10.64 41.94
C VAL LA 239 -59.43 10.31 43.29
N ASN LA 240 -60.53 9.56 43.32
CA ASN LA 240 -61.17 9.27 44.60
C ASN LA 240 -60.75 7.94 45.21
N CYS LA 241 -60.03 7.08 44.47
CA CYS LA 241 -59.76 5.75 44.97
C CYS LA 241 -58.76 5.76 46.13
N THR LA 242 -57.73 6.60 46.05
CA THR LA 242 -56.71 6.61 47.08
C THR LA 242 -57.22 7.34 48.33
N ALA LA 243 -56.41 7.32 49.39
CA ALA LA 243 -56.84 7.86 50.67
C ALA LA 243 -55.85 8.91 51.16
N PRO LA 244 -56.34 9.97 51.79
CA PRO LA 244 -55.45 11.05 52.21
C PRO LA 244 -54.44 10.59 53.26
N SER LA 245 -53.29 11.25 53.24
CA SER LA 245 -52.23 11.01 54.21
C SER LA 245 -52.37 12.00 55.35
N VAL LA 246 -51.33 12.13 56.18
CA VAL LA 246 -51.37 12.94 57.39
C VAL LA 246 -51.60 14.41 57.06
N ALA LA 247 -51.93 15.20 58.08
CA ALA LA 247 -52.23 16.61 57.93
C ALA LA 247 -51.06 17.44 58.44
N VAL LA 248 -50.48 18.25 57.59
CA VAL LA 248 -49.46 19.21 57.98
C VAL LA 248 -50.01 20.61 57.74
N ALA LA 249 -49.53 21.56 58.54
CA ALA LA 249 -50.02 22.93 58.48
C ALA LA 249 -49.04 23.88 57.80
N ARG LA 250 -48.03 23.34 57.14
CA ARG LA 250 -47.05 24.18 56.44
C ARG LA 250 -47.30 24.23 54.94
N MET LA 251 -47.92 23.20 54.36
CA MET LA 251 -48.10 23.16 52.92
C MET LA 251 -48.91 24.34 52.40
N THR LA 252 -50.19 24.40 52.77
CA THR LA 252 -51.07 25.51 52.42
C THR LA 252 -51.10 25.79 50.92
N HIS LA 253 -50.72 24.81 50.09
CA HIS LA 253 -50.86 24.97 48.65
C HIS LA 253 -52.31 25.28 48.32
N ALA LA 254 -52.56 26.43 47.72
CA ALA LA 254 -53.93 26.88 47.57
C ALA LA 254 -54.12 27.57 46.23
N ASP LA 255 -55.39 27.66 45.83
CA ASP LA 255 -55.75 28.45 44.67
C ASP LA 255 -55.61 29.94 44.98
N THR LA 256 -55.45 30.73 43.92
CA THR LA 256 -55.31 32.17 44.09
C THR LA 256 -56.51 32.83 44.73
N GLN LA 257 -57.63 32.13 44.86
CA GLN LA 257 -58.83 32.72 45.43
C GLN LA 257 -59.33 32.02 46.68
N GLY LA 258 -59.47 30.69 46.64
CA GLY LA 258 -60.20 29.99 47.68
C GLY LA 258 -59.57 28.72 48.21
N ARG LA 259 -60.33 27.63 48.08
CA ARG LA 259 -60.01 26.36 48.71
C ARG LA 259 -58.61 25.87 48.31
N PRO LA 260 -57.97 25.09 49.16
CA PRO LA 260 -56.63 24.58 48.84
C PRO LA 260 -56.68 23.36 47.94
N VAL LA 261 -55.57 23.13 47.26
CA VAL LA 261 -55.45 22.04 46.28
C VAL LA 261 -55.38 20.72 47.02
N ASP LA 262 -55.47 19.63 46.27
CA ASP LA 262 -55.46 18.31 46.88
C ASP LA 262 -54.39 17.38 46.34
N GLY LA 263 -54.11 17.39 45.05
CA GLY LA 263 -53.13 16.47 44.52
C GLY LA 263 -52.63 16.90 43.16
N VAL LA 264 -51.76 16.08 42.59
CA VAL LA 264 -51.24 16.32 41.25
C VAL LA 264 -51.73 15.22 40.33
N LEU LA 265 -51.84 15.56 39.06
CA LEU LA 265 -52.24 14.62 38.03
C LEU LA 265 -51.18 14.73 36.93
N VAL LA 266 -50.07 14.06 37.11
CA VAL LA 266 -48.97 14.17 36.17
C VAL LA 266 -49.19 13.19 35.05
N THR LA 267 -48.66 13.51 33.87
CA THR LA 267 -48.82 12.69 32.68
C THR LA 267 -47.87 13.21 31.62
N THR LA 268 -47.94 12.61 30.45
CA THR LA 268 -47.12 13.04 29.33
C THR LA 268 -47.84 14.11 28.52
N ALA LA 269 -47.07 14.88 27.76
CA ALA LA 269 -47.64 15.97 26.99
C ALA LA 269 -48.61 15.47 25.93
N GLY LA 270 -48.50 14.21 25.52
CA GLY LA 270 -49.41 13.68 24.54
C GLY LA 270 -50.83 13.52 25.03
N VAL LA 271 -51.03 13.43 26.34
CA VAL LA 271 -52.34 13.16 26.92
C VAL LA 271 -52.94 14.46 27.43
N ARG LA 272 -52.07 15.40 27.84
CA ARG LA 272 -52.55 16.69 28.28
C ARG LA 272 -53.33 17.38 27.17
N GLN LA 273 -52.87 17.25 25.93
CA GLN LA 273 -53.58 17.85 24.81
C GLN LA 273 -54.95 17.21 24.63
N ARG LA 274 -54.99 15.87 24.57
CA ARG LA 274 -56.26 15.17 24.38
C ARG LA 274 -57.26 15.51 25.48
N LEU LA 275 -56.78 15.77 26.70
CA LEU LA 275 -57.69 16.07 27.79
C LEU LA 275 -58.16 17.52 27.74
N LEU LA 276 -57.22 18.46 27.78
CA LEU LA 276 -57.54 19.86 28.02
C LEU LA 276 -58.28 20.54 26.89
N HIS LA 277 -58.67 19.83 25.83
CA HIS LA 277 -59.38 20.46 24.74
C HIS LA 277 -60.75 19.87 24.49
N HIS LA 278 -61.08 18.71 25.05
CA HIS LA 278 -62.36 18.08 24.76
C HIS LA 278 -63.08 17.51 25.97
N VAL LA 279 -62.44 17.33 27.11
CA VAL LA 279 -63.08 16.66 28.25
C VAL LA 279 -63.02 17.46 29.54
N LEU LA 280 -62.16 18.46 29.68
CA LEU LA 280 -62.01 19.17 30.94
C LEU LA 280 -61.99 20.68 30.68
N THR LA 281 -61.74 21.43 31.74
CA THR LA 281 -61.62 22.87 31.64
C THR LA 281 -60.61 23.36 32.68
N LEU LA 282 -59.93 24.46 32.36
CA LEU LA 282 -58.96 25.04 33.27
C LEU LA 282 -59.71 25.81 34.34
N ALA LA 283 -59.81 25.22 35.54
CA ALA LA 283 -60.50 25.91 36.62
C ALA LA 283 -59.84 27.23 36.95
N ASP LA 284 -58.51 27.27 36.91
CA ASP LA 284 -57.78 28.52 37.07
C ASP LA 284 -56.40 28.33 36.46
N THR LA 285 -55.59 29.39 36.53
CA THR LA 285 -54.27 29.36 35.92
C THR LA 285 -53.17 29.89 36.84
N HIS LA 286 -53.46 30.18 38.10
CA HIS LA 286 -52.45 30.74 38.99
C HIS LA 286 -52.69 30.23 40.39
N ALA LA 287 -51.65 29.67 41.00
CA ALA LA 287 -51.76 29.03 42.30
C ALA LA 287 -50.89 29.77 43.32
N ASP LA 288 -51.02 29.35 44.57
CA ASP LA 288 -50.20 29.86 45.67
C ASP LA 288 -49.45 28.70 46.30
N VAL LA 289 -48.14 28.87 46.43
CA VAL LA 289 -47.30 27.81 46.99
C VAL LA 289 -46.43 28.42 48.09
N PRO LA 290 -45.85 27.59 48.94
CA PRO LA 290 -44.81 28.09 49.85
C PRO LA 290 -43.51 28.28 49.09
N VAL LA 291 -42.66 29.14 49.64
CA VAL LA 291 -41.49 29.63 48.92
C VAL LA 291 -40.21 29.02 49.48
N THR LA 292 -40.23 28.61 50.74
CA THR LA 292 -39.05 28.06 51.39
C THR LA 292 -39.32 26.64 51.87
N TYR LA 293 -38.24 25.96 52.23
CA TYR LA 293 -38.29 24.63 52.80
C TYR LA 293 -38.63 24.73 54.29
N GLY LA 294 -38.48 23.62 55.00
CA GLY LA 294 -38.54 23.62 56.44
C GLY LA 294 -37.20 23.18 57.01
N GLU LA 295 -36.92 23.61 58.23
CA GLU LA 295 -35.65 23.30 58.87
C GLU LA 295 -35.88 22.40 60.07
N MET LA 296 -34.92 21.52 60.32
CA MET LA 296 -34.95 20.67 61.51
C MET LA 296 -33.52 20.44 61.95
N VAL LA 297 -33.19 20.87 63.16
CA VAL LA 297 -31.82 20.84 63.65
C VAL LA 297 -31.83 20.35 65.10
N ILE LA 298 -30.85 19.54 65.45
CA ILE LA 298 -30.68 19.10 66.83
C ILE LA 298 -30.05 20.23 67.63
N ALA LA 299 -30.69 20.61 68.74
CA ALA LA 299 -30.24 21.80 69.46
C ALA LA 299 -30.76 21.76 70.89
N ASN LA 300 -29.84 21.76 71.84
CA ASN LA 300 -30.04 22.14 73.25
C ASN LA 300 -30.94 21.19 74.02
N THR LA 301 -31.56 20.24 73.36
CA THR LA 301 -32.10 19.13 74.14
C THR LA 301 -31.77 17.79 73.54
N ASN LA 302 -31.86 17.66 72.21
CA ASN LA 302 -31.37 16.47 71.55
C ASN LA 302 -29.87 16.44 71.47
N LEU LA 303 -29.21 17.58 71.64
CA LEU LA 303 -27.76 17.62 71.58
C LEU LA 303 -27.15 16.69 72.61
N VAL LA 304 -27.58 16.82 73.87
CA VAL LA 304 -26.95 16.05 74.93
C VAL LA 304 -27.23 14.57 74.77
N THR LA 305 -28.46 14.20 74.38
CA THR LA 305 -28.77 12.78 74.23
C THR LA 305 -28.08 12.18 73.03
N ALA LA 306 -28.02 12.92 71.92
CA ALA LA 306 -27.28 12.44 70.75
C ALA LA 306 -25.81 12.29 71.05
N LEU LA 307 -25.27 13.12 71.94
CA LEU LA 307 -23.85 13.03 72.24
C LEU LA 307 -23.53 11.90 73.20
N VAL LA 308 -24.26 11.80 74.32
CA VAL LA 308 -23.89 10.83 75.34
C VAL LA 308 -24.71 9.54 75.22
N MET LA 309 -26.02 9.64 75.03
CA MET LA 309 -26.84 8.44 74.98
C MET LA 309 -26.67 7.69 73.67
N GLY LA 310 -27.03 8.31 72.56
CA GLY LA 310 -26.92 7.67 71.27
C GLY LA 310 -28.17 7.79 70.42
N LYS LA 311 -29.24 8.34 70.98
CA LYS LA 311 -30.50 8.48 70.27
C LYS LA 311 -30.85 9.96 70.13
N ALA LA 312 -31.94 10.22 69.42
CA ALA LA 312 -32.44 11.57 69.19
C ALA LA 312 -33.89 11.46 68.77
N VAL LA 313 -34.68 12.49 69.09
CA VAL LA 313 -36.09 12.51 68.75
C VAL LA 313 -36.42 13.83 68.07
N SER LA 314 -37.37 13.78 67.14
CA SER LA 314 -37.72 14.98 66.37
C SER LA 314 -38.25 16.09 67.26
N ASN LA 315 -39.20 15.76 68.13
CA ASN LA 315 -39.84 16.74 68.99
C ASN LA 315 -39.57 16.46 70.45
N MET LA 316 -38.32 16.13 70.78
CA MET LA 316 -37.97 15.89 72.18
C MET LA 316 -38.23 17.11 73.04
N ASP LA 317 -38.17 18.31 72.46
CA ASP LA 317 -38.41 19.52 73.23
C ASP LA 317 -39.83 19.53 73.79
N ASP LA 318 -40.82 19.22 72.95
CA ASP LA 318 -42.19 19.21 73.44
C ASP LA 318 -42.44 18.06 74.41
N VAL LA 319 -41.80 16.92 74.19
CA VAL LA 319 -41.91 15.81 75.13
C VAL LA 319 -41.42 16.24 76.50
N ALA LA 320 -40.24 16.85 76.55
CA ALA LA 320 -39.71 17.32 77.82
C ALA LA 320 -40.62 18.37 78.44
N ARG LA 321 -41.18 19.27 77.62
CA ARG LA 321 -42.08 20.28 78.13
C ARG LA 321 -43.34 19.66 78.73
N TYR LA 322 -43.74 18.50 78.20
CA TYR LA 322 -44.96 17.83 78.67
C TYR LA 322 -44.73 16.98 79.91
N LEU LA 323 -43.58 16.30 80.00
CA LEU LA 323 -43.29 15.43 81.13
C LEU LA 323 -42.97 16.18 82.40
N LEU LA 324 -42.77 17.50 82.34
CA LEU LA 324 -42.39 18.27 83.51
C LEU LA 324 -43.35 19.39 83.86
N GLY LA 325 -44.18 19.85 82.93
CA GLY LA 325 -45.18 20.84 83.24
C GLY LA 325 -45.14 22.07 82.33
N GLY LA 326 -43.95 22.51 81.96
CA GLY LA 326 -43.80 23.66 81.10
C GLY LA 326 -44.38 24.94 81.67
N GLY LA 337 -44.57 32.77 54.30
CA GLY LA 337 -44.22 33.34 53.01
C GLY LA 337 -44.72 32.51 51.85
N SER LA 338 -45.46 33.15 50.95
CA SER LA 338 -46.07 32.48 49.81
C SER LA 338 -45.69 33.20 48.53
N ALA LA 339 -46.09 32.62 47.41
CA ALA LA 339 -45.75 33.15 46.09
C ALA LA 339 -46.98 32.99 45.19
N ARG LA 340 -46.77 33.15 43.88
CA ARG LA 340 -47.84 32.98 42.92
C ARG LA 340 -47.21 32.55 41.59
N VAL LA 341 -47.45 31.31 41.21
CA VAL LA 341 -46.81 30.77 40.01
C VAL LA 341 -47.84 30.48 38.94
N ARG LA 342 -47.38 30.05 37.77
CA ARG LA 342 -48.25 29.69 36.66
C ARG LA 342 -48.37 28.18 36.63
N ALA LA 343 -49.51 27.67 37.11
CA ALA LA 343 -49.82 26.26 37.05
C ALA LA 343 -51.26 26.11 36.61
N ASP LA 344 -51.65 24.87 36.33
CA ASP LA 344 -53.00 24.56 35.86
C ASP LA 344 -53.71 23.77 36.94
N LEU LA 345 -54.89 24.24 37.33
CA LEU LA 345 -55.73 23.56 38.31
C LEU LA 345 -57.04 23.19 37.64
N VAL LA 346 -57.43 21.92 37.74
CA VAL LA 346 -58.71 21.49 37.22
C VAL LA 346 -59.54 20.96 38.37
N VAL LA 347 -60.77 20.58 38.09
CA VAL LA 347 -61.65 19.97 39.10
C VAL LA 347 -62.16 18.66 38.55
N VAL LA 348 -61.84 17.57 39.24
CA VAL LA 348 -62.30 16.23 38.89
C VAL LA 348 -62.99 15.64 40.11
N GLY LA 349 -64.07 14.92 39.88
CA GLY LA 349 -64.88 14.46 40.98
C GLY LA 349 -65.37 15.64 41.77
N ASP LA 350 -64.81 15.83 42.96
CA ASP LA 350 -65.12 17.00 43.78
C ASP LA 350 -63.85 17.61 44.36
N ARG LA 351 -62.71 17.32 43.77
CA ARG LA 351 -61.43 17.80 44.28
C ARG LA 351 -60.81 18.79 43.30
N LEU LA 352 -59.84 19.55 43.79
CA LEU LA 352 -59.10 20.51 42.98
C LEU LA 352 -57.67 20.02 42.91
N VAL LA 353 -57.23 19.62 41.71
CA VAL LA 353 -55.93 18.99 41.54
C VAL LA 353 -55.12 19.74 40.51
N PHE LA 354 -53.79 19.70 40.67
CA PHE LA 354 -52.90 20.20 39.65
C PHE LA 354 -52.96 19.30 38.42
N LEU LA 355 -52.42 19.80 37.31
CA LEU LA 355 -52.39 19.02 36.07
C LEU LA 355 -51.12 19.40 35.34
N GLU LA 356 -50.08 18.60 35.52
CA GLU LA 356 -48.75 18.94 35.05
C GLU LA 356 -48.29 18.01 33.94
N ALA LA 357 -47.50 18.56 33.03
CA ALA LA 357 -46.78 17.80 32.03
C ALA LA 357 -45.33 18.25 32.08
N LEU LA 358 -44.42 17.32 32.37
CA LEU LA 358 -43.03 17.66 32.62
C LEU LA 358 -42.15 17.33 31.43
N GLU LA 359 -42.62 17.57 30.21
CA GLU LA 359 -41.80 17.29 29.05
C GLU LA 359 -40.93 18.47 28.65
N LYS LA 360 -41.50 19.66 28.58
CA LYS LA 360 -40.71 20.81 28.17
C LYS LA 360 -39.91 21.41 29.32
N ARG LA 361 -40.49 21.44 30.51
CA ARG LA 361 -39.79 22.05 31.65
C ARG LA 361 -38.56 21.24 32.03
N VAL LA 362 -38.72 19.93 32.21
CA VAL LA 362 -37.65 19.03 32.56
C VAL LA 362 -37.59 17.95 31.49
N TYR LA 363 -36.44 17.27 31.41
CA TYR LA 363 -36.22 16.12 30.54
C TYR LA 363 -36.06 16.50 29.08
N GLN LA 364 -36.26 17.76 28.73
CA GLN LA 364 -36.14 18.17 27.35
C GLN LA 364 -34.68 18.38 26.99
N ALA LA 365 -34.29 17.88 25.82
CA ALA LA 365 -32.97 18.07 25.24
C ALA LA 365 -31.85 17.47 26.07
N THR LA 366 -32.17 16.71 27.10
CA THR LA 366 -31.18 15.92 27.81
C THR LA 366 -31.38 14.45 27.47
N GLN LA 367 -30.34 13.66 27.68
CA GLN LA 367 -30.34 12.28 27.20
C GLN LA 367 -30.99 11.31 28.17
N VAL LA 368 -31.88 11.78 29.04
CA VAL LA 368 -32.55 10.93 30.00
C VAL LA 368 -33.98 10.66 29.51
N PRO LA 369 -34.46 9.43 29.58
CA PRO LA 369 -35.82 9.14 29.13
C PRO LA 369 -36.86 9.55 30.16
N TYR LA 370 -38.06 9.82 29.66
CA TYR LA 370 -39.17 10.20 30.54
C TYR LA 370 -39.60 9.02 31.38
N PRO LA 371 -39.81 9.20 32.68
CA PRO LA 371 -40.19 8.09 33.56
C PRO LA 371 -41.66 7.74 33.60
N LEU LA 372 -42.48 8.34 32.74
CA LEU LA 372 -43.90 8.01 32.69
C LEU LA 372 -44.31 7.38 31.36
N VAL LA 373 -43.38 6.72 30.68
CA VAL LA 373 -43.72 5.86 29.56
C VAL LA 373 -43.53 4.43 30.06
N GLY LA 374 -44.62 3.85 30.53
CA GLY LA 374 -44.57 2.52 31.10
C GLY LA 374 -44.39 1.46 30.03
N ASN LA 375 -44.38 0.22 30.47
CA ASN LA 375 -44.28 -0.92 29.57
C ASN LA 375 -45.22 -2.00 30.05
N LEU LA 376 -46.34 -2.17 29.38
CA LEU LA 376 -47.20 -3.31 29.62
C LEU LA 376 -46.46 -4.60 29.25
N ASP LA 377 -47.04 -5.74 29.62
CA ASP LA 377 -46.38 -7.01 29.36
C ASP LA 377 -47.42 -8.12 29.40
N VAL LA 378 -47.66 -8.77 28.26
CA VAL LA 378 -48.62 -9.86 28.17
C VAL LA 378 -47.95 -11.05 27.51
N THR LA 379 -48.54 -12.24 27.73
CA THR LA 379 -48.01 -13.48 27.20
C THR LA 379 -49.10 -14.20 26.42
N PHE LA 380 -48.94 -14.29 25.11
CA PHE LA 380 -49.93 -14.94 24.27
C PHE LA 380 -49.67 -16.45 24.22
N VAL LA 381 -50.69 -17.18 23.78
CA VAL LA 381 -50.62 -18.64 23.70
C VAL LA 381 -51.60 -19.10 22.63
N MET LA 382 -51.22 -20.15 21.90
CA MET LA 382 -52.07 -20.63 20.82
C MET LA 382 -51.79 -22.09 20.56
N PRO LA 383 -52.82 -22.90 20.29
CA PRO LA 383 -52.60 -24.32 20.03
C PRO LA 383 -52.13 -24.55 18.60
N LEU LA 384 -51.26 -25.55 18.45
CA LEU LA 384 -50.63 -25.78 17.15
C LEU LA 384 -51.39 -26.79 16.30
N GLY LA 385 -51.58 -28.00 16.81
CA GLY LA 385 -52.12 -29.06 15.98
C GLY LA 385 -53.21 -29.92 16.59
N VAL LA 386 -54.06 -29.32 17.43
CA VAL LA 386 -55.13 -30.10 18.04
C VAL LA 386 -56.13 -30.53 16.97
N PHE LA 387 -56.82 -31.63 17.24
CA PHE LA 387 -57.79 -32.20 16.31
C PHE LA 387 -59.11 -32.36 17.04
N LYS LA 388 -60.12 -31.63 16.61
CA LYS LA 388 -61.40 -31.60 17.29
C LYS LA 388 -62.09 -32.97 17.20
N PRO LA 389 -62.97 -33.27 18.14
CA PRO LA 389 -63.69 -34.55 18.11
C PRO LA 389 -64.54 -34.68 16.86
N ALA LA 390 -65.15 -35.87 16.71
CA ALA LA 390 -65.84 -36.21 15.48
C ALA LA 390 -67.19 -35.54 15.33
N ALA LA 391 -67.77 -35.04 16.42
CA ALA LA 391 -69.05 -34.36 16.33
C ALA LA 391 -68.92 -32.87 16.10
N ASP LA 392 -67.71 -32.32 16.19
CA ASP LA 392 -67.47 -30.90 16.04
C ASP LA 392 -66.89 -30.53 14.69
N ARG LA 393 -66.76 -31.49 13.78
CA ARG LA 393 -66.24 -31.23 12.43
C ARG LA 393 -67.44 -31.08 11.52
N TYR LA 394 -67.98 -29.87 11.46
CA TYR LA 394 -69.15 -29.55 10.66
C TYR LA 394 -68.87 -28.27 9.88
N ALA LA 395 -69.47 -28.16 8.71
CA ALA LA 395 -69.39 -26.94 7.92
C ALA LA 395 -70.62 -26.08 8.21
N ARG LA 396 -70.40 -24.79 8.39
CA ARG LA 396 -71.49 -23.94 8.84
C ARG LA 396 -72.49 -23.66 7.72
N HIS LA 397 -72.06 -23.76 6.47
CA HIS LA 397 -72.94 -23.43 5.35
C HIS LA 397 -72.82 -24.49 4.27
N ALA LA 398 -73.78 -24.47 3.36
CA ALA LA 398 -73.80 -25.43 2.25
C ALA LA 398 -72.59 -25.25 1.35
N GLY LA 399 -72.53 -24.13 0.65
CA GLY LA 399 -71.39 -23.88 -0.23
C GLY LA 399 -70.30 -23.14 0.52
N SER LA 400 -69.39 -23.92 1.08
CA SER LA 400 -68.27 -23.40 1.84
C SER LA 400 -67.07 -23.26 0.89
N PHE LA 401 -65.87 -23.16 1.44
CA PHE LA 401 -64.67 -22.94 0.63
C PHE LA 401 -64.42 -24.23 -0.16
N ALA LA 402 -65.14 -24.36 -1.26
CA ALA LA 402 -65.10 -25.57 -2.05
C ALA LA 402 -63.76 -25.68 -2.78
N PRO LA 403 -63.15 -26.86 -2.79
CA PRO LA 403 -61.86 -27.01 -3.48
C PRO LA 403 -62.06 -27.03 -4.98
N THR LA 404 -60.96 -26.89 -5.70
CA THR LA 404 -61.02 -26.89 -7.16
C THR LA 404 -61.55 -28.24 -7.63
N PRO LA 405 -62.45 -28.25 -8.61
CA PRO LA 405 -63.12 -29.51 -8.97
C PRO LA 405 -62.15 -30.50 -9.58
N GLY LA 406 -62.26 -31.76 -9.15
CA GLY LA 406 -61.39 -32.81 -9.63
C GLY LA 406 -60.18 -33.09 -8.75
N LEU LA 407 -60.07 -32.43 -7.61
CA LEU LA 407 -58.93 -32.58 -6.71
C LEU LA 407 -59.42 -33.00 -5.33
N PRO LA 408 -58.54 -33.59 -4.52
CA PRO LA 408 -58.94 -33.94 -3.15
C PRO LA 408 -59.03 -32.70 -2.28
N ASP LA 409 -59.97 -32.75 -1.33
CA ASP LA 409 -60.24 -31.60 -0.48
C ASP LA 409 -59.21 -31.53 0.64
N PRO LA 410 -58.40 -30.47 0.71
CA PRO LA 410 -57.38 -30.37 1.77
C PRO LA 410 -57.86 -29.74 3.06
N ARG LA 411 -59.16 -29.61 3.29
CA ARG LA 411 -59.65 -28.99 4.51
C ARG LA 411 -59.90 -30.00 5.62
N THR LA 412 -60.51 -31.14 5.30
CA THR LA 412 -60.88 -32.09 6.34
C THR LA 412 -59.71 -32.81 6.97
N HIS LA 413 -58.49 -32.47 6.59
CA HIS LA 413 -57.33 -33.14 7.15
C HIS LA 413 -56.95 -32.52 8.48
N PRO LA 414 -56.31 -33.29 9.37
CA PRO LA 414 -55.82 -32.72 10.61
C PRO LA 414 -54.79 -31.63 10.33
N PRO LA 415 -54.98 -30.45 10.90
CA PRO LA 415 -54.10 -29.33 10.56
C PRO LA 415 -52.73 -29.51 11.22
N ARG LA 416 -51.75 -28.81 10.65
CA ARG LA 416 -50.40 -28.89 11.19
C ARG LA 416 -49.68 -27.56 11.16
N ALA LA 417 -50.41 -26.44 11.10
CA ALA LA 417 -49.80 -25.13 11.16
C ALA LA 417 -50.82 -24.14 11.68
N VAL LA 418 -50.32 -23.00 12.16
CA VAL LA 418 -51.19 -21.91 12.58
C VAL LA 418 -50.81 -20.66 11.80
N HIS LA 419 -51.65 -19.64 11.92
CA HIS LA 419 -51.37 -18.35 11.32
C HIS LA 419 -51.84 -17.27 12.27
N PHE LA 420 -51.08 -16.19 12.33
CA PHE LA 420 -51.48 -15.02 13.10
C PHE LA 420 -50.96 -13.80 12.39
N PHE LA 421 -51.08 -12.64 13.04
CA PHE LA 421 -50.71 -11.39 12.44
C PHE LA 421 -49.50 -10.80 13.14
N ASN LA 422 -48.70 -10.05 12.38
CA ASN LA 422 -47.48 -9.46 12.89
C ASN LA 422 -47.85 -8.21 13.69
N LYS LA 423 -46.84 -7.39 14.01
CA LYS LA 423 -47.12 -6.14 14.69
C LYS LA 423 -47.84 -5.18 13.76
N ASP LA 424 -47.35 -5.03 12.54
CA ASP LA 424 -47.99 -4.10 11.62
C ASP LA 424 -49.20 -4.71 10.94
N GLY LA 425 -49.15 -5.99 10.60
CA GLY LA 425 -50.29 -6.62 9.98
C GLY LA 425 -49.97 -7.64 8.89
N VAL LA 426 -48.70 -7.84 8.58
CA VAL LA 426 -48.34 -8.85 7.61
C VAL LA 426 -48.63 -10.22 8.23
N PRO LA 427 -49.04 -11.21 7.44
CA PRO LA 427 -49.28 -12.53 8.00
C PRO LA 427 -47.97 -13.25 8.25
N CYS LA 428 -47.91 -13.95 9.38
CA CYS LA 428 -46.70 -14.63 9.82
C CYS LA 428 -47.10 -15.96 10.43
N HIS LA 429 -46.71 -17.05 9.79
CA HIS LA 429 -47.21 -18.36 10.17
C HIS LA 429 -46.15 -19.16 10.93
N VAL LA 430 -46.63 -20.14 11.68
CA VAL LA 430 -45.79 -21.04 12.47
C VAL LA 430 -46.24 -22.45 12.18
N THR LA 431 -45.28 -23.34 11.92
CA THR LA 431 -45.61 -24.73 11.62
C THR LA 431 -44.83 -25.69 12.51
N PHE LA 432 -44.95 -26.99 12.25
CA PHE LA 432 -44.25 -27.97 13.07
C PHE LA 432 -42.74 -27.83 12.91
N GLU LA 433 -42.26 -27.60 11.69
CA GLU LA 433 -40.84 -27.63 11.40
C GLU LA 433 -40.05 -26.80 12.40
N HIS LA 434 -40.57 -25.63 12.78
CA HIS LA 434 -39.84 -24.76 13.68
C HIS LA 434 -39.61 -25.38 15.05
N ALA LA 435 -40.36 -26.42 15.39
CA ALA LA 435 -40.22 -27.04 16.70
C ALA LA 435 -39.03 -27.97 16.79
N MET LA 436 -38.27 -28.13 15.71
CA MET LA 436 -37.12 -29.03 15.74
C MET LA 436 -36.15 -28.65 16.84
N GLY LA 437 -35.92 -27.35 17.02
CA GLY LA 437 -34.99 -26.89 18.04
C GLY LA 437 -35.36 -27.28 19.45
N THR LA 438 -36.53 -27.87 19.64
CA THR LA 438 -36.96 -28.34 20.95
C THR LA 438 -37.15 -29.85 21.01
N LEU LA 439 -37.74 -30.44 19.99
CA LEU LA 439 -37.99 -31.87 19.95
C LEU LA 439 -36.86 -32.65 19.32
N CYS LA 440 -35.68 -32.06 19.16
CA CYS LA 440 -34.49 -32.76 18.69
C CYS LA 440 -33.35 -32.34 19.60
N HIS LA 441 -33.20 -33.05 20.71
CA HIS LA 441 -32.20 -32.70 21.70
C HIS LA 441 -32.09 -33.84 22.70
N PRO LA 442 -30.89 -34.17 23.17
CA PRO LA 442 -30.75 -35.24 24.17
C PRO LA 442 -31.57 -35.02 25.42
N SER LA 443 -32.08 -33.81 25.65
CA SER LA 443 -32.96 -33.60 26.81
C SER LA 443 -34.27 -34.35 26.64
N PHE LA 444 -34.70 -34.57 25.39
CA PHE LA 444 -35.91 -35.33 25.12
C PHE LA 444 -35.81 -36.77 25.61
N LEU LA 445 -34.62 -37.23 25.97
CA LEU LA 445 -34.39 -38.58 26.47
C LEU LA 445 -33.72 -38.55 27.83
N ASP LA 446 -34.20 -37.66 28.70
CA ASP LA 446 -33.68 -37.51 30.06
C ASP LA 446 -34.76 -38.01 31.00
N VAL LA 447 -34.59 -39.22 31.53
CA VAL LA 447 -35.53 -39.80 32.47
C VAL LA 447 -34.87 -40.36 33.71
N ASP LA 448 -33.54 -40.26 33.84
CA ASP LA 448 -32.88 -40.83 35.01
C ASP LA 448 -33.33 -40.13 36.28
N ALA LA 449 -33.35 -38.80 36.27
CA ALA LA 449 -33.76 -38.07 37.46
C ALA LA 449 -35.21 -38.36 37.81
N THR LA 450 -36.07 -38.54 36.80
CA THR LA 450 -37.47 -38.86 37.08
C THR LA 450 -37.59 -40.20 37.80
N LEU LA 451 -36.89 -41.22 37.30
CA LEU LA 451 -36.92 -42.51 37.98
C LEU LA 451 -36.38 -42.39 39.39
N ALA LA 452 -35.26 -41.69 39.55
CA ALA LA 452 -34.70 -41.52 40.89
C ALA LA 452 -35.65 -40.79 41.81
N ALA LA 453 -36.53 -39.96 41.24
CA ALA LA 453 -37.50 -39.22 42.02
C ALA LA 453 -38.81 -39.96 42.24
N LEU LA 454 -39.04 -41.05 41.51
CA LEU LA 454 -40.24 -41.85 41.73
C LEU LA 454 -40.02 -42.95 42.76
N ARG LA 455 -38.88 -43.64 42.70
CA ARG LA 455 -38.63 -44.77 43.59
C ARG LA 455 -38.62 -44.38 45.06
N GLN LA 456 -38.68 -43.09 45.38
CA GLN LA 456 -38.72 -42.69 46.79
C GLN LA 456 -39.93 -43.28 47.49
N GLU LA 457 -41.04 -43.44 46.80
CA GLU LA 457 -42.19 -44.10 47.40
C GLU LA 457 -41.88 -45.58 47.59
N PRO LA 458 -42.39 -46.20 48.65
CA PRO LA 458 -41.92 -47.55 49.02
C PRO LA 458 -42.14 -48.61 47.96
N ALA LA 459 -43.41 -48.86 47.64
CA ALA LA 459 -43.81 -49.87 46.66
C ALA LA 459 -45.31 -49.79 46.49
N GLU LA 460 -45.76 -50.08 45.27
CA GLU LA 460 -47.18 -50.04 44.92
C GLU LA 460 -47.57 -51.30 44.17
N VAL LA 461 -47.15 -52.45 44.69
CA VAL LA 461 -47.28 -53.71 43.97
C VAL LA 461 -48.75 -54.06 43.84
N GLN LA 462 -49.21 -54.25 42.59
CA GLN LA 462 -50.58 -54.62 42.29
C GLN LA 462 -50.69 -55.89 41.47
N CYS LA 463 -49.82 -56.08 40.48
CA CYS LA 463 -49.88 -57.23 39.60
C CYS LA 463 -48.46 -57.53 39.14
N ALA LA 464 -48.32 -58.58 38.33
CA ALA LA 464 -47.02 -58.92 37.78
C ALA LA 464 -47.07 -59.42 36.34
N PHE LA 465 -48.22 -59.43 35.69
CA PHE LA 465 -48.33 -60.15 34.43
C PHE LA 465 -47.69 -59.41 33.28
N GLY LA 466 -48.19 -58.24 32.94
CA GLY LA 466 -47.79 -57.58 31.72
C GLY LA 466 -46.35 -57.11 31.67
N ALA LA 467 -45.57 -57.29 32.73
CA ALA LA 467 -44.23 -56.73 32.79
C ALA LA 467 -43.25 -57.73 33.37
N TYR LA 468 -43.31 -58.98 32.91
CA TYR LA 468 -42.39 -59.99 33.39
C TYR LA 468 -42.20 -61.04 32.30
N VAL LA 469 -40.96 -61.25 31.88
CA VAL LA 469 -40.62 -62.24 30.88
C VAL LA 469 -39.59 -63.17 31.49
N ALA LA 470 -39.73 -64.47 31.23
CA ALA LA 470 -38.87 -65.48 31.82
C ALA LA 470 -38.38 -66.44 30.76
N ASP LA 471 -37.06 -66.70 30.77
CA ASP LA 471 -36.50 -67.69 29.87
C ASP LA 471 -36.93 -69.09 30.30
N ALA LA 472 -37.07 -69.98 29.33
CA ALA LA 472 -37.48 -71.35 29.57
C ALA LA 472 -36.41 -72.30 29.08
N ARG LA 473 -36.13 -73.32 29.87
CA ARG LA 473 -35.24 -74.37 29.43
C ARG LA 473 -35.87 -75.12 28.25
N PRO LA 474 -35.07 -75.72 27.39
CA PRO LA 474 -35.63 -76.33 26.19
C PRO LA 474 -36.37 -77.63 26.49
N ASP LA 475 -37.49 -77.57 27.21
CA ASP LA 475 -38.13 -78.79 27.66
C ASP LA 475 -39.05 -79.40 26.59
N ALA LA 476 -40.13 -78.72 26.26
CA ALA LA 476 -41.13 -79.45 25.49
C ALA LA 476 -41.71 -78.69 24.32
N LEU LA 477 -41.74 -77.36 24.39
CA LEU LA 477 -42.16 -76.44 23.32
C LEU LA 477 -43.58 -76.67 22.82
N VAL LA 478 -44.29 -77.65 23.37
CA VAL LA 478 -45.71 -77.81 23.08
C VAL LA 478 -46.48 -77.87 24.39
N GLY LA 479 -45.81 -78.32 25.44
CA GLY LA 479 -46.37 -78.34 26.77
C GLY LA 479 -45.99 -77.14 27.59
N LEU LA 480 -45.16 -76.27 27.04
CA LEU LA 480 -44.86 -75.03 27.74
C LEU LA 480 -46.13 -74.22 27.96
N MET LA 481 -46.99 -74.17 26.95
CA MET LA 481 -48.27 -73.51 27.13
C MET LA 481 -49.11 -74.20 28.19
N GLN LA 482 -48.95 -75.52 28.34
CA GLN LA 482 -49.63 -76.20 29.45
C GLN LA 482 -49.11 -75.71 30.79
N ARG LA 483 -47.79 -75.72 30.97
CA ARG LA 483 -47.21 -75.25 32.23
C ARG LA 483 -47.53 -73.78 32.49
N PHE LA 484 -47.83 -73.02 31.45
CA PHE LA 484 -48.15 -71.60 31.61
C PHE LA 484 -49.61 -71.37 31.93
N LEU LA 485 -50.52 -72.11 31.29
CA LEU LA 485 -51.94 -71.93 31.55
C LEU LA 485 -52.29 -72.23 33.00
N GLU LA 486 -51.78 -73.34 33.52
CA GLU LA 486 -52.09 -73.72 34.90
C GLU LA 486 -51.53 -72.73 35.91
N GLU LA 487 -50.56 -71.92 35.51
CA GLU LA 487 -49.97 -70.93 36.40
C GLU LA 487 -50.58 -69.55 36.25
N TRP LA 488 -51.16 -69.25 35.08
CA TRP LA 488 -51.57 -67.90 34.71
C TRP LA 488 -52.49 -67.25 35.74
N PRO LA 489 -53.65 -67.84 36.08
CA PRO LA 489 -54.56 -67.15 37.01
C PRO LA 489 -53.90 -66.75 38.32
N GLY LA 490 -52.82 -67.42 38.71
CA GLY LA 490 -52.08 -66.98 39.87
C GLY LA 490 -51.29 -65.70 39.64
N MET LA 491 -50.94 -65.42 38.39
CA MET LA 491 -50.17 -64.23 38.07
C MET LA 491 -51.02 -62.97 38.03
N MET LA 492 -52.34 -63.09 38.10
CA MET LA 492 -53.25 -61.94 37.98
C MET LA 492 -54.18 -61.91 39.18
N PRO LA 493 -53.69 -61.48 40.34
CA PRO LA 493 -54.60 -61.29 41.48
C PRO LA 493 -55.69 -60.28 41.17
N VAL LA 494 -55.33 -59.15 40.59
CA VAL LA 494 -56.29 -58.14 40.17
C VAL LA 494 -56.19 -57.97 38.66
N ARG LA 495 -57.03 -57.11 38.11
CA ARG LA 495 -57.03 -56.91 36.67
C ARG LA 495 -55.80 -56.10 36.26
N PRO LA 496 -55.19 -56.40 35.12
CA PRO LA 496 -54.06 -55.58 34.65
C PRO LA 496 -54.57 -54.29 34.03
N ARG LA 497 -54.01 -53.16 34.44
CA ARG LA 497 -54.42 -51.88 33.89
C ARG LA 497 -54.20 -51.83 32.39
N TRP LA 498 -53.00 -52.20 31.94
CA TRP LA 498 -52.63 -52.02 30.54
C TRP LA 498 -53.57 -52.73 29.60
N ALA LA 499 -54.16 -53.85 30.03
CA ALA LA 499 -55.03 -54.62 29.15
C ALA LA 499 -56.25 -53.80 28.74
N ALA LA 500 -57.08 -53.45 29.71
CA ALA LA 500 -58.24 -52.62 29.44
C ALA LA 500 -57.90 -51.20 29.84
N PRO LA 501 -57.78 -50.27 28.89
CA PRO LA 501 -57.39 -48.90 29.23
C PRO LA 501 -58.40 -48.27 30.19
N ALA LA 502 -57.98 -47.16 30.79
CA ALA LA 502 -58.80 -46.54 31.82
C ALA LA 502 -60.15 -46.10 31.25
N ALA LA 503 -60.13 -45.10 30.38
CA ALA LA 503 -61.34 -44.62 29.72
C ALA LA 503 -60.97 -43.55 28.70
N ALA LA 504 -61.97 -42.94 28.08
CA ALA LA 504 -61.70 -41.78 27.24
C ALA LA 504 -61.20 -40.61 28.06
N ASP LA 505 -61.91 -40.29 29.15
CA ASP LA 505 -61.60 -39.14 29.98
C ASP LA 505 -61.27 -39.49 31.42
N GLN LA 506 -61.86 -40.56 31.97
CA GLN LA 506 -61.68 -40.91 33.37
C GLN LA 506 -60.21 -41.06 33.71
N LEU LA 507 -59.35 -41.13 32.70
CA LEU LA 507 -57.92 -40.97 32.92
C LEU LA 507 -57.62 -39.65 33.61
N LEU LA 508 -58.44 -38.62 33.36
CA LEU LA 508 -58.26 -37.32 33.96
C LEU LA 508 -59.17 -37.10 35.17
N ALA LA 509 -59.66 -38.18 35.77
CA ALA LA 509 -60.36 -38.05 37.05
C ALA LA 509 -59.37 -37.62 38.12
N PRO LA 510 -59.81 -36.84 39.11
CA PRO LA 510 -58.88 -36.24 40.06
C PRO LA 510 -58.32 -37.19 41.10
N GLY LA 511 -58.59 -38.49 41.03
CA GLY LA 511 -58.02 -39.38 42.02
C GLY LA 511 -57.50 -40.70 41.51
N ASN LA 512 -57.71 -40.99 40.22
CA ASN LA 512 -57.37 -42.33 39.73
C ASN LA 512 -55.86 -42.55 39.77
N ALA LA 513 -55.48 -43.83 39.77
CA ALA LA 513 -54.10 -44.23 39.98
C ALA LA 513 -53.34 -44.40 38.67
N ASP LA 514 -53.77 -43.76 37.60
CA ASP LA 514 -53.07 -43.84 36.34
C ASP LA 514 -52.36 -42.55 35.96
N LEU LA 515 -52.83 -41.40 36.42
CA LEU LA 515 -52.10 -40.16 36.17
C LEU LA 515 -50.73 -40.19 36.82
N ARG LA 516 -50.59 -40.94 37.91
CA ARG LA 516 -49.32 -41.00 38.62
C ARG LA 516 -48.20 -41.56 37.77
N LEU LA 517 -48.53 -42.28 36.69
CA LEU LA 517 -47.51 -42.94 35.87
C LEU LA 517 -47.67 -42.62 34.39
N GLU LA 518 -48.12 -41.40 34.08
CA GLU LA 518 -48.21 -40.92 32.70
C GLU LA 518 -47.66 -39.51 32.69
N LEU LA 519 -46.35 -39.36 32.53
CA LEU LA 519 -45.75 -38.05 32.64
C LEU LA 519 -44.69 -37.79 31.58
N HIS LA 520 -44.72 -38.53 30.49
CA HIS LA 520 -43.78 -38.26 29.41
C HIS LA 520 -44.32 -38.81 28.10
N PRO LA 521 -44.25 -38.06 27.01
CA PRO LA 521 -44.87 -38.49 25.76
C PRO LA 521 -44.06 -39.49 24.97
N ALA LA 522 -42.94 -39.99 25.50
CA ALA LA 522 -42.14 -40.94 24.75
C ALA LA 522 -41.66 -42.10 25.61
N PHE LA 523 -42.20 -42.26 26.82
CA PHE LA 523 -41.78 -43.33 27.70
C PHE LA 523 -43.01 -43.95 28.34
N ASP LA 524 -42.83 -45.13 28.92
CA ASP LA 524 -43.84 -45.79 29.72
C ASP LA 524 -43.27 -46.07 31.09
N PHE LA 525 -44.08 -45.86 32.12
CA PHE LA 525 -43.65 -46.05 33.50
C PHE LA 525 -44.61 -47.03 34.16
N PHE LA 526 -44.10 -48.18 34.59
CA PHE LA 526 -44.92 -49.20 35.21
C PHE LA 526 -44.18 -49.80 36.38
N VAL LA 527 -44.84 -50.72 37.07
CA VAL LA 527 -44.24 -51.46 38.18
C VAL LA 527 -43.92 -52.86 37.69
N ALA LA 528 -42.92 -53.47 38.33
CA ALA LA 528 -42.48 -54.80 37.95
C ALA LA 528 -41.66 -55.38 39.10
N PRO LA 529 -41.51 -56.70 39.17
CA PRO LA 529 -40.75 -57.29 40.27
C PRO LA 529 -39.27 -56.92 40.19
N GLU LA 530 -38.64 -56.88 41.37
CA GLU LA 530 -37.26 -56.44 41.52
C GLU LA 530 -36.30 -57.57 41.13
N VAL LA 531 -36.31 -57.92 39.85
CA VAL LA 531 -35.46 -58.97 39.31
C VAL LA 531 -34.87 -58.50 38.00
N ASP LA 532 -33.86 -59.24 37.53
CA ASP LA 532 -33.27 -59.01 36.22
C ASP LA 532 -34.00 -59.89 35.21
N VAL LA 533 -34.27 -59.33 34.04
CA VAL LA 533 -35.00 -60.05 33.00
C VAL LA 533 -34.01 -60.53 31.95
N PRO LA 534 -34.16 -61.77 31.44
CA PRO LA 534 -35.21 -62.71 31.83
C PRO LA 534 -34.95 -63.39 33.17
N GLY LA 535 -36.00 -63.92 33.79
CA GLY LA 535 -35.89 -64.56 35.08
C GLY LA 535 -36.42 -65.98 35.05
N PRO LA 536 -36.62 -66.56 36.23
CA PRO LA 536 -37.09 -67.94 36.29
C PRO LA 536 -38.55 -68.05 35.87
N PHE LA 537 -38.92 -69.26 35.43
CA PHE LA 537 -40.26 -69.48 34.90
C PHE LA 537 -41.33 -69.33 35.97
N ALA LA 538 -40.98 -69.53 37.23
CA ALA LA 538 -41.92 -69.31 38.33
C ALA LA 538 -41.75 -67.88 38.83
N VAL LA 539 -42.87 -67.16 38.92
CA VAL LA 539 -42.81 -65.73 39.25
C VAL LA 539 -42.35 -65.56 40.70
N PRO LA 540 -41.37 -64.72 40.98
CA PRO LA 540 -40.90 -64.57 42.36
C PRO LA 540 -41.86 -63.76 43.21
N GLN LA 541 -41.48 -63.47 44.45
CA GLN LA 541 -42.32 -62.73 45.38
C GLN LA 541 -41.54 -61.59 46.01
N VAL LA 542 -40.71 -60.91 45.23
CA VAL LA 542 -39.94 -59.79 45.75
C VAL LA 542 -40.77 -58.51 45.71
N MET LA 543 -40.30 -57.51 46.44
CA MET LA 543 -40.98 -56.22 46.45
C MET LA 543 -40.84 -55.53 45.10
N GLY LA 544 -41.88 -54.79 44.72
CA GLY LA 544 -41.92 -54.21 43.39
C GLY LA 544 -40.99 -53.03 43.23
N GLN LA 545 -40.88 -52.58 41.97
CA GLN LA 545 -40.06 -51.42 41.64
C GLN LA 545 -40.64 -50.79 40.39
N VAL LA 546 -40.27 -49.52 40.15
CA VAL LA 546 -40.80 -48.73 39.06
C VAL LA 546 -39.73 -48.66 37.97
N ARG LA 547 -40.01 -49.27 36.83
CA ARG LA 547 -39.10 -49.22 35.69
C ARG LA 547 -39.63 -48.25 34.65
N ALA LA 548 -38.93 -48.17 33.53
CA ALA LA 548 -39.33 -47.30 32.43
C ALA LA 548 -38.77 -47.86 31.13
N MET LA 549 -39.45 -47.54 30.04
CA MET LA 549 -39.08 -48.11 28.76
C MET LA 549 -39.69 -47.29 27.62
N PRO LA 550 -38.93 -46.94 26.60
CA PRO LA 550 -39.43 -46.01 25.58
C PRO LA 550 -40.46 -46.65 24.68
N ARG LA 551 -41.50 -45.89 24.36
CA ARG LA 551 -42.41 -46.27 23.28
C ARG LA 551 -41.66 -46.10 21.98
N ILE LA 552 -41.16 -47.20 21.43
CA ILE LA 552 -40.36 -47.11 20.21
C ILE LA 552 -41.17 -46.58 19.05
N ILE LA 553 -42.48 -46.63 19.13
CA ILE LA 553 -43.36 -46.23 18.03
C ILE LA 553 -44.38 -45.24 18.56
N ASN LA 554 -44.72 -44.24 17.74
CA ASN LA 554 -45.75 -43.29 18.15
C ASN LA 554 -47.09 -43.97 18.33
N GLY LA 555 -47.34 -45.07 17.61
CA GLY LA 555 -48.58 -45.80 17.76
C GLY LA 555 -48.81 -46.33 19.16
N ASN LA 556 -47.76 -46.43 19.96
CA ASN LA 556 -47.90 -46.90 21.33
C ASN LA 556 -48.48 -45.84 22.26
N ILE LA 557 -48.80 -44.65 21.77
CA ILE LA 557 -49.45 -43.67 22.64
C ILE LA 557 -50.81 -44.22 23.05
N PRO LA 558 -51.15 -44.25 24.33
CA PRO LA 558 -52.45 -44.80 24.74
C PRO LA 558 -53.60 -44.08 24.06
N LEU LA 559 -54.73 -44.78 23.97
CA LEU LA 559 -55.85 -44.28 23.18
C LEU LA 559 -56.42 -43.00 23.76
N ALA LA 560 -56.54 -42.93 25.09
CA ALA LA 560 -57.11 -41.75 25.73
C ALA LA 560 -56.35 -40.47 25.38
N LEU LA 561 -55.13 -40.59 24.89
CA LEU LA 561 -54.33 -39.42 24.53
C LEU LA 561 -54.00 -39.39 23.04
N CYS LA 562 -54.63 -40.23 22.24
CA CYS LA 562 -54.51 -40.21 20.79
C CYS LA 562 -55.70 -40.98 20.24
N PRO LA 563 -56.87 -40.35 20.17
CA PRO LA 563 -58.10 -41.11 19.92
C PRO LA 563 -58.09 -41.80 18.57
N VAL LA 564 -58.94 -42.82 18.45
CA VAL LA 564 -58.98 -43.62 17.24
C VAL LA 564 -59.43 -42.77 16.05
N ASP LA 565 -60.34 -41.83 16.28
CA ASP LA 565 -60.80 -40.97 15.21
C ASP LA 565 -59.64 -40.25 14.55
N PHE LA 566 -58.73 -39.72 15.34
CA PHE LA 566 -57.60 -39.00 14.78
C PHE LA 566 -56.70 -39.90 13.97
N ARG LA 567 -56.43 -41.11 14.46
CA ARG LA 567 -55.56 -42.03 13.74
C ARG LA 567 -56.15 -42.36 12.38
N ASP LA 568 -57.43 -42.71 12.36
CA ASP LA 568 -58.08 -43.01 11.10
C ASP LA 568 -58.10 -41.80 10.18
N ALA LA 569 -58.19 -40.59 10.75
CA ALA LA 569 -58.12 -39.39 9.93
C ALA LA 569 -56.74 -39.25 9.29
N ARG LA 570 -55.69 -39.46 10.06
CA ARG LA 570 -54.34 -39.38 9.51
C ARG LA 570 -54.13 -40.42 8.41
N GLY LA 571 -54.67 -41.61 8.61
CA GLY LA 571 -54.63 -42.62 7.58
C GLY LA 571 -55.31 -42.17 6.32
N PHE LA 572 -56.61 -41.86 6.42
CA PHE LA 572 -57.36 -41.37 5.27
C PHE LA 572 -56.64 -40.21 4.60
N GLU LA 573 -55.88 -39.44 5.37
CA GLU LA 573 -55.08 -38.39 4.78
C GLU LA 573 -53.98 -38.96 3.90
N LEU LA 574 -53.19 -39.86 4.44
CA LEU LA 574 -52.09 -40.43 3.66
C LEU LA 574 -52.59 -41.25 2.48
N SER LA 575 -53.84 -41.72 2.51
CA SER LA 575 -54.29 -42.71 1.55
C SER LA 575 -54.66 -42.12 0.19
N VAL LA 576 -54.88 -40.81 0.11
CA VAL LA 576 -55.36 -40.25 -1.15
C VAL LA 576 -54.29 -40.37 -2.22
N ASP LA 577 -54.71 -40.75 -3.42
CA ASP LA 577 -53.88 -40.74 -4.64
C ASP LA 577 -52.56 -41.49 -4.49
N ARG LA 578 -52.41 -42.36 -3.50
CA ARG LA 578 -51.21 -43.18 -3.41
C ARG LA 578 -51.40 -44.51 -4.13
N HIS LA 579 -52.33 -45.31 -3.65
CA HIS LA 579 -52.71 -46.58 -4.23
C HIS LA 579 -53.90 -47.10 -3.44
N ARG LA 580 -54.73 -47.91 -4.09
CA ARG LA 580 -55.93 -48.42 -3.45
C ARG LA 580 -56.12 -49.88 -3.80
N LEU LA 581 -57.17 -50.46 -3.24
CA LEU LA 581 -57.54 -51.85 -3.47
C LEU LA 581 -58.90 -51.87 -4.14
N ALA LA 582 -58.95 -52.45 -5.33
CA ALA LA 582 -60.21 -52.56 -6.07
C ALA LA 582 -61.25 -53.21 -5.17
N PRO LA 583 -62.53 -52.84 -5.29
CA PRO LA 583 -63.53 -53.36 -4.35
C PRO LA 583 -63.67 -54.87 -4.40
N ALA LA 584 -63.55 -55.48 -5.59
CA ALA LA 584 -63.67 -56.92 -5.68
C ALA LA 584 -62.54 -57.62 -4.92
N THR LA 585 -61.32 -57.09 -5.01
CA THR LA 585 -60.20 -57.67 -4.29
C THR LA 585 -60.47 -57.70 -2.79
N VAL LA 586 -60.82 -56.55 -2.21
CA VAL LA 586 -61.01 -56.48 -0.77
C VAL LA 586 -62.21 -57.31 -0.36
N ALA LA 587 -63.26 -57.33 -1.19
CA ALA LA 587 -64.42 -58.15 -0.88
C ALA LA 587 -64.04 -59.63 -0.78
N ALA LA 588 -63.31 -60.13 -1.77
CA ALA LA 588 -62.92 -61.53 -1.77
C ALA LA 588 -62.01 -61.85 -0.60
N VAL LA 589 -61.01 -61.01 -0.33
CA VAL LA 589 -60.06 -61.31 0.74
C VAL LA 589 -60.76 -61.27 2.09
N ARG LA 590 -61.67 -60.31 2.28
CA ARG LA 590 -62.40 -60.26 3.53
C ARG LA 590 -63.29 -61.49 3.70
N GLY LA 591 -63.95 -61.91 2.62
CA GLY LA 591 -64.73 -63.13 2.70
C GLY LA 591 -63.89 -64.31 3.13
N ALA LA 592 -62.70 -64.46 2.54
CA ALA LA 592 -61.82 -65.55 2.91
C ALA LA 592 -61.43 -65.46 4.39
N PHE LA 593 -60.92 -64.31 4.81
CA PHE LA 593 -60.48 -64.15 6.19
C PHE LA 593 -61.60 -64.39 7.18
N ARG LA 594 -62.81 -63.95 6.85
CA ARG LA 594 -63.93 -64.01 7.76
C ARG LA 594 -64.75 -65.29 7.62
N ASP LA 595 -64.40 -66.14 6.66
CA ASP LA 595 -65.08 -67.43 6.54
C ASP LA 595 -64.75 -68.30 7.75
N ALA LA 596 -65.72 -69.09 8.18
CA ALA LA 596 -65.56 -69.91 9.38
C ALA LA 596 -65.51 -71.40 9.08
N ASN LA 597 -65.61 -71.81 7.81
CA ASN LA 597 -65.42 -73.21 7.46
C ASN LA 597 -64.34 -73.34 6.41
N TYR LA 598 -63.25 -72.61 6.60
CA TYR LA 598 -62.09 -72.73 5.73
C TYR LA 598 -61.62 -74.17 5.70
N PRO LA 599 -61.45 -74.77 4.53
CA PRO LA 599 -61.07 -76.19 4.43
C PRO LA 599 -59.75 -76.47 5.13
N MET LA 600 -59.78 -77.42 6.07
CA MET LA 600 -58.59 -77.74 6.85
C MET LA 600 -57.44 -78.22 5.98
N VAL LA 601 -57.75 -78.83 4.84
CA VAL LA 601 -56.72 -79.39 3.98
C VAL LA 601 -55.74 -78.31 3.53
N PHE LA 602 -56.20 -77.06 3.43
CA PHE LA 602 -55.31 -75.99 3.02
C PHE LA 602 -54.32 -75.67 4.11
N TYR LA 603 -54.76 -75.67 5.37
CA TYR LA 603 -53.82 -75.55 6.48
C TYR LA 603 -52.82 -76.69 6.47
N ILE LA 604 -53.29 -77.90 6.13
CA ILE LA 604 -52.38 -79.04 6.04
C ILE LA 604 -51.31 -78.80 4.98
N ILE LA 605 -51.73 -78.35 3.80
CA ILE LA 605 -50.78 -78.09 2.72
C ILE LA 605 -49.79 -77.00 3.13
N GLU LA 606 -50.28 -75.96 3.80
CA GLU LA 606 -49.40 -74.92 4.29
C GLU LA 606 -48.35 -75.50 5.22
N ALA LA 607 -48.79 -76.32 6.17
CA ALA LA 607 -47.84 -76.85 7.16
C ALA LA 607 -46.85 -77.81 6.52
N VAL LA 608 -47.24 -78.49 5.45
CA VAL LA 608 -46.33 -79.45 4.84
C VAL LA 608 -45.35 -78.74 3.91
N ILE LA 609 -45.73 -77.60 3.35
CA ILE LA 609 -44.78 -76.88 2.49
C ILE LA 609 -43.82 -76.04 3.31
N HIS LA 610 -44.32 -75.41 4.38
CA HIS LA 610 -43.57 -74.52 5.25
C HIS LA 610 -42.65 -73.57 4.50
N GLY LA 611 -43.14 -72.98 3.41
CA GLY LA 611 -42.45 -71.90 2.77
C GLY LA 611 -41.11 -72.25 2.16
N SER LA 612 -40.98 -73.45 1.62
CA SER LA 612 -39.76 -73.83 0.92
C SER LA 612 -39.79 -73.22 -0.47
N GLU LA 613 -38.88 -73.65 -1.33
CA GLU LA 613 -38.90 -73.25 -2.73
C GLU LA 613 -39.10 -74.44 -3.66
N ARG LA 614 -38.39 -75.53 -3.42
CA ARG LA 614 -38.53 -76.71 -4.27
C ARG LA 614 -39.92 -77.32 -4.13
N THR LA 615 -40.36 -77.55 -2.89
CA THR LA 615 -41.60 -78.28 -2.69
C THR LA 615 -42.79 -77.56 -3.29
N PHE LA 616 -42.73 -76.24 -3.35
CA PHE LA 616 -43.85 -75.51 -3.95
C PHE LA 616 -43.90 -75.73 -5.45
N CYS LA 617 -42.77 -75.57 -6.13
CA CYS LA 617 -42.74 -75.87 -7.55
C CYS LA 617 -42.98 -77.34 -7.84
N ALA LA 618 -42.88 -78.19 -6.82
CA ALA LA 618 -43.25 -79.59 -6.99
C ALA LA 618 -44.75 -79.78 -6.90
N LEU LA 619 -45.38 -79.21 -5.87
CA LEU LA 619 -46.81 -79.34 -5.64
C LEU LA 619 -47.64 -78.35 -6.43
N ALA LA 620 -46.99 -77.57 -7.32
CA ALA LA 620 -47.68 -76.53 -8.09
C ALA LA 620 -49.00 -77.01 -8.67
N ARG LA 621 -49.05 -78.23 -9.20
CA ARG LA 621 -50.29 -78.69 -9.81
C ARG LA 621 -51.39 -78.83 -8.77
N LEU LA 622 -51.07 -79.41 -7.62
CA LEU LA 622 -52.07 -79.56 -6.56
C LEU LA 622 -52.53 -78.21 -6.05
N VAL LA 623 -51.58 -77.29 -5.83
CA VAL LA 623 -51.95 -75.97 -5.35
C VAL LA 623 -52.87 -75.28 -6.35
N ALA LA 624 -52.57 -75.40 -7.65
CA ALA LA 624 -53.40 -74.77 -8.66
C ALA LA 624 -54.80 -75.36 -8.69
N GLN LA 625 -54.91 -76.69 -8.62
CA GLN LA 625 -56.23 -77.31 -8.60
C GLN LA 625 -57.02 -76.87 -7.38
N CYS LA 626 -56.36 -76.79 -6.22
CA CYS LA 626 -57.06 -76.36 -5.01
C CYS LA 626 -57.56 -74.93 -5.13
N ILE LA 627 -56.69 -74.02 -5.58
CA ILE LA 627 -57.11 -72.63 -5.73
C ILE LA 627 -58.27 -72.53 -6.70
N GLN LA 628 -58.16 -73.20 -7.85
CA GLN LA 628 -59.22 -73.17 -8.83
C GLN LA 628 -60.54 -73.63 -8.24
N SER LA 629 -60.51 -74.77 -7.54
CA SER LA 629 -61.72 -75.31 -6.94
C SER LA 629 -62.32 -74.32 -5.96
N TYR LA 630 -61.52 -73.81 -5.03
CA TYR LA 630 -62.08 -72.94 -3.99
C TYR LA 630 -62.66 -71.68 -4.60
N TRP LA 631 -61.97 -71.10 -5.59
CA TRP LA 631 -62.47 -69.88 -6.20
C TRP LA 631 -63.78 -70.12 -6.92
N ARG LA 632 -63.89 -71.23 -7.65
CA ARG LA 632 -65.16 -71.50 -8.31
C ARG LA 632 -66.20 -72.07 -7.35
N ASN LA 633 -65.83 -72.30 -6.09
CA ASN LA 633 -66.75 -72.80 -5.08
C ASN LA 633 -67.36 -71.71 -4.21
N THR LA 634 -66.60 -70.67 -3.87
CA THR LA 634 -67.14 -69.61 -3.01
C THR LA 634 -66.71 -68.20 -3.44
N HIS LA 635 -65.86 -68.07 -4.46
CA HIS LA 635 -65.39 -66.78 -4.95
C HIS LA 635 -64.57 -66.05 -3.89
N ASN LA 636 -63.64 -66.77 -3.29
CA ASN LA 636 -62.73 -66.24 -2.29
C ASN LA 636 -61.29 -66.40 -2.75
N ALA LA 637 -60.36 -66.10 -1.85
CA ALA LA 637 -58.95 -66.33 -2.07
C ALA LA 637 -58.52 -67.56 -1.28
N ALA LA 638 -57.23 -67.85 -1.31
CA ALA LA 638 -56.72 -69.01 -0.60
C ALA LA 638 -55.27 -68.76 -0.19
N PHE LA 639 -54.86 -69.42 0.90
CA PHE LA 639 -53.50 -69.35 1.43
C PHE LA 639 -53.08 -67.92 1.74
N VAL LA 640 -54.02 -67.00 1.93
CA VAL LA 640 -53.65 -65.62 2.18
C VAL LA 640 -53.03 -65.45 3.56
N ASN LA 641 -53.17 -66.42 4.44
CA ASN LA 641 -52.57 -66.31 5.76
C ASN LA 641 -51.06 -66.40 5.72
N ASN LA 642 -50.51 -67.04 4.68
CA ASN LA 642 -49.07 -67.21 4.54
C ASN LA 642 -48.54 -66.22 3.50
N PHE LA 643 -47.47 -65.50 3.87
CA PHE LA 643 -46.94 -64.50 2.96
C PHE LA 643 -46.10 -65.13 1.86
N TYR LA 644 -45.18 -66.02 2.22
CA TYR LA 644 -44.35 -66.65 1.21
C TYR LA 644 -45.20 -67.35 0.17
N MET LA 645 -46.33 -67.93 0.57
CA MET LA 645 -47.16 -68.63 -0.39
C MET LA 645 -47.83 -67.65 -1.35
N VAL LA 646 -48.37 -66.54 -0.84
CA VAL LA 646 -49.01 -65.59 -1.74
C VAL LA 646 -47.98 -64.93 -2.64
N MET LA 647 -46.72 -64.87 -2.20
CA MET LA 647 -45.66 -64.43 -3.11
C MET LA 647 -45.45 -65.45 -4.22
N TYR LA 648 -45.29 -66.72 -3.84
CA TYR LA 648 -45.03 -67.77 -4.81
C TYR LA 648 -46.14 -67.85 -5.85
N ILE LA 649 -47.39 -67.70 -5.41
CA ILE LA 649 -48.52 -67.83 -6.32
C ILE LA 649 -48.32 -66.96 -7.54
N ASN LA 650 -48.09 -65.66 -7.30
CA ASN LA 650 -48.00 -64.72 -8.41
C ASN LA 650 -46.62 -64.67 -9.04
N THR LA 651 -45.59 -65.18 -8.37
CA THR LA 651 -44.29 -65.18 -9.06
C THR LA 651 -44.09 -66.40 -9.95
N TYR LA 652 -44.81 -67.49 -9.72
CA TYR LA 652 -44.67 -68.68 -10.55
C TYR LA 652 -45.91 -68.93 -11.40
N LEU LA 653 -47.08 -69.07 -10.79
CA LEU LA 653 -48.25 -69.41 -11.59
C LEU LA 653 -48.64 -68.22 -12.45
N GLY LA 654 -49.08 -67.14 -11.83
CA GLY LA 654 -49.29 -65.89 -12.53
C GLY LA 654 -50.04 -66.01 -13.83
N ASN LA 655 -49.32 -65.81 -14.93
CA ASN LA 655 -49.85 -65.86 -16.28
C ASN LA 655 -50.31 -67.24 -16.72
N GLY LA 656 -50.20 -68.25 -15.88
CA GLY LA 656 -50.47 -69.60 -16.30
C GLY LA 656 -51.88 -70.10 -16.04
N GLU LA 657 -52.00 -71.08 -15.14
CA GLU LA 657 -53.23 -71.82 -14.95
C GLU LA 657 -54.22 -71.13 -14.02
N LEU LA 658 -54.00 -69.89 -13.70
CA LEU LA 658 -55.09 -69.34 -12.91
C LEU LA 658 -56.04 -68.52 -13.79
N PRO LA 659 -57.31 -68.43 -13.44
CA PRO LA 659 -58.23 -67.61 -14.23
C PRO LA 659 -57.88 -66.13 -14.14
N GLU LA 660 -58.26 -65.39 -15.19
CA GLU LA 660 -57.84 -64.00 -15.28
C GLU LA 660 -58.43 -63.15 -14.15
N ASP LA 661 -59.67 -63.42 -13.77
CA ASP LA 661 -60.34 -62.62 -12.74
C ASP LA 661 -60.04 -63.10 -11.34
N CYS LA 662 -59.17 -64.10 -11.19
CA CYS LA 662 -58.73 -64.56 -9.87
C CYS LA 662 -57.31 -64.15 -9.55
N ALA LA 663 -56.40 -64.24 -10.52
CA ALA LA 663 -55.01 -63.86 -10.28
C ALA LA 663 -54.87 -62.37 -10.00
N ALA LA 664 -55.83 -61.56 -10.45
CA ALA LA 664 -55.79 -60.14 -10.15
C ALA LA 664 -55.78 -59.88 -8.66
N VAL LA 665 -56.45 -60.74 -7.89
CA VAL LA 665 -56.44 -60.60 -6.43
C VAL LA 665 -55.03 -60.77 -5.90
N TYR LA 666 -54.35 -61.82 -6.34
CA TYR LA 666 -53.00 -62.09 -5.85
C TYR LA 666 -52.00 -61.09 -6.39
N LYS LA 667 -52.31 -60.38 -7.47
CA LYS LA 667 -51.44 -59.31 -7.93
C LYS LA 667 -51.67 -58.04 -7.12
N ASP LA 668 -52.93 -57.74 -6.79
CA ASP LA 668 -53.23 -56.57 -5.98
C ASP LA 668 -52.63 -56.71 -4.59
N LEU LA 669 -52.78 -57.88 -3.97
CA LEU LA 669 -52.26 -58.07 -2.62
C LEU LA 669 -50.77 -57.83 -2.55
N LEU LA 670 -50.06 -57.93 -3.66
CA LEU LA 670 -48.62 -57.69 -3.67
C LEU LA 670 -48.26 -56.29 -4.10
N GLU LA 671 -48.95 -55.74 -5.11
CA GLU LA 671 -48.65 -54.36 -5.49
C GLU LA 671 -49.00 -53.39 -4.38
N HIS LA 672 -49.99 -53.73 -3.55
CA HIS LA 672 -50.31 -52.87 -2.41
C HIS LA 672 -49.20 -52.91 -1.38
N VAL LA 673 -48.64 -54.10 -1.11
CA VAL LA 673 -47.49 -54.20 -0.22
C VAL LA 673 -46.33 -53.41 -0.81
N HIS LA 674 -46.17 -53.46 -2.13
CA HIS LA 674 -45.11 -52.69 -2.77
C HIS LA 674 -45.30 -51.19 -2.54
N ALA LA 675 -46.54 -50.71 -2.67
CA ALA LA 675 -46.80 -49.30 -2.43
C ALA LA 675 -46.53 -48.93 -0.98
N LEU LA 676 -46.96 -49.78 -0.05
CA LEU LA 676 -46.71 -49.50 1.36
C LEU LA 676 -45.21 -49.47 1.65
N ARG LA 677 -44.44 -50.35 1.00
CA ARG LA 677 -43.01 -50.34 1.19
C ARG LA 677 -42.38 -49.10 0.58
N ARG LA 678 -42.92 -48.62 -0.54
CA ARG LA 678 -42.42 -47.40 -1.13
C ARG LA 678 -42.81 -46.17 -0.32
N LEU LA 679 -43.80 -46.28 0.56
CA LEU LA 679 -44.26 -45.12 1.33
C LEU LA 679 -43.12 -44.50 2.14
N ILE LA 680 -42.44 -45.29 2.96
CA ILE LA 680 -41.37 -44.72 3.78
C ILE LA 680 -40.24 -44.16 2.94
N GLY LA 681 -40.20 -44.51 1.65
CA GLY LA 681 -39.11 -44.04 0.80
C GLY LA 681 -39.09 -42.55 0.59
N GLU LA 682 -40.23 -41.88 0.71
CA GLU LA 682 -40.31 -40.44 0.52
C GLU LA 682 -40.65 -39.70 1.80
N PHE LA 683 -40.49 -40.34 2.95
CA PHE LA 683 -40.62 -39.66 4.23
C PHE LA 683 -39.31 -39.73 5.00
N THR LA 684 -38.20 -39.81 4.28
CA THR LA 684 -36.87 -39.81 4.86
C THR LA 684 -35.98 -38.90 4.03
N LEU LA 685 -35.42 -37.87 4.66
CA LEU LA 685 -34.38 -37.09 4.00
C LEU LA 685 -33.18 -37.98 3.74
N PRO LA 686 -32.61 -37.95 2.53
CA PRO LA 686 -31.39 -38.73 2.28
C PRO LA 686 -30.27 -38.24 3.18
N GLY LA 687 -29.78 -39.13 4.02
CA GLY LA 687 -28.76 -38.76 4.98
C GLY LA 687 -27.57 -39.71 5.01
N ASP LA 688 -26.86 -39.73 6.12
CA ASP LA 688 -25.69 -40.58 6.24
C ASP LA 688 -25.96 -41.70 7.22
N PRO LA 689 -25.62 -42.94 6.87
CA PRO LA 689 -25.81 -44.06 7.81
C PRO LA 689 -25.18 -43.77 9.16
N LEU LA 690 -26.00 -43.77 10.20
CA LEU LA 690 -25.57 -43.25 11.49
C LEU LA 690 -24.90 -44.33 12.34
N GLY LA 691 -25.62 -45.38 12.69
CA GLY LA 691 -25.11 -46.41 13.56
C GLY LA 691 -24.78 -47.68 12.81
N ASN LA 692 -24.12 -47.53 11.65
CA ASN LA 692 -23.93 -48.60 10.67
C ASN LA 692 -25.26 -49.07 10.09
N GLN LA 693 -26.31 -48.28 10.27
CA GLN LA 693 -27.64 -48.61 9.80
C GLN LA 693 -28.13 -47.47 8.92
N PRO LA 694 -28.70 -47.75 7.75
CA PRO LA 694 -29.22 -46.67 6.91
C PRO LA 694 -30.30 -45.88 7.62
N GLN LA 695 -30.55 -44.68 7.11
CA GLN LA 695 -31.51 -43.78 7.75
C GLN LA 695 -32.91 -44.38 7.77
N GLU LA 696 -33.30 -45.04 6.67
CA GLU LA 696 -34.66 -45.56 6.57
C GLU LA 696 -34.99 -46.49 7.73
N GLU LA 697 -34.00 -47.17 8.28
CA GLU LA 697 -34.24 -47.97 9.47
C GLU LA 697 -34.39 -47.11 10.71
N LEU LA 698 -33.77 -45.93 10.73
CA LEU LA 698 -33.88 -45.07 11.89
C LEU LA 698 -35.23 -44.38 11.95
N ASN LA 699 -35.76 -43.97 10.79
CA ASN LA 699 -37.04 -43.26 10.78
C ASN LA 699 -38.18 -44.22 11.10
N HIS LA 700 -38.42 -45.20 10.22
CA HIS LA 700 -39.49 -46.15 10.45
C HIS LA 700 -39.06 -47.15 11.51
N ALA LA 701 -39.95 -48.09 11.82
CA ALA LA 701 -39.62 -49.20 12.71
C ALA LA 701 -39.60 -50.53 12.00
N LEU LA 702 -40.44 -50.72 11.00
CA LEU LA 702 -40.46 -51.99 10.27
C LEU LA 702 -39.23 -52.13 9.40
N ALA LA 703 -38.85 -51.07 8.69
CA ALA LA 703 -37.69 -51.12 7.82
C ALA LA 703 -36.40 -51.47 8.56
N ASP LA 704 -36.43 -51.48 9.89
CA ASP LA 704 -35.27 -51.95 10.65
C ASP LA 704 -35.08 -53.44 10.43
N ALA LA 705 -33.85 -53.90 10.61
CA ALA LA 705 -33.55 -55.31 10.47
C ALA LA 705 -33.62 -56.04 11.80
N THR LA 706 -33.18 -55.41 12.88
CA THR LA 706 -33.11 -56.07 14.17
C THR LA 706 -34.47 -56.46 14.72
N LEU LA 707 -35.56 -56.06 14.07
CA LEU LA 707 -36.90 -56.44 14.48
C LEU LA 707 -37.29 -57.70 13.72
N LEU LA 708 -37.39 -58.82 14.42
CA LEU LA 708 -37.70 -60.08 13.76
C LEU LA 708 -39.18 -60.13 13.41
N PRO LA 709 -39.52 -60.68 12.25
CA PRO LA 709 -40.92 -60.85 11.90
C PRO LA 709 -41.60 -61.78 12.89
N PRO LA 710 -42.93 -61.84 12.90
CA PRO LA 710 -43.59 -62.77 13.82
C PRO LA 710 -43.42 -64.22 13.41
N LEU LA 711 -43.46 -64.52 12.12
CA LEU LA 711 -43.33 -65.87 11.60
C LEU LA 711 -42.18 -65.92 10.62
N ILE LA 712 -41.15 -66.70 10.93
CA ILE LA 712 -40.03 -66.94 10.02
C ILE LA 712 -40.13 -68.36 9.51
N TRP LA 713 -39.31 -68.67 8.50
CA TRP LA 713 -39.23 -70.02 7.98
C TRP LA 713 -37.81 -70.45 7.66
N ASP LA 714 -36.80 -69.72 8.08
CA ASP LA 714 -35.40 -70.08 7.86
C ASP LA 714 -34.56 -69.16 8.73
N CYS LA 715 -33.23 -69.25 8.59
CA CYS LA 715 -32.33 -68.34 9.27
C CYS LA 715 -32.06 -67.09 8.46
N ASP LA 716 -32.78 -66.88 7.36
CA ASP LA 716 -32.58 -65.70 6.53
C ASP LA 716 -32.60 -64.41 7.33
N PRO LA 717 -33.54 -64.16 8.23
CA PRO LA 717 -33.44 -62.96 9.06
C PRO LA 717 -32.36 -63.06 10.12
N ILE LA 718 -32.10 -64.25 10.65
CA ILE LA 718 -31.19 -64.38 11.78
C ILE LA 718 -29.78 -63.98 11.39
N LEU LA 719 -29.33 -64.41 10.21
CA LEU LA 719 -27.99 -64.02 9.75
C LEU LA 719 -27.88 -62.51 9.59
N TYR LA 720 -28.81 -61.92 8.83
CA TYR LA 720 -28.80 -60.47 8.65
C TYR LA 720 -28.83 -59.74 9.98
N ARG LA 721 -29.61 -60.26 10.93
CA ARG LA 721 -29.76 -59.58 12.21
C ARG LA 721 -28.44 -59.49 12.95
N ASP LA 722 -27.72 -60.60 13.06
CA ASP LA 722 -26.43 -60.60 13.74
C ASP LA 722 -25.37 -59.80 13.02
N GLY LA 723 -25.67 -59.29 11.82
CA GLY LA 723 -24.66 -58.57 11.05
C GLY LA 723 -24.18 -57.32 11.72
N LEU LA 724 -24.99 -56.72 12.58
CA LEU LA 724 -24.65 -55.49 13.28
C LEU LA 724 -24.18 -55.81 14.69
N ALA LA 725 -23.35 -54.92 15.24
CA ALA LA 725 -22.77 -55.17 16.56
C ALA LA 725 -22.77 -53.98 17.48
N GLU LA 726 -23.05 -52.76 17.01
CA GLU LA 726 -23.00 -51.59 17.89
C GLU LA 726 -23.97 -51.74 19.04
N ARG LA 727 -25.23 -52.04 18.74
CA ARG LA 727 -26.22 -52.34 19.76
C ARG LA 727 -26.33 -53.86 19.82
N LEU LA 728 -25.51 -54.46 20.67
CA LEU LA 728 -25.32 -55.91 20.73
C LEU LA 728 -26.66 -56.65 20.81
N PRO LA 729 -27.05 -57.33 19.74
CA PRO LA 729 -28.28 -58.12 19.77
C PRO LA 729 -28.03 -59.55 20.17
N GLU LA 730 -28.88 -60.06 21.06
CA GLU LA 730 -28.74 -61.42 21.56
C GLU LA 730 -30.02 -62.19 21.28
N LEU LA 731 -29.88 -63.39 20.72
CA LEU LA 731 -31.00 -64.26 20.42
C LEU LA 731 -30.94 -65.48 21.34
N ARG LA 732 -32.11 -65.99 21.71
CA ARG LA 732 -32.20 -67.16 22.58
C ARG LA 732 -33.32 -68.05 22.08
N VAL LA 733 -32.96 -69.23 21.59
CA VAL LA 733 -33.96 -70.23 21.18
C VAL LA 733 -34.01 -71.32 22.24
N ASN LA 734 -34.94 -71.18 23.18
CA ASN LA 734 -35.10 -72.10 24.30
C ASN LA 734 -33.84 -72.21 25.16
N GLY LA 735 -32.91 -71.28 25.02
CA GLY LA 735 -31.71 -71.28 25.83
C GLY LA 735 -30.45 -71.47 25.02
N ALA LA 736 -30.48 -72.41 24.09
CA ALA LA 736 -29.37 -72.56 23.17
C ALA LA 736 -29.38 -71.40 22.18
N HIS LA 737 -28.20 -70.95 21.78
CA HIS LA 737 -28.15 -69.82 20.87
C HIS LA 737 -28.82 -70.20 19.55
N PHE LA 738 -28.17 -71.05 18.77
CA PHE LA 738 -28.76 -71.92 17.76
C PHE LA 738 -27.60 -72.63 17.08
N GLN LA 739 -27.94 -73.65 16.31
CA GLN LA 739 -26.97 -74.35 15.47
C GLN LA 739 -27.59 -74.51 14.09
N HIS LA 740 -27.07 -73.77 13.12
CA HIS LA 740 -27.59 -73.88 11.77
C HIS LA 740 -27.40 -75.30 11.26
N ILE LA 741 -28.51 -75.97 10.95
CA ILE LA 741 -28.46 -77.31 10.40
C ILE LA 741 -29.20 -77.32 9.06
N LEU LA 742 -28.81 -78.24 8.21
CA LEU LA 742 -29.31 -78.28 6.85
C LEU LA 742 -30.58 -79.12 6.77
N TRP LA 743 -30.99 -79.45 5.56
CA TRP LA 743 -32.22 -80.22 5.35
C TRP LA 743 -32.14 -81.55 6.08
N VAL LA 744 -33.31 -82.08 6.42
CA VAL LA 744 -33.43 -83.35 7.13
C VAL LA 744 -34.37 -84.25 6.34
N GLU LA 745 -34.04 -85.53 6.28
CA GLU LA 745 -34.79 -86.50 5.52
C GLU LA 745 -35.56 -87.42 6.46
N MET LA 746 -36.32 -88.33 5.87
CA MET LA 746 -36.98 -89.37 6.65
C MET LA 746 -35.97 -90.24 7.39
N ALA LA 747 -34.73 -90.30 6.91
CA ALA LA 747 -33.71 -91.13 7.55
C ALA LA 747 -33.46 -90.68 8.97
N GLN LA 748 -33.21 -89.38 9.17
CA GLN LA 748 -32.96 -88.81 10.49
C GLN LA 748 -33.90 -87.63 10.67
N VAL LA 749 -35.03 -87.86 11.35
CA VAL LA 749 -36.06 -86.83 11.53
C VAL LA 749 -36.21 -86.43 13.00
N ASN LA 750 -36.47 -87.40 13.89
CA ASN LA 750 -36.39 -87.20 15.34
C ASN LA 750 -37.30 -86.05 15.79
N PHE LA 751 -38.61 -86.29 15.65
CA PHE LA 751 -39.60 -85.28 16.03
C PHE LA 751 -39.43 -84.76 17.45
N ARG LA 752 -38.67 -85.45 18.28
CA ARG LA 752 -38.60 -85.12 19.69
C ARG LA 752 -37.40 -84.24 20.06
N ASN LA 753 -36.63 -83.80 19.06
CA ASN LA 753 -35.51 -82.91 19.36
C ASN LA 753 -36.04 -81.61 19.96
N VAL LA 754 -35.32 -81.09 20.95
CA VAL LA 754 -35.82 -79.97 21.72
C VAL LA 754 -34.77 -78.86 21.81
N GLY LA 755 -33.55 -79.17 21.42
CA GLY LA 755 -32.47 -78.20 21.54
C GLY LA 755 -32.67 -77.00 20.64
N GLY LA 756 -31.64 -76.16 20.60
CA GLY LA 756 -31.65 -75.01 19.72
C GLY LA 756 -31.07 -75.33 18.36
N GLY LA 757 -31.93 -75.63 17.40
CA GLY LA 757 -31.50 -75.93 16.05
C GLY LA 757 -32.60 -75.70 15.04
N LEU LA 758 -32.30 -74.91 14.01
CA LEU LA 758 -33.28 -74.57 12.98
C LEU LA 758 -32.81 -75.11 11.63
N VAL LA 759 -33.77 -75.27 10.73
CA VAL LA 759 -33.52 -75.97 9.48
C VAL LA 759 -33.65 -75.01 8.31
N HIS LA 760 -32.96 -75.35 7.22
CA HIS LA 760 -33.08 -74.67 5.93
C HIS LA 760 -33.62 -75.68 4.95
N ASN LA 761 -34.87 -75.52 4.55
CA ASN LA 761 -35.57 -76.53 3.77
C ASN LA 761 -34.97 -76.60 2.37
N ARG LA 762 -34.07 -77.59 2.16
CA ARG LA 762 -33.32 -77.70 0.91
C ARG LA 762 -32.70 -76.35 0.62
N PRO LA 763 -31.66 -75.96 1.36
CA PRO LA 763 -31.33 -74.54 1.56
C PRO LA 763 -31.51 -73.67 0.33
N VAL LA 764 -31.17 -74.20 -0.82
CA VAL LA 764 -31.17 -73.43 -2.05
C VAL LA 764 -31.83 -74.26 -3.15
N ARG LA 765 -31.87 -73.66 -4.34
CA ARG LA 765 -32.26 -74.38 -5.53
C ARG LA 765 -31.09 -75.16 -6.12
N ASN LA 766 -29.91 -74.55 -6.14
CA ASN LA 766 -28.75 -75.07 -6.88
C ASN LA 766 -27.52 -75.26 -6.02
N GLU LA 767 -27.14 -74.26 -5.22
CA GLU LA 767 -25.76 -74.09 -4.80
C GLU LA 767 -25.28 -75.21 -3.87
N ASN LA 768 -25.90 -75.33 -2.70
CA ASN LA 768 -25.45 -76.24 -1.66
C ASN LA 768 -23.99 -75.98 -1.29
N GLN LA 769 -23.73 -74.74 -0.91
CA GLN LA 769 -22.49 -74.27 -0.32
C GLN LA 769 -22.69 -74.00 1.17
N PRO LA 770 -21.62 -73.73 1.93
CA PRO LA 770 -21.78 -73.53 3.37
C PRO LA 770 -22.32 -72.16 3.74
N LEU LA 771 -23.40 -72.15 4.52
CA LEU LA 771 -23.78 -71.04 5.41
C LEU LA 771 -23.98 -69.73 4.64
N HIS LA 772 -25.01 -69.71 3.80
CA HIS LA 772 -25.34 -68.46 3.15
C HIS LA 772 -26.85 -68.34 2.97
N PRO LA 773 -27.42 -67.17 3.22
CA PRO LA 773 -28.87 -67.01 3.07
C PRO LA 773 -29.26 -67.02 1.60
N HIS LA 774 -30.51 -67.39 1.35
CA HIS LA 774 -31.00 -67.55 -0.01
C HIS LA 774 -32.17 -66.62 -0.30
N HIS LA 775 -32.07 -65.37 0.14
CA HIS LA 775 -33.05 -64.35 -0.22
C HIS LA 775 -32.45 -62.98 0.01
N ASP LA 776 -33.01 -61.99 -0.67
CA ASP LA 776 -32.60 -60.61 -0.53
C ASP LA 776 -32.90 -60.11 0.88
N ALA LA 777 -32.54 -58.86 1.14
CA ALA LA 777 -32.86 -58.25 2.42
C ALA LA 777 -34.34 -57.88 2.49
N GLU LA 778 -34.82 -57.13 1.50
CA GLU LA 778 -36.15 -56.54 1.56
C GLU LA 778 -37.26 -57.57 1.66
N TRP LA 779 -36.95 -58.85 1.50
CA TRP LA 779 -37.98 -59.88 1.64
C TRP LA 779 -38.55 -59.90 3.04
N SER LA 780 -37.67 -59.91 4.05
CA SER LA 780 -38.16 -59.92 5.43
C SER LA 780 -38.93 -58.65 5.75
N VAL LA 781 -38.51 -57.51 5.19
CA VAL LA 781 -39.22 -56.27 5.43
C VAL LA 781 -40.61 -56.31 4.81
N LEU LA 782 -40.73 -56.88 3.60
CA LEU LA 782 -42.04 -57.03 2.99
C LEU LA 782 -42.93 -57.94 3.82
N SER LA 783 -42.36 -59.00 4.39
CA SER LA 783 -43.13 -59.88 5.27
C SER LA 783 -43.61 -59.13 6.50
N LYS LA 784 -42.72 -58.35 7.11
CA LYS LA 784 -43.11 -57.56 8.28
C LYS LA 784 -44.24 -56.62 7.94
N ILE LA 785 -44.16 -55.96 6.78
CA ILE LA 785 -45.24 -55.06 6.36
C ILE LA 785 -46.54 -55.83 6.25
N TYR LA 786 -46.52 -56.95 5.53
CA TYR LA 786 -47.73 -57.72 5.32
C TYR LA 786 -48.37 -58.12 6.64
N TYR LA 787 -47.56 -58.56 7.59
CA TYR LA 787 -48.14 -59.12 8.80
C TYR LA 787 -48.43 -58.09 9.89
N TYR LA 788 -47.81 -56.91 9.83
CA TYR LA 788 -48.08 -55.90 10.83
C TYR LA 788 -49.00 -54.79 10.35
N ALA LA 789 -49.36 -54.78 9.06
CA ALA LA 789 -50.16 -53.69 8.52
C ALA LA 789 -51.38 -54.12 7.73
N VAL LA 790 -51.39 -55.30 7.13
CA VAL LA 790 -52.48 -55.72 6.27
C VAL LA 790 -53.30 -56.85 6.88
N VAL LA 791 -52.66 -57.76 7.60
CA VAL LA 791 -53.41 -58.83 8.26
C VAL LA 791 -54.37 -58.28 9.32
N PRO LA 792 -53.95 -57.43 10.26
CA PRO LA 792 -54.92 -56.86 11.20
C PRO LA 792 -55.90 -55.92 10.54
N ALA LA 793 -55.68 -55.53 9.29
CA ALA LA 793 -56.65 -54.71 8.59
C ALA LA 793 -57.88 -55.52 8.22
N PHE LA 794 -57.69 -56.76 7.81
CA PHE LA 794 -58.80 -57.62 7.42
C PHE LA 794 -59.32 -58.46 8.57
N SER LA 795 -58.43 -59.05 9.36
CA SER LA 795 -58.88 -59.96 10.41
C SER LA 795 -59.58 -59.22 11.52
N ARG LA 796 -59.10 -58.02 11.86
CA ARG LA 796 -59.70 -57.20 12.91
C ARG LA 796 -59.77 -57.96 14.23
N GLY LA 797 -58.68 -58.64 14.56
CA GLY LA 797 -58.61 -59.31 15.85
C GLY LA 797 -59.22 -60.70 15.89
N ASN LA 798 -59.06 -61.48 14.82
CA ASN LA 798 -59.47 -62.87 14.82
C ASN LA 798 -58.31 -63.84 14.69
N CYS LA 799 -57.30 -63.49 13.91
CA CYS LA 799 -56.20 -64.40 13.65
C CYS LA 799 -55.41 -64.71 14.93
N CYS LA 800 -54.77 -65.87 14.93
CA CYS LA 800 -53.94 -66.29 16.05
C CYS LA 800 -52.84 -67.20 15.53
N THR LA 801 -51.62 -66.98 15.98
CA THR LA 801 -50.50 -67.83 15.57
C THR LA 801 -50.64 -69.20 16.22
N MET LA 802 -50.44 -70.25 15.43
CA MET LA 802 -50.68 -71.61 15.88
C MET LA 802 -49.40 -72.42 15.78
N GLY LA 803 -49.12 -73.19 16.84
CA GLY LA 803 -48.08 -74.20 16.78
C GLY LA 803 -48.67 -75.48 16.23
N VAL LA 804 -47.96 -76.11 15.31
CA VAL LA 804 -48.48 -77.22 14.52
C VAL LA 804 -47.77 -78.50 14.95
N ARG LA 805 -48.52 -79.60 15.00
CA ARG LA 805 -47.97 -80.92 15.30
C ARG LA 805 -47.46 -81.51 14.00
N TYR LA 806 -46.13 -81.56 13.86
CA TYR LA 806 -45.55 -82.05 12.62
C TYR LA 806 -45.62 -83.57 12.52
N ASP LA 807 -45.79 -84.28 13.63
CA ASP LA 807 -45.79 -85.74 13.55
C ASP LA 807 -47.09 -86.26 12.94
N ARG LA 808 -48.23 -85.78 13.44
CA ARG LA 808 -49.51 -86.31 12.98
C ARG LA 808 -49.79 -85.94 11.54
N VAL LA 809 -49.43 -84.72 11.14
CA VAL LA 809 -49.66 -84.31 9.76
C VAL LA 809 -48.83 -85.16 8.81
N TYR LA 810 -47.61 -85.52 9.23
CA TYR LA 810 -46.78 -86.37 8.37
C TYR LA 810 -47.31 -87.79 8.33
N GLN LA 811 -47.74 -88.32 9.47
CA GLN LA 811 -48.42 -89.62 9.46
C GLN LA 811 -49.57 -89.61 8.48
N LEU LA 812 -50.35 -88.53 8.45
CA LEU LA 812 -51.55 -88.48 7.65
C LEU LA 812 -51.23 -88.35 6.16
N VAL LA 813 -50.29 -87.47 5.80
CA VAL LA 813 -50.06 -87.19 4.38
C VAL LA 813 -49.61 -88.45 3.65
N GLN LA 814 -48.96 -89.37 4.34
CA GLN LA 814 -48.51 -90.59 3.68
C GLN LA 814 -49.67 -91.49 3.29
N THR LA 815 -50.62 -91.70 4.21
CA THR LA 815 -51.65 -92.71 3.99
C THR LA 815 -52.65 -92.26 2.94
N MET LA 816 -52.28 -92.41 1.68
CA MET LA 816 -53.11 -92.09 0.53
C MET LA 816 -53.56 -93.37 -0.14
N VAL LA 817 -54.73 -93.34 -0.75
CA VAL LA 817 -55.27 -94.50 -1.46
C VAL LA 817 -55.48 -94.10 -2.92
N VAL LA 818 -54.79 -94.79 -3.82
CA VAL LA 818 -54.91 -94.54 -5.26
C VAL LA 818 -54.75 -95.87 -5.98
N PRO LA 819 -55.67 -96.24 -6.86
CA PRO LA 819 -55.53 -97.50 -7.61
C PRO LA 819 -54.53 -97.33 -8.75
N GLU LA 820 -54.28 -98.43 -9.44
CA GLU LA 820 -53.33 -98.46 -10.54
C GLU LA 820 -54.09 -98.34 -11.85
N THR LA 821 -53.88 -97.24 -12.55
CA THR LA 821 -54.47 -96.99 -13.86
C THR LA 821 -53.41 -96.38 -14.76
N ASP LA 822 -53.34 -96.86 -16.01
CA ASP LA 822 -52.36 -96.32 -16.93
C ASP LA 822 -52.68 -94.89 -17.32
N GLU LA 823 -53.95 -94.62 -17.66
CA GLU LA 823 -54.39 -93.29 -18.04
C GLU LA 823 -55.48 -92.82 -17.09
N GLU LA 824 -55.46 -91.52 -16.78
CA GLU LA 824 -56.48 -90.96 -15.90
C GLU LA 824 -57.84 -90.96 -16.60
N VAL LA 825 -58.89 -91.06 -15.81
CA VAL LA 825 -60.22 -91.32 -16.35
C VAL LA 825 -61.21 -90.21 -16.02
N GLY LA 826 -60.99 -89.53 -14.90
CA GLY LA 826 -61.93 -88.54 -14.42
C GLY LA 826 -62.72 -89.05 -13.23
N THR LA 827 -63.48 -88.13 -12.62
CA THR LA 827 -64.17 -88.41 -11.37
C THR LA 827 -65.36 -89.34 -11.53
N ASP LA 828 -65.76 -89.66 -12.76
CA ASP LA 828 -66.96 -90.48 -12.94
C ASP LA 828 -66.66 -91.96 -12.82
N ASP LA 829 -65.59 -92.42 -13.46
CA ASP LA 829 -65.22 -93.83 -13.38
C ASP LA 829 -64.88 -94.20 -11.94
N PRO LA 830 -65.41 -95.31 -11.42
CA PRO LA 830 -65.11 -95.69 -10.03
C PRO LA 830 -63.63 -95.86 -9.73
N ARG LA 831 -62.77 -95.98 -10.73
CA ARG LA 831 -61.35 -96.07 -10.48
C ARG LA 831 -60.76 -94.72 -10.06
N HIS LA 832 -61.56 -93.67 -10.00
CA HIS LA 832 -61.04 -92.38 -9.55
C HIS LA 832 -60.79 -92.40 -8.05
N PRO LA 833 -59.71 -91.77 -7.57
CA PRO LA 833 -59.43 -91.77 -6.13
C PRO LA 833 -60.47 -91.04 -5.30
N LEU LA 834 -61.41 -90.35 -5.92
CA LEU LA 834 -62.45 -89.62 -5.21
C LEU LA 834 -63.81 -90.26 -5.30
N HIS LA 835 -63.95 -91.36 -6.02
CA HIS LA 835 -65.22 -92.06 -6.10
C HIS LA 835 -65.52 -92.73 -4.76
N PRO LA 836 -66.80 -92.78 -4.36
CA PRO LA 836 -67.11 -93.25 -2.99
C PRO LA 836 -66.61 -94.64 -2.65
N ARG LA 837 -66.34 -95.50 -3.63
CA ARG LA 837 -65.98 -96.89 -3.33
C ARG LA 837 -64.68 -96.98 -2.55
N ASN LA 838 -63.65 -96.26 -3.01
CA ASN LA 838 -62.32 -96.37 -2.43
C ASN LA 838 -62.01 -95.27 -1.42
N LEU LA 839 -63.04 -94.73 -0.76
CA LEU LA 839 -62.83 -93.72 0.29
C LEU LA 839 -62.74 -94.44 1.63
N VAL LA 840 -61.65 -95.16 1.82
CA VAL LA 840 -61.44 -95.87 3.08
C VAL LA 840 -61.41 -94.85 4.22
N PRO LA 841 -62.09 -95.10 5.34
CA PRO LA 841 -62.18 -94.08 6.39
C PRO LA 841 -60.82 -93.73 6.98
N ASN LA 842 -60.77 -92.55 7.60
CA ASN LA 842 -59.60 -92.04 8.29
C ASN LA 842 -58.38 -91.92 7.39
N SER LA 843 -58.61 -91.76 6.09
CA SER LA 843 -57.52 -91.61 5.13
C SER LA 843 -57.20 -90.13 4.96
N LEU LA 844 -56.38 -89.81 3.96
CA LEU LA 844 -56.22 -88.43 3.54
C LEU LA 844 -57.20 -88.06 2.45
N ASN LA 845 -57.60 -89.02 1.63
CA ASN LA 845 -58.54 -88.76 0.56
C ASN LA 845 -59.87 -88.22 1.08
N VAL LA 846 -60.31 -88.70 2.24
CA VAL LA 846 -61.58 -88.23 2.77
C VAL LA 846 -61.47 -86.78 3.20
N LEU LA 847 -60.29 -86.34 3.64
CA LEU LA 847 -60.11 -84.93 3.95
C LEU LA 847 -60.34 -84.08 2.71
N PHE LA 848 -59.79 -84.51 1.57
CA PHE LA 848 -60.04 -83.79 0.33
C PHE LA 848 -61.51 -83.81 -0.04
N HIS LA 849 -62.19 -84.93 0.21
CA HIS LA 849 -63.62 -84.95 -0.11
C HIS LA 849 -64.43 -84.07 0.82
N ASN LA 850 -63.95 -83.81 2.05
CA ASN LA 850 -64.71 -82.97 2.96
C ASN LA 850 -64.83 -81.54 2.46
N ALA LA 851 -63.90 -81.10 1.63
CA ALA LA 851 -63.88 -79.72 1.16
C ALA LA 851 -64.43 -79.54 -0.24
N CYS LA 852 -65.01 -80.59 -0.82
CA CYS LA 852 -65.55 -80.54 -2.18
C CYS LA 852 -64.51 -80.10 -3.20
N VAL LA 853 -63.23 -80.26 -2.88
CA VAL LA 853 -62.16 -79.94 -3.83
C VAL LA 853 -62.09 -81.04 -4.88
N ALA LA 854 -61.78 -80.64 -6.11
CA ALA LA 854 -61.70 -81.57 -7.23
C ALA LA 854 -60.25 -81.68 -7.66
N VAL LA 855 -59.65 -82.84 -7.45
CA VAL LA 855 -58.25 -83.08 -7.76
C VAL LA 855 -58.15 -84.33 -8.64
N ASP LA 856 -56.96 -84.55 -9.17
CA ASP LA 856 -56.65 -85.76 -9.92
C ASP LA 856 -55.72 -86.65 -9.12
N ALA LA 857 -55.62 -87.92 -9.55
CA ALA LA 857 -54.83 -88.89 -8.82
C ALA LA 857 -53.34 -88.55 -8.86
N ASP LA 858 -52.84 -88.11 -10.02
CA ASP LA 858 -51.42 -87.80 -10.14
C ASP LA 858 -51.03 -86.63 -9.24
N ALA LA 859 -51.86 -85.58 -9.24
CA ALA LA 859 -51.59 -84.44 -8.37
C ALA LA 859 -51.58 -84.87 -6.90
N MET LA 860 -52.49 -85.76 -6.52
CA MET LA 860 -52.48 -86.28 -5.16
C MET LA 860 -51.19 -87.03 -4.87
N LEU LA 861 -50.82 -87.93 -5.77
CA LEU LA 861 -49.60 -88.72 -5.59
C LEU LA 861 -48.37 -87.84 -5.46
N ILE LA 862 -48.36 -86.68 -6.13
CA ILE LA 862 -47.23 -85.76 -6.06
C ILE LA 862 -46.83 -85.48 -4.62
N LEU LA 863 -47.80 -85.52 -3.70
CA LEU LA 863 -47.54 -85.22 -2.29
C LEU LA 863 -46.38 -86.02 -1.72
N GLN LA 864 -46.04 -87.15 -2.31
CA GLN LA 864 -44.95 -87.98 -1.80
C GLN LA 864 -43.64 -87.22 -1.69
N GLU LA 865 -43.44 -86.17 -2.49
CA GLU LA 865 -42.14 -85.52 -2.55
C GLU LA 865 -41.84 -84.72 -1.30
N THR LA 866 -42.85 -84.47 -0.46
CA THR LA 866 -42.58 -83.81 0.81
C THR LA 866 -41.55 -84.56 1.64
N VAL LA 867 -41.20 -85.78 1.25
CA VAL LA 867 -40.40 -86.67 2.07
C VAL LA 867 -38.94 -86.28 1.96
N THR LA 868 -38.62 -85.34 1.07
CA THR LA 868 -37.24 -84.92 0.85
C THR LA 868 -36.77 -83.83 1.79
N ASN LA 869 -37.67 -83.13 2.47
CA ASN LA 869 -37.27 -82.18 3.49
C ASN LA 869 -38.35 -82.14 4.56
N MET LA 870 -38.03 -82.64 5.74
CA MET LA 870 -38.97 -82.68 6.84
C MET LA 870 -39.16 -81.29 7.42
N ALA LA 871 -39.95 -81.22 8.49
CA ALA LA 871 -40.00 -80.09 9.39
C ALA LA 871 -40.15 -80.67 10.78
N GLU LA 872 -39.10 -80.58 11.59
CA GLU LA 872 -39.09 -81.23 12.89
C GLU LA 872 -40.20 -80.69 13.79
N ARG LA 873 -40.13 -79.41 14.13
CA ARG LA 873 -40.99 -78.85 15.14
C ARG LA 873 -41.14 -77.36 14.88
N THR LA 874 -42.00 -76.73 15.67
CA THR LA 874 -42.11 -75.28 15.69
C THR LA 874 -41.62 -74.80 17.05
N THR LA 875 -40.74 -73.79 17.04
CA THR LA 875 -40.07 -73.44 18.27
C THR LA 875 -40.13 -71.93 18.51
N PRO LA 876 -40.28 -71.51 19.75
CA PRO LA 876 -40.29 -70.07 20.04
C PRO LA 876 -38.91 -69.46 19.89
N LEU LA 877 -38.89 -68.14 19.80
CA LEU LA 877 -37.67 -67.36 19.80
C LEU LA 877 -37.79 -66.26 20.84
N LEU LA 878 -36.70 -65.53 21.05
CA LEU LA 878 -36.75 -64.35 21.90
C LEU LA 878 -35.61 -63.43 21.50
N ALA LA 879 -35.94 -62.39 20.75
CA ALA LA 879 -34.94 -61.40 20.38
C ALA LA 879 -34.70 -60.44 21.54
N SER LA 880 -33.55 -59.79 21.52
CA SER LA 880 -33.19 -58.84 22.57
C SER LA 880 -32.24 -57.81 21.96
N VAL LA 881 -32.79 -56.66 21.61
CA VAL LA 881 -32.01 -55.59 20.98
C VAL LA 881 -32.10 -54.34 21.85
N ALA LA 882 -31.01 -53.63 21.92
CA ALA LA 882 -30.94 -52.37 22.66
C ALA LA 882 -31.39 -51.22 21.77
N PRO LA 883 -31.87 -50.12 22.35
CA PRO LA 883 -32.32 -49.00 21.52
C PRO LA 883 -31.21 -48.49 20.62
N ASP LA 884 -31.58 -48.06 19.43
CA ASP LA 884 -30.61 -47.76 18.37
C ASP LA 884 -29.96 -46.41 18.61
N ALA LA 885 -29.26 -45.91 17.60
CA ALA LA 885 -28.56 -44.64 17.72
C ALA LA 885 -29.49 -43.49 18.05
N GLY LA 886 -30.81 -43.68 17.91
CA GLY LA 886 -31.75 -42.66 18.31
C GLY LA 886 -31.87 -42.51 19.81
N MET LA 887 -32.40 -43.54 20.48
CA MET LA 887 -32.58 -43.53 21.93
C MET LA 887 -31.37 -44.12 22.63
N ALA LA 888 -30.19 -43.59 22.28
CA ALA LA 888 -28.92 -44.14 22.73
C ALA LA 888 -28.28 -43.29 23.83
N THR LA 889 -29.07 -42.80 24.77
CA THR LA 889 -28.55 -41.99 25.86
C THR LA 889 -28.00 -42.89 26.97
N VAL LA 890 -27.07 -42.34 27.75
CA VAL LA 890 -26.54 -43.05 28.92
C VAL LA 890 -27.68 -43.58 29.78
N ALA LA 891 -28.76 -42.80 29.91
CA ALA LA 891 -29.92 -43.21 30.67
C ALA LA 891 -30.79 -44.22 29.95
N THR LA 892 -30.39 -44.66 28.75
CA THR LA 892 -31.08 -45.72 28.03
C THR LA 892 -30.14 -46.82 27.59
N ARG LA 893 -28.91 -46.85 28.11
CA ARG LA 893 -27.94 -47.85 27.69
C ARG LA 893 -28.42 -49.25 28.00
N ASP LA 894 -29.23 -49.43 29.03
CA ASP LA 894 -29.59 -50.75 29.51
C ASP LA 894 -31.06 -51.09 29.36
N MET LA 895 -31.90 -50.16 28.92
CA MET LA 895 -33.32 -50.43 28.74
C MET LA 895 -33.55 -51.06 27.36
N ARG LA 896 -33.24 -52.35 27.27
CA ARG LA 896 -33.41 -53.09 26.04
C ARG LA 896 -34.82 -53.68 25.97
N THR LA 897 -35.18 -54.16 24.79
CA THR LA 897 -36.51 -54.71 24.55
C THR LA 897 -36.45 -56.24 24.59
N HIS LA 898 -37.60 -56.86 24.36
CA HIS LA 898 -37.73 -58.31 24.38
C HIS LA 898 -38.94 -58.68 23.54
N ASP LA 899 -38.71 -59.23 22.35
CA ASP LA 899 -39.82 -59.66 21.51
C ASP LA 899 -39.57 -61.08 21.02
N GLY LA 900 -40.64 -61.88 21.02
CA GLY LA 900 -40.57 -63.27 20.64
C GLY LA 900 -41.11 -63.50 19.24
N SER LA 901 -40.94 -64.73 18.77
CA SER LA 901 -41.38 -65.11 17.44
C SER LA 901 -41.38 -66.62 17.35
N LEU LA 902 -42.13 -67.13 16.38
CA LEU LA 902 -42.23 -68.57 16.14
C LEU LA 902 -41.48 -68.93 14.86
N HIS LA 903 -40.85 -70.09 14.88
CA HIS LA 903 -40.22 -70.64 13.69
C HIS LA 903 -41.01 -71.85 13.21
N HIS LA 904 -41.23 -71.92 11.90
CA HIS LA 904 -41.99 -73.01 11.29
C HIS LA 904 -43.35 -73.17 11.97
N GLY LA 905 -43.99 -72.04 12.27
CA GLY LA 905 -45.33 -72.04 12.81
C GLY LA 905 -46.35 -71.87 11.72
N LEU LA 906 -47.54 -71.42 12.11
CA LEU LA 906 -48.61 -71.19 11.15
C LEU LA 906 -49.64 -70.26 11.77
N LEU LA 907 -50.13 -69.33 10.97
CA LEU LA 907 -51.14 -68.37 11.39
C LEU LA 907 -52.48 -68.80 10.81
N MET LA 908 -53.38 -69.27 11.67
CA MET LA 908 -54.71 -69.61 11.23
C MET LA 908 -55.64 -68.42 11.39
N MET LA 909 -56.74 -68.44 10.63
CA MET LA 909 -57.54 -67.23 10.49
C MET LA 909 -58.71 -67.17 11.47
N ALA LA 910 -59.64 -68.11 11.38
CA ALA LA 910 -60.84 -68.06 12.21
C ALA LA 910 -61.17 -69.45 12.72
N TYR LA 911 -61.35 -69.57 14.03
CA TYR LA 911 -61.51 -70.88 14.64
C TYR LA 911 -62.88 -71.45 14.37
N GLN LA 912 -62.92 -72.76 14.12
CA GLN LA 912 -64.14 -73.49 13.80
C GLN LA 912 -64.37 -74.53 14.89
N PRO LA 913 -64.93 -74.13 16.02
CA PRO LA 913 -65.16 -75.08 17.12
C PRO LA 913 -66.38 -75.95 16.92
N ASN LA 914 -67.26 -75.62 15.99
CA ASN LA 914 -68.56 -76.24 15.92
C ASN LA 914 -68.60 -77.51 15.08
N ASP LA 915 -67.50 -77.87 14.43
CA ASP LA 915 -67.48 -79.07 13.61
C ASP LA 915 -66.89 -80.24 14.38
N ALA LA 916 -67.29 -81.44 13.99
CA ALA LA 916 -66.93 -82.67 14.66
C ALA LA 916 -66.13 -83.61 13.77
N THR LA 917 -66.10 -83.34 12.46
CA THR LA 917 -65.37 -84.20 11.52
C THR LA 917 -63.92 -84.39 11.92
N LEU LA 918 -63.38 -83.52 12.77
CA LEU LA 918 -62.03 -83.69 13.27
C LEU LA 918 -61.99 -83.34 14.75
N LEU LA 919 -61.07 -83.98 15.46
CA LEU LA 919 -60.83 -83.65 16.86
C LEU LA 919 -60.44 -82.18 16.98
N GLU LA 920 -60.76 -81.60 18.14
CA GLU LA 920 -60.48 -80.19 18.36
C GLU LA 920 -58.98 -79.90 18.27
N GLY LA 921 -58.20 -80.46 19.20
CA GLY LA 921 -56.78 -80.23 19.22
C GLY LA 921 -56.00 -81.28 18.46
N ALA LA 922 -56.41 -81.54 17.23
CA ALA LA 922 -55.78 -82.60 16.45
C ALA LA 922 -54.38 -82.19 15.99
N PHE LA 923 -54.30 -81.14 15.17
CA PHE LA 923 -53.05 -80.78 14.51
C PHE LA 923 -52.38 -79.55 15.10
N PHE LA 924 -53.13 -78.48 15.34
CA PHE LA 924 -52.55 -77.20 15.73
C PHE LA 924 -52.81 -76.92 17.20
N TYR LA 925 -51.77 -76.55 17.91
CA TYR LA 925 -52.01 -76.05 19.25
C TYR LA 925 -51.67 -74.57 19.31
N PRO LA 926 -52.50 -73.76 19.95
CA PRO LA 926 -52.36 -72.31 19.82
C PRO LA 926 -51.10 -71.80 20.50
N ALA LA 927 -50.43 -70.86 19.85
CA ALA LA 927 -49.27 -70.17 20.42
C ALA LA 927 -49.31 -68.71 19.97
N PRO LA 928 -50.00 -67.86 20.73
CA PRO LA 928 -50.04 -66.44 20.38
C PRO LA 928 -48.72 -65.77 20.71
N VAL LA 929 -48.19 -65.01 19.77
CA VAL LA 929 -46.88 -64.40 19.92
C VAL LA 929 -46.98 -62.91 20.22
N ASN LA 930 -47.92 -62.20 19.61
CA ASN LA 930 -48.09 -60.78 19.86
C ASN LA 930 -49.56 -60.44 20.02
N ALA LA 931 -49.80 -59.30 20.67
CA ALA LA 931 -51.16 -58.92 21.07
C ALA LA 931 -52.10 -58.82 19.89
N LEU LA 932 -51.58 -58.52 18.69
CA LEU LA 932 -52.44 -58.52 17.52
C LEU LA 932 -52.91 -59.92 17.17
N PHE LA 933 -52.01 -60.88 17.25
CA PHE LA 933 -52.32 -62.26 16.87
C PHE LA 933 -52.61 -63.11 18.11
N ALA LA 934 -53.68 -62.74 18.83
CA ALA LA 934 -54.08 -63.50 20.00
C ALA LA 934 -55.58 -63.32 20.19
N CYS LA 935 -56.36 -64.27 19.67
CA CYS LA 935 -57.78 -64.28 19.93
C CYS LA 935 -58.03 -65.12 21.19
N ALA LA 936 -59.30 -65.34 21.53
CA ALA LA 936 -59.65 -66.13 22.69
C ALA LA 936 -60.44 -67.39 22.36
N ASP LA 937 -60.90 -67.54 21.12
CA ASP LA 937 -61.59 -68.77 20.74
C ASP LA 937 -60.60 -69.90 20.49
N HIS LA 938 -59.41 -69.59 19.99
CA HIS LA 938 -58.43 -70.62 19.70
C HIS LA 938 -57.93 -71.32 20.95
N LEU LA 939 -58.13 -70.72 22.13
CA LEU LA 939 -57.78 -71.41 23.36
C LEU LA 939 -58.58 -72.68 23.55
N GLY LA 940 -59.77 -72.77 22.95
CA GLY LA 940 -60.53 -74.00 23.04
C GLY LA 940 -59.85 -75.16 22.34
N ALA LA 941 -59.06 -74.88 21.31
CA ALA LA 941 -58.38 -75.95 20.58
C ALA LA 941 -57.38 -76.67 21.48
N MET LA 942 -56.77 -75.96 22.43
CA MET LA 942 -55.80 -76.58 23.31
C MET LA 942 -56.49 -77.58 24.23
N ARG LA 943 -55.91 -78.77 24.34
CA ARG LA 943 -56.49 -79.80 25.19
C ARG LA 943 -56.32 -79.44 26.67
N ASP LA 944 -57.26 -79.90 27.49
CA ASP LA 944 -57.25 -79.68 28.93
C ASP LA 944 -57.33 -78.20 29.25
N VAL LA 945 -58.35 -77.56 28.71
CA VAL LA 945 -58.59 -76.14 28.97
C VAL LA 945 -59.27 -76.00 30.32
N GLY LA 946 -58.80 -75.03 31.10
CA GLY LA 946 -59.40 -74.80 32.40
C GLY LA 946 -60.78 -74.20 32.29
N ALA LA 947 -61.50 -74.23 33.42
CA ALA LA 947 -62.83 -73.62 33.45
C ALA LA 947 -62.75 -72.13 33.74
N GLU LA 948 -61.75 -71.69 34.49
CA GLU LA 948 -61.60 -70.30 34.87
C GLU LA 948 -60.80 -69.50 33.86
N VAL LA 949 -59.77 -70.10 33.27
CA VAL LA 949 -58.87 -69.34 32.40
C VAL LA 949 -59.60 -68.86 31.14
N ARG LA 950 -60.45 -69.72 30.57
CA ARG LA 950 -61.16 -69.31 29.36
C ARG LA 950 -62.15 -68.20 29.64
N ALA LA 951 -62.70 -68.17 30.85
CA ALA LA 951 -63.64 -67.10 31.21
C ALA LA 951 -62.93 -65.75 31.29
N ALA LA 952 -61.72 -65.72 31.85
CA ALA LA 952 -60.97 -64.48 32.01
C ALA LA 952 -59.93 -64.33 30.91
N ALA LA 953 -60.25 -64.76 29.70
CA ALA LA 953 -59.35 -64.63 28.58
C ALA LA 953 -59.86 -63.71 27.48
N GLN LA 954 -61.13 -63.32 27.51
CA GLN LA 954 -61.63 -62.39 26.51
C GLN LA 954 -61.10 -60.98 26.74
N HIS LA 955 -60.79 -60.64 27.99
CA HIS LA 955 -60.42 -59.29 28.35
C HIS LA 955 -58.92 -59.08 28.47
N VAL LA 956 -58.12 -60.12 28.26
CA VAL LA 956 -56.66 -60.00 28.31
C VAL LA 956 -56.06 -60.83 27.18
N PRO LA 957 -55.15 -60.28 26.39
CA PRO LA 957 -54.44 -61.10 25.42
C PRO LA 957 -53.61 -62.17 26.13
N CYS LA 958 -53.46 -63.31 25.48
CA CYS LA 958 -52.94 -64.50 26.12
C CYS LA 958 -51.49 -64.80 25.75
N VAL LA 959 -50.66 -63.78 25.59
CA VAL LA 959 -49.27 -64.05 25.25
C VAL LA 959 -48.59 -64.75 26.43
N PRO LA 960 -47.93 -65.87 26.22
CA PRO LA 960 -47.23 -66.54 27.32
C PRO LA 960 -46.01 -65.74 27.74
N HIS LA 961 -45.69 -65.81 29.03
CA HIS LA 961 -44.63 -64.98 29.57
C HIS LA 961 -43.24 -65.52 29.29
N PHE LA 962 -43.10 -66.43 28.34
CA PHE LA 962 -41.82 -66.76 27.75
C PHE LA 962 -41.74 -66.32 26.31
N LEU LA 963 -42.67 -65.49 25.86
CA LEU LA 963 -42.68 -64.94 24.51
C LEU LA 963 -42.81 -63.42 24.56
N GLY LA 964 -42.27 -62.81 25.61
CA GLY LA 964 -42.29 -61.37 25.74
C GLY LA 964 -43.63 -60.87 26.23
N ALA LA 965 -43.62 -59.98 27.21
CA ALA LA 965 -44.85 -59.46 27.76
C ALA LA 965 -45.28 -58.23 26.95
N ASN LA 966 -46.26 -57.49 27.46
CA ASN LA 966 -46.78 -56.34 26.72
C ASN LA 966 -45.88 -55.13 26.84
N TYR LA 967 -45.27 -54.91 28.00
CA TYR LA 967 -44.46 -53.71 28.16
C TYR LA 967 -43.11 -53.86 27.48
N TYR LA 968 -42.46 -55.00 27.64
CA TYR LA 968 -41.14 -55.21 27.08
C TYR LA 968 -41.15 -55.46 25.59
N ALA LA 969 -42.28 -55.31 24.92
CA ALA LA 969 -42.40 -55.61 23.50
C ALA LA 969 -42.26 -54.34 22.67
N THR LA 970 -42.01 -54.54 21.38
CA THR LA 970 -41.84 -53.42 20.45
C THR LA 970 -43.12 -53.06 19.72
N VAL LA 971 -44.19 -53.80 19.95
CA VAL LA 971 -45.50 -53.46 19.41
C VAL LA 971 -46.49 -53.62 20.58
N ARG LA 972 -46.77 -52.52 21.26
CA ARG LA 972 -47.49 -52.59 22.53
C ARG LA 972 -48.96 -52.89 22.29
N GLN LA 973 -49.75 -52.85 23.36
CA GLN LA 973 -51.17 -53.15 23.25
C GLN LA 973 -51.93 -52.13 22.41
N PRO LA 974 -51.85 -50.83 22.69
CA PRO LA 974 -52.83 -49.89 22.10
C PRO LA 974 -52.97 -49.96 20.59
N VAL LA 975 -51.93 -50.34 19.86
CA VAL LA 975 -52.09 -50.48 18.43
C VAL LA 975 -53.03 -51.65 18.11
N ALA LA 976 -52.92 -52.74 18.87
CA ALA LA 976 -53.85 -53.85 18.68
C ALA LA 976 -55.27 -53.43 18.97
N GLN LA 977 -55.47 -52.72 20.09
CA GLN LA 977 -56.79 -52.24 20.44
C GLN LA 977 -57.36 -51.33 19.35
N HIS LA 978 -56.53 -50.45 18.81
CA HIS LA 978 -56.96 -49.63 17.68
C HIS LA 978 -57.43 -50.51 16.54
N ALA LA 979 -56.58 -51.42 16.08
CA ALA LA 979 -56.92 -52.24 14.93
C ALA LA 979 -58.20 -53.01 15.16
N ALA LA 980 -58.50 -53.37 16.42
CA ALA LA 980 -59.63 -54.24 16.71
C ALA LA 980 -60.95 -53.48 16.81
N GLN LA 981 -60.95 -52.26 17.32
CA GLN LA 981 -62.19 -51.54 17.59
C GLN LA 981 -62.40 -50.36 16.66
N SER LA 982 -61.54 -50.18 15.65
CA SER LA 982 -61.75 -49.11 14.69
C SER LA 982 -62.54 -49.62 13.51
N ARG LA 983 -63.01 -48.69 12.67
CA ARG LA 983 -63.87 -49.02 11.54
C ARG LA 983 -63.67 -47.98 10.46
N ALA LA 984 -62.83 -48.29 9.48
CA ALA LA 984 -62.40 -47.30 8.48
C ALA LA 984 -62.26 -47.88 7.09
N ASP LA 985 -63.26 -48.63 6.61
CA ASP LA 985 -63.31 -49.05 5.21
C ASP LA 985 -62.20 -50.02 4.85
N GLU LA 986 -61.46 -50.52 5.85
CA GLU LA 986 -60.51 -51.63 5.70
C GLU LA 986 -59.52 -51.41 4.55
N ASN LA 987 -59.44 -50.19 4.04
CA ASN LA 987 -58.37 -49.77 3.15
C ASN LA 987 -57.60 -48.59 3.71
N THR LA 988 -58.31 -47.55 4.16
CA THR LA 988 -57.66 -46.49 4.90
C THR LA 988 -57.11 -46.99 6.22
N LEU LA 989 -57.69 -48.05 6.76
CA LEU LA 989 -57.16 -48.64 7.97
C LEU LA 989 -55.74 -49.14 7.75
N SER LA 990 -55.47 -49.67 6.55
CA SER LA 990 -54.12 -50.14 6.24
C SER LA 990 -53.12 -49.00 6.33
N TYR LA 991 -53.41 -47.89 5.65
CA TYR LA 991 -52.49 -46.76 5.68
C TYR LA 991 -52.37 -46.18 7.08
N ALA LA 992 -53.47 -46.17 7.83
CA ALA LA 992 -53.41 -45.67 9.19
C ALA LA 992 -52.46 -46.51 10.03
N LEU LA 993 -52.60 -47.83 9.93
CA LEU LA 993 -51.71 -48.71 10.67
C LEU LA 993 -50.26 -48.51 10.25
N MET LA 994 -50.01 -48.42 8.94
CA MET LA 994 -48.64 -48.21 8.47
C MET LA 994 -48.06 -46.93 9.05
N ALA LA 995 -48.77 -45.81 8.87
CA ALA LA 995 -48.30 -44.54 9.41
C ALA LA 995 -48.14 -44.59 10.92
N GLY LA 996 -48.85 -45.49 11.59
CA GLY LA 996 -48.69 -45.61 13.02
C GLY LA 996 -47.48 -46.42 13.41
N TYR LA 997 -46.46 -46.48 12.54
CA TYR LA 997 -45.26 -47.24 12.80
C TYR LA 997 -44.00 -46.40 12.58
N PHE LA 998 -44.10 -45.08 12.80
CA PHE LA 998 -42.93 -44.22 12.71
C PHE LA 998 -42.33 -44.07 14.10
N LYS LA 999 -41.01 -44.13 14.18
CA LYS LA 999 -40.35 -44.06 15.47
C LYS LA 999 -40.49 -42.66 16.08
N MET LA 1000 -40.25 -42.57 17.37
CA MET LA 1000 -40.23 -41.30 18.09
C MET LA 1000 -38.81 -41.12 18.61
N SER LA 1001 -38.02 -40.33 17.90
CA SER LA 1001 -36.63 -40.09 18.26
C SER LA 1001 -36.19 -38.82 17.58
N PRO LA 1002 -35.30 -38.06 18.19
CA PRO LA 1002 -34.81 -36.83 17.54
C PRO LA 1002 -34.35 -37.06 16.12
N VAL LA 1003 -33.52 -38.09 15.90
CA VAL LA 1003 -33.02 -38.38 14.57
C VAL LA 1003 -34.12 -38.86 13.64
N ALA LA 1004 -35.27 -39.24 14.16
CA ALA LA 1004 -36.42 -39.51 13.31
C ALA LA 1004 -37.37 -38.34 13.19
N PHE LA 1005 -37.46 -37.51 14.22
CA PHE LA 1005 -38.27 -36.30 14.12
C PHE LA 1005 -37.72 -35.37 13.04
N THR LA 1006 -36.40 -35.25 12.97
CA THR LA 1006 -35.80 -34.40 11.95
C THR LA 1006 -36.19 -34.83 10.54
N HIS LA 1007 -36.69 -36.05 10.37
CA HIS LA 1007 -37.27 -36.48 9.10
C HIS LA 1007 -38.76 -36.22 9.06
N GLN LA 1008 -39.48 -36.75 10.05
CA GLN LA 1008 -40.94 -36.70 10.01
C GLN LA 1008 -41.44 -35.27 9.91
N LEU LA 1009 -41.01 -34.41 10.84
CA LEU LA 1009 -41.52 -33.05 10.86
C LEU LA 1009 -41.20 -32.32 9.57
N ARG LA 1010 -39.97 -32.46 9.07
CA ARG LA 1010 -39.58 -31.70 7.91
C ARG LA 1010 -40.26 -32.20 6.64
N ARG LA 1011 -40.68 -33.46 6.62
CA ARG LA 1011 -41.36 -33.99 5.45
C ARG LA 1011 -42.86 -33.70 5.46
N GLN LA 1012 -43.34 -32.90 6.40
CA GLN LA 1012 -44.75 -32.54 6.48
C GLN LA 1012 -45.63 -33.77 6.79
N LEU LA 1013 -45.26 -34.47 7.87
CA LEU LA 1013 -46.12 -35.47 8.47
C LEU LA 1013 -46.55 -34.98 9.84
N HIS LA 1014 -47.71 -35.44 10.30
CA HIS LA 1014 -48.25 -35.00 11.58
C HIS LA 1014 -48.05 -36.09 12.62
N PRO LA 1015 -47.10 -35.96 13.52
CA PRO LA 1015 -46.95 -36.95 14.59
C PRO LA 1015 -48.09 -36.85 15.58
N GLY LA 1016 -48.04 -37.63 16.66
CA GLY LA 1016 -49.14 -37.70 17.59
C GLY LA 1016 -49.07 -36.74 18.76
N PHE LA 1017 -48.56 -35.54 18.54
CA PHE LA 1017 -48.56 -34.49 19.55
C PHE LA 1017 -49.45 -33.35 19.11
N ALA LA 1018 -49.52 -32.34 19.97
CA ALA LA 1018 -50.19 -31.09 19.64
C ALA LA 1018 -49.47 -30.01 20.43
N LEU LA 1019 -48.54 -29.33 19.77
CA LEU LA 1019 -47.71 -28.38 20.50
C LEU LA 1019 -48.52 -27.15 20.89
N THR LA 1020 -47.96 -26.38 21.82
CA THR LA 1020 -48.59 -25.17 22.34
C THR LA 1020 -47.54 -24.07 22.36
N VAL LA 1021 -47.81 -22.98 21.67
CA VAL LA 1021 -46.83 -21.92 21.49
C VAL LA 1021 -47.06 -20.84 22.54
N VAL LA 1022 -45.97 -20.28 23.06
CA VAL LA 1022 -46.02 -19.20 24.04
C VAL LA 1022 -45.00 -18.14 23.66
N ARG LA 1023 -45.32 -16.88 23.92
CA ARG LA 1023 -44.40 -15.79 23.69
C ARG LA 1023 -44.86 -14.58 24.50
N GLN LA 1024 -43.92 -13.67 24.74
CA GLN LA 1024 -44.14 -12.57 25.68
C GLN LA 1024 -43.79 -11.24 25.03
N ASP LA 1025 -44.74 -10.31 25.02
CA ASP LA 1025 -44.57 -9.01 24.39
C ASP LA 1025 -44.55 -7.90 25.42
N ARG LA 1026 -44.02 -6.75 25.01
CA ARG LA 1026 -44.00 -5.54 25.83
C ARG LA 1026 -44.53 -4.39 24.99
N PHE LA 1027 -45.40 -3.58 25.58
CA PHE LA 1027 -46.05 -2.49 24.87
C PHE LA 1027 -45.71 -1.18 25.55
N ALA LA 1028 -45.18 -0.24 24.79
CA ALA LA 1028 -44.92 1.09 25.32
C ALA LA 1028 -46.24 1.83 25.47
N THR LA 1029 -46.59 2.20 26.70
CA THR LA 1029 -47.82 2.90 26.98
C THR LA 1029 -47.53 4.24 27.61
N GLU LA 1030 -48.60 4.99 27.87
CA GLU LA 1030 -48.52 6.28 28.53
C GLU LA 1030 -49.43 6.27 29.75
N ASN LA 1031 -48.89 6.65 30.89
CA ASN LA 1031 -49.61 6.55 32.15
C ASN LA 1031 -50.19 7.90 32.54
N VAL LA 1032 -51.04 7.88 33.56
CA VAL LA 1032 -51.57 9.07 34.20
C VAL LA 1032 -51.45 8.82 35.70
N LEU LA 1033 -50.41 9.37 36.31
CA LEU LA 1033 -50.16 9.14 37.72
C LEU LA 1033 -50.86 10.21 38.56
N PHE LA 1034 -51.15 9.85 39.80
CA PHE LA 1034 -51.84 10.76 40.71
C PHE LA 1034 -51.27 10.59 42.11
N ALA LA 1035 -51.05 11.71 42.78
CA ALA LA 1035 -50.49 11.71 44.12
C ALA LA 1035 -51.48 12.39 45.08
N GLU LA 1036 -51.04 12.62 46.30
CA GLU LA 1036 -51.92 13.12 47.34
C GLU LA 1036 -51.33 14.37 47.97
N LYS LA 1037 -52.04 14.91 48.96
CA LYS LA 1037 -51.68 16.21 49.51
C LYS LA 1037 -50.27 16.21 50.09
N ALA LA 1038 -49.92 15.16 50.83
CA ALA LA 1038 -48.55 15.01 51.33
C ALA LA 1038 -48.28 13.50 51.41
N SER LA 1039 -47.73 12.96 50.33
CA SER LA 1039 -47.58 11.53 50.21
C SER LA 1039 -46.15 11.05 50.43
N GLU LA 1040 -45.21 11.94 50.69
CA GLU LA 1040 -43.83 11.52 50.88
C GLU LA 1040 -43.12 12.44 51.84
N SER LA 1041 -42.64 11.87 52.95
CA SER LA 1041 -41.66 12.57 53.75
C SER LA 1041 -40.31 12.51 53.04
N TYR LA 1042 -39.59 13.62 53.05
CA TYR LA 1042 -38.42 13.74 52.20
C TYR LA 1042 -37.42 14.67 52.88
N PHE LA 1043 -36.22 14.18 53.12
CA PHE LA 1043 -35.20 14.92 53.84
C PHE LA 1043 -33.99 15.13 52.95
N MET LA 1044 -33.48 16.35 52.92
CA MET LA 1044 -32.32 16.71 52.11
C MET LA 1044 -31.15 17.03 53.02
N GLY LA 1045 -29.98 16.53 52.66
CA GLY LA 1045 -28.80 16.67 53.48
C GLY LA 1045 -28.00 17.92 53.14
N GLN LA 1046 -26.75 17.92 53.57
CA GLN LA 1046 -25.82 19.00 53.33
C GLN LA 1046 -24.88 18.61 52.20
N MET LA 1047 -24.73 19.48 51.21
CA MET LA 1047 -23.99 19.10 50.03
C MET LA 1047 -22.50 19.03 50.33
N GLN LA 1048 -21.86 17.99 49.82
CA GLN LA 1048 -20.44 17.78 50.02
C GLN LA 1048 -19.76 17.72 48.67
N VAL LA 1049 -18.54 18.22 48.62
CA VAL LA 1049 -17.77 18.24 47.39
C VAL LA 1049 -16.42 17.60 47.65
N ALA LA 1050 -15.94 16.86 46.67
CA ALA LA 1050 -14.70 16.09 46.80
C ALA LA 1050 -14.03 16.07 45.45
N ARG LA 1051 -12.75 16.36 45.41
CA ARG LA 1051 -12.03 16.51 44.16
C ARG LA 1051 -10.92 15.46 44.04
N THR LA 1052 -10.15 15.58 42.96
CA THR LA 1052 -9.04 14.67 42.68
C THR LA 1052 -8.19 15.30 41.59
N GLU LA 1053 -6.89 15.44 41.84
CA GLU LA 1053 -6.00 16.12 40.90
C GLU LA 1053 -5.50 15.09 39.90
N SER LA 1054 -6.29 14.86 38.85
CA SER LA 1054 -6.03 13.82 37.86
C SER LA 1054 -5.62 14.46 36.54
N GLY LA 1055 -4.33 14.65 36.34
CA GLY LA 1055 -3.84 15.23 35.12
C GLY LA 1055 -3.60 16.72 35.16
N GLY LA 1056 -3.34 17.28 36.35
CA GLY LA 1056 -3.06 18.68 36.52
C GLY LA 1056 -4.29 19.52 36.81
N GLY LA 1057 -5.45 19.11 36.34
CA GLY LA 1057 -6.69 19.86 36.54
C GLY LA 1057 -7.56 19.19 37.59
N LEU LA 1058 -8.23 20.01 38.38
CA LEU LA 1058 -9.14 19.46 39.37
C LEU LA 1058 -10.26 18.70 38.70
N HIS LA 1059 -10.85 17.77 39.45
CA HIS LA 1059 -12.04 17.06 39.00
C HIS LA 1059 -12.99 16.98 40.19
N LEU LA 1060 -13.85 17.98 40.33
CA LEU LA 1060 -14.77 18.06 41.45
C LEU LA 1060 -15.92 17.10 41.26
N GLN LA 1061 -16.44 16.57 42.36
CA GLN LA 1061 -17.60 15.69 42.33
C GLN LA 1061 -18.53 16.08 43.46
N LEU LA 1062 -19.60 16.79 43.13
CA LEU LA 1062 -20.58 17.22 44.12
C LEU LA 1062 -21.46 16.05 44.53
N THR LA 1063 -21.96 16.10 45.76
CA THR LA 1063 -22.72 14.99 46.30
C THR LA 1063 -23.66 15.51 47.39
N GLN LA 1064 -24.88 14.98 47.41
CA GLN LA 1064 -25.92 15.41 48.34
C GLN LA 1064 -26.67 14.20 48.84
N PRO LA 1065 -26.48 13.81 50.10
CA PRO LA 1065 -27.25 12.68 50.63
C PRO LA 1065 -28.67 13.10 50.92
N ARG LA 1066 -29.60 12.19 50.70
CA ARG LA 1066 -31.01 12.50 50.93
C ARG LA 1066 -31.75 11.20 51.16
N ALA LA 1067 -32.78 11.26 52.01
CA ALA LA 1067 -33.52 10.09 52.41
C ALA LA 1067 -35.01 10.41 52.38
N ASN LA 1068 -35.84 9.36 52.29
CA ASN LA 1068 -37.28 9.56 52.23
C ASN LA 1068 -37.99 8.39 52.87
N VAL LA 1069 -39.27 8.61 53.17
CA VAL LA 1069 -40.13 7.57 53.72
C VAL LA 1069 -41.56 7.96 53.41
N ASP LA 1070 -42.36 6.97 53.02
CA ASP LA 1070 -43.79 7.20 52.89
C ASP LA 1070 -44.36 7.52 54.26
N LEU LA 1071 -45.47 8.26 54.27
CA LEU LA 1071 -46.07 8.63 55.54
C LEU LA 1071 -47.58 8.56 55.51
N GLY LA 1072 -48.15 7.74 54.63
CA GLY LA 1072 -49.57 7.53 54.66
C GLY LA 1072 -49.92 6.07 54.81
N VAL LA 1073 -50.69 5.73 55.84
CA VAL LA 1073 -51.21 4.37 55.94
C VAL LA 1073 -52.17 4.13 54.78
N GLY LA 1074 -52.09 2.95 54.19
CA GLY LA 1074 -52.83 2.69 52.98
C GLY LA 1074 -52.14 3.31 51.78
N PHE LA 1075 -52.73 3.06 50.61
CA PHE LA 1075 -52.12 3.54 49.38
C PHE LA 1075 -52.32 5.04 49.23
N THR LA 1076 -51.36 5.69 48.56
CA THR LA 1076 -51.39 7.13 48.39
C THR LA 1076 -51.16 7.57 46.96
N ALA LA 1077 -51.04 6.64 46.01
CA ALA LA 1077 -50.82 7.00 44.62
C ALA LA 1077 -51.20 5.84 43.74
N ALA LA 1078 -51.60 6.13 42.51
CA ALA LA 1078 -52.08 5.10 41.61
C ALA LA 1078 -52.11 5.65 40.18
N TYR LA 1079 -51.68 4.85 39.22
CA TYR LA 1079 -51.67 5.25 37.83
C TYR LA 1079 -52.73 4.47 37.06
N ALA LA 1080 -52.91 4.83 35.79
CA ALA LA 1080 -54.06 4.36 35.04
C ALA LA 1080 -53.74 3.73 33.69
N ALA LA 1081 -52.62 4.12 33.08
CA ALA LA 1081 -52.19 3.57 31.79
C ALA LA 1081 -53.26 3.80 30.71
N ALA LA 1082 -53.43 5.08 30.38
CA ALA LA 1082 -54.49 5.46 29.45
C ALA LA 1082 -54.14 5.11 28.00
N ALA LA 1083 -53.11 5.73 27.45
CA ALA LA 1083 -52.87 5.65 26.02
C ALA LA 1083 -52.03 4.41 25.67
N LEU LA 1084 -51.58 4.32 24.43
CA LEU LA 1084 -50.86 3.15 23.97
C LEU LA 1084 -50.01 3.54 22.76
N ARG LA 1085 -48.70 3.42 22.89
CA ARG LA 1085 -47.80 3.66 21.77
C ARG LA 1085 -47.59 2.35 21.01
N ALA LA 1086 -46.75 2.41 19.99
CA ALA LA 1086 -46.47 1.22 19.19
C ALA LA 1086 -45.83 0.15 20.08
N PRO LA 1087 -46.10 -1.12 19.81
CA PRO LA 1087 -45.48 -2.19 20.59
C PRO LA 1087 -43.96 -2.12 20.49
N VAL LA 1088 -43.31 -2.04 21.65
CA VAL LA 1088 -41.86 -1.90 21.65
C VAL LA 1088 -41.18 -3.16 21.16
N THR LA 1089 -41.85 -4.31 21.27
CA THR LA 1089 -41.31 -5.54 20.76
C THR LA 1089 -42.01 -5.91 19.47
N ASP LA 1090 -41.37 -6.77 18.70
CA ASP LA 1090 -42.07 -7.38 17.59
C ASP LA 1090 -42.96 -8.50 18.11
N MET LA 1091 -44.02 -8.80 17.36
CA MET LA 1091 -44.92 -9.89 17.71
C MET LA 1091 -44.76 -11.07 16.77
N GLY LA 1092 -43.63 -11.15 16.08
CA GLY LA 1092 -43.41 -12.20 15.11
C GLY LA 1092 -43.12 -13.55 15.74
N ASN LA 1093 -42.31 -14.36 15.09
CA ASN LA 1093 -41.99 -15.69 15.58
C ASN LA 1093 -40.48 -15.91 15.53
N LEU LA 1094 -39.99 -16.64 16.51
CA LEU LA 1094 -38.59 -17.01 16.58
C LEU LA 1094 -38.47 -18.27 17.43
N PRO LA 1095 -38.47 -19.45 16.82
CA PRO LA 1095 -38.38 -20.67 17.61
C PRO LA 1095 -37.13 -20.69 18.46
N GLN LA 1096 -37.29 -21.11 19.71
CA GLN LA 1096 -36.14 -21.24 20.59
C GLN LA 1096 -35.27 -22.40 20.13
N ASN LA 1097 -34.02 -22.39 20.57
CA ASN LA 1097 -33.04 -23.38 20.17
C ASN LA 1097 -32.37 -23.93 21.42
N LEU LA 1098 -32.77 -25.14 21.83
CA LEU LA 1098 -32.29 -25.69 23.07
C LEU LA 1098 -30.80 -25.97 23.07
N PHE LA 1099 -30.19 -26.08 21.89
CA PHE LA 1099 -28.77 -26.42 21.83
C PHE LA 1099 -27.87 -25.34 22.42
N ALA LA 1100 -28.38 -24.13 22.62
CA ALA LA 1100 -27.58 -23.07 23.21
C ALA LA 1100 -27.45 -23.20 24.72
N THR LA 1101 -27.77 -24.36 25.28
CA THR LA 1101 -27.86 -24.53 26.72
C THR LA 1101 -26.86 -25.58 27.19
N ARG LA 1102 -26.97 -25.93 28.47
CA ARG LA 1102 -26.13 -26.95 29.10
C ARG LA 1102 -27.00 -27.93 29.88
N GLY LA 1103 -26.37 -28.77 30.69
CA GLY LA 1103 -27.11 -29.62 31.60
C GLY LA 1103 -27.77 -30.84 30.98
N ALA LA 1104 -27.56 -31.10 29.69
CA ALA LA 1104 -28.11 -32.27 29.05
C ALA LA 1104 -27.02 -33.29 28.79
N PRO LA 1105 -27.20 -34.55 29.16
CA PRO LA 1105 -26.20 -35.56 28.85
C PRO LA 1105 -26.17 -35.86 27.36
N PRO LA 1106 -25.02 -35.73 26.71
CA PRO LA 1106 -24.97 -35.97 25.28
C PRO LA 1106 -25.17 -37.44 24.96
N MET LA 1107 -25.68 -37.70 23.75
CA MET LA 1107 -25.93 -39.07 23.34
C MET LA 1107 -24.61 -39.81 23.15
N LEU LA 1108 -24.70 -41.12 22.99
CA LEU LA 1108 -23.51 -41.97 23.06
C LEU LA 1108 -22.66 -41.83 21.81
N ASP LA 1109 -23.22 -42.14 20.64
CA ASP LA 1109 -22.48 -41.98 19.41
C ASP LA 1109 -22.27 -40.50 19.11
N ALA LA 1110 -21.00 -40.08 19.05
CA ALA LA 1110 -20.71 -38.67 18.81
C ALA LA 1110 -21.16 -38.22 17.44
N ASP LA 1111 -21.12 -39.13 16.45
CA ASP LA 1111 -21.54 -38.77 15.11
C ASP LA 1111 -23.03 -38.40 15.09
N ALA LA 1112 -23.84 -39.05 15.92
CA ALA LA 1112 -25.26 -38.74 15.97
C ALA LA 1112 -25.49 -37.34 16.52
N ASP LA 1113 -24.88 -37.04 17.67
CA ASP LA 1113 -24.99 -35.70 18.24
C ASP LA 1113 -24.53 -34.65 17.24
N ASP LA 1114 -23.40 -34.88 16.57
CA ASP LA 1114 -22.91 -33.90 15.63
C ASP LA 1114 -23.86 -33.74 14.45
N TYR LA 1115 -24.46 -34.84 13.99
CA TYR LA 1115 -25.42 -34.75 12.90
C TYR LA 1115 -26.62 -33.92 13.31
N LEU LA 1116 -27.13 -34.13 14.51
CA LEU LA 1116 -28.25 -33.33 14.99
C LEU LA 1116 -27.88 -31.85 15.05
N ARG LA 1117 -26.74 -31.54 15.68
CA ARG LA 1117 -26.34 -30.15 15.82
C ARG LA 1117 -26.14 -29.49 14.47
N ARG LA 1118 -25.63 -30.23 13.49
CA ARG LA 1118 -25.34 -29.66 12.18
C ARG LA 1118 -26.59 -29.57 11.30
N THR LA 1119 -27.63 -30.35 11.59
CA THR LA 1119 -28.84 -30.25 10.80
C THR LA 1119 -29.88 -29.33 11.42
N VAL LA 1120 -29.76 -29.02 12.71
CA VAL LA 1120 -30.70 -28.07 13.31
C VAL LA 1120 -30.16 -26.64 13.25
N ASN LA 1121 -28.85 -26.45 13.31
CA ASN LA 1121 -28.25 -25.13 13.15
C ASN LA 1121 -28.05 -24.75 11.69
N ALA LA 1122 -28.71 -25.43 10.76
CA ALA LA 1122 -28.62 -25.07 9.35
C ALA LA 1122 -29.54 -23.89 9.11
N GLY LA 1123 -28.97 -22.69 9.09
CA GLY LA 1123 -29.71 -21.49 8.83
C GLY LA 1123 -30.52 -20.96 9.99
N ASN LA 1124 -30.87 -21.80 10.96
CA ASN LA 1124 -31.60 -21.33 12.13
C ASN LA 1124 -30.81 -20.24 12.83
N ARG LA 1125 -31.51 -19.24 13.34
CA ARG LA 1125 -30.83 -18.11 13.93
C ARG LA 1125 -30.27 -18.47 15.30
N LEU LA 1126 -29.32 -17.65 15.74
CA LEU LA 1126 -28.96 -17.47 17.14
C LEU LA 1126 -28.37 -18.69 17.84
N ALA LA 1127 -28.28 -19.85 17.18
CA ALA LA 1127 -27.86 -20.96 18.03
C ALA LA 1127 -26.35 -20.97 18.32
N PRO LA 1128 -25.48 -21.20 17.34
CA PRO LA 1128 -24.05 -21.28 17.67
C PRO LA 1128 -23.26 -20.03 17.34
N VAL LA 1129 -22.17 -19.79 18.07
CA VAL LA 1129 -21.00 -19.08 17.56
C VAL LA 1129 -19.78 -19.70 18.21
N PRO LA 1130 -18.90 -20.32 17.44
CA PRO LA 1130 -17.76 -21.02 18.06
C PRO LA 1130 -16.71 -20.10 18.65
N VAL LA 1131 -17.04 -19.43 19.75
CA VAL LA 1131 -16.07 -18.74 20.59
C VAL LA 1131 -16.33 -19.19 22.03
N PHE LA 1132 -15.26 -19.40 22.78
CA PHE LA 1132 -15.39 -20.14 24.03
C PHE LA 1132 -15.94 -19.27 25.14
N GLY LA 1133 -16.58 -19.94 26.11
CA GLY LA 1133 -17.05 -19.37 27.37
C GLY LA 1133 -18.26 -18.46 27.20
N GLN LA 1134 -18.70 -18.21 25.97
CA GLN LA 1134 -19.78 -17.27 25.72
C GLN LA 1134 -21.03 -17.94 25.17
N MET LA 1135 -20.93 -18.62 24.03
CA MET LA 1135 -22.09 -19.21 23.36
C MET LA 1135 -23.20 -18.19 23.15
N LEU LA 1136 -22.86 -17.10 22.47
CA LEU LA 1136 -23.82 -16.08 22.09
C LEU LA 1136 -24.09 -16.16 20.59
N PRO LA 1137 -25.20 -15.61 20.12
CA PRO LA 1137 -25.45 -15.57 18.68
C PRO LA 1137 -24.53 -14.59 17.97
N GLN LA 1138 -24.69 -14.47 16.65
CA GLN LA 1138 -23.97 -13.44 15.89
C GLN LA 1138 -24.88 -12.23 15.72
N VAL LA 1139 -24.29 -11.05 15.89
CA VAL LA 1139 -25.04 -9.80 15.91
C VAL LA 1139 -25.72 -9.61 14.56
N PRO LA 1140 -27.04 -9.65 14.51
CA PRO LA 1140 -27.74 -9.58 13.22
C PRO LA 1140 -27.51 -8.24 12.55
N ALA LA 1141 -27.44 -8.29 11.23
CA ALA LA 1141 -27.39 -7.08 10.42
C ALA LA 1141 -28.82 -6.68 10.06
N GLY LA 1142 -29.22 -5.49 10.48
CA GLY LA 1142 -30.49 -4.94 10.06
C GLY LA 1142 -31.67 -5.41 10.87
N LEU LA 1143 -32.42 -4.47 11.44
CA LEU LA 1143 -33.63 -4.77 12.17
C LEU LA 1143 -34.82 -4.24 11.40
N ALA LA 1144 -35.91 -4.99 11.43
CA ALA LA 1144 -37.14 -4.58 10.76
C ALA LA 1144 -38.09 -3.88 11.71
N ARG LA 1145 -38.39 -4.52 12.84
CA ARG LA 1145 -39.27 -3.97 13.85
C ARG LA 1145 -38.60 -4.18 15.20
N GLY LA 1146 -39.35 -4.03 16.30
CA GLY LA 1146 -38.77 -4.19 17.61
C GLY LA 1146 -38.08 -5.52 17.82
N GLN LA 1147 -37.37 -5.67 18.94
CA GLN LA 1147 -36.63 -6.89 19.20
C GLN LA 1147 -37.54 -8.10 19.08
N GLN LA 1148 -37.16 -9.03 18.20
CA GLN LA 1148 -38.02 -10.17 17.95
C GLN LA 1148 -38.17 -11.02 19.21
N SER LA 1149 -39.39 -11.45 19.48
CA SER LA 1149 -39.67 -12.24 20.66
C SER LA 1149 -39.11 -13.65 20.49
N VAL LA 1150 -39.37 -14.50 21.46
CA VAL LA 1150 -38.85 -15.86 21.45
C VAL LA 1150 -40.00 -16.80 21.78
N CYS LA 1151 -40.35 -17.67 20.84
CA CYS LA 1151 -41.46 -18.60 21.05
C CYS LA 1151 -40.99 -19.81 21.85
N GLU LA 1152 -41.95 -20.68 22.16
CA GLU LA 1152 -41.67 -21.90 22.90
C GLU LA 1152 -42.52 -23.01 22.32
N PHE LA 1153 -42.43 -24.19 22.91
CA PHE LA 1153 -43.27 -25.30 22.51
C PHE LA 1153 -43.46 -26.22 23.70
N ILE LA 1154 -44.68 -26.71 23.88
CA ILE LA 1154 -45.05 -27.56 25.01
C ILE LA 1154 -45.85 -28.73 24.47
N ALA LA 1155 -45.32 -29.94 24.61
CA ALA LA 1155 -46.04 -31.11 24.15
C ALA LA 1155 -47.36 -31.25 24.88
N THR LA 1156 -48.35 -31.82 24.19
CA THR LA 1156 -49.71 -31.84 24.70
C THR LA 1156 -50.52 -32.84 23.91
N PRO LA 1157 -51.33 -33.69 24.56
CA PRO LA 1157 -52.07 -34.71 23.81
C PRO LA 1157 -52.90 -34.11 22.70
N VAL LA 1158 -53.18 -34.92 21.69
CA VAL LA 1158 -53.91 -34.43 20.53
C VAL LA 1158 -55.36 -34.14 20.90
N SER LA 1159 -55.95 -34.99 21.73
CA SER LA 1159 -57.37 -34.87 22.04
C SER LA 1159 -57.67 -33.80 23.09
N VAL LA 1160 -56.72 -32.91 23.38
CA VAL LA 1160 -56.99 -31.88 24.38
C VAL LA 1160 -58.15 -31.03 23.90
N ASP LA 1161 -58.95 -30.54 24.85
CA ASP LA 1161 -60.13 -29.77 24.50
C ASP LA 1161 -59.72 -28.45 23.87
N LEU LA 1162 -60.31 -28.14 22.70
CA LEU LA 1162 -60.03 -26.87 22.07
C LEU LA 1162 -60.66 -25.72 22.84
N ALA LA 1163 -61.80 -25.95 23.48
CA ALA LA 1163 -62.44 -24.90 24.25
C ALA LA 1163 -61.59 -24.42 25.40
N TYR LA 1164 -60.52 -25.14 25.75
CA TYR LA 1164 -59.68 -24.72 26.85
C TYR LA 1164 -58.82 -23.52 26.49
N PHE LA 1165 -58.64 -23.23 25.21
CA PHE LA 1165 -57.79 -22.14 24.79
C PHE LA 1165 -58.57 -20.91 24.34
N ARG LA 1166 -59.88 -21.02 24.14
CA ARG LA 1166 -60.65 -19.89 23.63
C ARG LA 1166 -60.60 -18.72 24.60
N ARG LA 1167 -60.67 -18.99 25.90
CA ARG LA 1167 -60.61 -17.95 26.91
C ARG LA 1167 -59.18 -17.83 27.43
N ALA LA 1168 -59.00 -17.00 28.45
CA ALA LA 1168 -57.73 -16.98 29.15
C ALA LA 1168 -57.52 -18.29 29.87
N CYS LA 1169 -56.32 -18.83 29.80
CA CYS LA 1169 -56.04 -20.14 30.36
C CYS LA 1169 -54.63 -20.13 30.93
N ASN LA 1170 -54.14 -21.33 31.25
CA ASN LA 1170 -52.80 -21.52 31.75
C ASN LA 1170 -52.14 -22.60 30.90
N PRO LA 1171 -50.98 -22.33 30.30
CA PRO LA 1171 -50.41 -23.31 29.38
C PRO LA 1171 -50.06 -24.62 30.05
N ARG LA 1172 -49.71 -24.57 31.33
CA ARG LA 1172 -49.28 -25.77 32.03
C ARG LA 1172 -50.41 -26.79 32.15
N GLY LA 1173 -51.65 -26.31 32.20
CA GLY LA 1173 -52.79 -27.22 32.25
C GLY LA 1173 -53.49 -27.21 33.58
N ARG LA 1174 -52.71 -27.20 34.66
CA ARG LA 1174 -53.27 -26.99 35.99
C ARG LA 1174 -53.23 -25.51 36.30
N ALA LA 1175 -54.28 -25.03 36.93
CA ALA LA 1175 -54.49 -23.59 37.08
C ALA LA 1175 -53.86 -23.04 38.34
N ALA LA 1176 -52.74 -23.61 38.77
CA ALA LA 1176 -52.27 -23.45 40.14
C ALA LA 1176 -52.12 -22.02 40.60
N GLY LA 1177 -51.16 -21.28 40.04
CA GLY LA 1177 -50.88 -19.95 40.55
C GLY LA 1177 -50.72 -19.92 42.06
N GLU LA 1178 -50.92 -18.77 42.68
CA GLU LA 1178 -50.91 -18.69 44.13
C GLU LA 1178 -52.11 -17.93 44.66
N VAL LA 1179 -52.61 -16.97 43.87
CA VAL LA 1179 -53.65 -16.06 44.35
C VAL LA 1179 -54.90 -16.81 44.76
N HIS LA 1180 -55.15 -17.96 44.15
CA HIS LA 1180 -56.31 -18.80 44.48
C HIS LA 1180 -55.82 -20.22 44.68
N GLY LA 1181 -55.52 -20.56 45.93
CA GLY LA 1181 -55.07 -21.89 46.26
C GLY LA 1181 -54.02 -21.90 47.36
N GLU LA 1182 -54.13 -22.83 48.28
CA GLU LA 1182 -53.13 -22.97 49.33
C GLU LA 1182 -51.92 -23.74 48.81
N GLU LA 1183 -50.89 -23.82 49.64
CA GLU LA 1183 -49.77 -24.67 49.33
C GLU LA 1183 -50.23 -26.12 49.19
N GLY LA 1184 -49.54 -26.87 48.34
CA GLY LA 1184 -49.95 -28.21 48.00
C GLY LA 1184 -50.95 -28.31 46.87
N LEU LA 1185 -51.51 -27.18 46.43
CA LEU LA 1185 -52.42 -27.22 45.29
C LEU LA 1185 -51.67 -27.36 43.98
N MET LA 1186 -50.43 -26.86 43.92
CA MET LA 1186 -49.74 -26.72 42.65
C MET LA 1186 -49.55 -28.08 41.98
N PHE LA 1187 -48.91 -29.02 42.67
CA PHE LA 1187 -48.50 -30.25 42.04
C PHE LA 1187 -49.36 -31.46 42.39
N ASP LA 1188 -50.06 -31.44 43.53
CA ASP LA 1188 -50.84 -32.59 43.94
C ASP LA 1188 -51.98 -32.84 42.97
N HIS LA 1189 -52.23 -34.12 42.67
CA HIS LA 1189 -53.27 -34.52 41.74
C HIS LA 1189 -54.31 -35.39 42.43
N SER LA 1190 -54.59 -35.08 43.69
CA SER LA 1190 -55.76 -35.62 44.37
C SER LA 1190 -56.92 -34.65 44.36
N HIS LA 1191 -56.66 -33.36 44.17
CA HIS LA 1191 -57.68 -32.32 44.16
C HIS LA 1191 -57.87 -31.78 42.76
N ALA LA 1192 -59.12 -31.58 42.37
CA ALA LA 1192 -59.42 -31.14 41.01
C ALA LA 1192 -58.94 -29.72 40.76
N ASP LA 1193 -58.64 -29.44 39.50
CA ASP LA 1193 -58.28 -28.10 39.09
C ASP LA 1193 -59.38 -27.12 39.48
N PRO LA 1194 -59.08 -26.06 40.22
CA PRO LA 1194 -60.14 -25.11 40.58
C PRO LA 1194 -60.80 -24.45 39.39
N ALA LA 1195 -60.06 -24.19 38.32
CA ALA LA 1195 -60.63 -23.46 37.19
C ALA LA 1195 -61.54 -24.33 36.34
N HIS LA 1196 -61.37 -25.65 36.40
CA HIS LA 1196 -62.24 -26.60 35.70
C HIS LA 1196 -62.46 -27.80 36.60
N PRO LA 1197 -63.16 -27.60 37.72
CA PRO LA 1197 -63.26 -28.67 38.73
C PRO LA 1197 -63.78 -29.98 38.18
N HIS LA 1198 -64.32 -29.98 36.96
CA HIS LA 1198 -64.70 -31.24 36.34
C HIS LA 1198 -63.50 -32.17 36.20
N ARG LA 1199 -62.52 -31.75 35.43
CA ARG LA 1199 -61.34 -32.57 35.17
C ARG LA 1199 -60.34 -32.40 36.31
N ALA LA 1200 -59.16 -32.99 36.16
CA ALA LA 1200 -58.08 -32.83 37.12
C ALA LA 1200 -56.92 -32.03 36.55
N THR LA 1201 -56.60 -32.25 35.29
CA THR LA 1201 -55.64 -31.43 34.55
C THR LA 1201 -56.21 -31.19 33.17
N ALA LA 1202 -55.38 -30.71 32.27
CA ALA LA 1202 -55.72 -30.68 30.86
C ALA LA 1202 -54.55 -31.07 29.98
N ASN LA 1203 -53.43 -31.45 30.56
CA ASN LA 1203 -52.22 -31.78 29.84
C ASN LA 1203 -51.33 -32.58 30.76
N PRO LA 1204 -51.59 -33.88 30.91
CA PRO LA 1204 -50.84 -34.67 31.90
C PRO LA 1204 -49.34 -34.62 31.69
N TRP LA 1205 -48.89 -34.39 30.47
CA TRP LA 1205 -47.47 -34.35 30.19
C TRP LA 1205 -46.81 -33.07 30.67
N ALA LA 1206 -47.54 -32.16 31.29
CA ALA LA 1206 -46.94 -30.90 31.70
C ALA LA 1206 -47.43 -30.41 33.06
N SER LA 1207 -47.87 -31.31 33.91
CA SER LA 1207 -48.36 -30.81 35.20
C SER LA 1207 -47.73 -31.51 36.39
N GLN LA 1208 -47.47 -32.81 36.30
CA GLN LA 1208 -46.97 -33.54 37.44
C GLN LA 1208 -45.54 -33.12 37.78
N ARG LA 1209 -45.19 -33.23 39.06
CA ARG LA 1209 -43.81 -33.05 39.45
C ARG LA 1209 -42.93 -34.01 38.66
N HIS LA 1210 -41.81 -33.50 38.15
CA HIS LA 1210 -40.87 -34.26 37.34
C HIS LA 1210 -41.48 -34.76 36.03
N SER LA 1211 -42.52 -34.10 35.54
CA SER LA 1211 -43.07 -34.44 34.24
C SER LA 1211 -42.09 -34.05 33.13
N TYR LA 1212 -42.50 -34.27 31.89
CA TYR LA 1212 -41.63 -33.91 30.78
C TYR LA 1212 -41.40 -32.42 30.74
N ALA LA 1213 -42.46 -31.65 30.51
CA ALA LA 1213 -42.31 -30.21 30.38
C ALA LA 1213 -41.74 -29.59 31.64
N ASP LA 1214 -41.97 -30.20 32.79
CA ASP LA 1214 -41.42 -29.64 34.02
C ASP LA 1214 -39.91 -29.70 34.01
N ARG LA 1215 -39.33 -30.81 33.58
CA ARG LA 1215 -37.87 -30.89 33.63
C ARG LA 1215 -37.21 -30.05 32.59
N LEU LA 1216 -37.98 -29.25 31.85
CA LEU LA 1216 -37.45 -28.34 30.84
C LEU LA 1216 -37.56 -26.88 31.23
N TYR LA 1217 -38.69 -26.47 31.81
CA TYR LA 1217 -38.96 -25.08 32.09
C TYR LA 1217 -39.14 -24.82 33.57
N ASN LA 1218 -38.45 -25.57 34.42
CA ASN LA 1218 -38.57 -25.34 35.85
C ASN LA 1218 -37.38 -24.54 36.35
N GLY LA 1219 -37.55 -24.00 37.56
CA GLY LA 1219 -36.56 -23.09 38.09
C GLY LA 1219 -35.31 -23.78 38.59
N GLN LA 1220 -35.47 -24.79 39.43
CA GLN LA 1220 -34.36 -25.37 40.17
C GLN LA 1220 -33.83 -26.64 39.53
N TYR LA 1221 -33.91 -26.75 38.21
CA TYR LA 1221 -33.45 -27.95 37.51
C TYR LA 1221 -32.32 -27.64 36.53
N ASN LA 1222 -31.59 -26.56 36.79
CA ASN LA 1222 -30.32 -26.23 36.12
C ASN LA 1222 -30.36 -26.50 34.62
N MET LA 1223 -31.28 -25.81 33.94
CA MET LA 1223 -31.46 -25.92 32.50
C MET LA 1223 -31.35 -24.54 31.86
N SER LA 1224 -30.31 -23.81 32.22
CA SER LA 1224 -30.19 -22.41 31.85
C SER LA 1224 -29.44 -22.25 30.53
N GLY LA 1225 -29.74 -21.16 29.84
CA GLY LA 1225 -29.06 -20.79 28.63
C GLY LA 1225 -28.91 -19.29 28.52
N PRO LA 1226 -28.62 -18.79 27.33
CA PRO LA 1226 -28.50 -17.35 27.15
C PRO LA 1226 -29.81 -16.67 26.80
N ALA LA 1227 -30.74 -17.43 26.26
CA ALA LA 1227 -31.97 -16.85 25.72
C ALA LA 1227 -33.07 -16.80 26.77
N TYR LA 1228 -34.03 -15.92 26.54
CA TYR LA 1228 -35.18 -15.81 27.42
C TYR LA 1228 -36.11 -17.00 27.22
N SER LA 1229 -36.86 -17.32 28.27
CA SER LA 1229 -37.82 -18.42 28.22
C SER LA 1229 -39.15 -17.93 28.78
N PRO LA 1230 -40.13 -17.68 27.92
CA PRO LA 1230 -41.40 -17.14 28.42
C PRO LA 1230 -42.10 -18.06 29.40
N CYS LA 1231 -42.01 -19.36 29.20
CA CYS LA 1231 -42.70 -20.27 30.11
C CYS LA 1231 -42.03 -20.39 31.45
N PHE LA 1232 -41.04 -19.55 31.77
CA PHE LA 1232 -40.30 -19.75 33.01
C PHE LA 1232 -41.15 -19.44 34.23
N LYS LA 1233 -42.04 -18.45 34.14
CA LYS LA 1233 -42.81 -18.04 35.29
C LYS LA 1233 -44.11 -18.80 35.45
N PHE LA 1234 -44.32 -19.86 34.68
CA PHE LA 1234 -45.50 -20.69 34.83
C PHE LA 1234 -45.22 -22.03 35.49
N PHE LA 1235 -43.98 -22.51 35.46
CA PHE LA 1235 -43.64 -23.76 36.09
C PHE LA 1235 -42.79 -23.60 37.34
N THR LA 1236 -42.19 -22.43 37.56
CA THR LA 1236 -41.27 -22.24 38.67
C THR LA 1236 -42.06 -21.82 39.90
N PRO LA 1237 -42.13 -22.63 40.94
CA PRO LA 1237 -42.82 -22.24 42.17
C PRO LA 1237 -41.93 -21.59 43.20
N ALA LA 1238 -40.61 -21.53 42.96
CA ALA LA 1238 -39.70 -20.93 43.93
C ALA LA 1238 -40.16 -19.52 44.29
N GLU LA 1239 -40.65 -18.77 43.30
CA GLU LA 1239 -41.29 -17.49 43.59
C GLU LA 1239 -42.51 -17.69 44.48
N ALA LA 1240 -43.29 -18.74 44.21
CA ALA LA 1240 -44.46 -19.02 45.03
C ALA LA 1240 -44.10 -19.53 46.41
N VAL LA 1241 -42.82 -19.84 46.68
CA VAL LA 1241 -42.44 -20.20 48.04
C VAL LA 1241 -42.39 -18.96 48.92
N ALA LA 1242 -42.16 -17.79 48.32
CA ALA LA 1242 -42.26 -16.54 49.06
C ALA LA 1242 -43.71 -16.32 49.45
N LYS LA 1243 -44.00 -16.44 50.74
CA LYS LA 1243 -45.36 -16.27 51.24
C LYS LA 1243 -45.86 -14.86 50.95
N SER LA 1244 -47.19 -14.73 50.87
CA SER LA 1244 -47.84 -13.46 50.60
C SER LA 1244 -48.33 -12.84 51.91
N ARG LA 1245 -47.71 -11.72 52.31
CA ARG LA 1245 -48.20 -10.96 53.46
C ARG LA 1245 -49.67 -10.58 53.34
N GLY LA 1246 -50.26 -10.75 52.17
CA GLY LA 1246 -51.64 -10.42 51.94
C GLY LA 1246 -51.82 -10.16 50.46
N LEU LA 1247 -53.07 -9.93 50.07
CA LEU LA 1247 -53.33 -9.57 48.69
C LEU LA 1247 -52.70 -8.23 48.34
N ALA LA 1248 -52.65 -7.31 49.32
CA ALA LA 1248 -52.11 -5.99 49.07
C ALA LA 1248 -50.65 -6.07 48.62
N ARG LA 1249 -49.89 -7.00 49.21
CA ARG LA 1249 -48.49 -7.14 48.81
C ARG LA 1249 -48.39 -7.59 47.37
N LEU LA 1250 -49.17 -8.61 46.98
CA LEU LA 1250 -49.16 -9.08 45.61
C LEU LA 1250 -49.59 -7.99 44.65
N ILE LA 1251 -50.52 -7.13 45.07
CA ILE LA 1251 -50.93 -6.01 44.22
C ILE LA 1251 -49.77 -5.05 44.03
N ALA LA 1252 -49.24 -4.53 45.13
CA ALA LA 1252 -48.17 -3.53 45.05
C ALA LA 1252 -46.95 -4.08 44.32
N ASP LA 1253 -46.74 -5.39 44.34
CA ASP LA 1253 -45.58 -5.95 43.64
C ASP LA 1253 -45.73 -5.80 42.13
N THR LA 1254 -46.94 -5.98 41.61
CA THR LA 1254 -47.19 -5.67 40.22
C THR LA 1254 -47.14 -4.16 40.01
N GLY LA 1255 -46.95 -3.76 38.75
CA GLY LA 1255 -46.72 -2.37 38.46
C GLY LA 1255 -45.35 -1.87 38.86
N ALA LA 1256 -44.58 -2.67 39.59
CA ALA LA 1256 -43.22 -2.29 39.97
C ALA LA 1256 -42.24 -3.45 39.88
N ALA LA 1257 -42.51 -4.45 39.05
CA ALA LA 1257 -41.58 -5.55 38.90
C ALA LA 1257 -40.33 -5.08 38.18
N ALA LA 1258 -39.30 -5.91 38.22
CA ALA LA 1258 -38.07 -5.67 37.49
C ALA LA 1258 -38.08 -6.48 36.21
N SER LA 1259 -37.62 -5.87 35.13
CA SER LA 1259 -37.74 -6.54 33.83
C SER LA 1259 -36.77 -7.69 33.74
N PRO LA 1260 -37.21 -8.86 33.31
CA PRO LA 1260 -36.29 -9.98 33.18
C PRO LA 1260 -35.60 -9.99 31.83
N THR LA 1261 -36.21 -9.36 30.83
CA THR LA 1261 -35.68 -9.38 29.49
C THR LA 1261 -34.75 -8.21 29.26
N SER LA 1262 -33.79 -8.40 28.35
CA SER LA 1262 -32.82 -7.38 28.03
C SER LA 1262 -33.44 -6.37 27.06
N ASN LA 1263 -32.62 -5.53 26.46
CA ASN LA 1263 -33.08 -4.56 25.47
C ASN LA 1263 -32.27 -4.64 24.19
N GLY LA 1264 -31.62 -5.77 23.93
CA GLY LA 1264 -30.88 -5.97 22.70
C GLY LA 1264 -31.80 -6.29 21.55
N GLU LA 1265 -31.17 -6.58 20.41
CA GLU LA 1265 -31.93 -6.93 19.21
C GLU LA 1265 -32.70 -8.23 19.37
N TYR LA 1266 -32.31 -9.06 20.32
CA TYR LA 1266 -33.06 -10.27 20.67
C TYR LA 1266 -33.54 -10.16 22.11
N GLN LA 1267 -34.32 -11.14 22.53
CA GLN LA 1267 -34.83 -11.19 23.91
C GLN LA 1267 -33.91 -12.08 24.72
N PHE LA 1268 -32.87 -11.47 25.28
CA PHE LA 1268 -31.91 -12.22 26.08
C PHE LA 1268 -32.16 -12.00 27.56
N LYS LA 1269 -31.71 -12.96 28.36
CA LYS LA 1269 -31.78 -12.80 29.81
C LYS LA 1269 -31.04 -11.54 30.22
N ARG LA 1270 -31.59 -10.83 31.18
CA ARG LA 1270 -30.97 -9.52 31.29
C ARG LA 1270 -29.86 -9.52 32.32
N PRO LA 1271 -28.74 -8.86 32.03
CA PRO LA 1271 -27.70 -8.69 33.05
C PRO LA 1271 -28.27 -8.05 34.30
N VAL LA 1272 -28.06 -8.70 35.44
CA VAL LA 1272 -28.72 -8.29 36.68
C VAL LA 1272 -28.35 -6.89 37.13
N GLY LA 1273 -27.35 -6.27 36.51
CA GLY LA 1273 -26.90 -4.96 36.93
C GLY LA 1273 -27.91 -3.84 36.84
N ALA LA 1274 -28.28 -3.44 35.61
CA ALA LA 1274 -28.99 -2.17 35.43
C ALA LA 1274 -30.40 -2.22 36.01
N GLY LA 1275 -31.25 -3.08 35.48
CA GLY LA 1275 -32.61 -3.18 35.95
C GLY LA 1275 -33.50 -2.03 35.53
N GLU LA 1276 -34.80 -2.29 35.38
CA GLU LA 1276 -35.77 -1.27 35.03
C GLU LA 1276 -37.15 -1.79 35.39
N LEU LA 1277 -38.14 -0.92 35.28
CA LEU LA 1277 -39.48 -1.21 35.77
C LEU LA 1277 -40.41 -1.61 34.62
N VAL LA 1278 -41.28 -2.57 34.90
CA VAL LA 1278 -42.24 -3.05 33.92
C VAL LA 1278 -43.37 -3.73 34.68
N GLU LA 1279 -44.59 -3.49 34.24
CA GLU LA 1279 -45.78 -4.05 34.87
C GLU LA 1279 -46.26 -5.25 34.07
N ASP LA 1280 -46.76 -6.28 34.78
CA ASP LA 1280 -47.42 -7.35 34.06
C ASP LA 1280 -48.59 -7.91 34.88
N PRO LA 1281 -49.72 -8.19 34.27
CA PRO LA 1281 -50.82 -8.78 35.01
C PRO LA 1281 -50.74 -10.28 35.11
N CYS LA 1282 -49.95 -10.93 34.25
CA CYS LA 1282 -49.89 -12.37 34.26
C CYS LA 1282 -49.20 -12.90 35.51
N ALA LA 1283 -48.12 -12.23 35.94
CA ALA LA 1283 -47.37 -12.72 37.09
C ALA LA 1283 -48.24 -12.83 38.33
N LEU LA 1284 -49.20 -11.92 38.47
CA LEU LA 1284 -50.13 -12.04 39.59
C LEU LA 1284 -51.02 -13.26 39.43
N PHE LA 1285 -51.45 -13.55 38.20
CA PHE LA 1285 -52.39 -14.63 37.96
C PHE LA 1285 -51.73 -15.90 37.45
N GLN LA 1286 -50.71 -15.78 36.60
CA GLN LA 1286 -50.07 -16.91 35.92
C GLN LA 1286 -50.98 -17.51 34.84
N GLU LA 1287 -51.59 -16.63 34.05
CA GLU LA 1287 -52.40 -17.02 32.90
C GLU LA 1287 -51.80 -16.49 31.61
N ALA LA 1288 -52.48 -16.76 30.51
CA ALA LA 1288 -52.06 -16.35 29.19
C ALA LA 1288 -53.27 -16.03 28.34
N TYR LA 1289 -53.16 -15.03 27.49
CA TYR LA 1289 -54.28 -14.59 26.69
C TYR LA 1289 -54.12 -15.03 25.26
N PRO LA 1290 -55.12 -15.68 24.68
CA PRO LA 1290 -54.99 -16.14 23.30
C PRO LA 1290 -55.19 -15.00 22.33
N PRO LA 1291 -54.25 -14.78 21.42
CA PRO LA 1291 -54.38 -13.70 20.45
C PRO LA 1291 -55.15 -14.18 19.22
N LEU LA 1292 -55.48 -13.22 18.36
CA LEU LA 1292 -56.19 -13.58 17.14
C LEU LA 1292 -55.32 -14.50 16.30
N CYS LA 1293 -55.73 -15.76 16.19
CA CYS LA 1293 -54.98 -16.76 15.46
C CYS LA 1293 -55.95 -17.68 14.74
N ALA LA 1294 -55.47 -18.29 13.67
CA ALA LA 1294 -56.29 -19.19 12.88
C ALA LA 1294 -55.47 -20.41 12.52
N SER LA 1295 -56.12 -21.39 11.91
CA SER LA 1295 -55.43 -22.59 11.49
C SER LA 1295 -55.17 -22.65 9.99
N ASP LA 1296 -55.79 -21.77 9.21
CA ASP LA 1296 -55.56 -21.68 7.77
C ASP LA 1296 -55.63 -20.23 7.33
N SER LA 1297 -54.67 -19.83 6.50
CA SER LA 1297 -54.62 -18.46 6.01
C SER LA 1297 -55.92 -18.03 5.34
N ALA LA 1298 -56.73 -18.96 4.87
CA ALA LA 1298 -57.95 -18.58 4.16
C ALA LA 1298 -59.01 -18.04 5.12
N LEU LA 1299 -58.97 -18.44 6.39
CA LEU LA 1299 -59.98 -18.02 7.34
C LEU LA 1299 -59.71 -16.64 7.91
N LEU LA 1300 -58.74 -15.91 7.39
CA LEU LA 1300 -58.43 -14.56 7.88
C LEU LA 1300 -58.58 -13.60 6.70
N ARG LA 1301 -59.82 -13.17 6.48
CA ARG LA 1301 -60.14 -12.13 5.51
C ARG LA 1301 -61.06 -11.13 6.20
N THR LA 1302 -61.48 -10.11 5.46
CA THR LA 1302 -62.33 -9.11 6.09
C THR LA 1302 -63.70 -9.70 6.44
N PRO LA 1303 -64.31 -10.59 5.62
CA PRO LA 1303 -65.47 -11.32 6.11
C PRO LA 1303 -65.04 -12.49 6.98
N LEU LA 1304 -64.79 -12.22 8.27
CA LEU LA 1304 -64.17 -13.20 9.15
C LEU LA 1304 -64.90 -14.53 9.13
N GLY LA 1305 -66.22 -14.50 9.15
CA GLY LA 1305 -66.93 -15.75 8.97
C GLY LA 1305 -66.92 -16.64 10.20
N ALA LA 1306 -67.22 -17.91 9.96
CA ALA LA 1306 -67.47 -18.84 11.06
C ALA LA 1306 -66.24 -19.01 11.93
N GLU LA 1307 -66.48 -19.40 13.18
CA GLU LA 1307 -65.39 -19.68 14.10
C GLU LA 1307 -64.72 -20.99 13.77
N GLU LA 1308 -65.42 -21.91 13.12
CA GLU LA 1308 -64.87 -23.20 12.77
C GLU LA 1308 -65.50 -23.64 11.46
N HIS LA 1309 -64.71 -24.33 10.64
CA HIS LA 1309 -65.18 -24.74 9.33
C HIS LA 1309 -65.16 -26.24 9.13
N PHE LA 1310 -64.06 -26.90 9.48
CA PHE LA 1310 -63.89 -28.34 9.38
C PHE LA 1310 -62.89 -28.70 10.46
N ALA LA 1311 -62.11 -29.75 10.26
CA ALA LA 1311 -60.97 -30.00 11.13
C ALA LA 1311 -60.25 -28.71 11.52
N GLN LA 1312 -60.23 -27.75 10.61
CA GLN LA 1312 -59.63 -26.43 10.85
C GLN LA 1312 -60.41 -25.66 11.91
N TYR LA 1313 -59.77 -24.64 12.47
CA TYR LA 1313 -60.42 -23.89 13.54
C TYR LA 1313 -59.85 -22.49 13.63
N LEU LA 1314 -60.68 -21.57 14.11
CA LEU LA 1314 -60.29 -20.19 14.33
C LEU LA 1314 -60.49 -19.83 15.79
N ILE LA 1315 -59.74 -18.84 16.27
CA ILE LA 1315 -59.81 -18.42 17.66
C ILE LA 1315 -60.03 -16.92 17.70
N ARG LA 1316 -61.13 -16.49 18.31
CA ARG LA 1316 -61.36 -15.07 18.53
C ARG LA 1316 -60.33 -14.53 19.51
N ASP LA 1317 -60.04 -13.24 19.40
CA ASP LA 1317 -59.05 -12.63 20.26
C ASP LA 1317 -59.69 -12.15 21.55
N GLU LA 1318 -59.08 -12.55 22.67
CA GLU LA 1318 -59.52 -12.11 23.99
C GLU LA 1318 -58.28 -11.74 24.78
N SER LA 1319 -58.01 -10.45 24.89
CA SER LA 1319 -56.80 -9.98 25.53
C SER LA 1319 -56.95 -8.49 25.82
N PRO LA 1320 -56.07 -7.89 26.64
CA PRO LA 1320 -56.17 -6.45 26.87
C PRO LA 1320 -56.10 -5.61 25.61
N LEU LA 1321 -55.88 -6.23 24.46
CA LEU LA 1321 -55.82 -5.55 23.18
C LEU LA 1321 -56.95 -5.98 22.25
N LYS LA 1322 -58.16 -6.09 22.78
CA LYS LA 1322 -59.30 -6.40 21.92
C LYS LA 1322 -59.48 -5.34 20.84
N GLY LA 1323 -58.91 -4.16 21.01
CA GLY LA 1323 -58.94 -3.14 19.98
C GLY LA 1323 -57.58 -2.87 19.37
N ARG MA 3 -64.20 62.38 -53.53
CA ARG MA 3 -63.62 63.44 -52.72
C ARG MA 3 -62.99 64.51 -53.59
N PRO MA 4 -63.78 65.49 -54.01
CA PRO MA 4 -63.24 66.59 -54.81
C PRO MA 4 -62.59 67.67 -53.94
N ALA MA 5 -62.18 68.76 -54.55
CA ALA MA 5 -61.47 69.82 -53.83
C ALA MA 5 -62.45 70.64 -52.99
N ILE MA 6 -62.00 71.03 -51.80
CA ILE MA 6 -62.83 71.83 -50.90
C ILE MA 6 -62.61 73.31 -51.14
N LEU MA 7 -61.38 73.71 -51.42
CA LEU MA 7 -61.06 75.11 -51.63
C LEU MA 7 -59.81 75.21 -52.51
N PRO MA 8 -59.92 75.77 -53.71
CA PRO MA 8 -58.77 75.77 -54.61
C PRO MA 8 -57.63 76.61 -54.08
N SER MA 9 -56.41 76.08 -54.21
CA SER MA 9 -55.24 76.79 -53.71
C SER MA 9 -54.82 77.90 -54.66
N GLY MA 10 -54.47 77.54 -55.89
CA GLY MA 10 -54.08 78.49 -56.92
C GLY MA 10 -55.12 78.58 -58.04
N GLN MA 11 -54.79 79.42 -59.00
CA GLN MA 11 -55.63 79.63 -60.17
C GLN MA 11 -55.06 78.90 -61.37
N ILE MA 12 -55.81 78.91 -62.46
CA ILE MA 12 -55.40 78.30 -63.72
C ILE MA 12 -55.52 79.37 -64.79
N LEU MA 13 -54.39 79.80 -65.33
CA LEU MA 13 -54.37 80.94 -66.23
C LEU MA 13 -54.60 80.56 -67.69
N SER MA 14 -54.14 79.38 -68.10
CA SER MA 14 -54.27 78.96 -69.49
C SER MA 14 -55.62 78.29 -69.71
N ASN MA 15 -56.25 78.59 -70.84
CA ASN MA 15 -57.57 78.10 -71.17
C ASN MA 15 -57.51 77.23 -72.41
N ILE MA 16 -58.06 76.01 -72.31
CA ILE MA 16 -58.03 75.06 -73.40
C ILE MA 16 -59.01 73.94 -73.09
N GLU MA 17 -59.62 73.35 -74.13
CA GLU MA 17 -60.37 72.13 -73.95
C GLU MA 17 -59.46 71.03 -73.40
N VAL MA 18 -60.05 70.09 -72.66
CA VAL MA 18 -59.25 69.15 -71.91
C VAL MA 18 -59.26 67.77 -72.56
N HIS MA 19 -60.37 67.40 -73.20
CA HIS MA 19 -60.50 66.04 -73.71
C HIS MA 19 -59.44 65.72 -74.74
N SER MA 20 -58.97 66.73 -75.48
CA SER MA 20 -57.96 66.47 -76.50
C SER MA 20 -56.63 66.05 -75.88
N HIS MA 21 -56.37 66.44 -74.65
CA HIS MA 21 -55.10 66.17 -73.98
C HIS MA 21 -55.26 65.19 -72.84
N ARG MA 22 -56.08 64.15 -73.04
CA ARG MA 22 -56.35 63.20 -71.97
C ARG MA 22 -55.17 62.27 -71.69
N ALA MA 23 -54.16 62.24 -72.56
CA ALA MA 23 -53.04 61.32 -72.36
C ALA MA 23 -52.01 61.87 -71.39
N LEU MA 24 -51.80 63.18 -71.37
CA LEU MA 24 -50.83 63.76 -70.45
C LEU MA 24 -51.18 63.49 -69.00
N PHE MA 25 -52.47 63.33 -68.71
CA PHE MA 25 -52.93 63.17 -67.33
C PHE MA 25 -52.61 61.76 -66.83
N ASP MA 26 -53.03 61.49 -65.59
CA ASP MA 26 -52.90 60.17 -64.99
C ASP MA 26 -54.26 59.53 -64.77
N ILE MA 27 -55.13 60.20 -64.04
CA ILE MA 27 -56.51 59.75 -63.82
C ILE MA 27 -57.42 60.96 -63.92
N PHE MA 28 -58.60 60.77 -64.50
CA PHE MA 28 -59.51 61.87 -64.71
C PHE MA 28 -60.87 61.35 -65.13
N LYS MA 29 -61.92 62.09 -64.76
CA LYS MA 29 -63.28 61.82 -65.19
C LYS MA 29 -63.94 63.16 -65.47
N ARG MA 30 -64.86 63.16 -66.42
CA ARG MA 30 -65.54 64.39 -66.84
C ARG MA 30 -67.04 64.15 -66.92
N PHE MA 31 -67.73 64.36 -65.80
CA PHE MA 31 -69.17 64.32 -65.78
C PHE MA 31 -69.74 65.52 -66.53
N ARG MA 32 -71.03 65.42 -66.87
CA ARG MA 32 -71.63 66.38 -67.78
C ARG MA 32 -72.20 67.60 -67.06
N SER MA 33 -73.16 67.38 -66.18
CA SER MA 33 -73.98 68.47 -65.63
C SER MA 33 -74.19 68.29 -64.13
N ASP MA 34 -73.08 68.14 -63.39
CA ASP MA 34 -73.13 68.00 -61.92
C ASP MA 34 -73.87 66.72 -61.52
N ASP MA 35 -73.22 65.59 -61.83
CA ASP MA 35 -73.68 64.27 -61.42
C ASP MA 35 -73.95 64.20 -59.92
N ASN MA 36 -74.73 63.21 -59.51
CA ASN MA 36 -75.21 63.09 -58.14
C ASN MA 36 -74.34 62.19 -57.27
N ASN MA 37 -73.25 61.66 -57.81
CA ASN MA 37 -72.42 60.72 -57.06
C ASN MA 37 -71.23 61.38 -56.38
N LEU MA 38 -71.20 62.71 -56.34
CA LEU MA 38 -70.16 63.43 -55.63
C LEU MA 38 -70.67 64.15 -54.40
N TYR MA 39 -71.89 63.85 -53.96
CA TYR MA 39 -72.42 64.42 -52.73
C TYR MA 39 -72.43 63.43 -51.57
N GLY MA 40 -72.02 62.18 -51.81
CA GLY MA 40 -71.91 61.19 -50.76
C GLY MA 40 -70.49 61.16 -50.21
N ALA MA 41 -70.39 60.94 -48.91
CA ALA MA 41 -69.09 60.91 -48.24
C ALA MA 41 -69.09 59.81 -47.20
N GLU MA 42 -68.04 59.01 -47.20
CA GLU MA 42 -67.86 58.00 -46.17
C GLU MA 42 -66.49 58.18 -45.53
N PHE MA 43 -66.37 57.64 -44.32
CA PHE MA 43 -65.13 57.76 -43.57
C PHE MA 43 -65.06 56.62 -42.58
N ASP MA 44 -63.87 56.04 -42.45
CA ASP MA 44 -63.64 54.97 -41.48
C ASP MA 44 -62.94 55.55 -40.27
N ALA MA 45 -63.48 55.27 -39.09
CA ALA MA 45 -63.01 55.85 -37.86
C ALA MA 45 -62.78 54.78 -36.80
N LEU MA 46 -61.66 54.89 -36.10
CA LEU MA 46 -61.46 54.10 -34.90
C LEU MA 46 -62.18 54.77 -33.74
N LEU MA 47 -62.54 53.96 -32.74
CA LEU MA 47 -63.42 54.44 -31.70
C LEU MA 47 -62.76 54.42 -30.33
N GLY MA 48 -61.53 54.89 -30.24
CA GLY MA 48 -60.90 55.07 -28.95
C GLY MA 48 -59.91 53.99 -28.59
N THR MA 49 -58.73 54.40 -28.15
CA THR MA 49 -57.71 53.47 -27.74
C THR MA 49 -57.98 52.95 -26.34
N TYR MA 50 -57.17 51.98 -25.91
CA TYR MA 50 -57.31 51.40 -24.58
C TYR MA 50 -55.93 50.91 -24.16
N CYS MA 51 -55.28 51.65 -23.28
CA CYS MA 51 -53.94 51.31 -22.82
C CYS MA 51 -54.04 50.39 -21.60
N SER MA 52 -52.94 50.20 -20.89
CA SER MA 52 -52.91 49.35 -19.71
C SER MA 52 -51.82 49.82 -18.77
N THR MA 53 -52.15 49.83 -17.48
CA THR MA 53 -51.20 50.25 -16.46
C THR MA 53 -50.39 49.05 -15.98
N LEU MA 54 -49.68 49.22 -14.87
CA LEU MA 54 -48.90 48.13 -14.28
C LEU MA 54 -48.96 48.27 -12.76
N SER MA 55 -49.48 47.25 -12.10
CA SER MA 55 -49.60 47.26 -10.65
C SER MA 55 -48.24 46.95 -10.04
N LEU MA 56 -47.61 47.96 -9.46
CA LEU MA 56 -46.34 47.73 -8.78
C LEU MA 56 -46.57 46.94 -7.51
N VAL MA 57 -45.52 46.28 -7.04
CA VAL MA 57 -45.55 45.49 -5.82
C VAL MA 57 -44.29 45.76 -5.01
N ARG MA 58 -44.43 45.83 -3.70
CA ARG MA 58 -43.30 45.99 -2.80
C ARG MA 58 -43.16 44.74 -1.96
N PHE MA 59 -41.94 44.24 -1.84
CA PHE MA 59 -41.74 42.99 -1.12
C PHE MA 59 -42.04 43.15 0.35
N LEU MA 60 -41.71 44.29 0.94
CA LEU MA 60 -41.92 44.48 2.36
C LEU MA 60 -43.40 44.56 2.71
N GLU MA 61 -44.23 45.03 1.77
CA GLU MA 61 -45.65 45.17 2.05
C GLU MA 61 -46.39 43.84 1.98
N LEU MA 62 -45.75 42.78 1.52
CA LEU MA 62 -46.36 41.46 1.57
C LEU MA 62 -46.25 40.90 2.98
N GLY MA 63 -46.90 39.77 3.21
CA GLY MA 63 -46.77 39.12 4.49
C GLY MA 63 -45.56 38.21 4.52
N LEU MA 64 -45.11 37.80 3.34
CA LEU MA 64 -43.98 36.88 3.24
C LEU MA 64 -42.70 37.48 3.81
N SER MA 65 -42.63 38.80 3.96
CA SER MA 65 -41.40 39.43 4.43
C SER MA 65 -40.99 38.90 5.80
N VAL MA 66 -41.98 38.60 6.65
CA VAL MA 66 -41.69 38.25 8.03
C VAL MA 66 -41.00 36.90 8.10
N ALA MA 67 -40.85 36.25 6.94
CA ALA MA 67 -40.15 34.97 6.92
C ALA MA 67 -38.64 35.12 7.02
N CYS MA 68 -38.09 36.27 6.67
CA CYS MA 68 -36.65 36.43 6.60
C CYS MA 68 -36.24 37.84 6.97
N VAL MA 69 -35.15 37.95 7.71
CA VAL MA 69 -34.51 39.24 7.94
C VAL MA 69 -33.67 39.56 6.73
N CYS MA 70 -33.66 40.83 6.32
CA CYS MA 70 -32.94 41.24 5.14
C CYS MA 70 -32.07 42.44 5.48
N THR MA 71 -30.80 42.37 5.08
CA THR MA 71 -29.86 43.47 5.30
C THR MA 71 -29.09 43.70 4.01
N LYS MA 72 -29.11 44.92 3.50
CA LYS MA 72 -28.29 45.22 2.34
C LYS MA 72 -26.81 45.14 2.72
N PHE MA 73 -25.99 44.81 1.73
CA PHE MA 73 -24.58 44.50 1.97
C PHE MA 73 -23.82 44.80 0.68
N PRO MA 74 -23.56 46.06 0.40
CA PRO MA 74 -23.10 46.43 -0.95
C PRO MA 74 -21.70 45.93 -1.29
N GLU MA 75 -21.11 45.10 -0.45
CA GLU MA 75 -19.79 44.54 -0.72
C GLU MA 75 -19.86 43.04 -1.01
N LEU MA 76 -21.05 42.51 -1.27
CA LEU MA 76 -21.20 41.06 -1.33
C LEU MA 76 -20.35 40.41 -2.41
N SER MA 77 -19.95 41.14 -3.44
CA SER MA 77 -19.12 40.55 -4.47
C SER MA 77 -17.65 40.51 -4.11
N TYR MA 78 -17.31 40.74 -2.84
CA TYR MA 78 -15.91 40.75 -2.42
C TYR MA 78 -15.60 39.69 -1.38
N VAL MA 79 -16.54 38.82 -1.05
CA VAL MA 79 -16.40 37.92 0.09
C VAL MA 79 -16.09 36.52 -0.40
N ALA MA 80 -15.18 35.86 0.32
CA ALA MA 80 -15.05 34.41 0.29
C ALA MA 80 -16.13 33.82 1.18
N GLU MA 81 -15.98 32.56 1.57
CA GLU MA 81 -17.08 31.88 2.26
C GLU MA 81 -17.48 32.55 3.57
N GLY MA 82 -18.61 33.24 3.56
CA GLY MA 82 -19.13 33.81 4.78
C GLY MA 82 -19.75 32.75 5.67
N THR MA 83 -19.55 32.91 6.98
CA THR MA 83 -19.99 31.92 7.96
C THR MA 83 -20.75 32.61 9.08
N ILE MA 84 -21.51 31.81 9.82
CA ILE MA 84 -22.08 32.23 11.09
C ILE MA 84 -21.88 31.09 12.07
N GLN MA 85 -21.78 31.44 13.35
CA GLN MA 85 -21.46 30.46 14.37
C GLN MA 85 -22.59 30.34 15.38
N PHE MA 86 -22.73 29.15 15.94
CA PHE MA 86 -23.59 28.91 17.08
C PHE MA 86 -22.75 28.38 18.24
N GLU MA 87 -23.27 28.55 19.44
CA GLU MA 87 -22.57 28.10 20.63
C GLU MA 87 -23.65 27.75 21.65
N VAL MA 88 -24.05 26.48 21.66
CA VAL MA 88 -25.18 26.06 22.46
C VAL MA 88 -24.67 25.09 23.53
N GLN MA 89 -25.48 24.90 24.56
CA GLN MA 89 -25.07 24.12 25.72
C GLN MA 89 -26.30 23.48 26.34
N GLN MA 90 -26.27 22.16 26.45
CA GLN MA 90 -27.43 21.42 26.93
C GLN MA 90 -27.52 21.46 28.45
N PRO MA 91 -28.72 21.33 28.99
CA PRO MA 91 -28.86 21.16 30.44
C PRO MA 91 -28.46 19.76 30.84
N MET MA 92 -28.65 19.40 32.11
CA MET MA 92 -28.38 18.04 32.53
C MET MA 92 -29.01 17.81 33.89
N ILE MA 93 -29.33 16.56 34.18
CA ILE MA 93 -29.95 16.19 35.45
C ILE MA 93 -29.04 15.22 36.18
N ALA MA 94 -29.04 15.33 37.51
CA ALA MA 94 -28.08 14.61 38.34
C ALA MA 94 -28.55 13.18 38.56
N ARG MA 95 -27.84 12.23 37.98
CA ARG MA 95 -28.12 10.82 38.19
C ARG MA 95 -27.70 10.41 39.59
N ASP MA 96 -28.07 9.19 39.97
CA ASP MA 96 -27.54 8.56 41.18
C ASP MA 96 -26.98 7.20 40.85
N GLY MA 97 -26.62 6.41 41.85
CA GLY MA 97 -26.15 5.07 41.62
C GLY MA 97 -24.66 5.02 41.38
N PRO MA 98 -24.13 3.80 41.26
CA PRO MA 98 -22.68 3.63 41.14
C PRO MA 98 -22.09 4.07 39.82
N HIS MA 99 -22.91 4.38 38.83
CA HIS MA 99 -22.37 4.89 37.57
C HIS MA 99 -21.81 6.29 37.78
N PRO MA 100 -20.68 6.61 37.16
CA PRO MA 100 -20.09 7.93 37.35
C PRO MA 100 -21.02 9.03 36.86
N ALA MA 101 -20.84 10.22 37.39
CA ALA MA 101 -21.66 11.35 36.98
C ALA MA 101 -21.16 11.89 35.64
N ASP MA 102 -22.02 12.68 35.00
CA ASP MA 102 -21.75 13.21 33.68
C ASP MA 102 -21.56 14.72 33.75
N GLN MA 103 -20.45 15.20 33.20
CA GLN MA 103 -20.25 16.63 33.10
C GLN MA 103 -21.21 17.22 32.07
N PRO MA 104 -21.38 18.53 32.05
CA PRO MA 104 -22.18 19.15 30.99
C PRO MA 104 -21.53 18.97 29.63
N VAL MA 105 -22.14 19.49 28.57
CA VAL MA 105 -21.61 19.33 27.23
C VAL MA 105 -21.71 20.66 26.49
N HIS MA 106 -20.58 21.28 26.21
CA HIS MA 106 -20.56 22.39 25.29
C HIS MA 106 -20.36 21.87 23.87
N ASN MA 107 -20.80 22.65 22.90
CA ASN MA 107 -20.50 22.32 21.50
C ASN MA 107 -20.60 23.56 20.64
N TYR MA 108 -19.78 23.60 19.60
CA TYR MA 108 -19.77 24.69 18.64
C TYR MA 108 -20.01 24.14 17.25
N MET MA 109 -20.70 24.93 16.43
CA MET MA 109 -20.95 24.55 15.05
C MET MA 109 -21.10 25.82 14.22
N ILE MA 110 -20.74 25.72 12.95
CA ILE MA 110 -20.79 26.85 12.04
C ILE MA 110 -21.51 26.44 10.76
N LYS MA 111 -22.19 27.40 10.14
CA LYS MA 111 -22.86 27.21 8.87
C LYS MA 111 -22.22 28.12 7.83
N ARG MA 112 -22.30 27.70 6.57
CA ARG MA 112 -21.69 28.44 5.48
C ARG MA 112 -22.76 29.13 4.64
N LEU MA 113 -22.35 30.21 3.99
CA LEU MA 113 -23.28 30.95 3.15
C LEU MA 113 -23.60 30.15 1.89
N ASP MA 114 -24.78 30.44 1.33
CA ASP MA 114 -25.16 29.96 0.01
C ASP MA 114 -25.45 31.16 -0.87
N ARG MA 115 -24.97 31.12 -2.11
CA ARG MA 115 -24.93 32.31 -2.95
C ARG MA 115 -25.78 32.13 -4.20
N ARG MA 116 -26.57 33.14 -4.51
CA ARG MA 116 -27.47 33.13 -5.64
C ARG MA 116 -27.38 34.48 -6.35
N SER MA 117 -28.24 34.68 -7.33
CA SER MA 117 -28.25 35.91 -8.11
C SER MA 117 -29.53 35.99 -8.91
N LEU MA 118 -29.87 37.20 -9.35
CA LEU MA 118 -30.99 37.47 -10.23
C LEU MA 118 -30.51 38.22 -11.46
N ASN MA 119 -31.35 38.28 -12.47
CA ASN MA 119 -31.01 39.04 -13.68
C ASN MA 119 -32.27 39.23 -14.51
N ALA MA 120 -32.16 40.13 -15.49
CA ALA MA 120 -33.28 40.44 -16.38
C ALA MA 120 -32.73 41.16 -17.60
N ALA MA 121 -33.51 41.15 -18.67
CA ALA MA 121 -33.10 41.71 -19.95
C ALA MA 121 -33.81 43.04 -20.21
N PHE MA 122 -33.20 43.85 -21.07
CA PHE MA 122 -33.66 45.22 -21.27
C PHE MA 122 -33.50 45.67 -22.73
N SER MA 123 -33.63 44.75 -23.69
CA SER MA 123 -33.25 45.06 -25.06
C SER MA 123 -34.07 46.22 -25.63
N ILE MA 124 -33.37 47.15 -26.30
CA ILE MA 124 -34.00 48.24 -27.03
C ILE MA 124 -33.51 48.21 -28.47
N ALA MA 125 -34.35 48.69 -29.38
CA ALA MA 125 -34.10 48.56 -30.81
C ALA MA 125 -33.12 49.62 -31.28
N VAL MA 126 -32.87 49.63 -32.59
CA VAL MA 126 -31.89 50.52 -33.19
C VAL MA 126 -32.56 51.72 -33.85
N GLU MA 127 -33.72 51.52 -34.49
CA GLU MA 127 -34.45 52.61 -35.11
C GLU MA 127 -34.74 53.73 -34.12
N ALA MA 128 -34.78 53.42 -32.82
CA ALA MA 128 -34.94 54.44 -31.79
C ALA MA 128 -33.62 54.79 -31.11
N LEU MA 129 -32.62 53.91 -31.16
CA LEU MA 129 -31.29 54.31 -30.74
C LEU MA 129 -30.77 55.44 -31.60
N GLY MA 130 -31.24 55.52 -32.85
CA GLY MA 130 -30.87 56.62 -33.72
C GLY MA 130 -31.50 57.94 -33.32
N LEU MA 131 -32.63 57.90 -32.61
CA LEU MA 131 -33.33 59.13 -32.23
C LEU MA 131 -33.08 59.54 -30.79
N ILE MA 132 -32.73 58.61 -29.92
CA ILE MA 132 -32.52 58.96 -28.52
C ILE MA 132 -31.19 59.68 -28.34
N SER MA 133 -30.16 59.22 -29.03
CA SER MA 133 -28.81 59.74 -28.82
C SER MA 133 -28.66 61.14 -29.37
N GLY MA 134 -29.26 61.41 -30.52
CA GLY MA 134 -29.06 62.67 -31.21
C GLY MA 134 -28.24 62.57 -32.47
N GLU MA 135 -28.03 61.37 -32.99
CA GLU MA 135 -27.28 61.18 -34.23
C GLU MA 135 -28.19 61.30 -35.45
N ASN MA 136 -29.24 60.47 -35.51
CA ASN MA 136 -30.13 60.44 -36.64
C ASN MA 136 -31.27 61.44 -36.52
N LEU MA 137 -31.15 62.42 -35.62
CA LEU MA 137 -32.18 63.43 -35.51
C LEU MA 137 -32.18 64.34 -36.73
N ASP MA 138 -33.21 65.17 -36.82
CA ASP MA 138 -33.30 66.23 -37.81
C ASP MA 138 -34.15 67.36 -37.24
N GLY MA 139 -33.89 68.57 -37.69
CA GLY MA 139 -34.67 69.68 -37.19
C GLY MA 139 -35.94 69.86 -37.97
N THR MA 140 -37.02 69.26 -37.48
CA THR MA 140 -38.33 69.32 -38.09
C THR MA 140 -39.36 69.48 -36.98
N HIS MA 141 -40.62 69.26 -37.31
CA HIS MA 141 -41.67 69.16 -36.32
C HIS MA 141 -42.22 67.75 -36.22
N ILE MA 142 -41.69 66.82 -37.02
CA ILE MA 142 -42.15 65.44 -37.00
C ILE MA 142 -41.15 64.49 -36.35
N SER MA 143 -39.85 64.74 -36.50
CA SER MA 143 -38.87 63.90 -35.82
C SER MA 143 -38.92 64.09 -34.32
N SER MA 144 -39.22 65.30 -33.86
CA SER MA 144 -39.37 65.52 -32.43
C SER MA 144 -40.44 64.60 -31.84
N ALA MA 145 -41.55 64.42 -32.57
CA ALA MA 145 -42.60 63.55 -32.07
C ALA MA 145 -42.10 62.12 -31.92
N MET MA 146 -41.34 61.63 -32.90
CA MET MA 146 -40.82 60.28 -32.80
C MET MA 146 -39.80 60.14 -31.68
N ARG MA 147 -39.00 61.19 -31.43
CA ARG MA 147 -38.08 61.13 -30.31
C ARG MA 147 -38.82 61.11 -28.98
N LEU MA 148 -39.88 61.89 -28.87
CA LEU MA 148 -40.73 61.81 -27.68
C LEU MA 148 -41.27 60.41 -27.51
N ARG MA 149 -41.73 59.79 -28.60
CA ARG MA 149 -42.24 58.43 -28.52
C ARG MA 149 -41.16 57.46 -28.06
N ALA MA 150 -39.94 57.61 -28.56
CA ALA MA 150 -38.86 56.70 -28.19
C ALA MA 150 -38.49 56.84 -26.73
N ILE MA 151 -38.39 58.08 -26.25
CA ILE MA 151 -38.10 58.28 -24.83
C ILE MA 151 -39.20 57.70 -23.97
N GLN MA 152 -40.46 57.89 -24.39
CA GLN MA 152 -41.58 57.33 -23.64
C GLN MA 152 -41.51 55.82 -23.58
N GLN MA 153 -41.17 55.18 -24.71
CA GLN MA 153 -41.08 53.73 -24.74
C GLN MA 153 -39.97 53.24 -23.84
N LEU MA 154 -38.80 53.88 -23.91
CA LEU MA 154 -37.69 53.48 -23.06
C LEU MA 154 -38.05 53.62 -21.59
N ALA MA 155 -38.75 54.69 -21.24
CA ALA MA 155 -39.14 54.89 -19.84
C ALA MA 155 -40.12 53.81 -19.40
N ARG MA 156 -41.14 53.55 -20.21
CA ARG MA 156 -42.13 52.54 -19.85
C ARG MA 156 -41.53 51.14 -19.84
N ASN MA 157 -40.40 50.94 -20.51
CA ASN MA 157 -39.76 49.63 -20.49
C ASN MA 157 -38.87 49.47 -19.25
N VAL MA 158 -38.04 50.48 -18.96
CA VAL MA 158 -37.20 50.39 -17.78
C VAL MA 158 -38.06 50.37 -16.52
N GLN MA 159 -39.23 51.03 -16.56
CA GLN MA 159 -40.11 51.00 -15.40
C GLN MA 159 -40.62 49.60 -15.13
N ALA MA 160 -40.85 48.82 -16.18
CA ALA MA 160 -41.28 47.43 -15.99
C ALA MA 160 -40.11 46.55 -15.58
N VAL MA 161 -38.91 46.83 -16.07
CA VAL MA 161 -37.75 46.03 -15.69
C VAL MA 161 -37.45 46.22 -14.21
N LEU MA 162 -37.33 47.47 -13.77
CA LEU MA 162 -37.05 47.75 -12.36
C LEU MA 162 -38.10 47.16 -11.45
N ASP MA 163 -39.27 46.80 -11.98
CA ASP MA 163 -40.29 46.14 -11.18
C ASP MA 163 -39.94 44.67 -10.96
N SER MA 164 -39.15 44.09 -11.85
CA SER MA 164 -38.91 42.65 -11.75
C SER MA 164 -38.09 42.26 -10.53
N PHE MA 165 -37.32 43.18 -9.98
CA PHE MA 165 -36.40 42.82 -8.90
C PHE MA 165 -37.06 42.79 -7.53
N GLU MA 166 -38.38 42.89 -7.45
CA GLU MA 166 -39.08 42.59 -6.21
C GLU MA 166 -39.94 41.35 -6.30
N ARG MA 167 -40.65 41.16 -7.42
CA ARG MA 167 -41.20 39.84 -7.70
C ARG MA 167 -40.13 38.78 -7.67
N GLY MA 168 -38.91 39.13 -8.09
CA GLY MA 168 -37.82 38.18 -8.03
C GLY MA 168 -37.51 37.75 -6.61
N THR MA 169 -37.46 38.69 -5.68
CA THR MA 169 -37.24 38.33 -4.29
C THR MA 169 -38.41 37.54 -3.74
N ALA MA 170 -39.63 37.92 -4.12
CA ALA MA 170 -40.80 37.17 -3.69
C ALA MA 170 -40.69 35.72 -4.12
N ASP MA 171 -40.20 35.48 -5.33
CA ASP MA 171 -40.06 34.12 -5.81
C ASP MA 171 -38.89 33.42 -5.14
N GLN MA 172 -37.79 34.14 -4.90
CA GLN MA 172 -36.61 33.52 -4.31
C GLN MA 172 -36.90 33.04 -2.91
N MET MA 173 -37.70 33.79 -2.15
CA MET MA 173 -37.97 33.38 -0.77
C MET MA 173 -38.75 32.07 -0.75
N LEU MA 174 -39.70 31.91 -1.66
CA LEU MA 174 -40.44 30.65 -1.72
C LEU MA 174 -39.58 29.52 -2.27
N ARG MA 175 -38.67 29.83 -3.20
CA ARG MA 175 -37.80 28.81 -3.73
C ARG MA 175 -36.87 28.28 -2.66
N VAL MA 176 -36.28 29.16 -1.86
CA VAL MA 176 -35.32 28.72 -0.86
C VAL MA 176 -36.02 28.15 0.36
N LEU MA 177 -37.20 28.66 0.72
CA LEU MA 177 -37.95 28.07 1.82
C LEU MA 177 -38.60 26.75 1.44
N MET MA 178 -38.36 26.27 0.23
CA MET MA 178 -38.88 24.97 -0.20
C MET MA 178 -37.81 23.91 -0.29
N GLU MA 179 -36.54 24.29 -0.37
CA GLU MA 179 -35.45 23.32 -0.33
C GLU MA 179 -35.03 23.00 1.10
N LYS MA 180 -35.64 23.63 2.09
CA LYS MA 180 -35.38 23.31 3.48
C LYS MA 180 -36.48 22.49 4.12
N ALA MA 181 -37.72 22.71 3.74
CA ALA MA 181 -38.85 22.19 4.49
C ALA MA 181 -38.97 20.68 4.31
N PRO MA 182 -38.81 19.89 5.36
CA PRO MA 182 -39.17 18.49 5.28
C PRO MA 182 -40.67 18.34 5.33
N PRO MA 183 -41.21 17.24 4.81
CA PRO MA 183 -42.66 17.04 4.90
C PRO MA 183 -43.08 16.87 6.34
N LEU MA 184 -44.34 17.22 6.61
CA LEU MA 184 -44.83 17.15 7.99
C LEU MA 184 -44.92 15.72 8.47
N SER MA 185 -45.40 14.81 7.61
CA SER MA 185 -45.62 13.44 8.03
C SER MA 185 -44.34 12.79 8.51
N LEU MA 186 -43.24 13.01 7.81
CA LEU MA 186 -41.97 12.45 8.24
C LEU MA 186 -41.37 13.15 9.45
N LEU MA 187 -41.99 14.22 9.93
CA LEU MA 187 -41.39 15.03 10.99
C LEU MA 187 -42.11 14.93 12.32
N ALA MA 188 -43.44 14.88 12.34
CA ALA MA 188 -44.15 14.77 13.60
C ALA MA 188 -43.70 13.56 14.42
N PRO MA 189 -43.71 12.33 13.91
CA PRO MA 189 -43.23 11.21 14.71
C PRO MA 189 -41.72 11.11 14.83
N PHE MA 190 -40.99 12.09 14.31
CA PHE MA 190 -39.54 12.07 14.45
C PHE MA 190 -39.10 12.75 15.73
N THR MA 191 -39.64 13.94 16.01
CA THR MA 191 -39.29 14.61 17.26
C THR MA 191 -39.86 13.89 18.47
N LEU MA 192 -40.84 13.02 18.28
CA LEU MA 192 -41.42 12.30 19.41
C LEU MA 192 -40.44 11.29 19.98
N TYR MA 193 -39.61 10.69 19.13
CA TYR MA 193 -38.65 9.67 19.55
C TYR MA 193 -37.27 10.24 19.81
N GLU MA 194 -37.20 11.50 20.24
CA GLU MA 194 -35.91 12.12 20.48
C GLU MA 194 -35.21 11.44 21.66
N GLY MA 195 -33.90 11.69 21.74
CA GLY MA 195 -33.13 11.17 22.85
C GLY MA 195 -33.17 9.67 23.00
N ARG MA 196 -33.39 8.94 21.91
CA ARG MA 196 -33.41 7.48 21.94
C ARG MA 196 -32.67 6.83 20.79
N LEU MA 197 -32.25 7.57 19.77
CA LEU MA 197 -31.72 6.96 18.56
C LEU MA 197 -30.27 6.53 18.75
N ALA MA 198 -29.99 5.79 19.81
CA ALA MA 198 -28.66 5.24 20.05
C ALA MA 198 -28.61 3.74 19.81
N ASP MA 199 -29.57 3.00 20.35
CA ASP MA 199 -29.69 1.59 20.04
C ASP MA 199 -30.42 1.40 18.72
N ARG MA 200 -30.28 0.21 18.15
CA ARG MA 200 -30.96 -0.06 16.88
C ARG MA 200 -32.45 -0.32 17.05
N VAL MA 201 -32.87 -0.77 18.23
CA VAL MA 201 -34.27 -1.14 18.42
C VAL MA 201 -35.18 0.08 18.27
N ALA MA 202 -34.83 1.18 18.91
CA ALA MA 202 -35.67 2.38 18.81
C ALA MA 202 -35.70 2.92 17.39
N CYS MA 203 -34.56 2.88 16.69
CA CYS MA 203 -34.55 3.33 15.31
C CYS MA 203 -35.45 2.45 14.44
N ALA MA 204 -35.46 1.14 14.72
CA ALA MA 204 -36.33 0.25 13.95
C ALA MA 204 -37.79 0.56 14.21
N ALA MA 205 -38.17 0.72 15.47
CA ALA MA 205 -39.55 1.11 15.77
C ALA MA 205 -39.91 2.41 15.08
N LEU MA 206 -38.98 3.37 15.06
CA LEU MA 206 -39.26 4.65 14.44
C LEU MA 206 -39.49 4.50 12.95
N VAL MA 207 -38.65 3.74 12.26
CA VAL MA 207 -38.81 3.65 10.81
C VAL MA 207 -40.09 2.91 10.45
N SER MA 208 -40.47 1.91 11.25
CA SER MA 208 -41.77 1.29 11.01
C SER MA 208 -42.90 2.28 11.21
N GLU MA 209 -42.79 3.11 12.25
CA GLU MA 209 -43.81 4.13 12.48
C GLU MA 209 -43.91 5.08 11.29
N LEU MA 210 -42.77 5.46 10.73
CA LEU MA 210 -42.79 6.34 9.56
C LEU MA 210 -43.50 5.67 8.39
N LYS MA 211 -43.14 4.41 8.11
CA LYS MA 211 -43.80 3.68 7.03
C LYS MA 211 -45.29 3.70 7.20
N ARG MA 212 -45.77 3.56 8.44
CA ARG MA 212 -47.21 3.58 8.64
C ARG MA 212 -47.79 4.99 8.49
N ARG MA 213 -47.04 6.00 8.91
CA ARG MA 213 -47.61 7.35 8.93
C ARG MA 213 -47.62 7.99 7.56
N VAL MA 214 -46.77 7.56 6.64
CA VAL MA 214 -46.68 8.27 5.37
C VAL MA 214 -47.83 7.94 4.43
N ARG MA 215 -48.49 6.79 4.59
CA ARG MA 215 -49.55 6.41 3.67
C ARG MA 215 -50.95 6.69 4.21
N ASP MA 216 -51.06 7.31 5.37
CA ASP MA 216 -52.35 7.68 5.95
C ASP MA 216 -52.48 9.14 6.31
N ASP MA 217 -51.37 9.87 6.43
CA ASP MA 217 -51.35 11.29 6.76
C ASP MA 217 -50.57 12.05 5.70
N THR MA 218 -50.88 11.77 4.43
CA THR MA 218 -50.24 12.44 3.33
C THR MA 218 -51.21 13.30 2.54
N PHE MA 219 -52.49 13.29 2.89
CA PHE MA 219 -53.48 14.15 2.26
C PHE MA 219 -54.54 14.44 3.31
N PHE MA 220 -54.64 15.68 3.75
CA PHE MA 220 -55.77 16.09 4.57
C PHE MA 220 -56.63 17.07 3.79
N LEU MA 221 -57.79 17.39 4.36
CA LEU MA 221 -58.83 18.20 3.76
C LEU MA 221 -59.24 17.71 2.37
N THR MA 222 -58.86 16.50 2.01
CA THR MA 222 -59.44 15.87 0.83
C THR MA 222 -59.95 14.48 1.11
N LYS MA 223 -59.25 13.71 1.94
CA LYS MA 223 -59.73 12.43 2.42
C LYS MA 223 -60.37 12.53 3.80
N HIS MA 224 -60.18 13.64 4.50
CA HIS MA 224 -60.90 13.94 5.73
C HIS MA 224 -61.61 15.26 5.50
N GLU MA 225 -62.77 15.20 4.86
CA GLU MA 225 -63.58 16.37 4.59
C GLU MA 225 -64.88 16.40 5.38
N ARG MA 226 -65.38 15.24 5.81
CA ARG MA 226 -66.55 15.22 6.66
C ARG MA 226 -66.24 15.74 8.06
N ASN MA 227 -65.04 15.50 8.57
CA ASN MA 227 -64.67 15.97 9.90
C ASN MA 227 -64.29 17.44 9.86
N LYS MA 228 -64.26 18.05 11.03
CA LYS MA 228 -63.87 19.44 11.21
C LYS MA 228 -62.73 19.62 12.19
N ASP MA 229 -62.71 18.84 13.27
CA ASP MA 229 -61.65 18.98 14.26
C ASP MA 229 -60.36 18.34 13.78
N ALA MA 230 -60.43 17.32 12.92
CA ALA MA 230 -59.22 16.68 12.45
C ALA MA 230 -58.35 17.66 11.66
N VAL MA 231 -58.99 18.49 10.83
CA VAL MA 231 -58.24 19.47 10.05
C VAL MA 231 -57.55 20.47 10.96
N LEU MA 232 -58.29 20.99 11.93
CA LEU MA 232 -57.70 21.94 12.88
C LEU MA 232 -56.54 21.31 13.61
N ASP MA 233 -56.70 20.07 14.05
CA ASP MA 233 -55.63 19.41 14.80
C ASP MA 233 -54.40 19.21 13.93
N ARG MA 234 -54.59 18.84 12.67
CA ARG MA 234 -53.45 18.68 11.78
C ARG MA 234 -52.74 20.02 11.57
N LEU MA 235 -53.50 21.09 11.38
CA LEU MA 235 -52.87 22.39 11.17
C LEU MA 235 -52.12 22.85 12.42
N SER MA 236 -52.69 22.63 13.59
CA SER MA 236 -52.02 23.04 14.82
C SER MA 236 -50.76 22.20 15.06
N ASP MA 237 -50.81 20.92 14.75
CA ASP MA 237 -49.61 20.09 14.88
C ASP MA 237 -48.56 20.50 13.86
N LEU MA 238 -48.98 21.00 12.71
CA LEU MA 238 -48.03 21.55 11.75
C LEU MA 238 -47.34 22.78 12.31
N VAL MA 239 -48.12 23.69 12.89
CA VAL MA 239 -47.55 24.94 13.36
C VAL MA 239 -46.64 24.72 14.56
N ASN MA 240 -47.03 23.84 15.48
CA ASN MA 240 -46.25 23.68 16.69
C ASN MA 240 -45.04 22.77 16.54
N CYS MA 241 -44.89 22.10 15.39
CA CYS MA 241 -43.85 21.08 15.28
C CYS MA 241 -42.46 21.69 15.18
N THR MA 242 -42.36 22.88 14.59
CA THR MA 242 -41.05 23.49 14.38
C THR MA 242 -40.69 24.43 15.53
N ALA MA 243 -39.42 24.81 15.58
CA ALA MA 243 -38.89 25.53 16.72
C ALA MA 243 -38.49 26.95 16.35
N PRO MA 244 -38.69 27.92 17.24
CA PRO MA 244 -38.38 29.31 16.90
C PRO MA 244 -36.88 29.55 16.81
N SER MA 245 -36.51 30.51 15.97
CA SER MA 245 -35.12 30.87 15.74
C SER MA 245 -34.72 32.04 16.64
N VAL MA 246 -33.58 32.66 16.34
CA VAL MA 246 -33.08 33.78 17.12
C VAL MA 246 -34.07 34.94 17.12
N ALA MA 247 -33.96 35.78 18.14
CA ALA MA 247 -34.77 36.99 18.27
C ALA MA 247 -33.91 38.18 17.87
N VAL MA 248 -34.33 38.88 16.82
CA VAL MA 248 -33.73 40.14 16.43
C VAL MA 248 -34.72 41.25 16.73
N ALA MA 249 -34.25 42.31 17.37
CA ALA MA 249 -35.12 43.36 17.87
C ALA MA 249 -35.60 44.29 16.78
N ARG MA 250 -35.43 43.94 15.52
CA ARG MA 250 -35.73 44.84 14.41
C ARG MA 250 -36.96 44.45 13.61
N MET MA 251 -37.51 43.25 13.83
CA MET MA 251 -38.66 42.82 13.06
C MET MA 251 -39.92 43.58 13.47
N THR MA 252 -40.34 43.42 14.73
CA THR MA 252 -41.48 44.14 15.29
C THR MA 252 -42.72 44.02 14.41
N HIS MA 253 -42.86 42.89 13.71
CA HIS MA 253 -44.13 42.59 13.05
C HIS MA 253 -45.19 42.34 14.10
N ALA MA 254 -46.35 42.96 13.94
CA ALA MA 254 -47.38 42.82 14.94
C ALA MA 254 -48.73 43.19 14.35
N ASP MA 255 -49.77 42.68 15.00
CA ASP MA 255 -51.14 43.08 14.70
C ASP MA 255 -51.32 44.56 15.05
N THR MA 256 -52.30 45.20 14.40
CA THR MA 256 -52.55 46.60 14.64
C THR MA 256 -52.86 46.89 16.11
N GLN MA 257 -53.32 45.87 16.86
CA GLN MA 257 -53.67 46.05 18.26
C GLN MA 257 -52.53 45.68 19.19
N GLY MA 258 -52.09 44.43 19.15
CA GLY MA 258 -51.22 43.91 20.20
C GLY MA 258 -50.07 43.02 19.77
N ARG MA 259 -50.04 41.82 20.35
CA ARG MA 259 -48.93 40.88 20.34
C ARG MA 259 -48.41 40.59 18.94
N PRO MA 260 -47.16 40.14 18.82
CA PRO MA 260 -46.55 39.98 17.50
C PRO MA 260 -47.02 38.71 16.79
N VAL MA 261 -46.82 38.70 15.48
CA VAL MA 261 -47.10 37.53 14.66
C VAL MA 261 -45.93 36.58 14.81
N ASP MA 262 -46.09 35.34 14.37
CA ASP MA 262 -45.07 34.32 14.53
C ASP MA 262 -44.57 33.74 13.22
N GLY MA 263 -45.42 33.62 12.21
CA GLY MA 263 -44.95 33.07 10.95
C GLY MA 263 -45.99 33.25 9.87
N VAL MA 264 -45.68 32.74 8.69
CA VAL MA 264 -46.59 32.79 7.57
C VAL MA 264 -47.12 31.39 7.32
N LEU MA 265 -48.30 31.33 6.72
CA LEU MA 265 -48.90 30.10 6.21
C LEU MA 265 -49.15 30.32 4.74
N VAL MA 266 -48.14 30.16 3.94
CA VAL MA 266 -48.28 30.44 2.52
C VAL MA 266 -48.77 29.18 1.83
N THR MA 267 -49.74 29.34 0.94
CA THR MA 267 -50.39 28.21 0.31
C THR MA 267 -51.06 28.69 -0.96
N THR MA 268 -51.54 27.73 -1.75
CA THR MA 268 -52.16 28.08 -3.01
C THR MA 268 -53.52 28.72 -2.77
N ALA MA 269 -54.05 29.35 -3.83
CA ALA MA 269 -55.29 30.11 -3.70
C ALA MA 269 -56.48 29.18 -3.45
N GLY MA 270 -56.49 28.02 -4.11
CA GLY MA 270 -57.62 27.12 -3.95
C GLY MA 270 -57.83 26.69 -2.51
N VAL MA 271 -56.76 26.24 -1.85
CA VAL MA 271 -56.87 25.80 -0.46
C VAL MA 271 -57.30 26.95 0.43
N ARG MA 272 -56.87 28.17 0.12
CA ARG MA 272 -57.24 29.31 0.94
C ARG MA 272 -58.76 29.45 1.02
N GLN MA 273 -59.45 29.20 -0.09
CA GLN MA 273 -60.90 29.32 -0.08
C GLN MA 273 -61.55 28.21 0.75
N ARG MA 274 -60.92 27.05 0.84
CA ARG MA 274 -61.51 26.04 1.71
C ARG MA 274 -61.18 26.24 3.17
N LEU MA 275 -60.08 26.94 3.47
CA LEU MA 275 -59.72 27.17 4.86
C LEU MA 275 -60.47 28.37 5.44
N LEU MA 276 -60.40 29.51 4.77
CA LEU MA 276 -60.92 30.74 5.34
C LEU MA 276 -62.44 30.78 5.42
N HIS MA 277 -63.13 29.88 4.72
CA HIS MA 277 -64.59 29.96 4.64
C HIS MA 277 -65.31 29.00 5.57
N HIS MA 278 -64.67 27.92 6.00
CA HIS MA 278 -65.36 26.91 6.80
C HIS MA 278 -64.65 26.50 8.08
N VAL MA 279 -63.32 26.63 8.16
CA VAL MA 279 -62.59 26.11 9.31
C VAL MA 279 -61.78 27.15 10.06
N LEU MA 280 -61.48 28.31 9.48
CA LEU MA 280 -60.66 29.32 10.13
C LEU MA 280 -61.40 30.66 10.16
N THR MA 281 -61.23 31.39 11.26
CA THR MA 281 -61.85 32.70 11.43
C THR MA 281 -60.79 33.78 11.34
N LEU MA 282 -61.15 34.90 10.71
CA LEU MA 282 -60.22 35.99 10.56
C LEU MA 282 -59.96 36.65 11.91
N ALA MA 283 -58.69 36.75 12.29
CA ALA MA 283 -58.35 37.43 13.54
C ALA MA 283 -58.33 38.94 13.35
N ASP MA 284 -57.67 39.40 12.29
CA ASP MA 284 -57.64 40.82 11.94
C ASP MA 284 -57.30 40.93 10.47
N THR MA 285 -57.55 42.11 9.91
CA THR MA 285 -57.34 42.36 8.49
C THR MA 285 -56.37 43.52 8.25
N HIS MA 286 -55.59 43.90 9.25
CA HIS MA 286 -54.59 44.95 9.07
C HIS MA 286 -53.43 44.67 10.00
N ALA MA 287 -52.23 45.02 9.55
CA ALA MA 287 -51.02 44.68 10.30
C ALA MA 287 -50.07 45.86 10.28
N ASP MA 288 -48.96 45.70 11.00
CA ASP MA 288 -47.91 46.71 11.07
C ASP MA 288 -46.57 46.06 10.79
N VAL MA 289 -45.83 46.61 9.84
CA VAL MA 289 -44.57 46.03 9.41
C VAL MA 289 -43.51 47.13 9.39
N PRO MA 290 -42.24 46.76 9.44
CA PRO MA 290 -41.18 47.74 9.19
C PRO MA 290 -41.19 48.15 7.72
N VAL MA 291 -40.47 49.23 7.44
CA VAL MA 291 -40.56 49.87 6.13
C VAL MA 291 -39.18 50.08 5.53
N THR MA 292 -38.14 49.53 6.18
CA THR MA 292 -36.80 49.73 5.68
C THR MA 292 -35.90 48.57 6.09
N TYR MA 293 -35.00 48.20 5.17
CA TYR MA 293 -33.99 47.19 5.44
C TYR MA 293 -32.94 47.72 6.41
N GLY MA 294 -32.18 46.80 6.99
CA GLY MA 294 -31.04 47.16 7.79
C GLY MA 294 -29.78 47.17 6.94
N GLU MA 295 -28.74 47.81 7.44
CA GLU MA 295 -27.51 47.95 6.67
C GLU MA 295 -26.36 47.23 7.35
N MET MA 296 -25.36 46.91 6.53
CA MET MA 296 -24.12 46.31 7.04
C MET MA 296 -23.00 46.77 6.11
N VAL MA 297 -22.33 47.83 6.50
CA VAL MA 297 -21.18 48.31 5.74
C VAL MA 297 -19.93 48.03 6.56
N ILE MA 298 -18.80 48.04 5.87
CA ILE MA 298 -17.51 47.93 6.54
C ILE MA 298 -16.89 49.32 6.59
N ALA MA 299 -16.52 49.76 7.80
CA ALA MA 299 -16.07 51.13 7.99
C ALA MA 299 -15.16 51.21 9.20
N ASN MA 300 -14.00 51.84 9.01
CA ASN MA 300 -13.16 52.53 9.99
C ASN MA 300 -12.58 51.62 11.07
N THR MA 301 -13.04 50.38 11.16
CA THR MA 301 -12.23 49.39 11.85
C THR MA 301 -12.16 48.07 11.09
N ASN MA 302 -13.25 47.66 10.45
CA ASN MA 302 -13.20 46.52 9.56
C ASN MA 302 -12.29 46.80 8.37
N LEU MA 303 -12.00 48.07 8.10
CA LEU MA 303 -11.26 48.42 6.90
C LEU MA 303 -9.80 47.97 7.00
N VAL MA 304 -9.13 48.32 8.08
CA VAL MA 304 -7.73 47.92 8.25
C VAL MA 304 -7.61 46.41 8.19
N THR MA 305 -8.51 45.70 8.86
CA THR MA 305 -8.46 44.24 8.85
C THR MA 305 -8.71 43.70 7.45
N ALA MA 306 -9.80 44.12 6.83
CA ALA MA 306 -10.15 43.60 5.52
C ALA MA 306 -9.10 43.91 4.47
N LEU MA 307 -8.22 44.89 4.73
CA LEU MA 307 -7.18 45.20 3.75
C LEU MA 307 -5.85 44.51 4.07
N VAL MA 308 -5.29 44.74 5.25
CA VAL MA 308 -3.96 44.20 5.53
C VAL MA 308 -4.05 42.75 5.97
N MET MA 309 -5.07 42.39 6.74
CA MET MA 309 -5.18 41.07 7.32
C MET MA 309 -5.84 40.08 6.35
N GLY MA 310 -7.03 40.42 5.89
CA GLY MA 310 -7.78 39.56 5.01
C GLY MA 310 -9.06 39.01 5.57
N LYS MA 311 -9.48 39.48 6.73
CA LYS MA 311 -10.71 39.00 7.35
C LYS MA 311 -11.51 40.19 7.87
N ALA MA 312 -12.74 39.90 8.28
CA ALA MA 312 -13.63 40.91 8.84
C ALA MA 312 -14.66 40.19 9.71
N VAL MA 313 -15.31 40.96 10.59
CA VAL MA 313 -16.42 40.44 11.37
C VAL MA 313 -17.55 41.46 11.30
N SER MA 314 -18.72 41.03 11.74
CA SER MA 314 -19.91 41.87 11.63
C SER MA 314 -19.90 42.97 12.69
N ASN MA 315 -19.95 42.59 13.96
CA ASN MA 315 -20.02 43.56 15.05
C ASN MA 315 -18.62 43.91 15.54
N MET MA 316 -17.80 44.42 14.63
CA MET MA 316 -16.44 44.77 15.01
C MET MA 316 -16.40 45.97 15.94
N ASP MA 317 -17.30 46.93 15.74
CA ASP MA 317 -17.33 48.11 16.61
C ASP MA 317 -17.56 47.71 18.06
N ASP MA 318 -18.48 46.78 18.30
CA ASP MA 318 -18.83 46.45 19.68
C ASP MA 318 -17.75 45.60 20.35
N VAL MA 319 -17.18 44.64 19.64
CA VAL MA 319 -16.09 43.88 20.24
C VAL MA 319 -14.89 44.79 20.48
N ALA MA 320 -14.67 45.77 19.61
CA ALA MA 320 -13.60 46.73 19.86
C ALA MA 320 -13.89 47.57 21.09
N ARG MA 321 -15.14 47.99 21.27
CA ARG MA 321 -15.50 48.76 22.45
C ARG MA 321 -15.33 47.95 23.72
N TYR MA 322 -15.64 46.66 23.67
CA TYR MA 322 -15.61 45.85 24.88
C TYR MA 322 -14.21 45.42 25.24
N LEU MA 323 -13.41 45.02 24.25
CA LEU MA 323 -12.12 44.41 24.55
C LEU MA 323 -11.19 45.38 25.26
N LEU MA 324 -11.01 46.57 24.70
CA LEU MA 324 -10.38 47.63 25.45
C LEU MA 324 -11.43 48.32 26.31
N GLY MA 325 -10.96 49.21 27.18
CA GLY MA 325 -11.85 49.90 28.11
C GLY MA 325 -12.97 50.66 27.43
N GLY MA 326 -12.62 51.70 26.66
CA GLY MA 326 -13.62 52.48 25.97
C GLY MA 326 -13.87 53.83 26.60
N GLY MA 337 -39.47 52.77 12.56
CA GLY MA 337 -40.07 53.15 11.29
C GLY MA 337 -41.05 52.12 10.78
N SER MA 338 -42.33 52.30 11.13
CA SER MA 338 -43.37 51.31 10.86
C SER MA 338 -44.35 51.84 9.81
N ALA MA 339 -45.23 50.94 9.40
CA ALA MA 339 -46.29 51.27 8.45
C ALA MA 339 -47.48 50.36 8.74
N ARG MA 340 -48.52 50.49 7.93
CA ARG MA 340 -49.72 49.67 8.09
C ARG MA 340 -50.22 49.27 6.72
N VAL MA 341 -50.33 47.95 6.50
CA VAL MA 341 -50.77 47.43 5.22
C VAL MA 341 -51.96 46.50 5.45
N ARG MA 342 -52.48 45.92 4.37
CA ARG MA 342 -53.59 44.98 4.45
C ARG MA 342 -53.06 43.57 4.36
N ALA MA 343 -53.42 42.73 5.34
CA ALA MA 343 -52.99 41.34 5.38
C ALA MA 343 -54.12 40.52 5.96
N ASP MA 344 -53.81 39.26 6.29
CA ASP MA 344 -54.83 38.32 6.77
C ASP MA 344 -54.22 37.53 7.92
N LEU MA 345 -54.41 38.01 9.13
CA LEU MA 345 -53.94 37.29 10.30
C LEU MA 345 -55.00 36.32 10.77
N VAL MA 346 -54.55 35.18 11.31
CA VAL MA 346 -55.43 34.18 11.88
C VAL MA 346 -54.82 33.69 13.19
N VAL MA 347 -55.54 32.81 13.87
CA VAL MA 347 -55.07 32.21 15.11
C VAL MA 347 -55.20 30.70 14.97
N VAL MA 348 -54.09 30.00 15.09
CA VAL MA 348 -54.03 28.55 14.94
C VAL MA 348 -53.28 27.99 16.12
N GLY MA 349 -53.73 26.84 16.61
CA GLY MA 349 -53.14 26.28 17.81
C GLY MA 349 -53.24 27.27 18.93
N ASP MA 350 -52.11 27.84 19.32
CA ASP MA 350 -52.09 28.95 20.26
C ASP MA 350 -51.29 30.13 19.74
N ARG MA 351 -50.95 30.13 18.45
CA ARG MA 351 -50.13 31.18 17.86
C ARG MA 351 -50.98 32.07 16.97
N LEU MA 352 -50.37 33.18 16.55
CA LEU MA 352 -50.98 34.13 15.63
C LEU MA 352 -50.04 34.29 14.46
N VAL MA 353 -50.53 33.95 13.26
CA VAL MA 353 -49.68 33.86 12.08
C VAL MA 353 -50.33 34.61 10.93
N PHE MA 354 -49.53 34.90 9.92
CA PHE MA 354 -50.06 35.40 8.67
C PHE MA 354 -50.76 34.27 7.92
N LEU MA 355 -51.47 34.64 6.87
CA LEU MA 355 -52.10 33.66 5.98
C LEU MA 355 -52.23 34.32 4.63
N GLU MA 356 -51.41 33.89 3.68
CA GLU MA 356 -51.30 34.58 2.40
C GLU MA 356 -51.38 33.59 1.25
N ALA MA 357 -51.68 34.13 0.07
CA ALA MA 357 -51.63 33.38 -1.17
C ALA MA 357 -51.14 34.33 -2.25
N LEU MA 358 -50.00 34.02 -2.85
CA LEU MA 358 -49.36 34.90 -3.81
C LEU MA 358 -49.64 34.47 -5.24
N GLU MA 359 -50.82 33.93 -5.51
CA GLU MA 359 -51.15 33.52 -6.86
C GLU MA 359 -51.54 34.71 -7.73
N LYS MA 360 -52.15 35.74 -7.13
CA LYS MA 360 -52.66 36.86 -7.90
C LYS MA 360 -51.77 38.09 -7.82
N ARG MA 361 -51.19 38.37 -6.66
CA ARG MA 361 -50.27 39.51 -6.55
C ARG MA 361 -49.03 39.27 -7.40
N VAL MA 362 -48.36 38.16 -7.17
CA VAL MA 362 -47.21 37.76 -7.96
C VAL MA 362 -47.63 36.58 -8.83
N TYR MA 363 -46.81 36.29 -9.84
CA TYR MA 363 -46.94 35.15 -10.74
C TYR MA 363 -48.14 35.24 -11.66
N GLN MA 364 -48.99 36.25 -11.53
CA GLN MA 364 -50.17 36.35 -12.38
C GLN MA 364 -49.77 36.83 -13.77
N ALA MA 365 -50.37 36.22 -14.78
CA ALA MA 365 -50.24 36.67 -16.16
C ALA MA 365 -48.80 36.63 -16.67
N THR MA 366 -47.94 35.84 -16.03
CA THR MA 366 -46.59 35.64 -16.53
C THR MA 366 -46.34 34.14 -16.65
N GLN MA 367 -45.32 33.79 -17.43
CA GLN MA 367 -45.12 32.41 -17.84
C GLN MA 367 -44.45 31.54 -16.79
N VAL MA 368 -44.17 32.05 -15.59
CA VAL MA 368 -43.52 31.22 -14.59
C VAL MA 368 -44.60 30.44 -13.84
N PRO MA 369 -44.41 29.15 -13.59
CA PRO MA 369 -45.42 28.39 -12.84
C PRO MA 369 -45.23 28.53 -11.35
N TYR MA 370 -46.35 28.56 -10.63
CA TYR MA 370 -46.32 28.72 -9.18
C TYR MA 370 -45.46 27.61 -8.56
N PRO MA 371 -44.74 27.90 -7.48
CA PRO MA 371 -43.87 26.87 -6.90
C PRO MA 371 -44.58 25.93 -5.95
N LEU MA 372 -45.62 26.40 -5.27
CA LEU MA 372 -46.25 25.57 -4.24
C LEU MA 372 -47.09 24.49 -4.80
N VAL MA 373 -47.10 24.27 -6.11
CA VAL MA 373 -47.78 23.13 -6.70
C VAL MA 373 -46.72 22.04 -6.82
N GLY MA 374 -46.66 21.20 -5.80
CA GLY MA 374 -45.57 20.24 -5.68
C GLY MA 374 -45.69 19.10 -6.68
N ASN MA 375 -44.90 18.07 -6.44
CA ASN MA 375 -44.90 16.89 -7.29
C ASN MA 375 -44.64 15.68 -6.39
N LEU MA 376 -45.63 14.81 -6.28
CA LEU MA 376 -45.48 13.56 -5.55
C LEU MA 376 -45.06 12.47 -6.53
N ASP MA 377 -44.32 11.48 -6.02
CA ASP MA 377 -43.85 10.37 -6.84
C ASP MA 377 -44.08 9.06 -6.10
N VAL MA 378 -44.68 8.09 -6.79
CA VAL MA 378 -44.90 6.76 -6.25
C VAL MA 378 -44.47 5.73 -7.29
N THR MA 379 -43.95 4.61 -6.83
CA THR MA 379 -43.57 3.50 -7.70
C THR MA 379 -44.49 2.33 -7.43
N PHE MA 380 -45.24 1.91 -8.44
CA PHE MA 380 -46.17 0.81 -8.31
C PHE MA 380 -45.49 -0.50 -8.71
N VAL MA 381 -46.13 -1.60 -8.33
CA VAL MA 381 -45.58 -2.93 -8.60
C VAL MA 381 -46.72 -3.93 -8.52
N MET MA 382 -46.66 -4.96 -9.38
CA MET MA 382 -47.74 -5.93 -9.37
C MET MA 382 -47.25 -7.25 -9.96
N PRO MA 383 -47.58 -8.38 -9.35
CA PRO MA 383 -47.14 -9.66 -9.91
C PRO MA 383 -47.91 -10.01 -11.17
N LEU MA 384 -47.24 -10.71 -12.08
CA LEU MA 384 -47.81 -10.98 -13.39
C LEU MA 384 -48.38 -12.38 -13.51
N GLY MA 385 -47.57 -13.41 -13.28
CA GLY MA 385 -48.05 -14.76 -13.53
C GLY MA 385 -47.80 -15.76 -12.43
N VAL MA 386 -47.78 -15.30 -11.18
CA VAL MA 386 -47.53 -16.23 -10.08
C VAL MA 386 -48.69 -17.23 -9.97
N PHE MA 387 -48.44 -18.31 -9.26
CA PHE MA 387 -49.39 -19.41 -9.16
C PHE MA 387 -49.45 -19.87 -7.71
N LYS MA 388 -50.60 -19.71 -7.09
CA LYS MA 388 -50.77 -20.05 -5.70
C LYS MA 388 -50.62 -21.56 -5.48
N PRO MA 389 -50.23 -21.99 -4.29
CA PRO MA 389 -50.13 -23.43 -4.02
C PRO MA 389 -51.50 -24.10 -4.04
N ALA MA 390 -51.52 -25.42 -3.85
CA ALA MA 390 -52.79 -26.14 -3.93
C ALA MA 390 -53.74 -25.78 -2.79
N ALA MA 391 -53.21 -25.57 -1.59
CA ALA MA 391 -54.07 -25.35 -0.44
C ALA MA 391 -54.81 -24.02 -0.50
N ASP MA 392 -54.51 -23.16 -1.46
CA ASP MA 392 -55.09 -21.82 -1.50
C ASP MA 392 -55.92 -21.57 -2.75
N ARG MA 393 -56.25 -22.61 -3.51
CA ARG MA 393 -57.14 -22.48 -4.65
C ARG MA 393 -58.51 -22.98 -4.20
N TYR MA 394 -59.44 -22.06 -4.01
CA TYR MA 394 -60.71 -22.40 -3.38
C TYR MA 394 -61.72 -21.29 -3.64
N ALA MA 395 -62.93 -21.67 -4.04
CA ALA MA 395 -64.00 -20.69 -4.22
C ALA MA 395 -64.55 -20.27 -2.87
N ARG MA 396 -64.92 -18.99 -2.76
CA ARG MA 396 -65.46 -18.51 -1.50
C ARG MA 396 -66.86 -19.05 -1.26
N HIS MA 397 -67.69 -19.08 -2.29
CA HIS MA 397 -69.02 -19.65 -2.21
C HIS MA 397 -69.23 -20.61 -3.36
N ALA MA 398 -70.17 -21.54 -3.17
CA ALA MA 398 -70.48 -22.48 -4.24
C ALA MA 398 -71.03 -21.77 -5.47
N GLY MA 399 -71.61 -20.60 -5.28
CA GLY MA 399 -72.08 -19.84 -6.42
C GLY MA 399 -70.94 -19.01 -6.96
N SER MA 400 -70.26 -19.58 -7.95
CA SER MA 400 -69.02 -19.02 -8.45
C SER MA 400 -69.32 -18.12 -9.64
N PHE MA 401 -68.27 -17.74 -10.37
CA PHE MA 401 -68.44 -17.18 -11.70
C PHE MA 401 -68.60 -18.37 -12.65
N ALA MA 402 -69.76 -18.99 -12.56
CA ALA MA 402 -69.99 -20.26 -13.23
C ALA MA 402 -69.79 -20.10 -14.73
N PRO MA 403 -69.11 -21.04 -15.39
CA PRO MA 403 -68.90 -20.93 -16.82
C PRO MA 403 -70.11 -21.43 -17.58
N THR MA 404 -70.12 -21.13 -18.88
CA THR MA 404 -71.19 -21.60 -19.73
C THR MA 404 -71.26 -23.12 -19.70
N PRO MA 405 -72.44 -23.71 -19.53
CA PRO MA 405 -72.53 -25.17 -19.52
C PRO MA 405 -72.04 -25.75 -20.83
N GLY MA 406 -71.21 -26.79 -20.73
CA GLY MA 406 -70.65 -27.43 -21.90
C GLY MA 406 -69.27 -26.92 -22.25
N LEU MA 407 -68.46 -26.66 -21.22
CA LEU MA 407 -67.12 -26.12 -21.39
C LEU MA 407 -66.38 -26.19 -20.06
N PRO MA 408 -65.09 -26.50 -20.05
CA PRO MA 408 -64.36 -26.51 -18.78
C PRO MA 408 -64.14 -25.09 -18.28
N ASP MA 409 -64.23 -24.91 -16.97
CA ASP MA 409 -64.07 -23.61 -16.35
C ASP MA 409 -62.68 -23.07 -16.62
N PRO MA 410 -62.54 -22.05 -17.44
CA PRO MA 410 -61.20 -21.56 -17.79
C PRO MA 410 -60.60 -20.69 -16.70
N ARG MA 411 -61.22 -20.68 -15.53
CA ARG MA 411 -60.64 -19.97 -14.40
C ARG MA 411 -59.61 -20.82 -13.68
N THR MA 412 -59.75 -22.14 -13.70
CA THR MA 412 -58.85 -23.00 -12.96
C THR MA 412 -57.43 -23.00 -13.53
N HIS MA 413 -57.27 -22.61 -14.79
CA HIS MA 413 -55.95 -22.60 -15.40
C HIS MA 413 -55.06 -21.58 -14.72
N PRO MA 414 -53.73 -21.73 -14.83
CA PRO MA 414 -52.83 -20.73 -14.30
C PRO MA 414 -52.95 -19.43 -15.09
N PRO MA 415 -52.92 -18.29 -14.42
CA PRO MA 415 -53.16 -17.03 -15.11
C PRO MA 415 -51.96 -16.61 -15.95
N ARG MA 416 -52.25 -15.79 -16.97
CA ARG MA 416 -51.18 -15.32 -17.84
C ARG MA 416 -51.34 -13.85 -18.23
N ALA MA 417 -51.98 -13.04 -17.39
CA ALA MA 417 -52.08 -11.61 -17.65
C ALA MA 417 -52.49 -10.93 -16.34
N VAL MA 418 -52.55 -9.61 -16.39
CA VAL MA 418 -52.97 -8.83 -15.22
C VAL MA 418 -53.77 -7.62 -15.71
N HIS MA 419 -54.72 -7.20 -14.89
CA HIS MA 419 -55.59 -6.08 -15.23
C HIS MA 419 -55.50 -5.00 -14.16
N PHE MA 420 -55.65 -3.76 -14.58
CA PHE MA 420 -55.64 -2.63 -13.66
C PHE MA 420 -56.32 -1.45 -14.33
N PHE MA 421 -56.47 -0.38 -13.56
CA PHE MA 421 -57.21 0.79 -13.99
C PHE MA 421 -56.25 1.89 -14.46
N ASN MA 422 -56.69 2.63 -15.47
CA ASN MA 422 -55.92 3.72 -16.05
C ASN MA 422 -56.04 4.93 -15.13
N LYS MA 423 -55.56 6.09 -15.60
CA LYS MA 423 -55.74 7.31 -14.83
C LYS MA 423 -57.20 7.70 -14.73
N ASP MA 424 -57.94 7.58 -15.82
CA ASP MA 424 -59.35 7.93 -15.82
C ASP MA 424 -60.25 6.77 -15.43
N GLY MA 425 -59.80 5.54 -15.61
CA GLY MA 425 -60.59 4.40 -15.17
C GLY MA 425 -60.69 3.27 -16.18
N VAL MA 426 -60.49 3.58 -17.46
CA VAL MA 426 -60.63 2.56 -18.49
C VAL MA 426 -59.66 1.42 -18.22
N PRO MA 427 -60.07 0.16 -18.30
CA PRO MA 427 -59.15 -0.93 -18.02
C PRO MA 427 -58.09 -1.04 -19.10
N CYS MA 428 -56.86 -1.35 -18.68
CA CYS MA 428 -55.71 -1.42 -19.58
C CYS MA 428 -54.84 -2.56 -19.06
N HIS MA 429 -54.70 -3.62 -19.86
CA HIS MA 429 -54.16 -4.87 -19.37
C HIS MA 429 -52.73 -5.09 -19.81
N VAL MA 430 -51.93 -5.63 -18.92
CA VAL MA 430 -50.54 -5.99 -19.18
C VAL MA 430 -50.43 -7.50 -19.20
N THR MA 431 -49.74 -8.02 -20.23
CA THR MA 431 -49.66 -9.46 -20.44
C THR MA 431 -48.26 -9.83 -20.89
N PHE MA 432 -48.03 -11.14 -21.03
CA PHE MA 432 -46.69 -11.63 -21.34
C PHE MA 432 -46.17 -11.06 -22.65
N GLU MA 433 -47.05 -10.94 -23.66
CA GLU MA 433 -46.62 -10.48 -24.97
C GLU MA 433 -45.85 -9.17 -24.88
N HIS MA 434 -46.13 -8.35 -23.86
CA HIS MA 434 -45.40 -7.12 -23.68
C HIS MA 434 -43.99 -7.35 -23.13
N ALA MA 435 -43.68 -8.56 -22.68
CA ALA MA 435 -42.36 -8.82 -22.12
C ALA MA 435 -41.31 -9.12 -23.17
N MET MA 436 -41.70 -9.22 -24.44
CA MET MA 436 -40.72 -9.52 -25.47
C MET MA 436 -39.64 -8.46 -25.55
N GLY MA 437 -39.96 -7.23 -25.15
CA GLY MA 437 -38.96 -6.18 -25.15
C GLY MA 437 -37.81 -6.41 -24.20
N THR MA 438 -37.99 -7.33 -23.25
CA THR MA 438 -36.94 -7.65 -22.29
C THR MA 438 -36.48 -9.09 -22.41
N LEU MA 439 -37.40 -10.05 -22.35
CA LEU MA 439 -37.05 -11.45 -22.34
C LEU MA 439 -36.74 -12.00 -23.72
N CYS MA 440 -36.59 -11.15 -24.73
CA CYS MA 440 -36.07 -11.55 -26.04
C CYS MA 440 -34.98 -10.56 -26.40
N HIS MA 441 -33.79 -10.79 -25.89
CA HIS MA 441 -32.68 -9.88 -26.11
C HIS MA 441 -31.38 -10.56 -25.75
N PRO MA 442 -30.32 -10.31 -26.48
CA PRO MA 442 -29.03 -10.96 -26.18
C PRO MA 442 -28.56 -10.78 -24.75
N SER MA 443 -29.07 -9.76 -24.06
CA SER MA 443 -28.71 -9.60 -22.65
C SER MA 443 -29.20 -10.77 -21.82
N PHE MA 444 -30.19 -11.52 -22.31
CA PHE MA 444 -30.67 -12.71 -21.61
C PHE MA 444 -29.62 -13.79 -21.52
N LEU MA 445 -28.50 -13.66 -22.22
CA LEU MA 445 -27.46 -14.69 -22.23
C LEU MA 445 -26.10 -14.12 -21.86
N ASP MA 446 -26.08 -13.08 -21.03
CA ASP MA 446 -24.82 -12.48 -20.57
C ASP MA 446 -24.38 -13.23 -19.32
N VAL MA 447 -23.36 -14.07 -19.44
CA VAL MA 447 -22.89 -14.84 -18.30
C VAL MA 447 -21.37 -14.73 -18.16
N ASP MA 448 -20.74 -13.91 -18.99
CA ASP MA 448 -19.29 -13.76 -18.89
C ASP MA 448 -18.91 -13.10 -17.58
N ALA MA 449 -19.49 -11.92 -17.31
CA ALA MA 449 -19.15 -11.19 -16.10
C ALA MA 449 -19.43 -12.01 -14.86
N THR MA 450 -20.55 -12.72 -14.83
CA THR MA 450 -20.91 -13.53 -13.68
C THR MA 450 -19.83 -14.57 -13.40
N LEU MA 451 -19.38 -15.27 -14.44
CA LEU MA 451 -18.33 -16.26 -14.26
C LEU MA 451 -17.04 -15.62 -13.82
N ALA MA 452 -16.56 -14.62 -14.57
CA ALA MA 452 -15.32 -13.94 -14.23
C ALA MA 452 -15.35 -13.37 -12.82
N ALA MA 453 -16.52 -13.15 -12.26
CA ALA MA 453 -16.63 -12.68 -10.89
C ALA MA 453 -16.77 -13.82 -9.90
N LEU MA 454 -17.23 -14.98 -10.33
CA LEU MA 454 -17.41 -16.09 -9.40
C LEU MA 454 -16.10 -16.77 -9.04
N ARG MA 455 -15.17 -16.85 -9.99
CA ARG MA 455 -13.92 -17.57 -9.76
C ARG MA 455 -12.94 -16.78 -8.90
N GLN MA 456 -13.36 -15.70 -8.26
CA GLN MA 456 -12.46 -14.98 -7.37
C GLN MA 456 -12.06 -15.83 -6.18
N GLU MA 457 -13.03 -16.48 -5.55
CA GLU MA 457 -12.70 -17.51 -4.58
C GLU MA 457 -11.97 -18.63 -5.31
N PRO MA 458 -10.86 -19.14 -4.77
CA PRO MA 458 -10.04 -20.08 -5.54
C PRO MA 458 -10.77 -21.33 -5.99
N ALA MA 459 -11.26 -22.14 -5.04
CA ALA MA 459 -11.83 -23.43 -5.41
C ALA MA 459 -12.46 -24.08 -4.20
N GLU MA 460 -13.36 -25.03 -4.47
CA GLU MA 460 -13.88 -25.95 -3.47
C GLU MA 460 -14.49 -27.13 -4.21
N VAL MA 461 -13.93 -28.31 -4.04
CA VAL MA 461 -14.42 -29.51 -4.70
C VAL MA 461 -15.18 -30.32 -3.66
N GLN MA 462 -16.50 -30.38 -3.81
CA GLN MA 462 -17.33 -31.14 -2.89
C GLN MA 462 -17.41 -32.61 -3.30
N CYS MA 463 -17.82 -32.85 -4.55
CA CYS MA 463 -17.88 -34.18 -5.13
C CYS MA 463 -17.55 -34.03 -6.61
N ALA MA 464 -17.61 -35.13 -7.35
CA ALA MA 464 -17.24 -35.05 -8.76
C ALA MA 464 -18.11 -35.91 -9.67
N PHE MA 465 -19.27 -36.37 -9.21
CA PHE MA 465 -19.97 -37.38 -10.00
C PHE MA 465 -20.63 -36.79 -11.24
N GLY MA 466 -21.60 -35.91 -11.04
CA GLY MA 466 -22.41 -35.48 -12.16
C GLY MA 466 -21.82 -34.36 -12.98
N ALA MA 467 -20.52 -34.09 -12.80
CA ALA MA 467 -19.88 -32.98 -13.47
C ALA MA 467 -18.64 -33.42 -14.24
N TYR MA 468 -18.66 -34.64 -14.75
CA TYR MA 468 -17.50 -35.17 -15.46
C TYR MA 468 -17.96 -36.22 -16.45
N VAL MA 469 -17.31 -36.24 -17.62
CA VAL MA 469 -17.56 -37.24 -18.63
C VAL MA 469 -16.20 -37.78 -19.07
N ALA MA 470 -16.22 -38.96 -19.70
CA ALA MA 470 -14.98 -39.60 -20.09
C ALA MA 470 -15.20 -40.41 -21.36
N ASP MA 471 -14.34 -40.21 -22.35
CA ASP MA 471 -14.39 -41.05 -23.54
C ASP MA 471 -14.02 -42.48 -23.16
N ALA MA 472 -14.66 -43.43 -23.82
CA ALA MA 472 -14.47 -44.84 -23.52
C ALA MA 472 -13.60 -45.48 -24.59
N ARG MA 473 -12.78 -46.43 -24.16
CA ARG MA 473 -11.99 -47.23 -25.08
C ARG MA 473 -12.80 -48.45 -25.51
N PRO MA 474 -12.32 -49.24 -26.44
CA PRO MA 474 -13.03 -50.47 -26.81
C PRO MA 474 -13.08 -51.49 -25.68
N ASP MA 475 -13.53 -52.73 -25.98
CA ASP MA 475 -13.93 -53.72 -24.98
C ASP MA 475 -15.18 -53.23 -24.26
N ALA MA 476 -16.25 -53.07 -25.00
CA ALA MA 476 -17.40 -52.30 -24.56
C ALA MA 476 -18.41 -53.12 -23.77
N LEU MA 477 -19.07 -52.43 -22.84
CA LEU MA 477 -20.40 -52.70 -22.29
C LEU MA 477 -20.50 -53.81 -21.25
N VAL MA 478 -19.43 -54.52 -20.94
CA VAL MA 478 -19.52 -55.42 -19.78
C VAL MA 478 -18.37 -55.14 -18.84
N GLY MA 479 -17.14 -55.26 -19.34
CA GLY MA 479 -15.99 -54.83 -18.56
C GLY MA 479 -16.08 -53.35 -18.22
N LEU MA 480 -16.69 -52.56 -19.10
CA LEU MA 480 -16.86 -51.14 -18.84
C LEU MA 480 -17.74 -50.92 -17.61
N MET MA 481 -18.91 -51.57 -17.58
CA MET MA 481 -19.79 -51.45 -16.42
C MET MA 481 -19.09 -51.93 -15.15
N GLN MA 482 -18.35 -53.02 -15.25
CA GLN MA 482 -17.66 -53.56 -14.08
C GLN MA 482 -16.65 -52.55 -13.54
N ARG MA 483 -15.78 -52.04 -14.41
CA ARG MA 483 -14.77 -51.08 -13.98
C ARG MA 483 -15.38 -49.77 -13.54
N PHE MA 484 -16.56 -49.42 -14.03
CA PHE MA 484 -17.23 -48.22 -13.57
C PHE MA 484 -17.79 -48.43 -12.16
N LEU MA 485 -18.46 -49.55 -11.93
CA LEU MA 485 -19.02 -49.82 -10.62
C LEU MA 485 -17.93 -49.95 -9.56
N GLU MA 486 -16.81 -50.55 -9.92
CA GLU MA 486 -15.78 -50.80 -8.93
C GLU MA 486 -15.12 -49.53 -8.44
N GLU MA 487 -15.30 -48.42 -9.14
CA GLU MA 487 -14.77 -47.15 -8.69
C GLU MA 487 -15.83 -46.09 -8.50
N TRP MA 488 -17.11 -46.42 -8.67
CA TRP MA 488 -18.18 -45.48 -8.36
C TRP MA 488 -18.09 -44.91 -6.94
N PRO MA 489 -18.03 -45.72 -5.87
CA PRO MA 489 -17.97 -45.12 -4.54
C PRO MA 489 -16.78 -44.20 -4.34
N GLY MA 490 -15.67 -44.46 -5.04
CA GLY MA 490 -14.54 -43.56 -4.96
C GLY MA 490 -14.78 -42.22 -5.60
N MET MA 491 -15.74 -42.14 -6.52
CA MET MA 491 -16.09 -40.87 -7.15
C MET MA 491 -17.03 -40.04 -6.31
N MET MA 492 -17.73 -40.66 -5.36
CA MET MA 492 -18.68 -39.95 -4.50
C MET MA 492 -18.17 -39.97 -3.06
N PRO MA 493 -17.41 -38.97 -2.64
CA PRO MA 493 -16.99 -38.92 -1.24
C PRO MA 493 -18.17 -38.62 -0.33
N VAL MA 494 -18.99 -37.65 -0.74
CA VAL MA 494 -20.17 -37.27 0.01
C VAL MA 494 -21.37 -37.31 -0.93
N ARG MA 495 -22.55 -36.99 -0.42
CA ARG MA 495 -23.76 -37.14 -1.21
C ARG MA 495 -23.81 -36.09 -2.33
N PRO MA 496 -24.20 -36.48 -3.53
CA PRO MA 496 -24.33 -35.49 -4.62
C PRO MA 496 -25.54 -34.60 -4.39
N ARG MA 497 -25.32 -33.30 -4.43
CA ARG MA 497 -26.37 -32.34 -4.11
C ARG MA 497 -27.44 -32.27 -5.20
N TRP MA 498 -27.09 -32.58 -6.44
CA TRP MA 498 -28.03 -32.36 -7.53
C TRP MA 498 -29.09 -33.45 -7.61
N ALA MA 499 -28.72 -34.70 -7.34
CA ALA MA 499 -29.66 -35.80 -7.50
C ALA MA 499 -30.71 -35.80 -6.41
N ALA MA 500 -30.30 -35.95 -5.17
CA ALA MA 500 -31.19 -35.74 -4.05
C ALA MA 500 -31.50 -34.25 -3.98
N PRO MA 501 -32.74 -33.83 -4.24
CA PRO MA 501 -33.03 -32.40 -4.22
C PRO MA 501 -32.72 -31.80 -2.87
N ALA MA 502 -32.34 -30.52 -2.89
CA ALA MA 502 -31.95 -29.85 -1.65
C ALA MA 502 -33.10 -29.84 -0.66
N ALA MA 503 -34.17 -29.14 -0.99
CA ALA MA 503 -35.34 -29.00 -0.13
C ALA MA 503 -36.43 -28.30 -0.93
N ALA MA 504 -37.52 -27.95 -0.26
CA ALA MA 504 -38.55 -27.11 -0.85
C ALA MA 504 -38.37 -25.64 -0.46
N ASP MA 505 -38.36 -25.36 0.84
CA ASP MA 505 -38.21 -23.99 1.32
C ASP MA 505 -36.87 -23.73 1.98
N GLN MA 506 -36.24 -24.73 2.59
CA GLN MA 506 -34.93 -24.52 3.16
C GLN MA 506 -33.90 -24.10 2.13
N LEU MA 507 -34.22 -24.19 0.85
CA LEU MA 507 -33.32 -23.65 -0.16
C LEU MA 507 -33.06 -22.17 0.05
N LEU MA 508 -34.06 -21.44 0.55
CA LEU MA 508 -33.92 -20.02 0.79
C LEU MA 508 -33.50 -19.70 2.22
N ALA MA 509 -33.32 -20.71 3.07
CA ALA MA 509 -32.83 -20.46 4.42
C ALA MA 509 -31.49 -19.74 4.34
N PRO MA 510 -31.20 -18.88 5.30
CA PRO MA 510 -30.03 -18.01 5.15
C PRO MA 510 -28.71 -18.72 5.36
N GLY MA 511 -28.72 -20.04 5.42
CA GLY MA 511 -27.52 -20.76 5.79
C GLY MA 511 -26.94 -21.69 4.75
N ASN MA 512 -27.77 -22.16 3.82
CA ASN MA 512 -27.29 -23.18 2.89
C ASN MA 512 -26.29 -22.57 1.91
N ALA MA 513 -25.46 -23.44 1.32
CA ALA MA 513 -24.51 -23.05 0.31
C ALA MA 513 -25.01 -23.35 -1.10
N ASP MA 514 -26.33 -23.32 -1.30
CA ASP MA 514 -26.91 -23.56 -2.61
C ASP MA 514 -27.30 -22.27 -3.32
N LEU MA 515 -27.83 -21.28 -2.60
CA LEU MA 515 -28.14 -20.00 -3.21
C LEU MA 515 -26.93 -19.43 -3.92
N ARG MA 516 -25.75 -19.58 -3.33
CA ARG MA 516 -24.53 -19.01 -3.89
C ARG MA 516 -24.27 -19.45 -5.33
N LEU MA 517 -24.92 -20.51 -5.78
CA LEU MA 517 -24.75 -21.00 -7.14
C LEU MA 517 -26.03 -20.95 -7.94
N GLU MA 518 -27.02 -20.20 -7.47
CA GLU MA 518 -28.32 -20.08 -8.13
C GLU MA 518 -28.61 -18.61 -8.33
N LEU MA 519 -28.27 -18.08 -9.50
CA LEU MA 519 -28.48 -16.66 -9.73
C LEU MA 519 -28.97 -16.34 -11.14
N HIS MA 520 -29.51 -17.32 -11.85
CA HIS MA 520 -29.96 -17.06 -13.22
C HIS MA 520 -30.97 -18.12 -13.59
N PRO MA 521 -32.02 -17.79 -14.35
CA PRO MA 521 -33.06 -18.76 -14.65
C PRO MA 521 -32.85 -19.55 -15.93
N ALA MA 522 -31.71 -19.38 -16.61
CA ALA MA 522 -31.44 -20.12 -17.83
C ALA MA 522 -30.02 -20.67 -17.85
N PHE MA 523 -29.38 -20.79 -16.69
CA PHE MA 523 -28.00 -21.23 -16.63
C PHE MA 523 -27.79 -21.98 -15.32
N ASP MA 524 -26.97 -23.03 -15.39
CA ASP MA 524 -26.61 -23.82 -14.23
C ASP MA 524 -25.15 -23.60 -13.92
N PHE MA 525 -24.85 -23.22 -12.68
CA PHE MA 525 -23.49 -23.02 -12.24
C PHE MA 525 -23.13 -24.11 -11.24
N PHE MA 526 -22.15 -24.93 -11.59
CA PHE MA 526 -21.73 -26.05 -10.76
C PHE MA 526 -20.22 -26.04 -10.64
N VAL MA 527 -19.70 -26.88 -9.76
CA VAL MA 527 -18.27 -27.06 -9.60
C VAL MA 527 -17.85 -28.28 -10.39
N ALA MA 528 -16.76 -28.15 -11.14
CA ALA MA 528 -16.29 -29.24 -11.98
C ALA MA 528 -14.77 -29.34 -11.90
N PRO MA 529 -14.22 -30.55 -12.02
CA PRO MA 529 -12.77 -30.68 -12.02
C PRO MA 529 -12.16 -29.96 -13.22
N GLU MA 530 -11.08 -29.24 -12.98
CA GLU MA 530 -10.47 -28.39 -13.99
C GLU MA 530 -9.65 -29.27 -14.95
N VAL MA 531 -10.36 -29.89 -15.88
CA VAL MA 531 -9.76 -30.70 -16.93
C VAL MA 531 -10.50 -30.41 -18.24
N ASP MA 532 -10.02 -31.03 -19.31
CA ASP MA 532 -10.68 -30.94 -20.60
C ASP MA 532 -11.61 -32.13 -20.78
N VAL MA 533 -12.84 -31.87 -21.16
CA VAL MA 533 -13.89 -32.89 -21.25
C VAL MA 533 -14.11 -33.22 -22.72
N PRO MA 534 -14.24 -34.50 -23.09
CA PRO MA 534 -14.08 -35.64 -22.18
C PRO MA 534 -12.63 -35.92 -21.82
N GLY MA 535 -12.39 -36.79 -20.86
CA GLY MA 535 -11.05 -37.06 -20.40
C GLY MA 535 -10.82 -38.51 -20.01
N PRO MA 536 -9.73 -38.77 -19.31
CA PRO MA 536 -9.40 -40.15 -18.94
C PRO MA 536 -10.50 -40.79 -18.11
N PHE MA 537 -10.42 -42.11 -18.01
CA PHE MA 537 -11.51 -42.84 -17.36
C PHE MA 537 -11.51 -42.65 -15.85
N ALA MA 538 -10.35 -42.40 -15.25
CA ALA MA 538 -10.25 -42.12 -13.83
C ALA MA 538 -10.22 -40.62 -13.62
N VAL MA 539 -11.00 -40.13 -12.65
CA VAL MA 539 -11.06 -38.69 -12.42
C VAL MA 539 -9.77 -38.23 -11.75
N PRO MA 540 -9.07 -37.25 -12.31
CA PRO MA 540 -7.91 -36.70 -11.61
C PRO MA 540 -8.34 -35.90 -10.39
N GLN MA 541 -7.40 -35.74 -9.47
CA GLN MA 541 -7.67 -35.08 -8.20
C GLN MA 541 -7.35 -33.59 -8.25
N VAL MA 542 -7.37 -32.98 -9.44
CA VAL MA 542 -7.09 -31.56 -9.56
C VAL MA 542 -8.16 -30.75 -8.84
N MET MA 543 -7.79 -29.53 -8.46
CA MET MA 543 -8.77 -28.61 -7.89
C MET MA 543 -9.82 -28.26 -8.93
N GLY MA 544 -10.95 -27.75 -8.45
CA GLY MA 544 -12.09 -27.51 -9.30
C GLY MA 544 -12.32 -26.03 -9.60
N GLN MA 545 -13.12 -25.80 -10.64
CA GLN MA 545 -13.53 -24.47 -11.06
C GLN MA 545 -15.05 -24.38 -10.99
N VAL MA 546 -15.60 -23.29 -11.51
CA VAL MA 546 -17.04 -23.05 -11.50
C VAL MA 546 -17.46 -22.83 -12.94
N ARG MA 547 -17.89 -23.89 -13.61
CA ARG MA 547 -18.30 -23.81 -15.00
C ARG MA 547 -19.78 -23.40 -15.08
N ALA MA 548 -20.35 -23.47 -16.27
CA ALA MA 548 -21.75 -23.13 -16.49
C ALA MA 548 -22.27 -23.91 -17.67
N MET MA 549 -23.60 -24.03 -17.75
CA MET MA 549 -24.24 -24.77 -18.81
C MET MA 549 -25.71 -24.39 -18.91
N PRO MA 550 -26.22 -24.06 -20.10
CA PRO MA 550 -27.59 -23.56 -20.19
C PRO MA 550 -28.61 -24.66 -20.01
N ARG MA 551 -29.70 -24.33 -19.33
CA ARG MA 551 -30.86 -25.21 -19.27
C ARG MA 551 -31.61 -25.12 -20.58
N ILE MA 552 -31.27 -25.98 -21.55
CA ILE MA 552 -31.84 -25.83 -22.88
C ILE MA 552 -33.33 -26.09 -22.90
N ILE MA 553 -33.88 -26.70 -21.85
CA ILE MA 553 -35.30 -27.02 -21.77
C ILE MA 553 -35.86 -26.38 -20.52
N ASN MA 554 -37.01 -25.73 -20.63
CA ASN MA 554 -37.58 -25.06 -19.46
C ASN MA 554 -37.98 -26.03 -18.37
N GLY MA 555 -38.01 -27.34 -18.66
CA GLY MA 555 -38.30 -28.29 -17.63
C GLY MA 555 -37.20 -28.40 -16.58
N ASN MA 556 -35.97 -28.11 -16.96
CA ASN MA 556 -34.83 -28.32 -16.06
C ASN MA 556 -34.75 -27.29 -14.95
N ILE MA 557 -35.71 -26.38 -14.83
CA ILE MA 557 -35.78 -25.53 -13.64
C ILE MA 557 -35.94 -26.43 -12.43
N PRO MA 558 -35.12 -26.29 -11.38
CA PRO MA 558 -35.25 -27.17 -10.22
C PRO MA 558 -36.63 -27.07 -9.62
N LEU MA 559 -37.09 -28.19 -9.04
CA LEU MA 559 -38.47 -28.28 -8.57
C LEU MA 559 -38.75 -27.29 -7.46
N ALA MA 560 -37.74 -26.95 -6.66
CA ALA MA 560 -37.97 -26.02 -5.55
C ALA MA 560 -38.46 -24.67 -6.02
N LEU MA 561 -38.15 -24.29 -7.26
CA LEU MA 561 -38.55 -23.00 -7.80
C LEU MA 561 -39.55 -23.13 -8.94
N CYS MA 562 -40.14 -24.30 -9.12
CA CYS MA 562 -41.13 -24.54 -10.16
C CYS MA 562 -41.90 -25.79 -9.78
N PRO MA 563 -42.75 -25.74 -8.76
CA PRO MA 563 -43.23 -26.96 -8.12
C PRO MA 563 -44.03 -27.83 -9.09
N VAL MA 564 -44.17 -29.10 -8.71
CA VAL MA 564 -44.81 -30.08 -9.58
C VAL MA 564 -46.27 -29.71 -9.82
N ASP MA 565 -46.89 -29.04 -8.85
CA ASP MA 565 -48.30 -28.69 -8.98
C ASP MA 565 -48.54 -27.82 -10.19
N PHE MA 566 -47.76 -26.74 -10.33
CA PHE MA 566 -47.88 -25.89 -11.50
C PHE MA 566 -47.61 -26.67 -12.78
N ARG MA 567 -46.67 -27.60 -12.73
CA ARG MA 567 -46.36 -28.41 -13.91
C ARG MA 567 -47.59 -29.15 -14.39
N ASP MA 568 -48.12 -30.05 -13.55
CA ASP MA 568 -49.28 -30.82 -14.00
C ASP MA 568 -50.50 -29.94 -14.21
N ALA MA 569 -50.55 -28.76 -13.60
CA ALA MA 569 -51.67 -27.87 -13.86
C ALA MA 569 -51.61 -27.31 -15.28
N ARG MA 570 -50.43 -26.86 -15.70
CA ARG MA 570 -50.27 -26.44 -17.09
C ARG MA 570 -50.57 -27.60 -18.02
N GLY MA 571 -50.16 -28.80 -17.64
CA GLY MA 571 -50.51 -29.97 -18.43
C GLY MA 571 -52.01 -30.11 -18.60
N PHE MA 572 -52.74 -30.13 -17.48
CA PHE MA 572 -54.18 -30.28 -17.53
C PHE MA 572 -54.83 -29.17 -18.33
N GLU MA 573 -54.27 -27.97 -18.30
CA GLU MA 573 -54.82 -26.89 -19.11
C GLU MA 573 -54.63 -27.18 -20.59
N LEU MA 574 -53.44 -27.63 -20.97
CA LEU MA 574 -53.19 -27.93 -22.38
C LEU MA 574 -53.98 -29.13 -22.87
N SER MA 575 -54.44 -30.00 -21.97
CA SER MA 575 -54.95 -31.31 -22.33
C SER MA 575 -56.46 -31.34 -22.50
N VAL MA 576 -57.08 -30.24 -22.90
CA VAL MA 576 -58.53 -30.19 -23.04
C VAL MA 576 -58.89 -30.16 -24.51
N ASP MA 577 -59.69 -31.14 -24.92
CA ASP MA 577 -60.24 -31.27 -26.27
C ASP MA 577 -59.17 -31.45 -27.34
N ARG MA 578 -57.93 -31.71 -26.96
CA ARG MA 578 -56.93 -32.10 -27.95
C ARG MA 578 -57.06 -33.57 -28.31
N HIS MA 579 -56.87 -34.45 -27.32
CA HIS MA 579 -57.02 -35.88 -27.50
C HIS MA 579 -56.93 -36.51 -26.12
N ARG MA 580 -57.44 -37.74 -26.00
CA ARG MA 580 -57.43 -38.45 -24.73
C ARG MA 580 -57.08 -39.91 -24.97
N LEU MA 581 -57.02 -40.66 -23.88
CA LEU MA 581 -56.76 -42.09 -23.90
C LEU MA 581 -57.94 -42.78 -23.24
N ALA MA 582 -58.72 -43.50 -24.04
CA ALA MA 582 -59.87 -44.21 -23.49
C ALA MA 582 -59.41 -45.13 -22.36
N PRO MA 583 -60.19 -45.24 -21.29
CA PRO MA 583 -59.69 -45.95 -20.09
C PRO MA 583 -59.29 -47.39 -20.34
N ALA MA 584 -59.86 -48.04 -21.36
CA ALA MA 584 -59.44 -49.40 -21.69
C ALA MA 584 -57.96 -49.45 -21.99
N THR MA 585 -57.47 -48.53 -22.83
CA THR MA 585 -56.08 -48.56 -23.25
C THR MA 585 -55.14 -48.24 -22.10
N VAL MA 586 -55.48 -47.24 -21.28
CA VAL MA 586 -54.59 -46.93 -20.16
C VAL MA 586 -54.57 -48.09 -19.19
N ALA MA 587 -55.71 -48.73 -18.96
CA ALA MA 587 -55.73 -49.91 -18.10
C ALA MA 587 -54.80 -51.00 -18.64
N ALA MA 588 -54.93 -51.31 -19.92
CA ALA MA 588 -54.11 -52.36 -20.52
C ALA MA 588 -52.62 -52.02 -20.43
N VAL MA 589 -52.24 -50.83 -20.89
CA VAL MA 589 -50.83 -50.49 -20.94
C VAL MA 589 -50.24 -50.38 -19.54
N ARG MA 590 -51.01 -49.83 -18.59
CA ARG MA 590 -50.51 -49.75 -17.22
C ARG MA 590 -50.32 -51.13 -16.64
N GLY MA 591 -51.26 -52.05 -16.90
CA GLY MA 591 -51.06 -53.42 -16.45
C GLY MA 591 -49.80 -54.03 -17.02
N ALA MA 592 -49.52 -53.76 -18.30
CA ALA MA 592 -48.32 -54.32 -18.92
C ALA MA 592 -47.07 -53.75 -18.27
N PHE MA 593 -47.02 -52.43 -18.11
CA PHE MA 593 -45.81 -51.81 -17.58
C PHE MA 593 -45.63 -52.06 -16.08
N ARG MA 594 -46.69 -52.39 -15.38
CA ARG MA 594 -46.62 -52.65 -13.96
C ARG MA 594 -46.43 -54.13 -13.64
N ASP MA 595 -46.55 -55.00 -14.64
CA ASP MA 595 -46.47 -56.44 -14.41
C ASP MA 595 -45.04 -56.83 -14.06
N ALA MA 596 -44.93 -57.88 -13.25
CA ALA MA 596 -43.63 -58.40 -12.85
C ALA MA 596 -43.24 -59.67 -13.58
N ASN MA 597 -44.22 -60.52 -13.94
CA ASN MA 597 -43.94 -61.76 -14.62
C ASN MA 597 -44.22 -61.67 -16.12
N TYR MA 598 -43.91 -60.52 -16.70
CA TYR MA 598 -43.94 -60.37 -18.15
C TYR MA 598 -43.09 -61.48 -18.78
N PRO MA 599 -43.61 -62.18 -19.78
CA PRO MA 599 -42.89 -63.35 -20.32
C PRO MA 599 -41.61 -62.97 -21.03
N MET MA 600 -40.51 -63.57 -20.59
CA MET MA 600 -39.19 -63.28 -21.16
C MET MA 600 -39.11 -63.63 -22.64
N VAL MA 601 -39.98 -64.52 -23.12
CA VAL MA 601 -39.94 -64.89 -24.52
C VAL MA 601 -40.18 -63.68 -25.41
N PHE MA 602 -40.98 -62.72 -24.94
CA PHE MA 602 -41.20 -61.51 -25.73
C PHE MA 602 -39.92 -60.68 -25.81
N TYR MA 603 -39.17 -60.58 -24.72
CA TYR MA 603 -37.88 -59.91 -24.79
C TYR MA 603 -36.96 -60.60 -25.75
N ILE MA 604 -36.96 -61.94 -25.75
CA ILE MA 604 -36.13 -62.68 -26.69
C ILE MA 604 -36.52 -62.35 -28.13
N ILE MA 605 -37.82 -62.38 -28.41
CA ILE MA 605 -38.30 -62.13 -29.76
C ILE MA 605 -37.98 -60.70 -30.19
N GLU MA 606 -38.11 -59.75 -29.27
CA GLU MA 606 -37.77 -58.38 -29.58
C GLU MA 606 -36.29 -58.24 -29.91
N ALA MA 607 -35.43 -58.85 -29.08
CA ALA MA 607 -34.00 -58.74 -29.30
C ALA MA 607 -33.60 -59.36 -30.64
N VAL MA 608 -34.17 -60.52 -30.97
CA VAL MA 608 -33.81 -61.16 -32.23
C VAL MA 608 -34.41 -60.42 -33.42
N ILE MA 609 -35.50 -59.68 -33.22
CA ILE MA 609 -36.03 -58.86 -34.32
C ILE MA 609 -35.18 -57.61 -34.51
N HIS MA 610 -34.75 -56.99 -33.42
CA HIS MA 610 -33.92 -55.77 -33.43
C HIS MA 610 -34.41 -54.76 -34.45
N GLY MA 611 -35.72 -54.48 -34.39
CA GLY MA 611 -36.29 -53.39 -35.16
C GLY MA 611 -36.15 -53.52 -36.66
N SER MA 612 -35.99 -54.74 -37.16
CA SER MA 612 -35.83 -54.87 -38.60
C SER MA 612 -37.17 -54.66 -39.30
N GLU MA 613 -37.08 -54.48 -40.62
CA GLU MA 613 -38.28 -54.44 -41.44
C GLU MA 613 -38.62 -55.81 -41.99
N ARG MA 614 -37.61 -56.56 -42.42
CA ARG MA 614 -37.86 -57.86 -43.02
C ARG MA 614 -38.00 -58.96 -41.98
N THR MA 615 -37.22 -58.89 -40.90
CA THR MA 615 -37.34 -59.89 -39.85
C THR MA 615 -38.73 -59.89 -39.25
N PHE MA 616 -39.29 -58.70 -39.00
CA PHE MA 616 -40.64 -58.64 -38.46
C PHE MA 616 -41.66 -59.14 -39.47
N CYS MA 617 -41.53 -58.72 -40.73
CA CYS MA 617 -42.51 -59.15 -41.73
C CYS MA 617 -42.42 -60.65 -41.99
N ALA MA 618 -41.31 -61.28 -41.59
CA ALA MA 618 -41.22 -62.73 -41.67
C ALA MA 618 -41.83 -63.39 -40.43
N LEU MA 619 -41.55 -62.85 -39.25
CA LEU MA 619 -42.02 -63.45 -38.01
C LEU MA 619 -43.45 -63.05 -37.65
N ALA MA 620 -44.11 -62.28 -38.51
CA ALA MA 620 -45.48 -61.82 -38.28
C ALA MA 620 -46.39 -62.89 -37.69
N ARG MA 621 -46.29 -64.12 -38.18
CA ARG MA 621 -47.18 -65.18 -37.69
C ARG MA 621 -46.95 -65.43 -36.20
N LEU MA 622 -45.70 -65.65 -35.81
CA LEU MA 622 -45.40 -65.88 -34.40
C LEU MA 622 -45.76 -64.67 -33.56
N VAL MA 623 -45.53 -63.47 -34.10
CA VAL MA 623 -45.87 -62.25 -33.39
C VAL MA 623 -47.37 -62.21 -33.07
N ALA MA 624 -48.20 -62.46 -34.08
CA ALA MA 624 -49.64 -62.44 -33.87
C ALA MA 624 -50.06 -63.54 -32.91
N GLN MA 625 -49.42 -64.71 -32.99
CA GLN MA 625 -49.73 -65.77 -32.04
C GLN MA 625 -49.46 -65.32 -30.62
N CYS MA 626 -48.30 -64.71 -30.39
CA CYS MA 626 -47.93 -64.25 -29.05
C CYS MA 626 -48.93 -63.22 -28.54
N ILE MA 627 -49.28 -62.26 -29.39
CA ILE MA 627 -50.22 -61.22 -28.97
C ILE MA 627 -51.56 -61.84 -28.60
N GLN MA 628 -52.06 -62.72 -29.46
CA GLN MA 628 -53.34 -63.37 -29.19
C GLN MA 628 -53.31 -64.09 -27.85
N SER MA 629 -52.25 -64.85 -27.60
CA SER MA 629 -52.18 -65.64 -26.37
C SER MA 629 -52.10 -64.75 -25.14
N TYR MA 630 -51.25 -63.72 -25.19
CA TYR MA 630 -51.11 -62.85 -24.01
C TYR MA 630 -52.39 -62.06 -23.75
N TRP MA 631 -53.02 -61.55 -24.80
CA TRP MA 631 -54.23 -60.76 -24.63
C TRP MA 631 -55.41 -61.62 -24.20
N ARG MA 632 -55.40 -62.92 -24.56
CA ARG MA 632 -56.41 -63.83 -24.08
C ARG MA 632 -56.14 -64.30 -22.66
N ASN MA 633 -54.89 -64.29 -22.24
CA ASN MA 633 -54.55 -64.72 -20.88
C ASN MA 633 -54.73 -63.61 -19.85
N THR MA 634 -54.46 -62.35 -20.21
CA THR MA 634 -54.45 -61.30 -19.19
C THR MA 634 -55.13 -60.00 -19.60
N HIS MA 635 -55.45 -59.80 -20.88
CA HIS MA 635 -56.07 -58.59 -21.41
C HIS MA 635 -55.13 -57.39 -21.39
N ASN MA 636 -53.83 -57.62 -21.33
CA ASN MA 636 -52.86 -56.55 -21.45
C ASN MA 636 -52.34 -56.48 -22.88
N ALA MA 637 -51.46 -55.52 -23.12
CA ALA MA 637 -50.76 -55.41 -24.40
C ALA MA 637 -49.35 -55.93 -24.25
N ALA MA 638 -48.71 -56.19 -25.39
CA ALA MA 638 -47.35 -56.69 -25.40
C ALA MA 638 -46.52 -55.89 -26.39
N PHE MA 639 -45.20 -56.03 -26.27
CA PHE MA 639 -44.24 -55.38 -27.14
C PHE MA 639 -44.30 -53.86 -27.03
N VAL MA 640 -44.87 -53.32 -25.96
CA VAL MA 640 -45.02 -51.88 -25.85
C VAL MA 640 -43.68 -51.20 -25.57
N ASN MA 641 -42.71 -51.92 -25.02
CA ASN MA 641 -41.42 -51.31 -24.72
C ASN MA 641 -40.78 -50.74 -25.98
N ASN MA 642 -40.58 -51.57 -27.00
CA ASN MA 642 -40.02 -51.07 -28.24
C ASN MA 642 -41.06 -50.29 -29.02
N PHE MA 643 -40.63 -49.22 -29.67
CA PHE MA 643 -41.54 -48.39 -30.44
C PHE MA 643 -41.64 -48.81 -31.89
N TYR MA 644 -40.52 -49.16 -32.52
CA TYR MA 644 -40.59 -49.67 -33.88
C TYR MA 644 -41.51 -50.87 -33.96
N MET MA 645 -41.48 -51.71 -32.93
CA MET MA 645 -42.36 -52.87 -32.88
C MET MA 645 -43.82 -52.45 -32.86
N VAL MA 646 -44.18 -51.52 -31.97
CA VAL MA 646 -45.58 -51.13 -31.86
C VAL MA 646 -46.04 -50.40 -33.11
N MET MA 647 -45.12 -49.77 -33.83
CA MET MA 647 -45.50 -49.16 -35.09
C MET MA 647 -45.75 -50.22 -36.15
N TYR MA 648 -44.85 -51.22 -36.24
CA TYR MA 648 -45.06 -52.30 -37.18
C TYR MA 648 -46.34 -53.05 -36.90
N ILE MA 649 -46.74 -53.14 -35.63
CA ILE MA 649 -47.95 -53.87 -35.28
C ILE MA 649 -49.14 -53.31 -36.03
N ASN MA 650 -49.48 -52.04 -35.79
CA ASN MA 650 -50.61 -51.44 -36.47
C ASN MA 650 -50.30 -51.07 -37.91
N THR MA 651 -49.05 -51.21 -38.36
CA THR MA 651 -48.78 -51.01 -39.77
C THR MA 651 -49.15 -52.24 -40.59
N TYR MA 652 -48.79 -53.43 -40.11
CA TYR MA 652 -48.96 -54.65 -40.88
C TYR MA 652 -50.07 -55.54 -40.38
N LEU MA 653 -50.10 -55.85 -39.09
CA LEU MA 653 -51.16 -56.71 -38.58
C LEU MA 653 -52.51 -56.00 -38.66
N GLY MA 654 -52.65 -54.91 -37.92
CA GLY MA 654 -53.74 -53.98 -38.10
C GLY MA 654 -55.13 -54.58 -38.23
N ASN MA 655 -55.68 -54.50 -39.44
CA ASN MA 655 -57.06 -54.92 -39.72
C ASN MA 655 -57.27 -56.42 -39.67
N GLY MA 656 -56.21 -57.21 -39.61
CA GLY MA 656 -56.36 -58.64 -39.82
C GLY MA 656 -56.48 -59.48 -38.56
N GLU MA 657 -55.41 -60.21 -38.23
CA GLU MA 657 -55.44 -61.24 -37.20
C GLU MA 657 -55.53 -60.69 -35.79
N LEU MA 658 -55.79 -59.42 -35.61
CA LEU MA 658 -55.89 -59.08 -34.20
C LEU MA 658 -57.36 -59.03 -33.77
N PRO MA 659 -57.65 -59.47 -32.54
CA PRO MA 659 -59.01 -59.27 -32.02
C PRO MA 659 -59.33 -57.79 -31.93
N GLU MA 660 -60.61 -57.47 -32.13
CA GLU MA 660 -61.02 -56.07 -32.22
C GLU MA 660 -60.61 -55.29 -30.97
N ASP MA 661 -60.91 -55.83 -29.79
CA ASP MA 661 -60.62 -55.14 -28.55
C ASP MA 661 -59.13 -54.95 -28.31
N CYS MA 662 -58.27 -55.51 -29.14
CA CYS MA 662 -56.83 -55.38 -28.96
C CYS MA 662 -56.19 -54.41 -29.94
N ALA MA 663 -56.66 -54.39 -31.19
CA ALA MA 663 -56.11 -53.44 -32.16
C ALA MA 663 -56.35 -52.01 -31.73
N ALA MA 664 -57.41 -51.77 -30.95
CA ALA MA 664 -57.69 -50.42 -30.48
C ALA MA 664 -56.53 -49.88 -29.65
N VAL MA 665 -55.92 -50.73 -28.83
CA VAL MA 665 -54.81 -50.28 -27.99
C VAL MA 665 -53.64 -49.85 -28.87
N TYR MA 666 -53.24 -50.71 -29.80
CA TYR MA 666 -52.10 -50.41 -30.65
C TYR MA 666 -52.41 -49.36 -31.71
N LYS MA 667 -53.66 -48.94 -31.84
CA LYS MA 667 -53.98 -47.79 -32.68
C LYS MA 667 -53.98 -46.50 -31.89
N ASP MA 668 -54.46 -46.54 -30.64
CA ASP MA 668 -54.40 -45.36 -29.79
C ASP MA 668 -52.96 -45.01 -29.46
N LEU MA 669 -52.16 -46.00 -29.06
CA LEU MA 669 -50.78 -45.71 -28.67
C LEU MA 669 -49.99 -45.04 -29.78
N LEU MA 670 -50.54 -44.95 -30.98
CA LEU MA 670 -49.94 -44.22 -32.08
C LEU MA 670 -50.69 -42.94 -32.43
N GLU MA 671 -52.02 -42.98 -32.39
CA GLU MA 671 -52.78 -41.76 -32.68
C GLU MA 671 -52.53 -40.69 -31.63
N HIS MA 672 -52.36 -41.08 -30.37
CA HIS MA 672 -52.02 -40.13 -29.33
C HIS MA 672 -50.67 -39.49 -29.61
N VAL MA 673 -49.71 -40.28 -30.10
CA VAL MA 673 -48.42 -39.72 -30.47
C VAL MA 673 -48.59 -38.73 -31.60
N HIS MA 674 -49.45 -39.05 -32.57
CA HIS MA 674 -49.70 -38.14 -33.67
C HIS MA 674 -50.28 -36.82 -33.16
N ALA MA 675 -51.17 -36.89 -32.18
CA ALA MA 675 -51.73 -35.68 -31.61
C ALA MA 675 -50.65 -34.86 -30.90
N LEU MA 676 -49.82 -35.52 -30.10
CA LEU MA 676 -48.75 -34.81 -29.40
C LEU MA 676 -47.81 -34.13 -30.40
N ARG MA 677 -47.55 -34.78 -31.54
CA ARG MA 677 -46.75 -34.14 -32.57
C ARG MA 677 -47.50 -32.95 -33.16
N ARG MA 678 -48.82 -33.07 -33.30
CA ARG MA 678 -49.62 -31.95 -33.78
C ARG MA 678 -49.57 -30.77 -32.83
N LEU MA 679 -49.30 -31.01 -31.55
CA LEU MA 679 -49.26 -29.92 -30.57
C LEU MA 679 -48.24 -28.86 -30.96
N ILE MA 680 -46.96 -29.24 -31.00
CA ILE MA 680 -45.88 -28.31 -31.27
C ILE MA 680 -46.08 -27.55 -32.57
N GLY MA 681 -46.91 -28.07 -33.46
CA GLY MA 681 -47.15 -27.38 -34.72
C GLY MA 681 -48.02 -26.16 -34.58
N GLU MA 682 -48.89 -26.14 -33.58
CA GLU MA 682 -49.79 -25.01 -33.38
C GLU MA 682 -49.32 -24.08 -32.29
N PHE MA 683 -48.15 -24.31 -31.70
CA PHE MA 683 -47.57 -23.39 -30.74
C PHE MA 683 -46.33 -22.70 -31.27
N THR MA 684 -46.23 -22.55 -32.59
CA THR MA 684 -45.14 -21.81 -33.19
C THR MA 684 -45.65 -21.04 -34.39
N LEU MA 685 -45.25 -19.77 -34.49
CA LEU MA 685 -45.59 -19.00 -35.65
C LEU MA 685 -44.85 -19.52 -36.87
N PRO MA 686 -45.36 -19.28 -38.06
CA PRO MA 686 -44.56 -19.58 -39.27
C PRO MA 686 -43.32 -18.69 -39.31
N GLY MA 687 -42.16 -19.32 -39.50
CA GLY MA 687 -40.92 -18.59 -39.49
C GLY MA 687 -40.05 -18.83 -40.71
N ASP MA 688 -38.78 -18.43 -40.62
CA ASP MA 688 -37.79 -18.63 -41.66
C ASP MA 688 -36.60 -19.40 -41.10
N PRO MA 689 -36.02 -20.31 -41.88
CA PRO MA 689 -34.89 -21.11 -41.38
C PRO MA 689 -33.68 -20.24 -41.10
N LEU MA 690 -33.22 -20.27 -39.85
CA LEU MA 690 -32.08 -19.44 -39.43
C LEU MA 690 -30.76 -20.15 -39.63
N GLY MA 691 -30.55 -21.27 -38.96
CA GLY MA 691 -29.33 -22.03 -39.08
C GLY MA 691 -29.55 -23.18 -40.04
N ASN MA 692 -30.21 -22.90 -41.16
CA ASN MA 692 -30.70 -23.94 -42.06
C ASN MA 692 -31.57 -24.93 -41.29
N GLN MA 693 -32.37 -24.38 -40.37
CA GLN MA 693 -33.25 -25.19 -39.52
C GLN MA 693 -34.63 -24.55 -39.53
N PRO MA 694 -35.64 -25.21 -40.06
CA PRO MA 694 -37.02 -24.73 -39.90
C PRO MA 694 -37.31 -24.37 -38.45
N GLN MA 695 -38.16 -23.36 -38.27
CA GLN MA 695 -38.39 -22.82 -36.94
C GLN MA 695 -38.97 -23.85 -35.99
N GLU MA 696 -39.66 -24.86 -36.52
CA GLU MA 696 -40.39 -25.80 -35.68
C GLU MA 696 -39.46 -26.61 -34.78
N GLU MA 697 -38.20 -26.77 -35.16
CA GLU MA 697 -37.26 -27.40 -34.25
C GLU MA 697 -36.38 -26.40 -33.53
N LEU MA 698 -36.33 -25.18 -34.04
CA LEU MA 698 -35.67 -24.12 -33.29
C LEU MA 698 -36.42 -23.84 -31.99
N ASN MA 699 -37.75 -23.86 -32.05
CA ASN MA 699 -38.56 -23.51 -30.89
C ASN MA 699 -38.60 -24.66 -29.88
N HIS MA 700 -39.12 -25.81 -30.30
CA HIS MA 700 -39.22 -26.96 -29.42
C HIS MA 700 -37.85 -27.58 -29.21
N ALA MA 701 -37.82 -28.70 -28.51
CA ALA MA 701 -36.59 -29.45 -28.28
C ALA MA 701 -36.62 -30.86 -28.82
N LEU MA 702 -37.79 -31.50 -28.88
CA LEU MA 702 -37.87 -32.86 -29.38
C LEU MA 702 -38.00 -32.92 -30.88
N ALA MA 703 -38.44 -31.85 -31.52
CA ALA MA 703 -38.40 -31.77 -32.97
C ALA MA 703 -37.00 -31.50 -33.49
N ASP MA 704 -36.03 -31.32 -32.61
CA ASP MA 704 -34.67 -31.03 -33.02
C ASP MA 704 -34.08 -32.22 -33.77
N ALA MA 705 -33.45 -31.96 -34.90
CA ALA MA 705 -32.85 -33.01 -35.68
C ALA MA 705 -31.52 -33.49 -35.11
N THR MA 706 -30.96 -32.77 -34.15
CA THR MA 706 -29.63 -33.10 -33.63
C THR MA 706 -29.67 -33.79 -32.28
N LEU MA 707 -30.86 -34.06 -31.75
CA LEU MA 707 -30.96 -34.80 -30.50
C LEU MA 707 -31.00 -36.29 -30.80
N LEU MA 708 -30.23 -37.06 -30.05
CA LEU MA 708 -30.35 -38.46 -30.41
C LEU MA 708 -31.39 -39.14 -29.53
N PRO MA 709 -32.18 -40.04 -30.10
CA PRO MA 709 -33.08 -40.85 -29.29
C PRO MA 709 -32.31 -41.65 -28.26
N PRO MA 710 -32.96 -42.12 -27.20
CA PRO MA 710 -32.22 -42.91 -26.21
C PRO MA 710 -31.86 -44.29 -26.73
N LEU MA 711 -32.65 -44.86 -27.64
CA LEU MA 711 -32.36 -46.14 -28.23
C LEU MA 711 -32.54 -46.03 -29.73
N ILE MA 712 -31.53 -46.44 -30.48
CA ILE MA 712 -31.60 -46.39 -31.94
C ILE MA 712 -31.20 -47.74 -32.49
N TRP MA 713 -31.83 -48.14 -33.59
CA TRP MA 713 -31.65 -49.47 -34.15
C TRP MA 713 -31.01 -49.47 -35.52
N ASP MA 714 -30.84 -48.31 -36.14
CA ASP MA 714 -30.21 -48.23 -37.45
C ASP MA 714 -29.53 -46.87 -37.56
N CYS MA 715 -28.92 -46.63 -38.72
CA CYS MA 715 -28.13 -45.40 -38.92
C CYS MA 715 -28.95 -44.31 -39.60
N ASP MA 716 -30.23 -44.22 -39.32
CA ASP MA 716 -31.03 -43.15 -39.88
C ASP MA 716 -30.73 -41.82 -39.19
N PRO MA 717 -30.84 -41.73 -37.85
CA PRO MA 717 -30.54 -40.44 -37.22
C PRO MA 717 -29.08 -40.05 -37.33
N ILE MA 718 -28.18 -41.02 -37.20
CA ILE MA 718 -26.75 -40.71 -37.31
C ILE MA 718 -26.42 -40.16 -38.68
N LEU MA 719 -27.10 -40.65 -39.72
CA LEU MA 719 -26.88 -40.11 -41.05
C LEU MA 719 -27.53 -38.75 -41.23
N TYR MA 720 -28.79 -38.61 -40.80
CA TYR MA 720 -29.47 -37.33 -40.92
C TYR MA 720 -28.80 -36.24 -40.12
N ARG MA 721 -28.02 -36.60 -39.12
CA ARG MA 721 -27.57 -35.63 -38.13
C ARG MA 721 -26.34 -34.86 -38.59
N ASP MA 722 -25.42 -35.52 -39.28
CA ASP MA 722 -24.16 -34.87 -39.59
C ASP MA 722 -24.32 -33.74 -40.60
N GLY MA 723 -25.43 -33.70 -41.33
CA GLY MA 723 -25.61 -32.66 -42.34
C GLY MA 723 -25.55 -31.26 -41.75
N LEU MA 724 -26.11 -31.08 -40.56
CA LEU MA 724 -26.10 -29.78 -39.91
C LEU MA 724 -24.69 -29.45 -39.44
N ALA MA 725 -24.09 -28.43 -40.04
CA ALA MA 725 -22.72 -28.05 -39.74
C ALA MA 725 -22.60 -26.72 -39.01
N GLU MA 726 -23.67 -25.92 -38.95
CA GLU MA 726 -23.60 -24.65 -38.25
C GLU MA 726 -23.37 -24.83 -36.76
N ARG MA 727 -23.69 -26.00 -36.23
CA ARG MA 727 -23.26 -26.41 -34.89
C ARG MA 727 -22.44 -27.67 -35.12
N LEU MA 728 -21.13 -27.52 -35.13
CA LEU MA 728 -20.29 -28.66 -35.47
C LEU MA 728 -20.50 -29.78 -34.46
N PRO MA 729 -21.09 -30.89 -34.88
CA PRO MA 729 -21.26 -32.03 -33.98
C PRO MA 729 -20.13 -33.03 -34.12
N GLU MA 730 -20.07 -33.94 -33.15
CA GLU MA 730 -19.14 -35.07 -33.27
C GLU MA 730 -19.74 -36.26 -32.53
N LEU MA 731 -19.83 -37.38 -33.22
CA LEU MA 731 -20.41 -38.60 -32.67
C LEU MA 731 -19.28 -39.59 -32.42
N ARG MA 732 -19.05 -39.92 -31.16
CA ARG MA 732 -17.99 -40.84 -30.77
C ARG MA 732 -18.60 -42.19 -30.45
N VAL MA 733 -18.23 -43.21 -31.22
CA VAL MA 733 -18.65 -44.57 -30.94
C VAL MA 733 -17.47 -45.37 -30.41
N ASN MA 734 -17.31 -45.40 -29.10
CA ASN MA 734 -16.23 -46.12 -28.43
C ASN MA 734 -14.84 -45.70 -28.89
N GLY MA 735 -14.74 -44.56 -29.57
CA GLY MA 735 -13.45 -44.03 -29.96
C GLY MA 735 -13.35 -43.68 -31.43
N ALA MA 736 -13.92 -44.50 -32.30
CA ALA MA 736 -13.91 -44.21 -33.72
C ALA MA 736 -15.13 -43.40 -34.10
N HIS MA 737 -15.10 -42.82 -35.29
CA HIS MA 737 -16.26 -42.07 -35.75
C HIS MA 737 -17.45 -43.03 -35.91
N PHE MA 738 -17.41 -43.84 -36.95
CA PHE MA 738 -18.24 -45.03 -37.14
C PHE MA 738 -17.92 -45.58 -38.52
N GLN MA 739 -18.26 -46.84 -38.74
CA GLN MA 739 -18.03 -47.49 -40.02
C GLN MA 739 -19.37 -48.01 -40.53
N HIS MA 740 -19.77 -47.53 -41.70
CA HIS MA 740 -21.05 -47.90 -42.28
C HIS MA 740 -20.99 -49.33 -42.81
N ILE MA 741 -20.99 -50.30 -41.90
CA ILE MA 741 -20.94 -51.69 -42.33
C ILE MA 741 -22.34 -52.15 -42.66
N LEU MA 742 -22.45 -52.96 -43.71
CA LEU MA 742 -23.74 -53.39 -44.22
C LEU MA 742 -24.22 -54.62 -43.45
N TRP MA 743 -25.26 -55.27 -43.96
CA TRP MA 743 -25.82 -56.44 -43.29
C TRP MA 743 -24.78 -57.54 -43.18
N VAL MA 744 -24.88 -58.33 -42.11
CA VAL MA 744 -23.96 -59.41 -41.83
C VAL MA 744 -24.70 -60.73 -41.91
N GLU MA 745 -23.94 -61.82 -41.82
CA GLU MA 745 -24.50 -63.15 -41.92
C GLU MA 745 -23.77 -64.09 -40.95
N MET MA 746 -24.32 -65.29 -40.82
CA MET MA 746 -23.73 -66.28 -39.92
C MET MA 746 -22.30 -66.64 -40.32
N ALA MA 747 -21.93 -66.41 -41.58
CA ALA MA 747 -20.60 -66.80 -42.03
C ALA MA 747 -19.51 -66.02 -41.28
N GLN MA 748 -19.76 -64.75 -40.99
CA GLN MA 748 -18.85 -63.97 -40.16
C GLN MA 748 -19.68 -63.15 -39.19
N VAL MA 749 -19.53 -63.42 -37.89
CA VAL MA 749 -20.36 -62.78 -36.89
C VAL MA 749 -19.53 -61.88 -35.99
N ASN MA 750 -18.30 -62.32 -35.69
CA ASN MA 750 -17.32 -61.57 -34.90
C ASN MA 750 -17.96 -60.83 -33.73
N PHE MA 751 -18.54 -61.62 -32.81
CA PHE MA 751 -19.06 -61.05 -31.57
C PHE MA 751 -18.01 -60.31 -30.77
N ARG MA 752 -16.73 -60.42 -31.15
CA ARG MA 752 -15.64 -59.86 -30.37
C ARG MA 752 -15.21 -58.48 -30.83
N ASN MA 753 -15.62 -58.03 -32.01
CA ASN MA 753 -15.14 -56.75 -32.50
C ASN MA 753 -15.66 -55.63 -31.63
N VAL MA 754 -14.84 -54.59 -31.47
CA VAL MA 754 -15.07 -53.58 -30.45
C VAL MA 754 -14.98 -52.19 -31.06
N GLY MA 755 -14.50 -52.11 -32.28
CA GLY MA 755 -14.34 -50.83 -32.94
C GLY MA 755 -15.68 -50.17 -33.21
N GLY MA 756 -15.62 -49.10 -34.01
CA GLY MA 756 -16.83 -48.40 -34.37
C GLY MA 756 -17.47 -48.98 -35.60
N GLY MA 757 -18.47 -49.84 -35.40
CA GLY MA 757 -19.18 -50.43 -36.52
C GLY MA 757 -20.64 -50.67 -36.22
N LEU MA 758 -21.52 -50.10 -37.05
CA LEU MA 758 -22.95 -50.20 -36.85
C LEU MA 758 -23.58 -50.85 -38.07
N VAL MA 759 -24.53 -51.74 -37.84
CA VAL MA 759 -25.14 -52.54 -38.89
C VAL MA 759 -26.47 -51.95 -39.28
N HIS MA 760 -26.87 -52.19 -40.53
CA HIS MA 760 -28.21 -51.90 -41.03
C HIS MA 760 -28.94 -53.23 -41.15
N ASN MA 761 -30.04 -53.37 -40.41
CA ASN MA 761 -30.74 -54.63 -40.34
C ASN MA 761 -31.35 -55.03 -41.68
N ARG MA 762 -30.69 -55.98 -42.38
CA ARG MA 762 -31.09 -56.40 -43.72
C ARG MA 762 -31.37 -55.12 -44.51
N PRO MA 763 -30.33 -54.43 -44.92
CA PRO MA 763 -30.34 -52.97 -44.90
C PRO MA 763 -31.66 -52.32 -45.28
N VAL MA 764 -32.24 -52.76 -46.38
CA VAL MA 764 -33.42 -52.15 -46.93
C VAL MA 764 -34.46 -53.23 -47.17
N ARG MA 765 -35.64 -52.80 -47.59
CA ARG MA 765 -36.62 -53.75 -48.09
C ARG MA 765 -36.22 -54.23 -49.49
N ASN MA 766 -36.00 -53.30 -50.41
CA ASN MA 766 -35.84 -53.63 -51.82
C ASN MA 766 -34.50 -53.21 -52.41
N GLU MA 767 -34.12 -51.95 -52.27
CA GLU MA 767 -33.18 -51.33 -53.20
C GLU MA 767 -31.83 -52.04 -53.23
N ASN MA 768 -31.18 -52.16 -52.07
CA ASN MA 768 -29.81 -52.65 -51.99
C ASN MA 768 -28.86 -51.74 -52.78
N GLN MA 769 -28.76 -50.51 -52.31
CA GLN MA 769 -28.05 -49.42 -52.97
C GLN MA 769 -27.14 -48.71 -51.98
N PRO MA 770 -26.24 -47.82 -52.46
CA PRO MA 770 -25.19 -47.30 -51.57
C PRO MA 770 -25.65 -46.29 -50.52
N LEU MA 771 -25.65 -46.71 -49.26
CA LEU MA 771 -25.61 -45.81 -48.11
C LEU MA 771 -26.76 -44.80 -48.13
N HIS MA 772 -27.98 -45.29 -48.02
CA HIS MA 772 -29.12 -44.39 -48.02
C HIS MA 772 -30.11 -44.79 -46.94
N PRO MA 773 -30.78 -43.83 -46.32
CA PRO MA 773 -31.76 -44.16 -45.28
C PRO MA 773 -32.94 -44.90 -45.87
N HIS MA 774 -33.63 -45.65 -45.01
CA HIS MA 774 -34.79 -46.43 -45.41
C HIS MA 774 -36.03 -45.99 -44.66
N HIS MA 775 -36.10 -44.71 -44.30
CA HIS MA 775 -37.30 -44.11 -43.76
C HIS MA 775 -37.23 -42.61 -44.00
N ASP MA 776 -38.29 -41.92 -43.63
CA ASP MA 776 -38.36 -40.48 -43.75
C ASP MA 776 -37.52 -39.82 -42.67
N ALA MA 777 -37.73 -38.52 -42.49
CA ALA MA 777 -37.04 -37.81 -41.43
C ALA MA 777 -37.81 -37.87 -40.11
N GLU MA 778 -39.13 -37.70 -40.15
CA GLU MA 778 -39.90 -37.52 -38.92
C GLU MA 778 -40.05 -38.78 -38.10
N TRP MA 779 -39.53 -39.91 -38.58
CA TRP MA 779 -39.59 -41.11 -37.77
C TRP MA 779 -38.85 -40.94 -36.46
N SER MA 780 -37.66 -40.34 -36.53
CA SER MA 780 -36.88 -40.16 -35.31
C SER MA 780 -37.58 -39.24 -34.33
N VAL MA 781 -38.27 -38.20 -34.82
CA VAL MA 781 -38.91 -37.29 -33.89
C VAL MA 781 -40.14 -37.94 -33.27
N LEU MA 782 -40.84 -38.79 -34.03
CA LEU MA 782 -41.92 -39.54 -33.41
C LEU MA 782 -41.39 -40.48 -32.34
N SER MA 783 -40.29 -41.16 -32.61
CA SER MA 783 -39.71 -42.06 -31.61
C SER MA 783 -39.27 -41.30 -30.38
N LYS MA 784 -38.72 -40.10 -30.57
CA LYS MA 784 -38.30 -39.29 -29.44
C LYS MA 784 -39.50 -38.85 -28.60
N ILE MA 785 -40.55 -38.38 -29.27
CA ILE MA 785 -41.80 -38.08 -28.58
C ILE MA 785 -42.20 -39.26 -27.71
N TYR MA 786 -42.24 -40.46 -28.32
CA TYR MA 786 -42.63 -41.65 -27.58
C TYR MA 786 -41.78 -41.83 -26.33
N TYR MA 787 -40.49 -42.07 -26.54
CA TYR MA 787 -39.63 -42.49 -25.44
C TYR MA 787 -39.39 -41.40 -24.40
N TYR MA 788 -39.65 -40.13 -24.72
CA TYR MA 788 -39.42 -39.08 -23.73
C TYR MA 788 -40.70 -38.57 -23.08
N ALA MA 789 -41.87 -38.84 -23.66
CA ALA MA 789 -43.06 -38.23 -23.10
C ALA MA 789 -44.15 -39.24 -22.75
N VAL MA 790 -44.23 -40.37 -23.46
CA VAL MA 790 -45.32 -41.31 -23.26
C VAL MA 790 -44.90 -42.45 -22.35
N VAL MA 791 -43.73 -43.04 -22.60
CA VAL MA 791 -43.24 -44.10 -21.72
C VAL MA 791 -43.15 -43.66 -20.27
N PRO MA 792 -42.51 -42.54 -19.93
CA PRO MA 792 -42.37 -42.20 -18.51
C PRO MA 792 -43.68 -41.94 -17.81
N ALA MA 793 -44.73 -41.59 -18.55
CA ALA MA 793 -46.04 -41.40 -17.92
C ALA MA 793 -46.56 -42.70 -17.34
N PHE MA 794 -46.25 -43.83 -17.97
CA PHE MA 794 -46.70 -45.12 -17.50
C PHE MA 794 -45.69 -45.80 -16.59
N SER MA 795 -44.40 -45.71 -16.93
CA SER MA 795 -43.39 -46.43 -16.15
C SER MA 795 -43.19 -45.78 -14.79
N ARG MA 796 -43.05 -44.45 -14.76
CA ARG MA 796 -42.86 -43.71 -13.52
C ARG MA 796 -41.64 -44.20 -12.75
N GLY MA 797 -40.48 -44.06 -13.38
CA GLY MA 797 -39.24 -44.48 -12.76
C GLY MA 797 -39.19 -45.95 -12.45
N ASN MA 798 -39.54 -46.79 -13.43
CA ASN MA 798 -39.39 -48.23 -13.30
C ASN MA 798 -38.63 -48.79 -14.49
N CYS MA 799 -38.83 -48.18 -15.65
CA CYS MA 799 -38.14 -48.59 -16.86
C CYS MA 799 -36.64 -48.54 -16.68
N CYS MA 800 -35.92 -49.24 -17.54
CA CYS MA 800 -34.47 -49.23 -17.54
C CYS MA 800 -33.92 -49.81 -18.84
N THR MA 801 -33.05 -49.08 -19.53
CA THR MA 801 -32.43 -49.60 -20.73
C THR MA 801 -31.35 -50.59 -20.35
N MET MA 802 -31.38 -51.77 -20.97
CA MET MA 802 -30.47 -52.84 -20.60
C MET MA 802 -29.68 -53.30 -21.81
N GLY MA 803 -28.45 -53.73 -21.55
CA GLY MA 803 -27.56 -54.22 -22.57
C GLY MA 803 -27.67 -55.72 -22.69
N VAL MA 804 -27.80 -56.19 -23.94
CA VAL MA 804 -28.12 -57.57 -24.27
C VAL MA 804 -26.88 -58.41 -24.45
N ARG MA 805 -27.05 -59.73 -24.44
CA ARG MA 805 -25.99 -60.69 -24.76
C ARG MA 805 -26.45 -61.43 -26.01
N TYR MA 806 -26.00 -60.97 -27.17
CA TYR MA 806 -26.49 -61.53 -28.42
C TYR MA 806 -26.01 -62.95 -28.64
N ASP MA 807 -24.77 -63.26 -28.24
CA ASP MA 807 -24.27 -64.62 -28.36
C ASP MA 807 -25.15 -65.59 -27.61
N ARG MA 808 -25.41 -65.31 -26.33
CA ARG MA 808 -26.17 -66.23 -25.48
C ARG MA 808 -27.59 -66.41 -25.97
N VAL MA 809 -28.17 -65.38 -26.61
CA VAL MA 809 -29.52 -65.54 -27.13
C VAL MA 809 -29.51 -66.36 -28.40
N TYR MA 810 -28.58 -66.08 -29.32
CA TYR MA 810 -28.52 -66.82 -30.57
C TYR MA 810 -28.26 -68.29 -30.32
N GLN MA 811 -27.41 -68.60 -29.33
CA GLN MA 811 -27.19 -70.00 -28.99
C GLN MA 811 -28.49 -70.69 -28.63
N LEU MA 812 -29.35 -70.01 -27.88
CA LEU MA 812 -30.58 -70.64 -27.42
C LEU MA 812 -31.61 -70.75 -28.53
N VAL MA 813 -31.84 -69.66 -29.26
CA VAL MA 813 -32.94 -69.59 -30.21
C VAL MA 813 -32.85 -70.69 -31.26
N GLN MA 814 -31.67 -71.25 -31.48
CA GLN MA 814 -31.53 -72.29 -32.49
C GLN MA 814 -31.94 -73.66 -31.96
N THR MA 815 -31.79 -73.89 -30.66
CA THR MA 815 -32.05 -75.21 -30.08
C THR MA 815 -33.55 -75.42 -29.95
N MET MA 816 -34.18 -75.68 -31.09
CA MET MA 816 -35.59 -76.02 -31.14
C MET MA 816 -35.77 -77.52 -31.29
N VAL MA 817 -36.94 -77.99 -30.88
CA VAL MA 817 -37.33 -79.38 -31.03
C VAL MA 817 -38.60 -79.40 -31.87
N VAL MA 818 -38.46 -79.78 -33.14
CA VAL MA 818 -39.58 -79.86 -34.06
C VAL MA 818 -39.56 -81.24 -34.70
N PRO MA 819 -40.58 -82.06 -34.52
CA PRO MA 819 -40.61 -83.38 -35.16
C PRO MA 819 -41.09 -83.23 -36.60
N GLU MA 820 -41.01 -84.34 -37.33
CA GLU MA 820 -41.46 -84.38 -38.71
C GLU MA 820 -42.91 -84.85 -38.76
N THR MA 821 -43.74 -84.10 -39.47
CA THR MA 821 -45.13 -84.46 -39.67
C THR MA 821 -45.65 -83.74 -40.90
N ASP MA 822 -46.52 -84.41 -41.66
CA ASP MA 822 -47.01 -83.83 -42.91
C ASP MA 822 -47.82 -82.56 -42.65
N GLU MA 823 -48.88 -82.66 -41.85
CA GLU MA 823 -49.80 -81.56 -41.64
C GLU MA 823 -49.93 -81.24 -40.16
N GLU MA 824 -50.56 -80.10 -39.90
CA GLU MA 824 -50.85 -79.67 -38.54
C GLU MA 824 -51.82 -80.63 -37.87
N VAL MA 825 -51.59 -80.90 -36.58
CA VAL MA 825 -52.37 -81.90 -35.88
C VAL MA 825 -53.00 -81.30 -34.62
N GLY MA 826 -52.36 -80.28 -34.06
CA GLY MA 826 -52.85 -79.65 -32.86
C GLY MA 826 -52.05 -80.03 -31.64
N THR MA 827 -52.71 -79.92 -30.48
CA THR MA 827 -52.03 -80.06 -29.20
C THR MA 827 -52.22 -81.41 -28.53
N ASP MA 828 -53.28 -82.15 -28.88
CA ASP MA 828 -53.50 -83.45 -28.26
C ASP MA 828 -52.51 -84.50 -28.73
N ASP MA 829 -51.86 -84.27 -29.86
CA ASP MA 829 -50.90 -85.24 -30.38
C ASP MA 829 -49.63 -85.23 -29.54
N PRO MA 830 -49.07 -86.39 -29.23
CA PRO MA 830 -47.73 -86.43 -28.63
C PRO MA 830 -46.64 -85.87 -29.53
N ARG MA 831 -47.02 -85.44 -30.74
CA ARG MA 831 -46.05 -84.85 -31.66
C ARG MA 831 -45.93 -83.34 -31.53
N HIS MA 832 -46.92 -82.67 -30.96
CA HIS MA 832 -46.87 -81.22 -30.90
C HIS MA 832 -45.68 -80.78 -30.07
N PRO MA 833 -44.98 -79.71 -30.48
CA PRO MA 833 -43.76 -79.30 -29.76
C PRO MA 833 -44.00 -78.92 -28.32
N LEU MA 834 -45.25 -78.88 -27.86
CA LEU MA 834 -45.56 -78.54 -26.48
C LEU MA 834 -46.08 -79.72 -25.68
N HIS MA 835 -46.20 -80.89 -26.28
CA HIS MA 835 -46.66 -82.05 -25.52
C HIS MA 835 -45.49 -82.68 -24.78
N PRO MA 836 -45.63 -82.95 -23.48
CA PRO MA 836 -44.46 -83.20 -22.61
C PRO MA 836 -43.48 -84.28 -23.07
N ARG MA 837 -43.80 -85.00 -24.15
CA ARG MA 837 -42.88 -86.02 -24.64
C ARG MA 837 -41.57 -85.41 -25.12
N ASN MA 838 -41.64 -84.48 -26.07
CA ASN MA 838 -40.47 -83.86 -26.65
C ASN MA 838 -40.02 -82.62 -25.91
N LEU MA 839 -40.52 -82.40 -24.69
CA LEU MA 839 -40.17 -81.20 -23.92
C LEU MA 839 -38.81 -81.42 -23.24
N VAL MA 840 -37.78 -81.52 -24.06
CA VAL MA 840 -36.42 -81.73 -23.60
C VAL MA 840 -35.99 -80.49 -22.81
N PRO MA 841 -35.21 -80.65 -21.75
CA PRO MA 841 -34.87 -79.49 -20.90
C PRO MA 841 -33.87 -78.58 -21.58
N ASN MA 842 -33.83 -77.34 -21.09
CA ASN MA 842 -32.88 -76.33 -21.55
C ASN MA 842 -32.96 -76.12 -23.06
N SER MA 843 -34.17 -76.21 -23.61
CA SER MA 843 -34.42 -75.96 -25.02
C SER MA 843 -35.19 -74.65 -25.17
N LEU MA 844 -35.61 -74.35 -26.38
CA LEU MA 844 -36.43 -73.15 -26.58
C LEU MA 844 -37.88 -73.41 -26.18
N ASN MA 845 -38.39 -74.60 -26.48
CA ASN MA 845 -39.79 -74.92 -26.21
C ASN MA 845 -40.16 -74.69 -24.75
N VAL MA 846 -39.26 -74.97 -23.83
CA VAL MA 846 -39.60 -74.85 -22.42
C VAL MA 846 -39.90 -73.41 -22.07
N LEU MA 847 -39.29 -72.45 -22.76
CA LEU MA 847 -39.66 -71.05 -22.58
C LEU MA 847 -41.14 -70.86 -22.92
N PHE MA 848 -41.51 -71.17 -24.16
CA PHE MA 848 -42.89 -71.00 -24.59
C PHE MA 848 -43.86 -71.75 -23.68
N HIS MA 849 -43.41 -72.81 -23.04
CA HIS MA 849 -44.28 -73.52 -22.11
C HIS MA 849 -44.37 -72.80 -20.76
N ASN MA 850 -43.30 -72.13 -20.34
CA ASN MA 850 -43.35 -71.40 -19.09
C ASN MA 850 -44.30 -70.22 -19.15
N ALA MA 851 -44.60 -69.72 -20.35
CA ALA MA 851 -45.33 -68.47 -20.52
C ALA MA 851 -46.78 -68.67 -20.95
N CYS MA 852 -47.27 -69.90 -20.92
CA CYS MA 852 -48.65 -70.24 -21.27
C CYS MA 852 -48.99 -69.90 -22.72
N VAL MA 853 -48.03 -69.39 -23.48
CA VAL MA 853 -48.29 -69.07 -24.87
C VAL MA 853 -48.50 -70.36 -25.66
N ALA MA 854 -49.33 -70.28 -26.68
CA ALA MA 854 -49.67 -71.42 -27.53
C ALA MA 854 -49.31 -71.07 -28.97
N VAL MA 855 -48.25 -71.68 -29.48
CA VAL MA 855 -47.74 -71.37 -30.80
C VAL MA 855 -47.66 -72.67 -31.60
N ASP MA 856 -48.02 -72.60 -32.88
CA ASP MA 856 -47.93 -73.76 -33.75
C ASP MA 856 -46.47 -74.06 -34.08
N ALA MA 857 -46.20 -75.33 -34.37
CA ALA MA 857 -44.84 -75.74 -34.72
C ALA MA 857 -44.36 -75.07 -35.99
N ASP MA 858 -45.27 -74.70 -36.89
CA ASP MA 858 -44.85 -74.05 -38.12
C ASP MA 858 -44.31 -72.65 -37.85
N ALA MA 859 -44.99 -71.89 -36.99
CA ALA MA 859 -44.47 -70.58 -36.60
C ALA MA 859 -43.12 -70.72 -35.95
N MET MA 860 -42.94 -71.76 -35.13
CA MET MA 860 -41.65 -72.01 -34.53
C MET MA 860 -40.60 -72.34 -35.57
N LEU MA 861 -41.02 -73.02 -36.64
CA LEU MA 861 -40.12 -73.28 -37.75
C LEU MA 861 -39.67 -71.99 -38.40
N ILE MA 862 -40.57 -71.02 -38.54
CA ILE MA 862 -40.23 -69.76 -39.19
C ILE MA 862 -39.05 -69.07 -38.50
N LEU MA 863 -38.81 -69.38 -37.22
CA LEU MA 863 -37.80 -68.68 -36.42
C LEU MA 863 -36.40 -68.76 -37.00
N GLN MA 864 -36.15 -69.62 -37.99
CA GLN MA 864 -34.81 -69.69 -38.56
C GLN MA 864 -34.45 -68.44 -39.35
N GLU MA 865 -35.44 -67.68 -39.81
CA GLU MA 865 -35.17 -66.60 -40.76
C GLU MA 865 -34.21 -65.56 -40.22
N THR MA 866 -34.12 -65.40 -38.90
CA THR MA 866 -33.18 -64.47 -38.32
C THR MA 866 -31.74 -64.73 -38.77
N VAL MA 867 -31.44 -65.92 -39.27
CA VAL MA 867 -30.07 -66.25 -39.61
C VAL MA 867 -29.60 -65.45 -40.83
N THR MA 868 -30.52 -64.96 -41.64
CA THR MA 868 -30.16 -64.15 -42.80
C THR MA 868 -29.89 -62.70 -42.46
N ASN MA 869 -30.15 -62.28 -41.22
CA ASN MA 869 -29.91 -60.90 -40.81
C ASN MA 869 -29.63 -60.92 -39.32
N MET MA 870 -28.36 -60.84 -38.95
CA MET MA 870 -27.94 -61.00 -37.57
C MET MA 870 -27.85 -59.65 -36.87
N ALA MA 871 -27.49 -59.69 -35.59
CA ALA MA 871 -27.26 -58.51 -34.78
C ALA MA 871 -25.99 -58.74 -33.99
N GLU MA 872 -24.90 -58.09 -34.39
CA GLU MA 872 -23.61 -58.39 -33.79
C GLU MA 872 -23.58 -58.10 -32.30
N ARG MA 873 -23.69 -56.84 -31.93
CA ARG MA 873 -23.59 -56.44 -30.55
C ARG MA 873 -24.23 -55.07 -30.38
N THR MA 874 -24.69 -54.80 -29.16
CA THR MA 874 -25.12 -53.47 -28.79
C THR MA 874 -23.89 -52.65 -28.39
N THR MA 875 -23.95 -51.34 -28.64
CA THR MA 875 -22.82 -50.46 -28.44
C THR MA 875 -23.28 -49.08 -28.00
N PRO MA 876 -22.54 -48.42 -27.12
CA PRO MA 876 -22.93 -47.09 -26.67
C PRO MA 876 -22.36 -46.00 -27.58
N LEU MA 877 -23.07 -44.87 -27.60
CA LEU MA 877 -22.67 -43.71 -28.37
C LEU MA 877 -22.43 -42.53 -27.43
N LEU MA 878 -22.05 -41.39 -27.99
CA LEU MA 878 -21.93 -40.16 -27.21
C LEU MA 878 -22.04 -38.99 -28.17
N ALA MA 879 -23.23 -38.39 -28.23
CA ALA MA 879 -23.42 -37.24 -29.09
C ALA MA 879 -22.89 -35.98 -28.43
N SER MA 880 -22.60 -34.97 -29.24
CA SER MA 880 -22.06 -33.73 -28.73
C SER MA 880 -22.28 -32.64 -29.76
N VAL MA 881 -23.07 -31.63 -29.41
CA VAL MA 881 -23.41 -30.55 -30.34
C VAL MA 881 -23.12 -29.22 -29.65
N ALA MA 882 -23.14 -28.21 -30.42
CA ALA MA 882 -23.06 -26.86 -29.90
C ALA MA 882 -24.46 -26.32 -29.65
N PRO MA 883 -24.61 -25.37 -28.72
CA PRO MA 883 -25.93 -24.74 -28.54
C PRO MA 883 -26.36 -24.03 -29.81
N ASP MA 884 -27.67 -23.90 -29.97
CA ASP MA 884 -28.26 -23.56 -31.25
C ASP MA 884 -28.18 -22.06 -31.52
N ALA MA 885 -28.88 -21.61 -32.56
CA ALA MA 885 -28.95 -20.20 -32.89
C ALA MA 885 -29.59 -19.37 -31.80
N GLY MA 886 -30.33 -20.00 -30.89
CA GLY MA 886 -30.87 -19.30 -29.75
C GLY MA 886 -29.77 -18.87 -28.80
N MET MA 887 -29.09 -19.84 -28.19
CA MET MA 887 -27.99 -19.55 -27.28
C MET MA 887 -26.68 -19.41 -28.07
N ALA MA 888 -26.64 -18.39 -28.92
CA ALA MA 888 -25.55 -18.24 -29.86
C ALA MA 888 -24.74 -16.97 -29.60
N THR MA 889 -24.42 -16.71 -28.34
CA THR MA 889 -23.55 -15.59 -28.01
C THR MA 889 -22.10 -16.06 -27.94
N VAL MA 890 -21.19 -15.10 -27.78
CA VAL MA 890 -19.77 -15.43 -27.70
C VAL MA 890 -19.50 -16.33 -26.51
N ALA MA 891 -20.21 -16.12 -25.40
CA ALA MA 891 -19.98 -16.92 -24.19
C ALA MA 891 -20.49 -18.34 -24.33
N THR MA 892 -21.31 -18.63 -25.34
CA THR MA 892 -21.88 -19.95 -25.52
C THR MA 892 -21.27 -20.68 -26.71
N ARG MA 893 -20.02 -20.36 -27.04
CA ARG MA 893 -19.30 -21.14 -28.04
C ARG MA 893 -18.95 -22.52 -27.49
N ASP MA 894 -18.26 -22.56 -26.35
CA ASP MA 894 -17.68 -23.78 -25.81
C ASP MA 894 -18.62 -24.56 -24.92
N MET MA 895 -19.80 -24.03 -24.60
CA MET MA 895 -20.71 -24.75 -23.72
C MET MA 895 -21.47 -25.83 -24.47
N ARG MA 896 -20.74 -26.73 -25.12
CA ARG MA 896 -21.37 -27.79 -25.87
C ARG MA 896 -21.99 -28.82 -24.94
N THR MA 897 -22.86 -29.65 -25.48
CA THR MA 897 -23.56 -30.68 -24.73
C THR MA 897 -22.95 -32.04 -25.01
N HIS MA 898 -23.35 -33.02 -24.21
CA HIS MA 898 -22.87 -34.39 -24.39
C HIS MA 898 -23.97 -35.34 -23.94
N ASP MA 899 -24.50 -36.10 -24.88
CA ASP MA 899 -25.60 -37.02 -24.60
C ASP MA 899 -25.24 -38.38 -25.17
N GLY MA 900 -25.74 -39.44 -24.52
CA GLY MA 900 -25.42 -40.79 -24.88
C GLY MA 900 -26.61 -41.54 -25.48
N SER MA 901 -26.31 -42.67 -26.10
CA SER MA 901 -27.35 -43.48 -26.71
C SER MA 901 -26.88 -44.92 -26.82
N LEU MA 902 -27.80 -45.85 -26.60
CA LEU MA 902 -27.54 -47.26 -26.83
C LEU MA 902 -27.98 -47.62 -28.25
N HIS MA 903 -27.09 -48.28 -28.99
CA HIS MA 903 -27.43 -48.82 -30.29
C HIS MA 903 -27.74 -50.30 -30.14
N HIS MA 904 -28.83 -50.74 -30.77
CA HIS MA 904 -29.27 -52.13 -30.71
C HIS MA 904 -29.43 -52.59 -29.27
N GLY MA 905 -29.82 -51.68 -28.39
CA GLY MA 905 -30.05 -52.03 -27.01
C GLY MA 905 -31.44 -52.61 -26.83
N LEU MA 906 -31.95 -52.49 -25.61
CA LEU MA 906 -33.34 -52.87 -25.35
C LEU MA 906 -33.75 -52.31 -24.01
N LEU MA 907 -35.03 -52.00 -23.90
CA LEU MA 907 -35.63 -51.40 -22.71
C LEU MA 907 -36.60 -52.42 -22.11
N MET MA 908 -36.34 -52.83 -20.88
CA MET MA 908 -37.27 -53.71 -20.18
C MET MA 908 -38.04 -52.90 -19.14
N MET MA 909 -39.18 -53.45 -18.72
CA MET MA 909 -40.17 -52.67 -17.99
C MET MA 909 -39.97 -52.72 -16.47
N ALA MA 910 -40.08 -53.90 -15.89
CA ALA MA 910 -39.95 -54.04 -14.44
C ALA MA 910 -39.18 -55.31 -14.13
N TYR MA 911 -38.24 -55.20 -13.20
CA TYR MA 911 -37.33 -56.30 -12.91
C TYR MA 911 -38.01 -57.37 -12.06
N GLN MA 912 -37.75 -58.63 -12.41
CA GLN MA 912 -38.24 -59.78 -11.66
C GLN MA 912 -37.06 -60.43 -10.96
N PRO MA 913 -36.76 -60.05 -9.73
CA PRO MA 913 -35.55 -60.56 -9.08
C PRO MA 913 -35.79 -61.87 -8.34
N ASN MA 914 -37.05 -62.19 -8.09
CA ASN MA 914 -37.40 -63.35 -7.28
C ASN MA 914 -37.70 -64.59 -8.13
N ASP MA 915 -37.54 -64.49 -9.44
CA ASP MA 915 -37.63 -65.69 -10.27
C ASP MA 915 -36.39 -66.54 -10.10
N ALA MA 916 -36.55 -67.84 -10.31
CA ALA MA 916 -35.45 -68.78 -10.18
C ALA MA 916 -35.33 -69.76 -11.33
N THR MA 917 -36.25 -69.75 -12.28
CA THR MA 917 -36.16 -70.66 -13.40
C THR MA 917 -35.21 -70.19 -14.49
N LEU MA 918 -34.51 -69.07 -14.27
CA LEU MA 918 -33.51 -68.58 -15.21
C LEU MA 918 -32.41 -67.88 -14.43
N LEU MA 919 -31.18 -68.03 -14.91
CA LEU MA 919 -30.08 -67.26 -14.36
C LEU MA 919 -30.39 -65.77 -14.46
N GLU MA 920 -29.97 -65.00 -13.46
CA GLU MA 920 -30.37 -63.61 -13.39
C GLU MA 920 -29.85 -62.83 -14.59
N GLY MA 921 -28.54 -62.68 -14.69
CA GLY MA 921 -27.95 -61.95 -15.80
C GLY MA 921 -27.73 -62.82 -17.00
N ALA MA 922 -28.71 -63.67 -17.31
CA ALA MA 922 -28.53 -64.66 -18.36
C ALA MA 922 -28.47 -64.02 -19.74
N PHE MA 923 -29.32 -63.04 -19.99
CA PHE MA 923 -29.43 -62.47 -21.33
C PHE MA 923 -29.19 -60.97 -21.39
N PHE MA 924 -29.53 -60.22 -20.35
CA PHE MA 924 -29.44 -58.78 -20.38
C PHE MA 924 -28.59 -58.26 -19.23
N TYR MA 925 -27.75 -57.29 -19.52
CA TYR MA 925 -27.07 -56.59 -18.44
C TYR MA 925 -27.51 -55.13 -18.41
N PRO MA 926 -27.58 -54.52 -17.23
CA PRO MA 926 -28.11 -53.17 -17.14
C PRO MA 926 -27.15 -52.16 -17.74
N ALA MA 927 -27.71 -51.16 -18.41
CA ALA MA 927 -26.94 -50.04 -18.93
C ALA MA 927 -27.85 -48.84 -19.12
N PRO MA 928 -28.09 -48.05 -18.08
CA PRO MA 928 -28.93 -46.88 -18.23
C PRO MA 928 -28.20 -45.79 -18.98
N VAL MA 929 -28.95 -45.04 -19.79
CA VAL MA 929 -28.40 -44.01 -20.64
C VAL MA 929 -28.79 -42.62 -20.16
N ASN MA 930 -29.98 -42.46 -19.61
CA ASN MA 930 -30.47 -41.17 -19.17
C ASN MA 930 -31.12 -41.29 -17.80
N ALA MA 931 -31.14 -40.16 -17.08
CA ALA MA 931 -31.68 -40.13 -15.72
C ALA MA 931 -33.14 -40.52 -15.65
N LEU MA 932 -33.84 -40.58 -16.77
CA LEU MA 932 -35.20 -41.12 -16.77
C LEU MA 932 -35.17 -42.64 -16.70
N PHE MA 933 -34.38 -43.26 -17.58
CA PHE MA 933 -34.39 -44.71 -17.73
C PHE MA 933 -33.31 -45.35 -16.87
N ALA MA 934 -33.44 -45.15 -15.56
CA ALA MA 934 -32.46 -45.71 -14.63
C ALA MA 934 -33.19 -46.03 -13.33
N CYS MA 935 -33.63 -47.27 -13.20
CA CYS MA 935 -34.21 -47.72 -11.94
C CYS MA 935 -33.09 -48.14 -10.99
N ALA MA 936 -33.47 -48.61 -9.82
CA ALA MA 936 -32.50 -49.00 -8.80
C ALA MA 936 -32.42 -50.50 -8.58
N ASP MA 937 -33.51 -51.22 -8.74
CA ASP MA 937 -33.52 -52.67 -8.56
C ASP MA 937 -33.25 -53.41 -9.86
N HIS MA 938 -32.68 -52.73 -10.85
CA HIS MA 938 -32.23 -53.40 -12.06
C HIS MA 938 -30.79 -53.87 -11.96
N LEU MA 939 -29.99 -53.23 -11.11
CA LEU MA 939 -28.59 -53.61 -10.96
C LEU MA 939 -28.43 -54.99 -10.38
N GLY MA 940 -29.50 -55.60 -9.87
CA GLY MA 940 -29.42 -56.97 -9.37
C GLY MA 940 -29.11 -57.99 -10.44
N ALA MA 941 -29.21 -57.62 -11.71
CA ALA MA 941 -28.90 -58.55 -12.80
C ALA MA 941 -27.41 -58.74 -13.01
N MET MA 942 -26.59 -57.76 -12.63
CA MET MA 942 -25.16 -57.92 -12.79
C MET MA 942 -24.62 -58.94 -11.80
N ARG MA 943 -23.42 -59.42 -12.08
CA ARG MA 943 -22.78 -60.46 -11.29
C ARG MA 943 -21.71 -59.85 -10.38
N ASP MA 944 -21.49 -60.49 -9.24
CA ASP MA 944 -20.47 -60.07 -8.28
C ASP MA 944 -20.68 -58.62 -7.86
N VAL MA 945 -21.93 -58.23 -7.65
CA VAL MA 945 -22.26 -56.89 -7.19
C VAL MA 945 -22.18 -56.87 -5.67
N GLY MA 946 -21.55 -55.83 -5.13
CA GLY MA 946 -21.41 -55.69 -3.70
C GLY MA 946 -22.54 -54.88 -3.09
N ALA MA 947 -22.59 -54.90 -1.76
CA ALA MA 947 -23.57 -54.10 -1.05
C ALA MA 947 -23.17 -52.65 -0.94
N GLU MA 948 -21.89 -52.33 -1.16
CA GLU MA 948 -21.43 -50.95 -1.05
C GLU MA 948 -21.96 -50.08 -2.18
N VAL MA 949 -22.39 -50.67 -3.28
CA VAL MA 949 -22.85 -49.91 -4.43
C VAL MA 949 -24.36 -49.86 -4.53
N ARG MA 950 -25.04 -51.00 -4.30
CA ARG MA 950 -26.49 -51.00 -4.31
C ARG MA 950 -27.08 -50.32 -3.08
N ALA MA 951 -26.27 -50.04 -2.06
CA ALA MA 951 -26.78 -49.34 -0.88
C ALA MA 951 -27.08 -47.89 -1.19
N ALA MA 952 -26.26 -47.26 -2.03
CA ALA MA 952 -26.40 -45.85 -2.34
C ALA MA 952 -26.91 -45.61 -3.74
N ALA MA 953 -27.47 -46.62 -4.39
CA ALA MA 953 -27.99 -46.48 -5.74
C ALA MA 953 -29.48 -46.19 -5.78
N GLN MA 954 -30.17 -46.29 -4.64
CA GLN MA 954 -31.59 -45.96 -4.61
C GLN MA 954 -31.83 -44.47 -4.53
N HIS MA 955 -30.82 -43.69 -4.12
CA HIS MA 955 -30.98 -42.25 -3.98
C HIS MA 955 -30.32 -41.46 -5.09
N VAL MA 956 -29.39 -42.05 -5.84
CA VAL MA 956 -28.75 -41.35 -6.95
C VAL MA 956 -28.92 -42.18 -8.21
N PRO MA 957 -29.02 -41.56 -9.39
CA PRO MA 957 -29.15 -42.33 -10.63
C PRO MA 957 -27.88 -43.11 -10.93
N CYS MA 958 -27.98 -43.96 -11.95
CA CYS MA 958 -26.94 -44.93 -12.26
C CYS MA 958 -26.28 -44.67 -13.60
N VAL MA 959 -26.52 -43.51 -14.20
CA VAL MA 959 -25.91 -43.19 -15.49
C VAL MA 959 -24.41 -43.24 -15.33
N PRO MA 960 -23.71 -44.09 -16.06
CA PRO MA 960 -22.25 -44.14 -15.96
C PRO MA 960 -21.61 -42.96 -16.66
N HIS MA 961 -20.37 -42.67 -16.24
CA HIS MA 961 -19.71 -41.45 -16.66
C HIS MA 961 -18.97 -41.60 -17.97
N PHE MA 962 -19.40 -42.52 -18.84
CA PHE MA 962 -19.01 -42.53 -20.23
C PHE MA 962 -20.21 -42.40 -21.15
N LEU MA 963 -21.33 -41.92 -20.61
CA LEU MA 963 -22.54 -41.70 -21.40
C LEU MA 963 -23.14 -40.32 -21.18
N GLY MA 964 -22.45 -39.44 -20.44
CA GLY MA 964 -22.95 -38.10 -20.20
C GLY MA 964 -23.49 -37.92 -18.80
N ALA MA 965 -23.03 -36.89 -18.11
CA ALA MA 965 -23.42 -36.67 -16.72
C ALA MA 965 -24.68 -35.81 -16.65
N ASN MA 966 -25.12 -35.54 -15.42
CA ASN MA 966 -26.37 -34.83 -15.19
C ASN MA 966 -26.30 -33.36 -15.54
N TYR MA 967 -25.12 -32.80 -15.74
CA TYR MA 967 -24.99 -31.39 -16.05
C TYR MA 967 -24.70 -31.12 -17.50
N TYR MA 968 -23.91 -31.97 -18.15
CA TYR MA 968 -23.59 -31.80 -19.55
C TYR MA 968 -24.64 -32.41 -20.47
N ALA MA 969 -25.72 -32.97 -19.91
CA ALA MA 969 -26.76 -33.58 -20.71
C ALA MA 969 -27.82 -32.54 -21.06
N THR MA 970 -28.79 -32.95 -21.87
CA THR MA 970 -29.86 -32.06 -22.30
C THR MA 970 -31.19 -32.39 -21.67
N VAL MA 971 -31.28 -33.47 -20.89
CA VAL MA 971 -32.49 -33.82 -20.15
C VAL MA 971 -32.02 -34.13 -18.72
N ARG MA 972 -32.04 -33.12 -17.86
CA ARG MA 972 -31.37 -33.22 -16.58
C ARG MA 972 -32.24 -33.99 -15.59
N GLN MA 973 -31.86 -33.94 -14.32
CA GLN MA 973 -32.54 -34.74 -13.30
C GLN MA 973 -33.98 -34.30 -13.07
N PRO MA 974 -34.29 -33.01 -12.89
CA PRO MA 974 -35.63 -32.66 -12.37
C PRO MA 974 -36.77 -33.16 -13.22
N VAL MA 975 -36.65 -33.12 -14.55
CA VAL MA 975 -37.73 -33.61 -15.39
C VAL MA 975 -37.97 -35.11 -15.17
N ALA MA 976 -36.96 -35.84 -14.69
CA ALA MA 976 -37.17 -37.22 -14.32
C ALA MA 976 -37.82 -37.32 -12.95
N GLN MA 977 -37.30 -36.55 -11.99
CA GLN MA 977 -37.90 -36.52 -10.66
C GLN MA 977 -39.33 -36.01 -10.72
N HIS MA 978 -39.67 -35.25 -11.77
CA HIS MA 978 -41.05 -34.84 -11.97
C HIS MA 978 -41.96 -36.05 -12.07
N ALA MA 979 -41.76 -36.88 -13.10
CA ALA MA 979 -42.64 -38.02 -13.31
C ALA MA 979 -42.58 -39.02 -12.17
N ALA MA 980 -41.48 -39.05 -11.41
CA ALA MA 980 -41.37 -40.04 -10.36
C ALA MA 980 -42.37 -39.77 -9.23
N GLN MA 981 -42.43 -38.54 -8.74
CA GLN MA 981 -43.24 -38.21 -7.58
C GLN MA 981 -44.37 -37.25 -7.95
N SER MA 982 -45.02 -37.50 -9.07
CA SER MA 982 -46.17 -36.70 -9.51
C SER MA 982 -47.34 -37.65 -9.72
N ARG MA 983 -48.20 -37.79 -8.72
CA ARG MA 983 -49.38 -38.63 -8.83
C ARG MA 983 -50.50 -37.76 -9.39
N ALA MA 984 -50.55 -37.67 -10.71
CA ALA MA 984 -51.37 -36.68 -11.39
C ALA MA 984 -52.06 -37.25 -12.63
N ASP MA 985 -52.67 -38.42 -12.50
CA ASP MA 985 -53.66 -38.89 -13.49
C ASP MA 985 -53.03 -39.03 -14.89
N GLU MA 986 -52.23 -40.08 -15.03
CA GLU MA 986 -51.19 -40.21 -16.04
C GLU MA 986 -51.58 -39.86 -17.48
N ASN MA 987 -52.85 -39.69 -17.80
CA ASN MA 987 -53.18 -39.14 -19.11
C ASN MA 987 -52.68 -37.71 -19.22
N THR MA 988 -52.94 -36.89 -18.21
CA THR MA 988 -52.53 -35.50 -18.27
C THR MA 988 -51.03 -35.34 -18.03
N LEU MA 989 -50.41 -36.27 -17.31
CA LEU MA 989 -48.97 -36.22 -17.12
C LEU MA 989 -48.26 -36.26 -18.46
N SER MA 990 -48.86 -36.92 -19.45
CA SER MA 990 -48.28 -36.94 -20.79
C SER MA 990 -48.14 -35.52 -21.34
N TYR MA 991 -49.25 -34.79 -21.43
CA TYR MA 991 -49.18 -33.42 -21.91
C TYR MA 991 -48.29 -32.55 -21.04
N ALA MA 992 -48.24 -32.83 -19.74
CA ALA MA 992 -47.36 -32.06 -18.87
C ALA MA 992 -45.90 -32.22 -19.29
N LEU MA 993 -45.44 -33.47 -19.36
CA LEU MA 993 -44.07 -33.72 -19.81
C LEU MA 993 -43.84 -33.17 -21.20
N MET MA 994 -44.87 -33.17 -22.03
CA MET MA 994 -44.72 -32.68 -23.41
C MET MA 994 -44.51 -31.18 -23.43
N ALA MA 995 -45.30 -30.45 -22.64
CA ALA MA 995 -45.12 -29.01 -22.56
C ALA MA 995 -43.81 -28.65 -21.89
N GLY MA 996 -43.29 -29.54 -21.05
CA GLY MA 996 -42.02 -29.26 -20.40
C GLY MA 996 -40.84 -29.55 -21.29
N TYR MA 997 -40.98 -29.33 -22.60
CA TYR MA 997 -39.89 -29.56 -23.53
C TYR MA 997 -39.76 -28.41 -24.52
N PHE MA 998 -40.08 -27.19 -24.09
CA PHE MA 998 -39.94 -26.01 -24.94
C PHE MA 998 -38.67 -25.27 -24.55
N LYS MA 999 -37.95 -24.78 -25.54
CA LYS MA 999 -36.64 -24.23 -25.30
C LYS MA 999 -36.72 -22.84 -24.68
N MET MA 1000 -35.76 -22.54 -23.82
CA MET MA 1000 -35.64 -21.23 -23.18
C MET MA 1000 -34.59 -20.45 -23.95
N SER MA 1001 -35.05 -19.66 -24.92
CA SER MA 1001 -34.15 -18.86 -25.75
C SER MA 1001 -34.97 -17.73 -26.36
N PRO MA 1002 -34.37 -16.56 -26.54
CA PRO MA 1002 -35.12 -15.45 -27.14
C PRO MA 1002 -35.84 -15.80 -28.42
N VAL MA 1003 -35.16 -16.48 -29.34
CA VAL MA 1003 -35.80 -16.92 -30.57
C VAL MA 1003 -36.88 -17.96 -30.32
N ALA MA 1004 -36.90 -18.56 -29.14
CA ALA MA 1004 -38.01 -19.44 -28.78
C ALA MA 1004 -39.13 -18.69 -28.07
N PHE MA 1005 -38.76 -17.68 -27.28
CA PHE MA 1005 -39.78 -16.89 -26.61
C PHE MA 1005 -40.61 -16.12 -27.61
N THR MA 1006 -39.98 -15.66 -28.70
CA THR MA 1006 -40.73 -14.92 -29.71
C THR MA 1006 -41.86 -15.72 -30.33
N HIS MA 1007 -41.95 -17.02 -30.05
CA HIS MA 1007 -43.11 -17.83 -30.39
C HIS MA 1007 -43.93 -18.19 -29.16
N GLN MA 1008 -43.28 -18.67 -28.11
CA GLN MA 1008 -44.00 -19.12 -26.92
C GLN MA 1008 -44.85 -17.99 -26.34
N LEU MA 1009 -44.24 -16.85 -26.08
CA LEU MA 1009 -44.95 -15.78 -25.38
C LEU MA 1009 -46.10 -15.25 -26.21
N ARG MA 1010 -46.03 -15.34 -27.52
CA ARG MA 1010 -47.08 -14.81 -28.36
C ARG MA 1010 -48.13 -15.84 -28.71
N ARG MA 1011 -47.89 -17.13 -28.45
CA ARG MA 1011 -48.90 -18.15 -28.69
C ARG MA 1011 -49.63 -18.56 -27.43
N GLN MA 1012 -49.67 -17.68 -26.42
CA GLN MA 1012 -50.45 -17.91 -25.21
C GLN MA 1012 -50.02 -19.20 -24.50
N LEU MA 1013 -48.74 -19.26 -24.18
CA LEU MA 1013 -48.20 -20.34 -23.38
C LEU MA 1013 -47.47 -19.74 -22.19
N HIS MA 1014 -47.62 -20.36 -21.03
CA HIS MA 1014 -47.04 -19.82 -19.81
C HIS MA 1014 -45.74 -20.53 -19.50
N PRO MA 1015 -44.59 -19.93 -19.75
CA PRO MA 1015 -43.33 -20.56 -19.35
C PRO MA 1015 -43.16 -20.55 -17.84
N GLY MA 1016 -42.05 -21.09 -17.35
CA GLY MA 1016 -41.86 -21.25 -15.92
C GLY MA 1016 -41.42 -19.99 -15.20
N PHE MA 1017 -41.68 -18.82 -15.79
CA PHE MA 1017 -41.35 -17.56 -15.16
C PHE MA 1017 -42.56 -16.96 -14.49
N ALA MA 1018 -42.33 -15.84 -13.82
CA ALA MA 1018 -43.41 -15.02 -13.27
C ALA MA 1018 -42.86 -13.62 -13.14
N LEU MA 1019 -43.31 -12.71 -13.99
CA LEU MA 1019 -42.69 -11.40 -14.00
C LEU MA 1019 -43.27 -10.51 -12.90
N THR MA 1020 -42.62 -9.39 -12.66
CA THR MA 1020 -42.97 -8.45 -11.60
C THR MA 1020 -42.88 -7.05 -12.16
N VAL MA 1021 -44.00 -6.55 -12.71
CA VAL MA 1021 -43.99 -5.25 -13.35
C VAL MA 1021 -43.73 -4.16 -12.33
N VAL MA 1022 -43.00 -3.12 -12.74
CA VAL MA 1022 -42.71 -1.96 -11.90
C VAL MA 1022 -42.79 -0.71 -12.76
N ARG MA 1023 -43.42 0.33 -12.23
CA ARG MA 1023 -43.53 1.59 -12.97
C ARG MA 1023 -43.69 2.72 -11.98
N GLN MA 1024 -43.34 3.93 -12.42
CA GLN MA 1024 -43.30 5.10 -11.55
C GLN MA 1024 -44.19 6.20 -12.11
N ASP MA 1025 -44.94 6.85 -11.22
CA ASP MA 1025 -45.89 7.87 -11.60
C ASP MA 1025 -45.64 9.14 -10.79
N ARG MA 1026 -46.23 10.24 -11.27
CA ARG MA 1026 -46.09 11.54 -10.62
C ARG MA 1026 -47.46 12.19 -10.48
N PHE MA 1027 -47.67 12.86 -9.35
CA PHE MA 1027 -48.93 13.54 -9.07
C PHE MA 1027 -48.64 14.97 -8.66
N ALA MA 1028 -49.48 15.90 -9.12
CA ALA MA 1028 -49.36 17.30 -8.78
C ALA MA 1028 -50.25 17.61 -7.59
N THR MA 1029 -49.67 18.15 -6.52
CA THR MA 1029 -50.39 18.41 -5.28
C THR MA 1029 -50.28 19.88 -4.91
N GLU MA 1030 -51.04 20.27 -3.90
CA GLU MA 1030 -51.03 21.63 -3.38
C GLU MA 1030 -50.55 21.58 -1.93
N ASN MA 1031 -49.39 22.13 -1.68
CA ASN MA 1031 -48.79 22.06 -0.35
C ASN MA 1031 -49.24 23.24 0.49
N VAL MA 1032 -48.86 23.20 1.76
CA VAL MA 1032 -49.12 24.28 2.71
C VAL MA 1032 -47.82 24.49 3.47
N LEU MA 1033 -47.05 25.50 3.07
CA LEU MA 1033 -45.77 25.75 3.70
C LEU MA 1033 -45.97 26.49 5.02
N PHE MA 1034 -44.93 26.48 5.84
CA PHE MA 1034 -44.91 27.26 7.08
C PHE MA 1034 -43.50 27.75 7.33
N ALA MA 1035 -43.40 28.94 7.93
CA ALA MA 1035 -42.11 29.54 8.23
C ALA MA 1035 -42.19 30.18 9.59
N GLU MA 1036 -41.05 30.67 10.07
CA GLU MA 1036 -40.95 31.19 11.42
C GLU MA 1036 -40.75 32.71 11.39
N LYS MA 1037 -40.66 33.29 12.59
CA LYS MA 1037 -40.58 34.73 12.72
C LYS MA 1037 -39.35 35.28 12.04
N ALA MA 1038 -38.25 34.54 12.07
CA ALA MA 1038 -37.04 34.93 11.35
C ALA MA 1038 -36.30 33.63 11.01
N SER MA 1039 -36.52 33.13 9.79
CA SER MA 1039 -35.96 31.86 9.40
C SER MA 1039 -34.82 31.99 8.41
N GLU MA 1040 -34.52 33.19 7.92
CA GLU MA 1040 -33.46 33.33 6.93
C GLU MA 1040 -32.75 34.65 7.11
N SER MA 1041 -31.44 34.60 7.29
CA SER MA 1041 -30.60 35.76 7.13
C SER MA 1041 -30.40 35.98 5.64
N TYR MA 1042 -30.95 37.07 5.11
CA TYR MA 1042 -30.94 37.33 3.68
C TYR MA 1042 -30.12 38.57 3.40
N PHE MA 1043 -29.14 38.44 2.51
CA PHE MA 1043 -28.25 39.53 2.14
C PHE MA 1043 -28.40 39.84 0.67
N MET MA 1044 -28.67 41.10 0.36
CA MET MA 1044 -28.82 41.55 -1.02
C MET MA 1044 -27.63 42.42 -1.38
N GLY MA 1045 -26.98 42.10 -2.49
CA GLY MA 1045 -25.82 42.84 -2.93
C GLY MA 1045 -26.20 44.15 -3.59
N GLN MA 1046 -25.26 44.68 -4.36
CA GLN MA 1046 -25.45 45.92 -5.08
C GLN MA 1046 -25.58 45.64 -6.56
N MET MA 1047 -26.49 46.34 -7.23
CA MET MA 1047 -26.82 46.04 -8.61
C MET MA 1047 -25.61 46.22 -9.51
N GLN MA 1048 -25.73 45.73 -10.75
CA GLN MA 1048 -24.62 45.74 -11.68
C GLN MA 1048 -25.16 45.56 -13.10
N VAL MA 1049 -24.86 46.50 -13.99
CA VAL MA 1049 -25.37 46.50 -15.34
C VAL MA 1049 -24.28 46.03 -16.29
N ALA MA 1050 -24.69 45.46 -17.43
CA ALA MA 1050 -23.75 44.96 -18.43
C ALA MA 1050 -24.25 45.38 -19.80
N ARG MA 1051 -23.59 46.38 -20.40
CA ARG MA 1051 -23.95 46.88 -21.71
C ARG MA 1051 -23.29 46.01 -22.77
N THR MA 1052 -24.09 45.41 -23.64
CA THR MA 1052 -23.58 44.60 -24.74
C THR MA 1052 -24.20 45.07 -26.05
N GLU MA 1053 -23.66 44.55 -27.14
CA GLU MA 1053 -24.20 44.75 -28.47
C GLU MA 1053 -24.61 43.41 -29.05
N SER MA 1054 -25.85 43.32 -29.53
CA SER MA 1054 -26.34 42.09 -30.14
C SER MA 1054 -27.52 42.44 -31.02
N GLY MA 1055 -27.36 42.32 -32.33
CA GLY MA 1055 -28.44 42.61 -33.25
C GLY MA 1055 -28.71 44.08 -33.47
N GLY MA 1056 -27.65 44.87 -33.65
CA GLY MA 1056 -27.82 46.28 -33.92
C GLY MA 1056 -28.27 47.07 -32.70
N GLY MA 1057 -29.41 46.68 -32.13
CA GLY MA 1057 -29.92 47.38 -30.97
C GLY MA 1057 -29.12 47.05 -29.74
N LEU MA 1058 -28.87 48.08 -28.92
CA LEU MA 1058 -28.23 47.85 -27.63
C LEU MA 1058 -29.06 46.87 -26.82
N HIS MA 1059 -28.38 45.96 -26.14
CA HIS MA 1059 -29.04 44.86 -25.43
C HIS MA 1059 -28.49 44.81 -24.01
N LEU MA 1060 -29.10 45.58 -23.11
CA LEU MA 1060 -28.64 45.63 -21.73
C LEU MA 1060 -28.94 44.30 -21.03
N GLN MA 1061 -28.39 44.16 -19.82
CA GLN MA 1061 -28.62 42.95 -19.03
C GLN MA 1061 -28.26 43.25 -17.59
N LEU MA 1062 -29.25 43.20 -16.71
CA LEU MA 1062 -29.04 43.54 -15.31
C LEU MA 1062 -28.62 42.31 -14.52
N THR MA 1063 -28.25 42.53 -13.26
CA THR MA 1063 -27.80 41.47 -12.36
C THR MA 1063 -27.68 42.04 -10.96
N GLN MA 1064 -28.00 41.23 -9.96
CA GLN MA 1064 -27.93 41.64 -8.56
C GLN MA 1064 -27.60 40.41 -7.73
N PRO MA 1065 -26.38 40.31 -7.22
CA PRO MA 1065 -26.01 39.15 -6.41
C PRO MA 1065 -26.69 39.22 -5.05
N ARG MA 1066 -26.91 38.04 -4.48
CA ARG MA 1066 -27.52 37.97 -3.16
C ARG MA 1066 -27.22 36.62 -2.55
N ALA MA 1067 -27.22 36.58 -1.21
CA ALA MA 1067 -26.89 35.37 -0.48
C ALA MA 1067 -27.89 35.16 0.64
N ASN MA 1068 -27.88 33.96 1.21
CA ASN MA 1068 -28.73 33.65 2.34
C ASN MA 1068 -28.11 32.52 3.16
N VAL MA 1069 -28.63 32.34 4.37
CA VAL MA 1069 -28.20 31.27 5.24
C VAL MA 1069 -29.24 31.10 6.33
N ASP MA 1070 -29.58 29.85 6.64
CA ASP MA 1070 -30.47 29.62 7.76
C ASP MA 1070 -29.78 29.99 9.06
N LEU MA 1071 -30.57 30.47 10.01
CA LEU MA 1071 -30.02 30.94 11.27
C LEU MA 1071 -30.77 30.33 12.45
N GLY MA 1072 -31.33 29.14 12.26
CA GLY MA 1072 -31.97 28.45 13.35
C GLY MA 1072 -31.54 26.99 13.45
N VAL MA 1073 -30.95 26.62 14.59
CA VAL MA 1073 -30.68 25.21 14.83
C VAL MA 1073 -32.01 24.47 14.89
N GLY MA 1074 -32.05 23.28 14.31
CA GLY MA 1074 -33.29 22.55 14.19
C GLY MA 1074 -34.11 23.03 13.01
N PHE MA 1075 -35.20 22.31 12.75
CA PHE MA 1075 -36.00 22.57 11.57
C PHE MA 1075 -36.90 23.78 11.81
N THR MA 1076 -36.94 24.68 10.82
CA THR MA 1076 -37.68 25.92 10.95
C THR MA 1076 -38.66 26.14 9.81
N ALA MA 1077 -39.04 25.08 9.10
CA ALA MA 1077 -40.04 25.17 8.04
C ALA MA 1077 -40.51 23.77 7.72
N ALA MA 1078 -41.78 23.66 7.33
CA ALA MA 1078 -42.36 22.35 7.06
C ALA MA 1078 -43.65 22.53 6.28
N TYR MA 1079 -43.92 21.63 5.35
CA TYR MA 1079 -45.16 21.66 4.59
C TYR MA 1079 -45.92 20.36 4.80
N ALA MA 1080 -47.10 20.27 4.19
CA ALA MA 1080 -48.03 19.20 4.50
C ALA MA 1080 -48.66 18.49 3.31
N ALA MA 1081 -48.68 19.09 2.12
CA ALA MA 1081 -49.23 18.46 0.91
C ALA MA 1081 -50.72 18.11 1.10
N ALA MA 1082 -51.52 19.17 1.21
CA ALA MA 1082 -52.92 19.00 1.59
C ALA MA 1082 -53.80 18.39 0.51
N ALA MA 1083 -53.99 19.10 -0.61
CA ALA MA 1083 -54.97 18.70 -1.60
C ALA MA 1083 -54.33 17.81 -2.66
N LEU MA 1084 -55.04 17.58 -3.77
CA LEU MA 1084 -54.52 16.74 -4.85
C LEU MA 1084 -55.12 17.19 -6.17
N ARG MA 1085 -54.28 17.67 -7.06
CA ARG MA 1085 -54.70 17.98 -8.42
C ARG MA 1085 -54.69 16.70 -9.25
N ALA MA 1086 -54.82 16.84 -10.56
CA ALA MA 1086 -54.85 15.69 -11.43
C ALA MA 1086 -53.46 15.08 -11.56
N PRO MA 1087 -53.36 13.76 -11.70
CA PRO MA 1087 -52.07 13.11 -11.91
C PRO MA 1087 -51.42 13.61 -13.20
N VAL MA 1088 -50.20 14.13 -13.07
CA VAL MA 1088 -49.53 14.75 -14.21
C VAL MA 1088 -49.18 13.71 -15.26
N THR MA 1089 -48.87 12.49 -14.86
CA THR MA 1089 -48.51 11.44 -15.80
C THR MA 1089 -49.62 10.42 -15.91
N ASP MA 1090 -49.71 9.79 -17.07
CA ASP MA 1090 -50.61 8.67 -17.24
C ASP MA 1090 -50.15 7.52 -16.35
N MET MA 1091 -51.09 6.62 -16.05
CA MET MA 1091 -50.77 5.39 -15.35
C MET MA 1091 -50.91 4.19 -16.28
N GLY MA 1092 -50.68 4.40 -17.57
CA GLY MA 1092 -50.87 3.37 -18.56
C GLY MA 1092 -49.77 2.33 -18.53
N ASN MA 1093 -49.64 1.61 -19.65
CA ASN MA 1093 -48.61 0.61 -19.82
C ASN MA 1093 -47.76 0.96 -21.03
N LEU MA 1094 -46.47 0.75 -20.90
CA LEU MA 1094 -45.55 0.97 -22.02
C LEU MA 1094 -44.30 0.14 -21.79
N PRO MA 1095 -44.18 -1.02 -22.42
CA PRO MA 1095 -43.06 -1.89 -22.13
C PRO MA 1095 -41.75 -1.24 -22.54
N GLN MA 1096 -40.72 -1.47 -21.74
CA GLN MA 1096 -39.40 -0.95 -22.08
C GLN MA 1096 -38.74 -1.88 -23.08
N ASN MA 1097 -38.11 -1.28 -24.07
CA ASN MA 1097 -37.52 -2.01 -25.19
C ASN MA 1097 -36.00 -1.89 -25.06
N LEU MA 1098 -35.37 -2.96 -24.60
CA LEU MA 1098 -33.93 -2.92 -24.36
C LEU MA 1098 -33.10 -2.84 -25.63
N PHE MA 1099 -33.72 -2.96 -26.81
CA PHE MA 1099 -32.94 -2.93 -28.05
C PHE MA 1099 -32.30 -1.58 -28.30
N ALA MA 1100 -32.60 -0.57 -27.51
CA ALA MA 1100 -31.99 0.75 -27.65
C ALA MA 1100 -30.81 0.94 -26.71
N THR MA 1101 -30.12 -0.15 -26.34
CA THR MA 1101 -29.06 -0.10 -25.35
C THR MA 1101 -27.78 -0.71 -25.92
N ARG MA 1102 -26.75 -0.75 -25.09
CA ARG MA 1102 -25.44 -1.24 -25.46
C ARG MA 1102 -24.96 -2.29 -24.47
N GLY MA 1103 -23.68 -2.65 -24.55
CA GLY MA 1103 -23.06 -3.50 -23.55
C GLY MA 1103 -23.42 -4.97 -23.64
N ALA MA 1104 -24.54 -5.31 -24.27
CA ALA MA 1104 -24.93 -6.71 -24.39
C ALA MA 1104 -24.30 -7.29 -25.65
N PRO MA 1105 -23.39 -8.24 -25.53
CA PRO MA 1105 -22.77 -8.82 -26.73
C PRO MA 1105 -23.82 -9.53 -27.57
N PRO MA 1106 -24.01 -9.10 -28.82
CA PRO MA 1106 -25.08 -9.66 -29.64
C PRO MA 1106 -24.80 -11.12 -29.96
N MET MA 1107 -25.78 -11.74 -30.62
CA MET MA 1107 -25.68 -13.14 -30.97
C MET MA 1107 -24.84 -13.33 -32.22
N LEU MA 1108 -24.01 -14.38 -32.21
CA LEU MA 1108 -22.98 -14.50 -33.24
C LEU MA 1108 -23.57 -14.59 -34.63
N ASP MA 1109 -24.69 -15.25 -34.78
CA ASP MA 1109 -25.35 -15.30 -36.09
C ASP MA 1109 -26.03 -13.97 -36.35
N ALA MA 1110 -25.70 -13.35 -37.49
CA ALA MA 1110 -26.26 -12.04 -37.80
C ALA MA 1110 -27.75 -12.13 -38.11
N ASP MA 1111 -28.17 -13.14 -38.87
CA ASP MA 1111 -29.56 -13.29 -39.23
C ASP MA 1111 -30.44 -13.49 -38.02
N ALA MA 1112 -29.95 -14.20 -37.00
CA ALA MA 1112 -30.73 -14.36 -35.77
C ALA MA 1112 -31.02 -13.01 -35.13
N ASP MA 1113 -29.98 -12.19 -34.95
CA ASP MA 1113 -30.18 -10.87 -34.37
C ASP MA 1113 -31.11 -10.04 -35.21
N ASP MA 1114 -30.97 -10.11 -36.54
CA ASP MA 1114 -31.84 -9.30 -37.40
C ASP MA 1114 -33.29 -9.73 -37.28
N TYR MA 1115 -33.53 -11.04 -37.22
CA TYR MA 1115 -34.89 -11.53 -37.05
C TYR MA 1115 -35.47 -11.11 -35.70
N LEU MA 1116 -34.66 -11.15 -34.64
CA LEU MA 1116 -35.12 -10.65 -33.35
C LEU MA 1116 -35.53 -9.19 -33.44
N ARG MA 1117 -34.64 -8.35 -33.98
CA ARG MA 1117 -34.96 -6.94 -34.13
C ARG MA 1117 -36.26 -6.75 -34.88
N ARG MA 1118 -36.40 -7.42 -36.02
CA ARG MA 1118 -37.57 -7.21 -36.85
C ARG MA 1118 -38.84 -7.67 -36.16
N THR MA 1119 -38.78 -8.70 -35.33
CA THR MA 1119 -40.01 -9.20 -34.73
C THR MA 1119 -40.38 -8.46 -33.47
N VAL MA 1120 -39.40 -8.06 -32.65
CA VAL MA 1120 -39.73 -7.33 -31.43
C VAL MA 1120 -40.10 -5.89 -31.76
N ASN MA 1121 -39.41 -5.28 -32.71
CA ASN MA 1121 -39.73 -3.92 -33.14
C ASN MA 1121 -40.91 -3.86 -34.08
N ALA MA 1122 -41.65 -4.95 -34.23
CA ALA MA 1122 -42.81 -4.96 -35.11
C ALA MA 1122 -43.94 -4.14 -34.51
N GLY MA 1123 -44.03 -2.87 -34.88
CA GLY MA 1123 -45.05 -2.00 -34.32
C GLY MA 1123 -45.01 -1.88 -32.82
N ASN MA 1124 -43.82 -2.02 -32.22
CA ASN MA 1124 -43.69 -1.98 -30.78
C ASN MA 1124 -43.78 -0.54 -30.28
N ARG MA 1125 -43.59 -0.38 -28.98
CA ARG MA 1125 -43.50 0.93 -28.36
C ARG MA 1125 -42.13 1.51 -28.69
N LEU MA 1126 -41.72 2.52 -27.95
CA LEU MA 1126 -41.29 3.76 -28.58
C LEU MA 1126 -40.62 3.50 -29.93
N ALA MA 1127 -39.32 3.15 -29.93
CA ALA MA 1127 -38.60 2.39 -30.94
C ALA MA 1127 -37.11 2.57 -30.68
N PRO MA 1128 -36.26 1.80 -31.30
CA PRO MA 1128 -35.04 2.40 -31.85
C PRO MA 1128 -35.31 2.74 -33.31
N VAL MA 1129 -35.07 3.97 -33.74
CA VAL MA 1129 -35.29 4.30 -35.15
C VAL MA 1129 -34.08 5.04 -35.68
N PRO MA 1130 -33.61 4.73 -36.89
CA PRO MA 1130 -32.42 5.42 -37.41
C PRO MA 1130 -32.69 6.86 -37.80
N VAL MA 1131 -33.23 7.64 -36.87
CA VAL MA 1131 -33.28 9.09 -37.05
C VAL MA 1131 -31.85 9.62 -37.13
N PHE MA 1132 -31.71 10.82 -37.69
CA PHE MA 1132 -30.38 11.33 -38.02
C PHE MA 1132 -29.50 11.47 -36.78
N GLY MA 1133 -28.49 10.61 -36.68
CA GLY MA 1133 -27.43 10.70 -35.68
C GLY MA 1133 -27.93 10.70 -34.24
N GLN MA 1134 -29.07 10.09 -33.97
CA GLN MA 1134 -29.54 10.02 -32.59
C GLN MA 1134 -29.93 8.61 -32.15
N MET MA 1135 -30.54 7.82 -33.01
CA MET MA 1135 -31.14 6.54 -32.64
C MET MA 1135 -32.13 6.74 -31.48
N LEU MA 1136 -33.16 7.51 -31.77
CA LEU MA 1136 -34.10 8.01 -30.78
C LEU MA 1136 -35.52 7.94 -31.34
N PRO MA 1137 -36.45 7.31 -30.64
CA PRO MA 1137 -37.77 7.03 -31.22
C PRO MA 1137 -38.48 8.28 -31.71
N GLN MA 1138 -39.24 8.12 -32.78
CA GLN MA 1138 -39.89 9.26 -33.42
C GLN MA 1138 -40.92 9.88 -32.50
N VAL MA 1139 -41.15 11.18 -32.70
CA VAL MA 1139 -42.10 11.90 -31.87
C VAL MA 1139 -43.51 11.36 -32.13
N PRO MA 1140 -44.32 11.10 -31.10
CA PRO MA 1140 -45.67 10.61 -31.34
C PRO MA 1140 -46.57 11.71 -31.84
N ALA MA 1141 -47.55 11.32 -32.67
CA ALA MA 1141 -48.52 12.26 -33.21
C ALA MA 1141 -49.78 12.20 -32.35
N GLY MA 1142 -49.70 12.80 -31.17
CA GLY MA 1142 -50.86 12.90 -30.30
C GLY MA 1142 -50.68 12.27 -28.94
N LEU MA 1143 -51.40 12.79 -27.95
CA LEU MA 1143 -51.36 12.25 -26.60
C LEU MA 1143 -52.75 12.23 -26.01
N ALA MA 1144 -53.00 11.24 -25.16
CA ALA MA 1144 -54.28 11.15 -24.46
C ALA MA 1144 -54.24 11.82 -23.10
N ARG MA 1145 -53.19 11.56 -22.33
CA ARG MA 1145 -53.02 12.14 -21.00
C ARG MA 1145 -51.55 12.53 -20.89
N GLY MA 1146 -51.09 12.76 -19.67
CA GLY MA 1146 -49.71 13.14 -19.45
C GLY MA 1146 -48.71 12.16 -20.01
N GLN MA 1147 -47.42 12.51 -19.94
CA GLN MA 1147 -46.38 11.63 -20.44
C GLN MA 1147 -46.59 10.22 -19.94
N GLN MA 1148 -46.51 9.26 -20.85
CA GLN MA 1148 -46.79 7.88 -20.49
C GLN MA 1148 -45.65 7.29 -19.67
N SER MA 1149 -45.99 6.35 -18.80
CA SER MA 1149 -45.00 5.75 -17.93
C SER MA 1149 -44.18 4.73 -18.70
N VAL MA 1150 -43.25 4.09 -18.00
CA VAL MA 1150 -42.47 2.98 -18.54
C VAL MA 1150 -42.49 1.88 -17.50
N CYS MA 1151 -42.59 0.63 -17.94
CA CYS MA 1151 -42.66 -0.50 -17.03
C CYS MA 1151 -41.50 -1.46 -17.28
N GLU MA 1152 -41.09 -2.14 -16.22
CA GLU MA 1152 -40.02 -3.11 -16.27
C GLU MA 1152 -40.58 -4.53 -16.11
N PHE MA 1153 -39.69 -5.50 -16.06
CA PHE MA 1153 -40.08 -6.90 -15.90
C PHE MA 1153 -38.93 -7.64 -15.24
N ILE MA 1154 -39.05 -7.90 -13.95
CA ILE MA 1154 -38.08 -8.70 -13.22
C ILE MA 1154 -38.54 -10.15 -13.26
N ALA MA 1155 -37.66 -11.04 -13.71
CA ALA MA 1155 -37.98 -12.47 -13.67
C ALA MA 1155 -38.06 -12.93 -12.22
N THR MA 1156 -38.97 -13.85 -11.96
CA THR MA 1156 -39.25 -14.26 -10.60
C THR MA 1156 -39.86 -15.66 -10.60
N PRO MA 1157 -39.37 -16.57 -9.76
CA PRO MA 1157 -39.90 -17.94 -9.78
C PRO MA 1157 -41.39 -17.97 -9.48
N VAL MA 1158 -42.04 -19.01 -10.00
CA VAL MA 1158 -43.50 -19.09 -9.91
C VAL MA 1158 -43.97 -19.46 -8.52
N SER MA 1159 -43.15 -20.14 -7.73
CA SER MA 1159 -43.55 -20.54 -6.40
C SER MA 1159 -43.45 -19.42 -5.37
N VAL MA 1160 -43.18 -18.18 -5.78
CA VAL MA 1160 -43.04 -17.11 -4.80
C VAL MA 1160 -44.37 -16.87 -4.11
N ASP MA 1161 -44.30 -16.56 -2.83
CA ASP MA 1161 -45.50 -16.34 -2.04
C ASP MA 1161 -46.25 -15.12 -2.57
N LEU MA 1162 -47.55 -15.27 -2.79
CA LEU MA 1162 -48.32 -14.12 -3.26
C LEU MA 1162 -48.53 -13.11 -2.15
N ALA MA 1163 -48.60 -13.54 -0.90
CA ALA MA 1163 -48.80 -12.61 0.20
C ALA MA 1163 -47.64 -11.65 0.37
N TYR MA 1164 -46.56 -11.82 -0.39
CA TYR MA 1164 -45.46 -10.88 -0.36
C TYR MA 1164 -45.77 -9.60 -1.12
N PHE MA 1165 -46.80 -9.61 -1.96
CA PHE MA 1165 -47.17 -8.46 -2.76
C PHE MA 1165 -48.41 -7.76 -2.24
N ARG MA 1166 -48.95 -8.18 -1.10
CA ARG MA 1166 -50.12 -7.50 -0.54
C ARG MA 1166 -49.71 -6.19 0.12
N ARG MA 1167 -48.87 -6.26 1.14
CA ARG MA 1167 -48.41 -5.06 1.81
C ARG MA 1167 -47.41 -4.33 0.93
N ALA MA 1168 -46.82 -3.26 1.46
CA ALA MA 1168 -45.71 -2.63 0.75
C ALA MA 1168 -44.55 -3.62 0.66
N CYS MA 1169 -43.88 -3.62 -0.48
CA CYS MA 1169 -42.84 -4.62 -0.73
C CYS MA 1169 -41.67 -3.97 -1.43
N ASN MA 1170 -40.68 -4.81 -1.73
CA ASN MA 1170 -39.49 -4.41 -2.46
C ASN MA 1170 -39.36 -5.34 -3.65
N PRO MA 1171 -39.27 -4.83 -4.88
CA PRO MA 1171 -39.16 -5.73 -6.03
C PRO MA 1171 -37.95 -6.63 -5.98
N ARG MA 1172 -36.90 -6.23 -5.27
CA ARG MA 1172 -35.67 -7.01 -5.25
C ARG MA 1172 -35.86 -8.35 -4.56
N GLY MA 1173 -36.77 -8.45 -3.61
CA GLY MA 1173 -36.92 -9.65 -2.83
C GLY MA 1173 -36.26 -9.49 -1.48
N ARG MA 1174 -35.09 -8.87 -1.46
CA ARG MA 1174 -34.40 -8.52 -0.24
C ARG MA 1174 -34.57 -7.03 -0.01
N ALA MA 1175 -34.94 -6.66 1.21
CA ALA MA 1175 -35.51 -5.34 1.49
C ALA MA 1175 -34.46 -4.37 2.00
N ALA MA 1176 -33.25 -4.41 1.45
CA ALA MA 1176 -32.10 -3.78 2.07
C ALA MA 1176 -32.26 -2.30 2.41
N GLY MA 1177 -32.35 -1.45 1.39
CA GLY MA 1177 -32.36 -0.04 1.69
C GLY MA 1177 -31.13 0.38 2.49
N GLU MA 1178 -31.27 1.48 3.22
CA GLU MA 1178 -30.20 1.95 4.09
C GLU MA 1178 -30.72 2.33 5.46
N VAL MA 1179 -32.00 2.73 5.54
CA VAL MA 1179 -32.53 3.27 6.79
C VAL MA 1179 -32.57 2.20 7.86
N HIS MA 1180 -32.70 0.93 7.48
CA HIS MA 1180 -32.71 -0.17 8.44
C HIS MA 1180 -31.72 -1.21 7.96
N GLY MA 1181 -30.51 -1.18 8.52
CA GLY MA 1181 -29.46 -2.09 8.12
C GLY MA 1181 -28.11 -1.42 8.03
N GLU MA 1182 -27.09 -2.05 8.60
CA GLU MA 1182 -25.72 -1.54 8.53
C GLU MA 1182 -25.14 -1.84 7.16
N GLU MA 1183 -23.84 -1.64 7.00
CA GLU MA 1183 -23.21 -1.90 5.73
C GLU MA 1183 -23.09 -3.40 5.48
N GLY MA 1184 -23.25 -3.80 4.22
CA GLY MA 1184 -23.12 -5.19 3.86
C GLY MA 1184 -24.37 -6.01 4.02
N LEU MA 1185 -25.53 -5.38 4.14
CA LEU MA 1185 -26.79 -6.12 4.22
C LEU MA 1185 -27.42 -6.34 2.86
N MET MA 1186 -27.10 -5.50 1.88
CA MET MA 1186 -27.81 -5.54 0.61
C MET MA 1186 -27.52 -6.82 -0.17
N PHE MA 1187 -26.33 -7.38 -0.02
CA PHE MA 1187 -25.90 -8.48 -0.86
C PHE MA 1187 -25.52 -9.74 -0.10
N ASP MA 1188 -25.08 -9.63 1.14
CA ASP MA 1188 -24.76 -10.80 1.94
C ASP MA 1188 -25.98 -11.72 2.04
N HIS MA 1189 -25.73 -12.98 2.36
CA HIS MA 1189 -26.83 -13.90 2.58
C HIS MA 1189 -26.58 -14.83 3.75
N SER MA 1190 -25.54 -14.61 4.54
CA SER MA 1190 -25.41 -15.32 5.80
C SER MA 1190 -26.24 -14.69 6.90
N HIS MA 1191 -26.93 -13.59 6.61
CA HIS MA 1191 -27.85 -12.95 7.53
C HIS MA 1191 -29.21 -12.87 6.87
N ALA MA 1192 -30.24 -13.30 7.59
CA ALA MA 1192 -31.56 -13.37 7.01
C ALA MA 1192 -32.10 -11.98 6.68
N ASP MA 1193 -33.04 -11.95 5.74
CA ASP MA 1193 -33.70 -10.71 5.37
C ASP MA 1193 -34.39 -10.12 6.59
N PRO MA 1194 -34.17 -8.84 6.89
CA PRO MA 1194 -34.91 -8.23 8.01
C PRO MA 1194 -36.41 -8.28 7.82
N ALA MA 1195 -36.90 -8.10 6.60
CA ALA MA 1195 -38.33 -7.97 6.38
C ALA MA 1195 -39.08 -9.26 6.69
N HIS MA 1196 -38.46 -10.41 6.45
CA HIS MA 1196 -39.09 -11.71 6.67
C HIS MA 1196 -38.04 -12.68 7.18
N PRO MA 1197 -37.71 -12.61 8.46
CA PRO MA 1197 -36.55 -13.37 8.96
C PRO MA 1197 -36.66 -14.87 8.79
N HIS MA 1198 -37.79 -15.38 8.28
CA HIS MA 1198 -37.85 -16.79 7.93
C HIS MA 1198 -36.86 -17.12 6.82
N ARG MA 1199 -37.01 -16.45 5.68
CA ARG MA 1199 -36.18 -16.70 4.52
C ARG MA 1199 -35.01 -15.74 4.48
N ALA MA 1200 -34.13 -15.94 3.51
CA ALA MA 1200 -33.04 -15.02 3.24
C ALA MA 1200 -33.37 -14.05 2.12
N THR MA 1201 -34.03 -14.52 1.07
CA THR MA 1201 -34.61 -13.66 0.05
C THR MA 1201 -36.01 -14.18 -0.23
N ALA MA 1202 -36.61 -13.67 -1.29
CA ALA MA 1202 -37.86 -14.23 -1.78
C ALA MA 1202 -37.86 -14.36 -3.29
N ASN MA 1203 -36.73 -14.12 -3.94
CA ASN MA 1203 -36.60 -14.15 -5.39
C ASN MA 1203 -35.13 -14.25 -5.74
N PRO MA 1204 -34.54 -15.45 -5.67
CA PRO MA 1204 -33.09 -15.55 -5.85
C PRO MA 1204 -32.59 -14.99 -7.17
N TRP MA 1205 -33.43 -14.91 -8.19
CA TRP MA 1205 -32.91 -14.46 -9.46
C TRP MA 1205 -32.66 -12.96 -9.52
N ALA MA 1206 -32.94 -12.22 -8.44
CA ALA MA 1206 -32.74 -10.77 -8.50
C ALA MA 1206 -32.17 -10.23 -7.19
N SER MA 1207 -31.44 -11.03 -6.45
CA SER MA 1207 -30.93 -10.57 -5.16
C SER MA 1207 -29.42 -10.69 -5.01
N GLN MA 1208 -28.81 -11.77 -5.48
CA GLN MA 1208 -27.39 -11.95 -5.19
C GLN MA 1208 -26.55 -11.01 -6.04
N ARG MA 1209 -25.32 -10.81 -5.58
CA ARG MA 1209 -24.36 -10.03 -6.34
C ARG MA 1209 -24.07 -10.71 -7.67
N HIS MA 1210 -24.13 -9.94 -8.75
CA HIS MA 1210 -23.99 -10.47 -10.11
C HIS MA 1210 -25.09 -11.47 -10.43
N SER MA 1211 -26.30 -11.18 -10.00
CA SER MA 1211 -27.45 -12.01 -10.35
C SER MA 1211 -27.90 -11.67 -11.76
N TYR MA 1212 -29.06 -12.19 -12.16
CA TYR MA 1212 -29.56 -11.88 -13.49
C TYR MA 1212 -30.05 -10.45 -13.58
N ALA MA 1213 -31.05 -10.10 -12.77
CA ALA MA 1213 -31.57 -8.74 -12.79
C ALA MA 1213 -30.49 -7.74 -12.40
N ASP MA 1214 -29.51 -8.15 -11.60
CA ASP MA 1214 -28.47 -7.23 -11.19
C ASP MA 1214 -27.68 -6.71 -12.39
N ARG MA 1215 -27.37 -7.60 -13.32
CA ARG MA 1215 -26.61 -7.20 -14.51
C ARG MA 1215 -27.44 -6.41 -15.51
N LEU MA 1216 -28.67 -6.05 -15.17
CA LEU MA 1216 -29.54 -5.31 -16.07
C LEU MA 1216 -29.95 -3.95 -15.53
N TYR MA 1217 -30.20 -3.85 -14.23
CA TYR MA 1217 -30.65 -2.60 -13.64
C TYR MA 1217 -29.76 -2.16 -12.50
N ASN MA 1218 -28.47 -2.44 -12.58
CA ASN MA 1218 -27.57 -1.88 -11.59
C ASN MA 1218 -27.08 -0.53 -12.09
N GLY MA 1219 -26.24 0.12 -11.30
CA GLY MA 1219 -25.78 1.44 -11.67
C GLY MA 1219 -24.44 1.44 -12.35
N GLN MA 1220 -23.49 0.71 -11.77
CA GLN MA 1220 -22.11 0.70 -12.23
C GLN MA 1220 -21.79 -0.50 -13.10
N TYR MA 1221 -22.76 -0.98 -13.88
CA TYR MA 1221 -22.58 -2.18 -14.67
C TYR MA 1221 -22.72 -1.95 -16.17
N ASN MA 1222 -22.85 -0.71 -16.61
CA ASN MA 1222 -22.82 -0.38 -18.04
C ASN MA 1222 -23.92 -1.12 -18.79
N MET MA 1223 -25.16 -0.80 -18.44
CA MET MA 1223 -26.30 -1.34 -19.17
C MET MA 1223 -27.39 -0.30 -19.37
N SER MA 1224 -27.13 0.96 -19.08
CA SER MA 1224 -28.15 1.99 -19.13
C SER MA 1224 -28.50 2.33 -20.57
N GLY MA 1225 -29.69 2.88 -20.75
CA GLY MA 1225 -30.16 3.29 -22.05
C GLY MA 1225 -30.69 4.70 -22.04
N PRO MA 1226 -31.30 5.12 -23.15
CA PRO MA 1226 -31.87 6.48 -23.21
C PRO MA 1226 -33.20 6.61 -22.50
N ALA MA 1227 -33.93 5.53 -22.29
CA ALA MA 1227 -35.23 5.59 -21.64
C ALA MA 1227 -35.08 5.42 -20.13
N TYR MA 1228 -35.95 6.10 -19.39
CA TYR MA 1228 -35.91 6.03 -17.94
C TYR MA 1228 -36.23 4.63 -17.47
N SER MA 1229 -35.54 4.19 -16.43
CA SER MA 1229 -35.74 2.86 -15.86
C SER MA 1229 -36.27 2.98 -14.45
N PRO MA 1230 -37.51 2.59 -14.20
CA PRO MA 1230 -38.09 2.79 -12.86
C PRO MA 1230 -37.31 2.09 -11.76
N CYS MA 1231 -36.92 0.84 -11.97
CA CYS MA 1231 -36.26 0.08 -10.92
C CYS MA 1231 -34.78 0.37 -10.83
N PHE MA 1232 -34.31 1.48 -11.36
CA PHE MA 1232 -32.89 1.82 -11.23
C PHE MA 1232 -32.53 2.10 -9.78
N LYS MA 1233 -33.34 2.89 -9.10
CA LYS MA 1233 -33.00 3.30 -7.74
C LYS MA 1233 -33.20 2.19 -6.71
N PHE MA 1234 -33.50 0.97 -7.14
CA PHE MA 1234 -33.58 -0.16 -6.24
C PHE MA 1234 -32.33 -1.02 -6.26
N PHE MA 1235 -31.78 -1.29 -7.44
CA PHE MA 1235 -30.60 -2.14 -7.57
C PHE MA 1235 -29.31 -1.35 -7.65
N THR MA 1236 -29.26 -0.15 -7.09
CA THR MA 1236 -28.04 0.66 -7.14
C THR MA 1236 -27.58 0.99 -5.74
N PRO MA 1237 -26.45 0.43 -5.30
CA PRO MA 1237 -25.92 0.76 -3.97
C PRO MA 1237 -24.98 1.95 -3.95
N ALA MA 1238 -24.90 2.73 -5.03
CA ALA MA 1238 -23.89 3.78 -5.18
C ALA MA 1238 -23.92 4.80 -4.05
N GLU MA 1239 -25.00 4.84 -3.27
CA GLU MA 1239 -25.04 5.65 -2.06
C GLU MA 1239 -24.12 5.12 -0.97
N ALA MA 1240 -23.44 3.99 -1.19
CA ALA MA 1240 -22.55 3.43 -0.17
C ALA MA 1240 -21.44 4.40 0.17
N VAL MA 1241 -20.77 4.95 -0.84
CA VAL MA 1241 -19.71 5.93 -0.59
C VAL MA 1241 -20.30 7.16 0.09
N ALA MA 1242 -21.52 7.53 -0.26
CA ALA MA 1242 -22.21 8.66 0.37
C ALA MA 1242 -23.06 8.15 1.52
N LYS MA 1243 -22.36 7.64 2.54
CA LYS MA 1243 -23.02 7.04 3.69
C LYS MA 1243 -23.79 8.09 4.48
N SER MA 1244 -24.58 7.61 5.44
CA SER MA 1244 -25.45 8.45 6.24
C SER MA 1244 -24.87 8.62 7.63
N ARG MA 1245 -24.72 9.87 8.05
CA ARG MA 1245 -24.24 10.19 9.39
C ARG MA 1245 -25.31 10.88 10.23
N GLY MA 1246 -26.57 10.71 9.87
CA GLY MA 1246 -27.68 11.17 10.66
C GLY MA 1246 -28.99 10.92 9.94
N LEU MA 1247 -29.99 10.39 10.65
CA LEU MA 1247 -31.28 10.15 10.01
C LEU MA 1247 -31.92 11.45 9.56
N ALA MA 1248 -31.65 12.54 10.29
CA ALA MA 1248 -32.19 13.84 9.90
C ALA MA 1248 -31.74 14.24 8.51
N ARG MA 1249 -30.53 13.84 8.11
CA ARG MA 1249 -30.09 14.12 6.76
C ARG MA 1249 -30.99 13.45 5.74
N LEU MA 1250 -31.30 12.17 5.94
CA LEU MA 1250 -32.23 11.49 5.06
C LEU MA 1250 -33.58 12.18 5.04
N ILE MA 1251 -34.08 12.54 6.23
CA ILE MA 1251 -35.39 13.21 6.30
C ILE MA 1251 -35.37 14.49 5.47
N ALA MA 1252 -34.31 15.27 5.57
CA ALA MA 1252 -34.26 16.54 4.85
C ALA MA 1252 -34.11 16.32 3.35
N ASP MA 1253 -33.34 15.31 2.96
CA ASP MA 1253 -33.06 15.10 1.54
C ASP MA 1253 -34.33 14.80 0.76
N THR MA 1254 -35.08 13.80 1.19
CA THR MA 1254 -36.42 13.64 0.66
C THR MA 1254 -37.23 14.87 1.02
N GLY MA 1255 -38.08 15.31 0.09
CA GLY MA 1255 -38.64 16.64 0.16
C GLY MA 1255 -37.78 17.70 -0.47
N ALA MA 1256 -36.54 17.36 -0.88
CA ALA MA 1256 -35.71 18.27 -1.66
C ALA MA 1256 -34.94 17.53 -2.74
N ALA MA 1257 -35.35 16.33 -3.12
CA ALA MA 1257 -34.65 15.58 -4.15
C ALA MA 1257 -34.93 16.17 -5.52
N ALA MA 1258 -33.93 16.08 -6.40
CA ALA MA 1258 -34.10 16.59 -7.75
C ALA MA 1258 -34.82 15.56 -8.62
N SER MA 1259 -35.53 16.06 -9.62
CA SER MA 1259 -36.29 15.19 -10.51
C SER MA 1259 -35.34 14.43 -11.42
N PRO MA 1260 -35.41 13.09 -11.45
CA PRO MA 1260 -34.53 12.33 -12.34
C PRO MA 1260 -35.06 12.14 -13.74
N THR MA 1261 -36.34 12.45 -13.97
CA THR MA 1261 -36.96 12.25 -15.27
C THR MA 1261 -37.15 13.58 -15.98
N SER MA 1262 -37.42 13.48 -17.27
CA SER MA 1262 -37.64 14.66 -18.11
C SER MA 1262 -39.13 14.99 -18.11
N ASN MA 1263 -39.54 15.87 -19.02
CA ASN MA 1263 -40.93 16.29 -19.12
C ASN MA 1263 -41.45 16.28 -20.56
N GLY MA 1264 -40.83 15.49 -21.43
CA GLY MA 1264 -41.30 15.38 -22.79
C GLY MA 1264 -42.56 14.55 -22.90
N GLU MA 1265 -42.83 14.03 -24.10
CA GLU MA 1265 -44.00 13.18 -24.29
C GLU MA 1265 -43.80 11.79 -23.71
N TYR MA 1266 -42.56 11.34 -23.61
CA TYR MA 1266 -42.25 10.06 -22.98
C TYR MA 1266 -41.36 10.30 -21.76
N GLN MA 1267 -41.29 9.30 -20.90
CA GLN MA 1267 -40.52 9.38 -19.66
C GLN MA 1267 -39.06 9.13 -19.98
N PHE MA 1268 -38.40 10.16 -20.51
CA PHE MA 1268 -37.01 10.05 -20.93
C PHE MA 1268 -36.06 10.37 -19.79
N LYS MA 1269 -34.88 9.78 -19.86
CA LYS MA 1269 -33.82 10.11 -18.92
C LYS MA 1269 -33.47 11.59 -19.02
N ARG MA 1270 -33.08 12.18 -17.90
CA ARG MA 1270 -32.76 13.60 -17.88
C ARG MA 1270 -31.32 13.82 -17.43
N PRO MA 1271 -30.62 14.78 -18.03
CA PRO MA 1271 -29.33 15.19 -17.48
C PRO MA 1271 -29.50 15.71 -16.05
N VAL MA 1272 -28.59 15.30 -15.18
CA VAL MA 1272 -28.71 15.56 -13.74
C VAL MA 1272 -28.42 17.02 -13.43
N GLY MA 1273 -28.16 17.82 -14.45
CA GLY MA 1273 -27.78 19.20 -14.25
C GLY MA 1273 -28.89 20.14 -13.83
N ALA MA 1274 -29.88 20.35 -14.70
CA ALA MA 1274 -30.90 21.37 -14.45
C ALA MA 1274 -31.80 20.98 -13.28
N GLY MA 1275 -32.54 19.88 -13.44
CA GLY MA 1275 -33.35 19.36 -12.36
C GLY MA 1275 -34.53 20.22 -11.94
N GLU MA 1276 -35.37 19.66 -11.08
CA GLU MA 1276 -36.53 20.35 -10.53
C GLU MA 1276 -36.93 19.62 -9.26
N LEU MA 1277 -37.50 20.36 -8.31
CA LEU MA 1277 -37.75 19.82 -6.98
C LEU MA 1277 -38.88 18.80 -7.02
N VAL MA 1278 -38.68 17.67 -6.36
CA VAL MA 1278 -39.71 16.65 -6.25
C VAL MA 1278 -39.48 15.88 -4.95
N GLU MA 1279 -40.56 15.35 -4.39
CA GLU MA 1279 -40.53 14.66 -3.11
C GLU MA 1279 -41.00 13.23 -3.32
N ASP MA 1280 -40.18 12.28 -2.92
CA ASP MA 1280 -40.53 10.88 -3.06
C ASP MA 1280 -40.06 10.08 -1.85
N PRO MA 1281 -40.96 9.41 -1.14
CA PRO MA 1281 -40.54 8.63 0.02
C PRO MA 1281 -39.84 7.34 -0.35
N CYS MA 1282 -40.14 6.77 -1.52
CA CYS MA 1282 -39.55 5.49 -1.89
C CYS MA 1282 -38.04 5.55 -1.92
N ALA MA 1283 -37.48 6.71 -2.29
CA ALA MA 1283 -36.03 6.86 -2.21
C ALA MA 1283 -35.51 6.78 -0.79
N LEU MA 1284 -36.40 6.82 0.21
CA LEU MA 1284 -36.00 6.68 1.60
C LEU MA 1284 -36.28 5.28 2.15
N PHE MA 1285 -37.42 4.70 1.80
CA PHE MA 1285 -37.77 3.37 2.29
C PHE MA 1285 -37.29 2.25 1.38
N GLN MA 1286 -37.04 2.56 0.10
CA GLN MA 1286 -36.72 1.54 -0.90
C GLN MA 1286 -37.79 0.48 -0.95
N GLU MA 1287 -39.05 0.93 -0.96
CA GLU MA 1287 -40.19 0.04 -1.01
C GLU MA 1287 -41.21 0.60 -1.99
N ALA MA 1288 -42.02 -0.29 -2.56
CA ALA MA 1288 -43.02 0.10 -3.54
C ALA MA 1288 -44.41 -0.28 -3.05
N TYR MA 1289 -45.41 0.30 -3.68
CA TYR MA 1289 -46.77 0.08 -3.27
C TYR MA 1289 -47.54 -0.69 -4.33
N PRO MA 1290 -48.37 -1.64 -3.95
CA PRO MA 1290 -49.17 -2.36 -4.92
C PRO MA 1290 -50.47 -1.63 -5.19
N PRO MA 1291 -50.78 -1.34 -6.44
CA PRO MA 1291 -52.01 -0.62 -6.76
C PRO MA 1291 -53.16 -1.57 -6.99
N LEU MA 1292 -54.36 -1.04 -7.18
CA LEU MA 1292 -55.52 -1.89 -7.43
C LEU MA 1292 -55.35 -2.63 -8.74
N CYS MA 1293 -55.07 -3.93 -8.65
CA CYS MA 1293 -54.90 -4.78 -9.81
C CYS MA 1293 -55.62 -6.08 -9.56
N ALA MA 1294 -55.69 -6.91 -10.59
CA ALA MA 1294 -56.33 -8.21 -10.49
C ALA MA 1294 -55.87 -9.08 -11.64
N SER MA 1295 -56.04 -10.38 -11.48
CA SER MA 1295 -55.60 -11.31 -12.50
C SER MA 1295 -56.60 -11.45 -13.63
N ASP MA 1296 -57.89 -11.31 -13.36
CA ASP MA 1296 -58.92 -11.48 -14.38
C ASP MA 1296 -59.90 -10.30 -14.32
N SER MA 1297 -60.34 -9.87 -15.51
CA SER MA 1297 -61.20 -8.70 -15.59
C SER MA 1297 -62.49 -8.89 -14.80
N ALA MA 1298 -62.96 -10.12 -14.66
CA ALA MA 1298 -64.25 -10.38 -14.04
C ALA MA 1298 -64.28 -10.04 -12.57
N LEU MA 1299 -63.14 -9.69 -11.96
CA LEU MA 1299 -63.10 -9.38 -10.55
C LEU MA 1299 -63.12 -7.88 -10.26
N LEU MA 1300 -62.95 -7.04 -11.27
CA LEU MA 1300 -62.98 -5.59 -11.08
C LEU MA 1300 -64.35 -5.05 -11.48
N ARG MA 1301 -65.34 -5.37 -10.66
CA ARG MA 1301 -66.69 -4.84 -10.80
C ARG MA 1301 -67.09 -4.14 -9.50
N THR MA 1302 -68.30 -3.61 -9.49
CA THR MA 1302 -68.78 -2.95 -8.27
C THR MA 1302 -68.81 -3.89 -7.07
N PRO MA 1303 -69.32 -5.12 -7.16
CA PRO MA 1303 -69.20 -6.02 -6.00
C PRO MA 1303 -67.84 -6.72 -5.94
N LEU MA 1304 -66.85 -6.01 -5.37
CA LEU MA 1304 -65.52 -6.58 -5.23
C LEU MA 1304 -65.55 -7.88 -4.42
N GLY MA 1305 -65.95 -7.79 -3.16
CA GLY MA 1305 -66.24 -8.98 -2.37
C GLY MA 1305 -65.09 -9.96 -2.24
N ALA MA 1306 -65.20 -11.08 -2.95
CA ALA MA 1306 -64.22 -12.16 -2.84
C ALA MA 1306 -62.84 -11.69 -3.25
N GLU MA 1307 -61.86 -11.88 -2.36
CA GLU MA 1307 -60.49 -11.53 -2.69
C GLU MA 1307 -59.94 -12.47 -3.75
N GLU MA 1308 -59.86 -13.76 -3.44
CA GLU MA 1308 -59.42 -14.75 -4.40
C GLU MA 1308 -60.58 -15.68 -4.72
N HIS MA 1309 -60.56 -16.22 -5.93
CA HIS MA 1309 -61.60 -17.12 -6.39
C HIS MA 1309 -61.09 -18.52 -6.65
N PHE MA 1310 -60.06 -18.66 -7.47
CA PHE MA 1310 -59.47 -19.90 -7.92
C PHE MA 1310 -57.99 -19.57 -8.07
N ALA MA 1311 -57.31 -20.25 -9.00
CA ALA MA 1311 -55.98 -19.82 -9.42
C ALA MA 1311 -55.89 -18.31 -9.56
N GLN MA 1312 -57.02 -17.65 -9.82
CA GLN MA 1312 -57.09 -16.19 -9.91
C GLN MA 1312 -56.71 -15.50 -8.61
N TYR MA 1313 -56.66 -14.17 -8.62
CA TYR MA 1313 -56.33 -13.38 -7.44
C TYR MA 1313 -56.56 -11.90 -7.73
N LEU MA 1314 -57.08 -11.18 -6.73
CA LEU MA 1314 -57.26 -9.74 -6.78
C LEU MA 1314 -56.50 -9.11 -5.62
N ILE MA 1315 -55.87 -7.96 -5.86
CA ILE MA 1315 -55.04 -7.33 -4.85
C ILE MA 1315 -55.61 -5.95 -4.55
N ARG MA 1316 -56.04 -5.75 -3.31
CA ARG MA 1316 -56.53 -4.45 -2.88
C ARG MA 1316 -55.41 -3.41 -2.97
N ASP MA 1317 -55.80 -2.15 -2.97
CA ASP MA 1317 -54.87 -1.04 -3.08
C ASP MA 1317 -54.38 -0.62 -1.71
N GLU MA 1318 -53.06 -0.57 -1.53
CA GLU MA 1318 -52.45 -0.10 -0.29
C GLU MA 1318 -51.32 0.85 -0.67
N SER MA 1319 -51.67 2.12 -0.83
CA SER MA 1319 -50.72 3.14 -1.25
C SER MA 1319 -51.17 4.45 -0.63
N PRO MA 1320 -50.31 5.47 -0.61
CA PRO MA 1320 -50.72 6.76 -0.05
C PRO MA 1320 -51.93 7.37 -0.72
N LEU MA 1321 -52.45 6.76 -1.78
CA LEU MA 1321 -53.56 7.31 -2.55
C LEU MA 1321 -54.78 6.41 -2.45
N LYS MA 1322 -55.12 5.98 -1.23
CA LYS MA 1322 -56.25 5.08 -1.02
C LYS MA 1322 -57.54 5.63 -1.61
N GLY MA 1323 -57.62 6.93 -1.88
CA GLY MA 1323 -58.79 7.51 -2.53
C GLY MA 1323 -58.42 8.40 -3.70
N MET NA 1 9.84 21.22 36.64
CA MET NA 1 10.86 20.53 35.87
C MET NA 1 10.36 20.23 34.48
N GLU NA 2 9.34 20.96 34.06
CA GLU NA 2 8.70 20.79 32.76
C GLU NA 2 9.55 21.46 31.69
N VAL NA 3 9.93 20.68 30.68
CA VAL NA 3 10.78 21.17 29.60
C VAL NA 3 9.91 21.50 28.41
N ASP NA 4 10.35 22.47 27.61
CA ASP NA 4 9.68 22.79 26.36
C ASP NA 4 10.62 22.52 25.20
N ILE NA 5 10.05 22.27 24.03
CA ILE NA 5 10.82 21.91 22.85
C ILE NA 5 10.53 22.93 21.77
N ALA NA 6 11.57 23.64 21.34
CA ALA NA 6 11.44 24.47 20.16
C ALA NA 6 11.00 23.62 18.98
N LEU NA 7 10.14 24.18 18.14
CA LEU NA 7 9.57 23.44 17.02
C LEU NA 7 9.79 24.22 15.73
N PRO NA 8 10.69 23.77 14.86
CA PRO NA 8 10.88 24.44 13.57
C PRO NA 8 9.63 24.28 12.72
N THR NA 9 8.96 25.40 12.47
CA THR NA 9 7.62 25.37 11.89
C THR NA 9 7.60 24.57 10.60
N LEU NA 10 6.66 23.61 10.52
CA LEU NA 10 6.66 22.70 9.40
C LEU NA 10 5.72 23.12 8.28
N SER NA 11 4.42 23.07 8.54
CA SER NA 11 3.39 23.26 7.54
C SER NA 11 2.02 23.12 8.20
N PRO NA 12 0.93 23.49 7.52
CA PRO NA 12 -0.38 22.99 7.92
C PRO NA 12 -0.47 21.50 7.61
N GLY NA 13 -1.54 20.88 8.10
CA GLY NA 13 -1.75 19.48 7.86
C GLY NA 13 -0.84 18.58 8.68
N ASP NA 14 0.47 18.72 8.52
CA ASP NA 14 1.40 17.93 9.32
C ASP NA 14 1.33 18.31 10.78
N LEU NA 15 1.16 19.61 11.07
CA LEU NA 15 1.06 20.04 12.45
C LEU NA 15 -0.15 19.43 13.14
N SER NA 16 -1.22 19.17 12.40
CA SER NA 16 -2.34 18.43 12.97
C SER NA 16 -1.90 17.04 13.41
N ALA NA 17 -1.13 16.35 12.56
CA ALA NA 17 -0.62 15.04 12.92
C ALA NA 17 0.24 15.10 14.17
N LEU NA 18 1.09 16.13 14.27
CA LEU NA 18 1.87 16.31 15.48
C LEU NA 18 0.99 16.57 16.69
N GLN NA 19 -0.14 17.25 16.48
CA GLN NA 19 -1.06 17.49 17.58
C GLN NA 19 -1.74 16.19 18.01
N ARG NA 20 -1.88 15.23 17.10
CA ARG NA 20 -2.56 14.00 17.46
C ARG NA 20 -1.76 13.15 18.43
N CYS NA 21 -0.44 13.32 18.48
CA CYS NA 21 0.40 12.54 19.39
C CYS NA 21 0.60 13.27 20.71
N GLU NA 22 -0.50 13.70 21.32
CA GLU NA 22 -0.48 14.48 22.54
C GLU NA 22 -0.35 13.60 23.79
N GLY NA 23 -0.08 12.32 23.62
CA GLY NA 23 -0.03 11.50 24.81
C GLY NA 23 1.16 10.57 24.92
N ARG NA 24 1.96 10.45 23.87
CA ARG NA 24 3.03 9.47 23.86
C ARG NA 24 4.21 9.96 24.70
N VAL NA 25 5.28 9.16 24.69
CA VAL NA 25 6.46 9.45 25.48
C VAL NA 25 7.63 9.68 24.53
N VAL NA 26 8.57 10.50 24.98
CA VAL NA 26 9.75 10.85 24.21
C VAL NA 26 10.94 10.80 25.15
N PHE NA 27 12.10 10.43 24.62
CA PHE NA 27 13.29 10.21 25.42
C PHE NA 27 14.24 11.38 25.22
N LEU NA 28 14.31 12.24 26.22
CA LEU NA 28 15.19 13.41 26.16
C LEU NA 28 16.63 12.97 26.32
N GLU NA 29 17.54 13.92 26.35
CA GLU NA 29 18.93 13.65 26.65
C GLU NA 29 19.35 14.16 28.01
N THR NA 30 19.19 15.44 28.27
CA THR NA 30 19.56 16.00 29.57
C THR NA 30 18.46 16.93 30.04
N LEU NA 31 18.34 17.07 31.35
CA LEU NA 31 17.29 17.90 31.93
C LEU NA 31 17.63 19.38 31.82
N ARG NA 32 17.38 19.96 30.66
CA ARG NA 32 17.48 21.40 30.48
C ARG NA 32 16.13 21.95 30.07
N ARG NA 33 15.85 23.16 30.50
CA ARG NA 33 14.54 23.72 30.22
C ARG NA 33 14.36 24.10 28.79
N HIS NA 34 15.25 23.70 27.88
CA HIS NA 34 15.07 23.96 26.47
C HIS NA 34 15.67 22.81 25.67
N ALA NA 35 15.11 22.57 24.49
CA ALA NA 35 15.60 21.51 23.63
C ALA NA 35 15.01 21.70 22.24
N THR NA 36 15.74 21.24 21.24
CA THR NA 36 15.31 21.32 19.86
C THR NA 36 14.76 19.97 19.41
N LEU NA 37 13.71 20.01 18.59
CA LEU NA 37 13.08 18.79 18.13
C LEU NA 37 14.08 17.87 17.43
N ARG NA 38 15.06 18.46 16.75
CA ARG NA 38 16.10 17.67 16.09
C ARG NA 38 16.82 16.76 17.07
N GLU NA 39 16.81 17.09 18.36
CA GLU NA 39 17.53 16.29 19.33
C GLU NA 39 16.79 15.01 19.65
N VAL NA 40 15.49 15.09 19.93
CA VAL NA 40 14.70 13.92 20.31
C VAL NA 40 14.17 13.32 19.01
N ALA NA 41 15.04 12.56 18.34
CA ALA NA 41 14.66 11.94 17.08
C ALA NA 41 15.55 10.74 16.85
N LEU NA 42 14.96 9.70 16.26
CA LEU NA 42 15.63 8.44 16.02
C LEU NA 42 15.18 7.94 14.65
N PRO NA 43 16.08 7.38 13.86
CA PRO NA 43 15.66 6.85 12.56
C PRO NA 43 14.66 5.73 12.73
N CYS NA 44 13.41 5.93 12.31
CA CYS NA 44 12.36 5.01 12.73
C CYS NA 44 12.53 3.61 12.14
N GLY NA 45 13.49 3.42 11.25
CA GLY NA 45 13.95 2.07 10.96
C GLY NA 45 15.29 1.85 11.63
N GLY NA 46 15.30 1.14 12.76
CA GLY NA 46 16.51 1.01 13.54
C GLY NA 46 16.61 -0.33 14.23
N ASP NA 47 17.80 -0.60 14.77
CA ASP NA 47 18.06 -1.83 15.48
C ASP NA 47 17.38 -1.81 16.84
N VAL NA 48 16.63 -2.86 17.15
CA VAL NA 48 15.86 -2.84 18.38
C VAL NA 48 16.76 -2.96 19.60
N LEU NA 49 17.83 -3.75 19.52
CA LEU NA 49 18.69 -3.91 20.68
C LEU NA 49 19.37 -2.60 21.06
N ALA NA 50 19.91 -1.88 20.08
CA ALA NA 50 20.63 -0.65 20.39
C ALA NA 50 19.66 0.41 20.92
N ALA NA 51 18.46 0.47 20.36
CA ALA NA 51 17.47 1.42 20.88
C ALA NA 51 17.09 1.08 22.31
N MET NA 52 16.92 -0.21 22.61
CA MET NA 52 16.55 -0.60 23.96
C MET NA 52 17.69 -0.37 24.93
N ALA NA 53 18.93 -0.41 24.44
CA ALA NA 53 20.05 -0.07 25.30
C ALA NA 53 20.15 1.43 25.51
N ALA NA 54 19.80 2.22 24.50
CA ALA NA 54 19.87 3.67 24.63
C ALA NA 54 18.75 4.20 25.51
N TYR NA 55 17.60 3.53 25.54
CA TYR NA 55 16.51 3.98 26.39
C TYR NA 55 16.92 4.12 27.85
N ARG NA 56 18.04 3.53 28.26
CA ARG NA 56 18.48 3.64 29.63
C ARG NA 56 19.24 4.93 29.88
N ARG NA 57 20.07 5.34 28.94
CA ARG NA 57 20.89 6.53 29.12
C ARG NA 57 20.12 7.81 28.85
N ARG NA 58 18.80 7.77 28.88
CA ARG NA 58 17.98 8.94 28.63
C ARG NA 58 16.97 9.09 29.77
N PHE NA 59 16.03 10.00 29.58
CA PHE NA 59 14.94 10.22 30.53
C PHE NA 59 13.63 10.12 29.77
N ALA NA 60 12.68 9.38 30.34
CA ALA NA 60 11.34 9.37 29.75
C ALA NA 60 10.65 10.70 30.01
N ALA NA 61 9.76 11.08 29.10
CA ALA NA 61 9.00 12.30 29.25
C ALA NA 61 7.81 12.23 28.31
N VAL NA 62 6.65 12.67 28.80
CA VAL NA 62 5.41 12.56 28.05
C VAL NA 62 5.08 13.91 27.43
N ILE NA 63 4.53 13.87 26.23
CA ILE NA 63 4.21 15.07 25.47
C ILE NA 63 2.86 15.58 25.96
N THR NA 64 2.86 16.67 26.72
CA THR NA 64 1.61 17.36 27.04
C THR NA 64 1.28 18.29 25.86
N ARG NA 65 0.38 19.25 26.08
CA ARG NA 65 -0.19 20.03 24.99
C ARG NA 65 0.88 20.63 24.10
N VAL NA 66 0.55 20.75 22.82
CA VAL NA 66 1.47 21.24 21.80
C VAL NA 66 0.85 22.47 21.16
N THR NA 67 1.72 23.35 20.66
CA THR NA 67 1.31 24.55 19.93
C THR NA 67 2.28 24.75 18.78
N PRO NA 68 1.84 25.43 17.71
CA PRO NA 68 2.74 25.67 16.56
C PRO NA 68 4.11 26.20 16.94
N HIS NA 69 4.22 26.85 18.09
CA HIS NA 69 5.49 27.38 18.54
C HIS NA 69 6.37 26.33 19.21
N ARG NA 70 5.80 25.54 20.11
CA ARG NA 70 6.58 24.66 20.96
C ARG NA 70 5.69 23.56 21.48
N MET NA 71 6.32 22.57 22.12
CA MET NA 71 5.58 21.51 22.78
C MET NA 71 6.21 21.24 24.14
N LEU NA 72 5.36 20.88 25.10
CA LEU NA 72 5.76 20.78 26.50
C LEU NA 72 5.83 19.32 26.90
N ALA NA 73 6.88 18.97 27.62
CA ALA NA 73 7.10 17.61 28.10
C ALA NA 73 7.26 17.63 29.62
N THR NA 74 7.11 16.47 30.23
CA THR NA 74 7.27 16.34 31.66
C THR NA 74 8.04 15.06 31.95
N PRO NA 75 9.24 15.15 32.50
CA PRO NA 75 10.03 13.94 32.74
C PRO NA 75 9.39 13.07 33.80
N LEU NA 76 9.74 11.79 33.76
CA LEU NA 76 9.17 10.82 34.69
C LEU NA 76 10.13 10.37 35.78
N GLY NA 77 11.44 10.36 35.51
CA GLY NA 77 12.39 9.87 36.49
C GLY NA 77 12.40 10.71 37.75
N VAL NA 78 12.91 11.94 37.66
CA VAL NA 78 12.87 12.86 38.77
C VAL NA 78 11.43 13.34 38.90
N GLY NA 79 11.04 13.79 40.08
CA GLY NA 79 9.70 14.30 40.26
C GLY NA 79 9.39 14.54 41.72
N GLY NA 80 8.33 15.32 41.95
CA GLY NA 80 7.88 15.62 43.30
C GLY NA 80 6.57 14.97 43.63
N ARG NA 81 6.60 14.03 44.60
CA ARG NA 81 5.41 13.35 45.10
C ARG NA 81 4.73 12.47 44.05
N GLY NA 82 5.37 12.32 42.89
CA GLY NA 82 4.79 11.51 41.83
C GLY NA 82 3.40 11.98 41.42
N GLN NA 83 3.32 13.17 40.84
CA GLN NA 83 2.04 13.73 40.46
C GLN NA 83 1.42 12.92 39.31
N SER NA 84 0.11 13.04 39.18
CA SER NA 84 -0.60 12.36 38.12
C SER NA 84 -0.23 12.95 36.77
N LEU NA 85 -0.65 12.26 35.71
CA LEU NA 85 -0.38 12.67 34.33
C LEU NA 85 -1.12 11.73 33.41
N VAL NA 86 -1.36 12.20 32.19
CA VAL NA 86 -2.12 11.46 31.20
C VAL NA 86 -1.15 10.76 30.26
N LEU NA 87 -1.59 9.64 29.71
CA LEU NA 87 -0.73 8.81 28.87
C LEU NA 87 -1.57 8.16 27.78
N GLN NA 88 -1.08 8.19 26.55
CA GLN NA 88 -1.76 7.56 25.43
C GLN NA 88 -1.21 6.16 25.26
N ASN NA 89 -2.03 5.16 25.52
CA ASN NA 89 -1.62 3.78 25.31
C ASN NA 89 -1.41 3.52 23.83
N THR NA 90 -0.30 2.89 23.48
CA THR NA 90 0.03 2.68 22.07
C THR NA 90 0.55 1.28 21.80
N GLY NA 91 0.37 0.34 22.72
CA GLY NA 91 0.74 -1.03 22.48
C GLY NA 91 -0.18 -1.70 21.50
N PRO NA 92 -0.06 -3.01 21.34
CA PRO NA 92 -0.93 -3.74 20.42
C PRO NA 92 -2.25 -4.12 21.08
N PHE NA 93 -2.24 -4.25 22.40
CA PHE NA 93 -3.43 -4.67 23.13
C PHE NA 93 -3.62 -3.81 24.36
N ASP NA 94 -4.86 -3.77 24.84
CA ASP NA 94 -5.25 -2.87 25.91
C ASP NA 94 -4.56 -3.23 27.22
N LEU NA 95 -4.71 -2.35 28.20
CA LEU NA 95 -4.18 -2.56 29.53
C LEU NA 95 -5.25 -2.20 30.55
N THR NA 96 -5.33 -2.99 31.60
CA THR NA 96 -6.41 -2.90 32.56
C THR NA 96 -6.11 -1.84 33.62
N ASN NA 97 -6.91 -1.82 34.67
CA ASN NA 97 -6.75 -0.91 35.78
C ASN NA 97 -5.92 -1.58 36.86
N GLY NA 98 -5.02 -0.80 37.47
CA GLY NA 98 -4.19 -1.32 38.54
C GLY NA 98 -3.13 -2.32 38.11
N ASP NA 99 -2.18 -1.88 37.28
CA ASP NA 99 -1.03 -2.69 36.91
C ASP NA 99 0.12 -1.76 36.56
N HIS NA 100 1.21 -2.33 36.05
CA HIS NA 100 2.41 -1.57 35.76
C HIS NA 100 2.71 -1.62 34.28
N VAL NA 101 3.14 -0.49 33.74
CA VAL NA 101 3.47 -0.38 32.32
C VAL NA 101 4.98 -0.41 32.17
N CYS NA 102 5.42 -0.86 31.00
CA CYS NA 102 6.84 -0.89 30.67
C CYS NA 102 7.04 -0.36 29.26
N LEU NA 103 8.23 0.15 29.00
CA LEU NA 103 8.55 0.80 27.73
C LEU NA 103 9.48 -0.09 26.93
N VAL NA 104 8.99 -0.61 25.82
CA VAL NA 104 9.78 -1.43 24.91
C VAL NA 104 9.72 -0.83 23.51
N PRO NA 105 10.76 -0.98 22.71
CA PRO NA 105 10.74 -0.44 21.35
C PRO NA 105 9.67 -1.11 20.52
N PRO NA 106 9.36 -0.58 19.33
CA PRO NA 106 8.32 -1.20 18.52
C PRO NA 106 8.78 -2.55 17.99
N LEU NA 107 8.69 -3.57 18.83
CA LEU NA 107 9.23 -4.89 18.51
C LEU NA 107 8.61 -5.44 17.24
N LEU NA 108 7.28 -5.41 17.16
CA LEU NA 108 6.57 -5.90 15.99
C LEU NA 108 6.62 -4.83 14.90
N GLY NA 109 5.79 -4.97 13.88
CA GLY NA 109 5.66 -3.97 12.83
C GLY NA 109 5.57 -2.56 13.38
N ASP NA 110 6.34 -1.65 12.80
CA ASP NA 110 6.58 -0.35 13.40
C ASP NA 110 5.60 0.69 12.88
N GLU NA 111 5.36 1.71 13.71
CA GLU NA 111 4.69 2.93 13.31
C GLU NA 111 5.60 4.09 13.67
N CYS NA 112 5.77 5.04 12.75
CA CYS NA 112 6.67 6.14 13.00
C CYS NA 112 6.17 7.38 12.28
N LEU NA 113 6.16 8.50 12.98
CA LEU NA 113 5.81 9.77 12.35
C LEU NA 113 6.88 10.15 11.33
N ARG NA 114 6.44 10.56 10.15
CA ARG NA 114 7.34 10.99 9.09
C ARG NA 114 7.03 12.45 8.80
N LEU NA 115 7.72 13.35 9.49
CA LEU NA 115 7.49 14.79 9.38
C LEU NA 115 8.24 15.29 8.15
N THR NA 116 7.63 15.05 6.98
CA THR NA 116 8.31 15.29 5.71
C THR NA 116 8.69 16.75 5.50
N SER NA 117 8.02 17.66 6.20
CA SER NA 117 8.35 19.07 6.05
C SER NA 117 9.67 19.41 6.74
N ALA NA 118 9.88 18.85 7.93
CA ALA NA 118 11.12 19.09 8.66
C ALA NA 118 12.21 18.07 8.34
N ASN NA 119 11.86 16.99 7.64
CA ASN NA 119 12.81 15.95 7.25
C ASN NA 119 13.45 15.31 8.48
N LEU NA 120 12.60 14.74 9.34
CA LEU NA 120 13.06 13.94 10.47
C LEU NA 120 11.95 13.00 10.86
N GLU NA 121 12.34 11.92 11.55
CA GLU NA 121 11.41 10.87 11.94
C GLU NA 121 11.37 10.77 13.45
N LEU NA 122 10.32 10.13 13.96
CA LEU NA 122 10.15 9.93 15.39
C LEU NA 122 9.71 8.51 15.66
N ARG NA 123 10.21 7.94 16.76
CA ARG NA 123 9.77 6.64 17.24
C ARG NA 123 9.13 6.81 18.61
N PHE NA 124 7.93 6.28 18.77
CA PHE NA 124 7.23 6.37 20.04
C PHE NA 124 7.06 4.97 20.61
N PRO NA 125 7.74 4.63 21.70
CA PRO NA 125 7.80 3.24 22.13
C PRO NA 125 6.45 2.72 22.59
N MET NA 126 6.29 1.41 22.52
CA MET NA 126 5.04 0.79 22.94
C MET NA 126 4.87 0.90 24.45
N THR NA 127 3.64 0.75 24.89
CA THR NA 127 3.28 0.81 26.30
C THR NA 127 2.60 -0.50 26.67
N LEU NA 128 3.31 -1.35 27.39
CA LEU NA 128 2.79 -2.67 27.65
C LEU NA 128 2.69 -2.95 29.15
N PRO NA 129 1.66 -3.68 29.57
CA PRO NA 129 1.67 -4.22 30.93
C PRO NA 129 2.85 -5.15 31.10
N LEU NA 130 3.26 -5.34 32.35
CA LEU NA 130 4.55 -5.94 32.64
C LEU NA 130 4.65 -7.37 32.10
N ALA NA 131 3.82 -8.28 32.63
CA ALA NA 131 3.93 -9.69 32.28
C ALA NA 131 3.70 -9.92 30.80
N GLN NA 132 2.70 -9.25 30.22
CA GLN NA 132 2.42 -9.43 28.81
C GLN NA 132 3.61 -9.01 27.95
N ALA NA 133 4.33 -7.98 28.37
CA ALA NA 133 5.53 -7.57 27.61
C ALA NA 133 6.64 -8.59 27.77
N ARG NA 134 6.90 -9.02 29.01
CA ARG NA 134 7.94 -10.01 29.25
C ARG NA 134 7.65 -11.30 28.49
N GLU NA 135 6.39 -11.56 28.18
CA GLU NA 135 6.07 -12.74 27.39
C GLU NA 135 6.06 -12.48 25.89
N LEU NA 136 5.71 -11.26 25.46
CA LEU NA 136 5.71 -10.95 24.04
C LEU NA 136 7.12 -10.94 23.47
N THR NA 137 8.07 -10.42 24.25
CA THR NA 137 9.47 -10.47 23.83
C THR NA 137 9.89 -11.92 23.56
N ALA NA 138 9.58 -12.81 24.50
CA ALA NA 138 9.90 -14.22 24.32
C ALA NA 138 9.17 -14.80 23.12
N ARG NA 139 7.93 -14.37 22.89
CA ARG NA 139 7.19 -14.86 21.74
C ARG NA 139 7.91 -14.57 20.44
N VAL NA 140 8.26 -13.30 20.22
CA VAL NA 140 8.88 -12.94 18.95
C VAL NA 140 10.24 -13.61 18.81
N VAL NA 141 11.00 -13.69 19.91
CA VAL NA 141 12.31 -14.31 19.83
C VAL NA 141 12.19 -15.80 19.52
N ALA NA 142 11.22 -16.48 20.13
CA ALA NA 142 11.06 -17.91 19.91
C ALA NA 142 10.58 -18.20 18.50
N ARG NA 143 9.71 -17.34 17.96
CA ARG NA 143 9.32 -17.53 16.57
C ARG NA 143 10.52 -17.39 15.64
N ALA NA 144 11.35 -16.36 15.86
CA ALA NA 144 12.52 -16.21 15.02
C ALA NA 144 13.45 -17.41 15.15
N ALA NA 145 13.60 -17.94 16.36
CA ALA NA 145 14.46 -19.09 16.57
C ALA NA 145 13.94 -20.33 15.85
N GLU NA 146 12.65 -20.61 16.00
CA GLU NA 146 12.08 -21.75 15.29
C GLU NA 146 12.28 -21.60 13.79
N THR NA 147 12.14 -20.39 13.26
CA THR NA 147 12.43 -20.17 11.86
C THR NA 147 13.90 -20.45 11.54
N LEU NA 148 14.79 -20.15 12.47
CA LEU NA 148 16.23 -20.19 12.17
C LEU NA 148 16.68 -21.58 11.74
N ARG NA 149 16.22 -22.62 12.44
CA ARG NA 149 16.66 -23.97 12.12
C ARG NA 149 15.91 -24.57 10.94
N GLY NA 150 15.11 -23.78 10.22
CA GLY NA 150 14.48 -24.25 9.02
C GLY NA 150 13.45 -25.34 9.22
N GLY NA 151 12.98 -25.52 10.44
CA GLY NA 151 11.99 -26.54 10.74
C GLY NA 151 10.62 -26.15 10.25
N ALA NA 152 9.59 -26.68 10.93
CA ALA NA 152 8.20 -26.38 10.59
C ALA NA 152 7.93 -24.89 10.79
N PRO NA 153 7.76 -24.12 9.71
CA PRO NA 153 7.75 -22.66 9.84
C PRO NA 153 6.52 -22.12 10.56
N ALA NA 154 5.48 -22.92 10.75
CA ALA NA 154 4.26 -22.43 11.39
C ALA NA 154 3.68 -23.52 12.29
N ARG NA 155 3.06 -23.08 13.38
CA ARG NA 155 2.36 -23.98 14.29
C ARG NA 155 0.99 -23.47 14.68
N GLY NA 156 0.53 -22.35 14.13
CA GLY NA 156 -0.79 -21.82 14.42
C GLY NA 156 -1.02 -21.39 15.84
N ALA NA 157 0.02 -21.33 16.67
CA ALA NA 157 -0.10 -20.99 18.09
C ALA NA 157 0.83 -19.84 18.47
N ASP NA 158 1.10 -18.94 17.53
CA ASP NA 158 1.81 -17.70 17.85
C ASP NA 158 0.83 -16.57 18.14
N VAL NA 159 -0.10 -16.82 19.05
CA VAL NA 159 -1.18 -15.88 19.36
C VAL NA 159 -1.13 -15.55 20.85
N VAL NA 160 -1.59 -14.35 21.17
CA VAL NA 160 -1.58 -13.87 22.54
C VAL NA 160 -2.95 -13.29 22.86
N PHE NA 161 -3.53 -13.71 23.98
CA PHE NA 161 -4.80 -13.18 24.43
C PHE NA 161 -4.57 -12.00 25.36
N SER NA 162 -5.57 -11.13 25.44
CA SER NA 162 -5.59 -10.05 26.41
C SER NA 162 -7.03 -9.60 26.56
N ASN NA 163 -7.63 -9.89 27.71
CA ASN NA 163 -9.02 -9.53 27.99
C ASN NA 163 -9.95 -10.06 26.91
N GLY NA 164 -9.90 -11.38 26.72
CA GLY NA 164 -10.81 -12.03 25.81
C GLY NA 164 -10.34 -12.06 24.37
N ARG NA 165 -10.25 -10.89 23.74
CA ARG NA 165 -9.97 -10.83 22.32
C ARG NA 165 -8.65 -11.51 21.99
N ARG NA 166 -8.64 -12.25 20.88
CA ARG NA 166 -7.44 -12.92 20.41
C ARG NA 166 -6.65 -11.98 19.52
N TYR NA 167 -5.35 -11.87 19.76
CA TYR NA 167 -4.49 -11.09 18.90
C TYR NA 167 -3.67 -12.00 18.00
N GLN NA 168 -3.33 -11.47 16.82
CA GLN NA 168 -2.78 -12.29 15.74
C GLN NA 168 -1.27 -12.29 15.69
N LEU NA 169 -0.59 -11.30 16.29
CA LEU NA 169 0.87 -11.22 16.22
C LEU NA 169 1.32 -11.09 14.76
N PRO NA 170 1.22 -9.90 14.18
CA PRO NA 170 1.35 -9.73 12.72
C PRO NA 170 2.55 -10.46 12.14
N PRO NA 171 2.49 -10.81 10.86
CA PRO NA 171 3.56 -11.62 10.24
C PRO NA 171 4.90 -10.95 10.35
N PRO NA 172 5.97 -11.72 10.58
CA PRO NA 172 7.28 -11.16 10.94
C PRO NA 172 8.12 -10.75 9.74
N HIS NA 173 7.52 -10.03 8.80
CA HIS NA 173 8.28 -9.48 7.69
C HIS NA 173 7.81 -8.09 7.27
N ARG NA 174 6.96 -7.43 8.07
CA ARG NA 174 6.21 -6.29 7.57
C ARG NA 174 7.10 -5.08 7.31
N ASP NA 175 7.71 -4.52 8.35
CA ASP NA 175 8.59 -3.38 8.09
C ASP NA 175 10.02 -3.84 7.88
N ASN NA 176 10.65 -4.35 8.94
CA ASN NA 176 11.94 -5.02 8.80
C ASN NA 176 12.15 -6.11 9.82
N ALA NA 177 11.07 -6.77 10.26
CA ALA NA 177 11.14 -7.71 11.37
C ALA NA 177 12.15 -8.82 11.15
N GLU NA 178 12.53 -9.09 9.91
CA GLU NA 178 13.62 -10.02 9.62
C GLU NA 178 14.99 -9.37 9.71
N ALA NA 179 15.07 -8.06 9.94
CA ALA NA 179 16.34 -7.38 10.01
C ALA NA 179 16.53 -6.57 11.29
N ALA NA 180 15.50 -5.90 11.78
CA ALA NA 180 15.64 -5.09 12.99
C ALA NA 180 15.46 -5.89 14.26
N THR NA 181 15.35 -7.21 14.18
CA THR NA 181 15.27 -8.02 15.37
C THR NA 181 16.33 -9.12 15.39
N ARG NA 182 17.02 -9.36 14.27
CA ARG NA 182 18.08 -10.36 14.22
C ARG NA 182 19.08 -10.17 15.37
N SER NA 183 19.46 -8.92 15.63
CA SER NA 183 20.42 -8.66 16.70
C SER NA 183 19.93 -9.22 18.02
N LEU NA 184 18.67 -8.99 18.36
CA LEU NA 184 18.15 -9.41 19.67
C LEU NA 184 18.16 -10.93 19.81
N VAL NA 185 17.62 -11.63 18.82
CA VAL NA 185 17.51 -13.08 18.93
C VAL NA 185 18.90 -13.71 18.96
N LEU NA 186 19.83 -13.18 18.16
CA LEU NA 186 21.19 -13.68 18.20
C LEU NA 186 21.80 -13.49 19.59
N ASN NA 187 21.75 -12.26 20.09
CA ASN NA 187 22.39 -11.95 21.36
C ASN NA 187 21.75 -12.68 22.53
N MET NA 188 20.51 -13.14 22.39
CA MET NA 188 19.90 -13.89 23.48
C MET NA 188 20.18 -15.39 23.39
N ILE NA 189 19.93 -15.98 22.23
CA ILE NA 189 20.16 -17.41 22.05
C ILE NA 189 21.61 -17.76 22.35
N PHE NA 190 22.54 -16.93 21.86
CA PHE NA 190 23.95 -17.22 22.07
C PHE NA 190 24.28 -17.29 23.55
N LEU NA 191 23.84 -16.30 24.32
CA LEU NA 191 24.14 -16.29 25.74
C LEU NA 191 23.53 -17.47 26.45
N LEU NA 192 22.31 -17.85 26.06
CA LEU NA 192 21.68 -19.01 26.69
C LEU NA 192 22.51 -20.27 26.46
N ASN NA 193 22.91 -20.51 25.21
CA ASN NA 193 23.73 -21.67 24.91
C ASN NA 193 25.04 -21.63 25.68
N GLU NA 194 25.65 -20.45 25.80
CA GLU NA 194 26.94 -20.36 26.47
C GLU NA 194 26.80 -20.67 27.95
N GLY NA 195 25.75 -20.17 28.59
CA GLY NA 195 25.52 -20.51 29.98
C GLY NA 195 25.36 -22.01 30.17
N ALA NA 196 24.56 -22.64 29.30
CA ALA NA 196 24.39 -24.09 29.41
C ALA NA 196 25.71 -24.82 29.25
N VAL NA 197 26.52 -24.40 28.28
CA VAL NA 197 27.78 -25.09 28.02
C VAL NA 197 28.73 -24.94 29.21
N ILE NA 198 28.81 -23.73 29.78
CA ILE NA 198 29.70 -23.51 30.92
C ILE NA 198 29.28 -24.38 32.09
N LEU NA 199 27.98 -24.41 32.39
CA LEU NA 199 27.51 -25.25 33.49
C LEU NA 199 27.89 -26.69 33.26
N LEU NA 200 27.60 -27.22 32.07
CA LEU NA 200 27.89 -28.63 31.81
C LEU NA 200 29.38 -28.91 31.84
N SER NA 201 30.21 -27.92 31.51
CA SER NA 201 31.65 -28.11 31.57
C SER NA 201 32.15 -28.12 33.00
N LEU NA 202 31.48 -27.41 33.89
CA LEU NA 202 31.91 -27.42 35.28
C LEU NA 202 31.42 -28.68 36.00
N ILE NA 203 30.29 -29.24 35.60
CA ILE NA 203 29.74 -30.45 36.20
C ILE NA 203 29.50 -31.47 35.10
N PRO NA 204 30.51 -32.24 34.71
CA PRO NA 204 30.38 -33.06 33.50
C PRO NA 204 29.33 -34.16 33.61
N ASN NA 205 29.12 -34.69 34.82
CA ASN NA 205 28.25 -35.84 35.01
C ASN NA 205 26.85 -35.45 35.46
N LEU NA 206 26.39 -34.25 35.12
CA LEU NA 206 25.06 -33.84 35.55
C LEU NA 206 23.98 -34.61 34.83
N LEU NA 207 24.12 -34.79 33.51
CA LEU NA 207 23.10 -35.44 32.71
C LEU NA 207 23.27 -36.95 32.62
N THR NA 208 24.02 -37.54 33.55
CA THR NA 208 24.12 -39.00 33.64
C THR NA 208 23.70 -39.50 35.01
N LEU NA 209 22.95 -38.69 35.75
CA LEU NA 209 22.42 -39.12 37.03
C LEU NA 209 21.05 -39.78 36.81
N GLY NA 210 20.45 -40.25 37.90
CA GLY NA 210 19.13 -40.85 37.83
C GLY NA 210 18.13 -39.95 37.14
N ALA NA 211 17.33 -40.52 36.24
CA ALA NA 211 16.38 -39.71 35.48
C ALA NA 211 15.36 -39.04 36.40
N GLN NA 212 15.06 -39.64 37.54
CA GLN NA 212 14.10 -39.08 38.48
C GLN NA 212 14.54 -39.11 39.93
N ASP NA 213 15.58 -39.87 40.28
CA ASP NA 213 16.04 -39.95 41.66
C ASP NA 213 17.40 -39.33 41.89
N GLY NA 214 18.20 -39.10 40.85
CA GLY NA 214 19.52 -38.53 41.03
C GLY NA 214 19.55 -37.04 40.83
N TYR NA 215 18.98 -36.57 39.72
CA TYR NA 215 19.01 -35.15 39.41
C TYR NA 215 18.23 -34.35 40.44
N ALA NA 216 17.04 -34.81 40.78
CA ALA NA 216 16.24 -34.12 41.79
C ALA NA 216 16.95 -34.10 43.13
N ASN NA 217 17.61 -35.21 43.49
CA ASN NA 217 18.33 -35.26 44.76
C ASN NA 217 19.50 -34.29 44.75
N ALA NA 218 20.22 -34.22 43.63
CA ALA NA 218 21.33 -33.27 43.53
C ALA NA 218 20.83 -31.84 43.66
N VAL NA 219 19.73 -31.50 42.98
CA VAL NA 219 19.21 -30.15 43.04
C VAL NA 219 18.75 -29.81 44.45
N ILE NA 220 18.09 -30.75 45.13
CA ILE NA 220 17.58 -30.47 46.45
C ILE NA 220 18.71 -30.38 47.47
N GLN NA 221 19.79 -31.13 47.24
CA GLN NA 221 20.94 -31.03 48.13
C GLN NA 221 21.66 -29.71 47.91
N LEU NA 222 21.77 -29.28 46.65
CA LEU NA 222 22.43 -28.02 46.35
C LEU NA 222 21.65 -26.85 46.92
N GLY NA 223 20.32 -26.87 46.80
CA GLY NA 223 19.52 -25.82 47.38
C GLY NA 223 19.60 -25.76 48.89
N SER NA 224 19.76 -26.91 49.52
CA SER NA 224 19.92 -27.02 50.96
C SER NA 224 21.38 -26.79 51.33
N ALA NA 225 21.79 -27.22 52.52
CA ALA NA 225 23.09 -26.87 53.08
C ALA NA 225 24.27 -27.47 52.35
N THR NA 226 25.46 -27.29 52.92
CA THR NA 226 26.82 -27.34 52.39
C THR NA 226 27.32 -28.75 52.00
N ARG NA 227 26.53 -29.82 51.91
CA ARG NA 227 27.07 -31.11 51.50
C ARG NA 227 27.78 -31.00 50.16
N GLU NA 228 27.04 -30.60 49.13
CA GLU NA 228 27.59 -30.27 47.81
C GLU NA 228 28.22 -31.47 47.09
N LEU NA 229 28.10 -32.66 47.67
CA LEU NA 229 28.64 -33.88 47.06
C LEU NA 229 30.12 -33.73 46.75
N GLY NA 230 30.87 -33.26 47.75
CA GLY NA 230 32.25 -32.90 47.54
C GLY NA 230 32.36 -31.70 46.63
N GLN NA 231 33.46 -31.63 45.88
CA GLN NA 231 33.60 -30.64 44.82
C GLN NA 231 32.73 -31.11 43.66
N LEU NA 232 31.43 -30.87 43.78
CA LEU NA 232 30.49 -31.19 42.71
C LEU NA 232 31.01 -30.70 41.37
N VAL NA 233 31.78 -29.62 41.38
CA VAL NA 233 32.51 -29.16 40.21
C VAL NA 233 33.86 -29.88 40.21
N ARG NA 234 34.02 -30.85 39.31
CA ARG NA 234 35.29 -31.54 39.20
C ARG NA 234 36.36 -30.57 38.70
N GLN NA 235 37.58 -30.75 39.19
CA GLN NA 235 38.68 -29.87 38.81
C GLN NA 235 38.91 -29.93 37.31
N PRO NA 236 38.68 -28.85 36.58
CA PRO NA 236 38.85 -28.85 35.14
C PRO NA 236 40.30 -29.13 34.77
N PRO NA 237 40.56 -29.63 33.55
CA PRO NA 237 41.94 -29.92 33.17
C PRO NA 237 42.77 -28.66 33.11
N PRO NA 238 44.09 -28.78 33.26
CA PRO NA 238 44.94 -27.59 33.33
C PRO NA 238 45.12 -26.98 31.94
N PRO NA 239 45.10 -25.64 31.85
CA PRO NA 239 45.09 -24.99 30.53
C PRO NA 239 46.42 -25.03 29.80
N LEU NA 240 46.47 -24.39 28.63
CA LEU NA 240 47.68 -24.29 27.81
C LEU NA 240 48.49 -23.07 28.21
N PRO NA 241 49.70 -22.90 27.66
CA PRO NA 241 50.59 -21.81 28.08
C PRO NA 241 50.21 -20.43 27.56
N GLN NA 242 48.95 -20.24 27.17
CA GLN NA 242 48.33 -18.98 26.76
C GLN NA 242 48.94 -18.35 25.53
N ASP NA 243 49.88 -19.02 24.88
CA ASP NA 243 50.22 -18.67 23.50
C ASP NA 243 49.86 -19.76 22.52
N HIS NA 244 49.69 -21.00 22.98
CA HIS NA 244 49.15 -22.04 22.12
C HIS NA 244 47.80 -21.59 21.59
N ALA NA 245 47.59 -21.78 20.29
CA ALA NA 245 46.41 -21.23 19.63
C ALA NA 245 45.10 -21.87 20.09
N ARG NA 246 45.13 -22.79 21.04
CA ARG NA 246 43.93 -23.49 21.47
C ARG NA 246 43.78 -23.42 22.98
N ARG NA 247 44.18 -22.31 23.58
CA ARG NA 247 44.02 -22.14 25.02
C ARG NA 247 42.55 -21.93 25.37
N PHE NA 248 42.12 -22.54 26.48
CA PHE NA 248 40.74 -22.38 26.93
C PHE NA 248 40.73 -22.42 28.45
N CYS NA 249 40.67 -21.26 29.07
CA CYS NA 249 40.52 -21.14 30.52
C CYS NA 249 39.04 -20.98 30.83
N VAL NA 250 38.44 -22.02 31.43
CA VAL NA 250 36.99 -22.04 31.60
C VAL NA 250 36.53 -20.92 32.51
N PHE NA 251 37.31 -20.56 33.53
CA PHE NA 251 36.83 -19.63 34.54
C PHE NA 251 36.74 -18.21 33.99
N GLU NA 252 37.68 -17.81 33.15
CA GLU NA 252 37.56 -16.51 32.51
C GLU NA 252 36.34 -16.46 31.60
N ALA NA 253 36.02 -17.58 30.96
CA ALA NA 253 34.81 -17.64 30.15
C ALA NA 253 33.57 -17.50 31.02
N LEU NA 254 33.57 -18.12 32.20
CA LEU NA 254 32.46 -17.94 33.13
C LEU NA 254 32.34 -16.49 33.55
N GLU NA 255 33.48 -15.84 33.76
CA GLU NA 255 33.48 -14.43 34.14
C GLU NA 255 32.83 -13.57 33.05
N ALA NA 256 33.30 -13.74 31.81
CA ALA NA 256 32.72 -13.01 30.70
C ALA NA 256 31.22 -13.28 30.59
N TRP NA 257 30.81 -14.52 30.82
CA TRP NA 257 29.40 -14.85 30.72
C TRP NA 257 28.58 -14.15 31.79
N ILE NA 258 29.07 -14.14 33.03
CA ILE NA 258 28.37 -13.43 34.10
C ILE NA 258 28.18 -11.98 33.72
N ALA NA 259 29.26 -11.34 33.26
CA ALA NA 259 29.18 -9.93 32.91
C ALA NA 259 28.16 -9.68 31.81
N SER NA 260 28.27 -10.44 30.72
CA SER NA 260 27.38 -10.21 29.59
C SER NA 260 25.93 -10.51 29.94
N ALA NA 261 25.69 -11.55 30.74
CA ALA NA 261 24.33 -11.87 31.14
C ALA NA 261 23.73 -10.76 31.99
N SER NA 262 24.50 -10.26 32.96
CA SER NA 262 24.00 -9.16 33.77
C SER NA 262 23.66 -7.95 32.91
N ARG NA 263 24.58 -7.58 32.03
CA ARG NA 263 24.34 -6.42 31.17
C ARG NA 263 23.09 -6.61 30.33
N LEU NA 264 22.91 -7.79 29.74
CA LEU NA 264 21.75 -8.02 28.91
C LEU NA 264 20.48 -8.00 29.74
N GLY NA 265 20.54 -8.50 30.97
CA GLY NA 265 19.36 -8.49 31.81
C GLY NA 265 18.95 -7.10 32.22
N ASP NA 266 19.91 -6.20 32.39
CA ASP NA 266 19.57 -4.84 32.76
C ASP NA 266 19.03 -4.03 31.59
N THR NA 267 19.47 -4.31 30.37
CA THR NA 267 18.99 -3.57 29.20
C THR NA 267 17.80 -4.30 28.57
N LEU NA 268 16.77 -4.52 29.39
CA LEU NA 268 15.54 -5.11 28.91
C LEU NA 268 14.31 -4.47 29.51
N GLY NA 269 14.44 -3.36 30.21
CA GLY NA 269 13.31 -2.78 30.92
C GLY NA 269 12.85 -3.71 32.03
N THR NA 270 11.58 -4.13 31.96
CA THR NA 270 10.95 -5.00 32.95
C THR NA 270 11.09 -4.47 34.36
N ARG NA 271 11.43 -3.20 34.52
CA ARG NA 271 11.32 -2.51 35.79
C ARG NA 271 10.27 -1.42 35.63
N PRO NA 272 9.11 -1.54 36.28
CA PRO NA 272 7.99 -0.65 35.97
C PRO NA 272 8.36 0.81 36.02
N VAL NA 273 7.80 1.58 35.09
CA VAL NA 273 8.01 3.02 35.06
C VAL NA 273 6.79 3.79 35.51
N ALA NA 274 5.61 3.18 35.55
CA ALA NA 274 4.40 3.88 35.94
C ALA NA 274 3.38 2.84 36.37
N ARG NA 275 2.19 3.30 36.74
CA ARG NA 275 1.13 2.43 37.22
C ARG NA 275 -0.19 3.12 36.95
N VAL NA 276 -1.11 2.41 36.31
CA VAL NA 276 -2.39 3.01 35.94
C VAL NA 276 -3.27 3.07 37.18
N CYS NA 277 -3.74 4.27 37.50
CA CYS NA 277 -4.66 4.45 38.62
C CYS NA 277 -5.89 5.18 38.13
N ILE NA 278 -6.43 4.73 36.99
CA ILE NA 278 -7.56 5.41 36.37
C ILE NA 278 -8.70 5.54 37.37
N PHE NA 279 -9.45 6.61 37.23
CA PHE NA 279 -10.51 6.93 38.17
C PHE NA 279 -11.49 7.84 37.46
N ASP NA 280 -12.78 7.55 37.62
CA ASP NA 280 -13.85 8.22 36.87
C ASP NA 280 -13.65 8.02 35.37
N GLY NA 281 -13.76 6.77 34.96
CA GLY NA 281 -13.67 6.40 33.56
C GLY NA 281 -13.99 4.94 33.35
N PRO NA 282 -14.08 4.52 32.09
CA PRO NA 282 -14.25 3.09 31.80
C PRO NA 282 -13.06 2.30 32.30
N PRO NA 283 -13.30 1.26 33.11
CA PRO NA 283 -12.19 0.59 33.80
C PRO NA 283 -11.17 -0.06 32.90
N THR NA 284 -11.43 -0.20 31.61
CA THR NA 284 -10.51 -0.86 30.69
C THR NA 284 -10.29 0.06 29.50
N VAL NA 285 -9.07 0.56 29.34
CA VAL NA 285 -8.76 1.54 28.31
C VAL NA 285 -8.34 0.79 27.05
N PRO NA 286 -8.99 1.01 25.91
CA PRO NA 286 -8.59 0.34 24.68
C PRO NA 286 -7.36 1.01 24.10
N PRO NA 287 -6.68 0.35 23.15
CA PRO NA 287 -5.55 0.98 22.50
C PRO NA 287 -5.93 2.30 21.84
N GLY NA 288 -4.99 3.22 21.79
CA GLY NA 288 -5.18 4.50 21.14
C GLY NA 288 -5.86 5.56 21.99
N GLU NA 289 -6.39 5.20 23.16
CA GLU NA 289 -7.12 6.14 23.99
C GLU NA 289 -6.38 6.40 25.29
N LYS NA 290 -6.42 7.65 25.74
CA LYS NA 290 -5.64 8.08 26.88
C LYS NA 290 -6.12 7.39 28.15
N ALA NA 291 -5.25 7.41 29.16
CA ALA NA 291 -5.52 6.71 30.40
C ALA NA 291 -4.74 7.36 31.53
N ALA NA 292 -5.44 7.71 32.60
CA ALA NA 292 -4.81 8.37 33.73
C ALA NA 292 -3.81 7.44 34.40
N VAL NA 293 -2.62 7.98 34.69
CA VAL NA 293 -1.53 7.21 35.25
C VAL NA 293 -0.84 8.05 36.32
N VAL NA 294 -0.34 7.38 37.35
CA VAL NA 294 0.58 7.99 38.31
C VAL NA 294 1.94 7.36 38.13
N GLU NA 295 2.98 8.17 38.06
CA GLU NA 295 4.33 7.64 37.95
C GLU NA 295 4.66 6.87 39.23
N VAL NA 296 5.51 5.85 39.10
CA VAL NA 296 5.86 5.02 40.23
C VAL NA 296 6.85 5.74 41.14
N ARG OA 3 -10.08 31.56 18.62
CA ARG OA 3 -10.99 31.00 17.62
C ARG OA 3 -12.47 31.09 18.04
N PRO OA 4 -12.83 30.67 19.26
CA PRO OA 4 -14.21 30.86 19.71
C PRO OA 4 -14.52 32.34 19.87
N ALA OA 5 -15.82 32.63 19.93
CA ALA OA 5 -16.28 34.01 19.88
C ALA OA 5 -15.90 34.77 21.14
N ILE OA 6 -16.07 36.08 21.08
CA ILE OA 6 -15.86 36.97 22.22
C ILE OA 6 -17.17 37.58 22.69
N LEU OA 7 -17.90 38.24 21.80
CA LEU OA 7 -19.16 38.89 22.13
C LEU OA 7 -20.29 38.28 21.33
N PRO OA 8 -21.19 37.53 21.97
CA PRO OA 8 -22.34 37.01 21.23
C PRO OA 8 -23.21 38.13 20.71
N SER OA 9 -23.70 37.96 19.48
CA SER OA 9 -24.56 38.98 18.89
C SER OA 9 -25.98 38.86 19.44
N GLY OA 10 -26.63 37.73 19.21
CA GLY OA 10 -27.97 37.51 19.69
C GLY OA 10 -28.12 36.13 20.27
N GLN OA 11 -29.09 35.99 21.17
CA GLN OA 11 -29.31 34.73 21.85
C GLN OA 11 -30.28 33.86 21.06
N ILE OA 12 -30.17 32.55 21.28
CA ILE OA 12 -31.04 31.58 20.63
C ILE OA 12 -32.26 31.36 21.52
N LEU OA 13 -33.42 31.17 20.90
CA LEU OA 13 -34.66 31.23 21.66
C LEU OA 13 -35.05 29.89 22.24
N SER OA 14 -34.98 28.82 21.43
CA SER OA 14 -35.45 27.51 21.84
C SER OA 14 -34.29 26.54 21.93
N ASN OA 15 -34.19 25.85 23.07
CA ASN OA 15 -33.20 24.80 23.19
C ASN OA 15 -33.66 23.57 22.42
N ILE OA 16 -32.70 22.77 21.99
CA ILE OA 16 -32.98 21.58 21.20
C ILE OA 16 -31.78 20.67 21.31
N GLU OA 17 -32.02 19.37 21.24
CA GLU OA 17 -30.91 18.43 21.21
C GLU OA 17 -30.14 18.66 19.92
N VAL OA 18 -28.83 18.82 20.04
CA VAL OA 18 -28.03 19.20 18.88
C VAL OA 18 -27.43 17.99 18.18
N HIS OA 19 -26.95 17.00 18.93
CA HIS OA 19 -26.36 15.83 18.31
C HIS OA 19 -27.34 15.12 17.39
N SER OA 20 -28.64 15.36 17.55
CA SER OA 20 -29.60 14.76 16.63
C SER OA 20 -29.63 15.50 15.31
N HIS OA 21 -29.53 16.82 15.33
CA HIS OA 21 -29.57 17.62 14.11
C HIS OA 21 -28.16 17.97 13.64
N ARG OA 22 -27.34 16.93 13.41
CA ARG OA 22 -26.00 17.16 12.89
C ARG OA 22 -26.01 17.53 11.41
N ALA OA 23 -27.07 17.19 10.69
CA ALA OA 23 -27.06 17.36 9.24
C ALA OA 23 -27.08 18.83 8.84
N LEU OA 24 -27.71 19.68 9.65
CA LEU OA 24 -27.89 21.07 9.24
C LEU OA 24 -26.59 21.86 9.23
N PHE OA 25 -25.53 21.34 9.83
CA PHE OA 25 -24.30 22.10 10.01
C PHE OA 25 -23.19 21.54 9.12
N ASP OA 26 -22.10 22.30 9.02
CA ASP OA 26 -20.94 21.91 8.23
C ASP OA 26 -19.79 21.43 9.09
N ILE OA 27 -19.50 22.14 10.17
CA ILE OA 27 -18.45 21.74 11.11
C ILE OA 27 -19.08 21.60 12.48
N PHE OA 28 -18.65 20.58 13.22
CA PHE OA 28 -19.28 20.24 14.50
C PHE OA 28 -18.21 19.79 15.48
N LYS OA 29 -18.30 20.27 16.71
CA LYS OA 29 -17.33 19.92 17.74
C LYS OA 29 -18.00 20.03 19.10
N ARG OA 30 -18.02 18.93 19.85
CA ARG OA 30 -18.70 18.85 21.14
C ARG OA 30 -17.76 18.27 22.18
N PHE OA 31 -16.96 19.12 22.82
CA PHE OA 31 -16.08 18.64 23.86
C PHE OA 31 -16.83 18.52 25.17
N ARG OA 32 -16.36 17.61 26.03
CA ARG OA 32 -17.08 17.30 27.26
C ARG OA 32 -17.19 18.53 28.15
N SER OA 33 -16.07 19.02 28.65
CA SER OA 33 -16.09 20.24 29.45
C SER OA 33 -14.68 20.81 29.52
N ASP OA 34 -14.51 22.03 29.03
CA ASP OA 34 -13.31 22.81 29.32
C ASP OA 34 -12.05 22.08 28.84
N ASP OA 35 -11.93 21.98 27.52
CA ASP OA 35 -10.73 21.44 26.92
C ASP OA 35 -9.62 22.50 26.91
N ASN OA 36 -8.45 22.13 26.38
CA ASN OA 36 -7.27 22.96 26.50
C ASN OA 36 -7.14 24.00 25.40
N ASN OA 37 -7.68 23.74 24.22
CA ASN OA 37 -7.46 24.63 23.08
C ASN OA 37 -8.09 26.00 23.27
N LEU OA 38 -8.97 26.16 24.24
CA LEU OA 38 -9.68 27.44 24.37
C LEU OA 38 -8.76 28.55 24.83
N TYR OA 39 -7.88 28.28 25.79
CA TYR OA 39 -7.12 29.32 26.44
C TYR OA 39 -5.73 29.50 25.84
N GLY OA 40 -5.58 29.24 24.55
CA GLY OA 40 -4.32 29.49 23.89
C GLY OA 40 -4.38 30.71 23.00
N ALA OA 41 -3.78 31.81 23.45
CA ALA OA 41 -3.69 33.02 22.65
C ALA OA 41 -2.30 33.09 22.06
N GLU OA 42 -2.12 32.41 20.94
CA GLU OA 42 -0.83 32.33 20.27
C GLU OA 42 -1.01 32.84 18.85
N PHE OA 43 -0.61 34.09 18.62
CA PHE OA 43 -0.74 34.72 17.32
C PHE OA 43 0.57 34.62 16.58
N ASP OA 44 0.62 35.22 15.40
CA ASP OA 44 1.84 35.31 14.62
C ASP OA 44 1.73 36.55 13.74
N ALA OA 45 2.82 37.28 13.59
CA ALA OA 45 2.66 38.59 13.00
C ALA OA 45 3.98 39.11 12.49
N LEU OA 46 3.92 39.81 11.36
CA LEU OA 46 5.11 40.40 10.75
C LEU OA 46 5.46 41.70 11.45
N LEU OA 47 6.75 41.89 11.70
CA LEU OA 47 7.23 43.01 12.49
C LEU OA 47 7.49 44.24 11.63
N GLY OA 48 8.34 44.10 10.63
CA GLY OA 48 8.70 45.23 9.78
C GLY OA 48 8.43 44.94 8.31
N THR OA 49 8.09 46.00 7.60
CA THR OA 49 8.05 45.99 6.14
C THR OA 49 8.98 47.08 5.64
N TYR OA 50 9.70 46.80 4.55
CA TYR OA 50 10.73 47.69 4.07
C TYR OA 50 10.60 47.88 2.56
N CYS OA 51 10.41 49.12 2.13
CA CYS OA 51 10.27 49.46 0.73
C CYS OA 51 11.57 50.09 0.24
N SER OA 52 12.03 49.65 -0.92
CA SER OA 52 13.32 50.06 -1.46
C SER OA 52 13.11 51.22 -2.43
N THR OA 53 13.50 52.42 -2.02
CA THR OA 53 13.40 53.56 -2.92
C THR OA 53 14.37 53.41 -4.08
N LEU OA 54 14.06 54.09 -5.17
CA LEU OA 54 14.99 54.14 -6.28
C LEU OA 54 16.13 55.10 -5.95
N SER OA 55 17.17 55.06 -6.78
CA SER OA 55 18.31 55.98 -6.69
C SER OA 55 18.37 56.72 -8.02
N LEU OA 56 17.73 57.89 -8.08
CA LEU OA 56 17.62 58.62 -9.34
C LEU OA 56 18.99 59.15 -9.76
N VAL OA 57 19.31 58.99 -11.04
CA VAL OA 57 20.56 59.49 -11.61
C VAL OA 57 20.22 60.33 -12.83
N ARG OA 58 20.94 61.43 -13.01
CA ARG OA 58 20.80 62.27 -14.19
C ARG OA 58 22.15 62.37 -14.90
N PHE OA 59 22.11 62.32 -16.23
CA PHE OA 59 23.33 62.23 -17.01
C PHE OA 59 24.22 63.44 -16.81
N LEU OA 60 23.65 64.60 -16.53
CA LEU OA 60 24.42 65.83 -16.51
C LEU OA 60 25.38 65.92 -15.33
N GLU OA 61 25.34 64.98 -14.39
CA GLU OA 61 26.23 65.02 -13.24
C GLU OA 61 27.30 63.94 -13.30
N LEU OA 62 27.36 63.19 -14.39
CA LEU OA 62 28.43 62.22 -14.58
C LEU OA 62 29.64 62.90 -15.22
N GLY OA 63 30.80 62.29 -15.03
CA GLY OA 63 32.00 62.83 -15.66
C GLY OA 63 31.86 62.91 -17.16
N LEU OA 64 31.26 61.89 -17.77
CA LEU OA 64 31.16 61.79 -19.22
C LEU OA 64 30.51 63.01 -19.87
N SER OA 65 29.82 63.84 -19.10
CA SER OA 65 29.16 65.01 -19.69
C SER OA 65 30.12 65.86 -20.49
N VAL OA 66 31.40 65.89 -20.09
CA VAL OA 66 32.39 66.68 -20.80
C VAL OA 66 32.83 66.05 -22.11
N ALA OA 67 32.39 64.84 -22.41
CA ALA OA 67 32.87 64.17 -23.61
C ALA OA 67 32.06 64.53 -24.85
N CYS OA 68 30.80 64.89 -24.69
CA CYS OA 68 29.94 65.15 -25.84
C CYS OA 68 29.05 66.35 -25.57
N VAL OA 69 28.82 67.14 -26.61
CA VAL OA 69 27.90 68.26 -26.54
C VAL OA 69 26.53 67.77 -26.98
N CYS OA 70 25.55 67.86 -26.09
CA CYS OA 70 24.21 67.38 -26.37
C CYS OA 70 23.34 68.50 -26.90
N THR OA 71 22.32 68.14 -27.66
CA THR OA 71 21.42 69.14 -28.25
C THR OA 71 20.02 68.55 -28.36
N LYS OA 72 19.08 69.15 -27.64
CA LYS OA 72 17.69 68.72 -27.67
C LYS OA 72 17.10 69.11 -29.02
N PHE OA 73 17.16 68.20 -29.98
CA PHE OA 73 16.67 68.49 -31.33
C PHE OA 73 15.26 67.94 -31.48
N PRO OA 74 14.23 68.77 -31.39
CA PRO OA 74 12.86 68.22 -31.39
C PRO OA 74 12.39 67.73 -32.74
N GLU OA 75 13.13 67.98 -33.81
CA GLU OA 75 12.67 67.63 -35.16
C GLU OA 75 13.58 66.62 -35.83
N LEU OA 76 14.23 65.75 -35.05
CA LEU OA 76 15.22 64.86 -35.62
C LEU OA 76 14.58 63.81 -36.53
N SER OA 77 13.39 63.33 -36.17
CA SER OA 77 12.75 62.31 -36.97
C SER OA 77 12.46 62.80 -38.39
N TYR OA 78 12.45 64.11 -38.60
CA TYR OA 78 12.10 64.66 -39.90
C TYR OA 78 13.28 64.71 -40.86
N VAL OA 79 14.49 64.53 -40.36
CA VAL OA 79 15.67 64.82 -41.17
C VAL OA 79 15.99 63.65 -42.07
N ALA OA 80 16.46 63.96 -43.28
CA ALA OA 80 17.12 63.02 -44.15
C ALA OA 80 18.60 62.99 -43.78
N GLU OA 81 19.45 62.46 -44.65
CA GLU OA 81 20.88 62.46 -44.38
C GLU OA 81 21.39 63.88 -44.11
N GLY OA 82 21.92 64.10 -42.91
CA GLY OA 82 22.48 65.39 -42.55
C GLY OA 82 23.96 65.24 -42.28
N THR OA 83 24.69 66.36 -42.41
CA THR OA 83 26.15 66.32 -42.37
C THR OA 83 26.67 67.59 -41.71
N ILE OA 84 28.00 67.68 -41.64
CA ILE OA 84 28.70 68.89 -41.24
C ILE OA 84 29.93 69.03 -42.14
N GLN OA 85 30.47 70.25 -42.19
CA GLN OA 85 31.50 70.59 -43.15
C GLN OA 85 32.66 71.29 -42.44
N PHE OA 86 33.87 70.81 -42.70
CA PHE OA 86 35.08 71.37 -42.13
C PHE OA 86 35.88 72.11 -43.21
N GLU OA 87 36.73 73.03 -42.76
CA GLU OA 87 37.73 73.62 -43.63
C GLU OA 87 38.90 74.05 -42.77
N VAL OA 88 40.10 73.60 -43.14
CA VAL OA 88 41.31 73.87 -42.38
C VAL OA 88 42.40 74.31 -43.35
N GLN OA 89 43.45 74.89 -42.79
CA GLN OA 89 44.53 75.47 -43.58
C GLN OA 89 45.85 75.09 -42.95
N GLN OA 90 46.61 74.24 -43.62
CA GLN OA 90 47.88 73.79 -43.08
C GLN OA 90 48.92 74.89 -43.24
N PRO OA 91 49.64 75.26 -42.19
CA PRO OA 91 50.64 76.31 -42.31
C PRO OA 91 51.78 75.85 -43.20
N MET OA 92 52.49 76.82 -43.76
CA MET OA 92 53.64 76.54 -44.61
C MET OA 92 54.81 77.38 -44.15
N ILE OA 93 56.00 76.83 -44.32
CA ILE OA 93 57.23 77.48 -43.89
C ILE OA 93 58.05 77.81 -45.13
N ALA OA 94 58.65 78.99 -45.13
CA ALA OA 94 59.56 79.36 -46.21
C ALA OA 94 60.76 78.41 -46.21
N ARG OA 95 61.59 78.54 -47.24
CA ARG OA 95 62.73 77.65 -47.37
C ARG OA 95 63.71 78.27 -48.36
N ASP OA 96 65.00 78.26 -48.00
CA ASP OA 96 66.03 78.94 -48.78
C ASP OA 96 66.52 78.03 -49.91
N GLY OA 97 65.56 77.52 -50.67
CA GLY OA 97 65.85 76.43 -51.57
C GLY OA 97 65.71 76.74 -53.04
N PRO OA 98 66.61 76.15 -53.83
CA PRO OA 98 66.34 76.03 -55.27
C PRO OA 98 65.18 75.11 -55.57
N HIS OA 99 64.74 74.30 -54.61
CA HIS OA 99 63.50 73.56 -54.76
C HIS OA 99 62.34 74.55 -54.81
N PRO OA 100 61.50 74.48 -55.84
CA PRO OA 100 60.36 75.40 -55.92
C PRO OA 100 59.54 75.40 -54.64
N ALA OA 101 59.03 76.57 -54.28
CA ALA OA 101 58.34 76.74 -53.01
C ALA OA 101 56.97 76.05 -53.05
N ASP OA 102 56.34 76.01 -51.89
CA ASP OA 102 55.04 75.38 -51.71
C ASP OA 102 54.00 76.45 -51.38
N GLN OA 103 53.01 76.61 -52.24
CA GLN OA 103 51.91 77.51 -51.97
C GLN OA 103 51.07 76.96 -50.82
N PRO OA 104 50.26 77.80 -50.19
CA PRO OA 104 49.36 77.31 -49.14
C PRO OA 104 48.38 76.28 -49.69
N VAL OA 105 47.97 75.37 -48.81
CA VAL OA 105 47.03 74.31 -49.16
C VAL OA 105 45.75 74.52 -48.37
N HIS OA 106 44.63 74.15 -48.98
CA HIS OA 106 43.33 74.27 -48.35
C HIS OA 106 42.63 72.92 -48.42
N ASN OA 107 41.87 72.60 -47.37
CA ASN OA 107 41.21 71.32 -47.27
C ASN OA 107 39.73 71.52 -47.01
N TYR OA 108 38.93 70.56 -47.48
CA TYR OA 108 37.49 70.57 -47.23
C TYR OA 108 37.05 69.15 -46.96
N MET OA 109 36.57 68.89 -45.75
CA MET OA 109 36.14 67.57 -45.35
C MET OA 109 34.67 67.66 -44.94
N ILE OA 110 33.92 66.60 -45.20
CA ILE OA 110 32.54 66.48 -44.79
C ILE OA 110 32.33 65.09 -44.21
N LYS OA 111 31.39 64.99 -43.28
CA LYS OA 111 31.07 63.71 -42.67
C LYS OA 111 29.58 63.67 -42.34
N ARG OA 112 29.03 62.46 -42.36
CA ARG OA 112 27.60 62.26 -42.19
C ARG OA 112 27.30 61.61 -40.85
N LEU OA 113 26.05 61.76 -40.42
CA LEU OA 113 25.64 61.29 -39.11
C LEU OA 113 25.40 59.79 -39.13
N ASP OA 114 25.15 59.24 -37.95
CA ASP OA 114 24.69 57.87 -37.80
C ASP OA 114 23.39 57.90 -37.01
N ARG OA 115 22.55 56.91 -37.24
CA ARG OA 115 21.21 56.90 -36.68
C ARG OA 115 21.09 55.80 -35.64
N ARG OA 116 20.45 56.12 -34.52
CA ARG OA 116 20.28 55.18 -33.44
C ARG OA 116 18.95 55.46 -32.75
N SER OA 117 18.64 54.66 -31.73
CA SER OA 117 17.40 54.79 -30.99
C SER OA 117 17.60 54.20 -29.60
N LEU OA 118 16.52 54.17 -28.83
CA LEU OA 118 16.52 53.56 -27.50
C LEU OA 118 15.11 53.06 -27.22
N ASN OA 119 15.00 51.80 -26.80
CA ASN OA 119 13.70 51.19 -26.54
C ASN OA 119 13.54 50.91 -25.05
N ALA OA 120 12.31 51.05 -24.57
CA ALA OA 120 12.00 50.74 -23.18
C ALA OA 120 10.52 50.39 -23.11
N ALA OA 121 10.22 49.10 -23.07
CA ALA OA 121 8.83 48.68 -23.00
C ALA OA 121 8.30 48.83 -21.58
N PHE OA 122 6.98 48.77 -21.46
CA PHE OA 122 6.32 49.12 -20.21
C PHE OA 122 4.88 48.65 -20.28
N SER OA 123 4.47 47.78 -19.36
CA SER OA 123 3.17 47.15 -19.46
C SER OA 123 2.23 47.60 -18.33
N ILE OA 124 1.00 47.10 -18.40
CA ILE OA 124 -0.06 47.43 -17.45
C ILE OA 124 -1.00 46.23 -17.40
N ALA OA 125 -1.33 45.75 -16.21
CA ALA OA 125 -2.17 44.57 -16.11
C ALA OA 125 -3.62 44.92 -16.45
N VAL OA 126 -4.41 43.86 -16.64
CA VAL OA 126 -5.77 44.03 -17.15
C VAL OA 126 -6.68 44.67 -16.10
N GLU OA 127 -6.37 44.52 -14.82
CA GLU OA 127 -7.23 45.09 -13.79
C GLU OA 127 -6.83 46.50 -13.40
N ALA OA 128 -5.53 46.80 -13.41
CA ALA OA 128 -5.13 48.18 -13.26
C ALA OA 128 -5.77 49.06 -14.32
N LEU OA 129 -5.90 48.53 -15.54
CA LEU OA 129 -6.50 49.28 -16.62
C LEU OA 129 -7.96 49.62 -16.31
N GLY OA 130 -8.67 48.72 -15.64
CA GLY OA 130 -10.03 49.01 -15.26
C GLY OA 130 -10.08 50.02 -14.13
N LEU OA 131 -9.22 49.83 -13.13
CA LEU OA 131 -9.29 50.67 -11.93
C LEU OA 131 -8.89 52.11 -12.23
N ILE OA 132 -7.87 52.30 -13.07
CA ILE OA 132 -7.44 53.66 -13.37
C ILE OA 132 -8.46 54.37 -14.25
N SER OA 133 -9.17 53.63 -15.10
CA SER OA 133 -10.11 54.23 -16.03
C SER OA 133 -11.23 54.96 -15.29
N GLY OA 134 -12.01 54.22 -14.51
CA GLY OA 134 -13.16 54.78 -13.84
C GLY OA 134 -14.44 53.98 -14.05
N GLU OA 135 -14.31 52.71 -14.43
CA GLU OA 135 -15.46 51.88 -14.71
C GLU OA 135 -15.82 50.91 -13.59
N ASN OA 136 -14.83 50.39 -12.86
CA ASN OA 136 -15.10 49.48 -11.75
C ASN OA 136 -15.26 50.19 -10.42
N LEU OA 137 -14.95 51.48 -10.36
CA LEU OA 137 -15.15 52.23 -9.13
C LEU OA 137 -16.63 52.25 -8.76
N ASP OA 138 -16.89 52.32 -7.46
CA ASP OA 138 -18.25 52.51 -6.96
C ASP OA 138 -18.13 52.96 -5.50
N GLY OA 139 -19.27 53.32 -4.92
CA GLY OA 139 -19.26 53.87 -3.58
C GLY OA 139 -18.92 52.83 -2.53
N THR OA 140 -17.75 52.21 -2.69
CA THR OA 140 -17.24 51.26 -1.71
C THR OA 140 -15.84 51.68 -1.33
N HIS OA 141 -15.60 51.89 -0.04
CA HIS OA 141 -14.28 52.30 0.41
C HIS OA 141 -13.19 51.34 -0.03
N ILE OA 142 -13.54 50.09 -0.36
CA ILE OA 142 -12.55 49.15 -0.84
C ILE OA 142 -12.04 49.56 -2.21
N SER OA 143 -12.94 50.01 -3.09
CA SER OA 143 -12.52 50.37 -4.44
C SER OA 143 -11.52 51.53 -4.42
N SER OA 144 -11.74 52.50 -3.54
CA SER OA 144 -10.80 53.63 -3.45
C SER OA 144 -9.40 53.14 -3.10
N ALA OA 145 -9.30 52.16 -2.21
CA ALA OA 145 -7.99 51.66 -1.82
C ALA OA 145 -7.32 50.98 -3.00
N MET OA 146 -8.06 50.18 -3.77
CA MET OA 146 -7.49 49.53 -4.94
C MET OA 146 -7.04 50.56 -5.96
N ARG OA 147 -7.81 51.63 -6.13
CA ARG OA 147 -7.42 52.67 -7.07
C ARG OA 147 -6.14 53.36 -6.63
N LEU OA 148 -6.04 53.69 -5.34
CA LEU OA 148 -4.81 54.26 -4.83
C LEU OA 148 -3.63 53.33 -5.09
N ARG OA 149 -3.80 52.04 -4.83
CA ARG OA 149 -2.72 51.09 -5.03
C ARG OA 149 -2.31 51.04 -6.50
N ALA OA 150 -3.28 51.03 -7.40
CA ALA OA 150 -2.96 50.92 -8.82
C ALA OA 150 -2.27 52.19 -9.31
N ILE OA 151 -2.75 53.35 -8.90
CA ILE OA 151 -2.10 54.60 -9.30
C ILE OA 151 -0.67 54.64 -8.78
N GLN OA 152 -0.47 54.23 -7.52
CA GLN OA 152 0.87 54.23 -6.96
C GLN OA 152 1.79 53.29 -7.73
N GLN OA 153 1.29 52.10 -8.08
CA GLN OA 153 2.10 51.15 -8.82
C GLN OA 153 2.49 51.72 -10.18
N LEU OA 154 1.51 52.28 -10.90
CA LEU OA 154 1.80 52.85 -12.21
C LEU OA 154 2.79 54.00 -12.10
N ALA OA 155 2.65 54.84 -11.08
CA ALA OA 155 3.56 55.96 -10.92
C ALA OA 155 4.98 55.49 -10.68
N ARG OA 156 5.16 54.58 -9.73
CA ARG OA 156 6.49 54.03 -9.48
C ARG OA 156 7.06 53.40 -10.74
N ASN OA 157 6.22 52.69 -11.48
CA ASN OA 157 6.69 51.98 -12.66
C ASN OA 157 7.16 52.95 -13.74
N VAL OA 158 6.39 54.00 -13.99
CA VAL OA 158 6.78 54.94 -15.03
C VAL OA 158 7.97 55.78 -14.58
N GLN OA 159 8.03 56.12 -13.30
CA GLN OA 159 9.21 56.81 -12.79
C GLN OA 159 10.45 55.97 -12.96
N ALA OA 160 10.32 54.65 -12.87
CA ALA OA 160 11.47 53.78 -13.10
C ALA OA 160 11.81 53.69 -14.58
N VAL OA 161 10.80 53.67 -15.45
CA VAL OA 161 11.12 53.45 -16.86
C VAL OA 161 11.69 54.72 -17.49
N LEU OA 162 11.22 55.89 -17.09
CA LEU OA 162 11.79 57.12 -17.65
C LEU OA 162 13.24 57.26 -17.28
N ASP OA 163 13.59 56.91 -16.04
CA ASP OA 163 14.96 57.03 -15.57
C ASP OA 163 15.91 56.19 -16.40
N SER OA 164 15.41 55.15 -17.06
CA SER OA 164 16.26 54.32 -17.90
C SER OA 164 16.86 55.10 -19.06
N PHE OA 165 16.24 56.19 -19.47
CA PHE OA 165 16.79 56.97 -20.57
C PHE OA 165 18.00 57.77 -20.18
N GLU OA 166 18.53 57.63 -18.97
CA GLU OA 166 19.77 58.28 -18.57
C GLU OA 166 20.93 57.30 -18.48
N ARG OA 167 20.76 56.22 -17.72
CA ARG OA 167 21.72 55.13 -17.78
C ARG OA 167 21.89 54.64 -19.20
N GLY OA 168 20.79 54.59 -19.96
CA GLY OA 168 20.90 54.23 -21.35
C GLY OA 168 21.77 55.20 -22.14
N THR OA 169 21.63 56.49 -21.85
CA THR OA 169 22.44 57.48 -22.55
C THR OA 169 23.91 57.31 -22.22
N ALA OA 170 24.23 57.09 -20.95
CA ALA OA 170 25.63 56.89 -20.56
C ALA OA 170 26.20 55.64 -21.22
N ASP OA 171 25.43 54.55 -21.23
CA ASP OA 171 25.89 53.34 -21.88
C ASP OA 171 26.11 53.57 -23.36
N GLN OA 172 25.22 54.31 -24.01
CA GLN OA 172 25.37 54.59 -25.43
C GLN OA 172 26.64 55.37 -25.71
N MET OA 173 26.90 56.40 -24.90
CA MET OA 173 28.10 57.20 -25.09
C MET OA 173 29.35 56.34 -24.92
N LEU OA 174 29.37 55.47 -23.90
CA LEU OA 174 30.54 54.62 -23.72
C LEU OA 174 30.71 53.67 -24.89
N ARG OA 175 29.62 53.07 -25.38
CA ARG OA 175 29.72 52.18 -26.53
C ARG OA 175 30.30 52.92 -27.73
N VAL OA 176 29.79 54.11 -28.02
CA VAL OA 176 30.20 54.78 -29.25
C VAL OA 176 31.62 55.30 -29.12
N LEU OA 177 32.07 55.68 -27.94
CA LEU OA 177 33.45 56.11 -27.79
C LEU OA 177 34.40 54.92 -27.91
N MET OA 178 34.09 53.82 -27.23
CA MET OA 178 35.03 52.70 -27.12
C MET OA 178 35.38 52.13 -28.49
N GLU OA 179 34.49 52.25 -29.48
CA GLU OA 179 34.81 51.77 -30.81
C GLU OA 179 35.58 52.78 -31.63
N LYS OA 180 35.44 54.07 -31.32
CA LYS OA 180 36.07 55.12 -32.10
C LYS OA 180 37.55 55.27 -31.81
N ALA OA 181 38.05 54.67 -30.74
CA ALA OA 181 39.43 54.96 -30.45
C ALA OA 181 40.32 53.77 -30.76
N PRO OA 182 41.51 54.02 -31.27
CA PRO OA 182 42.47 52.95 -31.47
C PRO OA 182 43.27 52.75 -30.19
N PRO OA 183 43.89 51.59 -30.01
CA PRO OA 183 44.66 51.35 -28.80
C PRO OA 183 45.84 52.29 -28.72
N LEU OA 184 46.26 52.58 -27.50
CA LEU OA 184 47.35 53.53 -27.30
C LEU OA 184 48.63 53.05 -27.95
N SER OA 185 48.90 51.75 -27.87
CA SER OA 185 50.18 51.22 -28.32
C SER OA 185 50.40 51.50 -29.80
N LEU OA 186 49.34 51.48 -30.60
CA LEU OA 186 49.51 51.68 -32.03
C LEU OA 186 49.45 53.14 -32.43
N LEU OA 187 48.84 54.00 -31.62
CA LEU OA 187 48.76 55.41 -31.99
C LEU OA 187 50.00 56.18 -31.57
N ALA OA 188 50.53 55.89 -30.38
CA ALA OA 188 51.60 56.72 -29.83
C ALA OA 188 52.83 56.79 -30.74
N PRO OA 189 53.52 55.68 -31.04
CA PRO OA 189 54.68 55.79 -31.93
C PRO OA 189 54.31 56.15 -33.35
N PHE OA 190 53.03 56.05 -33.70
CA PHE OA 190 52.61 56.47 -35.03
C PHE OA 190 52.79 57.97 -35.22
N THR OA 191 52.41 58.77 -34.22
CA THR OA 191 52.58 60.22 -34.32
C THR OA 191 54.04 60.63 -34.37
N LEU OA 192 54.97 59.69 -34.18
CA LEU OA 192 56.39 60.03 -34.26
C LEU OA 192 56.87 60.14 -35.69
N TYR OA 193 56.35 59.30 -36.59
CA TYR OA 193 56.80 59.24 -37.96
C TYR OA 193 55.89 60.03 -38.90
N GLU OA 194 55.30 61.11 -38.42
CA GLU OA 194 54.39 61.86 -39.26
C GLU OA 194 55.14 62.54 -40.41
N GLY OA 195 54.44 62.73 -41.53
CA GLY OA 195 55.02 63.30 -42.72
C GLY OA 195 55.91 62.37 -43.50
N ARG OA 196 56.39 61.28 -42.90
CA ARG OA 196 57.28 60.34 -43.56
C ARG OA 196 56.55 59.09 -44.03
N LEU OA 197 55.26 59.19 -44.28
CA LEU OA 197 54.46 58.03 -44.64
C LEU OA 197 54.49 57.74 -46.13
N ALA OA 198 55.33 58.43 -46.90
CA ALA OA 198 55.35 58.28 -48.34
C ALA OA 198 56.50 57.40 -48.84
N ASP OA 199 57.45 57.06 -47.99
CA ASP OA 199 58.58 56.24 -48.37
C ASP OA 199 58.52 54.89 -47.68
N ARG OA 200 58.86 53.84 -48.42
CA ARG OA 200 58.57 52.49 -47.95
C ARG OA 200 59.51 52.06 -46.82
N VAL OA 201 60.76 52.50 -46.84
CA VAL OA 201 61.67 52.16 -45.75
C VAL OA 201 61.14 52.72 -44.43
N ALA OA 202 60.55 53.92 -44.48
CA ALA OA 202 59.94 54.48 -43.28
C ALA OA 202 58.77 53.62 -42.82
N CYS OA 203 57.98 53.11 -43.76
CA CYS OA 203 56.87 52.23 -43.39
C CYS OA 203 57.38 50.95 -42.74
N ALA OA 204 58.49 50.41 -43.24
CA ALA OA 204 59.06 49.21 -42.63
C ALA OA 204 59.54 49.48 -41.21
N ALA OA 205 60.25 50.58 -41.01
CA ALA OA 205 60.67 50.94 -39.66
C ALA OA 205 59.46 51.15 -38.76
N LEU OA 206 58.39 51.72 -39.31
CA LEU OA 206 57.18 51.93 -38.53
C LEU OA 206 56.58 50.62 -38.06
N VAL OA 207 56.44 49.66 -38.98
CA VAL OA 207 55.81 48.40 -38.58
C VAL OA 207 56.72 47.62 -37.63
N SER OA 208 58.03 47.73 -37.80
CA SER OA 208 58.94 47.07 -36.85
C SER OA 208 58.78 47.67 -35.46
N GLU OA 209 58.73 49.00 -35.37
CA GLU OA 209 58.54 49.62 -34.07
C GLU OA 209 57.18 49.27 -33.48
N LEU OA 210 56.16 49.11 -34.32
CA LEU OA 210 54.85 48.71 -33.81
C LEU OA 210 54.92 47.31 -33.21
N LYS OA 211 55.50 46.37 -33.95
CA LYS OA 211 55.64 45.01 -33.42
C LYS OA 211 56.41 45.03 -32.11
N ARG OA 212 57.43 45.87 -32.01
CA ARG OA 212 58.20 45.93 -30.77
C ARG OA 212 57.40 46.55 -29.63
N ARG OA 213 56.58 47.56 -29.93
CA ARG OA 213 55.89 48.28 -28.89
C ARG OA 213 54.71 47.52 -28.33
N VAL OA 214 54.00 46.77 -29.19
CA VAL OA 214 52.81 46.06 -28.73
C VAL OA 214 53.16 45.12 -27.57
N ARG OA 215 54.25 44.37 -27.70
CA ARG OA 215 54.61 43.36 -26.72
C ARG OA 215 55.38 43.91 -25.55
N ASP OA 216 55.32 45.21 -25.30
CA ASP OA 216 56.07 45.77 -24.18
C ASP OA 216 55.23 46.53 -23.18
N ASP OA 217 54.25 47.32 -23.62
CA ASP OA 217 53.51 48.17 -22.70
C ASP OA 217 52.01 47.92 -22.76
N THR OA 218 51.60 46.74 -23.22
CA THR OA 218 50.19 46.46 -23.34
C THR OA 218 49.55 46.03 -22.02
N PHE OA 219 50.33 45.90 -20.95
CA PHE OA 219 49.78 45.57 -19.65
C PHE OA 219 50.50 46.32 -18.54
N PHE OA 220 50.72 47.62 -18.73
CA PHE OA 220 51.45 48.38 -17.73
C PHE OA 220 50.64 48.42 -16.43
N LEU OA 221 51.33 48.84 -15.36
CA LEU OA 221 50.84 48.82 -13.98
C LEU OA 221 50.34 47.44 -13.55
N THR OA 222 50.70 46.40 -14.28
CA THR OA 222 50.59 45.03 -13.79
C THR OA 222 51.94 44.36 -13.70
N LYS OA 223 52.81 44.60 -14.68
CA LYS OA 223 54.20 44.20 -14.62
C LYS OA 223 55.10 45.29 -14.05
N HIS OA 224 54.52 46.38 -13.56
CA HIS OA 224 55.28 47.50 -13.03
C HIS OA 224 54.62 48.09 -11.78
N GLU OA 225 53.87 47.28 -11.04
CA GLU OA 225 53.26 47.79 -9.81
C GLU OA 225 54.30 48.31 -8.84
N ARG OA 226 55.45 47.66 -8.76
CA ARG OA 226 56.51 48.11 -7.86
C ARG OA 226 57.04 49.49 -8.25
N ASN OA 227 57.03 49.80 -9.54
CA ASN OA 227 57.53 51.08 -10.02
C ASN OA 227 56.43 52.14 -9.93
N LYS OA 228 56.86 53.40 -9.86
CA LYS OA 228 55.94 54.52 -9.85
C LYS OA 228 56.14 55.49 -11.01
N ASP OA 229 57.30 55.46 -11.67
CA ASP OA 229 57.59 56.45 -12.70
C ASP OA 229 56.98 56.07 -14.04
N ALA OA 230 57.09 54.79 -14.42
CA ALA OA 230 56.57 54.36 -15.72
C ALA OA 230 55.06 54.54 -15.81
N VAL OA 231 54.35 54.35 -14.70
CA VAL OA 231 52.91 54.51 -14.71
C VAL OA 231 52.52 55.93 -15.07
N LEU OA 232 53.06 56.90 -14.33
CA LEU OA 232 52.77 58.30 -14.62
C LEU OA 232 53.25 58.68 -16.01
N ASP OA 233 54.38 58.11 -16.43
CA ASP OA 233 54.87 58.35 -17.79
C ASP OA 233 53.82 57.95 -18.81
N ARG OA 234 53.35 56.70 -18.73
CA ARG OA 234 52.41 56.22 -19.73
C ARG OA 234 51.11 57.00 -19.70
N LEU OA 235 50.65 57.37 -18.51
CA LEU OA 235 49.42 58.17 -18.44
C LEU OA 235 49.62 59.52 -19.10
N SER OA 236 50.78 60.15 -18.88
CA SER OA 236 51.07 61.42 -19.52
C SER OA 236 51.08 61.27 -21.04
N ASP OA 237 51.70 60.19 -21.52
CA ASP OA 237 51.71 59.93 -22.96
C ASP OA 237 50.29 59.78 -23.49
N LEU OA 238 49.46 59.04 -22.77
CA LEU OA 238 48.06 58.88 -23.16
C LEU OA 238 47.39 60.23 -23.30
N VAL OA 239 47.52 61.08 -22.28
CA VAL OA 239 46.76 62.32 -22.28
C VAL OA 239 47.26 63.26 -23.37
N ASN OA 240 48.58 63.35 -23.56
CA ASN OA 240 49.12 64.28 -24.53
C ASN OA 240 49.13 63.74 -25.95
N CYS OA 241 48.81 62.46 -26.14
CA CYS OA 241 48.97 61.82 -27.44
C CYS OA 241 47.83 62.12 -28.41
N THR OA 242 46.69 62.56 -27.92
CA THR OA 242 45.54 62.88 -28.75
C THR OA 242 45.62 64.35 -29.17
N ALA OA 243 44.53 64.87 -29.73
CA ALA OA 243 44.50 66.23 -30.24
C ALA OA 243 43.23 66.94 -29.79
N PRO OA 244 43.34 68.22 -29.43
CA PRO OA 244 42.15 68.95 -28.97
C PRO OA 244 41.19 69.18 -30.12
N SER OA 245 39.90 69.03 -29.83
CA SER OA 245 38.87 69.16 -30.84
C SER OA 245 38.33 70.59 -30.89
N VAL OA 246 37.20 70.77 -31.57
CA VAL OA 246 36.60 72.10 -31.73
C VAL OA 246 36.23 72.66 -30.36
N ALA OA 247 36.39 73.97 -30.22
CA ALA OA 247 36.09 74.66 -28.98
C ALA OA 247 34.71 75.30 -29.09
N VAL OA 248 33.84 75.01 -28.13
CA VAL OA 248 32.52 75.62 -28.04
C VAL OA 248 32.48 76.47 -26.77
N ALA OA 249 31.61 77.48 -26.78
CA ALA OA 249 31.54 78.46 -25.70
C ALA OA 249 30.38 78.21 -24.77
N ARG OA 250 30.09 76.94 -24.47
CA ARG OA 250 28.96 76.59 -23.63
C ARG OA 250 29.29 75.59 -22.53
N MET OA 251 30.39 74.85 -22.63
CA MET OA 251 30.67 73.80 -21.64
C MET OA 251 31.00 74.41 -20.28
N THR OA 252 32.02 75.25 -20.22
CA THR OA 252 32.44 75.95 -19.01
C THR OA 252 32.78 75.00 -17.87
N HIS OA 253 32.99 73.72 -18.16
CA HIS OA 253 33.41 72.78 -17.12
C HIS OA 253 34.70 73.27 -16.50
N ALA OA 254 34.65 73.60 -15.22
CA ALA OA 254 35.79 74.24 -14.58
C ALA OA 254 35.92 73.74 -13.16
N ASP OA 255 37.16 73.78 -12.65
CA ASP OA 255 37.40 73.58 -11.24
C ASP OA 255 36.58 74.59 -10.44
N THR OA 256 36.32 74.25 -9.17
CA THR OA 256 35.54 75.13 -8.32
C THR OA 256 36.23 76.48 -8.13
N GLN OA 257 37.51 76.59 -8.42
CA GLN OA 257 38.23 77.84 -8.25
C GLN OA 257 38.78 78.39 -9.56
N GLY OA 258 39.56 77.61 -10.30
CA GLY OA 258 40.33 78.18 -11.40
C GLY OA 258 40.03 77.71 -12.81
N ARG OA 259 40.94 76.91 -13.36
CA ARG OA 259 41.03 76.65 -14.77
C ARG OA 259 39.99 75.61 -15.22
N PRO OA 260 39.66 75.60 -16.51
CA PRO OA 260 38.71 74.62 -17.03
C PRO OA 260 39.36 73.31 -17.40
N VAL OA 261 38.54 72.26 -17.37
CA VAL OA 261 39.01 70.89 -17.56
C VAL OA 261 39.18 70.59 -19.05
N ASP OA 262 39.84 69.48 -19.36
CA ASP OA 262 40.19 69.16 -20.74
C ASP OA 262 39.69 67.80 -21.18
N GLY OA 263 39.56 66.85 -20.28
CA GLY OA 263 39.17 65.52 -20.68
C GLY OA 263 38.65 64.68 -19.53
N VAL OA 264 38.42 63.40 -19.82
CA VAL OA 264 37.88 62.45 -18.87
C VAL OA 264 38.61 61.14 -19.01
N LEU OA 265 38.75 60.41 -17.91
CA LEU OA 265 39.43 59.11 -17.89
C LEU OA 265 38.48 58.12 -17.21
N VAL OA 266 37.73 57.37 -18.01
CA VAL OA 266 36.82 56.37 -17.48
C VAL OA 266 37.55 55.03 -17.44
N THR OA 267 37.48 54.37 -16.28
CA THR OA 267 38.17 53.11 -16.06
C THR OA 267 37.25 52.20 -15.26
N THR OA 268 37.83 51.12 -14.74
CA THR OA 268 37.08 50.24 -13.85
C THR OA 268 37.27 50.68 -12.41
N ALA OA 269 36.52 50.04 -11.52
CA ALA OA 269 36.57 50.44 -10.11
C ALA OA 269 37.90 50.07 -9.46
N GLY OA 270 38.56 49.02 -9.96
CA GLY OA 270 39.78 48.56 -9.34
C GLY OA 270 41.00 49.39 -9.67
N VAL OA 271 41.21 49.63 -10.96
CA VAL OA 271 42.38 50.41 -11.37
C VAL OA 271 42.29 51.84 -10.85
N ARG OA 272 41.07 52.36 -10.69
CA ARG OA 272 40.93 53.70 -10.11
C ARG OA 272 41.51 53.73 -8.70
N GLN OA 273 41.12 52.79 -7.85
CA GLN OA 273 41.66 52.77 -6.50
C GLN OA 273 43.16 52.52 -6.52
N ARG OA 274 43.62 51.61 -7.37
CA ARG OA 274 45.05 51.35 -7.44
C ARG OA 274 45.84 52.55 -7.94
N LEU OA 275 45.18 53.49 -8.61
CA LEU OA 275 45.83 54.72 -9.05
C LEU OA 275 45.82 55.80 -7.97
N LEU OA 276 44.62 56.17 -7.51
CA LEU OA 276 44.47 57.30 -6.61
C LEU OA 276 45.32 57.18 -5.35
N HIS OA 277 45.72 55.97 -4.98
CA HIS OA 277 46.37 55.74 -3.69
C HIS OA 277 47.89 55.73 -3.78
N HIS OA 278 48.46 55.58 -4.97
CA HIS OA 278 49.91 55.43 -5.07
C HIS OA 278 50.58 56.30 -6.12
N VAL OA 279 49.88 56.75 -7.16
CA VAL OA 279 50.54 57.43 -8.27
C VAL OA 279 50.01 58.83 -8.52
N LEU OA 280 48.82 59.19 -8.07
CA LEU OA 280 48.26 60.50 -8.32
C LEU OA 280 47.84 61.15 -7.02
N THR OA 281 47.58 62.45 -7.08
CA THR OA 281 47.07 63.22 -5.96
C THR OA 281 45.88 64.02 -6.44
N LEU OA 282 44.76 63.88 -5.73
CA LEU OA 282 43.55 64.58 -6.12
C LEU OA 282 43.79 66.09 -6.12
N ALA OA 283 43.46 66.72 -7.25
CA ALA OA 283 43.61 68.17 -7.35
C ALA OA 283 42.50 68.88 -6.59
N ASP OA 284 41.27 68.41 -6.75
CA ASP OA 284 40.13 69.03 -6.07
C ASP OA 284 39.01 68.01 -5.96
N THR OA 285 37.99 68.38 -5.19
CA THR OA 285 36.86 67.50 -4.93
C THR OA 285 35.53 68.09 -5.38
N HIS OA 286 35.55 69.16 -6.16
CA HIS OA 286 34.32 69.77 -6.63
C HIS OA 286 34.57 70.45 -7.96
N ALA OA 287 33.54 70.53 -8.78
CA ALA OA 287 33.62 71.14 -10.10
C ALA OA 287 32.31 71.84 -10.40
N ASP OA 288 32.33 72.67 -11.45
CA ASP OA 288 31.16 73.41 -11.86
C ASP OA 288 30.79 73.01 -13.28
N VAL OA 289 29.55 72.59 -13.46
CA VAL OA 289 29.10 72.05 -14.73
C VAL OA 289 27.84 72.81 -15.14
N PRO OA 290 27.51 72.83 -16.43
CA PRO OA 290 26.21 73.35 -16.83
C PRO OA 290 25.09 72.46 -16.34
N VAL OA 291 23.88 73.00 -16.33
CA VAL OA 291 22.72 72.32 -15.77
C VAL OA 291 21.67 71.95 -16.79
N THR OA 292 21.85 72.31 -18.06
CA THR OA 292 20.83 72.01 -19.06
C THR OA 292 21.48 71.86 -20.43
N TYR OA 293 20.71 71.27 -21.34
CA TYR OA 293 21.14 71.08 -22.71
C TYR OA 293 21.07 72.38 -23.49
N GLY OA 294 21.55 72.33 -24.72
CA GLY OA 294 21.32 73.38 -25.69
C GLY OA 294 20.31 72.88 -26.70
N GLU OA 295 19.56 73.80 -27.28
CA GLU OA 295 18.49 73.44 -28.21
C GLU OA 295 18.69 74.13 -29.55
N MET OA 296 18.24 73.45 -30.60
CA MET OA 296 18.24 74.02 -31.94
C MET OA 296 16.90 73.67 -32.58
N VAL OA 297 16.11 74.69 -32.89
CA VAL OA 297 14.78 74.51 -33.43
C VAL OA 297 14.68 75.28 -34.74
N ILE OA 298 13.97 74.71 -35.71
CA ILE OA 298 13.81 75.33 -37.02
C ILE OA 298 12.75 76.43 -36.91
N ALA OA 299 13.17 77.68 -36.97
CA ALA OA 299 12.27 78.78 -36.64
C ALA OA 299 12.59 80.02 -37.46
N ASN OA 300 11.56 80.54 -38.14
CA ASN OA 300 11.40 81.90 -38.65
C ASN OA 300 12.30 82.23 -39.84
N THR OA 301 13.30 81.42 -40.11
CA THR OA 301 13.90 81.44 -41.43
C THR OA 301 14.12 80.05 -41.98
N ASN OA 302 14.52 79.11 -41.13
CA ASN OA 302 14.66 77.73 -41.55
C ASN OA 302 13.32 77.13 -41.95
N LEU OA 303 12.22 77.70 -41.45
CA LEU OA 303 10.90 77.16 -41.75
C LEU OA 303 10.63 77.20 -43.25
N VAL OA 304 10.68 78.40 -43.84
CA VAL OA 304 10.33 78.53 -45.25
C VAL OA 304 11.32 77.76 -46.12
N THR OA 305 12.60 77.76 -45.74
CA THR OA 305 13.59 77.03 -46.51
C THR OA 305 13.30 75.54 -46.51
N ALA OA 306 13.09 74.97 -45.32
CA ALA OA 306 12.76 73.56 -45.22
C ALA OA 306 11.46 73.24 -45.92
N LEU OA 307 10.56 74.22 -46.06
CA LEU OA 307 9.26 73.95 -46.67
C LEU OA 307 9.35 73.93 -48.19
N VAL OA 308 9.84 75.00 -48.80
CA VAL OA 308 9.83 75.11 -50.25
C VAL OA 308 11.13 74.61 -50.87
N MET OA 309 12.28 75.00 -50.30
CA MET OA 309 13.55 74.60 -50.89
C MET OA 309 13.86 73.14 -50.59
N GLY OA 310 13.74 72.74 -49.33
CA GLY OA 310 14.05 71.39 -48.92
C GLY OA 310 15.36 71.22 -48.19
N LYS OA 311 15.94 72.30 -47.68
CA LYS OA 311 17.19 72.23 -46.93
C LYS OA 311 17.12 73.20 -45.75
N ALA OA 312 18.01 72.99 -44.79
CA ALA OA 312 18.08 73.85 -43.61
C ALA OA 312 19.53 73.99 -43.19
N VAL OA 313 19.78 74.97 -42.32
CA VAL OA 313 21.13 75.29 -41.87
C VAL OA 313 21.09 75.60 -40.38
N SER OA 314 22.13 75.16 -39.66
CA SER OA 314 22.16 75.35 -38.22
C SER OA 314 22.07 76.83 -37.84
N ASN OA 315 22.91 77.66 -38.44
CA ASN OA 315 22.97 79.07 -38.12
C ASN OA 315 22.43 79.93 -39.26
N MET OA 316 21.34 79.47 -39.88
CA MET OA 316 20.78 80.21 -41.01
C MET OA 316 20.41 81.63 -40.62
N ASP OA 317 19.90 81.82 -39.40
CA ASP OA 317 19.53 83.16 -38.97
C ASP OA 317 20.74 84.09 -38.96
N ASP OA 318 21.85 83.63 -38.38
CA ASP OA 318 23.01 84.50 -38.25
C ASP OA 318 23.67 84.78 -39.59
N VAL OA 319 23.74 83.77 -40.46
CA VAL OA 319 24.34 84.01 -41.77
C VAL OA 319 23.45 84.93 -42.59
N ALA OA 320 22.13 84.85 -42.43
CA ALA OA 320 21.26 85.81 -43.08
C ALA OA 320 21.50 87.21 -42.54
N ARG OA 321 21.57 87.34 -41.22
CA ARG OA 321 21.81 88.64 -40.60
C ARG OA 321 23.14 89.23 -41.04
N TYR OA 322 24.12 88.38 -41.36
CA TYR OA 322 25.43 88.90 -41.76
C TYR OA 322 25.46 89.25 -43.24
N LEU OA 323 25.10 88.30 -44.11
CA LEU OA 323 25.12 88.55 -45.54
C LEU OA 323 24.17 89.69 -45.89
N LEU OA 324 22.89 89.50 -45.63
CA LEU OA 324 21.93 90.59 -45.73
C LEU OA 324 22.22 91.58 -44.61
N GLY OA 325 22.87 92.70 -44.93
CA GLY OA 325 23.29 93.63 -43.89
C GLY OA 325 22.15 94.09 -43.01
N GLY OA 326 21.03 94.44 -43.62
CA GLY OA 326 19.86 94.89 -42.88
C GLY OA 326 18.93 95.76 -43.69
N GLY OA 337 24.00 79.57 -16.11
CA GLY OA 337 23.67 78.71 -14.98
C GLY OA 337 24.63 77.55 -14.83
N SER OA 338 24.97 77.23 -13.58
CA SER OA 338 25.89 76.14 -13.29
C SER OA 338 25.55 75.57 -11.92
N ALA OA 339 26.18 74.45 -11.59
CA ALA OA 339 25.95 73.78 -10.32
C ALA OA 339 27.28 73.46 -9.66
N ARG OA 340 27.20 73.05 -8.40
CA ARG OA 340 28.35 72.62 -7.61
C ARG OA 340 28.18 71.13 -7.36
N VAL OA 341 29.06 70.33 -7.94
CA VAL OA 341 28.94 68.87 -7.87
C VAL OA 341 30.17 68.32 -7.17
N ARG OA 342 30.11 67.01 -6.87
CA ARG OA 342 31.24 66.30 -6.30
C ARG OA 342 31.83 65.39 -7.37
N ALA OA 343 33.08 65.67 -7.74
CA ALA OA 343 33.83 64.82 -8.64
C ALA OA 343 35.28 64.84 -8.20
N ASP OA 344 36.07 63.92 -8.77
CA ASP OA 344 37.48 63.79 -8.42
C ASP OA 344 38.31 64.28 -9.59
N LEU OA 345 38.90 65.45 -9.45
CA LEU OA 345 39.71 66.05 -10.50
C LEU OA 345 41.17 65.73 -10.25
N VAL OA 346 41.88 65.32 -11.29
CA VAL OA 346 43.28 64.98 -11.19
C VAL OA 346 44.03 65.64 -12.33
N VAL OA 347 45.27 66.03 -12.07
CA VAL OA 347 46.13 66.67 -13.05
C VAL OA 347 47.23 65.69 -13.43
N VAL OA 348 47.32 65.37 -14.71
CA VAL OA 348 48.31 64.43 -15.23
C VAL OA 348 48.94 65.04 -16.47
N GLY OA 349 50.24 64.82 -16.64
CA GLY OA 349 50.95 65.53 -17.68
C GLY OA 349 50.91 67.01 -17.40
N ASP OA 350 50.12 67.74 -18.17
CA ASP OA 350 49.88 69.16 -17.95
C ASP OA 350 48.43 69.47 -17.64
N ARG OA 351 47.49 68.82 -18.32
CA ARG OA 351 46.09 69.20 -18.27
C ARG OA 351 45.43 68.71 -16.99
N LEU OA 352 44.20 69.19 -16.76
CA LEU OA 352 43.40 68.85 -15.59
C LEU OA 352 42.16 68.14 -16.08
N VAL OA 353 42.05 66.84 -15.79
CA VAL OA 353 41.03 66.00 -16.39
C VAL OA 353 40.15 65.38 -15.30
N PHE OA 354 38.96 64.97 -15.71
CA PHE OA 354 38.07 64.22 -14.84
C PHE OA 354 38.60 62.80 -14.64
N LEU OA 355 38.12 62.14 -13.60
CA LEU OA 355 38.56 60.78 -13.30
C LEU OA 355 37.41 60.08 -12.59
N GLU OA 356 36.66 59.26 -13.33
CA GLU OA 356 35.46 58.63 -12.82
C GLU OA 356 35.42 57.18 -13.25
N ALA OA 357 34.81 56.34 -12.41
CA ALA OA 357 34.56 54.95 -12.72
C ALA OA 357 33.08 54.68 -12.46
N LEU OA 358 32.33 54.40 -13.53
CA LEU OA 358 30.89 54.33 -13.45
C LEU OA 358 30.36 52.96 -13.08
N GLU OA 359 31.19 52.13 -12.45
CA GLU OA 359 30.74 50.78 -12.12
C GLU OA 359 29.60 50.80 -11.11
N LYS OA 360 29.52 51.82 -10.28
CA LYS OA 360 28.54 51.84 -9.19
C LYS OA 360 27.35 52.75 -9.48
N ARG OA 361 27.59 53.99 -9.89
CA ARG OA 361 26.48 54.90 -10.16
C ARG OA 361 25.59 54.38 -11.26
N VAL OA 362 26.18 53.70 -12.24
CA VAL OA 362 25.45 53.02 -13.30
C VAL OA 362 25.93 51.57 -13.33
N TYR OA 363 25.16 50.71 -14.00
CA TYR OA 363 25.49 49.32 -14.20
C TYR OA 363 25.39 48.49 -12.93
N GLN OA 364 25.15 49.14 -11.80
CA GLN OA 364 25.01 48.40 -10.55
C GLN OA 364 23.59 47.85 -10.44
N ALA OA 365 23.48 46.58 -10.08
CA ALA OA 365 22.20 45.90 -9.92
C ALA OA 365 21.41 45.91 -11.23
N THR OA 366 22.04 45.42 -12.29
CA THR OA 366 21.38 45.23 -13.57
C THR OA 366 22.16 44.19 -14.35
N GLN OA 367 21.54 43.68 -15.40
CA GLN OA 367 22.05 42.50 -16.10
C GLN OA 367 22.83 42.86 -17.36
N VAL OA 368 23.38 44.07 -17.43
CA VAL OA 368 24.15 44.51 -18.59
C VAL OA 368 25.61 44.59 -18.20
N PRO OA 369 26.53 44.04 -18.98
CA PRO OA 369 27.94 44.01 -18.58
C PRO OA 369 28.64 45.33 -18.88
N TYR OA 370 29.53 45.71 -17.96
CA TYR OA 370 30.33 46.89 -18.15
C TYR OA 370 31.12 46.79 -19.45
N PRO OA 371 31.17 47.85 -20.25
CA PRO OA 371 31.79 47.77 -21.58
C PRO OA 371 33.27 48.08 -21.64
N LEU OA 372 33.94 48.29 -20.51
CA LEU OA 372 35.36 48.59 -20.50
C LEU OA 372 36.20 47.41 -20.02
N VAL OA 373 35.61 46.23 -19.88
CA VAL OA 373 36.39 45.00 -19.67
C VAL OA 373 36.63 44.43 -21.06
N GLY OA 374 37.65 44.96 -21.73
CA GLY OA 374 37.92 44.60 -23.09
C GLY OA 374 38.38 43.17 -23.23
N ASN OA 375 38.53 42.74 -24.47
CA ASN OA 375 38.92 41.36 -24.78
C ASN OA 375 40.16 41.39 -25.66
N LEU OA 376 41.32 41.09 -25.08
CA LEU OA 376 42.53 40.88 -25.86
C LEU OA 376 42.47 39.53 -26.57
N ASP OA 377 43.36 39.33 -27.52
CA ASP OA 377 43.36 38.08 -28.28
C ASP OA 377 44.74 37.90 -28.92
N VAL OA 378 45.44 36.84 -28.52
CA VAL OA 378 46.71 36.47 -29.12
C VAL OA 378 46.62 35.01 -29.56
N THR OA 379 47.47 34.64 -30.51
CA THR OA 379 47.43 33.31 -31.10
C THR OA 379 48.82 32.69 -30.99
N PHE OA 380 48.97 31.75 -30.05
CA PHE OA 380 50.26 31.13 -29.84
C PHE OA 380 50.57 30.11 -30.93
N VAL OA 381 51.83 29.68 -30.96
CA VAL OA 381 52.31 28.71 -31.93
C VAL OA 381 53.52 28.02 -31.32
N MET OA 382 53.72 26.74 -31.69
CA MET OA 382 54.87 26.04 -31.13
C MET OA 382 55.19 24.84 -32.01
N PRO OA 383 56.47 24.53 -32.22
CA PRO OA 383 56.82 23.37 -33.03
C PRO OA 383 56.72 22.08 -32.23
N LEU OA 384 56.23 21.03 -32.88
CA LEU OA 384 55.97 19.78 -32.17
C LEU OA 384 57.16 18.83 -32.22
N GLY OA 385 57.59 18.44 -33.41
CA GLY OA 385 58.59 17.40 -33.51
C GLY OA 385 59.78 17.71 -34.40
N VAL OA 386 60.25 18.96 -34.39
CA VAL OA 386 61.40 19.30 -35.20
C VAL OA 386 62.63 18.56 -34.68
N PHE OA 387 63.68 18.54 -35.51
CA PHE OA 387 64.91 17.83 -35.18
C PHE OA 387 66.09 18.69 -35.60
N LYS OA 388 66.77 19.27 -34.60
CA LYS OA 388 67.90 20.15 -34.87
C LYS OA 388 68.98 19.40 -35.63
N PRO OA 389 69.84 20.12 -36.35
CA PRO OA 389 70.90 19.45 -37.12
C PRO OA 389 71.97 18.81 -36.24
N ALA OA 390 73.02 18.29 -36.87
CA ALA OA 390 74.05 17.56 -36.12
C ALA OA 390 74.98 18.50 -35.37
N ALA OA 391 75.21 19.71 -35.86
CA ALA OA 391 76.13 20.64 -35.21
C ALA OA 391 75.53 21.30 -33.98
N ASP OA 392 74.24 21.12 -33.72
CA ASP OA 392 73.57 21.81 -32.63
C ASP OA 392 73.12 20.88 -31.52
N ARG OA 393 73.38 19.59 -31.61
CA ARG OA 393 73.06 18.66 -30.53
C ARG OA 393 74.27 18.56 -29.62
N TYR OA 394 74.18 19.20 -28.46
CA TYR OA 394 75.34 19.30 -27.59
C TYR OA 394 74.89 19.56 -26.17
N ALA OA 395 75.59 18.95 -25.22
CA ALA OA 395 75.36 19.27 -23.82
C ALA OA 395 75.97 20.61 -23.48
N ARG OA 396 75.60 21.14 -22.32
CA ARG OA 396 76.11 22.42 -21.86
C ARG OA 396 77.11 22.28 -20.72
N HIS OA 397 77.11 21.17 -20.00
CA HIS OA 397 78.07 20.93 -18.95
C HIS OA 397 78.41 19.45 -18.92
N ALA OA 398 79.43 19.11 -18.13
CA ALA OA 398 79.80 17.71 -17.97
C ALA OA 398 78.67 16.93 -17.33
N GLY OA 399 78.12 17.43 -16.24
CA GLY OA 399 77.07 16.74 -15.54
C GLY OA 399 75.72 17.04 -16.13
N SER OA 400 75.26 16.17 -17.00
CA SER OA 400 74.00 16.37 -17.69
C SER OA 400 72.87 15.78 -16.87
N PHE OA 401 71.70 15.67 -17.47
CA PHE OA 401 70.63 14.86 -16.89
C PHE OA 401 70.99 13.39 -17.13
N ALA OA 402 72.06 12.97 -16.44
CA ALA OA 402 72.59 11.63 -16.66
C ALA OA 402 71.56 10.60 -16.25
N PRO OA 403 71.18 9.69 -17.13
CA PRO OA 403 70.16 8.70 -16.77
C PRO OA 403 70.66 7.73 -15.71
N THR OA 404 69.79 6.84 -15.27
CA THR OA 404 70.20 5.82 -14.32
C THR OA 404 71.27 4.94 -14.96
N PRO OA 405 72.24 4.47 -14.20
CA PRO OA 405 73.31 3.65 -14.81
C PRO OA 405 72.74 2.34 -15.34
N GLY OA 406 73.07 2.05 -16.60
CA GLY OA 406 72.69 0.80 -17.23
C GLY OA 406 71.62 0.95 -18.29
N LEU OA 407 70.82 2.01 -18.25
CA LEU OA 407 69.79 2.14 -19.25
C LEU OA 407 70.23 3.13 -20.32
N PRO OA 408 69.76 2.95 -21.56
CA PRO OA 408 70.10 3.93 -22.61
C PRO OA 408 69.51 5.28 -22.29
N ASP OA 409 70.25 6.32 -22.56
CA ASP OA 409 69.78 7.67 -22.26
C ASP OA 409 68.64 8.02 -23.21
N PRO OA 410 67.47 8.32 -22.72
CA PRO OA 410 66.37 8.68 -23.62
C PRO OA 410 66.43 10.13 -24.03
N ARG OA 411 67.59 10.76 -23.84
CA ARG OA 411 67.74 12.18 -24.08
C ARG OA 411 68.35 12.51 -25.44
N THR OA 412 68.63 11.52 -26.29
CA THR OA 412 69.26 11.80 -27.57
C THR OA 412 68.38 11.47 -28.76
N HIS OA 413 67.31 10.79 -28.56
CA HIS OA 413 66.44 10.43 -29.67
C HIS OA 413 65.63 11.63 -30.11
N PRO OA 414 65.16 11.65 -31.35
CA PRO OA 414 64.35 12.78 -31.83
C PRO OA 414 63.16 12.99 -30.92
N PRO OA 415 62.87 14.24 -30.56
CA PRO OA 415 61.76 14.50 -29.64
C PRO OA 415 60.44 14.15 -30.31
N ARG OA 416 59.45 13.84 -29.48
CA ARG OA 416 58.17 13.40 -30.01
C ARG OA 416 56.97 14.00 -29.30
N ALA OA 417 57.15 15.05 -28.51
CA ALA OA 417 56.05 15.71 -27.83
C ALA OA 417 56.52 17.06 -27.34
N VAL OA 418 55.58 17.88 -26.87
CA VAL OA 418 55.90 19.16 -26.29
C VAL OA 418 55.15 19.30 -24.97
N HIS OA 419 55.74 20.05 -24.06
CA HIS OA 419 55.11 20.37 -22.80
C HIS OA 419 54.91 21.86 -22.70
N PHE OA 420 53.94 22.28 -21.91
CA PHE OA 420 53.66 23.68 -21.67
C PHE OA 420 52.66 23.77 -20.53
N PHE OA 421 52.37 25.00 -20.11
CA PHE OA 421 51.59 25.22 -18.90
C PHE OA 421 50.16 25.61 -19.25
N ASN OA 422 49.26 25.36 -18.32
CA ASN OA 422 47.84 25.60 -18.47
C ASN OA 422 47.52 27.03 -18.04
N LYS OA 423 46.23 27.33 -17.87
CA LYS OA 423 45.86 28.64 -17.33
C LYS OA 423 46.26 28.78 -15.87
N ASP OA 424 46.03 27.73 -15.08
CA ASP OA 424 46.38 27.76 -13.67
C ASP OA 424 47.81 27.35 -13.39
N GLY OA 425 48.41 26.55 -14.25
CA GLY OA 425 49.78 26.10 -14.07
C GLY OA 425 49.98 24.61 -14.16
N VAL OA 426 48.93 23.82 -14.22
CA VAL OA 426 49.14 22.37 -14.34
C VAL OA 426 49.72 22.07 -15.71
N PRO OA 427 50.75 21.26 -15.82
CA PRO OA 427 51.41 21.03 -17.10
C PRO OA 427 50.66 20.03 -17.96
N CYS OA 428 50.06 20.51 -19.05
CA CYS OA 428 49.40 19.66 -20.03
C CYS OA 428 50.31 19.54 -21.24
N HIS OA 429 50.36 18.33 -21.80
CA HIS OA 429 51.30 18.04 -22.88
C HIS OA 429 50.57 17.65 -24.14
N VAL OA 430 51.18 17.99 -25.28
CA VAL OA 430 50.67 17.65 -26.61
C VAL OA 430 51.67 16.72 -27.27
N THR OA 431 51.17 15.63 -27.85
CA THR OA 431 52.00 14.63 -28.50
C THR OA 431 51.36 14.22 -29.82
N PHE OA 432 52.03 13.30 -30.53
CA PHE OA 432 51.62 12.98 -31.89
C PHE OA 432 50.22 12.39 -31.94
N GLU OA 433 49.89 11.51 -30.99
CA GLU OA 433 48.58 10.86 -30.98
C GLU OA 433 47.45 11.85 -31.17
N HIS OA 434 47.61 13.07 -30.65
CA HIS OA 434 46.57 14.07 -30.71
C HIS OA 434 46.32 14.58 -32.12
N ALA OA 435 47.15 14.23 -33.09
CA ALA OA 435 46.94 14.69 -34.45
C ALA OA 435 46.19 13.69 -35.32
N MET OA 436 45.76 12.56 -34.75
CA MET OA 436 45.05 11.56 -35.53
C MET OA 436 43.82 12.16 -36.20
N GLY OA 437 43.11 13.04 -35.49
CA GLY OA 437 41.93 13.66 -36.06
C GLY OA 437 42.18 14.49 -37.30
N THR OA 438 43.44 14.73 -37.65
CA THR OA 438 43.78 15.48 -38.85
C THR OA 438 44.56 14.66 -39.86
N LEU OA 439 45.41 13.73 -39.42
CA LEU OA 439 46.21 12.91 -40.31
C LEU OA 439 45.55 11.59 -40.65
N CYS OA 440 44.35 11.32 -40.14
CA CYS OA 440 43.58 10.14 -40.50
C CYS OA 440 42.23 10.63 -41.00
N HIS OA 441 42.19 11.01 -42.27
CA HIS OA 441 41.00 11.58 -42.86
C HIS OA 441 41.14 11.59 -44.37
N PRO OA 442 40.15 11.09 -45.09
CA PRO OA 442 40.27 11.00 -46.55
C PRO OA 442 40.64 12.31 -47.23
N SER OA 443 40.39 13.44 -46.56
CA SER OA 443 40.82 14.72 -47.10
C SER OA 443 42.34 14.83 -47.17
N PHE OA 444 43.06 13.98 -46.44
CA PHE OA 444 44.51 13.93 -46.55
C PHE OA 444 44.97 13.47 -47.92
N LEU OA 445 44.10 12.89 -48.73
CA LEU OA 445 44.46 12.34 -50.03
C LEU OA 445 43.58 12.94 -51.12
N ASP OA 446 43.39 14.26 -51.08
CA ASP OA 446 42.67 14.96 -52.13
C ASP OA 446 43.70 15.73 -52.96
N VAL OA 447 44.06 15.15 -54.11
CA VAL OA 447 44.92 15.81 -55.07
C VAL OA 447 44.14 16.24 -56.31
N ASP OA 448 42.81 16.16 -56.26
CA ASP OA 448 42.00 16.50 -57.43
C ASP OA 448 42.17 17.97 -57.81
N ALA OA 449 41.77 18.87 -56.92
CA ALA OA 449 41.74 20.28 -57.27
C ALA OA 449 43.13 20.79 -57.62
N THR OA 450 44.15 20.39 -56.86
CA THR OA 450 45.49 20.88 -57.13
C THR OA 450 46.01 20.37 -58.47
N LEU OA 451 45.82 19.09 -58.77
CA LEU OA 451 46.26 18.57 -60.06
C LEU OA 451 45.53 19.25 -61.19
N ALA OA 452 44.23 19.49 -61.02
CA ALA OA 452 43.46 20.15 -62.07
C ALA OA 452 43.88 21.61 -62.25
N ALA OA 453 44.38 22.23 -61.19
CA ALA OA 453 44.76 23.63 -61.29
C ALA OA 453 46.18 23.84 -61.78
N LEU OA 454 47.08 22.89 -61.50
CA LEU OA 454 48.46 23.04 -61.96
C LEU OA 454 48.62 22.86 -63.45
N ARG OA 455 47.55 22.50 -64.17
CA ARG OA 455 47.62 22.27 -65.61
C ARG OA 455 47.24 23.52 -66.40
N GLN OA 456 47.43 24.71 -65.83
CA GLN OA 456 47.18 25.92 -66.59
C GLN OA 456 48.35 26.28 -67.49
N GLU OA 457 49.58 26.05 -67.03
CA GLU OA 457 50.72 26.09 -67.91
C GLU OA 457 50.48 25.17 -69.10
N PRO OA 458 50.86 25.56 -70.32
CA PRO OA 458 50.50 24.75 -71.49
C PRO OA 458 51.02 23.33 -71.43
N ALA OA 459 52.34 23.18 -71.42
CA ALA OA 459 52.99 21.87 -71.35
C ALA OA 459 54.49 22.05 -71.30
N GLU OA 460 55.21 21.03 -70.81
CA GLU OA 460 56.65 21.00 -70.86
C GLU OA 460 57.16 19.62 -70.48
N VAL OA 461 58.11 19.09 -71.26
CA VAL OA 461 58.79 17.84 -70.93
C VAL OA 461 60.29 18.10 -71.04
N GLN OA 462 60.98 18.09 -69.91
CA GLN OA 462 62.41 18.36 -69.92
C GLN OA 462 63.21 17.10 -70.20
N CYS OA 463 63.06 16.10 -69.35
CA CYS OA 463 63.69 14.80 -69.54
C CYS OA 463 62.67 13.73 -69.18
N ALA OA 464 62.23 12.98 -70.19
CA ALA OA 464 61.18 11.99 -70.01
C ALA OA 464 61.74 10.62 -69.62
N PHE OA 465 62.92 10.59 -69.00
CA PHE OA 465 63.55 9.32 -68.70
C PHE OA 465 62.88 8.62 -67.53
N GLY OA 466 62.90 9.24 -66.37
CA GLY OA 466 62.33 8.61 -65.19
C GLY OA 466 60.83 8.65 -65.09
N ALA OA 467 60.12 8.97 -66.16
CA ALA OA 467 58.68 9.09 -66.12
C ALA OA 467 58.04 8.42 -67.32
N TYR OA 468 58.50 7.22 -67.67
CA TYR OA 468 57.96 6.48 -68.79
C TYR OA 468 58.34 5.02 -68.66
N VAL OA 469 57.33 4.15 -68.68
CA VAL OA 469 57.55 2.70 -68.70
C VAL OA 469 57.06 2.17 -70.05
N ALA OA 470 57.59 1.02 -70.44
CA ALA OA 470 57.26 0.46 -71.74
C ALA OA 470 57.30 -1.06 -71.66
N ASP OA 471 56.32 -1.71 -72.26
CA ASP OA 471 56.27 -3.17 -72.30
C ASP OA 471 57.08 -3.66 -73.51
N ALA OA 472 58.08 -4.49 -73.24
CA ALA OA 472 58.91 -5.01 -74.32
C ALA OA 472 58.27 -6.25 -74.92
N ARG OA 473 58.75 -6.60 -76.09
CA ARG OA 473 58.35 -7.81 -76.80
C ARG OA 473 59.33 -8.92 -76.50
N PRO OA 474 59.03 -10.15 -76.92
CA PRO OA 474 59.94 -11.26 -76.65
C PRO OA 474 61.28 -11.15 -77.39
N ASP OA 475 62.09 -12.22 -77.31
CA ASP OA 475 63.50 -12.25 -77.69
C ASP OA 475 64.31 -11.42 -76.70
N ALA OA 476 64.16 -11.71 -75.42
CA ALA OA 476 64.40 -10.75 -74.35
C ALA OA 476 65.76 -10.93 -73.68
N LEU OA 477 66.14 -9.87 -72.97
CA LEU OA 477 67.19 -9.79 -71.95
C LEU OA 477 68.62 -9.84 -72.48
N VAL OA 478 68.81 -9.97 -73.78
CA VAL OA 478 70.17 -9.85 -74.32
C VAL OA 478 70.16 -8.71 -75.34
N GLY OA 479 69.39 -8.88 -76.40
CA GLY OA 479 69.23 -7.81 -77.38
C GLY OA 479 68.40 -6.66 -76.86
N LEU OA 480 67.61 -6.88 -75.81
CA LEU OA 480 66.76 -5.83 -75.29
C LEU OA 480 67.59 -4.73 -74.66
N MET OA 481 68.55 -5.09 -73.82
CA MET OA 481 69.44 -4.08 -73.27
C MET OA 481 70.37 -3.54 -74.35
N GLN OA 482 70.72 -4.35 -75.34
CA GLN OA 482 71.50 -3.85 -76.46
C GLN OA 482 70.77 -2.72 -77.18
N ARG OA 483 69.44 -2.83 -77.28
CA ARG OA 483 68.67 -1.75 -77.87
C ARG OA 483 68.47 -0.60 -76.90
N PHE OA 484 68.28 -0.91 -75.61
CA PHE OA 484 68.06 0.16 -74.62
C PHE OA 484 69.25 1.08 -74.52
N LEU OA 485 70.46 0.52 -74.46
CA LEU OA 485 71.66 1.32 -74.24
C LEU OA 485 71.98 2.25 -75.39
N GLU OA 486 71.13 2.33 -76.41
CA GLU OA 486 71.35 3.19 -77.56
C GLU OA 486 70.52 4.46 -77.48
N GLU OA 487 69.25 4.36 -77.14
CA GLU OA 487 68.37 5.52 -77.13
C GLU OA 487 68.46 6.33 -75.83
N TRP OA 488 69.20 5.86 -74.84
CA TRP OA 488 69.29 6.59 -73.57
C TRP OA 488 69.79 8.01 -73.74
N PRO OA 489 70.89 8.28 -74.47
CA PRO OA 489 71.29 9.69 -74.64
C PRO OA 489 70.22 10.55 -75.27
N GLY OA 490 69.57 10.06 -76.33
CA GLY OA 490 68.43 10.78 -76.87
C GLY OA 490 67.24 10.84 -75.93
N MET OA 491 67.15 9.90 -75.00
CA MET OA 491 66.13 9.92 -73.96
C MET OA 491 66.47 10.87 -72.82
N MET OA 492 67.70 11.37 -72.77
CA MET OA 492 68.17 12.23 -71.68
C MET OA 492 68.79 13.48 -72.27
N PRO OA 493 67.98 14.37 -72.86
CA PRO OA 493 68.55 15.59 -73.43
C PRO OA 493 69.21 16.47 -72.39
N VAL OA 494 68.56 16.63 -71.23
CA VAL OA 494 69.14 17.33 -70.09
C VAL OA 494 69.26 16.34 -68.95
N ARG OA 495 69.77 16.80 -67.83
CA ARG OA 495 69.88 15.73 -66.84
C ARG OA 495 68.66 15.71 -65.93
N PRO OA 496 68.19 14.52 -65.56
CA PRO OA 496 66.99 14.44 -64.72
C PRO OA 496 67.25 15.01 -63.34
N ARG OA 497 66.43 15.97 -62.94
CA ARG OA 497 66.59 16.56 -61.62
C ARG OA 497 66.41 15.54 -60.52
N TRP OA 498 65.48 14.59 -60.70
CA TRP OA 498 65.21 13.63 -59.65
C TRP OA 498 66.42 12.75 -59.34
N ALA OA 499 67.32 12.59 -60.31
CA ALA OA 499 68.49 11.73 -60.10
C ALA OA 499 69.52 12.43 -59.22
N ALA OA 500 69.98 13.60 -59.65
CA ALA OA 500 70.91 14.39 -58.87
C ALA OA 500 70.12 15.34 -57.99
N PRO OA 501 70.00 15.08 -56.68
CA PRO OA 501 69.20 15.96 -55.83
C PRO OA 501 69.74 17.38 -55.86
N ALA OA 502 68.86 18.34 -55.57
CA ALA OA 502 69.23 19.74 -55.75
C ALA OA 502 70.27 20.18 -54.73
N ALA OA 503 69.91 20.18 -53.46
CA ALA OA 503 70.77 20.73 -52.42
C ALA OA 503 70.20 20.34 -51.07
N ALA OA 504 70.71 20.98 -50.02
CA ALA OA 504 70.09 20.90 -48.70
C ALA OA 504 69.13 22.06 -48.45
N ASP OA 505 69.42 23.25 -48.98
CA ASP OA 505 68.57 24.41 -48.73
C ASP OA 505 68.22 25.17 -50.00
N GLN OA 506 69.07 25.09 -51.02
CA GLN OA 506 68.78 25.79 -52.26
C GLN OA 506 67.46 25.38 -52.87
N LEU OA 507 66.89 24.25 -52.44
CA LEU OA 507 65.52 23.93 -52.79
C LEU OA 507 64.57 25.04 -52.37
N LEU OA 508 64.96 25.86 -51.40
CA LEU OA 508 64.17 27.00 -50.95
C LEU OA 508 64.70 28.32 -51.48
N ALA OA 509 65.49 28.29 -52.55
CA ALA OA 509 65.95 29.51 -53.18
C ALA OA 509 64.80 30.21 -53.88
N PRO OA 510 64.87 31.54 -54.04
CA PRO OA 510 63.71 32.28 -54.56
C PRO OA 510 63.43 32.09 -56.03
N GLY OA 511 64.17 31.25 -56.75
CA GLY OA 511 63.93 31.14 -58.17
C GLY OA 511 63.96 29.75 -58.78
N ASN OA 512 64.30 28.72 -58.00
CA ASN OA 512 64.46 27.41 -58.61
C ASN OA 512 63.12 26.86 -59.06
N ALA OA 513 63.17 25.94 -60.02
CA ALA OA 513 61.97 25.39 -60.62
C ALA OA 513 61.50 24.12 -59.93
N ASP OA 514 61.89 23.89 -58.69
CA ASP OA 514 61.44 22.72 -57.95
C ASP OA 514 60.34 23.04 -56.96
N LEU OA 515 60.41 24.20 -56.29
CA LEU OA 515 59.34 24.62 -55.40
C LEU OA 515 57.98 24.53 -56.07
N ARG OA 516 57.93 24.79 -57.37
CA ARG OA 516 56.68 24.74 -58.10
C ARG OA 516 56.12 23.33 -58.19
N LEU OA 517 56.88 22.30 -57.83
CA LEU OA 517 56.42 20.93 -58.00
C LEU OA 517 56.59 20.10 -56.73
N GLU OA 518 56.65 20.73 -55.56
CA GLU OA 518 56.72 20.01 -54.29
C GLU OA 518 55.79 20.72 -53.30
N LEU OA 519 54.55 20.26 -53.22
CA LEU OA 519 53.58 20.96 -52.39
C LEU OA 519 52.67 20.02 -51.60
N HIS OA 520 53.05 18.77 -51.41
CA HIS OA 520 52.26 17.88 -50.60
C HIS OA 520 53.15 16.76 -50.07
N PRO OA 521 53.16 16.52 -48.76
CA PRO OA 521 54.14 15.61 -48.18
C PRO OA 521 53.86 14.14 -48.44
N ALA OA 522 52.95 13.80 -49.35
CA ALA OA 522 52.73 12.40 -49.70
C ALA OA 522 52.51 12.20 -51.19
N PHE OA 523 52.86 13.17 -52.03
CA PHE OA 523 52.59 13.05 -53.46
C PHE OA 523 53.70 13.74 -54.25
N ASP OA 524 54.11 13.10 -55.35
CA ASP OA 524 55.09 13.68 -56.25
C ASP OA 524 54.38 14.25 -57.47
N PHE OA 525 54.74 15.47 -57.85
CA PHE OA 525 54.17 16.15 -59.00
C PHE OA 525 55.30 16.41 -59.99
N PHE OA 526 55.33 15.64 -61.08
CA PHE OA 526 56.36 15.76 -62.09
C PHE OA 526 55.71 15.94 -63.45
N VAL OA 527 56.55 16.07 -64.46
CA VAL OA 527 56.09 16.16 -65.83
C VAL OA 527 56.19 14.78 -66.46
N ALA OA 528 55.36 14.53 -67.47
CA ALA OA 528 55.31 13.22 -68.10
C ALA OA 528 54.81 13.38 -69.51
N PRO OA 529 55.20 12.50 -70.43
CA PRO OA 529 54.66 12.58 -71.79
C PRO OA 529 53.19 12.20 -71.82
N GLU OA 530 52.44 12.89 -72.68
CA GLU OA 530 51.01 12.62 -72.83
C GLU OA 530 50.83 11.30 -73.58
N VAL OA 531 50.89 10.21 -72.83
CA VAL OA 531 50.63 8.88 -73.36
C VAL OA 531 50.37 7.96 -72.18
N ASP OA 532 49.41 7.05 -72.36
CA ASP OA 532 49.14 6.08 -71.31
C ASP OA 532 50.32 5.12 -71.16
N VAL OA 533 50.43 4.53 -69.98
CA VAL OA 533 51.54 3.63 -69.67
C VAL OA 533 50.97 2.25 -69.35
N PRO OA 534 51.68 1.16 -69.70
CA PRO OA 534 52.97 1.17 -70.38
C PRO OA 534 52.87 1.39 -71.89
N GLY OA 535 53.73 2.23 -72.44
CA GLY OA 535 53.67 2.59 -73.83
C GLY OA 535 54.59 1.75 -74.71
N PRO OA 536 54.73 2.15 -75.97
CA PRO OA 536 55.63 1.43 -76.87
C PRO OA 536 57.08 1.61 -76.46
N PHE OA 537 57.94 0.75 -77.01
CA PHE OA 537 59.35 0.82 -76.67
C PHE OA 537 60.02 2.05 -77.26
N ALA OA 538 59.49 2.61 -78.34
CA ALA OA 538 59.99 3.87 -78.84
C ALA OA 538 59.36 5.01 -78.08
N VAL OA 539 60.16 6.02 -77.75
CA VAL OA 539 59.65 7.13 -76.95
C VAL OA 539 59.03 8.15 -77.89
N PRO OA 540 57.82 8.60 -77.64
CA PRO OA 540 57.17 9.59 -78.51
C PRO OA 540 57.73 10.98 -78.22
N GLN OA 541 57.15 11.97 -78.92
CA GLN OA 541 57.55 13.36 -78.75
C GLN OA 541 56.35 14.25 -78.39
N VAL OA 542 55.31 13.67 -77.80
CA VAL OA 542 54.07 14.37 -77.52
C VAL OA 542 54.31 15.48 -76.51
N MET OA 543 53.33 16.36 -76.35
CA MET OA 543 53.41 17.38 -75.33
C MET OA 543 53.44 16.74 -73.95
N GLY OA 544 53.90 17.51 -72.97
CA GLY OA 544 53.99 17.02 -71.60
C GLY OA 544 52.78 17.40 -70.78
N GLN OA 545 52.45 16.53 -69.83
CA GLN OA 545 51.40 16.76 -68.86
C GLN OA 545 52.02 16.74 -67.48
N VAL OA 546 51.17 16.75 -66.45
CA VAL OA 546 51.60 16.63 -65.07
C VAL OA 546 50.80 15.51 -64.43
N ARG OA 547 51.49 14.48 -63.95
CA ARG OA 547 50.88 13.38 -63.23
C ARG OA 547 51.26 13.45 -61.77
N ALA OA 548 50.49 12.75 -60.94
CA ALA OA 548 50.72 12.72 -59.51
C ALA OA 548 50.76 11.27 -59.06
N MET OA 549 51.77 10.92 -58.27
CA MET OA 549 51.96 9.56 -57.82
C MET OA 549 52.20 9.56 -56.31
N PRO OA 550 51.53 8.72 -55.55
CA PRO OA 550 51.69 8.75 -54.09
C PRO OA 550 53.01 8.17 -53.66
N ARG OA 551 53.63 8.81 -52.67
CA ARG OA 551 54.80 8.26 -52.01
C ARG OA 551 54.32 7.17 -51.08
N ILE OA 552 54.35 5.92 -51.55
CA ILE OA 552 53.81 4.83 -50.75
C ILE OA 552 54.57 4.70 -49.43
N ILE OA 553 55.83 5.08 -49.42
CA ILE OA 553 56.68 4.93 -48.24
C ILE OA 553 57.16 6.30 -47.79
N ASN OA 554 57.34 6.45 -46.47
CA ASN OA 554 57.89 7.69 -45.94
C ASN OA 554 59.36 7.85 -46.24
N GLY OA 555 60.00 6.81 -46.78
CA GLY OA 555 61.38 6.94 -47.19
C GLY OA 555 61.57 7.69 -48.48
N ASN OA 556 60.54 7.76 -49.33
CA ASN OA 556 60.67 8.46 -50.59
C ASN OA 556 60.75 9.97 -50.42
N ILE OA 557 60.67 10.49 -49.19
CA ILE OA 557 60.72 11.94 -49.00
C ILE OA 557 62.03 12.48 -49.55
N PRO OA 558 62.01 13.52 -50.38
CA PRO OA 558 63.27 14.09 -50.88
C PRO OA 558 64.20 14.46 -49.74
N LEU OA 559 65.50 14.33 -50.01
CA LEU OA 559 66.49 14.36 -48.93
C LEU OA 559 66.52 15.72 -48.23
N ALA OA 560 66.38 16.81 -48.99
CA ALA OA 560 66.51 18.13 -48.40
C ALA OA 560 65.43 18.41 -47.36
N LEU OA 561 64.34 17.66 -47.37
CA LEU OA 561 63.29 17.83 -46.38
C LEU OA 561 63.29 16.73 -45.33
N CYS OA 562 64.25 15.83 -45.37
CA CYS OA 562 64.42 14.77 -44.39
C CYS OA 562 65.85 14.28 -44.44
N PRO OA 563 66.78 14.99 -43.81
CA PRO OA 563 68.20 14.72 -44.04
C PRO OA 563 68.62 13.37 -43.46
N VAL OA 564 69.85 12.97 -43.82
CA VAL OA 564 70.34 11.67 -43.42
C VAL OA 564 70.57 11.60 -41.93
N ASP OA 565 70.90 12.73 -41.30
CA ASP OA 565 71.14 12.74 -39.87
C ASP OA 565 69.91 12.29 -39.10
N PHE OA 566 68.76 12.85 -39.45
CA PHE OA 566 67.53 12.44 -38.79
C PHE OA 566 67.26 10.96 -39.00
N ARG OA 567 67.51 10.46 -40.20
CA ARG OA 567 67.24 9.06 -40.50
C ARG OA 567 68.09 8.15 -39.62
N ASP OA 568 69.37 8.47 -39.48
CA ASP OA 568 70.23 7.60 -38.70
C ASP OA 568 69.98 7.78 -37.21
N ALA OA 569 69.51 8.96 -36.79
CA ALA OA 569 69.10 9.11 -35.40
C ALA OA 569 67.92 8.22 -35.09
N ARG OA 570 66.91 8.24 -35.96
CA ARG OA 570 65.75 7.38 -35.77
C ARG OA 570 66.15 5.91 -35.77
N GLY OA 571 67.06 5.53 -36.67
CA GLY OA 571 67.58 4.19 -36.66
C GLY OA 571 68.18 3.84 -35.32
N PHE OA 572 69.23 4.57 -34.93
CA PHE OA 572 69.91 4.28 -33.67
C PHE OA 572 68.95 4.25 -32.49
N GLU OA 573 67.87 5.02 -32.56
CA GLU OA 573 66.82 4.88 -31.57
C GLU OA 573 66.21 3.49 -31.64
N LEU OA 574 65.76 3.09 -32.83
CA LEU OA 574 65.13 1.78 -32.96
C LEU OA 574 66.10 0.64 -32.67
N SER OA 575 67.41 0.89 -32.77
CA SER OA 575 68.41 -0.15 -32.66
C SER OA 575 68.83 -0.43 -31.22
N VAL OA 576 68.13 0.07 -30.24
CA VAL OA 576 68.53 -0.13 -28.85
C VAL OA 576 67.92 -1.43 -28.34
N ASP OA 577 68.74 -2.22 -27.67
CA ASP OA 577 68.33 -3.39 -26.89
C ASP OA 577 67.50 -4.39 -27.70
N ARG OA 578 67.49 -4.28 -29.03
CA ARG OA 578 66.68 -5.18 -29.85
C ARG OA 578 67.48 -6.37 -30.37
N HIS OA 579 68.52 -6.12 -31.16
CA HIS OA 579 69.41 -7.18 -31.60
C HIS OA 579 70.66 -6.57 -32.20
N ARG OA 580 71.79 -7.21 -31.94
CA ARG OA 580 73.07 -6.72 -32.41
C ARG OA 580 73.67 -7.70 -33.41
N LEU OA 581 74.53 -7.17 -34.27
CA LEU OA 581 75.39 -7.98 -35.12
C LEU OA 581 76.77 -8.02 -34.46
N ALA OA 582 77.20 -9.21 -34.07
CA ALA OA 582 78.50 -9.33 -33.43
C ALA OA 582 79.58 -8.76 -34.35
N PRO OA 583 80.66 -8.22 -33.79
CA PRO OA 583 81.71 -7.63 -34.64
C PRO OA 583 82.34 -8.62 -35.61
N ALA OA 584 82.45 -9.89 -35.21
CA ALA OA 584 83.00 -10.90 -36.11
C ALA OA 584 82.14 -11.06 -37.35
N THR OA 585 80.83 -11.13 -37.17
CA THR OA 585 79.92 -11.37 -38.29
C THR OA 585 79.95 -10.21 -39.27
N VAL OA 586 79.89 -8.98 -38.75
CA VAL OA 586 79.93 -7.83 -39.64
C VAL OA 586 81.29 -7.73 -40.32
N ALA OA 587 82.35 -8.06 -39.60
CA ALA OA 587 83.68 -8.06 -40.21
C ALA OA 587 83.72 -9.01 -41.39
N ALA OA 588 83.24 -10.23 -41.20
CA ALA OA 588 83.26 -11.22 -42.28
C ALA OA 588 82.42 -10.77 -43.47
N VAL OA 589 81.17 -10.35 -43.21
CA VAL OA 589 80.28 -10.05 -44.33
C VAL OA 589 80.75 -8.81 -45.07
N ARG OA 590 81.29 -7.83 -44.34
CA ARG OA 590 81.82 -6.64 -45.00
C ARG OA 590 83.07 -6.97 -45.80
N GLY OA 591 83.91 -7.88 -45.29
CA GLY OA 591 85.06 -8.29 -46.06
C GLY OA 591 84.69 -9.04 -47.32
N ALA OA 592 83.59 -9.79 -47.28
CA ALA OA 592 83.13 -10.49 -48.47
C ALA OA 592 82.57 -9.51 -49.49
N PHE OA 593 81.67 -8.63 -49.06
CA PHE OA 593 81.09 -7.67 -49.98
C PHE OA 593 82.12 -6.67 -50.50
N ARG OA 594 83.19 -6.42 -49.75
CA ARG OA 594 84.24 -5.53 -50.16
C ARG OA 594 85.32 -6.22 -50.97
N ASP OA 595 85.33 -7.55 -50.97
CA ASP OA 595 86.32 -8.30 -51.72
C ASP OA 595 86.22 -7.94 -53.20
N ALA OA 596 87.39 -7.80 -53.84
CA ALA OA 596 87.42 -7.46 -55.25
C ALA OA 596 87.60 -8.67 -56.16
N ASN OA 597 87.98 -9.81 -55.61
CA ASN OA 597 88.28 -10.98 -56.43
C ASN OA 597 87.50 -12.20 -55.99
N TYR OA 598 86.19 -12.03 -55.84
CA TYR OA 598 85.33 -13.16 -55.51
C TYR OA 598 85.52 -14.27 -56.54
N PRO OA 599 85.81 -15.49 -56.10
CA PRO OA 599 86.09 -16.57 -57.06
C PRO OA 599 84.88 -16.88 -57.92
N MET OA 600 85.13 -17.02 -59.22
CA MET OA 600 84.03 -17.19 -60.17
C MET OA 600 83.32 -18.52 -60.01
N VAL OA 601 84.00 -19.53 -59.46
CA VAL OA 601 83.35 -20.83 -59.26
C VAL OA 601 82.11 -20.68 -58.39
N PHE OA 602 82.09 -19.69 -57.51
CA PHE OA 602 80.95 -19.53 -56.62
C PHE OA 602 79.74 -18.96 -57.34
N TYR OA 603 79.94 -17.92 -58.15
CA TYR OA 603 78.85 -17.46 -59.00
C TYR OA 603 78.36 -18.58 -59.90
N ILE OA 604 79.28 -19.39 -60.42
CA ILE OA 604 78.89 -20.51 -61.28
C ILE OA 604 78.00 -21.48 -60.50
N ILE OA 605 78.45 -21.88 -59.31
CA ILE OA 605 77.71 -22.87 -58.53
C ILE OA 605 76.33 -22.32 -58.19
N GLU OA 606 76.24 -21.05 -57.83
CA GLU OA 606 74.94 -20.48 -57.50
C GLU OA 606 74.03 -20.48 -58.73
N ALA OA 607 74.53 -20.00 -59.87
CA ALA OA 607 73.75 -20.01 -61.09
C ALA OA 607 73.34 -21.42 -61.48
N VAL OA 608 74.08 -22.43 -61.02
CA VAL OA 608 73.70 -23.81 -61.27
C VAL OA 608 72.54 -24.22 -60.36
N ILE OA 609 72.69 -24.00 -59.06
CA ILE OA 609 71.63 -24.41 -58.13
C ILE OA 609 70.37 -23.61 -58.39
N HIS OA 610 70.50 -22.32 -58.70
CA HIS OA 610 69.39 -21.40 -58.92
C HIS OA 610 68.27 -21.61 -57.91
N GLY OA 611 68.64 -21.80 -56.64
CA GLY OA 611 67.63 -21.85 -55.60
C GLY OA 611 66.77 -23.09 -55.60
N SER OA 612 67.18 -24.14 -56.30
CA SER OA 612 66.44 -25.39 -56.21
C SER OA 612 66.67 -26.03 -54.85
N GLU OA 613 66.06 -27.20 -54.65
CA GLU OA 613 66.14 -27.89 -53.38
C GLU OA 613 66.89 -29.20 -53.46
N ARG OA 614 66.47 -30.09 -54.36
CA ARG OA 614 67.17 -31.37 -54.52
C ARG OA 614 68.62 -31.15 -54.94
N THR OA 615 68.85 -30.22 -55.86
CA THR OA 615 70.19 -30.00 -56.36
C THR OA 615 71.12 -29.54 -55.24
N PHE OA 616 70.64 -28.68 -54.35
CA PHE OA 616 71.52 -28.20 -53.29
C PHE OA 616 71.81 -29.27 -52.27
N CYS OA 617 70.78 -30.00 -51.82
CA CYS OA 617 71.04 -31.08 -50.89
C CYS OA 617 71.96 -32.13 -51.51
N ALA OA 618 71.96 -32.22 -52.84
CA ALA OA 618 72.90 -33.10 -53.53
C ALA OA 618 74.32 -32.53 -53.44
N LEU OA 619 74.50 -31.30 -53.92
CA LEU OA 619 75.82 -30.69 -54.00
C LEU OA 619 76.37 -30.27 -52.65
N ALA OA 620 75.62 -30.51 -51.57
CA ALA OA 620 76.02 -30.19 -50.20
C ALA OA 620 77.50 -30.44 -49.93
N ARG OA 621 78.01 -31.59 -50.35
CA ARG OA 621 79.41 -31.93 -50.10
C ARG OA 621 80.35 -30.89 -50.71
N LEU OA 622 80.17 -30.59 -52.00
CA LEU OA 622 81.03 -29.62 -52.67
C LEU OA 622 80.84 -28.22 -52.10
N VAL OA 623 79.60 -27.83 -51.84
CA VAL OA 623 79.35 -26.51 -51.26
C VAL OA 623 80.08 -26.38 -49.93
N ALA OA 624 80.04 -27.42 -49.11
CA ALA OA 624 80.71 -27.39 -47.83
C ALA OA 624 82.22 -27.30 -48.00
N GLN OA 625 82.77 -28.07 -48.93
CA GLN OA 625 84.20 -27.99 -49.21
C GLN OA 625 84.60 -26.57 -49.57
N CYS OA 626 83.82 -25.93 -50.45
CA CYS OA 626 84.15 -24.58 -50.90
C CYS OA 626 84.07 -23.58 -49.75
N ILE OA 627 82.99 -23.64 -48.98
CA ILE OA 627 82.83 -22.73 -47.85
C ILE OA 627 83.98 -22.90 -46.86
N GLN OA 628 84.32 -24.16 -46.55
CA GLN OA 628 85.39 -24.44 -45.62
C GLN OA 628 86.71 -23.86 -46.11
N SER OA 629 87.01 -24.06 -47.39
CA SER OA 629 88.26 -23.56 -47.94
C SER OA 629 88.31 -22.05 -47.90
N TYR OA 630 87.23 -21.40 -48.31
CA TYR OA 630 87.23 -19.94 -48.32
C TYR OA 630 87.38 -19.38 -46.92
N TRP OA 631 86.71 -19.98 -45.94
CA TRP OA 631 86.86 -19.52 -44.56
C TRP OA 631 88.30 -19.68 -44.09
N ARG OA 632 88.81 -20.91 -44.12
CA ARG OA 632 90.17 -21.16 -43.66
C ARG OA 632 91.21 -20.39 -44.48
N ASN OA 633 90.82 -19.84 -45.63
CA ASN OA 633 91.74 -19.08 -46.46
C ASN OA 633 91.73 -17.59 -46.14
N THR OA 634 90.55 -16.98 -46.00
CA THR OA 634 90.47 -15.53 -45.88
C THR OA 634 89.65 -15.01 -44.71
N HIS OA 635 89.01 -15.89 -43.94
CA HIS OA 635 88.15 -15.48 -42.83
C HIS OA 635 87.02 -14.57 -43.30
N ASN OA 636 86.37 -14.98 -44.39
CA ASN OA 636 85.17 -14.33 -44.91
C ASN OA 636 84.06 -15.37 -44.94
N ALA OA 637 82.95 -15.01 -45.59
CA ALA OA 637 81.89 -15.95 -45.88
C ALA OA 637 81.55 -15.89 -47.36
N ALA OA 638 80.94 -16.95 -47.86
CA ALA OA 638 80.60 -17.05 -49.27
C ALA OA 638 79.10 -17.25 -49.44
N PHE OA 639 78.65 -17.10 -50.68
CA PHE OA 639 77.25 -17.30 -51.07
C PHE OA 639 76.29 -16.38 -50.34
N VAL OA 640 76.81 -15.39 -49.61
CA VAL OA 640 75.94 -14.50 -48.85
C VAL OA 640 75.24 -13.47 -49.72
N ASN OA 641 75.46 -13.48 -51.03
CA ASN OA 641 74.67 -12.64 -51.91
C ASN OA 641 73.28 -13.23 -52.14
N ASN OA 642 73.19 -14.55 -52.21
CA ASN OA 642 71.90 -15.22 -52.36
C ASN OA 642 71.26 -15.46 -51.00
N PHE OA 643 69.94 -15.50 -50.98
CA PHE OA 643 69.17 -15.70 -49.76
C PHE OA 643 68.82 -17.16 -49.52
N TYR OA 644 68.29 -17.85 -50.53
CA TYR OA 644 68.00 -19.27 -50.39
C TYR OA 644 69.27 -20.03 -50.03
N MET OA 645 70.41 -19.62 -50.57
CA MET OA 645 71.66 -20.27 -50.23
C MET OA 645 71.92 -20.17 -48.73
N VAL OA 646 71.95 -18.95 -48.20
CA VAL OA 646 72.27 -18.78 -46.79
C VAL OA 646 71.21 -19.40 -45.90
N MET OA 647 69.98 -19.57 -46.39
CA MET OA 647 69.01 -20.31 -45.62
C MET OA 647 69.36 -21.79 -45.58
N TYR OA 648 69.49 -22.40 -46.76
CA TYR OA 648 69.81 -23.82 -46.83
C TYR OA 648 71.07 -24.17 -46.08
N ILE OA 649 72.04 -23.25 -46.02
CA ILE OA 649 73.29 -23.54 -45.33
C ILE OA 649 73.00 -23.91 -43.88
N ASN OA 650 72.41 -22.98 -43.14
CA ASN OA 650 72.11 -23.24 -41.74
C ASN OA 650 70.96 -24.21 -41.57
N THR OA 651 70.22 -24.53 -42.64
CA THR OA 651 69.16 -25.53 -42.48
C THR OA 651 69.72 -26.95 -42.55
N TYR OA 652 70.61 -27.22 -43.50
CA TYR OA 652 71.10 -28.57 -43.75
C TYR OA 652 72.52 -28.78 -43.24
N LEU OA 653 73.46 -27.93 -43.64
CA LEU OA 653 74.82 -28.06 -43.12
C LEU OA 653 74.81 -27.83 -41.62
N GLY OA 654 74.45 -26.63 -41.19
CA GLY OA 654 74.24 -26.32 -39.79
C GLY OA 654 75.30 -26.83 -38.85
N ASN OA 655 74.91 -27.75 -37.99
CA ASN OA 655 75.74 -28.35 -36.94
C ASN OA 655 76.75 -29.30 -37.46
N GLY OA 656 76.91 -29.46 -38.76
CA GLY OA 656 77.71 -30.55 -39.28
C GLY OA 656 79.17 -30.22 -39.54
N GLU OA 657 79.54 -30.23 -40.81
CA GLU OA 657 80.94 -30.14 -41.23
C GLU OA 657 81.52 -28.75 -41.17
N LEU OA 658 80.70 -27.72 -41.01
CA LEU OA 658 81.31 -26.41 -40.92
C LEU OA 658 81.91 -26.20 -39.53
N PRO OA 659 83.05 -25.54 -39.44
CA PRO OA 659 83.63 -25.27 -38.13
C PRO OA 659 82.74 -24.36 -37.31
N GLU OA 660 82.92 -24.44 -35.99
CA GLU OA 660 82.07 -23.68 -35.07
C GLU OA 660 82.05 -22.21 -35.42
N ASP OA 661 83.23 -21.62 -35.61
CA ASP OA 661 83.31 -20.19 -35.83
C ASP OA 661 82.77 -19.77 -37.18
N CYS OA 662 82.58 -20.69 -38.11
CA CYS OA 662 82.12 -20.30 -39.44
C CYS OA 662 80.61 -20.27 -39.55
N ALA OA 663 79.93 -21.28 -39.00
CA ALA OA 663 78.46 -21.27 -39.00
C ALA OA 663 77.90 -20.14 -38.14
N ALA OA 664 78.74 -19.52 -37.31
CA ALA OA 664 78.31 -18.38 -36.51
C ALA OA 664 77.64 -17.33 -37.38
N VAL OA 665 78.25 -17.00 -38.51
CA VAL OA 665 77.72 -15.90 -39.32
C VAL OA 665 76.47 -16.35 -40.07
N TYR OA 666 76.42 -17.59 -40.52
CA TYR OA 666 75.24 -18.05 -41.23
C TYR OA 666 74.05 -18.31 -40.31
N LYS OA 667 74.28 -18.38 -39.01
CA LYS OA 667 73.16 -18.35 -38.08
C LYS OA 667 72.81 -16.94 -37.64
N ASP OA 668 73.83 -16.08 -37.50
CA ASP OA 668 73.58 -14.73 -37.02
C ASP OA 668 72.88 -13.88 -38.07
N LEU OA 669 73.31 -13.96 -39.33
CA LEU OA 669 72.66 -13.17 -40.37
C LEU OA 669 71.21 -13.57 -40.55
N LEU OA 670 70.84 -14.77 -40.12
CA LEU OA 670 69.45 -15.22 -40.18
C LEU OA 670 68.67 -14.78 -38.95
N GLU OA 671 69.28 -14.88 -37.77
CA GLU OA 671 68.61 -14.40 -36.57
C GLU OA 671 68.35 -12.91 -36.64
N HIS OA 672 69.24 -12.16 -37.30
CA HIS OA 672 69.01 -10.73 -37.48
C HIS OA 672 67.77 -10.48 -38.32
N VAL OA 673 67.61 -11.24 -39.40
CA VAL OA 673 66.41 -11.10 -40.23
C VAL OA 673 65.17 -11.46 -39.44
N HIS OA 674 65.27 -12.48 -38.58
CA HIS OA 674 64.11 -12.81 -37.74
C HIS OA 674 63.78 -11.67 -36.79
N ALA OA 675 64.79 -11.04 -36.20
CA ALA OA 675 64.54 -9.88 -35.36
C ALA OA 675 63.86 -8.77 -36.14
N LEU OA 676 64.32 -8.53 -37.36
CA LEU OA 676 63.71 -7.49 -38.18
C LEU OA 676 62.28 -7.82 -38.54
N ARG OA 677 61.97 -9.11 -38.70
CA ARG OA 677 60.59 -9.50 -38.98
C ARG OA 677 59.71 -9.30 -37.76
N ARG OA 678 60.23 -9.63 -36.59
CA ARG OA 678 59.45 -9.43 -35.36
C ARG OA 678 59.26 -7.95 -35.07
N LEU OA 679 60.16 -7.10 -35.56
CA LEU OA 679 60.04 -5.67 -35.33
C LEU OA 679 58.70 -5.15 -35.82
N ILE OA 680 58.43 -5.25 -37.13
CA ILE OA 680 57.26 -4.62 -37.72
C ILE OA 680 55.96 -5.16 -37.15
N GLY OA 681 55.99 -6.24 -36.39
CA GLY OA 681 54.80 -6.73 -35.74
C GLY OA 681 54.54 -6.02 -34.44
N GLU OA 682 55.61 -5.50 -33.84
CA GLU OA 682 55.48 -4.75 -32.59
C GLU OA 682 54.82 -3.40 -32.80
N PHE OA 683 54.80 -2.88 -34.02
CA PHE OA 683 54.25 -1.57 -34.31
C PHE OA 683 52.93 -1.65 -35.06
N THR OA 684 52.08 -2.62 -34.69
CA THR OA 684 50.76 -2.75 -35.29
C THR OA 684 49.75 -3.01 -34.18
N LEU OA 685 48.73 -2.17 -34.11
CA LEU OA 685 47.60 -2.48 -33.28
C LEU OA 685 46.83 -3.65 -33.87
N PRO OA 686 46.42 -4.61 -33.05
CA PRO OA 686 45.63 -5.73 -33.58
C PRO OA 686 44.25 -5.27 -34.01
N GLY OA 687 43.83 -5.71 -35.18
CA GLY OA 687 42.54 -5.33 -35.73
C GLY OA 687 41.89 -6.43 -36.53
N ASP OA 688 41.36 -6.09 -37.70
CA ASP OA 688 40.69 -7.04 -38.55
C ASP OA 688 41.17 -6.85 -39.99
N PRO OA 689 41.21 -7.92 -40.78
CA PRO OA 689 41.59 -7.79 -42.19
C PRO OA 689 40.64 -6.88 -42.94
N LEU OA 690 41.16 -5.75 -43.42
CA LEU OA 690 40.29 -4.74 -44.03
C LEU OA 690 39.98 -5.08 -45.48
N GLY OA 691 40.99 -5.08 -46.34
CA GLY OA 691 40.79 -5.34 -47.75
C GLY OA 691 41.05 -6.79 -48.13
N ASN OA 692 40.42 -7.72 -47.41
CA ASN OA 692 40.77 -9.14 -47.49
C ASN OA 692 42.26 -9.31 -47.28
N GLN OA 693 42.77 -8.60 -46.28
CA GLN OA 693 44.20 -8.43 -46.07
C GLN OA 693 44.45 -7.99 -44.63
N PRO OA 694 45.29 -8.70 -43.87
CA PRO OA 694 45.57 -8.27 -42.49
C PRO OA 694 46.08 -6.84 -42.43
N GLN OA 695 46.10 -6.31 -41.22
CA GLN OA 695 46.50 -4.92 -41.06
C GLN OA 695 48.02 -4.74 -41.11
N GLU OA 696 48.78 -5.78 -40.80
CA GLU OA 696 50.24 -5.65 -40.81
C GLU OA 696 50.74 -5.29 -42.19
N GLU OA 697 50.11 -5.80 -43.25
CA GLU OA 697 50.49 -5.40 -44.60
C GLU OA 697 50.00 -4.00 -44.95
N LEU OA 698 48.99 -3.50 -44.25
CA LEU OA 698 48.59 -2.11 -44.45
C LEU OA 698 49.51 -1.17 -43.70
N ASN OA 699 49.96 -1.57 -42.51
CA ASN OA 699 50.92 -0.77 -41.74
C ASN OA 699 52.20 -0.62 -42.53
N HIS OA 700 52.91 -1.72 -42.76
CA HIS OA 700 54.19 -1.67 -43.43
C HIS OA 700 54.00 -1.70 -44.94
N ALA OA 701 55.10 -1.80 -45.66
CA ALA OA 701 55.10 -2.01 -47.10
C ALA OA 701 55.73 -3.32 -47.51
N LEU OA 702 56.81 -3.73 -46.83
CA LEU OA 702 57.47 -4.97 -47.18
C LEU OA 702 56.60 -6.17 -46.85
N ALA OA 703 56.02 -6.21 -45.66
CA ALA OA 703 55.17 -7.33 -45.28
C ALA OA 703 54.00 -7.53 -46.22
N ASP OA 704 53.73 -6.57 -47.09
CA ASP OA 704 52.64 -6.69 -48.04
C ASP OA 704 52.99 -7.73 -49.09
N ALA OA 705 51.94 -8.38 -49.61
CA ALA OA 705 52.13 -9.48 -50.55
C ALA OA 705 52.19 -9.04 -52.00
N THR OA 706 51.56 -7.93 -52.37
CA THR OA 706 51.53 -7.53 -53.77
C THR OA 706 52.76 -6.73 -54.18
N LEU OA 707 53.87 -6.91 -53.46
CA LEU OA 707 55.15 -6.31 -53.83
C LEU OA 707 56.11 -7.45 -54.16
N LEU OA 708 56.47 -7.56 -55.43
CA LEU OA 708 57.34 -8.66 -55.83
C LEU OA 708 58.76 -8.42 -55.34
N PRO OA 709 59.41 -9.42 -54.77
CA PRO OA 709 60.82 -9.27 -54.39
C PRO OA 709 61.66 -8.95 -55.61
N PRO OA 710 62.84 -8.36 -55.44
CA PRO OA 710 63.66 -8.02 -56.61
C PRO OA 710 64.15 -9.24 -57.37
N LEU OA 711 64.37 -10.36 -56.68
CA LEU OA 711 64.86 -11.57 -57.30
C LEU OA 711 64.01 -12.75 -56.86
N ILE OA 712 63.30 -13.36 -57.81
CA ILE OA 712 62.52 -14.55 -57.53
C ILE OA 712 63.24 -15.76 -58.11
N TRP OA 713 62.92 -16.93 -57.58
CA TRP OA 713 63.54 -18.17 -58.01
C TRP OA 713 62.54 -19.21 -58.46
N ASP OA 714 61.25 -18.99 -58.26
CA ASP OA 714 60.21 -19.91 -58.66
C ASP OA 714 58.90 -19.14 -58.71
N CYS OA 715 57.79 -19.84 -58.82
CA CYS OA 715 56.50 -19.19 -58.95
C CYS OA 715 55.84 -18.87 -57.62
N ASP OA 716 56.44 -19.28 -56.50
CA ASP OA 716 55.79 -19.13 -55.18
C ASP OA 716 55.24 -17.73 -54.93
N PRO OA 717 56.00 -16.65 -55.12
CA PRO OA 717 55.41 -15.32 -54.87
C PRO OA 717 54.28 -14.98 -55.82
N ILE OA 718 54.28 -15.54 -57.04
CA ILE OA 718 53.18 -15.24 -57.96
C ILE OA 718 51.92 -15.99 -57.55
N LEU OA 719 52.06 -17.18 -56.98
CA LEU OA 719 50.88 -17.94 -56.56
C LEU OA 719 50.12 -17.20 -55.47
N TYR OA 720 50.81 -16.66 -54.48
CA TYR OA 720 50.17 -15.90 -53.42
C TYR OA 720 49.72 -14.52 -53.86
N ARG OA 721 49.99 -14.13 -55.11
CA ARG OA 721 49.74 -12.76 -55.53
C ARG OA 721 48.36 -12.56 -56.16
N ASP OA 722 47.94 -13.49 -57.02
CA ASP OA 722 46.67 -13.33 -57.71
C ASP OA 722 45.48 -13.38 -56.75
N GLY OA 723 45.66 -13.94 -55.56
CA GLY OA 723 44.57 -14.15 -54.63
C GLY OA 723 43.95 -12.88 -54.07
N LEU OA 724 44.36 -11.73 -54.57
CA LEU OA 724 43.84 -10.43 -54.14
C LEU OA 724 43.31 -9.71 -55.37
N ALA OA 725 42.02 -9.86 -55.64
CA ALA OA 725 41.40 -9.23 -56.79
C ALA OA 725 40.81 -7.86 -56.48
N GLU OA 726 41.00 -7.35 -55.27
CA GLU OA 726 40.36 -6.10 -54.89
C GLU OA 726 41.05 -4.91 -55.54
N ARG OA 727 42.36 -4.82 -55.38
CA ARG OA 727 43.19 -3.87 -56.13
C ARG OA 727 43.83 -4.64 -57.28
N LEU OA 728 43.33 -4.43 -58.48
CA LEU OA 728 43.60 -5.28 -59.64
C LEU OA 728 45.10 -5.42 -59.88
N PRO OA 729 45.67 -6.59 -59.58
CA PRO OA 729 47.07 -6.81 -59.87
C PRO OA 729 47.24 -7.43 -61.25
N GLU OA 730 48.30 -7.05 -61.91
CA GLU OA 730 48.58 -7.53 -63.25
C GLU OA 730 50.04 -7.91 -63.32
N LEU OA 731 50.33 -9.02 -64.00
CA LEU OA 731 51.69 -9.47 -64.22
C LEU OA 731 51.92 -9.63 -65.71
N ARG OA 732 52.87 -8.88 -66.26
CA ARG OA 732 53.19 -8.90 -67.69
C ARG OA 732 54.63 -9.41 -67.82
N VAL OA 733 54.78 -10.68 -68.21
CA VAL OA 733 56.09 -11.25 -68.50
C VAL OA 733 56.27 -11.19 -70.00
N ASN OA 734 56.86 -10.09 -70.48
CA ASN OA 734 57.15 -9.87 -71.89
C ASN OA 734 55.91 -9.81 -72.76
N GLY OA 735 54.73 -9.86 -72.15
CA GLY OA 735 53.49 -9.77 -72.89
C GLY OA 735 52.56 -10.95 -72.66
N ALA OA 736 53.13 -12.15 -72.63
CA ALA OA 736 52.34 -13.31 -72.25
C ALA OA 736 51.91 -13.18 -70.80
N HIS OA 737 50.80 -13.82 -70.44
CA HIS OA 737 50.39 -13.76 -69.05
C HIS OA 737 51.45 -14.44 -68.20
N PHE OA 738 51.51 -15.76 -68.26
CA PHE OA 738 52.67 -16.60 -67.94
C PHE OA 738 52.19 -18.04 -68.06
N GLN OA 739 53.13 -18.98 -68.04
CA GLN OA 739 52.78 -20.39 -68.18
C GLN OA 739 53.59 -21.21 -67.19
N HIS OA 740 52.89 -21.84 -66.24
CA HIS OA 740 53.51 -22.54 -65.13
C HIS OA 740 54.04 -23.88 -65.61
N ILE OA 741 55.23 -23.84 -66.19
CA ILE OA 741 55.91 -25.05 -66.64
C ILE OA 741 56.68 -25.65 -65.48
N LEU OA 742 56.60 -26.96 -65.33
CA LEU OA 742 57.31 -27.67 -64.28
C LEU OA 742 58.76 -27.89 -64.71
N TRP OA 743 59.46 -28.78 -64.00
CA TRP OA 743 60.88 -29.01 -64.24
C TRP OA 743 61.14 -29.47 -65.66
N VAL OA 744 62.33 -29.15 -66.16
CA VAL OA 744 62.78 -29.55 -67.49
C VAL OA 744 64.05 -30.38 -67.34
N GLU OA 745 64.30 -31.23 -68.32
CA GLU OA 745 65.44 -32.13 -68.33
C GLU OA 745 66.31 -31.82 -69.54
N MET OA 746 67.35 -32.64 -69.72
CA MET OA 746 68.26 -32.47 -70.85
C MET OA 746 67.62 -32.86 -72.18
N ALA OA 747 66.46 -33.50 -72.16
CA ALA OA 747 65.76 -33.82 -73.40
C ALA OA 747 65.27 -32.55 -74.09
N GLN OA 748 64.48 -31.75 -73.38
CA GLN OA 748 63.96 -30.49 -73.90
C GLN OA 748 64.59 -29.36 -73.11
N VAL OA 749 65.37 -28.52 -73.78
CA VAL OA 749 66.07 -27.41 -73.15
C VAL OA 749 65.69 -26.08 -73.79
N ASN OA 750 65.71 -26.00 -75.12
CA ASN OA 750 65.26 -24.83 -75.89
C ASN OA 750 65.82 -23.53 -75.30
N PHE OA 751 67.12 -23.39 -75.40
CA PHE OA 751 67.79 -22.23 -74.81
C PHE OA 751 67.41 -20.92 -75.47
N ARG OA 752 66.44 -20.86 -76.39
CA ARG OA 752 66.04 -19.61 -77.01
C ARG OA 752 64.53 -19.39 -77.00
N ASN OA 753 63.78 -20.11 -76.17
CA ASN OA 753 62.35 -19.86 -76.10
C ASN OA 753 62.07 -18.56 -75.38
N VAL OA 754 61.19 -17.73 -75.95
CA VAL OA 754 61.03 -16.35 -75.53
C VAL OA 754 59.62 -16.02 -75.10
N GLY OA 755 58.69 -16.97 -75.15
CA GLY OA 755 57.37 -16.72 -74.64
C GLY OA 755 57.38 -16.56 -73.13
N GLY OA 756 56.18 -16.69 -72.54
CA GLY OA 756 56.12 -16.67 -71.10
C GLY OA 756 56.29 -18.07 -70.55
N GLY OA 757 57.51 -18.41 -70.20
CA GLY OA 757 57.78 -19.70 -69.57
C GLY OA 757 58.61 -19.54 -68.31
N LEU OA 758 58.01 -19.84 -67.17
CA LEU OA 758 58.63 -19.63 -65.86
C LEU OA 758 58.94 -21.01 -65.28
N VAL OA 759 60.21 -21.36 -65.26
CA VAL OA 759 60.62 -22.69 -64.82
C VAL OA 759 60.48 -22.80 -63.32
N HIS OA 760 59.38 -23.42 -62.88
CA HIS OA 760 59.22 -23.78 -61.47
C HIS OA 760 60.10 -25.00 -61.22
N ASN OA 761 61.37 -24.73 -60.89
CA ASN OA 761 62.38 -25.76 -60.86
C ASN OA 761 62.01 -26.86 -59.87
N ARG OA 762 61.94 -28.09 -60.37
CA ARG OA 762 61.57 -29.28 -59.61
C ARG OA 762 60.38 -28.95 -58.73
N PRO OA 763 59.18 -28.82 -59.31
CA PRO OA 763 58.07 -28.15 -58.61
C PRO OA 763 57.84 -28.64 -57.19
N VAL OA 764 58.39 -29.79 -56.85
CA VAL OA 764 58.30 -30.34 -55.51
C VAL OA 764 59.63 -30.99 -55.16
N ARG OA 765 59.78 -31.33 -53.90
CA ARG OA 765 60.78 -32.28 -53.46
C ARG OA 765 60.24 -33.70 -53.49
N ASN OA 766 58.98 -33.88 -53.12
CA ASN OA 766 58.39 -35.21 -52.97
C ASN OA 766 57.15 -35.43 -53.82
N GLU OA 767 56.18 -34.52 -53.78
CA GLU OA 767 54.79 -34.87 -54.08
C GLU OA 767 54.56 -35.06 -55.57
N ASN OA 768 54.83 -34.02 -56.36
CA ASN OA 768 54.42 -33.95 -57.77
C ASN OA 768 52.90 -33.98 -57.90
N GLN OA 769 52.23 -33.13 -57.09
CA GLN OA 769 50.81 -32.82 -57.06
C GLN OA 769 50.53 -31.55 -57.83
N PRO OA 770 49.38 -31.46 -58.50
CA PRO OA 770 49.18 -30.39 -59.48
C PRO OA 770 49.10 -29.01 -58.84
N LEU OA 771 49.94 -28.10 -59.33
CA LEU OA 771 49.83 -26.66 -59.09
C LEU OA 771 49.87 -26.34 -57.60
N HIS OA 772 51.02 -26.61 -56.99
CA HIS OA 772 51.17 -26.37 -55.57
C HIS OA 772 52.51 -25.69 -55.29
N PRO OA 773 52.50 -24.54 -54.63
CA PRO OA 773 53.75 -23.93 -54.17
C PRO OA 773 54.41 -24.80 -53.11
N HIS OA 774 55.67 -24.51 -52.83
CA HIS OA 774 56.39 -25.30 -51.84
C HIS OA 774 57.12 -24.41 -50.85
N HIS OA 775 56.44 -23.34 -50.41
CA HIS OA 775 56.90 -22.53 -49.29
C HIS OA 775 55.69 -21.76 -48.75
N ASP OA 776 55.79 -21.36 -47.50
CA ASP OA 776 54.73 -20.58 -46.88
C ASP OA 776 54.78 -19.15 -47.40
N ALA OA 777 54.00 -18.26 -46.79
CA ALA OA 777 53.99 -16.87 -47.25
C ALA OA 777 55.12 -16.07 -46.62
N GLU OA 778 55.39 -16.28 -45.32
CA GLU OA 778 56.40 -15.48 -44.63
C GLU OA 778 57.76 -15.58 -45.27
N TRP OA 779 57.96 -16.54 -46.16
CA TRP OA 779 59.25 -16.70 -46.81
C TRP OA 779 59.55 -15.52 -47.72
N SER OA 780 58.58 -15.12 -48.55
CA SER OA 780 58.78 -13.97 -49.41
C SER OA 780 59.04 -12.72 -48.58
N VAL OA 781 58.38 -12.61 -47.42
CA VAL OA 781 58.60 -11.48 -46.54
C VAL OA 781 60.04 -11.45 -46.07
N LEU OA 782 60.54 -12.59 -45.59
CA LEU OA 782 61.93 -12.68 -45.16
C LEU OA 782 62.87 -12.30 -46.29
N SER OA 783 62.57 -12.74 -47.52
CA SER OA 783 63.44 -12.42 -48.64
C SER OA 783 63.46 -10.93 -48.92
N LYS OA 784 62.28 -10.30 -48.92
CA LYS OA 784 62.21 -8.88 -49.19
C LYS OA 784 62.95 -8.09 -48.12
N ILE OA 785 62.81 -8.50 -46.86
CA ILE OA 785 63.59 -7.89 -45.78
C ILE OA 785 65.07 -8.01 -46.09
N TYR OA 786 65.53 -9.21 -46.39
CA TYR OA 786 66.95 -9.43 -46.63
C TYR OA 786 67.48 -8.55 -47.75
N TYR OA 787 66.70 -8.39 -48.81
CA TYR OA 787 67.24 -7.69 -49.97
C TYR OA 787 67.08 -6.18 -49.89
N TYR OA 788 66.10 -5.69 -49.14
CA TYR OA 788 65.88 -4.25 -49.09
C TYR OA 788 66.44 -3.60 -47.84
N ALA OA 789 66.81 -4.36 -46.82
CA ALA OA 789 67.35 -3.78 -45.61
C ALA OA 789 68.79 -4.19 -45.34
N VAL OA 790 69.08 -5.49 -45.30
CA VAL OA 790 70.39 -5.93 -44.86
C VAL OA 790 71.43 -5.72 -45.94
N VAL OA 791 71.12 -6.11 -47.17
CA VAL OA 791 72.10 -6.07 -48.26
C VAL OA 791 72.58 -4.64 -48.51
N PRO OA 792 71.71 -3.68 -48.83
CA PRO OA 792 72.23 -2.33 -49.11
C PRO OA 792 72.92 -1.70 -47.92
N ALA OA 793 72.74 -2.25 -46.73
CA ALA OA 793 73.50 -1.76 -45.59
C ALA OA 793 74.98 -2.09 -45.74
N PHE OA 794 75.30 -3.32 -46.12
CA PHE OA 794 76.69 -3.68 -46.32
C PHE OA 794 77.23 -3.12 -47.63
N SER OA 795 76.39 -3.11 -48.67
CA SER OA 795 76.87 -2.77 -50.00
C SER OA 795 77.30 -1.31 -50.09
N ARG OA 796 76.37 -0.40 -49.80
CA ARG OA 796 76.57 1.03 -50.02
C ARG OA 796 76.87 1.32 -51.49
N GLY OA 797 75.91 0.93 -52.33
CA GLY OA 797 75.98 1.23 -53.74
C GLY OA 797 77.03 0.45 -54.49
N ASN OA 798 76.98 -0.87 -54.39
CA ASN OA 798 77.90 -1.68 -55.17
C ASN OA 798 77.21 -2.78 -55.97
N CYS OA 799 76.18 -3.42 -55.42
CA CYS OA 799 75.57 -4.56 -56.08
C CYS OA 799 74.86 -4.14 -57.36
N CYS OA 800 74.45 -5.15 -58.13
CA CYS OA 800 73.59 -4.97 -59.28
C CYS OA 800 73.05 -6.31 -59.73
N THR OA 801 71.73 -6.45 -59.82
CA THR OA 801 71.15 -7.67 -60.35
C THR OA 801 71.65 -7.89 -61.78
N MET OA 802 71.97 -9.14 -62.11
CA MET OA 802 72.56 -9.40 -63.41
C MET OA 802 72.07 -10.74 -63.96
N GLY OA 803 71.77 -10.74 -65.26
CA GLY OA 803 71.32 -11.94 -65.94
C GLY OA 803 72.48 -12.80 -66.40
N VAL OA 804 72.22 -14.10 -66.50
CA VAL OA 804 73.25 -15.09 -66.79
C VAL OA 804 73.09 -15.59 -68.22
N ARG OA 805 74.10 -16.31 -68.69
CA ARG OA 805 74.09 -16.96 -69.99
C ARG OA 805 74.08 -18.46 -69.75
N TYR OA 806 72.87 -19.03 -69.63
CA TYR OA 806 72.77 -20.44 -69.27
C TYR OA 806 73.31 -21.34 -70.36
N ASP OA 807 73.28 -20.91 -71.61
CA ASP OA 807 73.77 -21.75 -72.70
C ASP OA 807 75.29 -21.82 -72.75
N ARG OA 808 75.99 -20.85 -72.17
CA ARG OA 808 77.44 -20.85 -72.15
C ARG OA 808 78.02 -21.34 -70.84
N VAL OA 809 77.17 -21.71 -69.88
CA VAL OA 809 77.64 -22.25 -68.62
C VAL OA 809 77.30 -23.73 -68.47
N TYR OA 810 76.18 -24.18 -69.02
CA TYR OA 810 75.81 -25.59 -68.89
C TYR OA 810 76.68 -26.51 -69.71
N GLN OA 811 77.36 -25.99 -70.72
CA GLN OA 811 78.30 -26.80 -71.49
C GLN OA 811 79.72 -26.68 -70.99
N LEU OA 812 79.99 -25.78 -70.04
CA LEU OA 812 81.29 -25.72 -69.39
C LEU OA 812 81.30 -26.41 -68.03
N VAL OA 813 80.17 -26.41 -67.33
CA VAL OA 813 80.09 -27.12 -66.06
C VAL OA 813 80.38 -28.60 -66.24
N GLN OA 814 80.15 -29.13 -67.45
CA GLN OA 814 80.31 -30.55 -67.68
C GLN OA 814 81.74 -30.97 -68.00
N THR OA 815 82.56 -30.08 -68.53
CA THR OA 815 83.92 -30.45 -68.90
C THR OA 815 84.71 -30.71 -67.64
N MET OA 816 84.83 -31.98 -67.26
CA MET OA 816 85.54 -32.34 -66.04
C MET OA 816 86.47 -33.51 -66.33
N VAL OA 817 87.75 -33.32 -66.00
CA VAL OA 817 88.79 -34.28 -66.31
C VAL OA 817 89.11 -35.03 -65.02
N VAL OA 818 88.41 -36.13 -64.79
CA VAL OA 818 88.63 -36.94 -63.59
C VAL OA 818 89.27 -38.26 -64.03
N PRO OA 819 90.41 -38.62 -63.48
CA PRO OA 819 90.97 -39.95 -63.76
C PRO OA 819 90.37 -40.99 -62.83
N GLU OA 820 90.25 -42.20 -63.36
CA GLU OA 820 89.61 -43.27 -62.61
C GLU OA 820 90.52 -43.79 -61.50
N THR OA 821 89.91 -44.11 -60.36
CA THR OA 821 90.64 -44.65 -59.22
C THR OA 821 89.66 -45.43 -58.35
N ASP OA 822 90.17 -46.52 -57.76
CA ASP OA 822 89.34 -47.40 -56.95
C ASP OA 822 89.20 -46.96 -55.51
N GLU OA 823 90.10 -46.10 -55.02
CA GLU OA 823 90.10 -45.72 -53.61
C GLU OA 823 90.30 -44.22 -53.51
N GLU OA 824 90.50 -43.73 -52.28
CA GLU OA 824 90.80 -42.33 -52.01
C GLU OA 824 92.27 -42.09 -52.28
N VAL OA 825 92.58 -41.21 -53.22
CA VAL OA 825 93.95 -41.07 -53.69
C VAL OA 825 94.70 -39.95 -52.96
N GLY OA 826 94.03 -38.88 -52.60
CA GLY OA 826 94.72 -37.73 -52.06
C GLY OA 826 95.28 -36.83 -53.14
N THR OA 827 95.95 -35.77 -52.72
CA THR OA 827 96.46 -34.76 -53.65
C THR OA 827 97.90 -35.02 -54.09
N ASP OA 828 98.59 -35.96 -53.45
CA ASP OA 828 99.97 -36.27 -53.83
C ASP OA 828 100.03 -36.82 -55.25
N ASP OA 829 99.34 -37.92 -55.49
CA ASP OA 829 99.43 -38.59 -56.79
C ASP OA 829 98.80 -37.73 -57.88
N PRO OA 830 99.32 -37.80 -59.11
CA PRO OA 830 98.69 -37.04 -60.21
C PRO OA 830 97.27 -37.44 -60.50
N ARG OA 831 96.80 -38.58 -59.98
CA ARG OA 831 95.43 -39.01 -60.19
C ARG OA 831 94.47 -38.07 -59.48
N HIS OA 832 95.00 -37.14 -58.71
CA HIS OA 832 94.17 -36.12 -58.09
C HIS OA 832 93.55 -35.24 -59.17
N PRO OA 833 92.29 -34.82 -58.99
CA PRO OA 833 91.63 -34.02 -60.04
C PRO OA 833 92.21 -32.63 -60.20
N LEU OA 834 93.03 -32.16 -59.25
CA LEU OA 834 93.58 -30.82 -59.30
C LEU OA 834 95.06 -30.80 -59.68
N HIS OA 835 95.70 -31.97 -59.81
CA HIS OA 835 97.11 -32.01 -60.10
C HIS OA 835 97.40 -31.34 -61.44
N PRO OA 836 98.55 -30.67 -61.57
CA PRO OA 836 98.84 -29.96 -62.82
C PRO OA 836 98.95 -30.86 -64.04
N ARG OA 837 99.14 -32.17 -63.85
CA ARG OA 837 99.36 -33.06 -65.00
C ARG OA 837 98.11 -33.18 -65.85
N ASN OA 838 96.98 -33.50 -65.24
CA ASN OA 838 95.72 -33.67 -65.95
C ASN OA 838 94.93 -32.39 -66.04
N LEU OA 839 95.60 -31.24 -66.02
CA LEU OA 839 94.95 -29.94 -66.07
C LEU OA 839 95.01 -29.44 -67.51
N VAL OA 840 93.88 -29.47 -68.19
CA VAL OA 840 93.80 -29.03 -69.57
C VAL OA 840 93.15 -27.66 -69.60
N PRO OA 841 93.45 -26.81 -70.59
CA PRO OA 841 92.88 -25.46 -70.57
C PRO OA 841 91.38 -25.48 -70.84
N ASN OA 842 90.73 -24.38 -70.46
CA ASN OA 842 89.31 -24.14 -70.73
C ASN OA 842 88.42 -25.22 -70.15
N SER OA 843 88.90 -25.91 -69.13
CA SER OA 843 88.09 -26.89 -68.42
C SER OA 843 87.47 -26.21 -67.20
N LEU OA 844 86.85 -27.02 -66.35
CA LEU OA 844 86.36 -26.54 -65.08
C LEU OA 844 87.41 -26.66 -63.99
N ASN OA 845 88.30 -27.66 -64.09
CA ASN OA 845 89.33 -27.85 -63.08
C ASN OA 845 90.23 -26.63 -62.97
N VAL OA 846 90.55 -25.99 -64.10
CA VAL OA 846 91.39 -24.80 -64.04
C VAL OA 846 90.69 -23.69 -63.26
N LEU OA 847 89.36 -23.60 -63.39
CA LEU OA 847 88.62 -22.59 -62.65
C LEU OA 847 88.67 -22.87 -61.15
N PHE OA 848 88.47 -24.12 -60.75
CA PHE OA 848 88.60 -24.47 -59.34
C PHE OA 848 90.02 -24.24 -58.84
N HIS OA 849 91.01 -24.32 -59.73
CA HIS OA 849 92.38 -24.06 -59.28
C HIS OA 849 92.62 -22.58 -59.09
N ASN OA 850 92.05 -21.74 -59.96
CA ASN OA 850 92.26 -20.31 -59.86
C ASN OA 850 91.79 -19.76 -58.51
N ALA OA 851 90.88 -20.45 -57.83
CA ALA OA 851 90.34 -19.99 -56.58
C ALA OA 851 91.03 -20.61 -55.37
N CYS OA 852 92.06 -21.43 -55.58
CA CYS OA 852 92.81 -22.08 -54.51
C CYS OA 852 91.91 -22.96 -53.64
N VAL OA 853 90.77 -23.39 -54.15
CA VAL OA 853 89.88 -24.26 -53.38
C VAL OA 853 90.36 -25.70 -53.53
N ALA OA 854 90.36 -26.42 -52.42
CA ALA OA 854 90.85 -27.80 -52.36
C ALA OA 854 89.64 -28.71 -52.17
N VAL OA 855 89.24 -29.38 -53.26
CA VAL OA 855 88.03 -30.20 -53.26
C VAL OA 855 88.41 -31.66 -53.51
N ASP OA 856 87.47 -32.54 -53.22
CA ASP OA 856 87.60 -33.96 -53.51
C ASP OA 856 87.08 -34.25 -54.91
N ALA OA 857 87.55 -35.36 -55.47
CA ALA OA 857 87.05 -35.78 -56.78
C ALA OA 857 85.56 -36.03 -56.75
N ASP OA 858 85.05 -36.62 -55.67
CA ASP OA 858 83.62 -36.89 -55.59
C ASP OA 858 82.80 -35.61 -55.68
N ALA OA 859 83.37 -34.48 -55.25
CA ALA OA 859 82.68 -33.22 -55.38
C ALA OA 859 82.32 -32.92 -56.84
N MET OA 860 83.32 -32.92 -57.71
CA MET OA 860 83.02 -32.67 -59.12
C MET OA 860 82.29 -33.85 -59.75
N LEU OA 861 82.45 -35.05 -59.20
CA LEU OA 861 81.70 -36.18 -59.75
C LEU OA 861 80.20 -35.97 -59.61
N ILE OA 862 79.73 -35.62 -58.41
CA ILE OA 862 78.30 -35.51 -58.15
C ILE OA 862 77.70 -34.32 -58.90
N LEU OA 863 78.55 -33.56 -59.59
CA LEU OA 863 78.10 -32.34 -60.23
C LEU OA 863 77.15 -32.59 -61.40
N GLN OA 864 77.15 -33.79 -61.98
CA GLN OA 864 76.27 -34.04 -63.12
C GLN OA 864 74.80 -34.00 -62.74
N GLU OA 865 74.47 -34.19 -61.46
CA GLU OA 865 73.08 -34.20 -61.03
C GLU OA 865 72.34 -32.93 -61.42
N THR OA 866 73.07 -31.87 -61.74
CA THR OA 866 72.50 -30.58 -62.09
C THR OA 866 71.98 -30.51 -63.52
N VAL OA 867 71.89 -31.64 -64.23
CA VAL OA 867 71.33 -31.64 -65.57
C VAL OA 867 69.90 -32.17 -65.59
N THR OA 868 69.55 -33.09 -64.68
CA THR OA 868 68.16 -33.53 -64.58
C THR OA 868 67.22 -32.35 -64.32
N ASN OA 869 67.66 -31.38 -63.53
CA ASN OA 869 66.88 -30.19 -63.20
C ASN OA 869 67.63 -28.98 -63.76
N MET OA 870 67.13 -28.40 -64.84
CA MET OA 870 67.83 -27.35 -65.55
C MET OA 870 67.12 -26.01 -65.36
N ALA OA 871 67.66 -24.99 -66.03
CA ALA OA 871 67.09 -23.64 -66.00
C ALA OA 871 67.33 -23.00 -67.36
N GLU OA 872 66.26 -22.72 -68.10
CA GLU OA 872 66.35 -22.24 -69.47
C GLU OA 872 67.07 -20.91 -69.57
N ARG OA 873 66.46 -19.86 -69.02
CA ARG OA 873 66.94 -18.50 -69.21
C ARG OA 873 66.37 -17.64 -68.10
N THR OA 874 66.99 -16.49 -67.90
CA THR OA 874 66.44 -15.51 -66.98
C THR OA 874 65.46 -14.61 -67.73
N THR OA 875 64.52 -14.02 -66.99
CA THR OA 875 63.39 -13.37 -67.63
C THR OA 875 62.95 -12.18 -66.79
N PRO OA 876 62.61 -11.05 -67.41
CA PRO OA 876 62.11 -9.91 -66.64
C PRO OA 876 60.61 -10.00 -66.42
N LEU OA 877 60.16 -9.22 -65.44
CA LEU OA 877 58.75 -9.16 -65.08
C LEU OA 877 58.33 -7.71 -64.98
N LEU OA 878 57.03 -7.48 -64.79
CA LEU OA 878 56.52 -6.13 -64.66
C LEU OA 878 55.22 -6.19 -63.87
N ALA OA 879 55.28 -5.84 -62.59
CA ALA OA 879 54.08 -5.83 -61.76
C ALA OA 879 53.26 -4.59 -62.07
N SER OA 880 51.99 -4.63 -61.62
CA SER OA 880 51.06 -3.53 -61.89
C SER OA 880 50.03 -3.57 -60.77
N VAL OA 881 50.15 -2.64 -59.84
CA VAL OA 881 49.36 -2.67 -58.62
C VAL OA 881 48.70 -1.31 -58.42
N ALA OA 882 47.48 -1.34 -58.03
CA ALA OA 882 46.74 -0.15 -57.64
C ALA OA 882 46.92 0.09 -56.14
N PRO OA 883 46.82 1.34 -55.70
CA PRO OA 883 46.97 1.61 -54.26
C PRO OA 883 45.94 0.84 -53.45
N ASP OA 884 46.34 0.46 -52.25
CA ASP OA 884 45.53 -0.42 -51.41
C ASP OA 884 44.35 0.35 -50.82
N ALA OA 885 43.58 -0.35 -49.99
CA ALA OA 885 42.39 0.25 -49.37
C ALA OA 885 42.75 1.45 -48.50
N GLY OA 886 44.00 1.57 -48.08
CA GLY OA 886 44.44 2.74 -47.35
C GLY OA 886 44.35 4.00 -48.19
N MET OA 887 45.14 4.05 -49.26
CA MET OA 887 45.10 5.18 -50.19
C MET OA 887 44.16 4.87 -51.34
N ALA OA 888 42.86 4.84 -51.02
CA ALA OA 888 41.87 4.37 -51.97
C ALA OA 888 40.78 5.40 -52.21
N THR OA 889 41.17 6.63 -52.53
CA THR OA 889 40.20 7.67 -52.87
C THR OA 889 39.89 7.61 -54.35
N VAL OA 890 38.68 8.04 -54.72
CA VAL OA 890 38.27 8.09 -56.12
C VAL OA 890 39.30 8.84 -56.96
N ALA OA 891 39.93 9.87 -56.39
CA ALA OA 891 41.00 10.59 -57.05
C ALA OA 891 42.29 9.79 -57.16
N THR OA 892 42.28 8.51 -56.75
CA THR OA 892 43.46 7.67 -56.80
C THR OA 892 43.20 6.33 -57.48
N ARG OA 893 42.04 6.15 -58.10
CA ARG OA 893 41.69 4.88 -58.70
C ARG OA 893 42.58 4.49 -59.87
N ASP OA 894 43.45 5.40 -60.33
CA ASP OA 894 44.18 5.19 -61.57
C ASP OA 894 45.70 5.26 -61.42
N MET OA 895 46.21 5.56 -60.23
CA MET OA 895 47.66 5.67 -60.04
C MET OA 895 48.25 4.30 -59.75
N ARG OA 896 48.30 3.47 -60.79
CA ARG OA 896 48.95 2.18 -60.67
C ARG OA 896 50.46 2.36 -60.64
N THR OA 897 51.14 1.48 -59.91
CA THR OA 897 52.58 1.50 -59.80
C THR OA 897 53.18 0.34 -60.58
N HIS OA 898 54.32 0.61 -61.23
CA HIS OA 898 54.98 -0.37 -62.09
C HIS OA 898 56.41 -0.57 -61.60
N ASP OA 899 56.73 -1.79 -61.19
CA ASP OA 899 58.09 -2.12 -60.80
C ASP OA 899 58.38 -3.56 -61.22
N GLY OA 900 59.55 -3.77 -61.82
CA GLY OA 900 59.91 -5.06 -62.37
C GLY OA 900 60.67 -5.93 -61.39
N SER OA 901 61.21 -7.01 -61.92
CA SER OA 901 61.98 -7.97 -61.14
C SER OA 901 62.70 -8.90 -62.12
N LEU OA 902 63.38 -9.91 -61.56
CA LEU OA 902 64.11 -10.87 -62.37
C LEU OA 902 63.85 -12.28 -61.86
N HIS OA 903 63.65 -13.20 -62.80
CA HIS OA 903 63.47 -14.61 -62.50
C HIS OA 903 64.71 -15.37 -62.95
N HIS OA 904 65.28 -16.14 -62.03
CA HIS OA 904 66.51 -16.88 -62.30
C HIS OA 904 67.62 -15.96 -62.77
N GLY OA 905 67.74 -14.81 -62.12
CA GLY OA 905 68.84 -13.90 -62.31
C GLY OA 905 69.92 -14.12 -61.26
N LEU OA 906 70.82 -13.16 -61.15
CA LEU OA 906 71.89 -13.26 -60.17
C LEU OA 906 72.36 -11.87 -59.77
N LEU OA 907 72.59 -11.70 -58.47
CA LEU OA 907 73.03 -10.43 -57.91
C LEU OA 907 74.50 -10.56 -57.50
N MET OA 908 75.38 -9.88 -58.23
CA MET OA 908 76.81 -9.93 -57.94
C MET OA 908 77.25 -8.68 -57.18
N MET OA 909 78.28 -8.85 -56.35
CA MET OA 909 78.59 -7.89 -55.31
C MET OA 909 79.57 -6.82 -55.78
N ALA OA 910 80.77 -7.23 -56.20
CA ALA OA 910 81.82 -6.28 -56.55
C ALA OA 910 82.37 -6.62 -57.92
N TYR OA 911 82.47 -5.62 -58.78
CA TYR OA 911 82.93 -5.83 -60.14
C TYR OA 911 84.44 -6.02 -60.19
N GLN OA 912 84.89 -6.74 -61.21
CA GLN OA 912 86.30 -7.04 -61.42
C GLN OA 912 86.67 -6.68 -62.84
N PRO OA 913 87.02 -5.42 -63.11
CA PRO OA 913 87.39 -4.99 -64.45
C PRO OA 913 88.86 -5.13 -64.80
N ASN OA 914 89.63 -5.84 -63.97
CA ASN OA 914 91.07 -5.91 -64.14
C ASN OA 914 91.60 -7.33 -64.27
N ASP OA 915 90.74 -8.33 -64.29
CA ASP OA 915 91.19 -9.70 -64.47
C ASP OA 915 91.23 -10.04 -65.96
N ALA OA 916 92.23 -10.83 -66.34
CA ALA OA 916 92.40 -11.25 -67.72
C ALA OA 916 92.27 -12.77 -67.90
N THR OA 917 92.05 -13.52 -66.81
CA THR OA 917 91.83 -14.95 -66.94
C THR OA 917 90.43 -15.28 -67.42
N LEU OA 918 89.54 -14.31 -67.52
CA LEU OA 918 88.20 -14.51 -68.02
C LEU OA 918 87.87 -13.46 -69.07
N LEU OA 919 86.74 -13.64 -69.73
CA LEU OA 919 86.16 -12.60 -70.56
C LEU OA 919 85.38 -11.64 -69.68
N GLU OA 920 85.22 -10.41 -70.16
CA GLU OA 920 84.43 -9.44 -69.40
C GLU OA 920 82.95 -9.81 -69.43
N GLY OA 921 82.41 -9.98 -70.63
CA GLY OA 921 81.08 -10.52 -70.78
C GLY OA 921 81.11 -12.03 -70.86
N ALA OA 922 81.80 -12.66 -69.91
CA ALA OA 922 81.95 -14.11 -69.93
C ALA OA 922 80.61 -14.81 -69.81
N PHE OA 923 79.94 -14.62 -68.68
CA PHE OA 923 78.69 -15.32 -68.43
C PHE OA 923 77.57 -14.45 -67.89
N PHE OA 924 77.86 -13.24 -67.43
CA PHE OA 924 76.86 -12.39 -66.80
C PHE OA 924 76.78 -11.07 -67.55
N TYR OA 925 75.57 -10.58 -67.73
CA TYR OA 925 75.37 -9.26 -68.30
C TYR OA 925 74.56 -8.43 -67.32
N PRO OA 926 74.74 -7.11 -67.29
CA PRO OA 926 74.05 -6.30 -66.30
C PRO OA 926 72.54 -6.42 -66.45
N ALA OA 927 71.84 -6.19 -65.34
CA ALA OA 927 70.38 -6.22 -65.35
C ALA OA 927 69.83 -5.51 -64.12
N PRO OA 928 70.06 -4.21 -63.96
CA PRO OA 928 69.61 -3.54 -62.74
C PRO OA 928 68.10 -3.41 -62.71
N VAL OA 929 67.52 -3.71 -61.55
CA VAL OA 929 66.08 -3.65 -61.38
C VAL OA 929 65.66 -2.40 -60.61
N ASN OA 930 66.42 -2.01 -59.59
CA ASN OA 930 66.07 -0.85 -58.79
C ASN OA 930 67.33 -0.05 -58.46
N ALA OA 931 67.11 1.21 -58.10
CA ALA OA 931 68.22 2.15 -57.92
C ALA OA 931 69.20 1.70 -56.85
N LEU OA 932 68.78 0.85 -55.92
CA LEU OA 932 69.73 0.29 -54.95
C LEU OA 932 70.72 -0.62 -55.65
N PHE OA 933 70.23 -1.56 -56.44
CA PHE OA 933 71.06 -2.54 -57.14
C PHE OA 933 71.38 -2.10 -58.56
N ALA OA 934 71.93 -0.89 -58.72
CA ALA OA 934 72.36 -0.40 -60.02
C ALA OA 934 73.69 0.31 -59.82
N CYS OA 935 74.77 -0.45 -59.91
CA CYS OA 935 76.09 0.15 -59.86
C CYS OA 935 76.39 0.83 -61.19
N ALA OA 936 77.63 1.31 -61.33
CA ALA OA 936 78.01 2.06 -62.52
C ALA OA 936 79.07 1.36 -63.35
N ASP OA 937 80.07 0.75 -62.71
CA ASP OA 937 81.15 0.13 -63.46
C ASP OA 937 80.72 -1.18 -64.09
N HIS OA 938 79.77 -1.88 -63.46
CA HIS OA 938 79.27 -3.14 -64.01
C HIS OA 938 78.72 -2.99 -65.41
N LEU OA 939 78.44 -1.76 -65.85
CA LEU OA 939 78.05 -1.55 -67.23
C LEU OA 939 79.13 -1.99 -68.20
N GLY OA 940 80.38 -2.10 -67.75
CA GLY OA 940 81.43 -2.61 -68.60
C GLY OA 940 81.20 -4.03 -69.07
N ALA OA 941 80.32 -4.76 -68.39
CA ALA OA 941 80.05 -6.15 -68.73
C ALA OA 941 79.30 -6.31 -70.04
N MET OA 942 78.94 -5.22 -70.71
CA MET OA 942 78.24 -5.29 -71.97
C MET OA 942 79.20 -4.98 -73.11
N ARG OA 943 79.01 -5.68 -74.23
CA ARG OA 943 79.89 -5.58 -75.37
C ARG OA 943 79.52 -4.38 -76.23
N ASP OA 944 80.52 -3.61 -76.64
CA ASP OA 944 80.36 -2.49 -77.56
C ASP OA 944 79.37 -1.46 -77.00
N VAL OA 945 79.80 -0.83 -75.91
CA VAL OA 945 79.04 0.23 -75.27
C VAL OA 945 79.92 1.47 -75.22
N GLY OA 946 79.48 2.53 -75.87
CA GLY OA 946 80.30 3.72 -76.00
C GLY OA 946 80.57 4.40 -74.68
N ALA OA 947 81.50 5.36 -74.73
CA ALA OA 947 81.81 6.16 -73.55
C ALA OA 947 80.83 7.31 -73.34
N GLU OA 948 79.97 7.59 -74.32
CA GLU OA 948 78.92 8.58 -74.12
C GLU OA 948 78.05 8.22 -72.93
N VAL OA 949 77.65 6.95 -72.84
CA VAL OA 949 76.79 6.52 -71.75
C VAL OA 949 77.59 6.36 -70.45
N ARG OA 950 78.82 5.85 -70.54
CA ARG OA 950 79.64 5.70 -69.35
C ARG OA 950 79.96 7.04 -68.71
N ALA OA 951 79.75 8.14 -69.43
CA ALA OA 951 79.90 9.46 -68.81
C ALA OA 951 78.74 9.76 -67.89
N ALA OA 952 77.52 9.43 -68.31
CA ALA OA 952 76.32 9.64 -67.51
C ALA OA 952 75.88 8.37 -66.82
N ALA OA 953 76.84 7.54 -66.40
CA ALA OA 953 76.56 6.28 -65.73
C ALA OA 953 76.82 6.32 -64.25
N GLN OA 954 77.49 7.34 -63.74
CA GLN OA 954 77.85 7.41 -62.33
C GLN OA 954 76.93 8.30 -61.52
N HIS OA 955 76.31 9.31 -62.14
CA HIS OA 955 75.34 10.12 -61.43
C HIS OA 955 73.93 9.54 -61.49
N VAL OA 956 73.54 8.96 -62.61
CA VAL OA 956 72.21 8.42 -62.82
C VAL OA 956 72.31 6.91 -62.78
N PRO OA 957 71.42 6.21 -62.08
CA PRO OA 957 71.34 4.76 -62.23
C PRO OA 957 70.84 4.39 -63.62
N CYS OA 958 70.97 3.12 -63.96
CA CYS OA 958 70.72 2.65 -65.31
C CYS OA 958 69.54 1.69 -65.35
N VAL OA 959 68.48 1.99 -64.60
CA VAL OA 959 67.31 1.12 -64.60
C VAL OA 959 66.60 1.27 -65.93
N PRO OA 960 66.53 0.20 -66.74
CA PRO OA 960 65.99 0.35 -68.09
C PRO OA 960 64.51 0.65 -68.08
N HIS OA 961 64.08 1.48 -69.02
CA HIS OA 961 62.70 1.97 -68.99
C HIS OA 961 61.69 0.93 -69.40
N PHE OA 962 62.08 -0.34 -69.58
CA PHE OA 962 61.10 -1.42 -69.67
C PHE OA 962 61.02 -2.20 -68.36
N LEU OA 963 61.66 -1.70 -67.31
CA LEU OA 963 61.71 -2.41 -66.03
C LEU OA 963 61.28 -1.51 -64.88
N GLY OA 964 60.58 -0.41 -65.17
CA GLY OA 964 60.08 0.47 -64.14
C GLY OA 964 60.98 1.67 -63.87
N ALA OA 965 60.50 2.86 -64.16
CA ALA OA 965 61.30 4.07 -63.99
C ALA OA 965 61.34 4.45 -62.52
N ASN OA 966 61.83 5.65 -62.23
CA ASN OA 966 61.99 6.09 -60.84
C ASN OA 966 60.70 6.62 -60.22
N TYR OA 967 59.68 6.95 -61.02
CA TYR OA 967 58.49 7.55 -60.47
C TYR OA 967 57.34 6.57 -60.27
N TYR OA 968 57.30 5.47 -61.01
CA TYR OA 968 56.23 4.51 -60.90
C TYR OA 968 56.59 3.30 -60.07
N ALA OA 969 57.85 3.19 -59.65
CA ALA OA 969 58.26 2.08 -58.80
C ALA OA 969 57.99 2.41 -57.35
N THR OA 970 57.86 1.36 -56.53
CA THR OA 970 57.51 1.53 -55.14
C THR OA 970 58.70 1.80 -54.24
N VAL OA 971 59.90 1.91 -54.80
CA VAL OA 971 61.11 2.22 -54.05
C VAL OA 971 61.84 3.29 -54.87
N ARG OA 972 61.67 4.55 -54.51
CA ARG OA 972 62.12 5.65 -55.35
C ARG OA 972 63.62 5.86 -55.15
N GLN OA 973 64.12 7.00 -55.65
CA GLN OA 973 65.56 7.24 -55.62
C GLN OA 973 66.07 7.56 -54.22
N PRO OA 974 65.54 8.56 -53.50
CA PRO OA 974 66.20 9.00 -52.27
C PRO OA 974 66.46 7.90 -51.26
N VAL OA 975 65.59 6.89 -51.18
CA VAL OA 975 65.84 5.80 -50.24
C VAL OA 975 67.10 5.04 -50.65
N ALA OA 976 67.40 4.99 -51.94
CA ALA OA 976 68.64 4.37 -52.37
C ALA OA 976 69.83 5.26 -52.11
N GLN OA 977 69.67 6.57 -52.33
CA GLN OA 977 70.76 7.50 -52.09
C GLN OA 977 71.17 7.50 -50.63
N HIS OA 978 70.19 7.47 -49.72
CA HIS OA 978 70.51 7.47 -48.29
C HIS OA 978 71.36 6.27 -47.92
N ALA OA 979 71.19 5.15 -48.63
CA ALA OA 979 72.00 3.98 -48.37
C ALA OA 979 73.43 4.14 -48.87
N ALA OA 980 73.74 5.23 -49.57
CA ALA OA 980 75.06 5.42 -50.15
C ALA OA 980 75.87 6.51 -49.47
N GLN OA 981 75.26 7.36 -48.65
CA GLN OA 981 76.00 8.46 -48.02
C GLN OA 981 75.61 8.59 -46.56
N SER OA 982 75.55 7.48 -45.84
CA SER OA 982 75.24 7.47 -44.41
C SER OA 982 76.29 6.63 -43.71
N ARG OA 983 77.41 7.25 -43.33
CA ARG OA 983 78.53 6.55 -42.71
C ARG OA 983 78.24 6.40 -41.22
N ALA OA 984 77.38 5.43 -40.90
CA ALA OA 984 76.85 5.31 -39.55
C ALA OA 984 76.74 3.86 -39.08
N ASP OA 985 77.82 3.08 -39.19
CA ASP OA 985 77.82 1.81 -38.46
C ASP OA 985 76.73 0.87 -38.95
N GLU OA 986 76.94 0.25 -40.11
CA GLU OA 986 75.95 -0.51 -40.86
C GLU OA 986 74.94 -1.26 -40.00
N ASN OA 987 75.39 -1.81 -38.87
CA ASN OA 987 74.46 -2.44 -37.93
C ASN OA 987 73.25 -1.56 -37.68
N THR OA 988 73.48 -0.28 -37.42
CA THR OA 988 72.36 0.64 -37.23
C THR OA 988 71.71 1.03 -38.55
N LEU OA 989 72.45 0.98 -39.66
CA LEU OA 989 71.84 1.34 -40.94
C LEU OA 989 70.75 0.36 -41.32
N SER OA 990 70.88 -0.90 -40.91
CA SER OA 990 69.82 -1.87 -41.17
C SER OA 990 68.50 -1.41 -40.58
N TYR OA 991 68.49 -1.19 -39.26
CA TYR OA 991 67.28 -0.71 -38.60
C TYR OA 991 66.83 0.63 -39.19
N ALA OA 992 67.80 1.47 -39.58
CA ALA OA 992 67.44 2.75 -40.18
C ALA OA 992 66.57 2.54 -41.41
N LEU OA 993 67.02 1.71 -42.34
CA LEU OA 993 66.23 1.49 -43.54
C LEU OA 993 64.90 0.82 -43.21
N MET OA 994 64.92 -0.21 -42.35
CA MET OA 994 63.68 -0.89 -42.02
C MET OA 994 62.64 0.08 -41.50
N ALA OA 995 63.06 0.99 -40.61
CA ALA OA 995 62.18 2.07 -40.19
C ALA OA 995 61.76 2.91 -41.39
N GLY OA 996 62.70 3.15 -42.31
CA GLY OA 996 62.38 3.94 -43.47
C GLY OA 996 61.29 3.35 -44.34
N TYR OA 997 60.98 2.07 -44.18
CA TYR OA 997 60.03 1.38 -45.06
C TYR OA 997 58.62 1.29 -44.49
N PHE OA 998 58.15 2.31 -43.78
CA PHE OA 998 56.78 2.33 -43.28
C PHE OA 998 55.88 3.13 -44.24
N LYS OA 999 54.64 2.68 -44.41
CA LYS OA 999 53.76 3.32 -45.37
C LYS OA 999 53.30 4.68 -44.85
N MET OA 1000 52.66 5.44 -45.74
CA MET OA 1000 52.09 6.75 -45.42
C MET OA 1000 50.64 6.75 -45.89
N SER OA 1001 49.75 6.30 -45.00
CA SER OA 1001 48.33 6.28 -45.29
C SER OA 1001 47.61 6.36 -43.95
N PRO OA 1002 46.45 7.03 -43.90
CA PRO OA 1002 45.74 7.15 -42.62
C PRO OA 1002 45.62 5.85 -41.87
N VAL OA 1003 45.28 4.76 -42.56
CA VAL OA 1003 45.18 3.46 -41.91
C VAL OA 1003 46.52 3.07 -41.31
N ALA OA 1004 47.62 3.57 -41.87
CA ALA OA 1004 48.93 3.30 -41.29
C ALA OA 1004 49.23 4.25 -40.15
N PHE OA 1005 48.72 5.47 -40.21
CA PHE OA 1005 49.02 6.44 -39.16
C PHE OA 1005 48.30 6.08 -37.88
N THR OA 1006 47.08 5.55 -37.98
CA THR OA 1006 46.39 5.07 -36.78
C THR OA 1006 47.18 3.99 -36.05
N HIS OA 1007 48.18 3.41 -36.69
CA HIS OA 1007 49.10 2.52 -35.99
C HIS OA 1007 50.35 3.27 -35.53
N GLN OA 1008 51.01 3.95 -36.47
CA GLN OA 1008 52.33 4.51 -36.19
C GLN OA 1008 52.26 5.60 -35.13
N LEU OA 1009 51.37 6.57 -35.30
CA LEU OA 1009 51.30 7.65 -34.33
C LEU OA 1009 51.00 7.13 -32.94
N ARG OA 1010 50.18 6.09 -32.82
CA ARG OA 1010 49.81 5.61 -31.50
C ARG OA 1010 50.85 4.69 -30.88
N ARG OA 1011 51.67 4.03 -31.67
CA ARG OA 1011 52.68 3.14 -31.11
C ARG OA 1011 54.03 3.82 -30.90
N GLN OA 1012 54.04 5.13 -30.71
CA GLN OA 1012 55.23 5.87 -30.29
C GLN OA 1012 56.31 5.86 -31.36
N LEU OA 1013 55.94 5.85 -32.63
CA LEU OA 1013 56.90 5.93 -33.72
C LEU OA 1013 56.89 7.34 -34.30
N HIS OA 1014 58.06 7.81 -34.70
CA HIS OA 1014 58.17 9.16 -35.23
C HIS OA 1014 58.23 9.11 -36.75
N PRO OA 1015 57.22 9.61 -37.46
CA PRO OA 1015 57.32 9.70 -38.91
C PRO OA 1015 58.16 10.88 -39.34
N GLY OA 1016 58.23 11.15 -40.64
CA GLY OA 1016 59.04 12.24 -41.14
C GLY OA 1016 58.31 13.56 -41.24
N PHE OA 1017 57.69 13.98 -40.14
CA PHE OA 1017 57.00 15.27 -40.07
C PHE OA 1017 57.39 15.99 -38.80
N ALA OA 1018 56.99 17.25 -38.73
CA ALA OA 1018 57.13 18.05 -37.51
C ALA OA 1018 56.00 19.06 -37.52
N LEU OA 1019 54.92 18.74 -36.83
CA LEU OA 1019 53.76 19.61 -36.87
C LEU OA 1019 54.03 20.91 -36.12
N THR OA 1020 53.27 21.95 -36.47
CA THR OA 1020 53.37 23.26 -35.85
C THR OA 1020 52.01 23.59 -35.24
N VAL OA 1021 51.85 23.29 -33.95
CA VAL OA 1021 50.57 23.49 -33.30
C VAL OA 1021 50.23 24.98 -33.25
N VAL OA 1022 48.96 25.29 -33.46
CA VAL OA 1022 48.46 26.67 -33.43
C VAL OA 1022 47.19 26.70 -32.62
N ARG OA 1023 46.98 27.78 -31.87
CA ARG OA 1023 45.74 27.98 -31.12
C ARG OA 1023 45.62 29.45 -30.75
N GLN OA 1024 44.38 29.88 -30.52
CA GLN OA 1024 44.06 31.27 -30.27
C GLN OA 1024 43.43 31.40 -28.89
N ASP OA 1025 43.88 32.40 -28.13
CA ASP OA 1025 43.41 32.60 -26.77
C ASP OA 1025 42.94 34.03 -26.58
N ARG OA 1026 41.99 34.20 -25.66
CA ARG OA 1026 41.41 35.49 -25.33
C ARG OA 1026 41.66 35.83 -23.87
N PHE OA 1027 41.56 37.12 -23.56
CA PHE OA 1027 41.83 37.59 -22.21
C PHE OA 1027 40.90 38.74 -21.88
N ALA OA 1028 40.36 38.74 -20.68
CA ALA OA 1028 39.59 39.87 -20.19
C ALA OA 1028 40.54 40.85 -19.52
N THR OA 1029 40.55 42.08 -19.99
CA THR OA 1029 41.47 43.11 -19.50
C THR OA 1029 40.70 44.22 -18.82
N GLU OA 1030 41.44 45.09 -18.13
CA GLU OA 1030 40.88 46.27 -17.46
C GLU OA 1030 41.45 47.51 -18.13
N ASN OA 1031 40.70 48.09 -19.04
CA ASN OA 1031 41.21 49.17 -19.86
C ASN OA 1031 41.08 50.52 -19.17
N VAL OA 1032 41.69 51.53 -19.78
CA VAL OA 1032 41.62 52.91 -19.32
C VAL OA 1032 41.34 53.79 -20.53
N LEU OA 1033 40.10 54.23 -20.70
CA LEU OA 1033 39.71 55.00 -21.86
C LEU OA 1033 39.95 56.48 -21.61
N PHE OA 1034 40.16 57.23 -22.69
CA PHE OA 1034 40.36 58.67 -22.62
C PHE OA 1034 39.50 59.35 -23.67
N ALA OA 1035 39.13 60.61 -23.40
CA ALA OA 1035 38.36 61.39 -24.34
C ALA OA 1035 38.88 62.81 -24.35
N GLU OA 1036 38.13 63.75 -24.93
CA GLU OA 1036 38.60 65.11 -25.05
C GLU OA 1036 37.46 66.08 -24.75
N LYS OA 1037 37.76 67.37 -24.86
CA LYS OA 1037 36.85 68.41 -24.39
C LYS OA 1037 35.50 68.33 -25.08
N ALA OA 1038 35.49 68.11 -26.39
CA ALA OA 1038 34.24 67.93 -27.11
C ALA OA 1038 34.54 67.01 -28.30
N SER OA 1039 34.33 65.72 -28.10
CA SER OA 1039 34.72 64.74 -29.09
C SER OA 1039 33.57 64.27 -29.98
N GLU OA 1040 32.32 64.44 -29.54
CA GLU OA 1040 31.19 63.95 -30.31
C GLU OA 1040 30.05 64.96 -30.22
N SER OA 1041 29.53 65.37 -31.36
CA SER OA 1041 28.27 66.09 -31.39
C SER OA 1041 27.13 65.09 -31.28
N TYR OA 1042 26.13 65.43 -30.47
CA TYR OA 1042 25.11 64.47 -30.07
C TYR OA 1042 23.75 65.14 -30.10
N PHE OA 1043 22.77 64.50 -30.73
CA PHE OA 1043 21.44 65.07 -30.89
C PHE OA 1043 20.40 64.11 -30.37
N MET OA 1044 19.48 64.62 -29.55
CA MET OA 1044 18.40 63.82 -29.00
C MET OA 1044 17.07 64.26 -29.61
N GLY OA 1045 16.20 63.29 -29.85
CA GLY OA 1045 14.93 63.53 -30.50
C GLY OA 1045 13.80 63.69 -29.51
N GLN OA 1046 12.59 63.36 -29.96
CA GLN OA 1046 11.38 63.52 -29.16
C GLN OA 1046 10.76 62.15 -28.95
N MET OA 1047 10.58 61.77 -27.68
CA MET OA 1047 10.01 60.46 -27.38
C MET OA 1047 8.62 60.34 -27.98
N GLN OA 1048 8.27 59.12 -28.37
CA GLN OA 1048 6.95 58.86 -28.93
C GLN OA 1048 6.44 57.54 -28.38
N VAL OA 1049 5.18 57.51 -28.01
CA VAL OA 1049 4.56 56.32 -27.45
C VAL OA 1049 3.88 55.55 -28.56
N ALA OA 1050 3.63 54.26 -28.32
CA ALA OA 1050 2.91 53.43 -29.28
C ALA OA 1050 2.25 52.31 -28.48
N ARG OA 1051 0.97 52.46 -28.20
CA ARG OA 1051 0.24 51.55 -27.32
C ARG OA 1051 -0.49 50.50 -28.14
N THR OA 1052 -0.34 49.24 -27.75
CA THR OA 1052 -1.09 48.14 -28.34
C THR OA 1052 -1.59 47.25 -27.21
N GLU OA 1053 -2.89 46.98 -27.19
CA GLU OA 1053 -3.43 46.08 -26.19
C GLU OA 1053 -2.90 44.67 -26.42
N SER OA 1054 -2.66 43.95 -25.33
CA SER OA 1054 -2.14 42.59 -25.42
C SER OA 1054 -2.51 41.83 -24.17
N GLY OA 1055 -3.22 40.71 -24.35
CA GLY OA 1055 -3.63 39.91 -23.20
C GLY OA 1055 -4.59 40.63 -22.29
N GLY OA 1056 -5.52 41.39 -22.87
CA GLY OA 1056 -6.50 42.09 -22.07
C GLY OA 1056 -6.03 43.44 -21.57
N GLY OA 1057 -4.71 43.61 -21.48
CA GLY OA 1057 -4.16 44.84 -20.94
C GLY OA 1057 -3.28 45.60 -21.91
N LEU OA 1058 -3.11 46.90 -21.64
CA LEU OA 1058 -2.27 47.72 -22.49
C LEU OA 1058 -0.82 47.26 -22.43
N HIS OA 1059 -0.09 47.52 -23.50
CA HIS OA 1059 1.36 47.28 -23.52
C HIS OA 1059 1.99 48.48 -24.23
N LEU OA 1060 2.32 49.51 -23.46
CA LEU OA 1060 2.94 50.68 -24.03
C LEU OA 1060 4.36 50.37 -24.47
N GLN OA 1061 4.97 51.30 -25.18
CA GLN OA 1061 6.34 51.14 -25.64
C GLN OA 1061 6.92 52.49 -25.99
N LEU OA 1062 7.93 52.92 -25.24
CA LEU OA 1062 8.61 54.18 -25.48
C LEU OA 1062 9.75 54.00 -26.47
N THR OA 1063 10.10 55.07 -27.16
CA THR OA 1063 11.27 55.07 -28.03
C THR OA 1063 11.70 56.50 -28.26
N GLN OA 1064 12.93 56.65 -28.73
CA GLN OA 1064 13.53 57.96 -28.89
C GLN OA 1064 14.63 57.93 -29.94
N PRO OA 1065 14.46 58.61 -31.07
CA PRO OA 1065 15.51 58.61 -32.08
C PRO OA 1065 16.58 59.61 -31.72
N ARG OA 1066 17.84 59.22 -31.96
CA ARG OA 1066 18.96 60.08 -31.67
C ARG OA 1066 20.10 59.77 -32.63
N ALA OA 1067 20.84 60.81 -33.01
CA ALA OA 1067 21.93 60.69 -33.96
C ALA OA 1067 23.18 61.31 -33.37
N ASN OA 1068 24.34 60.82 -33.82
CA ASN OA 1068 25.60 61.32 -33.30
C ASN OA 1068 26.58 61.50 -34.45
N VAL OA 1069 27.68 62.19 -34.16
CA VAL OA 1069 28.77 62.34 -35.10
C VAL OA 1069 29.98 62.87 -34.35
N ASP OA 1070 31.16 62.40 -34.72
CA ASP OA 1070 32.39 62.99 -34.19
C ASP OA 1070 32.64 64.32 -34.88
N LEU OA 1071 33.19 65.28 -34.14
CA LEU OA 1071 33.47 66.60 -34.67
C LEU OA 1071 34.94 66.98 -34.48
N GLY OA 1072 35.81 65.99 -34.40
CA GLY OA 1072 37.22 66.26 -34.32
C GLY OA 1072 37.98 65.77 -35.53
N VAL OA 1073 38.87 66.61 -36.06
CA VAL OA 1073 39.79 66.15 -37.09
C VAL OA 1073 40.84 65.26 -36.45
N GLY OA 1074 41.24 64.20 -37.15
CA GLY OA 1074 42.16 63.27 -36.55
C GLY OA 1074 41.47 62.45 -35.47
N PHE OA 1075 42.23 62.11 -34.43
CA PHE OA 1075 41.71 61.31 -33.34
C PHE OA 1075 41.40 62.20 -32.13
N THR OA 1076 40.53 61.68 -31.26
CA THR OA 1076 40.21 62.36 -30.02
C THR OA 1076 40.11 61.41 -28.83
N ALA OA 1077 40.53 60.17 -28.96
CA ALA OA 1077 40.35 59.21 -27.88
C ALA OA 1077 41.32 58.05 -28.08
N ALA OA 1078 41.64 57.38 -26.97
CA ALA OA 1078 42.55 56.24 -26.99
C ALA OA 1078 42.49 55.53 -25.65
N TYR OA 1079 42.49 54.19 -25.70
CA TYR OA 1079 42.47 53.38 -24.49
C TYR OA 1079 43.80 52.64 -24.34
N ALA OA 1080 44.07 52.20 -23.12
CA ALA OA 1080 45.41 51.74 -22.76
C ALA OA 1080 45.50 50.29 -22.33
N ALA OA 1081 44.41 49.68 -21.84
CA ALA OA 1081 44.41 48.29 -21.39
C ALA OA 1081 45.46 48.06 -20.30
N ALA OA 1082 45.26 48.72 -19.17
CA ALA OA 1082 46.23 48.70 -18.09
C ALA OA 1082 46.44 47.33 -17.48
N ALA OA 1083 45.43 46.81 -16.79
CA ALA OA 1083 45.59 45.61 -15.99
C ALA OA 1083 45.10 44.38 -16.75
N LEU OA 1084 45.02 43.26 -16.06
CA LEU OA 1084 44.66 41.99 -16.68
C LEU OA 1084 43.81 41.19 -15.71
N ARG OA 1085 42.54 40.99 -16.03
CA ARG OA 1085 41.69 40.09 -15.27
C ARG OA 1085 42.07 38.65 -15.62
N ALA OA 1086 41.28 37.70 -15.13
CA ALA OA 1086 41.59 36.31 -15.39
C ALA OA 1086 41.39 36.00 -16.87
N PRO OA 1087 42.31 35.25 -17.49
CA PRO OA 1087 42.12 34.84 -18.89
C PRO OA 1087 40.84 34.04 -19.05
N VAL OA 1088 40.01 34.47 -19.99
CA VAL OA 1088 38.68 33.88 -20.12
C VAL OA 1088 38.76 32.47 -20.69
N THR OA 1089 39.57 32.26 -21.71
CA THR OA 1089 39.65 30.94 -22.31
C THR OA 1089 40.66 30.09 -21.58
N ASP OA 1090 40.39 28.79 -21.56
CA ASP OA 1090 41.39 27.84 -21.11
C ASP OA 1090 42.62 27.94 -21.99
N MET OA 1091 43.76 27.52 -21.46
CA MET OA 1091 44.98 27.44 -22.24
C MET OA 1091 45.42 26.01 -22.47
N GLY OA 1092 44.53 25.05 -22.23
CA GLY OA 1092 44.85 23.65 -22.38
C GLY OA 1092 44.94 23.22 -23.83
N ASN OA 1093 44.65 21.94 -24.10
CA ASN OA 1093 44.72 21.42 -25.45
C ASN OA 1093 43.43 20.67 -25.77
N LEU OA 1094 42.99 20.80 -27.03
CA LEU OA 1094 41.79 20.10 -27.50
C LEU OA 1094 41.96 19.90 -28.98
N PRO OA 1095 42.51 18.77 -29.40
CA PRO OA 1095 42.80 18.56 -30.82
C PRO OA 1095 41.53 18.67 -31.66
N GLN OA 1096 41.69 19.26 -32.84
CA GLN OA 1096 40.56 19.47 -33.74
C GLN OA 1096 40.37 18.25 -34.63
N ASN OA 1097 39.28 17.53 -34.42
CA ASN OA 1097 38.91 16.40 -35.26
C ASN OA 1097 38.25 16.92 -36.52
N LEU OA 1098 38.69 16.41 -37.67
CA LEU OA 1098 38.14 16.84 -38.94
C LEU OA 1098 36.87 16.09 -39.32
N PHE OA 1099 36.59 14.95 -38.69
CA PHE OA 1099 35.38 14.21 -39.00
C PHE OA 1099 34.11 14.95 -38.61
N ALA OA 1100 34.22 16.14 -38.04
CA ALA OA 1100 33.06 16.95 -37.71
C ALA OA 1100 32.64 17.85 -38.87
N THR OA 1101 33.30 17.77 -40.01
CA THR OA 1101 32.99 18.64 -41.14
C THR OA 1101 32.52 17.81 -42.32
N ARG OA 1102 32.11 18.52 -43.37
CA ARG OA 1102 31.59 17.92 -44.58
C ARG OA 1102 32.36 18.48 -45.77
N GLY OA 1103 32.31 17.74 -46.87
CA GLY OA 1103 32.96 18.18 -48.09
C GLY OA 1103 34.20 17.41 -48.47
N ALA OA 1104 34.47 16.29 -47.85
CA ALA OA 1104 35.63 15.51 -48.26
C ALA OA 1104 35.17 14.25 -48.98
N PRO OA 1105 35.68 13.97 -50.17
CA PRO OA 1105 35.27 12.78 -50.92
C PRO OA 1105 35.71 11.51 -50.19
N PRO OA 1106 34.78 10.69 -49.75
CA PRO OA 1106 35.15 9.52 -48.95
C PRO OA 1106 35.93 8.51 -49.78
N MET OA 1107 36.43 7.50 -49.09
CA MET OA 1107 37.28 6.49 -49.72
C MET OA 1107 36.43 5.58 -50.60
N LEU OA 1108 37.06 4.54 -51.15
CA LEU OA 1108 36.33 3.56 -51.94
C LEU OA 1108 35.71 2.49 -51.06
N ASP OA 1109 36.53 1.81 -50.26
CA ASP OA 1109 36.02 0.79 -49.34
C ASP OA 1109 35.32 1.46 -48.17
N ALA OA 1110 34.01 1.23 -48.04
CA ALA OA 1110 33.27 1.79 -46.91
C ALA OA 1110 33.77 1.25 -45.58
N ASP OA 1111 34.25 0.00 -45.57
CA ASP OA 1111 34.76 -0.57 -44.33
C ASP OA 1111 35.93 0.24 -43.79
N ALA OA 1112 36.84 0.67 -44.66
CA ALA OA 1112 37.93 1.53 -44.21
C ALA OA 1112 37.40 2.82 -43.60
N ASP OA 1113 36.36 3.39 -44.22
CA ASP OA 1113 35.84 4.67 -43.76
C ASP OA 1113 35.24 4.55 -42.36
N ASP OA 1114 34.33 3.59 -42.16
CA ASP OA 1114 33.76 3.49 -40.84
C ASP OA 1114 34.74 2.93 -39.83
N TYR OA 1115 35.77 2.19 -40.26
CA TYR OA 1115 36.84 1.80 -39.36
C TYR OA 1115 37.59 3.01 -38.85
N LEU OA 1116 37.92 3.94 -39.74
CA LEU OA 1116 38.55 5.18 -39.32
C LEU OA 1116 37.65 5.95 -38.35
N ARG OA 1117 36.37 6.09 -38.72
CA ARG OA 1117 35.44 6.82 -37.86
C ARG OA 1117 35.32 6.17 -36.49
N ARG OA 1118 35.47 4.85 -36.42
CA ARG OA 1118 35.34 4.17 -35.13
C ARG OA 1118 36.64 4.20 -34.34
N THR OA 1119 37.78 4.31 -35.01
CA THR OA 1119 39.05 4.30 -34.30
C THR OA 1119 39.57 5.69 -33.98
N VAL OA 1120 38.94 6.74 -34.51
CA VAL OA 1120 39.31 8.10 -34.16
C VAL OA 1120 38.31 8.73 -33.20
N ASN OA 1121 37.01 8.51 -33.44
CA ASN OA 1121 35.99 9.11 -32.59
C ASN OA 1121 35.87 8.43 -31.23
N ALA OA 1122 36.51 7.28 -31.05
CA ALA OA 1122 36.46 6.62 -29.75
C ALA OA 1122 37.25 7.43 -28.75
N GLY OA 1123 36.60 7.88 -27.69
CA GLY OA 1123 37.27 8.65 -26.67
C GLY OA 1123 37.73 10.01 -27.18
N ASN OA 1124 36.79 10.90 -27.45
CA ASN OA 1124 37.12 12.22 -27.95
C ASN OA 1124 36.06 13.21 -27.49
N ARG OA 1125 36.50 14.37 -27.02
CA ARG OA 1125 35.55 15.41 -26.62
C ARG OA 1125 35.06 16.12 -27.86
N LEU OA 1126 34.61 15.35 -28.84
CA LEU OA 1126 34.22 15.84 -30.15
C LEU OA 1126 33.54 14.68 -30.87
N ALA OA 1127 33.39 14.75 -32.19
CA ALA OA 1127 32.81 13.66 -32.96
C ALA OA 1127 31.37 13.42 -32.53
N PRO OA 1128 30.46 14.28 -32.95
CA PRO OA 1128 29.09 14.26 -32.41
C PRO OA 1128 28.40 12.93 -32.48
N VAL OA 1129 27.39 12.76 -31.63
CA VAL OA 1129 26.57 11.55 -31.59
C VAL OA 1129 25.78 11.46 -32.89
N PRO OA 1130 25.21 10.30 -33.23
CA PRO OA 1130 24.35 10.22 -34.40
C PRO OA 1130 23.04 10.96 -34.20
N VAL OA 1131 23.14 12.23 -33.78
CA VAL OA 1131 21.95 13.06 -33.61
C VAL OA 1131 21.34 13.36 -34.98
N PHE OA 1132 20.07 13.77 -34.97
CA PHE OA 1132 19.37 14.04 -36.21
C PHE OA 1132 19.90 15.30 -36.87
N GLY OA 1133 20.84 15.12 -37.80
CA GLY OA 1133 21.31 16.15 -38.72
C GLY OA 1133 21.80 17.42 -38.02
N GLN OA 1134 22.02 17.38 -36.71
CA GLN OA 1134 22.49 18.57 -36.01
C GLN OA 1134 24.00 18.70 -36.02
N MET OA 1135 24.73 17.58 -35.92
CA MET OA 1135 26.18 17.55 -36.10
C MET OA 1135 26.89 18.42 -35.07
N LEU OA 1136 26.59 18.19 -33.80
CA LEU OA 1136 27.19 18.97 -32.74
C LEU OA 1136 27.57 18.05 -31.59
N PRO OA 1137 28.78 18.16 -31.06
CA PRO OA 1137 29.20 17.26 -29.99
C PRO OA 1137 28.42 17.53 -28.72
N GLN OA 1138 28.15 16.46 -27.98
CA GLN OA 1138 27.26 16.55 -26.83
C GLN OA 1138 27.84 17.46 -25.76
N VAL OA 1139 26.95 18.08 -25.00
CA VAL OA 1139 27.35 19.05 -23.98
C VAL OA 1139 28.08 18.32 -22.86
N PRO OA 1140 29.21 18.82 -22.38
CA PRO OA 1140 29.95 18.11 -21.33
C PRO OA 1140 29.37 18.38 -19.97
N ALA OA 1141 29.50 17.39 -19.09
CA ALA OA 1141 28.98 17.48 -17.74
C ALA OA 1141 29.99 18.23 -16.88
N GLY OA 1142 29.82 19.54 -16.80
CA GLY OA 1142 30.62 20.34 -15.89
C GLY OA 1142 31.94 20.82 -16.43
N LEU OA 1143 32.16 22.13 -16.36
CA LEU OA 1143 33.42 22.74 -16.75
C LEU OA 1143 34.34 22.85 -15.54
N ALA OA 1144 35.62 23.05 -15.82
CA ALA OA 1144 36.60 23.25 -14.77
C ALA OA 1144 37.27 24.60 -14.85
N ARG OA 1145 37.74 24.99 -16.02
CA ARG OA 1145 38.39 26.28 -16.24
C ARG OA 1145 37.69 26.95 -17.41
N GLY OA 1146 38.27 28.00 -17.96
CA GLY OA 1146 37.64 28.71 -19.06
C GLY OA 1146 37.27 27.82 -20.24
N GLN OA 1147 36.51 28.36 -21.18
CA GLN OA 1147 36.06 27.55 -22.32
C GLN OA 1147 37.25 26.95 -23.04
N GLN OA 1148 37.14 25.66 -23.37
CA GLN OA 1148 38.27 24.90 -23.89
C GLN OA 1148 38.49 25.27 -25.35
N SER OA 1149 39.60 25.94 -25.64
CA SER OA 1149 39.92 26.34 -27.00
C SER OA 1149 40.23 25.10 -27.84
N VAL OA 1150 40.55 25.31 -29.11
CA VAL OA 1150 40.85 24.22 -30.02
C VAL OA 1150 42.25 24.42 -30.58
N CYS OA 1151 42.96 23.31 -30.75
CA CYS OA 1151 44.31 23.32 -31.29
C CYS OA 1151 44.29 22.80 -32.73
N GLU OA 1152 45.42 22.93 -33.39
CA GLU OA 1152 45.51 22.68 -34.82
C GLU OA 1152 46.91 22.18 -35.16
N PHE OA 1153 47.02 21.38 -36.22
CA PHE OA 1153 48.29 20.79 -36.59
C PHE OA 1153 48.58 21.04 -38.06
N ILE OA 1154 49.78 21.56 -38.35
CA ILE OA 1154 50.20 21.86 -39.70
C ILE OA 1154 51.48 21.09 -39.99
N ALA OA 1155 51.47 20.31 -41.07
CA ALA OA 1155 52.64 19.52 -41.43
C ALA OA 1155 53.80 20.42 -41.82
N THR OA 1156 55.02 19.97 -41.50
CA THR OA 1156 56.19 20.79 -41.74
C THR OA 1156 57.42 19.91 -41.84
N PRO OA 1157 58.29 20.12 -42.82
CA PRO OA 1157 59.47 19.26 -42.95
C PRO OA 1157 60.31 19.26 -41.68
N VAL OA 1158 60.90 18.11 -41.39
CA VAL OA 1158 61.65 17.93 -40.16
C VAL OA 1158 62.92 18.77 -40.14
N SER OA 1159 63.45 19.11 -41.31
CA SER OA 1159 64.65 19.93 -41.39
C SER OA 1159 64.37 21.42 -41.26
N VAL OA 1160 63.17 21.81 -40.85
CA VAL OA 1160 62.87 23.21 -40.69
C VAL OA 1160 63.77 23.81 -39.61
N ASP OA 1161 64.08 25.09 -39.74
CA ASP OA 1161 64.93 25.76 -38.78
C ASP OA 1161 64.22 25.87 -37.44
N LEU OA 1162 64.94 25.55 -36.37
CA LEU OA 1162 64.38 25.73 -35.04
C LEU OA 1162 64.35 27.20 -34.64
N ALA OA 1163 65.30 28.00 -35.15
CA ALA OA 1163 65.30 29.42 -34.83
C ALA OA 1163 64.05 30.11 -35.32
N TYR OA 1164 63.35 29.54 -36.30
CA TYR OA 1164 62.19 30.21 -36.87
C TYR OA 1164 61.11 30.43 -35.84
N PHE OA 1165 61.00 29.55 -34.85
CA PHE OA 1165 59.99 29.68 -33.80
C PHE OA 1165 60.55 30.30 -32.54
N ARG OA 1166 61.71 30.95 -32.61
CA ARG OA 1166 62.29 31.54 -31.41
C ARG OA 1166 61.71 32.92 -31.13
N ARG OA 1167 61.62 33.76 -32.14
CA ARG OA 1167 60.95 35.04 -32.03
C ARG OA 1167 59.51 34.89 -32.49
N ALA OA 1168 58.82 36.01 -32.63
CA ALA OA 1168 57.52 35.99 -33.27
C ALA OA 1168 57.67 35.49 -34.69
N CYS OA 1169 56.79 34.57 -35.10
CA CYS OA 1169 56.87 34.02 -36.45
C CYS OA 1169 55.48 33.85 -37.04
N ASN OA 1170 55.41 33.39 -38.28
CA ASN OA 1170 54.18 33.24 -39.01
C ASN OA 1170 53.96 31.76 -39.32
N PRO OA 1171 52.76 31.23 -39.08
CA PRO OA 1171 52.57 29.78 -39.29
C PRO OA 1171 52.69 29.38 -40.74
N ARG OA 1172 52.29 30.27 -41.66
CA ARG OA 1172 52.31 29.93 -43.08
C ARG OA 1172 53.70 29.53 -43.54
N GLY OA 1173 54.74 30.03 -42.90
CA GLY OA 1173 56.10 29.82 -43.32
C GLY OA 1173 56.63 31.05 -44.03
N ARG OA 1174 55.80 31.64 -44.88
CA ARG OA 1174 56.12 32.93 -45.49
C ARG OA 1174 55.75 34.02 -44.51
N ALA OA 1175 55.74 35.27 -44.96
CA ALA OA 1175 55.34 36.40 -44.13
C ALA OA 1175 54.42 37.31 -44.92
N ALA OA 1176 53.40 36.71 -45.55
CA ALA OA 1176 52.59 37.43 -46.52
C ALA OA 1176 51.96 38.70 -45.97
N GLY OA 1177 51.01 38.55 -45.05
CA GLY OA 1177 50.36 39.70 -44.45
C GLY OA 1177 49.83 40.73 -45.43
N GLU OA 1178 49.56 41.92 -44.93
CA GLU OA 1178 49.26 43.08 -45.76
C GLU OA 1178 50.10 44.29 -45.39
N VAL OA 1179 50.34 44.51 -44.10
CA VAL OA 1179 50.90 45.77 -43.66
C VAL OA 1179 52.34 45.94 -44.16
N HIS OA 1180 53.13 44.87 -44.17
CA HIS OA 1180 54.49 44.93 -44.69
C HIS OA 1180 54.52 44.12 -45.99
N GLY OA 1181 54.47 44.85 -47.11
CA GLY OA 1181 54.40 44.25 -48.42
C GLY OA 1181 53.11 44.63 -49.12
N GLU OA 1182 53.12 44.67 -50.43
CA GLU OA 1182 51.94 44.94 -51.23
C GLU OA 1182 51.33 43.62 -51.71
N GLU OA 1183 50.38 43.70 -52.64
CA GLU OA 1183 49.71 42.52 -53.15
C GLU OA 1183 50.68 41.60 -53.86
N GLY OA 1184 50.23 40.38 -54.15
CA GLY OA 1184 51.03 39.42 -54.85
C GLY OA 1184 52.10 38.78 -54.01
N LEU OA 1185 52.49 39.47 -52.93
CA LEU OA 1185 53.48 38.92 -52.01
C LEU OA 1185 53.02 37.61 -51.39
N MET OA 1186 51.71 37.38 -51.34
CA MET OA 1186 51.20 36.25 -50.59
C MET OA 1186 51.53 34.91 -51.24
N PHE OA 1187 51.63 34.87 -52.56
CA PHE OA 1187 51.77 33.57 -53.22
C PHE OA 1187 52.93 33.49 -54.19
N ASP OA 1188 53.24 34.57 -54.90
CA ASP OA 1188 54.26 34.53 -55.94
C ASP OA 1188 55.64 34.30 -55.32
N HIS OA 1189 56.25 33.15 -55.62
CA HIS OA 1189 57.49 32.75 -54.98
C HIS OA 1189 58.73 33.12 -55.79
N SER OA 1190 58.59 34.01 -56.76
CA SER OA 1190 59.77 34.52 -57.44
C SER OA 1190 60.52 35.55 -56.61
N HIS OA 1191 59.85 36.20 -55.66
CA HIS OA 1191 60.47 37.15 -54.76
C HIS OA 1191 60.64 36.51 -53.39
N ALA OA 1192 61.69 36.91 -52.69
CA ALA OA 1192 62.03 36.27 -51.44
C ALA OA 1192 61.10 36.71 -50.31
N ASP OA 1193 61.10 35.92 -49.25
CA ASP OA 1193 60.36 36.26 -48.04
C ASP OA 1193 60.90 37.57 -47.48
N PRO OA 1194 60.05 38.57 -47.26
CA PRO OA 1194 60.54 39.81 -46.63
C PRO OA 1194 61.15 39.58 -45.26
N ALA OA 1195 60.45 38.85 -44.37
CA ALA OA 1195 60.94 38.67 -43.01
C ALA OA 1195 62.33 38.04 -43.00
N HIS OA 1196 62.45 36.82 -43.51
CA HIS OA 1196 63.74 36.16 -43.64
C HIS OA 1196 64.11 36.15 -45.11
N PRO OA 1197 65.02 37.02 -45.56
CA PRO OA 1197 65.21 37.21 -47.00
C PRO OA 1197 66.12 36.21 -47.67
N HIS OA 1198 66.83 35.35 -46.94
CA HIS OA 1198 67.67 34.35 -47.60
C HIS OA 1198 66.83 33.42 -48.46
N ARG OA 1199 65.99 32.62 -47.82
CA ARG OA 1199 65.22 31.62 -48.51
C ARG OA 1199 64.04 32.26 -49.23
N ALA OA 1200 63.25 31.44 -49.89
CA ALA OA 1200 61.98 31.88 -50.45
C ALA OA 1200 60.82 31.62 -49.54
N THR OA 1201 60.94 30.64 -48.65
CA THR OA 1201 59.92 30.30 -47.68
C THR OA 1201 60.58 29.51 -46.57
N ALA OA 1202 59.79 28.88 -45.73
CA ALA OA 1202 60.31 27.93 -44.75
C ALA OA 1202 59.47 26.68 -44.63
N ASN OA 1203 58.43 26.53 -45.44
CA ASN OA 1203 57.54 25.39 -45.42
C ASN OA 1203 56.81 25.32 -46.76
N PRO OA 1204 57.41 24.71 -47.77
CA PRO OA 1204 56.75 24.65 -49.08
C PRO OA 1204 55.34 24.08 -49.01
N TRP OA 1205 55.14 23.05 -48.20
CA TRP OA 1205 53.83 22.41 -48.11
C TRP OA 1205 52.76 23.33 -47.57
N ALA OA 1206 53.14 24.41 -46.88
CA ALA OA 1206 52.14 25.27 -46.25
C ALA OA 1206 52.21 26.70 -46.77
N SER OA 1207 52.85 26.91 -47.91
CA SER OA 1207 52.97 28.25 -48.46
C SER OA 1207 52.47 28.36 -49.89
N GLN OA 1208 52.72 27.35 -50.72
CA GLN OA 1208 52.35 27.41 -52.12
C GLN OA 1208 50.83 27.46 -52.27
N ARG OA 1209 50.37 28.16 -53.30
CA ARG OA 1209 48.96 28.10 -53.63
C ARG OA 1209 48.60 26.69 -54.08
N HIS OA 1210 47.42 26.24 -53.67
CA HIS OA 1210 46.96 24.88 -53.95
C HIS OA 1210 47.90 23.84 -53.35
N SER OA 1211 48.54 24.18 -52.23
CA SER OA 1211 49.33 23.19 -51.53
C SER OA 1211 48.44 22.35 -50.62
N TYR OA 1212 49.07 21.50 -49.82
CA TYR OA 1212 48.29 20.64 -48.92
C TYR OA 1212 47.60 21.47 -47.85
N ALA OA 1213 48.38 22.19 -47.05
CA ALA OA 1213 47.82 22.98 -45.97
C ALA OA 1213 46.79 23.97 -46.48
N ASP OA 1214 47.00 24.49 -47.70
CA ASP OA 1214 46.06 25.46 -48.24
C ASP OA 1214 44.68 24.84 -48.43
N ARG OA 1215 44.62 23.63 -48.99
CA ARG OA 1215 43.34 22.98 -49.22
C ARG OA 1215 42.65 22.56 -47.92
N LEU OA 1216 43.21 22.91 -46.77
CA LEU OA 1216 42.58 22.61 -45.49
C LEU OA 1216 42.12 23.83 -44.73
N TYR OA 1217 42.76 24.97 -44.93
CA TYR OA 1217 42.47 26.12 -44.08
C TYR OA 1217 42.40 27.40 -44.91
N ASN OA 1218 41.94 27.28 -46.14
CA ASN OA 1218 41.71 28.47 -46.95
C ASN OA 1218 40.24 28.87 -46.89
N GLY OA 1219 39.98 30.11 -47.27
CA GLY OA 1219 38.63 30.64 -47.15
C GLY OA 1219 37.68 30.11 -48.19
N GLN OA 1220 38.15 29.91 -49.42
CA GLN OA 1220 37.27 29.66 -50.55
C GLN OA 1220 37.32 28.21 -51.02
N TYR OA 1221 37.72 27.27 -50.18
CA TYR OA 1221 37.72 25.87 -50.55
C TYR OA 1221 36.75 25.03 -49.72
N ASN OA 1222 36.11 25.63 -48.71
CA ASN OA 1222 34.92 25.09 -48.06
C ASN OA 1222 35.19 23.71 -47.43
N MET OA 1223 36.06 23.73 -46.42
CA MET OA 1223 36.20 22.61 -45.49
C MET OA 1223 35.55 22.93 -44.16
N SER OA 1224 34.60 23.87 -44.16
CA SER OA 1224 34.10 24.45 -42.93
C SER OA 1224 33.35 23.42 -42.08
N GLY OA 1225 33.47 23.57 -40.77
CA GLY OA 1225 32.74 22.76 -39.83
C GLY OA 1225 32.33 23.58 -38.63
N PRO OA 1226 31.57 23.00 -37.71
CA PRO OA 1226 31.11 23.77 -36.55
C PRO OA 1226 32.22 24.24 -35.64
N ALA OA 1227 33.36 23.55 -35.62
CA ALA OA 1227 34.47 23.96 -34.78
C ALA OA 1227 35.14 25.22 -35.33
N TYR OA 1228 35.73 25.99 -34.43
CA TYR OA 1228 36.44 27.20 -34.83
C TYR OA 1228 37.85 26.85 -35.30
N SER OA 1229 38.31 27.57 -36.31
CA SER OA 1229 39.63 27.31 -36.87
C SER OA 1229 40.55 28.47 -36.53
N PRO OA 1230 41.57 28.25 -35.69
CA PRO OA 1230 42.42 29.38 -35.29
C PRO OA 1230 43.20 29.95 -36.46
N CYS OA 1231 43.75 29.10 -37.31
CA CYS OA 1231 44.60 29.53 -38.40
C CYS OA 1231 43.81 29.95 -39.63
N PHE OA 1232 42.52 30.21 -39.48
CA PHE OA 1232 41.72 30.64 -40.62
C PHE OA 1232 42.13 32.04 -41.10
N LYS OA 1233 42.66 32.85 -40.20
CA LYS OA 1233 43.01 34.22 -40.56
C LYS OA 1233 44.43 34.34 -41.10
N PHE OA 1234 45.14 33.23 -41.28
CA PHE OA 1234 46.46 33.24 -41.90
C PHE OA 1234 46.41 32.79 -43.34
N PHE OA 1235 45.81 31.64 -43.62
CA PHE OA 1235 45.78 31.08 -44.96
C PHE OA 1235 44.69 31.65 -45.84
N THR OA 1236 43.95 32.66 -45.38
CA THR OA 1236 42.84 33.18 -46.16
C THR OA 1236 43.10 34.62 -46.56
N PRO OA 1237 43.17 34.93 -47.85
CA PRO OA 1237 43.39 36.31 -48.29
C PRO OA 1237 42.13 37.13 -48.47
N ALA OA 1238 40.98 36.65 -48.01
CA ALA OA 1238 39.70 37.30 -48.28
C ALA OA 1238 39.68 38.77 -47.86
N GLU OA 1239 40.62 39.18 -47.00
CA GLU OA 1239 40.79 40.59 -46.70
C GLU OA 1239 41.39 41.37 -47.86
N ALA OA 1240 41.57 40.74 -49.02
CA ALA OA 1240 42.13 41.41 -50.18
C ALA OA 1240 41.08 42.12 -51.02
N VAL OA 1241 39.80 42.05 -50.65
CA VAL OA 1241 38.76 42.76 -51.40
C VAL OA 1241 38.46 44.12 -50.76
N ALA OA 1242 38.45 44.20 -49.43
CA ALA OA 1242 38.27 45.47 -48.73
C ALA OA 1242 39.62 45.99 -48.29
N LYS OA 1243 40.37 46.51 -49.27
CA LYS OA 1243 41.71 47.01 -48.98
C LYS OA 1243 41.63 48.37 -48.29
N SER OA 1244 42.60 48.62 -47.42
CA SER OA 1244 42.69 49.87 -46.69
C SER OA 1244 43.73 50.77 -47.34
N ARG OA 1245 43.35 52.04 -47.54
CA ARG OA 1245 44.25 52.97 -48.21
C ARG OA 1245 45.32 53.49 -47.26
N GLY OA 1246 44.91 54.20 -46.21
CA GLY OA 1246 45.83 54.77 -45.25
C GLY OA 1246 46.02 53.86 -44.06
N LEU OA 1247 47.24 53.85 -43.52
CA LEU OA 1247 47.52 53.07 -42.32
C LEU OA 1247 46.66 53.51 -41.15
N ALA OA 1248 46.18 54.75 -41.16
CA ALA OA 1248 45.32 55.21 -40.09
C ALA OA 1248 44.03 54.40 -40.02
N ARG OA 1249 43.43 54.13 -41.17
CA ARG OA 1249 42.25 53.26 -41.19
C ARG OA 1249 42.59 51.86 -40.70
N LEU OA 1250 43.75 51.35 -41.10
CA LEU OA 1250 44.17 50.03 -40.67
C LEU OA 1250 44.32 49.95 -39.16
N ILE OA 1251 44.79 51.04 -38.55
CA ILE OA 1251 44.89 51.10 -37.10
C ILE OA 1251 43.50 51.19 -36.48
N ALA OA 1252 42.64 52.03 -37.04
CA ALA OA 1252 41.29 52.17 -36.51
C ALA OA 1252 40.52 50.86 -36.55
N ASP OA 1253 40.88 49.97 -37.47
CA ASP OA 1253 40.30 48.63 -37.46
C ASP OA 1253 40.59 47.94 -36.13
N THR OA 1254 41.85 47.90 -35.74
CA THR OA 1254 42.22 47.34 -34.44
C THR OA 1254 41.57 48.15 -33.34
N GLY OA 1255 40.98 47.46 -32.37
CA GLY OA 1255 40.16 48.10 -31.36
C GLY OA 1255 38.69 48.19 -31.74
N ALA OA 1256 38.31 47.71 -32.93
CA ALA OA 1256 36.92 47.73 -33.34
C ALA OA 1256 36.47 46.40 -33.96
N ALA OA 1257 37.29 45.37 -33.90
CA ALA OA 1257 36.99 44.12 -34.60
C ALA OA 1257 35.86 43.37 -33.90
N ALA OA 1258 35.31 42.40 -34.62
CA ALA OA 1258 34.27 41.52 -34.11
C ALA OA 1258 34.86 40.17 -33.75
N SER OA 1259 34.24 39.51 -32.77
CA SER OA 1259 34.75 38.24 -32.27
C SER OA 1259 34.19 37.10 -33.09
N PRO OA 1260 35.02 36.34 -33.82
CA PRO OA 1260 34.50 35.22 -34.60
C PRO OA 1260 34.28 33.96 -33.79
N THR OA 1261 34.58 33.98 -32.49
CA THR OA 1261 34.42 32.80 -31.64
C THR OA 1261 33.21 32.93 -30.73
N SER OA 1262 32.64 31.80 -30.38
CA SER OA 1262 31.40 31.77 -29.62
C SER OA 1262 31.69 32.03 -28.14
N ASN OA 1263 30.69 31.80 -27.29
CA ASN OA 1263 30.84 32.00 -25.85
C ASN OA 1263 30.42 30.79 -25.03
N GLY OA 1264 30.03 29.70 -25.66
CA GLY OA 1264 29.63 28.50 -24.93
C GLY OA 1264 30.77 27.80 -24.25
N GLU OA 1265 30.59 26.52 -23.92
CA GLU OA 1265 31.66 25.78 -23.25
C GLU OA 1265 32.77 25.41 -24.22
N TYR OA 1266 32.49 25.37 -25.52
CA TYR OA 1266 33.51 25.09 -26.52
C TYR OA 1266 33.66 26.30 -27.43
N GLN OA 1267 34.72 26.28 -28.23
CA GLN OA 1267 35.08 27.39 -29.09
C GLN OA 1267 34.54 27.10 -30.50
N PHE OA 1268 33.36 27.65 -30.79
CA PHE OA 1268 32.71 27.43 -32.07
C PHE OA 1268 32.67 28.72 -32.86
N LYS OA 1269 32.30 28.60 -34.13
CA LYS OA 1269 32.02 29.78 -34.94
C LYS OA 1269 30.89 30.58 -34.31
N ARG OA 1270 31.09 31.87 -34.17
CA ARG OA 1270 30.11 32.70 -33.47
C ARG OA 1270 28.79 32.66 -34.20
N PRO OA 1271 27.67 32.44 -33.51
CA PRO OA 1271 26.37 32.65 -34.14
C PRO OA 1271 26.21 34.12 -34.50
N VAL OA 1272 25.59 34.36 -35.66
CA VAL OA 1272 25.50 35.69 -36.23
C VAL OA 1272 24.77 36.69 -35.35
N GLY OA 1273 24.13 36.25 -34.28
CA GLY OA 1273 23.28 37.12 -33.49
C GLY OA 1273 23.97 38.18 -32.68
N ALA OA 1274 24.73 37.78 -31.65
CA ALA OA 1274 25.13 38.70 -30.59
C ALA OA 1274 26.06 39.79 -31.11
N GLY OA 1275 27.23 39.40 -31.59
CA GLY OA 1275 28.24 40.38 -31.96
C GLY OA 1275 28.89 40.96 -30.72
N GLU OA 1276 30.20 41.18 -30.77
CA GLU OA 1276 30.91 41.67 -29.59
C GLU OA 1276 32.23 42.29 -30.02
N LEU OA 1277 32.65 43.28 -29.26
CA LEU OA 1277 33.92 43.94 -29.52
C LEU OA 1277 35.07 43.07 -29.04
N VAL OA 1278 36.18 43.15 -29.77
CA VAL OA 1278 37.42 42.47 -29.40
C VAL OA 1278 38.54 43.09 -30.22
N GLU OA 1279 39.72 43.18 -29.62
CA GLU OA 1279 40.89 43.73 -30.27
C GLU OA 1279 41.94 42.64 -30.41
N ASP OA 1280 42.66 42.64 -31.53
CA ASP OA 1280 43.73 41.68 -31.70
C ASP OA 1280 44.82 42.27 -32.59
N PRO OA 1281 46.08 42.18 -32.18
CA PRO OA 1281 47.16 42.63 -33.05
C PRO OA 1281 47.50 41.64 -34.14
N CYS OA 1282 47.12 40.38 -33.98
CA CYS OA 1282 47.47 39.36 -34.96
C CYS OA 1282 46.87 39.69 -36.32
N ALA OA 1283 45.57 40.00 -36.35
CA ALA OA 1283 44.89 40.32 -37.59
C ALA OA 1283 45.50 41.52 -38.30
N LEU OA 1284 46.43 42.23 -37.67
CA LEU OA 1284 47.14 43.32 -38.30
C LEU OA 1284 48.53 42.92 -38.77
N PHE OA 1285 49.20 42.03 -38.04
CA PHE OA 1285 50.56 41.66 -38.36
C PHE OA 1285 50.67 40.29 -39.02
N GLN OA 1286 49.62 39.47 -38.97
CA GLN OA 1286 49.67 38.10 -39.44
C GLN OA 1286 50.86 37.37 -38.81
N GLU OA 1287 50.80 37.25 -37.49
CA GLU OA 1287 51.94 36.77 -36.73
C GLU OA 1287 51.45 35.95 -35.54
N ALA OA 1288 52.33 35.10 -35.03
CA ALA OA 1288 52.04 34.31 -33.85
C ALA OA 1288 53.18 34.47 -32.85
N TYR OA 1289 52.89 34.18 -31.59
CA TYR OA 1289 53.86 34.35 -30.54
C TYR OA 1289 54.14 33.01 -29.87
N PRO OA 1290 55.40 32.66 -29.66
CA PRO OA 1290 55.72 31.38 -29.03
C PRO OA 1290 55.65 31.49 -27.52
N PRO OA 1291 54.92 30.61 -26.87
CA PRO OA 1291 54.83 30.64 -25.41
C PRO OA 1291 55.92 29.78 -24.79
N LEU OA 1292 56.03 29.87 -23.47
CA LEU OA 1292 57.01 29.06 -22.75
C LEU OA 1292 56.67 27.59 -22.91
N CYS OA 1293 57.45 26.88 -23.71
CA CYS OA 1293 57.21 25.47 -23.98
C CYS OA 1293 58.55 24.79 -24.19
N ALA OA 1294 58.57 23.49 -23.95
CA ALA OA 1294 59.80 22.72 -24.05
C ALA OA 1294 59.47 21.31 -24.50
N SER OA 1295 60.50 20.60 -24.98
CA SER OA 1295 60.33 19.27 -25.50
C SER OA 1295 60.63 18.18 -24.47
N ASP OA 1296 60.68 18.55 -23.19
CA ASP OA 1296 60.86 17.56 -22.13
C ASP OA 1296 60.52 18.18 -20.77
N SER OA 1297 59.69 17.49 -20.00
CA SER OA 1297 59.23 18.01 -18.72
C SER OA 1297 60.37 18.26 -17.74
N ALA OA 1298 61.59 17.84 -18.06
CA ALA OA 1298 62.72 18.03 -17.17
C ALA OA 1298 63.42 19.36 -17.40
N LEU OA 1299 63.07 20.10 -18.45
CA LEU OA 1299 63.63 21.43 -18.66
C LEU OA 1299 62.81 22.52 -18.00
N LEU OA 1300 61.55 22.26 -17.67
CA LEU OA 1300 60.69 23.25 -17.05
C LEU OA 1300 60.70 23.05 -15.53
N ARG OA 1301 61.87 23.29 -14.95
CA ARG OA 1301 62.04 23.28 -13.51
C ARG OA 1301 62.42 24.67 -13.05
N THR OA 1302 62.19 24.95 -11.77
CA THR OA 1302 62.38 26.30 -11.25
C THR OA 1302 63.77 26.87 -11.53
N PRO OA 1303 64.88 26.11 -11.47
CA PRO OA 1303 66.13 26.66 -12.05
C PRO OA 1303 66.21 26.34 -13.54
N LEU OA 1304 65.56 27.19 -14.35
CA LEU OA 1304 65.48 26.96 -15.79
C LEU OA 1304 66.88 26.93 -16.41
N GLY OA 1305 67.59 28.05 -16.37
CA GLY OA 1305 68.96 28.11 -16.84
C GLY OA 1305 69.16 27.78 -18.30
N ALA OA 1306 69.77 26.62 -18.56
CA ALA OA 1306 70.11 26.23 -19.92
C ALA OA 1306 68.86 26.02 -20.76
N GLU OA 1307 68.99 26.30 -22.06
CA GLU OA 1307 67.87 26.25 -22.97
C GLU OA 1307 67.96 25.14 -24.02
N GLU OA 1308 69.16 24.63 -24.30
CA GLU OA 1308 69.33 23.48 -25.16
C GLU OA 1308 70.22 22.48 -24.45
N HIS OA 1309 69.83 21.21 -24.48
CA HIS OA 1309 70.59 20.18 -23.77
C HIS OA 1309 71.13 19.10 -24.69
N PHE OA 1310 70.30 18.55 -25.55
CA PHE OA 1310 70.67 17.52 -26.51
C PHE OA 1310 69.72 17.73 -27.68
N ALA OA 1311 69.42 16.69 -28.42
CA ALA OA 1311 68.36 16.80 -29.42
C ALA OA 1311 67.13 17.55 -28.92
N GLN OA 1312 66.87 17.53 -27.62
CA GLN OA 1312 65.77 18.32 -27.05
C GLN OA 1312 66.03 19.81 -27.19
N TYR OA 1313 65.05 20.60 -26.77
CA TYR OA 1313 65.10 22.04 -26.98
C TYR OA 1313 64.06 22.72 -26.11
N LEU OA 1314 64.40 23.89 -25.58
CA LEU OA 1314 63.49 24.73 -24.84
C LEU OA 1314 63.34 26.06 -25.57
N ILE OA 1315 62.18 26.69 -25.40
CA ILE OA 1315 61.88 27.96 -26.06
C ILE OA 1315 61.43 28.96 -25.01
N ARG OA 1316 62.19 30.03 -24.83
CA ARG OA 1316 61.82 31.04 -23.86
C ARG OA 1316 60.50 31.70 -24.24
N ASP OA 1317 59.77 32.14 -23.22
CA ASP OA 1317 58.49 32.80 -23.46
C ASP OA 1317 58.71 34.16 -24.08
N GLU OA 1318 58.01 34.43 -25.19
CA GLU OA 1318 58.11 35.71 -25.88
C GLU OA 1318 56.72 36.04 -26.42
N SER OA 1319 55.99 36.87 -25.69
CA SER OA 1319 54.61 37.21 -26.04
C SER OA 1319 54.27 38.50 -25.32
N PRO OA 1320 53.13 39.12 -25.65
CA PRO OA 1320 52.67 40.26 -24.85
C PRO OA 1320 52.36 39.88 -23.41
N LEU OA 1321 52.56 38.63 -23.02
CA LEU OA 1321 52.29 38.16 -21.67
C LEU OA 1321 53.58 37.74 -20.98
N LYS OA 1322 54.61 38.57 -21.08
CA LYS OA 1322 55.90 38.28 -20.46
C LYS OA 1322 55.82 38.24 -18.94
N GLY OA 1323 54.64 38.51 -18.38
CA GLY OA 1323 54.45 38.47 -16.94
C GLY OA 1323 53.02 38.13 -16.54
N ARG PA 3 132.21 106.10 -8.19
CA ARG PA 3 133.56 106.09 -7.64
C ARG PA 3 134.12 107.49 -7.34
N PRO PA 4 134.09 108.42 -8.29
CA PRO PA 4 134.61 109.76 -8.00
C PRO PA 4 133.78 110.46 -6.93
N ALA PA 5 134.38 111.49 -6.36
CA ALA PA 5 133.79 112.17 -5.21
C ALA PA 5 132.63 113.06 -5.64
N ILE PA 6 131.61 113.11 -4.78
CA ILE PA 6 130.42 113.90 -5.11
C ILE PA 6 130.71 115.38 -4.94
N LEU PA 7 131.37 115.75 -3.84
CA LEU PA 7 131.68 117.13 -3.55
C LEU PA 7 133.05 117.15 -2.86
N PRO PA 8 133.98 117.97 -3.32
CA PRO PA 8 135.32 117.96 -2.73
C PRO PA 8 135.32 118.58 -1.35
N SER PA 9 135.90 117.86 -0.38
CA SER PA 9 136.00 118.38 0.97
C SER PA 9 136.88 119.63 1.03
N GLY PA 10 138.01 119.59 0.35
CA GLY PA 10 138.90 120.73 0.30
C GLY PA 10 139.62 120.84 -1.02
N GLN PA 11 139.65 122.05 -1.57
CA GLN PA 11 140.33 122.27 -2.83
C GLN PA 11 141.80 122.52 -2.60
N ILE PA 12 142.63 121.97 -3.48
CA ILE PA 12 144.07 122.15 -3.40
C ILE PA 12 144.48 123.25 -4.37
N LEU PA 13 145.65 123.81 -4.13
CA LEU PA 13 146.20 124.89 -4.97
C LEU PA 13 147.58 124.44 -5.45
N SER PA 14 147.66 124.06 -6.72
CA SER PA 14 148.90 123.57 -7.30
C SER PA 14 148.72 123.44 -8.80
N ASN PA 15 149.78 123.70 -9.55
CA ASN PA 15 149.77 123.54 -11.00
C ASN PA 15 150.77 122.47 -11.45
N ILE PA 16 151.37 121.74 -10.51
CA ILE PA 16 152.32 120.70 -10.89
C ILE PA 16 151.62 119.64 -11.71
N GLU PA 17 152.35 119.03 -12.63
CA GLU PA 17 151.83 117.92 -13.39
C GLU PA 17 151.89 116.64 -12.58
N VAL PA 18 150.89 115.78 -12.76
CA VAL PA 18 150.80 114.56 -11.96
C VAL PA 18 151.44 113.35 -12.64
N HIS PA 19 151.70 113.41 -13.95
CA HIS PA 19 152.22 112.23 -14.62
C HIS PA 19 153.67 111.94 -14.24
N SER PA 20 154.46 112.99 -14.02
CA SER PA 20 155.86 112.78 -13.68
C SER PA 20 156.01 112.17 -12.29
N HIS PA 21 155.28 112.69 -11.32
CA HIS PA 21 155.37 112.20 -9.94
C HIS PA 21 154.33 111.12 -9.68
N ARG PA 22 154.27 110.11 -10.55
CA ARG PA 22 153.27 109.07 -10.40
C ARG PA 22 153.65 108.03 -9.37
N ALA PA 23 154.93 107.94 -9.01
CA ALA PA 23 155.35 106.95 -8.03
C ALA PA 23 154.96 107.34 -6.61
N LEU PA 24 154.50 108.56 -6.39
CA LEU PA 24 154.07 108.98 -5.06
C LEU PA 24 152.58 108.74 -4.88
N PHE PA 25 152.12 107.55 -5.22
CA PHE PA 25 150.70 107.21 -5.17
C PHE PA 25 150.56 105.70 -5.06
N ASP PA 26 149.34 105.25 -4.84
CA ASP PA 26 149.02 103.82 -4.84
C ASP PA 26 148.18 103.43 -6.05
N ILE PA 27 147.12 104.18 -6.34
CA ILE PA 27 146.34 104.00 -7.56
C ILE PA 27 146.48 105.27 -8.39
N PHE PA 28 146.62 105.11 -9.70
CA PHE PA 28 146.82 106.25 -10.58
C PHE PA 28 146.03 106.04 -11.86
N LYS PA 29 145.15 106.98 -12.18
CA LYS PA 29 144.28 106.85 -13.33
C LYS PA 29 144.13 108.20 -14.00
N ARG PA 30 144.51 108.28 -15.28
CA ARG PA 30 144.31 109.46 -16.09
C ARG PA 30 143.60 109.05 -17.38
N PHE PA 31 142.96 110.03 -18.01
CA PHE PA 31 142.09 109.77 -19.15
C PHE PA 31 141.73 111.10 -19.80
N ARG PA 32 141.47 111.05 -21.11
CA ARG PA 32 141.02 112.24 -21.80
C ARG PA 32 139.57 112.57 -21.44
N SER PA 33 139.15 113.77 -21.79
CA SER PA 33 137.94 114.37 -21.23
C SER PA 33 136.72 113.47 -21.41
N ASP PA 34 135.94 113.36 -20.34
CA ASP PA 34 134.59 112.77 -20.35
C ASP PA 34 134.62 111.33 -20.87
N ASP PA 35 135.26 110.48 -20.08
CA ASP PA 35 135.20 109.05 -20.31
C ASP PA 35 133.77 108.54 -20.07
N ASN PA 36 133.49 107.34 -20.58
CA ASN PA 36 132.11 106.85 -20.58
C ASN PA 36 131.72 106.23 -19.24
N ASN PA 37 132.57 105.40 -18.65
CA ASN PA 37 132.14 104.61 -17.50
C ASN PA 37 132.04 105.41 -16.21
N LEU PA 38 132.06 106.73 -16.28
CA LEU PA 38 132.02 107.57 -15.09
C LEU PA 38 130.60 107.77 -14.56
N TYR PA 39 129.59 107.29 -15.26
CA TYR PA 39 128.23 107.69 -14.98
C TYR PA 39 127.31 106.58 -14.53
N GLY PA 40 127.67 105.32 -14.77
CA GLY PA 40 126.81 104.23 -14.35
C GLY PA 40 126.79 104.03 -12.86
N ALA PA 41 125.60 104.09 -12.27
CA ALA PA 41 125.43 103.92 -10.83
C ALA PA 41 124.89 102.52 -10.57
N GLU PA 42 125.65 101.71 -9.83
CA GLU PA 42 125.23 100.36 -9.49
C GLU PA 42 125.37 100.14 -8.00
N PHE PA 43 124.56 99.25 -7.46
CA PHE PA 43 124.62 98.93 -6.04
C PHE PA 43 123.95 97.58 -5.82
N ASP PA 44 124.16 97.05 -4.63
CA ASP PA 44 123.42 95.88 -4.16
C ASP PA 44 122.74 96.26 -2.86
N ALA PA 45 121.62 95.60 -2.58
CA ALA PA 45 120.82 96.00 -1.44
C ALA PA 45 120.12 94.79 -0.85
N LEU PA 46 119.95 94.81 0.46
CA LEU PA 46 119.08 93.86 1.14
C LEU PA 46 117.70 94.47 1.26
N LEU PA 47 116.68 93.68 0.95
CA LEU PA 47 115.32 94.17 0.83
C LEU PA 47 114.41 93.69 1.95
N GLY PA 48 114.98 93.13 3.01
CA GLY PA 48 114.17 92.67 4.11
C GLY PA 48 114.94 91.98 5.22
N THR PA 49 114.59 92.30 6.45
CA THR PA 49 115.13 91.65 7.64
C THR PA 49 113.96 91.10 8.44
N TYR PA 50 114.02 89.81 8.76
CA TYR PA 50 112.89 89.12 9.37
C TYR PA 50 113.35 88.43 10.65
N CYS PA 51 112.89 88.94 11.79
CA CYS PA 51 113.18 88.36 13.09
C CYS PA 51 111.96 87.59 13.57
N SER PA 52 112.20 86.41 14.12
CA SER PA 52 111.13 85.58 14.67
C SER PA 52 111.12 85.69 16.17
N THR PA 53 109.93 85.81 16.75
CA THR PA 53 109.75 85.78 18.19
C THR PA 53 109.16 84.45 18.60
N LEU PA 54 109.60 83.94 19.75
CA LEU PA 54 109.11 82.67 20.24
C LEU PA 54 107.81 82.87 21.00
N SER PA 55 106.84 81.99 20.75
CA SER PA 55 105.55 82.09 21.41
C SER PA 55 105.66 81.46 22.78
N LEU PA 56 105.69 82.28 23.82
CA LEU PA 56 105.82 81.78 25.17
C LEU PA 56 104.50 81.20 25.63
N VAL PA 57 104.57 80.11 26.41
CA VAL PA 57 103.40 79.40 26.87
C VAL PA 57 103.47 79.28 28.38
N ARG PA 58 102.31 79.27 29.03
CA ARG PA 58 102.22 79.19 30.48
C ARG PA 58 101.46 77.93 30.85
N PHE PA 59 102.03 77.15 31.75
CA PHE PA 59 101.44 75.86 32.10
C PHE PA 59 100.04 76.02 32.66
N LEU PA 60 99.77 77.13 33.35
CA LEU PA 60 98.45 77.32 33.95
C LEU PA 60 97.37 77.48 32.89
N GLU PA 61 97.71 78.03 31.72
CA GLU PA 61 96.74 78.25 30.68
C GLU PA 61 96.41 76.99 29.89
N LEU PA 62 97.31 76.02 29.86
CA LEU PA 62 97.04 74.77 29.17
C LEU PA 62 95.92 74.01 29.86
N GLY PA 63 95.22 73.18 29.09
CA GLY PA 63 94.20 72.34 29.68
C GLY PA 63 94.77 71.31 30.62
N LEU PA 64 96.00 70.86 30.36
CA LEU PA 64 96.64 69.86 31.21
C LEU PA 64 96.83 70.34 32.63
N SER PA 65 96.69 71.64 32.88
CA SER PA 65 96.86 72.16 34.23
C SER PA 65 95.87 71.54 35.21
N VAL PA 66 94.69 71.15 34.73
CA VAL PA 66 93.70 70.58 35.63
C VAL PA 66 94.06 69.16 36.04
N ALA PA 67 95.09 68.57 35.45
CA ALA PA 67 95.47 67.23 35.87
C ALA PA 67 96.06 67.22 37.27
N CYS PA 68 96.96 68.14 37.56
CA CYS PA 68 97.70 68.16 38.81
C CYS PA 68 97.48 69.49 39.53
N VAL PA 69 97.69 69.48 40.84
CA VAL PA 69 97.60 70.68 41.66
C VAL PA 69 98.99 71.03 42.15
N CYS PA 70 99.41 72.27 41.89
CA CYS PA 70 100.79 72.69 42.12
C CYS PA 70 100.84 73.69 43.26
N THR PA 71 101.73 73.45 44.23
CA THR PA 71 101.92 74.36 45.35
C THR PA 71 103.38 74.78 45.40
N LYS PA 72 103.62 76.09 45.34
CA LYS PA 72 104.97 76.61 45.47
C LYS PA 72 105.49 76.32 46.87
N PHE PA 73 106.70 75.78 46.95
CA PHE PA 73 107.29 75.35 48.22
C PHE PA 73 108.72 75.84 48.26
N PRO PA 74 108.96 77.01 48.85
CA PRO PA 74 110.29 77.64 48.75
C PRO PA 74 111.37 76.98 49.58
N GLU PA 75 111.10 75.88 50.28
CA GLU PA 75 112.07 75.26 51.15
C GLU PA 75 112.41 73.83 50.76
N LEU PA 76 112.06 73.40 49.55
CA LEU PA 76 112.18 72.00 49.20
C LEU PA 76 113.62 71.50 49.28
N SER PA 77 114.59 72.40 49.31
CA SER PA 77 115.99 71.97 49.33
C SER PA 77 116.33 71.29 50.65
N TYR PA 78 115.78 71.78 51.76
CA TYR PA 78 116.09 71.20 53.05
C TYR PA 78 115.34 69.91 53.33
N VAL PA 79 114.38 69.54 52.50
CA VAL PA 79 113.39 68.53 52.85
C VAL PA 79 113.88 67.16 52.39
N ALA PA 80 114.08 66.27 53.36
CA ALA PA 80 114.28 64.86 53.05
C ALA PA 80 112.92 64.23 52.80
N GLU PA 81 112.81 62.91 52.79
CA GLU PA 81 111.59 62.26 52.34
C GLU PA 81 110.36 62.79 53.07
N GLY PA 82 109.29 63.03 52.32
CA GLY PA 82 108.03 63.44 52.89
C GLY PA 82 107.00 62.37 52.68
N THR PA 83 105.90 62.42 53.42
CA THR PA 83 104.88 61.39 53.33
C THR PA 83 103.52 62.03 53.16
N ILE PA 84 102.50 61.20 52.99
CA ILE PA 84 101.11 61.60 53.10
C ILE PA 84 100.37 60.49 53.82
N GLN PA 85 99.29 60.86 54.50
CA GLN PA 85 98.55 59.93 55.34
C GLN PA 85 97.20 59.63 54.73
N PHE PA 86 96.80 58.37 54.76
CA PHE PA 86 95.52 57.94 54.25
C PHE PA 86 94.80 57.10 55.29
N GLU PA 87 93.51 57.36 55.47
CA GLU PA 87 92.65 56.49 56.24
C GLU PA 87 91.33 56.36 55.48
N VAL PA 88 90.73 55.17 55.54
CA VAL PA 88 89.47 54.96 54.84
C VAL PA 88 88.78 53.77 55.48
N GLN PA 89 87.46 53.87 55.59
CA GLN PA 89 86.64 52.88 56.27
C GLN PA 89 85.60 52.36 55.28
N GLN PA 90 85.56 51.06 55.10
CA GLN PA 90 84.69 50.48 54.07
C GLN PA 90 83.28 50.30 54.61
N PRO PA 91 82.26 50.71 53.88
CA PRO PA 91 80.90 50.45 54.33
C PRO PA 91 80.59 48.97 54.25
N MET PA 92 79.93 48.45 55.27
CA MET PA 92 79.60 47.04 55.36
C MET PA 92 78.10 46.84 55.18
N ILE PA 93 77.72 45.58 55.06
CA ILE PA 93 76.35 45.20 54.72
C ILE PA 93 75.93 44.07 55.64
N ALA PA 94 74.81 44.26 56.33
CA ALA PA 94 74.31 43.23 57.23
C ALA PA 94 73.44 42.27 56.44
N ARG PA 95 73.81 41.00 56.45
CA ARG PA 95 73.11 39.99 55.67
C ARG PA 95 72.75 38.82 56.57
N ASP PA 96 71.66 38.15 56.21
CA ASP PA 96 71.14 37.06 57.03
C ASP PA 96 71.88 35.76 56.77
N GLY PA 97 71.91 34.91 57.79
CA GLY PA 97 72.43 33.58 57.64
C GLY PA 97 73.74 33.38 58.38
N PRO PA 98 74.29 32.17 58.26
CA PRO PA 98 75.59 31.90 58.91
C PRO PA 98 76.74 32.63 58.27
N HIS PA 99 76.58 33.09 57.04
CA HIS PA 99 77.67 33.80 56.38
C HIS PA 99 78.06 35.01 57.22
N PRO PA 100 79.34 35.15 57.56
CA PRO PA 100 79.76 36.26 58.43
C PRO PA 100 79.28 37.60 57.92
N ALA PA 101 78.42 38.25 58.72
CA ALA PA 101 78.14 39.67 58.60
C ALA PA 101 79.21 40.37 59.44
N ASP PA 102 80.37 40.59 58.83
CA ASP PA 102 81.58 40.87 59.57
C ASP PA 102 81.55 42.26 60.19
N GLN PA 103 82.56 42.53 61.01
CA GLN PA 103 82.73 43.85 61.59
C GLN PA 103 83.22 44.82 60.54
N PRO PA 104 83.02 46.12 60.75
CA PRO PA 104 83.56 47.10 59.82
C PRO PA 104 85.08 47.05 59.81
N VAL PA 105 85.66 47.46 58.68
CA VAL PA 105 87.09 47.34 58.45
C VAL PA 105 87.68 48.73 58.29
N HIS PA 106 88.79 48.98 58.98
CA HIS PA 106 89.60 50.17 58.79
C HIS PA 106 90.93 49.78 58.19
N ASN PA 107 91.65 50.77 57.67
CA ASN PA 107 93.03 50.53 57.24
C ASN PA 107 93.73 51.87 57.09
N TYR PA 108 95.05 51.84 57.28
CA TYR PA 108 95.88 53.04 57.32
C TYR PA 108 97.04 52.86 56.34
N MET PA 109 96.89 53.43 55.15
CA MET PA 109 97.90 53.32 54.09
C MET PA 109 98.73 54.59 54.07
N ILE PA 110 100.04 54.43 53.94
CA ILE PA 110 100.97 55.55 53.85
C ILE PA 110 101.64 55.52 52.47
N LYS PA 111 101.93 56.70 51.95
CA LYS PA 111 102.50 56.83 50.61
C LYS PA 111 103.69 57.77 50.67
N ARG PA 112 104.77 57.39 50.01
CA ARG PA 112 106.03 58.13 50.08
C ARG PA 112 106.19 59.05 48.88
N LEU PA 113 107.03 60.06 49.05
CA LEU PA 113 107.23 61.11 48.07
C LEU PA 113 108.50 60.90 47.27
N ASP PA 114 108.40 61.04 45.96
CA ASP PA 114 109.53 60.89 45.06
C ASP PA 114 110.14 62.25 44.75
N ARG PA 115 111.31 62.23 44.11
CA ARG PA 115 112.04 63.46 43.86
C ARG PA 115 112.71 63.44 42.49
N ARG PA 116 112.60 64.55 41.78
CA ARG PA 116 113.28 64.75 40.50
C ARG PA 116 113.43 66.24 40.29
N SER PA 117 114.28 66.62 39.33
CA SER PA 117 114.67 68.01 39.17
C SER PA 117 114.83 68.36 37.71
N LEU PA 118 114.39 69.56 37.34
CA LEU PA 118 114.62 70.09 36.02
C LEU PA 118 115.98 70.78 35.98
N ASN PA 119 116.36 71.23 34.78
CA ASN PA 119 117.68 71.82 34.60
C ASN PA 119 117.76 72.49 33.24
N ALA PA 120 118.43 73.64 33.19
CA ALA PA 120 118.58 74.39 31.96
C ALA PA 120 119.77 75.33 32.11
N ALA PA 121 120.46 75.59 31.01
CA ALA PA 121 121.69 76.36 31.05
C ALA PA 121 121.77 77.29 29.86
N PHE PA 122 122.63 78.30 30.00
CA PHE PA 122 122.92 79.27 28.94
C PHE PA 122 124.15 80.05 29.37
N SER PA 123 124.74 80.77 28.42
CA SER PA 123 125.98 81.49 28.68
C SER PA 123 125.96 82.85 28.01
N ILE PA 124 126.91 83.69 28.40
CA ILE PA 124 127.12 85.00 27.80
C ILE PA 124 128.61 85.19 27.58
N ALA PA 125 128.97 85.73 26.42
CA ALA PA 125 130.38 85.83 26.05
C ALA PA 125 131.09 86.83 26.94
N VAL PA 126 132.41 86.90 26.78
CA VAL PA 126 133.21 87.79 27.62
C VAL PA 126 133.11 89.23 27.14
N GLU PA 127 133.10 89.44 25.81
CA GLU PA 127 132.96 90.78 25.28
C GLU PA 127 131.66 91.41 25.75
N ALA PA 128 130.56 90.66 25.65
CA ALA PA 128 129.29 91.16 26.14
C ALA PA 128 129.37 91.44 27.63
N LEU PA 129 130.08 90.61 28.38
CA LEU PA 129 130.22 90.84 29.81
C LEU PA 129 130.89 92.18 30.08
N GLY PA 130 131.96 92.46 29.37
CA GLY PA 130 132.62 93.75 29.53
C GLY PA 130 131.71 94.91 29.15
N LEU PA 131 131.09 94.81 27.97
CA LEU PA 131 130.26 95.91 27.49
C LEU PA 131 129.10 96.19 28.41
N ILE PA 132 128.50 95.15 29.01
CA ILE PA 132 127.36 95.35 29.90
C ILE PA 132 127.80 95.94 31.23
N SER PA 133 128.94 95.48 31.74
CA SER PA 133 129.40 95.92 33.05
C SER PA 133 129.72 97.41 33.09
N GLY PA 134 129.91 98.04 31.94
CA GLY PA 134 130.33 99.43 31.92
C GLY PA 134 131.81 99.62 32.10
N GLU PA 135 132.60 98.57 31.93
CA GLU PA 135 134.05 98.65 32.13
C GLU PA 135 134.78 99.04 30.85
N ASN PA 136 134.26 98.67 29.68
CA ASN PA 136 134.94 98.91 28.42
C ASN PA 136 134.35 100.05 27.62
N LEU PA 137 133.24 100.63 28.05
CA LEU PA 137 132.61 101.69 27.29
C LEU PA 137 133.54 102.89 27.19
N ASP PA 138 133.62 103.49 26.01
CA ASP PA 138 134.42 104.67 25.76
C ASP PA 138 133.52 105.80 25.29
N GLY PA 139 134.10 106.98 25.16
CA GLY PA 139 133.32 108.15 24.80
C GLY PA 139 132.96 108.20 23.33
N THR PA 140 132.60 107.06 22.76
CA THR PA 140 132.30 106.94 21.34
C THR PA 140 130.89 106.42 21.17
N HIS PA 141 130.10 107.11 20.34
CA HIS PA 141 128.77 106.61 19.99
C HIS PA 141 128.84 105.20 19.45
N ILE PA 142 129.92 104.85 18.76
CA ILE PA 142 130.04 103.52 18.18
C ILE PA 142 130.03 102.46 19.28
N SER PA 143 130.42 102.82 20.49
CA SER PA 143 130.47 101.84 21.57
C SER PA 143 129.10 101.64 22.19
N SER PA 144 128.35 102.72 22.40
CA SER PA 144 127.01 102.60 22.95
C SER PA 144 126.12 101.70 22.09
N ALA PA 145 126.32 101.73 20.77
CA ALA PA 145 125.56 100.85 19.90
C ALA PA 145 125.86 99.38 20.21
N MET PA 146 127.14 99.05 20.37
CA MET PA 146 127.51 97.68 20.72
C MET PA 146 126.95 97.29 22.07
N ARG PA 147 126.95 98.21 23.03
CA ARG PA 147 126.39 97.91 24.33
C ARG PA 147 124.90 97.63 24.25
N LEU PA 148 124.19 98.42 23.44
CA LEU PA 148 122.77 98.16 23.23
C LEU PA 148 122.56 96.79 22.63
N ARG PA 149 123.38 96.42 21.64
CA ARG PA 149 123.25 95.10 21.03
C ARG PA 149 123.45 94.00 22.06
N ALA PA 150 124.46 94.14 22.91
CA ALA PA 150 124.74 93.11 23.90
C ALA PA 150 123.60 93.00 24.90
N ILE PA 151 123.09 94.13 25.37
CA ILE PA 151 121.97 94.09 26.32
C ILE PA 151 120.78 93.40 25.67
N GLN PA 152 120.49 93.72 24.41
CA GLN PA 152 119.35 93.11 23.75
C GLN PA 152 119.53 91.61 23.59
N GLN PA 153 120.76 91.18 23.26
CA GLN PA 153 120.98 89.75 23.09
C GLN PA 153 120.84 89.00 24.42
N LEU PA 154 121.38 89.58 25.50
CA LEU PA 154 121.20 88.95 26.81
C LEU PA 154 119.73 88.86 27.17
N ALA PA 155 118.95 89.91 26.88
CA ALA PA 155 117.53 89.90 27.18
C ALA PA 155 116.82 88.80 26.38
N ARG PA 156 117.09 88.72 25.08
CA ARG PA 156 116.49 87.66 24.27
C ARG PA 156 116.85 86.29 24.80
N ASN PA 157 118.11 86.08 25.17
CA ASN PA 157 118.55 84.79 25.66
C ASN PA 157 117.84 84.41 26.96
N VAL PA 158 117.72 85.35 27.89
CA VAL PA 158 117.04 85.03 29.15
C VAL PA 158 115.56 84.80 28.90
N GLN PA 159 114.95 85.58 28.02
CA GLN PA 159 113.55 85.33 27.68
C GLN PA 159 113.37 83.96 27.05
N ALA PA 160 114.41 83.44 26.41
CA ALA PA 160 114.34 82.09 25.87
C ALA PA 160 114.49 81.04 26.96
N VAL PA 161 115.40 81.25 27.90
CA VAL PA 161 115.64 80.22 28.91
C VAL PA 161 114.52 80.18 29.93
N LEU PA 162 113.94 81.33 30.27
CA LEU PA 162 112.88 81.34 31.27
C LEU PA 162 111.64 80.61 30.78
N ASP PA 163 111.36 80.68 29.49
CA ASP PA 163 110.23 79.95 28.95
C ASP PA 163 110.47 78.45 28.99
N SER PA 164 111.72 78.02 28.95
CA SER PA 164 112.00 76.59 28.96
C SER PA 164 111.44 75.91 30.20
N PHE PA 165 111.34 76.64 31.30
CA PHE PA 165 110.82 76.05 32.52
C PHE PA 165 109.31 75.95 32.54
N GLU PA 166 108.64 76.16 31.41
CA GLU PA 166 107.22 75.86 31.32
C GLU PA 166 106.93 74.72 30.37
N ARG PA 167 107.54 74.73 29.19
CA ARG PA 167 107.56 73.51 28.39
C ARG PA 167 108.12 72.35 29.19
N GLY PA 168 109.12 72.62 30.02
CA GLY PA 168 109.69 71.58 30.83
C GLY PA 168 108.66 70.90 31.71
N THR PA 169 107.92 71.69 32.49
CA THR PA 169 106.94 71.09 33.39
C THR PA 169 105.79 70.47 32.60
N ALA PA 170 105.39 71.09 31.50
CA ALA PA 170 104.32 70.52 30.70
C ALA PA 170 104.72 69.18 30.13
N ASP PA 171 106.02 68.96 29.92
CA ASP PA 171 106.49 67.67 29.44
C ASP PA 171 106.66 66.69 30.59
N GLN PA 172 107.13 67.19 31.73
CA GLN PA 172 107.32 66.34 32.90
C GLN PA 172 106.01 65.75 33.35
N MET PA 173 104.94 66.54 33.35
CA MET PA 173 103.64 66.03 33.76
C MET PA 173 103.22 64.86 32.90
N LEU PA 174 103.40 64.97 31.58
CA LEU PA 174 103.04 63.87 30.69
C LEU PA 174 103.92 62.66 30.92
N ARG PA 175 105.22 62.88 31.07
CA ARG PA 175 106.13 61.76 31.27
C ARG PA 175 105.81 61.02 32.56
N VAL PA 176 105.31 61.72 33.56
CA VAL PA 176 104.92 61.06 34.80
C VAL PA 176 103.59 60.32 34.62
N LEU PA 177 102.58 61.02 34.12
CA LEU PA 177 101.27 60.41 33.97
C LEU PA 177 101.30 59.19 33.05
N MET PA 178 102.27 59.11 32.14
CA MET PA 178 102.39 57.93 31.31
C MET PA 178 103.04 56.76 32.03
N GLU PA 179 103.21 56.86 33.36
CA GLU PA 179 103.79 55.79 34.15
C GLU PA 179 102.80 55.17 35.12
N LYS PA 180 101.91 55.96 35.72
CA LYS PA 180 100.92 55.39 36.61
C LYS PA 180 99.80 54.70 35.84
N ALA PA 181 99.64 55.01 34.57
CA ALA PA 181 98.44 54.60 33.84
C ALA PA 181 98.56 53.18 33.33
N PRO PA 182 97.71 52.26 33.76
CA PRO PA 182 97.67 50.94 33.16
C PRO PA 182 96.81 50.95 31.92
N PRO PA 183 97.01 49.99 31.02
CA PRO PA 183 96.25 50.02 29.76
C PRO PA 183 94.78 49.75 29.98
N LEU PA 184 93.96 50.38 29.16
CA LEU PA 184 92.51 50.26 29.32
C LEU PA 184 92.05 48.83 29.15
N SER PA 185 92.67 48.09 28.22
CA SER PA 185 92.26 46.71 27.97
C SER PA 185 92.29 45.90 29.26
N LEU PA 186 93.41 45.93 29.97
CA LEU PA 186 93.54 45.17 31.21
C LEU PA 186 92.84 45.83 32.38
N LEU PA 187 91.99 46.82 32.14
CA LEU PA 187 91.35 47.53 33.25
C LEU PA 187 89.84 47.44 33.21
N ALA PA 188 89.22 47.61 32.04
CA ALA PA 188 87.76 47.58 31.94
C ALA PA 188 87.14 46.35 32.56
N PRO PA 189 87.60 45.11 32.29
CA PRO PA 189 86.98 43.97 32.94
C PRO PA 189 87.40 43.81 34.38
N PHE PA 190 88.52 44.38 34.79
CA PHE PA 190 88.97 44.20 36.17
C PHE PA 190 87.97 44.77 37.16
N THR PA 191 87.28 45.85 36.80
CA THR PA 191 86.31 46.43 37.70
C THR PA 191 85.02 45.63 37.77
N LEU PA 192 84.72 44.84 36.74
CA LEU PA 192 83.48 44.06 36.75
C LEU PA 192 83.51 42.99 37.83
N TYR PA 193 84.63 42.28 37.97
CA TYR PA 193 84.72 41.15 38.88
C TYR PA 193 85.14 41.55 40.28
N GLU PA 194 84.88 42.79 40.68
CA GLU PA 194 85.26 43.23 42.02
C GLU PA 194 84.46 42.49 43.07
N GLY PA 195 85.07 42.33 44.25
CA GLY PA 195 84.46 41.56 45.31
C GLY PA 195 84.38 40.07 45.06
N ARG PA 196 84.85 39.60 43.91
CA ARG PA 196 84.80 38.18 43.59
C ARG PA 196 86.15 37.50 43.63
N LEU PA 197 87.25 38.26 43.68
CA LEU PA 197 88.56 37.64 43.53
C LEU PA 197 89.01 37.01 44.85
N ALA PA 198 88.13 36.21 45.45
CA ALA PA 198 88.47 35.44 46.65
C ALA PA 198 88.71 33.98 46.32
N ASP PA 199 87.81 33.36 45.58
CA ASP PA 199 87.95 31.97 45.17
C ASP PA 199 88.92 31.89 44.01
N ARG PA 200 88.98 30.73 43.36
CA ARG PA 200 89.81 30.57 42.18
C ARG PA 200 89.01 30.52 40.90
N VAL PA 201 87.78 30.03 40.94
CA VAL PA 201 86.97 29.95 39.73
C VAL PA 201 86.73 31.34 39.16
N ALA PA 202 86.42 32.30 40.03
CA ALA PA 202 86.23 33.67 39.58
C ALA PA 202 87.50 34.23 38.95
N CYS PA 203 88.65 33.97 39.58
CA CYS PA 203 89.91 34.48 39.04
C CYS PA 203 90.21 33.87 37.68
N ALA PA 204 89.88 32.59 37.50
CA ALA PA 204 90.11 31.94 36.21
C ALA PA 204 89.22 32.53 35.13
N ALA PA 205 87.94 32.72 35.44
CA ALA PA 205 87.07 33.38 34.47
C ALA PA 205 87.57 34.78 34.16
N LEU PA 206 88.12 35.47 35.16
CA LEU PA 206 88.61 36.82 34.94
C LEU PA 206 89.79 36.84 33.98
N VAL PA 207 90.77 35.96 34.19
CA VAL PA 207 91.93 35.97 33.30
C VAL PA 207 91.51 35.53 31.90
N SER PA 208 90.58 34.57 31.80
CA SER PA 208 90.11 34.18 30.48
C SER PA 208 89.37 35.32 29.79
N GLU PA 209 88.77 36.22 30.57
CA GLU PA 209 88.13 37.37 29.94
C GLU PA 209 89.16 38.40 29.49
N LEU PA 210 90.20 38.63 30.31
CA LEU PA 210 91.27 39.52 29.91
C LEU PA 210 91.89 39.08 28.60
N LYS PA 211 92.12 37.77 28.45
CA LYS PA 211 92.79 37.26 27.25
C LYS PA 211 92.00 37.60 25.99
N ARG PA 212 90.68 37.50 26.05
CA ARG PA 212 89.88 37.89 24.89
C ARG PA 212 89.85 39.40 24.73
N ARG PA 213 89.79 40.13 25.85
CA ARG PA 213 89.66 41.58 25.77
C ARG PA 213 90.85 42.21 25.06
N VAL PA 214 92.07 41.85 25.48
CA VAL PA 214 93.24 42.47 24.89
C VAL PA 214 93.36 42.12 23.41
N ARG PA 215 93.04 40.88 23.06
CA ARG PA 215 93.14 40.43 21.67
C ARG PA 215 92.06 41.00 20.77
N ASP PA 216 91.14 41.79 21.32
CA ASP PA 216 89.97 42.21 20.56
C ASP PA 216 89.97 43.72 20.27
N ASP PA 217 90.02 44.54 21.31
CA ASP PA 217 89.86 45.98 21.15
C ASP PA 217 91.15 46.72 21.51
N THR PA 218 92.28 46.14 21.16
CA THR PA 218 93.55 46.82 21.43
C THR PA 218 93.88 47.87 20.39
N PHE PA 219 93.08 48.00 19.33
CA PHE PA 219 93.25 49.08 18.35
C PHE PA 219 91.87 49.42 17.82
N PHE PA 220 91.22 50.39 18.45
CA PHE PA 220 89.96 50.87 17.90
C PHE PA 220 90.23 52.08 17.03
N LEU PA 221 89.16 52.57 16.39
CA LEU PA 221 89.20 53.63 15.38
C LEU PA 221 90.22 53.34 14.28
N THR PA 222 90.65 52.08 14.17
CA THR PA 222 91.33 51.61 12.96
C THR PA 222 90.73 50.27 12.56
N LYS PA 223 90.26 49.52 13.56
CA LYS PA 223 89.59 48.25 13.33
C LYS PA 223 88.08 48.36 13.43
N HIS PA 224 87.56 49.49 13.91
CA HIS PA 224 86.12 49.71 13.95
C HIS PA 224 85.76 51.14 13.59
N GLU PA 225 86.56 51.78 12.73
CA GLU PA 225 86.29 53.16 12.35
C GLU PA 225 85.00 53.28 11.55
N ARG PA 226 84.67 52.27 10.74
CA ARG PA 226 83.44 52.33 9.96
C ARG PA 226 82.22 52.39 10.86
N ASN PA 227 82.27 51.74 12.02
CA ASN PA 227 81.21 51.88 13.00
C ASN PA 227 81.38 53.19 13.76
N LYS PA 228 80.28 53.65 14.36
CA LYS PA 228 80.29 54.87 15.14
C LYS PA 228 79.96 54.65 16.60
N ASP PA 229 79.21 53.60 16.93
CA ASP PA 229 78.80 53.36 18.31
C ASP PA 229 79.83 52.60 19.11
N ALA PA 230 80.55 51.66 18.50
CA ALA PA 230 81.54 50.89 19.24
C ALA PA 230 82.66 51.79 19.74
N VAL PA 231 83.12 52.72 18.90
CA VAL PA 231 84.15 53.66 19.32
C VAL PA 231 83.67 54.50 20.49
N LEU PA 232 82.45 55.04 20.37
CA LEU PA 232 81.91 55.85 21.45
C LEU PA 232 81.81 55.06 22.73
N ASP PA 233 81.44 53.79 22.64
CA ASP PA 233 81.32 52.97 23.84
C ASP PA 233 82.67 52.72 24.48
N ARG PA 234 83.68 52.41 23.67
CA ARG PA 234 85.03 52.25 24.21
C ARG PA 234 85.48 53.51 24.92
N LEU PA 235 85.24 54.67 24.31
CA LEU PA 235 85.68 55.92 24.92
C LEU PA 235 84.92 56.21 26.21
N SER PA 236 83.62 55.92 26.22
CA SER PA 236 82.84 56.11 27.44
C SER PA 236 83.35 55.22 28.56
N ASP PA 237 83.68 53.97 28.25
CA ASP PA 237 84.26 53.09 29.25
C ASP PA 237 85.59 53.63 29.74
N LEU PA 238 86.39 54.20 28.83
CA LEU PA 238 87.67 54.77 29.22
C LEU PA 238 87.49 55.89 30.23
N VAL PA 239 86.57 56.81 29.93
CA VAL PA 239 86.40 57.97 30.80
C VAL PA 239 85.77 57.57 32.13
N ASN PA 240 84.84 56.62 32.12
CA ASN PA 240 84.14 56.22 33.33
C ASN PA 240 84.76 55.00 33.99
N CYS PA 241 85.99 54.65 33.65
CA CYS PA 241 86.63 53.50 34.27
C CYS PA 241 87.27 53.86 35.61
N THR PA 242 88.05 54.94 35.63
CA THR PA 242 88.78 55.30 36.83
C THR PA 242 87.84 55.93 37.87
N ALA PA 243 88.41 56.24 39.03
CA ALA PA 243 87.63 56.78 40.12
C ALA PA 243 88.22 58.12 40.57
N PRO PA 244 87.36 59.05 40.98
CA PRO PA 244 87.86 60.40 41.31
C PRO PA 244 88.65 60.41 42.60
N SER PA 245 89.63 61.31 42.65
CA SER PA 245 90.54 61.45 43.77
C SER PA 245 89.95 62.40 44.81
N VAL PA 246 90.79 62.86 45.74
CA VAL PA 246 90.32 63.80 46.75
C VAL PA 246 90.00 65.14 46.11
N ALA PA 247 88.99 65.82 46.64
CA ALA PA 247 88.52 67.07 46.07
C ALA PA 247 89.05 68.25 46.86
N VAL PA 248 89.47 69.29 46.15
CA VAL PA 248 89.94 70.53 46.74
C VAL PA 248 89.10 71.68 46.20
N ALA PA 249 88.95 72.72 47.01
CA ALA PA 249 88.14 73.88 46.66
C ALA PA 249 88.95 74.96 45.96
N ARG PA 250 90.15 74.66 45.50
CA ARG PA 250 91.02 75.66 44.91
C ARG PA 250 91.02 75.63 43.38
N MET PA 251 90.59 74.55 42.75
CA MET PA 251 90.73 74.43 41.30
C MET PA 251 89.70 75.26 40.55
N THR PA 252 88.42 74.92 40.70
CA THR PA 252 87.32 75.65 40.06
C THR PA 252 87.46 75.73 38.54
N HIS PA 253 88.09 74.74 37.92
CA HIS PA 253 88.10 74.68 36.46
C HIS PA 253 86.69 74.35 35.98
N ALA PA 254 86.08 75.28 35.23
CA ALA PA 254 84.67 75.13 34.90
C ALA PA 254 84.40 75.56 33.47
N ASP PA 255 83.27 75.08 32.96
CA ASP PA 255 82.69 75.64 31.75
C ASP PA 255 82.24 77.07 32.00
N THR PA 256 82.17 77.85 30.92
CA THR PA 256 81.86 79.27 31.05
C THR PA 256 80.54 79.50 31.77
N GLN PA 257 79.53 78.69 31.47
CA GLN PA 257 78.19 78.93 31.99
C GLN PA 257 77.74 77.96 33.07
N GLY PA 258 78.31 76.75 33.12
CA GLY PA 258 77.71 75.73 33.95
C GLY PA 258 78.65 74.86 34.77
N ARG PA 259 78.45 73.55 34.67
CA ARG PA 259 79.08 72.59 35.57
C ARG PA 259 80.60 72.62 35.42
N PRO PA 260 81.31 72.16 36.44
CA PRO PA 260 82.78 72.15 36.34
C PRO PA 260 83.29 71.08 35.38
N VAL PA 261 84.59 71.06 35.17
CA VAL PA 261 85.21 70.08 34.29
C VAL PA 261 85.67 68.90 35.12
N ASP PA 262 85.93 67.79 34.47
CA ASP PA 262 86.36 66.61 35.21
C ASP PA 262 87.79 66.18 34.91
N GLY PA 263 88.14 65.93 33.66
CA GLY PA 263 89.47 65.40 33.40
C GLY PA 263 90.07 65.96 32.14
N VAL PA 264 91.13 65.29 31.68
CA VAL PA 264 91.77 65.64 30.42
C VAL PA 264 91.80 64.42 29.53
N LEU PA 265 91.82 64.66 28.22
CA LEU PA 265 92.01 63.61 27.23
C LEU PA 265 93.16 64.10 26.36
N VAL PA 266 94.38 63.84 26.78
CA VAL PA 266 95.54 64.24 26.02
C VAL PA 266 95.88 63.13 25.04
N THR PA 267 96.25 63.51 23.82
CA THR PA 267 96.47 62.55 22.76
C THR PA 267 97.35 63.18 21.70
N THR PA 268 97.52 62.46 20.60
CA THR PA 268 98.27 62.97 19.46
C THR PA 268 97.36 63.77 18.54
N ALA PA 269 97.95 64.35 17.50
CA ALA PA 269 97.20 65.25 16.62
C ALA PA 269 96.23 64.47 15.74
N GLY PA 270 96.75 63.54 14.94
CA GLY PA 270 95.90 62.81 14.02
C GLY PA 270 94.72 62.16 14.69
N VAL PA 271 94.93 61.59 15.88
CA VAL PA 271 93.82 61.00 16.63
C VAL PA 271 92.79 62.06 16.98
N ARG PA 272 93.26 63.23 17.41
CA ARG PA 272 92.32 64.29 17.79
C ARG PA 272 91.47 64.71 16.60
N GLN PA 273 92.10 64.89 15.44
CA GLN PA 273 91.34 65.31 14.27
C GLN PA 273 90.37 64.22 13.83
N ARG PA 274 90.80 62.95 13.88
CA ARG PA 274 89.88 61.88 13.50
C ARG PA 274 88.74 61.75 14.50
N LEU PA 275 88.96 62.12 15.76
CA LEU PA 275 87.87 62.09 16.73
C LEU PA 275 86.91 63.23 16.52
N LEU PA 276 87.41 64.40 16.12
CA LEU PA 276 86.57 65.60 16.15
C LEU PA 276 85.53 65.61 15.05
N HIS PA 277 85.80 64.99 13.90
CA HIS PA 277 84.94 65.17 12.76
C HIS PA 277 83.98 64.01 12.52
N HIS PA 278 84.13 62.91 13.23
CA HIS PA 278 83.30 61.74 12.98
C HIS PA 278 82.55 61.25 14.20
N VAL PA 279 83.11 61.38 15.40
CA VAL PA 279 82.56 60.74 16.59
C VAL PA 279 82.26 61.70 17.72
N LEU PA 280 82.72 62.95 17.66
CA LEU PA 280 82.55 63.85 18.78
C LEU PA 280 82.17 65.24 18.28
N THR PA 281 81.52 66.00 19.17
CA THR PA 281 81.09 67.36 18.87
C THR PA 281 81.45 68.24 20.05
N LEU PA 282 82.13 69.36 19.76
CA LEU PA 282 82.57 70.26 20.82
C LEU PA 282 81.37 70.75 21.64
N ALA PA 283 81.47 70.61 22.95
CA ALA PA 283 80.45 71.16 23.83
C ALA PA 283 80.60 72.67 23.92
N ASP PA 284 81.74 73.14 24.40
CA ASP PA 284 82.05 74.56 24.42
C ASP PA 284 83.51 74.74 24.03
N THR PA 285 83.88 75.97 23.73
CA THR PA 285 85.22 76.27 23.21
C THR PA 285 85.92 77.30 24.09
N HIS PA 286 85.40 77.55 25.29
CA HIS PA 286 86.07 78.45 26.22
C HIS PA 286 85.91 77.92 27.63
N ALA PA 287 86.86 78.29 28.49
CA ALA PA 287 86.85 77.82 29.86
C ALA PA 287 87.63 78.81 30.72
N ASP PA 288 87.21 78.94 31.96
CA ASP PA 288 87.84 79.85 32.91
C ASP PA 288 88.61 79.04 33.94
N VAL PA 289 89.92 79.25 33.98
CA VAL PA 289 90.82 78.44 34.80
C VAL PA 289 91.39 79.36 35.86
N PRO PA 290 91.88 78.79 36.97
CA PRO PA 290 92.52 79.64 37.99
C PRO PA 290 93.76 80.31 37.44
N VAL PA 291 94.18 81.37 38.12
CA VAL PA 291 95.26 82.21 37.64
C VAL PA 291 96.55 82.07 38.45
N THR PA 292 96.45 81.69 39.72
CA THR PA 292 97.63 81.43 40.54
C THR PA 292 97.37 80.18 41.36
N TYR PA 293 98.45 79.57 41.82
CA TYR PA 293 98.36 78.28 42.48
C TYR PA 293 98.77 78.40 43.95
N GLY PA 294 98.54 77.32 44.68
CA GLY PA 294 98.66 77.31 46.13
C GLY PA 294 100.02 77.66 46.68
N GLU PA 295 100.11 77.73 48.01
CA GLU PA 295 101.33 78.12 48.68
C GLU PA 295 101.42 77.39 50.01
N MET PA 296 102.61 76.85 50.29
CA MET PA 296 102.88 76.15 51.54
C MET PA 296 104.17 76.70 52.13
N VAL PA 297 104.06 77.44 53.22
CA VAL PA 297 105.21 77.98 53.92
C VAL PA 297 105.12 77.60 55.38
N ILE PA 298 106.27 77.39 56.00
CA ILE PA 298 106.36 77.00 57.41
C ILE PA 298 106.76 78.22 58.22
N ALA PA 299 106.00 78.51 59.27
CA ALA PA 299 106.23 79.74 60.03
C ALA PA 299 105.38 79.72 61.28
N ASN PA 300 105.96 80.24 62.37
CA ASN PA 300 105.24 80.78 63.53
C ASN PA 300 104.43 79.74 64.29
N THR PA 301 104.36 78.55 63.79
CA THR PA 301 103.78 77.48 64.60
C THR PA 301 104.63 76.23 64.62
N ASN PA 302 105.24 75.91 63.49
CA ASN PA 302 106.07 74.71 63.36
C ASN PA 302 107.50 75.03 63.01
N LEU PA 303 107.87 76.31 62.96
CA LEU PA 303 109.27 76.64 62.78
C LEU PA 303 110.11 76.11 63.93
N VAL PA 304 109.57 76.20 65.15
CA VAL PA 304 110.31 75.71 66.31
C VAL PA 304 110.55 74.21 66.21
N THR PA 305 109.55 73.46 65.77
CA THR PA 305 109.73 72.02 65.66
C THR PA 305 110.63 71.67 64.49
N ALA PA 306 110.45 72.34 63.35
CA ALA PA 306 111.31 72.11 62.20
C ALA PA 306 112.76 72.42 62.52
N LEU PA 307 113.01 73.28 63.49
CA LEU PA 307 114.38 73.60 63.84
C LEU PA 307 114.94 72.64 64.90
N VAL PA 308 114.26 72.52 66.03
CA VAL PA 308 114.86 71.78 67.15
C VAL PA 308 114.62 70.28 67.01
N MET PA 309 113.42 69.86 66.58
CA MET PA 309 113.15 68.44 66.53
C MET PA 309 113.61 67.83 65.22
N GLY PA 310 113.08 68.33 64.11
CA GLY PA 310 113.45 67.81 62.80
C GLY PA 310 112.27 67.27 62.03
N LYS PA 311 111.07 67.73 62.37
CA LYS PA 311 109.87 67.32 61.67
C LYS PA 311 108.99 68.54 61.44
N ALA PA 312 108.00 68.37 60.56
CA ALA PA 312 107.06 69.43 60.27
C ALA PA 312 105.72 68.81 59.90
N VAL PA 313 104.67 69.62 59.96
CA VAL PA 313 103.34 69.20 59.54
C VAL PA 313 102.74 70.32 58.70
N SER PA 314 102.00 69.93 57.65
CA SER PA 314 101.48 70.91 56.72
C SER PA 314 100.32 71.72 57.28
N ASN PA 315 99.65 71.22 58.31
CA ASN PA 315 98.48 71.89 58.88
C ASN PA 315 98.57 71.92 60.39
N MET PA 316 99.72 72.32 60.92
CA MET PA 316 99.92 72.27 62.36
C MET PA 316 99.08 73.31 63.09
N ASP PA 317 98.76 74.43 62.43
CA ASP PA 317 97.91 75.42 63.08
C ASP PA 317 96.56 74.82 63.45
N ASP PA 318 95.95 74.09 62.52
CA ASP PA 318 94.68 73.43 62.82
C ASP PA 318 94.85 72.36 63.88
N VAL PA 319 95.98 71.65 63.86
CA VAL PA 319 96.23 70.62 64.87
C VAL PA 319 96.24 71.24 66.26
N ALA PA 320 96.99 72.34 66.42
CA ALA PA 320 97.00 73.05 67.68
C ALA PA 320 95.61 73.53 68.05
N ARG PA 321 94.95 74.25 67.14
CA ARG PA 321 93.62 74.78 67.40
C ARG PA 321 92.65 73.68 67.82
N TYR PA 322 92.90 72.44 67.42
CA TYR PA 322 92.02 71.37 67.86
C TYR PA 322 92.45 70.79 69.20
N LEU PA 323 93.74 70.56 69.39
CA LEU PA 323 94.20 69.97 70.65
C LEU PA 323 94.05 70.96 71.79
N LEU PA 324 94.38 72.22 71.56
CA LEU PA 324 94.12 73.29 72.51
C LEU PA 324 93.00 74.16 71.96
N GLY PA 325 91.99 74.44 72.80
CA GLY PA 325 90.82 75.14 72.33
C GLY PA 325 91.10 76.45 71.62
N GLY PA 326 92.25 77.06 71.91
CA GLY PA 326 92.63 78.31 71.27
C GLY PA 326 92.47 79.51 72.19
N GLY PA 337 91.38 83.67 42.11
CA GLY PA 337 91.40 84.30 40.81
C GLY PA 337 90.78 83.46 39.71
N SER PA 338 90.58 84.07 38.55
CA SER PA 338 89.98 83.37 37.41
C SER PA 338 90.29 84.14 36.14
N ALA PA 339 90.20 83.44 35.02
CA ALA PA 339 90.43 84.04 33.72
C ALA PA 339 89.90 83.11 32.64
N ARG PA 340 89.13 83.64 31.71
CA ARG PA 340 88.54 82.86 30.64
C ARG PA 340 89.53 82.79 29.47
N VAL PA 341 90.00 81.59 29.16
CA VAL PA 341 90.90 81.37 28.03
C VAL PA 341 90.25 80.37 27.08
N ARG PA 342 90.89 80.12 25.96
CA ARG PA 342 90.34 79.26 24.93
C ARG PA 342 90.86 77.84 25.08
N ALA PA 343 89.96 76.87 24.93
CA ALA PA 343 90.30 75.46 25.04
C ALA PA 343 89.21 74.67 24.32
N ASP PA 344 89.28 73.35 24.39
CA ASP PA 344 88.34 72.47 23.69
C ASP PA 344 87.73 71.51 24.69
N LEU PA 345 86.54 71.82 25.17
CA LEU PA 345 85.81 70.95 26.07
C LEU PA 345 84.85 70.09 25.25
N VAL PA 346 84.81 68.80 25.55
CA VAL PA 346 83.85 67.89 24.95
C VAL PA 346 83.10 67.20 26.08
N VAL PA 347 82.09 66.42 25.71
CA VAL PA 347 81.32 65.64 26.66
C VAL PA 347 81.26 64.20 26.16
N VAL PA 348 81.47 63.26 27.06
CA VAL PA 348 81.36 61.84 26.75
C VAL PA 348 80.75 61.15 27.96
N GLY PA 349 79.78 60.27 27.72
CA GLY PA 349 79.05 59.69 28.82
C GLY PA 349 78.40 60.78 29.65
N ASP PA 350 78.55 60.66 30.97
CA ASP PA 350 78.01 61.63 31.92
C ASP PA 350 79.09 62.59 32.39
N ARG PA 351 80.03 62.93 31.51
CA ARG PA 351 81.22 63.63 31.96
C ARG PA 351 81.67 64.67 30.95
N LEU PA 352 82.16 65.79 31.46
CA LEU PA 352 82.71 66.86 30.64
C LEU PA 352 84.21 66.94 30.91
N VAL PA 353 85.01 66.82 29.86
CA VAL PA 353 86.46 66.72 30.01
C VAL PA 353 87.13 67.65 29.00
N PHE PA 354 88.41 67.93 29.27
CA PHE PA 354 89.23 68.64 28.31
C PHE PA 354 89.60 67.71 27.15
N LEU PA 355 90.23 68.29 26.13
CA LEU PA 355 90.70 67.50 24.99
C LEU PA 355 91.83 68.30 24.34
N GLU PA 356 93.07 67.89 24.60
CA GLU PA 356 94.24 68.63 24.14
C GLU PA 356 95.18 67.72 23.39
N ALA PA 357 95.93 68.31 22.47
CA ALA PA 357 96.97 67.63 21.71
C ALA PA 357 98.16 68.58 21.65
N LEU PA 358 99.16 68.33 22.50
CA LEU PA 358 100.25 69.27 22.69
C LEU PA 358 101.32 69.16 21.63
N GLU PA 359 101.01 68.58 20.47
CA GLU PA 359 102.02 68.46 19.43
C GLU PA 359 102.46 69.83 18.94
N LYS PA 360 101.52 70.76 18.82
CA LYS PA 360 101.81 72.05 18.19
C LYS PA 360 102.41 73.05 19.18
N ARG PA 361 101.74 73.26 20.31
CA ARG PA 361 102.21 74.25 21.28
C ARG PA 361 103.58 73.90 21.80
N VAL PA 362 103.69 72.78 22.49
CA VAL PA 362 104.95 72.32 23.04
C VAL PA 362 105.55 71.31 22.07
N TYR PA 363 106.82 70.99 22.25
CA TYR PA 363 107.57 69.99 21.50
C TYR PA 363 107.84 70.40 20.06
N GLN PA 364 107.32 71.53 19.60
CA GLN PA 364 107.49 71.90 18.22
C GLN PA 364 108.87 72.50 18.01
N ALA PA 365 109.46 72.20 16.86
CA ALA PA 365 110.73 72.79 16.44
C ALA PA 365 111.87 72.49 17.40
N THR PA 366 111.68 71.53 18.30
CA THR PA 366 112.72 71.10 19.22
C THR PA 366 112.92 69.60 19.07
N GLN PA 367 114.02 69.10 19.63
CA GLN PA 367 114.50 67.77 19.29
C GLN PA 367 113.94 66.67 20.18
N VAL PA 368 113.06 66.99 21.12
CA VAL PA 368 112.50 65.95 21.97
C VAL PA 368 111.32 65.32 21.26
N PRO PA 369 111.07 64.03 21.48
CA PRO PA 369 109.90 63.39 20.87
C PRO PA 369 108.66 63.49 21.75
N TYR PA 370 107.51 63.31 21.12
CA TYR PA 370 106.23 63.36 21.82
C TYR PA 370 106.07 62.10 22.66
N PRO PA 371 105.85 62.21 23.97
CA PRO PA 371 105.84 61.02 24.82
C PRO PA 371 104.58 60.18 24.73
N LEU PA 372 103.64 60.52 23.85
CA LEU PA 372 102.41 59.74 23.70
C LEU PA 372 102.46 58.83 22.50
N VAL PA 373 103.63 58.26 22.21
CA VAL PA 373 103.80 57.30 21.13
C VAL PA 373 104.20 55.99 21.78
N GLY PA 374 103.23 55.11 21.99
CA GLY PA 374 103.46 53.88 22.71
C GLY PA 374 104.32 52.90 21.93
N ASN PA 375 104.57 51.75 22.56
CA ASN PA 375 105.38 50.69 21.96
C ASN PA 375 104.82 49.35 22.40
N LEU PA 376 104.01 48.73 21.55
CA LEU PA 376 103.50 47.41 21.86
C LEU PA 376 104.60 46.36 21.60
N ASP PA 377 104.39 45.18 22.17
CA ASP PA 377 105.35 44.08 22.02
C ASP PA 377 104.58 42.78 21.96
N VAL PA 378 104.57 42.15 20.80
CA VAL PA 378 103.94 40.85 20.62
C VAL PA 378 105.01 39.87 20.15
N THR PA 379 104.86 38.62 20.57
CA THR PA 379 105.82 37.57 20.22
C THR PA 379 105.09 36.50 19.41
N PHE PA 380 105.51 36.31 18.17
CA PHE PA 380 104.86 35.34 17.30
C PHE PA 380 105.53 33.98 17.43
N VAL PA 381 104.85 32.96 16.91
CA VAL PA 381 105.33 31.59 16.99
C VAL PA 381 104.70 30.80 15.86
N MET PA 382 105.44 29.84 15.31
CA MET PA 382 104.90 29.12 14.18
C MET PA 382 105.54 27.74 14.06
N PRO PA 383 104.73 26.68 14.00
CA PRO PA 383 105.30 25.34 13.90
C PRO PA 383 105.96 25.13 12.55
N LEU PA 384 107.06 24.39 12.55
CA LEU PA 384 107.90 24.26 11.37
C LEU PA 384 107.69 22.96 10.62
N GLY PA 385 107.87 21.82 11.29
CA GLY PA 385 107.86 20.56 10.57
C GLY PA 385 106.98 19.48 11.12
N VAL PA 386 105.81 19.84 11.65
CA VAL PA 386 104.93 18.80 12.20
C VAL PA 386 104.36 17.96 11.07
N PHE PA 387 103.79 16.81 11.44
CA PHE PA 387 103.17 15.91 10.49
C PHE PA 387 101.84 15.46 11.05
N LYS PA 388 100.76 15.82 10.37
CA LYS PA 388 99.43 15.54 10.86
C LYS PA 388 99.12 14.04 10.75
N PRO PA 389 98.25 13.53 11.61
CA PRO PA 389 97.96 12.08 11.60
C PRO PA 389 97.28 11.61 10.32
N ALA PA 390 96.95 10.31 10.26
CA ALA PA 390 96.42 9.74 9.03
C ALA PA 390 95.02 10.23 8.73
N ALA PA 391 94.15 10.27 9.73
CA ALA PA 391 92.78 10.72 9.52
C ALA PA 391 92.69 12.20 9.18
N ASP PA 392 93.82 12.90 9.10
CA ASP PA 392 93.85 14.32 8.81
C ASP PA 392 94.26 14.64 7.39
N ARG PA 393 95.14 13.86 6.78
CA ARG PA 393 95.67 14.19 5.47
C ARG PA 393 94.58 13.94 4.43
N TYR PA 394 93.71 14.94 4.28
CA TYR PA 394 92.62 14.90 3.33
C TYR PA 394 92.65 16.15 2.47
N ALA PA 395 92.09 16.03 1.27
CA ALA PA 395 91.89 17.17 0.39
C ALA PA 395 90.44 17.61 0.45
N ARG PA 396 90.22 18.92 0.51
CA ARG PA 396 88.86 19.41 0.67
C ARG PA 396 88.00 19.09 -0.53
N HIS PA 397 88.44 19.51 -1.72
CA HIS PA 397 87.70 19.24 -2.94
C HIS PA 397 88.50 18.28 -3.82
N ALA PA 398 87.78 17.58 -4.70
CA ALA PA 398 88.45 16.61 -5.57
C ALA PA 398 89.38 17.30 -6.55
N GLY PA 399 88.96 18.44 -7.10
CA GLY PA 399 89.85 19.18 -7.98
C GLY PA 399 90.74 20.07 -7.14
N SER PA 400 91.91 19.56 -6.83
CA SER PA 400 92.86 20.18 -5.92
C SER PA 400 93.91 20.97 -6.70
N PHE PA 401 94.98 21.37 -6.01
CA PHE PA 401 96.17 21.89 -6.67
C PHE PA 401 96.84 20.71 -7.37
N ALA PA 402 96.24 20.30 -8.47
CA ALA PA 402 96.70 19.11 -9.17
C ALA PA 402 98.13 19.34 -9.67
N PRO PA 403 98.98 18.32 -9.62
CA PRO PA 403 100.37 18.49 -10.03
C PRO PA 403 100.49 18.35 -11.53
N THR PA 404 101.70 18.58 -12.02
CA THR PA 404 101.98 18.45 -13.44
C THR PA 404 101.76 17.00 -13.87
N PRO PA 405 101.01 16.76 -14.94
CA PRO PA 405 100.66 15.38 -15.30
C PRO PA 405 101.90 14.54 -15.56
N GLY PA 406 101.79 13.26 -15.19
CA GLY PA 406 102.89 12.34 -15.32
C GLY PA 406 103.86 12.31 -14.15
N LEU PA 407 103.66 13.17 -13.16
CA LEU PA 407 104.53 13.23 -11.99
C LEU PA 407 103.76 12.84 -10.74
N PRO PA 408 104.44 12.36 -9.71
CA PRO PA 408 103.75 12.10 -8.44
C PRO PA 408 103.50 13.39 -7.69
N ASP PA 409 102.38 13.42 -6.97
CA ASP PA 409 101.94 14.62 -6.26
C ASP PA 409 102.93 14.98 -5.15
N PRO PA 410 103.67 16.08 -5.29
CA PRO PA 410 104.66 16.45 -4.30
C PRO PA 410 104.10 17.18 -3.09
N ARG PA 411 102.79 17.18 -2.90
CA ARG PA 411 102.20 17.76 -1.69
C ARG PA 411 102.00 16.74 -0.59
N THR PA 412 102.06 15.45 -0.91
CA THR PA 412 101.83 14.40 0.08
C THR PA 412 103.11 14.00 0.81
N HIS PA 413 104.07 14.89 0.87
CA HIS PA 413 105.33 14.66 1.55
C HIS PA 413 105.40 15.53 2.81
N PRO PA 414 106.10 15.09 3.84
CA PRO PA 414 106.17 15.89 5.05
C PRO PA 414 106.79 17.24 4.77
N PRO PA 415 106.22 18.32 5.30
CA PRO PA 415 106.73 19.65 5.00
C PRO PA 415 108.00 19.93 5.79
N ARG PA 416 108.81 20.85 5.25
CA ARG PA 416 110.05 21.22 5.90
C ARG PA 416 110.31 22.72 5.86
N ALA PA 417 109.28 23.53 5.66
CA ALA PA 417 109.46 24.97 5.60
C ALA PA 417 108.15 25.63 5.96
N VAL PA 418 108.21 26.96 6.13
CA VAL PA 418 107.02 27.77 6.32
C VAL PA 418 107.19 29.06 5.53
N HIS PA 419 106.08 29.59 5.04
CA HIS PA 419 106.08 30.87 4.35
C HIS PA 419 105.16 31.83 5.07
N PHE PA 420 105.61 33.07 5.22
CA PHE PA 420 104.80 34.11 5.85
C PHE PA 420 105.14 35.43 5.20
N PHE PA 421 104.44 36.48 5.62
CA PHE PA 421 104.60 37.78 5.03
C PHE PA 421 105.44 38.69 5.92
N ASN PA 422 106.07 39.67 5.29
CA ASN PA 422 107.02 40.55 5.95
C ASN PA 422 106.29 41.77 6.50
N LYS PA 423 107.05 42.80 6.89
CA LYS PA 423 106.45 44.02 7.41
C LYS PA 423 105.65 44.75 6.34
N ASP PA 424 106.16 44.80 5.12
CA ASP PA 424 105.42 45.45 4.04
C ASP PA 424 104.52 44.50 3.29
N GLY PA 425 104.91 43.23 3.16
CA GLY PA 425 104.09 42.28 2.47
C GLY PA 425 104.87 41.29 1.63
N VAL PA 426 106.16 41.55 1.44
CA VAL PA 426 106.98 40.64 0.64
C VAL PA 426 107.10 39.30 1.35
N PRO PA 427 107.00 38.18 0.65
CA PRO PA 427 107.07 36.89 1.34
C PRO PA 427 108.50 36.50 1.67
N CYS PA 428 108.67 35.99 2.89
CA CYS PA 428 109.94 35.45 3.35
C CYS PA 428 109.67 34.09 3.96
N HIS PA 429 110.70 33.24 3.96
CA HIS PA 429 110.51 31.85 4.37
C HIS PA 429 111.61 31.42 5.32
N VAL PA 430 111.28 30.46 6.19
CA VAL PA 430 112.22 29.85 7.11
C VAL PA 430 112.21 28.35 6.86
N THR PA 431 113.40 27.77 6.74
CA THR PA 431 113.54 26.34 6.52
C THR PA 431 114.46 25.75 7.57
N PHE PA 432 114.59 24.43 7.56
CA PHE PA 432 115.46 23.75 8.52
C PHE PA 432 116.88 24.29 8.44
N GLU PA 433 117.30 24.73 7.26
CA GLU PA 433 118.66 25.21 7.04
C GLU PA 433 119.04 26.30 8.00
N HIS PA 434 118.10 27.14 8.39
CA HIS PA 434 118.41 28.24 9.27
C HIS PA 434 118.49 27.82 10.72
N ALA PA 435 118.25 26.55 11.02
CA ALA PA 435 118.36 26.05 12.38
C ALA PA 435 119.74 25.52 12.70
N MET PA 436 120.68 25.61 11.77
CA MET PA 436 122.01 25.07 12.02
C MET PA 436 122.72 25.81 13.14
N GLY PA 437 122.51 27.12 13.25
CA GLY PA 437 123.14 27.88 14.31
C GLY PA 437 122.82 27.40 15.69
N THR PA 438 121.78 26.59 15.85
CA THR PA 438 121.37 26.08 17.15
C THR PA 438 121.61 24.59 17.30
N LEU PA 439 121.16 23.78 16.34
CA LEU PA 439 121.32 22.34 16.46
C LEU PA 439 122.78 21.92 16.33
N CYS PA 440 123.56 22.65 15.53
CA CYS PA 440 124.96 22.29 15.28
C CYS PA 440 125.84 23.10 16.22
N HIS PA 441 125.88 22.68 17.48
CA HIS PA 441 126.71 23.32 18.50
C HIS PA 441 126.86 22.38 19.68
N PRO PA 442 128.02 22.37 20.34
CA PRO PA 442 128.25 21.41 21.44
C PRO PA 442 127.20 21.44 22.53
N SER PA 443 126.43 22.52 22.67
CA SER PA 443 125.34 22.51 23.64
C SER PA 443 124.30 21.45 23.32
N PHE PA 444 124.24 20.99 22.07
CA PHE PA 444 123.39 19.87 21.72
C PHE PA 444 123.78 18.60 22.45
N LEU PA 445 124.99 18.57 23.01
CA LEU PA 445 125.51 17.39 23.70
C LEU PA 445 125.78 17.62 25.18
N ASP PA 446 125.46 18.80 25.71
CA ASP PA 446 125.66 19.07 27.13
C ASP PA 446 124.62 18.29 27.93
N VAL PA 447 125.06 17.25 28.63
CA VAL PA 447 124.13 16.38 29.35
C VAL PA 447 124.63 16.17 30.78
N ASP PA 448 125.89 16.52 31.04
CA ASP PA 448 126.48 16.21 32.32
C ASP PA 448 125.73 16.88 33.46
N ALA PA 449 125.33 18.14 33.28
CA ALA PA 449 124.56 18.82 34.30
C ALA PA 449 123.25 18.11 34.57
N THR PA 450 122.61 17.56 33.52
CA THR PA 450 121.36 16.86 33.70
C THR PA 450 121.55 15.62 34.57
N LEU PA 451 122.59 14.84 34.29
CA LEU PA 451 122.86 13.66 35.11
C LEU PA 451 123.16 14.04 36.54
N ALA PA 452 124.00 15.06 36.73
CA ALA PA 452 124.30 15.50 38.09
C ALA PA 452 123.04 15.91 38.82
N ALA PA 453 122.10 16.54 38.12
CA ALA PA 453 120.88 16.98 38.77
C ALA PA 453 119.93 15.82 39.05
N LEU PA 454 119.99 14.77 38.24
CA LEU PA 454 119.05 13.67 38.41
C LEU PA 454 119.42 12.75 39.57
N ARG PA 455 120.66 12.74 40.00
CA ARG PA 455 121.07 11.83 41.06
C ARG PA 455 120.69 12.32 42.44
N GLN PA 456 119.88 13.38 42.55
CA GLN PA 456 119.40 13.80 43.86
C GLN PA 456 118.36 12.84 44.40
N GLU PA 457 117.51 12.29 43.52
CA GLU PA 457 116.60 11.25 43.94
C GLU PA 457 117.40 10.07 44.50
N PRO PA 458 116.98 9.47 45.61
CA PRO PA 458 117.80 8.43 46.23
C PRO PA 458 118.08 7.25 45.31
N ALA PA 459 117.05 6.53 44.88
CA ALA PA 459 117.24 5.35 44.04
C ALA PA 459 115.86 4.79 43.66
N GLU PA 460 115.87 3.86 42.71
CA GLU PA 460 114.67 3.22 42.18
C GLU PA 460 115.12 2.06 41.31
N VAL PA 461 114.46 0.91 41.46
CA VAL PA 461 114.78 -0.28 40.68
C VAL PA 461 113.48 -0.88 40.15
N GLN PA 462 113.26 -0.75 38.84
CA GLN PA 462 112.09 -1.33 38.20
C GLN PA 462 112.40 -2.52 37.31
N CYS PA 463 113.64 -2.66 36.85
CA CYS PA 463 114.00 -3.74 35.95
C CYS PA 463 115.51 -3.82 35.90
N ALA PA 464 116.00 -4.96 35.42
CA ALA PA 464 117.43 -5.15 35.26
C ALA PA 464 117.83 -5.80 33.94
N PHE PA 465 116.90 -6.39 33.20
CA PHE PA 465 117.26 -7.15 32.01
C PHE PA 465 117.74 -6.26 30.87
N GLY PA 466 117.41 -4.97 30.90
CA GLY PA 466 117.66 -4.14 29.74
C GLY PA 466 118.95 -3.36 29.73
N ALA PA 467 119.60 -3.20 30.88
CA ALA PA 467 120.73 -2.29 31.01
C ALA PA 467 121.88 -2.96 31.75
N TYR PA 468 122.24 -4.17 31.36
CA TYR PA 468 123.31 -4.88 32.02
C TYR PA 468 123.86 -5.94 31.09
N VAL PA 469 125.19 -6.04 31.02
CA VAL PA 469 125.86 -7.02 30.19
C VAL PA 469 126.91 -7.74 31.04
N ALA PA 470 127.59 -8.70 30.43
CA ALA PA 470 128.60 -9.49 31.12
C ALA PA 470 129.65 -9.93 30.11
N ASP PA 471 130.72 -10.55 30.61
CA ASP PA 471 131.81 -11.03 29.78
C ASP PA 471 131.72 -12.56 29.72
N ALA PA 472 131.64 -13.08 28.50
CA ALA PA 472 131.47 -14.51 28.31
C ALA PA 472 132.72 -15.27 28.72
N ARG PA 473 132.51 -16.45 29.30
CA ARG PA 473 133.58 -17.37 29.68
C ARG PA 473 133.70 -18.46 28.62
N PRO PA 474 134.63 -19.40 28.76
CA PRO PA 474 134.64 -20.57 27.86
C PRO PA 474 133.42 -21.45 28.03
N ASP PA 475 133.42 -22.62 27.39
CA ASP PA 475 132.25 -23.51 27.32
C ASP PA 475 131.11 -22.82 26.60
N ALA PA 476 131.34 -22.61 25.31
CA ALA PA 476 130.57 -21.68 24.49
C ALA PA 476 129.30 -22.31 23.92
N LEU PA 477 128.26 -21.48 23.85
CA LEU PA 477 127.08 -21.60 22.99
C LEU PA 477 126.09 -22.68 23.41
N VAL PA 478 126.38 -23.47 24.42
CA VAL PA 478 125.41 -24.44 24.87
C VAL PA 478 125.15 -24.19 26.35
N GLY PA 479 126.19 -24.33 27.18
CA GLY PA 479 126.06 -23.98 28.58
C GLY PA 479 125.64 -22.53 28.76
N LEU PA 480 126.07 -21.66 27.84
CA LEU PA 480 125.66 -20.27 27.90
C LEU PA 480 124.15 -20.14 27.80
N MET PA 481 123.55 -20.73 26.77
CA MET PA 481 122.11 -20.62 26.59
C MET PA 481 121.36 -21.33 27.71
N GLN PA 482 121.87 -22.50 28.12
CA GLN PA 482 121.23 -23.22 29.23
C GLN PA 482 121.19 -22.37 30.48
N ARG PA 483 122.30 -21.70 30.81
CA ARG PA 483 122.35 -20.92 32.04
C ARG PA 483 121.57 -19.62 31.91
N PHE PA 484 121.57 -19.01 30.72
CA PHE PA 484 120.82 -17.78 30.52
C PHE PA 484 119.32 -18.04 30.58
N LEU PA 485 118.82 -18.90 29.69
CA LEU PA 485 117.38 -19.14 29.63
C LEU PA 485 116.83 -19.65 30.94
N GLU PA 486 117.65 -20.31 31.76
CA GLU PA 486 117.16 -20.80 33.04
C GLU PA 486 117.30 -19.77 34.15
N GLU PA 487 118.12 -18.73 33.96
CA GLU PA 487 118.19 -17.63 34.90
C GLU PA 487 117.35 -16.44 34.47
N TRP PA 488 116.85 -16.46 33.23
CA TRP PA 488 116.22 -15.26 32.67
C TRP PA 488 114.98 -14.84 33.42
N PRO PA 489 114.03 -15.72 33.77
CA PRO PA 489 112.85 -15.25 34.52
C PRO PA 489 113.18 -14.59 35.84
N GLY PA 490 114.17 -15.11 36.57
CA GLY PA 490 114.54 -14.50 37.83
C GLY PA 490 115.16 -13.12 37.70
N MET PA 491 115.55 -12.73 36.49
CA MET PA 491 116.20 -11.44 36.27
C MET PA 491 115.21 -10.29 36.17
N MET PA 492 114.03 -10.53 35.62
CA MET PA 492 113.03 -9.49 35.37
C MET PA 492 111.76 -9.83 36.14
N PRO PA 493 111.69 -9.48 37.43
CA PRO PA 493 110.45 -9.70 38.18
C PRO PA 493 109.32 -8.81 37.70
N VAL PA 494 109.62 -7.68 37.10
CA VAL PA 494 108.63 -6.74 36.61
C VAL PA 494 108.79 -6.60 35.10
N ARG PA 495 107.71 -6.25 34.43
CA ARG PA 495 107.75 -6.06 32.99
C ARG PA 495 108.78 -5.00 32.62
N PRO PA 496 109.70 -5.29 31.70
CA PRO PA 496 110.68 -4.28 31.30
C PRO PA 496 110.00 -3.13 30.60
N ARG PA 497 110.41 -1.91 30.95
CA ARG PA 497 109.78 -0.71 30.39
C ARG PA 497 109.89 -0.70 28.87
N TRP PA 498 111.12 -0.74 28.37
CA TRP PA 498 111.36 -0.62 26.94
C TRP PA 498 110.75 -1.75 26.13
N ALA PA 499 110.19 -2.77 26.77
CA ALA PA 499 109.60 -3.89 26.04
C ALA PA 499 108.43 -3.41 25.19
N ALA PA 500 107.38 -2.90 25.84
CA ALA PA 500 106.21 -2.40 25.15
C ALA PA 500 106.08 -0.91 25.39
N PRO PA 501 106.01 -0.09 24.35
CA PRO PA 501 105.76 1.33 24.55
C PRO PA 501 104.43 1.54 25.27
N ALA PA 502 104.29 2.71 25.88
CA ALA PA 502 103.05 2.97 26.59
C ALA PA 502 101.92 3.15 25.60
N ALA PA 503 101.99 4.22 24.80
CA ALA PA 503 101.01 4.50 23.76
C ALA PA 503 101.40 5.75 22.99
N ALA PA 504 100.61 6.12 21.99
CA ALA PA 504 100.82 7.39 21.32
C ALA PA 504 100.37 8.58 22.17
N ASP PA 505 99.49 8.34 23.14
CA ASP PA 505 98.96 9.40 23.98
C ASP PA 505 99.10 9.12 25.47
N GLN PA 506 98.96 7.87 25.88
CA GLN PA 506 99.02 7.55 27.31
C GLN PA 506 100.40 7.79 27.89
N LEU PA 507 101.40 8.08 27.05
CA LEU PA 507 102.70 8.48 27.57
C LEU PA 507 102.60 9.80 28.32
N LEU PA 508 101.94 10.78 27.71
CA LEU PA 508 101.87 12.13 28.27
C LEU PA 508 100.85 12.25 29.39
N ALA PA 509 100.32 11.14 29.88
CA ALA PA 509 99.43 11.21 31.01
C ALA PA 509 100.16 11.78 32.22
N PRO PA 510 99.46 12.52 33.08
CA PRO PA 510 100.14 13.18 34.21
C PRO PA 510 100.68 12.24 35.26
N GLY PA 511 100.57 10.92 35.08
CA GLY PA 511 100.99 10.04 36.15
C GLY PA 511 102.15 9.10 35.87
N ASN PA 512 102.27 8.62 34.65
CA ASN PA 512 103.24 7.57 34.36
C ASN PA 512 104.65 8.08 34.57
N ALA PA 513 105.55 7.15 34.88
CA ALA PA 513 106.93 7.47 35.23
C ALA PA 513 107.87 7.44 34.05
N ASP PA 514 107.34 7.58 32.83
CA ASP PA 514 108.20 7.64 31.65
C ASP PA 514 108.55 9.07 31.28
N LEU PA 515 107.64 10.01 31.50
CA LEU PA 515 107.99 11.42 31.37
C LEU PA 515 109.19 11.77 32.25
N ARG PA 516 109.27 11.19 33.43
CA ARG PA 516 110.33 11.53 34.37
C ARG PA 516 111.71 11.22 33.86
N LEU PA 517 111.85 10.59 32.71
CA LEU PA 517 113.19 10.36 32.18
C LEU PA 517 113.36 10.87 30.77
N GLU PA 518 112.36 10.73 29.91
CA GLU PA 518 112.49 11.17 28.52
C GLU PA 518 112.49 12.69 28.45
N LEU PA 519 113.68 13.31 28.43
CA LEU PA 519 113.74 14.76 28.40
C LEU PA 519 114.83 15.28 27.47
N HIS PA 520 115.23 14.49 26.48
CA HIS PA 520 116.22 15.00 25.54
C HIS PA 520 116.09 14.21 24.24
N PRO PA 521 116.10 14.88 23.08
CA PRO PA 521 115.79 14.17 21.83
C PRO PA 521 116.94 13.35 21.27
N ALA PA 522 118.09 13.33 21.94
CA ALA PA 522 119.21 12.56 21.43
C ALA PA 522 119.91 11.78 22.54
N PHE PA 523 119.17 11.37 23.56
CA PHE PA 523 119.76 10.66 24.68
C PHE PA 523 118.72 9.75 25.30
N ASP PA 524 119.20 8.70 25.96
CA ASP PA 524 118.34 7.75 26.65
C ASP PA 524 118.78 7.67 28.10
N PHE PA 525 117.88 8.00 29.00
CA PHE PA 525 118.11 7.89 30.43
C PHE PA 525 117.35 6.68 30.97
N PHE PA 526 118.03 5.89 31.79
CA PHE PA 526 117.42 4.71 32.37
C PHE PA 526 118.07 4.45 33.72
N VAL PA 527 117.65 3.36 34.36
CA VAL PA 527 118.25 2.90 35.59
C VAL PA 527 119.07 1.66 35.30
N ALA PA 528 120.18 1.50 36.00
CA ALA PA 528 121.07 0.37 35.81
C ALA PA 528 121.72 0.04 37.14
N PRO PA 529 122.21 -1.18 37.30
CA PRO PA 529 122.87 -1.53 38.56
C PRO PA 529 124.19 -0.80 38.70
N GLU PA 530 124.59 -0.56 39.95
CA GLU PA 530 125.82 0.17 40.26
C GLU PA 530 127.02 -0.76 40.10
N VAL PA 531 127.25 -1.15 38.84
CA VAL PA 531 128.33 -2.06 38.48
C VAL PA 531 128.90 -1.60 37.15
N ASP PA 532 130.21 -1.78 36.97
CA ASP PA 532 130.87 -1.39 35.73
C ASP PA 532 130.34 -2.21 34.56
N VAL PA 533 130.81 -1.91 33.35
CA VAL PA 533 130.35 -2.62 32.18
C VAL PA 533 131.54 -3.20 31.43
N PRO PA 534 131.51 -4.50 31.08
CA PRO PA 534 130.53 -5.48 31.53
C PRO PA 534 130.88 -6.01 32.91
N GLY PA 535 130.33 -7.16 33.29
CA GLY PA 535 130.60 -7.73 34.59
C GLY PA 535 130.48 -9.23 34.64
N PRO PA 536 130.28 -9.78 35.83
CA PRO PA 536 130.09 -11.22 35.97
C PRO PA 536 128.77 -11.66 35.36
N PHE PA 537 128.61 -12.98 35.25
CA PHE PA 537 127.42 -13.53 34.60
C PHE PA 537 126.20 -13.52 35.50
N ALA PA 538 126.38 -13.42 36.81
CA ALA PA 538 125.26 -13.36 37.75
C ALA PA 538 125.08 -11.92 38.16
N VAL PA 539 123.97 -11.31 37.77
CA VAL PA 539 123.74 -9.91 38.10
C VAL PA 539 123.57 -9.77 39.61
N PRO PA 540 124.28 -8.86 40.26
CA PRO PA 540 124.25 -8.80 41.73
C PRO PA 540 123.00 -8.09 42.22
N GLN PA 541 122.90 -7.98 43.55
CA GLN PA 541 121.89 -7.12 44.16
C GLN PA 541 122.62 -5.87 44.66
N VAL PA 542 122.63 -4.86 43.81
CA VAL PA 542 123.29 -3.59 44.11
C VAL PA 542 122.34 -2.47 43.75
N MET PA 543 122.43 -1.37 44.49
CA MET PA 543 121.54 -0.23 44.28
C MET PA 543 121.61 0.24 42.83
N GLY PA 544 120.51 0.83 42.38
CA GLY PA 544 120.46 1.34 41.03
C GLY PA 544 120.89 2.79 40.92
N GLN PA 545 121.18 3.21 39.70
CA GLN PA 545 121.65 4.56 39.43
C GLN PA 545 121.35 4.87 37.96
N VAL PA 546 121.15 6.15 37.68
CA VAL PA 546 120.72 6.58 36.35
C VAL PA 546 121.95 6.75 35.46
N ARG PA 547 121.97 6.02 34.36
CA ARG PA 547 123.01 6.14 33.34
C ARG PA 547 122.49 6.98 32.19
N ALA PA 548 123.25 7.04 31.11
CA ALA PA 548 122.83 7.81 29.93
C ALA PA 548 123.64 7.34 28.73
N MET PA 549 122.94 7.06 27.63
CA MET PA 549 123.58 6.63 26.39
C MET PA 549 122.96 7.41 25.24
N PRO PA 550 123.77 7.81 24.26
CA PRO PA 550 123.22 8.58 23.13
C PRO PA 550 122.56 7.66 22.12
N ARG PA 551 121.35 8.03 21.71
CA ARG PA 551 120.69 7.36 20.60
C ARG PA 551 121.38 7.80 19.32
N ILE PA 552 122.36 7.03 18.86
CA ILE PA 552 123.14 7.46 17.71
C ILE PA 552 122.29 7.53 16.45
N ILE PA 553 121.21 6.77 16.38
CA ILE PA 553 120.38 6.69 15.18
C ILE PA 553 119.10 7.47 15.42
N ASN PA 554 118.71 8.30 14.44
CA ASN PA 554 117.45 9.02 14.55
C ASN PA 554 116.26 8.07 14.56
N GLY PA 555 116.43 6.86 14.03
CA GLY PA 555 115.36 5.89 14.14
C GLY PA 555 115.12 5.37 15.53
N ASN PA 556 116.01 5.68 16.48
CA ASN PA 556 115.88 5.18 17.84
C ASN PA 556 114.93 6.00 18.69
N ILE PA 557 114.36 7.08 18.15
CA ILE PA 557 113.37 7.83 18.92
C ILE PA 557 112.16 6.94 19.16
N PRO PA 558 111.67 6.84 20.39
CA PRO PA 558 110.58 5.88 20.67
C PRO PA 558 109.37 6.14 19.78
N LEU PA 559 108.65 5.06 19.48
CA LEU PA 559 107.54 5.17 18.53
C LEU PA 559 106.47 6.13 19.01
N ALA PA 560 106.37 6.34 20.32
CA ALA PA 560 105.37 7.26 20.84
C ALA PA 560 105.59 8.67 20.30
N LEU PA 561 106.83 9.13 20.32
CA LEU PA 561 107.17 10.47 19.84
C LEU PA 561 107.62 10.48 18.39
N CYS PA 562 107.35 9.41 17.65
CA CYS PA 562 107.65 9.32 16.23
C CYS PA 562 106.79 8.23 15.62
N PRO PA 563 105.58 8.54 15.17
CA PRO PA 563 104.67 7.48 14.75
C PRO PA 563 105.14 6.79 13.49
N VAL PA 564 104.70 5.55 13.33
CA VAL PA 564 105.16 4.71 12.22
C VAL PA 564 104.81 5.35 10.88
N ASP PA 565 103.57 5.84 10.76
CA ASP PA 565 103.13 6.41 9.50
C ASP PA 565 104.04 7.54 9.06
N PHE PA 566 104.64 8.27 9.99
CA PHE PA 566 105.56 9.33 9.60
C PHE PA 566 106.80 8.77 8.93
N ARG PA 567 107.40 7.74 9.53
CA ARG PA 567 108.59 7.15 8.94
C ARG PA 567 108.28 6.55 7.59
N ASP PA 568 107.13 5.89 7.45
CA ASP PA 568 106.79 5.30 6.16
C ASP PA 568 106.45 6.36 5.14
N ALA PA 569 105.93 7.51 5.57
CA ALA PA 569 105.73 8.61 4.64
C ALA PA 569 107.07 9.16 4.17
N ARG PA 570 108.04 9.28 5.07
CA ARG PA 570 109.38 9.72 4.67
C ARG PA 570 110.00 8.73 3.70
N GLY PA 571 109.82 7.44 3.96
CA GLY PA 571 110.29 6.43 3.04
C GLY PA 571 109.68 6.59 1.67
N PHE PA 572 108.36 6.49 1.58
CA PHE PA 572 107.70 6.63 0.29
C PHE PA 572 108.05 7.95 -0.38
N GLU PA 573 108.42 8.97 0.40
CA GLU PA 573 108.97 10.18 -0.17
C GLU PA 573 110.28 9.89 -0.89
N LEU PA 574 111.19 9.21 -0.21
CA LEU PA 574 112.47 8.89 -0.84
C LEU PA 574 112.28 7.90 -1.98
N SER PA 575 111.29 7.03 -1.89
CA SER PA 575 111.12 5.93 -2.82
C SER PA 575 110.64 6.34 -4.17
N VAL PA 576 110.59 7.60 -4.54
CA VAL PA 576 110.13 7.94 -5.88
C VAL PA 576 111.33 7.92 -6.83
N ASP PA 577 111.11 7.38 -8.02
CA ASP PA 577 112.06 7.39 -9.14
C ASP PA 577 113.49 7.09 -8.71
N ARG PA 578 113.66 6.05 -7.90
CA ARG PA 578 114.99 5.54 -7.60
C ARG PA 578 115.18 4.08 -7.99
N HIS PA 579 114.32 3.19 -7.52
CA HIS PA 579 114.39 1.78 -7.89
C HIS PA 579 113.14 1.09 -7.39
N ARG PA 580 112.72 0.04 -8.10
CA ARG PA 580 111.46 -0.63 -7.80
C ARG PA 580 111.65 -2.13 -8.00
N LEU PA 581 111.54 -2.89 -6.92
CA LEU PA 581 111.52 -4.34 -7.03
C LEU PA 581 110.26 -4.78 -7.77
N ALA PA 582 110.43 -5.37 -8.95
CA ALA PA 582 109.30 -5.75 -9.77
C ALA PA 582 108.37 -6.69 -8.99
N PRO PA 583 107.08 -6.73 -9.35
CA PRO PA 583 106.14 -7.59 -8.62
C PRO PA 583 106.54 -9.05 -8.59
N ALA PA 584 107.17 -9.56 -9.65
CA ALA PA 584 107.62 -10.95 -9.63
C ALA PA 584 108.70 -11.17 -8.58
N THR PA 585 109.62 -10.22 -8.47
CA THR PA 585 110.71 -10.35 -7.49
C THR PA 585 110.17 -10.46 -6.07
N VAL PA 586 109.26 -9.55 -5.70
CA VAL PA 586 108.72 -9.59 -4.35
C VAL PA 586 107.84 -10.82 -4.16
N ALA PA 587 107.06 -11.17 -5.17
CA ALA PA 587 106.24 -12.38 -5.07
C ALA PA 587 107.10 -13.61 -4.81
N ALA PA 588 108.32 -13.61 -5.33
CA ALA PA 588 109.22 -14.75 -5.08
C ALA PA 588 109.85 -14.67 -3.70
N VAL PA 589 110.41 -13.52 -3.35
CA VAL PA 589 111.22 -13.42 -2.14
C VAL PA 589 110.33 -13.49 -0.90
N ARG PA 590 109.24 -12.72 -0.87
CA ARG PA 590 108.32 -12.81 0.25
C ARG PA 590 107.75 -14.21 0.38
N GLY PA 591 107.47 -14.85 -0.75
CA GLY PA 591 107.00 -16.22 -0.71
C GLY PA 591 108.00 -17.14 -0.04
N ALA PA 592 109.28 -16.97 -0.37
CA ALA PA 592 110.31 -17.76 0.29
C ALA PA 592 110.31 -17.49 1.78
N PHE PA 593 110.30 -16.22 2.17
CA PHE PA 593 110.45 -15.87 3.58
C PHE PA 593 109.24 -16.30 4.40
N ARG PA 594 108.07 -16.37 3.79
CA ARG PA 594 106.87 -16.79 4.51
C ARG PA 594 106.70 -18.29 4.56
N ASP PA 595 107.34 -19.01 3.65
CA ASP PA 595 107.16 -20.46 3.56
C ASP PA 595 107.81 -21.14 4.75
N ALA PA 596 107.01 -21.90 5.50
CA ALA PA 596 107.50 -22.67 6.63
C ALA PA 596 107.87 -24.09 6.24
N ASN PA 597 107.91 -24.39 4.95
CA ASN PA 597 108.32 -25.70 4.45
C ASN PA 597 109.66 -25.59 3.73
N TYR PA 598 110.55 -24.76 4.26
CA TYR PA 598 111.82 -24.53 3.59
C TYR PA 598 112.73 -25.75 3.73
N PRO PA 599 113.28 -26.26 2.64
CA PRO PA 599 114.08 -27.49 2.71
C PRO PA 599 115.25 -27.35 3.66
N MET PA 600 115.27 -28.20 4.69
CA MET PA 600 116.39 -28.23 5.62
C MET PA 600 117.71 -28.49 4.91
N VAL PA 601 117.68 -29.19 3.78
CA VAL PA 601 118.90 -29.48 3.04
C VAL PA 601 119.57 -28.19 2.59
N PHE PA 602 118.79 -27.15 2.30
CA PHE PA 602 119.38 -25.90 1.84
C PHE PA 602 120.17 -25.23 2.96
N TYR PA 603 119.58 -25.18 4.16
CA TYR PA 603 120.31 -24.70 5.33
C TYR PA 603 121.56 -25.52 5.55
N ILE PA 604 121.49 -26.85 5.36
CA ILE PA 604 122.65 -27.69 5.62
C ILE PA 604 123.77 -27.38 4.63
N ILE PA 605 123.44 -27.33 3.35
CA ILE PA 605 124.44 -27.03 2.34
C ILE PA 605 125.05 -25.66 2.58
N GLU PA 606 124.24 -24.71 3.03
CA GLU PA 606 124.79 -23.39 3.28
C GLU PA 606 125.68 -23.38 4.50
N ALA PA 607 125.35 -24.19 5.51
CA ALA PA 607 126.22 -24.30 6.66
C ALA PA 607 127.57 -24.90 6.28
N VAL PA 608 127.56 -25.90 5.41
CA VAL PA 608 128.83 -26.52 5.04
C VAL PA 608 129.60 -25.70 4.02
N ILE PA 609 128.97 -24.73 3.36
CA ILE PA 609 129.74 -23.83 2.50
C ILE PA 609 130.36 -22.71 3.33
N HIS PA 610 129.55 -22.08 4.19
CA HIS PA 610 129.94 -20.96 5.03
C HIS PA 610 130.81 -19.94 4.29
N GLY PA 611 130.24 -19.40 3.21
CA GLY PA 611 130.83 -18.29 2.49
C GLY PA 611 132.16 -18.56 1.83
N SER PA 612 132.68 -19.77 1.97
CA SER PA 612 133.99 -20.11 1.43
C SER PA 612 133.99 -19.94 -0.08
N GLU PA 613 134.78 -18.98 -0.57
CA GLU PA 613 134.80 -18.69 -1.99
C GLU PA 613 135.15 -19.94 -2.80
N ARG PA 614 136.14 -20.70 -2.35
CA ARG PA 614 136.56 -21.88 -3.10
C ARG PA 614 135.51 -22.97 -3.05
N THR PA 615 134.97 -23.24 -1.87
CA THR PA 615 133.98 -24.30 -1.72
C THR PA 615 132.75 -24.02 -2.58
N PHE PA 616 132.38 -22.75 -2.71
CA PHE PA 616 131.23 -22.42 -3.56
C PHE PA 616 131.54 -22.68 -5.03
N CYS PA 617 132.70 -22.25 -5.50
CA CYS PA 617 133.05 -22.51 -6.89
C CYS PA 617 133.23 -23.99 -7.14
N ALA PA 618 133.43 -24.79 -6.10
CA ALA PA 618 133.43 -26.24 -6.27
C ALA PA 618 132.03 -26.79 -6.38
N LEU PA 619 131.15 -26.42 -5.45
CA LEU PA 619 129.82 -27.01 -5.36
C LEU PA 619 128.78 -26.32 -6.24
N ALA PA 620 129.22 -25.36 -7.06
CA ALA PA 620 128.33 -24.63 -7.96
C ALA PA 620 127.31 -25.54 -8.65
N ARG PA 621 127.75 -26.71 -9.09
CA ARG PA 621 126.85 -27.64 -9.75
C ARG PA 621 125.68 -28.00 -8.86
N LEU PA 622 125.97 -28.61 -7.70
CA LEU PA 622 124.92 -29.01 -6.77
C LEU PA 622 124.03 -27.84 -6.38
N VAL PA 623 124.64 -26.69 -6.11
CA VAL PA 623 123.87 -25.51 -5.73
C VAL PA 623 122.87 -25.16 -6.81
N ALA PA 624 123.32 -25.10 -8.06
CA ALA PA 624 122.44 -24.67 -9.14
C ALA PA 624 121.34 -25.70 -9.40
N GLN PA 625 121.63 -26.98 -9.21
CA GLN PA 625 120.58 -27.98 -9.36
C GLN PA 625 119.52 -27.81 -8.28
N CYS PA 626 119.95 -27.57 -7.05
CA CYS PA 626 119.00 -27.29 -5.98
C CYS PA 626 118.12 -26.09 -6.35
N ILE PA 627 118.74 -25.03 -6.86
CA ILE PA 627 117.99 -23.85 -7.27
C ILE PA 627 116.94 -24.21 -8.31
N GLN PA 628 117.37 -24.89 -9.38
CA GLN PA 628 116.44 -25.23 -10.45
C GLN PA 628 115.26 -26.04 -9.93
N SER PA 629 115.54 -27.03 -9.07
CA SER PA 629 114.46 -27.87 -8.57
C SER PA 629 113.48 -27.05 -7.75
N TYR PA 630 114.00 -26.24 -6.82
CA TYR PA 630 113.11 -25.43 -5.99
C TYR PA 630 112.26 -24.50 -6.85
N TRP PA 631 112.87 -23.88 -7.86
CA TRP PA 631 112.15 -22.95 -8.72
C TRP PA 631 111.02 -23.66 -9.45
N ARG PA 632 111.37 -24.70 -10.22
CA ARG PA 632 110.33 -25.36 -10.99
C ARG PA 632 109.34 -26.13 -10.13
N ASN PA 633 109.62 -26.29 -8.84
CA ASN PA 633 108.66 -26.96 -7.97
C ASN PA 633 107.70 -26.00 -7.29
N THR PA 634 108.14 -24.80 -6.92
CA THR PA 634 107.26 -23.91 -6.18
C THR PA 634 107.29 -22.45 -6.61
N HIS PA 635 108.12 -22.07 -7.58
CA HIS PA 635 108.25 -20.67 -8.00
C HIS PA 635 108.59 -19.77 -6.81
N ASN PA 636 109.76 -20.04 -6.25
CA ASN PA 636 110.29 -19.25 -5.15
C ASN PA 636 111.78 -19.08 -5.37
N ALA PA 637 112.36 -18.13 -4.65
CA ALA PA 637 113.81 -18.06 -4.62
C ALA PA 637 114.33 -19.01 -3.57
N ALA PA 638 115.64 -19.27 -3.62
CA ALA PA 638 116.29 -20.13 -2.65
C ALA PA 638 117.63 -19.52 -2.28
N PHE PA 639 118.08 -19.83 -1.06
CA PHE PA 639 119.37 -19.36 -0.56
C PHE PA 639 119.41 -17.83 -0.46
N VAL PA 640 118.30 -17.24 -0.02
CA VAL PA 640 118.23 -15.80 0.14
C VAL PA 640 118.47 -15.36 1.57
N ASN PA 641 118.56 -16.30 2.51
CA ASN PA 641 118.84 -15.94 3.89
C ASN PA 641 120.23 -15.33 4.04
N ASN PA 642 121.18 -15.80 3.24
CA ASN PA 642 122.56 -15.35 3.32
C ASN PA 642 122.83 -14.32 2.22
N PHE PA 643 123.87 -13.51 2.45
CA PHE PA 643 124.29 -12.48 1.52
C PHE PA 643 125.47 -12.91 0.65
N TYR PA 644 126.53 -13.39 1.30
CA TYR PA 644 127.65 -13.92 0.54
C TYR PA 644 127.18 -14.91 -0.50
N MET PA 645 126.21 -15.73 -0.15
CA MET PA 645 125.80 -16.78 -1.07
C MET PA 645 125.09 -16.21 -2.28
N VAL PA 646 124.15 -15.29 -2.07
CA VAL PA 646 123.44 -14.73 -3.21
C VAL PA 646 124.39 -13.95 -4.10
N MET PA 647 125.40 -13.31 -3.52
CA MET PA 647 126.36 -12.62 -4.38
C MET PA 647 127.20 -13.61 -5.17
N TYR PA 648 127.62 -14.71 -4.55
CA TYR PA 648 128.31 -15.76 -5.30
C TYR PA 648 127.43 -16.25 -6.44
N ILE PA 649 126.14 -16.41 -6.17
CA ILE PA 649 125.19 -16.84 -7.20
C ILE PA 649 125.27 -15.90 -8.40
N ASN PA 650 124.94 -14.63 -8.18
CA ASN PA 650 124.86 -13.70 -9.31
C ASN PA 650 126.21 -13.19 -9.77
N THR PA 651 127.31 -13.71 -9.23
CA THR PA 651 128.61 -13.46 -9.84
C THR PA 651 129.10 -14.63 -10.68
N TYR PA 652 128.95 -15.87 -10.21
CA TYR PA 652 129.50 -17.03 -10.88
C TYR PA 652 128.46 -17.78 -11.69
N LEU PA 653 127.34 -18.15 -11.07
CA LEU PA 653 126.33 -18.88 -11.80
C LEU PA 653 125.74 -18.02 -12.91
N GLY PA 654 125.54 -16.74 -12.61
CA GLY PA 654 125.31 -15.70 -13.61
C GLY PA 654 124.48 -16.09 -14.81
N ASN PA 655 125.05 -15.89 -16.00
CA ASN PA 655 124.45 -16.22 -17.28
C ASN PA 655 124.45 -17.68 -17.57
N GLY PA 656 124.78 -18.54 -16.60
CA GLY PA 656 125.01 -19.93 -16.87
C GLY PA 656 123.80 -20.82 -16.76
N GLU PA 657 123.81 -21.73 -15.78
CA GLU PA 657 122.76 -22.74 -15.72
C GLU PA 657 121.39 -22.14 -15.43
N LEU PA 658 121.37 -21.03 -14.68
CA LEU PA 658 120.12 -20.54 -14.13
C LEU PA 658 119.12 -20.22 -15.24
N PRO PA 659 117.84 -20.53 -15.04
CA PRO PA 659 116.85 -20.25 -16.08
C PRO PA 659 116.77 -18.77 -16.42
N GLU PA 660 116.15 -18.49 -17.57
CA GLU PA 660 116.12 -17.13 -18.06
C GLU PA 660 115.37 -16.20 -17.11
N ASP PA 661 114.23 -16.67 -16.60
CA ASP PA 661 113.41 -15.87 -15.70
C ASP PA 661 113.68 -16.13 -14.23
N CYS PA 662 114.67 -16.96 -13.92
CA CYS PA 662 114.99 -17.28 -12.53
C CYS PA 662 116.13 -16.43 -11.99
N ALA PA 663 117.10 -16.08 -12.83
CA ALA PA 663 118.18 -15.23 -12.39
C ALA PA 663 117.74 -13.78 -12.24
N ALA PA 664 116.57 -13.43 -12.77
CA ALA PA 664 116.11 -12.06 -12.69
C ALA PA 664 116.01 -11.59 -11.25
N VAL PA 665 115.51 -12.46 -10.36
CA VAL PA 665 115.37 -12.05 -8.98
C VAL PA 665 116.74 -11.90 -8.33
N TYR PA 666 117.70 -12.73 -8.72
CA TYR PA 666 119.02 -12.66 -8.09
C TYR PA 666 119.80 -11.45 -8.58
N LYS PA 667 119.50 -10.98 -9.79
CA LYS PA 667 120.12 -9.75 -10.26
C LYS PA 667 119.44 -8.53 -9.64
N ASP PA 668 118.10 -8.55 -9.59
CA ASP PA 668 117.35 -7.46 -8.98
C ASP PA 668 117.76 -7.26 -7.53
N LEU PA 669 117.57 -8.30 -6.71
CA LEU PA 669 117.89 -8.22 -5.29
C LEU PA 669 119.22 -7.58 -5.01
N LEU PA 670 120.16 -7.62 -5.96
CA LEU PA 670 121.43 -6.93 -5.81
C LEU PA 670 121.39 -5.50 -6.33
N GLU PA 671 120.76 -5.29 -7.49
CA GLU PA 671 120.65 -3.93 -8.00
C GLU PA 671 119.97 -3.00 -7.01
N HIS PA 672 118.98 -3.53 -6.30
CA HIS PA 672 118.33 -2.74 -5.25
C HIS PA 672 119.31 -2.33 -4.17
N VAL PA 673 120.15 -3.25 -3.71
CA VAL PA 673 121.13 -2.90 -2.68
C VAL PA 673 122.09 -1.85 -3.21
N HIS PA 674 122.45 -1.95 -4.49
CA HIS PA 674 123.36 -0.97 -5.05
C HIS PA 674 122.72 0.42 -5.07
N ALA PA 675 121.44 0.48 -5.43
CA ALA PA 675 120.75 1.77 -5.39
C ALA PA 675 120.65 2.31 -3.98
N LEU PA 676 120.37 1.43 -3.01
CA LEU PA 676 120.31 1.87 -1.62
C LEU PA 676 121.66 2.42 -1.17
N ARG PA 677 122.75 1.80 -1.61
CA ARG PA 677 124.06 2.35 -1.28
C ARG PA 677 124.27 3.69 -1.96
N ARG PA 678 123.88 3.81 -3.23
CA ARG PA 678 123.98 5.09 -3.94
C ARG PA 678 123.25 6.18 -3.19
N LEU PA 679 122.17 5.83 -2.49
CA LEU PA 679 121.37 6.83 -1.79
C LEU PA 679 122.21 7.57 -0.75
N ILE PA 680 122.96 6.85 0.08
CA ILE PA 680 123.72 7.49 1.16
C ILE PA 680 124.65 8.54 0.60
N GLY PA 681 125.31 8.25 -0.52
CA GLY PA 681 126.22 9.21 -1.11
C GLY PA 681 125.54 10.49 -1.53
N GLU PA 682 124.29 10.39 -1.98
CA GLU PA 682 123.57 11.58 -2.43
C GLU PA 682 123.26 12.52 -1.27
N PHE PA 683 123.05 11.97 -0.08
CA PHE PA 683 122.66 12.77 1.08
C PHE PA 683 123.84 13.13 1.97
N THR PA 684 125.00 13.37 1.38
CA THR PA 684 126.13 13.89 2.12
C THR PA 684 126.90 14.86 1.25
N LEU PA 685 127.45 15.88 1.88
CA LEU PA 685 128.26 16.85 1.16
C LEU PA 685 129.70 16.36 1.07
N PRO PA 686 130.46 16.88 0.10
CA PRO PA 686 131.89 16.52 0.04
C PRO PA 686 132.64 17.28 1.11
N GLY PA 687 133.34 16.54 1.98
CA GLY PA 687 134.10 17.15 3.05
C GLY PA 687 135.49 16.53 3.14
N ASP PA 688 136.19 16.93 4.16
CA ASP PA 688 137.51 16.41 4.45
C ASP PA 688 137.47 15.50 5.67
N PRO PA 689 138.30 14.46 5.71
CA PRO PA 689 138.27 13.54 6.85
C PRO PA 689 138.51 14.26 8.16
N LEU PA 690 137.53 14.13 9.07
CA LEU PA 690 137.64 14.73 10.39
C LEU PA 690 138.46 13.86 11.32
N GLY PA 691 138.00 12.64 11.57
CA GLY PA 691 138.66 11.75 12.50
C GLY PA 691 139.31 10.57 11.81
N ASN PA 692 140.00 10.82 10.70
CA ASN PA 692 140.55 9.80 9.83
C ASN PA 692 139.46 8.91 9.25
N GLN PA 693 138.23 9.40 9.24
CA GLN PA 693 137.12 8.71 8.59
C GLN PA 693 136.50 9.67 7.59
N PRO PA 694 136.40 9.30 6.32
CA PRO PA 694 135.65 10.12 5.36
C PRO PA 694 134.25 10.46 5.84
N GLN PA 695 133.62 11.47 5.23
CA GLN PA 695 132.36 11.97 5.75
C GLN PA 695 131.25 10.95 5.64
N GLU PA 696 131.27 10.09 4.61
CA GLU PA 696 130.18 9.14 4.41
C GLU PA 696 129.89 8.34 5.66
N GLU PA 697 130.94 7.89 6.35
CA GLU PA 697 130.77 7.15 7.60
C GLU PA 697 130.67 8.08 8.80
N LEU PA 698 130.40 9.35 8.58
CA LEU PA 698 130.11 10.28 9.66
C LEU PA 698 128.66 10.71 9.70
N ASN PA 699 128.00 10.76 8.54
CA ASN PA 699 126.56 10.99 8.49
C ASN PA 699 125.80 9.71 8.79
N HIS PA 700 125.98 8.70 7.96
CA HIS PA 700 125.24 7.45 8.07
C HIS PA 700 125.94 6.53 9.08
N ALA PA 701 125.27 5.42 9.39
CA ALA PA 701 125.80 4.48 10.38
C ALA PA 701 126.02 3.09 9.85
N LEU PA 702 125.66 2.81 8.60
CA LEU PA 702 126.00 1.54 7.99
C LEU PA 702 127.18 1.64 7.05
N ALA PA 703 127.43 2.82 6.48
CA ALA PA 703 128.70 3.07 5.80
C ALA PA 703 129.87 3.10 6.78
N ASP PA 704 129.59 3.13 8.08
CA ASP PA 704 130.65 3.11 9.07
C ASP PA 704 131.38 1.77 9.04
N ALA PA 705 132.60 1.79 9.58
CA ALA PA 705 133.41 0.59 9.63
C ALA PA 705 133.54 0.00 11.03
N THR PA 706 133.43 0.81 12.08
CA THR PA 706 133.58 0.26 13.42
C THR PA 706 132.37 -0.56 13.84
N LEU PA 707 131.27 -0.47 13.12
CA LEU PA 707 130.12 -1.31 13.40
C LEU PA 707 130.36 -2.72 12.88
N LEU PA 708 129.90 -3.71 13.64
CA LEU PA 708 130.12 -5.02 13.04
C LEU PA 708 128.86 -5.53 12.38
N PRO PA 709 128.95 -6.09 11.18
CA PRO PA 709 127.80 -6.76 10.57
C PRO PA 709 127.24 -7.78 11.54
N PRO PA 710 125.94 -8.02 11.50
CA PRO PA 710 125.35 -8.96 12.47
C PRO PA 710 125.90 -10.37 12.32
N LEU PA 711 126.21 -10.79 11.09
CA LEU PA 711 126.73 -12.12 10.83
C LEU PA 711 127.99 -12.02 9.99
N ILE PA 712 129.12 -12.44 10.54
CA ILE PA 712 130.36 -12.47 9.81
C ILE PA 712 130.66 -13.89 9.39
N TRP PA 713 131.61 -14.04 8.48
CA TRP PA 713 132.03 -15.34 8.01
C TRP PA 713 133.53 -15.51 7.91
N ASP PA 714 134.31 -14.44 8.08
CA ASP PA 714 135.76 -14.53 8.11
C ASP PA 714 136.26 -13.42 9.04
N CYS PA 715 137.54 -13.10 8.95
CA CYS PA 715 138.10 -12.01 9.74
C CYS PA 715 138.27 -10.74 8.91
N ASP PA 716 137.55 -10.62 7.80
CA ASP PA 716 137.67 -9.42 6.97
C ASP PA 716 137.25 -8.16 7.72
N PRO PA 717 136.03 -8.06 8.26
CA PRO PA 717 135.65 -6.80 8.92
C PRO PA 717 136.36 -6.57 10.23
N ILE PA 718 136.71 -7.63 10.96
CA ILE PA 718 137.44 -7.44 12.21
C ILE PA 718 138.85 -6.97 11.94
N LEU PA 719 139.40 -7.29 10.77
CA LEU PA 719 140.74 -6.82 10.43
C LEU PA 719 140.73 -5.33 10.11
N TYR PA 720 139.75 -4.89 9.32
CA TYR PA 720 139.63 -3.46 9.04
C TYR PA 720 139.37 -2.67 10.31
N ARG PA 721 138.59 -3.23 11.23
CA ARG PA 721 138.08 -2.48 12.37
C ARG PA 721 139.20 -1.78 13.14
N ASP PA 722 140.33 -2.46 13.32
CA ASP PA 722 141.41 -1.86 14.10
C ASP PA 722 142.06 -0.69 13.38
N GLY PA 723 141.83 -0.54 12.08
CA GLY PA 723 142.40 0.58 11.36
C GLY PA 723 142.04 1.93 11.96
N LEU PA 724 140.84 2.04 12.53
CA LEU PA 724 140.38 3.25 13.18
C LEU PA 724 140.77 3.18 14.65
N ALA PA 725 141.68 4.06 15.07
CA ALA PA 725 142.24 3.98 16.41
C ALA PA 725 141.94 5.18 17.28
N GLU PA 726 141.37 6.25 16.74
CA GLU PA 726 141.10 7.44 17.56
C GLU PA 726 140.06 7.13 18.63
N ARG PA 727 138.87 6.69 18.22
CA ARG PA 727 137.89 6.21 19.19
C ARG PA 727 138.27 4.79 19.55
N LEU PA 728 138.88 4.63 20.73
CA LEU PA 728 139.52 3.39 21.15
C LEU PA 728 138.60 2.19 20.99
N PRO PA 729 138.85 1.32 20.03
CA PRO PA 729 138.04 0.13 19.87
C PRO PA 729 138.62 -1.01 20.71
N GLU PA 730 137.87 -2.10 20.77
CA GLU PA 730 138.28 -3.29 21.49
C GLU PA 730 137.31 -4.41 21.14
N LEU PA 731 137.77 -5.64 21.28
CA LEU PA 731 136.95 -6.78 20.91
C LEU PA 731 137.34 -7.96 21.79
N ARG PA 732 136.35 -8.70 22.28
CA ARG PA 732 136.59 -9.85 23.13
C ARG PA 732 135.71 -11.00 22.67
N VAL PA 733 136.30 -12.18 22.56
CA VAL PA 733 135.60 -13.38 22.15
C VAL PA 733 135.80 -14.40 23.27
N ASN PA 734 134.77 -14.59 24.10
CA ASN PA 734 134.81 -15.48 25.26
C ASN PA 734 135.90 -15.11 26.26
N GLY PA 735 136.52 -13.94 26.11
CA GLY PA 735 137.55 -13.50 27.02
C GLY PA 735 138.86 -13.17 26.32
N ALA PA 736 139.24 -14.00 25.34
CA ALA PA 736 140.45 -13.76 24.58
C ALA PA 736 140.20 -12.65 23.58
N HIS PA 737 141.24 -11.88 23.27
CA HIS PA 737 141.10 -10.77 22.34
C HIS PA 737 140.68 -11.28 20.97
N PHE PA 738 141.60 -11.97 20.29
CA PHE PA 738 141.33 -12.83 19.15
C PHE PA 738 142.67 -13.38 18.67
N GLN PA 739 142.61 -14.47 17.93
CA GLN PA 739 143.79 -15.09 17.36
C GLN PA 739 143.48 -15.55 15.95
N HIS PA 740 144.31 -15.14 15.00
CA HIS PA 740 144.11 -15.48 13.61
C HIS PA 740 144.76 -16.83 13.34
N ILE PA 741 144.01 -17.72 12.69
CA ILE PA 741 144.53 -19.03 12.30
C ILE PA 741 144.15 -19.30 10.85
N LEU PA 742 144.98 -20.09 10.19
CA LEU PA 742 144.76 -20.42 8.78
C LEU PA 742 143.71 -21.53 8.70
N TRP PA 743 143.50 -22.06 7.50
CA TRP PA 743 142.49 -23.08 7.29
C TRP PA 743 142.83 -24.35 8.06
N VAL PA 744 141.81 -25.17 8.29
CA VAL PA 744 141.96 -26.41 9.02
C VAL PA 744 141.77 -27.57 8.05
N GLU PA 745 142.43 -28.69 8.36
CA GLU PA 745 142.43 -29.87 7.54
C GLU PA 745 141.79 -31.03 8.28
N MET PA 746 141.73 -32.18 7.61
CA MET PA 746 141.16 -33.37 8.19
C MET PA 746 142.02 -33.95 9.31
N ALA PA 747 143.29 -33.56 9.41
CA ALA PA 747 144.15 -34.13 10.44
C ALA PA 747 143.67 -33.74 11.84
N GLN PA 748 143.21 -32.50 12.00
CA GLN PA 748 142.79 -32.00 13.30
C GLN PA 748 141.59 -31.08 13.11
N VAL PA 749 140.62 -31.19 14.01
CA VAL PA 749 139.49 -30.28 14.01
C VAL PA 749 139.29 -29.67 15.39
N ASN PA 750 139.18 -30.52 16.41
CA ASN PA 750 139.02 -30.08 17.81
C ASN PA 750 137.75 -29.23 17.97
N PHE PA 751 136.62 -29.90 17.74
CA PHE PA 751 135.32 -29.25 17.90
C PHE PA 751 135.13 -28.61 19.27
N ARG PA 752 135.86 -29.08 20.28
CA ARG PA 752 135.66 -28.63 21.65
C ARG PA 752 136.52 -27.43 22.02
N ASN PA 753 137.24 -26.85 21.07
CA ASN PA 753 138.06 -25.68 21.39
C ASN PA 753 137.17 -24.46 21.61
N VAL PA 754 137.58 -23.60 22.54
CA VAL PA 754 136.71 -22.53 23.00
C VAL PA 754 137.43 -21.17 22.95
N GLY PA 755 138.73 -21.18 22.71
CA GLY PA 755 139.52 -19.97 22.74
C GLY PA 755 139.15 -19.01 21.62
N GLY PA 756 139.81 -17.87 21.63
CA GLY PA 756 139.63 -16.88 20.59
C GLY PA 756 140.25 -17.31 19.27
N GLY PA 757 139.83 -18.47 18.77
CA GLY PA 757 140.36 -18.99 17.54
C GLY PA 757 139.39 -18.86 16.39
N LEU PA 758 139.70 -17.95 15.47
CA LEU PA 758 138.80 -17.61 14.37
C LEU PA 758 139.40 -18.17 13.08
N VAL PA 759 138.66 -19.02 12.41
CA VAL PA 759 139.14 -19.67 11.21
C VAL PA 759 138.79 -18.82 10.00
N HIS PA 760 139.58 -18.97 8.94
CA HIS PA 760 139.26 -18.41 7.64
C HIS PA 760 138.75 -19.52 6.73
N ASN PA 761 137.71 -19.22 5.96
CA ASN PA 761 137.05 -20.20 5.12
C ASN PA 761 137.80 -20.30 3.79
N ARG PA 762 138.73 -21.27 3.70
CA ARG PA 762 139.68 -21.36 2.61
C ARG PA 762 140.32 -20.00 2.43
N PRO PA 763 141.24 -19.64 3.33
CA PRO PA 763 141.58 -18.23 3.56
C PRO PA 763 141.86 -17.41 2.30
N VAL PA 764 142.16 -18.09 1.21
CA VAL PA 764 142.52 -17.41 -0.03
C VAL PA 764 142.31 -18.38 -1.17
N ARG PA 765 142.05 -17.84 -2.35
CA ARG PA 765 141.91 -18.67 -3.54
C ARG PA 765 143.24 -18.87 -4.25
N ASN PA 766 144.10 -17.87 -4.24
CA ASN PA 766 145.29 -17.91 -5.08
C ASN PA 766 146.60 -17.65 -4.34
N GLU PA 767 146.62 -16.69 -3.42
CA GLU PA 767 147.90 -16.16 -2.94
C GLU PA 767 148.54 -17.07 -1.90
N ASN PA 768 147.84 -17.30 -0.78
CA ASN PA 768 148.40 -18.01 0.37
C ASN PA 768 149.58 -17.25 0.97
N GLN PA 769 149.31 -16.00 1.33
CA GLN PA 769 150.25 -15.08 1.94
C GLN PA 769 149.76 -14.70 3.33
N PRO PA 770 150.60 -14.12 4.19
CA PRO PA 770 150.20 -13.91 5.58
C PRO PA 770 149.23 -12.73 5.73
N LEU PA 771 148.06 -13.02 6.30
CA LEU PA 771 147.22 -12.02 6.97
C LEU PA 771 146.81 -10.88 6.03
N HIS PA 772 146.02 -11.24 5.03
CA HIS PA 772 145.44 -10.22 4.16
C HIS PA 772 143.99 -10.57 3.88
N PRO PA 773 143.10 -9.59 3.91
CA PRO PA 773 141.70 -9.85 3.55
C PRO PA 773 141.57 -10.09 2.06
N HIS PA 774 140.45 -10.72 1.69
CA HIS PA 774 140.18 -11.01 0.28
C HIS PA 774 138.89 -10.34 -0.19
N HIS PA 775 138.58 -9.17 0.36
CA HIS PA 775 137.46 -8.35 -0.09
C HIS PA 775 137.73 -6.91 0.35
N ASP PA 776 137.39 -5.96 -0.52
CA ASP PA 776 137.55 -4.56 -0.16
C ASP PA 776 136.46 -4.14 0.81
N ALA PA 777 136.55 -2.89 1.28
CA ALA PA 777 135.66 -2.44 2.35
C ALA PA 777 134.21 -2.35 1.89
N GLU PA 778 133.98 -2.14 0.59
CA GLU PA 778 132.62 -2.05 0.06
C GLU PA 778 131.80 -3.29 0.41
N TRP PA 779 132.46 -4.44 0.53
CA TRP PA 779 131.75 -5.68 0.82
C TRP PA 779 131.02 -5.61 2.15
N SER PA 780 131.71 -5.16 3.19
CA SER PA 780 131.10 -5.18 4.52
C SER PA 780 129.93 -4.21 4.62
N VAL PA 781 130.05 -3.03 4.00
CA VAL PA 781 128.95 -2.08 4.08
C VAL PA 781 127.76 -2.59 3.27
N LEU PA 782 128.02 -3.28 2.16
CA LEU PA 782 126.90 -3.87 1.43
C LEU PA 782 126.24 -4.96 2.26
N SER PA 783 127.04 -5.71 3.02
CA SER PA 783 126.45 -6.73 3.89
C SER PA 783 125.58 -6.09 4.98
N LYS PA 784 126.07 -5.02 5.58
CA LYS PA 784 125.28 -4.32 6.58
C LYS PA 784 123.98 -3.81 5.99
N ILE PA 785 124.05 -3.23 4.79
CA ILE PA 785 122.84 -2.76 4.12
C ILE PA 785 121.86 -3.91 3.96
N TYR PA 786 122.31 -5.01 3.35
CA TYR PA 786 121.41 -6.12 3.08
C TYR PA 786 120.77 -6.64 4.37
N TYR PA 787 121.54 -6.72 5.44
CA TYR PA 787 121.00 -7.38 6.63
C TYR PA 787 120.15 -6.44 7.48
N TYR PA 788 120.45 -5.16 7.50
CA TYR PA 788 119.70 -4.25 8.35
C TYR PA 788 118.54 -3.56 7.65
N ALA PA 789 118.55 -3.50 6.32
CA ALA PA 789 117.54 -2.76 5.60
C ALA PA 789 116.62 -3.64 4.76
N VAL PA 790 117.13 -4.69 4.13
CA VAL PA 790 116.36 -5.48 3.19
C VAL PA 790 115.70 -6.68 3.86
N VAL PA 791 116.46 -7.44 4.65
CA VAL PA 791 115.89 -8.61 5.32
C VAL PA 791 114.69 -8.24 6.18
N PRO PA 792 114.76 -7.23 7.06
CA PRO PA 792 113.58 -6.91 7.87
C PRO PA 792 112.41 -6.41 7.05
N ALA PA 793 112.66 -5.95 5.81
CA ALA PA 793 111.54 -5.55 4.97
C ALA PA 793 110.62 -6.71 4.67
N PHE PA 794 111.21 -7.85 4.30
CA PHE PA 794 110.41 -9.03 3.97
C PHE PA 794 110.04 -9.84 5.21
N SER PA 795 110.99 -10.04 6.13
CA SER PA 795 110.75 -10.93 7.25
C SER PA 795 109.73 -10.34 8.22
N ARG PA 796 109.81 -9.03 8.46
CA ARG PA 796 108.91 -8.33 9.37
C ARG PA 796 108.92 -8.97 10.76
N GLY PA 797 110.10 -8.93 11.38
CA GLY PA 797 110.24 -9.42 12.74
C GLY PA 797 109.82 -10.86 12.91
N ASN PA 798 110.26 -11.72 12.01
CA ASN PA 798 109.98 -13.14 12.10
C ASN PA 798 111.22 -14.02 12.08
N CYS PA 799 112.28 -13.60 11.40
CA CYS PA 799 113.49 -14.41 11.30
C CYS PA 799 114.17 -14.52 12.66
N CYS PA 800 115.26 -15.30 12.69
CA CYS PA 800 116.04 -15.49 13.90
C CYS PA 800 117.37 -16.15 13.58
N THR PA 801 118.48 -15.58 14.06
CA THR PA 801 119.78 -16.17 13.83
C THR PA 801 119.98 -17.35 14.78
N MET PA 802 120.52 -18.43 14.24
CA MET PA 802 120.69 -19.66 15.01
C MET PA 802 122.11 -20.17 14.89
N GLY PA 803 122.56 -20.87 15.93
CA GLY PA 803 123.86 -21.50 15.92
C GLY PA 803 123.81 -22.90 15.36
N VAL PA 804 124.99 -23.49 15.19
CA VAL PA 804 125.13 -24.77 14.52
C VAL PA 804 125.82 -25.77 15.44
N ARG PA 805 125.50 -27.04 15.24
CA ARG PA 805 126.24 -28.15 15.82
C ARG PA 805 127.07 -28.75 14.70
N TYR PA 806 128.30 -28.26 14.56
CA TYR PA 806 129.13 -28.69 13.44
C TYR PA 806 129.47 -30.17 13.55
N ASP PA 807 129.71 -30.65 14.77
CA ASP PA 807 130.02 -32.06 14.96
C ASP PA 807 128.89 -32.97 14.51
N ARG PA 808 127.67 -32.44 14.41
CA ARG PA 808 126.53 -33.24 13.97
C ARG PA 808 126.29 -33.15 12.47
N VAL PA 809 126.61 -32.02 11.85
CA VAL PA 809 126.31 -31.86 10.44
C VAL PA 809 127.36 -32.54 9.56
N TYR PA 810 128.64 -32.39 9.88
CA TYR PA 810 129.67 -33.11 9.16
C TYR PA 810 129.50 -34.61 9.32
N GLN PA 811 129.11 -35.04 10.52
CA GLN PA 811 128.89 -36.45 10.78
C GLN PA 811 127.90 -37.05 9.80
N LEU PA 812 126.86 -36.31 9.43
CA LEU PA 812 125.87 -36.81 8.50
C LEU PA 812 126.32 -36.62 7.05
N VAL PA 813 126.81 -35.43 6.71
CA VAL PA 813 127.16 -35.11 5.34
C VAL PA 813 128.22 -36.07 4.80
N GLN PA 814 128.95 -36.74 5.68
CA GLN PA 814 129.92 -37.73 5.24
C GLN PA 814 129.26 -39.06 4.92
N THR PA 815 128.08 -39.33 5.46
CA THR PA 815 127.39 -40.61 5.26
C THR PA 815 126.47 -40.46 4.06
N MET PA 816 126.99 -40.79 2.88
CA MET PA 816 126.18 -40.87 1.68
C MET PA 816 126.13 -42.31 1.20
N VAL PA 817 125.33 -42.54 0.16
CA VAL PA 817 125.22 -43.86 -0.45
C VAL PA 817 125.06 -43.64 -1.95
N VAL PA 818 126.03 -44.12 -2.72
CA VAL PA 818 126.00 -43.94 -4.16
C VAL PA 818 126.13 -45.30 -4.82
N PRO PA 819 125.63 -45.43 -6.05
CA PRO PA 819 125.86 -46.67 -6.80
C PRO PA 819 127.28 -46.73 -7.32
N GLU PA 820 127.57 -47.75 -8.13
CA GLU PA 820 128.84 -47.85 -8.83
C GLU PA 820 128.51 -48.02 -10.32
N THR PA 821 128.77 -46.97 -11.10
CA THR PA 821 128.53 -47.00 -12.53
C THR PA 821 129.72 -46.35 -13.24
N ASP PA 822 129.57 -46.15 -14.54
CA ASP PA 822 130.56 -45.46 -15.36
C ASP PA 822 130.04 -44.18 -15.98
N GLU PA 823 128.78 -44.15 -16.41
CA GLU PA 823 128.18 -43.00 -17.05
C GLU PA 823 126.89 -42.63 -16.32
N GLU PA 824 126.20 -41.63 -16.86
CA GLU PA 824 124.93 -41.21 -16.28
C GLU PA 824 123.84 -42.24 -16.59
N VAL PA 825 122.82 -42.27 -15.73
CA VAL PA 825 121.80 -43.31 -15.77
C VAL PA 825 120.39 -42.74 -15.91
N GLY PA 826 120.08 -41.68 -15.16
CA GLY PA 826 118.71 -41.21 -15.03
C GLY PA 826 117.99 -41.89 -13.88
N THR PA 827 116.83 -41.32 -13.53
CA THR PA 827 116.08 -41.80 -12.38
C THR PA 827 115.22 -43.02 -12.66
N ASP PA 828 115.28 -43.56 -13.89
CA ASP PA 828 114.45 -44.71 -14.23
C ASP PA 828 115.01 -46.00 -13.64
N ASP PA 829 116.30 -46.25 -13.84
CA ASP PA 829 116.89 -47.51 -13.40
C ASP PA 829 117.10 -47.52 -11.90
N PRO PA 830 117.08 -48.71 -11.28
CA PRO PA 830 117.34 -48.80 -9.84
C PRO PA 830 118.75 -48.42 -9.44
N ARG PA 831 119.60 -47.99 -10.37
CA ARG PA 831 120.93 -47.55 -10.01
C ARG PA 831 120.96 -46.13 -9.49
N HIS PA 832 119.95 -45.31 -9.79
CA HIS PA 832 119.97 -43.92 -9.39
C HIS PA 832 120.04 -43.80 -7.87
N PRO PA 833 120.82 -42.87 -7.34
CA PRO PA 833 120.92 -42.75 -5.87
C PRO PA 833 119.62 -42.32 -5.21
N LEU PA 834 118.71 -41.69 -5.95
CA LEU PA 834 117.40 -41.33 -5.44
C LEU PA 834 116.33 -42.35 -5.80
N HIS PA 835 116.73 -43.55 -6.19
CA HIS PA 835 115.76 -44.60 -6.44
C HIS PA 835 115.34 -45.23 -5.11
N PRO PA 836 114.06 -45.57 -4.96
CA PRO PA 836 113.59 -46.14 -3.69
C PRO PA 836 114.27 -47.44 -3.30
N ARG PA 837 115.15 -47.97 -4.16
CA ARG PA 837 115.86 -49.20 -3.84
C ARG PA 837 116.89 -48.97 -2.74
N ASN PA 838 117.76 -47.99 -2.92
CA ASN PA 838 118.93 -47.79 -2.07
C ASN PA 838 118.75 -46.66 -1.07
N LEU PA 839 117.55 -46.51 -0.50
CA LEU PA 839 117.30 -45.45 0.48
C LEU PA 839 117.49 -46.01 1.87
N VAL PA 840 118.76 -46.14 2.24
CA VAL PA 840 119.08 -46.65 3.58
C VAL PA 840 118.73 -45.58 4.62
N PRO PA 841 118.18 -45.95 5.78
CA PRO PA 841 117.77 -44.95 6.75
C PRO PA 841 118.90 -44.04 7.19
N ASN PA 842 118.53 -42.81 7.57
CA ASN PA 842 119.45 -41.84 8.17
C ASN PA 842 120.64 -41.57 7.27
N SER PA 843 120.48 -41.74 5.97
CA SER PA 843 121.52 -41.39 5.02
C SER PA 843 121.35 -39.94 4.62
N LEU PA 844 122.09 -39.51 3.59
CA LEU PA 844 121.92 -38.19 3.03
C LEU PA 844 121.00 -38.18 1.82
N ASN PA 845 120.95 -39.29 1.07
CA ASN PA 845 120.00 -39.37 -0.03
C ASN PA 845 118.58 -39.22 0.45
N VAL PA 846 118.29 -39.70 1.66
CA VAL PA 846 116.94 -39.62 2.17
C VAL PA 846 116.55 -38.17 2.47
N LEU PA 847 117.53 -37.31 2.78
CA LEU PA 847 117.20 -35.91 2.97
C LEU PA 847 116.93 -35.22 1.65
N PHE PA 848 117.61 -35.64 0.59
CA PHE PA 848 117.34 -35.07 -0.73
C PHE PA 848 115.98 -35.51 -1.24
N HIS PA 849 115.77 -36.82 -1.35
CA HIS PA 849 114.46 -37.33 -1.73
C HIS PA 849 113.39 -36.87 -0.78
N ASN PA 850 113.77 -36.52 0.45
CA ASN PA 850 112.88 -35.92 1.42
C ASN PA 850 112.42 -34.53 1.00
N ALA PA 851 113.12 -33.92 0.04
CA ALA PA 851 112.83 -32.55 -0.37
C ALA PA 851 112.43 -32.44 -1.85
N CYS PA 852 112.28 -33.56 -2.55
CA CYS PA 852 111.85 -33.57 -3.94
C CYS PA 852 112.79 -32.76 -4.84
N VAL PA 853 114.08 -32.83 -4.55
CA VAL PA 853 115.10 -32.14 -5.33
C VAL PA 853 115.71 -33.11 -6.32
N ALA PA 854 116.01 -32.63 -7.52
CA ALA PA 854 116.56 -33.47 -8.60
C ALA PA 854 118.06 -33.25 -8.65
N VAL PA 855 118.82 -34.30 -8.32
CA VAL PA 855 120.28 -34.22 -8.24
C VAL PA 855 120.88 -35.43 -8.93
N ASP PA 856 121.97 -35.21 -9.65
CA ASP PA 856 122.71 -36.28 -10.31
C ASP PA 856 123.60 -37.00 -9.29
N ALA PA 857 124.24 -38.08 -9.74
CA ALA PA 857 125.12 -38.82 -8.85
C ALA PA 857 126.37 -38.03 -8.52
N ASP PA 858 127.20 -37.75 -9.54
CA ASP PA 858 128.45 -37.05 -9.29
C ASP PA 858 128.21 -35.70 -8.63
N ALA PA 859 127.05 -35.11 -8.84
CA ALA PA 859 126.71 -33.89 -8.12
C ALA PA 859 126.69 -34.13 -6.61
N MET PA 860 126.29 -35.32 -6.19
CA MET PA 860 126.39 -35.68 -4.78
C MET PA 860 127.79 -36.14 -4.41
N LEU PA 861 128.50 -36.79 -5.33
CA LEU PA 861 129.85 -37.26 -5.03
C LEU PA 861 130.78 -36.09 -4.72
N ILE PA 862 130.62 -34.98 -5.44
CA ILE PA 862 131.47 -33.80 -5.26
C ILE PA 862 131.42 -33.25 -3.85
N LEU PA 863 130.37 -33.59 -3.09
CA LEU PA 863 130.15 -33.03 -1.77
C LEU PA 863 131.35 -33.13 -0.85
N GLN PA 864 132.33 -33.99 -1.15
CA GLN PA 864 133.50 -34.15 -0.31
C GLN PA 864 134.57 -33.10 -0.56
N GLU PA 865 134.37 -32.19 -1.52
CA GLU PA 865 135.41 -31.20 -1.78
C GLU PA 865 135.57 -30.23 -0.63
N THR PA 866 134.68 -30.25 0.36
CA THR PA 866 134.78 -29.40 1.53
C THR PA 866 135.70 -29.96 2.59
N VAL PA 867 136.11 -31.24 2.48
CA VAL PA 867 136.88 -31.87 3.55
C VAL PA 867 138.22 -31.19 3.76
N THR PA 868 138.70 -30.40 2.79
CA THR PA 868 139.94 -29.66 2.93
C THR PA 868 139.76 -28.31 3.61
N ASN PA 869 138.52 -27.86 3.80
CA ASN PA 869 138.24 -26.55 4.40
C ASN PA 869 137.04 -26.72 5.32
N MET PA 870 137.31 -27.00 6.60
CA MET PA 870 136.27 -27.31 7.56
C MET PA 870 135.76 -26.04 8.22
N ALA PA 871 134.98 -26.21 9.28
CA ALA PA 871 134.54 -25.11 10.13
C ALA PA 871 134.45 -25.65 11.54
N GLU PA 872 135.15 -24.99 12.48
CA GLU PA 872 135.25 -25.52 13.83
C GLU PA 872 133.93 -25.39 14.57
N ARG PA 873 133.48 -24.15 14.78
CA ARG PA 873 132.31 -23.89 15.59
C ARG PA 873 131.86 -22.46 15.33
N THR PA 874 130.67 -22.13 15.82
CA THR PA 874 130.21 -20.76 15.84
C THR PA 874 130.56 -20.14 17.19
N THR PA 875 130.83 -18.84 17.18
CA THR PA 875 131.34 -18.18 18.37
C THR PA 875 130.74 -16.78 18.47
N PRO PA 876 130.52 -16.30 19.69
CA PRO PA 876 129.98 -14.95 19.87
C PRO PA 876 131.09 -13.91 19.84
N LEU PA 877 130.67 -12.67 19.60
CA LEU PA 877 131.59 -11.55 19.62
C LEU PA 877 130.93 -10.40 20.36
N LEU PA 878 131.76 -9.46 20.81
CA LEU PA 878 131.24 -8.33 21.58
C LEU PA 878 132.11 -7.12 21.26
N ALA PA 879 131.66 -6.32 20.30
CA ALA PA 879 132.34 -5.07 20.01
C ALA PA 879 131.97 -4.02 21.06
N SER PA 880 132.85 -3.04 21.21
CA SER PA 880 132.74 -2.02 22.25
C SER PA 880 133.48 -0.78 21.74
N VAL PA 881 132.73 0.23 21.34
CA VAL PA 881 133.29 1.37 20.63
C VAL PA 881 132.95 2.65 21.38
N ALA PA 882 133.92 3.54 21.45
CA ALA PA 882 133.63 4.89 21.91
C ALA PA 882 132.98 5.67 20.77
N PRO PA 883 132.14 6.66 21.09
CA PRO PA 883 131.42 7.38 20.04
C PRO PA 883 132.37 8.18 19.16
N ASP PA 884 131.92 8.46 17.95
CA ASP PA 884 132.75 9.10 16.96
C ASP PA 884 133.01 10.56 17.34
N ALA PA 885 133.73 11.26 16.45
CA ALA PA 885 134.19 12.60 16.75
C ALA PA 885 133.04 13.60 16.86
N GLY PA 886 131.96 13.38 16.13
CA GLY PA 886 130.83 14.29 16.19
C GLY PA 886 130.22 14.39 17.57
N MET PA 887 129.84 13.25 18.13
CA MET PA 887 129.28 13.20 19.49
C MET PA 887 130.39 12.86 20.48
N ALA PA 888 131.40 13.72 20.54
CA ALA PA 888 132.62 13.46 21.28
C ALA PA 888 132.96 14.59 22.23
N THR PA 889 132.01 15.00 23.06
CA THR PA 889 132.33 16.01 24.06
C THR PA 889 132.99 15.35 25.27
N VAL PA 890 133.22 16.16 26.31
CA VAL PA 890 133.82 15.65 27.54
C VAL PA 890 132.88 14.66 28.22
N ALA PA 891 131.58 14.99 28.25
CA ALA PA 891 130.62 14.11 28.90
C ALA PA 891 130.44 12.80 28.15
N THR PA 892 130.84 12.73 26.89
CA THR PA 892 130.68 11.53 26.07
C THR PA 892 131.99 10.81 25.80
N ARG PA 893 132.95 10.92 26.72
CA ARG PA 893 134.18 10.16 26.56
C ARG PA 893 134.00 8.70 26.94
N ASP PA 894 133.07 8.41 27.84
CA ASP PA 894 132.88 7.06 28.36
C ASP PA 894 131.64 6.38 27.84
N MET PA 895 130.71 7.10 27.22
CA MET PA 895 129.48 6.50 26.74
C MET PA 895 129.80 5.65 25.51
N ARG PA 896 130.21 4.43 25.77
CA ARG PA 896 130.58 3.49 24.72
C ARG PA 896 129.48 2.45 24.54
N THR PA 897 129.33 1.99 23.30
CA THR PA 897 128.30 1.04 22.96
C THR PA 897 128.81 -0.39 23.09
N HIS PA 898 127.90 -1.35 22.92
CA HIS PA 898 128.22 -2.76 22.92
C HIS PA 898 127.20 -3.49 22.07
N ASP PA 899 127.67 -4.45 21.27
CA ASP PA 899 126.75 -5.26 20.49
C ASP PA 899 127.43 -6.59 20.18
N GLY PA 900 126.60 -7.59 19.91
CA GLY PA 900 127.12 -8.90 19.58
C GLY PA 900 127.19 -9.16 18.10
N SER PA 901 127.83 -10.27 17.76
CA SER PA 901 127.86 -10.77 16.39
C SER PA 901 128.24 -12.24 16.46
N LEU PA 902 127.93 -12.95 15.38
CA LEU PA 902 128.19 -14.38 15.32
C LEU PA 902 129.16 -14.67 14.19
N HIS PA 903 130.16 -15.49 14.47
CA HIS PA 903 131.09 -15.99 13.46
C HIS PA 903 130.64 -17.39 13.05
N HIS PA 904 130.37 -17.57 11.77
CA HIS PA 904 129.89 -18.84 11.23
C HIS PA 904 128.58 -19.27 11.88
N GLY PA 905 127.68 -18.31 12.08
CA GLY PA 905 126.34 -18.59 12.52
C GLY PA 905 125.43 -18.88 11.35
N LEU PA 906 124.12 -18.73 11.57
CA LEU PA 906 123.18 -18.96 10.49
C LEU PA 906 121.86 -18.27 10.83
N LEU PA 907 121.16 -17.86 9.77
CA LEU PA 907 119.90 -17.13 9.87
C LEU PA 907 118.77 -18.00 9.35
N MET PA 908 117.92 -18.48 10.25
CA MET PA 908 116.77 -19.30 9.90
C MET PA 908 115.55 -18.41 9.70
N MET PA 909 114.79 -18.68 8.65
CA MET PA 909 113.75 -17.77 8.22
C MET PA 909 112.38 -18.08 8.84
N ALA PA 910 111.98 -19.35 8.87
CA ALA PA 910 110.66 -19.71 9.36
C ALA PA 910 110.75 -21.05 10.09
N TYR PA 911 110.57 -21.01 11.40
CA TYR PA 911 110.66 -22.24 12.19
C TYR PA 911 109.51 -23.17 11.87
N GLN PA 912 109.81 -24.46 11.72
CA GLN PA 912 108.81 -25.47 11.42
C GLN PA 912 108.61 -26.38 12.62
N PRO PA 913 107.75 -26.03 13.57
CA PRO PA 913 107.64 -26.82 14.80
C PRO PA 913 106.89 -28.13 14.62
N ASN PA 914 105.99 -28.22 13.64
CA ASN PA 914 105.13 -29.40 13.51
C ASN PA 914 105.64 -30.37 12.48
N ASP PA 915 106.96 -30.53 12.37
CA ASP PA 915 107.54 -31.49 11.46
C ASP PA 915 107.98 -32.74 12.20
N ALA PA 916 107.99 -33.86 11.50
CA ALA PA 916 108.27 -35.15 12.12
C ALA PA 916 109.57 -35.78 11.68
N THR PA 917 110.02 -35.51 10.46
CA THR PA 917 111.18 -36.18 9.91
C THR PA 917 112.47 -35.87 10.65
N LEU PA 918 112.44 -34.98 11.64
CA LEU PA 918 113.65 -34.56 12.33
C LEU PA 918 113.33 -34.13 13.75
N LEU PA 919 114.33 -34.21 14.62
CA LEU PA 919 114.21 -33.70 15.98
C LEU PA 919 114.07 -32.18 15.95
N GLU PA 920 113.91 -31.60 17.14
CA GLU PA 920 113.88 -30.14 17.25
C GLU PA 920 115.27 -29.56 16.98
N GLY PA 921 116.24 -29.93 17.81
CA GLY PA 921 117.61 -29.47 17.65
C GLY PA 921 118.46 -30.47 16.92
N ALA PA 922 117.98 -30.95 15.77
CA ALA PA 922 118.74 -31.92 15.00
C ALA PA 922 120.10 -31.35 14.59
N PHE PA 923 120.12 -30.10 14.16
CA PHE PA 923 121.37 -29.48 13.77
C PHE PA 923 121.63 -28.15 14.46
N PHE PA 924 120.60 -27.32 14.61
CA PHE PA 924 120.78 -25.93 15.00
C PHE PA 924 120.22 -25.67 16.40
N TYR PA 925 120.45 -24.46 16.87
CA TYR PA 925 119.97 -24.02 18.17
C TYR PA 925 119.88 -22.50 18.15
N PRO PA 926 119.02 -21.91 18.97
CA PRO PA 926 118.75 -20.47 18.84
C PRO PA 926 119.87 -19.61 19.39
N ALA PA 927 120.20 -18.57 18.63
CA ALA PA 927 121.23 -17.60 19.03
C ALA PA 927 120.86 -16.23 18.51
N PRO PA 928 119.94 -15.54 19.18
CA PRO PA 928 119.56 -14.20 18.76
C PRO PA 928 120.63 -13.19 19.15
N VAL PA 929 120.89 -12.25 18.25
CA VAL PA 929 121.92 -11.25 18.44
C VAL PA 929 121.35 -9.85 18.61
N ASN PA 930 120.30 -9.51 17.85
CA ASN PA 930 119.71 -8.18 17.91
C ASN PA 930 118.20 -8.31 17.90
N ALA PA 931 117.54 -7.23 18.31
CA ALA PA 931 116.08 -7.27 18.44
C ALA PA 931 115.41 -7.55 17.11
N LEU PA 932 116.02 -7.16 16.00
CA LEU PA 932 115.46 -7.48 14.69
C LEU PA 932 115.46 -8.98 14.47
N PHE PA 933 116.59 -9.62 14.70
CA PHE PA 933 116.75 -11.05 14.42
C PHE PA 933 116.51 -11.87 15.68
N ALA PA 934 115.32 -11.71 16.26
CA ALA PA 934 114.96 -12.50 17.44
C ALA PA 934 113.45 -12.69 17.42
N CYS PA 935 113.03 -13.82 16.85
CA CYS PA 935 111.63 -14.19 16.98
C CYS PA 935 111.43 -14.88 18.33
N ALA PA 936 110.20 -15.30 18.60
CA ALA PA 936 109.88 -15.92 19.88
C ALA PA 936 109.77 -17.42 19.81
N ASP PA 937 109.16 -17.95 18.74
CA ASP PA 937 108.91 -19.38 18.68
C ASP PA 937 110.18 -20.19 18.44
N HIS PA 938 111.22 -19.56 17.89
CA HIS PA 938 112.44 -20.30 17.58
C HIS PA 938 113.10 -20.88 18.82
N LEU PA 939 112.78 -20.36 20.01
CA LEU PA 939 113.24 -21.00 21.23
C LEU PA 939 112.64 -22.39 21.41
N GLY PA 940 111.65 -22.77 20.61
CA GLY PA 940 111.16 -24.13 20.63
C GLY PA 940 112.15 -25.16 20.13
N ALA PA 941 113.31 -24.71 19.62
CA ALA PA 941 114.37 -25.61 19.20
C ALA PA 941 115.41 -25.82 20.29
N MET PA 942 115.02 -25.74 21.55
CA MET PA 942 115.92 -25.95 22.67
C MET PA 942 115.54 -27.24 23.39
N ARG PA 943 116.50 -28.14 23.52
CA ARG PA 943 116.28 -29.33 24.34
C ARG PA 943 116.08 -28.92 25.79
N ASP PA 944 115.21 -29.64 26.49
CA ASP PA 944 114.88 -29.35 27.87
C ASP PA 944 114.38 -27.91 28.04
N VAL PA 945 113.66 -27.41 27.03
CA VAL PA 945 113.11 -26.08 27.12
C VAL PA 945 112.13 -25.99 28.27
N GLY PA 946 111.99 -24.79 28.83
CA GLY PA 946 111.05 -24.58 29.90
C GLY PA 946 109.65 -24.31 29.38
N ALA PA 947 108.74 -24.06 30.32
CA ALA PA 947 107.40 -23.60 30.02
C ALA PA 947 107.17 -22.17 30.46
N GLU PA 948 107.68 -21.80 31.63
CA GLU PA 948 107.60 -20.41 32.09
C GLU PA 948 108.28 -19.46 31.13
N VAL PA 949 109.36 -19.91 30.48
CA VAL PA 949 110.13 -19.00 29.63
C VAL PA 949 109.38 -18.70 28.33
N ARG PA 950 108.81 -19.72 27.69
CA ARG PA 950 108.14 -19.50 26.41
C ARG PA 950 106.84 -18.73 26.58
N ALA PA 951 106.17 -18.85 27.73
CA ALA PA 951 104.97 -18.06 27.96
C ALA PA 951 105.28 -16.60 28.19
N ALA PA 952 106.51 -16.26 28.57
CA ALA PA 952 106.91 -14.88 28.77
C ALA PA 952 107.88 -14.40 27.71
N ALA PA 953 108.00 -15.13 26.61
CA ALA PA 953 108.92 -14.74 25.54
C ALA PA 953 108.25 -13.98 24.40
N GLN PA 954 106.94 -14.07 24.28
CA GLN PA 954 106.25 -13.41 23.17
C GLN PA 954 106.14 -11.90 23.37
N HIS PA 955 106.51 -11.39 24.53
CA HIS PA 955 106.38 -9.97 24.83
C HIS PA 955 107.69 -9.21 24.76
N VAL PA 956 108.78 -9.80 25.23
CA VAL PA 956 110.09 -9.16 25.20
C VAL PA 956 111.03 -10.03 24.37
N PRO PA 957 111.87 -9.45 23.54
CA PRO PA 957 112.88 -10.25 22.83
C PRO PA 957 113.79 -10.94 23.84
N CYS PA 958 114.26 -12.13 23.45
CA CYS PA 958 115.08 -12.96 24.33
C CYS PA 958 116.55 -12.93 23.94
N VAL PA 959 117.05 -11.77 23.53
CA VAL PA 959 118.49 -11.66 23.25
C VAL PA 959 119.26 -11.84 24.54
N PRO PA 960 120.32 -12.65 24.57
CA PRO PA 960 121.02 -12.90 25.83
C PRO PA 960 121.81 -11.68 26.26
N HIS PA 961 122.14 -11.64 27.56
CA HIS PA 961 122.84 -10.50 28.12
C HIS PA 961 124.35 -10.65 28.08
N PHE PA 962 124.87 -11.72 27.49
CA PHE PA 962 126.28 -11.80 27.17
C PHE PA 962 126.54 -11.49 25.69
N LEU PA 963 125.56 -10.89 25.01
CA LEU PA 963 125.73 -10.46 23.63
C LEU PA 963 125.33 -9.02 23.40
N GLY PA 964 124.92 -8.29 24.43
CA GLY PA 964 124.51 -6.92 24.27
C GLY PA 964 123.07 -6.68 24.64
N ALA PA 965 122.82 -5.77 25.57
CA ALA PA 965 121.47 -5.43 25.99
C ALA PA 965 120.86 -4.44 24.99
N ASN PA 966 119.62 -4.05 25.25
CA ASN PA 966 118.87 -3.22 24.32
C ASN PA 966 118.85 -1.75 24.72
N TYR PA 967 119.80 -1.33 25.56
CA TYR PA 967 120.10 0.07 25.77
C TYR PA 967 121.49 0.44 25.27
N TYR PA 968 122.46 -0.45 25.47
CA TYR PA 968 123.83 -0.20 25.06
C TYR PA 968 124.05 -0.46 23.58
N ALA PA 969 123.12 -1.13 22.90
CA ALA PA 969 123.31 -1.44 21.49
C ALA PA 969 123.14 -0.18 20.65
N THR PA 970 123.40 -0.34 19.35
CA THR PA 970 123.29 0.76 18.41
C THR PA 970 121.98 0.76 17.63
N VAL PA 971 121.24 -0.34 17.66
CA VAL PA 971 119.91 -0.42 17.05
C VAL PA 971 118.99 -1.00 18.11
N ARG PA 972 118.31 -0.13 18.85
CA ARG PA 972 117.54 -0.55 20.00
C ARG PA 972 116.19 -1.13 19.58
N GLN PA 973 115.31 -1.32 20.56
CA GLN PA 973 114.01 -1.91 20.29
C GLN PA 973 113.15 -1.12 19.30
N PRO PA 974 113.04 0.21 19.37
CA PRO PA 974 112.08 0.91 18.50
C PRO PA 974 112.26 0.65 17.02
N VAL PA 975 113.50 0.58 16.52
CA VAL PA 975 113.69 0.31 15.10
C VAL PA 975 113.17 -1.09 14.77
N ALA PA 976 113.38 -2.05 15.67
CA ALA PA 976 112.83 -3.38 15.47
C ALA PA 976 111.31 -3.34 15.50
N GLN PA 977 110.74 -2.66 16.49
CA GLN PA 977 109.29 -2.59 16.60
C GLN PA 977 108.66 -1.95 15.37
N HIS PA 978 109.39 -1.02 14.74
CA HIS PA 978 108.86 -0.32 13.57
C HIS PA 978 108.56 -1.30 12.45
N ALA PA 979 109.51 -2.15 12.11
CA ALA PA 979 109.37 -3.08 11.01
C ALA PA 979 108.51 -4.28 11.34
N ALA PA 980 107.78 -4.23 12.45
CA ALA PA 980 106.93 -5.34 12.85
C ALA PA 980 105.45 -5.02 12.78
N GLN PA 981 105.07 -3.75 12.67
CA GLN PA 981 103.66 -3.35 12.71
C GLN PA 981 103.39 -2.30 11.65
N SER PA 982 103.83 -2.56 10.42
CA SER PA 982 103.54 -1.63 9.33
C SER PA 982 103.44 -2.43 8.03
N ARG PA 983 102.21 -2.80 7.65
CA ARG PA 983 101.99 -3.40 6.34
C ARG PA 983 101.96 -2.26 5.34
N ALA PA 984 103.13 -1.90 4.85
CA ALA PA 984 103.29 -0.70 4.05
C ALA PA 984 104.19 -0.96 2.83
N ASP PA 985 103.89 -2.01 2.07
CA ASP PA 985 104.54 -2.19 0.78
C ASP PA 985 106.05 -2.33 0.88
N GLU PA 986 106.53 -3.48 1.33
CA GLU PA 986 107.93 -3.76 1.64
C GLU PA 986 108.94 -3.07 0.72
N ASN PA 987 108.62 -2.98 -0.57
CA ASN PA 987 109.47 -2.23 -1.51
C ASN PA 987 109.81 -0.84 -0.97
N THR PA 988 108.88 -0.19 -0.29
CA THR PA 988 109.14 1.11 0.29
C THR PA 988 109.50 1.06 1.76
N LEU PA 989 109.06 0.03 2.48
CA LEU PA 989 109.52 -0.16 3.84
C LEU PA 989 111.03 -0.27 3.89
N SER PA 990 111.65 -0.81 2.83
CA SER PA 990 113.10 -0.87 2.78
C SER PA 990 113.72 0.53 2.79
N TYR PA 991 113.28 1.40 1.87
CA TYR PA 991 113.80 2.76 1.85
C TYR PA 991 113.53 3.47 3.17
N ALA PA 992 112.37 3.24 3.77
CA ALA PA 992 112.07 3.87 5.05
C ALA PA 992 113.07 3.45 6.11
N LEU PA 993 113.26 2.15 6.28
CA LEU PA 993 114.23 1.65 7.24
C LEU PA 993 115.61 2.23 6.97
N MET PA 994 115.99 2.33 5.69
CA MET PA 994 117.31 2.88 5.38
C MET PA 994 117.42 4.32 5.83
N ALA PA 995 116.49 5.17 5.41
CA ALA PA 995 116.53 6.57 5.79
C ALA PA 995 116.53 6.74 7.29
N GLY PA 996 115.91 5.81 8.01
CA GLY PA 996 115.91 5.91 9.45
C GLY PA 996 117.20 5.46 10.09
N TYR PA 997 118.33 5.65 9.41
CA TYR PA 997 119.62 5.19 9.91
C TYR PA 997 120.69 6.26 9.93
N PHE PA 998 120.42 7.47 9.43
CA PHE PA 998 121.39 8.54 9.58
C PHE PA 998 121.59 8.87 11.05
N LYS PA 999 122.65 9.60 11.35
CA LYS PA 999 123.04 9.83 12.73
C LYS PA 999 122.49 11.16 13.24
N MET PA 1000 122.56 11.33 14.55
CA MET PA 1000 122.06 12.51 15.24
C MET PA 1000 123.22 13.15 16.00
N SER PA 1001 123.96 14.01 15.30
CA SER PA 1001 125.08 14.72 15.90
C SER PA 1001 125.34 15.95 15.05
N PRO PA 1002 125.79 17.05 15.65
CA PRO PA 1002 125.92 18.31 14.89
C PRO PA 1002 126.57 18.14 13.54
N VAL PA 1003 127.64 17.36 13.45
CA VAL PA 1003 128.28 17.15 12.16
C VAL PA 1003 127.35 16.40 11.22
N ALA PA 1004 126.53 15.50 11.75
CA ALA PA 1004 125.57 14.80 10.89
C ALA PA 1004 124.49 15.75 10.40
N PHE PA 1005 124.05 16.67 11.27
CA PHE PA 1005 123.03 17.62 10.85
C PHE PA 1005 123.57 18.54 9.77
N THR PA 1006 124.85 18.92 9.87
CA THR PA 1006 125.45 19.79 8.86
C THR PA 1006 125.36 19.22 7.45
N HIS PA 1007 124.93 17.98 7.29
CA HIS PA 1007 124.64 17.41 5.98
C HIS PA 1007 123.16 17.05 5.80
N GLN PA 1008 122.58 16.37 6.79
CA GLN PA 1008 121.17 15.99 6.69
C GLN PA 1008 120.31 17.21 6.41
N LEU PA 1009 120.50 18.28 7.19
CA LEU PA 1009 119.77 19.51 6.90
C LEU PA 1009 120.18 20.05 5.55
N ARG PA 1010 121.48 20.22 5.31
CA ARG PA 1010 121.94 20.87 4.08
C ARG PA 1010 121.47 20.14 2.83
N ARG PA 1011 120.87 18.96 2.95
CA ARG PA 1011 120.41 18.24 1.76
C ARG PA 1011 118.92 17.90 1.81
N GLN PA 1012 118.11 18.76 2.42
CA GLN PA 1012 116.65 18.68 2.35
C GLN PA 1012 116.14 17.31 2.78
N LEU PA 1013 116.66 16.81 3.89
CA LEU PA 1013 116.13 15.64 4.54
C LEU PA 1013 115.42 16.05 5.82
N HIS PA 1014 114.28 15.44 6.09
CA HIS PA 1014 113.48 15.79 7.26
C HIS PA 1014 113.81 14.84 8.39
N PRO PA 1015 114.61 15.24 9.37
CA PRO PA 1015 114.87 14.35 10.50
C PRO PA 1015 113.66 14.25 11.40
N GLY PA 1016 113.78 13.49 12.48
CA GLY PA 1016 112.65 13.27 13.38
C GLY PA 1016 112.42 14.43 14.32
N PHE PA 1017 112.50 15.64 13.81
CA PHE PA 1017 112.35 16.83 14.62
C PHE PA 1017 111.19 17.69 14.11
N ALA PA 1018 110.74 18.57 14.97
CA ALA PA 1018 109.81 19.62 14.60
C ALA PA 1018 110.19 20.84 15.43
N LEU PA 1019 110.40 21.96 14.78
CA LEU PA 1019 110.89 23.16 15.45
C LEU PA 1019 109.74 24.12 15.70
N THR PA 1020 109.92 24.96 16.71
CA THR PA 1020 108.92 25.94 17.12
C THR PA 1020 109.59 27.31 17.09
N VAL PA 1021 109.61 27.94 15.92
CA VAL PA 1021 110.24 29.24 15.79
C VAL PA 1021 109.52 30.25 16.66
N VAL PA 1022 110.29 31.15 17.28
CA VAL PA 1022 109.75 32.20 18.12
C VAL PA 1022 110.51 33.48 17.84
N ARG PA 1023 109.78 34.59 17.72
CA ARG PA 1023 110.43 35.88 17.57
C ARG PA 1023 109.52 36.97 18.10
N GLN PA 1024 110.13 38.09 18.48
CA GLN PA 1024 109.43 39.18 19.15
C GLN PA 1024 109.48 40.44 18.30
N ASP PA 1025 108.37 41.15 18.23
CA ASP PA 1025 108.24 42.35 17.44
C ASP PA 1025 107.76 43.50 18.31
N ARG PA 1026 107.89 44.72 17.76
CA ARG PA 1026 107.51 45.94 18.44
C ARG PA 1026 106.81 46.86 17.45
N PHE PA 1027 105.80 47.58 17.93
CA PHE PA 1027 104.97 48.43 17.09
C PHE PA 1027 104.82 49.80 17.73
N ALA PA 1028 104.99 50.84 16.93
CA ALA PA 1028 104.81 52.21 17.40
C ALA PA 1028 103.32 52.55 17.35
N THR PA 1029 102.76 52.89 18.50
CA THR PA 1029 101.32 53.09 18.61
C THR PA 1029 101.01 54.49 19.13
N GLU PA 1030 99.86 55.01 18.72
CA GLU PA 1030 99.32 56.24 19.27
C GLU PA 1030 98.38 55.92 20.41
N ASN PA 1031 98.51 56.66 21.51
CA ASN PA 1031 97.70 56.40 22.68
C ASN PA 1031 96.81 57.59 22.98
N VAL PA 1032 95.88 57.38 23.91
CA VAL PA 1032 94.97 58.43 24.36
C VAL PA 1032 94.94 58.34 25.87
N LEU PA 1033 95.59 59.29 26.54
CA LEU PA 1033 95.69 59.27 27.99
C LEU PA 1033 94.55 60.04 28.61
N PHE PA 1034 94.11 59.58 29.78
CA PHE PA 1034 93.07 60.25 30.53
C PHE PA 1034 93.47 60.34 31.99
N ALA PA 1035 93.30 61.51 32.59
CA ALA PA 1035 93.57 61.71 34.00
C ALA PA 1035 92.29 62.23 34.66
N GLU PA 1036 92.35 62.41 35.97
CA GLU PA 1036 91.16 62.80 36.71
C GLU PA 1036 91.30 64.22 37.22
N LYS PA 1037 90.32 64.65 38.02
CA LYS PA 1037 90.20 66.05 38.39
C LYS PA 1037 91.48 66.58 39.04
N ALA PA 1038 92.07 65.81 39.94
CA ALA PA 1038 93.36 66.18 40.52
C ALA PA 1038 94.03 64.88 40.93
N SER PA 1039 94.88 64.35 40.06
CA SER PA 1039 95.49 63.04 40.26
C SER PA 1039 96.95 63.13 40.64
N GLU PA 1040 97.47 64.34 40.86
CA GLU PA 1040 98.89 64.48 41.11
C GLU PA 1040 99.12 65.71 41.97
N SER PA 1041 99.62 65.50 43.18
CA SER PA 1041 100.13 66.60 43.97
C SER PA 1041 101.56 66.85 43.56
N TYR PA 1042 101.93 68.12 43.43
CA TYR PA 1042 103.16 68.49 42.75
C TYR PA 1042 103.76 69.69 43.46
N PHE PA 1043 104.92 69.52 44.06
CA PHE PA 1043 105.57 70.56 44.84
C PHE PA 1043 106.73 71.13 44.04
N MET PA 1044 106.58 72.34 43.55
CA MET PA 1044 107.63 73.01 42.79
C MET PA 1044 108.50 73.79 43.76
N GLY PA 1045 109.78 73.45 43.84
CA GLY PA 1045 110.69 74.11 44.75
C GLY PA 1045 110.99 75.53 44.33
N GLN PA 1046 112.11 76.07 44.81
CA GLN PA 1046 112.53 77.43 44.48
C GLN PA 1046 113.75 77.36 43.58
N MET PA 1047 113.72 78.14 42.50
CA MET PA 1047 114.81 78.12 41.54
C MET PA 1047 116.09 78.63 42.17
N GLN PA 1048 117.22 78.06 41.74
CA GLN PA 1048 118.52 78.48 42.25
C GLN PA 1048 119.53 78.39 41.12
N VAL PA 1049 120.47 79.34 41.12
CA VAL PA 1049 121.47 79.46 40.07
C VAL PA 1049 122.79 78.93 40.59
N ALA PA 1050 123.44 78.10 39.80
CA ALA PA 1050 124.78 77.59 40.10
C ALA PA 1050 125.67 78.04 38.94
N ARG PA 1051 126.44 79.08 39.16
CA ARG PA 1051 127.24 79.69 38.10
C ARG PA 1051 128.70 79.31 38.24
N THR PA 1052 129.40 79.40 37.11
CA THR PA 1052 130.84 79.14 37.07
C THR PA 1052 131.46 80.08 36.06
N GLU PA 1053 132.78 80.12 36.06
CA GLU PA 1053 133.54 80.96 35.15
C GLU PA 1053 134.63 80.11 34.49
N SER PA 1054 134.77 80.26 33.18
CA SER PA 1054 135.79 79.51 32.42
C SER PA 1054 136.34 80.43 31.33
N GLY PA 1055 137.41 81.14 31.67
CA GLY PA 1055 138.10 81.98 30.70
C GLY PA 1055 137.21 83.01 30.03
N GLY PA 1056 136.98 82.83 28.73
CA GLY PA 1056 136.14 83.75 28.01
C GLY PA 1056 134.67 83.35 28.10
N GLY PA 1057 133.96 83.99 29.02
CA GLY PA 1057 132.56 83.66 29.20
C GLY PA 1057 132.17 83.47 30.65
N LEU PA 1058 130.87 83.38 30.89
CA LEU PA 1058 130.31 83.23 32.23
C LEU PA 1058 129.20 82.20 32.11
N HIS PA 1059 129.53 80.93 32.30
CA HIS PA 1059 128.58 79.85 32.07
C HIS PA 1059 127.65 79.73 33.27
N LEU PA 1060 126.35 79.89 33.03
CA LEU PA 1060 125.33 79.82 34.07
C LEU PA 1060 124.59 78.50 33.98
N GLN PA 1061 123.99 78.09 35.09
CA GLN PA 1061 123.18 76.87 35.12
C GLN PA 1061 122.14 77.00 36.21
N LEU PA 1062 120.91 76.64 35.88
CA LEU PA 1062 119.79 76.79 36.80
C LEU PA 1062 119.19 75.43 37.11
N THR PA 1063 118.61 75.31 38.30
CA THR PA 1063 117.88 74.12 38.69
C THR PA 1063 116.61 74.55 39.42
N GLN PA 1064 115.66 73.63 39.51
CA GLN PA 1064 114.42 73.86 40.26
C GLN PA 1064 113.88 72.52 40.72
N PRO PA 1065 114.41 72.00 41.83
CA PRO PA 1065 113.99 70.67 42.28
C PRO PA 1065 112.49 70.64 42.59
N ARG PA 1066 111.91 69.44 42.47
CA ARG PA 1066 110.48 69.28 42.67
C ARG PA 1066 110.20 67.86 43.14
N ALA PA 1067 108.94 67.58 43.40
CA ALA PA 1067 108.51 66.31 43.97
C ALA PA 1067 107.05 66.08 43.62
N ASN PA 1068 106.60 64.83 43.77
CA ASN PA 1068 105.25 64.51 43.35
C ASN PA 1068 104.80 63.18 43.94
N VAL PA 1069 103.50 63.09 44.20
CA VAL PA 1069 102.83 61.85 44.58
C VAL PA 1069 101.48 61.81 43.91
N ASP PA 1070 100.93 60.61 43.73
CA ASP PA 1070 99.55 60.50 43.32
C ASP PA 1070 98.65 60.50 44.55
N LEU PA 1071 97.69 61.42 44.58
CA LEU PA 1071 96.88 61.64 45.76
C LEU PA 1071 95.47 61.06 45.59
N GLY PA 1072 95.36 59.94 44.90
CA GLY PA 1072 94.11 59.21 44.84
C GLY PA 1072 94.33 57.72 45.02
N VAL PA 1073 93.62 57.11 45.96
CA VAL PA 1073 93.74 55.67 46.15
C VAL PA 1073 93.06 54.96 44.99
N GLY PA 1074 93.66 53.87 44.54
CA GLY PA 1074 93.24 53.23 43.32
C GLY PA 1074 93.72 54.00 42.10
N PHE PA 1075 93.50 53.42 40.94
CA PHE PA 1075 93.99 54.03 39.71
C PHE PA 1075 93.29 55.35 39.44
N THR PA 1076 93.99 56.26 38.78
CA THR PA 1076 93.45 57.56 38.43
C THR PA 1076 93.73 57.96 37.00
N ALA PA 1077 94.48 57.16 36.25
CA ALA PA 1077 94.78 57.49 34.87
C ALA PA 1077 94.93 56.20 34.08
N ALA PA 1078 94.51 56.25 32.81
CA ALA PA 1078 94.54 55.05 31.97
C ALA PA 1078 94.53 55.48 30.52
N TYR PA 1079 95.28 54.77 29.69
CA TYR PA 1079 95.34 55.04 28.27
C TYR PA 1079 94.78 53.86 27.48
N ALA PA 1080 94.69 54.02 26.17
CA ALA PA 1080 93.94 53.07 25.35
C ALA PA 1080 94.68 52.58 24.11
N ALA PA 1081 95.68 53.30 23.60
CA ALA PA 1081 96.43 52.90 22.41
C ALA PA 1081 95.51 52.69 21.21
N ALA PA 1082 94.91 53.80 20.79
CA ALA PA 1082 93.87 53.75 19.77
C ALA PA 1082 94.43 53.39 18.40
N ALA PA 1083 95.28 54.24 17.85
CA ALA PA 1083 95.74 54.08 16.48
C ALA PA 1083 96.90 53.11 16.43
N LEU PA 1084 97.50 52.94 15.26
CA LEU PA 1084 98.64 52.04 15.08
C LEU PA 1084 99.49 52.57 13.94
N ARG PA 1085 100.70 53.03 14.25
CA ARG PA 1085 101.62 53.44 13.21
C ARG PA 1085 102.31 52.21 12.62
N ALA PA 1086 103.24 52.46 11.72
CA ALA PA 1086 103.95 51.37 11.08
C ALA PA 1086 104.77 50.60 12.09
N PRO PA 1087 104.94 49.29 11.91
CA PRO PA 1087 105.80 48.52 12.82
C PRO PA 1087 107.21 49.05 12.80
N VAL PA 1088 107.79 49.20 13.99
CA VAL PA 1088 109.12 49.78 14.08
C VAL PA 1088 110.19 48.73 13.79
N THR PA 1089 109.91 47.47 14.07
CA THR PA 1089 110.87 46.41 13.83
C THR PA 1089 110.47 45.61 12.60
N ASP PA 1090 111.48 45.02 11.96
CA ASP PA 1090 111.21 44.17 10.81
C ASP PA 1090 110.61 42.85 11.27
N MET PA 1091 109.58 42.41 10.56
CA MET PA 1091 108.94 41.15 10.85
C MET PA 1091 109.69 39.98 10.24
N GLY PA 1092 110.91 40.19 9.77
CA GLY PA 1092 111.62 39.20 8.99
C GLY PA 1092 112.12 38.01 9.77
N ASN PA 1093 113.11 37.32 9.21
CA ASN PA 1093 113.70 36.16 9.82
C ASN PA 1093 115.19 36.40 10.04
N LEU PA 1094 115.68 35.93 11.18
CA LEU PA 1094 117.10 36.00 11.46
C LEU PA 1094 117.46 34.88 12.42
N PRO PA 1095 118.19 33.87 11.97
CA PRO PA 1095 118.49 32.74 12.84
C PRO PA 1095 119.54 33.13 13.87
N GLN PA 1096 119.26 32.78 15.12
CA GLN PA 1096 120.20 33.04 16.20
C GLN PA 1096 121.33 32.03 16.15
N ASN PA 1097 122.56 32.51 16.24
CA ASN PA 1097 123.74 31.67 16.17
C ASN PA 1097 124.32 31.54 17.57
N LEU PA 1098 124.29 30.32 18.11
CA LEU PA 1098 124.78 30.09 19.45
C LEU PA 1098 126.30 30.15 19.56
N PHE PA 1099 127.01 30.09 18.44
CA PHE PA 1099 128.46 30.15 18.49
C PHE PA 1099 128.97 31.47 19.06
N ALA PA 1100 128.16 32.53 18.99
CA ALA PA 1100 128.55 33.78 19.61
C ALA PA 1100 128.53 33.66 21.14
N THR PA 1101 127.70 32.78 21.68
CA THR PA 1101 127.57 32.68 23.12
C THR PA 1101 128.80 32.00 23.72
N ARG PA 1102 128.79 31.88 25.05
CA ARG PA 1102 129.89 31.30 25.78
C ARG PA 1102 129.35 30.51 26.97
N GLY PA 1103 130.10 29.49 27.38
CA GLY PA 1103 129.70 28.65 28.48
C GLY PA 1103 129.42 27.22 28.07
N ALA PA 1104 129.79 26.88 26.83
CA ALA PA 1104 129.56 25.56 26.29
C ALA PA 1104 130.88 24.80 26.21
N PRO PA 1105 130.95 23.59 26.76
CA PRO PA 1105 132.17 22.81 26.68
C PRO PA 1105 132.44 22.40 25.23
N PRO PA 1106 133.59 22.75 24.68
CA PRO PA 1106 133.85 22.44 23.27
C PRO PA 1106 134.08 20.95 23.07
N MET PA 1107 134.07 20.56 21.79
CA MET PA 1107 134.36 19.18 21.44
C MET PA 1107 135.77 18.82 21.89
N LEU PA 1108 135.99 17.53 22.14
CA LEU PA 1108 137.33 17.07 22.47
C LEU PA 1108 138.28 17.28 21.32
N ASP PA 1109 137.97 16.68 20.17
CA ASP PA 1109 138.75 16.92 18.96
C ASP PA 1109 138.61 18.38 18.55
N ALA PA 1110 139.71 18.95 18.05
CA ALA PA 1110 139.70 20.35 17.66
C ALA PA 1110 139.29 20.55 16.21
N ASP PA 1111 139.62 19.60 15.35
CA ASP PA 1111 139.33 19.76 13.93
C ASP PA 1111 137.83 19.65 13.65
N ALA PA 1112 137.13 18.74 14.32
CA ALA PA 1112 135.68 18.74 14.21
C ALA PA 1112 135.10 20.07 14.64
N ASP PA 1113 135.58 20.62 15.76
CA ASP PA 1113 135.03 21.85 16.30
C ASP PA 1113 135.24 23.03 15.36
N ASP PA 1114 136.47 23.24 14.88
CA ASP PA 1114 136.66 24.36 13.99
C ASP PA 1114 136.04 24.11 12.62
N TYR PA 1115 135.80 22.84 12.24
CA TYR PA 1115 135.02 22.57 11.05
C TYR PA 1115 133.60 23.11 11.20
N LEU PA 1116 132.97 22.80 12.34
CA LEU PA 1116 131.66 23.39 12.62
C LEU PA 1116 131.75 24.91 12.60
N ARG PA 1117 132.72 25.47 13.32
CA ARG PA 1117 132.87 26.93 13.42
C ARG PA 1117 133.00 27.56 12.05
N ARG PA 1118 133.65 26.88 11.11
CA ARG PA 1118 133.86 27.46 9.79
C ARG PA 1118 132.65 27.30 8.89
N THR PA 1119 131.96 26.17 8.97
CA THR PA 1119 130.86 25.95 8.04
C THR PA 1119 129.54 26.56 8.51
N VAL PA 1120 129.36 26.77 9.81
CA VAL PA 1120 128.11 27.36 10.25
C VAL PA 1120 128.14 28.88 10.05
N ASN PA 1121 129.31 29.50 10.13
CA ASN PA 1121 129.46 30.93 9.97
C ASN PA 1121 129.65 31.33 8.50
N ALA PA 1122 129.37 30.43 7.58
CA ALA PA 1122 129.54 30.75 6.16
C ALA PA 1122 128.43 31.69 5.73
N GLY PA 1123 128.70 32.99 5.81
CA GLY PA 1123 127.69 33.97 5.46
C GLY PA 1123 126.59 34.14 6.47
N ASN PA 1124 126.79 33.72 7.71
CA ASN PA 1124 125.80 33.98 8.73
C ASN PA 1124 125.79 35.46 9.08
N ARG PA 1125 124.59 35.98 9.30
CA ARG PA 1125 124.42 37.43 9.37
C ARG PA 1125 124.99 38.00 10.67
N LEU PA 1126 124.80 37.30 11.78
CA LEU PA 1126 125.33 37.76 13.07
C LEU PA 1126 126.48 36.89 13.55
N ALA PA 1127 127.21 36.26 12.63
CA ALA PA 1127 128.37 35.49 13.01
C ALA PA 1127 129.41 36.42 13.65
N PRO PA 1128 130.12 35.97 14.68
CA PRO PA 1128 131.13 36.84 15.30
C PRO PA 1128 132.29 37.06 14.37
N VAL PA 1129 132.81 38.28 14.39
CA VAL PA 1129 133.89 38.68 13.47
C VAL PA 1129 135.17 38.81 14.28
N PRO PA 1130 136.33 38.50 13.71
CA PRO PA 1130 137.59 38.75 14.43
C PRO PA 1130 137.87 40.24 14.53
N VAL PA 1131 137.20 40.88 15.48
CA VAL PA 1131 137.29 42.33 15.65
C VAL PA 1131 138.18 42.58 16.87
N PHE PA 1132 138.52 43.84 17.12
CA PHE PA 1132 139.52 44.21 18.12
C PHE PA 1132 138.95 43.95 19.51
N GLY PA 1133 138.94 42.66 19.88
CA GLY PA 1133 138.60 42.21 21.22
C GLY PA 1133 137.18 42.61 21.62
N GLN PA 1134 136.25 42.61 20.67
CA GLN PA 1134 134.85 42.82 20.98
C GLN PA 1134 134.01 41.56 20.76
N MET PA 1135 134.26 40.85 19.66
CA MET PA 1135 133.52 39.65 19.29
C MET PA 1135 132.02 39.96 19.18
N LEU PA 1136 131.71 40.89 18.30
CA LEU PA 1136 130.37 41.36 18.01
C LEU PA 1136 130.10 41.19 16.53
N PRO PA 1137 128.84 41.24 16.12
CA PRO PA 1137 128.54 41.27 14.68
C PRO PA 1137 128.90 42.63 14.09
N GLN PA 1138 129.32 42.60 12.83
CA GLN PA 1138 129.70 43.83 12.16
C GLN PA 1138 128.47 44.62 11.75
N VAL PA 1139 128.68 45.90 11.45
CA VAL PA 1139 127.56 46.75 11.06
C VAL PA 1139 127.07 46.34 9.68
N PRO PA 1140 125.78 46.14 9.47
CA PRO PA 1140 125.29 45.66 8.17
C PRO PA 1140 125.31 46.77 7.13
N ALA PA 1141 125.00 46.38 5.90
CA ALA PA 1141 125.08 47.27 4.74
C ALA PA 1141 123.71 47.90 4.51
N GLY PA 1142 123.42 48.95 5.28
CA GLY PA 1142 122.15 49.62 5.15
C GLY PA 1142 120.99 48.81 5.66
N LEU PA 1143 119.87 49.47 5.92
CA LEU PA 1143 118.68 48.81 6.43
C LEU PA 1143 117.52 49.09 5.48
N ALA PA 1144 116.82 48.02 5.09
CA ALA PA 1144 115.69 48.18 4.18
C ALA PA 1144 114.42 48.56 4.93
N ARG PA 1145 114.24 48.03 6.13
CA ARG PA 1145 113.10 48.36 6.97
C ARG PA 1145 113.62 48.50 8.40
N GLY PA 1146 112.71 48.47 9.36
CA GLY PA 1146 113.10 48.59 10.76
C GLY PA 1146 114.10 47.53 11.18
N GLN PA 1147 114.60 47.68 12.40
CA GLN PA 1147 115.60 46.76 12.91
C GLN PA 1147 115.09 45.32 12.82
N GLN PA 1148 116.03 44.39 12.70
CA GLN PA 1148 115.72 43.01 12.40
C GLN PA 1148 115.63 42.19 13.68
N SER PA 1149 114.58 41.38 13.79
CA SER PA 1149 114.36 40.59 14.98
C SER PA 1149 115.26 39.37 14.95
N VAL PA 1150 115.02 38.42 15.85
CA VAL PA 1150 115.87 37.24 15.99
C VAL PA 1150 114.98 36.05 16.34
N CYS PA 1151 115.10 34.98 15.57
CA CYS PA 1151 114.34 33.77 15.85
C CYS PA 1151 115.13 32.86 16.78
N GLU PA 1152 114.41 31.91 17.38
CA GLU PA 1152 115.05 30.80 18.06
C GLU PA 1152 114.51 29.50 17.51
N PHE PA 1153 114.84 28.39 18.15
CA PHE PA 1153 114.31 27.11 17.72
C PHE PA 1153 114.18 26.21 18.93
N ILE PA 1154 113.04 25.52 19.02
CA ILE PA 1154 112.75 24.64 20.14
C ILE PA 1154 112.42 23.27 19.57
N ALA PA 1155 113.06 22.24 20.09
CA ALA PA 1155 112.84 20.89 19.61
C ALA PA 1155 111.48 20.40 20.10
N THR PA 1156 110.67 19.90 19.17
CA THR PA 1156 109.37 19.34 19.51
C THR PA 1156 109.19 18.06 18.71
N PRO PA 1157 108.55 17.04 19.30
CA PRO PA 1157 108.33 15.79 18.58
C PRO PA 1157 107.47 16.01 17.35
N VAL PA 1158 107.60 15.10 16.40
CA VAL PA 1158 106.90 15.24 15.13
C VAL PA 1158 105.40 15.09 15.31
N SER PA 1159 104.98 14.21 16.20
CA SER PA 1159 103.56 13.90 16.36
C SER PA 1159 102.84 14.86 17.28
N VAL PA 1160 103.38 16.06 17.51
CA VAL PA 1160 102.70 17.01 18.38
C VAL PA 1160 101.36 17.38 17.76
N ASP PA 1161 100.37 17.62 18.61
CA ASP PA 1161 99.02 17.93 18.14
C ASP PA 1161 99.02 19.30 17.50
N LEU PA 1162 98.77 19.35 16.19
CA LEU PA 1162 98.89 20.60 15.45
C LEU PA 1162 97.93 21.65 15.99
N ALA PA 1163 96.73 21.25 16.38
CA ALA PA 1163 95.73 22.21 16.85
C ALA PA 1163 96.20 23.00 18.06
N TYR PA 1164 97.37 22.69 18.60
CA TYR PA 1164 97.90 23.46 19.71
C TYR PA 1164 98.43 24.82 19.29
N PHE PA 1165 98.63 25.03 18.00
CA PHE PA 1165 99.24 26.27 17.53
C PHE PA 1165 98.25 27.22 16.88
N ARG PA 1166 97.12 26.73 16.39
CA ARG PA 1166 96.15 27.60 15.73
C ARG PA 1166 95.66 28.68 16.68
N ARG PA 1167 95.24 28.29 17.88
CA ARG PA 1167 94.87 29.26 18.88
C ARG PA 1167 96.12 29.89 19.47
N ALA PA 1168 95.94 30.74 20.47
CA ALA PA 1168 97.08 31.27 21.20
C ALA PA 1168 97.60 30.22 22.16
N CYS PA 1169 98.91 30.17 22.33
CA CYS PA 1169 99.51 29.08 23.08
C CYS PA 1169 100.80 29.56 23.75
N ASN PA 1170 101.44 28.64 24.47
CA ASN PA 1170 102.70 28.83 25.14
C ASN PA 1170 103.75 27.93 24.51
N PRO PA 1171 104.87 28.47 24.05
CA PRO PA 1171 105.86 27.61 23.38
C PRO PA 1171 106.47 26.56 24.29
N ARG PA 1172 106.50 26.82 25.59
CA ARG PA 1172 107.10 25.86 26.51
C ARG PA 1172 106.38 24.52 26.47
N GLY PA 1173 105.10 24.51 26.11
CA GLY PA 1173 104.30 23.32 26.17
C GLY PA 1173 103.49 23.18 27.45
N ARG PA 1174 103.80 23.99 28.46
CA ARG PA 1174 103.05 24.03 29.70
C ARG PA 1174 102.79 25.49 30.05
N ALA PA 1175 101.52 25.85 30.17
CA ALA PA 1175 101.17 27.25 30.45
C ALA PA 1175 101.54 27.51 31.90
N ALA PA 1176 102.82 27.80 32.12
CA ALA PA 1176 103.29 28.06 33.46
C ALA PA 1176 102.67 29.32 34.04
N GLY PA 1177 103.03 30.47 33.48
CA GLY PA 1177 102.50 31.75 33.89
C GLY PA 1177 102.55 32.00 35.39
N GLU PA 1178 101.87 33.03 35.82
CA GLU PA 1178 101.58 33.24 37.23
C GLU PA 1178 100.11 33.55 37.47
N VAL PA 1179 99.48 34.29 36.56
CA VAL PA 1179 98.10 34.70 36.78
C VAL PA 1179 97.19 33.49 36.93
N HIS PA 1180 97.44 32.43 36.16
CA HIS PA 1180 96.69 31.19 36.28
C HIS PA 1180 97.66 30.10 36.71
N GLY PA 1181 97.62 29.75 37.99
CA GLY PA 1181 98.48 28.72 38.50
C GLY PA 1181 99.18 29.12 39.78
N GLU PA 1182 99.06 28.30 40.82
CA GLU PA 1182 99.80 28.51 42.04
C GLU PA 1182 101.22 28.01 41.88
N GLU PA 1183 102.00 28.12 42.94
CA GLU PA 1183 103.37 27.63 42.90
C GLU PA 1183 103.38 26.11 42.72
N GLY PA 1184 104.48 25.60 42.15
CA GLY PA 1184 104.60 24.19 41.90
C GLY PA 1184 103.97 23.72 40.62
N LEU PA 1185 103.44 24.63 39.80
CA LEU PA 1185 102.84 24.26 38.54
C LEU PA 1185 103.82 24.28 37.38
N MET PA 1186 104.90 25.05 37.50
CA MET PA 1186 105.76 25.27 36.34
C MET PA 1186 106.51 24.01 35.95
N PHE PA 1187 106.92 23.20 36.93
CA PHE PA 1187 107.80 22.08 36.65
C PHE PA 1187 107.32 20.74 37.16
N ASP PA 1188 106.40 20.68 38.12
CA ASP PA 1188 105.87 19.42 38.56
C ASP PA 1188 105.13 18.73 37.42
N HIS PA 1189 105.01 17.41 37.51
CA HIS PA 1189 104.30 16.69 36.47
C HIS PA 1189 103.33 15.66 37.04
N SER PA 1190 103.00 15.76 38.32
CA SER PA 1190 101.86 15.03 38.86
C SER PA 1190 100.56 15.77 38.65
N HIS PA 1191 100.61 17.03 38.24
CA HIS PA 1191 99.43 17.86 38.07
C HIS PA 1191 99.22 18.13 36.58
N ALA PA 1192 97.99 17.96 36.12
CA ALA PA 1192 97.69 18.15 34.71
C ALA PA 1192 97.97 19.59 34.28
N ASP PA 1193 98.20 19.76 33.00
CA ASP PA 1193 98.35 21.10 32.45
C ASP PA 1193 97.03 21.83 32.55
N PRO PA 1194 97.00 23.06 33.04
CA PRO PA 1194 95.74 23.79 33.08
C PRO PA 1194 95.17 24.08 31.70
N ALA PA 1195 96.02 24.51 30.76
CA ALA PA 1195 95.51 24.92 29.45
C ALA PA 1195 94.82 23.77 28.71
N HIS PA 1196 95.22 22.53 28.98
CA HIS PA 1196 94.56 21.35 28.40
C HIS PA 1196 94.62 20.23 29.43
N PRO PA 1197 93.59 20.10 30.25
CA PRO PA 1197 93.64 19.11 31.35
C PRO PA 1197 93.84 17.68 30.89
N HIS PA 1198 93.69 17.37 29.60
CA HIS PA 1198 93.89 16.01 29.14
C HIS PA 1198 95.32 15.56 29.40
N ARG PA 1199 96.27 16.17 28.72
CA ARG PA 1199 97.67 15.81 28.80
C ARG PA 1199 98.41 16.72 29.76
N ALA PA 1200 99.41 16.17 30.43
CA ALA PA 1200 100.19 16.97 31.36
C ALA PA 1200 101.28 17.78 30.68
N THR PA 1201 101.44 17.64 29.36
CA THR PA 1201 102.43 18.39 28.62
C THR PA 1201 102.17 18.17 27.13
N ALA PA 1202 102.37 19.22 26.35
CA ALA PA 1202 102.26 19.11 24.90
C ALA PA 1202 103.60 18.83 24.23
N ASN PA 1203 104.69 18.94 24.96
CA ASN PA 1203 106.03 18.82 24.40
C ASN PA 1203 107.04 18.48 25.49
N PRO PA 1204 107.34 17.20 25.70
CA PRO PA 1204 108.19 16.82 26.84
C PRO PA 1204 109.56 17.44 26.80
N TRP PA 1205 110.19 17.56 25.64
CA TRP PA 1205 111.57 17.99 25.57
C TRP PA 1205 111.78 19.44 26.00
N ALA PA 1206 110.73 20.14 26.40
CA ALA PA 1206 110.91 21.54 26.79
C ALA PA 1206 110.11 21.91 28.04
N SER PA 1207 109.72 20.94 28.85
CA SER PA 1207 108.93 21.25 30.03
C SER PA 1207 109.56 20.78 31.33
N GLN PA 1208 110.15 19.58 31.36
CA GLN PA 1208 110.69 19.07 32.61
C GLN PA 1208 111.88 19.91 33.05
N ARG PA 1209 112.10 19.95 34.36
CA ARG PA 1209 113.27 20.63 34.87
C ARG PA 1209 114.54 19.98 34.35
N HIS PA 1210 115.50 20.80 33.94
CA HIS PA 1210 116.74 20.33 33.33
C HIS PA 1210 116.49 19.58 32.04
N SER PA 1211 115.44 19.94 31.32
CA SER PA 1211 115.21 19.37 30.00
C SER PA 1211 116.23 19.94 29.02
N TYR PA 1212 116.11 19.54 27.76
CA TYR PA 1212 117.04 20.02 26.75
C TYR PA 1212 116.89 21.51 26.52
N ALA PA 1213 115.72 21.94 26.08
CA ALA PA 1213 115.50 23.35 25.80
C ALA PA 1213 115.69 24.20 27.06
N ASP PA 1214 115.35 23.66 28.22
CA ASP PA 1214 115.47 24.45 29.44
C ASP PA 1214 116.91 24.83 29.71
N ARG PA 1215 117.83 23.87 29.58
CA ARG PA 1215 119.24 24.19 29.78
C ARG PA 1215 119.76 25.18 28.75
N LEU PA 1216 119.00 25.47 27.71
CA LEU PA 1216 119.47 26.37 26.65
C LEU PA 1216 119.01 27.80 26.86
N TYR PA 1217 117.82 28.01 27.41
CA TYR PA 1217 117.26 29.34 27.50
C TYR PA 1217 116.90 29.76 28.92
N ASN PA 1218 117.14 28.92 29.91
CA ASN PA 1218 116.81 29.32 31.28
C ASN PA 1218 117.70 30.48 31.71
N GLY PA 1219 117.32 31.11 32.82
CA GLY PA 1219 118.06 32.24 33.32
C GLY PA 1219 119.15 31.83 34.30
N GLN PA 1220 118.83 30.90 35.19
CA GLN PA 1220 119.74 30.49 36.24
C GLN PA 1220 120.82 29.53 35.75
N TYR PA 1221 120.92 29.30 34.45
CA TYR PA 1221 121.88 28.34 33.93
C TYR PA 1221 122.95 28.99 33.07
N ASN PA 1222 122.97 30.31 33.01
CA ASN PA 1222 124.10 31.07 32.46
C ASN PA 1222 124.49 30.59 31.07
N MET PA 1223 123.55 30.74 30.14
CA MET PA 1223 123.75 30.40 28.74
C MET PA 1223 123.37 31.58 27.86
N SER PA 1224 123.84 32.76 28.24
CA SER PA 1224 123.44 34.01 27.60
C SER PA 1224 124.63 34.65 26.90
N GLY PA 1225 124.38 35.23 25.73
CA GLY PA 1225 125.38 35.96 24.99
C GLY PA 1225 124.97 37.40 24.76
N PRO PA 1226 125.47 38.00 23.68
CA PRO PA 1226 125.16 39.41 23.41
C PRO PA 1226 123.87 39.57 22.63
N ALA PA 1227 123.43 38.52 21.95
CA ALA PA 1227 122.17 38.58 21.22
C ALA PA 1227 121.00 38.41 22.18
N TYR PA 1228 119.84 38.91 21.77
CA TYR PA 1228 118.63 38.84 22.58
C TYR PA 1228 117.86 37.58 22.23
N SER PA 1229 117.31 36.93 23.25
CA SER PA 1229 116.58 35.68 23.06
C SER PA 1229 115.10 35.90 23.38
N PRO PA 1230 114.26 36.09 22.36
CA PRO PA 1230 112.83 36.27 22.62
C PRO PA 1230 112.22 35.26 23.56
N CYS PA 1231 112.65 34.01 23.53
CA CYS PA 1231 112.08 32.98 24.38
C CYS PA 1231 112.69 32.96 25.79
N PHE PA 1232 113.32 34.06 26.20
CA PHE PA 1232 113.81 34.17 27.56
C PHE PA 1232 112.66 34.35 28.55
N LYS PA 1233 111.68 35.17 28.20
CA LYS PA 1233 110.59 35.48 29.12
C LYS PA 1233 109.65 34.31 29.34
N PHE PA 1234 109.91 33.14 28.76
CA PHE PA 1234 109.13 31.94 29.03
C PHE PA 1234 109.89 30.94 29.87
N PHE PA 1235 111.14 30.66 29.53
CA PHE PA 1235 111.90 29.59 30.16
C PHE PA 1235 112.57 30.01 31.45
N THR PA 1236 112.23 31.15 32.03
CA THR PA 1236 112.86 31.57 33.28
C THR PA 1236 111.82 31.63 34.39
N PRO PA 1237 112.04 30.92 35.49
CA PRO PA 1237 111.10 30.99 36.61
C PRO PA 1237 111.37 32.21 37.49
N ALA PA 1238 112.08 33.19 36.95
CA ALA PA 1238 112.46 34.37 37.73
C ALA PA 1238 111.27 35.02 38.41
N GLU PA 1239 110.07 34.88 37.84
CA GLU PA 1239 108.89 35.42 38.50
C GLU PA 1239 108.57 34.71 39.81
N ALA PA 1240 109.20 33.55 40.06
CA ALA PA 1240 108.94 32.83 41.30
C ALA PA 1240 109.47 33.57 42.52
N VAL PA 1241 110.39 34.52 42.34
CA VAL PA 1241 110.78 35.38 43.45
C VAL PA 1241 109.85 36.58 43.59
N ALA PA 1242 109.20 36.99 42.50
CA ALA PA 1242 108.23 38.09 42.54
C ALA PA 1242 106.85 37.47 42.71
N LYS PA 1243 106.45 37.27 43.95
CA LYS PA 1243 105.16 36.67 44.25
C LYS PA 1243 104.04 37.67 44.01
N SER PA 1244 102.81 37.23 44.25
CA SER PA 1244 101.62 38.02 43.95
C SER PA 1244 101.07 38.62 45.23
N ARG PA 1245 101.25 39.93 45.40
CA ARG PA 1245 100.58 40.68 46.45
C ARG PA 1245 99.30 41.33 45.95
N GLY PA 1246 98.87 40.98 44.75
CA GLY PA 1246 97.63 41.49 44.20
C GLY PA 1246 97.64 41.40 42.70
N LEU PA 1247 96.52 40.99 42.12
CA LEU PA 1247 96.38 41.03 40.67
C LEU PA 1247 96.59 42.45 40.15
N ALA PA 1248 96.25 43.45 40.96
CA ALA PA 1248 96.44 44.83 40.56
C ALA PA 1248 97.90 45.17 40.34
N ARG PA 1249 98.80 44.55 41.08
CA ARG PA 1249 100.22 44.81 40.87
C ARG PA 1249 100.66 44.34 39.49
N LEU PA 1250 100.30 43.10 39.13
CA LEU PA 1250 100.62 42.60 37.81
C LEU PA 1250 100.00 43.47 36.73
N ILE PA 1251 98.73 43.85 36.91
CA ILE PA 1251 98.07 44.69 35.92
C ILE PA 1251 98.81 46.00 35.74
N ALA PA 1252 99.15 46.66 36.85
CA ALA PA 1252 99.79 47.95 36.76
C ALA PA 1252 101.21 47.86 36.20
N ASP PA 1253 101.90 46.76 36.45
CA ASP PA 1253 103.27 46.64 35.95
C ASP PA 1253 103.30 46.67 34.43
N THR PA 1254 102.39 45.96 33.79
CA THR PA 1254 102.28 46.03 32.34
C THR PA 1254 101.98 47.45 31.93
N GLY PA 1255 102.63 47.91 30.87
CA GLY PA 1255 102.67 49.32 30.57
C GLY PA 1255 103.68 50.09 31.37
N ALA PA 1256 104.53 49.40 32.14
CA ALA PA 1256 105.59 50.06 32.88
C ALA PA 1256 106.91 49.30 32.81
N ALA PA 1257 107.00 48.24 32.01
CA ALA PA 1257 108.23 47.47 31.94
C ALA PA 1257 109.31 48.24 31.18
N ALA PA 1258 110.56 47.87 31.43
CA ALA PA 1258 111.69 48.42 30.71
C ALA PA 1258 111.95 47.61 29.45
N SER PA 1259 112.39 48.27 28.40
CA SER PA 1259 112.63 47.58 27.15
C SER PA 1259 113.87 46.71 27.27
N PRO PA 1260 113.77 45.40 27.00
CA PRO PA 1260 114.97 44.56 27.05
C PRO PA 1260 115.84 44.68 25.82
N THR PA 1261 115.37 45.31 24.76
CA THR PA 1261 116.10 45.41 23.51
C THR PA 1261 116.65 46.82 23.32
N SER PA 1262 117.78 46.90 22.64
CA SER PA 1262 118.43 48.17 22.35
C SER PA 1262 117.72 48.83 21.16
N ASN PA 1263 118.36 49.85 20.58
CA ASN PA 1263 117.80 50.55 19.43
C ASN PA 1263 118.70 50.46 18.21
N GLY PA 1264 119.61 49.48 18.17
CA GLY PA 1264 120.52 49.33 17.07
C GLY PA 1264 119.88 48.65 15.88
N GLU PA 1265 120.73 48.12 15.01
CA GLU PA 1265 120.29 47.42 13.81
C GLU PA 1265 120.06 45.94 14.06
N TYR PA 1266 120.24 45.47 15.29
CA TYR PA 1266 119.97 44.09 15.64
C TYR PA 1266 119.41 44.07 17.06
N GLN PA 1267 118.56 43.09 17.33
CA GLN PA 1267 117.98 42.99 18.67
C GLN PA 1267 119.07 42.57 19.64
N PHE PA 1268 119.72 43.53 20.27
CA PHE PA 1268 120.80 43.26 21.21
C PHE PA 1268 120.29 43.37 22.64
N LYS PA 1269 120.94 42.63 23.54
CA LYS PA 1269 120.60 42.70 24.94
C LYS PA 1269 120.87 44.11 25.46
N ARG PA 1270 119.80 44.84 25.78
CA ARG PA 1270 119.95 46.24 26.16
C ARG PA 1270 120.56 46.34 27.55
N PRO PA 1271 121.48 47.27 27.76
CA PRO PA 1271 121.98 47.53 29.11
C PRO PA 1271 120.84 47.95 30.04
N VAL PA 1272 120.89 47.47 31.28
CA VAL PA 1272 119.82 47.71 32.24
C VAL PA 1272 119.72 49.17 32.66
N GLY PA 1273 120.74 49.98 32.39
CA GLY PA 1273 120.82 51.31 32.94
C GLY PA 1273 119.73 52.30 32.54
N ALA PA 1274 119.73 52.74 31.28
CA ALA PA 1274 118.89 53.87 30.89
C ALA PA 1274 117.41 53.54 31.02
N GLY PA 1275 116.95 52.56 30.27
CA GLY PA 1275 115.55 52.17 30.39
C GLY PA 1275 114.65 52.93 29.43
N GLU PA 1276 113.58 52.25 29.04
CA GLU PA 1276 112.55 52.85 28.18
C GLU PA 1276 111.28 52.04 28.35
N LEU PA 1277 110.15 52.74 28.40
CA LEU PA 1277 108.88 52.09 28.69
C LEU PA 1277 108.37 51.34 27.46
N VAL PA 1278 107.88 50.12 27.68
CA VAL PA 1278 107.09 49.40 26.70
C VAL PA 1278 105.92 48.75 27.43
N GLU PA 1279 104.98 48.25 26.65
CA GLU PA 1279 103.85 47.49 27.19
C GLU PA 1279 103.71 46.20 26.42
N ASP PA 1280 103.39 45.12 27.12
CA ASP PA 1280 103.29 43.84 26.48
C ASP PA 1280 102.41 42.92 27.30
N PRO PA 1281 101.39 42.30 26.70
CA PRO PA 1281 100.57 41.34 27.45
C PRO PA 1281 101.33 40.08 27.81
N CYS PA 1282 102.37 39.73 27.07
CA CYS PA 1282 103.01 38.43 27.22
C CYS PA 1282 103.63 38.26 28.59
N ALA PA 1283 104.31 39.29 29.09
CA ALA PA 1283 104.91 39.21 30.42
C ALA PA 1283 103.89 38.93 31.51
N LEU PA 1284 102.60 39.07 31.21
CA LEU PA 1284 101.54 38.70 32.15
C LEU PA 1284 100.94 37.34 31.85
N PHE PA 1285 100.65 37.06 30.59
CA PHE PA 1285 100.00 35.80 30.23
C PHE PA 1285 100.99 34.70 29.89
N GLN PA 1286 102.17 35.07 29.40
CA GLN PA 1286 103.14 34.10 28.91
C GLN PA 1286 102.51 33.21 27.84
N GLU PA 1287 102.00 33.86 26.81
CA GLU PA 1287 101.44 33.17 25.66
C GLU PA 1287 101.84 33.90 24.40
N ALA PA 1288 102.10 33.14 23.34
CA ALA PA 1288 102.47 33.71 22.06
C ALA PA 1288 101.28 33.68 21.11
N TYR PA 1289 101.41 34.44 20.03
CA TYR PA 1289 100.34 34.58 19.06
C TYR PA 1289 100.78 34.05 17.71
N PRO PA 1290 99.99 33.20 17.05
CA PRO PA 1290 100.41 32.66 15.76
C PRO PA 1290 100.04 33.61 14.65
N PRO PA 1291 100.99 34.02 13.83
CA PRO PA 1291 100.68 34.94 12.74
C PRO PA 1291 100.27 34.20 11.49
N LEU PA 1292 99.93 34.91 10.43
CA LEU PA 1292 99.49 34.24 9.22
C LEU PA 1292 100.66 33.53 8.57
N CYS PA 1293 100.83 32.25 8.86
CA CYS PA 1293 101.92 31.46 8.29
C CYS PA 1293 101.35 30.19 7.70
N ALA PA 1294 102.01 29.69 6.66
CA ALA PA 1294 101.54 28.50 5.96
C ALA PA 1294 102.72 27.72 5.47
N SER PA 1295 102.53 26.42 5.32
CA SER PA 1295 103.61 25.52 4.90
C SER PA 1295 103.64 25.30 3.40
N ASP PA 1296 103.11 26.23 2.62
CA ASP PA 1296 103.17 26.15 1.16
C ASP PA 1296 102.77 27.48 0.53
N SER PA 1297 103.58 27.98 -0.40
CA SER PA 1297 103.31 29.29 -0.98
C SER PA 1297 102.01 29.31 -1.74
N ALA PA 1298 101.60 28.19 -2.32
CA ALA PA 1298 100.36 28.16 -3.09
C ALA PA 1298 99.12 28.17 -2.21
N LEU PA 1299 99.28 28.16 -0.88
CA LEU PA 1299 98.14 28.31 0.01
C LEU PA 1299 97.89 29.75 0.41
N LEU PA 1300 98.84 30.64 0.17
CA LEU PA 1300 98.68 32.06 0.47
C LEU PA 1300 98.44 32.79 -0.85
N ARG PA 1301 97.16 32.89 -1.23
CA ARG PA 1301 96.77 33.60 -2.46
C ARG PA 1301 95.52 34.40 -2.15
N THR PA 1302 94.88 34.94 -3.19
CA THR PA 1302 93.69 35.73 -2.92
C THR PA 1302 92.53 34.87 -2.39
N PRO PA 1303 92.29 33.63 -2.87
CA PRO PA 1303 91.31 32.80 -2.15
C PRO PA 1303 91.99 32.09 -1.00
N LEU PA 1304 91.66 32.47 0.24
CA LEU PA 1304 92.24 31.79 1.39
C LEU PA 1304 91.84 30.32 1.39
N GLY PA 1305 90.56 30.05 1.19
CA GLY PA 1305 90.08 28.68 1.04
C GLY PA 1305 90.35 27.87 2.29
N ALA PA 1306 90.39 26.55 2.10
CA ALA PA 1306 90.56 25.65 3.21
C ALA PA 1306 91.94 25.82 3.85
N GLU PA 1307 92.00 25.59 5.14
CA GLU PA 1307 93.26 25.66 5.88
C GLU PA 1307 93.97 24.33 5.97
N GLU PA 1308 93.50 23.32 5.25
CA GLU PA 1308 94.15 22.02 5.17
C GLU PA 1308 93.92 21.46 3.78
N HIS PA 1309 94.99 21.09 3.09
CA HIS PA 1309 94.85 20.59 1.74
C HIS PA 1309 95.38 19.17 1.61
N PHE PA 1310 96.58 18.95 2.10
CA PHE PA 1310 97.22 17.65 2.16
C PHE PA 1310 98.17 17.71 3.33
N ALA PA 1311 99.25 16.94 3.29
CA ALA PA 1311 100.30 17.03 4.30
C ALA PA 1311 100.67 18.47 4.67
N GLN PA 1312 100.42 19.44 3.79
CA GLN PA 1312 100.68 20.83 4.13
C GLN PA 1312 99.57 21.39 5.01
N TYR PA 1313 99.72 22.64 5.43
CA TYR PA 1313 98.71 23.29 6.24
C TYR PA 1313 98.89 24.79 6.16
N LEU PA 1314 97.81 25.50 6.45
CA LEU PA 1314 97.81 26.96 6.55
C LEU PA 1314 97.25 27.34 7.91
N ILE PA 1315 97.87 28.33 8.55
CA ILE PA 1315 97.49 28.74 9.89
C ILE PA 1315 96.91 30.14 9.82
N ARG PA 1316 95.63 30.26 10.16
CA ARG PA 1316 94.98 31.57 10.23
C ARG PA 1316 95.65 32.42 11.29
N ASP PA 1317 95.33 33.70 11.29
CA ASP PA 1317 95.92 34.65 12.23
C ASP PA 1317 94.94 34.94 13.35
N GLU PA 1318 95.34 34.67 14.58
CA GLU PA 1318 94.58 35.03 15.77
C GLU PA 1318 95.53 35.83 16.66
N SER PA 1319 95.63 37.12 16.40
CA SER PA 1319 96.58 37.98 17.09
C SER PA 1319 95.98 39.37 17.14
N PRO PA 1320 96.54 40.27 17.95
CA PRO PA 1320 95.97 41.61 18.07
C PRO PA 1320 95.98 42.40 16.78
N LEU PA 1321 96.47 41.82 15.69
CA LEU PA 1321 96.52 42.47 14.40
C LEU PA 1321 95.63 41.77 13.39
N LYS PA 1322 94.42 41.41 13.80
CA LYS PA 1322 93.50 40.70 12.92
C LYS PA 1322 93.01 41.56 11.75
N GLY PA 1323 93.51 42.79 11.61
CA GLY PA 1323 93.14 43.62 10.47
C GLY PA 1323 94.18 44.65 10.10
N ARG QA 24 -92.02 59.23 -58.81
CA ARG QA 24 -91.12 58.22 -58.24
C ARG QA 24 -91.34 56.88 -58.91
N ALA QA 25 -90.50 55.91 -58.57
CA ALA QA 25 -90.57 54.58 -59.16
C ALA QA 25 -91.02 53.58 -58.11
N ARG QA 26 -91.51 52.44 -58.56
CA ARG QA 26 -92.03 51.41 -57.67
C ARG QA 26 -91.20 50.14 -57.78
N LEU QA 27 -91.05 49.45 -56.66
CA LEU QA 27 -90.07 48.39 -56.53
C LEU QA 27 -90.72 47.05 -56.31
N ILE QA 28 -89.89 46.01 -56.36
CA ILE QA 28 -90.29 44.63 -56.09
C ILE QA 28 -89.29 44.06 -55.10
N ARG QA 29 -89.77 43.31 -54.12
CA ARG QA 29 -88.90 42.57 -53.20
C ARG QA 29 -89.25 41.10 -53.28
N GLN QA 30 -88.23 40.27 -53.44
CA GLN QA 30 -88.43 38.82 -53.54
C GLN QA 30 -87.33 38.12 -52.77
N VAL QA 31 -87.69 37.57 -51.61
CA VAL QA 31 -86.75 36.75 -50.85
C VAL QA 31 -86.46 35.47 -51.63
N THR QA 32 -85.22 35.01 -51.55
CA THR QA 32 -84.79 33.89 -52.37
C THR QA 32 -83.45 33.37 -51.88
N LEU QA 33 -82.91 32.41 -52.62
CA LEU QA 33 -81.64 31.79 -52.29
C LEU QA 33 -80.50 32.47 -53.04
N ALA QA 34 -79.34 32.51 -52.40
CA ALA QA 34 -78.14 33.10 -52.99
C ALA QA 34 -77.48 32.11 -53.95
N ASP QA 35 -78.24 31.62 -54.91
CA ASP QA 35 -77.75 30.66 -55.89
C ASP QA 35 -77.12 31.30 -57.11
N PHE QA 36 -77.88 32.13 -57.82
CA PHE QA 36 -77.47 32.65 -59.12
C PHE QA 36 -77.18 34.14 -59.12
N CYS QA 37 -77.90 34.93 -58.33
CA CYS QA 37 -77.66 36.36 -58.24
C CYS QA 37 -77.13 36.62 -56.84
N GLU QA 38 -75.99 37.28 -56.73
CA GLU QA 38 -75.39 37.27 -55.40
C GLU QA 38 -75.13 38.71 -54.97
N PRO QA 39 -76.14 39.37 -54.38
CA PRO QA 39 -76.18 40.84 -54.35
C PRO QA 39 -75.08 41.50 -53.53
N GLN QA 40 -74.33 40.75 -52.74
CA GLN QA 40 -73.14 41.35 -52.14
C GLN QA 40 -71.94 41.28 -53.09
N ALA QA 41 -71.83 40.25 -53.93
CA ALA QA 41 -70.72 40.16 -54.87
C ALA QA 41 -70.72 41.28 -55.92
N GLU QA 42 -71.87 41.64 -56.50
CA GLU QA 42 -71.93 42.71 -57.48
C GLU QA 42 -72.40 43.99 -56.79
N ARG QA 43 -72.06 45.13 -57.34
CA ARG QA 43 -72.66 46.34 -56.79
C ARG QA 43 -74.01 46.59 -57.47
N PRO QA 44 -74.85 47.49 -56.97
CA PRO QA 44 -76.17 47.66 -57.56
C PRO QA 44 -76.09 48.06 -59.03
N GLY QA 45 -77.25 48.04 -59.68
CA GLY QA 45 -77.35 48.49 -61.05
C GLY QA 45 -77.01 47.44 -62.10
N LEU QA 46 -77.75 46.33 -62.09
CA LEU QA 46 -77.64 45.33 -63.14
C LEU QA 46 -78.92 44.51 -63.16
N VAL QA 47 -79.39 44.16 -64.36
CA VAL QA 47 -80.73 43.60 -64.48
C VAL QA 47 -80.75 42.18 -63.90
N VAL QA 48 -81.87 41.82 -63.29
CA VAL QA 48 -82.07 40.50 -62.72
C VAL QA 48 -83.27 39.86 -63.39
N LEU QA 49 -83.28 38.53 -63.40
CA LEU QA 49 -84.33 37.78 -64.07
C LEU QA 49 -85.02 36.87 -63.08
N ALA QA 50 -86.29 36.58 -63.34
CA ALA QA 50 -87.06 35.66 -62.52
C ALA QA 50 -87.15 34.32 -63.22
N LEU QA 51 -86.79 33.26 -62.51
CA LEU QA 51 -86.80 31.91 -63.06
C LEU QA 51 -88.06 31.17 -62.64
N ARG QA 52 -88.76 30.64 -63.63
CA ARG QA 52 -89.94 29.80 -63.48
C ARG QA 52 -89.65 28.63 -62.55
N HIS QA 53 -90.71 28.10 -61.95
CA HIS QA 53 -90.60 26.84 -61.22
C HIS QA 53 -90.27 25.73 -62.21
N PRO QA 54 -89.25 24.93 -61.95
CA PRO QA 54 -88.81 23.96 -62.97
C PRO QA 54 -89.74 22.78 -63.12
N ALA QA 55 -90.63 22.54 -62.16
CA ALA QA 55 -91.50 21.36 -62.25
C ALA QA 55 -92.35 21.41 -63.52
N ASP QA 56 -92.97 22.57 -63.79
CA ASP QA 56 -93.84 22.62 -64.96
C ASP QA 56 -93.05 22.60 -66.26
N LEU QA 57 -91.81 23.10 -66.26
CA LEU QA 57 -90.96 22.93 -67.44
C LEU QA 57 -90.70 21.45 -67.71
N ALA QA 58 -90.26 20.73 -66.69
CA ALA QA 58 -90.02 19.29 -66.84
C ALA QA 58 -91.27 18.57 -67.30
N GLY QA 59 -92.44 18.99 -66.80
CA GLY QA 59 -93.68 18.37 -67.22
C GLY QA 59 -94.01 18.67 -68.67
N ALA QA 60 -94.06 19.95 -69.03
CA ALA QA 60 -94.41 20.36 -70.39
C ALA QA 60 -93.45 19.79 -71.42
N ALA QA 61 -92.21 19.50 -71.03
CA ALA QA 61 -91.32 18.78 -71.94
C ALA QA 61 -91.96 17.50 -72.44
N TYR QA 62 -92.47 16.68 -71.52
CA TYR QA 62 -93.03 15.36 -71.86
C TYR QA 62 -93.93 15.43 -73.09
N ALA QA 63 -94.62 16.53 -73.29
CA ALA QA 63 -95.46 16.70 -74.47
C ALA QA 63 -94.85 17.62 -75.52
N ALA QA 64 -93.76 18.30 -75.21
CA ALA QA 64 -93.24 19.33 -76.09
C ALA QA 64 -92.02 18.91 -76.92
N THR QA 65 -91.19 17.99 -76.44
CA THR QA 65 -90.03 17.62 -77.23
C THR QA 65 -90.48 16.97 -78.54
N PRO QA 66 -89.85 17.28 -79.65
CA PRO QA 66 -90.34 16.86 -80.96
C PRO QA 66 -90.18 15.36 -81.15
N PRO QA 67 -90.67 14.80 -82.26
CA PRO QA 67 -90.48 13.37 -82.50
C PRO QA 67 -89.02 13.05 -82.78
N GLY QA 68 -88.65 11.83 -82.46
CA GLY QA 68 -87.28 11.36 -82.68
C GLY QA 68 -86.30 11.65 -81.56
N LYS QA 69 -86.39 12.85 -81.00
CA LYS QA 69 -85.47 13.26 -79.96
C LYS QA 69 -85.78 12.56 -78.63
N ASN QA 70 -84.94 12.82 -77.63
CA ASN QA 70 -85.20 12.35 -76.29
C ASN QA 70 -86.36 13.12 -75.67
N HIS QA 71 -87.07 12.46 -74.75
CA HIS QA 71 -88.24 13.06 -74.11
C HIS QA 71 -88.13 13.07 -72.59
N ARG QA 72 -86.96 12.73 -72.05
CA ARG QA 72 -86.74 12.85 -70.61
C ARG QA 72 -85.37 13.44 -70.27
N ASP QA 73 -84.65 13.96 -71.25
CA ASP QA 73 -83.30 14.44 -70.99
C ASP QA 73 -83.28 15.74 -70.20
N LEU QA 74 -84.34 16.55 -70.30
CA LEU QA 74 -84.42 17.75 -69.48
C LEU QA 74 -84.67 17.40 -68.02
N GLU QA 75 -85.52 16.41 -67.78
CA GLU QA 75 -85.65 15.83 -66.44
C GLU QA 75 -84.28 15.56 -65.82
N GLU QA 76 -83.43 14.83 -66.54
CA GLU QA 76 -82.12 14.47 -66.02
C GLU QA 76 -81.24 15.70 -65.84
N ALA QA 77 -81.23 16.58 -66.85
CA ALA QA 77 -80.39 17.77 -66.76
C ALA QA 77 -80.76 18.61 -65.55
N TRP QA 78 -82.05 18.73 -65.25
CA TRP QA 78 -82.44 19.44 -64.05
C TRP QA 78 -82.03 18.68 -62.79
N LEU QA 79 -82.34 17.39 -62.71
CA LEU QA 79 -81.98 16.61 -61.54
C LEU QA 79 -80.49 16.67 -61.25
N ALA QA 80 -79.68 16.91 -62.26
CA ALA QA 80 -78.23 17.05 -62.09
C ALA QA 80 -77.83 18.37 -61.44
N LEU QA 81 -78.76 19.20 -60.99
CA LEU QA 81 -78.43 20.50 -60.41
C LEU QA 81 -79.05 20.61 -59.02
N ASP QA 82 -78.88 19.58 -58.21
CA ASP QA 82 -79.49 19.51 -56.90
C ASP QA 82 -78.58 18.93 -55.82
N ARG QA 94 -87.13 28.58 -52.39
CA ARG QA 94 -86.50 28.03 -53.59
C ARG QA 94 -85.55 29.06 -54.22
N ALA QA 95 -84.69 28.60 -55.12
CA ALA QA 95 -83.84 29.50 -55.89
C ALA QA 95 -84.58 30.04 -57.09
N SER QA 96 -84.73 31.36 -57.16
CA SER QA 96 -85.67 31.94 -58.11
C SER QA 96 -85.06 32.97 -59.04
N VAL QA 97 -84.14 33.79 -58.58
CA VAL QA 97 -83.60 34.87 -59.40
C VAL QA 97 -82.28 34.44 -60.01
N VAL QA 98 -81.90 35.11 -61.08
CA VAL QA 98 -80.61 34.90 -61.73
C VAL QA 98 -80.18 36.22 -62.33
N SER QA 99 -79.00 36.69 -61.94
CA SER QA 99 -78.49 37.93 -62.49
C SER QA 99 -78.04 37.69 -63.92
N LEU QA 100 -78.29 38.68 -64.77
CA LEU QA 100 -77.80 38.59 -66.15
C LEU QA 100 -76.28 38.44 -66.17
N ASN QA 101 -75.60 39.11 -65.24
CA ASN QA 101 -74.15 38.96 -65.15
C ASN QA 101 -73.76 37.50 -65.01
N PHE QA 102 -74.59 36.71 -64.35
CA PHE QA 102 -74.32 35.28 -64.21
C PHE QA 102 -74.72 34.50 -65.46
N LEU QA 103 -75.88 34.83 -66.04
CA LEU QA 103 -76.39 34.05 -67.17
C LEU QA 103 -75.52 34.23 -68.41
N VAL QA 104 -75.06 35.44 -68.66
CA VAL QA 104 -74.26 35.71 -69.86
C VAL QA 104 -73.01 34.83 -69.87
N ALA QA 105 -72.48 34.52 -68.68
CA ALA QA 105 -71.29 33.67 -68.61
C ALA QA 105 -71.59 32.26 -69.09
N ALA QA 106 -72.74 31.72 -68.73
CA ALA QA 106 -73.10 30.37 -69.14
C ALA QA 106 -73.77 30.35 -70.50
N ALA QA 107 -73.10 30.92 -71.49
CA ALA QA 107 -73.53 30.81 -72.87
C ALA QA 107 -72.31 30.67 -73.75
N GLU QA 108 -72.54 30.47 -75.05
CA GLU QA 108 -71.44 30.51 -76.00
C GLU QA 108 -70.72 31.84 -75.90
N ASN QA 109 -71.38 32.92 -76.29
CA ASN QA 109 -70.72 34.21 -76.36
C ASN QA 109 -70.50 34.78 -74.97
N ALA QA 110 -69.25 35.23 -74.73
CA ALA QA 110 -68.70 35.68 -73.46
C ALA QA 110 -67.24 35.98 -73.69
N ASP QA 111 -66.73 36.98 -72.98
CA ASP QA 111 -65.30 37.21 -73.01
C ASP QA 111 -64.71 36.68 -71.71
N ASP QA 112 -63.68 35.85 -71.80
CA ASP QA 112 -63.24 35.03 -70.67
C ASP QA 112 -62.91 35.87 -69.44
N ALA QA 113 -62.68 37.18 -69.61
CA ALA QA 113 -62.48 38.03 -68.44
C ALA QA 113 -63.69 37.96 -67.51
N LEU QA 114 -64.89 37.94 -68.08
CA LEU QA 114 -66.09 37.91 -67.25
C LEU QA 114 -66.27 36.54 -66.60
N ARG QA 115 -65.91 35.46 -67.31
CA ARG QA 115 -65.87 34.16 -66.65
C ARG QA 115 -64.95 34.18 -65.44
N ALA QA 116 -63.74 34.71 -65.60
CA ALA QA 116 -62.81 34.77 -64.49
C ALA QA 116 -63.38 35.59 -63.34
N HIS QA 117 -64.03 36.71 -63.66
CA HIS QA 117 -64.64 37.55 -62.63
C HIS QA 117 -65.72 36.78 -61.87
N VAL QA 118 -66.67 36.19 -62.59
CA VAL QA 118 -67.73 35.44 -61.95
C VAL QA 118 -67.17 34.30 -61.10
N THR QA 119 -66.14 33.63 -61.59
CA THR QA 119 -65.59 32.50 -60.85
C THR QA 119 -64.86 32.92 -59.58
N THR QA 120 -63.94 33.88 -59.68
CA THR QA 120 -63.04 34.21 -58.57
C THR QA 120 -63.61 35.29 -57.67
N ASN QA 121 -64.71 35.92 -58.06
CA ASN QA 121 -65.25 37.07 -57.34
C ASN QA 121 -66.54 36.74 -56.61
N TYR QA 122 -67.29 35.75 -57.11
CA TYR QA 122 -68.36 35.16 -56.33
C TYR QA 122 -67.79 34.43 -55.13
N ARG QA 123 -68.33 34.71 -53.94
CA ARG QA 123 -67.89 34.01 -52.73
C ARG QA 123 -68.17 32.52 -52.78
N ASP QA 124 -69.18 32.13 -53.55
CA ASP QA 124 -69.90 30.92 -53.19
C ASP QA 124 -69.08 29.67 -53.53
N ARG QA 125 -69.25 28.65 -52.70
CA ARG QA 125 -68.78 27.28 -52.96
C ARG QA 125 -69.25 26.78 -54.32
N ARG QA 126 -68.49 25.82 -54.86
CA ARG QA 126 -68.92 24.91 -55.93
C ARG QA 126 -69.48 25.66 -57.14
N THR QA 127 -69.12 26.94 -57.27
CA THR QA 127 -69.79 27.83 -58.21
C THR QA 127 -69.53 27.47 -59.66
N ALA QA 128 -68.26 27.22 -60.03
CA ALA QA 128 -67.94 26.90 -61.41
C ALA QA 128 -68.68 25.65 -61.87
N ALA QA 129 -68.75 24.63 -61.00
CA ALA QA 129 -69.52 23.45 -61.32
C ALA QA 129 -70.96 23.79 -61.61
N ARG QA 130 -71.57 24.62 -60.76
CA ARG QA 130 -72.95 25.04 -61.00
C ARG QA 130 -73.10 25.76 -62.33
N LEU QA 131 -72.15 26.62 -62.68
CA LEU QA 131 -72.21 27.30 -63.96
C LEU QA 131 -72.22 26.29 -65.11
N GLU QA 132 -71.38 25.26 -65.00
CA GLU QA 132 -71.34 24.21 -66.01
C GLU QA 132 -72.69 23.50 -66.12
N ARG QA 133 -73.27 23.15 -64.98
CA ARG QA 133 -74.56 22.45 -65.00
C ARG QA 133 -75.64 23.33 -65.61
N PHE QA 134 -75.65 24.63 -65.28
CA PHE QA 134 -76.62 25.55 -65.85
C PHE QA 134 -76.48 25.63 -67.36
N ALA QA 135 -75.24 25.66 -67.85
CA ALA QA 135 -75.02 25.60 -69.28
C ALA QA 135 -75.67 24.36 -69.89
N THR QA 136 -75.45 23.21 -69.25
CA THR QA 136 -76.07 21.98 -69.76
C THR QA 136 -77.59 22.07 -69.71
N VAL QA 137 -78.12 22.75 -68.70
CA VAL QA 137 -79.57 22.90 -68.58
C VAL QA 137 -80.12 23.68 -69.77
N LEU QA 138 -79.55 24.84 -70.05
CA LEU QA 138 -80.06 25.65 -71.15
C LEU QA 138 -79.90 24.95 -72.49
N ARG QA 139 -78.76 24.29 -72.70
CA ARG QA 139 -78.60 23.52 -73.94
C ARG QA 139 -79.61 22.38 -74.03
N ALA QA 140 -80.04 21.81 -72.90
CA ALA QA 140 -81.11 20.83 -72.97
C ALA QA 140 -82.45 21.50 -73.28
N MET QA 141 -82.66 22.70 -72.75
CA MET QA 141 -83.92 23.39 -72.94
C MET QA 141 -84.21 23.63 -74.42
N ILE QA 142 -83.21 24.09 -75.16
CA ILE QA 142 -83.41 24.34 -76.59
C ILE QA 142 -83.58 23.03 -77.34
N ARG QA 143 -82.89 21.98 -76.92
CA ARG QA 143 -83.04 20.69 -77.57
C ARG QA 143 -84.45 20.14 -77.42
N SER QA 144 -85.09 20.40 -76.28
CA SER QA 144 -86.41 19.85 -76.00
C SER QA 144 -87.54 20.78 -76.45
N HIS QA 145 -87.21 21.81 -77.23
CA HIS QA 145 -88.20 22.73 -77.78
C HIS QA 145 -89.07 23.38 -76.71
N VAL QA 146 -88.55 23.50 -75.49
CA VAL QA 146 -89.13 24.41 -74.51
C VAL QA 146 -88.10 25.50 -74.28
N PHE QA 147 -88.28 26.62 -74.97
CA PHE QA 147 -87.23 27.61 -75.09
C PHE QA 147 -87.10 28.43 -73.82
N PRO QA 148 -85.88 28.84 -73.47
CA PRO QA 148 -85.67 29.55 -72.20
C PRO QA 148 -86.42 30.86 -72.11
N HIS QA 149 -86.74 31.50 -73.24
CA HIS QA 149 -87.53 32.71 -73.17
C HIS QA 149 -88.91 32.46 -72.58
N ARG QA 150 -89.38 31.22 -72.62
CA ARG QA 150 -90.57 30.80 -71.89
C ARG QA 150 -90.22 30.29 -70.49
N ALA QA 151 -89.06 30.68 -69.95
CA ALA QA 151 -88.68 30.25 -68.62
C ALA QA 151 -88.00 31.35 -67.81
N LEU QA 152 -87.88 32.56 -68.34
CA LEU QA 152 -87.16 33.65 -67.67
C LEU QA 152 -87.88 34.97 -67.94
N HIS QA 153 -88.76 35.36 -67.04
CA HIS QA 153 -89.28 36.71 -67.05
C HIS QA 153 -88.24 37.65 -66.46
N VAL QA 154 -88.27 38.91 -66.88
CA VAL QA 154 -87.22 39.87 -66.55
C VAL QA 154 -87.77 40.87 -65.54
N LEU QA 155 -87.02 41.08 -64.47
CA LEU QA 155 -87.33 42.13 -63.50
C LEU QA 155 -86.39 43.30 -63.76
N GLY QA 156 -86.46 44.33 -62.93
CA GLY QA 156 -85.63 45.50 -63.07
C GLY QA 156 -84.24 45.29 -62.52
N GLY QA 157 -83.53 46.40 -62.34
CA GLY QA 157 -82.19 46.36 -61.80
C GLY QA 157 -82.21 46.41 -60.29
N LEU QA 158 -81.46 45.50 -59.67
CA LEU QA 158 -81.45 45.43 -58.21
C LEU QA 158 -80.76 46.64 -57.62
N LEU QA 159 -81.17 46.99 -56.42
CA LEU QA 159 -80.51 48.08 -55.71
C LEU QA 159 -80.13 47.73 -54.28
N GLY QA 160 -80.89 46.87 -53.61
CA GLY QA 160 -80.67 46.60 -52.21
C GLY QA 160 -80.83 45.12 -51.90
N HIS QA 161 -80.36 44.75 -50.71
CA HIS QA 161 -80.40 43.37 -50.27
C HIS QA 161 -79.98 43.27 -48.81
N VAL QA 162 -80.60 42.35 -48.09
CA VAL QA 162 -80.14 41.90 -46.78
C VAL QA 162 -79.99 40.40 -46.85
N THR QA 163 -78.86 39.89 -46.36
CA THR QA 163 -78.52 38.50 -46.55
C THR QA 163 -78.34 37.82 -45.20
N GLN QA 164 -78.97 36.66 -45.01
CA GLN QA 164 -78.59 35.74 -43.96
C GLN QA 164 -77.50 34.84 -44.53
N ASP QA 165 -77.24 33.70 -43.88
CA ASP QA 165 -76.30 32.74 -44.44
C ASP QA 165 -76.99 31.95 -45.56
N ARG QA 166 -76.62 32.27 -46.80
CA ARG QA 166 -77.19 31.62 -47.99
C ARG QA 166 -78.69 31.81 -48.06
N LEU QA 167 -79.16 33.05 -47.85
CA LEU QA 167 -80.55 33.41 -48.11
C LEU QA 167 -80.64 34.93 -48.20
N ALA QA 168 -81.12 35.43 -49.33
CA ALA QA 168 -81.08 36.86 -49.64
C ALA QA 168 -82.49 37.36 -49.91
N SER QA 169 -82.62 38.69 -49.94
CA SER QA 169 -83.87 39.36 -50.32
C SER QA 169 -83.49 40.55 -51.19
N VAL QA 170 -83.42 40.32 -52.49
CA VAL QA 170 -83.04 41.37 -53.43
C VAL QA 170 -84.23 42.30 -53.65
N THR QA 171 -83.95 43.51 -54.11
CA THR QA 171 -84.97 44.52 -54.38
C THR QA 171 -84.58 45.24 -55.66
N CYS QA 172 -85.48 45.25 -56.64
CA CYS QA 172 -85.23 45.84 -57.94
C CYS QA 172 -86.36 46.79 -58.31
N VAL QA 173 -86.03 47.79 -59.12
CA VAL QA 173 -87.05 48.66 -59.68
C VAL QA 173 -87.90 47.89 -60.67
N ALA QA 174 -89.08 48.44 -60.98
CA ALA QA 174 -89.97 47.84 -61.95
C ALA QA 174 -90.54 48.80 -62.97
N ARG QA 175 -90.71 50.08 -62.62
CA ARG QA 175 -91.11 51.10 -63.55
C ARG QA 175 -90.33 52.36 -63.22
N GLY QA 176 -90.58 53.42 -63.98
CA GLY QA 176 -89.88 54.66 -63.74
C GLY QA 176 -88.40 54.54 -64.04
N ASP QA 177 -87.69 55.63 -63.79
CA ASP QA 177 -86.27 55.65 -64.09
C ASP QA 177 -85.50 55.15 -62.88
N GLN QA 178 -84.33 54.57 -63.16
CA GLN QA 178 -83.55 53.88 -62.15
C GLN QA 178 -83.23 54.77 -60.96
N GLU QA 179 -82.69 55.96 -61.22
CA GLU QA 179 -82.15 56.80 -60.17
C GLU QA 179 -83.21 57.56 -59.38
N ALA QA 180 -84.48 57.18 -59.51
CA ALA QA 180 -85.47 57.66 -58.55
C ALA QA 180 -85.41 56.89 -57.25
N ALA QA 181 -84.61 55.82 -57.20
CA ALA QA 181 -84.53 54.96 -56.02
C ALA QA 181 -83.62 55.59 -54.97
N ARG QA 182 -83.29 54.80 -53.94
CA ARG QA 182 -82.43 55.29 -52.87
C ARG QA 182 -81.73 54.07 -52.26
N THR QA 183 -80.46 53.87 -52.60
CA THR QA 183 -79.71 52.73 -52.12
C THR QA 183 -79.11 53.05 -50.75
N ASN QA 184 -78.90 52.02 -49.93
CA ASN QA 184 -78.36 52.19 -48.58
C ASN QA 184 -76.85 52.02 -48.57
N ASP QA 185 -76.20 52.40 -49.66
CA ASP QA 185 -74.74 52.37 -49.72
C ASP QA 185 -74.13 53.54 -48.94
N MET QA 186 -74.71 54.74 -49.07
CA MET QA 186 -74.24 56.01 -48.51
C MET QA 186 -72.97 56.52 -49.15
N ALA QA 187 -72.35 55.78 -50.06
CA ALA QA 187 -71.32 56.34 -50.90
C ALA QA 187 -71.86 56.85 -52.22
N ALA QA 188 -72.79 56.10 -52.82
CA ALA QA 188 -73.51 56.51 -54.02
C ALA QA 188 -74.98 56.14 -53.78
N ARG QA 189 -75.75 57.10 -53.25
CA ARG QA 189 -77.16 56.86 -52.99
C ARG QA 189 -77.86 56.36 -54.23
N ARG QA 190 -77.81 57.13 -55.31
CA ARG QA 190 -78.40 56.70 -56.57
C ARG QA 190 -77.47 55.69 -57.23
N SER QA 191 -77.86 55.20 -58.40
CA SER QA 191 -77.10 54.17 -59.10
C SER QA 191 -77.18 54.45 -60.59
N GLN QA 192 -76.81 53.44 -61.38
CA GLN QA 192 -77.03 53.44 -62.83
C GLN QA 192 -77.37 52.02 -63.22
N VAL QA 193 -77.27 51.72 -64.51
CA VAL QA 193 -77.50 50.37 -65.02
C VAL QA 193 -76.23 49.89 -65.71
N HIS QA 194 -75.72 48.74 -65.28
CA HIS QA 194 -74.48 48.20 -65.80
C HIS QA 194 -74.77 46.94 -66.60
N VAL QA 195 -74.22 46.87 -67.80
CA VAL QA 195 -74.39 45.70 -68.67
C VAL QA 195 -73.01 45.26 -69.15
N PRO QA 196 -72.70 43.96 -69.12
CA PRO QA 196 -71.41 43.50 -69.61
C PRO QA 196 -71.21 43.88 -71.07
N ALA QA 197 -70.21 44.73 -71.31
CA ALA QA 197 -69.99 45.28 -72.65
C ALA QA 197 -69.68 44.20 -73.68
N CYS QA 198 -69.28 43.02 -73.23
CA CYS QA 198 -69.03 41.92 -74.16
C CYS QA 198 -70.27 41.52 -74.94
N ALA QA 199 -71.45 41.68 -74.36
CA ALA QA 199 -72.71 41.25 -74.96
C ALA QA 199 -73.50 42.38 -75.60
N LEU QA 200 -73.22 43.63 -75.26
CA LEU QA 200 -73.99 44.75 -75.78
C LEU QA 200 -73.73 44.91 -77.27
N MET QA 201 -74.72 44.60 -78.09
CA MET QA 201 -74.62 44.73 -79.55
C MET QA 201 -75.48 45.91 -79.96
N ASP QA 202 -74.83 46.98 -80.41
CA ASP QA 202 -75.58 48.09 -80.99
C ASP QA 202 -76.08 47.70 -82.37
N VAL QA 203 -77.14 48.36 -82.80
CA VAL QA 203 -77.83 48.05 -84.05
C VAL QA 203 -77.69 49.15 -85.09
N ASP QA 204 -78.00 50.40 -84.73
CA ASP QA 204 -78.10 51.45 -85.75
C ASP QA 204 -76.74 51.69 -86.41
N ARG QA 205 -75.74 52.04 -85.61
CA ARG QA 205 -74.36 52.16 -86.06
C ARG QA 205 -73.89 50.88 -86.70
N GLU QA 206 -74.47 49.74 -86.31
CA GLU QA 206 -74.23 48.46 -86.97
C GLU QA 206 -74.92 48.41 -88.33
N LEU QA 207 -76.23 48.65 -88.39
CA LEU QA 207 -76.92 48.60 -89.67
C LEU QA 207 -76.62 49.79 -90.56
N ARG QA 208 -75.95 50.81 -90.04
CA ARG QA 208 -75.67 52.05 -90.76
C ARG QA 208 -76.96 52.66 -91.31
N LEU QA 209 -77.83 53.06 -90.40
CA LEU QA 209 -79.02 53.80 -90.77
C LEU QA 209 -78.73 55.26 -91.10
N GLY QA 210 -77.50 55.71 -90.91
CA GLY QA 210 -77.19 57.11 -91.06
C GLY QA 210 -77.89 58.01 -90.08
N GLY QA 211 -78.50 57.45 -89.04
CA GLY QA 211 -79.28 58.21 -88.11
C GLY QA 211 -78.44 59.00 -87.12
N ASP QA 212 -79.12 59.74 -86.26
CA ASP QA 212 -78.47 60.57 -85.26
C ASP QA 212 -78.99 60.21 -83.89
N ASP QA 213 -78.07 59.90 -82.98
CA ASP QA 213 -78.44 59.32 -81.70
C ASP QA 213 -79.30 60.27 -80.89
N GLY QA 214 -80.54 59.88 -80.65
CA GLY QA 214 -81.38 60.62 -79.73
C GLY QA 214 -81.78 59.75 -78.56
N LEU QA 215 -83.09 59.50 -78.42
CA LEU QA 215 -83.61 58.54 -77.46
C LEU QA 215 -83.76 57.21 -78.18
N ARG QA 216 -83.13 56.18 -77.63
CA ARG QA 216 -83.16 54.86 -78.24
C ARG QA 216 -83.77 53.84 -77.29
N PHE QA 217 -84.42 52.84 -77.87
CA PHE QA 217 -85.00 51.76 -77.09
C PHE QA 217 -83.91 50.82 -76.61
N ALA QA 218 -84.30 49.82 -75.82
CA ALA QA 218 -83.37 48.83 -75.31
C ALA QA 218 -84.05 47.47 -75.33
N TYR QA 219 -83.42 46.50 -75.99
CA TYR QA 219 -83.98 45.17 -76.14
C TYR QA 219 -82.99 44.12 -75.68
N LEU QA 220 -83.46 43.20 -74.85
CA LEU QA 220 -82.72 42.00 -74.50
C LEU QA 220 -83.16 40.88 -75.43
N VAL QA 221 -82.22 40.32 -76.19
CA VAL QA 221 -82.53 39.34 -77.22
C VAL QA 221 -81.82 38.03 -76.92
N PHE QA 222 -82.47 36.93 -77.26
CA PHE QA 222 -81.88 35.60 -77.21
C PHE QA 222 -81.66 35.09 -78.63
N VAL QA 223 -80.62 34.27 -78.80
CA VAL QA 223 -80.30 33.68 -80.08
C VAL QA 223 -80.19 32.17 -79.89
N TYR QA 224 -81.12 31.43 -80.48
CA TYR QA 224 -81.08 29.99 -80.44
C TYR QA 224 -80.33 29.45 -81.66
N THR QA 225 -79.84 28.21 -81.55
CA THR QA 225 -79.31 27.49 -82.69
C THR QA 225 -79.58 26.01 -82.42
N GLN QA 226 -80.05 25.28 -83.44
CA GLN QA 226 -80.56 23.93 -83.25
C GLN QA 226 -79.85 22.97 -84.18
N ARG QA 227 -78.95 22.17 -83.61
CA ARG QA 227 -78.33 21.04 -84.27
C ARG QA 227 -78.12 19.98 -83.20
N HIS QA 228 -78.71 18.81 -83.40
CA HIS QA 228 -78.87 17.86 -82.31
C HIS QA 228 -77.54 17.44 -81.72
N ARG QA 229 -77.43 17.56 -80.39
CA ARG QA 229 -76.22 17.32 -79.61
C ARG QA 229 -75.09 18.29 -79.93
N ARG QA 230 -75.29 19.23 -80.85
CA ARG QA 230 -74.31 20.27 -81.12
C ARG QA 230 -75.06 21.59 -81.28
N GLU QA 231 -75.35 22.24 -80.17
CA GLU QA 231 -76.18 23.45 -80.16
C GLU QA 231 -75.77 24.33 -79.00
N ALA QA 232 -76.18 25.59 -79.05
CA ALA QA 232 -75.80 26.56 -78.03
C ALA QA 232 -76.78 27.71 -78.04
N LEU QA 233 -76.57 28.66 -77.14
CA LEU QA 233 -77.41 29.84 -76.99
C LEU QA 233 -76.51 31.06 -76.90
N ARG QA 234 -76.89 32.12 -77.61
CA ARG QA 234 -76.17 33.39 -77.58
C ARG QA 234 -77.07 34.47 -77.04
N VAL QA 235 -76.54 35.30 -76.15
CA VAL QA 235 -77.27 36.38 -75.53
C VAL QA 235 -76.73 37.70 -76.05
N HIS QA 236 -77.58 38.72 -76.05
CA HIS QA 236 -77.19 40.06 -76.43
C HIS QA 236 -78.09 41.06 -75.73
N VAL QA 237 -77.64 42.32 -75.69
CA VAL QA 237 -78.48 43.42 -75.23
C VAL QA 237 -78.41 44.48 -76.32
N ALA QA 238 -79.53 44.74 -76.97
CA ALA QA 238 -79.57 45.54 -78.17
C ALA QA 238 -80.28 46.86 -77.89
N VAL QA 239 -79.71 47.95 -78.38
CA VAL QA 239 -80.32 49.26 -78.31
C VAL QA 239 -80.41 49.81 -79.72
N SER QA 240 -81.46 50.58 -79.98
CA SER QA 240 -81.69 51.19 -81.28
C SER QA 240 -82.92 52.08 -81.17
N ARG QA 241 -83.20 52.79 -82.25
CA ARG QA 241 -84.45 53.54 -82.38
C ARG QA 241 -85.57 52.72 -82.99
N LEU QA 242 -85.27 51.50 -83.43
CA LEU QA 242 -86.24 50.67 -84.13
C LEU QA 242 -87.31 50.19 -83.18
N PRO QA 243 -88.57 50.62 -83.32
CA PRO QA 243 -89.63 50.10 -82.44
C PRO QA 243 -89.99 48.67 -82.73
N GLU QA 244 -89.75 48.19 -83.95
CA GLU QA 244 -90.16 46.85 -84.34
C GLU QA 244 -88.94 46.14 -84.89
N LEU QA 245 -88.41 45.17 -84.14
CA LEU QA 245 -87.19 44.50 -84.54
C LEU QA 245 -87.39 43.72 -85.84
N GLY QA 246 -88.13 42.61 -85.77
CA GLY QA 246 -88.56 41.90 -86.95
C GLY QA 246 -87.51 41.70 -88.02
N ASP QA 247 -87.73 42.37 -89.16
CA ASP QA 247 -86.82 42.25 -90.29
C ASP QA 247 -85.38 42.58 -89.90
N ALA QA 248 -85.20 43.45 -88.90
CA ALA QA 248 -83.86 43.84 -88.50
C ALA QA 248 -83.07 42.65 -87.97
N LEU QA 249 -83.67 41.87 -87.08
CA LEU QA 249 -83.00 40.65 -86.64
C LEU QA 249 -82.99 39.59 -87.72
N SER QA 250 -84.08 39.49 -88.49
CA SER QA 250 -84.12 38.49 -89.57
C SER QA 250 -82.93 38.64 -90.49
N PHE QA 251 -82.47 39.87 -90.73
CA PHE QA 251 -81.26 40.08 -91.51
C PHE QA 251 -80.01 39.99 -90.65
N LEU QA 252 -80.05 40.50 -89.42
CA LEU QA 252 -78.88 40.44 -88.55
C LEU QA 252 -78.41 39.01 -88.31
N LEU QA 253 -79.34 38.09 -88.10
CA LEU QA 253 -79.02 36.71 -87.76
C LEU QA 253 -79.21 35.78 -88.95
N ALA QA 254 -78.88 36.25 -90.15
CA ALA QA 254 -79.19 35.52 -91.37
C ALA QA 254 -78.58 34.13 -91.37
N GLY QA 255 -77.30 34.03 -90.99
CA GLY QA 255 -76.65 32.73 -90.99
C GLY QA 255 -77.31 31.74 -90.05
N THR QA 256 -77.74 32.24 -88.88
CA THR QA 256 -78.41 31.38 -87.91
C THR QA 256 -79.71 30.82 -88.46
N ARG QA 257 -80.56 31.70 -89.01
CA ARG QA 257 -81.82 31.22 -89.60
C ARG QA 257 -81.56 30.25 -90.74
N VAL QA 258 -80.57 30.57 -91.59
CA VAL QA 258 -80.24 29.69 -92.71
C VAL QA 258 -79.88 28.30 -92.21
N ASP QA 259 -78.85 28.20 -91.38
CA ASP QA 259 -78.39 26.87 -91.00
C ASP QA 259 -79.30 26.22 -89.96
N ASN QA 260 -80.30 26.95 -89.47
CA ASN QA 260 -81.26 26.38 -88.53
C ASN QA 260 -82.48 25.81 -89.22
N ALA QA 261 -82.87 26.36 -90.37
CA ALA QA 261 -84.05 25.84 -91.06
C ALA QA 261 -83.79 24.48 -91.69
N ILE QA 262 -82.54 24.16 -92.01
CA ILE QA 262 -82.24 22.96 -92.78
C ILE QA 262 -81.81 21.81 -91.88
N HIS QA 263 -81.02 22.08 -90.85
CA HIS QA 263 -80.61 21.06 -89.89
C HIS QA 263 -81.59 20.91 -88.75
N GLY QA 264 -82.74 21.57 -88.81
CA GLY QA 264 -83.66 21.55 -87.69
C GLY QA 264 -84.65 20.40 -87.71
N THR QA 265 -85.02 19.92 -88.90
CA THR QA 265 -85.98 18.84 -89.04
C THR QA 265 -85.33 17.47 -88.84
N ASP QA 266 -84.02 17.46 -88.57
CA ASP QA 266 -83.27 16.22 -88.47
C ASP QA 266 -83.85 15.32 -87.38
N GLU QA 267 -83.61 14.01 -87.55
CA GLU QA 267 -84.05 12.94 -86.66
C GLU QA 267 -85.54 12.65 -86.80
N ALA QA 268 -86.24 13.35 -87.69
CA ALA QA 268 -87.64 13.11 -87.98
C ALA QA 268 -87.76 12.26 -89.24
N ASP QA 269 -88.32 11.06 -89.11
CA ASP QA 269 -88.53 10.20 -90.26
C ASP QA 269 -89.50 10.85 -91.23
N ALA QA 270 -88.99 11.34 -92.33
CA ALA QA 270 -89.87 11.73 -93.42
C ALA QA 270 -90.14 10.53 -94.31
N PRO QA 271 -91.34 10.42 -94.86
CA PRO QA 271 -91.64 9.29 -95.76
C PRO QA 271 -90.88 9.41 -97.07
N ALA QA 272 -91.17 8.51 -98.00
CA ALA QA 272 -90.51 8.50 -99.30
C ALA QA 272 -91.05 9.66 -100.14
N ALA QA 273 -90.73 9.66 -101.43
CA ALA QA 273 -91.15 10.74 -102.31
C ALA QA 273 -92.65 10.98 -102.19
N PRO QA 274 -93.10 12.22 -102.09
CA PRO QA 274 -94.53 12.48 -101.87
C PRO QA 274 -95.36 12.03 -103.04
N ALA QA 275 -96.51 11.44 -102.74
CA ALA QA 275 -97.40 10.92 -103.77
C ALA QA 275 -97.95 12.08 -104.62
N ALA QA 276 -98.24 11.77 -105.88
CA ALA QA 276 -98.80 12.78 -106.78
C ALA QA 276 -100.19 13.21 -106.31
N ALA QA 277 -100.88 12.36 -105.53
CA ALA QA 277 -102.17 12.73 -104.98
C ALA QA 277 -102.05 13.89 -103.99
N ALA QA 278 -100.84 14.17 -103.49
CA ALA QA 278 -100.66 15.29 -102.58
C ALA QA 278 -100.84 16.64 -103.27
N ALA QA 279 -100.68 16.69 -104.58
CA ALA QA 279 -100.86 17.94 -105.32
C ALA QA 279 -102.32 18.35 -105.22
N PHE QA 280 -102.59 19.39 -104.42
CA PHE QA 280 -103.95 19.84 -104.21
C PHE QA 280 -104.53 20.36 -105.52
N PRO QA 281 -105.58 19.74 -106.05
CA PRO QA 281 -106.10 20.13 -107.37
C PRO QA 281 -106.76 21.50 -107.32
N ALA QA 282 -106.29 22.40 -108.19
CA ALA QA 282 -106.88 23.73 -108.31
C ALA QA 282 -107.71 23.90 -109.57
N TYR QA 283 -107.55 23.03 -110.57
CA TYR QA 283 -108.22 23.22 -111.85
C TYR QA 283 -109.72 23.01 -111.75
N LEU QA 284 -110.19 22.54 -110.59
CA LEU QA 284 -111.53 22.02 -110.42
C LEU QA 284 -112.47 22.99 -109.72
N PHE QA 285 -112.01 24.19 -109.40
CA PHE QA 285 -112.85 25.13 -108.65
C PHE QA 285 -113.94 25.72 -109.54
N ASN QA 286 -113.54 26.37 -110.62
CA ASN QA 286 -114.49 27.00 -111.53
C ASN QA 286 -114.77 26.17 -112.78
N ASP QA 287 -114.70 24.85 -112.66
CA ASP QA 287 -115.17 23.93 -113.67
C ASP QA 287 -116.70 23.91 -113.66
N PRO QA 288 -117.37 24.35 -114.73
CA PRO QA 288 -118.84 24.24 -114.73
C PRO QA 288 -119.32 22.80 -114.72
N ARG QA 289 -118.71 21.95 -115.53
CA ARG QA 289 -119.00 20.51 -115.55
C ARG QA 289 -117.95 19.78 -114.72
N SER QA 290 -118.35 19.28 -113.56
CA SER QA 290 -117.48 18.47 -112.73
C SER QA 290 -118.35 17.67 -111.76
N ALA QA 291 -117.76 16.60 -111.22
CA ALA QA 291 -118.46 15.79 -110.23
C ALA QA 291 -118.73 16.63 -108.99
N ARG QA 292 -119.94 16.51 -108.46
CA ARG QA 292 -120.34 17.37 -107.37
C ARG QA 292 -121.13 16.53 -106.37
N CYS QA 293 -121.21 17.03 -105.13
CA CYS QA 293 -121.89 16.29 -104.08
C CYS QA 293 -122.47 17.25 -103.06
N PRO QA 294 -123.79 17.36 -102.95
CA PRO QA 294 -124.38 18.20 -101.92
C PRO QA 294 -124.17 17.61 -100.53
N THR QA 295 -124.22 18.48 -99.53
CA THR QA 295 -124.09 18.04 -98.15
C THR QA 295 -125.24 17.13 -97.77
N GLY QA 296 -125.07 16.39 -96.69
CA GLY QA 296 -126.10 15.50 -96.22
C GLY QA 296 -126.11 14.14 -96.86
N ARG QA 297 -125.24 13.91 -97.83
CA ARG QA 297 -125.02 12.58 -98.38
C ARG QA 297 -123.53 12.28 -98.40
N LEU QA 298 -122.87 12.50 -97.27
CA LEU QA 298 -121.46 12.16 -97.12
C LEU QA 298 -121.27 11.18 -95.95
N ASN QA 299 -121.55 9.89 -96.19
CA ASN QA 299 -120.92 8.84 -95.39
C ASN QA 299 -120.15 7.86 -96.27
N THR QA 300 -120.87 7.07 -97.09
CA THR QA 300 -120.39 6.10 -98.07
C THR QA 300 -121.50 5.90 -99.09
N PRO QA 301 -121.97 6.94 -99.76
CA PRO QA 301 -122.96 6.76 -100.82
C PRO QA 301 -122.31 6.43 -102.14
N ALA QA 302 -123.08 6.47 -103.22
CA ALA QA 302 -122.50 6.45 -104.56
C ALA QA 302 -121.88 7.81 -104.84
N ALA QA 303 -120.89 8.20 -104.03
CA ALA QA 303 -120.15 9.44 -104.19
C ALA QA 303 -118.66 9.19 -104.30
N GLU QA 304 -118.25 7.99 -104.68
CA GLU QA 304 -116.85 7.62 -104.70
C GLU QA 304 -116.10 8.28 -105.85
N ALA QA 305 -116.83 8.92 -106.75
CA ALA QA 305 -116.27 9.57 -107.93
C ALA QA 305 -115.54 10.87 -107.61
N LEU QA 306 -115.45 11.25 -106.34
CA LEU QA 306 -114.73 12.46 -106.04
C LEU QA 306 -113.22 12.18 -106.03
N PRO QA 307 -112.41 13.13 -106.52
CA PRO QA 307 -110.96 12.91 -106.51
C PRO QA 307 -110.43 12.84 -105.09
N VAL QA 308 -109.38 12.04 -104.90
CA VAL QA 308 -108.75 11.90 -103.61
C VAL QA 308 -107.59 12.89 -103.52
N TRP QA 309 -107.41 13.48 -102.35
CA TRP QA 309 -106.28 14.36 -102.10
C TRP QA 309 -105.84 14.15 -100.65
N ALA QA 310 -104.60 13.74 -100.46
CA ALA QA 310 -104.06 13.43 -99.14
C ALA QA 310 -102.96 14.41 -98.80
N PRO QA 311 -103.30 15.56 -98.22
CA PRO QA 311 -102.26 16.46 -97.71
C PRO QA 311 -101.44 15.76 -96.64
N ASP QA 312 -100.18 15.52 -96.93
CA ASP QA 312 -99.34 14.63 -96.15
C ASP QA 312 -98.11 15.40 -95.67
N MET QA 313 -98.12 15.80 -94.41
CA MET QA 313 -97.05 16.65 -93.87
C MET QA 313 -96.48 15.97 -92.62
N ARG QA 314 -95.35 15.31 -92.80
CA ARG QA 314 -94.75 14.47 -91.77
C ARG QA 314 -93.23 14.60 -91.85
N GLY QA 315 -92.67 15.51 -91.06
CA GLY QA 315 -91.24 15.70 -91.02
C GLY QA 315 -90.74 17.00 -91.61
N ARG QA 316 -91.62 17.81 -92.16
CA ARG QA 316 -91.21 19.09 -92.73
C ARG QA 316 -90.94 20.10 -91.62
N ALA QA 317 -90.45 21.27 -92.01
CA ALA QA 317 -90.04 22.29 -91.05
C ALA QA 317 -91.26 22.96 -90.47
N THR QA 318 -91.51 22.74 -89.18
CA THR QA 318 -92.56 23.44 -88.47
C THR QA 318 -92.03 24.79 -87.98
N ARG QA 319 -92.90 25.58 -87.36
CA ARG QA 319 -92.44 26.89 -86.91
C ARG QA 319 -91.41 26.78 -85.79
N ASN QA 320 -91.68 25.94 -84.79
CA ASN QA 320 -90.73 25.73 -83.70
C ASN QA 320 -89.41 25.18 -84.20
N SER QA 321 -89.39 24.62 -85.42
CA SER QA 321 -88.17 24.15 -86.03
C SER QA 321 -87.33 25.30 -86.58
N CYS QA 322 -87.97 26.40 -86.94
CA CYS QA 322 -87.29 27.53 -87.55
C CYS QA 322 -87.12 28.68 -86.57
N MET QA 323 -87.50 28.47 -85.31
CA MET QA 323 -87.22 29.45 -84.27
C MET QA 323 -85.72 29.65 -84.13
N TYR QA 324 -85.29 30.91 -84.18
CA TYR QA 324 -83.88 31.22 -84.04
C TYR QA 324 -83.58 32.32 -83.04
N ALA QA 325 -84.53 33.22 -82.76
CA ALA QA 325 -84.29 34.32 -81.84
C ALA QA 325 -85.59 34.68 -81.13
N ALA QA 326 -85.45 35.38 -80.01
CA ALA QA 326 -86.59 35.91 -79.28
C ALA QA 326 -86.12 37.16 -78.55
N TYR QA 327 -86.97 38.18 -78.49
CA TYR QA 327 -86.58 39.43 -77.86
C TYR QA 327 -87.74 39.98 -77.03
N VAL QA 328 -87.41 40.96 -76.19
CA VAL QA 328 -88.37 41.59 -75.31
C VAL QA 328 -87.88 43.01 -75.01
N ARG QA 329 -88.80 43.96 -75.04
CA ARG QA 329 -88.43 45.36 -74.84
C ARG QA 329 -88.12 45.62 -73.37
N LEU QA 330 -87.10 46.43 -73.12
CA LEU QA 330 -86.67 46.73 -71.76
C LEU QA 330 -86.99 48.14 -71.31
N GLY QA 331 -86.81 49.13 -72.17
CA GLY QA 331 -87.04 50.52 -71.78
C GLY QA 331 -86.37 51.45 -72.78
N THR QA 332 -86.13 52.67 -72.32
CA THR QA 332 -85.58 53.72 -73.16
C THR QA 332 -84.26 54.21 -72.59
N VAL QA 333 -83.37 54.68 -73.46
CA VAL QA 333 -82.01 55.01 -73.09
C VAL QA 333 -81.58 56.26 -73.84
N GLU QA 334 -80.83 57.11 -73.14
CA GLU QA 334 -80.09 58.22 -73.71
C GLU QA 334 -78.76 57.82 -74.31
N ARG QA 335 -77.86 57.25 -73.52
CA ARG QA 335 -76.45 57.18 -73.89
C ARG QA 335 -75.85 55.89 -73.37
N VAL QA 336 -74.77 55.45 -74.04
CA VAL QA 336 -73.99 54.31 -73.60
C VAL QA 336 -72.52 54.68 -73.68
N VAL QA 337 -71.82 54.56 -72.56
CA VAL QA 337 -70.39 54.83 -72.49
C VAL QA 337 -69.71 53.58 -71.93
N ARG QA 338 -68.47 53.36 -72.37
CA ARG QA 338 -67.73 52.14 -72.04
C ARG QA 338 -66.48 52.51 -71.26
N ARG QA 339 -66.26 51.80 -70.15
CA ARG QA 339 -65.41 52.28 -69.08
C ARG QA 339 -65.43 51.25 -67.95
N ALA QA 340 -64.30 51.14 -67.26
CA ALA QA 340 -64.11 50.08 -66.27
C ALA QA 340 -64.15 50.63 -64.85
N LEU QA 348 -61.99 44.64 -65.95
CA LEU QA 348 -63.27 44.15 -66.47
C LEU QA 348 -64.02 45.24 -67.23
N PRO QA 349 -64.34 44.98 -68.50
CA PRO QA 349 -65.06 45.98 -69.30
C PRO QA 349 -66.55 45.99 -68.96
N LEU QA 350 -67.14 47.18 -68.96
CA LEU QA 350 -68.55 47.35 -68.66
C LEU QA 350 -69.16 48.37 -69.61
N ALA QA 351 -70.44 48.69 -69.38
CA ALA QA 351 -71.18 49.62 -70.24
C ALA QA 351 -72.25 50.31 -69.38
N HIS QA 352 -71.96 51.52 -68.95
CA HIS QA 352 -72.89 52.28 -68.11
C HIS QA 352 -74.01 52.87 -68.96
N MET QA 353 -75.24 52.63 -68.55
CA MET QA 353 -76.40 53.24 -69.22
C MET QA 353 -76.49 54.71 -68.85
N GLU QA 354 -77.54 55.36 -69.34
CA GLU QA 354 -77.70 56.79 -69.08
C GLU QA 354 -79.19 57.08 -69.07
N ARG QA 355 -79.74 57.37 -67.89
CA ARG QA 355 -81.15 57.73 -67.74
C ARG QA 355 -82.06 56.60 -68.22
N PHE QA 356 -81.81 55.39 -67.74
CA PHE QA 356 -82.62 54.24 -68.12
C PHE QA 356 -84.00 54.38 -67.50
N THR QA 357 -85.04 54.23 -68.29
CA THR QA 357 -86.41 54.24 -67.80
C THR QA 357 -86.98 52.84 -67.96
N TRP QA 358 -87.25 52.19 -66.85
CA TRP QA 358 -87.71 50.81 -66.88
C TRP QA 358 -89.14 50.73 -67.38
N ASP QA 359 -89.33 50.02 -68.50
CA ASP QA 359 -90.64 49.74 -69.09
C ASP QA 359 -90.53 48.35 -69.73
N VAL QA 360 -90.95 47.34 -68.99
CA VAL QA 360 -90.80 45.97 -69.47
C VAL QA 360 -92.00 45.61 -70.33
N GLY QA 361 -91.74 44.91 -71.43
CA GLY QA 361 -92.78 44.47 -72.32
C GLY QA 361 -92.93 42.97 -72.35
N ALA QA 362 -93.72 42.48 -73.29
CA ALA QA 362 -93.96 41.06 -73.42
C ALA QA 362 -92.95 40.43 -74.35
N TRP QA 363 -92.87 39.10 -74.30
CA TRP QA 363 -91.91 38.39 -75.14
C TRP QA 363 -92.37 38.41 -76.59
N GLU QA 364 -91.46 37.98 -77.48
CA GLU QA 364 -91.70 38.02 -78.90
C GLU QA 364 -90.96 36.86 -79.55
N GLU QA 365 -91.60 36.27 -80.54
CA GLU QA 365 -90.98 35.22 -81.33
C GLU QA 365 -90.34 35.81 -82.58
N CYS QA 366 -89.28 35.17 -83.06
CA CYS QA 366 -88.62 35.55 -84.30
C CYS QA 366 -88.25 34.27 -85.02
N PHE QA 367 -89.12 33.83 -85.94
CA PHE QA 367 -88.94 32.58 -86.65
C PHE QA 367 -88.92 32.75 -88.16
N PHE QA 368 -89.73 33.65 -88.70
CA PHE QA 368 -89.80 33.83 -90.14
C PHE QA 368 -88.55 34.52 -90.66
N MET RA 1 10.81 11.34 57.44
CA MET RA 1 11.62 10.73 58.48
C MET RA 1 13.08 11.11 58.35
N GLU RA 2 13.74 11.32 59.49
CA GLU RA 2 15.13 11.79 59.52
C GLU RA 2 15.83 11.02 60.64
N VAL RA 3 16.65 10.04 60.26
CA VAL RA 3 17.39 9.29 61.27
C VAL RA 3 18.37 10.21 61.97
N ASP RA 4 18.38 10.15 63.29
CA ASP RA 4 19.24 10.98 64.12
C ASP RA 4 20.31 10.10 64.73
N ILE RA 5 21.57 10.38 64.42
CA ILE RA 5 22.71 9.66 64.96
C ILE RA 5 23.37 10.54 66.00
N ALA RA 6 23.40 10.07 67.25
CA ALA RA 6 24.03 10.81 68.32
C ALA RA 6 25.53 10.50 68.36
N LEU RA 7 26.29 11.43 68.90
CA LEU RA 7 27.74 11.33 68.94
C LEU RA 7 28.23 11.40 70.38
N PRO RA 8 29.25 10.63 70.73
CA PRO RA 8 29.92 10.82 72.01
C PRO RA 8 30.81 12.06 71.92
N THR RA 9 31.49 12.38 73.02
CA THR RA 9 32.42 13.49 72.99
C THR RA 9 33.63 13.10 72.15
N LEU RA 10 34.13 14.06 71.37
CA LEU RA 10 35.15 13.78 70.37
C LEU RA 10 36.31 14.75 70.51
N SER RA 11 37.50 14.27 70.22
CA SER RA 11 38.68 15.13 70.19
C SER RA 11 38.66 16.00 68.93
N PRO RA 12 39.16 17.23 69.01
CA PRO RA 12 39.16 18.08 67.80
C PRO RA 12 40.03 17.54 66.69
N GLY RA 13 40.87 16.55 66.97
CA GLY RA 13 41.69 15.95 65.92
C GLY RA 13 40.89 15.11 64.95
N ASP RA 14 39.73 14.60 65.35
CA ASP RA 14 38.91 13.76 64.50
C ASP RA 14 37.52 14.32 64.24
N LEU RA 15 37.01 15.22 65.08
CA LEU RA 15 35.74 15.86 64.76
C LEU RA 15 35.83 16.60 63.44
N SER RA 16 36.92 17.34 63.23
CA SER RA 16 37.10 18.08 61.99
C SER RA 16 37.29 17.16 60.79
N ALA RA 17 37.73 15.93 61.01
CA ALA RA 17 37.81 14.98 59.91
C ALA RA 17 36.43 14.39 59.62
N LEU RA 18 35.63 14.17 60.66
CA LEU RA 18 34.28 13.70 60.46
C LEU RA 18 33.42 14.75 59.76
N GLN RA 19 33.70 16.03 59.98
CA GLN RA 19 32.95 17.07 59.28
C GLN RA 19 33.05 16.92 57.78
N ARG RA 20 34.17 16.41 57.28
CA ARG RA 20 34.38 16.30 55.84
C ARG RA 20 33.60 15.15 55.21
N CYS RA 21 32.99 14.29 56.02
CA CYS RA 21 32.22 13.16 55.50
C CYS RA 21 30.74 13.51 55.39
N GLU RA 22 30.42 14.60 54.69
CA GLU RA 22 29.06 15.11 54.67
C GLU RA 22 28.19 14.48 53.59
N GLY RA 23 28.76 13.72 52.67
CA GLY RA 23 27.95 13.16 51.61
C GLY RA 23 28.18 11.69 51.37
N ARG RA 24 28.48 10.94 52.42
CA ARG RA 24 28.70 9.52 52.32
C ARG RA 24 27.58 8.77 53.04
N VAL RA 25 27.54 7.47 52.81
CA VAL RA 25 26.40 6.64 53.19
C VAL RA 25 26.84 5.63 54.23
N VAL RA 26 25.97 5.37 55.21
CA VAL RA 26 26.22 4.39 56.25
C VAL RA 26 25.05 3.42 56.29
N PHE RA 27 25.25 2.31 56.99
CA PHE RA 27 24.30 1.20 56.96
C PHE RA 27 23.80 0.90 58.37
N LEU RA 28 22.61 1.40 58.71
CA LEU RA 28 21.98 1.03 59.95
C LEU RA 28 21.50 -0.42 59.88
N GLU RA 29 20.84 -0.86 60.94
CA GLU RA 29 20.26 -2.19 60.98
C GLU RA 29 18.76 -2.16 61.26
N THR RA 30 18.30 -1.19 62.05
CA THR RA 30 16.89 -0.98 62.30
C THR RA 30 16.58 0.49 62.17
N LEU RA 31 15.35 0.81 61.77
CA LEU RA 31 15.00 2.18 61.37
C LEU RA 31 14.34 2.95 62.51
N ARG RA 32 14.78 2.78 63.73
CA ARG RA 32 14.26 3.64 64.77
C ARG RA 32 14.65 5.09 64.49
N ARG RA 33 13.93 6.01 65.12
CA ARG RA 33 14.18 7.42 64.86
C ARG RA 33 15.54 7.85 65.42
N HIS RA 34 15.95 7.26 66.54
CA HIS RA 34 17.23 7.57 67.15
C HIS RA 34 18.14 6.35 67.09
N ALA RA 35 19.44 6.60 67.10
CA ALA RA 35 20.43 5.52 67.07
C ALA RA 35 21.79 6.12 67.38
N THR RA 36 22.57 5.42 68.18
CA THR RA 36 23.90 5.90 68.55
C THR RA 36 24.90 5.57 67.46
N LEU RA 37 25.99 6.33 67.43
CA LEU RA 37 27.01 6.13 66.41
C LEU RA 37 27.62 4.74 66.50
N ARG RA 38 27.89 4.29 67.74
CA ARG RA 38 28.51 2.98 67.94
C ARG RA 38 27.76 1.89 67.21
N GLU RA 39 26.42 1.97 67.18
CA GLU RA 39 25.63 0.97 66.50
C GLU RA 39 26.00 0.89 65.03
N VAL RA 40 25.82 1.99 64.29
CA VAL RA 40 26.10 1.96 62.86
C VAL RA 40 27.60 2.03 62.63
N ALA RA 41 28.23 0.88 62.47
CA ALA RA 41 29.67 0.80 62.32
C ALA RA 41 30.03 -0.60 61.88
N LEU RA 42 31.01 -0.67 60.99
CA LEU RA 42 31.45 -1.95 60.45
C LEU RA 42 32.92 -2.17 60.80
N PRO RA 43 33.34 -3.41 61.01
CA PRO RA 43 34.74 -3.67 61.32
C PRO RA 43 35.63 -3.30 60.15
N CYS RA 44 36.93 -3.26 60.42
CA CYS RA 44 37.89 -2.92 59.38
C CYS RA 44 37.78 -3.89 58.21
N GLY RA 45 38.31 -3.47 57.07
CA GLY RA 45 38.17 -4.20 55.83
C GLY RA 45 38.51 -5.68 55.89
N GLY RA 46 37.69 -6.49 55.23
CA GLY RA 46 37.94 -7.91 55.11
C GLY RA 46 36.82 -8.62 54.38
N ASP RA 47 37.18 -9.51 53.44
CA ASP RA 47 36.23 -10.37 52.76
C ASP RA 47 35.16 -9.55 52.03
N VAL RA 48 35.62 -8.84 50.99
CA VAL RA 48 34.73 -7.98 50.21
C VAL RA 48 33.49 -8.74 49.77
N LEU RA 49 33.60 -10.06 49.59
CA LEU RA 49 32.43 -10.85 49.24
C LEU RA 49 31.43 -10.89 50.39
N ALA RA 50 31.91 -11.14 51.60
CA ALA RA 50 31.01 -11.16 52.76
C ALA RA 50 30.33 -9.81 52.95
N ALA RA 51 31.11 -8.73 52.89
CA ALA RA 51 30.55 -7.40 53.04
C ALA RA 51 29.49 -7.13 51.98
N MET RA 52 29.80 -7.43 50.72
CA MET RA 52 28.81 -7.23 49.66
C MET RA 52 27.57 -8.07 49.91
N ALA RA 53 27.73 -9.22 50.56
CA ALA RA 53 26.56 -9.99 50.95
C ALA RA 53 25.81 -9.35 52.10
N ALA RA 54 26.49 -8.51 52.88
CA ALA RA 54 25.85 -7.91 54.04
C ALA RA 54 25.03 -6.67 53.67
N TYR RA 55 25.45 -5.94 52.63
CA TYR RA 55 24.71 -4.77 52.21
C TYR RA 55 23.27 -5.10 51.80
N ARG RA 56 23.03 -6.36 51.42
CA ARG RA 56 21.68 -6.76 51.04
C ARG RA 56 20.76 -6.83 52.25
N ARG RA 57 21.30 -7.16 53.41
CA ARG RA 57 20.50 -7.39 54.60
C ARG RA 57 20.22 -6.13 55.39
N ARG RA 58 20.68 -4.97 54.93
CA ARG RA 58 20.45 -3.73 55.64
C ARG RA 58 20.15 -2.64 54.64
N PHE RA 59 19.34 -1.68 55.04
CA PHE RA 59 18.99 -0.56 54.18
C PHE RA 59 19.87 0.64 54.51
N ALA RA 60 20.29 1.34 53.47
CA ALA RA 60 21.30 2.37 53.58
C ALA RA 60 20.74 3.63 54.24
N ALA RA 61 21.61 4.61 54.40
CA ALA RA 61 21.23 5.92 54.92
C ALA RA 61 22.37 6.88 54.65
N VAL RA 62 22.05 8.04 54.08
CA VAL RA 62 23.04 9.06 53.79
C VAL RA 62 22.90 10.16 54.83
N ILE RA 63 24.01 10.80 55.18
CA ILE RA 63 24.02 11.82 56.22
C ILE RA 63 24.14 13.18 55.58
N THR RA 64 23.58 14.20 56.25
CA THR RA 64 23.54 15.54 55.70
C THR RA 64 24.25 16.57 56.57
N ARG RA 65 24.00 16.59 57.87
CA ARG RA 65 24.57 17.60 58.74
C ARG RA 65 25.35 16.95 59.88
N VAL RA 66 26.37 17.65 60.34
CA VAL RA 66 27.23 17.19 61.42
C VAL RA 66 27.42 18.34 62.40
N THR RA 67 26.68 18.32 63.49
CA THR RA 67 26.79 19.32 64.54
C THR RA 67 27.66 18.79 65.67
N PRO RA 68 28.16 19.67 66.55
CA PRO RA 68 29.01 19.20 67.65
C PRO RA 68 28.33 18.22 68.58
N HIS RA 69 27.02 18.06 68.50
CA HIS RA 69 26.32 17.05 69.27
C HIS RA 69 25.70 15.96 68.42
N ARG RA 70 25.18 16.30 67.24
CA ARG RA 70 24.17 15.50 66.56
C ARG RA 70 24.55 15.38 65.09
N MET RA 71 24.22 14.23 64.51
CA MET RA 71 24.56 13.99 63.11
C MET RA 71 23.38 13.31 62.45
N LEU RA 72 22.75 14.00 61.51
CA LEU RA 72 21.51 13.52 60.92
C LEU RA 72 21.80 12.45 59.87
N ALA RA 73 20.73 11.92 59.28
CA ALA RA 73 20.84 10.92 58.22
C ALA RA 73 19.51 10.90 57.48
N THR RA 74 19.44 10.07 56.44
CA THR RA 74 18.19 9.93 55.70
C THR RA 74 18.04 8.50 55.20
N PRO RA 75 17.03 7.78 55.65
CA PRO RA 75 16.85 6.40 55.20
C PRO RA 75 16.59 6.38 53.70
N LEU RA 76 17.46 5.70 52.96
CA LEU RA 76 17.50 5.91 51.52
C LEU RA 76 16.20 5.52 50.83
N GLY RA 77 15.89 4.23 50.75
CA GLY RA 77 14.62 3.86 50.16
C GLY RA 77 13.77 2.98 51.05
N VAL RA 78 12.70 3.55 51.61
CA VAL RA 78 11.72 2.73 52.32
C VAL RA 78 10.32 3.04 51.81
N GLY RA 79 10.09 4.28 51.41
CA GLY RA 79 8.80 4.65 50.87
C GLY RA 79 8.85 5.71 49.79
N GLY RA 80 10.05 6.19 49.47
CA GLY RA 80 10.22 7.31 48.57
C GLY RA 80 11.00 6.94 47.34
N ARG RA 81 10.73 7.66 46.25
CA ARG RA 81 11.48 7.49 45.02
C ARG RA 81 11.91 8.80 44.39
N GLY RA 82 11.66 9.93 45.04
CA GLY RA 82 12.01 11.21 44.44
C GLY RA 82 12.61 12.18 45.42
N GLN RA 83 13.06 11.68 46.57
CA GLN RA 83 13.69 12.55 47.58
C GLN RA 83 15.08 12.91 47.07
N SER RA 84 15.13 13.96 46.26
CA SER RA 84 16.40 14.41 45.70
C SER RA 84 17.33 14.89 46.80
N LEU RA 85 18.45 14.17 46.96
CA LEU RA 85 19.47 14.51 47.94
C LEU RA 85 20.81 14.57 47.22
N VAL RA 86 21.87 14.84 47.97
CA VAL RA 86 23.21 14.91 47.43
C VAL RA 86 24.10 13.95 48.19
N LEU RA 87 24.94 13.22 47.47
CA LEU RA 87 25.93 12.36 48.08
C LEU RA 87 27.20 12.42 47.26
N GLN RA 88 28.33 12.41 47.96
CA GLN RA 88 29.61 12.56 47.28
C GLN RA 88 30.12 11.22 46.77
N ASN RA 89 30.86 11.29 45.66
CA ASN RA 89 31.43 10.10 45.06
C ASN RA 89 32.75 9.77 45.74
N THR RA 90 33.03 8.48 45.89
CA THR RA 90 34.31 8.07 46.44
C THR RA 90 34.90 6.89 45.67
N GLY RA 91 34.36 6.56 44.51
CA GLY RA 91 34.91 5.52 43.69
C GLY RA 91 35.86 6.09 42.67
N PRO RA 92 36.75 5.26 42.15
CA PRO RA 92 37.78 5.77 41.23
C PRO RA 92 37.20 6.30 39.94
N PHE RA 93 36.35 5.53 39.28
CA PHE RA 93 35.78 5.98 38.02
C PHE RA 93 34.81 7.12 38.27
N ASP RA 94 34.92 8.17 37.46
CA ASP RA 94 34.00 9.30 37.58
C ASP RA 94 32.67 8.95 36.96
N LEU RA 95 31.60 9.15 37.72
CA LEU RA 95 30.26 8.79 37.26
C LEU RA 95 29.65 9.98 36.52
N THR RA 96 29.11 9.71 35.34
CA THR RA 96 28.55 10.75 34.49
C THR RA 96 27.05 10.86 34.67
N ASN RA 97 26.48 11.89 34.08
CA ASN RA 97 25.04 12.11 34.15
C ASN RA 97 24.30 10.99 33.44
N GLY RA 98 23.13 10.66 33.96
CA GLY RA 98 22.25 9.74 33.28
C GLY RA 98 22.16 8.35 33.87
N ASP RA 99 23.27 7.82 34.36
CA ASP RA 99 23.32 6.42 34.76
C ASP RA 99 23.11 6.25 36.25
N HIS RA 100 22.76 5.02 36.63
CA HIS RA 100 22.52 4.69 38.02
C HIS RA 100 23.84 4.42 38.73
N VAL RA 101 23.77 4.32 40.05
CA VAL RA 101 24.93 4.06 40.89
C VAL RA 101 24.59 2.92 41.84
N CYS RA 102 25.59 2.09 42.13
CA CYS RA 102 25.43 0.97 43.04
C CYS RA 102 26.54 0.98 44.08
N LEU RA 103 26.20 0.59 45.30
CA LEU RA 103 27.16 0.58 46.41
C LEU RA 103 27.95 -0.71 46.41
N VAL RA 104 29.26 -0.58 46.59
CA VAL RA 104 30.19 -1.70 46.52
C VAL RA 104 31.18 -1.57 47.66
N PRO RA 105 31.55 -2.66 48.35
CA PRO RA 105 32.52 -2.53 49.44
C PRO RA 105 33.86 -2.06 48.92
N PRO RA 106 34.68 -1.44 49.76
CA PRO RA 106 35.92 -0.85 49.27
C PRO RA 106 37.00 -1.91 49.10
N LEU RA 107 37.94 -1.60 48.21
CA LEU RA 107 39.04 -2.49 47.91
C LEU RA 107 40.32 -1.99 48.56
N LEU RA 108 41.19 -2.93 48.92
CA LEU RA 108 42.51 -2.65 49.47
C LEU RA 108 42.42 -2.08 50.88
N GLY RA 109 41.20 -1.85 51.36
CA GLY RA 109 41.04 -1.21 52.64
C GLY RA 109 41.49 0.23 52.54
N ASP RA 110 42.22 0.70 53.56
CA ASP RA 110 42.84 2.02 53.64
C ASP RA 110 41.83 3.16 53.71
N GLU RA 111 40.54 2.89 53.64
CA GLU RA 111 39.52 3.92 53.74
C GLU RA 111 38.82 3.69 55.07
N CYS RA 112 39.41 4.22 56.13
CA CYS RA 112 38.89 4.03 57.48
C CYS RA 112 39.17 5.30 58.26
N LEU RA 113 38.14 6.07 58.54
CA LEU RA 113 38.31 7.23 59.41
C LEU RA 113 38.49 6.74 60.83
N ARG RA 114 39.66 6.16 61.12
CA ARG RA 114 39.90 5.54 62.42
C ARG RA 114 39.83 6.58 63.53
N LEU RA 115 38.79 6.51 64.34
CA LEU RA 115 38.60 7.41 65.47
C LEU RA 115 39.18 6.73 66.70
N THR RA 116 40.18 7.38 67.30
CA THR RA 116 40.87 6.79 68.43
C THR RA 116 40.09 7.03 69.74
N SER RA 117 39.57 8.25 69.92
CA SER RA 117 38.87 8.56 71.15
C SER RA 117 37.68 7.65 71.37
N ALA RA 118 36.85 7.49 70.34
CA ALA RA 118 35.72 6.58 70.43
C ALA RA 118 36.10 5.12 70.31
N ASN RA 119 37.32 4.83 69.88
CA ASN RA 119 37.81 3.46 69.70
C ASN RA 119 36.91 2.67 68.76
N LEU RA 120 36.81 3.18 67.54
CA LEU RA 120 36.07 2.51 66.47
C LEU RA 120 36.51 3.09 65.14
N GLU RA 121 36.14 2.41 64.07
CA GLU RA 121 36.47 2.87 62.73
C GLU RA 121 35.29 2.58 61.81
N LEU RA 122 35.14 3.44 60.81
CA LEU RA 122 34.07 3.31 59.83
C LEU RA 122 34.66 3.01 58.46
N ARG RA 123 33.88 2.29 57.65
CA ARG RA 123 34.26 2.00 56.28
C ARG RA 123 33.06 2.35 55.40
N PHE RA 124 33.09 3.53 54.82
CA PHE RA 124 32.01 3.94 53.96
C PHE RA 124 32.15 3.26 52.61
N PRO RA 125 31.09 2.68 52.07
CA PRO RA 125 31.21 1.97 50.80
C PRO RA 125 31.41 2.94 49.65
N MET RA 126 32.12 2.48 48.63
CA MET RA 126 32.33 3.33 47.47
C MET RA 126 31.12 3.23 46.54
N THR RA 127 31.04 4.20 45.63
CA THR RA 127 29.92 4.31 44.71
C THR RA 127 30.43 4.17 43.28
N LEU RA 128 29.92 3.17 42.57
CA LEU RA 128 30.33 2.94 41.20
C LEU RA 128 29.12 2.95 40.29
N PRO RA 129 29.30 3.32 39.03
CA PRO RA 129 28.21 3.14 38.05
C PRO RA 129 27.86 1.68 37.90
N LEU RA 130 26.65 1.44 37.39
CA LEU RA 130 26.17 0.07 37.25
C LEU RA 130 27.08 -0.75 36.35
N ALA RA 131 27.42 -0.21 35.19
CA ALA RA 131 28.12 -0.97 34.17
C ALA RA 131 29.41 -1.57 34.69
N GLN RA 132 30.09 -0.88 35.61
CA GLN RA 132 31.35 -1.38 36.14
C GLN RA 132 31.18 -2.19 37.40
N ALA RA 133 30.15 -1.89 38.21
CA ALA RA 133 29.88 -2.70 39.38
C ALA RA 133 29.52 -4.13 38.98
N ARG RA 134 28.76 -4.28 37.91
CA ARG RA 134 28.45 -5.62 37.41
C ARG RA 134 29.73 -6.38 37.10
N GLU RA 135 30.65 -5.75 36.37
CA GLU RA 135 31.90 -6.41 35.99
C GLU RA 135 32.74 -6.75 37.20
N LEU RA 136 32.78 -5.88 38.20
CA LEU RA 136 33.55 -6.18 39.40
C LEU RA 136 32.98 -7.39 40.13
N THR RA 137 31.66 -7.43 40.29
CA THR RA 137 31.04 -8.60 40.90
C THR RA 137 31.36 -9.85 40.10
N ALA RA 138 31.32 -9.75 38.77
CA ALA RA 138 31.66 -10.89 37.92
C ALA RA 138 33.06 -11.39 38.23
N ARG RA 139 34.03 -10.48 38.26
CA ARG RA 139 35.41 -10.88 38.50
C ARG RA 139 35.56 -11.54 39.86
N VAL RA 140 34.96 -10.97 40.90
CA VAL RA 140 35.16 -11.50 42.24
C VAL RA 140 34.49 -12.87 42.37
N VAL RA 141 33.28 -13.03 41.84
CA VAL RA 141 32.60 -14.30 41.96
C VAL RA 141 33.30 -15.38 41.15
N ALA RA 142 33.80 -15.03 39.96
CA ALA RA 142 34.58 -15.99 39.20
C ALA RA 142 35.82 -16.41 39.96
N ARG RA 143 36.53 -15.46 40.57
CA ARG RA 143 37.71 -15.81 41.35
C ARG RA 143 37.34 -16.71 42.51
N ALA RA 144 36.19 -16.48 43.13
CA ALA RA 144 35.73 -17.38 44.18
C ALA RA 144 35.44 -18.77 43.64
N ALA RA 145 34.94 -18.85 42.41
CA ALA RA 145 34.68 -20.14 41.80
C ALA RA 145 35.98 -20.85 41.45
N GLU RA 146 37.07 -20.09 41.26
CA GLU RA 146 38.35 -20.72 40.98
C GLU RA 146 38.81 -21.58 42.13
N THR RA 147 38.80 -21.04 43.35
CA THR RA 147 39.08 -21.86 44.52
C THR RA 147 37.89 -22.79 44.75
N LEU RA 148 38.14 -24.08 44.68
CA LEU RA 148 37.05 -25.05 44.64
C LEU RA 148 36.35 -25.14 45.99
N GLN RA 168 45.71 -4.98 45.56
CA GLN RA 168 44.50 -4.60 44.83
C GLN RA 168 43.48 -5.72 44.85
N LEU RA 169 43.86 -6.86 45.43
CA LEU RA 169 43.01 -8.04 45.42
C LEU RA 169 43.19 -8.83 46.72
N PRO RA 170 42.15 -9.01 47.51
CA PRO RA 170 42.25 -9.86 48.70
C PRO RA 170 41.82 -11.28 48.38
N PRO RA 171 42.36 -12.26 49.10
CA PRO RA 171 41.97 -13.67 48.86
C PRO RA 171 40.66 -14.00 49.54
N PRO RA 172 39.93 -15.00 49.05
CA PRO RA 172 38.65 -15.38 49.68
C PRO RA 172 38.84 -16.12 50.99
N HIS RA 173 37.75 -16.63 51.55
CA HIS RA 173 37.78 -17.25 52.87
C HIS RA 173 37.26 -18.67 52.91
N ARG RA 174 36.72 -19.19 51.81
CA ARG RA 174 36.34 -20.60 51.67
C ARG RA 174 35.18 -20.97 52.58
N ASP RA 175 34.67 -20.03 53.37
CA ASP RA 175 33.51 -20.28 54.21
C ASP RA 175 32.25 -19.66 53.65
N ASN RA 176 32.36 -18.53 52.96
CA ASN RA 176 31.24 -17.88 52.31
C ASN RA 176 31.31 -17.93 50.80
N ALA RA 177 32.52 -18.04 50.23
CA ALA RA 177 32.65 -18.20 48.80
C ALA RA 177 31.82 -19.36 48.29
N GLU RA 178 31.66 -20.40 49.11
CA GLU RA 178 30.79 -21.50 48.75
C GLU RA 178 29.34 -21.04 48.62
N ALA RA 179 28.92 -20.06 49.42
CA ALA RA 179 27.54 -19.58 49.30
C ALA RA 179 27.33 -18.86 47.98
N ALA RA 180 28.30 -18.03 47.58
CA ALA RA 180 28.23 -17.40 46.27
C ALA RA 180 28.21 -18.42 45.15
N THR RA 181 29.08 -19.44 45.25
CA THR RA 181 29.08 -20.49 44.25
C THR RA 181 27.74 -21.19 44.20
N ARG RA 182 27.12 -21.41 45.36
CA ARG RA 182 25.83 -22.09 45.40
C ARG RA 182 24.77 -21.27 44.69
N SER RA 183 24.68 -19.99 45.02
CA SER RA 183 23.72 -19.13 44.34
C SER RA 183 23.92 -19.15 42.84
N LEU RA 184 25.18 -19.00 42.40
CA LEU RA 184 25.47 -18.98 40.97
C LEU RA 184 25.07 -20.28 40.30
N VAL RA 185 25.46 -21.41 40.89
CA VAL RA 185 25.23 -22.68 40.23
C VAL RA 185 23.74 -23.00 40.21
N LEU RA 186 22.98 -22.53 41.20
CA LEU RA 186 21.54 -22.73 41.14
C LEU RA 186 20.92 -21.92 40.00
N ASN RA 187 21.23 -20.62 39.95
CA ASN RA 187 20.71 -19.79 38.89
C ASN RA 187 21.11 -20.30 37.51
N MET RA 188 22.23 -21.02 37.42
CA MET RA 188 22.62 -21.58 36.13
C MET RA 188 21.93 -22.91 35.84
N ILE RA 189 21.82 -23.77 36.86
CA ILE RA 189 21.20 -25.08 36.68
C ILE RA 189 19.79 -24.92 36.17
N PHE RA 190 19.03 -23.99 36.74
CA PHE RA 190 17.63 -23.93 36.34
C PHE RA 190 17.42 -23.33 34.96
N LEU RA 191 18.49 -23.19 34.17
CA LEU RA 191 18.34 -22.79 32.78
C LEU RA 191 18.15 -24.00 31.88
N LEU RA 192 18.57 -25.18 32.33
CA LEU RA 192 18.49 -26.39 31.51
C LEU RA 192 17.07 -26.90 31.43
N ASN RA 193 16.45 -26.78 30.25
CA ASN RA 193 15.08 -27.23 30.05
C ASN RA 193 15.00 -28.07 28.79
N GLU RA 194 14.02 -28.95 28.75
CA GLU RA 194 13.78 -29.76 27.55
C GLU RA 194 13.54 -28.90 26.33
N GLY RA 195 13.28 -27.62 26.52
CA GLY RA 195 13.24 -26.70 25.40
C GLY RA 195 14.62 -26.16 25.13
N ALA RA 196 15.43 -26.01 26.20
CA ALA RA 196 16.76 -25.42 26.03
C ALA RA 196 17.63 -26.29 25.13
N VAL RA 197 17.42 -27.60 25.13
CA VAL RA 197 18.20 -28.47 24.26
C VAL RA 197 17.88 -28.20 22.80
N ILE RA 198 16.64 -27.84 22.49
CA ILE RA 198 16.29 -27.49 21.12
C ILE RA 198 17.14 -26.33 20.65
N LEU RA 199 17.27 -25.29 21.48
CA LEU RA 199 18.18 -24.20 21.15
C LEU RA 199 19.62 -24.69 21.07
N LEU RA 200 20.03 -25.53 22.02
CA LEU RA 200 21.36 -26.10 22.03
C LEU RA 200 21.66 -26.89 20.78
N SER RA 201 20.66 -27.20 19.97
CA SER RA 201 20.89 -28.05 18.81
C SER RA 201 21.43 -27.28 17.62
N LEU RA 202 21.23 -25.96 17.58
CA LEU RA 202 21.59 -25.17 16.40
C LEU RA 202 22.90 -24.40 16.56
N ILE RA 203 23.79 -24.86 17.43
CA ILE RA 203 25.10 -24.22 17.54
C ILE RA 203 25.83 -24.20 16.19
N PRO RA 204 25.92 -25.30 15.44
CA PRO RA 204 26.54 -25.18 14.12
C PRO RA 204 25.73 -24.35 13.16
N ASN RA 205 24.40 -24.46 13.21
CA ASN RA 205 23.56 -23.59 12.40
C ASN RA 205 23.68 -22.14 12.80
N LEU RA 206 24.15 -21.86 14.02
CA LEU RA 206 24.44 -20.50 14.42
C LEU RA 206 25.79 -20.04 13.90
N LEU RA 207 26.81 -20.90 14.02
CA LEU RA 207 28.13 -20.54 13.54
C LEU RA 207 28.12 -20.26 12.05
N THR RA 208 27.44 -21.12 11.29
CA THR RA 208 27.36 -20.91 9.85
C THR RA 208 26.64 -19.60 9.54
N LEU RA 209 25.67 -19.21 10.37
CA LEU RA 209 25.04 -17.91 10.20
C LEU RA 209 25.99 -16.78 10.57
N GLY RA 210 26.91 -17.02 11.49
CA GLY RA 210 27.87 -16.02 11.87
C GLY RA 210 29.03 -15.93 10.90
N ALA RA 211 28.77 -16.24 9.64
CA ALA RA 211 29.78 -16.16 8.60
C ALA RA 211 29.37 -15.35 7.38
N GLN RA 212 28.12 -15.44 6.94
CA GLN RA 212 27.72 -14.68 5.77
C GLN RA 212 27.60 -13.19 6.05
N ASP RA 213 27.46 -12.80 7.31
CA ASP RA 213 27.26 -11.40 7.68
C ASP RA 213 28.34 -10.96 8.65
N GLY RA 214 28.33 -9.66 8.96
CA GLY RA 214 29.33 -9.11 9.86
C GLY RA 214 28.84 -8.96 11.30
N TYR RA 215 27.64 -8.41 11.47
CA TYR RA 215 27.08 -8.26 12.81
C TYR RA 215 26.89 -9.61 13.48
N ALA RA 216 26.43 -10.60 12.72
CA ALA RA 216 26.23 -11.94 13.26
C ALA RA 216 27.52 -12.47 13.86
N ASN RA 217 28.64 -12.26 13.17
CA ASN RA 217 29.92 -12.67 13.75
C ASN RA 217 30.31 -11.76 14.90
N ALA RA 218 29.88 -10.51 14.87
CA ALA RA 218 30.31 -9.56 15.90
C ALA RA 218 29.71 -9.91 17.25
N VAL RA 219 28.46 -10.38 17.27
CA VAL RA 219 27.81 -10.65 18.55
C VAL RA 219 28.50 -11.78 19.30
N ILE RA 220 29.12 -12.72 18.59
CA ILE RA 220 29.82 -13.83 19.23
C ILE RA 220 31.18 -13.34 19.71
N GLN RA 221 31.53 -13.69 20.95
CA GLN RA 221 32.78 -13.25 21.53
C GLN RA 221 33.97 -14.00 20.91
N LEU RA 222 35.15 -13.77 21.47
CA LEU RA 222 36.39 -14.34 20.95
C LEU RA 222 36.77 -15.63 21.68
N GLY RA 223 36.89 -15.57 23.01
CA GLY RA 223 37.02 -16.76 23.82
C GLY RA 223 35.63 -17.26 24.16
N SER RA 224 34.84 -17.49 23.11
CA SER RA 224 33.39 -17.56 23.23
C SER RA 224 32.92 -18.71 24.10
N ALA RA 225 33.75 -19.72 24.33
CA ALA RA 225 33.39 -20.93 25.08
C ALA RA 225 32.26 -21.70 24.42
N THR RA 226 31.83 -21.32 23.24
CA THR RA 226 30.90 -22.09 22.43
C THR RA 226 31.45 -22.40 21.06
N ARG RA 227 32.15 -21.46 20.42
CA ARG RA 227 32.87 -21.78 19.21
C ARG RA 227 33.90 -22.87 19.45
N GLU RA 228 34.46 -22.92 20.64
CA GLU RA 228 35.32 -24.02 21.03
C GLU RA 228 34.57 -25.35 21.09
N LEU RA 229 33.24 -25.32 21.06
CA LEU RA 229 32.44 -26.54 21.11
C LEU RA 229 31.82 -26.89 19.77
N GLY RA 230 31.24 -25.93 19.06
CA GLY RA 230 30.59 -26.22 17.81
C GLY RA 230 31.52 -26.79 16.76
N GLN RA 231 32.82 -26.61 16.92
CA GLN RA 231 33.81 -27.14 15.99
C GLN RA 231 34.51 -28.37 16.55
N LEU RA 232 33.98 -28.99 17.60
CA LEU RA 232 34.60 -30.16 18.20
C LEU RA 232 33.65 -31.32 18.43
N VAL RA 233 32.34 -31.10 18.48
CA VAL RA 233 31.38 -32.13 18.84
C VAL RA 233 30.16 -31.99 17.96
N ARG RA 234 29.69 -33.10 17.41
CA ARG RA 234 28.43 -33.12 16.67
C ARG RA 234 27.33 -33.67 17.56
N GLN RA 235 26.15 -33.08 17.46
CA GLN RA 235 25.01 -33.54 18.22
C GLN RA 235 23.89 -33.95 17.28
N PRO RA 236 23.13 -34.99 17.62
CA PRO RA 236 22.11 -35.49 16.71
C PRO RA 236 20.85 -34.67 16.80
N PRO RA 237 19.89 -34.87 15.90
CA PRO RA 237 18.59 -34.18 16.02
C PRO RA 237 17.96 -34.43 17.37
N PRO RA 238 17.28 -33.44 17.93
CA PRO RA 238 16.78 -33.58 19.29
C PRO RA 238 15.62 -34.55 19.34
N PRO RA 239 15.43 -35.26 20.46
CA PRO RA 239 14.28 -36.15 20.59
C PRO RA 239 13.00 -35.35 20.75
N LEU RA 240 11.99 -35.66 19.95
CA LEU RA 240 10.72 -34.95 20.04
C LEU RA 240 10.19 -35.09 21.46
N PRO RA 241 9.88 -33.99 22.14
CA PRO RA 241 9.39 -34.09 23.51
C PRO RA 241 7.96 -34.59 23.53
N GLN RA 242 7.53 -35.01 24.73
CA GLN RA 242 6.17 -35.49 24.90
C GLN RA 242 5.18 -34.41 24.49
N ASP RA 243 4.27 -34.77 23.57
CA ASP RA 243 3.22 -33.88 23.10
C ASP RA 243 3.80 -32.65 22.41
N HIS RA 244 4.54 -32.90 21.34
CA HIS RA 244 5.08 -31.82 20.52
C HIS RA 244 4.02 -31.19 19.63
N ALA RA 245 2.76 -31.48 19.88
CA ALA RA 245 1.65 -30.89 19.15
C ALA RA 245 0.88 -29.87 19.97
N ARG RA 246 0.62 -30.16 21.25
CA ARG RA 246 -0.17 -29.26 22.06
C ARG RA 246 0.63 -28.01 22.45
N ARG RA 247 1.79 -28.21 23.05
CA ARG RA 247 2.60 -27.12 23.57
C ARG RA 247 3.92 -27.01 22.82
N PHE RA 248 4.61 -25.92 23.08
CA PHE RA 248 5.90 -25.64 22.47
C PHE RA 248 6.85 -25.20 23.57
N CYS RA 249 8.06 -25.74 23.56
CA CYS RA 249 8.97 -25.64 24.69
C CYS RA 249 9.96 -24.49 24.58
N VAL RA 250 10.43 -24.18 23.37
CA VAL RA 250 11.42 -23.12 23.20
C VAL RA 250 10.92 -21.82 23.81
N PHE RA 251 9.63 -21.53 23.62
CA PHE RA 251 9.07 -20.31 24.17
C PHE RA 251 9.17 -20.30 25.69
N GLU RA 252 8.84 -21.43 26.33
CA GLU RA 252 8.88 -21.48 27.79
C GLU RA 252 10.30 -21.31 28.29
N ALA RA 253 11.26 -22.00 27.67
CA ALA RA 253 12.64 -21.87 28.11
C ALA RA 253 13.14 -20.44 27.96
N LEU RA 254 12.77 -19.78 26.86
CA LEU RA 254 13.23 -18.41 26.66
C LEU RA 254 12.60 -17.46 27.66
N GLU RA 255 11.31 -17.63 27.95
CA GLU RA 255 10.68 -16.80 28.96
C GLU RA 255 11.33 -16.99 30.31
N ALA RA 256 11.62 -18.23 30.67
CA ALA RA 256 12.31 -18.50 31.93
C ALA RA 256 13.67 -17.83 31.96
N TRP RA 257 14.39 -17.87 30.84
CA TRP RA 257 15.73 -17.29 30.84
C TRP RA 257 15.67 -15.77 30.97
N ILE RA 258 14.68 -15.13 30.33
CA ILE RA 258 14.52 -13.70 30.52
C ILE RA 258 14.24 -13.40 31.99
N ALA RA 259 13.31 -14.13 32.59
CA ALA RA 259 12.97 -13.91 33.99
C ALA RA 259 14.18 -14.04 34.88
N SER RA 260 15.06 -15.00 34.58
CA SER RA 260 16.24 -15.18 35.41
C SER RA 260 17.26 -14.06 35.19
N ALA RA 261 17.62 -13.81 33.93
CA ALA RA 261 18.70 -12.86 33.65
C ALA RA 261 18.32 -11.45 34.06
N SER RA 262 17.02 -11.13 34.09
CA SER RA 262 16.62 -9.81 34.55
C SER RA 262 16.97 -9.60 36.02
N ARG RA 263 17.24 -10.67 36.74
CA ARG RA 263 17.50 -10.60 38.18
C ARG RA 263 18.74 -11.39 38.57
N LEU RA 264 19.63 -11.62 37.62
CA LEU RA 264 20.88 -12.29 37.95
C LEU RA 264 21.91 -11.33 38.48
N GLY RA 265 21.96 -10.12 37.96
CA GLY RA 265 22.97 -9.17 38.40
C GLY RA 265 22.83 -8.79 39.86
N ASP RA 266 21.58 -8.54 40.29
CA ASP RA 266 21.38 -8.07 41.65
C ASP RA 266 21.63 -9.18 42.66
N THR RA 267 21.24 -10.41 42.34
CA THR RA 267 21.37 -11.52 43.28
C THR RA 267 22.81 -11.78 43.69
N LEU RA 268 23.79 -11.35 42.91
CA LEU RA 268 25.18 -11.44 43.28
C LEU RA 268 25.77 -10.14 43.81
N GLY RA 269 25.38 -9.00 43.26
CA GLY RA 269 25.86 -7.73 43.76
C GLY RA 269 24.82 -6.98 44.55
N THR RA 270 24.38 -5.85 44.03
CA THR RA 270 23.37 -5.03 44.72
C THR RA 270 22.61 -4.24 43.67
N ARG RA 271 21.31 -4.08 43.89
CA ARG RA 271 20.50 -3.31 42.97
C ARG RA 271 21.04 -1.89 42.86
N PRO RA 272 20.96 -1.26 41.69
CA PRO RA 272 21.31 0.15 41.62
C PRO RA 272 20.39 0.96 42.51
N VAL RA 273 20.98 1.80 43.34
CA VAL RA 273 20.22 2.43 44.41
C VAL RA 273 19.72 3.83 44.05
N ALA RA 274 20.40 4.54 43.15
CA ALA RA 274 19.99 5.88 42.77
C ALA RA 274 20.58 6.22 41.42
N ARG RA 275 19.88 7.09 40.69
CA ARG RA 275 20.37 7.54 39.39
C ARG RA 275 20.69 9.03 39.48
N VAL RA 276 21.71 9.43 38.73
CA VAL RA 276 22.25 10.77 38.84
C VAL RA 276 21.49 11.72 37.94
N CYS RA 277 21.04 12.84 38.50
CA CYS RA 277 20.45 13.91 37.71
C CYS RA 277 21.05 15.22 38.16
N ILE RA 278 21.50 16.03 37.22
CA ILE RA 278 22.07 17.34 37.52
C ILE RA 278 21.46 18.35 36.55
N PHE RA 279 21.03 19.49 37.07
CA PHE RA 279 20.29 20.44 36.27
C PHE RA 279 21.17 21.50 35.63
N ASP RA 280 22.25 21.87 36.28
CA ASP RA 280 23.03 23.00 35.80
C ASP RA 280 24.53 22.70 35.66
N GLY RA 281 25.10 21.94 36.57
CA GLY RA 281 26.53 21.74 36.60
C GLY RA 281 27.05 21.01 35.40
N PRO RA 282 28.37 20.89 35.28
CA PRO RA 282 28.94 20.16 34.17
C PRO RA 282 28.56 18.70 34.25
N PRO RA 283 28.37 18.03 33.11
CA PRO RA 283 27.79 16.68 33.12
C PRO RA 283 28.57 15.68 33.97
N THR RA 284 29.85 15.49 33.67
CA THR RA 284 30.65 14.51 34.38
C THR RA 284 31.16 15.11 35.69
N VAL RA 285 31.01 14.37 36.78
CA VAL RA 285 31.52 14.83 38.06
C VAL RA 285 32.71 13.96 38.45
N PRO RA 286 33.82 14.58 38.87
CA PRO RA 286 35.04 13.82 39.13
C PRO RA 286 34.98 13.15 40.50
N PRO RA 287 35.93 12.28 40.81
CA PRO RA 287 35.96 11.67 42.14
C PRO RA 287 36.18 12.71 43.24
N GLY RA 288 35.57 12.44 44.39
CA GLY RA 288 35.74 13.32 45.53
C GLY RA 288 34.90 14.56 45.54
N GLU RA 289 33.93 14.67 44.63
CA GLU RA 289 33.12 15.87 44.52
C GLU RA 289 31.64 15.50 44.59
N LYS RA 290 30.87 16.29 45.33
CA LYS RA 290 29.46 16.03 45.53
C LYS RA 290 28.68 16.27 44.24
N ALA RA 291 27.61 15.50 44.06
CA ALA RA 291 26.76 15.61 42.88
C ALA RA 291 25.35 15.20 43.25
N ALA RA 292 24.38 16.01 42.80
CA ALA RA 292 22.99 15.74 43.10
C ALA RA 292 22.58 14.38 42.57
N VAL RA 293 21.43 13.89 43.04
CA VAL RA 293 20.98 12.55 42.73
C VAL RA 293 19.50 12.45 43.03
N VAL RA 294 18.85 11.46 42.44
CA VAL RA 294 17.51 11.04 42.86
C VAL RA 294 17.55 9.53 43.03
N GLU RA 295 16.85 9.02 44.03
CA GLU RA 295 16.89 7.61 44.35
C GLU RA 295 15.83 6.85 43.56
N VAL RA 296 15.99 5.53 43.51
CA VAL RA 296 15.04 4.67 42.84
C VAL RA 296 14.70 3.48 43.74
N ARG SA 24 -169.54 30.52 -15.04
CA ARG SA 24 -170.45 30.65 -16.17
C ARG SA 24 -170.23 29.52 -17.17
N ALA SA 25 -171.09 29.47 -18.19
CA ALA SA 25 -171.03 28.43 -19.19
C ALA SA 25 -170.59 29.02 -20.52
N ARG SA 26 -170.11 28.17 -21.41
CA ARG SA 26 -169.61 28.61 -22.71
C ARG SA 26 -170.45 28.02 -23.83
N LEU SA 27 -170.61 28.80 -24.89
CA LEU SA 27 -171.60 28.53 -25.91
C LEU SA 27 -170.96 28.21 -27.25
N ILE SA 28 -171.80 27.79 -28.18
CA ILE SA 28 -171.42 27.50 -29.56
C ILE SA 28 -172.43 28.21 -30.46
N ARG SA 29 -171.94 28.83 -31.53
CA ARG SA 29 -172.82 29.40 -32.54
C ARG SA 29 -172.49 28.78 -33.88
N GLN SA 30 -173.52 28.31 -34.58
CA GLN SA 30 -173.34 27.66 -35.88
C GLN SA 30 -174.45 28.12 -36.82
N VAL SA 31 -174.09 28.99 -37.77
CA VAL SA 31 -175.03 29.39 -38.80
C VAL SA 31 -175.33 28.20 -39.69
N THR SA 32 -176.59 28.08 -40.13
CA THR SA 32 -177.02 26.90 -40.86
C THR SA 32 -178.38 27.17 -41.51
N LEU SA 33 -178.92 26.12 -42.12
CA LEU SA 33 -180.20 26.19 -42.81
C LEU SA 33 -181.33 25.76 -41.88
N ALA SA 34 -182.49 26.38 -42.07
CA ALA SA 34 -183.69 26.06 -41.29
C ALA SA 34 -184.36 24.80 -41.84
N ASP SA 35 -183.59 23.72 -41.93
CA ASP SA 35 -184.09 22.45 -42.45
C ASP SA 35 -184.72 21.57 -41.38
N PHE SA 36 -183.95 21.22 -40.35
CA PHE SA 36 -184.35 20.23 -39.38
C PHE SA 36 -184.63 20.79 -38.01
N CYS SA 37 -183.90 21.81 -37.58
CA CYS SA 37 -184.14 22.44 -36.28
C CYS SA 37 -184.66 23.84 -36.57
N GLU SA 38 -185.79 24.20 -35.99
CA GLU SA 38 -186.39 25.42 -36.50
C GLU SA 38 -186.63 26.36 -35.32
N PRO SA 39 -185.62 27.16 -34.94
CA PRO SA 39 -185.56 27.74 -33.60
C PRO SA 39 -186.65 28.75 -33.28
N GLN SA 40 -187.41 29.21 -34.26
CA GLN SA 40 -188.60 29.99 -33.93
C GLN SA 40 -189.80 29.10 -33.62
N ALA SA 41 -189.91 27.93 -34.26
CA ALA SA 41 -191.03 27.02 -33.98
C ALA SA 41 -191.02 26.47 -32.55
N GLU SA 42 -189.87 26.08 -32.00
CA GLU SA 42 -189.80 25.58 -30.64
C GLU SA 42 -189.31 26.69 -29.72
N ARG SA 43 -189.64 26.62 -28.45
CA ARG SA 43 -189.03 27.58 -27.55
C ARG SA 43 -187.68 27.03 -27.08
N PRO SA 44 -186.83 27.84 -26.45
CA PRO SA 44 -185.50 27.35 -26.06
C PRO SA 44 -185.58 26.15 -25.15
N GLY SA 45 -184.42 25.54 -24.92
CA GLY SA 45 -184.33 24.43 -24.00
C GLY SA 45 -184.67 23.07 -24.56
N LEU SA 46 -183.94 22.65 -25.60
CA LEU SA 46 -184.06 21.30 -26.13
C LEU SA 46 -182.79 20.96 -26.89
N VAL SA 47 -182.32 19.73 -26.76
CA VAL SA 47 -180.99 19.39 -27.26
C VAL SA 47 -180.99 19.39 -28.78
N VAL SA 48 -179.87 19.81 -29.35
CA VAL SA 48 -179.67 19.85 -30.79
C VAL SA 48 -178.49 18.97 -31.15
N LEU SA 49 -178.49 18.46 -32.37
CA LEU SA 49 -177.45 17.55 -32.82
C LEU SA 49 -176.76 18.13 -34.04
N ALA SA 50 -175.51 17.76 -34.23
CA ALA SA 50 -174.74 18.18 -35.40
C ALA SA 50 -174.67 17.01 -36.37
N LEU SA 51 -175.03 17.28 -37.63
CA LEU SA 51 -175.04 16.25 -38.66
C LEU SA 51 -173.79 16.35 -39.52
N ARG SA 52 -173.10 15.23 -39.64
CA ARG SA 52 -171.93 15.05 -40.48
C ARG SA 52 -172.22 15.48 -41.92
N HIS SA 53 -171.17 15.82 -42.64
CA HIS SA 53 -171.29 16.02 -44.09
C HIS SA 53 -171.62 14.69 -44.74
N PRO SA 54 -172.66 14.63 -45.56
CA PRO SA 54 -173.11 13.33 -46.08
C PRO SA 54 -172.19 12.72 -47.12
N ALA SA 55 -171.30 13.52 -47.72
CA ALA SA 55 -170.44 12.99 -48.77
C ALA SA 55 -169.59 11.84 -48.26
N ASP SA 56 -168.97 12.01 -47.09
CA ASP SA 56 -168.10 10.95 -46.60
C ASP SA 56 -168.89 9.74 -46.13
N LEU SA 57 -170.12 9.93 -45.66
CA LEU SA 57 -170.97 8.79 -45.36
C LEU SA 57 -171.25 7.98 -46.62
N ALA SA 58 -171.70 8.65 -47.68
CA ALA SA 58 -171.95 7.97 -48.93
C ALA SA 58 -170.71 7.26 -49.45
N GLY SA 59 -169.54 7.87 -49.26
CA GLY SA 59 -168.30 7.24 -49.69
C GLY SA 59 -167.97 6.01 -48.86
N ALA SA 60 -167.91 6.16 -47.54
CA ALA SA 60 -167.56 5.07 -46.65
C ALA SA 60 -168.52 3.90 -46.78
N ALA SA 61 -169.77 4.15 -47.19
CA ALA SA 61 -170.66 3.05 -47.50
C ALA SA 61 -170.04 2.09 -48.49
N TYR SA 62 -169.53 2.63 -49.62
CA TYR SA 62 -168.98 1.82 -50.70
C TYR SA 62 -168.09 0.70 -50.19
N ALA SA 63 -167.38 0.93 -49.10
CA ALA SA 63 -166.54 -0.09 -48.50
C ALA SA 63 -167.14 -0.72 -47.25
N ALA SA 64 -168.23 -0.17 -46.72
CA ALA SA 64 -168.73 -0.60 -45.43
C ALA SA 64 -169.95 -1.52 -45.49
N THR SA 65 -170.80 -1.41 -46.52
CA THR SA 65 -171.96 -2.29 -46.56
C THR SA 65 -171.50 -3.75 -46.66
N PRO SA 66 -172.15 -4.66 -45.95
CA PRO SA 66 -171.66 -6.03 -45.85
C PRO SA 66 -171.83 -6.77 -47.17
N PRO SA 67 -171.34 -8.00 -47.27
CA PRO SA 67 -171.56 -8.77 -48.49
C PRO SA 67 -173.02 -9.15 -48.68
N GLY SA 68 -173.41 -9.31 -49.93
CA GLY SA 68 -174.78 -9.69 -50.26
C GLY SA 68 -175.75 -8.54 -50.40
N LYS SA 69 -175.64 -7.55 -49.51
CA LYS SA 69 -176.57 -6.44 -49.52
C LYS SA 69 -176.26 -5.47 -50.66
N ASN SA 70 -177.10 -4.45 -50.79
CA ASN SA 70 -176.84 -3.39 -51.75
C ASN SA 70 -175.68 -2.52 -51.27
N HIS SA 71 -174.97 -1.92 -52.24
CA HIS SA 71 -173.80 -1.11 -51.94
C HIS SA 71 -173.91 0.30 -52.50
N ARG SA 72 -175.08 0.68 -53.01
CA ARG SA 72 -175.31 2.05 -53.45
C ARG SA 72 -176.65 2.59 -53.02
N ASP SA 73 -177.38 1.89 -52.16
CA ASP SA 73 -178.72 2.31 -51.80
C ASP SA 73 -178.73 3.54 -50.89
N LEU SA 74 -177.67 3.74 -50.12
CA LEU SA 74 -177.57 4.96 -49.31
C LEU SA 74 -177.33 6.17 -50.20
N GLU SA 75 -176.48 6.03 -51.22
CA GLU SA 75 -176.36 7.05 -52.26
C GLU SA 75 -177.73 7.52 -52.73
N GLU SA 76 -178.59 6.58 -53.13
CA GLU SA 76 -179.90 6.93 -53.64
C GLU SA 76 -180.76 7.56 -52.56
N ALA SA 77 -180.77 6.97 -51.37
CA ALA SA 77 -181.59 7.50 -50.29
C ALA SA 77 -181.21 8.94 -49.96
N TRP SA 78 -179.93 9.26 -49.98
CA TRP SA 78 -179.53 10.65 -49.79
C TRP SA 78 -179.94 11.52 -50.96
N LEU SA 79 -179.65 11.09 -52.19
CA LEU SA 79 -180.01 11.89 -53.35
C LEU SA 79 -181.50 12.18 -53.40
N ALA SA 80 -182.32 11.35 -52.78
CA ALA SA 80 -183.75 11.56 -52.70
C ALA SA 80 -184.14 12.66 -51.73
N LEU SA 81 -183.21 13.39 -51.13
CA LEU SA 81 -183.53 14.43 -50.15
C LEU SA 81 -182.90 15.75 -50.58
N ASP SA 82 -183.09 16.10 -51.84
CA ASP SA 82 -182.47 17.30 -52.40
C ASP SA 82 -183.40 18.08 -53.34
N ARG SA 94 -174.75 24.86 -45.79
CA ARG SA 94 -175.37 23.55 -45.84
C ARG SA 94 -176.31 23.37 -44.64
N ALA SA 95 -177.18 22.36 -44.71
CA ALA SA 95 -178.03 21.99 -43.59
C ALA SA 95 -177.28 21.08 -42.64
N SER SA 96 -177.10 21.52 -41.38
CA SER SA 96 -176.16 20.85 -40.49
C SER SA 96 -176.76 20.38 -39.18
N VAL SA 97 -177.68 21.12 -38.59
CA VAL SA 97 -178.20 20.77 -37.28
C VAL SA 97 -179.53 20.04 -37.44
N VAL SA 98 -179.91 19.32 -36.40
CA VAL SA 98 -181.19 18.64 -36.35
C VAL SA 98 -181.61 18.60 -34.89
N SER SA 99 -182.79 19.13 -34.59
CA SER SA 99 -183.29 19.09 -33.22
C SER SA 99 -183.74 17.69 -32.90
N LEU SA 100 -183.48 17.26 -31.67
CA LEU SA 100 -183.98 15.97 -31.23
C LEU SA 100 -185.49 15.90 -31.34
N ASN SA 101 -186.17 17.00 -31.06
CA ASN SA 101 -187.62 17.04 -31.23
C ASN SA 101 -188.03 16.62 -32.63
N PHE SA 102 -187.21 16.93 -33.62
CA PHE SA 102 -187.49 16.52 -34.99
C PHE SA 102 -187.09 15.06 -35.24
N LEU SA 103 -185.93 14.64 -34.73
CA LEU SA 103 -185.43 13.31 -35.03
C LEU SA 103 -186.30 12.23 -34.39
N VAL SA 104 -186.74 12.45 -33.16
CA VAL SA 104 -187.54 11.45 -32.46
C VAL SA 104 -188.81 11.12 -33.25
N ALA SA 105 -189.33 12.10 -33.99
CA ALA SA 105 -190.53 11.86 -34.78
C ALA SA 105 -190.25 10.88 -35.91
N ALA SA 106 -189.10 10.99 -36.56
CA ALA SA 106 -188.76 10.10 -37.67
C ALA SA 106 -188.09 8.83 -37.17
N ALA SA 107 -188.76 8.14 -36.25
CA ALA SA 107 -188.32 6.82 -35.84
C ALA SA 107 -189.55 5.95 -35.63
N GLU SA 108 -189.32 4.68 -35.32
CA GLU SA 108 -190.42 3.81 -34.92
C GLU SA 108 -191.13 4.41 -33.71
N ASN SA 109 -190.45 4.46 -32.57
CA ASN SA 109 -191.10 4.88 -31.35
C ASN SA 109 -191.32 6.40 -31.35
N ALA SA 110 -192.55 6.78 -31.01
CA ALA SA 110 -193.10 8.13 -31.08
C ALA SA 110 -194.56 8.04 -30.68
N ASP SA 111 -195.05 9.09 -30.03
CA ASP SA 111 -196.48 9.14 -29.79
C ASP SA 111 -197.08 10.15 -30.77
N ASP SA 112 -198.12 9.75 -31.50
CA ASP SA 112 -198.57 10.50 -32.67
C ASP SA 112 -198.89 11.95 -32.36
N ALA SA 113 -199.10 12.29 -31.08
CA ALA SA 113 -199.29 13.69 -30.73
C ALA SA 113 -198.09 14.52 -31.16
N LEU SA 114 -196.88 13.99 -30.98
CA LEU SA 114 -195.68 14.73 -31.34
C LEU SA 114 -195.52 14.81 -32.85
N ARG SA 115 -195.91 13.76 -33.58
CA ARG SA 115 -195.95 13.86 -35.03
C ARG SA 115 -196.86 15.00 -35.45
N ALA SA 116 -198.07 15.05 -34.90
CA ALA SA 116 -198.99 16.12 -35.25
C ALA SA 116 -198.42 17.49 -34.93
N HIS SA 117 -197.76 17.61 -33.78
CA HIS SA 117 -197.14 18.87 -33.40
C HIS SA 117 -196.07 19.29 -34.40
N VAL SA 118 -195.13 18.39 -34.69
CA VAL SA 118 -194.07 18.70 -35.64
C VAL SA 118 -194.63 19.06 -37.00
N THR SA 119 -195.69 18.35 -37.43
CA THR SA 119 -196.23 18.61 -38.76
C THR SA 119 -196.96 19.95 -38.84
N THR SA 120 -197.88 20.22 -37.91
CA THR SA 120 -198.76 21.37 -38.02
C THR SA 120 -198.20 22.62 -37.36
N ASN SA 121 -197.08 22.50 -36.65
CA ASN SA 121 -196.53 23.58 -35.85
C ASN SA 121 -195.25 24.14 -36.45
N TYR SA 122 -194.51 23.30 -37.17
CA TYR SA 122 -193.43 23.79 -38.04
C TYR SA 122 -194.02 24.63 -39.16
N ARG SA 123 -193.48 25.84 -39.35
CA ARG SA 123 -193.93 26.69 -40.45
C ARG SA 123 -193.65 26.08 -41.82
N ASP SA 124 -192.66 25.21 -41.89
CA ASP SA 124 -191.94 25.09 -43.16
C ASP SA 124 -192.78 24.30 -44.17
N ARG SA 125 -192.61 24.68 -45.45
CA ARG SA 125 -193.10 23.93 -46.60
C ARG SA 125 -192.64 22.48 -46.56
N ARG SA 126 -193.40 21.61 -47.23
CA ARG SA 126 -192.98 20.29 -47.67
C ARG SA 126 -192.42 19.44 -46.53
N THR SA 127 -192.77 19.81 -45.29
CA THR SA 127 -192.09 19.28 -44.11
C THR SA 127 -192.36 17.79 -43.89
N ALA SA 128 -193.62 17.36 -43.98
CA ALA SA 128 -193.95 15.95 -43.75
C ALA SA 128 -193.23 15.05 -44.74
N ALA SA 129 -193.17 15.48 -46.00
CA ALA SA 129 -192.41 14.73 -47.00
C ALA SA 129 -190.96 14.58 -46.58
N ARG SA 130 -190.34 15.68 -46.13
CA ARG SA 130 -188.96 15.62 -45.67
C ARG SA 130 -188.79 14.66 -44.50
N LEU SA 131 -189.74 14.67 -43.57
CA LEU SA 131 -189.68 13.73 -42.45
C LEU SA 131 -189.68 12.30 -42.95
N GLU SA 132 -190.53 12.02 -43.94
CA GLU SA 132 -190.57 10.68 -44.52
C GLU SA 132 -189.23 10.30 -45.15
N ARG SA 133 -188.66 11.21 -45.92
CA ARG SA 133 -187.38 10.94 -46.57
C ARG SA 133 -186.29 10.70 -45.54
N PHE SA 134 -186.27 11.49 -44.46
CA PHE SA 134 -185.28 11.30 -43.40
C PHE SA 134 -185.42 9.94 -42.75
N ALA SA 135 -186.67 9.50 -42.53
CA ALA SA 135 -186.89 8.15 -42.03
C ALA SA 135 -186.24 7.13 -42.96
N THR SA 136 -186.48 7.28 -44.27
CA THR SA 136 -185.88 6.34 -45.21
C THR SA 136 -184.36 6.41 -45.17
N VAL SA 137 -183.81 7.61 -44.93
CA VAL SA 137 -182.36 7.77 -44.84
C VAL SA 137 -181.81 6.96 -43.68
N LEU SA 138 -182.37 7.14 -42.49
CA LEU SA 138 -181.85 6.43 -41.33
C LEU SA 138 -182.01 4.92 -41.47
N ARG SA 139 -183.15 4.48 -41.99
CA ARG SA 139 -183.32 3.05 -42.24
C ARG SA 139 -182.33 2.52 -43.26
N ALA SA 140 -181.91 3.35 -44.22
CA ALA SA 140 -180.85 2.91 -45.11
C ALA SA 140 -179.51 2.87 -44.39
N MET SA 141 -179.27 3.81 -43.49
CA MET SA 141 -178.00 3.90 -42.78
C MET SA 141 -177.72 2.62 -42.00
N ILE SA 142 -178.72 2.10 -41.29
CA ILE SA 142 -178.51 0.88 -40.52
C ILE SA 142 -178.35 -0.32 -41.45
N ARG SA 143 -179.06 -0.31 -42.58
CA ARG SA 143 -178.92 -1.41 -43.52
C ARG SA 143 -177.52 -1.48 -44.10
N SER SA 144 -176.87 -0.33 -44.29
CA SER SA 144 -175.56 -0.28 -44.92
C SER SA 144 -174.42 -0.36 -43.90
N HIS SA 145 -174.73 -0.69 -42.65
CA HIS SA 145 -173.74 -0.84 -41.60
C HIS SA 145 -172.87 0.39 -41.41
N VAL SA 146 -173.38 1.56 -41.76
CA VAL SA 146 -172.80 2.81 -41.29
C VAL SA 146 -173.81 3.43 -40.35
N PHE SA 147 -173.61 3.22 -39.06
CA PHE SA 147 -174.66 3.48 -38.09
C PHE SA 147 -174.77 4.98 -37.81
N PRO SA 148 -175.99 5.46 -37.56
CA PRO SA 148 -176.19 6.90 -37.39
C PRO SA 148 -175.45 7.49 -36.20
N HIS SA 149 -175.10 6.68 -35.20
CA HIS SA 149 -174.31 7.20 -34.10
C HIS SA 149 -172.93 7.64 -34.58
N ARG SA 150 -172.47 7.13 -35.71
CA ARG SA 150 -171.29 7.65 -36.38
C ARG SA 150 -171.64 8.75 -37.39
N ALA SA 151 -172.79 9.39 -37.21
CA ALA SA 151 -173.18 10.47 -38.12
C ALA SA 151 -173.85 11.64 -37.40
N LEU SA 152 -173.96 11.60 -36.07
CA LEU SA 152 -174.66 12.64 -35.31
C LEU SA 152 -173.94 12.89 -34.00
N HIS SA 153 -173.04 13.87 -33.98
CA HIS SA 153 -172.51 14.37 -32.73
C HIS SA 153 -173.55 15.27 -32.08
N VAL SA 154 -173.49 15.36 -30.75
CA VAL SA 154 -174.53 16.03 -29.98
C VAL SA 154 -173.97 17.34 -29.45
N LEU SA 155 -174.72 18.42 -29.65
CA LEU SA 155 -174.41 19.71 -29.04
C LEU SA 155 -175.33 19.92 -27.85
N GLY SA 156 -175.25 21.08 -27.22
CA GLY SA 156 -176.06 21.39 -26.07
C GLY SA 156 -177.45 21.84 -26.46
N GLY SA 157 -178.16 22.42 -25.49
CA GLY SA 157 -179.50 22.91 -25.71
C GLY SA 157 -179.49 24.33 -26.25
N LEU SA 158 -180.24 24.56 -27.31
CA LEU SA 158 -180.25 25.88 -27.94
C LEU SA 158 -180.92 26.88 -27.03
N LEU SA 159 -180.51 28.14 -27.16
CA LEU SA 159 -181.17 29.21 -26.42
C LEU SA 159 -181.55 30.40 -27.27
N GLY SA 160 -180.79 30.69 -28.33
CA GLY SA 160 -181.01 31.88 -29.11
C GLY SA 160 -180.87 31.61 -30.60
N HIS SA 161 -181.34 32.58 -31.39
CA HIS SA 161 -181.32 32.45 -32.84
C HIS SA 161 -181.73 33.77 -33.48
N VAL SA 162 -181.12 34.09 -34.61
CA VAL SA 162 -181.59 35.14 -35.51
C VAL SA 162 -181.75 34.49 -36.88
N THR SA 163 -182.89 34.77 -37.52
CA THR SA 163 -183.24 34.06 -38.75
C THR SA 163 -183.43 35.07 -39.87
N GLN SA 164 -182.81 34.79 -41.02
CA GLN SA 164 -183.20 35.41 -42.27
C GLN SA 164 -184.30 34.56 -42.88
N ASP SA 165 -184.57 34.73 -44.17
CA ASP SA 165 -185.51 33.85 -44.85
C ASP SA 165 -184.85 32.51 -45.15
N ARG SA 166 -185.20 31.49 -44.39
CA ARG SA 166 -184.65 30.13 -44.54
C ARG SA 166 -183.13 30.14 -44.36
N LEU SA 167 -182.67 30.79 -43.30
CA LEU SA 167 -181.26 30.69 -42.87
C LEU SA 167 -181.17 31.18 -41.43
N ALA SA 168 -180.68 30.32 -40.55
CA ALA SA 168 -180.70 30.57 -39.12
C ALA SA 168 -179.28 30.51 -38.55
N SER SA 169 -179.14 30.98 -37.31
CA SER SA 169 -177.88 30.88 -36.56
C SER SA 169 -178.25 30.52 -35.13
N VAL SA 170 -178.34 29.23 -34.84
CA VAL SA 170 -178.69 28.76 -33.51
C VAL SA 170 -177.49 28.91 -32.59
N THR SA 171 -177.77 28.94 -31.28
CA THR SA 171 -176.74 29.06 -30.26
C THR SA 171 -177.12 28.15 -29.10
N CYS SA 172 -176.21 27.24 -28.74
CA CYS SA 172 -176.46 26.27 -27.69
C CYS SA 172 -175.33 26.29 -26.69
N VAL SA 173 -175.65 25.91 -25.44
CA VAL SA 173 -174.61 25.72 -24.44
C VAL SA 173 -173.77 24.51 -24.79
N ALA SA 174 -172.59 24.43 -24.17
CA ALA SA 174 -171.70 23.30 -24.37
C ALA SA 174 -171.13 22.73 -23.10
N ARG SA 175 -170.95 23.52 -22.05
CA ARG SA 175 -170.52 23.04 -20.75
C ARG SA 175 -171.30 23.83 -19.70
N GLY SA 176 -171.04 23.52 -18.45
CA GLY SA 176 -171.72 24.23 -17.38
C GLY SA 176 -173.21 23.91 -17.37
N ASP SA 177 -173.90 24.55 -16.45
CA ASP SA 177 -175.32 24.28 -16.29
C ASP SA 177 -176.10 25.22 -17.20
N GLN SA 178 -177.27 24.74 -17.63
CA GLN SA 178 -178.07 25.43 -18.65
C GLN SA 178 -178.37 26.87 -18.27
N GLU SA 179 -178.90 27.07 -17.06
CA GLU SA 179 -179.44 28.37 -16.67
C GLU SA 179 -178.37 29.38 -16.28
N ALA SA 180 -177.10 29.11 -16.60
CA ALA SA 180 -176.10 30.18 -16.52
C ALA SA 180 -176.17 31.09 -17.73
N ALA SA 181 -176.98 30.74 -18.73
CA ALA SA 181 -177.06 31.51 -19.97
C ALA SA 181 -177.97 32.72 -19.78
N ARG SA 182 -178.31 33.38 -20.89
CA ARG SA 182 -179.17 34.56 -20.85
C ARG SA 182 -179.87 34.67 -22.19
N THR SA 183 -181.14 34.28 -22.23
CA THR SA 183 -181.91 34.29 -23.47
C THR SA 183 -182.51 35.68 -23.69
N ASN SA 184 -182.72 36.06 -24.95
CA ASN SA 184 -183.27 37.36 -25.29
C ASN SA 184 -184.78 37.32 -25.45
N ASP SA 185 -185.43 36.46 -24.68
CA ASP SA 185 -186.88 36.40 -24.65
C ASP SA 185 -187.48 37.57 -23.87
N MET SA 186 -186.89 37.90 -22.72
CA MET SA 186 -187.34 38.90 -21.75
C MET SA 186 -188.62 38.51 -21.02
N ALA SA 187 -189.24 37.38 -21.36
CA ALA SA 187 -190.27 36.82 -20.51
C ALA SA 187 -189.72 35.78 -19.55
N ALA SA 188 -188.80 34.95 -20.02
CA ALA SA 188 -188.07 33.99 -19.19
C ALA SA 188 -186.60 34.07 -19.63
N ARG SA 189 -185.83 34.92 -18.96
CA ARG SA 189 -184.42 35.06 -19.29
C ARG SA 189 -183.72 33.71 -19.29
N ARG SA 190 -183.77 33.01 -18.17
CA ARG SA 190 -183.18 31.67 -18.10
C ARG SA 190 -184.12 30.69 -18.77
N SER SA 191 -183.73 29.42 -18.79
CA SER SA 191 -184.50 28.38 -19.47
C SER SA 191 -184.43 27.11 -18.64
N GLN SA 192 -184.80 26.00 -19.26
CA GLN SA 192 -184.58 24.67 -18.73
C GLN SA 192 -184.26 23.76 -19.90
N VAL SA 193 -184.36 22.45 -19.69
CA VAL SA 193 -184.15 21.48 -20.75
C VAL SA 193 -185.42 20.66 -20.92
N HIS SA 194 -185.95 20.62 -22.14
CA HIS SA 194 -187.19 19.94 -22.44
C HIS SA 194 -186.92 18.71 -23.30
N VAL SA 195 -187.47 17.59 -22.91
CA VAL SA 195 -187.31 16.34 -23.65
C VAL SA 195 -188.69 15.73 -23.88
N PRO SA 196 -189.01 15.28 -25.08
CA PRO SA 196 -190.32 14.64 -25.31
C PRO SA 196 -190.51 13.44 -24.41
N ALA SA 197 -191.50 13.54 -23.52
CA ALA SA 197 -191.71 12.51 -22.50
C ALA SA 197 -192.03 11.15 -23.11
N CYS SA 198 -192.45 11.11 -24.37
CA CYS SA 198 -192.71 9.84 -25.03
C CYS SA 198 -191.47 8.97 -25.11
N ALA SA 199 -190.29 9.56 -25.20
CA ALA SA 199 -189.05 8.83 -25.38
C ALA SA 199 -188.24 8.66 -24.10
N LEU SA 200 -188.50 9.46 -23.07
CA LEU SA 200 -187.72 9.39 -21.84
C LEU SA 200 -187.98 8.07 -21.13
N MET SA 201 -186.99 7.18 -21.12
CA MET SA 201 -187.09 5.90 -20.45
C MET SA 201 -186.22 5.96 -19.20
N ASP SA 202 -186.86 5.95 -18.04
CA ASP SA 202 -186.10 5.83 -16.80
C ASP SA 202 -185.61 4.41 -16.64
N VAL SA 203 -184.53 4.25 -15.87
CA VAL SA 203 -183.86 2.97 -15.71
C VAL SA 203 -183.98 2.43 -14.28
N ASP SA 204 -183.65 3.23 -13.26
CA ASP SA 204 -183.55 2.68 -11.90
C ASP SA 204 -184.90 2.16 -11.42
N ARG SA 205 -185.90 3.05 -11.39
CA ARG SA 205 -187.27 2.68 -11.09
C ARG SA 205 -187.76 1.61 -12.04
N GLU SA 206 -187.20 1.54 -13.25
CA GLU SA 206 -187.44 0.44 -14.17
C GLU SA 206 -186.75 -0.84 -13.71
N LEU SA 207 -185.44 -0.81 -13.48
CA LEU SA 207 -184.75 -2.02 -13.05
C LEU SA 207 -185.04 -2.39 -11.61
N ARG SA 208 -185.70 -1.51 -10.86
CA ARG SA 208 -185.98 -1.72 -9.43
C ARG SA 208 -184.68 -2.01 -8.66
N LEU SA 209 -183.80 -1.01 -8.66
CA LEU SA 209 -182.60 -1.08 -7.84
C LEU SA 209 -182.88 -0.83 -6.37
N GLY SA 210 -184.11 -0.47 -6.01
CA GLY SA 210 -184.41 -0.08 -4.64
C GLY SA 210 -183.69 1.17 -4.19
N GLY SA 211 -183.10 1.91 -5.11
CA GLY SA 211 -182.30 3.06 -4.76
C GLY SA 211 -183.13 4.27 -4.40
N ASP SA 212 -182.44 5.35 -4.05
CA ASP SA 212 -183.08 6.58 -3.65
C ASP SA 212 -182.56 7.72 -4.52
N ASP SA 213 -183.49 8.45 -5.13
CA ASP SA 213 -183.12 9.41 -6.16
C ASP SA 213 -182.25 10.52 -5.59
N GLY SA 214 -181.02 10.59 -6.06
CA GLY SA 214 -180.17 11.73 -5.73
C GLY SA 214 -179.78 12.46 -6.99
N LEU SA 215 -178.48 12.49 -7.27
CA LEU SA 215 -177.96 13.02 -8.53
C LEU SA 215 -177.84 11.84 -9.50
N ARG SA 216 -178.46 11.96 -10.66
CA ARG SA 216 -178.45 10.90 -11.65
C ARG SA 216 -177.85 11.39 -12.95
N PHE SA 217 -177.21 10.47 -13.66
CA PHE SA 217 -176.64 10.78 -14.97
C PHE SA 217 -177.75 10.88 -16.01
N ALA SA 218 -177.37 11.23 -17.23
CA ALA SA 218 -178.30 11.33 -18.34
C ALA SA 218 -177.64 10.79 -19.59
N TYR SA 219 -178.29 9.82 -20.24
CA TYR SA 219 -177.72 9.18 -21.41
C TYR SA 219 -178.73 9.21 -22.56
N LEU SA 220 -178.27 9.62 -23.72
CA LEU SA 220 -179.02 9.50 -24.96
C LEU SA 220 -178.59 8.21 -25.65
N VAL SA 221 -179.54 7.31 -25.87
CA VAL SA 221 -179.23 5.98 -26.39
C VAL SA 221 -179.96 5.77 -27.71
N PHE SA 222 -179.33 5.02 -28.60
CA PHE SA 222 -179.93 4.57 -29.84
C PHE SA 222 -180.16 3.06 -29.78
N VAL SA 223 -181.21 2.61 -30.46
CA VAL SA 223 -181.53 1.19 -30.52
C VAL SA 223 -181.65 0.80 -32.00
N TYR SA 224 -180.74 -0.03 -32.46
CA TYR SA 224 -180.79 -0.54 -33.81
C TYR SA 224 -181.55 -1.86 -33.83
N THR SA 225 -182.04 -2.23 -35.02
CA THR SA 225 -182.58 -3.56 -35.26
C THR SA 225 -182.32 -3.87 -36.73
N GLN SA 226 -181.87 -5.09 -37.02
CA GLN SA 226 -181.36 -5.42 -38.35
C GLN SA 226 -182.10 -6.65 -38.88
N ARG SA 227 -183.00 -6.42 -39.82
CA ARG SA 227 -183.63 -7.46 -40.61
C ARG SA 227 -183.85 -6.87 -42.00
N HIS SA 228 -183.27 -7.50 -43.01
CA HIS SA 228 -183.11 -6.84 -44.31
C HIS SA 228 -184.46 -6.45 -44.90
N ARG SA 229 -184.57 -5.17 -45.29
CA ARG SA 229 -185.78 -4.54 -45.80
C ARG SA 229 -186.89 -4.47 -44.77
N ARG SA 230 -186.68 -4.96 -43.56
CA ARG SA 230 -187.66 -4.81 -42.48
C ARG SA 230 -186.89 -4.47 -41.20
N GLU SA 231 -186.59 -3.19 -41.03
CA GLU SA 231 -185.76 -2.74 -39.93
C GLU SA 231 -186.16 -1.32 -39.55
N ALA SA 232 -185.73 -0.89 -38.37
CA ALA SA 232 -186.10 0.41 -37.85
C ALA SA 232 -185.10 0.84 -36.79
N LEU SA 233 -185.31 2.04 -36.25
CA LEU SA 233 -184.46 2.62 -35.22
C LEU SA 233 -185.34 3.17 -34.11
N ARG SA 234 -184.95 2.90 -32.86
CA ARG SA 234 -185.66 3.41 -31.70
C ARG SA 234 -184.75 4.33 -30.91
N VAL SA 235 -185.28 5.47 -30.48
CA VAL SA 235 -184.53 6.45 -29.72
C VAL SA 235 -185.05 6.47 -28.29
N HIS SA 236 -184.19 6.85 -27.36
CA HIS SA 236 -184.57 7.00 -25.96
C HIS SA 236 -183.66 8.03 -25.31
N VAL SA 237 -184.09 8.54 -24.17
CA VAL SA 237 -183.25 9.38 -23.33
C VAL SA 237 -183.30 8.77 -21.93
N ALA SA 238 -182.18 8.27 -21.46
CA ALA SA 238 -182.14 7.45 -20.26
C ALA SA 238 -181.41 8.21 -19.16
N VAL SA 239 -181.98 8.18 -17.95
CA VAL SA 239 -181.35 8.73 -16.77
C VAL SA 239 -181.25 7.63 -15.72
N SER SA 240 -180.19 7.68 -14.92
CA SER SA 240 -179.95 6.71 -13.88
C SER SA 240 -178.72 7.14 -13.11
N ARG SA 241 -178.42 6.41 -12.04
CA ARG SA 241 -177.18 6.57 -11.30
C ARG SA 241 -176.07 5.68 -11.85
N LEU SA 242 -176.38 4.82 -12.81
CA LEU SA 242 -175.42 3.85 -13.32
C LEU SA 242 -174.34 4.55 -14.14
N PRO SA 243 -173.09 4.58 -13.70
CA PRO SA 243 -172.04 5.19 -14.51
C PRO SA 243 -171.68 4.37 -15.73
N GLU SA 244 -171.92 3.07 -15.71
CA GLU SA 244 -171.54 2.20 -16.82
C GLU SA 244 -172.77 1.42 -17.25
N LEU SA 245 -173.30 1.75 -18.43
CA LEU SA 245 -174.53 1.13 -18.88
C LEU SA 245 -174.34 -0.36 -19.11
N GLY SA 246 -173.61 -0.72 -20.17
CA GLY SA 246 -173.19 -2.09 -20.38
C GLY SA 246 -174.25 -3.15 -20.16
N ASP SA 247 -174.02 -3.95 -19.12
CA ASP SA 247 -174.93 -5.04 -18.79
C ASP SA 247 -176.35 -4.55 -18.62
N ALA SA 248 -176.53 -3.30 -18.19
CA ALA SA 248 -177.86 -2.77 -17.96
C ALA SA 248 -178.66 -2.73 -19.25
N LEU SA 249 -178.07 -2.20 -20.33
CA LEU SA 249 -178.76 -2.24 -21.62
C LEU SA 249 -178.78 -3.65 -22.19
N SER SA 250 -177.69 -4.40 -22.00
CA SER SA 250 -177.67 -5.77 -22.51
C SER SA 250 -178.85 -6.58 -22.02
N PHE SA 251 -179.29 -6.32 -20.79
CA PHE SA 251 -180.50 -6.96 -20.28
C PHE SA 251 -181.76 -6.20 -20.67
N LEU SA 252 -181.72 -4.87 -20.67
CA LEU SA 252 -182.89 -4.07 -21.05
C LEU SA 252 -183.36 -4.40 -22.44
N LEU SA 253 -182.44 -4.54 -23.39
CA LEU SA 253 -182.77 -4.75 -24.80
C LEU SA 253 -182.59 -6.21 -25.21
N ALA SA 254 -182.93 -7.15 -24.31
CA ALA SA 254 -182.62 -8.55 -24.54
C ALA SA 254 -183.25 -9.07 -25.82
N GLY SA 255 -184.53 -8.76 -26.04
CA GLY SA 255 -185.20 -9.25 -27.23
C GLY SA 255 -184.54 -8.75 -28.51
N THR SA 256 -184.10 -7.48 -28.51
CA THR SA 256 -183.45 -6.92 -29.68
C THR SA 256 -182.14 -7.64 -29.99
N ARG SA 257 -181.29 -7.83 -28.98
CA ARG SA 257 -180.04 -8.54 -29.21
C ARG SA 257 -180.31 -9.97 -29.67
N VAL SA 258 -181.29 -10.64 -29.05
CA VAL SA 258 -181.62 -12.01 -29.44
C VAL SA 258 -182.01 -12.07 -30.90
N ASP SA 259 -183.04 -11.34 -31.31
CA ASP SA 259 -183.52 -11.48 -32.68
C ASP SA 259 -182.61 -10.77 -33.68
N ASN SA 260 -181.60 -10.03 -33.20
CA ASN SA 260 -180.65 -9.39 -34.09
C ASN SA 260 -179.43 -10.25 -34.37
N ALA SA 261 -179.04 -11.11 -33.43
CA ALA SA 261 -177.87 -11.95 -33.66
C ALA SA 261 -178.14 -13.05 -34.67
N ILE SA 262 -179.40 -13.46 -34.84
CA ILE SA 262 -179.71 -14.63 -35.65
C ILE SA 262 -180.14 -14.23 -37.05
N HIS SA 263 -180.94 -13.17 -37.19
CA HIS SA 263 -181.35 -12.67 -38.49
C HIS SA 263 -180.37 -11.67 -39.08
N GLY SA 264 -179.21 -11.48 -38.45
CA GLY SA 264 -178.29 -10.45 -38.90
C GLY SA 264 -177.33 -10.90 -39.97
N THR SA 265 -176.96 -12.19 -39.96
CA THR SA 265 -176.01 -12.73 -40.93
C THR SA 265 -176.67 -13.06 -42.25
N ASP SA 266 -177.98 -12.83 -42.36
CA ASP SA 266 -178.74 -13.18 -43.53
C ASP SA 266 -178.18 -12.52 -44.79
N GLU SA 267 -178.42 -13.17 -45.93
CA GLU SA 267 -177.99 -12.76 -47.26
C GLU SA 267 -176.50 -13.00 -47.48
N ALA SA 268 -175.80 -13.57 -46.51
CA ALA SA 268 -174.40 -13.93 -46.65
C ALA SA 268 -174.30 -15.42 -46.95
N ASP SA 269 -173.74 -15.75 -48.11
CA ASP SA 269 -173.55 -17.14 -48.48
C ASP SA 269 -172.56 -17.80 -47.52
N ALA SA 270 -173.07 -18.64 -46.64
CA ALA SA 270 -172.19 -19.50 -45.87
C ALA SA 270 -171.93 -20.78 -46.65
N PRO SA 271 -170.73 -21.34 -46.55
CA PRO SA 271 -170.45 -22.60 -47.26
C PRO SA 271 -171.22 -23.76 -46.65
N ALA SA 272 -170.92 -24.97 -47.13
CA ALA SA 272 -171.58 -26.16 -46.64
C ALA SA 272 -171.03 -26.50 -45.26
N ALA SA 273 -171.35 -27.69 -44.76
CA ALA SA 273 -170.92 -28.12 -43.44
C ALA SA 273 -169.41 -27.92 -43.29
N PRO SA 274 -168.96 -27.35 -42.17
CA PRO SA 274 -167.53 -27.06 -42.03
C PRO SA 274 -166.70 -28.32 -42.00
N ALA SA 275 -165.56 -28.27 -42.69
CA ALA SA 275 -164.67 -29.42 -42.77
C ALA SA 275 -164.11 -29.77 -41.40
N ALA SA 276 -163.82 -31.05 -41.20
CA ALA SA 276 -163.24 -31.50 -39.93
C ALA SA 276 -161.86 -30.91 -39.72
N ALA SA 277 -161.18 -30.52 -40.81
CA ALA SA 277 -159.89 -29.87 -40.68
C ALA SA 277 -159.99 -28.51 -39.98
N ALA SA 278 -161.19 -27.94 -39.91
CA ALA SA 278 -161.37 -26.67 -39.21
C ALA SA 278 -161.18 -26.80 -37.71
N ALA SA 279 -161.34 -28.01 -37.16
CA ALA SA 279 -161.14 -28.20 -35.72
C ALA SA 279 -159.68 -27.96 -35.39
N PHE SA 280 -159.40 -26.84 -34.75
CA PHE SA 280 -158.03 -26.47 -34.41
C PHE SA 280 -157.45 -27.50 -33.45
N PRO SA 281 -156.39 -28.23 -33.83
CA PRO SA 281 -155.88 -29.30 -32.97
C PRO SA 281 -155.21 -28.74 -31.73
N ALA SA 282 -155.67 -29.20 -30.57
CA ALA SA 282 -155.06 -28.81 -29.30
C ALA SA 282 -154.24 -29.91 -28.67
N TYR SA 283 -154.39 -31.18 -29.10
CA TYR SA 283 -153.73 -32.29 -28.45
C TYR SA 283 -152.23 -32.29 -28.69
N LEU SA 284 -151.77 -31.38 -29.57
CA LEU SA 284 -150.43 -31.43 -30.13
C LEU SA 284 -149.48 -30.42 -29.51
N PHE SA 285 -149.92 -29.67 -28.50
CA PHE SA 285 -149.08 -28.62 -27.93
C PHE SA 285 -147.99 -29.22 -27.05
N ASN SA 286 -148.37 -29.98 -26.04
CA ASN SA 286 -147.42 -30.59 -25.12
C ASN SA 286 -147.16 -32.06 -25.41
N ASP SA 287 -147.24 -32.44 -26.68
CA ASP SA 287 -146.77 -33.73 -27.16
C ASP SA 287 -145.25 -33.75 -27.19
N PRO SA 288 -144.58 -34.56 -26.39
CA PRO SA 288 -143.10 -34.62 -26.49
C PRO SA 288 -142.64 -35.15 -27.84
N ARG SA 289 -143.25 -36.22 -28.32
CA ARG SA 289 -142.99 -36.78 -29.63
C ARG SA 289 -144.04 -36.29 -30.62
N SER SA 290 -143.64 -35.41 -31.53
CA SER SA 290 -144.53 -34.93 -32.59
C SER SA 290 -143.66 -34.35 -33.71
N ALA SA 291 -144.26 -34.24 -34.89
CA ALA SA 291 -143.56 -33.65 -36.02
C ALA SA 291 -143.28 -32.18 -35.72
N ARG SA 292 -142.08 -31.74 -36.05
CA ARG SA 292 -141.66 -30.40 -35.66
C ARG SA 292 -140.89 -29.79 -36.83
N CYS SA 293 -140.80 -28.47 -36.83
CA CYS SA 293 -140.13 -27.78 -37.92
C CYS SA 293 -139.53 -26.47 -37.43
N PRO SA 294 -138.21 -26.33 -37.38
CA PRO SA 294 -137.62 -25.06 -36.99
C PRO SA 294 -137.83 -24.01 -38.07
N THR SA 295 -137.77 -22.75 -37.63
CA THR SA 295 -137.91 -21.64 -38.56
C THR SA 295 -136.76 -21.63 -39.56
N GLY SA 296 -136.95 -20.91 -40.67
CA GLY SA 296 -135.91 -20.82 -41.67
C GLY SA 296 -135.92 -21.92 -42.69
N ARG SA 297 -136.79 -22.91 -42.53
CA ARG SA 297 -137.04 -23.92 -43.53
C ARG SA 297 -138.53 -24.05 -43.80
N LEU SA 298 -139.18 -22.91 -44.02
CA LEU SA 298 -140.60 -22.89 -44.39
C LEU SA 298 -140.80 -22.18 -45.72
N ASN SA 299 -140.53 -22.88 -46.83
CA ASN SA 299 -141.17 -22.55 -48.09
C ASN SA 299 -141.95 -23.73 -48.66
N THR SA 300 -141.24 -24.79 -49.08
CA THR SA 300 -141.73 -26.06 -49.61
C THR SA 300 -140.62 -27.09 -49.42
N PRO SA 301 -140.15 -27.33 -48.21
CA PRO SA 301 -139.15 -28.37 -47.99
C PRO SA 301 -139.81 -29.72 -47.79
N ALA SA 302 -139.04 -30.70 -47.35
CA ALA SA 302 -139.62 -31.94 -46.85
C ALA SA 302 -140.23 -31.69 -45.48
N ALA SA 303 -141.21 -30.78 -45.43
CA ALA SA 303 -141.93 -30.47 -44.22
C ALA SA 303 -143.44 -30.65 -44.38
N GLU SA 304 -143.85 -31.45 -45.35
CA GLU SA 304 -145.25 -31.62 -45.67
C GLU SA 304 -146.00 -32.41 -44.62
N ALA SA 305 -145.27 -33.02 -43.68
CA ALA SA 305 -145.82 -33.85 -42.63
C ALA SA 305 -146.54 -33.06 -41.55
N LEU SA 306 -146.61 -31.75 -41.67
CA LEU SA 306 -147.33 -31.00 -40.66
C LEU SA 306 -148.83 -31.10 -40.91
N PRO SA 307 -149.64 -31.19 -39.84
CA PRO SA 307 -151.09 -31.26 -40.03
C PRO SA 307 -151.62 -29.97 -40.63
N VAL SA 308 -152.67 -30.10 -41.42
CA VAL SA 308 -153.31 -28.94 -42.03
C VAL SA 308 -154.46 -28.49 -41.15
N TRP SA 309 -154.64 -27.18 -41.05
CA TRP SA 309 -155.76 -26.60 -40.32
C TRP SA 309 -156.19 -25.34 -41.05
N ALA SA 310 -157.45 -25.32 -41.49
CA ALA SA 310 -157.98 -24.21 -42.28
C ALA SA 310 -159.07 -23.52 -41.48
N PRO SA 311 -158.72 -22.54 -40.64
CA PRO SA 311 -159.76 -21.73 -39.99
C PRO SA 311 -160.57 -21.01 -41.04
N ASP SA 312 -161.85 -21.36 -41.13
CA ASP SA 312 -162.69 -20.96 -42.25
C ASP SA 312 -163.91 -20.24 -41.71
N MET SA 313 -163.90 -18.91 -41.81
CA MET SA 313 -164.96 -18.09 -41.23
C MET SA 313 -165.53 -17.19 -42.32
N ARG SA 314 -166.67 -17.59 -42.85
CA ARG SA 314 -167.28 -16.95 -44.01
C ARG SA 314 -168.80 -16.98 -43.84
N GLY SA 315 -169.35 -15.90 -43.30
CA GLY SA 315 -170.78 -15.78 -43.13
C GLY SA 315 -171.27 -15.83 -41.70
N ARG SA 316 -170.38 -16.04 -40.74
CA ARG SA 316 -170.78 -16.08 -39.33
C ARG SA 316 -171.04 -14.68 -38.82
N ALA SA 317 -171.51 -14.59 -37.58
CA ALA SA 317 -171.92 -13.31 -37.00
C ALA SA 317 -170.68 -12.51 -36.60
N THR SA 318 -170.43 -11.41 -37.31
CA THR SA 318 -169.37 -10.49 -36.93
C THR SA 318 -169.89 -9.53 -35.87
N ARG SA 319 -169.02 -8.65 -35.38
CA ARG SA 319 -169.47 -7.74 -34.33
C ARG SA 319 -170.49 -6.75 -34.86
N ASN SA 320 -170.22 -6.14 -36.01
CA ASN SA 320 -171.17 -5.21 -36.61
C ASN SA 320 -172.51 -5.88 -36.91
N SER SA 321 -172.53 -7.21 -36.97
CA SER SA 321 -173.76 -7.95 -37.16
C SER SA 321 -174.58 -8.02 -35.88
N CYS SA 322 -173.93 -7.95 -34.73
CA CYS SA 322 -174.61 -8.07 -33.46
C CYS SA 322 -174.76 -6.73 -32.76
N MET SA 323 -174.38 -5.65 -33.43
CA MET SA 323 -174.65 -4.31 -32.92
C MET SA 323 -176.15 -4.10 -32.77
N TYR SA 324 -176.57 -3.67 -31.59
CA TYR SA 324 -177.97 -3.41 -31.33
C TYR SA 324 -178.25 -2.07 -30.69
N ALA SA 325 -177.31 -1.47 -29.98
CA ALA SA 325 -177.53 -0.21 -29.30
C ALA SA 325 -176.24 0.58 -29.24
N ALA SA 326 -176.37 1.88 -29.02
CA ALA SA 326 -175.22 2.76 -28.82
C ALA SA 326 -175.67 3.92 -27.94
N TYR SA 327 -174.81 4.34 -27.02
CA TYR SA 327 -175.18 5.40 -26.10
C TYR SA 327 -174.02 6.38 -25.91
N VAL SA 328 -174.34 7.51 -25.32
CA VAL SA 328 -173.37 8.58 -25.08
C VAL SA 328 -173.85 9.39 -23.88
N ARG SA 329 -172.92 9.72 -22.99
CA ARG SA 329 -173.28 10.43 -21.78
C ARG SA 329 -173.58 11.89 -22.09
N LEU SA 330 -174.60 12.44 -21.41
CA LEU SA 330 -175.02 13.81 -21.65
C LEU SA 330 -174.69 14.76 -20.52
N GLY SA 331 -174.85 14.35 -19.27
CA GLY SA 331 -174.62 15.22 -18.14
C GLY SA 331 -175.27 14.66 -16.90
N THR SA 332 -175.49 15.54 -15.93
CA THR SA 332 -176.04 15.16 -14.63
C THR SA 332 -177.34 15.89 -14.39
N VAL SA 333 -178.24 15.25 -13.62
CA VAL SA 333 -179.60 15.73 -13.44
C VAL SA 333 -180.02 15.52 -12.00
N GLU SA 334 -180.75 16.50 -11.47
CA GLU SA 334 -181.48 16.39 -10.22
C GLU SA 334 -182.82 15.67 -10.35
N ARG SA 335 -183.73 16.20 -11.16
CA ARG SA 335 -185.13 15.84 -11.07
C ARG SA 335 -185.75 15.83 -12.46
N VAL SA 336 -186.82 15.05 -12.60
CA VAL SA 336 -187.62 15.02 -13.82
C VAL SA 336 -189.09 15.10 -13.44
N VAL SA 337 -189.79 16.10 -13.96
CA VAL SA 337 -191.21 16.26 -13.74
C VAL SA 337 -191.91 16.32 -15.08
N ARG SA 338 -193.15 15.83 -15.12
CA ARG SA 338 -193.90 15.68 -16.36
C ARG SA 338 -195.14 16.55 -16.31
N ARG SA 339 -195.38 17.30 -17.38
CA ARG SA 339 -196.21 18.48 -17.33
C ARG SA 339 -196.21 19.13 -18.71
N ALA SA 340 -197.34 19.74 -19.06
CA ALA SA 340 -197.54 20.26 -20.42
C ALA SA 340 -197.49 21.78 -20.45
N LEU SA 348 -199.72 18.50 -25.56
CA LEU SA 348 -198.45 17.83 -25.83
C LEU SA 348 -197.68 17.53 -24.53
N PRO SA 349 -197.36 16.26 -24.30
CA PRO SA 349 -196.64 15.90 -23.08
C PRO SA 349 -195.16 16.21 -23.21
N LEU SA 350 -194.55 16.65 -22.10
CA LEU SA 350 -193.13 16.99 -22.08
C LEU SA 350 -192.51 16.49 -20.79
N ALA SA 351 -191.23 16.82 -20.58
CA ALA SA 351 -190.47 16.39 -19.40
C ALA SA 351 -189.40 17.44 -19.11
N HIS SA 352 -189.68 18.29 -18.13
CA HIS SA 352 -188.74 19.35 -17.78
C HIS SA 352 -187.63 18.78 -16.91
N MET SA 353 -186.38 19.06 -17.30
CA MET SA 353 -185.22 18.67 -16.50
C MET SA 353 -185.11 19.57 -15.27
N GLU SA 354 -184.07 19.36 -14.50
CA GLU SA 354 -183.88 20.13 -13.27
C GLU SA 354 -182.38 20.26 -13.02
N ARG SA 355 -181.84 21.45 -13.21
CA ARG SA 355 -180.42 21.71 -12.94
C ARG SA 355 -179.53 20.84 -13.81
N PHE SA 356 -179.80 20.84 -15.11
CA PHE SA 356 -178.99 20.03 -16.04
C PHE SA 356 -177.61 20.67 -16.16
N THR SA 357 -176.57 19.86 -16.01
CA THR SA 357 -175.20 20.32 -16.19
C THR SA 357 -174.65 19.63 -17.44
N TRP SA 358 -174.38 20.43 -18.46
CA TRP SA 358 -173.94 19.86 -19.73
C TRP SA 358 -172.50 19.36 -19.62
N ASP SA 359 -172.32 18.07 -19.87
CA ASP SA 359 -171.02 17.41 -19.92
C ASP SA 359 -171.14 16.29 -20.96
N VAL SA 360 -170.74 16.58 -22.18
CA VAL SA 360 -170.90 15.63 -23.26
C VAL SA 360 -169.70 14.70 -23.28
N GLY SA 361 -169.97 13.41 -23.51
CA GLY SA 361 -168.93 12.41 -23.58
C GLY SA 361 -168.80 11.82 -24.97
N ALA SA 362 -168.01 10.76 -25.07
CA ALA SA 362 -167.78 10.10 -26.34
C ALA SA 362 -168.82 9.00 -26.56
N TRP SA 363 -168.90 8.54 -27.81
CA TRP SA 363 -169.87 7.51 -28.14
C TRP SA 363 -169.41 6.17 -27.59
N GLU SA 364 -170.32 5.20 -27.63
CA GLU SA 364 -170.08 3.88 -27.05
C GLU SA 364 -170.83 2.84 -27.87
N GLU SA 365 -170.20 1.70 -28.06
CA GLU SA 365 -170.84 0.58 -28.73
C GLU SA 365 -171.47 -0.35 -27.69
N CYS SA 366 -172.53 -1.04 -28.10
CA CYS SA 366 -173.18 -2.03 -27.27
C CYS SA 366 -173.57 -3.19 -28.18
N PHE SA 367 -172.71 -4.21 -28.24
CA PHE SA 367 -172.90 -5.33 -29.13
C PHE SA 367 -172.92 -6.66 -28.40
N PHE SA 368 -172.11 -6.83 -27.37
CA PHE SA 368 -172.03 -8.10 -26.66
C PHE SA 368 -173.27 -8.32 -25.82
N ARG TA 3 -58.94 -25.05 150.74
CA ARG TA 3 -59.76 -25.52 149.62
C ARG TA 3 -61.26 -25.25 149.79
N PRO TA 4 -61.86 -25.56 150.95
CA PRO TA 4 -63.29 -25.25 151.14
C PRO TA 4 -63.54 -23.75 151.16
N ALA TA 5 -64.82 -23.41 151.12
CA ALA TA 5 -65.21 -22.01 150.98
C ALA TA 5 -64.81 -21.20 152.20
N ILE TA 6 -64.64 -19.90 152.00
CA ILE TA 6 -64.24 -18.99 153.05
C ILE TA 6 -65.44 -18.16 153.49
N LEU TA 7 -66.32 -17.85 152.56
CA LEU TA 7 -67.51 -17.07 152.87
C LEU TA 7 -68.68 -17.57 152.05
N PRO TA 8 -69.67 -18.22 152.67
CA PRO TA 8 -70.74 -18.84 151.90
C PRO TA 8 -71.61 -17.82 151.20
N SER TA 9 -71.95 -18.10 149.95
CA SER TA 9 -72.72 -17.16 149.14
C SER TA 9 -74.14 -17.03 149.64
N GLY TA 10 -74.83 -18.16 149.81
CA GLY TA 10 -76.22 -18.14 150.25
C GLY TA 10 -76.56 -19.36 151.06
N GLN TA 11 -77.57 -19.21 151.92
CA GLN TA 11 -77.93 -20.28 152.83
C GLN TA 11 -78.74 -21.35 152.13
N ILE TA 12 -78.56 -22.58 152.59
CA ILE TA 12 -79.26 -23.73 152.02
C ILE TA 12 -80.68 -23.74 152.55
N LEU TA 13 -81.64 -24.00 151.66
CA LEU TA 13 -83.05 -23.77 151.98
C LEU TA 13 -83.52 -24.70 153.08
N SER TA 14 -83.40 -26.02 152.87
CA SER TA 14 -83.92 -26.99 153.81
C SER TA 14 -83.00 -28.19 153.91
N ASN TA 15 -83.16 -28.93 155.00
CA ASN TA 15 -82.30 -30.07 155.27
C ASN TA 15 -82.81 -31.33 154.57
N ILE TA 16 -81.89 -32.28 154.38
CA ILE TA 16 -82.23 -33.57 153.82
C ILE TA 16 -81.05 -34.50 154.06
N GLU TA 17 -81.31 -35.77 154.37
CA GLU TA 17 -80.25 -36.69 154.72
C GLU TA 17 -79.47 -37.02 153.46
N VAL TA 18 -78.26 -36.44 153.34
CA VAL TA 18 -77.60 -36.35 152.06
C VAL TA 18 -77.15 -37.70 151.53
N HIS TA 19 -76.80 -38.63 152.40
CA HIS TA 19 -76.20 -39.87 151.91
C HIS TA 19 -77.12 -40.63 150.99
N SER TA 20 -78.43 -40.48 151.17
CA SER TA 20 -79.37 -41.12 150.26
C SER TA 20 -79.25 -40.51 148.86
N HIS TA 21 -79.26 -39.18 148.78
CA HIS TA 21 -79.14 -38.50 147.49
C HIS TA 21 -77.68 -38.38 147.07
N ARG TA 22 -76.98 -39.51 147.08
CA ARG TA 22 -75.57 -39.57 146.69
C ARG TA 22 -75.39 -39.60 145.18
N ALA TA 23 -76.48 -39.61 144.42
CA ALA TA 23 -76.40 -39.84 142.98
C ALA TA 23 -76.63 -38.58 142.16
N LEU TA 24 -76.77 -37.43 142.81
CA LEU TA 24 -77.01 -36.18 142.10
C LEU TA 24 -75.78 -35.29 142.04
N PHE TA 25 -74.62 -35.80 142.43
CA PHE TA 25 -73.46 -34.95 142.62
C PHE TA 25 -72.27 -35.51 141.86
N ASP TA 26 -71.48 -34.59 141.28
CA ASP TA 26 -70.25 -34.99 140.62
C ASP TA 26 -69.30 -35.65 141.60
N ILE TA 27 -68.89 -34.91 142.64
CA ILE TA 27 -67.97 -35.41 143.65
C ILE TA 27 -68.60 -35.18 145.01
N PHE TA 28 -68.40 -36.13 145.93
CA PHE TA 28 -69.07 -36.10 147.21
C PHE TA 28 -68.22 -36.84 148.24
N LYS TA 29 -67.79 -36.12 149.28
CA LYS TA 29 -67.01 -36.70 150.36
C LYS TA 29 -67.50 -36.16 151.69
N ARG TA 30 -67.28 -36.94 152.74
CA ARG TA 30 -67.74 -36.55 154.07
C ARG TA 30 -66.82 -37.12 155.12
N PHE TA 31 -66.44 -36.30 156.09
CA PHE TA 31 -65.57 -36.71 157.18
C PHE TA 31 -66.36 -36.72 158.48
N ARG TA 32 -65.88 -37.53 159.43
CA ARG TA 32 -66.61 -37.72 160.67
C ARG TA 32 -66.63 -36.46 161.51
N SER TA 33 -65.46 -35.89 161.79
CA SER TA 33 -65.40 -34.62 162.51
C SER TA 33 -64.05 -33.96 162.27
N ASP TA 34 -64.05 -32.83 161.58
CA ASP TA 34 -62.90 -31.94 161.40
C ASP TA 34 -61.63 -32.72 161.04
N ASP TA 35 -61.65 -33.26 159.82
CA ASP TA 35 -60.47 -33.91 159.26
C ASP TA 35 -59.27 -32.95 159.26
N ASN TA 36 -58.09 -33.52 159.08
CA ASN TA 36 -56.85 -32.78 159.27
C ASN TA 36 -56.43 -31.97 158.05
N ASN TA 37 -56.72 -32.45 156.84
CA ASN TA 37 -56.30 -31.75 155.63
C ASN TA 37 -56.98 -30.39 155.50
N LEU TA 38 -57.81 -30.05 156.46
CA LEU TA 38 -58.63 -28.86 156.36
C LEU TA 38 -57.82 -27.59 156.56
N TYR TA 39 -56.86 -27.63 157.49
CA TYR TA 39 -56.20 -26.40 157.95
C TYR TA 39 -54.84 -26.16 157.29
N GLY TA 40 -54.31 -27.12 156.55
CA GLY TA 40 -53.06 -26.91 155.85
C GLY TA 40 -53.27 -25.99 154.67
N ALA TA 41 -52.52 -24.88 154.62
CA ALA TA 41 -52.60 -23.94 153.51
C ALA TA 41 -51.19 -23.71 152.99
N GLU TA 42 -50.75 -24.59 152.09
CA GLU TA 42 -49.46 -24.46 151.44
C GLU TA 42 -49.69 -23.92 150.03
N PHE TA 43 -49.08 -22.79 149.73
CA PHE TA 43 -49.29 -22.11 148.45
C PHE TA 43 -47.98 -22.05 147.69
N ASP TA 44 -48.01 -22.38 146.41
CA ASP TA 44 -46.83 -22.18 145.57
C ASP TA 44 -46.76 -20.74 145.14
N ALA TA 45 -45.56 -20.28 144.82
CA ALA TA 45 -45.36 -18.88 144.44
C ALA TA 45 -44.28 -18.79 143.39
N LEU TA 46 -44.35 -17.72 142.61
CA LEU TA 46 -43.25 -17.34 141.73
C LEU TA 46 -42.70 -16.01 142.20
N LEU TA 47 -41.38 -15.93 142.30
CA LEU TA 47 -40.72 -14.84 143.01
C LEU TA 47 -40.12 -13.80 142.09
N GLY TA 48 -40.23 -13.97 140.78
CA GLY TA 48 -39.76 -12.94 139.88
C GLY TA 48 -39.86 -13.27 138.41
N THR TA 49 -40.37 -12.33 137.63
CA THR TA 49 -40.30 -12.38 136.19
C THR TA 49 -39.15 -11.51 135.73
N TYR TA 50 -38.50 -11.91 134.64
CA TYR TA 50 -37.32 -11.21 134.17
C TYR TA 50 -37.34 -11.17 132.65
N CYS TA 51 -37.68 -10.01 132.10
CA CYS TA 51 -37.74 -9.81 130.66
C CYS TA 51 -36.40 -9.34 130.13
N SER TA 52 -36.21 -9.50 128.83
CA SER TA 52 -34.99 -9.09 128.17
C SER TA 52 -35.31 -8.19 126.98
N THR TA 53 -34.41 -7.27 126.68
CA THR TA 53 -34.60 -6.32 125.59
C THR TA 53 -33.39 -6.37 124.68
N LEU TA 54 -33.63 -6.44 123.38
CA LEU TA 54 -32.56 -6.51 122.40
C LEU TA 54 -31.77 -5.19 122.39
N SER TA 55 -30.67 -5.20 121.67
CA SER TA 55 -29.76 -4.06 121.59
C SER TA 55 -29.75 -3.52 120.17
N LEU TA 56 -30.33 -2.34 119.99
CA LEU TA 56 -30.34 -1.71 118.67
C LEU TA 56 -28.95 -1.24 118.29
N VAL TA 57 -28.57 -1.51 117.05
CA VAL TA 57 -27.30 -1.05 116.49
C VAL TA 57 -27.59 -0.36 115.17
N ARG TA 58 -26.96 0.79 114.95
CA ARG TA 58 -27.11 1.54 113.71
C ARG TA 58 -25.80 1.47 112.95
N PHE TA 59 -25.88 1.05 111.69
CA PHE TA 59 -24.67 0.81 110.91
C PHE TA 59 -23.79 2.04 110.83
N LEU TA 60 -24.39 3.24 110.80
CA LEU TA 60 -23.61 4.45 110.64
C LEU TA 60 -22.77 4.78 111.88
N GLU TA 61 -23.05 4.13 113.01
CA GLU TA 61 -22.28 4.40 114.22
C GLU TA 61 -21.06 3.50 114.35
N LEU TA 62 -21.09 2.31 113.78
CA LEU TA 62 -19.93 1.44 113.81
C LEU TA 62 -18.76 2.11 113.11
N GLY TA 63 -17.56 1.64 113.43
CA GLY TA 63 -16.40 2.11 112.70
C GLY TA 63 -16.38 1.67 111.26
N LEU TA 64 -17.00 0.51 110.98
CA LEU TA 64 -16.97 -0.05 109.64
C LEU TA 64 -17.61 0.83 108.59
N SER TA 65 -18.31 1.89 108.98
CA SER TA 65 -19.03 2.70 108.00
C SER TA 65 -18.07 3.39 107.04
N VAL TA 66 -16.85 3.69 107.49
CA VAL TA 66 -15.93 4.51 106.72
C VAL TA 66 -15.31 3.69 105.62
N ALA TA 67 -15.73 2.43 105.48
CA ALA TA 67 -15.21 1.57 104.44
C ALA TA 67 -16.12 1.49 103.22
N CYS TA 68 -17.12 2.36 103.12
CA CYS TA 68 -18.04 2.31 101.99
C CYS TA 68 -18.90 3.55 101.97
N VAL TA 69 -19.23 4.02 100.78
CA VAL TA 69 -20.21 5.09 100.61
C VAL TA 69 -21.55 4.46 100.30
N CYS TA 70 -22.59 4.92 100.98
CA CYS TA 70 -23.93 4.37 100.82
C CYS TA 70 -24.83 5.44 100.26
N THR TA 71 -25.67 5.05 99.30
CA THR TA 71 -26.64 5.97 98.72
C THR TA 71 -27.98 5.26 98.58
N LYS TA 72 -29.06 5.98 98.86
CA LYS TA 72 -30.39 5.45 98.61
C LYS TA 72 -30.73 5.62 97.14
N PHE TA 73 -31.23 4.56 96.52
CA PHE TA 73 -31.54 4.56 95.09
C PHE TA 73 -32.89 3.88 94.92
N PRO TA 74 -33.98 4.61 95.13
CA PRO TA 74 -35.30 3.97 95.20
C PRO TA 74 -35.76 3.33 93.90
N GLU TA 75 -35.03 3.49 92.80
CA GLU TA 75 -35.38 2.85 91.54
C GLU TA 75 -34.44 1.69 91.20
N LEU TA 76 -33.70 1.21 92.19
CA LEU TA 76 -32.70 0.18 91.91
C LEU TA 76 -33.34 -1.05 91.29
N SER TA 77 -34.57 -1.38 91.67
CA SER TA 77 -35.22 -2.56 91.12
C SER TA 77 -35.40 -2.49 89.62
N TYR TA 78 -35.38 -1.28 89.05
CA TYR TA 78 -35.65 -1.11 87.63
C TYR TA 78 -34.45 -1.34 86.75
N VAL TA 79 -33.25 -0.97 87.22
CA VAL TA 79 -32.10 -0.89 86.32
C VAL TA 79 -31.69 -2.28 85.85
N ALA TA 80 -31.26 -2.35 84.60
CA ALA TA 80 -30.45 -3.45 84.13
C ALA TA 80 -29.04 -3.16 84.59
N GLU TA 81 -28.04 -3.84 84.03
CA GLU TA 81 -26.66 -3.63 84.47
C GLU TA 81 -26.29 -2.16 84.40
N GLY TA 82 -25.67 -1.67 85.47
CA GLY TA 82 -25.14 -0.32 85.49
C GLY TA 82 -23.63 -0.37 85.64
N THR TA 83 -22.93 0.69 85.26
CA THR TA 83 -21.48 0.65 85.20
C THR TA 83 -20.91 1.95 85.75
N ILE TA 84 -19.59 2.04 85.80
CA ILE TA 84 -18.88 3.28 86.12
C ILE TA 84 -17.61 3.33 85.29
N GLN TA 85 -17.21 4.53 84.90
CA GLN TA 85 -16.10 4.72 83.99
C GLN TA 85 -14.92 5.36 84.68
N PHE TA 86 -13.72 4.91 84.33
CA PHE TA 86 -12.49 5.48 84.84
C PHE TA 86 -11.66 6.02 83.69
N GLU TA 87 -10.95 7.12 83.94
CA GLU TA 87 -10.12 7.76 82.92
C GLU TA 87 -8.84 8.24 83.60
N VAL TA 88 -7.80 7.40 83.55
CA VAL TA 88 -6.54 7.69 84.21
C VAL TA 88 -5.47 7.90 83.17
N GLN TA 89 -4.61 8.89 83.40
CA GLN TA 89 -3.53 9.23 82.49
C GLN TA 89 -2.20 9.05 83.22
N GLN TA 90 -1.27 8.36 82.58
CA GLN TA 90 -0.04 7.96 83.27
C GLN TA 90 1.04 9.01 83.09
N PRO TA 91 1.75 9.36 84.16
CA PRO TA 91 2.87 10.29 84.02
C PRO TA 91 4.04 9.59 83.35
N MET TA 92 4.87 10.37 82.67
CA MET TA 92 5.95 9.82 81.88
C MET TA 92 7.26 10.54 82.19
N ILE TA 93 8.35 9.98 81.68
CA ILE TA 93 9.71 10.40 81.99
C ILE TA 93 10.47 10.54 80.67
N ALA TA 94 11.33 11.55 80.60
CA ALA TA 94 12.14 11.78 79.42
C ALA TA 94 13.60 11.46 79.74
N ARG TA 95 14.28 10.85 78.79
CA ARG TA 95 15.68 10.48 78.96
C ARG TA 95 16.26 10.10 77.62
N ASP TA 96 17.57 10.26 77.48
CA ASP TA 96 18.22 9.82 76.25
C ASP TA 96 18.05 8.31 76.08
N GLY TA 97 17.67 7.90 74.88
CA GLY TA 97 17.32 6.52 74.66
C GLY TA 97 17.56 6.04 73.26
N PRO TA 98 18.33 4.96 73.13
CA PRO TA 98 18.33 4.22 71.86
C PRO TA 98 16.97 3.65 71.58
N HIS TA 99 16.27 3.21 72.63
CA HIS TA 99 14.86 2.90 72.51
C HIS TA 99 14.11 4.16 72.08
N PRO TA 100 13.05 4.01 71.30
CA PRO TA 100 12.26 5.18 70.91
C PRO TA 100 11.65 5.84 72.15
N ALA TA 101 11.52 7.16 72.09
CA ALA TA 101 10.94 7.89 73.21
C ALA TA 101 9.46 7.61 73.32
N ASP TA 102 8.99 7.47 74.56
CA ASP TA 102 7.62 7.07 74.82
C ASP TA 102 6.69 8.27 74.87
N GLN TA 103 5.54 8.14 74.23
CA GLN TA 103 4.50 9.14 74.29
C GLN TA 103 3.64 8.93 75.51
N PRO TA 104 2.96 9.98 76.00
CA PRO TA 104 2.10 9.81 77.17
C PRO TA 104 0.85 9.02 76.81
N VAL TA 105 0.54 8.02 77.62
CA VAL TA 105 -0.49 7.04 77.29
C VAL TA 105 -1.69 7.24 78.21
N HIS TA 106 -2.88 7.30 77.62
CA HIS TA 106 -4.13 7.33 78.35
C HIS TA 106 -4.82 6.00 78.20
N ASN TA 107 -5.94 5.84 78.92
CA ASN TA 107 -6.77 4.64 78.81
C ASN TA 107 -8.08 4.89 79.54
N TYR TA 108 -8.99 3.94 79.42
CA TYR TA 108 -10.28 4.07 80.08
C TYR TA 108 -10.84 2.68 80.34
N MET TA 109 -11.36 2.48 81.55
CA MET TA 109 -11.91 1.20 81.95
C MET TA 109 -13.33 1.40 82.46
N ILE TA 110 -14.09 0.32 82.52
CA ILE TA 110 -15.41 0.33 83.14
C ILE TA 110 -15.57 -0.90 84.01
N LYS TA 111 -16.26 -0.74 85.13
CA LYS TA 111 -16.58 -1.84 86.03
C LYS TA 111 -18.09 -2.09 86.00
N ARG TA 112 -18.47 -3.35 86.19
CA ARG TA 112 -19.88 -3.69 86.23
C ARG TA 112 -20.40 -3.66 87.66
N LEU TA 113 -21.70 -3.87 87.81
CA LEU TA 113 -22.35 -3.86 89.11
C LEU TA 113 -22.76 -5.27 89.50
N ASP TA 114 -22.64 -5.59 90.78
CA ASP TA 114 -23.11 -6.85 91.32
C ASP TA 114 -24.33 -6.58 92.20
N ARG TA 115 -25.30 -7.48 92.17
CA ARG TA 115 -26.59 -7.27 92.81
C ARG TA 115 -26.92 -8.39 93.78
N ARG TA 116 -27.15 -8.04 95.03
CA ARG TA 116 -27.60 -8.95 96.07
C ARG TA 116 -29.00 -8.55 96.51
N SER TA 117 -29.57 -9.33 97.42
CA SER TA 117 -30.92 -9.03 97.92
C SER TA 117 -31.08 -9.68 99.29
N LEU TA 118 -31.11 -8.86 100.33
CA LEU TA 118 -31.34 -9.35 101.69
C LEU TA 118 -32.82 -9.62 101.88
N ASN TA 119 -33.15 -10.66 102.64
CA ASN TA 119 -34.54 -11.05 102.83
C ASN TA 119 -34.70 -11.79 104.14
N ALA TA 120 -35.43 -11.20 105.08
CA ALA TA 120 -35.82 -11.84 106.33
C ALA TA 120 -37.33 -11.83 106.45
N ALA TA 121 -37.87 -12.82 107.15
CA ALA TA 121 -39.30 -13.04 107.19
C ALA TA 121 -39.78 -13.29 108.61
N PHE TA 122 -41.04 -12.96 108.85
CA PHE TA 122 -41.69 -13.22 110.13
C PHE TA 122 -43.17 -13.46 109.88
N SER TA 123 -43.84 -14.02 110.88
CA SER TA 123 -45.25 -14.39 110.73
C SER TA 123 -45.98 -14.15 112.03
N ILE TA 124 -47.30 -14.00 111.93
CA ILE TA 124 -48.18 -13.87 113.08
C ILE TA 124 -49.25 -14.94 113.01
N ALA TA 125 -49.62 -15.47 114.17
CA ALA TA 125 -50.53 -16.60 114.22
C ALA TA 125 -51.96 -16.15 113.93
N VAL TA 126 -52.88 -17.11 113.91
CA VAL TA 126 -54.25 -16.84 113.49
C VAL TA 126 -55.11 -16.33 114.64
N GLU TA 127 -54.92 -16.87 115.84
CA GLU TA 127 -55.71 -16.41 116.98
C GLU TA 127 -55.49 -14.92 117.22
N ALA TA 128 -54.28 -14.44 117.03
CA ALA TA 128 -54.01 -13.01 117.20
C ALA TA 128 -54.48 -12.20 116.02
N LEU TA 129 -54.40 -12.79 114.82
CA LEU TA 129 -54.94 -12.14 113.64
C LEU TA 129 -56.43 -11.88 113.80
N GLY TA 130 -57.13 -12.74 114.54
CA GLY TA 130 -58.52 -12.48 114.83
C GLY TA 130 -58.71 -11.24 115.67
N LEU TA 131 -57.87 -11.07 116.69
CA LEU TA 131 -58.03 -9.93 117.59
C LEU TA 131 -57.65 -8.62 116.91
N ILE TA 132 -56.48 -8.59 116.26
CA ILE TA 132 -56.00 -7.34 115.69
C ILE TA 132 -56.99 -6.79 114.68
N SER TA 133 -57.54 -7.66 113.83
CA SER TA 133 -58.52 -7.20 112.85
C SER TA 133 -59.76 -6.64 113.53
N GLY TA 134 -60.27 -7.35 114.52
CA GLY TA 134 -61.50 -6.97 115.19
C GLY TA 134 -62.62 -7.97 115.04
N GLU TA 135 -62.43 -9.07 114.32
CA GLU TA 135 -63.49 -10.06 114.17
C GLU TA 135 -63.72 -10.80 115.48
N ASN TA 136 -62.67 -11.44 116.01
CA ASN TA 136 -62.79 -12.17 117.26
C ASN TA 136 -62.92 -11.25 118.47
N LEU TA 137 -62.77 -9.94 118.29
CA LEU TA 137 -62.92 -9.02 119.41
C LEU TA 137 -64.36 -9.02 119.90
N ASP TA 138 -64.54 -8.69 121.17
CA ASP TA 138 -65.85 -8.67 121.80
C ASP TA 138 -65.98 -7.40 122.61
N GLY TA 139 -67.22 -7.06 122.95
CA GLY TA 139 -67.45 -5.89 123.76
C GLY TA 139 -67.10 -6.06 125.22
N THR TA 140 -66.62 -7.24 125.60
CA THR TA 140 -66.38 -7.55 127.01
C THR TA 140 -65.12 -6.83 127.48
N HIS TA 141 -64.67 -7.20 128.68
CA HIS TA 141 -63.50 -6.61 129.28
C HIS TA 141 -62.28 -7.53 129.23
N ILE TA 142 -62.48 -8.80 128.96
CA ILE TA 142 -61.37 -9.76 128.95
C ILE TA 142 -60.72 -9.85 127.58
N SER TA 143 -61.41 -9.45 126.51
CA SER TA 143 -60.80 -9.48 125.18
C SER TA 143 -59.88 -8.30 124.95
N SER TA 144 -60.10 -7.18 125.62
CA SER TA 144 -59.18 -6.06 125.51
C SER TA 144 -57.78 -6.47 125.95
N ALA TA 145 -57.68 -7.23 127.05
CA ALA TA 145 -56.38 -7.64 127.54
C ALA TA 145 -55.65 -8.50 126.53
N MET TA 146 -56.34 -9.49 125.97
CA MET TA 146 -55.70 -10.36 124.98
C MET TA 146 -55.31 -9.57 123.73
N ARG TA 147 -56.14 -8.59 123.35
CA ARG TA 147 -55.77 -7.76 122.21
C ARG TA 147 -54.49 -6.99 122.49
N LEU TA 148 -54.39 -6.41 123.68
CA LEU TA 148 -53.17 -5.69 124.03
C LEU TA 148 -51.97 -6.61 123.99
N ARG TA 149 -52.12 -7.83 124.47
CA ARG TA 149 -50.99 -8.76 124.48
C ARG TA 149 -50.58 -9.14 123.06
N ALA TA 150 -51.55 -9.39 122.18
CA ALA TA 150 -51.20 -9.76 120.81
C ALA TA 150 -50.57 -8.60 120.07
N ILE TA 151 -51.07 -7.39 120.25
CA ILE TA 151 -50.49 -6.25 119.55
C ILE TA 151 -49.09 -5.97 120.09
N GLN TA 152 -48.86 -6.22 121.38
CA GLN TA 152 -47.51 -6.06 121.92
C GLN TA 152 -46.57 -7.11 121.35
N GLN TA 153 -47.06 -8.33 121.18
CA GLN TA 153 -46.25 -9.37 120.53
C GLN TA 153 -45.88 -8.95 119.11
N LEU TA 154 -46.84 -8.44 118.36
CA LEU TA 154 -46.54 -7.98 117.01
C LEU TA 154 -45.53 -6.84 117.03
N ALA TA 155 -45.64 -5.94 118.00
CA ALA TA 155 -44.70 -4.84 118.11
C ALA TA 155 -43.29 -5.36 118.31
N ARG TA 156 -43.10 -6.25 119.28
CA ARG TA 156 -41.76 -6.77 119.53
C ARG TA 156 -41.24 -7.56 118.33
N ASN TA 157 -42.12 -8.29 117.65
CA ASN TA 157 -41.69 -9.10 116.52
C ASN TA 157 -41.22 -8.22 115.36
N VAL TA 158 -42.01 -7.20 115.01
CA VAL TA 158 -41.60 -6.32 113.92
C VAL TA 158 -40.39 -5.50 114.33
N GLN TA 159 -40.25 -5.21 115.63
CA GLN TA 159 -39.05 -4.52 116.09
C GLN TA 159 -37.82 -5.36 115.85
N ALA TA 160 -37.91 -6.66 116.11
CA ALA TA 160 -36.75 -7.52 115.88
C ALA TA 160 -36.45 -7.67 114.41
N VAL TA 161 -37.47 -7.88 113.57
CA VAL TA 161 -37.17 -8.18 112.17
C VAL TA 161 -36.75 -6.93 111.42
N LEU TA 162 -37.34 -5.78 111.74
CA LEU TA 162 -36.97 -4.54 111.03
C LEU TA 162 -35.56 -4.11 111.37
N ASP TA 163 -35.05 -4.50 112.53
CA ASP TA 163 -33.68 -4.17 112.91
C ASP TA 163 -32.66 -5.13 112.31
N SER TA 164 -33.08 -6.34 111.95
CA SER TA 164 -32.14 -7.33 111.44
C SER TA 164 -31.39 -6.85 110.22
N PHE TA 165 -31.92 -5.87 109.49
CA PHE TA 165 -31.23 -5.42 108.29
C PHE TA 165 -29.98 -4.61 108.63
N GLU TA 166 -29.94 -3.99 109.80
CA GLU TA 166 -28.72 -3.31 110.22
C GLU TA 166 -27.56 -4.30 110.37
N ARG TA 167 -27.77 -5.34 111.17
CA ARG TA 167 -26.75 -6.38 111.26
C ARG TA 167 -26.53 -7.04 109.91
N GLY TA 168 -27.57 -7.18 109.11
CA GLY TA 168 -27.42 -7.81 107.81
C GLY TA 168 -26.45 -7.06 106.92
N THR TA 169 -26.60 -5.74 106.86
CA THR TA 169 -25.67 -4.97 106.03
C THR TA 169 -24.31 -4.88 106.66
N ALA TA 170 -24.23 -4.83 108.00
CA ALA TA 170 -22.93 -4.82 108.64
C ALA TA 170 -22.17 -6.13 108.43
N ASP TA 171 -22.88 -7.20 108.09
CA ASP TA 171 -22.24 -8.46 107.76
C ASP TA 171 -21.96 -8.59 106.28
N GLN TA 172 -22.86 -8.08 105.44
CA GLN TA 172 -22.61 -8.06 104.01
C GLN TA 172 -21.36 -7.28 103.68
N MET TA 173 -21.17 -6.14 104.35
CA MET TA 173 -19.98 -5.34 104.12
C MET TA 173 -18.72 -6.16 104.34
N LEU TA 174 -18.68 -6.93 105.43
CA LEU TA 174 -17.51 -7.77 105.69
C LEU TA 174 -17.37 -8.85 104.63
N ARG TA 175 -18.45 -9.57 104.35
CA ARG TA 175 -18.37 -10.69 103.43
C ARG TA 175 -18.00 -10.26 102.02
N VAL TA 176 -18.18 -8.98 101.68
CA VAL TA 176 -17.78 -8.52 100.36
C VAL TA 176 -16.41 -7.86 100.41
N LEU TA 177 -16.04 -7.29 101.55
CA LEU TA 177 -14.69 -6.72 101.66
C LEU TA 177 -13.64 -7.83 101.64
N MET TA 178 -13.87 -8.89 102.40
CA MET TA 178 -12.85 -9.91 102.51
C MET TA 178 -12.68 -10.71 101.22
N GLU TA 179 -13.67 -10.70 100.33
CA GLU TA 179 -13.54 -11.47 99.10
C GLU TA 179 -12.51 -10.85 98.15
N LYS TA 180 -12.18 -9.58 98.32
CA LYS TA 180 -11.24 -8.93 97.43
C LYS TA 180 -9.84 -8.81 97.99
N ALA TA 181 -9.70 -8.74 99.30
CA ALA TA 181 -8.40 -8.47 99.88
C ALA TA 181 -7.46 -9.62 99.62
N PRO TA 182 -6.37 -9.41 98.89
CA PRO TA 182 -5.37 -10.44 98.74
C PRO TA 182 -4.47 -10.46 99.96
N PRO TA 183 -3.92 -11.63 100.31
CA PRO TA 183 -3.11 -11.71 101.53
C PRO TA 183 -1.91 -10.79 101.44
N LEU TA 184 -1.44 -10.34 102.61
CA LEU TA 184 -0.36 -9.36 102.62
C LEU TA 184 0.94 -9.97 102.13
N SER TA 185 1.21 -11.22 102.51
CA SER TA 185 2.47 -11.85 102.14
C SER TA 185 2.72 -11.78 100.64
N LEU TA 186 1.69 -12.06 99.85
CA LEU TA 186 1.80 -12.01 98.40
C LEU TA 186 1.56 -10.62 97.83
N LEU TA 187 1.62 -9.58 98.64
CA LEU TA 187 1.32 -8.24 98.15
C LEU TA 187 2.50 -7.29 98.25
N ALA TA 188 3.11 -7.14 99.41
CA ALA TA 188 4.24 -6.22 99.54
C ALA TA 188 5.39 -6.58 98.62
N PRO TA 189 5.88 -7.82 98.58
CA PRO TA 189 6.97 -8.12 97.64
C PRO TA 189 6.48 -8.20 96.21
N PHE TA 190 5.23 -7.83 95.95
CA PHE TA 190 4.77 -7.62 94.60
C PHE TA 190 4.75 -6.15 94.23
N THR TA 191 4.29 -5.29 95.13
CA THR TA 191 4.34 -3.85 94.89
C THR TA 191 5.74 -3.29 95.01
N LEU TA 192 6.70 -4.11 95.42
CA LEU TA 192 8.09 -3.70 95.45
C LEU TA 192 8.78 -3.90 94.10
N TYR TA 193 8.19 -4.70 93.22
CA TYR TA 193 8.71 -4.96 91.88
C TYR TA 193 7.85 -4.28 90.82
N GLU TA 194 7.38 -3.07 91.11
CA GLU TA 194 6.50 -2.39 90.18
C GLU TA 194 7.28 -1.90 88.97
N GLY TA 195 6.59 -1.82 87.84
CA GLY TA 195 7.21 -1.37 86.61
C GLY TA 195 8.41 -2.18 86.17
N ARG TA 196 8.42 -3.47 86.49
CA ARG TA 196 9.53 -4.33 86.10
C ARG TA 196 9.12 -5.67 85.51
N LEU TA 197 7.90 -6.15 85.76
CA LEU TA 197 7.61 -7.52 85.33
C LEU TA 197 7.30 -7.57 83.84
N ALA TA 198 8.14 -6.91 83.04
CA ALA TA 198 8.03 -6.97 81.59
C ALA TA 198 8.91 -8.05 80.99
N ASP TA 199 10.15 -8.15 81.44
CA ASP TA 199 11.04 -9.20 81.00
C ASP TA 199 10.85 -10.45 81.85
N ARG TA 200 11.32 -11.58 81.33
CA ARG TA 200 11.07 -12.85 81.99
C ARG TA 200 11.90 -12.98 83.27
N VAL TA 201 13.09 -12.39 83.32
CA VAL TA 201 13.97 -12.61 84.46
C VAL TA 201 13.39 -12.02 85.73
N ALA TA 202 12.84 -10.82 85.66
CA ALA TA 202 12.28 -10.21 86.86
C ALA TA 202 11.04 -10.96 87.32
N CYS TA 203 10.18 -11.36 86.38
CA CYS TA 203 9.02 -12.16 86.73
C CYS TA 203 9.41 -13.54 87.26
N ALA TA 204 10.62 -13.99 86.99
CA ALA TA 204 11.11 -15.24 87.55
C ALA TA 204 11.74 -15.05 88.92
N ALA TA 205 12.29 -13.88 89.19
CA ALA TA 205 12.78 -13.60 90.53
C ALA TA 205 11.63 -13.33 91.49
N LEU TA 206 10.53 -12.77 90.98
CA LEU TA 206 9.40 -12.44 91.83
C LEU TA 206 8.83 -13.68 92.51
N VAL TA 207 8.65 -14.76 91.76
CA VAL TA 207 8.03 -15.94 92.32
C VAL TA 207 8.94 -16.59 93.36
N SER TA 208 10.24 -16.55 93.15
CA SER TA 208 11.15 -17.10 94.15
C SER TA 208 11.26 -16.19 95.36
N GLU TA 209 10.89 -14.91 95.22
CA GLU TA 209 10.77 -14.08 96.40
C GLU TA 209 9.51 -14.44 97.19
N LEU TA 210 8.39 -14.61 96.49
CA LEU TA 210 7.13 -14.91 97.16
C LEU TA 210 7.18 -16.26 97.86
N LYS TA 211 7.76 -17.27 97.21
CA LYS TA 211 7.85 -18.59 97.82
C LYS TA 211 8.51 -18.53 99.18
N ARG TA 212 9.51 -17.65 99.33
CA ARG TA 212 10.19 -17.55 100.62
C ARG TA 212 9.44 -16.64 101.56
N ARG TA 213 8.77 -15.61 101.05
CA ARG TA 213 8.06 -14.70 101.93
C ARG TA 213 6.88 -15.39 102.60
N VAL TA 214 6.19 -16.26 101.87
CA VAL TA 214 5.02 -16.93 102.42
C VAL TA 214 5.41 -17.82 103.60
N ARG TA 215 6.37 -18.70 103.39
CA ARG TA 215 6.63 -19.68 104.44
C ARG TA 215 7.37 -19.09 105.62
N ASP TA 216 7.57 -17.79 105.72
CA ASP TA 216 8.19 -17.20 106.90
C ASP TA 216 7.40 -16.07 107.53
N ASP TA 217 6.53 -15.40 106.77
CA ASP TA 217 5.77 -14.27 107.28
C ASP TA 217 4.30 -14.56 107.48
N THR TA 218 3.80 -15.69 106.97
CA THR TA 218 2.36 -15.96 106.97
C THR TA 218 1.75 -15.95 108.36
N PHE TA 219 2.55 -15.88 109.42
CA PHE TA 219 2.06 -15.62 110.75
C PHE TA 219 3.02 -14.67 111.45
N PHE TA 220 2.47 -13.68 112.14
CA PHE TA 220 3.24 -12.93 113.11
C PHE TA 220 2.48 -12.94 114.43
N LEU TA 221 3.15 -12.47 115.48
CA LEU TA 221 2.67 -12.51 116.86
C LEU TA 221 2.23 -13.91 117.28
N THR TA 222 2.58 -14.92 116.49
CA THR TA 222 2.60 -16.31 116.96
C THR TA 222 3.99 -16.91 116.84
N LYS TA 223 4.59 -16.82 115.66
CA LYS TA 223 6.00 -17.19 115.52
C LYS TA 223 6.88 -16.21 116.29
N HIS TA 224 6.79 -14.93 115.94
CA HIS TA 224 7.61 -13.89 116.55
C HIS TA 224 6.68 -12.94 117.31
N GLU TA 225 6.66 -13.08 118.62
CA GLU TA 225 5.75 -12.33 119.48
C GLU TA 225 6.44 -11.43 120.50
N ARG TA 226 7.65 -11.77 120.92
CA ARG TA 226 8.33 -10.96 121.92
C ARG TA 226 9.00 -9.74 121.30
N ASN TA 227 9.37 -9.81 120.03
CA ASN TA 227 9.97 -8.66 119.35
C ASN TA 227 8.88 -7.64 119.05
N LYS TA 228 8.66 -6.70 119.98
CA LYS TA 228 7.51 -5.82 119.89
C LYS TA 228 7.55 -4.97 118.62
N ASP TA 229 8.74 -4.56 118.19
CA ASP TA 229 8.81 -3.68 117.03
C ASP TA 229 8.54 -4.40 115.72
N ALA TA 230 8.77 -5.72 115.66
CA ALA TA 230 8.56 -6.44 114.42
C ALA TA 230 7.10 -6.44 114.02
N VAL TA 231 6.20 -6.70 114.97
CA VAL TA 231 4.78 -6.70 114.65
C VAL TA 231 4.31 -5.29 114.31
N LEU TA 232 4.88 -4.29 114.98
CA LEU TA 232 4.55 -2.91 114.64
C LEU TA 232 4.95 -2.59 113.21
N ASP TA 233 6.12 -3.05 112.78
CA ASP TA 233 6.56 -2.79 111.41
C ASP TA 233 5.69 -3.54 110.42
N ARG TA 234 5.26 -4.75 110.77
CA ARG TA 234 4.36 -5.48 109.86
C ARG TA 234 3.04 -4.75 109.71
N LEU TA 235 2.51 -4.20 110.80
CA LEU TA 235 1.28 -3.42 110.70
C LEU TA 235 1.49 -2.18 109.85
N SER TA 236 2.65 -1.53 109.99
CA SER TA 236 2.93 -0.38 109.16
C SER TA 236 2.98 -0.74 107.69
N ASP TA 237 3.61 -1.87 107.37
CA ASP TA 237 3.62 -2.34 105.98
C ASP TA 237 2.20 -2.61 105.50
N LEU TA 238 1.37 -3.21 106.36
CA LEU TA 238 0.01 -3.52 105.97
C LEU TA 238 -0.78 -2.26 105.66
N VAL TA 239 -0.60 -1.21 106.48
CA VAL TA 239 -1.36 0.01 106.26
C VAL TA 239 -0.85 0.76 105.04
N ASN TA 240 0.45 0.71 104.77
CA ASN TA 240 1.01 1.45 103.64
C ASN TA 240 1.17 0.58 102.39
N CYS TA 241 0.54 -0.59 102.35
CA CYS TA 241 0.66 -1.44 101.18
C CYS TA 241 -0.39 -1.15 100.13
N THR TA 242 -1.52 -0.58 100.50
CA THR TA 242 -2.57 -0.27 99.55
C THR TA 242 -2.61 1.22 99.23
N ALA TA 243 -3.42 1.58 98.24
CA ALA TA 243 -3.50 2.94 97.76
C ALA TA 243 -4.90 3.49 97.96
N PRO TA 244 -5.04 4.80 98.15
CA PRO TA 244 -6.38 5.36 98.39
C PRO TA 244 -7.28 5.28 97.17
N SER TA 245 -8.50 5.77 97.31
CA SER TA 245 -9.48 5.74 96.24
C SER TA 245 -10.01 7.14 95.97
N VAL TA 246 -11.09 7.24 95.20
CA VAL TA 246 -11.66 8.55 94.90
C VAL TA 246 -12.00 9.28 96.19
N ALA TA 247 -12.03 10.60 96.12
CA ALA TA 247 -12.19 11.46 97.29
C ALA TA 247 -13.52 12.19 97.19
N VAL TA 248 -14.49 11.74 97.98
CA VAL TA 248 -15.78 12.41 98.07
C VAL TA 248 -15.75 13.34 99.28
N ALA TA 249 -16.30 14.53 99.12
CA ALA TA 249 -16.36 15.50 100.20
C ALA TA 249 -17.55 15.29 101.10
N ARG TA 250 -18.11 14.09 101.10
CA ARG TA 250 -19.32 13.79 101.84
C ARG TA 250 -19.07 12.93 103.06
N MET TA 251 -17.89 12.34 103.20
CA MET TA 251 -17.62 11.48 104.35
C MET TA 251 -17.35 12.29 105.61
N THR TA 252 -16.31 13.12 105.58
CA THR TA 252 -15.93 13.95 106.72
C THR TA 252 -15.74 13.12 107.99
N HIS TA 253 -15.40 11.85 107.84
CA HIS TA 253 -15.10 11.02 108.99
C HIS TA 253 -13.86 11.55 109.69
N ALA TA 254 -14.03 12.19 110.84
CA ALA TA 254 -12.95 12.92 111.48
C ALA TA 254 -12.90 12.61 112.95
N ASP TA 255 -11.68 12.63 113.50
CA ASP TA 255 -11.51 12.54 114.93
C ASP TA 255 -12.06 13.81 115.59
N THR TA 256 -12.01 13.84 116.92
CA THR TA 256 -12.60 14.95 117.64
C THR TA 256 -11.82 16.24 117.51
N GLN TA 257 -10.58 16.20 117.01
CA GLN TA 257 -9.73 17.38 116.93
C GLN TA 257 -9.41 17.77 115.50
N GLY TA 258 -8.80 16.87 114.73
CA GLY TA 258 -8.16 17.26 113.50
C GLY TA 258 -8.42 16.40 112.28
N ARG TA 259 -7.35 15.86 111.72
CA ARG TA 259 -7.31 15.16 110.44
C ARG TA 259 -8.37 14.08 110.36
N PRO TA 260 -8.88 13.79 109.17
CA PRO TA 260 -9.84 12.71 109.01
C PRO TA 260 -9.17 11.35 109.14
N VAL TA 261 -10.00 10.34 109.39
CA VAL TA 261 -9.52 8.96 109.46
C VAL TA 261 -9.30 8.45 108.05
N ASP TA 262 -8.63 7.31 107.92
CA ASP TA 262 -8.29 6.78 106.61
C ASP TA 262 -8.73 5.35 106.38
N GLY TA 263 -8.92 4.54 107.41
CA GLY TA 263 -9.40 3.19 107.18
C GLY TA 263 -9.78 2.54 108.49
N VAL TA 264 -10.30 1.33 108.37
CA VAL TA 264 -10.64 0.52 109.52
C VAL TA 264 -9.61 -0.59 109.66
N LEU TA 265 -9.37 -1.00 110.90
CA LEU TA 265 -8.63 -2.22 111.19
C LEU TA 265 -9.60 -3.15 111.88
N VAL TA 266 -10.40 -3.86 111.09
CA VAL TA 266 -11.36 -4.79 111.66
C VAL TA 266 -10.65 -6.11 111.94
N THR TA 267 -10.86 -6.67 113.12
CA THR TA 267 -10.13 -7.85 113.53
C THR TA 267 -10.98 -8.65 114.50
N THR TA 268 -10.46 -9.82 114.88
CA THR TA 268 -11.11 -10.59 115.93
C THR TA 268 -10.86 -9.94 117.29
N ALA TA 269 -11.54 -10.45 118.31
CA ALA TA 269 -11.48 -9.81 119.61
C ALA TA 269 -10.16 -10.11 120.32
N GLY TA 270 -9.73 -11.36 120.31
CA GLY TA 270 -8.52 -11.72 121.02
C GLY TA 270 -7.29 -10.98 120.53
N VAL TA 271 -7.16 -10.85 119.21
CA VAL TA 271 -6.01 -10.16 118.65
C VAL TA 271 -6.02 -8.69 119.06
N ARG TA 272 -7.20 -8.06 119.05
CA ARG TA 272 -7.28 -6.66 119.47
C ARG TA 272 -6.90 -6.52 120.93
N GLN TA 273 -7.37 -7.43 121.79
CA GLN TA 273 -7.00 -7.37 123.19
C GLN TA 273 -5.49 -7.52 123.36
N ARG TA 274 -4.88 -8.41 122.58
CA ARG TA 274 -3.43 -8.58 122.66
C ARG TA 274 -2.71 -7.33 122.21
N LEU TA 275 -3.20 -6.68 121.15
CA LEU TA 275 -2.50 -5.51 120.63
C LEU TA 275 -2.61 -4.34 121.59
N LEU TA 276 -3.82 -3.99 122.02
CA LEU TA 276 -4.07 -2.71 122.65
C LEU TA 276 -3.36 -2.51 123.97
N HIS TA 277 -2.56 -3.47 124.44
CA HIS TA 277 -1.88 -3.31 125.71
C HIS TA 277 -0.37 -3.26 125.62
N HIS TA 278 0.21 -3.66 124.48
CA HIS TA 278 1.66 -3.80 124.43
C HIS TA 278 2.25 -3.08 123.22
N VAL TA 279 1.49 -2.98 122.13
CA VAL TA 279 2.03 -2.45 120.89
C VAL TA 279 1.34 -1.18 120.42
N LEU TA 280 0.12 -0.87 120.86
CA LEU TA 280 -0.60 0.28 120.36
C LEU TA 280 -1.28 1.01 121.50
N THR TA 281 -1.45 2.31 121.33
CA THR TA 281 -2.11 3.16 122.32
C THR TA 281 -3.19 3.99 121.63
N LEU TA 282 -4.28 4.22 122.34
CA LEU TA 282 -5.42 4.94 121.77
C LEU TA 282 -5.03 6.39 121.50
N ALA TA 283 -5.01 6.78 120.22
CA ALA TA 283 -4.79 8.18 119.89
C ALA TA 283 -5.96 9.04 120.34
N ASP TA 284 -7.16 8.48 120.37
CA ASP TA 284 -8.35 9.16 120.87
C ASP TA 284 -9.46 8.12 121.02
N THR TA 285 -10.49 8.50 121.78
CA THR TA 285 -11.58 7.59 122.10
C THR TA 285 -12.93 8.13 121.64
N HIS TA 286 -12.95 9.08 120.71
CA HIS TA 286 -14.20 9.62 120.20
C HIS TA 286 -13.99 10.01 118.74
N ALA TA 287 -15.08 10.26 118.04
CA ALA TA 287 -15.02 10.56 116.62
C ALA TA 287 -16.15 11.51 116.26
N ASP TA 288 -16.30 11.77 114.97
CA ASP TA 288 -17.35 12.65 114.48
C ASP TA 288 -17.80 12.10 113.13
N VAL TA 289 -18.82 11.27 113.14
CA VAL TA 289 -19.23 10.57 111.93
C VAL TA 289 -20.47 11.25 111.35
N PRO TA 290 -20.71 11.15 110.05
CA PRO TA 290 -21.97 11.65 109.50
C PRO TA 290 -23.15 10.88 110.06
N VAL TA 291 -24.35 11.33 109.69
CA VAL TA 291 -25.56 10.78 110.31
C VAL TA 291 -26.57 10.37 109.24
N THR TA 292 -26.36 10.77 108.00
CA THR TA 292 -27.33 10.54 106.95
C THR TA 292 -26.68 9.81 105.77
N TYR TA 293 -27.43 9.71 104.69
CA TYR TA 293 -27.05 8.96 103.50
C TYR TA 293 -26.90 9.92 102.31
N GLY TA 294 -26.71 9.34 101.13
CA GLY TA 294 -26.70 10.07 99.89
C GLY TA 294 -27.93 9.70 99.07
N GLU TA 295 -28.58 10.69 98.50
CA GLU TA 295 -29.81 10.47 97.75
C GLU TA 295 -29.52 10.57 96.25
N MET TA 296 -30.08 9.64 95.49
CA MET TA 296 -29.94 9.61 94.04
C MET TA 296 -31.31 9.28 93.47
N VAL TA 297 -32.01 10.29 92.98
CA VAL TA 297 -33.37 10.14 92.48
C VAL TA 297 -33.41 10.60 91.04
N ILE TA 298 -34.14 9.86 90.22
CA ILE TA 298 -34.31 10.21 88.81
C ILE TA 298 -35.37 11.29 88.70
N ALA TA 299 -34.97 12.47 88.23
CA ALA TA 299 -35.90 13.58 88.21
C ALA TA 299 -35.47 14.64 87.21
N ASN TA 300 -36.42 15.04 86.36
CA ASN TA 300 -36.47 16.35 85.71
C ASN TA 300 -35.44 16.54 84.60
N THR TA 301 -34.45 15.66 84.48
CA THR TA 301 -33.70 15.63 83.24
C THR TA 301 -33.49 14.20 82.79
N ASN TA 302 -33.23 13.32 83.76
CA ASN TA 302 -33.09 11.91 83.47
C ASN TA 302 -34.44 11.26 83.19
N LEU TA 303 -35.53 11.91 83.60
CA LEU TA 303 -36.83 11.28 83.47
C LEU TA 303 -37.19 11.04 82.01
N VAL TA 304 -37.08 12.08 81.18
CA VAL TA 304 -37.54 11.96 79.81
C VAL TA 304 -36.70 10.94 79.06
N THR TA 305 -35.38 10.92 79.30
CA THR TA 305 -34.54 9.99 78.56
C THR TA 305 -34.70 8.57 79.08
N ALA TA 306 -34.87 8.41 80.40
CA ALA TA 306 -35.13 7.09 80.96
C ALA TA 306 -36.46 6.54 80.48
N LEU TA 307 -37.39 7.41 80.13
CA LEU TA 307 -38.69 6.95 79.67
C LEU TA 307 -38.72 6.65 78.18
N VAL TA 308 -38.07 7.46 77.35
CA VAL TA 308 -38.24 7.29 75.91
C VAL TA 308 -37.09 6.53 75.29
N MET TA 309 -35.88 6.70 75.80
CA MET TA 309 -34.71 6.07 75.20
C MET TA 309 -34.32 4.79 75.94
N GLY TA 310 -34.05 4.90 77.24
CA GLY TA 310 -33.75 3.72 78.02
C GLY TA 310 -32.44 3.77 78.76
N LYS TA 311 -31.88 4.96 78.94
CA LYS TA 311 -30.69 5.11 79.75
C LYS TA 311 -30.82 6.38 80.59
N ALA TA 312 -29.96 6.50 81.61
CA ALA TA 312 -29.97 7.68 82.46
C ALA TA 312 -28.61 7.79 83.13
N VAL TA 313 -27.84 8.80 82.77
CA VAL TA 313 -26.55 9.02 83.40
C VAL TA 313 -26.76 9.60 84.79
N SER TA 314 -25.77 9.39 85.66
CA SER TA 314 -25.89 9.82 87.06
C SER TA 314 -26.08 11.32 87.16
N ASN TA 315 -25.07 12.09 86.75
CA ASN TA 315 -25.11 13.55 86.86
C ASN TA 315 -25.43 14.13 85.50
N MET TA 316 -26.70 14.11 85.13
CA MET TA 316 -27.09 14.71 83.87
C MET TA 316 -27.30 16.21 83.99
N ASP TA 317 -27.60 16.70 85.19
CA ASP TA 317 -27.77 18.13 85.38
C ASP TA 317 -26.49 18.88 85.07
N ASP TA 318 -25.35 18.33 85.47
CA ASP TA 318 -24.08 19.02 85.23
C ASP TA 318 -23.68 18.94 83.76
N VAL TA 319 -23.93 17.80 83.12
CA VAL TA 319 -23.68 17.71 81.68
C VAL TA 319 -24.56 18.70 80.93
N ALA TA 320 -25.78 18.91 81.41
CA ALA TA 320 -26.66 19.89 80.79
C ALA TA 320 -26.16 21.30 81.01
N ARG TA 321 -25.70 21.60 82.22
CA ARG TA 321 -25.14 22.92 82.51
C ARG TA 321 -23.90 23.18 81.67
N TYR TA 322 -23.14 22.13 81.34
CA TYR TA 322 -21.88 22.31 80.63
C TYR TA 322 -22.09 22.41 79.13
N LEU TA 323 -22.73 21.38 78.55
CA LEU TA 323 -22.72 21.22 77.10
C LEU TA 323 -23.31 22.44 76.41
N LEU TA 324 -24.54 22.81 76.77
CA LEU TA 324 -25.07 24.10 76.38
C LEU TA 324 -24.70 25.11 77.46
N GLY TA 325 -25.15 26.36 77.29
CA GLY TA 325 -24.82 27.38 78.25
C GLY TA 325 -25.50 27.24 79.59
N GLY TA 326 -26.81 27.44 79.62
CA GLY TA 326 -27.56 27.42 80.87
C GLY TA 326 -28.01 28.80 81.30
N GLY TA 337 -25.24 16.13 107.88
CA GLY TA 337 -25.16 16.75 109.19
C GLY TA 337 -23.86 16.43 109.91
N SER TA 338 -23.98 16.02 111.17
CA SER TA 338 -22.83 15.59 111.97
C SER TA 338 -23.35 14.85 113.18
N ALA TA 339 -22.43 14.28 113.94
CA ALA TA 339 -22.76 13.51 115.14
C ALA TA 339 -21.49 13.34 115.94
N ARG TA 340 -21.55 12.53 116.99
CA ARG TA 340 -20.38 12.20 117.80
C ARG TA 340 -20.63 10.85 118.45
N VAL TA 341 -19.69 9.92 118.26
CA VAL TA 341 -19.86 8.55 118.71
C VAL TA 341 -18.54 8.10 119.32
N ARG TA 342 -18.61 7.08 120.16
CA ARG TA 342 -17.43 6.53 120.81
C ARG TA 342 -16.85 5.40 119.97
N ALA TA 343 -15.57 5.50 119.64
CA ALA TA 343 -14.87 4.47 118.91
C ALA TA 343 -13.42 4.45 119.39
N ASP TA 344 -12.59 3.63 118.75
CA ASP TA 344 -11.19 3.49 119.11
C ASP TA 344 -10.35 3.94 117.93
N LEU TA 345 -9.64 5.06 118.08
CA LEU TA 345 -8.82 5.62 117.01
C LEU TA 345 -7.36 5.50 117.41
N VAL TA 346 -6.61 4.68 116.69
CA VAL TA 346 -5.18 4.53 116.90
C VAL TA 346 -4.45 5.19 115.74
N VAL TA 347 -3.14 5.27 115.84
CA VAL TA 347 -2.30 5.83 114.79
C VAL TA 347 -1.20 4.83 114.47
N VAL TA 348 -1.08 4.49 113.18
CA VAL TA 348 -0.09 3.52 112.71
C VAL TA 348 0.60 4.14 111.50
N GLY TA 349 1.92 3.93 111.41
CA GLY TA 349 2.69 4.59 110.39
C GLY TA 349 2.53 6.08 110.50
N ASP TA 350 1.85 6.69 109.53
CA ASP TA 350 1.51 8.10 109.60
C ASP TA 350 0.03 8.33 109.37
N ARG TA 351 -0.79 7.30 109.60
CA ARG TA 351 -2.22 7.39 109.36
C ARG TA 351 -2.97 7.18 110.66
N LEU TA 352 -4.14 7.81 110.75
CA LEU TA 352 -5.05 7.62 111.87
C LEU TA 352 -6.19 6.73 111.41
N VAL TA 353 -6.29 5.54 111.98
CA VAL TA 353 -7.25 4.55 111.50
C VAL TA 353 -8.18 4.16 112.62
N PHE TA 354 -9.40 3.78 112.25
CA PHE TA 354 -10.32 3.15 113.18
C PHE TA 354 -9.77 1.79 113.60
N LEU TA 355 -10.33 1.25 114.68
CA LEU TA 355 -9.93 -0.07 115.14
C LEU TA 355 -11.15 -0.67 115.83
N GLU TA 356 -11.79 -1.63 115.18
CA GLU TA 356 -13.06 -2.16 115.66
C GLU TA 356 -13.06 -3.68 115.54
N ALA TA 357 -13.53 -4.33 116.60
CA ALA TA 357 -13.83 -5.76 116.58
C ALA TA 357 -15.32 -5.94 116.82
N LEU TA 358 -15.98 -6.67 115.93
CA LEU TA 358 -17.45 -6.75 115.92
C LEU TA 358 -17.96 -8.05 116.50
N GLU TA 359 -17.34 -8.55 117.57
CA GLU TA 359 -17.88 -9.74 118.22
C GLU TA 359 -19.05 -9.42 119.13
N LYS TA 360 -19.03 -8.24 119.76
CA LYS TA 360 -20.06 -7.91 120.74
C LYS TA 360 -21.27 -7.25 120.11
N ARG TA 361 -21.05 -6.25 119.24
CA ARG TA 361 -22.18 -5.53 118.66
C ARG TA 361 -22.97 -6.42 117.72
N VAL TA 362 -22.29 -7.15 116.83
CA VAL TA 362 -22.92 -8.04 115.88
C VAL TA 362 -22.40 -9.45 116.15
N TYR TA 363 -23.16 -10.44 115.69
CA TYR TA 363 -22.82 -11.85 115.74
C TYR TA 363 -22.92 -12.45 117.12
N GLN TA 364 -23.16 -11.65 118.16
CA GLN TA 364 -23.27 -12.20 119.50
C GLN TA 364 -24.63 -12.83 119.68
N ALA TA 365 -24.65 -14.07 120.17
CA ALA TA 365 -25.89 -14.80 120.42
C ALA TA 365 -26.71 -14.94 119.14
N THR TA 366 -26.13 -15.62 118.17
CA THR TA 366 -26.82 -16.07 116.96
C THR TA 366 -25.93 -17.08 116.27
N GLN TA 367 -26.55 -17.95 115.48
CA GLN TA 367 -25.83 -19.09 114.94
C GLN TA 367 -24.82 -18.73 113.86
N VAL TA 368 -24.88 -17.52 113.33
CA VAL TA 368 -24.02 -17.19 112.18
C VAL TA 368 -22.56 -17.15 112.62
N PRO TA 369 -21.63 -17.60 111.82
CA PRO TA 369 -20.21 -17.53 112.21
C PRO TA 369 -19.56 -16.22 111.80
N TYR TA 370 -18.55 -15.84 112.58
CA TYR TA 370 -17.82 -14.62 112.30
C TYR TA 370 -16.99 -14.79 111.04
N PRO TA 371 -17.08 -13.87 110.09
CA PRO TA 371 -16.44 -14.07 108.78
C PRO TA 371 -14.96 -13.74 108.74
N LEU TA 372 -14.30 -13.49 109.87
CA LEU TA 372 -12.87 -13.19 109.86
C LEU TA 372 -12.04 -14.29 110.49
N VAL TA 373 -12.59 -15.47 110.67
CA VAL TA 373 -11.81 -16.63 111.11
C VAL TA 373 -11.55 -17.44 109.84
N GLY TA 374 -10.44 -17.14 109.18
CA GLY TA 374 -10.14 -17.75 107.91
C GLY TA 374 -9.61 -19.16 108.03
N ASN TA 375 -9.54 -19.84 106.90
CA ASN TA 375 -9.09 -21.23 106.84
C ASN TA 375 -7.87 -21.29 105.93
N LEU TA 376 -6.68 -21.40 106.52
CA LEU TA 376 -5.50 -21.67 105.74
C LEU TA 376 -5.53 -23.11 105.26
N ASP TA 377 -4.83 -23.38 104.17
CA ASP TA 377 -4.92 -24.69 103.53
C ASP TA 377 -3.57 -25.03 102.90
N VAL TA 378 -2.84 -25.96 103.52
CA VAL TA 378 -1.56 -26.41 103.03
C VAL TA 378 -1.67 -27.89 102.69
N THR TA 379 -0.64 -28.42 102.04
CA THR TA 379 -0.60 -29.83 101.69
C THR TA 379 0.80 -30.37 101.91
N PHE TA 380 0.88 -31.59 102.43
CA PHE TA 380 2.15 -32.18 102.83
C PHE TA 380 2.49 -33.36 101.94
N VAL TA 381 3.76 -33.73 101.92
CA VAL TA 381 4.23 -34.84 101.11
C VAL TA 381 5.49 -35.41 101.76
N MET TA 382 5.58 -36.73 101.79
CA MET TA 382 6.70 -37.38 102.42
C MET TA 382 7.01 -38.67 101.67
N PRO TA 383 8.27 -38.95 101.40
CA PRO TA 383 8.62 -40.14 100.62
C PRO TA 383 8.50 -41.39 101.47
N LEU TA 384 8.03 -42.48 100.86
CA LEU TA 384 7.68 -43.65 101.64
C LEU TA 384 8.82 -44.63 101.78
N GLY TA 385 9.32 -45.17 100.67
CA GLY TA 385 10.30 -46.23 100.76
C GLY TA 385 11.54 -46.03 99.93
N VAL TA 386 11.98 -44.78 99.76
CA VAL TA 386 13.16 -44.53 98.95
C VAL TA 386 14.37 -45.17 99.61
N PHE TA 387 15.42 -45.34 98.80
CA PHE TA 387 16.63 -46.02 99.22
C PHE TA 387 17.83 -45.20 98.77
N LYS TA 388 18.51 -44.58 99.71
CA LYS TA 388 19.62 -43.70 99.38
C LYS TA 388 20.76 -44.48 98.77
N PRO TA 389 21.48 -43.89 97.81
CA PRO TA 389 22.58 -44.60 97.14
C PRO TA 389 23.67 -44.99 98.14
N ALA TA 390 24.59 -45.83 97.67
CA ALA TA 390 25.52 -46.49 98.57
C ALA TA 390 26.51 -45.51 99.20
N ALA TA 391 26.81 -44.41 98.52
CA ALA TA 391 27.75 -43.44 99.06
C ALA TA 391 27.14 -42.57 100.16
N ASP TA 392 25.87 -42.78 100.50
CA ASP TA 392 25.21 -41.97 101.52
C ASP TA 392 24.62 -42.82 102.63
N ARG TA 393 25.10 -44.04 102.81
CA ARG TA 393 24.69 -44.91 103.91
C ARG TA 393 25.86 -44.95 104.89
N TYR TA 394 25.86 -44.03 105.84
CA TYR TA 394 26.98 -43.88 106.76
C TYR TA 394 26.45 -43.48 108.11
N ALA TA 395 27.05 -44.03 109.17
CA ALA TA 395 26.69 -43.64 110.52
C ALA TA 395 27.45 -42.38 110.91
N ARG TA 396 26.75 -41.40 111.46
CA ARG TA 396 27.37 -40.12 111.74
C ARG TA 396 28.50 -40.25 112.76
N HIS TA 397 28.24 -40.92 113.87
CA HIS TA 397 29.25 -41.20 114.86
C HIS TA 397 29.61 -42.67 114.83
N ALA TA 398 30.59 -43.04 115.66
CA ALA TA 398 30.99 -44.44 115.73
C ALA TA 398 29.97 -45.26 116.49
N GLY TA 399 29.47 -44.73 117.60
CA GLY TA 399 28.46 -45.45 118.36
C GLY TA 399 27.09 -45.16 117.82
N SER TA 400 26.62 -46.04 116.95
CA SER TA 400 25.32 -45.88 116.31
C SER TA 400 24.23 -46.25 117.31
N PHE TA 401 23.01 -46.35 116.83
CA PHE TA 401 21.96 -46.90 117.69
C PHE TA 401 22.23 -48.40 117.79
N ALA TA 402 23.24 -48.76 118.57
CA ALA TA 402 23.76 -50.11 118.55
C ALA TA 402 22.66 -51.11 118.89
N PRO TA 403 22.56 -52.21 118.16
CA PRO TA 403 21.49 -53.17 118.39
C PRO TA 403 21.83 -54.07 119.57
N THR TA 404 20.91 -54.98 119.86
CA THR TA 404 21.16 -55.98 120.88
C THR TA 404 22.35 -56.84 120.48
N PRO TA 405 23.32 -57.05 121.37
CA PRO TA 405 24.48 -57.87 121.01
C PRO TA 405 24.06 -59.25 120.57
N GLY TA 406 24.75 -59.76 119.55
CA GLY TA 406 24.44 -61.08 119.03
C GLY TA 406 23.23 -61.16 118.14
N LEU TA 407 22.75 -60.04 117.61
CA LEU TA 407 21.59 -60.02 116.74
C LEU TA 407 21.84 -59.09 115.57
N PRO TA 408 21.27 -59.38 114.40
CA PRO TA 408 21.56 -58.57 113.22
C PRO TA 408 21.02 -57.16 113.36
N ASP TA 409 21.65 -56.24 112.64
CA ASP TA 409 21.27 -54.83 112.74
C ASP TA 409 20.07 -54.56 111.85
N PRO TA 410 18.95 -54.11 112.40
CA PRO TA 410 17.77 -53.86 111.57
C PRO TA 410 17.74 -52.47 110.98
N ARG TA 411 18.89 -51.78 110.96
CA ARG TA 411 18.98 -50.47 110.35
C ARG TA 411 19.51 -50.49 108.93
N THR TA 412 20.33 -51.45 108.59
CA THR TA 412 20.92 -51.43 107.26
C THR TA 412 19.99 -51.90 106.16
N HIS TA 413 18.69 -52.02 106.40
CA HIS TA 413 17.78 -52.58 105.42
C HIS TA 413 16.91 -51.49 104.82
N PRO TA 414 16.39 -51.69 103.61
CA PRO TA 414 15.54 -50.67 102.99
C PRO TA 414 14.32 -50.41 103.85
N PRO TA 415 13.99 -49.15 104.09
CA PRO TA 415 12.87 -48.84 104.97
C PRO TA 415 11.55 -49.11 104.29
N ARG TA 416 10.54 -49.41 105.10
CA ARG TA 416 9.22 -49.72 104.57
C ARG TA 416 8.11 -49.06 105.38
N ALA TA 417 8.35 -47.84 105.87
CA ALA TA 417 7.38 -47.11 106.67
C ALA TA 417 7.86 -45.68 106.81
N VAL TA 418 6.98 -44.81 107.31
CA VAL TA 418 7.34 -43.47 107.72
C VAL TA 418 6.58 -43.15 108.99
N HIS TA 419 7.26 -42.54 109.95
CA HIS TA 419 6.68 -42.21 111.25
C HIS TA 419 6.63 -40.70 111.37
N PHE TA 420 5.42 -40.16 111.51
CA PHE TA 420 5.26 -38.72 111.69
C PHE TA 420 4.37 -38.46 112.90
N PHE TA 421 4.03 -37.20 113.11
CA PHE TA 421 3.32 -36.78 114.31
C PHE TA 421 1.91 -36.32 113.97
N ASN TA 422 1.01 -36.50 114.92
CA ASN TA 422 -0.39 -36.16 114.77
C ASN TA 422 -0.58 -34.69 115.10
N LYS TA 423 -1.84 -34.26 115.23
CA LYS TA 423 -2.11 -32.91 115.67
C LYS TA 423 -1.86 -32.75 117.16
N ASP TA 424 -2.32 -33.71 117.96
CA ASP TA 424 -2.09 -33.63 119.40
C ASP TA 424 -0.62 -33.83 119.73
N GLY TA 425 0.02 -34.82 119.13
CA GLY TA 425 1.40 -35.13 119.42
C GLY TA 425 1.66 -36.62 119.42
N VAL TA 426 0.60 -37.41 119.33
CA VAL TA 426 0.75 -38.86 119.30
C VAL TA 426 1.37 -39.23 117.97
N PRO TA 427 2.19 -40.29 117.91
CA PRO TA 427 2.74 -40.71 116.63
C PRO TA 427 1.77 -41.56 115.84
N CYS TA 428 1.87 -41.46 114.52
CA CYS TA 428 0.99 -42.20 113.61
C CYS TA 428 1.78 -42.57 112.38
N HIS TA 429 1.94 -43.87 112.14
CA HIS TA 429 2.78 -44.38 111.09
C HIS TA 429 1.98 -44.71 109.84
N VAL TA 430 2.62 -44.61 108.69
CA VAL TA 430 2.09 -45.08 107.42
C VAL TA 430 3.02 -46.15 106.88
N THR TA 431 2.46 -47.24 106.38
CA THR TA 431 3.25 -48.33 105.84
C THR TA 431 2.62 -48.80 104.54
N PHE TA 432 3.28 -49.77 103.89
CA PHE TA 432 2.84 -50.21 102.57
C PHE TA 432 1.42 -50.75 102.60
N GLU TA 433 1.05 -51.44 103.69
CA GLU TA 433 -0.28 -52.04 103.78
C GLU TA 433 -1.39 -51.02 103.63
N HIS TA 434 -1.10 -49.74 103.82
CA HIS TA 434 -2.10 -48.70 103.61
C HIS TA 434 -2.19 -48.26 102.17
N ALA TA 435 -1.47 -48.92 101.25
CA ALA TA 435 -1.56 -48.60 99.84
C ALA TA 435 -2.39 -49.61 99.06
N MET TA 436 -2.79 -50.72 99.69
CA MET TA 436 -3.59 -51.71 99.00
C MET TA 436 -4.83 -51.10 98.37
N GLY TA 437 -5.39 -50.07 98.99
CA GLY TA 437 -6.53 -49.39 98.41
C GLY TA 437 -6.26 -48.76 97.06
N THR TA 438 -5.01 -48.69 96.63
CA THR TA 438 -4.66 -48.14 95.33
C THR TA 438 -3.99 -49.15 94.42
N LEU TA 439 -3.11 -50.00 94.94
CA LEU TA 439 -2.39 -50.96 94.14
C LEU TA 439 -3.08 -52.31 94.08
N CYS TA 440 -4.35 -52.39 94.50
CA CYS TA 440 -5.15 -53.60 94.35
C CYS TA 440 -6.46 -53.15 93.72
N HIS TA 441 -6.45 -53.03 92.41
CA HIS TA 441 -7.61 -52.52 91.69
C HIS TA 441 -7.37 -52.71 90.20
N PRO TA 442 -8.40 -53.02 89.42
CA PRO TA 442 -8.19 -53.19 87.99
C PRO TA 442 -7.65 -51.95 87.30
N SER TA 443 -7.78 -50.77 87.91
CA SER TA 443 -7.21 -49.57 87.30
C SER TA 443 -5.70 -49.65 87.20
N PHE TA 444 -5.07 -50.51 88.00
CA PHE TA 444 -3.63 -50.70 87.91
C PHE TA 444 -3.22 -51.31 86.58
N LEU TA 445 -4.15 -51.90 85.85
CA LEU TA 445 -3.87 -52.56 84.59
C LEU TA 445 -4.72 -51.97 83.46
N ASP TA 446 -4.79 -50.65 83.39
CA ASP TA 446 -5.56 -49.97 82.36
C ASP TA 446 -4.59 -49.32 81.38
N VAL TA 447 -4.54 -49.84 80.15
CA VAL TA 447 -3.63 -49.35 79.14
C VAL TA 447 -4.33 -49.04 77.82
N ASP TA 448 -5.63 -49.26 77.72
CA ASP TA 448 -6.32 -48.99 76.46
C ASP TA 448 -6.44 -47.51 76.15
N ALA TA 449 -6.06 -46.64 77.08
CA ALA TA 449 -5.96 -45.22 76.79
C ALA TA 449 -4.56 -44.84 76.34
N THR TA 450 -3.56 -45.32 77.07
CA THR TA 450 -2.18 -45.05 76.69
C THR TA 450 -1.89 -45.54 75.27
N LEU TA 451 -2.27 -46.78 74.97
CA LEU TA 451 -2.02 -47.32 73.65
C LEU TA 451 -2.80 -46.56 72.59
N ALA TA 452 -4.09 -46.33 72.81
CA ALA TA 452 -4.91 -45.62 71.84
C ALA TA 452 -4.41 -44.20 71.61
N ALA TA 453 -3.66 -43.64 72.56
CA ALA TA 453 -3.09 -42.31 72.35
C ALA TA 453 -1.73 -42.37 71.66
N LEU TA 454 -0.90 -43.34 72.03
CA LEU TA 454 0.47 -43.38 71.55
C LEU TA 454 0.56 -43.68 70.06
N ARG TA 455 -0.51 -44.16 69.44
CA ARG TA 455 -0.48 -44.56 68.05
C ARG TA 455 -0.78 -43.41 67.10
N GLN TA 456 -0.57 -42.16 67.52
CA GLN TA 456 -0.77 -41.04 66.62
C GLN TA 456 0.47 -40.74 65.79
N GLU TA 457 1.64 -40.71 66.43
CA GLU TA 457 2.87 -40.64 65.66
C GLU TA 457 2.97 -41.87 64.75
N PRO TA 458 3.37 -41.70 63.49
CA PRO TA 458 3.27 -42.81 62.53
C PRO TA 458 4.01 -44.07 62.98
N ALA TA 459 5.33 -43.99 63.15
CA ALA TA 459 6.15 -45.14 63.52
C ALA TA 459 7.60 -44.67 63.64
N GLU TA 460 8.44 -45.55 64.18
CA GLU TA 460 9.89 -45.34 64.21
C GLU TA 460 10.62 -46.65 63.97
N VAL TA 461 10.11 -47.49 63.07
CA VAL TA 461 10.65 -48.84 62.97
C VAL TA 461 12.12 -48.79 62.60
N GLN TA 462 12.98 -49.17 63.55
CA GLN TA 462 14.41 -49.01 63.37
C GLN TA 462 15.16 -50.32 63.64
N CYS TA 463 14.71 -51.10 64.62
CA CYS TA 463 15.33 -52.38 64.91
C CYS TA 463 14.25 -53.36 65.33
N ALA TA 464 14.30 -54.58 64.82
CA ALA TA 464 13.28 -55.56 65.10
C ALA TA 464 13.80 -56.78 65.85
N PHE TA 465 15.08 -56.80 66.23
CA PHE TA 465 15.64 -58.00 66.80
C PHE TA 465 15.07 -58.32 68.17
N GLY TA 466 14.59 -57.32 68.89
CA GLY TA 466 14.11 -57.56 70.22
C GLY TA 466 12.62 -57.76 70.37
N ALA TA 467 11.85 -57.58 69.30
CA ALA TA 467 10.39 -57.58 69.41
C ALA TA 467 9.77 -58.36 68.26
N TYR TA 468 10.30 -59.54 67.97
CA TYR TA 468 9.71 -60.36 66.92
C TYR TA 468 10.14 -61.81 67.09
N VAL TA 469 9.17 -62.71 67.13
CA VAL TA 469 9.43 -64.14 67.13
C VAL TA 469 8.89 -64.72 65.84
N ALA TA 470 9.13 -66.02 65.60
CA ALA TA 470 8.72 -66.61 64.33
C ALA TA 470 8.66 -68.12 64.47
N ASP TA 471 7.82 -68.73 63.65
CA ASP TA 471 7.76 -70.18 63.59
C ASP TA 471 8.96 -70.73 62.83
N ALA TA 472 9.54 -71.80 63.36
CA ALA TA 472 10.64 -72.49 62.73
C ALA TA 472 10.13 -73.80 62.14
N ARG TA 473 10.36 -74.00 60.86
CA ARG TA 473 9.93 -75.20 60.17
C ARG TA 473 10.78 -76.38 60.64
N PRO TA 474 10.54 -77.60 60.16
CA PRO TA 474 11.43 -78.72 60.51
C PRO TA 474 12.85 -78.57 59.96
N ASP TA 475 13.65 -79.63 60.03
CA ASP TA 475 15.10 -79.59 59.81
C ASP TA 475 15.77 -78.82 60.93
N ALA TA 476 15.68 -79.38 62.14
CA ALA TA 476 15.89 -78.62 63.37
C ALA TA 476 17.34 -78.51 63.80
N LEU TA 477 17.74 -77.30 64.17
CA LEU TA 477 18.80 -76.94 65.12
C LEU TA 477 20.23 -77.01 64.58
N VAL TA 478 20.44 -77.16 63.29
CA VAL TA 478 21.74 -76.81 62.75
C VAL TA 478 21.52 -75.81 61.64
N GLY TA 479 20.82 -76.22 60.59
CA GLY TA 479 20.49 -75.30 59.52
C GLY TA 479 19.75 -74.08 60.03
N LEU TA 480 18.97 -74.24 61.10
CA LEU TA 480 18.30 -73.10 61.71
C LEU TA 480 19.30 -72.08 62.19
N MET TA 481 20.33 -72.52 62.91
CA MET TA 481 21.31 -71.59 63.46
C MET TA 481 22.05 -70.85 62.35
N GLN TA 482 22.53 -71.56 61.34
CA GLN TA 482 23.25 -70.90 60.26
C GLN TA 482 22.33 -69.94 59.52
N ARG TA 483 21.15 -70.39 59.13
CA ARG TA 483 20.22 -69.52 58.43
C ARG TA 483 19.80 -68.33 59.29
N PHE TA 484 19.97 -68.43 60.61
CA PHE TA 484 19.69 -67.30 61.48
C PHE TA 484 20.87 -66.33 61.47
N LEU TA 485 22.05 -66.80 61.84
CA LEU TA 485 23.22 -65.93 61.90
C LEU TA 485 23.53 -65.33 60.54
N GLU TA 486 23.38 -66.11 59.47
CA GLU TA 486 23.71 -65.62 58.14
C GLU TA 486 22.83 -64.44 57.73
N GLU TA 487 21.76 -64.16 58.46
CA GLU TA 487 20.96 -62.97 58.21
C GLU TA 487 20.88 -62.04 59.41
N TRP TA 488 21.57 -62.37 60.50
CA TRP TA 488 21.47 -61.55 61.72
C TRP TA 488 21.86 -60.10 61.49
N PRO TA 489 22.96 -59.78 60.79
CA PRO TA 489 23.25 -58.36 60.54
C PRO TA 489 22.13 -57.61 59.84
N GLY TA 490 21.28 -58.30 59.09
CA GLY TA 490 20.18 -57.66 58.42
C GLY TA 490 19.02 -57.27 59.30
N MET TA 491 19.12 -57.50 60.60
CA MET TA 491 18.04 -57.18 61.52
C MET TA 491 18.42 -56.16 62.58
N MET TA 492 19.68 -55.72 62.62
CA MET TA 492 20.14 -54.68 63.53
C MET TA 492 20.80 -53.58 62.72
N PRO TA 493 20.00 -52.70 62.11
CA PRO TA 493 20.61 -51.51 61.48
C PRO TA 493 21.34 -50.65 62.50
N VAL TA 494 20.81 -50.55 63.72
CA VAL TA 494 21.44 -49.85 64.81
C VAL TA 494 21.38 -50.71 66.06
N ARG TA 495 22.10 -50.29 67.09
CA ARG TA 495 22.16 -51.03 68.33
C ARG TA 495 20.76 -51.08 68.96
N PRO TA 496 20.30 -52.25 69.40
CA PRO TA 496 18.99 -52.32 70.05
C PRO TA 496 19.04 -51.66 71.41
N ARG TA 497 18.05 -50.79 71.66
CA ARG TA 497 18.04 -50.03 72.90
C ARG TA 497 18.06 -50.94 74.11
N TRP TA 498 17.15 -51.92 74.16
CA TRP TA 498 16.99 -52.74 75.35
C TRP TA 498 18.25 -53.50 75.72
N ALA TA 499 19.23 -53.59 74.82
CA ALA TA 499 20.44 -54.34 75.14
C ALA TA 499 21.44 -53.50 75.88
N ALA TA 500 21.56 -52.22 75.52
CA ALA TA 500 22.50 -51.29 76.16
C ALA TA 500 21.69 -50.16 76.77
N PRO TA 501 21.12 -50.37 77.95
CA PRO TA 501 20.42 -49.28 78.64
C PRO TA 501 21.41 -48.21 79.05
N ALA TA 502 20.93 -46.96 79.09
CA ALA TA 502 21.87 -45.85 79.09
C ALA TA 502 22.52 -45.64 80.46
N ALA TA 503 21.74 -45.18 81.44
CA ALA TA 503 22.27 -44.85 82.75
C ALA TA 503 21.15 -44.33 83.65
N ALA TA 504 21.47 -44.08 84.93
CA ALA TA 504 20.47 -43.54 85.84
C ALA TA 504 20.14 -42.08 85.54
N ASP TA 505 21.04 -41.34 84.90
CA ASP TA 505 20.82 -39.93 84.61
C ASP TA 505 20.57 -39.65 83.14
N GLN TA 506 21.36 -40.25 82.24
CA GLN TA 506 21.14 -40.03 80.81
C GLN TA 506 19.76 -40.49 80.38
N LEU TA 507 19.13 -41.40 81.13
CA LEU TA 507 17.73 -41.72 80.88
C LEU TA 507 16.82 -40.55 81.23
N LEU TA 508 17.26 -39.67 82.13
CA LEU TA 508 16.49 -38.52 82.54
C LEU TA 508 16.88 -37.26 81.79
N ALA TA 509 17.66 -37.38 80.72
CA ALA TA 509 18.12 -36.22 79.99
C ALA TA 509 16.94 -35.50 79.33
N PRO TA 510 17.02 -34.19 79.18
CA PRO TA 510 15.85 -33.43 78.72
C PRO TA 510 15.57 -33.60 77.25
N GLY TA 511 16.24 -34.55 76.59
CA GLY TA 511 16.00 -34.75 75.17
C GLY TA 511 16.08 -36.19 74.75
N ASN TA 512 15.92 -37.11 75.70
CA ASN TA 512 16.09 -38.52 75.40
C ASN TA 512 14.95 -39.05 74.54
N ALA TA 513 15.20 -40.17 73.88
CA ALA TA 513 14.23 -40.82 73.02
C ALA TA 513 13.69 -42.10 73.64
N ASP TA 514 13.72 -42.19 74.97
CA ASP TA 514 13.11 -43.30 75.69
C ASP TA 514 12.04 -42.88 76.67
N LEU TA 515 12.14 -41.70 77.27
CA LEU TA 515 11.06 -41.20 78.12
C LEU TA 515 9.73 -41.15 77.37
N ARG TA 516 9.77 -41.01 76.05
CA ARG TA 516 8.55 -41.10 75.26
C ARG TA 516 7.92 -42.48 75.31
N LEU TA 517 8.60 -43.47 75.90
CA LEU TA 517 8.09 -44.83 75.96
C LEU TA 517 7.85 -45.30 77.39
N GLU TA 518 8.79 -45.06 78.29
CA GLU TA 518 8.66 -45.54 79.66
C GLU TA 518 7.68 -44.66 80.42
N LEU TA 519 6.43 -45.10 80.55
CA LEU TA 519 5.45 -44.29 81.27
C LEU TA 519 4.52 -45.12 82.13
N HIS TA 520 4.95 -46.29 82.59
CA HIS TA 520 4.14 -47.07 83.51
C HIS TA 520 5.00 -48.15 84.17
N PRO TA 521 4.76 -48.45 85.45
CA PRO TA 521 5.66 -49.40 86.12
C PRO TA 521 5.46 -50.84 85.70
N ALA TA 522 4.22 -51.28 85.53
CA ALA TA 522 3.93 -52.69 85.33
C ALA TA 522 3.70 -53.05 83.87
N PHE TA 523 4.31 -52.31 82.96
CA PHE TA 523 4.15 -52.59 81.54
C PHE TA 523 5.44 -52.24 80.82
N ASP TA 524 5.47 -52.58 79.54
CA ASP TA 524 6.54 -52.16 78.65
C ASP TA 524 5.92 -51.61 77.38
N PHE TA 525 6.68 -50.79 76.67
CA PHE TA 525 6.22 -50.24 75.42
C PHE TA 525 7.39 -50.20 74.46
N PHE TA 526 7.13 -50.49 73.20
CA PHE TA 526 8.19 -50.52 72.21
C PHE TA 526 7.57 -50.48 70.82
N VAL TA 527 8.41 -50.44 69.82
CA VAL TA 527 7.99 -50.53 68.44
C VAL TA 527 8.09 -51.99 68.02
N ALA TA 528 7.30 -52.37 67.03
CA ALA TA 528 7.30 -53.73 66.54
C ALA TA 528 6.74 -53.75 65.13
N PRO TA 529 7.13 -54.72 64.31
CA PRO TA 529 6.54 -54.82 62.97
C PRO TA 529 5.07 -55.17 63.07
N GLU TA 530 4.24 -54.47 62.28
CA GLU TA 530 2.81 -54.67 62.33
C GLU TA 530 2.41 -55.98 61.66
N VAL TA 531 2.82 -57.10 62.25
CA VAL TA 531 2.47 -58.42 61.75
C VAL TA 531 2.04 -59.28 62.92
N ASP TA 532 1.14 -60.21 62.65
CA ASP TA 532 0.70 -61.14 63.67
C ASP TA 532 1.84 -62.07 64.06
N VAL TA 533 1.98 -62.31 65.35
CA VAL TA 533 3.10 -63.10 65.86
C VAL TA 533 2.57 -64.44 66.38
N PRO TA 534 3.33 -65.53 66.24
CA PRO TA 534 4.60 -65.61 65.50
C PRO TA 534 4.39 -65.51 64.00
N GLY TA 535 5.46 -65.39 63.22
CA GLY TA 535 5.33 -65.16 61.81
C GLY TA 535 6.34 -65.92 60.98
N PRO TA 536 6.56 -65.45 59.75
CA PRO TA 536 7.51 -66.12 58.86
C PRO TA 536 8.93 -65.93 59.34
N PHE TA 537 9.79 -66.88 58.97
CA PHE TA 537 11.17 -66.84 59.43
C PHE TA 537 11.96 -65.68 58.85
N ALA TA 538 11.50 -65.07 57.77
CA ALA TA 538 12.11 -63.89 57.20
C ALA TA 538 11.37 -62.66 57.69
N VAL TA 539 12.10 -61.70 58.25
CA VAL TA 539 11.44 -60.52 58.80
C VAL TA 539 10.84 -59.70 57.67
N PRO TA 540 9.58 -59.34 57.73
CA PRO TA 540 8.98 -58.51 56.67
C PRO TA 540 9.47 -57.08 56.72
N GLN TA 541 8.89 -56.22 55.89
CA GLN TA 541 9.26 -54.82 55.86
C GLN TA 541 8.04 -53.93 55.93
N VAL TA 542 7.16 -54.21 56.89
CA VAL TA 542 5.98 -53.39 57.11
C VAL TA 542 6.33 -52.28 58.08
N MET TA 543 5.51 -51.23 58.09
CA MET TA 543 5.70 -50.12 59.00
C MET TA 543 5.49 -50.57 60.44
N GLY TA 544 6.30 -50.02 61.35
CA GLY TA 544 6.24 -50.41 62.74
C GLY TA 544 4.96 -49.96 63.42
N GLN TA 545 4.87 -50.32 64.71
CA GLN TA 545 3.71 -49.99 65.53
C GLN TA 545 4.10 -50.19 66.98
N VAL TA 546 3.37 -49.52 67.87
CA VAL TA 546 3.67 -49.52 69.30
C VAL TA 546 2.76 -50.54 69.98
N ARG TA 547 3.31 -51.68 70.33
CA ARG TA 547 2.61 -52.66 71.15
C ARG TA 547 3.01 -52.48 72.60
N ALA TA 548 2.34 -53.22 73.47
CA ALA TA 548 2.64 -53.21 74.89
C ALA TA 548 2.73 -54.63 75.41
N MET TA 549 3.41 -54.79 76.53
CA MET TA 549 3.57 -56.10 77.15
C MET TA 549 3.82 -55.88 78.63
N PRO TA 550 3.18 -56.66 79.50
CA PRO TA 550 3.35 -56.43 80.94
C PRO TA 550 4.61 -57.07 81.46
N ARG TA 551 5.24 -56.39 82.42
CA ARG TA 551 6.36 -56.96 83.16
C ARG TA 551 5.77 -57.92 84.19
N ILE TA 552 5.87 -59.22 83.91
CA ILE TA 552 5.25 -60.19 84.81
C ILE TA 552 5.98 -60.22 86.14
N ILE TA 553 7.28 -59.98 86.14
CA ILE TA 553 8.12 -60.09 87.33
C ILE TA 553 8.64 -58.70 87.69
N ASN TA 554 8.76 -58.44 88.99
CA ASN TA 554 9.26 -57.15 89.43
C ASN TA 554 10.72 -56.94 89.08
N GLY TA 555 11.44 -58.00 88.76
CA GLY TA 555 12.83 -57.85 88.40
C GLY TA 555 13.09 -57.43 86.98
N ASN TA 556 12.05 -57.06 86.24
CA ASN TA 556 12.23 -56.59 84.87
C ASN TA 556 12.20 -55.08 84.75
N ILE TA 557 12.14 -54.37 85.88
CA ILE TA 557 12.26 -52.91 85.85
C ILE TA 557 13.64 -52.55 85.30
N PRO TA 558 13.75 -51.58 84.40
CA PRO TA 558 15.08 -51.21 83.89
C PRO TA 558 15.99 -50.75 85.00
N LEU TA 559 17.28 -51.05 84.86
CA LEU TA 559 18.22 -50.83 85.95
C LEU TA 559 18.33 -49.39 86.38
N ALA TA 560 17.98 -48.45 85.51
CA ALA TA 560 18.05 -47.04 85.89
C ALA TA 560 16.99 -46.63 86.90
N LEU TA 561 16.02 -47.50 87.17
CA LEU TA 561 14.96 -47.19 88.13
C LEU TA 561 14.87 -48.22 89.24
N CYS TA 562 15.84 -49.12 89.35
CA CYS TA 562 15.90 -50.13 90.39
C CYS TA 562 17.33 -50.65 90.47
N PRO TA 563 18.27 -49.85 90.97
CA PRO TA 563 19.69 -50.13 90.74
C PRO TA 563 20.13 -51.41 91.43
N VAL TA 564 21.25 -51.95 90.93
CA VAL TA 564 21.77 -53.22 91.44
C VAL TA 564 22.02 -53.14 92.93
N ASP TA 565 22.40 -51.96 93.44
CA ASP TA 565 22.64 -51.79 94.86
C ASP TA 565 21.40 -52.12 95.68
N PHE TA 566 20.25 -51.59 95.27
CA PHE TA 566 19.04 -51.83 96.03
C PHE TA 566 18.64 -53.30 96.00
N ARG TA 567 18.76 -53.94 94.84
CA ARG TA 567 18.42 -55.35 94.76
C ARG TA 567 19.31 -56.18 95.67
N ASP TA 568 20.60 -55.88 95.69
CA ASP TA 568 21.48 -56.64 96.58
C ASP TA 568 21.18 -56.33 98.04
N ALA TA 569 20.76 -55.11 98.36
CA ALA TA 569 20.38 -54.81 99.73
C ALA TA 569 19.17 -55.62 100.14
N ARG TA 570 18.15 -55.67 99.28
CA ARG TA 570 16.97 -56.47 99.57
C ARG TA 570 17.32 -57.94 99.71
N GLY TA 571 18.25 -58.42 98.88
CA GLY TA 571 18.71 -59.79 99.00
C GLY TA 571 19.34 -60.06 100.35
N PHE TA 572 20.30 -59.22 100.73
CA PHE TA 572 20.89 -59.35 102.06
C PHE TA 572 19.82 -59.30 103.14
N GLU TA 573 18.76 -58.54 102.92
CA GLU TA 573 17.68 -58.49 103.89
C GLU TA 573 17.01 -59.84 104.03
N LEU TA 574 16.56 -60.43 102.91
CA LEU TA 574 15.90 -61.72 102.99
C LEU TA 574 16.87 -62.81 103.40
N SER TA 575 18.16 -62.65 103.10
CA SER TA 575 19.12 -63.73 103.27
C SER TA 575 19.50 -63.98 104.72
N VAL TA 576 19.27 -63.02 105.61
CA VAL TA 576 19.80 -63.15 106.95
C VAL TA 576 19.06 -64.26 107.70
N ASP TA 577 19.83 -65.06 108.43
CA ASP TA 577 19.33 -66.07 109.38
C ASP TA 577 18.28 -67.00 108.78
N ARG TA 578 18.36 -67.30 107.48
CA ARG TA 578 17.51 -68.33 106.90
C ARG TA 578 18.29 -69.60 106.56
N HIS TA 579 19.31 -69.47 105.72
CA HIS TA 579 20.18 -70.59 105.38
C HIS TA 579 21.36 -70.06 104.60
N ARG TA 580 22.54 -70.63 104.82
CA ARG TA 580 23.75 -70.17 104.16
C ARG TA 580 24.44 -71.33 103.48
N LEU TA 581 25.49 -71.00 102.74
CA LEU TA 581 26.34 -71.98 102.09
C LEU TA 581 27.72 -71.86 102.73
N ALA TA 582 28.14 -72.90 103.44
CA ALA TA 582 29.44 -72.88 104.07
C ALA TA 582 30.52 -72.66 103.02
N PRO TA 583 31.61 -71.97 103.38
CA PRO TA 583 32.64 -71.66 102.37
C PRO TA 583 33.18 -72.89 101.66
N ALA TA 584 33.20 -74.04 102.33
CA ALA TA 584 33.68 -75.25 101.68
C ALA TA 584 32.86 -75.62 100.47
N THR TA 585 31.56 -75.29 100.48
CA THR TA 585 30.72 -75.58 99.33
C THR TA 585 30.90 -74.54 98.24
N VAL TA 586 30.87 -73.26 98.62
CA VAL TA 586 30.88 -72.20 97.62
C VAL TA 586 32.20 -72.17 96.88
N ALA TA 587 33.31 -72.40 97.59
CA ALA TA 587 34.60 -72.45 96.93
C ALA TA 587 34.63 -73.53 95.86
N ALA TA 588 34.19 -74.74 96.21
CA ALA TA 588 34.20 -75.85 95.27
C ALA TA 588 33.31 -75.58 94.06
N VAL TA 589 32.10 -75.09 94.29
CA VAL TA 589 31.17 -74.92 93.18
C VAL TA 589 31.63 -73.80 92.26
N ARG TA 590 32.07 -72.67 92.82
CA ARG TA 590 32.55 -71.61 91.96
C ARG TA 590 33.83 -72.01 91.25
N GLY TA 591 34.64 -72.87 91.85
CA GLY TA 591 35.80 -73.40 91.14
C GLY TA 591 35.38 -74.23 89.96
N ALA TA 592 34.39 -75.10 90.14
CA ALA TA 592 33.91 -75.92 89.04
C ALA TA 592 33.37 -75.05 87.92
N PHE TA 593 32.57 -74.04 88.26
CA PHE TA 593 31.95 -73.23 87.21
C PHE TA 593 32.97 -72.35 86.51
N ARG TA 594 33.95 -71.83 87.25
CA ARG TA 594 34.97 -70.97 86.64
C ARG TA 594 36.09 -71.76 85.99
N ASP TA 595 36.01 -73.08 85.97
CA ASP TA 595 37.01 -73.87 85.26
C ASP TA 595 36.88 -73.66 83.77
N ALA TA 596 38.00 -73.78 83.06
CA ALA TA 596 38.02 -73.66 81.62
C ALA TA 596 38.38 -74.94 80.90
N ASN TA 597 38.98 -75.91 81.58
CA ASN TA 597 39.35 -77.19 80.99
C ASN TA 597 38.54 -78.33 81.61
N TYR TA 598 37.25 -78.10 81.78
CA TYR TA 598 36.34 -79.13 82.23
C TYR TA 598 36.45 -80.35 81.31
N PRO TA 599 36.63 -81.55 81.85
CA PRO TA 599 36.84 -82.72 80.99
C PRO TA 599 35.61 -83.01 80.14
N MET TA 600 35.81 -83.09 78.82
CA MET TA 600 34.69 -83.34 77.92
C MET TA 600 34.05 -84.70 78.15
N VAL TA 601 34.79 -85.66 78.72
CA VAL TA 601 34.22 -86.96 79.00
C VAL TA 601 32.97 -86.83 79.85
N PHE TA 602 32.95 -85.84 80.76
CA PHE TA 602 31.76 -85.65 81.58
C PHE TA 602 30.58 -85.19 80.75
N TYR TA 603 30.81 -84.26 79.81
CA TYR TA 603 29.73 -83.84 78.92
C TYR TA 603 29.21 -85.01 78.12
N ILE TA 604 30.11 -85.89 77.66
CA ILE TA 604 29.68 -87.05 76.89
C ILE TA 604 28.84 -87.99 77.76
N ILE TA 605 29.32 -88.26 78.97
CA ILE TA 605 28.57 -89.11 79.89
C ILE TA 605 27.19 -88.53 80.15
N GLU TA 606 27.11 -87.21 80.26
CA GLU TA 606 25.81 -86.63 80.56
C GLU TA 606 24.90 -86.65 79.34
N ALA TA 607 25.45 -86.43 78.15
CA ALA TA 607 24.63 -86.52 76.95
C ALA TA 607 24.11 -87.93 76.76
N VAL TA 608 24.91 -88.93 77.12
CA VAL TA 608 24.45 -90.31 76.96
C VAL TA 608 23.53 -90.71 78.11
N ILE TA 609 23.57 -90.01 79.23
CA ILE TA 609 22.55 -90.19 80.25
C ILE TA 609 21.26 -89.48 79.84
N HIS TA 610 21.39 -88.31 79.20
CA HIS TA 610 20.28 -87.46 78.77
C HIS TA 610 19.19 -87.38 79.83
N GLY TA 611 19.59 -87.30 81.10
CA GLY TA 611 18.62 -87.26 82.17
C GLY TA 611 17.81 -88.52 82.31
N SER TA 612 18.42 -89.66 82.05
CA SER TA 612 17.69 -90.91 82.22
C SER TA 612 17.47 -91.20 83.70
N GLU TA 613 16.69 -92.24 83.95
CA GLU TA 613 16.46 -92.71 85.31
C GLU TA 613 17.06 -94.08 85.55
N ARG TA 614 16.86 -95.01 84.61
CA ARG TA 614 17.44 -96.34 84.75
C ARG TA 614 18.89 -96.37 84.28
N THR TA 615 19.21 -95.58 83.26
CA THR TA 615 20.59 -95.55 82.79
C THR TA 615 21.53 -95.01 83.85
N PHE TA 616 21.08 -94.05 84.66
CA PHE TA 616 21.92 -93.57 85.74
C PHE TA 616 22.12 -94.65 86.80
N CYS TA 617 21.06 -95.32 87.20
CA CYS TA 617 21.19 -96.39 88.17
C CYS TA 617 22.03 -97.53 87.62
N ALA TA 618 22.19 -97.61 86.30
CA ALA TA 618 23.11 -98.58 85.72
C ALA TA 618 24.55 -98.08 85.75
N LEU TA 619 24.75 -96.80 85.45
CA LEU TA 619 26.09 -96.24 85.31
C LEU TA 619 26.64 -95.68 86.62
N ALA TA 620 25.92 -95.88 87.72
CA ALA TA 620 26.35 -95.45 89.05
C ALA TA 620 27.82 -95.70 89.34
N ARG TA 621 28.33 -96.89 89.02
CA ARG TA 621 29.72 -97.19 89.35
C ARG TA 621 30.69 -96.27 88.62
N LEU TA 622 30.52 -96.14 87.30
CA LEU TA 622 31.39 -95.26 86.54
C LEU TA 622 31.27 -93.82 87.01
N VAL TA 623 30.04 -93.39 87.31
CA VAL TA 623 29.83 -92.02 87.74
C VAL TA 623 30.58 -91.75 89.04
N ALA TA 624 30.44 -92.66 90.01
CA ALA TA 624 31.13 -92.50 91.27
C ALA TA 624 32.64 -92.50 91.08
N GLN TA 625 33.13 -93.39 90.22
CA GLN TA 625 34.57 -93.46 89.97
C GLN TA 625 35.10 -92.13 89.44
N CYS TA 626 34.45 -91.60 88.41
CA CYS TA 626 34.94 -90.38 87.78
C CYS TA 626 34.82 -89.19 88.74
N ILE TA 627 33.71 -89.11 89.49
CA ILE TA 627 33.58 -88.05 90.49
C ILE TA 627 34.74 -88.12 91.48
N GLN TA 628 35.01 -89.32 92.00
CA GLN TA 628 36.08 -89.48 92.97
C GLN TA 628 37.41 -89.03 92.41
N SER TA 629 37.71 -89.42 91.17
CA SER TA 629 39.00 -89.08 90.59
C SER TA 629 39.13 -87.58 90.37
N TYR TA 630 38.09 -86.95 89.83
CA TYR TA 630 38.13 -85.50 89.62
C TYR TA 630 38.32 -84.77 90.94
N TRP TA 631 37.59 -85.18 91.98
CA TRP TA 631 37.71 -84.49 93.26
C TRP TA 631 39.09 -84.69 93.85
N ARG TA 632 39.63 -85.90 93.78
CA ARG TA 632 40.97 -86.14 94.27
C ARG TA 632 42.00 -85.31 93.52
N ASN TA 633 41.75 -85.06 92.24
CA ASN TA 633 42.72 -84.32 91.43
C ASN TA 633 42.67 -82.82 91.73
N THR TA 634 41.49 -82.20 91.62
CA THR TA 634 41.39 -80.75 91.62
C THR TA 634 40.45 -80.15 92.65
N HIS TA 635 39.76 -80.97 93.44
CA HIS TA 635 38.89 -80.52 94.53
C HIS TA 635 37.70 -79.71 94.05
N ASN TA 636 37.31 -79.85 92.78
CA ASN TA 636 36.13 -79.18 92.25
C ASN TA 636 35.07 -80.23 91.96
N ALA TA 637 33.86 -80.03 92.49
CA ALA TA 637 32.77 -80.96 92.23
C ALA TA 637 32.45 -80.98 90.74
N ALA TA 638 31.76 -82.03 90.32
CA ALA TA 638 31.47 -82.25 88.91
C ALA TA 638 29.99 -82.51 88.70
N PHE TA 639 29.57 -82.46 87.44
CA PHE TA 639 28.19 -82.65 87.03
C PHE TA 639 27.26 -81.63 87.66
N VAL TA 640 27.81 -80.56 88.22
CA VAL TA 640 27.00 -79.55 88.89
C VAL TA 640 26.02 -78.90 87.93
N ASN TA 641 26.32 -78.88 86.64
CA ASN TA 641 25.49 -78.15 85.70
C ASN TA 641 24.09 -78.74 85.59
N ASN TA 642 23.94 -80.04 85.81
CA ASN TA 642 22.68 -80.72 85.53
C ASN TA 642 21.94 -81.04 86.82
N PHE TA 643 20.69 -80.56 86.91
CA PHE TA 643 19.92 -80.70 88.15
C PHE TA 643 19.52 -82.15 88.38
N TYR TA 644 19.10 -82.86 87.34
CA TYR TA 644 18.70 -84.24 87.53
C TYR TA 644 19.85 -85.08 88.05
N MET TA 645 21.07 -84.83 87.57
CA MET TA 645 22.21 -85.58 88.05
C MET TA 645 22.50 -85.27 89.51
N VAL TA 646 22.44 -83.99 89.89
CA VAL TA 646 22.76 -83.66 91.27
C VAL TA 646 21.67 -84.14 92.20
N MET TA 647 20.45 -84.36 91.70
CA MET TA 647 19.44 -85.02 92.50
C MET TA 647 19.77 -86.50 92.68
N TYR TA 648 20.02 -87.20 91.57
CA TYR TA 648 20.32 -88.62 91.66
C TYR TA 648 21.55 -88.90 92.50
N ILE TA 649 22.51 -87.97 92.51
CA ILE TA 649 23.75 -88.20 93.25
C ILE TA 649 23.45 -88.41 94.73
N ASN TA 650 22.89 -87.39 95.37
CA ASN TA 650 22.56 -87.50 96.79
C ASN TA 650 21.28 -88.28 97.04
N THR TA 651 20.64 -88.81 96.01
CA THR TA 651 19.57 -89.77 96.27
C THR TA 651 20.07 -91.21 96.33
N TYR TA 652 20.98 -91.59 95.42
CA TYR TA 652 21.43 -92.96 95.30
C TYR TA 652 22.83 -93.16 95.85
N LEU TA 653 23.81 -92.41 95.37
CA LEU TA 653 25.17 -92.56 95.87
C LEU TA 653 25.23 -92.23 97.36
N GLY TA 654 24.96 -90.99 97.70
CA GLY TA 654 24.74 -90.59 99.09
C GLY TA 654 25.82 -91.03 100.04
N ASN TA 655 25.48 -91.99 100.90
CA ASN TA 655 26.41 -92.52 101.90
C ASN TA 655 27.45 -93.47 101.31
N GLY TA 656 27.41 -93.71 100.00
CA GLY TA 656 28.19 -94.79 99.43
C GLY TA 656 29.64 -94.43 99.18
N GLU TA 657 30.12 -94.77 97.98
CA GLU TA 657 31.55 -94.69 97.71
C GLU TA 657 32.09 -93.27 97.86
N LEU TA 658 31.25 -92.26 97.64
CA LEU TA 658 31.74 -90.89 97.64
C LEU TA 658 32.32 -90.56 99.00
N PRO TA 659 33.43 -89.82 99.05
CA PRO TA 659 34.03 -89.48 100.34
C PRO TA 659 33.09 -88.63 101.17
N GLU TA 660 33.18 -88.80 102.48
CA GLU TA 660 32.28 -88.12 103.41
C GLU TA 660 32.45 -86.61 103.42
N ASP TA 661 33.40 -86.07 102.67
CA ASP TA 661 33.56 -84.63 102.53
C ASP TA 661 33.29 -84.14 101.11
N CYS TA 662 33.05 -85.05 100.17
CA CYS TA 662 32.70 -84.66 98.81
C CYS TA 662 31.22 -84.81 98.51
N ALA TA 663 30.48 -85.57 99.31
CA ALA TA 663 29.03 -85.54 99.22
C ALA TA 663 28.44 -84.34 99.94
N ALA TA 664 29.24 -83.67 100.78
CA ALA TA 664 28.77 -82.49 101.48
C ALA TA 664 28.28 -81.43 100.51
N VAL TA 665 28.98 -81.24 99.39
CA VAL TA 665 28.60 -80.18 98.47
C VAL TA 665 27.32 -80.54 97.71
N TYR TA 666 27.19 -81.81 97.32
CA TYR TA 666 25.97 -82.24 96.66
C TYR TA 666 24.80 -82.28 97.61
N LYS TA 667 25.07 -82.28 98.92
CA LYS TA 667 24.00 -82.13 99.90
C LYS TA 667 23.65 -80.66 100.10
N ASP TA 668 24.67 -79.79 100.10
CA ASP TA 668 24.44 -78.37 100.32
C ASP TA 668 23.63 -77.76 99.19
N LEU TA 669 23.95 -78.11 97.94
CA LEU TA 669 23.17 -77.57 96.83
C LEU TA 669 21.71 -77.95 96.96
N LEU TA 670 21.43 -79.23 97.24
CA LEU TA 670 20.06 -79.68 97.35
C LEU TA 670 19.34 -79.02 98.51
N GLU TA 671 20.01 -78.92 99.66
CA GLU TA 671 19.35 -78.30 100.81
C GLU TA 671 19.10 -76.82 100.59
N HIS TA 672 20.01 -76.14 99.89
CA HIS TA 672 19.79 -74.74 99.56
C HIS TA 672 18.59 -74.59 98.64
N VAL TA 673 18.46 -75.48 97.66
CA VAL TA 673 17.28 -75.47 96.81
C VAL TA 673 16.02 -75.64 97.65
N HIS TA 674 16.06 -76.57 98.61
CA HIS TA 674 14.89 -76.80 99.46
C HIS TA 674 14.56 -75.56 100.27
N ALA TA 675 15.56 -74.89 100.81
CA ALA TA 675 15.30 -73.70 101.61
C ALA TA 675 14.74 -72.56 100.76
N LEU TA 676 15.28 -72.40 99.56
CA LEU TA 676 14.74 -71.38 98.66
C LEU TA 676 13.28 -71.69 98.32
N ARG TA 677 12.95 -72.97 98.15
CA ARG TA 677 11.56 -73.34 97.92
C ARG TA 677 10.72 -73.03 99.14
N ARG TA 678 11.26 -73.25 100.34
CA ARG TA 678 10.53 -72.92 101.56
C ARG TA 678 10.26 -71.44 101.65
N LEU TA 679 11.17 -70.61 101.12
CA LEU TA 679 10.99 -69.17 101.21
C LEU TA 679 9.67 -68.72 100.62
N ILE TA 680 9.31 -69.24 99.45
CA ILE TA 680 8.12 -68.74 98.79
C ILE TA 680 6.86 -69.17 99.53
N GLY TA 681 6.93 -70.24 100.30
CA GLY TA 681 5.81 -70.67 101.10
C GLY TA 681 5.69 -69.89 102.40
N GLU TA 682 6.34 -68.72 102.42
CA GLU TA 682 6.32 -67.85 103.58
C GLU TA 682 5.75 -66.48 103.29
N PHE TA 683 5.81 -66.01 102.05
CA PHE TA 683 5.36 -64.67 101.70
C PHE TA 683 4.01 -64.69 101.00
N THR TA 684 3.15 -65.65 101.35
CA THR TA 684 1.83 -65.75 100.74
C THR TA 684 0.83 -66.16 101.81
N LEU TA 685 -0.17 -65.32 102.03
CA LEU TA 685 -1.24 -65.68 102.94
C LEU TA 685 -2.08 -66.79 102.31
N PRO TA 686 -2.49 -67.78 103.09
CA PRO TA 686 -3.24 -68.90 102.51
C PRO TA 686 -4.60 -68.42 102.00
N GLY TA 687 -4.99 -68.96 100.85
CA GLY TA 687 -6.24 -68.55 100.24
C GLY TA 687 -6.97 -69.68 99.56
N ASP TA 688 -7.77 -69.34 98.54
CA ASP TA 688 -8.56 -70.31 97.81
C ASP TA 688 -8.24 -70.17 96.33
N PRO TA 689 -8.03 -71.27 95.62
CA PRO TA 689 -7.65 -71.17 94.20
C PRO TA 689 -8.59 -70.31 93.39
N LEU TA 690 -8.05 -69.23 92.83
CA LEU TA 690 -8.86 -68.31 92.03
C LEU TA 690 -9.18 -68.90 90.67
N GLY TA 691 -8.16 -69.12 89.87
CA GLY TA 691 -8.30 -69.64 88.52
C GLY TA 691 -7.80 -71.06 88.43
N ASN TA 692 -8.21 -71.91 89.38
CA ASN TA 692 -7.75 -73.29 89.46
C ASN TA 692 -6.24 -73.37 89.49
N GLN TA 693 -5.59 -72.26 89.82
CA GLN TA 693 -4.18 -72.23 90.09
C GLN TA 693 -4.00 -71.95 91.57
N PRO TA 694 -3.21 -72.74 92.28
CA PRO TA 694 -3.02 -72.51 93.71
C PRO TA 694 -2.48 -71.11 93.98
N GLN TA 695 -2.66 -70.66 95.21
CA GLN TA 695 -2.18 -69.33 95.57
C GLN TA 695 -0.67 -69.25 95.46
N GLU TA 696 0.04 -70.25 95.96
CA GLU TA 696 1.50 -70.25 95.95
C GLU TA 696 2.09 -70.10 94.56
N GLU TA 697 1.27 -70.21 93.51
CA GLU TA 697 1.73 -70.01 92.15
C GLU TA 697 1.08 -68.81 91.49
N LEU TA 698 0.05 -68.24 92.08
CA LEU TA 698 -0.50 -66.98 91.63
C LEU TA 698 0.36 -65.80 92.02
N ASN TA 699 1.42 -66.03 92.79
CA ASN TA 699 2.23 -64.97 93.37
C ASN TA 699 3.68 -65.01 92.93
N HIS TA 700 4.25 -66.19 92.72
CA HIS TA 700 5.65 -66.34 92.34
C HIS TA 700 5.72 -66.88 90.92
N ALA TA 701 6.46 -66.20 90.06
CA ALA TA 701 6.55 -66.62 88.67
C ALA TA 701 7.31 -67.92 88.48
N LEU TA 702 7.95 -68.44 89.53
CA LEU TA 702 8.75 -69.65 89.39
C LEU TA 702 8.01 -70.90 89.84
N ALA TA 703 7.24 -70.82 90.92
CA ALA TA 703 6.39 -71.94 91.28
C ALA TA 703 5.33 -72.19 90.23
N ASP TA 704 5.05 -71.20 89.39
CA ASP TA 704 3.98 -71.30 88.41
C ASP TA 704 4.12 -72.57 87.56
N ALA TA 705 2.97 -73.09 87.12
CA ALA TA 705 2.97 -74.27 86.29
C ALA TA 705 3.05 -73.95 84.81
N THR TA 706 2.41 -72.87 84.38
CA THR TA 706 2.38 -72.52 82.97
C THR TA 706 3.71 -72.00 82.46
N LEU TA 707 4.75 -71.99 83.28
CA LEU TA 707 6.09 -71.63 82.84
C LEU TA 707 6.87 -72.89 82.55
N LEU TA 708 7.71 -72.86 81.52
CA LEU TA 708 8.45 -74.07 81.29
C LEU TA 708 9.90 -73.88 81.70
N PRO TA 709 10.51 -74.89 82.32
CA PRO TA 709 11.92 -74.82 82.64
C PRO TA 709 12.75 -74.60 81.39
N PRO TA 710 13.98 -74.10 81.52
CA PRO TA 710 14.78 -73.89 80.31
C PRO TA 710 15.23 -75.18 79.66
N LEU TA 711 15.41 -76.25 80.44
CA LEU TA 711 15.92 -77.52 79.93
C LEU TA 711 15.01 -78.64 80.40
N ILE TA 712 14.20 -79.16 79.49
CA ILE TA 712 13.29 -80.26 79.79
C ILE TA 712 13.96 -81.55 79.36
N TRP TA 713 13.60 -82.64 80.05
CA TRP TA 713 14.15 -83.95 79.73
C TRP TA 713 13.10 -85.02 79.46
N ASP TA 714 11.83 -84.76 79.73
CA ASP TA 714 10.77 -85.72 79.46
C ASP TA 714 9.46 -84.95 79.35
N CYS TA 715 8.38 -85.67 79.06
CA CYS TA 715 7.08 -85.04 78.94
C CYS TA 715 6.41 -84.77 80.29
N ASP TA 716 7.14 -84.86 81.40
CA ASP TA 716 6.52 -84.58 82.69
C ASP TA 716 6.11 -83.11 82.80
N PRO TA 717 7.00 -82.13 82.61
CA PRO TA 717 6.56 -80.73 82.78
C PRO TA 717 5.74 -80.24 81.60
N ILE TA 718 5.35 -81.14 80.70
CA ILE TA 718 4.44 -80.81 79.63
C ILE TA 718 3.05 -81.35 79.89
N LEU TA 719 2.96 -82.59 80.38
CA LEU TA 719 1.65 -83.16 80.70
C LEU TA 719 1.00 -82.40 81.84
N TYR TA 720 1.77 -82.00 82.85
CA TYR TA 720 1.24 -81.18 83.93
C TYR TA 720 0.74 -79.83 83.45
N ARG TA 721 1.05 -79.45 82.22
CA ARG TA 721 0.85 -78.08 81.77
C ARG TA 721 -0.48 -77.89 81.06
N ASP TA 722 -0.76 -78.70 80.04
CA ASP TA 722 -1.95 -78.48 79.22
C ASP TA 722 -3.25 -78.62 80.00
N GLY TA 723 -3.18 -79.06 81.26
CA GLY TA 723 -4.39 -79.14 82.06
C GLY TA 723 -4.96 -77.78 82.42
N LEU TA 724 -4.12 -76.76 82.40
CA LEU TA 724 -4.55 -75.41 82.79
C LEU TA 724 -5.25 -74.76 81.60
N ALA TA 725 -6.57 -74.95 81.54
CA ALA TA 725 -7.34 -74.53 80.39
C ALA TA 725 -7.83 -73.10 80.46
N GLU TA 726 -7.91 -72.51 81.66
CA GLU TA 726 -8.61 -71.24 81.81
C GLU TA 726 -7.85 -70.07 81.21
N ARG TA 727 -6.53 -70.19 81.05
CA ARG TA 727 -5.76 -69.26 80.24
C ARG TA 727 -5.07 -70.10 79.16
N LEU TA 728 -5.51 -69.93 77.91
CA LEU TA 728 -5.23 -70.85 76.83
C LEU TA 728 -3.74 -71.06 76.64
N PRO TA 729 -3.20 -72.21 77.03
CA PRO TA 729 -1.81 -72.51 76.74
C PRO TA 729 -1.66 -72.97 75.30
N GLU TA 730 -0.40 -73.13 74.88
CA GLU TA 730 -0.12 -73.56 73.53
C GLU TA 730 1.33 -73.98 73.47
N LEU TA 731 1.60 -75.02 72.68
CA LEU TA 731 2.94 -75.52 72.51
C LEU TA 731 3.16 -75.80 71.04
N ARG TA 732 4.39 -75.59 70.59
CA ARG TA 732 4.79 -75.89 69.22
C ARG TA 732 6.17 -76.50 69.24
N VAL TA 733 6.32 -77.64 68.57
CA VAL TA 733 7.63 -78.25 68.35
C VAL TA 733 7.83 -78.30 66.84
N ASN TA 734 8.48 -77.28 66.30
CA ASN TA 734 8.75 -77.15 64.87
C ASN TA 734 7.49 -77.08 64.03
N GLY TA 735 6.31 -77.01 64.64
CA GLY TA 735 5.08 -76.94 63.87
C GLY TA 735 4.03 -77.94 64.28
N ALA TA 736 4.45 -79.14 64.65
CA ALA TA 736 3.49 -80.15 65.10
C ALA TA 736 3.00 -79.81 66.50
N HIS TA 737 1.85 -80.38 66.86
CA HIS TA 737 1.39 -80.21 68.23
C HIS TA 737 2.41 -80.84 69.17
N PHE TA 738 2.46 -82.17 69.17
CA PHE TA 738 3.59 -83.01 69.53
C PHE TA 738 3.09 -84.46 69.48
N GLN TA 739 4.03 -85.38 69.38
CA GLN TA 739 3.70 -86.81 69.33
C GLN TA 739 4.42 -87.49 70.48
N HIS TA 740 3.65 -88.08 71.39
CA HIS TA 740 4.21 -88.68 72.60
C HIS TA 740 4.61 -90.12 72.30
N ILE TA 741 5.91 -90.35 72.12
CA ILE TA 741 6.42 -91.69 71.85
C ILE TA 741 7.33 -92.11 72.99
N LEU TA 742 7.36 -93.41 73.23
CA LEU TA 742 8.08 -94.03 74.34
C LEU TA 742 9.50 -94.37 73.88
N TRP TA 743 10.19 -95.24 74.60
CA TRP TA 743 11.59 -95.58 74.34
C TRP TA 743 11.90 -96.00 72.91
N VAL TA 744 13.18 -95.99 72.55
CA VAL TA 744 13.64 -96.37 71.23
C VAL TA 744 14.95 -97.15 71.36
N GLU TA 745 15.31 -97.85 70.29
CA GLU TA 745 16.58 -98.57 70.20
C GLU TA 745 17.04 -98.58 68.75
N MET TA 746 18.02 -99.43 68.45
CA MET TA 746 18.51 -99.59 67.09
C MET TA 746 17.44 -100.10 66.13
N ALA TA 747 16.26 -100.49 66.65
CA ALA TA 747 15.17 -100.89 65.77
C ALA TA 747 14.84 -99.80 64.77
N GLN TA 748 14.88 -98.54 65.21
CA GLN TA 748 14.74 -97.41 64.32
C GLN TA 748 15.19 -96.17 65.07
N VAL TA 749 16.01 -95.35 64.42
CA VAL TA 749 16.49 -94.11 65.04
C VAL TA 749 16.11 -92.94 64.16
N ASN TA 750 16.63 -92.92 62.94
CA ASN TA 750 16.40 -91.83 62.00
C ASN TA 750 16.77 -90.49 62.62
N PHE TA 751 18.06 -90.35 62.92
CA PHE TA 751 18.58 -89.10 63.47
C PHE TA 751 18.13 -87.89 62.67
N ARG TA 752 17.85 -88.08 61.39
CA ARG TA 752 17.31 -87.01 60.55
C ARG TA 752 15.82 -86.78 60.79
N ASN TA 753 15.24 -87.36 61.83
CA ASN TA 753 13.84 -87.11 62.14
C ASN TA 753 13.65 -85.67 62.55
N VAL TA 754 12.65 -85.01 61.97
CA VAL TA 754 12.40 -83.59 62.22
C VAL TA 754 10.95 -83.29 62.52
N GLY TA 755 10.09 -84.29 62.59
CA GLY TA 755 8.72 -84.07 63.00
C GLY TA 755 8.63 -83.69 64.47
N GLY TA 756 7.43 -83.33 64.88
CA GLY TA 756 7.22 -82.96 66.26
C GLY TA 756 6.94 -84.17 67.13
N GLY TA 757 7.97 -84.67 67.79
CA GLY TA 757 7.81 -85.80 68.68
C GLY TA 757 8.99 -85.97 69.60
N LEU TA 758 8.72 -86.04 70.89
CA LEU TA 758 9.76 -86.12 71.92
C LEU TA 758 10.06 -87.58 72.21
N VAL TA 759 10.76 -87.85 73.30
CA VAL TA 759 11.12 -89.20 73.68
C VAL TA 759 11.33 -89.23 75.19
N HIS TA 760 10.91 -90.32 75.81
CA HIS TA 760 11.10 -90.48 77.24
C HIS TA 760 12.39 -91.25 77.54
N ASN TA 761 12.92 -91.05 78.73
CA ASN TA 761 14.23 -91.57 79.11
C ASN TA 761 14.08 -92.97 79.71
N ARG TA 762 14.03 -93.97 78.83
CA ARG TA 762 13.65 -95.32 79.23
C ARG TA 762 12.39 -95.15 80.08
N PRO TA 763 11.30 -94.80 79.44
CA PRO TA 763 10.25 -93.97 80.06
C PRO TA 763 9.97 -94.21 81.52
N VAL TA 764 9.67 -95.44 81.86
CA VAL TA 764 9.23 -95.76 83.20
C VAL TA 764 10.23 -96.74 83.80
N ARG TA 765 10.35 -96.70 85.12
CA ARG TA 765 11.18 -97.65 85.82
C ARG TA 765 10.43 -98.88 86.33
N ASN TA 766 9.14 -98.75 86.66
CA ASN TA 766 8.39 -99.89 87.17
C ASN TA 766 7.16 -100.24 86.33
N GLU TA 767 6.27 -99.29 86.07
CA GLU TA 767 4.91 -99.63 85.66
C GLU TA 767 4.82 -100.00 84.19
N ASN TA 768 5.22 -99.09 83.30
CA ASN TA 768 5.04 -99.23 81.86
C ASN TA 768 3.55 -99.27 81.49
N GLN TA 769 2.87 -98.18 81.82
CA GLN TA 769 1.47 -97.95 81.52
C GLN TA 769 1.32 -96.68 80.67
N PRO TA 770 0.19 -96.52 79.98
CA PRO TA 770 0.08 -95.40 79.04
C PRO TA 770 -0.20 -94.06 79.71
N LEU TA 771 0.53 -93.05 79.26
CA LEU TA 771 0.19 -91.64 79.51
C LEU TA 771 0.18 -91.32 81.01
N HIS TA 772 1.38 -91.38 81.60
CA HIS TA 772 1.50 -90.94 82.99
C HIS TA 772 2.88 -90.37 83.24
N PRO TA 773 2.99 -89.31 84.05
CA PRO TA 773 4.31 -88.79 84.40
C PRO TA 773 4.92 -89.57 85.55
N HIS TA 774 6.23 -89.78 85.47
CA HIS TA 774 6.94 -90.56 86.47
C HIS TA 774 7.71 -89.67 87.44
N HIS TA 775 7.15 -88.53 87.78
CA HIS TA 775 7.66 -87.68 88.85
C HIS TA 775 6.53 -86.77 89.31
N ASP TA 776 6.70 -86.21 90.50
CA ASP TA 776 5.64 -85.41 91.09
C ASP TA 776 5.62 -84.03 90.44
N ALA TA 777 4.89 -83.10 91.05
CA ALA TA 777 4.79 -81.76 90.48
C ALA TA 777 5.98 -80.89 90.86
N GLU TA 778 6.31 -80.85 92.16
CA GLU TA 778 7.31 -79.92 92.66
C GLU TA 778 8.69 -80.15 92.07
N TRP TA 779 8.88 -81.26 91.37
CA TRP TA 779 10.16 -81.52 90.72
C TRP TA 779 10.50 -80.42 89.71
N SER TA 780 9.53 -80.04 88.88
CA SER TA 780 9.77 -78.96 87.93
C SER TA 780 9.98 -77.63 88.63
N VAL TA 781 9.33 -77.42 89.78
CA VAL TA 781 9.55 -76.20 90.54
C VAL TA 781 11.00 -76.13 91.00
N LEU TA 782 11.52 -77.24 91.50
CA LEU TA 782 12.92 -77.28 91.92
C LEU TA 782 13.86 -77.07 90.74
N SER TA 783 13.53 -77.66 89.59
CA SER TA 783 14.35 -77.41 88.39
C SER TA 783 14.40 -75.93 88.07
N LYS TA 784 13.23 -75.28 88.05
CA LYS TA 784 13.20 -73.85 87.76
C LYS TA 784 14.02 -73.06 88.77
N ILE TA 785 13.89 -73.39 90.05
CA ILE TA 785 14.70 -72.72 91.06
C ILE TA 785 16.17 -72.84 90.72
N TYR TA 786 16.62 -74.07 90.49
CA TYR TA 786 18.05 -74.32 90.28
C TYR TA 786 18.56 -73.56 89.07
N TYR TA 787 17.78 -73.50 88.00
CA TYR TA 787 18.31 -72.95 86.77
C TYR TA 787 18.04 -71.46 86.60
N TYR TA 788 17.18 -70.87 87.42
CA TYR TA 788 16.90 -69.44 87.29
C TYR TA 788 17.40 -68.62 88.46
N ALA TA 789 17.78 -69.24 89.58
CA ALA TA 789 18.14 -68.48 90.75
C ALA TA 789 19.42 -68.94 91.44
N VAL TA 790 19.98 -70.10 91.07
CA VAL TA 790 21.20 -70.60 91.67
C VAL TA 790 22.34 -70.65 90.66
N VAL TA 791 22.07 -71.14 89.45
CA VAL TA 791 23.12 -71.23 88.44
C VAL TA 791 23.69 -69.87 88.07
N PRO TA 792 22.88 -68.87 87.69
CA PRO TA 792 23.48 -67.57 87.36
C PRO TA 792 24.19 -66.92 88.53
N ALA TA 793 23.87 -67.31 89.76
CA ALA TA 793 24.61 -66.80 90.91
C ALA TA 793 26.03 -67.34 90.95
N PHE TA 794 26.30 -68.46 90.29
CA PHE TA 794 27.64 -69.04 90.21
C PHE TA 794 28.34 -68.69 88.91
N SER TA 795 27.70 -68.98 87.78
CA SER TA 795 28.31 -68.73 86.49
C SER TA 795 28.48 -67.24 86.24
N ARG TA 796 27.44 -66.46 86.51
CA ARG TA 796 27.45 -65.02 86.28
C ARG TA 796 27.74 -64.70 84.81
N GLY TA 797 26.84 -65.18 83.94
CA GLY TA 797 26.98 -64.91 82.53
C GLY TA 797 28.12 -65.64 81.87
N ASN TA 798 28.21 -66.95 82.11
CA ASN TA 798 29.18 -67.80 81.44
C ASN TA 798 28.52 -68.97 80.72
N CYS TA 799 27.52 -69.59 81.33
CA CYS TA 799 26.90 -70.77 80.75
C CYS TA 799 26.20 -70.40 79.45
N CYS TA 800 25.95 -71.43 78.63
CA CYS TA 800 25.25 -71.26 77.37
C CYS TA 800 24.72 -72.62 76.94
N THR TA 801 23.40 -72.73 76.78
CA THR TA 801 22.80 -74.00 76.42
C THR TA 801 23.31 -74.48 75.08
N MET TA 802 23.51 -75.79 74.95
CA MET TA 802 24.03 -76.39 73.73
C MET TA 802 23.15 -77.55 73.31
N GLY TA 803 23.12 -77.80 72.00
CA GLY TA 803 22.37 -78.91 71.46
C GLY TA 803 23.26 -80.02 70.96
N VAL TA 804 23.13 -81.20 71.57
CA VAL TA 804 24.08 -82.27 71.36
C VAL TA 804 23.92 -82.86 69.97
N ARG TA 805 25.05 -83.28 69.38
CA ARG TA 805 25.06 -84.10 68.17
C ARG TA 805 25.11 -85.55 68.63
N TYR TA 806 23.93 -86.15 68.83
CA TYR TA 806 23.88 -87.46 69.45
C TYR TA 806 24.52 -88.52 68.57
N ASP TA 807 24.32 -88.43 67.25
CA ASP TA 807 24.85 -89.45 66.35
C ASP TA 807 26.36 -89.58 66.50
N ARG TA 808 27.06 -88.45 66.49
CA ARG TA 808 28.51 -88.49 66.66
C ARG TA 808 28.88 -89.02 68.04
N VAL TA 809 28.15 -88.60 69.07
CA VAL TA 809 28.45 -89.06 70.42
C VAL TA 809 28.29 -90.56 70.54
N TYR TA 810 27.13 -91.08 70.10
CA TYR TA 810 26.91 -92.52 70.15
C TYR TA 810 27.97 -93.24 69.34
N GLN TA 811 28.27 -92.73 68.14
CA GLN TA 811 29.25 -93.42 67.31
C GLN TA 811 30.62 -93.45 67.97
N LEU TA 812 30.94 -92.45 68.79
CA LEU TA 812 32.20 -92.51 69.54
C LEU TA 812 32.11 -93.55 70.66
N VAL TA 813 31.10 -93.44 71.52
CA VAL TA 813 31.06 -94.23 72.74
C VAL TA 813 31.03 -95.72 72.44
N GLN TA 814 30.62 -96.12 71.24
CA GLN TA 814 30.67 -97.53 70.89
C GLN TA 814 32.10 -98.00 70.69
N THR TA 815 32.95 -97.15 70.09
CA THR TA 815 34.30 -97.58 69.74
C THR TA 815 35.16 -97.68 70.98
N MET TA 816 34.88 -98.64 71.83
CA MET TA 816 35.70 -98.95 72.98
C MET TA 816 36.64 -100.10 72.65
N VAL TA 817 37.75 -100.16 73.36
CA VAL TA 817 38.70 -101.25 73.21
C VAL TA 817 39.04 -101.77 74.60
N VAL TA 818 38.89 -103.08 74.79
CA VAL TA 818 39.07 -103.69 76.11
C VAL TA 818 39.74 -105.05 75.94
N PRO TA 819 40.81 -105.34 76.68
CA PRO TA 819 41.41 -106.66 76.64
C PRO TA 819 40.64 -107.65 77.51
N GLU TA 820 40.92 -108.93 77.28
CA GLU TA 820 40.30 -110.02 78.02
C GLU TA 820 41.13 -110.36 79.24
N THR TA 821 40.48 -110.47 80.40
CA THR TA 821 41.16 -110.79 81.63
C THR TA 821 40.26 -111.62 82.53
N ASP TA 822 40.80 -112.02 83.69
CA ASP TA 822 40.08 -112.83 84.64
C ASP TA 822 39.78 -112.11 85.95
N GLU TA 823 40.38 -110.94 86.18
CA GLU TA 823 40.17 -110.21 87.42
C GLU TA 823 40.63 -108.78 87.21
N GLU TA 824 40.29 -107.92 88.18
CA GLU TA 824 40.66 -106.51 88.12
C GLU TA 824 42.14 -106.38 88.43
N VAL TA 825 42.95 -106.17 87.40
CA VAL TA 825 44.39 -106.31 87.55
C VAL TA 825 45.05 -105.01 88.00
N GLY TA 826 44.73 -103.89 87.38
CA GLY TA 826 45.32 -102.63 87.79
C GLY TA 826 46.00 -101.86 86.67
N THR TA 827 46.18 -100.55 86.86
CA THR TA 827 46.73 -99.68 85.82
C THR TA 827 48.20 -99.94 85.52
N ASP TA 828 48.85 -100.83 86.27
CA ASP TA 828 50.27 -101.09 86.05
C ASP TA 828 50.52 -102.20 85.04
N ASP TA 829 49.66 -103.19 84.98
CA ASP TA 829 49.84 -104.31 84.06
C ASP TA 829 49.43 -103.91 82.66
N PRO TA 830 50.12 -104.44 81.63
CA PRO TA 830 49.77 -104.09 80.24
C PRO TA 830 48.39 -104.56 79.81
N ARG TA 831 47.58 -105.14 80.70
CA ARG TA 831 46.22 -105.54 80.35
C ARG TA 831 45.17 -104.60 80.94
N HIS TA 832 45.58 -103.43 81.42
CA HIS TA 832 44.55 -102.50 81.84
C HIS TA 832 44.09 -101.66 80.65
N PRO TA 833 42.79 -101.41 80.53
CA PRO TA 833 42.28 -100.67 79.36
C PRO TA 833 42.76 -99.23 79.30
N LEU TA 834 43.63 -98.83 80.22
CA LEU TA 834 44.23 -97.50 80.20
C LEU TA 834 45.73 -97.53 79.98
N HIS TA 835 46.34 -98.72 79.90
CA HIS TA 835 47.77 -98.82 79.73
C HIS TA 835 48.20 -98.24 78.37
N PRO TA 836 49.39 -97.65 78.30
CA PRO TA 836 49.84 -97.09 77.02
C PRO TA 836 49.94 -98.11 75.89
N ARG TA 837 49.90 -99.40 76.20
CA ARG TA 837 50.05 -100.41 75.15
C ARG TA 837 48.79 -100.50 74.29
N ASN TA 838 47.67 -100.89 74.89
CA ASN TA 838 46.43 -101.10 74.16
C ASN TA 838 45.70 -99.79 73.88
N LEU TA 839 46.41 -98.67 73.97
CA LEU TA 839 45.81 -97.35 73.77
C LEU TA 839 45.79 -97.09 72.26
N VAL TA 840 44.67 -97.45 71.65
CA VAL TA 840 44.50 -97.26 70.21
C VAL TA 840 44.19 -95.79 69.93
N PRO TA 841 44.68 -95.21 68.84
CA PRO TA 841 44.45 -93.78 68.61
C PRO TA 841 43.04 -93.50 68.14
N ASN TA 842 42.58 -92.29 68.44
CA ASN TA 842 41.32 -91.76 67.92
C ASN TA 842 40.13 -92.63 68.33
N SER TA 843 40.03 -92.89 69.63
CA SER TA 843 39.06 -93.82 70.17
C SER TA 843 38.46 -93.21 71.43
N LEU TA 844 37.79 -94.05 72.23
CA LEU TA 844 37.20 -93.55 73.46
C LEU TA 844 38.22 -93.49 74.59
N ASN TA 845 39.03 -94.52 74.76
CA ASN TA 845 39.95 -94.59 75.89
C ASN TA 845 40.87 -93.38 75.94
N VAL TA 846 41.23 -92.83 74.77
CA VAL TA 846 42.09 -91.66 74.77
C VAL TA 846 41.37 -90.47 75.41
N LEU TA 847 40.03 -90.46 75.37
CA LEU TA 847 39.30 -89.39 76.05
C LEU TA 847 39.44 -89.51 77.55
N PHE TA 848 39.16 -90.69 78.11
CA PHE TA 848 39.33 -90.89 79.54
C PHE TA 848 40.76 -90.64 79.96
N HIS TA 849 41.73 -90.90 79.08
CA HIS TA 849 43.10 -90.63 79.47
C HIS TA 849 43.42 -89.14 79.45
N ASN TA 850 42.94 -88.42 78.43
CA ASN TA 850 43.21 -86.99 78.34
C ASN TA 850 42.75 -86.26 79.57
N ALA TA 851 41.68 -86.74 80.22
CA ALA TA 851 41.14 -86.09 81.39
C ALA TA 851 41.81 -86.54 82.68
N CYS TA 852 42.82 -87.40 82.60
CA CYS TA 852 43.57 -87.90 83.75
C CYS TA 852 42.69 -88.68 84.73
N VAL TA 853 41.43 -88.95 84.37
CA VAL TA 853 40.55 -89.70 85.26
C VAL TA 853 40.99 -91.15 85.30
N ALA TA 854 40.82 -91.78 86.47
CA ALA TA 854 41.27 -93.14 86.71
C ALA TA 854 40.04 -94.04 86.83
N VAL TA 855 39.66 -94.68 85.75
CA VAL TA 855 38.52 -95.56 85.72
C VAL TA 855 38.98 -97.00 85.76
N ASP TA 856 38.06 -97.92 85.99
CA ASP TA 856 38.35 -99.34 85.96
C ASP TA 856 38.02 -99.90 84.58
N ALA TA 857 38.08 -101.21 84.43
CA ALA TA 857 37.73 -101.83 83.16
C ALA TA 857 36.22 -102.04 83.04
N ASP TA 858 35.66 -102.88 83.92
CA ASP TA 858 34.24 -103.21 83.81
C ASP TA 858 33.36 -101.98 83.98
N ALA TA 859 33.85 -100.99 84.74
CA ALA TA 859 33.19 -99.69 84.76
C ALA TA 859 32.92 -99.22 83.34
N MET TA 860 33.96 -99.23 82.49
CA MET TA 860 33.77 -98.88 81.10
C MET TA 860 32.90 -99.89 80.38
N LEU TA 861 33.05 -101.17 80.71
CA LEU TA 861 32.29 -102.22 80.03
C LEU TA 861 30.78 -102.01 80.17
N ILE TA 862 30.35 -101.43 81.28
CA ILE TA 862 28.93 -101.21 81.50
C ILE TA 862 28.30 -100.35 80.42
N LEU TA 863 29.09 -99.51 79.75
CA LEU TA 863 28.55 -98.46 78.88
C LEU TA 863 27.60 -98.98 77.80
N GLN TA 864 27.58 -100.29 77.53
CA GLN TA 864 26.71 -100.79 76.47
C GLN TA 864 25.25 -100.72 76.86
N GLU TA 865 24.92 -100.68 78.16
CA GLU TA 865 23.53 -100.54 78.55
C GLU TA 865 22.92 -99.25 78.03
N THR TA 866 23.75 -98.33 77.56
CA THR TA 866 23.33 -97.04 77.04
C THR TA 866 22.89 -97.08 75.59
N VAL TA 867 22.68 -98.26 75.03
CA VAL TA 867 22.07 -98.38 73.71
C VAL TA 867 20.64 -98.89 73.78
N THR TA 868 20.25 -99.58 74.86
CA THR TA 868 18.86 -100.00 75.03
C THR TA 868 17.92 -98.83 75.21
N ASN TA 869 18.44 -97.63 75.42
CA ASN TA 869 17.60 -96.45 75.59
C ASN TA 869 18.39 -95.25 75.08
N MET TA 870 18.15 -94.87 73.84
CA MET TA 870 18.88 -93.78 73.21
C MET TA 870 17.98 -92.56 73.07
N ALA TA 871 18.58 -91.48 72.58
CA ALA TA 871 17.88 -90.23 72.35
C ALA TA 871 18.10 -89.81 70.91
N GLU TA 872 17.02 -89.39 70.25
CA GLU TA 872 17.12 -89.07 68.84
C GLU TA 872 17.87 -87.77 68.58
N ARG TA 873 17.32 -86.64 69.01
CA ARG TA 873 17.88 -85.33 68.80
C ARG TA 873 17.43 -84.34 69.83
N THR TA 874 18.06 -83.16 69.83
CA THR TA 874 17.71 -82.09 70.76
C THR TA 874 16.79 -81.18 69.96
N THR TA 875 15.62 -80.90 70.53
CA THR TA 875 14.56 -80.21 69.81
C THR TA 875 14.20 -78.91 70.51
N PRO TA 876 13.78 -77.90 69.77
CA PRO TA 876 13.33 -76.66 70.40
C PRO TA 876 11.87 -76.72 70.76
N LEU TA 877 11.45 -75.78 71.61
CA LEU TA 877 10.05 -75.65 71.97
C LEU TA 877 9.71 -74.17 72.01
N LEU TA 878 8.42 -73.87 71.95
CA LEU TA 878 7.98 -72.47 72.04
C LEU TA 878 6.68 -72.46 72.85
N ALA TA 879 6.83 -72.26 74.16
CA ALA TA 879 5.67 -72.21 75.03
C ALA TA 879 5.03 -70.84 74.94
N SER TA 880 3.72 -70.81 74.75
CA SER TA 880 2.96 -69.57 74.65
C SER TA 880 1.73 -69.70 75.52
N VAL TA 881 1.44 -68.67 76.29
CA VAL TA 881 0.31 -68.71 77.21
C VAL TA 881 -0.12 -67.29 77.54
N ALA TA 882 -1.43 -67.08 77.67
CA ALA TA 882 -1.97 -65.79 78.04
C ALA TA 882 -1.67 -65.49 79.51
N PRO TA 883 -1.81 -64.24 79.94
CA PRO TA 883 -1.59 -63.93 81.36
C PRO TA 883 -2.60 -64.62 82.26
N ASP TA 884 -2.25 -64.70 83.54
CA ASP TA 884 -2.99 -65.51 84.50
C ASP TA 884 -4.25 -64.77 84.97
N ALA TA 885 -4.85 -65.28 86.04
CA ALA TA 885 -6.01 -64.63 86.62
C ALA TA 885 -5.69 -63.26 87.20
N GLY TA 886 -4.40 -62.93 87.35
CA GLY TA 886 -3.98 -61.65 87.89
C GLY TA 886 -4.13 -60.49 86.92
N MET TA 887 -3.42 -60.54 85.79
CA MET TA 887 -3.59 -59.57 84.71
C MET TA 887 -4.62 -60.12 83.73
N ALA TA 888 -5.90 -59.88 84.06
CA ALA TA 888 -7.00 -60.48 83.32
C ALA TA 888 -7.98 -59.44 82.79
N THR TA 889 -7.53 -58.20 82.60
CA THR TA 889 -8.43 -57.20 82.04
C THR TA 889 -8.73 -57.55 80.58
N VAL TA 890 -9.95 -57.21 80.15
CA VAL TA 890 -10.33 -57.31 78.75
C VAL TA 890 -9.32 -56.60 77.86
N ALA TA 891 -8.55 -55.67 78.43
CA ALA TA 891 -7.45 -55.01 77.74
C ALA TA 891 -6.29 -55.94 77.41
N THR TA 892 -6.12 -57.03 78.15
CA THR TA 892 -4.92 -57.85 78.05
C THR TA 892 -5.19 -59.27 77.60
N ARG TA 893 -6.36 -59.54 77.01
CA ARG TA 893 -6.68 -60.90 76.61
C ARG TA 893 -5.68 -61.44 75.61
N ASP TA 894 -5.09 -60.57 74.80
CA ASP TA 894 -4.18 -61.01 73.74
C ASP TA 894 -2.71 -60.89 74.10
N MET TA 895 -2.37 -60.17 75.17
CA MET TA 895 -0.97 -59.96 75.50
C MET TA 895 -0.35 -61.22 76.07
N ARG TA 896 -0.24 -62.26 75.25
CA ARG TA 896 0.38 -63.51 75.67
C ARG TA 896 1.90 -63.36 75.68
N THR TA 897 2.58 -64.44 76.04
CA THR TA 897 4.03 -64.46 76.06
C THR TA 897 4.54 -65.54 75.11
N HIS TA 898 5.87 -65.62 74.99
CA HIS TA 898 6.51 -66.63 74.17
C HIS TA 898 7.93 -66.81 74.70
N ASP TA 899 8.29 -68.04 75.05
CA ASP TA 899 9.65 -68.32 75.46
C ASP TA 899 9.99 -69.75 75.12
N GLY TA 900 11.22 -69.98 74.68
CA GLY TA 900 11.63 -71.28 74.20
C GLY TA 900 12.24 -72.14 75.29
N SER TA 901 12.69 -73.31 74.88
CA SER TA 901 13.39 -74.26 75.73
C SER TA 901 13.96 -75.34 74.83
N LEU TA 902 14.89 -76.12 75.37
CA LEU TA 902 15.52 -77.19 74.63
C LEU TA 902 15.18 -78.51 75.29
N HIS TA 903 14.64 -79.44 74.51
CA HIS TA 903 14.36 -80.79 75.00
C HIS TA 903 15.59 -81.66 74.74
N HIS TA 904 16.06 -82.31 75.79
CA HIS TA 904 17.27 -83.14 75.71
C HIS TA 904 18.47 -82.30 75.27
N GLY TA 905 18.64 -81.15 75.90
CA GLY TA 905 19.75 -80.25 75.61
C GLY TA 905 20.89 -80.44 76.57
N LEU TA 906 21.63 -79.35 76.81
CA LEU TA 906 22.78 -79.42 77.69
C LEU TA 906 23.25 -78.01 78.01
N LEU TA 907 23.71 -77.82 79.25
CA LEU TA 907 24.20 -76.54 79.73
C LEU TA 907 25.67 -76.70 80.09
N MET TA 908 26.55 -76.02 79.35
CA MET TA 908 27.98 -76.14 79.55
C MET TA 908 28.51 -74.97 80.36
N MET TA 909 29.57 -75.24 81.13
CA MET TA 909 30.05 -74.25 82.09
C MET TA 909 30.77 -73.10 81.41
N ALA TA 910 31.88 -73.39 80.74
CA ALA TA 910 32.70 -72.33 80.17
C ALA TA 910 33.41 -72.88 78.94
N TYR TA 911 33.34 -72.13 77.84
CA TYR TA 911 33.86 -72.61 76.57
C TYR TA 911 35.38 -72.63 76.59
N GLN TA 912 35.95 -73.75 76.13
CA GLN TA 912 37.39 -73.89 76.00
C GLN TA 912 37.77 -73.63 74.55
N PRO TA 913 38.23 -72.43 74.21
CA PRO TA 913 38.49 -72.12 72.79
C PRO TA 913 39.86 -72.56 72.33
N ASN TA 914 40.81 -72.64 73.25
CA ASN TA 914 42.20 -72.84 72.89
C ASN TA 914 42.61 -74.30 72.81
N ASP TA 915 41.68 -75.22 73.01
CA ASP TA 915 42.03 -76.62 72.89
C ASP TA 915 42.43 -76.95 71.46
N ALA TA 916 43.31 -77.94 71.33
CA ALA TA 916 43.70 -78.46 70.04
C ALA TA 916 43.51 -79.96 69.93
N THR TA 917 43.27 -80.65 71.03
CA THR TA 917 43.07 -82.09 71.00
C THR TA 917 41.76 -82.50 70.37
N LEU TA 918 40.89 -81.55 70.02
CA LEU TA 918 39.62 -81.86 69.39
C LEU TA 918 39.23 -80.74 68.45
N LEU TA 919 38.37 -81.06 67.49
CA LEU TA 919 37.71 -80.01 66.72
C LEU TA 919 36.83 -79.19 67.64
N GLU TA 920 36.29 -78.09 67.10
CA GLU TA 920 35.47 -77.22 67.92
C GLU TA 920 34.00 -77.64 67.90
N GLY TA 921 33.37 -77.61 66.74
CA GLY TA 921 31.97 -77.94 66.67
C GLY TA 921 31.72 -79.42 66.53
N ALA TA 922 32.53 -80.22 67.21
CA ALA TA 922 32.47 -81.67 67.01
C ALA TA 922 31.33 -82.32 67.78
N PHE TA 923 30.88 -81.71 68.86
CA PHE TA 923 29.85 -82.38 69.65
C PHE TA 923 28.63 -81.52 69.90
N PHE TA 924 28.80 -80.21 70.08
CA PHE TA 924 27.71 -79.36 70.54
C PHE TA 924 27.67 -78.08 69.72
N TYR TA 925 26.57 -77.85 69.04
CA TYR TA 925 26.36 -76.53 68.50
C TYR TA 925 25.76 -75.63 69.57
N PRO TA 926 25.98 -74.33 69.51
CA PRO TA 926 25.39 -73.43 70.50
C PRO TA 926 23.95 -73.12 70.16
N ALA TA 927 23.13 -73.04 71.21
CA ALA TA 927 21.72 -72.67 71.05
C ALA TA 927 21.25 -72.02 72.34
N PRO TA 928 21.48 -70.72 72.50
CA PRO TA 928 20.99 -70.03 73.70
C PRO TA 928 19.49 -69.91 73.68
N VAL TA 929 18.88 -70.06 74.84
CA VAL TA 929 17.43 -70.04 74.97
C VAL TA 929 16.93 -68.73 75.56
N ASN TA 930 17.67 -68.15 76.50
CA ASN TA 930 17.24 -66.94 77.17
C ASN TA 930 18.44 -66.04 77.43
N ALA TA 931 18.16 -64.80 77.82
CA ALA TA 931 19.21 -63.80 77.98
C ALA TA 931 20.22 -64.18 79.04
N LEU TA 932 19.86 -65.05 79.97
CA LEU TA 932 20.82 -65.46 81.00
C LEU TA 932 21.86 -66.42 80.43
N PHE TA 933 21.41 -67.36 79.60
CA PHE TA 933 22.29 -68.40 79.06
C PHE TA 933 22.69 -68.07 77.62
N ALA TA 934 23.42 -66.97 77.45
CA ALA TA 934 23.91 -66.61 76.12
C ALA TA 934 25.25 -65.90 76.30
N CYS TA 935 26.33 -66.67 76.24
CA CYS TA 935 27.65 -66.09 76.29
C CYS TA 935 28.12 -65.77 74.87
N ALA TA 936 29.37 -65.35 74.75
CA ALA TA 936 29.94 -65.01 73.46
C ALA TA 936 30.98 -66.00 72.97
N ASP TA 937 31.72 -66.64 73.89
CA ASP TA 937 32.78 -67.53 73.48
C ASP TA 937 32.25 -68.74 72.71
N HIS TA 938 31.08 -69.25 73.09
CA HIS TA 938 30.55 -70.44 72.44
C HIS TA 938 30.14 -70.20 71.00
N LEU TA 939 30.05 -68.94 70.56
CA LEU TA 939 29.74 -68.67 69.16
C LEU TA 939 30.80 -69.25 68.24
N GLY TA 940 32.04 -69.32 68.71
CA GLY TA 940 33.12 -69.93 67.96
C GLY TA 940 33.07 -71.43 67.91
N ALA TA 941 32.13 -72.06 68.60
CA ALA TA 941 31.99 -73.51 68.51
C ALA TA 941 31.38 -73.91 67.17
N MET TA 942 30.31 -73.22 66.77
CA MET TA 942 29.72 -73.51 65.47
C MET TA 942 30.72 -73.21 64.36
N ARG TA 943 30.56 -73.91 63.24
CA ARG TA 943 31.54 -73.84 62.17
C ARG TA 943 31.13 -72.84 61.10
N ASP TA 944 32.15 -72.27 60.45
CA ASP TA 944 31.95 -71.35 59.33
C ASP TA 944 31.15 -70.11 59.77
N VAL TA 945 31.39 -69.66 60.99
CA VAL TA 945 30.80 -68.43 61.47
C VAL TA 945 31.60 -67.25 60.93
N GLY TA 946 30.90 -66.23 60.45
CA GLY TA 946 31.57 -65.04 59.99
C GLY TA 946 32.35 -64.37 61.11
N ALA TA 947 33.28 -63.51 60.72
CA ALA TA 947 34.08 -62.79 61.69
C ALA TA 947 33.44 -61.47 62.10
N GLU TA 948 32.63 -60.87 61.22
CA GLU TA 948 32.01 -59.60 61.55
C GLU TA 948 30.83 -59.77 62.49
N VAL TA 949 30.14 -60.91 62.43
CA VAL TA 949 29.00 -61.10 63.30
C VAL TA 949 29.41 -61.28 64.75
N ARG TA 950 30.66 -61.69 64.99
CA ARG TA 950 31.12 -61.87 66.37
C ARG TA 950 31.25 -60.54 67.09
N ALA TA 951 31.61 -59.48 66.38
CA ALA TA 951 31.80 -58.17 67.01
C ALA TA 951 30.51 -57.72 67.70
N ALA TA 952 29.40 -57.67 66.96
CA ALA TA 952 28.13 -57.33 67.57
C ALA TA 952 27.65 -58.41 68.52
N ALA TA 953 28.09 -59.66 68.33
CA ALA TA 953 27.71 -60.73 69.22
C ALA TA 953 28.24 -60.55 70.63
N GLN TA 954 29.09 -59.56 70.85
CA GLN TA 954 29.68 -59.37 72.15
C GLN TA 954 28.75 -58.62 73.10
N HIS TA 955 28.17 -57.52 72.63
CA HIS TA 955 27.42 -56.65 73.52
C HIS TA 955 25.95 -57.02 73.64
N VAL TA 956 25.37 -57.70 72.64
CA VAL TA 956 23.98 -58.10 72.72
C VAL TA 956 23.92 -59.62 72.82
N PRO TA 957 23.00 -60.18 73.61
CA PRO TA 957 22.81 -61.63 73.59
C PRO TA 957 22.26 -62.07 72.24
N CYS TA 958 22.51 -63.32 71.91
CA CYS TA 958 22.21 -63.86 70.58
C CYS TA 958 21.11 -64.89 70.61
N VAL TA 959 20.07 -64.68 71.41
CA VAL TA 959 18.97 -65.64 71.41
C VAL TA 959 18.30 -65.63 70.04
N PRO TA 960 18.11 -66.78 69.39
CA PRO TA 960 17.59 -66.77 68.03
C PRO TA 960 16.16 -66.27 67.99
N HIS TA 961 15.84 -65.57 66.92
CA HIS TA 961 14.52 -64.95 66.84
C HIS TA 961 13.42 -65.96 66.57
N PHE TA 962 13.70 -67.26 66.65
CA PHE TA 962 12.64 -68.27 66.65
C PHE TA 962 12.51 -68.95 68.00
N LEU TA 963 13.20 -68.45 69.03
CA LEU TA 963 13.12 -68.99 70.38
C LEU TA 963 12.78 -67.91 71.38
N GLY TA 964 12.08 -66.86 70.94
CA GLY TA 964 11.60 -65.84 71.84
C GLY TA 964 12.53 -64.65 71.97
N ALA TA 965 12.07 -63.48 71.55
CA ALA TA 965 12.89 -62.27 71.63
C ALA TA 965 12.85 -61.76 73.07
N ASN TA 966 13.37 -60.55 73.28
CA ASN TA 966 13.61 -60.04 74.62
C ASN TA 966 12.46 -59.18 75.14
N TYR TA 967 11.36 -59.07 74.40
CA TYR TA 967 10.19 -58.37 74.92
C TYR TA 967 9.02 -59.29 75.21
N TYR TA 968 8.80 -60.30 74.37
CA TYR TA 968 7.74 -61.25 74.62
C TYR TA 968 8.13 -62.32 75.62
N ALA TA 969 9.41 -62.44 75.94
CA ALA TA 969 9.84 -63.43 76.91
C ALA TA 969 9.40 -63.03 78.32
N THR TA 970 9.44 -64.01 79.23
CA THR TA 970 8.99 -63.80 80.59
C THR TA 970 10.12 -63.47 81.56
N VAL TA 971 11.36 -63.53 81.11
CA VAL TA 971 12.52 -63.17 81.94
C VAL TA 971 13.38 -62.25 81.07
N ARG TA 972 13.16 -60.94 81.20
CA ARG TA 972 13.70 -59.99 80.24
C ARG TA 972 15.19 -59.82 80.45
N GLN TA 973 15.77 -58.88 79.71
CA GLN TA 973 17.20 -58.60 79.84
C GLN TA 973 17.62 -58.11 81.22
N PRO TA 974 16.96 -57.13 81.83
CA PRO TA 974 17.54 -56.50 83.03
C PRO TA 974 17.94 -57.46 84.14
N VAL TA 975 17.24 -58.58 84.30
CA VAL TA 975 17.62 -59.48 85.39
C VAL TA 975 18.95 -60.15 85.08
N ALA TA 976 19.20 -60.48 83.81
CA ALA TA 976 20.51 -61.01 83.45
C ALA TA 976 21.59 -59.96 83.62
N GLN TA 977 21.30 -58.73 83.20
CA GLN TA 977 22.21 -57.63 83.44
C GLN TA 977 22.57 -57.52 84.91
N HIS TA 978 21.57 -57.63 85.79
CA HIS TA 978 21.85 -57.63 87.22
C HIS TA 978 22.76 -58.78 87.60
N ALA TA 979 22.44 -59.98 87.12
CA ALA TA 979 23.25 -61.14 87.46
C ALA TA 979 24.70 -60.99 87.00
N ALA TA 980 24.94 -60.15 86.01
CA ALA TA 980 26.30 -60.00 85.48
C ALA TA 980 26.99 -58.73 85.96
N GLN TA 981 26.30 -57.85 86.67
CA GLN TA 981 26.90 -56.61 87.13
C GLN TA 981 27.08 -56.51 88.63
N SER TA 982 26.40 -57.33 89.42
CA SER TA 982 26.62 -57.30 90.85
C SER TA 982 28.00 -57.83 91.18
N ARG TA 983 28.53 -57.41 92.31
CA ARG TA 983 29.87 -57.78 92.71
C ARG TA 983 29.93 -58.09 94.19
N ALA TA 984 28.95 -58.83 94.70
CA ALA TA 984 28.84 -58.99 96.14
C ALA TA 984 28.33 -60.39 96.49
N ASP TA 985 29.20 -61.20 97.09
CA ASP TA 985 28.80 -62.29 97.98
C ASP TA 985 27.78 -63.22 97.33
N GLU TA 986 28.27 -63.97 96.35
CA GLU TA 986 27.44 -64.81 95.50
C GLU TA 986 26.46 -65.72 96.25
N ASN TA 987 26.60 -65.88 97.56
CA ASN TA 987 25.51 -66.48 98.31
C ASN TA 987 24.29 -65.58 98.32
N THR TA 988 24.45 -64.35 98.84
CA THR TA 988 23.32 -63.42 98.91
C THR TA 988 22.79 -63.06 97.54
N LEU TA 989 23.60 -63.20 96.49
CA LEU TA 989 23.08 -62.97 95.15
C LEU TA 989 21.96 -63.94 94.83
N SER TA 990 22.03 -65.15 95.38
CA SER TA 990 20.95 -66.12 95.19
C SER TA 990 19.63 -65.58 95.74
N TYR TA 991 19.66 -65.11 96.99
CA TYR TA 991 18.44 -64.59 97.59
C TYR TA 991 17.96 -63.34 96.88
N ALA TA 992 18.88 -62.49 96.41
CA ALA TA 992 18.47 -61.30 95.68
C ALA TA 992 17.75 -61.67 94.39
N LEU TA 993 18.34 -62.58 93.62
CA LEU TA 993 17.69 -63.03 92.39
C LEU TA 993 16.34 -63.65 92.70
N MET TA 994 16.27 -64.48 93.73
CA MET TA 994 15.01 -65.14 94.06
C MET TA 994 13.94 -64.11 94.40
N ALA TA 995 14.25 -63.18 95.30
CA ALA TA 995 13.30 -62.13 95.63
C ALA TA 995 12.93 -61.30 94.41
N GLY TA 996 13.80 -61.25 93.41
CA GLY TA 996 13.44 -60.57 92.18
C GLY TA 996 12.56 -61.41 91.28
N TYR TA 997 11.67 -62.21 91.87
CA TYR TA 997 10.83 -63.10 91.09
C TYR TA 997 9.41 -63.17 91.63
N PHE TA 998 8.98 -62.20 92.41
CA PHE TA 998 7.60 -62.12 92.87
C PHE TA 998 6.80 -61.33 91.86
N LYS TA 999 5.64 -61.87 91.45
CA LYS TA 999 4.87 -61.24 90.40
C LYS TA 999 4.48 -59.82 90.81
N MET TA 1000 4.10 -59.03 89.81
CA MET TA 1000 3.62 -57.66 90.02
C MET TA 1000 2.20 -57.61 89.50
N SER TA 1001 1.24 -57.80 90.41
CA SER TA 1001 -0.17 -57.89 90.05
C SER TA 1001 -0.97 -57.62 91.31
N PRO TA 1002 -2.17 -57.03 91.18
CA PRO TA 1002 -2.97 -56.77 92.38
C PRO TA 1002 -3.17 -57.99 93.25
N VAL TA 1003 -3.58 -59.11 92.64
CA VAL TA 1003 -3.78 -60.34 93.38
C VAL TA 1003 -2.50 -60.86 94.01
N ALA TA 1004 -1.34 -60.37 93.58
CA ALA TA 1004 -0.08 -60.72 94.23
C ALA TA 1004 0.41 -59.65 95.18
N PHE TA 1005 0.07 -58.39 94.91
CA PHE TA 1005 0.39 -57.34 95.85
C PHE TA 1005 -0.32 -57.56 97.18
N THR TA 1006 -1.57 -58.04 97.11
CA THR TA 1006 -2.34 -58.30 98.33
C THR TA 1006 -1.70 -59.38 99.18
N HIS TA 1007 -0.59 -59.96 98.71
CA HIS TA 1007 0.24 -60.84 99.52
C HIS TA 1007 1.56 -60.19 99.89
N GLN TA 1008 2.30 -59.71 98.89
CA GLN TA 1008 3.61 -59.13 99.16
C GLN TA 1008 3.52 -57.99 100.15
N LEU TA 1009 2.69 -56.99 99.86
CA LEU TA 1009 2.65 -55.80 100.70
C LEU TA 1009 2.27 -56.15 102.13
N ARG TA 1010 1.28 -57.01 102.30
CA ARG TA 1010 0.84 -57.35 103.65
C ARG TA 1010 1.88 -58.17 104.40
N ARG TA 1011 2.68 -58.96 103.68
CA ARG TA 1011 3.62 -59.87 104.33
C ARG TA 1011 4.97 -59.21 104.63
N GLN TA 1012 5.03 -57.89 104.68
CA GLN TA 1012 6.25 -57.17 105.04
C GLN TA 1012 7.39 -57.48 104.08
N LEU TA 1013 7.13 -57.26 102.79
CA LEU TA 1013 8.15 -57.36 101.76
C LEU TA 1013 8.15 -56.08 100.95
N HIS TA 1014 9.34 -55.60 100.61
CA HIS TA 1014 9.47 -54.33 99.90
C HIS TA 1014 9.56 -54.60 98.41
N PRO TA 1015 8.53 -54.32 97.64
CA PRO TA 1015 8.64 -54.47 96.19
C PRO TA 1015 9.49 -53.36 95.59
N GLY TA 1016 9.68 -53.38 94.28
CA GLY TA 1016 10.56 -52.41 93.65
C GLY TA 1016 9.93 -51.05 93.40
N PHE TA 1017 9.10 -50.59 94.32
CA PHE TA 1017 8.43 -49.31 94.20
C PHE TA 1017 8.94 -48.35 95.27
N ALA TA 1018 8.42 -47.14 95.22
CA ALA TA 1018 8.62 -46.16 96.29
C ALA TA 1018 7.46 -45.20 96.19
N LEU TA 1019 6.59 -45.18 97.19
CA LEU TA 1019 5.39 -44.38 97.12
C LEU TA 1019 5.64 -42.98 97.66
N THR TA 1020 4.71 -42.08 97.36
CA THR TA 1020 4.84 -40.67 97.70
C THR TA 1020 3.52 -40.19 98.27
N VAL TA 1021 3.38 -40.22 99.58
CA VAL TA 1021 2.13 -39.84 100.22
C VAL TA 1021 1.87 -38.36 100.04
N VAL TA 1022 0.61 -38.00 99.82
CA VAL TA 1022 0.19 -36.60 99.72
C VAL TA 1022 -1.11 -36.45 100.49
N ARG TA 1023 -1.26 -35.35 101.22
CA ARG TA 1023 -2.49 -35.10 101.95
C ARG TA 1023 -2.65 -33.60 102.14
N GLN TA 1024 -3.87 -33.18 102.46
CA GLN TA 1024 -4.22 -31.77 102.55
C GLN TA 1024 -4.87 -31.47 103.88
N ASP TA 1025 -4.48 -30.35 104.49
CA ASP TA 1025 -4.92 -29.98 105.82
C ASP TA 1025 -5.45 -28.55 105.82
N ARG TA 1026 -6.16 -28.20 106.89
CA ARG TA 1026 -6.75 -26.88 107.02
C ARG TA 1026 -6.57 -26.38 108.45
N PHE TA 1027 -6.21 -25.10 108.58
CA PHE TA 1027 -5.94 -24.50 109.88
C PHE TA 1027 -6.73 -23.21 110.02
N ALA TA 1028 -7.54 -23.13 111.07
CA ALA TA 1028 -8.37 -21.97 111.30
C ALA TA 1028 -7.53 -20.85 111.91
N THR TA 1029 -7.36 -19.78 111.17
CA THR TA 1029 -6.52 -18.67 111.58
C THR TA 1029 -7.38 -17.45 111.91
N GLU TA 1030 -6.72 -16.40 112.40
CA GLU TA 1030 -7.39 -15.18 112.82
C GLU TA 1030 -6.81 -14.00 112.04
N ASN TA 1031 -7.50 -13.60 110.97
CA ASN TA 1031 -6.99 -12.57 110.09
C ASN TA 1031 -7.18 -11.19 110.72
N VAL TA 1032 -6.57 -10.20 110.08
CA VAL TA 1032 -6.70 -8.80 110.47
C VAL TA 1032 -6.90 -7.98 109.21
N LEU TA 1033 -8.14 -7.62 108.91
CA LEU TA 1033 -8.45 -6.94 107.66
C LEU TA 1033 -8.15 -5.45 107.77
N PHE TA 1034 -8.15 -4.79 106.62
CA PHE TA 1034 -7.95 -3.34 106.56
C PHE TA 1034 -8.60 -2.81 105.30
N ALA TA 1035 -9.37 -1.75 105.42
CA ALA TA 1035 -10.05 -1.13 104.30
C ALA TA 1035 -9.54 0.30 104.15
N GLU TA 1036 -10.16 1.05 103.25
CA GLU TA 1036 -9.71 2.40 102.96
C GLU TA 1036 -10.86 3.40 103.12
N LYS TA 1037 -10.50 4.68 103.06
CA LYS TA 1037 -11.43 5.76 103.37
C LYS TA 1037 -12.74 5.63 102.61
N ALA TA 1038 -12.69 5.14 101.37
CA ALA TA 1038 -13.92 4.83 100.64
C ALA TA 1038 -13.53 3.77 99.60
N SER TA 1039 -13.81 2.52 99.90
CA SER TA 1039 -13.44 1.43 99.03
C SER TA 1039 -14.64 0.73 98.41
N GLU TA 1040 -15.85 1.22 98.66
CA GLU TA 1040 -17.03 0.56 98.12
C GLU TA 1040 -18.11 1.58 97.85
N SER TA 1041 -18.62 1.60 96.63
CA SER TA 1041 -19.89 2.25 96.35
C SER TA 1041 -20.99 1.22 96.58
N TYR TA 1042 -22.02 1.61 97.31
CA TYR TA 1042 -23.02 0.67 97.80
C TYR TA 1042 -24.39 1.31 97.67
N PHE TA 1043 -25.26 0.70 96.87
CA PHE TA 1043 -26.58 1.24 96.59
C PHE TA 1043 -27.64 0.40 97.27
N MET TA 1044 -28.47 1.03 98.07
CA MET TA 1044 -29.54 0.36 98.80
C MET TA 1044 -30.86 0.70 98.13
N GLY TA 1045 -31.59 -0.33 97.71
CA GLY TA 1045 -32.88 -0.12 97.06
C GLY TA 1045 -33.96 0.32 98.03
N GLN TA 1046 -35.21 0.04 97.69
CA GLN TA 1046 -36.35 0.36 98.54
C GLN TA 1046 -36.98 -0.91 99.06
N MET TA 1047 -37.36 -0.90 100.34
CA MET TA 1047 -37.92 -2.08 100.97
C MET TA 1047 -39.16 -2.56 100.23
N GLN TA 1048 -39.36 -3.87 100.22
CA GLN TA 1048 -40.55 -4.50 99.68
C GLN TA 1048 -41.24 -5.28 100.78
N VAL TA 1049 -42.36 -5.92 100.43
CA VAL TA 1049 -43.10 -6.75 101.37
C VAL TA 1049 -44.07 -7.60 100.56
N ALA TA 1050 -44.44 -8.78 101.09
CA ALA TA 1050 -45.31 -9.68 100.33
C ALA TA 1050 -46.11 -10.52 101.32
N ARG TA 1051 -47.35 -10.13 101.57
CA ARG TA 1051 -48.21 -10.86 102.49
C ARG TA 1051 -48.79 -12.06 101.77
N THR TA 1052 -48.32 -13.26 102.10
CA THR TA 1052 -48.86 -14.49 101.55
C THR TA 1052 -49.51 -15.30 102.66
N GLU TA 1053 -50.73 -15.77 102.41
CA GLU TA 1053 -51.49 -16.45 103.44
C GLU TA 1053 -51.06 -17.91 103.57
N SER TA 1054 -51.23 -18.46 104.76
CA SER TA 1054 -50.88 -19.86 104.99
C SER TA 1054 -51.71 -20.36 106.18
N GLY TA 1055 -52.80 -21.06 105.88
CA GLY TA 1055 -53.63 -21.64 106.92
C GLY TA 1055 -54.21 -20.62 107.89
N GLY TA 1056 -54.81 -19.56 107.36
CA GLY TA 1056 -55.42 -18.54 108.18
C GLY TA 1056 -54.46 -17.53 108.78
N GLY TA 1057 -53.17 -17.83 108.87
CA GLY TA 1057 -52.19 -16.95 109.48
C GLY TA 1057 -51.31 -16.30 108.42
N LEU TA 1058 -51.13 -14.99 108.55
CA LEU TA 1058 -50.25 -14.28 107.65
C LEU TA 1058 -48.82 -14.74 107.81
N HIS TA 1059 -48.08 -14.70 106.71
CA HIS TA 1059 -46.65 -15.01 106.73
C HIS TA 1059 -45.95 -14.00 105.82
N LEU TA 1060 -45.51 -12.90 106.42
CA LEU TA 1060 -44.84 -11.86 105.66
C LEU TA 1060 -43.43 -12.31 105.27
N GLN TA 1061 -42.84 -11.61 104.32
CA GLN TA 1061 -41.47 -11.91 103.89
C GLN TA 1061 -40.86 -10.63 103.33
N LEU TA 1062 -40.11 -9.92 104.16
CA LEU TA 1062 -39.49 -8.68 103.71
C LEU TA 1062 -38.35 -8.98 102.74
N THR TA 1063 -37.89 -7.93 102.07
CA THR TA 1063 -36.83 -8.05 101.08
C THR TA 1063 -36.37 -6.65 100.71
N GLN TA 1064 -35.07 -6.51 100.48
CA GLN TA 1064 -34.51 -5.22 100.10
C GLN TA 1064 -33.37 -5.41 99.12
N PRO TA 1065 -33.53 -4.98 97.88
CA PRO TA 1065 -32.46 -5.15 96.90
C PRO TA 1065 -31.33 -4.16 97.14
N ARG TA 1066 -30.12 -4.61 96.88
CA ARG TA 1066 -28.96 -3.74 97.03
C ARG TA 1066 -27.84 -4.23 96.13
N ALA TA 1067 -27.05 -3.28 95.63
CA ALA TA 1067 -26.01 -3.58 94.66
C ALA TA 1067 -24.76 -2.77 94.99
N ASN TA 1068 -23.59 -3.36 94.74
CA ASN TA 1068 -22.32 -2.76 95.10
C ASN TA 1068 -21.39 -2.71 93.90
N VAL TA 1069 -20.31 -1.96 94.06
CA VAL TA 1069 -19.23 -1.92 93.07
C VAL TA 1069 -18.02 -1.28 93.72
N ASP TA 1070 -16.84 -1.77 93.35
CA ASP TA 1070 -15.62 -1.14 93.78
C ASP TA 1070 -15.46 0.19 93.08
N LEU TA 1071 -14.77 1.12 93.74
CA LEU TA 1071 -14.48 2.39 93.09
C LEU TA 1071 -13.07 2.83 93.39
N GLY TA 1072 -12.16 1.87 93.53
CA GLY TA 1072 -10.75 2.19 93.59
C GLY TA 1072 -9.95 1.34 92.63
N VAL TA 1073 -9.17 1.98 91.76
CA VAL TA 1073 -8.24 1.24 90.92
C VAL TA 1073 -7.06 0.81 91.77
N GLY TA 1074 -6.59 -0.42 91.56
CA GLY TA 1074 -5.62 -1.01 92.44
C GLY TA 1074 -6.29 -1.60 93.67
N PHE TA 1075 -5.48 -2.28 94.48
CA PHE TA 1075 -6.01 -2.95 95.65
C PHE TA 1075 -6.28 -1.94 96.76
N THR TA 1076 -7.46 -2.08 97.40
CA THR TA 1076 -7.83 -1.20 98.50
C THR TA 1076 -8.22 -2.00 99.73
N ALA TA 1077 -7.67 -3.20 99.88
CA ALA TA 1077 -7.96 -4.04 101.03
C ALA TA 1077 -6.92 -5.14 101.13
N ALA TA 1078 -6.58 -5.52 102.35
CA ALA TA 1078 -5.60 -6.56 102.58
C ALA TA 1078 -5.74 -7.06 104.00
N TYR TA 1079 -5.37 -8.32 104.22
CA TYR TA 1079 -5.36 -8.89 105.55
C TYR TA 1079 -4.02 -9.56 105.80
N ALA TA 1080 -3.82 -10.06 107.02
CA ALA TA 1080 -2.50 -10.48 107.44
C ALA TA 1080 -2.41 -11.87 108.04
N ALA TA 1081 -3.50 -12.43 108.58
CA ALA TA 1081 -3.50 -13.75 109.19
C ALA TA 1081 -2.49 -13.82 110.34
N ALA TA 1082 -2.81 -13.07 111.40
CA ALA TA 1082 -1.87 -12.93 112.51
C ALA TA 1082 -1.73 -14.19 113.33
N ALA TA 1083 -2.78 -14.62 114.01
CA ALA TA 1083 -2.67 -15.70 114.99
C ALA TA 1083 -2.93 -17.04 114.33
N LEU TA 1084 -3.10 -18.08 115.13
CA LEU TA 1084 -3.45 -19.40 114.61
C LEU TA 1084 -4.20 -20.15 115.69
N ARG TA 1085 -5.46 -20.46 115.41
CA ARG TA 1085 -6.26 -21.30 116.32
C ARG TA 1085 -5.94 -22.77 116.03
N ALA TA 1086 -6.75 -23.65 116.59
CA ALA TA 1086 -6.49 -25.07 116.43
C ALA TA 1086 -6.62 -25.49 114.97
N PRO TA 1087 -5.88 -26.51 114.54
CA PRO TA 1087 -6.09 -27.08 113.21
C PRO TA 1087 -7.46 -27.75 113.14
N VAL TA 1088 -8.30 -27.28 112.21
CA VAL TA 1088 -9.65 -27.81 112.13
C VAL TA 1088 -9.65 -29.26 111.68
N THR TA 1089 -8.69 -29.66 110.86
CA THR TA 1089 -8.61 -31.03 110.38
C THR TA 1089 -7.56 -31.79 111.16
N ASP TA 1090 -7.74 -33.10 111.23
CA ASP TA 1090 -6.73 -33.98 111.80
C ASP TA 1090 -5.64 -34.23 110.78
N MET TA 1091 -4.45 -34.55 111.29
CA MET TA 1091 -3.31 -34.84 110.43
C MET TA 1091 -2.97 -36.32 110.45
N GLY TA 1092 -3.97 -37.17 110.62
CA GLY TA 1092 -3.76 -38.60 110.71
C GLY TA 1092 -3.59 -39.23 109.35
N ASN TA 1093 -3.85 -40.52 109.29
CA ASN TA 1093 -3.74 -41.29 108.07
C ASN TA 1093 -5.07 -41.95 107.76
N LEU TA 1094 -5.45 -41.93 106.49
CA LEU TA 1094 -6.68 -42.53 106.02
C LEU TA 1094 -6.50 -42.90 104.55
N PRO TA 1095 -6.20 -44.15 104.25
CA PRO TA 1095 -5.93 -44.52 102.85
C PRO TA 1095 -7.17 -44.34 101.99
N GLN TA 1096 -7.01 -43.66 100.87
CA GLN TA 1096 -8.12 -43.54 99.93
C GLN TA 1096 -8.32 -44.85 99.21
N ASN TA 1097 -9.56 -45.31 99.18
CA ASN TA 1097 -9.89 -46.63 98.66
C ASN TA 1097 -10.52 -46.46 97.28
N LEU TA 1098 -9.78 -46.85 96.25
CA LEU TA 1098 -10.25 -46.69 94.89
C LEU TA 1098 -11.40 -47.62 94.53
N PHE TA 1099 -11.90 -48.42 95.46
CA PHE TA 1099 -13.06 -49.26 95.18
C PHE TA 1099 -14.37 -48.52 95.36
N ALA TA 1100 -14.32 -47.19 95.42
CA ALA TA 1100 -15.52 -46.38 95.56
C ALA TA 1100 -15.82 -45.57 94.31
N THR TA 1101 -15.27 -45.98 93.16
CA THR TA 1101 -15.40 -45.22 91.93
C THR TA 1101 -15.94 -46.11 90.83
N ARG TA 1102 -16.38 -45.46 89.76
CA ARG TA 1102 -16.79 -46.10 88.53
C ARG TA 1102 -15.77 -45.78 87.44
N GLY TA 1103 -16.07 -46.21 86.22
CA GLY TA 1103 -15.16 -45.94 85.12
C GLY TA 1103 -13.89 -46.75 85.13
N ALA TA 1104 -13.88 -47.88 85.82
CA ALA TA 1104 -12.74 -48.78 85.82
C ALA TA 1104 -13.15 -50.11 85.21
N PRO TA 1105 -12.36 -50.66 84.29
CA PRO TA 1105 -12.76 -51.90 83.62
C PRO TA 1105 -12.48 -53.09 84.50
N PRO TA 1106 -13.51 -53.83 84.91
CA PRO TA 1106 -13.29 -54.94 85.83
C PRO TA 1106 -12.62 -56.11 85.14
N MET TA 1107 -12.03 -56.95 85.96
CA MET TA 1107 -11.31 -58.12 85.46
C MET TA 1107 -12.30 -59.19 85.01
N LEU TA 1108 -11.96 -59.88 83.92
CA LEU TA 1108 -12.92 -60.78 83.31
C LEU TA 1108 -13.31 -61.92 84.24
N ASP TA 1109 -12.37 -62.37 85.07
CA ASP TA 1109 -12.67 -63.45 86.02
C ASP TA 1109 -13.64 -62.92 87.07
N ALA TA 1110 -14.83 -63.53 87.14
CA ALA TA 1110 -15.85 -63.03 88.05
C ALA TA 1110 -15.42 -63.13 89.50
N ASP TA 1111 -14.70 -64.19 89.86
CA ASP TA 1111 -14.36 -64.42 91.25
C ASP TA 1111 -13.14 -63.63 91.70
N ALA TA 1112 -12.26 -63.26 90.77
CA ALA TA 1112 -11.05 -62.54 91.15
C ALA TA 1112 -11.39 -61.19 91.76
N ASP TA 1113 -12.28 -60.42 91.12
CA ASP TA 1113 -12.64 -59.13 91.68
C ASP TA 1113 -13.40 -59.29 93.00
N ASP TA 1114 -14.20 -60.34 93.13
CA ASP TA 1114 -14.83 -60.62 94.41
C ASP TA 1114 -13.77 -60.80 95.50
N TYR TA 1115 -12.73 -61.57 95.18
CA TYR TA 1115 -11.64 -61.77 96.13
C TYR TA 1115 -10.94 -60.46 96.47
N LEU TA 1116 -10.68 -59.64 95.45
CA LEU TA 1116 -10.02 -58.36 95.69
C LEU TA 1116 -10.84 -57.48 96.62
N ARG TA 1117 -12.13 -57.34 96.33
CA ARG TA 1117 -12.98 -56.49 97.17
C ARG TA 1117 -13.15 -57.08 98.55
N ARG TA 1118 -13.13 -58.40 98.67
CA ARG TA 1118 -13.22 -59.05 99.97
C ARG TA 1118 -11.98 -58.80 100.81
N THR TA 1119 -10.82 -58.62 100.18
CA THR TA 1119 -9.60 -58.38 100.95
C THR TA 1119 -9.31 -56.90 101.19
N VAL TA 1120 -9.53 -56.03 100.21
CA VAL TA 1120 -9.23 -54.62 100.42
C VAL TA 1120 -10.18 -54.00 101.42
N ASN TA 1121 -11.45 -54.42 101.42
CA ASN TA 1121 -12.41 -53.98 102.42
C ASN TA 1121 -12.48 -54.91 103.62
N ALA TA 1122 -11.44 -55.71 103.83
CA ALA TA 1122 -11.38 -56.59 105.00
C ALA TA 1122 -11.11 -55.73 106.23
N GLY TA 1123 -12.18 -55.19 106.79
CA GLY TA 1123 -12.05 -54.30 107.92
C GLY TA 1123 -11.56 -52.92 107.58
N ASN TA 1124 -11.63 -52.52 106.32
CA ASN TA 1124 -11.19 -51.19 105.95
C ASN TA 1124 -12.23 -50.14 106.34
N ARG TA 1125 -11.80 -48.90 106.28
CA ARG TA 1125 -12.64 -47.73 106.50
C ARG TA 1125 -13.45 -47.43 105.26
N LEU TA 1126 -13.80 -46.16 105.09
CA LEU TA 1126 -14.97 -45.65 104.39
C LEU TA 1126 -15.52 -46.50 103.25
N ALA TA 1127 -14.68 -47.03 102.38
CA ALA TA 1127 -15.07 -47.44 101.03
C ALA TA 1127 -16.45 -48.07 100.86
N PRO TA 1128 -16.75 -49.19 101.49
CA PRO TA 1128 -17.88 -49.99 101.00
C PRO TA 1128 -19.21 -49.75 101.71
N VAL TA 1129 -20.31 -49.98 101.00
CA VAL TA 1129 -21.60 -50.33 101.59
C VAL TA 1129 -22.56 -50.72 100.46
N PRO TA 1130 -23.36 -51.77 100.62
CA PRO TA 1130 -24.33 -52.15 99.57
C PRO TA 1130 -25.56 -51.24 99.62
N VAL TA 1131 -25.66 -50.34 98.65
CA VAL TA 1131 -26.69 -49.32 98.59
C VAL TA 1131 -27.14 -49.16 97.15
N PHE TA 1132 -28.04 -48.20 96.93
CA PHE TA 1132 -28.46 -47.81 95.59
C PHE TA 1132 -28.02 -46.37 95.36
N GLY TA 1133 -27.13 -46.17 94.39
CA GLY TA 1133 -26.73 -44.85 93.89
C GLY TA 1133 -26.11 -43.97 94.96
N GLN TA 1134 -25.77 -44.53 96.12
CA GLN TA 1134 -25.19 -43.75 97.21
C GLN TA 1134 -23.68 -43.86 97.26
N MET TA 1135 -23.15 -45.08 97.37
CA MET TA 1135 -21.72 -45.34 97.43
C MET TA 1135 -21.04 -44.61 98.59
N LEU TA 1136 -21.81 -44.19 99.58
CA LEU TA 1136 -21.25 -43.43 100.69
C LEU TA 1136 -20.89 -44.37 101.84
N PRO TA 1137 -19.78 -44.12 102.52
CA PRO TA 1137 -19.47 -44.89 103.73
C PRO TA 1137 -20.58 -44.76 104.76
N GLN TA 1138 -20.56 -45.66 105.73
CA GLN TA 1138 -21.49 -45.56 106.83
C GLN TA 1138 -20.95 -44.57 107.86
N VAL TA 1139 -21.87 -43.89 108.54
CA VAL TA 1139 -21.48 -42.82 109.47
C VAL TA 1139 -20.59 -43.41 110.55
N PRO TA 1140 -19.54 -42.73 110.97
CA PRO TA 1140 -18.68 -43.27 112.03
C PRO TA 1140 -19.29 -43.06 113.40
N ALA TA 1141 -19.01 -44.00 114.29
CA ALA TA 1141 -19.47 -43.93 115.67
C ALA TA 1141 -18.42 -43.18 116.47
N GLY TA 1142 -18.69 -41.90 116.76
CA GLY TA 1142 -17.81 -41.13 117.61
C GLY TA 1142 -16.60 -40.57 116.90
N LEU TA 1143 -16.35 -39.28 117.10
CA LEU TA 1143 -15.25 -38.59 116.46
C LEU TA 1143 -14.29 -38.08 117.51
N ALA TA 1144 -13.00 -38.26 117.27
CA ALA TA 1144 -11.99 -37.89 118.26
C ALA TA 1144 -11.49 -36.48 118.05
N ARG TA 1145 -10.89 -36.21 116.89
CA ARG TA 1145 -10.41 -34.88 116.56
C ARG TA 1145 -11.01 -34.44 115.24
N GLY TA 1146 -10.52 -33.36 114.66
CA GLY TA 1146 -11.10 -32.81 113.45
C GLY TA 1146 -11.26 -33.82 112.33
N GLN TA 1147 -12.05 -33.47 111.31
CA GLN TA 1147 -12.36 -34.41 110.24
C GLN TA 1147 -11.08 -35.01 109.68
N GLN TA 1148 -11.10 -36.32 109.47
CA GLN TA 1148 -9.90 -37.04 109.10
C GLN TA 1148 -9.55 -36.76 107.64
N SER TA 1149 -8.27 -36.61 107.37
CA SER TA 1149 -7.81 -36.27 106.03
C SER TA 1149 -7.84 -37.51 105.16
N VAL TA 1150 -7.23 -37.43 103.98
CA VAL TA 1150 -7.14 -38.59 103.10
C VAL TA 1150 -5.82 -38.53 102.35
N CYS TA 1151 -5.15 -39.67 102.25
CA CYS TA 1151 -3.83 -39.75 101.66
C CYS TA 1151 -3.87 -40.50 100.33
N GLU TA 1152 -3.10 -40.04 99.37
CA GLU TA 1152 -2.94 -40.74 98.10
C GLU TA 1152 -1.62 -41.49 98.08
N PHE TA 1153 -1.30 -42.06 96.94
CA PHE TA 1153 -0.04 -42.79 96.80
C PHE TA 1153 0.38 -42.72 95.33
N ILE TA 1154 1.48 -42.05 95.06
CA ILE TA 1154 2.01 -41.91 93.71
C ILE TA 1154 3.23 -42.80 93.60
N ALA TA 1155 3.21 -43.72 92.65
CA ALA TA 1155 4.36 -44.59 92.44
C ALA TA 1155 5.56 -43.78 91.98
N THR TA 1156 6.74 -44.24 92.35
CA THR TA 1156 7.96 -43.49 92.07
C THR TA 1156 9.16 -44.42 92.13
N PRO TA 1157 10.06 -44.37 91.16
CA PRO TA 1157 11.20 -45.27 91.16
C PRO TA 1157 12.01 -45.14 92.44
N VAL TA 1158 12.50 -46.28 92.92
CA VAL TA 1158 13.22 -46.30 94.21
C VAL TA 1158 14.41 -45.37 94.18
N SER TA 1159 15.14 -45.35 93.08
CA SER TA 1159 16.35 -44.56 93.02
C SER TA 1159 16.12 -43.10 92.98
N VAL TA 1160 14.89 -42.58 93.10
CA VAL TA 1160 14.69 -41.14 93.06
C VAL TA 1160 15.56 -40.49 94.11
N ASP TA 1161 16.11 -39.33 93.78
CA ASP TA 1161 16.95 -38.62 94.73
C ASP TA 1161 16.12 -38.28 95.97
N LEU TA 1162 16.77 -38.33 97.13
CA LEU TA 1162 16.06 -37.98 98.35
C LEU TA 1162 16.02 -36.48 98.57
N ALA TA 1163 17.09 -35.78 98.25
CA ALA TA 1163 17.12 -34.34 98.44
C ALA TA 1163 16.02 -33.61 97.71
N TYR TA 1164 15.34 -34.28 96.77
CA TYR TA 1164 14.22 -33.65 96.08
C TYR TA 1164 13.06 -33.35 97.01
N PHE TA 1165 12.99 -34.03 98.16
CA PHE TA 1165 11.86 -33.88 99.06
C PHE TA 1165 12.14 -33.01 100.26
N ARG TA 1166 13.38 -32.60 100.47
CA ARG TA 1166 13.68 -31.80 101.66
C ARG TA 1166 13.06 -30.41 101.55
N ARG TA 1167 13.30 -29.72 100.44
CA ARG TA 1167 12.73 -28.39 100.24
C ARG TA 1167 11.26 -28.53 99.88
N ALA TA 1168 10.63 -27.42 99.53
CA ALA TA 1168 9.27 -27.45 99.02
C ALA TA 1168 9.31 -27.90 97.56
N CYS TA 1169 8.71 -29.05 97.27
CA CYS TA 1169 8.78 -29.65 95.96
C CYS TA 1169 7.40 -29.79 95.35
N ASN TA 1170 7.35 -30.42 94.19
CA ASN TA 1170 6.11 -30.74 93.48
C ASN TA 1170 6.06 -32.25 93.33
N PRO TA 1171 4.99 -32.92 93.78
CA PRO TA 1171 5.00 -34.39 93.74
C PRO TA 1171 4.96 -34.93 92.33
N ARG TA 1172 4.36 -34.20 91.41
CA ARG TA 1172 4.29 -34.65 90.03
C ARG TA 1172 5.66 -35.03 89.50
N GLY TA 1173 6.67 -34.22 89.78
CA GLY TA 1173 8.00 -34.44 89.26
C GLY TA 1173 8.46 -33.30 88.38
N ARG TA 1174 7.56 -32.79 87.54
CA ARG TA 1174 7.82 -31.57 86.80
C ARG TA 1174 7.14 -30.43 87.55
N ALA TA 1175 7.86 -29.32 87.72
CA ALA TA 1175 7.41 -28.29 88.63
C ALA TA 1175 6.53 -27.28 87.91
N ALA TA 1176 5.83 -27.74 86.87
CA ALA TA 1176 5.27 -26.85 85.86
C ALA TA 1176 4.37 -25.73 86.40
N GLY TA 1177 3.20 -26.09 86.91
CA GLY TA 1177 2.30 -25.02 87.28
C GLY TA 1177 2.01 -24.08 86.13
N GLU TA 1178 1.68 -22.83 86.47
CA GLU TA 1178 1.38 -21.81 85.47
C GLU TA 1178 2.21 -20.55 85.68
N VAL TA 1179 2.49 -20.24 86.94
CA VAL TA 1179 3.04 -18.92 87.28
C VAL TA 1179 4.39 -18.73 86.61
N HIS TA 1180 5.19 -19.79 86.51
CA HIS TA 1180 6.51 -19.71 85.91
C HIS TA 1180 6.56 -20.68 84.73
N GLY TA 1181 6.47 -20.13 83.53
CA GLY TA 1181 6.49 -20.93 82.31
C GLY TA 1181 5.17 -20.80 81.58
N GLU TA 1182 5.26 -20.42 80.31
CA GLU TA 1182 4.07 -20.33 79.47
C GLU TA 1182 3.69 -21.74 78.99
N GLU TA 1183 2.75 -21.81 78.06
CA GLU TA 1183 2.27 -23.10 77.57
C GLU TA 1183 3.41 -23.88 76.93
N GLY TA 1184 3.32 -25.20 77.02
CA GLY TA 1184 4.36 -26.09 76.55
C GLY TA 1184 5.27 -26.60 77.63
N LEU TA 1185 5.09 -26.14 78.86
CA LEU TA 1185 5.92 -26.57 79.97
C LEU TA 1185 5.35 -27.77 80.71
N MET TA 1186 4.02 -27.87 80.79
CA MET TA 1186 3.39 -28.82 81.69
C MET TA 1186 3.76 -30.25 81.32
N PHE TA 1187 3.93 -30.55 80.04
CA PHE TA 1187 4.07 -31.93 79.60
C PHE TA 1187 5.24 -32.19 78.66
N ASP TA 1188 5.69 -31.20 77.88
CA ASP TA 1188 6.71 -31.46 76.89
C ASP TA 1188 8.02 -31.86 77.55
N HIS TA 1189 8.72 -32.80 76.91
CA HIS TA 1189 9.99 -33.28 77.43
C HIS TA 1189 11.13 -33.07 76.44
N SER TA 1190 10.96 -32.15 75.49
CA SER TA 1190 12.10 -31.69 74.72
C SER TA 1190 12.87 -30.63 75.49
N HIS TA 1191 12.17 -29.81 76.27
CA HIS TA 1191 12.82 -28.79 77.10
C HIS TA 1191 13.27 -29.44 78.40
N ALA TA 1192 13.66 -28.62 79.37
CA ALA TA 1192 14.17 -29.09 80.64
C ALA TA 1192 13.36 -28.50 81.78
N ASP TA 1193 13.45 -29.15 82.93
CA ASP TA 1193 12.69 -28.77 84.11
C ASP TA 1193 13.13 -27.40 84.59
N PRO TA 1194 12.21 -26.44 84.74
CA PRO TA 1194 12.61 -25.12 85.25
C PRO TA 1194 13.21 -25.17 86.64
N ALA TA 1195 12.83 -26.13 87.48
CA ALA TA 1195 13.30 -26.15 88.85
C ALA TA 1195 14.70 -26.76 88.99
N HIS TA 1196 14.94 -27.89 88.34
CA HIS TA 1196 16.23 -28.57 88.39
C HIS TA 1196 16.67 -28.88 86.97
N PRO TA 1197 17.28 -27.91 86.27
CA PRO TA 1197 17.57 -28.10 84.85
C PRO TA 1197 18.59 -29.18 84.55
N HIS TA 1198 19.10 -29.89 85.56
CA HIS TA 1198 19.92 -31.07 85.27
C HIS TA 1198 19.17 -32.04 84.39
N ARG TA 1199 17.95 -32.38 84.78
CA ARG TA 1199 17.21 -33.50 84.20
C ARG TA 1199 15.85 -33.02 83.73
N ALA TA 1200 15.22 -33.85 82.91
CA ALA TA 1200 13.90 -33.50 82.40
C ALA TA 1200 12.86 -33.57 83.51
N THR TA 1201 12.70 -34.74 84.11
CA THR TA 1201 11.78 -34.94 85.22
C THR TA 1201 12.52 -35.61 86.36
N ALA TA 1202 11.78 -35.94 87.42
CA ALA TA 1202 12.33 -36.71 88.51
C ALA TA 1202 11.53 -37.96 88.79
N ASN TA 1203 10.52 -38.25 87.99
CA ASN TA 1203 9.63 -39.38 88.21
C ASN TA 1203 8.90 -39.71 86.91
N PRO TA 1204 9.49 -40.53 86.03
CA PRO TA 1204 8.90 -40.72 84.69
C PRO TA 1204 7.54 -41.36 84.73
N TRP TA 1205 7.11 -41.92 85.85
CA TRP TA 1205 5.80 -42.55 85.93
C TRP TA 1205 4.69 -41.58 86.29
N ALA TA 1206 5.00 -40.30 86.45
CA ALA TA 1206 3.97 -39.36 86.89
C ALA TA 1206 4.05 -38.01 86.18
N SER TA 1207 4.77 -37.91 85.08
CA SER TA 1207 4.95 -36.62 84.41
C SER TA 1207 4.35 -36.59 83.02
N GLN TA 1208 4.70 -37.54 82.16
CA GLN TA 1208 4.30 -37.48 80.77
C GLN TA 1208 2.80 -37.52 80.63
N ARG TA 1209 2.31 -36.96 79.52
CA ARG TA 1209 0.91 -37.12 79.18
C ARG TA 1209 0.58 -38.59 79.03
N HIS TA 1210 -0.57 -38.99 79.59
CA HIS TA 1210 -1.02 -40.38 79.58
C HIS TA 1210 -0.06 -41.27 80.35
N SER TA 1211 0.57 -40.76 81.40
CA SER TA 1211 1.37 -41.61 82.26
C SER TA 1211 0.45 -42.48 83.11
N TYR TA 1212 1.05 -43.26 84.01
CA TYR TA 1212 0.24 -44.06 84.92
C TYR TA 1212 -0.58 -43.17 85.83
N ALA TA 1213 0.09 -42.39 86.68
CA ALA TA 1213 -0.61 -41.53 87.62
C ALA TA 1213 -1.54 -40.57 86.89
N ASP TA 1214 -1.11 -40.07 85.74
CA ASP TA 1214 -1.95 -39.13 85.00
C ASP TA 1214 -3.27 -39.77 84.59
N ARG TA 1215 -3.29 -41.08 84.41
CA ARG TA 1215 -4.55 -41.75 84.12
C ARG TA 1215 -5.43 -41.91 85.35
N LEU TA 1216 -4.96 -41.50 86.52
CA LEU TA 1216 -5.67 -41.71 87.77
C LEU TA 1216 -6.16 -40.41 88.39
N TYR TA 1217 -5.27 -39.44 88.58
CA TYR TA 1217 -5.60 -38.23 89.31
C TYR TA 1217 -5.76 -37.02 88.41
N ASN TA 1218 -5.99 -37.22 87.12
CA ASN TA 1218 -6.21 -36.07 86.26
C ASN TA 1218 -7.69 -35.70 86.28
N GLY TA 1219 -8.01 -34.59 85.63
CA GLY TA 1219 -9.36 -34.08 85.68
C GLY TA 1219 -10.29 -34.76 84.70
N GLN TA 1220 -9.96 -34.71 83.42
CA GLN TA 1220 -10.89 -35.06 82.36
C GLN TA 1220 -10.72 -36.49 81.86
N TYR TA 1221 -10.34 -37.41 82.73
CA TYR TA 1221 -10.18 -38.81 82.32
C TYR TA 1221 -11.19 -39.72 82.99
N ASN TA 1222 -12.34 -39.17 83.36
CA ASN TA 1222 -13.48 -39.94 83.87
C ASN TA 1222 -13.05 -40.89 84.99
N MET TA 1223 -12.59 -40.30 86.08
CA MET TA 1223 -12.18 -41.06 87.26
C MET TA 1223 -12.73 -40.43 88.52
N SER TA 1224 -14.02 -40.12 88.51
CA SER TA 1224 -14.62 -39.42 89.64
C SER TA 1224 -14.96 -40.40 90.77
N GLY TA 1225 -15.10 -39.84 91.97
CA GLY TA 1225 -15.50 -40.59 93.13
C GLY TA 1225 -16.04 -39.67 94.20
N PRO TA 1226 -16.58 -40.23 95.28
CA PRO TA 1226 -17.13 -39.40 96.35
C PRO TA 1226 -16.04 -38.82 97.25
N ALA TA 1227 -14.95 -39.56 97.43
CA ALA TA 1227 -13.88 -39.09 98.28
C ALA TA 1227 -13.16 -37.92 97.64
N TYR TA 1228 -12.38 -37.21 98.45
CA TYR TA 1228 -11.60 -36.07 97.97
C TYR TA 1228 -10.20 -36.52 97.65
N SER TA 1229 -9.60 -35.92 96.61
CA SER TA 1229 -8.25 -36.27 96.18
C SER TA 1229 -7.35 -35.05 96.29
N PRO TA 1230 -6.49 -34.98 97.31
CA PRO TA 1230 -5.59 -33.83 97.45
C PRO TA 1230 -4.75 -33.57 96.22
N CYS TA 1231 -4.37 -34.61 95.49
CA CYS TA 1231 -3.57 -34.45 94.29
C CYS TA 1231 -4.41 -34.29 93.04
N PHE TA 1232 -5.62 -33.76 93.17
CA PHE TA 1232 -6.37 -33.35 91.99
C PHE TA 1232 -5.84 -32.04 91.42
N LYS TA 1233 -5.56 -31.08 92.28
CA LYS TA 1233 -5.10 -29.77 91.83
C LYS TA 1233 -3.64 -29.75 91.44
N PHE TA 1234 -3.00 -30.91 91.30
CA PHE TA 1234 -1.65 -30.97 90.78
C PHE TA 1234 -1.59 -31.51 89.36
N PHE TA 1235 -2.56 -32.33 88.97
CA PHE TA 1235 -2.48 -33.08 87.74
C PHE TA 1235 -3.45 -32.59 86.67
N THR TA 1236 -4.23 -31.54 86.92
CA THR TA 1236 -5.20 -31.10 85.94
C THR TA 1236 -4.64 -29.93 85.15
N PRO TA 1237 -4.50 -30.05 83.86
CA PRO TA 1237 -4.05 -28.90 83.05
C PRO TA 1237 -5.21 -28.00 82.69
N ALA TA 1238 -6.32 -28.13 83.42
CA ALA TA 1238 -7.55 -27.41 83.10
C ALA TA 1238 -7.38 -25.89 83.10
N GLU TA 1239 -6.26 -25.38 83.59
CA GLU TA 1239 -6.09 -23.93 83.64
C GLU TA 1239 -5.96 -23.33 82.25
N ALA TA 1240 -5.52 -24.11 81.27
CA ALA TA 1240 -5.18 -23.55 79.96
C ALA TA 1240 -6.34 -22.84 79.29
N VAL TA 1241 -7.57 -23.07 79.73
CA VAL TA 1241 -8.69 -22.31 79.19
C VAL TA 1241 -8.85 -21.00 79.96
N ALA TA 1242 -8.68 -21.05 81.28
CA ALA TA 1242 -8.65 -19.83 82.10
C ALA TA 1242 -7.20 -19.47 82.40
N LYS TA 1243 -6.51 -18.99 81.37
CA LYS TA 1243 -5.10 -18.65 81.51
C LYS TA 1243 -4.93 -17.40 82.37
N SER TA 1244 -3.69 -16.97 82.51
CA SER TA 1244 -3.36 -15.82 83.34
C SER TA 1244 -3.20 -14.60 82.42
N ARG TA 1245 -4.12 -13.64 82.56
CA ARG TA 1245 -3.99 -12.35 81.89
C ARG TA 1245 -3.49 -11.28 82.86
N GLY TA 1246 -2.59 -11.67 83.75
CA GLY TA 1246 -1.97 -10.75 84.69
C GLY TA 1246 -1.66 -11.45 85.99
N LEU TA 1247 -0.45 -11.25 86.52
CA LEU TA 1247 -0.11 -11.90 87.78
C LEU TA 1247 -0.96 -11.42 88.93
N ALA TA 1248 -1.45 -10.18 88.85
CA ALA TA 1248 -2.36 -9.69 89.87
C ALA TA 1248 -3.63 -10.52 89.92
N ARG TA 1249 -4.03 -11.09 88.79
CA ARG TA 1249 -5.21 -11.96 88.79
C ARG TA 1249 -4.98 -13.20 89.62
N LEU TA 1250 -3.82 -13.84 89.43
CA LEU TA 1250 -3.49 -15.01 90.24
C LEU TA 1250 -3.31 -14.65 91.70
N ILE TA 1251 -2.83 -13.44 91.99
CA ILE TA 1251 -2.65 -13.04 93.38
C ILE TA 1251 -4.01 -12.80 94.04
N ALA TA 1252 -4.92 -12.16 93.34
CA ALA TA 1252 -6.24 -11.88 93.92
C ALA TA 1252 -7.15 -13.09 93.91
N ASP TA 1253 -6.89 -14.07 93.06
CA ASP TA 1253 -7.77 -15.24 92.98
C ASP TA 1253 -7.58 -16.15 94.18
N THR TA 1254 -6.36 -16.26 94.68
CA THR TA 1254 -6.17 -16.93 95.97
C THR TA 1254 -6.61 -16.00 97.09
N GLY TA 1255 -6.93 -16.59 98.24
CA GLY TA 1255 -7.50 -15.85 99.33
C GLY TA 1255 -9.00 -15.74 99.30
N ALA TA 1256 -9.63 -16.06 98.16
CA ALA TA 1256 -11.08 -16.09 98.06
C ALA TA 1256 -11.57 -17.28 97.24
N ALA TA 1257 -10.77 -18.33 97.13
CA ALA TA 1257 -11.17 -19.49 96.36
C ALA TA 1257 -12.28 -20.26 97.07
N ALA TA 1258 -13.12 -20.91 96.28
CA ALA TA 1258 -14.19 -21.72 96.85
C ALA TA 1258 -13.60 -23.00 97.45
N SER TA 1259 -14.09 -23.37 98.62
CA SER TA 1259 -13.57 -24.54 99.29
C SER TA 1259 -13.92 -25.80 98.51
N PRO TA 1260 -12.97 -26.67 98.26
CA PRO TA 1260 -13.29 -27.87 97.48
C PRO TA 1260 -13.79 -29.01 98.35
N THR TA 1261 -13.46 -28.99 99.64
CA THR TA 1261 -13.77 -30.10 100.51
C THR TA 1261 -15.13 -29.92 101.15
N SER TA 1262 -15.62 -31.00 101.75
CA SER TA 1262 -16.89 -30.99 102.44
C SER TA 1262 -16.71 -30.33 103.81
N ASN TA 1263 -17.70 -30.48 104.68
CA ASN TA 1263 -17.67 -29.86 105.99
C ASN TA 1263 -18.03 -30.85 107.10
N GLY TA 1264 -18.16 -32.12 106.79
CA GLY TA 1264 -18.62 -33.12 107.74
C GLY TA 1264 -17.49 -33.78 108.49
N GLU TA 1265 -17.71 -35.04 108.85
CA GLU TA 1265 -16.75 -35.82 109.61
C GLU TA 1265 -15.77 -36.58 108.73
N TYR TA 1266 -15.90 -36.49 107.41
CA TYR TA 1266 -14.91 -37.01 106.49
C TYR TA 1266 -14.57 -35.92 105.49
N GLN TA 1267 -13.72 -36.25 104.53
CA GLN TA 1267 -13.29 -35.27 103.53
C GLN TA 1267 -13.86 -35.69 102.18
N PHE TA 1268 -15.00 -35.13 101.83
CA PHE TA 1268 -15.68 -35.43 100.59
C PHE TA 1268 -15.70 -34.22 99.67
N LYS TA 1269 -15.93 -34.48 98.39
CA LYS TA 1269 -16.16 -33.38 97.46
C LYS TA 1269 -17.36 -32.57 97.92
N ARG TA 1270 -17.23 -31.25 97.85
CA ARG TA 1270 -18.21 -30.38 98.47
C ARG TA 1270 -19.60 -30.65 97.91
N PRO TA 1271 -20.65 -30.59 98.74
CA PRO TA 1271 -22.01 -30.57 98.20
C PRO TA 1271 -22.23 -29.32 97.36
N VAL TA 1272 -23.23 -29.39 96.49
CA VAL TA 1272 -23.46 -28.32 95.55
C VAL TA 1272 -24.04 -27.07 96.18
N GLY TA 1273 -24.44 -27.14 97.45
CA GLY TA 1273 -25.19 -26.05 98.04
C GLY TA 1273 -24.46 -24.77 98.39
N ALA TA 1274 -23.61 -24.80 99.41
CA ALA TA 1274 -23.24 -23.57 100.10
C ALA TA 1274 -22.10 -22.81 99.42
N GLY TA 1275 -20.92 -23.40 99.39
CA GLY TA 1275 -19.73 -22.63 99.02
C GLY TA 1275 -19.08 -21.98 100.23
N GLU TA 1276 -17.75 -21.92 100.20
CA GLU TA 1276 -16.99 -21.40 101.33
C GLU TA 1276 -15.60 -20.99 100.85
N LEU TA 1277 -15.08 -19.92 101.46
CA LEU TA 1277 -13.82 -19.33 101.04
C LEU TA 1277 -12.66 -19.93 101.81
N VAL TA 1278 -11.55 -20.15 101.11
CA VAL TA 1278 -10.35 -20.76 101.66
C VAL TA 1278 -9.15 -20.17 100.94
N GLU TA 1279 -8.06 -19.93 101.68
CA GLU TA 1279 -6.82 -19.50 101.06
C GLU TA 1279 -5.96 -20.70 100.72
N ASP TA 1280 -5.21 -20.62 99.63
CA ASP TA 1280 -4.37 -21.74 99.20
C ASP TA 1280 -3.06 -21.23 98.62
N PRO TA 1281 -2.07 -20.93 99.48
CA PRO TA 1281 -0.77 -20.50 98.97
C PRO TA 1281 -0.03 -21.59 98.23
N CYS TA 1282 -0.62 -22.76 98.05
CA CYS TA 1282 0.00 -23.85 97.30
C CYS TA 1282 -0.49 -23.90 95.87
N ALA TA 1283 -1.80 -23.82 95.66
CA ALA TA 1283 -2.35 -23.92 94.32
C ALA TA 1283 -1.91 -22.76 93.43
N LEU TA 1284 -1.35 -21.70 94.01
CA LEU TA 1284 -0.74 -20.67 93.20
C LEU TA 1284 0.62 -21.12 92.67
N PHE TA 1285 1.40 -21.82 93.48
CA PHE TA 1285 2.69 -22.34 93.08
C PHE TA 1285 2.65 -23.79 92.64
N GLN TA 1286 1.57 -24.49 92.92
CA GLN TA 1286 1.43 -25.91 92.59
C GLN TA 1286 2.64 -26.69 93.12
N GLU TA 1287 2.76 -26.68 94.45
CA GLU TA 1287 3.83 -27.40 95.12
C GLU TA 1287 3.44 -27.61 96.57
N ALA TA 1288 4.14 -28.54 97.22
CA ALA TA 1288 3.79 -29.01 98.55
C ALA TA 1288 4.97 -28.84 99.50
N TYR TA 1289 4.67 -28.78 100.79
CA TYR TA 1289 5.64 -28.61 101.84
C TYR TA 1289 5.81 -29.90 102.64
N PRO TA 1290 7.02 -30.27 103.02
CA PRO TA 1290 7.23 -31.53 103.72
C PRO TA 1290 7.15 -31.33 105.23
N PRO TA 1291 6.45 -32.21 105.93
CA PRO TA 1291 6.39 -32.11 107.39
C PRO TA 1291 7.50 -32.91 108.05
N LEU TA 1292 7.50 -32.96 109.38
CA LEU TA 1292 8.58 -33.59 110.13
C LEU TA 1292 8.43 -35.12 110.15
N CYS TA 1293 8.42 -35.71 108.95
CA CYS TA 1293 8.37 -37.16 108.86
C CYS TA 1293 9.71 -37.73 109.28
N ALA TA 1294 9.79 -39.06 109.29
CA ALA TA 1294 11.02 -39.77 109.64
C ALA TA 1294 10.84 -41.23 109.29
N SER TA 1295 11.91 -41.87 108.87
CA SER TA 1295 11.85 -43.25 108.42
C SER TA 1295 11.99 -44.26 109.54
N ASP TA 1296 12.16 -43.81 110.79
CA ASP TA 1296 12.23 -44.71 111.92
C ASP TA 1296 11.81 -43.97 113.17
N SER TA 1297 10.97 -44.62 113.98
CA SER TA 1297 10.45 -44.00 115.19
C SER TA 1297 11.56 -43.58 116.14
N ALA TA 1298 12.71 -44.26 116.11
CA ALA TA 1298 13.79 -43.93 117.04
C ALA TA 1298 14.48 -42.64 116.70
N LEU TA 1299 14.26 -42.08 115.52
CA LEU TA 1299 14.91 -40.84 115.14
C LEU TA 1299 14.21 -39.61 115.66
N LEU TA 1300 13.00 -39.75 116.20
CA LEU TA 1300 12.25 -38.63 116.75
C LEU TA 1300 12.27 -38.74 118.28
N ARG TA 1301 13.21 -38.04 118.90
CA ARG TA 1301 13.33 -38.01 120.35
C ARG TA 1301 13.64 -36.58 120.75
N THR TA 1302 14.08 -36.36 121.99
CA THR TA 1302 14.41 -34.99 122.36
C THR TA 1302 15.74 -34.52 121.78
N PRO TA 1303 16.82 -35.36 121.67
CA PRO TA 1303 17.94 -34.93 120.84
C PRO TA 1303 17.72 -35.34 119.40
N LEU TA 1304 17.41 -34.39 118.51
CA LEU TA 1304 17.20 -34.75 117.11
C LEU TA 1304 18.52 -35.17 116.47
N GLY TA 1305 19.49 -34.26 116.46
CA GLY TA 1305 20.83 -34.59 116.01
C GLY TA 1305 20.92 -35.01 114.56
N ALA TA 1306 21.21 -36.28 114.34
CA ALA TA 1306 21.48 -36.78 113.01
C ALA TA 1306 20.32 -36.51 112.06
N GLU TA 1307 20.64 -36.26 110.80
CA GLU TA 1307 19.65 -36.16 109.75
C GLU TA 1307 19.64 -37.36 108.83
N GLU TA 1308 20.60 -38.26 108.98
CA GLU TA 1308 20.65 -39.49 108.20
C GLU TA 1308 21.58 -40.45 108.94
N HIS TA 1309 21.15 -41.70 109.06
CA HIS TA 1309 21.90 -42.67 109.85
C HIS TA 1309 22.41 -43.85 109.03
N PHE TA 1310 21.52 -44.49 108.29
CA PHE TA 1310 21.82 -45.65 107.46
C PHE TA 1310 20.79 -45.57 106.37
N ALA TA 1311 20.36 -46.69 105.81
CA ALA TA 1311 19.19 -46.66 104.95
C ALA TA 1311 18.05 -45.81 105.52
N GLN TA 1312 18.01 -45.63 106.84
CA GLN TA 1312 17.03 -44.75 107.46
C GLN TA 1312 17.32 -43.28 107.13
N TYR TA 1313 16.34 -42.42 107.40
CA TYR TA 1313 16.49 -41.00 107.10
C TYR TA 1313 15.44 -40.21 107.87
N LEU TA 1314 15.79 -38.97 108.19
CA LEU TA 1314 14.90 -38.03 108.88
C LEU TA 1314 14.82 -36.76 108.06
N ILE TA 1315 13.63 -36.13 108.05
CA ILE TA 1315 13.36 -35.00 107.19
C ILE TA 1315 12.97 -33.80 108.05
N ARG TA 1316 13.62 -32.67 107.82
CA ARG TA 1316 13.29 -31.43 108.49
C ARG TA 1316 11.90 -30.97 108.07
N ASP TA 1317 11.42 -29.88 108.69
CA ASP TA 1317 10.07 -29.39 108.43
C ASP TA 1317 10.16 -27.95 107.92
N GLU TA 1318 10.14 -27.79 106.60
CA GLU TA 1318 10.05 -26.45 106.00
C GLU TA 1318 8.62 -26.17 105.54
N SER TA 1319 7.73 -26.07 106.52
CA SER TA 1319 6.35 -25.70 106.30
C SER TA 1319 6.12 -24.29 106.79
N PRO TA 1320 5.04 -23.64 106.36
CA PRO TA 1320 4.70 -22.33 106.94
C PRO TA 1320 4.31 -22.43 108.40
N LEU TA 1321 4.31 -23.63 108.95
CA LEU TA 1321 3.93 -23.88 110.34
C LEU TA 1321 5.11 -24.39 111.16
N LYS TA 1322 6.28 -23.77 110.99
CA LYS TA 1322 7.44 -24.14 111.77
C LYS TA 1322 7.37 -23.63 113.21
N GLY TA 1323 6.21 -23.14 113.63
CA GLY TA 1323 6.01 -22.71 115.01
C GLY TA 1323 4.84 -23.41 115.65
N MET UA 1 -19.03 41.10 -23.40
CA MET UA 1 -19.56 39.75 -23.27
C MET UA 1 -18.59 38.85 -22.53
N GLU UA 2 -18.80 38.74 -21.23
CA GLU UA 2 -17.96 37.95 -20.34
C GLU UA 2 -18.86 37.02 -19.54
N VAL UA 3 -18.27 35.95 -19.03
CA VAL UA 3 -19.02 34.98 -18.24
C VAL UA 3 -18.15 34.53 -17.08
N ASP UA 4 -18.71 34.56 -15.88
CA ASP UA 4 -18.04 34.06 -14.70
C ASP UA 4 -18.51 32.64 -14.42
N ILE UA 5 -17.99 32.07 -13.34
CA ILE UA 5 -18.31 30.70 -12.96
C ILE UA 5 -18.33 30.61 -11.45
N ALA UA 6 -19.47 30.23 -10.90
CA ALA UA 6 -19.54 29.98 -9.46
C ALA UA 6 -18.62 28.82 -9.11
N LEU UA 7 -18.05 28.87 -7.92
CA LEU UA 7 -17.05 27.88 -7.54
C LEU UA 7 -17.28 27.48 -6.09
N PRO UA 8 -17.50 26.21 -5.80
CA PRO UA 8 -17.76 25.77 -4.43
C PRO UA 8 -16.48 25.83 -3.60
N THR UA 9 -16.66 25.77 -2.28
CA THR UA 9 -15.53 25.78 -1.37
C THR UA 9 -14.77 24.47 -1.51
N LEU UA 10 -13.62 24.50 -2.17
CA LEU UA 10 -12.88 23.26 -2.40
C LEU UA 10 -12.05 22.88 -1.18
N SER UA 11 -10.99 23.64 -0.93
CA SER UA 11 -10.09 23.48 0.21
C SER UA 11 -9.00 24.52 0.09
N PRO UA 12 -8.17 24.72 1.11
CA PRO UA 12 -6.90 25.40 0.87
C PRO UA 12 -5.97 24.52 0.07
N GLY UA 13 -5.00 25.15 -0.57
CA GLY UA 13 -4.04 24.40 -1.36
C GLY UA 13 -4.57 23.92 -2.70
N ASP UA 14 -5.71 23.22 -2.68
CA ASP UA 14 -6.30 22.75 -3.92
C ASP UA 14 -6.75 23.89 -4.80
N LEU UA 15 -7.23 24.98 -4.18
CA LEU UA 15 -7.52 26.18 -4.95
C LEU UA 15 -6.24 26.71 -5.60
N SER UA 16 -5.15 26.74 -4.85
CA SER UA 16 -3.87 27.10 -5.44
C SER UA 16 -3.49 26.11 -6.53
N ALA UA 17 -3.91 24.86 -6.40
CA ALA UA 17 -3.63 23.88 -7.45
C ALA UA 17 -4.37 24.23 -8.74
N LEU UA 18 -5.65 24.58 -8.63
CA LEU UA 18 -6.40 25.03 -9.79
C LEU UA 18 -5.83 26.32 -10.36
N GLN UA 19 -5.24 27.15 -9.49
CA GLN UA 19 -4.69 28.44 -9.91
C GLN UA 19 -3.57 28.31 -10.93
N ARG UA 20 -3.10 27.11 -11.24
CA ARG UA 20 -2.12 26.93 -12.30
C ARG UA 20 -2.75 26.75 -13.66
N CYS UA 21 -4.07 26.89 -13.77
CA CYS UA 21 -4.78 26.66 -15.03
C CYS UA 21 -5.48 27.95 -15.42
N GLU UA 22 -4.74 28.85 -16.08
CA GLU UA 22 -5.24 30.17 -16.44
C GLU UA 22 -5.25 30.41 -17.93
N GLY UA 23 -5.05 29.39 -18.75
CA GLY UA 23 -5.17 29.57 -20.18
C GLY UA 23 -5.96 28.45 -20.81
N ARG UA 24 -6.21 27.41 -20.02
CA ARG UA 24 -6.88 26.24 -20.53
C ARG UA 24 -8.34 26.57 -20.83
N VAL UA 25 -8.82 26.08 -21.95
CA VAL UA 25 -10.17 26.41 -22.41
C VAL UA 25 -11.15 25.38 -21.86
N VAL UA 26 -12.32 25.85 -21.46
CA VAL UA 26 -13.39 24.98 -20.98
C VAL UA 26 -14.62 25.26 -21.83
N PHE UA 27 -15.41 24.23 -22.08
CA PHE UA 27 -16.57 24.34 -22.94
C PHE UA 27 -17.80 24.64 -22.09
N LEU UA 28 -18.46 25.76 -22.36
CA LEU UA 28 -19.66 26.13 -21.64
C LEU UA 28 -20.87 25.49 -22.32
N GLU UA 29 -22.06 25.84 -21.85
CA GLU UA 29 -23.29 25.35 -22.45
C GLU UA 29 -24.11 26.45 -23.10
N THR UA 30 -24.43 27.51 -22.36
CA THR UA 30 -25.10 28.66 -22.93
C THR UA 30 -24.55 29.92 -22.30
N LEU UA 31 -24.53 31.01 -23.07
CA LEU UA 31 -23.82 32.23 -22.67
C LEU UA 31 -24.66 33.03 -21.67
N ARG UA 32 -24.89 32.42 -20.52
CA ARG UA 32 -25.51 33.11 -19.40
C ARG UA 32 -24.43 33.64 -18.48
N ARG UA 33 -24.68 34.78 -17.87
CA ARG UA 33 -23.66 35.42 -17.04
C ARG UA 33 -23.43 34.72 -15.75
N HIS UA 34 -23.96 33.54 -15.50
CA HIS UA 34 -23.66 32.83 -14.26
C HIS UA 34 -23.64 31.33 -14.53
N ALA UA 35 -22.50 30.71 -14.30
CA ALA UA 35 -22.39 29.26 -14.44
C ALA UA 35 -21.81 28.68 -13.15
N THR UA 36 -21.77 27.36 -13.04
CA THR UA 36 -21.22 26.72 -11.85
C THR UA 36 -20.27 25.62 -12.29
N LEU UA 37 -19.22 25.42 -11.51
CA LEU UA 37 -18.19 24.44 -11.86
C LEU UA 37 -18.78 23.05 -12.07
N ARG UA 38 -19.84 22.71 -11.33
CA ARG UA 38 -20.46 21.40 -11.47
C ARG UA 38 -20.97 21.14 -12.88
N GLU UA 39 -21.20 22.19 -13.67
CA GLU UA 39 -21.73 22.02 -15.02
C GLU UA 39 -20.65 21.77 -16.05
N VAL UA 40 -19.47 22.37 -15.89
CA VAL UA 40 -18.37 22.19 -16.83
C VAL UA 40 -17.47 21.13 -16.24
N ALA UA 41 -17.73 19.87 -16.59
CA ALA UA 41 -16.97 18.76 -16.05
C ALA UA 41 -17.26 17.53 -16.89
N LEU UA 42 -16.23 16.70 -17.07
CA LEU UA 42 -16.32 15.47 -17.84
C LEU UA 42 -15.44 14.42 -17.18
N PRO UA 43 -15.88 13.17 -17.16
CA PRO UA 43 -15.05 12.11 -16.57
C PRO UA 43 -13.77 11.95 -17.38
N CYS UA 44 -12.63 12.04 -16.69
CA CYS UA 44 -11.38 12.13 -17.43
C CYS UA 44 -10.98 10.77 -18.01
N GLY UA 45 -11.79 9.74 -17.78
CA GLY UA 45 -11.75 8.57 -18.63
C GLY UA 45 -12.99 8.53 -19.50
N GLY UA 46 -12.86 8.92 -20.78
CA GLY UA 46 -14.03 9.03 -21.63
C GLY UA 46 -13.69 8.77 -23.08
N ASP UA 47 -14.73 8.42 -23.84
CA ASP UA 47 -14.55 8.15 -25.26
C ASP UA 47 -14.24 9.44 -26.01
N VAL UA 48 -13.14 9.42 -26.77
CA VAL UA 48 -12.70 10.63 -27.44
C VAL UA 48 -13.72 11.06 -28.48
N LEU UA 49 -14.37 10.12 -29.15
CA LEU UA 49 -15.28 10.49 -30.23
C LEU UA 49 -16.54 11.18 -29.69
N ALA UA 50 -17.10 10.67 -28.61
CA ALA UA 50 -18.32 11.27 -28.06
C ALA UA 50 -18.06 12.71 -27.62
N ALA UA 51 -17.02 12.92 -26.81
CA ALA UA 51 -16.70 14.26 -26.37
C ALA UA 51 -16.35 15.16 -27.54
N MET UA 52 -15.64 14.62 -28.53
CA MET UA 52 -15.27 15.42 -29.69
C MET UA 52 -16.50 15.88 -30.45
N ALA UA 53 -17.52 15.01 -30.54
CA ALA UA 53 -18.78 15.43 -31.14
C ALA UA 53 -19.44 16.50 -30.28
N ALA UA 54 -19.40 16.33 -28.96
CA ALA UA 54 -20.02 17.30 -28.07
C ALA UA 54 -19.34 18.66 -28.14
N TYR UA 55 -18.09 18.72 -28.61
CA TYR UA 55 -17.40 20.00 -28.68
C TYR UA 55 -18.10 20.97 -29.63
N ARG UA 56 -18.89 20.45 -30.57
CA ARG UA 56 -19.60 21.34 -31.49
C ARG UA 56 -20.92 21.80 -30.93
N ARG UA 57 -21.58 21.00 -30.11
CA ARG UA 57 -22.84 21.38 -29.51
C ARG UA 57 -22.68 22.39 -28.38
N ARG UA 58 -21.47 22.89 -28.15
CA ARG UA 58 -21.23 23.80 -27.03
C ARG UA 58 -20.50 25.05 -27.51
N PHE UA 59 -20.07 25.89 -26.57
CA PHE UA 59 -19.28 27.07 -26.89
C PHE UA 59 -17.95 26.97 -26.15
N ALA UA 60 -16.89 27.41 -26.81
CA ALA UA 60 -15.60 27.46 -26.16
C ALA UA 60 -15.49 28.69 -25.27
N ALA UA 61 -14.57 28.63 -24.32
CA ALA UA 61 -14.38 29.72 -23.39
C ALA UA 61 -13.03 29.55 -22.72
N VAL UA 62 -12.38 30.66 -22.41
CA VAL UA 62 -11.01 30.68 -21.91
C VAL UA 62 -11.00 31.22 -20.48
N ILE UA 63 -10.32 30.49 -19.60
CA ILE UA 63 -10.25 30.86 -18.19
C ILE UA 63 -9.28 32.02 -18.03
N THR UA 64 -9.81 33.15 -17.57
CA THR UA 64 -8.99 34.28 -17.14
C THR UA 64 -8.77 34.13 -15.62
N ARG UA 65 -8.36 35.21 -14.94
CA ARG UA 65 -8.02 35.17 -13.53
C ARG UA 65 -9.03 34.39 -12.71
N VAL UA 66 -8.54 33.70 -11.70
CA VAL UA 66 -9.37 32.91 -10.80
C VAL UA 66 -9.14 33.40 -9.38
N THR UA 67 -10.23 33.51 -8.61
CA THR UA 67 -10.23 33.97 -7.24
C THR UA 67 -10.97 32.98 -6.34
N PRO UA 68 -10.68 32.96 -5.04
CA PRO UA 68 -11.34 31.99 -4.16
C PRO UA 68 -12.86 31.97 -4.28
N HIS UA 69 -13.42 33.06 -4.81
CA HIS UA 69 -14.86 33.18 -4.92
C HIS UA 69 -15.39 32.60 -6.23
N ARG UA 70 -14.73 32.87 -7.34
CA ARG UA 70 -15.24 32.52 -8.66
C ARG UA 70 -14.07 32.45 -9.63
N MET UA 71 -14.38 32.16 -10.89
CA MET UA 71 -13.40 32.22 -11.96
C MET UA 71 -14.06 32.83 -13.18
N LEU UA 72 -13.30 33.67 -13.88
CA LEU UA 72 -13.81 34.38 -15.05
C LEU UA 72 -13.44 33.64 -16.31
N ALA UA 73 -14.34 33.64 -17.27
CA ALA UA 73 -14.12 32.99 -18.56
C ALA UA 73 -14.50 33.94 -19.67
N THR UA 74 -13.91 33.73 -20.84
CA THR UA 74 -14.17 34.55 -22.01
C THR UA 74 -14.45 33.63 -23.19
N PRO UA 75 -15.57 33.80 -23.89
CA PRO UA 75 -15.90 32.90 -25.00
C PRO UA 75 -15.11 33.26 -26.25
N LEU UA 76 -15.11 32.33 -27.19
CA LEU UA 76 -14.33 32.44 -28.41
C LEU UA 76 -15.18 32.67 -29.65
N GLY UA 77 -16.32 32.00 -29.78
CA GLY UA 77 -17.13 32.08 -30.98
C GLY UA 77 -17.64 33.48 -31.28
N VAL UA 78 -18.57 33.97 -30.46
CA VAL UA 78 -19.06 35.32 -30.65
C VAL UA 78 -17.94 36.31 -30.33
N GLY UA 79 -17.74 37.28 -31.22
CA GLY UA 79 -16.58 38.14 -31.09
C GLY UA 79 -16.88 39.52 -31.63
N GLY UA 80 -15.99 40.46 -31.28
CA GLY UA 80 -16.00 41.77 -31.87
C GLY UA 80 -14.60 42.30 -32.02
N ARG UA 81 -14.21 42.63 -33.26
CA ARG UA 81 -12.90 43.17 -33.59
C ARG UA 81 -11.76 42.22 -33.22
N GLY UA 82 -12.10 41.04 -32.69
CA GLY UA 82 -11.09 40.07 -32.31
C GLY UA 82 -10.16 40.52 -31.22
N GLN UA 83 -10.67 40.73 -30.02
CA GLN UA 83 -9.79 41.04 -28.91
C GLN UA 83 -8.84 39.88 -28.65
N SER UA 84 -7.59 40.21 -28.32
CA SER UA 84 -6.62 39.19 -28.00
C SER UA 84 -6.95 38.57 -26.65
N LEU UA 85 -6.25 37.48 -26.32
CA LEU UA 85 -6.40 36.85 -25.03
C LEU UA 85 -5.29 35.84 -24.84
N VAL UA 86 -4.70 35.82 -23.64
CA VAL UA 86 -3.67 34.84 -23.33
C VAL UA 86 -4.24 33.44 -23.45
N LEU UA 87 -3.37 32.49 -23.79
CA LEU UA 87 -3.81 31.12 -23.98
C LEU UA 87 -2.66 30.18 -23.67
N GLN UA 88 -2.84 29.29 -22.70
CA GLN UA 88 -1.79 28.38 -22.27
C GLN UA 88 -1.76 27.17 -23.19
N ASN UA 89 -0.64 26.99 -23.88
CA ASN UA 89 -0.47 25.82 -24.73
C ASN UA 89 -0.29 24.58 -23.88
N THR UA 90 -0.89 23.48 -24.34
CA THR UA 90 -0.82 22.22 -23.61
C THR UA 90 -0.56 21.02 -24.51
N GLY UA 91 -0.30 21.22 -25.80
CA GLY UA 91 -0.06 20.14 -26.70
C GLY UA 91 1.27 19.45 -26.41
N PRO UA 92 1.57 18.45 -27.21
CA PRO UA 92 2.82 17.70 -27.00
C PRO UA 92 4.03 18.41 -27.57
N PHE UA 93 3.85 19.11 -28.68
CA PHE UA 93 4.95 19.81 -29.34
C PHE UA 93 4.63 21.29 -29.43
N ASP UA 94 5.69 22.09 -29.50
CA ASP UA 94 5.52 23.54 -29.53
C ASP UA 94 4.76 23.96 -30.79
N LEU UA 95 4.39 25.23 -30.82
CA LEU UA 95 3.68 25.82 -31.95
C LEU UA 95 4.34 27.13 -32.30
N THR UA 96 4.55 27.35 -33.60
CA THR UA 96 5.26 28.53 -34.05
C THR UA 96 4.31 29.69 -34.26
N ASN UA 97 4.87 30.89 -34.24
CA ASN UA 97 4.08 32.09 -34.48
C ASN UA 97 3.71 32.18 -35.96
N GLY UA 98 2.43 32.42 -36.22
CA GLY UA 98 1.97 32.58 -37.59
C GLY UA 98 1.21 31.38 -38.14
N ASP UA 99 0.38 30.75 -37.32
CA ASP UA 99 -0.45 29.65 -37.79
C ASP UA 99 -1.83 29.70 -37.14
N HIS UA 100 -2.61 28.64 -37.32
CA HIS UA 100 -3.97 28.57 -36.79
C HIS UA 100 -4.08 27.33 -35.93
N VAL UA 101 -4.44 27.52 -34.68
CA VAL UA 101 -4.52 26.43 -33.71
C VAL UA 101 -5.91 25.84 -33.71
N CYS UA 102 -6.00 24.56 -33.35
CA CYS UA 102 -7.27 23.87 -33.27
C CYS UA 102 -7.38 23.16 -31.93
N LEU UA 103 -8.58 22.67 -31.65
CA LEU UA 103 -8.90 22.07 -30.35
C LEU UA 103 -9.24 20.59 -30.55
N VAL UA 104 -8.56 19.73 -29.79
CA VAL UA 104 -8.75 18.28 -29.88
C VAL UA 104 -8.74 17.70 -28.48
N PRO UA 105 -9.65 16.76 -28.23
CA PRO UA 105 -9.68 16.07 -26.93
C PRO UA 105 -8.34 15.44 -26.62
N PRO UA 106 -8.07 15.10 -25.35
CA PRO UA 106 -6.75 14.62 -24.99
C PRO UA 106 -6.45 13.27 -25.63
N LEU UA 107 -6.15 13.32 -26.92
CA LEU UA 107 -6.03 12.10 -27.71
C LEU UA 107 -4.95 11.18 -27.16
N LEU UA 108 -3.82 11.74 -26.77
CA LEU UA 108 -2.71 10.94 -26.25
C LEU UA 108 -2.98 10.61 -24.79
N GLY UA 109 -1.94 10.16 -24.08
CA GLY UA 109 -2.02 9.98 -22.65
C GLY UA 109 -2.67 11.16 -21.97
N ASP UA 110 -3.80 10.92 -21.31
CA ASP UA 110 -4.65 12.00 -20.86
C ASP UA 110 -4.04 12.73 -19.66
N GLU UA 111 -4.40 14.00 -19.54
CA GLU UA 111 -4.18 14.77 -18.33
C GLU UA 111 -5.54 15.25 -17.84
N CYS UA 112 -5.84 15.01 -16.57
CA CYS UA 112 -7.10 15.47 -16.01
C CYS UA 112 -6.86 16.00 -14.61
N LEU UA 113 -7.31 17.24 -14.37
CA LEU UA 113 -7.16 17.88 -13.07
C LEU UA 113 -8.23 17.32 -12.15
N ARG UA 114 -7.85 16.30 -11.39
CA ARG UA 114 -8.76 15.69 -10.44
C ARG UA 114 -8.86 16.55 -9.18
N LEU UA 115 -10.09 16.97 -8.85
CA LEU UA 115 -10.36 17.70 -7.62
C LEU UA 115 -11.06 16.75 -6.67
N THR UA 116 -10.31 16.19 -5.72
CA THR UA 116 -10.92 15.27 -4.77
C THR UA 116 -11.87 15.99 -3.82
N SER UA 117 -11.62 17.27 -3.56
CA SER UA 117 -12.41 18.00 -2.57
C SER UA 117 -13.87 18.11 -3.00
N ALA UA 118 -14.12 18.65 -4.20
CA ALA UA 118 -15.47 18.87 -4.67
C ALA UA 118 -16.07 17.67 -5.38
N ASN UA 119 -15.37 16.54 -5.41
CA ASN UA 119 -15.87 15.30 -6.01
C ASN UA 119 -16.27 15.53 -7.47
N LEU UA 120 -15.29 15.90 -8.28
CA LEU UA 120 -15.50 16.06 -9.71
C LEU UA 120 -14.15 16.09 -10.41
N GLU UA 121 -14.20 16.00 -11.74
CA GLU UA 121 -13.00 15.89 -12.56
C GLU UA 121 -13.09 16.86 -13.73
N LEU UA 122 -11.95 17.42 -14.10
CA LEU UA 122 -11.86 18.35 -15.21
C LEU UA 122 -10.97 17.77 -16.30
N ARG UA 123 -11.26 18.15 -17.55
CA ARG UA 123 -10.60 17.55 -18.71
C ARG UA 123 -10.38 18.64 -19.74
N PHE UA 124 -9.17 19.15 -19.83
CA PHE UA 124 -8.97 20.25 -20.75
C PHE UA 124 -8.42 19.74 -22.08
N PRO UA 125 -8.85 20.33 -23.19
CA PRO UA 125 -8.44 19.82 -24.50
C PRO UA 125 -7.08 20.38 -24.90
N MET UA 126 -6.44 19.66 -25.82
CA MET UA 126 -5.13 20.06 -26.31
C MET UA 126 -5.28 21.21 -27.31
N THR UA 127 -4.14 21.80 -27.66
CA THR UA 127 -4.09 22.87 -28.65
C THR UA 127 -3.00 22.52 -29.66
N LEU UA 128 -3.40 22.25 -30.89
CA LEU UA 128 -2.45 21.84 -31.89
C LEU UA 128 -2.48 22.78 -33.09
N PRO UA 129 -1.35 23.07 -33.70
CA PRO UA 129 -1.38 23.74 -35.01
C PRO UA 129 -2.07 22.86 -36.03
N LEU UA 130 -2.71 23.52 -37.00
CA LEU UA 130 -3.59 22.81 -37.92
C LEU UA 130 -2.87 21.67 -38.63
N ALA UA 131 -1.68 21.94 -39.17
CA ALA UA 131 -0.96 20.94 -39.95
C ALA UA 131 -0.77 19.66 -39.15
N GLN UA 132 -0.16 19.77 -37.98
CA GLN UA 132 0.10 18.58 -37.16
C GLN UA 132 -1.18 17.98 -36.59
N ALA UA 133 -2.25 18.77 -36.47
CA ALA UA 133 -3.50 18.21 -36.01
C ALA UA 133 -4.12 17.30 -37.06
N ARG UA 134 -3.99 17.69 -38.33
CA ARG UA 134 -4.39 16.82 -39.43
C ARG UA 134 -3.64 15.50 -39.45
N GLU UA 135 -2.52 15.41 -38.72
CA GLU UA 135 -1.61 14.29 -38.81
C GLU UA 135 -1.59 13.41 -37.57
N LEU UA 136 -1.73 13.98 -36.38
CA LEU UA 136 -1.59 13.21 -35.15
C LEU UA 136 -2.71 12.19 -35.01
N THR UA 137 -3.94 12.59 -35.31
CA THR UA 137 -5.05 11.66 -35.24
C THR UA 137 -4.84 10.49 -36.21
N ALA UA 138 -4.47 10.80 -37.45
CA ALA UA 138 -4.19 9.74 -38.40
C ALA UA 138 -3.07 8.84 -37.89
N ARG UA 139 -2.06 9.42 -37.25
CA ARG UA 139 -0.97 8.62 -36.68
C ARG UA 139 -1.50 7.60 -35.69
N VAL UA 140 -2.27 8.07 -34.71
CA VAL UA 140 -2.77 7.16 -33.68
C VAL UA 140 -3.69 6.12 -34.28
N VAL UA 141 -4.56 6.51 -35.21
CA VAL UA 141 -5.47 5.54 -35.80
C VAL UA 141 -4.71 4.50 -36.59
N ALA UA 142 -3.64 4.91 -37.28
CA ALA UA 142 -2.88 3.95 -38.08
C ALA UA 142 -2.11 2.99 -37.17
N ARG UA 143 -1.58 3.48 -36.05
CA ARG UA 143 -0.93 2.58 -35.12
C ARG UA 143 -1.93 1.58 -34.55
N ALA UA 144 -3.14 2.04 -34.23
CA ALA UA 144 -4.17 1.12 -33.78
C ALA UA 144 -4.55 0.12 -34.86
N ALA UA 145 -4.53 0.54 -36.13
CA ALA UA 145 -4.83 -0.38 -37.22
C ALA UA 145 -3.76 -1.47 -37.31
N GLU UA 146 -2.49 -1.08 -37.30
CA GLU UA 146 -1.42 -2.07 -37.28
C GLU UA 146 -1.57 -3.01 -36.10
N THR UA 147 -2.01 -2.48 -34.96
CA THR UA 147 -2.26 -3.34 -33.80
C THR UA 147 -3.40 -4.31 -34.06
N LEU UA 148 -4.41 -3.89 -34.81
CA LEU UA 148 -5.60 -4.70 -35.00
C LEU UA 148 -5.31 -6.06 -35.65
N ARG UA 149 -4.22 -6.17 -36.41
CA ARG UA 149 -3.87 -7.43 -37.03
C ARG UA 149 -2.36 -7.64 -37.05
N ALA UA 157 8.53 5.33 -36.88
CA ALA UA 157 7.18 4.79 -36.72
C ALA UA 157 6.32 5.71 -35.87
N ASP UA 158 6.55 5.68 -34.56
CA ASP UA 158 5.85 6.55 -33.63
C ASP UA 158 6.62 7.85 -33.40
N VAL UA 159 7.01 8.51 -34.47
CA VAL UA 159 7.81 9.73 -34.39
C VAL UA 159 7.10 10.85 -35.13
N VAL UA 160 7.15 12.04 -34.56
CA VAL UA 160 6.69 13.25 -35.24
C VAL UA 160 7.73 14.33 -35.01
N PHE UA 161 7.92 15.15 -36.03
CA PHE UA 161 8.92 16.21 -36.01
C PHE UA 161 8.21 17.55 -36.05
N SER UA 162 8.62 18.48 -35.17
CA SER UA 162 8.07 19.83 -35.18
C SER UA 162 9.12 20.74 -34.57
N ASN UA 163 9.80 21.52 -35.42
CA ASN UA 163 10.85 22.44 -35.00
C ASN UA 163 11.95 21.70 -34.24
N GLY UA 164 12.61 20.80 -34.96
CA GLY UA 164 13.80 20.14 -34.44
C GLY UA 164 13.53 18.85 -33.68
N ARG UA 165 12.89 18.97 -32.51
CA ARG UA 165 12.71 17.82 -31.64
C ARG UA 165 11.94 16.71 -32.34
N ARG UA 166 12.48 15.48 -32.25
CA ARG UA 166 11.73 14.30 -32.67
C ARG UA 166 10.94 13.79 -31.46
N TYR UA 167 9.62 13.66 -31.63
CA TYR UA 167 8.75 13.26 -30.54
C TYR UA 167 8.52 11.76 -30.55
N GLN UA 168 8.17 11.22 -29.39
CA GLN UA 168 8.19 9.78 -29.16
C GLN UA 168 6.82 9.11 -29.27
N LEU UA 169 5.72 9.85 -29.12
CA LEU UA 169 4.38 9.26 -29.16
C LEU UA 169 4.24 8.13 -28.16
N PRO UA 170 4.02 8.45 -26.88
CA PRO UA 170 4.07 7.45 -25.80
C PRO UA 170 3.35 6.16 -26.15
N PRO UA 171 3.82 5.03 -25.61
CA PRO UA 171 3.31 3.75 -26.06
C PRO UA 171 1.82 3.63 -25.77
N PRO UA 172 1.11 2.84 -26.55
CA PRO UA 172 -0.33 2.70 -26.34
C PRO UA 172 -0.63 1.84 -25.13
N HIS UA 173 -1.88 1.96 -24.65
CA HIS UA 173 -2.43 1.12 -23.60
C HIS UA 173 -1.66 1.25 -22.29
N ARG UA 174 -0.68 2.14 -22.24
CA ARG UA 174 -0.02 2.45 -20.97
C ARG UA 174 -1.02 3.02 -19.98
N ASP UA 175 -1.90 3.90 -20.44
CA ASP UA 175 -2.96 4.45 -19.61
C ASP UA 175 -3.85 3.31 -19.11
N ASN UA 176 -4.60 3.60 -18.05
CA ASN UA 176 -5.63 2.66 -17.61
C ASN UA 176 -6.76 2.53 -18.62
N ALA UA 177 -6.79 3.39 -19.64
CA ALA UA 177 -7.83 3.40 -20.66
C ALA UA 177 -7.19 3.09 -22.01
N GLU UA 178 -7.02 1.80 -22.30
CA GLU UA 178 -6.63 1.38 -23.62
C GLU UA 178 -7.75 1.56 -24.63
N ALA UA 179 -9.00 1.41 -24.20
CA ALA UA 179 -10.16 1.53 -25.06
C ALA UA 179 -10.68 2.96 -25.14
N ALA UA 180 -9.83 3.95 -24.90
CA ALA UA 180 -10.27 5.33 -25.02
C ALA UA 180 -10.49 5.70 -26.48
N THR UA 181 -9.65 5.18 -27.38
CA THR UA 181 -9.70 5.52 -28.79
C THR UA 181 -10.36 4.44 -29.64
N ARG UA 182 -10.89 3.40 -29.01
CA ARG UA 182 -11.38 2.26 -29.79
C ARG UA 182 -12.51 2.68 -30.72
N SER UA 183 -13.50 3.39 -30.19
CA SER UA 183 -14.63 3.83 -31.00
C SER UA 183 -14.16 4.65 -32.19
N LEU UA 184 -13.18 5.52 -31.98
CA LEU UA 184 -12.71 6.39 -33.04
C LEU UA 184 -12.10 5.58 -34.17
N VAL UA 185 -11.18 4.68 -33.85
CA VAL UA 185 -10.50 3.92 -34.90
C VAL UA 185 -11.49 3.03 -35.62
N LEU UA 186 -12.45 2.46 -34.90
CA LEU UA 186 -13.46 1.62 -35.55
C LEU UA 186 -14.28 2.43 -36.55
N ASN UA 187 -14.86 3.53 -36.08
CA ASN UA 187 -15.71 4.34 -36.94
C ASN UA 187 -14.94 4.96 -38.10
N MET UA 188 -13.64 5.16 -37.95
CA MET UA 188 -12.86 5.77 -39.02
C MET UA 188 -12.45 4.75 -40.08
N ILE UA 189 -12.07 3.54 -39.66
CA ILE UA 189 -11.71 2.52 -40.63
C ILE UA 189 -12.93 2.06 -41.40
N PHE UA 190 -14.06 1.89 -40.69
CA PHE UA 190 -15.23 1.28 -41.31
C PHE UA 190 -15.74 2.11 -42.47
N LEU UA 191 -15.79 3.43 -42.33
CA LEU UA 191 -16.38 4.25 -43.38
C LEU UA 191 -15.53 4.24 -44.63
N LEU UA 192 -14.20 4.19 -44.49
CA LEU UA 192 -13.35 4.07 -45.67
C LEU UA 192 -13.55 2.73 -46.37
N ASN UA 193 -13.61 1.65 -45.59
CA ASN UA 193 -13.92 0.36 -46.18
C ASN UA 193 -15.22 0.42 -46.96
N GLU UA 194 -16.22 1.05 -46.35
CA GLU UA 194 -17.54 1.20 -46.99
C GLU UA 194 -17.41 1.94 -48.31
N GLY UA 195 -16.71 3.07 -48.31
CA GLY UA 195 -16.59 3.85 -49.54
C GLY UA 195 -15.95 3.06 -50.65
N ALA UA 196 -14.85 2.37 -50.34
CA ALA UA 196 -14.19 1.56 -51.35
C ALA UA 196 -15.14 0.49 -51.90
N VAL UA 197 -15.84 -0.19 -50.99
CA VAL UA 197 -16.73 -1.28 -51.41
C VAL UA 197 -17.83 -0.74 -52.32
N ILE UA 198 -18.37 0.42 -51.98
CA ILE UA 198 -19.46 0.98 -52.78
C ILE UA 198 -18.94 1.38 -54.16
N LEU UA 199 -17.80 2.05 -54.20
CA LEU UA 199 -17.24 2.41 -55.50
C LEU UA 199 -17.07 1.18 -56.37
N LEU UA 200 -16.46 0.13 -55.83
CA LEU UA 200 -16.25 -1.06 -56.62
C LEU UA 200 -17.57 -1.72 -57.00
N SER UA 201 -18.60 -1.57 -56.17
CA SER UA 201 -19.89 -2.16 -56.46
C SER UA 201 -20.62 -1.44 -57.59
N LEU UA 202 -20.45 -0.13 -57.68
CA LEU UA 202 -21.07 0.60 -58.78
C LEU UA 202 -20.27 0.47 -60.06
N ILE UA 203 -18.94 0.42 -59.95
CA ILE UA 203 -18.06 0.33 -61.10
C ILE UA 203 -17.20 -0.92 -60.97
N PRO UA 204 -17.72 -2.10 -61.33
CA PRO UA 204 -16.97 -3.33 -61.07
C PRO UA 204 -15.71 -3.44 -61.90
N ASN UA 205 -15.73 -3.00 -63.15
CA ASN UA 205 -14.62 -3.16 -64.06
C ASN UA 205 -13.51 -2.14 -63.85
N LEU UA 206 -13.48 -1.45 -62.71
CA LEU UA 206 -12.51 -0.38 -62.54
C LEU UA 206 -11.11 -0.92 -62.35
N LEU UA 207 -10.93 -1.91 -61.48
CA LEU UA 207 -9.59 -2.38 -61.16
C LEU UA 207 -8.97 -3.21 -62.27
N THR UA 208 -9.77 -3.68 -63.23
CA THR UA 208 -9.28 -4.50 -64.32
C THR UA 208 -8.87 -3.68 -65.54
N LEU UA 209 -8.67 -2.38 -65.37
CA LEU UA 209 -8.21 -1.53 -66.46
C LEU UA 209 -6.70 -1.59 -66.55
N GLY UA 210 -6.11 -0.81 -67.45
CA GLY UA 210 -4.67 -0.75 -67.58
C GLY UA 210 -4.05 -0.13 -66.34
N ALA UA 211 -3.23 -0.90 -65.64
CA ALA UA 211 -2.65 -0.45 -64.38
C ALA UA 211 -1.78 0.78 -64.54
N GLN UA 212 -1.51 1.23 -65.76
CA GLN UA 212 -0.75 2.46 -65.93
C GLN UA 212 -1.39 3.39 -66.95
N ASP UA 213 -2.21 2.84 -67.85
CA ASP UA 213 -2.85 3.65 -68.86
C ASP UA 213 -4.37 3.65 -68.76
N GLY UA 214 -5.01 2.48 -68.76
CA GLY UA 214 -6.46 2.44 -68.77
C GLY UA 214 -7.07 3.14 -67.58
N TYR UA 215 -6.59 2.82 -66.38
CA TYR UA 215 -7.06 3.53 -65.19
C TYR UA 215 -6.74 5.01 -65.28
N ALA UA 216 -5.55 5.35 -65.77
CA ALA UA 216 -5.20 6.75 -65.94
C ALA UA 216 -6.06 7.43 -66.99
N ASN UA 217 -6.36 6.72 -68.08
CA ASN UA 217 -7.26 7.28 -69.08
C ASN UA 217 -8.63 7.57 -68.48
N ALA UA 218 -9.16 6.63 -67.71
CA ALA UA 218 -10.46 6.84 -67.07
C ALA UA 218 -10.44 8.05 -66.16
N VAL UA 219 -9.43 8.13 -65.29
CA VAL UA 219 -9.42 9.25 -64.34
C VAL UA 219 -9.19 10.57 -65.04
N ILE UA 220 -8.45 10.58 -66.16
CA ILE UA 220 -8.15 11.85 -66.80
C ILE UA 220 -9.33 12.31 -67.65
N GLN UA 221 -10.11 11.39 -68.21
CA GLN UA 221 -11.28 11.83 -68.94
C GLN UA 221 -12.51 11.92 -68.06
N LEU UA 222 -12.40 11.56 -66.79
CA LEU UA 222 -13.49 11.82 -65.85
C LEU UA 222 -13.51 13.27 -65.39
N GLY UA 223 -12.34 13.88 -65.21
CA GLY UA 223 -12.29 15.29 -64.85
C GLY UA 223 -12.74 16.20 -65.96
N SER UA 224 -12.56 15.78 -67.21
CA SER UA 224 -13.04 16.53 -68.35
C SER UA 224 -14.54 16.29 -68.53
N ALA UA 225 -15.08 16.64 -69.69
CA ALA UA 225 -16.53 16.71 -69.89
C ALA UA 225 -17.21 15.36 -70.03
N THR UA 226 -18.45 15.39 -70.52
CA THR UA 226 -19.51 14.45 -70.20
C THR UA 226 -19.26 13.00 -70.61
N ARG UA 227 -18.15 12.68 -71.27
CA ARG UA 227 -18.02 11.38 -71.95
C ARG UA 227 -18.50 10.22 -71.10
N GLU UA 228 -17.79 9.95 -70.01
CA GLU UA 228 -18.23 8.99 -68.98
C GLU UA 228 -18.59 7.63 -69.57
N LEU UA 229 -18.07 7.31 -70.75
CA LEU UA 229 -18.38 6.07 -71.44
C LEU UA 229 -19.89 5.81 -71.45
N GLY UA 230 -20.65 6.88 -71.66
CA GLY UA 230 -22.08 6.82 -71.48
C GLY UA 230 -22.40 6.58 -70.02
N GLN UA 231 -22.97 5.42 -69.73
CA GLN UA 231 -23.24 5.02 -68.34
C GLN UA 231 -22.08 4.16 -67.87
N LEU UA 232 -20.98 4.83 -67.49
CA LEU UA 232 -19.81 4.13 -66.97
C LEU UA 232 -20.18 3.30 -65.75
N VAL UA 233 -20.91 3.89 -64.81
CA VAL UA 233 -21.48 3.10 -63.73
C VAL UA 233 -22.48 2.14 -64.36
N ARG UA 234 -22.21 0.85 -64.23
CA ARG UA 234 -23.09 -0.15 -64.83
C ARG UA 234 -24.40 -0.23 -64.06
N GLN UA 235 -25.46 -0.57 -64.77
CA GLN UA 235 -26.76 -0.75 -64.16
C GLN UA 235 -26.73 -1.97 -63.24
N PRO UA 236 -26.84 -1.81 -61.92
CA PRO UA 236 -26.82 -2.97 -61.04
C PRO UA 236 -28.06 -3.83 -61.26
N PRO UA 237 -27.98 -5.12 -60.94
CA PRO UA 237 -29.14 -5.99 -61.16
C PRO UA 237 -30.26 -5.62 -60.21
N PRO UA 238 -31.52 -5.78 -60.64
CA PRO UA 238 -32.63 -5.34 -59.80
C PRO UA 238 -32.70 -6.15 -58.53
N PRO UA 239 -33.21 -5.57 -57.44
CA PRO UA 239 -33.19 -6.27 -56.15
C PRO UA 239 -34.23 -7.37 -56.00
N LEU UA 240 -34.28 -7.96 -54.82
CA LEU UA 240 -35.23 -9.01 -54.46
C LEU UA 240 -36.61 -8.39 -54.25
N PRO UA 241 -37.62 -9.18 -53.87
CA PRO UA 241 -38.96 -8.61 -53.67
C PRO UA 241 -39.09 -7.74 -52.43
N GLN UA 242 -37.96 -7.27 -51.90
CA GLN UA 242 -37.82 -6.26 -50.85
C GLN UA 242 -38.50 -6.64 -49.54
N ASP UA 243 -38.93 -7.88 -49.39
CA ASP UA 243 -39.20 -8.44 -48.09
C ASP UA 243 -38.31 -9.65 -47.80
N HIS UA 244 -37.53 -10.07 -48.78
CA HIS UA 244 -36.55 -11.14 -48.61
C HIS UA 244 -35.56 -10.79 -47.51
N ALA UA 245 -34.92 -11.82 -46.98
CA ALA UA 245 -33.87 -11.63 -46.00
C ALA UA 245 -32.51 -11.38 -46.64
N ARG UA 246 -32.47 -11.10 -47.94
CA ARG UA 246 -31.23 -10.88 -48.65
C ARG UA 246 -31.25 -9.62 -49.50
N ARG UA 247 -32.31 -8.81 -49.43
CA ARG UA 247 -32.40 -7.64 -50.28
C ARG UA 247 -31.29 -6.65 -49.96
N PHE UA 248 -30.80 -5.98 -51.00
CA PHE UA 248 -29.73 -5.00 -50.82
C PHE UA 248 -29.81 -3.99 -51.97
N CYS UA 249 -30.36 -2.81 -51.70
CA CYS UA 249 -30.40 -1.73 -52.66
C CYS UA 249 -29.15 -0.88 -52.45
N VAL UA 250 -28.26 -0.86 -53.45
CA VAL UA 250 -26.98 -0.21 -53.30
C VAL UA 250 -27.13 1.29 -53.08
N PHE UA 251 -28.17 1.90 -53.66
CA PHE UA 251 -28.32 3.34 -53.56
C PHE UA 251 -28.70 3.79 -52.15
N GLU UA 252 -29.48 2.97 -51.43
CA GLU UA 252 -29.73 3.29 -50.03
C GLU UA 252 -28.44 3.31 -49.24
N ALA UA 253 -27.55 2.34 -49.49
CA ALA UA 253 -26.26 2.33 -48.81
C ALA UA 253 -25.43 3.54 -49.21
N LEU UA 254 -25.50 3.93 -50.48
CA LEU UA 254 -24.78 5.13 -50.92
C LEU UA 254 -25.25 6.35 -50.15
N GLU UA 255 -26.56 6.52 -50.04
CA GLU UA 255 -27.12 7.64 -49.29
C GLU UA 255 -26.64 7.62 -47.84
N ALA UA 256 -26.77 6.47 -47.18
CA ALA UA 256 -26.35 6.37 -45.80
C ALA UA 256 -24.87 6.69 -45.65
N TRP UA 257 -24.06 6.26 -46.61
CA TRP UA 257 -22.63 6.52 -46.51
C TRP UA 257 -22.32 8.00 -46.69
N ILE UA 258 -22.97 8.65 -47.65
CA ILE UA 258 -22.77 10.08 -47.81
C ILE UA 258 -23.06 10.79 -46.50
N ALA UA 259 -24.20 10.47 -45.90
CA ALA UA 259 -24.58 11.11 -44.64
C ALA UA 259 -23.53 10.87 -43.56
N SER UA 260 -23.19 9.60 -43.31
CA SER UA 260 -22.31 9.27 -42.20
C SER UA 260 -20.92 9.85 -42.41
N ALA UA 261 -20.42 9.83 -43.65
CA ALA UA 261 -19.10 10.37 -43.92
C ALA UA 261 -19.08 11.88 -43.75
N SER UA 262 -20.11 12.57 -44.22
CA SER UA 262 -20.17 14.01 -44.00
C SER UA 262 -20.20 14.34 -42.52
N ARG UA 263 -20.97 13.59 -41.74
CA ARG UA 263 -21.01 13.82 -40.30
C ARG UA 263 -19.63 13.61 -39.68
N LEU UA 264 -19.00 12.47 -39.97
CA LEU UA 264 -17.70 12.19 -39.37
C LEU UA 264 -16.67 13.23 -39.78
N GLY UA 265 -16.76 13.75 -41.00
CA GLY UA 265 -15.85 14.82 -41.39
C GLY UA 265 -16.11 16.09 -40.62
N ASP UA 266 -17.38 16.42 -40.41
CA ASP UA 266 -17.69 17.68 -39.75
C ASP UA 266 -17.28 17.67 -38.28
N THR UA 267 -17.45 16.55 -37.59
CA THR UA 267 -17.13 16.49 -36.17
C THR UA 267 -15.68 16.06 -35.92
N LEU UA 268 -14.76 16.68 -36.65
CA LEU UA 268 -13.35 16.32 -36.53
C LEU UA 268 -12.47 17.55 -36.42
N GLY UA 269 -13.01 18.63 -35.87
CA GLY UA 269 -12.26 19.87 -35.78
C GLY UA 269 -11.80 20.32 -37.14
N THR UA 270 -10.48 20.37 -37.34
CA THR UA 270 -9.89 20.75 -38.62
C THR UA 270 -10.49 22.07 -39.11
N ARG UA 271 -10.84 22.93 -38.16
CA ARG UA 271 -11.33 24.26 -38.49
C ARG UA 271 -10.60 25.27 -37.61
N PRO UA 272 -9.88 26.20 -38.22
CA PRO UA 272 -9.14 27.18 -37.44
C PRO UA 272 -10.02 27.96 -36.48
N VAL UA 273 -9.79 27.79 -35.19
CA VAL UA 273 -10.53 28.52 -34.18
C VAL UA 273 -9.77 29.74 -33.67
N ALA UA 274 -8.44 29.75 -33.75
CA ALA UA 274 -7.64 30.85 -33.24
C ALA UA 274 -6.30 30.84 -33.95
N ARG UA 275 -5.59 31.97 -33.84
CA ARG UA 275 -4.38 32.19 -34.59
C ARG UA 275 -3.39 32.98 -33.74
N VAL UA 276 -2.18 32.46 -33.58
CA VAL UA 276 -1.22 33.09 -32.69
C VAL UA 276 -0.64 34.33 -33.38
N CYS UA 277 -0.61 35.44 -32.65
CA CYS UA 277 -0.14 36.72 -33.16
C CYS UA 277 0.75 37.39 -32.13
N ILE UA 278 1.70 36.61 -31.59
CA ILE UA 278 2.53 37.09 -30.49
C ILE UA 278 3.27 38.36 -30.89
N PHE UA 279 3.42 39.27 -29.93
CA PHE UA 279 4.05 40.57 -30.16
C PHE UA 279 4.84 40.93 -28.92
N ASP UA 280 6.10 41.31 -29.11
CA ASP UA 280 7.01 41.65 -28.02
C ASP UA 280 7.15 40.47 -27.04
N GLY UA 281 7.65 39.36 -27.58
CA GLY UA 281 7.91 38.18 -26.79
C GLY UA 281 8.80 37.24 -27.56
N PRO UA 282 9.23 36.15 -26.93
CA PRO UA 282 10.06 35.15 -27.62
C PRO UA 282 9.38 34.68 -28.88
N PRO UA 283 10.14 34.19 -29.86
CA PRO UA 283 9.52 33.86 -31.15
C PRO UA 283 8.66 32.62 -31.10
N THR UA 284 9.08 31.60 -30.35
CA THR UA 284 8.37 30.34 -30.26
C THR UA 284 8.03 30.06 -28.80
N VAL UA 285 6.85 29.52 -28.57
CA VAL UA 285 6.38 29.22 -27.22
C VAL UA 285 6.49 27.73 -26.97
N PRO UA 286 7.07 27.29 -25.86
CA PRO UA 286 7.20 25.86 -25.58
C PRO UA 286 5.97 25.34 -24.85
N PRO UA 287 5.76 24.03 -24.82
CA PRO UA 287 4.60 23.48 -24.10
C PRO UA 287 4.61 23.87 -22.63
N GLY UA 288 3.50 24.43 -22.19
CA GLY UA 288 3.32 24.81 -20.81
C GLY UA 288 3.46 26.29 -20.53
N GLU UA 289 4.07 27.05 -21.44
CA GLU UA 289 4.23 28.48 -21.29
C GLU UA 289 3.08 29.20 -21.97
N LYS UA 290 2.50 30.18 -21.30
CA LYS UA 290 1.38 30.91 -21.87
C LYS UA 290 1.83 31.69 -23.09
N ALA UA 291 0.86 32.02 -23.94
CA ALA UA 291 1.12 32.74 -25.18
C ALA UA 291 -0.02 33.71 -25.45
N ALA UA 292 0.09 34.44 -26.54
CA ALA UA 292 -0.92 35.41 -26.95
C ALA UA 292 -1.53 34.97 -28.28
N VAL UA 293 -2.85 35.09 -28.39
CA VAL UA 293 -3.57 34.60 -29.56
C VAL UA 293 -4.71 35.55 -29.87
N VAL UA 294 -5.03 35.66 -31.15
CA VAL UA 294 -6.19 36.40 -31.61
C VAL UA 294 -7.20 35.41 -32.16
N GLU UA 295 -8.48 35.67 -31.91
CA GLU UA 295 -9.52 34.78 -32.39
C GLU UA 295 -9.61 34.86 -33.91
N VAL UA 296 -10.45 34.00 -34.48
CA VAL UA 296 -10.66 34.00 -35.92
C VAL UA 296 -12.15 34.07 -36.25
N ARG VA 3 120.12 70.22 65.79
CA ARG VA 3 120.10 69.55 67.09
C ARG VA 3 120.88 70.20 68.24
N PRO VA 4 121.89 71.05 67.98
CA PRO VA 4 122.46 71.84 69.08
C PRO VA 4 121.43 72.81 69.62
N ALA VA 5 121.29 72.83 70.95
CA ALA VA 5 120.22 73.57 71.59
C ALA VA 5 120.21 75.03 71.17
N ILE VA 6 119.02 75.64 71.19
CA ILE VA 6 118.87 77.02 70.77
C ILE VA 6 119.11 77.94 71.96
N LEU VA 7 118.29 77.82 72.99
CA LEU VA 7 118.41 78.67 74.17
C LEU VA 7 118.66 77.82 75.39
N PRO VA 8 119.82 77.95 76.04
CA PRO VA 8 120.11 77.11 77.20
C PRO VA 8 119.26 77.47 78.40
N SER VA 9 118.78 76.44 79.09
CA SER VA 9 117.97 76.67 80.28
C SER VA 9 118.81 77.18 81.44
N GLY VA 10 119.76 76.38 81.88
CA GLY VA 10 120.70 76.80 82.91
C GLY VA 10 122.12 76.50 82.48
N GLN VA 11 123.04 77.39 82.86
CA GLN VA 11 124.40 77.31 82.38
C GLN VA 11 125.37 76.92 83.50
N ILE VA 12 126.48 76.30 83.09
CA ILE VA 12 127.38 75.65 84.04
C ILE VA 12 128.02 76.66 84.98
N LEU VA 13 128.42 76.17 86.15
CA LEU VA 13 129.01 77.03 87.17
C LEU VA 13 130.53 77.10 87.00
N SER VA 14 131.20 75.96 87.05
CA SER VA 14 132.66 75.93 87.06
C SER VA 14 133.21 75.51 85.71
N ASN VA 15 134.52 75.73 85.54
CA ASN VA 15 135.21 75.45 84.30
C ASN VA 15 136.22 74.32 84.50
N ILE VA 16 136.18 73.34 83.62
CA ILE VA 16 137.05 72.17 83.67
C ILE VA 16 137.57 71.90 82.27
N GLU VA 17 138.64 71.14 82.19
CA GLU VA 17 139.15 70.71 80.89
C GLU VA 17 138.40 69.45 80.50
N VAL VA 18 137.41 69.59 79.62
CA VAL VA 18 136.49 68.49 79.35
C VAL VA 18 137.19 67.34 78.66
N HIS VA 19 138.27 67.60 77.92
CA HIS VA 19 138.85 66.52 77.13
C HIS VA 19 139.48 65.45 78.02
N SER VA 20 139.97 65.81 79.18
CA SER VA 20 140.45 64.80 80.11
C SER VA 20 139.31 64.05 80.78
N HIS VA 21 138.07 64.53 80.65
CA HIS VA 21 136.90 63.88 81.21
C HIS VA 21 135.96 63.38 80.12
N ARG VA 22 136.53 62.88 79.02
CA ARG VA 22 135.68 62.31 77.98
C ARG VA 22 135.00 61.03 78.42
N ALA VA 23 135.28 60.54 79.62
CA ALA VA 23 134.75 59.26 80.06
C ALA VA 23 133.32 59.36 80.55
N LEU VA 24 132.97 60.46 81.20
CA LEU VA 24 131.68 60.54 81.86
C LEU VA 24 130.53 60.65 80.87
N PHE VA 25 130.79 61.16 79.68
CA PHE VA 25 129.71 61.45 78.75
C PHE VA 25 129.45 60.26 77.84
N ASP VA 26 128.41 60.35 77.02
CA ASP VA 26 128.11 59.33 76.03
C ASP VA 26 128.53 59.75 74.62
N ILE VA 27 128.20 60.96 74.21
CA ILE VA 27 128.62 61.51 72.93
C ILE VA 27 129.46 62.74 73.19
N PHE VA 28 130.47 62.95 72.35
CA PHE VA 28 131.46 63.99 72.64
C PHE VA 28 132.08 64.48 71.34
N LYS VA 29 132.15 65.80 71.18
CA LYS VA 29 132.64 66.40 69.94
C LYS VA 29 133.46 67.64 70.25
N ARG VA 30 134.38 67.96 69.34
CA ARG VA 30 135.25 69.13 69.45
C ARG VA 30 135.10 69.97 68.19
N PHE VA 31 134.64 71.20 68.33
CA PHE VA 31 134.36 72.03 67.16
C PHE VA 31 135.63 72.62 66.57
N ARG VA 32 136.41 73.32 67.40
CA ARG VA 32 137.54 74.14 66.94
C ARG VA 32 137.07 75.26 66.02
N SER VA 33 136.31 76.19 66.61
CA SER VA 33 135.83 77.41 65.96
C SER VA 33 134.85 77.10 64.82
N ASP VA 34 133.71 76.54 65.22
CA ASP VA 34 132.49 76.56 64.41
C ASP VA 34 132.66 75.80 63.09
N ASP VA 35 132.76 74.49 63.22
CA ASP VA 35 132.65 73.57 62.08
C ASP VA 35 131.38 73.83 61.28
N ASN VA 36 131.38 73.40 60.01
CA ASN VA 36 130.26 73.62 59.10
C ASN VA 36 129.06 72.71 59.37
N ASN VA 37 129.23 71.65 60.14
CA ASN VA 37 128.18 70.65 60.25
C ASN VA 37 127.00 71.10 61.10
N LEU VA 38 126.97 72.35 61.56
CA LEU VA 38 125.89 72.80 62.42
C LEU VA 38 124.97 73.83 61.79
N TYR VA 39 125.37 74.46 60.69
CA TYR VA 39 124.50 75.44 60.05
C TYR VA 39 123.48 74.80 59.14
N GLY VA 40 123.50 73.48 58.98
CA GLY VA 40 122.47 72.83 58.21
C GLY VA 40 121.19 72.64 59.01
N ALA VA 41 120.08 72.58 58.30
CA ALA VA 41 118.77 72.42 58.92
C ALA VA 41 117.97 71.47 58.02
N GLU VA 42 117.79 70.24 58.48
CA GLU VA 42 117.11 69.21 57.71
C GLU VA 42 115.89 68.74 58.49
N PHE VA 43 114.87 68.29 57.78
CA PHE VA 43 113.65 67.86 58.44
C PHE VA 43 112.84 67.00 57.49
N ASP VA 44 111.80 66.39 58.03
CA ASP VA 44 110.86 65.58 57.26
C ASP VA 44 109.46 66.03 57.61
N ALA VA 45 108.64 66.26 56.58
CA ALA VA 45 107.30 66.77 56.78
C ALA VA 45 106.32 65.83 56.10
N LEU VA 46 105.23 65.52 56.79
CA LEU VA 46 104.10 64.89 56.12
C LEU VA 46 103.26 65.98 55.50
N LEU VA 47 102.83 65.75 54.26
CA LEU VA 47 102.30 66.80 53.43
C LEU VA 47 100.78 66.92 53.47
N GLY VA 48 100.09 65.95 54.04
CA GLY VA 48 98.65 66.07 54.15
C GLY VA 48 97.94 64.83 54.64
N THR VA 49 96.91 65.04 55.45
CA THR VA 49 96.02 63.98 55.87
C THR VA 49 94.85 63.88 54.91
N TYR VA 50 94.25 62.70 54.83
CA TYR VA 50 93.11 62.48 53.94
C TYR VA 50 92.12 61.55 54.62
N CYS VA 51 91.06 62.13 55.15
CA CYS VA 51 90.05 61.43 55.93
C CYS VA 51 88.85 61.14 55.03
N SER VA 52 88.48 59.86 54.93
CA SER VA 52 87.32 59.49 54.13
C SER VA 52 86.04 59.76 54.91
N THR VA 53 84.90 59.51 54.26
CA THR VA 53 83.61 59.71 54.89
C THR VA 53 82.70 58.55 54.50
N LEU VA 54 81.42 58.66 54.83
CA LEU VA 54 80.46 57.59 54.60
C LEU VA 54 79.20 58.17 53.99
N SER VA 55 78.82 57.65 52.83
CA SER VA 55 77.62 58.12 52.13
C SER VA 55 76.40 57.48 52.80
N LEU VA 56 75.75 58.24 53.67
CA LEU VA 56 74.54 57.75 54.32
C LEU VA 56 73.48 57.46 53.28
N VAL VA 57 72.89 56.27 53.36
CA VAL VA 57 71.83 55.87 52.45
C VAL VA 57 70.60 55.50 53.27
N ARG VA 58 69.44 56.02 52.87
CA ARG VA 58 68.18 55.72 53.51
C ARG VA 58 67.30 54.94 52.54
N PHE VA 59 66.58 53.95 53.06
CA PHE VA 59 65.87 53.04 52.17
C PHE VA 59 64.68 53.73 51.51
N LEU VA 60 64.01 54.63 52.23
CA LEU VA 60 62.83 55.26 51.65
C LEU VA 60 63.15 56.20 50.50
N GLU VA 61 64.41 56.65 50.39
CA GLU VA 61 64.75 57.56 49.32
C GLU VA 61 64.99 56.87 47.99
N LEU VA 62 65.19 55.55 47.99
CA LEU VA 62 65.32 54.84 46.74
C LEU VA 62 63.97 54.67 46.07
N GLY VA 63 63.99 54.30 44.79
CA GLY VA 63 62.76 53.95 44.11
C GLY VA 63 62.26 52.58 44.50
N LEU VA 64 63.18 51.67 44.83
CA LEU VA 64 62.79 50.34 45.24
C LEU VA 64 61.76 50.34 46.36
N SER VA 65 61.68 51.43 47.12
CA SER VA 65 60.72 51.51 48.23
C SER VA 65 59.30 51.31 47.76
N VAL VA 66 59.01 51.60 46.49
CA VAL VA 66 57.65 51.42 45.99
C VAL VA 66 57.28 49.95 45.94
N ALA VA 67 58.26 49.05 45.86
CA ALA VA 67 57.95 47.64 45.69
C ALA VA 67 57.25 47.04 46.89
N CYS VA 68 57.37 47.63 48.07
CA CYS VA 68 56.87 47.00 49.28
C CYS VA 68 56.29 48.04 50.22
N VAL VA 69 55.34 47.61 51.03
CA VAL VA 69 54.74 48.46 52.07
C VAL VA 69 55.36 48.05 53.39
N CYS VA 70 56.22 48.91 53.93
CA CYS VA 70 56.90 48.62 55.18
C CYS VA 70 56.08 49.11 56.34
N THR VA 71 55.90 48.26 57.36
CA THR VA 71 55.19 48.61 58.57
C THR VA 71 56.01 48.17 59.77
N LYS VA 72 56.20 49.05 60.73
CA LYS VA 72 56.94 48.70 61.94
C LYS VA 72 56.02 47.92 62.86
N PHE VA 73 56.54 46.83 63.42
CA PHE VA 73 55.76 45.90 64.23
C PHE VA 73 56.58 45.54 65.45
N PRO VA 74 56.67 46.42 66.43
CA PRO VA 74 57.61 46.20 67.54
C PRO VA 74 57.31 44.98 68.39
N GLU VA 75 56.21 44.28 68.12
CA GLU VA 75 55.86 43.07 68.85
C GLU VA 75 56.14 41.79 68.08
N LEU VA 76 56.86 41.86 66.97
CA LEU VA 76 57.01 40.70 66.12
C LEU VA 76 57.77 39.58 66.80
N SER VA 77 58.63 39.89 67.76
CA SER VA 77 59.46 38.86 68.36
C SER VA 77 58.62 37.77 68.99
N TYR VA 78 57.38 38.07 69.37
CA TYR VA 78 56.54 37.11 70.07
C TYR VA 78 55.62 36.33 69.16
N VAL VA 79 55.33 36.83 67.96
CA VAL VA 79 54.26 36.28 67.15
C VAL VA 79 54.71 34.97 66.53
N ALA VA 80 53.89 33.93 66.68
CA ALA VA 80 54.07 32.70 65.94
C ALA VA 80 53.51 32.91 64.54
N GLU VA 81 53.28 31.85 63.79
CA GLU VA 81 52.91 31.98 62.38
C GLU VA 81 51.80 33.00 62.18
N GLY VA 82 51.91 33.78 61.11
CA GLY VA 82 50.95 34.80 60.78
C GLY VA 82 50.35 34.57 59.41
N THR VA 83 49.10 34.98 59.23
CA THR VA 83 48.37 34.70 58.01
C THR VA 83 47.72 35.96 57.47
N ILE VA 84 47.19 35.86 56.26
CA ILE VA 84 46.31 36.87 55.67
C ILE VA 84 45.24 36.13 54.87
N GLN VA 85 44.02 36.64 54.92
CA GLN VA 85 42.91 35.98 54.26
C GLN VA 85 42.73 36.50 52.85
N PHE VA 86 41.70 36.01 52.17
CA PHE VA 86 41.36 36.45 50.83
C PHE VA 86 39.94 36.02 50.51
N GLU VA 87 39.22 36.85 49.77
CA GLU VA 87 37.87 36.50 49.31
C GLU VA 87 37.70 37.14 47.94
N VAL VA 88 37.66 36.33 46.89
CA VAL VA 88 37.46 36.83 45.54
C VAL VA 88 36.34 36.04 44.91
N GLN VA 89 35.52 36.72 44.11
CA GLN VA 89 34.35 36.11 43.49
C GLN VA 89 34.49 36.22 41.98
N GLN VA 90 34.33 35.11 41.28
CA GLN VA 90 34.56 35.11 39.85
C GLN VA 90 33.27 35.48 39.12
N PRO VA 91 33.32 36.40 38.16
CA PRO VA 91 32.13 36.73 37.39
C PRO VA 91 31.78 35.64 36.41
N MET VA 92 30.50 35.53 36.11
CA MET VA 92 29.98 34.49 35.24
C MET VA 92 29.11 35.12 34.15
N ILE VA 93 28.93 34.38 33.05
CA ILE VA 93 28.16 34.87 31.92
C ILE VA 93 27.14 33.81 31.52
N ALA VA 94 25.94 34.26 31.19
CA ALA VA 94 24.87 33.36 30.80
C ALA VA 94 25.21 32.71 29.46
N ARG VA 95 24.61 31.54 29.22
CA ARG VA 95 24.92 30.75 28.05
C ARG VA 95 23.67 30.03 27.58
N ASP VA 96 23.73 29.49 26.36
CA ASP VA 96 22.55 28.93 25.71
C ASP VA 96 22.88 27.62 24.99
N GLY VA 97 21.87 26.76 24.89
CA GLY VA 97 21.92 25.66 23.97
C GLY VA 97 22.37 24.36 24.61
N PRO VA 98 23.26 23.65 23.92
CA PRO VA 98 23.71 22.35 24.45
C PRO VA 98 24.31 22.45 25.84
N HIS VA 99 25.33 23.27 26.01
CA HIS VA 99 26.00 23.38 27.30
C HIS VA 99 25.07 24.03 28.31
N PRO VA 100 25.23 23.71 29.59
CA PRO VA 100 24.30 24.20 30.61
C PRO VA 100 24.77 25.50 31.23
N ALA VA 101 23.89 26.08 32.04
CA ALA VA 101 24.22 27.30 32.76
C ALA VA 101 25.16 26.99 33.91
N ASP VA 102 25.79 28.04 34.43
CA ASP VA 102 26.76 27.87 35.50
C ASP VA 102 26.48 28.87 36.62
N GLN VA 103 26.91 28.51 37.83
CA GLN VA 103 26.71 29.34 39.00
C GLN VA 103 27.85 30.33 39.16
N PRO VA 104 27.69 31.33 40.03
CA PRO VA 104 28.85 32.10 40.48
C PRO VA 104 29.64 31.27 41.47
N VAL VA 105 30.95 31.25 41.33
CA VAL VA 105 31.83 30.49 42.20
C VAL VA 105 32.56 31.47 43.11
N HIS VA 106 32.55 31.18 44.41
CA HIS VA 106 33.35 31.91 45.38
C HIS VA 106 34.51 31.02 45.81
N ASN VA 107 35.54 31.63 46.38
CA ASN VA 107 36.64 30.84 46.92
C ASN VA 107 37.39 31.66 47.96
N TYR VA 108 37.78 30.99 49.03
CA TYR VA 108 38.52 31.60 50.13
C TYR VA 108 39.84 30.84 50.28
N MET VA 109 40.95 31.57 50.25
CA MET VA 109 42.25 30.95 50.46
C MET VA 109 43.13 31.91 51.26
N ILE VA 110 43.97 31.33 52.11
CA ILE VA 110 44.83 32.08 53.02
C ILE VA 110 46.27 31.64 52.83
N LYS VA 111 47.20 32.55 53.09
CA LYS VA 111 48.62 32.28 52.89
C LYS VA 111 49.42 32.78 54.07
N ARG VA 112 50.50 32.09 54.37
CA ARG VA 112 51.26 32.28 55.59
C ARG VA 112 52.36 33.32 55.43
N LEU VA 113 52.98 33.66 56.55
CA LEU VA 113 54.10 34.59 56.58
C LEU VA 113 55.42 33.84 56.42
N ASP VA 114 56.47 34.58 56.09
CA ASP VA 114 57.81 34.04 56.00
C ASP VA 114 58.73 34.90 56.85
N ARG VA 115 59.50 34.28 57.73
CA ARG VA 115 60.26 35.00 58.74
C ARG VA 115 61.75 34.84 58.49
N ARG VA 116 62.49 35.94 58.62
CA ARG VA 116 63.93 35.96 58.46
C ARG VA 116 64.56 36.71 59.62
N SER VA 117 65.86 37.01 59.51
CA SER VA 117 66.53 37.82 60.53
C SER VA 117 67.69 38.55 59.87
N LEU VA 118 68.38 39.36 60.67
CA LEU VA 118 69.57 40.08 60.21
C LEU VA 118 70.49 40.25 61.40
N ASN VA 119 71.77 40.46 61.12
CA ASN VA 119 72.72 40.61 62.22
C ASN VA 119 73.96 41.34 61.75
N ALA VA 120 74.71 41.87 62.72
CA ALA VA 120 75.95 42.57 62.47
C ALA VA 120 76.80 42.46 63.73
N ALA VA 121 78.04 42.95 63.66
CA ALA VA 121 78.95 42.86 64.80
C ALA VA 121 79.69 44.17 64.95
N PHE VA 122 80.09 44.46 66.19
CA PHE VA 122 80.54 45.80 66.56
C PHE VA 122 81.68 45.75 67.57
N SER VA 123 82.54 44.74 67.50
CA SER VA 123 83.54 44.51 68.54
C SER VA 123 84.41 45.73 68.79
N ILE VA 124 84.46 46.17 70.04
CA ILE VA 124 85.32 47.28 70.45
C ILE VA 124 86.41 46.75 71.36
N ALA VA 125 87.56 47.42 71.33
CA ALA VA 125 88.76 46.93 72.00
C ALA VA 125 88.63 47.10 73.51
N VAL VA 126 89.71 46.80 74.23
CA VAL VA 126 89.68 46.85 75.69
C VAL VA 126 90.19 48.19 76.21
N GLU VA 127 91.21 48.75 75.58
CA GLU VA 127 91.72 50.05 75.99
C GLU VA 127 90.63 51.11 75.88
N ALA VA 128 89.88 51.10 74.78
CA ALA VA 128 88.78 52.05 74.65
C ALA VA 128 87.74 51.81 75.72
N LEU VA 129 87.44 50.55 76.03
CA LEU VA 129 86.45 50.26 77.05
C LEU VA 129 86.88 50.81 78.40
N GLY VA 130 88.18 50.77 78.68
CA GLY VA 130 88.67 51.32 79.92
C GLY VA 130 88.63 52.84 79.93
N LEU VA 131 89.18 53.45 78.88
CA LEU VA 131 89.28 54.91 78.86
C LEU VA 131 87.92 55.59 78.80
N ILE VA 132 86.95 54.94 78.15
CA ILE VA 132 85.61 55.53 78.05
C ILE VA 132 84.97 55.61 79.43
N SER VA 133 84.83 54.46 80.10
CA SER VA 133 84.36 54.45 81.47
C SER VA 133 85.29 55.19 82.41
N GLY VA 134 86.50 55.53 81.95
CA GLY VA 134 87.40 56.33 82.75
C GLY VA 134 87.93 55.65 83.99
N GLU VA 135 87.83 54.33 84.08
CA GLU VA 135 88.39 53.65 85.24
C GLU VA 135 89.91 53.75 85.25
N ASN VA 136 90.54 53.77 84.09
CA ASN VA 136 92.00 53.85 83.98
C ASN VA 136 92.48 55.22 83.53
N LEU VA 137 91.64 56.24 83.66
CA LEU VA 137 91.99 57.59 83.25
C LEU VA 137 92.69 58.27 84.42
N ASP VA 138 93.96 58.63 84.23
CA ASP VA 138 94.68 59.43 85.21
C ASP VA 138 94.69 60.89 84.76
N GLY VA 139 94.79 61.79 85.73
CA GLY VA 139 94.64 63.20 85.45
C GLY VA 139 95.81 63.85 84.75
N THR VA 140 96.19 63.33 83.59
CA THR VA 140 97.28 63.88 82.80
C THR VA 140 96.74 64.52 81.54
N HIS VA 141 97.42 65.57 81.09
CA HIS VA 141 97.02 66.23 79.85
C HIS VA 141 97.20 65.34 78.63
N ILE VA 142 97.82 64.17 78.78
CA ILE VA 142 97.96 63.26 77.66
C ILE VA 142 96.88 62.19 77.64
N SER VA 143 96.24 61.92 78.78
CA SER VA 143 95.17 60.93 78.80
C SER VA 143 93.93 61.46 78.11
N SER VA 144 93.59 62.72 78.36
CA SER VA 144 92.36 63.28 77.78
C SER VA 144 92.36 63.18 76.27
N ALA VA 145 93.51 63.35 75.64
CA ALA VA 145 93.58 63.20 74.19
C ALA VA 145 93.21 61.77 73.79
N MET VA 146 93.69 60.78 74.54
CA MET VA 146 93.37 59.41 74.21
C MET VA 146 91.90 59.08 74.48
N ARG VA 147 91.32 59.67 75.52
CA ARG VA 147 89.88 59.48 75.73
C ARG VA 147 89.08 60.06 74.58
N LEU VA 148 89.44 61.26 74.15
CA LEU VA 148 88.78 61.86 72.99
C LEU VA 148 88.90 60.95 71.78
N ARG VA 149 90.09 60.41 71.54
CA ARG VA 149 90.30 59.54 70.39
C ARG VA 149 89.44 58.29 70.48
N ALA VA 150 89.37 57.67 71.65
CA ALA VA 150 88.59 56.45 71.79
C ALA VA 150 87.10 56.72 71.62
N ILE VA 151 86.61 57.82 72.16
CA ILE VA 151 85.20 58.16 71.96
C ILE VA 151 84.91 58.39 70.49
N GLN VA 152 85.80 59.10 69.81
CA GLN VA 152 85.61 59.32 68.38
C GLN VA 152 85.58 57.99 67.63
N GLN VA 153 86.41 57.04 68.04
CA GLN VA 153 86.41 55.74 67.38
C GLN VA 153 85.10 55.01 67.61
N LEU VA 154 84.59 55.04 68.84
CA LEU VA 154 83.32 54.39 69.11
C LEU VA 154 82.20 55.02 68.29
N ALA VA 155 82.20 56.34 68.16
CA ALA VA 155 81.16 57.00 67.38
C ALA VA 155 81.26 56.63 65.92
N ARG VA 156 82.46 56.71 65.35
CA ARG VA 156 82.66 56.38 63.94
C ARG VA 156 82.47 54.91 63.65
N ASN VA 157 82.40 54.07 64.67
CA ASN VA 157 82.09 52.66 64.47
C ASN VA 157 80.60 52.38 64.56
N VAL VA 158 79.92 52.94 65.57
CA VAL VA 158 78.50 52.72 65.71
C VAL VA 158 77.74 53.38 64.58
N GLN VA 159 78.19 54.55 64.10
CA GLN VA 159 77.48 55.20 63.02
C GLN VA 159 77.60 54.45 61.71
N ALA VA 160 78.56 53.54 61.61
CA ALA VA 160 78.65 52.68 60.43
C ALA VA 160 77.82 51.42 60.61
N VAL VA 161 77.95 50.75 61.76
CA VAL VA 161 77.21 49.50 61.93
C VAL VA 161 75.71 49.77 61.92
N LEU VA 162 75.27 50.89 62.50
CA LEU VA 162 73.86 51.22 62.46
C LEU VA 162 73.41 51.59 61.06
N ASP VA 163 74.33 51.99 60.19
CA ASP VA 163 73.96 52.31 58.81
C ASP VA 163 73.70 51.05 58.01
N SER VA 164 74.24 49.91 58.43
CA SER VA 164 74.21 48.73 57.58
C SER VA 164 72.85 48.09 57.50
N PHE VA 165 71.93 48.41 58.41
CA PHE VA 165 70.60 47.82 58.31
C PHE VA 165 69.77 48.43 57.20
N GLU VA 166 70.01 49.68 56.83
CA GLU VA 166 69.33 50.26 55.68
C GLU VA 166 69.68 49.51 54.40
N ARG VA 167 70.97 49.46 54.09
CA ARG VA 167 71.42 48.66 52.96
C ARG VA 167 70.99 47.21 53.12
N GLY VA 168 70.88 46.72 54.35
CA GLY VA 168 70.44 45.36 54.56
C GLY VA 168 69.03 45.14 54.07
N THR VA 169 68.12 46.04 54.42
CA THR VA 169 66.76 45.95 53.89
C THR VA 169 66.78 46.07 52.38
N ALA VA 170 67.61 46.98 51.85
CA ALA VA 170 67.66 47.16 50.40
C ALA VA 170 68.12 45.89 49.71
N ASP VA 171 68.91 45.07 50.40
CA ASP VA 171 69.33 43.79 49.84
C ASP VA 171 68.25 42.72 50.01
N GLN VA 172 67.65 42.66 51.20
CA GLN VA 172 66.59 41.68 51.45
C GLN VA 172 65.45 41.83 50.47
N MET VA 173 65.14 43.06 50.07
CA MET VA 173 64.04 43.27 49.13
C MET VA 173 64.33 42.61 47.80
N LEU VA 174 65.53 42.82 47.25
CA LEU VA 174 65.91 42.13 46.02
C LEU VA 174 65.89 40.63 46.22
N ARG VA 175 66.39 40.17 47.36
CA ARG VA 175 66.44 38.73 47.62
C ARG VA 175 65.05 38.11 47.53
N VAL VA 176 64.08 38.69 48.22
CA VAL VA 176 62.76 38.09 48.25
C VAL VA 176 62.07 38.27 46.89
N LEU VA 177 62.25 39.42 46.25
CA LEU VA 177 61.59 39.65 44.97
C LEU VA 177 62.08 38.65 43.93
N MET VA 178 63.38 38.35 43.92
CA MET VA 178 63.89 37.43 42.92
C MET VA 178 63.31 36.04 43.07
N GLU VA 179 62.93 35.66 44.28
CA GLU VA 179 62.42 34.32 44.52
C GLU VA 179 60.98 34.13 44.06
N LYS VA 180 60.25 35.21 43.81
CA LYS VA 180 58.88 35.10 43.35
C LYS VA 180 58.80 35.04 41.84
N ALA VA 181 59.50 35.95 41.18
CA ALA VA 181 59.30 36.20 39.76
C ALA VA 181 59.67 34.98 38.93
N PRO VA 182 58.72 34.40 38.19
CA PRO VA 182 59.07 33.37 37.24
C PRO VA 182 59.65 34.00 35.99
N PRO VA 183 60.40 33.23 35.20
CA PRO VA 183 60.99 33.81 33.99
C PRO VA 183 59.91 34.23 33.02
N LEU VA 184 60.12 35.36 32.35
CA LEU VA 184 59.10 35.88 31.44
C LEU VA 184 58.74 34.87 30.37
N SER VA 185 59.74 34.14 29.87
CA SER VA 185 59.49 33.19 28.79
C SER VA 185 58.41 32.18 29.18
N LEU VA 186 58.49 31.64 30.38
CA LEU VA 186 57.50 30.68 30.85
C LEU VA 186 56.22 31.34 31.33
N LEU VA 187 55.98 32.58 30.99
CA LEU VA 187 54.80 33.27 31.48
C LEU VA 187 53.92 33.84 30.38
N ALA VA 188 54.51 34.41 29.33
CA ALA VA 188 53.70 35.02 28.29
C ALA VA 188 52.69 34.07 27.66
N PRO VA 189 53.02 32.83 27.31
CA PRO VA 189 51.98 31.95 26.79
C PRO VA 189 51.04 31.43 27.85
N PHE VA 190 51.46 31.39 29.11
CA PHE VA 190 50.56 30.90 30.16
C PHE VA 190 49.36 31.80 30.34
N THR VA 191 49.46 33.06 29.95
CA THR VA 191 48.31 33.96 29.98
C THR VA 191 47.37 33.74 28.81
N LEU VA 192 47.86 33.19 27.70
CA LEU VA 192 47.01 32.94 26.55
C LEU VA 192 46.10 31.74 26.75
N TYR VA 193 46.48 30.80 27.62
CA TYR VA 193 45.73 29.58 27.83
C TYR VA 193 45.14 29.53 29.24
N GLU VA 194 44.59 30.65 29.68
CA GLU VA 194 43.98 30.73 30.99
C GLU VA 194 42.57 30.16 30.97
N GLY VA 195 42.14 29.65 32.13
CA GLY VA 195 40.81 29.09 32.27
C GLY VA 195 40.44 28.06 31.24
N ARG VA 196 41.43 27.42 30.62
CA ARG VA 196 41.14 26.39 29.62
C ARG VA 196 42.11 25.23 29.69
N LEU VA 197 42.98 25.16 30.68
CA LEU VA 197 43.89 24.02 30.78
C LEU VA 197 43.27 22.88 31.58
N ALA VA 198 42.01 22.58 31.30
CA ALA VA 198 41.33 21.53 32.03
C ALA VA 198 41.53 20.17 31.37
N ASP VA 199 41.39 20.11 30.05
CA ASP VA 199 41.54 18.88 29.31
C ASP VA 199 43.00 18.62 28.96
N ARG VA 200 43.25 17.43 28.41
CA ARG VA 200 44.61 17.07 28.03
C ARG VA 200 45.06 17.84 26.79
N VAL VA 201 44.17 17.98 25.81
CA VAL VA 201 44.55 18.54 24.52
C VAL VA 201 45.00 19.98 24.63
N ALA VA 202 44.56 20.71 25.66
CA ALA VA 202 45.00 22.09 25.81
C ALA VA 202 46.38 22.16 26.44
N CYS VA 203 46.58 21.45 27.55
CA CYS VA 203 47.88 21.43 28.18
C CYS VA 203 48.95 20.90 27.24
N ALA VA 204 48.57 20.00 26.33
CA ALA VA 204 49.52 19.50 25.34
C ALA VA 204 50.09 20.64 24.52
N ALA VA 205 49.22 21.38 23.84
CA ALA VA 205 49.69 22.51 23.05
C ALA VA 205 50.40 23.53 23.91
N LEU VA 206 49.98 23.68 25.16
CA LEU VA 206 50.63 24.66 26.03
C LEU VA 206 52.09 24.32 26.25
N VAL VA 207 52.37 23.08 26.63
CA VAL VA 207 53.76 22.74 26.88
C VAL VA 207 54.55 22.69 25.59
N SER VA 208 53.89 22.30 24.49
CA SER VA 208 54.60 22.29 23.21
C SER VA 208 54.94 23.70 22.76
N GLU VA 209 54.20 24.71 23.22
CA GLU VA 209 54.56 26.09 22.95
C GLU VA 209 55.58 26.64 23.93
N LEU VA 210 55.52 26.22 25.19
CA LEU VA 210 56.54 26.63 26.15
C LEU VA 210 57.92 26.16 25.72
N LYS VA 211 58.02 24.91 25.28
CA LYS VA 211 59.30 24.38 24.82
C LYS VA 211 59.86 25.21 23.68
N ARG VA 212 59.00 25.80 22.86
CA ARG VA 212 59.48 26.59 21.73
C ARG VA 212 59.79 28.02 22.12
N ARG VA 213 59.07 28.56 23.10
CA ARG VA 213 59.34 29.94 23.52
C ARG VA 213 60.60 30.03 24.34
N VAL VA 214 60.94 28.99 25.10
CA VAL VA 214 62.11 29.12 25.97
C VAL VA 214 63.39 29.20 25.16
N ARG VA 215 63.45 28.57 23.99
CA ARG VA 215 64.70 28.47 23.25
C ARG VA 215 64.80 29.45 22.10
N ASP VA 216 63.93 30.45 22.04
CA ASP VA 216 63.99 31.44 20.98
C ASP VA 216 64.09 32.84 21.55
N ASP VA 217 63.51 33.05 22.73
CA ASP VA 217 63.37 34.37 23.32
C ASP VA 217 63.96 34.43 24.73
N THR VA 218 64.97 33.63 25.00
CA THR VA 218 65.61 33.63 26.31
C THR VA 218 66.73 34.66 26.41
N PHE VA 219 66.93 35.48 25.37
CA PHE VA 219 67.89 36.56 25.41
C PHE VA 219 67.45 37.61 24.41
N PHE VA 220 67.16 38.81 24.88
CA PHE VA 220 67.04 39.96 23.99
C PHE VA 220 68.09 40.98 24.40
N LEU VA 221 68.20 42.04 23.60
CA LEU VA 221 69.19 43.10 23.77
C LEU VA 221 70.60 42.63 23.46
N THR VA 222 70.80 41.34 23.24
CA THR VA 222 72.07 40.83 22.76
C THR VA 222 71.97 40.02 21.49
N LYS VA 223 70.79 39.50 21.16
CA LYS VA 223 70.60 38.80 19.89
C LYS VA 223 69.87 39.63 18.85
N HIS VA 224 69.06 40.60 19.28
CA HIS VA 224 68.34 41.48 18.36
C HIS VA 224 68.59 42.92 18.79
N GLU VA 225 69.73 43.45 18.35
CA GLU VA 225 70.03 44.86 18.54
C GLU VA 225 69.69 45.70 17.33
N ARG VA 226 69.45 45.06 16.18
CA ARG VA 226 68.97 45.78 15.01
C ARG VA 226 67.51 46.15 15.15
N ASN VA 227 66.66 45.18 15.46
CA ASN VA 227 65.21 45.39 15.52
C ASN VA 227 64.91 46.19 16.78
N LYS VA 228 65.25 47.49 16.73
CA LYS VA 228 65.07 48.36 17.87
C LYS VA 228 63.63 48.37 18.35
N ASP VA 229 62.68 48.12 17.44
CA ASP VA 229 61.28 47.99 17.84
C ASP VA 229 61.08 46.75 18.71
N ALA VA 230 61.74 45.64 18.37
CA ALA VA 230 61.51 44.38 19.08
C ALA VA 230 61.83 44.51 20.55
N VAL VA 231 62.84 45.29 20.91
CA VAL VA 231 63.18 45.48 22.31
C VAL VA 231 62.04 46.17 23.05
N LEU VA 232 61.53 47.27 22.49
CA LEU VA 232 60.44 47.98 23.12
C LEU VA 232 59.22 47.09 23.25
N ASP VA 233 58.96 46.26 22.24
CA ASP VA 233 57.84 45.35 22.31
C ASP VA 233 58.02 44.34 23.44
N ARG VA 234 59.22 43.80 23.57
CA ARG VA 234 59.46 42.84 24.65
C ARG VA 234 59.28 43.49 26.01
N LEU VA 235 59.74 44.73 26.17
CA LEU VA 235 59.61 45.39 27.47
C LEU VA 235 58.15 45.71 27.79
N SER VA 236 57.39 46.14 26.79
CA SER VA 236 55.97 46.39 27.03
C SER VA 236 55.24 45.11 27.38
N ASP VA 237 55.59 44.01 26.69
CA ASP VA 237 55.03 42.71 27.05
C ASP VA 237 55.34 42.35 28.49
N LEU VA 238 56.59 42.56 28.89
CA LEU VA 238 56.98 42.28 30.27
C LEU VA 238 56.16 43.10 31.26
N VAL VA 239 56.02 44.39 31.01
CA VAL VA 239 55.35 45.26 31.97
C VAL VA 239 53.88 44.90 32.08
N ASN VA 240 53.23 44.61 30.95
CA ASN VA 240 51.80 44.31 31.02
C ASN VA 240 51.51 42.86 31.36
N CYS VA 241 52.52 41.99 31.43
CA CYS VA 241 52.26 40.57 31.65
C CYS VA 241 51.80 40.27 33.07
N THR VA 242 52.26 41.04 34.04
CA THR VA 242 51.87 40.82 35.42
C THR VA 242 50.51 41.49 35.68
N ALA VA 243 50.10 41.55 36.94
CA ALA VA 243 48.78 42.06 37.30
C ALA VA 243 48.86 42.86 38.58
N PRO VA 244 48.02 43.89 38.73
CA PRO VA 244 48.11 44.74 39.91
C PRO VA 244 47.76 44.00 41.18
N SER VA 245 48.28 44.49 42.29
CA SER VA 245 48.05 43.93 43.61
C SER VA 245 46.98 44.75 44.32
N VAL VA 246 46.78 44.47 45.61
CA VAL VA 246 45.76 45.17 46.38
C VAL VA 246 46.09 46.65 46.44
N ALA VA 247 45.07 47.48 46.34
CA ALA VA 247 45.23 48.93 46.27
C ALA VA 247 45.18 49.51 47.67
N VAL VA 248 46.32 49.96 48.17
CA VAL VA 248 46.40 50.68 49.43
C VAL VA 248 46.46 52.16 49.12
N ALA VA 249 45.69 52.95 49.88
CA ALA VA 249 45.55 54.38 49.62
C ALA VA 249 46.52 55.23 50.42
N ARG VA 250 47.65 54.66 50.83
CA ARG VA 250 48.59 55.36 51.70
C ARG VA 250 49.94 55.60 51.06
N MET VA 251 50.27 54.92 49.97
CA MET VA 251 51.58 55.08 49.36
C MET VA 251 51.75 56.46 48.75
N THR VA 252 50.91 56.79 47.77
CA THR VA 252 50.94 58.08 47.08
C THR VA 252 52.31 58.35 46.45
N HIS VA 253 53.04 57.30 46.11
CA HIS VA 253 54.25 57.48 45.31
C HIS VA 253 53.86 58.16 44.01
N ALA VA 254 54.33 59.38 43.80
CA ALA VA 254 53.82 60.20 42.74
C ALA VA 254 54.95 60.83 41.95
N ASP VA 255 54.72 61.00 40.66
CA ASP VA 255 55.59 61.84 39.86
C ASP VA 255 55.45 63.29 40.30
N THR VA 256 56.49 64.08 40.05
CA THR VA 256 56.54 65.44 40.56
C THR VA 256 55.51 66.37 39.93
N GLN VA 257 54.87 65.95 38.83
CA GLN VA 257 53.93 66.82 38.13
C GLN VA 257 52.59 66.17 37.87
N GLY VA 258 52.49 64.86 37.77
CA GLY VA 258 51.25 64.25 37.36
C GLY VA 258 50.88 62.95 38.03
N ARG VA 259 50.52 61.96 37.21
CA ARG VA 259 49.91 60.75 37.69
C ARG VA 259 50.87 59.95 38.57
N PRO VA 260 50.34 59.14 39.48
CA PRO VA 260 51.20 58.31 40.31
C PRO VA 260 51.98 57.30 39.48
N VAL VA 261 52.98 56.71 40.12
CA VAL VA 261 53.86 55.76 39.47
C VAL VA 261 53.31 54.36 39.71
N ASP VA 262 53.64 53.44 38.81
CA ASP VA 262 53.06 52.10 38.83
C ASP VA 262 54.01 51.00 39.26
N GLY VA 263 55.26 51.01 38.83
CA GLY VA 263 56.13 49.90 39.15
C GLY VA 263 57.58 50.24 39.36
N VAL VA 264 58.47 49.29 39.16
CA VAL VA 264 59.90 49.53 39.28
C VAL VA 264 60.63 48.59 38.33
N LEU VA 265 61.69 49.09 37.72
CA LEU VA 265 62.51 48.34 36.77
C LEU VA 265 63.95 48.36 37.30
N VAL VA 266 64.27 47.41 38.14
CA VAL VA 266 65.63 47.29 38.65
C VAL VA 266 66.41 46.38 37.73
N THR VA 267 67.68 46.69 37.55
CA THR VA 267 68.56 45.89 36.70
C THR VA 267 70.01 46.27 37.00
N THR VA 268 70.92 45.64 36.27
CA THR VA 268 72.33 45.98 36.42
C THR VA 268 72.66 47.22 35.60
N ALA VA 269 73.77 47.87 35.94
CA ALA VA 269 74.14 49.11 35.27
C ALA VA 269 74.43 48.86 33.79
N GLY VA 270 75.22 47.84 33.49
CA GLY VA 270 75.60 47.53 32.12
C GLY VA 270 74.45 47.41 31.15
N VAL VA 271 73.24 47.27 31.66
CA VAL VA 271 72.04 47.25 30.84
C VAL VA 271 71.35 48.61 30.83
N ARG VA 272 71.28 49.25 31.99
CA ARG VA 272 70.64 50.55 32.09
C ARG VA 272 71.33 51.56 31.19
N GLN VA 273 72.65 51.49 31.10
CA GLN VA 273 73.38 52.43 30.26
C GLN VA 273 72.99 52.28 28.79
N ARG VA 274 72.68 51.06 28.35
CA ARG VA 274 72.23 50.89 26.97
C ARG VA 274 70.77 51.29 26.82
N LEU VA 275 69.92 50.93 27.78
CA LEU VA 275 68.51 51.26 27.67
C LEU VA 275 68.30 52.76 27.60
N LEU VA 276 68.82 53.48 28.58
CA LEU VA 276 68.62 54.92 28.66
C LEU VA 276 69.36 55.67 27.62
N HIS VA 277 70.00 55.03 26.66
CA HIS VA 277 70.78 55.73 25.66
C HIS VA 277 70.33 55.48 24.23
N HIS VA 278 69.60 54.41 23.95
CA HIS VA 278 69.30 54.09 22.57
C HIS VA 278 67.83 53.79 22.32
N VAL VA 279 67.12 53.27 23.32
CA VAL VA 279 65.77 52.78 23.12
C VAL VA 279 64.73 53.51 23.96
N LEU VA 280 65.08 54.06 25.10
CA LEU VA 280 64.12 54.74 25.97
C LEU VA 280 64.46 56.23 26.05
N THR VA 281 63.56 56.97 26.67
CA THR VA 281 63.77 58.38 26.95
C THR VA 281 63.38 58.65 28.40
N LEU VA 282 64.20 59.44 29.08
CA LEU VA 282 63.92 59.77 30.47
C LEU VA 282 62.69 60.67 30.55
N ALA VA 283 61.65 60.20 31.23
CA ALA VA 283 60.44 61.00 31.37
C ALA VA 283 60.66 62.15 32.33
N ASP VA 284 61.01 61.84 33.58
CA ASP VA 284 61.25 62.85 34.59
C ASP VA 284 62.44 62.42 35.44
N THR VA 285 62.94 63.36 36.25
CA THR VA 285 64.13 63.11 37.05
C THR VA 285 63.90 63.38 38.53
N HIS VA 286 62.65 63.41 38.96
CA HIS VA 286 62.34 63.62 40.37
C HIS VA 286 61.03 62.94 40.69
N ALA VA 287 60.81 62.68 41.98
CA ALA VA 287 59.60 62.00 42.41
C ALA VA 287 59.23 62.51 43.80
N ASP VA 288 57.99 62.24 44.18
CA ASP VA 288 57.49 62.60 45.50
C ASP VA 288 57.10 61.31 46.20
N VAL VA 289 57.86 60.95 47.24
CA VAL VA 289 57.70 59.66 47.91
C VAL VA 289 57.21 59.95 49.32
N PRO VA 290 56.67 58.95 50.01
CA PRO VA 290 56.30 59.13 51.42
C PRO VA 290 57.55 59.28 52.28
N VAL VA 291 57.31 59.59 53.55
CA VAL VA 291 58.39 59.84 54.49
C VAL VA 291 58.22 59.08 55.79
N THR VA 292 57.17 58.28 55.94
CA THR VA 292 56.88 57.61 57.19
C THR VA 292 56.43 56.18 56.94
N TYR VA 293 56.79 55.29 57.86
CA TYR VA 293 56.34 53.91 57.84
C TYR VA 293 54.89 53.84 58.31
N GLY VA 294 54.40 52.63 58.52
CA GLY VA 294 53.12 52.41 59.18
C GLY VA 294 53.36 51.73 60.52
N GLU VA 295 52.48 51.97 61.48
CA GLU VA 295 52.61 51.42 62.81
C GLU VA 295 51.49 50.43 63.04
N MET VA 296 51.85 49.17 63.22
CA MET VA 296 50.88 48.12 63.51
C MET VA 296 51.15 47.66 64.93
N VAL VA 297 50.40 48.21 65.87
CA VAL VA 297 50.58 47.96 67.30
C VAL VA 297 49.33 47.30 67.85
N ILE VA 298 49.51 46.44 68.84
CA ILE VA 298 48.40 45.71 69.46
C ILE VA 298 48.13 46.31 70.83
N ALA VA 299 46.92 46.83 71.02
CA ALA VA 299 46.62 47.50 72.27
C ALA VA 299 45.12 47.64 72.44
N ASN VA 300 44.68 47.48 73.69
CA ASN VA 300 43.39 47.89 74.24
C ASN VA 300 42.19 47.14 73.69
N THR VA 301 42.37 46.35 72.63
CA THR VA 301 41.37 45.34 72.34
C THR VA 301 42.03 44.02 71.98
N ASN VA 302 43.12 44.10 71.22
CA ASN VA 302 43.89 42.91 70.92
C ASN VA 302 44.74 42.46 72.09
N LEU VA 303 44.99 43.34 73.05
CA LEU VA 303 45.77 42.97 74.21
C LEU VA 303 45.08 41.88 75.01
N VAL VA 304 43.81 42.10 75.35
CA VAL VA 304 43.10 41.15 76.20
C VAL VA 304 42.99 39.81 75.52
N THR VA 305 42.74 39.79 74.21
CA THR VA 305 42.63 38.52 73.50
C THR VA 305 43.98 37.84 73.38
N ALA VA 306 45.01 38.59 72.99
CA ALA VA 306 46.34 38.01 72.86
C ALA VA 306 46.86 37.48 74.19
N LEU VA 307 46.32 37.96 75.31
CA LEU VA 307 46.74 37.41 76.59
C LEU VA 307 45.88 36.21 77.00
N VAL VA 308 44.57 36.40 77.12
CA VAL VA 308 43.74 35.34 77.69
C VAL VA 308 43.51 34.18 76.72
N MET VA 309 43.60 34.39 75.41
CA MET VA 309 43.32 33.32 74.46
C MET VA 309 44.53 32.98 73.60
N GLY VA 310 45.11 33.95 72.91
CA GLY VA 310 46.34 33.71 72.19
C GLY VA 310 46.32 33.94 70.70
N LYS VA 311 45.37 34.75 70.21
CA LYS VA 311 45.39 35.18 68.81
C LYS VA 311 44.87 36.60 68.74
N ALA VA 312 45.23 37.31 67.68
CA ALA VA 312 44.83 38.69 67.50
C ALA VA 312 44.66 39.00 66.03
N VAL VA 313 43.77 39.95 65.73
CA VAL VA 313 43.55 40.42 64.37
C VAL VA 313 43.90 41.89 64.32
N SER VA 314 44.19 42.38 63.11
CA SER VA 314 44.65 43.75 62.97
C SER VA 314 43.52 44.75 63.22
N ASN VA 315 42.49 44.70 62.38
CA ASN VA 315 41.39 45.65 62.50
C ASN VA 315 40.33 45.16 63.48
N MET VA 316 40.77 44.78 64.68
CA MET VA 316 39.81 44.30 65.67
C MET VA 316 38.87 45.41 66.11
N ASP VA 317 39.38 46.64 66.18
CA ASP VA 317 38.57 47.75 66.65
C ASP VA 317 37.45 48.07 65.66
N ASP VA 318 37.77 48.10 64.36
CA ASP VA 318 36.73 48.34 63.37
C ASP VA 318 35.73 47.20 63.36
N VAL VA 319 36.21 45.97 63.50
CA VAL VA 319 35.32 44.83 63.58
C VAL VA 319 34.35 45.00 64.73
N ALA VA 320 34.86 45.39 65.90
CA ALA VA 320 34.01 45.60 67.06
C ALA VA 320 32.98 46.67 66.80
N ARG VA 321 33.43 47.84 66.35
CA ARG VA 321 32.52 48.96 66.14
C ARG VA 321 31.42 48.60 65.15
N TYR VA 322 31.76 47.85 64.10
CA TYR VA 322 30.73 47.47 63.13
C TYR VA 322 29.82 46.39 63.69
N LEU VA 323 30.34 45.49 64.52
CA LEU VA 323 29.57 44.34 64.95
C LEU VA 323 28.58 44.72 66.04
N LEU VA 324 29.08 45.17 67.19
CA LEU VA 324 28.22 45.72 68.22
C LEU VA 324 28.03 47.20 67.95
N GLY VA 325 26.78 47.66 68.12
CA GLY VA 325 26.43 49.02 67.77
C GLY VA 325 27.31 50.08 68.40
N GLY VA 326 27.24 50.19 69.73
CA GLY VA 326 28.00 51.20 70.44
C GLY VA 326 27.12 52.03 71.36
N GLY VA 337 52.40 62.94 55.12
CA GLY VA 337 53.42 63.85 54.64
C GLY VA 337 54.19 63.29 53.47
N SER VA 338 54.84 64.16 52.70
CA SER VA 338 55.55 63.75 51.50
C SER VA 338 56.82 64.56 51.35
N ALA VA 339 57.74 64.05 50.53
CA ALA VA 339 59.02 64.70 50.29
C ALA VA 339 59.46 64.43 48.86
N ARG VA 340 60.36 65.27 48.37
CA ARG VA 340 60.91 65.17 47.03
C ARG VA 340 62.27 64.51 47.07
N VAL VA 341 62.61 63.79 45.99
CA VAL VA 341 63.83 63.00 45.93
C VAL VA 341 64.26 62.87 44.48
N ARG VA 342 65.56 62.68 44.27
CA ARG VA 342 66.09 62.47 42.94
C ARG VA 342 65.96 61.00 42.55
N ALA VA 343 65.39 60.75 41.37
CA ALA VA 343 65.27 59.40 40.84
C ALA VA 343 65.26 59.49 39.32
N ASP VA 344 64.82 58.43 38.66
CA ASP VA 344 64.68 58.40 37.21
C ASP VA 344 63.39 57.69 36.87
N LEU VA 345 62.49 58.37 36.16
CA LEU VA 345 61.22 57.79 35.75
C LEU VA 345 61.17 57.71 34.24
N VAL VA 346 60.64 56.60 33.73
CA VAL VA 346 60.46 56.39 32.31
C VAL VA 346 59.01 55.98 32.09
N VAL VA 347 58.66 55.76 30.82
CA VAL VA 347 57.34 55.30 30.45
C VAL VA 347 57.48 54.24 29.38
N VAL VA 348 56.85 53.08 29.60
CA VAL VA 348 56.86 51.98 28.66
C VAL VA 348 55.45 51.44 28.58
N GLY VA 349 55.12 50.85 27.44
CA GLY VA 349 53.74 50.44 27.22
C GLY VA 349 52.82 51.62 27.34
N ASP VA 350 52.08 51.68 28.44
CA ASP VA 350 51.35 52.89 28.78
C ASP VA 350 51.48 53.23 30.26
N ARG VA 351 52.37 52.57 30.99
CA ARG VA 351 52.49 52.74 32.42
C ARG VA 351 53.80 53.44 32.76
N LEU VA 352 53.79 54.21 33.83
CA LEU VA 352 54.96 54.94 34.28
C LEU VA 352 55.65 54.13 35.37
N VAL VA 353 56.94 53.84 35.17
CA VAL VA 353 57.68 52.98 36.07
C VAL VA 353 58.99 53.66 36.46
N PHE VA 354 59.51 53.25 37.61
CA PHE VA 354 60.84 53.68 38.01
C PHE VA 354 61.88 52.96 37.15
N LEU VA 355 63.14 53.35 37.33
CA LEU VA 355 64.25 52.69 36.65
C LEU VA 355 65.50 52.98 37.46
N GLU VA 356 66.07 51.94 38.06
CA GLU VA 356 67.20 52.12 38.95
C GLU VA 356 68.14 50.93 38.84
N ALA VA 357 69.43 51.23 38.89
CA ALA VA 357 70.48 50.22 39.05
C ALA VA 357 71.19 50.49 40.36
N LEU VA 358 71.21 49.48 41.23
CA LEU VA 358 71.71 49.64 42.59
C LEU VA 358 73.13 49.11 42.72
N GLU VA 359 73.95 49.30 41.71
CA GLU VA 359 75.33 48.84 41.83
C GLU VA 359 76.28 49.95 42.25
N LYS VA 360 75.80 51.16 42.43
CA LYS VA 360 76.65 52.23 42.91
C LYS VA 360 76.23 52.80 44.25
N ARG VA 361 74.92 52.89 44.50
CA ARG VA 361 74.46 53.35 45.81
C ARG VA 361 74.82 52.35 46.90
N VAL VA 362 74.28 51.13 46.79
CA VAL VA 362 74.59 50.06 47.74
C VAL VA 362 75.38 49.00 47.00
N TYR VA 363 75.80 47.95 47.70
CA TYR VA 363 76.60 46.83 47.20
C TYR VA 363 78.00 47.23 46.78
N GLN VA 364 78.34 48.51 46.81
CA GLN VA 364 79.64 48.93 46.34
C GLN VA 364 80.62 48.85 47.51
N ALA VA 365 81.87 48.52 47.18
CA ALA VA 365 82.99 48.48 48.10
C ALA VA 365 82.85 47.41 49.17
N THR VA 366 81.78 46.62 49.15
CA THR VA 366 81.63 45.51 50.07
C THR VA 366 81.58 44.21 49.29
N GLN VA 367 81.97 43.11 49.95
CA GLN VA 367 82.27 41.89 49.22
C GLN VA 367 81.03 41.14 48.75
N VAL VA 368 79.83 41.55 49.14
CA VAL VA 368 78.67 40.75 48.75
C VAL VA 368 78.46 40.89 47.25
N PRO VA 369 77.99 39.86 46.57
CA PRO VA 369 77.74 39.97 45.14
C PRO VA 369 76.36 40.51 44.85
N TYR VA 370 76.21 41.08 43.67
CA TYR VA 370 74.91 41.55 43.22
C TYR VA 370 73.97 40.36 43.08
N PRO VA 371 72.71 40.50 43.49
CA PRO VA 371 71.75 39.39 43.36
C PRO VA 371 70.98 39.34 42.05
N LEU VA 372 71.35 40.14 41.05
CA LEU VA 372 70.66 40.15 39.77
C LEU VA 372 71.44 39.45 38.66
N VAL VA 373 72.65 38.97 38.94
CA VAL VA 373 73.37 38.16 37.97
C VAL VA 373 72.85 36.73 38.08
N GLY VA 374 72.12 36.29 37.07
CA GLY VA 374 71.47 35.00 37.13
C GLY VA 374 72.40 33.85 36.82
N ASN VA 375 71.83 32.65 36.89
CA ASN VA 375 72.59 31.42 36.67
C ASN VA 375 71.70 30.47 35.86
N LEU VA 376 71.91 30.45 34.55
CA LEU VA 376 71.22 29.51 33.69
C LEU VA 376 71.91 28.16 33.74
N ASP VA 377 71.11 27.09 33.80
CA ASP VA 377 71.67 25.73 33.89
C ASP VA 377 71.03 24.87 32.81
N VAL VA 378 71.73 24.68 31.71
CA VAL VA 378 71.26 23.85 30.61
C VAL VA 378 72.19 22.66 30.48
N THR VA 379 71.62 21.48 30.25
CA THR VA 379 72.38 20.24 30.19
C THR VA 379 72.43 19.74 28.75
N PHE VA 380 73.64 19.63 28.22
CA PHE VA 380 73.84 19.19 26.85
C PHE VA 380 73.87 17.67 26.77
N VAL VA 381 73.77 17.16 25.55
CA VAL VA 381 73.75 15.72 25.31
C VAL VA 381 74.22 15.48 23.89
N MET VA 382 74.95 14.38 23.68
CA MET VA 382 75.47 14.12 22.35
C MET VA 382 75.75 12.64 22.19
N PRO VA 383 75.58 12.08 21.00
CA PRO VA 383 75.88 10.66 20.80
C PRO VA 383 77.39 10.46 20.70
N LEU VA 384 77.81 9.21 20.81
CA LEU VA 384 79.24 8.90 20.73
C LEU VA 384 79.58 8.06 19.51
N GLY VA 385 79.00 6.88 19.35
CA GLY VA 385 79.43 6.00 18.30
C GLY VA 385 78.32 5.33 17.54
N VAL VA 386 77.19 6.03 17.39
CA VAL VA 386 76.09 5.44 16.65
C VAL VA 386 76.51 5.21 15.20
N PHE VA 387 75.82 4.28 14.56
CA PHE VA 387 76.14 3.89 13.18
C PHE VA 387 74.89 4.08 12.33
N LYS VA 388 74.98 4.94 11.33
CA LYS VA 388 73.81 5.27 10.55
C LYS VA 388 73.40 4.08 9.70
N PRO VA 389 72.10 3.87 9.49
CA PRO VA 389 71.64 2.72 8.70
C PRO VA 389 72.19 2.75 7.28
N ALA VA 390 71.99 1.63 6.59
CA ALA VA 390 72.62 1.40 5.30
C ALA VA 390 72.14 2.36 4.21
N ALA VA 391 71.02 3.05 4.43
CA ALA VA 391 70.43 3.84 3.34
C ALA VA 391 71.04 5.23 3.21
N ASP VA 392 71.52 5.82 4.31
CA ASP VA 392 71.95 7.21 4.31
C ASP VA 392 73.45 7.36 4.59
N ARG VA 393 74.25 6.41 4.13
CA ARG VA 393 75.71 6.57 4.12
C ARG VA 393 76.07 7.09 2.74
N TYR VA 394 75.83 8.38 2.54
CA TYR VA 394 75.85 8.97 1.22
C TYR VA 394 76.67 10.25 1.24
N ALA VA 395 77.43 10.47 0.16
CA ALA VA 395 78.07 11.76 -0.02
C ALA VA 395 77.05 12.77 -0.52
N ARG VA 396 77.43 14.04 -0.44
CA ARG VA 396 76.57 15.11 -0.94
C ARG VA 396 77.03 15.66 -2.27
N HIS VA 397 78.33 15.83 -2.46
CA HIS VA 397 78.90 16.18 -3.74
C HIS VA 397 79.91 15.12 -4.14
N ALA VA 398 80.10 14.94 -5.44
CA ALA VA 398 81.06 13.96 -5.92
C ALA VA 398 82.45 14.26 -5.39
N GLY VA 399 82.78 15.53 -5.20
CA GLY VA 399 84.08 15.88 -4.65
C GLY VA 399 84.03 15.83 -3.14
N SER VA 400 84.47 14.71 -2.60
CA SER VA 400 84.37 14.46 -1.17
C SER VA 400 85.60 15.04 -0.48
N PHE VA 401 85.77 14.70 0.80
CA PHE VA 401 87.05 14.89 1.48
C PHE VA 401 87.97 13.78 0.99
N ALA VA 402 88.42 13.92 -0.25
CA ALA VA 402 89.18 12.86 -0.90
C ALA VA 402 90.42 12.54 -0.09
N PRO VA 403 90.64 11.27 0.27
CA PRO VA 403 91.85 10.92 1.02
C PRO VA 403 93.07 11.03 0.13
N THR VA 404 94.24 10.95 0.76
CA THR VA 404 95.47 11.03 0.02
C THR VA 404 95.53 9.88 -0.99
N PRO VA 405 95.91 10.14 -2.23
CA PRO VA 405 95.93 9.07 -3.23
C PRO VA 405 96.95 7.99 -2.86
N GLY VA 406 96.46 6.81 -2.52
CA GLY VA 406 97.34 5.72 -2.15
C GLY VA 406 96.93 5.02 -0.88
N LEU VA 407 96.00 5.61 -0.14
CA LEU VA 407 95.57 5.01 1.11
C LEU VA 407 94.07 4.77 1.10
N PRO VA 408 93.58 3.79 1.86
CA PRO VA 408 92.14 3.58 1.93
C PRO VA 408 91.44 4.75 2.61
N ASP VA 409 90.14 4.87 2.36
CA ASP VA 409 89.38 5.96 2.95
C ASP VA 409 89.08 5.64 4.41
N PRO VA 410 89.46 6.51 5.35
CA PRO VA 410 89.14 6.29 6.75
C PRO VA 410 87.78 6.82 7.19
N ARG VA 411 87.01 7.43 6.30
CA ARG VA 411 85.70 7.92 6.67
C ARG VA 411 84.61 6.85 6.59
N THR VA 412 84.82 5.81 5.79
CA THR VA 412 83.79 4.79 5.62
C THR VA 412 83.65 3.89 6.84
N HIS VA 413 84.64 3.87 7.72
CA HIS VA 413 84.55 3.06 8.93
C HIS VA 413 83.60 3.70 9.91
N PRO VA 414 83.13 2.95 10.91
CA PRO VA 414 82.31 3.55 11.95
C PRO VA 414 83.12 4.55 12.73
N PRO VA 415 82.47 5.57 13.29
CA PRO VA 415 83.19 6.56 14.09
C PRO VA 415 83.20 6.20 15.56
N ARG VA 416 84.26 6.65 16.24
CA ARG VA 416 84.39 6.34 17.66
C ARG VA 416 84.87 7.54 18.47
N ALA VA 417 84.53 8.75 18.03
CA ALA VA 417 84.87 9.94 18.79
C ALA VA 417 84.02 11.10 18.28
N VAL VA 418 83.78 12.07 19.17
CA VAL VA 418 83.02 13.26 18.83
C VAL VA 418 83.84 14.48 19.19
N HIS VA 419 83.83 15.46 18.30
CA HIS VA 419 84.59 16.69 18.48
C HIS VA 419 83.62 17.83 18.66
N PHE VA 420 83.83 18.64 19.68
CA PHE VA 420 83.02 19.83 19.92
C PHE VA 420 83.94 20.96 20.37
N PHE VA 421 83.34 22.09 20.72
CA PHE VA 421 84.10 23.28 21.06
C PHE VA 421 84.05 23.52 22.56
N ASN VA 422 85.04 24.26 23.04
CA ASN VA 422 85.16 24.60 24.44
C ASN VA 422 84.40 25.90 24.72
N LYS VA 423 84.60 26.48 25.89
CA LYS VA 423 84.08 27.82 26.15
C LYS VA 423 84.89 28.89 25.45
N ASP VA 424 86.18 28.65 25.24
CA ASP VA 424 87.05 29.62 24.59
C ASP VA 424 87.16 29.38 23.09
N GLY VA 425 86.46 28.40 22.56
CA GLY VA 425 86.57 28.09 21.15
C GLY VA 425 87.67 27.12 20.79
N VAL VA 426 88.56 26.78 21.72
CA VAL VA 426 89.56 25.75 21.46
C VAL VA 426 88.82 24.43 21.32
N PRO VA 427 89.29 23.50 20.50
CA PRO VA 427 88.57 22.25 20.32
C PRO VA 427 89.00 21.18 21.32
N CYS VA 428 88.01 20.43 21.81
CA CYS VA 428 88.22 19.25 22.63
C CYS VA 428 87.51 18.08 21.98
N HIS VA 429 87.67 16.90 22.55
CA HIS VA 429 87.06 15.72 21.97
C HIS VA 429 86.87 14.66 23.04
N VAL VA 430 86.03 13.67 22.73
CA VAL VA 430 85.66 12.61 23.66
C VAL VA 430 85.76 11.27 22.92
N THR VA 431 86.29 10.26 23.59
CA THR VA 431 86.35 8.93 23.02
C THR VA 431 86.30 7.89 24.14
N PHE VA 432 86.15 6.63 23.73
CA PHE VA 432 85.85 5.56 24.68
C PHE VA 432 86.85 5.48 25.82
N GLU VA 433 88.12 5.75 25.53
CA GLU VA 433 89.14 5.75 26.57
C GLU VA 433 88.69 6.58 27.76
N HIS VA 434 88.06 7.73 27.51
CA HIS VA 434 87.48 8.47 28.61
C HIS VA 434 86.33 7.70 29.25
N ALA VA 435 85.58 6.95 28.44
CA ALA VA 435 84.43 6.23 28.99
C ALA VA 435 84.83 5.03 29.82
N MET VA 436 86.12 4.69 29.88
CA MET VA 436 86.56 3.57 30.71
C MET VA 436 86.01 3.67 32.12
N GLY VA 437 86.05 4.87 32.70
CA GLY VA 437 85.71 5.08 34.09
C GLY VA 437 84.33 4.58 34.49
N THR VA 438 83.48 4.25 33.53
CA THR VA 438 82.15 3.73 33.83
C THR VA 438 81.97 2.27 33.42
N LEU VA 439 82.63 1.84 32.34
CA LEU VA 439 82.52 0.46 31.88
C LEU VA 439 83.62 -0.43 32.42
N CYS VA 440 84.36 0.02 33.42
CA CYS VA 440 85.35 -0.82 34.10
C CYS VA 440 85.12 -0.67 35.59
N HIS VA 441 84.20 -1.46 36.11
CA HIS VA 441 83.84 -1.39 37.52
C HIS VA 441 82.97 -2.59 37.87
N PRO VA 442 83.09 -3.12 39.08
CA PRO VA 442 82.20 -4.23 39.47
C PRO VA 442 80.73 -3.90 39.37
N SER VA 443 80.37 -2.61 39.29
CA SER VA 443 78.98 -2.26 39.09
C SER VA 443 78.45 -2.82 37.78
N PHE VA 444 79.32 -2.94 36.77
CA PHE VA 444 78.90 -3.43 35.46
C PHE VA 444 78.31 -4.83 35.51
N LEU VA 445 78.46 -5.54 36.63
CA LEU VA 445 77.96 -6.91 36.77
C LEU VA 445 77.08 -7.03 38.00
N ASP VA 446 76.16 -6.09 38.15
CA ASP VA 446 75.21 -6.09 39.27
C ASP VA 446 73.86 -6.52 38.74
N VAL VA 447 73.54 -7.80 38.90
CA VAL VA 447 72.27 -8.36 38.45
C VAL VA 447 71.45 -8.98 39.58
N ASP VA 448 72.04 -9.18 40.76
CA ASP VA 448 71.28 -9.79 41.85
C ASP VA 448 70.05 -8.98 42.18
N ALA VA 449 70.16 -7.65 42.19
CA ALA VA 449 69.02 -6.81 42.49
C ALA VA 449 67.96 -6.91 41.40
N THR VA 450 68.38 -6.91 40.14
CA THR VA 450 67.43 -6.99 39.04
C THR VA 450 66.60 -8.25 39.12
N LEU VA 451 67.24 -9.38 39.39
CA LEU VA 451 66.48 -10.62 39.52
C LEU VA 451 65.62 -10.62 40.77
N ALA VA 452 66.21 -10.32 41.92
CA ALA VA 452 65.48 -10.31 43.17
C ALA VA 452 64.27 -9.39 43.12
N ALA VA 453 64.26 -8.41 42.21
CA ALA VA 453 63.08 -7.58 42.01
C ALA VA 453 62.25 -8.01 40.81
N LEU VA 454 62.78 -8.88 39.95
CA LEU VA 454 62.06 -9.30 38.76
C LEU VA 454 61.23 -10.56 38.99
N ARG VA 455 61.54 -11.33 40.03
CA ARG VA 455 60.82 -12.57 40.30
C ARG VA 455 59.49 -12.35 40.98
N GLN VA 456 58.93 -11.16 40.88
CA GLN VA 456 57.66 -10.88 41.55
C GLN VA 456 56.47 -11.44 40.79
N GLU VA 457 56.56 -11.55 39.48
CA GLU VA 457 55.53 -12.27 38.74
C GLU VA 457 55.54 -13.74 39.17
N PRO VA 458 54.38 -14.39 39.29
CA PRO VA 458 54.36 -15.77 39.81
C PRO VA 458 55.20 -16.74 38.99
N ALA VA 459 54.82 -16.98 37.74
CA ALA VA 459 55.57 -17.89 36.88
C ALA VA 459 54.90 -17.96 35.51
N GLU VA 460 55.68 -18.40 34.52
CA GLU VA 460 55.17 -18.76 33.20
C GLU VA 460 56.26 -19.50 32.43
N VAL VA 461 55.93 -20.64 31.84
CA VAL VA 461 56.88 -21.41 31.05
C VAL VA 461 56.34 -21.45 29.62
N GLN VA 462 56.76 -20.49 28.81
CA GLN VA 462 56.34 -20.45 27.41
C GLN VA 462 56.82 -21.69 26.67
N CYS VA 463 58.14 -21.84 26.57
CA CYS VA 463 58.77 -23.03 26.00
C CYS VA 463 59.87 -23.47 26.95
N ALA VA 464 60.45 -24.63 26.67
CA ALA VA 464 61.54 -25.12 27.49
C ALA VA 464 62.71 -25.66 26.69
N PHE VA 465 62.57 -25.90 25.39
CA PHE VA 465 63.63 -26.55 24.64
C PHE VA 465 64.88 -25.68 24.57
N GLY VA 466 64.73 -24.37 24.68
CA GLY VA 466 65.88 -23.51 24.54
C GLY VA 466 66.72 -23.32 25.78
N ALA VA 467 66.23 -23.72 26.94
CA ALA VA 467 66.90 -23.44 28.19
C ALA VA 467 66.89 -24.65 29.11
N TYR VA 468 67.21 -25.82 28.55
CA TYR VA 468 67.26 -27.01 29.38
C TYR VA 468 68.32 -27.96 28.86
N VAL VA 469 69.11 -28.52 29.77
CA VAL VA 469 70.13 -29.49 29.44
C VAL VA 469 69.84 -30.77 30.22
N ALA VA 470 70.56 -31.84 29.88
CA ALA VA 470 70.31 -33.12 30.51
C ALA VA 470 71.53 -34.01 30.37
N ASP VA 471 71.92 -34.65 31.46
CA ASP VA 471 73.03 -35.58 31.45
C ASP VA 471 72.57 -36.90 30.86
N ALA VA 472 73.18 -37.31 29.75
CA ALA VA 472 72.78 -38.54 29.10
C ALA VA 472 73.16 -39.74 29.95
N ARG VA 473 72.64 -40.89 29.55
CA ARG VA 473 73.05 -42.19 30.02
C ARG VA 473 73.90 -42.85 28.95
N PRO VA 474 74.61 -43.93 29.28
CA PRO VA 474 75.38 -44.64 28.24
C PRO VA 474 74.45 -45.26 27.21
N ASP VA 475 75.00 -46.03 26.25
CA ASP VA 475 74.23 -46.47 25.08
C ASP VA 475 73.77 -45.25 24.29
N ALA VA 476 74.76 -44.59 23.70
CA ALA VA 476 74.57 -43.26 23.16
C ALA VA 476 74.83 -43.19 21.66
N LEU VA 477 74.31 -42.11 21.06
CA LEU VA 477 74.68 -41.56 19.77
C LEU VA 477 74.29 -42.42 18.59
N VAL VA 478 73.46 -43.43 18.78
CA VAL VA 478 72.90 -44.14 17.64
C VAL VA 478 71.39 -44.14 17.79
N GLY VA 479 70.91 -44.57 18.96
CA GLY VA 479 69.50 -44.55 19.27
C GLY VA 479 69.21 -43.47 20.30
N LEU VA 480 70.26 -42.84 20.81
CA LEU VA 480 70.07 -41.70 21.70
C LEU VA 480 69.40 -40.55 20.97
N MET VA 481 69.92 -40.22 19.78
CA MET VA 481 69.26 -39.22 18.95
C MET VA 481 67.85 -39.64 18.58
N GLN VA 482 67.62 -40.95 18.41
CA GLN VA 482 66.27 -41.40 18.08
C GLN VA 482 65.33 -41.22 19.26
N ARG VA 483 65.83 -41.44 20.48
CA ARG VA 483 65.03 -41.17 21.67
C ARG VA 483 64.76 -39.68 21.82
N PHE VA 484 65.72 -38.84 21.42
CA PHE VA 484 65.51 -37.40 21.45
C PHE VA 484 64.43 -36.99 20.46
N LEU VA 485 64.65 -37.29 19.18
CA LEU VA 485 63.74 -36.88 18.12
C LEU VA 485 62.33 -37.43 18.30
N GLU VA 486 62.14 -38.41 19.18
CA GLU VA 486 60.79 -38.92 19.39
C GLU VA 486 59.94 -37.91 20.14
N GLU VA 487 60.51 -37.23 21.14
CA GLU VA 487 59.78 -36.28 21.95
C GLU VA 487 60.29 -34.86 21.76
N TRP VA 488 60.84 -34.57 20.59
CA TRP VA 488 61.26 -33.19 20.31
C TRP VA 488 60.10 -32.21 20.38
N PRO VA 489 58.96 -32.43 19.70
CA PRO VA 489 57.82 -31.52 19.88
C PRO VA 489 57.27 -31.51 21.29
N GLY VA 490 57.63 -32.49 22.13
CA GLY VA 490 57.17 -32.49 23.50
C GLY VA 490 57.67 -31.30 24.30
N MET VA 491 58.74 -30.66 23.86
CA MET VA 491 59.30 -29.50 24.54
C MET VA 491 58.96 -28.19 23.86
N MET VA 492 58.36 -28.22 22.68
CA MET VA 492 58.07 -27.02 21.90
C MET VA 492 56.57 -26.91 21.68
N PRO VA 493 55.80 -26.50 22.69
CA PRO VA 493 54.38 -26.19 22.44
C PRO VA 493 54.21 -25.13 21.38
N VAL VA 494 55.00 -24.07 21.46
CA VAL VA 494 54.97 -22.97 20.51
C VAL VA 494 56.39 -22.69 20.04
N ARG VA 495 56.51 -21.77 19.10
CA ARG VA 495 57.82 -21.39 18.60
C ARG VA 495 58.63 -20.74 19.72
N PRO VA 496 59.91 -21.09 19.88
CA PRO VA 496 60.74 -20.43 20.88
C PRO VA 496 61.13 -19.04 20.39
N ARG VA 497 61.01 -18.06 21.29
CA ARG VA 497 61.27 -16.68 20.90
C ARG VA 497 62.70 -16.47 20.45
N TRP VA 498 63.66 -17.18 21.04
CA TRP VA 498 65.05 -16.90 20.75
C TRP VA 498 65.41 -17.33 19.34
N ALA VA 499 64.97 -18.51 18.91
CA ALA VA 499 65.39 -19.02 17.61
C ALA VA 499 64.87 -18.14 16.49
N ALA VA 500 63.56 -18.05 16.36
CA ALA VA 500 62.98 -17.14 15.40
C ALA VA 500 63.31 -15.71 15.81
N PRO VA 501 64.07 -14.96 15.03
CA PRO VA 501 64.38 -13.57 15.41
C PRO VA 501 63.11 -12.77 15.58
N ALA VA 502 63.12 -11.87 16.54
CA ALA VA 502 61.88 -11.17 16.86
C ALA VA 502 61.51 -10.21 15.74
N ALA VA 503 62.31 -9.16 15.55
CA ALA VA 503 62.05 -8.12 14.55
C ALA VA 503 63.12 -7.06 14.59
N ALA VA 504 63.06 -6.10 13.67
CA ALA VA 504 63.92 -4.92 13.74
C ALA VA 504 63.23 -3.77 14.47
N ASP VA 505 62.07 -3.34 13.98
CA ASP VA 505 61.27 -2.31 14.61
C ASP VA 505 60.23 -2.90 15.56
N GLN VA 506 59.55 -3.96 15.13
CA GLN VA 506 58.48 -4.54 15.92
C GLN VA 506 58.98 -5.17 17.21
N LEU VA 507 60.26 -5.09 17.52
CA LEU VA 507 60.71 -5.41 18.86
C LEU VA 507 60.34 -4.31 19.84
N LEU VA 508 60.46 -3.06 19.40
CA LEU VA 508 60.23 -1.92 20.28
C LEU VA 508 58.77 -1.47 20.33
N ALA VA 509 57.86 -2.20 19.69
CA ALA VA 509 56.45 -1.87 19.83
C ALA VA 509 56.03 -2.06 21.28
N PRO VA 510 55.02 -1.33 21.74
CA PRO VA 510 54.67 -1.40 23.17
C PRO VA 510 53.93 -2.67 23.56
N GLY VA 511 53.90 -3.67 22.69
CA GLY VA 511 53.09 -4.83 22.97
C GLY VA 511 53.83 -6.12 23.20
N ASN VA 512 54.96 -6.31 22.51
CA ASN VA 512 55.62 -7.61 22.55
C ASN VA 512 56.20 -7.89 23.94
N ALA VA 513 56.54 -9.16 24.17
CA ALA VA 513 57.00 -9.62 25.47
C ALA VA 513 58.51 -9.86 25.49
N ASP VA 514 59.28 -9.04 24.78
CA ASP VA 514 60.73 -9.14 24.79
C ASP VA 514 61.40 -8.01 25.55
N LEU VA 515 60.82 -6.80 25.50
CA LEU VA 515 61.33 -5.71 26.32
C LEU VA 515 61.31 -6.08 27.79
N ARG VA 516 60.33 -6.89 28.20
CA ARG VA 516 60.20 -7.27 29.60
C ARG VA 516 61.41 -8.03 30.11
N LEU VA 517 62.30 -8.50 29.23
CA LEU VA 517 63.43 -9.31 29.65
C LEU VA 517 64.73 -8.85 29.01
N GLU VA 518 64.76 -7.65 28.43
CA GLU VA 518 65.94 -7.15 27.72
C GLU VA 518 66.31 -5.80 28.33
N LEU VA 519 67.08 -5.84 29.42
CA LEU VA 519 67.33 -4.60 30.15
C LEU VA 519 68.77 -4.52 30.65
N HIS VA 520 69.71 -5.10 29.92
CA HIS VA 520 71.12 -5.02 30.29
C HIS VA 520 71.97 -5.45 29.11
N PRO VA 521 73.04 -4.72 28.79
CA PRO VA 521 73.81 -5.03 27.58
C PRO VA 521 74.80 -6.17 27.72
N ALA VA 522 74.88 -6.81 28.88
CA ALA VA 522 75.84 -7.87 29.08
C ALA VA 522 75.22 -9.19 29.52
N PHE VA 523 73.94 -9.21 29.87
CA PHE VA 523 73.32 -10.41 30.40
C PHE VA 523 72.12 -10.80 29.56
N ASP VA 524 71.60 -11.98 29.84
CA ASP VA 524 70.39 -12.48 29.23
C ASP VA 524 69.42 -12.93 30.31
N PHE VA 525 68.14 -12.90 29.98
CA PHE VA 525 67.13 -13.36 30.91
C PHE VA 525 66.14 -14.21 30.15
N PHE VA 526 65.66 -15.27 30.78
CA PHE VA 526 64.69 -16.16 30.16
C PHE VA 526 63.96 -16.92 31.25
N VAL VA 527 62.84 -17.48 30.89
CA VAL VA 527 62.14 -18.37 31.79
C VAL VA 527 62.70 -19.76 31.60
N ALA VA 528 62.70 -20.56 32.67
CA ALA VA 528 63.31 -21.88 32.63
C ALA VA 528 62.65 -22.74 33.67
N PRO VA 529 62.71 -24.06 33.51
CA PRO VA 529 62.15 -24.95 34.54
C PRO VA 529 62.92 -24.82 35.84
N GLU VA 530 62.18 -24.77 36.95
CA GLU VA 530 62.79 -24.68 38.28
C GLU VA 530 63.30 -26.06 38.69
N VAL VA 531 64.36 -26.49 38.02
CA VAL VA 531 65.11 -27.68 38.38
C VAL VA 531 66.58 -27.28 38.47
N ASP VA 532 67.43 -28.27 38.72
CA ASP VA 532 68.87 -28.06 38.64
C ASP VA 532 69.38 -28.58 37.31
N VAL VA 533 70.50 -28.02 36.87
CA VAL VA 533 71.09 -28.38 35.58
C VAL VA 533 72.44 -29.05 35.82
N PRO VA 534 72.76 -30.13 35.09
CA PRO VA 534 71.84 -30.78 34.16
C PRO VA 534 70.95 -31.79 34.86
N GLY VA 535 69.73 -31.96 34.38
CA GLY VA 535 68.77 -32.81 35.04
C GLY VA 535 68.41 -34.04 34.23
N PRO VA 536 67.34 -34.72 34.62
CA PRO VA 536 66.95 -35.95 33.93
C PRO VA 536 66.58 -35.71 32.48
N PHE VA 537 66.30 -36.80 31.75
CA PHE VA 537 66.11 -36.69 30.31
C PHE VA 537 64.76 -36.06 29.97
N ALA VA 538 63.69 -36.52 30.62
CA ALA VA 538 62.36 -36.01 30.31
C ALA VA 538 62.09 -34.73 31.07
N VAL VA 539 61.82 -33.65 30.36
CA VAL VA 539 61.62 -32.34 30.97
C VAL VA 539 60.41 -32.40 31.89
N PRO VA 540 60.60 -32.23 33.20
CA PRO VA 540 59.46 -32.25 34.12
C PRO VA 540 58.54 -31.05 33.90
N GLN VA 541 57.33 -31.15 34.44
CA GLN VA 541 56.37 -30.06 34.38
C GLN VA 541 56.42 -29.17 35.63
N VAL VA 542 57.60 -29.03 36.23
CA VAL VA 542 57.74 -28.15 37.37
C VAL VA 542 57.45 -26.71 36.95
N MET VA 543 57.10 -25.88 37.94
CA MET VA 543 56.89 -24.47 37.68
C MET VA 543 58.21 -23.81 37.26
N GLY VA 544 58.11 -22.58 36.77
CA GLY VA 544 59.23 -21.92 36.14
C GLY VA 544 59.65 -20.65 36.86
N GLN VA 545 60.95 -20.37 36.80
CA GLN VA 545 61.54 -19.14 37.30
C GLN VA 545 62.17 -18.40 36.13
N VAL VA 546 62.89 -17.34 36.46
CA VAL VA 546 63.65 -16.56 35.50
C VAL VA 546 65.10 -16.51 35.96
N ARG VA 547 66.02 -16.71 35.03
CA ARG VA 547 67.44 -16.82 35.36
C ARG VA 547 68.23 -15.82 34.55
N ALA VA 548 69.53 -15.78 34.82
CA ALA VA 548 70.43 -14.83 34.17
C ALA VA 548 71.68 -15.56 33.68
N MET VA 549 72.15 -15.18 32.50
CA MET VA 549 73.34 -15.75 31.90
C MET VA 549 74.08 -14.64 31.17
N PRO VA 550 75.40 -14.58 31.30
CA PRO VA 550 76.15 -13.47 30.72
C PRO VA 550 76.45 -13.73 29.24
N ARG VA 551 76.22 -12.72 28.41
CA ARG VA 551 76.60 -12.82 27.01
C ARG VA 551 78.12 -12.69 26.92
N ILE VA 552 78.83 -13.81 27.08
CA ILE VA 552 80.28 -13.76 27.20
C ILE VA 552 80.93 -13.14 25.98
N ILE VA 553 80.25 -13.13 24.84
CA ILE VA 553 80.80 -12.63 23.59
C ILE VA 553 80.02 -11.40 23.17
N ASN VA 554 80.73 -10.38 22.71
CA ASN VA 554 80.06 -9.19 22.21
C ASN VA 554 79.20 -9.49 21.00
N GLY VA 555 79.40 -10.65 20.37
CA GLY VA 555 78.56 -11.02 19.24
C GLY VA 555 77.19 -11.50 19.63
N ASN VA 556 77.01 -11.91 20.88
CA ASN VA 556 75.72 -12.43 21.32
C ASN VA 556 74.65 -11.37 21.47
N ILE VA 557 74.96 -10.10 21.17
CA ILE VA 557 73.92 -9.07 21.20
C ILE VA 557 72.91 -9.37 20.11
N PRO VA 558 71.61 -9.45 20.42
CA PRO VA 558 70.64 -9.83 19.39
C PRO VA 558 70.71 -8.94 18.17
N LEU VA 559 70.34 -9.51 17.02
CA LEU VA 559 70.45 -8.78 15.76
C LEU VA 559 69.62 -7.50 15.77
N ALA VA 560 68.53 -7.48 16.53
CA ALA VA 560 67.69 -6.29 16.57
C ALA VA 560 68.42 -5.07 17.10
N LEU VA 561 69.38 -5.26 18.00
CA LEU VA 561 70.10 -4.17 18.62
C LEU VA 561 71.55 -4.08 18.16
N CYS VA 562 71.93 -4.82 17.14
CA CYS VA 562 73.26 -4.74 16.55
C CYS VA 562 73.17 -5.31 15.14
N PRO VA 563 72.80 -4.51 14.16
CA PRO VA 563 72.35 -5.06 12.88
C PRO VA 563 73.48 -5.72 12.11
N VAL VA 564 73.07 -6.59 11.17
CA VAL VA 564 74.02 -7.33 10.36
C VAL VA 564 74.91 -6.41 9.55
N ASP VA 565 74.47 -5.18 9.31
CA ASP VA 565 75.29 -4.24 8.55
C ASP VA 565 76.48 -3.73 9.35
N PHE VA 566 76.25 -3.39 10.62
CA PHE VA 566 77.31 -2.79 11.41
C PHE VA 566 78.49 -3.75 11.59
N ARG VA 567 78.21 -5.03 11.82
CA ARG VA 567 79.28 -5.99 12.00
C ARG VA 567 80.12 -6.11 10.75
N ASP VA 568 79.46 -6.21 9.59
CA ASP VA 568 80.20 -6.28 8.34
C ASP VA 568 81.03 -5.04 8.12
N ALA VA 569 80.51 -3.87 8.50
CA ALA VA 569 81.29 -2.65 8.34
C ALA VA 569 82.54 -2.68 9.20
N ARG VA 570 82.39 -3.08 10.46
CA ARG VA 570 83.55 -3.19 11.34
C ARG VA 570 84.58 -4.15 10.76
N GLY VA 571 84.11 -5.31 10.29
CA GLY VA 571 85.02 -6.26 9.67
C GLY VA 571 85.77 -5.63 8.50
N PHE VA 572 85.03 -5.00 7.58
CA PHE VA 572 85.67 -4.40 6.42
C PHE VA 572 86.71 -3.37 6.84
N GLU VA 573 86.49 -2.69 7.95
CA GLU VA 573 87.54 -1.80 8.45
C GLU VA 573 88.75 -2.60 8.90
N LEU VA 574 88.53 -3.66 9.68
CA LEU VA 574 89.65 -4.46 10.15
C LEU VA 574 90.35 -5.19 9.02
N SER VA 575 89.70 -5.39 7.88
CA SER VA 575 90.22 -6.23 6.81
C SER VA 575 91.18 -5.49 5.89
N VAL VA 576 91.63 -4.31 6.26
CA VAL VA 576 92.73 -3.65 5.56
C VAL VA 576 93.93 -3.70 6.47
N ASP VA 577 95.12 -3.49 5.89
CA ASP VA 577 96.39 -3.47 6.61
C ASP VA 577 96.78 -4.84 7.13
N ARG VA 578 95.90 -5.85 7.03
CA ARG VA 578 96.13 -7.12 7.70
C ARG VA 578 96.44 -8.26 6.73
N HIS VA 579 95.53 -8.58 5.81
CA HIS VA 579 95.73 -9.75 4.96
C HIS VA 579 94.60 -9.83 3.93
N ARG VA 580 94.88 -10.55 2.85
CA ARG VA 580 93.87 -10.78 1.82
C ARG VA 580 93.72 -12.27 1.52
N LEU VA 581 92.92 -12.60 0.51
CA LEU VA 581 92.80 -13.96 0.02
C LEU VA 581 92.79 -13.92 -1.50
N ALA VA 582 93.29 -14.99 -2.11
CA ALA VA 582 93.29 -15.00 -3.56
C ALA VA 582 91.89 -15.27 -4.10
N PRO VA 583 91.53 -14.67 -5.23
CA PRO VA 583 90.25 -15.03 -5.87
C PRO VA 583 90.22 -16.48 -6.32
N ALA VA 584 91.36 -17.03 -6.77
CA ALA VA 584 91.40 -18.43 -7.14
C ALA VA 584 91.21 -19.33 -5.93
N THR VA 585 91.82 -18.97 -4.80
CA THR VA 585 91.68 -19.76 -3.59
C THR VA 585 90.23 -19.84 -3.14
N VAL VA 586 89.56 -18.70 -3.08
CA VAL VA 586 88.18 -18.70 -2.62
C VAL VA 586 87.29 -19.36 -3.65
N ALA VA 587 87.59 -19.18 -4.93
CA ALA VA 587 86.87 -19.91 -5.97
C ALA VA 587 86.93 -21.41 -5.69
N ALA VA 588 88.12 -21.95 -5.47
CA ALA VA 588 88.27 -23.38 -5.25
C ALA VA 588 87.59 -23.84 -3.97
N VAL VA 589 87.82 -23.12 -2.86
CA VAL VA 589 87.27 -23.53 -1.58
C VAL VA 589 85.75 -23.50 -1.60
N ARG VA 590 85.17 -22.42 -2.15
CA ARG VA 590 83.73 -22.32 -2.23
C ARG VA 590 83.15 -23.35 -3.18
N GLY VA 591 83.84 -23.61 -4.30
CA GLY VA 591 83.38 -24.66 -5.19
C GLY VA 591 83.34 -26.01 -4.50
N ALA VA 592 84.30 -26.26 -3.62
CA ALA VA 592 84.26 -27.51 -2.85
C ALA VA 592 83.13 -27.50 -1.85
N PHE VA 593 82.92 -26.39 -1.16
CA PHE VA 593 81.88 -26.31 -0.13
C PHE VA 593 80.47 -26.25 -0.71
N ARG VA 594 80.32 -26.00 -2.00
CA ARG VA 594 79.02 -25.94 -2.65
C ARG VA 594 78.79 -27.09 -3.61
N ASP VA 595 79.65 -28.09 -3.59
CA ASP VA 595 79.55 -29.23 -4.51
C ASP VA 595 78.75 -30.32 -3.84
N ALA VA 596 77.52 -30.53 -4.31
CA ALA VA 596 76.65 -31.56 -3.73
C ALA VA 596 77.05 -32.97 -4.15
N ASN VA 597 78.03 -33.11 -5.04
CA ASN VA 597 78.50 -34.42 -5.49
C ASN VA 597 79.88 -34.73 -4.93
N TYR VA 598 80.18 -34.21 -3.74
CA TYR VA 598 81.41 -34.50 -3.04
C TYR VA 598 81.56 -36.00 -2.84
N PRO VA 599 82.51 -36.64 -3.52
CA PRO VA 599 82.57 -38.11 -3.51
C PRO VA 599 82.74 -38.66 -2.10
N MET VA 600 81.94 -39.68 -1.80
CA MET VA 600 81.90 -40.22 -0.44
C MET VA 600 83.23 -40.82 -0.03
N VAL VA 601 84.00 -41.33 -0.99
CA VAL VA 601 85.26 -42.01 -0.66
C VAL VA 601 86.17 -41.08 0.12
N PHE VA 602 86.10 -39.78 -0.13
CA PHE VA 602 86.88 -38.85 0.67
C PHE VA 602 86.43 -38.87 2.12
N TYR VA 603 85.11 -38.90 2.34
CA TYR VA 603 84.62 -39.02 3.71
C TYR VA 603 85.07 -40.32 4.34
N ILE VA 604 85.12 -41.39 3.55
CA ILE VA 604 85.57 -42.68 4.06
C ILE VA 604 87.01 -42.60 4.52
N ILE VA 605 87.88 -42.09 3.65
CA ILE VA 605 89.29 -41.93 3.98
C ILE VA 605 89.44 -41.05 5.21
N GLU VA 606 88.56 -40.06 5.36
CA GLU VA 606 88.70 -39.16 6.50
C GLU VA 606 88.25 -39.83 7.78
N ALA VA 607 87.20 -40.63 7.74
CA ALA VA 607 86.80 -41.36 8.93
C ALA VA 607 87.84 -42.39 9.32
N VAL VA 608 88.50 -43.00 8.33
CA VAL VA 608 89.47 -44.03 8.67
C VAL VA 608 90.79 -43.42 9.13
N ILE VA 609 91.13 -42.21 8.66
CA ILE VA 609 92.32 -41.55 9.17
C ILE VA 609 92.15 -41.14 10.61
N HIS VA 610 90.90 -41.04 11.08
CA HIS VA 610 90.53 -40.63 12.43
C HIS VA 610 91.40 -39.49 12.95
N GLY VA 611 91.76 -38.56 12.07
CA GLY VA 611 92.50 -37.37 12.45
C GLY VA 611 93.78 -37.64 13.20
N SER VA 612 94.32 -38.83 13.10
CA SER VA 612 95.58 -39.14 13.76
C SER VA 612 96.74 -38.67 12.89
N GLU VA 613 97.96 -39.01 13.28
CA GLU VA 613 99.15 -38.56 12.59
C GLU VA 613 99.84 -39.69 11.84
N ARG VA 614 100.18 -40.77 12.54
CA ARG VA 614 100.93 -41.86 11.92
C ARG VA 614 100.21 -42.41 10.70
N THR VA 615 98.92 -42.67 10.83
CA THR VA 615 98.17 -43.25 9.72
C THR VA 615 98.21 -42.35 8.50
N PHE VA 616 98.27 -41.03 8.70
CA PHE VA 616 98.37 -40.14 7.55
C PHE VA 616 99.73 -40.25 6.89
N CYS VA 617 100.80 -40.29 7.68
CA CYS VA 617 102.12 -40.42 7.09
C CYS VA 617 102.23 -41.74 6.34
N ALA VA 618 101.44 -42.74 6.73
CA ALA VA 618 101.38 -43.96 5.95
C ALA VA 618 100.60 -43.76 4.65
N LEU VA 619 99.39 -43.20 4.74
CA LEU VA 619 98.47 -43.10 3.62
C LEU VA 619 98.81 -41.96 2.66
N ALA VA 620 99.90 -41.24 2.92
CA ALA VA 620 100.30 -40.10 2.11
C ALA VA 620 100.09 -40.28 0.62
N ARG VA 621 100.51 -41.43 0.08
CA ARG VA 621 100.45 -41.61 -1.36
C ARG VA 621 99.00 -41.68 -1.85
N LEU VA 622 98.16 -42.45 -1.16
CA LEU VA 622 96.75 -42.49 -1.51
C LEU VA 622 96.13 -41.10 -1.43
N VAL VA 623 96.41 -40.38 -0.35
CA VAL VA 623 95.83 -39.05 -0.16
C VAL VA 623 96.22 -38.14 -1.32
N ALA VA 624 97.50 -38.15 -1.70
CA ALA VA 624 97.96 -37.32 -2.79
C ALA VA 624 97.30 -37.71 -4.10
N GLN VA 625 97.09 -39.00 -4.31
CA GLN VA 625 96.36 -39.45 -5.49
C GLN VA 625 94.96 -38.84 -5.52
N CYS VA 626 94.25 -38.91 -4.39
CA CYS VA 626 92.92 -38.32 -4.32
C CYS VA 626 92.97 -36.84 -4.66
N ILE VA 627 93.92 -36.11 -4.07
CA ILE VA 627 93.98 -34.67 -4.27
C ILE VA 627 94.19 -34.34 -5.74
N GLN VA 628 95.20 -34.96 -6.35
CA GLN VA 628 95.51 -34.63 -7.75
C GLN VA 628 94.34 -35.00 -8.66
N SER VA 629 93.68 -36.13 -8.38
CA SER VA 629 92.55 -36.54 -9.21
C SER VA 629 91.43 -35.52 -9.11
N TYR VA 630 91.03 -35.17 -7.89
CA TYR VA 630 89.95 -34.21 -7.71
C TYR VA 630 90.30 -32.87 -8.34
N TRP VA 631 91.57 -32.48 -8.29
CA TRP VA 631 91.95 -31.20 -8.87
C TRP VA 631 91.86 -31.25 -10.38
N ARG VA 632 92.31 -32.32 -11.00
CA ARG VA 632 92.14 -32.41 -12.44
C ARG VA 632 90.69 -32.58 -12.84
N ASN VA 633 89.83 -33.00 -11.92
CA ASN VA 633 88.44 -33.25 -12.27
C ASN VA 633 87.56 -32.01 -12.14
N THR VA 634 87.63 -31.30 -11.00
CA THR VA 634 86.69 -30.23 -10.73
C THR VA 634 87.33 -28.89 -10.38
N HIS VA 635 88.66 -28.79 -10.37
CA HIS VA 635 89.36 -27.56 -9.99
C HIS VA 635 88.92 -27.07 -8.62
N ASN VA 636 88.71 -28.01 -7.70
CA ASN VA 636 88.37 -27.70 -6.33
C ASN VA 636 89.32 -28.41 -5.39
N ALA VA 637 89.44 -27.89 -4.17
CA ALA VA 637 90.32 -28.50 -3.18
C ALA VA 637 89.66 -29.75 -2.61
N ALA VA 638 90.26 -30.32 -1.58
CA ALA VA 638 89.69 -31.49 -0.94
C ALA VA 638 90.18 -31.57 0.50
N PHE VA 639 89.43 -32.30 1.31
CA PHE VA 639 89.73 -32.54 2.72
C PHE VA 639 89.71 -31.26 3.55
N VAL VA 640 89.28 -30.14 2.96
CA VAL VA 640 89.26 -28.88 3.69
C VAL VA 640 88.30 -28.90 4.86
N ASN VA 641 87.40 -29.87 4.91
CA ASN VA 641 86.42 -29.89 5.99
C ASN VA 641 87.03 -30.25 7.33
N ASN VA 642 88.21 -30.86 7.36
CA ASN VA 642 88.86 -31.25 8.60
C ASN VA 642 90.18 -30.52 8.73
N PHE VA 643 90.37 -29.84 9.86
CA PHE VA 643 91.54 -28.98 10.02
C PHE VA 643 92.82 -29.77 10.09
N TYR VA 644 92.84 -30.85 10.88
CA TYR VA 644 94.05 -31.64 11.00
C TYR VA 644 94.56 -32.09 9.65
N MET VA 645 93.64 -32.41 8.73
CA MET VA 645 94.05 -32.86 7.41
C MET VA 645 94.62 -31.72 6.58
N VAL VA 646 93.98 -30.54 6.62
CA VAL VA 646 94.51 -29.41 5.87
C VAL VA 646 95.84 -28.97 6.44
N MET VA 647 96.14 -29.34 7.68
CA MET VA 647 97.45 -29.05 8.24
C MET VA 647 98.48 -30.08 7.80
N TYR VA 648 98.14 -31.35 7.89
CA TYR VA 648 99.07 -32.40 7.47
C TYR VA 648 99.41 -32.29 6.00
N ILE VA 649 98.45 -31.87 5.18
CA ILE VA 649 98.70 -31.74 3.75
C ILE VA 649 99.87 -30.80 3.49
N ASN VA 650 99.74 -29.55 3.92
CA ASN VA 650 100.75 -28.54 3.66
C ASN VA 650 101.89 -28.57 4.67
N THR VA 651 101.92 -29.55 5.58
CA THR VA 651 103.11 -29.72 6.39
C THR VA 651 103.94 -30.92 5.98
N TYR VA 652 103.37 -31.90 5.26
CA TYR VA 652 104.15 -33.03 4.77
C TYR VA 652 104.28 -33.00 3.25
N LEU VA 653 103.16 -32.97 2.53
CA LEU VA 653 103.24 -32.94 1.08
C LEU VA 653 103.91 -31.64 0.63
N GLY VA 654 103.26 -30.51 0.88
CA GLY VA 654 103.84 -29.21 0.58
C GLY VA 654 104.39 -29.11 -0.82
N ASN VA 655 105.71 -29.05 -0.92
CA ASN VA 655 106.47 -29.02 -2.16
C ASN VA 655 106.42 -30.31 -2.92
N GLY VA 656 105.63 -31.28 -2.48
CA GLY VA 656 105.67 -32.60 -3.09
C GLY VA 656 104.79 -32.75 -4.31
N GLU VA 657 103.91 -33.75 -4.29
CA GLU VA 657 103.17 -34.14 -5.47
C GLU VA 657 102.09 -33.15 -5.87
N LEU VA 658 101.64 -32.32 -4.95
CA LEU VA 658 100.62 -31.34 -5.28
C LEU VA 658 101.14 -30.39 -6.34
N PRO VA 659 100.40 -30.16 -7.42
CA PRO VA 659 100.91 -29.30 -8.50
C PRO VA 659 101.20 -27.90 -8.01
N GLU VA 660 101.85 -27.13 -8.88
CA GLU VA 660 102.34 -25.82 -8.45
C GLU VA 660 101.23 -24.80 -8.21
N ASP VA 661 99.99 -25.09 -8.62
CA ASP VA 661 98.90 -24.17 -8.37
C ASP VA 661 97.90 -24.66 -7.34
N CYS VA 662 97.86 -25.95 -7.04
CA CYS VA 662 96.95 -26.45 -6.03
C CYS VA 662 97.49 -26.30 -4.62
N ALA VA 663 98.81 -26.42 -4.45
CA ALA VA 663 99.39 -26.25 -3.14
C ALA VA 663 99.15 -24.85 -2.61
N ALA VA 664 99.14 -23.86 -3.50
CA ALA VA 664 98.89 -22.48 -3.08
C ALA VA 664 97.58 -22.36 -2.33
N VAL VA 665 96.57 -23.14 -2.70
CA VAL VA 665 95.30 -23.10 -1.98
C VAL VA 665 95.52 -23.45 -0.52
N TYR VA 666 96.24 -24.54 -0.26
CA TYR VA 666 96.41 -24.97 1.13
C TYR VA 666 97.33 -24.03 1.89
N LYS VA 667 98.40 -23.56 1.25
CA LYS VA 667 99.28 -22.60 1.89
C LYS VA 667 98.53 -21.34 2.28
N ASP VA 668 97.70 -20.83 1.37
CA ASP VA 668 96.91 -19.65 1.66
C ASP VA 668 95.91 -19.91 2.76
N LEU VA 669 95.21 -21.05 2.69
CA LEU VA 669 94.21 -21.40 3.69
C LEU VA 669 94.83 -21.53 5.07
N LEU VA 670 96.12 -21.85 5.14
CA LEU VA 670 96.78 -21.92 6.44
C LEU VA 670 97.27 -20.55 6.90
N GLU VA 671 97.95 -19.82 6.02
CA GLU VA 671 98.50 -18.53 6.43
C GLU VA 671 97.41 -17.54 6.78
N HIS VA 672 96.21 -17.69 6.21
CA HIS VA 672 95.09 -16.85 6.62
C HIS VA 672 94.74 -17.10 8.08
N VAL VA 673 94.69 -18.37 8.49
CA VAL VA 673 94.50 -18.70 9.89
C VAL VA 673 95.59 -18.07 10.73
N HIS VA 674 96.82 -18.09 10.22
CA HIS VA 674 97.92 -17.49 10.97
C HIS VA 674 97.73 -16.00 11.15
N ALA VA 675 97.24 -15.32 10.11
CA ALA VA 675 96.96 -13.90 10.24
C ALA VA 675 95.87 -13.64 11.27
N LEU VA 676 94.80 -14.42 11.22
CA LEU VA 676 93.74 -14.26 12.21
C LEU VA 676 94.28 -14.49 13.62
N ARG VA 677 95.20 -15.44 13.77
CA ARG VA 677 95.78 -15.68 15.08
C ARG VA 677 96.62 -14.50 15.54
N ARG VA 678 97.38 -13.91 14.62
CA ARG VA 678 98.11 -12.69 14.95
C ARG VA 678 97.16 -11.61 15.43
N LEU VA 679 95.97 -11.53 14.80
CA LEU VA 679 95.06 -10.44 15.10
C LEU VA 679 94.62 -10.43 16.55
N ILE VA 680 94.58 -11.59 17.21
CA ILE VA 680 94.17 -11.63 18.61
C ILE VA 680 95.10 -10.80 19.46
N GLY VA 681 96.37 -10.70 19.08
CA GLY VA 681 97.38 -10.11 19.92
C GLY VA 681 97.41 -8.59 19.96
N GLU VA 682 97.48 -7.94 18.80
CA GLU VA 682 97.67 -6.49 18.78
C GLU VA 682 96.50 -5.71 19.35
N PHE VA 683 95.41 -6.38 19.71
CA PHE VA 683 94.33 -5.73 20.45
C PHE VA 683 94.42 -6.02 21.93
N THR VA 684 95.57 -6.48 22.41
CA THR VA 684 95.77 -6.78 23.82
C THR VA 684 96.92 -5.93 24.35
N LEU VA 685 96.79 -5.52 25.59
CA LEU VA 685 97.85 -4.77 26.24
C LEU VA 685 98.64 -5.69 27.13
N PRO VA 686 99.97 -5.71 27.04
CA PRO VA 686 100.77 -6.68 27.80
C PRO VA 686 100.65 -6.44 29.29
N GLY VA 687 100.06 -7.42 29.99
CA GLY VA 687 99.92 -7.34 31.42
C GLY VA 687 100.44 -8.58 32.11
N ASP VA 688 100.03 -8.80 33.36
CA ASP VA 688 100.44 -9.96 34.11
C ASP VA 688 99.29 -10.94 34.27
N PRO VA 689 99.57 -12.24 34.32
CA PRO VA 689 98.48 -13.21 34.51
C PRO VA 689 97.68 -12.92 35.77
N LEU VA 690 96.37 -13.10 35.67
CA LEU VA 690 95.44 -12.74 36.73
C LEU VA 690 94.84 -13.95 37.44
N GLY VA 691 94.21 -14.84 36.69
CA GLY VA 691 93.69 -16.08 37.25
C GLY VA 691 94.51 -17.25 36.79
N ASN VA 692 95.84 -17.08 36.80
CA ASN VA 692 96.77 -18.02 36.16
C ASN VA 692 96.48 -18.14 34.67
N GLN VA 693 96.04 -17.04 34.06
CA GLN VA 693 95.75 -16.99 32.65
C GLN VA 693 96.31 -15.68 32.10
N PRO VA 694 97.10 -15.74 31.03
CA PRO VA 694 97.60 -14.50 30.44
C PRO VA 694 96.46 -13.64 29.92
N GLN VA 695 96.71 -12.34 29.86
CA GLN VA 695 95.67 -11.41 29.41
C GLN VA 695 95.21 -11.73 28.00
N GLU VA 696 96.13 -12.19 27.15
CA GLU VA 696 95.80 -12.44 25.74
C GLU VA 696 94.73 -13.50 25.56
N GLU VA 697 94.36 -14.22 26.62
CA GLU VA 697 93.21 -15.12 26.57
C GLU VA 697 92.09 -14.68 27.48
N LEU VA 698 92.32 -13.70 28.35
CA LEU VA 698 91.22 -13.10 29.09
C LEU VA 698 90.51 -12.05 28.26
N ASN VA 699 91.19 -11.48 27.27
CA ASN VA 699 90.55 -10.53 26.38
C ASN VA 699 89.66 -11.23 25.37
N HIS VA 700 90.24 -12.05 24.52
CA HIS VA 700 89.47 -12.74 23.49
C HIS VA 700 88.73 -13.91 24.11
N ALA VA 701 88.10 -14.72 23.29
CA ALA VA 701 87.45 -15.94 23.75
C ALA VA 701 87.93 -17.18 23.04
N LEU VA 702 88.31 -17.09 21.78
CA LEU VA 702 88.89 -18.23 21.10
C LEU VA 702 90.29 -18.52 21.60
N ALA VA 703 91.01 -17.49 22.05
CA ALA VA 703 92.35 -17.71 22.56
C ALA VA 703 92.37 -18.39 23.92
N ASP VA 704 91.21 -18.70 24.49
CA ASP VA 704 91.17 -19.39 25.76
C ASP VA 704 91.18 -20.90 25.55
N ALA VA 705 91.63 -21.61 26.58
CA ALA VA 705 91.72 -23.06 26.54
C ALA VA 705 90.55 -23.76 27.21
N THR VA 706 89.82 -23.06 28.08
CA THR VA 706 88.66 -23.69 28.72
C THR VA 706 87.48 -23.82 27.78
N LEU VA 707 87.64 -23.52 26.51
CA LEU VA 707 86.57 -23.63 25.53
C LEU VA 707 86.96 -24.73 24.55
N LEU VA 708 86.31 -25.88 24.68
CA LEU VA 708 86.63 -27.01 23.82
C LEU VA 708 86.31 -26.67 22.37
N PRO VA 709 87.12 -27.11 21.42
CA PRO VA 709 86.74 -27.00 20.01
C PRO VA 709 85.46 -27.77 19.74
N PRO VA 710 84.78 -27.50 18.63
CA PRO VA 710 83.59 -28.29 18.32
C PRO VA 710 83.91 -29.75 18.09
N LEU VA 711 84.92 -30.05 17.27
CA LEU VA 711 85.40 -31.41 17.07
C LEU VA 711 86.80 -31.54 17.64
N ILE VA 712 87.07 -32.67 18.27
CA ILE VA 712 88.43 -33.02 18.64
C ILE VA 712 88.78 -34.35 18.02
N TRP VA 713 90.08 -34.63 17.93
CA TRP VA 713 90.56 -35.92 17.47
C TRP VA 713 91.64 -36.46 18.38
N ASP VA 714 91.64 -36.01 19.63
CA ASP VA 714 92.68 -36.37 20.59
C ASP VA 714 92.23 -35.82 21.94
N CYS VA 715 92.96 -36.16 22.99
CA CYS VA 715 92.73 -35.58 24.30
C CYS VA 715 93.73 -34.51 24.65
N ASP VA 716 94.35 -33.89 23.64
CA ASP VA 716 95.17 -32.71 23.88
C ASP VA 716 94.40 -31.63 24.65
N PRO VA 717 93.18 -31.24 24.27
CA PRO VA 717 92.50 -30.21 25.05
C PRO VA 717 92.09 -30.69 26.43
N ILE VA 718 91.72 -31.96 26.57
CA ILE VA 718 91.32 -32.47 27.87
C ILE VA 718 92.49 -32.45 28.85
N LEU VA 719 93.71 -32.67 28.34
CA LEU VA 719 94.88 -32.60 29.19
C LEU VA 719 95.37 -31.18 29.40
N TYR VA 720 94.93 -30.24 28.58
CA TYR VA 720 95.21 -28.83 28.80
C TYR VA 720 94.17 -28.17 29.68
N ARG VA 721 92.94 -28.68 29.67
CA ARG VA 721 91.85 -28.02 30.37
C ARG VA 721 91.91 -28.26 31.88
N ASP VA 722 92.24 -29.48 32.30
CA ASP VA 722 92.32 -29.78 33.73
C ASP VA 722 93.37 -28.96 34.44
N GLY VA 723 94.26 -28.28 33.71
CA GLY VA 723 95.26 -27.45 34.35
C GLY VA 723 94.67 -26.25 35.06
N LEU VA 724 93.55 -25.74 34.56
CA LEU VA 724 92.91 -24.60 35.19
C LEU VA 724 92.18 -25.07 36.44
N ALA VA 725 92.41 -24.37 37.55
CA ALA VA 725 91.88 -24.81 38.84
C ALA VA 725 91.06 -23.76 39.57
N GLU VA 726 91.28 -22.47 39.35
CA GLU VA 726 90.46 -21.49 40.04
C GLU VA 726 89.02 -21.64 39.62
N ARG VA 727 88.70 -21.33 38.36
CA ARG VA 727 87.34 -21.55 37.87
C ARG VA 727 87.20 -23.03 37.59
N LEU VA 728 86.59 -23.75 38.53
CA LEU VA 728 86.57 -25.21 38.52
C LEU VA 728 85.93 -25.74 37.26
N PRO VA 729 86.70 -26.37 36.38
CA PRO VA 729 86.13 -26.96 35.18
C PRO VA 729 85.75 -28.41 35.39
N GLU VA 730 84.66 -28.81 34.76
CA GLU VA 730 84.16 -30.17 34.89
C GLU VA 730 83.82 -30.71 33.52
N LEU VA 731 84.34 -31.89 33.21
CA LEU VA 731 84.01 -32.60 31.98
C LEU VA 731 83.26 -33.86 32.35
N ARG VA 732 82.18 -34.12 31.62
CA ARG VA 732 81.37 -35.32 31.82
C ARG VA 732 81.06 -35.91 30.45
N VAL VA 733 81.52 -37.14 30.22
CA VAL VA 733 81.21 -37.87 28.99
C VAL VA 733 80.34 -39.06 29.36
N ASN VA 734 79.11 -39.08 28.84
CA ASN VA 734 78.15 -40.14 29.10
C ASN VA 734 78.00 -40.41 30.59
N GLY VA 735 78.24 -39.41 31.42
CA GLY VA 735 78.03 -39.55 32.85
C GLY VA 735 79.27 -39.86 33.64
N ALA VA 736 80.10 -40.78 33.14
CA ALA VA 736 81.35 -41.08 33.81
C ALA VA 736 82.37 -39.99 33.51
N HIS VA 737 83.37 -39.86 34.38
CA HIS VA 737 84.33 -38.78 34.21
C HIS VA 737 85.09 -38.94 32.90
N PHE VA 738 86.00 -39.91 32.86
CA PHE VA 738 86.53 -40.53 31.64
C PHE VA 738 87.62 -41.50 32.08
N GLN VA 739 87.94 -42.44 31.21
CA GLN VA 739 89.03 -43.39 31.43
C GLN VA 739 89.94 -43.31 30.22
N HIS VA 740 90.99 -42.51 30.32
CA HIS VA 740 91.89 -42.32 29.18
C HIS VA 740 92.60 -43.62 28.87
N ILE VA 741 92.25 -44.24 27.74
CA ILE VA 741 92.94 -45.44 27.29
C ILE VA 741 93.79 -45.08 26.09
N LEU VA 742 94.89 -45.80 25.92
CA LEU VA 742 95.82 -45.56 24.83
C LEU VA 742 95.27 -46.19 23.56
N TRP VA 743 96.13 -46.30 22.55
CA TRP VA 743 95.78 -46.92 21.29
C TRP VA 743 95.24 -48.34 21.51
N VAL VA 744 94.52 -48.84 20.51
CA VAL VA 744 93.89 -50.14 20.58
C VAL VA 744 94.30 -50.97 19.36
N GLU VA 745 94.03 -52.27 19.44
CA GLU VA 745 94.41 -53.22 18.41
C GLU VA 745 93.20 -54.00 17.93
N MET VA 746 93.30 -54.53 16.71
CA MET VA 746 92.23 -55.34 16.14
C MET VA 746 91.85 -56.51 17.02
N ALA VA 747 92.74 -56.91 17.93
CA ALA VA 747 92.47 -58.07 18.77
C ALA VA 747 91.24 -57.85 19.64
N GLN VA 748 91.28 -56.82 20.50
CA GLN VA 748 90.14 -56.44 21.32
C GLN VA 748 89.75 -55.01 20.95
N VAL VA 749 88.50 -54.83 20.54
CA VAL VA 749 88.03 -53.55 20.01
C VAL VA 749 86.79 -53.05 20.76
N ASN VA 750 85.79 -53.91 20.91
CA ASN VA 750 84.55 -53.58 21.63
C ASN VA 750 83.83 -52.41 20.96
N PHE VA 751 83.36 -52.68 19.74
CA PHE VA 751 82.59 -51.70 18.97
C PHE VA 751 81.40 -51.16 19.76
N ARG VA 752 80.90 -51.92 20.72
CA ARG VA 752 79.64 -51.61 21.38
C ARG VA 752 79.82 -50.98 22.75
N ASN VA 753 81.04 -50.64 23.14
CA ASN VA 753 81.26 -50.09 24.47
C ASN VA 753 80.63 -48.71 24.59
N VAL VA 754 80.16 -48.40 25.80
CA VAL VA 754 79.38 -47.20 26.04
C VAL VA 754 79.93 -46.46 27.25
N GLY VA 755 81.11 -46.85 27.71
CA GLY VA 755 81.72 -46.19 28.83
C GLY VA 755 82.40 -44.89 28.43
N GLY VA 756 82.87 -44.17 29.44
CA GLY VA 756 83.60 -42.95 29.16
C GLY VA 756 85.08 -43.20 29.01
N GLY VA 757 85.53 -43.35 27.77
CA GLY VA 757 86.93 -43.56 27.49
C GLY VA 757 87.31 -43.21 26.07
N LEU VA 758 88.30 -42.35 25.90
CA LEU VA 758 88.75 -41.91 24.60
C LEU VA 758 90.05 -42.62 24.23
N VAL VA 759 90.59 -42.28 23.07
CA VAL VA 759 91.78 -42.93 22.54
C VAL VA 759 92.72 -41.89 21.94
N HIS VA 760 94.02 -42.10 22.10
CA HIS VA 760 95.04 -41.38 21.35
C HIS VA 760 95.50 -42.30 20.23
N ASN VA 761 94.95 -42.12 19.04
CA ASN VA 761 95.26 -43.04 17.96
C ASN VA 761 96.76 -43.01 17.66
N ARG VA 762 97.41 -44.16 17.80
CA ARG VA 762 98.85 -44.30 17.69
C ARG VA 762 99.51 -43.29 18.62
N PRO VA 763 99.51 -43.56 19.95
CA PRO VA 763 99.56 -42.49 20.96
C PRO VA 763 100.43 -41.32 20.57
N VAL VA 764 101.65 -41.64 20.19
CA VAL VA 764 102.61 -40.64 19.75
C VAL VA 764 103.17 -41.10 18.41
N ARG VA 765 103.97 -40.23 17.81
CA ARG VA 765 104.73 -40.65 16.65
C ARG VA 765 105.97 -41.44 17.08
N ASN VA 766 106.62 -41.03 18.17
CA ASN VA 766 107.95 -41.58 18.44
C ASN VA 766 108.15 -42.14 19.85
N GLU VA 767 107.66 -41.45 20.89
CA GLU VA 767 108.22 -41.65 22.21
C GLU VA 767 107.79 -42.97 22.84
N ASN VA 768 106.49 -43.22 22.90
CA ASN VA 768 105.92 -44.30 23.72
C ASN VA 768 106.24 -44.06 25.19
N GLN VA 769 105.75 -42.93 25.69
CA GLN VA 769 105.96 -42.45 27.04
C GLN VA 769 104.62 -42.30 27.76
N PRO VA 770 104.61 -42.34 29.08
CA PRO VA 770 103.34 -42.35 29.82
C PRO VA 770 102.66 -40.99 29.83
N LEU VA 771 101.54 -40.88 29.12
CA LEU VA 771 100.54 -39.84 29.33
C LEU VA 771 101.14 -38.44 29.13
N HIS VA 772 101.52 -38.16 27.90
CA HIS VA 772 101.95 -36.81 27.53
C HIS VA 772 101.30 -36.44 26.20
N PRO VA 773 100.75 -35.23 26.08
CA PRO VA 773 100.20 -34.79 24.80
C PRO VA 773 101.29 -34.67 23.77
N HIS VA 774 100.89 -34.63 22.51
CA HIS VA 774 101.82 -34.56 21.40
C HIS VA 774 101.50 -33.39 20.47
N HIS VA 775 101.17 -32.24 21.06
CA HIS VA 775 101.01 -31.01 20.32
C HIS VA 775 101.02 -29.85 21.32
N ASP VA 776 101.24 -28.65 20.79
CA ASP VA 776 101.30 -27.47 21.62
C ASP VA 776 99.89 -26.97 21.93
N ALA VA 777 99.81 -25.99 22.84
CA ALA VA 777 98.53 -25.41 23.17
C ALA VA 777 97.96 -24.62 21.99
N GLU VA 778 98.82 -24.01 21.18
CA GLU VA 778 98.34 -23.25 20.03
C GLU VA 778 97.62 -24.12 19.02
N TRP VA 779 97.82 -25.44 19.09
CA TRP VA 779 97.12 -26.33 18.18
C TRP VA 779 95.61 -26.23 18.35
N SER VA 780 95.13 -26.37 19.58
CA SER VA 780 93.70 -26.26 19.83
C SER VA 780 93.19 -24.88 19.46
N VAL VA 781 93.99 -23.85 19.71
CA VAL VA 781 93.58 -22.48 19.40
C VAL VA 781 93.37 -22.32 17.90
N LEU VA 782 94.31 -22.82 17.10
CA LEU VA 782 94.16 -22.69 15.65
C LEU VA 782 93.00 -23.51 15.14
N SER VA 783 92.77 -24.70 15.71
CA SER VA 783 91.60 -25.47 15.30
C SER VA 783 90.33 -24.69 15.60
N LYS VA 784 90.26 -24.06 16.76
CA LYS VA 784 89.09 -23.24 17.09
C LYS VA 784 88.93 -22.09 16.11
N ILE VA 785 90.03 -21.42 15.77
CA ILE VA 785 89.97 -20.33 14.82
C ILE VA 785 89.37 -20.80 13.51
N TYR VA 786 89.91 -21.90 12.97
CA TYR VA 786 89.40 -22.43 11.72
C TYR VA 786 87.91 -22.74 11.82
N TYR VA 787 87.51 -23.45 12.88
CA TYR VA 787 86.16 -23.97 12.92
C TYR VA 787 85.13 -22.94 13.32
N TYR VA 788 85.53 -21.82 13.90
CA TYR VA 788 84.57 -20.79 14.30
C TYR VA 788 84.64 -19.54 13.46
N ALA VA 789 85.64 -19.39 12.59
CA ALA VA 789 85.78 -18.15 11.84
C ALA VA 789 85.93 -18.33 10.34
N VAL VA 790 86.34 -19.50 9.86
CA VAL VA 790 86.56 -19.66 8.43
C VAL VA 790 85.59 -20.67 7.83
N VAL VA 791 85.16 -21.65 8.62
CA VAL VA 791 84.16 -22.60 8.12
C VAL VA 791 82.85 -21.86 7.88
N PRO VA 792 82.26 -21.18 8.88
CA PRO VA 792 81.03 -20.43 8.60
C PRO VA 792 81.21 -19.33 7.58
N ALA VA 793 82.46 -18.97 7.26
CA ALA VA 793 82.68 -17.97 6.23
C ALA VA 793 82.33 -18.49 4.85
N PHE VA 794 82.41 -19.80 4.62
CA PHE VA 794 82.05 -20.40 3.36
C PHE VA 794 80.79 -21.24 3.41
N SER VA 795 80.49 -21.83 4.55
CA SER VA 795 79.33 -22.72 4.65
C SER VA 795 78.03 -21.94 4.64
N ARG VA 796 77.93 -20.92 5.48
CA ARG VA 796 76.71 -20.13 5.62
C ARG VA 796 75.54 -21.03 6.02
N GLY VA 797 75.75 -21.84 7.04
CA GLY VA 797 74.69 -22.72 7.51
C GLY VA 797 74.49 -23.96 6.69
N ASN VA 798 75.54 -24.45 6.02
CA ASN VA 798 75.46 -25.69 5.26
C ASN VA 798 76.18 -26.84 5.93
N CYS VA 799 77.11 -26.57 6.83
CA CYS VA 799 77.88 -27.62 7.47
C CYS VA 799 77.10 -28.24 8.63
N CYS VA 800 77.37 -29.51 8.89
CA CYS VA 800 76.72 -30.24 9.97
C CYS VA 800 77.67 -31.30 10.50
N THR VA 801 77.75 -31.39 11.83
CA THR VA 801 78.62 -32.37 12.47
C THR VA 801 77.92 -33.72 12.49
N MET VA 802 78.59 -34.73 11.96
CA MET VA 802 78.00 -36.06 11.82
C MET VA 802 78.71 -37.06 12.73
N GLY VA 803 77.98 -38.11 13.07
CA GLY VA 803 78.54 -39.22 13.81
C GLY VA 803 78.63 -40.45 12.93
N VAL VA 804 79.85 -40.96 12.75
CA VAL VA 804 80.13 -42.07 11.85
C VAL VA 804 79.56 -43.37 12.40
N ARG VA 805 79.56 -44.41 11.57
CA ARG VA 805 79.25 -45.77 11.98
C ARG VA 805 80.52 -46.60 11.79
N TYR VA 806 81.23 -46.87 12.89
CA TYR VA 806 82.52 -47.52 12.82
C TYR VA 806 82.45 -49.01 12.53
N ASP VA 807 81.27 -49.55 12.25
CA ASP VA 807 81.17 -50.94 11.82
C ASP VA 807 81.08 -51.06 10.31
N ARG VA 808 80.11 -50.40 9.70
CA ARG VA 808 79.92 -50.47 8.26
C ARG VA 808 81.05 -49.83 7.48
N VAL VA 809 82.01 -49.19 8.13
CA VAL VA 809 83.14 -48.58 7.43
C VAL VA 809 84.38 -49.47 7.51
N TYR VA 810 84.70 -49.98 8.70
CA TYR VA 810 85.81 -50.91 8.80
C TYR VA 810 85.48 -52.21 8.11
N GLN VA 811 84.21 -52.62 8.11
CA GLN VA 811 83.80 -53.82 7.40
C GLN VA 811 83.99 -53.66 5.90
N LEU VA 812 83.85 -52.44 5.38
CA LEU VA 812 83.94 -52.22 3.95
C LEU VA 812 85.35 -51.89 3.49
N VAL VA 813 86.17 -51.27 4.34
CA VAL VA 813 87.48 -50.80 3.90
C VAL VA 813 88.39 -51.97 3.53
N GLN VA 814 88.17 -53.16 4.09
CA GLN VA 814 89.01 -54.30 3.77
C GLN VA 814 88.60 -55.00 2.49
N THR VA 815 87.33 -54.94 2.10
CA THR VA 815 86.85 -55.73 0.98
C THR VA 815 87.38 -55.17 -0.33
N MET VA 816 88.67 -55.34 -0.58
CA MET VA 816 89.31 -54.88 -1.79
C MET VA 816 89.60 -56.07 -2.70
N VAL VA 817 89.59 -55.82 -4.00
CA VAL VA 817 89.95 -56.85 -4.97
C VAL VA 817 91.11 -56.32 -5.82
N VAL VA 818 92.27 -56.96 -5.66
CA VAL VA 818 93.51 -56.61 -6.36
C VAL VA 818 94.26 -57.91 -6.67
N PRO VA 819 94.56 -58.19 -7.92
CA PRO VA 819 95.36 -59.38 -8.23
C PRO VA 819 96.86 -59.11 -8.16
N GLU VA 820 97.60 -60.15 -7.79
CA GLU VA 820 99.04 -60.05 -7.65
C GLU VA 820 99.70 -59.88 -9.01
N THR VA 821 100.41 -58.79 -9.20
CA THR VA 821 101.05 -58.46 -10.46
C THR VA 821 102.46 -57.97 -10.21
N ASP VA 822 103.40 -58.40 -11.05
CA ASP VA 822 104.80 -58.04 -10.85
C ASP VA 822 104.99 -56.53 -10.86
N GLU VA 823 104.55 -55.86 -11.93
CA GLU VA 823 104.65 -54.41 -12.05
C GLU VA 823 103.30 -53.85 -12.47
N GLU VA 824 102.92 -52.74 -11.85
CA GLU VA 824 101.69 -52.05 -12.20
C GLU VA 824 101.88 -51.29 -13.52
N VAL VA 825 100.90 -51.41 -14.41
CA VAL VA 825 101.03 -50.91 -15.77
C VAL VA 825 100.03 -49.79 -16.08
N GLY VA 826 98.80 -49.89 -15.59
CA GLY VA 826 97.81 -48.87 -15.87
C GLY VA 826 96.43 -49.48 -16.02
N THR VA 827 95.48 -48.61 -16.35
CA THR VA 827 94.06 -48.96 -16.35
C THR VA 827 93.66 -49.84 -17.53
N ASP VA 828 94.51 -50.01 -18.54
CA ASP VA 828 94.12 -50.77 -19.72
C ASP VA 828 94.28 -52.27 -19.56
N ASP VA 829 95.03 -52.72 -18.56
CA ASP VA 829 95.21 -54.14 -18.33
C ASP VA 829 94.03 -54.71 -17.56
N PRO VA 830 93.61 -55.94 -17.87
CA PRO VA 830 92.53 -56.56 -17.08
C PRO VA 830 92.88 -56.80 -15.63
N ARG VA 831 94.15 -56.74 -15.25
CA ARG VA 831 94.54 -56.93 -13.85
C ARG VA 831 94.59 -55.64 -13.06
N HIS VA 832 94.34 -54.50 -13.70
CA HIS VA 832 94.28 -53.25 -12.95
C HIS VA 832 93.04 -53.25 -12.07
N PRO VA 833 93.16 -52.83 -10.80
CA PRO VA 833 92.01 -52.90 -9.89
C PRO VA 833 90.85 -52.02 -10.27
N LEU VA 834 90.95 -51.25 -11.36
CA LEU VA 834 89.86 -50.44 -11.84
C LEU VA 834 89.28 -50.95 -13.15
N HIS VA 835 89.83 -52.02 -13.70
CA HIS VA 835 89.28 -52.57 -14.93
C HIS VA 835 87.94 -53.24 -14.63
N PRO VA 836 86.96 -53.14 -15.54
CA PRO VA 836 85.61 -53.64 -15.24
C PRO VA 836 85.54 -55.14 -15.01
N ARG VA 837 86.67 -55.83 -15.09
CA ARG VA 837 86.66 -57.28 -14.94
C ARG VA 837 86.24 -57.69 -13.53
N ASN VA 838 86.71 -56.97 -12.52
CA ASN VA 838 86.56 -57.40 -11.14
C ASN VA 838 85.73 -56.47 -10.28
N LEU VA 839 85.07 -55.48 -10.87
CA LEU VA 839 84.29 -54.56 -10.05
C LEU VA 839 83.05 -55.26 -9.52
N VAL VA 840 83.25 -56.27 -8.69
CA VAL VA 840 82.14 -56.97 -8.05
C VAL VA 840 81.44 -56.01 -7.11
N PRO VA 841 80.09 -55.97 -7.08
CA PRO VA 841 79.41 -55.02 -6.21
C PRO VA 841 79.80 -55.20 -4.75
N ASN VA 842 79.59 -54.15 -3.96
CA ASN VA 842 79.82 -54.18 -2.51
C ASN VA 842 81.29 -54.25 -2.15
N SER VA 843 82.18 -54.10 -3.12
CA SER VA 843 83.61 -53.99 -2.88
C SER VA 843 83.97 -52.53 -2.72
N LEU VA 844 85.26 -52.28 -2.57
CA LEU VA 844 85.73 -50.90 -2.42
C LEU VA 844 85.97 -50.23 -3.77
N ASN VA 845 86.45 -51.00 -4.75
CA ASN VA 845 86.76 -50.44 -6.05
C ASN VA 845 85.59 -49.70 -6.66
N VAL VA 846 84.37 -50.11 -6.34
CA VAL VA 846 83.21 -49.42 -6.91
C VAL VA 846 83.11 -48.02 -6.35
N LEU VA 847 83.37 -47.88 -5.04
CA LEU VA 847 83.33 -46.55 -4.44
C LEU VA 847 84.36 -45.63 -5.06
N PHE VA 848 85.47 -46.18 -5.55
CA PHE VA 848 86.44 -45.35 -6.25
C PHE VA 848 86.00 -45.09 -7.69
N HIS VA 849 85.37 -46.07 -8.33
CA HIS VA 849 85.03 -45.91 -9.73
C HIS VA 849 83.92 -44.88 -9.92
N ASN VA 850 82.83 -45.02 -9.17
CA ASN VA 850 81.70 -44.12 -9.36
C ASN VA 850 82.04 -42.67 -9.07
N ALA VA 851 83.22 -42.40 -8.54
CA ALA VA 851 83.71 -41.05 -8.34
C ALA VA 851 84.77 -40.64 -9.34
N CYS VA 852 85.07 -41.51 -10.31
CA CYS VA 852 86.03 -41.25 -11.38
C CYS VA 852 87.44 -40.96 -10.87
N VAL VA 853 87.72 -41.21 -9.60
CA VAL VA 853 89.05 -40.97 -9.07
C VAL VA 853 89.97 -42.10 -9.50
N ALA VA 854 91.09 -41.75 -10.10
CA ALA VA 854 92.06 -42.73 -10.59
C ALA VA 854 93.10 -42.98 -9.49
N VAL VA 855 93.23 -44.24 -9.08
CA VAL VA 855 94.09 -44.60 -7.96
C VAL VA 855 94.91 -45.83 -8.35
N ASP VA 856 96.14 -45.89 -7.86
CA ASP VA 856 97.00 -47.03 -8.08
C ASP VA 856 96.56 -48.23 -7.23
N ALA VA 857 96.98 -49.41 -7.67
CA ALA VA 857 96.65 -50.63 -6.94
C ALA VA 857 97.38 -50.67 -5.59
N ASP VA 858 98.69 -50.47 -5.61
CA ASP VA 858 99.44 -50.50 -4.35
C ASP VA 858 98.92 -49.46 -3.39
N ALA VA 859 98.47 -48.31 -3.92
CA ALA VA 859 97.80 -47.32 -3.08
C ALA VA 859 96.63 -47.94 -2.33
N MET VA 860 95.81 -48.71 -3.05
CA MET VA 860 94.69 -49.38 -2.40
C MET VA 860 95.17 -50.41 -1.39
N LEU VA 861 96.31 -51.05 -1.67
CA LEU VA 861 96.83 -52.01 -0.71
C LEU VA 861 97.29 -51.33 0.57
N ILE VA 862 97.75 -50.08 0.49
CA ILE VA 862 98.21 -49.38 1.68
C ILE VA 862 97.14 -49.29 2.75
N LEU VA 863 95.87 -49.38 2.39
CA LEU VA 863 94.81 -49.15 3.37
C LEU VA 863 94.87 -50.08 4.57
N GLN VA 864 95.74 -51.09 4.54
CA GLN VA 864 95.81 -52.05 5.63
C GLN VA 864 96.51 -51.51 6.87
N GLU VA 865 97.24 -50.41 6.77
CA GLU VA 865 97.94 -49.92 7.96
C GLU VA 865 96.97 -49.42 9.02
N THR VA 866 95.67 -49.37 8.72
CA THR VA 866 94.67 -48.94 9.68
C THR VA 866 94.38 -50.00 10.73
N VAL VA 867 94.51 -51.28 10.38
CA VAL VA 867 94.09 -52.37 11.25
C VAL VA 867 94.81 -52.32 12.59
N THR VA 868 96.01 -51.74 12.63
CA THR VA 868 96.73 -51.59 13.89
C THR VA 868 96.25 -50.41 14.71
N ASN VA 869 95.43 -49.53 14.13
CA ASN VA 869 94.98 -48.30 14.81
C ASN VA 869 93.50 -48.13 14.50
N MET VA 870 92.66 -48.63 15.38
CA MET VA 870 91.22 -48.68 15.15
C MET VA 870 90.56 -47.39 15.64
N ALA VA 871 89.24 -47.39 15.68
CA ALA VA 871 88.47 -46.27 16.21
C ALA VA 871 87.17 -46.82 16.78
N GLU VA 872 86.92 -46.54 18.06
CA GLU VA 872 85.80 -47.19 18.74
C GLU VA 872 84.47 -46.55 18.37
N ARG VA 873 84.30 -45.27 18.68
CA ARG VA 873 82.99 -44.63 18.52
C ARG VA 873 83.15 -43.12 18.67
N THR VA 874 82.23 -42.39 18.05
CA THR VA 874 82.11 -40.97 18.32
C THR VA 874 81.41 -40.78 19.64
N THR VA 875 82.07 -40.11 20.59
CA THR VA 875 81.42 -40.01 21.88
C THR VA 875 81.07 -38.56 22.19
N PRO VA 876 79.95 -38.33 22.84
CA PRO VA 876 79.55 -36.94 23.13
C PRO VA 876 80.19 -36.39 24.39
N LEU VA 877 80.71 -35.18 24.31
CA LEU VA 877 81.28 -34.50 25.45
C LEU VA 877 80.40 -33.32 25.83
N LEU VA 878 80.25 -33.09 27.13
CA LEU VA 878 79.44 -31.98 27.64
C LEU VA 878 80.30 -31.20 28.62
N ALA VA 879 81.01 -30.20 28.11
CA ALA VA 879 81.90 -29.42 28.94
C ALA VA 879 81.12 -28.56 29.92
N SER VA 880 81.84 -28.05 30.90
CA SER VA 880 81.28 -27.16 31.91
C SER VA 880 82.41 -26.34 32.49
N VAL VA 881 82.09 -25.12 32.94
CA VAL VA 881 83.11 -24.20 33.40
C VAL VA 881 82.44 -23.08 34.18
N ALA VA 882 83.16 -22.52 35.13
CA ALA VA 882 82.74 -21.33 35.86
C ALA VA 882 83.04 -20.09 35.04
N PRO VA 883 82.45 -18.94 35.37
CA PRO VA 883 82.77 -17.72 34.63
C PRO VA 883 84.20 -17.30 34.91
N ASP VA 884 84.78 -16.58 33.95
CA ASP VA 884 86.18 -16.23 34.00
C ASP VA 884 86.47 -15.24 35.12
N ALA VA 885 87.74 -14.84 35.21
CA ALA VA 885 88.17 -13.99 36.31
C ALA VA 885 87.64 -12.57 36.17
N GLY VA 886 87.37 -12.12 34.96
CA GLY VA 886 86.82 -10.78 34.77
C GLY VA 886 85.37 -10.69 35.22
N MET VA 887 84.55 -11.65 34.81
CA MET VA 887 83.16 -11.73 35.24
C MET VA 887 83.05 -12.71 36.41
N ALA VA 888 83.51 -12.26 37.57
CA ALA VA 888 83.57 -13.11 38.75
C ALA VA 888 83.09 -12.37 39.98
N THR VA 889 81.94 -11.71 39.90
CA THR VA 889 81.35 -11.12 41.07
C THR VA 889 80.65 -12.19 41.90
N VAL VA 890 80.58 -11.96 43.22
CA VAL VA 890 79.87 -12.89 44.11
C VAL VA 890 78.45 -13.12 43.63
N ALA VA 891 77.84 -12.10 43.02
CA ALA VA 891 76.50 -12.28 42.47
C ALA VA 891 76.48 -13.21 41.26
N THR VA 892 77.62 -13.43 40.62
CA THR VA 892 77.72 -14.27 39.44
C THR VA 892 78.69 -15.42 39.65
N ARG VA 893 78.65 -16.02 40.84
CA ARG VA 893 79.52 -17.16 41.11
C ARG VA 893 79.08 -18.38 40.33
N ASP VA 894 77.82 -18.77 40.46
CA ASP VA 894 77.34 -20.05 39.98
C ASP VA 894 76.75 -20.00 38.58
N MET VA 895 76.82 -18.87 37.90
CA MET VA 895 76.25 -18.76 36.55
C MET VA 895 77.22 -19.40 35.56
N ARG VA 896 77.25 -20.73 35.61
CA ARG VA 896 78.14 -21.53 34.78
C ARG VA 896 77.57 -21.73 33.39
N THR VA 897 78.40 -22.20 32.48
CA THR VA 897 78.02 -22.45 31.10
C THR VA 897 78.25 -23.90 30.75
N HIS VA 898 77.54 -24.35 29.71
CA HIS VA 898 77.68 -25.71 29.20
C HIS VA 898 77.71 -25.67 27.70
N ASP VA 899 78.58 -26.49 27.11
CA ASP VA 899 78.61 -26.65 25.67
C ASP VA 899 79.13 -28.04 25.36
N GLY VA 900 78.91 -28.48 24.12
CA GLY VA 900 79.22 -29.83 23.72
C GLY VA 900 80.36 -29.90 22.73
N SER VA 901 80.78 -31.12 22.44
CA SER VA 901 81.75 -31.40 21.40
C SER VA 901 81.66 -32.87 21.05
N LEU VA 902 82.37 -33.26 20.00
CA LEU VA 902 82.36 -34.64 19.53
C LEU VA 902 83.78 -35.13 19.34
N HIS VA 903 84.02 -36.37 19.76
CA HIS VA 903 85.29 -37.04 19.57
C HIS VA 903 85.21 -37.93 18.34
N HIS VA 904 86.18 -37.80 17.45
CA HIS VA 904 86.27 -38.61 16.23
C HIS VA 904 85.05 -38.43 15.34
N GLY VA 905 84.38 -37.29 15.43
CA GLY VA 905 83.23 -37.05 14.58
C GLY VA 905 83.63 -36.72 13.15
N LEU VA 906 82.85 -35.87 12.50
CA LEU VA 906 83.14 -35.46 11.13
C LEU VA 906 82.21 -34.31 10.78
N LEU VA 907 82.71 -33.39 9.96
CA LEU VA 907 81.95 -32.21 9.55
C LEU VA 907 81.66 -32.32 8.05
N MET VA 908 80.59 -33.02 7.71
CA MET VA 908 80.24 -33.18 6.31
C MET VA 908 79.70 -31.87 5.77
N MET VA 909 80.03 -31.58 4.50
CA MET VA 909 79.86 -30.23 3.98
C MET VA 909 78.52 -30.04 3.28
N ALA VA 910 78.29 -30.77 2.20
CA ALA VA 910 77.09 -30.58 1.38
C ALA VA 910 76.34 -31.91 1.31
N TYR VA 911 75.25 -32.01 2.06
CA TYR VA 911 74.48 -33.24 2.09
C TYR VA 911 73.84 -33.51 0.73
N GLN VA 912 73.66 -34.79 0.43
CA GLN VA 912 73.14 -35.23 -0.86
C GLN VA 912 71.91 -36.11 -0.65
N PRO VA 913 70.70 -35.57 -0.79
CA PRO VA 913 69.50 -36.39 -0.59
C PRO VA 913 69.06 -37.17 -1.81
N ASN VA 914 69.29 -36.63 -2.99
CA ASN VA 914 68.65 -37.16 -4.20
C ASN VA 914 69.55 -38.15 -4.94
N ASP VA 915 70.54 -38.72 -4.26
CA ASP VA 915 71.35 -39.77 -4.85
C ASP VA 915 70.72 -41.12 -4.58
N ALA VA 916 71.02 -42.09 -5.45
CA ALA VA 916 70.49 -43.44 -5.31
C ALA VA 916 71.54 -44.53 -5.37
N THR VA 917 72.77 -44.22 -5.76
CA THR VA 917 73.82 -45.24 -5.82
C THR VA 917 74.22 -45.75 -4.45
N LEU VA 918 73.75 -45.12 -3.37
CA LEU VA 918 74.08 -45.54 -2.01
C LEU VA 918 72.87 -45.38 -1.11
N LEU VA 919 72.78 -46.23 -0.09
CA LEU VA 919 71.80 -46.03 0.96
C LEU VA 919 72.20 -44.82 1.79
N GLU VA 920 71.26 -43.88 1.93
CA GLU VA 920 71.60 -42.59 2.52
C GLU VA 920 72.07 -42.74 3.96
N GLY VA 921 71.19 -43.20 4.85
CA GLY VA 921 71.54 -43.30 6.24
C GLY VA 921 72.35 -44.55 6.56
N ALA VA 922 73.54 -44.66 5.98
CA ALA VA 922 74.35 -45.86 6.10
C ALA VA 922 75.63 -45.63 6.90
N PHE VA 923 76.46 -44.69 6.46
CA PHE VA 923 77.77 -44.51 7.08
C PHE VA 923 77.75 -43.48 8.20
N PHE VA 924 77.01 -42.40 8.02
CA PHE VA 924 76.99 -41.29 8.96
C PHE VA 924 75.56 -41.01 9.38
N TYR VA 925 75.41 -40.42 10.56
CA TYR VA 925 74.11 -39.94 11.01
C TYR VA 925 74.26 -38.51 11.51
N PRO VA 926 73.20 -37.71 11.41
CA PRO VA 926 73.29 -36.33 11.85
C PRO VA 926 73.43 -36.21 13.36
N ALA VA 927 74.28 -35.29 13.79
CA ALA VA 927 74.46 -35.02 15.21
C ALA VA 927 75.01 -33.61 15.38
N PRO VA 928 74.17 -32.58 15.31
CA PRO VA 928 74.67 -31.22 15.47
C PRO VA 928 75.11 -30.95 16.90
N VAL VA 929 76.06 -30.02 17.04
CA VAL VA 929 76.62 -29.70 18.33
C VAL VA 929 76.31 -28.26 18.69
N ASN VA 930 76.21 -27.41 17.69
CA ASN VA 930 76.02 -25.99 17.92
C ASN VA 930 75.13 -25.40 16.83
N ALA VA 931 74.82 -24.12 16.98
CA ALA VA 931 73.87 -23.49 16.07
C ALA VA 931 74.46 -23.29 14.68
N LEU VA 932 75.77 -23.12 14.58
CA LEU VA 932 76.39 -22.93 13.27
C LEU VA 932 76.40 -24.24 12.48
N PHE VA 933 76.74 -25.34 13.14
CA PHE VA 933 76.80 -26.63 12.48
C PHE VA 933 75.50 -27.40 12.70
N ALA VA 934 74.44 -26.88 12.09
CA ALA VA 934 73.15 -27.56 12.13
C ALA VA 934 72.33 -27.09 10.93
N CYS VA 935 72.29 -27.92 9.89
CA CYS VA 935 71.35 -27.69 8.81
C CYS VA 935 70.11 -28.53 9.07
N ALA VA 936 69.23 -28.61 8.09
CA ALA VA 936 67.99 -29.37 8.21
C ALA VA 936 67.96 -30.61 7.34
N ASP VA 937 68.44 -30.52 6.10
CA ASP VA 937 68.40 -31.69 5.23
C ASP VA 937 69.32 -32.80 5.73
N HIS VA 938 70.38 -32.44 6.45
CA HIS VA 938 71.23 -33.46 7.06
C HIS VA 938 70.42 -34.36 7.97
N LEU VA 939 69.35 -33.85 8.56
CA LEU VA 939 68.41 -34.72 9.27
C LEU VA 939 67.74 -35.71 8.35
N GLY VA 940 67.86 -35.53 7.03
CA GLY VA 940 67.30 -36.51 6.10
C GLY VA 940 68.01 -37.84 6.16
N ALA VA 941 69.27 -37.84 6.54
CA ALA VA 941 70.02 -39.10 6.62
C ALA VA 941 69.64 -39.92 7.85
N MET VA 942 68.94 -39.34 8.82
CA MET VA 942 68.44 -40.12 9.93
C MET VA 942 67.37 -41.10 9.44
N ARG VA 943 67.29 -42.25 10.10
CA ARG VA 943 66.39 -43.31 9.69
C ARG VA 943 65.03 -43.16 10.35
N ASP VA 944 63.98 -43.45 9.58
CA ASP VA 944 62.60 -43.53 10.08
C ASP VA 944 62.21 -42.25 10.81
N VAL VA 945 62.23 -41.16 10.07
CA VAL VA 945 61.79 -39.86 10.57
C VAL VA 945 60.75 -39.30 9.60
N GLY VA 946 59.73 -38.64 10.15
CA GLY VA 946 58.58 -38.23 9.38
C GLY VA 946 58.50 -36.74 9.15
N ALA VA 947 57.42 -36.34 8.49
CA ALA VA 947 57.15 -34.95 8.16
C ALA VA 947 56.51 -34.19 9.31
N GLU VA 948 56.35 -34.81 10.48
CA GLU VA 948 55.78 -34.10 11.62
C GLU VA 948 56.84 -33.38 12.45
N VAL VA 949 58.11 -33.72 12.26
CA VAL VA 949 59.20 -33.09 12.97
C VAL VA 949 60.10 -32.29 12.03
N ARG VA 950 60.37 -32.81 10.83
CA ARG VA 950 61.21 -32.08 9.89
C ARG VA 950 60.52 -30.80 9.42
N ALA VA 951 59.21 -30.83 9.26
CA ALA VA 951 58.49 -29.66 8.74
C ALA VA 951 58.58 -28.49 9.69
N ALA VA 952 58.73 -28.73 10.99
CA ALA VA 952 58.92 -27.67 11.97
C ALA VA 952 60.37 -27.60 12.44
N ALA VA 953 61.29 -28.09 11.61
CA ALA VA 953 62.70 -28.10 11.97
C ALA VA 953 63.59 -27.28 11.06
N GLN VA 954 63.09 -26.82 9.91
CA GLN VA 954 63.89 -25.97 9.02
C GLN VA 954 64.00 -24.55 9.52
N HIS VA 955 63.34 -24.21 10.62
CA HIS VA 955 63.39 -22.85 11.18
C HIS VA 955 64.19 -22.75 12.47
N VAL VA 956 64.17 -23.79 13.29
CA VAL VA 956 64.90 -23.76 14.55
C VAL VA 956 66.09 -24.69 14.45
N PRO VA 957 67.25 -24.30 14.98
CA PRO VA 957 68.39 -25.23 15.02
C PRO VA 957 68.11 -26.38 15.96
N CYS VA 958 68.52 -27.58 15.56
CA CYS VA 958 68.11 -28.81 16.23
C CYS VA 958 69.19 -29.40 17.12
N VAL VA 959 69.96 -28.58 17.82
CA VAL VA 959 70.93 -29.15 18.76
C VAL VA 959 70.19 -29.99 19.80
N PRO VA 960 70.62 -31.21 20.07
CA PRO VA 960 69.93 -32.02 21.08
C PRO VA 960 70.22 -31.53 22.48
N HIS VA 961 69.26 -31.75 23.36
CA HIS VA 961 69.31 -31.13 24.68
C HIS VA 961 70.22 -31.86 25.65
N PHE VA 962 71.14 -32.68 25.15
CA PHE VA 962 72.28 -33.15 25.92
C PHE VA 962 73.59 -32.60 25.38
N LEU VA 963 73.51 -31.58 24.53
CA LEU VA 963 74.70 -30.90 24.03
C LEU VA 963 74.66 -29.39 24.29
N GLY VA 964 73.75 -28.92 25.13
CA GLY VA 964 73.68 -27.51 25.46
C GLY VA 964 72.86 -26.71 24.47
N ALA VA 965 71.87 -25.98 24.96
CA ALA VA 965 71.02 -25.19 24.11
C ALA VA 965 71.56 -23.77 23.98
N ASN VA 966 70.82 -22.91 23.28
CA ASN VA 966 71.31 -21.60 22.89
C ASN VA 966 71.07 -20.54 23.94
N TYR VA 967 70.92 -20.92 25.19
CA TYR VA 967 71.01 -19.99 26.29
C TYR VA 967 72.19 -20.27 27.20
N TYR VA 968 72.52 -21.54 27.42
CA TYR VA 968 73.66 -21.91 28.23
C TYR VA 968 74.93 -22.12 27.40
N ALA VA 969 74.84 -22.01 26.08
CA ALA VA 969 76.03 -22.13 25.27
C ALA VA 969 76.86 -20.86 25.32
N THR VA 970 78.09 -20.96 24.85
CA THR VA 970 78.98 -19.81 24.77
C THR VA 970 78.95 -19.15 23.41
N VAL VA 971 78.36 -19.79 22.41
CA VAL VA 971 78.21 -19.21 21.07
C VAL VA 971 76.72 -19.30 20.74
N ARG VA 972 75.98 -18.25 21.06
CA ARG VA 972 74.52 -18.31 21.07
C ARG VA 972 73.98 -18.30 19.65
N GLN VA 973 72.65 -18.19 19.55
CA GLN VA 973 72.01 -18.22 18.24
C GLN VA 973 72.35 -17.01 17.37
N PRO VA 974 72.31 -15.76 17.87
CA PRO VA 974 72.40 -14.62 16.93
C PRO VA 974 73.61 -14.66 16.02
N VAL VA 975 74.78 -15.06 16.50
CA VAL VA 975 75.96 -15.09 15.65
C VAL VA 975 75.78 -16.06 14.49
N ALA VA 976 75.10 -17.17 14.77
CA ALA VA 976 74.80 -18.11 13.69
C ALA VA 976 73.95 -17.46 12.62
N GLN VA 977 72.89 -16.75 13.04
CA GLN VA 977 72.04 -16.07 12.09
C GLN VA 977 72.82 -15.02 11.31
N HIS VA 978 73.74 -14.33 11.98
CA HIS VA 978 74.59 -13.37 11.28
C HIS VA 978 75.37 -14.05 10.18
N ALA VA 979 76.10 -15.12 10.52
CA ALA VA 979 76.89 -15.82 9.53
C ALA VA 979 76.02 -16.44 8.44
N ALA VA 980 74.74 -16.66 8.72
CA ALA VA 980 73.89 -17.32 7.75
C ALA VA 980 73.35 -16.35 6.71
N GLN VA 981 72.87 -15.19 7.14
CA GLN VA 981 72.28 -14.21 6.22
C GLN VA 981 73.12 -12.95 6.12
N SER VA 982 74.44 -13.08 6.23
CA SER VA 982 75.31 -11.95 5.94
C SER VA 982 75.16 -11.55 4.48
N ARG VA 983 75.61 -10.34 4.17
CA ARG VA 983 75.30 -9.78 2.86
C ARG VA 983 76.14 -10.44 1.78
N ALA VA 984 77.45 -10.26 1.84
CA ALA VA 984 78.35 -10.80 0.81
C ALA VA 984 79.78 -10.63 1.28
N ASP VA 985 80.72 -10.92 0.38
CA ASP VA 985 82.15 -10.69 0.57
C ASP VA 985 82.69 -11.47 1.78
N GLU VA 986 82.67 -12.80 1.61
CA GLU VA 986 83.01 -13.70 2.70
C GLU VA 986 84.42 -13.46 3.23
N ASN VA 987 85.33 -12.94 2.39
CA ASN VA 987 86.67 -12.60 2.88
C ASN VA 987 86.59 -11.70 4.10
N THR VA 988 85.89 -10.58 3.99
CA THR VA 988 85.69 -9.72 5.15
C THR VA 988 84.74 -10.35 6.17
N LEU VA 989 83.88 -11.27 5.74
CA LEU VA 989 83.02 -11.96 6.70
C LEU VA 989 83.84 -12.75 7.69
N SER VA 990 84.98 -13.29 7.26
CA SER VA 990 85.87 -13.98 8.18
C SER VA 990 86.34 -13.06 9.29
N TYR VA 991 86.87 -11.89 8.91
CA TYR VA 991 87.34 -10.93 9.91
C TYR VA 991 86.20 -10.46 10.80
N ALA VA 992 85.01 -10.26 10.21
CA ALA VA 992 83.87 -9.81 11.01
C ALA VA 992 83.52 -10.84 12.06
N LEU VA 993 83.40 -12.10 11.66
CA LEU VA 993 83.10 -13.17 12.61
C LEU VA 993 84.20 -13.29 13.64
N MET VA 994 85.45 -12.99 13.27
CA MET VA 994 86.52 -13.00 14.25
C MET VA 994 86.33 -11.91 15.29
N ALA VA 995 86.26 -10.66 14.83
CA ALA VA 995 86.11 -9.53 15.74
C ALA VA 995 84.88 -9.68 16.61
N GLY VA 996 83.88 -10.41 16.15
CA GLY VA 996 82.73 -10.64 16.98
C GLY VA 996 82.96 -11.71 18.02
N TYR VA 997 84.19 -11.85 18.51
CA TYR VA 997 84.49 -12.89 19.50
C TYR VA 997 85.27 -12.35 20.69
N PHE VA 998 85.20 -11.05 20.95
CA PHE VA 998 85.86 -10.50 22.12
C PHE VA 998 84.93 -10.59 23.32
N LYS VA 999 85.48 -10.39 24.51
CA LYS VA 999 84.70 -10.52 25.73
C LYS VA 999 84.21 -9.16 26.21
N MET VA 1000 83.03 -9.16 26.82
CA MET VA 1000 82.42 -7.97 27.39
C MET VA 1000 82.53 -8.08 28.91
N SER VA 1001 83.66 -7.62 29.43
CA SER VA 1001 83.97 -7.70 30.85
C SER VA 1001 84.98 -6.61 31.13
N PRO VA 1002 84.94 -5.96 32.29
CA PRO VA 1002 85.86 -4.84 32.55
C PRO VA 1002 87.31 -5.11 32.18
N VAL VA 1003 87.82 -6.28 32.58
CA VAL VA 1003 89.20 -6.60 32.27
C VAL VA 1003 89.43 -6.72 30.76
N ALA VA 1004 88.37 -6.98 30.00
CA ALA VA 1004 88.50 -6.99 28.55
C ALA VA 1004 88.28 -5.63 27.93
N PHE VA 1005 87.43 -4.80 28.55
CA PHE VA 1005 87.24 -3.46 28.05
C PHE VA 1005 88.51 -2.64 28.19
N THR VA 1006 89.22 -2.80 29.30
CA THR VA 1006 90.43 -2.01 29.52
C THR VA 1006 91.53 -2.37 28.53
N HIS VA 1007 91.26 -3.27 27.60
CA HIS VA 1007 92.08 -3.49 26.43
C HIS VA 1007 91.40 -3.03 25.16
N GLN VA 1008 90.18 -3.51 24.91
CA GLN VA 1008 89.52 -3.22 23.66
C GLN VA 1008 89.33 -1.73 23.46
N LEU VA 1009 88.89 -1.01 24.50
CA LEU VA 1009 88.65 0.41 24.36
C LEU VA 1009 89.94 1.15 24.04
N ARG VA 1010 91.03 0.81 24.72
CA ARG VA 1010 92.27 1.54 24.50
C ARG VA 1010 92.98 1.13 23.22
N ARG VA 1011 92.55 0.07 22.54
CA ARG VA 1011 93.10 -0.22 21.22
C ARG VA 1011 92.16 0.14 20.09
N GLN VA 1012 91.09 0.88 20.37
CA GLN VA 1012 90.20 1.44 19.35
C GLN VA 1012 89.48 0.36 18.56
N LEU VA 1013 88.94 -0.62 19.25
CA LEU VA 1013 88.05 -1.61 18.66
C LEU VA 1013 86.63 -1.23 19.10
N HIS VA 1014 85.88 -0.61 18.21
CA HIS VA 1014 84.53 -0.16 18.51
C HIS VA 1014 83.67 -1.33 18.92
N PRO VA 1015 83.33 -1.46 20.20
CA PRO VA 1015 82.52 -2.60 20.62
C PRO VA 1015 81.06 -2.38 20.31
N GLY VA 1016 80.19 -3.29 20.76
CA GLY VA 1016 78.80 -3.25 20.38
C GLY VA 1016 77.91 -2.31 21.18
N PHE VA 1017 78.41 -1.13 21.52
CA PHE VA 1017 77.59 -0.11 22.15
C PHE VA 1017 77.69 1.17 21.35
N ALA VA 1018 77.01 2.20 21.86
CA ALA VA 1018 77.17 3.55 21.32
C ALA VA 1018 76.79 4.48 22.47
N LEU VA 1019 77.78 5.09 23.09
CA LEU VA 1019 77.53 5.78 24.34
C LEU VA 1019 76.79 7.09 24.12
N THR VA 1020 76.15 7.57 25.19
CA THR VA 1020 75.33 8.76 25.15
C THR VA 1020 75.81 9.70 26.26
N VAL VA 1021 76.51 10.74 25.88
CA VAL VA 1021 77.16 11.64 26.83
C VAL VA 1021 76.17 12.70 27.27
N VAL VA 1022 76.27 13.12 28.54
CA VAL VA 1022 75.53 14.27 29.05
C VAL VA 1022 76.44 15.04 29.99
N ARG VA 1023 76.09 16.30 30.24
CA ARG VA 1023 76.83 17.17 31.14
C ARG VA 1023 76.05 18.46 31.31
N GLN VA 1024 76.35 19.20 32.37
CA GLN VA 1024 75.57 20.36 32.75
C GLN VA 1024 76.48 21.58 32.86
N ASP VA 1025 76.04 22.70 32.29
CA ASP VA 1025 76.80 23.94 32.30
C ASP VA 1025 76.02 25.04 33.01
N ARG VA 1026 76.73 26.10 33.36
CA ARG VA 1026 76.14 27.24 34.06
C ARG VA 1026 76.57 28.52 33.36
N PHE VA 1027 75.60 29.36 33.01
CA PHE VA 1027 75.87 30.61 32.34
C PHE VA 1027 75.39 31.76 33.22
N ALA VA 1028 76.26 32.73 33.45
CA ALA VA 1028 75.89 33.91 34.22
C ALA VA 1028 75.21 34.92 33.31
N THR VA 1029 74.00 35.33 33.68
CA THR VA 1029 73.21 36.25 32.86
C THR VA 1029 72.80 37.46 33.67
N GLU VA 1030 72.65 38.59 32.99
CA GLU VA 1030 72.16 39.82 33.60
C GLU VA 1030 70.66 39.92 33.36
N ASN VA 1031 69.88 39.95 34.44
CA ASN VA 1031 68.44 39.93 34.35
C ASN VA 1031 67.87 41.35 34.44
N VAL VA 1032 66.58 41.45 34.20
CA VAL VA 1032 65.84 42.71 34.32
C VAL VA 1032 64.56 42.39 35.06
N LEU VA 1033 64.43 42.90 36.28
CA LEU VA 1033 63.32 42.56 37.16
C LEU VA 1033 62.27 43.66 37.11
N PHE VA 1034 61.03 43.29 37.39
CA PHE VA 1034 59.92 44.23 37.47
C PHE VA 1034 59.03 43.84 38.65
N ALA VA 1035 58.43 44.85 39.27
CA ALA VA 1035 57.61 44.62 40.45
C ALA VA 1035 56.45 45.62 40.46
N GLU VA 1036 55.27 45.14 40.86
CA GLU VA 1036 54.07 45.96 40.78
C GLU VA 1036 54.09 47.03 41.87
N LYS VA 1037 52.98 47.79 41.94
CA LYS VA 1037 52.96 49.01 42.74
C LYS VA 1037 53.16 48.72 44.22
N ALA VA 1038 52.57 47.63 44.72
CA ALA VA 1038 52.76 47.26 46.11
C ALA VA 1038 52.72 45.73 46.16
N SER VA 1039 53.89 45.12 46.04
CA SER VA 1039 53.98 43.69 45.84
C SER VA 1039 54.47 42.94 47.06
N GLU VA 1040 54.78 43.61 48.16
CA GLU VA 1040 55.27 42.90 49.34
C GLU VA 1040 54.80 43.62 50.60
N SER VA 1041 53.96 42.94 51.38
CA SER VA 1041 53.75 43.37 52.74
C SER VA 1041 54.99 43.01 53.54
N TYR VA 1042 55.51 43.97 54.30
CA TYR VA 1042 56.83 43.83 54.90
C TYR VA 1042 56.79 44.36 56.31
N PHE VA 1043 57.32 43.58 57.25
CA PHE VA 1043 57.24 43.92 58.66
C PHE VA 1043 58.63 43.92 59.26
N MET VA 1044 58.94 44.95 60.04
CA MET VA 1044 60.23 45.10 60.67
C MET VA 1044 60.08 45.01 62.18
N GLY VA 1045 60.85 44.13 62.80
CA GLY VA 1045 60.79 43.96 64.24
C GLY VA 1045 61.51 45.06 64.98
N GLN VA 1046 61.97 44.73 66.18
CA GLN VA 1046 62.66 45.67 67.06
C GLN VA 1046 64.08 45.19 67.27
N MET VA 1047 65.05 46.10 67.12
CA MET VA 1047 66.45 45.70 67.17
C MET VA 1047 66.80 45.14 68.53
N GLN VA 1048 67.73 44.18 68.52
CA GLN VA 1048 68.15 43.50 69.74
C GLN VA 1048 69.66 43.32 69.71
N VAL VA 1049 70.28 43.44 70.88
CA VAL VA 1049 71.72 43.28 71.02
C VAL VA 1049 71.99 42.27 72.12
N ALA VA 1050 73.17 41.64 72.06
CA ALA VA 1050 73.60 40.68 73.07
C ALA VA 1050 75.07 40.94 73.36
N ARG VA 1051 75.34 41.82 74.31
CA ARG VA 1051 76.72 42.16 74.63
C ARG VA 1051 77.35 41.06 75.47
N THR VA 1052 78.54 40.64 75.08
CA THR VA 1052 79.27 39.63 75.82
C THR VA 1052 80.75 39.94 75.72
N GLU VA 1053 81.51 39.46 76.70
CA GLU VA 1053 82.95 39.66 76.74
C GLU VA 1053 83.64 38.45 76.12
N SER VA 1054 84.58 38.72 75.23
CA SER VA 1054 85.37 37.64 74.61
C SER VA 1054 86.72 38.25 74.23
N GLY VA 1055 87.73 38.04 75.08
CA GLY VA 1055 89.04 38.61 74.83
C GLY VA 1055 89.18 40.02 75.35
N GLY VA 1056 88.94 40.21 76.64
CA GLY VA 1056 89.11 41.51 77.24
C GLY VA 1056 87.93 42.44 77.05
N GLY VA 1057 87.70 42.87 75.81
CA GLY VA 1057 86.69 43.87 75.56
C GLY VA 1057 85.36 43.28 75.14
N LEU VA 1058 84.33 44.11 75.20
CA LEU VA 1058 83.00 43.68 74.81
C LEU VA 1058 83.00 43.24 73.35
N HIS VA 1059 81.93 42.56 72.97
CA HIS VA 1059 81.76 42.15 71.58
C HIS VA 1059 80.26 42.14 71.30
N LEU VA 1060 79.75 43.28 70.83
CA LEU VA 1060 78.32 43.42 70.65
C LEU VA 1060 77.87 42.78 69.35
N GLN VA 1061 76.60 42.39 69.31
CA GLN VA 1061 76.07 41.69 68.15
C GLN VA 1061 74.61 42.11 67.98
N LEU VA 1062 74.38 43.08 67.12
CA LEU VA 1062 73.03 43.53 66.84
C LEU VA 1062 72.25 42.45 66.10
N THR VA 1063 70.93 42.53 66.20
CA THR VA 1063 70.06 41.54 65.58
C THR VA 1063 68.68 42.15 65.41
N GLN VA 1064 68.06 41.91 64.27
CA GLN VA 1064 66.72 42.41 64.04
C GLN VA 1064 65.89 41.37 63.31
N PRO VA 1065 64.75 40.98 63.86
CA PRO VA 1065 63.85 40.07 63.14
C PRO VA 1065 62.89 40.84 62.25
N ARG VA 1066 62.45 40.16 61.20
CA ARG VA 1066 61.56 40.78 60.23
C ARG VA 1066 60.88 39.68 59.43
N ALA VA 1067 59.81 40.04 58.73
CA ALA VA 1067 59.03 39.05 58.00
C ALA VA 1067 58.36 39.72 56.82
N ASN VA 1068 57.97 38.91 55.84
CA ASN VA 1068 57.31 39.40 54.64
C ASN VA 1068 56.28 38.41 54.15
N VAL VA 1069 55.41 38.88 53.27
CA VAL VA 1069 54.45 38.02 52.59
C VAL VA 1069 53.96 38.75 51.36
N ASP VA 1070 53.84 38.03 50.26
CA ASP VA 1070 53.21 38.58 49.08
C ASP VA 1070 51.77 38.97 49.42
N LEU VA 1071 51.25 39.96 48.71
CA LEU VA 1071 49.87 40.35 48.92
C LEU VA 1071 49.17 40.60 47.59
N GLY VA 1072 49.47 39.80 46.59
CA GLY VA 1072 48.75 39.86 45.34
C GLY VA 1072 48.38 38.48 44.83
N VAL VA 1073 47.09 38.25 44.62
CA VAL VA 1073 46.68 37.01 43.97
C VAL VA 1073 47.21 37.03 42.54
N GLY VA 1074 47.79 35.92 42.12
CA GLY VA 1074 48.48 35.89 40.86
C GLY VA 1074 49.80 36.63 40.90
N PHE VA 1075 50.64 36.35 39.91
CA PHE VA 1075 52.01 36.82 39.92
C PHE VA 1075 52.07 38.34 39.90
N THR VA 1076 53.10 38.88 40.54
CA THR VA 1076 53.33 40.32 40.61
C THR VA 1076 54.80 40.67 40.43
N ALA VA 1077 55.54 39.83 39.71
CA ALA VA 1077 56.95 40.07 39.46
C ALA VA 1077 57.43 39.14 38.37
N ALA VA 1078 58.30 39.65 37.50
CA ALA VA 1078 58.81 38.86 36.41
C ALA VA 1078 60.17 39.41 35.99
N TYR VA 1079 61.02 38.54 35.46
CA TYR VA 1079 62.33 38.96 34.99
C TYR VA 1079 62.54 38.45 33.57
N ALA VA 1080 63.49 39.06 32.87
CA ALA VA 1080 63.60 38.89 31.43
C ALA VA 1080 64.94 38.38 30.93
N ALA VA 1081 65.99 38.37 31.76
CA ALA VA 1081 67.29 37.81 31.39
C ALA VA 1081 67.85 38.46 30.13
N ALA VA 1082 68.17 39.74 30.26
CA ALA VA 1082 68.51 40.54 29.09
C ALA VA 1082 69.86 40.13 28.51
N ALA VA 1083 70.93 40.36 29.25
CA ALA VA 1083 72.26 40.23 28.68
C ALA VA 1083 72.76 38.79 28.82
N LEU VA 1084 74.06 38.59 28.57
CA LEU VA 1084 74.68 37.29 28.81
C LEU VA 1084 76.15 37.54 29.11
N ARG VA 1085 76.56 37.26 30.34
CA ARG VA 1085 77.96 37.34 30.72
C ARG VA 1085 78.67 36.07 30.25
N ALA VA 1086 79.89 35.86 30.72
CA ALA VA 1086 80.65 34.70 30.32
C ALA VA 1086 80.07 33.43 30.97
N PRO VA 1087 80.26 32.28 30.34
CA PRO VA 1087 79.90 31.01 30.99
C PRO VA 1087 80.75 30.77 32.21
N VAL VA 1088 80.10 30.75 33.39
CA VAL VA 1088 80.87 30.64 34.63
C VAL VA 1088 81.56 29.31 34.72
N THR VA 1089 80.91 28.25 34.28
CA THR VA 1089 81.55 26.94 34.24
C THR VA 1089 82.25 26.78 32.91
N ASP VA 1090 83.26 25.92 32.89
CA ASP VA 1090 83.83 25.52 31.63
C ASP VA 1090 82.91 24.52 30.97
N MET VA 1091 83.01 24.43 29.65
CA MET VA 1091 82.28 23.42 28.89
C MET VA 1091 83.23 22.37 28.34
N GLY VA 1092 84.34 22.12 29.03
CA GLY VA 1092 85.29 21.12 28.61
C GLY VA 1092 84.78 19.72 28.83
N ASN VA 1093 85.67 18.74 28.81
CA ASN VA 1093 85.31 17.35 29.02
C ASN VA 1093 86.10 16.80 30.20
N LEU VA 1094 85.44 15.98 31.01
CA LEU VA 1094 86.06 15.42 32.19
C LEU VA 1094 85.36 14.12 32.53
N PRO VA 1095 86.02 12.97 32.35
CA PRO VA 1095 85.34 11.70 32.59
C PRO VA 1095 85.03 11.50 34.06
N GLN VA 1096 83.78 11.22 34.36
CA GLN VA 1096 83.40 10.87 35.73
C GLN VA 1096 83.86 9.46 36.03
N ASN VA 1097 84.46 9.28 37.20
CA ASN VA 1097 84.88 7.97 37.65
C ASN VA 1097 83.87 7.42 38.64
N LEU VA 1098 83.71 6.11 38.64
CA LEU VA 1098 82.85 5.42 39.58
C LEU VA 1098 83.61 4.78 40.73
N PHE VA 1099 84.93 4.93 40.77
CA PHE VA 1099 85.72 4.29 41.81
C PHE VA 1099 85.77 5.09 43.09
N ALA VA 1100 84.84 6.01 43.29
CA ALA VA 1100 84.77 6.77 44.53
C ALA VA 1100 83.49 6.54 45.29
N THR VA 1101 82.58 5.71 44.78
CA THR VA 1101 81.27 5.53 45.40
C THR VA 1101 81.28 4.33 46.35
N ARG VA 1102 80.10 3.98 46.82
CA ARG VA 1102 79.91 2.89 47.76
C ARG VA 1102 78.76 2.01 47.28
N GLY VA 1103 78.39 1.03 48.09
CA GLY VA 1103 77.29 0.15 47.74
C GLY VA 1103 77.51 -0.67 46.49
N ALA VA 1104 78.72 -1.17 46.29
CA ALA VA 1104 79.04 -1.97 45.12
C ALA VA 1104 79.79 -3.22 45.57
N PRO VA 1105 79.39 -4.40 45.12
CA PRO VA 1105 80.05 -5.62 45.55
C PRO VA 1105 81.41 -5.76 44.90
N PRO VA 1106 82.46 -6.04 45.68
CA PRO VA 1106 83.79 -6.18 45.11
C PRO VA 1106 83.94 -7.48 44.35
N MET VA 1107 84.82 -7.48 43.37
CA MET VA 1107 85.09 -8.69 42.60
C MET VA 1107 85.80 -9.72 43.48
N LEU VA 1108 85.61 -10.99 43.15
CA LEU VA 1108 86.12 -12.06 43.99
C LEU VA 1108 87.65 -12.06 44.02
N ASP VA 1109 88.28 -12.21 42.87
CA ASP VA 1109 89.73 -12.34 42.83
C ASP VA 1109 90.37 -11.02 43.26
N ALA VA 1110 90.90 -11.00 44.48
CA ALA VA 1110 91.43 -9.77 45.07
C ALA VA 1110 92.51 -9.11 44.23
N ASP VA 1111 93.01 -9.78 43.20
CA ASP VA 1111 93.94 -9.15 42.29
C ASP VA 1111 93.24 -8.50 41.10
N ALA VA 1112 92.08 -9.00 40.71
CA ALA VA 1112 91.39 -8.45 39.55
C ALA VA 1112 90.96 -7.02 39.78
N ASP VA 1113 90.24 -6.77 40.88
CA ASP VA 1113 89.80 -5.40 41.18
C ASP VA 1113 91.00 -4.48 41.37
N ASP VA 1114 92.09 -4.98 41.94
CA ASP VA 1114 93.28 -4.15 42.08
C ASP VA 1114 93.85 -3.77 40.73
N TYR VA 1115 93.87 -4.72 39.80
CA TYR VA 1115 94.30 -4.42 38.44
C TYR VA 1115 93.42 -3.34 37.83
N LEU VA 1116 92.10 -3.46 38.02
CA LEU VA 1116 91.18 -2.46 37.49
C LEU VA 1116 91.47 -1.09 38.08
N ARG VA 1117 91.66 -1.02 39.40
CA ARG VA 1117 91.96 0.26 40.03
C ARG VA 1117 93.23 0.87 39.46
N ARG VA 1118 94.30 0.08 39.40
CA ARG VA 1118 95.58 0.61 38.95
C ARG VA 1118 95.49 1.10 37.51
N THR VA 1119 94.72 0.41 36.67
CA THR VA 1119 94.67 0.82 35.27
C THR VA 1119 93.73 2.00 35.04
N VAL VA 1120 92.65 2.10 35.81
CA VAL VA 1120 91.69 3.18 35.59
C VAL VA 1120 92.23 4.50 36.11
N ASN VA 1121 92.75 4.51 37.34
CA ASN VA 1121 93.22 5.75 37.94
C ASN VA 1121 94.59 6.19 37.45
N ALA VA 1122 95.22 5.44 36.56
CA ALA VA 1122 96.54 5.80 36.07
C ALA VA 1122 96.43 7.02 35.17
N GLY VA 1123 96.76 8.18 35.70
CA GLY VA 1123 96.64 9.41 34.93
C GLY VA 1123 95.20 9.76 34.67
N ASN VA 1124 94.39 9.78 35.72
CA ASN VA 1124 92.99 10.16 35.63
C ASN VA 1124 92.69 11.18 36.71
N ARG VA 1125 92.16 12.33 36.29
CA ARG VA 1125 91.86 13.39 37.24
C ARG VA 1125 90.89 12.90 38.30
N LEU VA 1126 91.04 13.46 39.49
CA LEU VA 1126 90.04 13.41 40.56
C LEU VA 1126 89.65 12.03 41.05
N ALA VA 1127 90.25 10.97 40.52
CA ALA VA 1127 89.63 9.71 40.91
C ALA VA 1127 89.94 9.30 42.35
N PRO VA 1128 91.15 8.83 42.70
CA PRO VA 1128 91.34 8.31 44.06
C PRO VA 1128 92.11 9.21 45.01
N VAL VA 1129 91.67 9.33 46.25
CA VAL VA 1129 92.55 9.64 47.38
C VAL VA 1129 91.99 8.96 48.62
N PRO VA 1130 92.69 8.02 49.20
CA PRO VA 1130 92.20 7.33 50.40
C PRO VA 1130 92.48 8.08 51.70
N VAL VA 1131 92.21 9.39 51.70
CA VAL VA 1131 92.24 10.14 52.95
C VAL VA 1131 91.11 9.64 53.86
N PHE VA 1132 91.35 9.67 55.16
CA PHE VA 1132 90.50 8.93 56.09
C PHE VA 1132 89.03 9.33 55.99
N GLY VA 1133 88.21 8.39 55.53
CA GLY VA 1133 86.76 8.53 55.48
C GLY VA 1133 86.30 9.70 54.64
N GLN VA 1134 87.05 10.05 53.60
CA GLN VA 1134 86.62 11.12 52.71
C GLN VA 1134 86.50 10.70 51.25
N MET VA 1135 87.47 9.97 50.72
CA MET VA 1135 87.50 9.61 49.31
C MET VA 1135 87.34 10.85 48.42
N LEU VA 1136 88.09 11.88 48.75
CA LEU VA 1136 88.00 13.14 48.04
C LEU VA 1136 89.21 13.35 47.16
N PRO VA 1137 89.03 13.80 45.91
CA PRO VA 1137 90.17 13.99 45.03
C PRO VA 1137 91.11 15.08 45.52
N GLN VA 1138 92.38 14.95 45.17
CA GLN VA 1138 93.37 15.93 45.59
C GLN VA 1138 93.21 17.21 44.77
N VAL VA 1139 93.55 18.33 45.39
CA VAL VA 1139 93.25 19.64 44.80
C VAL VA 1139 94.22 19.89 43.65
N PRO VA 1140 93.74 20.27 42.48
CA PRO VA 1140 94.65 20.59 41.38
C PRO VA 1140 95.31 21.93 41.59
N ALA VA 1141 96.34 22.18 40.80
CA ALA VA 1141 97.04 23.45 40.81
C ALA VA 1141 96.79 24.15 39.48
N GLY VA 1142 96.23 25.35 39.53
CA GLY VA 1142 96.06 26.13 38.33
C GLY VA 1142 94.78 25.81 37.58
N LEU VA 1143 94.01 26.84 37.27
CA LEU VA 1143 92.79 26.69 36.48
C LEU VA 1143 92.79 27.73 35.38
N ALA VA 1144 92.54 27.28 34.14
CA ALA VA 1144 92.50 28.20 33.02
C ALA VA 1144 91.10 28.72 32.73
N ARG VA 1145 90.07 27.95 33.05
CA ARG VA 1145 88.69 28.34 32.82
C ARG VA 1145 87.88 27.99 34.06
N GLY VA 1146 86.57 28.07 33.95
CA GLY VA 1146 85.70 27.84 35.10
C GLY VA 1146 85.78 26.46 35.69
N GLN VA 1147 84.97 26.17 36.70
CA GLN VA 1147 84.97 24.84 37.29
C GLN VA 1147 84.60 23.82 36.23
N GLN VA 1148 85.46 22.84 36.03
CA GLN VA 1148 85.26 21.89 34.95
C GLN VA 1148 84.02 21.05 35.21
N SER VA 1149 83.24 20.82 34.16
CA SER VA 1149 82.03 20.05 34.28
C SER VA 1149 82.35 18.57 34.33
N VAL VA 1150 81.31 17.74 34.45
CA VAL VA 1150 81.47 16.31 34.62
C VAL VA 1150 80.65 15.61 33.56
N CYS VA 1151 81.29 14.69 32.83
CA CYS VA 1151 80.62 13.95 31.77
C CYS VA 1151 80.22 12.59 32.28
N GLU VA 1152 78.97 12.21 32.03
CA GLU VA 1152 78.52 10.86 32.32
C GLU VA 1152 78.45 10.04 31.04
N PHE VA 1153 77.91 8.84 31.16
CA PHE VA 1153 77.78 7.95 30.01
C PHE VA 1153 76.58 7.04 30.22
N ILE VA 1154 75.91 6.69 29.13
CA ILE VA 1154 74.76 5.80 29.17
C ILE VA 1154 74.87 4.88 27.95
N ALA VA 1155 74.87 3.58 28.19
CA ALA VA 1155 74.93 2.64 27.08
C ALA VA 1155 73.70 2.80 26.21
N THR VA 1156 73.83 2.39 24.95
CA THR VA 1156 72.75 2.56 23.99
C THR VA 1156 73.00 1.67 22.78
N PRO VA 1157 71.98 0.96 22.30
CA PRO VA 1157 72.17 0.11 21.12
C PRO VA 1157 72.65 0.92 19.93
N VAL VA 1158 73.50 0.29 19.12
CA VAL VA 1158 74.13 0.99 18.01
C VAL VA 1158 73.11 1.42 16.97
N SER VA 1159 72.06 0.64 16.76
CA SER VA 1159 71.10 0.91 15.70
C SER VA 1159 70.15 2.05 16.05
N VAL VA 1160 70.42 2.83 17.10
CA VAL VA 1160 69.50 3.87 17.51
C VAL VA 1160 69.38 4.91 16.41
N ASP VA 1161 68.16 5.42 16.21
CA ASP VA 1161 67.89 6.37 15.15
C ASP VA 1161 68.59 7.70 15.44
N LEU VA 1162 69.41 8.15 14.51
CA LEU VA 1162 70.17 9.37 14.76
C LEU VA 1162 69.28 10.59 14.87
N ALA VA 1163 68.18 10.64 14.10
CA ALA VA 1163 67.30 11.79 14.15
C ALA VA 1163 66.77 12.07 15.54
N TYR VA 1164 66.81 11.09 16.43
CA TYR VA 1164 66.36 11.26 17.80
C TYR VA 1164 67.21 12.25 18.57
N PHE VA 1165 68.38 12.62 18.06
CA PHE VA 1165 69.29 13.49 18.77
C PHE VA 1165 69.42 14.88 18.17
N ARG VA 1166 68.94 15.08 16.94
CA ARG VA 1166 69.01 16.41 16.34
C ARG VA 1166 68.22 17.42 17.16
N ARG VA 1167 66.92 17.19 17.30
CA ARG VA 1167 66.12 18.04 18.15
C ARG VA 1167 66.39 17.72 19.61
N ALA VA 1168 65.77 18.49 20.51
CA ALA VA 1168 65.89 18.21 21.93
C ALA VA 1168 65.28 16.85 22.23
N CYS VA 1169 65.91 16.12 23.15
CA CYS VA 1169 65.49 14.75 23.43
C CYS VA 1169 65.69 14.47 24.91
N ASN VA 1170 65.33 13.26 25.32
CA ASN VA 1170 65.49 12.80 26.67
C ASN VA 1170 66.46 11.64 26.68
N PRO VA 1171 67.47 11.65 27.54
CA PRO VA 1171 68.51 10.61 27.47
C PRO VA 1171 67.99 9.20 27.62
N ARG VA 1172 67.09 8.95 28.57
CA ARG VA 1172 66.65 7.59 28.81
C ARG VA 1172 65.86 7.03 27.63
N GLY VA 1173 65.17 7.88 26.88
CA GLY VA 1173 64.42 7.43 25.73
C GLY VA 1173 62.93 7.58 25.94
N ARG VA 1174 62.44 7.20 27.11
CA ARG VA 1174 61.07 7.52 27.49
C ARG VA 1174 61.04 8.97 27.94
N ALA VA 1175 60.16 9.76 27.35
CA ALA VA 1175 60.20 11.21 27.53
C ALA VA 1175 59.32 11.64 28.69
N ALA VA 1176 59.25 10.82 29.74
CA ALA VA 1176 58.20 10.94 30.75
C ALA VA 1176 58.10 12.31 31.39
N GLY VA 1177 59.10 12.70 32.18
CA GLY VA 1177 58.86 13.91 32.92
C GLY VA 1177 57.59 13.81 33.76
N GLU VA 1178 57.02 14.97 34.06
CA GLU VA 1178 55.72 15.03 34.72
C GLU VA 1178 54.76 16.01 34.09
N VAL VA 1179 55.25 17.03 33.39
CA VAL VA 1179 54.37 18.08 32.86
C VAL VA 1179 53.40 17.51 31.85
N HIS VA 1180 53.80 16.47 31.12
CA HIS VA 1180 52.92 15.81 30.16
C HIS VA 1180 52.94 14.31 30.46
N GLY VA 1181 51.94 13.85 31.21
CA GLY VA 1181 51.86 12.45 31.59
C GLY VA 1181 51.54 12.27 33.05
N GLU VA 1182 50.49 11.51 33.34
CA GLU VA 1182 50.12 11.23 34.72
C GLU VA 1182 51.10 10.24 35.34
N GLU VA 1183 50.84 9.89 36.59
CA GLU VA 1183 51.62 8.84 37.22
C GLU VA 1183 51.35 7.51 36.53
N GLY VA 1184 52.40 6.73 36.33
CA GLY VA 1184 52.28 5.47 35.63
C GLY VA 1184 52.76 5.49 34.20
N LEU VA 1185 53.25 6.64 33.73
CA LEU VA 1185 53.80 6.74 32.38
C LEU VA 1185 55.28 6.46 32.32
N MET VA 1186 56.00 6.71 33.41
CA MET VA 1186 57.45 6.67 33.35
C MET VA 1186 58.00 5.26 33.15
N PHE VA 1187 57.31 4.25 33.67
CA PHE VA 1187 57.89 2.92 33.73
C PHE VA 1187 57.12 1.86 32.95
N ASP VA 1188 55.80 1.99 32.79
CA ASP VA 1188 55.06 1.04 32.00
C ASP VA 1188 55.59 1.01 30.57
N HIS VA 1189 55.29 -0.08 29.87
CA HIS VA 1189 55.67 -0.15 28.46
C HIS VA 1189 54.56 -0.77 27.63
N SER VA 1190 53.32 -0.57 28.05
CA SER VA 1190 52.17 -0.82 27.20
C SER VA 1190 51.71 0.43 26.48
N HIS VA 1191 51.87 1.60 27.10
CA HIS VA 1191 51.56 2.86 26.47
C HIS VA 1191 52.79 3.40 25.76
N ALA VA 1192 52.64 3.78 24.50
CA ALA VA 1192 53.77 4.12 23.68
C ALA VA 1192 54.46 5.38 24.19
N ASP VA 1193 55.61 5.66 23.61
CA ASP VA 1193 56.36 6.88 23.88
C ASP VA 1193 55.47 8.09 23.62
N PRO VA 1194 55.28 8.95 24.60
CA PRO VA 1194 54.45 10.15 24.36
C PRO VA 1194 55.21 11.22 23.60
N ALA VA 1195 56.31 10.89 22.97
CA ALA VA 1195 57.03 11.85 22.14
C ALA VA 1195 57.21 11.40 20.70
N HIS VA 1196 57.55 10.13 20.48
CA HIS VA 1196 57.62 9.54 19.14
C HIS VA 1196 56.75 8.30 19.16
N PRO VA 1197 55.44 8.47 19.11
CA PRO VA 1197 54.53 7.36 19.41
C PRO VA 1197 54.61 6.19 18.44
N HIS VA 1198 55.47 6.27 17.42
CA HIS VA 1198 55.70 5.10 16.59
C HIS VA 1198 56.09 3.91 17.44
N ARG VA 1199 57.17 4.04 18.21
CA ARG VA 1199 57.69 2.99 19.05
C ARG VA 1199 57.26 3.22 20.49
N ALA VA 1200 57.78 2.39 21.40
CA ALA VA 1200 57.47 2.48 22.82
C ALA VA 1200 58.58 3.10 23.63
N THR VA 1201 59.82 2.73 23.36
CA THR VA 1201 60.97 3.35 23.99
C THR VA 1201 62.12 3.30 23.01
N ALA VA 1202 63.00 4.30 23.09
CA ALA VA 1202 64.10 4.42 22.14
C ALA VA 1202 65.39 3.78 22.64
N ASN VA 1203 65.38 3.21 23.84
CA ASN VA 1203 66.56 2.58 24.41
C ASN VA 1203 66.13 1.52 25.41
N PRO VA 1204 66.13 0.24 25.04
CA PRO VA 1204 65.66 -0.78 25.98
C PRO VA 1204 66.54 -0.96 27.19
N TRP VA 1205 67.73 -0.34 27.22
CA TRP VA 1205 68.66 -0.54 28.32
C TRP VA 1205 68.67 0.61 29.30
N ALA VA 1206 67.76 1.57 29.16
CA ALA VA 1206 67.74 2.68 30.11
C ALA VA 1206 66.33 3.13 30.48
N SER VA 1207 65.32 2.32 30.25
CA SER VA 1207 63.95 2.74 30.51
C SER VA 1207 63.20 1.84 31.48
N GLN VA 1208 63.34 0.52 31.36
CA GLN VA 1208 62.62 -0.37 32.25
C GLN VA 1208 63.07 -0.15 33.69
N ARG VA 1209 62.20 -0.51 34.61
CA ARG VA 1209 62.59 -0.48 36.02
C ARG VA 1209 63.65 -1.53 36.28
N HIS VA 1210 64.64 -1.17 37.09
CA HIS VA 1210 65.79 -2.02 37.39
C HIS VA 1210 66.63 -2.31 36.16
N SER VA 1211 66.53 -1.48 35.12
CA SER VA 1211 67.42 -1.64 33.98
C SER VA 1211 68.85 -1.35 34.38
N TYR VA 1212 69.77 -1.56 33.44
CA TYR VA 1212 71.18 -1.32 33.73
C TYR VA 1212 71.41 0.14 34.07
N ALA VA 1213 71.17 1.03 33.11
CA ALA VA 1213 71.42 2.44 33.32
C ALA VA 1213 70.62 3.00 34.48
N ASP VA 1214 69.56 2.30 34.92
CA ASP VA 1214 68.76 2.82 36.00
C ASP VA 1214 69.40 2.55 37.35
N ARG VA 1215 70.04 1.40 37.52
CA ARG VA 1215 70.65 1.10 38.81
C ARG VA 1215 71.85 1.97 39.12
N LEU VA 1216 72.28 2.81 38.18
CA LEU VA 1216 73.43 3.68 38.42
C LEU VA 1216 73.05 5.08 38.81
N TYR VA 1217 71.97 5.62 38.26
CA TYR VA 1217 71.62 7.02 38.50
C TYR VA 1217 70.19 7.15 38.96
N ASN VA 1218 69.75 6.28 39.85
CA ASN VA 1218 68.45 6.46 40.46
C ASN VA 1218 68.62 7.00 41.86
N GLY VA 1219 67.58 7.67 42.35
CA GLY VA 1219 67.69 8.36 43.63
C GLY VA 1219 67.58 7.46 44.82
N GLN VA 1220 66.72 6.44 44.76
CA GLN VA 1220 66.47 5.58 45.90
C GLN VA 1220 67.24 4.27 45.83
N TYR VA 1221 68.33 4.21 45.06
CA TYR VA 1221 69.06 2.97 44.91
C TYR VA 1221 70.45 3.00 45.54
N ASN VA 1222 70.91 4.16 46.01
CA ASN VA 1222 72.09 4.25 46.87
C ASN VA 1222 73.35 3.72 46.18
N MET VA 1223 73.77 4.44 45.15
CA MET VA 1223 75.13 4.32 44.62
C MET VA 1223 75.73 5.71 44.43
N SER VA 1224 75.62 6.54 45.45
CA SER VA 1224 76.02 7.94 45.36
C SER VA 1224 77.45 8.13 45.83
N GLY VA 1225 78.22 8.89 45.04
CA GLY VA 1225 79.56 9.27 45.41
C GLY VA 1225 79.65 10.76 45.71
N PRO VA 1226 80.86 11.30 45.72
CA PRO VA 1226 81.02 12.73 45.97
C PRO VA 1226 80.76 13.58 44.74
N ALA VA 1227 81.11 13.06 43.57
CA ALA VA 1227 80.98 13.83 42.34
C ALA VA 1227 79.52 14.12 42.02
N TYR VA 1228 79.29 15.25 41.37
CA TYR VA 1228 77.95 15.59 40.91
C TYR VA 1228 77.60 14.76 39.69
N SER VA 1229 76.35 14.33 39.62
CA SER VA 1229 75.89 13.51 38.50
C SER VA 1229 74.84 14.26 37.71
N PRO VA 1230 75.18 14.79 36.53
CA PRO VA 1230 74.20 15.51 35.73
C PRO VA 1230 72.86 14.82 35.57
N CYS VA 1231 72.84 13.54 35.21
CA CYS VA 1231 71.57 12.91 34.89
C CYS VA 1231 70.80 12.44 36.11
N PHE VA 1232 71.22 12.83 37.31
CA PHE VA 1232 70.48 12.44 38.50
C PHE VA 1232 69.03 12.89 38.42
N LYS VA 1233 68.76 14.00 37.73
CA LYS VA 1233 67.42 14.55 37.64
C LYS VA 1233 66.64 14.02 36.46
N PHE VA 1234 67.10 12.94 35.84
CA PHE VA 1234 66.35 12.27 34.78
C PHE VA 1234 65.83 10.91 35.19
N PHE VA 1235 66.65 10.11 35.89
CA PHE VA 1235 66.26 8.79 36.31
C PHE VA 1235 65.73 8.74 37.74
N THR VA 1236 65.21 9.85 38.25
CA THR VA 1236 64.73 9.91 39.62
C THR VA 1236 63.25 10.29 39.63
N PRO VA 1237 62.36 9.32 39.76
CA PRO VA 1237 60.93 9.63 39.71
C PRO VA 1237 60.38 10.16 41.03
N ALA VA 1238 61.28 10.60 41.92
CA ALA VA 1238 60.89 10.99 43.27
C ALA VA 1238 59.76 12.01 43.30
N GLU VA 1239 59.46 12.66 42.17
CA GLU VA 1239 58.33 13.57 42.10
C GLU VA 1239 56.99 12.85 42.19
N ALA VA 1240 56.99 11.52 42.28
CA ALA VA 1240 55.73 10.80 42.43
C ALA VA 1240 55.00 11.24 43.70
N VAL VA 1241 55.72 11.24 44.83
CA VAL VA 1241 55.16 11.81 46.05
C VAL VA 1241 55.06 13.32 45.96
N ALA VA 1242 55.86 13.94 45.09
CA ALA VA 1242 55.75 15.37 44.85
C ALA VA 1242 54.75 15.67 43.75
N LYS VA 1243 53.52 15.19 43.94
CA LYS VA 1243 52.49 15.38 42.93
C LYS VA 1243 52.15 16.86 42.80
N SER VA 1244 51.36 17.17 41.77
CA SER VA 1244 51.03 18.54 41.42
C SER VA 1244 49.54 18.77 41.53
N ARG VA 1245 49.17 19.93 42.10
CA ARG VA 1245 47.79 20.41 42.06
C ARG VA 1245 47.65 21.61 41.13
N GLY VA 1246 48.68 21.92 40.35
CA GLY VA 1246 48.60 22.98 39.38
C GLY VA 1246 49.87 23.01 38.56
N LEU VA 1247 49.76 23.65 37.39
CA LEU VA 1247 50.93 23.89 36.57
C LEU VA 1247 51.70 25.11 37.02
N ALA VA 1248 51.00 26.06 37.64
CA ALA VA 1248 51.67 27.25 38.17
C ALA VA 1248 52.73 26.88 39.19
N ARG VA 1249 52.56 25.75 39.86
CA ARG VA 1249 53.58 25.30 40.80
C ARG VA 1249 54.90 25.08 40.08
N LEU VA 1250 54.88 24.25 39.02
CA LEU VA 1250 56.11 24.02 38.26
C LEU VA 1250 56.62 25.29 37.63
N ILE VA 1251 55.72 26.15 37.14
CA ILE VA 1251 56.16 27.40 36.53
C ILE VA 1251 56.98 28.21 37.53
N ALA VA 1252 56.43 28.45 38.71
CA ALA VA 1252 57.11 29.28 39.70
C ALA VA 1252 58.32 28.58 40.29
N ASP VA 1253 58.32 27.25 40.33
CA ASP VA 1253 59.44 26.53 40.92
C ASP VA 1253 60.70 26.70 40.10
N THR VA 1254 60.61 26.54 38.79
CA THR VA 1254 61.71 26.90 37.92
C THR VA 1254 61.93 28.40 37.97
N GLY VA 1255 63.16 28.82 38.21
CA GLY VA 1255 63.48 30.20 38.51
C GLY VA 1255 63.76 30.45 39.98
N ALA VA 1256 63.35 29.54 40.85
CA ALA VA 1256 63.65 29.57 42.27
C ALA VA 1256 64.12 28.20 42.73
N ALA VA 1257 65.01 27.58 41.95
CA ALA VA 1257 65.47 26.24 42.23
C ALA VA 1257 66.77 26.30 43.03
N ALA VA 1258 66.81 25.58 44.15
CA ALA VA 1258 68.01 25.53 44.96
C ALA VA 1258 69.10 24.79 44.22
N SER VA 1259 70.28 25.39 44.16
CA SER VA 1259 71.36 24.83 43.35
C SER VA 1259 71.82 23.49 43.91
N PRO VA 1260 72.00 22.48 43.06
CA PRO VA 1260 72.55 21.22 43.52
C PRO VA 1260 74.07 21.15 43.43
N THR VA 1261 74.70 22.06 42.70
CA THR VA 1261 76.12 21.98 42.44
C THR VA 1261 76.91 22.74 43.51
N SER VA 1262 78.17 22.35 43.66
CA SER VA 1262 79.07 23.00 44.61
C SER VA 1262 79.57 24.30 44.00
N ASN VA 1263 80.61 24.88 44.61
CA ASN VA 1263 81.16 26.15 44.17
C ASN VA 1263 82.67 26.11 44.00
N GLY VA 1264 83.29 24.95 44.09
CA GLY VA 1264 84.73 24.83 44.08
C GLY VA 1264 85.31 24.63 42.71
N GLU VA 1265 86.54 24.10 42.68
CA GLU VA 1265 87.27 23.89 41.44
C GLU VA 1265 86.81 22.65 40.69
N TYR VA 1266 85.87 21.89 41.24
CA TYR VA 1266 85.22 20.82 40.50
C TYR VA 1266 83.72 20.96 40.65
N GLN VA 1267 82.97 19.96 40.22
CA GLN VA 1267 81.52 19.99 40.30
C GLN VA 1267 81.12 18.92 41.31
N PHE VA 1268 81.05 19.31 42.58
CA PHE VA 1268 80.78 18.37 43.65
C PHE VA 1268 79.32 18.45 44.09
N LYS VA 1269 78.91 17.44 44.84
CA LYS VA 1269 77.57 17.42 45.41
C LYS VA 1269 77.50 18.48 46.49
N ARG VA 1270 76.71 19.52 46.26
CA ARG VA 1270 76.67 20.64 47.20
C ARG VA 1270 76.02 20.20 48.50
N PRO VA 1271 76.62 20.51 49.64
CA PRO VA 1271 75.93 20.30 50.92
C PRO VA 1271 74.69 21.18 50.98
N VAL VA 1272 73.57 20.58 51.41
CA VAL VA 1272 72.28 21.25 51.33
C VAL VA 1272 72.13 22.39 52.33
N GLY VA 1273 73.16 22.65 53.15
CA GLY VA 1273 73.04 23.70 54.13
C GLY VA 1273 73.25 25.09 53.58
N ALA VA 1274 73.77 25.22 52.37
CA ALA VA 1274 74.13 26.53 51.84
C ALA VA 1274 72.93 27.26 51.23
N GLY VA 1275 72.32 26.66 50.21
CA GLY VA 1275 71.23 27.32 49.51
C GLY VA 1275 71.70 28.31 48.46
N GLU VA 1276 71.09 28.26 47.28
CA GLU VA 1276 71.50 29.12 46.17
C GLU VA 1276 70.33 29.26 45.21
N LEU VA 1277 70.44 30.24 44.31
CA LEU VA 1277 69.39 30.54 43.36
C LEU VA 1277 69.89 30.23 41.95
N VAL VA 1278 69.18 29.33 41.26
CA VAL VA 1278 69.54 28.89 39.92
C VAL VA 1278 68.25 28.67 39.15
N GLU VA 1279 68.27 28.98 37.86
CA GLU VA 1279 67.13 28.78 36.97
C GLU VA 1279 67.47 27.68 35.98
N ASP VA 1280 66.69 26.60 35.99
CA ASP VA 1280 66.88 25.50 35.05
C ASP VA 1280 65.61 25.23 34.24
N PRO VA 1281 65.62 25.48 32.94
CA PRO VA 1281 64.44 25.12 32.13
C PRO VA 1281 64.30 23.63 31.95
N CYS VA 1282 65.36 22.86 32.19
CA CYS VA 1282 65.32 21.43 31.91
C CYS VA 1282 64.45 20.69 32.91
N ALA VA 1283 64.67 20.92 34.20
CA ALA VA 1283 63.94 20.18 35.23
C ALA VA 1283 62.44 20.26 35.02
N LEU VA 1284 61.95 21.34 34.42
CA LEU VA 1284 60.54 21.44 34.10
C LEU VA 1284 60.18 20.53 32.94
N PHE VA 1285 61.05 20.43 31.93
CA PHE VA 1285 60.78 19.61 30.77
C PHE VA 1285 61.43 18.24 30.83
N GLN VA 1286 62.45 18.07 31.66
CA GLN VA 1286 63.22 16.84 31.71
C GLN VA 1286 63.67 16.44 30.30
N GLU VA 1287 64.32 17.38 29.64
CA GLU VA 1287 64.83 17.19 28.29
C GLU VA 1287 66.26 17.73 28.27
N ALA VA 1288 66.89 17.68 27.11
CA ALA VA 1288 68.25 18.16 26.97
C ALA VA 1288 68.47 18.70 25.57
N TYR VA 1289 69.38 19.64 25.46
CA TYR VA 1289 69.65 20.23 24.16
C TYR VA 1289 71.01 19.78 23.65
N PRO VA 1290 71.16 19.52 22.36
CA PRO VA 1290 72.44 19.12 21.83
C PRO VA 1290 73.25 20.32 21.38
N PRO VA 1291 74.54 20.34 21.65
CA PRO VA 1291 75.36 21.46 21.22
C PRO VA 1291 75.92 21.22 19.84
N LEU VA 1292 76.74 22.14 19.33
CA LEU VA 1292 77.34 21.96 18.02
C LEU VA 1292 78.44 20.91 18.10
N CYS VA 1293 78.08 19.65 17.90
CA CYS VA 1293 79.03 18.55 17.97
C CYS VA 1293 79.13 17.90 16.61
N ALA VA 1294 80.27 17.26 16.38
CA ALA VA 1294 80.52 16.61 15.10
C ALA VA 1294 81.36 15.36 15.33
N SER VA 1295 81.29 14.44 14.37
CA SER VA 1295 81.92 13.14 14.50
C SER VA 1295 83.28 13.07 13.82
N ASP VA 1296 83.76 14.17 13.26
CA ASP VA 1296 85.06 14.17 12.60
C ASP VA 1296 85.54 15.60 12.46
N SER VA 1297 86.71 15.90 13.02
CA SER VA 1297 87.18 17.27 13.11
C SER VA 1297 87.13 18.00 11.78
N ALA VA 1298 87.29 17.29 10.67
CA ALA VA 1298 87.25 17.94 9.37
C ALA VA 1298 85.89 18.57 9.09
N LEU VA 1299 84.82 17.96 9.60
CA LEU VA 1299 83.50 18.54 9.41
C LEU VA 1299 83.39 19.87 10.14
N LEU VA 1300 83.79 19.90 11.40
CA LEU VA 1300 83.80 21.13 12.20
C LEU VA 1300 84.91 22.01 11.67
N ARG VA 1301 84.54 22.96 10.81
CA ARG VA 1301 85.54 23.69 10.04
C ARG VA 1301 84.92 25.00 9.61
N THR VA 1302 85.76 25.90 9.11
CA THR VA 1302 85.26 27.20 8.68
C THR VA 1302 84.18 27.11 7.60
N PRO VA 1303 84.28 26.24 6.58
CA PRO VA 1303 83.11 26.02 5.74
C PRO VA 1303 82.03 25.30 6.52
N LEU VA 1304 80.78 25.64 6.25
CA LEU VA 1304 79.68 25.05 7.01
C LEU VA 1304 79.59 23.55 6.74
N GLY VA 1305 79.64 23.16 5.47
CA GLY VA 1305 79.59 21.77 5.10
C GLY VA 1305 78.20 21.18 5.15
N ALA VA 1306 77.96 20.16 4.35
CA ALA VA 1306 76.68 19.48 4.40
C ALA VA 1306 76.53 18.74 5.72
N GLU VA 1307 75.30 18.34 6.03
CA GLU VA 1307 75.03 17.79 7.35
C GLU VA 1307 75.60 16.39 7.49
N GLU VA 1308 75.56 15.58 6.44
CA GLU VA 1308 76.16 14.27 6.43
C GLU VA 1308 77.12 14.12 5.26
N HIS VA 1309 78.19 13.38 5.47
CA HIS VA 1309 79.13 13.07 4.41
C HIS VA 1309 79.26 11.58 4.15
N PHE VA 1310 79.49 10.79 5.17
CA PHE VA 1310 79.64 9.34 5.07
C PHE VA 1310 79.19 8.78 6.41
N ALA VA 1311 79.71 7.62 6.81
CA ALA VA 1311 79.48 7.14 8.17
C ALA VA 1311 79.63 8.26 9.21
N GLN VA 1312 80.43 9.28 8.92
CA GLN VA 1312 80.56 10.43 9.80
C GLN VA 1312 79.27 11.26 9.80
N TYR VA 1313 79.13 12.10 10.83
CA TYR VA 1313 77.95 12.92 10.95
C TYR VA 1313 78.28 14.23 11.64
N LEU VA 1314 77.37 15.20 11.49
CA LEU VA 1314 77.47 16.51 12.11
C LEU VA 1314 76.11 16.92 12.62
N ILE VA 1315 76.08 17.59 13.77
CA ILE VA 1315 74.84 17.92 14.45
C ILE VA 1315 74.79 19.42 14.67
N ARG VA 1316 73.79 20.08 14.11
CA ARG VA 1316 73.62 21.50 14.34
C ARG VA 1316 73.32 21.76 15.82
N ASP VA 1317 73.31 23.03 16.19
CA ASP VA 1317 73.09 23.42 17.57
C ASP VA 1317 71.66 23.92 17.73
N GLU VA 1318 70.84 23.15 18.44
CA GLU VA 1318 69.46 23.53 18.76
C GLU VA 1318 69.40 23.68 20.27
N SER VA 1319 69.75 24.87 20.75
CA SER VA 1319 69.88 25.13 22.17
C SER VA 1319 69.58 26.60 22.40
N PRO VA 1320 69.17 26.98 23.61
CA PRO VA 1320 68.89 28.40 23.87
C PRO VA 1320 70.06 29.32 23.60
N LEU VA 1321 71.21 28.74 23.25
CA LEU VA 1321 72.41 29.52 23.01
C LEU VA 1321 72.83 29.43 21.55
N LYS VA 1322 71.87 29.55 20.64
CA LYS VA 1322 72.22 29.62 19.22
C LYS VA 1322 73.08 30.82 18.89
N GLY VA 1323 73.16 31.81 19.77
CA GLY VA 1323 74.01 32.97 19.53
C GLY VA 1323 74.90 33.31 20.72
N MET WA 1 -109.83 60.07 -60.62
CA MET WA 1 -110.87 59.43 -61.43
C MET WA 1 -111.35 58.15 -60.76
N GLU WA 2 -112.35 58.30 -59.88
CA GLU WA 2 -113.00 57.17 -59.24
C GLU WA 2 -114.49 57.26 -59.48
N VAL WA 3 -115.15 56.12 -59.61
CA VAL WA 3 -116.57 56.07 -59.87
C VAL WA 3 -117.23 55.11 -58.89
N ASP WA 4 -118.45 55.44 -58.48
CA ASP WA 4 -119.26 54.58 -57.64
C ASP WA 4 -120.41 54.01 -58.45
N ILE WA 5 -121.02 52.95 -57.90
CA ILE WA 5 -122.16 52.30 -58.51
C ILE WA 5 -123.29 52.30 -57.50
N ALA WA 6 -124.49 52.68 -57.95
CA ALA WA 6 -125.65 52.69 -57.07
C ALA WA 6 -126.13 51.27 -56.82
N LEU WA 7 -126.28 50.91 -55.55
CA LEU WA 7 -126.74 49.58 -55.17
C LEU WA 7 -128.20 49.65 -54.77
N PRO WA 8 -129.08 48.86 -55.38
CA PRO WA 8 -130.46 48.79 -54.91
C PRO WA 8 -130.56 48.06 -53.58
N THR WA 9 -131.75 48.05 -52.99
CA THR WA 9 -132.00 47.43 -51.69
C THR WA 9 -132.04 45.91 -51.86
N LEU WA 10 -130.91 45.24 -51.59
CA LEU WA 10 -130.91 43.81 -51.88
C LEU WA 10 -131.50 42.99 -50.75
N SER WA 11 -130.78 42.86 -49.62
CA SER WA 11 -131.22 42.09 -48.44
C SER WA 11 -130.15 42.13 -47.35
N PRO WA 12 -130.44 41.69 -46.14
CA PRO WA 12 -129.36 41.29 -45.26
C PRO WA 12 -128.72 39.98 -45.76
N GLY WA 13 -127.47 39.77 -45.37
CA GLY WA 13 -126.76 38.58 -45.78
C GLY WA 13 -126.21 38.61 -47.19
N ASP WA 14 -127.08 38.83 -48.18
CA ASP WA 14 -126.61 38.88 -49.57
C ASP WA 14 -125.64 40.04 -49.79
N LEU WA 15 -125.94 41.19 -49.20
CA LEU WA 15 -124.98 42.30 -49.19
C LEU WA 15 -123.62 41.83 -48.69
N SER WA 16 -123.60 40.90 -47.75
CA SER WA 16 -122.32 40.39 -47.26
C SER WA 16 -121.64 39.51 -48.30
N ALA WA 17 -122.41 38.68 -49.01
CA ALA WA 17 -121.84 37.92 -50.11
C ALA WA 17 -121.21 38.86 -51.13
N LEU WA 18 -121.82 40.01 -51.36
CA LEU WA 18 -121.25 40.96 -52.30
C LEU WA 18 -119.98 41.60 -51.74
N GLN WA 19 -120.01 42.04 -50.48
CA GLN WA 19 -118.83 42.69 -49.91
C GLN WA 19 -117.64 41.75 -49.90
N ARG WA 20 -117.92 40.43 -49.83
CA ARG WA 20 -116.84 39.47 -49.98
C ARG WA 20 -116.30 39.39 -51.41
N CYS WA 21 -116.93 40.10 -52.36
CA CYS WA 21 -116.35 40.29 -53.69
C CYS WA 21 -115.90 41.75 -53.79
N GLU WA 22 -114.68 42.01 -53.33
CA GLU WA 22 -114.20 43.39 -53.18
C GLU WA 22 -112.96 43.68 -54.01
N GLY WA 23 -112.58 42.79 -54.92
CA GLY WA 23 -111.38 43.03 -55.70
C GLY WA 23 -111.52 42.68 -57.16
N ARG WA 24 -112.66 42.12 -57.54
CA ARG WA 24 -112.86 41.65 -58.90
C ARG WA 24 -113.28 42.80 -59.81
N VAL WA 25 -113.02 42.62 -61.09
CA VAL WA 25 -113.24 43.66 -62.09
C VAL WA 25 -114.67 43.60 -62.58
N VAL WA 26 -115.18 44.76 -63.00
CA VAL WA 26 -116.47 44.86 -63.69
C VAL WA 26 -116.32 45.92 -64.78
N PHE WA 27 -117.02 45.71 -65.89
CA PHE WA 27 -116.84 46.54 -67.07
C PHE WA 27 -117.92 47.60 -67.13
N LEU WA 28 -117.53 48.87 -66.93
CA LEU WA 28 -118.43 49.98 -67.11
C LEU WA 28 -118.72 50.17 -68.59
N GLU WA 29 -119.53 51.19 -68.91
CA GLU WA 29 -119.83 51.52 -70.29
C GLU WA 29 -119.26 52.88 -70.68
N THR WA 30 -119.62 53.92 -69.96
CA THR WA 30 -119.14 55.27 -70.23
C THR WA 30 -118.65 55.88 -68.93
N LEU WA 31 -117.50 56.55 -68.98
CA LEU WA 31 -116.84 57.04 -67.78
C LEU WA 31 -117.63 58.23 -67.24
N ARG WA 32 -118.68 57.91 -66.50
CA ARG WA 32 -119.52 58.90 -65.85
C ARG WA 32 -119.56 58.62 -64.35
N ARG WA 33 -119.58 59.69 -63.58
CA ARG WA 33 -119.47 59.57 -62.13
C ARG WA 33 -120.69 58.92 -61.47
N HIS WA 34 -121.68 58.47 -62.22
CA HIS WA 34 -122.85 57.83 -61.62
C HIS WA 34 -123.39 56.77 -62.57
N ALA WA 35 -123.23 55.50 -62.19
CA ALA WA 35 -123.79 54.38 -62.93
C ALA WA 35 -124.44 53.43 -61.94
N THR WA 36 -125.40 52.66 -62.44
CA THR WA 36 -126.23 51.81 -61.59
C THR WA 36 -125.85 50.35 -61.75
N LEU WA 37 -126.29 49.53 -60.78
CA LEU WA 37 -125.96 48.12 -60.82
C LEU WA 37 -126.59 47.45 -62.04
N ARG WA 38 -127.83 47.81 -62.36
CA ARG WA 38 -128.51 47.21 -63.51
C ARG WA 38 -127.70 47.37 -64.79
N GLU WA 39 -126.85 48.37 -64.85
CA GLU WA 39 -126.05 48.61 -66.05
C GLU WA 39 -124.92 47.58 -66.17
N VAL WA 40 -124.14 47.39 -65.11
CA VAL WA 40 -122.96 46.54 -65.16
C VAL WA 40 -123.40 45.12 -64.79
N ALA WA 41 -123.96 44.42 -65.77
CA ALA WA 41 -124.45 43.07 -65.53
C ALA WA 41 -124.75 42.42 -66.87
N LEU WA 42 -124.42 41.13 -66.96
CA LEU WA 42 -124.59 40.34 -68.17
C LEU WA 42 -125.27 39.03 -67.79
N PRO WA 43 -125.97 38.39 -68.73
CA PRO WA 43 -126.48 37.05 -68.44
C PRO WA 43 -125.31 36.14 -68.06
N CYS WA 44 -125.47 35.35 -66.98
CA CYS WA 44 -124.29 34.72 -66.40
C CYS WA 44 -123.94 33.42 -67.15
N GLY WA 45 -124.83 32.97 -68.02
CA GLY WA 45 -124.48 31.93 -68.98
C GLY WA 45 -124.66 32.47 -70.39
N GLY WA 46 -123.57 32.69 -71.11
CA GLY WA 46 -123.65 33.31 -72.41
C GLY WA 46 -122.52 32.91 -73.34
N ASP WA 47 -122.62 33.38 -74.57
CA ASP WA 47 -121.62 33.09 -75.59
C ASP WA 47 -120.30 33.75 -75.24
N VAL WA 48 -119.26 32.94 -75.03
CA VAL WA 48 -117.97 33.48 -74.59
C VAL WA 48 -117.37 34.38 -75.65
N LEU WA 49 -117.62 34.11 -76.93
CA LEU WA 49 -117.08 34.98 -77.97
C LEU WA 49 -117.74 36.37 -77.93
N ALA WA 50 -119.06 36.41 -77.78
CA ALA WA 50 -119.74 37.69 -77.65
C ALA WA 50 -119.26 38.43 -76.40
N ALA WA 51 -119.04 37.70 -75.31
CA ALA WA 51 -118.51 38.34 -74.10
C ALA WA 51 -117.13 38.91 -74.35
N MET WA 52 -116.30 38.19 -75.10
CA MET WA 52 -114.97 38.70 -75.41
C MET WA 52 -115.06 39.95 -76.28
N ALA WA 53 -116.01 39.97 -77.21
CA ALA WA 53 -116.20 41.17 -78.03
C ALA WA 53 -116.64 42.35 -77.18
N ALA WA 54 -117.51 42.09 -76.21
CA ALA WA 54 -117.96 43.16 -75.32
C ALA WA 54 -116.83 43.66 -74.44
N TYR WA 55 -115.93 42.77 -74.02
CA TYR WA 55 -114.82 43.14 -73.15
C TYR WA 55 -113.89 44.14 -73.77
N ARG WA 56 -114.06 44.50 -75.03
CA ARG WA 56 -113.24 45.52 -75.67
C ARG WA 56 -113.98 46.81 -75.91
N ARG WA 57 -115.29 46.77 -76.07
CA ARG WA 57 -116.11 47.96 -76.26
C ARG WA 57 -116.37 48.69 -74.98
N ARG WA 58 -115.72 48.28 -73.89
CA ARG WA 58 -115.97 48.84 -72.57
C ARG WA 58 -114.65 49.17 -71.90
N PHE WA 59 -114.76 49.80 -70.74
CA PHE WA 59 -113.60 50.12 -69.92
C PHE WA 59 -113.60 49.23 -68.68
N ALA WA 60 -112.45 48.64 -68.39
CA ALA WA 60 -112.32 47.87 -67.17
C ALA WA 60 -112.42 48.78 -65.95
N ALA WA 61 -112.74 48.18 -64.81
CA ALA WA 61 -112.85 48.92 -63.56
C ALA WA 61 -112.86 47.92 -62.41
N VAL WA 62 -112.03 48.17 -61.40
CA VAL WA 62 -111.85 47.26 -60.28
C VAL WA 62 -112.62 47.82 -59.09
N ILE WA 63 -113.31 46.95 -58.37
CA ILE WA 63 -114.19 47.37 -57.28
C ILE WA 63 -113.37 47.64 -56.03
N THR WA 64 -113.45 48.87 -55.54
CA THR WA 64 -112.89 49.23 -54.24
C THR WA 64 -113.98 49.05 -53.18
N ARG WA 65 -113.77 49.61 -51.99
CA ARG WA 65 -114.66 49.38 -50.83
C ARG WA 65 -116.13 49.39 -51.22
N VAL WA 66 -116.86 48.39 -50.75
CA VAL WA 66 -118.30 48.29 -50.94
C VAL WA 66 -118.98 48.61 -49.62
N THR WA 67 -120.11 49.31 -49.71
CA THR WA 67 -120.88 49.70 -48.56
C THR WA 67 -122.35 49.60 -48.92
N PRO WA 68 -123.25 49.41 -47.92
CA PRO WA 68 -124.67 49.25 -48.22
C PRO WA 68 -125.24 50.28 -49.19
N HIS WA 69 -124.65 51.47 -49.24
CA HIS WA 69 -125.14 52.50 -50.15
C HIS WA 69 -124.63 52.30 -51.57
N ARG WA 70 -123.31 52.40 -51.77
CA ARG WA 70 -122.74 52.32 -53.10
C ARG WA 70 -121.46 51.49 -53.04
N MET WA 71 -120.80 51.36 -54.18
CA MET WA 71 -119.49 50.72 -54.24
C MET WA 71 -118.64 51.44 -55.26
N LEU WA 72 -117.50 51.97 -54.81
CA LEU WA 72 -116.64 52.72 -55.69
C LEU WA 72 -115.90 51.76 -56.64
N ALA WA 73 -115.30 52.35 -57.68
CA ALA WA 73 -114.58 51.57 -58.67
C ALA WA 73 -113.54 52.45 -59.34
N THR WA 74 -112.38 51.88 -59.62
CA THR WA 74 -111.31 52.60 -60.28
C THR WA 74 -111.11 52.03 -61.68
N PRO WA 75 -111.19 52.84 -62.73
CA PRO WA 75 -110.94 52.33 -64.08
C PRO WA 75 -109.46 52.04 -64.28
N LEU WA 76 -109.18 51.22 -65.29
CA LEU WA 76 -107.82 50.76 -65.53
C LEU WA 76 -107.13 51.54 -66.65
N GLY WA 77 -107.70 51.54 -67.85
CA GLY WA 77 -107.07 52.14 -69.01
C GLY WA 77 -106.68 53.58 -68.82
N VAL WA 78 -107.67 54.46 -68.69
CA VAL WA 78 -107.39 55.85 -68.40
C VAL WA 78 -106.75 55.97 -67.02
N GLY WA 79 -105.94 57.00 -66.85
CA GLY WA 79 -105.32 57.29 -65.57
C GLY WA 79 -103.91 57.79 -65.74
N GLY WA 80 -103.34 58.24 -64.63
CA GLY WA 80 -102.00 58.78 -64.64
C GLY WA 80 -101.19 58.22 -63.48
N ARG WA 81 -99.87 58.21 -63.67
CA ARG WA 81 -98.88 57.76 -62.71
C ARG WA 81 -99.01 56.29 -62.34
N GLY WA 82 -99.94 55.56 -62.97
CA GLY WA 82 -100.12 54.15 -62.69
C GLY WA 82 -100.29 53.83 -61.22
N GLN WA 83 -101.28 54.45 -60.58
CA GLN WA 83 -101.52 54.19 -59.17
C GLN WA 83 -101.86 52.73 -58.95
N SER WA 84 -101.34 52.16 -57.88
CA SER WA 84 -101.56 50.76 -57.59
C SER WA 84 -102.96 50.54 -57.05
N LEU WA 85 -103.34 49.27 -56.93
CA LEU WA 85 -104.66 48.90 -56.43
C LEU WA 85 -104.67 47.41 -56.15
N VAL WA 86 -105.35 47.03 -55.07
CA VAL WA 86 -105.46 45.62 -54.75
C VAL WA 86 -106.38 44.95 -55.77
N LEU WA 87 -106.06 43.70 -56.11
CA LEU WA 87 -106.83 42.96 -57.11
C LEU WA 87 -106.95 41.52 -56.64
N GLN WA 88 -108.19 41.05 -56.52
CA GLN WA 88 -108.43 39.68 -56.09
C GLN WA 88 -108.25 38.72 -57.26
N ASN WA 89 -107.39 37.71 -57.06
CA ASN WA 89 -107.17 36.71 -58.10
C ASN WA 89 -108.31 35.70 -58.12
N THR WA 90 -108.83 35.46 -59.31
CA THR WA 90 -109.92 34.52 -59.49
C THR WA 90 -109.60 33.46 -60.54
N GLY WA 91 -108.32 33.31 -60.89
CA GLY WA 91 -107.92 32.31 -61.84
C GLY WA 91 -107.91 30.92 -61.23
N PRO WA 92 -107.97 29.90 -62.07
CA PRO WA 92 -107.93 28.52 -61.56
C PRO WA 92 -106.63 28.21 -60.83
N PHE WA 93 -105.50 28.39 -61.51
CA PHE WA 93 -104.18 28.17 -60.94
C PHE WA 93 -103.58 29.53 -60.58
N ASP WA 94 -102.76 29.53 -59.53
CA ASP WA 94 -102.24 30.77 -58.97
C ASP WA 94 -101.24 31.44 -59.92
N LEU WA 95 -100.78 32.62 -59.51
CA LEU WA 95 -99.77 33.36 -60.26
C LEU WA 95 -98.75 33.92 -59.27
N THR WA 96 -97.53 34.07 -59.75
CA THR WA 96 -96.42 34.47 -58.90
C THR WA 96 -96.10 35.96 -59.09
N ASN WA 97 -95.06 36.42 -58.42
CA ASN WA 97 -94.65 37.81 -58.53
C ASN WA 97 -94.07 38.10 -59.90
N GLY WA 98 -94.28 39.32 -60.37
CA GLY WA 98 -93.65 39.80 -61.58
C GLY WA 98 -94.01 39.02 -62.83
N ASP WA 99 -95.29 39.01 -63.17
CA ASP WA 99 -95.73 38.46 -64.44
C ASP WA 99 -96.99 39.19 -64.88
N HIS WA 100 -97.15 39.37 -66.18
CA HIS WA 100 -98.28 40.13 -66.70
C HIS WA 100 -99.55 39.29 -66.59
N VAL WA 101 -100.65 39.93 -66.24
CA VAL WA 101 -101.94 39.28 -66.07
C VAL WA 101 -102.88 39.74 -67.17
N CYS WA 102 -103.83 38.89 -67.53
CA CYS WA 102 -104.80 39.26 -68.56
C CYS WA 102 -106.18 38.77 -68.16
N LEU WA 103 -107.17 39.31 -68.85
CA LEU WA 103 -108.58 39.08 -68.55
C LEU WA 103 -109.19 38.18 -69.61
N VAL WA 104 -109.82 37.09 -69.16
CA VAL WA 104 -110.61 36.23 -70.03
C VAL WA 104 -111.88 35.85 -69.32
N PRO WA 105 -112.94 35.59 -70.08
CA PRO WA 105 -114.21 35.19 -69.47
C PRO WA 105 -114.06 33.85 -68.78
N PRO WA 106 -115.05 33.44 -67.98
CA PRO WA 106 -114.96 32.12 -67.35
C PRO WA 106 -115.12 31.01 -68.38
N LEU WA 107 -114.03 30.69 -69.07
CA LEU WA 107 -114.07 29.72 -70.16
C LEU WA 107 -114.60 28.37 -69.67
N LEU WA 108 -114.05 27.88 -68.57
CA LEU WA 108 -114.42 26.57 -68.04
C LEU WA 108 -115.73 26.70 -67.27
N GLY WA 109 -116.06 25.67 -66.48
CA GLY WA 109 -117.25 25.67 -65.65
C GLY WA 109 -117.47 26.99 -64.95
N ASP WA 110 -118.57 27.65 -65.27
CA ASP WA 110 -118.78 29.03 -64.86
C ASP WA 110 -119.03 29.12 -63.35
N GLU WA 111 -118.83 30.32 -62.81
CA GLU WA 111 -119.14 30.61 -61.41
C GLU WA 111 -119.76 32.01 -61.39
N CYS WA 112 -121.08 32.06 -61.50
CA CYS WA 112 -121.84 33.29 -61.48
C CYS WA 112 -122.12 33.66 -60.04
N LEU WA 113 -122.08 34.95 -59.74
CA LEU WA 113 -122.65 35.45 -58.50
C LEU WA 113 -124.08 35.90 -58.78
N ARG WA 114 -125.03 35.38 -58.01
CA ARG WA 114 -126.44 35.59 -58.26
C ARG WA 114 -127.11 36.24 -57.05
N LEU WA 115 -127.63 37.44 -57.26
CA LEU WA 115 -128.41 38.16 -56.25
C LEU WA 115 -129.87 37.78 -56.41
N THR WA 116 -130.42 37.08 -55.42
CA THR WA 116 -131.78 36.58 -55.55
C THR WA 116 -132.80 37.71 -55.52
N SER WA 117 -132.68 38.62 -54.55
CA SER WA 117 -133.75 39.60 -54.33
C SER WA 117 -133.73 40.68 -55.39
N ALA WA 118 -132.54 41.18 -55.73
CA ALA WA 118 -132.43 42.16 -56.80
C ALA WA 118 -132.93 41.64 -58.13
N ASN WA 119 -132.81 40.32 -58.36
CA ASN WA 119 -133.13 39.68 -59.63
C ASN WA 119 -132.17 40.13 -60.73
N LEU WA 120 -130.88 40.06 -60.40
CA LEU WA 120 -129.81 40.36 -61.34
C LEU WA 120 -128.58 39.53 -60.98
N GLU WA 121 -127.84 39.09 -62.00
CA GLU WA 121 -126.64 38.28 -61.83
C GLU WA 121 -125.44 39.00 -62.45
N LEU WA 122 -124.25 38.64 -61.96
CA LEU WA 122 -123.01 39.28 -62.36
C LEU WA 122 -122.01 38.25 -62.86
N ARG WA 123 -121.15 38.68 -63.77
CA ARG WA 123 -120.07 37.86 -64.31
C ARG WA 123 -118.73 38.47 -63.92
N PHE WA 124 -117.84 37.64 -63.39
CA PHE WA 124 -116.51 38.10 -62.99
C PHE WA 124 -115.46 37.32 -63.76
N PRO WA 125 -114.73 37.95 -64.69
CA PRO WA 125 -113.81 37.22 -65.53
C PRO WA 125 -112.54 36.81 -64.80
N MET WA 126 -111.94 35.73 -65.28
CA MET WA 126 -110.75 35.19 -64.64
C MET WA 126 -109.54 36.08 -64.93
N THR WA 127 -108.50 35.90 -64.12
CA THR WA 127 -107.26 36.67 -64.22
C THR WA 127 -106.12 35.69 -64.38
N LEU WA 128 -105.60 35.56 -65.59
CA LEU WA 128 -104.57 34.58 -65.84
C LEU WA 128 -103.25 35.23 -66.18
N PRO WA 129 -102.13 34.58 -65.85
CA PRO WA 129 -100.84 35.02 -66.41
C PRO WA 129 -100.87 34.91 -67.93
N LEU WA 130 -100.03 35.72 -68.58
CA LEU WA 130 -100.10 35.89 -70.03
C LEU WA 130 -99.93 34.56 -70.77
N ALA WA 131 -98.83 33.86 -70.50
CA ALA WA 131 -98.55 32.62 -71.21
C ALA WA 131 -99.68 31.62 -71.05
N GLN WA 132 -100.02 31.30 -69.81
CA GLN WA 132 -101.06 30.32 -69.57
C GLN WA 132 -102.42 30.80 -70.07
N ALA WA 133 -102.65 32.12 -70.12
CA ALA WA 133 -103.87 32.61 -70.74
C ALA WA 133 -103.89 32.29 -72.22
N ARG WA 134 -102.76 32.50 -72.90
CA ARG WA 134 -102.65 32.09 -74.29
C ARG WA 134 -102.84 30.58 -74.45
N GLU WA 135 -102.49 29.81 -73.43
CA GLU WA 135 -102.48 28.35 -73.51
C GLU WA 135 -103.82 27.69 -73.20
N LEU WA 136 -104.57 28.21 -72.24
CA LEU WA 136 -105.77 27.51 -71.75
C LEU WA 136 -106.85 27.45 -72.82
N THR WA 137 -107.05 28.54 -73.56
CA THR WA 137 -108.03 28.52 -74.63
C THR WA 137 -107.66 27.50 -75.69
N ALA WA 138 -106.37 27.41 -76.03
CA ALA WA 138 -105.94 26.38 -76.97
C ALA WA 138 -106.22 24.99 -76.43
N ARG WA 139 -105.99 24.79 -75.14
CA ARG WA 139 -106.27 23.51 -74.51
C ARG WA 139 -107.74 23.12 -74.68
N VAL WA 140 -108.65 24.06 -74.38
CA VAL WA 140 -110.07 23.72 -74.39
C VAL WA 140 -110.57 23.52 -75.82
N VAL WA 141 -110.08 24.33 -76.76
CA VAL WA 141 -110.54 24.16 -78.14
C VAL WA 141 -109.96 22.88 -78.74
N ALA WA 142 -108.77 22.49 -78.30
CA ALA WA 142 -108.23 21.20 -78.72
C ALA WA 142 -109.08 20.06 -78.19
N ARG WA 143 -109.52 20.15 -76.94
CA ARG WA 143 -110.41 19.12 -76.41
C ARG WA 143 -111.71 19.04 -77.21
N ALA WA 144 -112.27 20.19 -77.57
CA ALA WA 144 -113.52 20.20 -78.34
C ALA WA 144 -113.30 19.61 -79.73
N ALA WA 145 -112.17 19.95 -80.36
CA ALA WA 145 -111.88 19.39 -81.66
C ALA WA 145 -111.65 17.89 -81.60
N GLU WA 146 -111.05 17.41 -80.51
CA GLU WA 146 -110.87 15.96 -80.37
C GLU WA 146 -112.20 15.25 -80.20
N THR WA 147 -113.07 15.75 -79.32
CA THR WA 147 -114.38 15.13 -79.19
C THR WA 147 -115.25 15.35 -80.42
N LEU WA 148 -114.86 16.23 -81.33
CA LEU WA 148 -115.66 16.45 -82.53
C LEU WA 148 -115.56 15.28 -83.50
N ARG WA 149 -114.39 14.68 -83.66
CA ARG WA 149 -114.18 13.68 -84.69
C ARG WA 149 -114.32 12.25 -84.18
N GLY WA 150 -114.66 12.06 -82.91
CA GLY WA 150 -114.92 10.73 -82.40
C GLY WA 150 -113.70 9.84 -82.27
N GLY WA 151 -112.51 10.43 -82.15
CA GLY WA 151 -111.30 9.65 -82.04
C GLY WA 151 -111.13 9.01 -80.67
N ALA WA 152 -109.87 8.80 -80.26
CA ALA WA 152 -109.60 8.23 -78.95
C ALA WA 152 -110.17 9.14 -77.86
N PRO WA 153 -110.60 8.56 -76.72
CA PRO WA 153 -111.28 9.37 -75.71
C PRO WA 153 -110.40 10.44 -75.11
N ALA WA 154 -109.27 10.04 -74.54
CA ALA WA 154 -108.37 10.99 -73.91
C ALA WA 154 -107.09 10.28 -73.56
N ARG WA 155 -105.98 10.99 -73.69
CA ARG WA 155 -104.69 10.44 -73.36
C ARG WA 155 -104.13 11.07 -72.10
N GLY WA 156 -104.97 11.78 -71.35
CA GLY WA 156 -104.54 12.50 -70.17
C GLY WA 156 -104.03 13.89 -70.45
N ALA WA 157 -104.37 14.45 -71.61
CA ALA WA 157 -103.89 15.76 -72.01
C ALA WA 157 -104.66 16.90 -71.35
N ASP WA 158 -105.66 16.60 -70.53
CA ASP WA 158 -106.45 17.63 -69.86
C ASP WA 158 -105.81 18.02 -68.53
N VAL WA 159 -104.51 18.31 -68.58
CA VAL WA 159 -103.77 18.75 -67.41
C VAL WA 159 -102.90 19.92 -67.81
N VAL WA 160 -102.72 20.87 -66.91
CA VAL WA 160 -101.86 22.02 -67.10
C VAL WA 160 -101.01 22.19 -65.85
N PHE WA 161 -99.70 22.29 -66.04
CA PHE WA 161 -98.77 22.48 -64.93
C PHE WA 161 -98.45 23.96 -64.80
N SER WA 162 -98.45 24.47 -63.57
CA SER WA 162 -98.13 25.88 -63.31
C SER WA 162 -97.75 26.02 -61.85
N ASN WA 163 -96.50 26.40 -61.59
CA ASN WA 163 -96.02 26.69 -60.24
C ASN WA 163 -96.22 25.48 -59.32
N GLY WA 164 -95.52 24.40 -59.65
CA GLY WA 164 -95.55 23.21 -58.82
C GLY WA 164 -96.72 22.28 -59.11
N ARG WA 165 -97.94 22.74 -58.78
CA ARG WA 165 -99.11 21.88 -58.88
C ARG WA 165 -99.51 21.68 -60.35
N ARG WA 166 -100.55 20.89 -60.55
CA ARG WA 166 -101.12 20.62 -61.86
C ARG WA 166 -102.64 20.71 -61.76
N TYR WA 167 -103.24 21.45 -62.68
CA TYR WA 167 -104.69 21.63 -62.67
C TYR WA 167 -105.39 20.48 -63.37
N GLN WA 168 -106.61 20.19 -62.94
CA GLN WA 168 -107.34 19.03 -63.40
C GLN WA 168 -108.10 19.28 -64.70
N LEU WA 169 -108.42 20.53 -65.02
CA LEU WA 169 -109.23 20.83 -66.20
C LEU WA 169 -110.53 20.04 -66.18
N PRO WA 170 -111.51 20.47 -65.39
CA PRO WA 170 -112.72 19.68 -65.14
C PRO WA 170 -113.36 19.19 -66.43
N PRO WA 171 -114.16 18.12 -66.35
CA PRO WA 171 -114.77 17.58 -67.56
C PRO WA 171 -115.63 18.62 -68.24
N PRO WA 172 -115.87 18.48 -69.54
CA PRO WA 172 -116.66 19.47 -70.27
C PRO WA 172 -118.14 19.28 -70.00
N HIS WA 173 -118.91 20.29 -70.42
CA HIS WA 173 -120.38 20.25 -70.41
C HIS WA 173 -120.93 19.99 -69.01
N ARG WA 174 -120.16 20.35 -67.98
CA ARG WA 174 -120.64 20.19 -66.62
C ARG WA 174 -121.87 21.06 -66.40
N ASP WA 175 -121.71 22.38 -66.43
CA ASP WA 175 -122.89 23.26 -66.44
C ASP WA 175 -123.37 23.52 -67.86
N ASN WA 176 -122.59 24.29 -68.63
CA ASN WA 176 -122.88 24.52 -70.04
C ASN WA 176 -121.61 24.68 -70.86
N ALA WA 177 -120.50 24.07 -70.41
CA ALA WA 177 -119.20 24.31 -71.04
C ALA WA 177 -119.24 23.98 -72.53
N GLU WA 178 -120.03 22.98 -72.92
CA GLU WA 178 -120.14 22.65 -74.33
C GLU WA 178 -120.83 23.76 -75.11
N ALA WA 179 -121.82 24.41 -74.52
CA ALA WA 179 -122.62 25.39 -75.25
C ALA WA 179 -122.00 26.78 -75.23
N ALA WA 180 -121.47 27.20 -74.09
CA ALA WA 180 -120.94 28.56 -73.99
C ALA WA 180 -119.70 28.75 -74.85
N THR WA 181 -119.00 27.68 -75.20
CA THR WA 181 -117.72 27.77 -75.91
C THR WA 181 -117.78 27.24 -77.33
N ARG WA 182 -118.98 26.96 -77.86
CA ARG WA 182 -119.08 26.31 -79.15
C ARG WA 182 -118.74 27.25 -80.29
N SER WA 183 -119.28 28.46 -80.26
CA SER WA 183 -119.05 29.41 -81.35
C SER WA 183 -117.56 29.75 -81.46
N LEU WA 184 -116.86 29.85 -80.34
CA LEU WA 184 -115.42 30.08 -80.38
C LEU WA 184 -114.71 28.95 -81.09
N VAL WA 185 -114.99 27.71 -80.68
CA VAL WA 185 -114.37 26.55 -81.31
C VAL WA 185 -114.59 26.57 -82.81
N LEU WA 186 -115.84 26.83 -83.22
CA LEU WA 186 -116.15 26.80 -84.64
C LEU WA 186 -115.43 27.93 -85.38
N ASN WA 187 -115.52 29.16 -84.85
CA ASN WA 187 -114.89 30.30 -85.49
C ASN WA 187 -113.38 30.15 -85.59
N MET WA 188 -112.77 29.35 -84.71
CA MET WA 188 -111.34 29.16 -84.78
C MET WA 188 -110.95 28.06 -85.75
N ILE WA 189 -111.57 26.88 -85.63
CA ILE WA 189 -111.20 25.76 -86.49
C ILE WA 189 -111.53 26.08 -87.94
N PHE WA 190 -112.69 26.70 -88.18
CA PHE WA 190 -113.06 27.04 -89.54
C PHE WA 190 -112.08 28.03 -90.14
N LEU WA 191 -111.60 28.98 -89.33
CA LEU WA 191 -110.68 29.98 -89.86
C LEU WA 191 -109.33 29.38 -90.19
N LEU WA 192 -108.80 28.51 -89.32
CA LEU WA 192 -107.51 27.89 -89.64
C LEU WA 192 -107.62 27.03 -90.89
N ASN WA 193 -108.70 26.24 -90.98
CA ASN WA 193 -108.98 25.46 -92.17
C ASN WA 193 -109.01 26.34 -93.42
N GLU WA 194 -109.73 27.46 -93.35
CA GLU WA 194 -109.84 28.35 -94.49
C GLU WA 194 -108.48 28.90 -94.89
N GLY WA 195 -107.72 29.43 -93.93
CA GLY WA 195 -106.42 29.98 -94.27
C GLY WA 195 -105.52 28.96 -94.94
N ALA WA 196 -105.51 27.73 -94.42
CA ALA WA 196 -104.66 26.70 -94.99
C ALA WA 196 -105.06 26.38 -96.43
N VAL WA 197 -106.36 26.20 -96.68
CA VAL WA 197 -106.77 25.84 -98.03
C VAL WA 197 -106.55 26.99 -99.00
N ILE WA 198 -106.73 28.24 -98.56
CA ILE WA 198 -106.44 29.37 -99.44
C ILE WA 198 -104.98 29.37 -99.82
N LEU WA 199 -104.10 29.29 -98.82
CA LEU WA 199 -102.67 29.15 -99.09
C LEU WA 199 -102.42 28.11 -100.16
N LEU WA 200 -102.92 26.88 -99.92
CA LEU WA 200 -102.60 25.79 -100.82
C LEU WA 200 -103.15 26.03 -102.22
N SER WA 201 -104.26 26.75 -102.33
CA SER WA 201 -104.77 27.10 -103.65
C SER WA 201 -103.90 28.14 -104.33
N LEU WA 202 -103.32 29.06 -103.57
CA LEU WA 202 -102.50 30.10 -104.18
C LEU WA 202 -101.20 29.55 -104.75
N ILE WA 203 -100.58 28.59 -104.05
CA ILE WA 203 -99.36 27.95 -104.55
C ILE WA 203 -99.62 26.46 -104.66
N PRO WA 204 -99.64 25.91 -105.87
CA PRO WA 204 -100.08 24.52 -106.06
C PRO WA 204 -99.13 23.46 -105.50
N ASN WA 205 -97.85 23.52 -105.86
CA ASN WA 205 -96.95 22.39 -105.69
C ASN WA 205 -96.18 22.41 -104.37
N LEU WA 206 -96.75 23.01 -103.32
CA LEU WA 206 -96.02 23.12 -102.07
C LEU WA 206 -95.79 21.75 -101.44
N LEU WA 207 -96.86 21.00 -101.19
CA LEU WA 207 -96.75 19.76 -100.45
C LEU WA 207 -95.97 18.70 -101.21
N THR WA 208 -95.94 18.79 -102.53
CA THR WA 208 -95.30 17.79 -103.37
C THR WA 208 -93.81 18.07 -103.57
N LEU WA 209 -93.28 19.11 -102.93
CA LEU WA 209 -91.87 19.44 -103.07
C LEU WA 209 -91.05 18.53 -102.16
N GLY WA 210 -89.73 18.73 -102.14
CA GLY WA 210 -88.87 17.95 -101.28
C GLY WA 210 -89.19 18.16 -99.81
N ALA WA 211 -89.52 17.07 -99.11
CA ALA WA 211 -89.88 17.19 -97.70
C ALA WA 211 -88.71 17.55 -96.80
N GLN WA 212 -87.48 17.56 -97.33
CA GLN WA 212 -86.31 17.95 -96.57
C GLN WA 212 -85.42 18.96 -97.27
N ASP WA 213 -85.52 19.10 -98.60
CA ASP WA 213 -84.75 20.11 -99.32
C ASP WA 213 -85.64 21.11 -100.04
N GLY WA 214 -86.58 20.65 -100.86
CA GLY WA 214 -87.37 21.57 -101.66
C GLY WA 214 -88.23 22.48 -100.82
N TYR WA 215 -88.93 21.90 -99.84
CA TYR WA 215 -89.70 22.71 -98.90
C TYR WA 215 -88.79 23.71 -98.17
N ALA WA 216 -87.72 23.21 -97.58
CA ALA WA 216 -86.78 24.07 -96.88
C ALA WA 216 -86.21 25.12 -97.81
N ASN WA 217 -85.91 24.74 -99.06
CA ASN WA 217 -85.34 25.70 -100.00
C ASN WA 217 -86.33 26.81 -100.31
N ALA WA 218 -87.60 26.46 -100.51
CA ALA WA 218 -88.63 27.47 -100.73
C ALA WA 218 -88.71 28.42 -99.56
N VAL WA 219 -88.72 27.89 -98.34
CA VAL WA 219 -88.85 28.73 -97.16
C VAL WA 219 -87.65 29.67 -97.02
N ILE WA 220 -86.44 29.15 -97.22
CA ILE WA 220 -85.24 29.96 -97.00
C ILE WA 220 -85.08 30.98 -98.11
N GLN WA 221 -85.55 30.68 -99.32
CA GLN WA 221 -85.46 31.67 -100.38
C GLN WA 221 -86.56 32.72 -100.28
N LEU WA 222 -87.71 32.37 -99.71
CA LEU WA 222 -88.74 33.36 -99.47
C LEU WA 222 -88.35 34.30 -98.35
N GLY WA 223 -87.92 33.76 -97.20
CA GLY WA 223 -87.52 34.60 -96.09
C GLY WA 223 -86.39 35.53 -96.44
N SER WA 224 -85.48 35.10 -97.30
CA SER WA 224 -84.42 35.96 -97.82
C SER WA 224 -84.95 36.77 -98.99
N ALA WA 225 -84.05 37.33 -99.79
CA ALA WA 225 -84.43 38.25 -100.86
C ALA WA 225 -85.43 37.60 -101.83
N THR WA 226 -85.93 38.43 -102.74
CA THR WA 226 -87.22 38.23 -103.39
C THR WA 226 -87.11 37.50 -104.73
N ARG WA 227 -86.22 36.51 -104.86
CA ARG WA 227 -86.19 35.72 -106.08
C ARG WA 227 -87.59 35.19 -106.40
N GLU WA 228 -88.17 34.40 -105.50
CA GLU WA 228 -89.59 34.05 -105.54
C GLU WA 228 -90.00 33.51 -106.90
N LEU WA 229 -89.07 32.87 -107.61
CA LEU WA 229 -89.24 32.50 -109.02
C LEU WA 229 -89.60 33.71 -109.88
N GLY WA 230 -89.53 34.90 -109.29
CA GLY WA 230 -90.31 36.00 -109.80
C GLY WA 230 -91.71 35.88 -109.24
N GLN WA 231 -92.63 35.38 -110.06
CA GLN WA 231 -94.01 35.15 -109.64
C GLN WA 231 -94.19 33.66 -109.35
N LEU WA 232 -93.65 33.22 -108.20
CA LEU WA 232 -93.82 31.83 -107.76
C LEU WA 232 -95.30 31.48 -107.64
N VAL WA 233 -96.10 32.40 -107.11
CA VAL WA 233 -97.54 32.21 -107.10
C VAL WA 233 -98.05 32.13 -108.52
N ARG WA 234 -98.61 30.98 -108.88
CA ARG WA 234 -99.11 30.76 -110.23
C ARG WA 234 -100.42 31.50 -110.42
N GLN WA 235 -100.61 32.04 -111.62
CA GLN WA 235 -101.83 32.77 -111.94
C GLN WA 235 -103.02 31.81 -111.93
N PRO WA 236 -103.91 31.93 -110.96
CA PRO WA 236 -105.08 31.05 -110.92
C PRO WA 236 -105.95 31.25 -112.15
N PRO WA 237 -106.75 30.26 -112.52
CA PRO WA 237 -107.55 30.38 -113.74
C PRO WA 237 -108.62 31.45 -113.60
N PRO WA 238 -108.93 32.16 -114.68
CA PRO WA 238 -109.93 33.23 -114.62
C PRO WA 238 -111.30 32.67 -114.28
N PRO WA 239 -112.15 33.46 -113.62
CA PRO WA 239 -113.45 32.94 -113.20
C PRO WA 239 -114.53 33.03 -114.26
N LEU WA 240 -115.74 32.67 -113.87
CA LEU WA 240 -116.90 32.58 -114.75
C LEU WA 240 -117.43 33.97 -115.07
N PRO WA 241 -118.53 34.08 -115.85
CA PRO WA 241 -119.04 35.42 -116.22
C PRO WA 241 -119.61 36.22 -115.06
N GLN WA 242 -119.34 35.80 -113.83
CA GLN WA 242 -119.59 36.50 -112.57
C GLN WA 242 -121.04 36.40 -112.13
N ASP WA 243 -121.91 35.77 -112.92
CA ASP WA 243 -123.29 35.53 -112.51
C ASP WA 243 -123.59 34.05 -112.36
N HIS WA 244 -122.64 33.17 -112.68
CA HIS WA 244 -122.84 31.75 -112.58
C HIS WA 244 -122.94 31.30 -111.13
N ALA WA 245 -123.46 30.09 -110.93
CA ALA WA 245 -123.57 29.53 -109.60
C ALA WA 245 -122.25 29.00 -109.06
N ARG WA 246 -121.19 28.97 -109.88
CA ARG WA 246 -119.94 28.34 -109.49
C ARG WA 246 -118.75 29.29 -109.67
N ARG WA 247 -119.01 30.59 -109.73
CA ARG WA 247 -117.92 31.55 -109.77
C ARG WA 247 -117.15 31.52 -108.48
N PHE WA 248 -115.82 31.60 -108.58
CA PHE WA 248 -114.97 31.56 -107.40
C PHE WA 248 -113.72 32.40 -107.69
N CYS WA 249 -113.75 33.65 -107.28
CA CYS WA 249 -112.59 34.54 -107.32
C CYS WA 249 -111.83 34.32 -106.02
N VAL WA 250 -110.62 33.74 -106.11
CA VAL WA 250 -109.92 33.38 -104.88
C VAL WA 250 -109.50 34.61 -104.10
N PHE WA 251 -109.33 35.75 -104.78
CA PHE WA 251 -108.78 36.92 -104.11
C PHE WA 251 -109.80 37.62 -103.23
N GLU WA 252 -111.09 37.58 -103.59
CA GLU WA 252 -112.11 38.11 -102.68
C GLU WA 252 -112.19 37.26 -101.42
N ALA WA 253 -112.05 35.94 -101.57
CA ALA WA 253 -111.98 35.09 -100.39
C ALA WA 253 -110.74 35.41 -99.57
N LEU WA 254 -109.65 35.76 -100.26
CA LEU WA 254 -108.43 36.15 -99.56
C LEU WA 254 -108.63 37.40 -98.73
N GLU WA 255 -109.23 38.45 -99.31
CA GLU WA 255 -109.47 39.67 -98.55
C GLU WA 255 -110.42 39.41 -97.38
N ALA WA 256 -111.48 38.63 -97.62
CA ALA WA 256 -112.40 38.29 -96.56
C ALA WA 256 -111.69 37.55 -95.44
N TRP WA 257 -110.75 36.68 -95.79
CA TRP WA 257 -110.04 35.94 -94.76
C TRP WA 257 -109.08 36.81 -93.99
N ILE WA 258 -108.34 37.69 -94.66
CA ILE WA 258 -107.48 38.62 -93.93
C ILE WA 258 -108.31 39.42 -92.93
N ALA WA 259 -109.46 39.93 -93.40
CA ALA WA 259 -110.34 40.69 -92.52
C ALA WA 259 -110.76 39.87 -91.32
N SER WA 260 -111.26 38.65 -91.56
CA SER WA 260 -111.81 37.85 -90.47
C SER WA 260 -110.71 37.42 -89.51
N ALA WA 261 -109.53 37.08 -90.02
CA ALA WA 261 -108.43 36.69 -89.16
C ALA WA 261 -108.00 37.84 -88.27
N SER WA 262 -107.89 39.04 -88.85
CA SER WA 262 -107.54 40.21 -88.03
C SER WA 262 -108.59 40.45 -86.96
N ARG WA 263 -109.87 40.49 -87.35
CA ARG WA 263 -110.94 40.77 -86.40
C ARG WA 263 -111.03 39.72 -85.32
N LEU WA 264 -110.71 38.47 -85.63
CA LEU WA 264 -110.62 37.46 -84.59
C LEU WA 264 -109.45 37.76 -83.66
N GLY WA 265 -108.26 37.94 -84.23
CA GLY WA 265 -107.07 38.16 -83.41
C GLY WA 265 -107.23 39.32 -82.44
N ASP WA 266 -108.00 40.33 -82.83
CA ASP WA 266 -108.26 41.45 -81.92
C ASP WA 266 -108.98 40.98 -80.67
N THR WA 267 -110.06 40.22 -80.85
CA THR WA 267 -110.88 39.76 -79.74
C THR WA 267 -110.33 38.47 -79.13
N LEU WA 268 -109.05 38.50 -78.74
CA LEU WA 268 -108.43 37.35 -78.08
C LEU WA 268 -107.60 37.76 -76.86
N GLY WA 269 -107.75 38.99 -76.40
CA GLY WA 269 -106.88 39.44 -75.31
C GLY WA 269 -105.46 39.48 -75.80
N THR WA 270 -104.62 38.61 -75.21
CA THR WA 270 -103.18 38.56 -75.49
C THR WA 270 -102.57 39.96 -75.52
N ARG WA 271 -103.06 40.81 -74.63
CA ARG WA 271 -102.48 42.13 -74.42
C ARG WA 271 -102.57 42.43 -72.93
N PRO WA 272 -101.43 42.61 -72.27
CA PRO WA 272 -101.43 42.74 -70.81
C PRO WA 272 -102.28 43.91 -70.35
N VAL WA 273 -102.96 43.71 -69.23
CA VAL WA 273 -103.76 44.75 -68.62
C VAL WA 273 -103.13 45.26 -67.32
N ALA WA 274 -102.34 44.45 -66.64
CA ALA WA 274 -101.69 44.88 -65.41
C ALA WA 274 -100.38 44.10 -65.27
N ARG WA 275 -99.73 44.26 -64.13
CA ARG WA 275 -98.46 43.59 -63.89
C ARG WA 275 -98.24 43.55 -62.38
N VAL WA 276 -98.28 42.34 -61.81
CA VAL WA 276 -98.19 42.21 -60.36
C VAL WA 276 -96.82 42.67 -59.89
N CYS WA 277 -96.79 43.42 -58.80
CA CYS WA 277 -95.56 43.96 -58.23
C CYS WA 277 -95.59 43.83 -56.71
N ILE WA 278 -95.90 42.62 -56.22
CA ILE WA 278 -96.10 42.45 -54.79
C ILE WA 278 -94.85 42.86 -54.02
N PHE WA 279 -95.08 43.51 -52.88
CA PHE WA 279 -94.04 43.98 -51.97
C PHE WA 279 -94.64 43.94 -50.57
N ASP WA 280 -93.90 43.45 -49.58
CA ASP WA 280 -94.45 43.19 -48.24
C ASP WA 280 -95.61 42.19 -48.33
N GLY WA 281 -95.24 40.97 -48.73
CA GLY WA 281 -96.18 39.88 -48.79
C GLY WA 281 -95.54 38.60 -49.28
N PRO WA 282 -96.32 37.55 -49.38
CA PRO WA 282 -95.82 36.30 -49.98
C PRO WA 282 -95.54 36.49 -51.46
N PRO WA 283 -94.42 35.97 -51.95
CA PRO WA 283 -94.06 36.21 -53.36
C PRO WA 283 -95.03 35.59 -54.34
N THR WA 284 -95.89 34.68 -53.89
CA THR WA 284 -96.90 34.06 -54.73
C THR WA 284 -98.24 34.16 -54.03
N VAL WA 285 -99.29 34.44 -54.80
CA VAL WA 285 -100.63 34.55 -54.25
C VAL WA 285 -101.46 33.39 -54.76
N PRO WA 286 -102.08 32.59 -53.88
CA PRO WA 286 -102.91 31.48 -54.33
C PRO WA 286 -104.25 31.98 -54.82
N PRO WA 287 -105.03 31.14 -55.50
CA PRO WA 287 -106.33 31.60 -56.01
C PRO WA 287 -107.28 31.92 -54.87
N GLY WA 288 -107.96 33.05 -54.99
CA GLY WA 288 -108.86 33.53 -53.96
C GLY WA 288 -108.26 34.51 -52.99
N GLU WA 289 -107.05 35.02 -53.26
CA GLU WA 289 -106.40 36.01 -52.41
C GLU WA 289 -106.20 37.30 -53.20
N LYS WA 290 -105.63 38.29 -52.53
CA LYS WA 290 -105.57 39.65 -53.06
C LYS WA 290 -104.11 40.08 -53.15
N ALA WA 291 -103.70 40.48 -54.35
CA ALA WA 291 -102.32 40.90 -54.61
C ALA WA 291 -102.30 42.38 -55.00
N ALA WA 292 -101.25 43.07 -54.57
CA ALA WA 292 -101.04 44.45 -54.95
C ALA WA 292 -100.48 44.46 -56.37
N VAL WA 293 -101.26 44.99 -57.30
CA VAL WA 293 -100.89 44.97 -58.70
C VAL WA 293 -100.72 46.40 -59.18
N VAL WA 294 -99.84 46.58 -60.17
CA VAL WA 294 -99.60 47.87 -60.79
C VAL WA 294 -100.14 47.80 -62.21
N GLU WA 295 -101.08 48.68 -62.54
CA GLU WA 295 -101.60 48.76 -63.89
C GLU WA 295 -100.47 49.13 -64.86
N VAL WA 296 -100.50 48.54 -66.05
CA VAL WA 296 -99.48 48.83 -67.05
C VAL WA 296 -99.58 50.30 -67.44
N ARG XA 3 -161.39 8.43 39.28
CA ARG XA 3 -161.05 9.77 39.72
C ARG XA 3 -162.22 10.43 40.45
N PRO XA 4 -161.97 10.95 41.64
CA PRO XA 4 -163.03 11.60 42.42
C PRO XA 4 -163.19 13.06 42.00
N ALA XA 5 -164.21 13.70 42.57
CA ALA XA 5 -164.50 15.11 42.33
C ALA XA 5 -164.24 15.90 43.60
N ILE XA 6 -163.69 17.10 43.44
CA ILE XA 6 -163.31 17.91 44.60
C ILE XA 6 -164.52 18.63 45.18
N LEU XA 7 -165.12 19.53 44.39
CA LEU XA 7 -166.27 20.31 44.84
C LEU XA 7 -167.43 20.05 43.89
N PRO XA 8 -168.56 19.57 44.35
CA PRO XA 8 -169.68 19.31 43.44
C PRO XA 8 -170.33 20.60 42.97
N SER XA 9 -170.98 20.50 41.81
CA SER XA 9 -171.64 21.64 41.20
C SER XA 9 -173.07 21.82 41.72
N GLY XA 10 -173.89 20.79 41.57
CA GLY XA 10 -175.25 20.82 42.06
C GLY XA 10 -175.58 19.58 42.85
N GLN XA 11 -176.56 19.71 43.75
CA GLN XA 11 -176.98 18.62 44.61
C GLN XA 11 -178.15 17.86 43.98
N ILE XA 12 -178.23 16.58 44.31
CA ILE XA 12 -179.29 15.70 43.84
C ILE XA 12 -180.36 15.64 44.92
N LEU XA 13 -181.55 15.16 44.56
CA LEU XA 13 -182.69 15.21 45.46
C LEU XA 13 -183.53 13.94 45.45
N SER XA 14 -183.04 12.85 44.87
CA SER XA 14 -183.77 11.59 44.81
C SER XA 14 -182.92 10.48 45.43
N ASN XA 15 -183.44 9.84 46.47
CA ASN XA 15 -182.77 8.73 47.11
C ASN XA 15 -183.33 7.42 46.57
N ILE XA 16 -182.45 6.54 46.10
CA ILE XA 16 -182.85 5.28 45.49
C ILE XA 16 -181.61 4.41 45.40
N GLU XA 17 -181.79 3.10 45.49
CA GLU XA 17 -180.67 2.19 45.33
C GLU XA 17 -180.01 2.41 43.97
N VAL XA 18 -178.70 2.25 43.93
CA VAL XA 18 -177.95 2.52 42.70
C VAL XA 18 -177.66 1.21 41.99
N HIS XA 19 -177.48 0.14 42.76
CA HIS XA 19 -177.01 -1.12 42.18
C HIS XA 19 -178.02 -1.73 41.23
N SER XA 20 -179.29 -1.36 41.34
CA SER XA 20 -180.33 -1.96 40.51
C SER XA 20 -180.56 -1.20 39.21
N HIS XA 21 -179.87 -0.10 38.99
CA HIS XA 21 -180.00 0.68 37.78
C HIS XA 21 -178.65 0.90 37.10
N ARG XA 22 -177.71 -0.02 37.34
CA ARG XA 22 -176.39 0.08 36.76
C ARG XA 22 -176.42 0.02 35.24
N ALA XA 23 -177.53 -0.45 34.66
CA ALA XA 23 -177.59 -0.60 33.21
C ALA XA 23 -177.65 0.76 32.51
N LEU XA 24 -178.37 1.72 33.11
CA LEU XA 24 -178.43 3.05 32.50
C LEU XA 24 -177.07 3.72 32.46
N PHE XA 25 -176.21 3.40 33.42
CA PHE XA 25 -175.00 4.18 33.63
C PHE XA 25 -173.93 3.85 32.59
N ASP XA 26 -172.88 4.67 32.60
CA ASP XA 26 -171.74 4.54 31.70
C ASP XA 26 -170.62 3.73 32.34
N ILE XA 27 -170.08 4.24 33.44
CA ILE XA 27 -169.00 3.61 34.20
C ILE XA 27 -169.49 3.47 35.63
N PHE XA 28 -169.10 2.38 36.28
CA PHE XA 28 -169.60 2.07 37.61
C PHE XA 28 -168.47 1.98 38.63
N LYS XA 29 -168.87 2.02 39.89
CA LYS XA 29 -167.96 1.99 41.03
C LYS XA 29 -168.79 1.69 42.27
N ARG XA 30 -168.19 0.97 43.22
CA ARG XA 30 -168.84 0.71 44.49
C ARG XA 30 -167.84 0.04 45.42
N PHE XA 31 -167.91 0.40 46.70
CA PHE XA 31 -167.05 -0.20 47.70
C PHE XA 31 -167.64 0.05 49.07
N ARG XA 32 -167.22 -0.77 50.04
CA ARG XA 32 -167.79 -0.72 51.37
C ARG XA 32 -167.57 0.63 52.03
N SER XA 33 -166.31 0.99 52.25
CA SER XA 33 -165.99 2.25 52.89
C SER XA 33 -164.52 2.55 52.67
N ASP XA 34 -164.22 3.74 52.16
CA ASP XA 34 -162.88 4.30 52.02
C ASP XA 34 -161.83 3.25 51.61
N ASP XA 35 -161.97 2.71 50.42
CA ASP XA 35 -160.91 1.87 49.87
C ASP XA 35 -159.60 2.65 49.81
N ASN XA 36 -158.49 1.91 49.67
CA ASN XA 36 -157.16 2.50 49.71
C ASN XA 36 -156.63 2.85 48.33
N ASN XA 37 -157.50 3.16 47.38
CA ASN XA 37 -157.06 3.51 46.03
C ASN XA 37 -157.26 4.97 45.68
N LEU XA 38 -158.33 5.60 46.14
CA LEU XA 38 -158.61 6.97 45.73
C LEU XA 38 -157.63 7.97 46.34
N TYR XA 39 -157.05 7.67 47.49
CA TYR XA 39 -156.17 8.61 48.16
C TYR XA 39 -154.80 8.72 47.53
N GLY XA 40 -154.57 8.06 46.40
CA GLY XA 40 -153.33 8.21 45.68
C GLY XA 40 -153.44 9.20 44.55
N ALA XA 41 -152.63 10.27 44.61
CA ALA XA 41 -152.63 11.32 43.59
C ALA XA 41 -151.38 11.14 42.73
N GLU XA 42 -151.58 10.79 41.47
CA GLU XA 42 -150.48 10.55 40.54
C GLU XA 42 -150.77 11.31 39.26
N PHE XA 43 -149.87 12.22 38.92
CA PHE XA 43 -150.02 13.07 37.75
C PHE XA 43 -148.81 12.95 36.86
N ASP XA 44 -149.05 12.92 35.55
CA ASP XA 44 -147.99 12.93 34.56
C ASP XA 44 -147.75 14.37 34.12
N ALA XA 45 -146.49 14.77 34.03
CA ALA XA 45 -146.14 16.14 33.73
C ALA XA 45 -145.03 16.18 32.70
N LEU XA 46 -144.99 17.28 31.95
CA LEU XA 46 -143.82 17.61 31.14
C LEU XA 46 -143.03 18.68 31.88
N LEU XA 47 -141.72 18.49 31.95
CA LEU XA 47 -140.86 19.28 32.81
C LEU XA 47 -140.03 20.29 32.03
N GLY XA 48 -140.58 20.81 30.94
CA GLY XA 48 -139.89 21.81 30.16
C GLY XA 48 -139.99 21.58 28.68
N THR XA 49 -140.19 22.66 27.93
CA THR XA 49 -140.20 22.63 26.48
C THR XA 49 -139.07 23.49 25.95
N TYR XA 50 -138.47 23.04 24.85
CA TYR XA 50 -137.31 23.71 24.27
C TYR XA 50 -137.57 23.95 22.80
N CYS XA 51 -137.22 25.13 22.32
CA CYS XA 51 -137.37 25.49 20.93
C CYS XA 51 -136.01 25.89 20.36
N SER XA 52 -136.00 26.24 19.08
CA SER XA 52 -134.77 26.61 18.39
C SER XA 52 -135.03 27.79 17.46
N THR XA 53 -134.01 28.61 17.28
CA THR XA 53 -134.06 29.75 16.39
C THR XA 53 -133.21 29.48 15.15
N LEU XA 54 -133.16 30.46 14.26
CA LEU XA 54 -132.45 30.34 13.00
C LEU XA 54 -131.31 31.33 12.93
N SER XA 55 -130.23 30.94 12.27
CA SER XA 55 -129.07 31.80 12.07
C SER XA 55 -129.21 32.48 10.72
N LEU XA 56 -129.53 33.78 10.74
CA LEU XA 56 -129.53 34.54 9.50
C LEU XA 56 -128.11 34.74 9.00
N VAL XA 57 -127.96 34.82 7.69
CA VAL XA 57 -126.65 35.04 7.07
C VAL XA 57 -126.81 36.07 5.97
N ARG XA 58 -125.91 37.03 5.92
CA ARG XA 58 -125.91 38.08 4.91
C ARG XA 58 -124.81 37.79 3.92
N PHE XA 59 -125.16 37.65 2.64
CA PHE XA 59 -124.19 37.23 1.63
C PHE XA 59 -122.99 38.17 1.59
N LEU XA 60 -123.22 39.48 1.70
CA LEU XA 60 -122.11 40.41 1.68
C LEU XA 60 -121.22 40.26 2.90
N GLU XA 61 -121.79 39.85 4.03
CA GLU XA 61 -121.00 39.61 5.22
C GLU XA 61 -120.04 38.43 5.07
N LEU XA 62 -120.14 37.69 3.98
CA LEU XA 62 -119.25 36.56 3.73
C LEU XA 62 -117.98 37.01 3.03
N GLY XA 63 -117.01 36.11 2.98
CA GLY XA 63 -115.79 36.35 2.24
C GLY XA 63 -115.88 36.06 0.77
N LEU XA 64 -116.92 35.35 0.34
CA LEU XA 64 -117.07 35.02 -1.07
C LEU XA 64 -117.45 36.21 -1.91
N SER XA 65 -117.83 37.33 -1.30
CA SER XA 65 -118.31 38.47 -2.08
C SER XA 65 -117.22 39.05 -2.96
N VAL XA 66 -115.96 38.95 -2.53
CA VAL XA 66 -114.88 39.50 -3.33
C VAL XA 66 -114.76 38.80 -4.67
N ALA XA 67 -115.24 37.57 -4.78
CA ALA XA 67 -115.13 36.85 -6.03
C ALA XA 67 -115.84 37.57 -7.18
N CYS XA 68 -117.03 38.12 -6.91
CA CYS XA 68 -117.87 38.67 -7.95
C CYS XA 68 -118.33 40.07 -7.58
N VAL XA 69 -118.64 40.85 -8.60
CA VAL XA 69 -119.30 42.13 -8.43
C VAL XA 69 -120.78 41.93 -8.67
N CYS XA 70 -121.61 42.57 -7.84
CA CYS XA 70 -123.04 42.35 -7.87
C CYS XA 70 -123.76 43.68 -8.12
N THR XA 71 -124.64 43.71 -9.09
CA THR XA 71 -125.42 44.89 -9.41
C THR XA 71 -126.89 44.52 -9.52
N LYS XA 72 -127.75 45.45 -9.13
CA LYS XA 72 -129.19 45.25 -9.18
C LYS XA 72 -129.72 45.82 -10.47
N PHE XA 73 -130.46 45.02 -11.23
CA PHE XA 73 -130.95 45.41 -12.55
C PHE XA 73 -132.44 45.08 -12.61
N PRO XA 74 -133.31 46.02 -12.26
CA PRO XA 74 -134.75 45.72 -12.19
C PRO XA 74 -135.43 45.50 -13.54
N GLU XA 75 -134.68 45.44 -14.64
CA GLU XA 75 -135.27 45.17 -15.95
C GLU XA 75 -134.69 43.93 -16.60
N LEU XA 76 -134.05 43.04 -15.82
CA LEU XA 76 -133.38 41.90 -16.42
C LEU XA 76 -134.32 41.05 -17.25
N SER XA 77 -135.56 40.95 -16.83
CA SER XA 77 -136.52 40.20 -17.63
C SER XA 77 -136.88 40.90 -18.91
N TYR XA 78 -136.21 41.99 -19.27
CA TYR XA 78 -136.49 42.71 -20.51
C TYR XA 78 -135.27 42.81 -21.41
N VAL XA 79 -134.25 41.99 -21.19
CA VAL XA 79 -133.08 41.97 -22.05
C VAL XA 79 -133.05 40.67 -22.83
N ALA XA 80 -132.87 40.79 -24.14
CA ALA XA 80 -132.55 39.66 -25.00
C ALA XA 80 -131.07 39.39 -24.83
N GLU XA 81 -130.48 38.65 -25.77
CA GLU XA 81 -129.05 38.37 -25.71
C GLU XA 81 -128.25 39.63 -25.40
N GLY XA 82 -127.60 39.65 -24.25
CA GLY XA 82 -126.78 40.78 -23.84
C GLY XA 82 -125.34 40.35 -23.73
N THR XA 83 -124.42 41.23 -24.14
CA THR XA 83 -123.01 40.87 -24.22
C THR XA 83 -122.13 41.93 -23.58
N ILE XA 84 -120.82 41.82 -23.78
CA ILE XA 84 -119.85 42.83 -23.42
C ILE XA 84 -118.91 43.04 -24.61
N GLN XA 85 -117.90 43.87 -24.42
CA GLN XA 85 -116.95 44.15 -25.49
C GLN XA 85 -115.52 44.00 -24.96
N PHE XA 86 -114.58 43.95 -25.89
CA PHE XA 86 -113.18 43.75 -25.55
C PHE XA 86 -112.29 44.34 -26.63
N GLU XA 87 -111.26 45.05 -26.21
CA GLU XA 87 -110.33 45.72 -27.13
C GLU XA 87 -108.94 45.58 -26.52
N VAL XA 88 -108.22 44.54 -26.91
CA VAL XA 88 -106.89 44.28 -26.40
C VAL XA 88 -105.89 44.47 -27.52
N GLN XA 89 -104.75 45.06 -27.18
CA GLN XA 89 -103.71 45.39 -28.15
C GLN XA 89 -102.39 44.80 -27.67
N GLN XA 90 -101.92 43.78 -28.36
CA GLN XA 90 -100.71 43.12 -27.91
C GLN XA 90 -99.48 43.94 -28.27
N PRO XA 91 -98.48 43.99 -27.41
CA PRO XA 91 -97.22 44.64 -27.77
C PRO XA 91 -96.51 43.85 -28.85
N MET XA 92 -95.46 44.44 -29.40
CA MET XA 92 -94.69 43.79 -30.45
C MET XA 92 -93.24 44.20 -30.32
N ILE XA 93 -92.35 43.36 -30.83
CA ILE XA 93 -90.91 43.61 -30.77
C ILE XA 93 -90.35 43.57 -32.19
N ALA XA 94 -89.47 44.52 -32.50
CA ALA XA 94 -88.88 44.58 -33.82
C ALA XA 94 -87.75 43.58 -33.92
N ARG XA 95 -87.58 43.00 -35.09
CA ARG XA 95 -86.51 42.06 -35.34
C ARG XA 95 -85.80 42.45 -36.62
N ASP XA 96 -84.52 42.11 -36.69
CA ASP XA 96 -83.76 42.31 -37.92
C ASP XA 96 -84.08 41.17 -38.88
N GLY XA 97 -83.29 41.05 -39.94
CA GLY XA 97 -83.42 39.92 -40.83
C GLY XA 97 -84.20 40.24 -42.08
N PRO XA 98 -84.14 39.33 -43.07
CA PRO XA 98 -84.79 39.60 -44.35
C PRO XA 98 -86.30 39.52 -44.32
N HIS XA 99 -86.90 39.04 -43.25
CA HIS XA 99 -88.35 38.96 -43.21
C HIS XA 99 -88.93 40.31 -42.78
N PRO XA 100 -90.07 40.71 -43.34
CA PRO XA 100 -90.64 42.01 -42.98
C PRO XA 100 -91.26 41.97 -41.60
N ALA XA 101 -91.22 43.11 -40.93
CA ALA XA 101 -91.74 43.19 -39.58
C ALA XA 101 -93.25 42.93 -39.58
N ASP XA 102 -93.74 42.48 -38.43
CA ASP XA 102 -95.17 42.29 -38.25
C ASP XA 102 -95.78 43.56 -37.68
N GLN XA 103 -96.79 44.07 -38.36
CA GLN XA 103 -97.48 45.23 -37.87
C GLN XA 103 -98.21 44.88 -36.57
N PRO XA 104 -98.40 45.86 -35.69
CA PRO XA 104 -99.10 45.59 -34.44
C PRO XA 104 -100.49 45.06 -34.73
N VAL XA 105 -100.92 44.13 -33.91
CA VAL XA 105 -102.13 43.37 -34.16
C VAL XA 105 -103.25 43.92 -33.30
N HIS XA 106 -104.46 43.91 -33.84
CA HIS XA 106 -105.66 44.32 -33.12
C HIS XA 106 -106.70 43.22 -33.24
N ASN XA 107 -107.46 43.02 -32.16
CA ASN XA 107 -108.45 41.96 -32.14
C ASN XA 107 -109.57 42.34 -31.20
N TYR XA 108 -110.78 41.89 -31.52
CA TYR XA 108 -111.95 42.15 -30.70
C TYR XA 108 -112.67 40.84 -30.42
N MET XA 109 -113.26 40.76 -29.23
CA MET XA 109 -113.93 39.55 -28.79
C MET XA 109 -115.10 39.95 -27.91
N ILE XA 110 -116.18 39.17 -27.97
CA ILE XA 110 -117.37 39.44 -27.18
C ILE XA 110 -117.77 38.17 -26.44
N LYS XA 111 -118.40 38.35 -25.28
CA LYS XA 111 -118.91 37.25 -24.48
C LYS XA 111 -120.40 37.45 -24.26
N ARG XA 112 -121.17 36.38 -24.47
CA ARG XA 112 -122.61 36.44 -24.27
C ARG XA 112 -122.96 36.16 -22.81
N LEU XA 113 -124.15 36.60 -22.41
CA LEU XA 113 -124.60 36.40 -21.05
C LEU XA 113 -125.00 34.96 -20.82
N ASP XA 114 -125.02 34.57 -19.54
CA ASP XA 114 -125.54 33.29 -19.09
C ASP XA 114 -126.71 33.58 -18.16
N ARG XA 115 -127.77 32.79 -18.28
CA ARG XA 115 -129.02 33.05 -17.58
C ARG XA 115 -129.34 31.91 -16.63
N ARG XA 116 -129.53 32.25 -15.35
CA ARG XA 116 -129.92 31.30 -14.33
C ARG XA 116 -131.16 31.81 -13.62
N SER XA 117 -131.59 31.09 -12.59
CA SER XA 117 -132.76 31.49 -11.82
C SER XA 117 -132.71 30.78 -10.47
N LEU XA 118 -133.45 31.34 -9.52
CA LEU XA 118 -133.59 30.75 -8.20
C LEU XA 118 -135.08 30.72 -7.85
N ASN XA 119 -135.46 29.73 -7.04
CA ASN XA 119 -136.86 29.62 -6.66
C ASN XA 119 -136.98 28.80 -5.38
N ALA XA 120 -138.15 28.90 -4.76
CA ALA XA 120 -138.43 28.20 -3.51
C ALA XA 120 -139.94 28.24 -3.26
N ALA XA 121 -140.42 27.24 -2.54
CA ALA XA 121 -141.85 27.06 -2.29
C ALA XA 121 -142.22 27.55 -0.90
N PHE XA 122 -143.48 27.90 -0.74
CA PHE XA 122 -143.97 28.52 0.49
C PHE XA 122 -145.36 28.00 0.87
N SER XA 123 -145.64 26.74 0.56
CA SER XA 123 -147.00 26.22 0.70
C SER XA 123 -147.52 26.40 2.12
N ILE XA 124 -148.73 26.95 2.23
CA ILE XA 124 -149.38 27.16 3.51
C ILE XA 124 -150.61 26.25 3.58
N ALA XA 125 -151.00 25.89 4.80
CA ALA XA 125 -151.93 24.80 5.04
C ALA XA 125 -153.33 25.16 4.57
N VAL XA 126 -154.29 24.25 4.77
CA VAL XA 126 -155.65 24.46 4.33
C VAL XA 126 -156.59 24.85 5.47
N GLU XA 127 -156.14 24.80 6.73
CA GLU XA 127 -157.01 25.16 7.84
C GLU XA 127 -156.64 26.51 8.49
N ALA XA 128 -155.60 27.21 8.01
CA ALA XA 128 -154.92 28.26 8.82
C ALA XA 128 -154.87 29.71 8.24
N LEU XA 129 -155.31 29.93 6.99
CA LEU XA 129 -155.29 31.26 6.35
C LEU XA 129 -156.55 32.10 6.60
N GLY XA 130 -157.66 31.53 6.86
CA GLY XA 130 -158.92 32.29 7.12
C GLY XA 130 -159.23 32.54 8.55
N LEU XA 131 -158.53 31.81 9.44
CA LEU XA 131 -158.08 32.45 10.66
C LEU XA 131 -157.11 33.55 10.30
N ILE XA 132 -156.16 33.33 9.36
CA ILE XA 132 -155.34 34.49 8.98
C ILE XA 132 -156.16 35.45 8.07
N SER XA 133 -157.14 34.95 7.30
CA SER XA 133 -157.99 35.88 6.54
C SER XA 133 -159.18 36.35 7.35
N GLY XA 134 -159.33 35.87 8.58
CA GLY XA 134 -160.40 36.30 9.44
C GLY XA 134 -161.78 35.87 9.04
N GLU XA 135 -161.93 35.16 7.92
CA GLU XA 135 -163.24 34.70 7.51
C GLU XA 135 -163.85 33.76 8.54
N ASN XA 136 -163.23 32.61 8.76
CA ASN XA 136 -163.77 31.60 9.67
C ASN XA 136 -163.57 31.95 11.14
N LEU XA 137 -163.02 33.12 11.45
CA LEU XA 137 -162.84 33.51 12.84
C LEU XA 137 -164.21 33.71 13.49
N ASP XA 138 -164.46 32.97 14.55
CA ASP XA 138 -165.63 33.19 15.39
C ASP XA 138 -165.20 33.79 16.73
N GLY XA 139 -166.12 34.51 17.36
CA GLY XA 139 -165.74 35.27 18.54
C GLY XA 139 -165.75 34.42 19.78
N THR XA 140 -164.57 33.92 20.14
CA THR XA 140 -164.38 33.11 21.33
C THR XA 140 -163.04 33.46 21.92
N HIS XA 141 -162.87 33.12 23.19
CA HIS XA 141 -161.54 33.23 23.76
C HIS XA 141 -160.64 32.09 23.36
N ILE XA 142 -161.11 31.19 22.49
CA ILE XA 142 -160.34 30.03 22.11
C ILE XA 142 -159.81 30.18 20.69
N SER XA 143 -160.61 30.81 19.82
CA SER XA 143 -160.18 30.94 18.43
C SER XA 143 -159.15 32.05 18.25
N SER XA 144 -159.18 33.06 19.12
CA SER XA 144 -158.15 34.09 19.05
C SER XA 144 -156.77 33.50 19.23
N ALA XA 145 -156.61 32.62 20.22
CA ALA XA 145 -155.31 31.99 20.43
C ALA XA 145 -154.88 31.20 19.20
N MET XA 146 -155.83 30.56 18.53
CA MET XA 146 -155.48 29.78 17.35
C MET XA 146 -155.09 30.69 16.19
N ARG XA 147 -155.74 31.84 16.05
CA ARG XA 147 -155.31 32.78 15.01
C ARG XA 147 -153.93 33.32 15.32
N LEU XA 148 -153.66 33.62 16.59
CA LEU XA 148 -152.31 34.04 16.96
C LEU XA 148 -151.29 32.97 16.60
N ARG XA 149 -151.62 31.70 16.83
CA ARG XA 149 -150.72 30.63 16.47
C ARG XA 149 -150.51 30.55 14.96
N ALA XA 150 -151.58 30.71 14.19
CA ALA XA 150 -151.45 30.66 12.73
C ALA XA 150 -150.57 31.79 12.23
N ILE XA 151 -150.73 32.99 12.79
CA ILE XA 151 -149.89 34.11 12.40
C ILE XA 151 -148.44 33.83 12.75
N GLN XA 152 -148.21 33.30 13.96
CA GLN XA 152 -146.85 32.97 14.35
C GLN XA 152 -146.23 31.97 13.38
N GLN XA 153 -147.01 30.97 12.96
CA GLN XA 153 -146.50 29.97 12.04
C GLN XA 153 -146.16 30.58 10.69
N LEU XA 154 -147.07 31.40 10.15
CA LEU XA 154 -146.81 32.04 8.87
C LEU XA 154 -145.57 32.90 8.93
N ALA XA 155 -145.39 33.63 10.03
CA ALA XA 155 -144.22 34.48 10.17
C ALA XA 155 -142.95 33.64 10.21
N ARG XA 156 -142.93 32.62 11.07
CA ARG XA 156 -141.74 31.78 11.18
C ARG XA 156 -141.45 31.03 9.89
N ASN XA 157 -142.45 30.87 9.03
CA ASN XA 157 -142.25 30.22 7.75
C ASN XA 157 -141.66 31.20 6.73
N VAL XA 158 -142.22 32.40 6.64
CA VAL XA 158 -141.71 33.35 5.66
C VAL XA 158 -140.33 33.82 6.04
N GLN XA 159 -140.01 33.88 7.34
CA GLN XA 159 -138.67 34.29 7.74
C GLN XA 159 -137.63 33.24 7.37
N ALA XA 160 -138.05 31.99 7.19
CA ALA XA 160 -137.12 30.98 6.69
C ALA XA 160 -137.02 31.06 5.17
N VAL XA 161 -138.15 31.19 4.49
CA VAL XA 161 -138.12 31.21 3.02
C VAL XA 161 -137.32 32.41 2.53
N LEU XA 162 -137.50 33.56 3.17
CA LEU XA 162 -136.74 34.74 2.77
C LEU XA 162 -135.24 34.50 2.96
N ASP XA 163 -134.85 33.88 4.07
CA ASP XA 163 -133.45 33.62 4.32
C ASP XA 163 -132.83 32.68 3.30
N SER XA 164 -133.66 31.91 2.59
CA SER XA 164 -133.12 30.96 1.63
C SER XA 164 -132.37 31.67 0.51
N PHE XA 165 -132.78 32.87 0.13
CA PHE XA 165 -132.20 33.51 -1.04
C PHE XA 165 -130.79 34.04 -0.81
N GLU XA 166 -130.27 33.99 0.42
CA GLU XA 166 -128.88 34.40 0.65
C GLU XA 166 -127.95 33.20 0.44
N ARG XA 167 -128.21 32.11 1.17
CA ARG XA 167 -127.53 30.86 0.87
C ARG XA 167 -127.69 30.48 -0.59
N GLY XA 168 -128.77 30.91 -1.22
CA GLY XA 168 -128.95 30.64 -2.63
C GLY XA 168 -127.82 31.21 -3.47
N THR XA 169 -127.56 32.51 -3.31
CA THR XA 169 -126.47 33.11 -4.07
C THR XA 169 -125.12 32.58 -3.62
N ALA XA 170 -124.97 32.32 -2.32
CA ALA XA 170 -123.70 31.78 -1.84
C ALA XA 170 -123.42 30.41 -2.43
N ASP XA 171 -124.46 29.65 -2.75
CA ASP XA 171 -124.28 28.36 -3.42
C ASP XA 171 -124.08 28.54 -4.90
N GLN XA 172 -124.83 29.46 -5.52
CA GLN XA 172 -124.73 29.69 -6.94
C GLN XA 172 -123.33 30.13 -7.34
N MET XA 173 -122.68 30.95 -6.51
CA MET XA 173 -121.33 31.40 -6.84
C MET XA 173 -120.38 30.23 -6.95
N LEU XA 174 -120.39 29.32 -5.97
CA LEU XA 174 -119.55 28.14 -6.05
C LEU XA 174 -119.93 27.30 -7.27
N ARG XA 175 -121.22 27.08 -7.47
CA ARG XA 175 -121.67 26.19 -8.55
C ARG XA 175 -121.25 26.71 -9.90
N VAL XA 176 -121.16 28.02 -10.07
CA VAL XA 176 -120.78 28.57 -11.37
C VAL XA 176 -119.26 28.70 -11.49
N LEU XA 177 -118.55 28.99 -10.40
CA LEU XA 177 -117.11 29.08 -10.49
C LEU XA 177 -116.48 27.72 -10.72
N MET XA 178 -117.11 26.66 -10.23
CA MET XA 178 -116.55 25.33 -10.38
C MET XA 178 -116.43 24.94 -11.85
N GLU XA 179 -117.47 25.17 -12.63
CA GLU XA 179 -117.44 24.80 -14.04
C GLU XA 179 -116.37 25.58 -14.80
N LYS XA 180 -116.10 26.81 -14.41
CA LYS XA 180 -115.17 27.67 -15.12
C LYS XA 180 -113.71 27.35 -14.82
N ALA XA 181 -113.44 26.47 -13.85
CA ALA XA 181 -112.09 26.34 -13.34
C ALA XA 181 -111.45 25.05 -13.84
N PRO XA 182 -110.43 25.11 -14.69
CA PRO XA 182 -109.70 23.92 -15.04
C PRO XA 182 -108.78 23.54 -13.91
N PRO XA 183 -108.36 22.27 -13.83
CA PRO XA 183 -107.48 21.87 -12.73
C PRO XA 183 -106.09 22.47 -12.90
N LEU XA 184 -105.48 22.76 -11.74
CA LEU XA 184 -104.16 23.38 -11.77
C LEU XA 184 -103.12 22.47 -12.41
N SER XA 185 -103.21 21.17 -12.14
CA SER XA 185 -102.25 20.23 -12.69
C SER XA 185 -102.19 20.31 -14.21
N LEU XA 186 -103.33 20.51 -14.85
CA LEU XA 186 -103.40 20.65 -16.29
C LEU XA 186 -103.22 22.09 -16.76
N LEU XA 187 -102.67 22.95 -15.91
CA LEU XA 187 -102.48 24.34 -16.31
C LEU XA 187 -101.05 24.79 -16.09
N ALA XA 188 -100.42 24.32 -15.01
CA ALA XA 188 -99.04 24.70 -14.72
C ALA XA 188 -98.08 24.39 -15.86
N PRO XA 189 -98.11 23.22 -16.49
CA PRO XA 189 -97.26 23.04 -17.68
C PRO XA 189 -97.79 23.79 -18.89
N PHE XA 190 -99.09 24.07 -18.94
CA PHE XA 190 -99.61 24.84 -20.07
C PHE XA 190 -99.10 26.27 -20.07
N THR XA 191 -98.69 26.78 -18.92
CA THR XA 191 -98.22 28.16 -18.85
C THR XA 191 -96.72 28.30 -19.02
N LEU XA 192 -95.98 27.20 -19.03
CA LEU XA 192 -94.55 27.28 -19.30
C LEU XA 192 -94.23 27.10 -20.77
N TYR XA 193 -95.20 26.70 -21.57
CA TYR XA 193 -95.00 26.56 -23.01
C TYR XA 193 -95.81 27.57 -23.81
N GLU XA 194 -96.23 28.66 -23.17
CA GLU XA 194 -97.03 29.67 -23.86
C GLU XA 194 -96.24 30.32 -24.98
N GLY XA 195 -96.95 30.71 -26.03
CA GLY XA 195 -96.32 31.35 -27.16
C GLY XA 195 -95.46 30.45 -28.00
N ARG XA 196 -95.39 29.16 -27.69
CA ARG XA 196 -94.66 28.20 -28.50
C ARG XA 196 -95.60 27.28 -29.27
N LEU XA 197 -96.90 27.41 -29.09
CA LEU XA 197 -97.87 26.47 -29.63
C LEU XA 197 -98.07 26.62 -31.10
N ALA XA 198 -97.24 27.38 -31.80
CA ALA XA 198 -97.41 27.52 -33.25
C ALA XA 198 -97.04 26.22 -33.96
N ASP XA 199 -95.80 25.75 -33.77
CA ASP XA 199 -95.33 24.55 -34.46
C ASP XA 199 -96.01 23.32 -33.89
N ARG XA 200 -95.63 22.16 -34.42
CA ARG XA 200 -96.20 20.89 -33.99
C ARG XA 200 -95.35 20.18 -32.95
N VAL XA 201 -94.02 20.30 -33.06
CA VAL XA 201 -93.13 19.61 -32.14
C VAL XA 201 -93.39 20.06 -30.71
N ALA XA 202 -93.54 21.36 -30.50
CA ALA XA 202 -93.81 21.87 -29.17
C ALA XA 202 -95.17 21.39 -28.68
N CYS XA 203 -96.15 21.32 -29.57
CA CYS XA 203 -97.48 20.84 -29.17
C CYS XA 203 -97.41 19.39 -28.70
N ALA XA 204 -96.58 18.58 -29.35
CA ALA XA 204 -96.43 17.20 -28.90
C ALA XA 204 -95.71 17.12 -27.57
N ALA XA 205 -94.56 17.80 -27.47
CA ALA XA 205 -93.80 17.81 -26.23
C ALA XA 205 -94.61 18.37 -25.08
N LEU XA 206 -95.65 19.14 -25.37
CA LEU XA 206 -96.51 19.64 -24.30
C LEU XA 206 -97.31 18.52 -23.66
N VAL XA 207 -98.10 17.79 -24.46
CA VAL XA 207 -98.90 16.72 -23.88
C VAL XA 207 -98.01 15.63 -23.29
N SER XA 208 -96.81 15.45 -23.84
CA SER XA 208 -95.90 14.50 -23.22
C SER XA 208 -95.57 14.89 -21.78
N GLU XA 209 -95.73 16.17 -21.43
CA GLU XA 209 -95.54 16.62 -20.06
C GLU XA 209 -96.84 16.69 -19.29
N LEU XA 210 -97.94 17.00 -19.98
CA LEU XA 210 -99.25 16.98 -19.35
C LEU XA 210 -99.53 15.61 -18.75
N LYS XA 211 -99.25 14.55 -19.50
CA LYS XA 211 -99.46 13.20 -18.97
C LYS XA 211 -98.64 12.97 -17.71
N ARG XA 212 -97.35 13.34 -17.74
CA ARG XA 212 -96.52 13.11 -16.58
C ARG XA 212 -96.96 13.95 -15.39
N ARG XA 213 -97.58 15.09 -15.64
CA ARG XA 213 -98.03 15.94 -14.54
C ARG XA 213 -99.31 15.38 -13.91
N VAL XA 214 -100.27 14.99 -14.74
CA VAL XA 214 -101.57 14.61 -14.21
C VAL XA 214 -101.48 13.36 -13.35
N ARG XA 215 -100.44 12.56 -13.52
CA ARG XA 215 -100.30 11.30 -12.80
C ARG XA 215 -99.27 11.37 -11.69
N ASP XA 216 -98.73 12.55 -11.40
CA ASP XA 216 -97.72 12.66 -10.35
C ASP XA 216 -98.11 13.61 -9.24
N ASP XA 217 -98.56 14.82 -9.54
CA ASP XA 217 -98.89 15.78 -8.50
C ASP XA 217 -100.39 16.07 -8.43
N THR XA 218 -101.21 15.12 -8.84
CA THR XA 218 -102.65 15.30 -8.77
C THR XA 218 -103.21 15.11 -7.36
N PHE XA 219 -102.36 14.89 -6.37
CA PHE XA 219 -102.82 14.73 -4.99
C PHE XA 219 -101.68 15.17 -4.07
N PHE XA 220 -101.73 16.39 -3.59
CA PHE XA 220 -100.78 16.86 -2.60
C PHE XA 220 -101.43 16.81 -1.22
N LEU XA 221 -100.69 17.27 -0.21
CA LEU XA 221 -101.20 17.40 1.15
C LEU XA 221 -101.47 16.03 1.77
N THR XA 222 -101.35 14.98 0.97
CA THR XA 222 -101.58 13.62 1.42
C THR XA 222 -100.52 12.64 0.98
N LYS XA 223 -99.74 12.96 -0.06
CA LYS XA 223 -98.60 12.16 -0.47
C LYS XA 223 -97.27 12.82 -0.12
N HIS XA 224 -97.30 14.07 0.34
CA HIS XA 224 -96.11 14.78 0.79
C HIS XA 224 -96.35 15.44 2.15
N GLU XA 225 -97.25 14.83 2.95
CA GLU XA 225 -97.53 15.38 4.28
C GLU XA 225 -96.28 15.42 5.15
N ARG XA 226 -95.38 14.47 4.95
CA ARG XA 226 -94.10 14.50 5.67
C ARG XA 226 -93.32 15.76 5.34
N ASN XA 227 -93.24 16.11 4.06
CA ASN XA 227 -92.62 17.36 3.66
C ASN XA 227 -93.55 18.53 3.98
N LYS XA 228 -92.99 19.72 3.95
CA LYS XA 228 -93.78 20.92 4.20
C LYS XA 228 -93.62 21.97 3.10
N ASP XA 229 -92.41 22.15 2.58
CA ASP XA 229 -92.19 23.20 1.59
C ASP XA 229 -92.91 22.91 0.29
N ALA XA 230 -93.09 21.64 -0.05
CA ALA XA 230 -93.80 21.29 -1.27
C ALA XA 230 -95.22 21.84 -1.26
N VAL XA 231 -95.88 21.79 -0.10
CA VAL XA 231 -97.25 22.27 0.00
C VAL XA 231 -97.29 23.78 -0.27
N LEU XA 232 -96.41 24.53 0.39
CA LEU XA 232 -96.37 25.97 0.19
C LEU XA 232 -96.08 26.31 -1.26
N ASP XA 233 -95.16 25.58 -1.89
CA ASP XA 233 -94.81 25.88 -3.27
C ASP XA 233 -95.98 25.58 -4.19
N ARG XA 234 -96.72 24.50 -3.94
CA ARG XA 234 -97.91 24.20 -4.73
C ARG XA 234 -98.94 25.30 -4.59
N LEU XA 235 -99.17 25.75 -3.35
CA LEU XA 235 -100.13 26.83 -3.14
C LEU XA 235 -99.73 28.09 -3.88
N SER XA 236 -98.44 28.43 -3.83
CA SER XA 236 -97.99 29.63 -4.51
C SER XA 236 -98.16 29.51 -6.02
N ASP XA 237 -97.82 28.34 -6.58
CA ASP XA 237 -98.07 28.11 -7.99
C ASP XA 237 -99.53 28.29 -8.32
N LEU XA 238 -100.41 27.79 -7.46
CA LEU XA 238 -101.85 27.92 -7.70
C LEU XA 238 -102.27 29.39 -7.72
N VAL XA 239 -101.87 30.13 -6.69
CA VAL XA 239 -102.33 31.51 -6.56
C VAL XA 239 -101.79 32.37 -7.69
N ASN XA 240 -100.57 32.12 -8.14
CA ASN XA 240 -99.97 32.97 -9.16
C ASN XA 240 -100.19 32.46 -10.58
N CYS XA 241 -100.79 31.29 -10.76
CA CYS XA 241 -100.89 30.72 -12.11
C CYS XA 241 -101.95 31.40 -12.96
N THR XA 242 -103.01 31.90 -12.34
CA THR XA 242 -104.09 32.55 -13.07
C THR XA 242 -103.70 33.99 -13.40
N ALA XA 243 -104.67 34.78 -13.85
CA ALA XA 243 -104.38 36.12 -14.33
C ALA XA 243 -105.28 37.14 -13.66
N PRO XA 244 -104.80 38.37 -13.46
CA PRO XA 244 -105.66 39.42 -12.91
C PRO XA 244 -106.73 39.82 -13.91
N SER XA 245 -107.91 40.12 -13.39
CA SER XA 245 -109.04 40.51 -14.21
C SER XA 245 -109.17 42.03 -14.27
N VAL XA 246 -110.30 42.51 -14.79
CA VAL XA 246 -110.54 43.94 -14.88
C VAL XA 246 -110.49 44.54 -13.49
N ALA XA 247 -110.11 45.81 -13.42
CA ALA XA 247 -110.05 46.56 -12.17
C ALA XA 247 -111.26 47.47 -12.09
N VAL XA 248 -112.07 47.29 -11.04
CA VAL XA 248 -113.21 48.16 -10.78
C VAL XA 248 -112.94 48.92 -9.50
N ALA XA 249 -113.39 50.18 -9.46
CA ALA XA 249 -113.06 51.09 -8.37
C ALA XA 249 -114.07 51.08 -7.25
N ARG XA 250 -114.74 49.94 -7.02
CA ARG XA 250 -115.79 49.87 -6.01
C ARG XA 250 -115.53 48.85 -4.91
N MET XA 251 -114.83 47.75 -5.20
CA MET XA 251 -114.69 46.67 -4.23
C MET XA 251 -114.09 47.19 -2.92
N THR XA 252 -112.84 47.64 -2.98
CA THR XA 252 -112.14 48.18 -1.82
C THR XA 252 -112.10 47.20 -0.65
N HIS XA 253 -112.20 45.90 -0.95
CA HIS XA 253 -112.07 44.88 0.09
C HIS XA 253 -110.64 44.94 0.63
N ALA XA 254 -110.48 45.44 1.84
CA ALA XA 254 -109.17 45.65 2.41
C ALA XA 254 -109.09 45.04 3.80
N ASP XA 255 -107.86 44.81 4.25
CA ASP XA 255 -107.63 44.30 5.59
C ASP XA 255 -107.86 45.44 6.58
N THR XA 256 -107.52 45.19 7.84
CA THR XA 256 -107.74 46.19 8.87
C THR XA 256 -106.83 47.39 8.67
N GLN XA 257 -105.58 47.17 8.25
CA GLN XA 257 -104.60 48.24 8.20
C GLN XA 257 -104.40 48.81 6.79
N GLY XA 258 -104.01 47.96 5.85
CA GLY XA 258 -103.44 48.45 4.61
C GLY XA 258 -103.96 47.84 3.32
N ARG XA 259 -103.03 47.25 2.55
CA ARG XA 259 -103.29 46.90 1.17
C ARG XA 259 -104.54 46.02 1.04
N PRO XA 260 -105.25 46.13 -0.08
CA PRO XA 260 -106.48 45.37 -0.26
C PRO XA 260 -106.20 43.93 -0.65
N VAL XA 261 -107.21 43.10 -0.44
CA VAL XA 261 -107.13 41.67 -0.70
C VAL XA 261 -107.19 41.42 -2.20
N ASP XA 262 -106.91 40.18 -2.62
CA ASP XA 262 -106.89 39.85 -4.04
C ASP XA 262 -107.80 38.70 -4.44
N GLY XA 263 -108.17 37.82 -3.53
CA GLY XA 263 -109.01 36.69 -3.92
C GLY XA 263 -109.65 35.94 -2.78
N VAL XA 264 -109.80 34.63 -2.92
CA VAL XA 264 -110.43 33.79 -1.91
C VAL XA 264 -110.04 32.34 -2.16
N LEU XA 265 -109.81 31.60 -1.09
CA LEU XA 265 -109.44 30.19 -1.14
C LEU XA 265 -110.56 29.39 -0.50
N VAL XA 266 -111.56 29.03 -1.28
CA VAL XA 266 -112.68 28.25 -0.74
C VAL XA 266 -112.25 26.80 -0.58
N THR XA 267 -112.60 26.19 0.54
CA THR XA 267 -112.06 24.89 0.88
C THR XA 267 -112.93 24.24 1.96
N THR XA 268 -113.02 22.91 1.91
CA THR XA 268 -113.76 22.17 2.92
C THR XA 268 -113.09 22.30 4.29
N ALA XA 269 -113.73 21.72 5.30
CA ALA XA 269 -113.35 22.01 6.68
C ALA XA 269 -112.03 21.35 7.06
N GLY XA 270 -111.95 20.03 6.92
CA GLY XA 270 -110.77 19.33 7.40
C GLY XA 270 -109.49 19.79 6.72
N VAL XA 271 -109.56 20.02 5.41
CA VAL XA 271 -108.40 20.55 4.70
C VAL XA 271 -107.99 21.89 5.30
N ARG XA 272 -108.97 22.75 5.59
CA ARG XA 272 -108.66 24.05 6.16
C ARG XA 272 -107.98 23.91 7.53
N GLN XA 273 -108.53 23.04 8.37
CA GLN XA 273 -107.92 22.85 9.69
C GLN XA 273 -106.49 22.33 9.56
N ARG XA 274 -106.25 21.43 8.61
CA ARG XA 274 -104.89 20.94 8.44
C ARG XA 274 -103.97 22.05 7.95
N LEU XA 275 -104.48 22.94 7.10
CA LEU XA 275 -103.66 24.04 6.62
C LEU XA 275 -103.28 24.99 7.76
N LEU XA 276 -104.26 25.32 8.61
CA LEU XA 276 -104.03 26.40 9.57
C LEU XA 276 -103.13 26.03 10.73
N HIS XA 277 -102.88 24.74 10.96
CA HIS XA 277 -102.16 24.34 12.17
C HIS XA 277 -100.70 24.06 11.96
N HIS XA 278 -100.26 23.79 10.73
CA HIS XA 278 -98.88 23.36 10.57
C HIS XA 278 -98.13 24.12 9.49
N VAL XA 279 -98.85 24.66 8.52
CA VAL XA 279 -98.16 25.19 7.34
C VAL XA 279 -98.56 26.63 7.03
N LEU XA 280 -99.77 27.04 7.41
CA LEU XA 280 -100.26 28.38 7.12
C LEU XA 280 -100.58 29.11 8.41
N THR XA 281 -100.21 30.38 8.48
CA THR XA 281 -100.46 31.22 9.65
C THR XA 281 -101.40 32.36 9.29
N LEU XA 282 -102.26 32.73 10.23
CA LEU XA 282 -103.25 33.78 9.99
C LEU XA 282 -102.56 35.15 10.01
N ALA XA 283 -102.54 35.81 8.86
CA ALA XA 283 -101.96 37.15 8.80
C ALA XA 283 -102.78 38.14 9.61
N ASP XA 284 -104.05 38.33 9.22
CA ASP XA 284 -104.95 39.23 9.92
C ASP XA 284 -106.32 38.58 9.99
N THR XA 285 -107.14 39.05 10.93
CA THR XA 285 -108.42 38.40 11.23
C THR XA 285 -109.61 39.35 11.18
N HIS XA 286 -109.51 40.47 10.46
CA HIS XA 286 -110.63 41.40 10.35
C HIS XA 286 -110.48 42.18 9.06
N ALA XA 287 -111.53 42.16 8.24
CA ALA XA 287 -111.51 42.82 6.94
C ALA XA 287 -112.55 43.94 6.91
N ASP XA 288 -112.43 44.80 5.92
CA ASP XA 288 -113.34 45.92 5.72
C ASP XA 288 -113.97 45.79 4.34
N VAL XA 289 -115.24 45.44 4.30
CA VAL XA 289 -115.92 45.09 3.06
C VAL XA 289 -116.97 46.16 2.76
N PRO XA 290 -117.43 46.29 1.52
CA PRO XA 290 -118.51 47.25 1.23
C PRO XA 290 -119.79 46.83 1.92
N VAL XA 291 -120.79 47.70 1.82
CA VAL XA 291 -122.02 47.50 2.56
C VAL XA 291 -123.23 47.29 1.67
N THR XA 292 -123.18 47.65 0.39
CA THR XA 292 -124.35 47.65 -0.46
C THR XA 292 -124.00 47.19 -1.86
N TYR XA 293 -125.02 46.73 -2.58
CA TYR XA 293 -124.84 46.31 -3.97
C TYR XA 293 -124.55 47.52 -4.85
N GLY XA 294 -124.39 47.24 -6.14
CA GLY XA 294 -124.33 48.28 -7.14
C GLY XA 294 -125.71 48.50 -7.75
N GLU XA 295 -125.79 49.50 -8.61
CA GLU XA 295 -127.05 49.87 -9.23
C GLU XA 295 -126.85 50.16 -10.71
N MET XA 296 -127.88 49.87 -11.51
CA MET XA 296 -127.86 50.19 -12.92
C MET XA 296 -129.29 50.13 -13.43
N VAL XA 297 -129.72 51.19 -14.12
CA VAL XA 297 -131.08 51.31 -14.60
C VAL XA 297 -131.09 52.24 -15.80
N ILE XA 298 -131.99 51.98 -16.74
CA ILE XA 298 -132.14 52.82 -17.92
C ILE XA 298 -132.93 54.06 -17.54
N ALA XA 299 -132.42 55.24 -17.90
CA ALA XA 299 -133.02 56.49 -17.46
C ALA XA 299 -132.69 57.60 -18.44
N ASN XA 300 -133.71 58.05 -19.17
CA ASN XA 300 -133.77 59.32 -19.88
C ASN XA 300 -132.78 59.42 -21.04
N THR XA 301 -131.90 58.48 -21.18
CA THR XA 301 -131.11 58.47 -22.41
C THR XA 301 -131.06 57.11 -23.05
N ASN XA 302 -131.00 56.03 -22.25
CA ASN XA 302 -131.19 54.70 -22.79
C ASN XA 302 -132.66 54.43 -23.09
N LEU XA 303 -133.56 55.24 -22.53
CA LEU XA 303 -134.98 54.98 -22.70
C LEU XA 303 -135.38 55.11 -24.15
N VAL XA 304 -135.18 56.29 -24.75
CA VAL XA 304 -135.61 56.51 -26.13
C VAL XA 304 -134.95 55.50 -27.05
N THR XA 305 -133.66 55.23 -26.85
CA THR XA 305 -132.96 54.28 -27.69
C THR XA 305 -133.57 52.90 -27.59
N ALA XA 306 -133.67 52.35 -26.38
CA ALA XA 306 -134.20 51.01 -26.21
C ALA XA 306 -135.63 50.91 -26.67
N LEU XA 307 -136.37 52.02 -26.66
CA LEU XA 307 -137.79 51.95 -27.01
C LEU XA 307 -138.02 52.06 -28.51
N VAL XA 308 -137.27 52.92 -29.20
CA VAL XA 308 -137.48 53.15 -30.63
C VAL XA 308 -136.56 52.29 -31.48
N MET XA 309 -135.26 52.28 -31.17
CA MET XA 309 -134.30 51.55 -31.98
C MET XA 309 -134.25 50.08 -31.61
N GLY XA 310 -133.91 49.79 -30.35
CA GLY XA 310 -133.80 48.43 -29.89
C GLY XA 310 -132.45 48.14 -29.30
N LYS XA 311 -131.71 49.18 -28.93
CA LYS XA 311 -130.41 49.03 -28.30
C LYS XA 311 -130.33 49.93 -27.08
N ALA XA 312 -129.42 49.57 -26.18
CA ALA XA 312 -129.16 50.36 -24.98
C ALA XA 312 -127.82 49.94 -24.41
N VAL XA 313 -126.95 50.91 -24.17
CA VAL XA 313 -125.62 50.64 -23.64
C VAL XA 313 -125.58 51.07 -22.17
N SER XA 314 -124.62 50.50 -21.44
CA SER XA 314 -124.52 50.79 -20.02
C SER XA 314 -124.09 52.22 -19.77
N ASN XA 315 -122.89 52.59 -20.25
CA ASN XA 315 -122.36 53.92 -20.00
C ASN XA 315 -122.78 54.88 -21.12
N MET XA 316 -124.10 54.97 -21.32
CA MET XA 316 -124.61 55.91 -22.31
C MET XA 316 -124.41 57.35 -21.86
N ASP XA 317 -124.38 57.60 -20.55
CA ASP XA 317 -124.31 58.97 -20.05
C ASP XA 317 -122.96 59.60 -20.40
N ASP XA 318 -121.86 58.95 -20.04
CA ASP XA 318 -120.55 59.47 -20.39
C ASP XA 318 -120.37 59.56 -21.90
N VAL XA 319 -120.96 58.61 -22.64
CA VAL XA 319 -120.84 58.63 -24.10
C VAL XA 319 -121.53 59.86 -24.66
N ALA XA 320 -122.72 60.17 -24.16
CA ALA XA 320 -123.42 61.37 -24.63
C ALA XA 320 -122.65 62.62 -24.24
N ARG XA 321 -122.11 62.66 -23.02
CA ARG XA 321 -121.38 63.85 -22.58
C ARG XA 321 -120.12 64.07 -23.40
N TYR XA 322 -119.46 62.99 -23.82
CA TYR XA 322 -118.22 63.15 -24.57
C TYR XA 322 -118.50 63.36 -26.06
N LEU XA 323 -119.60 62.81 -26.56
CA LEU XA 323 -119.92 62.93 -27.98
C LEU XA 323 -120.16 64.39 -28.34
N LEU XA 324 -121.20 64.98 -27.78
CA LEU XA 324 -121.43 66.41 -27.93
C LEU XA 324 -120.65 67.15 -26.86
N GLY XA 325 -120.78 68.47 -26.85
CA GLY XA 325 -120.02 69.30 -25.94
C GLY XA 325 -120.26 68.99 -24.47
N GLY XA 326 -121.50 69.08 -24.03
CA GLY XA 326 -121.84 68.83 -22.66
C GLY XA 326 -121.69 70.06 -21.79
N GLY XA 337 -119.27 53.41 1.14
CA GLY XA 337 -119.42 52.89 2.49
C GLY XA 337 -118.36 51.88 2.86
N SER XA 338 -118.49 51.31 4.05
CA SER XA 338 -117.56 50.30 4.55
C SER XA 338 -118.15 49.69 5.82
N ALA XA 339 -117.62 48.52 6.18
CA ALA XA 339 -118.04 47.83 7.39
C ALA XA 339 -116.88 46.98 7.87
N ARG XA 340 -117.05 46.34 9.03
CA ARG XA 340 -116.01 45.52 9.62
C ARG XA 340 -116.58 44.15 9.95
N VAL XA 341 -115.98 43.11 9.38
CA VAL XA 341 -116.46 41.74 9.53
C VAL XA 341 -115.28 40.85 9.93
N ARG XA 342 -115.57 39.87 10.79
CA ARG XA 342 -114.57 38.89 11.18
C ARG XA 342 -114.38 37.90 10.04
N ALA XA 343 -113.21 37.92 9.42
CA ALA XA 343 -112.85 36.99 8.37
C ALA XA 343 -111.44 36.47 8.62
N ASP XA 344 -110.96 35.64 7.71
CA ASP XA 344 -109.63 35.04 7.83
C ASP XA 344 -108.78 35.51 6.66
N LEU XA 345 -107.71 36.23 6.96
CA LEU XA 345 -106.80 36.74 5.94
C LEU XA 345 -105.42 36.11 6.14
N VAL XA 346 -104.88 35.56 5.05
CA VAL XA 346 -103.56 34.94 5.07
C VAL XA 346 -102.74 35.54 3.94
N VAL XA 347 -101.46 35.23 3.94
CA VAL XA 347 -100.55 35.64 2.87
C VAL XA 347 -99.88 34.39 2.31
N VAL XA 348 -99.82 34.30 0.99
CA VAL XA 348 -99.16 33.20 0.29
C VAL XA 348 -98.29 33.80 -0.80
N GLY XA 349 -97.05 33.31 -0.90
CA GLY XA 349 -96.12 33.88 -1.86
C GLY XA 349 -95.93 35.35 -1.58
N ASP XA 350 -96.52 36.19 -2.42
CA ASP XA 350 -96.47 37.63 -2.25
C ASP XA 350 -97.85 38.25 -2.17
N ARG XA 351 -98.90 37.45 -2.04
CA ARG XA 351 -100.26 37.94 -2.12
C ARG XA 351 -100.96 37.88 -0.77
N LEU XA 352 -102.03 38.67 -0.64
CA LEU XA 352 -102.93 38.65 0.51
C LEU XA 352 -104.28 38.18 0.01
N VAL XA 353 -104.87 37.20 0.68
CA VAL XA 353 -106.03 36.52 0.13
C VAL XA 353 -106.87 35.96 1.27
N PHE XA 354 -108.17 35.85 1.02
CA PHE XA 354 -109.12 35.24 1.94
C PHE XA 354 -108.83 33.74 2.07
N LEU XA 355 -109.50 33.10 3.04
CA LEU XA 355 -109.40 31.65 3.20
C LEU XA 355 -110.64 31.18 3.96
N GLU XA 356 -111.56 30.53 3.26
CA GLU XA 356 -112.90 30.33 3.81
C GLU XA 356 -113.32 28.87 3.76
N ALA XA 357 -114.14 28.49 4.73
CA ALA XA 357 -114.82 27.21 4.76
C ALA XA 357 -116.31 27.47 4.96
N LEU XA 358 -117.13 26.91 4.09
CA LEU XA 358 -118.57 27.13 4.10
C LEU XA 358 -119.32 25.85 4.40
N GLU XA 359 -118.81 25.08 5.35
CA GLU XA 359 -119.49 23.87 5.81
C GLU XA 359 -120.43 24.14 6.97
N LYS XA 360 -120.03 25.03 7.88
CA LYS XA 360 -120.74 25.27 9.12
C LYS XA 360 -121.71 26.44 9.01
N ARG XA 361 -121.26 27.56 8.44
CA ARG XA 361 -122.17 28.69 8.26
C ARG XA 361 -123.28 28.35 7.28
N VAL XA 362 -122.92 27.87 6.09
CA VAL XA 362 -123.88 27.47 5.09
C VAL XA 362 -123.75 25.96 4.89
N TYR XA 363 -124.82 25.35 4.37
CA TYR XA 363 -124.91 23.95 4.03
C TYR XA 363 -125.05 23.03 5.24
N GLN XA 364 -124.90 23.57 6.45
CA GLN XA 364 -125.00 22.72 7.63
C GLN XA 364 -126.46 22.48 7.96
N ALA XA 365 -126.80 21.22 8.20
CA ALA XA 365 -128.18 20.81 8.49
C ALA XA 365 -129.12 21.19 7.35
N THR XA 366 -128.74 20.79 6.14
CA THR XA 366 -129.62 20.89 4.99
C THR XA 366 -129.24 19.80 4.01
N GLN XA 367 -130.17 19.48 3.11
CA GLN XA 367 -130.11 18.28 2.30
C GLN XA 367 -129.38 18.49 0.99
N VAL XA 368 -128.50 19.47 0.89
CA VAL XA 368 -127.77 19.79 -0.32
C VAL XA 368 -126.31 19.41 -0.12
N PRO XA 369 -125.74 18.58 -0.97
CA PRO XA 369 -124.34 18.20 -0.80
C PRO XA 369 -123.41 19.37 -1.09
N TYR XA 370 -122.20 19.26 -0.57
CA TYR XA 370 -121.23 20.34 -0.73
C TYR XA 370 -120.58 20.27 -2.11
N PRO XA 371 -120.58 21.35 -2.87
CA PRO XA 371 -120.04 21.30 -4.23
C PRO XA 371 -118.52 21.41 -4.32
N LEU XA 372 -117.81 21.19 -3.22
CA LEU XA 372 -116.36 21.10 -3.28
C LEU XA 372 -115.84 19.67 -3.27
N VAL XA 373 -116.67 18.70 -2.91
CA VAL XA 373 -116.26 17.30 -2.97
C VAL XA 373 -116.44 16.82 -4.40
N GLY XA 374 -115.37 16.89 -5.19
CA GLY XA 374 -115.43 16.58 -6.59
C GLY XA 374 -115.52 15.09 -6.86
N ASN XA 375 -115.28 14.73 -8.12
CA ASN XA 375 -115.39 13.35 -8.56
C ASN XA 375 -114.36 13.10 -9.66
N LEU XA 376 -113.20 12.57 -9.28
CA LEU XA 376 -112.23 12.11 -10.26
C LEU XA 376 -112.75 10.86 -10.96
N ASP XA 377 -112.18 10.55 -12.12
CA ASP XA 377 -112.56 9.35 -12.87
C ASP XA 377 -111.35 8.79 -13.58
N VAL XA 378 -111.09 7.50 -13.35
CA VAL XA 378 -110.01 6.79 -14.01
C VAL XA 378 -110.61 5.57 -14.70
N THR XA 379 -109.81 4.97 -15.58
CA THR XA 379 -110.24 3.79 -16.33
C THR XA 379 -109.10 2.78 -16.32
N PHE XA 380 -109.35 1.61 -15.75
CA PHE XA 380 -108.32 0.61 -15.57
C PHE XA 380 -108.40 -0.46 -16.67
N VAL XA 381 -107.24 -0.98 -17.05
CA VAL XA 381 -107.15 -2.07 -18.01
C VAL XA 381 -106.24 -3.15 -17.46
N MET XA 382 -106.51 -4.38 -17.86
CA MET XA 382 -105.70 -5.50 -17.42
C MET XA 382 -105.80 -6.62 -18.44
N PRO XA 383 -104.71 -6.96 -19.12
CA PRO XA 383 -104.77 -8.02 -20.11
C PRO XA 383 -105.00 -9.36 -19.43
N LEU XA 384 -105.85 -10.18 -20.04
CA LEU XA 384 -106.30 -11.41 -19.38
C LEU XA 384 -105.38 -12.60 -19.68
N GLY XA 385 -105.26 -12.97 -20.95
CA GLY XA 385 -104.61 -14.24 -21.25
C GLY XA 385 -103.49 -14.19 -22.26
N VAL XA 386 -102.68 -13.13 -22.24
CA VAL XA 386 -101.57 -13.06 -23.17
C VAL XA 386 -100.56 -14.15 -22.84
N PHE XA 387 -99.73 -14.46 -23.83
CA PHE XA 387 -98.67 -15.45 -23.67
C PHE XA 387 -97.35 -14.83 -24.08
N LYS XA 388 -96.36 -14.92 -23.22
CA LYS XA 388 -95.07 -14.34 -23.52
C LYS XA 388 -94.25 -15.27 -24.40
N PRO XA 389 -93.41 -14.72 -25.28
CA PRO XA 389 -92.61 -15.56 -26.17
C PRO XA 389 -91.57 -16.38 -25.43
N ALA XA 390 -90.81 -17.19 -26.17
CA ALA XA 390 -89.86 -18.12 -25.55
C ALA XA 390 -88.68 -17.41 -24.89
N ALA XA 391 -88.42 -16.17 -25.26
CA ALA XA 391 -87.20 -15.52 -24.77
C ALA XA 391 -87.35 -15.05 -23.34
N ASP XA 392 -88.53 -14.57 -22.96
CA ASP XA 392 -88.72 -13.92 -21.66
C ASP XA 392 -89.57 -14.77 -20.72
N ARG XA 393 -89.35 -16.08 -20.75
CA ARG XA 393 -89.88 -16.98 -19.73
C ARG XA 393 -88.67 -17.50 -18.95
N TYR XA 394 -88.59 -17.13 -17.67
CA TYR XA 394 -87.35 -17.35 -16.95
C TYR XA 394 -87.60 -17.14 -15.47
N ALA XA 395 -86.96 -17.96 -14.65
CA ALA XA 395 -86.99 -17.76 -13.21
C ALA XA 395 -85.93 -16.74 -12.84
N ARG XA 396 -86.32 -15.76 -12.02
CA ARG XA 396 -85.37 -14.76 -11.55
C ARG XA 396 -84.36 -15.33 -10.57
N HIS XA 397 -84.59 -16.53 -10.06
CA HIS XA 397 -83.66 -17.14 -9.12
C HIS XA 397 -83.72 -18.64 -9.27
N ALA XA 398 -82.67 -19.30 -8.77
CA ALA XA 398 -82.60 -20.76 -8.85
C ALA XA 398 -83.75 -21.39 -8.09
N GLY XA 399 -83.96 -20.98 -6.84
CA GLY XA 399 -85.00 -21.59 -6.07
C GLY XA 399 -86.32 -20.93 -6.39
N SER XA 400 -87.05 -21.57 -7.29
CA SER XA 400 -88.26 -21.00 -7.86
C SER XA 400 -89.42 -21.18 -6.90
N PHE XA 401 -90.63 -20.93 -7.39
CA PHE XA 401 -91.84 -21.33 -6.65
C PHE XA 401 -92.00 -22.84 -6.85
N ALA XA 402 -91.16 -23.58 -6.14
CA ALA XA 402 -91.06 -25.02 -6.37
C ALA XA 402 -92.39 -25.70 -6.10
N PRO XA 403 -92.87 -26.54 -7.01
CA PRO XA 403 -94.10 -27.29 -6.76
C PRO XA 403 -93.82 -28.46 -5.82
N THR XA 404 -94.84 -29.25 -5.57
CA THR XA 404 -94.71 -30.38 -4.65
C THR XA 404 -93.82 -31.45 -5.26
N PRO XA 405 -92.79 -31.90 -4.55
CA PRO XA 405 -91.84 -32.85 -5.14
C PRO XA 405 -92.52 -34.13 -5.56
N GLY XA 406 -92.43 -34.44 -6.84
CA GLY XA 406 -93.15 -35.55 -7.43
C GLY XA 406 -94.38 -35.16 -8.20
N LEU XA 407 -94.50 -33.91 -8.63
CA LEU XA 407 -95.66 -33.41 -9.35
C LEU XA 407 -95.18 -32.49 -10.46
N PRO XA 408 -96.02 -32.24 -11.47
CA PRO XA 408 -95.64 -31.29 -12.51
C PRO XA 408 -95.84 -29.85 -12.07
N ASP XA 409 -95.00 -28.98 -12.61
CA ASP XA 409 -95.12 -27.56 -12.33
C ASP XA 409 -96.32 -26.98 -13.06
N PRO XA 410 -97.26 -26.35 -12.35
CA PRO XA 410 -98.38 -25.68 -13.03
C PRO XA 410 -98.11 -24.24 -13.43
N ARG XA 411 -96.88 -23.75 -13.28
CA ARG XA 411 -96.60 -22.38 -13.67
C ARG XA 411 -96.34 -22.27 -15.17
N THR XA 412 -95.57 -23.23 -15.73
CA THR XA 412 -95.12 -23.15 -17.10
C THR XA 412 -96.25 -23.29 -18.11
N HIS XA 413 -97.44 -23.40 -17.64
CA HIS XA 413 -98.55 -23.50 -18.56
C HIS XA 413 -99.18 -22.12 -18.79
N PRO XA 414 -99.79 -21.90 -19.95
CA PRO XA 414 -100.36 -20.58 -20.25
C PRO XA 414 -101.48 -20.25 -19.29
N PRO XA 415 -101.52 -19.01 -18.79
CA PRO XA 415 -102.50 -18.66 -17.76
C PRO XA 415 -103.84 -18.28 -18.36
N ARG XA 416 -104.87 -18.38 -17.53
CA ARG XA 416 -106.22 -18.08 -17.98
C ARG XA 416 -107.03 -17.30 -16.94
N ALA XA 417 -106.36 -16.48 -16.14
CA ALA XA 417 -107.06 -15.68 -15.13
C ALA XA 417 -106.11 -14.60 -14.62
N VAL XA 418 -106.70 -13.54 -14.08
CA VAL XA 418 -105.93 -12.47 -13.46
C VAL XA 418 -106.31 -12.39 -11.99
N HIS XA 419 -105.70 -11.47 -11.26
CA HIS XA 419 -106.02 -11.25 -9.87
C HIS XA 419 -105.72 -9.80 -9.55
N PHE XA 420 -106.53 -9.22 -8.66
CA PHE XA 420 -106.30 -7.84 -8.24
C PHE XA 420 -106.99 -7.61 -6.91
N PHE XA 421 -106.88 -6.38 -6.42
CA PHE XA 421 -107.41 -6.01 -5.13
C PHE XA 421 -108.67 -5.18 -5.31
N ASN XA 422 -109.62 -5.37 -4.39
CA ASN XA 422 -110.88 -4.65 -4.42
C ASN XA 422 -110.67 -3.27 -3.79
N LYS XA 423 -111.77 -2.57 -3.49
CA LYS XA 423 -111.67 -1.26 -2.89
C LYS XA 423 -110.99 -1.32 -1.53
N ASP XA 424 -111.52 -2.14 -0.63
CA ASP XA 424 -110.90 -2.26 0.68
C ASP XA 424 -109.56 -2.97 0.60
N GLY XA 425 -109.46 -3.99 -0.25
CA GLY XA 425 -108.26 -4.79 -0.32
C GLY XA 425 -108.53 -6.27 -0.28
N VAL XA 426 -109.79 -6.67 -0.45
CA VAL XA 426 -110.09 -8.10 -0.50
C VAL XA 426 -109.73 -8.64 -1.87
N PRO XA 427 -109.03 -9.78 -1.96
CA PRO XA 427 -108.65 -10.31 -3.27
C PRO XA 427 -109.87 -10.84 -4.01
N CYS XA 428 -109.93 -10.53 -5.30
CA CYS XA 428 -111.03 -10.94 -6.15
C CYS XA 428 -110.50 -11.13 -7.55
N HIS XA 429 -110.94 -12.18 -8.23
CA HIS XA 429 -110.32 -12.63 -9.47
C HIS XA 429 -111.32 -12.66 -10.60
N VAL XA 430 -110.80 -12.49 -11.82
CA VAL XA 430 -111.59 -12.58 -13.05
C VAL XA 430 -111.01 -13.69 -13.90
N THR XA 431 -111.89 -14.48 -14.50
CA THR XA 431 -111.47 -15.61 -15.34
C THR XA 431 -112.32 -15.63 -16.60
N PHE XA 432 -111.88 -16.46 -17.54
CA PHE XA 432 -112.53 -16.55 -18.85
C PHE XA 432 -114.02 -16.81 -18.73
N GLU XA 433 -114.43 -17.56 -17.71
CA GLU XA 433 -115.84 -17.92 -17.56
C GLU XA 433 -116.72 -16.69 -17.49
N HIS XA 434 -116.24 -15.61 -16.87
CA HIS XA 434 -117.04 -14.39 -16.80
C HIS XA 434 -117.27 -13.79 -18.18
N ALA XA 435 -116.31 -13.94 -19.09
CA ALA XA 435 -116.46 -13.40 -20.43
C ALA XA 435 -117.51 -14.13 -21.24
N MET XA 436 -118.15 -15.14 -20.66
CA MET XA 436 -119.21 -15.86 -21.38
C MET XA 436 -120.36 -14.94 -21.75
N GLY XA 437 -120.49 -13.79 -21.09
CA GLY XA 437 -121.56 -12.87 -21.41
C GLY XA 437 -121.37 -12.06 -22.67
N THR XA 438 -120.18 -12.10 -23.27
CA THR XA 438 -119.93 -11.35 -24.49
C THR XA 438 -119.55 -12.23 -25.67
N LEU XA 439 -118.75 -13.27 -25.46
CA LEU XA 439 -118.38 -14.15 -26.56
C LEU XA 439 -119.46 -15.16 -26.91
N CYS XA 440 -120.47 -15.31 -26.06
CA CYS XA 440 -121.57 -16.24 -26.30
C CYS XA 440 -122.80 -15.39 -26.58
N HIS XA 441 -122.98 -15.01 -27.85
CA HIS XA 441 -124.04 -14.11 -28.23
C HIS XA 441 -124.11 -14.05 -29.75
N PRO XA 442 -125.28 -13.83 -30.34
CA PRO XA 442 -125.36 -13.69 -31.81
C PRO XA 442 -124.62 -12.47 -32.34
N SER XA 443 -124.09 -11.61 -31.49
CA SER XA 443 -123.26 -10.51 -31.97
C SER XA 443 -121.92 -11.01 -32.50
N PHE XA 444 -121.47 -12.17 -32.02
CA PHE XA 444 -120.20 -12.73 -32.47
C PHE XA 444 -120.21 -13.06 -33.95
N LEU XA 445 -121.38 -13.11 -34.58
CA LEU XA 445 -121.53 -13.51 -35.97
C LEU XA 445 -122.29 -12.46 -36.76
N ASP XA 446 -121.91 -11.20 -36.56
CA ASP XA 446 -122.49 -10.06 -37.25
C ASP XA 446 -121.49 -9.63 -38.32
N VAL XA 447 -121.73 -10.06 -39.57
CA VAL XA 447 -120.83 -9.75 -40.66
C VAL XA 447 -121.55 -9.13 -41.85
N ASP XA 448 -122.86 -8.89 -41.76
CA ASP XA 448 -123.58 -8.30 -42.89
C ASP XA 448 -123.12 -6.87 -43.14
N ALA XA 449 -122.94 -6.09 -42.07
CA ALA XA 449 -122.58 -4.69 -42.23
C ALA XA 449 -121.16 -4.53 -42.73
N THR XA 450 -120.22 -5.28 -42.15
CA THR XA 450 -118.83 -5.21 -42.60
C THR XA 450 -118.72 -5.59 -44.06
N LEU XA 451 -119.44 -6.62 -44.48
CA LEU XA 451 -119.40 -7.04 -45.87
C LEU XA 451 -120.00 -5.97 -46.77
N ALA XA 452 -121.20 -5.49 -46.43
CA ALA XA 452 -121.81 -4.43 -47.21
C ALA XA 452 -120.92 -3.20 -47.30
N ALA XA 453 -120.04 -3.00 -46.32
CA ALA XA 453 -119.16 -1.85 -46.35
C ALA XA 453 -117.95 -2.09 -47.23
N LEU XA 454 -117.32 -3.26 -47.10
CA LEU XA 454 -116.04 -3.48 -47.75
C LEU XA 454 -116.14 -3.52 -49.27
N ARG XA 455 -117.34 -3.65 -49.82
CA ARG XA 455 -117.51 -3.72 -51.26
C ARG XA 455 -117.71 -2.35 -51.90
N GLN XA 456 -117.28 -1.29 -51.22
CA GLN XA 456 -117.31 0.04 -51.83
C GLN XA 456 -116.10 0.25 -52.73
N GLU XA 457 -114.93 -0.23 -52.32
CA GLU XA 457 -113.80 -0.33 -53.24
C GLU XA 457 -114.21 -1.19 -54.43
N PRO XA 458 -113.84 -0.80 -55.66
CA PRO XA 458 -114.34 -1.55 -56.83
C PRO XA 458 -113.95 -3.02 -56.82
N ALA XA 459 -112.67 -3.34 -56.90
CA ALA XA 459 -112.21 -4.72 -56.90
C ALA XA 459 -110.70 -4.76 -57.01
N GLU XA 460 -110.13 -5.93 -56.73
CA GLU XA 460 -108.73 -6.23 -57.00
C GLU XA 460 -108.61 -7.74 -57.17
N VAL XA 461 -107.90 -8.17 -58.21
CA VAL XA 461 -107.70 -9.59 -58.48
C VAL XA 461 -106.21 -9.86 -58.55
N GLN XA 462 -105.68 -10.61 -57.59
CA GLN XA 462 -104.26 -10.90 -57.51
C GLN XA 462 -103.96 -12.39 -57.64
N CYS XA 463 -104.61 -13.23 -56.85
CA CYS XA 463 -104.41 -14.66 -56.91
C CYS XA 463 -105.76 -15.34 -56.85
N ALA XA 464 -105.99 -16.29 -57.77
CA ALA XA 464 -107.25 -17.00 -57.85
C ALA XA 464 -107.11 -18.47 -57.56
N PHE XA 465 -105.97 -18.91 -57.03
CA PHE XA 465 -105.74 -20.33 -56.87
C PHE XA 465 -106.48 -20.91 -55.67
N GLY XA 466 -106.58 -20.14 -54.59
CA GLY XA 466 -107.21 -20.67 -53.39
C GLY XA 466 -108.55 -20.06 -53.08
N ALA XA 467 -109.26 -19.58 -54.10
CA ALA XA 467 -110.52 -18.89 -53.88
C ALA XA 467 -111.58 -19.29 -54.89
N TYR XA 468 -111.47 -20.49 -55.46
CA TYR XA 468 -112.38 -20.90 -56.53
C TYR XA 468 -112.44 -22.40 -56.55
N VAL XA 469 -113.65 -22.94 -56.53
CA VAL XA 469 -113.89 -24.36 -56.66
C VAL XA 469 -114.70 -24.58 -57.93
N ALA XA 470 -114.51 -25.74 -58.55
CA ALA XA 470 -115.26 -26.06 -59.75
C ALA XA 470 -115.46 -27.57 -59.81
N ASP XA 471 -116.72 -27.98 -59.92
CA ASP XA 471 -117.02 -29.38 -60.14
C ASP XA 471 -116.50 -29.79 -61.51
N ALA XA 472 -116.13 -31.07 -61.63
CA ALA XA 472 -115.48 -31.56 -62.83
C ALA XA 472 -116.41 -32.49 -63.59
N ARG XA 473 -115.95 -32.90 -64.76
CA ARG XA 473 -116.64 -33.86 -65.60
C ARG XA 473 -116.06 -35.25 -65.33
N PRO XA 474 -116.64 -36.31 -65.92
CA PRO XA 474 -116.03 -37.63 -65.77
C PRO XA 474 -114.67 -37.75 -66.46
N ASP XA 475 -114.12 -38.96 -66.51
CA ASP XA 475 -112.76 -39.22 -67.01
C ASP XA 475 -111.72 -38.56 -66.10
N ALA XA 476 -111.71 -39.00 -64.85
CA ALA XA 476 -110.99 -38.29 -63.81
C ALA XA 476 -109.82 -39.10 -63.27
N LEU XA 477 -108.95 -38.38 -62.56
CA LEU XA 477 -107.86 -38.89 -61.74
C LEU XA 477 -106.68 -39.41 -62.56
N VAL XA 478 -106.81 -39.48 -63.87
CA VAL XA 478 -105.69 -39.87 -64.73
C VAL XA 478 -105.34 -38.79 -65.74
N GLY XA 479 -106.34 -38.16 -66.36
CA GLY XA 479 -106.09 -37.08 -67.28
C GLY XA 479 -106.51 -35.77 -66.66
N LEU XA 480 -107.35 -35.86 -65.63
CA LEU XA 480 -107.85 -34.65 -64.99
C LEU XA 480 -106.74 -33.88 -64.29
N MET XA 481 -105.89 -34.59 -63.52
CA MET XA 481 -104.75 -33.93 -62.90
C MET XA 481 -103.86 -33.29 -63.94
N GLN XA 482 -103.65 -33.97 -65.08
CA GLN XA 482 -102.81 -33.41 -66.13
C GLN XA 482 -103.39 -32.12 -66.67
N ARG XA 483 -104.68 -32.13 -67.03
CA ARG XA 483 -105.33 -30.92 -67.49
C ARG XA 483 -105.28 -29.83 -66.43
N PHE XA 484 -105.27 -30.21 -65.16
CA PHE XA 484 -105.18 -29.22 -64.08
C PHE XA 484 -103.81 -28.57 -64.06
N LEU XA 485 -102.75 -29.38 -64.12
CA LEU XA 485 -101.40 -28.83 -64.08
C LEU XA 485 -101.13 -27.93 -65.28
N GLU XA 486 -101.51 -28.38 -66.48
CA GLU XA 486 -101.14 -27.67 -67.70
C GLU XA 486 -101.61 -26.22 -67.67
N GLU XA 487 -102.72 -25.93 -67.00
CA GLU XA 487 -103.20 -24.58 -66.86
C GLU XA 487 -102.97 -24.01 -65.47
N TRP XA 488 -102.31 -24.74 -64.58
CA TRP XA 488 -102.06 -24.23 -63.23
C TRP XA 488 -101.25 -22.95 -63.22
N PRO XA 489 -100.16 -22.80 -63.98
CA PRO XA 489 -99.50 -21.49 -64.03
C PRO XA 489 -100.42 -20.37 -64.47
N GLY XA 490 -101.33 -20.65 -65.41
CA GLY XA 490 -102.25 -19.63 -65.88
C GLY XA 490 -103.19 -19.10 -64.83
N MET XA 491 -103.23 -19.70 -63.65
CA MET XA 491 -104.10 -19.26 -62.58
C MET XA 491 -103.36 -18.59 -61.44
N MET XA 492 -102.02 -18.68 -61.41
CA MET XA 492 -101.21 -18.14 -60.33
C MET XA 492 -100.24 -17.13 -60.90
N PRO XA 493 -100.69 -15.91 -61.18
CA PRO XA 493 -99.75 -14.88 -61.68
C PRO XA 493 -98.76 -14.46 -60.62
N VAL XA 494 -99.19 -14.37 -59.36
CA VAL XA 494 -98.35 -14.00 -58.24
C VAL XA 494 -98.62 -14.97 -57.11
N ARG XA 495 -97.60 -15.23 -56.30
CA ARG XA 495 -97.74 -16.11 -55.15
C ARG XA 495 -98.96 -15.71 -54.33
N PRO XA 496 -99.93 -16.61 -54.15
CA PRO XA 496 -101.09 -16.28 -53.31
C PRO XA 496 -100.65 -15.94 -51.90
N ARG XA 497 -101.36 -14.99 -51.29
CA ARG XA 497 -100.97 -14.52 -49.96
C ARG XA 497 -101.04 -15.64 -48.94
N TRP XA 498 -102.10 -16.44 -48.97
CA TRP XA 498 -102.29 -17.46 -47.96
C TRP XA 498 -101.26 -18.58 -48.04
N ALA XA 499 -100.67 -18.79 -49.22
CA ALA XA 499 -99.66 -19.83 -49.36
C ALA XA 499 -98.48 -19.58 -48.44
N ALA XA 500 -97.83 -18.43 -48.60
CA ALA XA 500 -96.73 -18.04 -47.73
C ALA XA 500 -97.18 -16.88 -46.85
N PRO XA 501 -97.39 -17.09 -45.56
CA PRO XA 501 -97.77 -15.98 -44.68
C PRO XA 501 -96.69 -14.90 -44.69
N ALA XA 502 -97.12 -13.66 -44.45
CA ALA XA 502 -96.21 -12.54 -44.57
C ALA XA 502 -95.06 -12.64 -43.57
N ALA XA 503 -95.35 -12.51 -42.29
CA ALA XA 503 -94.33 -12.53 -41.26
C ALA XA 503 -95.03 -12.52 -39.90
N ALA XA 504 -94.22 -12.43 -38.85
CA ALA XA 504 -94.75 -12.29 -37.50
C ALA XA 504 -95.10 -10.84 -37.17
N ASP XA 505 -94.34 -9.90 -37.68
CA ASP XA 505 -94.59 -8.48 -37.43
C ASP XA 505 -94.98 -7.71 -38.67
N GLN XA 506 -94.34 -7.98 -39.81
CA GLN XA 506 -94.65 -7.27 -41.05
C GLN XA 506 -96.12 -7.41 -41.44
N LEU XA 507 -96.87 -8.28 -40.77
CA LEU XA 507 -98.32 -8.23 -40.90
C LEU XA 507 -98.88 -6.97 -40.28
N LEU XA 508 -98.29 -6.52 -39.17
CA LEU XA 508 -98.71 -5.29 -38.53
C LEU XA 508 -98.02 -4.06 -39.09
N ALA XA 509 -97.24 -4.23 -40.17
CA ALA XA 509 -96.53 -3.11 -40.77
C ALA XA 509 -97.52 -2.05 -41.24
N PRO XA 510 -97.07 -0.80 -41.39
CA PRO XA 510 -97.99 0.28 -41.71
C PRO XA 510 -98.35 0.42 -43.18
N GLY XA 511 -97.90 -0.48 -44.04
CA GLY XA 511 -98.14 -0.29 -45.46
C GLY XA 511 -98.43 -1.53 -46.27
N ASN XA 512 -98.73 -2.65 -45.61
CA ASN XA 512 -99.05 -3.87 -46.32
C ASN XA 512 -100.55 -3.97 -46.57
N ALA XA 513 -100.91 -4.72 -47.62
CA ALA XA 513 -102.29 -4.89 -48.02
C ALA XA 513 -102.92 -6.14 -47.41
N ASP XA 514 -102.40 -6.59 -46.28
CA ASP XA 514 -103.00 -7.70 -45.55
C ASP XA 514 -103.80 -7.23 -44.33
N LEU XA 515 -103.32 -6.20 -43.64
CA LEU XA 515 -104.05 -5.68 -42.50
C LEU XA 515 -105.43 -5.21 -42.90
N ARG XA 516 -105.60 -4.74 -44.13
CA ARG XA 516 -106.88 -4.26 -44.60
C ARG XA 516 -107.94 -5.36 -44.63
N LEU XA 517 -107.55 -6.63 -44.50
CA LEU XA 517 -108.49 -7.72 -44.67
C LEU XA 517 -108.48 -8.71 -43.51
N GLU XA 518 -107.81 -8.39 -42.40
CA GLU XA 518 -107.77 -9.25 -41.23
C GLU XA 518 -108.42 -8.49 -40.09
N LEU XA 519 -109.74 -8.62 -39.95
CA LEU XA 519 -110.49 -7.75 -39.05
C LEU XA 519 -111.56 -8.49 -38.27
N HIS XA 520 -111.35 -9.78 -38.00
CA HIS XA 520 -112.27 -10.51 -37.13
C HIS XA 520 -111.59 -11.78 -36.66
N PRO XA 521 -111.83 -12.21 -35.42
CA PRO XA 521 -111.19 -13.44 -34.92
C PRO XA 521 -111.92 -14.73 -35.22
N ALA XA 522 -112.93 -14.72 -36.09
CA ALA XA 522 -113.59 -15.96 -36.47
C ALA XA 522 -113.95 -15.99 -37.95
N PHE XA 523 -113.36 -15.13 -38.77
CA PHE XA 523 -113.75 -15.04 -40.17
C PHE XA 523 -112.51 -14.75 -41.00
N ASP XA 524 -112.43 -15.40 -42.16
CA ASP XA 524 -111.38 -15.14 -43.14
C ASP XA 524 -111.99 -14.37 -44.30
N PHE XA 525 -111.69 -13.08 -44.38
CA PHE XA 525 -112.13 -12.28 -45.50
C PHE XA 525 -111.08 -12.35 -46.61
N PHE XA 526 -111.57 -12.34 -47.85
CA PHE XA 526 -110.67 -12.44 -49.00
C PHE XA 526 -111.37 -11.87 -50.22
N VAL XA 527 -110.80 -12.15 -51.39
CA VAL XA 527 -111.39 -11.78 -52.67
C VAL XA 527 -111.50 -13.03 -53.51
N ALA XA 528 -112.59 -13.16 -54.25
CA ALA XA 528 -112.82 -14.30 -55.12
C ALA XA 528 -113.51 -13.84 -56.38
N PRO XA 529 -113.36 -14.58 -57.48
CA PRO XA 529 -114.03 -14.20 -58.72
C PRO XA 529 -115.55 -14.26 -58.55
N GLU XA 530 -116.23 -13.26 -59.11
CA GLU XA 530 -117.67 -13.16 -58.92
C GLU XA 530 -118.40 -14.20 -59.75
N VAL XA 531 -118.24 -15.47 -59.38
CA VAL XA 531 -118.98 -16.57 -59.99
C VAL XA 531 -119.38 -17.53 -58.90
N ASP XA 532 -120.61 -18.04 -58.98
CA ASP XA 532 -121.06 -19.00 -57.98
C ASP XA 532 -120.17 -20.23 -57.99
N VAL XA 533 -119.88 -20.75 -56.81
CA VAL XA 533 -118.99 -21.89 -56.66
C VAL XA 533 -119.80 -23.11 -56.24
N PRO XA 534 -119.49 -24.30 -56.76
CA PRO XA 534 -118.49 -24.53 -57.80
C PRO XA 534 -119.00 -24.19 -59.20
N GLY XA 535 -118.14 -24.26 -60.21
CA GLY XA 535 -118.53 -23.86 -61.54
C GLY XA 535 -117.74 -24.55 -62.66
N PRO XA 536 -117.52 -23.81 -63.74
CA PRO XA 536 -116.86 -24.40 -64.92
C PRO XA 536 -115.38 -24.63 -64.66
N PHE XA 537 -114.80 -25.51 -65.48
CA PHE XA 537 -113.41 -25.91 -65.24
C PHE XA 537 -112.44 -24.79 -65.53
N ALA XA 538 -112.68 -24.02 -66.58
CA ALA XA 538 -111.81 -22.90 -66.92
C ALA XA 538 -112.17 -21.70 -66.08
N VAL XA 539 -111.22 -21.18 -65.32
CA VAL XA 539 -111.48 -20.03 -64.46
C VAL XA 539 -111.85 -18.84 -65.33
N PRO XA 540 -113.02 -18.25 -65.15
CA PRO XA 540 -113.40 -17.09 -65.98
C PRO XA 540 -112.54 -15.88 -65.67
N GLN XA 541 -112.79 -14.77 -66.35
CA GLN XA 541 -112.01 -13.56 -66.20
C GLN XA 541 -112.85 -12.39 -65.71
N VAL XA 542 -113.70 -12.67 -64.72
CA VAL XA 542 -114.60 -11.66 -64.17
C VAL XA 542 -113.90 -10.88 -63.06
N MET XA 543 -114.48 -9.75 -62.67
CA MET XA 543 -113.98 -8.99 -61.53
C MET XA 543 -114.42 -9.65 -60.23
N GLY XA 544 -113.67 -9.36 -59.17
CA GLY XA 544 -113.82 -10.05 -57.91
C GLY XA 544 -114.57 -9.26 -56.86
N GLN XA 545 -115.24 -9.99 -55.96
CA GLN XA 545 -115.93 -9.44 -54.82
C GLN XA 545 -115.13 -9.72 -53.56
N VAL XA 546 -115.69 -9.38 -52.42
CA VAL XA 546 -115.07 -9.65 -51.12
C VAL XA 546 -116.04 -10.54 -50.37
N ARG XA 547 -115.84 -11.85 -50.46
CA ARG XA 547 -116.69 -12.79 -49.77
C ARG XA 547 -116.18 -13.02 -48.35
N ALA XA 548 -116.84 -13.91 -47.62
CA ALA XA 548 -116.48 -14.20 -46.23
C ALA XA 548 -116.71 -15.67 -45.95
N MET XA 549 -116.00 -16.17 -44.94
CA MET XA 549 -116.03 -17.59 -44.60
C MET XA 549 -115.54 -17.74 -43.17
N PRO XA 550 -116.17 -18.59 -42.36
CA PRO XA 550 -115.82 -18.63 -40.93
C PRO XA 550 -114.72 -19.63 -40.62
N ARG XA 551 -113.81 -19.21 -39.73
CA ARG XA 551 -112.76 -20.08 -39.25
C ARG XA 551 -113.37 -21.10 -38.30
N ILE XA 552 -113.90 -22.20 -38.84
CA ILE XA 552 -114.59 -23.19 -38.02
C ILE XA 552 -113.71 -23.64 -36.87
N ILE XA 553 -112.41 -23.77 -37.11
CA ILE XA 553 -111.47 -24.29 -36.14
C ILE XA 553 -110.72 -23.13 -35.52
N ASN XA 554 -110.47 -23.22 -34.22
CA ASN XA 554 -109.63 -22.22 -33.56
C ASN XA 554 -108.24 -22.19 -34.16
N GLY XA 555 -107.75 -23.33 -34.63
CA GLY XA 555 -106.42 -23.40 -35.19
C GLY XA 555 -106.24 -22.66 -36.50
N ASN XA 556 -107.34 -22.26 -37.14
CA ASN XA 556 -107.24 -21.59 -38.43
C ASN XA 556 -106.85 -20.14 -38.34
N ILE XA 557 -106.66 -19.59 -37.14
CA ILE XA 557 -106.15 -18.22 -37.06
C ILE XA 557 -104.71 -18.19 -37.54
N PRO XA 558 -104.32 -17.24 -38.38
CA PRO XA 558 -102.99 -17.30 -39.00
C PRO XA 558 -101.88 -17.26 -37.97
N LEU XA 559 -100.80 -17.97 -38.28
CA LEU XA 559 -99.71 -18.17 -37.33
C LEU XA 559 -99.14 -16.86 -36.79
N ALA XA 560 -99.27 -15.77 -37.54
CA ALA XA 560 -98.77 -14.49 -37.07
C ALA XA 560 -99.43 -14.09 -35.75
N LEU XA 561 -100.75 -14.25 -35.67
CA LEU XA 561 -101.51 -13.90 -34.47
C LEU XA 561 -101.65 -15.05 -33.51
N CYS XA 562 -100.90 -16.13 -33.72
CA CYS XA 562 -100.92 -17.29 -32.83
C CYS XA 562 -99.63 -18.08 -33.06
N PRO XA 563 -98.55 -17.75 -32.38
CA PRO XA 563 -97.26 -18.40 -32.68
C PRO XA 563 -97.32 -19.88 -32.35
N VAL XA 564 -96.48 -20.64 -33.05
CA VAL XA 564 -96.44 -22.08 -32.83
C VAL XA 564 -96.01 -22.40 -31.40
N ASP XA 565 -95.23 -21.51 -30.80
CA ASP XA 565 -94.80 -21.71 -29.42
C ASP XA 565 -96.01 -21.83 -28.49
N PHE XA 566 -96.98 -20.93 -28.65
CA PHE XA 566 -98.16 -20.97 -27.80
C PHE XA 566 -98.94 -22.26 -27.99
N ARG XA 567 -99.09 -22.70 -29.24
CA ARG XA 567 -99.84 -23.92 -29.50
C ARG XA 567 -99.16 -25.13 -28.87
N ASP XA 568 -97.84 -25.25 -29.06
CA ASP XA 568 -97.15 -26.38 -28.47
C ASP XA 568 -97.14 -26.31 -26.95
N ALA XA 569 -97.16 -25.10 -26.38
CA ALA XA 569 -97.27 -24.99 -24.93
C ALA XA 569 -98.62 -25.52 -24.46
N ARG XA 570 -99.69 -25.07 -25.11
CA ARG XA 570 -101.02 -25.58 -24.74
C ARG XA 570 -101.09 -27.10 -24.90
N GLY XA 571 -100.43 -27.62 -25.92
CA GLY XA 571 -100.37 -29.05 -26.11
C GLY XA 571 -99.72 -29.73 -24.92
N PHE XA 572 -98.45 -29.40 -24.67
CA PHE XA 572 -97.75 -29.97 -23.53
C PHE XA 572 -98.52 -29.81 -22.23
N GLU XA 573 -99.40 -28.80 -22.15
CA GLU XA 573 -100.27 -28.68 -21.00
C GLU XA 573 -101.33 -29.78 -21.00
N LEU XA 574 -102.02 -29.97 -22.11
CA LEU XA 574 -103.05 -31.00 -22.14
C LEU XA 574 -102.48 -32.41 -22.13
N SER XA 575 -101.18 -32.57 -22.37
CA SER XA 575 -100.57 -33.88 -22.48
C SER XA 575 -99.96 -34.39 -21.19
N VAL XA 576 -100.34 -33.84 -20.07
CA VAL XA 576 -99.78 -34.29 -18.80
C VAL XA 576 -100.65 -35.41 -18.25
N ASP XA 577 -100.00 -36.46 -17.76
CA ASP XA 577 -100.61 -37.57 -17.04
C ASP XA 577 -101.85 -38.14 -17.72
N ARG XA 578 -101.98 -37.98 -19.04
CA ARG XA 578 -103.10 -38.56 -19.76
C ARG XA 578 -102.70 -39.83 -20.52
N HIS XA 579 -101.74 -39.72 -21.41
CA HIS XA 579 -101.22 -40.88 -22.11
C HIS XA 579 -99.95 -40.47 -22.83
N ARG XA 580 -98.98 -41.38 -22.85
CA ARG XA 580 -97.73 -41.13 -23.53
C ARG XA 580 -97.44 -42.29 -24.47
N LEU XA 581 -96.33 -42.17 -25.20
CA LEU XA 581 -95.89 -43.18 -26.15
C LEU XA 581 -94.48 -43.57 -25.76
N ALA XA 582 -94.27 -44.85 -25.45
CA ALA XA 582 -92.94 -45.30 -25.07
C ALA XA 582 -91.94 -44.96 -26.16
N PRO XA 583 -90.70 -44.60 -25.80
CA PRO XA 583 -89.75 -44.16 -26.83
C PRO XA 583 -89.48 -45.22 -27.89
N ALA XA 584 -89.60 -46.50 -27.55
CA ALA XA 584 -89.42 -47.54 -28.56
C ALA XA 584 -90.48 -47.45 -29.64
N THR XA 585 -91.73 -47.19 -29.24
CA THR XA 585 -92.82 -47.11 -30.20
C THR XA 585 -92.56 -46.01 -31.24
N VAL XA 586 -92.21 -44.83 -30.78
CA VAL XA 586 -92.00 -43.72 -31.70
C VAL XA 586 -90.73 -43.92 -32.49
N ALA XA 587 -89.68 -44.45 -31.84
CA ALA XA 587 -88.45 -44.78 -32.57
C ALA XA 587 -88.73 -45.74 -33.71
N ALA XA 588 -89.72 -46.61 -33.54
CA ALA XA 588 -90.10 -47.52 -34.60
C ALA XA 588 -90.87 -46.80 -35.71
N VAL XA 589 -91.96 -46.12 -35.33
CA VAL XA 589 -92.88 -45.63 -36.36
C VAL XA 589 -92.30 -44.43 -37.10
N ARG XA 590 -91.61 -43.53 -36.40
CA ARG XA 590 -90.97 -42.42 -37.08
C ARG XA 590 -89.94 -42.93 -38.08
N GLY XA 591 -89.13 -43.91 -37.68
CA GLY XA 591 -88.19 -44.49 -38.62
C GLY XA 591 -88.88 -45.13 -39.79
N ALA XA 592 -90.04 -45.73 -39.57
CA ALA XA 592 -90.81 -46.28 -40.69
C ALA XA 592 -91.22 -45.18 -41.65
N PHE XA 593 -91.73 -44.07 -41.11
CA PHE XA 593 -92.22 -43.00 -41.98
C PHE XA 593 -91.09 -42.33 -42.73
N ARG XA 594 -89.95 -42.11 -42.08
CA ARG XA 594 -88.82 -41.46 -42.71
C ARG XA 594 -88.06 -42.38 -43.65
N ASP XA 595 -88.51 -43.61 -43.84
CA ASP XA 595 -87.78 -44.55 -44.68
C ASP XA 595 -87.99 -44.22 -46.15
N ALA XA 596 -86.90 -44.26 -46.91
CA ALA XA 596 -86.93 -43.93 -48.33
C ALA XA 596 -87.01 -45.15 -49.23
N ASN XA 597 -86.54 -46.31 -48.76
CA ASN XA 597 -86.60 -47.54 -49.55
C ASN XA 597 -87.70 -48.46 -49.04
N TYR XA 598 -88.85 -47.88 -48.71
CA TYR XA 598 -90.00 -48.68 -48.29
C TYR XA 598 -90.37 -49.67 -49.37
N PRO XA 599 -90.57 -50.95 -49.04
CA PRO XA 599 -90.87 -51.95 -50.08
C PRO XA 599 -92.21 -51.66 -50.73
N MET XA 600 -92.25 -51.70 -52.05
CA MET XA 600 -93.47 -51.42 -52.78
C MET XA 600 -94.53 -52.51 -52.60
N VAL XA 601 -94.11 -53.74 -52.28
CA VAL XA 601 -95.05 -54.84 -52.15
C VAL XA 601 -96.07 -54.56 -51.06
N PHE XA 602 -95.70 -53.77 -50.06
CA PHE XA 602 -96.66 -53.44 -49.02
C PHE XA 602 -97.75 -52.53 -49.56
N TYR XA 603 -97.38 -51.55 -50.37
CA TYR XA 603 -98.39 -50.73 -51.02
C TYR XA 603 -99.26 -51.58 -51.93
N ILE XA 604 -98.65 -52.57 -52.59
CA ILE XA 604 -99.42 -53.46 -53.47
C ILE XA 604 -100.46 -54.23 -52.66
N ILE XA 605 -100.03 -54.85 -51.56
CA ILE XA 605 -100.95 -55.61 -50.73
C ILE XA 605 -102.06 -54.72 -50.21
N GLU XA 606 -101.70 -53.52 -49.74
CA GLU XA 606 -102.71 -52.64 -49.18
C GLU XA 606 -103.70 -52.19 -50.25
N ALA XA 607 -103.23 -52.00 -51.48
CA ALA XA 607 -104.11 -51.57 -52.54
C ALA XA 607 -105.02 -52.71 -52.99
N VAL XA 608 -104.55 -53.95 -52.92
CA VAL XA 608 -105.38 -55.06 -53.35
C VAL XA 608 -106.37 -55.48 -52.27
N ILE XA 609 -106.08 -55.20 -51.00
CA ILE XA 609 -107.00 -55.61 -49.95
C ILE XA 609 -108.13 -54.59 -49.80
N HIS XA 610 -107.82 -53.31 -49.99
CA HIS XA 610 -108.80 -52.21 -49.98
C HIS XA 610 -109.83 -52.35 -48.86
N GLY XA 611 -109.34 -52.61 -47.66
CA GLY XA 611 -110.18 -52.54 -46.48
C GLY XA 611 -111.33 -53.52 -46.44
N SER XA 612 -111.22 -54.64 -47.14
CA SER XA 612 -112.19 -55.73 -47.04
C SER XA 612 -111.84 -56.57 -45.83
N GLU XA 613 -112.67 -56.52 -44.79
CA GLU XA 613 -112.39 -57.37 -43.64
C GLU XA 613 -112.31 -58.83 -44.04
N ARG XA 614 -113.07 -59.24 -45.06
CA ARG XA 614 -112.99 -60.61 -45.55
C ARG XA 614 -111.60 -60.91 -46.12
N THR XA 615 -111.16 -60.10 -47.06
CA THR XA 615 -109.88 -60.36 -47.72
C THR XA 615 -108.74 -60.34 -46.73
N PHE XA 616 -108.85 -59.55 -45.66
CA PHE XA 616 -107.81 -59.56 -44.64
C PHE XA 616 -107.79 -60.89 -43.92
N CYS XA 617 -108.96 -61.41 -43.54
CA CYS XA 617 -109.01 -62.72 -42.94
C CYS XA 617 -108.50 -63.79 -43.89
N ALA XA 618 -108.54 -63.54 -45.19
CA ALA XA 618 -107.94 -64.47 -46.13
C ALA XA 618 -106.42 -64.37 -46.15
N LEU XA 619 -105.89 -63.15 -46.21
CA LEU XA 619 -104.47 -62.93 -46.40
C LEU XA 619 -103.71 -62.75 -45.09
N ALA XA 620 -104.33 -63.10 -43.95
CA ALA XA 620 -103.67 -63.01 -42.66
C ALA XA 620 -102.30 -63.66 -42.65
N ARG XA 621 -102.17 -64.84 -43.25
CA ARG XA 621 -100.88 -65.54 -43.21
C ARG XA 621 -99.81 -64.73 -43.93
N LEU XA 622 -100.14 -64.23 -45.13
CA LEU XA 622 -99.19 -63.44 -45.89
C LEU XA 622 -98.79 -62.18 -45.12
N VAL XA 623 -99.76 -61.50 -44.50
CA VAL XA 623 -99.41 -60.25 -43.83
C VAL XA 623 -98.59 -60.51 -42.59
N ALA XA 624 -98.84 -61.63 -41.89
CA ALA XA 624 -97.99 -61.97 -40.75
C ALA XA 624 -96.56 -62.25 -41.21
N GLN XA 625 -96.43 -62.96 -42.33
CA GLN XA 625 -95.10 -63.19 -42.90
C GLN XA 625 -94.39 -61.86 -43.17
N CYS XA 626 -95.09 -60.95 -43.86
CA CYS XA 626 -94.49 -59.67 -44.22
C CYS XA 626 -94.07 -58.89 -43.00
N ILE XA 627 -94.96 -58.79 -42.01
CA ILE XA 627 -94.65 -58.01 -40.82
C ILE XA 627 -93.48 -58.61 -40.08
N GLN XA 628 -93.46 -59.93 -39.92
CA GLN XA 628 -92.36 -60.59 -39.22
C GLN XA 628 -91.03 -60.31 -39.91
N SER XA 629 -91.01 -60.44 -41.24
CA SER XA 629 -89.77 -60.22 -41.99
C SER XA 629 -89.30 -58.79 -41.85
N TYR XA 630 -90.19 -57.83 -42.13
CA TYR XA 630 -89.82 -56.43 -42.05
C TYR XA 630 -89.33 -56.06 -40.66
N TRP XA 631 -89.96 -56.64 -39.63
CA TRP XA 631 -89.56 -56.33 -38.27
C TRP XA 631 -88.17 -56.86 -37.97
N ARG XA 632 -87.91 -58.12 -38.32
CA ARG XA 632 -86.60 -58.67 -38.05
C ARG XA 632 -85.52 -58.08 -38.97
N ASN XA 633 -85.93 -57.36 -40.00
CA ASN XA 633 -84.96 -56.76 -40.91
C ASN XA 633 -84.60 -55.32 -40.55
N THR XA 634 -85.58 -54.49 -40.18
CA THR XA 634 -85.33 -53.08 -39.93
C THR XA 634 -85.73 -52.63 -38.52
N HIS XA 635 -86.46 -53.45 -37.77
CA HIS XA 635 -86.96 -53.10 -36.44
C HIS XA 635 -87.95 -51.93 -36.50
N ASN XA 636 -88.60 -51.78 -37.63
CA ASN XA 636 -89.69 -50.82 -37.78
C ASN XA 636 -91.02 -51.55 -37.81
N ALA XA 637 -92.10 -50.79 -37.69
CA ALA XA 637 -93.42 -51.35 -37.91
C ALA XA 637 -93.76 -51.24 -39.38
N ALA XA 638 -94.92 -51.79 -39.76
CA ALA XA 638 -95.34 -51.79 -41.14
C ALA XA 638 -96.84 -51.58 -41.22
N PHE XA 639 -97.31 -51.21 -42.42
CA PHE XA 639 -98.73 -51.00 -42.68
C PHE XA 639 -99.33 -49.97 -41.75
N VAL XA 640 -98.55 -48.96 -41.40
CA VAL XA 640 -99.02 -47.92 -40.50
C VAL XA 640 -99.63 -46.74 -41.24
N ASN XA 641 -99.43 -46.64 -42.56
CA ASN XA 641 -100.04 -45.56 -43.31
C ASN XA 641 -101.55 -45.76 -43.48
N ASN XA 642 -102.03 -46.99 -43.34
CA ASN XA 642 -103.46 -47.26 -43.42
C ASN XA 642 -104.02 -47.47 -42.03
N PHE XA 643 -105.28 -47.06 -41.85
CA PHE XA 643 -105.91 -47.14 -40.54
C PHE XA 643 -106.70 -48.43 -40.36
N TYR XA 644 -107.51 -48.78 -41.35
CA TYR XA 644 -108.22 -50.05 -41.29
C TYR XA 644 -107.26 -51.20 -41.08
N MET XA 645 -106.08 -51.12 -41.69
CA MET XA 645 -105.12 -52.20 -41.58
C MET XA 645 -104.53 -52.28 -40.19
N VAL XA 646 -104.13 -51.15 -39.61
CA VAL XA 646 -103.57 -51.20 -38.27
C VAL XA 646 -104.62 -51.64 -37.27
N MET XA 647 -105.89 -51.33 -37.53
CA MET XA 647 -106.96 -51.84 -36.67
C MET XA 647 -107.08 -53.35 -36.81
N TYR XA 648 -107.18 -53.84 -38.05
CA TYR XA 648 -107.32 -55.26 -38.29
C TYR XA 648 -106.17 -56.04 -37.67
N ILE XA 649 -104.97 -55.47 -37.69
CA ILE XA 649 -103.80 -56.18 -37.16
C ILE XA 649 -104.04 -56.56 -35.71
N ASN XA 650 -104.25 -55.57 -34.86
CA ASN XA 650 -104.40 -55.84 -33.43
C ASN XA 650 -105.84 -56.17 -33.04
N THR XA 651 -106.72 -56.46 -34.01
CA THR XA 651 -107.93 -57.17 -33.64
C THR XA 651 -107.97 -58.62 -34.11
N TYR XA 652 -107.12 -59.01 -35.05
CA TYR XA 652 -107.10 -60.40 -35.54
C TYR XA 652 -105.80 -61.11 -35.22
N LEU XA 653 -104.66 -60.56 -35.66
CA LEU XA 653 -103.39 -61.16 -35.29
C LEU XA 653 -103.16 -61.04 -33.79
N GLY XA 654 -103.11 -59.81 -33.28
CA GLY XA 654 -103.20 -59.55 -31.85
C GLY XA 654 -102.37 -60.46 -30.98
N ASN XA 655 -103.05 -61.27 -30.17
CA ASN XA 655 -102.41 -62.21 -29.26
C ASN XA 655 -101.72 -63.34 -30.02
N GLY XA 656 -101.76 -63.29 -31.35
CA GLY XA 656 -101.24 -64.38 -32.14
C GLY XA 656 -99.74 -64.48 -32.18
N GLU XA 657 -99.21 -64.96 -33.30
CA GLU XA 657 -97.79 -65.29 -33.40
C GLU XA 657 -96.94 -64.15 -33.92
N LEU XA 658 -97.35 -62.91 -33.67
CA LEU XA 658 -96.45 -61.78 -33.86
C LEU XA 658 -95.46 -61.73 -32.71
N PRO XA 659 -94.26 -61.18 -32.95
CA PRO XA 659 -93.31 -61.01 -31.84
C PRO XA 659 -93.91 -60.15 -30.74
N GLU XA 660 -93.75 -60.62 -29.50
CA GLU XA 660 -94.35 -59.91 -28.37
C GLU XA 660 -93.94 -58.45 -28.34
N ASP XA 661 -92.71 -58.14 -28.74
CA ASP XA 661 -92.30 -56.76 -28.91
C ASP XA 661 -93.11 -56.09 -30.01
N CYS XA 662 -93.34 -56.78 -31.13
CA CYS XA 662 -93.90 -56.16 -32.31
C CYS XA 662 -95.36 -55.78 -32.15
N ALA XA 663 -96.13 -56.52 -31.36
CA ALA XA 663 -97.53 -56.17 -31.14
C ALA XA 663 -97.69 -54.95 -30.26
N ALA XA 664 -96.70 -54.66 -29.42
CA ALA XA 664 -96.78 -53.52 -28.52
C ALA XA 664 -96.95 -52.23 -29.29
N VAL XA 665 -96.29 -52.12 -30.43
CA VAL XA 665 -96.35 -50.86 -31.17
C VAL XA 665 -97.75 -50.62 -31.71
N TYR XA 666 -98.43 -51.69 -32.16
CA TYR XA 666 -99.79 -51.51 -32.66
C TYR XA 666 -100.76 -51.25 -31.52
N LYS XA 667 -100.64 -52.01 -30.42
CA LYS XA 667 -101.50 -51.76 -29.27
C LYS XA 667 -101.35 -50.33 -28.77
N ASP XA 668 -100.13 -49.80 -28.80
CA ASP XA 668 -99.92 -48.43 -28.37
C ASP XA 668 -100.50 -47.45 -29.38
N LEU XA 669 -100.22 -47.66 -30.66
CA LEU XA 669 -100.74 -46.77 -31.69
C LEU XA 669 -102.25 -46.73 -31.70
N LEU XA 670 -102.91 -47.74 -31.13
CA LEU XA 670 -104.35 -47.72 -31.00
C LEU XA 670 -104.83 -47.15 -29.68
N GLU XA 671 -104.21 -47.52 -28.56
CA GLU XA 671 -104.70 -47.01 -27.28
C GLU XA 671 -104.46 -45.52 -27.15
N HIS XA 672 -103.41 -45.00 -27.77
CA HIS XA 672 -103.25 -43.54 -27.79
C HIS XA 672 -104.38 -42.89 -28.55
N VAL XA 673 -104.82 -43.50 -29.65
CA VAL XA 673 -105.96 -42.96 -30.38
C VAL XA 673 -107.20 -42.98 -29.51
N HIS XA 674 -107.38 -44.05 -28.74
CA HIS XA 674 -108.56 -44.14 -27.88
C HIS XA 674 -108.52 -43.10 -26.77
N ALA XA 675 -107.34 -42.84 -26.21
CA ALA XA 675 -107.23 -41.79 -25.20
C ALA XA 675 -107.51 -40.43 -25.82
N LEU XA 676 -106.98 -40.20 -27.02
CA LEU XA 676 -107.27 -38.96 -27.71
C LEU XA 676 -108.76 -38.82 -27.96
N ARG XA 677 -109.45 -39.94 -28.18
CA ARG XA 677 -110.90 -39.90 -28.36
C ARG XA 677 -111.58 -39.54 -27.05
N ARG XA 678 -111.18 -40.18 -25.95
CA ARG XA 678 -111.73 -39.87 -24.65
C ARG XA 678 -111.51 -38.41 -24.27
N LEU XA 679 -110.51 -37.77 -24.85
CA LEU XA 679 -110.23 -36.38 -24.51
C LEU XA 679 -111.45 -35.50 -24.71
N ILE XA 680 -111.99 -35.45 -25.92
CA ILE XA 680 -113.11 -34.55 -26.18
C ILE XA 680 -114.34 -34.95 -25.37
N GLY XA 681 -114.38 -36.16 -24.84
CA GLY XA 681 -115.49 -36.57 -24.00
C GLY XA 681 -115.39 -35.99 -22.62
N GLU XA 682 -114.45 -35.09 -22.41
CA GLU XA 682 -114.24 -34.48 -21.10
C GLU XA 682 -114.36 -32.97 -21.11
N PHE XA 683 -114.00 -32.31 -22.21
CA PHE XA 683 -114.04 -30.87 -22.28
C PHE XA 683 -115.39 -30.32 -22.71
N THR XA 684 -116.43 -31.16 -22.72
CA THR XA 684 -117.77 -30.74 -23.12
C THR XA 684 -118.74 -31.01 -21.99
N LEU XA 685 -119.54 -30.02 -21.65
CA LEU XA 685 -120.58 -30.20 -20.64
C LEU XA 685 -121.68 -31.07 -21.21
N PRO XA 686 -122.15 -32.08 -20.48
CA PRO XA 686 -123.27 -32.88 -20.97
C PRO XA 686 -124.51 -32.01 -21.15
N GLY XA 687 -125.22 -32.23 -22.24
CA GLY XA 687 -126.37 -31.41 -22.57
C GLY XA 687 -127.47 -32.14 -23.29
N ASP XA 688 -128.22 -31.42 -24.12
CA ASP XA 688 -129.34 -31.93 -24.89
C ASP XA 688 -129.05 -31.78 -26.38
N PRO XA 689 -129.44 -32.74 -27.20
CA PRO XA 689 -129.25 -32.58 -28.65
C PRO XA 689 -129.93 -31.33 -29.17
N LEU XA 690 -129.13 -30.37 -29.60
CA LEU XA 690 -129.67 -29.08 -30.04
C LEU XA 690 -130.21 -29.16 -31.46
N GLY XA 691 -129.32 -29.43 -32.42
CA GLY XA 691 -129.69 -29.49 -33.81
C GLY XA 691 -129.72 -30.92 -34.34
N ASN XA 692 -130.29 -31.83 -33.55
CA ASN XA 692 -130.31 -33.26 -33.84
C ASN XA 692 -128.92 -33.87 -33.80
N GLN XA 693 -127.96 -33.19 -33.19
CA GLN XA 693 -126.62 -33.70 -33.02
C GLN XA 693 -126.17 -33.49 -31.59
N PRO XA 694 -125.54 -34.50 -30.98
CA PRO XA 694 -125.15 -34.38 -29.58
C PRO XA 694 -124.27 -33.16 -29.33
N GLN XA 695 -124.24 -32.73 -28.07
CA GLN XA 695 -123.43 -31.57 -27.71
C GLN XA 695 -121.95 -31.82 -27.97
N GLU XA 696 -121.51 -33.06 -27.83
CA GLU XA 696 -120.12 -33.38 -28.11
C GLU XA 696 -119.79 -33.32 -29.57
N GLU XA 697 -120.73 -32.92 -30.43
CA GLU XA 697 -120.46 -32.73 -31.84
C GLU XA 697 -120.39 -31.27 -32.26
N LEU XA 698 -120.89 -30.36 -31.45
CA LEU XA 698 -120.74 -28.94 -31.75
C LEU XA 698 -119.48 -28.35 -31.16
N ASN XA 699 -119.03 -28.87 -30.01
CA ASN XA 699 -117.81 -28.35 -29.41
C ASN XA 699 -116.60 -28.72 -30.24
N HIS XA 700 -116.43 -29.99 -30.57
CA HIS XA 700 -115.33 -30.44 -31.39
C HIS XA 700 -115.75 -30.52 -32.85
N ALA XA 701 -114.77 -30.70 -33.71
CA ALA XA 701 -115.02 -30.90 -35.13
C ALA XA 701 -114.64 -32.27 -35.62
N LEU XA 702 -113.66 -32.91 -35.01
CA LEU XA 702 -113.34 -34.29 -35.31
C LEU XA 702 -114.43 -35.24 -34.85
N ALA XA 703 -115.35 -34.78 -34.00
CA ALA XA 703 -116.49 -35.58 -33.59
C ALA XA 703 -117.68 -35.42 -34.50
N ASP XA 704 -117.63 -34.49 -35.46
CA ASP XA 704 -118.73 -34.34 -36.39
C ASP XA 704 -118.81 -35.57 -37.29
N ALA XA 705 -119.98 -35.75 -37.89
CA ALA XA 705 -120.21 -36.86 -38.81
C ALA XA 705 -120.37 -36.41 -40.25
N THR XA 706 -120.54 -35.12 -40.52
CA THR XA 706 -120.63 -34.63 -41.88
C THR XA 706 -119.28 -34.39 -42.52
N LEU XA 707 -118.26 -34.09 -41.72
CA LEU XA 707 -116.91 -33.89 -42.23
C LEU XA 707 -116.33 -35.26 -42.57
N LEU XA 708 -116.38 -35.63 -43.84
CA LEU XA 708 -115.86 -36.91 -44.27
C LEU XA 708 -114.36 -36.99 -43.98
N PRO XA 709 -113.86 -38.18 -43.67
CA PRO XA 709 -112.41 -38.37 -43.55
C PRO XA 709 -111.74 -38.09 -44.88
N PRO XA 710 -110.42 -37.91 -44.89
CA PRO XA 710 -109.76 -37.68 -46.19
C PRO XA 710 -109.81 -38.89 -47.09
N LEU XA 711 -109.83 -40.09 -46.53
CA LEU XA 711 -109.86 -41.33 -47.29
C LEU XA 711 -110.99 -42.21 -46.76
N ILE XA 712 -111.83 -42.71 -47.65
CA ILE XA 712 -112.91 -43.61 -47.29
C ILE XA 712 -112.80 -44.85 -48.15
N TRP XA 713 -113.15 -46.00 -47.55
CA TRP XA 713 -112.98 -47.29 -48.21
C TRP XA 713 -114.30 -48.00 -48.44
N ASP XA 714 -115.42 -47.37 -48.13
CA ASP XA 714 -116.74 -47.94 -48.31
C ASP XA 714 -117.75 -46.85 -48.03
N CYS XA 715 -119.02 -47.12 -48.33
CA CYS XA 715 -120.05 -46.12 -48.11
C CYS XA 715 -120.51 -46.06 -46.65
N ASP XA 716 -119.79 -46.67 -45.73
CA ASP XA 716 -120.14 -46.54 -44.32
C ASP XA 716 -120.22 -45.08 -43.88
N PRO XA 717 -119.22 -44.22 -44.11
CA PRO XA 717 -119.36 -42.83 -43.69
C PRO XA 717 -120.43 -42.09 -44.46
N ILE XA 718 -120.54 -42.33 -45.77
CA ILE XA 718 -121.53 -41.62 -46.57
C ILE XA 718 -122.95 -42.09 -46.22
N LEU XA 719 -123.09 -43.24 -45.58
CA LEU XA 719 -124.41 -43.66 -45.15
C LEU XA 719 -124.87 -42.88 -43.91
N TYR XA 720 -123.98 -42.69 -42.93
CA TYR XA 720 -124.34 -41.98 -41.73
C TYR XA 720 -124.54 -40.49 -41.97
N ARG XA 721 -123.95 -39.94 -43.03
CA ARG XA 721 -123.96 -38.50 -43.23
C ARG XA 721 -125.36 -37.98 -43.53
N ASP XA 722 -126.00 -38.53 -44.56
CA ASP XA 722 -127.28 -38.01 -45.02
C ASP XA 722 -128.41 -38.22 -44.04
N GLY XA 723 -128.15 -38.79 -42.87
CA GLY XA 723 -129.16 -38.87 -41.83
C GLY XA 723 -129.49 -37.53 -41.20
N LEU XA 724 -128.57 -36.56 -41.30
CA LEU XA 724 -128.78 -35.24 -40.73
C LEU XA 724 -129.33 -34.32 -41.81
N ALA XA 725 -130.61 -33.96 -41.70
CA ALA XA 725 -131.25 -33.06 -42.64
C ALA XA 725 -131.34 -31.63 -42.12
N GLU XA 726 -130.62 -31.31 -41.05
CA GLU XA 726 -130.68 -29.96 -40.50
C GLU XA 726 -129.94 -28.97 -41.41
N ARG XA 727 -128.64 -29.16 -41.56
CA ARG XA 727 -127.84 -28.35 -42.48
C ARG XA 727 -127.75 -29.11 -43.79
N LEU XA 728 -128.41 -28.58 -44.82
CA LEU XA 728 -128.58 -29.25 -46.10
C LEU XA 728 -127.25 -29.69 -46.67
N PRO XA 729 -126.97 -30.98 -46.70
CA PRO XA 729 -125.74 -31.48 -47.30
C PRO XA 729 -125.95 -31.89 -48.75
N GLU XA 730 -124.84 -31.97 -49.47
CA GLU XA 730 -124.87 -32.49 -50.83
C GLU XA 730 -123.50 -33.08 -51.16
N LEU XA 731 -123.50 -34.27 -51.75
CA LEU XA 731 -122.28 -34.95 -52.16
C LEU XA 731 -122.29 -35.11 -53.67
N ARG XA 732 -121.12 -34.99 -54.27
CA ARG XA 732 -120.94 -35.24 -55.69
C ARG XA 732 -119.78 -36.19 -55.89
N VAL XA 733 -119.96 -37.14 -56.80
CA VAL XA 733 -118.91 -38.06 -57.20
C VAL XA 733 -118.76 -37.92 -58.70
N ASN XA 734 -117.74 -37.19 -59.12
CA ASN XA 734 -117.45 -36.88 -60.52
C ASN XA 734 -118.61 -36.17 -61.21
N GLY XA 735 -119.62 -35.74 -60.46
CA GLY XA 735 -120.75 -35.02 -61.02
C GLY XA 735 -122.09 -35.66 -60.74
N ALA XA 736 -122.19 -36.98 -60.86
CA ALA XA 736 -123.44 -37.66 -60.59
C ALA XA 736 -123.63 -37.80 -59.08
N HIS XA 737 -124.88 -38.05 -58.67
CA HIS XA 737 -125.16 -38.10 -57.25
C HIS XA 737 -124.39 -39.23 -56.59
N PHE XA 738 -124.84 -40.46 -56.81
CA PHE XA 738 -124.07 -41.69 -56.80
C PHE XA 738 -125.05 -42.84 -56.98
N GLN XA 739 -124.53 -43.98 -57.42
CA GLN XA 739 -125.34 -45.18 -57.65
C GLN XA 739 -124.72 -46.29 -56.83
N HIS XA 740 -125.36 -46.63 -55.71
CA HIS XA 740 -124.78 -47.56 -54.76
C HIS XA 740 -124.82 -48.98 -55.32
N ILE XA 741 -123.64 -49.58 -55.48
CA ILE XA 741 -123.51 -50.93 -56.01
C ILE XA 741 -122.64 -51.76 -55.07
N LEU XA 742 -122.92 -53.05 -55.02
CA LEU XA 742 -122.32 -53.94 -54.05
C LEU XA 742 -121.05 -54.58 -54.62
N TRP XA 743 -120.57 -55.63 -53.94
CA TRP XA 743 -119.33 -56.30 -54.34
C TRP XA 743 -119.39 -56.76 -55.79
N VAL XA 744 -118.23 -56.82 -56.41
CA VAL XA 744 -118.10 -57.22 -57.81
C VAL XA 744 -117.10 -58.37 -57.92
N GLU XA 745 -117.28 -59.18 -58.95
CA GLU XA 745 -116.39 -60.29 -59.26
C GLU XA 745 -115.57 -59.97 -60.50
N MET XA 746 -114.59 -60.83 -60.77
CA MET XA 746 -113.75 -60.63 -61.95
C MET XA 746 -114.58 -60.58 -63.22
N ALA XA 747 -115.63 -61.40 -63.29
CA ALA XA 747 -116.43 -61.51 -64.52
C ALA XA 747 -117.02 -60.17 -64.94
N GLN XA 748 -117.02 -59.18 -64.06
CA GLN XA 748 -117.47 -57.83 -64.43
C GLN XA 748 -116.64 -56.84 -63.62
N VAL XA 749 -115.78 -56.10 -64.30
CA VAL XA 749 -114.93 -55.11 -63.65
C VAL XA 749 -115.09 -53.73 -64.28
N ASN XA 750 -114.93 -53.64 -65.60
CA ASN XA 750 -115.15 -52.40 -66.34
C ASN XA 750 -114.27 -51.27 -65.80
N PHE XA 751 -112.96 -51.48 -65.98
CA PHE XA 751 -111.98 -50.50 -65.51
C PHE XA 751 -112.16 -49.12 -66.14
N ARG XA 752 -112.95 -49.02 -67.21
CA ARG XA 752 -113.10 -47.77 -67.93
C ARG XA 752 -114.35 -46.99 -67.54
N ASN XA 753 -115.07 -47.38 -66.50
CA ASN XA 753 -116.20 -46.59 -66.07
C ASN XA 753 -115.73 -45.35 -65.34
N VAL XA 754 -116.48 -44.25 -65.50
CA VAL XA 754 -116.12 -43.00 -64.86
C VAL XA 754 -117.37 -42.39 -64.24
N GLY XA 755 -118.48 -43.11 -64.31
CA GLY XA 755 -119.71 -42.64 -63.73
C GLY XA 755 -119.61 -42.52 -62.21
N GLY XA 756 -120.67 -41.97 -61.64
CA GLY XA 756 -120.73 -41.82 -60.20
C GLY XA 756 -121.25 -43.05 -59.50
N GLY XA 757 -120.34 -43.85 -58.95
CA GLY XA 757 -120.74 -45.03 -58.23
C GLY XA 757 -119.61 -45.64 -57.43
N LEU XA 758 -119.86 -45.92 -56.16
CA LEU XA 758 -118.90 -46.57 -55.29
C LEU XA 758 -119.32 -48.00 -55.03
N VAL XA 759 -118.38 -48.81 -54.57
CA VAL XA 759 -118.63 -50.23 -54.39
C VAL XA 759 -118.47 -50.59 -52.92
N HIS XA 760 -119.21 -51.59 -52.49
CA HIS XA 760 -119.09 -52.14 -51.15
C HIS XA 760 -118.24 -53.39 -51.21
N ASN XA 761 -117.11 -53.35 -50.51
CA ASN XA 761 -116.15 -54.45 -50.54
C ASN XA 761 -116.69 -55.61 -49.73
N ARG XA 762 -117.25 -56.61 -50.42
CA ARG XA 762 -117.90 -57.76 -49.78
C ARG XA 762 -118.90 -57.26 -48.75
N PRO XA 763 -120.09 -56.81 -49.19
CA PRO XA 763 -120.92 -55.91 -48.38
C PRO XA 763 -120.91 -56.16 -46.89
N VAL XA 764 -120.86 -57.42 -46.52
CA VAL XA 764 -120.94 -57.83 -45.13
C VAL XA 764 -119.97 -58.99 -44.92
N ARG XA 765 -119.85 -59.41 -43.67
CA ARG XA 765 -119.26 -60.71 -43.39
C ARG XA 765 -120.29 -61.82 -43.46
N ASN XA 766 -121.54 -61.54 -43.08
CA ASN XA 766 -122.53 -62.60 -42.94
C ASN XA 766 -123.88 -62.31 -43.59
N GLU XA 767 -124.36 -61.07 -43.54
CA GLU XA 767 -125.78 -60.81 -43.76
C GLU XA 767 -126.22 -61.11 -45.19
N ASN XA 768 -125.62 -60.42 -46.16
CA ASN XA 768 -126.18 -60.32 -47.51
C ASN XA 768 -127.55 -59.64 -47.47
N GLN XA 769 -127.60 -58.53 -46.75
CA GLN XA 769 -128.78 -57.71 -46.55
C GLN XA 769 -128.58 -56.36 -47.22
N PRO XA 770 -129.57 -55.85 -47.96
CA PRO XA 770 -129.35 -54.64 -48.76
C PRO XA 770 -129.18 -53.40 -47.89
N LEU XA 771 -128.08 -52.68 -48.11
CA LEU XA 771 -127.88 -51.31 -47.64
C LEU XA 771 -127.98 -51.22 -46.11
N HIS XA 772 -126.98 -51.83 -45.45
CA HIS XA 772 -126.78 -51.54 -44.04
C HIS XA 772 -125.29 -51.49 -43.77
N PRO XA 773 -124.80 -50.43 -43.13
CA PRO XA 773 -123.36 -50.29 -42.92
C PRO XA 773 -122.84 -51.33 -41.93
N HIS XA 774 -121.69 -51.90 -42.26
CA HIS XA 774 -121.11 -52.98 -41.47
C HIS XA 774 -120.08 -52.48 -40.46
N HIS XA 775 -120.25 -51.26 -39.96
CA HIS XA 775 -119.40 -50.74 -38.91
C HIS XA 775 -120.14 -49.66 -38.16
N ASP XA 776 -119.75 -49.44 -36.91
CA ASP XA 776 -120.40 -48.44 -36.08
C ASP XA 776 -120.05 -47.05 -36.56
N ALA XA 777 -120.55 -46.04 -35.85
CA ALA XA 777 -120.26 -44.66 -36.22
C ALA XA 777 -118.95 -44.17 -35.62
N GLU XA 778 -118.57 -44.69 -34.45
CA GLU XA 778 -117.33 -44.25 -33.82
C GLU XA 778 -116.11 -44.67 -34.63
N TRP XA 779 -116.27 -45.62 -35.55
CA TRP XA 779 -115.17 -46.03 -36.41
C TRP XA 779 -114.71 -44.89 -37.29
N SER XA 780 -115.66 -44.18 -37.91
CA SER XA 780 -115.31 -43.05 -38.75
C SER XA 780 -114.60 -41.96 -37.94
N VAL XA 781 -115.05 -41.73 -36.70
CA VAL XA 781 -114.43 -40.71 -35.87
C VAL XA 781 -113.02 -41.11 -35.50
N LEU XA 782 -112.81 -42.38 -35.18
CA LEU XA 782 -111.45 -42.86 -34.95
C LEU XA 782 -110.58 -42.62 -36.18
N SER XA 783 -111.14 -42.89 -37.36
CA SER XA 783 -110.39 -42.68 -38.59
C SER XA 783 -109.99 -41.22 -38.74
N LYS XA 784 -110.92 -40.30 -38.50
CA LYS XA 784 -110.62 -38.89 -38.62
C LYS XA 784 -109.57 -38.46 -37.60
N ILE XA 785 -109.67 -38.97 -36.38
CA ILE XA 785 -108.63 -38.71 -35.38
C ILE XA 785 -107.27 -39.13 -35.92
N TYR XA 786 -107.19 -40.37 -36.41
CA TYR XA 786 -105.90 -40.90 -36.85
C TYR XA 786 -105.34 -40.08 -38.00
N TYR XA 787 -106.17 -39.70 -38.96
CA TYR XA 787 -105.67 -39.05 -40.16
C TYR XA 787 -105.56 -37.54 -40.03
N TYR XA 788 -106.01 -36.95 -38.93
CA TYR XA 788 -105.87 -35.50 -38.75
C TYR XA 788 -105.02 -35.10 -37.56
N ALA XA 789 -104.69 -36.03 -36.65
CA ALA XA 789 -103.96 -35.65 -35.45
C ALA XA 789 -102.76 -36.54 -35.14
N VAL XA 790 -102.63 -37.70 -35.79
CA VAL XA 790 -101.51 -38.59 -35.54
C VAL XA 790 -100.60 -38.70 -36.75
N VAL XA 791 -101.17 -38.84 -37.95
CA VAL XA 791 -100.37 -38.94 -39.16
C VAL XA 791 -99.49 -37.71 -39.30
N PRO XA 792 -100.03 -36.49 -39.38
CA PRO XA 792 -99.15 -35.33 -39.53
C PRO XA 792 -98.27 -35.11 -38.33
N ALA XA 793 -98.63 -35.65 -37.17
CA ALA XA 793 -97.74 -35.59 -36.02
C ALA XA 793 -96.46 -36.37 -36.25
N PHE XA 794 -96.46 -37.31 -37.19
CA PHE XA 794 -95.28 -38.10 -37.51
C PHE XA 794 -94.64 -37.72 -38.84
N SER XA 795 -95.45 -37.47 -39.86
CA SER XA 795 -94.90 -37.22 -41.19
C SER XA 795 -94.34 -35.81 -41.30
N ARG XA 796 -94.94 -34.84 -40.61
CA ARG XA 796 -94.48 -33.47 -40.62
C ARG XA 796 -94.35 -32.90 -42.02
N GLY XA 797 -95.20 -33.37 -42.94
CA GLY XA 797 -95.16 -32.87 -44.30
C GLY XA 797 -94.34 -33.73 -45.25
N ASN XA 798 -94.44 -35.05 -45.09
CA ASN XA 798 -93.81 -35.99 -45.99
C ASN XA 798 -94.80 -36.89 -46.72
N CYS XA 799 -95.99 -37.10 -46.17
CA CYS XA 799 -96.97 -37.99 -46.76
C CYS XA 799 -97.82 -37.25 -47.77
N CYS XA 800 -98.40 -38.01 -48.70
CA CYS XA 800 -99.22 -37.44 -49.75
C CYS XA 800 -100.21 -38.50 -50.22
N THR XA 801 -101.50 -38.17 -50.20
CA THR XA 801 -102.50 -39.06 -50.77
C THR XA 801 -102.19 -39.33 -52.23
N MET XA 802 -102.46 -40.54 -52.69
CA MET XA 802 -102.14 -40.92 -54.05
C MET XA 802 -103.29 -41.72 -54.65
N GLY XA 803 -103.55 -41.49 -55.94
CA GLY XA 803 -104.53 -42.23 -56.69
C GLY XA 803 -103.89 -43.42 -57.38
N VAL XA 804 -104.53 -44.57 -57.25
CA VAL XA 804 -103.94 -45.85 -57.60
C VAL XA 804 -104.29 -46.19 -59.04
N ARG XA 805 -103.48 -47.06 -59.65
CA ARG XA 805 -103.70 -47.58 -61.00
C ARG XA 805 -104.10 -49.04 -60.84
N TYR XA 806 -105.40 -49.30 -60.78
CA TYR XA 806 -105.85 -50.67 -60.52
C TYR XA 806 -105.67 -51.59 -61.71
N ASP XA 807 -105.21 -51.08 -62.86
CA ASP XA 807 -104.98 -51.95 -64.02
C ASP XA 807 -103.69 -52.73 -63.86
N ARG XA 808 -102.56 -52.04 -63.74
CA ARG XA 808 -101.27 -52.71 -63.68
C ARG XA 808 -101.16 -53.61 -62.46
N VAL XA 809 -101.75 -53.18 -61.34
CA VAL XA 809 -101.64 -53.98 -60.13
C VAL XA 809 -102.46 -55.25 -60.25
N TYR XA 810 -103.62 -55.19 -60.90
CA TYR XA 810 -104.39 -56.40 -61.10
C TYR XA 810 -103.82 -57.26 -62.21
N GLN XA 811 -102.97 -56.68 -63.06
CA GLN XA 811 -102.32 -57.47 -64.09
C GLN XA 811 -101.10 -58.18 -63.55
N LEU XA 812 -100.40 -57.56 -62.60
CA LEU XA 812 -99.22 -58.17 -61.99
C LEU XA 812 -99.58 -59.09 -60.84
N VAL XA 813 -100.70 -58.83 -60.16
CA VAL XA 813 -101.07 -59.63 -59.01
C VAL XA 813 -101.29 -61.07 -59.40
N GLN XA 814 -101.67 -61.31 -60.66
CA GLN XA 814 -101.94 -62.66 -61.10
C GLN XA 814 -100.65 -63.42 -61.38
N THR XA 815 -99.70 -62.79 -62.06
CA THR XA 815 -98.53 -63.48 -62.57
C THR XA 815 -97.65 -63.93 -61.42
N MET XA 816 -97.72 -65.21 -61.09
CA MET XA 816 -96.85 -65.84 -60.13
C MET XA 816 -96.36 -67.17 -60.69
N VAL XA 817 -95.21 -67.62 -60.22
CA VAL XA 817 -94.66 -68.91 -60.61
C VAL XA 817 -94.42 -69.72 -59.35
N VAL XA 818 -94.72 -71.01 -59.42
CA VAL XA 818 -94.48 -71.90 -58.29
C VAL XA 818 -94.46 -73.34 -58.78
N PRO XA 819 -93.44 -74.12 -58.43
CA PRO XA 819 -93.44 -75.54 -58.76
C PRO XA 819 -94.24 -76.34 -57.74
N GLU XA 820 -94.60 -77.55 -58.15
CA GLU XA 820 -95.43 -78.41 -57.30
C GLU XA 820 -94.56 -79.24 -56.37
N THR XA 821 -95.14 -79.64 -55.25
CA THR XA 821 -94.43 -80.41 -54.24
C THR XA 821 -95.42 -81.31 -53.51
N ASP XA 822 -94.95 -81.90 -52.41
CA ASP XA 822 -95.80 -82.73 -51.55
C ASP XA 822 -95.70 -82.29 -50.10
N GLU XA 823 -94.52 -81.83 -49.68
CA GLU XA 823 -94.30 -81.41 -48.31
C GLU XA 823 -93.52 -80.10 -48.27
N GLU XA 824 -93.08 -79.70 -47.07
CA GLU XA 824 -92.29 -78.49 -46.93
C GLU XA 824 -91.00 -78.62 -47.73
N VAL XA 825 -90.58 -77.50 -48.33
CA VAL XA 825 -89.53 -77.55 -49.35
C VAL XA 825 -88.21 -77.03 -48.80
N GLY XA 826 -88.26 -76.09 -47.87
CA GLY XA 826 -87.06 -75.41 -47.42
C GLY XA 826 -86.55 -74.42 -48.44
N THR XA 827 -85.72 -73.50 -47.98
CA THR XA 827 -85.27 -72.39 -48.83
C THR XA 827 -84.20 -72.80 -49.82
N ASP XA 828 -83.53 -73.95 -49.62
CA ASP XA 828 -82.44 -74.32 -50.51
C ASP XA 828 -82.94 -75.13 -51.71
N ASP XA 829 -83.90 -76.03 -51.48
CA ASP XA 829 -84.42 -76.88 -52.54
C ASP XA 829 -84.98 -76.02 -53.68
N PRO XA 830 -84.47 -76.15 -54.90
CA PRO XA 830 -84.93 -75.30 -56.01
C PRO XA 830 -86.43 -75.23 -56.17
N ARG XA 831 -87.15 -76.23 -55.67
CA ARG XA 831 -88.60 -76.16 -55.68
C ARG XA 831 -89.14 -75.08 -54.76
N HIS XA 832 -88.28 -74.35 -54.05
CA HIS XA 832 -88.74 -73.22 -53.27
C HIS XA 832 -89.17 -72.09 -54.22
N PRO XA 833 -90.25 -71.37 -53.89
CA PRO XA 833 -90.74 -70.33 -54.80
C PRO XA 833 -89.83 -69.12 -54.92
N LEU XA 834 -88.77 -69.04 -54.11
CA LEU XA 834 -87.86 -67.89 -54.14
C LEU XA 834 -86.44 -68.30 -54.46
N HIS XA 835 -86.24 -69.50 -55.02
CA HIS XA 835 -84.89 -69.92 -55.39
C HIS XA 835 -84.45 -69.17 -56.65
N PRO XA 836 -83.21 -68.68 -56.69
CA PRO XA 836 -82.76 -67.90 -57.84
C PRO XA 836 -82.95 -68.59 -59.19
N ARG XA 837 -83.20 -69.89 -59.20
CA ARG XA 837 -83.48 -70.58 -60.44
C ARG XA 837 -84.74 -70.03 -61.11
N ASN XA 838 -85.87 -70.12 -60.43
CA ASN XA 838 -87.17 -69.84 -61.02
C ASN XA 838 -87.63 -68.41 -60.74
N LEU XA 839 -86.70 -67.47 -60.64
CA LEU XA 839 -87.05 -66.06 -60.50
C LEU XA 839 -87.14 -65.45 -61.89
N VAL XA 840 -88.23 -65.78 -62.57
CA VAL XA 840 -88.51 -65.33 -63.93
C VAL XA 840 -88.61 -63.81 -63.93
N PRO XA 841 -88.35 -63.13 -65.05
CA PRO XA 841 -88.34 -61.68 -65.03
C PRO XA 841 -89.73 -61.10 -65.13
N ASN XA 842 -89.91 -59.95 -64.47
CA ASN XA 842 -91.17 -59.21 -64.48
C ASN XA 842 -92.31 -60.05 -63.95
N SER XA 843 -92.06 -60.75 -62.86
CA SER XA 843 -93.06 -61.54 -62.16
C SER XA 843 -93.14 -61.09 -60.71
N LEU XA 844 -94.27 -61.43 -60.06
CA LEU XA 844 -94.49 -60.98 -58.70
C LEU XA 844 -93.39 -61.48 -57.77
N ASN XA 845 -92.77 -62.61 -58.09
CA ASN XA 845 -91.73 -63.16 -57.22
C ASN XA 845 -90.54 -62.22 -57.09
N VAL XA 846 -90.20 -61.48 -58.14
CA VAL XA 846 -89.06 -60.58 -58.05
C VAL XA 846 -89.35 -59.48 -57.03
N LEU XA 847 -90.63 -59.09 -56.90
CA LEU XA 847 -90.99 -58.04 -55.94
C LEU XA 847 -90.66 -58.50 -54.52
N PHE XA 848 -91.17 -59.66 -54.12
CA PHE XA 848 -90.85 -60.20 -52.81
C PHE XA 848 -89.34 -60.42 -52.67
N HIS XA 849 -88.66 -60.76 -53.77
CA HIS XA 849 -87.22 -60.98 -53.69
C HIS XA 849 -86.48 -59.69 -53.43
N ASN XA 850 -87.02 -58.55 -53.87
CA ASN XA 850 -86.37 -57.27 -53.65
C ASN XA 850 -86.54 -56.77 -52.22
N ALA XA 851 -87.43 -57.37 -51.45
CA ALA XA 851 -87.66 -56.95 -50.08
C ALA XA 851 -87.04 -57.88 -49.05
N CYS XA 852 -86.35 -58.94 -49.50
CA CYS XA 852 -85.74 -59.93 -48.61
C CYS XA 852 -86.77 -60.53 -47.65
N VAL XA 853 -88.03 -60.58 -48.07
CA VAL XA 853 -89.09 -61.14 -47.24
C VAL XA 853 -89.12 -62.65 -47.43
N ALA XA 854 -89.16 -63.38 -46.32
CA ALA XA 854 -89.07 -64.84 -46.34
C ALA XA 854 -90.47 -65.42 -46.25
N VAL XA 855 -91.13 -65.52 -47.40
CA VAL XA 855 -92.45 -66.12 -47.48
C VAL XA 855 -92.31 -67.55 -47.98
N ASP XA 856 -93.39 -68.30 -47.91
CA ASP XA 856 -93.45 -69.65 -48.47
C ASP XA 856 -94.49 -69.68 -49.59
N ALA XA 857 -94.49 -70.79 -50.33
CA ALA XA 857 -95.33 -70.89 -51.52
C ALA XA 857 -96.82 -70.92 -51.16
N ASP XA 858 -97.17 -71.50 -50.02
CA ASP XA 858 -98.55 -71.48 -49.57
C ASP XA 858 -99.08 -70.05 -49.44
N ALA XA 859 -98.33 -69.21 -48.73
CA ALA XA 859 -98.74 -67.83 -48.53
C ALA XA 859 -98.90 -67.10 -49.86
N MET XA 860 -97.92 -67.23 -50.74
CA MET XA 860 -98.00 -66.57 -52.04
C MET XA 860 -99.18 -67.11 -52.85
N LEU XA 861 -99.56 -68.37 -52.64
CA LEU XA 861 -100.72 -68.89 -53.35
C LEU XA 861 -102.02 -68.30 -52.80
N ILE XA 862 -102.08 -68.04 -51.50
CA ILE XA 862 -103.31 -67.48 -50.92
C ILE XA 862 -103.77 -66.26 -51.69
N LEU XA 863 -102.83 -65.49 -52.23
CA LEU XA 863 -103.12 -64.17 -52.80
C LEU XA 863 -104.25 -64.19 -53.83
N GLN XA 864 -104.52 -65.34 -54.45
CA GLN XA 864 -105.52 -65.38 -55.52
C GLN XA 864 -106.93 -65.08 -55.04
N GLU XA 865 -107.17 -64.99 -53.73
CA GLU XA 865 -108.54 -64.82 -53.25
C GLU XA 865 -109.14 -63.50 -53.72
N THR XA 866 -108.28 -62.51 -53.99
CA THR XA 866 -108.77 -61.17 -54.32
C THR XA 866 -109.59 -61.13 -55.60
N VAL XA 867 -109.51 -62.18 -56.43
CA VAL XA 867 -110.21 -62.15 -57.72
C VAL XA 867 -111.72 -62.09 -57.52
N THR XA 868 -112.23 -62.61 -56.41
CA THR XA 868 -113.67 -62.65 -56.19
C THR XA 868 -114.26 -61.32 -55.75
N ASN XA 869 -113.44 -60.37 -55.30
CA ASN XA 869 -113.93 -59.09 -54.77
C ASN XA 869 -113.00 -58.00 -55.28
N MET XA 870 -113.34 -57.45 -56.44
CA MET XA 870 -112.46 -56.50 -57.11
C MET XA 870 -112.66 -55.09 -56.57
N ALA XA 871 -111.85 -54.17 -57.08
CA ALA XA 871 -111.97 -52.75 -56.78
C ALA XA 871 -111.63 -51.99 -58.06
N GLU XA 872 -112.66 -51.43 -58.71
CA GLU XA 872 -112.50 -50.92 -60.06
C GLU XA 872 -111.48 -49.79 -60.13
N ARG XA 873 -111.75 -48.69 -59.43
CA ARG XA 873 -110.89 -47.53 -59.53
C ARG XA 873 -111.05 -46.70 -58.27
N THR XA 874 -110.08 -45.82 -58.04
CA THR XA 874 -110.23 -44.79 -57.02
C THR XA 874 -110.89 -43.57 -57.65
N THR XA 875 -111.63 -42.83 -56.83
CA THR XA 875 -112.46 -41.76 -57.34
C THR XA 875 -112.38 -40.55 -56.41
N PRO XA 876 -112.54 -39.35 -56.94
CA PRO XA 876 -112.58 -38.16 -56.09
C PRO XA 876 -113.99 -37.86 -55.60
N LEU XA 877 -114.05 -37.26 -54.42
CA LEU XA 877 -115.31 -36.89 -53.80
C LEU XA 877 -115.34 -35.39 -53.56
N LEU XA 878 -116.55 -34.86 -53.41
CA LEU XA 878 -116.73 -33.43 -53.19
C LEU XA 878 -117.98 -33.24 -52.33
N ALA XA 879 -117.77 -33.05 -51.03
CA ALA XA 879 -118.88 -32.84 -50.12
C ALA XA 879 -119.10 -31.35 -49.90
N SER XA 880 -120.35 -31.00 -49.64
CA SER XA 880 -120.73 -29.61 -49.42
C SER XA 880 -121.78 -29.56 -48.33
N VAL XA 881 -121.57 -28.71 -47.34
CA VAL XA 881 -122.42 -28.68 -46.17
C VAL XA 881 -122.56 -27.25 -45.68
N ALA XA 882 -123.75 -26.90 -45.22
CA ALA XA 882 -123.97 -25.63 -44.56
C ALA XA 882 -123.38 -25.68 -43.15
N PRO XA 883 -123.10 -24.53 -42.53
CA PRO XA 883 -122.60 -24.54 -41.17
C PRO XA 883 -123.62 -25.13 -40.21
N ASP XA 884 -123.14 -25.58 -39.06
CA ASP XA 884 -123.99 -26.26 -38.10
C ASP XA 884 -124.85 -25.24 -37.34
N ALA XA 885 -125.64 -25.74 -36.40
CA ALA XA 885 -126.58 -24.90 -35.67
C ALA XA 885 -125.89 -23.84 -34.84
N GLY XA 886 -124.60 -24.00 -34.54
CA GLY XA 886 -123.87 -22.99 -33.80
C GLY XA 886 -123.72 -21.69 -34.56
N MET XA 887 -122.92 -21.71 -35.63
CA MET XA 887 -122.80 -20.54 -36.51
C MET XA 887 -123.95 -20.52 -37.51
N ALA XA 888 -125.16 -20.37 -36.99
CA ALA XA 888 -126.33 -20.49 -37.86
C ALA XA 888 -127.17 -19.22 -37.89
N THR XA 889 -126.52 -18.06 -38.01
CA THR XA 889 -127.28 -16.83 -38.18
C THR XA 889 -127.61 -16.61 -39.65
N VAL XA 890 -128.33 -15.52 -39.93
CA VAL XA 890 -128.68 -15.21 -41.31
C VAL XA 890 -127.44 -14.86 -42.12
N ALA XA 891 -126.44 -14.27 -41.46
CA ALA XA 891 -125.21 -13.92 -42.15
C ALA XA 891 -124.36 -15.13 -42.49
N THR XA 892 -124.67 -16.30 -41.94
CA THR XA 892 -123.97 -17.54 -42.27
C THR XA 892 -124.90 -18.57 -42.89
N ARG XA 893 -125.88 -18.11 -43.67
CA ARG XA 893 -126.77 -19.06 -44.33
C ARG XA 893 -126.06 -19.74 -45.50
N ASP XA 894 -125.59 -18.96 -46.46
CA ASP XA 894 -124.98 -19.50 -47.67
C ASP XA 894 -123.47 -19.61 -47.56
N MET XA 895 -122.93 -19.67 -46.35
CA MET XA 895 -121.48 -19.75 -46.15
C MET XA 895 -121.04 -21.21 -46.00
N ARG XA 896 -121.35 -22.00 -47.02
CA ARG XA 896 -121.09 -23.42 -46.97
C ARG XA 896 -119.60 -23.70 -47.17
N THR XA 897 -119.19 -24.92 -46.84
CA THR XA 897 -117.83 -25.39 -47.05
C THR XA 897 -117.81 -26.45 -48.14
N HIS XA 898 -116.60 -26.75 -48.61
CA HIS XA 898 -116.41 -27.75 -49.65
C HIS XA 898 -115.10 -28.44 -49.38
N ASP XA 899 -115.14 -29.73 -49.09
CA ASP XA 899 -113.95 -30.53 -48.91
C ASP XA 899 -113.90 -31.64 -49.94
N GLY XA 900 -112.73 -32.27 -50.04
CA GLY XA 900 -112.53 -33.39 -50.93
C GLY XA 900 -112.34 -34.68 -50.16
N SER XA 901 -112.32 -35.78 -50.91
CA SER XA 901 -112.05 -37.10 -50.35
C SER XA 901 -111.86 -38.07 -51.50
N LEU XA 902 -111.10 -39.13 -51.23
CA LEU XA 902 -110.81 -40.15 -52.21
C LEU XA 902 -111.31 -41.49 -51.71
N HIS XA 903 -112.00 -42.22 -52.58
CA HIS XA 903 -112.46 -43.57 -52.29
C HIS XA 903 -111.47 -44.56 -52.87
N HIS XA 904 -111.07 -45.53 -52.05
CA HIS XA 904 -110.10 -46.56 -52.44
C HIS XA 904 -108.76 -45.97 -52.83
N GLY XA 905 -108.46 -44.75 -52.42
CA GLY XA 905 -107.20 -44.14 -52.76
C GLY XA 905 -106.05 -44.70 -51.96
N LEU XA 906 -105.02 -43.90 -51.71
CA LEU XA 906 -103.85 -44.42 -51.04
C LEU XA 906 -103.02 -43.27 -50.48
N LEU XA 907 -102.55 -43.46 -49.25
CA LEU XA 907 -101.62 -42.53 -48.62
C LEU XA 907 -100.25 -43.19 -48.61
N MET XA 908 -99.31 -42.63 -49.38
CA MET XA 908 -97.95 -43.14 -49.43
C MET XA 908 -97.06 -42.32 -48.51
N MET XA 909 -96.12 -42.99 -47.86
CA MET XA 909 -95.45 -42.40 -46.71
C MET XA 909 -94.33 -41.46 -47.12
N ALA XA 910 -93.30 -41.99 -47.77
CA ALA XA 910 -92.15 -41.18 -48.16
C ALA XA 910 -91.78 -41.52 -49.59
N TYR XA 911 -91.71 -40.50 -50.45
CA TYR XA 911 -91.40 -40.74 -51.85
C TYR XA 911 -90.03 -41.38 -52.00
N GLN XA 912 -89.77 -41.90 -53.19
CA GLN XA 912 -88.48 -42.48 -53.52
C GLN XA 912 -88.19 -42.23 -54.98
N PRO XA 913 -87.58 -41.10 -55.31
CA PRO XA 913 -87.30 -40.81 -56.72
C PRO XA 913 -86.04 -41.52 -57.21
N ASN XA 914 -85.08 -41.70 -56.30
CA ASN XA 914 -83.74 -42.16 -56.64
C ASN XA 914 -83.72 -43.60 -57.12
N ASP XA 915 -84.76 -44.38 -56.85
CA ASP XA 915 -84.74 -45.78 -57.24
C ASP XA 915 -84.85 -45.92 -58.76
N ALA XA 916 -84.44 -47.10 -59.24
CA ALA XA 916 -84.43 -47.34 -60.68
C ALA XA 916 -84.97 -48.70 -61.09
N THR XA 917 -85.36 -49.57 -60.17
CA THR XA 917 -85.92 -50.86 -60.55
C THR XA 917 -87.39 -50.79 -60.86
N LEU XA 918 -87.92 -49.61 -61.17
CA LEU XA 918 -89.35 -49.44 -61.41
C LEU XA 918 -89.60 -48.08 -62.04
N LEU XA 919 -90.50 -48.05 -63.02
CA LEU XA 919 -90.97 -46.77 -63.56
C LEU XA 919 -91.51 -45.91 -62.43
N GLU XA 920 -91.44 -44.59 -62.63
CA GLU XA 920 -91.86 -43.68 -61.57
C GLU XA 920 -93.37 -43.71 -61.38
N GLY XA 921 -94.13 -43.76 -62.48
CA GLY XA 921 -95.56 -43.68 -62.40
C GLY XA 921 -96.25 -44.99 -62.73
N ALA XA 922 -95.65 -46.10 -62.30
CA ALA XA 922 -96.16 -47.41 -62.68
C ALA XA 922 -97.51 -47.68 -62.03
N PHE XA 923 -97.54 -47.71 -60.70
CA PHE XA 923 -98.72 -48.18 -60.00
C PHE XA 923 -99.58 -47.07 -59.42
N PHE XA 924 -99.01 -45.89 -59.18
CA PHE XA 924 -99.74 -44.81 -58.52
C PHE XA 924 -99.44 -43.49 -59.20
N TYR XA 925 -100.18 -42.47 -58.80
CA TYR XA 925 -99.96 -41.11 -59.25
C TYR XA 925 -100.41 -40.18 -58.15
N PRO XA 926 -99.82 -38.99 -58.03
CA PRO XA 926 -100.19 -38.10 -56.93
C PRO XA 926 -101.60 -37.56 -57.11
N ALA XA 927 -102.30 -37.41 -55.99
CA ALA XA 927 -103.62 -36.80 -55.97
C ALA XA 927 -103.86 -36.23 -54.58
N PRO XA 928 -103.25 -35.09 -54.27
CA PRO XA 928 -103.41 -34.51 -52.95
C PRO XA 928 -104.82 -33.97 -52.78
N VAL XA 929 -105.38 -34.19 -51.59
CA VAL XA 929 -106.74 -33.79 -51.31
C VAL XA 929 -106.83 -32.64 -50.32
N ASN XA 930 -105.81 -32.44 -49.47
CA ASN XA 930 -105.86 -31.38 -48.49
C ASN XA 930 -104.45 -30.86 -48.25
N ALA XA 931 -104.38 -29.74 -47.52
CA ALA XA 931 -103.11 -29.05 -47.33
C ALA XA 931 -102.13 -29.86 -46.50
N LEU XA 932 -102.60 -30.78 -45.66
CA LEU XA 932 -101.68 -31.59 -44.87
C LEU XA 932 -100.97 -32.60 -45.75
N PHE XA 933 -101.71 -33.30 -46.60
CA PHE XA 933 -101.15 -34.36 -47.43
C PHE XA 933 -100.93 -33.81 -48.83
N ALA XA 934 -99.85 -33.04 -48.98
CA ALA XA 934 -99.45 -32.55 -50.29
C ALA XA 934 -97.98 -32.19 -50.20
N CYS XA 935 -97.13 -32.98 -50.81
CA CYS XA 935 -95.71 -32.68 -50.89
C CYS XA 935 -95.37 -32.23 -52.30
N ALA XA 936 -94.08 -32.02 -52.54
CA ALA XA 936 -93.60 -31.68 -53.87
C ALA XA 936 -93.02 -32.88 -54.60
N ASP XA 937 -92.11 -33.61 -53.94
CA ASP XA 937 -91.41 -34.69 -54.60
C ASP XA 937 -92.33 -35.79 -55.09
N HIS XA 938 -93.55 -35.86 -54.56
CA HIS XA 938 -94.52 -36.81 -55.10
C HIS XA 938 -95.11 -36.36 -56.42
N LEU XA 939 -94.79 -35.16 -56.89
CA LEU XA 939 -95.25 -34.72 -58.19
C LEU XA 939 -94.34 -35.17 -59.32
N GLY XA 940 -93.12 -35.64 -59.01
CA GLY XA 940 -92.29 -36.24 -60.02
C GLY XA 940 -92.85 -37.55 -60.56
N ALA XA 941 -93.67 -38.24 -59.77
CA ALA XA 941 -94.24 -39.50 -60.20
C ALA XA 941 -95.16 -39.33 -61.40
N MET XA 942 -95.73 -38.14 -61.57
CA MET XA 942 -96.61 -37.91 -62.70
C MET XA 942 -95.81 -37.84 -64.00
N ARG XA 943 -96.45 -38.27 -65.07
CA ARG XA 943 -95.82 -38.24 -66.40
C ARG XA 943 -96.07 -36.90 -67.06
N ASP XA 944 -95.10 -36.48 -67.89
CA ASP XA 944 -95.24 -35.27 -68.70
C ASP XA 944 -95.33 -34.03 -67.81
N VAL XA 945 -94.39 -33.90 -66.89
CA VAL XA 945 -94.33 -32.77 -65.97
C VAL XA 945 -93.04 -32.00 -66.25
N GLY XA 946 -93.17 -30.69 -66.42
CA GLY XA 946 -92.04 -29.83 -66.68
C GLY XA 946 -91.46 -29.26 -65.39
N ALA XA 947 -90.32 -28.57 -65.56
CA ALA XA 947 -89.69 -27.94 -64.42
C ALA XA 947 -90.48 -26.73 -63.93
N GLU XA 948 -91.19 -26.06 -64.84
CA GLU XA 948 -91.83 -24.79 -64.50
C GLU XA 948 -92.84 -24.93 -63.37
N VAL XA 949 -93.45 -26.11 -63.22
CA VAL XA 949 -94.43 -26.31 -62.17
C VAL XA 949 -93.79 -27.09 -61.03
N ARG XA 950 -92.83 -27.94 -61.36
CA ARG XA 950 -92.11 -28.67 -60.32
C ARG XA 950 -91.31 -27.71 -59.45
N ALA XA 951 -90.60 -26.78 -60.08
CA ALA XA 951 -89.81 -25.79 -59.34
C ALA XA 951 -90.67 -24.76 -58.64
N ALA XA 952 -91.99 -24.77 -58.85
CA ALA XA 952 -92.88 -23.78 -58.25
C ALA XA 952 -93.79 -24.37 -57.18
N ALA XA 953 -93.72 -25.66 -56.92
CA ALA XA 953 -94.61 -26.30 -55.96
C ALA XA 953 -94.01 -26.38 -54.56
N GLN XA 954 -92.70 -26.16 -54.42
CA GLN XA 954 -92.06 -26.31 -53.12
C GLN XA 954 -92.57 -25.29 -52.11
N HIS XA 955 -93.28 -24.27 -52.56
CA HIS XA 955 -93.75 -23.22 -51.67
C HIS XA 955 -95.27 -23.09 -51.65
N VAL XA 956 -95.99 -23.90 -52.40
CA VAL XA 956 -97.45 -23.84 -52.40
C VAL XA 956 -98.01 -25.26 -52.41
N PRO XA 957 -98.95 -25.60 -51.55
CA PRO XA 957 -99.62 -26.90 -51.67
C PRO XA 957 -100.37 -27.00 -52.98
N CYS XA 958 -100.42 -28.21 -53.53
CA CYS XA 958 -100.87 -28.43 -54.89
C CYS XA 958 -102.25 -29.07 -54.97
N VAL XA 959 -103.15 -28.72 -54.06
CA VAL XA 959 -104.50 -29.29 -54.14
C VAL XA 959 -105.19 -28.74 -55.38
N PRO XA 960 -105.83 -29.58 -56.18
CA PRO XA 960 -106.47 -29.10 -57.41
C PRO XA 960 -107.81 -28.43 -57.14
N HIS XA 961 -108.25 -27.65 -58.11
CA HIS XA 961 -109.46 -26.85 -57.94
C HIS XA 961 -110.74 -27.61 -58.19
N PHE XA 962 -110.69 -28.94 -58.21
CA PHE XA 962 -111.89 -29.76 -58.20
C PHE XA 962 -111.98 -30.59 -56.93
N LEU XA 963 -111.10 -30.33 -55.95
CA LEU XA 963 -111.15 -31.01 -54.65
C LEU XA 963 -111.18 -30.01 -53.50
N GLY XA 964 -111.54 -28.76 -53.78
CA GLY XA 964 -111.69 -27.77 -52.73
C GLY XA 964 -110.42 -26.98 -52.47
N ALA XA 965 -110.46 -25.69 -52.74
CA ALA XA 965 -109.30 -24.83 -52.53
C ALA XA 965 -109.15 -24.54 -51.04
N ASN XA 966 -108.21 -23.66 -50.69
CA ASN XA 966 -107.90 -23.41 -49.29
C ASN XA 966 -109.05 -22.70 -48.59
N TYR XA 967 -109.41 -21.51 -49.06
CA TYR XA 967 -110.36 -20.67 -48.33
C TYR XA 967 -111.73 -21.32 -48.18
N TYR XA 968 -112.06 -22.31 -48.98
CA TYR XA 968 -113.35 -22.97 -48.89
C TYR XA 968 -113.30 -24.29 -48.14
N ALA XA 969 -112.11 -24.81 -47.84
CA ALA XA 969 -112.01 -26.04 -47.10
C ALA XA 969 -112.23 -25.80 -45.61
N THR XA 970 -112.31 -26.89 -44.86
CA THR XA 970 -112.55 -26.82 -43.42
C THR XA 970 -111.27 -26.92 -42.61
N VAL XA 971 -110.16 -27.30 -43.23
CA VAL XA 971 -108.88 -27.44 -42.54
C VAL XA 971 -107.87 -26.65 -43.37
N ARG XA 972 -107.67 -25.39 -43.01
CA ARG XA 972 -106.95 -24.45 -43.86
C ARG XA 972 -105.45 -24.67 -43.77
N GLN XA 973 -104.72 -23.78 -44.44
CA GLN XA 973 -103.27 -23.88 -44.49
C GLN XA 973 -102.59 -23.80 -43.12
N PRO XA 974 -102.96 -22.88 -42.22
CA PRO XA 974 -102.13 -22.68 -41.01
C PRO XA 974 -101.91 -23.94 -40.18
N VAL XA 975 -102.87 -24.87 -40.15
CA VAL XA 975 -102.65 -26.05 -39.32
C VAL XA 975 -101.57 -26.94 -39.93
N ALA XA 976 -101.57 -27.09 -41.25
CA ALA XA 976 -100.50 -27.85 -41.89
C ALA XA 976 -99.15 -27.18 -41.67
N GLN XA 977 -99.10 -25.86 -41.82
CA GLN XA 977 -97.87 -25.13 -41.53
C GLN XA 977 -97.39 -25.41 -40.12
N HIS XA 978 -98.31 -25.37 -39.14
CA HIS XA 978 -97.95 -25.73 -37.78
C HIS XA 978 -97.34 -27.13 -37.74
N ALA XA 979 -97.97 -28.07 -38.42
CA ALA XA 979 -97.47 -29.44 -38.41
C ALA XA 979 -96.12 -29.58 -39.11
N ALA XA 980 -95.73 -28.61 -39.92
CA ALA XA 980 -94.51 -28.73 -40.70
C ALA XA 980 -93.33 -27.94 -40.15
N GLN XA 981 -93.56 -27.00 -39.24
CA GLN XA 981 -92.46 -26.19 -38.72
C GLN XA 981 -92.55 -26.03 -37.21
N SER XA 982 -92.82 -27.13 -36.51
CA SER XA 982 -92.72 -27.16 -35.06
C SER XA 982 -91.98 -28.44 -34.67
N ARG XA 983 -91.08 -28.32 -33.71
CA ARG XA 983 -90.25 -29.44 -33.24
C ARG XA 983 -90.40 -29.52 -31.74
N ALA XA 984 -91.39 -30.27 -31.28
CA ALA XA 984 -91.74 -30.25 -29.87
C ALA XA 984 -92.05 -31.65 -29.35
N ASP XA 985 -91.21 -32.63 -29.71
CA ASP XA 985 -91.31 -33.97 -29.13
C ASP XA 985 -92.70 -34.56 -29.36
N GLU XA 986 -92.96 -34.92 -30.61
CA GLU XA 986 -94.29 -35.10 -31.18
C GLU XA 986 -95.32 -35.73 -30.24
N ASN XA 987 -94.88 -36.51 -29.25
CA ASN XA 987 -95.81 -36.97 -28.23
C ASN XA 987 -96.69 -35.83 -27.73
N THR XA 988 -96.13 -34.63 -27.61
CA THR XA 988 -96.91 -33.46 -27.25
C THR XA 988 -97.50 -32.76 -28.46
N LEU XA 989 -96.83 -32.84 -29.62
CA LEU XA 989 -97.35 -32.19 -30.80
C LEU XA 989 -98.69 -32.78 -31.22
N SER XA 990 -98.89 -34.07 -30.98
CA SER XA 990 -100.16 -34.71 -31.31
C SER XA 990 -101.29 -34.10 -30.48
N TYR XA 991 -101.09 -34.00 -29.17
CA TYR XA 991 -102.09 -33.38 -28.30
C TYR XA 991 -102.32 -31.94 -28.69
N ALA XA 992 -101.26 -31.22 -29.07
CA ALA XA 992 -101.42 -29.82 -29.47
C ALA XA 992 -102.27 -29.73 -30.73
N LEU XA 993 -101.95 -30.54 -31.72
CA LEU XA 993 -102.71 -30.53 -32.97
C LEU XA 993 -104.17 -30.87 -32.72
N MET XA 994 -104.43 -31.82 -31.81
CA MET XA 994 -105.81 -32.17 -31.50
C MET XA 994 -106.52 -31.01 -30.83
N ALA XA 995 -105.91 -30.45 -29.78
CA ALA XA 995 -106.54 -29.35 -29.06
C ALA XA 995 -106.83 -28.19 -30.00
N GLY XA 996 -106.01 -28.01 -31.02
CA GLY XA 996 -106.28 -26.96 -31.97
C GLY XA 996 -107.35 -27.35 -32.98
N TYR XA 997 -108.35 -28.11 -32.56
CA TYR XA 997 -109.43 -28.52 -33.44
C TYR XA 997 -110.82 -28.24 -32.88
N PHE XA 998 -110.93 -27.65 -31.69
CA PHE XA 998 -112.24 -27.34 -31.14
C PHE XA 998 -112.89 -26.23 -31.95
N LYS XA 999 -114.22 -26.24 -31.98
CA LYS XA 999 -114.91 -25.24 -32.76
C LYS XA 999 -114.91 -23.90 -32.03
N MET XA 1000 -115.11 -22.84 -32.80
CA MET XA 1000 -115.23 -21.49 -32.27
C MET XA 1000 -116.67 -21.05 -32.50
N SER XA 1001 -117.50 -21.20 -31.47
CA SER XA 1001 -118.90 -20.86 -31.59
C SER XA 1001 -119.41 -20.46 -30.22
N PRO XA 1002 -120.43 -19.60 -30.16
CA PRO XA 1002 -121.14 -19.43 -28.89
C PRO XA 1002 -121.48 -20.75 -28.23
N VAL XA 1003 -122.01 -21.70 -28.99
CA VAL XA 1003 -122.31 -23.00 -28.43
C VAL XA 1003 -121.04 -23.69 -27.94
N ALA XA 1004 -119.96 -23.61 -28.73
CA ALA XA 1004 -118.73 -24.27 -28.31
C ALA XA 1004 -118.02 -23.50 -27.23
N PHE XA 1005 -118.05 -22.17 -27.31
CA PHE XA 1005 -117.45 -21.36 -26.25
C PHE XA 1005 -118.09 -21.67 -24.92
N THR XA 1006 -119.41 -21.93 -24.93
CA THR XA 1006 -120.11 -22.24 -23.70
C THR XA 1006 -119.47 -23.40 -22.95
N HIS XA 1007 -118.90 -24.36 -23.68
CA HIS XA 1007 -118.24 -25.50 -23.04
C HIS XA 1007 -116.77 -25.24 -22.80
N GLN XA 1008 -116.08 -24.67 -23.79
CA GLN XA 1008 -114.64 -24.42 -23.65
C GLN XA 1008 -114.35 -23.53 -22.46
N LEU XA 1009 -114.99 -22.36 -22.42
CA LEU XA 1009 -114.65 -21.36 -21.42
C LEU XA 1009 -114.92 -21.87 -20.01
N ARG XA 1010 -115.81 -22.84 -19.87
CA ARG XA 1010 -116.15 -23.33 -18.53
C ARG XA 1010 -115.39 -24.59 -18.16
N ARG XA 1011 -114.94 -25.38 -19.13
CA ARG XA 1011 -114.18 -26.59 -18.82
C ARG XA 1011 -112.70 -26.33 -18.62
N GLN XA 1012 -112.32 -25.08 -18.34
CA GLN XA 1012 -110.94 -24.70 -18.06
C GLN XA 1012 -110.02 -25.05 -19.24
N LEU XA 1013 -110.37 -24.50 -20.40
CA LEU XA 1013 -109.55 -24.61 -21.60
C LEU XA 1013 -109.27 -23.22 -22.11
N HIS XA 1014 -108.01 -22.95 -22.46
CA HIS XA 1014 -107.62 -21.65 -22.96
C HIS XA 1014 -107.78 -21.62 -24.47
N PRO XA 1015 -108.76 -20.92 -25.01
CA PRO XA 1015 -108.84 -20.79 -26.47
C PRO XA 1015 -107.71 -19.93 -27.00
N GLY XA 1016 -107.71 -19.65 -28.30
CA GLY XA 1016 -106.65 -18.86 -28.89
C GLY XA 1016 -106.88 -17.37 -28.81
N PHE XA 1017 -107.26 -16.86 -27.64
CA PHE XA 1017 -107.56 -15.44 -27.47
C PHE XA 1017 -106.72 -14.84 -26.37
N ALA XA 1018 -106.83 -13.53 -26.25
CA ALA XA 1018 -106.26 -12.79 -25.13
C ALA XA 1018 -107.16 -11.59 -24.92
N LEU XA 1019 -107.96 -11.61 -23.86
CA LEU XA 1019 -108.93 -10.55 -23.63
C LEU XA 1019 -108.30 -9.44 -22.82
N THR XA 1020 -108.79 -8.22 -23.04
CA THR XA 1020 -108.37 -7.07 -22.26
C THR XA 1020 -109.61 -6.52 -21.57
N VAL XA 1021 -109.52 -6.33 -20.25
CA VAL XA 1021 -110.65 -5.91 -19.45
C VAL XA 1021 -110.53 -4.42 -19.16
N VAL XA 1022 -111.61 -3.68 -19.39
CA VAL XA 1022 -111.65 -2.27 -19.06
C VAL XA 1022 -112.82 -2.03 -18.12
N ARG XA 1023 -112.73 -0.96 -17.34
CA ARG XA 1023 -113.75 -0.62 -16.36
C ARG XA 1023 -113.47 0.78 -15.85
N GLN XA 1024 -114.51 1.43 -15.34
CA GLN XA 1024 -114.42 2.83 -14.94
C GLN XA 1024 -114.82 2.98 -13.47
N ASP XA 1025 -114.07 3.81 -12.76
CA ASP XA 1025 -114.30 4.07 -11.34
C ASP XA 1025 -114.51 5.56 -11.13
N ARG XA 1026 -114.73 5.93 -9.86
CA ARG XA 1026 -114.89 7.31 -9.45
C ARG XA 1026 -114.29 7.49 -8.08
N PHE XA 1027 -113.84 8.71 -7.79
CA PHE XA 1027 -113.14 8.98 -6.54
C PHE XA 1027 -113.56 10.35 -6.02
N ALA XA 1028 -114.02 10.38 -4.77
CA ALA XA 1028 -114.43 11.64 -4.15
C ALA XA 1028 -113.22 12.36 -3.59
N THR XA 1029 -112.98 13.57 -4.07
CA THR XA 1029 -111.79 14.34 -3.73
C THR XA 1029 -112.19 15.60 -2.97
N GLU XA 1030 -111.18 16.34 -2.51
CA GLU XA 1030 -111.37 17.61 -1.83
C GLU XA 1030 -110.63 18.67 -2.62
N ASN XA 1031 -111.36 19.62 -3.18
CA ASN XA 1031 -110.75 20.63 -4.03
C ASN XA 1031 -110.47 21.89 -3.23
N VAL XA 1032 -109.60 22.73 -3.78
CA VAL XA 1032 -109.29 24.03 -3.20
C VAL XA 1032 -109.35 25.02 -4.36
N LEU XA 1033 -110.51 25.65 -4.53
CA LEU XA 1033 -110.73 26.56 -5.64
C LEU XA 1033 -110.26 27.96 -5.28
N PHE XA 1034 -109.81 28.69 -6.29
CA PHE XA 1034 -109.29 30.04 -6.13
C PHE XA 1034 -110.00 30.99 -7.06
N ALA XA 1035 -110.06 32.25 -6.67
CA ALA XA 1035 -110.67 33.29 -7.49
C ALA XA 1035 -109.91 34.60 -7.28
N GLU XA 1036 -110.19 35.57 -8.14
CA GLU XA 1036 -109.45 36.82 -8.16
C GLU XA 1036 -110.29 37.97 -7.64
N LYS XA 1037 -109.72 39.18 -7.74
CA LYS XA 1037 -110.35 40.37 -7.16
C LYS XA 1037 -111.76 40.57 -7.68
N ALA XA 1038 -111.96 40.38 -8.99
CA ALA XA 1038 -113.31 40.38 -9.55
C ALA XA 1038 -113.28 39.45 -10.76
N SER XA 1039 -113.60 38.18 -10.52
CA SER XA 1039 -113.56 37.17 -11.58
C SER XA 1039 -114.91 36.90 -12.18
N GLU XA 1040 -115.91 37.73 -11.90
CA GLU XA 1040 -117.26 37.39 -12.30
C GLU XA 1040 -118.14 38.64 -12.27
N SER XA 1041 -119.00 38.76 -13.28
CA SER XA 1041 -120.00 39.82 -13.35
C SER XA 1041 -121.37 39.21 -13.19
N TYR XA 1042 -122.20 39.81 -12.34
CA TYR XA 1042 -123.40 39.15 -11.84
C TYR XA 1042 -124.54 40.15 -11.74
N PHE XA 1043 -125.68 39.80 -12.32
CA PHE XA 1043 -126.86 40.66 -12.32
C PHE XA 1043 -128.02 39.93 -11.66
N MET XA 1044 -128.63 40.55 -10.66
CA MET XA 1044 -129.84 40.03 -10.05
C MET XA 1044 -131.04 40.79 -10.63
N GLY XA 1045 -132.05 40.04 -11.05
CA GLY XA 1045 -133.26 40.66 -11.55
C GLY XA 1045 -134.13 41.18 -10.43
N GLN XA 1046 -135.44 41.05 -10.56
CA GLN XA 1046 -136.37 41.52 -9.55
C GLN XA 1046 -137.24 40.36 -9.08
N MET XA 1047 -137.27 40.16 -7.77
CA MET XA 1047 -138.07 39.07 -7.19
C MET XA 1047 -139.55 39.27 -7.52
N GLN XA 1048 -140.27 38.16 -7.60
CA GLN XA 1048 -141.70 38.20 -7.83
C GLN XA 1048 -142.31 36.89 -7.38
N VAL XA 1049 -143.63 36.91 -7.20
CA VAL XA 1049 -144.36 35.77 -6.66
C VAL XA 1049 -145.27 35.22 -7.75
N ALA XA 1050 -145.41 33.90 -7.77
CA ALA XA 1050 -146.38 33.25 -8.64
C ALA XA 1050 -147.07 32.18 -7.82
N ARG XA 1051 -148.38 32.26 -7.69
CA ARG XA 1051 -149.02 31.38 -6.74
C ARG XA 1051 -150.14 30.60 -7.40
N THR XA 1052 -150.46 29.45 -6.80
CA THR XA 1052 -151.27 28.42 -7.42
C THR XA 1052 -151.83 27.54 -6.31
N GLU XA 1053 -153.05 27.07 -6.50
CA GLU XA 1053 -153.72 26.24 -5.51
C GLU XA 1053 -153.51 24.77 -5.85
N SER XA 1054 -153.02 24.01 -4.87
CA SER XA 1054 -152.89 22.56 -4.95
C SER XA 1054 -152.48 22.06 -3.57
N GLY XA 1055 -152.72 20.77 -3.34
CA GLY XA 1055 -152.56 20.24 -2.00
C GLY XA 1055 -153.50 20.90 -1.02
N GLY XA 1056 -154.69 21.28 -1.48
CA GLY XA 1056 -155.65 21.95 -0.63
C GLY XA 1056 -155.29 23.40 -0.42
N GLY XA 1057 -154.26 23.64 0.37
CA GLY XA 1057 -153.88 24.99 0.71
C GLY XA 1057 -153.28 25.74 -0.45
N LEU XA 1058 -152.64 26.86 -0.12
CA LEU XA 1058 -152.05 27.67 -1.16
C LEU XA 1058 -150.60 27.32 -1.31
N HIS XA 1059 -150.10 27.52 -2.52
CA HIS XA 1059 -148.73 27.15 -2.85
C HIS XA 1059 -148.07 28.37 -3.48
N LEU XA 1060 -147.46 29.21 -2.66
CA LEU XA 1060 -146.76 30.38 -3.15
C LEU XA 1060 -145.39 29.97 -3.67
N GLN XA 1061 -145.01 30.52 -4.82
CA GLN XA 1061 -143.79 30.11 -5.51
C GLN XA 1061 -142.98 31.36 -5.85
N LEU XA 1062 -141.89 31.56 -5.12
CA LEU XA 1062 -141.01 32.69 -5.39
C LEU XA 1062 -140.08 32.36 -6.55
N THR XA 1063 -139.79 33.37 -7.38
CA THR XA 1063 -138.81 33.22 -8.45
C THR XA 1063 -137.98 34.50 -8.53
N GLN XA 1064 -136.80 34.37 -9.11
CA GLN XA 1064 -135.92 35.51 -9.30
C GLN XA 1064 -134.99 35.28 -10.49
N PRO XA 1065 -135.19 35.98 -11.59
CA PRO XA 1065 -134.29 35.80 -12.74
C PRO XA 1065 -132.96 36.48 -12.49
N ARG XA 1066 -131.87 35.78 -12.83
CA ARG XA 1066 -130.54 36.32 -12.59
C ARG XA 1066 -129.60 35.82 -13.66
N ALA XA 1067 -128.64 36.67 -14.02
CA ALA XA 1067 -127.71 36.39 -15.11
C ALA XA 1067 -126.28 36.67 -14.66
N ASN XA 1068 -125.33 36.17 -15.45
CA ASN XA 1068 -123.92 36.33 -15.12
C ASN XA 1068 -123.09 36.06 -16.37
N VAL XA 1069 -121.88 36.61 -16.38
CA VAL XA 1069 -120.93 36.37 -17.45
C VAL XA 1069 -119.54 36.75 -16.97
N ASP XA 1070 -118.55 35.93 -17.33
CA ASP XA 1070 -117.19 36.17 -16.89
C ASP XA 1070 -116.70 37.54 -17.33
N LEU XA 1071 -115.74 38.07 -16.59
CA LEU XA 1071 -115.20 39.41 -16.83
C LEU XA 1071 -113.68 39.38 -16.87
N GLY XA 1072 -113.13 38.47 -17.66
CA GLY XA 1072 -111.69 38.43 -17.81
C GLY XA 1072 -111.20 37.56 -18.94
N VAL XA 1073 -110.21 38.06 -19.68
CA VAL XA 1073 -109.56 37.24 -20.70
C VAL XA 1073 -108.75 36.15 -20.02
N GLY XA 1074 -108.82 34.93 -20.56
CA GLY XA 1074 -108.12 33.82 -19.97
C GLY XA 1074 -108.75 33.35 -18.68
N PHE XA 1075 -108.29 32.22 -18.16
CA PHE XA 1075 -108.91 31.63 -16.98
C PHE XA 1075 -108.58 32.44 -15.73
N THR XA 1076 -109.59 32.66 -14.89
CA THR XA 1076 -109.43 33.42 -13.66
C THR XA 1076 -109.82 32.61 -12.43
N ALA XA 1077 -109.80 31.28 -12.53
CA ALA XA 1077 -110.14 30.42 -11.41
C ALA XA 1077 -109.65 29.01 -11.71
N ALA XA 1078 -109.19 28.31 -10.67
CA ALA XA 1078 -108.68 26.96 -10.83
C ALA XA 1078 -108.73 26.28 -9.48
N TYR XA 1079 -108.75 24.95 -9.50
CA TYR XA 1079 -108.76 24.17 -8.28
C TYR XA 1079 -107.59 23.19 -8.30
N ALA XA 1080 -107.45 22.43 -7.21
CA ALA XA 1080 -106.23 21.66 -6.99
C ALA XA 1080 -106.48 20.19 -6.65
N ALA XA 1081 -107.64 19.88 -6.08
CA ALA XA 1081 -107.99 18.51 -5.70
C ALA XA 1081 -106.96 17.95 -4.70
N ALA XA 1082 -106.97 18.55 -3.51
CA ALA XA 1082 -105.90 18.30 -2.54
C ALA XA 1082 -105.95 16.88 -2.00
N ALA XA 1083 -107.00 16.53 -1.28
CA ALA XA 1083 -107.05 15.27 -0.56
C ALA XA 1083 -107.86 14.25 -1.32
N LEU XA 1084 -108.08 13.09 -0.72
CA LEU XA 1084 -108.82 12.01 -1.37
C LEU XA 1084 -109.61 11.25 -0.33
N ARG XA 1085 -110.94 11.36 -0.38
CA ARG XA 1085 -111.80 10.54 0.46
C ARG XA 1085 -111.93 9.16 -0.16
N ALA XA 1086 -112.85 8.36 0.36
CA ALA XA 1086 -112.98 6.98 -0.10
C ALA XA 1086 -113.46 6.94 -1.55
N PRO XA 1087 -113.01 5.95 -2.31
CA PRO XA 1087 -113.54 5.76 -3.66
C PRO XA 1087 -115.04 5.47 -3.59
N VAL XA 1088 -115.83 6.33 -4.23
CA VAL XA 1088 -117.28 6.23 -4.08
C VAL XA 1088 -117.80 4.95 -4.71
N THR XA 1089 -117.23 4.54 -5.83
CA THR XA 1089 -117.67 3.30 -6.45
C THR XA 1089 -116.80 2.14 -6.01
N ASP XA 1090 -117.30 0.94 -6.27
CA ASP XA 1090 -116.54 -0.26 -5.98
C ASP XA 1090 -115.46 -0.45 -7.03
N MET XA 1091 -114.39 -1.15 -6.65
CA MET XA 1091 -113.35 -1.52 -7.58
C MET XA 1091 -113.46 -2.97 -8.01
N GLY XA 1092 -114.58 -3.62 -7.73
CA GLY XA 1092 -114.76 -5.03 -7.97
C GLY XA 1092 -114.96 -5.33 -9.44
N ASN XA 1093 -115.65 -6.43 -9.69
CA ASN XA 1093 -115.88 -6.88 -11.06
C ASN XA 1093 -117.34 -7.24 -11.25
N LEU XA 1094 -117.78 -7.14 -12.49
CA LEU XA 1094 -119.17 -7.34 -12.87
C LEU XA 1094 -119.20 -7.63 -14.36
N PRO XA 1095 -119.09 -8.89 -14.77
CA PRO XA 1095 -119.03 -9.20 -16.21
C PRO XA 1095 -120.27 -8.70 -16.93
N GLN XA 1096 -120.04 -7.84 -17.91
CA GLN XA 1096 -121.12 -7.25 -18.68
C GLN XA 1096 -121.89 -8.32 -19.44
N ASN XA 1097 -123.18 -8.09 -19.62
CA ASN XA 1097 -124.08 -9.03 -20.27
C ASN XA 1097 -124.72 -8.35 -21.47
N LEU XA 1098 -124.31 -8.74 -22.67
CA LEU XA 1098 -124.78 -8.08 -23.88
C LEU XA 1098 -126.20 -8.49 -24.26
N PHE XA 1099 -126.79 -9.47 -23.58
CA PHE XA 1099 -128.09 -9.96 -23.98
C PHE XA 1099 -129.19 -8.93 -23.77
N ALA XA 1100 -129.00 -7.99 -22.84
CA ALA XA 1100 -130.00 -6.96 -22.58
C ALA XA 1100 -130.11 -5.95 -23.71
N THR XA 1101 -129.41 -6.14 -24.81
CA THR XA 1101 -129.40 -5.21 -25.92
C THR XA 1101 -130.34 -5.70 -27.02
N ARG XA 1102 -130.31 -5.00 -28.16
CA ARG XA 1102 -131.06 -5.38 -29.34
C ARG XA 1102 -130.17 -5.13 -30.55
N GLY XA 1103 -130.76 -5.13 -31.74
CA GLY XA 1103 -130.01 -4.89 -32.96
C GLY XA 1103 -129.15 -6.04 -33.42
N ALA XA 1104 -128.90 -7.04 -32.59
CA ALA XA 1104 -128.13 -8.20 -32.99
C ALA XA 1104 -129.08 -9.21 -33.63
N PRO XA 1105 -128.97 -9.47 -34.92
CA PRO XA 1105 -129.83 -10.48 -35.55
C PRO XA 1105 -129.61 -11.84 -34.92
N PRO XA 1106 -130.61 -12.38 -34.26
CA PRO XA 1106 -130.43 -13.65 -33.55
C PRO XA 1106 -130.36 -14.82 -34.52
N MET XA 1107 -129.93 -15.96 -33.98
CA MET XA 1107 -129.71 -17.14 -34.81
C MET XA 1107 -131.02 -17.66 -35.38
N LEU XA 1108 -130.91 -18.70 -36.20
CA LEU XA 1108 -132.08 -19.28 -36.85
C LEU XA 1108 -132.81 -20.24 -35.92
N ASP XA 1109 -132.13 -21.31 -35.50
CA ASP XA 1109 -132.78 -22.32 -34.68
C ASP XA 1109 -133.12 -21.74 -33.31
N ALA XA 1110 -134.41 -21.70 -33.00
CA ALA XA 1110 -134.85 -21.10 -31.75
C ALA XA 1110 -134.27 -21.82 -30.53
N ASP XA 1111 -134.20 -23.15 -30.61
CA ASP XA 1111 -133.65 -23.92 -29.49
C ASP XA 1111 -132.23 -23.49 -29.16
N ALA XA 1112 -131.45 -23.12 -30.17
CA ALA XA 1112 -130.09 -22.65 -29.91
C ALA XA 1112 -130.09 -21.40 -29.05
N ASP XA 1113 -130.90 -20.40 -29.44
CA ASP XA 1113 -130.96 -19.17 -28.68
C ASP XA 1113 -131.48 -19.41 -27.28
N ASP XA 1114 -132.48 -20.28 -27.13
CA ASP XA 1114 -132.99 -20.59 -25.80
C ASP XA 1114 -131.90 -21.21 -24.94
N TYR XA 1115 -131.14 -22.17 -25.51
CA TYR XA 1115 -130.06 -22.75 -24.76
C TYR XA 1115 -129.06 -21.70 -24.33
N LEU XA 1116 -128.71 -20.79 -25.25
CA LEU XA 1116 -127.77 -19.72 -24.91
C LEU XA 1116 -128.27 -18.91 -23.73
N ARG XA 1117 -129.50 -18.38 -23.85
CA ARG XA 1117 -130.02 -17.50 -22.81
C ARG XA 1117 -130.10 -18.21 -21.48
N ARG XA 1118 -130.54 -19.47 -21.48
CA ARG XA 1118 -130.67 -20.20 -20.23
C ARG XA 1118 -129.32 -20.62 -19.66
N THR XA 1119 -128.27 -20.66 -20.47
CA THR XA 1119 -126.96 -21.01 -19.94
C THR XA 1119 -126.15 -19.79 -19.52
N VAL XA 1120 -126.46 -18.60 -20.03
CA VAL XA 1120 -125.68 -17.42 -19.64
C VAL XA 1120 -126.38 -16.70 -18.50
N ASN XA 1121 -127.69 -16.85 -18.39
CA ASN XA 1121 -128.44 -16.18 -17.34
C ASN XA 1121 -128.55 -17.02 -16.08
N ALA XA 1122 -127.86 -18.16 -16.00
CA ALA XA 1122 -127.91 -19.02 -14.83
C ALA XA 1122 -127.07 -18.38 -13.73
N GLY XA 1123 -127.62 -17.34 -13.13
CA GLY XA 1123 -127.01 -16.69 -12.00
C GLY XA 1123 -126.12 -15.51 -12.32
N ASN XA 1124 -125.92 -15.21 -13.60
CA ASN XA 1124 -125.14 -14.04 -13.96
C ASN XA 1124 -125.97 -12.78 -13.74
N ARG XA 1125 -125.43 -11.86 -12.95
CA ARG XA 1125 -126.16 -10.70 -12.50
C ARG XA 1125 -126.62 -9.84 -13.68
N LEU XA 1126 -127.56 -8.94 -13.39
CA LEU XA 1126 -128.19 -8.07 -14.38
C LEU XA 1126 -128.60 -8.81 -15.65
N ALA XA 1127 -128.93 -10.08 -15.52
CA ALA XA 1127 -129.59 -10.77 -16.61
C ALA XA 1127 -130.99 -10.21 -16.75
N PRO XA 1128 -131.40 -9.79 -17.93
CA PRO XA 1128 -132.75 -9.24 -18.10
C PRO XA 1128 -133.82 -10.22 -17.64
N VAL XA 1129 -134.54 -9.84 -16.60
CA VAL XA 1129 -135.60 -10.69 -16.03
C VAL XA 1129 -136.94 -10.02 -16.32
N PRO XA 1130 -137.95 -10.77 -16.74
CA PRO XA 1130 -139.25 -10.15 -17.04
C PRO XA 1130 -139.97 -9.70 -15.79
N VAL XA 1131 -139.99 -8.38 -15.57
CA VAL XA 1131 -140.68 -7.77 -14.45
C VAL XA 1131 -141.42 -6.59 -15.05
N PHE XA 1132 -142.08 -5.78 -14.22
CA PHE XA 1132 -142.76 -4.62 -14.77
C PHE XA 1132 -141.77 -3.73 -15.51
N GLY XA 1133 -142.23 -3.14 -16.61
CA GLY XA 1133 -141.47 -2.26 -17.50
C GLY XA 1133 -140.51 -3.01 -18.42
N GLN XA 1134 -140.71 -4.32 -18.63
CA GLN XA 1134 -140.09 -4.99 -19.77
C GLN XA 1134 -138.57 -5.02 -19.78
N MET XA 1135 -137.98 -5.97 -19.02
CA MET XA 1135 -136.55 -6.27 -18.97
C MET XA 1135 -135.72 -5.23 -18.23
N LEU XA 1136 -136.07 -4.94 -16.99
CA LEU XA 1136 -135.16 -4.17 -16.15
C LEU XA 1136 -134.38 -5.09 -15.24
N PRO XA 1137 -133.06 -4.94 -15.15
CA PRO XA 1137 -132.27 -5.85 -14.33
C PRO XA 1137 -132.72 -5.88 -12.88
N GLN XA 1138 -132.58 -7.04 -12.25
CA GLN XA 1138 -133.16 -7.28 -10.94
C GLN XA 1138 -132.43 -6.48 -9.86
N VAL XA 1139 -133.20 -5.79 -9.04
CA VAL XA 1139 -132.65 -4.96 -7.97
C VAL XA 1139 -132.20 -5.87 -6.83
N PRO XA 1140 -130.93 -5.86 -6.48
CA PRO XA 1140 -130.43 -6.80 -5.48
C PRO XA 1140 -130.87 -6.42 -4.08
N ALA XA 1141 -130.45 -7.19 -3.09
CA ALA XA 1141 -130.69 -6.91 -1.68
C ALA XA 1141 -129.33 -6.74 -1.01
N GLY XA 1142 -129.07 -5.54 -0.50
CA GLY XA 1142 -127.84 -5.29 0.22
C GLY XA 1142 -126.66 -4.98 -0.68
N LEU XA 1143 -125.97 -3.89 -0.39
CA LEU XA 1143 -124.75 -3.52 -1.10
C LEU XA 1143 -123.60 -3.55 -0.12
N ALA XA 1144 -122.64 -4.43 -0.35
CA ALA XA 1144 -121.51 -4.53 0.56
C ALA XA 1144 -120.67 -3.27 0.54
N ARG XA 1145 -120.27 -2.84 -0.65
CA ARG XA 1145 -119.44 -1.65 -0.78
C ARG XA 1145 -120.08 -0.71 -1.79
N GLY XA 1146 -119.35 0.31 -2.23
CA GLY XA 1146 -119.89 1.31 -3.12
C GLY XA 1146 -120.50 0.73 -4.39
N GLN XA 1147 -121.19 1.56 -5.17
CA GLN XA 1147 -121.89 1.04 -6.34
C GLN XA 1147 -120.93 0.28 -7.25
N GLN XA 1148 -121.43 -0.81 -7.82
CA GLN XA 1148 -120.57 -1.78 -8.47
C GLN XA 1148 -120.29 -1.37 -9.92
N SER XA 1149 -119.03 -1.49 -10.33
CA SER XA 1149 -118.60 -1.05 -11.64
C SER XA 1149 -119.01 -2.07 -12.69
N VAL XA 1150 -118.56 -1.88 -13.93
CA VAL XA 1150 -118.86 -2.77 -15.03
C VAL XA 1150 -117.58 -3.02 -15.81
N CYS XA 1151 -117.28 -4.28 -16.08
CA CYS XA 1151 -116.10 -4.66 -16.84
C CYS XA 1151 -116.50 -5.14 -18.22
N GLU XA 1152 -115.69 -4.81 -19.22
CA GLU XA 1152 -115.93 -5.20 -20.59
C GLU XA 1152 -114.91 -6.23 -21.04
N PHE XA 1153 -114.95 -6.56 -22.32
CA PHE XA 1153 -114.02 -7.51 -22.88
C PHE XA 1153 -113.78 -7.14 -24.33
N ILE XA 1154 -112.52 -7.25 -24.77
CA ILE XA 1154 -112.15 -7.01 -26.16
C ILE XA 1154 -111.25 -8.14 -26.61
N ALA XA 1155 -111.50 -8.64 -27.81
CA ALA XA 1155 -110.66 -9.68 -28.38
C ALA XA 1155 -109.33 -9.10 -28.82
N THR XA 1156 -108.26 -9.84 -28.60
CA THR XA 1156 -106.93 -9.35 -28.92
C THR XA 1156 -106.00 -10.54 -29.14
N PRO XA 1157 -105.23 -10.57 -30.21
CA PRO XA 1157 -104.38 -11.73 -30.48
C PRO XA 1157 -103.43 -12.03 -29.32
N VAL XA 1158 -103.15 -13.31 -29.14
CA VAL XA 1158 -102.40 -13.76 -27.98
C VAL XA 1158 -100.97 -13.26 -27.99
N SER XA 1159 -100.48 -12.78 -29.12
CA SER XA 1159 -99.06 -12.50 -29.28
C SER XA 1159 -98.69 -11.05 -29.03
N VAL XA 1160 -99.61 -10.23 -28.52
CA VAL XA 1160 -99.30 -8.83 -28.35
C VAL XA 1160 -98.24 -8.66 -27.26
N ASP XA 1161 -97.38 -7.67 -27.45
CA ASP XA 1161 -96.30 -7.44 -26.50
C ASP XA 1161 -96.88 -7.08 -25.15
N LEU XA 1162 -96.48 -7.85 -24.14
CA LEU XA 1162 -96.97 -7.63 -22.78
C LEU XA 1162 -96.59 -6.24 -22.27
N ALA XA 1163 -95.42 -5.73 -22.70
CA ALA XA 1163 -95.01 -4.40 -22.28
C ALA XA 1163 -95.93 -3.31 -22.80
N TYR XA 1164 -96.89 -3.64 -23.67
CA TYR XA 1164 -97.83 -2.63 -24.14
C TYR XA 1164 -98.74 -2.16 -23.03
N PHE XA 1165 -99.04 -3.01 -22.06
CA PHE XA 1165 -99.93 -2.64 -20.96
C PHE XA 1165 -99.19 -2.23 -19.70
N ARG XA 1166 -97.92 -2.58 -19.57
CA ARG XA 1166 -97.18 -2.26 -18.36
C ARG XA 1166 -97.17 -0.76 -18.11
N ARG XA 1167 -96.90 0.04 -19.13
CA ARG XA 1167 -97.04 1.48 -19.04
C ARG XA 1167 -98.47 1.87 -19.39
N ALA XA 1168 -98.75 3.16 -19.40
CA ALA XA 1168 -100.08 3.63 -19.78
C ALA XA 1168 -100.32 3.37 -21.26
N CYS XA 1169 -101.53 2.95 -21.60
CA CYS XA 1169 -101.83 2.48 -22.94
C CYS XA 1169 -103.27 2.82 -23.30
N ASN XA 1170 -103.61 2.55 -24.55
CA ASN XA 1170 -104.95 2.70 -25.07
C ASN XA 1170 -105.53 1.34 -25.39
N PRO XA 1171 -106.74 1.03 -24.96
CA PRO XA 1171 -107.30 -0.30 -25.22
C PRO XA 1171 -107.63 -0.54 -26.68
N ARG XA 1172 -107.84 0.50 -27.47
CA ARG XA 1172 -108.20 0.30 -28.88
C ARG XA 1172 -107.07 -0.36 -29.65
N GLY XA 1173 -105.83 -0.08 -29.26
CA GLY XA 1173 -104.67 -0.57 -29.98
C GLY XA 1173 -104.02 0.54 -30.75
N ARG XA 1174 -104.82 1.37 -31.41
CA ARG XA 1174 -104.34 2.59 -32.03
C ARG XA 1174 -104.50 3.73 -31.03
N ALA XA 1175 -103.39 4.36 -30.68
CA ALA XA 1175 -103.38 5.33 -29.60
C ALA XA 1175 -103.92 6.66 -30.02
N ALA XA 1176 -104.74 6.67 -31.07
CA ALA XA 1176 -105.12 7.87 -31.81
C ALA XA 1176 -105.58 9.03 -30.95
N GLY XA 1177 -106.72 8.88 -30.29
CA GLY XA 1177 -107.29 10.05 -29.67
C GLY XA 1177 -107.46 11.19 -30.67
N GLU XA 1178 -107.41 12.40 -30.15
CA GLU XA 1178 -107.42 13.61 -30.98
C GLU XA 1178 -106.29 14.57 -30.62
N VAL XA 1179 -105.94 14.69 -29.34
CA VAL XA 1179 -105.05 15.75 -28.88
C VAL XA 1179 -103.72 15.69 -29.62
N HIS XA 1180 -103.27 14.51 -30.01
CA HIS XA 1180 -102.06 14.34 -30.80
C HIS XA 1180 -102.43 13.63 -32.09
N GLY XA 1181 -102.62 14.42 -33.14
CA GLY XA 1181 -103.00 13.86 -34.43
C GLY XA 1181 -104.33 14.44 -34.89
N GLU XA 1182 -104.34 14.98 -36.10
CA GLU XA 1182 -105.53 15.60 -36.67
C GLU XA 1182 -106.44 14.52 -37.26
N GLU XA 1183 -107.44 14.95 -38.02
CA GLU XA 1183 -108.38 14.01 -38.63
C GLU XA 1183 -107.67 13.11 -39.63
N GLY XA 1184 -108.10 11.85 -39.68
CA GLY XA 1184 -107.53 10.85 -40.56
C GLY XA 1184 -106.71 9.81 -39.83
N LEU XA 1185 -106.03 10.21 -38.76
CA LEU XA 1185 -105.23 9.28 -37.97
C LEU XA 1185 -106.09 8.33 -37.16
N MET XA 1186 -107.40 8.53 -37.13
CA MET XA 1186 -108.30 7.70 -36.34
C MET XA 1186 -108.55 6.35 -36.99
N PHE XA 1187 -108.63 6.29 -38.32
CA PHE XA 1187 -108.98 5.06 -39.01
C PHE XA 1187 -108.07 4.68 -40.17
N ASP XA 1188 -107.28 5.60 -40.72
CA ASP XA 1188 -106.41 5.28 -41.83
C ASP XA 1188 -105.17 4.56 -41.32
N HIS XA 1189 -104.79 3.49 -42.02
CA HIS XA 1189 -103.66 2.66 -41.63
C HIS XA 1189 -102.46 2.84 -42.53
N SER XA 1190 -102.46 3.86 -43.38
CA SER XA 1190 -101.28 4.18 -44.15
C SER XA 1190 -100.22 4.90 -43.32
N HIS XA 1191 -100.60 5.47 -42.18
CA HIS XA 1191 -99.68 6.17 -41.31
C HIS XA 1191 -99.47 5.37 -40.03
N ALA XA 1192 -98.30 5.56 -39.44
CA ALA XA 1192 -97.91 4.73 -38.30
C ALA XA 1192 -98.64 5.17 -37.04
N ASP XA 1193 -98.52 4.36 -36.01
CA ASP XA 1193 -99.08 4.67 -34.70
C ASP XA 1193 -98.25 5.76 -34.05
N PRO XA 1194 -98.87 6.83 -33.57
CA PRO XA 1194 -98.11 7.89 -32.89
C PRO XA 1194 -97.68 7.53 -31.49
N ALA XA 1195 -97.73 6.26 -31.13
CA ALA XA 1195 -97.22 5.83 -29.82
C ALA XA 1195 -96.14 4.78 -29.92
N HIS XA 1196 -96.27 3.85 -30.87
CA HIS XA 1196 -95.23 2.85 -31.15
C HIS XA 1196 -95.06 2.79 -32.66
N PRO XA 1197 -94.38 3.77 -33.25
CA PRO XA 1197 -94.32 3.84 -34.72
C PRO XA 1197 -93.65 2.65 -35.39
N HIS XA 1198 -93.07 1.70 -34.65
CA HIS XA 1198 -92.63 0.46 -35.25
C HIS XA 1198 -93.82 -0.19 -35.93
N ARG XA 1199 -94.81 -0.56 -35.14
CA ARG XA 1199 -96.03 -1.18 -35.62
C ARG XA 1199 -97.04 -0.12 -36.01
N ALA XA 1200 -98.02 -0.53 -36.81
CA ALA XA 1200 -99.12 0.36 -37.15
C ALA XA 1200 -100.29 0.20 -36.21
N THR XA 1201 -100.38 -0.95 -35.55
CA THR XA 1201 -101.45 -1.25 -34.61
C THR XA 1201 -101.00 -2.43 -33.76
N ALA XA 1202 -101.54 -2.51 -32.56
CA ALA XA 1202 -101.26 -3.65 -31.70
C ALA XA 1202 -102.42 -4.62 -31.62
N ASN XA 1203 -103.50 -4.39 -32.34
CA ASN XA 1203 -104.68 -5.24 -32.25
C ASN XA 1203 -105.55 -5.07 -33.49
N PRO XA 1204 -105.30 -5.86 -34.54
CA PRO XA 1204 -106.04 -5.64 -35.79
C PRO XA 1204 -107.54 -5.77 -35.64
N TRP XA 1205 -108.02 -6.65 -34.75
CA TRP XA 1205 -109.45 -6.89 -34.63
C TRP XA 1205 -110.20 -5.73 -34.01
N ALA XA 1206 -109.50 -4.70 -33.52
CA ALA XA 1206 -110.19 -3.65 -32.77
C ALA XA 1206 -109.74 -2.25 -33.17
N SER XA 1207 -109.17 -2.07 -34.36
CA SER XA 1207 -108.77 -0.75 -34.81
C SER XA 1207 -109.47 -0.32 -36.09
N GLN XA 1208 -109.42 -1.14 -37.13
CA GLN XA 1208 -109.91 -0.74 -38.44
C GLN XA 1208 -111.38 -0.34 -38.37
N ARG XA 1209 -111.78 0.51 -39.29
CA ARG XA 1209 -113.20 0.80 -39.45
C ARG XA 1209 -113.94 -0.49 -39.74
N HIS XA 1210 -115.01 -0.72 -39.02
CA HIS XA 1210 -115.77 -1.97 -39.06
C HIS XA 1210 -114.96 -3.15 -38.56
N SER XA 1211 -114.09 -2.92 -37.59
CA SER XA 1211 -113.47 -4.03 -36.87
C SER XA 1211 -114.53 -4.81 -36.11
N TYR XA 1212 -114.12 -5.94 -35.56
CA TYR XA 1212 -115.04 -6.69 -34.71
C TYR XA 1212 -115.47 -5.86 -33.52
N ALA XA 1213 -114.51 -5.46 -32.69
CA ALA XA 1213 -114.81 -4.67 -31.50
C ALA XA 1213 -115.45 -3.34 -31.86
N ASP XA 1214 -115.25 -2.84 -33.08
CA ASP XA 1214 -115.87 -1.58 -33.45
C ASP XA 1214 -117.37 -1.72 -33.60
N ARG XA 1215 -117.83 -2.86 -34.13
CA ARG XA 1215 -119.26 -3.06 -34.26
C ARG XA 1215 -119.96 -3.18 -32.91
N LEU XA 1216 -119.22 -3.56 -31.86
CA LEU XA 1216 -119.81 -3.74 -30.55
C LEU XA 1216 -119.86 -2.45 -29.74
N TYR XA 1217 -118.78 -1.68 -29.76
CA TYR XA 1217 -118.61 -0.58 -28.82
C TYR XA 1217 -118.56 0.78 -29.51
N ASN XA 1218 -119.21 0.94 -30.65
CA ASN XA 1218 -119.21 2.25 -31.27
C ASN XA 1218 -120.44 3.03 -30.85
N GLY XA 1219 -120.50 4.29 -31.28
CA GLY XA 1219 -121.55 5.18 -30.83
C GLY XA 1219 -122.70 5.30 -31.80
N GLN XA 1220 -122.42 5.25 -33.09
CA GLN XA 1220 -123.42 5.48 -34.11
C GLN XA 1220 -123.79 4.21 -34.87
N TYR XA 1221 -123.53 3.04 -34.28
CA TYR XA 1221 -123.79 1.77 -34.94
C TYR XA 1221 -124.94 1.00 -34.33
N ASN XA 1222 -125.74 1.62 -33.46
CA ASN XA 1222 -126.95 1.03 -32.90
C ASN XA 1222 -126.65 -0.27 -32.17
N MET XA 1223 -125.91 -0.12 -31.07
CA MET XA 1223 -125.62 -1.24 -30.17
C MET XA 1223 -125.76 -0.83 -28.72
N SER XA 1224 -126.54 0.21 -28.45
CA SER XA 1224 -126.68 0.72 -27.09
C SER XA 1224 -127.57 -0.18 -26.27
N GLY XA 1225 -127.21 -0.36 -25.00
CA GLY XA 1225 -128.02 -1.10 -24.07
C GLY XA 1225 -128.37 -0.25 -22.86
N PRO XA 1226 -128.94 -0.86 -21.83
CA PRO XA 1226 -129.21 -0.12 -20.60
C PRO XA 1226 -128.00 0.05 -19.70
N ALA XA 1227 -126.95 -0.73 -19.89
CA ALA XA 1227 -125.78 -0.61 -19.06
C ALA XA 1227 -124.93 0.59 -19.50
N TYR XA 1228 -123.86 0.83 -18.77
CA TYR XA 1228 -122.91 1.89 -19.08
C TYR XA 1228 -121.61 1.24 -19.54
N SER XA 1229 -121.22 1.52 -20.78
CA SER XA 1229 -120.08 0.84 -21.35
C SER XA 1229 -118.84 1.71 -21.21
N PRO XA 1230 -117.91 1.37 -20.31
CA PRO XA 1230 -116.73 2.22 -20.12
C PRO XA 1230 -115.93 2.46 -21.37
N CYS XA 1231 -115.81 1.47 -22.25
CA CYS XA 1231 -115.02 1.65 -23.46
C CYS XA 1231 -115.82 2.27 -24.59
N PHE XA 1232 -116.90 2.99 -24.27
CA PHE XA 1232 -117.62 3.73 -25.30
C PHE XA 1232 -116.79 4.91 -25.77
N LYS XA 1233 -116.28 5.70 -24.84
CA LYS XA 1233 -115.56 6.92 -25.18
C LYS XA 1233 -114.20 6.66 -25.74
N PHE XA 1234 -113.82 5.42 -26.06
CA PHE XA 1234 -112.60 5.15 -26.81
C PHE XA 1234 -112.87 4.76 -28.24
N PHE XA 1235 -113.98 4.08 -28.51
CA PHE XA 1235 -114.31 3.61 -29.85
C PHE XA 1235 -115.31 4.51 -30.56
N THR XA 1236 -115.29 5.81 -30.28
CA THR XA 1236 -116.15 6.72 -31.02
C THR XA 1236 -115.43 8.02 -31.30
N PRO XA 1237 -115.58 8.56 -32.51
CA PRO XA 1237 -115.04 9.89 -32.83
C PRO XA 1237 -115.96 11.04 -32.48
N ALA XA 1238 -117.03 10.79 -31.71
CA ALA XA 1238 -118.05 11.80 -31.47
C ALA XA 1238 -117.45 13.07 -30.86
N GLU XA 1239 -116.42 12.95 -30.03
CA GLU XA 1239 -115.74 14.13 -29.53
C GLU XA 1239 -115.11 14.93 -30.66
N ALA XA 1240 -114.64 14.24 -31.71
CA ALA XA 1240 -114.07 14.93 -32.86
C ALA XA 1240 -115.13 15.45 -33.82
N VAL XA 1241 -116.32 14.86 -33.83
CA VAL XA 1241 -117.40 15.35 -34.69
C VAL XA 1241 -117.79 16.76 -34.29
N ALA XA 1242 -118.00 16.99 -33.00
CA ALA XA 1242 -118.13 18.35 -32.47
C ALA XA 1242 -116.73 18.82 -32.09
N LYS XA 1243 -116.01 19.29 -33.10
CA LYS XA 1243 -114.56 19.48 -32.98
C LYS XA 1243 -114.23 20.65 -32.07
N SER XA 1244 -113.26 20.43 -31.17
CA SER XA 1244 -112.75 21.47 -30.29
C SER XA 1244 -111.66 22.25 -31.02
N ARG XA 1245 -111.79 23.57 -31.03
CA ARG XA 1245 -110.90 24.37 -31.87
C ARG XA 1245 -109.51 24.47 -31.29
N GLY XA 1246 -109.38 25.10 -30.13
CA GLY XA 1246 -108.09 25.31 -29.51
C GLY XA 1246 -107.86 24.33 -28.37
N LEU XA 1247 -106.59 24.00 -28.13
CA LEU XA 1247 -106.24 23.18 -26.97
C LEU XA 1247 -106.84 23.75 -25.70
N ALA XA 1248 -106.96 25.08 -25.62
CA ALA XA 1248 -107.59 25.70 -24.48
C ALA XA 1248 -109.03 25.21 -24.30
N ARG XA 1249 -109.73 24.96 -25.40
CA ARG XA 1249 -111.10 24.45 -25.28
C ARG XA 1249 -111.11 23.07 -24.63
N LEU XA 1250 -110.22 22.19 -25.08
CA LEU XA 1250 -110.12 20.87 -24.47
C LEU XA 1250 -109.80 20.98 -22.98
N ILE XA 1251 -108.84 21.83 -22.62
CA ILE XA 1251 -108.50 22.01 -21.21
C ILE XA 1251 -109.71 22.50 -20.44
N ALA XA 1252 -110.47 23.43 -21.02
CA ALA XA 1252 -111.65 23.96 -20.36
C ALA XA 1252 -112.78 22.94 -20.26
N ASP XA 1253 -112.72 21.88 -21.07
CA ASP XA 1253 -113.73 20.84 -20.94
C ASP XA 1253 -113.46 19.95 -19.74
N THR XA 1254 -112.24 19.41 -19.64
CA THR XA 1254 -111.88 18.58 -18.50
C THR XA 1254 -112.02 19.39 -17.22
N GLY XA 1255 -112.68 18.80 -16.23
CA GLY XA 1255 -113.09 19.50 -15.04
C GLY XA 1255 -114.55 19.87 -15.02
N ALA XA 1256 -115.23 19.80 -16.16
CA ALA XA 1256 -116.65 20.10 -16.24
C ALA XA 1256 -117.39 19.10 -17.12
N ALA XA 1257 -116.98 17.83 -17.08
CA ALA XA 1257 -117.60 16.82 -17.92
C ALA XA 1257 -118.93 16.38 -17.31
N ALA XA 1258 -120.01 16.52 -18.08
CA ALA XA 1258 -121.31 16.07 -17.62
C ALA XA 1258 -121.29 14.57 -17.36
N SER XA 1259 -121.50 14.19 -16.11
CA SER XA 1259 -121.37 12.79 -15.70
C SER XA 1259 -122.38 11.92 -16.43
N PRO XA 1260 -121.95 10.99 -17.29
CA PRO XA 1260 -122.91 10.14 -17.99
C PRO XA 1260 -123.42 8.98 -17.15
N THR XA 1261 -122.81 8.72 -15.99
CA THR XA 1261 -123.20 7.60 -15.16
C THR XA 1261 -124.34 7.99 -14.23
N SER XA 1262 -125.10 6.98 -13.81
CA SER XA 1262 -126.24 7.19 -12.93
C SER XA 1262 -125.79 7.07 -11.47
N ASN XA 1263 -126.74 6.98 -10.55
CA ASN XA 1263 -126.45 6.89 -9.12
C ASN XA 1263 -127.08 5.67 -8.46
N GLY XA 1264 -127.59 4.73 -9.23
CA GLY XA 1264 -128.19 3.54 -8.65
C GLY XA 1264 -127.15 2.59 -8.10
N GLU XA 1265 -127.63 1.41 -7.71
CA GLU XA 1265 -126.74 0.37 -7.21
C GLU XA 1265 -125.91 -0.24 -8.32
N TYR XA 1266 -126.35 -0.13 -9.56
CA TYR XA 1266 -125.60 -0.63 -10.71
C TYR XA 1266 -125.28 0.55 -11.63
N GLN XA 1267 -124.08 0.52 -12.21
CA GLN XA 1267 -123.62 1.62 -13.04
C GLN XA 1267 -124.39 1.63 -14.35
N PHE XA 1268 -125.55 2.29 -14.36
CA PHE XA 1268 -126.38 2.33 -15.55
C PHE XA 1268 -126.09 3.59 -16.36
N LYS XA 1269 -126.66 3.63 -17.56
CA LYS XA 1269 -126.52 4.79 -18.42
C LYS XA 1269 -127.55 5.84 -18.06
N ARG XA 1270 -127.10 7.05 -17.80
CA ARG XA 1270 -127.96 8.09 -17.27
C ARG XA 1270 -128.27 9.13 -18.35
N PRO XA 1271 -129.49 9.68 -18.36
CA PRO XA 1271 -129.79 10.78 -19.29
C PRO XA 1271 -128.82 11.95 -19.16
N VAL XA 1272 -128.84 12.86 -20.14
CA VAL XA 1272 -127.73 13.79 -20.31
C VAL XA 1272 -127.89 15.10 -19.55
N GLY XA 1273 -129.13 15.56 -19.32
CA GLY XA 1273 -129.37 16.86 -18.75
C GLY XA 1273 -129.53 16.93 -17.25
N ALA XA 1274 -129.43 15.79 -16.55
CA ALA XA 1274 -129.65 15.79 -15.10
C ALA XA 1274 -128.62 16.65 -14.37
N GLY XA 1275 -127.39 16.68 -14.87
CA GLY XA 1275 -126.39 17.59 -14.35
C GLY XA 1275 -125.55 17.01 -13.22
N GLU XA 1276 -124.26 16.82 -13.48
CA GLU XA 1276 -123.31 16.42 -12.46
C GLU XA 1276 -121.92 16.64 -12.99
N LEU XA 1277 -121.03 17.10 -12.12
CA LEU XA 1277 -119.72 17.58 -12.51
C LEU XA 1277 -118.67 16.57 -12.11
N VAL XA 1278 -117.91 16.09 -13.08
CA VAL XA 1278 -116.77 15.21 -12.85
C VAL XA 1278 -115.61 15.69 -13.69
N GLU XA 1279 -114.40 15.26 -13.31
CA GLU XA 1279 -113.20 15.60 -14.07
C GLU XA 1279 -112.49 14.30 -14.42
N ASP XA 1280 -112.29 14.06 -15.71
CA ASP XA 1280 -111.67 12.83 -16.18
C ASP XA 1280 -110.53 13.16 -17.13
N PRO XA 1281 -109.29 12.80 -16.81
CA PRO XA 1281 -108.21 13.02 -17.78
C PRO XA 1281 -108.33 12.13 -19.00
N CYS XA 1282 -109.05 11.02 -18.90
CA CYS XA 1282 -109.06 10.04 -19.98
C CYS XA 1282 -109.78 10.57 -21.22
N ALA XA 1283 -110.85 11.34 -21.03
CA ALA XA 1283 -111.56 11.89 -22.18
C ALA XA 1283 -110.67 12.81 -23.00
N LEU XA 1284 -109.62 13.37 -22.41
CA LEU XA 1284 -108.69 14.23 -23.13
C LEU XA 1284 -107.50 13.46 -23.68
N PHE XA 1285 -107.05 12.41 -22.99
CA PHE XA 1285 -105.89 11.66 -23.42
C PHE XA 1285 -106.20 10.34 -24.11
N GLN XA 1286 -107.42 9.82 -23.93
CA GLN XA 1286 -107.80 8.53 -24.49
C GLN XA 1286 -106.83 7.44 -24.04
N GLU XA 1287 -106.60 7.38 -22.73
CA GLU XA 1287 -105.67 6.45 -22.14
C GLU XA 1287 -106.36 5.69 -21.03
N ALA XA 1288 -105.67 4.67 -20.50
CA ALA XA 1288 -106.18 3.87 -19.41
C ALA XA 1288 -105.02 3.33 -18.60
N TYR XA 1289 -105.09 3.49 -17.32
CA TYR XA 1289 -103.95 3.10 -16.52
C TYR XA 1289 -104.09 1.67 -16.02
N PRO XA 1290 -102.98 0.97 -15.86
CA PRO XA 1290 -103.04 -0.40 -15.35
C PRO XA 1290 -102.94 -0.41 -13.84
N PRO XA 1291 -103.82 -1.15 -13.15
CA PRO XA 1291 -103.74 -1.23 -11.70
C PRO XA 1291 -102.79 -2.30 -11.23
N LEU XA 1292 -102.72 -2.53 -9.92
CA LEU XA 1292 -101.91 -3.61 -9.39
C LEU XA 1292 -102.58 -4.95 -9.67
N CYS XA 1293 -102.26 -5.57 -10.80
CA CYS XA 1293 -102.86 -6.81 -11.19
C CYS XA 1293 -101.78 -7.85 -11.46
N ALA XA 1294 -102.16 -9.11 -11.31
CA ALA XA 1294 -101.24 -10.22 -11.52
C ALA XA 1294 -102.00 -11.36 -12.17
N SER XA 1295 -101.26 -12.25 -12.81
CA SER XA 1295 -101.83 -13.45 -13.41
C SER XA 1295 -101.70 -14.66 -12.51
N ASP XA 1296 -101.44 -14.46 -11.22
CA ASP XA 1296 -101.34 -15.55 -10.26
C ASP XA 1296 -101.40 -14.94 -8.88
N SER XA 1297 -102.26 -15.49 -8.02
CA SER XA 1297 -102.36 -15.00 -6.65
C SER XA 1297 -101.06 -15.10 -5.90
N ALA XA 1298 -100.18 -16.03 -6.28
CA ALA XA 1298 -98.96 -16.25 -5.53
C ALA XA 1298 -97.96 -15.11 -5.71
N LEU XA 1299 -98.16 -14.23 -6.68
CA LEU XA 1299 -97.21 -13.15 -6.91
C LEU XA 1299 -97.53 -11.90 -6.10
N LEU XA 1300 -98.68 -11.85 -5.44
CA LEU XA 1300 -99.09 -10.70 -4.62
C LEU XA 1300 -98.97 -11.11 -3.16
N ARG XA 1301 -97.80 -10.88 -2.58
CA ARG XA 1301 -97.54 -11.24 -1.19
C ARG XA 1301 -96.72 -10.15 -0.54
N THR XA 1302 -96.48 -10.30 0.76
CA THR XA 1302 -95.82 -9.23 1.51
C THR XA 1302 -94.46 -8.85 0.94
N PRO XA 1303 -93.60 -9.77 0.47
CA PRO XA 1303 -92.49 -9.33 -0.39
C PRO XA 1303 -92.95 -9.38 -1.84
N LEU XA 1304 -92.71 -8.30 -2.59
CA LEU XA 1304 -93.24 -8.26 -3.95
C LEU XA 1304 -92.50 -9.23 -4.86
N GLY XA 1305 -91.18 -9.31 -4.74
CA GLY XA 1305 -90.47 -10.25 -5.57
C GLY XA 1305 -90.42 -9.79 -7.02
N ALA XA 1306 -90.05 -10.74 -7.87
CA ALA XA 1306 -89.83 -10.43 -9.28
C ALA XA 1306 -91.14 -10.07 -9.97
N GLU XA 1307 -91.00 -9.44 -11.14
CA GLU XA 1307 -92.15 -9.10 -11.96
C GLU XA 1307 -92.57 -10.22 -12.89
N GLU XA 1308 -91.72 -11.21 -13.10
CA GLU XA 1308 -92.05 -12.35 -13.94
C GLU XA 1308 -91.36 -13.57 -13.34
N HIS XA 1309 -92.06 -14.71 -13.35
CA HIS XA 1309 -91.47 -15.95 -12.86
C HIS XA 1309 -91.41 -17.00 -13.94
N PHE XA 1310 -92.49 -17.19 -14.68
CA PHE XA 1310 -92.57 -18.08 -15.82
C PHE XA 1310 -93.63 -17.46 -16.69
N ALA XA 1311 -94.33 -18.26 -17.49
CA ALA XA 1311 -95.43 -17.74 -18.30
C ALA XA 1311 -96.31 -16.73 -17.57
N GLN XA 1312 -96.41 -16.81 -16.24
CA GLN XA 1312 -97.17 -15.83 -15.47
C GLN XA 1312 -96.49 -14.46 -15.52
N TYR XA 1313 -97.15 -13.47 -14.93
CA TYR XA 1313 -96.64 -12.11 -15.00
C TYR XA 1313 -97.37 -11.21 -14.01
N LEU XA 1314 -96.64 -10.31 -13.38
CA LEU XA 1314 -97.17 -9.34 -12.44
C LEU XA 1314 -96.96 -7.94 -12.99
N ILE XA 1315 -97.99 -7.10 -12.93
CA ILE XA 1315 -97.94 -5.74 -13.44
C ILE XA 1315 -97.94 -4.79 -12.26
N ARG XA 1316 -96.88 -3.98 -12.15
CA ARG XA 1316 -96.82 -3.01 -11.06
C ARG XA 1316 -97.89 -1.95 -11.23
N ASP XA 1317 -98.23 -1.30 -10.13
CA ASP XA 1317 -99.22 -0.24 -10.18
C ASP XA 1317 -98.67 0.96 -10.94
N GLU XA 1318 -99.46 1.46 -11.88
CA GLU XA 1318 -99.14 2.69 -12.58
C GLU XA 1318 -100.46 3.40 -12.80
N SER XA 1319 -100.67 4.50 -12.08
CA SER XA 1319 -101.97 5.14 -12.02
C SER XA 1319 -101.81 6.44 -11.24
N PRO XA 1320 -102.73 7.40 -11.42
CA PRO XA 1320 -102.69 8.61 -10.59
C PRO XA 1320 -102.87 8.33 -9.12
N LEU XA 1321 -102.97 7.05 -8.76
CA LEU XA 1321 -103.26 6.65 -7.39
C LEU XA 1321 -102.20 5.69 -6.86
N LYS XA 1322 -100.93 6.02 -7.05
CA LYS XA 1322 -99.86 5.17 -6.53
C LYS XA 1322 -99.91 5.06 -5.01
N GLY XA 1323 -100.63 5.95 -4.33
CA GLY XA 1323 -100.80 5.85 -2.90
C GLY XA 1323 -102.19 5.38 -2.51
N MET YA 1 -151.59 28.41 -13.95
CA MET YA 1 -150.27 27.79 -14.08
C MET YA 1 -149.68 28.09 -15.45
N GLU YA 2 -148.38 28.39 -15.47
CA GLU YA 2 -147.70 28.78 -16.70
C GLU YA 2 -146.21 28.53 -16.53
N VAL YA 3 -145.56 28.04 -17.57
CA VAL YA 3 -144.13 27.75 -17.55
C VAL YA 3 -143.51 28.27 -18.82
N ASP YA 4 -142.32 28.88 -18.70
CA ASP YA 4 -141.56 29.30 -19.86
C ASP YA 4 -140.51 28.25 -20.18
N ILE YA 5 -139.72 28.52 -21.22
CA ILE YA 5 -138.65 27.62 -21.64
C ILE YA 5 -137.42 28.45 -21.93
N ALA YA 6 -136.30 28.10 -21.32
CA ALA YA 6 -135.06 28.82 -21.55
C ALA YA 6 -134.62 28.61 -23.00
N LEU YA 7 -134.83 29.63 -23.83
CA LEU YA 7 -134.60 29.51 -25.26
C LEU YA 7 -133.15 29.87 -25.57
N PRO YA 8 -132.32 28.91 -25.99
CA PRO YA 8 -130.91 29.22 -26.21
C PRO YA 8 -130.73 30.22 -27.35
N THR YA 9 -129.51 30.70 -27.48
CA THR YA 9 -129.13 31.70 -28.47
C THR YA 9 -129.09 31.06 -29.84
N LEU YA 10 -130.20 31.10 -30.58
CA LEU YA 10 -130.27 30.30 -31.80
C LEU YA 10 -129.58 30.99 -32.98
N SER YA 11 -130.19 32.05 -33.50
CA SER YA 11 -129.74 32.68 -34.73
C SER YA 11 -130.66 33.84 -35.09
N PRO YA 12 -130.23 34.75 -35.95
CA PRO YA 12 -131.20 35.59 -36.66
C PRO YA 12 -131.87 34.79 -37.77
N GLY YA 13 -133.07 35.21 -38.13
CA GLY YA 13 -133.79 34.57 -39.22
C GLY YA 13 -134.52 33.30 -38.82
N ASP YA 14 -133.80 32.33 -38.25
CA ASP YA 14 -134.42 31.06 -37.90
C ASP YA 14 -135.36 31.21 -36.70
N LEU YA 15 -135.08 32.15 -35.81
CA LEU YA 15 -136.03 32.47 -34.75
C LEU YA 15 -137.37 32.92 -35.35
N SER YA 16 -137.31 33.68 -36.44
CA SER YA 16 -138.51 34.06 -37.16
C SER YA 16 -139.17 32.88 -37.87
N ALA YA 17 -138.50 31.74 -37.94
CA ALA YA 17 -139.12 30.50 -38.40
C ALA YA 17 -139.77 29.72 -37.26
N LEU YA 18 -139.12 29.72 -36.09
CA LEU YA 18 -139.76 29.12 -34.92
C LEU YA 18 -141.02 29.88 -34.55
N GLN YA 19 -141.01 31.20 -34.70
CA GLN YA 19 -142.18 32.02 -34.39
C GLN YA 19 -143.43 31.58 -35.14
N ARG YA 20 -143.26 30.92 -36.29
CA ARG YA 20 -144.39 30.42 -37.04
C ARG YA 20 -145.15 29.31 -36.31
N CYS YA 21 -144.60 28.80 -35.21
CA CYS YA 21 -145.23 27.72 -34.44
C CYS YA 21 -145.70 28.32 -33.12
N GLU YA 22 -146.90 28.88 -33.13
CA GLU YA 22 -147.50 29.47 -31.94
C GLU YA 22 -148.73 28.71 -31.46
N GLY YA 23 -148.93 27.49 -31.95
CA GLY YA 23 -150.04 26.69 -31.51
C GLY YA 23 -149.72 25.22 -31.30
N ARG YA 24 -148.50 24.81 -31.64
CA ARG YA 24 -148.13 23.41 -31.48
C ARG YA 24 -148.09 23.04 -30.00
N VAL YA 25 -148.18 21.75 -29.72
CA VAL YA 25 -148.19 21.23 -28.37
C VAL YA 25 -146.89 20.47 -28.12
N VAL YA 26 -146.25 20.76 -26.99
CA VAL YA 26 -144.96 20.16 -26.64
C VAL YA 26 -145.07 19.51 -25.28
N PHE YA 27 -144.28 18.47 -25.07
CA PHE YA 27 -144.37 17.63 -23.88
C PHE YA 27 -143.19 17.93 -22.96
N LEU YA 28 -143.50 18.34 -21.74
CA LEU YA 28 -142.49 18.64 -20.74
C LEU YA 28 -142.14 17.37 -19.97
N GLU YA 29 -141.42 17.52 -18.86
CA GLU YA 29 -141.15 16.40 -17.97
C GLU YA 29 -141.88 16.57 -16.64
N THR YA 30 -141.79 17.75 -16.02
CA THR YA 30 -142.43 18.02 -14.75
C THR YA 30 -142.76 19.50 -14.69
N LEU YA 31 -143.76 19.84 -13.88
CA LEU YA 31 -144.25 21.21 -13.83
C LEU YA 31 -143.39 22.07 -12.93
N ARG YA 32 -142.35 22.67 -13.50
CA ARG YA 32 -141.57 23.70 -12.83
C ARG YA 32 -141.87 25.05 -13.46
N ARG YA 33 -141.29 26.09 -12.91
CA ARG YA 33 -141.43 27.42 -13.49
C ARG YA 33 -140.33 27.74 -14.50
N HIS YA 34 -139.42 26.81 -14.73
CA HIS YA 34 -138.29 27.04 -15.63
C HIS YA 34 -137.92 25.71 -16.26
N ALA YA 35 -137.94 25.67 -17.60
CA ALA YA 35 -137.51 24.48 -18.32
C ALA YA 35 -136.37 24.86 -19.26
N THR YA 36 -135.95 23.93 -20.11
CA THR YA 36 -134.95 24.24 -21.12
C THR YA 36 -135.31 23.56 -22.43
N LEU YA 37 -135.05 24.26 -23.53
CA LEU YA 37 -135.30 23.69 -24.85
C LEU YA 37 -134.47 22.45 -25.10
N ARG YA 38 -133.41 22.25 -24.30
CA ARG YA 38 -132.54 21.10 -24.50
C ARG YA 38 -133.30 19.79 -24.28
N GLU YA 39 -134.26 19.79 -23.35
CA GLU YA 39 -134.95 18.56 -23.00
C GLU YA 39 -136.27 18.38 -23.71
N VAL YA 40 -136.96 19.45 -24.07
CA VAL YA 40 -138.26 19.32 -24.75
C VAL YA 40 -137.94 19.18 -26.22
N ALA YA 41 -137.58 17.97 -26.60
CA ALA YA 41 -136.99 17.70 -27.91
C ALA YA 41 -136.90 16.20 -28.10
N LEU YA 42 -137.05 15.79 -29.35
CA LEU YA 42 -136.97 14.39 -29.73
C LEU YA 42 -136.23 14.31 -31.05
N PRO YA 43 -135.65 13.15 -31.39
CA PRO YA 43 -135.09 12.97 -32.72
C PRO YA 43 -136.16 13.18 -33.79
N CYS YA 44 -135.79 13.90 -34.84
CA CYS YA 44 -136.74 14.14 -35.92
C CYS YA 44 -137.23 12.83 -36.52
N GLY YA 45 -136.42 11.78 -36.47
CA GLY YA 45 -136.85 10.47 -36.89
C GLY YA 45 -136.66 9.41 -35.81
N GLY YA 46 -137.76 8.87 -35.31
CA GLY YA 46 -137.70 7.84 -34.29
C GLY YA 46 -138.95 6.98 -34.40
N ASP YA 47 -138.91 5.82 -33.73
CA ASP YA 47 -140.03 4.90 -33.82
C ASP YA 47 -141.27 5.55 -33.24
N VAL YA 48 -142.44 5.16 -33.77
CA VAL YA 48 -143.68 5.77 -33.30
C VAL YA 48 -144.20 5.07 -32.06
N LEU YA 49 -143.82 3.81 -31.85
CA LEU YA 49 -144.32 3.08 -30.68
C LEU YA 49 -143.79 3.67 -29.39
N ALA YA 50 -142.47 3.79 -29.27
CA ALA YA 50 -141.90 4.30 -28.02
C ALA YA 50 -142.24 5.76 -27.81
N ALA YA 51 -142.38 6.52 -28.91
CA ALA YA 51 -142.83 7.90 -28.76
C ALA YA 51 -144.25 7.98 -28.24
N MET YA 52 -145.14 7.14 -28.78
CA MET YA 52 -146.50 7.06 -28.28
C MET YA 52 -146.53 6.63 -26.82
N ALA YA 53 -145.60 5.77 -26.42
CA ALA YA 53 -145.55 5.33 -25.03
C ALA YA 53 -145.02 6.44 -24.13
N ALA YA 54 -144.06 7.22 -24.61
CA ALA YA 54 -143.53 8.32 -23.84
C ALA YA 54 -144.52 9.47 -23.72
N TYR YA 55 -145.43 9.61 -24.68
CA TYR YA 55 -146.44 10.66 -24.60
C TYR YA 55 -147.33 10.55 -23.38
N ARG YA 56 -147.30 9.42 -22.67
CA ARG YA 56 -148.07 9.26 -21.45
C ARG YA 56 -147.27 9.57 -20.19
N ARG YA 57 -146.00 9.19 -20.16
CA ARG YA 57 -145.17 9.47 -19.00
C ARG YA 57 -144.89 10.96 -18.82
N ARG YA 58 -145.40 11.81 -19.69
CA ARG YA 58 -145.12 13.24 -19.65
C ARG YA 58 -146.43 14.02 -19.63
N PHE YA 59 -146.31 15.33 -19.52
CA PHE YA 59 -147.44 16.24 -19.52
C PHE YA 59 -147.50 17.02 -20.83
N ALA YA 60 -148.70 17.40 -21.23
CA ALA YA 60 -148.90 18.20 -22.42
C ALA YA 60 -148.92 19.67 -22.07
N ALA YA 61 -148.65 20.50 -23.09
CA ALA YA 61 -148.65 21.94 -22.92
C ALA YA 61 -148.61 22.59 -24.31
N VAL YA 62 -149.27 23.73 -24.44
CA VAL YA 62 -149.31 24.43 -25.71
C VAL YA 62 -148.35 25.62 -25.64
N ILE YA 63 -148.10 26.22 -26.79
CA ILE YA 63 -147.11 27.29 -26.93
C ILE YA 63 -147.88 28.58 -27.16
N THR YA 64 -147.81 29.50 -26.20
CA THR YA 64 -148.31 30.85 -26.38
C THR YA 64 -147.16 31.66 -26.97
N ARG YA 65 -147.28 33.00 -26.96
CA ARG YA 65 -146.30 33.89 -27.59
C ARG YA 65 -144.86 33.45 -27.33
N VAL YA 66 -144.06 33.46 -28.38
CA VAL YA 66 -142.63 33.15 -28.31
C VAL YA 66 -141.85 34.45 -28.46
N THR YA 67 -140.87 34.64 -27.60
CA THR YA 67 -140.09 35.87 -27.57
C THR YA 67 -138.62 35.54 -27.64
N PRO YA 68 -137.80 36.45 -28.19
CA PRO YA 68 -136.36 36.15 -28.31
C PRO YA 68 -135.72 35.76 -27.01
N HIS YA 69 -136.27 36.21 -25.88
CA HIS YA 69 -135.75 35.80 -24.59
C HIS YA 69 -136.17 34.37 -24.26
N ARG YA 70 -137.43 34.04 -24.48
CA ARG YA 70 -138.03 32.80 -24.03
C ARG YA 70 -139.42 32.69 -24.61
N MET YA 71 -139.97 31.48 -24.59
CA MET YA 71 -141.35 31.25 -24.98
C MET YA 71 -142.13 30.70 -23.79
N LEU YA 72 -143.38 31.11 -23.68
CA LEU YA 72 -144.22 30.72 -22.56
C LEU YA 72 -145.15 29.59 -22.98
N ALA YA 73 -145.53 28.76 -22.01
CA ALA YA 73 -146.33 27.58 -22.27
C ALA YA 73 -147.32 27.37 -21.14
N THR YA 74 -148.48 26.83 -21.49
CA THR YA 74 -149.54 26.54 -20.53
C THR YA 74 -149.88 25.06 -20.61
N PRO YA 75 -149.95 24.35 -19.50
CA PRO YA 75 -150.23 22.91 -19.56
C PRO YA 75 -151.72 22.66 -19.76
N LEU YA 76 -152.02 21.44 -20.21
CA LEU YA 76 -153.39 21.07 -20.56
C LEU YA 76 -154.10 20.33 -19.43
N GLY YA 77 -153.53 19.19 -19.00
CA GLY YA 77 -154.17 18.34 -18.02
C GLY YA 77 -154.56 19.04 -16.75
N VAL YA 78 -153.55 19.46 -15.97
CA VAL YA 78 -153.79 20.22 -14.74
C VAL YA 78 -154.45 21.54 -15.13
N GLY YA 79 -155.11 22.18 -14.17
CA GLY YA 79 -155.76 23.44 -14.41
C GLY YA 79 -157.03 23.52 -13.60
N GLY YA 80 -157.87 24.49 -13.95
CA GLY YA 80 -159.11 24.68 -13.23
C GLY YA 80 -160.25 25.16 -14.11
N ARG YA 81 -161.39 24.48 -14.04
CA ARG YA 81 -162.62 24.85 -14.72
C ARG YA 81 -162.51 24.81 -16.25
N GLY YA 82 -161.36 24.41 -16.79
CA GLY YA 82 -161.19 24.33 -18.23
C GLY YA 82 -161.11 25.66 -18.96
N GLN YA 83 -160.02 26.41 -18.75
CA GLN YA 83 -159.83 27.67 -19.43
C GLN YA 83 -159.68 27.46 -20.95
N SER YA 84 -159.78 28.57 -21.68
CA SER YA 84 -159.70 28.54 -23.13
C SER YA 84 -158.26 28.73 -23.60
N LEU YA 85 -158.01 28.40 -24.86
CA LEU YA 85 -156.67 28.44 -25.42
C LEU YA 85 -156.75 28.21 -26.92
N VAL YA 86 -155.67 28.55 -27.60
CA VAL YA 86 -155.57 28.42 -29.05
C VAL YA 86 -154.78 27.16 -29.38
N LEU YA 87 -155.15 26.50 -30.48
CA LEU YA 87 -154.53 25.23 -30.85
C LEU YA 87 -154.40 25.20 -32.37
N GLN YA 88 -153.20 25.52 -32.87
CA GLN YA 88 -152.96 25.47 -34.31
C GLN YA 88 -153.07 24.05 -34.80
N ASN YA 89 -154.04 23.79 -35.67
CA ASN YA 89 -154.19 22.47 -36.25
C ASN YA 89 -153.04 22.16 -37.19
N THR YA 90 -152.55 20.93 -37.12
CA THR YA 90 -151.46 20.52 -38.00
C THR YA 90 -151.81 19.27 -38.80
N GLY YA 91 -152.98 18.68 -38.60
CA GLY YA 91 -153.30 17.39 -39.15
C GLY YA 91 -153.33 17.36 -40.67
N PRO YA 92 -153.64 16.19 -41.23
CA PRO YA 92 -153.70 16.08 -42.69
C PRO YA 92 -154.98 16.66 -43.24
N PHE YA 93 -156.05 16.59 -42.45
CA PHE YA 93 -157.34 17.13 -42.84
C PHE YA 93 -157.89 17.97 -41.70
N ASP YA 94 -158.86 18.81 -42.05
CA ASP YA 94 -159.42 19.75 -41.09
C ASP YA 94 -160.22 19.03 -40.01
N LEU YA 95 -160.51 19.78 -38.95
CA LEU YA 95 -161.31 19.31 -37.83
C LEU YA 95 -162.53 20.21 -37.69
N THR YA 96 -163.71 19.60 -37.56
CA THR YA 96 -164.96 20.35 -37.55
C THR YA 96 -165.23 20.91 -36.16
N ASN YA 97 -166.32 21.69 -36.07
CA ASN YA 97 -166.69 22.34 -34.84
C ASN YA 97 -167.54 21.41 -33.98
N GLY YA 98 -167.36 21.50 -32.67
CA GLY YA 98 -168.06 20.64 -31.75
C GLY YA 98 -167.62 19.19 -31.84
N ASP YA 99 -166.37 18.92 -31.46
CA ASP YA 99 -165.86 17.55 -31.46
C ASP YA 99 -164.68 17.47 -30.51
N HIS YA 100 -163.98 16.33 -30.54
CA HIS YA 100 -162.84 16.07 -29.67
C HIS YA 100 -161.59 15.93 -30.52
N VAL YA 101 -160.44 16.12 -29.87
CA VAL YA 101 -159.15 15.97 -30.53
C VAL YA 101 -158.31 14.98 -29.76
N CYS YA 102 -157.45 14.27 -30.48
CA CYS YA 102 -156.50 13.36 -29.89
C CYS YA 102 -155.10 13.72 -30.37
N LEU YA 103 -154.09 13.15 -29.72
CA LEU YA 103 -152.69 13.48 -30.01
C LEU YA 103 -151.99 12.19 -30.40
N VAL YA 104 -151.61 12.07 -31.67
CA VAL YA 104 -150.84 10.92 -32.14
C VAL YA 104 -149.57 11.44 -32.79
N PRO YA 105 -148.48 10.69 -32.73
CA PRO YA 105 -147.24 11.13 -33.37
C PRO YA 105 -147.39 11.14 -34.88
N PRO YA 106 -146.45 11.76 -35.61
CA PRO YA 106 -146.63 11.87 -37.06
C PRO YA 106 -146.38 10.57 -37.81
N LEU YA 107 -147.42 9.73 -37.90
CA LEU YA 107 -147.27 8.45 -38.59
C LEU YA 107 -146.96 8.64 -40.08
N LEU YA 108 -147.52 9.68 -40.69
CA LEU YA 108 -147.31 9.94 -42.11
C LEU YA 108 -145.95 10.59 -42.33
N GLY YA 109 -145.73 11.13 -43.53
CA GLY YA 109 -144.52 11.86 -43.83
C GLY YA 109 -144.14 12.85 -42.75
N ASP YA 110 -142.99 12.61 -42.12
CA ASP YA 110 -142.63 13.33 -40.91
C ASP YA 110 -142.48 14.82 -41.17
N GLU YA 111 -142.79 15.61 -40.14
CA GLU YA 111 -142.49 17.03 -40.12
C GLU YA 111 -141.67 17.30 -38.86
N CYS YA 112 -140.73 18.23 -38.96
CA CYS YA 112 -139.92 18.58 -37.80
C CYS YA 112 -139.20 19.89 -38.09
N LEU YA 113 -139.04 20.70 -37.06
CA LEU YA 113 -138.38 22.00 -37.17
C LEU YA 113 -136.89 21.76 -36.96
N ARG YA 114 -136.15 21.61 -38.06
CA ARG YA 114 -134.72 21.37 -37.95
C ARG YA 114 -134.00 22.63 -37.52
N LEU YA 115 -133.86 22.80 -36.21
CA LEU YA 115 -133.07 23.91 -35.69
C LEU YA 115 -131.61 23.61 -35.96
N THR YA 116 -131.10 24.07 -37.10
CA THR YA 116 -129.71 23.78 -37.44
C THR YA 116 -128.74 24.68 -36.70
N SER YA 117 -129.23 25.75 -36.07
CA SER YA 117 -128.32 26.69 -35.43
C SER YA 117 -127.67 26.07 -34.20
N ALA YA 118 -128.47 25.71 -33.19
CA ALA YA 118 -127.90 25.10 -32.00
C ALA YA 118 -127.88 23.58 -32.05
N ASN YA 119 -128.08 22.99 -33.23
CA ASN YA 119 -127.96 21.54 -33.41
C ASN YA 119 -128.93 20.79 -32.50
N LEU YA 120 -130.23 20.94 -32.79
CA LEU YA 120 -131.25 20.09 -32.20
C LEU YA 120 -132.52 20.21 -33.04
N GLU YA 121 -133.40 19.22 -32.87
CA GLU YA 121 -134.59 19.11 -33.69
C GLU YA 121 -135.82 18.93 -32.80
N LEU YA 122 -136.91 19.59 -33.19
CA LEU YA 122 -138.19 19.48 -32.51
C LEU YA 122 -139.16 18.67 -33.36
N ARG YA 123 -140.01 17.90 -32.70
CA ARG YA 123 -140.96 17.03 -33.39
C ARG YA 123 -142.32 17.20 -32.73
N PHE YA 124 -143.20 17.94 -33.36
CA PHE YA 124 -144.51 18.18 -32.79
C PHE YA 124 -145.49 17.09 -33.22
N PRO YA 125 -146.42 16.73 -32.35
CA PRO YA 125 -147.39 15.69 -32.68
C PRO YA 125 -148.54 16.26 -33.50
N MET YA 126 -149.43 15.36 -33.91
CA MET YA 126 -150.54 15.74 -34.76
C MET YA 126 -151.80 15.93 -33.93
N THR YA 127 -152.79 16.57 -34.54
CA THR YA 127 -154.06 16.87 -33.89
C THR YA 127 -155.19 16.35 -34.77
N LEU YA 128 -155.83 15.27 -34.34
CA LEU YA 128 -156.86 14.66 -35.18
C LEU YA 128 -158.15 14.49 -34.40
N PRO YA 129 -159.30 14.65 -35.06
CA PRO YA 129 -160.57 14.29 -34.44
C PRO YA 129 -160.60 12.80 -34.11
N LEU YA 130 -161.32 12.48 -33.03
CA LEU YA 130 -161.30 11.11 -32.50
C LEU YA 130 -161.74 10.10 -33.54
N ALA YA 131 -162.83 10.40 -34.26
CA ALA YA 131 -163.41 9.43 -35.17
C ALA YA 131 -162.39 8.94 -36.19
N GLN YA 132 -161.73 9.87 -36.87
CA GLN YA 132 -160.77 9.49 -37.89
C GLN YA 132 -159.45 9.04 -37.30
N ALA YA 133 -159.12 9.50 -36.09
CA ALA YA 133 -157.87 9.11 -35.45
C ALA YA 133 -157.91 7.67 -34.96
N ARG YA 134 -159.08 7.15 -34.63
CA ARG YA 134 -159.20 5.75 -34.27
C ARG YA 134 -158.91 4.80 -35.43
N GLU YA 135 -158.98 5.29 -36.67
CA GLU YA 135 -158.83 4.44 -37.83
C GLU YA 135 -157.68 4.81 -38.76
N LEU YA 136 -157.07 5.99 -38.61
CA LEU YA 136 -155.92 6.31 -39.45
C LEU YA 136 -154.75 5.37 -39.18
N THR YA 137 -154.45 5.13 -37.90
CA THR YA 137 -153.43 4.15 -37.55
C THR YA 137 -153.75 2.80 -38.15
N ALA YA 138 -155.02 2.41 -38.10
CA ALA YA 138 -155.44 1.16 -38.73
C ALA YA 138 -155.16 1.18 -40.22
N ARG YA 139 -155.37 2.33 -40.89
CA ARG YA 139 -155.05 2.42 -42.31
C ARG YA 139 -153.57 2.16 -42.55
N VAL YA 140 -152.71 2.84 -41.79
CA VAL YA 140 -151.26 2.69 -41.94
C VAL YA 140 -150.87 1.23 -41.78
N VAL YA 141 -151.34 0.59 -40.70
CA VAL YA 141 -150.89 -0.75 -40.40
C VAL YA 141 -151.52 -1.78 -41.33
N ALA YA 142 -152.75 -1.55 -41.79
CA ALA YA 142 -153.35 -2.45 -42.76
C ALA YA 142 -152.57 -2.40 -44.07
N ARG YA 143 -152.16 -1.20 -44.49
CA ARG YA 143 -151.30 -1.09 -45.66
C ARG YA 143 -150.01 -1.86 -45.47
N ALA YA 144 -149.33 -1.63 -44.34
CA ALA YA 144 -148.07 -2.34 -44.08
C ALA YA 144 -148.27 -3.85 -44.11
N ALA YA 145 -149.38 -4.33 -43.54
CA ALA YA 145 -149.63 -5.75 -43.47
C ALA YA 145 -149.87 -6.33 -44.86
N GLU YA 146 -150.72 -5.68 -45.66
CA GLU YA 146 -150.95 -6.21 -47.00
C GLU YA 146 -149.68 -6.15 -47.84
N THR YA 147 -148.77 -5.22 -47.54
CA THR YA 147 -147.47 -5.26 -48.21
C THR YA 147 -146.61 -6.42 -47.72
N LEU YA 148 -146.78 -6.81 -46.45
CA LEU YA 148 -145.94 -7.84 -45.86
C LEU YA 148 -145.97 -9.13 -46.66
N ARG YA 149 -147.16 -9.72 -46.80
CA ARG YA 149 -147.30 -11.05 -47.40
C ARG YA 149 -147.11 -11.06 -48.91
N GLY YA 150 -146.72 -9.95 -49.54
CA GLY YA 150 -146.52 -9.94 -50.97
C GLY YA 150 -147.78 -10.12 -51.77
N GLY YA 151 -148.85 -9.40 -51.40
CA GLY YA 151 -150.14 -9.58 -52.04
C GLY YA 151 -150.33 -8.76 -53.30
N ALA YA 152 -151.59 -8.44 -53.60
CA ALA YA 152 -151.87 -7.57 -54.74
C ALA YA 152 -151.12 -6.25 -54.58
N PRO YA 153 -150.62 -5.69 -55.68
CA PRO YA 153 -149.89 -4.41 -55.57
C PRO YA 153 -150.69 -3.32 -54.89
N ALA YA 154 -151.96 -3.17 -55.23
CA ALA YA 154 -152.81 -2.16 -54.63
C ALA YA 154 -154.27 -2.50 -54.89
N ARG YA 155 -155.15 -1.74 -54.27
CA ARG YA 155 -156.59 -1.87 -54.46
C ARG YA 155 -157.33 -0.56 -54.68
N GLY YA 156 -156.73 0.57 -54.32
CA GLY YA 156 -157.41 1.85 -54.44
C GLY YA 156 -158.10 2.22 -53.14
N ALA YA 157 -157.51 1.81 -52.02
CA ALA YA 157 -158.10 2.01 -50.71
C ALA YA 157 -157.25 2.88 -49.81
N ASP YA 158 -156.22 3.53 -50.35
CA ASP YA 158 -155.38 4.45 -49.58
C ASP YA 158 -155.94 5.87 -49.65
N VAL YA 159 -157.22 5.99 -49.34
CA VAL YA 159 -157.91 7.27 -49.34
C VAL YA 159 -158.79 7.34 -48.11
N VAL YA 160 -158.95 8.55 -47.57
CA VAL YA 160 -159.83 8.78 -46.45
C VAL YA 160 -160.67 10.01 -46.76
N PHE YA 161 -161.98 9.90 -46.60
CA PHE YA 161 -162.87 11.02 -46.82
C PHE YA 161 -163.07 11.78 -45.52
N SER YA 162 -163.04 13.11 -45.62
CA SER YA 162 -163.26 13.96 -44.46
C SER YA 162 -163.66 15.33 -44.96
N ASN YA 163 -164.90 15.74 -44.70
CA ASN YA 163 -165.41 17.02 -45.16
C ASN YA 163 -165.25 17.18 -46.66
N GLY YA 164 -165.40 16.09 -47.39
CA GLY YA 164 -165.34 16.11 -48.86
C GLY YA 164 -163.96 15.94 -49.50
N ARG YA 165 -163.00 16.74 -49.08
CA ARG YA 165 -161.67 16.72 -49.68
C ARG YA 165 -160.96 15.43 -49.29
N ARG YA 166 -160.96 14.47 -50.22
CA ARG YA 166 -160.41 13.16 -49.96
C ARG YA 166 -158.89 13.22 -49.92
N TYR YA 167 -158.32 12.76 -48.81
CA TYR YA 167 -156.87 12.74 -48.64
C TYR YA 167 -156.25 11.60 -49.44
N GLN YA 168 -154.97 11.74 -49.74
CA GLN YA 168 -154.29 10.80 -50.63
C GLN YA 168 -153.44 9.77 -49.89
N LEU YA 169 -153.13 9.99 -48.61
CA LEU YA 169 -152.28 9.08 -47.86
C LEU YA 169 -150.95 8.90 -48.58
N PRO YA 170 -150.04 9.87 -48.49
CA PRO YA 170 -148.79 9.85 -49.27
C PRO YA 170 -148.07 8.51 -49.16
N PRO YA 171 -147.32 8.13 -50.19
CA PRO YA 171 -146.76 6.78 -50.24
C PRO YA 171 -145.71 6.59 -49.17
N PRO YA 172 -145.47 5.35 -48.75
CA PRO YA 172 -144.47 5.10 -47.70
C PRO YA 172 -143.05 5.22 -48.25
N HIS YA 173 -142.10 5.23 -47.32
CA HIS YA 173 -140.67 5.32 -47.63
C HIS YA 173 -140.38 6.53 -48.53
N ARG YA 174 -141.06 7.64 -48.25
CA ARG YA 174 -140.83 8.88 -48.97
C ARG YA 174 -140.16 9.93 -48.10
N ASP YA 175 -140.74 10.23 -46.94
CA ASP YA 175 -140.17 11.20 -46.01
C ASP YA 175 -139.46 10.55 -44.84
N ASN YA 176 -140.01 9.45 -44.33
CA ASN YA 176 -139.41 8.70 -43.24
C ASN YA 176 -138.79 7.42 -43.79
N ALA YA 177 -138.20 6.64 -42.89
CA ALA YA 177 -137.86 5.27 -43.22
C ALA YA 177 -139.08 4.37 -42.99
N GLU YA 178 -139.15 3.28 -43.75
CA GLU YA 178 -140.18 2.29 -43.49
C GLU YA 178 -140.12 1.76 -42.07
N ALA YA 179 -138.95 1.84 -41.43
CA ALA YA 179 -138.77 1.39 -40.06
C ALA YA 179 -139.31 2.38 -39.04
N ALA YA 180 -139.89 3.49 -39.47
CA ALA YA 180 -140.39 4.46 -38.50
C ALA YA 180 -141.64 3.95 -37.79
N THR YA 181 -142.42 3.08 -38.44
CA THR YA 181 -143.66 2.58 -37.87
C THR YA 181 -143.74 1.05 -37.91
N ARG YA 182 -142.65 0.36 -38.21
CA ARG YA 182 -142.73 -1.09 -38.33
C ARG YA 182 -142.91 -1.75 -36.97
N SER YA 183 -142.35 -1.16 -35.91
CA SER YA 183 -142.50 -1.75 -34.59
C SER YA 183 -143.95 -1.75 -34.14
N LEU YA 184 -144.67 -0.68 -34.47
CA LEU YA 184 -146.11 -0.65 -34.19
C LEU YA 184 -146.84 -1.77 -34.93
N VAL YA 185 -146.50 -1.98 -36.20
CA VAL YA 185 -147.16 -3.00 -37.00
C VAL YA 185 -146.92 -4.37 -36.38
N LEU YA 186 -145.66 -4.68 -36.07
CA LEU YA 186 -145.35 -5.97 -35.46
C LEU YA 186 -146.09 -6.16 -34.15
N ASN YA 187 -145.96 -5.18 -33.25
CA ASN YA 187 -146.56 -5.30 -31.93
C ASN YA 187 -148.08 -5.34 -32.00
N MET YA 188 -148.68 -4.88 -33.08
CA MET YA 188 -150.13 -4.97 -33.07
C MET YA 188 -150.65 -6.21 -33.77
N ILE YA 189 -149.97 -6.68 -34.81
CA ILE YA 189 -150.42 -7.90 -35.48
C ILE YA 189 -150.14 -9.12 -34.61
N PHE YA 190 -148.95 -9.19 -34.03
CA PHE YA 190 -148.58 -10.35 -33.23
C PHE YA 190 -149.53 -10.56 -32.06
N LEU YA 191 -149.98 -9.46 -31.44
CA LEU YA 191 -150.86 -9.60 -30.29
C LEU YA 191 -152.22 -10.16 -30.68
N LEU YA 192 -152.80 -9.70 -31.78
CA LEU YA 192 -154.07 -10.25 -32.22
C LEU YA 192 -153.93 -11.72 -32.60
N ASN YA 193 -152.84 -12.07 -33.29
CA ASN YA 193 -152.63 -13.47 -33.62
C ASN YA 193 -152.56 -14.32 -32.36
N GLU YA 194 -151.84 -13.84 -31.34
CA GLU YA 194 -151.73 -14.60 -30.10
C GLU YA 194 -153.08 -14.72 -29.40
N GLY YA 195 -153.89 -13.66 -29.44
CA GLY YA 195 -155.21 -13.75 -28.84
C GLY YA 195 -156.07 -14.78 -29.50
N ALA YA 196 -156.10 -14.78 -30.83
CA ALA YA 196 -156.88 -15.79 -31.55
C ALA YA 196 -156.39 -17.19 -31.24
N VAL YA 197 -155.06 -17.37 -31.19
CA VAL YA 197 -154.50 -18.68 -30.88
C VAL YA 197 -154.96 -19.16 -29.51
N ILE YA 198 -154.82 -18.31 -28.49
CA ILE YA 198 -155.14 -18.73 -27.14
C ILE YA 198 -156.63 -19.04 -27.03
N LEU YA 199 -157.46 -18.24 -27.70
CA LEU YA 199 -158.90 -18.49 -27.63
C LEU YA 199 -159.24 -19.84 -28.25
N LEU YA 200 -158.79 -20.07 -29.50
CA LEU YA 200 -159.10 -21.33 -30.14
C LEU YA 200 -158.52 -22.52 -29.39
N SER YA 201 -157.42 -22.33 -28.65
CA SER YA 201 -156.92 -23.41 -27.83
C SER YA 201 -157.80 -23.66 -26.62
N LEU YA 202 -158.46 -22.62 -26.10
CA LEU YA 202 -159.40 -22.86 -25.01
C LEU YA 202 -160.67 -23.54 -25.50
N ILE YA 203 -161.21 -23.08 -26.63
CA ILE YA 203 -162.43 -23.66 -27.19
C ILE YA 203 -162.10 -24.32 -28.52
N PRO YA 204 -161.76 -25.60 -28.54
CA PRO YA 204 -161.36 -26.24 -29.81
C PRO YA 204 -162.50 -26.36 -30.81
N ASN YA 205 -163.68 -26.79 -30.36
CA ASN YA 205 -164.82 -27.04 -31.24
C ASN YA 205 -165.51 -25.76 -31.70
N LEU YA 206 -164.99 -24.56 -31.40
CA LEU YA 206 -165.69 -23.33 -31.79
C LEU YA 206 -165.90 -23.24 -33.28
N LEU YA 207 -164.96 -23.72 -34.09
CA LEU YA 207 -165.01 -23.49 -35.52
C LEU YA 207 -165.69 -24.62 -36.29
N THR YA 208 -165.79 -25.82 -35.72
CA THR YA 208 -166.50 -26.92 -36.37
C THR YA 208 -168.00 -26.87 -36.13
N LEU YA 209 -168.48 -25.88 -35.39
CA LEU YA 209 -169.91 -25.74 -35.19
C LEU YA 209 -170.59 -25.33 -36.49
N GLY YA 210 -171.91 -25.28 -36.48
CA GLY YA 210 -172.67 -24.83 -37.63
C GLY YA 210 -172.24 -23.45 -38.09
N ALA YA 211 -171.93 -23.32 -39.38
CA ALA YA 211 -171.43 -22.06 -39.92
C ALA YA 211 -172.42 -20.91 -39.76
N GLN YA 212 -173.67 -21.19 -39.39
CA GLN YA 212 -174.63 -20.13 -39.15
C GLN YA 212 -175.52 -20.34 -37.93
N ASP YA 213 -175.52 -21.52 -37.32
CA ASP YA 213 -176.39 -21.82 -36.18
C ASP YA 213 -175.62 -22.11 -34.91
N GLY YA 214 -174.68 -23.06 -34.95
CA GLY YA 214 -173.96 -23.43 -33.75
C GLY YA 214 -173.18 -22.27 -33.16
N TYR YA 215 -172.49 -21.51 -34.01
CA TYR YA 215 -171.74 -20.35 -33.53
C TYR YA 215 -172.66 -19.29 -32.95
N ALA YA 216 -173.74 -18.97 -33.68
CA ALA YA 216 -174.67 -17.95 -33.22
C ALA YA 216 -175.37 -18.38 -31.93
N ASN YA 217 -175.74 -19.64 -31.84
CA ASN YA 217 -176.37 -20.11 -30.61
C ASN YA 217 -175.39 -20.08 -29.45
N ALA YA 218 -174.14 -20.46 -29.69
CA ALA YA 218 -173.13 -20.41 -28.64
C ALA YA 218 -172.98 -18.99 -28.10
N VAL YA 219 -172.88 -18.01 -29.00
CA VAL YA 219 -172.67 -16.63 -28.54
C VAL YA 219 -173.93 -16.11 -27.85
N ILE YA 220 -175.10 -16.45 -28.38
CA ILE YA 220 -176.33 -15.91 -27.79
C ILE YA 220 -176.57 -16.51 -26.41
N GLN YA 221 -176.10 -17.74 -26.18
CA GLN YA 221 -176.26 -18.33 -24.86
C GLN YA 221 -175.14 -17.93 -23.91
N LEU YA 222 -173.98 -17.57 -24.45
CA LEU YA 222 -172.89 -17.10 -23.59
C LEU YA 222 -173.14 -15.68 -23.10
N GLY YA 223 -173.46 -14.76 -24.03
CA GLY YA 223 -173.78 -13.40 -23.62
C GLY YA 223 -174.97 -13.34 -22.70
N SER YA 224 -175.87 -14.30 -22.81
CA SER YA 224 -177.01 -14.47 -21.91
C SER YA 224 -176.57 -15.16 -20.62
N ALA YA 225 -177.53 -15.73 -19.90
CA ALA YA 225 -177.28 -16.28 -18.57
C ALA YA 225 -176.40 -17.53 -18.68
N THR YA 226 -176.25 -18.23 -17.56
CA THR YA 226 -175.11 -19.12 -17.29
C THR YA 226 -175.35 -20.55 -17.75
N ARG YA 227 -176.01 -20.75 -18.89
CA ARG YA 227 -176.06 -22.07 -19.51
C ARG YA 227 -174.67 -22.69 -19.57
N GLU YA 228 -173.77 -22.10 -20.35
CA GLU YA 228 -172.36 -22.44 -20.37
C GLU YA 228 -172.07 -23.92 -20.60
N LEU YA 229 -173.09 -24.70 -21.00
CA LEU YA 229 -172.97 -26.14 -21.21
C LEU YA 229 -172.18 -26.79 -20.06
N GLY YA 230 -172.55 -26.43 -18.83
CA GLY YA 230 -171.74 -26.77 -17.68
C GLY YA 230 -170.41 -26.04 -17.77
N GLN YA 231 -169.34 -26.77 -18.07
CA GLN YA 231 -168.05 -26.19 -18.40
C GLN YA 231 -167.89 -26.28 -19.91
N LEU YA 232 -168.21 -25.18 -20.61
CA LEU YA 232 -168.13 -25.17 -22.07
C LEU YA 232 -166.68 -25.26 -22.55
N VAL YA 233 -165.77 -24.53 -21.89
CA VAL YA 233 -164.37 -24.63 -22.24
C VAL YA 233 -163.85 -26.02 -21.92
N ARG YA 234 -162.94 -26.51 -22.76
CA ARG YA 234 -162.47 -27.88 -22.63
C ARG YA 234 -161.30 -27.97 -21.65
N GLN YA 235 -161.08 -29.18 -21.14
CA GLN YA 235 -160.03 -29.42 -20.16
C GLN YA 235 -158.69 -29.54 -20.88
N PRO YA 236 -157.67 -28.78 -20.47
CA PRO YA 236 -156.38 -28.86 -21.15
C PRO YA 236 -155.55 -30.02 -20.63
N PRO YA 237 -154.71 -30.61 -21.47
CA PRO YA 237 -153.85 -31.71 -21.01
C PRO YA 237 -152.82 -31.21 -20.02
N PRO YA 238 -152.21 -32.11 -19.24
CA PRO YA 238 -151.21 -31.67 -18.26
C PRO YA 238 -149.98 -31.12 -18.96
N PRO YA 239 -149.24 -30.22 -18.33
CA PRO YA 239 -148.03 -29.67 -18.94
C PRO YA 239 -146.78 -30.52 -18.70
N LEU YA 240 -145.64 -30.01 -19.13
CA LEU YA 240 -144.36 -30.68 -18.95
C LEU YA 240 -143.80 -30.40 -17.56
N PRO YA 241 -142.76 -31.12 -17.13
CA PRO YA 241 -142.28 -30.99 -15.74
C PRO YA 241 -141.40 -29.76 -15.47
N GLN YA 242 -141.43 -28.76 -16.34
CA GLN YA 242 -140.75 -27.47 -16.24
C GLN YA 242 -139.25 -27.56 -16.53
N ASP YA 243 -138.69 -28.75 -16.67
CA ASP YA 243 -137.31 -28.87 -17.12
C ASP YA 243 -137.24 -29.29 -18.58
N HIS YA 244 -138.29 -29.93 -19.09
CA HIS YA 244 -138.37 -30.23 -20.51
C HIS YA 244 -138.53 -28.94 -21.29
N ALA YA 245 -137.71 -28.77 -22.33
CA ALA YA 245 -137.68 -27.52 -23.07
C ALA YA 245 -138.98 -27.22 -23.80
N ARG YA 246 -140.00 -28.08 -23.69
CA ARG YA 246 -141.25 -27.89 -24.40
C ARG YA 246 -142.43 -27.69 -23.46
N ARG YA 247 -142.20 -27.09 -22.30
CA ARG YA 247 -143.31 -26.81 -21.41
C ARG YA 247 -144.14 -25.67 -21.96
N PHE YA 248 -145.46 -25.81 -21.85
CA PHE YA 248 -146.37 -24.79 -22.36
C PHE YA 248 -147.62 -24.83 -21.48
N CYS YA 249 -147.69 -23.89 -20.54
CA CYS YA 249 -148.86 -23.75 -19.70
C CYS YA 249 -149.79 -22.72 -20.35
N VAL YA 250 -151.00 -23.16 -20.69
CA VAL YA 250 -151.94 -22.29 -21.41
C VAL YA 250 -152.23 -21.04 -20.59
N PHE YA 251 -152.45 -21.21 -19.29
CA PHE YA 251 -152.93 -20.09 -18.48
C PHE YA 251 -151.84 -19.05 -18.24
N GLU YA 252 -150.58 -19.48 -18.16
CA GLU YA 252 -149.49 -18.50 -18.14
C GLU YA 252 -149.52 -17.63 -19.38
N ALA YA 253 -149.66 -18.25 -20.54
CA ALA YA 253 -149.77 -17.50 -21.78
C ALA YA 253 -150.98 -16.57 -21.75
N LEU YA 254 -152.08 -17.02 -21.16
CA LEU YA 254 -153.27 -16.17 -21.08
C LEU YA 254 -152.98 -14.92 -20.25
N GLU YA 255 -152.36 -15.10 -19.09
CA GLU YA 255 -152.00 -13.94 -18.27
C GLU YA 255 -151.10 -13.00 -19.04
N ALA YA 256 -150.08 -13.54 -19.71
CA ALA YA 256 -149.16 -12.70 -20.48
C ALA YA 256 -149.91 -11.91 -21.53
N TRP YA 257 -150.84 -12.55 -22.24
CA TRP YA 257 -151.55 -11.86 -23.30
C TRP YA 257 -152.48 -10.79 -22.74
N ILE YA 258 -153.18 -11.08 -21.64
CA ILE YA 258 -154.03 -10.08 -21.01
C ILE YA 258 -153.21 -8.85 -20.66
N ALA YA 259 -152.07 -9.06 -19.99
CA ALA YA 259 -151.24 -7.95 -19.57
C ALA YA 259 -150.75 -7.14 -20.77
N SER YA 260 -150.22 -7.82 -21.79
CA SER YA 260 -149.65 -7.10 -22.92
C SER YA 260 -150.73 -6.36 -23.69
N ALA YA 261 -151.91 -6.96 -23.84
CA ALA YA 261 -152.98 -6.30 -24.56
C ALA YA 261 -153.45 -5.07 -23.80
N SER YA 262 -153.52 -5.15 -22.46
CA SER YA 262 -153.85 -3.97 -21.69
C SER YA 262 -152.81 -2.87 -21.90
N ARG YA 263 -151.53 -3.24 -21.80
CA ARG YA 263 -150.46 -2.27 -21.94
C ARG YA 263 -150.53 -1.58 -23.30
N LEU YA 264 -150.77 -2.34 -24.37
CA LEU YA 264 -150.98 -1.72 -25.67
C LEU YA 264 -152.20 -0.80 -25.64
N GLY YA 265 -153.38 -1.38 -25.41
CA GLY YA 265 -154.62 -0.63 -25.53
C GLY YA 265 -154.62 0.67 -24.77
N ASP YA 266 -153.87 0.74 -23.67
CA ASP YA 266 -153.68 2.01 -22.99
C ASP YA 266 -152.94 3.00 -23.88
N THR YA 267 -151.67 2.69 -24.20
CA THR YA 267 -150.78 3.65 -24.87
C THR YA 267 -151.10 3.73 -26.36
N LEU YA 268 -152.33 4.13 -26.66
CA LEU YA 268 -152.74 4.29 -28.05
C LEU YA 268 -153.40 5.64 -28.30
N GLY YA 269 -153.34 6.55 -27.34
CA GLY YA 269 -154.14 7.76 -27.45
C GLY YA 269 -155.61 7.43 -27.33
N THR YA 270 -156.39 7.74 -28.36
CA THR YA 270 -157.81 7.42 -28.43
C THR YA 270 -158.58 7.92 -27.20
N ARG YA 271 -158.00 8.86 -26.47
CA ARG YA 271 -158.63 9.47 -25.31
C ARG YA 271 -158.64 10.97 -25.52
N PRO YA 272 -159.80 11.62 -25.46
CA PRO YA 272 -159.86 13.05 -25.77
C PRO YA 272 -159.05 13.86 -24.78
N VAL YA 273 -158.41 14.91 -25.28
CA VAL YA 273 -157.55 15.75 -24.44
C VAL YA 273 -158.10 17.16 -24.52
N ALA YA 274 -158.86 17.45 -25.57
CA ALA YA 274 -159.45 18.77 -25.73
C ALA YA 274 -160.65 18.66 -26.65
N ARG YA 275 -161.41 19.75 -26.74
CA ARG YA 275 -162.67 19.76 -27.46
C ARG YA 275 -162.87 21.15 -28.04
N VAL YA 276 -163.23 21.22 -29.32
CA VAL YA 276 -163.29 22.50 -30.02
C VAL YA 276 -164.62 23.17 -29.71
N CYS YA 277 -164.55 24.45 -29.35
CA CYS YA 277 -165.75 25.25 -29.06
C CYS YA 277 -165.62 26.61 -29.71
N ILE YA 278 -165.26 26.62 -31.00
CA ILE YA 278 -165.03 27.85 -31.72
C ILE YA 278 -166.25 28.76 -31.64
N PHE YA 279 -166.01 30.06 -31.78
CA PHE YA 279 -167.06 31.06 -31.60
C PHE YA 279 -166.62 32.32 -32.32
N ASP YA 280 -167.54 32.95 -33.05
CA ASP YA 280 -167.24 34.14 -33.84
C ASP YA 280 -166.06 33.90 -34.78
N GLY YA 281 -166.27 32.97 -35.71
CA GLY YA 281 -165.26 32.65 -36.69
C GLY YA 281 -165.81 31.76 -37.79
N PRO YA 282 -164.95 31.36 -38.72
CA PRO YA 282 -165.38 30.41 -39.75
C PRO YA 282 -165.78 29.09 -39.12
N PRO YA 283 -166.78 28.42 -39.69
CA PRO YA 283 -167.36 27.26 -39.00
C PRO YA 283 -166.40 26.11 -38.79
N THR YA 284 -165.49 25.87 -39.74
CA THR YA 284 -164.52 24.79 -39.63
C THR YA 284 -163.15 25.29 -40.06
N VAL YA 285 -162.11 24.75 -39.43
CA VAL YA 285 -160.76 25.27 -39.56
C VAL YA 285 -159.98 24.32 -40.48
N PRO YA 286 -159.69 24.71 -41.71
CA PRO YA 286 -158.80 23.90 -42.56
C PRO YA 286 -157.46 23.66 -41.89
N PRO YA 287 -156.65 22.72 -42.40
CA PRO YA 287 -155.36 22.44 -41.75
C PRO YA 287 -154.35 23.53 -42.06
N GLY YA 288 -153.64 23.96 -41.01
CA GLY YA 288 -152.55 24.92 -41.15
C GLY YA 288 -152.70 26.16 -40.29
N GLU YA 289 -153.90 26.50 -39.85
CA GLU YA 289 -154.14 27.72 -39.09
C GLU YA 289 -154.77 27.38 -37.74
N LYS YA 290 -154.86 28.39 -36.89
CA LYS YA 290 -155.19 28.19 -35.49
C LYS YA 290 -156.71 28.09 -35.28
N ALA YA 291 -157.08 27.73 -34.06
CA ALA YA 291 -158.48 27.49 -33.71
C ALA YA 291 -158.63 27.56 -32.20
N ALA YA 292 -159.80 28.01 -31.76
CA ALA YA 292 -160.10 28.07 -30.33
C ALA YA 292 -160.64 26.73 -29.86
N VAL YA 293 -160.24 26.34 -28.65
CA VAL YA 293 -160.51 25.02 -28.12
C VAL YA 293 -160.62 25.13 -26.61
N VAL YA 294 -161.36 24.20 -26.00
CA VAL YA 294 -161.42 24.07 -24.55
C VAL YA 294 -160.88 22.69 -24.17
N GLU YA 295 -160.03 22.65 -23.16
CA GLU YA 295 -159.52 21.39 -22.68
C GLU YA 295 -160.64 20.59 -22.02
N VAL YA 296 -160.47 19.27 -21.99
CA VAL YA 296 -161.47 18.39 -21.41
C VAL YA 296 -161.07 17.97 -20.00
#